data_9D48
#
_entry.id   9D48
#
_cell.length_a   1.00
_cell.length_b   1.00
_cell.length_c   1.00
_cell.angle_alpha   90.00
_cell.angle_beta   90.00
_cell.angle_gamma   90.00
#
_symmetry.space_group_name_H-M   'P 1'
#
loop_
_entity.id
_entity.type
_entity.pdbx_description
1 polymer 'Fatty acid synthase subunit beta'
2 polymer 'Fatty acid synthase subunit alpha'
3 non-polymer 'FLAVIN MONONUCLEOTIDE'
4 water water
#
loop_
_entity_poly.entity_id
_entity_poly.type
_entity_poly.pdbx_seq_one_letter_code
_entity_poly.pdbx_strand_id
1 'polypeptide(L)'
;MSTHRPFQLTHGSIEHTLLVPNDLFFNYSQLKDEFIKTLPEPTEGFAGDDEPSSPAELYGKFIGFISNAQFPQIVELSLK
DFESRFLDNNNDNIHSFAVKLLDDETYPTTIAKVKENIVKNYYKAVKSINKVESNLLYHCKHDAKLVAIFGGQGNTDDYF
EELRELYTLYQGLIEDLLVSIAEKLNQLHPSFDKIYTQGLNILSWLKHPETTPDQDYLLSVPVSCPVICVIQLCHYTITC
KVLGLTPGEFRNSLKWSTGHSQGLVTAVTIAASDSWDSFLKNSLTAVSLLLFIGSRCLSTYPRTSLPPTMLQDSLDNGEG
RPSPMLSVRDLSIKQVEKFIEQTNSHLPREKHIAISLINGARNLVLSGPPESLYGFNLNLRNQKAPMGLDQSRVPFSERK
LKCSNRFLPIFAPFHSHLLADATELILDDVKEHGLSFEGLKIPVYDTFDGSDFQALKEPIIDRVVKLITELPVHWEEATN
HKATHILDFGPGGVSGLGVLTHRNKEGTGARIILAGTLDSNPIDDEYGFKHEIFQTSADKAIKWAPDWLKELRPTLVKNS
EGKIYVKTKFSQLLGRAPLMVAGMTPTTVNTDIVSASLNAGYHIELAGGGYFSPVMMTRAIDDIVSRIKPGYGLGINLIY
VNPFMLQWGIPLIKDLREKGYPIQSLTIGAGVPSIEVATEYIEDLGLTHLGLKPGSVDAISQVIAIAKAHPTFPIVLQWT
GGRGGGHHSFEDFHQPIIQMYSKIRRCSNIVLVAGSGFGSDEDTYPYLSGYWSEKFNYPPMPFDGVLFGSRVMTSKESHT
SLAAKKLIVECKGVPDQQWEQTYKKPTGGIITVRSEMGEPIHKIATRGVMFWKELDDTIFNLPKNKLLDALNKKRDHIIK
KLNNDFQKPWFGKNANGVCDLQEMTYKEVANRLVELMYVKKSHRWIDVSLRNMYGDFLRRVEERFTSSAGTVSLLQNFNQ
LNEPEQFTADFFEKFPQAGKQLISEEDCDYFLMLAARPGQKPVPFVPVLDERFEFFFKKDSLWQSEDLESVVDEDVQRTC
ILHGPVASQYTSKVDEPIGDILNSIHEGHIARLIKEEYAGDESKIPVVEYFGGKKPASVSATSVNIIDGNQVVYEIDSEL
PNKQEWLDLLAGTELNWLQAFISTDRIVQGSKHVSNPLHDILTPAKHSKVTIDKKTKKLTAFENIKGDLLPVVEIELVKP
NTIQLSLIEHRTADTNPVALPFLYKYNPADGFAPILEIMEDRNERIKEFYWKLWFGSSVPYSNDINVEKAILGDEITISS
QTISEFTHAIGNKCDAFVDRPGKATLAPMDFAIVIGWKAIIKAIFPKSVDGDLLKLVHLSNGYKMITGAAPLKKGDVVST
KAEIKAVLNQPSGKLVEVVGTIYREGKPVMEVTSQFLYRGEYNDYCNTFQKVTETPVQVAFKSAKDLAVLRSKEWFHLEK
DVQFDVLTFRCESTYKFKSANVYSSIKTTGQVLLELPTKEVIQVGSVDYEAGTSYGNPVTDYLSRNGKTIEESVIFENAI
PLSSGEELTSKAPGTNEPYAIVSGDYNPIHVSRVFAAYAKLPGTITHGMYSSASIRALVEEWAANNVAARVRAFKCDFVG
MVLPNDTLQTTMEHVGMINGRKIIKVETRNVETELPVLIGEAEIEQPTTTYVFTGQGSQEQGMGMELYNSSEVAREVWDK
ADRHFVNNYGFSILDIVQNNPNELTIHFGGAKGRAIRDNYIGMMFETIGEDGALKSEKIFKDIDETTTSYTFVSPTGLLS
ATQFTQPALTLMEKAAYEDIKSKGLIPSDIMFAGHSLGEYSALSSLANVMPIESLVDVVFYRGMTMQVAVPRDELGRSNY
GMVAVNPSRVSATFDDSALRFVVDEVANKTKWLLEIVNYNVENQQYVAAGDLRALDTLTNVLNVLKINKIDIVKLQEQMS
IEKVKEHLYEIVDEVAAKSLAKPQPIDLERGFAVIPLKGISVPFHSSYLMSGVKPFQRFLCKKIPKSSVKPQDLIGKYIP
NLTAKPFELTKEYFQSVYDLTKSEKIKSILDNWEQYE
;
A,E,I,M,Q,W
2 'polypeptide(L)'
;MKPEIEQELSHTLLTELLAYQFASPVRWIETQDVFLKQHNTERIIEIGPSPTLAGMANRTIKAKYESYDAALSLQRQVLC
YSKDAKEIYYKPDPADLAPKETPKQEESTPSAPAAATPTPAAAAAPTPAPAPASAGPVESIPDEPVKANLLIHVLVAQKL
KKPLDAVPMTKAIKDLVNGKSTVQNEILGDLGKEFGSTPEKPEDTPLEELAEQFQDSFSGQLGKTSTSLIGRLMSSKMPG
GFSITTARKYLESRFGLGAGRQDSVLLMALTNEPANRLGSEADAKTFFDGIAQKYASSAGISLSSGAGSGAGAANSGGAV
VDSAALDALTAENKKLAKQQLEVLARYLQSRLKQGSLKSFIKEKEASAVLQKELDLWEAEHGEFYAKGIQPTFSALKSRT
YDSYWNWARQDVLSMYFDIIFGKLTSVDRETINQCIQIMNRANPTLIKFMQYHIDHCPEYKGETYKLAKRLGQQLIDNCK
QVLTEDPVYKDVSRITGPKTKVSAKGNIEYEETQKDSVRKFEQYVYEMAQGGAMTKVSQPTIQEDLARVYKAISKQASKD
SKLELQRVYEDLLKVVESSKEIETEQLTKDILQAATVPTTPTEEVDDPCTPSSDDEIASLPDKTSIIQPVSSTIPSQTIP
FLHIQKKTKDGWEYNKKLSSLYLDGLESAAINGLTFKDKYVLVTGAGAGSIGAEILQGLISGGAKVIVTTSRFSKKVTEY
YQNMYARYGAAGSTLIVVPFNQGSKQDVDALVQYIYDEPKKGGLGWDLDAIIPFAAIPENGNGLDNIDSKSEFAHRIMLT
NLLRLLGAVKSKKPTDTRPAQCILPLSPNHGTFGFDGLYSESKISLETLFNRWYSEDWGSKLTVCGAVIGWTRGTGLMSA
NNIIAEGIEKLGVRTFSQKEMAFNILGLLTPEIVQLCQEEPVMADLNGGLQFIDNLKDFTSKLRTDLLETADIRRAVSIE
SAIEQKVVNGDNVDANYSKVMVEPRANMKFDFPTLKSYDEIKQIAPELEGMLDLENVVVVTGFAEVGPWGNSRTRWEMEA
YGEFSLEGAIEMAWIMGFIKYHNGNLQGKPYSGWVDAKTQTPIDEKDIKSKYEEEILEHSGIRLIEPELFNGYDPKKKQM
IQEIVVQHDLEPFECSKETAEQYKHEHGEKCEIFEIEESGEYTVRILKGATLYVPKALRFDRLVAGQIPTGWDARTYGIP
EDTISQVDPITLYVLVATVEALLSAGITDPYEFYKYVHVSEVGNCSGSGMGGVSALRGMFKDRYADKPVQNDILQESFIN
TMSAWVNMLLLSSSGPIKTPVGACATAVESVDIGIETILSGKAKVVLVGGYDDFQEEGSYEFANMNATSNSIEEFKHGRT
PKEMSRPTTTTRNGFMEAQGSGIQVIMTADLALKMGVPIHAVLAMTATATDKIGRSVPAPGKGILTTAREHHGNLKYPSP
LLNIKYRKRQLNKRLEQIKSWEETELSYLQEEAELAKEEFGDEFSMHEFLKERTEEVYRESKRQVSDAKKQWGNSFYKSD
PRIAPLRGALAAFNLTIDDIGVASFHGTSTVANDKNESATINNMMKHLGRSEGNPVFGVFQKYLTGHPKGAAGAWMLNGA
IQILESGLVPGNRNADNVDKLLEQYEYVLYPSRSIQTDGIKAVSVTSFGFGQKGAQAVVVHPDYLFAVLDRSTYEEYATK
VSARNKKTYRYMHNAITRNTMFVAKDKAPYSDELEQPVYLDPLARVEENKKKLVFSDKTIQSNQSYVGEVAQKTAKALST
LNKSSKGVGVDVELLSAINIDNETFIERNFTGNEVEYCLNTAHPQASFTGTWSAKEAVFKALGVESKGAGASLIDIEITR
DVNGAPKVILHGEAKKAAAKAGVKNVNISISHDDFQATAVALSEF
;
B,F,G,N,R,X
#
loop_
_chem_comp.id
_chem_comp.type
_chem_comp.name
_chem_comp.formula
FMN non-polymer 'FLAVIN MONONUCLEOTIDE' 'C17 H21 N4 O9 P'
#
# COMPACT_ATOMS: atom_id res chain seq x y z
N THR A 3 2.93 -25.30 -117.29
CA THR A 3 1.99 -24.89 -116.24
C THR A 3 2.38 -25.53 -114.91
N HIS A 4 3.56 -25.16 -114.41
CA HIS A 4 4.06 -25.78 -113.19
C HIS A 4 3.32 -25.17 -112.01
N ARG A 5 3.61 -25.64 -110.80
CA ARG A 5 2.94 -25.14 -109.61
C ARG A 5 3.87 -25.19 -108.41
N PRO A 6 3.68 -24.31 -107.43
CA PRO A 6 4.54 -24.34 -106.24
C PRO A 6 4.02 -25.34 -105.21
N PHE A 7 4.88 -26.29 -104.86
CA PHE A 7 4.55 -27.35 -103.91
C PHE A 7 5.61 -27.32 -102.83
N GLN A 8 5.17 -27.32 -101.56
CA GLN A 8 6.04 -27.09 -100.42
C GLN A 8 5.97 -28.25 -99.44
N LEU A 9 7.13 -28.59 -98.86
CA LEU A 9 7.24 -29.55 -97.77
C LEU A 9 7.90 -28.87 -96.58
N THR A 10 7.34 -29.07 -95.40
CA THR A 10 7.84 -28.40 -94.19
C THR A 10 7.95 -29.40 -93.06
N HIS A 11 8.94 -29.17 -92.19
CA HIS A 11 9.13 -29.88 -90.94
C HIS A 11 9.62 -28.84 -89.94
N GLY A 12 8.69 -28.26 -89.18
CA GLY A 12 9.05 -27.15 -88.32
C GLY A 12 9.55 -25.99 -89.15
N SER A 13 10.73 -25.48 -88.78
CA SER A 13 11.33 -24.39 -89.56
C SER A 13 11.79 -24.87 -90.93
N ILE A 14 11.92 -26.18 -91.14
CA ILE A 14 12.30 -26.69 -92.46
C ILE A 14 11.22 -26.31 -93.45
N GLU A 15 11.65 -25.91 -94.65
CA GLU A 15 10.71 -25.54 -95.70
C GLU A 15 11.45 -25.61 -97.03
N HIS A 16 11.01 -26.52 -97.90
CA HIS A 16 11.53 -26.64 -99.25
C HIS A 16 10.37 -26.54 -100.23
N THR A 17 10.47 -25.62 -101.18
CA THR A 17 9.45 -25.43 -102.20
C THR A 17 10.06 -25.73 -103.57
N LEU A 18 9.31 -26.48 -104.37
CA LEU A 18 9.70 -26.79 -105.74
C LEU A 18 8.54 -26.55 -106.70
N LEU A 19 8.91 -26.33 -107.95
CA LEU A 19 7.99 -26.26 -109.06
C LEU A 19 7.71 -27.67 -109.57
N VAL A 20 6.44 -28.03 -109.70
CA VAL A 20 6.05 -29.37 -110.12
C VAL A 20 4.97 -29.25 -111.19
N PRO A 21 4.81 -30.28 -112.03
CA PRO A 21 3.74 -30.23 -113.03
C PRO A 21 2.36 -30.15 -112.40
N ASN A 22 1.47 -29.40 -113.06
CA ASN A 22 0.11 -29.26 -112.55
C ASN A 22 -0.62 -30.60 -112.56
N ASP A 23 -0.41 -31.41 -113.60
CA ASP A 23 -1.08 -32.70 -113.68
C ASP A 23 -0.67 -33.61 -112.54
N LEU A 24 0.62 -33.62 -112.20
CA LEU A 24 1.15 -34.49 -111.16
C LEU A 24 1.13 -33.83 -109.77
N PHE A 25 0.58 -32.63 -109.66
CA PHE A 25 0.44 -31.99 -108.35
C PHE A 25 -0.39 -32.85 -107.39
N PHE A 26 -1.41 -33.55 -107.88
CA PHE A 26 -2.22 -34.39 -107.01
C PHE A 26 -1.39 -35.52 -106.42
N ASN A 27 -0.60 -36.18 -107.27
CA ASN A 27 0.29 -37.23 -106.79
C ASN A 27 1.26 -36.67 -105.76
N TYR A 28 1.85 -35.51 -106.06
CA TYR A 28 2.78 -34.90 -105.11
C TYR A 28 2.09 -34.61 -103.78
N SER A 29 0.85 -34.12 -103.82
CA SER A 29 0.16 -33.74 -102.59
C SER A 29 -0.12 -34.97 -101.74
N GLN A 30 -0.60 -36.05 -102.35
CA GLN A 30 -0.87 -37.25 -101.55
C GLN A 30 0.43 -37.82 -100.99
N LEU A 31 1.51 -37.82 -101.78
CA LEU A 31 2.78 -38.32 -101.28
C LEU A 31 3.29 -37.45 -100.14
N LYS A 32 3.07 -36.13 -100.23
CA LYS A 32 3.43 -35.24 -99.13
C LYS A 32 2.65 -35.58 -97.87
N ASP A 33 1.34 -35.83 -98.02
CA ASP A 33 0.52 -36.14 -96.85
C ASP A 33 1.03 -37.41 -96.16
N GLU A 34 1.32 -38.44 -96.96
CA GLU A 34 1.89 -39.65 -96.38
C GLU A 34 3.26 -39.36 -95.75
N PHE A 35 4.03 -38.46 -96.35
CA PHE A 35 5.30 -38.05 -95.76
C PHE A 35 5.11 -37.51 -94.35
N ILE A 36 4.22 -36.52 -94.19
CA ILE A 36 4.11 -35.89 -92.88
C ILE A 36 3.42 -36.86 -91.92
N LYS A 37 2.70 -37.86 -92.43
CA LYS A 37 2.21 -38.91 -91.56
C LYS A 37 3.36 -39.75 -91.00
N THR A 38 4.30 -40.17 -91.85
CA THR A 38 5.41 -40.98 -91.37
C THR A 38 6.47 -40.18 -90.63
N LEU A 39 6.48 -38.86 -90.77
CA LEU A 39 7.54 -38.05 -90.19
C LEU A 39 7.35 -37.95 -88.68
N PRO A 40 8.42 -38.08 -87.86
CA PRO A 40 8.27 -37.80 -86.43
C PRO A 40 7.79 -36.38 -86.17
N GLU A 41 7.22 -36.13 -85.00
CA GLU A 41 6.73 -34.80 -84.68
C GLU A 41 7.90 -33.82 -84.64
N PRO A 42 7.75 -32.61 -85.18
CA PRO A 42 8.88 -31.65 -85.12
C PRO A 42 9.26 -31.32 -83.68
N THR A 43 10.56 -31.12 -83.47
CA THR A 43 11.09 -30.74 -82.17
C THR A 43 12.11 -29.62 -82.35
N GLU A 44 12.26 -28.82 -81.31
CA GLU A 44 13.25 -27.75 -81.34
C GLU A 44 14.64 -28.33 -81.50
N GLY A 45 15.40 -27.78 -82.45
CA GLY A 45 16.72 -28.29 -82.76
C GLY A 45 16.76 -29.42 -83.75
N PHE A 46 15.61 -30.05 -84.04
CA PHE A 46 15.54 -31.16 -84.98
C PHE A 46 16.47 -32.30 -84.57
N ALA A 47 16.53 -32.57 -83.27
CA ALA A 47 17.39 -33.61 -82.74
C ALA A 47 16.84 -35.01 -82.95
N GLY A 48 15.58 -35.15 -83.39
CA GLY A 48 15.02 -36.45 -83.66
C GLY A 48 15.81 -37.22 -84.70
N ASP A 49 16.02 -38.51 -84.47
CA ASP A 49 16.90 -39.30 -85.32
C ASP A 49 16.40 -39.31 -86.77
N ASP A 50 15.10 -39.51 -86.95
CA ASP A 50 14.49 -39.48 -88.28
C ASP A 50 14.03 -38.08 -88.68
N GLU A 51 14.16 -37.09 -87.80
CA GLU A 51 13.76 -35.73 -88.15
C GLU A 51 14.84 -35.07 -88.98
N PRO A 52 14.57 -34.65 -90.21
CA PRO A 52 15.61 -33.99 -91.00
C PRO A 52 15.94 -32.61 -90.43
N SER A 53 17.17 -32.16 -90.71
CA SER A 53 17.69 -30.91 -90.17
C SER A 53 17.98 -29.86 -91.24
N SER A 54 17.71 -30.15 -92.50
CA SER A 54 17.94 -29.21 -93.58
C SER A 54 16.91 -29.42 -94.67
N PRO A 55 16.67 -28.41 -95.52
CA PRO A 55 15.81 -28.66 -96.70
C PRO A 55 16.36 -29.75 -97.60
N ALA A 56 17.68 -29.87 -97.71
CA ALA A 56 18.26 -30.96 -98.47
C ALA A 56 17.90 -32.30 -97.86
N GLU A 57 17.98 -32.41 -96.53
CA GLU A 57 17.59 -33.65 -95.87
C GLU A 57 16.12 -33.96 -96.09
N LEU A 58 15.26 -32.94 -95.98
CA LEU A 58 13.82 -33.16 -96.18
C LEU A 58 13.53 -33.64 -97.60
N TYR A 59 14.15 -33.00 -98.60
CA TYR A 59 13.88 -33.39 -99.97
C TYR A 59 14.50 -34.75 -100.30
N GLY A 60 15.65 -35.07 -99.73
CA GLY A 60 16.18 -36.41 -99.88
C GLY A 60 15.24 -37.45 -99.30
N LYS A 61 14.64 -37.15 -98.16
CA LYS A 61 13.66 -38.07 -97.57
C LYS A 61 12.41 -38.18 -98.44
N PHE A 62 11.99 -37.07 -99.04
CA PHE A 62 10.89 -37.12 -100.01
C PHE A 62 11.21 -38.07 -101.14
N ILE A 63 12.42 -37.96 -101.69
CA ILE A 63 12.84 -38.84 -102.78
C ILE A 63 12.85 -40.29 -102.33
N GLY A 64 13.39 -40.54 -101.13
CA GLY A 64 13.45 -41.90 -100.63
C GLY A 64 12.09 -42.52 -100.43
N PHE A 65 11.14 -41.71 -99.95
CA PHE A 65 9.77 -42.21 -99.85
C PHE A 65 9.21 -42.54 -101.23
N ILE A 66 9.24 -41.57 -102.14
CA ILE A 66 8.54 -41.74 -103.41
C ILE A 66 9.18 -42.82 -104.27
N SER A 67 10.42 -43.22 -103.97
CA SER A 67 11.08 -44.26 -104.74
C SER A 67 10.23 -45.52 -104.84
N ASN A 68 9.47 -45.83 -103.80
CA ASN A 68 8.54 -46.95 -103.79
C ASN A 68 7.12 -46.39 -103.93
N ALA A 69 6.66 -46.28 -105.17
CA ALA A 69 5.32 -45.79 -105.46
C ALA A 69 5.00 -46.08 -106.92
N GLN A 70 3.78 -45.74 -107.32
CA GLN A 70 3.33 -45.90 -108.69
C GLN A 70 3.65 -44.70 -109.57
N PHE A 71 4.64 -43.89 -109.19
CA PHE A 71 4.98 -42.66 -109.89
C PHE A 71 6.48 -42.60 -110.15
N PRO A 72 7.00 -43.50 -110.99
CA PRO A 72 8.44 -43.45 -111.32
C PRO A 72 8.85 -42.15 -111.97
N GLN A 73 7.98 -41.53 -112.77
CA GLN A 73 8.30 -40.21 -113.30
C GLN A 73 8.37 -39.16 -112.20
N ILE A 74 7.55 -39.31 -111.15
CA ILE A 74 7.67 -38.40 -110.01
C ILE A 74 9.04 -38.55 -109.37
N VAL A 75 9.48 -39.80 -109.16
CA VAL A 75 10.77 -39.98 -108.48
C VAL A 75 11.89 -39.48 -109.37
N GLU A 76 11.79 -39.69 -110.68
CA GLU A 76 12.84 -39.24 -111.59
C GLU A 76 12.94 -37.71 -111.59
N LEU A 77 11.79 -37.03 -111.68
CA LEU A 77 11.85 -35.57 -111.74
C LEU A 77 12.29 -35.00 -110.40
N SER A 78 11.89 -35.63 -109.30
CA SER A 78 12.34 -35.20 -107.99
C SER A 78 13.85 -35.36 -107.84
N LEU A 79 14.40 -36.49 -108.32
CA LEU A 79 15.84 -36.68 -108.29
C LEU A 79 16.55 -35.65 -109.14
N LYS A 80 15.99 -35.34 -110.32
CA LYS A 80 16.59 -34.33 -111.18
C LYS A 80 16.62 -32.98 -110.49
N ASP A 81 15.52 -32.62 -109.82
CA ASP A 81 15.48 -31.34 -109.11
C ASP A 81 16.45 -31.31 -107.95
N PHE A 82 16.59 -32.42 -107.22
CA PHE A 82 17.60 -32.48 -106.16
C PHE A 82 19.00 -32.27 -106.73
N GLU A 83 19.32 -32.94 -107.83
CA GLU A 83 20.63 -32.77 -108.44
C GLU A 83 20.85 -31.32 -108.86
N SER A 84 19.83 -30.70 -109.45
CA SER A 84 19.96 -29.33 -109.92
C SER A 84 20.18 -28.36 -108.76
N ARG A 85 19.34 -28.44 -107.72
CA ARG A 85 19.42 -27.49 -106.62
C ARG A 85 20.67 -27.73 -105.78
N PHE A 86 20.91 -28.98 -105.38
CA PHE A 86 21.80 -29.30 -104.28
C PHE A 86 23.16 -29.82 -104.74
N LEU A 87 23.18 -30.85 -105.59
CA LEU A 87 24.43 -31.24 -106.23
C LEU A 87 24.87 -30.23 -107.29
N ASP A 88 24.00 -29.27 -107.64
CA ASP A 88 24.36 -28.14 -108.50
C ASP A 88 24.71 -28.62 -109.91
N ASN A 89 23.81 -29.41 -110.48
CA ASN A 89 24.00 -29.98 -111.81
C ASN A 89 25.23 -30.89 -111.84
N ASN A 90 25.45 -31.63 -110.75
CA ASN A 90 26.44 -32.69 -110.68
C ASN A 90 27.86 -32.18 -110.93
N ASN A 91 28.36 -31.34 -110.02
CA ASN A 91 29.80 -31.11 -109.92
C ASN A 91 30.39 -31.83 -108.72
N ASP A 92 29.58 -32.09 -107.69
CA ASP A 92 30.01 -32.79 -106.50
C ASP A 92 29.14 -34.03 -106.31
N ASN A 93 29.78 -35.12 -105.88
CA ASN A 93 29.05 -36.35 -105.63
C ASN A 93 28.19 -36.21 -104.38
N ILE A 94 27.27 -37.17 -104.22
CA ILE A 94 26.35 -37.13 -103.09
C ILE A 94 27.10 -37.25 -101.78
N HIS A 95 28.20 -38.01 -101.76
CA HIS A 95 29.01 -38.10 -100.55
C HIS A 95 29.66 -36.77 -100.22
N SER A 96 30.17 -36.06 -101.23
CA SER A 96 30.73 -34.74 -101.01
C SER A 96 29.67 -33.79 -100.48
N PHE A 97 28.46 -33.85 -101.04
CA PHE A 97 27.37 -33.03 -100.54
C PHE A 97 27.06 -33.39 -99.08
N ALA A 98 27.12 -34.68 -98.74
CA ALA A 98 26.85 -35.11 -97.38
C ALA A 98 27.83 -34.53 -96.39
N VAL A 99 29.13 -34.64 -96.69
CA VAL A 99 30.12 -34.08 -95.76
C VAL A 99 30.04 -32.56 -95.74
N LYS A 100 29.71 -31.92 -96.87
CA LYS A 100 29.53 -30.48 -96.86
C LYS A 100 28.40 -30.07 -95.92
N LEU A 101 27.29 -30.81 -95.94
CA LEU A 101 26.20 -30.53 -95.02
C LEU A 101 26.61 -30.79 -93.57
N LEU A 102 27.36 -31.87 -93.33
CA LEU A 102 27.81 -32.14 -91.98
C LEU A 102 28.71 -31.02 -91.47
N ASP A 103 29.47 -30.38 -92.35
CA ASP A 103 30.29 -29.23 -91.99
C ASP A 103 29.49 -27.94 -91.89
N ASP A 104 28.39 -27.80 -92.62
CA ASP A 104 27.57 -26.59 -92.59
C ASP A 104 27.03 -26.36 -91.19
N GLU A 105 27.14 -25.12 -90.72
CA GLU A 105 26.66 -24.76 -89.38
C GLU A 105 25.24 -24.22 -89.41
N THR A 106 24.79 -23.68 -90.54
CA THR A 106 23.46 -23.09 -90.61
C THR A 106 22.38 -24.13 -90.35
N TYR A 107 22.62 -25.38 -90.75
CA TYR A 107 21.69 -26.49 -90.56
C TYR A 107 22.44 -27.62 -89.88
N PRO A 108 22.55 -27.62 -88.55
CA PRO A 108 23.35 -28.65 -87.88
C PRO A 108 22.68 -30.01 -87.95
N THR A 109 23.48 -31.04 -88.21
CA THR A 109 22.99 -32.41 -88.38
C THR A 109 24.05 -33.38 -87.91
N THR A 110 23.71 -34.66 -87.93
CA THR A 110 24.61 -35.73 -87.54
C THR A 110 24.96 -36.57 -88.77
N ILE A 111 26.02 -37.38 -88.64
CA ILE A 111 26.46 -38.21 -89.75
C ILE A 111 25.37 -39.22 -90.11
N ALA A 112 24.74 -39.83 -89.12
CA ALA A 112 23.67 -40.79 -89.40
C ALA A 112 22.49 -40.12 -90.08
N LYS A 113 22.12 -38.92 -89.61
CA LYS A 113 21.04 -38.17 -90.25
C LYS A 113 21.37 -37.89 -91.71
N VAL A 114 22.58 -37.40 -91.96
CA VAL A 114 22.99 -37.08 -93.33
C VAL A 114 22.93 -38.33 -94.20
N LYS A 115 23.51 -39.43 -93.72
CA LYS A 115 23.51 -40.68 -94.47
C LYS A 115 22.09 -41.10 -94.82
N GLU A 116 21.26 -41.34 -93.80
CA GLU A 116 19.92 -41.89 -94.03
C GLU A 116 19.07 -40.95 -94.87
N ASN A 117 19.18 -39.64 -94.64
CA ASN A 117 18.28 -38.70 -95.28
C ASN A 117 18.74 -38.27 -96.67
N ILE A 118 19.99 -38.56 -97.06
CA ILE A 118 20.47 -38.16 -98.38
C ILE A 118 20.97 -39.35 -99.18
N VAL A 119 21.99 -40.05 -98.69
CA VAL A 119 22.70 -41.01 -99.53
C VAL A 119 21.81 -42.22 -99.82
N LYS A 120 21.18 -42.76 -98.76
CA LYS A 120 20.30 -43.91 -98.93
C LYS A 120 19.19 -43.61 -99.92
N ASN A 121 18.53 -42.46 -99.77
CA ASN A 121 17.43 -42.11 -100.63
C ASN A 121 17.90 -41.85 -102.06
N TYR A 122 19.04 -41.18 -102.21
CA TYR A 122 19.56 -40.88 -103.54
C TYR A 122 19.86 -42.17 -104.30
N TYR A 123 20.49 -43.14 -103.63
CA TYR A 123 20.82 -44.38 -104.31
C TYR A 123 19.64 -45.34 -104.40
N LYS A 124 18.58 -45.10 -103.62
CA LYS A 124 17.34 -45.84 -103.84
C LYS A 124 16.62 -45.34 -105.08
N ALA A 125 16.59 -44.02 -105.29
CA ALA A 125 15.83 -43.45 -106.39
C ALA A 125 16.59 -43.46 -107.71
N VAL A 126 17.92 -43.34 -107.67
CA VAL A 126 18.69 -43.35 -108.91
C VAL A 126 18.66 -44.75 -109.50
N LYS A 127 18.33 -44.83 -110.79
CA LYS A 127 18.26 -46.10 -111.50
C LYS A 127 19.46 -46.33 -112.41
N SER A 128 20.10 -45.28 -112.89
CA SER A 128 21.29 -45.39 -113.73
C SER A 128 22.30 -44.35 -113.30
N ILE A 129 23.56 -44.77 -113.16
CA ILE A 129 24.65 -43.91 -112.75
C ILE A 129 25.58 -43.72 -113.94
N ASN A 130 25.79 -42.46 -114.33
CA ASN A 130 26.64 -42.16 -115.47
C ASN A 130 28.10 -42.17 -115.05
N LYS A 131 28.97 -42.53 -116.00
CA LYS A 131 30.40 -42.52 -115.75
C LYS A 131 30.86 -41.12 -115.37
N VAL A 132 31.58 -41.03 -114.26
CA VAL A 132 32.12 -39.76 -113.76
C VAL A 132 33.57 -39.98 -113.38
N GLU A 133 34.42 -39.02 -113.74
CA GLU A 133 35.85 -39.07 -113.42
C GLU A 133 36.09 -38.19 -112.19
N SER A 134 36.37 -38.82 -111.06
CA SER A 134 36.59 -38.07 -109.83
C SER A 134 37.90 -37.28 -109.91
N ASN A 135 38.09 -36.39 -108.93
CA ASN A 135 39.35 -35.66 -108.85
C ASN A 135 40.50 -36.62 -108.59
N LEU A 136 40.28 -37.61 -107.71
CA LEU A 136 41.32 -38.58 -107.42
C LEU A 136 41.70 -39.38 -108.66
N LEU A 137 40.70 -39.84 -109.42
CA LEU A 137 40.99 -40.60 -110.63
C LEU A 137 41.61 -39.71 -111.70
N TYR A 138 41.24 -38.43 -111.72
CA TYR A 138 41.87 -37.49 -112.65
C TYR A 138 43.36 -37.34 -112.34
N HIS A 139 43.70 -37.21 -111.06
CA HIS A 139 45.10 -37.09 -110.69
C HIS A 139 45.84 -38.42 -110.82
N CYS A 140 45.11 -39.54 -110.80
CA CYS A 140 45.74 -40.84 -110.98
C CYS A 140 46.46 -40.93 -112.32
N LYS A 141 45.90 -40.33 -113.36
CA LYS A 141 46.45 -40.43 -114.71
C LYS A 141 47.76 -39.66 -114.86
N HIS A 142 48.03 -38.66 -114.02
CA HIS A 142 49.20 -37.80 -114.17
C HIS A 142 50.20 -37.96 -113.04
N ASP A 143 49.77 -37.80 -111.78
CA ASP A 143 50.69 -37.73 -110.64
C ASP A 143 50.35 -38.64 -109.48
N ALA A 144 49.06 -38.90 -109.22
CA ALA A 144 48.68 -39.70 -108.07
C ALA A 144 48.90 -41.19 -108.36
N LYS A 145 49.38 -41.91 -107.36
CA LYS A 145 49.59 -43.35 -107.43
C LYS A 145 48.63 -44.00 -106.44
N LEU A 146 47.54 -44.56 -106.96
CA LEU A 146 46.49 -45.15 -106.14
C LEU A 146 46.74 -46.63 -105.95
N VAL A 147 46.62 -47.08 -104.70
CA VAL A 147 46.80 -48.48 -104.34
C VAL A 147 45.69 -48.86 -103.37
N ALA A 148 45.47 -50.17 -103.24
CA ALA A 148 44.37 -50.69 -102.43
C ALA A 148 44.89 -51.62 -101.34
N ILE A 149 44.31 -51.50 -100.14
CA ILE A 149 44.61 -52.42 -99.04
C ILE A 149 43.31 -52.95 -98.48
N PHE A 150 43.22 -54.27 -98.35
CA PHE A 150 42.06 -54.94 -97.78
C PHE A 150 42.42 -55.49 -96.41
N GLY A 151 41.63 -55.13 -95.40
CA GLY A 151 41.89 -55.55 -94.05
C GLY A 151 41.53 -57.00 -93.82
N GLY A 152 41.66 -57.42 -92.56
CA GLY A 152 41.36 -58.78 -92.15
C GLY A 152 40.42 -58.83 -90.96
N GLN A 153 40.70 -59.72 -90.02
CA GLN A 153 39.90 -59.86 -88.82
C GLN A 153 40.53 -59.10 -87.66
N GLY A 154 39.74 -58.92 -86.60
CA GLY A 154 40.19 -58.25 -85.40
C GLY A 154 40.04 -56.75 -85.40
N ASN A 155 39.64 -56.16 -86.53
CA ASN A 155 39.49 -54.70 -86.58
C ASN A 155 38.36 -54.23 -85.67
N THR A 156 37.25 -54.97 -85.63
CA THR A 156 36.11 -54.61 -84.81
C THR A 156 35.42 -55.87 -84.32
N ASP A 157 34.76 -55.76 -83.17
CA ASP A 157 34.06 -56.88 -82.55
C ASP A 157 32.59 -56.96 -82.94
N ASP A 158 32.11 -56.06 -83.81
CA ASP A 158 30.76 -56.09 -84.32
C ASP A 158 30.78 -55.79 -85.82
N TYR A 159 31.66 -56.50 -86.53
CA TYR A 159 31.93 -56.20 -87.94
C TYR A 159 30.68 -56.29 -88.79
N PHE A 160 29.70 -57.10 -88.41
CA PHE A 160 28.52 -57.27 -89.24
C PHE A 160 27.72 -55.97 -89.37
N GLU A 161 27.85 -55.06 -88.40
CA GLU A 161 27.14 -53.79 -88.47
C GLU A 161 27.52 -53.02 -89.73
N GLU A 162 28.77 -53.13 -90.17
CA GLU A 162 29.17 -52.48 -91.41
C GLU A 162 28.42 -53.07 -92.60
N LEU A 163 28.24 -54.39 -92.62
CA LEU A 163 27.47 -55.00 -93.70
C LEU A 163 26.01 -54.55 -93.66
N ARG A 164 25.43 -54.44 -92.46
CA ARG A 164 24.05 -53.96 -92.38
C ARG A 164 23.95 -52.53 -92.87
N GLU A 165 24.93 -51.69 -92.51
CA GLU A 165 24.92 -50.30 -92.99
C GLU A 165 25.04 -50.24 -94.50
N LEU A 166 25.93 -51.06 -95.07
CA LEU A 166 26.07 -51.08 -96.53
C LEU A 166 24.79 -51.54 -97.19
N TYR A 167 24.14 -52.57 -96.65
CA TYR A 167 22.87 -53.02 -97.22
C TYR A 167 21.84 -51.90 -97.13
N THR A 168 21.70 -51.29 -95.96
CA THR A 168 20.68 -50.26 -95.78
C THR A 168 20.90 -49.08 -96.71
N LEU A 169 22.15 -48.66 -96.91
CA LEU A 169 22.43 -47.51 -97.75
C LEU A 169 22.40 -47.83 -99.24
N TYR A 170 22.80 -49.04 -99.64
CA TYR A 170 23.03 -49.36 -101.05
C TYR A 170 22.41 -50.69 -101.43
N GLN A 171 21.13 -50.90 -101.10
CA GLN A 171 20.41 -52.08 -101.57
C GLN A 171 20.50 -52.21 -103.09
N GLY A 172 20.05 -51.17 -103.80
CA GLY A 172 19.95 -51.26 -105.25
C GLY A 172 21.28 -51.42 -105.96
N LEU A 173 22.39 -51.26 -105.25
CA LEU A 173 23.73 -51.34 -105.83
C LEU A 173 24.40 -52.68 -105.65
N ILE A 174 24.19 -53.34 -104.50
CA ILE A 174 24.86 -54.58 -104.15
C ILE A 174 23.87 -55.73 -103.96
N GLU A 175 22.60 -55.55 -104.35
CA GLU A 175 21.63 -56.64 -104.19
C GLU A 175 22.04 -57.86 -105.00
N ASP A 176 22.44 -57.67 -106.26
CA ASP A 176 22.79 -58.81 -107.10
C ASP A 176 24.01 -59.55 -106.55
N LEU A 177 25.03 -58.80 -106.12
CA LEU A 177 26.22 -59.42 -105.56
C LEU A 177 25.89 -60.20 -104.29
N LEU A 178 25.09 -59.59 -103.41
CA LEU A 178 24.72 -60.27 -102.17
C LEU A 178 23.91 -61.52 -102.46
N VAL A 179 22.99 -61.46 -103.42
CA VAL A 179 22.16 -62.62 -103.73
C VAL A 179 23.01 -63.75 -104.30
N SER A 180 23.92 -63.42 -105.22
CA SER A 180 24.78 -64.47 -105.80
C SER A 180 25.65 -65.10 -104.73
N ILE A 181 26.27 -64.27 -103.88
CA ILE A 181 27.13 -64.81 -102.84
C ILE A 181 26.33 -65.64 -101.84
N ALA A 182 25.12 -65.19 -101.49
CA ALA A 182 24.29 -65.94 -100.56
C ALA A 182 23.88 -67.28 -101.14
N GLU A 183 23.58 -67.31 -102.44
CA GLU A 183 23.26 -68.58 -103.09
C GLU A 183 24.46 -69.52 -103.06
N LYS A 184 25.65 -69.00 -103.34
CA LYS A 184 26.85 -69.84 -103.29
C LYS A 184 27.10 -70.36 -101.88
N LEU A 185 26.91 -69.50 -100.88
CA LEU A 185 27.08 -69.91 -99.48
C LEU A 185 26.05 -70.99 -99.10
N ASN A 186 24.81 -70.83 -99.55
CA ASN A 186 23.80 -71.84 -99.29
C ASN A 186 24.17 -73.17 -99.94
N GLN A 187 24.75 -73.10 -101.15
CA GLN A 187 25.20 -74.32 -101.82
C GLN A 187 26.33 -74.98 -101.03
N LEU A 188 27.26 -74.19 -100.49
CA LEU A 188 28.49 -74.75 -99.93
C LEU A 188 28.36 -75.19 -98.48
N HIS A 189 27.72 -74.39 -97.62
CA HIS A 189 27.78 -74.65 -96.19
C HIS A 189 27.17 -75.98 -95.75
N PRO A 190 26.22 -76.61 -96.47
CA PRO A 190 25.75 -77.93 -96.01
C PRO A 190 26.86 -78.97 -95.89
N SER A 191 27.97 -78.80 -96.62
CA SER A 191 29.12 -79.67 -96.43
C SER A 191 29.72 -79.53 -95.03
N PHE A 192 29.45 -78.42 -94.35
CA PHE A 192 29.90 -78.17 -92.99
C PHE A 192 28.71 -77.85 -92.09
N ASP A 193 27.66 -78.66 -92.19
CA ASP A 193 26.47 -78.46 -91.38
C ASP A 193 26.78 -78.60 -89.89
N LYS A 194 27.78 -79.41 -89.55
CA LYS A 194 28.14 -79.57 -88.14
C LYS A 194 28.68 -78.27 -87.56
N ILE A 195 29.34 -77.46 -88.38
CA ILE A 195 29.94 -76.21 -87.91
C ILE A 195 28.92 -75.09 -87.93
N TYR A 196 28.15 -74.99 -89.01
CA TYR A 196 27.20 -73.90 -89.19
C TYR A 196 25.87 -74.28 -88.55
N THR A 197 25.85 -74.22 -87.21
CA THR A 197 24.64 -74.54 -86.48
C THR A 197 23.51 -73.56 -86.80
N GLN A 198 23.78 -72.27 -86.67
CA GLN A 198 22.77 -71.25 -86.88
C GLN A 198 22.60 -70.89 -88.36
N GLY A 199 23.27 -71.59 -89.27
CA GLY A 199 23.16 -71.32 -90.68
C GLY A 199 24.10 -70.22 -91.13
N LEU A 200 24.10 -69.98 -92.43
CA LEU A 200 24.92 -68.94 -93.05
C LEU A 200 24.12 -68.21 -94.12
N ASN A 201 22.87 -67.87 -93.79
CA ASN A 201 21.97 -67.16 -94.71
C ASN A 201 22.04 -65.67 -94.33
N ILE A 202 23.06 -64.99 -94.88
CA ILE A 202 23.28 -63.60 -94.52
C ILE A 202 22.16 -62.70 -95.02
N LEU A 203 21.49 -63.08 -96.12
CA LEU A 203 20.40 -62.27 -96.63
C LEU A 203 19.26 -62.17 -95.63
N SER A 204 18.91 -63.29 -95.00
CA SER A 204 17.87 -63.25 -93.98
C SER A 204 18.28 -62.42 -92.79
N TRP A 205 19.56 -62.48 -92.42
CA TRP A 205 20.04 -61.69 -91.29
C TRP A 205 19.96 -60.20 -91.60
N LEU A 206 20.26 -59.82 -92.84
CA LEU A 206 20.21 -58.42 -93.22
C LEU A 206 18.78 -57.92 -93.32
N LYS A 207 17.89 -58.70 -93.96
CA LYS A 207 16.53 -58.25 -94.17
C LYS A 207 15.69 -58.32 -92.90
N HIS A 208 15.98 -59.26 -92.01
CA HIS A 208 15.23 -59.50 -90.78
C HIS A 208 16.22 -59.56 -89.63
N PRO A 209 16.58 -58.41 -89.04
CA PRO A 209 17.61 -58.44 -87.98
C PRO A 209 17.26 -59.30 -86.78
N GLU A 210 15.98 -59.55 -86.52
CA GLU A 210 15.60 -60.41 -85.41
C GLU A 210 16.15 -61.83 -85.58
N THR A 211 16.45 -62.25 -86.80
CA THR A 211 16.92 -63.60 -87.07
C THR A 211 18.44 -63.71 -87.07
N THR A 212 19.16 -62.62 -86.80
CA THR A 212 20.61 -62.68 -86.83
C THR A 212 21.12 -63.57 -85.68
N PRO A 213 22.13 -64.40 -85.91
CA PRO A 213 22.74 -65.13 -84.79
C PRO A 213 23.43 -64.17 -83.82
N ASP A 214 23.96 -64.74 -82.75
CA ASP A 214 24.59 -63.95 -81.72
C ASP A 214 25.97 -63.46 -82.16
N GLN A 215 26.52 -62.53 -81.39
CA GLN A 215 27.83 -61.97 -81.71
C GLN A 215 28.90 -63.05 -81.71
N ASP A 216 28.77 -64.05 -80.82
CA ASP A 216 29.75 -65.13 -80.77
C ASP A 216 29.77 -65.89 -82.10
N TYR A 217 28.58 -66.29 -82.57
CA TYR A 217 28.51 -67.04 -83.82
C TYR A 217 28.98 -66.19 -84.99
N LEU A 218 28.61 -64.91 -85.00
CA LEU A 218 29.06 -64.03 -86.08
C LEU A 218 30.58 -63.90 -86.09
N LEU A 219 31.19 -63.74 -84.91
CA LEU A 219 32.65 -63.65 -84.83
C LEU A 219 33.33 -64.98 -85.04
N SER A 220 32.58 -66.09 -85.05
CA SER A 220 33.17 -67.39 -85.37
C SER A 220 33.86 -67.33 -86.72
N VAL A 221 35.02 -67.98 -86.79
CA VAL A 221 35.87 -67.83 -87.98
C VAL A 221 35.19 -68.32 -89.25
N PRO A 222 34.50 -69.47 -89.28
CA PRO A 222 33.85 -69.88 -90.53
C PRO A 222 32.81 -68.89 -91.02
N VAL A 223 32.25 -68.08 -90.13
CA VAL A 223 31.33 -67.02 -90.51
C VAL A 223 32.06 -65.70 -90.68
N SER A 224 33.03 -65.42 -89.81
CA SER A 224 33.74 -64.14 -89.88
C SER A 224 34.50 -63.98 -91.19
N CYS A 225 35.17 -65.04 -91.64
CA CYS A 225 35.97 -64.93 -92.87
C CYS A 225 35.12 -64.61 -94.09
N PRO A 226 34.16 -65.46 -94.50
CA PRO A 226 33.39 -65.12 -95.70
C PRO A 226 32.61 -63.84 -95.58
N VAL A 227 32.08 -63.50 -94.40
CA VAL A 227 31.28 -62.29 -94.28
C VAL A 227 32.16 -61.06 -94.38
N ILE A 228 33.37 -61.10 -93.82
CA ILE A 228 34.30 -59.99 -93.98
C ILE A 228 34.69 -59.85 -95.45
N CYS A 229 34.88 -60.98 -96.13
CA CYS A 229 35.14 -60.93 -97.58
C CYS A 229 33.98 -60.27 -98.31
N VAL A 230 32.75 -60.59 -97.91
CA VAL A 230 31.58 -59.99 -98.53
C VAL A 230 31.56 -58.49 -98.27
N ILE A 231 31.92 -58.07 -97.07
CA ILE A 231 31.96 -56.63 -96.76
C ILE A 231 32.96 -55.93 -97.66
N GLN A 232 34.16 -56.50 -97.80
CA GLN A 232 35.19 -55.88 -98.63
C GLN A 232 34.76 -55.84 -100.10
N LEU A 233 34.19 -56.94 -100.60
CA LEU A 233 33.74 -56.97 -101.99
C LEU A 233 32.59 -55.99 -102.21
N CYS A 234 31.70 -55.85 -101.23
CA CYS A 234 30.63 -54.88 -101.35
C CYS A 234 31.17 -53.46 -101.39
N HIS A 235 32.19 -53.17 -100.59
CA HIS A 235 32.80 -51.85 -100.63
C HIS A 235 33.42 -51.58 -101.99
N TYR A 236 34.14 -52.57 -102.54
CA TYR A 236 34.74 -52.41 -103.85
C TYR A 236 33.67 -52.20 -104.92
N THR A 237 32.59 -52.98 -104.86
CA THR A 237 31.50 -52.82 -105.82
C THR A 237 30.84 -51.45 -105.69
N ILE A 238 30.65 -50.98 -104.46
CA ILE A 238 30.03 -49.68 -104.25
C ILE A 238 30.90 -48.59 -104.85
N THR A 239 32.22 -48.65 -104.60
CA THR A 239 33.12 -47.67 -105.18
C THR A 239 33.05 -47.70 -106.71
N CYS A 240 33.17 -48.89 -107.29
CA CYS A 240 33.18 -49.01 -108.75
C CYS A 240 31.88 -48.50 -109.37
N LYS A 241 30.74 -48.88 -108.79
CA LYS A 241 29.46 -48.52 -109.40
C LYS A 241 29.11 -47.06 -109.13
N VAL A 242 29.55 -46.51 -108.00
CA VAL A 242 29.33 -45.08 -107.74
C VAL A 242 30.14 -44.26 -108.72
N LEU A 243 31.36 -44.70 -109.04
CA LEU A 243 32.14 -44.03 -110.07
C LEU A 243 31.73 -44.43 -111.48
N GLY A 244 30.82 -45.39 -111.63
CA GLY A 244 30.32 -45.77 -112.93
C GLY A 244 31.28 -46.60 -113.76
N LEU A 245 32.26 -47.23 -113.11
CA LEU A 245 33.31 -47.97 -113.78
C LEU A 245 33.14 -49.47 -113.58
N THR A 246 33.60 -50.23 -114.56
CA THR A 246 33.67 -51.67 -114.44
C THR A 246 34.79 -52.04 -113.47
N PRO A 247 34.78 -53.26 -112.94
CA PRO A 247 35.88 -53.67 -112.05
C PRO A 247 37.25 -53.56 -112.70
N GLY A 248 37.38 -53.95 -113.98
CA GLY A 248 38.66 -53.77 -114.65
C GLY A 248 39.01 -52.31 -114.84
N GLU A 249 38.02 -51.47 -115.14
CA GLU A 249 38.29 -50.04 -115.31
C GLU A 249 38.80 -49.43 -114.02
N PHE A 250 38.18 -49.77 -112.88
CA PHE A 250 38.67 -49.27 -111.60
C PHE A 250 40.03 -49.86 -111.27
N ARG A 251 40.23 -51.15 -111.59
CA ARG A 251 41.49 -51.82 -111.26
C ARG A 251 42.65 -51.19 -112.02
N ASN A 252 42.41 -50.76 -113.26
CA ASN A 252 43.47 -50.15 -114.06
C ASN A 252 44.00 -48.87 -113.41
N SER A 253 43.16 -48.20 -112.62
CA SER A 253 43.59 -47.00 -111.91
C SER A 253 44.47 -47.30 -110.71
N LEU A 254 44.58 -48.56 -110.29
CA LEU A 254 45.31 -48.94 -109.08
C LEU A 254 46.71 -49.41 -109.47
N LYS A 255 47.73 -48.79 -108.86
CA LYS A 255 49.10 -49.22 -109.12
C LYS A 255 49.34 -50.63 -108.56
N TRP A 256 48.84 -50.90 -107.36
CA TRP A 256 48.90 -52.26 -106.82
C TRP A 256 47.91 -52.39 -105.68
N SER A 257 47.73 -53.64 -105.24
CA SER A 257 46.83 -53.94 -104.12
C SER A 257 47.46 -55.00 -103.24
N THR A 258 47.01 -55.04 -101.99
CA THR A 258 47.50 -56.02 -101.04
C THR A 258 46.48 -56.18 -99.92
N GLY A 259 46.77 -57.08 -98.99
CA GLY A 259 45.81 -57.39 -97.95
C GLY A 259 46.47 -57.87 -96.68
N HIS A 260 45.78 -57.61 -95.58
CA HIS A 260 46.19 -57.97 -94.23
C HIS A 260 45.36 -59.17 -93.79
N SER A 261 45.99 -60.31 -93.58
CA SER A 261 45.31 -61.56 -93.24
C SER A 261 44.36 -61.90 -94.39
N GLN A 262 43.06 -62.10 -94.14
CA GLN A 262 42.16 -62.58 -95.20
C GLN A 262 41.97 -61.56 -96.33
N GLY A 263 42.35 -60.30 -96.13
CA GLY A 263 42.19 -59.31 -97.19
C GLY A 263 43.00 -59.61 -98.43
N LEU A 264 44.03 -60.45 -98.31
CA LEU A 264 44.82 -60.83 -99.48
C LEU A 264 43.94 -61.51 -100.52
N VAL A 265 42.95 -62.28 -100.07
CA VAL A 265 42.05 -62.95 -100.99
C VAL A 265 41.26 -61.92 -101.80
N THR A 266 40.73 -60.90 -101.13
CA THR A 266 39.98 -59.87 -101.83
C THR A 266 40.88 -59.06 -102.77
N ALA A 267 42.12 -58.81 -102.34
CA ALA A 267 43.07 -58.15 -103.22
C ALA A 267 43.29 -58.96 -104.49
N VAL A 268 43.44 -60.28 -104.35
CA VAL A 268 43.61 -61.16 -105.51
C VAL A 268 42.38 -61.10 -106.40
N THR A 269 41.19 -61.09 -105.80
CA THR A 269 39.96 -61.02 -106.60
C THR A 269 39.91 -59.75 -107.43
N ILE A 270 40.17 -58.60 -106.80
CA ILE A 270 40.09 -57.35 -107.56
C ILE A 270 41.19 -57.30 -108.61
N ALA A 271 42.34 -57.90 -108.34
CA ALA A 271 43.39 -57.96 -109.34
C ALA A 271 42.97 -58.80 -110.54
N ALA A 272 42.31 -59.93 -110.28
CA ALA A 272 41.91 -60.85 -111.35
C ALA A 272 40.62 -60.45 -112.05
N SER A 273 39.86 -59.51 -111.50
CA SER A 273 38.56 -59.14 -112.06
C SER A 273 38.73 -58.08 -113.15
N ASP A 274 38.12 -58.33 -114.31
CA ASP A 274 38.12 -57.40 -115.42
C ASP A 274 36.73 -56.87 -115.74
N SER A 275 35.78 -57.73 -116.03
CA SER A 275 34.40 -57.36 -116.27
C SER A 275 33.57 -57.68 -115.03
N TRP A 276 32.27 -57.37 -115.11
CA TRP A 276 31.40 -57.64 -113.97
C TRP A 276 31.20 -59.14 -113.77
N ASP A 277 31.07 -59.89 -114.87
CA ASP A 277 30.96 -61.34 -114.76
C ASP A 277 32.22 -61.96 -114.16
N SER A 278 33.38 -61.52 -114.62
CA SER A 278 34.63 -62.02 -114.05
C SER A 278 34.76 -61.63 -112.59
N PHE A 279 34.33 -60.41 -112.23
CA PHE A 279 34.36 -59.99 -110.84
C PHE A 279 33.45 -60.87 -109.99
N LEU A 280 32.26 -61.19 -110.49
CA LEU A 280 31.36 -62.07 -109.75
C LEU A 280 31.97 -63.45 -109.58
N LYS A 281 32.59 -63.98 -110.64
CA LYS A 281 33.23 -65.28 -110.55
C LYS A 281 34.32 -65.27 -109.50
N ASN A 282 35.16 -64.24 -109.51
CA ASN A 282 36.24 -64.15 -108.53
C ASN A 282 35.71 -63.96 -107.12
N SER A 283 34.63 -63.19 -106.98
CA SER A 283 34.02 -63.00 -105.66
C SER A 283 33.50 -64.33 -105.11
N LEU A 284 32.81 -65.10 -105.94
CA LEU A 284 32.32 -66.40 -105.49
C LEU A 284 33.48 -67.34 -105.17
N THR A 285 34.53 -67.32 -105.98
CA THR A 285 35.69 -68.16 -105.71
C THR A 285 36.32 -67.81 -104.37
N ALA A 286 36.47 -66.51 -104.10
CA ALA A 286 37.06 -66.08 -102.84
C ALA A 286 36.17 -66.40 -101.66
N VAL A 287 34.85 -66.24 -101.82
CA VAL A 287 33.93 -66.57 -100.75
C VAL A 287 34.04 -68.05 -100.41
N SER A 288 34.08 -68.91 -101.44
CA SER A 288 34.26 -70.34 -101.21
C SER A 288 35.58 -70.62 -100.51
N LEU A 289 36.66 -69.98 -100.99
CA LEU A 289 37.98 -70.22 -100.42
C LEU A 289 38.01 -69.85 -98.94
N LEU A 290 37.47 -68.69 -98.59
CA LEU A 290 37.53 -68.25 -97.20
C LEU A 290 36.56 -69.03 -96.33
N LEU A 291 35.44 -69.48 -96.88
CA LEU A 291 34.56 -70.39 -96.15
C LEU A 291 35.30 -71.67 -95.78
N PHE A 292 36.00 -72.26 -96.74
CA PHE A 292 36.76 -73.47 -96.46
C PHE A 292 37.89 -73.19 -95.47
N ILE A 293 38.56 -72.04 -95.62
CA ILE A 293 39.63 -71.68 -94.71
C ILE A 293 39.11 -71.62 -93.28
N GLY A 294 38.00 -70.90 -93.06
CA GLY A 294 37.45 -70.79 -91.73
C GLY A 294 36.97 -72.12 -91.18
N SER A 295 36.29 -72.91 -92.02
CA SER A 295 35.79 -74.21 -91.56
C SER A 295 36.94 -75.11 -91.11
N ARG A 296 37.97 -75.25 -91.95
CA ARG A 296 39.06 -76.15 -91.60
C ARG A 296 39.90 -75.60 -90.46
N CYS A 297 40.07 -74.28 -90.37
CA CYS A 297 40.79 -73.71 -89.25
C CYS A 297 40.07 -73.97 -87.94
N LEU A 298 38.75 -73.78 -87.91
CA LEU A 298 38.00 -74.06 -86.70
C LEU A 298 38.04 -75.55 -86.36
N SER A 299 37.96 -76.41 -87.37
CA SER A 299 38.06 -77.84 -87.11
C SER A 299 39.42 -78.21 -86.53
N THR A 300 40.50 -77.62 -87.07
CA THR A 300 41.84 -77.93 -86.58
C THR A 300 42.05 -77.42 -85.17
N TYR A 301 41.60 -76.21 -84.87
CA TYR A 301 41.78 -75.59 -83.56
C TYR A 301 40.42 -75.15 -83.05
N PRO A 302 39.66 -76.03 -82.41
CA PRO A 302 38.34 -75.65 -81.91
C PRO A 302 38.43 -74.53 -80.87
N ARG A 303 37.43 -73.67 -80.86
CA ARG A 303 37.39 -72.52 -79.96
C ARG A 303 37.10 -73.02 -78.55
N THR A 304 38.09 -72.96 -77.68
CA THR A 304 37.95 -73.32 -76.28
C THR A 304 37.70 -72.08 -75.43
N SER A 305 37.20 -72.31 -74.22
CA SER A 305 36.91 -71.24 -73.27
C SER A 305 37.96 -71.24 -72.18
N LEU A 306 38.54 -70.07 -71.91
CA LEU A 306 39.48 -69.95 -70.81
C LEU A 306 38.72 -69.96 -69.49
N PRO A 307 39.38 -70.29 -68.37
CA PRO A 307 38.71 -70.23 -67.09
C PRO A 307 38.22 -68.79 -66.81
N PRO A 308 36.99 -68.65 -66.31
CA PRO A 308 36.46 -67.29 -66.13
C PRO A 308 37.24 -66.44 -65.14
N THR A 309 37.99 -67.03 -64.21
CA THR A 309 38.82 -66.21 -63.35
C THR A 309 39.83 -65.42 -64.18
N MET A 310 40.50 -66.12 -65.10
CA MET A 310 41.44 -65.43 -65.99
C MET A 310 40.70 -64.48 -66.92
N LEU A 311 39.54 -64.89 -67.42
CA LEU A 311 38.78 -64.00 -68.31
C LEU A 311 38.41 -62.69 -67.62
N GLN A 312 37.85 -62.78 -66.42
CA GLN A 312 37.41 -61.58 -65.72
C GLN A 312 38.59 -60.74 -65.24
N ASP A 313 39.68 -61.39 -64.85
CA ASP A 313 40.88 -60.64 -64.50
C ASP A 313 41.38 -59.84 -65.70
N SER A 314 41.41 -60.46 -66.87
CA SER A 314 41.82 -59.75 -68.08
C SER A 314 40.87 -58.60 -68.40
N LEU A 315 39.56 -58.84 -68.27
CA LEU A 315 38.57 -57.81 -68.58
C LEU A 315 38.73 -56.62 -67.65
N ASP A 316 38.90 -56.87 -66.35
CA ASP A 316 39.08 -55.78 -65.40
C ASP A 316 40.39 -55.06 -65.67
N ASN A 317 41.45 -55.79 -66.02
CA ASN A 317 42.71 -55.15 -66.38
C ASN A 317 42.62 -54.38 -67.69
N GLY A 318 41.60 -54.63 -68.49
CA GLY A 318 41.46 -53.97 -69.78
C GLY A 318 42.06 -54.72 -70.94
N GLU A 319 42.47 -55.96 -70.74
CA GLU A 319 43.13 -56.73 -71.79
C GLU A 319 42.17 -57.38 -72.77
N GLY A 320 40.86 -57.24 -72.57
CA GLY A 320 39.88 -57.83 -73.46
C GLY A 320 39.65 -59.31 -73.15
N ARG A 321 38.70 -59.88 -73.89
CA ARG A 321 38.37 -61.28 -73.68
C ARG A 321 39.50 -62.16 -74.21
N PRO A 322 39.96 -63.17 -73.46
CA PRO A 322 41.04 -64.01 -73.98
C PRO A 322 40.68 -64.67 -75.31
N SER A 323 41.66 -64.74 -76.19
CA SER A 323 41.47 -65.23 -77.55
C SER A 323 42.83 -65.67 -78.09
N PRO A 324 42.85 -66.47 -79.16
CA PRO A 324 44.15 -66.93 -79.69
C PRO A 324 45.02 -65.84 -80.31
N MET A 325 44.60 -64.58 -80.33
CA MET A 325 45.39 -63.49 -80.88
C MET A 325 45.42 -62.32 -79.91
N LEU A 326 46.62 -61.84 -79.60
CA LEU A 326 46.82 -60.79 -78.61
C LEU A 326 47.64 -59.67 -79.25
N SER A 327 47.06 -58.47 -79.34
CA SER A 327 47.71 -57.33 -79.95
C SER A 327 48.48 -56.53 -78.90
N VAL A 328 49.78 -56.37 -79.14
CA VAL A 328 50.65 -55.56 -78.31
C VAL A 328 51.03 -54.31 -79.11
N ARG A 329 51.26 -53.20 -78.39
CA ARG A 329 51.60 -51.94 -79.02
C ARG A 329 52.64 -51.23 -78.17
N ASP A 330 53.32 -50.26 -78.79
CA ASP A 330 54.27 -49.36 -78.14
C ASP A 330 55.50 -50.08 -77.61
N LEU A 331 55.76 -51.30 -78.07
CA LEU A 331 56.94 -52.08 -77.68
C LEU A 331 57.71 -52.46 -78.94
N SER A 332 59.03 -52.46 -78.86
CA SER A 332 59.85 -52.86 -79.98
C SER A 332 59.81 -54.38 -80.14
N ILE A 333 60.25 -54.83 -81.31
CA ILE A 333 60.29 -56.27 -81.58
C ILE A 333 61.24 -56.96 -80.61
N LYS A 334 62.36 -56.31 -80.28
CA LYS A 334 63.30 -56.90 -79.32
C LYS A 334 62.64 -57.08 -77.96
N GLN A 335 61.94 -56.05 -77.47
CA GLN A 335 61.24 -56.17 -76.20
C GLN A 335 60.20 -57.27 -76.23
N VAL A 336 59.34 -57.25 -77.25
CA VAL A 336 58.29 -58.26 -77.34
C VAL A 336 58.90 -59.66 -77.41
N GLU A 337 60.03 -59.80 -78.12
CA GLU A 337 60.69 -61.09 -78.22
C GLU A 337 61.18 -61.52 -76.84
N LYS A 338 61.71 -60.58 -76.05
CA LYS A 338 62.18 -60.91 -74.72
C LYS A 338 61.05 -61.44 -73.84
N PHE A 339 59.92 -60.73 -73.82
CA PHE A 339 58.77 -61.20 -73.03
C PHE A 339 58.24 -62.52 -73.56
N ILE A 340 58.28 -62.70 -74.88
CA ILE A 340 57.91 -63.98 -75.50
C ILE A 340 58.81 -65.12 -75.03
N GLU A 341 60.12 -64.87 -74.94
CA GLU A 341 61.02 -65.90 -74.44
C GLU A 341 60.70 -66.22 -72.98
N GLN A 342 60.47 -65.18 -72.18
CA GLN A 342 60.08 -65.38 -70.78
C GLN A 342 58.85 -66.26 -70.68
N THR A 343 57.86 -66.04 -71.55
CA THR A 343 56.64 -66.84 -71.48
C THR A 343 56.87 -68.28 -71.93
N ASN A 344 57.53 -68.48 -73.07
CA ASN A 344 57.59 -69.83 -73.61
C ASN A 344 58.56 -70.72 -72.85
N SER A 345 59.56 -70.14 -72.18
CA SER A 345 60.51 -70.98 -71.46
C SER A 345 59.82 -71.84 -70.41
N HIS A 346 58.62 -71.47 -69.97
CA HIS A 346 57.85 -72.22 -69.00
C HIS A 346 56.88 -73.22 -69.63
N LEU A 347 56.85 -73.32 -70.97
CA LEU A 347 55.82 -74.06 -71.66
C LEU A 347 56.41 -75.01 -72.69
N PRO A 348 55.65 -76.04 -73.13
CA PRO A 348 56.18 -76.95 -74.15
C PRO A 348 56.03 -76.42 -75.56
N ARG A 349 56.47 -77.20 -76.56
CA ARG A 349 56.42 -76.74 -77.95
C ARG A 349 54.99 -76.55 -78.44
N GLU A 350 54.09 -77.49 -78.11
CA GLU A 350 52.73 -77.41 -78.63
C GLU A 350 51.96 -76.21 -78.11
N LYS A 351 52.44 -75.58 -77.03
CA LYS A 351 51.82 -74.38 -76.48
C LYS A 351 52.75 -73.17 -76.56
N HIS A 352 53.70 -73.17 -77.49
CA HIS A 352 54.57 -72.03 -77.67
C HIS A 352 53.80 -70.85 -78.24
N ILE A 353 54.26 -69.65 -77.92
CA ILE A 353 53.76 -68.42 -78.53
C ILE A 353 54.69 -68.04 -79.67
N ALA A 354 54.10 -67.64 -80.80
CA ALA A 354 54.84 -67.25 -81.98
C ALA A 354 54.36 -65.88 -82.45
N ILE A 355 55.26 -65.14 -83.10
CA ILE A 355 54.92 -63.86 -83.68
C ILE A 355 54.14 -64.11 -84.96
N SER A 356 52.96 -63.49 -85.08
CA SER A 356 52.04 -63.76 -86.17
C SER A 356 51.88 -62.59 -87.13
N LEU A 357 51.68 -61.38 -86.61
CA LEU A 357 51.44 -60.20 -87.44
C LEU A 357 52.38 -59.09 -86.98
N ILE A 358 53.43 -58.83 -87.77
CA ILE A 358 54.29 -57.67 -87.54
C ILE A 358 53.65 -56.52 -88.31
N ASN A 359 52.65 -55.91 -87.67
CA ASN A 359 51.93 -54.82 -88.31
C ASN A 359 52.83 -53.60 -88.51
N GLY A 360 53.65 -53.29 -87.52
CA GLY A 360 54.55 -52.17 -87.62
C GLY A 360 55.60 -52.24 -86.53
N ALA A 361 56.37 -51.17 -86.41
CA ALA A 361 57.39 -51.12 -85.37
C ALA A 361 56.77 -51.21 -83.98
N ARG A 362 55.71 -50.44 -83.74
CA ARG A 362 55.05 -50.36 -82.44
C ARG A 362 53.66 -50.99 -82.50
N ASN A 363 53.52 -52.07 -83.27
CA ASN A 363 52.24 -52.75 -83.44
C ASN A 363 52.52 -54.18 -83.83
N LEU A 364 52.27 -55.12 -82.93
CA LEU A 364 52.48 -56.54 -83.17
C LEU A 364 51.26 -57.32 -82.72
N VAL A 365 51.09 -58.52 -83.27
CA VAL A 365 50.06 -59.44 -82.81
C VAL A 365 50.70 -60.80 -82.59
N LEU A 366 50.38 -61.42 -81.47
CA LEU A 366 50.94 -62.69 -81.02
C LEU A 366 49.86 -63.75 -81.10
N SER A 367 50.19 -64.90 -81.67
CA SER A 367 49.25 -66.01 -81.83
C SER A 367 49.75 -67.23 -81.08
N GLY A 368 48.83 -67.87 -80.37
CA GLY A 368 49.12 -69.05 -79.59
C GLY A 368 47.91 -69.43 -78.76
N PRO A 369 48.08 -70.35 -77.82
CA PRO A 369 46.99 -70.68 -76.91
C PRO A 369 46.56 -69.45 -76.13
N PRO A 370 45.25 -69.25 -75.90
CA PRO A 370 44.85 -68.10 -75.08
C PRO A 370 45.42 -68.14 -73.67
N GLU A 371 45.64 -69.32 -73.10
CA GLU A 371 46.28 -69.38 -71.79
C GLU A 371 47.71 -68.86 -71.84
N SER A 372 48.47 -69.22 -72.88
CA SER A 372 49.82 -68.71 -73.01
C SER A 372 49.82 -67.21 -73.24
N LEU A 373 48.88 -66.72 -74.04
CA LEU A 373 48.80 -65.28 -74.27
C LEU A 373 48.42 -64.54 -73.00
N TYR A 374 47.58 -65.16 -72.16
CA TYR A 374 47.25 -64.56 -70.87
C TYR A 374 48.45 -64.53 -69.95
N GLY A 375 49.25 -65.60 -69.95
CA GLY A 375 50.48 -65.57 -69.18
C GLY A 375 51.43 -64.48 -69.65
N PHE A 376 51.55 -64.32 -70.97
CA PHE A 376 52.32 -63.22 -71.52
C PHE A 376 51.77 -61.88 -71.06
N ASN A 377 50.44 -61.72 -71.06
CA ASN A 377 49.83 -60.48 -70.62
C ASN A 377 50.13 -60.21 -69.15
N LEU A 378 50.09 -61.25 -68.32
CA LEU A 378 50.38 -61.06 -66.89
C LEU A 378 51.84 -60.70 -66.67
N ASN A 379 52.76 -61.34 -67.40
CA ASN A 379 54.16 -60.96 -67.32
C ASN A 379 54.34 -59.50 -67.72
N LEU A 380 53.69 -59.10 -68.83
CA LEU A 380 53.76 -57.72 -69.27
C LEU A 380 53.22 -56.77 -68.21
N ARG A 381 52.08 -57.10 -67.61
CA ARG A 381 51.51 -56.23 -66.59
C ARG A 381 52.44 -56.12 -65.39
N ASN A 382 53.06 -57.24 -64.99
CA ASN A 382 54.02 -57.19 -63.89
C ASN A 382 55.18 -56.26 -64.22
N GLN A 383 55.58 -56.22 -65.49
CA GLN A 383 56.67 -55.34 -65.93
C GLN A 383 56.19 -54.05 -66.58
N LYS A 384 54.94 -53.64 -66.36
CA LYS A 384 54.34 -52.51 -67.05
C LYS A 384 54.09 -51.35 -66.08
N ALA A 385 53.98 -50.16 -66.65
CA ALA A 385 53.72 -48.98 -65.85
C ALA A 385 52.34 -49.06 -65.20
N PRO A 386 52.17 -48.52 -63.99
CA PRO A 386 50.81 -48.37 -63.46
C PRO A 386 50.02 -47.37 -64.29
N MET A 387 48.70 -47.56 -64.30
CA MET A 387 47.83 -46.65 -65.04
C MET A 387 47.93 -45.25 -64.46
N GLY A 388 48.44 -44.31 -65.26
CA GLY A 388 48.54 -42.93 -64.84
C GLY A 388 49.74 -42.58 -63.99
N LEU A 389 50.74 -43.45 -63.90
CA LEU A 389 51.94 -43.11 -63.16
C LEU A 389 52.60 -41.88 -63.76
N ASP A 390 53.00 -40.95 -62.90
CA ASP A 390 53.74 -39.77 -63.31
C ASP A 390 55.23 -40.08 -63.28
N GLN A 391 55.85 -40.14 -64.45
CA GLN A 391 57.27 -40.45 -64.58
C GLN A 391 58.03 -39.34 -65.30
N SER A 392 57.51 -38.10 -65.26
CA SER A 392 58.22 -37.00 -65.88
C SER A 392 59.56 -36.75 -65.19
N ARG A 393 59.60 -36.89 -63.87
CA ARG A 393 60.81 -36.67 -63.08
C ARG A 393 61.54 -37.98 -62.76
N VAL A 394 61.50 -38.95 -63.67
CA VAL A 394 62.12 -40.25 -63.47
C VAL A 394 63.00 -40.52 -64.69
N PRO A 395 64.18 -41.14 -64.55
CA PRO A 395 65.00 -41.43 -65.74
C PRO A 395 64.26 -42.31 -66.74
N PHE A 396 64.57 -42.08 -68.02
CA PHE A 396 63.87 -42.79 -69.09
C PHE A 396 64.15 -44.29 -69.03
N SER A 397 65.39 -44.67 -68.71
CA SER A 397 65.71 -46.09 -68.60
C SER A 397 65.03 -46.72 -67.39
N GLU A 398 64.72 -45.93 -66.37
CA GLU A 398 63.96 -46.39 -65.21
C GLU A 398 62.47 -46.21 -65.39
N ARG A 399 62.03 -45.54 -66.46
CA ARG A 399 60.59 -45.43 -66.72
C ARG A 399 60.02 -46.81 -67.05
N LYS A 400 58.80 -47.05 -66.58
CA LYS A 400 58.13 -48.31 -66.84
C LYS A 400 57.59 -48.30 -68.27
N LEU A 401 56.86 -49.33 -68.65
CA LEU A 401 56.39 -49.51 -70.01
C LEU A 401 54.96 -49.01 -70.15
N LYS A 402 54.70 -48.26 -71.22
CA LYS A 402 53.35 -47.81 -71.58
C LYS A 402 52.97 -48.51 -72.86
N CYS A 403 52.21 -49.59 -72.74
CA CYS A 403 51.82 -50.41 -73.88
C CYS A 403 50.36 -50.82 -73.74
N SER A 404 49.74 -51.08 -74.88
CA SER A 404 48.34 -51.48 -74.96
C SER A 404 48.30 -52.94 -75.39
N ASN A 405 48.27 -53.84 -74.41
CA ASN A 405 48.14 -55.27 -74.67
C ASN A 405 46.66 -55.62 -74.54
N ARG A 406 46.06 -56.05 -75.65
CA ARG A 406 44.62 -56.31 -75.69
C ARG A 406 44.35 -57.49 -76.60
N PHE A 407 43.52 -58.42 -76.14
CA PHE A 407 43.15 -59.56 -76.97
C PHE A 407 42.26 -59.11 -78.12
N LEU A 408 42.57 -59.58 -79.32
CA LEU A 408 41.76 -59.25 -80.49
C LEU A 408 40.54 -60.15 -80.56
N PRO A 409 39.45 -59.69 -81.21
CA PRO A 409 38.27 -60.56 -81.39
C PRO A 409 38.44 -61.51 -82.57
N ILE A 410 39.43 -62.39 -82.47
CA ILE A 410 39.70 -63.42 -83.47
C ILE A 410 39.76 -64.76 -82.74
N PHE A 411 39.01 -65.74 -83.22
CA PHE A 411 38.84 -67.00 -82.53
C PHE A 411 39.70 -68.12 -83.09
N ALA A 412 40.68 -67.82 -83.93
CA ALA A 412 41.63 -68.81 -84.40
C ALA A 412 43.04 -68.25 -84.33
N PRO A 413 44.06 -69.10 -84.11
CA PRO A 413 45.45 -68.61 -84.12
C PRO A 413 45.97 -68.51 -85.55
N PHE A 414 45.52 -67.46 -86.24
CA PHE A 414 45.90 -67.27 -87.63
C PHE A 414 47.40 -67.01 -87.74
N HIS A 415 48.00 -67.56 -88.79
CA HIS A 415 49.43 -67.43 -89.04
C HIS A 415 50.24 -68.07 -87.90
N SER A 416 49.98 -69.35 -87.64
CA SER A 416 50.69 -70.10 -86.63
C SER A 416 50.76 -71.56 -87.03
N HIS A 417 51.71 -72.27 -86.43
CA HIS A 417 51.85 -73.70 -86.68
C HIS A 417 50.63 -74.48 -86.21
N LEU A 418 49.84 -73.92 -85.29
CA LEU A 418 48.66 -74.62 -84.79
C LEU A 418 47.66 -74.90 -85.91
N LEU A 419 47.59 -74.03 -86.92
CA LEU A 419 46.74 -74.22 -88.07
C LEU A 419 47.49 -74.79 -89.27
N ALA A 420 48.69 -75.34 -89.05
CA ALA A 420 49.47 -75.88 -90.15
C ALA A 420 48.76 -77.06 -90.81
N ASP A 421 48.13 -77.93 -90.01
CA ASP A 421 47.46 -79.10 -90.57
C ASP A 421 46.26 -78.73 -91.42
N ALA A 422 45.70 -77.53 -91.24
CA ALA A 422 44.54 -77.12 -92.02
C ALA A 422 44.89 -76.79 -93.47
N THR A 423 46.16 -76.49 -93.76
CA THR A 423 46.55 -76.07 -95.11
C THR A 423 46.28 -77.19 -96.12
N GLU A 424 46.64 -78.42 -95.77
CA GLU A 424 46.45 -79.53 -96.70
C GLU A 424 44.98 -79.80 -96.94
N LEU A 425 44.18 -79.72 -95.87
CA LEU A 425 42.73 -79.92 -96.02
C LEU A 425 42.12 -78.83 -96.91
N ILE A 426 42.57 -77.58 -96.74
CA ILE A 426 42.03 -76.51 -97.56
C ILE A 426 42.46 -76.70 -99.01
N LEU A 427 43.69 -77.16 -99.23
CA LEU A 427 44.13 -77.46 -100.59
C LEU A 427 43.27 -78.54 -101.22
N ASP A 428 42.94 -79.58 -100.45
CA ASP A 428 42.04 -80.62 -100.95
C ASP A 428 40.67 -80.04 -101.29
N ASP A 429 40.15 -79.17 -100.43
CA ASP A 429 38.84 -78.58 -100.68
C ASP A 429 38.83 -77.76 -101.96
N VAL A 430 39.85 -76.91 -102.15
CA VAL A 430 39.86 -76.04 -103.31
C VAL A 430 40.10 -76.85 -104.58
N LYS A 431 40.94 -77.88 -104.53
CA LYS A 431 41.14 -78.67 -105.74
C LYS A 431 39.91 -79.50 -106.08
N GLU A 432 39.09 -79.85 -105.07
CA GLU A 432 37.88 -80.60 -105.38
C GLU A 432 36.79 -79.68 -105.93
N HIS A 433 36.73 -78.44 -105.45
CA HIS A 433 35.77 -77.46 -105.97
C HIS A 433 36.27 -76.69 -107.19
N GLY A 434 37.50 -76.93 -107.64
CA GLY A 434 38.02 -76.26 -108.81
C GLY A 434 38.12 -74.75 -108.65
N LEU A 435 38.68 -74.31 -107.53
CA LEU A 435 38.82 -72.89 -107.23
C LEU A 435 40.26 -72.46 -107.53
N SER A 436 40.40 -71.43 -108.36
CA SER A 436 41.71 -70.91 -108.71
C SER A 436 41.56 -69.50 -109.27
N PHE A 437 42.56 -68.68 -109.01
CA PHE A 437 42.64 -67.32 -109.54
C PHE A 437 43.68 -67.27 -110.65
N GLU A 438 43.40 -66.46 -111.67
CA GLU A 438 44.30 -66.32 -112.80
C GLU A 438 44.08 -64.96 -113.45
N GLY A 439 45.01 -64.58 -114.31
CA GLY A 439 44.92 -63.32 -115.02
C GLY A 439 45.04 -62.09 -114.16
N LEU A 440 45.98 -62.08 -113.22
CA LEU A 440 46.25 -60.88 -112.44
C LEU A 440 46.81 -59.80 -113.36
N LYS A 441 46.32 -58.57 -113.18
CA LYS A 441 46.71 -57.44 -114.01
C LYS A 441 47.46 -56.34 -113.27
N ILE A 442 47.52 -56.40 -111.94
CA ILE A 442 48.34 -55.48 -111.15
C ILE A 442 49.15 -56.31 -110.16
N PRO A 443 50.27 -55.80 -109.65
CA PRO A 443 51.01 -56.56 -108.63
C PRO A 443 50.16 -56.76 -107.39
N VAL A 444 50.29 -57.95 -106.80
CA VAL A 444 49.67 -58.29 -105.51
C VAL A 444 50.79 -58.84 -104.65
N TYR A 445 51.35 -58.00 -103.79
CA TYR A 445 52.56 -58.33 -103.07
C TYR A 445 52.28 -59.25 -101.89
N ASP A 446 53.16 -60.23 -101.71
CA ASP A 446 53.01 -61.21 -100.64
C ASP A 446 53.13 -60.56 -99.27
N THR A 447 52.39 -61.10 -98.31
CA THR A 447 52.44 -60.57 -96.95
C THR A 447 53.69 -61.01 -96.20
N PHE A 448 54.24 -62.17 -96.54
CA PHE A 448 55.40 -62.71 -95.82
C PHE A 448 56.73 -62.27 -96.44
N ASP A 449 56.99 -62.65 -97.68
CA ASP A 449 58.25 -62.35 -98.34
C ASP A 449 58.17 -61.16 -99.28
N GLY A 450 57.01 -60.54 -99.44
CA GLY A 450 56.87 -59.35 -100.23
C GLY A 450 56.87 -59.56 -101.73
N SER A 451 57.06 -60.79 -102.19
CA SER A 451 57.12 -61.04 -103.63
C SER A 451 55.76 -60.83 -104.28
N ASP A 452 55.81 -60.34 -105.51
CA ASP A 452 54.57 -60.13 -106.27
C ASP A 452 53.99 -61.47 -106.71
N PHE A 453 52.68 -61.62 -106.55
CA PHE A 453 52.02 -62.87 -106.93
C PHE A 453 51.97 -63.08 -108.43
N GLN A 454 52.10 -62.00 -109.22
CA GLN A 454 52.11 -62.17 -110.67
C GLN A 454 53.31 -62.99 -111.12
N ALA A 455 54.44 -62.84 -110.42
CA ALA A 455 55.64 -63.62 -110.73
C ALA A 455 55.61 -65.02 -110.13
N LEU A 456 54.68 -65.30 -109.22
CA LEU A 456 54.64 -66.61 -108.58
C LEU A 456 54.28 -67.69 -109.60
N LYS A 457 54.99 -68.81 -109.53
CA LYS A 457 54.71 -69.96 -110.39
C LYS A 457 53.78 -70.97 -109.73
N GLU A 458 53.86 -71.10 -108.40
CA GLU A 458 53.00 -72.03 -107.69
C GLU A 458 51.56 -71.51 -107.68
N PRO A 459 50.59 -72.37 -107.36
CA PRO A 459 49.19 -71.93 -107.41
C PRO A 459 48.91 -70.76 -106.46
N ILE A 460 48.11 -69.81 -106.98
CA ILE A 460 47.80 -68.61 -106.22
C ILE A 460 47.12 -68.98 -104.91
N ILE A 461 46.07 -69.80 -104.98
CA ILE A 461 45.30 -70.13 -103.79
C ILE A 461 46.16 -70.93 -102.82
N ASP A 462 47.04 -71.79 -103.34
CA ASP A 462 47.94 -72.51 -102.45
C ASP A 462 48.79 -71.54 -101.63
N ARG A 463 49.39 -70.56 -102.29
CA ARG A 463 50.23 -69.61 -101.55
C ARG A 463 49.40 -68.78 -100.58
N VAL A 464 48.21 -68.34 -100.99
CA VAL A 464 47.38 -67.52 -100.10
C VAL A 464 46.95 -68.31 -98.87
N VAL A 465 46.55 -69.57 -99.06
CA VAL A 465 46.18 -70.40 -97.91
C VAL A 465 47.39 -70.59 -97.00
N LYS A 466 48.56 -70.86 -97.58
CA LYS A 466 49.74 -71.06 -96.74
C LYS A 466 50.03 -69.81 -95.92
N LEU A 467 49.92 -68.64 -96.54
CA LEU A 467 50.15 -67.39 -95.81
C LEU A 467 49.11 -67.19 -94.72
N ILE A 468 47.84 -67.46 -95.03
CA ILE A 468 46.77 -67.22 -94.08
C ILE A 468 46.94 -68.10 -92.85
N THR A 469 47.32 -69.36 -93.05
CA THR A 469 47.36 -70.31 -91.94
C THR A 469 48.68 -70.30 -91.19
N GLU A 470 49.82 -70.32 -91.89
CA GLU A 470 51.11 -70.60 -91.26
C GLU A 470 52.01 -69.37 -91.19
N LEU A 471 52.36 -68.77 -92.32
CA LEU A 471 53.39 -67.74 -92.32
C LEU A 471 52.89 -66.48 -91.63
N PRO A 472 53.73 -65.79 -90.82
CA PRO A 472 53.30 -64.50 -90.27
C PRO A 472 53.22 -63.43 -91.33
N VAL A 473 52.77 -62.23 -90.94
CA VAL A 473 52.54 -61.13 -91.87
C VAL A 473 53.54 -60.03 -91.56
N HIS A 474 54.36 -59.67 -92.55
CA HIS A 474 55.27 -58.53 -92.46
C HIS A 474 54.61 -57.39 -93.21
N TRP A 475 53.76 -56.64 -92.50
CA TRP A 475 52.96 -55.61 -93.15
C TRP A 475 53.83 -54.47 -93.67
N GLU A 476 54.87 -54.10 -92.91
CA GLU A 476 55.77 -53.04 -93.37
C GLU A 476 56.44 -53.43 -94.68
N GLU A 477 56.93 -54.66 -94.77
CA GLU A 477 57.55 -55.13 -96.01
C GLU A 477 56.52 -55.15 -97.13
N ALA A 478 55.33 -55.68 -96.85
CA ALA A 478 54.30 -55.81 -97.87
C ALA A 478 53.90 -54.45 -98.45
N THR A 479 53.85 -53.42 -97.61
CA THR A 479 53.43 -52.09 -98.02
C THR A 479 54.61 -51.16 -98.30
N ASN A 480 55.84 -51.68 -98.29
CA ASN A 480 57.02 -50.84 -98.52
C ASN A 480 57.10 -50.24 -99.94
N HIS A 481 56.19 -50.50 -100.88
CA HIS A 481 56.30 -49.98 -102.23
C HIS A 481 55.68 -48.59 -102.34
N LYS A 482 55.94 -47.94 -103.48
CA LYS A 482 55.54 -46.55 -103.66
C LYS A 482 54.02 -46.43 -103.74
N ALA A 483 53.49 -45.39 -103.10
CA ALA A 483 52.06 -45.12 -103.12
C ALA A 483 51.82 -43.73 -102.57
N THR A 484 51.08 -42.92 -103.33
CA THR A 484 50.68 -41.59 -102.89
C THR A 484 49.32 -41.58 -102.23
N HIS A 485 48.41 -42.43 -102.70
CA HIS A 485 47.08 -42.58 -102.12
C HIS A 485 46.78 -44.06 -101.94
N ILE A 486 46.24 -44.39 -100.78
CA ILE A 486 45.92 -45.77 -100.41
C ILE A 486 44.46 -45.79 -100.01
N LEU A 487 43.73 -46.79 -100.49
CA LEU A 487 42.32 -46.97 -100.18
C LEU A 487 42.17 -48.18 -99.28
N ASP A 488 41.71 -47.95 -98.05
CA ASP A 488 41.43 -49.01 -97.09
C ASP A 488 40.00 -49.48 -97.32
N PHE A 489 39.84 -50.69 -97.84
CA PHE A 489 38.53 -51.29 -98.07
C PHE A 489 38.11 -52.24 -96.94
N GLY A 490 38.97 -52.47 -95.96
CA GLY A 490 38.68 -53.44 -94.93
C GLY A 490 37.65 -52.93 -93.96
N PRO A 491 37.22 -53.82 -93.05
CA PRO A 491 36.25 -53.43 -92.03
C PRO A 491 36.91 -52.65 -90.90
N GLY A 492 36.06 -52.10 -90.04
CA GLY A 492 36.49 -51.37 -88.86
C GLY A 492 36.46 -49.87 -88.99
N GLY A 493 36.62 -49.34 -90.20
CA GLY A 493 36.62 -47.90 -90.40
C GLY A 493 37.74 -47.20 -89.67
N VAL A 494 37.38 -46.42 -88.63
CA VAL A 494 38.41 -45.73 -87.85
C VAL A 494 39.31 -46.73 -87.15
N SER A 495 38.73 -47.77 -86.57
CA SER A 495 39.51 -48.84 -85.96
C SER A 495 40.03 -49.86 -86.97
N GLY A 496 39.86 -49.60 -88.26
CA GLY A 496 40.27 -50.53 -89.28
C GLY A 496 41.76 -50.45 -89.59
N LEU A 497 42.12 -51.08 -90.71
CA LEU A 497 43.52 -51.17 -91.11
C LEU A 497 44.03 -49.86 -91.71
N GLY A 498 43.14 -48.97 -92.15
CA GLY A 498 43.59 -47.73 -92.77
C GLY A 498 44.34 -46.83 -91.80
N VAL A 499 43.81 -46.66 -90.59
CA VAL A 499 44.47 -45.82 -89.60
C VAL A 499 45.81 -46.43 -89.22
N LEU A 500 45.86 -47.76 -89.12
CA LEU A 500 47.13 -48.45 -88.86
C LEU A 500 48.15 -48.16 -89.96
N THR A 501 47.72 -48.26 -91.21
CA THR A 501 48.63 -47.98 -92.32
C THR A 501 49.07 -46.53 -92.30
N HIS A 502 48.17 -45.63 -91.91
CA HIS A 502 48.53 -44.22 -91.78
C HIS A 502 49.62 -44.04 -90.72
N ARG A 503 49.47 -44.70 -89.59
CA ARG A 503 50.50 -44.61 -88.55
C ARG A 503 51.82 -45.18 -89.06
N ASN A 504 51.77 -46.27 -89.81
CA ASN A 504 53.00 -46.87 -90.34
C ASN A 504 53.68 -45.94 -91.33
N LYS A 505 52.91 -45.28 -92.20
CA LYS A 505 53.45 -44.50 -93.31
C LYS A 505 53.29 -43.00 -93.10
N GLU A 506 53.18 -42.55 -91.86
CA GLU A 506 52.96 -41.13 -91.61
C GLU A 506 54.11 -40.31 -92.16
N GLY A 507 53.78 -39.31 -92.97
CA GLY A 507 54.77 -38.44 -93.57
C GLY A 507 55.59 -39.09 -94.67
N THR A 508 55.16 -40.22 -95.21
CA THR A 508 55.80 -40.83 -96.36
C THR A 508 55.15 -40.40 -97.68
N GLY A 509 54.19 -39.49 -97.63
CA GLY A 509 53.49 -39.03 -98.82
C GLY A 509 52.30 -39.89 -99.21
N ALA A 510 51.95 -40.90 -98.41
CA ALA A 510 50.83 -41.79 -98.71
C ALA A 510 49.61 -41.34 -97.91
N ARG A 511 48.63 -40.77 -98.60
CA ARG A 511 47.38 -40.38 -97.96
C ARG A 511 46.44 -41.57 -97.92
N ILE A 512 45.97 -41.91 -96.72
CA ILE A 512 45.07 -43.03 -96.51
C ILE A 512 43.63 -42.52 -96.56
N ILE A 513 42.79 -43.19 -97.34
CA ILE A 513 41.38 -42.88 -97.47
C ILE A 513 40.61 -44.12 -97.07
N LEU A 514 39.74 -43.98 -96.07
CA LEU A 514 38.94 -45.10 -95.56
C LEU A 514 37.72 -45.26 -96.46
N ALA A 515 37.87 -46.08 -97.50
CA ALA A 515 36.75 -46.32 -98.39
C ALA A 515 35.61 -47.08 -97.71
N GLY A 516 35.86 -47.68 -96.54
CA GLY A 516 34.85 -48.45 -95.86
C GLY A 516 33.86 -47.64 -95.06
N THR A 517 34.17 -46.37 -94.78
CA THR A 517 33.33 -45.52 -93.93
C THR A 517 33.23 -44.14 -94.54
N LEU A 518 32.06 -43.53 -94.38
CA LEU A 518 31.80 -42.15 -94.79
C LEU A 518 31.64 -41.31 -93.54
N ASP A 519 32.46 -40.27 -93.41
CA ASP A 519 32.37 -39.35 -92.28
C ASP A 519 33.13 -38.09 -92.66
N SER A 520 32.87 -37.02 -91.90
CA SER A 520 33.61 -35.78 -92.08
C SER A 520 35.09 -36.02 -91.80
N ASN A 521 35.93 -35.29 -92.53
CA ASN A 521 37.36 -35.53 -92.44
C ASN A 521 37.86 -35.22 -91.03
N PRO A 522 38.95 -35.85 -90.58
CA PRO A 522 39.41 -35.63 -89.21
C PRO A 522 39.83 -34.19 -88.96
N ILE A 523 40.00 -33.85 -87.69
CA ILE A 523 40.37 -32.49 -87.32
C ILE A 523 41.71 -32.12 -87.94
N ASP A 524 42.69 -33.02 -87.86
CA ASP A 524 44.00 -32.78 -88.46
C ASP A 524 44.03 -33.03 -89.96
N ASP A 525 42.98 -33.63 -90.53
CA ASP A 525 42.94 -33.97 -91.95
C ASP A 525 44.13 -34.87 -92.32
N GLU A 526 44.19 -36.00 -91.62
CA GLU A 526 45.30 -36.94 -91.73
C GLU A 526 45.00 -38.10 -92.67
N TYR A 527 43.79 -38.65 -92.62
CA TYR A 527 43.36 -39.70 -93.53
C TYR A 527 41.98 -39.33 -94.07
N GLY A 528 41.77 -39.64 -95.34
CA GLY A 528 40.51 -39.31 -96.00
C GLY A 528 39.40 -40.29 -95.65
N PHE A 529 38.22 -39.99 -96.18
CA PHE A 529 37.03 -40.81 -96.01
C PHE A 529 36.46 -41.11 -97.40
N LYS A 530 35.33 -41.82 -97.42
CA LYS A 530 34.77 -42.29 -98.69
C LYS A 530 34.48 -41.14 -99.64
N HIS A 531 34.17 -39.95 -99.11
CA HIS A 531 33.81 -38.83 -99.97
C HIS A 531 34.97 -38.39 -100.86
N GLU A 532 36.20 -38.59 -100.40
CA GLU A 532 37.35 -38.12 -101.16
C GLU A 532 37.56 -38.92 -102.43
N ILE A 533 37.14 -40.18 -102.46
CA ILE A 533 37.30 -41.00 -103.66
C ILE A 533 36.38 -40.48 -104.75
N PHE A 534 35.16 -40.09 -104.38
CA PHE A 534 34.16 -39.62 -105.33
C PHE A 534 34.11 -38.10 -105.48
N GLN A 535 35.01 -37.39 -104.81
CA GLN A 535 34.97 -35.92 -104.87
C GLN A 535 35.21 -35.44 -106.29
N THR A 536 34.38 -34.51 -106.73
CA THR A 536 34.53 -33.84 -108.02
C THR A 536 34.41 -32.34 -107.79
N SER A 537 35.26 -31.56 -108.46
CA SER A 537 35.21 -30.12 -108.33
C SER A 537 35.82 -29.49 -109.58
N ALA A 538 35.44 -28.24 -109.83
CA ALA A 538 35.96 -27.52 -110.99
C ALA A 538 37.47 -27.35 -110.88
N ASP A 539 37.96 -27.02 -109.69
CA ASP A 539 39.40 -26.86 -109.49
C ASP A 539 40.14 -28.19 -109.54
N LYS A 540 39.45 -29.31 -109.37
CA LYS A 540 40.04 -30.64 -109.41
C LYS A 540 41.14 -30.82 -108.37
N ALA A 541 41.01 -30.17 -107.22
CA ALA A 541 42.00 -30.28 -106.17
C ALA A 541 41.76 -31.52 -105.32
N ILE A 542 42.84 -32.14 -104.85
CA ILE A 542 42.79 -33.28 -103.95
C ILE A 542 43.78 -33.07 -102.82
N LYS A 543 43.47 -33.69 -101.68
CA LYS A 543 44.35 -33.61 -100.52
C LYS A 543 45.55 -34.54 -100.69
N TRP A 544 46.73 -34.02 -100.41
CA TRP A 544 47.98 -34.75 -100.51
C TRP A 544 48.60 -34.87 -99.12
N ALA A 545 49.65 -35.67 -99.03
CA ALA A 545 50.39 -35.85 -97.79
C ALA A 545 51.86 -35.54 -98.03
N PRO A 546 52.58 -35.06 -97.00
CA PRO A 546 53.98 -34.67 -97.23
C PRO A 546 54.92 -35.87 -97.15
N ASP A 547 55.90 -35.85 -98.05
CA ASP A 547 56.97 -36.83 -98.08
C ASP A 547 58.21 -36.18 -97.50
N TRP A 548 58.56 -36.54 -96.27
CA TRP A 548 59.61 -35.85 -95.54
C TRP A 548 60.94 -35.91 -96.26
N LEU A 549 61.27 -37.06 -96.84
CA LEU A 549 62.58 -37.23 -97.46
C LEU A 549 62.78 -36.24 -98.60
N LYS A 550 61.96 -36.34 -99.65
CA LYS A 550 62.14 -35.46 -100.79
C LYS A 550 61.85 -34.00 -100.44
N GLU A 551 60.99 -33.76 -99.45
CA GLU A 551 60.67 -32.37 -99.10
C GLU A 551 61.76 -31.74 -98.24
N LEU A 552 62.63 -32.54 -97.62
CA LEU A 552 63.62 -32.04 -96.68
C LEU A 552 64.96 -32.72 -96.88
N ARG A 553 65.35 -32.98 -98.13
CA ARG A 553 66.71 -33.45 -98.38
C ARG A 553 67.68 -32.34 -97.98
N PRO A 554 68.74 -32.65 -97.21
CA PRO A 554 69.78 -31.63 -97.02
C PRO A 554 70.63 -31.52 -98.27
N THR A 555 70.41 -30.46 -99.05
CA THR A 555 71.13 -30.24 -100.29
C THR A 555 72.22 -29.19 -100.05
N LEU A 556 72.95 -28.87 -101.12
CA LEU A 556 74.05 -27.93 -101.07
C LEU A 556 73.82 -26.81 -102.07
N VAL A 557 74.24 -25.60 -101.71
CA VAL A 557 74.14 -24.43 -102.59
C VAL A 557 75.45 -23.66 -102.52
N LYS A 558 75.93 -23.23 -103.68
CA LYS A 558 77.14 -22.43 -103.80
C LYS A 558 76.75 -20.99 -104.12
N ASN A 559 77.33 -20.05 -103.36
CA ASN A 559 77.05 -18.64 -103.62
C ASN A 559 78.00 -18.11 -104.69
N SER A 560 77.78 -16.86 -105.11
CA SER A 560 78.57 -16.29 -106.19
C SER A 560 80.06 -16.23 -105.85
N GLU A 561 80.39 -16.11 -104.57
CA GLU A 561 81.78 -16.07 -104.15
C GLU A 561 82.43 -17.45 -104.09
N GLY A 562 81.69 -18.51 -104.42
CA GLY A 562 82.22 -19.85 -104.43
C GLY A 562 82.08 -20.60 -103.12
N LYS A 563 81.64 -19.94 -102.05
CA LYS A 563 81.45 -20.63 -100.78
C LYS A 563 80.22 -21.54 -100.85
N ILE A 564 80.31 -22.69 -100.19
CA ILE A 564 79.32 -23.76 -100.30
C ILE A 564 78.66 -23.93 -98.94
N TYR A 565 77.32 -23.95 -98.93
CA TYR A 565 76.52 -24.07 -97.73
C TYR A 565 75.57 -25.25 -97.86
N VAL A 566 75.20 -25.81 -96.71
CA VAL A 566 74.26 -26.93 -96.66
C VAL A 566 72.85 -26.33 -96.70
N LYS A 567 72.25 -26.35 -97.89
CA LYS A 567 70.88 -25.88 -98.07
C LYS A 567 69.94 -26.67 -97.17
N THR A 568 69.16 -25.95 -96.37
CA THR A 568 68.27 -26.51 -95.36
C THR A 568 67.38 -25.37 -94.90
N LYS A 569 66.29 -25.69 -94.19
CA LYS A 569 65.40 -24.64 -93.68
C LYS A 569 66.13 -23.74 -92.71
N PHE A 570 66.86 -24.32 -91.76
CA PHE A 570 67.60 -23.53 -90.78
C PHE A 570 68.70 -22.72 -91.46
N SER A 571 69.41 -23.34 -92.40
CA SER A 571 70.48 -22.63 -93.09
C SER A 571 69.93 -21.49 -93.93
N GLN A 572 68.77 -21.68 -94.53
CA GLN A 572 68.10 -20.59 -95.24
C GLN A 572 67.75 -19.46 -94.28
N LEU A 573 67.14 -19.80 -93.14
CA LEU A 573 66.69 -18.77 -92.21
C LEU A 573 67.88 -17.97 -91.68
N LEU A 574 68.98 -18.64 -91.37
CA LEU A 574 70.16 -17.96 -90.86
C LEU A 574 71.03 -17.35 -91.94
N GLY A 575 70.81 -17.70 -93.21
CA GLY A 575 71.74 -17.28 -94.24
C GLY A 575 73.14 -17.79 -94.01
N ARG A 576 73.26 -18.95 -93.36
CA ARG A 576 74.55 -19.46 -92.92
C ARG A 576 74.43 -20.97 -92.74
N ALA A 577 75.52 -21.60 -92.31
CA ALA A 577 75.57 -23.04 -92.17
C ALA A 577 74.56 -23.51 -91.12
N PRO A 578 74.03 -24.75 -91.21
CA PRO A 578 73.01 -25.22 -90.27
C PRO A 578 73.60 -25.77 -88.97
N LEU A 579 74.58 -25.07 -88.41
CA LEU A 579 75.22 -25.41 -87.16
C LEU A 579 75.19 -24.19 -86.26
N MET A 580 74.77 -24.39 -85.01
CA MET A 580 74.66 -23.29 -84.05
C MET A 580 75.31 -23.72 -82.75
N VAL A 581 75.68 -22.72 -81.96
CA VAL A 581 76.22 -22.91 -80.61
C VAL A 581 75.15 -22.43 -79.64
N ALA A 582 74.63 -23.34 -78.83
CA ALA A 582 73.58 -22.98 -77.89
C ALA A 582 74.13 -22.06 -76.81
N GLY A 583 73.25 -21.21 -76.27
CA GLY A 583 73.66 -20.26 -75.26
C GLY A 583 74.00 -20.93 -73.95
N MET A 584 75.28 -20.85 -73.56
CA MET A 584 75.77 -21.47 -72.34
C MET A 584 76.09 -20.39 -71.30
N THR A 585 75.56 -20.60 -70.09
CA THR A 585 75.69 -19.62 -69.03
C THR A 585 77.14 -19.35 -68.63
N PRO A 586 78.00 -20.37 -68.43
CA PRO A 586 79.41 -20.06 -68.16
C PRO A 586 80.21 -19.82 -69.43
N THR A 587 79.84 -20.47 -70.54
CA THR A 587 80.67 -20.47 -71.73
C THR A 587 80.30 -19.35 -72.70
N THR A 588 79.06 -19.31 -73.18
CA THR A 588 78.68 -18.28 -74.14
C THR A 588 78.37 -16.95 -73.49
N VAL A 589 78.35 -16.86 -72.17
CA VAL A 589 78.24 -15.54 -71.53
C VAL A 589 79.34 -14.62 -72.04
N ASN A 590 80.58 -15.12 -72.11
CA ASN A 590 81.70 -14.27 -72.47
C ASN A 590 81.58 -13.81 -73.91
N THR A 591 81.92 -12.53 -74.14
CA THR A 591 81.78 -11.94 -75.46
C THR A 591 82.79 -12.49 -76.46
N ASP A 592 83.93 -13.00 -75.98
CA ASP A 592 84.99 -13.44 -76.89
C ASP A 592 84.52 -14.59 -77.76
N ILE A 593 83.94 -15.62 -77.14
CA ILE A 593 83.51 -16.79 -77.89
C ILE A 593 82.36 -16.44 -78.83
N VAL A 594 81.43 -15.60 -78.37
CA VAL A 594 80.29 -15.21 -79.21
C VAL A 594 80.78 -14.47 -80.45
N SER A 595 81.66 -13.49 -80.26
CA SER A 595 82.18 -12.73 -81.39
C SER A 595 82.97 -13.63 -82.32
N ALA A 596 83.78 -14.54 -81.76
CA ALA A 596 84.57 -15.43 -82.61
C ALA A 596 83.69 -16.35 -83.44
N SER A 597 82.65 -16.92 -82.82
CA SER A 597 81.75 -17.80 -83.57
C SER A 597 81.03 -17.03 -84.66
N LEU A 598 80.53 -15.83 -84.35
CA LEU A 598 79.84 -15.04 -85.37
C LEU A 598 80.80 -14.69 -86.52
N ASN A 599 82.03 -14.29 -86.18
CA ASN A 599 82.99 -13.93 -87.22
C ASN A 599 83.35 -15.14 -88.07
N ALA A 600 83.44 -16.33 -87.44
CA ALA A 600 83.65 -17.55 -88.21
C ALA A 600 82.45 -17.90 -89.07
N GLY A 601 81.27 -17.41 -88.72
CA GLY A 601 80.09 -17.55 -89.55
C GLY A 601 79.09 -18.59 -89.09
N TYR A 602 78.89 -18.75 -87.79
CA TYR A 602 77.93 -19.70 -87.25
C TYR A 602 77.11 -19.03 -86.17
N HIS A 603 75.81 -19.32 -86.18
CA HIS A 603 74.92 -18.74 -85.19
C HIS A 603 75.33 -19.17 -83.79
N ILE A 604 75.22 -18.24 -82.84
CA ILE A 604 75.57 -18.49 -81.45
C ILE A 604 74.71 -17.58 -80.59
N GLU A 605 74.41 -18.03 -79.38
CA GLU A 605 73.54 -17.31 -78.47
C GLU A 605 74.33 -16.83 -77.27
N LEU A 606 74.30 -15.52 -77.04
CA LEU A 606 74.82 -14.95 -75.81
C LEU A 606 73.89 -15.28 -74.66
N ALA A 607 74.42 -15.96 -73.65
CA ALA A 607 73.61 -16.41 -72.52
C ALA A 607 73.45 -15.28 -71.52
N GLY A 608 72.21 -15.03 -71.09
CA GLY A 608 71.95 -14.09 -70.02
C GLY A 608 72.07 -14.65 -68.63
N GLY A 609 72.47 -15.92 -68.50
CA GLY A 609 72.64 -16.50 -67.18
C GLY A 609 73.70 -15.80 -66.37
N GLY A 610 74.77 -15.35 -67.02
CA GLY A 610 75.85 -14.64 -66.38
C GLY A 610 75.75 -13.14 -66.40
N TYR A 611 74.57 -12.59 -66.74
CA TYR A 611 74.29 -11.17 -66.64
C TYR A 611 73.11 -10.97 -65.69
N PHE A 612 73.12 -9.85 -64.98
CA PHE A 612 72.11 -9.57 -63.96
C PHE A 612 71.55 -8.15 -64.02
N SER A 613 72.06 -7.28 -64.88
CA SER A 613 71.52 -5.94 -65.03
C SER A 613 71.48 -5.54 -66.50
N PRO A 614 70.51 -4.70 -66.89
CA PRO A 614 70.49 -4.25 -68.29
C PRO A 614 71.76 -3.52 -68.69
N VAL A 615 72.38 -2.79 -67.76
CA VAL A 615 73.61 -2.08 -68.08
C VAL A 615 74.72 -3.07 -68.45
N MET A 616 74.88 -4.12 -67.64
CA MET A 616 75.92 -5.12 -67.92
C MET A 616 75.65 -5.83 -69.24
N MET A 617 74.40 -6.24 -69.45
CA MET A 617 74.08 -6.95 -70.70
C MET A 617 74.24 -6.05 -71.91
N THR A 618 73.87 -4.78 -71.79
CA THR A 618 74.03 -3.84 -72.90
C THR A 618 75.51 -3.60 -73.19
N ARG A 619 76.34 -3.53 -72.14
CA ARG A 619 77.78 -3.39 -72.35
C ARG A 619 78.34 -4.59 -73.11
N ALA A 620 77.93 -5.80 -72.71
CA ALA A 620 78.40 -6.99 -73.40
C ALA A 620 77.94 -7.01 -74.85
N ILE A 621 76.67 -6.66 -75.09
CA ILE A 621 76.15 -6.65 -76.46
C ILE A 621 76.87 -5.57 -77.28
N ASP A 622 77.19 -4.44 -76.67
CA ASP A 622 77.93 -3.39 -77.37
C ASP A 622 79.29 -3.91 -77.80
N ASP A 623 80.00 -4.60 -76.90
CA ASP A 623 81.29 -5.16 -77.26
C ASP A 623 81.16 -6.18 -78.39
N ILE A 624 80.14 -7.04 -78.31
CA ILE A 624 79.96 -8.06 -79.34
C ILE A 624 79.69 -7.40 -80.69
N VAL A 625 78.80 -6.39 -80.70
CA VAL A 625 78.44 -5.72 -81.94
C VAL A 625 79.66 -5.02 -82.52
N SER A 626 80.42 -4.31 -81.68
CA SER A 626 81.63 -3.64 -82.15
C SER A 626 82.68 -4.62 -82.68
N ARG A 627 82.72 -5.85 -82.18
CA ARG A 627 83.73 -6.81 -82.58
C ARG A 627 83.32 -7.68 -83.77
N ILE A 628 82.03 -7.91 -84.00
CA ILE A 628 81.61 -8.75 -85.11
C ILE A 628 81.62 -7.96 -86.41
N LYS A 629 81.49 -8.67 -87.51
CA LYS A 629 81.45 -8.06 -88.83
C LYS A 629 80.09 -7.39 -89.05
N PRO A 630 80.03 -6.36 -89.90
CA PRO A 630 78.74 -5.72 -90.16
C PRO A 630 77.75 -6.70 -90.79
N GLY A 631 76.50 -6.58 -90.37
CA GLY A 631 75.44 -7.43 -90.90
C GLY A 631 75.30 -8.78 -90.25
N TYR A 632 76.07 -9.06 -89.21
CA TYR A 632 76.03 -10.34 -88.52
C TYR A 632 75.14 -10.22 -87.29
N GLY A 633 74.05 -10.98 -87.28
CA GLY A 633 73.13 -10.92 -86.17
C GLY A 633 73.66 -11.60 -84.93
N LEU A 634 72.96 -11.37 -83.82
CA LEU A 634 73.29 -11.97 -82.53
C LEU A 634 72.04 -12.60 -81.95
N GLY A 635 72.18 -13.81 -81.44
CA GLY A 635 71.13 -14.47 -80.69
C GLY A 635 71.35 -14.28 -79.21
N ILE A 636 70.24 -14.29 -78.46
CA ILE A 636 70.28 -14.14 -77.00
C ILE A 636 69.50 -15.30 -76.39
N ASN A 637 70.05 -15.90 -75.34
CA ASN A 637 69.43 -17.01 -74.64
C ASN A 637 69.05 -16.52 -73.26
N LEU A 638 67.80 -16.79 -72.86
CA LEU A 638 67.30 -16.45 -71.54
C LEU A 638 66.70 -17.71 -70.92
N ILE A 639 66.53 -17.68 -69.60
CA ILE A 639 66.03 -18.82 -68.86
C ILE A 639 64.61 -18.49 -68.41
N TYR A 640 63.66 -19.37 -68.76
CA TYR A 640 62.27 -19.12 -68.40
C TYR A 640 62.02 -19.27 -66.91
N VAL A 641 62.72 -20.19 -66.24
CA VAL A 641 62.54 -20.41 -64.81
C VAL A 641 62.99 -19.22 -63.98
N ASN A 642 63.73 -18.29 -64.57
CA ASN A 642 64.30 -17.15 -63.86
C ASN A 642 63.51 -15.90 -64.23
N PRO A 643 62.66 -15.37 -63.34
CA PRO A 643 61.84 -14.22 -63.75
C PRO A 643 62.62 -12.91 -63.83
N PHE A 644 63.67 -12.78 -63.00
CA PHE A 644 64.41 -11.52 -62.95
C PHE A 644 65.13 -11.26 -64.26
N MET A 645 65.86 -12.27 -64.76
CA MET A 645 66.60 -12.11 -66.00
C MET A 645 65.68 -11.75 -67.14
N LEU A 646 64.54 -12.42 -67.24
CA LEU A 646 63.58 -12.08 -68.29
C LEU A 646 63.03 -10.67 -68.10
N GLN A 647 62.71 -10.27 -66.86
CA GLN A 647 62.04 -8.99 -66.67
C GLN A 647 62.94 -7.85 -67.08
N TRP A 648 64.25 -7.95 -66.80
CA TRP A 648 65.14 -6.88 -67.28
C TRP A 648 65.73 -7.13 -68.65
N GLY A 649 65.55 -8.33 -69.23
CA GLY A 649 66.16 -8.61 -70.52
C GLY A 649 65.23 -8.36 -71.69
N ILE A 650 63.96 -8.77 -71.55
CA ILE A 650 62.99 -8.55 -72.62
C ILE A 650 62.85 -7.06 -72.93
N PRO A 651 62.67 -6.16 -71.95
CA PRO A 651 62.73 -4.73 -72.28
C PRO A 651 64.04 -4.32 -72.90
N LEU A 652 65.16 -4.91 -72.46
CA LEU A 652 66.45 -4.57 -73.08
C LEU A 652 66.48 -4.99 -74.54
N ILE A 653 66.00 -6.19 -74.85
CA ILE A 653 65.99 -6.63 -76.24
C ILE A 653 65.09 -5.73 -77.08
N LYS A 654 63.92 -5.38 -76.55
CA LYS A 654 63.02 -4.50 -77.29
C LYS A 654 63.66 -3.14 -77.54
N ASP A 655 64.29 -2.57 -76.52
CA ASP A 655 64.94 -1.27 -76.68
C ASP A 655 66.09 -1.34 -77.67
N LEU A 656 66.91 -2.39 -77.58
CA LEU A 656 68.03 -2.53 -78.50
C LEU A 656 67.54 -2.72 -79.94
N ARG A 657 66.44 -3.44 -80.11
CA ARG A 657 65.91 -3.65 -81.46
C ARG A 657 65.35 -2.37 -82.04
N GLU A 658 64.55 -1.63 -81.26
CA GLU A 658 64.03 -0.37 -81.76
C GLU A 658 65.13 0.66 -81.93
N LYS A 659 66.26 0.50 -81.25
CA LYS A 659 67.45 1.30 -81.50
C LYS A 659 68.26 0.81 -82.70
N GLY A 660 67.99 -0.41 -83.18
CA GLY A 660 68.60 -0.91 -84.39
C GLY A 660 69.73 -1.90 -84.20
N TYR A 661 69.86 -2.49 -83.01
CA TYR A 661 70.95 -3.42 -82.77
C TYR A 661 70.73 -4.71 -83.57
N PRO A 662 71.80 -5.48 -83.82
CA PRO A 662 71.67 -6.74 -84.56
C PRO A 662 71.34 -7.94 -83.66
N ILE A 663 70.32 -7.77 -82.82
CA ILE A 663 69.77 -8.89 -82.05
C ILE A 663 68.90 -9.68 -83.03
N GLN A 664 69.45 -10.74 -83.60
CA GLN A 664 68.74 -11.46 -84.65
C GLN A 664 67.65 -12.35 -84.06
N SER A 665 67.85 -12.84 -82.84
CA SER A 665 66.91 -13.80 -82.27
C SER A 665 67.02 -13.83 -80.76
N LEU A 666 66.01 -14.43 -80.13
CA LEU A 666 65.95 -14.68 -78.69
C LEU A 666 65.58 -16.13 -78.47
N THR A 667 66.30 -16.79 -77.56
CA THR A 667 66.06 -18.19 -77.23
C THR A 667 65.58 -18.32 -75.80
N ILE A 668 64.53 -19.10 -75.60
CA ILE A 668 63.96 -19.37 -74.28
C ILE A 668 64.30 -20.81 -73.92
N GLY A 669 65.10 -20.97 -72.87
CA GLY A 669 65.49 -22.27 -72.37
C GLY A 669 64.84 -22.60 -71.04
N ALA A 670 64.92 -23.86 -70.63
CA ALA A 670 64.34 -24.33 -69.37
C ALA A 670 62.85 -24.01 -69.29
N GLY A 671 62.14 -24.19 -70.38
CA GLY A 671 60.71 -23.96 -70.41
C GLY A 671 60.30 -23.31 -71.71
N VAL A 672 58.99 -23.35 -71.96
CA VAL A 672 58.38 -22.75 -73.15
C VAL A 672 57.34 -21.74 -72.69
N PRO A 673 57.35 -20.50 -73.16
CA PRO A 673 56.29 -19.57 -72.76
C PRO A 673 54.94 -19.98 -73.29
N SER A 674 53.89 -19.44 -72.66
CA SER A 674 52.54 -19.70 -73.12
C SER A 674 52.29 -18.95 -74.43
N ILE A 675 51.10 -19.16 -74.99
CA ILE A 675 50.80 -18.61 -76.32
C ILE A 675 50.74 -17.09 -76.24
N GLU A 676 50.18 -16.56 -75.15
CA GLU A 676 49.95 -15.12 -75.04
C GLU A 676 51.25 -14.36 -74.80
N VAL A 677 52.19 -14.96 -74.07
CA VAL A 677 53.51 -14.35 -73.92
C VAL A 677 54.31 -14.52 -75.20
N ALA A 678 54.17 -15.67 -75.85
CA ALA A 678 54.92 -15.93 -77.07
C ALA A 678 54.56 -14.93 -78.16
N THR A 679 53.26 -14.71 -78.38
CA THR A 679 52.86 -13.75 -79.41
C THR A 679 53.36 -12.36 -79.10
N GLU A 680 53.42 -11.99 -77.82
CA GLU A 680 54.03 -10.72 -77.44
C GLU A 680 55.48 -10.68 -77.87
N TYR A 681 56.23 -11.77 -77.61
CA TYR A 681 57.63 -11.82 -78.03
C TYR A 681 57.76 -11.69 -79.54
N ILE A 682 56.90 -12.38 -80.30
CA ILE A 682 57.00 -12.34 -81.76
C ILE A 682 56.72 -10.94 -82.29
N GLU A 683 55.62 -10.33 -81.82
CA GLU A 683 55.12 -9.12 -82.43
C GLU A 683 55.84 -7.86 -81.95
N ASP A 684 56.22 -7.80 -80.68
CA ASP A 684 56.75 -6.56 -80.12
C ASP A 684 58.26 -6.42 -80.33
N LEU A 685 59.01 -7.52 -80.16
CA LEU A 685 60.46 -7.43 -80.18
C LEU A 685 61.04 -7.24 -81.58
N GLY A 686 60.28 -7.55 -82.63
CA GLY A 686 60.78 -7.39 -83.98
C GLY A 686 61.97 -8.26 -84.29
N LEU A 687 61.88 -9.55 -83.97
CA LEU A 687 62.96 -10.50 -84.16
C LEU A 687 62.81 -11.25 -85.48
N THR A 688 63.92 -11.83 -85.93
CA THR A 688 63.86 -12.69 -87.11
C THR A 688 63.24 -14.05 -86.78
N HIS A 689 63.63 -14.64 -85.65
CA HIS A 689 63.10 -15.93 -85.27
C HIS A 689 63.23 -16.10 -83.76
N LEU A 690 62.29 -16.86 -83.20
CA LEU A 690 62.25 -17.14 -81.77
C LEU A 690 62.66 -18.59 -81.54
N GLY A 691 63.71 -18.79 -80.75
CA GLY A 691 64.15 -20.12 -80.37
C GLY A 691 63.50 -20.55 -79.07
N LEU A 692 63.11 -21.82 -79.02
CA LEU A 692 62.50 -22.41 -77.83
C LEU A 692 63.18 -23.74 -77.57
N LYS A 693 63.26 -24.13 -76.30
CA LYS A 693 63.86 -25.40 -75.90
C LYS A 693 62.85 -26.23 -75.13
N PRO A 694 62.02 -27.02 -75.82
CA PRO A 694 61.16 -27.97 -75.12
C PRO A 694 61.97 -29.06 -74.42
N GLY A 695 61.42 -29.57 -73.33
CA GLY A 695 62.01 -30.69 -72.62
C GLY A 695 61.15 -31.93 -72.63
N SER A 696 59.91 -31.81 -73.09
CA SER A 696 58.97 -32.93 -73.12
C SER A 696 57.92 -32.67 -74.17
N VAL A 697 57.08 -33.69 -74.41
CA VAL A 697 56.06 -33.61 -75.45
C VAL A 697 55.06 -32.50 -75.13
N ASP A 698 54.84 -32.22 -73.86
CA ASP A 698 53.94 -31.11 -73.51
C ASP A 698 54.52 -29.77 -73.98
N ALA A 699 55.81 -29.55 -73.74
CA ALA A 699 56.45 -28.35 -74.24
C ALA A 699 56.48 -28.33 -75.76
N ILE A 700 56.64 -29.49 -76.39
CA ILE A 700 56.59 -29.56 -77.85
C ILE A 700 55.22 -29.13 -78.35
N SER A 701 54.16 -29.58 -77.67
CA SER A 701 52.81 -29.14 -78.00
C SER A 701 52.67 -27.63 -77.84
N GLN A 702 53.30 -27.08 -76.79
CA GLN A 702 53.26 -25.63 -76.61
C GLN A 702 53.92 -24.90 -77.77
N VAL A 703 55.07 -25.38 -78.22
CA VAL A 703 55.77 -24.74 -79.33
C VAL A 703 54.95 -24.86 -80.61
N ILE A 704 54.35 -26.04 -80.83
CA ILE A 704 53.49 -26.21 -82.01
C ILE A 704 52.28 -25.30 -81.93
N ALA A 705 51.77 -25.06 -80.72
CA ALA A 705 50.68 -24.10 -80.56
C ALA A 705 51.12 -22.69 -80.95
N ILE A 706 52.32 -22.29 -80.54
CA ILE A 706 52.84 -20.99 -80.96
C ILE A 706 52.99 -20.94 -82.47
N ALA A 707 53.47 -22.03 -83.07
CA ALA A 707 53.66 -22.08 -84.50
C ALA A 707 52.33 -21.93 -85.24
N LYS A 708 51.29 -22.65 -84.79
CA LYS A 708 49.97 -22.49 -85.40
C LYS A 708 49.46 -21.08 -85.21
N ALA A 709 49.71 -20.48 -84.05
CA ALA A 709 49.28 -19.11 -83.82
C ALA A 709 49.98 -18.13 -84.76
N HIS A 710 51.23 -18.43 -85.14
CA HIS A 710 52.00 -17.58 -86.04
C HIS A 710 52.54 -18.43 -87.20
N PRO A 711 51.69 -18.76 -88.18
CA PRO A 711 52.16 -19.63 -89.27
C PRO A 711 53.24 -18.99 -90.14
N THR A 712 53.39 -17.67 -90.11
CA THR A 712 54.32 -16.99 -91.01
C THR A 712 55.64 -16.61 -90.35
N PHE A 713 55.75 -16.73 -89.02
CA PHE A 713 56.96 -16.34 -88.31
C PHE A 713 57.79 -17.58 -88.02
N PRO A 714 59.08 -17.64 -88.39
CA PRO A 714 59.88 -18.81 -88.05
C PRO A 714 59.98 -19.02 -86.55
N ILE A 715 59.92 -20.28 -86.13
CA ILE A 715 60.04 -20.66 -84.73
C ILE A 715 61.05 -21.81 -84.69
N VAL A 716 62.21 -21.56 -84.11
CA VAL A 716 63.23 -22.60 -84.00
C VAL A 716 62.91 -23.44 -82.76
N LEU A 717 62.73 -24.74 -82.98
CA LEU A 717 62.51 -25.70 -81.89
C LEU A 717 63.82 -26.44 -81.71
N GLN A 718 64.56 -26.09 -80.66
CA GLN A 718 65.86 -26.68 -80.38
C GLN A 718 65.66 -27.88 -79.48
N TRP A 719 65.33 -29.02 -80.09
CA TRP A 719 65.13 -30.23 -79.31
C TRP A 719 66.46 -30.70 -78.73
N THR A 720 66.47 -30.94 -77.42
CA THR A 720 67.63 -31.47 -76.72
C THR A 720 67.15 -32.57 -75.81
N GLY A 721 67.75 -33.76 -75.95
CA GLY A 721 67.42 -34.87 -75.08
C GLY A 721 68.03 -34.68 -73.70
N GLY A 722 67.68 -35.61 -72.81
CA GLY A 722 68.24 -35.58 -71.47
C GLY A 722 69.74 -35.81 -71.41
N ARG A 723 70.33 -36.27 -72.51
CA ARG A 723 71.76 -36.57 -72.55
C ARG A 723 72.63 -35.34 -72.74
N GLY A 724 72.04 -34.16 -72.93
CA GLY A 724 72.82 -32.96 -73.11
C GLY A 724 73.47 -32.50 -71.81
N GLY A 725 74.52 -31.69 -71.96
CA GLY A 725 75.23 -31.19 -70.80
C GLY A 725 74.43 -30.12 -70.07
N GLY A 726 74.89 -29.82 -68.85
CA GLY A 726 74.20 -28.84 -68.04
C GLY A 726 72.82 -29.34 -67.65
N HIS A 727 71.91 -28.38 -67.49
CA HIS A 727 70.51 -28.72 -67.24
C HIS A 727 69.99 -29.60 -68.37
N HIS A 728 69.27 -30.65 -68.01
CA HIS A 728 68.75 -31.59 -69.00
C HIS A 728 67.44 -32.18 -68.52
N SER A 729 66.65 -32.65 -69.47
CA SER A 729 65.37 -33.28 -69.17
C SER A 729 65.58 -34.76 -68.86
N PHE A 730 64.48 -35.46 -68.57
CA PHE A 730 64.50 -36.89 -68.32
C PHE A 730 64.13 -37.71 -69.54
N GLU A 731 63.86 -37.07 -70.68
CA GLU A 731 63.36 -37.75 -71.86
C GLU A 731 64.51 -38.21 -72.75
N ASP A 732 64.29 -39.35 -73.41
CA ASP A 732 65.23 -39.82 -74.41
C ASP A 732 65.28 -38.85 -75.58
N PHE A 733 66.45 -38.77 -76.21
CA PHE A 733 66.62 -37.83 -77.32
C PHE A 733 65.70 -38.15 -78.49
N HIS A 734 65.34 -39.41 -78.67
CA HIS A 734 64.65 -39.85 -79.88
C HIS A 734 63.15 -40.05 -79.70
N GLN A 735 62.72 -40.65 -78.59
CA GLN A 735 61.33 -41.11 -78.49
C GLN A 735 60.30 -39.99 -78.62
N PRO A 736 60.44 -38.85 -77.95
CA PRO A 736 59.47 -37.77 -78.20
C PRO A 736 59.49 -37.28 -79.65
N ILE A 737 60.66 -37.29 -80.28
CA ILE A 737 60.78 -36.79 -81.65
C ILE A 737 59.99 -37.68 -82.60
N ILE A 738 60.00 -38.99 -82.38
CA ILE A 738 59.30 -39.90 -83.29
C ILE A 738 57.81 -39.59 -83.33
N GLN A 739 57.22 -39.36 -82.15
CA GLN A 739 55.77 -39.12 -82.12
C GLN A 739 55.43 -37.70 -82.55
N MET A 740 56.26 -36.72 -82.19
CA MET A 740 55.87 -35.33 -82.37
C MET A 740 56.44 -34.69 -83.64
N TYR A 741 57.32 -35.37 -84.37
CA TYR A 741 57.93 -34.76 -85.54
C TYR A 741 56.91 -34.53 -86.64
N SER A 742 56.01 -35.48 -86.86
CA SER A 742 54.96 -35.29 -87.85
C SER A 742 54.05 -34.13 -87.46
N LYS A 743 53.73 -34.02 -86.17
CA LYS A 743 52.95 -32.87 -85.71
C LYS A 743 53.74 -31.58 -85.89
N ILE A 744 55.05 -31.63 -85.67
CA ILE A 744 55.90 -30.46 -85.89
C ILE A 744 55.92 -30.09 -87.37
N ARG A 745 56.16 -31.09 -88.23
CA ARG A 745 56.24 -30.81 -89.66
C ARG A 745 54.88 -30.45 -90.26
N ARG A 746 53.79 -30.67 -89.52
CA ARG A 746 52.52 -30.10 -89.93
C ARG A 746 52.58 -28.58 -90.00
N CYS A 747 53.51 -27.97 -89.27
CA CYS A 747 53.74 -26.53 -89.34
C CYS A 747 54.99 -26.28 -90.18
N SER A 748 54.86 -25.44 -91.21
CA SER A 748 55.97 -25.17 -92.11
C SER A 748 56.87 -24.04 -91.60
N ASN A 749 56.56 -23.44 -90.45
CA ASN A 749 57.39 -22.38 -89.90
C ASN A 749 58.27 -22.86 -88.75
N ILE A 750 58.10 -24.09 -88.30
CA ILE A 750 58.99 -24.62 -87.27
C ILE A 750 60.27 -25.11 -87.91
N VAL A 751 61.40 -24.70 -87.34
CA VAL A 751 62.72 -25.15 -87.77
C VAL A 751 63.27 -26.04 -86.66
N LEU A 752 63.35 -27.34 -86.93
CA LEU A 752 63.70 -28.33 -85.91
C LEU A 752 65.21 -28.48 -85.88
N VAL A 753 65.81 -28.24 -84.71
CA VAL A 753 67.26 -28.29 -84.51
C VAL A 753 67.55 -29.39 -83.50
N ALA A 754 68.56 -30.19 -83.78
CA ALA A 754 68.95 -31.30 -82.92
C ALA A 754 70.08 -30.89 -81.99
N GLY A 755 70.02 -31.37 -80.75
CA GLY A 755 71.11 -31.15 -79.82
C GLY A 755 71.37 -32.32 -78.90
N SER A 756 72.02 -32.06 -77.77
CA SER A 756 72.24 -33.05 -76.72
C SER A 756 73.05 -34.25 -77.24
N GLY A 757 74.33 -33.97 -77.52
CA GLY A 757 75.29 -35.02 -77.73
C GLY A 757 75.97 -35.05 -79.08
N PHE A 758 76.14 -33.88 -79.67
CA PHE A 758 76.69 -33.74 -81.02
C PHE A 758 78.05 -33.06 -80.96
N GLY A 759 79.05 -33.68 -81.58
CA GLY A 759 80.37 -33.09 -81.65
C GLY A 759 81.15 -33.38 -82.91
N SER A 760 80.55 -34.02 -83.90
CA SER A 760 81.29 -34.37 -85.11
C SER A 760 80.34 -34.60 -86.28
N ASP A 761 80.91 -34.43 -87.48
CA ASP A 761 80.13 -34.61 -88.70
C ASP A 761 79.57 -36.03 -88.82
N GLU A 762 80.38 -37.03 -88.46
CA GLU A 762 79.97 -38.42 -88.61
C GLU A 762 78.73 -38.72 -87.77
N ASP A 763 78.70 -38.24 -86.52
CA ASP A 763 77.57 -38.52 -85.64
C ASP A 763 76.42 -37.56 -85.85
N THR A 764 76.65 -36.42 -86.49
CA THR A 764 75.57 -35.46 -86.73
C THR A 764 74.83 -35.70 -88.04
N TYR A 765 75.51 -36.22 -89.06
CA TYR A 765 74.87 -36.40 -90.36
C TYR A 765 73.63 -37.28 -90.32
N PRO A 766 73.58 -38.39 -89.57
CA PRO A 766 72.35 -39.21 -89.57
C PRO A 766 71.11 -38.43 -89.15
N TYR A 767 71.29 -37.42 -88.30
CA TYR A 767 70.14 -36.62 -87.88
C TYR A 767 69.83 -35.54 -88.90
N LEU A 768 70.86 -34.98 -89.55
CA LEU A 768 70.62 -33.98 -90.59
C LEU A 768 69.89 -34.59 -91.79
N SER A 769 70.39 -35.72 -92.29
CA SER A 769 69.78 -36.39 -93.43
C SER A 769 68.51 -37.14 -93.05
N GLY A 770 68.42 -37.61 -91.82
CA GLY A 770 67.26 -38.33 -91.35
C GLY A 770 67.39 -39.83 -91.33
N TYR A 771 68.54 -40.38 -91.72
CA TYR A 771 68.71 -41.84 -91.70
C TYR A 771 68.82 -42.39 -90.28
N TRP A 772 68.79 -41.55 -89.24
CA TRP A 772 68.79 -42.07 -87.88
C TRP A 772 67.55 -42.91 -87.61
N SER A 773 66.44 -42.58 -88.29
CA SER A 773 65.17 -43.23 -87.99
C SER A 773 65.04 -44.63 -88.58
N GLU A 774 65.83 -44.99 -89.60
CA GLU A 774 65.70 -46.34 -90.14
C GLU A 774 66.05 -47.39 -89.11
N LYS A 775 66.96 -47.08 -88.18
CA LYS A 775 67.29 -48.03 -87.13
C LYS A 775 66.10 -48.32 -86.21
N PHE A 776 65.11 -47.43 -86.18
CA PHE A 776 63.91 -47.62 -85.39
C PHE A 776 62.74 -48.14 -86.21
N ASN A 777 62.99 -48.58 -87.45
CA ASN A 777 61.93 -49.02 -88.36
C ASN A 777 60.92 -47.89 -88.58
N TYR A 778 61.43 -46.72 -88.94
CA TYR A 778 60.64 -45.54 -89.23
C TYR A 778 61.17 -44.90 -90.51
N PRO A 779 60.34 -44.11 -91.19
CA PRO A 779 60.82 -43.43 -92.40
C PRO A 779 61.84 -42.37 -92.04
N PRO A 780 62.64 -41.90 -93.01
CA PRO A 780 63.68 -40.92 -92.69
C PRO A 780 63.09 -39.65 -92.09
N MET A 781 63.80 -39.08 -91.13
CA MET A 781 63.33 -37.93 -90.34
C MET A 781 64.45 -36.90 -90.30
N PRO A 782 64.68 -36.18 -91.40
CA PRO A 782 65.77 -35.20 -91.39
C PRO A 782 65.52 -34.06 -90.42
N PHE A 783 66.60 -33.55 -89.84
CA PHE A 783 66.58 -32.38 -88.97
C PHE A 783 67.04 -31.16 -89.75
N ASP A 784 66.53 -29.99 -89.37
CA ASP A 784 66.90 -28.76 -90.06
C ASP A 784 68.23 -28.19 -89.60
N GLY A 785 68.74 -28.60 -88.45
CA GLY A 785 70.00 -28.06 -87.96
C GLY A 785 70.48 -28.83 -86.75
N VAL A 786 71.70 -28.52 -86.34
CA VAL A 786 72.33 -29.15 -85.19
C VAL A 786 72.94 -28.07 -84.31
N LEU A 787 72.60 -28.08 -83.02
CA LEU A 787 73.18 -27.18 -82.04
C LEU A 787 74.27 -27.91 -81.27
N PHE A 788 75.36 -27.20 -80.98
CA PHE A 788 76.50 -27.76 -80.28
C PHE A 788 76.71 -27.03 -78.96
N GLY A 789 76.77 -27.80 -77.88
CA GLY A 789 76.96 -27.28 -76.54
C GLY A 789 78.34 -27.61 -76.00
N SER A 790 78.41 -28.70 -75.24
CA SER A 790 79.64 -29.13 -74.60
C SER A 790 80.83 -29.26 -75.55
N ARG A 791 80.59 -29.40 -76.85
CA ARG A 791 81.69 -29.61 -77.79
C ARG A 791 82.63 -28.41 -77.82
N VAL A 792 82.09 -27.20 -77.75
CA VAL A 792 82.87 -25.99 -78.00
C VAL A 792 83.41 -25.38 -76.69
N MET A 793 83.28 -26.07 -75.56
CA MET A 793 83.81 -25.52 -74.32
C MET A 793 85.33 -25.59 -74.27
N THR A 794 85.93 -26.57 -74.95
CA THR A 794 87.38 -26.67 -75.04
C THR A 794 87.97 -25.77 -76.12
N SER A 795 87.18 -24.88 -76.69
CA SER A 795 87.68 -24.02 -77.75
C SER A 795 88.66 -23.00 -77.20
N LYS A 796 89.49 -22.45 -78.09
CA LYS A 796 90.49 -21.47 -77.67
C LYS A 796 89.83 -20.22 -77.08
N GLU A 797 88.75 -19.75 -77.72
CA GLU A 797 88.15 -18.49 -77.30
C GLU A 797 87.29 -18.65 -76.04
N SER A 798 86.92 -19.87 -75.68
CA SER A 798 86.16 -20.07 -74.46
C SER A 798 87.01 -19.70 -73.24
N HIS A 799 86.37 -19.06 -72.27
CA HIS A 799 87.05 -18.58 -71.08
C HIS A 799 87.22 -19.66 -70.02
N THR A 800 86.80 -20.89 -70.30
CA THR A 800 86.98 -21.97 -69.34
C THR A 800 88.46 -22.18 -69.05
N SER A 801 88.77 -22.49 -67.80
CA SER A 801 90.16 -22.60 -67.38
C SER A 801 90.85 -23.73 -68.12
N LEU A 802 92.18 -23.61 -68.24
CA LEU A 802 92.96 -24.63 -68.94
C LEU A 802 92.85 -25.97 -68.24
N ALA A 803 92.90 -25.97 -66.91
CA ALA A 803 92.73 -27.22 -66.17
C ALA A 803 91.36 -27.82 -66.41
N ALA A 804 90.32 -26.99 -66.47
CA ALA A 804 88.99 -27.49 -66.77
C ALA A 804 88.93 -28.10 -68.16
N LYS A 805 89.57 -27.46 -69.14
CA LYS A 805 89.59 -28.01 -70.49
C LYS A 805 90.31 -29.35 -70.53
N LYS A 806 91.44 -29.45 -69.82
CA LYS A 806 92.18 -30.70 -69.78
C LYS A 806 91.37 -31.81 -69.11
N LEU A 807 90.64 -31.47 -68.05
CA LEU A 807 89.77 -32.45 -67.41
C LEU A 807 88.64 -32.86 -68.34
N ILE A 808 88.11 -31.91 -69.12
CA ILE A 808 87.08 -32.21 -70.10
C ILE A 808 87.60 -33.22 -71.12
N VAL A 809 88.81 -32.97 -71.62
CA VAL A 809 89.40 -33.89 -72.59
C VAL A 809 89.66 -35.25 -71.97
N GLU A 810 90.05 -35.27 -70.68
CA GLU A 810 90.23 -36.53 -69.98
C GLU A 810 88.92 -37.30 -69.86
N CYS A 811 87.80 -36.61 -69.66
CA CYS A 811 86.50 -37.28 -69.61
C CYS A 811 86.24 -37.97 -70.95
N LYS A 812 86.08 -39.29 -70.90
CA LYS A 812 85.94 -40.06 -72.14
C LYS A 812 84.51 -40.01 -72.69
N GLY A 813 83.51 -39.89 -71.82
CA GLY A 813 82.13 -39.92 -72.27
C GLY A 813 81.64 -41.34 -72.52
N VAL A 814 80.42 -41.43 -73.04
CA VAL A 814 79.81 -42.72 -73.35
C VAL A 814 78.87 -42.56 -74.54
N PRO A 815 78.49 -43.69 -75.17
CA PRO A 815 77.43 -43.61 -76.19
C PRO A 815 76.07 -43.33 -75.57
N ASP A 816 75.04 -43.28 -76.41
CA ASP A 816 73.70 -42.93 -75.93
C ASP A 816 73.06 -44.06 -75.14
N GLN A 817 73.51 -45.30 -75.34
CA GLN A 817 72.85 -46.43 -74.69
C GLN A 817 73.00 -46.42 -73.18
N GLN A 818 73.99 -45.72 -72.64
CA GLN A 818 74.24 -45.71 -71.20
C GLN A 818 74.58 -44.31 -70.70
N TRP A 819 73.89 -43.29 -71.20
CA TRP A 819 74.02 -41.96 -70.62
C TRP A 819 73.16 -41.79 -69.37
N GLU A 820 72.12 -42.61 -69.21
CA GLU A 820 71.17 -42.42 -68.11
C GLU A 820 71.69 -42.97 -66.79
N GLN A 821 72.76 -43.75 -66.80
CA GLN A 821 73.38 -44.23 -65.58
C GLN A 821 74.27 -43.18 -64.92
N THR A 822 74.24 -41.94 -65.41
CA THR A 822 74.84 -40.83 -64.67
C THR A 822 74.09 -40.57 -63.37
N TYR A 823 72.79 -40.84 -63.35
CA TYR A 823 71.97 -40.56 -62.17
C TYR A 823 72.46 -41.30 -60.94
N LYS A 824 73.05 -42.48 -61.10
CA LYS A 824 73.45 -43.33 -59.99
C LYS A 824 74.95 -43.26 -59.71
N LYS A 825 75.78 -43.31 -60.74
CA LYS A 825 77.22 -43.28 -60.61
C LYS A 825 77.81 -42.47 -61.75
N PRO A 826 79.06 -42.03 -61.64
CA PRO A 826 79.67 -41.27 -62.73
C PRO A 826 79.76 -42.10 -64.00
N THR A 827 79.67 -41.42 -65.14
CA THR A 827 79.66 -42.06 -66.45
C THR A 827 80.64 -41.32 -67.34
N GLY A 828 81.80 -41.93 -67.59
CA GLY A 828 82.83 -41.26 -68.36
C GLY A 828 83.30 -39.97 -67.75
N GLY A 829 83.36 -39.90 -66.43
CA GLY A 829 83.74 -38.68 -65.75
C GLY A 829 82.65 -37.66 -65.57
N ILE A 830 81.40 -38.01 -65.85
CA ILE A 830 80.27 -37.09 -65.77
C ILE A 830 79.16 -37.74 -64.96
N ILE A 831 78.56 -36.97 -64.06
CA ILE A 831 77.52 -37.44 -63.15
C ILE A 831 76.41 -36.39 -63.09
N THR A 832 75.20 -36.85 -62.78
CA THR A 832 74.07 -35.95 -62.59
C THR A 832 73.95 -35.55 -61.12
N VAL A 833 73.73 -34.26 -60.89
CA VAL A 833 73.48 -33.72 -59.56
C VAL A 833 72.17 -32.95 -59.61
N ARG A 834 71.65 -32.62 -58.43
CA ARG A 834 70.40 -31.88 -58.30
C ARG A 834 70.68 -30.42 -57.96
N SER A 835 70.05 -29.51 -58.67
CA SER A 835 70.27 -28.09 -58.46
C SER A 835 69.52 -27.61 -57.22
N GLU A 836 69.56 -26.30 -57.00
CA GLU A 836 68.74 -25.70 -55.95
C GLU A 836 67.25 -25.73 -56.30
N MET A 837 66.91 -25.77 -57.57
CA MET A 837 65.52 -25.81 -58.01
C MET A 837 64.98 -27.23 -58.16
N GLY A 838 65.80 -28.24 -57.90
CA GLY A 838 65.38 -29.62 -58.03
C GLY A 838 65.55 -30.22 -59.41
N GLU A 839 66.05 -29.46 -60.39
CA GLU A 839 66.27 -30.00 -61.72
C GLU A 839 67.64 -30.69 -61.79
N PRO A 840 67.81 -31.65 -62.70
CA PRO A 840 69.11 -32.32 -62.81
C PRO A 840 70.08 -31.56 -63.71
N ILE A 841 71.34 -31.64 -63.33
CA ILE A 841 72.43 -30.99 -64.05
C ILE A 841 73.54 -32.01 -64.26
N HIS A 842 74.02 -32.12 -65.50
CA HIS A 842 75.15 -32.96 -65.82
C HIS A 842 76.44 -32.18 -65.55
N LYS A 843 77.31 -32.73 -64.70
CA LYS A 843 78.55 -32.06 -64.33
C LYS A 843 79.68 -33.08 -64.28
N ILE A 844 80.89 -32.62 -64.56
CA ILE A 844 82.05 -33.50 -64.49
C ILE A 844 82.19 -34.03 -63.07
N ALA A 845 82.55 -35.31 -62.96
CA ALA A 845 82.64 -35.97 -61.65
C ALA A 845 83.93 -35.57 -60.93
N THR A 846 83.99 -34.28 -60.59
CA THR A 846 85.06 -33.77 -59.75
C THR A 846 84.74 -34.06 -58.28
N ARG A 847 85.69 -33.74 -57.40
CA ARG A 847 85.47 -34.00 -55.97
C ARG A 847 84.35 -33.11 -55.42
N GLY A 848 84.30 -31.86 -55.87
CA GLY A 848 83.21 -30.99 -55.44
C GLY A 848 81.85 -31.49 -55.91
N VAL A 849 81.78 -31.97 -57.16
CA VAL A 849 80.52 -32.51 -57.67
C VAL A 849 80.17 -33.81 -56.95
N MET A 850 81.17 -34.62 -56.60
CA MET A 850 80.92 -35.79 -55.77
C MET A 850 80.26 -35.41 -54.46
N PHE A 851 80.85 -34.45 -53.74
CA PHE A 851 80.25 -34.05 -52.47
C PHE A 851 78.87 -33.43 -52.67
N TRP A 852 78.67 -32.72 -53.78
CA TRP A 852 77.34 -32.26 -54.13
C TRP A 852 76.37 -33.44 -54.22
N LYS A 853 76.78 -34.52 -54.87
CA LYS A 853 75.91 -35.69 -55.00
C LYS A 853 75.61 -36.31 -53.64
N GLU A 854 76.62 -36.44 -52.78
CA GLU A 854 76.38 -37.01 -51.45
C GLU A 854 75.41 -36.15 -50.65
N LEU A 855 75.56 -34.82 -50.73
CA LEU A 855 74.65 -33.96 -49.99
C LEU A 855 73.24 -34.03 -50.56
N ASP A 856 73.10 -34.19 -51.89
CA ASP A 856 71.77 -34.41 -52.45
C ASP A 856 71.16 -35.69 -51.92
N ASP A 857 71.95 -36.76 -51.85
CA ASP A 857 71.43 -38.06 -51.44
C ASP A 857 71.15 -38.17 -49.95
N THR A 858 71.85 -37.41 -49.11
CA THR A 858 71.81 -37.61 -47.66
C THR A 858 71.32 -36.41 -46.86
N ILE A 859 71.30 -35.20 -47.41
CA ILE A 859 71.01 -33.98 -46.66
C ILE A 859 69.83 -33.25 -47.29
N PHE A 860 69.98 -32.83 -48.54
CA PHE A 860 68.99 -31.95 -49.15
C PHE A 860 67.68 -32.67 -49.47
N ASN A 861 67.72 -33.99 -49.67
CA ASN A 861 66.50 -34.75 -49.88
C ASN A 861 65.64 -34.87 -48.64
N LEU A 862 66.19 -34.55 -47.46
CA LEU A 862 65.45 -34.67 -46.22
C LEU A 862 64.49 -33.52 -46.04
N PRO A 863 63.44 -33.68 -45.22
CA PRO A 863 62.52 -32.57 -44.97
C PRO A 863 63.18 -31.48 -44.11
N LYS A 864 62.56 -30.30 -44.15
CA LYS A 864 63.12 -29.16 -43.45
C LYS A 864 63.16 -29.40 -41.94
N ASN A 865 62.12 -30.02 -41.39
CA ASN A 865 62.07 -30.25 -39.95
C ASN A 865 63.17 -31.19 -39.47
N LYS A 866 63.76 -31.98 -40.38
CA LYS A 866 64.84 -32.90 -40.05
C LYS A 866 66.21 -32.35 -40.45
N LEU A 867 66.24 -31.42 -41.41
CA LEU A 867 67.49 -30.96 -41.99
C LEU A 867 68.45 -30.40 -40.95
N LEU A 868 67.93 -29.62 -40.00
CA LEU A 868 68.81 -28.99 -39.01
C LEU A 868 69.54 -30.03 -38.17
N ASP A 869 68.81 -31.04 -37.68
CA ASP A 869 69.46 -32.05 -36.85
C ASP A 869 70.37 -32.94 -37.69
N ALA A 870 70.01 -33.18 -38.95
CA ALA A 870 70.90 -33.95 -39.83
C ALA A 870 72.22 -33.21 -40.04
N LEU A 871 72.15 -31.89 -40.27
CA LEU A 871 73.35 -31.10 -40.44
C LEU A 871 74.17 -31.07 -39.16
N ASN A 872 73.51 -30.97 -38.01
CA ASN A 872 74.24 -31.00 -36.74
C ASN A 872 74.96 -32.32 -36.56
N LYS A 873 74.30 -33.42 -36.93
CA LYS A 873 74.94 -34.73 -36.81
C LYS A 873 76.15 -34.86 -37.72
N LYS A 874 76.01 -34.41 -38.98
CA LYS A 874 77.09 -34.47 -39.95
C LYS A 874 77.90 -33.17 -40.01
N ARG A 875 77.97 -32.44 -38.90
CA ARG A 875 78.61 -31.14 -38.87
C ARG A 875 80.09 -31.24 -39.25
N ASP A 876 80.84 -32.12 -38.59
CA ASP A 876 82.28 -32.18 -38.80
C ASP A 876 82.62 -32.64 -40.21
N HIS A 877 81.92 -33.66 -40.71
CA HIS A 877 82.23 -34.22 -42.01
C HIS A 877 81.99 -33.20 -43.12
N ILE A 878 80.88 -32.47 -43.03
CA ILE A 878 80.56 -31.48 -44.05
C ILE A 878 81.63 -30.40 -44.10
N ILE A 879 82.04 -29.91 -42.93
CA ILE A 879 83.07 -28.86 -42.90
C ILE A 879 84.39 -29.38 -43.46
N LYS A 880 84.78 -30.58 -43.06
CA LYS A 880 86.04 -31.14 -43.51
C LYS A 880 86.07 -31.27 -45.03
N LYS A 881 85.00 -31.82 -45.62
CA LYS A 881 85.00 -31.99 -47.06
C LYS A 881 84.70 -30.70 -47.80
N LEU A 882 84.09 -29.71 -47.15
CA LEU A 882 83.97 -28.39 -47.76
C LEU A 882 85.34 -27.74 -47.89
N ASN A 883 86.18 -27.87 -46.86
CA ASN A 883 87.53 -27.34 -46.93
C ASN A 883 88.42 -28.13 -47.88
N ASN A 884 88.24 -29.43 -47.98
CA ASN A 884 89.13 -30.29 -48.76
C ASN A 884 88.74 -30.43 -50.23
N ASP A 885 87.44 -30.48 -50.54
CA ASP A 885 86.98 -30.94 -51.84
C ASP A 885 86.08 -29.96 -52.59
N PHE A 886 85.39 -29.06 -51.90
CA PHE A 886 84.42 -28.18 -52.56
C PHE A 886 85.00 -26.80 -52.79
N GLN A 887 84.48 -26.14 -53.82
CA GLN A 887 84.95 -24.81 -54.21
C GLN A 887 84.64 -23.75 -53.15
N LYS A 888 83.68 -24.00 -52.27
CA LYS A 888 83.28 -23.06 -51.24
C LYS A 888 83.73 -23.57 -49.88
N PRO A 889 84.92 -23.22 -49.40
CA PRO A 889 85.40 -23.76 -48.13
C PRO A 889 84.62 -23.20 -46.96
N TRP A 890 84.78 -23.87 -45.81
CA TRP A 890 84.24 -23.35 -44.57
C TRP A 890 84.93 -22.04 -44.22
N PHE A 891 84.13 -21.00 -43.96
CA PHE A 891 84.73 -19.71 -43.64
C PHE A 891 85.46 -19.74 -42.31
N GLY A 892 84.85 -20.35 -41.29
CA GLY A 892 85.42 -20.38 -39.97
C GLY A 892 86.83 -20.94 -39.93
N LYS A 893 87.80 -20.08 -39.65
CA LYS A 893 89.20 -20.49 -39.61
C LYS A 893 90.01 -19.55 -38.71
N ASN A 894 90.32 -20.01 -37.50
CA ASN A 894 91.15 -19.25 -36.57
C ASN A 894 92.55 -19.85 -36.51
N ALA A 895 93.38 -19.32 -35.61
CA ALA A 895 94.76 -19.80 -35.51
C ALA A 895 94.80 -21.27 -35.11
N ASN A 896 93.89 -21.69 -34.24
CA ASN A 896 93.84 -23.09 -33.84
C ASN A 896 93.50 -23.99 -35.02
N GLY A 897 92.56 -23.57 -35.86
CA GLY A 897 92.17 -24.36 -37.01
C GLY A 897 90.78 -23.95 -37.48
N VAL A 898 90.14 -24.88 -38.19
CA VAL A 898 88.76 -24.66 -38.60
C VAL A 898 87.88 -24.52 -37.37
N CYS A 899 86.95 -23.59 -37.40
CA CYS A 899 86.13 -23.26 -36.25
C CYS A 899 84.76 -22.78 -36.74
N ASP A 900 83.99 -22.22 -35.83
CA ASP A 900 82.75 -21.53 -36.15
C ASP A 900 83.04 -20.04 -36.34
N LEU A 901 82.02 -19.32 -36.82
CA LEU A 901 82.18 -17.88 -36.99
C LEU A 901 82.42 -17.20 -35.64
N GLN A 902 81.66 -17.59 -34.62
CA GLN A 902 81.76 -16.94 -33.32
C GLN A 902 83.12 -17.12 -32.66
N GLU A 903 83.90 -18.11 -33.09
CA GLU A 903 85.22 -18.36 -32.53
C GLU A 903 86.33 -17.66 -33.30
N MET A 904 86.00 -16.57 -34.00
CA MET A 904 86.94 -15.80 -34.79
C MET A 904 87.02 -14.37 -34.29
N THR A 905 88.22 -13.81 -34.30
CA THR A 905 88.36 -12.39 -34.04
C THR A 905 88.00 -11.59 -35.29
N TYR A 906 87.70 -10.31 -35.09
CA TYR A 906 87.34 -9.46 -36.22
C TYR A 906 88.47 -9.37 -37.24
N LYS A 907 89.72 -9.27 -36.76
CA LYS A 907 90.85 -9.34 -37.67
C LYS A 907 90.89 -10.68 -38.40
N GLU A 908 90.60 -11.77 -37.71
CA GLU A 908 90.57 -13.08 -38.37
C GLU A 908 89.49 -13.13 -39.43
N VAL A 909 88.30 -12.60 -39.13
CA VAL A 909 87.22 -12.60 -40.11
C VAL A 909 87.60 -11.77 -41.33
N ALA A 910 88.16 -10.58 -41.09
CA ALA A 910 88.54 -9.70 -42.20
C ALA A 910 89.63 -10.33 -43.05
N ASN A 911 90.63 -10.94 -42.41
CA ASN A 911 91.71 -11.58 -43.15
C ASN A 911 91.18 -12.75 -43.96
N ARG A 912 90.26 -13.53 -43.39
CA ARG A 912 89.66 -14.63 -44.14
C ARG A 912 88.84 -14.12 -45.32
N LEU A 913 88.12 -13.02 -45.14
CA LEU A 913 87.38 -12.42 -46.24
C LEU A 913 88.32 -12.01 -47.36
N VAL A 914 89.42 -11.34 -47.03
CA VAL A 914 90.38 -10.94 -48.05
C VAL A 914 91.00 -12.17 -48.71
N GLU A 915 91.24 -13.23 -47.91
CA GLU A 915 91.84 -14.44 -48.46
C GLU A 915 90.92 -15.11 -49.47
N LEU A 916 89.63 -15.17 -49.19
CA LEU A 916 88.69 -15.93 -50.01
C LEU A 916 88.01 -15.11 -51.08
N MET A 917 88.11 -13.77 -51.03
CA MET A 917 87.39 -12.90 -51.95
C MET A 917 88.29 -11.99 -52.76
N TYR A 918 89.57 -11.88 -52.42
CA TYR A 918 90.55 -11.11 -53.17
C TYR A 918 91.60 -12.06 -53.71
N VAL A 919 92.02 -11.84 -54.95
CA VAL A 919 92.96 -12.72 -55.62
C VAL A 919 94.35 -12.08 -55.56
N LYS A 920 95.25 -12.71 -54.82
CA LYS A 920 96.62 -12.18 -54.71
C LYS A 920 97.35 -12.24 -56.04
N LYS A 921 97.18 -13.33 -56.79
CA LYS A 921 97.95 -13.50 -58.02
C LYS A 921 97.64 -12.40 -59.03
N SER A 922 96.35 -12.10 -59.22
CA SER A 922 95.93 -11.08 -60.16
C SER A 922 95.76 -9.70 -59.54
N HIS A 923 95.79 -9.60 -58.21
CA HIS A 923 95.65 -8.33 -57.52
C HIS A 923 94.32 -7.66 -57.88
N ARG A 924 93.23 -8.43 -57.73
CA ARG A 924 91.90 -7.97 -58.08
C ARG A 924 90.90 -8.63 -57.14
N TRP A 925 89.69 -8.10 -57.12
CA TRP A 925 88.58 -8.68 -56.37
C TRP A 925 87.78 -9.61 -57.27
N ILE A 926 87.21 -10.65 -56.66
CA ILE A 926 86.34 -11.55 -57.41
C ILE A 926 85.14 -10.79 -57.96
N ASP A 927 84.58 -9.89 -57.17
CA ASP A 927 83.44 -9.10 -57.60
C ASP A 927 83.36 -7.83 -56.76
N VAL A 928 82.95 -6.74 -57.41
CA VAL A 928 82.80 -5.47 -56.70
C VAL A 928 81.72 -5.57 -55.65
N SER A 929 80.72 -6.43 -55.86
CA SER A 929 79.73 -6.66 -54.82
C SER A 929 80.36 -7.31 -53.59
N LEU A 930 81.30 -8.23 -53.80
CA LEU A 930 82.02 -8.83 -52.68
C LEU A 930 82.92 -7.81 -52.00
N ARG A 931 83.52 -6.92 -52.78
CA ARG A 931 84.29 -5.83 -52.19
C ARG A 931 83.39 -4.93 -51.34
N ASN A 932 82.16 -4.68 -51.82
CA ASN A 932 81.21 -3.90 -51.04
C ASN A 932 80.82 -4.62 -49.76
N MET A 933 80.68 -5.94 -49.83
CA MET A 933 80.39 -6.71 -48.62
C MET A 933 81.53 -6.58 -47.62
N TYR A 934 82.77 -6.68 -48.10
CA TYR A 934 83.91 -6.48 -47.21
C TYR A 934 83.87 -5.09 -46.59
N GLY A 935 83.54 -4.07 -47.41
CA GLY A 935 83.43 -2.73 -46.88
C GLY A 935 82.37 -2.60 -45.81
N ASP A 936 81.21 -3.22 -46.03
CA ASP A 936 80.13 -3.15 -45.04
C ASP A 936 80.51 -3.87 -43.75
N PHE A 937 81.22 -4.99 -43.87
CA PHE A 937 81.69 -5.67 -42.66
C PHE A 937 82.67 -4.78 -41.89
N LEU A 938 83.58 -4.12 -42.62
CA LEU A 938 84.50 -3.20 -41.94
C LEU A 938 83.75 -2.03 -41.33
N ARG A 939 82.68 -1.58 -41.97
CA ARG A 939 81.83 -0.55 -41.37
C ARG A 939 81.30 -1.02 -40.02
N ARG A 940 80.80 -2.26 -39.98
CA ARG A 940 80.29 -2.81 -38.72
C ARG A 940 81.41 -2.89 -37.69
N VAL A 941 82.61 -3.28 -38.10
CA VAL A 941 83.71 -3.40 -37.15
C VAL A 941 84.04 -2.04 -36.54
N GLU A 942 84.18 -1.01 -37.37
CA GLU A 942 84.52 0.31 -36.85
C GLU A 942 83.39 0.86 -35.97
N GLU A 943 82.14 0.65 -36.37
CA GLU A 943 81.03 1.11 -35.56
C GLU A 943 81.01 0.40 -34.21
N ARG A 944 81.31 -0.90 -34.22
CA ARG A 944 81.35 -1.66 -32.98
C ARG A 944 82.44 -1.15 -32.05
N PHE A 945 83.62 -0.85 -32.60
CA PHE A 945 84.78 -0.53 -31.78
C PHE A 945 85.02 0.96 -31.65
N THR A 946 84.07 1.80 -32.07
CA THR A 946 84.09 3.23 -31.75
C THR A 946 82.84 3.56 -30.95
N SER A 947 83.03 4.31 -29.86
CA SER A 947 81.93 4.70 -28.99
C SER A 947 81.63 6.20 -29.03
N SER A 948 82.53 7.00 -29.59
CA SER A 948 82.34 8.45 -29.65
C SER A 948 81.73 8.84 -30.98
N ALA A 949 80.75 9.73 -30.94
CA ALA A 949 80.15 10.25 -32.16
C ALA A 949 81.07 11.29 -32.80
N GLY A 950 80.76 11.64 -34.03
CA GLY A 950 81.58 12.60 -34.77
C GLY A 950 82.99 12.12 -35.02
N THR A 951 83.16 10.84 -35.35
CA THR A 951 84.46 10.27 -35.67
C THR A 951 84.51 9.98 -37.17
N VAL A 952 85.61 10.36 -37.80
CA VAL A 952 85.77 10.15 -39.24
C VAL A 952 86.04 8.68 -39.50
N SER A 953 85.27 8.09 -40.41
CA SER A 953 85.49 6.71 -40.79
C SER A 953 86.80 6.56 -41.54
N LEU A 954 87.54 5.50 -41.22
CA LEU A 954 88.75 5.20 -41.99
C LEU A 954 88.40 4.92 -43.44
N LEU A 955 87.31 4.20 -43.68
CA LEU A 955 86.85 3.85 -45.03
C LEU A 955 85.86 4.92 -45.46
N GLN A 956 86.34 5.89 -46.24
CA GLN A 956 85.45 6.92 -46.76
C GLN A 956 84.70 6.42 -47.99
N ASN A 957 85.40 5.75 -48.89
CA ASN A 957 84.80 5.17 -50.08
C ASN A 957 85.36 3.77 -50.26
N PHE A 958 84.52 2.86 -50.76
CA PHE A 958 84.90 1.46 -50.89
C PHE A 958 85.98 1.25 -51.94
N ASN A 959 86.28 2.26 -52.77
CA ASN A 959 87.38 2.14 -53.72
C ASN A 959 88.72 1.98 -53.02
N GLN A 960 88.82 2.34 -51.74
CA GLN A 960 90.04 2.08 -50.98
C GLN A 960 90.28 0.61 -50.73
N LEU A 961 89.29 -0.25 -50.98
CA LEU A 961 89.41 -1.69 -50.77
C LEU A 961 89.93 -2.42 -52.00
N ASN A 962 90.19 -1.73 -53.10
CA ASN A 962 90.79 -2.38 -54.27
C ASN A 962 92.22 -2.84 -53.97
N GLU A 963 92.83 -2.33 -52.91
CA GLU A 963 94.10 -2.83 -52.39
C GLU A 963 93.88 -3.08 -50.90
N PRO A 964 93.15 -4.15 -50.55
CA PRO A 964 92.59 -4.23 -49.19
C PRO A 964 93.55 -4.73 -48.13
N GLU A 965 94.65 -5.38 -48.51
CA GLU A 965 95.57 -5.92 -47.51
C GLU A 965 96.18 -4.80 -46.67
N GLN A 966 96.71 -3.76 -47.34
CA GLN A 966 97.27 -2.64 -46.59
C GLN A 966 96.19 -1.87 -45.86
N PHE A 967 95.00 -1.75 -46.46
CA PHE A 967 93.91 -1.10 -45.76
C PHE A 967 93.48 -1.92 -44.55
N THR A 968 93.46 -3.25 -44.67
CA THR A 968 93.15 -4.08 -43.52
C THR A 968 94.18 -3.89 -42.42
N ALA A 969 95.47 -3.83 -42.79
CA ALA A 969 96.51 -3.62 -41.80
C ALA A 969 96.33 -2.29 -41.09
N ASP A 970 96.05 -1.22 -41.84
CA ASP A 970 95.83 0.08 -41.22
C ASP A 970 94.59 0.07 -40.32
N PHE A 971 93.52 -0.57 -40.78
CA PHE A 971 92.27 -0.62 -40.02
C PHE A 971 92.47 -1.31 -38.69
N PHE A 972 93.15 -2.44 -38.69
CA PHE A 972 93.34 -3.19 -37.45
C PHE A 972 94.60 -2.79 -36.70
N GLU A 973 95.38 -1.86 -37.24
CA GLU A 973 96.31 -1.09 -36.43
C GLU A 973 95.60 0.01 -35.66
N LYS A 974 94.58 0.63 -36.26
CA LYS A 974 93.76 1.59 -35.54
C LYS A 974 92.88 0.93 -34.49
N PHE A 975 92.32 -0.24 -34.79
CA PHE A 975 91.49 -1.01 -33.87
C PHE A 975 92.23 -2.28 -33.45
N PRO A 976 93.26 -2.15 -32.60
CA PRO A 976 93.95 -3.36 -32.14
C PRO A 976 93.07 -4.30 -31.35
N GLN A 977 92.09 -3.78 -30.60
CA GLN A 977 91.20 -4.62 -29.83
C GLN A 977 90.35 -5.53 -30.72
N ALA A 978 90.17 -5.16 -32.00
CA ALA A 978 89.39 -5.98 -32.91
C ALA A 978 90.06 -7.33 -33.15
N GLY A 979 91.39 -7.33 -33.26
CA GLY A 979 92.12 -8.58 -33.41
C GLY A 979 92.23 -9.42 -32.17
N LYS A 980 91.75 -8.90 -31.03
CA LYS A 980 91.74 -9.63 -29.77
C LYS A 980 90.34 -10.10 -29.37
N GLN A 981 89.29 -9.41 -29.80
CA GLN A 981 87.92 -9.71 -29.42
C GLN A 981 87.27 -10.61 -30.47
N LEU A 982 86.61 -11.67 -30.01
CA LEU A 982 85.86 -12.53 -30.92
C LEU A 982 84.68 -11.78 -31.50
N ILE A 983 84.22 -12.24 -32.67
CA ILE A 983 83.11 -11.55 -33.33
C ILE A 983 81.85 -11.73 -32.53
N SER A 984 81.17 -10.63 -32.23
CA SER A 984 79.95 -10.68 -31.44
C SER A 984 78.87 -11.43 -32.19
N GLU A 985 77.83 -11.84 -31.46
CA GLU A 985 76.70 -12.51 -32.08
C GLU A 985 75.95 -11.56 -33.01
N GLU A 986 75.86 -10.28 -32.62
CA GLU A 986 75.25 -9.28 -33.48
C GLU A 986 75.97 -9.20 -34.81
N ASP A 987 77.30 -9.12 -34.78
CA ASP A 987 78.07 -9.00 -36.00
C ASP A 987 78.13 -10.32 -36.76
N CYS A 988 77.98 -11.45 -36.08
CA CYS A 988 77.85 -12.73 -36.79
C CYS A 988 76.57 -12.77 -37.60
N ASP A 989 75.46 -12.34 -36.99
CA ASP A 989 74.20 -12.28 -37.72
C ASP A 989 74.30 -11.30 -38.88
N TYR A 990 74.92 -10.15 -38.65
CA TYR A 990 75.11 -9.18 -39.72
C TYR A 990 75.96 -9.77 -40.84
N PHE A 991 77.01 -10.52 -40.48
CA PHE A 991 77.86 -11.17 -41.47
C PHE A 991 77.07 -12.16 -42.31
N LEU A 992 76.23 -12.97 -41.66
CA LEU A 992 75.43 -13.94 -42.39
C LEU A 992 74.43 -13.23 -43.31
N MET A 993 73.91 -12.08 -42.89
CA MET A 993 72.98 -11.34 -43.72
C MET A 993 73.68 -10.70 -44.92
N LEU A 994 74.88 -10.17 -44.73
CA LEU A 994 75.67 -9.68 -45.84
C LEU A 994 76.08 -10.79 -46.80
N ALA A 995 76.34 -11.99 -46.28
CA ALA A 995 76.67 -13.11 -47.14
C ALA A 995 75.50 -13.53 -48.03
N ALA A 996 74.28 -13.11 -47.72
CA ALA A 996 73.09 -13.47 -48.49
C ALA A 996 72.32 -12.24 -48.95
N ARG A 997 72.94 -11.06 -48.95
CA ARG A 997 72.28 -9.87 -49.46
C ARG A 997 71.85 -10.09 -50.91
N PRO A 998 70.61 -9.75 -51.29
CA PRO A 998 70.22 -9.89 -52.70
C PRO A 998 70.93 -8.86 -53.57
N GLY A 999 71.02 -9.18 -54.85
CA GLY A 999 71.74 -8.33 -55.79
C GLY A 999 73.24 -8.38 -55.64
N GLN A 1000 73.77 -9.42 -55.01
CA GLN A 1000 75.19 -9.57 -54.76
C GLN A 1000 75.61 -10.96 -55.21
N LYS A 1001 76.85 -11.08 -55.66
CA LYS A 1001 77.39 -12.38 -56.01
C LYS A 1001 77.41 -13.27 -54.76
N PRO A 1002 76.82 -14.47 -54.80
CA PRO A 1002 76.89 -15.33 -53.61
C PRO A 1002 78.33 -15.59 -53.20
N VAL A 1003 78.58 -15.57 -51.89
CA VAL A 1003 79.93 -15.56 -51.37
C VAL A 1003 80.63 -16.86 -51.75
N PRO A 1004 81.95 -16.86 -51.92
CA PRO A 1004 82.66 -18.09 -52.31
C PRO A 1004 82.94 -19.04 -51.16
N PHE A 1005 82.23 -18.93 -50.04
CA PHE A 1005 82.42 -19.82 -48.90
C PHE A 1005 81.07 -20.16 -48.30
N VAL A 1006 81.09 -21.12 -47.37
CA VAL A 1006 79.91 -21.48 -46.58
C VAL A 1006 80.13 -20.96 -45.17
N PRO A 1007 79.32 -19.99 -44.67
CA PRO A 1007 79.57 -19.45 -43.33
C PRO A 1007 78.92 -20.22 -42.21
N VAL A 1008 77.80 -20.90 -42.49
CA VAL A 1008 76.98 -21.51 -41.44
C VAL A 1008 76.30 -22.75 -42.00
N LEU A 1009 75.99 -23.69 -41.11
CA LEU A 1009 75.20 -24.89 -41.46
C LEU A 1009 73.82 -24.76 -40.82
N ASP A 1010 72.90 -24.16 -41.55
CA ASP A 1010 71.51 -23.97 -41.13
C ASP A 1010 70.61 -24.38 -42.29
N GLU A 1011 69.34 -24.02 -42.20
CA GLU A 1011 68.42 -24.26 -43.31
C GLU A 1011 68.86 -23.58 -44.60
N ARG A 1012 69.70 -22.55 -44.50
CA ARG A 1012 70.25 -21.87 -45.67
C ARG A 1012 71.52 -22.54 -46.20
N PHE A 1013 71.88 -23.71 -45.67
CA PHE A 1013 73.10 -24.38 -46.11
C PHE A 1013 73.03 -24.74 -47.59
N GLU A 1014 71.86 -25.20 -48.05
CA GLU A 1014 71.71 -25.51 -49.47
C GLU A 1014 71.94 -24.27 -50.32
N PHE A 1015 71.38 -23.14 -49.91
CA PHE A 1015 71.58 -21.89 -50.64
C PHE A 1015 73.06 -21.53 -50.70
N PHE A 1016 73.74 -21.51 -49.55
CA PHE A 1016 75.16 -21.18 -49.51
C PHE A 1016 76.01 -22.16 -50.30
N PHE A 1017 75.62 -23.44 -50.35
CA PHE A 1017 76.40 -24.47 -51.00
C PHE A 1017 76.23 -24.46 -52.51
N LYS A 1018 75.01 -24.24 -53.02
CA LYS A 1018 74.72 -24.43 -54.43
C LYS A 1018 74.71 -23.13 -55.23
N LYS A 1019 74.35 -21.99 -54.63
CA LYS A 1019 74.18 -20.79 -55.44
C LYS A 1019 75.47 -20.37 -56.11
N ASP A 1020 75.40 -20.11 -57.42
CA ASP A 1020 76.49 -19.56 -58.20
C ASP A 1020 77.74 -20.44 -58.14
N SER A 1021 77.61 -21.64 -58.71
CA SER A 1021 78.67 -22.63 -58.72
C SER A 1021 79.27 -22.85 -60.11
N LEU A 1022 78.92 -22.02 -61.10
CA LEU A 1022 79.35 -22.22 -62.47
C LEU A 1022 80.54 -21.38 -62.88
N TRP A 1023 80.69 -20.18 -62.30
CA TRP A 1023 81.77 -19.28 -62.72
C TRP A 1023 83.14 -19.80 -62.33
N GLN A 1024 83.21 -20.63 -61.28
CA GLN A 1024 84.50 -21.12 -60.80
C GLN A 1024 85.19 -21.97 -61.85
N SER A 1025 84.43 -22.65 -62.71
CA SER A 1025 85.03 -23.47 -63.76
C SER A 1025 85.90 -22.64 -64.69
N GLU A 1026 85.59 -21.37 -64.88
CA GLU A 1026 86.43 -20.45 -65.64
C GLU A 1026 87.44 -19.72 -64.77
N ASP A 1027 86.97 -19.06 -63.71
CA ASP A 1027 87.85 -18.25 -62.87
C ASP A 1027 88.49 -19.12 -61.80
N LEU A 1028 89.49 -19.89 -62.25
CA LEU A 1028 90.13 -20.86 -61.39
C LEU A 1028 91.16 -20.24 -60.44
N GLU A 1029 91.68 -19.04 -60.77
CA GLU A 1029 92.64 -18.40 -59.88
C GLU A 1029 91.99 -17.98 -58.57
N SER A 1030 90.69 -17.75 -58.57
CA SER A 1030 89.98 -17.36 -57.35
C SER A 1030 89.59 -18.56 -56.49
N VAL A 1031 89.76 -19.78 -56.98
CA VAL A 1031 89.42 -20.97 -56.21
C VAL A 1031 90.59 -21.33 -55.31
N VAL A 1032 90.30 -21.97 -54.18
CA VAL A 1032 91.34 -22.34 -53.24
C VAL A 1032 92.28 -23.33 -53.88
N ASP A 1033 93.58 -23.04 -53.82
CA ASP A 1033 94.65 -23.87 -54.36
C ASP A 1033 94.61 -24.00 -55.88
N GLU A 1034 93.72 -23.25 -56.56
CA GLU A 1034 93.55 -23.36 -58.01
C GLU A 1034 93.30 -24.82 -58.42
N ASP A 1035 92.50 -25.51 -57.61
CA ASP A 1035 92.21 -26.93 -57.84
C ASP A 1035 90.97 -27.05 -58.71
N VAL A 1036 91.13 -27.61 -59.90
CA VAL A 1036 90.00 -27.82 -60.78
C VAL A 1036 89.02 -28.82 -60.18
N GLN A 1037 89.52 -29.74 -59.35
CA GLN A 1037 88.66 -30.76 -58.76
C GLN A 1037 87.63 -30.14 -57.81
N ARG A 1038 87.92 -28.95 -57.28
CA ARG A 1038 86.93 -28.27 -56.45
C ARG A 1038 85.80 -27.67 -57.29
N THR A 1039 86.10 -27.24 -58.50
CA THR A 1039 85.13 -26.55 -59.32
C THR A 1039 84.08 -27.51 -59.87
N CYS A 1040 82.97 -26.92 -60.31
CA CYS A 1040 81.86 -27.66 -60.92
C CYS A 1040 81.80 -27.27 -62.40
N ILE A 1041 81.97 -28.26 -63.27
CA ILE A 1041 82.03 -28.05 -64.72
C ILE A 1041 80.89 -28.81 -65.35
N LEU A 1042 80.05 -28.10 -66.10
CA LEU A 1042 78.91 -28.72 -66.77
C LEU A 1042 79.35 -29.34 -68.09
N HIS A 1043 79.00 -30.60 -68.30
CA HIS A 1043 79.43 -31.31 -69.50
C HIS A 1043 78.47 -32.45 -69.80
N GLY A 1044 78.31 -32.75 -71.09
CA GLY A 1044 77.39 -33.78 -71.52
C GLY A 1044 78.06 -35.14 -71.61
N PRO A 1045 77.46 -36.18 -71.01
CA PRO A 1045 78.12 -37.49 -71.03
C PRO A 1045 78.34 -38.06 -72.42
N VAL A 1046 77.49 -37.70 -73.38
CA VAL A 1046 77.62 -38.22 -74.74
C VAL A 1046 78.46 -37.29 -75.61
N ALA A 1047 78.31 -35.98 -75.44
CA ALA A 1047 79.14 -35.05 -76.18
C ALA A 1047 80.60 -35.08 -75.74
N SER A 1048 80.88 -35.65 -74.57
CA SER A 1048 82.26 -35.71 -74.09
C SER A 1048 83.12 -36.64 -74.94
N GLN A 1049 82.52 -37.51 -75.75
CA GLN A 1049 83.33 -38.41 -76.58
C GLN A 1049 84.14 -37.64 -77.60
N TYR A 1050 83.55 -36.61 -78.20
CA TYR A 1050 84.18 -35.87 -79.27
C TYR A 1050 85.08 -34.73 -78.77
N THR A 1051 85.12 -34.48 -77.46
CA THR A 1051 85.98 -33.45 -76.89
C THR A 1051 87.32 -34.09 -76.58
N SER A 1052 88.25 -34.01 -77.54
CA SER A 1052 89.57 -34.61 -77.41
C SER A 1052 90.71 -33.60 -77.54
N LYS A 1053 90.44 -32.37 -77.96
CA LYS A 1053 91.46 -31.35 -78.17
C LYS A 1053 91.21 -30.17 -77.23
N VAL A 1054 92.28 -29.45 -76.92
CA VAL A 1054 92.23 -28.28 -76.05
C VAL A 1054 92.54 -27.04 -76.86
N ASP A 1055 91.97 -25.92 -76.44
CA ASP A 1055 92.12 -24.60 -77.06
C ASP A 1055 92.12 -24.68 -78.59
N GLU A 1056 91.14 -25.40 -79.12
CA GLU A 1056 90.96 -25.45 -80.57
C GLU A 1056 90.15 -24.24 -81.02
N PRO A 1057 90.34 -23.68 -82.21
CA PRO A 1057 89.50 -22.55 -82.62
C PRO A 1057 88.05 -22.98 -82.82
N ILE A 1058 87.13 -22.16 -82.29
CA ILE A 1058 85.70 -22.38 -82.51
C ILE A 1058 85.41 -22.40 -84.00
N GLY A 1059 86.00 -21.47 -84.74
CA GLY A 1059 85.83 -21.47 -86.18
C GLY A 1059 86.31 -22.76 -86.82
N ASP A 1060 87.48 -23.26 -86.39
CA ASP A 1060 87.99 -24.50 -86.95
C ASP A 1060 87.07 -25.67 -86.64
N ILE A 1061 86.52 -25.73 -85.43
CA ILE A 1061 85.64 -26.83 -85.06
C ILE A 1061 84.40 -26.84 -85.96
N LEU A 1062 83.72 -25.70 -86.05
CA LEU A 1062 82.49 -25.68 -86.83
C LEU A 1062 82.77 -25.82 -88.32
N ASN A 1063 83.88 -25.26 -88.81
CA ASN A 1063 84.26 -25.45 -90.20
C ASN A 1063 84.55 -26.92 -90.49
N SER A 1064 85.21 -27.61 -89.57
CA SER A 1064 85.48 -29.03 -89.79
C SER A 1064 84.18 -29.82 -89.88
N ILE A 1065 83.24 -29.54 -88.98
CA ILE A 1065 81.97 -30.28 -89.01
C ILE A 1065 81.21 -29.98 -90.30
N HIS A 1066 81.10 -28.70 -90.64
CA HIS A 1066 80.35 -28.30 -91.85
C HIS A 1066 81.02 -28.85 -93.10
N GLU A 1067 82.36 -28.83 -93.15
CA GLU A 1067 83.07 -29.31 -94.32
C GLU A 1067 82.96 -30.82 -94.44
N GLY A 1068 82.93 -31.53 -93.32
CA GLY A 1068 82.66 -32.97 -93.39
C GLY A 1068 81.29 -33.24 -93.96
N HIS A 1069 80.28 -32.51 -93.49
CA HIS A 1069 78.93 -32.65 -94.05
C HIS A 1069 78.93 -32.37 -95.55
N ILE A 1070 79.60 -31.31 -95.98
CA ILE A 1070 79.63 -30.96 -97.39
C ILE A 1070 80.36 -32.02 -98.21
N ALA A 1071 81.49 -32.51 -97.69
CA ALA A 1071 82.29 -33.47 -98.44
C ALA A 1071 81.58 -34.80 -98.58
N ARG A 1072 80.73 -35.14 -97.61
CA ARG A 1072 79.95 -36.37 -97.76
C ARG A 1072 78.72 -36.14 -98.62
N LEU A 1073 78.14 -34.93 -98.57
CA LEU A 1073 76.96 -34.63 -99.38
C LEU A 1073 77.30 -34.60 -100.87
N ILE A 1074 78.45 -34.00 -101.21
CA ILE A 1074 78.85 -33.98 -102.62
C ILE A 1074 79.13 -35.40 -103.10
N LYS A 1075 79.69 -36.24 -102.23
CA LYS A 1075 79.97 -37.62 -102.60
C LYS A 1075 78.69 -38.41 -102.84
N GLU A 1076 77.70 -38.24 -101.96
CA GLU A 1076 76.48 -39.05 -102.04
C GLU A 1076 75.45 -38.47 -103.01
N GLU A 1077 74.97 -37.25 -102.75
CA GLU A 1077 73.91 -36.66 -103.55
C GLU A 1077 74.38 -36.33 -104.97
N TYR A 1078 75.57 -35.75 -105.10
CA TYR A 1078 76.05 -35.21 -106.36
C TYR A 1078 77.15 -36.06 -107.00
N ALA A 1079 77.40 -37.26 -106.48
CA ALA A 1079 78.34 -38.20 -107.09
C ALA A 1079 79.76 -37.62 -107.18
N GLY A 1080 80.12 -36.75 -106.24
CA GLY A 1080 81.45 -36.19 -106.21
C GLY A 1080 81.70 -35.06 -107.18
N ASP A 1081 80.70 -34.63 -107.93
CA ASP A 1081 80.85 -33.57 -108.92
C ASP A 1081 80.37 -32.26 -108.31
N GLU A 1082 81.29 -31.33 -108.09
CA GLU A 1082 80.93 -30.01 -107.56
C GLU A 1082 80.28 -29.13 -108.62
N SER A 1083 80.49 -29.42 -109.91
CA SER A 1083 79.88 -28.61 -110.95
C SER A 1083 78.36 -28.74 -110.95
N LYS A 1084 77.84 -29.87 -110.47
CA LYS A 1084 76.40 -30.07 -110.37
C LYS A 1084 75.77 -29.24 -109.26
N ILE A 1085 76.57 -28.60 -108.41
CA ILE A 1085 76.02 -27.81 -107.31
C ILE A 1085 75.23 -26.64 -107.90
N PRO A 1086 73.99 -26.37 -107.46
CA PRO A 1086 73.33 -25.15 -107.93
C PRO A 1086 74.09 -23.90 -107.50
N VAL A 1087 74.17 -22.94 -108.40
CA VAL A 1087 74.88 -21.69 -108.18
C VAL A 1087 73.86 -20.57 -108.05
N VAL A 1088 73.96 -19.80 -106.97
CA VAL A 1088 73.09 -18.67 -106.71
C VAL A 1088 73.95 -17.47 -106.34
N GLU A 1089 73.41 -16.27 -106.56
CA GLU A 1089 74.18 -15.08 -106.20
C GLU A 1089 74.39 -14.99 -104.70
N TYR A 1090 73.32 -15.17 -103.92
CA TYR A 1090 73.40 -15.15 -102.48
C TYR A 1090 72.48 -16.21 -101.91
N PHE A 1091 72.80 -16.67 -100.71
CA PHE A 1091 72.09 -17.77 -100.05
C PHE A 1091 71.54 -17.26 -98.73
N GLY A 1092 70.23 -17.16 -98.63
CA GLY A 1092 69.59 -16.73 -97.41
C GLY A 1092 68.28 -16.03 -97.69
N GLY A 1093 67.65 -15.59 -96.62
CA GLY A 1093 66.39 -14.87 -96.74
C GLY A 1093 65.27 -15.77 -97.23
N LYS A 1094 64.11 -15.14 -97.43
CA LYS A 1094 62.96 -15.86 -97.95
C LYS A 1094 63.26 -16.36 -99.36
N LYS A 1095 62.76 -17.56 -99.66
CA LYS A 1095 62.96 -18.12 -100.98
C LYS A 1095 62.26 -17.23 -102.02
N PRO A 1096 62.87 -16.96 -103.16
CA PRO A 1096 62.21 -16.10 -104.15
C PRO A 1096 60.90 -16.72 -104.63
N ALA A 1097 59.90 -15.87 -104.83
CA ALA A 1097 58.54 -16.30 -105.10
C ALA A 1097 58.11 -15.85 -106.49
N SER A 1098 57.28 -16.68 -107.13
CA SER A 1098 56.65 -16.35 -108.40
C SER A 1098 55.24 -15.86 -108.10
N VAL A 1099 54.97 -14.59 -108.39
CA VAL A 1099 53.69 -13.95 -108.09
C VAL A 1099 53.04 -13.54 -109.40
N SER A 1100 51.81 -14.00 -109.62
CA SER A 1100 50.98 -13.62 -110.75
C SER A 1100 49.70 -13.01 -110.16
N ALA A 1101 49.68 -11.69 -110.05
CA ALA A 1101 48.62 -10.95 -109.40
C ALA A 1101 47.96 -9.99 -110.38
N THR A 1102 46.90 -9.34 -109.92
CA THR A 1102 46.22 -8.29 -110.67
C THR A 1102 46.79 -6.93 -110.28
N SER A 1103 46.45 -5.91 -111.06
CA SER A 1103 46.88 -4.54 -110.82
C SER A 1103 48.39 -4.39 -111.04
N VAL A 1104 48.99 -5.26 -111.83
CA VAL A 1104 50.42 -5.20 -112.12
C VAL A 1104 50.61 -4.86 -113.59
N ASN A 1105 49.76 -5.43 -114.46
CA ASN A 1105 49.77 -5.17 -115.89
C ASN A 1105 51.17 -5.33 -116.48
N ILE A 1106 51.66 -6.57 -116.43
CA ILE A 1106 53.03 -6.86 -116.85
C ILE A 1106 53.09 -6.90 -118.37
N ILE A 1107 54.03 -6.16 -118.95
CA ILE A 1107 54.27 -6.14 -120.39
C ILE A 1107 55.77 -6.24 -120.63
N ASP A 1108 56.15 -7.05 -121.62
CA ASP A 1108 57.55 -7.37 -121.85
C ASP A 1108 58.21 -6.32 -122.74
N GLY A 1109 59.52 -6.48 -122.93
CA GLY A 1109 60.34 -5.57 -123.69
C GLY A 1109 61.75 -5.55 -123.12
N ASN A 1110 62.51 -4.53 -123.61
CA ASN A 1110 63.85 -4.32 -123.06
C ASN A 1110 63.79 -4.07 -121.56
N GLN A 1111 62.75 -3.38 -121.09
CA GLN A 1111 62.49 -3.23 -119.66
C GLN A 1111 61.04 -3.63 -119.44
N VAL A 1112 60.82 -4.72 -118.69
CA VAL A 1112 59.47 -5.17 -118.41
C VAL A 1112 58.79 -4.15 -117.50
N VAL A 1113 57.55 -3.80 -117.85
CA VAL A 1113 56.80 -2.73 -117.20
C VAL A 1113 55.63 -3.33 -116.42
N TYR A 1114 55.55 -2.99 -115.14
CA TYR A 1114 54.40 -3.30 -114.30
C TYR A 1114 53.69 -1.99 -114.00
N GLU A 1115 52.41 -1.91 -114.36
CA GLU A 1115 51.61 -0.71 -114.19
C GLU A 1115 50.41 -1.00 -113.29
N ILE A 1116 50.11 -0.08 -112.37
CA ILE A 1116 49.07 -0.26 -111.38
C ILE A 1116 47.87 0.59 -111.79
N ASP A 1117 46.69 -0.03 -111.79
CA ASP A 1117 45.44 0.64 -112.10
C ASP A 1117 44.89 1.29 -110.83
N SER A 1118 43.62 1.70 -110.85
CA SER A 1118 43.02 2.35 -109.70
C SER A 1118 43.09 1.45 -108.46
N GLU A 1119 42.73 0.18 -108.61
CA GLU A 1119 42.80 -0.76 -107.49
C GLU A 1119 44.21 -1.31 -107.37
N LEU A 1120 44.70 -1.39 -106.09
CA LEU A 1120 46.09 -1.73 -105.80
C LEU A 1120 46.24 -3.22 -105.50
N PRO A 1121 47.44 -3.80 -105.72
CA PRO A 1121 47.66 -5.20 -105.33
C PRO A 1121 48.10 -5.33 -103.88
N ASN A 1122 48.36 -6.56 -103.45
CA ASN A 1122 48.93 -6.77 -102.13
C ASN A 1122 50.36 -6.27 -102.09
N LYS A 1123 50.76 -5.69 -100.95
CA LYS A 1123 52.09 -5.13 -100.81
C LYS A 1123 53.16 -6.21 -100.94
N GLN A 1124 53.00 -7.31 -100.20
CA GLN A 1124 54.00 -8.37 -100.24
C GLN A 1124 54.07 -9.03 -101.62
N GLU A 1125 52.90 -9.24 -102.24
CA GLU A 1125 52.88 -9.81 -103.58
C GLU A 1125 53.57 -8.89 -104.58
N TRP A 1126 53.32 -7.58 -104.46
CA TRP A 1126 53.96 -6.62 -105.36
C TRP A 1126 55.47 -6.61 -105.19
N LEU A 1127 55.94 -6.63 -103.93
CA LEU A 1127 57.38 -6.66 -103.70
C LEU A 1127 58.01 -7.96 -104.21
N ASP A 1128 57.34 -9.09 -103.99
CA ASP A 1128 57.85 -10.35 -104.49
C ASP A 1128 57.90 -10.35 -106.02
N LEU A 1129 56.88 -9.80 -106.66
CA LEU A 1129 56.87 -9.71 -108.12
C LEU A 1129 58.04 -8.88 -108.62
N LEU A 1130 58.29 -7.73 -107.99
CA LEU A 1130 59.42 -6.92 -108.41
C LEU A 1130 60.73 -7.65 -108.18
N ALA A 1131 60.84 -8.37 -107.07
CA ALA A 1131 62.07 -9.11 -106.78
C ALA A 1131 62.32 -10.19 -107.84
N GLY A 1132 61.28 -10.92 -108.21
CA GLY A 1132 61.39 -11.96 -109.21
C GLY A 1132 61.82 -13.30 -108.62
N THR A 1133 61.92 -14.29 -109.51
CA THR A 1133 62.27 -15.65 -109.11
C THR A 1133 63.77 -15.90 -109.11
N GLU A 1134 64.58 -14.99 -109.62
CA GLU A 1134 66.01 -15.19 -109.77
C GLU A 1134 66.74 -14.49 -108.62
N LEU A 1135 67.61 -15.24 -107.94
CA LEU A 1135 68.42 -14.69 -106.86
C LEU A 1135 69.51 -13.81 -107.48
N ASN A 1136 69.31 -12.50 -107.45
CA ASN A 1136 70.30 -11.54 -107.93
C ASN A 1136 70.38 -10.38 -106.94
N TRP A 1137 71.17 -9.37 -107.30
CA TRP A 1137 71.35 -8.23 -106.40
C TRP A 1137 70.04 -7.48 -106.19
N LEU A 1138 69.23 -7.33 -107.23
CA LEU A 1138 67.95 -6.66 -107.07
C LEU A 1138 67.00 -7.49 -106.22
N GLN A 1139 67.01 -8.81 -106.42
CA GLN A 1139 66.22 -9.70 -105.58
C GLN A 1139 66.60 -9.56 -104.12
N ALA A 1140 67.90 -9.48 -103.85
CA ALA A 1140 68.36 -9.25 -102.48
C ALA A 1140 67.88 -7.89 -101.97
N PHE A 1141 68.10 -6.84 -102.75
CA PHE A 1141 67.84 -5.48 -102.29
C PHE A 1141 66.37 -5.20 -102.06
N ILE A 1142 65.46 -5.94 -102.70
CA ILE A 1142 64.03 -5.82 -102.45
C ILE A 1142 63.55 -6.83 -101.40
N SER A 1143 63.93 -8.10 -101.56
CA SER A 1143 63.35 -9.16 -100.74
C SER A 1143 63.78 -9.05 -99.28
N THR A 1144 65.07 -8.83 -99.03
CA THR A 1144 65.56 -8.85 -97.65
C THR A 1144 64.91 -7.74 -96.85
N ASP A 1145 64.46 -8.08 -95.65
CA ASP A 1145 63.69 -7.17 -94.80
C ASP A 1145 64.59 -6.32 -93.90
N ARG A 1146 65.90 -6.38 -94.08
CA ARG A 1146 66.83 -5.60 -93.27
C ARG A 1146 68.01 -5.18 -94.10
N ILE A 1147 68.59 -4.04 -93.72
CA ILE A 1147 69.84 -3.54 -94.28
C ILE A 1147 70.78 -3.25 -93.13
N VAL A 1148 72.07 -3.14 -93.45
CA VAL A 1148 73.12 -2.91 -92.46
C VAL A 1148 73.55 -1.46 -92.59
N GLN A 1149 73.32 -0.69 -91.54
CA GLN A 1149 73.81 0.68 -91.40
C GLN A 1149 74.91 0.62 -90.34
N GLY A 1150 76.16 0.68 -90.78
CA GLY A 1150 77.27 0.46 -89.88
C GLY A 1150 77.23 -0.94 -89.31
N SER A 1151 76.88 -1.05 -88.03
CA SER A 1151 76.70 -2.34 -87.37
C SER A 1151 75.28 -2.52 -86.85
N LYS A 1152 74.31 -1.85 -87.45
CA LYS A 1152 72.92 -1.87 -87.01
C LYS A 1152 72.04 -2.45 -88.12
N HIS A 1153 71.09 -3.29 -87.73
CA HIS A 1153 70.12 -3.87 -88.65
C HIS A 1153 68.88 -2.98 -88.65
N VAL A 1154 68.65 -2.28 -89.77
CA VAL A 1154 67.54 -1.35 -89.91
C VAL A 1154 66.55 -1.92 -90.91
N SER A 1155 65.29 -1.54 -90.75
CA SER A 1155 64.27 -1.98 -91.70
C SER A 1155 64.58 -1.45 -93.09
N ASN A 1156 64.28 -2.26 -94.09
CA ASN A 1156 64.55 -1.87 -95.48
C ASN A 1156 63.60 -0.76 -95.89
N PRO A 1157 64.09 0.43 -96.29
CA PRO A 1157 63.16 1.47 -96.75
C PRO A 1157 62.61 1.19 -98.13
N LEU A 1158 63.19 0.24 -98.86
CA LEU A 1158 62.71 -0.04 -100.21
C LEU A 1158 61.30 -0.60 -100.18
N HIS A 1159 60.93 -1.32 -99.12
CA HIS A 1159 59.56 -1.78 -98.99
C HIS A 1159 58.58 -0.62 -98.97
N ASP A 1160 58.85 0.38 -98.15
CA ASP A 1160 57.94 1.53 -98.06
C ASP A 1160 58.00 2.36 -99.34
N ILE A 1161 59.17 2.47 -99.97
CA ILE A 1161 59.28 3.24 -101.20
C ILE A 1161 58.51 2.57 -102.32
N LEU A 1162 58.67 1.25 -102.48
CA LEU A 1162 58.05 0.50 -103.55
C LEU A 1162 56.66 -0.01 -103.18
N THR A 1163 56.11 0.43 -102.05
CA THR A 1163 54.73 0.09 -101.74
C THR A 1163 53.82 0.50 -102.89
N PRO A 1164 52.77 -0.27 -103.19
CA PRO A 1164 51.98 0.02 -104.40
C PRO A 1164 51.32 1.40 -104.31
N ALA A 1165 51.26 2.07 -105.45
CA ALA A 1165 50.68 3.40 -105.56
C ALA A 1165 49.75 3.43 -106.77
N LYS A 1166 48.74 4.29 -106.69
CA LYS A 1166 47.77 4.40 -107.76
C LYS A 1166 48.39 5.02 -109.00
N HIS A 1167 48.17 4.41 -110.16
CA HIS A 1167 48.67 4.92 -111.43
C HIS A 1167 50.20 5.06 -111.40
N SER A 1168 50.87 4.01 -110.92
CA SER A 1168 52.32 3.96 -110.81
C SER A 1168 52.86 2.88 -111.72
N LYS A 1169 54.01 3.17 -112.33
CA LYS A 1169 54.65 2.26 -113.27
C LYS A 1169 56.02 1.89 -112.72
N VAL A 1170 56.52 0.71 -113.10
CA VAL A 1170 57.85 0.26 -112.69
C VAL A 1170 58.46 -0.53 -113.84
N THR A 1171 59.60 -0.05 -114.35
CA THR A 1171 60.33 -0.71 -115.43
C THR A 1171 61.56 -1.39 -114.85
N ILE A 1172 61.72 -2.68 -115.14
CA ILE A 1172 62.89 -3.44 -114.71
C ILE A 1172 63.58 -3.99 -115.95
N ASP A 1173 64.86 -3.67 -116.11
CA ASP A 1173 65.63 -4.15 -117.25
C ASP A 1173 65.97 -5.62 -117.06
N LYS A 1174 65.76 -6.41 -118.12
CA LYS A 1174 66.07 -7.84 -118.03
C LYS A 1174 67.56 -8.08 -117.89
N LYS A 1175 68.38 -7.29 -118.60
CA LYS A 1175 69.82 -7.56 -118.64
C LYS A 1175 70.55 -6.93 -117.46
N THR A 1176 70.44 -5.61 -117.31
CA THR A 1176 71.15 -4.90 -116.26
C THR A 1176 70.42 -4.90 -114.93
N LYS A 1177 69.19 -5.42 -114.87
CA LYS A 1177 68.41 -5.48 -113.63
C LYS A 1177 68.19 -4.10 -113.02
N LYS A 1178 68.21 -3.06 -113.84
CA LYS A 1178 67.98 -1.70 -113.36
C LYS A 1178 66.49 -1.46 -113.20
N LEU A 1179 66.10 -0.99 -112.03
CA LEU A 1179 64.70 -0.73 -111.70
C LEU A 1179 64.45 0.77 -111.74
N THR A 1180 63.28 1.16 -112.24
CA THR A 1180 62.90 2.57 -112.33
C THR A 1180 61.40 2.69 -112.06
N ALA A 1181 61.06 3.39 -110.97
CA ALA A 1181 59.68 3.61 -110.58
C ALA A 1181 59.23 4.99 -111.04
N PHE A 1182 58.08 5.02 -111.72
CA PHE A 1182 57.49 6.23 -112.25
C PHE A 1182 56.18 6.50 -111.52
N GLU A 1183 55.95 7.75 -111.15
CA GLU A 1183 54.71 8.18 -110.53
C GLU A 1183 54.22 9.45 -111.22
N ASN A 1184 52.97 9.81 -110.96
CA ASN A 1184 52.38 10.99 -111.59
C ASN A 1184 52.73 12.25 -110.81
N ILE A 1185 53.22 13.25 -111.55
CA ILE A 1185 53.52 14.56 -111.01
C ILE A 1185 52.92 15.58 -111.97
N LYS A 1186 51.98 16.38 -111.48
CA LYS A 1186 51.35 17.43 -112.28
C LYS A 1186 50.76 16.88 -113.57
N GLY A 1187 50.24 15.66 -113.51
CA GLY A 1187 49.60 15.03 -114.64
C GLY A 1187 50.53 14.29 -115.60
N ASP A 1188 51.83 14.24 -115.31
CA ASP A 1188 52.79 13.57 -116.19
C ASP A 1188 53.53 12.48 -115.42
N LEU A 1189 53.78 11.36 -116.08
CA LEU A 1189 54.47 10.22 -115.49
C LEU A 1189 55.97 10.47 -115.53
N LEU A 1190 56.59 10.59 -114.36
CA LEU A 1190 58.02 10.86 -114.25
C LEU A 1190 58.67 9.92 -113.27
N PRO A 1191 59.97 9.62 -113.44
CA PRO A 1191 60.64 8.68 -112.53
C PRO A 1191 60.90 9.32 -111.17
N VAL A 1192 60.82 8.49 -110.13
CA VAL A 1192 61.07 8.95 -108.77
C VAL A 1192 62.11 8.09 -108.07
N VAL A 1193 62.28 6.86 -108.53
CA VAL A 1193 63.25 5.94 -107.93
C VAL A 1193 64.02 5.25 -109.04
N GLU A 1194 65.35 5.33 -109.01
CA GLU A 1194 66.19 4.46 -109.81
C GLU A 1194 67.01 3.58 -108.88
N ILE A 1195 67.13 2.30 -109.23
CA ILE A 1195 68.02 1.36 -108.55
C ILE A 1195 68.88 0.75 -109.63
N GLU A 1196 70.20 0.95 -109.55
CA GLU A 1196 71.10 0.43 -110.56
C GLU A 1196 72.36 -0.11 -109.87
N LEU A 1197 73.08 -0.95 -110.60
CA LEU A 1197 74.35 -1.51 -110.14
C LEU A 1197 75.47 -0.69 -110.77
N VAL A 1198 75.97 0.31 -110.04
CA VAL A 1198 77.01 1.18 -110.57
C VAL A 1198 78.33 0.44 -110.67
N LYS A 1199 78.66 -0.38 -109.67
CA LYS A 1199 79.89 -1.14 -109.59
C LYS A 1199 79.53 -2.60 -109.30
N PRO A 1200 80.46 -3.54 -109.53
CA PRO A 1200 80.10 -4.96 -109.43
C PRO A 1200 79.48 -5.38 -108.10
N ASN A 1201 79.71 -4.62 -107.02
CA ASN A 1201 79.17 -4.94 -105.71
C ASN A 1201 78.59 -3.71 -105.02
N THR A 1202 78.29 -2.65 -105.78
CA THR A 1202 77.72 -1.42 -105.24
C THR A 1202 76.38 -1.15 -105.91
N ILE A 1203 75.35 -0.95 -105.09
CA ILE A 1203 74.00 -0.68 -105.57
C ILE A 1203 73.68 0.78 -105.25
N GLN A 1204 73.27 1.54 -106.26
CA GLN A 1204 72.92 2.94 -106.11
C GLN A 1204 71.40 3.06 -106.17
N LEU A 1205 70.82 3.61 -105.11
CA LEU A 1205 69.39 3.92 -105.03
C LEU A 1205 69.26 5.43 -105.04
N SER A 1206 68.68 5.97 -106.11
CA SER A 1206 68.55 7.39 -106.33
C SER A 1206 67.08 7.79 -106.27
N LEU A 1207 66.75 8.68 -105.33
CA LEU A 1207 65.42 9.27 -105.25
C LEU A 1207 65.43 10.61 -105.96
N ILE A 1208 64.60 10.74 -106.99
CA ILE A 1208 64.55 11.92 -107.84
C ILE A 1208 63.44 12.83 -107.33
N GLU A 1209 63.74 14.13 -107.26
CA GLU A 1209 62.75 15.15 -106.95
C GLU A 1209 62.71 16.14 -108.11
N HIS A 1210 61.53 16.31 -108.70
CA HIS A 1210 61.37 17.17 -109.87
C HIS A 1210 60.87 18.56 -109.52
N ARG A 1211 60.27 18.75 -108.35
CA ARG A 1211 59.82 20.07 -107.90
C ARG A 1211 61.01 20.75 -107.24
N THR A 1212 61.81 21.44 -108.04
CA THR A 1212 63.05 22.07 -107.61
C THR A 1212 62.96 23.57 -107.83
N ALA A 1213 63.94 24.29 -107.27
CA ALA A 1213 64.00 25.73 -107.47
C ALA A 1213 64.21 26.08 -108.94
N ASP A 1214 65.12 25.39 -109.61
CA ASP A 1214 65.43 25.64 -111.02
C ASP A 1214 64.65 24.74 -111.97
N THR A 1215 63.77 23.88 -111.46
CA THR A 1215 62.97 22.92 -112.21
C THR A 1215 63.80 21.76 -112.77
N ASN A 1216 65.11 21.76 -112.58
CA ASN A 1216 65.94 20.66 -113.04
C ASN A 1216 65.84 19.51 -112.04
N PRO A 1217 65.51 18.28 -112.47
CA PRO A 1217 65.43 17.19 -111.49
C PRO A 1217 66.77 16.91 -110.84
N VAL A 1218 66.72 16.58 -109.56
CA VAL A 1218 67.92 16.29 -108.77
C VAL A 1218 67.74 14.94 -108.10
N ALA A 1219 68.78 14.12 -108.13
CA ALA A 1219 68.76 12.76 -107.61
C ALA A 1219 69.55 12.69 -106.32
N LEU A 1220 69.04 11.90 -105.35
CA LEU A 1220 69.71 11.69 -104.08
C LEU A 1220 70.23 10.26 -104.02
N PRO A 1221 71.48 10.00 -104.40
CA PRO A 1221 71.95 8.61 -104.47
C PRO A 1221 72.24 8.03 -103.09
N PHE A 1222 71.77 6.81 -102.87
CA PHE A 1222 72.11 6.02 -101.69
C PHE A 1222 72.92 4.82 -102.16
N LEU A 1223 74.13 4.68 -101.63
CA LEU A 1223 75.04 3.62 -102.04
C LEU A 1223 74.94 2.46 -101.06
N TYR A 1224 74.74 1.26 -101.60
CA TYR A 1224 74.69 0.04 -100.82
C TYR A 1224 75.67 -0.97 -101.39
N LYS A 1225 76.62 -1.40 -100.57
CA LYS A 1225 77.50 -2.50 -100.93
C LYS A 1225 76.70 -3.79 -100.94
N TYR A 1226 76.89 -4.59 -101.98
CA TYR A 1226 76.29 -5.91 -102.09
C TYR A 1226 77.31 -6.94 -101.63
N ASN A 1227 76.92 -7.75 -100.65
CA ASN A 1227 77.79 -8.76 -100.04
C ASN A 1227 77.10 -10.10 -100.17
N PRO A 1228 77.24 -10.79 -101.32
CA PRO A 1228 76.61 -12.10 -101.47
C PRO A 1228 77.13 -13.14 -100.49
N ALA A 1229 78.30 -12.93 -99.89
CA ALA A 1229 78.83 -13.88 -98.93
C ALA A 1229 77.88 -14.03 -97.73
N ASP A 1230 77.32 -12.92 -97.26
CA ASP A 1230 76.36 -12.93 -96.16
C ASP A 1230 74.97 -12.70 -96.77
N GLY A 1231 74.26 -13.79 -97.03
CA GLY A 1231 72.93 -13.69 -97.59
C GLY A 1231 71.87 -13.33 -96.58
N PHE A 1232 72.19 -13.41 -95.28
CA PHE A 1232 71.23 -12.96 -94.26
C PHE A 1232 71.05 -11.46 -94.32
N ALA A 1233 72.14 -10.71 -94.47
CA ALA A 1233 72.11 -9.26 -94.59
C ALA A 1233 73.04 -8.85 -95.72
N PRO A 1234 72.64 -9.09 -96.98
CA PRO A 1234 73.55 -8.85 -98.11
C PRO A 1234 73.62 -7.41 -98.57
N ILE A 1235 72.90 -6.49 -97.93
CA ILE A 1235 72.88 -5.08 -98.31
C ILE A 1235 73.48 -4.29 -97.16
N LEU A 1236 74.60 -3.62 -97.41
CA LEU A 1236 75.30 -2.82 -96.41
C LEU A 1236 75.38 -1.39 -96.88
N GLU A 1237 74.61 -0.50 -96.25
CA GLU A 1237 74.59 0.90 -96.66
C GLU A 1237 75.94 1.54 -96.38
N ILE A 1238 76.46 2.27 -97.37
CA ILE A 1238 77.73 2.98 -97.23
C ILE A 1238 77.43 4.26 -96.45
N MET A 1239 77.74 4.26 -95.16
CA MET A 1239 77.48 5.43 -94.33
C MET A 1239 78.54 6.51 -94.52
N GLU A 1240 79.64 6.22 -95.22
CA GLU A 1240 80.66 7.22 -95.44
C GLU A 1240 80.17 8.26 -96.44
N ASP A 1241 80.21 9.53 -96.03
CA ASP A 1241 79.80 10.66 -96.85
C ASP A 1241 78.30 10.68 -97.12
N ARG A 1242 77.51 9.85 -96.41
CA ARG A 1242 76.08 9.82 -96.63
C ARG A 1242 75.44 11.16 -96.27
N ASN A 1243 75.81 11.72 -95.12
CA ASN A 1243 75.28 13.01 -94.72
C ASN A 1243 75.69 14.10 -95.71
N GLU A 1244 76.92 14.03 -96.22
CA GLU A 1244 77.36 15.02 -97.20
C GLU A 1244 76.59 14.91 -98.50
N ARG A 1245 76.31 13.68 -98.95
CA ARG A 1245 75.50 13.51 -100.15
C ARG A 1245 74.10 14.07 -99.96
N ILE A 1246 73.50 13.79 -98.81
CA ILE A 1246 72.16 14.31 -98.54
C ILE A 1246 72.20 15.83 -98.45
N LYS A 1247 73.29 16.37 -97.90
CA LYS A 1247 73.44 17.83 -97.82
C LYS A 1247 73.58 18.44 -99.20
N GLU A 1248 74.31 17.78 -100.11
CA GLU A 1248 74.40 18.28 -101.48
C GLU A 1248 73.03 18.27 -102.15
N PHE A 1249 72.25 17.20 -101.92
CA PHE A 1249 70.92 17.13 -102.49
C PHE A 1249 70.03 18.27 -101.98
N TYR A 1250 70.04 18.50 -100.65
CA TYR A 1250 69.21 19.56 -100.10
C TYR A 1250 69.70 20.94 -100.51
N TRP A 1251 71.02 21.10 -100.66
CA TRP A 1251 71.55 22.36 -101.18
C TRP A 1251 71.06 22.62 -102.58
N LYS A 1252 71.11 21.61 -103.45
CA LYS A 1252 70.60 21.78 -104.81
C LYS A 1252 69.11 22.09 -104.80
N LEU A 1253 68.36 21.48 -103.89
CA LEU A 1253 66.93 21.77 -103.81
C LEU A 1253 66.66 23.21 -103.42
N TRP A 1254 67.25 23.65 -102.30
CA TRP A 1254 66.87 24.95 -101.75
C TRP A 1254 67.52 26.10 -102.50
N PHE A 1255 68.77 25.94 -102.93
CA PHE A 1255 69.51 27.01 -103.58
C PHE A 1255 69.63 26.85 -105.08
N GLY A 1256 69.33 25.66 -105.60
CA GLY A 1256 69.41 25.41 -107.03
C GLY A 1256 70.70 24.69 -107.40
N SER A 1257 70.66 24.00 -108.54
CA SER A 1257 71.83 23.26 -109.01
C SER A 1257 72.97 24.19 -109.39
N SER A 1258 72.65 25.38 -109.93
CA SER A 1258 73.69 26.30 -110.36
C SER A 1258 74.55 26.77 -109.19
N VAL A 1259 73.92 27.03 -108.04
CA VAL A 1259 74.67 27.54 -106.89
C VAL A 1259 75.65 26.45 -106.42
N PRO A 1260 76.94 26.73 -106.26
CA PRO A 1260 77.87 25.65 -105.89
C PRO A 1260 77.67 25.22 -104.44
N TYR A 1261 77.92 23.94 -104.19
CA TYR A 1261 77.83 23.42 -102.83
C TYR A 1261 79.09 23.80 -102.05
N SER A 1262 78.89 24.28 -100.83
CA SER A 1262 80.00 24.69 -99.97
C SER A 1262 79.56 24.58 -98.53
N ASN A 1263 80.17 23.65 -97.79
CA ASN A 1263 79.86 23.42 -96.39
C ASN A 1263 80.92 23.99 -95.45
N ASP A 1264 81.85 24.81 -95.96
CA ASP A 1264 82.85 25.46 -95.13
C ASP A 1264 82.35 26.73 -94.46
N ILE A 1265 81.17 26.65 -93.84
CA ILE A 1265 80.52 27.81 -93.25
C ILE A 1265 80.91 27.90 -91.78
N ASN A 1266 81.38 29.07 -91.36
CA ASN A 1266 81.74 29.30 -89.97
C ASN A 1266 80.50 29.59 -89.15
N VAL A 1267 80.27 28.80 -88.10
CA VAL A 1267 79.08 28.98 -87.28
C VAL A 1267 79.15 30.32 -86.54
N GLU A 1268 80.35 30.74 -86.13
CA GLU A 1268 80.50 31.97 -85.37
C GLU A 1268 80.22 33.23 -86.19
N LYS A 1269 80.13 33.11 -87.51
CA LYS A 1269 79.92 34.26 -88.38
C LYS A 1269 78.48 34.27 -88.91
N ALA A 1270 77.90 35.45 -88.98
CA ALA A 1270 76.54 35.59 -89.48
C ALA A 1270 76.48 35.25 -90.96
N ILE A 1271 75.35 34.68 -91.37
CA ILE A 1271 75.11 34.26 -92.75
C ILE A 1271 74.33 35.35 -93.46
N LEU A 1272 74.86 35.86 -94.56
CA LEU A 1272 74.26 36.95 -95.30
C LEU A 1272 73.37 36.39 -96.41
N GLY A 1273 72.09 36.75 -96.39
CA GLY A 1273 71.17 36.35 -97.43
C GLY A 1273 71.06 37.40 -98.54
N ASP A 1274 70.25 37.06 -99.54
CA ASP A 1274 70.09 37.93 -100.69
C ASP A 1274 69.14 39.07 -100.40
N GLU A 1275 69.36 40.19 -101.08
CA GLU A 1275 68.47 41.34 -100.98
C GLU A 1275 67.24 41.10 -101.83
N ILE A 1276 66.06 41.26 -101.23
CA ILE A 1276 64.79 40.96 -101.88
C ILE A 1276 63.91 42.19 -101.83
N THR A 1277 63.30 42.53 -102.96
CA THR A 1277 62.32 43.60 -103.05
C THR A 1277 60.91 43.00 -103.01
N ILE A 1278 60.13 43.43 -102.02
CA ILE A 1278 58.77 42.90 -101.87
C ILE A 1278 57.89 43.46 -102.98
N SER A 1279 57.00 42.63 -103.50
CA SER A 1279 56.11 43.00 -104.59
C SER A 1279 54.68 42.60 -104.27
N SER A 1280 53.74 43.32 -104.88
CA SER A 1280 52.32 43.02 -104.67
C SER A 1280 51.99 41.61 -105.14
N GLN A 1281 52.57 41.19 -106.27
CA GLN A 1281 52.32 39.84 -106.78
C GLN A 1281 52.80 38.79 -105.78
N THR A 1282 54.00 38.97 -105.24
CA THR A 1282 54.52 38.02 -104.26
C THR A 1282 53.65 37.99 -103.00
N ILE A 1283 53.24 39.17 -102.53
CA ILE A 1283 52.41 39.23 -101.32
C ILE A 1283 51.09 38.51 -101.55
N SER A 1284 50.44 38.78 -102.70
CA SER A 1284 49.15 38.17 -102.98
C SER A 1284 49.29 36.66 -103.10
N GLU A 1285 50.31 36.18 -103.82
CA GLU A 1285 50.50 34.75 -103.99
C GLU A 1285 50.73 34.07 -102.65
N PHE A 1286 51.60 34.64 -101.81
CA PHE A 1286 51.88 34.03 -100.52
C PHE A 1286 50.64 34.04 -99.62
N THR A 1287 49.93 35.17 -99.58
CA THR A 1287 48.76 35.25 -98.71
C THR A 1287 47.70 34.24 -99.13
N HIS A 1288 47.45 34.12 -100.44
CA HIS A 1288 46.42 33.19 -100.88
C HIS A 1288 46.88 31.75 -100.66
N ALA A 1289 48.19 31.51 -100.77
CA ALA A 1289 48.71 30.17 -100.48
C ALA A 1289 48.49 29.79 -99.03
N ILE A 1290 48.74 30.72 -98.10
CA ILE A 1290 48.57 30.41 -96.67
C ILE A 1290 47.12 30.55 -96.22
N GLY A 1291 46.23 31.08 -97.05
CA GLY A 1291 44.85 31.25 -96.65
C GLY A 1291 44.62 32.45 -95.77
N ASN A 1292 45.42 33.49 -95.89
CA ASN A 1292 45.24 34.71 -95.11
C ASN A 1292 44.35 35.67 -95.89
N LYS A 1293 43.26 36.12 -95.26
CA LYS A 1293 42.30 37.03 -95.89
C LYS A 1293 42.28 38.40 -95.22
N CYS A 1294 43.40 38.84 -94.66
CA CYS A 1294 43.46 40.15 -94.04
C CYS A 1294 43.49 41.24 -95.11
N ASP A 1295 42.65 42.26 -94.92
CA ASP A 1295 42.58 43.35 -95.88
C ASP A 1295 43.86 44.18 -95.94
N ALA A 1296 44.73 44.07 -94.93
CA ALA A 1296 45.98 44.81 -94.94
C ALA A 1296 46.93 44.35 -96.03
N PHE A 1297 46.74 43.16 -96.59
CA PHE A 1297 47.64 42.60 -97.59
C PHE A 1297 47.11 42.68 -99.02
N VAL A 1298 45.83 43.00 -99.21
CA VAL A 1298 45.28 43.17 -100.55
C VAL A 1298 45.60 44.57 -101.04
N ASP A 1299 45.74 44.72 -102.36
CA ASP A 1299 46.21 45.97 -102.95
C ASP A 1299 45.05 46.94 -103.10
N ARG A 1300 44.80 47.71 -102.04
CA ARG A 1300 43.88 48.83 -102.10
C ARG A 1300 44.67 50.10 -102.42
N PRO A 1301 44.33 50.86 -103.46
CA PRO A 1301 45.14 52.05 -103.78
C PRO A 1301 45.11 53.05 -102.64
N GLY A 1302 46.26 53.70 -102.42
CA GLY A 1302 46.37 54.72 -101.40
C GLY A 1302 46.28 54.22 -99.98
N LYS A 1303 46.68 52.97 -99.74
CA LYS A 1303 46.66 52.40 -98.40
C LYS A 1303 48.00 51.78 -97.98
N ALA A 1304 48.99 51.74 -98.86
CA ALA A 1304 50.31 51.19 -98.53
C ALA A 1304 50.21 49.74 -98.08
N THR A 1305 49.81 48.89 -99.02
CA THR A 1305 49.62 47.46 -98.78
C THR A 1305 50.79 46.84 -98.04
N LEU A 1306 50.47 46.13 -96.95
CA LEU A 1306 51.47 45.50 -96.10
C LEU A 1306 51.69 44.05 -96.51
N ALA A 1307 52.80 43.48 -96.00
CA ALA A 1307 53.13 42.08 -96.21
C ALA A 1307 52.97 41.31 -94.89
N PRO A 1308 52.55 40.04 -94.92
CA PRO A 1308 52.32 39.31 -93.67
C PRO A 1308 53.62 39.04 -92.94
N MET A 1309 53.51 38.88 -91.61
CA MET A 1309 54.71 38.57 -90.82
C MET A 1309 55.29 37.22 -91.22
N ASP A 1310 54.47 36.33 -91.77
CA ASP A 1310 54.97 35.04 -92.23
C ASP A 1310 55.76 35.15 -93.52
N PHE A 1311 55.67 36.27 -94.23
CA PHE A 1311 56.58 36.50 -95.34
C PHE A 1311 58.02 36.67 -94.86
N ALA A 1312 58.22 36.86 -93.56
CA ALA A 1312 59.58 36.91 -93.02
C ALA A 1312 60.33 35.62 -93.29
N ILE A 1313 59.66 34.47 -93.13
CA ILE A 1313 60.33 33.20 -93.42
C ILE A 1313 60.62 33.09 -94.91
N VAL A 1314 59.78 33.69 -95.75
CA VAL A 1314 60.07 33.70 -97.19
C VAL A 1314 61.33 34.51 -97.45
N ILE A 1315 61.45 35.68 -96.82
CA ILE A 1315 62.64 36.51 -97.04
C ILE A 1315 63.88 35.79 -96.53
N GLY A 1316 63.80 35.20 -95.34
CA GLY A 1316 64.95 34.64 -94.66
C GLY A 1316 65.11 33.14 -94.74
N TRP A 1317 64.44 32.48 -95.69
CA TRP A 1317 64.57 31.03 -95.78
C TRP A 1317 65.98 30.61 -96.15
N LYS A 1318 66.58 31.30 -97.12
CA LYS A 1318 67.93 30.95 -97.55
C LYS A 1318 68.92 31.07 -96.39
N ALA A 1319 68.94 32.23 -95.73
CA ALA A 1319 69.91 32.45 -94.67
C ALA A 1319 69.66 31.53 -93.48
N ILE A 1320 68.39 31.36 -93.09
CA ILE A 1320 68.09 30.54 -91.92
C ILE A 1320 68.44 29.08 -92.19
N ILE A 1321 68.10 28.58 -93.38
CA ILE A 1321 68.33 27.18 -93.68
C ILE A 1321 69.79 26.91 -94.03
N LYS A 1322 70.56 27.94 -94.37
CA LYS A 1322 71.99 27.76 -94.60
C LYS A 1322 72.76 27.46 -93.32
N ALA A 1323 72.13 27.59 -92.16
CA ALA A 1323 72.81 27.42 -90.87
C ALA A 1323 72.85 25.97 -90.39
N ILE A 1324 72.09 25.06 -91.01
CA ILE A 1324 72.14 23.64 -90.64
C ILE A 1324 73.12 22.85 -91.50
N PHE A 1325 73.58 23.42 -92.61
CA PHE A 1325 74.58 22.83 -93.50
C PHE A 1325 76.02 22.76 -92.98
N PRO A 1326 76.50 23.64 -92.07
CA PRO A 1326 77.93 23.64 -91.75
C PRO A 1326 78.44 22.29 -91.27
N LYS A 1327 79.68 21.98 -91.67
CA LYS A 1327 80.28 20.69 -91.33
C LYS A 1327 80.34 20.47 -89.83
N SER A 1328 80.51 21.54 -89.05
CA SER A 1328 80.47 21.41 -87.60
C SER A 1328 79.11 20.92 -87.13
N VAL A 1329 78.05 21.22 -87.88
CA VAL A 1329 76.71 20.71 -87.61
C VAL A 1329 76.42 19.58 -88.58
N ASP A 1330 76.72 18.34 -88.17
CA ASP A 1330 76.58 17.16 -89.00
C ASP A 1330 75.38 16.34 -88.55
N GLY A 1331 74.54 15.97 -89.50
CA GLY A 1331 73.38 15.16 -89.20
C GLY A 1331 72.64 14.77 -90.46
N ASP A 1332 71.57 14.01 -90.26
CA ASP A 1332 70.74 13.52 -91.36
C ASP A 1332 69.63 14.52 -91.64
N LEU A 1333 69.69 15.18 -92.79
CA LEU A 1333 68.68 16.17 -93.13
C LEU A 1333 67.32 15.52 -93.35
N LEU A 1334 67.29 14.28 -93.84
CA LEU A 1334 66.02 13.59 -94.03
C LEU A 1334 65.31 13.38 -92.71
N LYS A 1335 66.06 13.23 -91.61
CA LYS A 1335 65.49 13.12 -90.28
C LYS A 1335 65.38 14.47 -89.58
N LEU A 1336 65.75 15.57 -90.25
CA LEU A 1336 65.53 16.89 -89.69
C LEU A 1336 64.05 17.15 -89.51
N VAL A 1337 63.69 17.78 -88.40
CA VAL A 1337 62.33 18.25 -88.17
C VAL A 1337 62.40 19.70 -87.71
N HIS A 1338 61.49 20.51 -88.22
CA HIS A 1338 61.33 21.87 -87.71
C HIS A 1338 60.57 21.77 -86.39
N LEU A 1339 61.24 22.11 -85.28
CA LEU A 1339 60.61 21.99 -83.98
C LEU A 1339 59.76 23.22 -83.66
N SER A 1340 60.28 24.41 -83.95
CA SER A 1340 59.62 25.64 -83.53
C SER A 1340 60.06 26.77 -84.43
N ASN A 1341 59.16 27.76 -84.58
CA ASN A 1341 59.46 28.97 -85.31
C ASN A 1341 58.76 30.14 -84.65
N GLY A 1342 59.46 31.27 -84.54
CA GLY A 1342 58.89 32.45 -83.92
C GLY A 1342 59.37 33.70 -84.61
N TYR A 1343 58.52 34.73 -84.57
CA TYR A 1343 58.82 36.04 -85.10
C TYR A 1343 58.66 37.07 -84.00
N LYS A 1344 59.56 38.04 -83.99
CA LYS A 1344 59.50 39.15 -83.04
C LYS A 1344 59.69 40.45 -83.81
N MET A 1345 58.68 41.32 -83.77
CA MET A 1345 58.81 42.67 -84.28
C MET A 1345 59.76 43.45 -83.39
N ILE A 1346 60.66 44.23 -84.01
CA ILE A 1346 61.46 45.18 -83.25
C ILE A 1346 60.56 46.32 -82.78
N THR A 1347 60.86 46.85 -81.60
CA THR A 1347 60.08 47.96 -81.07
C THR A 1347 60.19 49.17 -81.99
N GLY A 1348 59.04 49.75 -82.34
CA GLY A 1348 59.02 50.92 -83.19
C GLY A 1348 59.29 50.65 -84.66
N ALA A 1349 59.36 49.38 -85.07
CA ALA A 1349 59.58 49.01 -86.45
C ALA A 1349 58.24 48.77 -87.13
N ALA A 1350 58.01 49.46 -88.24
CA ALA A 1350 56.75 49.31 -88.95
C ALA A 1350 56.71 47.95 -89.67
N PRO A 1351 55.52 47.44 -89.96
CA PRO A 1351 55.43 46.17 -90.68
C PRO A 1351 55.99 46.30 -92.09
N LEU A 1352 56.37 45.16 -92.66
CA LEU A 1352 56.86 45.12 -94.03
C LEU A 1352 55.75 45.56 -94.98
N LYS A 1353 56.13 46.35 -95.99
CA LYS A 1353 55.18 46.90 -96.94
C LYS A 1353 55.71 46.71 -98.36
N LYS A 1354 54.83 46.93 -99.33
CA LYS A 1354 55.18 46.78 -100.73
C LYS A 1354 56.30 47.74 -101.10
N GLY A 1355 57.22 47.26 -101.93
CA GLY A 1355 58.37 48.04 -102.34
C GLY A 1355 59.53 48.02 -101.38
N ASP A 1356 59.40 47.35 -100.24
CA ASP A 1356 60.49 47.30 -99.27
C ASP A 1356 61.64 46.46 -99.81
N VAL A 1357 62.85 46.98 -99.66
CA VAL A 1357 64.08 46.24 -99.97
C VAL A 1357 64.61 45.71 -98.64
N VAL A 1358 64.61 44.39 -98.49
CA VAL A 1358 64.92 43.73 -97.23
C VAL A 1358 66.09 42.79 -97.43
N SER A 1359 67.03 42.82 -96.49
CA SER A 1359 68.17 41.93 -96.47
C SER A 1359 68.20 41.18 -95.14
N THR A 1360 68.49 39.88 -95.20
CA THR A 1360 68.41 39.01 -94.03
C THR A 1360 69.81 38.58 -93.61
N LYS A 1361 70.06 38.62 -92.29
CA LYS A 1361 71.30 38.15 -91.70
C LYS A 1361 70.97 37.08 -90.67
N ALA A 1362 71.51 35.88 -90.87
CA ALA A 1362 71.20 34.74 -90.01
C ALA A 1362 72.42 34.41 -89.15
N GLU A 1363 72.17 34.07 -87.90
CA GLU A 1363 73.21 33.73 -86.94
C GLU A 1363 72.77 32.47 -86.19
N ILE A 1364 73.70 31.55 -85.99
CA ILE A 1364 73.43 30.32 -85.26
C ILE A 1364 73.54 30.63 -83.78
N LYS A 1365 72.40 30.62 -83.08
CA LYS A 1365 72.42 30.91 -81.64
C LYS A 1365 72.97 29.73 -80.85
N ALA A 1366 72.59 28.51 -81.20
CA ALA A 1366 72.96 27.36 -80.40
C ALA A 1366 73.01 26.10 -81.26
N VAL A 1367 73.92 25.20 -80.90
CA VAL A 1367 73.98 23.84 -81.43
C VAL A 1367 74.22 22.93 -80.23
N LEU A 1368 73.26 22.07 -79.94
CA LEU A 1368 73.28 21.24 -78.74
C LEU A 1368 73.03 19.79 -79.13
N ASN A 1369 73.49 18.85 -78.30
CA ASN A 1369 73.10 17.45 -78.41
C ASN A 1369 72.20 17.10 -77.23
N GLN A 1370 70.92 16.91 -77.51
CA GLN A 1370 69.93 16.40 -76.57
C GLN A 1370 69.69 14.92 -76.85
N PRO A 1371 69.08 14.18 -75.91
CA PRO A 1371 68.84 12.75 -76.17
C PRO A 1371 68.01 12.50 -77.41
N SER A 1372 67.13 13.42 -77.78
CA SER A 1372 66.33 13.25 -78.99
C SER A 1372 67.10 13.57 -80.27
N GLY A 1373 68.20 14.30 -80.18
CA GLY A 1373 68.97 14.62 -81.35
C GLY A 1373 69.73 15.93 -81.19
N LYS A 1374 70.26 16.42 -82.30
CA LYS A 1374 71.04 17.65 -82.32
C LYS A 1374 70.11 18.81 -82.63
N LEU A 1375 69.99 19.73 -81.68
CA LEU A 1375 69.13 20.91 -81.81
C LEU A 1375 69.95 22.09 -82.31
N VAL A 1376 69.43 22.77 -83.33
CA VAL A 1376 70.10 23.90 -83.95
C VAL A 1376 69.13 25.09 -83.92
N GLU A 1377 69.56 26.17 -83.27
CA GLU A 1377 68.81 27.41 -83.16
C GLU A 1377 69.41 28.44 -84.10
N VAL A 1378 68.58 29.04 -84.95
CA VAL A 1378 69.03 30.01 -85.93
C VAL A 1378 68.12 31.22 -85.86
N VAL A 1379 68.70 32.40 -85.71
CA VAL A 1379 67.96 33.66 -85.66
C VAL A 1379 68.34 34.48 -86.88
N GLY A 1380 67.35 34.79 -87.71
CA GLY A 1380 67.53 35.63 -88.87
C GLY A 1380 66.89 36.99 -88.66
N THR A 1381 67.71 38.03 -88.59
CA THR A 1381 67.24 39.40 -88.45
C THR A 1381 67.08 39.98 -89.85
N ILE A 1382 65.91 40.53 -90.12
CA ILE A 1382 65.66 41.22 -91.38
C ILE A 1382 65.98 42.69 -91.18
N TYR A 1383 66.51 43.32 -92.23
CA TYR A 1383 66.92 44.71 -92.22
C TYR A 1383 66.30 45.43 -93.41
N ARG A 1384 65.67 46.56 -93.12
CA ARG A 1384 65.14 47.47 -94.13
C ARG A 1384 65.90 48.78 -94.01
N GLU A 1385 66.35 49.30 -95.16
CA GLU A 1385 67.24 50.48 -95.25
C GLU A 1385 68.34 50.47 -94.18
N GLY A 1386 68.90 49.29 -93.91
CA GLY A 1386 69.98 49.16 -92.97
C GLY A 1386 69.57 49.14 -91.51
N LYS A 1387 68.29 49.23 -91.21
CA LYS A 1387 67.78 49.22 -89.84
C LYS A 1387 67.06 47.91 -89.58
N PRO A 1388 67.33 47.21 -88.47
CA PRO A 1388 66.63 45.95 -88.24
C PRO A 1388 65.13 46.19 -88.08
N VAL A 1389 64.35 45.28 -88.66
CA VAL A 1389 62.89 45.34 -88.59
C VAL A 1389 62.32 44.24 -87.71
N MET A 1390 62.92 43.04 -87.74
CA MET A 1390 62.29 41.88 -87.14
C MET A 1390 63.31 40.76 -86.99
N GLU A 1391 62.99 39.82 -86.11
CA GLU A 1391 63.84 38.68 -85.82
C GLU A 1391 63.02 37.40 -85.98
N VAL A 1392 63.57 36.42 -86.70
CA VAL A 1392 62.91 35.15 -86.96
C VAL A 1392 63.77 34.05 -86.36
N THR A 1393 63.31 33.45 -85.27
CA THR A 1393 64.00 32.35 -84.61
C THR A 1393 63.42 31.03 -85.10
N SER A 1394 64.29 30.07 -85.39
CA SER A 1394 63.89 28.76 -85.89
C SER A 1394 64.71 27.69 -85.20
N GLN A 1395 64.07 26.55 -84.92
CA GLN A 1395 64.72 25.41 -84.31
C GLN A 1395 64.59 24.20 -85.22
N PHE A 1396 65.73 23.57 -85.52
CA PHE A 1396 65.75 22.36 -86.33
C PHE A 1396 66.43 21.25 -85.54
N LEU A 1397 65.76 20.10 -85.44
CA LEU A 1397 66.28 18.96 -84.70
C LEU A 1397 66.67 17.86 -85.67
N TYR A 1398 67.96 17.50 -85.66
CA TYR A 1398 68.48 16.33 -86.35
C TYR A 1398 68.27 15.14 -85.43
N ARG A 1399 67.27 14.31 -85.72
CA ARG A 1399 67.05 13.12 -84.90
C ARG A 1399 68.25 12.18 -84.99
N GLY A 1400 68.55 11.52 -83.87
CA GLY A 1400 69.62 10.56 -83.79
C GLY A 1400 70.42 10.77 -82.52
N GLU A 1401 71.60 10.17 -82.48
CA GLU A 1401 72.53 10.28 -81.37
C GLU A 1401 73.80 10.97 -81.83
N TYR A 1402 74.20 12.00 -81.09
CA TYR A 1402 75.36 12.80 -81.44
C TYR A 1402 76.20 13.03 -80.18
N ASN A 1403 77.50 12.74 -80.29
CA ASN A 1403 78.44 12.86 -79.18
C ASN A 1403 79.51 13.92 -79.44
N ASP A 1404 79.40 14.69 -80.53
CA ASP A 1404 80.43 15.65 -80.90
C ASP A 1404 80.21 16.95 -80.11
N TYR A 1405 80.41 16.84 -78.79
CA TYR A 1405 80.24 18.00 -77.92
C TYR A 1405 81.27 19.09 -78.18
N CYS A 1406 82.35 18.77 -78.88
CA CYS A 1406 83.34 19.80 -79.21
C CYS A 1406 82.75 20.88 -80.11
N ASN A 1407 81.74 20.52 -80.92
CA ASN A 1407 81.16 21.44 -81.89
C ASN A 1407 79.87 22.10 -81.39
N THR A 1408 79.51 21.93 -80.13
CA THR A 1408 78.30 22.52 -79.58
C THR A 1408 78.59 23.88 -78.96
N PHE A 1409 77.54 24.70 -78.91
CA PHE A 1409 77.62 26.00 -78.24
C PHE A 1409 76.20 26.51 -78.06
N GLN A 1410 76.07 27.55 -77.23
CA GLN A 1410 74.77 28.16 -76.97
C GLN A 1410 74.99 29.63 -76.65
N LYS A 1411 74.58 30.49 -77.57
CA LYS A 1411 74.61 31.94 -77.36
C LYS A 1411 73.22 32.37 -76.92
N VAL A 1412 73.11 32.86 -75.68
CA VAL A 1412 71.85 33.29 -75.10
C VAL A 1412 71.97 34.77 -74.77
N THR A 1413 71.22 35.61 -75.49
CA THR A 1413 71.12 37.01 -75.14
C THR A 1413 70.08 37.11 -74.02
N GLU A 1414 70.56 37.31 -72.81
CA GLU A 1414 69.66 37.38 -71.67
C GLU A 1414 68.86 38.68 -71.74
N THR A 1415 67.57 38.58 -71.46
CA THR A 1415 66.73 39.77 -71.51
C THR A 1415 67.21 40.75 -70.44
N PRO A 1416 67.07 42.06 -70.68
CA PRO A 1416 67.53 43.03 -69.68
C PRO A 1416 66.83 42.83 -68.34
N VAL A 1417 67.64 42.71 -67.29
CA VAL A 1417 67.14 42.48 -65.93
C VAL A 1417 67.38 43.75 -65.14
N GLN A 1418 66.32 44.28 -64.52
CA GLN A 1418 66.41 45.49 -63.72
C GLN A 1418 66.56 45.09 -62.26
N VAL A 1419 67.74 45.35 -61.69
CA VAL A 1419 68.05 45.01 -60.32
C VAL A 1419 68.03 46.29 -59.50
N ALA A 1420 67.24 46.29 -58.42
CA ALA A 1420 67.12 47.44 -57.53
C ALA A 1420 67.98 47.18 -56.29
N PHE A 1421 68.88 48.11 -56.00
CA PHE A 1421 69.78 48.02 -54.85
C PHE A 1421 69.36 49.08 -53.85
N LYS A 1422 68.38 48.73 -53.02
CA LYS A 1422 67.84 49.63 -51.99
C LYS A 1422 68.40 49.32 -50.61
N SER A 1423 69.60 48.76 -50.53
CA SER A 1423 70.19 48.43 -49.24
C SER A 1423 71.71 48.36 -49.37
N ALA A 1424 72.38 48.74 -48.28
CA ALA A 1424 73.83 48.62 -48.24
C ALA A 1424 74.26 47.17 -48.46
N LYS A 1425 73.48 46.22 -47.96
CA LYS A 1425 73.80 44.81 -48.21
C LYS A 1425 73.62 44.47 -49.69
N ASP A 1426 72.66 45.10 -50.36
CA ASP A 1426 72.49 44.88 -51.79
C ASP A 1426 73.70 45.36 -52.58
N LEU A 1427 74.16 46.58 -52.28
CA LEU A 1427 75.39 47.06 -52.90
C LEU A 1427 76.57 46.16 -52.52
N ALA A 1428 76.58 45.66 -51.29
CA ALA A 1428 77.69 44.82 -50.84
C ALA A 1428 77.75 43.52 -51.63
N VAL A 1429 76.61 42.87 -51.86
CA VAL A 1429 76.61 41.64 -52.62
C VAL A 1429 77.02 41.92 -54.07
N LEU A 1430 76.54 43.04 -54.64
CA LEU A 1430 76.97 43.38 -56.00
C LEU A 1430 78.48 43.55 -56.08
N ARG A 1431 79.08 44.28 -55.13
CA ARG A 1431 80.53 44.45 -55.18
C ARG A 1431 81.27 43.17 -54.84
N SER A 1432 80.65 42.25 -54.10
CA SER A 1432 81.26 40.96 -53.85
C SER A 1432 81.29 40.08 -55.09
N LYS A 1433 80.35 40.27 -56.02
CA LYS A 1433 80.40 39.56 -57.30
C LYS A 1433 81.70 39.92 -58.01
N GLU A 1434 82.54 38.91 -58.27
CA GLU A 1434 83.79 39.17 -58.97
C GLU A 1434 83.57 39.51 -60.43
N TRP A 1435 82.53 38.95 -61.04
CA TRP A 1435 82.26 39.18 -62.46
C TRP A 1435 81.74 40.58 -62.75
N PHE A 1436 81.33 41.34 -61.74
CA PHE A 1436 80.81 42.69 -61.93
C PHE A 1436 81.92 43.69 -61.71
N HIS A 1437 82.12 44.59 -62.68
CA HIS A 1437 83.13 45.64 -62.60
C HIS A 1437 82.44 46.98 -62.80
N LEU A 1438 82.85 47.98 -62.01
CA LEU A 1438 82.31 49.33 -62.11
C LEU A 1438 83.36 50.23 -62.76
N GLU A 1439 83.02 50.76 -63.93
CA GLU A 1439 83.91 51.65 -64.66
C GLU A 1439 83.60 53.12 -64.44
N LYS A 1440 82.40 53.44 -63.96
CA LYS A 1440 82.00 54.80 -63.65
C LYS A 1440 81.54 54.84 -62.19
N ASP A 1441 82.26 55.57 -61.35
CA ASP A 1441 81.94 55.66 -59.93
C ASP A 1441 80.79 56.64 -59.76
N VAL A 1442 79.57 56.12 -59.60
CA VAL A 1442 78.37 56.92 -59.43
C VAL A 1442 77.47 56.25 -58.41
N GLN A 1443 76.49 57.01 -57.92
CA GLN A 1443 75.49 56.50 -57.00
C GLN A 1443 74.27 56.06 -57.81
N PHE A 1444 73.86 54.81 -57.61
CA PHE A 1444 72.72 54.24 -58.31
C PHE A 1444 71.81 53.51 -57.32
N ASP A 1445 70.52 53.55 -57.62
CA ASP A 1445 69.52 52.77 -56.90
C ASP A 1445 68.91 51.66 -57.73
N VAL A 1446 68.94 51.78 -59.06
CA VAL A 1446 68.49 50.72 -59.96
C VAL A 1446 69.48 50.63 -61.11
N LEU A 1447 69.82 49.41 -61.51
CA LEU A 1447 70.67 49.14 -62.66
C LEU A 1447 69.95 48.17 -63.60
N THR A 1448 70.37 48.19 -64.86
CA THR A 1448 69.83 47.29 -65.88
C THR A 1448 70.97 46.49 -66.46
N PHE A 1449 70.91 45.17 -66.31
CA PHE A 1449 71.95 44.26 -66.78
C PHE A 1449 71.49 43.67 -68.10
N ARG A 1450 72.27 43.92 -69.16
CA ARG A 1450 72.05 43.33 -70.49
C ARG A 1450 73.29 42.49 -70.80
N CYS A 1451 73.11 41.17 -70.86
CA CYS A 1451 74.20 40.22 -70.97
C CYS A 1451 73.99 39.26 -72.13
N GLU A 1452 75.10 38.66 -72.58
CA GLU A 1452 75.10 37.71 -73.70
C GLU A 1452 75.95 36.51 -73.27
N SER A 1453 75.31 35.52 -72.66
CA SER A 1453 76.02 34.33 -72.23
C SER A 1453 76.39 33.47 -73.43
N THR A 1454 77.53 32.79 -73.32
CA THR A 1454 78.03 31.89 -74.34
C THR A 1454 78.50 30.62 -73.64
N TYR A 1455 77.79 29.53 -73.87
CA TYR A 1455 78.10 28.23 -73.28
C TYR A 1455 78.76 27.32 -74.30
N LYS A 1456 79.74 26.54 -73.85
CA LYS A 1456 80.36 25.49 -74.63
C LYS A 1456 80.31 24.21 -73.80
N PHE A 1457 79.85 23.13 -74.41
CA PHE A 1457 79.56 21.88 -73.72
C PHE A 1457 80.68 20.89 -73.94
N LYS A 1458 81.16 20.28 -72.85
CA LYS A 1458 82.00 19.09 -72.94
C LYS A 1458 81.20 17.81 -72.76
N SER A 1459 80.02 17.89 -72.15
CA SER A 1459 79.12 16.75 -72.02
C SER A 1459 77.69 17.27 -72.03
N ALA A 1460 76.75 16.36 -71.84
CA ALA A 1460 75.34 16.74 -71.90
C ALA A 1460 74.98 17.73 -70.81
N ASN A 1461 75.47 17.51 -69.58
CA ASN A 1461 75.13 18.31 -68.43
C ASN A 1461 76.27 19.24 -67.99
N VAL A 1462 77.44 19.12 -68.60
CA VAL A 1462 78.64 19.84 -68.19
C VAL A 1462 78.98 20.86 -69.27
N TYR A 1463 79.31 22.08 -68.83
CA TYR A 1463 79.72 23.13 -69.75
C TYR A 1463 81.24 23.15 -69.86
N SER A 1464 81.75 23.01 -71.08
CA SER A 1464 83.18 23.15 -71.30
C SER A 1464 83.67 24.52 -70.87
N SER A 1465 82.92 25.57 -71.22
CA SER A 1465 83.34 26.92 -70.90
C SER A 1465 82.14 27.85 -70.94
N ILE A 1466 81.97 28.64 -69.89
CA ILE A 1466 80.90 29.63 -69.80
C ILE A 1466 81.55 31.00 -69.83
N LYS A 1467 81.07 31.86 -70.73
CA LYS A 1467 81.56 33.22 -70.87
C LYS A 1467 80.37 34.16 -70.98
N THR A 1468 80.17 35.00 -69.96
CA THR A 1468 79.10 35.97 -69.93
C THR A 1468 79.70 37.36 -70.01
N THR A 1469 79.30 38.13 -71.02
CA THR A 1469 79.74 39.50 -71.21
C THR A 1469 78.51 40.39 -71.28
N GLY A 1470 78.54 41.50 -70.56
CA GLY A 1470 77.36 42.35 -70.51
C GLY A 1470 77.70 43.77 -70.13
N GLN A 1471 76.72 44.65 -70.35
CA GLN A 1471 76.85 46.08 -70.06
C GLN A 1471 75.78 46.45 -69.05
N VAL A 1472 76.21 46.92 -67.88
CA VAL A 1472 75.29 47.36 -66.84
C VAL A 1472 75.03 48.85 -67.02
N LEU A 1473 73.76 49.23 -67.05
CA LEU A 1473 73.33 50.57 -67.39
C LEU A 1473 72.62 51.22 -66.21
N LEU A 1474 72.73 52.54 -66.15
CA LEU A 1474 72.08 53.36 -65.13
C LEU A 1474 71.36 54.51 -65.82
N GLU A 1475 70.13 54.76 -65.40
CA GLU A 1475 69.38 55.93 -65.83
C GLU A 1475 69.68 57.06 -64.86
N LEU A 1476 70.37 58.10 -65.34
CA LEU A 1476 70.70 59.23 -64.51
C LEU A 1476 69.46 60.05 -64.21
N PRO A 1477 69.52 60.94 -63.21
CA PRO A 1477 68.39 61.86 -62.99
C PRO A 1477 68.10 62.71 -64.22
N THR A 1478 69.11 62.96 -65.05
CA THR A 1478 68.92 63.60 -66.35
C THR A 1478 68.08 62.75 -67.31
N LYS A 1479 67.91 61.45 -67.02
CA LYS A 1479 67.20 60.44 -67.81
C LYS A 1479 68.07 59.91 -68.94
N GLU A 1480 69.32 60.35 -69.07
CA GLU A 1480 70.26 59.71 -69.98
C GLU A 1480 70.67 58.37 -69.39
N VAL A 1481 70.76 57.35 -70.26
CA VAL A 1481 71.17 56.01 -69.85
C VAL A 1481 72.65 55.86 -70.20
N ILE A 1482 73.45 55.50 -69.20
CA ILE A 1482 74.90 55.40 -69.37
C ILE A 1482 75.38 54.08 -68.78
N GLN A 1483 76.46 53.55 -69.35
CA GLN A 1483 77.05 52.30 -68.89
C GLN A 1483 77.95 52.60 -67.69
N VAL A 1484 77.49 52.24 -66.49
CA VAL A 1484 78.28 52.42 -65.28
C VAL A 1484 79.25 51.27 -65.04
N GLY A 1485 79.06 50.13 -65.70
CA GLY A 1485 79.96 49.02 -65.48
C GLY A 1485 79.70 47.92 -66.48
N SER A 1486 80.44 46.83 -66.31
CA SER A 1486 80.36 45.69 -67.20
C SER A 1486 80.31 44.40 -66.40
N VAL A 1487 79.82 43.36 -67.05
CA VAL A 1487 79.85 42.00 -66.54
C VAL A 1487 80.81 41.22 -67.40
N ASP A 1488 81.75 40.53 -66.75
CA ASP A 1488 82.75 39.72 -67.44
C ASP A 1488 83.00 38.48 -66.58
N TYR A 1489 82.26 37.41 -66.88
CA TYR A 1489 82.41 36.13 -66.20
C TYR A 1489 82.99 35.12 -67.16
N GLU A 1490 83.98 34.36 -66.69
CA GLU A 1490 84.59 33.31 -67.49
C GLU A 1490 84.89 32.13 -66.58
N ALA A 1491 84.54 30.94 -67.02
CA ALA A 1491 84.76 29.74 -66.22
C ALA A 1491 84.87 28.53 -67.12
N GLY A 1492 85.57 27.51 -66.62
CA GLY A 1492 85.73 26.26 -67.34
C GLY A 1492 84.61 25.29 -67.04
N THR A 1493 84.94 24.11 -66.51
CA THR A 1493 83.92 23.13 -66.16
C THR A 1493 82.96 23.72 -65.14
N SER A 1494 81.69 23.79 -65.52
CA SER A 1494 80.68 24.46 -64.68
C SER A 1494 79.33 23.81 -64.94
N TYR A 1495 78.40 24.05 -64.01
CA TYR A 1495 77.06 23.50 -64.08
C TYR A 1495 75.98 24.57 -64.17
N GLY A 1496 76.36 25.84 -64.35
CA GLY A 1496 75.38 26.90 -64.48
C GLY A 1496 76.11 28.22 -64.64
N ASN A 1497 75.32 29.25 -64.92
CA ASN A 1497 75.86 30.60 -65.10
C ASN A 1497 75.52 31.45 -63.87
N PRO A 1498 76.50 31.81 -63.03
CA PRO A 1498 76.16 32.56 -61.82
C PRO A 1498 75.56 33.92 -62.12
N VAL A 1499 75.94 34.54 -63.23
CA VAL A 1499 75.37 35.84 -63.59
C VAL A 1499 73.87 35.71 -63.82
N THR A 1500 73.47 34.72 -64.62
CA THR A 1500 72.05 34.52 -64.88
C THR A 1500 71.32 34.15 -63.61
N ASP A 1501 71.91 33.29 -62.77
CA ASP A 1501 71.26 32.91 -61.53
C ASP A 1501 71.04 34.13 -60.63
N TYR A 1502 72.08 34.98 -60.49
CA TYR A 1502 71.97 36.15 -59.65
C TYR A 1502 70.92 37.12 -60.17
N LEU A 1503 70.93 37.38 -61.49
CA LEU A 1503 69.95 38.31 -62.04
C LEU A 1503 68.53 37.76 -61.95
N SER A 1504 68.38 36.44 -62.12
CA SER A 1504 67.06 35.85 -62.02
C SER A 1504 66.51 35.93 -60.60
N ARG A 1505 67.34 35.61 -59.61
CA ARG A 1505 66.87 35.65 -58.22
C ARG A 1505 66.70 37.05 -57.69
N ASN A 1506 67.64 37.95 -57.94
CA ASN A 1506 67.68 39.26 -57.32
C ASN A 1506 67.21 40.38 -58.23
N GLY A 1507 66.69 40.05 -59.41
CA GLY A 1507 66.30 41.07 -60.37
C GLY A 1507 65.07 40.65 -61.13
N LYS A 1508 64.29 41.65 -61.56
CA LYS A 1508 63.09 41.45 -62.35
C LYS A 1508 63.36 41.88 -63.78
N THR A 1509 62.97 41.04 -64.74
CA THR A 1509 63.12 41.39 -66.14
C THR A 1509 62.16 42.51 -66.50
N ILE A 1510 62.57 43.32 -67.49
CA ILE A 1510 61.68 44.36 -67.98
C ILE A 1510 60.53 43.71 -68.75
N GLU A 1511 59.36 44.32 -68.65
CA GLU A 1511 58.15 43.80 -69.29
C GLU A 1511 57.80 42.41 -68.76
N GLU A 1512 57.50 42.35 -67.46
CA GLU A 1512 57.05 41.11 -66.86
C GLU A 1512 55.68 40.72 -67.42
N SER A 1513 55.50 39.42 -67.64
CA SER A 1513 54.26 38.89 -68.22
C SER A 1513 53.26 38.64 -67.10
N VAL A 1514 52.24 39.49 -67.02
CA VAL A 1514 51.19 39.35 -66.02
C VAL A 1514 50.10 38.45 -66.60
N ILE A 1515 49.81 37.36 -65.90
CA ILE A 1515 48.90 36.32 -66.39
C ILE A 1515 47.54 36.51 -65.71
N PHE A 1516 46.48 36.48 -66.51
CA PHE A 1516 45.14 36.63 -65.97
C PHE A 1516 44.78 35.46 -65.07
N GLU A 1517 43.91 35.73 -64.10
CA GLU A 1517 43.41 34.65 -63.24
C GLU A 1517 42.58 33.66 -64.03
N ASN A 1518 41.73 34.15 -64.94
CA ASN A 1518 40.93 33.32 -65.82
C ASN A 1518 41.26 33.66 -67.26
N ALA A 1519 41.59 32.64 -68.05
CA ALA A 1519 41.89 32.84 -69.45
C ALA A 1519 40.60 33.17 -70.21
N ILE A 1520 40.71 34.06 -71.18
CA ILE A 1520 39.56 34.52 -71.96
C ILE A 1520 39.56 33.74 -73.27
N PRO A 1521 38.63 32.81 -73.49
CA PRO A 1521 38.61 32.10 -74.77
C PRO A 1521 38.09 32.99 -75.89
N LEU A 1522 38.87 33.09 -76.96
CA LEU A 1522 38.52 33.92 -78.11
C LEU A 1522 37.94 33.05 -79.21
N SER A 1523 36.89 33.54 -79.86
CA SER A 1523 36.26 32.82 -80.97
C SER A 1523 35.66 31.52 -80.42
N SER A 1524 35.53 30.51 -81.27
CA SER A 1524 34.96 29.24 -80.86
C SER A 1524 35.54 28.13 -81.73
N GLY A 1525 35.24 26.89 -81.37
CA GLY A 1525 35.71 25.72 -82.09
C GLY A 1525 35.10 25.54 -83.46
N GLU A 1526 34.09 26.33 -83.81
CA GLU A 1526 33.53 26.33 -85.16
C GLU A 1526 34.25 27.32 -86.07
N GLU A 1527 34.52 28.52 -85.55
CA GLU A 1527 35.21 29.53 -86.35
C GLU A 1527 36.70 29.26 -86.46
N LEU A 1528 37.31 28.65 -85.44
CA LEU A 1528 38.74 28.44 -85.41
C LEU A 1528 39.18 27.12 -86.03
N THR A 1529 38.25 26.30 -86.53
CA THR A 1529 38.63 25.07 -87.21
C THR A 1529 39.18 25.38 -88.60
N SER A 1530 40.04 24.48 -89.08
CA SER A 1530 40.64 24.63 -90.40
C SER A 1530 40.89 23.25 -90.97
N LYS A 1531 41.27 23.21 -92.25
CA LYS A 1531 41.57 21.96 -92.94
C LYS A 1531 42.86 22.14 -93.74
N ALA A 1532 43.79 21.21 -93.58
CA ALA A 1532 45.06 21.31 -94.29
C ALA A 1532 44.82 21.13 -95.79
N PRO A 1533 45.65 21.75 -96.64
CA PRO A 1533 45.47 21.57 -98.07
C PRO A 1533 45.78 20.15 -98.50
N GLY A 1534 45.14 19.72 -99.58
CA GLY A 1534 45.39 18.40 -100.12
C GLY A 1534 46.82 18.23 -100.62
N THR A 1535 47.41 19.31 -101.14
CA THR A 1535 48.77 19.30 -101.64
C THR A 1535 49.56 20.43 -101.00
N ASN A 1536 50.87 20.20 -100.84
CA ASN A 1536 51.76 21.18 -100.25
C ASN A 1536 52.61 21.92 -101.27
N GLU A 1537 52.47 21.60 -102.55
CA GLU A 1537 53.18 22.34 -103.59
C GLU A 1537 52.88 23.83 -103.58
N PRO A 1538 51.63 24.29 -103.42
CA PRO A 1538 51.39 25.74 -103.41
C PRO A 1538 52.15 26.48 -102.33
N TYR A 1539 52.29 25.89 -101.14
CA TYR A 1539 53.10 26.53 -100.11
C TYR A 1539 54.59 26.37 -100.38
N ALA A 1540 55.01 25.21 -100.88
CA ALA A 1540 56.43 24.99 -101.13
C ALA A 1540 56.98 25.96 -102.14
N ILE A 1541 56.23 26.20 -103.23
CA ILE A 1541 56.73 27.06 -104.29
C ILE A 1541 56.82 28.51 -103.82
N VAL A 1542 55.85 28.98 -103.04
CA VAL A 1542 55.87 30.37 -102.60
C VAL A 1542 56.92 30.58 -101.51
N SER A 1543 57.02 29.66 -100.55
CA SER A 1543 57.93 29.85 -99.43
C SER A 1543 59.36 29.45 -99.76
N GLY A 1544 59.59 28.71 -100.85
CA GLY A 1544 60.92 28.25 -101.19
C GLY A 1544 61.37 27.00 -100.48
N ASP A 1545 60.54 26.44 -99.59
CA ASP A 1545 60.87 25.22 -98.86
C ASP A 1545 60.52 24.03 -99.75
N TYR A 1546 61.51 23.57 -100.51
CA TYR A 1546 61.34 22.43 -101.41
C TYR A 1546 61.78 21.12 -100.76
N ASN A 1547 61.62 21.00 -99.46
CA ASN A 1547 61.92 19.75 -98.77
C ASN A 1547 61.01 18.66 -99.36
N PRO A 1548 61.56 17.57 -99.89
CA PRO A 1548 60.68 16.57 -100.52
C PRO A 1548 59.77 15.87 -99.54
N ILE A 1549 60.02 15.98 -98.24
CA ILE A 1549 59.18 15.28 -97.26
C ILE A 1549 57.74 15.76 -97.36
N HIS A 1550 57.52 16.97 -97.88
CA HIS A 1550 56.18 17.55 -97.94
C HIS A 1550 55.47 17.29 -99.27
N VAL A 1551 56.18 16.87 -100.32
CA VAL A 1551 55.59 16.78 -101.65
C VAL A 1551 55.82 15.44 -102.33
N SER A 1552 56.79 14.63 -101.90
CA SER A 1552 57.15 13.40 -102.58
C SER A 1552 56.82 12.22 -101.66
N ARG A 1553 56.06 11.27 -102.18
CA ARG A 1553 55.69 10.09 -101.39
C ARG A 1553 56.92 9.24 -101.06
N VAL A 1554 57.82 9.09 -102.02
CA VAL A 1554 58.96 8.19 -101.82
C VAL A 1554 59.90 8.73 -100.75
N PHE A 1555 60.13 10.04 -100.73
CA PHE A 1555 61.02 10.62 -99.73
C PHE A 1555 60.41 10.51 -98.33
N ALA A 1556 59.11 10.75 -98.21
CA ALA A 1556 58.45 10.56 -96.91
C ALA A 1556 58.53 9.11 -96.47
N ALA A 1557 58.32 8.18 -97.39
CA ALA A 1557 58.42 6.76 -97.05
C ALA A 1557 59.82 6.40 -96.58
N TYR A 1558 60.85 6.94 -97.24
CA TYR A 1558 62.22 6.70 -96.79
C TYR A 1558 62.44 7.29 -95.40
N ALA A 1559 61.91 8.49 -95.15
CA ALA A 1559 62.01 9.12 -93.85
C ALA A 1559 61.09 8.46 -92.81
N LYS A 1560 60.31 7.46 -93.20
CA LYS A 1560 59.45 6.70 -92.28
C LYS A 1560 58.39 7.61 -91.67
N LEU A 1561 57.94 8.60 -92.43
CA LEU A 1561 56.88 9.48 -92.02
C LEU A 1561 55.53 8.90 -92.41
N PRO A 1562 54.44 9.29 -91.74
CA PRO A 1562 53.11 8.77 -92.15
C PRO A 1562 52.72 9.17 -93.55
N GLY A 1563 53.30 10.24 -94.09
CA GLY A 1563 52.96 10.65 -95.44
C GLY A 1563 53.62 11.99 -95.76
N THR A 1564 53.11 12.63 -96.81
CA THR A 1564 53.61 13.94 -97.22
C THR A 1564 53.08 14.98 -96.23
N ILE A 1565 53.74 15.06 -95.08
CA ILE A 1565 53.31 15.97 -94.03
C ILE A 1565 53.34 17.41 -94.53
N THR A 1566 52.31 18.18 -94.19
CA THR A 1566 52.27 19.57 -94.63
C THR A 1566 53.32 20.38 -93.88
N HIS A 1567 53.64 21.55 -94.44
CA HIS A 1567 54.69 22.38 -93.87
C HIS A 1567 54.30 22.84 -92.47
N GLY A 1568 55.21 22.65 -91.52
CA GLY A 1568 55.03 23.25 -90.22
C GLY A 1568 54.91 24.76 -90.33
N MET A 1569 55.65 25.37 -91.25
CA MET A 1569 55.53 26.80 -91.45
C MET A 1569 54.18 27.16 -92.04
N TYR A 1570 53.60 26.31 -92.88
CA TYR A 1570 52.23 26.55 -93.34
C TYR A 1570 51.26 26.52 -92.17
N SER A 1571 51.40 25.53 -91.29
CA SER A 1571 50.51 25.47 -90.13
C SER A 1571 50.67 26.71 -89.26
N SER A 1572 51.92 27.14 -89.06
CA SER A 1572 52.18 28.37 -88.32
C SER A 1572 51.50 29.56 -88.97
N ALA A 1573 51.60 29.66 -90.30
CA ALA A 1573 51.00 30.79 -91.01
C ALA A 1573 49.48 30.78 -90.91
N SER A 1574 48.87 29.60 -91.03
CA SER A 1574 47.42 29.51 -90.93
C SER A 1574 46.94 29.90 -89.53
N ILE A 1575 47.59 29.36 -88.50
CA ILE A 1575 47.17 29.69 -87.14
C ILE A 1575 47.45 31.15 -86.83
N ARG A 1576 48.53 31.71 -87.39
CA ARG A 1576 48.79 33.12 -87.19
C ARG A 1576 47.79 33.99 -87.94
N ALA A 1577 47.28 33.52 -89.07
CA ALA A 1577 46.20 34.25 -89.73
C ALA A 1577 44.94 34.23 -88.87
N LEU A 1578 44.66 33.09 -88.23
CA LEU A 1578 43.53 33.03 -87.31
C LEU A 1578 43.73 33.99 -86.15
N VAL A 1579 44.95 34.07 -85.61
CA VAL A 1579 45.23 34.99 -84.51
C VAL A 1579 45.12 36.44 -84.98
N GLU A 1580 45.64 36.73 -86.18
CA GLU A 1580 45.50 38.05 -86.77
C GLU A 1580 44.04 38.47 -86.83
N GLU A 1581 43.18 37.59 -87.33
CA GLU A 1581 41.76 37.92 -87.38
C GLU A 1581 41.19 38.10 -85.97
N TRP A 1582 41.20 37.04 -85.17
CA TRP A 1582 40.36 36.97 -83.98
C TRP A 1582 40.95 37.71 -82.79
N ALA A 1583 42.26 37.63 -82.58
CA ALA A 1583 42.87 38.32 -81.44
C ALA A 1583 43.18 39.78 -81.76
N ALA A 1584 43.71 40.03 -82.96
CA ALA A 1584 44.14 41.37 -83.35
C ALA A 1584 43.08 42.15 -84.12
N ASN A 1585 41.87 41.62 -84.27
CA ASN A 1585 40.79 42.31 -84.98
C ASN A 1585 41.16 42.64 -86.41
N ASN A 1586 41.88 41.72 -87.06
CA ASN A 1586 42.21 41.84 -88.48
C ASN A 1586 43.12 43.03 -88.77
N VAL A 1587 43.86 43.49 -87.76
CA VAL A 1587 44.81 44.59 -87.91
C VAL A 1587 46.20 44.00 -87.83
N ALA A 1588 46.97 44.13 -88.91
CA ALA A 1588 48.24 43.43 -89.02
C ALA A 1588 49.34 44.08 -88.18
N ALA A 1589 49.33 45.40 -88.05
CA ALA A 1589 50.37 46.07 -87.27
C ALA A 1589 50.28 45.74 -85.79
N ARG A 1590 49.12 45.29 -85.30
CA ARG A 1590 48.98 45.04 -83.87
C ARG A 1590 49.70 43.78 -83.44
N VAL A 1591 49.77 42.77 -84.30
CA VAL A 1591 50.44 41.52 -83.94
C VAL A 1591 51.95 41.74 -84.04
N ARG A 1592 52.63 41.76 -82.89
CA ARG A 1592 54.04 42.11 -82.81
C ARG A 1592 54.95 40.89 -82.67
N ALA A 1593 54.48 39.82 -82.03
CA ALA A 1593 55.27 38.61 -81.94
C ALA A 1593 54.36 37.40 -82.07
N PHE A 1594 54.91 36.33 -82.65
CA PHE A 1594 54.17 35.08 -82.77
C PHE A 1594 55.16 33.93 -82.79
N LYS A 1595 55.08 33.07 -81.78
CA LYS A 1595 55.97 31.93 -81.60
C LYS A 1595 55.12 30.67 -81.57
N CYS A 1596 55.61 29.61 -82.21
CA CYS A 1596 54.88 28.36 -82.26
C CYS A 1596 55.85 27.19 -82.22
N ASP A 1597 55.37 26.09 -81.64
CA ASP A 1597 56.10 24.85 -81.48
C ASP A 1597 55.35 23.77 -82.23
N PHE A 1598 56.08 23.04 -83.08
CA PHE A 1598 55.52 22.00 -83.95
C PHE A 1598 55.56 20.69 -83.18
N VAL A 1599 54.58 20.48 -82.32
CA VAL A 1599 54.56 19.33 -81.42
C VAL A 1599 53.98 18.08 -82.06
N GLY A 1600 53.33 18.19 -83.21
CA GLY A 1600 52.77 17.04 -83.89
C GLY A 1600 52.84 17.21 -85.38
N MET A 1601 52.55 16.12 -86.09
CA MET A 1601 52.62 16.09 -87.55
C MET A 1601 51.22 16.11 -88.14
N VAL A 1602 51.03 16.93 -89.16
CA VAL A 1602 49.74 17.10 -89.82
C VAL A 1602 49.86 16.60 -91.25
N LEU A 1603 48.86 15.82 -91.68
CA LEU A 1603 48.77 15.27 -93.01
C LEU A 1603 47.85 16.13 -93.88
N PRO A 1604 47.96 16.03 -95.20
CA PRO A 1604 47.03 16.78 -96.06
C PRO A 1604 45.59 16.35 -95.81
N ASN A 1605 44.69 17.33 -95.89
CA ASN A 1605 43.25 17.18 -95.70
C ASN A 1605 42.87 16.87 -94.26
N ASP A 1606 43.80 16.94 -93.31
CA ASP A 1606 43.47 16.74 -91.91
C ASP A 1606 42.76 17.96 -91.35
N THR A 1607 41.82 17.73 -90.44
CA THR A 1607 41.01 18.79 -89.88
C THR A 1607 41.56 19.18 -88.51
N LEU A 1608 41.85 20.46 -88.35
CA LEU A 1608 42.51 21.01 -87.17
C LEU A 1608 41.54 21.87 -86.38
N GLN A 1609 41.61 21.76 -85.06
CA GLN A 1609 40.85 22.61 -84.14
C GLN A 1609 41.81 23.48 -83.36
N THR A 1610 41.67 24.78 -83.50
CA THR A 1610 42.51 25.75 -82.81
C THR A 1610 41.72 26.43 -81.71
N THR A 1611 42.34 26.56 -80.54
CA THR A 1611 41.78 27.32 -79.43
C THR A 1611 42.74 28.44 -79.08
N MET A 1612 42.24 29.67 -79.07
CA MET A 1612 43.00 30.84 -78.67
C MET A 1612 42.47 31.34 -77.34
N GLU A 1613 43.38 31.66 -76.43
CA GLU A 1613 43.03 32.22 -75.13
C GLU A 1613 43.88 33.44 -74.87
N HIS A 1614 43.24 34.55 -74.55
CA HIS A 1614 43.95 35.71 -74.00
C HIS A 1614 44.25 35.36 -72.55
N VAL A 1615 45.54 35.18 -72.23
CA VAL A 1615 45.93 34.60 -70.96
C VAL A 1615 46.71 35.59 -70.11
N GLY A 1616 47.39 36.54 -70.74
CA GLY A 1616 48.18 37.48 -70.00
C GLY A 1616 48.49 38.72 -70.80
N MET A 1617 49.34 39.57 -70.23
CA MET A 1617 49.77 40.81 -70.86
C MET A 1617 51.25 41.01 -70.58
N ILE A 1618 51.92 41.74 -71.48
CA ILE A 1618 53.32 42.08 -71.32
C ILE A 1618 53.51 43.49 -71.88
N ASN A 1619 53.75 44.46 -71.00
CA ASN A 1619 53.97 45.85 -71.41
C ASN A 1619 52.78 46.38 -72.21
N GLY A 1620 51.58 46.00 -71.79
CA GLY A 1620 50.39 46.42 -72.47
C GLY A 1620 50.09 45.69 -73.76
N ARG A 1621 50.75 44.55 -74.01
CA ARG A 1621 50.52 43.73 -75.19
C ARG A 1621 49.85 42.43 -74.77
N LYS A 1622 48.71 42.14 -75.39
CA LYS A 1622 47.98 40.92 -75.09
C LYS A 1622 48.82 39.69 -75.41
N ILE A 1623 48.85 38.75 -74.48
CA ILE A 1623 49.49 37.45 -74.67
C ILE A 1623 48.38 36.46 -75.01
N ILE A 1624 48.51 35.84 -76.18
CA ILE A 1624 47.48 34.97 -76.75
C ILE A 1624 48.08 33.59 -76.88
N LYS A 1625 47.62 32.66 -76.04
CA LYS A 1625 48.05 31.27 -76.08
C LYS A 1625 47.17 30.54 -77.09
N VAL A 1626 47.78 30.04 -78.16
CA VAL A 1626 47.08 29.36 -79.24
C VAL A 1626 47.50 27.90 -79.23
N GLU A 1627 46.53 27.01 -79.37
CA GLU A 1627 46.77 25.57 -79.25
C GLU A 1627 45.97 24.89 -80.34
N THR A 1628 46.66 24.26 -81.28
CA THR A 1628 46.04 23.54 -82.38
C THR A 1628 46.16 22.05 -82.16
N ARG A 1629 45.02 21.36 -82.24
CA ARG A 1629 44.93 19.90 -82.15
C ARG A 1629 44.39 19.35 -83.46
N ASN A 1630 44.53 18.04 -83.63
CA ASN A 1630 43.91 17.33 -84.75
C ASN A 1630 42.60 16.72 -84.29
N VAL A 1631 41.50 17.07 -84.98
CA VAL A 1631 40.18 16.62 -84.54
C VAL A 1631 40.03 15.11 -84.68
N GLU A 1632 40.66 14.52 -85.70
CA GLU A 1632 40.53 13.07 -85.87
C GLU A 1632 41.16 12.32 -84.71
N THR A 1633 42.35 12.75 -84.26
CA THR A 1633 43.07 12.06 -83.20
C THR A 1633 43.08 12.78 -81.86
N GLU A 1634 42.70 14.06 -81.83
CA GLU A 1634 42.71 14.92 -80.64
C GLU A 1634 44.11 15.21 -80.12
N LEU A 1635 45.16 14.79 -80.81
CA LEU A 1635 46.51 15.07 -80.34
C LEU A 1635 46.90 16.50 -80.70
N PRO A 1636 47.71 17.16 -79.87
CA PRO A 1636 48.19 18.50 -80.25
C PRO A 1636 49.17 18.42 -81.42
N VAL A 1637 49.10 19.45 -82.28
CA VAL A 1637 50.00 19.60 -83.41
C VAL A 1637 50.72 20.94 -83.38
N LEU A 1638 50.16 21.94 -82.70
CA LEU A 1638 50.80 23.24 -82.59
C LEU A 1638 50.56 23.83 -81.20
N ILE A 1639 51.61 24.40 -80.61
CA ILE A 1639 51.47 25.13 -79.34
C ILE A 1639 52.26 26.43 -79.45
N GLY A 1640 51.58 27.57 -79.33
CA GLY A 1640 52.25 28.84 -79.53
C GLY A 1640 51.70 29.94 -78.66
N GLU A 1641 52.43 31.06 -78.64
CA GLU A 1641 52.03 32.27 -77.96
C GLU A 1641 52.27 33.47 -78.87
N ALA A 1642 51.42 34.48 -78.75
CA ALA A 1642 51.51 35.69 -79.56
C ALA A 1642 51.44 36.91 -78.66
N GLU A 1643 52.19 37.95 -79.04
CA GLU A 1643 52.09 39.27 -78.41
C GLU A 1643 51.46 40.22 -79.42
N ILE A 1644 50.32 40.80 -79.04
CA ILE A 1644 49.53 41.67 -79.92
C ILE A 1644 49.32 43.00 -79.21
N GLU A 1645 49.61 44.09 -79.91
CA GLU A 1645 49.32 45.41 -79.36
C GLU A 1645 47.82 45.60 -79.16
N GLN A 1646 47.46 46.34 -78.11
CA GLN A 1646 46.09 46.77 -77.94
C GLN A 1646 45.76 47.82 -78.99
N PRO A 1647 44.49 48.10 -79.22
CA PRO A 1647 44.14 49.22 -80.11
C PRO A 1647 44.72 50.53 -79.59
N THR A 1648 45.09 51.40 -80.53
CA THR A 1648 45.68 52.69 -80.19
C THR A 1648 44.84 53.41 -79.15
N THR A 1649 45.47 53.69 -78.00
CA THR A 1649 44.76 54.04 -76.78
C THR A 1649 45.08 55.46 -76.35
N THR A 1650 44.05 56.16 -75.89
CA THR A 1650 44.20 57.41 -75.16
C THR A 1650 43.65 57.21 -73.75
N TYR A 1651 44.37 57.72 -72.76
CA TYR A 1651 43.99 57.60 -71.36
C TYR A 1651 43.50 58.95 -70.87
N VAL A 1652 42.20 59.05 -70.62
CA VAL A 1652 41.54 60.29 -70.26
C VAL A 1652 41.28 60.25 -68.76
N PHE A 1653 41.53 61.38 -68.09
CA PHE A 1653 41.33 61.51 -66.65
C PHE A 1653 40.38 62.66 -66.38
N THR A 1654 39.44 62.46 -65.45
CA THR A 1654 38.37 63.41 -65.24
C THR A 1654 38.64 64.31 -64.03
N GLY A 1655 38.15 65.54 -64.13
CA GLY A 1655 38.32 66.52 -63.08
C GLY A 1655 37.20 66.47 -62.07
N GLN A 1656 36.93 67.62 -61.46
CA GLN A 1656 35.94 67.69 -60.40
C GLN A 1656 34.54 67.50 -60.97
N GLY A 1657 33.61 67.13 -60.09
CA GLY A 1657 32.22 66.96 -60.47
C GLY A 1657 31.57 65.77 -59.80
N SER A 1658 32.33 64.70 -59.58
CA SER A 1658 31.83 63.48 -58.94
C SER A 1658 32.78 63.11 -57.80
N GLN A 1659 32.32 63.32 -56.58
CA GLN A 1659 33.09 63.07 -55.36
C GLN A 1659 32.25 62.33 -54.35
N GLU A 1660 31.56 61.29 -54.80
CA GLU A 1660 30.67 60.52 -53.94
C GLU A 1660 31.47 59.84 -52.82
N GLN A 1661 30.79 59.60 -51.71
CA GLN A 1661 31.42 58.99 -50.54
C GLN A 1661 31.82 57.56 -50.88
N GLY A 1662 33.06 57.20 -50.54
CA GLY A 1662 33.54 55.85 -50.72
C GLY A 1662 34.05 55.52 -52.12
N MET A 1663 34.28 56.52 -52.96
CA MET A 1663 34.76 56.22 -54.31
C MET A 1663 36.17 55.64 -54.24
N GLY A 1664 36.41 54.61 -55.05
CA GLY A 1664 37.69 53.95 -55.07
C GLY A 1664 37.93 52.99 -53.94
N MET A 1665 36.97 52.80 -53.04
CA MET A 1665 37.18 51.93 -51.89
C MET A 1665 37.09 50.46 -52.27
N GLU A 1666 36.31 50.12 -53.30
CA GLU A 1666 36.33 48.75 -53.78
C GLU A 1666 37.72 48.37 -54.28
N LEU A 1667 38.34 49.24 -55.07
CA LEU A 1667 39.71 49.03 -55.49
C LEU A 1667 40.67 49.03 -54.31
N TYR A 1668 40.45 49.94 -53.36
CA TYR A 1668 41.28 50.00 -52.15
C TYR A 1668 41.30 48.66 -51.44
N ASN A 1669 40.14 48.03 -51.28
CA ASN A 1669 40.08 46.76 -50.58
C ASN A 1669 40.56 45.59 -51.44
N SER A 1670 40.39 45.66 -52.76
CA SER A 1670 40.70 44.50 -53.60
C SER A 1670 42.16 44.43 -54.02
N SER A 1671 42.80 45.54 -54.34
CA SER A 1671 44.13 45.54 -54.94
C SER A 1671 45.17 46.05 -53.96
N GLU A 1672 46.31 45.37 -53.89
CA GLU A 1672 47.39 45.80 -53.02
C GLU A 1672 47.99 47.12 -53.48
N VAL A 1673 48.08 47.32 -54.80
CA VAL A 1673 48.74 48.52 -55.33
C VAL A 1673 47.90 49.76 -55.08
N ALA A 1674 46.57 49.65 -55.24
CA ALA A 1674 45.70 50.76 -54.87
C ALA A 1674 45.77 51.03 -53.38
N ARG A 1675 45.86 49.96 -52.58
CA ARG A 1675 46.08 50.13 -51.15
C ARG A 1675 47.36 50.90 -50.88
N GLU A 1676 48.44 50.58 -51.61
CA GLU A 1676 49.70 51.29 -51.41
C GLU A 1676 49.57 52.76 -51.77
N VAL A 1677 48.90 53.07 -52.88
CA VAL A 1677 48.72 54.46 -53.29
C VAL A 1677 47.96 55.24 -52.22
N TRP A 1678 46.81 54.69 -51.80
CA TRP A 1678 45.99 55.36 -50.82
C TRP A 1678 46.70 55.47 -49.47
N ASP A 1679 47.46 54.44 -49.10
CA ASP A 1679 48.17 54.46 -47.82
C ASP A 1679 49.27 55.51 -47.82
N LYS A 1680 50.04 55.59 -48.90
CA LYS A 1680 51.07 56.63 -48.98
C LYS A 1680 50.45 58.01 -48.90
N ALA A 1681 49.36 58.22 -49.65
CA ALA A 1681 48.71 59.53 -49.63
C ALA A 1681 48.16 59.86 -48.25
N ASP A 1682 47.51 58.90 -47.61
CA ASP A 1682 46.92 59.12 -46.29
C ASP A 1682 47.99 59.39 -45.25
N ARG A 1683 49.10 58.65 -45.29
CA ARG A 1683 50.17 58.88 -44.35
C ARG A 1683 50.78 60.26 -44.55
N HIS A 1684 51.00 60.67 -45.80
CA HIS A 1684 51.52 62.01 -46.03
C HIS A 1684 50.56 63.08 -45.54
N PHE A 1685 49.26 62.89 -45.79
CA PHE A 1685 48.29 63.88 -45.34
C PHE A 1685 48.25 63.95 -43.82
N VAL A 1686 48.28 62.81 -43.14
CA VAL A 1686 48.25 62.80 -41.68
C VAL A 1686 49.50 63.48 -41.12
N ASN A 1687 50.65 63.22 -41.74
CA ASN A 1687 51.90 63.73 -41.18
C ASN A 1687 52.08 65.22 -41.47
N ASN A 1688 51.69 65.69 -42.64
CA ASN A 1688 52.01 67.04 -43.09
C ASN A 1688 50.83 68.01 -43.04
N TYR A 1689 49.60 67.51 -42.91
CA TYR A 1689 48.42 68.35 -42.88
C TYR A 1689 47.41 67.99 -41.81
N GLY A 1690 47.60 66.87 -41.11
CA GLY A 1690 46.81 66.59 -39.92
C GLY A 1690 45.46 65.95 -40.14
N PHE A 1691 45.17 65.46 -41.34
CA PHE A 1691 43.93 64.75 -41.61
C PHE A 1691 44.19 63.51 -42.44
N SER A 1692 43.20 62.63 -42.45
CA SER A 1692 43.25 61.38 -43.21
C SER A 1692 42.29 61.51 -44.39
N ILE A 1693 42.85 61.53 -45.61
CA ILE A 1693 42.03 61.60 -46.80
C ILE A 1693 41.17 60.36 -46.92
N LEU A 1694 41.67 59.21 -46.43
CA LEU A 1694 40.84 58.01 -46.42
C LEU A 1694 39.63 58.19 -45.53
N ASP A 1695 39.81 58.80 -44.36
CA ASP A 1695 38.67 59.09 -43.51
C ASP A 1695 37.69 60.04 -44.19
N ILE A 1696 38.23 61.07 -44.86
CA ILE A 1696 37.36 62.03 -45.53
C ILE A 1696 36.53 61.35 -46.61
N VAL A 1697 37.17 60.50 -47.41
CA VAL A 1697 36.47 59.85 -48.51
C VAL A 1697 35.48 58.82 -48.00
N GLN A 1698 35.87 58.04 -47.00
CA GLN A 1698 35.00 56.96 -46.53
C GLN A 1698 33.79 57.50 -45.78
N ASN A 1699 34.00 58.49 -44.91
CA ASN A 1699 32.95 58.96 -44.01
C ASN A 1699 32.30 60.27 -44.46
N ASN A 1700 33.03 61.12 -45.17
CA ASN A 1700 32.52 62.42 -45.61
C ASN A 1700 31.95 63.22 -44.43
N PRO A 1701 32.75 63.52 -43.42
CA PRO A 1701 32.25 64.31 -42.29
C PRO A 1701 31.93 65.74 -42.71
N ASN A 1702 30.97 66.35 -42.03
CA ASN A 1702 30.59 67.72 -42.35
C ASN A 1702 31.65 68.71 -41.88
N GLU A 1703 32.23 68.46 -40.72
CA GLU A 1703 33.29 69.31 -40.17
C GLU A 1703 34.44 68.44 -39.69
N LEU A 1704 35.64 69.01 -39.74
CA LEU A 1704 36.86 68.30 -39.36
C LEU A 1704 37.80 69.26 -38.66
N THR A 1705 38.22 68.91 -37.44
CA THR A 1705 39.10 69.74 -36.64
C THR A 1705 40.53 69.21 -36.75
N ILE A 1706 41.47 70.12 -37.01
CA ILE A 1706 42.89 69.83 -37.09
C ILE A 1706 43.50 70.39 -35.82
N HIS A 1707 44.31 69.59 -35.14
CA HIS A 1707 44.97 70.01 -33.91
C HIS A 1707 46.47 70.16 -34.16
N PHE A 1708 47.03 71.27 -33.67
CA PHE A 1708 48.40 71.66 -33.95
C PHE A 1708 49.32 71.45 -32.75
N GLY A 1709 48.93 70.62 -31.79
CA GLY A 1709 49.77 70.39 -30.64
C GLY A 1709 50.92 69.45 -30.96
N GLY A 1710 51.98 69.56 -30.19
CA GLY A 1710 53.15 68.71 -30.37
C GLY A 1710 54.09 69.24 -31.44
N ALA A 1711 55.23 68.55 -31.58
CA ALA A 1711 56.19 68.95 -32.59
C ALA A 1711 55.67 68.68 -34.00
N LYS A 1712 55.09 67.50 -34.21
CA LYS A 1712 54.49 67.21 -35.51
C LYS A 1712 53.33 68.16 -35.80
N GLY A 1713 52.52 68.44 -34.78
CA GLY A 1713 51.41 69.38 -34.97
C GLY A 1713 51.89 70.78 -35.31
N ARG A 1714 53.00 71.21 -34.71
CA ARG A 1714 53.54 72.53 -35.04
C ARG A 1714 54.14 72.55 -36.43
N ALA A 1715 54.74 71.44 -36.86
CA ALA A 1715 55.19 71.35 -38.24
C ALA A 1715 54.00 71.46 -39.19
N ILE A 1716 52.89 70.80 -38.85
CA ILE A 1716 51.68 70.88 -39.67
C ILE A 1716 51.15 72.32 -39.68
N ARG A 1717 51.18 72.98 -38.52
CA ARG A 1717 50.74 74.37 -38.46
C ARG A 1717 51.61 75.27 -39.33
N ASP A 1718 52.92 75.03 -39.33
CA ASP A 1718 53.80 75.83 -40.18
C ASP A 1718 53.53 75.54 -41.65
N ASN A 1719 53.23 74.28 -42.00
CA ASN A 1719 52.82 73.97 -43.36
C ASN A 1719 51.61 74.79 -43.76
N TYR A 1720 50.59 74.84 -42.89
CA TYR A 1720 49.39 75.61 -43.20
C TYR A 1720 49.69 77.10 -43.28
N ILE A 1721 50.54 77.60 -42.39
CA ILE A 1721 50.83 79.03 -42.33
C ILE A 1721 51.61 79.47 -43.57
N GLY A 1722 52.49 78.61 -44.08
CA GLY A 1722 53.32 78.99 -45.20
C GLY A 1722 52.61 79.09 -46.53
N MET A 1723 51.38 78.61 -46.62
CA MET A 1723 50.65 78.62 -47.88
C MET A 1723 50.08 80.01 -48.14
N MET A 1724 50.63 80.69 -49.13
CA MET A 1724 50.23 82.05 -49.50
C MET A 1724 49.28 82.00 -50.68
N PHE A 1725 48.67 83.16 -50.98
CA PHE A 1725 47.88 83.29 -52.19
C PHE A 1725 47.82 84.76 -52.57
N GLU A 1726 47.68 85.03 -53.86
CA GLU A 1726 47.72 86.37 -54.42
C GLU A 1726 46.39 86.75 -55.05
N THR A 1727 46.10 88.04 -55.01
CA THR A 1727 44.88 88.60 -55.59
C THR A 1727 45.20 90.01 -56.07
N ILE A 1728 44.20 90.68 -56.63
CA ILE A 1728 44.35 92.05 -57.14
C ILE A 1728 43.85 93.00 -56.06
N GLY A 1729 44.70 93.96 -55.71
CA GLY A 1729 44.34 94.94 -54.69
C GLY A 1729 43.37 95.99 -55.20
N LEU A 1734 50.04 93.03 -57.02
CA LEU A 1734 49.41 91.80 -56.56
C LEU A 1734 49.53 91.68 -55.04
N LYS A 1735 48.40 91.74 -54.35
CA LYS A 1735 48.40 91.60 -52.90
C LYS A 1735 48.49 90.13 -52.52
N SER A 1736 49.51 89.79 -51.74
CA SER A 1736 49.76 88.42 -51.30
C SER A 1736 49.48 88.31 -49.81
N GLU A 1737 48.73 87.28 -49.42
CA GLU A 1737 48.44 87.07 -48.01
C GLU A 1737 48.19 85.61 -47.74
N LYS A 1738 48.14 85.27 -46.45
CA LYS A 1738 47.97 83.88 -46.03
C LYS A 1738 46.63 83.34 -46.48
N ILE A 1739 46.63 82.07 -46.90
CA ILE A 1739 45.37 81.40 -47.22
C ILE A 1739 44.52 81.29 -45.97
N PHE A 1740 45.14 80.94 -44.84
CA PHE A 1740 44.48 80.84 -43.54
C PHE A 1740 44.91 82.04 -42.71
N LYS A 1741 44.15 83.13 -42.83
CA LYS A 1741 44.46 84.33 -42.06
C LYS A 1741 44.31 84.10 -40.57
N ASP A 1742 43.40 83.22 -40.15
CA ASP A 1742 43.13 82.98 -38.75
C ASP A 1742 44.09 81.99 -38.09
N ILE A 1743 45.01 81.40 -38.85
CA ILE A 1743 46.03 80.51 -38.31
C ILE A 1743 47.30 81.35 -38.09
N ASP A 1744 47.71 81.45 -36.83
CA ASP A 1744 48.89 82.19 -36.44
C ASP A 1744 49.68 81.33 -35.47
N GLU A 1745 50.74 81.90 -34.89
CA GLU A 1745 51.58 81.14 -33.97
C GLU A 1745 50.84 80.71 -32.71
N THR A 1746 49.75 81.38 -32.35
CA THR A 1746 49.02 81.10 -31.12
C THR A 1746 47.85 80.14 -31.30
N THR A 1747 47.49 79.78 -32.52
CA THR A 1747 46.31 78.97 -32.74
C THR A 1747 46.58 77.51 -32.36
N THR A 1748 45.64 76.91 -31.64
CA THR A 1748 45.74 75.53 -31.19
C THR A 1748 45.12 74.54 -32.16
N SER A 1749 44.12 74.98 -32.93
CA SER A 1749 43.42 74.08 -33.84
C SER A 1749 42.73 74.92 -34.91
N TYR A 1750 42.27 74.24 -35.96
CA TYR A 1750 41.55 74.87 -37.06
C TYR A 1750 40.50 73.91 -37.57
N THR A 1751 39.29 74.41 -37.79
CA THR A 1751 38.16 73.58 -38.20
C THR A 1751 37.77 73.89 -39.64
N PHE A 1752 37.70 72.84 -40.46
CA PHE A 1752 37.09 72.91 -41.79
C PHE A 1752 35.62 72.58 -41.66
N VAL A 1753 34.77 73.33 -42.37
CA VAL A 1753 33.32 73.17 -42.31
C VAL A 1753 32.78 73.12 -43.73
N SER A 1754 31.75 72.30 -43.95
CA SER A 1754 31.00 72.38 -45.19
C SER A 1754 29.56 71.92 -44.96
N PRO A 1755 28.54 72.62 -45.46
CA PRO A 1755 27.17 72.10 -45.32
C PRO A 1755 26.97 70.75 -45.99
N THR A 1756 27.60 70.53 -47.15
CA THR A 1756 27.35 69.35 -47.98
C THR A 1756 28.45 68.31 -47.82
N GLY A 1757 29.19 68.33 -46.72
CA GLY A 1757 30.27 67.39 -46.52
C GLY A 1757 31.60 67.92 -47.04
N LEU A 1758 32.68 67.45 -46.42
CA LEU A 1758 34.01 67.93 -46.78
C LEU A 1758 34.44 67.42 -48.15
N LEU A 1759 33.89 66.29 -48.59
CA LEU A 1759 34.21 65.78 -49.92
C LEU A 1759 33.81 66.77 -51.01
N SER A 1760 32.78 67.58 -50.76
CA SER A 1760 32.36 68.59 -51.71
C SER A 1760 33.26 69.82 -51.70
N ALA A 1761 34.05 70.01 -50.65
CA ALA A 1761 35.01 71.12 -50.62
C ALA A 1761 36.11 70.88 -51.64
N THR A 1762 36.58 71.97 -52.26
CA THR A 1762 37.55 71.83 -53.34
C THR A 1762 38.87 71.29 -52.82
N GLN A 1763 39.29 71.73 -51.63
CA GLN A 1763 40.60 71.33 -51.12
C GLN A 1763 40.66 69.84 -50.81
N PHE A 1764 39.52 69.21 -50.54
CA PHE A 1764 39.46 67.78 -50.26
C PHE A 1764 38.89 66.98 -51.42
N THR A 1765 38.07 67.60 -52.27
CA THR A 1765 37.59 66.92 -53.47
C THR A 1765 38.75 66.61 -54.41
N GLN A 1766 39.61 67.58 -54.64
CA GLN A 1766 40.68 67.40 -55.62
C GLN A 1766 41.66 66.30 -55.24
N PRO A 1767 42.23 66.27 -54.03
CA PRO A 1767 43.13 65.14 -53.69
C PRO A 1767 42.43 63.79 -53.75
N ALA A 1768 41.16 63.72 -53.34
CA ALA A 1768 40.47 62.43 -53.34
C ALA A 1768 40.28 61.92 -54.77
N LEU A 1769 39.82 62.78 -55.67
CA LEU A 1769 39.64 62.37 -57.06
C LEU A 1769 40.99 62.02 -57.70
N THR A 1770 42.00 62.85 -57.47
CA THR A 1770 43.33 62.56 -58.01
C THR A 1770 43.83 61.21 -57.51
N LEU A 1771 43.58 60.89 -56.24
CA LEU A 1771 44.10 59.66 -55.68
C LEU A 1771 43.34 58.45 -56.18
N MET A 1772 42.02 58.54 -56.32
CA MET A 1772 41.29 57.39 -56.84
C MET A 1772 41.69 57.13 -58.29
N GLU A 1773 41.90 58.18 -59.07
CA GLU A 1773 42.37 57.99 -60.44
C GLU A 1773 43.77 57.40 -60.47
N LYS A 1774 44.67 57.90 -59.61
CA LYS A 1774 46.02 57.36 -59.56
C LYS A 1774 46.01 55.89 -59.17
N ALA A 1775 45.17 55.52 -58.21
CA ALA A 1775 45.07 54.13 -57.78
C ALA A 1775 44.53 53.25 -58.89
N ALA A 1776 43.49 53.72 -59.60
CA ALA A 1776 42.95 52.95 -60.71
C ALA A 1776 44.01 52.75 -61.79
N TYR A 1777 44.72 53.81 -62.15
CA TYR A 1777 45.75 53.68 -63.17
C TYR A 1777 46.87 52.76 -62.70
N GLU A 1778 47.22 52.82 -61.42
CA GLU A 1778 48.30 51.96 -60.91
C GLU A 1778 47.89 50.51 -60.93
N ASP A 1779 46.62 50.22 -60.62
CA ASP A 1779 46.14 48.84 -60.74
C ASP A 1779 46.20 48.39 -62.19
N ILE A 1780 45.79 49.26 -63.13
CA ILE A 1780 45.84 48.92 -64.54
C ILE A 1780 47.29 48.64 -64.97
N LYS A 1781 48.22 49.51 -64.55
CA LYS A 1781 49.61 49.36 -64.94
C LYS A 1781 50.22 48.10 -64.33
N SER A 1782 49.94 47.83 -63.06
CA SER A 1782 50.42 46.61 -62.43
C SER A 1782 49.86 45.37 -63.09
N LYS A 1783 48.65 45.46 -63.64
CA LYS A 1783 48.09 44.36 -64.44
C LYS A 1783 48.63 44.33 -65.86
N GLY A 1784 49.33 45.39 -66.28
CA GLY A 1784 49.99 45.36 -67.57
C GLY A 1784 49.10 45.67 -68.74
N LEU A 1785 48.20 46.63 -68.59
CA LEU A 1785 47.22 46.98 -69.61
C LEU A 1785 47.48 48.36 -70.19
N ILE A 1786 48.70 48.86 -70.09
CA ILE A 1786 49.07 50.20 -70.54
C ILE A 1786 49.89 50.06 -71.81
N PRO A 1787 49.35 50.36 -73.00
CA PRO A 1787 50.16 50.29 -74.21
C PRO A 1787 51.32 51.27 -74.17
N SER A 1788 52.42 50.88 -74.83
CA SER A 1788 53.57 51.78 -74.92
C SER A 1788 53.22 53.05 -75.68
N ASP A 1789 52.44 52.93 -76.75
CA ASP A 1789 52.00 54.07 -77.56
C ASP A 1789 50.62 54.50 -77.06
N ILE A 1790 50.61 55.42 -76.09
CA ILE A 1790 49.38 55.94 -75.50
C ILE A 1790 49.32 57.43 -75.76
N MET A 1791 48.14 58.00 -75.52
CA MET A 1791 47.93 59.45 -75.59
C MET A 1791 47.10 59.84 -74.37
N PHE A 1792 47.75 60.38 -73.35
CA PHE A 1792 47.06 60.66 -72.09
C PHE A 1792 46.71 62.13 -71.98
N ALA A 1793 45.51 62.40 -71.48
CA ALA A 1793 45.01 63.75 -71.30
C ALA A 1793 44.14 63.81 -70.06
N GLY A 1794 43.97 65.01 -69.53
CA GLY A 1794 43.18 65.21 -68.33
C GLY A 1794 42.37 66.48 -68.37
N HIS A 1795 41.18 66.44 -67.77
CA HIS A 1795 40.26 67.57 -67.79
C HIS A 1795 40.38 68.33 -66.47
N SER A 1796 40.78 69.60 -66.55
CA SER A 1796 40.88 70.47 -65.38
C SER A 1796 41.80 69.86 -64.33
N LEU A 1797 41.22 69.19 -63.33
CA LEU A 1797 42.04 68.51 -62.33
C LEU A 1797 42.70 67.27 -62.88
N GLY A 1798 42.06 66.60 -63.84
CA GLY A 1798 42.55 65.33 -64.31
C GLY A 1798 43.93 65.40 -64.93
N GLU A 1799 44.40 66.59 -65.29
CA GLU A 1799 45.73 66.71 -65.89
C GLU A 1799 46.81 66.27 -64.90
N TYR A 1800 46.67 66.65 -63.64
CA TYR A 1800 47.66 66.25 -62.64
C TYR A 1800 47.67 64.75 -62.43
N SER A 1801 46.48 64.15 -62.34
CA SER A 1801 46.40 62.70 -62.20
C SER A 1801 47.01 62.00 -63.41
N ALA A 1802 46.71 62.49 -64.62
CA ALA A 1802 47.25 61.89 -65.83
C ALA A 1802 48.76 61.98 -65.87
N LEU A 1803 49.31 63.14 -65.51
CA LEU A 1803 50.76 63.30 -65.53
C LEU A 1803 51.43 62.43 -64.48
N SER A 1804 50.94 62.47 -63.24
CA SER A 1804 51.50 61.61 -62.20
C SER A 1804 51.33 60.14 -62.53
N SER A 1805 50.36 59.80 -63.39
CA SER A 1805 50.10 58.42 -63.75
C SER A 1805 51.07 57.95 -64.84
N LEU A 1806 51.03 58.60 -65.99
CA LEU A 1806 51.77 58.11 -67.16
C LEU A 1806 53.18 58.67 -67.27
N ALA A 1807 53.44 59.86 -66.75
CA ALA A 1807 54.77 60.44 -66.79
C ALA A 1807 55.55 60.25 -65.49
N ASN A 1808 54.87 59.95 -64.38
CA ASN A 1808 55.52 59.81 -63.07
C ASN A 1808 56.28 61.07 -62.69
N VAL A 1809 55.82 62.22 -63.20
CA VAL A 1809 56.51 63.47 -62.95
C VAL A 1809 56.37 63.87 -61.48
N MET A 1810 55.22 63.57 -60.89
CA MET A 1810 54.92 63.94 -59.52
C MET A 1810 54.90 62.68 -58.66
N PRO A 1811 55.68 62.59 -57.58
CA PRO A 1811 55.43 61.54 -56.60
C PRO A 1811 54.02 61.67 -56.03
N ILE A 1812 53.57 60.63 -55.33
CA ILE A 1812 52.24 60.67 -54.74
C ILE A 1812 52.13 61.81 -53.73
N GLU A 1813 53.17 61.98 -52.90
CA GLU A 1813 53.12 63.00 -51.86
C GLU A 1813 53.11 64.41 -52.48
N SER A 1814 54.02 64.68 -53.41
CA SER A 1814 54.01 65.98 -54.07
C SER A 1814 52.71 66.19 -54.84
N LEU A 1815 52.14 65.12 -55.38
CA LEU A 1815 50.90 65.22 -56.13
C LEU A 1815 49.77 65.68 -55.22
N VAL A 1816 49.61 65.02 -54.09
CA VAL A 1816 48.53 65.39 -53.17
C VAL A 1816 48.76 66.79 -52.63
N ASP A 1817 50.02 67.15 -52.38
CA ASP A 1817 50.32 68.51 -51.95
C ASP A 1817 49.86 69.52 -53.00
N VAL A 1818 50.21 69.27 -54.26
CA VAL A 1818 49.91 70.23 -55.33
C VAL A 1818 48.40 70.39 -55.48
N VAL A 1819 47.66 69.27 -55.48
CA VAL A 1819 46.22 69.40 -55.73
C VAL A 1819 45.52 70.01 -54.53
N PHE A 1820 46.01 69.73 -53.31
CA PHE A 1820 45.44 70.37 -52.13
C PHE A 1820 45.65 71.88 -52.19
N TYR A 1821 46.87 72.29 -52.55
CA TYR A 1821 47.17 73.72 -52.66
C TYR A 1821 46.32 74.36 -53.75
N ARG A 1822 46.14 73.66 -54.87
CA ARG A 1822 45.31 74.17 -55.95
C ARG A 1822 43.86 74.35 -55.49
N GLY A 1823 43.33 73.36 -54.77
CA GLY A 1823 41.96 73.46 -54.28
C GLY A 1823 41.78 74.61 -53.32
N MET A 1824 42.73 74.79 -52.39
CA MET A 1824 42.64 75.92 -51.47
C MET A 1824 42.75 77.25 -52.23
N THR A 1825 43.55 77.27 -53.29
CA THR A 1825 43.67 78.50 -54.07
C THR A 1825 42.36 78.82 -54.79
N MET A 1826 41.69 77.81 -55.34
CA MET A 1826 40.32 78.02 -55.81
C MET A 1826 39.46 78.60 -54.71
N GLN A 1827 39.48 77.97 -53.53
CA GLN A 1827 38.58 78.36 -52.45
C GLN A 1827 38.77 79.82 -52.07
N VAL A 1828 40.02 80.29 -52.05
CA VAL A 1828 40.30 81.64 -51.54
C VAL A 1828 40.59 82.66 -52.63
N ALA A 1829 40.49 82.29 -53.91
CA ALA A 1829 40.75 83.26 -54.97
C ALA A 1829 39.66 84.32 -55.08
N VAL A 1830 38.49 84.09 -54.48
CA VAL A 1830 37.34 84.97 -54.66
C VAL A 1830 36.92 85.55 -53.32
N PRO A 1831 36.53 86.83 -53.23
CA PRO A 1831 36.03 87.34 -51.95
C PRO A 1831 34.72 86.68 -51.57
N ARG A 1832 34.47 86.60 -50.25
CA ARG A 1832 33.25 86.04 -49.71
C ARG A 1832 32.72 86.93 -48.61
N ASP A 1833 31.39 86.91 -48.43
CA ASP A 1833 30.74 87.73 -47.42
C ASP A 1833 30.81 87.01 -46.07
N GLU A 1834 30.08 87.54 -45.08
CA GLU A 1834 30.11 86.96 -43.74
C GLU A 1834 29.54 85.55 -43.73
N LEU A 1835 28.66 85.22 -44.68
CA LEU A 1835 28.06 83.90 -44.78
C LEU A 1835 28.83 82.98 -45.71
N GLY A 1836 29.98 83.40 -46.23
CA GLY A 1836 30.76 82.58 -47.13
C GLY A 1836 30.27 82.58 -48.57
N ARG A 1837 29.31 83.42 -48.91
CA ARG A 1837 28.75 83.45 -50.25
C ARG A 1837 29.59 84.34 -51.16
N SER A 1838 29.82 83.86 -52.39
CA SER A 1838 30.62 84.56 -53.38
C SER A 1838 29.73 85.10 -54.49
N ASN A 1839 30.24 86.12 -55.17
CA ASN A 1839 29.50 86.79 -56.25
C ASN A 1839 29.83 86.23 -57.63
N TYR A 1840 30.64 85.19 -57.71
CA TYR A 1840 31.01 84.56 -58.98
C TYR A 1840 30.42 83.16 -59.06
N GLY A 1841 30.61 82.51 -60.20
CA GLY A 1841 30.07 81.18 -60.40
C GLY A 1841 30.25 80.72 -61.83
N MET A 1842 29.60 79.59 -62.13
CA MET A 1842 29.73 78.93 -63.42
C MET A 1842 28.40 78.30 -63.83
N VAL A 1843 28.14 78.33 -65.13
CA VAL A 1843 26.98 77.65 -65.72
C VAL A 1843 27.44 76.82 -66.90
N ALA A 1844 26.68 75.76 -67.21
CA ALA A 1844 26.91 74.95 -68.40
C ALA A 1844 25.86 75.31 -69.44
N VAL A 1845 26.31 75.78 -70.60
CA VAL A 1845 25.43 76.33 -71.62
C VAL A 1845 25.45 75.41 -72.83
N ASN A 1846 24.27 75.19 -73.41
CA ASN A 1846 24.07 74.30 -74.55
C ASN A 1846 23.53 75.09 -75.73
N PRO A 1847 24.33 75.40 -76.76
CA PRO A 1847 23.79 76.16 -77.91
C PRO A 1847 22.61 75.49 -78.60
N SER A 1848 22.65 74.16 -78.74
CA SER A 1848 21.58 73.47 -79.44
C SER A 1848 20.24 73.64 -78.74
N ARG A 1849 20.25 73.81 -77.42
CA ARG A 1849 19.01 74.09 -76.71
C ARG A 1849 18.45 75.45 -77.11
N VAL A 1850 19.32 76.44 -77.29
CA VAL A 1850 18.86 77.76 -77.75
C VAL A 1850 18.29 77.64 -79.14
N SER A 1851 19.05 77.04 -80.06
CA SER A 1851 18.58 76.88 -81.44
C SER A 1851 19.55 75.96 -82.16
N ALA A 1852 19.05 75.30 -83.20
CA ALA A 1852 19.88 74.44 -84.02
C ALA A 1852 20.94 75.23 -84.80
N THR A 1853 20.72 76.53 -85.00
CA THR A 1853 21.66 77.37 -85.72
C THR A 1853 22.68 78.05 -84.81
N PHE A 1854 22.54 77.91 -83.48
CA PHE A 1854 23.49 78.50 -82.55
C PHE A 1854 24.73 77.62 -82.49
N ASP A 1855 25.89 78.17 -82.85
CA ASP A 1855 27.13 77.42 -82.92
C ASP A 1855 28.17 78.03 -81.97
N ASP A 1856 29.38 77.44 -82.01
CA ASP A 1856 30.44 77.88 -81.12
C ASP A 1856 30.87 79.31 -81.41
N SER A 1857 30.95 79.68 -82.70
CA SER A 1857 31.30 81.06 -83.04
C SER A 1857 30.24 82.03 -82.56
N ALA A 1858 28.97 81.64 -82.68
CA ALA A 1858 27.89 82.50 -82.23
C ALA A 1858 27.91 82.69 -80.71
N LEU A 1859 28.15 81.61 -79.96
CA LEU A 1859 28.22 81.76 -78.51
C LEU A 1859 29.45 82.56 -78.11
N ARG A 1860 30.57 82.39 -78.81
CA ARG A 1860 31.73 83.22 -78.54
C ARG A 1860 31.42 84.69 -78.77
N PHE A 1861 30.74 85.01 -79.88
CA PHE A 1861 30.33 86.38 -80.15
C PHE A 1861 29.44 86.91 -79.03
N VAL A 1862 28.43 86.12 -78.64
CA VAL A 1862 27.52 86.56 -77.58
C VAL A 1862 28.29 86.85 -76.30
N VAL A 1863 29.13 85.91 -75.88
CA VAL A 1863 29.84 86.04 -74.61
C VAL A 1863 30.73 87.28 -74.64
N ASP A 1864 31.45 87.48 -75.75
CA ASP A 1864 32.30 88.66 -75.86
C ASP A 1864 31.48 89.94 -75.77
N GLU A 1865 30.29 89.96 -76.39
CA GLU A 1865 29.50 91.18 -76.37
C GLU A 1865 28.91 91.47 -75.00
N VAL A 1866 28.40 90.44 -74.30
CA VAL A 1866 27.92 90.68 -72.93
C VAL A 1866 29.06 91.15 -72.04
N ALA A 1867 30.24 90.53 -72.17
CA ALA A 1867 31.37 91.00 -71.36
C ALA A 1867 31.71 92.45 -71.67
N ASN A 1868 31.83 92.79 -72.95
CA ASN A 1868 32.28 94.12 -73.36
C ASN A 1868 31.29 95.22 -73.05
N LYS A 1869 29.99 94.94 -73.07
CA LYS A 1869 29.01 95.98 -72.78
C LYS A 1869 28.95 96.35 -71.31
N THR A 1870 28.72 95.37 -70.43
CA THR A 1870 28.51 95.62 -69.01
C THR A 1870 29.79 95.55 -68.19
N LYS A 1871 30.94 95.28 -68.79
CA LYS A 1871 32.23 95.36 -68.11
C LYS A 1871 32.38 94.32 -66.98
N TRP A 1872 31.49 93.34 -66.92
CA TRP A 1872 31.55 92.31 -65.89
C TRP A 1872 32.25 91.08 -66.44
N LEU A 1873 33.01 90.41 -65.56
CA LEU A 1873 33.76 89.23 -65.98
C LEU A 1873 32.80 88.13 -66.42
N LEU A 1874 33.00 87.64 -67.64
CA LEU A 1874 32.17 86.57 -68.19
C LEU A 1874 32.93 85.96 -69.36
N GLU A 1875 33.33 84.70 -69.22
CA GLU A 1875 34.20 84.07 -70.22
C GLU A 1875 33.89 82.60 -70.32
N ILE A 1876 34.05 82.05 -71.52
CA ILE A 1876 33.93 80.62 -71.74
C ILE A 1876 35.20 79.96 -71.22
N VAL A 1877 35.05 79.00 -70.32
CA VAL A 1877 36.16 78.40 -69.59
C VAL A 1877 36.45 76.99 -70.06
N ASN A 1878 35.41 76.17 -70.28
CA ASN A 1878 35.56 74.81 -70.75
C ASN A 1878 34.91 74.67 -72.12
N TYR A 1879 35.62 74.06 -73.05
CA TYR A 1879 35.13 73.76 -74.39
C TYR A 1879 34.95 72.25 -74.46
N ASN A 1880 33.79 71.77 -74.00
CA ASN A 1880 33.56 70.34 -73.85
C ASN A 1880 33.15 69.67 -75.16
N VAL A 1881 32.03 70.08 -75.73
CA VAL A 1881 31.49 69.47 -76.94
C VAL A 1881 31.06 70.58 -77.89
N GLU A 1882 31.33 70.39 -79.18
CA GLU A 1882 31.10 71.44 -80.18
C GLU A 1882 29.62 71.78 -80.27
N ASN A 1883 29.31 73.07 -80.18
CA ASN A 1883 27.96 73.62 -80.35
C ASN A 1883 26.95 73.02 -79.37
N GLN A 1884 27.41 72.27 -78.37
CA GLN A 1884 26.54 71.41 -77.57
C GLN A 1884 26.80 71.47 -76.07
N GLN A 1885 28.04 71.56 -75.63
CA GLN A 1885 28.37 71.66 -74.21
C GLN A 1885 29.52 72.63 -74.03
N TYR A 1886 29.25 73.74 -73.37
CA TYR A 1886 30.29 74.69 -72.97
C TYR A 1886 30.03 75.07 -71.53
N VAL A 1887 31.03 75.66 -70.89
CA VAL A 1887 30.90 76.18 -69.53
C VAL A 1887 31.37 77.62 -69.54
N ALA A 1888 30.56 78.49 -68.93
CA ALA A 1888 30.86 79.92 -68.82
C ALA A 1888 31.00 80.29 -67.35
N ALA A 1889 32.07 81.01 -67.03
CA ALA A 1889 32.40 81.41 -65.68
C ALA A 1889 32.44 82.93 -65.60
N GLY A 1890 31.95 83.47 -64.49
CA GLY A 1890 32.00 84.90 -64.29
C GLY A 1890 31.15 85.30 -63.10
N ASP A 1891 30.90 86.60 -63.00
CA ASP A 1891 30.03 87.11 -61.96
C ASP A 1891 28.67 86.45 -62.07
N LEU A 1892 28.02 86.23 -60.91
CA LEU A 1892 26.63 85.79 -60.95
C LEU A 1892 25.77 86.79 -61.70
N ARG A 1893 26.10 88.08 -61.60
CA ARG A 1893 25.44 89.10 -62.39
C ARG A 1893 25.48 88.77 -63.87
N ALA A 1894 26.68 88.68 -64.43
CA ALA A 1894 26.82 88.44 -65.87
C ALA A 1894 26.34 87.04 -66.25
N LEU A 1895 26.34 86.10 -65.31
CA LEU A 1895 25.88 84.75 -65.63
C LEU A 1895 24.37 84.71 -65.77
N ASP A 1896 23.65 85.33 -64.84
CA ASP A 1896 22.21 85.48 -65.03
C ASP A 1896 21.92 86.33 -66.26
N THR A 1897 22.81 87.29 -66.55
CA THR A 1897 22.65 88.09 -67.75
C THR A 1897 22.68 87.21 -69.00
N LEU A 1898 23.69 86.34 -69.10
CA LEU A 1898 23.78 85.44 -70.25
C LEU A 1898 22.61 84.47 -70.28
N THR A 1899 22.20 83.97 -69.11
CA THR A 1899 21.07 83.03 -69.06
C THR A 1899 19.82 83.66 -69.65
N ASN A 1900 19.45 84.83 -69.16
CA ASN A 1900 18.24 85.48 -69.67
C ASN A 1900 18.42 86.00 -71.09
N VAL A 1901 19.66 86.36 -71.47
CA VAL A 1901 19.92 86.78 -72.84
C VAL A 1901 19.63 85.62 -73.79
N LEU A 1902 20.13 84.43 -73.47
CA LEU A 1902 19.90 83.28 -74.33
C LEU A 1902 18.42 82.88 -74.32
N ASN A 1903 17.76 82.98 -73.17
CA ASN A 1903 16.32 82.70 -73.12
C ASN A 1903 15.55 83.63 -74.05
N VAL A 1904 15.79 84.94 -73.93
CA VAL A 1904 15.09 85.90 -74.78
C VAL A 1904 15.50 85.74 -76.23
N LEU A 1905 16.75 85.34 -76.50
CA LEU A 1905 17.17 85.11 -77.88
C LEU A 1905 16.42 83.95 -78.50
N LYS A 1906 16.24 82.86 -77.75
CA LYS A 1906 15.44 81.75 -78.25
C LYS A 1906 13.99 82.18 -78.47
N ILE A 1907 13.45 82.98 -77.54
CA ILE A 1907 12.07 83.46 -77.69
C ILE A 1907 11.94 84.29 -78.96
N ASN A 1908 12.89 85.20 -79.21
CA ASN A 1908 12.85 86.06 -80.38
C ASN A 1908 13.21 85.33 -81.67
N LYS A 1909 13.80 84.13 -81.58
CA LYS A 1909 14.19 83.36 -82.76
C LYS A 1909 15.24 84.11 -83.58
N ILE A 1910 16.06 84.91 -82.91
CA ILE A 1910 17.12 85.67 -83.58
C ILE A 1910 18.27 84.71 -83.91
N ASP A 1911 18.77 84.78 -85.14
CA ASP A 1911 19.93 83.99 -85.55
C ASP A 1911 21.05 85.00 -85.82
N ILE A 1912 21.97 85.11 -84.85
CA ILE A 1912 23.02 86.11 -84.94
C ILE A 1912 23.94 85.85 -86.12
N VAL A 1913 24.00 84.60 -86.60
CA VAL A 1913 24.81 84.32 -87.78
C VAL A 1913 24.25 85.08 -88.98
N LYS A 1914 22.93 85.01 -89.20
CA LYS A 1914 22.35 85.77 -90.30
C LYS A 1914 22.39 87.27 -90.01
N LEU A 1915 22.32 87.67 -88.73
CA LEU A 1915 22.46 89.08 -88.43
C LEU A 1915 23.82 89.61 -88.87
N GLN A 1916 24.89 88.86 -88.59
CA GLN A 1916 26.22 89.27 -89.02
C GLN A 1916 26.39 89.14 -90.52
N GLU A 1917 25.74 88.16 -91.15
CA GLU A 1917 25.91 87.93 -92.58
C GLU A 1917 25.07 88.87 -93.45
N GLN A 1918 24.05 89.52 -92.88
CA GLN A 1918 23.20 90.42 -93.66
C GLN A 1918 23.02 91.78 -93.01
N MET A 1919 23.83 92.14 -92.01
CA MET A 1919 23.77 93.45 -91.41
C MET A 1919 25.15 93.81 -90.88
N SER A 1920 25.41 95.10 -90.77
CA SER A 1920 26.68 95.57 -90.23
C SER A 1920 26.80 95.15 -88.76
N ILE A 1921 28.04 94.96 -88.32
CA ILE A 1921 28.28 94.61 -86.91
C ILE A 1921 27.71 95.69 -85.99
N GLU A 1922 27.58 96.92 -86.48
CA GLU A 1922 26.95 97.97 -85.69
C GLU A 1922 25.48 97.63 -85.42
N LYS A 1923 24.78 97.07 -86.41
CA LYS A 1923 23.37 96.71 -86.20
C LYS A 1923 23.24 95.47 -85.31
N VAL A 1924 24.07 94.46 -85.55
CA VAL A 1924 24.06 93.27 -84.70
C VAL A 1924 24.41 93.67 -83.27
N LYS A 1925 25.44 94.51 -83.12
CA LYS A 1925 25.79 95.01 -81.80
C LYS A 1925 24.65 95.81 -81.19
N GLU A 1926 23.95 96.61 -82.00
CA GLU A 1926 22.86 97.42 -81.45
C GLU A 1926 21.75 96.54 -80.90
N HIS A 1927 21.31 95.55 -81.66
CA HIS A 1927 20.24 94.68 -81.19
C HIS A 1927 20.68 93.87 -79.97
N LEU A 1928 21.86 93.26 -80.05
CA LEU A 1928 22.34 92.46 -78.92
C LEU A 1928 22.57 93.33 -77.69
N TYR A 1929 22.94 94.60 -77.90
CA TYR A 1929 23.12 95.51 -76.77
C TYR A 1929 21.79 95.90 -76.16
N GLU A 1930 20.74 96.05 -76.98
CA GLU A 1930 19.42 96.28 -76.40
C GLU A 1930 19.02 95.13 -75.50
N ILE A 1931 19.20 93.90 -76.00
CA ILE A 1931 18.89 92.72 -75.16
C ILE A 1931 19.76 92.72 -73.91
N VAL A 1932 21.05 93.02 -74.08
CA VAL A 1932 21.99 92.98 -72.95
C VAL A 1932 21.61 94.02 -71.91
N ASP A 1933 21.22 95.22 -72.34
CA ASP A 1933 20.86 96.26 -71.40
C ASP A 1933 19.62 95.89 -70.61
N GLU A 1934 18.57 95.43 -71.30
CA GLU A 1934 17.35 95.04 -70.57
C GLU A 1934 17.66 93.91 -69.59
N VAL A 1935 18.41 92.90 -70.06
CA VAL A 1935 18.66 91.72 -69.23
C VAL A 1935 19.58 92.07 -68.06
N ALA A 1936 20.56 92.95 -68.28
CA ALA A 1936 21.46 93.34 -67.20
C ALA A 1936 20.73 94.20 -66.18
N ALA A 1937 19.79 95.04 -66.63
CA ALA A 1937 18.95 95.77 -65.69
C ALA A 1937 18.16 94.80 -64.83
N LYS A 1938 17.61 93.74 -65.44
CA LYS A 1938 16.92 92.72 -64.65
C LYS A 1938 17.87 92.04 -63.66
N SER A 1939 19.09 91.73 -64.10
CA SER A 1939 20.06 91.08 -63.23
C SER A 1939 20.39 91.96 -62.02
N LEU A 1940 20.63 93.24 -62.25
CA LEU A 1940 20.90 94.15 -61.14
C LEU A 1940 19.67 94.29 -60.24
N ALA A 1941 18.47 94.28 -60.83
CA ALA A 1941 17.25 94.36 -60.04
C ALA A 1941 17.12 93.19 -59.10
N LYS A 1942 17.48 91.99 -59.54
CA LYS A 1942 17.41 90.83 -58.66
C LYS A 1942 18.35 91.01 -57.47
N PRO A 1943 18.00 90.47 -56.31
CA PRO A 1943 18.79 90.75 -55.09
C PRO A 1943 20.13 90.06 -55.13
N GLN A 1944 21.18 90.79 -54.74
CA GLN A 1944 22.53 90.23 -54.77
C GLN A 1944 22.83 89.52 -53.46
N PRO A 1945 23.58 88.40 -53.48
CA PRO A 1945 24.20 87.72 -54.63
C PRO A 1945 23.16 86.98 -55.46
N ILE A 1946 23.31 86.99 -56.78
CA ILE A 1946 22.29 86.46 -57.68
C ILE A 1946 22.39 84.94 -57.71
N ASP A 1947 21.29 84.27 -57.32
CA ASP A 1947 21.19 82.82 -57.43
C ASP A 1947 20.74 82.48 -58.85
N LEU A 1948 21.56 81.75 -59.57
CA LEU A 1948 21.24 81.39 -60.94
C LEU A 1948 20.05 80.44 -60.99
N GLU A 1949 19.31 80.49 -62.09
CA GLU A 1949 18.20 79.60 -62.36
C GLU A 1949 18.47 78.83 -63.65
N ARG A 1950 18.00 77.59 -63.69
CA ARG A 1950 18.24 76.72 -64.83
C ARG A 1950 17.46 77.23 -66.04
N GLY A 1951 18.18 77.75 -67.03
CA GLY A 1951 17.57 78.13 -68.29
C GLY A 1951 17.39 76.93 -69.20
N PHE A 1952 16.81 77.19 -70.37
CA PHE A 1952 16.65 76.12 -71.35
C PHE A 1952 18.00 75.56 -71.78
N ALA A 1953 18.96 76.44 -72.05
CA ALA A 1953 20.31 76.03 -72.40
C ALA A 1953 21.28 76.08 -71.23
N VAL A 1954 21.07 76.99 -70.28
CA VAL A 1954 21.98 77.19 -69.17
C VAL A 1954 21.54 76.31 -68.00
N ILE A 1955 22.50 75.65 -67.38
CA ILE A 1955 22.30 74.87 -66.16
C ILE A 1955 23.40 75.28 -65.19
N PRO A 1956 23.07 76.01 -64.12
CA PRO A 1956 24.12 76.46 -63.19
C PRO A 1956 24.78 75.27 -62.51
N LEU A 1957 26.09 75.39 -62.27
CA LEU A 1957 26.85 74.34 -61.63
C LEU A 1957 26.74 74.51 -60.12
N LYS A 1958 25.94 73.66 -59.49
CA LYS A 1958 25.68 73.79 -58.06
C LYS A 1958 26.92 73.43 -57.26
N GLY A 1959 27.18 74.19 -56.20
CA GLY A 1959 28.31 73.97 -55.34
C GLY A 1959 29.62 74.56 -55.81
N ILE A 1960 29.62 75.28 -56.94
CA ILE A 1960 30.81 75.94 -57.46
C ILE A 1960 30.66 77.43 -57.22
N SER A 1961 31.63 78.01 -56.51
CA SER A 1961 31.61 79.43 -56.17
C SER A 1961 32.83 80.18 -56.70
N VAL A 1962 33.61 79.56 -57.58
CA VAL A 1962 34.89 80.12 -58.04
C VAL A 1962 34.90 80.09 -59.56
N PRO A 1963 35.23 81.20 -60.25
CA PRO A 1963 35.28 81.15 -61.73
C PRO A 1963 36.65 80.74 -62.25
N PHE A 1964 37.04 79.50 -61.97
CA PHE A 1964 38.37 79.07 -62.35
C PHE A 1964 38.41 78.74 -63.83
N HIS A 1965 39.64 78.64 -64.35
CA HIS A 1965 39.97 78.54 -65.77
C HIS A 1965 39.68 79.83 -66.54
N SER A 1966 39.45 80.94 -65.85
CA SER A 1966 39.24 82.24 -66.47
C SER A 1966 40.41 83.16 -66.12
N SER A 1967 40.38 84.37 -66.68
CA SER A 1967 41.43 85.35 -66.42
C SER A 1967 41.44 85.85 -64.98
N TYR A 1968 40.39 85.55 -64.20
CA TYR A 1968 40.35 85.99 -62.82
C TYR A 1968 41.48 85.38 -61.99
N LEU A 1969 41.90 84.15 -62.32
CA LEU A 1969 42.93 83.46 -61.57
C LEU A 1969 44.34 83.78 -62.08
N MET A 1970 44.47 84.68 -63.05
CA MET A 1970 45.79 85.11 -63.50
C MET A 1970 46.58 85.70 -62.34
N SER A 1971 45.90 86.38 -61.41
CA SER A 1971 46.58 86.88 -60.22
C SER A 1971 47.14 85.74 -59.38
N GLY A 1972 46.36 84.67 -59.20
CA GLY A 1972 46.75 83.56 -58.36
C GLY A 1972 47.66 82.55 -59.01
N VAL A 1973 47.94 82.68 -60.30
CA VAL A 1973 48.86 81.74 -60.95
C VAL A 1973 50.24 81.79 -60.30
N LYS A 1974 50.76 82.99 -60.05
CA LYS A 1974 52.19 83.13 -59.75
C LYS A 1974 52.62 82.37 -58.49
N PRO A 1975 51.92 82.45 -57.36
CA PRO A 1975 52.30 81.58 -56.23
C PRO A 1975 52.23 80.10 -56.58
N PHE A 1976 51.24 79.72 -57.38
CA PHE A 1976 51.12 78.32 -57.79
C PHE A 1976 52.28 77.90 -58.67
N GLN A 1977 52.79 78.80 -59.50
CA GLN A 1977 53.96 78.49 -60.31
C GLN A 1977 55.16 78.17 -59.43
N ARG A 1978 55.38 78.97 -58.39
CA ARG A 1978 56.49 78.71 -57.47
C ARG A 1978 56.30 77.40 -56.73
N PHE A 1979 55.06 77.12 -56.30
CA PHE A 1979 54.79 75.86 -55.62
C PHE A 1979 55.05 74.66 -56.55
N LEU A 1980 54.63 74.77 -57.81
CA LEU A 1980 54.88 73.71 -58.78
C LEU A 1980 56.37 73.54 -59.02
N CYS A 1981 57.12 74.64 -59.13
CA CYS A 1981 58.56 74.54 -59.30
C CYS A 1981 59.20 73.83 -58.12
N LYS A 1982 58.72 74.11 -56.91
CA LYS A 1982 59.26 73.42 -55.74
C LYS A 1982 58.92 71.93 -55.75
N LYS A 1983 57.68 71.59 -56.10
CA LYS A 1983 57.20 70.21 -55.97
C LYS A 1983 57.45 69.36 -57.20
N ILE A 1984 57.98 69.92 -58.29
CA ILE A 1984 58.38 69.17 -59.46
C ILE A 1984 59.90 69.16 -59.49
N PRO A 1985 60.57 68.11 -59.04
CA PRO A 1985 62.02 68.00 -59.29
C PRO A 1985 62.28 67.97 -60.78
N LYS A 1986 63.38 68.61 -61.20
CA LYS A 1986 63.77 68.54 -62.60
C LYS A 1986 64.11 67.12 -63.00
N SER A 1987 64.55 66.29 -62.06
CA SER A 1987 64.90 64.91 -62.38
C SER A 1987 63.69 64.04 -62.65
N SER A 1988 62.53 64.41 -62.11
CA SER A 1988 61.35 63.56 -62.26
C SER A 1988 60.73 63.67 -63.66
N VAL A 1989 61.06 64.70 -64.41
CA VAL A 1989 60.48 64.90 -65.74
C VAL A 1989 61.18 63.96 -66.71
N LYS A 1990 60.40 63.13 -67.41
CA LYS A 1990 60.91 62.27 -68.47
C LYS A 1990 60.36 62.79 -69.79
N PRO A 1991 61.14 63.52 -70.59
CA PRO A 1991 60.58 64.09 -71.83
C PRO A 1991 60.08 63.05 -72.82
N GLN A 1992 60.67 61.85 -72.84
CA GLN A 1992 60.24 60.84 -73.81
C GLN A 1992 58.83 60.35 -73.46
N ASP A 1993 58.47 60.40 -72.18
CA ASP A 1993 57.12 60.02 -71.75
C ASP A 1993 56.10 61.12 -71.96
N LEU A 1994 56.51 62.28 -72.48
CA LEU A 1994 55.63 63.42 -72.73
C LEU A 1994 55.52 63.76 -74.21
N ILE A 1995 56.63 63.74 -74.94
CA ILE A 1995 56.64 64.16 -76.33
C ILE A 1995 55.72 63.25 -77.14
N GLY A 1996 54.72 63.84 -77.78
CA GLY A 1996 53.78 63.11 -78.60
C GLY A 1996 52.79 62.25 -77.84
N LYS A 1997 52.83 62.26 -76.52
CA LYS A 1997 51.92 61.50 -75.67
C LYS A 1997 51.12 62.40 -74.74
N TYR A 1998 51.73 63.44 -74.19
CA TYR A 1998 51.05 64.36 -73.30
C TYR A 1998 50.32 65.41 -74.12
N ILE A 1999 49.03 65.57 -73.84
CA ILE A 1999 48.19 66.58 -74.47
C ILE A 1999 47.64 67.47 -73.36
N PRO A 2000 48.14 68.70 -73.21
CA PRO A 2000 47.61 69.58 -72.17
C PRO A 2000 46.27 70.18 -72.54
N ASN A 2001 45.66 70.83 -71.54
CA ASN A 2001 44.44 71.59 -71.78
C ASN A 2001 44.75 73.01 -72.23
N LEU A 2002 45.93 73.54 -71.90
CA LEU A 2002 46.25 74.92 -72.26
C LEU A 2002 46.40 75.07 -73.77
N THR A 2003 47.00 74.09 -74.43
CA THR A 2003 47.22 74.12 -75.87
C THR A 2003 46.36 73.14 -76.65
N ALA A 2004 45.96 72.03 -76.04
CA ALA A 2004 45.15 71.02 -76.71
C ALA A 2004 45.81 70.50 -77.98
N LYS A 2005 47.13 70.36 -77.92
CA LYS A 2005 47.90 69.68 -78.95
C LYS A 2005 48.97 68.86 -78.25
N PRO A 2006 49.54 67.86 -78.92
CA PRO A 2006 50.53 67.00 -78.26
C PRO A 2006 51.73 67.80 -77.78
N PHE A 2007 52.23 67.42 -76.61
CA PHE A 2007 53.40 68.04 -76.02
C PHE A 2007 54.59 67.92 -76.98
N GLU A 2008 55.27 69.03 -77.21
CA GLU A 2008 56.39 69.05 -78.14
C GLU A 2008 57.39 70.09 -77.67
N LEU A 2009 58.68 69.78 -77.84
CA LEU A 2009 59.75 70.70 -77.48
C LEU A 2009 60.21 71.45 -78.73
N THR A 2010 59.28 72.21 -79.29
CA THR A 2010 59.50 72.97 -80.51
C THR A 2010 59.19 74.44 -80.28
N LYS A 2011 59.93 75.30 -80.99
CA LYS A 2011 59.74 76.74 -80.83
C LYS A 2011 58.32 77.14 -81.19
N GLU A 2012 57.70 76.45 -82.14
CA GLU A 2012 56.30 76.70 -82.46
C GLU A 2012 55.42 76.46 -81.23
N TYR A 2013 55.66 75.34 -80.54
CA TYR A 2013 54.86 75.02 -79.37
C TYR A 2013 55.09 76.03 -78.25
N PHE A 2014 56.35 76.41 -78.02
CA PHE A 2014 56.64 77.38 -76.97
C PHE A 2014 56.01 78.74 -77.28
N GLN A 2015 56.05 79.15 -78.54
CA GLN A 2015 55.39 80.40 -78.92
C GLN A 2015 53.88 80.30 -78.78
N SER A 2016 53.31 79.13 -79.06
CA SER A 2016 51.87 78.95 -78.84
C SER A 2016 51.54 79.11 -77.37
N VAL A 2017 52.37 78.55 -76.49
CA VAL A 2017 52.14 78.70 -75.06
C VAL A 2017 52.30 80.16 -74.65
N TYR A 2018 53.28 80.84 -75.22
CA TYR A 2018 53.51 82.25 -74.88
C TYR A 2018 52.34 83.12 -75.30
N ASP A 2019 51.75 82.83 -76.45
CA ASP A 2019 50.62 83.62 -76.92
C ASP A 2019 49.47 83.61 -75.92
N LEU A 2020 49.35 82.54 -75.14
CA LEU A 2020 48.28 82.44 -74.15
C LEU A 2020 48.70 82.99 -72.79
N THR A 2021 49.94 82.70 -72.37
CA THR A 2021 50.34 82.96 -70.99
C THR A 2021 51.15 84.24 -70.79
N LYS A 2022 51.92 84.67 -71.79
CA LYS A 2022 52.80 85.83 -71.66
C LYS A 2022 53.80 85.64 -70.52
N SER A 2023 54.24 84.40 -70.32
CA SER A 2023 55.08 84.07 -69.17
C SER A 2023 56.51 84.52 -69.40
N GLU A 2024 57.15 84.99 -68.32
CA GLU A 2024 58.54 85.44 -68.40
C GLU A 2024 59.48 84.29 -68.72
N LYS A 2025 59.23 83.10 -68.15
CA LYS A 2025 60.10 81.97 -68.39
C LYS A 2025 60.02 81.53 -69.85
N ILE A 2026 58.81 81.38 -70.38
CA ILE A 2026 58.66 81.02 -71.78
C ILE A 2026 59.23 82.11 -72.67
N LYS A 2027 59.11 83.38 -72.24
CA LYS A 2027 59.72 84.46 -73.00
C LYS A 2027 61.23 84.30 -73.07
N SER A 2028 61.85 83.95 -71.95
CA SER A 2028 63.29 83.73 -71.93
C SER A 2028 63.69 82.57 -72.84
N ILE A 2029 62.95 81.47 -72.76
CA ILE A 2029 63.27 80.30 -73.60
C ILE A 2029 63.11 80.65 -75.07
N LEU A 2030 62.05 81.38 -75.42
CA LEU A 2030 61.84 81.75 -76.81
C LEU A 2030 62.91 82.71 -77.30
N ASP A 2031 63.35 83.63 -76.42
CA ASP A 2031 64.40 84.56 -76.80
C ASP A 2031 65.73 83.86 -76.98
N ASN A 2032 66.00 82.81 -76.20
CA ASN A 2032 67.29 82.13 -76.20
C ASN A 2032 67.21 80.73 -76.79
N TRP A 2033 66.20 80.47 -77.62
CA TRP A 2033 66.07 79.17 -78.29
C TRP A 2033 67.27 78.84 -79.17
N GLU A 2034 68.05 79.84 -79.58
CA GLU A 2034 69.23 79.55 -80.42
C GLU A 2034 70.18 78.60 -79.71
N GLN A 2035 70.36 78.75 -78.39
CA GLN A 2035 71.24 77.84 -77.67
C GLN A 2035 70.65 76.44 -77.57
N TYR A 2036 69.33 76.32 -77.50
CA TYR A 2036 68.69 75.01 -77.46
C TYR A 2036 68.57 74.37 -78.85
N GLU A 2037 68.80 75.13 -79.91
CA GLU A 2037 68.74 74.58 -81.26
C GLU A 2037 69.79 73.49 -81.46
N MET B 1 69.75 69.09 -78.95
CA MET B 1 69.71 69.37 -77.49
C MET B 1 70.14 68.14 -76.70
N LYS B 2 71.04 68.35 -75.75
CA LYS B 2 71.46 67.24 -74.89
C LYS B 2 70.29 66.81 -74.01
N PRO B 3 70.31 65.58 -73.47
CA PRO B 3 69.21 65.15 -72.58
C PRO B 3 68.99 66.10 -71.41
N GLU B 4 70.07 66.67 -70.87
CA GLU B 4 69.91 67.58 -69.73
C GLU B 4 69.17 68.85 -70.12
N ILE B 5 69.54 69.44 -71.27
CA ILE B 5 68.80 70.61 -71.76
C ILE B 5 67.36 70.23 -72.08
N GLU B 6 67.16 69.03 -72.64
CA GLU B 6 65.82 68.56 -72.97
C GLU B 6 64.97 68.47 -71.70
N GLN B 7 65.54 67.94 -70.63
CA GLN B 7 64.82 67.85 -69.35
C GLN B 7 64.54 69.25 -68.79
N GLU B 8 65.52 70.16 -68.89
CA GLU B 8 65.30 71.51 -68.40
C GLU B 8 64.12 72.15 -69.12
N LEU B 9 64.12 72.09 -70.45
CA LEU B 9 63.04 72.67 -71.24
C LEU B 9 61.71 72.01 -70.91
N SER B 10 61.68 70.68 -70.81
CA SER B 10 60.44 69.98 -70.52
C SER B 10 59.90 70.36 -69.15
N HIS B 11 60.77 70.42 -68.15
CA HIS B 11 60.34 70.80 -66.81
C HIS B 11 59.76 72.20 -66.80
N THR B 12 60.46 73.15 -67.43
CA THR B 12 59.98 74.53 -67.44
C THR B 12 58.63 74.63 -68.14
N LEU B 13 58.53 74.06 -69.34
CA LEU B 13 57.30 74.18 -70.11
C LEU B 13 56.15 73.48 -69.41
N LEU B 14 56.40 72.31 -68.81
CA LEU B 14 55.33 71.61 -68.09
C LEU B 14 54.89 72.41 -66.87
N THR B 15 55.83 73.03 -66.17
CA THR B 15 55.46 73.84 -65.01
C THR B 15 54.58 75.00 -65.41
N GLU B 16 54.94 75.72 -66.50
CA GLU B 16 54.06 76.80 -66.95
C GLU B 16 52.72 76.28 -67.47
N LEU B 17 52.72 75.16 -68.19
CA LEU B 17 51.46 74.61 -68.67
C LEU B 17 50.51 74.31 -67.51
N LEU B 18 51.03 73.66 -66.47
CA LEU B 18 50.19 73.36 -65.30
C LEU B 18 49.82 74.64 -64.56
N ALA B 19 50.74 75.60 -64.47
CA ALA B 19 50.50 76.80 -63.68
C ALA B 19 49.44 77.69 -64.33
N TYR B 20 49.42 77.73 -65.66
CA TYR B 20 48.49 78.60 -66.38
C TYR B 20 47.24 77.88 -66.88
N GLN B 21 47.22 76.55 -66.89
CA GLN B 21 45.96 75.82 -66.95
C GLN B 21 45.10 76.13 -65.72
N PHE B 22 45.74 76.56 -64.65
CA PHE B 22 45.04 77.07 -63.48
C PHE B 22 44.03 78.14 -63.87
N ALA B 23 44.44 79.07 -64.74
CA ALA B 23 43.68 80.28 -65.02
C ALA B 23 43.42 80.48 -66.52
N SER B 24 43.51 79.41 -67.32
CA SER B 24 43.20 79.49 -68.74
C SER B 24 42.08 78.50 -69.09
N PRO B 25 41.39 78.71 -70.21
CA PRO B 25 40.27 77.81 -70.53
C PRO B 25 40.73 76.39 -70.82
N VAL B 26 39.85 75.44 -70.53
CA VAL B 26 40.06 74.04 -70.87
C VAL B 26 39.52 73.82 -72.28
N ARG B 27 40.41 73.49 -73.21
CA ARG B 27 40.05 73.35 -74.62
C ARG B 27 39.82 71.88 -74.96
N TRP B 28 38.80 71.32 -74.32
CA TRP B 28 38.52 69.89 -74.50
C TRP B 28 37.98 69.57 -75.89
N ILE B 29 37.33 70.51 -76.57
CA ILE B 29 36.90 70.25 -77.94
C ILE B 29 38.10 69.97 -78.83
N GLU B 30 39.07 70.89 -78.83
CA GLU B 30 40.28 70.69 -79.62
C GLU B 30 41.05 69.47 -79.14
N THR B 31 41.08 69.23 -77.83
CA THR B 31 41.85 68.10 -77.34
C THR B 31 41.23 66.78 -77.80
N GLN B 32 39.90 66.69 -77.81
CA GLN B 32 39.23 65.51 -78.35
C GLN B 32 39.52 65.37 -79.84
N ASP B 33 39.48 66.48 -80.57
CA ASP B 33 39.79 66.43 -81.99
C ASP B 33 41.19 65.88 -82.23
N VAL B 34 42.15 66.23 -81.37
CA VAL B 34 43.52 65.76 -81.56
C VAL B 34 43.56 64.22 -81.51
N PHE B 35 43.17 63.63 -80.38
CA PHE B 35 43.36 62.20 -80.22
C PHE B 35 42.28 61.37 -80.91
N LEU B 36 41.21 61.99 -81.43
CA LEU B 36 40.24 61.25 -82.23
C LEU B 36 40.57 61.28 -83.71
N LYS B 37 41.02 62.43 -84.22
CA LYS B 37 41.28 62.58 -85.65
C LYS B 37 42.74 62.29 -85.99
N GLN B 38 43.67 63.00 -85.37
CA GLN B 38 45.07 62.85 -85.73
C GLN B 38 45.61 61.50 -85.28
N HIS B 39 45.37 61.13 -84.02
CA HIS B 39 45.87 59.86 -83.50
C HIS B 39 45.01 58.67 -83.92
N ASN B 40 43.76 58.90 -84.33
CA ASN B 40 42.84 57.82 -84.68
C ASN B 40 42.71 56.83 -83.53
N THR B 41 42.61 57.36 -82.31
CA THR B 41 42.47 56.51 -81.15
C THR B 41 41.20 55.68 -81.23
N GLU B 42 41.34 54.38 -80.96
CA GLU B 42 40.20 53.47 -80.88
C GLU B 42 39.71 53.29 -79.45
N ARG B 43 40.60 52.90 -78.54
CA ARG B 43 40.24 52.63 -77.15
C ARG B 43 40.42 53.93 -76.36
N ILE B 44 39.31 54.55 -75.99
CA ILE B 44 39.32 55.78 -75.20
C ILE B 44 38.78 55.44 -73.82
N ILE B 45 39.67 55.21 -72.87
CA ILE B 45 39.32 54.86 -71.50
C ILE B 45 39.39 56.12 -70.66
N GLU B 46 38.31 56.44 -69.96
CA GLU B 46 38.30 57.54 -69.01
C GLU B 46 38.39 56.96 -67.60
N ILE B 47 39.42 57.38 -66.87
CA ILE B 47 39.69 56.94 -65.52
C ILE B 47 39.05 57.96 -64.59
N GLY B 48 37.91 57.60 -64.02
CA GLY B 48 37.20 58.49 -63.13
C GLY B 48 36.07 57.79 -62.41
N PRO B 49 35.43 58.48 -61.47
CA PRO B 49 34.29 57.86 -60.75
C PRO B 49 33.01 57.82 -61.55
N SER B 50 32.89 58.62 -62.61
CA SER B 50 31.68 58.74 -63.40
C SER B 50 32.07 58.90 -64.85
N PRO B 51 31.22 58.41 -65.82
CA PRO B 51 31.60 58.43 -67.24
C PRO B 51 31.41 59.80 -67.92
N THR B 52 31.90 60.85 -67.26
CA THR B 52 31.69 62.20 -67.76
C THR B 52 32.36 62.37 -69.12
N LEU B 53 33.69 62.19 -69.16
CA LEU B 53 34.40 62.45 -70.41
C LEU B 53 34.20 61.31 -71.40
N ALA B 54 33.86 60.11 -70.93
CA ALA B 54 33.43 59.07 -71.86
C ALA B 54 32.18 59.50 -72.62
N GLY B 55 31.20 60.06 -71.90
CA GLY B 55 30.03 60.59 -72.57
C GLY B 55 30.36 61.71 -73.53
N MET B 56 31.18 62.67 -73.09
CA MET B 56 31.51 63.78 -73.98
C MET B 56 32.28 63.30 -75.21
N ALA B 57 33.17 62.32 -75.04
CA ALA B 57 33.90 61.77 -76.18
C ALA B 57 32.96 61.05 -77.15
N ASN B 58 32.05 60.23 -76.61
CA ASN B 58 31.06 59.58 -77.47
C ASN B 58 30.26 60.61 -78.24
N ARG B 59 29.92 61.71 -77.58
CA ARG B 59 28.99 62.67 -78.18
C ARG B 59 29.71 63.51 -79.23
N THR B 60 30.99 63.83 -78.99
CA THR B 60 31.83 64.42 -80.03
C THR B 60 32.00 63.49 -81.22
N ILE B 61 32.21 62.19 -80.96
CA ILE B 61 32.37 61.23 -82.04
C ILE B 61 31.12 61.19 -82.91
N LYS B 62 29.95 61.14 -82.27
CA LYS B 62 28.71 61.13 -83.01
C LYS B 62 28.52 62.44 -83.77
N ALA B 63 28.88 63.57 -83.16
CA ALA B 63 28.63 64.86 -83.78
C ALA B 63 29.49 65.07 -85.02
N LYS B 64 30.79 64.73 -84.93
CA LYS B 64 31.75 65.14 -85.96
C LYS B 64 32.46 63.98 -86.65
N TYR B 65 32.69 62.86 -85.97
CA TYR B 65 33.48 61.77 -86.52
C TYR B 65 32.64 60.56 -86.89
N GLU B 66 31.31 60.70 -86.97
CA GLU B 66 30.46 59.57 -87.35
C GLU B 66 30.79 59.10 -88.76
N SER B 67 30.92 60.03 -89.70
CA SER B 67 31.28 59.67 -91.07
C SER B 67 32.76 59.35 -91.20
N TYR B 68 33.62 60.04 -90.43
CA TYR B 68 35.05 59.79 -90.50
C TYR B 68 35.39 58.36 -90.06
N ASP B 69 34.80 57.90 -88.96
CA ASP B 69 35.05 56.55 -88.48
C ASP B 69 34.56 55.52 -89.48
N ALA B 70 33.37 55.75 -90.06
CA ALA B 70 32.86 54.82 -91.07
C ALA B 70 33.77 54.79 -92.29
N ALA B 71 34.27 55.96 -92.72
CA ALA B 71 35.14 56.00 -93.89
C ALA B 71 36.43 55.24 -93.64
N LEU B 72 37.03 55.40 -92.46
CA LEU B 72 38.29 54.72 -92.15
C LEU B 72 38.08 53.32 -91.57
N SER B 73 36.83 52.86 -91.43
CA SER B 73 36.53 51.55 -90.85
C SER B 73 37.14 51.42 -89.45
N LEU B 74 37.08 52.50 -88.69
CA LEU B 74 37.68 52.57 -87.37
C LEU B 74 36.58 52.41 -86.32
N GLN B 75 36.68 51.37 -85.50
CA GLN B 75 35.71 51.10 -84.45
C GLN B 75 36.25 51.67 -83.14
N ARG B 76 35.63 52.74 -82.66
CA ARG B 76 36.04 53.41 -81.44
C ARG B 76 35.26 52.86 -80.25
N GLN B 77 35.98 52.29 -79.28
CA GLN B 77 35.41 51.78 -78.05
C GLN B 77 35.73 52.80 -76.95
N VAL B 78 34.68 53.41 -76.40
CA VAL B 78 34.80 54.37 -75.31
C VAL B 78 34.44 53.65 -74.02
N LEU B 79 35.38 53.61 -73.09
CA LEU B 79 35.27 52.85 -71.87
C LEU B 79 35.36 53.77 -70.67
N CYS B 80 34.63 53.42 -69.61
CA CYS B 80 34.63 54.15 -68.36
C CYS B 80 35.11 53.22 -67.25
N TYR B 81 35.98 53.74 -66.37
CA TYR B 81 36.47 52.88 -65.30
C TYR B 81 35.35 52.45 -64.36
N SER B 82 34.46 53.37 -64.00
CA SER B 82 33.42 53.05 -63.03
C SER B 82 32.36 52.11 -63.57
N LYS B 83 32.27 51.95 -64.90
CA LYS B 83 31.25 51.12 -65.54
C LYS B 83 31.83 49.93 -66.26
N ASP B 84 32.83 50.13 -67.11
CA ASP B 84 33.38 49.10 -67.98
C ASP B 84 34.70 48.56 -67.44
N ALA B 85 34.77 48.39 -66.11
CA ALA B 85 35.98 47.84 -65.50
C ALA B 85 36.30 46.46 -66.05
N LYS B 86 35.29 45.64 -66.31
CA LYS B 86 35.54 44.33 -66.89
C LYS B 86 36.20 44.44 -68.26
N GLU B 87 35.70 45.33 -69.11
CA GLU B 87 36.29 45.50 -70.43
C GLU B 87 37.70 46.07 -70.35
N ILE B 88 37.94 47.03 -69.44
CA ILE B 88 39.26 47.63 -69.33
C ILE B 88 40.27 46.63 -68.80
N TYR B 89 39.87 45.83 -67.80
CA TYR B 89 40.76 44.85 -67.20
C TYR B 89 40.80 43.53 -67.97
N TYR B 90 40.01 43.39 -69.03
CA TYR B 90 39.91 42.15 -69.79
C TYR B 90 39.48 41.01 -68.86
N LYS B 91 38.32 41.20 -68.23
CA LYS B 91 37.71 40.20 -67.35
C LYS B 91 36.24 40.03 -67.73
N PRO B 92 35.95 39.45 -68.89
CA PRO B 92 34.56 39.11 -69.20
C PRO B 92 34.03 38.07 -68.23
N ASP B 93 32.73 38.12 -68.00
CA ASP B 93 32.11 37.19 -67.07
C ASP B 93 32.24 35.76 -67.59
N PRO B 94 32.83 34.82 -66.81
CA PRO B 94 32.95 33.46 -67.34
C PRO B 94 31.62 32.81 -67.65
N ASP B 322 -0.39 -2.12 -28.47
CA ASP B 322 0.61 -1.26 -29.08
C ASP B 322 1.58 -0.71 -28.04
N SER B 323 2.72 -0.23 -28.52
CA SER B 323 3.69 0.39 -27.63
C SER B 323 3.11 1.62 -26.95
N ALA B 324 2.22 2.35 -27.64
CA ALA B 324 1.56 3.49 -27.01
C ALA B 324 0.70 3.04 -25.84
N ALA B 325 -0.07 1.95 -26.01
CA ALA B 325 -0.88 1.44 -24.93
C ALA B 325 -0.03 0.94 -23.77
N LEU B 326 1.07 0.25 -24.10
CA LEU B 326 1.97 -0.23 -23.04
C LEU B 326 2.57 0.94 -22.28
N ASP B 327 2.97 1.99 -22.98
CA ASP B 327 3.53 3.16 -22.31
C ASP B 327 2.48 3.88 -21.47
N ALA B 328 1.23 3.91 -21.94
CA ALA B 328 0.16 4.47 -21.12
C ALA B 328 -0.04 3.67 -19.84
N LEU B 329 0.01 2.34 -19.95
CA LEU B 329 -0.12 1.51 -18.75
C LEU B 329 1.05 1.74 -17.80
N THR B 330 2.26 1.84 -18.35
CA THR B 330 3.43 2.12 -17.53
C THR B 330 3.29 3.46 -16.83
N ALA B 331 2.81 4.47 -17.55
CA ALA B 331 2.62 5.79 -16.95
C ALA B 331 1.56 5.75 -15.86
N GLU B 332 0.48 5.00 -16.07
CA GLU B 332 -0.56 4.90 -15.05
C GLU B 332 -0.03 4.23 -13.78
N ASN B 333 0.73 3.14 -13.95
CA ASN B 333 1.30 2.46 -12.78
C ASN B 333 2.30 3.36 -12.07
N LYS B 334 3.14 4.07 -12.83
CA LYS B 334 4.09 5.00 -12.23
C LYS B 334 3.37 6.11 -11.50
N LYS B 335 2.25 6.59 -12.07
CA LYS B 335 1.46 7.64 -11.42
C LYS B 335 0.90 7.15 -10.10
N LEU B 336 0.34 5.94 -10.07
CA LEU B 336 -0.19 5.40 -8.82
C LEU B 336 0.92 5.27 -7.79
N ALA B 337 2.06 4.73 -8.21
CA ALA B 337 3.17 4.55 -7.28
C ALA B 337 3.67 5.89 -6.75
N LYS B 338 3.71 6.92 -7.60
CA LYS B 338 4.17 8.23 -7.15
C LYS B 338 3.16 8.89 -6.23
N GLN B 339 1.86 8.71 -6.48
CA GLN B 339 0.88 9.25 -5.56
C GLN B 339 0.98 8.59 -4.19
N GLN B 340 1.17 7.27 -4.18
CA GLN B 340 1.40 6.57 -2.91
C GLN B 340 2.69 7.06 -2.25
N LEU B 341 3.72 7.30 -3.06
CA LEU B 341 4.98 7.84 -2.56
C LEU B 341 4.77 9.16 -1.84
N GLU B 342 4.07 10.11 -2.48
CA GLU B 342 3.82 11.39 -1.84
C GLU B 342 2.97 11.26 -0.59
N VAL B 343 1.96 10.36 -0.61
CA VAL B 343 1.12 10.20 0.57
C VAL B 343 1.94 9.67 1.74
N LEU B 344 2.81 8.69 1.48
CA LEU B 344 3.65 8.13 2.55
C LEU B 344 4.64 9.17 3.06
N ALA B 345 5.24 9.94 2.15
CA ALA B 345 6.18 10.97 2.59
C ALA B 345 5.47 12.03 3.42
N ARG B 346 4.25 12.42 3.03
CA ARG B 346 3.49 13.38 3.81
C ARG B 346 3.15 12.82 5.18
N TYR B 347 2.78 11.54 5.24
CA TYR B 347 2.50 10.91 6.53
C TYR B 347 3.73 10.92 7.43
N LEU B 348 4.88 10.58 6.87
CA LEU B 348 6.13 10.53 7.64
C LEU B 348 6.72 11.91 7.92
N GLN B 349 6.18 12.97 7.31
CA GLN B 349 6.77 14.31 7.39
C GLN B 349 8.19 14.31 6.84
N SER B 350 8.47 13.38 5.92
CA SER B 350 9.74 13.36 5.21
C SER B 350 9.59 14.19 3.95
N ARG B 351 10.47 15.18 3.79
CA ARG B 351 10.41 16.07 2.64
C ARG B 351 11.39 15.54 1.60
N LEU B 352 10.86 15.20 0.42
CA LEU B 352 11.67 14.63 -0.64
C LEU B 352 12.51 15.68 -1.37
N LYS B 353 12.42 16.94 -0.95
CA LYS B 353 13.04 18.06 -1.63
C LYS B 353 13.54 19.13 -0.67
N GLN B 354 13.75 18.78 0.60
CA GLN B 354 14.30 19.69 1.59
C GLN B 354 15.82 19.67 1.62
N GLY B 355 16.42 18.51 1.82
CA GLY B 355 17.85 18.39 1.61
C GLY B 355 18.23 18.54 0.15
N SER B 356 17.26 18.35 -0.75
CA SER B 356 17.50 18.54 -2.17
C SER B 356 17.28 19.98 -2.54
N LEU B 357 17.86 20.37 -3.67
CA LEU B 357 17.14 21.20 -4.62
C LEU B 357 16.80 22.55 -3.96
N LYS B 358 16.04 22.58 -2.85
CA LYS B 358 16.12 23.74 -1.96
C LYS B 358 17.55 24.02 -1.50
N SER B 359 18.14 23.08 -0.75
CA SER B 359 19.46 23.33 -0.20
C SER B 359 20.51 23.43 -1.29
N PHE B 360 20.36 22.61 -2.34
CA PHE B 360 21.29 22.69 -3.46
C PHE B 360 21.22 24.05 -4.14
N ILE B 361 20.02 24.58 -4.35
CA ILE B 361 19.92 25.91 -4.96
C ILE B 361 20.54 26.96 -4.04
N LYS B 362 20.27 26.86 -2.74
CA LYS B 362 20.82 27.85 -1.81
C LYS B 362 22.34 27.85 -1.83
N GLU B 363 22.94 26.65 -1.84
CA GLU B 363 24.40 26.58 -1.89
C GLU B 363 24.91 27.06 -3.25
N LYS B 364 24.16 26.83 -4.31
CA LYS B 364 24.55 27.36 -5.62
C LYS B 364 24.56 28.88 -5.62
N GLU B 365 23.56 29.51 -5.01
CA GLU B 365 23.57 30.97 -4.88
C GLU B 365 24.76 31.45 -4.05
N ALA B 366 25.07 30.75 -2.96
CA ALA B 366 26.22 31.12 -2.16
C ALA B 366 27.51 31.03 -2.98
N SER B 367 27.64 29.95 -3.76
CA SER B 367 28.81 29.82 -4.64
C SER B 367 28.83 30.90 -5.69
N ALA B 368 27.66 31.33 -6.17
CA ALA B 368 27.61 32.43 -7.13
C ALA B 368 28.12 33.72 -6.52
N VAL B 369 27.75 33.99 -5.27
CA VAL B 369 28.26 35.18 -4.59
C VAL B 369 29.76 35.10 -4.43
N LEU B 370 30.27 33.95 -4.00
CA LEU B 370 31.71 33.78 -3.85
C LEU B 370 32.42 33.96 -5.18
N GLN B 371 31.85 33.43 -6.26
CA GLN B 371 32.44 33.56 -7.57
C GLN B 371 32.38 35.02 -8.05
N LYS B 372 31.35 35.76 -7.64
CA LYS B 372 31.31 37.18 -7.98
C LYS B 372 32.47 37.92 -7.33
N GLU B 373 32.73 37.65 -6.05
CA GLU B 373 33.88 38.28 -5.40
C GLU B 373 35.20 37.85 -6.05
N LEU B 374 35.29 36.56 -6.40
CA LEU B 374 36.50 36.06 -7.06
C LEU B 374 36.69 36.72 -8.43
N ASP B 375 35.61 36.88 -9.19
CA ASP B 375 35.69 37.55 -10.47
C ASP B 375 36.14 38.99 -10.30
N LEU B 376 35.65 39.65 -9.25
CA LEU B 376 36.14 40.99 -8.95
C LEU B 376 37.65 40.99 -8.76
N TRP B 377 38.15 40.08 -7.91
CA TRP B 377 39.59 40.06 -7.65
C TRP B 377 40.39 39.80 -8.93
N GLU B 378 39.97 38.78 -9.70
CA GLU B 378 40.74 38.37 -10.86
C GLU B 378 40.66 39.39 -11.98
N ALA B 379 39.54 40.10 -12.09
CA ALA B 379 39.44 41.15 -13.10
C ALA B 379 40.22 42.39 -12.67
N GLU B 380 40.31 42.62 -11.36
CA GLU B 380 41.05 43.77 -10.86
C GLU B 380 42.56 43.57 -10.93
N HIS B 381 43.03 42.32 -10.90
CA HIS B 381 44.47 42.07 -10.84
C HIS B 381 45.02 41.30 -12.03
N GLY B 382 44.32 40.30 -12.52
CA GLY B 382 44.77 39.51 -13.66
C GLY B 382 45.20 38.12 -13.23
N GLU B 383 45.46 37.29 -14.24
CA GLU B 383 45.80 35.89 -14.03
C GLU B 383 47.20 35.72 -13.48
N PHE B 384 48.18 36.45 -14.03
CA PHE B 384 49.56 36.29 -13.57
C PHE B 384 49.70 36.71 -12.11
N TYR B 385 49.11 37.84 -11.75
CA TYR B 385 49.17 38.30 -10.36
C TYR B 385 48.47 37.30 -9.45
N ALA B 386 47.34 36.76 -9.91
CA ALA B 386 46.59 35.80 -9.12
C ALA B 386 47.39 34.54 -8.83
N LYS B 387 48.01 33.96 -9.87
CA LYS B 387 48.80 32.76 -9.68
C LYS B 387 50.17 33.04 -9.08
N GLY B 388 50.59 34.29 -9.03
CA GLY B 388 51.86 34.64 -8.42
C GLY B 388 51.80 34.99 -6.96
N ILE B 389 50.65 35.46 -6.45
CA ILE B 389 50.51 35.74 -5.03
C ILE B 389 50.35 34.46 -4.20
N GLN B 390 50.41 33.29 -4.84
CA GLN B 390 50.27 32.02 -4.13
C GLN B 390 51.40 31.88 -3.11
N PRO B 391 51.13 31.63 -1.84
CA PRO B 391 52.23 31.33 -0.91
C PRO B 391 52.92 30.03 -1.28
N THR B 392 54.24 30.02 -1.08
CA THR B 392 55.06 28.84 -1.31
C THR B 392 56.00 28.53 -0.15
N PHE B 393 56.13 29.43 0.82
CA PHE B 393 57.03 29.18 1.94
C PHE B 393 56.49 28.07 2.84
N SER B 394 57.40 27.21 3.28
CA SER B 394 57.07 26.22 4.30
C SER B 394 58.35 25.91 5.06
N ALA B 395 58.26 25.88 6.40
CA ALA B 395 59.44 25.57 7.20
C ALA B 395 59.89 24.12 7.00
N LEU B 396 58.98 23.26 6.55
CA LEU B 396 59.33 21.85 6.36
C LEU B 396 60.16 21.64 5.10
N LYS B 397 60.17 22.61 4.18
CA LYS B 397 60.98 22.54 2.98
C LYS B 397 62.33 23.24 3.14
N SER B 398 62.66 23.74 4.33
CA SER B 398 64.00 24.27 4.57
C SER B 398 65.04 23.17 4.42
N ARG B 399 66.10 23.47 3.69
CA ARG B 399 67.23 22.57 3.50
C ARG B 399 68.48 23.25 4.06
N THR B 400 69.00 22.74 5.17
CA THR B 400 70.15 23.31 5.84
C THR B 400 71.40 22.55 5.43
N TYR B 401 72.44 23.28 5.03
CA TYR B 401 73.73 22.72 4.66
C TYR B 401 74.76 23.30 5.61
N ASP B 402 75.39 22.44 6.43
CA ASP B 402 76.44 22.90 7.33
C ASP B 402 77.59 21.90 7.47
N SER B 403 77.67 20.86 6.64
CA SER B 403 78.68 19.81 6.82
C SER B 403 79.96 20.13 6.03
N TYR B 404 80.44 21.35 6.26
CA TYR B 404 81.74 21.75 5.72
C TYR B 404 82.84 20.80 6.16
N TRP B 405 82.71 20.22 7.36
CA TRP B 405 83.73 19.33 7.88
C TRP B 405 83.90 18.11 6.98
N ASN B 406 82.79 17.56 6.49
CA ASN B 406 82.88 16.43 5.56
C ASN B 406 83.30 16.88 4.18
N TRP B 407 82.74 18.00 3.71
CA TRP B 407 83.04 18.43 2.34
C TRP B 407 84.49 18.86 2.18
N ALA B 408 85.13 19.33 3.26
CA ALA B 408 86.53 19.71 3.17
C ALA B 408 87.41 18.50 2.84
N ARG B 409 87.23 17.41 3.59
CA ARG B 409 87.99 16.20 3.31
C ARG B 409 87.64 15.64 1.94
N GLN B 410 86.35 15.69 1.58
CA GLN B 410 85.95 15.23 0.26
C GLN B 410 86.71 15.97 -0.84
N ASP B 411 86.72 17.31 -0.78
CA ASP B 411 87.37 18.08 -1.83
C ASP B 411 88.88 17.92 -1.79
N VAL B 412 89.46 17.78 -0.60
CA VAL B 412 90.90 17.54 -0.50
C VAL B 412 91.26 16.26 -1.24
N LEU B 413 90.54 15.17 -0.96
CA LEU B 413 90.82 13.91 -1.61
C LEU B 413 90.57 13.98 -3.11
N SER B 414 89.47 14.64 -3.51
CA SER B 414 89.14 14.73 -4.92
C SER B 414 90.23 15.45 -5.70
N MET B 415 90.76 16.54 -5.15
CA MET B 415 91.86 17.22 -5.81
C MET B 415 93.15 16.41 -5.75
N TYR B 416 93.37 15.68 -4.67
CA TYR B 416 94.57 14.86 -4.56
C TYR B 416 94.63 13.82 -5.68
N PHE B 417 93.51 13.14 -5.92
CA PHE B 417 93.50 12.15 -6.98
C PHE B 417 93.52 12.78 -8.37
N ASP B 418 92.94 13.97 -8.53
CA ASP B 418 93.11 14.69 -9.79
C ASP B 418 94.59 14.97 -10.06
N ILE B 419 95.32 15.41 -9.02
CA ILE B 419 96.74 15.67 -9.19
C ILE B 419 97.48 14.39 -9.57
N ILE B 420 97.22 13.29 -8.84
CA ILE B 420 97.99 12.07 -9.13
C ILE B 420 97.57 11.40 -10.42
N PHE B 421 96.40 11.73 -10.98
CA PHE B 421 95.97 11.22 -12.27
C PHE B 421 96.20 12.21 -13.40
N GLY B 422 96.76 13.38 -13.11
CA GLY B 422 97.15 14.30 -14.17
C GLY B 422 96.05 15.19 -14.68
N LYS B 423 94.99 15.38 -13.90
CA LYS B 423 93.90 16.28 -14.25
C LYS B 423 94.07 17.67 -13.64
N LEU B 424 95.17 17.91 -12.91
CA LEU B 424 95.32 19.16 -12.19
C LEU B 424 96.79 19.54 -12.10
N THR B 425 97.05 20.84 -12.16
CA THR B 425 98.39 21.39 -11.97
C THR B 425 98.26 22.71 -11.23
N SER B 426 99.33 23.08 -10.51
CA SER B 426 99.29 24.24 -9.64
C SER B 426 99.06 25.54 -10.43
N VAL B 427 99.49 25.57 -11.69
CA VAL B 427 99.37 26.80 -12.47
C VAL B 427 97.91 27.19 -12.65
N ASP B 428 97.03 26.21 -12.79
CA ASP B 428 95.60 26.48 -12.95
C ASP B 428 95.07 27.25 -11.74
N ARG B 429 94.32 28.31 -12.02
CA ARG B 429 93.78 29.13 -10.94
C ARG B 429 92.59 28.47 -10.26
N GLU B 430 91.96 27.49 -10.91
CA GLU B 430 90.93 26.69 -10.25
C GLU B 430 91.54 25.93 -9.08
N THR B 431 92.77 25.45 -9.24
CA THR B 431 93.47 24.81 -8.13
C THR B 431 93.64 25.77 -6.96
N ILE B 432 94.01 27.02 -7.25
CA ILE B 432 94.21 27.99 -6.16
C ILE B 432 92.88 28.30 -5.50
N ASN B 433 91.81 28.41 -6.27
CA ASN B 433 90.48 28.63 -5.69
C ASN B 433 90.10 27.48 -4.77
N GLN B 434 90.27 26.24 -5.23
CA GLN B 434 89.94 25.08 -4.40
C GLN B 434 90.79 25.06 -3.14
N CYS B 435 92.08 25.38 -3.27
CA CYS B 435 92.96 25.41 -2.11
C CYS B 435 92.52 26.47 -1.13
N ILE B 436 92.02 27.60 -1.62
CA ILE B 436 91.49 28.64 -0.74
C ILE B 436 90.27 28.12 0.01
N GLN B 437 89.41 27.38 -0.68
CA GLN B 437 88.23 26.83 0.00
C GLN B 437 88.64 25.83 1.08
N ILE B 438 89.65 25.01 0.80
CA ILE B 438 90.13 24.06 1.80
C ILE B 438 90.76 24.80 2.99
N MET B 439 91.52 25.86 2.71
CA MET B 439 92.06 26.68 3.79
C MET B 439 90.95 27.32 4.60
N ASN B 440 89.85 27.69 3.94
CA ASN B 440 88.70 28.24 4.63
C ASN B 440 88.03 27.21 5.52
N ARG B 441 88.00 25.95 5.10
CA ARG B 441 87.40 24.86 5.88
C ARG B 441 88.42 24.11 6.72
N ALA B 442 89.63 24.65 6.87
CA ALA B 442 90.70 23.94 7.57
C ALA B 442 90.30 23.63 9.01
N ASN B 443 90.74 22.46 9.48
CA ASN B 443 90.48 21.99 10.83
C ASN B 443 91.61 21.04 11.18
N PRO B 444 91.92 20.81 12.46
CA PRO B 444 93.00 19.87 12.78
C PRO B 444 92.75 18.47 12.24
N THR B 445 91.49 18.05 12.20
CA THR B 445 91.16 16.77 11.58
C THR B 445 91.52 16.78 10.10
N LEU B 446 91.29 17.91 9.41
CA LEU B 446 91.65 17.99 8.00
C LEU B 446 93.16 18.04 7.82
N ILE B 447 93.87 18.65 8.78
CA ILE B 447 95.33 18.64 8.73
C ILE B 447 95.85 17.21 8.84
N LYS B 448 95.31 16.43 9.76
CA LYS B 448 95.70 15.03 9.86
C LYS B 448 95.33 14.27 8.59
N PHE B 449 94.14 14.54 8.04
CA PHE B 449 93.70 13.85 6.84
C PHE B 449 94.65 14.10 5.68
N MET B 450 95.05 15.35 5.48
CA MET B 450 95.97 15.68 4.40
C MET B 450 97.37 15.16 4.69
N GLN B 451 97.79 15.20 5.95
CA GLN B 451 99.15 14.77 6.28
C GLN B 451 99.32 13.29 6.08
N TYR B 452 98.31 12.49 6.39
CA TYR B 452 98.42 11.05 6.14
C TYR B 452 98.62 10.78 4.65
N HIS B 453 97.83 11.42 3.80
CA HIS B 453 97.88 11.16 2.36
C HIS B 453 99.09 11.78 1.68
N ILE B 454 99.73 12.77 2.28
CA ILE B 454 100.98 13.31 1.75
C ILE B 454 102.20 12.65 2.36
N ASP B 455 102.09 12.00 3.51
CA ASP B 455 103.20 11.23 4.07
C ASP B 455 103.25 9.82 3.52
N HIS B 456 102.10 9.23 3.19
CA HIS B 456 102.05 7.92 2.58
C HIS B 456 101.88 7.97 1.07
N CYS B 457 102.07 9.13 0.45
CA CYS B 457 101.96 9.23 -0.99
C CYS B 457 103.08 8.42 -1.64
N PRO B 458 102.78 7.43 -2.49
CA PRO B 458 103.90 6.67 -3.10
C PRO B 458 104.57 7.44 -4.23
N GLU B 459 105.51 8.30 -3.85
CA GLU B 459 106.19 9.16 -4.82
C GLU B 459 106.95 8.36 -5.86
N TYR B 460 107.32 7.12 -5.58
CA TYR B 460 108.09 6.31 -6.52
C TYR B 460 107.28 5.87 -7.73
N LYS B 461 105.96 6.01 -7.70
CA LYS B 461 105.12 5.48 -8.78
C LYS B 461 105.00 6.39 -9.98
N GLY B 462 105.53 7.60 -9.93
CA GLY B 462 105.50 8.48 -11.07
C GLY B 462 105.66 9.93 -10.66
N GLU B 463 105.82 10.77 -11.69
CA GLU B 463 105.98 12.20 -11.45
C GLU B 463 104.73 12.81 -10.83
N THR B 464 103.55 12.37 -11.27
CA THR B 464 102.31 12.93 -10.75
C THR B 464 102.17 12.69 -9.25
N TYR B 465 102.72 11.58 -8.76
CA TYR B 465 102.70 11.34 -7.33
C TYR B 465 103.67 12.25 -6.60
N LYS B 466 104.83 12.52 -7.21
CA LYS B 466 105.74 13.52 -6.66
C LYS B 466 105.07 14.89 -6.63
N LEU B 467 104.35 15.23 -7.70
CA LEU B 467 103.58 16.47 -7.74
C LEU B 467 102.58 16.52 -6.60
N ALA B 468 101.81 15.46 -6.41
CA ALA B 468 100.80 15.45 -5.35
C ALA B 468 101.46 15.61 -4.00
N LYS B 469 102.55 14.88 -3.74
CA LYS B 469 103.22 14.98 -2.46
C LYS B 469 103.69 16.40 -2.19
N ARG B 470 104.43 17.00 -3.13
CA ARG B 470 105.00 18.32 -2.87
C ARG B 470 103.90 19.37 -2.74
N LEU B 471 102.97 19.40 -3.70
CA LEU B 471 101.93 20.42 -3.69
C LEU B 471 101.02 20.28 -2.48
N GLY B 472 100.66 19.04 -2.11
CA GLY B 472 99.84 18.85 -0.93
C GLY B 472 100.58 19.22 0.33
N GLN B 473 101.89 19.04 0.37
CA GLN B 473 102.65 19.51 1.52
C GLN B 473 102.55 21.03 1.63
N GLN B 474 102.67 21.74 0.51
CA GLN B 474 102.50 23.20 0.56
C GLN B 474 101.10 23.57 1.06
N LEU B 475 100.08 22.90 0.54
CA LEU B 475 98.71 23.20 0.96
C LEU B 475 98.52 22.88 2.44
N ILE B 476 99.15 21.82 2.93
CA ILE B 476 99.08 21.48 4.34
C ILE B 476 99.71 22.60 5.17
N ASP B 477 100.86 23.10 4.74
CA ASP B 477 101.50 24.20 5.47
C ASP B 477 100.59 25.43 5.51
N ASN B 478 99.95 25.74 4.39
CA ASN B 478 99.03 26.88 4.35
C ASN B 478 97.86 26.67 5.31
N CYS B 479 97.28 25.47 5.32
CA CYS B 479 96.16 25.19 6.20
C CYS B 479 96.57 25.26 7.67
N LYS B 480 97.77 24.77 8.00
CA LYS B 480 98.29 24.93 9.34
C LYS B 480 98.42 26.40 9.72
N GLN B 481 98.94 27.23 8.81
CA GLN B 481 99.18 28.63 9.17
C GLN B 481 97.86 29.38 9.34
N VAL B 482 96.82 29.00 8.59
CA VAL B 482 95.52 29.67 8.69
C VAL B 482 94.55 28.85 9.53
N LEU B 483 95.06 27.89 10.31
CA LEU B 483 94.19 27.03 11.09
C LEU B 483 93.35 27.82 12.08
N THR B 484 93.97 28.73 12.82
CA THR B 484 93.26 29.54 13.81
C THR B 484 92.68 30.83 13.22
N GLU B 485 92.98 31.14 11.96
CA GLU B 485 92.50 32.36 11.33
C GLU B 485 91.06 32.17 10.85
N ASP B 486 90.38 33.29 10.72
CA ASP B 486 88.95 33.27 10.39
C ASP B 486 88.81 33.10 8.88
N PRO B 487 87.89 32.25 8.39
CA PRO B 487 87.80 32.03 6.94
C PRO B 487 87.48 33.32 6.19
N VAL B 488 88.04 33.44 4.98
CA VAL B 488 87.94 34.64 4.17
C VAL B 488 87.46 34.27 2.77
N TYR B 489 86.65 35.16 2.19
CA TYR B 489 86.28 35.07 0.79
C TYR B 489 87.34 35.76 -0.04
N LYS B 490 88.00 35.01 -0.91
CA LYS B 490 89.05 35.54 -1.79
C LYS B 490 88.82 34.91 -3.17
N ASP B 491 88.36 35.72 -4.11
CA ASP B 491 88.17 35.27 -5.48
C ASP B 491 89.47 35.43 -6.25
N VAL B 492 89.93 34.35 -6.87
CA VAL B 492 91.15 34.32 -7.64
C VAL B 492 90.87 34.00 -9.11
N SER B 493 89.63 34.20 -9.55
CA SER B 493 89.28 33.94 -10.94
C SER B 493 89.99 34.92 -11.85
N ARG B 494 90.20 34.51 -13.10
CA ARG B 494 90.79 35.40 -14.09
C ARG B 494 89.75 36.40 -14.57
N ILE B 495 90.10 37.69 -14.49
CA ILE B 495 89.18 38.74 -14.90
C ILE B 495 88.94 38.64 -16.40
N THR B 496 87.67 38.79 -16.80
CA THR B 496 87.27 38.68 -18.19
C THR B 496 86.49 39.91 -18.60
N GLY B 497 86.52 40.19 -19.91
CA GLY B 497 85.76 41.28 -20.48
C GLY B 497 85.00 40.83 -21.70
N PRO B 498 84.06 41.65 -22.18
CA PRO B 498 83.31 41.29 -23.38
C PRO B 498 84.20 41.30 -24.61
N LYS B 499 83.86 40.43 -25.56
CA LYS B 499 84.58 40.38 -26.82
C LYS B 499 83.61 39.88 -27.88
N THR B 500 83.17 40.78 -28.75
CA THR B 500 82.20 40.47 -29.79
C THR B 500 82.90 40.44 -31.13
N LYS B 501 82.67 39.36 -31.89
CA LYS B 501 83.23 39.21 -33.23
C LYS B 501 82.13 38.75 -34.18
N VAL B 502 82.22 39.18 -35.44
CA VAL B 502 81.30 38.79 -36.49
C VAL B 502 82.04 37.85 -37.43
N SER B 503 81.53 36.64 -37.57
CA SER B 503 82.14 35.67 -38.47
C SER B 503 81.91 36.07 -39.91
N ALA B 504 82.68 35.45 -40.81
CA ALA B 504 82.50 35.69 -42.24
C ALA B 504 81.10 35.35 -42.70
N LYS B 505 80.45 34.38 -42.07
CA LYS B 505 79.06 34.03 -42.37
C LYS B 505 78.07 35.02 -41.79
N GLY B 506 78.52 36.08 -41.11
CA GLY B 506 77.63 37.04 -40.51
C GLY B 506 77.02 36.61 -39.20
N ASN B 507 77.54 35.55 -38.58
CA ASN B 507 77.04 35.09 -37.30
C ASN B 507 77.64 35.93 -36.18
N ILE B 508 76.80 36.38 -35.27
CA ILE B 508 77.24 37.21 -34.14
C ILE B 508 77.62 36.29 -33.00
N GLU B 509 78.89 36.32 -32.61
CA GLU B 509 79.42 35.48 -31.54
C GLU B 509 79.95 36.38 -30.43
N TYR B 510 79.48 36.14 -29.21
CA TYR B 510 79.95 36.83 -28.02
C TYR B 510 80.81 35.89 -27.19
N GLU B 511 82.00 36.34 -26.82
CA GLU B 511 82.92 35.55 -26.02
C GLU B 511 83.46 36.39 -24.88
N GLU B 512 83.44 35.83 -23.68
CA GLU B 512 83.97 36.48 -22.48
C GLU B 512 85.45 36.12 -22.42
N THR B 513 86.28 37.01 -22.96
CA THR B 513 87.72 36.76 -23.05
C THR B 513 88.45 37.40 -21.88
N GLN B 514 89.59 36.81 -21.53
CA GLN B 514 90.38 37.31 -20.41
C GLN B 514 91.06 38.61 -20.78
N LYS B 515 90.92 39.61 -19.91
CA LYS B 515 91.52 40.91 -20.16
C LYS B 515 93.03 40.82 -20.10
N ASP B 516 93.70 41.47 -21.06
CA ASP B 516 95.15 41.41 -21.12
C ASP B 516 95.79 42.16 -19.96
N SER B 517 95.33 43.39 -19.72
CA SER B 517 95.95 44.24 -18.70
C SER B 517 95.50 43.92 -17.28
N VAL B 518 94.32 43.33 -17.12
CA VAL B 518 93.76 43.02 -15.80
C VAL B 518 93.75 41.51 -15.64
N ARG B 519 94.47 41.02 -14.63
CA ARG B 519 94.67 39.60 -14.40
C ARG B 519 94.09 39.12 -13.08
N LYS B 520 94.16 39.94 -12.04
CA LYS B 520 93.66 39.63 -10.70
C LYS B 520 92.60 40.64 -10.30
N PHE B 521 91.96 40.37 -9.16
CA PHE B 521 91.03 41.36 -8.61
C PHE B 521 91.76 42.55 -8.03
N GLU B 522 93.04 42.41 -7.67
CA GLU B 522 93.85 43.57 -7.31
C GLU B 522 93.96 44.53 -8.48
N GLN B 523 94.25 44.01 -9.67
CA GLN B 523 94.31 44.85 -10.85
C GLN B 523 92.94 45.33 -11.27
N TYR B 524 91.90 44.54 -11.00
CA TYR B 524 90.54 45.02 -11.20
C TYR B 524 90.26 46.26 -10.35
N VAL B 525 90.71 46.23 -9.09
CA VAL B 525 90.49 47.37 -8.20
C VAL B 525 91.33 48.56 -8.64
N TYR B 526 92.54 48.30 -9.14
CA TYR B 526 93.35 49.38 -9.71
C TYR B 526 92.66 50.04 -10.88
N GLU B 527 92.11 49.23 -11.79
CA GLU B 527 91.35 49.77 -12.92
C GLU B 527 90.13 50.56 -12.43
N MET B 528 89.47 50.04 -11.39
CA MET B 528 88.32 50.72 -10.83
C MET B 528 88.71 52.10 -10.31
N ALA B 529 89.84 52.18 -9.60
CA ALA B 529 90.31 53.46 -9.08
C ALA B 529 90.66 54.41 -10.21
N GLN B 530 91.30 53.92 -11.27
CA GLN B 530 91.65 54.78 -12.38
C GLN B 530 90.43 55.28 -13.13
N GLY B 531 89.36 54.49 -13.18
CA GLY B 531 88.21 54.92 -13.94
C GLY B 531 88.49 54.88 -15.43
N GLY B 532 87.98 55.91 -16.13
CA GLY B 532 88.15 56.00 -17.56
C GLY B 532 88.15 57.45 -18.03
N ALA B 533 88.33 57.61 -19.34
CA ALA B 533 88.40 58.94 -19.91
C ALA B 533 87.08 59.70 -19.73
N MET B 534 85.95 59.01 -19.89
CA MET B 534 84.65 59.66 -19.79
C MET B 534 84.28 60.00 -18.36
N THR B 535 85.04 59.53 -17.37
CA THR B 535 84.77 59.82 -15.96
C THR B 535 85.51 61.05 -15.45
N LYS B 536 86.25 61.74 -16.31
CA LYS B 536 86.99 62.93 -15.90
C LYS B 536 86.04 64.09 -15.63
N PRO B 629 98.05 52.38 -0.74
CA PRO B 629 96.64 52.04 -1.05
C PRO B 629 96.22 52.52 -2.43
N VAL B 630 95.24 51.83 -3.03
CA VAL B 630 94.76 52.18 -4.36
C VAL B 630 94.06 53.53 -4.36
N SER B 631 93.59 53.98 -3.20
CA SER B 631 92.98 55.30 -3.12
C SER B 631 93.96 56.39 -3.53
N SER B 632 95.21 56.30 -3.07
CA SER B 632 96.23 57.22 -3.51
C SER B 632 96.45 57.13 -5.01
N THR B 633 96.22 55.96 -5.61
CA THR B 633 96.36 55.81 -7.05
C THR B 633 95.13 56.25 -7.82
N ILE B 634 94.03 56.58 -7.15
CA ILE B 634 92.91 57.22 -7.83
C ILE B 634 93.43 58.51 -8.48
N PRO B 635 93.25 58.70 -9.79
CA PRO B 635 93.75 59.92 -10.41
C PRO B 635 92.97 61.14 -9.94
N SER B 636 93.63 62.29 -10.02
CA SER B 636 92.99 63.54 -9.61
C SER B 636 91.94 63.97 -10.63
N GLN B 637 90.80 64.43 -10.12
CA GLN B 637 89.69 64.99 -10.87
C GLN B 637 88.86 63.93 -11.59
N THR B 638 89.24 62.66 -11.55
CA THR B 638 88.48 61.59 -12.19
C THR B 638 87.70 60.83 -11.14
N ILE B 639 86.46 60.48 -11.46
CA ILE B 639 85.58 59.72 -10.56
C ILE B 639 85.81 58.24 -10.83
N PRO B 640 86.16 57.44 -9.81
CA PRO B 640 86.39 56.01 -10.06
C PRO B 640 85.12 55.31 -10.54
N PHE B 641 85.31 54.15 -11.18
CA PHE B 641 84.18 53.41 -11.72
C PHE B 641 83.21 52.98 -10.63
N LEU B 642 83.74 52.51 -9.50
CA LEU B 642 82.94 52.25 -8.30
C LEU B 642 83.24 53.35 -7.30
N HIS B 643 82.19 53.96 -6.75
CA HIS B 643 82.40 55.06 -5.83
C HIS B 643 81.21 55.23 -4.90
N ILE B 644 81.49 55.61 -3.67
CA ILE B 644 80.46 55.92 -2.68
C ILE B 644 80.08 57.38 -2.84
N GLN B 645 78.78 57.65 -2.87
CA GLN B 645 78.26 59.00 -2.97
C GLN B 645 77.77 59.47 -1.61
N LYS B 646 77.89 60.76 -1.37
CA LYS B 646 77.34 61.42 -0.19
C LYS B 646 76.11 62.23 -0.59
N LYS B 647 75.31 62.57 0.41
CA LYS B 647 74.11 63.39 0.20
C LYS B 647 74.40 64.83 0.58
N THR B 648 74.00 65.75 -0.28
CA THR B 648 74.15 67.19 -0.10
C THR B 648 72.86 67.88 -0.53
N LYS B 649 72.83 69.20 -0.35
CA LYS B 649 71.63 69.95 -0.68
C LYS B 649 71.25 69.78 -2.15
N ASP B 650 72.25 69.70 -3.03
CA ASP B 650 72.00 69.50 -4.45
C ASP B 650 71.59 68.08 -4.79
N GLY B 651 71.88 67.11 -3.93
CA GLY B 651 71.55 65.71 -4.20
C GLY B 651 72.69 64.78 -3.87
N TRP B 652 72.73 63.61 -4.50
CA TRP B 652 73.81 62.65 -4.29
C TRP B 652 74.98 63.00 -5.20
N GLU B 653 76.18 63.11 -4.62
CA GLU B 653 77.36 63.40 -5.41
C GLU B 653 78.54 62.57 -4.94
N TYR B 654 79.46 62.31 -5.86
CA TYR B 654 80.65 61.52 -5.58
C TYR B 654 81.44 62.13 -4.43
N ASN B 655 81.85 61.27 -3.48
CA ASN B 655 82.61 61.69 -2.31
C ASN B 655 83.96 60.99 -2.32
N LYS B 656 85.03 61.78 -2.38
CA LYS B 656 86.37 61.22 -2.46
C LYS B 656 86.70 60.39 -1.23
N LYS B 657 86.31 60.87 -0.05
CA LYS B 657 86.68 60.17 1.19
C LYS B 657 85.99 58.81 1.30
N LEU B 658 84.68 58.78 1.09
CA LEU B 658 83.95 57.51 1.19
C LEU B 658 84.37 56.56 0.08
N SER B 659 84.60 57.08 -1.14
CA SER B 659 85.10 56.23 -2.21
C SER B 659 86.48 55.69 -1.89
N SER B 660 87.34 56.51 -1.28
CA SER B 660 88.64 56.05 -0.80
C SER B 660 88.47 54.87 0.16
N LEU B 661 87.61 55.02 1.14
CA LEU B 661 87.40 53.95 2.12
C LEU B 661 86.90 52.68 1.44
N TYR B 662 85.93 52.81 0.54
CA TYR B 662 85.39 51.64 -0.15
C TYR B 662 86.46 50.95 -1.00
N LEU B 663 87.23 51.74 -1.75
CA LEU B 663 88.22 51.16 -2.64
C LEU B 663 89.34 50.49 -1.85
N ASP B 664 89.75 51.08 -0.72
CA ASP B 664 90.74 50.43 0.13
C ASP B 664 90.21 49.14 0.69
N GLY B 665 88.94 49.12 1.10
CA GLY B 665 88.33 47.87 1.54
C GLY B 665 88.33 46.82 0.44
N LEU B 666 88.04 47.23 -0.80
CA LEU B 666 88.06 46.30 -1.91
C LEU B 666 89.46 45.77 -2.18
N GLU B 667 90.47 46.64 -2.09
CA GLU B 667 91.85 46.21 -2.27
C GLU B 667 92.24 45.19 -1.20
N SER B 668 91.86 45.44 0.05
CA SER B 668 92.14 44.48 1.11
C SER B 668 91.42 43.18 0.89
N ALA B 669 90.17 43.25 0.41
CA ALA B 669 89.42 42.03 0.11
C ALA B 669 90.09 41.25 -1.01
N ALA B 670 90.62 41.94 -2.02
CA ALA B 670 91.27 41.26 -3.12
C ALA B 670 92.56 40.59 -2.67
N ILE B 671 93.35 41.26 -1.83
CA ILE B 671 94.66 40.71 -1.47
C ILE B 671 94.53 39.71 -0.34
N ASN B 672 94.07 40.15 0.82
CA ASN B 672 93.96 39.31 2.01
C ASN B 672 92.69 38.49 2.06
N GLY B 673 91.65 38.88 1.34
CA GLY B 673 90.34 38.25 1.45
C GLY B 673 89.43 39.02 2.39
N LEU B 674 88.13 38.77 2.23
CA LEU B 674 87.10 39.39 3.04
C LEU B 674 86.35 38.32 3.82
N THR B 675 86.17 38.57 5.12
CA THR B 675 85.56 37.62 6.02
C THR B 675 84.16 38.06 6.40
N PHE B 676 83.28 37.09 6.63
CA PHE B 676 81.89 37.33 6.99
C PHE B 676 81.46 36.43 8.15
N LYS B 677 82.40 36.03 8.99
CA LYS B 677 82.09 35.12 10.08
C LYS B 677 81.11 35.76 11.06
N ASP B 678 80.22 34.94 11.59
CA ASP B 678 79.19 35.40 12.54
C ASP B 678 78.27 36.44 11.90
N LYS B 679 78.15 36.43 10.58
CA LYS B 679 77.29 37.33 9.84
C LYS B 679 76.08 36.55 9.35
N TYR B 680 74.90 36.92 9.83
CA TYR B 680 73.64 36.31 9.44
C TYR B 680 73.04 37.14 8.31
N VAL B 681 72.83 36.50 7.16
CA VAL B 681 72.43 37.20 5.94
C VAL B 681 71.16 36.54 5.42
N LEU B 682 70.24 37.37 4.94
CA LEU B 682 69.10 36.92 4.13
C LEU B 682 69.40 37.34 2.70
N VAL B 683 69.18 36.43 1.75
CA VAL B 683 69.37 36.70 0.34
C VAL B 683 68.16 36.17 -0.42
N THR B 684 67.54 37.03 -1.21
CA THR B 684 66.45 36.65 -2.10
C THR B 684 66.86 36.90 -3.55
N GLY B 685 66.26 36.14 -4.45
CA GLY B 685 66.59 36.26 -5.86
C GLY B 685 67.95 35.74 -6.25
N ALA B 686 68.51 34.83 -5.46
CA ALA B 686 69.83 34.28 -5.74
C ALA B 686 69.72 32.95 -6.51
N GLY B 687 69.07 33.03 -7.67
CA GLY B 687 68.96 31.88 -8.53
C GLY B 687 70.28 31.55 -9.19
N ALA B 688 70.33 30.35 -9.78
CA ALA B 688 71.55 29.91 -10.43
C ALA B 688 71.91 30.84 -11.59
N GLY B 689 73.21 31.08 -11.76
CA GLY B 689 73.66 32.01 -12.78
C GLY B 689 73.20 33.42 -12.56
N SER B 690 73.31 33.94 -11.34
CA SER B 690 72.85 35.26 -10.99
C SER B 690 73.81 35.93 -10.01
N ILE B 691 73.68 37.25 -9.89
CA ILE B 691 74.52 38.00 -8.98
C ILE B 691 74.21 37.62 -7.54
N GLY B 692 72.95 37.32 -7.25
CA GLY B 692 72.63 36.79 -5.94
C GLY B 692 73.35 35.50 -5.65
N ALA B 693 73.45 34.62 -6.66
CA ALA B 693 74.17 33.36 -6.47
C ALA B 693 75.66 33.60 -6.25
N GLU B 694 76.25 34.51 -7.03
CA GLU B 694 77.67 34.82 -6.85
C GLU B 694 77.92 35.41 -5.46
N ILE B 695 77.06 36.32 -5.03
CA ILE B 695 77.16 36.88 -3.68
C ILE B 695 76.99 35.79 -2.65
N LEU B 696 76.14 34.81 -2.92
CA LEU B 696 75.95 33.70 -2.00
C LEU B 696 77.22 32.88 -1.85
N GLN B 697 77.90 32.59 -2.97
CA GLN B 697 79.16 31.85 -2.85
C GLN B 697 80.18 32.68 -2.08
N GLY B 698 80.25 33.98 -2.34
CA GLY B 698 81.17 34.82 -1.60
C GLY B 698 80.87 34.85 -0.11
N LEU B 699 79.60 34.94 0.25
CA LEU B 699 79.22 34.98 1.66
C LEU B 699 79.60 33.69 2.36
N ILE B 700 79.19 32.54 1.80
CA ILE B 700 79.50 31.29 2.47
C ILE B 700 80.99 31.02 2.47
N SER B 701 81.71 31.50 1.45
CA SER B 701 83.17 31.40 1.46
C SER B 701 83.75 32.18 2.63
N GLY B 702 83.32 33.42 2.81
CA GLY B 702 83.77 34.22 3.92
C GLY B 702 83.32 33.72 5.28
N GLY B 703 82.35 32.82 5.31
CA GLY B 703 81.92 32.18 6.54
C GLY B 703 80.55 32.60 7.02
N ALA B 704 79.76 33.25 6.18
CA ALA B 704 78.47 33.76 6.60
C ALA B 704 77.47 32.63 6.75
N LYS B 705 76.45 32.88 7.57
CA LYS B 705 75.30 32.00 7.71
C LYS B 705 74.17 32.66 6.94
N VAL B 706 73.82 32.08 5.80
CA VAL B 706 72.93 32.70 4.82
C VAL B 706 71.64 31.90 4.73
N ILE B 707 70.53 32.60 4.67
CA ILE B 707 69.25 32.04 4.26
C ILE B 707 69.01 32.49 2.83
N VAL B 708 69.09 31.56 1.89
CA VAL B 708 68.79 31.83 0.49
C VAL B 708 67.35 31.41 0.23
N THR B 709 66.58 32.31 -0.36
CA THR B 709 65.18 32.09 -0.66
C THR B 709 65.02 31.87 -2.16
N THR B 710 64.27 30.83 -2.53
CA THR B 710 64.08 30.46 -3.93
C THR B 710 62.60 30.35 -4.23
N SER B 711 62.20 30.76 -5.43
CA SER B 711 60.83 30.67 -5.89
C SER B 711 60.58 29.48 -6.82
N ARG B 712 61.57 28.63 -7.04
CA ARG B 712 61.46 27.47 -7.92
C ARG B 712 62.02 26.24 -7.20
N PHE B 713 61.60 26.03 -5.96
CA PHE B 713 62.12 24.92 -5.16
C PHE B 713 61.91 23.59 -5.88
N SER B 714 63.00 22.86 -6.06
CA SER B 714 62.97 21.58 -6.75
C SER B 714 64.27 20.86 -6.44
N LYS B 715 64.37 19.62 -6.91
CA LYS B 715 65.56 18.82 -6.67
C LYS B 715 66.78 19.47 -7.31
N LYS B 716 66.62 19.99 -8.53
CA LYS B 716 67.75 20.62 -9.21
C LYS B 716 68.22 21.87 -8.48
N VAL B 717 67.27 22.68 -7.99
CA VAL B 717 67.64 23.91 -7.28
C VAL B 717 68.37 23.56 -5.99
N THR B 718 67.82 22.63 -5.21
CA THR B 718 68.45 22.26 -3.95
C THR B 718 69.80 21.60 -4.19
N GLU B 719 69.95 20.87 -5.30
CA GLU B 719 71.24 20.25 -5.58
C GLU B 719 72.27 21.28 -6.02
N TYR B 720 71.84 22.31 -6.76
CA TYR B 720 72.75 23.39 -7.10
C TYR B 720 73.23 24.10 -5.84
N TYR B 721 72.31 24.39 -4.92
CA TYR B 721 72.72 25.06 -3.69
C TYR B 721 73.57 24.15 -2.81
N GLN B 722 73.27 22.85 -2.79
CA GLN B 722 74.08 21.91 -2.03
C GLN B 722 75.49 21.84 -2.60
N ASN B 723 75.62 21.81 -3.92
CA ASN B 723 76.95 21.80 -4.53
C ASN B 723 77.69 23.09 -4.24
N MET B 724 76.97 24.22 -4.26
CA MET B 724 77.60 25.49 -3.92
C MET B 724 78.16 25.45 -2.50
N TYR B 725 77.38 24.95 -1.55
CA TYR B 725 77.89 24.88 -0.18
C TYR B 725 79.03 23.87 -0.07
N ALA B 726 78.94 22.75 -0.78
CA ALA B 726 79.97 21.73 -0.67
C ALA B 726 81.30 22.20 -1.25
N ARG B 727 81.27 23.09 -2.24
CA ARG B 727 82.50 23.60 -2.84
C ARG B 727 83.00 24.86 -2.16
N TYR B 728 82.11 25.67 -1.57
CA TYR B 728 82.47 27.00 -1.08
C TYR B 728 82.17 27.23 0.39
N GLY B 729 81.23 26.51 0.98
CA GLY B 729 80.85 26.74 2.35
C GLY B 729 81.99 26.58 3.34
N ALA B 730 82.44 27.69 3.90
CA ALA B 730 83.59 27.69 4.80
C ALA B 730 83.18 27.28 6.21
N ALA B 731 84.18 27.15 7.07
CA ALA B 731 83.93 26.73 8.45
C ALA B 731 83.04 27.73 9.16
N GLY B 732 81.98 27.22 9.78
CA GLY B 732 81.00 28.05 10.43
C GLY B 732 79.85 28.48 9.54
N SER B 733 80.05 28.49 8.22
CA SER B 733 78.99 28.88 7.30
C SER B 733 77.89 27.83 7.29
N THR B 734 76.65 28.30 7.15
CA THR B 734 75.51 27.43 6.96
C THR B 734 74.58 28.05 5.94
N LEU B 735 74.20 27.27 4.94
CA LEU B 735 73.33 27.73 3.87
C LEU B 735 71.96 27.08 4.02
N ILE B 736 70.92 27.89 4.22
CA ILE B 736 69.56 27.42 4.39
C ILE B 736 68.76 27.82 3.17
N VAL B 737 68.42 26.84 2.33
CA VAL B 737 67.58 27.06 1.16
C VAL B 737 66.13 26.91 1.59
N VAL B 738 65.32 27.92 1.35
CA VAL B 738 63.90 27.83 1.66
C VAL B 738 63.07 28.19 0.43
N PRO B 739 61.94 27.52 0.20
CA PRO B 739 60.98 28.07 -0.77
C PRO B 739 60.38 29.34 -0.22
N PHE B 740 60.07 30.26 -1.13
CA PHE B 740 59.65 31.57 -0.70
C PHE B 740 59.13 32.35 -1.89
N ASN B 741 57.97 32.97 -1.72
CA ASN B 741 57.38 33.83 -2.74
C ASN B 741 57.38 35.25 -2.18
N GLN B 742 58.29 36.09 -2.66
CA GLN B 742 58.28 37.48 -2.21
C GLN B 742 57.14 38.27 -2.83
N GLY B 743 56.40 37.68 -3.76
CA GLY B 743 55.18 38.29 -4.26
C GLY B 743 53.97 38.09 -3.39
N SER B 744 54.16 37.54 -2.20
CA SER B 744 53.09 37.32 -1.23
C SER B 744 53.49 37.87 0.13
N LYS B 745 52.57 38.60 0.76
CA LYS B 745 52.82 39.12 2.10
C LYS B 745 52.96 37.98 3.10
N GLN B 746 52.20 36.90 2.90
CA GLN B 746 52.20 35.80 3.86
C GLN B 746 53.55 35.12 3.94
N ASP B 747 54.20 34.91 2.80
CA ASP B 747 55.52 34.28 2.83
C ASP B 747 56.55 35.20 3.45
N VAL B 748 56.44 36.51 3.22
CA VAL B 748 57.35 37.44 3.87
C VAL B 748 57.22 37.34 5.39
N ASP B 749 55.98 37.41 5.88
CA ASP B 749 55.76 37.30 7.31
C ASP B 749 56.26 35.96 7.85
N ALA B 750 55.92 34.88 7.16
CA ALA B 750 56.29 33.55 7.62
C ALA B 750 57.79 33.34 7.57
N LEU B 751 58.47 33.92 6.58
CA LEU B 751 59.91 33.75 6.47
C LEU B 751 60.63 34.49 7.58
N VAL B 752 60.22 35.74 7.85
CA VAL B 752 60.88 36.46 8.94
C VAL B 752 60.57 35.78 10.27
N GLN B 753 59.35 35.28 10.43
CA GLN B 753 59.00 34.56 11.65
C GLN B 753 59.84 33.29 11.79
N TYR B 754 60.07 32.58 10.69
CA TYR B 754 60.87 31.36 10.73
C TYR B 754 62.33 31.65 11.00
N ILE B 755 62.84 32.76 10.48
CA ILE B 755 64.24 33.12 10.70
C ILE B 755 64.46 33.53 12.14
N TYR B 756 63.53 34.30 12.72
CA TYR B 756 63.75 34.89 14.03
C TYR B 756 63.16 34.07 15.17
N ASP B 757 62.27 33.11 14.89
CA ASP B 757 61.75 32.27 15.95
C ASP B 757 62.84 31.36 16.48
N GLU B 758 62.69 30.95 17.73
CA GLU B 758 63.68 30.09 18.34
C GLU B 758 63.64 28.71 17.71
N PRO B 759 64.71 27.93 17.82
CA PRO B 759 64.67 26.56 17.29
C PRO B 759 63.58 25.70 17.93
N LYS B 760 63.23 25.95 19.20
CA LYS B 760 62.21 25.12 19.83
C LYS B 760 60.83 25.32 19.22
N LYS B 761 60.60 26.47 18.57
CA LYS B 761 59.35 26.74 17.86
C LYS B 761 59.47 26.45 16.36
N GLY B 762 60.48 25.70 15.95
CA GLY B 762 60.66 25.38 14.55
C GLY B 762 61.37 26.42 13.72
N GLY B 763 61.70 27.58 14.31
CA GLY B 763 62.41 28.62 13.61
C GLY B 763 63.91 28.36 13.61
N LEU B 764 64.66 29.44 13.39
CA LEU B 764 66.12 29.38 13.40
C LEU B 764 66.74 30.12 14.59
N GLY B 765 66.05 31.11 15.14
CA GLY B 765 66.60 31.87 16.25
C GLY B 765 67.80 32.69 15.85
N TRP B 766 67.77 33.28 14.65
CA TRP B 766 68.86 34.08 14.12
C TRP B 766 68.47 35.55 14.09
N ASP B 767 69.48 36.41 14.12
CA ASP B 767 69.30 37.85 13.98
C ASP B 767 70.09 38.29 12.75
N LEU B 768 69.39 38.74 11.73
CA LEU B 768 70.03 39.03 10.45
C LEU B 768 70.97 40.22 10.57
N ASP B 769 72.21 40.02 10.15
CA ASP B 769 73.19 41.09 10.03
C ASP B 769 73.18 41.75 8.66
N ALA B 770 72.53 41.16 7.67
CA ALA B 770 72.42 41.77 6.35
C ALA B 770 71.20 41.22 5.63
N ILE B 771 70.63 42.05 4.76
CA ILE B 771 69.53 41.65 3.89
C ILE B 771 69.93 42.04 2.46
N ILE B 772 69.72 41.12 1.53
CA ILE B 772 70.03 41.32 0.12
C ILE B 772 68.79 40.91 -0.66
N PRO B 773 67.77 41.78 -0.75
CA PRO B 773 66.54 41.44 -1.49
C PRO B 773 66.63 41.75 -2.99
N PHE B 774 67.30 40.88 -3.73
CA PHE B 774 67.52 41.05 -5.16
C PHE B 774 66.46 40.36 -6.02
N ALA B 775 65.39 39.86 -5.41
CA ALA B 775 64.36 39.12 -6.14
C ALA B 775 63.67 40.06 -7.13
N ALA B 776 63.92 39.82 -8.41
CA ALA B 776 63.23 40.50 -9.51
C ALA B 776 62.57 39.45 -10.38
N ILE B 777 61.42 39.82 -10.96
CA ILE B 777 60.75 38.96 -11.93
C ILE B 777 61.02 39.58 -13.30
N PRO B 778 61.35 38.82 -14.34
CA PRO B 778 61.63 39.45 -15.64
C PRO B 778 60.34 39.92 -16.29
N GLU B 779 60.25 41.23 -16.52
CA GLU B 779 59.12 41.82 -17.25
C GLU B 779 59.70 42.71 -18.35
N ASN B 780 59.21 42.55 -19.57
CA ASN B 780 59.73 43.27 -20.72
C ASN B 780 58.62 43.48 -21.73
N GLY B 781 58.79 44.50 -22.57
CA GLY B 781 57.78 44.85 -23.55
C GLY B 781 56.59 45.58 -22.98
N ASN B 782 56.60 45.89 -21.69
CA ASN B 782 55.48 46.54 -21.02
C ASN B 782 55.77 48.03 -20.90
N GLY B 783 55.07 48.83 -21.69
CA GLY B 783 55.12 50.26 -21.58
C GLY B 783 54.06 50.79 -20.64
N LEU B 784 53.81 52.10 -20.75
CA LEU B 784 52.75 52.71 -19.96
C LEU B 784 51.38 52.18 -20.36
N ASP B 785 51.17 51.93 -21.64
CA ASP B 785 49.89 51.42 -22.11
C ASP B 785 49.66 49.95 -21.76
N ASN B 786 50.68 49.25 -21.28
CA ASN B 786 50.57 47.81 -20.99
C ASN B 786 51.19 47.50 -19.64
N ILE B 787 50.84 48.29 -18.63
CA ILE B 787 51.19 47.95 -17.25
C ILE B 787 50.19 46.88 -16.81
N ASP B 788 50.57 45.62 -16.96
CA ASP B 788 49.65 44.50 -16.86
C ASP B 788 49.77 43.84 -15.51
N SER B 789 49.11 42.69 -15.36
CA SER B 789 49.18 41.94 -14.12
C SER B 789 50.61 41.54 -13.79
N LYS B 790 51.39 41.19 -14.82
CA LYS B 790 52.79 40.87 -14.59
C LYS B 790 53.54 42.07 -14.03
N SER B 791 53.28 43.27 -14.55
CA SER B 791 53.95 44.46 -14.06
C SER B 791 53.54 44.77 -12.63
N GLU B 792 52.26 44.65 -12.32
CA GLU B 792 51.80 44.91 -10.96
C GLU B 792 52.40 43.90 -9.98
N PHE B 793 52.42 42.62 -10.35
CA PHE B 793 53.01 41.60 -9.50
C PHE B 793 54.50 41.83 -9.31
N ALA B 794 55.19 42.21 -10.38
CA ALA B 794 56.62 42.49 -10.30
C ALA B 794 56.87 43.67 -9.38
N HIS B 795 56.04 44.71 -9.47
CA HIS B 795 56.20 45.84 -8.58
C HIS B 795 55.97 45.43 -7.13
N ARG B 796 54.97 44.58 -6.89
CA ARG B 796 54.76 44.06 -5.55
C ARG B 796 56.04 43.41 -5.02
N ILE B 797 56.59 42.46 -5.79
CA ILE B 797 57.80 41.75 -5.38
C ILE B 797 58.94 42.74 -5.11
N MET B 798 59.17 43.67 -6.04
CA MET B 798 60.40 44.45 -6.02
C MET B 798 60.34 45.56 -4.99
N LEU B 799 59.15 46.15 -4.76
CA LEU B 799 59.01 47.30 -3.87
C LEU B 799 58.15 47.00 -2.66
N THR B 800 56.91 46.55 -2.85
CA THR B 800 55.96 46.55 -1.74
C THR B 800 56.32 45.48 -0.73
N ASN B 801 56.46 44.24 -1.20
CA ASN B 801 56.84 43.16 -0.32
C ASN B 801 58.31 43.25 0.09
N LEU B 802 59.15 43.93 -0.68
CA LEU B 802 60.51 44.21 -0.21
C LEU B 802 60.47 45.07 1.04
N LEU B 803 59.73 46.18 0.99
CA LEU B 803 59.62 47.04 2.17
C LEU B 803 58.94 46.32 3.31
N ARG B 804 57.96 45.47 3.00
CA ARG B 804 57.32 44.68 4.06
C ARG B 804 58.31 43.71 4.69
N LEU B 805 59.20 43.13 3.90
CA LEU B 805 60.24 42.25 4.45
C LEU B 805 61.17 43.02 5.37
N LEU B 806 61.61 44.20 4.94
CA LEU B 806 62.46 45.02 5.81
C LEU B 806 61.73 45.40 7.09
N GLY B 807 60.47 45.79 6.98
CA GLY B 807 59.71 46.17 8.16
C GLY B 807 59.46 45.00 9.10
N ALA B 808 59.22 43.81 8.53
CA ALA B 808 59.05 42.63 9.35
C ALA B 808 60.32 42.30 10.11
N VAL B 809 61.47 42.41 9.43
CA VAL B 809 62.74 42.19 10.12
C VAL B 809 62.91 43.19 11.25
N LYS B 810 62.58 44.46 11.01
CA LYS B 810 62.66 45.44 12.08
C LYS B 810 61.74 45.08 13.24
N SER B 811 60.51 44.68 12.93
CA SER B 811 59.54 44.36 13.97
C SER B 811 60.01 43.19 14.82
N LYS B 812 60.72 42.24 14.21
CA LYS B 812 61.21 41.08 14.94
C LYS B 812 62.62 41.26 15.48
N LYS B 813 63.25 42.41 15.27
CA LYS B 813 64.53 42.69 15.92
C LYS B 813 64.30 43.16 17.35
N PRO B 814 64.86 42.48 18.38
CA PRO B 814 64.60 42.91 19.75
C PRO B 814 65.55 44.00 20.25
N THR B 815 66.76 44.02 19.69
CA THR B 815 67.83 44.89 20.18
C THR B 815 68.07 46.03 19.21
N ASP B 816 68.64 47.12 19.73
CA ASP B 816 69.03 48.27 18.93
C ASP B 816 70.53 48.30 18.65
N THR B 817 71.26 47.25 19.01
CA THR B 817 72.71 47.21 18.88
C THR B 817 73.20 46.24 17.80
N ARG B 818 72.30 45.65 17.03
CA ARG B 818 72.67 44.71 15.96
C ARG B 818 71.83 45.00 14.72
N PRO B 819 72.11 46.10 14.02
CA PRO B 819 71.33 46.42 12.83
C PRO B 819 71.60 45.47 11.69
N ALA B 820 70.64 45.42 10.76
CA ALA B 820 70.75 44.63 9.55
C ALA B 820 71.03 45.56 8.37
N GLN B 821 72.07 45.25 7.61
CA GLN B 821 72.45 46.05 6.46
C GLN B 821 71.65 45.59 5.25
N CYS B 822 70.71 46.42 4.80
CA CYS B 822 69.87 46.12 3.65
C CYS B 822 70.61 46.58 2.39
N ILE B 823 71.07 45.62 1.60
CA ILE B 823 71.76 45.91 0.34
C ILE B 823 70.67 46.03 -0.72
N LEU B 824 70.32 47.26 -1.05
CA LEU B 824 69.22 47.52 -1.97
C LEU B 824 69.72 47.53 -3.41
N PRO B 825 69.16 46.72 -4.32
CA PRO B 825 69.67 46.74 -5.70
C PRO B 825 69.14 47.92 -6.52
N LEU B 826 69.68 49.09 -6.24
CA LEU B 826 69.26 50.26 -7.00
C LEU B 826 69.75 50.16 -8.44
N SER B 827 69.02 50.84 -9.32
CA SER B 827 69.38 50.90 -10.73
C SER B 827 69.77 52.34 -11.09
N PRO B 828 70.70 52.54 -12.03
CA PRO B 828 71.00 53.90 -12.48
C PRO B 828 70.09 54.38 -13.61
N ASN B 829 69.26 53.51 -14.16
CA ASN B 829 68.42 53.80 -15.32
C ASN B 829 66.96 53.80 -14.87
N HIS B 830 66.45 54.98 -14.50
CA HIS B 830 65.05 55.13 -14.09
C HIS B 830 64.26 55.55 -15.31
N GLY B 831 63.85 54.55 -16.10
CA GLY B 831 63.09 54.81 -17.30
C GLY B 831 63.90 55.27 -18.49
N THR B 832 65.22 55.10 -18.46
CA THR B 832 66.05 55.54 -19.58
C THR B 832 65.83 54.64 -20.79
N PHE B 833 65.54 53.36 -20.56
CA PHE B 833 65.33 52.42 -21.66
C PHE B 833 63.85 52.27 -22.00
N GLY B 834 62.99 52.32 -21.00
CA GLY B 834 61.56 52.18 -21.23
C GLY B 834 61.17 50.76 -21.56
N PHE B 835 59.86 50.54 -21.63
CA PHE B 835 59.28 49.24 -21.94
C PHE B 835 59.78 48.16 -20.97
N ASP B 836 59.91 48.54 -19.69
CA ASP B 836 60.30 47.64 -18.63
C ASP B 836 59.21 47.50 -17.57
N GLY B 837 57.97 47.87 -17.90
CA GLY B 837 56.91 47.80 -16.92
C GLY B 837 57.14 48.80 -15.80
N LEU B 838 57.06 48.31 -14.56
CA LEU B 838 57.22 49.15 -13.37
C LEU B 838 58.58 48.96 -12.71
N TYR B 839 59.57 48.43 -13.44
CA TYR B 839 60.89 48.20 -12.85
C TYR B 839 61.50 49.51 -12.37
N SER B 840 61.48 50.54 -13.21
CA SER B 840 62.06 51.81 -12.83
C SER B 840 61.33 52.41 -11.64
N GLU B 841 60.01 52.25 -11.60
CA GLU B 841 59.23 52.74 -10.46
C GLU B 841 59.67 52.05 -9.17
N SER B 842 59.81 50.72 -9.22
CA SER B 842 60.26 49.99 -8.04
C SER B 842 61.64 50.45 -7.59
N LYS B 843 62.59 50.54 -8.54
CA LYS B 843 63.96 50.85 -8.18
C LYS B 843 64.08 52.26 -7.62
N ILE B 844 63.38 53.23 -8.21
CA ILE B 844 63.46 54.59 -7.71
C ILE B 844 62.72 54.72 -6.38
N SER B 845 61.66 53.92 -6.18
CA SER B 845 60.95 53.95 -4.91
C SER B 845 61.80 53.39 -3.79
N LEU B 846 62.74 52.50 -4.12
CA LEU B 846 63.66 52.01 -3.09
C LEU B 846 64.57 53.12 -2.55
N GLU B 847 64.71 54.22 -3.29
CA GLU B 847 65.62 55.28 -2.85
C GLU B 847 65.04 56.13 -1.74
N THR B 848 63.76 55.97 -1.41
CA THR B 848 63.19 56.75 -0.30
C THR B 848 63.67 56.24 1.05
N LEU B 849 64.20 55.02 1.10
CA LEU B 849 64.69 54.48 2.37
C LEU B 849 65.87 55.28 2.90
N PHE B 850 66.63 55.92 2.01
CA PHE B 850 67.75 56.74 2.45
C PHE B 850 67.27 57.90 3.31
N ASN B 851 66.18 58.55 2.90
CA ASN B 851 65.60 59.60 3.73
C ASN B 851 64.86 59.03 4.93
N ARG B 852 64.09 57.96 4.71
CA ARG B 852 63.27 57.41 5.79
C ARG B 852 64.11 56.78 6.88
N TRP B 853 65.40 56.54 6.64
CA TRP B 853 66.28 56.09 7.71
C TRP B 853 66.36 57.14 8.82
N TYR B 854 66.44 58.41 8.45
CA TYR B 854 66.45 59.48 9.44
C TYR B 854 65.06 59.75 10.02
N SER B 855 64.03 59.73 9.19
CA SER B 855 62.73 60.24 9.56
C SER B 855 61.86 59.22 10.31
N GLU B 856 62.28 57.97 10.40
CA GLU B 856 61.52 56.94 11.08
C GLU B 856 62.36 56.30 12.17
N ASP B 857 61.72 55.42 12.94
CA ASP B 857 62.31 54.85 14.15
C ASP B 857 63.03 53.52 13.90
N TRP B 858 63.47 53.27 12.66
CA TRP B 858 64.20 52.06 12.32
C TRP B 858 65.62 52.33 11.86
N GLY B 859 66.17 53.49 12.21
CA GLY B 859 67.55 53.77 11.83
C GLY B 859 68.54 52.86 12.51
N SER B 860 68.30 52.52 13.77
CA SER B 860 69.20 51.65 14.53
C SER B 860 68.94 50.17 14.30
N LYS B 861 67.84 49.82 13.63
CA LYS B 861 67.50 48.43 13.36
C LYS B 861 67.88 48.01 11.96
N LEU B 862 67.72 48.89 10.99
CA LEU B 862 68.10 48.63 9.60
C LEU B 862 69.01 49.76 9.14
N THR B 863 69.99 49.42 8.31
CA THR B 863 70.92 50.37 7.75
C THR B 863 70.96 50.19 6.25
N VAL B 864 70.74 51.28 5.52
CA VAL B 864 70.49 51.22 4.09
C VAL B 864 71.81 51.33 3.34
N CYS B 865 72.06 50.38 2.44
CA CYS B 865 73.22 50.40 1.56
C CYS B 865 72.69 50.18 0.15
N GLY B 866 72.45 51.27 -0.57
CA GLY B 866 71.92 51.15 -1.92
C GLY B 866 73.02 51.00 -2.94
N ALA B 867 73.12 49.81 -3.52
CA ALA B 867 74.11 49.53 -4.56
C ALA B 867 73.47 49.81 -5.90
N VAL B 868 73.92 50.88 -6.55
CA VAL B 868 73.46 51.20 -7.91
C VAL B 868 74.25 50.28 -8.83
N ILE B 869 73.63 49.17 -9.22
CA ILE B 869 74.31 48.13 -9.98
C ILE B 869 74.38 48.53 -11.44
N GLY B 870 75.56 48.37 -12.03
CA GLY B 870 75.83 48.80 -13.39
C GLY B 870 75.56 47.73 -14.41
N TRP B 871 76.14 47.93 -15.60
CA TRP B 871 75.98 47.00 -16.72
C TRP B 871 76.62 45.68 -16.36
N THR B 872 75.79 44.66 -16.11
CA THR B 872 76.27 43.35 -15.70
C THR B 872 76.08 42.39 -16.86
N ARG B 873 77.12 41.61 -17.16
CA ARG B 873 77.11 40.72 -18.31
C ARG B 873 76.69 39.32 -17.90
N GLY B 874 75.93 38.66 -18.78
CA GLY B 874 75.40 37.34 -18.53
C GLY B 874 74.03 37.33 -17.89
N THR B 875 73.61 38.43 -17.28
CA THR B 875 72.31 38.50 -16.62
C THR B 875 71.21 38.70 -17.66
N GLY B 876 70.01 38.26 -17.30
CA GLY B 876 68.88 38.35 -18.22
C GLY B 876 68.51 39.78 -18.58
N LEU B 877 68.67 40.70 -17.62
CA LEU B 877 68.30 42.09 -17.86
C LEU B 877 69.12 42.71 -18.98
N MET B 878 70.30 42.16 -19.27
CA MET B 878 71.17 42.72 -20.30
C MET B 878 71.83 41.64 -21.16
N SER B 879 71.33 40.40 -21.12
CA SER B 879 71.92 39.33 -21.92
C SER B 879 71.77 39.62 -23.41
N ALA B 880 70.73 40.34 -23.81
CA ALA B 880 70.56 40.72 -25.20
C ALA B 880 71.53 41.80 -25.64
N ASN B 881 72.30 42.38 -24.73
CA ASN B 881 73.20 43.50 -25.01
C ASN B 881 74.66 43.16 -24.73
N ASN B 882 74.96 41.89 -24.43
CA ASN B 882 76.35 41.47 -24.29
C ASN B 882 77.17 41.81 -25.52
N ILE B 883 76.56 41.68 -26.70
CA ILE B 883 77.27 41.97 -27.95
C ILE B 883 77.68 43.44 -28.03
N ILE B 884 76.90 44.35 -27.46
CA ILE B 884 77.25 45.78 -27.44
C ILE B 884 77.99 46.19 -26.18
N ALA B 885 78.21 45.26 -25.24
CA ALA B 885 79.02 45.58 -24.06
C ALA B 885 80.40 46.08 -24.45
N GLU B 886 81.03 45.46 -25.46
CA GLU B 886 82.35 45.93 -25.89
C GLU B 886 82.29 47.35 -26.43
N GLY B 887 81.27 47.66 -27.22
CA GLY B 887 81.16 49.01 -27.76
C GLY B 887 80.93 50.03 -26.67
N ILE B 888 80.15 49.67 -25.65
CA ILE B 888 80.02 50.53 -24.48
C ILE B 888 81.39 50.75 -23.83
N GLU B 889 82.14 49.67 -23.64
CA GLU B 889 83.44 49.78 -22.97
C GLU B 889 84.45 50.57 -23.79
N LYS B 890 84.28 50.66 -25.10
CA LYS B 890 85.24 51.34 -25.95
C LYS B 890 85.39 52.84 -25.63
N LEU B 891 84.46 53.44 -24.91
CA LEU B 891 84.48 54.87 -24.62
C LEU B 891 85.16 55.20 -23.30
N GLY B 892 85.92 54.28 -22.72
CA GLY B 892 86.43 54.48 -21.38
C GLY B 892 85.39 54.24 -20.31
N VAL B 893 84.44 53.35 -20.57
CA VAL B 893 83.42 52.96 -19.60
C VAL B 893 83.65 51.49 -19.29
N ARG B 894 83.17 51.05 -18.14
CA ARG B 894 83.41 49.70 -17.66
C ARG B 894 82.12 48.91 -17.53
N THR B 895 82.15 47.70 -18.07
CA THR B 895 81.09 46.72 -17.89
C THR B 895 81.61 45.62 -16.97
N PHE B 896 80.71 45.06 -16.18
CA PHE B 896 81.07 44.11 -15.14
C PHE B 896 80.53 42.73 -15.48
N SER B 897 81.31 41.70 -15.19
CA SER B 897 80.82 40.33 -15.23
C SER B 897 80.10 40.05 -13.91
N GLN B 898 79.47 38.88 -13.83
CA GLN B 898 78.74 38.53 -12.61
C GLN B 898 79.68 38.45 -11.41
N LYS B 899 80.85 37.84 -11.60
CA LYS B 899 81.80 37.74 -10.49
C LYS B 899 82.32 39.10 -10.06
N GLU B 900 82.59 39.99 -11.02
CA GLU B 900 83.04 41.34 -10.67
C GLU B 900 81.96 42.09 -9.91
N MET B 901 80.70 41.99 -10.37
CA MET B 901 79.62 42.66 -9.67
C MET B 901 79.43 42.12 -8.27
N ALA B 902 79.54 40.80 -8.12
CA ALA B 902 79.43 40.20 -6.80
C ALA B 902 80.56 40.67 -5.90
N PHE B 903 81.78 40.75 -6.44
CA PHE B 903 82.91 41.27 -5.67
C PHE B 903 82.64 42.69 -5.20
N ASN B 904 82.10 43.53 -6.11
CA ASN B 904 81.81 44.91 -5.75
C ASN B 904 80.78 44.98 -4.63
N ILE B 905 79.71 44.20 -4.74
CA ILE B 905 78.64 44.28 -3.74
C ILE B 905 79.11 43.69 -2.42
N LEU B 906 79.90 42.62 -2.45
CA LEU B 906 80.47 42.06 -1.22
C LEU B 906 81.45 43.04 -0.58
N GLY B 907 82.02 43.94 -1.37
CA GLY B 907 82.81 45.01 -0.79
C GLY B 907 82.00 45.94 0.10
N LEU B 908 80.68 45.99 -0.12
CA LEU B 908 79.81 46.81 0.72
C LEU B 908 79.54 46.18 2.08
N LEU B 909 79.96 44.94 2.29
CA LEU B 909 79.83 44.26 3.57
C LEU B 909 81.11 44.26 4.38
N THR B 910 82.10 45.06 4.00
CA THR B 910 83.30 45.16 4.80
C THR B 910 82.97 45.81 6.15
N PRO B 911 83.78 45.57 7.18
CA PRO B 911 83.49 46.22 8.48
C PRO B 911 83.44 47.73 8.39
N GLU B 912 84.29 48.33 7.55
CA GLU B 912 84.30 49.79 7.43
C GLU B 912 83.01 50.29 6.81
N ILE B 913 82.57 49.67 5.71
CA ILE B 913 81.33 50.09 5.09
C ILE B 913 80.14 49.72 5.97
N VAL B 914 80.26 48.66 6.76
CA VAL B 914 79.19 48.32 7.71
C VAL B 914 79.04 49.43 8.74
N GLN B 915 80.17 49.90 9.29
CA GLN B 915 80.10 51.02 10.23
C GLN B 915 79.56 52.27 9.55
N LEU B 916 79.97 52.51 8.31
CA LEU B 916 79.49 53.69 7.59
C LEU B 916 77.99 53.63 7.38
N CYS B 917 77.46 52.46 7.01
CA CYS B 917 76.03 52.29 6.87
C CYS B 917 75.31 52.51 8.19
N GLN B 918 75.92 52.04 9.28
CA GLN B 918 75.33 52.26 10.60
C GLN B 918 75.30 53.74 10.96
N GLU B 919 76.30 54.49 10.52
CA GLU B 919 76.33 55.93 10.79
C GLU B 919 75.32 56.68 9.93
N GLU B 920 75.44 56.58 8.61
CA GLU B 920 74.54 57.20 7.66
C GLU B 920 74.26 56.24 6.52
N PRO B 921 73.13 56.37 5.83
CA PRO B 921 72.88 55.51 4.67
C PRO B 921 73.94 55.69 3.60
N VAL B 922 74.32 54.59 2.97
CA VAL B 922 75.44 54.57 2.03
C VAL B 922 74.91 54.26 0.64
N MET B 923 75.01 55.25 -0.26
CA MET B 923 74.77 55.05 -1.68
C MET B 923 76.11 54.67 -2.31
N ALA B 924 76.17 53.49 -2.91
CA ALA B 924 77.38 53.03 -3.60
C ALA B 924 77.06 52.87 -5.08
N ASP B 925 77.54 53.82 -5.88
CA ASP B 925 77.33 53.79 -7.32
C ASP B 925 78.41 52.88 -7.91
N LEU B 926 78.00 51.67 -8.29
CA LEU B 926 78.83 50.71 -8.99
C LEU B 926 78.51 50.66 -10.47
N ASN B 927 78.14 51.80 -11.04
CA ASN B 927 77.65 51.84 -12.41
C ASN B 927 78.77 51.84 -13.43
N GLY B 928 80.02 52.01 -13.01
CA GLY B 928 81.12 51.97 -13.95
C GLY B 928 81.20 53.13 -14.89
N GLY B 929 80.62 54.28 -14.54
CA GLY B 929 80.72 55.47 -15.36
C GLY B 929 79.71 55.58 -16.47
N LEU B 930 78.69 54.73 -16.49
CA LEU B 930 77.68 54.81 -17.56
C LEU B 930 76.77 56.01 -17.40
N GLN B 931 76.79 56.68 -16.24
CA GLN B 931 75.98 57.88 -16.07
C GLN B 931 76.44 59.04 -16.94
N PHE B 932 77.69 58.98 -17.42
CA PHE B 932 78.25 60.06 -18.23
C PHE B 932 77.94 59.94 -19.71
N ILE B 933 77.32 58.85 -20.14
CA ILE B 933 76.94 58.69 -21.55
C ILE B 933 75.64 59.46 -21.76
N ASP B 934 75.69 60.48 -22.62
CA ASP B 934 74.49 61.20 -22.98
C ASP B 934 73.64 60.36 -23.93
N ASN B 935 72.37 60.20 -23.61
CA ASN B 935 71.45 59.37 -24.38
C ASN B 935 71.98 57.93 -24.47
N LEU B 936 72.01 57.28 -23.30
CA LEU B 936 72.50 55.91 -23.23
C LEU B 936 71.65 54.97 -24.07
N LYS B 937 70.33 55.14 -24.04
CA LYS B 937 69.46 54.27 -24.83
C LYS B 937 69.74 54.43 -26.31
N ASP B 938 69.80 55.66 -26.78
CA ASP B 938 70.05 55.91 -28.20
C ASP B 938 71.43 55.38 -28.60
N PHE B 939 72.42 55.52 -27.71
CA PHE B 939 73.75 55.04 -28.04
C PHE B 939 73.81 53.52 -28.12
N THR B 940 73.18 52.84 -27.15
CA THR B 940 73.12 51.38 -27.21
C THR B 940 72.39 50.91 -28.46
N SER B 941 71.31 51.60 -28.82
CA SER B 941 70.59 51.25 -30.05
C SER B 941 71.47 51.49 -31.28
N LYS B 942 72.24 52.58 -31.27
CA LYS B 942 73.14 52.84 -32.39
C LYS B 942 74.16 51.73 -32.53
N LEU B 943 74.77 51.31 -31.43
CA LEU B 943 75.77 50.25 -31.49
C LEU B 943 75.14 48.95 -31.96
N ARG B 944 73.97 48.61 -31.43
CA ARG B 944 73.30 47.37 -31.84
C ARG B 944 72.96 47.42 -33.32
N THR B 945 72.45 48.56 -33.79
CA THR B 945 72.07 48.67 -35.19
C THR B 945 73.29 48.58 -36.10
N ASP B 946 74.39 49.23 -35.71
CA ASP B 946 75.61 49.13 -36.51
C ASP B 946 76.12 47.69 -36.58
N LEU B 947 76.15 47.02 -35.43
CA LEU B 947 76.63 45.64 -35.39
C LEU B 947 75.73 44.73 -36.21
N LEU B 948 74.41 44.89 -36.09
CA LEU B 948 73.48 44.05 -36.84
C LEU B 948 73.54 44.36 -38.33
N GLU B 949 73.75 45.63 -38.69
CA GLU B 949 73.90 45.97 -40.10
C GLU B 949 75.15 45.29 -40.67
N THR B 950 76.26 45.35 -39.95
CA THR B 950 77.47 44.66 -40.41
C THR B 950 77.22 43.17 -40.54
N ALA B 951 76.59 42.57 -39.53
CA ALA B 951 76.35 41.14 -39.56
C ALA B 951 75.44 40.75 -40.72
N ASP B 952 74.40 41.54 -40.98
CA ASP B 952 73.49 41.23 -42.07
C ASP B 952 74.17 41.41 -43.42
N ILE B 953 75.00 42.44 -43.57
CA ILE B 953 75.70 42.66 -44.83
C ILE B 953 76.62 41.48 -45.12
N ARG B 954 77.41 41.07 -44.13
CA ARG B 954 78.33 39.96 -44.34
C ARG B 954 77.58 38.64 -44.51
N ARG B 955 76.44 38.47 -43.83
CA ARG B 955 75.62 37.27 -44.02
C ARG B 955 75.10 37.19 -45.44
N ALA B 956 74.58 38.31 -45.96
CA ALA B 956 74.07 38.32 -47.33
C ALA B 956 75.18 38.05 -48.32
N VAL B 957 76.34 38.67 -48.11
CA VAL B 957 77.46 38.45 -49.03
C VAL B 957 77.89 36.99 -49.01
N SER B 958 78.00 36.40 -47.82
CA SER B 958 78.41 35.01 -47.72
C SER B 958 77.39 34.08 -48.36
N ILE B 959 76.10 34.32 -48.12
CA ILE B 959 75.07 33.46 -48.70
C ILE B 959 75.07 33.56 -50.22
N GLU B 960 75.18 34.77 -50.74
CA GLU B 960 75.19 34.95 -52.19
C GLU B 960 76.43 34.30 -52.81
N SER B 961 77.59 34.45 -52.17
CA SER B 961 78.79 33.79 -52.66
C SER B 961 78.63 32.27 -52.64
N ALA B 962 78.04 31.74 -51.58
CA ALA B 962 77.83 30.30 -51.49
C ALA B 962 76.89 29.81 -52.59
N ILE B 963 75.84 30.57 -52.87
CA ILE B 963 74.92 30.20 -53.94
C ILE B 963 75.65 30.25 -55.29
N GLU B 964 76.52 31.25 -55.47
CA GLU B 964 77.28 31.33 -56.71
C GLU B 964 78.18 30.12 -56.88
N GLN B 965 78.90 29.72 -55.82
CA GLN B 965 79.71 28.52 -55.93
C GLN B 965 78.85 27.30 -56.20
N LYS B 966 77.68 27.21 -55.56
CA LYS B 966 76.81 26.07 -55.78
C LYS B 966 76.37 25.97 -57.24
N VAL B 967 75.92 27.08 -57.83
CA VAL B 967 75.40 27.05 -59.19
C VAL B 967 76.55 26.89 -60.18
N VAL B 968 77.75 27.36 -59.83
CA VAL B 968 78.87 27.28 -60.76
C VAL B 968 79.45 25.87 -60.77
N ASN B 969 79.85 25.37 -59.61
CA ASN B 969 80.48 24.06 -59.49
C ASN B 969 79.48 22.92 -59.33
N GLY B 970 78.18 23.19 -59.45
CA GLY B 970 77.19 22.15 -59.33
C GLY B 970 76.96 21.73 -57.89
N ASP B 971 76.12 20.72 -57.73
CA ASP B 971 75.79 20.18 -56.42
C ASP B 971 76.62 18.94 -56.12
N LYS B 979 82.42 14.09 -45.50
CA LYS B 979 83.13 12.95 -44.92
C LYS B 979 82.15 12.01 -44.23
N VAL B 980 82.37 10.71 -44.39
CA VAL B 980 81.49 9.71 -43.79
C VAL B 980 81.89 9.53 -42.34
N MET B 981 80.93 9.73 -41.43
CA MET B 981 81.15 9.65 -40.00
C MET B 981 80.69 8.28 -39.50
N VAL B 982 81.55 7.59 -38.77
CA VAL B 982 81.22 6.26 -38.27
C VAL B 982 80.28 6.41 -37.08
N GLU B 983 79.15 5.70 -37.12
CA GLU B 983 78.17 5.80 -36.06
C GLU B 983 78.50 4.80 -34.95
N PRO B 984 78.72 5.24 -33.72
CA PRO B 984 79.18 4.30 -32.69
C PRO B 984 78.13 3.26 -32.36
N ARG B 985 78.60 2.07 -31.98
CA ARG B 985 77.75 0.98 -31.55
C ARG B 985 78.24 0.47 -30.20
N ALA B 986 77.32 -0.12 -29.44
CA ALA B 986 77.67 -0.70 -28.15
C ALA B 986 78.55 -1.92 -28.37
N ASN B 987 79.62 -2.02 -27.59
CA ASN B 987 80.51 -3.18 -27.61
C ASN B 987 80.44 -3.80 -26.22
N MET B 988 79.44 -4.67 -26.01
CA MET B 988 79.24 -5.33 -24.73
C MET B 988 80.22 -6.49 -24.64
N LYS B 989 81.46 -6.15 -24.32
CA LYS B 989 82.50 -7.15 -24.07
C LYS B 989 82.43 -7.50 -22.59
N PHE B 990 81.75 -8.61 -22.28
CA PHE B 990 81.53 -9.01 -20.89
C PHE B 990 82.86 -9.50 -20.35
N ASP B 991 83.70 -8.53 -20.01
CA ASP B 991 85.10 -8.79 -19.71
C ASP B 991 85.27 -9.14 -18.24
N PHE B 992 86.10 -10.15 -17.99
CA PHE B 992 86.48 -10.49 -16.64
C PHE B 992 87.44 -9.44 -16.09
N PRO B 993 87.66 -9.43 -14.78
CA PRO B 993 88.64 -8.49 -14.21
C PRO B 993 90.00 -8.63 -14.88
N THR B 994 90.60 -7.49 -15.20
CA THR B 994 91.88 -7.49 -15.90
C THR B 994 92.94 -8.13 -15.01
N LEU B 995 93.76 -8.99 -15.60
CA LEU B 995 94.82 -9.69 -14.90
C LEU B 995 96.14 -8.97 -15.15
N LYS B 996 96.82 -8.61 -14.07
CA LYS B 996 98.13 -7.99 -14.15
C LYS B 996 99.20 -9.04 -14.41
N SER B 997 100.33 -8.58 -14.93
CA SER B 997 101.47 -9.48 -15.12
C SER B 997 101.96 -9.97 -13.77
N TYR B 998 102.63 -11.12 -13.78
CA TYR B 998 103.14 -11.68 -12.53
C TYR B 998 104.19 -10.78 -11.92
N ASP B 999 105.01 -10.13 -12.74
CA ASP B 999 106.00 -9.19 -12.21
C ASP B 999 105.32 -8.03 -11.50
N GLU B 1000 104.24 -7.52 -12.08
CA GLU B 1000 103.53 -6.40 -11.46
C GLU B 1000 102.82 -6.85 -10.19
N ILE B 1001 102.33 -8.09 -10.16
CA ILE B 1001 101.71 -8.63 -8.95
C ILE B 1001 102.75 -8.77 -7.85
N LYS B 1002 103.94 -9.28 -8.19
CA LYS B 1002 105.00 -9.42 -7.21
C LYS B 1002 105.51 -8.08 -6.73
N GLN B 1003 105.46 -7.05 -7.57
CA GLN B 1003 105.78 -5.70 -7.11
C GLN B 1003 104.77 -5.19 -6.08
N ILE B 1004 103.49 -5.50 -6.25
CA ILE B 1004 102.48 -5.11 -5.27
C ILE B 1004 102.61 -5.88 -3.96
N ALA B 1005 102.90 -7.18 -4.03
CA ALA B 1005 103.00 -7.99 -2.82
C ALA B 1005 104.12 -9.02 -2.94
N PRO B 1006 105.37 -8.65 -2.67
CA PRO B 1006 106.47 -9.60 -2.90
C PRO B 1006 106.59 -10.68 -1.83
N GLU B 1007 106.23 -10.40 -0.58
CA GLU B 1007 106.51 -11.30 0.52
C GLU B 1007 105.47 -12.41 0.67
N LEU B 1008 104.44 -12.45 -0.18
CA LEU B 1008 103.34 -13.38 0.01
C LEU B 1008 103.53 -14.71 -0.72
N GLU B 1009 104.61 -14.90 -1.45
CA GLU B 1009 104.75 -16.08 -2.30
C GLU B 1009 104.76 -17.37 -1.46
N GLY B 1010 103.86 -18.28 -1.81
CA GLY B 1010 103.83 -19.58 -1.17
C GLY B 1010 103.59 -19.55 0.32
N MET B 1011 102.80 -18.59 0.80
CA MET B 1011 102.56 -18.42 2.22
C MET B 1011 101.16 -18.82 2.65
N LEU B 1012 100.16 -18.69 1.78
CA LEU B 1012 98.78 -18.98 2.12
C LEU B 1012 98.32 -20.28 1.49
N ASP B 1013 97.43 -20.98 2.19
CA ASP B 1013 96.83 -22.21 1.69
C ASP B 1013 95.69 -21.85 0.72
N LEU B 1014 95.90 -22.12 -0.56
CA LEU B 1014 94.90 -21.79 -1.56
C LEU B 1014 93.60 -22.55 -1.31
N GLU B 1015 93.70 -23.79 -0.84
CA GLU B 1015 92.51 -24.54 -0.47
C GLU B 1015 91.71 -23.84 0.61
N ASN B 1016 92.37 -23.13 1.53
CA ASN B 1016 91.71 -22.44 2.62
C ASN B 1016 91.44 -20.97 2.34
N VAL B 1017 91.82 -20.45 1.18
CA VAL B 1017 91.47 -19.08 0.78
C VAL B 1017 90.19 -19.17 -0.04
N VAL B 1018 89.15 -18.49 0.45
CA VAL B 1018 87.85 -18.42 -0.23
C VAL B 1018 87.80 -17.14 -1.04
N VAL B 1019 87.31 -17.24 -2.28
CA VAL B 1019 87.29 -16.12 -3.21
C VAL B 1019 85.94 -16.05 -3.90
N VAL B 1020 85.50 -14.83 -4.17
CA VAL B 1020 84.29 -14.58 -4.96
C VAL B 1020 84.69 -14.64 -6.42
N THR B 1021 84.06 -15.53 -7.17
CA THR B 1021 84.40 -15.74 -8.58
C THR B 1021 83.38 -15.15 -9.54
N GLY B 1022 82.11 -15.12 -9.13
CA GLY B 1022 81.09 -14.47 -9.93
C GLY B 1022 80.05 -13.89 -9.02
N PHE B 1023 79.36 -12.87 -9.50
CA PHE B 1023 78.30 -12.25 -8.73
C PHE B 1023 77.28 -11.66 -9.68
N ALA B 1024 76.08 -11.46 -9.17
CA ALA B 1024 75.02 -10.84 -9.95
C ALA B 1024 73.90 -10.46 -9.02
N GLU B 1025 72.98 -9.65 -9.55
CA GLU B 1025 71.87 -9.18 -8.75
C GLU B 1025 70.72 -8.80 -9.68
N VAL B 1026 69.52 -8.90 -9.13
CA VAL B 1026 68.32 -8.31 -9.72
C VAL B 1026 67.91 -7.23 -8.73
N GLY B 1027 67.74 -6.01 -9.23
CA GLY B 1027 67.44 -4.90 -8.36
C GLY B 1027 66.80 -3.76 -9.11
N PRO B 1028 66.58 -2.63 -8.42
CA PRO B 1028 65.92 -1.49 -9.07
C PRO B 1028 66.65 -0.95 -10.28
N TRP B 1029 67.97 -1.17 -10.39
CA TRP B 1029 68.76 -0.66 -11.49
C TRP B 1029 69.27 -1.78 -12.39
N GLY B 1030 68.45 -2.79 -12.59
CA GLY B 1030 68.84 -3.90 -13.45
C GLY B 1030 69.84 -4.78 -12.76
N ASN B 1031 70.89 -5.16 -13.48
CA ASN B 1031 71.86 -6.12 -13.00
C ASN B 1031 73.03 -5.40 -12.34
N SER B 1032 74.08 -6.16 -12.00
CA SER B 1032 75.25 -5.57 -11.37
C SER B 1032 75.89 -4.52 -12.27
N ARG B 1033 75.96 -4.79 -13.57
CA ARG B 1033 76.61 -3.87 -14.50
C ARG B 1033 75.90 -2.53 -14.54
N THR B 1034 74.58 -2.54 -14.76
CA THR B 1034 73.84 -1.30 -14.88
C THR B 1034 73.74 -0.58 -13.54
N ARG B 1035 73.56 -1.34 -12.46
CA ARG B 1035 73.53 -0.73 -11.13
C ARG B 1035 74.84 -0.05 -10.82
N TRP B 1036 75.96 -0.68 -11.19
CA TRP B 1036 77.27 -0.06 -10.97
C TRP B 1036 77.44 1.17 -11.83
N GLU B 1037 76.95 1.15 -13.07
CA GLU B 1037 77.06 2.34 -13.90
C GLU B 1037 76.31 3.51 -13.27
N MET B 1038 75.07 3.27 -12.83
CA MET B 1038 74.31 4.33 -12.18
C MET B 1038 74.98 4.78 -10.88
N GLU B 1039 75.51 3.84 -10.10
CA GLU B 1039 76.11 4.18 -8.82
C GLU B 1039 77.39 4.99 -9.00
N ALA B 1040 78.28 4.51 -9.86
CA ALA B 1040 79.60 5.12 -9.99
C ALA B 1040 79.55 6.42 -10.78
N TYR B 1041 78.69 6.49 -11.80
CA TYR B 1041 78.68 7.61 -12.73
C TYR B 1041 77.39 8.42 -12.71
N GLY B 1042 76.30 7.87 -12.21
CA GLY B 1042 75.03 8.56 -12.23
C GLY B 1042 74.34 8.55 -13.57
N GLU B 1043 74.95 7.94 -14.59
CA GLU B 1043 74.38 7.89 -15.92
C GLU B 1043 74.74 6.56 -16.55
N PHE B 1044 73.90 6.11 -17.47
CA PHE B 1044 74.14 4.88 -18.20
C PHE B 1044 74.99 5.18 -19.43
N SER B 1045 75.98 4.33 -19.68
CA SER B 1045 76.72 4.41 -20.92
C SER B 1045 75.86 3.87 -22.05
N LEU B 1046 76.45 3.73 -23.23
CA LEU B 1046 75.71 3.12 -24.33
C LEU B 1046 75.41 1.66 -24.02
N GLU B 1047 76.39 0.93 -23.51
CA GLU B 1047 76.18 -0.47 -23.15
C GLU B 1047 75.14 -0.60 -22.04
N GLY B 1048 75.23 0.27 -21.02
CA GLY B 1048 74.27 0.20 -19.94
C GLY B 1048 72.87 0.57 -20.38
N ALA B 1049 72.75 1.56 -21.27
CA ALA B 1049 71.44 1.93 -21.79
C ALA B 1049 70.84 0.78 -22.58
N ILE B 1050 71.64 0.09 -23.40
CA ILE B 1050 71.12 -1.04 -24.16
C ILE B 1050 70.74 -2.17 -23.21
N GLU B 1051 71.54 -2.42 -22.18
CA GLU B 1051 71.22 -3.48 -21.24
C GLU B 1051 69.94 -3.18 -20.47
N MET B 1052 69.75 -1.92 -20.09
CA MET B 1052 68.52 -1.55 -19.40
C MET B 1052 67.30 -1.62 -20.32
N ALA B 1053 67.46 -1.21 -21.58
CA ALA B 1053 66.37 -1.35 -22.52
C ALA B 1053 66.02 -2.81 -22.74
N TRP B 1054 67.02 -3.68 -22.83
CA TRP B 1054 66.78 -5.11 -22.99
C TRP B 1054 66.12 -5.69 -21.76
N ILE B 1055 66.54 -5.26 -20.57
CA ILE B 1055 65.96 -5.76 -19.33
C ILE B 1055 64.50 -5.34 -19.22
N MET B 1056 64.21 -4.08 -19.52
CA MET B 1056 62.85 -3.56 -19.44
C MET B 1056 62.02 -3.90 -20.67
N GLY B 1057 62.59 -4.61 -21.64
CA GLY B 1057 61.83 -5.03 -22.80
C GLY B 1057 61.57 -3.94 -23.81
N PHE B 1058 62.23 -2.79 -23.68
CA PHE B 1058 62.05 -1.72 -24.65
C PHE B 1058 62.53 -2.16 -26.03
N ILE B 1059 63.62 -2.91 -26.08
CA ILE B 1059 64.21 -3.39 -27.33
C ILE B 1059 64.27 -4.91 -27.28
N LYS B 1060 64.11 -5.53 -28.44
CA LYS B 1060 64.24 -6.97 -28.60
C LYS B 1060 65.12 -7.22 -29.81
N TYR B 1061 65.89 -8.29 -29.79
CA TYR B 1061 66.74 -8.62 -30.92
C TYR B 1061 65.94 -9.36 -31.99
N HIS B 1062 66.13 -8.95 -33.23
CA HIS B 1062 65.47 -9.55 -34.38
C HIS B 1062 66.55 -10.11 -35.30
N ASN B 1063 66.32 -11.31 -35.80
CA ASN B 1063 67.23 -11.96 -36.75
C ASN B 1063 66.39 -12.70 -37.76
N GLY B 1064 66.09 -12.07 -38.88
CA GLY B 1064 65.30 -12.69 -39.91
C GLY B 1064 64.64 -11.64 -40.78
N ASN B 1065 63.48 -12.00 -41.33
CA ASN B 1065 62.71 -11.14 -42.22
C ASN B 1065 61.87 -10.20 -41.38
N LEU B 1066 62.12 -8.89 -41.50
CA LEU B 1066 61.43 -7.85 -40.74
C LEU B 1066 60.67 -6.96 -41.71
N GLN B 1067 59.37 -7.21 -41.86
CA GLN B 1067 58.50 -6.45 -42.76
C GLN B 1067 59.08 -6.44 -44.17
N GLY B 1068 59.26 -7.63 -44.74
CA GLY B 1068 59.69 -7.75 -46.12
C GLY B 1068 61.16 -7.48 -46.37
N LYS B 1069 61.96 -7.29 -45.32
CA LYS B 1069 63.38 -7.03 -45.46
C LYS B 1069 64.17 -7.88 -44.48
N PRO B 1070 65.42 -8.26 -44.82
CA PRO B 1070 66.23 -9.00 -43.85
C PRO B 1070 66.97 -8.07 -42.90
N TYR B 1071 66.65 -8.14 -41.61
CA TYR B 1071 67.24 -7.26 -40.60
C TYR B 1071 67.82 -8.07 -39.46
N SER B 1072 68.99 -7.65 -38.98
CA SER B 1072 69.66 -8.26 -37.83
C SER B 1072 70.09 -7.13 -36.91
N GLY B 1073 69.32 -6.87 -35.86
CA GLY B 1073 69.64 -5.80 -34.95
C GLY B 1073 68.54 -5.59 -33.94
N TRP B 1074 68.63 -4.48 -33.23
CA TRP B 1074 67.67 -4.15 -32.19
C TRP B 1074 66.41 -3.53 -32.78
N VAL B 1075 65.27 -3.93 -32.23
CA VAL B 1075 63.96 -3.56 -32.72
C VAL B 1075 63.11 -3.11 -31.54
N ASP B 1076 62.48 -1.95 -31.67
CA ASP B 1076 61.53 -1.49 -30.66
C ASP B 1076 60.47 -2.54 -30.44
N ALA B 1077 60.40 -3.05 -29.20
CA ALA B 1077 59.49 -4.16 -28.92
C ALA B 1077 58.04 -3.75 -29.11
N LYS B 1078 57.68 -2.54 -28.70
CA LYS B 1078 56.29 -2.10 -28.82
C LYS B 1078 55.89 -1.90 -30.28
N THR B 1079 56.72 -1.19 -31.03
CA THR B 1079 56.40 -0.85 -32.42
C THR B 1079 56.95 -1.84 -33.43
N GLN B 1080 57.88 -2.70 -33.02
CA GLN B 1080 58.47 -3.72 -33.89
C GLN B 1080 59.25 -3.11 -35.06
N THR B 1081 59.66 -1.81 -34.96
CA THR B 1081 60.44 -1.16 -36.00
C THR B 1081 61.92 -1.15 -35.63
N PRO B 1082 62.84 -1.17 -36.61
CA PRO B 1082 64.27 -1.15 -36.28
C PRO B 1082 64.64 0.10 -35.50
N ILE B 1083 65.64 -0.04 -34.62
CA ILE B 1083 66.18 1.10 -33.88
C ILE B 1083 67.69 0.96 -33.83
N ASP B 1084 68.38 2.07 -34.03
CA ASP B 1084 69.84 2.07 -34.01
C ASP B 1084 70.36 2.08 -32.58
N GLU B 1085 71.51 1.44 -32.39
CA GLU B 1085 72.08 1.32 -31.05
C GLU B 1085 72.38 2.68 -30.45
N LYS B 1086 72.95 3.59 -31.25
CA LYS B 1086 73.20 4.94 -30.77
C LYS B 1086 71.90 5.63 -30.36
N ASP B 1087 70.82 5.40 -31.10
CA ASP B 1087 69.54 6.01 -30.79
C ASP B 1087 68.82 5.35 -29.61
N ILE B 1088 69.28 4.17 -29.18
CA ILE B 1088 68.67 3.53 -28.01
C ILE B 1088 68.80 4.40 -26.77
N LYS B 1089 69.95 5.01 -26.54
CA LYS B 1089 70.16 5.84 -25.37
C LYS B 1089 69.44 7.18 -25.45
N SER B 1090 68.84 7.52 -26.59
CA SER B 1090 68.04 8.73 -26.73
C SER B 1090 66.55 8.46 -26.66
N LYS B 1091 66.08 7.42 -27.34
CA LYS B 1091 64.65 7.13 -27.37
C LYS B 1091 64.14 6.63 -26.03
N TYR B 1092 64.97 5.95 -25.23
CA TYR B 1092 64.52 5.22 -24.06
C TYR B 1092 65.17 5.61 -22.75
N GLU B 1093 66.15 6.52 -22.74
CA GLU B 1093 66.81 6.85 -21.47
C GLU B 1093 65.84 7.50 -20.49
N GLU B 1094 64.96 8.38 -20.99
CA GLU B 1094 64.02 9.05 -20.10
C GLU B 1094 63.07 8.03 -19.47
N GLU B 1095 62.53 7.10 -20.26
CA GLU B 1095 61.62 6.11 -19.72
C GLU B 1095 62.35 5.13 -18.80
N ILE B 1096 63.58 4.77 -19.14
CA ILE B 1096 64.37 3.88 -18.28
C ILE B 1096 64.55 4.51 -16.91
N LEU B 1097 64.98 5.77 -16.88
CA LEU B 1097 65.18 6.44 -15.59
C LEU B 1097 63.87 6.62 -14.85
N GLU B 1098 62.79 6.93 -15.57
CA GLU B 1098 61.50 7.12 -14.91
C GLU B 1098 61.01 5.83 -14.27
N HIS B 1099 61.15 4.70 -14.98
CA HIS B 1099 60.62 3.42 -14.55
C HIS B 1099 61.70 2.49 -14.03
N SER B 1100 62.78 3.04 -13.48
CA SER B 1100 63.76 2.24 -12.75
C SER B 1100 64.19 3.01 -11.51
N GLY B 1101 64.70 2.27 -10.52
CA GLY B 1101 65.18 2.88 -9.29
C GLY B 1101 64.06 3.06 -8.27
N ILE B 1102 64.34 3.92 -7.30
CA ILE B 1102 63.34 4.27 -6.30
C ILE B 1102 62.33 5.21 -6.94
N ARG B 1103 61.06 4.87 -6.81
CA ARG B 1103 60.00 5.57 -7.53
C ARG B 1103 58.66 5.19 -6.90
N LEU B 1104 57.59 5.81 -7.37
CA LEU B 1104 56.28 5.50 -6.87
C LEU B 1104 55.95 4.03 -7.15
N ILE B 1105 55.31 3.38 -6.18
CA ILE B 1105 54.94 1.98 -6.35
C ILE B 1105 54.00 1.85 -7.55
N GLU B 1106 54.26 0.85 -8.38
CA GLU B 1106 53.49 0.63 -9.60
C GLU B 1106 52.58 -0.58 -9.39
N PRO B 1107 51.25 -0.41 -9.38
CA PRO B 1107 50.40 -1.58 -9.10
C PRO B 1107 50.54 -2.71 -10.10
N GLU B 1108 50.96 -2.40 -11.33
CA GLU B 1108 51.09 -3.44 -12.35
C GLU B 1108 52.20 -4.42 -11.99
N LEU B 1109 53.17 -3.98 -11.19
CA LEU B 1109 54.23 -4.85 -10.72
C LEU B 1109 53.88 -5.61 -9.44
N PHE B 1110 52.77 -5.26 -8.79
CA PHE B 1110 52.39 -5.82 -7.50
C PHE B 1110 50.91 -6.20 -7.48
N ASN B 1111 50.39 -6.59 -8.65
CA ASN B 1111 49.08 -7.22 -8.73
C ASN B 1111 47.97 -6.24 -8.33
N GLY B 1112 48.00 -5.06 -8.91
CA GLY B 1112 46.97 -4.09 -8.62
C GLY B 1112 47.05 -3.47 -7.26
N TYR B 1113 48.17 -3.63 -6.55
CA TYR B 1113 48.32 -2.98 -5.25
C TYR B 1113 48.51 -1.49 -5.45
N ASP B 1114 47.48 -0.72 -5.16
CA ASP B 1114 47.55 0.74 -5.19
C ASP B 1114 47.66 1.22 -3.75
N PRO B 1115 48.83 1.65 -3.27
CA PRO B 1115 48.92 2.05 -1.86
C PRO B 1115 47.98 3.19 -1.49
N LYS B 1116 47.62 4.05 -2.44
CA LYS B 1116 46.61 5.05 -2.15
C LYS B 1116 45.22 4.43 -1.95
N LYS B 1117 45.04 3.17 -2.30
CA LYS B 1117 43.77 2.46 -2.18
C LYS B 1117 43.98 1.08 -1.57
N LYS B 1118 44.72 1.02 -0.47
CA LYS B 1118 44.98 -0.25 0.19
C LYS B 1118 43.68 -0.88 0.66
N GLN B 1119 43.35 -2.05 0.12
CA GLN B 1119 42.08 -2.69 0.40
C GLN B 1119 42.09 -3.40 1.76
N MET B 1120 41.06 -3.14 2.55
CA MET B 1120 40.82 -3.83 3.81
C MET B 1120 39.34 -4.24 3.85
N ILE B 1121 39.00 -5.12 4.79
CA ILE B 1121 37.62 -5.54 5.01
C ILE B 1121 37.27 -5.26 6.46
N GLN B 1122 36.09 -4.69 6.69
CA GLN B 1122 35.61 -4.32 8.01
C GLN B 1122 34.44 -5.22 8.38
N GLU B 1123 34.50 -5.77 9.60
CA GLU B 1123 33.41 -6.62 10.10
C GLU B 1123 32.23 -5.75 10.52
N ILE B 1124 31.04 -6.11 10.05
CA ILE B 1124 29.80 -5.45 10.45
C ILE B 1124 28.78 -6.52 10.81
N VAL B 1125 28.00 -6.26 11.85
CA VAL B 1125 26.83 -7.06 12.18
C VAL B 1125 25.66 -6.45 11.42
N VAL B 1126 24.96 -7.26 10.62
CA VAL B 1126 23.88 -6.72 9.80
C VAL B 1126 22.65 -6.50 10.67
N GLN B 1127 21.99 -5.37 10.43
CA GLN B 1127 20.74 -5.02 11.12
C GLN B 1127 19.53 -5.20 10.21
N HIS B 1128 19.64 -6.07 9.21
CA HIS B 1128 18.56 -6.29 8.25
C HIS B 1128 18.90 -7.52 7.42
N ASP B 1129 17.88 -8.30 7.08
CA ASP B 1129 18.10 -9.50 6.28
C ASP B 1129 18.37 -9.12 4.82
N LEU B 1130 19.49 -9.58 4.29
CA LEU B 1130 19.80 -9.37 2.89
C LEU B 1130 18.86 -10.20 2.01
N GLU B 1131 18.63 -9.72 0.80
CA GLU B 1131 17.81 -10.46 -0.14
C GLU B 1131 18.53 -11.75 -0.52
N PRO B 1132 17.80 -12.83 -0.81
CA PRO B 1132 18.49 -14.09 -1.13
C PRO B 1132 19.34 -13.98 -2.39
N PHE B 1133 20.44 -14.72 -2.40
CA PHE B 1133 21.30 -14.84 -3.57
C PHE B 1133 21.54 -16.32 -3.85
N GLU B 1134 21.82 -16.62 -5.11
CA GLU B 1134 21.92 -18.00 -5.59
C GLU B 1134 23.37 -18.46 -5.61
N CYS B 1135 23.57 -19.75 -5.34
CA CYS B 1135 24.88 -20.37 -5.48
C CYS B 1135 24.70 -21.88 -5.43
N SER B 1136 25.83 -22.60 -5.45
CA SER B 1136 25.82 -24.05 -5.48
C SER B 1136 25.50 -24.62 -4.10
N LYS B 1137 25.19 -25.92 -4.08
CA LYS B 1137 24.89 -26.60 -2.83
C LYS B 1137 26.07 -26.54 -1.87
N GLU B 1138 27.28 -26.73 -2.37
CA GLU B 1138 28.45 -26.72 -1.51
C GLU B 1138 28.59 -25.39 -0.78
N THR B 1139 28.53 -24.29 -1.54
CA THR B 1139 28.66 -22.98 -0.92
C THR B 1139 27.50 -22.68 0.01
N ALA B 1140 26.29 -23.12 -0.33
CA ALA B 1140 25.15 -22.89 0.54
C ALA B 1140 25.32 -23.62 1.87
N GLU B 1141 25.72 -24.90 1.83
CA GLU B 1141 25.98 -25.63 3.07
C GLU B 1141 27.11 -24.98 3.86
N GLN B 1142 28.14 -24.48 3.18
CA GLN B 1142 29.22 -23.80 3.90
C GLN B 1142 28.70 -22.55 4.60
N TYR B 1143 27.85 -21.79 3.93
CA TYR B 1143 27.26 -20.60 4.53
C TYR B 1143 26.44 -20.98 5.76
N LYS B 1144 25.61 -22.01 5.64
CA LYS B 1144 24.77 -22.42 6.76
C LYS B 1144 25.64 -22.93 7.91
N HIS B 1145 26.69 -23.67 7.60
CA HIS B 1145 27.59 -24.15 8.65
C HIS B 1145 28.22 -22.99 9.40
N GLU B 1146 28.66 -21.95 8.68
CA GLU B 1146 29.26 -20.80 9.35
C GLU B 1146 28.24 -20.05 10.20
N HIS B 1147 27.10 -19.69 9.60
CA HIS B 1147 26.17 -18.75 10.22
C HIS B 1147 25.11 -19.45 11.07
N GLY B 1148 24.34 -20.36 10.47
CA GLY B 1148 23.37 -21.13 11.20
C GLY B 1148 22.02 -20.44 11.28
N GLU B 1149 21.59 -20.10 12.49
CA GLU B 1149 20.31 -19.42 12.67
C GLU B 1149 20.29 -18.07 11.96
N LYS B 1150 21.46 -17.51 11.65
CA LYS B 1150 21.56 -16.24 10.94
C LYS B 1150 21.68 -16.42 9.42
N CYS B 1151 21.44 -17.63 8.92
CA CYS B 1151 21.43 -17.91 7.49
C CYS B 1151 20.26 -18.83 7.18
N GLU B 1152 19.78 -18.74 5.94
CA GLU B 1152 18.70 -19.59 5.45
C GLU B 1152 19.08 -20.09 4.07
N ILE B 1153 19.22 -21.41 3.93
CA ILE B 1153 19.60 -22.03 2.66
C ILE B 1153 18.41 -22.85 2.17
N PHE B 1154 18.11 -22.75 0.88
CA PHE B 1154 16.99 -23.50 0.35
C PHE B 1154 17.25 -23.90 -1.08
N GLU B 1155 16.95 -25.16 -1.40
CA GLU B 1155 17.18 -25.70 -2.74
C GLU B 1155 16.14 -25.16 -3.70
N ILE B 1156 16.58 -24.78 -4.89
CA ILE B 1156 15.68 -24.43 -5.99
C ILE B 1156 15.50 -25.70 -6.80
N GLU B 1157 14.40 -26.41 -6.54
CA GLU B 1157 14.17 -27.71 -7.16
C GLU B 1157 14.09 -27.64 -8.68
N GLU B 1158 13.78 -26.46 -9.23
CA GLU B 1158 13.75 -26.33 -10.69
C GLU B 1158 15.11 -26.60 -11.30
N SER B 1159 16.17 -26.09 -10.68
CA SER B 1159 17.54 -26.20 -11.18
C SER B 1159 18.41 -27.15 -10.37
N GLY B 1160 18.50 -26.91 -9.06
CA GLY B 1160 19.39 -27.68 -8.20
C GLY B 1160 20.30 -26.79 -7.38
N GLU B 1161 20.46 -25.55 -7.81
CA GLU B 1161 21.23 -24.58 -7.03
C GLU B 1161 20.51 -24.27 -5.73
N TYR B 1162 21.14 -23.43 -4.91
CA TYR B 1162 20.62 -23.05 -3.61
C TYR B 1162 20.55 -21.53 -3.49
N THR B 1163 19.49 -21.05 -2.85
CA THR B 1163 19.37 -19.66 -2.46
C THR B 1163 19.82 -19.53 -1.01
N VAL B 1164 20.62 -18.50 -0.72
CA VAL B 1164 21.11 -18.21 0.62
C VAL B 1164 20.64 -16.82 1.00
N ARG B 1165 19.97 -16.72 2.14
CA ARG B 1165 19.52 -15.46 2.71
C ARG B 1165 20.29 -15.22 4.00
N ILE B 1166 21.00 -14.10 4.08
CA ILE B 1166 21.71 -13.71 5.29
C ILE B 1166 20.75 -12.88 6.14
N LEU B 1167 20.64 -13.22 7.42
CA LEU B 1167 19.63 -12.66 8.29
C LEU B 1167 20.21 -11.59 9.19
N LYS B 1168 19.32 -10.89 9.88
CA LYS B 1168 19.72 -9.89 10.85
C LYS B 1168 20.58 -10.52 11.93
N GLY B 1169 21.65 -9.82 12.31
CA GLY B 1169 22.59 -10.31 13.29
C GLY B 1169 23.75 -11.10 12.72
N ALA B 1170 23.76 -11.34 11.41
CA ALA B 1170 24.88 -12.02 10.77
C ALA B 1170 26.07 -11.09 10.66
N THR B 1171 27.24 -11.68 10.46
CA THR B 1171 28.49 -10.96 10.32
C THR B 1171 28.87 -10.93 8.84
N LEU B 1172 29.09 -9.73 8.31
CA LEU B 1172 29.60 -9.53 6.96
C LEU B 1172 30.91 -8.77 7.02
N TYR B 1173 31.66 -8.84 5.92
CA TYR B 1173 32.95 -8.17 5.77
C TYR B 1173 32.82 -7.24 4.57
N VAL B 1174 32.47 -5.98 4.81
CA VAL B 1174 32.36 -5.02 3.72
C VAL B 1174 33.74 -4.43 3.45
N PRO B 1175 34.25 -4.48 2.22
CA PRO B 1175 35.58 -3.93 1.96
C PRO B 1175 35.64 -2.43 2.22
N LYS B 1176 36.83 -1.98 2.61
CA LYS B 1176 37.13 -0.55 2.73
C LYS B 1176 38.55 -0.33 2.25
N ALA B 1177 38.86 0.92 1.92
CA ALA B 1177 40.16 1.29 1.39
C ALA B 1177 40.80 2.35 2.27
N LEU B 1178 42.10 2.21 2.46
CA LEU B 1178 42.88 3.08 3.35
C LEU B 1178 43.96 3.76 2.53
N ARG B 1179 43.99 5.09 2.59
CA ARG B 1179 45.01 5.88 1.91
C ARG B 1179 46.32 5.66 2.63
N PHE B 1180 47.14 4.75 2.12
CA PHE B 1180 48.38 4.40 2.77
C PHE B 1180 49.48 5.38 2.37
N ASP B 1181 50.33 5.73 3.33
CA ASP B 1181 51.26 6.83 3.21
C ASP B 1181 52.67 6.41 2.77
N ARG B 1182 52.87 5.17 2.34
CA ARG B 1182 54.15 4.70 1.82
C ARG B 1182 53.96 4.38 0.34
N LEU B 1183 54.12 5.40 -0.51
CA LEU B 1183 53.86 5.28 -1.94
C LEU B 1183 55.09 5.00 -2.78
N VAL B 1184 56.27 4.95 -2.17
CA VAL B 1184 57.54 4.88 -2.89
C VAL B 1184 58.29 3.64 -2.44
N ALA B 1185 58.77 2.86 -3.39
CA ALA B 1185 59.58 1.68 -3.10
C ALA B 1185 60.61 1.52 -4.19
N GLY B 1186 61.73 0.89 -3.83
CA GLY B 1186 62.77 0.60 -4.79
C GLY B 1186 62.47 -0.67 -5.55
N GLN B 1187 61.95 -0.54 -6.75
CA GLN B 1187 61.35 -1.64 -7.48
C GLN B 1187 62.20 -1.98 -8.69
N ILE B 1188 62.24 -3.27 -9.03
CA ILE B 1188 62.92 -3.78 -10.21
C ILE B 1188 62.33 -3.03 -11.40
N PRO B 1189 63.10 -2.69 -12.44
CA PRO B 1189 62.57 -1.82 -13.49
C PRO B 1189 61.32 -2.39 -14.14
N THR B 1190 60.38 -1.51 -14.44
CA THR B 1190 59.13 -1.93 -15.07
C THR B 1190 59.43 -2.60 -16.40
N GLY B 1191 58.72 -3.67 -16.68
CA GLY B 1191 58.97 -4.48 -17.86
C GLY B 1191 59.99 -5.58 -17.66
N TRP B 1192 60.63 -5.65 -16.49
CA TRP B 1192 61.48 -6.79 -16.18
C TRP B 1192 60.64 -8.06 -16.23
N ASP B 1193 61.11 -9.03 -17.01
CA ASP B 1193 60.41 -10.29 -17.18
C ASP B 1193 61.41 -11.43 -17.06
N ALA B 1194 60.98 -12.50 -16.40
CA ALA B 1194 61.78 -13.72 -16.38
C ALA B 1194 61.82 -14.37 -17.76
N ARG B 1195 60.85 -14.10 -18.61
CA ARG B 1195 60.84 -14.66 -19.95
C ARG B 1195 62.05 -14.21 -20.76
N THR B 1196 62.46 -12.95 -20.61
CA THR B 1196 63.59 -12.44 -21.38
C THR B 1196 64.89 -13.13 -20.98
N TYR B 1197 64.93 -13.76 -19.81
CA TYR B 1197 66.09 -14.52 -19.38
C TYR B 1197 65.97 -16.00 -19.66
N GLY B 1198 64.93 -16.44 -20.37
CA GLY B 1198 64.78 -17.83 -20.76
C GLY B 1198 64.18 -18.74 -19.71
N ILE B 1199 63.58 -18.18 -18.66
CA ILE B 1199 62.92 -19.03 -17.66
C ILE B 1199 61.57 -19.47 -18.21
N PRO B 1200 61.25 -20.76 -18.24
CA PRO B 1200 60.04 -21.20 -18.94
C PRO B 1200 58.75 -20.80 -18.23
N GLU B 1201 57.67 -20.79 -19.02
CA GLU B 1201 56.39 -20.31 -18.54
C GLU B 1201 55.86 -21.16 -17.39
N ASP B 1202 56.07 -22.48 -17.45
CA ASP B 1202 55.60 -23.33 -16.37
C ASP B 1202 56.30 -23.00 -15.06
N THR B 1203 57.62 -22.77 -15.11
CA THR B 1203 58.34 -22.35 -13.92
C THR B 1203 57.85 -21.00 -13.43
N ILE B 1204 57.57 -20.08 -14.34
CA ILE B 1204 57.09 -18.76 -13.94
C ILE B 1204 55.75 -18.88 -13.23
N SER B 1205 54.86 -19.72 -13.74
CA SER B 1205 53.56 -19.92 -13.12
C SER B 1205 53.64 -20.72 -11.82
N GLN B 1206 54.65 -21.55 -11.64
CA GLN B 1206 54.80 -22.36 -10.44
C GLN B 1206 55.47 -21.63 -9.28
N VAL B 1207 56.54 -20.89 -9.54
CA VAL B 1207 57.41 -20.40 -8.48
C VAL B 1207 57.04 -18.98 -8.12
N ASP B 1208 57.64 -18.51 -7.02
CA ASP B 1208 57.39 -17.17 -6.52
C ASP B 1208 58.20 -16.15 -7.33
N PRO B 1209 57.73 -14.89 -7.40
CA PRO B 1209 58.54 -13.87 -8.08
C PRO B 1209 59.93 -13.70 -7.50
N ILE B 1210 60.07 -13.83 -6.18
CA ILE B 1210 61.40 -13.80 -5.59
C ILE B 1210 62.22 -14.97 -6.08
N THR B 1211 61.59 -16.12 -6.29
CA THR B 1211 62.31 -17.27 -6.83
C THR B 1211 62.79 -16.98 -8.25
N LEU B 1212 61.98 -16.26 -9.03
CA LEU B 1212 62.43 -15.84 -10.36
C LEU B 1212 63.65 -14.93 -10.27
N TYR B 1213 63.60 -13.97 -9.35
CA TYR B 1213 64.74 -13.09 -9.17
C TYR B 1213 65.99 -13.89 -8.78
N VAL B 1214 65.80 -14.90 -7.92
CA VAL B 1214 66.93 -15.73 -7.48
C VAL B 1214 67.50 -16.53 -8.63
N LEU B 1215 66.63 -17.11 -9.47
CA LEU B 1215 67.12 -17.90 -10.59
C LEU B 1215 67.91 -17.02 -11.55
N VAL B 1216 67.41 -15.82 -11.85
CA VAL B 1216 68.12 -14.92 -12.74
C VAL B 1216 69.46 -14.52 -12.13
N ALA B 1217 69.45 -14.16 -10.84
CA ALA B 1217 70.69 -13.75 -10.19
C ALA B 1217 71.70 -14.89 -10.13
N THR B 1218 71.21 -16.13 -9.99
CA THR B 1218 72.11 -17.27 -9.91
C THR B 1218 72.77 -17.56 -11.25
N VAL B 1219 71.98 -17.57 -12.32
CA VAL B 1219 72.60 -17.80 -13.63
C VAL B 1219 73.55 -16.66 -13.98
N GLU B 1220 73.16 -15.42 -13.65
CA GLU B 1220 74.03 -14.30 -13.96
C GLU B 1220 75.30 -14.33 -13.12
N ALA B 1221 75.22 -14.84 -11.89
CA ALA B 1221 76.41 -14.97 -11.06
C ALA B 1221 77.34 -16.05 -11.59
N LEU B 1222 76.78 -17.17 -12.04
CA LEU B 1222 77.61 -18.21 -12.64
C LEU B 1222 78.26 -17.70 -13.93
N LEU B 1223 77.53 -16.91 -14.70
CA LEU B 1223 78.09 -16.35 -15.92
C LEU B 1223 79.17 -15.30 -15.61
N SER B 1224 78.99 -14.54 -14.53
CA SER B 1224 80.05 -13.68 -14.05
C SER B 1224 81.28 -14.48 -13.68
N ALA B 1225 81.08 -15.67 -13.11
CA ALA B 1225 82.16 -16.60 -12.82
C ALA B 1225 82.60 -17.38 -14.06
N GLY B 1226 82.01 -17.10 -15.22
CA GLY B 1226 82.43 -17.74 -16.45
C GLY B 1226 81.91 -19.14 -16.63
N ILE B 1227 81.01 -19.59 -15.77
CA ILE B 1227 80.45 -20.94 -15.83
C ILE B 1227 79.17 -20.84 -16.64
N THR B 1228 79.28 -21.13 -17.94
CA THR B 1228 78.10 -21.19 -18.80
C THR B 1228 77.23 -22.39 -18.53
N ASP B 1229 77.85 -23.53 -18.17
CA ASP B 1229 77.12 -24.76 -17.86
C ASP B 1229 77.32 -25.07 -16.39
N PRO B 1230 76.27 -25.08 -15.55
CA PRO B 1230 76.47 -25.36 -14.12
C PRO B 1230 77.12 -26.71 -13.85
N TYR B 1231 76.97 -27.68 -14.75
CA TYR B 1231 77.58 -28.98 -14.55
C TYR B 1231 79.09 -28.98 -14.75
N GLU B 1232 79.67 -27.84 -15.12
CA GLU B 1232 81.13 -27.76 -15.27
C GLU B 1232 81.85 -27.85 -13.93
N PHE B 1233 81.14 -27.63 -12.83
CA PHE B 1233 81.76 -27.85 -11.51
C PHE B 1233 82.12 -29.31 -11.34
N TYR B 1234 81.30 -30.21 -11.88
CA TYR B 1234 81.46 -31.63 -11.60
C TYR B 1234 82.62 -32.25 -12.36
N LYS B 1235 83.27 -31.49 -13.25
CA LYS B 1235 84.53 -31.95 -13.82
C LYS B 1235 85.67 -31.86 -12.81
N TYR B 1236 85.52 -31.01 -11.79
CA TYR B 1236 86.59 -30.71 -10.85
C TYR B 1236 86.28 -31.08 -9.42
N VAL B 1237 85.01 -31.05 -9.00
CA VAL B 1237 84.61 -31.34 -7.63
C VAL B 1237 83.47 -32.34 -7.67
N HIS B 1238 83.32 -33.07 -6.58
CA HIS B 1238 82.23 -34.03 -6.47
C HIS B 1238 80.89 -33.31 -6.38
N VAL B 1239 79.83 -34.02 -6.76
CA VAL B 1239 78.49 -33.43 -6.67
C VAL B 1239 78.16 -33.04 -5.24
N SER B 1240 78.79 -33.68 -4.26
CA SER B 1240 78.61 -33.34 -2.86
C SER B 1240 79.44 -32.13 -2.43
N GLU B 1241 80.10 -31.43 -3.34
CA GLU B 1241 80.98 -30.32 -3.01
C GLU B 1241 80.49 -28.99 -3.57
N VAL B 1242 79.30 -28.96 -4.17
CA VAL B 1242 78.67 -27.75 -4.68
C VAL B 1242 77.42 -27.52 -3.86
N GLY B 1243 77.39 -26.43 -3.10
CA GLY B 1243 76.31 -26.12 -2.19
C GLY B 1243 75.66 -24.78 -2.49
N ASN B 1244 74.61 -24.48 -1.73
CA ASN B 1244 73.86 -23.25 -1.88
C ASN B 1244 73.47 -22.76 -0.49
N CYS B 1245 74.20 -21.78 0.02
CA CYS B 1245 73.98 -21.27 1.37
C CYS B 1245 73.27 -19.92 1.38
N SER B 1246 72.60 -19.55 0.29
CA SER B 1246 71.88 -18.30 0.21
C SER B 1246 70.60 -18.35 1.04
N GLY B 1247 69.97 -17.20 1.21
CA GLY B 1247 68.81 -17.11 2.08
C GLY B 1247 67.93 -15.92 1.78
N SER B 1248 66.92 -15.75 2.63
CA SER B 1248 65.98 -14.65 2.52
C SER B 1248 65.63 -14.16 3.91
N GLY B 1249 65.26 -12.88 4.01
CA GLY B 1249 64.75 -12.36 5.27
C GLY B 1249 63.35 -12.85 5.57
N MET B 1250 62.50 -12.94 4.54
CA MET B 1250 61.11 -13.31 4.71
C MET B 1250 60.73 -14.44 3.75
N GLY B 1251 61.35 -14.47 2.58
CA GLY B 1251 61.11 -15.53 1.61
C GLY B 1251 60.03 -15.20 0.61
N GLY B 1252 59.16 -16.17 0.34
CA GLY B 1252 58.08 -15.99 -0.60
C GLY B 1252 56.89 -15.29 0.01
N VAL B 1253 57.01 -13.97 0.19
CA VAL B 1253 55.93 -13.21 0.82
C VAL B 1253 54.68 -13.25 -0.04
N SER B 1254 54.83 -13.36 -1.36
CA SER B 1254 53.65 -13.47 -2.22
C SER B 1254 52.93 -14.80 -1.99
N ALA B 1255 53.69 -15.88 -1.78
CA ALA B 1255 53.07 -17.16 -1.44
C ALA B 1255 52.42 -17.12 -0.06
N LEU B 1256 53.05 -16.41 0.88
CA LEU B 1256 52.43 -16.23 2.18
C LEU B 1256 51.13 -15.43 2.07
N ARG B 1257 51.13 -14.40 1.23
CA ARG B 1257 49.90 -13.66 0.95
C ARG B 1257 48.83 -14.59 0.40
N GLY B 1258 49.21 -15.42 -0.57
CA GLY B 1258 48.27 -16.42 -1.08
C GLY B 1258 47.67 -17.24 0.04
N MET B 1259 48.52 -17.96 0.77
CA MET B 1259 48.08 -18.87 1.84
C MET B 1259 47.19 -18.18 2.85
N PHE B 1260 47.58 -16.99 3.32
CA PHE B 1260 46.95 -16.35 4.47
C PHE B 1260 45.78 -15.45 4.11
N LYS B 1261 45.72 -14.94 2.88
CA LYS B 1261 44.71 -13.98 2.46
C LYS B 1261 43.84 -14.53 1.34
N ASP B 1262 44.46 -15.01 0.25
CA ASP B 1262 43.68 -15.41 -0.90
C ASP B 1262 42.93 -16.70 -0.63
N ARG B 1263 43.51 -17.59 0.17
CA ARG B 1263 42.81 -18.82 0.54
C ARG B 1263 41.67 -18.52 1.51
N TYR B 1264 41.91 -17.63 2.48
CA TYR B 1264 40.82 -17.18 3.35
C TYR B 1264 39.69 -16.56 2.53
N ALA B 1265 40.03 -15.85 1.46
CA ALA B 1265 39.05 -15.27 0.56
C ALA B 1265 38.53 -16.26 -0.48
N ASP B 1266 39.04 -17.48 -0.50
CA ASP B 1266 38.59 -18.53 -1.41
C ASP B 1266 38.95 -18.24 -2.86
N LYS B 1267 39.99 -17.45 -3.08
CA LYS B 1267 40.46 -17.19 -4.43
C LYS B 1267 41.21 -18.40 -4.96
N PRO B 1268 41.36 -18.52 -6.29
CA PRO B 1268 42.06 -19.70 -6.84
C PRO B 1268 43.55 -19.60 -6.60
N VAL B 1269 44.06 -20.44 -5.70
CA VAL B 1269 45.45 -20.44 -5.30
C VAL B 1269 46.00 -21.85 -5.52
N GLN B 1270 47.24 -21.93 -6.01
CA GLN B 1270 47.86 -23.23 -6.23
C GLN B 1270 47.98 -24.00 -4.93
N ASN B 1271 47.81 -25.32 -5.02
CA ASN B 1271 47.75 -26.18 -3.84
C ASN B 1271 49.10 -26.31 -3.14
N ASP B 1272 50.20 -25.97 -3.79
CA ASP B 1272 51.54 -26.07 -3.21
C ASP B 1272 52.10 -24.68 -2.93
N ILE B 1273 51.26 -23.77 -2.45
CA ILE B 1273 51.69 -22.40 -2.18
C ILE B 1273 52.67 -22.35 -1.02
N LEU B 1274 52.49 -23.20 0.00
CA LEU B 1274 53.39 -23.20 1.14
C LEU B 1274 54.81 -23.57 0.72
N GLN B 1275 54.93 -24.54 -0.19
CA GLN B 1275 56.22 -24.89 -0.78
C GLN B 1275 56.94 -23.65 -1.30
N GLU B 1276 56.24 -22.82 -2.08
CA GLU B 1276 56.85 -21.61 -2.61
C GLU B 1276 57.07 -20.58 -1.50
N SER B 1277 56.32 -20.66 -0.42
CA SER B 1277 56.47 -19.72 0.68
C SER B 1277 57.71 -19.99 1.51
N PHE B 1278 58.19 -21.23 1.58
CA PHE B 1278 59.38 -21.50 2.38
C PHE B 1278 60.58 -20.71 1.86
N ILE B 1279 61.44 -20.28 2.79
CA ILE B 1279 62.60 -19.49 2.43
C ILE B 1279 63.64 -20.33 1.71
N ASN B 1280 63.73 -21.63 2.04
CA ASN B 1280 64.68 -22.51 1.36
C ASN B 1280 64.16 -23.04 0.02
N THR B 1281 62.92 -22.72 -0.34
CA THR B 1281 62.39 -23.15 -1.62
C THR B 1281 63.17 -22.53 -2.77
N MET B 1282 63.76 -21.36 -2.55
CA MET B 1282 64.44 -20.67 -3.64
C MET B 1282 65.76 -21.36 -3.95
N SER B 1283 66.49 -21.74 -2.90
CA SER B 1283 67.66 -22.61 -3.08
C SER B 1283 67.25 -23.94 -3.69
N ALA B 1284 66.09 -24.47 -3.27
CA ALA B 1284 65.62 -25.73 -3.82
C ALA B 1284 65.40 -25.64 -5.32
N TRP B 1285 64.76 -24.56 -5.79
CA TRP B 1285 64.54 -24.37 -7.21
C TRP B 1285 65.85 -24.14 -7.95
N VAL B 1286 66.80 -23.43 -7.33
CA VAL B 1286 68.11 -23.24 -7.95
C VAL B 1286 68.77 -24.59 -8.18
N ASN B 1287 68.76 -25.45 -7.16
CA ASN B 1287 69.36 -26.78 -7.31
C ASN B 1287 68.59 -27.62 -8.32
N MET B 1288 67.26 -27.51 -8.32
CA MET B 1288 66.45 -28.38 -9.16
C MET B 1288 66.51 -27.98 -10.63
N LEU B 1289 66.81 -26.72 -10.92
CA LEU B 1289 66.83 -26.25 -12.30
C LEU B 1289 68.23 -26.05 -12.86
N LEU B 1290 69.23 -25.73 -12.02
CA LEU B 1290 70.58 -25.45 -12.50
C LEU B 1290 71.62 -26.45 -12.02
N LEU B 1291 71.78 -26.61 -10.70
CA LEU B 1291 72.99 -27.25 -10.19
C LEU B 1291 72.88 -28.77 -10.15
N SER B 1292 71.81 -29.28 -9.54
CA SER B 1292 71.68 -30.71 -9.27
C SER B 1292 72.85 -31.25 -8.45
N SER B 1293 73.34 -30.44 -7.52
CA SER B 1293 74.40 -30.84 -6.63
C SER B 1293 73.82 -31.52 -5.40
N SER B 1294 74.66 -32.31 -4.73
CA SER B 1294 74.32 -32.90 -3.44
C SER B 1294 75.15 -32.28 -2.32
N GLY B 1295 75.67 -31.07 -2.55
CA GLY B 1295 76.47 -30.40 -1.56
C GLY B 1295 75.62 -29.75 -0.50
N PRO B 1296 76.29 -29.11 0.46
CA PRO B 1296 75.56 -28.53 1.59
C PRO B 1296 74.57 -27.48 1.13
N ILE B 1297 73.40 -27.48 1.77
CA ILE B 1297 72.42 -26.42 1.60
C ILE B 1297 72.06 -25.92 3.00
N LYS B 1298 72.32 -24.63 3.23
CA LYS B 1298 72.10 -24.02 4.54
C LYS B 1298 71.51 -22.65 4.31
N THR B 1299 70.21 -22.50 4.57
CA THR B 1299 69.49 -21.28 4.24
C THR B 1299 69.40 -20.36 5.46
N PRO B 1300 70.19 -19.29 5.53
CA PRO B 1300 70.08 -18.37 6.66
C PRO B 1300 68.86 -17.47 6.61
N VAL B 1301 68.58 -16.86 7.75
CA VAL B 1301 67.60 -15.78 7.87
C VAL B 1301 68.12 -14.74 8.84
N GLY B 1302 68.65 -13.63 8.32
CA GLY B 1302 69.03 -12.51 9.15
C GLY B 1302 67.99 -11.40 9.19
N ALA B 1303 67.02 -11.45 8.28
CA ALA B 1303 65.94 -10.48 8.11
C ALA B 1303 66.40 -9.13 7.55
N CYS B 1304 67.71 -8.89 7.47
CA CYS B 1304 68.27 -7.75 6.75
C CYS B 1304 69.75 -7.98 6.44
N ALA B 1305 70.45 -8.69 7.33
CA ALA B 1305 71.83 -9.14 7.14
C ALA B 1305 71.92 -10.56 6.62
N THR B 1306 70.89 -11.01 5.87
CA THR B 1306 70.84 -12.39 5.44
C THR B 1306 71.99 -12.71 4.50
N ALA B 1307 72.35 -11.76 3.63
CA ALA B 1307 73.37 -12.05 2.62
C ALA B 1307 74.76 -12.14 3.25
N VAL B 1308 75.06 -11.26 4.22
CA VAL B 1308 76.36 -11.33 4.88
C VAL B 1308 76.43 -12.56 5.77
N GLU B 1309 75.34 -12.88 6.46
CA GLU B 1309 75.27 -14.12 7.22
C GLU B 1309 75.43 -15.33 6.29
N SER B 1310 74.89 -15.25 5.08
CA SER B 1310 75.04 -16.32 4.10
C SER B 1310 76.48 -16.45 3.64
N VAL B 1311 77.17 -15.33 3.44
CA VAL B 1311 78.58 -15.38 3.10
C VAL B 1311 79.37 -16.01 4.24
N ASP B 1312 78.99 -15.71 5.48
CA ASP B 1312 79.62 -16.33 6.63
C ASP B 1312 79.43 -17.85 6.60
N ILE B 1313 78.19 -18.30 6.43
CA ILE B 1313 77.92 -19.72 6.41
C ILE B 1313 78.66 -20.39 5.25
N GLY B 1314 78.69 -19.74 4.08
CA GLY B 1314 79.36 -20.32 2.94
C GLY B 1314 80.86 -20.43 3.14
N ILE B 1315 81.47 -19.41 3.74
CA ILE B 1315 82.91 -19.46 3.98
C ILE B 1315 83.24 -20.57 4.96
N GLU B 1316 82.50 -20.67 6.07
CA GLU B 1316 82.80 -21.73 7.02
C GLU B 1316 82.52 -23.09 6.40
N THR B 1317 81.50 -23.18 5.54
CA THR B 1317 81.22 -24.43 4.83
C THR B 1317 82.40 -24.83 3.96
N ILE B 1318 83.00 -23.86 3.26
CA ILE B 1318 84.13 -24.18 2.39
C ILE B 1318 85.36 -24.55 3.21
N LEU B 1319 85.60 -23.81 4.30
CA LEU B 1319 86.81 -24.05 5.08
C LEU B 1319 86.73 -25.36 5.86
N SER B 1320 85.53 -25.77 6.27
CA SER B 1320 85.35 -27.07 6.90
C SER B 1320 85.54 -28.23 5.94
N GLY B 1321 85.63 -27.96 4.64
CA GLY B 1321 85.79 -29.00 3.64
C GLY B 1321 84.49 -29.62 3.17
N LYS B 1322 83.35 -29.17 3.68
CA LYS B 1322 82.07 -29.76 3.27
C LYS B 1322 81.68 -29.36 1.86
N ALA B 1323 82.15 -28.21 1.37
CA ALA B 1323 81.90 -27.80 0.00
C ALA B 1323 83.17 -27.18 -0.55
N LYS B 1324 83.29 -27.23 -1.87
CA LYS B 1324 84.31 -26.48 -2.58
C LYS B 1324 83.73 -25.27 -3.31
N VAL B 1325 82.50 -25.38 -3.82
CA VAL B 1325 81.78 -24.25 -4.40
C VAL B 1325 80.52 -24.04 -3.57
N VAL B 1326 80.20 -22.78 -3.30
CA VAL B 1326 78.97 -22.43 -2.61
C VAL B 1326 78.34 -21.25 -3.34
N LEU B 1327 77.02 -21.27 -3.45
CA LEU B 1327 76.25 -20.13 -3.92
C LEU B 1327 75.68 -19.41 -2.72
N VAL B 1328 76.26 -18.25 -2.40
CA VAL B 1328 75.85 -17.45 -1.26
C VAL B 1328 75.07 -16.26 -1.79
N GLY B 1329 74.45 -15.53 -0.88
CA GLY B 1329 73.74 -14.32 -1.23
C GLY B 1329 72.50 -14.17 -0.40
N GLY B 1330 71.61 -13.32 -0.88
CA GLY B 1330 70.37 -13.03 -0.18
C GLY B 1330 69.35 -12.45 -1.12
N TYR B 1331 68.08 -12.68 -0.78
CA TYR B 1331 67.00 -12.23 -1.64
C TYR B 1331 65.80 -11.84 -0.79
N ASP B 1332 65.00 -10.91 -1.30
CA ASP B 1332 63.75 -10.59 -0.65
C ASP B 1332 62.88 -9.81 -1.62
N ASP B 1333 61.59 -9.73 -1.31
CA ASP B 1333 60.59 -9.16 -2.19
C ASP B 1333 59.81 -8.10 -1.45
N PHE B 1334 59.32 -7.12 -2.20
CA PHE B 1334 58.47 -6.07 -1.67
C PHE B 1334 57.02 -6.44 -1.92
N GLN B 1335 56.18 -6.28 -0.90
CA GLN B 1335 54.76 -6.54 -1.04
C GLN B 1335 53.98 -5.60 -0.13
N GLU B 1336 52.68 -5.51 -0.42
CA GLU B 1336 51.79 -4.63 0.33
C GLU B 1336 51.89 -4.87 1.83
N GLU B 1337 51.88 -6.14 2.24
CA GLU B 1337 51.78 -6.44 3.65
C GLU B 1337 53.08 -6.11 4.38
N GLY B 1338 54.22 -6.46 3.79
CA GLY B 1338 55.49 -6.07 4.37
C GLY B 1338 55.65 -4.58 4.47
N SER B 1339 55.24 -3.85 3.42
CA SER B 1339 55.29 -2.40 3.46
C SER B 1339 54.44 -1.85 4.59
N TYR B 1340 53.23 -2.37 4.75
CA TYR B 1340 52.34 -1.88 5.79
C TYR B 1340 52.90 -2.19 7.18
N GLU B 1341 53.47 -3.37 7.37
CA GLU B 1341 54.04 -3.70 8.67
C GLU B 1341 55.21 -2.78 8.99
N PHE B 1342 56.12 -2.58 8.03
CA PHE B 1342 57.24 -1.68 8.28
C PHE B 1342 56.76 -0.27 8.58
N ALA B 1343 55.69 0.18 7.91
CA ALA B 1343 55.12 1.47 8.23
C ALA B 1343 54.61 1.50 9.67
N ASN B 1344 53.94 0.44 10.10
CA ASN B 1344 53.44 0.39 11.47
C ASN B 1344 54.56 0.42 12.49
N MET B 1345 55.71 -0.17 12.16
CA MET B 1345 56.88 -0.07 13.03
C MET B 1345 57.69 1.20 12.79
N ASN B 1346 57.27 2.05 11.85
CA ASN B 1346 57.91 3.34 11.62
C ASN B 1346 59.36 3.17 11.19
N ALA B 1347 59.65 2.05 10.54
CA ALA B 1347 61.00 1.80 10.04
C ALA B 1347 61.25 2.44 8.70
N THR B 1348 60.21 2.57 7.87
CA THR B 1348 60.34 3.16 6.55
C THR B 1348 59.92 4.62 6.57
N SER B 1349 60.37 5.36 5.55
CA SER B 1349 60.04 6.78 5.47
C SER B 1349 58.60 6.99 5.03
N ASN B 1350 58.00 8.07 5.51
CA ASN B 1350 56.63 8.44 5.15
C ASN B 1350 56.65 9.30 3.90
N SER B 1351 56.01 8.81 2.83
CA SER B 1351 56.08 9.50 1.55
C SER B 1351 55.30 10.82 1.58
N ILE B 1352 54.18 10.86 2.31
CA ILE B 1352 53.44 12.12 2.45
C ILE B 1352 54.32 13.17 3.13
N GLU B 1353 54.97 12.80 4.22
CA GLU B 1353 55.85 13.75 4.91
C GLU B 1353 56.99 14.17 4.00
N GLU B 1354 57.52 13.25 3.21
CA GLU B 1354 58.63 13.57 2.33
C GLU B 1354 58.20 14.53 1.21
N PHE B 1355 57.01 14.32 0.65
CA PHE B 1355 56.48 15.27 -0.33
C PHE B 1355 56.23 16.63 0.31
N LYS B 1356 55.71 16.65 1.55
CA LYS B 1356 55.55 17.91 2.25
C LYS B 1356 56.89 18.62 2.43
N HIS B 1357 57.93 17.87 2.72
CA HIS B 1357 59.29 18.40 2.80
C HIS B 1357 59.89 18.72 1.43
N GLY B 1358 59.20 18.37 0.36
CA GLY B 1358 59.67 18.69 -0.97
C GLY B 1358 60.69 17.72 -1.50
N ARG B 1359 60.64 16.47 -1.03
CA ARG B 1359 61.60 15.45 -1.40
C ARG B 1359 60.99 14.57 -2.49
N THR B 1360 61.75 14.34 -3.55
CA THR B 1360 61.33 13.44 -4.61
C THR B 1360 61.64 11.98 -4.24
N PRO B 1361 61.04 11.02 -4.96
CA PRO B 1361 61.36 9.61 -4.69
C PRO B 1361 62.84 9.28 -4.84
N LYS B 1362 63.53 9.88 -5.80
CA LYS B 1362 64.94 9.57 -5.99
C LYS B 1362 65.85 10.23 -4.97
N GLU B 1363 65.31 11.08 -4.09
CA GLU B 1363 66.09 11.67 -3.01
C GLU B 1363 65.51 11.35 -1.63
N MET B 1364 64.48 10.51 -1.55
CA MET B 1364 63.98 10.11 -0.23
C MET B 1364 64.98 9.26 0.54
N SER B 1365 65.68 8.36 -0.12
CA SER B 1365 66.65 7.47 0.53
C SER B 1365 67.97 8.22 0.65
N ARG B 1366 68.24 8.75 1.84
CA ARG B 1366 69.39 9.62 2.10
C ARG B 1366 70.09 9.18 3.38
N PRO B 1367 70.93 8.16 3.31
CA PRO B 1367 71.73 7.78 4.48
C PRO B 1367 72.68 8.88 4.93
N THR B 1368 72.89 8.95 6.24
CA THR B 1368 73.84 9.83 6.93
C THR B 1368 73.40 11.28 6.96
N THR B 1369 72.27 11.65 6.36
CA THR B 1369 71.87 13.04 6.33
C THR B 1369 71.14 13.42 7.60
N THR B 1370 71.08 14.73 7.85
CA THR B 1370 70.37 15.24 9.02
C THR B 1370 68.89 14.93 8.98
N THR B 1371 68.33 14.73 7.79
CA THR B 1371 66.89 14.58 7.61
C THR B 1371 66.46 13.15 7.30
N ARG B 1372 67.35 12.17 7.46
CA ARG B 1372 66.97 10.78 7.30
C ARG B 1372 65.86 10.42 8.29
N ASN B 1373 64.81 9.76 7.80
CA ASN B 1373 63.62 9.50 8.59
C ASN B 1373 63.06 8.10 8.34
N GLY B 1374 63.90 7.15 7.98
CA GLY B 1374 63.47 5.79 7.70
C GLY B 1374 64.07 5.25 6.43
N PHE B 1375 64.02 3.94 6.23
CA PHE B 1375 64.65 3.34 5.06
C PHE B 1375 63.65 3.21 3.92
N MET B 1376 64.19 3.05 2.71
CA MET B 1376 63.41 2.92 1.50
C MET B 1376 63.35 1.44 1.14
N GLU B 1377 62.20 0.83 1.37
CA GLU B 1377 62.06 -0.60 1.11
C GLU B 1377 62.23 -0.90 -0.37
N ALA B 1378 62.98 -1.97 -0.67
CA ALA B 1378 63.24 -2.38 -2.03
C ALA B 1378 63.02 -3.89 -2.16
N GLN B 1379 63.27 -4.39 -3.36
CA GLN B 1379 63.08 -5.79 -3.69
C GLN B 1379 64.21 -6.24 -4.60
N GLY B 1380 64.38 -7.54 -4.71
CA GLY B 1380 65.34 -8.11 -5.61
C GLY B 1380 66.10 -9.24 -4.96
N SER B 1381 67.23 -9.56 -5.57
CA SER B 1381 68.07 -10.67 -5.16
C SER B 1381 69.52 -10.35 -5.48
N GLY B 1382 70.42 -11.03 -4.79
CA GLY B 1382 71.83 -10.91 -5.08
C GLY B 1382 72.54 -12.20 -4.74
N ILE B 1383 73.32 -12.72 -5.68
CA ILE B 1383 73.94 -14.03 -5.55
C ILE B 1383 75.42 -13.89 -5.90
N GLN B 1384 76.25 -14.65 -5.18
CA GLN B 1384 77.68 -14.76 -5.43
C GLN B 1384 78.07 -16.23 -5.45
N VAL B 1385 79.05 -16.55 -6.28
CA VAL B 1385 79.60 -17.90 -6.39
C VAL B 1385 80.98 -17.88 -5.75
N ILE B 1386 81.09 -18.40 -4.54
CA ILE B 1386 82.35 -18.41 -3.80
C ILE B 1386 82.93 -19.81 -3.85
N MET B 1387 84.25 -19.89 -3.88
CA MET B 1387 84.93 -21.18 -3.87
C MET B 1387 86.36 -20.99 -3.39
N THR B 1388 87.03 -22.11 -3.17
CA THR B 1388 88.42 -22.08 -2.76
C THR B 1388 89.28 -21.46 -3.87
N ALA B 1389 90.35 -20.80 -3.46
CA ALA B 1389 91.25 -20.19 -4.44
C ALA B 1389 91.88 -21.24 -5.32
N ASP B 1390 92.23 -22.41 -4.75
CA ASP B 1390 92.81 -23.46 -5.58
C ASP B 1390 91.82 -23.94 -6.63
N LEU B 1391 90.54 -24.06 -6.28
CA LEU B 1391 89.56 -24.48 -7.27
C LEU B 1391 89.36 -23.42 -8.32
N ALA B 1392 89.34 -22.15 -7.92
CA ALA B 1392 89.18 -21.08 -8.89
C ALA B 1392 90.34 -21.08 -9.88
N LEU B 1393 91.56 -21.24 -9.38
CA LEU B 1393 92.73 -21.23 -10.26
C LEU B 1393 92.78 -22.47 -11.13
N LYS B 1394 92.36 -23.62 -10.60
CA LYS B 1394 92.36 -24.85 -11.39
C LYS B 1394 91.30 -24.82 -12.49
N MET B 1395 90.12 -24.28 -12.19
CA MET B 1395 89.07 -24.10 -13.17
C MET B 1395 89.35 -22.98 -14.15
N GLY B 1396 90.23 -22.03 -13.80
CA GLY B 1396 90.41 -20.86 -14.62
C GLY B 1396 89.21 -19.94 -14.64
N VAL B 1397 88.55 -19.76 -13.50
CA VAL B 1397 87.43 -18.83 -13.38
C VAL B 1397 87.96 -17.47 -12.94
N PRO B 1398 87.29 -16.37 -13.26
CA PRO B 1398 87.77 -15.06 -12.81
C PRO B 1398 87.59 -14.90 -11.31
N ILE B 1399 88.69 -14.61 -10.63
CA ILE B 1399 88.65 -14.40 -9.18
C ILE B 1399 88.45 -12.91 -8.95
N HIS B 1400 87.21 -12.53 -8.64
CA HIS B 1400 86.88 -11.12 -8.51
C HIS B 1400 87.39 -10.54 -7.20
N ALA B 1401 87.38 -11.33 -6.13
CA ALA B 1401 87.75 -10.82 -4.83
C ALA B 1401 88.15 -11.98 -3.92
N VAL B 1402 88.73 -11.63 -2.78
CA VAL B 1402 89.08 -12.58 -1.73
C VAL B 1402 88.32 -12.19 -0.48
N LEU B 1403 87.53 -13.11 0.06
CA LEU B 1403 86.83 -12.89 1.32
C LEU B 1403 87.81 -13.19 2.44
N ALA B 1404 88.45 -12.13 2.95
CA ALA B 1404 89.44 -12.31 4.00
C ALA B 1404 88.78 -12.65 5.33
N MET B 1405 87.71 -11.94 5.67
CA MET B 1405 87.08 -12.08 6.98
C MET B 1405 85.58 -12.02 6.82
N THR B 1406 84.88 -12.66 7.74
CA THR B 1406 83.43 -12.61 7.82
C THR B 1406 83.02 -12.97 9.24
N ALA B 1407 81.99 -12.29 9.74
CA ALA B 1407 81.58 -12.48 11.13
C ALA B 1407 80.12 -12.08 11.29
N THR B 1408 79.47 -12.70 12.26
CA THR B 1408 78.13 -12.36 12.70
C THR B 1408 78.15 -12.16 14.21
N ALA B 1409 77.14 -11.46 14.72
CA ALA B 1409 77.15 -11.09 16.12
C ALA B 1409 75.77 -10.60 16.54
N THR B 1410 75.50 -10.73 17.85
CA THR B 1410 74.34 -10.18 18.51
C THR B 1410 74.77 -9.06 19.46
N ASP B 1411 73.81 -8.32 19.97
CA ASP B 1411 74.14 -7.11 20.72
C ASP B 1411 74.20 -7.33 22.23
N LYS B 1412 73.04 -7.53 22.87
CA LYS B 1412 72.98 -7.59 24.33
C LYS B 1412 71.55 -7.84 24.81
N ILE B 1413 71.34 -7.78 26.13
CA ILE B 1413 69.99 -7.71 26.67
C ILE B 1413 69.28 -6.53 26.01
N GLY B 1414 67.97 -6.68 25.84
CA GLY B 1414 67.17 -5.59 25.32
C GLY B 1414 65.71 -5.99 25.31
N ARG B 1415 64.89 -5.03 24.91
CA ARG B 1415 63.47 -5.26 24.67
C ARG B 1415 63.04 -4.58 23.37
N SER B 1416 63.99 -4.39 22.45
CA SER B 1416 63.72 -3.77 21.15
C SER B 1416 64.48 -4.58 20.11
N VAL B 1417 63.77 -5.47 19.42
CA VAL B 1417 64.40 -6.27 18.37
C VAL B 1417 64.94 -5.40 17.24
N PRO B 1418 64.18 -4.45 16.67
CA PRO B 1418 64.73 -3.67 15.55
C PRO B 1418 65.79 -2.65 15.97
N ALA B 1419 66.06 -2.50 17.25
CA ALA B 1419 67.09 -1.57 17.70
C ALA B 1419 68.46 -2.09 17.30
N PRO B 1420 69.25 -1.36 16.50
CA PRO B 1420 70.61 -1.84 16.20
C PRO B 1420 71.52 -1.71 17.40
N GLY B 1421 72.63 -2.45 17.35
CA GLY B 1421 73.58 -2.46 18.44
C GLY B 1421 75.01 -2.65 17.96
N LYS B 1422 75.96 -2.61 18.90
CA LYS B 1422 77.38 -2.59 18.59
C LYS B 1422 78.00 -3.97 18.70
N GLY B 1423 77.18 -5.02 18.53
CA GLY B 1423 77.65 -6.38 18.73
C GLY B 1423 78.77 -6.76 17.79
N ILE B 1424 78.73 -6.26 16.55
CA ILE B 1424 79.76 -6.58 15.57
C ILE B 1424 81.10 -5.90 15.88
N LEU B 1425 81.13 -5.02 16.88
CA LEU B 1425 82.38 -4.40 17.30
C LEU B 1425 83.41 -5.42 17.76
N THR B 1426 82.97 -6.63 18.13
CA THR B 1426 83.88 -7.68 18.56
C THR B 1426 84.80 -8.16 17.43
N THR B 1427 84.51 -7.81 16.17
CA THR B 1427 85.41 -8.17 15.08
C THR B 1427 86.75 -7.45 15.20
N ALA B 1428 86.81 -6.35 15.94
CA ALA B 1428 88.03 -5.60 16.15
C ALA B 1428 88.67 -5.88 17.51
N ARG B 1429 88.20 -6.90 18.22
CA ARG B 1429 88.65 -7.13 19.58
C ARG B 1429 90.10 -7.61 19.61
N GLU B 1430 90.90 -7.00 20.48
CA GLU B 1430 92.20 -7.54 20.80
C GLU B 1430 92.61 -7.04 22.18
N HIS B 1431 93.61 -7.69 22.75
CA HIS B 1431 94.10 -7.37 24.08
C HIS B 1431 95.22 -6.35 23.96
N HIS B 1432 95.21 -5.36 24.87
CA HIS B 1432 96.15 -4.24 24.84
C HIS B 1432 96.77 -3.96 26.20
N GLY B 1433 96.83 -4.97 27.07
CA GLY B 1433 97.39 -4.75 28.39
C GLY B 1433 98.87 -4.41 28.37
N ASN B 1434 99.64 -5.11 27.54
CA ASN B 1434 101.09 -4.98 27.51
C ASN B 1434 101.55 -5.04 26.05
N LEU B 1435 101.72 -3.87 25.43
CA LEU B 1435 102.17 -3.76 24.05
C LEU B 1435 103.60 -3.26 23.96
N LYS B 1436 104.41 -3.56 24.98
CA LYS B 1436 105.76 -3.01 25.00
C LYS B 1436 106.58 -3.50 23.81
N TYR B 1437 106.20 -4.63 23.23
CA TYR B 1437 106.91 -5.20 22.09
C TYR B 1437 105.92 -5.72 21.06
N PRO B 1438 106.21 -5.62 19.75
CA PRO B 1438 105.27 -6.15 18.77
C PRO B 1438 105.14 -7.66 18.87
N SER B 1439 103.95 -8.15 18.56
CA SER B 1439 103.74 -9.60 18.48
C SER B 1439 104.50 -10.13 17.27
N PRO B 1440 105.38 -11.14 17.41
CA PRO B 1440 106.10 -11.64 16.23
C PRO B 1440 105.19 -12.19 15.16
N LEU B 1441 104.02 -12.68 15.54
CA LEU B 1441 103.15 -13.36 14.57
C LEU B 1441 102.60 -12.38 13.55
N LEU B 1442 102.55 -11.09 13.90
CA LEU B 1442 102.16 -10.08 12.92
C LEU B 1442 103.26 -9.79 11.92
N ASN B 1443 104.50 -10.16 12.22
CA ASN B 1443 105.61 -9.95 11.30
C ASN B 1443 105.63 -11.05 10.24
N ILE B 1444 105.65 -10.62 8.97
CA ILE B 1444 105.48 -11.57 7.87
C ILE B 1444 106.68 -12.50 7.76
N LYS B 1445 107.89 -11.97 7.91
CA LYS B 1445 109.07 -12.79 7.67
C LYS B 1445 109.27 -13.83 8.77
N TYR B 1446 108.91 -13.52 10.00
CA TYR B 1446 108.99 -14.51 11.08
C TYR B 1446 108.09 -15.70 10.77
N ARG B 1447 106.85 -15.44 10.37
CA ARG B 1447 105.96 -16.53 9.98
C ARG B 1447 106.48 -17.26 8.76
N LYS B 1448 107.12 -16.54 7.84
CA LYS B 1448 107.66 -17.19 6.65
C LYS B 1448 108.77 -18.17 7.02
N ARG B 1449 109.66 -17.79 7.93
CA ARG B 1449 110.72 -18.72 8.31
C ARG B 1449 110.17 -19.88 9.14
N GLN B 1450 109.19 -19.62 9.99
CA GLN B 1450 108.52 -20.72 10.68
C GLN B 1450 107.93 -21.71 9.69
N LEU B 1451 107.23 -21.19 8.67
CA LEU B 1451 106.64 -22.05 7.66
C LEU B 1451 107.70 -22.78 6.86
N ASN B 1452 108.83 -22.12 6.58
CA ASN B 1452 109.90 -22.77 5.83
C ASN B 1452 110.48 -23.95 6.61
N LYS B 1453 110.76 -23.76 7.90
CA LYS B 1453 111.30 -24.87 8.68
C LYS B 1453 110.27 -25.98 8.83
N ARG B 1454 108.98 -25.63 8.96
CA ARG B 1454 107.97 -26.68 9.06
C ARG B 1454 107.82 -27.43 7.75
N LEU B 1455 107.96 -26.74 6.61
CA LEU B 1455 107.90 -27.42 5.32
C LEU B 1455 109.11 -28.31 5.12
N GLU B 1456 110.28 -27.88 5.61
CA GLU B 1456 111.44 -28.76 5.60
C GLU B 1456 111.18 -30.02 6.41
N GLN B 1457 110.57 -29.86 7.59
CA GLN B 1457 110.19 -31.02 8.39
C GLN B 1457 109.23 -31.93 7.64
N ILE B 1458 108.27 -31.35 6.92
CA ILE B 1458 107.29 -32.17 6.20
C ILE B 1458 107.94 -32.90 5.03
N LYS B 1459 108.89 -32.24 4.35
CA LYS B 1459 109.63 -32.93 3.29
C LYS B 1459 110.45 -34.09 3.85
N SER B 1460 111.11 -33.86 4.98
CA SER B 1460 111.81 -34.96 5.65
C SER B 1460 110.84 -36.08 5.99
N TRP B 1461 109.64 -35.71 6.44
CA TRP B 1461 108.64 -36.72 6.80
C TRP B 1461 108.23 -37.55 5.58
N GLU B 1462 108.03 -36.88 4.43
CA GLU B 1462 107.83 -37.60 3.17
C GLU B 1462 108.94 -38.61 2.95
N GLU B 1463 110.19 -38.18 3.10
CA GLU B 1463 111.31 -39.04 2.74
C GLU B 1463 111.37 -40.26 3.66
N THR B 1464 111.23 -40.05 4.97
CA THR B 1464 111.26 -41.19 5.89
C THR B 1464 110.06 -42.10 5.67
N GLU B 1465 108.89 -41.55 5.34
CA GLU B 1465 107.74 -42.42 5.09
C GLU B 1465 107.96 -43.28 3.85
N LEU B 1466 108.44 -42.68 2.77
CA LEU B 1466 108.68 -43.47 1.55
C LEU B 1466 109.78 -44.49 1.77
N SER B 1467 110.75 -44.18 2.64
CA SER B 1467 111.76 -45.17 3.00
C SER B 1467 111.16 -46.31 3.80
N TYR B 1468 110.34 -46.00 4.80
CA TYR B 1468 109.71 -47.02 5.62
C TYR B 1468 108.73 -47.87 4.83
N LEU B 1469 108.26 -47.37 3.68
CA LEU B 1469 107.26 -48.11 2.91
C LEU B 1469 107.79 -49.46 2.47
N GLN B 1470 109.07 -49.54 2.11
CA GLN B 1470 109.64 -50.83 1.73
C GLN B 1470 109.64 -51.81 2.89
N GLU B 1471 109.99 -51.34 4.10
CA GLU B 1471 109.99 -52.23 5.25
C GLU B 1471 108.57 -52.66 5.61
N GLU B 1472 107.59 -51.78 5.41
CA GLU B 1472 106.21 -52.14 5.70
C GLU B 1472 105.68 -53.11 4.67
N ALA B 1473 106.15 -53.03 3.43
CA ALA B 1473 105.71 -53.95 2.39
C ALA B 1473 106.17 -55.38 2.71
N GLU B 1474 107.40 -55.53 3.21
CA GLU B 1474 107.87 -56.83 3.63
C GLU B 1474 107.01 -57.37 4.78
N LEU B 1475 106.62 -56.50 5.70
CA LEU B 1475 105.74 -56.92 6.78
C LEU B 1475 104.40 -57.39 6.24
N ALA B 1476 103.80 -56.61 5.32
CA ALA B 1476 102.53 -57.01 4.73
C ALA B 1476 102.69 -58.15 3.73
N LYS B 1477 103.90 -58.39 3.23
CA LYS B 1477 104.11 -59.50 2.31
C LYS B 1477 103.82 -60.83 2.97
N GLU B 1478 104.20 -60.98 4.24
CA GLU B 1478 103.93 -62.19 5.00
C GLU B 1478 102.57 -62.18 5.69
N GLU B 1479 101.99 -61.01 5.93
CA GLU B 1479 100.72 -60.88 6.64
C GLU B 1479 99.51 -60.79 5.72
N PHE B 1480 99.70 -60.95 4.40
CA PHE B 1480 98.60 -60.90 3.45
C PHE B 1480 98.65 -62.05 2.44
N GLY B 1481 99.49 -63.06 2.66
CA GLY B 1481 99.51 -64.22 1.79
C GLY B 1481 100.31 -64.00 0.52
N ASP B 1482 100.28 -65.03 -0.34
CA ASP B 1482 101.03 -64.99 -1.58
C ASP B 1482 100.38 -64.09 -2.63
N GLU B 1483 99.15 -63.64 -2.40
CA GLU B 1483 98.51 -62.71 -3.33
C GLU B 1483 99.10 -61.31 -3.27
N PHE B 1484 99.98 -61.04 -2.31
CA PHE B 1484 100.57 -59.71 -2.17
C PHE B 1484 101.32 -59.30 -3.43
N SER B 1485 101.04 -58.09 -3.89
CA SER B 1485 101.77 -57.46 -4.99
C SER B 1485 102.56 -56.27 -4.45
N MET B 1486 103.89 -56.35 -4.55
CA MET B 1486 104.74 -55.25 -4.13
C MET B 1486 104.39 -53.98 -4.89
N HIS B 1487 104.19 -54.08 -6.20
CA HIS B 1487 103.90 -52.91 -7.02
C HIS B 1487 102.61 -52.23 -6.57
N GLU B 1488 101.55 -53.00 -6.39
CA GLU B 1488 100.26 -52.42 -6.01
C GLU B 1488 100.32 -51.84 -4.61
N PHE B 1489 100.96 -52.55 -3.68
CA PHE B 1489 101.11 -52.02 -2.32
C PHE B 1489 101.86 -50.71 -2.33
N LEU B 1490 102.99 -50.66 -3.06
CA LEU B 1490 103.77 -49.42 -3.11
C LEU B 1490 102.98 -48.30 -3.75
N LYS B 1491 102.21 -48.59 -4.80
CA LYS B 1491 101.44 -47.55 -5.45
C LYS B 1491 100.40 -46.96 -4.50
N GLU B 1492 99.61 -47.83 -3.86
CA GLU B 1492 98.59 -47.35 -2.93
C GLU B 1492 99.21 -46.56 -1.79
N ARG B 1493 100.28 -47.09 -1.19
CA ARG B 1493 100.85 -46.45 -0.01
C ARG B 1493 101.59 -45.17 -0.37
N THR B 1494 102.19 -45.11 -1.57
CA THR B 1494 102.80 -43.87 -2.02
C THR B 1494 101.74 -42.80 -2.24
N GLU B 1495 100.60 -43.17 -2.82
CA GLU B 1495 99.51 -42.21 -2.94
C GLU B 1495 99.05 -41.73 -1.57
N GLU B 1496 98.93 -42.65 -0.61
CA GLU B 1496 98.51 -42.26 0.74
C GLU B 1496 99.53 -41.30 1.36
N VAL B 1497 100.81 -41.60 1.24
CA VAL B 1497 101.85 -40.74 1.82
C VAL B 1497 101.80 -39.36 1.17
N TYR B 1498 101.61 -39.32 -0.15
CA TYR B 1498 101.56 -38.04 -0.85
C TYR B 1498 100.37 -37.21 -0.38
N ARG B 1499 99.20 -37.84 -0.23
CA ARG B 1499 98.04 -37.10 0.25
C ARG B 1499 98.23 -36.63 1.70
N GLU B 1500 98.79 -37.49 2.55
CA GLU B 1500 99.04 -37.10 3.93
C GLU B 1500 99.97 -35.89 4.00
N SER B 1501 101.04 -35.91 3.21
CA SER B 1501 102.00 -34.81 3.26
C SER B 1501 101.44 -33.56 2.61
N LYS B 1502 100.57 -33.72 1.60
CA LYS B 1502 99.86 -32.55 1.08
C LYS B 1502 99.01 -31.94 2.17
N ARG B 1503 98.32 -32.77 2.96
CA ARG B 1503 97.53 -32.25 4.07
C ARG B 1503 98.42 -31.55 5.09
N GLN B 1504 99.60 -32.09 5.36
CA GLN B 1504 100.51 -31.44 6.30
C GLN B 1504 101.01 -30.09 5.78
N VAL B 1505 101.37 -30.02 4.51
CA VAL B 1505 101.79 -28.75 3.92
C VAL B 1505 100.65 -27.74 3.98
N SER B 1506 99.43 -28.18 3.64
CA SER B 1506 98.27 -27.31 3.73
C SER B 1506 98.03 -26.85 5.15
N ASP B 1507 98.22 -27.73 6.14
CA ASP B 1507 97.99 -27.35 7.53
C ASP B 1507 99.03 -26.36 8.01
N ALA B 1508 100.30 -26.55 7.60
CA ALA B 1508 101.33 -25.59 7.97
C ALA B 1508 101.05 -24.22 7.35
N LYS B 1509 100.62 -24.21 6.09
CA LYS B 1509 100.30 -22.94 5.44
C LYS B 1509 99.06 -22.31 6.06
N LYS B 1510 98.12 -23.13 6.52
CA LYS B 1510 96.96 -22.61 7.23
C LYS B 1510 97.37 -22.02 8.58
N GLN B 1511 98.33 -22.67 9.26
CA GLN B 1511 98.74 -22.21 10.57
C GLN B 1511 99.50 -20.90 10.49
N TRP B 1512 100.47 -20.82 9.58
CA TRP B 1512 101.36 -19.67 9.53
C TRP B 1512 100.93 -18.59 8.53
N GLY B 1513 100.22 -18.93 7.46
CA GLY B 1513 99.71 -17.94 6.54
C GLY B 1513 98.27 -17.51 6.74
N ASN B 1514 97.35 -18.47 6.72
CA ASN B 1514 95.93 -18.14 6.67
C ASN B 1514 95.35 -17.82 8.04
N SER B 1515 95.53 -18.73 8.98
CA SER B 1515 94.80 -18.73 10.25
C SER B 1515 95.76 -18.67 11.43
N PHE B 1516 96.79 -17.83 11.33
CA PHE B 1516 97.73 -17.67 12.43
C PHE B 1516 97.15 -16.87 13.60
N TYR B 1517 95.96 -16.31 13.45
CA TYR B 1517 95.37 -15.44 14.46
C TYR B 1517 94.18 -16.08 15.17
N LYS B 1518 93.97 -17.39 15.00
CA LYS B 1518 92.83 -18.04 15.63
C LYS B 1518 92.97 -18.05 17.15
N SER B 1519 94.15 -18.41 17.65
CA SER B 1519 94.38 -18.51 19.08
C SER B 1519 94.77 -17.18 19.71
N ASP B 1520 95.62 -16.41 19.03
CA ASP B 1520 96.19 -15.20 19.59
C ASP B 1520 95.10 -14.20 19.95
N PRO B 1521 94.91 -13.85 21.23
CA PRO B 1521 93.94 -12.79 21.56
C PRO B 1521 94.47 -11.39 21.30
N ARG B 1522 95.76 -11.23 21.08
CA ARG B 1522 96.34 -9.92 20.77
C ARG B 1522 96.25 -9.57 19.29
N ILE B 1523 95.72 -10.46 18.46
CA ILE B 1523 95.47 -10.20 17.05
C ILE B 1523 93.97 -10.30 16.84
N ALA B 1524 93.34 -9.20 16.47
CA ALA B 1524 91.91 -9.21 16.25
C ALA B 1524 91.59 -10.01 14.98
N PRO B 1525 90.36 -10.49 14.84
CA PRO B 1525 90.00 -11.18 13.59
C PRO B 1525 90.24 -10.31 12.36
N LEU B 1526 89.91 -9.03 12.44
CA LEU B 1526 90.11 -8.10 11.33
C LEU B 1526 91.58 -7.91 11.01
N ARG B 1527 92.37 -7.56 12.02
CA ARG B 1527 93.80 -7.32 11.79
C ARG B 1527 94.47 -8.58 11.28
N GLY B 1528 94.12 -9.73 11.84
CA GLY B 1528 94.74 -10.98 11.41
C GLY B 1528 94.34 -11.38 10.00
N ALA B 1529 93.07 -11.15 9.65
CA ALA B 1529 92.63 -11.47 8.29
C ALA B 1529 93.38 -10.63 7.28
N LEU B 1530 93.58 -9.34 7.56
CA LEU B 1530 94.36 -8.52 6.65
C LEU B 1530 95.83 -8.91 6.67
N ALA B 1531 96.36 -9.22 7.86
CA ALA B 1531 97.77 -9.56 7.99
C ALA B 1531 98.09 -10.88 7.32
N ALA B 1532 97.09 -11.73 7.07
CA ALA B 1532 97.32 -12.89 6.21
C ALA B 1532 97.86 -12.46 4.86
N PHE B 1533 97.21 -11.48 4.21
CA PHE B 1533 97.66 -10.91 2.95
C PHE B 1533 98.67 -9.80 3.14
N ASN B 1534 99.13 -9.58 4.37
CA ASN B 1534 100.17 -8.59 4.66
C ASN B 1534 99.63 -7.19 4.46
N LEU B 1535 98.34 -7.02 4.77
CA LEU B 1535 97.67 -5.73 4.72
C LEU B 1535 97.45 -5.27 6.16
N THR B 1536 97.69 -3.99 6.40
CA THR B 1536 97.53 -3.43 7.73
C THR B 1536 96.09 -2.95 7.93
N ILE B 1537 95.81 -2.51 9.15
CA ILE B 1537 94.50 -1.94 9.47
C ILE B 1537 94.21 -0.77 8.55
N ASP B 1538 95.25 -0.03 8.14
CA ASP B 1538 95.12 1.12 7.27
C ASP B 1538 94.76 0.75 5.84
N ASP B 1539 94.82 -0.53 5.47
CA ASP B 1539 94.66 -0.92 4.08
C ASP B 1539 93.22 -1.14 3.65
N ILE B 1540 92.25 -0.99 4.55
CA ILE B 1540 90.84 -0.98 4.18
C ILE B 1540 90.50 0.44 3.74
N GLY B 1541 90.26 0.62 2.45
CA GLY B 1541 90.02 1.95 1.92
C GLY B 1541 88.57 2.38 1.97
N VAL B 1542 87.65 1.42 1.91
CA VAL B 1542 86.24 1.71 1.77
C VAL B 1542 85.45 0.87 2.78
N ALA B 1543 84.34 1.44 3.26
CA ALA B 1543 83.41 0.74 4.12
C ALA B 1543 82.02 0.84 3.50
N SER B 1544 81.52 -0.28 3.00
CA SER B 1544 80.16 -0.33 2.48
C SER B 1544 79.21 -0.41 3.67
N PHE B 1545 78.70 0.75 4.07
CA PHE B 1545 77.79 0.84 5.20
C PHE B 1545 76.45 0.22 4.85
N HIS B 1546 75.81 -0.39 5.85
CA HIS B 1546 74.40 -0.72 5.73
C HIS B 1546 73.61 0.50 5.29
N GLY B 1547 73.82 1.63 5.98
CA GLY B 1547 73.31 2.92 5.58
C GLY B 1547 71.85 2.92 5.16
N THR B 1548 70.96 2.62 6.10
CA THR B 1548 69.56 2.43 5.80
C THR B 1548 68.76 3.73 5.78
N SER B 1549 69.39 4.88 6.00
CA SER B 1549 68.67 6.15 6.09
C SER B 1549 67.71 6.17 7.27
N THR B 1550 68.09 5.52 8.37
CA THR B 1550 67.38 5.60 9.63
C THR B 1550 68.32 6.18 10.67
N VAL B 1551 67.73 6.89 11.63
CA VAL B 1551 68.53 7.63 12.63
C VAL B 1551 69.42 6.67 13.40
N ALA B 1552 68.80 5.70 14.07
CA ALA B 1552 69.55 4.79 14.93
C ALA B 1552 70.58 4.01 14.13
N ASN B 1553 70.19 3.49 12.96
CA ASN B 1553 71.10 2.65 12.19
C ASN B 1553 72.31 3.44 11.73
N ASP B 1554 72.10 4.62 11.15
CA ASP B 1554 73.23 5.38 10.62
C ASP B 1554 74.15 5.84 11.75
N LYS B 1555 73.59 6.36 12.84
CA LYS B 1555 74.43 6.79 13.95
C LYS B 1555 75.22 5.61 14.51
N ASN B 1556 74.53 4.48 14.76
CA ASN B 1556 75.16 3.33 15.35
C ASN B 1556 76.25 2.76 14.44
N GLU B 1557 76.01 2.77 13.13
CA GLU B 1557 76.99 2.17 12.22
C GLU B 1557 78.23 3.05 12.08
N SER B 1558 78.03 4.36 11.98
CA SER B 1558 79.18 5.26 11.96
C SER B 1558 79.99 5.11 13.24
N ALA B 1559 79.30 5.05 14.38
CA ALA B 1559 80.00 4.84 15.64
C ALA B 1559 80.73 3.52 15.67
N THR B 1560 80.10 2.46 15.17
CA THR B 1560 80.73 1.14 15.21
C THR B 1560 82.00 1.13 14.39
N ILE B 1561 81.94 1.63 13.15
CA ILE B 1561 83.13 1.63 12.30
C ILE B 1561 84.23 2.49 12.93
N ASN B 1562 83.85 3.66 13.47
CA ASN B 1562 84.86 4.53 14.07
C ASN B 1562 85.54 3.85 15.24
N ASN B 1563 84.78 3.14 16.07
CA ASN B 1563 85.38 2.45 17.22
C ASN B 1563 86.23 1.26 16.78
N MET B 1564 85.80 0.51 15.76
CA MET B 1564 86.67 -0.55 15.24
C MET B 1564 88.02 0.01 14.83
N MET B 1565 88.02 1.12 14.08
CA MET B 1565 89.29 1.65 13.60
C MET B 1565 90.10 2.27 14.74
N LYS B 1566 89.43 2.94 15.67
CA LYS B 1566 90.12 3.54 16.81
C LYS B 1566 90.79 2.46 17.66
N HIS B 1567 90.12 1.33 17.84
CA HIS B 1567 90.72 0.25 18.63
C HIS B 1567 91.82 -0.45 17.87
N LEU B 1568 91.64 -0.66 16.57
CA LEU B 1568 92.67 -1.32 15.76
C LEU B 1568 93.80 -0.37 15.39
N GLY B 1569 93.80 0.86 15.89
CA GLY B 1569 94.97 1.70 15.72
C GLY B 1569 95.10 2.24 14.31
N ARG B 1570 93.98 2.44 13.64
CA ARG B 1570 93.98 3.13 12.36
C ARG B 1570 94.65 4.50 12.56
N SER B 1571 95.61 4.81 11.70
CA SER B 1571 96.37 6.04 11.85
C SER B 1571 95.45 7.24 11.67
N GLU B 1572 95.62 8.24 12.52
CA GLU B 1572 94.77 9.42 12.46
C GLU B 1572 94.95 10.13 11.12
N GLY B 1573 93.84 10.53 10.52
CA GLY B 1573 93.85 11.09 9.19
C GLY B 1573 93.72 10.08 8.08
N ASN B 1574 93.31 8.86 8.39
CA ASN B 1574 93.11 7.80 7.39
C ASN B 1574 91.71 7.21 7.55
N PRO B 1575 90.67 8.00 7.30
CA PRO B 1575 89.31 7.46 7.40
C PRO B 1575 88.99 6.53 6.25
N VAL B 1576 88.06 5.63 6.52
CA VAL B 1576 87.46 4.81 5.46
C VAL B 1576 86.36 5.61 4.80
N PHE B 1577 86.30 5.53 3.48
CA PHE B 1577 85.25 6.17 2.72
C PHE B 1577 84.00 5.31 2.81
N GLY B 1578 82.89 5.90 3.24
CA GLY B 1578 81.68 5.15 3.42
C GLY B 1578 80.83 5.16 2.18
N VAL B 1579 80.36 3.98 1.77
CA VAL B 1579 79.46 3.82 0.63
C VAL B 1579 78.09 3.47 1.19
N PHE B 1580 77.05 4.10 0.63
CA PHE B 1580 75.70 4.05 1.16
C PHE B 1580 74.72 3.71 0.04
N GLN B 1581 75.01 2.62 -0.67
CA GLN B 1581 74.26 2.16 -1.85
C GLN B 1581 72.75 2.24 -1.71
N LYS B 1582 72.24 2.13 -0.49
CA LYS B 1582 70.79 2.13 -0.30
C LYS B 1582 70.16 3.46 -0.70
N TYR B 1583 70.94 4.53 -0.75
CA TYR B 1583 70.42 5.79 -1.30
C TYR B 1583 69.88 5.58 -2.71
N LEU B 1584 70.51 4.71 -3.48
CA LEU B 1584 70.19 4.48 -4.88
C LEU B 1584 69.31 3.25 -5.08
N THR B 1585 69.60 2.17 -4.36
CA THR B 1585 68.92 0.90 -4.58
C THR B 1585 67.84 0.60 -3.54
N GLY B 1586 67.63 1.47 -2.57
CA GLY B 1586 66.72 1.13 -1.49
C GLY B 1586 67.28 0.01 -0.63
N HIS B 1587 66.48 -0.42 0.34
CA HIS B 1587 66.85 -1.46 1.30
C HIS B 1587 66.03 -2.71 1.00
N PRO B 1588 66.59 -3.73 0.28
CA PRO B 1588 65.83 -4.94 -0.01
C PRO B 1588 65.93 -6.01 1.07
N LYS B 1589 65.95 -5.56 2.33
CA LYS B 1589 66.04 -6.48 3.46
C LYS B 1589 67.19 -7.48 3.27
N GLY B 1590 66.90 -8.69 2.79
CA GLY B 1590 67.90 -9.74 2.79
C GLY B 1590 68.88 -9.66 1.63
N ALA B 1591 68.47 -9.04 0.53
CA ALA B 1591 69.40 -8.82 -0.58
C ALA B 1591 70.34 -7.66 -0.34
N ALA B 1592 70.19 -6.97 0.80
CA ALA B 1592 70.98 -5.77 1.05
C ALA B 1592 72.46 -6.08 1.07
N GLY B 1593 72.86 -7.05 1.89
CA GLY B 1593 74.27 -7.39 1.99
C GLY B 1593 74.83 -7.89 0.68
N ALA B 1594 74.00 -8.57 -0.10
CA ALA B 1594 74.46 -9.06 -1.40
C ALA B 1594 74.73 -7.91 -2.36
N TRP B 1595 73.83 -6.93 -2.40
CA TRP B 1595 74.07 -5.77 -3.27
C TRP B 1595 75.29 -4.99 -2.82
N MET B 1596 75.44 -4.79 -1.51
CA MET B 1596 76.62 -4.07 -1.02
C MET B 1596 77.90 -4.87 -1.24
N LEU B 1597 77.82 -6.20 -1.23
CA LEU B 1597 79.02 -6.99 -1.49
C LEU B 1597 79.40 -6.95 -2.97
N ASN B 1598 78.40 -6.98 -3.85
CA ASN B 1598 78.67 -6.79 -5.26
C ASN B 1598 79.29 -5.42 -5.51
N GLY B 1599 78.74 -4.39 -4.88
CA GLY B 1599 79.31 -3.06 -4.99
C GLY B 1599 80.73 -2.98 -4.47
N ALA B 1600 81.01 -3.67 -3.36
CA ALA B 1600 82.35 -3.69 -2.81
C ALA B 1600 83.34 -4.37 -3.76
N ILE B 1601 82.92 -5.47 -4.38
CA ILE B 1601 83.77 -6.15 -5.35
C ILE B 1601 84.04 -5.24 -6.54
N GLN B 1602 83.00 -4.55 -7.02
CA GLN B 1602 83.19 -3.62 -8.12
C GLN B 1602 84.09 -2.44 -7.75
N ILE B 1603 83.97 -1.96 -6.51
CA ILE B 1603 84.85 -0.89 -6.03
C ILE B 1603 86.29 -1.38 -6.00
N LEU B 1604 86.51 -2.62 -5.54
CA LEU B 1604 87.86 -3.17 -5.57
C LEU B 1604 88.39 -3.22 -7.00
N GLU B 1605 87.54 -3.62 -7.94
CA GLU B 1605 88.03 -3.86 -9.28
C GLU B 1605 88.36 -2.54 -9.98
N SER B 1606 87.48 -1.56 -9.84
CA SER B 1606 87.63 -0.29 -10.55
C SER B 1606 88.53 0.71 -9.83
N GLY B 1607 88.68 0.58 -8.51
CA GLY B 1607 89.34 1.60 -7.73
C GLY B 1607 88.48 2.81 -7.45
N LEU B 1608 87.22 2.79 -7.87
CA LEU B 1608 86.32 3.94 -7.76
C LEU B 1608 85.45 3.78 -6.53
N VAL B 1609 85.37 4.84 -5.73
CA VAL B 1609 84.52 4.87 -4.55
C VAL B 1609 83.28 5.69 -4.89
N PRO B 1610 82.10 5.09 -5.02
CA PRO B 1610 80.91 5.90 -5.28
C PRO B 1610 80.58 6.80 -4.10
N GLY B 1611 79.84 7.86 -4.38
CA GLY B 1611 79.41 8.81 -3.38
C GLY B 1611 77.91 8.78 -3.20
N ASN B 1612 77.47 9.04 -1.97
CA ASN B 1612 76.06 9.11 -1.66
C ASN B 1612 75.50 10.37 -2.27
N ARG B 1613 74.96 10.26 -3.49
CA ARG B 1613 74.49 11.45 -4.20
C ARG B 1613 73.31 12.11 -3.53
N ASN B 1614 72.66 11.43 -2.59
CA ASN B 1614 71.58 12.01 -1.80
C ASN B 1614 72.08 12.59 -0.48
N ALA B 1615 73.39 12.63 -0.25
CA ALA B 1615 73.95 13.18 0.97
C ALA B 1615 73.91 14.70 0.89
N ASP B 1616 72.71 15.25 1.13
CA ASP B 1616 72.55 16.69 1.09
C ASP B 1616 73.35 17.36 2.21
N ASN B 1617 73.29 16.81 3.42
CA ASN B 1617 73.98 17.39 4.55
C ASN B 1617 74.25 16.29 5.56
N VAL B 1618 75.50 15.84 5.64
CA VAL B 1618 75.87 14.78 6.58
C VAL B 1618 75.63 15.28 8.00
N ASP B 1619 75.00 14.43 8.81
CA ASP B 1619 74.59 14.84 10.15
C ASP B 1619 75.77 15.33 10.96
N LYS B 1620 75.55 16.44 11.69
CA LYS B 1620 76.61 16.99 12.52
C LYS B 1620 77.07 16.01 13.58
N LEU B 1621 76.19 15.10 14.00
CA LEU B 1621 76.57 14.07 14.95
C LEU B 1621 77.56 13.08 14.37
N LEU B 1622 77.76 13.08 13.05
CA LEU B 1622 78.75 12.22 12.41
C LEU B 1622 80.11 12.89 12.25
N GLU B 1623 80.28 14.12 12.72
CA GLU B 1623 81.60 14.74 12.66
C GLU B 1623 82.55 14.11 13.67
N GLN B 1624 82.04 13.68 14.82
CA GLN B 1624 82.89 13.08 15.84
C GLN B 1624 83.58 11.81 15.35
N TYR B 1625 83.04 11.17 14.32
CA TYR B 1625 83.62 9.94 13.78
C TYR B 1625 84.71 10.33 12.79
N GLU B 1626 85.89 10.59 13.34
CA GLU B 1626 87.06 10.98 12.56
C GLU B 1626 87.51 9.91 11.59
N TYR B 1627 87.20 8.65 11.86
CA TYR B 1627 87.70 7.54 11.05
C TYR B 1627 86.78 7.19 9.89
N VAL B 1628 85.70 7.96 9.69
CA VAL B 1628 84.77 7.74 8.59
C VAL B 1628 84.67 9.02 7.77
N LEU B 1629 84.82 8.89 6.46
CA LEU B 1629 84.52 9.95 5.51
C LEU B 1629 83.25 9.57 4.77
N TYR B 1630 82.47 10.58 4.37
CA TYR B 1630 81.15 10.36 3.77
C TYR B 1630 81.07 11.06 2.42
N PRO B 1631 81.65 10.46 1.37
CA PRO B 1631 81.60 11.10 0.06
C PRO B 1631 80.17 11.20 -0.49
N SER B 1632 79.89 12.33 -1.15
CA SER B 1632 78.67 12.53 -1.90
C SER B 1632 78.88 12.48 -3.41
N ARG B 1633 80.10 12.24 -3.87
CA ARG B 1633 80.41 12.16 -5.28
C ARG B 1633 81.45 11.06 -5.48
N SER B 1634 81.41 10.44 -6.66
CA SER B 1634 82.32 9.35 -6.95
C SER B 1634 83.76 9.86 -7.05
N ILE B 1635 84.67 9.16 -6.39
CA ILE B 1635 86.09 9.50 -6.37
C ILE B 1635 86.86 8.34 -6.97
N GLN B 1636 87.56 8.59 -8.08
CA GLN B 1636 88.39 7.58 -8.71
C GLN B 1636 89.76 7.59 -8.05
N THR B 1637 90.04 6.54 -7.29
CA THR B 1637 91.30 6.41 -6.56
C THR B 1637 92.29 5.59 -7.39
N ASP B 1638 93.52 5.53 -6.88
CA ASP B 1638 94.56 4.74 -7.53
C ASP B 1638 94.50 3.26 -7.16
N GLY B 1639 93.56 2.86 -6.31
CA GLY B 1639 93.35 1.46 -5.98
C GLY B 1639 92.84 1.26 -4.58
N ILE B 1640 91.81 0.41 -4.44
CA ILE B 1640 91.27 0.01 -3.16
C ILE B 1640 91.75 -1.39 -2.86
N LYS B 1641 92.43 -1.56 -1.73
CA LYS B 1641 93.01 -2.84 -1.36
C LYS B 1641 92.02 -3.74 -0.66
N ALA B 1642 91.15 -3.17 0.18
CA ALA B 1642 90.14 -3.94 0.88
C ALA B 1642 88.91 -3.09 1.13
N VAL B 1643 87.78 -3.74 1.31
CA VAL B 1643 86.49 -3.09 1.55
C VAL B 1643 85.80 -3.82 2.71
N SER B 1644 85.15 -3.06 3.57
CA SER B 1644 84.46 -3.60 4.74
C SER B 1644 82.96 -3.40 4.62
N VAL B 1645 82.23 -4.48 4.35
CA VAL B 1645 80.78 -4.45 4.15
C VAL B 1645 80.12 -4.77 5.49
N THR B 1646 79.30 -3.84 5.98
CA THR B 1646 78.66 -3.97 7.28
C THR B 1646 77.14 -3.98 7.12
N SER B 1647 76.50 -5.03 7.61
CA SER B 1647 75.05 -5.16 7.60
C SER B 1647 74.56 -5.27 9.03
N PHE B 1648 73.43 -4.63 9.32
CA PHE B 1648 72.80 -4.66 10.65
C PHE B 1648 71.34 -5.02 10.42
N GLY B 1649 70.94 -6.21 10.88
CA GLY B 1649 69.60 -6.69 10.65
C GLY B 1649 68.79 -6.89 11.91
N PHE B 1650 67.49 -6.99 11.70
CA PHE B 1650 66.55 -7.06 12.81
C PHE B 1650 66.79 -8.34 13.59
N GLY B 1651 66.71 -8.23 14.91
CA GLY B 1651 67.05 -9.33 15.78
C GLY B 1651 68.51 -9.37 16.16
N GLN B 1652 69.17 -8.22 16.18
CA GLN B 1652 70.58 -8.14 16.54
C GLN B 1652 71.44 -8.95 15.58
N LYS B 1653 71.21 -8.80 14.27
CA LYS B 1653 71.96 -9.52 13.26
C LYS B 1653 73.05 -8.60 12.74
N GLY B 1654 74.05 -8.33 13.57
CA GLY B 1654 75.22 -7.62 13.11
C GLY B 1654 76.06 -8.57 12.29
N ALA B 1655 76.59 -8.07 11.18
CA ALA B 1655 77.41 -8.89 10.31
C ALA B 1655 78.41 -8.01 9.58
N GLN B 1656 79.63 -8.53 9.47
CA GLN B 1656 80.70 -7.81 8.80
C GLN B 1656 81.38 -8.77 7.84
N ALA B 1657 81.80 -8.25 6.69
CA ALA B 1657 82.58 -8.98 5.72
C ALA B 1657 83.71 -8.09 5.25
N VAL B 1658 84.83 -8.70 4.89
CA VAL B 1658 85.99 -7.98 4.37
C VAL B 1658 86.34 -8.60 3.04
N VAL B 1659 86.58 -7.75 2.05
CA VAL B 1659 86.77 -8.16 0.67
C VAL B 1659 88.11 -7.59 0.23
N VAL B 1660 89.07 -8.46 -0.03
CA VAL B 1660 90.44 -8.06 -0.36
C VAL B 1660 90.64 -8.21 -1.86
N HIS B 1661 91.49 -7.34 -2.41
CA HIS B 1661 91.71 -7.34 -3.84
C HIS B 1661 92.34 -8.67 -4.28
N PRO B 1662 91.94 -9.23 -5.42
CA PRO B 1662 92.50 -10.53 -5.81
C PRO B 1662 93.99 -10.48 -6.17
N ASP B 1663 94.57 -9.29 -6.29
CA ASP B 1663 96.01 -9.21 -6.53
C ASP B 1663 96.80 -9.84 -5.41
N TYR B 1664 96.32 -9.69 -4.17
CA TYR B 1664 97.03 -10.24 -3.03
C TYR B 1664 96.87 -11.76 -2.94
N LEU B 1665 95.82 -12.30 -3.55
CA LEU B 1665 95.77 -13.74 -3.78
C LEU B 1665 96.79 -14.15 -4.82
N PHE B 1666 96.80 -13.47 -5.97
CA PHE B 1666 97.69 -13.85 -7.04
C PHE B 1666 99.15 -13.70 -6.65
N ALA B 1667 99.44 -12.87 -5.65
CA ALA B 1667 100.80 -12.72 -5.17
C ALA B 1667 101.34 -13.98 -4.49
N VAL B 1668 100.45 -14.85 -3.99
CA VAL B 1668 100.91 -16.06 -3.30
C VAL B 1668 101.27 -17.18 -4.27
N LEU B 1669 100.99 -17.01 -5.56
CA LEU B 1669 101.27 -18.03 -6.56
C LEU B 1669 102.66 -17.84 -7.15
N ASP B 1670 103.21 -18.94 -7.67
CA ASP B 1670 104.43 -18.84 -8.46
C ASP B 1670 104.09 -18.35 -9.86
N ARG B 1671 105.13 -18.06 -10.65
CA ARG B 1671 104.91 -17.49 -11.97
C ARG B 1671 104.10 -18.44 -12.85
N SER B 1672 104.55 -19.70 -12.98
CA SER B 1672 103.94 -20.62 -13.93
C SER B 1672 102.46 -20.84 -13.63
N THR B 1673 102.12 -21.03 -12.35
CA THR B 1673 100.73 -21.20 -11.98
C THR B 1673 99.89 -20.00 -12.42
N TYR B 1674 100.39 -18.79 -12.18
CA TYR B 1674 99.64 -17.60 -12.53
C TYR B 1674 99.46 -17.48 -14.03
N GLU B 1675 100.51 -17.74 -14.81
CA GLU B 1675 100.38 -17.61 -16.26
C GLU B 1675 99.41 -18.65 -16.82
N GLU B 1676 99.48 -19.89 -16.32
CA GLU B 1676 98.54 -20.91 -16.76
C GLU B 1676 97.10 -20.52 -16.41
N TYR B 1677 96.89 -20.01 -15.20
CA TYR B 1677 95.57 -19.56 -14.80
C TYR B 1677 95.09 -18.42 -15.69
N ALA B 1678 95.99 -17.49 -16.02
CA ALA B 1678 95.60 -16.35 -16.86
C ALA B 1678 95.18 -16.81 -18.25
N THR B 1679 95.92 -17.76 -18.83
CA THR B 1679 95.52 -18.31 -20.13
C THR B 1679 94.16 -18.97 -20.05
N LYS B 1680 93.93 -19.77 -18.99
CA LYS B 1680 92.64 -20.42 -18.85
C LYS B 1680 91.51 -19.40 -18.71
N VAL B 1681 91.76 -18.32 -17.96
CA VAL B 1681 90.72 -17.31 -17.78
C VAL B 1681 90.46 -16.57 -19.07
N SER B 1682 91.49 -16.33 -19.88
CA SER B 1682 91.25 -15.70 -21.18
C SER B 1682 90.37 -16.58 -22.06
N ALA B 1683 90.68 -17.87 -22.14
CA ALA B 1683 89.85 -18.77 -22.94
C ALA B 1683 88.41 -18.82 -22.40
N ARG B 1684 88.26 -18.93 -21.09
CA ARG B 1684 86.93 -18.96 -20.49
C ARG B 1684 86.20 -17.64 -20.72
N ASN B 1685 86.93 -16.53 -20.72
CA ASN B 1685 86.31 -15.23 -20.95
C ASN B 1685 85.75 -15.14 -22.36
N LYS B 1686 86.51 -15.61 -23.35
CA LYS B 1686 85.99 -15.63 -24.71
C LYS B 1686 84.76 -16.53 -24.82
N LYS B 1687 84.81 -17.70 -24.19
CA LYS B 1687 83.66 -18.60 -24.22
C LYS B 1687 82.43 -17.97 -23.57
N THR B 1688 82.63 -17.32 -22.42
CA THR B 1688 81.54 -16.67 -21.72
C THR B 1688 81.02 -15.47 -22.51
N TYR B 1689 81.91 -14.75 -23.19
CA TYR B 1689 81.48 -13.63 -24.03
C TYR B 1689 80.56 -14.11 -25.14
N ARG B 1690 80.95 -15.20 -25.81
CA ARG B 1690 80.10 -15.77 -26.85
C ARG B 1690 78.75 -16.19 -26.28
N TYR B 1691 78.78 -16.94 -25.17
CA TYR B 1691 77.53 -17.37 -24.54
C TYR B 1691 76.67 -16.17 -24.16
N MET B 1692 77.31 -15.11 -23.68
CA MET B 1692 76.59 -13.97 -23.14
C MET B 1692 75.86 -13.24 -24.26
N HIS B 1693 76.55 -13.00 -25.38
CA HIS B 1693 75.91 -12.37 -26.52
C HIS B 1693 74.80 -13.25 -27.08
N ASN B 1694 75.04 -14.56 -27.18
CA ASN B 1694 74.00 -15.46 -27.67
C ASN B 1694 72.77 -15.41 -26.76
N ALA B 1695 72.99 -15.41 -25.44
CA ALA B 1695 71.89 -15.40 -24.49
C ALA B 1695 71.09 -14.11 -24.59
N ILE B 1696 71.77 -12.97 -24.70
CA ILE B 1696 71.03 -11.71 -24.79
C ILE B 1696 70.26 -11.64 -26.11
N THR B 1697 70.84 -12.13 -27.20
CA THR B 1697 70.15 -12.04 -28.48
C THR B 1697 68.99 -13.02 -28.59
N ARG B 1698 69.02 -14.14 -27.85
CA ARG B 1698 68.01 -15.19 -28.01
C ARG B 1698 67.14 -15.44 -26.78
N ASN B 1699 67.30 -14.69 -25.70
CA ASN B 1699 66.53 -14.91 -24.47
C ASN B 1699 66.72 -16.33 -23.95
N THR B 1700 67.93 -16.85 -24.09
CA THR B 1700 68.30 -18.18 -23.61
C THR B 1700 69.35 -18.08 -22.51
N MET B 1701 69.25 -17.06 -21.67
CA MET B 1701 70.20 -16.88 -20.58
C MET B 1701 70.11 -18.06 -19.62
N PHE B 1702 68.89 -18.34 -19.16
CA PHE B 1702 68.60 -19.44 -18.24
C PHE B 1702 68.25 -20.67 -19.06
N VAL B 1703 69.05 -21.72 -18.94
CA VAL B 1703 68.77 -23.01 -19.55
C VAL B 1703 68.42 -23.95 -18.40
N ALA B 1704 67.12 -24.18 -18.20
CA ALA B 1704 66.68 -25.14 -17.21
C ALA B 1704 67.24 -26.51 -17.52
N LYS B 1705 67.76 -27.17 -16.50
CA LYS B 1705 68.30 -28.52 -16.64
C LYS B 1705 67.15 -29.51 -16.53
N ASP B 1706 66.90 -30.26 -17.60
CA ASP B 1706 65.83 -31.26 -17.57
C ASP B 1706 66.25 -32.51 -16.82
N LYS B 1707 67.52 -32.93 -16.94
CA LYS B 1707 68.00 -34.17 -16.36
C LYS B 1707 69.30 -33.91 -15.63
N ALA B 1708 69.50 -34.64 -14.54
CA ALA B 1708 70.74 -34.55 -13.77
C ALA B 1708 71.90 -35.09 -14.59
N PRO B 1709 73.15 -34.76 -14.21
CA PRO B 1709 74.29 -35.29 -14.96
C PRO B 1709 74.41 -36.81 -14.88
N TYR B 1710 73.73 -37.46 -13.94
CA TYR B 1710 73.76 -38.90 -13.77
C TYR B 1710 72.37 -39.47 -14.02
N SER B 1711 72.34 -40.68 -14.56
CA SER B 1711 71.09 -41.38 -14.76
C SER B 1711 70.57 -41.91 -13.43
N ASP B 1712 69.35 -42.45 -13.45
CA ASP B 1712 68.79 -43.05 -12.24
C ASP B 1712 69.61 -44.24 -11.78
N GLU B 1713 70.26 -44.94 -12.71
CA GLU B 1713 71.08 -46.08 -12.35
C GLU B 1713 72.41 -45.65 -11.72
N LEU B 1714 72.98 -44.55 -12.19
CA LEU B 1714 74.26 -44.06 -11.71
C LEU B 1714 74.11 -42.96 -10.66
N GLU B 1715 72.89 -42.68 -10.20
CA GLU B 1715 72.69 -41.64 -9.20
C GLU B 1715 73.45 -41.97 -7.91
N GLN B 1716 73.10 -43.09 -7.27
CA GLN B 1716 73.71 -43.44 -6.01
C GLN B 1716 75.17 -43.88 -6.13
N PRO B 1717 75.58 -44.64 -7.16
CA PRO B 1717 77.01 -44.92 -7.30
C PRO B 1717 77.86 -43.66 -7.42
N VAL B 1718 77.35 -42.61 -8.06
CA VAL B 1718 78.06 -41.33 -8.09
C VAL B 1718 78.03 -40.67 -6.73
N TYR B 1719 76.89 -40.74 -6.03
CA TYR B 1719 76.80 -40.19 -4.68
C TYR B 1719 77.86 -40.79 -3.77
N LEU B 1720 78.13 -42.08 -3.93
CA LEU B 1720 78.99 -42.80 -2.99
C LEU B 1720 80.45 -42.84 -3.44
N ASP B 1721 80.81 -42.16 -4.52
CA ASP B 1721 82.19 -42.10 -4.99
C ASP B 1721 82.67 -40.65 -4.96
N PRO B 1722 83.53 -40.24 -4.01
CA PRO B 1722 83.97 -38.84 -4.01
C PRO B 1722 84.81 -38.45 -5.21
N LEU B 1723 85.37 -39.42 -5.94
CA LEU B 1723 86.22 -39.16 -7.09
C LEU B 1723 85.46 -39.23 -8.41
N ALA B 1724 84.14 -39.42 -8.38
CA ALA B 1724 83.38 -39.52 -9.60
C ALA B 1724 83.24 -38.14 -10.24
N ARG B 1725 83.80 -37.99 -11.43
CA ARG B 1725 83.81 -36.71 -12.14
C ARG B 1725 83.03 -36.84 -13.44
N VAL B 1726 82.26 -35.82 -13.75
CA VAL B 1726 81.51 -35.78 -15.01
C VAL B 1726 82.49 -35.74 -16.18
N GLU B 1727 82.07 -36.35 -17.29
CA GLU B 1727 82.82 -36.34 -18.53
C GLU B 1727 81.94 -35.84 -19.66
N GLU B 1728 82.57 -35.34 -20.72
CA GLU B 1728 81.84 -34.82 -21.87
C GLU B 1728 81.41 -35.95 -22.78
N ASN B 1729 80.18 -35.84 -23.30
CA ASN B 1729 79.63 -36.84 -24.19
C ASN B 1729 78.53 -36.17 -25.00
N LYS B 1730 78.70 -36.14 -26.33
CA LYS B 1730 77.76 -35.49 -27.23
C LYS B 1730 77.55 -34.02 -26.84
N LYS B 1731 78.64 -33.37 -26.41
CA LYS B 1731 78.67 -31.98 -25.97
C LYS B 1731 77.95 -31.75 -24.65
N LYS B 1732 77.46 -32.80 -23.99
CA LYS B 1732 76.78 -32.68 -22.70
C LYS B 1732 77.65 -33.28 -21.62
N LEU B 1733 77.76 -32.57 -20.49
CA LEU B 1733 78.54 -33.04 -19.36
C LEU B 1733 77.68 -34.00 -18.53
N VAL B 1734 78.01 -35.29 -18.58
CA VAL B 1734 77.22 -36.34 -17.92
C VAL B 1734 78.14 -37.27 -17.15
N PHE B 1735 77.57 -37.95 -16.15
CA PHE B 1735 78.30 -38.96 -15.41
C PHE B 1735 78.25 -40.29 -16.15
N SER B 1736 79.39 -40.98 -16.19
CA SER B 1736 79.51 -42.26 -16.86
C SER B 1736 80.03 -43.31 -15.89
N ASP B 1737 79.55 -44.54 -16.07
CA ASP B 1737 79.96 -45.63 -15.17
C ASP B 1737 81.45 -45.92 -15.24
N LYS B 1738 82.14 -45.47 -16.29
CA LYS B 1738 83.57 -45.67 -16.38
C LYS B 1738 84.31 -44.95 -15.27
N THR B 1739 83.76 -43.85 -14.77
CA THR B 1739 84.41 -43.03 -13.75
C THR B 1739 83.97 -43.38 -12.33
N ILE B 1740 83.11 -44.38 -12.15
CA ILE B 1740 82.55 -44.70 -10.85
C ILE B 1740 83.32 -45.87 -10.24
N GLN B 1741 83.94 -45.63 -9.09
CA GLN B 1741 84.82 -46.59 -8.46
C GLN B 1741 85.91 -47.05 -9.43
N SER B 1742 86.40 -46.11 -10.23
CA SER B 1742 87.38 -46.42 -11.25
C SER B 1742 88.71 -46.83 -10.62
N ASN B 1743 89.44 -47.70 -11.32
CA ASN B 1743 90.72 -48.19 -10.81
C ASN B 1743 91.84 -47.19 -10.94
N GLN B 1744 91.67 -46.14 -11.76
CA GLN B 1744 92.72 -45.16 -12.04
C GLN B 1744 92.37 -43.77 -11.53
N SER B 1745 91.24 -43.59 -10.86
CA SER B 1745 90.79 -42.27 -10.45
C SER B 1745 91.35 -41.83 -9.10
N TYR B 1746 91.96 -42.74 -8.33
CA TYR B 1746 92.53 -42.41 -7.03
C TYR B 1746 94.04 -42.20 -7.08
N VAL B 1747 94.78 -43.17 -7.62
CA VAL B 1747 96.22 -43.04 -7.76
C VAL B 1747 96.55 -42.47 -9.14
N THR C 3 6.50 -17.08 -118.75
CA THR C 3 7.05 -16.26 -117.69
C THR C 3 6.00 -15.97 -116.62
N HIS C 4 5.52 -17.03 -115.98
CA HIS C 4 4.51 -16.88 -114.93
C HIS C 4 5.16 -16.28 -113.68
N ARG C 5 4.36 -16.10 -112.64
CA ARG C 5 4.82 -15.52 -111.39
C ARG C 5 3.98 -16.03 -110.23
N PRO C 6 4.51 -16.01 -109.01
CA PRO C 6 3.72 -16.48 -107.87
C PRO C 6 2.85 -15.36 -107.32
N PHE C 7 1.56 -15.66 -107.22
CA PHE C 7 0.56 -14.69 -106.76
C PHE C 7 -0.22 -15.33 -105.62
N GLN C 8 -0.21 -14.68 -104.45
CA GLN C 8 -0.69 -15.27 -103.22
C GLN C 8 -1.84 -14.47 -102.65
N LEU C 9 -2.82 -15.19 -102.10
CA LEU C 9 -3.95 -14.61 -101.39
C LEU C 9 -4.02 -15.24 -100.01
N THR C 10 -4.18 -14.40 -98.98
CA THR C 10 -4.16 -14.87 -97.60
C THR C 10 -5.32 -14.25 -96.82
N HIS C 11 -5.82 -15.01 -95.86
CA HIS C 11 -6.81 -14.55 -94.89
C HIS C 11 -6.45 -15.24 -93.57
N GLY C 12 -5.69 -14.54 -92.74
CA GLY C 12 -5.18 -15.17 -91.52
C GLY C 12 -4.27 -16.31 -91.88
N SER C 13 -4.54 -17.48 -91.29
CA SER C 13 -3.75 -18.68 -91.62
C SER C 13 -4.02 -19.15 -93.05
N ILE C 14 -5.11 -18.70 -93.68
CA ILE C 14 -5.39 -19.09 -95.05
C ILE C 14 -4.29 -18.55 -95.95
N GLU C 15 -3.87 -19.36 -96.91
CA GLU C 15 -2.83 -18.95 -97.86
C GLU C 15 -2.91 -19.84 -99.08
N HIS C 16 -3.21 -19.26 -100.24
CA HIS C 16 -3.24 -19.96 -101.50
C HIS C 16 -2.40 -19.18 -102.52
N THR C 17 -1.43 -19.86 -103.12
CA THR C 17 -0.54 -19.26 -104.11
C THR C 17 -0.74 -19.98 -105.44
N LEU C 18 -0.78 -19.19 -106.51
CA LEU C 18 -1.02 -19.70 -107.86
C LEU C 18 -0.06 -19.05 -108.83
N LEU C 19 0.29 -19.79 -109.87
CA LEU C 19 1.09 -19.27 -110.97
C LEU C 19 0.19 -18.47 -111.89
N VAL C 20 0.57 -17.23 -112.17
CA VAL C 20 -0.23 -16.34 -113.02
C VAL C 20 0.68 -15.70 -114.05
N PRO C 21 0.14 -15.29 -115.20
CA PRO C 21 0.98 -14.63 -116.21
C PRO C 21 1.57 -13.33 -115.67
N ASN C 22 2.82 -13.07 -116.08
CA ASN C 22 3.51 -11.86 -115.61
C ASN C 22 2.80 -10.60 -116.08
N ASP C 23 2.33 -10.58 -117.32
CA ASP C 23 1.65 -9.39 -117.84
C ASP C 23 0.38 -9.11 -117.06
N LEU C 24 -0.38 -10.14 -116.73
CA LEU C 24 -1.66 -10.02 -116.04
C LEU C 24 -1.52 -9.98 -114.52
N PHE C 25 -0.29 -10.09 -114.01
CA PHE C 25 -0.05 -10.00 -112.57
C PHE C 25 -0.57 -8.69 -112.00
N PHE C 26 -0.51 -7.59 -112.76
CA PHE C 26 -1.00 -6.32 -112.26
C PHE C 26 -2.51 -6.38 -112.00
N ASN C 27 -3.25 -6.93 -112.96
CA ASN C 27 -4.68 -7.14 -112.76
C ASN C 27 -4.93 -8.02 -111.54
N TYR C 28 -4.15 -9.09 -111.42
CA TYR C 28 -4.33 -9.97 -110.25
C TYR C 28 -4.09 -9.22 -108.95
N SER C 29 -3.06 -8.37 -108.92
CA SER C 29 -2.72 -7.65 -107.69
C SER C 29 -3.83 -6.69 -107.30
N GLN C 30 -4.36 -5.93 -108.27
CA GLN C 30 -5.42 -4.98 -107.93
C GLN C 30 -6.67 -5.73 -107.48
N LEU C 31 -6.99 -6.84 -108.14
CA LEU C 31 -8.17 -7.62 -107.72
C LEU C 31 -7.96 -8.20 -106.33
N LYS C 32 -6.73 -8.59 -106.00
CA LYS C 32 -6.41 -9.06 -104.65
C LYS C 32 -6.63 -7.94 -103.63
N ASP C 33 -6.18 -6.72 -103.96
CA ASP C 33 -6.37 -5.60 -103.04
C ASP C 33 -7.85 -5.36 -102.79
N GLU C 34 -8.66 -5.38 -103.85
CA GLU C 34 -10.10 -5.20 -103.67
C GLU C 34 -10.69 -6.34 -102.85
N PHE C 35 -10.24 -7.58 -103.09
CA PHE C 35 -10.61 -8.71 -102.25
C PHE C 35 -10.39 -8.43 -100.77
N ILE C 36 -9.15 -8.12 -100.40
CA ILE C 36 -8.84 -7.96 -98.98
C ILE C 36 -9.53 -6.74 -98.40
N LYS C 37 -9.91 -5.78 -99.26
CA LYS C 37 -10.77 -4.70 -98.79
C LYS C 37 -12.16 -5.23 -98.43
N THR C 38 -12.75 -6.08 -99.28
CA THR C 38 -14.11 -6.55 -99.00
C THR C 38 -14.16 -7.69 -97.97
N LEU C 39 -13.04 -8.31 -97.65
CA LEU C 39 -13.04 -9.43 -96.71
C LEU C 39 -13.28 -8.92 -95.30
N PRO C 40 -14.06 -9.64 -94.44
CA PRO C 40 -14.10 -9.25 -93.02
C PRO C 40 -12.73 -9.32 -92.37
N GLU C 41 -12.59 -8.72 -91.19
CA GLU C 41 -11.34 -8.80 -90.46
C GLU C 41 -11.10 -10.26 -90.05
N PRO C 42 -9.90 -10.80 -90.26
CA PRO C 42 -9.67 -12.21 -89.88
C PRO C 42 -9.88 -12.42 -88.39
N THR C 43 -10.44 -13.59 -88.05
CA THR C 43 -10.71 -13.97 -86.67
C THR C 43 -10.21 -15.39 -86.45
N GLU C 44 -9.86 -15.68 -85.20
CA GLU C 44 -9.45 -17.03 -84.84
C GLU C 44 -10.59 -18.01 -85.09
N GLY C 45 -10.28 -19.11 -85.75
CA GLY C 45 -11.27 -20.11 -86.11
C GLY C 45 -12.00 -19.84 -87.41
N PHE C 46 -11.88 -18.62 -87.96
CA PHE C 46 -12.52 -18.27 -89.23
C PHE C 46 -14.03 -18.46 -89.14
N ALA C 47 -14.62 -18.08 -88.00
CA ALA C 47 -16.04 -18.27 -87.76
C ALA C 47 -16.91 -17.20 -88.42
N GLY C 48 -16.31 -16.14 -88.98
CA GLY C 48 -17.08 -15.11 -89.64
C GLY C 48 -17.92 -15.63 -90.78
N ASP C 49 -19.10 -15.05 -90.98
CA ASP C 49 -20.04 -15.57 -91.97
C ASP C 49 -19.44 -15.57 -93.37
N ASP C 50 -18.77 -14.48 -93.74
CA ASP C 50 -18.16 -14.34 -95.05
C ASP C 50 -16.68 -14.68 -95.05
N GLU C 51 -16.15 -15.19 -93.94
CA GLU C 51 -14.73 -15.48 -93.84
C GLU C 51 -14.45 -16.89 -94.38
N PRO C 52 -13.57 -17.05 -95.39
CA PRO C 52 -13.20 -18.40 -95.82
C PRO C 52 -12.52 -19.19 -94.71
N SER C 53 -12.71 -20.50 -94.76
CA SER C 53 -12.10 -21.42 -93.81
C SER C 53 -11.12 -22.39 -94.47
N SER C 54 -10.91 -22.28 -95.78
CA SER C 54 -9.97 -23.15 -96.48
C SER C 54 -9.39 -22.38 -97.67
N PRO C 55 -8.22 -22.81 -98.17
CA PRO C 55 -7.71 -22.20 -99.41
C PRO C 55 -8.65 -22.38 -100.57
N ALA C 56 -9.36 -23.51 -100.64
CA ALA C 56 -10.36 -23.70 -101.68
C ALA C 56 -11.47 -22.66 -101.57
N GLU C 57 -11.94 -22.40 -100.35
CA GLU C 57 -12.96 -21.38 -100.16
C GLU C 57 -12.44 -20.01 -100.59
N LEU C 58 -11.19 -19.69 -100.21
CA LEU C 58 -10.62 -18.41 -100.59
C LEU C 58 -10.53 -18.27 -102.11
N TYR C 59 -10.05 -19.31 -102.80
CA TYR C 59 -9.89 -19.21 -104.24
C TYR C 59 -11.24 -19.19 -104.95
N GLY C 60 -12.23 -19.91 -104.43
CA GLY C 60 -13.57 -19.81 -104.96
C GLY C 60 -14.12 -18.41 -104.83
N LYS C 61 -13.91 -17.78 -103.68
CA LYS C 61 -14.31 -16.38 -103.51
C LYS C 61 -13.55 -15.47 -104.47
N PHE C 62 -12.28 -15.80 -104.75
CA PHE C 62 -11.53 -15.01 -105.72
C PHE C 62 -12.19 -15.08 -107.10
N ILE C 63 -12.55 -16.29 -107.50
CA ILE C 63 -13.23 -16.48 -108.78
C ILE C 63 -14.55 -15.70 -108.79
N GLY C 64 -15.31 -15.79 -107.69
CA GLY C 64 -16.59 -15.11 -107.64
C GLY C 64 -16.45 -13.60 -107.72
N PHE C 65 -15.44 -13.05 -107.05
CA PHE C 65 -15.21 -11.62 -107.13
C PHE C 65 -14.84 -11.21 -108.55
N ILE C 66 -13.90 -11.94 -109.17
CA ILE C 66 -13.40 -11.51 -110.47
C ILE C 66 -14.40 -11.78 -111.58
N SER C 67 -15.44 -12.58 -111.32
CA SER C 67 -16.45 -12.85 -112.34
C SER C 67 -17.04 -11.57 -112.92
N ASN C 68 -17.18 -10.54 -112.08
CA ASN C 68 -17.66 -9.23 -112.52
C ASN C 68 -16.46 -8.29 -112.58
N ALA C 69 -15.80 -8.28 -113.74
CA ALA C 69 -14.66 -7.42 -113.96
C ALA C 69 -14.39 -7.34 -115.46
N GLN C 70 -13.41 -6.50 -115.82
CA GLN C 70 -13.00 -6.35 -117.21
C GLN C 70 -11.92 -7.35 -117.62
N PHE C 71 -11.83 -8.48 -116.92
CA PHE C 71 -10.78 -9.48 -117.15
C PHE C 71 -11.40 -10.87 -117.26
N PRO C 72 -12.16 -11.11 -118.34
CA PRO C 72 -12.72 -12.46 -118.54
C PRO C 72 -11.65 -13.53 -118.68
N GLN C 73 -10.47 -13.19 -119.22
CA GLN C 73 -9.40 -14.18 -119.28
C GLN C 73 -8.85 -14.48 -117.88
N ILE C 74 -8.81 -13.48 -117.01
CA ILE C 74 -8.48 -13.75 -115.60
C ILE C 74 -9.49 -14.73 -115.03
N VAL C 75 -10.78 -14.49 -115.30
CA VAL C 75 -11.82 -15.36 -114.76
C VAL C 75 -11.63 -16.79 -115.26
N GLU C 76 -11.40 -16.95 -116.56
CA GLU C 76 -11.33 -18.29 -117.13
C GLU C 76 -10.09 -19.02 -116.63
N LEU C 77 -8.95 -18.34 -116.51
CA LEU C 77 -7.75 -19.04 -116.09
C LEU C 77 -7.80 -19.35 -114.60
N SER C 78 -8.42 -18.46 -113.80
CA SER C 78 -8.62 -18.77 -112.39
C SER C 78 -9.54 -19.97 -112.21
N LEU C 79 -10.62 -20.03 -113.00
CA LEU C 79 -11.51 -21.18 -112.95
C LEU C 79 -10.78 -22.45 -113.36
N LYS C 80 -9.95 -22.38 -114.39
CA LYS C 80 -9.19 -23.55 -114.84
C LYS C 80 -8.24 -24.01 -113.75
N ASP C 81 -7.57 -23.08 -113.07
CA ASP C 81 -6.67 -23.44 -111.99
C ASP C 81 -7.42 -24.08 -110.83
N PHE C 82 -8.59 -23.53 -110.48
CA PHE C 82 -9.39 -24.12 -109.42
C PHE C 82 -9.80 -25.54 -109.78
N GLU C 83 -10.24 -25.76 -111.02
CA GLU C 83 -10.61 -27.11 -111.44
C GLU C 83 -9.41 -28.05 -111.38
N SER C 84 -8.24 -27.59 -111.82
CA SER C 84 -7.06 -28.44 -111.83
C SER C 84 -6.63 -28.81 -110.42
N ARG C 85 -6.62 -27.84 -109.50
CA ARG C 85 -6.13 -28.10 -108.16
C ARG C 85 -7.15 -28.89 -107.34
N PHE C 86 -8.38 -28.41 -107.28
CA PHE C 86 -9.35 -28.83 -106.28
C PHE C 86 -10.35 -29.86 -106.80
N LEU C 87 -10.96 -29.62 -107.96
CA LEU C 87 -11.80 -30.65 -108.56
C LEU C 87 -10.98 -31.76 -109.21
N ASP C 88 -9.65 -31.62 -109.26
CA ASP C 88 -8.75 -32.67 -109.72
C ASP C 88 -9.00 -32.99 -111.19
N ASN C 89 -8.93 -31.95 -112.02
CA ASN C 89 -9.13 -32.08 -113.46
C ASN C 89 -10.53 -32.63 -113.77
N ASN C 90 -11.52 -32.18 -112.99
CA ASN C 90 -12.92 -32.54 -113.20
C ASN C 90 -13.14 -34.05 -113.08
N ASN C 91 -12.76 -34.60 -111.93
CA ASN C 91 -13.16 -35.96 -111.56
C ASN C 91 -14.42 -35.95 -110.71
N ASP C 92 -14.56 -34.97 -109.82
CA ASP C 92 -15.71 -34.82 -108.96
C ASP C 92 -16.38 -33.47 -109.24
N ASN C 93 -17.70 -33.45 -109.14
CA ASN C 93 -18.43 -32.22 -109.36
C ASN C 93 -18.20 -31.24 -108.21
N ILE C 94 -18.61 -29.99 -108.44
CA ILE C 94 -18.40 -28.95 -107.44
C ILE C 94 -19.20 -29.25 -106.18
N HIS C 95 -20.38 -29.85 -106.32
CA HIS C 95 -21.15 -30.24 -105.15
C HIS C 95 -20.44 -31.34 -104.36
N SER C 96 -19.86 -32.31 -105.07
CA SER C 96 -19.08 -33.34 -104.39
C SER C 96 -17.89 -32.74 -103.66
N PHE C 97 -17.20 -31.79 -104.28
CA PHE C 97 -16.11 -31.10 -103.60
C PHE C 97 -16.62 -30.35 -102.38
N ALA C 98 -17.81 -29.74 -102.49
CA ALA C 98 -18.38 -29.00 -101.37
C ALA C 98 -18.63 -29.91 -100.18
N VAL C 99 -19.30 -31.05 -100.40
CA VAL C 99 -19.56 -31.95 -99.29
C VAL C 99 -18.27 -32.56 -98.76
N LYS C 100 -17.29 -32.83 -99.64
CA LYS C 100 -16.01 -33.34 -99.17
C LYS C 100 -15.33 -32.33 -98.25
N LEU C 101 -15.38 -31.05 -98.59
CA LEU C 101 -14.80 -30.02 -97.72
C LEU C 101 -15.58 -29.92 -96.41
N LEU C 102 -16.90 -30.01 -96.48
CA LEU C 102 -17.68 -29.97 -95.25
C LEU C 102 -17.33 -31.12 -94.32
N ASP C 103 -17.01 -32.29 -94.89
CA ASP C 103 -16.56 -33.43 -94.12
C ASP C 103 -15.11 -33.30 -93.65
N ASP C 104 -14.28 -32.58 -94.38
CA ASP C 104 -12.86 -32.44 -94.03
C ASP C 104 -12.73 -31.75 -92.68
N GLU C 105 -11.87 -32.31 -91.81
CA GLU C 105 -11.68 -31.75 -90.48
C GLU C 105 -10.51 -30.77 -90.43
N THR C 106 -9.55 -30.89 -91.36
CA THR C 106 -8.39 -30.01 -91.33
C THR C 106 -8.78 -28.55 -91.50
N TYR C 107 -9.85 -28.30 -92.26
CA TYR C 107 -10.36 -26.95 -92.51
C TYR C 107 -11.84 -26.93 -92.18
N PRO C 108 -12.21 -26.78 -90.90
CA PRO C 108 -13.64 -26.85 -90.54
C PRO C 108 -14.41 -25.66 -91.12
N THR C 109 -15.61 -25.94 -91.61
CA THR C 109 -16.45 -24.93 -92.25
C THR C 109 -17.91 -25.30 -92.03
N THR C 110 -18.79 -24.44 -92.56
CA THR C 110 -20.23 -24.62 -92.45
C THR C 110 -20.80 -24.85 -93.85
N ILE C 111 -22.01 -25.42 -93.90
CA ILE C 111 -22.66 -25.67 -95.19
C ILE C 111 -22.87 -24.36 -95.95
N ALA C 112 -23.32 -23.31 -95.24
CA ALA C 112 -23.52 -22.02 -95.90
C ALA C 112 -22.21 -21.44 -96.39
N LYS C 113 -21.15 -21.56 -95.59
CA LYS C 113 -19.83 -21.10 -96.01
C LYS C 113 -19.40 -21.81 -97.29
N VAL C 114 -19.52 -23.14 -97.31
CA VAL C 114 -19.12 -23.92 -98.47
C VAL C 114 -19.92 -23.49 -99.69
N LYS C 115 -21.24 -23.41 -99.54
CA LYS C 115 -22.10 -23.00 -100.65
C LYS C 115 -21.66 -21.67 -101.21
N GLU C 116 -21.71 -20.62 -100.38
CA GLU C 116 -21.44 -19.27 -100.87
C GLU C 116 -20.04 -19.13 -101.43
N ASN C 117 -19.05 -19.77 -100.79
CA ASN C 117 -17.66 -19.55 -101.16
C ASN C 117 -17.19 -20.43 -102.30
N ILE C 118 -17.95 -21.47 -102.68
CA ILE C 118 -17.52 -22.35 -103.77
C ILE C 118 -18.57 -22.43 -104.87
N VAL C 119 -19.78 -22.89 -104.53
CA VAL C 119 -20.74 -23.25 -105.57
C VAL C 119 -21.21 -22.00 -106.30
N LYS C 120 -21.60 -20.97 -105.55
CA LYS C 120 -22.08 -19.73 -106.14
C LYS C 120 -21.04 -19.13 -107.07
N ASN C 121 -19.80 -19.03 -106.59
CA ASN C 121 -18.73 -18.42 -107.38
C ASN C 121 -18.41 -19.26 -108.60
N TYR C 122 -18.35 -20.59 -108.44
CA TYR C 122 -18.03 -21.46 -109.56
C TYR C 122 -19.07 -21.31 -110.66
N TYR C 123 -20.35 -21.28 -110.31
CA TYR C 123 -21.38 -21.17 -111.33
C TYR C 123 -21.57 -19.74 -111.84
N LYS C 124 -21.08 -18.74 -111.09
CA LYS C 124 -21.03 -17.39 -111.64
C LYS C 124 -19.96 -17.27 -112.70
N ALA C 125 -18.79 -17.88 -112.47
CA ALA C 125 -17.68 -17.73 -113.40
C ALA C 125 -17.78 -18.68 -114.59
N VAL C 126 -18.30 -19.88 -114.40
CA VAL C 126 -18.40 -20.83 -115.49
C VAL C 126 -19.39 -20.31 -116.53
N LYS C 127 -18.96 -20.27 -117.79
CA LYS C 127 -19.79 -19.80 -118.88
C LYS C 127 -20.36 -20.93 -119.72
N SER C 128 -19.68 -22.07 -119.79
CA SER C 128 -20.14 -23.24 -120.52
C SER C 128 -19.89 -24.49 -119.69
N ILE C 129 -20.90 -25.35 -119.61
CA ILE C 129 -20.83 -26.59 -118.86
C ILE C 129 -20.84 -27.74 -119.86
N ASN C 130 -19.79 -28.56 -119.82
CA ASN C 130 -19.68 -29.69 -120.72
C ASN C 130 -20.51 -30.86 -120.22
N LYS C 131 -21.01 -31.65 -121.16
CA LYS C 131 -21.78 -32.84 -120.81
C LYS C 131 -20.93 -33.79 -119.98
N VAL C 132 -21.46 -34.20 -118.83
CA VAL C 132 -20.80 -35.13 -117.92
C VAL C 132 -21.79 -36.22 -117.52
N GLU C 133 -21.31 -37.46 -117.50
CA GLU C 133 -22.13 -38.61 -117.11
C GLU C 133 -21.81 -38.94 -115.65
N SER C 134 -22.74 -38.64 -114.77
CA SER C 134 -22.54 -38.90 -113.35
C SER C 134 -22.53 -40.40 -113.07
N ASN C 135 -22.12 -40.76 -111.85
CA ASN C 135 -22.18 -42.16 -111.44
C ASN C 135 -23.61 -42.66 -111.42
N LEU C 136 -24.54 -41.83 -110.94
CA LEU C 136 -25.94 -42.22 -110.90
C LEU C 136 -26.48 -42.46 -112.31
N LEU C 137 -26.16 -41.56 -113.24
CA LEU C 137 -26.64 -41.72 -114.62
C LEU C 137 -25.95 -42.91 -115.29
N TYR C 138 -24.70 -43.18 -114.92
CA TYR C 138 -24.02 -44.36 -115.44
C TYR C 138 -24.72 -45.63 -115.00
N HIS C 139 -25.10 -45.70 -113.71
CA HIS C 139 -25.80 -46.87 -113.22
C HIS C 139 -27.23 -46.94 -113.72
N CYS C 140 -27.80 -45.80 -114.11
CA CYS C 140 -29.15 -45.79 -114.68
C CYS C 140 -29.25 -46.68 -115.91
N LYS C 141 -28.20 -46.71 -116.72
CA LYS C 141 -28.21 -47.46 -117.98
C LYS C 141 -28.16 -48.95 -117.77
N HIS C 142 -27.68 -49.43 -116.62
CA HIS C 142 -27.46 -50.85 -116.39
C HIS C 142 -28.38 -51.43 -115.32
N ASP C 143 -28.40 -50.85 -114.12
CA ASP C 143 -29.11 -51.42 -112.98
C ASP C 143 -29.99 -50.45 -112.22
N ALA C 144 -29.62 -49.18 -112.12
CA ALA C 144 -30.37 -48.23 -111.33
C ALA C 144 -31.65 -47.82 -112.06
N LYS C 145 -32.75 -47.70 -111.31
CA LYS C 145 -34.04 -47.26 -111.84
C LYS C 145 -34.35 -45.91 -111.19
N LEU C 146 -34.12 -44.84 -111.93
CA LEU C 146 -34.29 -43.49 -111.42
C LEU C 146 -35.70 -42.99 -111.69
N VAL C 147 -36.33 -42.43 -110.66
CA VAL C 147 -37.67 -41.86 -110.77
C VAL C 147 -37.68 -40.52 -110.06
N ALA C 148 -38.68 -39.71 -110.37
CA ALA C 148 -38.78 -38.34 -109.87
C ALA C 148 -40.07 -38.12 -109.10
N ILE C 149 -39.98 -37.40 -107.99
CA ILE C 149 -41.16 -37.00 -107.22
C ILE C 149 -41.08 -35.50 -106.97
N PHE C 150 -42.18 -34.80 -107.27
CA PHE C 150 -42.30 -33.38 -107.05
C PHE C 150 -43.27 -33.10 -105.91
N GLY C 151 -42.82 -32.36 -104.91
CA GLY C 151 -43.62 -32.08 -103.75
C GLY C 151 -44.71 -31.06 -104.02
N GLY C 152 -45.47 -30.77 -102.97
CA GLY C 152 -46.56 -29.81 -103.04
C GLY C 152 -46.45 -28.72 -101.99
N GLN C 153 -47.58 -28.37 -101.39
CA GLN C 153 -47.62 -27.34 -100.35
C GLN C 153 -47.54 -27.97 -98.97
N GLY C 154 -47.25 -27.12 -97.97
CA GLY C 154 -47.22 -27.54 -96.59
C GLY C 154 -45.88 -28.08 -96.12
N ASN C 155 -44.92 -28.27 -97.01
CA ASN C 155 -43.62 -28.79 -96.59
C ASN C 155 -42.90 -27.81 -95.67
N THR C 156 -42.99 -26.52 -95.95
CA THR C 156 -42.32 -25.50 -95.16
C THR C 156 -43.16 -24.23 -95.15
N ASP C 157 -43.02 -23.46 -94.08
CA ASP C 157 -43.74 -22.20 -93.92
C ASP C 157 -42.97 -20.99 -94.41
N ASP C 158 -41.78 -21.19 -94.98
CA ASP C 158 -40.99 -20.12 -95.58
C ASP C 158 -40.40 -20.61 -96.90
N TYR C 159 -41.27 -21.20 -97.72
CA TYR C 159 -40.81 -21.87 -98.95
C TYR C 159 -40.05 -20.93 -99.87
N PHE C 160 -40.35 -19.62 -99.82
CA PHE C 160 -39.69 -18.70 -100.73
C PHE C 160 -38.19 -18.62 -100.48
N GLU C 161 -37.75 -18.94 -99.25
CA GLU C 161 -36.32 -18.91 -98.95
C GLU C 161 -35.54 -19.85 -99.84
N GLU C 162 -36.14 -20.99 -100.21
CA GLU C 162 -35.48 -21.89 -101.14
C GLU C 162 -35.30 -21.25 -102.50
N LEU C 163 -36.31 -20.51 -102.98
CA LEU C 163 -36.17 -19.81 -104.24
C LEU C 163 -35.09 -18.74 -104.17
N ARG C 164 -35.00 -18.03 -103.04
CA ARG C 164 -33.93 -17.04 -102.90
C ARG C 164 -32.57 -17.72 -102.92
N GLU C 165 -32.45 -18.87 -102.26
CA GLU C 165 -31.19 -19.59 -102.26
C GLU C 165 -30.81 -20.04 -103.67
N LEU C 166 -31.77 -20.57 -104.41
CA LEU C 166 -31.50 -20.98 -105.79
C LEU C 166 -31.09 -19.79 -106.64
N TYR C 167 -31.78 -18.65 -106.50
CA TYR C 167 -31.39 -17.47 -107.25
C TYR C 167 -29.99 -17.04 -106.89
N THR C 168 -29.67 -16.99 -105.59
CA THR C 168 -28.37 -16.51 -105.16
C THR C 168 -27.25 -17.42 -105.67
N LEU C 169 -27.47 -18.74 -105.65
CA LEU C 169 -26.43 -19.68 -106.05
C LEU C 169 -26.31 -19.83 -107.55
N TYR C 170 -27.41 -19.73 -108.30
CA TYR C 170 -27.45 -20.10 -109.71
C TYR C 170 -28.15 -19.04 -110.54
N GLN C 171 -27.74 -17.77 -110.40
CA GLN C 171 -28.22 -16.72 -111.30
C GLN C 171 -28.05 -17.11 -112.76
N GLY C 172 -26.82 -17.35 -113.18
CA GLY C 172 -26.53 -17.58 -114.59
C GLY C 172 -27.16 -18.83 -115.17
N LEU C 173 -27.71 -19.70 -114.33
CA LEU C 173 -28.26 -20.98 -114.77
C LEU C 173 -29.77 -20.98 -114.91
N ILE C 174 -30.47 -20.11 -114.17
CA ILE C 174 -31.93 -20.05 -114.19
C ILE C 174 -32.45 -18.65 -114.46
N GLU C 175 -31.58 -17.72 -114.86
CA GLU C 175 -32.04 -16.35 -115.13
C GLU C 175 -33.06 -16.33 -116.26
N ASP C 176 -32.79 -17.04 -117.35
CA ASP C 176 -33.70 -17.02 -118.49
C ASP C 176 -35.05 -17.62 -118.11
N LEU C 177 -35.04 -18.75 -117.39
CA LEU C 177 -36.29 -19.38 -116.98
C LEU C 177 -37.08 -18.46 -116.06
N LEU C 178 -36.40 -17.84 -115.09
CA LEU C 178 -37.09 -16.95 -114.17
C LEU C 178 -37.66 -15.74 -114.91
N VAL C 179 -36.91 -15.19 -115.86
CA VAL C 179 -37.38 -14.03 -116.60
C VAL C 179 -38.61 -14.38 -117.42
N SER C 180 -38.57 -15.52 -118.12
CA SER C 180 -39.72 -15.92 -118.93
C SER C 180 -40.94 -16.15 -118.07
N ILE C 181 -40.76 -16.85 -116.94
CA ILE C 181 -41.90 -17.12 -116.07
C ILE C 181 -42.43 -15.83 -115.46
N ALA C 182 -41.55 -14.93 -115.05
CA ALA C 182 -41.99 -13.66 -114.49
C ALA C 182 -42.76 -12.84 -115.52
N GLU C 183 -42.32 -12.85 -116.78
CA GLU C 183 -43.05 -12.14 -117.82
C GLU C 183 -44.43 -12.76 -118.02
N LYS C 184 -44.52 -14.09 -118.02
CA LYS C 184 -45.84 -14.71 -118.17
C LYS C 184 -46.74 -14.37 -116.99
N LEU C 185 -46.20 -14.40 -115.77
CA LEU C 185 -46.98 -14.04 -114.59
C LEU C 185 -47.43 -12.59 -114.65
N ASN C 186 -46.57 -11.69 -115.12
CA ASN C 186 -46.97 -10.30 -115.28
C ASN C 186 -48.07 -10.15 -116.31
N GLN C 187 -48.00 -10.91 -117.40
CA GLN C 187 -49.05 -10.89 -118.40
C GLN C 187 -50.38 -11.37 -117.81
N LEU C 188 -50.33 -12.37 -116.93
CA LEU C 188 -51.55 -13.05 -116.49
C LEU C 188 -52.19 -12.39 -115.26
N HIS C 189 -51.42 -12.02 -114.26
CA HIS C 189 -52.00 -11.64 -112.98
C HIS C 189 -52.90 -10.41 -113.04
N PRO C 190 -52.83 -9.48 -114.04
CA PRO C 190 -53.90 -8.39 -114.05
C PRO C 190 -55.32 -8.90 -114.29
N SER C 191 -55.47 -10.15 -114.71
CA SER C 191 -56.80 -10.77 -114.76
C SER C 191 -57.35 -11.01 -113.36
N PHE C 192 -56.48 -11.22 -112.37
CA PHE C 192 -56.85 -11.39 -110.97
C PHE C 192 -56.21 -10.30 -110.13
N ASP C 193 -56.31 -9.05 -110.60
CA ASP C 193 -55.75 -7.94 -109.84
C ASP C 193 -56.45 -7.77 -108.50
N LYS C 194 -57.69 -8.24 -108.38
CA LYS C 194 -58.38 -8.17 -107.09
C LYS C 194 -57.71 -9.09 -106.08
N ILE C 195 -57.09 -10.17 -106.55
CA ILE C 195 -56.50 -11.15 -105.65
C ILE C 195 -55.04 -10.80 -105.36
N TYR C 196 -54.33 -10.28 -106.36
CA TYR C 196 -52.90 -9.96 -106.22
C TYR C 196 -52.75 -8.50 -105.86
N THR C 197 -52.90 -8.22 -104.56
CA THR C 197 -52.72 -6.86 -104.07
C THR C 197 -51.27 -6.43 -104.17
N GLN C 198 -50.38 -7.18 -103.52
CA GLN C 198 -48.96 -6.86 -103.49
C GLN C 198 -48.23 -7.24 -104.77
N GLY C 199 -48.94 -7.74 -105.78
CA GLY C 199 -48.33 -8.11 -107.04
C GLY C 199 -47.78 -9.52 -107.02
N LEU C 200 -47.27 -9.93 -108.19
CA LEU C 200 -46.66 -11.24 -108.36
C LEU C 200 -45.39 -11.09 -109.20
N ASN C 201 -44.58 -10.08 -108.88
CA ASN C 201 -43.31 -9.83 -109.57
C ASN C 201 -42.22 -10.49 -108.73
N ILE C 202 -42.02 -11.79 -108.94
CA ILE C 202 -41.07 -12.54 -108.13
C ILE C 202 -39.65 -12.07 -108.38
N LEU C 203 -39.36 -11.57 -109.59
CA LEU C 203 -38.00 -11.12 -109.90
C LEU C 203 -37.61 -9.94 -109.01
N SER C 204 -38.53 -8.99 -108.81
CA SER C 204 -38.24 -7.87 -107.93
C SER C 204 -38.04 -8.33 -106.50
N TRP C 205 -38.82 -9.34 -106.07
CA TRP C 205 -38.66 -9.84 -104.71
C TRP C 205 -37.31 -10.51 -104.54
N LEU C 206 -36.83 -11.20 -105.57
CA LEU C 206 -35.54 -11.87 -105.48
C LEU C 206 -34.39 -10.87 -105.50
N LYS C 207 -34.45 -9.91 -106.42
CA LYS C 207 -33.36 -8.94 -106.57
C LYS C 207 -33.33 -7.91 -105.44
N HIS C 208 -34.49 -7.56 -104.89
CA HIS C 208 -34.63 -6.53 -103.87
C HIS C 208 -35.44 -7.13 -102.71
N PRO C 209 -34.79 -7.81 -101.77
CA PRO C 209 -35.56 -8.46 -100.70
C PRO C 209 -36.41 -7.52 -99.87
N GLU C 210 -36.05 -6.23 -99.80
CA GLU C 210 -36.88 -5.29 -99.05
C GLU C 210 -38.28 -5.16 -99.63
N THR C 211 -38.47 -5.49 -100.90
CA THR C 211 -39.76 -5.37 -101.56
C THR C 211 -40.60 -6.64 -101.47
N THR C 212 -40.12 -7.68 -100.79
CA THR C 212 -40.88 -8.91 -100.70
C THR C 212 -42.16 -8.69 -99.89
N PRO C 213 -43.30 -9.25 -100.33
CA PRO C 213 -44.49 -9.21 -99.48
C PRO C 213 -44.28 -10.01 -98.20
N ASP C 214 -45.29 -9.96 -97.34
CA ASP C 214 -45.18 -10.63 -96.05
C ASP C 214 -45.36 -12.15 -96.23
N GLN C 215 -45.04 -12.87 -95.14
CA GLN C 215 -45.14 -14.32 -95.16
C GLN C 215 -46.58 -14.76 -95.45
N ASP C 216 -47.56 -14.02 -94.96
CA ASP C 216 -48.96 -14.38 -95.20
C ASP C 216 -49.25 -14.33 -96.69
N TYR C 217 -48.89 -13.23 -97.35
CA TYR C 217 -49.16 -13.10 -98.78
C TYR C 217 -48.39 -14.14 -99.57
N LEU C 218 -47.15 -14.42 -99.19
CA LEU C 218 -46.38 -15.44 -99.89
C LEU C 218 -47.03 -16.82 -99.75
N LEU C 219 -47.48 -17.16 -98.54
CA LEU C 219 -48.14 -18.44 -98.33
C LEU C 219 -49.54 -18.49 -98.91
N SER C 220 -50.09 -17.35 -99.33
CA SER C 220 -51.38 -17.35 -100.00
C SER C 220 -51.34 -18.26 -101.22
N VAL C 221 -52.43 -19.02 -101.41
CA VAL C 221 -52.43 -20.06 -102.42
C VAL C 221 -52.20 -19.53 -103.82
N PRO C 222 -52.82 -18.43 -104.26
CA PRO C 222 -52.54 -17.93 -105.63
C PRO C 222 -51.08 -17.58 -105.85
N VAL C 223 -50.35 -17.24 -104.78
CA VAL C 223 -48.92 -17.01 -104.86
C VAL C 223 -48.13 -18.27 -104.56
N SER C 224 -48.60 -19.06 -103.59
CA SER C 224 -47.84 -20.25 -103.18
C SER C 224 -47.75 -21.27 -104.30
N CYS C 225 -48.85 -21.49 -105.03
CA CYS C 225 -48.85 -22.51 -106.07
C CYS C 225 -47.86 -22.19 -107.19
N PRO C 226 -47.99 -21.08 -107.91
CA PRO C 226 -47.03 -20.83 -109.00
C PRO C 226 -45.59 -20.71 -108.53
N VAL C 227 -45.35 -20.14 -107.35
CA VAL C 227 -43.98 -19.97 -106.90
C VAL C 227 -43.36 -21.32 -106.53
N ILE C 228 -44.14 -22.21 -105.93
CA ILE C 228 -43.64 -23.55 -105.65
C ILE C 228 -43.36 -24.28 -106.97
N CYS C 229 -44.21 -24.08 -107.97
CA CYS C 229 -43.94 -24.64 -109.29
C CYS C 229 -42.64 -24.10 -109.85
N VAL C 230 -42.39 -22.80 -109.66
CA VAL C 230 -41.15 -22.20 -110.13
C VAL C 230 -39.96 -22.80 -109.41
N ILE C 231 -40.09 -23.06 -108.11
CA ILE C 231 -39.00 -23.66 -107.36
C ILE C 231 -38.69 -25.05 -107.89
N GLN C 232 -39.73 -25.85 -108.13
CA GLN C 232 -39.52 -27.20 -108.65
C GLN C 232 -38.89 -27.17 -110.03
N LEU C 233 -39.39 -26.30 -110.91
CA LEU C 233 -38.85 -26.21 -112.26
C LEU C 233 -37.42 -25.69 -112.24
N CYS C 234 -37.10 -24.76 -111.33
CA CYS C 234 -35.73 -24.29 -111.20
C CYS C 234 -34.81 -25.41 -110.73
N HIS C 235 -35.29 -26.24 -109.81
CA HIS C 235 -34.47 -27.39 -109.38
C HIS C 235 -34.22 -28.34 -110.54
N TYR C 236 -35.26 -28.64 -111.32
CA TYR C 236 -35.09 -29.51 -112.47
C TYR C 236 -34.11 -28.91 -113.48
N THR C 237 -34.24 -27.61 -113.74
CA THR C 237 -33.34 -26.95 -114.67
C THR C 237 -31.91 -26.96 -114.15
N ILE C 238 -31.72 -26.74 -112.85
CA ILE C 238 -30.38 -26.74 -112.29
C ILE C 238 -29.75 -28.11 -112.43
N THR C 239 -30.51 -29.17 -112.11
CA THR C 239 -29.98 -30.52 -112.28
C THR C 239 -29.61 -30.78 -113.73
N CYS C 240 -30.53 -30.49 -114.66
CA CYS C 240 -30.27 -30.79 -116.06
C CYS C 240 -29.09 -30.02 -116.61
N LYS C 241 -28.98 -28.74 -116.27
CA LYS C 241 -27.89 -27.93 -116.84
C LYS C 241 -26.56 -28.23 -116.15
N VAL C 242 -26.58 -28.55 -114.86
CA VAL C 242 -25.35 -28.91 -114.16
C VAL C 242 -24.79 -30.19 -114.73
N LEU C 243 -25.65 -31.18 -115.00
CA LEU C 243 -25.18 -32.40 -115.63
C LEU C 243 -24.99 -32.24 -117.14
N GLY C 244 -25.45 -31.13 -117.72
CA GLY C 244 -25.14 -30.83 -119.11
C GLY C 244 -26.03 -31.49 -120.15
N LEU C 245 -27.21 -31.95 -119.76
CA LEU C 245 -28.15 -32.59 -120.67
C LEU C 245 -29.34 -31.68 -120.92
N THR C 246 -30.02 -31.94 -122.04
CA THR C 246 -31.28 -31.28 -122.32
C THR C 246 -32.37 -31.86 -121.43
N PRO C 247 -33.51 -31.16 -121.31
CA PRO C 247 -34.61 -31.72 -120.50
C PRO C 247 -35.07 -33.09 -120.96
N GLY C 248 -35.17 -33.31 -122.27
CA GLY C 248 -35.55 -34.64 -122.76
C GLY C 248 -34.49 -35.68 -122.48
N GLU C 249 -33.22 -35.29 -122.61
CA GLU C 249 -32.13 -36.22 -122.32
C GLU C 249 -32.16 -36.66 -120.86
N PHE C 250 -32.40 -35.72 -119.95
CA PHE C 250 -32.52 -36.07 -118.54
C PHE C 250 -33.78 -36.91 -118.30
N ARG C 251 -34.88 -36.58 -118.99
CA ARG C 251 -36.12 -37.32 -118.81
C ARG C 251 -35.95 -38.78 -119.22
N ASN C 252 -35.17 -39.02 -120.28
CA ASN C 252 -34.97 -40.39 -120.74
C ASN C 252 -34.31 -41.26 -119.68
N SER C 253 -33.57 -40.64 -118.76
CA SER C 253 -32.95 -41.39 -117.66
C SER C 253 -33.94 -41.75 -116.57
N LEU C 254 -35.15 -41.19 -116.58
CA LEU C 254 -36.13 -41.39 -115.52
C LEU C 254 -37.10 -42.49 -115.94
N LYS C 255 -37.26 -43.50 -115.07
CA LYS C 255 -38.22 -44.56 -115.35
C LYS C 255 -39.65 -44.03 -115.26
N TRP C 256 -39.95 -43.20 -114.25
CA TRP C 256 -41.24 -42.54 -114.17
C TRP C 256 -41.16 -41.38 -113.19
N SER C 257 -42.21 -40.57 -113.19
CA SER C 257 -42.29 -39.41 -112.32
C SER C 257 -43.71 -39.28 -111.78
N THR C 258 -43.82 -38.57 -110.65
CA THR C 258 -45.12 -38.32 -110.04
C THR C 258 -45.00 -37.11 -109.12
N GLY C 259 -46.13 -36.75 -108.51
CA GLY C 259 -46.18 -35.54 -107.71
C GLY C 259 -47.19 -35.63 -106.60
N HIS C 260 -46.88 -34.90 -105.53
CA HIS C 260 -47.72 -34.78 -104.35
C HIS C 260 -48.42 -33.43 -104.39
N SER C 261 -49.74 -33.45 -104.54
CA SER C 261 -50.54 -32.23 -104.65
C SER C 261 -50.09 -31.50 -105.92
N GLN C 262 -49.67 -30.23 -105.84
CA GLN C 262 -49.37 -29.46 -107.05
C GLN C 262 -48.16 -29.99 -107.81
N GLY C 263 -47.34 -30.85 -107.20
CA GLY C 263 -46.17 -31.37 -107.89
C GLY C 263 -46.50 -32.23 -109.09
N LEU C 264 -47.75 -32.72 -109.17
CA LEU C 264 -48.14 -33.51 -110.34
C LEU C 264 -48.05 -32.67 -111.60
N VAL C 265 -48.30 -31.36 -111.50
CA VAL C 265 -48.18 -30.48 -112.66
C VAL C 265 -46.74 -30.44 -113.16
N THR C 266 -45.79 -30.29 -112.23
CA THR C 266 -44.39 -30.26 -112.62
C THR C 266 -43.94 -31.62 -113.16
N ALA C 267 -44.45 -32.71 -112.58
CA ALA C 267 -44.15 -34.03 -113.13
C ALA C 267 -44.62 -34.13 -114.57
N VAL C 268 -45.83 -33.65 -114.85
CA VAL C 268 -46.35 -33.68 -116.21
C VAL C 268 -45.47 -32.82 -117.13
N THR C 269 -45.02 -31.67 -116.63
CA THR C 269 -44.19 -30.80 -117.47
C THR C 269 -42.89 -31.49 -117.85
N ILE C 270 -42.21 -32.11 -116.88
CA ILE C 270 -40.95 -32.77 -117.21
C ILE C 270 -41.20 -33.97 -118.10
N ALA C 271 -42.33 -34.64 -117.94
CA ALA C 271 -42.66 -35.76 -118.82
C ALA C 271 -42.87 -35.28 -120.26
N ALA C 272 -43.52 -34.13 -120.43
CA ALA C 272 -43.83 -33.61 -121.76
C ALA C 272 -42.67 -32.84 -122.39
N SER C 273 -41.65 -32.47 -121.62
CA SER C 273 -40.56 -31.64 -122.12
C SER C 273 -39.51 -32.50 -122.81
N ASP C 274 -39.13 -32.10 -124.02
CA ASP C 274 -38.09 -32.77 -124.79
C ASP C 274 -36.86 -31.90 -124.99
N SER C 275 -37.03 -30.72 -125.59
CA SER C 275 -35.95 -29.75 -125.78
C SER C 275 -36.12 -28.60 -124.79
N TRP C 276 -35.21 -27.63 -124.88
CA TRP C 276 -35.29 -26.49 -123.97
C TRP C 276 -36.50 -25.61 -124.29
N ASP C 277 -36.80 -25.42 -125.58
CA ASP C 277 -37.96 -24.64 -125.95
C ASP C 277 -39.25 -25.32 -125.50
N SER C 278 -39.35 -26.63 -125.69
CA SER C 278 -40.52 -27.36 -125.23
C SER C 278 -40.62 -27.32 -123.71
N PHE C 279 -39.49 -27.41 -123.02
CA PHE C 279 -39.50 -27.32 -121.56
C PHE C 279 -39.97 -25.96 -121.10
N LEU C 280 -39.53 -24.89 -121.78
CA LEU C 280 -40.01 -23.55 -121.42
C LEU C 280 -41.50 -23.42 -121.66
N LYS C 281 -41.98 -23.95 -122.80
CA LYS C 281 -43.41 -23.90 -123.09
C LYS C 281 -44.21 -24.63 -122.01
N ASN C 282 -43.75 -25.81 -121.62
CA ASN C 282 -44.45 -26.59 -120.59
C ASN C 282 -44.38 -25.89 -119.23
N SER C 283 -43.24 -25.27 -118.92
CA SER C 283 -43.11 -24.54 -117.67
C SER C 283 -44.09 -23.38 -117.61
N LEU C 284 -44.20 -22.61 -118.70
CA LEU C 284 -45.15 -21.52 -118.73
C LEU C 284 -46.58 -22.03 -118.64
N THR C 285 -46.88 -23.13 -119.33
CA THR C 285 -48.23 -23.70 -119.26
C THR C 285 -48.57 -24.10 -117.83
N ALA C 286 -47.63 -24.76 -117.14
CA ALA C 286 -47.86 -25.18 -115.77
C ALA C 286 -47.99 -23.99 -114.83
N VAL C 287 -47.18 -22.96 -115.03
CA VAL C 287 -47.26 -21.77 -114.19
C VAL C 287 -48.63 -21.13 -114.34
N SER C 288 -49.10 -20.99 -115.58
CA SER C 288 -50.44 -20.45 -115.81
C SER C 288 -51.50 -21.34 -115.15
N LEU C 289 -51.38 -22.65 -115.32
CA LEU C 289 -52.37 -23.57 -114.77
C LEU C 289 -52.46 -23.44 -113.26
N LEU C 290 -51.30 -23.42 -112.59
CA LEU C 290 -51.31 -23.37 -111.13
C LEU C 290 -51.71 -21.98 -110.63
N LEU C 291 -51.39 -20.92 -111.39
CA LEU C 291 -51.91 -19.60 -111.05
C LEU C 291 -53.43 -19.59 -111.06
N PHE C 292 -54.03 -20.15 -112.12
CA PHE C 292 -55.48 -20.21 -112.18
C PHE C 292 -56.04 -21.09 -111.07
N ILE C 293 -55.38 -22.20 -110.78
CA ILE C 293 -55.83 -23.10 -109.72
C ILE C 293 -55.88 -22.35 -108.40
N GLY C 294 -54.78 -21.67 -108.06
CA GLY C 294 -54.75 -20.94 -106.80
C GLY C 294 -55.75 -19.81 -106.74
N SER C 295 -55.88 -19.05 -107.84
CA SER C 295 -56.82 -17.93 -107.85
C SER C 295 -58.25 -18.41 -107.65
N ARG C 296 -58.67 -19.43 -108.41
CA ARG C 296 -60.04 -19.90 -108.29
C ARG C 296 -60.28 -20.62 -106.98
N CYS C 297 -59.27 -21.32 -106.44
CA CYS C 297 -59.44 -21.95 -105.14
C CYS C 297 -59.63 -20.90 -104.04
N LEU C 298 -58.82 -19.84 -104.07
CA LEU C 298 -58.99 -18.77 -103.09
C LEU C 298 -60.35 -18.10 -103.25
N SER C 299 -60.80 -17.88 -104.49
CA SER C 299 -62.10 -17.28 -104.70
C SER C 299 -63.21 -18.17 -104.15
N THR C 300 -63.11 -19.48 -104.39
CA THR C 300 -64.15 -20.40 -103.94
C THR C 300 -64.18 -20.50 -102.42
N TYR C 301 -63.01 -20.57 -101.78
CA TYR C 301 -62.91 -20.72 -100.33
C TYR C 301 -62.00 -19.62 -99.81
N PRO C 302 -62.53 -18.42 -99.56
CA PRO C 302 -61.68 -17.34 -99.05
C PRO C 302 -61.05 -17.70 -97.71
N ARG C 303 -59.85 -17.20 -97.49
CA ARG C 303 -59.10 -17.49 -96.27
C ARG C 303 -59.70 -16.72 -95.11
N THR C 304 -60.36 -17.43 -94.21
CA THR C 304 -60.93 -16.85 -92.99
C THR C 304 -59.93 -16.95 -91.85
N SER C 305 -60.16 -16.13 -90.83
CA SER C 305 -59.34 -16.12 -89.62
C SER C 305 -60.13 -16.79 -88.49
N LEU C 306 -59.51 -17.76 -87.84
CA LEU C 306 -60.15 -18.41 -86.71
C LEU C 306 -60.14 -17.47 -85.51
N PRO C 307 -61.05 -17.66 -84.55
CA PRO C 307 -61.00 -16.86 -83.35
C PRO C 307 -59.68 -17.01 -82.62
N PRO C 308 -59.19 -15.95 -81.98
CA PRO C 308 -57.82 -15.99 -81.48
C PRO C 308 -57.65 -16.79 -80.21
N THR C 309 -58.71 -16.97 -79.42
CA THR C 309 -58.60 -17.90 -78.29
C THR C 309 -58.23 -19.29 -78.77
N MET C 310 -58.91 -19.75 -79.83
CA MET C 310 -58.59 -21.06 -80.39
C MET C 310 -57.23 -21.06 -81.06
N LEU C 311 -56.88 -19.97 -81.75
CA LEU C 311 -55.56 -19.90 -82.39
C LEU C 311 -54.45 -20.02 -81.34
N GLN C 312 -54.54 -19.24 -80.27
CA GLN C 312 -53.48 -19.25 -79.26
C GLN C 312 -53.48 -20.54 -78.46
N ASP C 313 -54.66 -21.12 -78.22
CA ASP C 313 -54.70 -22.42 -77.56
C ASP C 313 -53.99 -23.47 -78.40
N SER C 314 -54.25 -23.49 -79.72
CA SER C 314 -53.56 -24.42 -80.59
C SER C 314 -52.05 -24.17 -80.59
N LEU C 315 -51.65 -22.90 -80.65
CA LEU C 315 -50.22 -22.58 -80.68
C LEU C 315 -49.52 -23.03 -79.41
N ASP C 316 -50.12 -22.74 -78.25
CA ASP C 316 -49.52 -23.19 -77.00
C ASP C 316 -49.50 -24.71 -76.92
N ASN C 317 -50.55 -25.36 -77.42
CA ASN C 317 -50.60 -26.82 -77.46
C ASN C 317 -49.61 -27.41 -78.45
N GLY C 318 -49.07 -26.60 -79.36
CA GLY C 318 -48.14 -27.08 -80.37
C GLY C 318 -48.79 -27.55 -81.65
N GLU C 319 -50.08 -27.28 -81.84
CA GLU C 319 -50.80 -27.74 -83.02
C GLU C 319 -50.61 -26.84 -84.22
N GLY C 320 -49.90 -25.72 -84.10
CA GLY C 320 -49.70 -24.82 -85.20
C GLY C 320 -50.88 -23.88 -85.40
N ARG C 321 -50.72 -22.98 -86.35
CA ARG C 321 -51.77 -22.00 -86.63
C ARG C 321 -52.93 -22.71 -87.34
N PRO C 322 -54.18 -22.47 -86.93
CA PRO C 322 -55.30 -23.14 -87.60
C PRO C 322 -55.33 -22.84 -89.09
N SER C 323 -55.66 -23.85 -89.88
CA SER C 323 -55.64 -23.77 -91.33
C SER C 323 -56.54 -24.88 -91.88
N PRO C 324 -56.94 -24.79 -93.15
CA PRO C 324 -57.83 -25.83 -93.70
C PRO C 324 -57.20 -27.20 -93.86
N MET C 325 -55.92 -27.40 -93.51
CA MET C 325 -55.26 -28.69 -93.62
C MET C 325 -54.57 -29.04 -92.31
N LEU C 326 -54.85 -30.23 -91.78
CA LEU C 326 -54.34 -30.68 -90.50
C LEU C 326 -53.64 -32.03 -90.68
N SER C 327 -52.34 -32.06 -90.43
CA SER C 327 -51.54 -33.26 -90.58
C SER C 327 -51.52 -34.05 -89.27
N VAL C 328 -52.00 -35.30 -89.34
CA VAL C 328 -51.95 -36.23 -88.22
C VAL C 328 -50.92 -37.31 -88.56
N ARG C 329 -50.25 -37.82 -87.53
CA ARG C 329 -49.22 -38.82 -87.69
C ARG C 329 -49.34 -39.87 -86.58
N ASP C 330 -48.71 -41.01 -86.80
CA ASP C 330 -48.58 -42.08 -85.82
C ASP C 330 -49.93 -42.71 -85.45
N LEU C 331 -50.96 -42.52 -86.28
CA LEU C 331 -52.28 -43.10 -86.07
C LEU C 331 -52.66 -43.89 -87.31
N SER C 332 -53.37 -44.99 -87.12
CA SER C 332 -53.85 -45.78 -88.24
C SER C 332 -55.04 -45.09 -88.90
N ILE C 333 -55.35 -45.55 -90.12
CA ILE C 333 -56.50 -45.01 -90.83
C ILE C 333 -57.77 -45.26 -90.05
N LYS C 334 -57.87 -46.43 -89.40
CA LYS C 334 -59.06 -46.74 -88.61
C LYS C 334 -59.20 -45.77 -87.44
N GLN C 335 -58.12 -45.50 -86.72
CA GLN C 335 -58.18 -44.58 -85.59
C GLN C 335 -58.55 -43.18 -86.05
N VAL C 336 -57.88 -42.69 -87.10
CA VAL C 336 -58.17 -41.35 -87.61
C VAL C 336 -59.61 -41.27 -88.10
N GLU C 337 -60.10 -42.35 -88.70
CA GLU C 337 -61.48 -42.37 -89.19
C GLU C 337 -62.44 -42.29 -88.01
N LYS C 338 -62.13 -43.01 -86.93
CA LYS C 338 -62.98 -42.96 -85.73
C LYS C 338 -63.05 -41.55 -85.18
N PHE C 339 -61.90 -40.87 -85.06
CA PHE C 339 -61.91 -39.50 -84.57
C PHE C 339 -62.65 -38.58 -85.54
N ILE C 340 -62.53 -38.84 -86.84
CA ILE C 340 -63.22 -38.02 -87.83
C ILE C 340 -64.73 -38.18 -87.70
N GLU C 341 -65.21 -39.40 -87.49
CA GLU C 341 -66.64 -39.59 -87.20
C GLU C 341 -67.04 -38.87 -85.92
N GLN C 342 -66.23 -38.98 -84.88
CA GLN C 342 -66.55 -38.29 -83.63
C GLN C 342 -66.72 -36.79 -83.85
N THR C 343 -65.87 -36.20 -84.68
CA THR C 343 -65.97 -34.78 -84.97
C THR C 343 -67.13 -34.46 -85.90
N ASN C 344 -67.33 -35.28 -86.92
CA ASN C 344 -68.29 -34.96 -87.98
C ASN C 344 -69.73 -35.19 -87.56
N SER C 345 -69.96 -36.10 -86.61
CA SER C 345 -71.33 -36.33 -86.13
C SER C 345 -71.94 -35.08 -85.51
N HIS C 346 -71.11 -34.14 -85.06
CA HIS C 346 -71.59 -32.91 -84.43
C HIS C 346 -71.68 -31.74 -85.40
N LEU C 347 -71.49 -31.99 -86.70
CA LEU C 347 -71.41 -30.93 -87.70
C LEU C 347 -72.30 -31.26 -88.88
N PRO C 348 -72.72 -30.25 -89.67
CA PRO C 348 -73.51 -30.54 -90.89
C PRO C 348 -72.64 -31.00 -92.04
N ARG C 349 -73.26 -31.25 -93.19
CA ARG C 349 -72.50 -31.73 -94.35
C ARG C 349 -71.50 -30.69 -94.84
N GLU C 350 -71.91 -29.42 -94.90
CA GLU C 350 -71.05 -28.38 -95.48
C GLU C 350 -69.79 -28.14 -94.64
N LYS C 351 -69.77 -28.59 -93.38
CA LYS C 351 -68.61 -28.47 -92.51
C LYS C 351 -68.02 -29.82 -92.14
N HIS C 352 -68.27 -30.85 -92.93
CA HIS C 352 -67.69 -32.16 -92.67
C HIS C 352 -66.19 -32.15 -92.93
N ILE C 353 -65.47 -32.97 -92.18
CA ILE C 353 -64.06 -33.21 -92.41
C ILE C 353 -63.92 -34.44 -93.30
N ALA C 354 -63.01 -34.36 -94.27
CA ALA C 354 -62.75 -35.46 -95.19
C ALA C 354 -61.26 -35.76 -95.23
N ILE C 355 -60.94 -37.02 -95.51
CA ILE C 355 -59.55 -37.42 -95.67
C ILE C 355 -59.07 -36.93 -97.03
N SER C 356 -57.95 -36.21 -97.04
CA SER C 356 -57.45 -35.53 -98.22
C SER C 356 -56.16 -36.13 -98.76
N LEU C 357 -55.18 -36.39 -97.89
CA LEU C 357 -53.87 -36.91 -98.31
C LEU C 357 -53.54 -38.12 -97.46
N ILE C 358 -53.66 -39.31 -98.04
CA ILE C 358 -53.21 -40.55 -97.39
C ILE C 358 -51.75 -40.69 -97.76
N ASN C 359 -50.89 -39.98 -97.02
CA ASN C 359 -49.47 -39.96 -97.32
C ASN C 359 -48.84 -41.32 -97.05
N GLY C 360 -49.23 -41.97 -95.96
CA GLY C 360 -48.70 -43.26 -95.62
C GLY C 360 -49.56 -43.92 -94.56
N ALA C 361 -49.04 -45.03 -94.02
CA ALA C 361 -49.76 -45.73 -92.96
C ALA C 361 -49.89 -44.84 -91.73
N ARG C 362 -48.84 -44.12 -91.37
CA ARG C 362 -48.78 -43.30 -90.16
C ARG C 362 -48.61 -41.83 -90.51
N ASN C 363 -49.23 -41.38 -91.59
CA ASN C 363 -49.14 -39.98 -92.02
C ASN C 363 -50.36 -39.67 -92.87
N LEU C 364 -51.24 -38.82 -92.35
CA LEU C 364 -52.45 -38.42 -93.04
C LEU C 364 -52.62 -36.91 -92.92
N VAL C 365 -53.41 -36.34 -93.83
CA VAL C 365 -53.80 -34.93 -93.75
C VAL C 365 -55.31 -34.85 -93.95
N LEU C 366 -55.98 -34.18 -93.02
CA LEU C 366 -57.42 -33.98 -93.06
C LEU C 366 -57.70 -32.57 -93.56
N SER C 367 -58.69 -32.44 -94.44
CA SER C 367 -59.08 -31.15 -95.01
C SER C 367 -60.52 -30.85 -94.65
N GLY C 368 -60.77 -29.60 -94.29
CA GLY C 368 -62.09 -29.15 -93.92
C GLY C 368 -62.01 -27.75 -93.35
N PRO C 369 -63.11 -27.27 -92.76
CA PRO C 369 -63.07 -25.98 -92.08
C PRO C 369 -62.03 -25.99 -90.97
N PRO C 370 -61.27 -24.90 -90.80
CA PRO C 370 -60.32 -24.87 -89.67
C PRO C 370 -60.97 -25.05 -88.32
N GLU C 371 -62.22 -24.58 -88.15
CA GLU C 371 -62.91 -24.82 -86.88
C GLU C 371 -63.16 -26.32 -86.67
N SER C 372 -63.57 -27.03 -87.72
CA SER C 372 -63.78 -28.47 -87.58
C SER C 372 -62.47 -29.19 -87.32
N LEU C 373 -61.39 -28.75 -87.97
CA LEU C 373 -60.09 -29.37 -87.72
C LEU C 373 -59.62 -29.10 -86.29
N TYR C 374 -59.91 -27.90 -85.77
CA TYR C 374 -59.57 -27.61 -84.38
C TYR C 374 -60.38 -28.46 -83.42
N GLY C 375 -61.66 -28.70 -83.73
CA GLY C 375 -62.45 -29.61 -82.92
C GLY C 375 -61.88 -31.02 -82.94
N PHE C 376 -61.47 -31.49 -84.12
CA PHE C 376 -60.78 -32.77 -84.23
C PHE C 376 -59.53 -32.78 -83.35
N ASN C 377 -58.76 -31.69 -83.39
CA ASN C 377 -57.53 -31.61 -82.59
C ASN C 377 -57.83 -31.69 -81.11
N LEU C 378 -58.88 -31.00 -80.66
CA LEU C 378 -59.22 -31.02 -79.24
C LEU C 378 -59.70 -32.40 -78.81
N ASN C 379 -60.52 -33.05 -79.63
CA ASN C 379 -60.94 -34.42 -79.32
C ASN C 379 -59.73 -35.34 -79.22
N LEU C 380 -58.83 -35.24 -80.20
CA LEU C 380 -57.65 -36.09 -80.20
C LEU C 380 -56.79 -35.83 -78.97
N ARG C 381 -56.65 -34.56 -78.59
CA ARG C 381 -55.90 -34.21 -77.39
C ARG C 381 -56.53 -34.84 -76.16
N ASN C 382 -57.86 -34.76 -76.05
CA ASN C 382 -58.54 -35.40 -74.92
C ASN C 382 -58.24 -36.89 -74.88
N GLN C 383 -58.12 -37.51 -76.05
CA GLN C 383 -57.78 -38.93 -76.14
C GLN C 383 -56.29 -39.19 -76.36
N LYS C 384 -55.42 -38.22 -76.09
CA LYS C 384 -54.00 -38.31 -76.41
C LYS C 384 -53.17 -38.43 -75.12
N ALA C 385 -51.97 -38.97 -75.27
CA ALA C 385 -51.06 -39.11 -74.14
C ALA C 385 -50.61 -37.74 -73.66
N PRO C 386 -50.36 -37.57 -72.35
CA PRO C 386 -49.70 -36.35 -71.89
C PRO C 386 -48.28 -36.28 -72.40
N MET C 387 -47.78 -35.06 -72.56
CA MET C 387 -46.42 -34.86 -73.05
C MET C 387 -45.43 -35.45 -72.04
N GLY C 388 -44.74 -36.50 -72.45
CA GLY C 388 -43.73 -37.12 -71.62
C GLY C 388 -44.23 -38.13 -70.62
N LEU C 389 -45.47 -38.60 -70.75
CA LEU C 389 -45.97 -39.63 -69.84
C LEU C 389 -45.13 -40.89 -69.97
N ASP C 390 -44.75 -41.46 -68.82
CA ASP C 390 -44.02 -42.72 -68.78
C ASP C 390 -45.03 -43.85 -68.73
N GLN C 391 -45.11 -44.62 -69.82
CA GLN C 391 -46.03 -45.74 -69.94
C GLN C 391 -45.30 -47.05 -70.20
N SER C 392 -44.02 -47.14 -69.80
CA SER C 392 -43.29 -48.40 -69.96
C SER C 392 -43.91 -49.50 -69.12
N ARG C 393 -44.36 -49.16 -67.90
CA ARG C 393 -44.99 -50.11 -67.00
C ARG C 393 -46.51 -50.10 -67.09
N VAL C 394 -47.06 -49.82 -68.28
CA VAL C 394 -48.49 -49.73 -68.49
C VAL C 394 -48.85 -50.66 -69.67
N PRO C 395 -49.97 -51.38 -69.64
CA PRO C 395 -50.32 -52.22 -70.79
C PRO C 395 -50.46 -51.41 -72.07
N PHE C 396 -50.10 -52.03 -73.19
CA PHE C 396 -50.11 -51.33 -74.47
C PHE C 396 -51.52 -50.89 -74.86
N SER C 397 -52.51 -51.74 -74.60
CA SER C 397 -53.88 -51.38 -74.91
C SER C 397 -54.38 -50.25 -74.04
N GLU C 398 -53.85 -50.14 -72.82
CA GLU C 398 -54.14 -49.02 -71.94
C GLU C 398 -53.22 -47.83 -72.15
N ARG C 399 -52.17 -47.98 -72.97
CA ARG C 399 -51.32 -46.85 -73.29
C ARG C 399 -52.10 -45.81 -74.08
N LYS C 400 -51.79 -44.54 -73.83
CA LYS C 400 -52.44 -43.45 -74.55
C LYS C 400 -51.80 -43.31 -75.93
N LEU C 401 -52.22 -42.30 -76.69
CA LEU C 401 -51.79 -42.12 -78.06
C LEU C 401 -50.64 -41.13 -78.13
N LYS C 402 -49.60 -41.49 -78.88
CA LYS C 402 -48.47 -40.62 -79.16
C LYS C 402 -48.53 -40.26 -80.64
N CYS C 403 -48.87 -39.00 -80.93
CA CYS C 403 -49.05 -38.55 -82.30
C CYS C 403 -48.72 -37.07 -82.40
N SER C 404 -48.46 -36.63 -83.62
CA SER C 404 -48.12 -35.23 -83.93
C SER C 404 -49.23 -34.67 -84.80
N ASN C 405 -50.25 -34.10 -84.17
CA ASN C 405 -51.31 -33.39 -84.89
C ASN C 405 -50.91 -31.93 -85.00
N ARG C 406 -50.68 -31.46 -86.22
CA ARG C 406 -50.19 -30.12 -86.47
C ARG C 406 -50.84 -29.55 -87.71
N PHE C 407 -51.30 -28.31 -87.64
CA PHE C 407 -51.86 -27.66 -88.82
C PHE C 407 -50.75 -27.35 -89.81
N LEU C 408 -51.02 -27.66 -91.09
CA LEU C 408 -50.05 -27.38 -92.13
C LEU C 408 -50.17 -25.92 -92.59
N PRO C 409 -49.09 -25.34 -93.13
CA PRO C 409 -49.17 -23.96 -93.66
C PRO C 409 -49.76 -23.93 -95.07
N ILE C 410 -51.00 -24.37 -95.20
CA ILE C 410 -51.74 -24.36 -96.45
C ILE C 410 -53.07 -23.66 -96.19
N PHE C 411 -53.41 -22.68 -97.03
CA PHE C 411 -54.55 -21.82 -96.78
C PHE C 411 -55.77 -22.18 -97.62
N ALA C 412 -55.80 -23.35 -98.24
CA ALA C 412 -56.98 -23.83 -98.94
C ALA C 412 -57.24 -25.28 -98.57
N PRO C 413 -58.52 -25.71 -98.59
CA PRO C 413 -58.80 -27.14 -98.35
C PRO C 413 -58.60 -27.96 -99.62
N PHE C 414 -57.34 -28.18 -99.95
CA PHE C 414 -57.00 -28.92 -101.16
C PHE C 414 -57.50 -30.35 -101.08
N HIS C 415 -57.99 -30.86 -102.21
CA HIS C 415 -58.53 -32.20 -102.30
C HIS C 415 -59.74 -32.37 -101.38
N SER C 416 -60.74 -31.51 -101.58
CA SER C 416 -61.98 -31.57 -100.80
C SER C 416 -63.13 -31.08 -101.66
N HIS C 417 -64.34 -31.46 -101.26
CA HIS C 417 -65.54 -30.99 -101.95
C HIS C 417 -65.70 -29.48 -101.84
N LEU C 418 -65.08 -28.84 -100.86
CA LEU C 418 -65.20 -27.40 -100.71
C LEU C 418 -64.67 -26.66 -101.93
N LEU C 419 -63.67 -27.23 -102.60
CA LEU C 419 -63.13 -26.66 -103.82
C LEU C 419 -63.69 -27.30 -105.08
N ALA C 420 -64.78 -28.07 -104.96
CA ALA C 420 -65.33 -28.75 -106.12
C ALA C 420 -65.81 -27.76 -107.17
N ASP C 421 -66.43 -26.66 -106.73
CA ASP C 421 -66.94 -25.67 -107.67
C ASP C 421 -65.84 -24.98 -108.46
N ALA C 422 -64.62 -24.95 -107.93
CA ALA C 422 -63.52 -24.30 -108.63
C ALA C 422 -63.06 -25.09 -109.85
N THR C 423 -63.39 -26.38 -109.93
CA THR C 423 -62.89 -27.19 -111.03
C THR C 423 -63.40 -26.68 -112.38
N GLU C 424 -64.70 -26.40 -112.48
CA GLU C 424 -65.26 -25.94 -113.74
C GLU C 424 -64.69 -24.58 -114.12
N LEU C 425 -64.49 -23.69 -113.14
CA LEU C 425 -63.91 -22.40 -113.42
C LEU C 425 -62.48 -22.53 -113.94
N ILE C 426 -61.69 -23.44 -113.34
CA ILE C 426 -60.33 -23.63 -113.81
C ILE C 426 -60.34 -24.24 -115.21
N LEU C 427 -61.30 -25.12 -115.49
CA LEU C 427 -61.43 -25.67 -116.83
C LEU C 427 -61.72 -24.56 -117.84
N ASP C 428 -62.61 -23.63 -117.47
CA ASP C 428 -62.89 -22.51 -118.35
C ASP C 428 -61.64 -21.65 -118.57
N ASP C 429 -60.88 -21.41 -117.50
CA ASP C 429 -59.66 -20.62 -117.63
C ASP C 429 -58.68 -21.28 -118.59
N VAL C 430 -58.43 -22.58 -118.41
CA VAL C 430 -57.42 -23.25 -119.22
C VAL C 430 -57.89 -23.38 -120.66
N LYS C 431 -59.19 -23.64 -120.89
CA LYS C 431 -59.65 -23.74 -122.27
C LYS C 431 -59.63 -22.38 -122.97
N GLU C 432 -59.89 -21.28 -122.23
CA GLU C 432 -59.81 -19.97 -122.86
C GLU C 432 -58.37 -19.59 -123.17
N HIS C 433 -57.43 -19.99 -122.30
CA HIS C 433 -56.02 -19.69 -122.52
C HIS C 433 -55.30 -20.72 -123.38
N GLY C 434 -55.98 -21.79 -123.79
CA GLY C 434 -55.36 -22.79 -124.64
C GLY C 434 -54.20 -23.49 -123.96
N LEU C 435 -54.39 -23.91 -122.72
CA LEU C 435 -53.35 -24.58 -121.94
C LEU C 435 -53.63 -26.08 -121.90
N SER C 436 -52.65 -26.88 -122.32
CA SER C 436 -52.75 -28.32 -122.27
C SER C 436 -51.36 -28.92 -122.40
N PHE C 437 -51.24 -30.16 -121.96
CA PHE C 437 -50.02 -30.94 -122.07
C PHE C 437 -50.22 -32.10 -123.03
N GLU C 438 -49.15 -32.46 -123.74
CA GLU C 438 -49.21 -33.55 -124.70
C GLU C 438 -47.81 -34.11 -124.90
N GLY C 439 -47.75 -35.28 -125.52
CA GLY C 439 -46.48 -35.92 -125.81
C GLY C 439 -45.71 -36.39 -124.59
N LEU C 440 -46.38 -37.01 -123.63
CA LEU C 440 -45.69 -37.61 -122.50
C LEU C 440 -44.84 -38.77 -122.98
N LYS C 441 -43.61 -38.85 -122.47
CA LYS C 441 -42.67 -39.90 -122.86
C LYS C 441 -42.29 -40.85 -121.73
N ILE C 442 -42.72 -40.57 -120.50
CA ILE C 442 -42.53 -41.50 -119.39
C ILE C 442 -43.86 -41.62 -118.65
N PRO C 443 -44.12 -42.71 -117.94
CA PRO C 443 -45.37 -42.78 -117.15
C PRO C 443 -45.42 -41.69 -116.11
N VAL C 444 -46.61 -41.12 -115.93
CA VAL C 444 -46.89 -40.15 -114.86
C VAL C 444 -48.12 -40.70 -114.14
N TYR C 445 -47.90 -41.36 -113.02
CA TYR C 445 -48.96 -42.11 -112.37
C TYR C 445 -49.88 -41.19 -111.58
N ASP C 446 -51.17 -41.47 -111.67
CA ASP C 446 -52.18 -40.66 -110.99
C ASP C 446 -52.05 -40.78 -109.48
N THR C 447 -52.40 -39.70 -108.78
CA THR C 447 -52.32 -39.69 -107.33
C THR C 447 -53.50 -40.42 -106.68
N PHE C 448 -54.66 -40.44 -107.33
CA PHE C 448 -55.85 -41.04 -106.74
C PHE C 448 -56.00 -42.52 -107.09
N ASP C 449 -56.16 -42.84 -108.38
CA ASP C 449 -56.38 -44.21 -108.81
C ASP C 449 -55.11 -44.90 -109.29
N GLY C 450 -53.98 -44.19 -109.34
CA GLY C 450 -52.72 -44.80 -109.70
C GLY C 450 -52.53 -45.05 -111.18
N SER C 451 -53.52 -44.76 -112.00
CA SER C 451 -53.41 -45.01 -113.44
C SER C 451 -52.39 -44.09 -114.07
N ASP C 452 -51.68 -44.61 -115.07
CA ASP C 452 -50.69 -43.81 -115.79
C ASP C 452 -51.39 -42.79 -116.68
N PHE C 453 -50.88 -41.56 -116.69
CA PHE C 453 -51.51 -40.50 -117.47
C PHE C 453 -51.33 -40.71 -118.97
N GLN C 454 -50.31 -41.47 -119.37
CA GLN C 454 -50.12 -41.72 -120.80
C GLN C 454 -51.29 -42.48 -121.39
N ALA C 455 -51.91 -43.37 -120.61
CA ALA C 455 -53.05 -44.13 -121.08
C ALA C 455 -54.36 -43.35 -120.98
N LEU C 456 -54.37 -42.22 -120.26
CA LEU C 456 -55.59 -41.46 -120.08
C LEU C 456 -56.07 -40.88 -121.42
N LYS C 457 -57.37 -40.99 -121.69
CA LYS C 457 -57.97 -40.43 -122.88
C LYS C 457 -58.52 -39.03 -122.65
N GLU C 458 -59.00 -38.74 -121.44
CA GLU C 458 -59.52 -37.42 -121.12
C GLU C 458 -58.37 -36.41 -121.03
N PRO C 459 -58.67 -35.11 -121.08
CA PRO C 459 -57.59 -34.12 -121.07
C PRO C 459 -56.72 -34.21 -119.83
N ILE C 460 -55.41 -34.09 -120.06
CA ILE C 460 -54.42 -34.16 -118.98
C ILE C 460 -54.70 -33.07 -117.96
N ILE C 461 -54.96 -31.85 -118.44
CA ILE C 461 -55.14 -30.72 -117.53
C ILE C 461 -56.47 -30.83 -116.79
N ASP C 462 -57.51 -31.36 -117.46
CA ASP C 462 -58.76 -31.58 -116.76
C ASP C 462 -58.56 -32.54 -115.58
N ARG C 463 -57.85 -33.65 -115.83
CA ARG C 463 -57.69 -34.64 -114.77
C ARG C 463 -56.79 -34.08 -113.67
N VAL C 464 -55.72 -33.36 -114.02
CA VAL C 464 -54.82 -32.83 -113.00
C VAL C 464 -55.56 -31.83 -112.12
N VAL C 465 -56.41 -30.98 -112.73
CA VAL C 465 -57.20 -30.04 -111.94
C VAL C 465 -58.15 -30.79 -111.02
N LYS C 466 -58.79 -31.84 -111.53
CA LYS C 466 -59.75 -32.57 -110.72
C LYS C 466 -59.07 -33.22 -109.51
N LEU C 467 -57.88 -33.77 -109.70
CA LEU C 467 -57.13 -34.33 -108.57
C LEU C 467 -56.73 -33.24 -107.59
N ILE C 468 -56.26 -32.10 -108.11
CA ILE C 468 -55.77 -31.05 -107.22
C ILE C 468 -56.89 -30.52 -106.34
N THR C 469 -58.11 -30.41 -106.90
CA THR C 469 -59.21 -29.79 -106.17
C THR C 469 -60.03 -30.77 -105.36
N GLU C 470 -60.44 -31.90 -105.94
CA GLU C 470 -61.46 -32.75 -105.33
C GLU C 470 -60.91 -34.07 -104.79
N LEU C 471 -60.28 -34.88 -105.64
CA LEU C 471 -59.93 -36.23 -105.24
C LEU C 471 -58.80 -36.21 -104.20
N PRO C 472 -58.86 -37.06 -103.16
CA PRO C 472 -57.71 -37.15 -102.24
C PRO C 472 -56.51 -37.80 -102.90
N VAL C 473 -55.38 -37.86 -102.18
CA VAL C 473 -54.12 -38.36 -102.71
C VAL C 473 -53.77 -39.65 -101.99
N HIS C 474 -53.66 -40.74 -102.75
CA HIS C 474 -53.18 -42.02 -102.24
C HIS C 474 -51.71 -42.12 -102.62
N TRP C 475 -50.85 -41.56 -101.76
CA TRP C 475 -49.43 -41.48 -102.10
C TRP C 475 -48.79 -42.86 -102.15
N GLU C 476 -49.17 -43.76 -101.25
CA GLU C 476 -48.63 -45.12 -101.28
C GLU C 476 -48.97 -45.81 -102.60
N GLU C 477 -50.23 -45.70 -103.03
CA GLU C 477 -50.63 -46.32 -104.29
C GLU C 477 -49.92 -45.66 -105.47
N ALA C 478 -49.76 -44.33 -105.42
CA ALA C 478 -49.09 -43.63 -106.50
C ALA C 478 -47.64 -44.06 -106.65
N THR C 479 -46.94 -44.24 -105.52
CA THR C 479 -45.52 -44.56 -105.52
C THR C 479 -45.26 -46.06 -105.39
N ASN C 480 -46.29 -46.89 -105.45
CA ASN C 480 -46.11 -48.35 -105.32
C ASN C 480 -45.30 -48.98 -106.47
N HIS C 481 -44.84 -48.27 -107.48
CA HIS C 481 -44.13 -48.89 -108.59
C HIS C 481 -42.65 -49.04 -108.29
N LYS C 482 -41.94 -49.69 -109.21
CA LYS C 482 -40.55 -50.06 -108.97
C LYS C 482 -39.65 -48.84 -109.10
N ALA C 483 -38.69 -48.72 -108.17
CA ALA C 483 -37.74 -47.62 -108.21
C ALA C 483 -36.61 -47.93 -107.25
N THR C 484 -35.37 -47.82 -107.74
CA THR C 484 -34.18 -47.98 -106.92
C THR C 484 -33.67 -46.64 -106.38
N HIS C 485 -33.82 -45.58 -107.16
CA HIS C 485 -33.44 -44.23 -106.75
C HIS C 485 -34.57 -43.27 -107.08
N ILE C 486 -34.87 -42.40 -106.13
CA ILE C 486 -35.95 -41.42 -106.25
C ILE C 486 -35.34 -40.05 -105.99
N LEU C 487 -35.67 -39.09 -106.85
CA LEU C 487 -35.20 -37.71 -106.71
C LEU C 487 -36.35 -36.84 -106.26
N ASP C 488 -36.23 -36.26 -105.07
CA ASP C 488 -37.22 -35.33 -104.53
C ASP C 488 -36.83 -33.93 -104.99
N PHE C 489 -37.64 -33.37 -105.90
CA PHE C 489 -37.42 -32.02 -106.40
C PHE C 489 -38.28 -30.97 -105.69
N GLY C 490 -39.15 -31.38 -104.78
CA GLY C 490 -40.08 -30.46 -104.15
C GLY C 490 -39.39 -29.56 -103.15
N PRO C 491 -40.16 -28.62 -102.61
CA PRO C 491 -39.63 -27.73 -101.57
C PRO C 491 -39.60 -28.43 -100.22
N GLY C 492 -38.93 -27.76 -99.27
CA GLY C 492 -38.84 -28.21 -97.91
C GLY C 492 -37.54 -28.90 -97.54
N GLY C 493 -36.86 -29.51 -98.52
CA GLY C 493 -35.61 -30.19 -98.25
C GLY C 493 -35.76 -31.32 -97.25
N VAL C 494 -35.23 -31.11 -96.04
CA VAL C 494 -35.35 -32.13 -95.00
C VAL C 494 -36.80 -32.33 -94.60
N SER C 495 -37.55 -31.24 -94.46
CA SER C 495 -38.97 -31.33 -94.17
C SER C 495 -39.82 -31.54 -95.40
N GLY C 496 -39.21 -31.82 -96.56
CA GLY C 496 -39.93 -31.97 -97.79
C GLY C 496 -40.50 -33.36 -97.97
N LEU C 497 -40.99 -33.61 -99.18
CA LEU C 497 -41.62 -34.89 -99.50
C LEU C 497 -40.61 -36.03 -99.56
N GLY C 498 -39.33 -35.73 -99.73
CA GLY C 498 -38.34 -36.79 -99.88
C GLY C 498 -38.21 -37.64 -98.63
N VAL C 499 -38.11 -37.00 -97.46
CA VAL C 499 -37.97 -37.74 -96.22
C VAL C 499 -39.23 -38.55 -95.94
N LEU C 500 -40.39 -38.00 -96.29
CA LEU C 500 -41.64 -38.73 -96.13
C LEU C 500 -41.67 -39.98 -97.00
N THR C 501 -41.22 -39.83 -98.26
CA THR C 501 -41.17 -40.98 -99.15
C THR C 501 -40.16 -42.00 -98.65
N HIS C 502 -39.05 -41.53 -98.05
CA HIS C 502 -38.09 -42.45 -97.46
C HIS C 502 -38.72 -43.24 -96.32
N ARG C 503 -39.49 -42.57 -95.46
CA ARG C 503 -40.17 -43.28 -94.39
C ARG C 503 -41.16 -44.29 -94.96
N ASN C 504 -41.86 -43.92 -96.03
CA ASN C 504 -42.84 -44.82 -96.63
C ASN C 504 -42.16 -46.05 -97.22
N LYS C 505 -41.03 -45.87 -97.89
CA LYS C 505 -40.36 -46.93 -98.64
C LYS C 505 -39.08 -47.41 -97.96
N GLU C 506 -38.96 -47.23 -96.65
CA GLU C 506 -37.73 -47.62 -95.96
C GLU C 506 -37.49 -49.11 -96.12
N GLY C 507 -36.30 -49.45 -96.59
CA GLY C 507 -35.93 -50.83 -96.81
C GLY C 507 -36.59 -51.50 -97.99
N THR C 508 -37.20 -50.74 -98.89
CA THR C 508 -37.74 -51.28 -100.13
C THR C 508 -36.75 -51.21 -101.28
N GLY C 509 -35.50 -50.79 -101.01
CA GLY C 509 -34.49 -50.65 -102.04
C GLY C 509 -34.52 -49.33 -102.78
N ALA C 510 -35.38 -48.40 -102.38
CA ALA C 510 -35.50 -47.09 -103.04
C ALA C 510 -34.72 -46.07 -102.22
N ARG C 511 -33.59 -45.62 -102.76
CA ARG C 511 -32.79 -44.58 -102.11
C ARG C 511 -33.34 -43.22 -102.51
N ILE C 512 -33.68 -42.39 -101.51
CA ILE C 512 -34.21 -41.06 -101.76
C ILE C 512 -33.07 -40.06 -101.73
N ILE C 513 -33.01 -39.20 -102.75
CA ILE C 513 -32.01 -38.15 -102.87
C ILE C 513 -32.76 -36.83 -102.95
N LEU C 514 -32.46 -35.92 -102.03
CA LEU C 514 -33.11 -34.62 -101.98
C LEU C 514 -32.42 -33.70 -102.98
N ALA C 515 -32.92 -33.67 -104.21
CA ALA C 515 -32.35 -32.80 -105.22
C ALA C 515 -32.59 -31.32 -104.90
N GLY C 516 -33.48 -31.01 -103.96
CA GLY C 516 -33.79 -29.63 -103.64
C GLY C 516 -32.79 -28.96 -102.73
N THR C 517 -32.01 -29.73 -101.98
CA THR C 517 -31.11 -29.18 -100.97
C THR C 517 -29.74 -29.85 -101.09
N LEU C 518 -28.70 -29.07 -100.84
CA LEU C 518 -27.32 -29.56 -100.79
C LEU C 518 -26.85 -29.51 -99.35
N ASP C 519 -26.40 -30.66 -98.84
CA ASP C 519 -25.87 -30.75 -97.48
C ASP C 519 -25.09 -32.05 -97.37
N SER C 520 -24.27 -32.15 -96.33
CA SER C 520 -23.57 -33.39 -96.05
C SER C 520 -24.58 -34.49 -95.76
N ASN C 521 -24.22 -35.72 -96.14
CA ASN C 521 -25.15 -36.82 -96.04
C ASN C 521 -25.48 -37.07 -94.57
N PRO C 522 -26.65 -37.64 -94.28
CA PRO C 522 -27.04 -37.83 -92.87
C PRO C 522 -26.10 -38.79 -92.15
N ILE C 523 -26.26 -38.84 -90.82
CA ILE C 523 -25.39 -39.69 -90.00
C ILE C 523 -25.54 -41.15 -90.40
N ASP C 524 -26.78 -41.60 -90.57
CA ASP C 524 -27.04 -42.98 -91.00
C ASP C 524 -26.94 -43.16 -92.51
N ASP C 525 -26.82 -42.07 -93.28
CA ASP C 525 -26.75 -42.13 -94.73
C ASP C 525 -27.98 -42.82 -95.31
N GLU C 526 -29.15 -42.37 -94.86
CA GLU C 526 -30.41 -42.98 -95.22
C GLU C 526 -31.02 -42.39 -96.50
N TYR C 527 -30.83 -41.09 -96.74
CA TYR C 527 -31.26 -40.46 -97.99
C TYR C 527 -30.15 -39.55 -98.48
N GLY C 528 -30.01 -39.47 -99.80
CA GLY C 528 -28.96 -38.68 -100.40
C GLY C 528 -29.31 -37.20 -100.45
N PHE C 529 -28.34 -36.42 -100.94
CA PHE C 529 -28.49 -34.98 -101.14
C PHE C 529 -28.11 -34.66 -102.58
N LYS C 530 -28.14 -33.37 -102.93
CA LYS C 530 -27.93 -32.96 -104.31
C LYS C 530 -26.59 -33.42 -104.85
N HIS C 531 -25.59 -33.55 -103.99
CA HIS C 531 -24.25 -33.94 -104.46
C HIS C 531 -24.25 -35.34 -105.07
N GLU C 532 -25.13 -36.21 -104.61
CA GLU C 532 -25.13 -37.59 -105.09
C GLU C 532 -25.58 -37.69 -106.54
N ILE C 533 -26.44 -36.77 -106.99
CA ILE C 533 -26.89 -36.80 -108.37
C ILE C 533 -25.74 -36.45 -109.31
N PHE C 534 -24.88 -35.52 -108.89
CA PHE C 534 -23.76 -35.05 -109.69
C PHE C 534 -22.45 -35.75 -109.35
N GLN C 535 -22.46 -36.73 -108.45
CA GLN C 535 -21.22 -37.39 -108.05
C GLN C 535 -20.56 -38.08 -109.23
N THR C 536 -19.25 -37.88 -109.38
CA THR C 536 -18.43 -38.55 -110.37
C THR C 536 -17.18 -39.07 -109.69
N SER C 537 -16.82 -40.32 -109.97
CA SER C 537 -15.62 -40.90 -109.40
C SER C 537 -15.11 -42.00 -110.33
N ALA C 538 -13.81 -42.30 -110.20
CA ALA C 538 -13.22 -43.33 -111.04
C ALA C 538 -13.85 -44.69 -110.79
N ASP C 539 -14.09 -45.02 -109.52
CA ASP C 539 -14.72 -46.29 -109.18
C ASP C 539 -16.19 -46.34 -109.59
N LYS C 540 -16.82 -45.18 -109.84
CA LYS C 540 -18.21 -45.10 -110.27
C LYS C 540 -19.17 -45.73 -109.26
N ALA C 541 -18.83 -45.68 -107.97
CA ALA C 541 -19.68 -46.26 -106.96
C ALA C 541 -20.81 -45.30 -106.58
N ILE C 542 -21.97 -45.87 -106.25
CA ILE C 542 -23.11 -45.10 -105.78
C ILE C 542 -23.71 -45.81 -104.58
N LYS C 543 -24.35 -45.02 -103.71
CA LYS C 543 -25.01 -45.57 -102.55
C LYS C 543 -26.33 -46.22 -102.95
N TRP C 544 -26.58 -47.41 -102.40
CA TRP C 544 -27.78 -48.17 -102.66
C TRP C 544 -28.54 -48.36 -101.34
N ALA C 545 -29.76 -48.88 -101.45
CA ALA C 545 -30.59 -49.17 -100.29
C ALA C 545 -30.98 -50.64 -100.31
N PRO C 546 -31.22 -51.24 -99.15
CA PRO C 546 -31.52 -52.67 -99.12
C PRO C 546 -32.99 -52.96 -99.37
N ASP C 547 -33.23 -54.02 -100.13
CA ASP C 547 -34.57 -54.52 -100.39
C ASP C 547 -34.78 -55.76 -99.53
N TRP C 548 -35.55 -55.61 -98.45
CA TRP C 548 -35.66 -56.65 -97.45
C TRP C 548 -36.21 -57.95 -98.05
N LEU C 549 -37.21 -57.83 -98.92
CA LEU C 549 -37.84 -59.03 -99.48
C LEU C 549 -36.82 -59.88 -100.22
N LYS C 550 -36.26 -59.37 -101.33
CA LYS C 550 -35.36 -60.19 -102.13
C LYS C 550 -34.09 -60.53 -101.35
N GLU C 551 -33.68 -59.67 -100.42
CA GLU C 551 -32.45 -59.96 -99.67
C GLU C 551 -32.67 -61.02 -98.60
N LEU C 552 -33.92 -61.26 -98.20
CA LEU C 552 -34.23 -62.12 -97.06
C LEU C 552 -35.41 -63.03 -97.34
N ARG C 553 -35.56 -63.48 -98.58
CA ARG C 553 -36.53 -64.52 -98.88
C ARG C 553 -36.19 -65.77 -98.07
N PRO C 554 -37.14 -66.38 -97.35
CA PRO C 554 -36.85 -67.70 -96.77
C PRO C 554 -36.85 -68.76 -97.85
N THR C 555 -35.67 -69.18 -98.26
CA THR C 555 -35.51 -70.17 -99.32
C THR C 555 -35.20 -71.53 -98.68
N LEU C 556 -35.00 -72.53 -99.54
CA LEU C 556 -34.78 -73.91 -99.12
C LEU C 556 -33.47 -74.42 -99.70
N VAL C 557 -32.77 -75.26 -98.92
CA VAL C 557 -31.55 -75.89 -99.36
C VAL C 557 -31.57 -77.35 -98.97
N LYS C 558 -31.17 -78.22 -99.89
CA LYS C 558 -31.08 -79.66 -99.65
C LYS C 558 -29.62 -80.05 -99.51
N ASN C 559 -29.31 -80.81 -98.46
CA ASN C 559 -27.95 -81.27 -98.24
C ASN C 559 -27.70 -82.54 -99.06
N SER C 560 -26.45 -83.01 -99.04
CA SER C 560 -26.10 -84.20 -99.80
C SER C 560 -26.89 -85.42 -99.35
N GLU C 561 -27.24 -85.49 -98.08
CA GLU C 561 -28.01 -86.61 -97.56
C GLU C 561 -29.49 -86.53 -97.89
N GLY C 562 -29.93 -85.49 -98.61
CA GLY C 562 -31.30 -85.35 -99.02
C GLY C 562 -32.18 -84.59 -98.05
N LYS C 563 -31.68 -84.27 -96.85
CA LYS C 563 -32.48 -83.52 -95.89
C LYS C 563 -32.59 -82.06 -96.34
N ILE C 564 -33.77 -81.48 -96.11
CA ILE C 564 -34.11 -80.16 -96.62
C ILE C 564 -34.28 -79.21 -95.45
N TYR C 565 -33.62 -78.06 -95.52
CA TYR C 565 -33.66 -77.05 -94.47
C TYR C 565 -34.15 -75.73 -95.07
N VAL C 566 -34.71 -74.89 -94.20
CA VAL C 566 -35.14 -73.54 -94.57
C VAL C 566 -33.89 -72.66 -94.55
N LYS C 567 -33.38 -72.32 -95.73
CA LYS C 567 -32.29 -71.36 -95.83
C LYS C 567 -32.72 -70.03 -95.25
N THR C 568 -31.88 -69.46 -94.39
CA THR C 568 -32.17 -68.24 -93.65
C THR C 568 -30.90 -67.88 -92.90
N LYS C 569 -30.82 -66.65 -92.41
CA LYS C 569 -29.64 -66.24 -91.64
C LYS C 569 -29.49 -67.07 -90.37
N PHE C 570 -30.58 -67.24 -89.63
CA PHE C 570 -30.53 -68.04 -88.40
C PHE C 570 -30.21 -69.49 -88.70
N SER C 571 -30.85 -70.05 -89.73
CA SER C 571 -30.61 -71.45 -90.07
C SER C 571 -29.18 -71.64 -90.55
N GLN C 572 -28.63 -70.67 -91.28
CA GLN C 572 -27.23 -70.73 -91.67
C GLN C 572 -26.32 -70.70 -90.45
N LEU C 573 -26.59 -69.80 -89.51
CA LEU C 573 -25.73 -69.69 -88.33
C LEU C 573 -25.77 -70.97 -87.50
N LEU C 574 -26.96 -71.55 -87.32
CA LEU C 574 -27.09 -72.76 -86.52
C LEU C 574 -26.74 -74.02 -87.27
N GLY C 575 -26.63 -73.98 -88.60
CA GLY C 575 -26.49 -75.21 -89.35
C GLY C 575 -27.68 -76.13 -89.18
N ARG C 576 -28.85 -75.57 -88.93
CA ARG C 576 -30.03 -76.35 -88.57
C ARG C 576 -31.27 -75.53 -88.91
N ALA C 577 -32.44 -76.11 -88.64
CA ALA C 577 -33.70 -75.47 -88.97
C ALA C 577 -33.85 -74.16 -88.20
N PRO C 578 -34.59 -73.17 -88.72
CA PRO C 578 -34.73 -71.87 -88.03
C PRO C 578 -35.81 -71.86 -86.96
N LEU C 579 -35.85 -72.92 -86.15
CA LEU C 579 -36.78 -73.05 -85.04
C LEU C 579 -35.96 -73.34 -83.79
N MET C 580 -36.23 -72.63 -82.71
CA MET C 580 -35.51 -72.82 -81.47
C MET C 580 -36.49 -72.88 -80.30
N VAL C 581 -36.04 -73.50 -79.22
CA VAL C 581 -36.79 -73.58 -77.97
C VAL C 581 -36.07 -72.68 -76.97
N ALA C 582 -36.74 -71.62 -76.55
CA ALA C 582 -36.10 -70.64 -75.68
C ALA C 582 -35.94 -71.19 -74.27
N GLY C 583 -35.00 -70.62 -73.52
CA GLY C 583 -34.70 -71.09 -72.18
C GLY C 583 -35.83 -70.87 -71.19
N MET C 584 -36.38 -71.97 -70.68
CA MET C 584 -37.47 -71.96 -69.71
C MET C 584 -36.98 -72.55 -68.38
N THR C 585 -37.15 -71.78 -67.32
CA THR C 585 -36.64 -72.17 -66.00
C THR C 585 -37.28 -73.42 -65.44
N PRO C 586 -38.61 -73.61 -65.49
CA PRO C 586 -39.15 -74.90 -65.06
C PRO C 586 -38.95 -75.98 -66.12
N THR C 587 -39.09 -75.60 -67.39
CA THR C 587 -39.19 -76.58 -68.46
C THR C 587 -37.83 -76.95 -69.03
N THR C 588 -37.08 -75.98 -69.57
CA THR C 588 -35.81 -76.31 -70.20
C THR C 588 -34.67 -76.48 -69.21
N VAL C 589 -34.90 -76.24 -67.92
CA VAL C 589 -33.87 -76.60 -66.93
C VAL C 589 -33.52 -78.07 -67.04
N ASN C 590 -34.53 -78.93 -67.18
CA ASN C 590 -34.30 -80.37 -67.14
C ASN C 590 -33.49 -80.81 -68.35
N THR C 591 -32.54 -81.71 -68.11
CA THR C 591 -31.65 -82.16 -69.16
C THR C 591 -32.37 -83.00 -70.21
N ASP C 592 -33.48 -83.65 -69.85
CA ASP C 592 -34.14 -84.56 -70.77
C ASP C 592 -34.65 -83.83 -72.00
N ILE C 593 -35.39 -82.73 -71.78
CA ILE C 593 -35.97 -82.01 -72.90
C ILE C 593 -34.88 -81.37 -73.76
N VAL C 594 -33.83 -80.84 -73.12
CA VAL C 594 -32.74 -80.21 -73.87
C VAL C 594 -32.05 -81.23 -74.77
N SER C 595 -31.70 -82.40 -74.19
CA SER C 595 -31.05 -83.43 -74.97
C SER C 595 -31.96 -83.93 -76.10
N ALA C 596 -33.25 -84.10 -75.81
CA ALA C 596 -34.17 -84.59 -76.83
C ALA C 596 -34.30 -83.58 -77.98
N SER C 597 -34.42 -82.30 -77.66
CA SER C 597 -34.53 -81.28 -78.70
C SER C 597 -33.26 -81.24 -79.55
N LEU C 598 -32.09 -81.27 -78.90
CA LEU C 598 -30.85 -81.27 -79.67
C LEU C 598 -30.76 -82.50 -80.56
N ASN C 599 -31.09 -83.67 -80.03
CA ASN C 599 -31.01 -84.89 -80.81
C ASN C 599 -31.99 -84.85 -81.98
N ALA C 600 -33.17 -84.28 -81.77
CA ALA C 600 -34.11 -84.06 -82.87
C ALA C 600 -33.58 -83.05 -83.87
N GLY C 601 -32.67 -82.18 -83.45
CA GLY C 601 -32.00 -81.28 -84.36
C GLY C 601 -32.50 -79.86 -84.35
N TYR C 602 -32.89 -79.33 -83.19
CA TYR C 602 -33.36 -77.95 -83.07
C TYR C 602 -32.67 -77.29 -81.90
N HIS C 603 -32.23 -76.05 -82.11
CA HIS C 603 -31.55 -75.31 -81.06
C HIS C 603 -32.45 -75.15 -79.84
N ILE C 604 -31.84 -75.28 -78.66
CA ILE C 604 -32.56 -75.17 -77.40
C ILE C 604 -31.59 -74.63 -76.36
N GLU C 605 -32.15 -73.90 -75.39
CA GLU C 605 -31.35 -73.25 -74.35
C GLU C 605 -31.65 -73.88 -73.01
N LEU C 606 -30.61 -74.40 -72.37
CA LEU C 606 -30.69 -74.85 -70.98
C LEU C 606 -30.82 -73.64 -70.07
N ALA C 607 -31.92 -73.57 -69.33
CA ALA C 607 -32.18 -72.42 -68.45
C ALA C 607 -31.42 -72.61 -67.15
N GLY C 608 -30.69 -71.57 -66.74
CA GLY C 608 -29.96 -71.62 -65.49
C GLY C 608 -30.74 -71.22 -64.26
N GLY C 609 -32.00 -70.81 -64.39
CA GLY C 609 -32.75 -70.36 -63.23
C GLY C 609 -32.97 -71.47 -62.23
N GLY C 610 -33.09 -72.71 -62.71
CA GLY C 610 -33.20 -73.85 -61.83
C GLY C 610 -31.90 -74.44 -61.37
N TYR C 611 -30.77 -73.79 -61.68
CA TYR C 611 -29.47 -74.13 -61.15
C TYR C 611 -28.96 -72.99 -60.29
N PHE C 612 -28.22 -73.32 -59.23
CA PHE C 612 -27.73 -72.35 -58.28
C PHE C 612 -26.27 -72.49 -57.92
N SER C 613 -25.58 -73.51 -58.43
CA SER C 613 -24.15 -73.69 -58.17
C SER C 613 -23.45 -74.14 -59.43
N PRO C 614 -22.17 -73.77 -59.60
CA PRO C 614 -21.41 -74.29 -60.75
C PRO C 614 -21.38 -75.80 -60.77
N VAL C 615 -21.32 -76.46 -59.62
CA VAL C 615 -21.27 -77.91 -59.60
C VAL C 615 -22.55 -78.50 -60.19
N MET C 616 -23.70 -77.98 -59.78
CA MET C 616 -24.98 -78.50 -60.29
C MET C 616 -25.10 -78.23 -61.79
N MET C 617 -24.76 -77.01 -62.21
CA MET C 617 -24.89 -76.67 -63.62
C MET C 617 -23.93 -77.50 -64.48
N THR C 618 -22.72 -77.73 -63.97
CA THR C 618 -21.75 -78.54 -64.71
C THR C 618 -22.21 -79.99 -64.79
N ARG C 619 -22.81 -80.52 -63.72
CA ARG C 619 -23.35 -81.86 -63.76
C ARG C 619 -24.44 -81.97 -64.83
N ALA C 620 -25.35 -80.99 -64.87
CA ALA C 620 -26.40 -81.00 -65.88
C ALA C 620 -25.82 -80.91 -67.29
N ILE C 621 -24.84 -80.03 -67.49
CA ILE C 621 -24.23 -79.88 -68.80
C ILE C 621 -23.49 -81.16 -69.19
N ASP C 622 -22.85 -81.82 -68.21
CA ASP C 622 -22.19 -83.09 -68.49
C ASP C 622 -23.19 -84.13 -68.97
N ASP C 623 -24.34 -84.21 -68.30
CA ASP C 623 -25.36 -85.17 -68.70
C ASP C 623 -25.85 -84.85 -70.12
N ILE C 624 -26.08 -83.56 -70.39
CA ILE C 624 -26.57 -83.18 -71.72
C ILE C 624 -25.55 -83.54 -72.78
N VAL C 625 -24.28 -83.21 -72.54
CA VAL C 625 -23.23 -83.49 -73.52
C VAL C 625 -23.11 -84.99 -73.76
N SER C 626 -23.12 -85.78 -72.68
CA SER C 626 -23.04 -87.22 -72.80
C SER C 626 -24.23 -87.81 -73.55
N ARG C 627 -25.40 -87.19 -73.46
CA ARG C 627 -26.61 -87.73 -74.09
C ARG C 627 -26.84 -87.25 -75.52
N ILE C 628 -26.33 -86.08 -75.90
CA ILE C 628 -26.56 -85.56 -77.24
C ILE C 628 -25.58 -86.22 -78.22
N LYS C 629 -25.84 -86.02 -79.50
CA LYS C 629 -24.99 -86.55 -80.55
C LYS C 629 -23.71 -85.70 -80.66
N PRO C 630 -22.61 -86.27 -81.15
CA PRO C 630 -21.40 -85.47 -81.33
C PRO C 630 -21.63 -84.35 -82.33
N GLY C 631 -21.04 -83.18 -82.04
CA GLY C 631 -21.18 -82.02 -82.91
C GLY C 631 -22.47 -81.26 -82.75
N TYR C 632 -23.21 -81.47 -81.66
CA TYR C 632 -24.43 -80.73 -81.39
C TYR C 632 -24.17 -79.77 -80.24
N GLY C 633 -24.20 -78.48 -80.55
CA GLY C 633 -23.94 -77.49 -79.53
C GLY C 633 -25.08 -77.34 -78.55
N LEU C 634 -24.80 -76.60 -77.48
CA LEU C 634 -25.76 -76.33 -76.43
C LEU C 634 -25.83 -74.83 -76.20
N GLY C 635 -27.04 -74.30 -76.09
CA GLY C 635 -27.26 -72.92 -75.69
C GLY C 635 -27.58 -72.87 -74.20
N ILE C 636 -27.23 -71.75 -73.58
CA ILE C 636 -27.48 -71.54 -72.16
C ILE C 636 -28.23 -70.22 -72.00
N ASN C 637 -29.25 -70.21 -71.16
CA ASN C 637 -30.07 -69.05 -70.90
C ASN C 637 -29.83 -68.58 -69.46
N LEU C 638 -29.48 -67.31 -69.31
CA LEU C 638 -29.26 -66.69 -68.01
C LEU C 638 -30.14 -65.46 -67.91
N ILE C 639 -30.42 -65.05 -66.68
CA ILE C 639 -31.29 -63.92 -66.39
C ILE C 639 -30.42 -62.76 -65.95
N TYR C 640 -30.58 -61.61 -66.61
CA TYR C 640 -29.77 -60.45 -66.27
C TYR C 640 -30.15 -59.87 -64.92
N VAL C 641 -31.43 -59.92 -64.55
CA VAL C 641 -31.87 -59.35 -63.27
C VAL C 641 -31.32 -60.11 -62.08
N ASN C 642 -30.78 -61.31 -62.29
CA ASN C 642 -30.28 -62.17 -61.22
C ASN C 642 -28.76 -62.11 -61.22
N PRO C 643 -28.12 -61.39 -60.27
CA PRO C 643 -26.66 -61.24 -60.37
C PRO C 643 -25.91 -62.48 -59.94
N PHE C 644 -26.44 -63.24 -58.98
CA PHE C 644 -25.76 -64.43 -58.49
C PHE C 644 -25.57 -65.46 -59.59
N MET C 645 -26.65 -65.72 -60.34
CA MET C 645 -26.58 -66.73 -61.40
C MET C 645 -25.53 -66.36 -62.43
N LEU C 646 -25.54 -65.11 -62.88
CA LEU C 646 -24.52 -64.69 -63.84
C LEU C 646 -23.13 -64.78 -63.23
N GLN C 647 -23.00 -64.40 -61.95
CA GLN C 647 -21.69 -64.40 -61.29
C GLN C 647 -21.07 -65.78 -61.30
N TRP C 648 -21.84 -66.82 -60.98
CA TRP C 648 -21.28 -68.16 -60.98
C TRP C 648 -21.40 -68.87 -62.32
N GLY C 649 -22.15 -68.32 -63.28
CA GLY C 649 -22.37 -69.03 -64.53
C GLY C 649 -21.44 -68.58 -65.64
N ILE C 650 -21.20 -67.28 -65.75
CA ILE C 650 -20.27 -66.77 -66.75
C ILE C 650 -18.88 -67.37 -66.59
N PRO C 651 -18.29 -67.39 -65.38
CA PRO C 651 -17.03 -68.15 -65.23
C PRO C 651 -17.18 -69.61 -65.58
N LEU C 652 -18.32 -70.22 -65.26
CA LEU C 652 -18.52 -71.62 -65.62
C LEU C 652 -18.53 -71.80 -67.13
N ILE C 653 -19.22 -70.92 -67.84
CA ILE C 653 -19.26 -71.03 -69.30
C ILE C 653 -17.86 -70.84 -69.88
N LYS C 654 -17.12 -69.87 -69.35
CA LYS C 654 -15.76 -69.63 -69.84
C LYS C 654 -14.87 -70.85 -69.60
N ASP C 655 -14.96 -71.43 -68.39
CA ASP C 655 -14.15 -72.61 -68.08
C ASP C 655 -14.53 -73.79 -68.95
N LEU C 656 -15.83 -74.01 -69.13
CA LEU C 656 -16.27 -75.12 -69.97
C LEU C 656 -15.83 -74.93 -71.42
N ARG C 657 -15.86 -73.69 -71.91
CA ARG C 657 -15.45 -73.44 -73.28
C ARG C 657 -13.95 -73.64 -73.45
N GLU C 658 -13.14 -73.12 -72.53
CA GLU C 658 -11.70 -73.34 -72.65
C GLU C 658 -11.32 -74.80 -72.39
N LYS C 659 -12.20 -75.55 -71.72
CA LYS C 659 -12.05 -77.00 -71.62
C LYS C 659 -12.57 -77.73 -72.85
N GLY C 660 -13.32 -77.06 -73.71
CA GLY C 660 -13.74 -77.61 -74.97
C GLY C 660 -15.17 -78.11 -75.03
N TYR C 661 -16.02 -77.72 -74.08
CA TYR C 661 -17.39 -78.20 -74.09
C TYR C 661 -18.15 -77.60 -75.27
N PRO C 662 -19.26 -78.26 -75.69
CA PRO C 662 -20.06 -77.73 -76.80
C PRO C 662 -21.12 -76.72 -76.37
N ILE C 663 -20.69 -75.73 -75.58
CA ILE C 663 -21.55 -74.58 -75.25
C ILE C 663 -21.54 -73.68 -76.49
N GLN C 664 -22.57 -73.83 -77.33
CA GLN C 664 -22.58 -73.13 -78.60
C GLN C 664 -22.92 -71.65 -78.41
N SER C 665 -23.73 -71.33 -77.41
CA SER C 665 -24.20 -69.96 -77.26
C SER C 665 -24.67 -69.70 -75.84
N LEU C 666 -24.83 -68.42 -75.52
CA LEU C 666 -25.36 -67.94 -74.25
C LEU C 666 -26.44 -66.92 -74.55
N THR C 667 -27.57 -67.04 -73.87
CA THR C 667 -28.70 -66.12 -74.03
C THR C 667 -28.92 -65.34 -72.74
N ILE C 668 -29.10 -64.03 -72.88
CA ILE C 668 -29.38 -63.13 -71.77
C ILE C 668 -30.83 -62.69 -71.87
N GLY C 669 -31.62 -63.08 -70.87
CA GLY C 669 -33.03 -62.72 -70.80
C GLY C 669 -33.31 -61.73 -69.69
N ALA C 670 -34.49 -61.13 -69.71
CA ALA C 670 -34.91 -60.15 -68.71
C ALA C 670 -33.93 -58.99 -68.61
N GLY C 671 -33.43 -58.54 -69.75
CA GLY C 671 -32.51 -57.42 -69.79
C GLY C 671 -31.45 -57.63 -70.86
N VAL C 672 -30.79 -56.54 -71.21
CA VAL C 672 -29.71 -56.53 -72.19
C VAL C 672 -28.46 -55.97 -71.51
N PRO C 673 -27.31 -56.66 -71.55
CA PRO C 673 -26.11 -56.08 -70.95
C PRO C 673 -25.65 -54.83 -71.69
N SER C 674 -24.83 -54.04 -71.00
CA SER C 674 -24.27 -52.85 -71.61
C SER C 674 -23.22 -53.24 -72.64
N ILE C 675 -22.72 -52.25 -73.37
CA ILE C 675 -21.75 -52.51 -74.44
C ILE C 675 -20.49 -53.12 -73.86
N GLU C 676 -20.03 -52.60 -72.71
CA GLU C 676 -18.75 -53.02 -72.15
C GLU C 676 -18.82 -54.45 -71.62
N VAL C 677 -19.93 -54.83 -71.00
CA VAL C 677 -20.10 -56.22 -70.57
C VAL C 677 -20.30 -57.13 -71.77
N ALA C 678 -21.04 -56.65 -72.79
CA ALA C 678 -21.31 -57.46 -73.95
C ALA C 678 -20.02 -57.81 -74.69
N THR C 679 -19.14 -56.82 -74.88
CA THR C 679 -17.89 -57.12 -75.58
C THR C 679 -17.07 -58.14 -74.83
N GLU C 680 -17.08 -58.08 -73.50
CA GLU C 680 -16.40 -59.10 -72.70
C GLU C 680 -17.02 -60.48 -72.95
N TYR C 681 -18.34 -60.55 -72.99
CA TYR C 681 -18.99 -61.84 -73.28
C TYR C 681 -18.59 -62.35 -74.66
N ILE C 682 -18.54 -61.47 -75.66
CA ILE C 682 -18.22 -61.91 -77.02
C ILE C 682 -16.78 -62.40 -77.09
N GLU C 683 -15.85 -61.63 -76.54
CA GLU C 683 -14.43 -61.88 -76.76
C GLU C 683 -13.86 -62.96 -75.85
N ASP C 684 -14.31 -63.04 -74.60
CA ASP C 684 -13.67 -63.93 -73.64
C ASP C 684 -14.26 -65.34 -73.68
N LEU C 685 -15.58 -65.46 -73.82
CA LEU C 685 -16.23 -66.76 -73.70
C LEU C 685 -16.01 -67.66 -74.91
N GLY C 686 -15.63 -67.09 -76.05
CA GLY C 686 -15.40 -67.90 -77.24
C GLY C 686 -16.65 -68.61 -77.74
N LEU C 687 -17.75 -67.87 -77.84
CA LEU C 687 -19.03 -68.42 -78.26
C LEU C 687 -19.24 -68.24 -79.77
N THR C 688 -20.16 -69.03 -80.32
CA THR C 688 -20.55 -68.85 -81.71
C THR C 688 -21.45 -67.64 -81.88
N HIS C 689 -22.42 -67.46 -80.98
CA HIS C 689 -23.33 -66.32 -81.07
C HIS C 689 -23.90 -66.03 -79.69
N LEU C 690 -24.19 -64.76 -79.46
CA LEU C 690 -24.77 -64.27 -78.21
C LEU C 690 -26.23 -63.93 -78.45
N GLY C 691 -27.12 -64.58 -77.69
CA GLY C 691 -28.54 -64.28 -77.73
C GLY C 691 -28.89 -63.23 -76.68
N LEU C 692 -29.78 -62.32 -77.07
CA LEU C 692 -30.25 -61.26 -76.20
C LEU C 692 -31.76 -61.18 -76.36
N LYS C 693 -32.45 -60.81 -75.28
CA LYS C 693 -33.91 -60.68 -75.29
C LYS C 693 -34.30 -59.26 -74.89
N PRO C 694 -34.37 -58.34 -75.85
CA PRO C 694 -34.92 -57.01 -75.55
C PRO C 694 -36.39 -57.08 -75.18
N GLY C 695 -36.81 -56.16 -74.32
CA GLY C 695 -38.21 -56.02 -73.95
C GLY C 695 -38.82 -54.71 -74.43
N SER C 696 -37.99 -53.80 -74.93
CA SER C 696 -38.48 -52.49 -75.38
C SER C 696 -37.49 -51.91 -76.36
N VAL C 697 -37.88 -50.78 -76.96
CA VAL C 697 -37.06 -50.15 -78.00
C VAL C 697 -35.71 -49.71 -77.44
N ASP C 698 -35.66 -49.35 -76.15
CA ASP C 698 -34.37 -49.00 -75.56
C ASP C 698 -33.43 -50.20 -75.53
N ALA C 699 -33.96 -51.37 -75.14
CA ALA C 699 -33.14 -52.58 -75.19
C ALA C 699 -32.77 -52.95 -76.61
N ILE C 700 -33.67 -52.70 -77.56
CA ILE C 700 -33.35 -52.93 -78.98
C ILE C 700 -32.18 -52.04 -79.39
N SER C 701 -32.20 -50.78 -78.97
CA SER C 701 -31.09 -49.87 -79.23
C SER C 701 -29.80 -50.39 -78.62
N GLN C 702 -29.90 -50.95 -77.42
CA GLN C 702 -28.71 -51.51 -76.77
C GLN C 702 -28.13 -52.67 -77.58
N VAL C 703 -29.00 -53.57 -78.06
CA VAL C 703 -28.52 -54.70 -78.85
C VAL C 703 -27.91 -54.21 -80.16
N ILE C 704 -28.52 -53.20 -80.78
CA ILE C 704 -27.96 -52.65 -82.00
C ILE C 704 -26.61 -52.00 -81.73
N ALA C 705 -26.46 -51.39 -80.55
CA ALA C 705 -25.15 -50.85 -80.16
C ALA C 705 -24.11 -51.95 -80.08
N ILE C 706 -24.47 -53.08 -79.45
CA ILE C 706 -23.54 -54.21 -79.37
C ILE C 706 -23.20 -54.70 -80.77
N ALA C 707 -24.20 -54.82 -81.63
CA ALA C 707 -23.98 -55.31 -82.98
C ALA C 707 -23.04 -54.39 -83.77
N LYS C 708 -23.25 -53.08 -83.67
CA LYS C 708 -22.36 -52.13 -84.33
C LYS C 708 -20.95 -52.23 -83.76
N ALA C 709 -20.84 -52.44 -82.45
CA ALA C 709 -19.52 -52.60 -81.84
C ALA C 709 -18.83 -53.86 -82.32
N HIS C 710 -19.58 -54.89 -82.67
CA HIS C 710 -19.03 -56.15 -83.16
C HIS C 710 -19.71 -56.52 -84.48
N PRO C 711 -19.32 -55.87 -85.58
CA PRO C 711 -20.00 -56.14 -86.87
C PRO C 711 -19.79 -57.56 -87.38
N THR C 712 -18.75 -58.25 -86.94
CA THR C 712 -18.44 -59.57 -87.48
C THR C 712 -18.99 -60.72 -86.64
N PHE C 713 -19.41 -60.45 -85.41
CA PHE C 713 -19.88 -61.52 -84.52
C PHE C 713 -21.40 -61.62 -84.57
N PRO C 714 -21.98 -62.78 -84.86
CA PRO C 714 -23.45 -62.87 -84.86
C PRO C 714 -24.04 -62.54 -83.50
N ILE C 715 -25.17 -61.82 -83.52
CA ILE C 715 -25.91 -61.46 -82.31
C ILE C 715 -27.37 -61.80 -82.57
N VAL C 716 -27.88 -62.78 -81.85
CA VAL C 716 -29.28 -63.17 -82.01
C VAL C 716 -30.13 -62.24 -81.15
N LEU C 717 -31.04 -61.52 -81.79
CA LEU C 717 -32.00 -60.65 -81.11
C LEU C 717 -33.32 -61.43 -81.08
N GLN C 718 -33.66 -61.96 -79.91
CA GLN C 718 -34.84 -62.81 -79.76
C GLN C 718 -36.00 -61.92 -79.31
N TRP C 719 -36.62 -61.25 -80.27
CA TRP C 719 -37.73 -60.36 -79.95
C TRP C 719 -38.92 -61.17 -79.46
N THR C 720 -39.46 -60.79 -78.31
CA THR C 720 -40.63 -61.41 -77.72
C THR C 720 -41.55 -60.30 -77.25
N GLY C 721 -42.79 -60.31 -77.72
CA GLY C 721 -43.77 -59.35 -77.28
C GLY C 721 -44.24 -59.63 -75.87
N GLY C 722 -45.06 -58.73 -75.36
CA GLY C 722 -45.64 -58.92 -74.04
C GLY C 722 -46.59 -60.10 -73.96
N ARG C 723 -47.01 -60.64 -75.10
CA ARG C 723 -47.95 -61.76 -75.14
C ARG C 723 -47.30 -63.09 -74.84
N GLY C 724 -45.98 -63.15 -74.70
CA GLY C 724 -45.32 -64.41 -74.42
C GLY C 724 -45.57 -64.89 -73.00
N GLY C 725 -45.37 -66.20 -72.82
CA GLY C 725 -45.58 -66.79 -71.51
C GLY C 725 -44.50 -66.42 -70.52
N GLY C 726 -44.76 -66.71 -69.26
CA GLY C 726 -43.82 -66.37 -68.20
C GLY C 726 -43.66 -64.87 -68.09
N HIS C 727 -42.45 -64.46 -67.69
CA HIS C 727 -42.12 -63.04 -67.66
C HIS C 727 -42.31 -62.44 -69.05
N HIS C 728 -42.93 -61.26 -69.10
CA HIS C 728 -43.21 -60.63 -70.38
C HIS C 728 -43.17 -59.12 -70.20
N SER C 729 -42.92 -58.43 -71.32
CA SER C 729 -42.90 -56.98 -71.33
C SER C 729 -44.31 -56.44 -71.50
N PHE C 730 -44.43 -55.10 -71.53
CA PHE C 730 -45.70 -54.43 -71.75
C PHE C 730 -45.91 -54.03 -73.21
N GLU C 731 -44.96 -54.35 -74.09
CA GLU C 731 -44.99 -53.87 -75.46
C GLU C 731 -45.71 -54.85 -76.37
N ASP C 732 -46.38 -54.30 -77.38
CA ASP C 732 -46.97 -55.13 -78.42
C ASP C 732 -45.88 -55.84 -79.20
N PHE C 733 -46.23 -57.03 -79.71
CA PHE C 733 -45.25 -57.83 -80.44
C PHE C 733 -44.78 -57.14 -81.73
N HIS C 734 -45.62 -56.29 -82.32
CA HIS C 734 -45.37 -55.76 -83.65
C HIS C 734 -44.85 -54.33 -83.67
N GLN C 735 -45.39 -53.45 -82.82
CA GLN C 735 -45.12 -52.02 -82.97
C GLN C 735 -43.64 -51.67 -82.81
N PRO C 736 -42.91 -52.15 -81.79
CA PRO C 736 -41.47 -51.85 -81.76
C PRO C 736 -40.72 -52.41 -82.94
N ILE C 737 -41.15 -53.56 -83.45
CA ILE C 737 -40.47 -54.19 -84.59
C ILE C 737 -40.58 -53.30 -85.82
N ILE C 738 -41.74 -52.67 -86.02
CA ILE C 738 -41.94 -51.87 -87.23
C ILE C 738 -40.93 -50.72 -87.27
N GLN C 739 -40.73 -50.05 -86.14
CA GLN C 739 -39.81 -48.92 -86.13
C GLN C 739 -38.36 -49.36 -86.13
N MET C 740 -38.03 -50.43 -85.40
CA MET C 740 -36.62 -50.78 -85.20
C MET C 740 -36.11 -51.86 -86.14
N TYR C 741 -36.93 -52.40 -87.02
CA TYR C 741 -36.47 -53.49 -87.89
C TYR C 741 -35.50 -52.97 -88.94
N SER C 742 -35.75 -51.77 -89.46
CA SER C 742 -34.79 -51.16 -90.39
C SER C 742 -33.47 -50.87 -89.70
N LYS C 743 -33.51 -50.36 -88.47
CA LYS C 743 -32.28 -50.10 -87.74
C LYS C 743 -31.57 -51.40 -87.41
N ILE C 744 -32.33 -52.45 -87.08
CA ILE C 744 -31.73 -53.76 -86.84
C ILE C 744 -31.09 -54.29 -88.12
N ARG C 745 -31.82 -54.23 -89.22
CA ARG C 745 -31.29 -54.74 -90.48
C ARG C 745 -30.12 -53.92 -91.00
N ARG C 746 -29.95 -52.69 -90.51
CA ARG C 746 -28.76 -51.93 -90.85
C ARG C 746 -27.49 -52.63 -90.41
N CYS C 747 -27.57 -53.52 -89.42
CA CYS C 747 -26.46 -54.36 -88.99
C CYS C 747 -26.66 -55.75 -89.57
N SER C 748 -25.68 -56.24 -90.32
CA SER C 748 -25.79 -57.52 -91.01
C SER C 748 -25.43 -58.70 -90.11
N ASN C 749 -25.06 -58.46 -88.86
CA ASN C 749 -24.73 -59.54 -87.92
C ASN C 749 -25.86 -59.83 -86.95
N ILE C 750 -26.92 -59.02 -86.93
CA ILE C 750 -28.06 -59.32 -86.06
C ILE C 750 -28.95 -60.35 -86.74
N VAL C 751 -29.29 -61.38 -86.00
CA VAL C 751 -30.22 -62.42 -86.44
C VAL C 751 -31.51 -62.24 -85.64
N LEU C 752 -32.56 -61.79 -86.31
CA LEU C 752 -33.80 -61.42 -85.65
C LEU C 752 -34.69 -62.66 -85.57
N VAL C 753 -35.07 -63.03 -84.34
CA VAL C 753 -35.87 -64.21 -84.07
C VAL C 753 -37.18 -63.74 -83.45
N ALA C 754 -38.28 -64.33 -83.91
CA ALA C 754 -39.61 -63.99 -83.43
C ALA C 754 -40.05 -64.94 -82.33
N GLY C 755 -40.74 -64.40 -81.33
CA GLY C 755 -41.32 -65.24 -80.30
C GLY C 755 -42.66 -64.74 -79.81
N SER C 756 -43.05 -65.18 -78.60
CA SER C 756 -44.23 -64.69 -77.91
C SER C 756 -45.50 -64.95 -78.73
N GLY C 757 -45.84 -66.24 -78.81
CA GLY C 757 -47.15 -66.65 -79.27
C GLY C 757 -47.16 -67.54 -80.49
N PHE C 758 -46.11 -68.33 -80.66
CA PHE C 758 -45.92 -69.17 -81.83
C PHE C 758 -46.00 -70.63 -81.44
N GLY C 759 -46.84 -71.39 -82.14
CA GLY C 759 -46.97 -72.81 -81.90
C GLY C 759 -47.27 -73.65 -83.13
N SER C 760 -47.28 -73.06 -84.32
CA SER C 760 -47.66 -73.82 -85.50
C SER C 760 -47.16 -73.13 -86.77
N ASP C 761 -47.06 -73.94 -87.83
CA ASP C 761 -46.49 -73.47 -89.09
C ASP C 761 -47.33 -72.37 -89.71
N GLU C 762 -48.65 -72.52 -89.72
CA GLU C 762 -49.49 -71.55 -90.42
C GLU C 762 -49.41 -70.18 -89.76
N ASP C 763 -49.34 -70.14 -88.42
CA ASP C 763 -49.25 -68.86 -87.72
C ASP C 763 -47.82 -68.33 -87.66
N THR C 764 -46.81 -69.17 -87.88
CA THR C 764 -45.43 -68.70 -87.86
C THR C 764 -44.93 -68.24 -89.22
N TYR C 765 -45.42 -68.83 -90.31
CA TYR C 765 -44.92 -68.48 -91.64
C TYR C 765 -45.07 -67.01 -91.99
N PRO C 766 -46.16 -66.32 -91.66
CA PRO C 766 -46.24 -64.88 -92.02
C PRO C 766 -45.09 -64.06 -91.46
N TYR C 767 -44.54 -64.46 -90.31
CA TYR C 767 -43.41 -63.73 -89.75
C TYR C 767 -42.10 -64.15 -90.38
N LEU C 768 -41.99 -65.43 -90.75
CA LEU C 768 -40.78 -65.89 -91.42
C LEU C 768 -40.64 -65.26 -92.80
N SER C 769 -41.71 -65.30 -93.60
CA SER C 769 -41.68 -64.73 -94.94
C SER C 769 -41.76 -63.21 -94.92
N GLY C 770 -42.41 -62.63 -93.91
CA GLY C 770 -42.54 -61.19 -93.79
C GLY C 770 -43.86 -60.63 -94.24
N TYR C 771 -44.80 -61.47 -94.71
CA TYR C 771 -46.10 -60.97 -95.15
C TYR C 771 -46.97 -60.52 -94.00
N TRP C 772 -46.52 -60.65 -92.75
CA TRP C 772 -47.29 -60.12 -91.62
C TRP C 772 -47.43 -58.61 -91.72
N SER C 773 -46.46 -57.94 -92.35
CA SER C 773 -46.42 -56.48 -92.34
C SER C 773 -47.38 -55.86 -93.34
N GLU C 774 -47.83 -56.59 -94.36
CA GLU C 774 -48.74 -55.98 -95.34
C GLU C 774 -50.07 -55.63 -94.71
N LYS C 775 -50.49 -56.36 -93.67
CA LYS C 775 -51.70 -55.99 -92.95
C LYS C 775 -51.57 -54.64 -92.24
N PHE C 776 -50.34 -54.18 -91.99
CA PHE C 776 -50.10 -52.89 -91.39
C PHE C 776 -49.74 -51.83 -92.43
N ASN C 777 -49.92 -52.13 -93.72
CA ASN C 777 -49.53 -51.21 -94.79
C ASN C 777 -48.04 -50.88 -94.71
N TYR C 778 -47.22 -51.93 -94.66
CA TYR C 778 -45.77 -51.84 -94.62
C TYR C 778 -45.18 -52.87 -95.58
N PRO C 779 -43.94 -52.68 -96.02
CA PRO C 779 -43.33 -53.65 -96.91
C PRO C 779 -43.05 -54.95 -96.16
N PRO C 780 -42.79 -56.05 -96.87
CA PRO C 780 -42.56 -57.32 -96.17
C PRO C 780 -41.35 -57.23 -95.24
N MET C 781 -41.48 -57.87 -94.08
CA MET C 781 -40.49 -57.78 -93.01
C MET C 781 -40.19 -59.20 -92.54
N PRO C 782 -39.47 -60.00 -93.33
CA PRO C 782 -39.19 -61.37 -92.93
C PRO C 782 -38.35 -61.44 -91.65
N PHE C 783 -38.63 -62.47 -90.86
CA PHE C 783 -37.86 -62.77 -89.66
C PHE C 783 -36.86 -63.88 -89.96
N ASP C 784 -35.73 -63.85 -89.27
CA ASP C 784 -34.70 -64.86 -89.48
C ASP C 784 -34.99 -66.17 -88.75
N GLY C 785 -35.89 -66.17 -87.79
CA GLY C 785 -36.21 -67.39 -87.07
C GLY C 785 -37.38 -67.18 -86.15
N VAL C 786 -37.83 -68.29 -85.56
CA VAL C 786 -38.93 -68.30 -84.61
C VAL C 786 -38.52 -69.13 -83.40
N LEU C 787 -38.74 -68.59 -82.21
CA LEU C 787 -38.50 -69.30 -80.95
C LEU C 787 -39.83 -69.74 -80.36
N PHE C 788 -39.84 -70.94 -79.80
CA PHE C 788 -41.05 -71.53 -79.23
C PHE C 788 -40.87 -71.73 -77.74
N GLY C 789 -41.83 -71.22 -76.96
CA GLY C 789 -41.83 -71.32 -75.53
C GLY C 789 -42.92 -72.24 -75.03
N SER C 790 -44.06 -71.63 -74.67
CA SER C 790 -45.20 -72.37 -74.12
C SER C 790 -45.65 -73.54 -74.98
N ARG C 791 -45.31 -73.58 -76.26
CA ARG C 791 -45.78 -74.65 -77.13
C ARG C 791 -45.26 -76.01 -76.68
N VAL C 792 -44.02 -76.06 -76.19
CA VAL C 792 -43.33 -77.33 -75.99
C VAL C 792 -43.39 -77.80 -74.53
N MET C 793 -44.17 -77.14 -73.68
CA MET C 793 -44.25 -77.62 -72.30
C MET C 793 -45.10 -78.88 -72.18
N THR C 794 -46.03 -79.10 -73.12
CA THR C 794 -46.82 -80.32 -73.14
C THR C 794 -46.10 -81.47 -73.81
N SER C 795 -44.81 -81.32 -74.11
CA SER C 795 -44.08 -82.37 -74.81
C SER C 795 -43.83 -83.55 -73.87
N LYS C 796 -43.58 -84.72 -74.49
CA LYS C 796 -43.35 -85.93 -73.70
C LYS C 796 -42.12 -85.78 -72.80
N GLU C 797 -41.05 -85.21 -73.32
CA GLU C 797 -39.81 -85.14 -72.57
C GLU C 797 -39.83 -84.06 -71.50
N SER C 798 -40.75 -83.12 -71.58
CA SER C 798 -40.86 -82.10 -70.54
C SER C 798 -41.27 -82.75 -69.22
N HIS C 799 -40.68 -82.26 -68.14
CA HIS C 799 -40.93 -82.79 -66.81
C HIS C 799 -42.17 -82.20 -66.15
N THR C 800 -42.91 -81.35 -66.85
CA THR C 800 -44.15 -80.80 -66.31
C THR C 800 -45.12 -81.93 -65.98
N SER C 801 -45.83 -81.78 -64.86
CA SER C 801 -46.71 -82.83 -64.39
C SER C 801 -47.81 -83.11 -65.41
N LEU C 802 -48.32 -84.34 -65.39
CA LEU C 802 -49.37 -84.73 -66.33
C LEU C 802 -50.62 -83.87 -66.11
N ALA C 803 -50.97 -83.61 -64.86
CA ALA C 803 -52.12 -82.76 -64.58
C ALA C 803 -51.88 -81.35 -65.11
N ALA C 804 -50.66 -80.83 -64.96
CA ALA C 804 -50.34 -79.51 -65.49
C ALA C 804 -50.47 -79.49 -67.01
N LYS C 805 -50.01 -80.55 -67.68
CA LYS C 805 -50.15 -80.61 -69.14
C LYS C 805 -51.62 -80.66 -69.54
N LYS C 806 -52.43 -81.44 -68.83
CA LYS C 806 -53.84 -81.50 -69.15
C LYS C 806 -54.53 -80.15 -68.94
N LEU C 807 -54.15 -79.43 -67.88
CA LEU C 807 -54.70 -78.10 -67.65
C LEU C 807 -54.24 -77.13 -68.74
N ILE C 808 -53.00 -77.28 -69.21
CA ILE C 808 -52.50 -76.45 -70.30
C ILE C 808 -53.35 -76.69 -71.55
N VAL C 809 -53.62 -77.96 -71.86
CA VAL C 809 -54.44 -78.27 -73.02
C VAL C 809 -55.85 -77.75 -72.84
N GLU C 810 -56.38 -77.82 -71.61
CA GLU C 810 -57.70 -77.26 -71.33
C GLU C 810 -57.75 -75.76 -71.57
N CYS C 811 -56.67 -75.05 -71.26
CA CYS C 811 -56.59 -73.62 -71.53
C CYS C 811 -56.72 -73.38 -73.03
N LYS C 812 -57.73 -72.59 -73.42
CA LYS C 812 -58.01 -72.40 -74.84
C LYS C 812 -57.14 -71.33 -75.47
N GLY C 813 -56.74 -70.31 -74.70
CA GLY C 813 -55.97 -69.21 -75.24
C GLY C 813 -56.85 -68.21 -75.96
N VAL C 814 -56.20 -67.22 -76.56
CA VAL C 814 -56.90 -66.17 -77.31
C VAL C 814 -56.01 -65.69 -78.44
N PRO C 815 -56.61 -64.99 -79.43
CA PRO C 815 -55.77 -64.34 -80.45
C PRO C 815 -55.02 -63.14 -79.89
N ASP C 816 -54.22 -62.48 -80.73
CA ASP C 816 -53.39 -61.38 -80.26
C ASP C 816 -54.21 -60.13 -79.92
N GLN C 817 -55.42 -60.01 -80.48
CA GLN C 817 -56.18 -58.78 -80.28
C GLN C 817 -56.61 -58.58 -78.82
N GLN C 818 -56.65 -59.64 -78.01
CA GLN C 818 -57.12 -59.55 -76.63
C GLN C 818 -56.23 -60.35 -75.68
N TRP C 819 -54.92 -60.30 -75.89
CA TRP C 819 -54.01 -60.88 -74.90
C TRP C 819 -53.75 -59.93 -73.73
N GLU C 820 -53.97 -58.63 -73.93
CA GLU C 820 -53.63 -57.65 -72.90
C GLU C 820 -54.67 -57.57 -71.80
N GLN C 821 -55.86 -58.13 -72.00
CA GLN C 821 -56.86 -58.19 -70.95
C GLN C 821 -56.60 -59.29 -69.93
N THR C 822 -55.43 -59.93 -69.99
CA THR C 822 -54.98 -60.78 -68.89
C THR C 822 -54.76 -59.96 -67.62
N TYR C 823 -54.34 -58.70 -67.77
CA TYR C 823 -54.00 -57.87 -66.62
C TYR C 823 -55.17 -57.70 -65.66
N LYS C 824 -56.40 -57.79 -66.14
CA LYS C 824 -57.59 -57.51 -65.35
C LYS C 824 -58.35 -58.78 -64.95
N LYS C 825 -58.49 -59.73 -65.87
CA LYS C 825 -59.26 -60.94 -65.64
C LYS C 825 -58.61 -62.09 -66.40
N PRO C 826 -59.00 -63.33 -66.11
CA PRO C 826 -58.41 -64.46 -66.84
C PRO C 826 -58.78 -64.40 -68.32
N THR C 827 -57.91 -65.00 -69.14
CA THR C 827 -58.01 -64.92 -70.60
C THR C 827 -57.66 -66.27 -71.18
N GLY C 828 -58.66 -67.07 -71.48
CA GLY C 828 -58.41 -68.44 -71.92
C GLY C 828 -57.70 -69.26 -70.88
N GLY C 829 -57.99 -69.03 -69.60
CA GLY C 829 -57.35 -69.74 -68.51
C GLY C 829 -56.00 -69.20 -68.11
N ILE C 830 -55.61 -68.01 -68.56
CA ILE C 830 -54.31 -67.43 -68.28
C ILE C 830 -54.50 -65.99 -67.79
N ILE C 831 -53.79 -65.63 -66.74
CA ILE C 831 -53.89 -64.32 -66.09
C ILE C 831 -52.48 -63.80 -65.85
N THR C 832 -52.36 -62.48 -65.73
CA THR C 832 -51.09 -61.86 -65.36
C THR C 832 -51.06 -61.61 -63.85
N VAL C 833 -49.93 -61.95 -63.23
CA VAL C 833 -49.70 -61.69 -61.82
C VAL C 833 -48.39 -60.91 -61.71
N ARG C 834 -48.13 -60.39 -60.51
CA ARG C 834 -46.95 -59.60 -60.24
C ARG C 834 -45.96 -60.42 -59.43
N SER C 835 -44.69 -60.39 -59.85
CA SER C 835 -43.65 -61.17 -59.20
C SER C 835 -43.18 -60.48 -57.93
N GLU C 836 -42.15 -61.04 -57.30
CA GLU C 836 -41.50 -60.37 -56.18
C GLU C 836 -40.74 -59.13 -56.63
N MET C 837 -40.20 -59.13 -57.85
CA MET C 837 -39.42 -58.01 -58.35
C MET C 837 -40.26 -56.91 -58.98
N GLY C 838 -41.58 -57.09 -59.05
CA GLY C 838 -42.45 -56.11 -59.65
C GLY C 838 -42.73 -56.29 -61.12
N GLU C 839 -42.19 -57.35 -61.75
CA GLU C 839 -42.45 -57.58 -63.16
C GLU C 839 -43.68 -58.46 -63.35
N PRO C 840 -44.34 -58.38 -64.51
CA PRO C 840 -45.52 -59.22 -64.74
C PRO C 840 -45.16 -60.60 -65.26
N ILE C 841 -45.94 -61.59 -64.85
CA ILE C 841 -45.77 -62.99 -65.24
C ILE C 841 -47.11 -63.53 -65.70
N HIS C 842 -47.12 -64.17 -66.86
CA HIS C 842 -48.30 -64.85 -67.36
C HIS C 842 -48.35 -66.25 -66.75
N LYS C 843 -49.46 -66.58 -66.07
CA LYS C 843 -49.60 -67.87 -65.42
C LYS C 843 -51.02 -68.37 -65.61
N ILE C 844 -51.18 -69.69 -65.63
CA ILE C 844 -52.51 -70.28 -65.78
C ILE C 844 -53.37 -69.86 -64.61
N ALA C 845 -54.65 -69.59 -64.88
CA ALA C 845 -55.58 -69.09 -63.87
C ALA C 845 -56.04 -70.22 -62.96
N THR C 846 -55.08 -70.78 -62.23
CA THR C 846 -55.37 -71.76 -61.19
C THR C 846 -55.79 -71.02 -59.92
N ARG C 847 -56.26 -71.79 -58.93
CA ARG C 847 -56.73 -71.17 -57.70
C ARG C 847 -55.58 -70.47 -56.96
N GLY C 848 -54.40 -71.08 -56.94
CA GLY C 848 -53.25 -70.43 -56.34
C GLY C 848 -52.88 -69.13 -57.05
N VAL C 849 -52.95 -69.14 -58.38
CA VAL C 849 -52.65 -67.93 -59.13
C VAL C 849 -53.71 -66.86 -58.91
N MET C 850 -54.98 -67.27 -58.78
CA MET C 850 -56.03 -66.34 -58.38
C MET C 850 -55.69 -65.66 -57.07
N PHE C 851 -55.35 -66.46 -56.04
CA PHE C 851 -55.04 -65.86 -54.76
C PHE C 851 -53.81 -64.98 -54.84
N TRP C 852 -52.83 -65.37 -55.66
CA TRP C 852 -51.70 -64.49 -55.93
C TRP C 852 -52.19 -63.14 -56.46
N LYS C 853 -53.14 -63.17 -57.40
CA LYS C 853 -53.64 -61.92 -57.96
C LYS C 853 -54.35 -61.07 -56.90
N GLU C 854 -55.16 -61.71 -56.05
CA GLU C 854 -55.85 -60.94 -55.01
C GLU C 854 -54.83 -60.31 -54.05
N LEU C 855 -53.78 -61.05 -53.71
CA LEU C 855 -52.79 -60.50 -52.78
C LEU C 855 -52.00 -59.36 -53.43
N ASP C 856 -51.73 -59.45 -54.73
CA ASP C 856 -51.11 -58.30 -55.39
C ASP C 856 -52.03 -57.10 -55.37
N ASP C 857 -53.33 -57.32 -55.61
CA ASP C 857 -54.28 -56.22 -55.71
C ASP C 857 -54.61 -55.59 -54.36
N THR C 858 -54.50 -56.34 -53.26
CA THR C 858 -55.00 -55.87 -51.96
C THR C 858 -53.97 -55.83 -50.85
N ILE C 859 -52.80 -56.45 -51.00
CA ILE C 859 -51.82 -56.55 -49.92
C ILE C 859 -50.48 -55.99 -50.37
N PHE C 860 -49.90 -56.60 -51.40
CA PHE C 860 -48.51 -56.27 -51.77
C PHE C 860 -48.40 -54.90 -52.42
N ASN C 861 -49.47 -54.38 -53.00
CA ASN C 861 -49.46 -53.03 -53.54
C ASN C 861 -49.46 -51.96 -52.46
N LEU C 862 -49.76 -52.32 -51.21
CA LEU C 862 -49.81 -51.36 -50.12
C LEU C 862 -48.39 -51.00 -49.67
N PRO C 863 -48.23 -49.84 -49.03
CA PRO C 863 -46.91 -49.49 -48.49
C PRO C 863 -46.54 -50.35 -47.30
N LYS C 864 -45.24 -50.37 -46.99
CA LYS C 864 -44.74 -51.21 -45.91
C LYS C 864 -45.35 -50.81 -44.57
N ASN C 865 -45.50 -49.50 -44.33
CA ASN C 865 -46.03 -49.04 -43.06
C ASN C 865 -47.48 -49.47 -42.84
N LYS C 866 -48.20 -49.84 -43.92
CA LYS C 866 -49.58 -50.28 -43.84
C LYS C 866 -49.72 -51.79 -43.99
N LEU C 867 -48.68 -52.45 -44.52
CA LEU C 867 -48.77 -53.88 -44.82
C LEU C 867 -49.05 -54.71 -43.58
N LEU C 868 -48.39 -54.40 -42.46
CA LEU C 868 -48.54 -55.22 -41.26
C LEU C 868 -49.98 -55.19 -40.77
N ASP C 869 -50.57 -53.98 -40.66
CA ASP C 869 -51.95 -53.88 -40.19
C ASP C 869 -52.92 -54.50 -41.20
N ALA C 870 -52.64 -54.35 -42.49
CA ALA C 870 -53.51 -54.99 -43.49
C ALA C 870 -53.49 -56.51 -43.35
N LEU C 871 -52.30 -57.07 -43.15
CA LEU C 871 -52.18 -58.52 -42.96
C LEU C 871 -52.88 -58.96 -41.69
N ASN C 872 -52.75 -58.18 -40.62
CA ASN C 872 -53.45 -58.51 -39.38
C ASN C 872 -54.95 -58.50 -39.59
N LYS C 873 -55.46 -57.52 -40.35
CA LYS C 873 -56.90 -57.46 -40.61
C LYS C 873 -57.37 -58.66 -41.41
N LYS C 874 -56.62 -59.04 -42.45
CA LYS C 874 -56.97 -60.16 -43.30
C LYS C 874 -56.25 -61.45 -42.88
N ARG C 875 -55.95 -61.59 -41.60
CA ARG C 875 -55.18 -62.72 -41.10
C ARG C 875 -55.90 -64.04 -41.38
N ASP C 876 -57.18 -64.14 -41.00
CA ASP C 876 -57.88 -65.42 -41.11
C ASP C 876 -58.08 -65.81 -42.57
N HIS C 877 -58.49 -64.87 -43.42
CA HIS C 877 -58.78 -65.18 -44.81
C HIS C 877 -57.52 -65.66 -45.53
N ILE C 878 -56.39 -65.00 -45.27
CA ILE C 878 -55.14 -65.38 -45.93
C ILE C 878 -54.76 -66.80 -45.56
N ILE C 879 -54.86 -67.14 -44.27
CA ILE C 879 -54.50 -68.48 -43.83
C ILE C 879 -55.44 -69.52 -44.43
N LYS C 880 -56.74 -69.22 -44.43
CA LYS C 880 -57.71 -70.18 -44.95
C LYS C 880 -57.45 -70.47 -46.43
N LYS C 881 -57.23 -69.41 -47.21
CA LYS C 881 -57.02 -69.62 -48.64
C LYS C 881 -55.62 -70.15 -48.93
N LEU C 882 -54.65 -69.92 -48.04
CA LEU C 882 -53.35 -70.56 -48.21
C LEU C 882 -53.46 -72.06 -48.01
N ASN C 883 -54.24 -72.49 -47.01
CA ASN C 883 -54.44 -73.92 -46.79
C ASN C 883 -55.29 -74.56 -47.89
N ASN C 884 -56.26 -73.84 -48.44
CA ASN C 884 -57.19 -74.42 -49.41
C ASN C 884 -56.71 -74.34 -50.85
N ASP C 885 -56.14 -73.21 -51.27
CA ASP C 885 -55.95 -72.91 -52.68
C ASP C 885 -54.50 -72.75 -53.13
N PHE C 886 -53.59 -72.37 -52.23
CA PHE C 886 -52.22 -72.07 -52.63
C PHE C 886 -51.29 -73.25 -52.36
N GLN C 887 -50.23 -73.32 -53.16
CA GLN C 887 -49.25 -74.40 -53.05
C GLN C 887 -48.50 -74.38 -51.74
N LYS C 888 -48.43 -73.23 -51.06
CA LYS C 888 -47.71 -73.09 -49.80
C LYS C 888 -48.71 -72.95 -48.66
N PRO C 889 -49.12 -74.04 -48.01
CA PRO C 889 -50.12 -73.92 -46.95
C PRO C 889 -49.56 -73.22 -45.72
N TRP C 890 -50.47 -72.84 -44.83
CA TRP C 890 -50.07 -72.32 -43.54
C TRP C 890 -49.42 -73.42 -42.73
N PHE C 891 -48.20 -73.16 -42.23
CA PHE C 891 -47.49 -74.19 -41.49
C PHE C 891 -48.18 -74.50 -40.17
N GLY C 892 -48.68 -73.47 -39.48
CA GLY C 892 -49.32 -73.65 -38.19
C GLY C 892 -50.48 -74.62 -38.23
N LYS C 893 -50.31 -75.79 -37.60
CA LYS C 893 -51.34 -76.82 -37.59
C LYS C 893 -51.17 -77.72 -36.38
N ASN C 894 -52.01 -77.54 -35.36
CA ASN C 894 -52.02 -78.38 -34.17
C ASN C 894 -53.23 -79.32 -34.20
N ALA C 895 -53.40 -80.09 -33.13
CA ALA C 895 -54.51 -81.04 -33.08
C ALA C 895 -55.86 -80.34 -33.14
N ASN C 896 -55.97 -79.18 -32.50
CA ASN C 896 -57.21 -78.42 -32.55
C ASN C 896 -57.54 -77.98 -33.97
N GLY C 897 -56.53 -77.54 -34.71
CA GLY C 897 -56.73 -77.12 -36.09
C GLY C 897 -55.63 -76.19 -36.52
N VAL C 898 -55.93 -75.39 -37.54
CA VAL C 898 -54.98 -74.38 -37.99
C VAL C 898 -54.73 -73.40 -36.86
N CYS C 899 -53.48 -72.99 -36.70
CA CYS C 899 -53.06 -72.20 -35.56
C CYS C 899 -51.88 -71.32 -35.97
N ASP C 900 -51.22 -70.75 -34.96
CA ASP C 900 -49.96 -70.04 -35.15
C ASP C 900 -48.80 -70.97 -34.82
N LEU C 901 -47.59 -70.50 -35.08
CA LEU C 901 -46.40 -71.30 -34.76
C LEU C 901 -46.29 -71.52 -33.26
N GLN C 902 -46.52 -70.48 -32.46
CA GLN C 902 -46.33 -70.57 -31.03
C GLN C 902 -47.32 -71.52 -30.36
N GLU C 903 -48.44 -71.83 -31.00
CA GLU C 903 -49.43 -72.73 -30.44
C GLU C 903 -49.23 -74.18 -30.88
N MET C 904 -47.99 -74.58 -31.15
CA MET C 904 -47.66 -75.93 -31.57
C MET C 904 -46.56 -76.51 -30.69
N THR C 905 -46.64 -77.80 -30.43
CA THR C 905 -45.55 -78.49 -29.73
C THR C 905 -44.42 -78.80 -30.70
N TYR C 906 -43.26 -79.11 -30.14
CA TYR C 906 -42.10 -79.42 -30.97
C TYR C 906 -42.35 -80.67 -31.81
N LYS C 907 -43.00 -81.68 -31.23
CA LYS C 907 -43.40 -82.84 -32.02
C LYS C 907 -44.34 -82.43 -33.15
N GLU C 908 -45.28 -81.52 -32.87
CA GLU C 908 -46.18 -81.06 -33.91
C GLU C 908 -45.42 -80.34 -35.02
N VAL C 909 -44.45 -79.49 -34.65
CA VAL C 909 -43.67 -78.77 -35.65
C VAL C 909 -42.86 -79.75 -36.50
N ALA C 910 -42.21 -80.72 -35.86
CA ALA C 910 -41.40 -81.68 -36.60
C ALA C 910 -42.26 -82.53 -37.52
N ASN C 911 -43.42 -82.99 -37.02
CA ASN C 911 -44.30 -83.78 -37.85
C ASN C 911 -44.80 -82.98 -39.03
N ARG C 912 -45.13 -81.70 -38.83
CA ARG C 912 -45.57 -80.85 -39.92
C ARG C 912 -44.45 -80.63 -40.93
N LEU C 913 -43.21 -80.47 -40.46
CA LEU C 913 -42.09 -80.34 -41.39
C LEU C 913 -41.92 -81.59 -42.23
N VAL C 914 -41.99 -82.77 -41.61
CA VAL C 914 -41.90 -84.01 -42.36
C VAL C 914 -43.07 -84.13 -43.34
N GLU C 915 -44.25 -83.68 -42.92
CA GLU C 915 -45.43 -83.77 -43.78
C GLU C 915 -45.29 -82.90 -45.01
N LEU C 916 -44.75 -81.69 -44.85
CA LEU C 916 -44.74 -80.71 -45.93
C LEU C 916 -43.43 -80.70 -46.73
N MET C 917 -42.39 -81.40 -46.27
CA MET C 917 -41.09 -81.38 -46.92
C MET C 917 -40.62 -82.76 -47.36
N TYR C 918 -41.21 -83.84 -46.86
CA TYR C 918 -40.85 -85.20 -47.23
C TYR C 918 -42.03 -85.81 -47.97
N VAL C 919 -41.76 -86.49 -49.07
CA VAL C 919 -42.80 -87.07 -49.92
C VAL C 919 -42.98 -88.53 -49.52
N LYS C 920 -44.13 -88.86 -48.95
CA LYS C 920 -44.41 -90.23 -48.56
C LYS C 920 -44.49 -91.15 -49.78
N LYS C 921 -45.11 -90.67 -50.86
CA LYS C 921 -45.33 -91.53 -52.02
C LYS C 921 -44.00 -92.01 -52.62
N SER C 922 -43.04 -91.09 -52.77
CA SER C 922 -41.76 -91.42 -53.40
C SER C 922 -40.67 -91.76 -52.39
N HIS C 923 -40.92 -91.60 -51.10
CA HIS C 923 -39.93 -91.91 -50.06
C HIS C 923 -38.66 -91.09 -50.26
N ARG C 924 -38.83 -89.79 -50.47
CA ARG C 924 -37.72 -88.89 -50.74
C ARG C 924 -38.02 -87.52 -50.15
N TRP C 925 -36.98 -86.70 -50.05
CA TRP C 925 -37.11 -85.32 -49.60
C TRP C 925 -37.27 -84.41 -50.81
N ILE C 926 -37.97 -83.29 -50.61
CA ILE C 926 -38.10 -82.30 -51.67
C ILE C 926 -36.73 -81.75 -52.04
N ASP C 927 -35.90 -81.47 -51.03
CA ASP C 927 -34.57 -80.93 -51.27
C ASP C 927 -33.68 -81.22 -50.09
N VAL C 928 -32.40 -81.50 -50.37
CA VAL C 928 -31.45 -81.78 -49.29
C VAL C 928 -31.26 -80.57 -48.41
N SER C 929 -31.42 -79.36 -48.96
CA SER C 929 -31.37 -78.17 -48.12
C SER C 929 -32.52 -78.16 -47.13
N LEU C 930 -33.70 -78.61 -47.56
CA LEU C 930 -34.83 -78.71 -46.64
C LEU C 930 -34.60 -79.80 -45.61
N ARG C 931 -33.97 -80.90 -46.01
CA ARG C 931 -33.57 -81.93 -45.04
C ARG C 931 -32.60 -81.36 -44.02
N ASN C 932 -31.68 -80.51 -44.47
CA ASN C 932 -30.75 -79.86 -43.56
C ASN C 932 -31.47 -78.91 -42.62
N MET C 933 -32.50 -78.22 -43.12
CA MET C 933 -33.31 -77.35 -42.26
C MET C 933 -34.01 -78.17 -41.18
N TYR C 934 -34.59 -79.31 -41.57
CA TYR C 934 -35.19 -80.21 -40.58
C TYR C 934 -34.16 -80.66 -39.56
N GLY C 935 -32.96 -81.00 -40.01
CA GLY C 935 -31.92 -81.39 -39.10
C GLY C 935 -31.55 -80.29 -38.12
N ASP C 936 -31.44 -79.06 -38.61
CA ASP C 936 -31.10 -77.94 -37.73
C ASP C 936 -32.20 -77.67 -36.72
N PHE C 937 -33.46 -77.80 -37.14
CA PHE C 937 -34.54 -77.64 -36.18
C PHE C 937 -34.47 -78.72 -35.11
N LEU C 938 -34.20 -79.96 -35.50
CA LEU C 938 -34.06 -81.02 -34.51
C LEU C 938 -32.87 -80.78 -33.59
N ARG C 939 -31.78 -80.21 -34.13
CA ARG C 939 -30.66 -79.80 -33.30
C ARG C 939 -31.12 -78.83 -32.23
N ARG C 940 -31.91 -77.83 -32.63
CA ARG C 940 -32.42 -76.88 -31.66
C ARG C 940 -33.29 -77.56 -30.62
N VAL C 941 -34.13 -78.52 -31.05
CA VAL C 941 -35.01 -79.20 -30.10
C VAL C 941 -34.20 -79.96 -29.06
N GLU C 942 -33.20 -80.73 -29.51
CA GLU C 942 -32.41 -81.50 -28.55
C GLU C 942 -31.60 -80.58 -27.64
N GLU C 943 -31.05 -79.49 -28.19
CA GLU C 943 -30.32 -78.55 -27.36
C GLU C 943 -31.23 -77.91 -26.32
N ARG C 944 -32.47 -77.58 -26.71
CA ARG C 944 -33.42 -77.00 -25.77
C ARG C 944 -33.75 -77.98 -24.65
N PHE C 945 -33.98 -79.25 -24.99
CA PHE C 945 -34.49 -80.22 -24.03
C PHE C 945 -33.40 -81.07 -23.41
N THR C 946 -32.13 -80.73 -23.60
CA THR C 946 -31.04 -81.31 -22.84
C THR C 946 -30.33 -80.20 -22.08
N SER C 947 -30.07 -80.44 -20.80
CA SER C 947 -29.42 -79.47 -19.93
C SER C 947 -28.02 -79.89 -19.50
N SER C 948 -27.63 -81.15 -19.72
CA SER C 948 -26.34 -81.66 -19.31
C SER C 948 -25.37 -81.61 -20.48
N ALA C 949 -24.16 -81.14 -20.23
CA ALA C 949 -23.12 -81.13 -21.25
C ALA C 949 -22.55 -82.54 -21.43
N GLY C 950 -21.79 -82.70 -22.50
CA GLY C 950 -21.21 -84.00 -22.81
C GLY C 950 -22.25 -85.07 -23.11
N THR C 951 -23.30 -84.72 -23.84
CA THR C 951 -24.34 -85.65 -24.25
C THR C 951 -24.22 -85.89 -25.74
N VAL C 952 -24.31 -87.15 -26.15
CA VAL C 952 -24.22 -87.50 -27.56
C VAL C 952 -25.52 -87.14 -28.26
N SER C 953 -25.41 -86.40 -29.36
CA SER C 953 -26.59 -86.06 -30.14
C SER C 953 -27.17 -87.29 -30.81
N LEU C 954 -28.51 -87.40 -30.80
CA LEU C 954 -29.15 -88.47 -31.53
C LEU C 954 -28.86 -88.38 -33.02
N LEU C 955 -28.86 -87.16 -33.56
CA LEU C 955 -28.57 -86.91 -34.97
C LEU C 955 -27.08 -86.62 -35.10
N GLN C 956 -26.32 -87.63 -35.51
CA GLN C 956 -24.89 -87.43 -35.72
C GLN C 956 -24.62 -86.85 -37.10
N ASN C 957 -25.32 -87.35 -38.11
CA ASN C 957 -25.21 -86.82 -39.47
C ASN C 957 -26.61 -86.72 -40.05
N PHE C 958 -26.83 -85.69 -40.87
CA PHE C 958 -28.14 -85.43 -41.43
C PHE C 958 -28.59 -86.51 -42.41
N ASN C 959 -27.71 -87.41 -42.83
CA ASN C 959 -28.12 -88.52 -43.68
C ASN C 959 -29.08 -89.46 -42.97
N GLN C 960 -29.15 -89.41 -41.64
CA GLN C 960 -30.16 -90.17 -40.91
C GLN C 960 -31.57 -89.66 -41.14
N LEU C 961 -31.72 -88.48 -41.74
CA LEU C 961 -33.03 -87.90 -41.99
C LEU C 961 -33.61 -88.28 -43.35
N ASN C 962 -32.89 -89.06 -44.15
CA ASN C 962 -33.45 -89.55 -45.40
C ASN C 962 -34.61 -90.51 -45.17
N GLU C 963 -34.77 -91.03 -43.96
CA GLU C 963 -35.93 -91.81 -43.54
C GLU C 963 -36.41 -91.17 -42.24
N PRO C 964 -37.05 -89.99 -42.32
CA PRO C 964 -37.20 -89.17 -41.11
C PRO C 964 -38.38 -89.52 -40.21
N GLU C 965 -39.36 -90.30 -40.70
CA GLU C 965 -40.48 -90.66 -39.84
C GLU C 965 -40.01 -91.49 -38.64
N GLN C 966 -39.23 -92.54 -38.90
CA GLN C 966 -38.77 -93.39 -37.82
C GLN C 966 -37.78 -92.65 -36.93
N PHE C 967 -36.92 -91.82 -37.53
CA PHE C 967 -36.02 -91.01 -36.73
C PHE C 967 -36.78 -90.00 -35.89
N THR C 968 -37.84 -89.41 -36.43
CA THR C 968 -38.67 -88.52 -35.63
C THR C 968 -39.28 -89.26 -34.46
N ALA C 969 -39.75 -90.49 -34.70
CA ALA C 969 -40.32 -91.29 -33.63
C ALA C 969 -39.31 -91.53 -32.52
N ASP C 970 -38.08 -91.92 -32.89
CA ASP C 970 -37.04 -92.13 -31.88
C ASP C 970 -36.70 -90.84 -31.16
N PHE C 971 -36.59 -89.73 -31.90
CA PHE C 971 -36.22 -88.45 -31.30
C PHE C 971 -37.24 -88.02 -30.25
N PHE C 972 -38.52 -88.13 -30.57
CA PHE C 972 -39.55 -87.68 -29.64
C PHE C 972 -40.01 -88.78 -28.69
N GLU C 973 -39.49 -90.00 -28.84
CA GLU C 973 -39.50 -90.96 -27.75
C GLU C 973 -38.43 -90.65 -26.72
N LYS C 974 -37.27 -90.17 -27.16
CA LYS C 974 -36.24 -89.74 -26.22
C LYS C 974 -36.61 -88.44 -25.53
N PHE C 975 -37.24 -87.50 -26.24
CA PHE C 975 -37.69 -86.23 -25.69
C PHE C 975 -39.21 -86.21 -25.65
N PRO C 976 -39.83 -86.97 -24.73
CA PRO C 976 -41.29 -86.92 -24.62
C PRO C 976 -41.82 -85.55 -24.24
N GLN C 977 -41.07 -84.78 -23.45
CA GLN C 977 -41.49 -83.44 -23.08
C GLN C 977 -41.62 -82.51 -24.28
N ALA C 978 -40.91 -82.82 -25.37
CA ALA C 978 -40.98 -81.99 -26.56
C ALA C 978 -42.38 -82.01 -27.16
N GLY C 979 -43.03 -83.18 -27.17
CA GLY C 979 -44.38 -83.28 -27.67
C GLY C 979 -45.44 -82.72 -26.75
N LYS C 980 -45.06 -82.28 -25.55
CA LYS C 980 -45.98 -81.67 -24.60
C LYS C 980 -45.78 -80.17 -24.45
N GLN C 981 -44.57 -79.67 -24.70
CA GLN C 981 -44.25 -78.25 -24.55
C GLN C 981 -44.43 -77.53 -25.88
N LEU C 982 -45.11 -76.40 -25.85
CA LEU C 982 -45.24 -75.57 -27.05
C LEU C 982 -43.89 -75.00 -27.43
N ILE C 983 -43.75 -74.64 -28.72
CA ILE C 983 -42.47 -74.14 -29.20
C ILE C 983 -42.20 -72.78 -28.60
N SER C 984 -41.02 -72.63 -28.00
CA SER C 984 -40.65 -71.37 -27.37
C SER C 984 -40.54 -70.27 -28.40
N GLU C 985 -40.50 -69.02 -27.91
CA GLU C 985 -40.33 -67.89 -28.81
C GLU C 985 -38.93 -67.88 -29.41
N GLU C 986 -37.93 -68.33 -28.65
CA GLU C 986 -36.58 -68.44 -29.18
C GLU C 986 -36.58 -69.38 -30.38
N ASP C 987 -37.21 -70.54 -30.23
CA ASP C 987 -37.21 -71.52 -31.29
C ASP C 987 -38.15 -71.14 -32.42
N CYS C 988 -39.19 -70.33 -32.15
CA CYS C 988 -40.01 -69.80 -33.22
C CYS C 988 -39.19 -68.85 -34.10
N ASP C 989 -38.43 -67.95 -33.47
CA ASP C 989 -37.57 -67.06 -34.23
C ASP C 989 -36.51 -67.84 -35.00
N TYR C 990 -35.93 -68.86 -34.36
CA TYR C 990 -34.96 -69.70 -35.05
C TYR C 990 -35.59 -70.41 -36.23
N PHE C 991 -36.83 -70.90 -36.06
CA PHE C 991 -37.53 -71.57 -37.14
C PHE C 991 -37.76 -70.62 -38.31
N LEU C 992 -38.16 -69.38 -38.02
CA LEU C 992 -38.38 -68.41 -39.08
C LEU C 992 -37.07 -68.06 -39.78
N MET C 993 -35.96 -68.06 -39.05
CA MET C 993 -34.67 -67.77 -39.66
C MET C 993 -34.20 -68.92 -40.54
N LEU C 994 -34.42 -70.17 -40.10
CA LEU C 994 -34.12 -71.31 -40.94
C LEU C 994 -35.01 -71.38 -42.16
N ALA C 995 -36.27 -70.98 -42.05
CA ALA C 995 -37.16 -70.94 -43.20
C ALA C 995 -36.71 -69.94 -44.26
N ALA C 996 -35.83 -68.99 -43.91
CA ALA C 996 -35.35 -67.97 -44.83
C ALA C 996 -33.83 -67.95 -44.92
N ARG C 997 -33.16 -69.02 -44.49
CA ARG C 997 -31.71 -69.09 -44.65
C ARG C 997 -31.33 -68.94 -46.12
N PRO C 998 -30.34 -68.12 -46.46
CA PRO C 998 -29.92 -68.03 -47.87
C PRO C 998 -29.19 -69.27 -48.31
N GLY C 999 -29.18 -69.50 -49.62
CA GLY C 999 -28.58 -70.70 -50.18
C GLY C 999 -29.39 -71.95 -49.96
N GLN C 1000 -30.67 -71.82 -49.63
CA GLN C 1000 -31.55 -72.94 -49.36
C GLN C 1000 -32.82 -72.77 -50.18
N LYS C 1001 -33.41 -73.90 -50.56
CA LYS C 1001 -34.68 -73.85 -51.28
C LYS C 1001 -35.73 -73.21 -50.37
N PRO C 1002 -36.43 -72.17 -50.83
CA PRO C 1002 -37.48 -71.59 -49.98
C PRO C 1002 -38.50 -72.64 -49.57
N VAL C 1003 -38.90 -72.58 -48.30
CA VAL C 1003 -39.70 -73.65 -47.71
C VAL C 1003 -41.04 -73.72 -48.43
N PRO C 1004 -41.67 -74.89 -48.52
CA PRO C 1004 -42.94 -75.01 -49.25
C PRO C 1004 -44.16 -74.57 -48.46
N PHE C 1005 -44.00 -73.77 -47.41
CA PHE C 1005 -45.12 -73.29 -46.61
C PHE C 1005 -44.88 -71.84 -46.23
N VAL C 1006 -45.92 -71.21 -45.68
CA VAL C 1006 -45.84 -69.85 -45.15
C VAL C 1006 -45.87 -69.96 -43.62
N PRO C 1007 -44.79 -69.59 -42.90
CA PRO C 1007 -44.81 -69.77 -41.45
C PRO C 1007 -45.38 -68.59 -40.67
N VAL C 1008 -45.37 -67.40 -41.26
CA VAL C 1008 -45.72 -66.18 -40.53
C VAL C 1008 -46.28 -65.16 -41.52
N LEU C 1009 -47.16 -64.29 -41.02
CA LEU C 1009 -47.69 -63.15 -41.79
C LEU C 1009 -47.06 -61.87 -41.22
N ASP C 1010 -45.93 -61.47 -41.81
CA ASP C 1010 -45.18 -60.28 -41.41
C ASP C 1010 -44.78 -59.55 -42.69
N GLU C 1011 -43.84 -58.62 -42.57
CA GLU C 1011 -43.30 -57.95 -43.74
C GLU C 1011 -42.65 -58.93 -44.72
N ARG C 1012 -42.26 -60.12 -44.26
CA ARG C 1012 -41.68 -61.14 -45.12
C ARG C 1012 -42.74 -62.05 -45.75
N PHE C 1013 -44.02 -61.70 -45.62
CA PHE C 1013 -45.07 -62.56 -46.16
C PHE C 1013 -44.97 -62.66 -47.68
N GLU C 1014 -44.64 -61.55 -48.35
CA GLU C 1014 -44.46 -61.61 -49.79
C GLU C 1014 -43.34 -62.54 -50.18
N PHE C 1015 -42.21 -62.47 -49.46
CA PHE C 1015 -41.09 -63.36 -49.72
C PHE C 1015 -41.51 -64.82 -49.56
N PHE C 1016 -42.12 -65.15 -48.42
CA PHE C 1016 -42.56 -66.52 -48.18
C PHE C 1016 -43.60 -67.00 -49.18
N PHE C 1017 -44.48 -66.10 -49.64
CA PHE C 1017 -45.56 -66.45 -50.54
C PHE C 1017 -45.09 -66.66 -51.98
N LYS C 1018 -44.16 -65.83 -52.45
CA LYS C 1018 -43.81 -65.81 -53.86
C LYS C 1018 -42.53 -66.56 -54.22
N LYS C 1019 -41.56 -66.62 -53.31
CA LYS C 1019 -40.26 -67.18 -53.69
C LYS C 1019 -40.38 -68.64 -54.10
N ASP C 1020 -39.81 -68.96 -55.26
CA ASP C 1020 -39.68 -70.35 -55.73
C ASP C 1020 -41.05 -71.01 -55.89
N SER C 1021 -41.84 -70.48 -56.81
CA SER C 1021 -43.19 -70.95 -57.08
C SER C 1021 -43.32 -71.69 -58.40
N LEU C 1022 -42.21 -71.99 -59.07
CA LEU C 1022 -42.25 -72.58 -60.41
C LEU C 1022 -42.01 -74.09 -60.43
N TRP C 1023 -41.26 -74.63 -59.47
CA TRP C 1023 -40.94 -76.04 -59.49
C TRP C 1023 -42.15 -76.92 -59.18
N GLN C 1024 -43.15 -76.37 -58.49
CA GLN C 1024 -44.32 -77.16 -58.13
C GLN C 1024 -45.11 -77.59 -59.35
N SER C 1025 -45.02 -76.83 -60.44
CA SER C 1025 -45.73 -77.20 -61.66
C SER C 1025 -45.30 -78.57 -62.18
N GLU C 1026 -44.05 -78.97 -61.93
CA GLU C 1026 -43.57 -80.31 -62.25
C GLU C 1026 -43.74 -81.26 -61.07
N ASP C 1027 -43.16 -80.92 -59.93
CA ASP C 1027 -43.10 -81.83 -58.78
C ASP C 1027 -44.43 -81.76 -58.03
N LEU C 1028 -45.45 -82.35 -58.67
CA LEU C 1028 -46.80 -82.28 -58.12
C LEU C 1028 -47.01 -83.26 -56.96
N GLU C 1029 -46.17 -84.30 -56.85
CA GLU C 1029 -46.30 -85.22 -55.74
C GLU C 1029 -45.96 -84.56 -54.42
N SER C 1030 -45.11 -83.52 -54.45
CA SER C 1030 -44.73 -82.79 -53.25
C SER C 1030 -45.76 -81.74 -52.84
N VAL C 1031 -46.74 -81.44 -53.69
CA VAL C 1031 -47.76 -80.45 -53.38
C VAL C 1031 -48.86 -81.12 -52.57
N VAL C 1032 -49.52 -80.32 -51.73
CA VAL C 1032 -50.58 -80.85 -50.87
C VAL C 1032 -51.72 -81.36 -51.74
N ASP C 1033 -52.13 -82.61 -51.49
CA ASP C 1033 -53.21 -83.29 -52.19
C ASP C 1033 -52.91 -83.53 -53.67
N GLU C 1034 -51.69 -83.23 -54.13
CA GLU C 1034 -51.33 -83.37 -55.55
C GLU C 1034 -52.30 -82.59 -56.43
N ASP C 1035 -52.70 -81.42 -55.96
CA ASP C 1035 -53.68 -80.59 -56.65
C ASP C 1035 -52.96 -79.65 -57.60
N VAL C 1036 -53.22 -79.80 -58.90
CA VAL C 1036 -52.60 -78.91 -59.89
C VAL C 1036 -53.09 -77.49 -59.70
N GLN C 1037 -54.32 -77.32 -59.19
CA GLN C 1037 -54.87 -75.99 -59.03
C GLN C 1037 -54.09 -75.17 -58.01
N ARG C 1038 -53.39 -75.83 -57.09
CA ARG C 1038 -52.55 -75.10 -56.15
C ARG C 1038 -51.29 -74.57 -56.81
N THR C 1039 -50.77 -75.26 -57.82
CA THR C 1039 -49.50 -74.91 -58.42
C THR C 1039 -49.64 -73.68 -59.31
N CYS C 1040 -48.48 -73.12 -59.66
CA CYS C 1040 -48.38 -71.95 -60.54
C CYS C 1040 -47.67 -72.38 -61.81
N ILE C 1041 -48.37 -72.31 -62.94
CA ILE C 1041 -47.88 -72.78 -64.23
C ILE C 1041 -47.81 -71.58 -65.17
N LEU C 1042 -46.63 -71.34 -65.73
CA LEU C 1042 -46.43 -70.23 -66.65
C LEU C 1042 -46.86 -70.63 -68.04
N HIS C 1043 -47.60 -69.76 -68.72
CA HIS C 1043 -48.11 -70.08 -70.04
C HIS C 1043 -48.50 -68.81 -70.77
N GLY C 1044 -48.36 -68.82 -72.10
CA GLY C 1044 -48.68 -67.66 -72.90
C GLY C 1044 -50.13 -67.65 -73.35
N PRO C 1045 -50.84 -66.53 -73.17
CA PRO C 1045 -52.26 -66.51 -73.55
C PRO C 1045 -52.49 -66.75 -75.03
N VAL C 1046 -51.54 -66.38 -75.88
CA VAL C 1046 -51.69 -66.57 -77.32
C VAL C 1046 -51.12 -67.90 -77.77
N ALA C 1047 -50.00 -68.33 -77.19
CA ALA C 1047 -49.44 -69.63 -77.52
C ALA C 1047 -50.31 -70.78 -77.01
N SER C 1048 -51.21 -70.51 -76.07
CA SER C 1048 -52.06 -71.58 -75.55
C SER C 1048 -53.05 -72.11 -76.58
N GLN C 1049 -53.28 -71.37 -77.67
CA GLN C 1049 -54.21 -71.85 -78.69
C GLN C 1049 -53.71 -73.14 -79.35
N TYR C 1050 -52.42 -73.22 -79.62
CA TYR C 1050 -51.84 -74.34 -80.34
C TYR C 1050 -51.47 -75.51 -79.43
N THR C 1051 -51.63 -75.37 -78.12
CA THR C 1051 -51.33 -76.44 -77.18
C THR C 1051 -52.60 -77.27 -76.98
N SER C 1052 -52.76 -78.30 -77.80
CA SER C 1052 -53.93 -79.16 -77.77
C SER C 1052 -53.62 -80.62 -77.49
N LYS C 1053 -52.36 -81.04 -77.51
CA LYS C 1053 -51.96 -82.42 -77.30
C LYS C 1053 -51.08 -82.52 -76.06
N VAL C 1054 -51.07 -83.70 -75.46
CA VAL C 1054 -50.28 -83.98 -74.27
C VAL C 1054 -49.21 -85.01 -74.62
N ASP C 1055 -48.09 -84.92 -73.90
CA ASP C 1055 -46.91 -85.79 -74.06
C ASP C 1055 -46.62 -86.09 -75.53
N GLU C 1056 -46.62 -85.04 -76.34
CA GLU C 1056 -46.22 -85.17 -77.74
C GLU C 1056 -44.70 -85.08 -77.85
N PRO C 1057 -44.03 -85.82 -78.73
CA PRO C 1057 -42.57 -85.68 -78.81
C PRO C 1057 -42.16 -84.27 -79.25
N ILE C 1058 -41.15 -83.73 -78.56
CA ILE C 1058 -40.57 -82.45 -78.93
C ILE C 1058 -40.07 -82.50 -80.37
N GLY C 1059 -39.40 -83.60 -80.73
CA GLY C 1059 -38.95 -83.76 -82.10
C GLY C 1059 -40.10 -83.74 -83.08
N ASP C 1060 -41.20 -84.42 -82.76
CA ASP C 1060 -42.34 -84.43 -83.65
C ASP C 1060 -42.95 -83.05 -83.80
N ILE C 1061 -43.03 -82.29 -82.70
CA ILE C 1061 -43.62 -80.95 -82.76
C ILE C 1061 -42.80 -80.05 -83.69
N LEU C 1062 -41.49 -79.97 -83.45
CA LEU C 1062 -40.69 -79.09 -84.27
C LEU C 1062 -40.58 -79.62 -85.70
N ASN C 1063 -40.57 -80.93 -85.88
CA ASN C 1063 -40.54 -81.50 -87.22
C ASN C 1063 -41.81 -81.17 -87.98
N SER C 1064 -42.96 -81.21 -87.30
CA SER C 1064 -44.20 -80.85 -87.97
C SER C 1064 -44.21 -79.40 -88.39
N ILE C 1065 -43.74 -78.50 -87.51
CA ILE C 1065 -43.70 -77.08 -87.88
C ILE C 1065 -42.76 -76.86 -89.06
N HIS C 1066 -41.56 -77.42 -88.98
CA HIS C 1066 -40.58 -77.27 -90.05
C HIS C 1066 -41.10 -77.87 -91.35
N GLU C 1067 -41.73 -79.04 -91.27
CA GLU C 1067 -42.22 -79.73 -92.46
C GLU C 1067 -43.34 -78.93 -93.10
N GLY C 1068 -44.21 -78.31 -92.29
CA GLY C 1068 -45.20 -77.41 -92.85
C GLY C 1068 -44.56 -76.26 -93.61
N HIS C 1069 -43.53 -75.65 -93.02
CA HIS C 1069 -42.82 -74.59 -93.72
C HIS C 1069 -42.23 -75.08 -95.04
N ILE C 1070 -41.58 -76.25 -95.04
CA ILE C 1070 -41.03 -76.80 -96.27
C ILE C 1070 -42.13 -77.04 -97.29
N ALA C 1071 -43.21 -77.69 -96.87
CA ALA C 1071 -44.24 -78.13 -97.81
C ALA C 1071 -44.91 -76.94 -98.48
N ARG C 1072 -45.06 -75.84 -97.75
CA ARG C 1072 -45.64 -74.66 -98.38
C ARG C 1072 -44.60 -73.85 -99.16
N LEU C 1073 -43.31 -73.94 -98.77
CA LEU C 1073 -42.29 -73.18 -99.47
C LEU C 1073 -42.00 -73.77 -100.85
N ILE C 1074 -41.97 -75.10 -100.96
CA ILE C 1074 -41.87 -75.68 -102.30
C ILE C 1074 -43.10 -75.33 -103.14
N LYS C 1075 -44.27 -75.31 -102.51
CA LYS C 1075 -45.49 -75.01 -103.26
C LYS C 1075 -45.48 -73.58 -103.81
N GLU C 1076 -45.03 -72.63 -103.00
CA GLU C 1076 -45.06 -71.23 -103.41
C GLU C 1076 -43.82 -70.82 -104.19
N GLU C 1077 -42.64 -70.92 -103.58
CA GLU C 1077 -41.42 -70.46 -104.21
C GLU C 1077 -41.02 -71.32 -105.41
N TYR C 1078 -41.13 -72.64 -105.29
CA TYR C 1078 -40.60 -73.57 -106.29
C TYR C 1078 -41.69 -74.28 -107.07
N ALA C 1079 -42.95 -73.84 -106.97
CA ALA C 1079 -44.04 -74.37 -107.78
C ALA C 1079 -44.24 -75.88 -107.56
N GLY C 1080 -43.92 -76.36 -106.36
CA GLY C 1080 -44.13 -77.76 -106.04
C GLY C 1080 -43.07 -78.71 -106.56
N ASP C 1081 -42.02 -78.20 -107.21
CA ASP C 1081 -40.97 -79.03 -107.78
C ASP C 1081 -39.79 -79.05 -106.81
N GLU C 1082 -39.50 -80.23 -106.26
CA GLU C 1082 -38.36 -80.37 -105.37
C GLU C 1082 -37.04 -80.43 -106.12
N SER C 1083 -37.06 -80.80 -107.40
CA SER C 1083 -35.82 -80.87 -108.17
C SER C 1083 -35.19 -79.49 -108.33
N LYS C 1084 -35.99 -78.43 -108.27
CA LYS C 1084 -35.46 -77.08 -108.34
C LYS C 1084 -34.74 -76.65 -107.07
N ILE C 1085 -34.83 -77.44 -106.00
CA ILE C 1085 -34.16 -77.08 -104.75
C ILE C 1085 -32.65 -77.08 -104.98
N PRO C 1086 -31.91 -76.03 -104.59
CA PRO C 1086 -30.45 -76.11 -104.69
C PRO C 1086 -29.90 -77.22 -103.82
N VAL C 1087 -28.91 -77.93 -104.36
CA VAL C 1087 -28.26 -79.05 -103.69
C VAL C 1087 -26.86 -78.62 -103.29
N VAL C 1088 -26.54 -78.82 -102.01
CA VAL C 1088 -25.22 -78.51 -101.46
C VAL C 1088 -24.76 -79.71 -100.66
N GLU C 1089 -23.44 -79.87 -100.53
CA GLU C 1089 -22.93 -80.99 -99.76
C GLU C 1089 -23.30 -80.85 -98.29
N TYR C 1090 -23.14 -79.67 -97.72
CA TYR C 1090 -23.50 -79.42 -96.33
C TYR C 1090 -24.07 -78.02 -96.21
N PHE C 1091 -24.91 -77.82 -95.20
CA PHE C 1091 -25.62 -76.57 -94.98
C PHE C 1091 -25.25 -76.03 -93.60
N GLY C 1092 -24.61 -74.88 -93.57
CA GLY C 1092 -24.24 -74.25 -92.31
C GLY C 1092 -22.95 -73.49 -92.45
N GLY C 1093 -22.51 -72.93 -91.33
CA GLY C 1093 -21.26 -72.21 -91.30
C GLY C 1093 -21.32 -70.93 -92.12
N LYS C 1094 -20.15 -70.29 -92.22
CA LYS C 1094 -20.04 -69.08 -93.03
C LYS C 1094 -20.26 -69.41 -94.50
N LYS C 1095 -20.95 -68.52 -95.20
CA LYS C 1095 -21.19 -68.72 -96.63
C LYS C 1095 -19.85 -68.73 -97.36
N PRO C 1096 -19.64 -69.64 -98.33
CA PRO C 1096 -18.36 -69.67 -99.03
C PRO C 1096 -18.11 -68.36 -99.76
N ALA C 1097 -16.85 -67.92 -99.73
CA ALA C 1097 -16.46 -66.61 -100.21
C ALA C 1097 -15.53 -66.74 -101.42
N SER C 1098 -15.66 -65.79 -102.35
CA SER C 1098 -14.77 -65.68 -103.50
C SER C 1098 -13.73 -64.61 -103.17
N VAL C 1099 -12.47 -65.02 -103.04
CA VAL C 1099 -11.39 -64.14 -102.63
C VAL C 1099 -10.40 -64.03 -103.78
N SER C 1100 -10.13 -62.82 -104.23
CA SER C 1100 -9.11 -62.52 -105.24
C SER C 1100 -8.13 -61.56 -104.57
N ALA C 1101 -7.04 -62.12 -104.04
CA ALA C 1101 -6.06 -61.38 -103.25
C ALA C 1101 -4.69 -61.46 -103.93
N THR C 1102 -3.73 -60.74 -103.36
CA THR C 1102 -2.35 -60.78 -103.77
C THR C 1102 -1.59 -61.81 -102.92
N SER C 1103 -0.38 -62.14 -103.36
CA SER C 1103 0.49 -63.09 -102.67
C SER C 1103 -0.07 -64.51 -102.71
N VAL C 1104 -0.90 -64.80 -103.71
CA VAL C 1104 -1.49 -66.12 -103.88
C VAL C 1104 -0.94 -66.76 -105.15
N ASN C 1105 -0.78 -65.96 -106.20
CA ASN C 1105 -0.20 -66.40 -107.47
C ASN C 1105 -0.89 -67.67 -107.97
N ILE C 1106 -2.17 -67.54 -108.29
CA ILE C 1106 -2.99 -68.68 -108.68
C ILE C 1106 -2.68 -69.05 -110.13
N ILE C 1107 -2.41 -70.33 -110.36
CA ILE C 1107 -2.15 -70.86 -111.69
C ILE C 1107 -2.91 -72.17 -111.85
N ASP C 1108 -3.52 -72.37 -113.01
CA ASP C 1108 -4.41 -73.49 -113.23
C ASP C 1108 -3.62 -74.73 -113.68
N GLY C 1109 -4.34 -75.84 -113.79
CA GLY C 1109 -3.79 -77.13 -114.16
C GLY C 1109 -4.60 -78.24 -113.51
N ASN C 1110 -4.00 -79.47 -113.57
CA ASN C 1110 -4.61 -80.60 -112.88
C ASN C 1110 -4.73 -80.33 -111.39
N GLN C 1111 -3.79 -79.58 -110.82
CA GLN C 1111 -3.88 -79.11 -109.45
C GLN C 1111 -3.56 -77.61 -109.45
N VAL C 1112 -4.56 -76.79 -109.15
CA VAL C 1112 -4.35 -75.35 -109.11
C VAL C 1112 -3.40 -75.01 -107.98
N VAL C 1113 -2.40 -74.18 -108.27
CA VAL C 1113 -1.31 -73.89 -107.36
C VAL C 1113 -1.39 -72.45 -106.92
N TYR C 1114 -1.42 -72.23 -105.61
CA TYR C 1114 -1.32 -70.90 -104.99
C TYR C 1114 0.05 -70.79 -104.34
N GLU C 1115 0.84 -69.80 -104.76
CA GLU C 1115 2.19 -69.60 -104.26
C GLU C 1115 2.30 -68.24 -103.59
N ILE C 1116 3.00 -68.19 -102.47
CA ILE C 1116 3.13 -66.98 -101.66
C ILE C 1116 4.53 -66.42 -101.85
N ASP C 1117 4.59 -65.12 -102.15
CA ASP C 1117 5.84 -64.40 -102.31
C ASP C 1117 6.33 -63.94 -100.94
N SER C 1118 7.31 -63.01 -100.92
CA SER C 1118 7.86 -62.54 -99.66
C SER C 1118 6.78 -61.92 -98.77
N GLU C 1119 5.92 -61.08 -99.35
CA GLU C 1119 4.86 -60.44 -98.59
C GLU C 1119 3.62 -61.33 -98.57
N LEU C 1120 3.08 -61.55 -97.34
CA LEU C 1120 2.02 -62.53 -97.09
C LEU C 1120 0.64 -61.91 -97.29
N PRO C 1121 -0.39 -62.72 -97.57
CA PRO C 1121 -1.76 -62.19 -97.64
C PRO C 1121 -2.44 -62.18 -96.29
N ASN C 1122 -3.70 -61.75 -96.26
CA ASN C 1122 -4.50 -61.85 -95.04
C ASN C 1122 -4.79 -63.32 -94.73
N LYS C 1123 -4.79 -63.65 -93.44
CA LYS C 1123 -5.02 -65.04 -93.03
C LYS C 1123 -6.41 -65.50 -93.44
N GLN C 1124 -7.44 -64.72 -93.10
CA GLN C 1124 -8.81 -65.14 -93.41
C GLN C 1124 -9.04 -65.21 -94.91
N GLU C 1125 -8.49 -64.24 -95.65
CA GLU C 1125 -8.62 -64.27 -97.11
C GLU C 1125 -7.94 -65.50 -97.69
N TRP C 1126 -6.76 -65.84 -97.19
CA TRP C 1126 -6.04 -67.01 -97.67
C TRP C 1126 -6.83 -68.29 -97.39
N LEU C 1127 -7.37 -68.42 -96.18
CA LEU C 1127 -8.14 -69.61 -95.85
C LEU C 1127 -9.42 -69.70 -96.68
N ASP C 1128 -10.09 -68.56 -96.89
CA ASP C 1128 -11.29 -68.55 -97.74
C ASP C 1128 -10.94 -68.93 -99.17
N LEU C 1129 -9.82 -68.43 -99.68
CA LEU C 1129 -9.40 -68.77 -101.04
C LEU C 1129 -9.16 -70.27 -101.16
N LEU C 1130 -8.47 -70.86 -100.18
CA LEU C 1130 -8.26 -72.30 -100.22
C LEU C 1130 -9.58 -73.05 -100.15
N ALA C 1131 -10.51 -72.57 -99.32
CA ALA C 1131 -11.81 -73.24 -99.21
C ALA C 1131 -12.57 -73.20 -100.54
N GLY C 1132 -12.56 -72.06 -101.21
CA GLY C 1132 -13.24 -71.92 -102.48
C GLY C 1132 -14.70 -71.56 -102.34
N THR C 1133 -15.36 -71.44 -103.50
CA THR C 1133 -16.77 -71.04 -103.56
C THR C 1133 -17.73 -72.22 -103.54
N GLU C 1134 -17.24 -73.45 -103.63
CA GLU C 1134 -18.08 -74.64 -103.71
C GLU C 1134 -18.16 -75.31 -102.36
N LEU C 1135 -19.38 -75.56 -101.89
CA LEU C 1135 -19.60 -76.28 -100.64
C LEU C 1135 -19.27 -77.75 -100.84
N ASN C 1136 -18.07 -78.15 -100.43
CA ASN C 1136 -17.65 -79.55 -100.51
C ASN C 1136 -16.97 -79.93 -99.19
N TRP C 1137 -16.40 -81.13 -99.15
CA TRP C 1137 -15.74 -81.60 -97.93
C TRP C 1137 -14.56 -80.72 -97.58
N LEU C 1138 -13.78 -80.29 -98.57
CA LEU C 1138 -12.63 -79.44 -98.29
C LEU C 1138 -13.07 -78.07 -97.82
N GLN C 1139 -14.13 -77.53 -98.42
CA GLN C 1139 -14.70 -76.26 -97.96
C GLN C 1139 -15.15 -76.38 -96.52
N ALA C 1140 -15.81 -77.50 -96.17
CA ALA C 1140 -16.22 -77.71 -94.79
C ALA C 1140 -15.02 -77.78 -93.86
N PHE C 1141 -14.00 -78.56 -94.25
CA PHE C 1141 -12.86 -78.82 -93.39
C PHE C 1141 -11.99 -77.59 -93.16
N ILE C 1142 -11.96 -76.65 -94.11
CA ILE C 1142 -11.19 -75.42 -93.96
C ILE C 1142 -12.04 -74.30 -93.36
N SER C 1143 -13.22 -74.04 -93.92
CA SER C 1143 -14.02 -72.91 -93.49
C SER C 1143 -14.49 -73.05 -92.06
N THR C 1144 -14.91 -74.25 -91.66
CA THR C 1144 -15.48 -74.44 -90.33
C THR C 1144 -14.44 -74.09 -89.26
N ASP C 1145 -14.89 -73.35 -88.25
CA ASP C 1145 -14.00 -72.88 -87.19
C ASP C 1145 -13.96 -73.82 -85.99
N ARG C 1146 -14.61 -74.99 -86.08
CA ARG C 1146 -14.61 -75.95 -85.00
C ARG C 1146 -14.63 -77.36 -85.57
N ILE C 1147 -14.05 -78.28 -84.81
CA ILE C 1147 -14.10 -79.70 -85.09
C ILE C 1147 -14.61 -80.40 -83.83
N VAL C 1148 -15.01 -81.66 -84.00
CA VAL C 1148 -15.58 -82.45 -82.92
C VAL C 1148 -14.54 -83.47 -82.51
N GLN C 1149 -14.05 -83.34 -81.29
CA GLN C 1149 -13.17 -84.31 -80.65
C GLN C 1149 -14.01 -85.01 -79.59
N GLY C 1150 -14.46 -86.22 -79.91
CA GLY C 1150 -15.40 -86.92 -79.05
C GLY C 1150 -16.72 -86.18 -78.99
N SER C 1151 -17.00 -85.54 -77.86
CA SER C 1151 -18.17 -84.70 -77.69
C SER C 1151 -17.79 -83.26 -77.37
N LYS C 1152 -16.58 -82.85 -77.76
CA LYS C 1152 -16.05 -81.52 -77.46
C LYS C 1152 -15.83 -80.75 -78.74
N HIS C 1153 -16.17 -79.46 -78.72
CA HIS C 1153 -15.94 -78.56 -79.84
C HIS C 1153 -14.58 -77.89 -79.64
N VAL C 1154 -13.64 -78.19 -80.53
CA VAL C 1154 -12.26 -77.71 -80.41
C VAL C 1154 -11.95 -76.85 -81.62
N SER C 1155 -11.05 -75.90 -81.44
CA SER C 1155 -10.66 -75.03 -82.55
C SER C 1155 -10.02 -75.86 -83.66
N ASN C 1156 -10.31 -75.47 -84.90
CA ASN C 1156 -9.79 -76.18 -86.05
C ASN C 1156 -8.28 -75.93 -86.15
N PRO C 1157 -7.43 -76.96 -86.13
CA PRO C 1157 -5.99 -76.69 -86.33
C PRO C 1157 -5.63 -76.43 -87.77
N LEU C 1158 -6.56 -76.68 -88.71
CA LEU C 1158 -6.29 -76.41 -90.11
C LEU C 1158 -6.01 -74.93 -90.34
N HIS C 1159 -6.66 -74.06 -89.58
CA HIS C 1159 -6.38 -72.63 -89.70
C HIS C 1159 -4.93 -72.33 -89.39
N ASP C 1160 -4.44 -72.79 -88.24
CA ASP C 1160 -3.06 -72.53 -87.85
C ASP C 1160 -2.08 -73.21 -88.80
N ILE C 1161 -2.42 -74.41 -89.27
CA ILE C 1161 -1.52 -75.14 -90.17
C ILE C 1161 -1.41 -74.42 -91.50
N LEU C 1162 -2.55 -74.00 -92.08
CA LEU C 1162 -2.59 -73.36 -93.37
C LEU C 1162 -2.40 -71.86 -93.29
N THR C 1163 -2.04 -71.33 -92.12
CA THR C 1163 -1.74 -69.91 -92.04
C THR C 1163 -0.64 -69.55 -93.05
N PRO C 1164 -0.70 -68.36 -93.66
CA PRO C 1164 0.23 -68.08 -94.76
C PRO C 1164 1.67 -68.10 -94.28
N ALA C 1165 2.54 -68.61 -95.14
CA ALA C 1165 3.96 -68.72 -94.86
C ALA C 1165 4.75 -68.21 -96.05
N LYS C 1166 5.96 -67.73 -95.77
CA LYS C 1166 6.79 -67.15 -96.82
C LYS C 1166 7.31 -68.25 -97.73
N HIS C 1167 7.20 -68.04 -99.04
CA HIS C 1167 7.68 -68.98 -100.05
C HIS C 1167 7.02 -70.35 -99.86
N SER C 1168 5.71 -70.34 -99.70
CA SER C 1168 4.92 -71.56 -99.51
C SER C 1168 3.97 -71.74 -100.68
N LYS C 1169 3.80 -73.00 -101.10
CA LYS C 1169 2.95 -73.35 -102.22
C LYS C 1169 1.84 -74.26 -101.72
N VAL C 1170 0.69 -74.24 -102.40
CA VAL C 1170 -0.43 -75.10 -102.06
C VAL C 1170 -1.12 -75.53 -103.36
N THR C 1171 -1.14 -76.83 -103.61
CA THR C 1171 -1.78 -77.40 -104.79
C THR C 1171 -3.08 -78.07 -104.40
N ILE C 1172 -4.16 -77.72 -105.09
CA ILE C 1172 -5.48 -78.30 -104.84
C ILE C 1172 -5.96 -78.92 -106.15
N ASP C 1173 -6.24 -80.22 -106.12
CA ASP C 1173 -6.76 -80.92 -107.28
C ASP C 1173 -8.21 -80.48 -107.53
N LYS C 1174 -8.54 -80.23 -108.79
CA LYS C 1174 -9.90 -79.84 -109.12
C LYS C 1174 -10.87 -81.00 -108.95
N LYS C 1175 -10.48 -82.21 -109.37
CA LYS C 1175 -11.41 -83.33 -109.36
C LYS C 1175 -11.52 -83.95 -107.98
N THR C 1176 -10.42 -84.43 -107.42
CA THR C 1176 -10.44 -85.12 -106.14
C THR C 1176 -10.39 -84.19 -104.94
N LYS C 1177 -10.25 -82.87 -105.16
CA LYS C 1177 -10.23 -81.88 -104.09
C LYS C 1177 -9.12 -82.15 -103.07
N LYS C 1178 -8.06 -82.82 -103.52
CA LYS C 1178 -6.93 -83.15 -102.64
C LYS C 1178 -6.02 -81.93 -102.52
N LEU C 1179 -5.72 -81.55 -101.28
CA LEU C 1179 -4.88 -80.39 -100.99
C LEU C 1179 -3.51 -80.86 -100.55
N THR C 1180 -2.48 -80.14 -100.97
CA THR C 1180 -1.10 -80.46 -100.62
C THR C 1180 -0.32 -79.17 -100.42
N ALA C 1181 0.19 -78.97 -99.21
CA ALA C 1181 0.94 -77.76 -98.86
C ALA C 1181 2.43 -78.05 -98.87
N PHE C 1182 3.18 -77.26 -99.64
CA PHE C 1182 4.62 -77.38 -99.78
C PHE C 1182 5.27 -76.20 -99.10
N GLU C 1183 6.31 -76.48 -98.31
CA GLU C 1183 7.14 -75.45 -97.70
C GLU C 1183 8.61 -75.80 -97.94
N ASN C 1184 9.49 -74.82 -97.75
CA ASN C 1184 10.89 -75.06 -98.01
C ASN C 1184 11.58 -75.74 -96.83
N ILE C 1185 12.49 -76.66 -97.15
CA ILE C 1185 13.26 -77.41 -96.19
C ILE C 1185 14.64 -77.58 -96.80
N LYS C 1186 15.66 -77.00 -96.15
CA LYS C 1186 17.05 -77.11 -96.61
C LYS C 1186 17.19 -76.65 -98.05
N GLY C 1187 16.40 -75.65 -98.44
CA GLY C 1187 16.46 -75.08 -99.76
C GLY C 1187 15.62 -75.77 -100.82
N ASP C 1188 14.86 -76.81 -100.47
CA ASP C 1188 14.03 -77.53 -101.43
C ASP C 1188 12.58 -77.51 -100.98
N LEU C 1189 11.67 -77.33 -101.94
CA LEU C 1189 10.24 -77.26 -101.67
C LEU C 1189 9.69 -78.68 -101.54
N LEU C 1190 9.22 -79.03 -100.34
CA LEU C 1190 8.69 -80.37 -100.08
C LEU C 1190 7.33 -80.28 -99.42
N PRO C 1191 6.49 -81.31 -99.58
CA PRO C 1191 5.15 -81.26 -98.98
C PRO C 1191 5.21 -81.51 -97.48
N VAL C 1192 4.32 -80.83 -96.75
CA VAL C 1192 4.25 -80.97 -95.31
C VAL C 1192 2.84 -81.30 -94.84
N VAL C 1193 1.83 -80.98 -95.66
CA VAL C 1193 0.44 -81.28 -95.35
C VAL C 1193 -0.20 -81.92 -96.57
N GLU C 1194 -0.88 -83.04 -96.37
CA GLU C 1194 -1.73 -83.65 -97.39
C GLU C 1194 -3.12 -83.86 -96.81
N ILE C 1195 -4.13 -83.29 -97.46
CA ILE C 1195 -5.53 -83.50 -97.09
C ILE C 1195 -6.20 -84.20 -98.26
N GLU C 1196 -6.84 -85.32 -97.99
CA GLU C 1196 -7.51 -86.07 -99.06
C GLU C 1196 -8.68 -86.85 -98.47
N LEU C 1197 -9.42 -87.51 -99.36
CA LEU C 1197 -10.63 -88.26 -99.01
C LEU C 1197 -10.36 -89.74 -99.26
N VAL C 1198 -10.02 -90.46 -98.20
CA VAL C 1198 -9.74 -91.89 -98.33
C VAL C 1198 -11.01 -92.68 -98.62
N LYS C 1199 -12.10 -92.33 -97.94
CA LYS C 1199 -13.39 -93.00 -98.05
C LYS C 1199 -14.47 -91.94 -98.25
N PRO C 1200 -15.66 -92.34 -98.71
CA PRO C 1200 -16.66 -91.32 -99.09
C PRO C 1200 -17.02 -90.32 -98.00
N ASN C 1201 -16.74 -90.62 -96.73
CA ASN C 1201 -17.09 -89.74 -95.63
C ASN C 1201 -15.96 -89.62 -94.61
N THR C 1202 -14.73 -89.96 -95.01
CA THR C 1202 -13.57 -89.87 -94.13
C THR C 1202 -12.52 -89.00 -94.78
N ILE C 1203 -11.98 -88.04 -94.03
CA ILE C 1203 -10.98 -87.09 -94.50
C ILE C 1203 -9.69 -87.38 -93.76
N GLN C 1204 -8.63 -87.66 -94.52
CA GLN C 1204 -7.31 -87.94 -93.97
C GLN C 1204 -6.45 -86.70 -94.09
N LEU C 1205 -5.93 -86.23 -92.96
CA LEU C 1205 -4.99 -85.12 -92.86
C LEU C 1205 -3.66 -85.68 -92.39
N SER C 1206 -2.66 -85.62 -93.26
CA SER C 1206 -1.35 -86.21 -93.02
C SER C 1206 -0.31 -85.10 -92.92
N LEU C 1207 0.37 -85.03 -91.78
CA LEU C 1207 1.47 -84.10 -91.57
C LEU C 1207 2.78 -84.84 -91.82
N ILE C 1208 3.52 -84.40 -92.83
CA ILE C 1208 4.73 -85.07 -93.29
C ILE C 1208 5.92 -84.42 -92.62
N GLU C 1209 6.84 -85.23 -92.11
CA GLU C 1209 8.10 -84.77 -91.54
C GLU C 1209 9.25 -85.43 -92.29
N HIS C 1210 10.12 -84.61 -92.87
CA HIS C 1210 11.21 -85.12 -93.70
C HIS C 1210 12.53 -85.25 -92.95
N ARG C 1211 12.69 -84.57 -91.82
CA ARG C 1211 13.89 -84.68 -91.00
C ARG C 1211 13.71 -85.86 -90.06
N THR C 1212 14.05 -87.04 -90.56
CA THR C 1212 13.87 -88.30 -89.84
C THR C 1212 15.23 -88.94 -89.58
N ALA C 1213 15.23 -89.99 -88.75
CA ALA C 1213 16.45 -90.71 -88.46
C ALA C 1213 17.00 -91.38 -89.72
N ASP C 1214 16.14 -92.03 -90.49
CA ASP C 1214 16.54 -92.72 -91.71
C ASP C 1214 16.41 -91.86 -92.96
N THR C 1215 16.01 -90.59 -92.83
CA THR C 1215 15.79 -89.65 -93.91
C THR C 1215 14.55 -89.96 -94.75
N ASN C 1216 13.84 -91.05 -94.47
CA ASN C 1216 12.62 -91.36 -95.20
C ASN C 1216 11.47 -90.53 -94.64
N PRO C 1217 10.72 -89.77 -95.46
CA PRO C 1217 9.62 -88.99 -94.90
C PRO C 1217 8.56 -89.89 -94.29
N VAL C 1218 7.98 -89.43 -93.19
CA VAL C 1218 6.95 -90.16 -92.45
C VAL C 1218 5.75 -89.25 -92.28
N ALA C 1219 4.56 -89.79 -92.50
CA ALA C 1219 3.32 -89.05 -92.44
C ALA C 1219 2.54 -89.41 -91.19
N LEU C 1220 1.91 -88.41 -90.58
CA LEU C 1220 1.08 -88.60 -89.39
C LEU C 1220 -0.38 -88.42 -89.78
N PRO C 1221 -1.13 -89.47 -90.11
CA PRO C 1221 -2.49 -89.27 -90.59
C PRO C 1221 -3.45 -88.94 -89.46
N PHE C 1222 -4.29 -87.93 -89.69
CA PHE C 1222 -5.41 -87.59 -88.81
C PHE C 1222 -6.69 -87.86 -89.59
N LEU C 1223 -7.54 -88.72 -89.04
CA LEU C 1223 -8.77 -89.13 -89.71
C LEU C 1223 -9.93 -88.31 -89.17
N TYR C 1224 -10.70 -87.73 -90.08
CA TYR C 1224 -11.90 -86.97 -89.73
C TYR C 1224 -13.08 -87.51 -90.53
N LYS C 1225 -14.12 -87.95 -89.83
CA LYS C 1225 -15.38 -88.29 -90.45
C LYS C 1225 -16.06 -87.02 -90.95
N TYR C 1226 -16.57 -87.07 -92.17
CA TYR C 1226 -17.34 -85.98 -92.75
C TYR C 1226 -18.82 -86.29 -92.59
N ASN C 1227 -19.54 -85.38 -91.94
CA ASN C 1227 -20.95 -85.54 -91.62
C ASN C 1227 -21.70 -84.36 -92.23
N PRO C 1228 -22.06 -84.44 -93.52
CA PRO C 1228 -22.81 -83.33 -94.13
C PRO C 1228 -24.17 -83.09 -93.51
N ALA C 1229 -24.72 -84.08 -92.79
CA ALA C 1229 -26.02 -83.88 -92.15
C ALA C 1229 -25.95 -82.75 -91.13
N ASP C 1230 -24.86 -82.66 -90.39
CA ASP C 1230 -24.63 -81.59 -89.43
C ASP C 1230 -23.61 -80.64 -90.04
N GLY C 1231 -24.09 -79.57 -90.66
CA GLY C 1231 -23.20 -78.59 -91.24
C GLY C 1231 -22.62 -77.61 -90.24
N PHE C 1232 -23.18 -77.56 -89.03
CA PHE C 1232 -22.60 -76.73 -87.99
C PHE C 1232 -21.24 -77.26 -87.55
N ALA C 1233 -21.14 -78.59 -87.37
CA ALA C 1233 -19.90 -79.26 -87.02
C ALA C 1233 -19.74 -80.48 -87.92
N PRO C 1234 -19.43 -80.27 -89.20
CA PRO C 1234 -19.41 -81.41 -90.14
C PRO C 1234 -18.11 -82.21 -90.11
N ILE C 1235 -17.16 -81.87 -89.26
CA ILE C 1235 -15.88 -82.56 -89.17
C ILE C 1235 -15.81 -83.19 -87.78
N LEU C 1236 -15.69 -84.51 -87.72
CA LEU C 1236 -15.63 -85.24 -86.46
C LEU C 1236 -14.36 -86.08 -86.43
N GLU C 1237 -13.39 -85.66 -85.63
CA GLU C 1237 -12.12 -86.36 -85.55
C GLU C 1237 -12.33 -87.76 -84.98
N ILE C 1238 -11.73 -88.77 -85.62
CA ILE C 1238 -11.82 -90.16 -85.17
C ILE C 1238 -10.81 -90.32 -84.05
N MET C 1239 -11.29 -90.31 -82.81
CA MET C 1239 -10.40 -90.50 -81.66
C MET C 1239 -9.94 -91.93 -81.49
N GLU C 1240 -10.61 -92.90 -82.12
CA GLU C 1240 -10.22 -94.28 -81.94
C GLU C 1240 -8.86 -94.53 -82.58
N ASP C 1241 -7.91 -95.01 -81.77
CA ASP C 1241 -6.55 -95.32 -82.19
C ASP C 1241 -5.75 -94.07 -82.55
N ARG C 1242 -6.23 -92.87 -82.19
CA ARG C 1242 -5.49 -91.66 -82.51
C ARG C 1242 -4.15 -91.62 -81.79
N ASN C 1243 -4.15 -91.94 -80.50
CA ASN C 1243 -2.90 -91.97 -79.74
C ASN C 1243 -1.95 -93.03 -80.29
N GLU C 1244 -2.49 -94.18 -80.70
CA GLU C 1244 -1.64 -95.22 -81.25
C GLU C 1244 -1.02 -94.79 -82.58
N ARG C 1245 -1.80 -94.10 -83.42
CA ARG C 1245 -1.25 -93.58 -84.68
C ARG C 1245 -0.14 -92.57 -84.41
N ILE C 1246 -0.36 -91.67 -83.47
CA ILE C 1246 0.66 -90.68 -83.14
C ILE C 1246 1.89 -91.36 -82.57
N LYS C 1247 1.68 -92.43 -81.79
CA LYS C 1247 2.80 -93.19 -81.23
C LYS C 1247 3.59 -93.89 -82.33
N GLU C 1248 2.89 -94.44 -83.34
CA GLU C 1248 3.60 -95.04 -84.46
C GLU C 1248 4.43 -94.00 -85.19
N PHE C 1249 3.87 -92.81 -85.39
CA PHE C 1249 4.62 -91.75 -86.04
C PHE C 1249 5.87 -91.38 -85.25
N TYR C 1250 5.73 -91.20 -83.93
CA TYR C 1250 6.89 -90.83 -83.12
C TYR C 1250 7.90 -91.95 -83.03
N TRP C 1251 7.44 -93.20 -83.02
CA TRP C 1251 8.33 -94.35 -83.05
C TRP C 1251 9.15 -94.34 -84.34
N LYS C 1252 8.50 -94.12 -85.47
CA LYS C 1252 9.23 -94.07 -86.74
C LYS C 1252 10.22 -92.92 -86.74
N LEU C 1253 9.86 -91.79 -86.14
CA LEU C 1253 10.79 -90.67 -86.09
C LEU C 1253 12.02 -91.00 -85.26
N TRP C 1254 11.82 -91.46 -84.02
CA TRP C 1254 12.95 -91.59 -83.10
C TRP C 1254 13.78 -92.83 -83.39
N PHE C 1255 13.13 -93.93 -83.76
CA PHE C 1255 13.82 -95.21 -83.96
C PHE C 1255 13.99 -95.57 -85.42
N GLY C 1256 13.29 -94.90 -86.34
CA GLY C 1256 13.38 -95.17 -87.75
C GLY C 1256 12.24 -96.06 -88.24
N SER C 1257 11.97 -95.96 -89.54
CA SER C 1257 10.89 -96.74 -90.13
C SER C 1257 11.20 -98.24 -90.11
N SER C 1258 12.47 -98.60 -90.26
CA SER C 1258 12.83 -100.02 -90.29
C SER C 1258 12.51 -100.71 -88.97
N VAL C 1259 12.75 -100.03 -87.85
CA VAL C 1259 12.51 -100.65 -86.55
C VAL C 1259 11.01 -100.90 -86.39
N PRO C 1260 10.56 -102.12 -86.06
CA PRO C 1260 9.11 -102.35 -85.99
C PRO C 1260 8.50 -101.68 -84.78
N TYR C 1261 7.25 -101.24 -84.94
CA TYR C 1261 6.51 -100.68 -83.83
C TYR C 1261 6.08 -101.77 -82.86
N SER C 1262 6.28 -101.53 -81.57
CA SER C 1262 5.92 -102.49 -80.54
C SER C 1262 5.63 -101.73 -79.26
N ASN C 1263 4.36 -101.65 -78.89
CA ASN C 1263 3.92 -100.94 -77.70
C ASN C 1263 3.63 -101.87 -76.53
N ASP C 1264 3.95 -103.15 -76.66
CA ASP C 1264 3.72 -104.12 -75.58
C ASP C 1264 4.92 -104.14 -74.63
N ILE C 1265 5.26 -102.98 -74.09
CA ILE C 1265 6.43 -102.83 -73.21
C ILE C 1265 5.96 -102.86 -71.77
N ASN C 1266 6.60 -103.71 -70.96
CA ASN C 1266 6.27 -103.82 -69.55
C ASN C 1266 6.94 -102.69 -68.77
N VAL C 1267 6.15 -101.92 -68.04
CA VAL C 1267 6.70 -100.79 -67.29
C VAL C 1267 7.60 -101.30 -66.16
N GLU C 1268 7.23 -102.42 -65.54
CA GLU C 1268 7.99 -102.94 -64.41
C GLU C 1268 9.38 -103.43 -64.78
N LYS C 1269 9.66 -103.63 -66.07
CA LYS C 1269 10.94 -104.15 -66.53
C LYS C 1269 11.77 -103.02 -67.12
N ALA C 1270 13.07 -103.04 -66.83
CA ALA C 1270 13.98 -102.02 -67.36
C ALA C 1270 14.10 -102.15 -68.87
N ILE C 1271 14.27 -101.00 -69.52
CA ILE C 1271 14.38 -100.92 -70.97
C ILE C 1271 15.85 -100.87 -71.34
N LEU C 1272 16.27 -101.81 -72.19
CA LEU C 1272 17.67 -101.94 -72.60
C LEU C 1272 17.89 -101.16 -73.88
N GLY C 1273 18.79 -100.17 -73.82
CA GLY C 1273 19.17 -99.40 -74.98
C GLY C 1273 20.34 -100.02 -75.72
N ASP C 1274 20.70 -99.37 -76.83
CA ASP C 1274 21.75 -99.88 -77.69
C ASP C 1274 23.12 -99.49 -77.15
N GLU C 1275 24.09 -100.38 -77.35
CA GLU C 1275 25.47 -100.11 -76.99
C GLU C 1275 26.03 -99.07 -77.96
N ILE C 1276 26.71 -98.07 -77.42
CA ILE C 1276 27.25 -96.96 -78.20
C ILE C 1276 28.71 -96.76 -77.81
N THR C 1277 29.57 -96.58 -78.81
CA THR C 1277 30.98 -96.27 -78.60
C THR C 1277 31.19 -94.77 -78.84
N ILE C 1278 31.71 -94.08 -77.83
CA ILE C 1278 31.92 -92.64 -77.94
C ILE C 1278 33.10 -92.38 -78.86
N SER C 1279 32.98 -91.36 -79.70
CA SER C 1279 34.01 -91.00 -80.66
C SER C 1279 34.29 -89.50 -80.60
N SER C 1280 35.52 -89.14 -81.00
CA SER C 1280 35.90 -87.73 -81.01
C SER C 1280 35.02 -86.93 -81.95
N GLN C 1281 34.67 -87.50 -83.10
CA GLN C 1281 33.79 -86.82 -84.04
C GLN C 1281 32.44 -86.52 -83.40
N THR C 1282 31.85 -87.51 -82.73
CA THR C 1282 30.55 -87.31 -82.09
C THR C 1282 30.66 -86.26 -80.99
N ILE C 1283 31.72 -86.31 -80.19
CA ILE C 1283 31.88 -85.34 -79.11
C ILE C 1283 32.00 -83.93 -79.67
N SER C 1284 32.84 -83.76 -80.71
CA SER C 1284 33.03 -82.45 -81.29
C SER C 1284 31.75 -81.91 -81.90
N GLU C 1285 31.02 -82.76 -82.63
CA GLU C 1285 29.78 -82.31 -83.25
C GLU C 1285 28.76 -81.90 -82.19
N PHE C 1286 28.61 -82.71 -81.14
CA PHE C 1286 27.65 -82.38 -80.10
C PHE C 1286 28.04 -81.10 -79.36
N THR C 1287 29.32 -80.93 -79.03
CA THR C 1287 29.75 -79.73 -78.35
C THR C 1287 29.53 -78.49 -79.21
N HIS C 1288 29.81 -78.60 -80.51
CA HIS C 1288 29.55 -77.49 -81.41
C HIS C 1288 28.06 -77.17 -81.47
N ALA C 1289 27.22 -78.21 -81.49
CA ALA C 1289 25.77 -77.98 -81.53
C ALA C 1289 25.30 -77.25 -80.29
N ILE C 1290 25.78 -77.65 -79.10
CA ILE C 1290 25.28 -77.05 -77.86
C ILE C 1290 26.02 -75.77 -77.49
N GLY C 1291 27.08 -75.41 -78.20
CA GLY C 1291 27.82 -74.21 -77.87
C GLY C 1291 28.71 -74.33 -76.66
N ASN C 1292 29.23 -75.52 -76.38
CA ASN C 1292 30.14 -75.72 -75.25
C ASN C 1292 31.58 -75.54 -75.73
N LYS C 1293 32.32 -74.68 -75.04
CA LYS C 1293 33.71 -74.37 -75.38
C LYS C 1293 34.69 -74.83 -74.31
N CYS C 1294 34.36 -75.90 -73.59
CA CYS C 1294 35.27 -76.41 -72.58
C CYS C 1294 36.43 -77.16 -73.23
N ASP C 1295 37.65 -76.85 -72.78
CA ASP C 1295 38.83 -77.48 -73.35
C ASP C 1295 38.91 -78.98 -73.07
N ALA C 1296 38.14 -79.48 -72.10
CA ALA C 1296 38.15 -80.89 -71.78
C ALA C 1296 37.57 -81.76 -72.90
N PHE C 1297 36.83 -81.17 -73.84
CA PHE C 1297 36.17 -81.92 -74.90
C PHE C 1297 36.87 -81.84 -76.25
N VAL C 1298 37.90 -81.00 -76.40
CA VAL C 1298 38.66 -80.93 -77.63
C VAL C 1298 39.80 -81.93 -77.56
N ASP C 1299 40.21 -82.45 -78.71
CA ASP C 1299 41.07 -83.63 -78.80
C ASP C 1299 42.56 -83.27 -78.71
N ARG C 1300 42.93 -82.65 -77.58
CA ARG C 1300 44.34 -82.41 -77.30
C ARG C 1300 45.05 -83.76 -77.15
N PRO C 1301 46.12 -84.03 -77.89
CA PRO C 1301 46.77 -85.34 -77.76
C PRO C 1301 47.34 -85.54 -76.36
N GLY C 1302 47.26 -86.77 -75.88
CA GLY C 1302 47.81 -87.11 -74.58
C GLY C 1302 47.07 -86.50 -73.41
N LYS C 1303 45.77 -86.24 -73.56
CA LYS C 1303 44.96 -85.67 -72.50
C LYS C 1303 43.67 -86.43 -72.23
N ALA C 1304 43.35 -87.46 -73.02
CA ALA C 1304 42.17 -88.28 -72.81
C ALA C 1304 40.90 -87.43 -72.84
N THR C 1305 40.62 -86.88 -74.03
CA THR C 1305 39.47 -86.01 -74.26
C THR C 1305 38.19 -86.59 -73.67
N LEU C 1306 37.50 -85.78 -72.88
CA LEU C 1306 36.28 -86.18 -72.22
C LEU C 1306 35.06 -85.80 -73.05
N ALA C 1307 33.91 -86.40 -72.70
CA ALA C 1307 32.64 -86.09 -73.31
C ALA C 1307 31.74 -85.34 -72.33
N PRO C 1308 30.92 -84.40 -72.80
CA PRO C 1308 30.09 -83.65 -71.86
C PRO C 1308 29.03 -84.54 -71.21
N MET C 1309 28.63 -84.16 -70.01
CA MET C 1309 27.56 -84.89 -69.32
C MET C 1309 26.25 -84.80 -70.09
N ASP C 1310 26.07 -83.76 -70.91
CA ASP C 1310 24.88 -83.68 -71.74
C ASP C 1310 24.87 -84.73 -72.84
N PHE C 1311 26.02 -85.32 -73.16
CA PHE C 1311 26.05 -86.49 -74.04
C PHE C 1311 25.40 -87.70 -73.41
N ALA C 1312 25.11 -87.65 -72.10
CA ALA C 1312 24.35 -88.71 -71.46
C ALA C 1312 23.00 -88.89 -72.14
N ILE C 1313 22.32 -87.79 -72.44
CA ILE C 1313 21.01 -87.90 -73.09
C ILE C 1313 21.15 -88.36 -74.52
N VAL C 1314 22.28 -88.05 -75.17
CA VAL C 1314 22.53 -88.60 -76.50
C VAL C 1314 22.65 -90.11 -76.41
N ILE C 1315 23.36 -90.60 -75.40
CA ILE C 1315 23.52 -92.05 -75.24
C ILE C 1315 22.20 -92.71 -74.91
N GLY C 1316 21.43 -92.10 -74.00
CA GLY C 1316 20.24 -92.70 -73.44
C GLY C 1316 18.91 -92.21 -73.99
N TRP C 1317 18.91 -91.54 -75.14
CA TRP C 1317 17.65 -91.02 -75.67
C TRP C 1317 16.71 -92.15 -76.06
N LYS C 1318 17.23 -93.19 -76.69
CA LYS C 1318 16.38 -94.31 -77.12
C LYS C 1318 15.71 -94.97 -75.91
N ALA C 1319 16.50 -95.35 -74.92
CA ALA C 1319 15.94 -96.04 -73.75
C ALA C 1319 15.00 -95.14 -72.97
N ILE C 1320 15.39 -93.88 -72.74
CA ILE C 1320 14.57 -92.97 -71.93
C ILE C 1320 13.26 -92.69 -72.64
N ILE C 1321 13.30 -92.45 -73.95
CA ILE C 1321 12.09 -92.09 -74.68
C ILE C 1321 11.23 -93.31 -74.98
N LYS C 1322 11.79 -94.52 -74.90
CA LYS C 1322 11.00 -95.72 -75.07
C LYS C 1322 10.05 -95.97 -73.90
N ALA C 1323 10.18 -95.21 -72.81
CA ALA C 1323 9.38 -95.43 -71.61
C ALA C 1323 8.04 -94.72 -71.62
N ILE C 1324 7.80 -93.80 -72.57
CA ILE C 1324 6.52 -93.11 -72.66
C ILE C 1324 5.57 -93.79 -73.64
N PHE C 1325 6.07 -94.70 -74.48
CA PHE C 1325 5.29 -95.48 -75.43
C PHE C 1325 4.39 -96.58 -74.86
N PRO C 1326 4.66 -97.20 -73.69
CA PRO C 1326 3.86 -98.36 -73.28
C PRO C 1326 2.37 -98.05 -73.21
N LYS C 1327 1.55 -99.05 -73.58
CA LYS C 1327 0.11 -98.87 -73.62
C LYS C 1327 -0.45 -98.53 -72.24
N SER C 1328 0.18 -99.03 -71.18
CA SER C 1328 -0.21 -98.63 -69.83
C SER C 1328 -0.04 -97.14 -69.63
N VAL C 1329 0.87 -96.52 -70.38
CA VAL C 1329 1.06 -95.07 -70.37
C VAL C 1329 0.49 -94.52 -71.67
N ASP C 1330 -0.79 -94.15 -71.67
CA ASP C 1330 -1.49 -93.69 -72.86
C ASP C 1330 -1.69 -92.19 -72.80
N GLY C 1331 -1.34 -91.51 -73.87
CA GLY C 1331 -1.51 -90.07 -73.93
C GLY C 1331 -1.14 -89.53 -75.29
N ASP C 1332 -1.32 -88.23 -75.46
CA ASP C 1332 -1.06 -87.54 -76.71
C ASP C 1332 0.39 -87.08 -76.73
N LEU C 1333 1.20 -87.68 -77.61
CA LEU C 1333 2.62 -87.31 -77.67
C LEU C 1333 2.79 -85.89 -78.19
N LEU C 1334 1.88 -85.43 -79.06
CA LEU C 1334 1.99 -84.06 -79.56
C LEU C 1334 1.83 -83.04 -78.44
N LYS C 1335 1.08 -83.39 -77.40
CA LYS C 1335 0.95 -82.56 -76.20
C LYS C 1335 1.97 -82.91 -75.13
N LEU C 1336 2.84 -83.89 -75.38
CA LEU C 1336 3.92 -84.17 -74.44
C LEU C 1336 4.85 -82.98 -74.33
N VAL C 1337 5.26 -82.67 -73.11
CA VAL C 1337 6.27 -81.66 -72.86
C VAL C 1337 7.30 -82.23 -71.89
N HIS C 1338 8.57 -81.92 -72.15
CA HIS C 1338 9.64 -82.28 -71.22
C HIS C 1338 9.59 -81.28 -70.07
N LEU C 1339 9.26 -81.76 -68.87
CA LEU C 1339 9.15 -80.88 -67.71
C LEU C 1339 10.51 -80.61 -67.08
N SER C 1340 11.32 -81.65 -66.93
CA SER C 1340 12.57 -81.54 -66.19
C SER C 1340 13.52 -82.63 -66.64
N ASN C 1341 14.81 -82.34 -66.51
CA ASN C 1341 15.85 -83.32 -66.76
C ASN C 1341 17.02 -83.08 -65.82
N GLY C 1342 17.61 -84.16 -65.33
CA GLY C 1342 18.74 -84.06 -64.43
C GLY C 1342 19.71 -85.19 -64.65
N TYR C 1343 20.97 -84.93 -64.34
CA TYR C 1343 22.04 -85.91 -64.40
C TYR C 1343 22.72 -85.98 -63.04
N LYS C 1344 23.09 -87.19 -62.65
CA LYS C 1344 23.81 -87.42 -61.40
C LYS C 1344 24.98 -88.33 -61.68
N MET C 1345 26.19 -87.87 -61.36
CA MET C 1345 27.36 -88.73 -61.42
C MET C 1345 27.35 -89.71 -60.26
N ILE C 1346 27.68 -90.96 -60.54
CA ILE C 1346 27.89 -91.93 -59.47
C ILE C 1346 29.17 -91.57 -58.73
N THR C 1347 29.18 -91.81 -57.42
CA THR C 1347 30.35 -91.50 -56.62
C THR C 1347 31.54 -92.33 -57.09
N GLY C 1348 32.67 -91.66 -57.32
CA GLY C 1348 33.87 -92.35 -57.75
C GLY C 1348 33.87 -92.79 -59.20
N ALA C 1349 32.89 -92.36 -59.99
CA ALA C 1349 32.81 -92.69 -61.40
C ALA C 1349 33.44 -91.57 -62.22
N ALA C 1350 34.41 -91.93 -63.06
CA ALA C 1350 35.09 -90.94 -63.88
C ALA C 1350 34.15 -90.45 -64.99
N PRO C 1351 34.39 -89.25 -65.51
CA PRO C 1351 33.55 -88.77 -66.62
C PRO C 1351 33.73 -89.62 -67.87
N LEU C 1352 32.75 -89.53 -68.75
CA LEU C 1352 32.83 -90.24 -70.02
C LEU C 1352 33.98 -89.69 -70.86
N LYS C 1353 34.69 -90.58 -71.53
CA LYS C 1353 35.86 -90.23 -72.33
C LYS C 1353 35.78 -90.90 -73.69
N LYS C 1354 36.67 -90.48 -74.58
CA LYS C 1354 36.71 -91.03 -75.93
C LYS C 1354 36.99 -92.53 -75.89
N GLY C 1355 36.34 -93.28 -76.78
CA GLY C 1355 36.50 -94.71 -76.82
C GLY C 1355 35.66 -95.47 -75.82
N ASP C 1356 34.86 -94.79 -75.01
CA ASP C 1356 34.07 -95.48 -74.00
C ASP C 1356 32.95 -96.28 -74.65
N VAL C 1357 32.78 -97.51 -74.19
CA VAL C 1357 31.72 -98.41 -74.62
C VAL C 1357 30.62 -98.34 -73.57
N VAL C 1358 29.52 -97.67 -73.89
CA VAL C 1358 28.49 -97.34 -72.91
C VAL C 1358 27.17 -97.97 -73.33
N SER C 1359 26.47 -98.56 -72.36
CA SER C 1359 25.14 -99.13 -72.55
C SER C 1359 24.18 -98.54 -71.54
N THR C 1360 22.97 -98.23 -71.97
CA THR C 1360 22.01 -97.51 -71.15
C THR C 1360 20.84 -98.42 -70.79
N LYS C 1361 20.43 -98.36 -69.52
CA LYS C 1361 19.28 -99.11 -69.02
C LYS C 1361 18.29 -98.12 -68.41
N ALA C 1362 17.07 -98.09 -68.94
CA ALA C 1362 16.05 -97.13 -68.51
C ALA C 1362 14.97 -97.84 -67.71
N GLU C 1363 14.51 -97.19 -66.66
CA GLU C 1363 13.46 -97.71 -65.78
C GLU C 1363 12.45 -96.60 -65.55
N ILE C 1364 11.17 -96.96 -65.61
CA ILE C 1364 10.10 -95.99 -65.37
C ILE C 1364 9.91 -95.89 -63.85
N LYS C 1365 10.31 -94.75 -63.28
CA LYS C 1365 10.19 -94.58 -61.83
C LYS C 1365 8.75 -94.36 -61.41
N ALA C 1366 8.01 -93.55 -62.17
CA ALA C 1366 6.66 -93.18 -61.75
C ALA C 1366 5.80 -92.86 -62.97
N VAL C 1367 4.51 -93.18 -62.84
CA VAL C 1367 3.48 -92.76 -63.78
C VAL C 1367 2.31 -92.28 -62.92
N LEU C 1368 1.99 -91.00 -62.99
CA LEU C 1368 0.99 -90.37 -62.13
C LEU C 1368 0.02 -89.58 -62.98
N ASN C 1369 -1.19 -89.37 -62.46
CA ASN C 1369 -2.14 -88.43 -63.05
C ASN C 1369 -2.30 -87.24 -62.10
N GLN C 1370 -1.80 -86.09 -62.52
CA GLN C 1370 -2.02 -84.81 -61.86
C GLN C 1370 -3.06 -84.02 -62.63
N PRO C 1371 -3.60 -82.95 -62.03
CA PRO C 1371 -4.59 -82.14 -62.77
C PRO C 1371 -4.08 -81.59 -64.08
N SER C 1372 -2.77 -81.34 -64.19
CA SER C 1372 -2.20 -80.85 -65.44
C SER C 1372 -2.00 -81.95 -66.48
N GLY C 1373 -1.96 -83.22 -66.07
CA GLY C 1373 -1.78 -84.29 -67.02
C GLY C 1373 -1.09 -85.48 -66.39
N LYS C 1374 -0.66 -86.40 -67.25
CA LYS C 1374 0.00 -87.62 -66.83
C LYS C 1374 1.51 -87.41 -66.83
N LEU C 1375 2.12 -87.52 -65.65
CA LEU C 1375 3.55 -87.34 -65.47
C LEU C 1375 4.24 -88.69 -65.50
N VAL C 1376 5.31 -88.79 -66.30
CA VAL C 1376 6.09 -90.01 -66.46
C VAL C 1376 7.54 -89.69 -66.11
N GLU C 1377 8.06 -90.38 -65.11
CA GLU C 1377 9.43 -90.23 -64.66
C GLU C 1377 10.25 -91.43 -65.12
N VAL C 1378 11.35 -91.17 -65.80
CA VAL C 1378 12.19 -92.22 -66.38
C VAL C 1378 13.63 -91.95 -65.98
N VAL C 1379 14.29 -92.96 -65.40
CA VAL C 1379 15.69 -92.85 -65.01
C VAL C 1379 16.48 -93.82 -65.87
N GLY C 1380 17.43 -93.29 -66.63
CA GLY C 1380 18.33 -94.07 -67.44
C GLY C 1380 19.73 -94.08 -66.86
N THR C 1381 20.17 -95.24 -66.41
CA THR C 1381 21.51 -95.41 -65.87
C THR C 1381 22.43 -95.86 -67.00
N ILE C 1382 23.55 -95.16 -67.14
CA ILE C 1382 24.57 -95.50 -68.12
C ILE C 1382 25.58 -96.41 -67.45
N TYR C 1383 26.06 -97.40 -68.19
CA TYR C 1383 27.02 -98.40 -67.69
C TYR C 1383 28.21 -98.45 -68.63
N ARG C 1384 29.40 -98.37 -68.04
CA ARG C 1384 30.68 -98.52 -68.75
C ARG C 1384 31.38 -99.73 -68.16
N GLU C 1385 31.83 -100.63 -69.03
CA GLU C 1385 32.41 -101.94 -68.64
C GLU C 1385 31.57 -102.63 -67.57
N GLY C 1386 30.24 -102.50 -67.64
CA GLY C 1386 29.37 -103.17 -66.70
C GLY C 1386 29.20 -102.48 -65.38
N LYS C 1387 29.83 -101.32 -65.18
CA LYS C 1387 29.77 -100.57 -63.93
C LYS C 1387 28.99 -99.28 -64.16
N PRO C 1388 28.02 -98.93 -63.30
CA PRO C 1388 27.27 -97.69 -63.54
C PRO C 1388 28.17 -96.46 -63.43
N VAL C 1389 27.92 -95.48 -64.31
CA VAL C 1389 28.67 -94.25 -64.34
C VAL C 1389 27.81 -93.04 -63.99
N MET C 1390 26.53 -93.05 -64.36
CA MET C 1390 25.69 -91.88 -64.18
C MET C 1390 24.23 -92.26 -64.34
N GLU C 1391 23.36 -91.41 -63.81
CA GLU C 1391 21.91 -91.58 -63.86
C GLU C 1391 21.27 -90.34 -64.46
N VAL C 1392 20.38 -90.52 -65.41
CA VAL C 1392 19.72 -89.43 -66.13
C VAL C 1392 18.22 -89.54 -65.86
N THR C 1393 17.69 -88.63 -65.07
CA THR C 1393 16.28 -88.60 -64.72
C THR C 1393 15.57 -87.61 -65.62
N SER C 1394 14.46 -88.04 -66.22
CA SER C 1394 13.68 -87.21 -67.14
C SER C 1394 12.21 -87.27 -66.74
N GLN C 1395 11.51 -86.16 -66.91
CA GLN C 1395 10.09 -86.08 -66.64
C GLN C 1395 9.36 -85.61 -67.89
N PHE C 1396 8.35 -86.37 -68.31
CA PHE C 1396 7.53 -86.04 -69.47
C PHE C 1396 6.08 -85.95 -69.04
N LEU C 1397 5.43 -84.84 -69.39
CA LEU C 1397 4.03 -84.60 -69.03
C LEU C 1397 3.16 -84.66 -70.27
N TYR C 1398 2.22 -85.60 -70.27
CA TYR C 1398 1.15 -85.68 -71.26
C TYR C 1398 0.03 -84.78 -70.78
N ARG C 1399 -0.12 -83.60 -71.37
CA ARG C 1399 -1.22 -82.73 -70.98
C ARG C 1399 -2.56 -83.37 -71.30
N GLY C 1400 -3.56 -83.08 -70.47
CA GLY C 1400 -4.90 -83.58 -70.63
C GLY C 1400 -5.45 -84.07 -69.31
N GLU C 1401 -6.54 -84.83 -69.38
CA GLU C 1401 -7.19 -85.41 -68.22
C GLU C 1401 -7.12 -86.94 -68.33
N TYR C 1402 -6.60 -87.57 -67.28
CA TYR C 1402 -6.42 -89.02 -67.25
C TYR C 1402 -6.97 -89.55 -65.93
N ASN C 1403 -7.81 -90.58 -66.03
CA ASN C 1403 -8.44 -91.21 -64.87
C ASN C 1403 -8.02 -92.66 -64.68
N ASP C 1404 -7.07 -93.15 -65.48
CA ASP C 1404 -6.67 -94.56 -65.45
C ASP C 1404 -5.68 -94.78 -64.30
N TYR C 1405 -6.20 -94.60 -63.09
CA TYR C 1405 -5.36 -94.78 -61.90
C TYR C 1405 -4.89 -96.22 -61.72
N CYS C 1406 -5.52 -97.18 -62.40
CA CYS C 1406 -5.07 -98.56 -62.30
C CYS C 1406 -3.67 -98.73 -62.86
N ASN C 1407 -3.26 -97.88 -63.80
CA ASN C 1407 -1.98 -97.99 -64.47
C ASN C 1407 -0.91 -97.05 -63.89
N THR C 1408 -1.19 -96.39 -62.77
CA THR C 1408 -0.23 -95.48 -62.16
C THR C 1408 0.60 -96.21 -61.10
N PHE C 1409 1.81 -95.68 -60.88
CA PHE C 1409 2.67 -96.17 -59.83
C PHE C 1409 3.77 -95.15 -59.60
N GLN C 1410 4.49 -95.31 -58.49
CA GLN C 1410 5.57 -94.39 -58.14
C GLN C 1410 6.61 -95.18 -57.34
N LYS C 1411 7.77 -95.40 -57.95
CA LYS C 1411 8.90 -96.04 -57.29
C LYS C 1411 9.84 -94.93 -56.83
N VAL C 1412 9.97 -94.78 -55.51
CA VAL C 1412 10.82 -93.75 -54.91
C VAL C 1412 11.91 -94.44 -54.12
N THR C 1413 13.15 -94.32 -54.58
CA THR C 1413 14.29 -94.78 -53.79
C THR C 1413 14.59 -93.67 -52.79
N GLU C 1414 14.27 -93.93 -51.52
CA GLU C 1414 14.49 -92.95 -50.48
C GLU C 1414 15.97 -92.84 -50.20
N THR C 1415 16.47 -91.61 -50.06
CA THR C 1415 17.87 -91.42 -49.79
C THR C 1415 18.20 -92.03 -48.42
N PRO C 1416 19.41 -92.57 -48.23
CA PRO C 1416 19.74 -93.17 -46.94
C PRO C 1416 19.58 -92.18 -45.79
N VAL C 1417 18.85 -92.61 -44.76
CA VAL C 1417 18.57 -91.77 -43.60
C VAL C 1417 19.29 -92.37 -42.40
N GLN C 1418 20.07 -91.55 -41.71
CA GLN C 1418 20.83 -91.99 -40.55
C GLN C 1418 20.06 -91.64 -39.29
N VAL C 1419 19.53 -92.67 -38.62
CA VAL C 1419 18.76 -92.52 -37.40
C VAL C 1419 19.65 -92.88 -36.22
N ALA C 1420 19.77 -91.96 -35.26
CA ALA C 1420 20.55 -92.17 -34.05
C ALA C 1420 19.60 -92.51 -32.91
N PHE C 1421 19.83 -93.65 -32.27
CA PHE C 1421 19.04 -94.10 -31.13
C PHE C 1421 19.93 -93.96 -29.90
N LYS C 1422 19.94 -92.77 -29.32
CA LYS C 1422 20.70 -92.48 -28.11
C LYS C 1422 19.83 -92.53 -26.86
N SER C 1423 18.76 -93.31 -26.89
CA SER C 1423 17.85 -93.40 -25.76
C SER C 1423 17.09 -94.71 -25.79
N ALA C 1424 16.81 -95.24 -24.60
CA ALA C 1424 15.97 -96.42 -24.49
C ALA C 1424 14.61 -96.19 -25.14
N LYS C 1425 14.12 -94.96 -25.09
CA LYS C 1425 12.86 -94.65 -25.76
C LYS C 1425 13.02 -94.67 -27.28
N ASP C 1426 14.20 -94.27 -27.78
CA ASP C 1426 14.44 -94.39 -29.21
C ASP C 1426 14.42 -95.85 -29.65
N LEU C 1427 15.12 -96.71 -28.92
CA LEU C 1427 15.05 -98.14 -29.25
C LEU C 1427 13.63 -98.67 -29.09
N ALA C 1428 12.89 -98.15 -28.10
CA ALA C 1428 11.53 -98.63 -27.87
C ALA C 1428 10.62 -98.28 -29.03
N VAL C 1429 10.70 -97.04 -29.53
CA VAL C 1429 9.86 -96.67 -30.67
C VAL C 1429 10.26 -97.48 -31.90
N LEU C 1430 11.57 -97.66 -32.12
CA LEU C 1430 12.00 -98.45 -33.27
C LEU C 1430 11.45 -99.87 -33.21
N ARG C 1431 11.48 -100.48 -32.02
CA ARG C 1431 10.93 -101.83 -31.89
C ARG C 1431 9.42 -101.84 -31.97
N SER C 1432 8.75 -100.76 -31.56
CA SER C 1432 7.31 -100.68 -31.71
C SER C 1432 6.89 -100.57 -33.16
N LYS C 1433 7.76 -100.05 -34.04
CA LYS C 1433 7.46 -100.05 -35.46
C LYS C 1433 7.30 -101.48 -35.95
N GLU C 1434 6.08 -101.83 -36.36
CA GLU C 1434 5.83 -103.17 -36.88
C GLU C 1434 6.64 -103.43 -38.15
N TRP C 1435 6.77 -102.43 -39.01
CA TRP C 1435 7.44 -102.60 -40.30
C TRP C 1435 8.94 -102.84 -40.16
N PHE C 1436 9.52 -102.60 -38.99
CA PHE C 1436 10.95 -102.78 -38.77
C PHE C 1436 11.19 -104.16 -38.15
N HIS C 1437 12.04 -104.96 -38.79
CA HIS C 1437 12.40 -106.29 -38.30
C HIS C 1437 13.91 -106.35 -38.10
N LEU C 1438 14.33 -106.97 -37.00
CA LEU C 1438 15.75 -107.13 -36.69
C LEU C 1438 16.16 -108.57 -36.95
N GLU C 1439 17.06 -108.78 -37.89
CA GLU C 1439 17.55 -110.11 -38.24
C GLU C 1439 18.87 -110.46 -37.58
N LYS C 1440 19.60 -109.47 -37.08
CA LYS C 1440 20.86 -109.67 -36.38
C LYS C 1440 20.76 -108.97 -35.03
N ASP C 1441 20.82 -109.75 -33.95
CA ASP C 1441 20.71 -109.21 -32.60
C ASP C 1441 22.06 -108.62 -32.21
N VAL C 1442 22.16 -107.29 -32.31
CA VAL C 1442 23.39 -106.57 -31.98
C VAL C 1442 23.01 -105.26 -31.29
N GLN C 1443 24.01 -104.63 -30.70
CA GLN C 1443 23.85 -103.33 -30.04
C GLN C 1443 24.29 -102.24 -31.03
N PHE C 1444 23.39 -101.29 -31.27
CA PHE C 1444 23.65 -100.20 -32.21
C PHE C 1444 23.26 -98.87 -31.57
N ASP C 1445 24.00 -97.83 -31.95
CA ASP C 1445 23.66 -96.46 -31.59
C ASP C 1445 23.24 -95.61 -32.78
N VAL C 1446 23.67 -95.98 -33.98
CA VAL C 1446 23.25 -95.32 -35.21
C VAL C 1446 22.97 -96.39 -36.26
N LEU C 1447 21.88 -96.22 -37.00
CA LEU C 1447 21.53 -97.09 -38.11
C LEU C 1447 21.31 -96.25 -39.35
N THR C 1448 21.45 -96.88 -40.52
CA THR C 1448 21.22 -96.23 -41.81
C THR C 1448 20.13 -97.00 -42.54
N PHE C 1449 19.01 -96.33 -42.81
CA PHE C 1449 17.86 -96.92 -43.48
C PHE C 1449 17.94 -96.55 -44.96
N ARG C 1450 18.01 -97.57 -45.82
CA ARG C 1450 17.96 -97.42 -47.27
C ARG C 1450 16.73 -98.17 -47.74
N CYS C 1451 15.73 -97.42 -48.25
CA CYS C 1451 14.43 -97.98 -48.58
C CYS C 1451 14.02 -97.63 -50.01
N GLU C 1452 13.08 -98.42 -50.54
CA GLU C 1452 12.56 -98.24 -51.90
C GLU C 1452 11.04 -98.35 -51.82
N SER C 1453 10.37 -97.22 -51.64
CA SER C 1453 8.92 -97.21 -51.57
C SER C 1453 8.31 -97.40 -52.95
N THR C 1454 7.15 -98.05 -52.98
CA THR C 1454 6.41 -98.29 -54.20
C THR C 1454 4.94 -97.98 -53.92
N TYR C 1455 4.43 -96.92 -54.54
CA TYR C 1455 3.06 -96.48 -54.38
C TYR C 1455 2.24 -96.86 -55.59
N LYS C 1456 1.00 -97.28 -55.34
CA LYS C 1456 0.00 -97.52 -56.37
C LYS C 1456 -1.24 -96.72 -56.00
N PHE C 1457 -1.77 -95.98 -56.96
CA PHE C 1457 -2.84 -95.02 -56.73
C PHE C 1457 -4.17 -95.59 -57.18
N LYS C 1458 -5.19 -95.50 -56.31
CA LYS C 1458 -6.56 -95.72 -56.72
C LYS C 1458 -7.29 -94.41 -57.03
N SER C 1459 -6.80 -93.29 -56.51
CA SER C 1459 -7.33 -91.98 -56.82
C SER C 1459 -6.19 -90.98 -56.75
N ALA C 1460 -6.54 -89.70 -56.94
CA ALA C 1460 -5.51 -88.67 -56.97
C ALA C 1460 -4.77 -88.56 -55.64
N ASN C 1461 -5.52 -88.61 -54.53
CA ASN C 1461 -4.97 -88.42 -53.20
C ASN C 1461 -4.90 -89.71 -52.40
N VAL C 1462 -5.34 -90.84 -52.96
CA VAL C 1462 -5.45 -92.10 -52.25
C VAL C 1462 -4.50 -93.10 -52.90
N TYR C 1463 -3.76 -93.84 -52.07
CA TYR C 1463 -2.85 -94.86 -52.56
C TYR C 1463 -3.54 -96.22 -52.55
N SER C 1464 -3.62 -96.85 -53.72
CA SER C 1464 -4.16 -98.20 -53.78
C SER C 1464 -3.35 -99.15 -52.91
N SER C 1465 -2.03 -99.04 -52.95
CA SER C 1465 -1.20 -99.94 -52.17
C SER C 1465 0.19 -99.32 -52.00
N ILE C 1466 0.68 -99.32 -50.77
CA ILE C 1466 2.02 -98.82 -50.43
C ILE C 1466 2.86 -100.01 -49.98
N LYS C 1467 4.01 -100.20 -50.62
CA LYS C 1467 4.94 -101.27 -50.29
C LYS C 1467 6.32 -100.65 -50.15
N THR C 1468 6.84 -100.63 -48.93
CA THR C 1468 8.17 -100.11 -48.65
C THR C 1468 9.06 -101.26 -48.21
N THR C 1469 10.15 -101.49 -48.93
CA THR C 1469 11.14 -102.50 -48.58
C THR C 1469 12.50 -101.84 -48.47
N GLY C 1470 13.24 -102.20 -47.43
CA GLY C 1470 14.52 -101.55 -47.20
C GLY C 1470 15.45 -102.40 -46.36
N GLN C 1471 16.72 -102.02 -46.39
CA GLN C 1471 17.78 -102.71 -45.65
C GLN C 1471 18.39 -101.73 -44.65
N VAL C 1472 18.24 -102.02 -43.36
CA VAL C 1472 18.80 -101.19 -42.31
C VAL C 1472 20.21 -101.68 -42.01
N LEU C 1473 21.18 -100.77 -42.03
CA LEU C 1473 22.58 -101.09 -41.93
C LEU C 1473 23.18 -100.50 -40.66
N LEU C 1474 24.21 -101.17 -40.15
CA LEU C 1474 24.96 -100.75 -38.99
C LEU C 1474 26.44 -100.79 -39.31
N GLU C 1475 27.16 -99.75 -38.91
CA GLU C 1475 28.62 -99.73 -38.99
C GLU C 1475 29.17 -100.28 -37.69
N LEU C 1476 29.81 -101.44 -37.75
CA LEU C 1476 30.37 -102.06 -36.57
C LEU C 1476 31.60 -101.28 -36.11
N PRO C 1477 32.05 -101.52 -34.88
CA PRO C 1477 33.33 -100.91 -34.47
C PRO C 1477 34.49 -101.32 -35.36
N THR C 1478 34.40 -102.48 -36.00
CA THR C 1478 35.34 -102.89 -37.03
C THR C 1478 35.30 -102.01 -38.27
N LYS C 1479 34.24 -101.20 -38.43
CA LYS C 1479 33.95 -100.30 -39.55
C LYS C 1479 33.35 -101.06 -40.73
N GLU C 1480 33.13 -102.36 -40.62
CA GLU C 1480 32.36 -103.09 -41.62
C GLU C 1480 30.89 -102.72 -41.47
N VAL C 1481 30.21 -102.54 -42.61
CA VAL C 1481 28.79 -102.21 -42.64
C VAL C 1481 28.02 -103.49 -42.90
N ILE C 1482 27.07 -103.81 -42.02
CA ILE C 1482 26.31 -105.04 -42.10
C ILE C 1482 24.82 -104.75 -41.93
N GLN C 1483 24.00 -105.58 -42.57
CA GLN C 1483 22.54 -105.43 -42.49
C GLN C 1483 22.06 -106.07 -41.20
N VAL C 1484 21.69 -105.24 -40.22
CA VAL C 1484 21.14 -105.73 -38.96
C VAL C 1484 19.65 -106.00 -39.03
N GLY C 1485 18.96 -105.43 -40.02
CA GLY C 1485 17.53 -105.66 -40.11
C GLY C 1485 16.99 -105.16 -41.44
N SER C 1486 15.68 -105.30 -41.58
CA SER C 1486 15.00 -104.92 -42.80
C SER C 1486 13.74 -104.13 -42.46
N VAL C 1487 13.28 -103.38 -43.45
CA VAL C 1487 11.99 -102.69 -43.41
C VAL C 1487 11.08 -103.37 -44.40
N ASP C 1488 9.87 -103.72 -43.95
CA ASP C 1488 8.88 -104.37 -44.81
C ASP C 1488 7.52 -103.86 -44.39
N TYR C 1489 7.05 -102.81 -45.06
CA TYR C 1489 5.75 -102.22 -44.81
C TYR C 1489 4.84 -102.48 -46.00
N GLU C 1490 3.61 -102.91 -45.71
CA GLU C 1490 2.60 -103.13 -46.74
C GLU C 1490 1.28 -102.59 -46.24
N ALA C 1491 0.58 -101.86 -47.11
CA ALA C 1491 -0.73 -101.32 -46.73
C ALA C 1491 -1.56 -101.12 -47.97
N GLY C 1492 -2.88 -101.15 -47.78
CA GLY C 1492 -3.83 -100.90 -48.85
C GLY C 1492 -4.15 -99.42 -48.97
N THR C 1493 -5.43 -99.07 -48.83
CA THR C 1493 -5.82 -97.67 -48.88
C THR C 1493 -5.09 -96.89 -47.80
N SER C 1494 -4.32 -95.89 -48.22
CA SER C 1494 -3.47 -95.14 -47.30
C SER C 1494 -3.27 -93.73 -47.84
N TYR C 1495 -2.86 -92.83 -46.96
CA TYR C 1495 -2.65 -91.44 -47.29
C TYR C 1495 -1.21 -90.99 -47.09
N GLY C 1496 -0.30 -91.93 -46.83
CA GLY C 1496 1.11 -91.59 -46.67
C GLY C 1496 1.89 -92.84 -46.36
N ASN C 1497 3.22 -92.67 -46.34
CA ASN C 1497 4.12 -93.78 -46.04
C ASN C 1497 4.69 -93.60 -44.63
N PRO C 1498 4.30 -94.44 -43.66
CA PRO C 1498 4.80 -94.23 -42.29
C PRO C 1498 6.31 -94.37 -42.18
N VAL C 1499 6.92 -95.22 -43.00
CA VAL C 1499 8.38 -95.39 -42.95
C VAL C 1499 9.05 -94.08 -43.32
N THR C 1500 8.61 -93.46 -44.42
CA THR C 1500 9.21 -92.20 -44.84
C THR C 1500 8.95 -91.12 -43.82
N ASP C 1501 7.74 -91.07 -43.27
CA ASP C 1501 7.44 -90.06 -42.25
C ASP C 1501 8.34 -90.23 -41.03
N TYR C 1502 8.50 -91.46 -40.57
CA TYR C 1502 9.33 -91.72 -39.39
C TYR C 1502 10.79 -91.35 -39.64
N LEU C 1503 11.32 -91.77 -40.80
CA LEU C 1503 12.72 -91.46 -41.08
C LEU C 1503 12.93 -89.97 -41.28
N SER C 1504 11.97 -89.28 -41.90
CA SER C 1504 12.10 -87.85 -42.09
C SER C 1504 12.08 -87.11 -40.76
N ARG C 1505 11.16 -87.47 -39.86
CA ARG C 1505 11.06 -86.76 -38.60
C ARG C 1505 12.18 -87.11 -37.63
N ASN C 1506 12.54 -88.39 -37.53
CA ASN C 1506 13.46 -88.87 -36.49
C ASN C 1506 14.84 -89.22 -37.05
N GLY C 1507 15.13 -88.85 -38.28
CA GLY C 1507 16.43 -89.17 -38.88
C GLY C 1507 16.87 -88.09 -39.83
N LYS C 1508 18.18 -87.94 -39.95
CA LYS C 1508 18.80 -86.97 -40.86
C LYS C 1508 19.38 -87.72 -42.04
N THR C 1509 19.08 -87.24 -43.25
CA THR C 1509 19.65 -87.84 -44.43
C THR C 1509 21.15 -87.59 -44.50
N ILE C 1510 21.87 -88.53 -45.12
CA ILE C 1510 23.30 -88.33 -45.32
C ILE C 1510 23.50 -87.21 -46.33
N GLU C 1511 24.59 -86.46 -46.18
CA GLU C 1511 24.90 -85.32 -47.03
C GLU C 1511 23.78 -84.28 -46.98
N GLU C 1512 23.59 -83.71 -45.80
CA GLU C 1512 22.64 -82.62 -45.65
C GLU C 1512 23.13 -81.38 -46.41
N SER C 1513 22.20 -80.69 -47.05
CA SER C 1513 22.52 -79.51 -47.86
C SER C 1513 22.52 -78.29 -46.96
N VAL C 1514 23.71 -77.76 -46.67
CA VAL C 1514 23.86 -76.57 -45.84
C VAL C 1514 23.80 -75.35 -46.76
N ILE C 1515 22.85 -74.46 -46.50
CA ILE C 1515 22.57 -73.31 -47.35
C ILE C 1515 23.22 -72.07 -46.74
N PHE C 1516 23.92 -71.31 -47.58
CA PHE C 1516 24.55 -70.09 -47.12
C PHE C 1516 23.52 -69.05 -46.70
N GLU C 1517 23.90 -68.23 -45.72
CA GLU C 1517 23.04 -67.13 -45.31
C GLU C 1517 22.83 -66.14 -46.45
N ASN C 1518 23.91 -65.83 -47.18
CA ASN C 1518 23.86 -64.94 -48.34
C ASN C 1518 24.30 -65.71 -49.57
N ALA C 1519 23.49 -65.67 -50.62
CA ALA C 1519 23.86 -66.32 -51.87
C ALA C 1519 24.95 -65.53 -52.57
N ILE C 1520 25.89 -66.24 -53.19
CA ILE C 1520 27.04 -65.64 -53.86
C ILE C 1520 26.72 -65.57 -55.35
N PRO C 1521 26.46 -64.39 -55.92
CA PRO C 1521 26.18 -64.34 -57.37
C PRO C 1521 27.46 -64.55 -58.17
N LEU C 1522 27.41 -65.50 -59.11
CA LEU C 1522 28.56 -65.83 -59.95
C LEU C 1522 28.39 -65.18 -61.31
N SER C 1523 29.47 -64.65 -61.85
CA SER C 1523 29.47 -64.02 -63.17
C SER C 1523 28.56 -62.79 -63.11
N SER C 1524 28.00 -62.40 -64.25
CA SER C 1524 27.12 -61.24 -64.32
C SER C 1524 26.12 -61.44 -65.44
N GLY C 1525 25.16 -60.53 -65.53
CA GLY C 1525 24.13 -60.56 -66.54
C GLY C 1525 24.61 -60.27 -67.94
N GLU C 1526 25.86 -59.83 -68.10
CA GLU C 1526 26.46 -59.67 -69.42
C GLU C 1526 27.17 -60.93 -69.88
N GLU C 1527 27.91 -61.58 -68.98
CA GLU C 1527 28.62 -62.80 -69.33
C GLU C 1527 27.69 -64.01 -69.40
N LEU C 1528 26.61 -64.03 -68.63
CA LEU C 1528 25.72 -65.18 -68.57
C LEU C 1528 24.57 -65.12 -69.57
N THR C 1529 24.48 -64.06 -70.37
CA THR C 1529 23.43 -63.99 -71.37
C THR C 1529 23.75 -64.91 -72.54
N SER C 1530 22.70 -65.37 -73.22
CA SER C 1530 22.85 -66.26 -74.36
C SER C 1530 21.72 -65.98 -75.34
N LYS C 1531 21.81 -66.57 -76.52
CA LYS C 1531 20.81 -66.42 -77.57
C LYS C 1531 20.51 -67.78 -78.17
N ALA C 1532 19.23 -68.12 -78.26
CA ALA C 1532 18.85 -69.41 -78.81
C ALA C 1532 19.18 -69.47 -80.29
N PRO C 1533 19.49 -70.65 -80.83
CA PRO C 1533 19.80 -70.76 -82.26
C PRO C 1533 18.58 -70.46 -83.11
N GLY C 1534 18.83 -69.96 -84.32
CA GLY C 1534 17.74 -69.70 -85.24
C GLY C 1534 17.03 -70.97 -85.67
N THR C 1535 17.76 -72.08 -85.77
CA THR C 1535 17.20 -73.37 -86.16
C THR C 1535 17.59 -74.42 -85.14
N ASN C 1536 16.70 -75.39 -84.92
CA ASN C 1536 16.93 -76.48 -83.98
C ASN C 1536 17.39 -77.76 -84.65
N GLU C 1537 17.50 -77.78 -85.97
CA GLU C 1537 18.03 -78.96 -86.66
C GLU C 1537 19.41 -79.38 -86.18
N PRO C 1538 20.38 -78.48 -85.96
CA PRO C 1538 21.70 -78.93 -85.49
C PRO C 1538 21.65 -79.69 -84.18
N TYR C 1539 20.80 -79.28 -83.24
CA TYR C 1539 20.67 -80.02 -81.99
C TYR C 1539 19.87 -81.31 -82.20
N ALA C 1540 18.82 -81.25 -83.02
CA ALA C 1540 17.98 -82.43 -83.23
C ALA C 1540 18.79 -83.56 -83.85
N ILE C 1541 19.60 -83.26 -84.85
CA ILE C 1541 20.35 -84.32 -85.54
C ILE C 1541 21.38 -84.94 -84.62
N VAL C 1542 22.09 -84.13 -83.82
CA VAL C 1542 23.13 -84.69 -82.96
C VAL C 1542 22.51 -85.47 -81.80
N SER C 1543 21.46 -84.93 -81.17
CA SER C 1543 20.90 -85.56 -79.99
C SER C 1543 19.91 -86.68 -80.31
N GLY C 1544 19.47 -86.79 -81.56
CA GLY C 1544 18.50 -87.80 -81.92
C GLY C 1544 17.06 -87.44 -81.63
N ASP C 1545 16.80 -86.28 -81.03
CA ASP C 1545 15.45 -85.84 -80.72
C ASP C 1545 14.85 -85.20 -81.96
N TYR C 1546 14.15 -86.01 -82.75
CA TYR C 1546 13.50 -85.55 -83.98
C TYR C 1546 12.03 -85.21 -83.76
N ASN C 1547 11.69 -84.69 -82.58
CA ASN C 1547 10.33 -84.25 -82.33
C ASN C 1547 10.01 -83.12 -83.29
N PRO C 1548 8.96 -83.24 -84.12
CA PRO C 1548 8.70 -82.18 -85.11
C PRO C 1548 8.32 -80.85 -84.49
N ILE C 1549 7.97 -80.82 -83.20
CA ILE C 1549 7.55 -79.57 -82.57
C ILE C 1549 8.68 -78.56 -82.61
N HIS C 1550 9.93 -79.03 -82.72
CA HIS C 1550 11.08 -78.14 -82.69
C HIS C 1550 11.55 -77.69 -84.07
N VAL C 1551 11.13 -78.38 -85.14
CA VAL C 1551 11.68 -78.12 -86.47
C VAL C 1551 10.63 -77.88 -87.54
N SER C 1552 9.36 -78.26 -87.33
CA SER C 1552 8.32 -78.17 -88.34
C SER C 1552 7.29 -77.15 -87.88
N ARG C 1553 7.00 -76.17 -88.73
CA ARG C 1553 6.00 -75.16 -88.38
C ARG C 1553 4.61 -75.76 -88.27
N VAL C 1554 4.27 -76.70 -89.17
CA VAL C 1554 2.92 -77.25 -89.19
C VAL C 1554 2.65 -78.04 -87.91
N PHE C 1555 3.62 -78.82 -87.45
CA PHE C 1555 3.41 -79.63 -86.25
C PHE C 1555 3.26 -78.74 -85.01
N ALA C 1556 4.07 -77.69 -84.90
CA ALA C 1556 3.92 -76.76 -83.79
C ALA C 1556 2.57 -76.07 -83.85
N ALA C 1557 2.14 -75.68 -85.05
CA ALA C 1557 0.83 -75.06 -85.20
C ALA C 1557 -0.29 -75.99 -84.76
N TYR C 1558 -0.20 -77.27 -85.13
CA TYR C 1558 -1.19 -78.25 -84.68
C TYR C 1558 -1.16 -78.39 -83.17
N ALA C 1559 0.04 -78.43 -82.59
CA ALA C 1559 0.19 -78.50 -81.15
C ALA C 1559 -0.17 -77.19 -80.45
N LYS C 1560 -0.52 -76.14 -81.20
CA LYS C 1560 -0.95 -74.87 -80.64
C LYS C 1560 0.17 -74.21 -79.83
N LEU C 1561 1.39 -74.46 -80.26
CA LEU C 1561 2.56 -73.83 -79.66
C LEU C 1561 2.85 -72.50 -80.32
N PRO C 1562 3.52 -71.56 -79.64
CA PRO C 1562 3.83 -70.27 -80.28
C PRO C 1562 4.71 -70.41 -81.51
N GLY C 1563 5.50 -71.48 -81.60
CA GLY C 1563 6.35 -71.68 -82.76
C GLY C 1563 7.20 -72.92 -82.58
N THR C 1564 8.24 -73.01 -83.40
CA THR C 1564 9.17 -74.14 -83.34
C THR C 1564 10.07 -73.93 -82.12
N ILE C 1565 9.52 -74.27 -80.95
CA ILE C 1565 10.23 -74.09 -79.69
C ILE C 1565 11.55 -74.86 -79.72
N THR C 1566 12.61 -74.23 -79.24
CA THR C 1566 13.90 -74.90 -79.19
C THR C 1566 13.89 -76.02 -78.16
N HIS C 1567 14.84 -76.93 -78.27
CA HIS C 1567 14.88 -78.07 -77.38
C HIS C 1567 15.12 -77.63 -75.95
N GLY C 1568 14.26 -78.08 -75.04
CA GLY C 1568 14.52 -77.88 -73.64
C GLY C 1568 15.86 -78.44 -73.24
N MET C 1569 16.25 -79.57 -73.85
CA MET C 1569 17.53 -80.16 -73.51
C MET C 1569 18.69 -79.37 -74.11
N TYR C 1570 18.47 -78.70 -75.25
CA TYR C 1570 19.47 -77.74 -75.71
C TYR C 1570 19.65 -76.62 -74.70
N SER C 1571 18.54 -76.09 -74.18
CA SER C 1571 18.64 -75.03 -73.18
C SER C 1571 19.37 -75.53 -71.94
N SER C 1572 19.06 -76.75 -71.52
CA SER C 1572 19.74 -77.36 -70.39
C SER C 1572 21.24 -77.47 -70.66
N ALA C 1573 21.62 -77.92 -71.86
CA ALA C 1573 23.03 -78.07 -72.19
C ALA C 1573 23.75 -76.73 -72.21
N SER C 1574 23.11 -75.70 -72.76
CA SER C 1574 23.74 -74.39 -72.81
C SER C 1574 23.94 -73.82 -71.40
N ILE C 1575 22.91 -73.92 -70.55
CA ILE C 1575 23.06 -73.40 -69.20
C ILE C 1575 24.05 -74.24 -68.40
N ARG C 1576 24.10 -75.54 -68.67
CA ARG C 1576 25.10 -76.37 -68.01
C ARG C 1576 26.50 -76.04 -68.48
N ALA C 1577 26.66 -75.64 -69.75
CA ALA C 1577 27.96 -75.17 -70.21
C ALA C 1577 28.36 -73.89 -69.49
N LEU C 1578 27.40 -72.98 -69.29
CA LEU C 1578 27.68 -71.78 -68.51
C LEU C 1578 28.10 -72.14 -67.08
N VAL C 1579 27.40 -73.10 -66.48
CA VAL C 1579 27.74 -73.53 -65.12
C VAL C 1579 29.12 -74.18 -65.11
N GLU C 1580 29.42 -75.00 -66.11
CA GLU C 1580 30.75 -75.60 -66.23
C GLU C 1580 31.83 -74.55 -66.26
N GLU C 1581 31.66 -73.53 -67.10
CA GLU C 1581 32.67 -72.50 -67.22
C GLU C 1581 32.82 -71.73 -65.92
N TRP C 1582 31.70 -71.20 -65.38
CA TRP C 1582 31.77 -70.17 -64.33
C TRP C 1582 31.77 -70.76 -62.93
N ALA C 1583 30.89 -71.72 -62.65
CA ALA C 1583 30.87 -72.32 -61.32
C ALA C 1583 32.00 -73.32 -61.14
N ALA C 1584 32.33 -74.09 -62.17
CA ALA C 1584 33.32 -75.15 -62.08
C ALA C 1584 34.66 -74.78 -62.70
N ASN C 1585 34.84 -73.54 -63.14
CA ASN C 1585 36.12 -73.07 -63.70
C ASN C 1585 36.56 -73.92 -64.89
N ASN C 1586 35.61 -74.26 -65.76
CA ASN C 1586 35.88 -74.97 -67.01
C ASN C 1586 36.53 -76.34 -66.78
N VAL C 1587 36.28 -76.94 -65.62
CA VAL C 1587 36.76 -78.28 -65.30
C VAL C 1587 35.55 -79.20 -65.30
N ALA C 1588 35.53 -80.15 -66.23
CA ALA C 1588 34.33 -80.96 -66.45
C ALA C 1588 34.13 -82.01 -65.37
N ALA C 1589 35.20 -82.55 -64.81
CA ALA C 1589 35.06 -83.57 -63.77
C ALA C 1589 34.45 -83.01 -62.50
N ARG C 1590 34.54 -81.70 -62.27
CA ARG C 1590 34.03 -81.13 -61.02
C ARG C 1590 32.51 -81.10 -60.99
N VAL C 1591 31.86 -80.87 -62.12
CA VAL C 1591 30.40 -80.85 -62.15
C VAL C 1591 29.89 -82.29 -62.05
N ARG C 1592 29.32 -82.64 -60.91
CA ARG C 1592 28.90 -84.01 -60.64
C ARG C 1592 27.41 -84.21 -60.86
N ALA C 1593 26.58 -83.22 -60.56
CA ALA C 1593 25.15 -83.33 -60.81
C ALA C 1593 24.63 -82.01 -61.38
N PHE C 1594 23.63 -82.12 -62.24
CA PHE C 1594 22.99 -80.94 -62.81
C PHE C 1594 21.54 -81.27 -63.13
N LYS C 1595 20.61 -80.58 -62.48
CA LYS C 1595 19.18 -80.80 -62.61
C LYS C 1595 18.55 -79.49 -63.06
N CYS C 1596 17.57 -79.56 -63.94
CA CYS C 1596 16.90 -78.39 -64.46
C CYS C 1596 15.43 -78.69 -64.72
N ASP C 1597 14.61 -77.64 -64.59
CA ASP C 1597 13.18 -77.68 -64.78
C ASP C 1597 12.82 -76.72 -65.90
N PHE C 1598 12.09 -77.23 -66.89
CA PHE C 1598 11.69 -76.48 -68.07
C PHE C 1598 10.38 -75.76 -67.76
N VAL C 1599 10.47 -74.61 -67.11
CA VAL C 1599 9.30 -73.89 -66.65
C VAL C 1599 8.71 -72.96 -67.70
N GLY C 1600 9.43 -72.70 -68.79
CA GLY C 1600 8.91 -71.85 -69.85
C GLY C 1600 9.37 -72.35 -71.20
N MET C 1601 8.82 -71.74 -72.25
CA MET C 1601 9.13 -72.11 -73.62
C MET C 1601 9.94 -71.01 -74.28
N VAL C 1602 10.93 -71.43 -75.07
CA VAL C 1602 11.85 -70.53 -75.76
C VAL C 1602 11.72 -70.75 -77.25
N LEU C 1603 11.53 -69.66 -78.00
CA LEU C 1603 11.50 -69.70 -79.45
C LEU C 1603 12.89 -69.42 -80.00
N PRO C 1604 13.14 -69.74 -81.27
CA PRO C 1604 14.46 -69.45 -81.85
C PRO C 1604 14.77 -67.96 -81.81
N ASN C 1605 16.05 -67.65 -81.60
CA ASN C 1605 16.62 -66.31 -81.57
C ASN C 1605 16.22 -65.51 -80.34
N ASP C 1606 15.61 -66.12 -79.34
CA ASP C 1606 15.32 -65.40 -78.10
C ASP C 1606 16.60 -65.14 -77.32
N THR C 1607 16.61 -64.03 -76.59
CA THR C 1607 17.69 -63.71 -75.68
C THR C 1607 17.35 -64.20 -74.28
N LEU C 1608 18.26 -64.97 -73.68
CA LEU C 1608 18.09 -65.54 -72.36
C LEU C 1608 19.10 -64.92 -71.41
N GLN C 1609 18.64 -64.59 -70.20
CA GLN C 1609 19.48 -64.07 -69.14
C GLN C 1609 19.54 -65.10 -68.02
N THR C 1610 20.74 -65.63 -67.76
CA THR C 1610 20.95 -66.63 -66.73
C THR C 1610 21.62 -65.98 -65.53
N THR C 1611 21.12 -66.31 -64.34
CA THR C 1611 21.73 -65.90 -63.08
C THR C 1611 22.09 -67.16 -62.29
N MET C 1612 23.35 -67.25 -61.88
CA MET C 1612 23.83 -68.37 -61.07
C MET C 1612 24.20 -67.84 -59.70
N GLU C 1613 23.83 -68.59 -58.66
CA GLU C 1613 24.17 -68.27 -57.30
C GLU C 1613 24.71 -69.51 -56.61
N HIS C 1614 25.88 -69.40 -56.01
CA HIS C 1614 26.36 -70.42 -55.07
C HIS C 1614 25.57 -70.21 -53.79
N VAL C 1615 24.74 -71.19 -53.43
CA VAL C 1615 23.75 -71.00 -52.37
C VAL C 1615 23.99 -71.95 -51.20
N GLY C 1616 24.67 -73.06 -51.44
CA GLY C 1616 24.91 -74.01 -50.37
C GLY C 1616 25.98 -75.01 -50.71
N MET C 1617 26.13 -75.99 -49.82
CA MET C 1617 27.09 -77.08 -50.01
C MET C 1617 26.42 -78.38 -49.58
N ILE C 1618 26.90 -79.48 -50.15
CA ILE C 1618 26.44 -80.82 -49.80
C ILE C 1618 27.64 -81.75 -49.86
N ASN C 1619 28.11 -82.21 -48.70
CA ASN C 1619 29.27 -83.10 -48.62
C ASN C 1619 30.49 -82.49 -49.30
N GLY C 1620 30.65 -81.19 -49.12
CA GLY C 1620 31.76 -80.49 -49.72
C GLY C 1620 31.61 -80.18 -51.19
N ARG C 1621 30.40 -80.33 -51.74
CA ARG C 1621 30.12 -80.02 -53.13
C ARG C 1621 29.26 -78.76 -53.20
N LYS C 1622 29.73 -77.77 -53.95
CA LYS C 1622 29.01 -76.51 -54.10
C LYS C 1622 27.65 -76.76 -54.75
N ILE C 1623 26.62 -76.15 -54.16
CA ILE C 1623 25.27 -76.16 -54.73
C ILE C 1623 25.07 -74.83 -55.44
N ILE C 1624 24.80 -74.90 -56.74
CA ILE C 1624 24.71 -73.74 -57.63
C ILE C 1624 23.29 -73.67 -58.17
N LYS C 1625 22.54 -72.69 -57.73
CA LYS C 1625 21.19 -72.45 -58.19
C LYS C 1625 21.25 -71.57 -59.43
N VAL C 1626 20.82 -72.12 -60.57
CA VAL C 1626 20.85 -71.45 -61.86
C VAL C 1626 19.42 -71.15 -62.27
N GLU C 1627 19.19 -69.96 -62.80
CA GLU C 1627 17.83 -69.51 -63.13
C GLU C 1627 17.92 -68.71 -64.42
N THR C 1628 17.32 -69.23 -65.49
CA THR C 1628 17.31 -68.59 -66.80
C THR C 1628 15.94 -67.98 -67.06
N ARG C 1629 15.94 -66.70 -67.43
CA ARG C 1629 14.75 -65.97 -67.84
C ARG C 1629 14.87 -65.55 -69.29
N ASN C 1630 13.76 -65.11 -69.86
CA ASN C 1630 13.74 -64.53 -71.20
C ASN C 1630 13.81 -63.01 -71.08
N VAL C 1631 14.79 -62.40 -71.74
CA VAL C 1631 14.99 -60.95 -71.58
C VAL C 1631 13.80 -60.17 -72.12
N GLU C 1632 13.25 -60.61 -73.26
CA GLU C 1632 12.14 -59.88 -73.86
C GLU C 1632 10.92 -59.85 -72.94
N THR C 1633 10.58 -60.99 -72.33
CA THR C 1633 9.39 -61.10 -71.51
C THR C 1633 9.66 -61.13 -70.01
N GLU C 1634 10.90 -61.40 -69.59
CA GLU C 1634 11.33 -61.51 -68.19
C GLU C 1634 10.77 -62.74 -67.51
N LEU C 1635 10.03 -63.61 -68.20
CA LEU C 1635 9.49 -64.79 -67.57
C LEU C 1635 10.58 -65.85 -67.42
N PRO C 1636 10.54 -66.66 -66.36
CA PRO C 1636 11.52 -67.75 -66.24
C PRO C 1636 11.26 -68.84 -67.26
N VAL C 1637 12.34 -69.39 -67.81
CA VAL C 1637 12.30 -70.50 -68.75
C VAL C 1637 13.05 -71.72 -68.21
N LEU C 1638 14.01 -71.52 -67.31
CA LEU C 1638 14.75 -72.64 -66.72
C LEU C 1638 15.00 -72.38 -65.25
N ILE C 1639 14.81 -73.41 -64.42
CA ILE C 1639 15.14 -73.34 -63.00
C ILE C 1639 15.85 -74.63 -62.61
N GLY C 1640 17.12 -74.53 -62.18
CA GLY C 1640 17.88 -75.73 -61.90
C GLY C 1640 18.89 -75.55 -60.78
N GLU C 1641 19.47 -76.68 -60.38
CA GLU C 1641 20.52 -76.72 -59.37
C GLU C 1641 21.62 -77.67 -59.82
N ALA C 1642 22.85 -77.37 -59.42
CA ALA C 1642 24.01 -78.17 -59.78
C ALA C 1642 24.84 -78.47 -58.55
N GLU C 1643 25.39 -79.68 -58.49
CA GLU C 1643 26.38 -80.07 -57.49
C GLU C 1643 27.73 -80.17 -58.18
N ILE C 1644 28.70 -79.36 -57.71
CA ILE C 1644 30.02 -79.26 -58.33
C ILE C 1644 31.07 -79.52 -57.25
N GLU C 1645 32.01 -80.41 -57.54
CA GLU C 1645 33.12 -80.63 -56.61
C GLU C 1645 33.97 -79.38 -56.47
N GLN C 1646 34.47 -79.14 -55.26
CA GLN C 1646 35.46 -78.10 -55.06
C GLN C 1646 36.76 -78.51 -55.73
N PRO C 1647 37.68 -77.56 -55.96
CA PRO C 1647 38.99 -77.94 -56.48
C PRO C 1647 39.69 -78.92 -55.54
N THR C 1648 40.48 -79.81 -56.13
CA THR C 1648 41.23 -80.82 -55.38
C THR C 1648 41.95 -80.18 -54.20
N THR C 1649 41.62 -80.64 -52.99
CA THR C 1649 41.94 -79.92 -51.76
C THR C 1649 42.85 -80.74 -50.86
N THR C 1650 43.81 -80.05 -50.25
CA THR C 1650 44.57 -80.60 -49.14
C THR C 1650 44.36 -79.70 -47.93
N TYR C 1651 44.20 -80.33 -46.77
CA TYR C 1651 43.95 -79.62 -45.52
C TYR C 1651 45.21 -79.71 -44.66
N VAL C 1652 45.87 -78.58 -44.48
CA VAL C 1652 47.13 -78.50 -43.75
C VAL C 1652 46.84 -77.96 -42.37
N PHE C 1653 47.45 -78.57 -41.36
CA PHE C 1653 47.31 -78.14 -39.98
C PHE C 1653 48.68 -77.79 -39.42
N THR C 1654 48.77 -76.69 -38.69
CA THR C 1654 50.04 -76.16 -38.26
C THR C 1654 50.37 -76.57 -36.84
N GLY C 1655 51.66 -76.60 -36.53
CA GLY C 1655 52.15 -76.95 -35.22
C GLY C 1655 52.36 -75.73 -34.34
N GLN C 1656 53.32 -75.86 -33.42
CA GLN C 1656 53.59 -74.79 -32.49
C GLN C 1656 54.26 -73.63 -33.20
N GLY C 1657 54.21 -72.46 -32.54
CA GLY C 1657 54.85 -71.26 -33.06
C GLY C 1657 54.01 -70.01 -32.85
N SER C 1658 52.69 -70.16 -32.92
CA SER C 1658 51.76 -69.04 -32.76
C SER C 1658 50.71 -69.44 -31.74
N GLN C 1659 50.78 -68.85 -30.55
CA GLN C 1659 49.91 -69.15 -29.42
C GLN C 1659 49.46 -67.86 -28.75
N GLU C 1660 49.08 -66.87 -29.55
CA GLU C 1660 48.67 -65.58 -29.02
C GLU C 1660 47.45 -65.73 -28.12
N GLN C 1661 47.23 -64.72 -27.27
CA GLN C 1661 46.11 -64.75 -26.34
C GLN C 1661 44.82 -64.53 -27.09
N GLY C 1662 43.82 -65.37 -26.83
CA GLY C 1662 42.52 -65.24 -27.44
C GLY C 1662 42.37 -65.90 -28.79
N MET C 1663 43.29 -66.76 -29.20
CA MET C 1663 43.18 -67.41 -30.49
C MET C 1663 41.95 -68.31 -30.52
N GLY C 1664 41.15 -68.19 -31.58
CA GLY C 1664 39.96 -68.98 -31.72
C GLY C 1664 38.76 -68.49 -30.94
N MET C 1665 38.89 -67.37 -30.22
CA MET C 1665 37.76 -66.91 -29.40
C MET C 1665 36.66 -66.29 -30.25
N GLU C 1666 37.01 -65.68 -31.38
CA GLU C 1666 35.98 -65.20 -32.29
C GLU C 1666 35.10 -66.34 -32.78
N LEU C 1667 35.73 -67.44 -33.22
CA LEU C 1667 34.97 -68.61 -33.62
C LEU C 1667 34.21 -69.22 -32.45
N TYR C 1668 34.83 -69.24 -31.26
CA TYR C 1668 34.17 -69.74 -30.07
C TYR C 1668 32.87 -68.99 -29.80
N ASN C 1669 32.89 -67.67 -29.92
CA ASN C 1669 31.70 -66.88 -29.70
C ASN C 1669 30.69 -66.98 -30.83
N SER C 1670 31.16 -67.13 -32.08
CA SER C 1670 30.25 -67.05 -33.21
C SER C 1670 29.55 -68.38 -33.54
N SER C 1671 30.27 -69.50 -33.44
CA SER C 1671 29.76 -70.79 -33.91
C SER C 1671 29.44 -71.71 -32.74
N GLU C 1672 28.27 -72.35 -32.80
CA GLU C 1672 27.87 -73.29 -31.75
C GLU C 1672 28.76 -74.52 -31.74
N VAL C 1673 29.22 -74.96 -32.91
CA VAL C 1673 30.02 -76.18 -32.98
C VAL C 1673 31.41 -75.95 -32.39
N ALA C 1674 32.02 -74.80 -32.68
CA ALA C 1674 33.28 -74.46 -32.05
C ALA C 1674 33.10 -74.32 -30.54
N ARG C 1675 31.98 -73.73 -30.12
CA ARG C 1675 31.66 -73.68 -28.70
C ARG C 1675 31.61 -75.08 -28.11
N GLU C 1676 30.99 -76.02 -28.82
CA GLU C 1676 30.89 -77.38 -28.32
C GLU C 1676 32.26 -78.01 -28.18
N VAL C 1677 33.13 -77.82 -29.17
CA VAL C 1677 34.47 -78.39 -29.11
C VAL C 1677 35.23 -77.84 -27.92
N TRP C 1678 35.24 -76.50 -27.78
CA TRP C 1678 35.97 -75.88 -26.69
C TRP C 1678 35.37 -76.25 -25.34
N ASP C 1679 34.04 -76.35 -25.25
CA ASP C 1679 33.40 -76.70 -23.99
C ASP C 1679 33.72 -78.12 -23.57
N LYS C 1680 33.69 -79.06 -24.52
CA LYS C 1680 34.06 -80.44 -24.20
C LYS C 1680 35.50 -80.51 -23.72
N ALA C 1681 36.40 -79.81 -24.43
CA ALA C 1681 37.81 -79.83 -24.03
C ALA C 1681 38.00 -79.20 -22.66
N ASP C 1682 37.34 -78.07 -22.40
CA ASP C 1682 37.50 -77.38 -21.13
C ASP C 1682 36.94 -78.22 -19.98
N ARG C 1683 35.78 -78.86 -20.19
CA ARG C 1683 35.22 -79.71 -19.15
C ARG C 1683 36.13 -80.88 -18.85
N HIS C 1684 36.68 -81.51 -19.89
CA HIS C 1684 37.62 -82.61 -19.65
C HIS C 1684 38.85 -82.13 -18.90
N PHE C 1685 39.39 -80.98 -19.29
CA PHE C 1685 40.58 -80.46 -18.61
C PHE C 1685 40.29 -80.14 -17.16
N VAL C 1686 39.15 -79.51 -16.89
CA VAL C 1686 38.80 -79.16 -15.51
C VAL C 1686 38.60 -80.42 -14.68
N ASN C 1687 37.98 -81.45 -15.26
CA ASN C 1687 37.66 -82.62 -14.48
C ASN C 1687 38.88 -83.51 -14.25
N ASN C 1688 39.77 -83.63 -15.24
CA ASN C 1688 40.85 -84.60 -15.20
C ASN C 1688 42.21 -84.00 -14.90
N TYR C 1689 42.36 -82.67 -14.99
CA TYR C 1689 43.63 -82.02 -14.76
C TYR C 1689 43.54 -80.76 -13.91
N GLY C 1690 42.35 -80.26 -13.63
CA GLY C 1690 42.18 -79.19 -12.68
C GLY C 1690 42.40 -77.79 -13.21
N PHE C 1691 42.44 -77.59 -14.52
CA PHE C 1691 42.52 -76.26 -15.10
C PHE C 1691 41.56 -76.13 -16.27
N SER C 1692 41.32 -74.88 -16.66
CA SER C 1692 40.46 -74.54 -17.78
C SER C 1692 41.32 -74.04 -18.92
N ILE C 1693 41.37 -74.80 -20.02
CA ILE C 1693 42.13 -74.38 -21.18
C ILE C 1693 41.54 -73.10 -21.77
N LEU C 1694 40.23 -72.92 -21.65
CA LEU C 1694 39.63 -71.67 -22.09
C LEU C 1694 40.16 -70.49 -21.29
N ASP C 1695 40.28 -70.65 -19.97
CA ASP C 1695 40.86 -69.58 -19.16
C ASP C 1695 42.30 -69.34 -19.56
N ILE C 1696 43.07 -70.40 -19.79
CA ILE C 1696 44.47 -70.24 -20.17
C ILE C 1696 44.57 -69.46 -21.48
N VAL C 1697 43.74 -69.81 -22.46
CA VAL C 1697 43.81 -69.18 -23.77
C VAL C 1697 43.33 -67.74 -23.70
N GLN C 1698 42.26 -67.47 -22.96
CA GLN C 1698 41.68 -66.13 -22.94
C GLN C 1698 42.53 -65.16 -22.13
N ASN C 1699 43.06 -65.59 -21.00
CA ASN C 1699 43.75 -64.71 -20.07
C ASN C 1699 45.27 -64.82 -20.12
N ASN C 1700 45.81 -65.99 -20.45
CA ASN C 1700 47.24 -66.22 -20.48
C ASN C 1700 47.91 -65.81 -19.16
N PRO C 1701 47.53 -66.43 -18.05
CA PRO C 1701 48.16 -66.10 -16.77
C PRO C 1701 49.61 -66.58 -16.75
N ASN C 1702 50.43 -65.86 -15.96
CA ASN C 1702 51.83 -66.23 -15.85
C ASN C 1702 52.00 -67.48 -14.99
N GLU C 1703 51.19 -67.61 -13.94
CA GLU C 1703 51.24 -68.77 -13.06
C GLU C 1703 49.82 -69.27 -12.81
N LEU C 1704 49.72 -70.58 -12.59
CA LEU C 1704 48.43 -71.24 -12.37
C LEU C 1704 48.59 -72.33 -11.33
N THR C 1705 47.79 -72.27 -10.28
CA THR C 1705 47.85 -73.22 -9.18
C THR C 1705 46.73 -74.24 -9.34
N ILE C 1706 47.09 -75.52 -9.24
CA ILE C 1706 46.15 -76.64 -9.28
C ILE C 1706 46.00 -77.13 -7.86
N HIS C 1707 44.77 -77.34 -7.42
CA HIS C 1707 44.50 -77.84 -6.08
C HIS C 1707 43.94 -79.25 -6.16
N PHE C 1708 44.45 -80.13 -5.29
CA PHE C 1708 44.16 -81.55 -5.32
C PHE C 1708 43.23 -81.98 -4.19
N GLY C 1709 42.49 -81.06 -3.59
CA GLY C 1709 41.59 -81.43 -2.51
C GLY C 1709 40.33 -82.07 -3.04
N GLY C 1710 39.70 -82.88 -2.20
CA GLY C 1710 38.47 -83.55 -2.55
C GLY C 1710 38.72 -84.83 -3.34
N ALA C 1711 37.62 -85.54 -3.62
CA ALA C 1711 37.74 -86.79 -4.37
C ALA C 1711 38.12 -86.52 -5.83
N LYS C 1712 37.47 -85.52 -6.45
CA LYS C 1712 37.85 -85.16 -7.81
C LYS C 1712 39.27 -84.63 -7.87
N GLY C 1713 39.66 -83.83 -6.87
CA GLY C 1713 41.03 -83.36 -6.83
C GLY C 1713 42.04 -84.47 -6.66
N ARG C 1714 41.70 -85.49 -5.87
CA ARG C 1714 42.60 -86.63 -5.72
C ARG C 1714 42.67 -87.45 -6.98
N ALA C 1715 41.56 -87.56 -7.71
CA ALA C 1715 41.61 -88.20 -9.03
C ALA C 1715 42.53 -87.43 -9.96
N ILE C 1716 42.46 -86.10 -9.92
CA ILE C 1716 43.34 -85.26 -10.73
C ILE C 1716 44.79 -85.47 -10.34
N ARG C 1717 45.05 -85.54 -9.03
CA ARG C 1717 46.41 -85.80 -8.56
C ARG C 1717 46.91 -87.15 -9.02
N ASP C 1718 46.04 -88.16 -9.02
CA ASP C 1718 46.42 -89.48 -9.53
C ASP C 1718 46.74 -89.40 -11.02
N ASN C 1719 45.95 -88.64 -11.77
CA ASN C 1719 46.25 -88.44 -13.19
C ASN C 1719 47.64 -87.85 -13.37
N TYR C 1720 47.96 -86.82 -12.58
CA TYR C 1720 49.27 -86.19 -12.70
C TYR C 1720 50.39 -87.14 -12.27
N ILE C 1721 50.16 -87.93 -11.22
CA ILE C 1721 51.19 -88.81 -10.69
C ILE C 1721 51.47 -89.94 -11.69
N GLY C 1722 50.43 -90.43 -12.36
CA GLY C 1722 50.61 -91.57 -13.25
C GLY C 1722 51.40 -91.28 -14.51
N MET C 1723 51.63 -90.01 -14.84
CA MET C 1723 52.33 -89.67 -16.07
C MET C 1723 53.82 -89.86 -15.87
N MET C 1724 54.38 -90.87 -16.55
CA MET C 1724 55.80 -91.20 -16.48
C MET C 1724 56.52 -90.65 -17.71
N PHE C 1725 57.85 -90.71 -17.67
CA PHE C 1725 58.66 -90.37 -18.83
C PHE C 1725 60.00 -91.06 -18.70
N GLU C 1726 60.61 -91.35 -19.86
CA GLU C 1726 61.84 -92.11 -19.94
C GLU C 1726 62.97 -91.26 -20.50
N THR C 1727 64.18 -91.57 -20.07
CA THR C 1727 65.39 -90.90 -20.53
C THR C 1727 66.53 -91.91 -20.49
N ILE C 1728 67.73 -91.47 -20.88
CA ILE C 1728 68.91 -92.32 -20.91
C ILE C 1728 69.69 -92.07 -19.62
N GLY C 1729 69.97 -93.15 -18.91
CA GLY C 1729 70.71 -93.07 -17.65
C GLY C 1729 72.20 -92.92 -17.86
N LEU C 1734 66.88 -97.68 -20.08
CA LEU C 1734 66.04 -96.48 -20.10
C LEU C 1734 65.49 -96.20 -18.71
N LYS C 1735 65.95 -95.10 -18.10
CA LYS C 1735 65.47 -94.74 -16.78
C LYS C 1735 64.12 -94.05 -16.88
N SER C 1736 63.13 -94.59 -16.18
CA SER C 1736 61.76 -94.08 -16.20
C SER C 1736 61.44 -93.48 -14.85
N GLU C 1737 60.86 -92.28 -14.86
CA GLU C 1737 60.49 -91.63 -13.61
C GLU C 1737 59.31 -90.69 -13.85
N LYS C 1738 58.75 -90.20 -12.75
CA LYS C 1738 57.58 -89.34 -12.81
C LYS C 1738 57.90 -88.03 -13.50
N ILE C 1739 56.96 -87.55 -14.31
CA ILE C 1739 57.10 -86.23 -14.92
C ILE C 1739 57.12 -85.17 -13.83
N PHE C 1740 56.24 -85.30 -12.85
CA PHE C 1740 56.16 -84.39 -11.70
C PHE C 1740 56.74 -85.13 -10.50
N LYS C 1741 58.05 -84.99 -10.30
CA LYS C 1741 58.70 -85.65 -9.18
C LYS C 1741 58.20 -85.13 -7.84
N ASP C 1742 57.82 -83.85 -7.77
CA ASP C 1742 57.41 -83.23 -6.51
C ASP C 1742 55.95 -83.46 -6.17
N ILE C 1743 55.18 -84.11 -7.04
CA ILE C 1743 53.80 -84.47 -6.75
C ILE C 1743 53.82 -85.89 -6.16
N ASP C 1744 53.40 -86.01 -4.91
CA ASP C 1744 53.34 -87.28 -4.21
C ASP C 1744 51.99 -87.36 -3.51
N GLU C 1745 51.78 -88.41 -2.72
CA GLU C 1745 50.51 -88.60 -2.04
C GLU C 1745 50.20 -87.48 -1.05
N THR C 1746 51.20 -86.76 -0.57
CA THR C 1746 51.01 -85.72 0.44
C THR C 1746 50.85 -84.32 -0.13
N THR C 1747 51.06 -84.13 -1.43
CA THR C 1747 51.01 -82.78 -1.98
C THR C 1747 49.57 -82.29 -2.08
N THR C 1748 49.37 -81.03 -1.69
CA THR C 1748 48.05 -80.41 -1.70
C THR C 1748 47.77 -79.62 -2.97
N SER C 1749 48.82 -79.12 -3.64
CA SER C 1749 48.65 -78.31 -4.83
C SER C 1749 49.94 -78.32 -5.63
N TYR C 1750 49.85 -77.86 -6.87
CA TYR C 1750 50.99 -77.75 -7.77
C TYR C 1750 50.85 -76.49 -8.61
N THR C 1751 51.92 -75.71 -8.71
CA THR C 1751 51.91 -74.46 -9.45
C THR C 1751 52.71 -74.61 -10.75
N PHE C 1752 52.07 -74.25 -11.87
CA PHE C 1752 52.75 -74.07 -13.14
C PHE C 1752 53.17 -72.62 -13.25
N VAL C 1753 54.40 -72.38 -13.70
CA VAL C 1753 54.98 -71.04 -13.80
C VAL C 1753 55.53 -70.87 -15.21
N SER C 1754 55.43 -69.65 -15.74
CA SER C 1754 56.09 -69.32 -16.99
C SER C 1754 56.39 -67.82 -17.04
N PRO C 1755 57.62 -67.39 -17.35
CA PRO C 1755 57.87 -65.94 -17.48
C PRO C 1755 57.02 -65.29 -18.56
N THR C 1756 56.81 -65.98 -19.69
CA THR C 1756 56.15 -65.41 -20.86
C THR C 1756 54.69 -65.85 -20.98
N GLY C 1757 54.07 -66.25 -19.87
CA GLY C 1757 52.70 -66.73 -19.90
C GLY C 1757 52.62 -68.23 -20.12
N LEU C 1758 51.54 -68.82 -19.62
CA LEU C 1758 51.39 -70.26 -19.72
C LEU C 1758 51.07 -70.71 -21.14
N LEU C 1759 50.49 -69.82 -21.95
CA LEU C 1759 50.25 -70.16 -23.35
C LEU C 1759 51.55 -70.48 -24.09
N SER C 1760 52.66 -69.88 -23.65
CA SER C 1760 53.95 -70.17 -24.27
C SER C 1760 54.54 -71.49 -23.81
N ALA C 1761 54.11 -72.00 -22.66
CA ALA C 1761 54.55 -73.32 -22.22
C ALA C 1761 54.01 -74.39 -23.16
N THR C 1762 54.82 -75.41 -23.41
CA THR C 1762 54.42 -76.44 -24.37
C THR C 1762 53.14 -77.14 -23.93
N GLN C 1763 53.08 -77.57 -22.67
CA GLN C 1763 51.98 -78.40 -22.20
C GLN C 1763 50.62 -77.72 -22.36
N PHE C 1764 50.60 -76.40 -22.39
CA PHE C 1764 49.38 -75.64 -22.61
C PHE C 1764 49.29 -75.05 -24.02
N THR C 1765 50.44 -74.87 -24.68
CA THR C 1765 50.42 -74.43 -26.07
C THR C 1765 49.84 -75.51 -26.98
N GLN C 1766 50.25 -76.76 -26.78
CA GLN C 1766 49.80 -77.82 -27.66
C GLN C 1766 48.30 -78.04 -27.60
N PRO C 1767 47.67 -78.25 -26.43
CA PRO C 1767 46.22 -78.42 -26.42
C PRO C 1767 45.46 -77.23 -26.97
N ALA C 1768 45.91 -76.01 -26.69
CA ALA C 1768 45.18 -74.83 -27.16
C ALA C 1768 45.19 -74.75 -28.69
N LEU C 1769 46.35 -74.95 -29.30
CA LEU C 1769 46.44 -74.90 -30.75
C LEU C 1769 45.69 -76.06 -31.40
N THR C 1770 45.85 -77.27 -30.84
CA THR C 1770 45.07 -78.40 -31.33
C THR C 1770 43.58 -78.11 -31.27
N LEU C 1771 43.13 -77.46 -30.21
CA LEU C 1771 41.70 -77.24 -30.03
C LEU C 1771 41.18 -76.16 -30.95
N MET C 1772 41.93 -75.07 -31.16
CA MET C 1772 41.43 -74.06 -32.08
C MET C 1772 41.41 -74.61 -33.51
N GLU C 1773 42.40 -75.42 -33.88
CA GLU C 1773 42.36 -76.07 -35.19
C GLU C 1773 41.18 -77.01 -35.30
N LYS C 1774 40.92 -77.81 -34.27
CA LYS C 1774 39.79 -78.73 -34.30
C LYS C 1774 38.48 -77.97 -34.41
N ALA C 1775 38.34 -76.86 -33.68
CA ALA C 1775 37.13 -76.06 -33.74
C ALA C 1775 36.94 -75.45 -35.12
N ALA C 1776 38.02 -74.92 -35.72
CA ALA C 1776 37.92 -74.37 -37.06
C ALA C 1776 37.50 -75.44 -38.07
N TYR C 1777 38.13 -76.61 -37.99
CA TYR C 1777 37.77 -77.68 -38.91
C TYR C 1777 36.33 -78.12 -38.70
N GLU C 1778 35.88 -78.18 -37.45
CA GLU C 1778 34.52 -78.63 -37.18
C GLU C 1778 33.51 -77.60 -37.68
N ASP C 1779 33.82 -76.31 -37.57
CA ASP C 1779 32.94 -75.31 -38.16
C ASP C 1779 32.88 -75.47 -39.67
N ILE C 1780 34.03 -75.69 -40.30
CA ILE C 1780 34.07 -75.89 -41.75
C ILE C 1780 33.25 -77.11 -42.14
N LYS C 1781 33.41 -78.22 -41.40
CA LYS C 1781 32.69 -79.44 -41.70
C LYS C 1781 31.19 -79.29 -41.49
N SER C 1782 30.79 -78.64 -40.39
CA SER C 1782 29.39 -78.40 -40.13
C SER C 1782 28.76 -77.50 -41.19
N LYS C 1783 29.54 -76.59 -41.76
CA LYS C 1783 29.09 -75.80 -42.90
C LYS C 1783 29.15 -76.58 -44.20
N GLY C 1784 29.85 -77.70 -44.23
CA GLY C 1784 29.81 -78.59 -45.37
C GLY C 1784 30.78 -78.25 -46.48
N LEU C 1785 31.97 -77.79 -46.14
CA LEU C 1785 32.98 -77.40 -47.11
C LEU C 1785 34.18 -78.34 -47.13
N ILE C 1786 33.97 -79.61 -46.78
CA ILE C 1786 35.03 -80.62 -46.73
C ILE C 1786 34.82 -81.55 -47.93
N PRO C 1787 35.64 -81.46 -48.98
CA PRO C 1787 35.48 -82.40 -50.10
C PRO C 1787 35.72 -83.83 -49.67
N SER C 1788 35.03 -84.75 -50.34
CA SER C 1788 35.23 -86.17 -50.06
C SER C 1788 36.65 -86.61 -50.38
N ASP C 1789 37.20 -86.11 -51.48
CA ASP C 1789 38.57 -86.44 -51.90
C ASP C 1789 39.48 -85.31 -51.41
N ILE C 1790 40.03 -85.50 -50.22
CA ILE C 1790 40.92 -84.52 -49.59
C ILE C 1790 42.27 -85.19 -49.36
N MET C 1791 43.27 -84.35 -49.05
CA MET C 1791 44.58 -84.84 -48.61
C MET C 1791 44.98 -84.01 -47.39
N PHE C 1792 44.85 -84.60 -46.20
CA PHE C 1792 45.11 -83.87 -44.98
C PHE C 1792 46.49 -84.20 -44.43
N ALA C 1793 47.20 -83.17 -43.99
CA ALA C 1793 48.53 -83.31 -43.41
C ALA C 1793 48.69 -82.33 -42.27
N GLY C 1794 49.63 -82.63 -41.39
CA GLY C 1794 49.89 -81.78 -40.25
C GLY C 1794 51.36 -81.65 -39.94
N HIS C 1795 51.77 -80.47 -39.48
CA HIS C 1795 53.17 -80.19 -39.20
C HIS C 1795 53.44 -80.36 -37.71
N SER C 1796 54.32 -81.29 -37.37
CA SER C 1796 54.71 -81.54 -35.99
C SER C 1796 53.48 -81.82 -35.13
N LEU C 1797 52.97 -80.81 -34.44
CA LEU C 1797 51.77 -81.01 -33.62
C LEU C 1797 50.51 -81.04 -34.48
N GLY C 1798 50.53 -80.39 -35.65
CA GLY C 1798 49.34 -80.34 -36.46
C GLY C 1798 48.84 -81.70 -36.92
N GLU C 1799 49.70 -82.73 -36.85
CA GLU C 1799 49.27 -84.07 -37.26
C GLU C 1799 48.14 -84.59 -36.40
N TYR C 1800 48.21 -84.37 -35.09
CA TYR C 1800 47.15 -84.82 -34.20
C TYR C 1800 45.84 -84.10 -34.49
N SER C 1801 45.91 -82.79 -34.69
CA SER C 1801 44.70 -82.04 -35.03
C SER C 1801 44.13 -82.53 -36.36
N ALA C 1802 44.98 -82.76 -37.35
CA ALA C 1802 44.51 -83.20 -38.65
C ALA C 1802 43.85 -84.57 -38.56
N LEU C 1803 44.44 -85.49 -37.80
CA LEU C 1803 43.87 -86.82 -37.66
C LEU C 1803 42.55 -86.78 -36.91
N SER C 1804 42.52 -86.08 -35.77
CA SER C 1804 41.27 -85.95 -35.02
C SER C 1804 40.21 -85.21 -35.83
N SER C 1805 40.63 -84.41 -36.81
CA SER C 1805 39.69 -83.66 -37.64
C SER C 1805 39.09 -84.54 -38.72
N LEU C 1806 39.93 -85.08 -39.61
CA LEU C 1806 39.44 -85.75 -40.80
C LEU C 1806 39.24 -87.26 -40.60
N ALA C 1807 40.02 -87.91 -39.74
CA ALA C 1807 39.86 -89.33 -39.47
C ALA C 1807 38.99 -89.62 -38.26
N ASN C 1808 38.79 -88.64 -37.37
CA ASN C 1808 38.03 -88.84 -36.13
C ASN C 1808 38.62 -89.99 -35.30
N VAL C 1809 39.94 -90.19 -35.44
CA VAL C 1809 40.59 -91.29 -34.74
C VAL C 1809 40.62 -91.03 -33.25
N MET C 1810 40.80 -89.78 -32.85
CA MET C 1810 40.89 -89.37 -31.46
C MET C 1810 39.63 -88.61 -31.07
N PRO C 1811 38.90 -89.01 -30.03
CA PRO C 1811 37.90 -88.11 -29.46
C PRO C 1811 38.56 -86.81 -29.00
N ILE C 1812 37.74 -85.81 -28.71
CA ILE C 1812 38.27 -84.54 -28.24
C ILE C 1812 39.03 -84.73 -26.94
N GLU C 1813 38.45 -85.52 -26.02
CA GLU C 1813 39.07 -85.73 -24.72
C GLU C 1813 40.40 -86.47 -24.85
N SER C 1814 40.43 -87.56 -25.63
CA SER C 1814 41.68 -88.28 -25.84
C SER C 1814 42.69 -87.41 -26.57
N LEU C 1815 42.21 -86.53 -27.45
CA LEU C 1815 43.12 -85.65 -28.20
C LEU C 1815 43.81 -84.67 -27.27
N VAL C 1816 43.04 -84.01 -26.41
CA VAL C 1816 43.63 -83.07 -25.47
C VAL C 1816 44.55 -83.80 -24.50
N ASP C 1817 44.16 -85.02 -24.09
CA ASP C 1817 45.02 -85.84 -23.25
C ASP C 1817 46.37 -86.08 -23.93
N VAL C 1818 46.33 -86.54 -25.18
CA VAL C 1818 47.55 -86.94 -25.88
C VAL C 1818 48.45 -85.73 -26.09
N VAL C 1819 47.88 -84.60 -26.51
CA VAL C 1819 48.71 -83.43 -26.79
C VAL C 1819 49.29 -82.86 -25.51
N PHE C 1820 48.51 -82.88 -24.41
CA PHE C 1820 49.05 -82.43 -23.13
C PHE C 1820 50.21 -83.31 -22.68
N TYR C 1821 50.04 -84.64 -22.81
CA TYR C 1821 51.10 -85.56 -22.43
C TYR C 1821 52.32 -85.36 -23.30
N ARG C 1822 52.12 -85.14 -24.60
CA ARG C 1822 53.23 -84.89 -25.51
C ARG C 1822 53.98 -83.63 -25.11
N GLY C 1823 53.26 -82.56 -24.80
CA GLY C 1823 53.90 -81.33 -24.40
C GLY C 1823 54.71 -81.48 -23.12
N MET C 1824 54.13 -82.16 -22.12
CA MET C 1824 54.88 -82.40 -20.88
C MET C 1824 56.11 -83.25 -21.16
N THR C 1825 55.99 -84.24 -22.05
CA THR C 1825 57.14 -85.07 -22.38
C THR C 1825 58.24 -84.25 -23.04
N MET C 1826 57.89 -83.34 -23.95
CA MET C 1826 58.89 -82.44 -24.51
C MET C 1826 59.54 -81.62 -23.41
N GLN C 1827 58.71 -81.07 -22.52
CA GLN C 1827 59.24 -80.17 -21.49
C GLN C 1827 60.25 -80.89 -20.61
N VAL C 1828 59.98 -82.16 -20.26
CA VAL C 1828 60.85 -82.88 -19.32
C VAL C 1828 61.85 -83.81 -19.98
N ALA C 1829 61.88 -83.88 -21.32
CA ALA C 1829 62.83 -84.77 -21.98
C ALA C 1829 64.28 -84.33 -21.81
N VAL C 1830 64.52 -83.08 -21.40
CA VAL C 1830 65.86 -82.52 -21.37
C VAL C 1830 66.22 -82.12 -19.94
N PRO C 1831 67.45 -82.35 -19.47
CA PRO C 1831 67.82 -81.85 -18.14
C PRO C 1831 67.81 -80.33 -18.09
N ARG C 1832 67.54 -79.81 -16.90
CA ARG C 1832 67.52 -78.37 -16.65
C ARG C 1832 68.25 -78.07 -15.36
N ASP C 1833 68.84 -76.88 -15.29
CA ASP C 1833 69.60 -76.46 -14.12
C ASP C 1833 68.65 -75.90 -13.06
N GLU C 1834 69.20 -75.29 -12.01
CA GLU C 1834 68.36 -74.76 -10.94
C GLU C 1834 67.47 -73.63 -11.43
N LEU C 1835 67.88 -72.94 -12.49
CA LEU C 1835 67.09 -71.84 -13.06
C LEU C 1835 66.16 -72.31 -14.18
N GLY C 1836 66.08 -73.62 -14.44
CA GLY C 1836 65.24 -74.12 -15.50
C GLY C 1836 65.83 -74.02 -16.89
N ARG C 1837 67.10 -73.62 -17.01
CA ARG C 1837 67.72 -73.45 -18.31
C ARG C 1837 68.27 -74.78 -18.82
N SER C 1838 68.01 -75.06 -20.10
CA SER C 1838 68.44 -76.28 -20.76
C SER C 1838 69.62 -75.98 -21.68
N ASN C 1839 70.43 -77.01 -21.94
CA ASN C 1839 71.61 -76.89 -22.78
C ASN C 1839 71.35 -77.28 -24.24
N TYR C 1840 70.10 -77.54 -24.61
CA TYR C 1840 69.72 -77.84 -25.99
C TYR C 1840 68.89 -76.71 -26.56
N GLY C 1841 68.56 -76.82 -27.84
CA GLY C 1841 67.78 -75.79 -28.50
C GLY C 1841 67.62 -76.07 -29.98
N MET C 1842 67.08 -75.07 -30.67
CA MET C 1842 66.76 -75.17 -32.08
C MET C 1842 66.98 -73.83 -32.78
N VAL C 1843 67.43 -73.90 -34.04
CA VAL C 1843 67.58 -72.72 -34.88
C VAL C 1843 66.94 -73.02 -36.23
N ALA C 1844 66.58 -71.95 -36.94
CA ALA C 1844 66.10 -72.03 -38.32
C ALA C 1844 67.18 -71.50 -39.24
N VAL C 1845 67.65 -72.36 -40.15
CA VAL C 1845 68.78 -72.07 -41.02
C VAL C 1845 68.27 -71.94 -42.46
N ASN C 1846 68.76 -70.93 -43.16
CA ASN C 1846 68.38 -70.63 -44.53
C ASN C 1846 69.59 -70.78 -45.45
N PRO C 1847 69.68 -71.84 -46.28
CA PRO C 1847 70.87 -71.98 -47.14
C PRO C 1847 71.11 -70.81 -48.09
N SER C 1848 70.04 -70.24 -48.65
CA SER C 1848 70.21 -69.16 -49.62
C SER C 1848 70.88 -67.95 -48.99
N ARG C 1849 70.66 -67.74 -47.69
CA ARG C 1849 71.36 -66.66 -47.01
C ARG C 1849 72.86 -66.93 -46.98
N VAL C 1850 73.26 -68.18 -46.77
CA VAL C 1850 74.68 -68.53 -46.81
C VAL C 1850 75.23 -68.29 -48.21
N SER C 1851 74.56 -68.83 -49.22
CA SER C 1851 74.98 -68.62 -50.60
C SER C 1851 73.93 -69.20 -51.53
N ALA C 1852 73.93 -68.72 -52.77
CA ALA C 1852 73.01 -69.25 -53.77
C ALA C 1852 73.34 -70.69 -54.15
N THR C 1853 74.59 -71.10 -53.99
CA THR C 1853 75.02 -72.46 -54.31
C THR C 1853 74.89 -73.42 -53.13
N PHE C 1854 74.49 -72.94 -51.95
CA PHE C 1854 74.33 -73.78 -50.77
C PHE C 1854 72.94 -74.42 -50.83
N ASP C 1855 72.90 -75.74 -50.93
CA ASP C 1855 71.66 -76.49 -51.14
C ASP C 1855 71.41 -77.45 -49.98
N ASP C 1856 70.36 -78.26 -50.14
CA ASP C 1856 69.97 -79.19 -49.09
C ASP C 1856 71.04 -80.26 -48.88
N SER C 1857 71.64 -80.75 -49.96
CA SER C 1857 72.71 -81.74 -49.81
C SER C 1857 73.91 -81.13 -49.10
N ALA C 1858 74.23 -79.88 -49.42
CA ALA C 1858 75.35 -79.21 -48.76
C ALA C 1858 75.10 -79.03 -47.27
N LEU C 1859 73.87 -78.62 -46.90
CA LEU C 1859 73.59 -78.46 -45.48
C LEU C 1859 73.56 -79.81 -44.76
N ARG C 1860 73.06 -80.85 -45.43
CA ARG C 1860 73.13 -82.19 -44.84
C ARG C 1860 74.57 -82.60 -44.59
N PHE C 1861 75.45 -82.35 -45.56
CA PHE C 1861 76.86 -82.67 -45.40
C PHE C 1861 77.47 -81.90 -44.23
N VAL C 1862 77.18 -80.60 -44.16
CA VAL C 1862 77.75 -79.77 -43.10
C VAL C 1862 77.26 -80.24 -41.73
N VAL C 1863 75.96 -80.53 -41.62
CA VAL C 1863 75.39 -80.97 -40.35
C VAL C 1863 76.02 -82.29 -39.92
N ASP C 1864 76.11 -83.24 -40.86
CA ASP C 1864 76.68 -84.54 -40.53
C ASP C 1864 78.14 -84.41 -40.09
N GLU C 1865 78.92 -83.60 -40.79
CA GLU C 1865 80.32 -83.46 -40.43
C GLU C 1865 80.49 -82.76 -39.09
N VAL C 1866 79.69 -81.71 -38.84
CA VAL C 1866 79.75 -81.03 -37.56
C VAL C 1866 79.42 -81.98 -36.43
N ALA C 1867 78.36 -82.78 -36.59
CA ALA C 1867 78.02 -83.76 -35.57
C ALA C 1867 79.13 -84.78 -35.38
N ASN C 1868 79.66 -85.33 -36.47
CA ASN C 1868 80.63 -86.41 -36.40
C ASN C 1868 81.97 -85.97 -35.82
N LYS C 1869 82.38 -84.73 -36.03
CA LYS C 1869 83.67 -84.27 -35.49
C LYS C 1869 83.63 -84.05 -33.99
N THR C 1870 82.69 -83.24 -33.50
CA THR C 1870 82.67 -82.86 -32.09
C THR C 1870 81.76 -83.73 -31.24
N LYS C 1871 81.12 -84.76 -31.81
CA LYS C 1871 80.38 -85.75 -31.03
C LYS C 1871 79.17 -85.16 -30.31
N TRP C 1872 78.75 -83.94 -30.66
CA TRP C 1872 77.62 -83.29 -30.01
C TRP C 1872 76.37 -83.46 -30.87
N LEU C 1873 75.24 -83.65 -30.21
CA LEU C 1873 73.98 -83.85 -30.92
C LEU C 1873 73.65 -82.62 -31.76
N LEU C 1874 73.47 -82.82 -33.07
CA LEU C 1874 73.14 -81.74 -33.97
C LEU C 1874 72.56 -82.35 -35.23
N GLU C 1875 71.25 -82.14 -35.46
CA GLU C 1875 70.57 -82.82 -36.55
C GLU C 1875 69.51 -81.91 -37.15
N ILE C 1876 69.24 -82.13 -38.44
CA ILE C 1876 68.16 -81.44 -39.12
C ILE C 1876 66.85 -82.12 -38.72
N VAL C 1877 65.91 -81.32 -38.22
CA VAL C 1877 64.68 -81.83 -37.63
C VAL C 1877 63.47 -81.55 -38.51
N ASN C 1878 63.37 -80.35 -39.08
CA ASN C 1878 62.27 -79.98 -39.96
C ASN C 1878 62.82 -79.63 -41.33
N TYR C 1879 62.21 -80.18 -42.37
CA TYR C 1879 62.54 -79.90 -43.76
C TYR C 1879 61.40 -79.09 -44.34
N ASN C 1880 61.45 -77.77 -44.14
CA ASN C 1880 60.33 -76.90 -44.45
C ASN C 1880 60.26 -76.56 -45.95
N VAL C 1881 61.29 -75.89 -46.46
CA VAL C 1881 61.32 -75.44 -47.85
C VAL C 1881 62.68 -75.79 -48.44
N GLU C 1882 62.67 -76.23 -49.70
CA GLU C 1882 63.90 -76.69 -50.34
C GLU C 1882 64.91 -75.57 -50.44
N ASN C 1883 66.11 -75.80 -49.92
CA ASN C 1883 67.25 -74.89 -50.00
C ASN C 1883 66.97 -73.54 -49.34
N GLN C 1884 65.86 -73.39 -48.62
CA GLN C 1884 65.35 -72.08 -48.21
C GLN C 1884 64.91 -72.01 -46.75
N GLN C 1885 64.44 -73.11 -46.17
CA GLN C 1885 64.07 -73.14 -44.76
C GLN C 1885 64.30 -74.54 -44.21
N TYR C 1886 65.21 -74.65 -43.25
CA TYR C 1886 65.39 -75.87 -42.50
C TYR C 1886 65.49 -75.50 -41.03
N VAL C 1887 65.30 -76.49 -40.16
CA VAL C 1887 65.44 -76.30 -38.72
C VAL C 1887 66.42 -77.33 -38.20
N ALA C 1888 67.38 -76.87 -37.40
CA ALA C 1888 68.40 -77.72 -36.81
C ALA C 1888 68.26 -77.71 -35.30
N ALA C 1889 68.27 -78.89 -34.69
CA ALA C 1889 68.11 -79.07 -33.26
C ALA C 1889 69.33 -79.76 -32.69
N GLY C 1890 69.73 -79.33 -31.50
CA GLY C 1890 70.86 -79.95 -30.85
C GLY C 1890 71.32 -79.12 -29.66
N ASP C 1891 72.48 -79.49 -29.14
CA ASP C 1891 73.09 -78.73 -28.05
C ASP C 1891 73.27 -77.29 -28.48
N LEU C 1892 73.14 -76.36 -27.53
CA LEU C 1892 73.46 -74.98 -27.86
C LEU C 1892 74.91 -74.85 -28.29
N ARG C 1893 75.79 -75.70 -27.73
CA ARG C 1893 77.17 -75.78 -28.20
C ARG C 1893 77.22 -75.99 -29.71
N ALA C 1894 76.66 -77.11 -30.19
CA ALA C 1894 76.74 -77.43 -31.61
C ALA C 1894 75.92 -76.47 -32.45
N LEU C 1895 74.89 -75.86 -31.87
CA LEU C 1895 74.07 -74.94 -32.64
C LEU C 1895 74.80 -73.63 -32.90
N ASP C 1896 75.44 -73.06 -31.88
CA ASP C 1896 76.32 -71.93 -32.11
C ASP C 1896 77.49 -72.33 -33.00
N THR C 1897 77.93 -73.59 -32.89
CA THR C 1897 78.98 -74.07 -33.78
C THR C 1897 78.55 -73.99 -35.24
N LEU C 1898 77.35 -74.49 -35.54
CA LEU C 1898 76.85 -74.42 -36.91
C LEU C 1898 76.62 -72.98 -37.34
N THR C 1899 76.11 -72.14 -36.44
CA THR C 1899 75.88 -70.74 -36.77
C THR C 1899 77.17 -70.07 -37.22
N ASN C 1900 78.22 -70.17 -36.41
CA ASN C 1900 79.47 -69.52 -36.77
C ASN C 1900 80.16 -70.24 -37.91
N VAL C 1901 79.95 -71.55 -38.07
CA VAL C 1901 80.51 -72.27 -39.20
C VAL C 1901 79.92 -71.73 -40.50
N LEU C 1902 78.61 -71.55 -40.54
CA LEU C 1902 77.98 -71.02 -41.75
C LEU C 1902 78.38 -69.56 -41.98
N ASN C 1903 78.50 -68.78 -40.91
CA ASN C 1903 78.95 -67.40 -41.07
C ASN C 1903 80.35 -67.34 -41.69
N VAL C 1904 81.28 -68.11 -41.13
CA VAL C 1904 82.64 -68.12 -41.67
C VAL C 1904 82.68 -68.73 -43.07
N LEU C 1905 81.79 -69.69 -43.35
CA LEU C 1905 81.73 -70.26 -44.70
C LEU C 1905 81.29 -69.22 -45.71
N LYS C 1906 80.28 -68.42 -45.38
CA LYS C 1906 79.88 -67.34 -46.27
C LYS C 1906 81.01 -66.33 -46.44
N ILE C 1907 81.71 -66.01 -45.35
CA ILE C 1907 82.82 -65.06 -45.44
C ILE C 1907 83.91 -65.59 -46.36
N ASN C 1908 84.24 -66.87 -46.23
CA ASN C 1908 85.28 -67.48 -47.05
C ASN C 1908 84.82 -67.77 -48.47
N LYS C 1909 83.52 -67.73 -48.74
CA LYS C 1909 82.98 -67.99 -50.08
C LYS C 1909 83.30 -69.42 -50.54
N ILE C 1910 83.36 -70.35 -49.60
CA ILE C 1910 83.62 -71.75 -49.90
C ILE C 1910 82.33 -72.37 -50.43
N ASP C 1911 82.44 -73.11 -51.54
CA ASP C 1911 81.31 -73.85 -52.09
C ASP C 1911 81.66 -75.33 -51.94
N ILE C 1912 81.08 -75.96 -50.92
CA ILE C 1912 81.40 -77.35 -50.61
C ILE C 1912 81.01 -78.28 -51.74
N VAL C 1913 80.06 -77.89 -52.60
CA VAL C 1913 79.73 -78.71 -53.75
C VAL C 1913 80.93 -78.84 -54.68
N LYS C 1914 81.58 -77.71 -54.99
CA LYS C 1914 82.77 -77.78 -55.82
C LYS C 1914 83.92 -78.44 -55.07
N LEU C 1915 83.97 -78.26 -53.75
CA LEU C 1915 85.01 -78.96 -52.98
C LEU C 1915 84.89 -80.46 -53.14
N GLN C 1916 83.67 -80.99 -53.04
CA GLN C 1916 83.45 -82.43 -53.21
C GLN C 1916 83.64 -82.86 -54.66
N GLU C 1917 83.28 -82.00 -55.61
CA GLU C 1917 83.36 -82.36 -57.03
C GLU C 1917 84.76 -82.23 -57.61
N GLN C 1918 85.68 -81.52 -56.93
CA GLN C 1918 87.03 -81.34 -57.43
C GLN C 1918 88.10 -81.66 -56.40
N MET C 1919 87.76 -82.31 -55.29
CA MET C 1919 88.75 -82.73 -54.31
C MET C 1919 88.22 -83.95 -53.59
N SER C 1920 89.14 -84.73 -53.04
CA SER C 1920 88.77 -85.91 -52.28
C SER C 1920 88.00 -85.51 -51.02
N ILE C 1921 87.11 -86.40 -50.58
CA ILE C 1921 86.36 -86.14 -49.35
C ILE C 1921 87.31 -85.92 -48.18
N GLU C 1922 88.52 -86.48 -48.25
CA GLU C 1922 89.52 -86.22 -47.22
C GLU C 1922 89.91 -84.74 -47.18
N LYS C 1923 90.02 -84.10 -48.34
CA LYS C 1923 90.38 -82.67 -48.36
C LYS C 1923 89.21 -81.80 -47.95
N VAL C 1924 88.01 -82.12 -48.45
CA VAL C 1924 86.82 -81.38 -48.02
C VAL C 1924 86.63 -81.53 -46.52
N LYS C 1925 86.80 -82.76 -46.03
CA LYS C 1925 86.72 -83.00 -44.60
C LYS C 1925 87.82 -82.23 -43.86
N GLU C 1926 89.02 -82.17 -44.41
CA GLU C 1926 90.10 -81.46 -43.74
C GLU C 1926 89.76 -79.99 -43.54
N HIS C 1927 89.31 -79.33 -44.61
CA HIS C 1927 88.98 -77.91 -44.51
C HIS C 1927 87.79 -77.69 -43.58
N LEU C 1928 86.71 -78.46 -43.76
CA LEU C 1928 85.53 -78.27 -42.93
C LEU C 1928 85.83 -78.58 -41.48
N TYR C 1929 86.70 -79.56 -41.22
CA TYR C 1929 87.09 -79.89 -39.85
C TYR C 1929 87.94 -78.77 -39.25
N GLU C 1930 88.79 -78.12 -40.05
CA GLU C 1930 89.51 -76.97 -39.52
C GLU C 1930 88.54 -75.89 -39.07
N ILE C 1931 87.55 -75.58 -39.91
CA ILE C 1931 86.54 -74.61 -39.54
C ILE C 1931 85.79 -75.07 -38.29
N VAL C 1932 85.45 -76.36 -38.25
CA VAL C 1932 84.66 -76.90 -37.14
C VAL C 1932 85.45 -76.82 -35.84
N ASP C 1933 86.74 -77.14 -35.89
CA ASP C 1933 87.56 -77.08 -34.67
C ASP C 1933 87.66 -75.66 -34.15
N GLU C 1934 87.97 -74.70 -35.04
CA GLU C 1934 88.06 -73.31 -34.57
C GLU C 1934 86.74 -72.85 -33.99
N VAL C 1935 85.65 -73.13 -34.69
CA VAL C 1935 84.34 -72.63 -34.28
C VAL C 1935 83.87 -73.32 -33.01
N ALA C 1936 84.15 -74.61 -32.86
CA ALA C 1936 83.78 -75.32 -31.65
C ALA C 1936 84.59 -74.84 -30.46
N ALA C 1937 85.87 -74.50 -30.69
CA ALA C 1937 86.66 -73.88 -29.63
C ALA C 1937 86.02 -72.57 -29.19
N LYS C 1938 85.56 -71.76 -30.14
CA LYS C 1938 84.87 -70.52 -29.78
C LYS C 1938 83.58 -70.81 -28.99
N SER C 1939 82.83 -71.83 -29.43
CA SER C 1939 81.59 -72.18 -28.74
C SER C 1939 81.85 -72.59 -27.30
N LEU C 1940 82.85 -73.45 -27.08
CA LEU C 1940 83.21 -73.84 -25.72
C LEU C 1940 83.70 -72.65 -24.93
N ALA C 1941 84.44 -71.75 -25.57
CA ALA C 1941 84.91 -70.55 -24.89
C ALA C 1941 83.76 -69.69 -24.39
N LYS C 1942 82.68 -69.62 -25.14
CA LYS C 1942 81.53 -68.85 -24.70
C LYS C 1942 80.96 -69.46 -23.40
N PRO C 1943 80.37 -68.63 -22.54
CA PRO C 1943 79.91 -69.13 -21.23
C PRO C 1943 78.68 -70.01 -21.37
N GLN C 1944 78.71 -71.17 -20.73
CA GLN C 1944 77.60 -72.11 -20.85
C GLN C 1944 76.51 -71.75 -19.83
N PRO C 1945 75.23 -71.91 -20.17
CA PRO C 1945 74.65 -72.38 -21.44
C PRO C 1945 74.77 -71.32 -22.52
N ILE C 1946 75.07 -71.72 -23.76
CA ILE C 1946 75.35 -70.77 -24.83
C ILE C 1946 74.04 -70.21 -25.36
N ASP C 1947 73.90 -68.89 -25.34
CA ASP C 1947 72.76 -68.21 -25.93
C ASP C 1947 73.06 -67.98 -27.42
N LEU C 1948 72.24 -68.58 -28.27
CA LEU C 1948 72.44 -68.44 -29.70
C LEU C 1948 72.19 -67.00 -30.14
N GLU C 1949 72.93 -66.56 -31.16
CA GLU C 1949 72.77 -65.26 -31.77
C GLU C 1949 72.34 -65.44 -33.22
N ARG C 1950 71.51 -64.52 -33.70
CA ARG C 1950 70.97 -64.62 -35.05
C ARG C 1950 72.11 -64.43 -36.06
N GLY C 1951 72.43 -65.50 -36.79
CA GLY C 1951 73.36 -65.40 -37.90
C GLY C 1951 72.67 -64.87 -39.14
N PHE C 1952 73.45 -64.76 -40.21
CA PHE C 1952 72.89 -64.34 -41.49
C PHE C 1952 71.85 -65.34 -41.98
N ALA C 1953 72.16 -66.63 -41.90
CA ALA C 1953 71.24 -67.70 -42.25
C ALA C 1953 70.52 -68.28 -41.04
N VAL C 1954 71.14 -68.25 -39.87
CA VAL C 1954 70.60 -68.89 -38.68
C VAL C 1954 69.81 -67.88 -37.88
N ILE C 1955 68.61 -68.27 -37.46
CA ILE C 1955 67.75 -67.50 -36.59
C ILE C 1955 67.31 -68.42 -35.44
N PRO C 1956 67.82 -68.22 -34.23
CA PRO C 1956 67.44 -69.14 -33.14
C PRO C 1956 65.96 -69.03 -32.82
N LEU C 1957 65.36 -70.17 -32.46
CA LEU C 1957 63.94 -70.22 -32.14
C LEU C 1957 63.76 -69.87 -30.67
N LYS C 1958 63.26 -68.67 -30.40
CA LYS C 1958 63.15 -68.20 -29.03
C LYS C 1958 62.04 -68.95 -28.30
N GLY C 1959 62.29 -69.26 -27.04
CA GLY C 1959 61.32 -69.97 -26.22
C GLY C 1959 61.29 -71.46 -26.40
N ILE C 1960 62.16 -72.03 -27.23
CA ILE C 1960 62.24 -73.47 -27.44
C ILE C 1960 63.51 -73.96 -26.75
N SER C 1961 63.33 -74.87 -25.80
CA SER C 1961 64.44 -75.42 -25.01
C SER C 1961 64.59 -76.93 -25.18
N VAL C 1962 63.92 -77.53 -26.15
CA VAL C 1962 63.88 -78.98 -26.31
C VAL C 1962 64.24 -79.30 -27.76
N PRO C 1963 65.14 -80.26 -28.02
CA PRO C 1963 65.46 -80.60 -29.43
C PRO C 1963 64.55 -81.71 -29.96
N PHE C 1964 63.26 -81.40 -30.06
CA PHE C 1964 62.32 -82.45 -30.46
C PHE C 1964 62.38 -82.66 -31.98
N HIS C 1965 61.86 -83.81 -32.41
CA HIS C 1965 61.97 -84.37 -33.75
C HIS C 1965 63.38 -84.85 -34.07
N SER C 1966 64.25 -84.99 -33.08
CA SER C 1966 65.59 -85.53 -33.25
C SER C 1966 65.69 -86.87 -32.54
N SER C 1967 66.85 -87.52 -32.69
CA SER C 1967 67.07 -88.82 -32.05
C SER C 1967 67.13 -88.73 -30.53
N TYR C 1968 67.21 -87.53 -29.96
CA TYR C 1968 67.26 -87.39 -28.50
C TYR C 1968 66.00 -87.94 -27.85
N LEU C 1969 64.86 -87.85 -28.53
CA LEU C 1969 63.59 -88.28 -27.98
C LEU C 1969 63.28 -89.74 -28.25
N MET C 1970 64.21 -90.49 -28.86
CA MET C 1970 64.03 -91.92 -29.03
C MET C 1970 63.82 -92.61 -27.70
N SER C 1971 64.49 -92.13 -26.65
CA SER C 1971 64.27 -92.67 -25.32
C SER C 1971 62.84 -92.43 -24.85
N GLY C 1972 62.32 -91.22 -25.09
CA GLY C 1972 61.00 -90.86 -24.64
C GLY C 1972 59.85 -91.33 -25.48
N VAL C 1973 60.12 -91.92 -26.65
CA VAL C 1973 59.02 -92.43 -27.48
C VAL C 1973 58.23 -93.51 -26.74
N LYS C 1974 58.92 -94.46 -26.10
CA LYS C 1974 58.26 -95.69 -25.67
C LYS C 1974 57.12 -95.46 -24.69
N PRO C 1975 57.25 -94.63 -23.65
CA PRO C 1975 56.05 -94.32 -22.85
C PRO C 1975 54.94 -93.68 -23.67
N PHE C 1976 55.32 -92.82 -24.63
CA PHE C 1976 54.31 -92.18 -25.47
C PHE C 1976 53.61 -93.19 -26.36
N GLN C 1977 54.32 -94.23 -26.80
CA GLN C 1977 53.67 -95.28 -27.59
C GLN C 1977 52.59 -95.97 -26.77
N ARG C 1978 52.89 -96.31 -25.52
CA ARG C 1978 51.90 -96.95 -24.66
C ARG C 1978 50.72 -96.03 -24.41
N PHE C 1979 50.99 -94.74 -24.18
CA PHE C 1979 49.89 -93.79 -23.98
C PHE C 1979 49.02 -93.70 -25.23
N LEU C 1980 49.64 -93.65 -26.41
CA LEU C 1980 48.86 -93.60 -27.64
C LEU C 1980 48.03 -94.87 -27.82
N CYS C 1981 48.61 -96.02 -27.51
CA CYS C 1981 47.84 -97.26 -27.60
C CYS C 1981 46.64 -97.23 -26.67
N LYS C 1982 46.80 -96.64 -25.49
CA LYS C 1982 45.68 -96.53 -24.56
C LYS C 1982 44.61 -95.57 -25.08
N LYS C 1983 45.01 -94.41 -25.58
CA LYS C 1983 44.05 -93.36 -25.93
C LYS C 1983 43.55 -93.44 -27.36
N ILE C 1984 44.02 -94.39 -28.17
CA ILE C 1984 43.46 -94.65 -29.49
C ILE C 1984 42.74 -96.00 -29.42
N PRO C 1985 41.42 -96.03 -29.29
CA PRO C 1985 40.72 -97.30 -29.44
C PRO C 1985 40.92 -97.86 -30.84
N LYS C 1986 41.02 -99.19 -30.93
CA LYS C 1986 41.12 -99.81 -32.24
C LYS C 1986 39.86 -99.55 -33.07
N SER C 1987 38.71 -99.37 -32.42
CA SER C 1987 37.46 -99.14 -33.14
C SER C 1987 37.40 -97.76 -33.76
N SER C 1988 38.14 -96.79 -33.21
CA SER C 1988 38.03 -95.41 -33.69
C SER C 1988 38.74 -95.19 -35.02
N VAL C 1989 39.64 -96.09 -35.42
CA VAL C 1989 40.40 -95.90 -36.64
C VAL C 1989 39.52 -96.33 -37.82
N LYS C 1990 39.35 -95.44 -38.79
CA LYS C 1990 38.67 -95.76 -40.05
C LYS C 1990 39.72 -95.79 -41.16
N PRO C 1991 40.17 -96.98 -41.59
CA PRO C 1991 41.21 -97.03 -42.63
C PRO C 1991 40.78 -96.39 -43.95
N GLN C 1992 39.49 -96.39 -44.26
CA GLN C 1992 39.05 -95.77 -45.51
C GLN C 1992 39.30 -94.27 -45.49
N ASP C 1993 39.27 -93.65 -44.30
CA ASP C 1993 39.54 -92.22 -44.17
C ASP C 1993 41.03 -91.91 -44.07
N LEU C 1994 41.90 -92.91 -44.13
CA LEU C 1994 43.34 -92.73 -44.06
C LEU C 1994 44.06 -93.14 -45.33
N ILE C 1995 43.66 -94.25 -45.95
CA ILE C 1995 44.33 -94.74 -47.14
C ILE C 1995 44.22 -93.71 -48.25
N GLY C 1996 45.36 -93.26 -48.76
CA GLY C 1996 45.39 -92.31 -49.85
C GLY C 1996 44.97 -90.90 -49.49
N LYS C 1997 44.68 -90.63 -48.22
CA LYS C 1997 44.30 -89.30 -47.75
C LYS C 1997 45.22 -88.80 -46.65
N TYR C 1998 45.66 -89.67 -45.75
CA TYR C 1998 46.53 -89.30 -44.65
C TYR C 1998 47.97 -89.29 -45.14
N ILE C 1999 48.68 -88.20 -44.89
CA ILE C 1999 50.10 -88.07 -45.24
C ILE C 1999 50.84 -87.72 -43.95
N PRO C 2000 51.59 -88.66 -43.37
CA PRO C 2000 52.31 -88.35 -42.13
C PRO C 2000 53.57 -87.55 -42.39
N ASN C 2001 54.15 -87.06 -41.28
CA ASN C 2001 55.46 -86.40 -41.34
C ASN C 2001 56.60 -87.41 -41.30
N LEU C 2002 56.38 -88.59 -40.73
CA LEU C 2002 57.47 -89.56 -40.61
C LEU C 2002 57.90 -90.06 -41.99
N THR C 2003 56.94 -90.40 -42.84
CA THR C 2003 57.21 -90.93 -44.17
C THR C 2003 57.02 -89.93 -45.29
N ALA C 2004 56.16 -88.93 -45.11
CA ALA C 2004 55.89 -87.92 -46.12
C ALA C 2004 55.42 -88.55 -47.43
N LYS C 2005 54.61 -89.59 -47.31
CA LYS C 2005 53.90 -90.19 -48.44
C LYS C 2005 52.53 -90.62 -47.94
N PRO C 2006 51.57 -90.82 -48.84
CA PRO C 2006 50.21 -91.15 -48.39
C PRO C 2006 50.18 -92.45 -47.59
N PHE C 2007 49.33 -92.46 -46.57
CA PHE C 2007 49.13 -93.63 -45.73
C PHE C 2007 48.68 -94.80 -46.60
N GLU C 2008 49.37 -95.93 -46.47
CA GLU C 2008 49.07 -97.11 -47.26
C GLU C 2008 49.31 -98.35 -46.43
N LEU C 2009 48.43 -99.33 -46.60
CA LEU C 2009 48.55 -100.60 -45.88
C LEU C 2009 49.25 -101.62 -46.79
N THR C 2010 50.49 -101.29 -47.12
CA THR C 2010 51.32 -102.10 -48.02
C THR C 2010 52.64 -102.43 -47.34
N LYS C 2011 53.16 -103.60 -47.67
CA LYS C 2011 54.41 -104.07 -47.07
C LYS C 2011 55.54 -103.09 -47.36
N GLU C 2012 55.50 -102.45 -48.53
CA GLU C 2012 56.49 -101.43 -48.85
C GLU C 2012 56.42 -100.28 -47.85
N TYR C 2013 55.20 -99.82 -47.54
CA TYR C 2013 55.04 -98.72 -46.60
C TYR C 2013 55.48 -99.13 -45.20
N PHE C 2014 55.12 -100.34 -44.77
CA PHE C 2014 55.52 -100.79 -43.45
C PHE C 2014 57.03 -100.92 -43.34
N GLN C 2015 57.68 -101.41 -44.41
CA GLN C 2015 59.14 -101.49 -44.41
C GLN C 2015 59.77 -100.11 -44.42
N SER C 2016 59.16 -99.16 -45.11
CA SER C 2016 59.67 -97.78 -45.07
C SER C 2016 59.60 -97.23 -43.66
N VAL C 2017 58.51 -97.48 -42.96
CA VAL C 2017 58.39 -97.04 -41.57
C VAL C 2017 59.43 -97.73 -40.70
N TYR C 2018 59.64 -99.03 -40.94
CA TYR C 2018 60.60 -99.79 -40.15
C TYR C 2018 62.02 -99.27 -40.35
N ASP C 2019 62.36 -98.88 -41.57
CA ASP C 2019 63.70 -98.37 -41.84
C ASP C 2019 64.02 -97.16 -40.98
N LEU C 2020 62.99 -96.39 -40.60
CA LEU C 2020 63.20 -95.21 -39.77
C LEU C 2020 63.12 -95.53 -38.28
N THR C 2021 62.16 -96.37 -37.89
CA THR C 2021 61.85 -96.54 -36.47
C THR C 2021 62.45 -97.78 -35.82
N LYS C 2022 62.71 -98.85 -36.58
CA LYS C 2022 63.25 -100.10 -36.03
C LYS C 2022 62.32 -100.69 -34.97
N SER C 2023 61.02 -100.44 -35.11
CA SER C 2023 60.07 -100.76 -34.06
C SER C 2023 59.75 -102.25 -34.02
N GLU C 2024 59.52 -102.76 -32.81
CA GLU C 2024 59.20 -104.17 -32.64
C GLU C 2024 57.83 -104.51 -33.23
N LYS C 2025 56.86 -103.62 -33.08
CA LYS C 2025 55.52 -103.89 -33.62
C LYS C 2025 55.55 -103.96 -35.15
N ILE C 2026 56.18 -102.96 -35.79
CA ILE C 2026 56.28 -102.99 -37.24
C ILE C 2026 57.12 -104.17 -37.68
N LYS C 2027 58.13 -104.54 -36.89
CA LYS C 2027 58.93 -105.72 -37.21
C LYS C 2027 58.05 -106.97 -37.22
N SER C 2028 57.18 -107.11 -36.23
CA SER C 2028 56.29 -108.27 -36.19
C SER C 2028 55.34 -108.28 -37.38
N ILE C 2029 54.77 -107.12 -37.70
CA ILE C 2029 53.84 -107.04 -38.83
C ILE C 2029 54.57 -107.40 -40.13
N LEU C 2030 55.78 -106.90 -40.31
CA LEU C 2030 56.52 -107.21 -41.53
C LEU C 2030 56.90 -108.67 -41.59
N ASP C 2031 57.27 -109.26 -40.45
CA ASP C 2031 57.62 -110.68 -40.42
C ASP C 2031 56.43 -111.56 -40.72
N ASN C 2032 55.22 -111.14 -40.30
CA ASN C 2032 54.03 -111.96 -40.42
C ASN C 2032 53.04 -111.39 -41.43
N TRP C 2033 53.53 -110.57 -42.37
CA TRP C 2033 52.68 -110.03 -43.43
C TRP C 2033 52.03 -111.11 -44.28
N GLU C 2034 52.58 -112.33 -44.29
CA GLU C 2034 51.98 -113.40 -45.08
C GLU C 2034 50.53 -113.65 -44.66
N GLN C 2035 50.23 -113.54 -43.36
CA GLN C 2035 48.85 -113.75 -42.92
C GLN C 2035 47.95 -112.59 -43.34
N TYR C 2036 48.49 -111.39 -43.43
CA TYR C 2036 47.71 -110.23 -43.88
C TYR C 2036 47.58 -110.15 -45.39
N GLU C 2037 48.38 -110.91 -46.13
CA GLU C 2037 48.30 -110.91 -47.59
C GLU C 2037 46.92 -111.37 -48.06
N MET D 1 42.61 -108.91 -47.05
CA MET D 1 42.50 -108.64 -45.59
C MET D 1 41.07 -108.27 -45.23
N LYS D 2 40.53 -108.94 -44.22
CA LYS D 2 39.19 -108.59 -43.75
C LYS D 2 39.22 -107.20 -43.13
N PRO D 3 38.07 -106.51 -43.02
CA PRO D 3 38.06 -105.18 -42.40
C PRO D 3 38.66 -105.16 -41.00
N GLU D 4 38.48 -106.24 -40.22
CA GLU D 4 39.01 -106.24 -38.86
C GLU D 4 40.54 -106.29 -38.87
N ILE D 5 41.13 -107.17 -39.70
CA ILE D 5 42.58 -107.19 -39.85
C ILE D 5 43.07 -105.85 -40.38
N GLU D 6 42.33 -105.25 -41.31
CA GLU D 6 42.72 -103.98 -41.89
C GLU D 6 42.74 -102.89 -40.82
N GLN D 7 41.74 -102.88 -39.95
CA GLN D 7 41.71 -101.92 -38.84
C GLN D 7 42.85 -102.17 -37.86
N GLU D 8 43.16 -103.44 -37.58
CA GLU D 8 44.26 -103.75 -36.68
C GLU D 8 45.55 -103.19 -37.24
N LEU D 9 45.83 -103.47 -38.53
CA LEU D 9 47.05 -102.95 -39.15
C LEU D 9 47.07 -101.43 -39.16
N SER D 10 45.94 -100.80 -39.50
CA SER D 10 45.88 -99.35 -39.53
C SER D 10 46.17 -98.76 -38.15
N HIS D 11 45.55 -99.31 -37.11
CA HIS D 11 45.75 -98.81 -35.76
C HIS D 11 47.20 -98.94 -35.34
N THR D 12 47.80 -100.11 -35.58
CA THR D 12 49.20 -100.31 -35.21
C THR D 12 50.10 -99.33 -35.95
N LEU D 13 49.93 -99.22 -37.26
CA LEU D 13 50.82 -98.38 -38.05
C LEU D 13 50.64 -96.91 -37.66
N LEU D 14 49.41 -96.47 -37.45
CA LEU D 14 49.17 -95.06 -37.09
C LEU D 14 49.74 -94.75 -35.72
N THR D 15 49.56 -95.67 -34.75
CA THR D 15 50.13 -95.46 -33.43
C THR D 15 51.65 -95.34 -33.52
N GLU D 16 52.28 -96.21 -34.30
CA GLU D 16 53.74 -96.15 -34.43
C GLU D 16 54.18 -94.86 -35.11
N LEU D 17 53.45 -94.46 -36.16
CA LEU D 17 53.77 -93.21 -36.85
C LEU D 17 53.70 -92.03 -35.89
N LEU D 18 52.62 -91.92 -35.12
CA LEU D 18 52.49 -90.79 -34.19
C LEU D 18 53.54 -90.87 -33.08
N ALA D 19 53.82 -92.09 -32.58
CA ALA D 19 54.77 -92.23 -31.49
C ALA D 19 56.17 -91.81 -31.92
N TYR D 20 56.59 -92.20 -33.12
CA TYR D 20 57.94 -91.93 -33.58
C TYR D 20 58.08 -90.60 -34.32
N GLN D 21 56.98 -89.99 -34.76
CA GLN D 21 57.05 -88.61 -35.22
C GLN D 21 57.44 -87.67 -34.09
N PHE D 22 57.17 -88.08 -32.85
CA PHE D 22 57.67 -87.36 -31.67
C PHE D 22 59.18 -87.14 -31.76
N ALA D 23 59.90 -88.13 -32.27
CA ALA D 23 61.36 -88.16 -32.20
C ALA D 23 62.03 -88.37 -33.54
N SER D 24 61.31 -88.15 -34.65
CA SER D 24 61.89 -88.23 -35.98
C SER D 24 61.71 -86.90 -36.71
N PRO D 25 62.51 -86.63 -37.75
CA PRO D 25 62.39 -85.33 -38.43
C PRO D 25 61.05 -85.19 -39.15
N VAL D 26 60.59 -83.94 -39.26
CA VAL D 26 59.39 -83.62 -40.02
C VAL D 26 59.84 -83.33 -41.45
N ARG D 27 59.36 -84.15 -42.39
CA ARG D 27 59.79 -84.04 -43.79
C ARG D 27 58.76 -83.23 -44.58
N TRP D 28 58.70 -81.94 -44.25
CA TRP D 28 57.70 -81.10 -44.87
C TRP D 28 58.01 -80.80 -46.34
N ILE D 29 59.28 -80.80 -46.73
CA ILE D 29 59.61 -80.67 -48.15
C ILE D 29 58.97 -81.81 -48.93
N GLU D 30 59.19 -83.04 -48.48
CA GLU D 30 58.66 -84.19 -49.22
C GLU D 30 57.14 -84.25 -49.16
N THR D 31 56.51 -83.95 -48.03
CA THR D 31 55.05 -83.99 -48.02
C THR D 31 54.47 -82.90 -48.91
N GLN D 32 55.08 -81.71 -48.93
CA GLN D 32 54.61 -80.69 -49.87
C GLN D 32 54.74 -81.17 -51.30
N ASP D 33 55.86 -81.81 -51.63
CA ASP D 33 56.01 -82.36 -52.96
C ASP D 33 54.93 -83.38 -53.28
N VAL D 34 54.54 -84.19 -52.30
CA VAL D 34 53.51 -85.21 -52.56
C VAL D 34 52.21 -84.56 -53.00
N PHE D 35 51.62 -83.71 -52.14
CA PHE D 35 50.30 -83.19 -52.45
C PHE D 35 50.32 -82.03 -53.44
N LEU D 36 51.50 -81.50 -53.80
CA LEU D 36 51.56 -80.51 -54.86
C LEU D 36 51.77 -81.13 -56.23
N LYS D 37 52.62 -82.16 -56.32
CA LYS D 37 52.96 -82.76 -57.60
C LYS D 37 52.06 -83.95 -57.92
N GLN D 38 52.07 -84.97 -57.07
CA GLN D 38 51.33 -86.19 -57.36
C GLN D 38 49.82 -85.95 -57.29
N HIS D 39 49.35 -85.31 -56.22
CA HIS D 39 47.93 -85.07 -56.06
C HIS D 39 47.45 -83.88 -56.88
N ASN D 40 48.36 -83.01 -57.32
CA ASN D 40 48.00 -81.80 -58.06
C ASN D 40 46.95 -80.99 -57.31
N THR D 41 47.15 -80.84 -56.00
CA THR D 41 46.22 -80.09 -55.18
C THR D 41 46.18 -78.64 -55.65
N GLU D 42 44.96 -78.10 -55.73
CA GLU D 42 44.76 -76.70 -56.05
C GLU D 42 44.47 -75.86 -54.81
N ARG D 43 43.49 -76.26 -54.00
CA ARG D 43 43.10 -75.50 -52.82
C ARG D 43 43.88 -76.04 -51.64
N ILE D 44 44.84 -75.25 -51.16
CA ILE D 44 45.69 -75.64 -50.03
C ILE D 44 45.32 -74.72 -48.87
N ILE D 45 44.40 -75.17 -48.03
CA ILE D 45 43.93 -74.42 -46.87
C ILE D 45 44.74 -74.88 -45.67
N GLU D 46 45.38 -73.93 -45.00
CA GLU D 46 46.07 -74.22 -43.75
C GLU D 46 45.22 -73.72 -42.59
N ILE D 47 44.89 -74.63 -41.68
CA ILE D 47 44.04 -74.36 -40.53
C ILE D 47 44.98 -74.07 -39.37
N GLY D 48 45.13 -72.79 -39.03
CA GLY D 48 46.00 -72.39 -37.96
C GLY D 48 45.81 -70.93 -37.59
N PRO D 49 46.45 -70.50 -36.51
CA PRO D 49 46.32 -69.09 -36.10
C PRO D 49 47.12 -68.12 -36.95
N SER D 50 48.11 -68.61 -37.70
CA SER D 50 48.94 -67.77 -38.56
C SER D 50 49.20 -68.52 -39.86
N PRO D 51 49.52 -67.78 -40.96
CA PRO D 51 49.70 -68.40 -42.28
C PRO D 51 51.09 -69.01 -42.49
N THR D 52 51.57 -69.76 -41.49
CA THR D 52 52.93 -70.30 -41.56
C THR D 52 53.08 -71.23 -42.75
N LEU D 53 52.32 -72.33 -42.75
CA LEU D 53 52.47 -73.31 -43.84
C LEU D 53 51.84 -72.81 -45.13
N ALA D 54 50.92 -71.86 -45.06
CA ALA D 54 50.51 -71.19 -46.29
C ALA D 54 51.70 -70.52 -46.96
N GLY D 55 52.49 -69.79 -46.16
CA GLY D 55 53.69 -69.17 -46.70
C GLY D 55 54.69 -70.19 -47.23
N MET D 56 54.96 -71.23 -46.44
CA MET D 56 55.94 -72.22 -46.88
C MET D 56 55.48 -72.93 -48.15
N ALA D 57 54.18 -73.25 -48.25
CA ALA D 57 53.67 -73.88 -49.47
C ALA D 57 53.78 -72.94 -50.66
N ASN D 58 53.46 -71.65 -50.46
CA ASN D 58 53.60 -70.69 -51.55
C ASN D 58 55.04 -70.61 -52.03
N ARG D 59 55.98 -70.61 -51.08
CA ARG D 59 57.38 -70.45 -51.44
C ARG D 59 57.93 -71.72 -52.08
N THR D 60 57.46 -72.90 -51.65
CA THR D 60 57.79 -74.13 -52.36
C THR D 60 57.23 -74.13 -53.78
N ILE D 61 55.98 -73.68 -53.94
CA ILE D 61 55.36 -73.64 -55.27
C ILE D 61 56.16 -72.73 -56.19
N LYS D 62 56.54 -71.55 -55.68
CA LYS D 62 57.33 -70.63 -56.49
C LYS D 62 58.71 -71.21 -56.81
N ALA D 63 59.32 -71.90 -55.85
CA ALA D 63 60.66 -72.41 -56.05
C ALA D 63 60.70 -73.54 -57.07
N LYS D 64 59.78 -74.50 -56.97
CA LYS D 64 59.89 -75.74 -57.74
C LYS D 64 58.75 -75.98 -58.71
N TYR D 65 57.53 -75.52 -58.41
CA TYR D 65 56.36 -75.83 -59.22
C TYR D 65 55.86 -74.64 -60.04
N GLU D 66 56.65 -73.57 -60.16
CA GLU D 66 56.22 -72.43 -60.95
C GLU D 66 56.03 -72.82 -62.42
N SER D 67 56.97 -73.58 -62.97
CA SER D 67 56.85 -74.03 -64.35
C SER D 67 55.87 -75.19 -64.48
N TYR D 68 55.82 -76.06 -63.46
CA TYR D 68 54.91 -77.20 -63.49
C TYR D 68 53.45 -76.75 -63.53
N ASP D 69 53.10 -75.78 -62.68
CA ASP D 69 51.73 -75.28 -62.66
C ASP D 69 51.37 -74.60 -63.98
N ALA D 70 52.30 -73.83 -64.54
CA ALA D 70 52.03 -73.19 -65.83
C ALA D 70 51.85 -74.24 -66.92
N ALA D 71 52.67 -75.29 -66.91
CA ALA D 71 52.57 -76.33 -67.92
C ALA D 71 51.22 -77.05 -67.84
N LEU D 72 50.77 -77.37 -66.63
CA LEU D 72 49.50 -78.07 -66.46
C LEU D 72 48.30 -77.14 -66.39
N SER D 73 48.51 -75.83 -66.49
CA SER D 73 47.42 -74.85 -66.39
C SER D 73 46.67 -75.00 -65.08
N LEU D 74 47.41 -75.26 -64.00
CA LEU D 74 46.85 -75.51 -62.68
C LEU D 74 47.00 -74.26 -61.83
N GLN D 75 45.87 -73.71 -61.39
CA GLN D 75 45.85 -72.51 -60.56
C GLN D 75 45.74 -72.94 -59.10
N ARG D 76 46.82 -72.76 -58.34
CA ARG D 76 46.86 -73.14 -56.94
C ARG D 76 46.51 -71.96 -56.07
N GLN D 77 45.44 -72.11 -55.29
CA GLN D 77 44.99 -71.12 -54.32
C GLN D 77 45.40 -71.60 -52.94
N VAL D 78 46.31 -70.86 -52.30
CA VAL D 78 46.78 -71.16 -50.95
C VAL D 78 46.03 -70.22 -50.00
N LEU D 79 45.31 -70.83 -49.05
CA LEU D 79 44.41 -70.10 -48.16
C LEU D 79 44.84 -70.33 -46.72
N CYS D 80 44.63 -69.31 -45.89
CA CYS D 80 44.93 -69.35 -44.47
C CYS D 80 43.64 -69.11 -43.70
N TYR D 81 43.42 -69.90 -42.64
CA TYR D 81 42.21 -69.70 -41.85
C TYR D 81 42.19 -68.32 -41.20
N SER D 82 43.31 -67.88 -40.64
CA SER D 82 43.33 -66.61 -39.91
C SER D 82 43.19 -65.40 -40.81
N LYS D 83 43.45 -65.54 -42.11
CA LYS D 83 43.44 -64.43 -43.05
C LYS D 83 42.35 -64.53 -44.10
N ASP D 84 42.16 -65.72 -44.68
CA ASP D 84 41.24 -65.93 -45.80
C ASP D 84 40.02 -66.73 -45.38
N ALA D 85 39.48 -66.43 -44.18
CA ALA D 85 38.29 -67.12 -43.72
C ALA D 85 37.11 -66.90 -44.67
N LYS D 86 36.99 -65.70 -45.25
CA LYS D 86 35.93 -65.45 -46.21
C LYS D 86 36.06 -66.39 -47.41
N GLU D 87 37.26 -66.54 -47.95
CA GLU D 87 37.45 -67.41 -49.11
C GLU D 87 37.24 -68.88 -48.75
N ILE D 88 37.66 -69.29 -47.56
CA ILE D 88 37.51 -70.69 -47.16
C ILE D 88 36.04 -71.03 -46.92
N TYR D 89 35.29 -70.13 -46.30
CA TYR D 89 33.87 -70.34 -46.03
C TYR D 89 32.97 -69.95 -47.19
N TYR D 90 33.53 -69.40 -48.28
CA TYR D 90 32.75 -68.86 -49.38
C TYR D 90 31.76 -67.81 -48.87
N LYS D 91 32.33 -66.75 -48.30
CA LYS D 91 31.55 -65.60 -47.81
C LYS D 91 32.21 -64.32 -48.30
N PRO D 92 32.18 -64.07 -49.62
CA PRO D 92 32.66 -62.79 -50.13
C PRO D 92 31.80 -61.65 -49.61
N ASP D 93 32.41 -60.48 -49.47
CA ASP D 93 31.72 -59.32 -48.93
C ASP D 93 30.58 -58.92 -49.88
N PRO D 94 29.32 -58.84 -49.41
CA PRO D 94 28.26 -58.46 -50.36
C PRO D 94 28.46 -57.07 -50.95
N ASP D 322 5.47 -5.01 -27.59
CA ASP D 322 5.83 -6.40 -27.84
C ASP D 322 5.56 -7.27 -26.62
N SER D 323 5.51 -8.58 -26.84
CA SER D 323 5.32 -9.51 -25.73
C SER D 323 6.47 -9.41 -24.73
N ALA D 324 7.68 -9.13 -25.20
CA ALA D 324 8.80 -8.95 -24.29
C ALA D 324 8.58 -7.74 -23.39
N ALA D 325 8.11 -6.63 -23.95
CA ALA D 325 7.84 -5.44 -23.15
C ALA D 325 6.71 -5.69 -22.16
N LEU D 326 5.66 -6.39 -22.62
CA LEU D 326 4.56 -6.71 -21.71
C LEU D 326 5.02 -7.59 -20.57
N ASP D 327 5.88 -8.57 -20.86
CA ASP D 327 6.40 -9.44 -19.81
C ASP D 327 7.30 -8.66 -18.86
N ALA D 328 8.06 -7.70 -19.39
CA ALA D 328 8.87 -6.85 -18.51
C ALA D 328 7.99 -6.03 -17.58
N LEU D 329 6.90 -5.48 -18.09
CA LEU D 329 5.98 -4.73 -17.25
C LEU D 329 5.35 -5.63 -16.19
N THR D 330 4.95 -6.83 -16.59
CA THR D 330 4.37 -7.78 -15.64
C THR D 330 5.38 -8.13 -14.56
N ALA D 331 6.64 -8.34 -14.94
CA ALA D 331 7.69 -8.65 -13.97
C ALA D 331 7.93 -7.48 -13.02
N GLU D 332 7.89 -6.26 -13.54
CA GLU D 332 8.07 -5.09 -12.67
C GLU D 332 6.94 -4.97 -11.66
N ASN D 333 5.70 -5.17 -12.11
CA ASN D 333 4.57 -5.11 -11.19
C ASN D 333 4.65 -6.21 -10.15
N LYS D 334 5.01 -7.42 -10.58
CA LYS D 334 5.17 -8.53 -9.64
C LYS D 334 6.29 -8.24 -8.64
N LYS D 335 7.37 -7.62 -9.11
CA LYS D 335 8.48 -7.28 -8.23
C LYS D 335 8.05 -6.28 -7.18
N LEU D 336 7.30 -5.24 -7.59
CA LEU D 336 6.80 -4.27 -6.62
C LEU D 336 5.89 -4.94 -5.61
N ALA D 337 4.98 -5.79 -6.08
CA ALA D 337 4.06 -6.46 -5.17
C ALA D 337 4.81 -7.37 -4.20
N LYS D 338 5.87 -8.03 -4.67
CA LYS D 338 6.62 -8.92 -3.80
C LYS D 338 7.45 -8.13 -2.78
N GLN D 339 8.00 -6.99 -3.17
CA GLN D 339 8.71 -6.18 -2.20
C GLN D 339 7.76 -5.66 -1.12
N GLN D 340 6.56 -5.24 -1.53
CA GLN D 340 5.55 -4.84 -0.55
C GLN D 340 5.15 -6.01 0.32
N LEU D 341 5.04 -7.21 -0.28
CA LEU D 341 4.75 -8.42 0.47
C LEU D 341 5.77 -8.67 1.56
N GLU D 342 7.05 -8.62 1.21
CA GLU D 342 8.10 -8.81 2.21
C GLU D 342 8.08 -7.72 3.28
N VAL D 343 7.83 -6.47 2.90
CA VAL D 343 7.78 -5.41 3.90
C VAL D 343 6.65 -5.65 4.89
N LEU D 344 5.47 -6.03 4.38
CA LEU D 344 4.34 -6.27 5.28
C LEU D 344 4.59 -7.49 6.16
N ALA D 345 5.15 -8.56 5.60
CA ALA D 345 5.45 -9.74 6.41
C ALA D 345 6.47 -9.41 7.50
N ARG D 346 7.49 -8.62 7.15
CA ARG D 346 8.47 -8.22 8.15
C ARG D 346 7.83 -7.37 9.23
N TYR D 347 6.93 -6.46 8.85
CA TYR D 347 6.25 -5.64 9.84
C TYR D 347 5.41 -6.50 10.78
N LEU D 348 4.70 -7.48 10.24
CA LEU D 348 3.86 -8.36 11.03
C LEU D 348 4.65 -9.43 11.78
N GLN D 349 5.95 -9.57 11.51
CA GLN D 349 6.75 -10.66 12.04
C GLN D 349 6.18 -12.01 11.62
N SER D 350 5.52 -12.04 10.47
CA SER D 350 5.06 -13.28 9.86
C SER D 350 6.18 -13.80 8.97
N ARG D 351 6.60 -15.03 9.21
CA ARG D 351 7.69 -15.63 8.44
C ARG D 351 7.08 -16.47 7.34
N LEU D 352 7.36 -16.10 6.09
CA LEU D 352 6.80 -16.80 4.94
C LEU D 352 7.53 -18.10 4.64
N LYS D 353 8.55 -18.46 5.44
CA LYS D 353 9.30 -19.69 5.21
C LYS D 353 9.57 -20.43 6.52
N GLN D 354 8.77 -20.20 7.56
CA GLN D 354 8.94 -20.88 8.83
C GLN D 354 8.12 -22.16 8.92
N GLY D 355 6.80 -22.07 8.79
CA GLY D 355 6.02 -23.26 8.55
C GLY D 355 6.44 -23.93 7.25
N SER D 356 6.75 -23.14 6.24
CA SER D 356 7.19 -23.67 4.96
C SER D 356 8.65 -24.04 5.01
N LEU D 357 8.96 -25.22 4.51
CA LEU D 357 10.22 -25.44 3.81
C LEU D 357 11.41 -25.47 4.78
N LYS D 358 11.30 -24.85 5.96
CA LYS D 358 12.14 -25.21 7.10
C LYS D 358 11.58 -26.43 7.82
N SER D 359 10.35 -26.34 8.30
CA SER D 359 9.71 -27.49 8.92
C SER D 359 9.60 -28.64 7.93
N PHE D 360 9.33 -28.34 6.66
CA PHE D 360 9.24 -29.39 5.66
C PHE D 360 10.59 -30.04 5.41
N ILE D 361 11.67 -29.25 5.28
CA ILE D 361 12.97 -29.88 5.11
C ILE D 361 13.32 -30.73 6.34
N LYS D 362 13.05 -30.21 7.54
CA LYS D 362 13.39 -30.94 8.75
C LYS D 362 12.63 -32.26 8.84
N GLU D 363 11.33 -32.25 8.51
CA GLU D 363 10.56 -33.48 8.53
C GLU D 363 11.04 -34.43 7.44
N LYS D 364 11.51 -33.89 6.31
CA LYS D 364 12.07 -34.75 5.28
C LYS D 364 13.34 -35.45 5.78
N GLU D 365 14.20 -34.74 6.50
CA GLU D 365 15.37 -35.40 7.09
C GLU D 365 14.97 -36.45 8.12
N ALA D 366 13.95 -36.15 8.94
CA ALA D 366 13.48 -37.15 9.89
C ALA D 366 12.97 -38.40 9.18
N SER D 367 12.21 -38.21 8.11
CA SER D 367 11.72 -39.33 7.32
C SER D 367 12.88 -40.09 6.68
N ALA D 368 13.94 -39.37 6.28
CA ALA D 368 15.11 -40.03 5.73
C ALA D 368 15.78 -40.91 6.76
N VAL D 369 15.88 -40.44 8.01
CA VAL D 369 16.46 -41.25 9.07
C VAL D 369 15.61 -42.50 9.32
N LEU D 370 14.28 -42.32 9.39
CA LEU D 370 13.41 -43.47 9.58
C LEU D 370 13.54 -44.46 8.43
N GLN D 371 13.64 -43.94 7.20
CA GLN D 371 13.78 -44.81 6.04
C GLN D 371 15.14 -45.51 6.05
N LYS D 372 16.17 -44.88 6.62
CA LYS D 372 17.45 -45.56 6.74
C LYS D 372 17.34 -46.75 7.68
N GLU D 373 16.67 -46.56 8.83
CA GLU D 373 16.46 -47.70 9.74
C GLU D 373 15.62 -48.79 9.06
N LEU D 374 14.58 -48.37 8.33
CA LEU D 374 13.75 -49.34 7.63
C LEU D 374 14.52 -50.09 6.56
N ASP D 375 15.39 -49.38 5.83
CA ASP D 375 16.23 -50.03 4.83
C ASP D 375 17.16 -51.03 5.48
N LEU D 376 17.71 -50.68 6.64
CA LEU D 376 18.50 -51.66 7.39
C LEU D 376 17.70 -52.91 7.66
N TRP D 377 16.50 -52.76 8.24
CA TRP D 377 15.70 -53.94 8.58
C TRP D 377 15.38 -54.78 7.35
N GLU D 378 14.93 -54.12 6.28
CA GLU D 378 14.47 -54.86 5.10
C GLU D 378 15.64 -55.49 4.35
N ALA D 379 16.79 -54.82 4.32
CA ALA D 379 17.94 -55.40 3.65
C ALA D 379 18.54 -56.52 4.49
N GLU D 380 18.29 -56.51 5.81
CA GLU D 380 18.87 -57.54 6.66
C GLU D 380 17.98 -58.76 6.76
N HIS D 381 16.68 -58.62 6.48
CA HIS D 381 15.75 -59.74 6.59
C HIS D 381 15.12 -60.17 5.28
N GLY D 382 14.80 -59.24 4.40
CA GLY D 382 14.19 -59.54 3.11
C GLY D 382 12.73 -59.14 3.08
N GLU D 383 12.17 -59.23 1.88
CA GLU D 383 10.77 -58.86 1.64
C GLU D 383 9.80 -59.86 2.23
N PHE D 384 10.05 -61.15 2.04
CA PHE D 384 9.12 -62.17 2.52
C PHE D 384 9.03 -62.16 4.04
N TYR D 385 10.17 -62.12 4.71
CA TYR D 385 10.17 -62.05 6.16
C TYR D 385 9.46 -60.78 6.64
N ALA D 386 9.71 -59.67 5.95
CA ALA D 386 9.09 -58.40 6.33
C ALA D 386 7.57 -58.47 6.24
N LYS D 387 7.04 -58.99 5.13
CA LYS D 387 5.59 -59.07 4.98
C LYS D 387 4.99 -60.24 5.74
N GLY D 388 5.80 -61.18 6.22
CA GLY D 388 5.31 -62.29 7.00
C GLY D 388 5.27 -62.08 8.49
N ILE D 389 6.10 -61.17 9.03
CA ILE D 389 6.04 -60.87 10.46
C ILE D 389 4.86 -59.97 10.81
N GLN D 390 4.01 -59.65 9.84
CA GLN D 390 2.85 -58.80 10.10
C GLN D 390 1.93 -59.49 11.10
N PRO D 391 1.57 -58.85 12.22
CA PRO D 391 0.53 -59.42 13.09
C PRO D 391 -0.80 -59.55 12.35
N THR D 392 -1.52 -60.64 12.65
CA THR D 392 -2.84 -60.86 12.09
C THR D 392 -3.86 -61.30 13.13
N PHE D 393 -3.44 -61.62 14.36
CA PHE D 393 -4.39 -62.04 15.38
C PHE D 393 -5.27 -60.89 15.83
N SER D 394 -6.54 -61.19 16.05
CA SER D 394 -7.46 -60.25 16.68
C SER D 394 -8.55 -61.05 17.38
N ALA D 395 -8.84 -60.70 18.63
CA ALA D 395 -9.89 -61.40 19.36
C ALA D 395 -11.27 -61.14 18.74
N LEU D 396 -11.41 -60.06 17.98
CA LEU D 396 -12.70 -59.75 17.37
C LEU D 396 -12.97 -60.63 16.16
N LYS D 397 -11.95 -61.29 15.61
CA LYS D 397 -12.11 -62.22 14.51
C LYS D 397 -12.26 -63.67 14.97
N SER D 398 -12.29 -63.92 16.28
CA SER D 398 -12.57 -65.26 16.78
C SER D 398 -13.95 -65.71 16.33
N ARG D 399 -14.03 -66.95 15.86
CA ARG D 399 -15.28 -67.58 15.46
C ARG D 399 -15.45 -68.84 16.30
N THR D 400 -16.42 -68.81 17.22
CA THR D 400 -16.68 -69.91 18.13
C THR D 400 -17.84 -70.74 17.59
N TYR D 401 -17.66 -72.05 17.53
CA TYR D 401 -18.66 -73.00 17.06
C TYR D 401 -18.93 -73.96 18.21
N ASP D 402 -20.15 -73.94 18.76
CA ASP D 402 -20.52 -74.86 19.83
C ASP D 402 -21.96 -75.37 19.73
N SER D 403 -22.66 -75.17 18.62
CA SER D 403 -24.08 -75.53 18.53
C SER D 403 -24.26 -76.95 17.98
N TYR D 404 -23.53 -77.88 18.61
CA TYR D 404 -23.72 -79.29 18.33
C TYR D 404 -25.16 -79.72 18.51
N TRP D 405 -25.86 -79.08 19.46
CA TRP D 405 -27.25 -79.46 19.73
C TRP D 405 -28.12 -79.27 18.51
N ASN D 406 -27.91 -78.19 17.77
CA ASN D 406 -28.68 -77.97 16.55
C ASN D 406 -28.14 -78.81 15.41
N TRP D 407 -26.81 -78.92 15.30
CA TRP D 407 -26.25 -79.66 14.18
C TRP D 407 -26.58 -81.15 14.24
N ALA D 408 -26.77 -81.69 15.44
CA ALA D 408 -27.15 -83.09 15.57
C ALA D 408 -28.51 -83.36 14.95
N ARG D 409 -29.50 -82.54 15.30
CA ARG D 409 -30.83 -82.69 14.71
C ARG D 409 -30.80 -82.46 13.21
N GLN D 410 -30.04 -81.45 12.77
CA GLN D 410 -29.92 -81.19 11.34
C GLN D 410 -29.39 -82.41 10.61
N ASP D 411 -28.32 -83.02 11.12
CA ASP D 411 -27.72 -84.15 10.44
C ASP D 411 -28.61 -85.38 10.51
N VAL D 412 -29.32 -85.57 11.64
CA VAL D 412 -30.24 -86.69 11.76
C VAL D 412 -31.31 -86.60 10.67
N LEU D 413 -31.93 -85.42 10.54
CA LEU D 413 -32.96 -85.25 9.53
C LEU D 413 -32.40 -85.38 8.12
N SER D 414 -31.20 -84.84 7.90
CA SER D 414 -30.58 -84.91 6.58
C SER D 414 -30.36 -86.36 6.17
N MET D 415 -29.83 -87.19 7.07
CA MET D 415 -29.64 -88.59 6.72
C MET D 415 -30.97 -89.32 6.62
N TYR D 416 -31.97 -88.93 7.41
CA TYR D 416 -33.28 -89.59 7.33
C TYR D 416 -33.89 -89.40 5.95
N PHE D 417 -33.87 -88.18 5.43
CA PHE D 417 -34.43 -87.96 4.10
C PHE D 417 -33.55 -88.56 3.01
N ASP D 418 -32.24 -88.66 3.23
CA ASP D 418 -31.40 -89.40 2.30
C ASP D 418 -31.84 -90.86 2.22
N ILE D 419 -32.12 -91.47 3.38
CA ILE D 419 -32.58 -92.85 3.39
C ILE D 419 -33.92 -92.98 2.65
N ILE D 420 -34.88 -92.09 2.95
CA ILE D 420 -36.20 -92.25 2.34
C ILE D 420 -36.22 -91.87 0.87
N PHE D 421 -35.21 -91.13 0.39
CA PHE D 421 -35.08 -90.83 -1.03
C PHE D 421 -34.08 -91.72 -1.74
N GLY D 422 -33.47 -92.67 -1.03
CA GLY D 422 -32.67 -93.68 -1.68
C GLY D 422 -31.25 -93.29 -2.00
N LYS D 423 -30.71 -92.26 -1.35
CA LYS D 423 -29.33 -91.86 -1.51
C LYS D 423 -28.41 -92.57 -0.54
N LEU D 424 -28.97 -93.29 0.44
CA LEU D 424 -28.17 -93.84 1.53
C LEU D 424 -28.62 -95.26 1.82
N THR D 425 -27.65 -96.10 2.20
CA THR D 425 -27.91 -97.46 2.67
C THR D 425 -26.92 -97.78 3.79
N SER D 426 -27.33 -98.71 4.66
CA SER D 426 -26.55 -98.98 5.86
C SER D 426 -25.16 -99.55 5.53
N VAL D 427 -25.02 -100.21 4.38
CA VAL D 427 -23.75 -100.84 4.05
C VAL D 427 -22.65 -99.79 3.92
N ASP D 428 -22.98 -98.62 3.39
CA ASP D 428 -22.01 -97.55 3.24
C ASP D 428 -21.42 -97.18 4.59
N ARG D 429 -20.10 -97.02 4.63
CA ARG D 429 -19.42 -96.68 5.87
C ARG D 429 -19.56 -95.21 6.22
N GLU D 430 -19.92 -94.37 5.23
CA GLU D 430 -20.24 -92.99 5.54
C GLU D 430 -21.47 -92.91 6.44
N THR D 431 -22.42 -93.82 6.23
CA THR D 431 -23.56 -93.91 7.14
C THR D 431 -23.12 -94.21 8.56
N ILE D 432 -22.19 -95.15 8.72
CA ILE D 432 -21.73 -95.50 10.06
C ILE D 432 -20.98 -94.35 10.69
N ASN D 433 -20.18 -93.64 9.90
CA ASN D 433 -19.49 -92.46 10.42
C ASN D 433 -20.48 -91.40 10.89
N GLN D 434 -21.50 -91.11 10.07
CA GLN D 434 -22.50 -90.12 10.44
C GLN D 434 -23.25 -90.55 11.69
N CYS D 435 -23.58 -91.84 11.78
CA CYS D 435 -24.29 -92.34 12.95
C CYS D 435 -23.42 -92.24 14.19
N ILE D 436 -22.11 -92.43 14.04
CA ILE D 436 -21.20 -92.25 15.16
C ILE D 436 -21.21 -90.79 15.61
N GLN D 437 -21.23 -89.85 14.66
CA GLN D 437 -21.27 -88.44 15.04
C GLN D 437 -22.58 -88.11 15.76
N ILE D 438 -23.68 -88.68 15.30
CA ILE D 438 -24.97 -88.43 15.97
C ILE D 438 -24.97 -89.04 17.37
N MET D 439 -24.41 -90.23 17.51
CA MET D 439 -24.25 -90.82 18.85
C MET D 439 -23.38 -89.95 19.73
N ASN D 440 -22.33 -89.37 19.16
CA ASN D 440 -21.48 -88.45 19.90
C ASN D 440 -22.23 -87.21 20.35
N ARG D 441 -23.15 -86.71 19.54
CA ARG D 441 -23.95 -85.54 19.89
C ARG D 441 -25.29 -85.91 20.53
N ALA D 442 -25.46 -87.18 20.91
CA ALA D 442 -26.74 -87.64 21.42
C ALA D 442 -27.17 -86.86 22.66
N ASN D 443 -28.46 -86.53 22.71
CA ASN D 443 -29.07 -85.82 23.83
C ASN D 443 -30.49 -86.32 23.96
N PRO D 444 -31.14 -86.15 25.12
CA PRO D 444 -32.53 -86.59 25.24
C PRO D 444 -33.46 -85.91 24.24
N THR D 445 -33.26 -84.62 23.97
CA THR D 445 -34.06 -83.95 22.97
C THR D 445 -33.85 -84.56 21.59
N LEU D 446 -32.60 -84.94 21.28
CA LEU D 446 -32.34 -85.60 20.00
C LEU D 446 -32.97 -86.99 19.95
N ILE D 447 -33.05 -87.67 21.09
CA ILE D 447 -33.75 -88.95 21.14
C ILE D 447 -35.22 -88.75 20.81
N LYS D 448 -35.86 -87.74 21.40
CA LYS D 448 -37.25 -87.49 21.08
C LYS D 448 -37.41 -87.08 19.61
N PHE D 449 -36.46 -86.30 19.10
CA PHE D 449 -36.50 -85.89 17.70
C PHE D 449 -36.48 -87.09 16.78
N MET D 450 -35.52 -88.01 16.99
CA MET D 450 -35.45 -89.19 16.12
C MET D 450 -36.67 -90.08 16.32
N GLN D 451 -37.14 -90.22 17.56
CA GLN D 451 -38.24 -91.12 17.84
C GLN D 451 -39.52 -90.66 17.18
N TYR D 452 -39.78 -89.34 17.15
CA TYR D 452 -40.96 -88.85 16.46
C TYR D 452 -40.92 -89.24 14.98
N HIS D 453 -39.79 -89.03 14.32
CA HIS D 453 -39.69 -89.27 12.89
C HIS D 453 -39.62 -90.75 12.53
N ILE D 454 -39.25 -91.61 13.49
CA ILE D 454 -39.27 -93.05 13.24
C ILE D 454 -40.58 -93.69 13.68
N ASP D 455 -41.35 -93.06 14.57
CA ASP D 455 -42.68 -93.56 14.92
C ASP D 455 -43.74 -93.08 13.94
N HIS D 456 -43.56 -91.90 13.34
CA HIS D 456 -44.47 -91.38 12.34
C HIS D 456 -43.97 -91.58 10.92
N CYS D 457 -42.95 -92.40 10.72
CA CYS D 457 -42.46 -92.66 9.37
C CYS D 457 -43.52 -93.41 8.58
N PRO D 458 -43.96 -92.88 7.42
CA PRO D 458 -45.01 -93.61 6.66
C PRO D 458 -44.44 -94.82 5.91
N GLU D 459 -44.33 -95.94 6.64
CA GLU D 459 -43.73 -97.14 6.07
C GLU D 459 -44.50 -97.65 4.85
N TYR D 460 -45.79 -97.33 4.74
CA TYR D 460 -46.61 -97.85 3.66
C TYR D 460 -46.27 -97.24 2.30
N LYS D 461 -45.47 -96.17 2.26
CA LYS D 461 -45.23 -95.44 1.03
C LYS D 461 -44.10 -96.02 0.19
N GLY D 462 -43.40 -97.03 0.67
CA GLY D 462 -42.36 -97.67 -0.11
C GLY D 462 -41.36 -98.37 0.77
N GLU D 463 -40.45 -99.10 0.10
CA GLU D 463 -39.42 -99.83 0.82
C GLU D 463 -38.44 -98.88 1.49
N THR D 464 -38.16 -97.74 0.85
CA THR D 464 -37.22 -96.79 1.43
C THR D 464 -37.72 -96.24 2.76
N TYR D 465 -39.05 -96.09 2.90
CA TYR D 465 -39.61 -95.67 4.18
C TYR D 465 -39.48 -96.76 5.23
N LYS D 466 -39.68 -98.02 4.83
CA LYS D 466 -39.44 -99.12 5.75
C LYS D 466 -37.98 -99.16 6.17
N LEU D 467 -37.07 -98.94 5.21
CA LEU D 467 -35.65 -98.88 5.52
C LEU D 467 -35.35 -97.77 6.52
N ALA D 468 -35.91 -96.58 6.29
CA ALA D 468 -35.69 -95.47 7.20
C ALA D 468 -36.19 -95.79 8.60
N LYS D 469 -37.41 -96.34 8.70
CA LYS D 469 -37.97 -96.68 10.00
C LYS D 469 -37.07 -97.67 10.73
N ARG D 470 -36.70 -98.78 10.08
CA ARG D 470 -35.92 -99.81 10.74
C ARG D 470 -34.55 -99.27 11.15
N LEU D 471 -33.82 -98.68 10.20
CA LEU D 471 -32.47 -98.24 10.48
C LEU D 471 -32.44 -97.12 11.51
N GLY D 472 -33.39 -96.18 11.43
CA GLY D 472 -33.45 -95.13 12.43
C GLY D 472 -33.82 -95.67 13.81
N GLN D 473 -34.61 -96.74 13.86
CA GLN D 473 -34.88 -97.36 15.15
C GLN D 473 -33.60 -97.94 15.75
N GLN D 474 -32.78 -98.60 14.91
CA GLN D 474 -31.50 -99.10 15.43
C GLN D 474 -30.62 -97.94 15.93
N LEU D 475 -30.56 -96.86 15.16
CA LEU D 475 -29.74 -95.72 15.56
C LEU D 475 -30.28 -95.09 16.84
N ILE D 476 -31.60 -95.06 17.00
CA ILE D 476 -32.19 -94.53 18.22
C ILE D 476 -31.78 -95.39 19.40
N ASP D 477 -31.83 -96.71 19.24
CA ASP D 477 -31.41 -97.59 20.33
C ASP D 477 -29.95 -97.35 20.70
N ASN D 478 -29.09 -97.20 19.68
CA ASN D 478 -27.68 -96.92 19.96
C ASN D 478 -27.51 -95.60 20.71
N CYS D 479 -28.21 -94.56 20.28
CA CYS D 479 -28.10 -93.26 20.94
C CYS D 479 -28.62 -93.33 22.37
N LYS D 480 -29.71 -94.05 22.61
CA LYS D 480 -30.17 -94.25 23.98
C LYS D 480 -29.12 -94.96 24.83
N GLN D 481 -28.47 -95.98 24.26
CA GLN D 481 -27.51 -96.73 25.05
C GLN D 481 -26.27 -95.89 25.38
N VAL D 482 -25.88 -95.00 24.47
CA VAL D 482 -24.69 -94.17 24.68
C VAL D 482 -25.09 -92.78 25.16
N LEU D 483 -26.33 -92.62 25.63
CA LEU D 483 -26.82 -91.30 26.01
C LEU D 483 -25.99 -90.70 27.14
N THR D 484 -25.70 -91.48 28.16
CA THR D 484 -24.94 -91.00 29.31
C THR D 484 -23.43 -91.20 29.15
N GLU D 485 -22.99 -91.88 28.10
CA GLU D 485 -21.57 -92.12 27.87
C GLU D 485 -20.89 -90.90 27.28
N ASP D 486 -19.58 -90.86 27.42
CA ASP D 486 -18.80 -89.71 26.97
C ASP D 486 -18.53 -89.85 25.47
N PRO D 487 -18.71 -88.80 24.67
CA PRO D 487 -18.48 -88.93 23.22
C PRO D 487 -17.06 -89.36 22.91
N VAL D 488 -16.92 -90.17 21.86
CA VAL D 488 -15.65 -90.76 21.48
C VAL D 488 -15.38 -90.47 20.02
N TYR D 489 -14.09 -90.39 19.67
CA TYR D 489 -13.65 -90.33 18.29
C TYR D 489 -13.37 -91.74 17.81
N LYS D 490 -14.10 -92.17 16.79
CA LYS D 490 -13.94 -93.51 16.22
C LYS D 490 -14.03 -93.36 14.71
N ASP D 491 -12.88 -93.46 14.04
CA ASP D 491 -12.83 -93.39 12.60
C ASP D 491 -13.12 -94.78 12.02
N VAL D 492 -14.13 -94.85 11.16
CA VAL D 492 -14.55 -96.08 10.51
C VAL D 492 -14.28 -96.02 9.01
N SER D 493 -13.42 -95.12 8.57
CA SER D 493 -13.12 -95.00 7.14
C SER D 493 -12.41 -96.25 6.65
N ARG D 494 -12.58 -96.54 5.37
CA ARG D 494 -11.90 -97.67 4.76
C ARG D 494 -10.43 -97.33 4.50
N ILE D 495 -9.54 -98.17 5.02
CA ILE D 495 -8.11 -97.92 4.91
C ILE D 495 -7.69 -97.99 3.45
N THR D 496 -6.84 -97.05 3.04
CA THR D 496 -6.39 -96.95 1.66
C THR D 496 -4.88 -96.93 1.60
N GLY D 497 -4.35 -97.35 0.45
CA GLY D 497 -2.93 -97.31 0.19
C GLY D 497 -2.65 -96.69 -1.17
N PRO D 498 -1.37 -96.44 -1.46
CA PRO D 498 -1.03 -95.83 -2.75
C PRO D 498 -0.99 -96.84 -3.88
N LYS D 499 -1.54 -96.44 -5.02
CA LYS D 499 -1.44 -97.23 -6.25
C LYS D 499 -1.06 -96.28 -7.37
N THR D 500 0.14 -96.45 -7.92
CA THR D 500 0.58 -95.73 -9.11
C THR D 500 0.47 -96.66 -10.31
N LYS D 501 -0.13 -96.15 -11.38
CA LYS D 501 -0.28 -96.89 -12.63
C LYS D 501 0.10 -95.99 -13.78
N VAL D 502 0.75 -96.57 -14.79
CA VAL D 502 1.15 -95.86 -16.00
C VAL D 502 0.22 -96.31 -17.12
N SER D 503 -0.50 -95.37 -17.70
CA SER D 503 -1.39 -95.69 -18.80
C SER D 503 -0.59 -96.00 -20.06
N ALA D 504 -1.27 -96.56 -21.06
CA ALA D 504 -0.63 -96.83 -22.33
C ALA D 504 -0.09 -95.56 -22.98
N LYS D 505 -0.73 -94.42 -22.75
CA LYS D 505 -0.26 -93.13 -23.25
C LYS D 505 0.91 -92.57 -22.45
N GLY D 506 1.40 -93.30 -21.45
CA GLY D 506 2.50 -92.82 -20.65
C GLY D 506 2.12 -91.83 -19.58
N ASN D 507 0.83 -91.66 -19.31
CA ASN D 507 0.38 -90.74 -18.27
C ASN D 507 0.52 -91.39 -16.91
N ILE D 508 1.08 -90.64 -15.95
CA ILE D 508 1.27 -91.14 -14.60
C ILE D 508 0.04 -90.79 -13.78
N GLU D 509 -0.67 -91.82 -13.32
CA GLU D 509 -1.89 -91.66 -12.54
C GLU D 509 -1.68 -92.28 -11.17
N TYR D 510 -1.94 -91.50 -10.12
CA TYR D 510 -1.88 -91.96 -8.74
C TYR D 510 -3.30 -92.10 -8.21
N GLU D 511 -3.61 -93.27 -7.66
CA GLU D 511 -4.92 -93.54 -7.09
C GLU D 511 -4.75 -94.13 -5.70
N GLU D 512 -5.49 -93.60 -4.75
CA GLU D 512 -5.51 -94.09 -3.37
C GLU D 512 -6.55 -95.21 -3.31
N THR D 513 -6.11 -96.44 -3.58
CA THR D 513 -7.01 -97.57 -3.59
C THR D 513 -7.19 -98.10 -2.17
N GLN D 514 -8.24 -98.89 -1.98
CA GLN D 514 -8.49 -99.51 -0.69
C GLN D 514 -7.67 -100.79 -0.54
N LYS D 515 -6.99 -100.91 0.61
CA LYS D 515 -6.14 -102.07 0.85
C LYS D 515 -6.99 -103.32 0.98
N ASP D 516 -6.56 -104.40 0.31
CA ASP D 516 -7.32 -105.64 0.35
C ASP D 516 -7.31 -106.26 1.74
N SER D 517 -6.13 -106.39 2.34
CA SER D 517 -5.99 -107.09 3.61
C SER D 517 -6.38 -106.23 4.81
N VAL D 518 -6.42 -104.90 4.67
CA VAL D 518 -6.71 -103.99 5.76
C VAL D 518 -8.02 -103.28 5.44
N ARG D 519 -9.01 -103.48 6.29
CA ARG D 519 -10.38 -102.98 6.08
C ARG D 519 -10.81 -101.98 7.13
N LYS D 520 -10.34 -102.13 8.37
CA LYS D 520 -10.69 -101.26 9.49
C LYS D 520 -9.42 -100.71 10.12
N PHE D 521 -9.61 -99.79 11.07
CA PHE D 521 -8.46 -99.31 11.84
C PHE D 521 -7.96 -100.36 12.83
N GLU D 522 -8.81 -101.31 13.21
CA GLU D 522 -8.33 -102.44 14.00
C GLU D 522 -7.28 -103.23 13.22
N GLN D 523 -7.57 -103.53 11.95
CA GLN D 523 -6.60 -104.25 11.14
C GLN D 523 -5.42 -103.36 10.78
N TYR D 524 -5.64 -102.05 10.67
CA TYR D 524 -4.51 -101.12 10.54
C TYR D 524 -3.56 -101.26 11.72
N VAL D 525 -4.10 -101.31 12.93
CA VAL D 525 -3.27 -101.43 14.12
C VAL D 525 -2.58 -102.78 14.17
N TYR D 526 -3.27 -103.83 13.71
CA TYR D 526 -2.62 -105.13 13.60
C TYR D 526 -1.44 -105.07 12.63
N GLU D 527 -1.62 -104.40 11.49
CA GLU D 527 -0.53 -104.22 10.54
C GLU D 527 0.63 -103.44 11.16
N MET D 528 0.31 -102.40 11.92
CA MET D 528 1.35 -101.64 12.60
C MET D 528 2.14 -102.51 13.57
N ALA D 529 1.43 -103.34 14.33
CA ALA D 529 2.10 -104.22 15.28
C ALA D 529 2.98 -105.22 14.57
N GLN D 530 2.52 -105.76 13.44
CA GLN D 530 3.33 -106.74 12.71
C GLN D 530 4.52 -106.08 12.03
N GLY D 531 4.41 -104.81 11.67
CA GLY D 531 5.54 -104.16 11.04
C GLY D 531 5.75 -104.66 9.62
N GLY D 532 7.03 -104.85 9.26
CA GLY D 532 7.39 -105.32 7.94
C GLY D 532 8.67 -106.12 7.97
N ALA D 533 9.03 -106.64 6.80
CA ALA D 533 10.25 -107.45 6.69
C ALA D 533 11.48 -106.63 7.01
N MET D 534 11.53 -105.38 6.54
CA MET D 534 12.70 -104.53 6.75
C MET D 534 12.82 -104.02 8.18
N THR D 535 11.79 -104.22 9.01
CA THR D 535 11.83 -103.78 10.40
C THR D 535 12.37 -104.85 11.35
N LYS D 536 12.80 -106.00 10.83
CA LYS D 536 13.32 -107.07 11.67
C LYS D 536 14.69 -106.69 12.23
N PRO D 629 -4.67 -108.57 23.37
CA PRO D 629 -4.18 -107.28 22.85
C PRO D 629 -3.23 -107.43 21.66
N VAL D 630 -3.18 -106.42 20.80
CA VAL D 630 -2.33 -106.47 19.62
C VAL D 630 -0.85 -106.49 20.01
N SER D 631 -0.52 -106.00 21.21
CA SER D 631 0.86 -106.04 21.67
C SER D 631 1.39 -107.46 21.73
N SER D 632 0.57 -108.39 22.24
CA SER D 632 0.96 -109.80 22.22
C SER D 632 1.15 -110.30 20.80
N THR D 633 0.45 -109.71 19.83
CA THR D 633 0.61 -110.11 18.43
C THR D 633 1.76 -109.40 17.74
N ILE D 634 2.41 -108.44 18.39
CA ILE D 634 3.66 -107.90 17.85
C ILE D 634 4.63 -109.05 17.66
N PRO D 635 5.18 -109.25 16.47
CA PRO D 635 6.12 -110.36 16.28
C PRO D 635 7.40 -110.14 17.07
N SER D 636 8.03 -111.25 17.44
CA SER D 636 9.28 -111.17 18.20
C SER D 636 10.42 -110.70 17.32
N GLN D 637 11.25 -109.81 17.87
CA GLN D 637 12.45 -109.26 17.25
C GLN D 637 12.14 -108.24 16.16
N THR D 638 10.87 -107.97 15.85
CA THR D 638 10.50 -106.99 14.84
C THR D 638 10.02 -105.72 15.52
N ILE D 639 10.46 -104.58 15.02
CA ILE D 639 10.06 -103.28 15.54
C ILE D 639 8.76 -102.88 14.84
N PRO D 640 7.68 -102.56 15.57
CA PRO D 640 6.45 -102.17 14.88
C PRO D 640 6.63 -100.89 14.08
N PHE D 641 5.74 -100.68 13.12
CA PHE D 641 5.81 -99.49 12.27
C PHE D 641 5.65 -98.23 13.11
N LEU D 642 4.71 -98.23 14.05
CA LEU D 642 4.53 -97.16 15.03
C LEU D 642 5.05 -97.67 16.37
N HIS D 643 5.92 -96.89 17.01
CA HIS D 643 6.48 -97.37 18.27
C HIS D 643 6.99 -96.20 19.10
N ILE D 644 6.93 -96.38 20.41
CA ILE D 644 7.45 -95.40 21.36
C ILE D 644 8.90 -95.75 21.67
N GLN D 645 9.78 -94.75 21.63
CA GLN D 645 11.19 -94.91 21.92
C GLN D 645 11.49 -94.40 23.32
N LYS D 646 12.46 -95.03 23.98
CA LYS D 646 12.97 -94.60 25.26
C LYS D 646 14.36 -93.99 25.09
N LYS D 647 14.74 -93.14 26.05
CA LYS D 647 16.06 -92.52 26.04
C LYS D 647 17.01 -93.35 26.90
N THR D 648 18.18 -93.64 26.35
CA THR D 648 19.25 -94.37 27.00
C THR D 648 20.57 -93.67 26.73
N LYS D 649 21.65 -94.20 27.33
CA LYS D 649 22.95 -93.58 27.17
C LYS D 649 23.37 -93.51 25.71
N ASP D 650 23.02 -94.52 24.93
CA ASP D 650 23.35 -94.54 23.50
C ASP D 650 22.44 -93.62 22.67
N GLY D 651 21.28 -93.23 23.19
CA GLY D 651 20.35 -92.39 22.45
C GLY D 651 18.93 -92.89 22.56
N TRP D 652 18.09 -92.54 21.60
CA TRP D 652 16.71 -93.00 21.58
C TRP D 652 16.64 -94.36 20.90
N GLU D 653 16.03 -95.34 21.57
CA GLU D 653 15.91 -96.68 21.01
C GLU D 653 14.51 -97.22 21.28
N TYR D 654 14.08 -98.11 20.39
CA TYR D 654 12.76 -98.70 20.47
C TYR D 654 12.56 -99.40 21.81
N ASN D 655 11.40 -99.17 22.43
CA ASN D 655 11.06 -99.75 23.72
C ASN D 655 9.82 -100.62 23.59
N LYS D 656 9.97 -101.91 23.86
CA LYS D 656 8.86 -102.84 23.71
C LYS D 656 7.71 -102.47 24.64
N LYS D 657 8.01 -102.08 25.88
CA LYS D 657 6.96 -101.80 26.85
C LYS D 657 6.13 -100.58 26.44
N LEU D 658 6.80 -99.47 26.13
CA LEU D 658 6.07 -98.25 25.77
C LEU D 658 5.35 -98.43 24.43
N SER D 659 5.98 -99.13 23.48
CA SER D 659 5.30 -99.42 22.23
C SER D 659 4.07 -100.31 22.46
N SER D 660 4.18 -101.28 23.37
CA SER D 660 3.03 -102.08 23.76
C SER D 660 1.90 -101.19 24.27
N LEU D 661 2.21 -100.28 25.19
CA LEU D 661 1.18 -99.42 25.76
C LEU D 661 0.53 -98.56 24.67
N TYR D 662 1.34 -97.98 23.79
CA TYR D 662 0.81 -97.13 22.73
C TYR D 662 -0.07 -97.94 21.78
N LEU D 663 0.38 -99.14 21.39
CA LEU D 663 -0.38 -99.93 20.44
C LEU D 663 -1.69 -100.42 21.05
N ASP D 664 -1.67 -100.78 22.34
CA ASP D 664 -2.91 -101.17 23.01
C ASP D 664 -3.87 -99.99 23.06
N GLY D 665 -3.35 -98.79 23.36
CA GLY D 665 -4.20 -97.61 23.31
C GLY D 665 -4.81 -97.39 21.93
N LEU D 666 -4.01 -97.59 20.88
CA LEU D 666 -4.52 -97.44 19.52
C LEU D 666 -5.58 -98.48 19.21
N GLU D 667 -5.38 -99.72 19.66
CA GLU D 667 -6.37 -100.76 19.45
C GLU D 667 -7.68 -100.40 20.14
N SER D 668 -7.60 -99.91 21.38
CA SER D 668 -8.80 -99.49 22.10
C SER D 668 -9.48 -98.33 21.39
N ALA D 669 -8.69 -97.38 20.87
CA ALA D 669 -9.28 -96.26 20.13
C ALA D 669 -9.98 -96.75 18.87
N ALA D 670 -9.40 -97.74 18.20
CA ALA D 670 -10.02 -98.26 16.99
C ALA D 670 -11.32 -98.99 17.29
N ILE D 671 -11.33 -99.80 18.34
CA ILE D 671 -12.51 -100.62 18.63
C ILE D 671 -13.59 -99.79 19.32
N ASN D 672 -13.28 -99.27 20.51
CA ASN D 672 -14.25 -98.57 21.34
C ASN D 672 -14.29 -97.07 21.08
N GLY D 673 -13.26 -96.49 20.47
CA GLY D 673 -13.17 -95.06 20.29
C GLY D 673 -12.32 -94.40 21.36
N LEU D 674 -11.87 -93.19 21.05
CA LEU D 674 -11.04 -92.40 21.95
C LEU D 674 -11.76 -91.09 22.28
N THR D 675 -11.81 -90.76 23.56
CA THR D 675 -12.53 -89.59 24.05
C THR D 675 -11.54 -88.49 24.42
N PHE D 676 -11.99 -87.24 24.27
CA PHE D 676 -11.18 -86.07 24.58
C PHE D 676 -12.00 -85.04 25.37
N LYS D 677 -13.00 -85.50 26.10
CA LYS D 677 -13.87 -84.58 26.82
C LYS D 677 -13.09 -83.82 27.88
N ASP D 678 -13.46 -82.56 28.06
CA ASP D 678 -12.79 -81.66 29.00
C ASP D 678 -11.31 -81.50 28.70
N LYS D 679 -10.94 -81.68 27.43
CA LYS D 679 -9.57 -81.50 26.97
C LYS D 679 -9.50 -80.24 26.14
N TYR D 680 -8.70 -79.28 26.61
CA TYR D 680 -8.48 -78.01 25.94
C TYR D 680 -7.21 -78.11 25.12
N VAL D 681 -7.34 -77.88 23.81
CA VAL D 681 -6.27 -78.10 22.86
C VAL D 681 -6.05 -76.83 22.06
N LEU D 682 -4.80 -76.51 21.79
CA LEU D 682 -4.42 -75.51 20.80
C LEU D 682 -3.84 -76.25 19.61
N VAL D 683 -4.25 -75.87 18.40
CA VAL D 683 -3.76 -76.48 17.17
C VAL D 683 -3.39 -75.36 16.21
N THR D 684 -2.19 -75.47 15.63
CA THR D 684 -1.70 -74.53 14.63
C THR D 684 -1.34 -75.29 13.36
N GLY D 685 -1.50 -74.62 12.23
CA GLY D 685 -1.23 -75.24 10.94
C GLY D 685 -2.25 -76.26 10.52
N ALA D 686 -3.48 -76.16 11.02
CA ALA D 686 -4.54 -77.11 10.67
C ALA D 686 -5.40 -76.57 9.51
N GLY D 687 -4.73 -76.31 8.39
CA GLY D 687 -5.44 -75.89 7.20
C GLY D 687 -6.23 -77.03 6.59
N ALA D 688 -7.11 -76.65 5.66
CA ALA D 688 -7.94 -77.65 4.99
C ALA D 688 -7.07 -78.63 4.22
N GLY D 689 -7.48 -79.89 4.21
CA GLY D 689 -6.71 -80.92 3.56
C GLY D 689 -5.34 -81.13 4.16
N SER D 690 -5.25 -81.14 5.49
CA SER D 690 -3.98 -81.26 6.18
C SER D 690 -4.12 -82.15 7.41
N ILE D 691 -2.96 -82.59 7.90
CA ILE D 691 -2.94 -83.46 9.07
C ILE D 691 -3.52 -82.74 10.26
N GLY D 692 -3.20 -81.46 10.41
CA GLY D 692 -3.78 -80.69 11.50
C GLY D 692 -5.29 -80.66 11.43
N ALA D 693 -5.84 -80.56 10.23
CA ALA D 693 -7.29 -80.59 10.07
C ALA D 693 -7.86 -81.95 10.46
N GLU D 694 -7.13 -83.03 10.14
CA GLU D 694 -7.62 -84.35 10.51
C GLU D 694 -7.55 -84.58 12.02
N ILE D 695 -6.48 -84.13 12.67
CA ILE D 695 -6.44 -84.18 14.14
C ILE D 695 -7.56 -83.32 14.71
N LEU D 696 -7.87 -82.20 14.05
CA LEU D 696 -8.95 -81.34 14.53
C LEU D 696 -10.28 -82.07 14.47
N GLN D 697 -10.55 -82.77 13.37
CA GLN D 697 -11.76 -83.57 13.29
C GLN D 697 -11.81 -84.61 14.39
N GLY D 698 -10.70 -85.31 14.61
CA GLY D 698 -10.67 -86.32 15.67
C GLY D 698 -10.91 -85.71 17.04
N LEU D 699 -10.29 -84.57 17.32
CA LEU D 699 -10.45 -83.92 18.61
C LEU D 699 -11.89 -83.52 18.86
N ILE D 700 -12.49 -82.81 17.91
CA ILE D 700 -13.86 -82.34 18.14
C ILE D 700 -14.83 -83.51 18.15
N SER D 701 -14.52 -84.59 17.42
CA SER D 701 -15.33 -85.79 17.52
C SER D 701 -15.26 -86.40 18.91
N GLY D 702 -14.07 -86.50 19.48
CA GLY D 702 -13.91 -87.02 20.81
C GLY D 702 -14.47 -86.13 21.89
N GLY D 703 -14.70 -84.85 21.60
CA GLY D 703 -15.30 -83.93 22.54
C GLY D 703 -14.40 -82.83 23.02
N ALA D 704 -13.27 -82.60 22.35
CA ALA D 704 -12.32 -81.62 22.82
C ALA D 704 -12.81 -80.21 22.54
N LYS D 705 -12.28 -79.26 23.31
CA LYS D 705 -12.46 -77.84 23.08
C LYS D 705 -11.16 -77.32 22.47
N VAL D 706 -11.19 -77.05 21.18
CA VAL D 706 -9.98 -76.78 20.40
C VAL D 706 -9.99 -75.33 19.95
N ILE D 707 -8.83 -74.69 20.04
CA ILE D 707 -8.57 -73.41 19.39
C ILE D 707 -7.73 -73.74 18.15
N VAL D 708 -8.33 -73.60 16.98
CA VAL D 708 -7.64 -73.77 15.71
C VAL D 708 -7.20 -72.40 15.23
N THR D 709 -5.93 -72.29 14.88
CA THR D 709 -5.34 -71.04 14.41
C THR D 709 -5.09 -71.13 12.92
N THR D 710 -5.49 -70.09 12.19
CA THR D 710 -5.35 -70.04 10.73
C THR D 710 -4.62 -68.78 10.33
N SER D 711 -3.78 -68.88 9.30
CA SER D 711 -3.07 -67.73 8.75
C SER D 711 -3.71 -67.20 7.48
N ARG D 712 -4.85 -67.73 7.06
CA ARG D 712 -5.55 -67.32 5.86
C ARG D 712 -7.02 -67.10 6.17
N PHE D 713 -7.30 -66.35 7.25
CA PHE D 713 -8.68 -66.13 7.68
C PHE D 713 -9.50 -65.51 6.56
N SER D 714 -10.66 -66.10 6.30
CA SER D 714 -11.54 -65.67 5.23
C SER D 714 -12.84 -66.43 5.35
N LYS D 715 -13.80 -66.07 4.50
CA LYS D 715 -15.10 -66.74 4.53
C LYS D 715 -14.96 -68.22 4.24
N LYS D 716 -14.13 -68.57 3.25
CA LYS D 716 -13.99 -69.98 2.87
C LYS D 716 -13.36 -70.79 4.00
N VAL D 717 -12.34 -70.24 4.65
CA VAL D 717 -11.70 -70.96 5.76
C VAL D 717 -12.67 -71.13 6.91
N THR D 718 -13.36 -70.06 7.29
CA THR D 718 -14.28 -70.15 8.41
C THR D 718 -15.44 -71.08 8.10
N GLU D 719 -15.87 -71.14 6.83
CA GLU D 719 -16.96 -72.04 6.48
C GLU D 719 -16.49 -73.49 6.43
N TYR D 720 -15.24 -73.72 6.04
CA TYR D 720 -14.69 -75.06 6.14
C TYR D 720 -14.68 -75.53 7.59
N TYR D 721 -14.22 -74.67 8.50
CA TYR D 721 -14.19 -75.06 9.92
C TYR D 721 -15.60 -75.19 10.48
N GLN D 722 -16.53 -74.34 10.03
CA GLN D 722 -17.91 -74.44 10.50
C GLN D 722 -18.54 -75.74 10.05
N ASN D 723 -18.31 -76.14 8.80
CA ASN D 723 -18.82 -77.41 8.31
C ASN D 723 -18.17 -78.57 9.06
N MET D 724 -16.89 -78.45 9.37
CA MET D 724 -16.22 -79.49 10.14
C MET D 724 -16.88 -79.66 11.50
N TYR D 725 -17.16 -78.54 12.18
CA TYR D 725 -17.81 -78.65 13.49
C TYR D 725 -19.24 -79.15 13.36
N ALA D 726 -19.93 -78.76 12.28
CA ALA D 726 -21.32 -79.18 12.12
C ALA D 726 -21.43 -80.66 11.81
N ARG D 727 -20.41 -81.24 11.20
CA ARG D 727 -20.44 -82.66 10.88
C ARG D 727 -19.82 -83.54 11.96
N TYR D 728 -18.84 -83.02 12.71
CA TYR D 728 -18.07 -83.83 13.65
C TYR D 728 -18.08 -83.33 15.08
N GLY D 729 -18.45 -82.08 15.32
CA GLY D 729 -18.40 -81.52 16.67
C GLY D 729 -19.29 -82.24 17.64
N ALA D 730 -18.70 -83.00 18.57
CA ALA D 730 -19.45 -83.79 19.52
C ALA D 730 -19.93 -82.93 20.68
N ALA D 731 -20.78 -83.54 21.51
CA ALA D 731 -21.36 -82.83 22.64
C ALA D 731 -20.27 -82.34 23.59
N GLY D 732 -20.34 -81.05 23.92
CA GLY D 732 -19.31 -80.41 24.73
C GLY D 732 -18.14 -79.87 23.96
N SER D 733 -17.97 -80.27 22.70
CA SER D 733 -16.87 -79.77 21.88
C SER D 733 -17.16 -78.36 21.41
N THR D 734 -16.14 -77.52 21.42
CA THR D 734 -16.23 -76.18 20.89
C THR D 734 -14.99 -75.89 20.07
N LEU D 735 -15.19 -75.42 18.83
CA LEU D 735 -14.10 -75.11 17.92
C LEU D 735 -14.00 -73.60 17.77
N ILE D 736 -12.86 -73.03 18.14
CA ILE D 736 -12.62 -71.60 18.04
C ILE D 736 -11.60 -71.35 16.96
N VAL D 737 -12.04 -70.83 15.82
CA VAL D 737 -11.17 -70.46 14.72
C VAL D 737 -10.70 -69.04 14.98
N VAL D 738 -9.39 -68.85 14.99
CA VAL D 738 -8.85 -67.49 15.15
C VAL D 738 -7.82 -67.21 14.07
N PRO D 739 -7.74 -65.97 13.56
CA PRO D 739 -6.57 -65.60 12.78
C PRO D 739 -5.35 -65.56 13.67
N PHE D 740 -4.22 -65.95 13.11
CA PHE D 740 -3.02 -66.07 13.93
C PHE D 740 -1.82 -66.26 13.01
N ASN D 741 -0.80 -65.44 13.22
CA ASN D 741 0.46 -65.53 12.50
C ASN D 741 1.49 -66.07 13.49
N GLN D 742 1.83 -67.36 13.37
CA GLN D 742 2.87 -67.89 14.23
C GLN D 742 4.23 -67.28 13.90
N GLY D 743 4.36 -66.62 12.76
CA GLY D 743 5.59 -65.95 12.39
C GLY D 743 5.79 -64.60 13.03
N SER D 744 4.96 -64.23 14.01
CA SER D 744 5.11 -62.99 14.75
C SER D 744 5.02 -63.28 16.25
N LYS D 745 5.94 -62.70 17.02
CA LYS D 745 5.89 -62.86 18.46
C LYS D 745 4.64 -62.24 19.04
N GLN D 746 4.17 -61.13 18.44
CA GLN D 746 3.02 -60.43 18.98
C GLN D 746 1.77 -61.28 18.90
N ASP D 747 1.56 -61.99 17.78
CA ASP D 747 0.41 -62.87 17.69
C ASP D 747 0.50 -64.00 18.70
N VAL D 748 1.70 -64.54 18.92
CA VAL D 748 1.85 -65.62 19.90
C VAL D 748 1.46 -65.12 21.29
N ASP D 749 2.00 -63.97 21.70
CA ASP D 749 1.67 -63.44 23.01
C ASP D 749 0.19 -63.12 23.12
N ALA D 750 -0.37 -62.46 22.09
CA ALA D 750 -1.77 -62.09 22.12
C ALA D 750 -2.67 -63.31 22.12
N LEU D 751 -2.28 -64.37 21.43
CA LEU D 751 -3.10 -65.57 21.37
C LEU D 751 -3.12 -66.28 22.72
N VAL D 752 -1.95 -66.45 23.34
CA VAL D 752 -1.95 -67.11 24.65
C VAL D 752 -2.68 -66.25 25.66
N GLN D 753 -2.53 -64.93 25.57
CA GLN D 753 -3.28 -64.04 26.46
C GLN D 753 -4.78 -64.15 26.22
N TYR D 754 -5.20 -64.30 24.97
CA TYR D 754 -6.62 -64.43 24.67
C TYR D 754 -7.17 -65.78 25.13
N ILE D 755 -6.35 -66.83 25.04
CA ILE D 755 -6.79 -68.15 25.45
C ILE D 755 -6.93 -68.22 26.97
N TYR D 756 -6.00 -67.61 27.70
CA TYR D 756 -5.95 -67.77 29.14
C TYR D 756 -6.64 -66.64 29.90
N ASP D 757 -6.89 -65.51 29.27
CA ASP D 757 -7.61 -64.43 29.96
C ASP D 757 -9.04 -64.86 30.20
N GLU D 758 -9.63 -64.28 31.24
CA GLU D 758 -10.98 -64.65 31.61
C GLU D 758 -11.97 -64.09 30.58
N PRO D 759 -13.18 -64.65 30.50
CA PRO D 759 -14.17 -64.10 29.55
C PRO D 759 -14.50 -62.64 29.79
N LYS D 760 -14.47 -62.16 31.04
CA LYS D 760 -14.82 -60.76 31.27
C LYS D 760 -13.79 -59.80 30.68
N LYS D 761 -12.56 -60.25 30.45
CA LYS D 761 -11.54 -59.45 29.78
C LYS D 761 -11.44 -59.74 28.29
N GLY D 762 -12.44 -60.41 27.71
CA GLY D 762 -12.45 -60.72 26.30
C GLY D 762 -11.73 -62.00 25.92
N GLY D 763 -11.08 -62.66 26.87
CA GLY D 763 -10.39 -63.91 26.60
C GLY D 763 -11.34 -65.08 26.62
N LEU D 764 -10.76 -66.27 26.82
CA LEU D 764 -11.53 -67.50 26.93
C LEU D 764 -11.49 -68.11 28.32
N GLY D 765 -10.47 -67.81 29.11
CA GLY D 765 -10.37 -68.39 30.44
C GLY D 765 -10.21 -69.90 30.42
N TRP D 766 -9.42 -70.41 29.48
CA TRP D 766 -9.17 -71.82 29.33
C TRP D 766 -7.74 -72.15 29.71
N ASP D 767 -7.52 -73.40 30.10
CA ASP D 767 -6.19 -73.91 30.42
C ASP D 767 -5.90 -75.07 29.47
N LEU D 768 -4.92 -74.89 28.59
CA LEU D 768 -4.69 -75.86 27.53
C LEU D 768 -4.17 -77.17 28.07
N ASP D 769 -4.88 -78.26 27.72
CA ASP D 769 -4.43 -79.60 28.03
C ASP D 769 -3.53 -80.19 26.97
N ALA D 770 -3.46 -79.60 25.78
CA ALA D 770 -2.54 -80.07 24.75
C ALA D 770 -2.24 -78.93 23.79
N ILE D 771 -1.06 -79.00 23.18
CA ILE D 771 -0.62 -78.05 22.15
C ILE D 771 -0.12 -78.87 20.97
N ILE D 772 -0.55 -78.48 19.77
CA ILE D 772 -0.20 -79.16 18.53
C ILE D 772 0.26 -78.08 17.56
N PRO D 773 1.49 -77.58 17.70
CA PRO D 773 1.98 -76.53 16.78
C PRO D 773 2.57 -77.10 15.50
N PHE D 774 1.68 -77.49 14.58
CA PHE D 774 2.07 -78.05 13.29
C PHE D 774 2.24 -76.96 12.23
N ALA D 775 2.47 -75.73 12.64
CA ALA D 775 2.53 -74.61 11.70
C ALA D 775 3.83 -74.67 10.91
N ALA D 776 3.72 -74.91 9.61
CA ALA D 776 4.86 -74.87 8.71
C ALA D 776 4.46 -74.08 7.46
N ILE D 777 5.43 -73.39 6.88
CA ILE D 777 5.26 -72.78 5.56
C ILE D 777 6.03 -73.63 4.57
N PRO D 778 5.59 -73.74 3.31
CA PRO D 778 6.33 -74.58 2.35
C PRO D 778 7.52 -73.81 1.80
N GLU D 779 8.73 -74.30 2.10
CA GLU D 779 9.96 -73.77 1.53
C GLU D 779 10.67 -74.92 0.81
N ASN D 780 11.05 -74.70 -0.44
CA ASN D 780 11.66 -75.73 -1.26
C ASN D 780 12.64 -75.09 -2.23
N GLY D 781 13.63 -75.88 -2.63
CA GLY D 781 14.67 -75.40 -3.51
C GLY D 781 15.70 -74.53 -2.85
N ASN D 782 15.61 -74.33 -1.54
CA ASN D 782 16.55 -73.51 -0.78
C ASN D 782 17.60 -74.40 -0.15
N GLY D 783 18.81 -74.38 -0.71
CA GLY D 783 19.94 -75.06 -0.14
C GLY D 783 20.68 -74.21 0.87
N LEU D 784 21.91 -74.60 1.16
CA LEU D 784 22.74 -73.81 2.05
C LEU D 784 23.10 -72.47 1.43
N ASP D 785 23.29 -72.44 0.11
CA ASP D 785 23.62 -71.20 -0.59
C ASP D 785 22.44 -70.28 -0.78
N ASN D 786 21.22 -70.72 -0.50
CA ASN D 786 20.02 -69.92 -0.69
C ASN D 786 19.11 -69.97 0.53
N ILE D 787 19.71 -69.84 1.71
CA ILE D 787 18.93 -69.67 2.94
C ILE D 787 18.42 -68.23 2.91
N ASP D 788 17.22 -68.04 2.41
CA ASP D 788 16.70 -66.73 2.05
C ASP D 788 15.76 -66.23 3.13
N SER D 789 15.10 -65.11 2.85
CA SER D 789 14.14 -64.54 3.80
C SER D 789 13.02 -65.53 4.07
N LYS D 790 12.59 -66.27 3.04
CA LYS D 790 11.57 -67.28 3.25
C LYS D 790 12.04 -68.35 4.24
N SER D 791 13.28 -68.80 4.09
CA SER D 791 13.82 -69.82 5.00
C SER D 791 13.93 -69.28 6.41
N GLU D 792 14.40 -68.05 6.56
CA GLU D 792 14.52 -67.45 7.90
C GLU D 792 13.15 -67.29 8.56
N PHE D 793 12.16 -66.81 7.80
CA PHE D 793 10.83 -66.65 8.34
C PHE D 793 10.22 -68.01 8.69
N ALA D 794 10.45 -69.01 7.84
CA ALA D 794 9.98 -70.36 8.13
C ALA D 794 10.59 -70.87 9.41
N HIS D 795 11.90 -70.67 9.59
CA HIS D 795 12.53 -71.13 10.81
C HIS D 795 11.95 -70.43 12.02
N ARG D 796 11.67 -69.13 11.89
CA ARG D 796 10.99 -68.43 12.98
C ARG D 796 9.70 -69.13 13.35
N ILE D 797 8.83 -69.37 12.36
CA ILE D 797 7.54 -70.01 12.61
C ILE D 797 7.73 -71.38 13.27
N MET D 798 8.59 -72.21 12.69
CA MET D 798 8.62 -73.62 13.08
C MET D 798 9.37 -73.84 14.39
N LEU D 799 10.36 -73.00 14.70
CA LEU D 799 11.17 -73.18 15.90
C LEU D 799 11.03 -72.04 16.89
N THR D 800 11.32 -70.80 16.48
CA THR D 800 11.52 -69.75 17.48
C THR D 800 10.20 -69.34 18.10
N ASN D 801 9.23 -68.99 17.26
CA ASN D 801 7.93 -68.64 17.78
C ASN D 801 7.17 -69.85 18.30
N LEU D 802 7.52 -71.06 17.85
CA LEU D 802 6.96 -72.25 18.48
C LEU D 802 7.38 -72.34 19.94
N LEU D 803 8.68 -72.23 20.21
CA LEU D 803 9.16 -72.26 21.58
C LEU D 803 8.61 -71.09 22.37
N ARG D 804 8.45 -69.93 21.74
CA ARG D 804 7.85 -68.79 22.43
C ARG D 804 6.40 -69.07 22.78
N LEU D 805 5.66 -69.75 21.91
CA LEU D 805 4.28 -70.13 22.22
C LEU D 805 4.23 -71.08 23.41
N LEU D 806 5.11 -72.08 23.43
CA LEU D 806 5.15 -73.00 24.56
C LEU D 806 5.52 -72.26 25.85
N GLY D 807 6.50 -71.38 25.77
CA GLY D 807 6.91 -70.64 26.96
C GLY D 807 5.83 -69.68 27.44
N ALA D 808 5.08 -69.09 26.51
CA ALA D 808 3.98 -68.22 26.89
C ALA D 808 2.89 -69.00 27.59
N VAL D 809 2.57 -70.19 27.07
CA VAL D 809 1.59 -71.05 27.74
C VAL D 809 2.06 -71.38 29.14
N LYS D 810 3.35 -71.71 29.30
CA LYS D 810 3.86 -71.97 30.65
C LYS D 810 3.72 -70.74 31.54
N SER D 811 4.11 -69.57 31.04
CA SER D 811 4.06 -68.36 31.84
C SER D 811 2.64 -68.05 32.28
N LYS D 812 1.66 -68.40 31.48
CA LYS D 812 0.26 -68.15 31.82
C LYS D 812 -0.42 -69.34 32.50
N LYS D 813 0.28 -70.45 32.72
CA LYS D 813 -0.27 -71.54 33.51
C LYS D 813 -0.14 -71.23 35.00
N PRO D 814 -1.25 -71.20 35.77
CA PRO D 814 -1.13 -70.86 37.19
C PRO D 814 -0.81 -72.06 38.08
N THR D 815 -1.24 -73.25 37.65
CA THR D 815 -1.16 -74.45 38.47
C THR D 815 -0.09 -75.38 37.94
N ASP D 816 0.42 -76.25 38.82
CA ASP D 816 1.36 -77.28 38.45
C ASP D 816 0.72 -78.65 38.31
N THR D 817 -0.61 -78.74 38.36
CA THR D 817 -1.33 -80.00 38.33
C THR D 817 -2.11 -80.22 37.04
N ARG D 818 -1.98 -79.34 36.05
CA ARG D 818 -2.69 -79.46 34.77
C ARG D 818 -1.72 -79.13 33.65
N PRO D 819 -0.78 -80.02 33.34
CA PRO D 819 0.18 -79.75 32.28
C PRO D 819 -0.46 -79.79 30.90
N ALA D 820 0.23 -79.17 29.95
CA ALA D 820 -0.17 -79.19 28.54
C ALA D 820 0.76 -80.12 27.77
N GLN D 821 0.18 -81.06 27.04
CA GLN D 821 0.95 -81.99 26.23
C GLN D 821 1.26 -81.36 24.88
N CYS D 822 2.52 -81.00 24.67
CA CYS D 822 2.96 -80.39 23.43
C CYS D 822 3.30 -81.50 22.44
N ILE D 823 2.48 -81.64 21.41
CA ILE D 823 2.69 -82.65 20.37
C ILE D 823 3.59 -81.99 19.32
N LEU D 824 4.87 -82.34 19.36
CA LEU D 824 5.85 -81.69 18.49
C LEU D 824 5.97 -82.46 17.18
N PRO D 825 5.75 -81.83 16.02
CA PRO D 825 5.87 -82.58 14.75
C PRO D 825 7.32 -82.81 14.33
N LEU D 826 7.97 -83.76 14.99
CA LEU D 826 9.34 -84.06 14.64
C LEU D 826 9.38 -84.76 13.28
N SER D 827 10.53 -84.65 12.62
CA SER D 827 10.77 -85.29 11.35
C SER D 827 11.87 -86.34 11.49
N PRO D 828 11.80 -87.45 10.76
CA PRO D 828 12.91 -88.41 10.79
C PRO D 828 14.04 -88.09 9.83
N ASN D 829 13.85 -87.10 8.96
CA ASN D 829 14.79 -86.78 7.89
C ASN D 829 15.40 -85.42 8.19
N HIS D 830 16.52 -85.43 8.91
CA HIS D 830 17.23 -84.19 9.24
C HIS D 830 18.27 -83.95 8.15
N GLY D 831 17.83 -83.31 7.07
CA GLY D 831 18.72 -83.01 5.97
C GLY D 831 19.00 -84.18 5.04
N THR D 832 18.19 -85.23 5.09
CA THR D 832 18.43 -86.40 4.26
C THR D 832 18.08 -86.11 2.79
N PHE D 833 17.10 -85.25 2.57
CA PHE D 833 16.71 -84.89 1.21
C PHE D 833 17.40 -83.62 0.72
N GLY D 834 17.65 -82.68 1.63
CA GLY D 834 18.31 -81.45 1.28
C GLY D 834 17.41 -80.53 0.47
N PHE D 835 17.90 -79.32 0.24
CA PHE D 835 17.16 -78.29 -0.50
C PHE D 835 15.80 -78.03 0.12
N ASP D 836 15.73 -78.04 1.45
CA ASP D 836 14.52 -77.78 2.20
C ASP D 836 14.62 -76.53 3.06
N GLY D 837 15.59 -75.66 2.78
CA GLY D 837 15.78 -74.48 3.62
C GLY D 837 16.24 -74.89 5.00
N LEU D 838 15.59 -74.34 6.02
CA LEU D 838 15.93 -74.60 7.41
C LEU D 838 14.94 -75.56 8.08
N TYR D 839 14.20 -76.34 7.29
CA TYR D 839 13.22 -77.26 7.86
C TYR D 839 13.89 -78.26 8.80
N SER D 840 14.96 -78.89 8.34
CA SER D 840 15.65 -79.88 9.18
C SER D 840 16.22 -79.23 10.43
N GLU D 841 16.72 -78.00 10.30
CA GLU D 841 17.23 -77.29 11.47
C GLU D 841 16.13 -77.07 12.49
N SER D 842 14.96 -76.61 12.05
CA SER D 842 13.85 -76.42 12.97
C SER D 842 13.45 -77.72 13.64
N LYS D 843 13.31 -78.78 12.84
CA LYS D 843 12.80 -80.03 13.38
C LYS D 843 13.77 -80.65 14.38
N ILE D 844 15.07 -80.58 14.10
CA ILE D 844 16.03 -81.14 15.02
C ILE D 844 16.19 -80.25 16.25
N SER D 845 15.97 -78.94 16.09
CA SER D 845 16.00 -78.05 17.25
C SER D 845 14.85 -78.33 18.19
N LEU D 846 13.72 -78.79 17.65
CA LEU D 846 12.59 -79.16 18.52
C LEU D 846 12.93 -80.33 19.44
N GLU D 847 13.96 -81.10 19.12
CA GLU D 847 14.29 -82.27 19.93
C GLU D 847 15.01 -81.89 21.23
N THR D 848 15.41 -80.63 21.40
CA THR D 848 16.06 -80.24 22.65
C THR D 848 15.07 -80.13 23.79
N LEU D 849 13.77 -80.02 23.48
CA LEU D 849 12.77 -79.93 24.54
C LEU D 849 12.72 -81.19 25.37
N PHE D 850 13.10 -82.33 24.81
CA PHE D 850 13.13 -83.57 25.57
C PHE D 850 14.13 -83.49 26.72
N ASN D 851 15.31 -82.94 26.46
CA ASN D 851 16.28 -82.74 27.53
C ASN D 851 15.90 -81.57 28.42
N ARG D 852 15.42 -80.48 27.83
CA ARG D 852 15.11 -79.28 28.60
C ARG D 852 13.90 -79.49 29.51
N TRP D 853 13.11 -80.55 29.27
CA TRP D 853 12.02 -80.87 30.18
C TRP D 853 12.56 -81.17 31.58
N TYR D 854 13.69 -81.88 31.66
CA TYR D 854 14.33 -82.16 32.94
C TYR D 854 15.09 -80.95 33.49
N SER D 855 15.79 -80.22 32.62
CA SER D 855 16.76 -79.24 33.05
C SER D 855 16.16 -77.88 33.40
N GLU D 856 14.91 -77.63 33.04
CA GLU D 856 14.26 -76.35 33.30
C GLU D 856 13.03 -76.55 34.18
N ASP D 857 12.43 -75.43 34.58
CA ASP D 857 11.36 -75.42 35.56
C ASP D 857 9.97 -75.50 34.94
N TRP D 858 9.85 -76.05 33.73
CA TRP D 858 8.57 -76.21 33.07
C TRP D 858 8.20 -77.67 32.83
N GLY D 859 8.81 -78.59 33.59
CA GLY D 859 8.46 -79.99 33.44
C GLY D 859 7.03 -80.29 33.87
N SER D 860 6.59 -79.66 34.96
CA SER D 860 5.23 -79.86 35.46
C SER D 860 4.18 -79.05 34.72
N LYS D 861 4.59 -78.11 33.87
CA LYS D 861 3.66 -77.25 33.16
C LYS D 861 3.46 -77.69 31.71
N LEU D 862 4.52 -78.17 31.07
CA LEU D 862 4.45 -78.70 29.72
C LEU D 862 5.06 -80.10 29.71
N THR D 863 4.52 -80.96 28.88
CA THR D 863 5.00 -82.32 28.72
C THR D 863 5.22 -82.60 27.24
N VAL D 864 6.41 -83.03 26.89
CA VAL D 864 6.84 -83.11 25.51
C VAL D 864 6.45 -84.46 24.93
N CYS D 865 5.77 -84.46 23.79
CA CYS D 865 5.40 -85.66 23.07
C CYS D 865 5.81 -85.42 21.62
N GLY D 866 7.01 -85.87 21.27
CA GLY D 866 7.51 -85.66 19.92
C GLY D 866 7.09 -86.76 18.98
N ALA D 867 6.23 -86.44 18.03
CA ALA D 867 5.74 -87.39 17.04
C ALA D 867 6.62 -87.25 15.80
N VAL D 868 7.48 -88.24 15.57
CA VAL D 868 8.29 -88.30 14.36
C VAL D 868 7.35 -88.79 13.27
N ILE D 869 6.83 -87.84 12.49
CA ILE D 869 5.84 -88.14 11.46
C ILE D 869 6.54 -88.68 10.22
N GLY D 870 6.01 -89.76 9.68
CA GLY D 870 6.59 -90.45 8.55
C GLY D 870 6.04 -89.98 7.21
N TRP D 871 6.14 -90.87 6.22
CA TRP D 871 5.65 -90.59 4.88
C TRP D 871 4.14 -90.46 4.91
N THR D 872 3.65 -89.23 4.76
CA THR D 872 2.23 -88.93 4.74
C THR D 872 1.83 -88.59 3.32
N ARG D 873 0.76 -89.22 2.84
CA ARG D 873 0.33 -89.08 1.46
C ARG D 873 -0.74 -88.02 1.34
N GLY D 874 -0.68 -87.25 0.25
CA GLY D 874 -1.57 -86.13 0.02
C GLY D 874 -1.07 -84.81 0.54
N THR D 875 -0.11 -84.82 1.46
CA THR D 875 0.46 -83.60 2.00
C THR D 875 1.42 -82.98 0.99
N GLY D 876 1.57 -81.65 1.09
CA GLY D 876 2.43 -80.95 0.15
C GLY D 876 3.88 -81.36 0.26
N LEU D 877 4.33 -81.71 1.47
CA LEU D 877 5.74 -82.05 1.67
C LEU D 877 6.13 -83.29 0.89
N MET D 878 5.16 -84.18 0.60
CA MET D 878 5.43 -85.40 -0.15
C MET D 878 4.41 -85.65 -1.26
N SER D 879 3.64 -84.62 -1.65
CA SER D 879 2.66 -84.81 -2.73
C SER D 879 3.35 -85.18 -4.04
N ALA D 880 4.58 -84.71 -4.24
CA ALA D 880 5.33 -85.06 -5.44
C ALA D 880 5.87 -86.49 -5.39
N ASN D 881 5.76 -87.18 -4.25
CA ASN D 881 6.29 -88.52 -4.09
C ASN D 881 5.19 -89.56 -3.88
N ASN D 882 3.92 -89.17 -4.05
CA ASN D 882 2.83 -90.15 -3.96
C ASN D 882 3.03 -91.28 -4.95
N ILE D 883 3.49 -90.96 -6.16
CA ILE D 883 3.69 -91.97 -7.19
C ILE D 883 4.73 -93.00 -6.79
N ILE D 884 5.74 -92.60 -6.01
CA ILE D 884 6.76 -93.53 -5.52
C ILE D 884 6.41 -94.11 -4.16
N ALA D 885 5.29 -93.70 -3.56
CA ALA D 885 4.88 -94.29 -2.29
C ALA D 885 4.72 -95.81 -2.40
N GLU D 886 4.14 -96.29 -3.50
CA GLU D 886 4.00 -97.74 -3.67
C GLU D 886 5.35 -98.44 -3.74
N GLY D 887 6.29 -97.87 -4.50
CA GLY D 887 7.61 -98.46 -4.57
C GLY D 887 8.31 -98.48 -3.22
N ILE D 888 8.12 -97.42 -2.44
CA ILE D 888 8.66 -97.39 -1.08
C ILE D 888 8.04 -98.51 -0.25
N GLU D 889 6.73 -98.66 -0.32
CA GLU D 889 6.03 -99.70 0.44
C GLU D 889 6.38 -101.11 0.00
N LYS D 890 6.86 -101.30 -1.23
CA LYS D 890 7.13 -102.63 -1.73
C LYS D 890 8.20 -103.38 -0.94
N LEU D 891 9.02 -102.69 -0.14
CA LEU D 891 10.04 -103.36 0.66
C LEU D 891 9.56 -103.74 2.06
N GLY D 892 8.26 -103.76 2.29
CA GLY D 892 7.76 -103.96 3.63
C GLY D 892 7.86 -102.74 4.51
N VAL D 893 7.58 -101.57 3.97
CA VAL D 893 7.58 -100.31 4.70
C VAL D 893 6.19 -99.72 4.55
N ARG D 894 5.79 -98.92 5.54
CA ARG D 894 4.45 -98.35 5.58
C ARG D 894 4.48 -96.86 5.25
N THR D 895 3.63 -96.48 4.31
CA THR D 895 3.32 -95.09 4.05
C THR D 895 1.91 -94.81 4.54
N PHE D 896 1.67 -93.60 5.02
CA PHE D 896 0.45 -93.25 5.72
C PHE D 896 -0.39 -92.27 4.92
N SER D 897 -1.70 -92.43 5.01
CA SER D 897 -2.63 -91.42 4.52
C SER D 897 -2.86 -90.40 5.63
N GLN D 898 -3.55 -89.31 5.29
CA GLN D 898 -3.78 -88.27 6.27
C GLN D 898 -4.61 -88.78 7.44
N LYS D 899 -5.65 -89.56 7.15
CA LYS D 899 -6.47 -90.12 8.23
C LYS D 899 -5.66 -91.04 9.13
N GLU D 900 -4.78 -91.86 8.55
CA GLU D 900 -3.95 -92.76 9.35
C GLU D 900 -2.99 -91.98 10.24
N MET D 901 -2.34 -90.95 9.69
CA MET D 901 -1.48 -90.11 10.51
C MET D 901 -2.25 -89.44 11.64
N ALA D 902 -3.44 -88.94 11.34
CA ALA D 902 -4.27 -88.33 12.38
C ALA D 902 -4.61 -89.34 13.47
N PHE D 903 -4.98 -90.55 13.06
CA PHE D 903 -5.28 -91.60 14.03
C PHE D 903 -4.07 -91.89 14.92
N ASN D 904 -2.88 -91.97 14.31
CA ASN D 904 -1.69 -92.28 15.07
C ASN D 904 -1.35 -91.16 16.07
N ILE D 905 -1.46 -89.90 15.63
CA ILE D 905 -1.11 -88.79 16.50
C ILE D 905 -2.15 -88.60 17.59
N LEU D 906 -3.42 -88.91 17.29
CA LEU D 906 -4.45 -88.89 18.31
C LEU D 906 -4.28 -90.03 19.29
N GLY D 907 -3.60 -91.10 18.88
CA GLY D 907 -3.21 -92.14 19.82
C GLY D 907 -2.24 -91.65 20.88
N LEU D 908 -1.55 -90.53 20.61
CA LEU D 908 -0.66 -89.95 21.60
C LEU D 908 -1.38 -89.11 22.64
N LEU D 909 -2.69 -88.91 22.48
CA LEU D 909 -3.50 -88.18 23.46
C LEU D 909 -4.36 -89.11 24.31
N THR D 910 -4.09 -90.41 24.31
CA THR D 910 -4.82 -91.30 25.19
C THR D 910 -4.42 -91.03 26.64
N PRO D 911 -5.26 -91.41 27.61
CA PRO D 911 -4.88 -91.16 29.01
C PRO D 911 -3.57 -91.83 29.41
N GLU D 912 -3.27 -93.01 28.86
CA GLU D 912 -2.05 -93.70 29.23
C GLU D 912 -0.83 -92.95 28.70
N ILE D 913 -0.85 -92.56 27.43
CA ILE D 913 0.27 -91.80 26.88
C ILE D 913 0.34 -90.42 27.51
N VAL D 914 -0.80 -89.86 27.92
CA VAL D 914 -0.78 -88.58 28.62
C VAL D 914 -0.05 -88.71 29.95
N GLN D 915 -0.36 -89.77 30.71
CA GLN D 915 0.37 -90.02 31.95
C GLN D 915 1.85 -90.25 31.68
N LEU D 916 2.16 -91.00 30.61
CA LEU D 916 3.55 -91.27 30.28
C LEU D 916 4.30 -89.99 29.96
N CYS D 917 3.68 -89.09 29.20
CA CYS D 917 4.29 -87.80 28.92
C CYS D 917 4.50 -87.00 30.19
N GLN D 918 3.53 -87.04 31.09
CA GLN D 918 3.67 -86.32 32.36
C GLN D 918 4.81 -86.89 33.19
N GLU D 919 5.03 -88.20 33.12
CA GLU D 919 6.16 -88.81 33.83
C GLU D 919 7.48 -88.43 33.19
N GLU D 920 7.66 -88.76 31.92
CA GLU D 920 8.87 -88.48 31.17
C GLU D 920 8.50 -88.08 29.75
N PRO D 921 9.35 -87.32 29.05
CA PRO D 921 9.04 -86.97 27.67
C PRO D 921 8.92 -88.22 26.80
N VAL D 922 7.96 -88.20 25.87
CA VAL D 922 7.63 -89.35 25.05
C VAL D 922 8.02 -89.05 23.61
N MET D 923 8.97 -89.82 23.09
CA MET D 923 9.29 -89.83 21.66
C MET D 923 8.48 -90.96 21.04
N ALA D 924 7.55 -90.60 20.15
CA ALA D 924 6.81 -91.57 19.37
C ALA D 924 7.31 -91.52 17.95
N ASP D 925 7.84 -92.63 17.46
CA ASP D 925 8.30 -92.75 16.08
C ASP D 925 7.16 -93.37 15.28
N LEU D 926 6.46 -92.55 14.50
CA LEU D 926 5.42 -92.98 13.59
C LEU D 926 5.93 -93.00 12.16
N ASN D 927 7.22 -93.27 11.98
CA ASN D 927 7.85 -93.19 10.67
C ASN D 927 7.49 -94.37 9.78
N GLY D 928 6.91 -95.43 10.33
CA GLY D 928 6.56 -96.56 9.51
C GLY D 928 7.72 -97.39 9.03
N GLY D 929 8.86 -97.34 9.72
CA GLY D 929 10.00 -98.15 9.36
C GLY D 929 10.87 -97.58 8.26
N LEU D 930 10.72 -96.29 7.93
CA LEU D 930 11.54 -95.72 6.87
C LEU D 930 12.96 -95.43 7.32
N GLN D 931 13.24 -95.52 8.61
CA GLN D 931 14.60 -95.30 9.08
C GLN D 931 15.55 -96.43 8.67
N PHE D 932 15.02 -97.59 8.29
CA PHE D 932 15.84 -98.73 7.92
C PHE D 932 16.27 -98.74 6.46
N ILE D 933 15.75 -97.83 5.63
CA ILE D 933 16.21 -97.74 4.25
C ILE D 933 17.54 -97.02 4.23
N ASP D 934 18.57 -97.70 3.73
CA ASP D 934 19.86 -97.06 3.54
C ASP D 934 19.80 -96.16 2.31
N ASN D 935 20.20 -94.89 2.48
CA ASN D 935 20.16 -93.91 1.40
C ASN D 935 18.72 -93.74 0.89
N LEU D 936 17.87 -93.21 1.77
CA LEU D 936 16.47 -93.02 1.42
C LEU D 936 16.32 -92.05 0.26
N LYS D 937 17.11 -90.97 0.25
CA LYS D 937 17.02 -90.00 -0.84
C LYS D 937 17.39 -90.65 -2.16
N ASP D 938 18.51 -91.37 -2.20
CA ASP D 938 18.93 -92.02 -3.43
C ASP D 938 17.91 -93.06 -3.88
N PHE D 939 17.35 -93.81 -2.93
CA PHE D 939 16.34 -94.81 -3.29
C PHE D 939 15.09 -94.16 -3.87
N THR D 940 14.61 -93.09 -3.25
CA THR D 940 13.41 -92.43 -3.76
C THR D 940 13.67 -91.82 -5.14
N SER D 941 14.87 -91.27 -5.33
CA SER D 941 15.23 -90.76 -6.66
C SER D 941 15.30 -91.89 -7.67
N LYS D 942 15.80 -93.06 -7.27
CA LYS D 942 15.82 -94.21 -8.16
C LYS D 942 14.41 -94.62 -8.55
N LEU D 943 13.51 -94.72 -7.58
CA LEU D 943 12.14 -95.10 -7.87
C LEU D 943 11.49 -94.10 -8.82
N ARG D 944 11.66 -92.80 -8.54
CA ARG D 944 11.07 -91.78 -9.39
C ARG D 944 11.66 -91.84 -10.80
N THR D 945 12.98 -92.04 -10.91
CA THR D 945 13.60 -92.06 -12.22
C THR D 945 13.16 -93.26 -13.03
N ASP D 946 13.05 -94.44 -12.41
CA ASP D 946 12.55 -95.60 -13.13
C ASP D 946 11.10 -95.41 -13.56
N LEU D 947 10.25 -94.89 -12.67
CA LEU D 947 8.86 -94.67 -13.04
C LEU D 947 8.75 -93.66 -14.17
N LEU D 948 9.51 -92.57 -14.10
CA LEU D 948 9.47 -91.56 -15.15
C LEU D 948 10.04 -92.08 -16.45
N GLU D 949 11.09 -92.91 -16.38
CA GLU D 949 11.64 -93.49 -17.60
C GLU D 949 10.64 -94.40 -18.27
N THR D 950 9.95 -95.25 -17.49
CA THR D 950 8.91 -96.08 -18.06
C THR D 950 7.81 -95.22 -18.68
N ALA D 951 7.37 -94.19 -17.96
CA ALA D 951 6.30 -93.34 -18.48
C ALA D 951 6.72 -92.65 -19.77
N ASP D 952 7.96 -92.15 -19.83
CA ASP D 952 8.43 -91.47 -21.03
C ASP D 952 8.57 -92.44 -22.19
N ILE D 953 9.07 -93.65 -21.94
CA ILE D 953 9.22 -94.63 -23.01
C ILE D 953 7.85 -94.97 -23.61
N ARG D 954 6.88 -95.27 -22.74
CA ARG D 954 5.55 -95.61 -23.24
C ARG D 954 4.87 -94.41 -23.88
N ARG D 955 5.12 -93.20 -23.37
CA ARG D 955 4.59 -92.00 -24.01
C ARG D 955 5.13 -91.83 -25.41
N ALA D 956 6.45 -91.96 -25.57
CA ALA D 956 7.04 -91.81 -26.90
C ALA D 956 6.52 -92.87 -27.85
N VAL D 957 6.40 -94.11 -27.37
CA VAL D 957 5.89 -95.18 -28.22
C VAL D 957 4.46 -94.87 -28.64
N SER D 958 3.62 -94.41 -27.70
CA SER D 958 2.23 -94.13 -28.02
C SER D 958 2.10 -92.97 -29.01
N ILE D 959 2.86 -91.89 -28.81
CA ILE D 959 2.79 -90.76 -29.73
C ILE D 959 3.29 -91.16 -31.11
N GLU D 960 4.39 -91.92 -31.18
CA GLU D 960 4.89 -92.33 -32.49
C GLU D 960 3.89 -93.25 -33.19
N SER D 961 3.27 -94.17 -32.45
CA SER D 961 2.26 -95.03 -33.06
C SER D 961 1.07 -94.21 -33.54
N ALA D 962 0.65 -93.22 -32.75
CA ALA D 962 -0.48 -92.39 -33.15
C ALA D 962 -0.16 -91.60 -34.42
N ILE D 963 1.07 -91.09 -34.52
CA ILE D 963 1.47 -90.37 -35.73
C ILE D 963 1.50 -91.32 -36.92
N GLU D 964 1.95 -92.56 -36.69
CA GLU D 964 1.94 -93.54 -37.78
C GLU D 964 0.54 -93.83 -38.27
N GLN D 965 -0.40 -94.03 -37.34
CA GLN D 965 -1.79 -94.22 -37.77
C GLN D 965 -2.32 -92.99 -38.48
N LYS D 966 -1.99 -91.79 -37.99
CA LYS D 966 -2.46 -90.58 -38.64
C LYS D 966 -1.96 -90.47 -40.08
N VAL D 967 -0.67 -90.72 -40.31
CA VAL D 967 -0.10 -90.54 -41.64
C VAL D 967 -0.56 -91.68 -42.55
N VAL D 968 -0.85 -92.85 -41.98
CA VAL D 968 -1.22 -94.00 -42.79
C VAL D 968 -2.69 -93.88 -43.22
N ASN D 969 -3.60 -93.77 -42.25
CA ASN D 969 -5.02 -93.67 -42.53
C ASN D 969 -5.50 -92.25 -42.82
N GLY D 970 -4.59 -91.28 -42.92
CA GLY D 970 -4.98 -89.92 -43.22
C GLY D 970 -5.62 -89.23 -42.03
N ASP D 971 -6.09 -88.01 -42.29
CA ASP D 971 -6.74 -87.20 -41.26
C ASP D 971 -8.26 -87.32 -41.34
N LYS D 979 -17.72 -87.77 -32.37
CA LYS D 979 -19.16 -87.73 -32.19
C LYS D 979 -19.62 -86.32 -31.93
N VAL D 980 -20.77 -85.96 -32.48
CA VAL D 980 -21.33 -84.62 -32.30
C VAL D 980 -22.04 -84.58 -30.94
N MET D 981 -21.63 -83.64 -30.10
CA MET D 981 -22.19 -83.48 -28.76
C MET D 981 -23.21 -82.35 -28.77
N VAL D 982 -24.38 -82.61 -28.22
CA VAL D 982 -25.44 -81.61 -28.21
C VAL D 982 -25.15 -80.59 -27.11
N GLU D 983 -25.17 -79.31 -27.48
CA GLU D 983 -24.85 -78.25 -26.53
C GLU D 983 -26.12 -77.86 -25.77
N PRO D 984 -26.16 -77.95 -24.44
CA PRO D 984 -27.41 -77.68 -23.73
C PRO D 984 -27.86 -76.24 -23.86
N ARG D 985 -29.17 -76.06 -23.83
CA ARG D 985 -29.78 -74.74 -23.85
C ARG D 985 -30.78 -74.64 -22.70
N ALA D 986 -31.03 -73.41 -22.26
CA ALA D 986 -32.00 -73.19 -21.19
C ALA D 986 -33.41 -73.42 -21.72
N ASN D 987 -34.21 -74.13 -20.95
CA ASN D 987 -35.61 -74.39 -21.28
C ASN D 987 -36.44 -73.74 -20.17
N MET D 988 -36.74 -72.45 -20.34
CA MET D 988 -37.52 -71.69 -19.37
C MET D 988 -38.99 -72.01 -19.58
N LYS D 989 -39.40 -73.16 -19.07
CA LYS D 989 -40.81 -73.55 -19.07
C LYS D 989 -41.43 -73.00 -17.79
N PHE D 990 -42.10 -71.86 -17.92
CA PHE D 990 -42.66 -71.16 -16.76
C PHE D 990 -43.84 -71.98 -16.28
N ASP D 991 -43.51 -73.05 -15.56
CA ASP D 991 -44.48 -74.09 -15.22
C ASP D 991 -45.27 -73.69 -13.98
N PHE D 992 -46.58 -73.93 -14.04
CA PHE D 992 -47.42 -73.80 -12.87
C PHE D 992 -47.18 -74.98 -11.93
N PRO D 993 -47.63 -74.88 -10.68
CA PRO D 993 -47.49 -76.02 -9.76
C PRO D 993 -48.08 -77.29 -10.35
N THR D 994 -47.34 -78.38 -10.23
CA THR D 994 -47.77 -79.65 -10.79
C THR D 994 -49.03 -80.14 -10.09
N LEU D 995 -50.01 -80.55 -10.88
CA LEU D 995 -51.29 -81.03 -10.37
C LEU D 995 -51.25 -82.55 -10.30
N LYS D 996 -51.61 -83.09 -9.14
CA LYS D 996 -51.70 -84.51 -8.94
C LYS D 996 -53.03 -85.04 -9.46
N SER D 997 -53.11 -86.35 -9.64
CA SER D 997 -54.37 -86.97 -10.02
C SER D 997 -55.35 -86.90 -8.86
N TYR D 998 -56.64 -86.97 -9.19
CA TYR D 998 -57.66 -86.91 -8.15
C TYR D 998 -57.57 -88.09 -7.20
N ASP D 999 -57.24 -89.28 -7.72
CA ASP D 999 -57.07 -90.43 -6.85
C ASP D 999 -55.94 -90.20 -5.85
N GLU D 1000 -54.82 -89.64 -6.32
CA GLU D 1000 -53.70 -89.41 -5.43
C GLU D 1000 -54.00 -88.30 -4.43
N ILE D 1001 -54.84 -87.34 -4.82
CA ILE D 1001 -55.26 -86.29 -3.89
C ILE D 1001 -56.18 -86.86 -2.82
N LYS D 1002 -57.13 -87.71 -3.22
CA LYS D 1002 -58.02 -88.35 -2.27
C LYS D 1002 -57.26 -89.30 -1.34
N GLN D 1003 -56.16 -89.88 -1.81
CA GLN D 1003 -55.30 -90.65 -0.92
C GLN D 1003 -54.63 -89.79 0.13
N ILE D 1004 -54.22 -88.56 -0.21
CA ILE D 1004 -53.65 -87.65 0.77
C ILE D 1004 -54.70 -87.14 1.76
N ALA D 1005 -55.90 -86.82 1.30
CA ALA D 1005 -56.94 -86.27 2.18
C ALA D 1005 -58.31 -86.80 1.79
N PRO D 1006 -58.70 -87.99 2.26
CA PRO D 1006 -59.98 -88.56 1.81
C PRO D 1006 -61.20 -87.96 2.49
N GLU D 1007 -61.07 -87.53 3.74
CA GLU D 1007 -62.24 -87.12 4.52
C GLU D 1007 -62.68 -85.68 4.25
N LEU D 1008 -62.03 -84.98 3.33
CA LEU D 1008 -62.27 -83.56 3.16
C LEU D 1008 -63.25 -83.24 2.03
N GLU D 1009 -63.80 -84.25 1.36
CA GLU D 1009 -64.64 -84.01 0.19
C GLU D 1009 -65.91 -83.26 0.56
N GLY D 1010 -66.20 -82.18 -0.16
CA GLY D 1010 -67.44 -81.46 0.00
C GLY D 1010 -67.64 -80.91 1.40
N MET D 1011 -66.57 -80.51 2.05
CA MET D 1011 -66.59 -80.08 3.45
C MET D 1011 -66.36 -78.59 3.63
N LEU D 1012 -65.53 -77.98 2.79
CA LEU D 1012 -65.14 -76.58 2.97
C LEU D 1012 -65.81 -75.69 1.93
N ASP D 1013 -66.19 -74.49 2.35
CA ASP D 1013 -66.81 -73.51 1.47
C ASP D 1013 -65.74 -72.89 0.59
N LEU D 1014 -65.78 -73.23 -0.69
CA LEU D 1014 -64.75 -72.77 -1.62
C LEU D 1014 -64.78 -71.26 -1.78
N GLU D 1015 -65.97 -70.67 -1.76
CA GLU D 1015 -66.09 -69.22 -1.76
C GLU D 1015 -65.40 -68.60 -0.55
N ASN D 1016 -65.37 -69.28 0.58
CA ASN D 1016 -64.79 -68.77 1.80
C ASN D 1016 -63.35 -69.24 2.03
N VAL D 1017 -62.79 -70.03 1.12
CA VAL D 1017 -61.38 -70.40 1.18
C VAL D 1017 -60.60 -69.44 0.29
N VAL D 1018 -59.59 -68.78 0.87
CA VAL D 1018 -58.73 -67.84 0.15
C VAL D 1018 -57.44 -68.57 -0.21
N VAL D 1019 -56.97 -68.38 -1.44
CA VAL D 1019 -55.81 -69.08 -1.97
C VAL D 1019 -54.91 -68.10 -2.69
N VAL D 1020 -53.60 -68.32 -2.59
CA VAL D 1020 -52.60 -67.57 -3.32
C VAL D 1020 -52.46 -68.21 -4.69
N THR D 1021 -52.75 -67.45 -5.75
CA THR D 1021 -52.72 -67.96 -7.11
C THR D 1021 -51.48 -67.56 -7.87
N GLY D 1022 -50.91 -66.40 -7.58
CA GLY D 1022 -49.67 -65.98 -8.20
C GLY D 1022 -48.91 -65.10 -7.24
N PHE D 1023 -47.59 -65.07 -7.41
CA PHE D 1023 -46.76 -64.25 -6.56
C PHE D 1023 -45.53 -63.83 -7.35
N ALA D 1024 -44.90 -62.76 -6.89
CA ALA D 1024 -43.66 -62.31 -7.50
C ALA D 1024 -43.02 -61.29 -6.58
N GLU D 1025 -41.78 -60.98 -6.88
CA GLU D 1025 -41.03 -60.04 -6.06
C GLU D 1025 -39.93 -59.42 -6.90
N VAL D 1026 -39.53 -58.22 -6.49
CA VAL D 1026 -38.31 -57.57 -6.94
C VAL D 1026 -37.44 -57.44 -5.71
N GLY D 1027 -36.21 -57.93 -5.80
CA GLY D 1027 -35.36 -57.95 -4.64
C GLY D 1027 -33.90 -58.12 -5.01
N PRO D 1028 -33.04 -58.32 -4.01
CA PRO D 1028 -31.61 -58.43 -4.28
C PRO D 1028 -31.22 -59.55 -5.22
N TRP D 1029 -32.01 -60.62 -5.29
CA TRP D 1029 -31.70 -61.78 -6.11
C TRP D 1029 -32.66 -61.93 -7.29
N GLY D 1030 -33.11 -60.82 -7.84
CA GLY D 1030 -33.98 -60.87 -9.00
C GLY D 1030 -35.41 -61.12 -8.58
N ASN D 1031 -36.04 -62.08 -9.25
CA ASN D 1031 -37.44 -62.39 -9.05
C ASN D 1031 -37.59 -63.58 -8.10
N SER D 1032 -38.82 -64.06 -7.94
CA SER D 1032 -39.06 -65.22 -7.10
C SER D 1032 -38.28 -66.43 -7.58
N ARG D 1033 -38.21 -66.63 -8.89
CA ARG D 1033 -37.55 -67.81 -9.44
C ARG D 1033 -36.07 -67.83 -9.09
N THR D 1034 -35.36 -66.74 -9.39
CA THR D 1034 -33.92 -66.71 -9.14
C THR D 1034 -33.62 -66.64 -7.65
N ARG D 1035 -34.43 -65.89 -6.90
CA ARG D 1035 -34.25 -65.81 -5.46
C ARG D 1035 -34.41 -67.20 -4.84
N TRP D 1036 -35.37 -67.98 -5.31
CA TRP D 1036 -35.55 -69.33 -4.81
C TRP D 1036 -34.42 -70.24 -5.25
N GLU D 1037 -33.92 -70.08 -6.47
CA GLU D 1037 -32.78 -70.87 -6.89
C GLU D 1037 -31.61 -70.67 -5.94
N MET D 1038 -31.31 -69.41 -5.61
CA MET D 1038 -30.16 -69.14 -4.75
C MET D 1038 -30.46 -69.48 -3.29
N GLU D 1039 -31.72 -69.38 -2.87
CA GLU D 1039 -32.06 -69.75 -1.50
C GLU D 1039 -31.98 -71.26 -1.31
N ALA D 1040 -32.57 -72.03 -2.22
CA ALA D 1040 -32.66 -73.47 -2.04
C ALA D 1040 -31.33 -74.15 -2.35
N TYR D 1041 -30.62 -73.68 -3.37
CA TYR D 1041 -29.43 -74.37 -3.86
C TYR D 1041 -28.14 -73.60 -3.66
N GLY D 1042 -28.19 -72.28 -3.54
CA GLY D 1042 -26.99 -71.48 -3.41
C GLY D 1042 -26.27 -71.23 -4.70
N GLU D 1043 -26.76 -71.75 -5.82
CA GLU D 1043 -26.20 -71.48 -7.13
C GLU D 1043 -27.34 -71.37 -8.13
N PHE D 1044 -27.07 -70.65 -9.21
CA PHE D 1044 -28.05 -70.46 -10.27
C PHE D 1044 -27.95 -71.61 -11.27
N SER D 1045 -29.10 -72.12 -11.69
CA SER D 1045 -29.15 -73.07 -12.79
C SER D 1045 -28.86 -72.34 -14.09
N LEU D 1046 -28.99 -73.04 -15.21
CA LEU D 1046 -28.87 -72.36 -16.50
C LEU D 1046 -30.00 -71.37 -16.70
N GLU D 1047 -31.23 -71.79 -16.41
CA GLU D 1047 -32.36 -70.88 -16.51
C GLU D 1047 -32.22 -69.71 -15.54
N GLY D 1048 -31.78 -69.99 -14.32
CA GLY D 1048 -31.60 -68.92 -13.36
C GLY D 1048 -30.52 -67.94 -13.78
N ALA D 1049 -29.41 -68.46 -14.32
CA ALA D 1049 -28.34 -67.59 -14.78
C ALA D 1049 -28.80 -66.72 -15.94
N ILE D 1050 -29.57 -67.30 -16.87
CA ILE D 1050 -30.06 -66.50 -17.99
C ILE D 1050 -31.05 -65.45 -17.50
N GLU D 1051 -31.91 -65.82 -16.56
CA GLU D 1051 -32.87 -64.84 -16.04
C GLU D 1051 -32.17 -63.71 -15.32
N MET D 1052 -31.12 -64.02 -14.55
CA MET D 1052 -30.37 -62.95 -13.90
C MET D 1052 -29.62 -62.10 -14.91
N ALA D 1053 -29.04 -62.71 -15.94
CA ALA D 1053 -28.37 -61.92 -16.96
C ALA D 1053 -29.36 -60.98 -17.64
N TRP D 1054 -30.56 -61.48 -17.93
CA TRP D 1054 -31.59 -60.64 -18.54
C TRP D 1054 -32.02 -59.53 -17.60
N ILE D 1055 -32.13 -59.83 -16.30
CA ILE D 1055 -32.58 -58.82 -15.33
C ILE D 1055 -31.53 -57.72 -15.19
N MET D 1056 -30.27 -58.10 -15.00
CA MET D 1056 -29.18 -57.14 -14.89
C MET D 1056 -28.74 -56.59 -16.24
N GLY D 1057 -29.41 -56.97 -17.33
CA GLY D 1057 -29.13 -56.40 -18.62
C GLY D 1057 -27.84 -56.85 -19.25
N PHE D 1058 -27.22 -57.91 -18.73
CA PHE D 1058 -25.99 -58.41 -19.34
C PHE D 1058 -26.25 -58.92 -20.75
N ILE D 1059 -27.41 -59.53 -20.97
CA ILE D 1059 -27.78 -60.08 -22.26
C ILE D 1059 -29.08 -59.43 -22.71
N LYS D 1060 -29.28 -59.38 -24.01
CA LYS D 1060 -30.52 -58.90 -24.61
C LYS D 1060 -30.87 -59.80 -25.78
N TYR D 1061 -32.15 -60.02 -26.03
CA TYR D 1061 -32.55 -60.84 -27.15
C TYR D 1061 -32.51 -60.03 -28.44
N HIS D 1062 -31.99 -60.65 -29.50
CA HIS D 1062 -31.87 -60.03 -30.80
C HIS D 1062 -32.62 -60.91 -31.79
N ASN D 1063 -33.40 -60.28 -32.66
CA ASN D 1063 -34.15 -60.98 -33.70
C ASN D 1063 -34.09 -60.12 -34.96
N GLY D 1064 -33.11 -60.39 -35.81
CA GLY D 1064 -32.97 -59.63 -37.05
C GLY D 1064 -31.56 -59.77 -37.58
N ASN D 1065 -31.13 -58.72 -38.29
CA ASN D 1065 -29.80 -58.69 -38.90
C ASN D 1065 -28.81 -58.20 -37.86
N LEU D 1066 -27.79 -59.01 -37.59
CA LEU D 1066 -26.76 -58.72 -36.60
C LEU D 1066 -25.41 -58.66 -37.30
N GLN D 1067 -24.98 -57.45 -37.65
CA GLN D 1067 -23.70 -57.22 -38.32
C GLN D 1067 -23.60 -58.08 -39.59
N GLY D 1068 -24.55 -57.88 -40.49
CA GLY D 1068 -24.51 -58.51 -41.79
C GLY D 1068 -24.97 -59.95 -41.82
N LYS D 1069 -25.43 -60.50 -40.70
CA LYS D 1069 -25.91 -61.87 -40.63
C LYS D 1069 -27.25 -61.93 -39.92
N PRO D 1070 -28.10 -62.92 -40.26
CA PRO D 1070 -29.37 -63.06 -39.56
C PRO D 1070 -29.24 -63.89 -38.29
N TYR D 1071 -29.45 -63.28 -37.12
CA TYR D 1071 -29.27 -63.94 -35.83
C TYR D 1071 -30.52 -63.84 -34.99
N SER D 1072 -30.85 -64.93 -34.31
CA SER D 1072 -31.95 -64.99 -33.34
C SER D 1072 -31.42 -65.66 -32.08
N GLY D 1073 -31.17 -64.87 -31.06
CA GLY D 1073 -30.63 -65.43 -29.83
C GLY D 1073 -30.16 -64.33 -28.89
N TRP D 1074 -29.45 -64.77 -27.86
CA TRP D 1074 -28.96 -63.85 -26.84
C TRP D 1074 -27.68 -63.15 -27.30
N VAL D 1075 -27.59 -61.87 -27.00
CA VAL D 1075 -26.51 -61.01 -27.45
C VAL D 1075 -26.02 -60.21 -26.26
N ASP D 1076 -24.70 -60.21 -26.04
CA ASP D 1076 -24.10 -59.39 -25.00
C ASP D 1076 -24.51 -57.94 -25.20
N ALA D 1077 -25.21 -57.39 -24.20
CA ALA D 1077 -25.76 -56.05 -24.35
C ALA D 1077 -24.65 -55.00 -24.51
N LYS D 1078 -23.57 -55.15 -23.74
CA LYS D 1078 -22.48 -54.17 -23.82
C LYS D 1078 -21.76 -54.25 -25.15
N THR D 1079 -21.38 -55.44 -25.58
CA THR D 1079 -20.59 -55.63 -26.79
C THR D 1079 -21.42 -55.90 -28.02
N GLN D 1080 -22.70 -56.23 -27.87
CA GLN D 1080 -23.63 -56.47 -28.98
C GLN D 1080 -23.21 -57.67 -29.83
N THR D 1081 -22.33 -58.58 -29.30
CA THR D 1081 -21.95 -59.79 -30.02
C THR D 1081 -22.77 -60.98 -29.55
N PRO D 1082 -22.99 -61.99 -30.41
CA PRO D 1082 -23.77 -63.16 -29.97
C PRO D 1082 -23.10 -63.86 -28.79
N ILE D 1083 -23.93 -64.47 -27.94
CA ILE D 1083 -23.44 -65.27 -26.83
C ILE D 1083 -24.30 -66.53 -26.74
N ASP D 1084 -23.66 -67.66 -26.48
CA ASP D 1084 -24.38 -68.92 -26.37
C ASP D 1084 -24.99 -69.06 -24.99
N GLU D 1085 -26.15 -69.72 -24.94
CA GLU D 1085 -26.88 -69.86 -23.69
C GLU D 1085 -26.06 -70.61 -22.65
N LYS D 1086 -25.39 -71.69 -23.07
CA LYS D 1086 -24.52 -72.40 -22.15
C LYS D 1086 -23.39 -71.52 -21.63
N ASP D 1087 -22.88 -70.63 -22.48
CA ASP D 1087 -21.80 -69.74 -22.09
C ASP D 1087 -22.28 -68.56 -21.23
N ILE D 1088 -23.59 -68.32 -21.18
CA ILE D 1088 -24.09 -67.23 -20.33
C ILE D 1088 -23.75 -67.47 -18.87
N LYS D 1089 -23.86 -68.70 -18.38
CA LYS D 1089 -23.56 -69.01 -16.99
C LYS D 1089 -22.06 -69.00 -16.68
N SER D 1090 -21.21 -68.89 -17.69
CA SER D 1090 -19.77 -68.80 -17.49
C SER D 1090 -19.26 -67.37 -17.63
N LYS D 1091 -19.73 -66.63 -18.63
CA LYS D 1091 -19.25 -65.28 -18.84
C LYS D 1091 -19.73 -64.31 -17.77
N TYR D 1092 -20.92 -64.52 -17.21
CA TYR D 1092 -21.58 -63.53 -16.38
C TYR D 1092 -21.90 -63.98 -14.96
N GLU D 1093 -21.64 -65.23 -14.58
CA GLU D 1093 -22.01 -65.68 -13.24
C GLU D 1093 -21.23 -64.91 -12.17
N GLU D 1094 -19.94 -64.68 -12.41
CA GLU D 1094 -19.13 -63.95 -11.44
C GLU D 1094 -19.67 -62.54 -11.23
N GLU D 1095 -19.97 -61.84 -12.32
CA GLU D 1095 -20.46 -60.47 -12.20
C GLU D 1095 -21.86 -60.43 -11.60
N ILE D 1096 -22.70 -61.42 -11.93
CA ILE D 1096 -24.03 -61.48 -11.35
C ILE D 1096 -23.92 -61.63 -9.84
N LEU D 1097 -23.11 -62.56 -9.38
CA LEU D 1097 -22.97 -62.79 -7.94
C LEU D 1097 -22.34 -61.58 -7.26
N GLU D 1098 -21.38 -60.93 -7.92
CA GLU D 1098 -20.72 -59.77 -7.32
C GLU D 1098 -21.70 -58.61 -7.18
N HIS D 1099 -22.49 -58.35 -8.23
CA HIS D 1099 -23.39 -57.19 -8.29
C HIS D 1099 -24.83 -57.58 -8.02
N SER D 1100 -25.06 -58.62 -7.23
CA SER D 1100 -26.40 -58.90 -6.74
C SER D 1100 -26.29 -59.43 -5.32
N GLY D 1101 -27.39 -59.27 -4.57
CA GLY D 1101 -27.44 -59.72 -3.19
C GLY D 1101 -27.07 -58.63 -2.20
N ILE D 1102 -26.73 -59.06 -0.99
CA ILE D 1102 -26.18 -58.15 0.01
C ILE D 1102 -24.75 -57.83 -0.37
N ARG D 1103 -24.43 -56.55 -0.48
CA ARG D 1103 -23.15 -56.11 -1.00
C ARG D 1103 -22.95 -54.66 -0.62
N LEU D 1104 -21.78 -54.12 -0.94
CA LEU D 1104 -21.52 -52.72 -0.67
C LEU D 1104 -22.51 -51.85 -1.42
N ILE D 1105 -22.98 -50.78 -0.77
CA ILE D 1105 -23.93 -49.88 -1.40
C ILE D 1105 -23.30 -49.27 -2.64
N GLU D 1106 -24.05 -49.26 -3.74
CA GLU D 1106 -23.56 -48.76 -5.01
C GLU D 1106 -24.16 -47.39 -5.26
N PRO D 1107 -23.38 -46.31 -5.29
CA PRO D 1107 -23.99 -44.97 -5.46
C PRO D 1107 -24.75 -44.81 -6.76
N GLU D 1108 -24.38 -45.56 -7.80
CA GLU D 1108 -25.05 -45.41 -9.08
C GLU D 1108 -26.50 -45.87 -9.00
N LEU D 1109 -26.82 -46.72 -8.01
CA LEU D 1109 -28.19 -47.16 -7.79
C LEU D 1109 -28.96 -46.24 -6.85
N PHE D 1110 -28.30 -45.28 -6.20
CA PHE D 1110 -28.92 -44.42 -5.20
C PHE D 1110 -28.52 -42.97 -5.41
N ASN D 1111 -28.28 -42.60 -6.67
CA ASN D 1111 -28.12 -41.20 -7.05
C ASN D 1111 -26.88 -40.59 -6.42
N GLY D 1112 -25.75 -41.28 -6.58
CA GLY D 1112 -24.50 -40.78 -6.05
C GLY D 1112 -24.37 -40.84 -4.55
N TYR D 1113 -25.27 -41.55 -3.87
CA TYR D 1113 -25.13 -41.71 -2.43
C TYR D 1113 -23.93 -42.58 -2.12
N ASP D 1114 -22.86 -41.96 -1.66
CA ASP D 1114 -21.67 -42.68 -1.22
C ASP D 1114 -21.67 -42.68 0.30
N PRO D 1115 -21.98 -43.80 0.97
CA PRO D 1115 -22.02 -43.75 2.43
C PRO D 1115 -20.70 -43.35 3.07
N LYS D 1116 -19.58 -43.63 2.42
CA LYS D 1116 -18.31 -43.15 2.94
C LYS D 1116 -18.17 -41.63 2.82
N LYS D 1117 -19.05 -40.97 2.07
CA LYS D 1117 -19.04 -39.53 1.86
C LYS D 1117 -20.44 -38.95 2.02
N LYS D 1118 -21.13 -39.32 3.11
CA LYS D 1118 -22.48 -38.82 3.34
C LYS D 1118 -22.46 -37.30 3.50
N GLN D 1119 -23.15 -36.62 2.59
CA GLN D 1119 -23.13 -35.17 2.55
C GLN D 1119 -24.06 -34.58 3.60
N MET D 1120 -23.55 -33.61 4.37
CA MET D 1120 -24.32 -32.82 5.31
C MET D 1120 -23.95 -31.36 5.11
N ILE D 1121 -24.76 -30.46 5.67
CA ILE D 1121 -24.47 -29.03 5.63
C ILE D 1121 -24.44 -28.51 7.06
N GLN D 1122 -23.43 -27.71 7.37
CA GLN D 1122 -23.20 -27.17 8.70
C GLN D 1122 -23.48 -25.68 8.69
N GLU D 1123 -24.23 -25.21 9.69
CA GLU D 1123 -24.52 -23.79 9.83
C GLU D 1123 -23.32 -23.06 10.40
N ILE D 1124 -22.93 -21.97 9.75
CA ILE D 1124 -21.85 -21.10 10.22
C ILE D 1124 -22.34 -19.66 10.15
N VAL D 1125 -21.96 -18.85 11.13
CA VAL D 1125 -22.15 -17.41 11.09
C VAL D 1125 -20.88 -16.81 10.52
N VAL D 1126 -21.02 -15.91 9.53
CA VAL D 1126 -19.85 -15.40 8.83
C VAL D 1126 -19.23 -14.27 9.66
N GLN D 1127 -17.90 -14.26 9.72
CA GLN D 1127 -17.14 -13.19 10.36
C GLN D 1127 -16.48 -12.28 9.33
N HIS D 1128 -17.02 -12.20 8.12
CA HIS D 1128 -16.45 -11.39 7.05
C HIS D 1128 -17.46 -11.32 5.92
N ASP D 1129 -17.47 -10.19 5.22
CA ASP D 1129 -18.40 -10.03 4.11
C ASP D 1129 -17.87 -10.73 2.87
N LEU D 1130 -18.66 -11.64 2.32
CA LEU D 1130 -18.31 -12.32 1.09
C LEU D 1130 -18.33 -11.33 -0.08
N GLU D 1131 -17.49 -11.60 -1.06
CA GLU D 1131 -17.48 -10.77 -2.26
C GLU D 1131 -18.82 -10.92 -3.00
N PRO D 1132 -19.29 -9.86 -3.66
CA PRO D 1132 -20.61 -9.96 -4.32
C PRO D 1132 -20.61 -11.03 -5.41
N PHE D 1133 -21.76 -11.67 -5.56
CA PHE D 1133 -22.00 -12.62 -6.64
C PHE D 1133 -23.26 -12.23 -7.39
N GLU D 1134 -23.32 -12.60 -8.66
CA GLU D 1134 -24.39 -12.16 -9.55
C GLU D 1134 -25.51 -13.19 -9.58
N CYS D 1135 -26.74 -12.71 -9.72
CA CYS D 1135 -27.91 -13.58 -9.84
C CYS D 1135 -29.08 -12.73 -10.32
N SER D 1136 -30.22 -13.39 -10.51
CA SER D 1136 -31.41 -12.74 -11.03
C SER D 1136 -32.06 -11.87 -9.96
N LYS D 1137 -33.00 -11.03 -10.41
CA LYS D 1137 -33.72 -10.16 -9.49
C LYS D 1137 -34.51 -10.97 -8.47
N GLU D 1138 -35.14 -12.06 -8.92
CA GLU D 1138 -35.94 -12.87 -8.00
C GLU D 1138 -35.07 -13.47 -6.90
N THR D 1139 -33.94 -14.09 -7.28
CA THR D 1139 -33.08 -14.70 -6.28
C THR D 1139 -32.46 -13.66 -5.36
N ALA D 1140 -32.08 -12.50 -5.90
CA ALA D 1140 -31.56 -11.44 -5.05
C ALA D 1140 -32.62 -10.97 -4.05
N GLU D 1141 -33.86 -10.80 -4.52
CA GLU D 1141 -34.93 -10.39 -3.62
C GLU D 1141 -35.16 -11.44 -2.53
N GLN D 1142 -35.08 -12.73 -2.89
CA GLN D 1142 -35.24 -13.78 -1.90
C GLN D 1142 -34.11 -13.73 -0.88
N TYR D 1143 -32.88 -13.50 -1.35
CA TYR D 1143 -31.74 -13.38 -0.44
C TYR D 1143 -31.94 -12.23 0.54
N LYS D 1144 -32.37 -11.08 0.02
CA LYS D 1144 -32.58 -9.92 0.88
C LYS D 1144 -33.72 -10.18 1.86
N HIS D 1145 -34.77 -10.85 1.41
CA HIS D 1145 -35.87 -11.17 2.31
C HIS D 1145 -35.39 -12.06 3.45
N GLU D 1146 -34.57 -13.06 3.14
CA GLU D 1146 -34.07 -13.94 4.20
C GLU D 1146 -33.14 -13.21 5.16
N HIS D 1147 -32.12 -12.53 4.63
CA HIS D 1147 -31.04 -12.01 5.45
C HIS D 1147 -31.32 -10.59 5.93
N GLY D 1148 -31.58 -9.67 5.01
CA GLY D 1148 -31.95 -8.31 5.36
C GLY D 1148 -30.77 -7.40 5.55
N GLU D 1149 -30.57 -6.93 6.78
CA GLU D 1149 -29.41 -6.09 7.08
C GLU D 1149 -28.10 -6.83 6.85
N LYS D 1150 -28.14 -8.17 6.83
CA LYS D 1150 -26.96 -9.00 6.59
C LYS D 1150 -26.80 -9.36 5.11
N CYS D 1151 -27.62 -8.81 4.22
CA CYS D 1151 -27.45 -8.97 2.80
C CYS D 1151 -27.55 -7.61 2.14
N GLU D 1152 -27.03 -7.51 0.92
CA GLU D 1152 -27.07 -6.27 0.16
C GLU D 1152 -27.25 -6.60 -1.31
N ILE D 1153 -28.34 -6.12 -1.89
CA ILE D 1153 -28.75 -6.46 -3.25
C ILE D 1153 -28.69 -5.20 -4.09
N PHE D 1154 -28.11 -5.28 -5.28
CA PHE D 1154 -28.08 -4.11 -6.14
C PHE D 1154 -28.16 -4.49 -7.60
N GLU D 1155 -28.92 -3.71 -8.37
CA GLU D 1155 -29.15 -3.98 -9.78
C GLU D 1155 -27.95 -3.52 -10.60
N ILE D 1156 -27.53 -4.36 -11.54
CA ILE D 1156 -26.58 -3.95 -12.58
C ILE D 1156 -27.43 -3.36 -13.69
N GLU D 1157 -27.49 -2.04 -13.74
CA GLU D 1157 -28.31 -1.36 -14.75
C GLU D 1157 -27.87 -1.68 -16.17
N GLU D 1158 -26.62 -2.08 -16.36
CA GLU D 1158 -26.15 -2.43 -17.70
C GLU D 1158 -26.90 -3.64 -18.25
N SER D 1159 -27.10 -4.66 -17.41
CA SER D 1159 -27.75 -5.90 -17.83
C SER D 1159 -29.17 -6.03 -17.29
N GLY D 1160 -29.34 -5.93 -15.99
CA GLY D 1160 -30.63 -6.15 -15.35
C GLY D 1160 -30.55 -7.15 -14.21
N GLU D 1161 -29.50 -7.97 -14.21
CA GLU D 1161 -29.26 -8.90 -13.12
C GLU D 1161 -28.94 -8.13 -11.85
N TYR D 1162 -28.76 -8.88 -10.76
CA TYR D 1162 -28.48 -8.31 -9.45
C TYR D 1162 -27.21 -8.91 -8.87
N THR D 1163 -26.51 -8.10 -8.09
CA THR D 1163 -25.36 -8.55 -7.30
C THR D 1163 -25.82 -8.67 -5.85
N VAL D 1164 -25.45 -9.77 -5.21
CA VAL D 1164 -25.79 -10.06 -3.82
C VAL D 1164 -24.50 -10.14 -3.03
N ARG D 1165 -24.38 -9.33 -2.00
CA ARG D 1165 -23.25 -9.37 -1.07
C ARG D 1165 -23.77 -9.85 0.28
N ILE D 1166 -23.20 -10.95 0.76
CA ILE D 1166 -23.51 -11.48 2.08
C ILE D 1166 -22.54 -10.85 3.07
N LEU D 1167 -23.08 -10.32 4.17
CA LEU D 1167 -22.31 -9.49 5.08
C LEU D 1167 -21.92 -10.27 6.34
N LYS D 1168 -21.08 -9.64 7.15
CA LYS D 1168 -20.69 -10.22 8.42
C LYS D 1168 -21.92 -10.46 9.30
N GLY D 1169 -21.92 -11.59 9.98
CA GLY D 1169 -23.03 -11.98 10.83
C GLY D 1169 -24.13 -12.74 10.12
N ALA D 1170 -24.03 -12.90 8.80
CA ALA D 1170 -24.99 -13.71 8.06
C ALA D 1170 -24.79 -15.18 8.37
N THR D 1171 -25.75 -16.00 7.95
CA THR D 1171 -25.74 -17.42 8.16
C THR D 1171 -25.50 -18.11 6.82
N LEU D 1172 -24.46 -18.95 6.76
CA LEU D 1172 -24.21 -19.80 5.61
C LEU D 1172 -24.35 -21.26 6.01
N TYR D 1173 -24.49 -22.11 4.98
CA TYR D 1173 -24.50 -23.56 5.13
C TYR D 1173 -23.38 -24.07 4.26
N VAL D 1174 -22.26 -24.45 4.88
CA VAL D 1174 -21.13 -25.00 4.14
C VAL D 1174 -21.24 -26.52 4.19
N PRO D 1175 -21.22 -27.22 3.05
CA PRO D 1175 -21.37 -28.68 3.10
C PRO D 1175 -20.21 -29.33 3.83
N LYS D 1176 -20.50 -30.47 4.46
CA LYS D 1176 -19.49 -31.33 5.07
C LYS D 1176 -19.87 -32.77 4.78
N ALA D 1177 -18.88 -33.65 4.86
CA ALA D 1177 -19.07 -35.07 4.58
C ALA D 1177 -18.74 -35.89 5.82
N LEU D 1178 -19.55 -36.90 6.06
CA LEU D 1178 -19.43 -37.76 7.22
C LEU D 1178 -19.20 -39.19 6.76
N ARG D 1179 -18.12 -39.79 7.25
CA ARG D 1179 -17.80 -41.18 6.94
C ARG D 1179 -18.82 -42.06 7.65
N PHE D 1180 -19.85 -42.48 6.94
CA PHE D 1180 -20.91 -43.27 7.53
C PHE D 1180 -20.52 -44.75 7.54
N ASP D 1181 -20.89 -45.44 8.60
CA ASP D 1181 -20.40 -46.78 8.90
C ASP D 1181 -21.34 -47.89 8.46
N ARG D 1182 -22.39 -47.58 7.69
CA ARG D 1182 -23.30 -48.59 7.14
C ARG D 1182 -23.13 -48.60 5.63
N LEU D 1183 -22.16 -49.39 5.15
CA LEU D 1183 -21.79 -49.42 3.74
C LEU D 1183 -22.47 -50.54 2.95
N VAL D 1184 -23.22 -51.42 3.61
CA VAL D 1184 -23.73 -52.64 3.01
C VAL D 1184 -25.25 -52.62 3.08
N ALA D 1185 -25.90 -52.86 1.95
CA ALA D 1185 -27.34 -52.97 1.88
C ALA D 1185 -27.69 -54.07 0.88
N GLY D 1186 -28.83 -54.71 1.11
CA GLY D 1186 -29.32 -55.71 0.19
C GLY D 1186 -30.08 -55.06 -0.95
N GLN D 1187 -29.40 -54.89 -2.08
CA GLN D 1187 -29.87 -54.03 -3.16
C GLN D 1187 -30.28 -54.87 -4.35
N ILE D 1188 -31.29 -54.40 -5.07
CA ILE D 1188 -31.75 -55.03 -6.31
C ILE D 1188 -30.55 -55.10 -7.24
N PRO D 1189 -30.39 -56.15 -8.05
CA PRO D 1189 -29.15 -56.32 -8.80
C PRO D 1189 -28.84 -55.12 -9.68
N THR D 1190 -27.55 -54.78 -9.75
CA THR D 1190 -27.12 -53.65 -10.56
C THR D 1190 -27.50 -53.88 -12.00
N GLY D 1191 -27.97 -52.82 -12.66
CA GLY D 1191 -28.46 -52.92 -14.01
C GLY D 1191 -29.92 -53.29 -14.12
N TRP D 1192 -30.59 -53.58 -13.00
CA TRP D 1192 -32.04 -53.77 -13.03
C TRP D 1192 -32.69 -52.50 -13.54
N ASP D 1193 -33.52 -52.65 -14.57
CA ASP D 1193 -34.19 -51.52 -15.20
C ASP D 1193 -35.65 -51.85 -15.37
N ALA D 1194 -36.51 -50.87 -15.10
CA ALA D 1194 -37.92 -51.01 -15.42
C ALA D 1194 -38.15 -51.07 -16.93
N ARG D 1195 -37.21 -50.53 -17.72
CA ARG D 1195 -37.35 -50.55 -19.17
C ARG D 1195 -37.37 -51.98 -19.70
N THR D 1196 -36.58 -52.88 -19.11
CA THR D 1196 -36.53 -54.24 -19.62
C THR D 1196 -37.83 -54.99 -19.37
N TYR D 1197 -38.67 -54.49 -18.46
CA TYR D 1197 -39.98 -55.07 -18.21
C TYR D 1197 -41.09 -54.37 -18.98
N GLY D 1198 -40.76 -53.42 -19.84
CA GLY D 1198 -41.76 -52.76 -20.67
C GLY D 1198 -42.45 -51.58 -20.04
N ILE D 1199 -41.95 -51.08 -18.92
CA ILE D 1199 -42.58 -49.90 -18.29
C ILE D 1199 -42.13 -48.65 -19.05
N PRO D 1200 -43.03 -47.79 -19.52
CA PRO D 1200 -42.61 -46.71 -20.42
C PRO D 1200 -41.82 -45.62 -19.70
N GLU D 1201 -41.07 -44.88 -20.51
CA GLU D 1201 -40.15 -43.86 -20.00
C GLU D 1201 -40.89 -42.78 -19.23
N ASP D 1202 -42.09 -42.40 -19.70
CA ASP D 1202 -42.84 -41.36 -19.00
C ASP D 1202 -43.26 -41.82 -17.61
N THR D 1203 -43.71 -43.06 -17.49
CA THR D 1203 -44.03 -43.61 -16.17
C THR D 1203 -42.78 -43.68 -15.30
N ILE D 1204 -41.64 -44.04 -15.89
CA ILE D 1204 -40.40 -44.13 -15.12
C ILE D 1204 -40.03 -42.75 -14.58
N SER D 1205 -40.19 -41.71 -15.40
CA SER D 1205 -39.86 -40.36 -14.96
C SER D 1205 -40.88 -39.78 -14.00
N GLN D 1206 -42.13 -40.24 -14.04
CA GLN D 1206 -43.19 -39.74 -13.16
C GLN D 1206 -43.18 -40.41 -11.79
N VAL D 1207 -43.07 -41.73 -11.73
CA VAL D 1207 -43.34 -42.47 -10.51
C VAL D 1207 -42.05 -42.70 -9.74
N ASP D 1208 -42.21 -43.13 -8.50
CA ASP D 1208 -41.08 -43.39 -7.62
C ASP D 1208 -40.45 -44.74 -7.95
N PRO D 1209 -39.15 -44.93 -7.63
CA PRO D 1209 -38.54 -46.26 -7.87
C PRO D 1209 -39.24 -47.38 -7.14
N ILE D 1210 -39.75 -47.13 -5.93
CA ILE D 1210 -40.55 -48.14 -5.25
C ILE D 1210 -41.78 -48.47 -6.08
N THR D 1211 -42.40 -47.47 -6.70
CA THR D 1211 -43.56 -47.74 -7.54
C THR D 1211 -43.18 -48.57 -8.75
N LEU D 1212 -41.98 -48.36 -9.31
CA LEU D 1212 -41.51 -49.22 -10.38
C LEU D 1212 -41.38 -50.66 -9.91
N TYR D 1213 -40.80 -50.85 -8.73
CA TYR D 1213 -40.69 -52.20 -8.18
C TYR D 1213 -42.07 -52.83 -7.99
N VAL D 1214 -43.03 -52.03 -7.52
CA VAL D 1214 -44.39 -52.54 -7.30
C VAL D 1214 -45.03 -52.94 -8.62
N LEU D 1215 -44.87 -52.11 -9.66
CA LEU D 1215 -45.48 -52.44 -10.95
C LEU D 1215 -44.90 -53.73 -11.51
N VAL D 1216 -43.58 -53.88 -11.45
CA VAL D 1216 -42.95 -55.09 -11.95
C VAL D 1216 -43.41 -56.31 -11.14
N ALA D 1217 -43.42 -56.18 -9.82
CA ALA D 1217 -43.86 -57.30 -8.98
C ALA D 1217 -45.33 -57.64 -9.22
N THR D 1218 -46.14 -56.63 -9.52
CA THR D 1218 -47.57 -56.87 -9.75
C THR D 1218 -47.80 -57.62 -11.06
N VAL D 1219 -47.16 -57.17 -12.14
CA VAL D 1219 -47.34 -57.89 -13.41
C VAL D 1219 -46.76 -59.28 -13.29
N GLU D 1220 -45.63 -59.44 -12.59
CA GLU D 1220 -45.04 -60.77 -12.46
C GLU D 1220 -45.91 -61.67 -11.59
N ALA D 1221 -46.61 -61.09 -10.60
CA ALA D 1221 -47.51 -61.88 -9.78
C ALA D 1221 -48.74 -62.32 -10.57
N LEU D 1222 -49.27 -61.43 -11.39
CA LEU D 1222 -50.39 -61.82 -12.25
C LEU D 1222 -49.96 -62.88 -13.25
N LEU D 1223 -48.74 -62.77 -13.77
CA LEU D 1223 -48.23 -63.79 -14.70
C LEU D 1223 -47.98 -65.11 -13.99
N SER D 1224 -47.56 -65.06 -12.72
CA SER D 1224 -47.49 -66.27 -11.92
C SER D 1224 -48.87 -66.88 -11.75
N ALA D 1225 -49.90 -66.05 -11.60
CA ALA D 1225 -51.28 -66.51 -11.55
C ALA D 1225 -51.84 -66.82 -12.94
N GLY D 1226 -51.02 -66.69 -13.98
CA GLY D 1226 -51.46 -67.05 -15.32
C GLY D 1226 -52.32 -66.03 -15.99
N ILE D 1227 -52.50 -64.86 -15.39
CA ILE D 1227 -53.33 -63.79 -15.93
C ILE D 1227 -52.42 -62.90 -16.76
N THR D 1228 -52.41 -63.12 -18.07
CA THR D 1228 -51.64 -62.27 -18.98
C THR D 1228 -52.28 -60.91 -19.17
N ASP D 1229 -53.61 -60.84 -19.19
CA ASP D 1229 -54.34 -59.59 -19.33
C ASP D 1229 -55.05 -59.32 -18.01
N PRO D 1230 -54.73 -58.22 -17.30
CA PRO D 1230 -55.43 -57.97 -16.03
C PRO D 1230 -56.94 -57.85 -16.16
N TYR D 1231 -57.44 -57.49 -17.34
CA TYR D 1231 -58.88 -57.37 -17.53
C TYR D 1231 -59.58 -58.73 -17.60
N GLU D 1232 -58.84 -59.84 -17.55
CA GLU D 1232 -59.46 -61.16 -17.57
C GLU D 1232 -60.24 -61.43 -16.30
N PHE D 1233 -59.99 -60.69 -15.22
CA PHE D 1233 -60.79 -60.84 -14.02
C PHE D 1233 -62.24 -60.46 -14.29
N TYR D 1234 -62.46 -59.49 -15.17
CA TYR D 1234 -63.79 -58.92 -15.36
C TYR D 1234 -64.69 -59.83 -16.20
N LYS D 1235 -64.17 -60.94 -16.72
CA LYS D 1235 -65.04 -61.96 -17.31
C LYS D 1235 -65.77 -62.75 -16.25
N TYR D 1236 -65.24 -62.77 -15.01
CA TYR D 1236 -65.74 -63.63 -13.95
C TYR D 1236 -66.25 -62.86 -12.74
N VAL D 1237 -65.69 -61.69 -12.43
CA VAL D 1237 -66.08 -60.92 -11.27
C VAL D 1237 -66.30 -59.48 -11.69
N HIS D 1238 -67.14 -58.78 -10.93
CA HIS D 1238 -67.42 -57.39 -11.21
C HIS D 1238 -66.17 -56.54 -10.99
N VAL D 1239 -66.14 -55.38 -11.64
CA VAL D 1239 -65.00 -54.46 -11.47
C VAL D 1239 -64.87 -54.04 -10.01
N SER D 1240 -65.96 -54.10 -9.25
CA SER D 1240 -65.95 -53.79 -7.83
C SER D 1240 -65.43 -54.94 -6.97
N GLU D 1241 -64.98 -56.04 -7.56
CA GLU D 1241 -64.56 -57.22 -6.83
C GLU D 1241 -63.06 -57.50 -6.96
N VAL D 1242 -62.31 -56.62 -7.62
CA VAL D 1242 -60.86 -56.73 -7.75
C VAL D 1242 -60.25 -55.55 -7.00
N GLY D 1243 -59.54 -55.85 -5.91
CA GLY D 1243 -58.97 -54.84 -5.05
C GLY D 1243 -57.46 -54.96 -4.92
N ASN D 1244 -56.89 -54.03 -4.18
CA ASN D 1244 -55.45 -53.95 -3.97
C ASN D 1244 -55.20 -53.54 -2.53
N CYS D 1245 -54.91 -54.50 -1.66
CA CYS D 1245 -54.72 -54.26 -0.24
C CYS D 1245 -53.25 -54.23 0.15
N SER D 1246 -52.35 -54.01 -0.80
CA SER D 1246 -50.93 -53.97 -0.54
C SER D 1246 -50.51 -52.64 0.09
N GLY D 1247 -49.28 -52.59 0.58
CA GLY D 1247 -48.84 -51.41 1.30
C GLY D 1247 -47.32 -51.29 1.38
N SER D 1248 -46.89 -50.34 2.21
CA SER D 1248 -45.48 -50.05 2.41
C SER D 1248 -45.25 -49.68 3.86
N GLY D 1249 -44.00 -49.83 4.30
CA GLY D 1249 -43.64 -49.36 5.63
C GLY D 1249 -43.40 -47.86 5.66
N MET D 1250 -42.83 -47.32 4.59
CA MET D 1250 -42.47 -45.90 4.53
C MET D 1250 -42.96 -45.26 3.24
N GLY D 1251 -43.07 -46.05 2.17
CA GLY D 1251 -43.58 -45.56 0.90
C GLY D 1251 -42.51 -44.99 -0.02
N GLY D 1252 -42.82 -43.88 -0.66
CA GLY D 1252 -41.89 -43.25 -1.57
C GLY D 1252 -40.87 -42.41 -0.84
N VAL D 1253 -39.88 -43.07 -0.23
CA VAL D 1253 -38.87 -42.35 0.53
C VAL D 1253 -38.05 -41.44 -0.37
N SER D 1254 -37.89 -41.82 -1.64
CA SER D 1254 -37.19 -40.94 -2.58
C SER D 1254 -37.99 -39.68 -2.83
N ALA D 1255 -39.31 -39.80 -2.94
CA ALA D 1255 -40.16 -38.62 -3.10
C ALA D 1255 -40.16 -37.76 -1.84
N LEU D 1256 -40.13 -38.40 -0.67
CA LEU D 1256 -40.02 -37.64 0.57
C LEU D 1256 -38.68 -36.91 0.63
N ARG D 1257 -37.61 -37.56 0.17
CA ARG D 1257 -36.32 -36.89 0.08
C ARG D 1257 -36.41 -35.68 -0.83
N GLY D 1258 -37.04 -35.84 -1.99
CA GLY D 1258 -37.28 -34.71 -2.86
C GLY D 1258 -37.95 -33.56 -2.12
N MET D 1259 -39.17 -33.81 -1.62
CA MET D 1259 -39.96 -32.79 -0.93
C MET D 1259 -39.18 -32.10 0.19
N PHE D 1260 -38.50 -32.87 1.04
CA PHE D 1260 -37.94 -32.36 2.28
C PHE D 1260 -36.53 -31.82 2.15
N LYS D 1261 -35.76 -32.28 1.16
CA LYS D 1261 -34.36 -31.91 1.01
C LYS D 1261 -34.11 -31.16 -0.29
N ASP D 1262 -34.55 -31.71 -1.42
CA ASP D 1262 -34.22 -31.11 -2.70
C ASP D 1262 -34.99 -29.82 -2.91
N ARG D 1263 -36.20 -29.74 -2.40
CA ARG D 1263 -36.97 -28.50 -2.50
C ARG D 1263 -36.41 -27.43 -1.57
N TYR D 1264 -35.99 -27.83 -0.37
CA TYR D 1264 -35.27 -26.91 0.51
C TYR D 1264 -34.00 -26.40 -0.15
N ALA D 1265 -33.31 -27.25 -0.91
CA ALA D 1265 -32.12 -26.87 -1.63
C ALA D 1265 -32.41 -26.20 -2.96
N ASP D 1266 -33.69 -26.09 -3.35
CA ASP D 1266 -34.11 -25.42 -4.58
C ASP D 1266 -33.70 -26.19 -5.83
N LYS D 1267 -33.53 -27.50 -5.71
CA LYS D 1267 -33.21 -28.32 -6.86
C LYS D 1267 -34.47 -28.56 -7.70
N PRO D 1268 -34.31 -28.93 -8.98
CA PRO D 1268 -35.51 -29.14 -9.80
C PRO D 1268 -36.24 -30.41 -9.44
N VAL D 1269 -37.41 -30.26 -8.83
CA VAL D 1269 -38.21 -31.39 -8.35
C VAL D 1269 -39.60 -31.28 -8.99
N GLN D 1270 -40.15 -32.43 -9.39
CA GLN D 1270 -41.47 -32.44 -9.99
C GLN D 1270 -42.50 -31.91 -9.00
N ASN D 1271 -43.50 -31.20 -9.54
CA ASN D 1271 -44.49 -30.54 -8.70
C ASN D 1271 -45.43 -31.52 -8.01
N ASP D 1272 -45.49 -32.77 -8.45
CA ASP D 1272 -46.36 -33.78 -7.86
C ASP D 1272 -45.54 -34.81 -7.06
N ILE D 1273 -44.50 -34.34 -6.37
CA ILE D 1273 -43.64 -35.25 -5.62
C ILE D 1273 -44.37 -35.84 -4.42
N LEU D 1274 -45.23 -35.06 -3.77
CA LEU D 1274 -45.96 -35.56 -2.60
C LEU D 1274 -46.86 -36.72 -2.98
N GLN D 1275 -47.48 -36.63 -4.16
CA GLN D 1275 -48.27 -37.75 -4.70
C GLN D 1275 -47.44 -39.02 -4.73
N GLU D 1276 -46.25 -38.97 -5.31
CA GLU D 1276 -45.39 -40.15 -5.35
C GLU D 1276 -44.93 -40.56 -3.96
N SER D 1277 -44.93 -39.62 -3.00
CA SER D 1277 -44.53 -39.92 -1.65
C SER D 1277 -45.58 -40.72 -0.87
N PHE D 1278 -46.86 -40.52 -1.16
CA PHE D 1278 -47.90 -41.25 -0.43
C PHE D 1278 -47.71 -42.76 -0.57
N ILE D 1279 -47.99 -43.49 0.51
CA ILE D 1279 -47.81 -44.94 0.50
C ILE D 1279 -48.84 -45.64 -0.38
N ASN D 1280 -50.05 -45.09 -0.46
CA ASN D 1280 -51.08 -45.69 -1.32
C ASN D 1280 -50.92 -45.31 -2.78
N THR D 1281 -49.92 -44.49 -3.11
CA THR D 1281 -49.74 -44.09 -4.50
C THR D 1281 -49.23 -45.24 -5.36
N MET D 1282 -48.49 -46.18 -4.76
CA MET D 1282 -48.07 -47.35 -5.52
C MET D 1282 -49.28 -48.18 -5.95
N SER D 1283 -50.21 -48.41 -5.02
CA SER D 1283 -51.46 -49.08 -5.37
C SER D 1283 -52.24 -48.28 -6.39
N ALA D 1284 -52.23 -46.96 -6.25
CA ALA D 1284 -52.92 -46.10 -7.22
C ALA D 1284 -52.36 -46.28 -8.62
N TRP D 1285 -51.03 -46.33 -8.75
CA TRP D 1285 -50.41 -46.53 -10.05
C TRP D 1285 -50.68 -47.93 -10.57
N VAL D 1286 -50.72 -48.93 -9.70
CA VAL D 1286 -51.07 -50.27 -10.14
C VAL D 1286 -52.48 -50.29 -10.74
N ASN D 1287 -53.43 -49.66 -10.06
CA ASN D 1287 -54.80 -49.63 -10.59
C ASN D 1287 -54.89 -48.79 -11.85
N MET D 1288 -54.11 -47.71 -11.92
CA MET D 1288 -54.21 -46.79 -13.04
C MET D 1288 -53.54 -47.35 -14.29
N LEU D 1289 -52.58 -48.26 -14.12
CA LEU D 1289 -51.86 -48.80 -15.27
C LEU D 1289 -52.25 -50.22 -15.64
N LEU D 1290 -52.70 -51.04 -14.69
CA LEU D 1290 -53.00 -52.45 -14.96
C LEU D 1290 -54.47 -52.80 -14.75
N LEU D 1291 -55.00 -52.60 -13.55
CA LEU D 1291 -56.25 -53.25 -13.18
C LEU D 1291 -57.47 -52.45 -13.63
N SER D 1292 -57.51 -51.16 -13.30
CA SER D 1292 -58.69 -50.34 -13.54
C SER D 1292 -59.93 -50.89 -12.84
N SER D 1293 -59.74 -51.48 -11.68
CA SER D 1293 -60.84 -52.03 -10.90
C SER D 1293 -61.42 -50.97 -9.99
N SER D 1294 -62.66 -51.19 -9.58
CA SER D 1294 -63.32 -50.37 -8.57
C SER D 1294 -63.49 -51.13 -7.27
N GLY D 1295 -62.66 -52.15 -7.03
CA GLY D 1295 -62.73 -52.92 -5.82
C GLY D 1295 -62.05 -52.23 -4.67
N PRO D 1296 -62.09 -52.88 -3.51
CA PRO D 1296 -61.52 -52.27 -2.30
C PRO D 1296 -60.04 -51.97 -2.46
N ILE D 1297 -59.62 -50.85 -1.90
CA ILE D 1297 -58.21 -50.51 -1.79
C ILE D 1297 -57.94 -50.12 -0.34
N LYS D 1298 -57.05 -50.87 0.31
CA LYS D 1298 -56.76 -50.69 1.73
C LYS D 1298 -55.27 -50.83 1.92
N THR D 1299 -54.58 -49.72 2.14
CA THR D 1299 -53.13 -49.70 2.17
C THR D 1299 -52.62 -49.80 3.62
N PRO D 1300 -52.12 -50.95 4.06
CA PRO D 1300 -51.57 -51.03 5.41
C PRO D 1300 -50.21 -50.37 5.53
N VAL D 1301 -49.84 -50.10 6.78
CA VAL D 1301 -48.47 -49.70 7.12
C VAL D 1301 -48.07 -50.46 8.38
N GLY D 1302 -47.30 -51.52 8.22
CA GLY D 1302 -46.79 -52.28 9.34
C GLY D 1302 -45.35 -51.97 9.68
N ALA D 1303 -44.67 -51.22 8.81
CA ALA D 1303 -43.28 -50.79 8.96
C ALA D 1303 -42.29 -51.94 8.83
N CYS D 1304 -42.76 -53.17 8.65
CA CYS D 1304 -41.92 -54.37 8.72
C CYS D 1304 -42.81 -55.60 8.56
N ALA D 1305 -43.91 -55.64 9.32
CA ALA D 1305 -44.97 -56.63 9.14
C ALA D 1305 -46.01 -56.17 8.13
N THR D 1306 -45.63 -55.26 7.22
CA THR D 1306 -46.60 -54.67 6.30
C THR D 1306 -47.24 -55.72 5.41
N ALA D 1307 -46.45 -56.67 4.90
CA ALA D 1307 -46.98 -57.62 3.93
C ALA D 1307 -47.91 -58.62 4.59
N VAL D 1308 -47.59 -59.06 5.81
CA VAL D 1308 -48.48 -59.99 6.50
C VAL D 1308 -49.75 -59.26 6.94
N GLU D 1309 -49.62 -58.01 7.40
CA GLU D 1309 -50.78 -57.13 7.57
C GLU D 1309 -51.62 -57.07 6.30
N SER D 1310 -50.97 -56.92 5.15
CA SER D 1310 -51.70 -56.80 3.89
C SER D 1310 -52.43 -58.10 3.56
N VAL D 1311 -51.80 -59.24 3.85
CA VAL D 1311 -52.47 -60.51 3.64
C VAL D 1311 -53.67 -60.64 4.56
N ASP D 1312 -53.54 -60.19 5.80
CA ASP D 1312 -54.67 -60.18 6.73
C ASP D 1312 -55.81 -59.32 6.20
N ILE D 1313 -55.50 -58.10 5.78
CA ILE D 1313 -56.53 -57.21 5.26
C ILE D 1313 -57.17 -57.80 4.01
N GLY D 1314 -56.36 -58.36 3.12
CA GLY D 1314 -56.90 -58.94 1.90
C GLY D 1314 -57.79 -60.14 2.16
N ILE D 1315 -57.39 -61.00 3.10
CA ILE D 1315 -58.21 -62.17 3.41
C ILE D 1315 -59.54 -61.73 4.01
N GLU D 1316 -59.52 -60.79 4.96
CA GLU D 1316 -60.79 -60.38 5.54
C GLU D 1316 -61.65 -59.65 4.50
N THR D 1317 -61.00 -58.92 3.59
CA THR D 1317 -61.72 -58.30 2.49
C THR D 1317 -62.41 -59.33 1.62
N ILE D 1318 -61.73 -60.43 1.32
CA ILE D 1318 -62.32 -61.46 0.47
C ILE D 1318 -63.43 -62.20 1.23
N LEU D 1319 -63.22 -62.48 2.51
CA LEU D 1319 -64.20 -63.27 3.26
C LEU D 1319 -65.44 -62.46 3.58
N SER D 1320 -65.31 -61.14 3.69
CA SER D 1320 -66.46 -60.27 3.87
C SER D 1320 -67.27 -60.10 2.60
N GLY D 1321 -66.79 -60.63 1.47
CA GLY D 1321 -67.49 -60.52 0.20
C GLY D 1321 -67.24 -59.23 -0.55
N LYS D 1322 -66.40 -58.34 -0.02
CA LYS D 1322 -66.15 -57.06 -0.67
C LYS D 1322 -65.28 -57.21 -1.91
N ALA D 1323 -64.44 -58.24 -1.96
CA ALA D 1323 -63.62 -58.51 -3.13
C ALA D 1323 -63.57 -60.00 -3.36
N LYS D 1324 -63.38 -60.37 -4.62
CA LYS D 1324 -63.08 -61.75 -4.99
C LYS D 1324 -61.63 -61.95 -5.39
N VAL D 1325 -60.97 -60.91 -5.88
CA VAL D 1325 -59.54 -60.92 -6.13
C VAL D 1325 -58.94 -59.74 -5.38
N VAL D 1326 -57.81 -59.96 -4.72
CA VAL D 1326 -57.08 -58.90 -4.03
C VAL D 1326 -55.61 -59.05 -4.38
N LEU D 1327 -54.96 -57.92 -4.61
CA LEU D 1327 -53.50 -57.86 -4.73
C LEU D 1327 -52.93 -57.44 -3.38
N VAL D 1328 -52.35 -58.40 -2.68
CA VAL D 1328 -51.75 -58.16 -1.37
C VAL D 1328 -50.24 -58.09 -1.56
N GLY D 1329 -49.56 -57.67 -0.51
CA GLY D 1329 -48.11 -57.67 -0.53
C GLY D 1329 -47.58 -56.48 0.25
N GLY D 1330 -46.31 -56.19 0.00
CA GLY D 1330 -45.64 -55.11 0.68
C GLY D 1330 -44.41 -54.68 -0.08
N TYR D 1331 -44.04 -53.42 0.08
CA TYR D 1331 -42.90 -52.89 -0.66
C TYR D 1331 -42.21 -51.82 0.16
N ASP D 1332 -40.92 -51.64 -0.11
CA ASP D 1332 -40.15 -50.60 0.55
C ASP D 1332 -38.84 -50.41 -0.20
N ASP D 1333 -38.22 -49.27 0.03
CA ASP D 1333 -37.02 -48.86 -0.69
C ASP D 1333 -35.94 -48.49 0.31
N PHE D 1334 -34.69 -48.71 -0.09
CA PHE D 1334 -33.53 -48.33 0.69
C PHE D 1334 -33.07 -46.96 0.23
N GLN D 1335 -32.84 -46.05 1.17
CA GLN D 1335 -32.32 -44.74 0.86
C GLN D 1335 -31.37 -44.30 1.96
N GLU D 1336 -30.57 -43.28 1.62
CA GLU D 1336 -29.57 -42.75 2.54
C GLU D 1336 -30.19 -42.41 3.90
N GLU D 1337 -31.36 -41.79 3.89
CA GLU D 1337 -31.91 -41.24 5.12
C GLU D 1337 -32.46 -42.34 6.02
N GLY D 1338 -33.16 -43.30 5.43
CA GLY D 1338 -33.61 -44.45 6.20
C GLY D 1338 -32.43 -45.23 6.77
N SER D 1339 -31.38 -45.40 5.97
CA SER D 1339 -30.19 -46.09 6.46
C SER D 1339 -29.60 -45.35 7.66
N TYR D 1340 -29.49 -44.03 7.57
CA TYR D 1340 -28.90 -43.25 8.66
C TYR D 1340 -29.77 -43.32 9.90
N GLU D 1341 -31.10 -43.30 9.75
CA GLU D 1341 -31.96 -43.36 10.92
C GLU D 1341 -31.88 -44.73 11.59
N PHE D 1342 -31.88 -45.81 10.80
CA PHE D 1342 -31.76 -47.13 11.40
C PHE D 1342 -30.41 -47.28 12.10
N ALA D 1343 -29.37 -46.67 11.54
CA ALA D 1343 -28.09 -46.64 12.22
C ALA D 1343 -28.19 -45.90 13.54
N ASN D 1344 -28.89 -44.77 13.56
CA ASN D 1344 -29.04 -44.00 14.80
C ASN D 1344 -29.81 -44.77 15.85
N MET D 1345 -30.81 -45.56 15.46
CA MET D 1345 -31.48 -46.44 16.40
C MET D 1345 -30.68 -47.72 16.67
N ASN D 1346 -29.55 -47.91 16.00
CA ASN D 1346 -28.70 -49.09 16.22
C ASN D 1346 -29.44 -50.37 15.86
N ALA D 1347 -30.35 -50.27 14.90
CA ALA D 1347 -31.12 -51.42 14.45
C ALA D 1347 -30.39 -52.23 13.39
N THR D 1348 -29.53 -51.58 12.61
CA THR D 1348 -28.79 -52.24 11.54
C THR D 1348 -27.36 -52.53 11.98
N SER D 1349 -26.77 -53.54 11.36
CA SER D 1349 -25.40 -53.92 11.69
C SER D 1349 -24.41 -52.85 11.23
N ASN D 1350 -23.35 -52.68 12.01
CA ASN D 1350 -22.28 -51.74 11.67
C ASN D 1350 -21.27 -52.43 10.76
N SER D 1351 -21.11 -51.90 9.55
CA SER D 1351 -20.25 -52.54 8.57
C SER D 1351 -18.77 -52.42 8.96
N ILE D 1352 -18.39 -51.31 9.59
CA ILE D 1352 -17.01 -51.17 10.05
C ILE D 1352 -16.69 -52.24 11.09
N GLU D 1353 -17.58 -52.39 12.07
CA GLU D 1353 -17.38 -53.41 13.09
C GLU D 1353 -17.35 -54.80 12.48
N GLU D 1354 -18.16 -55.01 11.44
CA GLU D 1354 -18.27 -56.35 10.88
C GLU D 1354 -17.03 -56.69 10.06
N PHE D 1355 -16.48 -55.69 9.35
CA PHE D 1355 -15.19 -55.88 8.69
C PHE D 1355 -14.08 -56.11 9.70
N LYS D 1356 -14.12 -55.39 10.83
CA LYS D 1356 -13.14 -55.64 11.88
C LYS D 1356 -13.24 -57.07 12.39
N HIS D 1357 -14.46 -57.60 12.51
CA HIS D 1357 -14.69 -58.98 12.86
C HIS D 1357 -14.40 -59.94 11.72
N GLY D 1358 -14.09 -59.43 10.53
CA GLY D 1358 -13.69 -60.29 9.42
C GLY D 1358 -14.86 -60.85 8.65
N ARG D 1359 -16.00 -60.19 8.70
CA ARG D 1359 -17.23 -60.65 8.07
C ARG D 1359 -17.40 -59.97 6.72
N THR D 1360 -17.68 -60.76 5.70
CA THR D 1360 -17.98 -60.22 4.39
C THR D 1360 -19.45 -59.77 4.31
N PRO D 1361 -19.79 -58.94 3.31
CA PRO D 1361 -21.19 -58.52 3.17
C PRO D 1361 -22.16 -59.67 3.00
N LYS D 1362 -21.79 -60.74 2.30
CA LYS D 1362 -22.70 -61.87 2.13
C LYS D 1362 -22.84 -62.71 3.39
N GLU D 1363 -22.05 -62.45 4.43
CA GLU D 1363 -22.22 -63.13 5.72
C GLU D 1363 -22.51 -62.14 6.85
N MET D 1364 -22.78 -60.87 6.54
CA MET D 1364 -23.18 -59.95 7.60
C MET D 1364 -24.58 -60.23 8.14
N SER D 1365 -25.50 -60.70 7.29
CA SER D 1365 -26.86 -61.01 7.72
C SER D 1365 -26.91 -62.46 8.16
N ARG D 1366 -26.92 -62.68 9.48
CA ARG D 1366 -26.85 -64.01 10.07
C ARG D 1366 -27.86 -64.12 11.21
N PRO D 1367 -29.13 -64.39 10.89
CA PRO D 1367 -30.12 -64.60 11.96
C PRO D 1367 -29.81 -65.83 12.81
N THR D 1368 -30.16 -65.72 14.09
CA THR D 1368 -30.08 -66.77 15.11
C THR D 1368 -28.67 -67.06 15.58
N THR D 1369 -27.65 -66.45 15.00
CA THR D 1369 -26.28 -66.76 15.39
C THR D 1369 -25.91 -66.03 16.67
N THR D 1370 -24.82 -66.50 17.30
CA THR D 1370 -24.33 -65.87 18.51
C THR D 1370 -23.86 -64.45 18.27
N THR D 1371 -23.46 -64.11 17.05
CA THR D 1371 -22.83 -62.84 16.75
C THR D 1371 -23.74 -61.88 15.97
N ARG D 1372 -25.04 -62.17 15.89
CA ARG D 1372 -25.97 -61.24 15.26
C ARG D 1372 -25.94 -59.91 16.00
N ASN D 1373 -25.83 -58.81 15.23
CA ASN D 1373 -25.65 -57.49 15.80
C ASN D 1373 -26.45 -56.42 15.06
N GLY D 1374 -27.59 -56.79 14.49
CA GLY D 1374 -28.43 -55.85 13.76
C GLY D 1374 -28.82 -56.39 12.42
N PHE D 1375 -29.86 -55.83 11.80
CA PHE D 1375 -30.36 -56.37 10.54
C PHE D 1375 -29.69 -55.71 9.35
N MET D 1376 -29.89 -56.32 8.19
CA MET D 1376 -29.28 -55.88 6.94
C MET D 1376 -30.39 -55.26 6.09
N GLU D 1377 -30.37 -53.94 6.00
CA GLU D 1377 -31.43 -53.23 5.30
C GLU D 1377 -31.42 -53.57 3.81
N ALA D 1378 -32.61 -53.80 3.27
CA ALA D 1378 -32.77 -54.16 1.87
C ALA D 1378 -33.88 -53.32 1.24
N GLN D 1379 -34.12 -53.58 -0.04
CA GLN D 1379 -35.11 -52.85 -0.82
C GLN D 1379 -35.82 -53.82 -1.74
N GLY D 1380 -36.97 -53.39 -2.25
CA GLY D 1380 -37.70 -54.17 -3.22
C GLY D 1380 -39.18 -54.18 -2.91
N SER D 1381 -39.85 -55.16 -3.49
CA SER D 1381 -41.29 -55.30 -3.41
C SER D 1381 -41.65 -56.77 -3.50
N GLY D 1382 -42.84 -57.10 -3.01
CA GLY D 1382 -43.36 -58.44 -3.12
C GLY D 1382 -44.87 -58.42 -3.18
N ILE D 1383 -45.45 -59.05 -4.19
CA ILE D 1383 -46.88 -58.98 -4.45
C ILE D 1383 -47.41 -60.39 -4.61
N GLN D 1384 -48.62 -60.62 -4.11
CA GLN D 1384 -49.35 -61.87 -4.30
C GLN D 1384 -50.76 -61.54 -4.75
N VAL D 1385 -51.32 -62.43 -5.57
CA VAL D 1385 -52.70 -62.33 -6.05
C VAL D 1385 -53.50 -63.40 -5.33
N ILE D 1386 -54.38 -62.99 -4.42
CA ILE D 1386 -55.18 -63.91 -3.64
C ILE D 1386 -56.63 -63.81 -4.10
N MET D 1387 -57.33 -64.93 -4.08
CA MET D 1387 -58.74 -64.95 -4.42
C MET D 1387 -59.41 -66.12 -3.74
N THR D 1388 -60.73 -66.16 -3.85
CA THR D 1388 -61.48 -67.32 -3.38
C THR D 1388 -61.08 -68.55 -4.16
N ALA D 1389 -61.10 -69.70 -3.49
CA ALA D 1389 -60.76 -70.95 -4.15
C ALA D 1389 -61.72 -71.25 -5.29
N ASP D 1390 -63.01 -70.95 -5.10
CA ASP D 1390 -63.97 -71.19 -6.16
C ASP D 1390 -63.68 -70.32 -7.38
N LEU D 1391 -63.29 -69.06 -7.17
CA LEU D 1391 -62.93 -68.21 -8.29
C LEU D 1391 -61.67 -68.74 -8.97
N ALA D 1392 -60.69 -69.18 -8.20
CA ALA D 1392 -59.46 -69.70 -8.79
C ALA D 1392 -59.76 -70.91 -9.66
N LEU D 1393 -60.63 -71.80 -9.19
CA LEU D 1393 -60.94 -73.00 -9.95
C LEU D 1393 -61.83 -72.70 -11.15
N LYS D 1394 -62.72 -71.71 -11.03
CA LYS D 1394 -63.56 -71.33 -12.16
C LYS D 1394 -62.75 -70.66 -13.24
N MET D 1395 -61.75 -69.85 -12.86
CA MET D 1395 -60.84 -69.23 -13.81
C MET D 1395 -59.79 -70.20 -14.34
N GLY D 1396 -59.53 -71.29 -13.64
CA GLY D 1396 -58.43 -72.16 -14.02
C GLY D 1396 -57.08 -71.53 -13.83
N VAL D 1397 -56.87 -70.84 -12.72
CA VAL D 1397 -55.58 -70.23 -12.40
C VAL D 1397 -54.81 -71.19 -11.51
N PRO D 1398 -53.47 -71.15 -11.51
CA PRO D 1398 -52.72 -72.05 -10.64
C PRO D 1398 -52.86 -71.64 -9.18
N ILE D 1399 -53.41 -72.54 -8.37
CA ILE D 1399 -53.57 -72.31 -6.95
C ILE D 1399 -52.29 -72.75 -6.26
N HIS D 1400 -51.43 -71.79 -5.93
CA HIS D 1400 -50.13 -72.12 -5.37
C HIS D 1400 -50.23 -72.55 -3.91
N ALA D 1401 -51.15 -71.94 -3.16
CA ALA D 1401 -51.23 -72.18 -1.73
C ALA D 1401 -52.62 -71.82 -1.22
N VAL D 1402 -52.89 -72.23 0.01
CA VAL D 1402 -54.11 -71.89 0.71
C VAL D 1402 -53.73 -71.13 1.96
N LEU D 1403 -54.23 -69.89 2.09
CA LEU D 1403 -54.00 -69.10 3.29
C LEU D 1403 -55.03 -69.55 4.32
N ALA D 1404 -54.62 -70.50 5.17
CA ALA D 1404 -55.53 -71.04 6.17
C ALA D 1404 -55.78 -70.03 7.29
N MET D 1405 -54.74 -69.37 7.77
CA MET D 1405 -54.83 -68.50 8.93
C MET D 1405 -53.99 -67.25 8.69
N THR D 1406 -54.37 -66.18 9.35
CA THR D 1406 -53.60 -64.94 9.34
C THR D 1406 -54.10 -64.05 10.45
N ALA D 1407 -53.18 -63.36 11.11
CA ALA D 1407 -53.52 -62.58 12.30
C ALA D 1407 -52.50 -61.48 12.49
N THR D 1408 -52.93 -60.42 13.18
CA THR D 1408 -52.08 -59.32 13.61
C THR D 1408 -52.29 -59.09 15.09
N ALA D 1409 -51.30 -58.47 15.74
CA ALA D 1409 -51.34 -58.32 17.19
C ALA D 1409 -50.38 -57.24 17.63
N THR D 1410 -50.69 -56.66 18.79
CA THR D 1410 -49.84 -55.74 19.51
C THR D 1410 -49.36 -56.42 20.80
N ASP D 1411 -48.39 -55.80 21.47
CA ASP D 1411 -47.75 -56.48 22.60
C ASP D 1411 -48.36 -56.10 23.95
N LYS D 1412 -48.08 -54.87 24.42
CA LYS D 1412 -48.46 -54.46 25.77
C LYS D 1412 -48.04 -53.02 26.04
N ILE D 1413 -48.20 -52.56 27.29
CA ILE D 1413 -47.60 -51.30 27.70
C ILE D 1413 -46.11 -51.31 27.37
N GLY D 1414 -45.58 -50.16 27.02
CA GLY D 1414 -44.16 -50.05 26.80
C GLY D 1414 -43.76 -48.61 26.60
N ARG D 1415 -42.45 -48.41 26.50
CA ARG D 1415 -41.87 -47.13 26.13
C ARG D 1415 -40.76 -47.34 25.11
N SER D 1416 -40.83 -48.45 24.37
CA SER D 1416 -39.85 -48.77 23.32
C SER D 1416 -40.64 -49.31 22.13
N VAL D 1417 -40.88 -48.44 21.15
CA VAL D 1417 -41.59 -48.87 19.94
C VAL D 1417 -40.85 -49.98 19.20
N PRO D 1418 -39.54 -49.87 18.92
CA PRO D 1418 -38.89 -50.95 18.17
C PRO D 1418 -38.71 -52.24 18.95
N ALA D 1419 -39.03 -52.25 20.24
CA ALA D 1419 -38.89 -53.46 21.03
C ALA D 1419 -39.92 -54.49 20.58
N PRO D 1420 -39.52 -55.68 20.12
CA PRO D 1420 -40.52 -56.70 19.77
C PRO D 1420 -41.15 -57.29 21.02
N GLY D 1421 -42.29 -57.93 20.82
CA GLY D 1421 -43.02 -58.55 21.92
C GLY D 1421 -43.71 -59.83 21.52
N LYS D 1422 -44.44 -60.43 22.45
CA LYS D 1422 -45.05 -61.74 22.26
C LYS D 1422 -46.54 -61.62 21.95
N GLY D 1423 -46.95 -60.48 21.40
CA GLY D 1423 -48.36 -60.24 21.17
C GLY D 1423 -49.01 -61.24 20.24
N ILE D 1424 -48.27 -61.71 19.24
CA ILE D 1424 -48.81 -62.68 18.28
C ILE D 1424 -48.95 -64.07 18.89
N LEU D 1425 -48.48 -64.27 20.12
CA LEU D 1425 -48.68 -65.53 20.81
C LEU D 1425 -50.16 -65.87 20.99
N THR D 1426 -51.05 -64.87 20.91
CA THR D 1426 -52.47 -65.11 21.05
C THR D 1426 -53.05 -65.94 19.90
N THR D 1427 -52.30 -66.11 18.81
CA THR D 1427 -52.77 -66.98 17.73
C THR D 1427 -52.86 -68.43 18.16
N ALA D 1428 -52.16 -68.82 19.24
CA ALA D 1428 -52.19 -70.17 19.77
C ALA D 1428 -53.07 -70.29 21.01
N ARG D 1429 -53.88 -69.29 21.31
CA ARG D 1429 -54.64 -69.28 22.55
C ARG D 1429 -55.76 -70.32 22.52
N GLU D 1430 -55.87 -71.09 23.60
CA GLU D 1430 -57.06 -71.88 23.83
C GLU D 1430 -57.18 -72.18 25.30
N HIS D 1431 -58.37 -72.60 25.72
CA HIS D 1431 -58.66 -72.89 27.11
C HIS D 1431 -58.33 -74.35 27.42
N HIS D 1432 -57.77 -74.59 28.60
CA HIS D 1432 -57.30 -75.90 29.00
C HIS D 1432 -57.72 -76.29 30.41
N GLY D 1433 -58.81 -75.69 30.91
CA GLY D 1433 -59.23 -76.01 32.26
C GLY D 1433 -59.68 -77.46 32.43
N ASN D 1434 -60.43 -77.97 31.46
CA ASN D 1434 -61.06 -79.29 31.56
C ASN D 1434 -60.94 -79.97 30.20
N LEU D 1435 -59.88 -80.78 30.04
CA LEU D 1435 -59.64 -81.54 28.82
C LEU D 1435 -59.92 -83.02 29.02
N LYS D 1436 -60.82 -83.36 29.93
CA LYS D 1436 -61.04 -84.77 30.24
C LYS D 1436 -61.57 -85.52 29.03
N TYR D 1437 -62.17 -84.80 28.07
CA TYR D 1437 -62.73 -85.40 26.88
C TYR D 1437 -62.40 -84.54 25.65
N PRO D 1438 -62.13 -85.13 24.49
CA PRO D 1438 -61.86 -84.30 23.31
C PRO D 1438 -63.10 -83.51 22.91
N SER D 1439 -62.87 -82.31 22.37
CA SER D 1439 -63.95 -81.53 21.80
C SER D 1439 -64.43 -82.20 20.52
N PRO D 1440 -65.74 -82.49 20.37
CA PRO D 1440 -66.17 -83.15 19.13
C PRO D 1440 -65.91 -82.33 17.89
N LEU D 1441 -65.87 -81.00 18.03
CA LEU D 1441 -65.77 -80.14 16.85
C LEU D 1441 -64.43 -80.31 16.16
N LEU D 1442 -63.40 -80.73 16.89
CA LEU D 1442 -62.13 -81.04 16.25
C LEU D 1442 -62.18 -82.34 15.47
N ASN D 1443 -63.22 -83.15 15.68
CA ASN D 1443 -63.34 -84.42 14.96
C ASN D 1443 -63.99 -84.19 13.60
N ILE D 1444 -63.36 -84.72 12.56
CA ILE D 1444 -63.80 -84.41 11.20
C ILE D 1444 -65.14 -85.08 10.89
N LYS D 1445 -65.32 -86.34 11.33
CA LYS D 1445 -66.53 -87.06 10.94
C LYS D 1445 -67.76 -86.54 11.68
N TYR D 1446 -67.59 -86.09 12.93
CA TYR D 1446 -68.70 -85.45 13.64
C TYR D 1446 -69.21 -84.24 12.89
N ARG D 1447 -68.30 -83.34 12.52
CA ARG D 1447 -68.68 -82.17 11.73
C ARG D 1447 -69.23 -82.59 10.37
N LYS D 1448 -68.72 -83.70 9.82
CA LYS D 1448 -69.22 -84.13 8.52
C LYS D 1448 -70.68 -84.57 8.61
N ARG D 1449 -71.05 -85.32 9.66
CA ARG D 1449 -72.44 -85.74 9.77
C ARG D 1449 -73.33 -84.55 10.14
N GLN D 1450 -72.82 -83.62 10.94
CA GLN D 1450 -73.56 -82.39 11.18
C GLN D 1450 -73.86 -81.66 9.89
N LEU D 1451 -72.83 -81.49 9.05
CA LEU D 1451 -73.01 -80.81 7.77
C LEU D 1451 -73.94 -81.59 6.86
N ASN D 1452 -73.88 -82.92 6.90
CA ASN D 1452 -74.77 -83.72 6.07
C ASN D 1452 -76.23 -83.52 6.45
N LYS D 1453 -76.53 -83.56 7.75
CA LYS D 1453 -77.92 -83.35 8.16
C LYS D 1453 -78.36 -81.93 7.87
N ARG D 1454 -77.47 -80.95 8.01
CA ARG D 1454 -77.83 -79.58 7.68
C ARG D 1454 -78.08 -79.41 6.19
N LEU D 1455 -77.29 -80.09 5.35
CA LEU D 1455 -77.51 -80.01 3.91
C LEU D 1455 -78.80 -80.70 3.52
N GLU D 1456 -79.15 -81.80 4.21
CA GLU D 1456 -80.45 -82.41 3.98
C GLU D 1456 -81.57 -81.44 4.34
N GLN D 1457 -81.42 -80.72 5.45
CA GLN D 1457 -82.40 -79.71 5.82
C GLN D 1457 -82.50 -78.63 4.74
N ILE D 1458 -81.37 -78.19 4.19
CA ILE D 1458 -81.40 -77.13 3.18
C ILE D 1458 -82.05 -77.64 1.88
N LYS D 1459 -81.81 -78.91 1.53
CA LYS D 1459 -82.46 -79.48 0.36
C LYS D 1459 -83.98 -79.54 0.56
N SER D 1460 -84.41 -79.99 1.73
CA SER D 1460 -85.83 -79.95 2.05
C SER D 1460 -86.37 -78.53 1.98
N TRP D 1461 -85.56 -77.56 2.41
CA TRP D 1461 -85.98 -76.17 2.38
C TRP D 1461 -86.19 -75.68 0.95
N GLU D 1462 -85.26 -76.04 0.05
CA GLU D 1462 -85.47 -75.78 -1.38
C GLU D 1462 -86.79 -76.37 -1.85
N GLU D 1463 -87.05 -77.63 -1.50
CA GLU D 1463 -88.22 -78.29 -2.03
C GLU D 1463 -89.50 -77.61 -1.55
N THR D 1464 -89.55 -77.28 -0.26
CA THR D 1464 -90.74 -76.61 0.27
C THR D 1464 -90.90 -75.22 -0.32
N GLU D 1465 -89.80 -74.49 -0.53
CA GLU D 1465 -89.91 -73.16 -1.13
C GLU D 1465 -90.43 -73.24 -2.56
N LEU D 1466 -89.89 -74.15 -3.36
CA LEU D 1466 -90.35 -74.28 -4.73
C LEU D 1466 -91.81 -74.73 -4.78
N SER D 1467 -92.22 -75.58 -3.83
CA SER D 1467 -93.63 -75.97 -3.76
C SER D 1467 -94.51 -74.77 -3.39
N TYR D 1468 -94.10 -74.00 -2.39
CA TYR D 1468 -94.86 -72.83 -1.98
C TYR D 1468 -94.92 -71.76 -3.06
N LEU D 1469 -94.01 -71.83 -4.03
CA LEU D 1469 -93.93 -70.73 -5.00
C LEU D 1469 -95.19 -70.67 -5.85
N GLN D 1470 -95.80 -71.82 -6.14
CA GLN D 1470 -97.05 -71.83 -6.89
C GLN D 1470 -98.16 -71.14 -6.11
N GLU D 1471 -98.21 -71.37 -4.79
CA GLU D 1471 -99.23 -70.72 -3.98
C GLU D 1471 -98.97 -69.23 -3.87
N GLU D 1472 -97.70 -68.83 -3.82
CA GLU D 1472 -97.38 -67.41 -3.75
C GLU D 1472 -97.64 -66.70 -5.08
N ALA D 1473 -97.54 -67.44 -6.19
CA ALA D 1473 -97.83 -66.85 -7.49
C ALA D 1473 -99.31 -66.51 -7.62
N GLU D 1474 -100.18 -67.39 -7.13
CA GLU D 1474 -101.61 -67.10 -7.15
C GLU D 1474 -101.93 -65.86 -6.32
N LEU D 1475 -101.25 -65.71 -5.18
CA LEU D 1475 -101.43 -64.52 -4.36
C LEU D 1475 -100.98 -63.27 -5.12
N ALA D 1476 -99.84 -63.35 -5.80
CA ALA D 1476 -99.36 -62.23 -6.59
C ALA D 1476 -100.12 -62.07 -7.90
N LYS D 1477 -100.79 -63.13 -8.37
CA LYS D 1477 -101.58 -63.02 -9.59
C LYS D 1477 -102.73 -62.04 -9.43
N GLU D 1478 -103.36 -62.04 -8.26
CA GLU D 1478 -104.45 -61.12 -7.97
C GLU D 1478 -103.98 -59.79 -7.41
N GLU D 1479 -102.77 -59.73 -6.86
CA GLU D 1479 -102.24 -58.51 -6.24
C GLU D 1479 -101.33 -57.71 -7.15
N PHE D 1480 -101.21 -58.09 -8.43
CA PHE D 1480 -100.38 -57.36 -9.39
C PHE D 1480 -101.11 -57.11 -10.71
N GLY D 1481 -102.41 -57.33 -10.77
CA GLY D 1481 -103.18 -57.03 -11.96
C GLY D 1481 -103.07 -58.11 -13.02
N ASP D 1482 -103.68 -57.81 -14.18
CA ASP D 1482 -103.70 -58.75 -15.28
C ASP D 1482 -102.37 -58.83 -16.01
N GLU D 1483 -101.43 -57.91 -15.73
CA GLU D 1483 -100.12 -57.96 -16.35
C GLU D 1483 -99.25 -59.10 -15.81
N PHE D 1484 -99.70 -59.79 -14.76
CA PHE D 1484 -98.91 -60.85 -14.16
C PHE D 1484 -98.60 -61.95 -15.18
N SER D 1485 -97.34 -62.34 -15.23
CA SER D 1485 -96.87 -63.48 -16.02
C SER D 1485 -96.47 -64.60 -15.07
N MET D 1486 -97.19 -65.72 -15.13
CA MET D 1486 -96.83 -66.91 -14.36
C MET D 1486 -95.40 -67.33 -14.65
N HIS D 1487 -95.06 -67.43 -15.94
CA HIS D 1487 -93.72 -67.89 -16.34
C HIS D 1487 -92.64 -66.98 -15.79
N GLU D 1488 -92.80 -65.67 -15.96
CA GLU D 1488 -91.77 -64.73 -15.50
C GLU D 1488 -91.64 -64.76 -13.99
N PHE D 1489 -92.78 -64.72 -13.27
CA PHE D 1489 -92.73 -64.77 -11.82
C PHE D 1489 -92.02 -66.02 -11.34
N LEU D 1490 -92.36 -67.17 -11.92
CA LEU D 1490 -91.72 -68.41 -11.52
C LEU D 1490 -90.22 -68.35 -11.79
N LYS D 1491 -89.82 -67.75 -12.90
CA LYS D 1491 -88.38 -67.66 -13.19
C LYS D 1491 -87.66 -66.80 -12.17
N GLU D 1492 -88.15 -65.59 -11.91
CA GLU D 1492 -87.47 -64.72 -10.95
C GLU D 1492 -87.39 -65.39 -9.58
N ARG D 1493 -88.50 -65.97 -9.12
CA ARG D 1493 -88.54 -66.47 -7.77
C ARG D 1493 -87.77 -67.79 -7.64
N THR D 1494 -87.73 -68.59 -8.70
CA THR D 1494 -86.89 -69.78 -8.69
C THR D 1494 -85.42 -69.40 -8.62
N GLU D 1495 -85.00 -68.39 -9.37
CA GLU D 1495 -83.63 -67.91 -9.27
C GLU D 1495 -83.34 -67.43 -7.84
N GLU D 1496 -84.29 -66.71 -7.24
CA GLU D 1496 -84.09 -66.24 -5.88
C GLU D 1496 -83.96 -67.40 -4.91
N VAL D 1497 -84.81 -68.42 -5.03
CA VAL D 1497 -84.75 -69.57 -4.15
C VAL D 1497 -83.41 -70.29 -4.31
N TYR D 1498 -82.96 -70.43 -5.55
CA TYR D 1498 -81.69 -71.12 -5.80
C TYR D 1498 -80.54 -70.35 -5.17
N ARG D 1499 -80.52 -69.02 -5.31
CA ARG D 1499 -79.45 -68.24 -4.70
C ARG D 1499 -79.52 -68.30 -3.17
N GLU D 1500 -80.73 -68.23 -2.61
CA GLU D 1500 -80.88 -68.30 -1.16
C GLU D 1500 -80.36 -69.63 -0.63
N SER D 1501 -80.69 -70.72 -1.31
CA SER D 1501 -80.26 -72.04 -0.85
C SER D 1501 -78.77 -72.25 -1.10
N LYS D 1502 -78.23 -71.65 -2.16
CA LYS D 1502 -76.78 -71.66 -2.33
C LYS D 1502 -76.10 -70.98 -1.14
N ARG D 1503 -76.64 -69.84 -0.72
CA ARG D 1503 -76.06 -69.17 0.43
C ARG D 1503 -76.24 -69.99 1.71
N GLN D 1504 -77.36 -70.69 1.83
CA GLN D 1504 -77.55 -71.56 3.00
C GLN D 1504 -76.52 -72.69 3.02
N VAL D 1505 -76.29 -73.31 1.86
CA VAL D 1505 -75.30 -74.38 1.77
C VAL D 1505 -73.91 -73.83 2.10
N SER D 1506 -73.58 -72.65 1.57
CA SER D 1506 -72.29 -72.05 1.87
C SER D 1506 -72.17 -71.72 3.35
N ASP D 1507 -73.25 -71.26 3.98
CA ASP D 1507 -73.22 -70.98 5.41
C ASP D 1507 -72.97 -72.25 6.21
N ALA D 1508 -73.64 -73.34 5.83
CA ALA D 1508 -73.43 -74.60 6.53
C ALA D 1508 -71.99 -75.08 6.37
N LYS D 1509 -71.44 -74.99 5.16
CA LYS D 1509 -70.08 -75.44 4.93
C LYS D 1509 -69.08 -74.52 5.62
N LYS D 1510 -69.42 -73.24 5.79
CA LYS D 1510 -68.55 -72.32 6.50
C LYS D 1510 -68.62 -72.56 8.01
N GLN D 1511 -69.80 -72.96 8.49
CA GLN D 1511 -69.96 -73.21 9.92
C GLN D 1511 -69.26 -74.50 10.33
N TRP D 1512 -69.40 -75.55 9.55
CA TRP D 1512 -68.87 -76.86 9.92
C TRP D 1512 -67.52 -77.17 9.31
N GLY D 1513 -67.20 -76.64 8.12
CA GLY D 1513 -65.90 -76.88 7.52
C GLY D 1513 -64.86 -75.79 7.76
N ASN D 1514 -65.18 -74.56 7.40
CA ASN D 1514 -64.18 -73.50 7.36
C ASN D 1514 -63.97 -72.83 8.70
N SER D 1515 -65.06 -72.40 9.33
CA SER D 1515 -65.04 -71.47 10.44
C SER D 1515 -65.71 -72.05 11.67
N PHE D 1516 -65.54 -73.35 11.91
CA PHE D 1516 -66.13 -74.00 13.06
C PHE D 1516 -65.48 -73.59 14.38
N TYR D 1517 -64.37 -72.87 14.33
CA TYR D 1517 -63.60 -72.53 15.53
C TYR D 1517 -63.70 -71.07 15.92
N LYS D 1518 -64.57 -70.29 15.27
CA LYS D 1518 -64.66 -68.87 15.59
C LYS D 1518 -65.20 -68.66 17.00
N SER D 1519 -66.24 -69.41 17.37
CA SER D 1519 -66.84 -69.27 18.68
C SER D 1519 -66.11 -70.08 19.75
N ASP D 1520 -65.74 -71.32 19.42
CA ASP D 1520 -65.15 -72.23 20.39
C ASP D 1520 -63.84 -71.66 20.96
N PRO D 1521 -63.77 -71.38 22.26
CA PRO D 1521 -62.49 -70.91 22.83
C PRO D 1521 -61.51 -72.04 23.12
N ARG D 1522 -61.96 -73.29 23.11
CA ARG D 1522 -61.06 -74.42 23.30
C ARG D 1522 -60.33 -74.80 22.02
N ILE D 1523 -60.63 -74.16 20.90
CA ILE D 1523 -59.95 -74.37 19.63
C ILE D 1523 -59.21 -73.08 19.29
N ALA D 1524 -57.89 -73.14 19.28
CA ALA D 1524 -57.11 -71.96 18.98
C ALA D 1524 -57.28 -71.59 17.50
N PRO D 1525 -57.00 -70.34 17.13
CA PRO D 1525 -57.07 -69.99 15.70
C PRO D 1525 -56.17 -70.87 14.83
N LEU D 1526 -54.96 -71.16 15.30
CA LEU D 1526 -54.02 -71.98 14.53
C LEU D 1526 -54.53 -73.41 14.38
N ARG D 1527 -54.88 -74.04 15.50
CA ARG D 1527 -55.37 -75.41 15.45
C ARG D 1527 -56.63 -75.51 14.62
N GLY D 1528 -57.56 -74.56 14.78
CA GLY D 1528 -58.80 -74.62 14.03
C GLY D 1528 -58.60 -74.38 12.55
N ALA D 1529 -57.71 -73.46 12.19
CA ALA D 1529 -57.43 -73.23 10.79
C ALA D 1529 -56.86 -74.47 10.13
N LEU D 1530 -55.95 -75.17 10.83
CA LEU D 1530 -55.43 -76.41 10.28
C LEU D 1530 -56.49 -77.51 10.25
N ALA D 1531 -57.31 -77.58 11.31
CA ALA D 1531 -58.34 -78.60 11.39
C ALA D 1531 -59.44 -78.39 10.37
N ALA D 1532 -59.55 -77.19 9.80
CA ALA D 1532 -60.42 -77.01 8.66
C ALA D 1532 -60.02 -77.93 7.51
N PHE D 1533 -58.71 -78.07 7.28
CA PHE D 1533 -58.16 -78.99 6.29
C PHE D 1533 -57.79 -80.34 6.89
N ASN D 1534 -58.10 -80.57 8.15
CA ASN D 1534 -57.87 -81.84 8.82
C ASN D 1534 -56.37 -82.07 9.03
N LEU D 1535 -55.66 -80.98 9.31
CA LEU D 1535 -54.25 -81.00 9.64
C LEU D 1535 -54.10 -80.70 11.12
N THR D 1536 -53.20 -81.41 11.79
CA THR D 1536 -52.97 -81.22 13.21
C THR D 1536 -51.91 -80.15 13.43
N ILE D 1537 -51.70 -79.81 14.70
CA ILE D 1537 -50.65 -78.87 15.07
C ILE D 1537 -49.30 -79.37 14.56
N ASP D 1538 -49.12 -80.69 14.53
CA ASP D 1538 -47.89 -81.31 14.07
C ASP D 1538 -47.65 -81.12 12.59
N ASP D 1539 -48.65 -80.68 11.83
CA ASP D 1539 -48.54 -80.67 10.38
C ASP D 1539 -47.91 -79.40 9.82
N ILE D 1540 -47.61 -78.41 10.66
CA ILE D 1540 -46.82 -77.27 10.23
C ILE D 1540 -45.36 -77.72 10.22
N GLY D 1541 -44.78 -77.87 9.03
CA GLY D 1541 -43.45 -78.40 8.91
C GLY D 1541 -42.35 -77.35 9.00
N VAL D 1542 -42.67 -76.12 8.58
CA VAL D 1542 -41.68 -75.06 8.47
C VAL D 1542 -42.25 -73.79 9.10
N ALA D 1543 -41.34 -72.98 9.64
CA ALA D 1543 -41.67 -71.66 10.15
C ALA D 1543 -40.73 -70.66 9.51
N SER D 1544 -41.27 -69.81 8.63
CA SER D 1544 -40.50 -68.73 8.04
C SER D 1544 -40.40 -67.62 9.08
N PHE D 1545 -39.28 -67.61 9.80
CA PHE D 1545 -39.04 -66.61 10.82
C PHE D 1545 -38.80 -65.26 10.19
N HIS D 1546 -39.24 -64.21 10.88
CA HIS D 1546 -38.79 -62.86 10.55
C HIS D 1546 -37.27 -62.83 10.47
N GLY D 1547 -36.60 -63.33 11.51
CA GLY D 1547 -35.17 -63.56 11.50
C GLY D 1547 -34.36 -62.41 10.99
N THR D 1548 -34.38 -61.29 11.72
CA THR D 1548 -33.76 -60.07 11.25
C THR D 1548 -32.29 -59.97 11.58
N SER D 1549 -31.70 -60.97 12.22
CA SER D 1549 -30.31 -60.89 12.68
C SER D 1549 -30.13 -59.77 13.71
N THR D 1550 -31.13 -59.58 14.56
CA THR D 1550 -31.02 -58.72 15.73
C THR D 1550 -31.26 -59.56 16.96
N VAL D 1551 -30.59 -59.18 18.05
CA VAL D 1551 -30.59 -59.98 19.26
C VAL D 1551 -32.02 -60.19 19.76
N ALA D 1552 -32.71 -59.09 20.06
CA ALA D 1552 -34.03 -59.16 20.64
C ALA D 1552 -35.02 -59.85 19.70
N ASN D 1553 -34.96 -59.51 18.41
CA ASN D 1553 -35.94 -60.06 17.49
C ASN D 1553 -35.80 -61.57 17.37
N ASP D 1554 -34.58 -62.07 17.16
CA ASP D 1554 -34.41 -63.50 16.98
C ASP D 1554 -34.75 -64.26 18.26
N LYS D 1555 -34.31 -63.75 19.42
CA LYS D 1555 -34.62 -64.43 20.67
C LYS D 1555 -36.13 -64.45 20.90
N ASN D 1556 -36.80 -63.30 20.71
CA ASN D 1556 -38.22 -63.20 20.97
C ASN D 1556 -39.02 -64.07 20.01
N GLU D 1557 -38.60 -64.15 18.75
CA GLU D 1557 -39.34 -64.94 17.78
C GLU D 1557 -39.18 -66.43 18.03
N SER D 1558 -37.97 -66.87 18.35
CA SER D 1558 -37.78 -68.28 18.71
C SER D 1558 -38.62 -68.63 19.93
N ALA D 1559 -38.64 -67.74 20.93
CA ALA D 1559 -39.46 -67.99 22.11
C ALA D 1559 -40.94 -68.04 21.75
N THR D 1560 -41.39 -67.13 20.88
CA THR D 1560 -42.80 -67.09 20.53
C THR D 1560 -43.24 -68.36 19.83
N ILE D 1561 -42.47 -68.80 18.84
CA ILE D 1561 -42.82 -70.03 18.13
C ILE D 1561 -42.78 -71.22 19.09
N ASN D 1562 -41.76 -71.28 19.95
CA ASN D 1562 -41.67 -72.38 20.89
C ASN D 1562 -42.89 -72.42 21.81
N ASN D 1563 -43.32 -71.26 22.31
CA ASN D 1563 -44.47 -71.22 23.21
C ASN D 1563 -45.76 -71.55 22.47
N MET D 1564 -45.90 -71.09 21.22
CA MET D 1564 -47.07 -71.47 20.43
C MET D 1564 -47.18 -72.98 20.33
N MET D 1565 -46.08 -73.66 19.96
CA MET D 1565 -46.14 -75.10 19.78
C MET D 1565 -46.33 -75.81 21.12
N LYS D 1566 -45.68 -75.32 22.17
CA LYS D 1566 -45.81 -75.92 23.48
C LYS D 1566 -47.25 -75.84 23.98
N HIS D 1567 -47.92 -74.71 23.74
CA HIS D 1567 -49.30 -74.57 24.20
C HIS D 1567 -50.26 -75.36 23.33
N LEU D 1568 -50.01 -75.40 22.02
CA LEU D 1568 -50.86 -76.19 21.13
C LEU D 1568 -50.53 -77.68 21.17
N GLY D 1569 -49.63 -78.10 22.05
CA GLY D 1569 -49.45 -79.52 22.27
C GLY D 1569 -48.74 -80.19 21.11
N ARG D 1570 -47.87 -79.46 20.43
CA ARG D 1570 -46.98 -80.07 19.45
C ARG D 1570 -46.22 -81.22 20.11
N SER D 1571 -46.26 -82.39 19.47
CA SER D 1571 -45.63 -83.57 20.05
C SER D 1571 -44.13 -83.34 20.19
N GLU D 1572 -43.59 -83.75 21.33
CA GLU D 1572 -42.17 -83.55 21.60
C GLU D 1572 -41.34 -84.31 20.57
N GLY D 1573 -40.27 -83.67 20.11
CA GLY D 1573 -39.47 -84.23 19.04
C GLY D 1573 -39.97 -83.92 17.65
N ASN D 1574 -40.88 -82.95 17.51
CA ASN D 1574 -41.39 -82.52 16.21
C ASN D 1574 -41.23 -81.01 16.07
N PRO D 1575 -40.01 -80.52 16.01
CA PRO D 1575 -39.79 -79.09 15.83
C PRO D 1575 -40.13 -78.64 14.42
N VAL D 1576 -40.54 -77.39 14.31
CA VAL D 1576 -40.66 -76.72 13.03
C VAL D 1576 -39.28 -76.27 12.59
N PHE D 1577 -38.98 -76.47 11.32
CA PHE D 1577 -37.72 -76.01 10.75
C PHE D 1577 -37.84 -74.53 10.46
N GLY D 1578 -36.84 -73.76 10.89
CA GLY D 1578 -36.90 -72.31 10.75
C GLY D 1578 -36.18 -71.85 9.52
N VAL D 1579 -36.86 -71.01 8.73
CA VAL D 1579 -36.28 -70.40 7.54
C VAL D 1579 -36.03 -68.93 7.87
N PHE D 1580 -34.87 -68.43 7.45
CA PHE D 1580 -34.37 -67.12 7.84
C PHE D 1580 -33.90 -66.34 6.62
N GLN D 1581 -34.80 -66.25 5.62
CA GLN D 1581 -34.53 -65.65 4.31
C GLN D 1581 -33.72 -64.36 4.35
N LYS D 1582 -33.84 -63.60 5.43
CA LYS D 1582 -33.17 -62.31 5.51
C LYS D 1582 -31.66 -62.46 5.52
N TYR D 1583 -31.13 -63.64 5.87
CA TYR D 1583 -29.69 -63.87 5.73
C TYR D 1583 -29.24 -63.63 4.30
N LEU D 1584 -30.09 -63.94 3.33
CA LEU D 1584 -29.77 -63.87 1.91
C LEU D 1584 -30.32 -62.61 1.25
N THR D 1585 -31.54 -62.23 1.60
CA THR D 1585 -32.22 -61.14 0.94
C THR D 1585 -32.19 -59.83 1.73
N GLY D 1586 -31.59 -59.81 2.91
CA GLY D 1586 -31.68 -58.63 3.74
C GLY D 1586 -33.09 -58.44 4.26
N HIS D 1587 -33.29 -57.32 4.97
CA HIS D 1587 -34.57 -56.97 5.58
C HIS D 1587 -35.14 -55.77 4.84
N PRO D 1588 -36.09 -55.96 3.89
CA PRO D 1588 -36.66 -54.83 3.14
C PRO D 1588 -37.87 -54.20 3.81
N LYS D 1589 -37.84 -54.10 5.13
CA LYS D 1589 -38.94 -53.51 5.89
C LYS D 1589 -40.30 -54.05 5.44
N GLY D 1590 -41.04 -53.29 4.64
CA GLY D 1590 -42.41 -53.69 4.30
C GLY D 1590 -42.47 -54.93 3.43
N ALA D 1591 -41.51 -55.10 2.52
CA ALA D 1591 -41.52 -56.25 1.61
C ALA D 1591 -41.07 -57.54 2.30
N ALA D 1592 -40.73 -57.48 3.59
CA ALA D 1592 -40.24 -58.65 4.30
C ALA D 1592 -41.23 -59.80 4.19
N GLY D 1593 -42.40 -59.62 4.82
CA GLY D 1593 -43.37 -60.71 4.87
C GLY D 1593 -43.78 -61.19 3.50
N ALA D 1594 -43.71 -60.33 2.48
CA ALA D 1594 -44.02 -60.76 1.13
C ALA D 1594 -42.96 -61.70 0.61
N TRP D 1595 -41.69 -61.37 0.79
CA TRP D 1595 -40.62 -62.25 0.37
C TRP D 1595 -40.68 -63.58 1.12
N MET D 1596 -40.94 -63.53 2.43
CA MET D 1596 -40.96 -64.78 3.19
C MET D 1596 -42.22 -65.59 2.89
N LEU D 1597 -43.29 -64.93 2.46
CA LEU D 1597 -44.49 -65.65 2.04
C LEU D 1597 -44.27 -66.33 0.70
N ASN D 1598 -43.61 -65.64 -0.23
CA ASN D 1598 -43.22 -66.27 -1.48
C ASN D 1598 -42.32 -67.47 -1.22
N GLY D 1599 -41.35 -67.31 -0.32
CA GLY D 1599 -40.50 -68.43 0.06
C GLY D 1599 -41.28 -69.57 0.68
N ALA D 1600 -42.27 -69.26 1.52
CA ALA D 1600 -43.09 -70.29 2.13
C ALA D 1600 -43.88 -71.06 1.08
N ILE D 1601 -44.44 -70.36 0.10
CA ILE D 1601 -45.18 -71.02 -0.97
C ILE D 1601 -44.24 -71.92 -1.78
N GLN D 1602 -43.05 -71.43 -2.08
CA GLN D 1602 -42.08 -72.25 -2.82
C GLN D 1602 -41.63 -73.46 -2.00
N ILE D 1603 -41.49 -73.29 -0.69
CA ILE D 1603 -41.16 -74.42 0.19
C ILE D 1603 -42.28 -75.45 0.15
N LEU D 1604 -43.53 -74.98 0.20
CA LEU D 1604 -44.66 -75.91 0.11
C LEU D 1604 -44.62 -76.70 -1.18
N GLU D 1605 -44.34 -76.02 -2.29
CA GLU D 1605 -44.45 -76.68 -3.58
C GLU D 1605 -43.30 -77.65 -3.82
N SER D 1606 -42.08 -77.24 -3.47
CA SER D 1606 -40.91 -78.08 -3.69
C SER D 1606 -40.72 -79.14 -2.63
N GLY D 1607 -41.29 -78.96 -1.43
CA GLY D 1607 -40.97 -79.82 -0.31
C GLY D 1607 -39.61 -79.56 0.28
N LEU D 1608 -38.90 -78.54 -0.18
CA LEU D 1608 -37.53 -78.27 0.22
C LEU D 1608 -37.50 -77.16 1.26
N VAL D 1609 -36.77 -77.40 2.34
CA VAL D 1609 -36.60 -76.42 3.42
C VAL D 1609 -35.21 -75.80 3.28
N PRO D 1610 -35.09 -74.55 2.86
CA PRO D 1610 -33.75 -73.94 2.78
C PRO D 1610 -33.13 -73.81 4.16
N GLY D 1611 -31.80 -73.68 4.18
CA GLY D 1611 -31.05 -73.53 5.41
C GLY D 1611 -30.36 -72.18 5.46
N ASN D 1612 -30.25 -71.64 6.67
CA ASN D 1612 -29.60 -70.37 6.88
C ASN D 1612 -28.11 -70.55 6.66
N ARG D 1613 -27.64 -70.30 5.43
CA ARG D 1613 -26.26 -70.58 5.09
C ARG D 1613 -25.28 -69.70 5.84
N ASN D 1614 -25.76 -68.62 6.46
CA ASN D 1614 -24.94 -67.76 7.31
C ASN D 1614 -25.02 -68.17 8.78
N ALA D 1615 -25.71 -69.26 9.10
CA ALA D 1615 -25.84 -69.71 10.48
C ALA D 1615 -24.54 -70.40 10.89
N ASP D 1616 -23.55 -69.57 11.24
CA ASP D 1616 -22.26 -70.11 11.64
C ASP D 1616 -22.37 -70.85 12.97
N ASN D 1617 -23.10 -70.29 13.93
CA ASN D 1617 -23.24 -70.91 15.24
C ASN D 1617 -24.53 -70.41 15.86
N VAL D 1618 -25.57 -71.25 15.85
CA VAL D 1618 -26.84 -70.87 16.44
C VAL D 1618 -26.65 -70.61 17.92
N ASP D 1619 -27.23 -69.50 18.40
CA ASP D 1619 -27.00 -69.05 19.77
C ASP D 1619 -27.39 -70.12 20.77
N LYS D 1620 -26.57 -70.27 21.81
CA LYS D 1620 -26.85 -71.27 22.83
C LYS D 1620 -28.17 -70.98 23.53
N LEU D 1621 -28.58 -69.71 23.57
CA LEU D 1621 -29.87 -69.36 24.17
C LEU D 1621 -31.05 -69.92 23.37
N LEU D 1622 -30.82 -70.39 22.15
CA LEU D 1622 -31.87 -70.98 21.34
C LEU D 1622 -31.96 -72.50 21.49
N GLU D 1623 -31.15 -73.10 22.36
CA GLU D 1623 -31.27 -74.54 22.60
C GLU D 1623 -32.51 -74.86 23.41
N GLN D 1624 -32.88 -73.97 24.33
CA GLN D 1624 -34.06 -74.20 25.17
C GLN D 1624 -35.34 -74.30 24.34
N TYR D 1625 -35.35 -73.76 23.12
CA TYR D 1625 -36.51 -73.84 22.25
C TYR D 1625 -36.45 -75.15 21.48
N GLU D 1626 -36.97 -76.20 22.13
CA GLU D 1626 -36.93 -77.55 21.58
C GLU D 1626 -37.88 -77.74 20.39
N TYR D 1627 -38.87 -76.87 20.23
CA TYR D 1627 -39.83 -76.98 19.13
C TYR D 1627 -39.36 -76.24 17.88
N VAL D 1628 -38.16 -75.70 17.87
CA VAL D 1628 -37.60 -75.00 16.71
C VAL D 1628 -36.29 -75.67 16.35
N LEU D 1629 -36.14 -76.00 15.06
CA LEU D 1629 -34.88 -76.43 14.49
C LEU D 1629 -34.37 -75.32 13.59
N TYR D 1630 -33.05 -75.19 13.48
CA TYR D 1630 -32.43 -74.07 12.77
C TYR D 1630 -31.47 -74.62 11.71
N PRO D 1631 -31.98 -75.07 10.56
CA PRO D 1631 -31.10 -75.62 9.54
C PRO D 1631 -30.15 -74.58 8.98
N SER D 1632 -28.93 -75.03 8.67
CA SER D 1632 -27.95 -74.22 7.96
C SER D 1632 -27.73 -74.70 6.53
N ARG D 1633 -28.36 -75.80 6.12
CA ARG D 1633 -28.28 -76.32 4.77
C ARG D 1633 -29.67 -76.74 4.32
N SER D 1634 -29.88 -76.70 3.01
CA SER D 1634 -31.18 -77.06 2.47
C SER D 1634 -31.44 -78.55 2.63
N ILE D 1635 -32.66 -78.89 3.07
CA ILE D 1635 -33.08 -80.26 3.28
C ILE D 1635 -34.29 -80.52 2.39
N GLN D 1636 -34.14 -81.47 1.46
CA GLN D 1636 -35.23 -81.87 0.58
C GLN D 1636 -36.08 -82.89 1.31
N THR D 1637 -37.29 -82.49 1.69
CA THR D 1637 -38.22 -83.34 2.43
C THR D 1637 -39.17 -84.05 1.46
N ASP D 1638 -39.92 -85.00 2.01
CA ASP D 1638 -40.93 -85.71 1.24
C ASP D 1638 -42.23 -84.92 1.10
N GLY D 1639 -42.32 -83.75 1.72
CA GLY D 1639 -43.47 -82.88 1.56
C GLY D 1639 -43.73 -82.03 2.78
N ILE D 1640 -43.98 -80.74 2.55
CA ILE D 1640 -44.35 -79.79 3.60
C ILE D 1640 -45.84 -79.51 3.46
N LYS D 1641 -46.59 -79.74 4.54
CA LYS D 1641 -48.03 -79.59 4.50
C LYS D 1641 -48.46 -78.16 4.81
N ALA D 1642 -47.77 -77.49 5.73
CA ALA D 1642 -48.08 -76.12 6.07
C ALA D 1642 -46.82 -75.39 6.50
N VAL D 1643 -46.85 -74.06 6.37
CA VAL D 1643 -45.74 -73.19 6.72
C VAL D 1643 -46.28 -72.01 7.52
N SER D 1644 -45.54 -71.58 8.52
CA SER D 1644 -45.94 -70.48 9.39
C SER D 1644 -45.00 -69.29 9.22
N VAL D 1645 -45.47 -68.24 8.59
CA VAL D 1645 -44.68 -67.05 8.30
C VAL D 1645 -44.94 -66.03 9.40
N THR D 1646 -43.89 -65.65 10.12
CA THR D 1646 -44.00 -64.74 11.26
C THR D 1646 -43.22 -63.46 10.99
N SER D 1647 -43.88 -62.31 11.15
CA SER D 1647 -43.27 -61.01 10.95
C SER D 1647 -43.48 -60.18 12.21
N PHE D 1648 -42.45 -59.44 12.60
CA PHE D 1648 -42.47 -58.58 13.78
C PHE D 1648 -41.96 -57.21 13.36
N GLY D 1649 -42.84 -56.20 13.44
CA GLY D 1649 -42.50 -54.88 12.97
C GLY D 1649 -42.60 -53.81 14.01
N PHE D 1650 -41.98 -52.67 13.69
CA PHE D 1650 -41.93 -51.53 14.59
C PHE D 1650 -43.35 -51.09 14.96
N GLY D 1651 -43.53 -50.77 16.23
CA GLY D 1651 -44.83 -50.39 16.72
C GLY D 1651 -45.66 -51.56 17.16
N GLN D 1652 -45.03 -52.63 17.61
CA GLN D 1652 -45.74 -53.82 18.07
C GLN D 1652 -46.59 -54.43 16.96
N LYS D 1653 -46.03 -54.54 15.76
CA LYS D 1653 -46.75 -55.09 14.62
C LYS D 1653 -46.38 -56.57 14.51
N GLY D 1654 -46.92 -57.39 15.42
CA GLY D 1654 -46.78 -58.81 15.30
C GLY D 1654 -47.78 -59.30 14.29
N ALA D 1655 -47.36 -60.25 13.45
CA ALA D 1655 -48.22 -60.78 12.42
C ALA D 1655 -47.81 -62.20 12.10
N GLN D 1656 -48.81 -63.05 11.90
CA GLN D 1656 -48.59 -64.45 11.57
C GLN D 1656 -49.48 -64.81 10.40
N ALA D 1657 -48.97 -65.68 9.53
CA ALA D 1657 -49.73 -66.25 8.43
C ALA D 1657 -49.43 -67.74 8.37
N VAL D 1658 -50.41 -68.52 7.94
CA VAL D 1658 -50.28 -69.95 7.78
C VAL D 1658 -50.65 -70.30 6.36
N VAL D 1659 -49.78 -71.07 5.70
CA VAL D 1659 -49.88 -71.35 4.28
C VAL D 1659 -49.95 -72.86 4.14
N VAL D 1660 -51.08 -73.36 3.66
CA VAL D 1660 -51.33 -74.80 3.56
C VAL D 1660 -51.16 -75.23 2.12
N HIS D 1661 -50.75 -76.48 1.93
CA HIS D 1661 -50.52 -76.98 0.59
C HIS D 1661 -51.83 -77.02 -0.20
N PRO D 1662 -51.82 -76.68 -1.48
CA PRO D 1662 -53.08 -76.69 -2.24
C PRO D 1662 -53.67 -78.09 -2.45
N ASP D 1663 -52.93 -79.14 -2.12
CA ASP D 1663 -53.49 -80.48 -2.18
C ASP D 1663 -54.71 -80.61 -1.29
N TYR D 1664 -54.66 -79.98 -0.11
CA TYR D 1664 -55.76 -80.11 0.83
C TYR D 1664 -56.94 -79.24 0.42
N LEU D 1665 -56.72 -78.25 -0.45
CA LEU D 1665 -57.84 -77.60 -1.12
C LEU D 1665 -58.45 -78.52 -2.16
N PHE D 1666 -57.61 -79.08 -3.04
CA PHE D 1666 -58.12 -79.92 -4.11
C PHE D 1666 -58.81 -81.16 -3.57
N ALA D 1667 -58.50 -81.56 -2.35
CA ALA D 1667 -59.17 -82.71 -1.75
C ALA D 1667 -60.65 -82.47 -1.48
N VAL D 1668 -61.08 -81.20 -1.37
CA VAL D 1668 -62.49 -80.92 -1.09
C VAL D 1668 -63.33 -80.90 -2.36
N LEU D 1669 -62.73 -81.04 -3.53
CA LEU D 1669 -63.46 -81.06 -4.78
C LEU D 1669 -63.86 -82.48 -5.15
N ASP D 1670 -64.90 -82.59 -5.98
CA ASP D 1670 -65.23 -83.86 -6.59
C ASP D 1670 -64.31 -84.11 -7.78
N ARG D 1671 -64.39 -85.32 -8.34
CA ARG D 1671 -63.48 -85.69 -9.43
C ARG D 1671 -63.65 -84.76 -10.62
N SER D 1672 -64.88 -84.58 -11.10
CA SER D 1672 -65.13 -83.85 -12.33
C SER D 1672 -64.65 -82.41 -12.23
N THR D 1673 -64.95 -81.75 -11.10
CA THR D 1673 -64.51 -80.37 -10.91
C THR D 1673 -62.99 -80.27 -10.99
N TYR D 1674 -62.29 -81.19 -10.33
CA TYR D 1674 -60.82 -81.12 -10.31
C TYR D 1674 -60.24 -81.38 -11.69
N GLU D 1675 -60.78 -82.35 -12.43
CA GLU D 1675 -60.24 -82.63 -13.76
C GLU D 1675 -60.50 -81.46 -14.71
N GLU D 1676 -61.69 -80.86 -14.64
CA GLU D 1676 -61.98 -79.70 -15.47
C GLU D 1676 -61.04 -78.55 -15.14
N TYR D 1677 -60.83 -78.31 -13.85
CA TYR D 1677 -59.89 -77.27 -13.42
C TYR D 1677 -58.49 -77.56 -13.92
N ALA D 1678 -58.06 -78.83 -13.87
CA ALA D 1678 -56.72 -79.18 -14.31
C ALA D 1678 -56.55 -78.92 -15.80
N THR D 1679 -57.56 -79.26 -16.60
CA THR D 1679 -57.50 -78.97 -18.02
C THR D 1679 -57.40 -77.47 -18.27
N LYS D 1680 -58.21 -76.68 -17.55
CA LYS D 1680 -58.16 -75.24 -17.71
C LYS D 1680 -56.79 -74.69 -17.34
N VAL D 1681 -56.19 -75.21 -16.27
CA VAL D 1681 -54.89 -74.73 -15.84
C VAL D 1681 -53.81 -75.11 -16.85
N SER D 1682 -53.92 -76.29 -17.45
CA SER D 1682 -52.95 -76.66 -18.48
C SER D 1682 -53.02 -75.70 -19.66
N ALA D 1683 -54.23 -75.40 -20.12
CA ALA D 1683 -54.37 -74.45 -21.23
C ALA D 1683 -53.82 -73.08 -20.85
N ARG D 1684 -54.19 -72.59 -19.66
CA ARG D 1684 -53.69 -71.29 -19.20
C ARG D 1684 -52.18 -71.31 -19.05
N ASN D 1685 -51.61 -72.45 -18.64
CA ASN D 1685 -50.17 -72.54 -18.47
C ASN D 1685 -49.46 -72.43 -19.80
N LYS D 1686 -49.98 -73.09 -20.84
CA LYS D 1686 -49.37 -72.94 -22.15
C LYS D 1686 -49.48 -71.50 -22.64
N LYS D 1687 -50.64 -70.88 -22.43
CA LYS D 1687 -50.81 -69.48 -22.85
C LYS D 1687 -49.85 -68.55 -22.11
N THR D 1688 -49.70 -68.75 -20.80
CA THR D 1688 -48.79 -67.94 -20.01
C THR D 1688 -47.34 -68.20 -20.39
N TYR D 1689 -47.00 -69.44 -20.73
CA TYR D 1689 -45.65 -69.76 -21.17
C TYR D 1689 -45.31 -69.02 -22.45
N ARG D 1690 -46.24 -69.01 -23.41
CA ARG D 1690 -46.03 -68.24 -24.64
C ARG D 1690 -45.87 -66.77 -24.33
N TYR D 1691 -46.76 -66.21 -23.50
CA TYR D 1691 -46.67 -64.80 -23.15
C TYR D 1691 -45.35 -64.48 -22.48
N MET D 1692 -44.88 -65.35 -21.59
CA MET D 1692 -43.67 -65.10 -20.83
C MET D 1692 -42.46 -65.09 -21.73
N HIS D 1693 -42.36 -66.07 -22.63
CA HIS D 1693 -41.24 -66.07 -23.57
C HIS D 1693 -41.26 -64.84 -24.46
N ASN D 1694 -42.45 -64.47 -24.97
CA ASN D 1694 -42.55 -63.27 -25.79
C ASN D 1694 -42.13 -62.03 -25.00
N ALA D 1695 -42.56 -61.93 -23.75
CA ALA D 1695 -42.25 -60.77 -22.92
C ALA D 1695 -40.76 -60.67 -22.65
N ILE D 1696 -40.11 -61.79 -22.35
CA ILE D 1696 -38.68 -61.73 -22.08
C ILE D 1696 -37.92 -61.39 -23.36
N THR D 1697 -38.34 -61.92 -24.51
CA THR D 1697 -37.63 -61.61 -25.73
C THR D 1697 -37.83 -60.17 -26.18
N ARG D 1698 -38.98 -59.56 -25.89
CA ARG D 1698 -39.33 -58.27 -26.46
C ARG D 1698 -39.45 -57.13 -25.44
N ASN D 1699 -39.13 -57.37 -24.17
CA ASN D 1699 -39.23 -56.34 -23.13
C ASN D 1699 -40.63 -55.74 -23.07
N THR D 1700 -41.64 -56.60 -23.24
CA THR D 1700 -43.04 -56.19 -23.21
C THR D 1700 -43.79 -56.91 -22.10
N MET D 1701 -43.11 -57.17 -20.97
CA MET D 1701 -43.77 -57.83 -19.86
C MET D 1701 -44.88 -56.96 -19.28
N PHE D 1702 -44.58 -55.70 -19.03
CA PHE D 1702 -45.53 -54.71 -18.54
C PHE D 1702 -46.19 -54.06 -19.76
N VAL D 1703 -47.50 -54.20 -19.87
CA VAL D 1703 -48.29 -53.52 -20.89
C VAL D 1703 -49.21 -52.57 -20.16
N ALA D 1704 -48.83 -51.29 -20.12
CA ALA D 1704 -49.70 -50.28 -19.53
C ALA D 1704 -51.02 -50.23 -20.28
N LYS D 1705 -52.11 -50.18 -19.51
CA LYS D 1705 -53.44 -50.05 -20.08
C LYS D 1705 -53.71 -48.57 -20.33
N ASP D 1706 -53.93 -48.23 -21.60
CA ASP D 1706 -54.26 -46.85 -21.96
C ASP D 1706 -55.70 -46.49 -21.62
N LYS D 1707 -56.62 -47.43 -21.80
CA LYS D 1707 -58.04 -47.16 -21.63
C LYS D 1707 -58.66 -48.24 -20.74
N ALA D 1708 -59.68 -47.84 -19.99
CA ALA D 1708 -60.41 -48.77 -19.14
C ALA D 1708 -61.20 -49.75 -20.00
N PRO D 1709 -61.64 -50.89 -19.43
CA PRO D 1709 -62.47 -51.81 -20.21
C PRO D 1709 -63.80 -51.21 -20.63
N TYR D 1710 -64.24 -50.13 -19.98
CA TYR D 1710 -65.50 -49.47 -20.27
C TYR D 1710 -65.22 -48.06 -20.80
N SER D 1711 -66.07 -47.62 -21.72
CA SER D 1711 -66.00 -46.26 -22.23
C SER D 1711 -66.51 -45.28 -21.18
N ASP D 1712 -66.35 -43.99 -21.47
CA ASP D 1712 -66.87 -42.97 -20.56
C ASP D 1712 -68.38 -43.04 -20.46
N GLU D 1713 -69.06 -43.50 -21.51
CA GLU D 1713 -70.51 -43.61 -21.48
C GLU D 1713 -70.96 -44.81 -20.66
N LEU D 1714 -70.22 -45.91 -20.70
CA LEU D 1714 -70.56 -47.13 -19.99
C LEU D 1714 -69.83 -47.26 -18.66
N GLU D 1715 -69.13 -46.23 -18.22
CA GLU D 1715 -68.41 -46.30 -16.95
C GLU D 1715 -69.36 -46.52 -15.78
N GLN D 1716 -70.25 -45.56 -15.55
CA GLN D 1716 -71.17 -45.66 -14.42
C GLN D 1716 -72.21 -46.77 -14.57
N PRO D 1717 -72.79 -47.01 -15.76
CA PRO D 1717 -73.68 -48.18 -15.89
C PRO D 1717 -73.02 -49.49 -15.52
N VAL D 1718 -71.73 -49.65 -15.83
CA VAL D 1718 -71.00 -50.84 -15.38
C VAL D 1718 -70.77 -50.80 -13.88
N TYR D 1719 -70.45 -49.63 -13.32
CA TYR D 1719 -70.29 -49.51 -11.88
C TYR D 1719 -71.54 -49.95 -11.14
N LEU D 1720 -72.71 -49.65 -11.69
CA LEU D 1720 -73.97 -49.88 -10.99
C LEU D 1720 -74.60 -51.22 -11.31
N ASP D 1721 -73.96 -52.07 -12.11
CA ASP D 1721 -74.46 -53.40 -12.43
C ASP D 1721 -73.50 -54.45 -11.90
N PRO D 1722 -73.80 -55.18 -10.81
CA PRO D 1722 -72.86 -56.19 -10.34
C PRO D 1722 -72.70 -57.38 -11.28
N LEU D 1723 -73.59 -57.55 -12.26
CA LEU D 1723 -73.52 -58.64 -13.22
C LEU D 1723 -72.85 -58.23 -14.52
N ALA D 1724 -72.32 -57.01 -14.62
CA ALA D 1724 -71.69 -56.57 -15.84
C ALA D 1724 -70.34 -57.23 -16.00
N ARG D 1725 -70.21 -58.07 -17.04
CA ARG D 1725 -68.99 -58.82 -17.31
C ARG D 1725 -68.40 -58.39 -18.63
N VAL D 1726 -67.08 -58.21 -18.66
CA VAL D 1726 -66.37 -57.88 -19.88
C VAL D 1726 -66.50 -59.03 -20.89
N GLU D 1727 -66.52 -58.66 -22.17
CA GLU D 1727 -66.50 -59.64 -23.26
C GLU D 1727 -65.39 -59.28 -24.24
N GLU D 1728 -65.01 -60.27 -25.05
CA GLU D 1728 -63.96 -60.09 -26.01
C GLU D 1728 -64.48 -59.41 -27.28
N ASN D 1729 -63.69 -58.49 -27.82
CA ASN D 1729 -64.04 -57.76 -29.03
C ASN D 1729 -62.76 -57.30 -29.68
N LYS D 1730 -62.50 -57.76 -30.90
CA LYS D 1730 -61.25 -57.46 -31.61
C LYS D 1730 -60.04 -57.86 -30.77
N LYS D 1731 -60.15 -58.98 -30.07
CA LYS D 1731 -59.13 -59.55 -29.20
C LYS D 1731 -58.88 -58.72 -27.94
N LYS D 1732 -59.68 -57.68 -27.69
CA LYS D 1732 -59.55 -56.86 -26.49
C LYS D 1732 -60.75 -57.11 -25.57
N LEU D 1733 -60.48 -57.25 -24.29
CA LEU D 1733 -61.53 -57.49 -23.30
C LEU D 1733 -62.11 -56.14 -22.88
N VAL D 1734 -63.34 -55.86 -23.32
CA VAL D 1734 -63.98 -54.57 -23.08
C VAL D 1734 -65.41 -54.78 -22.60
N PHE D 1735 -65.94 -53.75 -21.94
CA PHE D 1735 -67.35 -53.72 -21.55
C PHE D 1735 -68.20 -53.21 -22.70
N SER D 1736 -69.38 -53.81 -22.86
CA SER D 1736 -70.35 -53.39 -23.87
C SER D 1736 -71.71 -53.21 -23.24
N ASP D 1737 -72.52 -52.35 -23.85
CA ASP D 1737 -73.86 -52.09 -23.32
C ASP D 1737 -74.77 -53.30 -23.38
N LYS D 1738 -74.40 -54.34 -24.14
CA LYS D 1738 -75.23 -55.53 -24.23
C LYS D 1738 -75.39 -56.22 -22.88
N THR D 1739 -74.34 -56.21 -22.06
CA THR D 1739 -74.34 -56.93 -20.79
C THR D 1739 -74.69 -56.04 -19.59
N ILE D 1740 -75.06 -54.78 -19.82
CA ILE D 1740 -75.36 -53.85 -18.74
C ILE D 1740 -76.86 -53.86 -18.50
N GLN D 1741 -77.26 -54.26 -17.29
CA GLN D 1741 -78.67 -54.44 -16.96
C GLN D 1741 -79.34 -55.39 -17.95
N SER D 1742 -78.61 -56.41 -18.37
CA SER D 1742 -79.12 -57.34 -19.36
C SER D 1742 -80.26 -58.17 -18.80
N ASN D 1743 -81.17 -58.57 -19.67
CA ASN D 1743 -82.34 -59.35 -19.26
C ASN D 1743 -82.00 -60.81 -19.01
N GLN D 1744 -80.83 -61.29 -19.45
CA GLN D 1744 -80.47 -62.69 -19.34
C GLN D 1744 -79.25 -62.92 -18.45
N SER D 1745 -78.72 -61.89 -17.81
CA SER D 1745 -77.50 -62.02 -17.02
C SER D 1745 -77.77 -62.39 -15.57
N TYR D 1746 -79.03 -62.36 -15.11
CA TYR D 1746 -79.37 -62.70 -13.73
C TYR D 1746 -79.96 -64.10 -13.59
N VAL D 1747 -81.00 -64.40 -14.35
CA VAL D 1747 -81.60 -65.74 -14.32
C VAL D 1747 -80.93 -66.63 -15.36
N MET E 1 -100.07 1.61 -76.61
CA MET E 1 -100.17 1.89 -75.15
C MET E 1 -99.27 3.06 -74.77
N LYS E 2 -99.84 4.04 -74.09
CA LYS E 2 -99.04 5.16 -73.61
C LYS E 2 -98.04 4.65 -72.58
N PRO E 3 -96.92 5.38 -72.34
CA PRO E 3 -95.95 4.93 -71.33
C PRO E 3 -96.57 4.70 -69.95
N GLU E 4 -97.56 5.51 -69.56
CA GLU E 4 -98.16 5.32 -68.24
C GLU E 4 -98.97 4.03 -68.17
N ILE E 5 -99.76 3.73 -69.20
CA ILE E 5 -100.45 2.43 -69.24
C ILE E 5 -99.42 1.30 -69.27
N GLU E 6 -98.34 1.48 -70.01
CA GLU E 6 -97.33 0.45 -70.13
C GLU E 6 -96.68 0.18 -68.77
N GLN E 7 -96.41 1.24 -68.01
CA GLN E 7 -95.87 1.09 -66.66
C GLN E 7 -96.87 0.42 -65.73
N GLU E 8 -98.14 0.79 -65.82
CA GLU E 8 -99.18 0.14 -65.01
C GLU E 8 -99.19 -1.35 -65.28
N LEU E 9 -99.20 -1.73 -66.57
CA LEU E 9 -99.23 -3.14 -66.95
C LEU E 9 -97.99 -3.86 -66.44
N SER E 10 -96.81 -3.26 -66.61
CA SER E 10 -95.58 -3.90 -66.16
C SER E 10 -95.58 -4.09 -64.66
N HIS E 11 -96.00 -3.06 -63.91
CA HIS E 11 -96.03 -3.15 -62.46
C HIS E 11 -96.96 -4.26 -62.00
N THR E 12 -98.16 -4.32 -62.57
CA THR E 12 -99.11 -5.35 -62.19
C THR E 12 -98.57 -6.73 -62.50
N LEU E 13 -98.06 -6.92 -63.72
CA LEU E 13 -97.58 -8.24 -64.12
C LEU E 13 -96.39 -8.66 -63.26
N LEU E 14 -95.46 -7.75 -63.00
CA LEU E 14 -94.28 -8.09 -62.21
C LEU E 14 -94.65 -8.41 -60.78
N THR E 15 -95.58 -7.65 -60.18
CA THR E 15 -96.02 -7.95 -58.84
C THR E 15 -96.65 -9.34 -58.78
N GLU E 16 -97.49 -9.67 -59.77
CA GLU E 16 -98.12 -10.98 -59.77
C GLU E 16 -97.09 -12.08 -59.96
N LEU E 17 -96.13 -11.88 -60.86
CA LEU E 17 -95.07 -12.85 -61.09
C LEU E 17 -94.29 -13.12 -59.81
N LEU E 18 -93.87 -12.06 -59.13
CA LEU E 18 -93.10 -12.25 -57.90
C LEU E 18 -93.95 -12.87 -56.81
N ALA E 19 -95.22 -12.48 -56.71
CA ALA E 19 -96.08 -13.01 -55.67
C ALA E 19 -96.31 -14.51 -55.84
N TYR E 20 -96.57 -14.95 -57.06
CA TYR E 20 -96.92 -16.35 -57.32
C TYR E 20 -95.71 -17.23 -57.61
N GLN E 21 -94.54 -16.65 -57.88
CA GLN E 21 -93.31 -17.42 -57.87
C GLN E 21 -93.03 -17.96 -56.47
N PHE E 22 -93.55 -17.30 -55.45
CA PHE E 22 -93.47 -17.80 -54.08
C PHE E 22 -94.06 -19.20 -53.97
N ALA E 23 -95.16 -19.46 -54.67
CA ALA E 23 -95.93 -20.69 -54.53
C ALA E 23 -96.05 -21.48 -55.83
N SER E 24 -95.20 -21.19 -56.82
CA SER E 24 -95.20 -21.92 -58.08
C SER E 24 -93.82 -22.52 -58.34
N PRO E 25 -93.72 -23.55 -59.18
CA PRO E 25 -92.41 -24.17 -59.40
C PRO E 25 -91.44 -23.25 -60.11
N VAL E 26 -90.15 -23.49 -59.86
CA VAL E 26 -89.07 -22.78 -60.55
C VAL E 26 -88.72 -23.58 -61.80
N ARG E 27 -88.93 -22.98 -62.97
CA ARG E 27 -88.72 -23.65 -64.25
C ARG E 27 -87.34 -23.30 -64.81
N TRP E 28 -86.31 -23.77 -64.08
CA TRP E 28 -84.96 -23.42 -64.48
C TRP E 28 -84.50 -24.17 -65.73
N ILE E 29 -85.03 -25.37 -66.00
CA ILE E 29 -84.72 -26.03 -67.26
C ILE E 29 -85.17 -25.15 -68.43
N GLU E 30 -86.42 -24.70 -68.40
CA GLU E 30 -86.93 -23.85 -69.48
C GLU E 30 -86.20 -22.52 -69.55
N THR E 31 -85.88 -21.91 -68.40
CA THR E 31 -85.20 -20.62 -68.46
C THR E 31 -83.79 -20.78 -69.02
N GLN E 32 -83.09 -21.87 -68.68
CA GLN E 32 -81.79 -22.11 -69.27
C GLN E 32 -81.91 -22.30 -70.77
N ASP E 33 -82.92 -23.05 -71.20
CA ASP E 33 -83.14 -23.22 -72.63
C ASP E 33 -83.37 -21.90 -73.33
N VAL E 34 -84.11 -20.99 -72.70
CA VAL E 34 -84.40 -19.69 -73.33
C VAL E 34 -83.10 -18.96 -73.64
N PHE E 35 -82.32 -18.62 -72.61
CA PHE E 35 -81.16 -17.77 -72.85
C PHE E 35 -79.96 -18.52 -73.40
N LEU E 36 -79.98 -19.86 -73.45
CA LEU E 36 -78.91 -20.58 -74.11
C LEU E 36 -79.20 -20.80 -75.60
N LYS E 37 -80.46 -21.10 -75.94
CA LYS E 37 -80.82 -21.40 -77.33
C LYS E 37 -81.30 -20.16 -78.07
N GLN E 38 -82.35 -19.51 -77.56
CA GLN E 38 -82.95 -18.40 -78.29
C GLN E 38 -82.03 -17.19 -78.29
N HIS E 39 -81.51 -16.82 -77.13
CA HIS E 39 -80.60 -15.67 -77.04
C HIS E 39 -79.19 -16.00 -77.48
N ASN E 40 -78.81 -17.29 -77.49
CA ASN E 40 -77.44 -17.70 -77.81
C ASN E 40 -76.45 -16.98 -76.90
N THR E 41 -76.78 -16.90 -75.61
CA THR E 41 -75.91 -16.23 -74.66
C THR E 41 -74.57 -16.94 -74.57
N GLU E 42 -73.50 -16.15 -74.62
CA GLU E 42 -72.14 -16.67 -74.49
C GLU E 42 -71.60 -16.55 -73.07
N ARG E 43 -71.65 -15.34 -72.50
CA ARG E 43 -71.11 -15.08 -71.17
C ARG E 43 -72.24 -15.29 -70.15
N ILE E 44 -72.19 -16.42 -69.44
CA ILE E 44 -73.19 -16.74 -68.43
C ILE E 44 -72.53 -16.53 -67.07
N ILE E 45 -72.70 -15.35 -66.50
CA ILE E 45 -72.12 -15.01 -65.20
C ILE E 45 -73.19 -15.24 -64.15
N GLU E 46 -72.85 -16.04 -63.13
CA GLU E 46 -73.74 -16.25 -61.99
C GLU E 46 -73.19 -15.47 -60.80
N ILE E 47 -74.02 -14.58 -60.26
CA ILE E 47 -73.67 -13.71 -59.14
C ILE E 47 -74.16 -14.40 -57.88
N GLY E 48 -73.24 -15.00 -57.14
CA GLY E 48 -73.59 -15.70 -55.93
C GLY E 48 -72.37 -16.09 -55.12
N PRO E 49 -72.59 -16.62 -53.92
CA PRO E 49 -71.45 -17.05 -53.10
C PRO E 49 -70.83 -18.37 -53.53
N SER E 50 -71.54 -19.18 -54.30
CA SER E 50 -71.06 -20.47 -54.76
C SER E 50 -71.50 -20.66 -56.21
N PRO E 51 -70.76 -21.49 -57.00
CA PRO E 51 -71.04 -21.65 -58.43
C PRO E 51 -72.18 -22.63 -58.73
N THR E 52 -73.29 -22.48 -58.01
CA THR E 52 -74.39 -23.43 -58.15
C THR E 52 -74.93 -23.41 -59.57
N LEU E 53 -75.49 -22.27 -60.00
CA LEU E 53 -76.11 -22.22 -61.31
C LEU E 53 -75.06 -22.21 -62.42
N ALA E 54 -73.81 -21.84 -62.11
CA ALA E 54 -72.75 -22.08 -63.08
C ALA E 54 -72.62 -23.57 -63.38
N GLY E 55 -72.62 -24.40 -62.33
CA GLY E 55 -72.57 -25.84 -62.55
C GLY E 55 -73.79 -26.37 -63.28
N MET E 56 -74.98 -25.91 -62.88
CA MET E 56 -76.19 -26.38 -63.56
C MET E 56 -76.22 -25.95 -65.01
N ALA E 57 -75.80 -24.72 -65.31
CA ALA E 57 -75.76 -24.26 -66.70
C ALA E 57 -74.75 -25.06 -67.51
N ASN E 58 -73.59 -25.35 -66.92
CA ASN E 58 -72.61 -26.19 -67.61
C ASN E 58 -73.18 -27.56 -67.90
N ARG E 59 -73.89 -28.15 -66.91
CA ARG E 59 -74.50 -29.45 -67.11
C ARG E 59 -75.52 -29.41 -68.23
N THR E 60 -76.36 -28.37 -68.27
CA THR E 60 -77.37 -28.26 -69.32
C THR E 60 -76.72 -28.09 -70.69
N ILE E 61 -75.66 -27.29 -70.76
CA ILE E 61 -74.97 -27.07 -72.03
C ILE E 61 -74.38 -28.37 -72.53
N LYS E 62 -73.73 -29.12 -71.64
CA LYS E 62 -73.15 -30.40 -72.04
C LYS E 62 -74.23 -31.40 -72.44
N ALA E 63 -75.36 -31.39 -71.73
CA ALA E 63 -76.39 -32.39 -71.99
C ALA E 63 -77.10 -32.14 -73.31
N LYS E 64 -77.48 -30.89 -73.59
CA LYS E 64 -78.38 -30.59 -74.70
C LYS E 64 -77.78 -29.71 -75.78
N TYR E 65 -76.87 -28.80 -75.44
CA TYR E 65 -76.34 -27.83 -76.39
C TYR E 65 -74.90 -28.10 -76.80
N GLU E 66 -74.38 -29.29 -76.51
CA GLU E 66 -73.01 -29.61 -76.91
C GLU E 66 -72.87 -29.59 -78.44
N SER E 67 -73.82 -30.19 -79.15
CA SER E 67 -73.77 -30.18 -80.60
C SER E 67 -74.24 -28.84 -81.17
N TYR E 68 -75.20 -28.19 -80.49
CA TYR E 68 -75.70 -26.91 -80.96
C TYR E 68 -74.59 -25.84 -80.95
N ASP E 69 -73.82 -25.78 -79.86
CA ASP E 69 -72.74 -24.82 -79.78
C ASP E 69 -71.67 -25.09 -80.82
N ALA E 70 -71.34 -26.38 -81.04
CA ALA E 70 -70.36 -26.72 -82.07
C ALA E 70 -70.86 -26.33 -83.45
N ALA E 71 -72.16 -26.56 -83.72
CA ALA E 71 -72.71 -26.23 -85.02
C ALA E 71 -72.66 -24.73 -85.27
N LEU E 72 -73.02 -23.93 -84.27
CA LEU E 72 -73.01 -22.47 -84.44
C LEU E 72 -71.66 -21.84 -84.13
N SER E 73 -70.63 -22.63 -83.80
CA SER E 73 -69.31 -22.12 -83.46
C SER E 73 -69.39 -21.11 -82.32
N LEU E 74 -70.25 -21.39 -81.35
CA LEU E 74 -70.51 -20.49 -80.23
C LEU E 74 -69.76 -21.00 -79.01
N GLN E 75 -68.85 -20.17 -78.50
CA GLN E 75 -68.06 -20.51 -77.32
C GLN E 75 -68.73 -19.91 -76.09
N ARG E 76 -69.30 -20.75 -75.24
CA ARG E 76 -69.99 -20.31 -74.04
C ARG E 76 -69.04 -20.34 -72.85
N GLN E 77 -68.85 -19.19 -72.22
CA GLN E 77 -68.03 -19.04 -71.03
C GLN E 77 -68.97 -18.89 -69.84
N VAL E 78 -68.95 -19.88 -68.95
CA VAL E 78 -69.74 -19.86 -67.72
C VAL E 78 -68.82 -19.41 -66.60
N LEU E 79 -69.19 -18.31 -65.94
CA LEU E 79 -68.38 -17.68 -64.91
C LEU E 79 -69.16 -17.62 -63.62
N CYS E 80 -68.44 -17.71 -62.50
CA CYS E 80 -68.99 -17.59 -61.16
C CYS E 80 -68.33 -16.42 -60.47
N TYR E 81 -69.11 -15.62 -59.75
CA TYR E 81 -68.52 -14.48 -59.05
C TYR E 81 -67.52 -14.94 -57.99
N SER E 82 -67.86 -15.98 -57.23
CA SER E 82 -67.00 -16.40 -56.13
C SER E 82 -65.71 -17.05 -56.60
N LYS E 83 -65.63 -17.48 -57.85
CA LYS E 83 -64.47 -18.19 -58.39
C LYS E 83 -63.76 -17.43 -59.49
N ASP E 84 -64.50 -16.86 -60.44
CA ASP E 84 -63.94 -16.22 -61.62
C ASP E 84 -64.09 -14.70 -61.56
N ALA E 85 -63.87 -14.13 -60.37
CA ALA E 85 -63.98 -12.68 -60.22
C ALA E 85 -62.97 -11.96 -61.12
N LYS E 86 -61.77 -12.53 -61.30
CA LYS E 86 -60.80 -11.92 -62.20
C LYS E 86 -61.35 -11.85 -63.62
N GLU E 87 -61.95 -12.94 -64.10
CA GLU E 87 -62.49 -12.96 -65.45
C GLU E 87 -63.69 -12.03 -65.60
N ILE E 88 -64.54 -11.94 -64.58
CA ILE E 88 -65.70 -11.08 -64.67
C ILE E 88 -65.29 -9.61 -64.64
N TYR E 89 -64.31 -9.26 -63.80
CA TYR E 89 -63.85 -7.89 -63.69
C TYR E 89 -62.79 -7.52 -64.72
N TYR E 90 -62.38 -8.47 -65.57
CA TYR E 90 -61.31 -8.25 -66.54
C TYR E 90 -60.06 -7.77 -65.81
N LYS E 91 -59.62 -8.58 -64.85
CA LYS E 91 -58.44 -8.32 -64.04
C LYS E 91 -57.56 -9.56 -64.03
N PRO E 92 -56.99 -9.93 -65.17
CA PRO E 92 -56.05 -11.06 -65.19
C PRO E 92 -54.80 -10.74 -64.39
N ASP E 93 -54.17 -11.78 -63.88
CA ASP E 93 -52.98 -11.61 -63.07
C ASP E 93 -51.85 -11.03 -63.92
N PRO E 94 -51.26 -9.88 -63.54
CA PRO E 94 -50.18 -9.35 -64.39
C PRO E 94 -48.98 -10.29 -64.48
N ASP E 322 -0.04 -8.62 -27.25
CA ASP E 322 -1.32 -8.35 -27.91
C ASP E 322 -2.19 -7.45 -27.05
N SER E 323 -3.21 -6.85 -27.69
CA SER E 323 -4.15 -6.03 -26.95
C SER E 323 -4.89 -6.85 -25.89
N ALA E 324 -5.15 -8.13 -26.17
CA ALA E 324 -5.77 -8.97 -25.16
C ALA E 324 -4.87 -9.13 -23.93
N ALA E 325 -3.58 -9.34 -24.15
CA ALA E 325 -2.65 -9.46 -23.03
C ALA E 325 -2.55 -8.15 -22.26
N LEU E 326 -2.51 -7.02 -22.98
CA LEU E 326 -2.44 -5.73 -22.32
C LEU E 326 -3.70 -5.48 -21.49
N ASP E 327 -4.87 -5.85 -22.02
CA ASP E 327 -6.10 -5.69 -21.27
C ASP E 327 -6.13 -6.60 -20.06
N ALA E 328 -5.58 -7.80 -20.19
CA ALA E 328 -5.49 -8.70 -19.03
C ALA E 328 -4.61 -8.10 -17.94
N LEU E 329 -3.48 -7.51 -18.34
CA LEU E 329 -2.61 -6.85 -17.36
C LEU E 329 -3.31 -5.68 -16.71
N THR E 330 -4.02 -4.87 -17.51
CA THR E 330 -4.76 -3.76 -16.96
C THR E 330 -5.81 -4.24 -15.96
N ALA E 331 -6.52 -5.32 -16.30
CA ALA E 331 -7.54 -5.86 -15.42
C ALA E 331 -6.92 -6.38 -14.13
N GLU E 332 -5.76 -7.03 -14.22
CA GLU E 332 -5.10 -7.53 -13.01
C GLU E 332 -4.68 -6.38 -12.09
N ASN E 333 -4.10 -5.32 -12.68
CA ASN E 333 -3.72 -4.17 -11.86
C ASN E 333 -4.94 -3.50 -11.24
N LYS E 334 -6.02 -3.37 -12.02
CA LYS E 334 -7.24 -2.79 -11.48
C LYS E 334 -7.82 -3.66 -10.37
N LYS E 335 -7.75 -4.98 -10.53
CA LYS E 335 -8.24 -5.88 -9.49
C LYS E 335 -7.44 -5.72 -8.21
N LEU E 336 -6.11 -5.64 -8.32
CA LEU E 336 -5.30 -5.43 -7.12
C LEU E 336 -5.64 -4.12 -6.45
N ALA E 337 -5.77 -3.05 -7.24
CA ALA E 337 -6.09 -1.75 -6.67
C ALA E 337 -7.46 -1.78 -6.01
N LYS E 338 -8.43 -2.45 -6.62
CA LYS E 338 -9.77 -2.53 -6.03
C LYS E 338 -9.75 -3.32 -4.73
N GLN E 339 -8.98 -4.42 -4.67
CA GLN E 339 -8.89 -5.18 -3.43
C GLN E 339 -8.26 -4.35 -2.33
N GLN E 340 -7.19 -3.61 -2.66
CA GLN E 340 -6.60 -2.72 -1.67
C GLN E 340 -7.58 -1.64 -1.24
N LEU E 341 -8.37 -1.14 -2.19
CA LEU E 341 -9.38 -0.13 -1.90
C LEU E 341 -10.42 -0.66 -0.90
N GLU E 342 -10.92 -1.88 -1.13
CA GLU E 342 -11.88 -2.47 -0.20
C GLU E 342 -11.25 -2.72 1.16
N VAL E 343 -9.99 -3.17 1.20
CA VAL E 343 -9.35 -3.40 2.49
C VAL E 343 -9.22 -2.09 3.26
N LEU E 344 -8.82 -1.01 2.58
CA LEU E 344 -8.69 0.27 3.26
C LEU E 344 -10.05 0.80 3.73
N ALA E 345 -11.08 0.66 2.90
CA ALA E 345 -12.40 1.11 3.30
C ALA E 345 -12.90 0.31 4.50
N ARG E 346 -12.66 -1.01 4.50
CA ARG E 346 -13.04 -1.83 5.64
C ARG E 346 -12.30 -1.41 6.89
N TYR E 347 -11.00 -1.10 6.76
CA TYR E 347 -10.23 -0.66 7.92
C TYR E 347 -10.76 0.66 8.46
N LEU E 348 -11.11 1.59 7.57
CA LEU E 348 -11.62 2.89 7.97
C LEU E 348 -13.08 2.86 8.40
N GLN E 349 -13.77 1.73 8.20
CA GLN E 349 -15.22 1.66 8.41
C GLN E 349 -15.96 2.66 7.54
N SER E 350 -15.37 2.99 6.39
CA SER E 350 -16.04 3.80 5.39
C SER E 350 -16.79 2.88 4.44
N ARG E 351 -18.08 3.09 4.32
CA ARG E 351 -18.91 2.26 3.45
C ARG E 351 -19.01 2.94 2.10
N LEU E 352 -18.48 2.29 1.07
CA LEU E 352 -18.46 2.86 -0.27
C LEU E 352 -19.82 2.85 -0.94
N LYS E 353 -20.85 2.31 -0.27
CA LYS E 353 -22.18 2.27 -0.85
C LYS E 353 -23.28 2.46 0.20
N GLN E 354 -22.98 3.19 1.28
CA GLN E 354 -23.99 3.59 2.25
C GLN E 354 -24.69 4.88 1.86
N GLY E 355 -23.93 5.95 1.65
CA GLY E 355 -24.52 7.11 0.99
C GLY E 355 -24.93 6.80 -0.42
N SER E 356 -24.23 5.90 -1.09
CA SER E 356 -24.63 5.50 -2.44
C SER E 356 -25.68 4.45 -2.35
N LEU E 357 -26.59 4.46 -3.31
CA LEU E 357 -27.14 3.23 -3.87
C LEU E 357 -28.07 2.52 -2.89
N LYS E 358 -27.80 2.59 -1.58
CA LYS E 358 -28.80 2.30 -0.54
C LYS E 358 -29.71 3.50 -0.34
N SER E 359 -29.14 4.63 0.08
CA SER E 359 -29.91 5.85 0.21
C SER E 359 -30.55 6.22 -1.12
N PHE E 360 -29.86 5.94 -2.23
CA PHE E 360 -30.42 6.29 -3.52
C PHE E 360 -31.63 5.41 -3.84
N ILE E 361 -31.54 4.09 -3.62
CA ILE E 361 -32.72 3.28 -3.96
C ILE E 361 -33.84 3.55 -2.97
N LYS E 362 -33.52 3.94 -1.73
CA LYS E 362 -34.56 4.29 -0.77
C LYS E 362 -35.29 5.55 -1.18
N GLU E 363 -34.56 6.59 -1.58
CA GLU E 363 -35.21 7.82 -2.01
C GLU E 363 -35.97 7.59 -3.31
N LYS E 364 -35.46 6.71 -4.19
CA LYS E 364 -36.22 6.37 -5.39
C LYS E 364 -37.53 5.69 -5.06
N GLU E 365 -37.53 4.78 -4.07
CA GLU E 365 -38.77 4.16 -3.65
C GLU E 365 -39.74 5.18 -3.07
N ALA E 366 -39.23 6.11 -2.26
CA ALA E 366 -40.08 7.17 -1.73
C ALA E 366 -40.69 8.00 -2.84
N SER E 367 -39.89 8.35 -3.85
CA SER E 367 -40.39 9.11 -4.99
C SER E 367 -41.43 8.30 -5.77
N ALA E 368 -41.23 6.98 -5.84
CA ALA E 368 -42.23 6.13 -6.50
C ALA E 368 -43.55 6.17 -5.75
N VAL E 369 -43.51 6.13 -4.42
CA VAL E 369 -44.73 6.22 -3.64
C VAL E 369 -45.42 7.56 -3.87
N LEU E 370 -44.65 8.65 -3.83
CA LEU E 370 -45.23 9.97 -4.07
C LEU E 370 -45.84 10.05 -5.47
N GLN E 371 -45.15 9.48 -6.46
CA GLN E 371 -45.67 9.48 -7.82
C GLN E 371 -46.93 8.63 -7.93
N LYS E 372 -47.04 7.58 -7.11
CA LYS E 372 -48.28 6.80 -7.12
C LYS E 372 -49.45 7.65 -6.62
N GLU E 373 -49.24 8.39 -5.54
CA GLU E 373 -50.30 9.29 -5.07
C GLU E 373 -50.61 10.36 -6.11
N LEU E 374 -49.59 10.90 -6.76
CA LEU E 374 -49.80 11.92 -7.79
C LEU E 374 -50.55 11.34 -8.99
N ASP E 375 -50.22 10.12 -9.39
CA ASP E 375 -50.93 9.48 -10.48
C ASP E 375 -52.38 9.26 -10.11
N LEU E 376 -52.64 8.88 -8.85
CA LEU E 376 -54.02 8.79 -8.40
C LEU E 376 -54.75 10.12 -8.59
N TRP E 377 -54.16 11.22 -8.11
CA TRP E 377 -54.83 12.51 -8.21
C TRP E 377 -55.08 12.89 -9.68
N GLU E 378 -54.06 12.73 -10.52
CA GLU E 378 -54.17 13.19 -11.90
C GLU E 378 -55.08 12.29 -12.72
N ALA E 379 -55.16 11.01 -12.38
CA ALA E 379 -56.09 10.13 -13.08
C ALA E 379 -57.51 10.35 -12.61
N GLU E 380 -57.68 10.78 -11.35
CA GLU E 380 -59.02 11.04 -10.83
C GLU E 380 -59.56 12.37 -11.30
N HIS E 381 -58.70 13.33 -11.65
CA HIS E 381 -59.16 14.68 -11.98
C HIS E 381 -58.85 15.13 -13.40
N GLY E 382 -57.76 14.67 -13.99
CA GLY E 382 -57.38 15.06 -15.33
C GLY E 382 -56.36 16.18 -15.33
N GLU E 383 -55.86 16.46 -16.52
CA GLU E 383 -54.77 17.42 -16.73
C GLU E 383 -55.25 18.86 -16.58
N PHE E 384 -56.42 19.18 -17.15
CA PHE E 384 -56.92 20.55 -17.10
C PHE E 384 -57.22 20.97 -15.68
N TYR E 385 -57.95 20.13 -14.95
CA TYR E 385 -58.26 20.43 -13.55
C TYR E 385 -56.97 20.58 -12.75
N ALA E 386 -55.98 19.73 -13.04
CA ALA E 386 -54.72 19.77 -12.32
C ALA E 386 -54.00 21.10 -12.52
N LYS E 387 -53.85 21.54 -13.78
CA LYS E 387 -53.17 22.81 -14.02
C LYS E 387 -54.06 24.01 -13.74
N GLY E 388 -55.36 23.81 -13.53
CA GLY E 388 -56.24 24.91 -13.20
C GLY E 388 -56.39 25.19 -11.74
N ILE E 389 -56.20 24.20 -10.87
CA ILE E 389 -56.27 24.43 -9.43
C ILE E 389 -55.02 25.13 -8.90
N GLN E 390 -54.08 25.48 -9.77
CA GLN E 390 -52.85 26.14 -9.35
C GLN E 390 -53.19 27.47 -8.70
N PRO E 391 -52.75 27.76 -7.47
CA PRO E 391 -52.96 29.09 -6.92
C PRO E 391 -52.21 30.15 -7.72
N THR E 392 -52.83 31.32 -7.83
CA THR E 392 -52.24 32.47 -8.52
C THR E 392 -52.34 33.76 -7.73
N PHE E 393 -53.12 33.80 -6.66
CA PHE E 393 -53.27 35.02 -5.89
C PHE E 393 -51.98 35.37 -5.16
N SER E 394 -51.65 36.66 -5.16
CA SER E 394 -50.58 37.19 -4.33
C SER E 394 -50.91 38.64 -4.01
N ALA E 395 -50.77 39.01 -2.73
CA ALA E 395 -51.02 40.39 -2.35
C ALA E 395 -49.98 41.33 -2.94
N LEU E 396 -48.81 40.80 -3.34
CA LEU E 396 -47.77 41.65 -3.92
C LEU E 396 -48.08 42.03 -5.35
N LYS E 397 -49.01 41.32 -6.01
CA LYS E 397 -49.44 41.65 -7.36
C LYS E 397 -50.69 42.51 -7.40
N SER E 398 -51.20 42.95 -6.25
CA SER E 398 -52.31 43.89 -6.23
C SER E 398 -51.90 45.20 -6.88
N ARG E 399 -52.76 45.72 -7.75
CA ARG E 399 -52.56 47.00 -8.42
C ARG E 399 -53.73 47.90 -8.05
N THR E 400 -53.45 48.93 -7.26
CA THR E 400 -54.47 49.85 -6.77
C THR E 400 -54.44 51.10 -7.62
N TYR E 401 -55.62 51.53 -8.08
CA TYR E 401 -55.80 52.73 -8.88
C TYR E 401 -56.76 53.64 -8.12
N ASP E 402 -56.28 54.81 -7.68
CA ASP E 402 -57.13 55.76 -6.98
C ASP E 402 -56.84 57.21 -7.36
N SER E 403 -56.03 57.49 -8.38
CA SER E 403 -55.62 58.86 -8.69
C SER E 403 -56.57 59.51 -9.70
N TYR E 404 -57.86 59.43 -9.35
CA TYR E 404 -58.87 60.16 -10.10
C TYR E 404 -58.56 61.64 -10.17
N TRP E 405 -57.92 62.18 -9.12
CA TRP E 405 -57.61 63.61 -9.08
C TRP E 405 -56.71 64.01 -10.25
N ASN E 406 -55.72 63.17 -10.56
CA ASN E 406 -54.85 63.46 -11.70
C ASN E 406 -55.55 63.13 -13.02
N TRP E 407 -56.26 62.01 -13.06
CA TRP E 407 -56.88 61.62 -14.33
C TRP E 407 -57.97 62.59 -14.76
N ALA E 408 -58.61 63.27 -13.80
CA ALA E 408 -59.64 64.25 -14.16
C ALA E 408 -59.03 65.41 -14.94
N ARG E 409 -57.95 65.99 -14.43
CA ARG E 409 -57.29 67.08 -15.14
C ARG E 409 -56.72 66.60 -16.47
N GLN E 410 -56.15 65.39 -16.49
CA GLN E 410 -55.63 64.85 -17.74
C GLN E 410 -56.73 64.78 -18.79
N ASP E 411 -57.89 64.22 -18.42
CA ASP E 411 -58.97 64.04 -19.38
C ASP E 411 -59.57 65.38 -19.78
N VAL E 412 -59.66 66.33 -18.85
CA VAL E 412 -60.17 67.66 -19.18
C VAL E 412 -59.29 68.30 -20.25
N LEU E 413 -57.97 68.27 -20.04
CA LEU E 413 -57.06 68.86 -21.00
C LEU E 413 -57.10 68.13 -22.33
N SER E 414 -57.18 66.80 -22.28
CA SER E 414 -57.22 66.01 -23.51
C SER E 414 -58.45 66.36 -24.34
N MET E 415 -59.61 66.51 -23.69
CA MET E 415 -60.79 66.90 -24.44
C MET E 415 -60.70 68.34 -24.91
N TYR E 416 -60.09 69.22 -24.11
CA TYR E 416 -59.96 70.62 -24.50
C TYR E 416 -59.18 70.76 -25.80
N PHE E 417 -58.06 70.05 -25.90
CA PHE E 417 -57.27 70.15 -27.13
C PHE E 417 -57.93 69.43 -28.30
N ASP E 418 -58.71 68.38 -28.04
CA ASP E 418 -59.53 67.82 -29.11
C ASP E 418 -60.51 68.84 -29.65
N ILE E 419 -61.15 69.60 -28.76
CA ILE E 419 -62.07 70.64 -29.20
C ILE E 419 -61.33 71.68 -30.04
N ILE E 420 -60.19 72.19 -29.54
CA ILE E 420 -59.53 73.27 -30.27
C ILE E 420 -58.83 72.80 -31.53
N PHE E 421 -58.60 71.50 -31.69
CA PHE E 421 -58.05 70.95 -32.93
C PHE E 421 -59.11 70.34 -33.83
N GLY E 422 -60.38 70.39 -33.43
CA GLY E 422 -61.45 69.98 -34.32
C GLY E 422 -61.71 68.50 -34.37
N LYS E 423 -61.31 67.76 -33.34
CA LYS E 423 -61.58 66.34 -33.24
C LYS E 423 -62.88 66.04 -32.49
N LEU E 424 -63.57 67.07 -32.01
CA LEU E 424 -64.71 66.85 -31.13
C LEU E 424 -65.72 67.97 -31.28
N THR E 425 -66.99 67.60 -31.23
CA THR E 425 -68.11 68.54 -31.20
C THR E 425 -69.12 68.06 -30.16
N SER E 426 -69.89 69.01 -29.62
CA SER E 426 -70.76 68.70 -28.49
C SER E 426 -71.85 67.68 -28.87
N VAL E 427 -72.20 67.61 -30.15
CA VAL E 427 -73.28 66.70 -30.56
C VAL E 427 -72.90 65.26 -30.27
N ASP E 428 -71.62 64.91 -30.43
CA ASP E 428 -71.17 63.56 -30.15
C ASP E 428 -71.47 63.17 -28.71
N ARG E 429 -72.02 61.98 -28.52
CA ARG E 429 -72.38 61.53 -27.18
C ARG E 429 -71.17 61.06 -26.39
N GLU E 430 -70.06 60.77 -27.07
CA GLU E 430 -68.82 60.50 -26.34
C GLU E 430 -68.38 61.73 -25.57
N THR E 431 -68.61 62.92 -26.13
CA THR E 431 -68.34 64.16 -25.40
C THR E 431 -69.17 64.23 -24.13
N ILE E 432 -70.46 63.89 -24.20
CA ILE E 432 -71.32 63.96 -23.04
C ILE E 432 -70.88 62.93 -22.00
N ASN E 433 -70.49 61.74 -22.45
CA ASN E 433 -69.97 60.73 -21.54
C ASN E 433 -68.72 61.21 -20.82
N GLN E 434 -67.77 61.78 -21.56
CA GLN E 434 -66.54 62.27 -20.95
C GLN E 434 -66.84 63.40 -19.96
N CYS E 435 -67.76 64.29 -20.33
CA CYS E 435 -68.15 65.37 -19.44
C CYS E 435 -68.78 64.82 -18.17
N ILE E 436 -69.55 63.73 -18.29
CA ILE E 436 -70.12 63.10 -17.10
C ILE E 436 -69.03 62.54 -16.22
N GLN E 437 -68.00 61.94 -16.80
CA GLN E 437 -66.90 61.43 -15.99
C GLN E 437 -66.15 62.56 -15.29
N ILE E 438 -65.96 63.68 -15.98
CA ILE E 438 -65.28 64.81 -15.37
C ILE E 438 -66.13 65.43 -14.27
N MET E 439 -67.46 65.47 -14.47
CA MET E 439 -68.35 65.91 -13.39
C MET E 439 -68.29 64.96 -12.21
N ASN E 440 -68.18 63.66 -12.48
CA ASN E 440 -68.01 62.67 -11.43
C ASN E 440 -66.72 62.88 -10.65
N ARG E 441 -65.65 63.31 -11.32
CA ARG E 441 -64.37 63.55 -10.68
C ARG E 441 -64.17 65.02 -10.30
N ALA E 442 -65.22 65.83 -10.37
CA ALA E 442 -65.10 67.26 -10.14
C ALA E 442 -64.53 67.56 -8.74
N ASN E 443 -63.67 68.56 -8.68
CA ASN E 443 -63.05 69.01 -7.44
C ASN E 443 -62.75 70.49 -7.59
N PRO E 444 -62.59 71.23 -6.48
CA PRO E 444 -62.27 72.67 -6.62
C PRO E 444 -60.99 72.93 -7.40
N THR E 445 -59.96 72.09 -7.22
CA THR E 445 -58.75 72.24 -8.00
C THR E 445 -59.02 72.04 -9.49
N LEU E 446 -59.90 71.09 -9.82
CA LEU E 446 -60.26 70.87 -11.22
C LEU E 446 -61.08 72.03 -11.75
N ILE E 447 -61.91 72.66 -10.91
CA ILE E 447 -62.64 73.85 -11.32
C ILE E 447 -61.66 74.96 -11.68
N LYS E 448 -60.65 75.18 -10.83
CA LYS E 448 -59.64 76.18 -11.14
C LYS E 448 -58.88 75.80 -12.42
N PHE E 449 -58.58 74.51 -12.59
CA PHE E 449 -57.86 74.06 -13.77
C PHE E 449 -58.63 74.37 -15.04
N MET E 450 -59.93 74.07 -15.05
CA MET E 450 -60.73 74.34 -16.24
C MET E 450 -60.94 75.84 -16.42
N GLN E 451 -61.12 76.57 -15.33
CA GLN E 451 -61.40 78.00 -15.43
C GLN E 451 -60.21 78.75 -15.99
N TYR E 452 -58.99 78.37 -15.61
CA TYR E 452 -57.82 79.01 -16.20
C TYR E 452 -57.80 78.83 -17.70
N HIS E 453 -58.01 77.60 -18.18
CA HIS E 453 -57.91 77.30 -19.59
C HIS E 453 -59.08 77.83 -20.41
N ILE E 454 -60.22 78.12 -19.79
CA ILE E 454 -61.34 78.73 -20.48
C ILE E 454 -61.33 80.26 -20.37
N ASP E 455 -60.65 80.82 -19.37
CA ASP E 455 -60.49 82.27 -19.29
C ASP E 455 -59.31 82.76 -20.13
N HIS E 456 -58.29 81.92 -20.31
CA HIS E 456 -57.15 82.26 -21.14
C HIS E 456 -57.22 81.60 -22.52
N CYS E 457 -58.37 81.04 -22.89
CA CYS E 457 -58.51 80.45 -24.21
C CYS E 457 -58.42 81.55 -25.27
N PRO E 458 -57.47 81.48 -26.22
CA PRO E 458 -57.38 82.56 -27.20
C PRO E 458 -58.43 82.43 -28.30
N GLU E 459 -59.63 82.93 -28.00
CA GLU E 459 -60.76 82.79 -28.91
C GLU E 459 -60.54 83.45 -30.26
N TYR E 460 -59.59 84.38 -30.36
CA TYR E 460 -59.36 85.11 -31.59
C TYR E 460 -58.67 84.28 -32.67
N LYS E 461 -58.18 83.08 -32.34
CA LYS E 461 -57.39 82.30 -33.29
C LYS E 461 -58.23 81.35 -34.14
N GLY E 462 -59.54 81.28 -33.93
CA GLY E 462 -60.37 80.47 -34.79
C GLY E 462 -61.66 80.10 -34.10
N GLU E 463 -62.56 79.52 -34.90
CA GLU E 463 -63.85 79.09 -34.39
C GLU E 463 -63.71 77.97 -33.37
N THR E 464 -62.75 77.06 -33.60
CA THR E 464 -62.57 75.93 -32.67
C THR E 464 -62.19 76.42 -31.28
N TYR E 465 -61.48 77.55 -31.18
CA TYR E 465 -61.16 78.09 -29.87
C TYR E 465 -62.39 78.74 -29.24
N LYS E 466 -63.23 79.39 -30.04
CA LYS E 466 -64.51 79.88 -29.53
C LYS E 466 -65.37 78.74 -29.04
N LEU E 467 -65.40 77.64 -29.80
CA LEU E 467 -66.12 76.45 -29.39
C LEU E 467 -65.58 75.91 -28.07
N ALA E 468 -64.27 75.81 -27.95
CA ALA E 468 -63.67 75.32 -26.70
C ALA E 468 -64.04 76.23 -25.55
N LYS E 469 -63.95 77.56 -25.74
CA LYS E 469 -64.26 78.48 -24.67
C LYS E 469 -65.70 78.32 -24.20
N ARG E 470 -66.66 78.36 -25.11
CA ARG E 470 -68.06 78.33 -24.69
C ARG E 470 -68.41 76.95 -24.09
N LEU E 471 -68.00 75.87 -24.75
CA LEU E 471 -68.36 74.54 -24.28
C LEU E 471 -67.71 74.23 -22.95
N GLY E 472 -66.43 74.60 -22.79
CA GLY E 472 -65.78 74.42 -21.51
C GLY E 472 -66.38 75.27 -20.41
N GLN E 473 -66.89 76.45 -20.76
CA GLN E 473 -67.59 77.25 -19.76
C GLN E 473 -68.85 76.53 -19.28
N GLN E 474 -69.61 75.93 -20.21
CA GLN E 474 -70.78 75.16 -19.77
C GLN E 474 -70.37 73.99 -18.89
N LEU E 475 -69.31 73.28 -19.27
CA LEU E 475 -68.86 72.15 -18.47
C LEU E 475 -68.38 72.61 -17.09
N ILE E 476 -67.74 73.78 -17.02
CA ILE E 476 -67.32 74.33 -15.74
C ILE E 476 -68.52 74.62 -14.87
N ASP E 477 -69.57 75.20 -15.45
CA ASP E 477 -70.79 75.45 -14.70
C ASP E 477 -71.37 74.15 -14.17
N ASN E 478 -71.42 73.12 -15.01
CA ASN E 478 -71.95 71.82 -14.60
C ASN E 478 -71.15 71.24 -13.44
N CYS E 479 -69.83 71.27 -13.56
CA CYS E 479 -68.97 70.74 -12.50
C CYS E 479 -69.14 71.55 -11.21
N LYS E 480 -69.31 72.87 -11.32
CA LYS E 480 -69.56 73.67 -10.13
C LYS E 480 -70.85 73.24 -9.44
N GLN E 481 -71.92 73.04 -10.20
CA GLN E 481 -73.20 72.72 -9.56
C GLN E 481 -73.19 71.33 -8.96
N VAL E 482 -72.42 70.41 -9.56
CA VAL E 482 -72.34 69.04 -9.01
C VAL E 482 -71.09 68.88 -8.15
N LEU E 483 -70.47 69.99 -7.75
CA LEU E 483 -69.23 69.92 -6.99
C LEU E 483 -69.42 69.17 -5.66
N THR E 484 -70.48 69.49 -4.93
CA THR E 484 -70.75 68.86 -3.65
C THR E 484 -71.63 67.61 -3.76
N GLU E 485 -72.06 67.26 -4.96
CA GLU E 485 -72.94 66.11 -5.15
C GLU E 485 -72.13 64.82 -5.28
N ASP E 486 -72.81 63.71 -5.03
CA ASP E 486 -72.16 62.41 -5.04
C ASP E 486 -71.99 61.95 -6.49
N PRO E 487 -70.82 61.41 -6.88
CA PRO E 487 -70.66 60.94 -8.27
C PRO E 487 -71.67 59.85 -8.61
N VAL E 488 -72.17 59.90 -9.84
CA VAL E 488 -73.21 59.01 -10.31
C VAL E 488 -72.77 58.34 -11.59
N TYR E 489 -73.16 57.07 -11.75
CA TYR E 489 -72.99 56.34 -13.00
C TYR E 489 -74.19 56.65 -13.89
N LYS E 490 -73.94 57.29 -15.03
CA LYS E 490 -74.98 57.61 -16.00
C LYS E 490 -74.43 57.27 -17.37
N ASP E 491 -74.96 56.20 -17.96
CA ASP E 491 -74.58 55.82 -19.31
C ASP E 491 -75.44 56.57 -20.32
N VAL E 492 -74.79 57.28 -21.23
CA VAL E 492 -75.45 58.06 -22.27
C VAL E 492 -75.16 57.48 -23.66
N SER E 493 -74.73 56.24 -23.72
CA SER E 493 -74.42 55.63 -25.01
C SER E 493 -75.69 55.43 -25.82
N ARG E 494 -75.54 55.41 -27.14
CA ARG E 494 -76.68 55.16 -28.01
C ARG E 494 -77.04 53.68 -27.99
N ILE E 495 -78.31 53.40 -27.72
CA ILE E 495 -78.78 52.02 -27.64
C ILE E 495 -78.70 51.39 -29.03
N THR E 496 -78.18 50.16 -29.08
CA THR E 496 -77.98 49.45 -30.33
C THR E 496 -78.66 48.09 -30.28
N GLY E 497 -79.00 47.57 -31.45
CA GLY E 497 -79.60 46.27 -31.58
C GLY E 497 -78.92 45.43 -32.65
N PRO E 498 -79.29 44.16 -32.76
CA PRO E 498 -78.65 43.29 -33.75
C PRO E 498 -79.29 43.40 -35.12
N LYS E 499 -78.44 43.56 -36.13
CA LYS E 499 -78.84 43.54 -37.53
C LYS E 499 -77.94 42.55 -38.25
N THR E 500 -78.53 41.45 -38.72
CA THR E 500 -77.81 40.48 -39.55
C THR E 500 -78.20 40.69 -41.01
N LYS E 501 -77.21 40.73 -41.88
CA LYS E 501 -77.41 40.92 -43.31
C LYS E 501 -76.58 39.90 -44.06
N VAL E 502 -77.13 39.41 -45.16
CA VAL E 502 -76.44 38.47 -46.06
C VAL E 502 -76.09 39.23 -47.33
N SER E 503 -74.81 39.32 -47.63
CA SER E 503 -74.37 40.00 -48.84
C SER E 503 -74.70 39.16 -50.06
N ALA E 504 -74.58 39.78 -51.24
CA ALA E 504 -74.81 39.06 -52.48
C ALA E 504 -73.86 37.88 -52.64
N LYS E 505 -72.64 37.99 -52.11
CA LYS E 505 -71.68 36.89 -52.13
C LYS E 505 -72.00 35.81 -51.11
N GLY E 506 -73.08 35.93 -50.36
CA GLY E 506 -73.43 34.93 -49.37
C GLY E 506 -72.67 35.05 -48.07
N ASN E 507 -71.97 36.15 -47.84
CA ASN E 507 -71.23 36.37 -46.61
C ASN E 507 -72.19 36.83 -45.52
N ILE E 508 -72.07 36.23 -44.34
CA ILE E 508 -72.93 36.58 -43.21
C ILE E 508 -72.22 37.67 -42.41
N GLU E 509 -72.84 38.85 -42.36
CA GLU E 509 -72.29 40.00 -41.66
C GLU E 509 -73.25 40.40 -40.55
N TYR E 510 -72.72 40.51 -39.33
CA TYR E 510 -73.47 40.98 -38.17
C TYR E 510 -73.02 42.38 -37.83
N GLU E 511 -73.98 43.30 -37.68
CA GLU E 511 -73.69 44.68 -37.33
C GLU E 511 -74.62 45.13 -36.21
N GLU E 512 -74.05 45.78 -35.22
CA GLU E 512 -74.78 46.34 -34.08
C GLU E 512 -75.16 47.77 -34.45
N THR E 513 -76.36 47.95 -34.99
CA THR E 513 -76.81 49.25 -35.43
C THR E 513 -77.61 49.93 -34.32
N GLN E 514 -77.73 51.24 -34.42
CA GLN E 514 -78.48 52.01 -33.44
C GLN E 514 -79.98 51.86 -33.67
N LYS E 515 -80.70 51.55 -32.60
CA LYS E 515 -82.15 51.37 -32.71
C LYS E 515 -82.82 52.69 -33.04
N ASP E 516 -83.75 52.65 -33.99
CA ASP E 516 -84.43 53.87 -34.41
C ASP E 516 -85.31 54.43 -33.31
N SER E 517 -86.16 53.59 -32.71
CA SER E 517 -87.12 54.05 -31.72
C SER E 517 -86.54 54.23 -30.33
N VAL E 518 -85.37 53.66 -30.04
CA VAL E 518 -84.74 53.73 -28.72
C VAL E 518 -83.40 54.42 -28.90
N ARG E 519 -83.26 55.58 -28.25
CA ARG E 519 -82.08 56.43 -28.39
C ARG E 519 -81.31 56.60 -27.09
N LYS E 520 -82.00 56.60 -25.95
CA LYS E 520 -81.40 56.76 -24.64
C LYS E 520 -81.72 55.56 -23.77
N PHE E 521 -81.11 55.52 -22.58
CA PHE E 521 -81.47 54.49 -21.62
C PHE E 521 -82.83 54.75 -20.98
N GLU E 522 -83.30 55.99 -21.00
CA GLU E 522 -84.68 56.27 -20.61
C GLU E 522 -85.65 55.53 -21.52
N GLN E 523 -85.43 55.63 -22.83
CA GLN E 523 -86.28 54.92 -23.78
C GLN E 523 -86.04 53.42 -23.72
N TYR E 524 -84.82 52.99 -23.39
CA TYR E 524 -84.59 51.58 -23.11
C TYR E 524 -85.48 51.09 -21.98
N VAL E 525 -85.55 51.85 -20.89
CA VAL E 525 -86.36 51.45 -19.75
C VAL E 525 -87.85 51.46 -20.12
N TYR E 526 -88.26 52.43 -20.94
CA TYR E 526 -89.63 52.44 -21.42
C TYR E 526 -89.94 51.18 -22.23
N GLU E 527 -88.99 50.77 -23.08
CA GLU E 527 -89.15 49.55 -23.85
C GLU E 527 -89.24 48.33 -22.95
N MET E 528 -88.40 48.28 -21.91
CA MET E 528 -88.47 47.16 -20.97
C MET E 528 -89.82 47.12 -20.26
N ALA E 529 -90.35 48.28 -19.86
CA ALA E 529 -91.65 48.31 -19.22
C ALA E 529 -92.72 47.80 -20.15
N GLN E 530 -92.66 48.16 -21.43
CA GLN E 530 -93.67 47.68 -22.37
C GLN E 530 -93.52 46.19 -22.66
N GLY E 531 -92.30 45.66 -22.61
CA GLY E 531 -92.13 44.27 -22.95
C GLY E 531 -92.36 44.03 -24.44
N GLY E 532 -93.10 42.97 -24.74
CA GLY E 532 -93.37 42.61 -26.11
C GLY E 532 -94.68 41.85 -26.23
N ALA E 533 -95.01 41.51 -27.49
CA ALA E 533 -96.25 40.79 -27.75
C ALA E 533 -96.24 39.42 -27.09
N MET E 534 -95.11 38.73 -27.15
CA MET E 534 -95.00 37.39 -26.59
C MET E 534 -94.99 37.38 -25.07
N THR E 535 -94.88 38.55 -24.42
CA THR E 535 -94.89 38.64 -22.96
C THR E 535 -96.27 38.88 -22.39
N LYS E 536 -97.32 38.88 -23.22
CA LYS E 536 -98.67 39.09 -22.74
C LYS E 536 -99.18 37.86 -22.00
N PRO E 629 -93.90 57.95 -13.51
CA PRO E 629 -92.95 56.84 -13.55
C PRO E 629 -93.24 55.84 -14.66
N VAL E 630 -92.20 55.15 -15.14
CA VAL E 630 -92.39 54.14 -16.18
C VAL E 630 -93.21 52.96 -15.66
N SER E 631 -93.26 52.79 -14.34
CA SER E 631 -94.13 51.78 -13.75
C SER E 631 -95.57 51.93 -14.20
N SER E 632 -96.09 53.16 -14.16
CA SER E 632 -97.42 53.42 -14.66
C SER E 632 -97.54 53.13 -16.15
N THR E 633 -96.45 53.26 -16.90
CA THR E 633 -96.48 52.98 -18.33
C THR E 633 -96.30 51.49 -18.63
N ILE E 634 -96.02 50.65 -17.64
CA ILE E 634 -96.06 49.21 -17.85
C ILE E 634 -97.46 48.84 -18.31
N PRO E 635 -97.62 48.18 -19.45
CA PRO E 635 -98.96 47.84 -19.92
C PRO E 635 -99.63 46.80 -19.02
N SER E 636 -100.95 46.84 -18.99
CA SER E 636 -101.71 45.89 -18.17
C SER E 636 -101.64 44.49 -18.76
N GLN E 637 -101.43 43.50 -17.90
CA GLN E 637 -101.41 42.08 -18.21
C GLN E 637 -100.15 41.65 -18.95
N THR E 638 -99.24 42.57 -19.28
CA THR E 638 -98.00 42.24 -19.97
C THR E 638 -96.86 42.23 -18.96
N ILE E 639 -95.98 41.25 -19.07
CA ILE E 639 -94.87 41.08 -18.14
C ILE E 639 -93.69 41.87 -18.73
N PRO E 640 -93.07 42.82 -18.00
CA PRO E 640 -91.96 43.57 -18.59
C PRO E 640 -90.78 42.67 -18.91
N PHE E 641 -89.92 43.15 -19.82
CA PHE E 641 -88.74 42.38 -20.21
C PHE E 641 -87.82 42.13 -19.04
N LEU E 642 -87.62 43.14 -18.20
CA LEU E 642 -86.88 43.01 -16.95
C LEU E 642 -87.89 43.07 -15.82
N HIS E 643 -87.86 42.09 -14.91
CA HIS E 643 -88.85 42.09 -13.84
C HIS E 643 -88.33 41.31 -12.64
N ILE E 644 -88.74 41.75 -11.45
CA ILE E 644 -88.42 41.06 -10.21
C ILE E 644 -89.51 40.04 -9.93
N GLN E 645 -89.10 38.83 -9.58
CA GLN E 645 -90.01 37.73 -9.24
C GLN E 645 -90.07 37.55 -7.73
N LYS E 646 -91.25 37.13 -7.25
CA LYS E 646 -91.45 36.76 -5.86
C LYS E 646 -91.61 35.25 -5.74
N LYS E 647 -91.35 34.76 -4.53
CA LYS E 647 -91.49 33.33 -4.24
C LYS E 647 -92.87 33.08 -3.64
N THR E 648 -93.55 32.07 -4.17
CA THR E 648 -94.85 31.62 -3.71
C THR E 648 -94.85 30.10 -3.65
N LYS E 649 -95.97 29.53 -3.18
CA LYS E 649 -96.06 28.09 -3.05
C LYS E 649 -95.83 27.38 -4.37
N ASP E 650 -96.32 27.96 -5.47
CA ASP E 650 -96.14 27.38 -6.80
C ASP E 650 -94.72 27.55 -7.32
N GLY E 651 -93.95 28.51 -6.79
CA GLY E 651 -92.60 28.75 -7.27
C GLY E 651 -92.32 30.23 -7.44
N TRP E 652 -91.36 30.58 -8.30
CA TRP E 652 -91.06 31.98 -8.57
C TRP E 652 -91.99 32.50 -9.65
N GLU E 653 -92.66 33.62 -9.37
CA GLU E 653 -93.58 34.22 -10.33
C GLU E 653 -93.39 35.72 -10.36
N TYR E 654 -93.69 36.31 -11.52
CA TYR E 654 -93.57 37.74 -11.72
C TYR E 654 -94.36 38.50 -10.67
N ASN E 655 -93.76 39.54 -10.10
CA ASN E 655 -94.41 40.37 -9.09
C ASN E 655 -94.49 41.80 -9.59
N LYS E 656 -95.71 42.30 -9.75
CA LYS E 656 -95.89 43.65 -10.28
C LYS E 656 -95.25 44.69 -9.37
N LYS E 657 -95.39 44.54 -8.06
CA LYS E 657 -94.88 45.56 -7.14
C LYS E 657 -93.35 45.64 -7.17
N LEU E 658 -92.68 44.50 -7.04
CA LEU E 658 -91.23 44.49 -7.04
C LEU E 658 -90.68 44.90 -8.41
N SER E 659 -91.31 44.43 -9.48
CA SER E 659 -90.88 44.85 -10.81
C SER E 659 -91.07 46.35 -11.01
N SER E 660 -92.16 46.90 -10.48
CA SER E 660 -92.37 48.34 -10.50
C SER E 660 -91.25 49.07 -9.79
N LEU E 661 -90.88 48.61 -8.60
CA LEU E 661 -89.81 49.25 -7.85
C LEU E 661 -88.50 49.20 -8.63
N TYR E 662 -88.17 48.04 -9.20
CA TYR E 662 -86.93 47.90 -9.96
C TYR E 662 -86.94 48.79 -11.19
N LEU E 663 -88.06 48.84 -11.92
CA LEU E 663 -88.11 49.64 -13.13
C LEU E 663 -88.02 51.12 -12.82
N ASP E 664 -88.65 51.56 -11.72
CA ASP E 664 -88.53 52.95 -11.33
C ASP E 664 -87.10 53.29 -10.94
N GLY E 665 -86.43 52.37 -10.23
CA GLY E 665 -85.02 52.58 -9.94
C GLY E 665 -84.18 52.69 -11.20
N LEU E 666 -84.47 51.85 -12.20
CA LEU E 666 -83.75 51.93 -13.46
C LEU E 666 -84.02 53.25 -14.17
N GLU E 667 -85.26 53.71 -14.14
CA GLU E 667 -85.59 55.01 -14.74
C GLU E 667 -84.82 56.12 -14.07
N SER E 668 -84.76 56.11 -12.74
CA SER E 668 -83.99 57.12 -12.02
C SER E 668 -82.51 57.03 -12.35
N ALA E 669 -81.98 55.81 -12.48
CA ALA E 669 -80.58 55.66 -12.85
C ALA E 669 -80.32 56.21 -14.24
N ALA E 670 -81.25 56.00 -15.17
CA ALA E 670 -81.08 56.50 -16.52
C ALA E 670 -81.12 58.03 -16.55
N ILE E 671 -82.08 58.63 -15.85
CA ILE E 671 -82.25 60.08 -15.92
C ILE E 671 -81.19 60.79 -15.08
N ASN E 672 -81.20 60.56 -13.76
CA ASN E 672 -80.35 61.28 -12.84
C ASN E 672 -79.01 60.58 -12.57
N GLY E 673 -78.88 59.31 -12.90
CA GLY E 673 -77.69 58.56 -12.60
C GLY E 673 -77.83 57.76 -11.31
N LEU E 674 -76.96 56.76 -11.19
CA LEU E 674 -76.91 55.90 -10.01
C LEU E 674 -75.55 56.02 -9.34
N THR E 675 -75.57 56.22 -8.02
CA THR E 675 -74.35 56.40 -7.24
C THR E 675 -74.03 55.14 -6.46
N PHE E 676 -72.73 54.89 -6.25
CA PHE E 676 -72.24 53.74 -5.53
C PHE E 676 -71.18 54.16 -4.51
N LYS E 677 -71.24 55.39 -4.03
CA LYS E 677 -70.23 55.89 -3.12
C LYS E 677 -70.24 55.10 -1.82
N ASP E 678 -69.06 54.90 -1.26
CA ASP E 678 -68.87 54.15 -0.02
C ASP E 678 -69.39 52.72 -0.16
N LYS E 679 -69.42 52.19 -1.38
CA LYS E 679 -69.84 50.83 -1.66
C LYS E 679 -68.61 50.01 -2.02
N TYR E 680 -68.30 49.02 -1.20
CA TYR E 680 -67.18 48.12 -1.41
C TYR E 680 -67.69 46.87 -2.12
N VAL E 681 -67.10 46.60 -3.29
CA VAL E 681 -67.57 45.54 -4.17
C VAL E 681 -66.42 44.61 -4.47
N LEU E 682 -66.72 43.31 -4.54
CA LEU E 682 -65.82 42.32 -5.12
C LEU E 682 -66.43 41.90 -6.46
N VAL E 683 -65.60 41.87 -7.50
CA VAL E 683 -66.03 41.45 -8.82
C VAL E 683 -65.06 40.39 -9.33
N THR E 684 -65.61 39.27 -9.81
CA THR E 684 -64.83 38.17 -10.34
C THR E 684 -65.26 37.91 -11.77
N GLY E 685 -64.29 37.48 -12.59
CA GLY E 685 -64.56 37.23 -13.99
C GLY E 685 -64.91 38.45 -14.80
N ALA E 686 -64.38 39.62 -14.44
CA ALA E 686 -64.63 40.86 -15.18
C ALA E 686 -63.50 41.14 -16.18
N GLY E 687 -63.30 40.19 -17.09
CA GLY E 687 -62.31 40.35 -18.12
C GLY E 687 -62.72 41.40 -19.13
N ALA E 688 -61.75 41.81 -19.95
CA ALA E 688 -62.00 42.83 -20.96
C ALA E 688 -63.04 42.35 -21.95
N GLY E 689 -63.87 43.27 -22.42
CA GLY E 689 -64.94 42.91 -23.33
C GLY E 689 -65.94 41.96 -22.72
N SER E 690 -66.35 42.19 -21.48
CA SER E 690 -67.25 41.29 -20.77
C SER E 690 -68.24 42.09 -19.92
N ILE E 691 -69.29 41.39 -19.51
CA ILE E 691 -70.33 42.02 -18.70
C ILE E 691 -69.74 42.48 -17.38
N GLY E 692 -68.86 41.66 -16.79
CA GLY E 692 -68.21 42.07 -15.56
C GLY E 692 -67.42 43.34 -15.73
N ALA E 693 -66.75 43.49 -16.88
CA ALA E 693 -66.03 44.73 -17.15
C ALA E 693 -66.97 45.91 -17.25
N GLU E 694 -68.14 45.71 -17.87
CA GLU E 694 -69.09 46.81 -17.98
C GLU E 694 -69.66 47.19 -16.61
N ILE E 695 -69.98 46.20 -15.77
CA ILE E 695 -70.40 46.52 -14.41
C ILE E 695 -69.28 47.23 -13.67
N LEU E 696 -68.03 46.86 -13.97
CA LEU E 696 -66.90 47.52 -13.31
C LEU E 696 -66.82 48.99 -13.69
N GLN E 697 -66.99 49.30 -14.98
CA GLN E 697 -67.06 50.69 -15.40
C GLN E 697 -68.18 51.41 -14.68
N GLY E 698 -69.37 50.81 -14.63
CA GLY E 698 -70.48 51.45 -13.94
C GLY E 698 -70.20 51.68 -12.47
N LEU E 699 -69.60 50.71 -11.80
CA LEU E 699 -69.32 50.82 -10.37
C LEU E 699 -68.33 51.95 -10.09
N ILE E 700 -67.20 51.96 -10.80
CA ILE E 700 -66.22 52.98 -10.52
C ILE E 700 -66.73 54.35 -10.96
N SER E 701 -67.58 54.40 -11.99
CA SER E 701 -68.22 55.65 -12.37
C SER E 701 -69.09 56.18 -11.25
N GLY E 702 -69.93 55.33 -10.67
CA GLY E 702 -70.77 55.72 -9.57
C GLY E 702 -70.03 56.01 -8.29
N GLY E 703 -68.77 55.58 -8.19
CA GLY E 703 -67.93 55.90 -7.05
C GLY E 703 -67.58 54.73 -6.16
N ALA E 704 -67.80 53.50 -6.63
CA ALA E 704 -67.57 52.34 -5.79
C ALA E 704 -66.08 52.07 -5.64
N LYS E 705 -65.74 51.38 -4.56
CA LYS E 705 -64.39 50.86 -4.33
C LYS E 705 -64.45 49.37 -4.64
N VAL E 706 -63.86 48.97 -5.76
CA VAL E 706 -64.03 47.64 -6.31
C VAL E 706 -62.71 46.90 -6.27
N ILE E 707 -62.76 45.62 -5.89
CA ILE E 707 -61.68 44.67 -6.08
C ILE E 707 -62.06 43.83 -7.28
N VAL E 708 -61.44 44.09 -8.42
CA VAL E 708 -61.59 43.26 -9.61
C VAL E 708 -60.50 42.19 -9.55
N THR E 709 -60.90 40.95 -9.79
CA THR E 709 -59.98 39.82 -9.77
C THR E 709 -59.87 39.25 -11.18
N THR E 710 -58.64 38.92 -11.58
CA THR E 710 -58.35 38.44 -12.92
C THR E 710 -57.56 37.15 -12.85
N SER E 711 -57.81 36.25 -13.80
CA SER E 711 -57.10 34.99 -13.91
C SER E 711 -56.01 35.02 -14.98
N ARG E 712 -55.79 36.15 -15.63
CA ARG E 712 -54.78 36.30 -16.68
C ARG E 712 -53.93 37.55 -16.42
N PHE E 713 -53.45 37.68 -15.18
CA PHE E 713 -52.69 38.87 -14.79
C PHE E 713 -51.49 39.05 -15.71
N SER E 714 -51.35 40.27 -16.24
CA SER E 714 -50.31 40.58 -17.20
C SER E 714 -50.31 42.08 -17.41
N LYS E 715 -49.32 42.56 -18.16
CA LYS E 715 -49.22 43.99 -18.43
C LYS E 715 -50.45 44.47 -19.18
N LYS E 716 -50.91 43.71 -20.17
CA LYS E 716 -52.05 44.15 -20.97
C LYS E 716 -53.33 44.22 -20.12
N VAL E 717 -53.53 43.23 -19.26
CA VAL E 717 -54.73 43.22 -18.41
C VAL E 717 -54.68 44.39 -17.44
N THR E 718 -53.54 44.58 -16.78
CA THR E 718 -53.43 45.67 -15.81
C THR E 718 -53.55 47.02 -16.49
N GLU E 719 -53.08 47.14 -17.72
CA GLU E 719 -53.21 48.42 -18.42
C GLU E 719 -54.63 48.65 -18.91
N TYR E 720 -55.35 47.59 -19.27
CA TYR E 720 -56.77 47.75 -19.58
C TYR E 720 -57.52 48.26 -18.36
N TYR E 721 -57.25 47.68 -17.19
CA TYR E 721 -57.94 48.13 -15.98
C TYR E 721 -57.49 49.54 -15.58
N GLN E 722 -56.20 49.85 -15.78
CA GLN E 722 -55.71 51.19 -15.48
C GLN E 722 -56.39 52.22 -16.36
N ASN E 723 -56.50 51.93 -17.66
CA ASN E 723 -57.19 52.85 -18.57
C ASN E 723 -58.65 52.98 -18.19
N MET E 724 -59.28 51.88 -17.78
CA MET E 724 -60.67 51.95 -17.35
C MET E 724 -60.82 52.89 -16.16
N TYR E 725 -59.93 52.77 -15.16
CA TYR E 725 -60.02 53.66 -14.01
C TYR E 725 -59.71 55.11 -14.41
N ALA E 726 -58.76 55.29 -15.33
CA ALA E 726 -58.39 56.65 -15.73
C ALA E 726 -59.53 57.34 -16.46
N ARG E 727 -60.31 56.61 -17.25
CA ARG E 727 -61.40 57.21 -18.01
C ARG E 727 -62.69 57.28 -17.22
N TYR E 728 -62.89 56.41 -16.22
CA TYR E 728 -64.19 56.27 -15.57
C TYR E 728 -64.14 56.39 -14.05
N GLY E 729 -63.00 56.12 -13.43
CA GLY E 729 -62.92 56.14 -11.98
C GLY E 729 -63.29 57.46 -11.36
N ALA E 730 -64.45 57.51 -10.71
CA ALA E 730 -64.96 58.75 -10.14
C ALA E 730 -64.30 59.05 -8.79
N ALA E 731 -64.62 60.21 -8.25
CA ALA E 731 -64.02 60.65 -6.99
C ALA E 731 -64.39 59.68 -5.87
N GLY E 732 -63.38 59.21 -5.15
CA GLY E 732 -63.55 58.23 -4.11
C GLY E 732 -63.47 56.79 -4.58
N SER E 733 -63.63 56.54 -5.87
CA SER E 733 -63.53 55.19 -6.39
C SER E 733 -62.08 54.72 -6.40
N THR E 734 -61.89 53.45 -6.03
CA THR E 734 -60.57 52.82 -6.11
C THR E 734 -60.73 51.44 -6.73
N LEU E 735 -59.96 51.17 -7.77
CA LEU E 735 -59.99 49.89 -8.46
C LEU E 735 -58.75 49.09 -8.11
N ILE E 736 -58.94 47.94 -7.47
CA ILE E 736 -57.83 47.06 -7.09
C ILE E 736 -57.89 45.82 -7.96
N VAL E 737 -56.91 45.69 -8.85
CA VAL E 737 -56.78 44.51 -9.72
C VAL E 737 -55.89 43.52 -8.98
N VAL E 738 -56.40 42.31 -8.80
CA VAL E 738 -55.60 41.25 -8.15
C VAL E 738 -55.56 40.01 -9.04
N PRO E 739 -54.44 39.28 -9.11
CA PRO E 739 -54.51 37.94 -9.67
C PRO E 739 -55.27 37.04 -8.73
N PHE E 740 -55.99 36.08 -9.32
CA PHE E 740 -56.91 35.29 -8.54
C PHE E 740 -57.38 34.12 -9.36
N ASN E 741 -57.38 32.93 -8.76
CA ASN E 741 -57.89 31.72 -9.38
C ASN E 741 -59.10 31.29 -8.57
N GLN E 742 -60.30 31.57 -9.07
CA GLN E 742 -61.49 31.09 -8.37
C GLN E 742 -61.57 29.56 -8.38
N GLY E 743 -60.80 28.90 -9.24
CA GLY E 743 -60.76 27.46 -9.26
C GLY E 743 -59.88 26.82 -8.22
N SER E 744 -59.36 27.60 -7.28
CA SER E 744 -58.57 27.09 -6.17
C SER E 744 -59.13 27.62 -4.85
N LYS E 745 -59.28 26.72 -3.87
CA LYS E 745 -59.75 27.12 -2.56
C LYS E 745 -58.79 28.09 -1.90
N GLN E 746 -57.49 27.90 -2.12
CA GLN E 746 -56.49 28.72 -1.46
C GLN E 746 -56.59 30.17 -1.91
N ASP E 747 -56.80 30.41 -3.21
CA ASP E 747 -56.97 31.78 -3.68
C ASP E 747 -58.20 32.41 -3.08
N VAL E 748 -59.29 31.67 -2.96
CA VAL E 748 -60.51 32.22 -2.38
C VAL E 748 -60.26 32.65 -0.93
N ASP E 749 -59.68 31.76 -0.14
CA ASP E 749 -59.42 32.09 1.26
C ASP E 749 -58.43 33.25 1.37
N ALA E 750 -57.35 33.21 0.59
CA ALA E 750 -56.34 34.25 0.65
C ALA E 750 -56.89 35.58 0.18
N LEU E 751 -57.78 35.58 -0.82
CA LEU E 751 -58.34 36.81 -1.33
C LEU E 751 -59.27 37.45 -0.30
N VAL E 752 -60.14 36.66 0.32
CA VAL E 752 -61.01 37.24 1.33
C VAL E 752 -60.20 37.72 2.52
N GLN E 753 -59.14 36.98 2.88
CA GLN E 753 -58.27 37.42 3.95
C GLN E 753 -57.57 38.72 3.58
N TYR E 754 -57.16 38.88 2.32
CA TYR E 754 -56.48 40.10 1.91
C TYR E 754 -57.45 41.28 1.85
N ILE E 755 -58.70 41.03 1.48
CA ILE E 755 -59.68 42.09 1.40
C ILE E 755 -60.05 42.58 2.80
N TYR E 756 -60.20 41.65 3.75
CA TYR E 756 -60.70 41.99 5.06
C TYR E 756 -59.62 42.25 6.09
N ASP E 757 -58.39 41.83 5.85
CA ASP E 757 -57.32 42.11 6.79
C ASP E 757 -57.04 43.61 6.82
N GLU E 758 -56.53 44.06 7.95
CA GLU E 758 -56.24 45.47 8.10
C GLU E 758 -55.05 45.85 7.23
N PRO E 759 -54.91 47.14 6.89
CA PRO E 759 -53.73 47.54 6.11
C PRO E 759 -52.40 47.22 6.79
N LYS E 760 -52.34 47.23 8.13
CA LYS E 760 -51.07 46.97 8.78
C LYS E 760 -50.62 45.52 8.62
N LYS E 761 -51.54 44.62 8.30
CA LYS E 761 -51.21 43.23 7.99
C LYS E 761 -51.11 42.97 6.50
N GLY E 762 -51.04 44.02 5.68
CA GLY E 762 -50.94 43.87 4.25
C GLY E 762 -52.26 43.75 3.52
N GLY E 763 -53.37 43.68 4.24
CA GLY E 763 -54.69 43.60 3.63
C GLY E 763 -55.20 44.96 3.20
N LEU E 764 -56.52 45.04 3.05
CA LEU E 764 -57.18 46.29 2.69
C LEU E 764 -58.06 46.84 3.79
N GLY E 765 -58.53 46.00 4.72
CA GLY E 765 -59.40 46.48 5.77
C GLY E 765 -60.75 46.94 5.25
N TRP E 766 -61.30 46.23 4.28
CA TRP E 766 -62.56 46.57 3.65
C TRP E 766 -63.65 45.60 4.07
N ASP E 767 -64.88 46.09 4.09
CA ASP E 767 -66.08 45.29 4.32
C ASP E 767 -66.91 45.35 3.05
N LEU E 768 -67.02 44.21 2.36
CA LEU E 768 -67.67 44.20 1.06
C LEU E 768 -69.16 44.48 1.19
N ASP E 769 -69.63 45.49 0.44
CA ASP E 769 -71.04 45.77 0.33
C ASP E 769 -71.72 45.02 -0.80
N ALA E 770 -70.95 44.44 -1.73
CA ALA E 770 -71.53 43.64 -2.79
C ALA E 770 -70.51 42.63 -3.30
N ILE E 771 -71.00 41.51 -3.81
CA ILE E 771 -70.18 40.48 -4.43
C ILE E 771 -70.81 40.15 -5.78
N ILE E 772 -69.98 40.09 -6.81
CA ILE E 772 -70.41 39.82 -8.18
C ILE E 772 -69.49 38.72 -8.71
N PRO E 773 -69.72 37.46 -8.32
CA PRO E 773 -68.88 36.34 -8.79
C PRO E 773 -69.32 35.79 -10.14
N PHE E 774 -68.93 36.49 -11.21
CA PHE E 774 -69.27 36.12 -12.57
C PHE E 774 -68.19 35.25 -13.21
N ALA E 775 -67.32 34.63 -12.40
CA ALA E 775 -66.20 33.87 -12.93
C ALA E 775 -66.70 32.60 -13.59
N ALA E 776 -66.52 32.51 -14.90
CA ALA E 776 -66.87 31.33 -15.67
C ALA E 776 -65.74 31.04 -16.65
N ILE E 777 -65.45 29.75 -16.85
CA ILE E 777 -64.56 29.32 -17.92
C ILE E 777 -65.43 28.83 -19.07
N PRO E 778 -65.03 29.02 -20.33
CA PRO E 778 -65.88 28.54 -21.44
C PRO E 778 -65.66 27.05 -21.66
N GLU E 779 -66.74 26.28 -21.47
CA GLU E 779 -66.74 24.84 -21.76
C GLU E 779 -67.87 24.57 -22.75
N ASN E 780 -67.56 23.85 -23.83
CA ASN E 780 -68.52 23.60 -24.89
C ASN E 780 -68.23 22.25 -25.51
N GLY E 781 -69.27 21.65 -26.10
CA GLY E 781 -69.15 20.34 -26.68
C GLY E 781 -69.13 19.21 -25.69
N ASN E 782 -69.27 19.50 -24.40
CA ASN E 782 -69.25 18.49 -23.34
C ASN E 782 -70.68 18.14 -22.97
N GLY E 783 -71.13 16.95 -23.38
CA GLY E 783 -72.42 16.43 -22.98
C GLY E 783 -72.32 15.62 -21.71
N LEU E 784 -73.37 14.83 -21.47
CA LEU E 784 -73.34 13.91 -20.34
C LEU E 784 -72.23 12.89 -20.48
N ASP E 785 -71.90 12.51 -21.71
CA ASP E 785 -70.91 11.48 -21.97
C ASP E 785 -69.47 11.98 -21.88
N ASN E 786 -69.25 13.29 -21.84
CA ASN E 786 -67.92 13.88 -21.84
C ASN E 786 -67.83 14.96 -20.77
N ILE E 787 -68.29 14.65 -19.56
CA ILE E 787 -68.07 15.53 -18.42
C ILE E 787 -66.62 15.31 -17.99
N ASP E 788 -65.74 16.14 -18.50
CA ASP E 788 -64.30 15.91 -18.44
C ASP E 788 -63.69 16.75 -17.33
N SER E 789 -62.36 16.76 -17.28
CA SER E 789 -61.65 17.57 -16.30
C SER E 789 -61.99 19.04 -16.44
N LYS E 790 -62.15 19.50 -17.68
CA LYS E 790 -62.55 20.89 -17.89
C LYS E 790 -63.91 21.17 -17.28
N SER E 791 -64.86 20.26 -17.46
CA SER E 791 -66.20 20.46 -16.91
C SER E 791 -66.18 20.43 -15.38
N GLU E 792 -65.40 19.50 -14.79
CA GLU E 792 -65.31 19.45 -13.34
C GLU E 792 -64.66 20.71 -12.77
N PHE E 793 -63.58 21.18 -13.41
CA PHE E 793 -62.93 22.40 -12.96
C PHE E 793 -63.86 23.60 -13.12
N ALA E 794 -64.61 23.65 -14.22
CA ALA E 794 -65.56 24.72 -14.42
C ALA E 794 -66.62 24.70 -13.34
N HIS E 795 -67.14 23.52 -13.01
CA HIS E 795 -68.14 23.45 -11.95
C HIS E 795 -67.55 23.91 -10.63
N ARG E 796 -66.31 23.55 -10.35
CA ARG E 796 -65.66 24.04 -9.14
C ARG E 796 -65.69 25.56 -9.10
N ILE E 797 -65.21 26.21 -10.17
CA ILE E 797 -65.18 27.66 -10.22
C ILE E 797 -66.57 28.25 -10.05
N MET E 798 -67.54 27.75 -10.82
CA MET E 798 -68.84 28.41 -10.89
C MET E 798 -69.65 28.21 -9.62
N LEU E 799 -69.56 27.03 -9.00
CA LEU E 799 -70.41 26.69 -7.87
C LEU E 799 -69.62 26.49 -6.58
N THR E 800 -68.65 25.58 -6.55
CA THR E 800 -68.10 25.15 -5.27
C THR E 800 -67.27 26.26 -4.64
N ASN E 801 -66.31 26.78 -5.40
CA ASN E 801 -65.49 27.86 -4.91
C ASN E 801 -66.26 29.18 -4.85
N LEU E 802 -67.31 29.33 -5.65
CA LEU E 802 -68.19 30.49 -5.47
C LEU E 802 -68.84 30.48 -4.09
N LEU E 803 -69.42 29.34 -3.71
CA LEU E 803 -70.02 29.24 -2.38
C LEU E 803 -68.98 29.37 -1.30
N ARG E 804 -67.77 28.85 -1.53
CA ARG E 804 -66.70 29.01 -0.55
C ARG E 804 -66.30 30.47 -0.41
N LEU E 805 -66.30 31.22 -1.51
CA LEU E 805 -66.01 32.65 -1.45
C LEU E 805 -67.08 33.38 -0.64
N LEU E 806 -68.35 33.08 -0.89
CA LEU E 806 -69.41 33.71 -0.10
C LEU E 806 -69.29 33.35 1.37
N GLY E 807 -69.00 32.08 1.67
CA GLY E 807 -68.85 31.65 3.05
C GLY E 807 -67.66 32.29 3.73
N ALA E 808 -66.56 32.46 2.99
CA ALA E 808 -65.39 33.13 3.55
C ALA E 808 -65.70 34.58 3.88
N VAL E 809 -66.42 35.26 2.97
CA VAL E 809 -66.80 36.64 3.26
C VAL E 809 -67.67 36.70 4.51
N LYS E 810 -68.61 35.76 4.64
CA LYS E 810 -69.42 35.72 5.85
C LYS E 810 -68.56 35.49 7.09
N SER E 811 -67.64 34.54 7.02
CA SER E 811 -66.79 34.23 8.17
C SER E 811 -65.98 35.44 8.59
N LYS E 812 -65.56 36.26 7.64
CA LYS E 812 -64.75 37.43 7.95
C LYS E 812 -65.57 38.70 8.14
N LYS E 813 -66.90 38.63 8.04
CA LYS E 813 -67.74 39.77 8.39
C LYS E 813 -67.92 39.83 9.91
N PRO E 814 -67.53 40.94 10.58
CA PRO E 814 -67.66 40.98 12.04
C PRO E 814 -69.04 41.43 12.52
N THR E 815 -69.72 42.23 11.70
CA THR E 815 -70.97 42.87 12.09
C THR E 815 -72.14 42.22 11.38
N ASP E 816 -73.33 42.39 11.96
CA ASP E 816 -74.58 41.96 11.34
C ASP E 816 -75.36 43.11 10.72
N THR E 817 -74.77 44.30 10.65
CA THR E 817 -75.46 45.49 10.17
C THR E 817 -74.95 46.00 8.83
N ARG E 818 -74.03 45.28 8.18
CA ARG E 818 -73.48 45.67 6.89
C ARG E 818 -73.41 44.45 5.99
N PRO E 819 -74.54 43.96 5.49
CA PRO E 819 -74.52 42.77 4.64
C PRO E 819 -73.91 43.05 3.28
N ALA E 820 -73.48 41.97 2.64
CA ALA E 820 -72.95 42.01 1.28
C ALA E 820 -73.99 41.45 0.32
N GLN E 821 -74.29 42.21 -0.73
CA GLN E 821 -75.25 41.77 -1.73
C GLN E 821 -74.53 40.93 -2.78
N CYS E 822 -74.81 39.64 -2.79
CA CYS E 822 -74.21 38.71 -3.74
C CYS E 822 -75.06 38.69 -5.00
N ILE E 823 -74.52 39.23 -6.09
CA ILE E 823 -75.19 39.27 -7.38
C ILE E 823 -74.85 37.97 -8.09
N LEU E 824 -75.77 37.01 -8.05
CA LEU E 824 -75.51 35.69 -8.60
C LEU E 824 -75.88 35.65 -10.09
N PRO E 825 -74.95 35.30 -10.99
CA PRO E 825 -75.33 35.25 -12.42
C PRO E 825 -76.12 33.99 -12.77
N LEU E 826 -77.40 33.99 -12.41
CA LEU E 826 -78.24 32.86 -12.75
C LEU E 826 -78.50 32.83 -14.25
N SER E 827 -78.79 31.64 -14.76
CA SER E 827 -79.14 31.43 -16.15
C SER E 827 -80.59 30.98 -16.26
N PRO E 828 -81.30 31.35 -17.32
CA PRO E 828 -82.66 30.83 -17.51
C PRO E 828 -82.70 29.49 -18.23
N ASN E 829 -81.57 29.03 -18.76
CA ASN E 829 -81.49 27.82 -19.59
C ASN E 829 -80.73 26.76 -18.81
N HIS E 830 -81.45 25.92 -18.08
CA HIS E 830 -80.86 24.83 -17.32
C HIS E 830 -80.90 23.57 -18.19
N GLY E 831 -79.89 23.44 -19.05
CA GLY E 831 -79.81 22.31 -19.94
C GLY E 831 -80.71 22.40 -21.16
N THR E 832 -81.25 23.57 -21.47
CA THR E 832 -82.13 23.71 -22.62
C THR E 832 -81.36 23.57 -23.92
N PHE E 833 -80.08 23.98 -23.92
CA PHE E 833 -79.26 23.88 -25.12
C PHE E 833 -78.41 22.62 -25.11
N GLY E 834 -77.95 22.18 -23.95
CA GLY E 834 -77.16 20.97 -23.85
C GLY E 834 -75.75 21.17 -24.38
N PHE E 835 -74.92 20.14 -24.15
CA PHE E 835 -73.53 20.16 -24.59
C PHE E 835 -72.77 21.36 -24.01
N ASP E 836 -73.12 21.75 -22.79
CA ASP E 836 -72.46 22.85 -22.09
C ASP E 836 -71.71 22.37 -20.86
N GLY E 837 -71.43 21.07 -20.76
CA GLY E 837 -70.75 20.56 -19.58
C GLY E 837 -71.66 20.65 -18.36
N LEU E 838 -71.11 21.14 -17.26
CA LEU E 838 -71.83 21.29 -16.00
C LEU E 838 -72.30 22.73 -15.77
N TYR E 839 -72.40 23.52 -16.83
CA TYR E 839 -72.82 24.91 -16.70
C TYR E 839 -74.22 25.01 -16.08
N SER E 840 -75.18 24.25 -16.63
CA SER E 840 -76.54 24.29 -16.11
C SER E 840 -76.57 23.80 -14.67
N GLU E 841 -75.78 22.78 -14.35
CA GLU E 841 -75.72 22.28 -12.98
C GLU E 841 -75.24 23.37 -12.02
N SER E 842 -74.15 24.07 -12.38
CA SER E 842 -73.67 25.15 -11.54
C SER E 842 -74.73 26.23 -11.36
N LYS E 843 -75.34 26.66 -12.47
CA LYS E 843 -76.26 27.79 -12.39
C LYS E 843 -77.50 27.43 -11.57
N ILE E 844 -78.03 26.22 -11.73
CA ILE E 844 -79.21 25.84 -10.97
C ILE E 844 -78.85 25.58 -9.51
N SER E 845 -77.61 25.14 -9.25
CA SER E 845 -77.18 24.97 -7.87
C SER E 845 -77.04 26.30 -7.15
N LEU E 846 -76.75 27.37 -7.90
CA LEU E 846 -76.72 28.68 -7.26
C LEU E 846 -78.09 29.12 -6.75
N GLU E 847 -79.17 28.51 -7.25
CA GLU E 847 -80.51 28.91 -6.81
C GLU E 847 -80.86 28.41 -5.43
N THR E 848 -80.05 27.52 -4.84
CA THR E 848 -80.34 27.05 -3.49
C THR E 848 -80.08 28.13 -2.45
N LEU E 849 -79.26 29.13 -2.78
CA LEU E 849 -78.95 30.19 -1.83
C LEU E 849 -80.20 30.98 -1.45
N PHE E 850 -81.19 31.03 -2.33
CA PHE E 850 -82.42 31.75 -2.02
C PHE E 850 -83.14 31.12 -0.84
N ASN E 851 -83.24 29.80 -0.81
CA ASN E 851 -83.82 29.12 0.34
C ASN E 851 -82.87 29.11 1.53
N ARG E 852 -81.58 28.86 1.26
CA ARG E 852 -80.61 28.75 2.34
C ARG E 852 -80.37 30.07 3.06
N TRP E 853 -80.79 31.19 2.45
CA TRP E 853 -80.76 32.47 3.14
C TRP E 853 -81.64 32.44 4.39
N TYR E 854 -82.81 31.81 4.28
CA TYR E 854 -83.71 31.69 5.43
C TYR E 854 -83.25 30.61 6.41
N SER E 855 -82.71 29.51 5.89
CA SER E 855 -82.48 28.32 6.70
C SER E 855 -81.15 28.32 7.44
N GLU E 856 -80.24 29.24 7.15
CA GLU E 856 -78.93 29.27 7.75
C GLU E 856 -78.70 30.63 8.44
N ASP E 857 -77.56 30.73 9.12
CA ASP E 857 -77.26 31.86 9.97
C ASP E 857 -76.46 32.96 9.27
N TRP E 858 -76.61 33.07 7.94
CA TRP E 858 -75.93 34.11 7.17
C TRP E 858 -76.91 35.02 6.43
N GLY E 859 -78.16 35.09 6.88
CA GLY E 859 -79.11 35.98 6.24
C GLY E 859 -78.75 37.45 6.43
N SER E 860 -78.28 37.80 7.62
CA SER E 860 -77.91 39.18 7.92
C SER E 860 -76.51 39.54 7.44
N LYS E 861 -75.72 38.58 7.00
CA LYS E 861 -74.36 38.83 6.53
C LYS E 861 -74.29 38.89 5.01
N LEU E 862 -75.06 38.05 4.32
CA LEU E 862 -75.12 38.03 2.88
C LEU E 862 -76.58 38.14 2.46
N THR E 863 -76.83 38.82 1.35
CA THR E 863 -78.16 38.95 0.78
C THR E 863 -78.11 38.57 -0.68
N VAL E 864 -78.98 37.65 -1.07
CA VAL E 864 -78.91 37.02 -2.38
C VAL E 864 -79.71 37.84 -3.38
N CYS E 865 -79.08 38.18 -4.50
CA CYS E 865 -79.74 38.86 -5.62
C CYS E 865 -79.38 38.08 -6.86
N GLY E 866 -80.26 37.15 -7.24
CA GLY E 866 -79.99 36.33 -8.41
C GLY E 866 -80.47 36.97 -9.68
N ALA E 867 -79.54 37.41 -10.52
CA ALA E 867 -79.85 38.02 -11.81
C ALA E 867 -79.85 36.93 -12.86
N VAL E 868 -81.02 36.58 -13.36
CA VAL E 868 -81.16 35.62 -14.45
C VAL E 868 -80.84 36.41 -15.71
N ILE E 869 -79.62 36.25 -16.20
CA ILE E 869 -79.13 37.02 -17.34
C ILE E 869 -79.59 36.36 -18.63
N GLY E 870 -80.13 37.17 -19.53
CA GLY E 870 -80.70 36.71 -20.78
C GLY E 870 -79.72 36.73 -21.93
N TRP E 871 -80.27 36.83 -23.14
CA TRP E 871 -79.46 36.85 -24.36
C TRP E 871 -78.62 38.10 -24.38
N THR E 872 -77.31 37.95 -24.18
CA THR E 872 -76.36 39.04 -24.18
C THR E 872 -75.51 38.94 -25.43
N ARG E 873 -75.40 40.03 -26.17
CA ARG E 873 -74.70 40.04 -27.45
C ARG E 873 -73.24 40.45 -27.26
N GLY E 874 -72.37 39.80 -28.05
CA GLY E 874 -70.94 40.02 -27.97
C GLY E 874 -70.21 39.10 -27.03
N THR E 875 -70.93 38.46 -26.11
CA THR E 875 -70.31 37.54 -25.16
C THR E 875 -70.01 36.21 -25.83
N GLY E 876 -68.99 35.52 -25.31
CA GLY E 876 -68.60 34.25 -25.89
C GLY E 876 -69.68 33.19 -25.80
N LEU E 877 -70.49 33.24 -24.74
CA LEU E 877 -71.52 32.23 -24.54
C LEU E 877 -72.56 32.25 -25.66
N MET E 878 -72.74 33.39 -26.31
CA MET E 878 -73.74 33.52 -27.37
C MET E 878 -73.20 34.29 -28.58
N SER E 879 -71.88 34.43 -28.71
CA SER E 879 -71.32 35.14 -29.86
C SER E 879 -71.66 34.44 -31.16
N ALA E 880 -71.76 33.11 -31.13
CA ALA E 880 -72.14 32.36 -32.32
C ALA E 880 -73.60 32.56 -32.70
N ASN E 881 -74.40 33.18 -31.84
CA ASN E 881 -75.83 33.37 -32.08
C ASN E 881 -76.18 34.84 -32.30
N ASN E 882 -75.19 35.72 -32.43
CA ASN E 882 -75.48 37.12 -32.74
C ASN E 882 -76.27 37.26 -34.02
N ILE E 883 -75.94 36.44 -35.03
CA ILE E 883 -76.63 36.52 -36.30
C ILE E 883 -78.11 36.16 -36.18
N ILE E 884 -78.47 35.27 -35.25
CA ILE E 884 -79.87 34.92 -35.02
C ILE E 884 -80.52 35.78 -33.94
N ALA E 885 -79.76 36.68 -33.30
CA ALA E 885 -80.36 37.58 -32.33
C ALA E 885 -81.51 38.38 -32.93
N GLU E 886 -81.34 38.85 -34.17
CA GLU E 886 -82.41 39.62 -34.82
C GLU E 886 -83.66 38.78 -35.02
N GLY E 887 -83.49 37.54 -35.50
CA GLY E 887 -84.63 36.67 -35.67
C GLY E 887 -85.32 36.36 -34.36
N ILE E 888 -84.54 36.23 -33.28
CA ILE E 888 -85.11 36.05 -31.95
C ILE E 888 -85.95 37.27 -31.58
N GLU E 889 -85.40 38.46 -31.79
CA GLU E 889 -86.10 39.69 -31.44
C GLU E 889 -87.34 39.94 -32.30
N LYS E 890 -87.41 39.35 -33.49
CA LYS E 890 -88.55 39.57 -34.37
C LYS E 890 -89.88 39.12 -33.77
N LEU E 891 -89.88 38.29 -32.72
CA LEU E 891 -91.08 37.75 -32.13
C LEU E 891 -91.64 38.63 -31.01
N GLY E 892 -91.08 39.81 -30.79
CA GLY E 892 -91.43 40.60 -29.62
C GLY E 892 -90.64 40.22 -28.40
N VAL E 893 -89.39 39.80 -28.59
CA VAL E 893 -88.49 39.44 -27.50
C VAL E 893 -87.30 40.38 -27.58
N ARG E 894 -86.63 40.57 -26.45
CA ARG E 894 -85.51 41.49 -26.35
C ARG E 894 -84.22 40.73 -26.11
N THR E 895 -83.21 41.07 -26.90
CA THR E 895 -81.84 40.63 -26.67
C THR E 895 -81.05 41.87 -26.25
N PHE E 896 -80.09 41.68 -25.37
CA PHE E 896 -79.37 42.77 -24.73
C PHE E 896 -77.94 42.85 -25.23
N SER E 897 -77.42 44.06 -25.34
CA SER E 897 -76.00 44.27 -25.57
C SER E 897 -75.30 44.26 -24.21
N GLN E 898 -73.97 44.31 -24.24
CA GLN E 898 -73.22 44.26 -23.00
C GLN E 898 -73.53 45.46 -22.12
N LYS E 899 -73.60 46.66 -22.71
CA LYS E 899 -73.90 47.85 -21.92
C LYS E 899 -75.29 47.78 -21.32
N GLU E 900 -76.27 47.29 -22.09
CA GLU E 900 -77.63 47.16 -21.58
C GLU E 900 -77.71 46.17 -20.43
N MET E 901 -77.05 45.02 -20.57
CA MET E 901 -77.05 44.04 -19.49
C MET E 901 -76.38 44.59 -18.25
N ALA E 902 -75.27 45.30 -18.41
CA ALA E 902 -74.60 45.90 -17.27
C ALA E 902 -75.49 46.93 -16.60
N PHE E 903 -76.20 47.73 -17.39
CA PHE E 903 -77.14 48.69 -16.83
C PHE E 903 -78.20 47.98 -16.02
N ASN E 904 -78.73 46.88 -16.55
CA ASN E 904 -79.77 46.13 -15.84
C ASN E 904 -79.24 45.60 -14.51
N ILE E 905 -78.04 45.03 -14.50
CA ILE E 905 -77.51 44.43 -13.29
C ILE E 905 -77.12 45.50 -12.28
N LEU E 906 -76.63 46.65 -12.77
CA LEU E 906 -76.33 47.77 -11.87
C LEU E 906 -77.62 48.35 -11.28
N GLY E 907 -78.74 48.17 -11.97
CA GLY E 907 -80.02 48.53 -11.37
C GLY E 907 -80.33 47.72 -10.13
N LEU E 908 -79.74 46.53 -9.99
CA LEU E 908 -79.95 45.72 -8.81
C LEU E 908 -79.16 46.23 -7.60
N LEU E 909 -78.29 47.21 -7.79
CA LEU E 909 -77.54 47.82 -6.70
C LEU E 909 -78.12 49.16 -6.27
N THR E 910 -79.34 49.49 -6.68
CA THR E 910 -79.96 50.71 -6.20
C THR E 910 -80.26 50.57 -4.70
N PRO E 911 -80.39 51.68 -3.97
CA PRO E 911 -80.73 51.55 -2.54
C PRO E 911 -82.02 50.79 -2.28
N GLU E 912 -83.02 50.95 -3.15
CA GLU E 912 -84.29 50.26 -2.96
C GLU E 912 -84.12 48.76 -3.10
N ILE E 913 -83.45 48.33 -4.17
CA ILE E 913 -83.25 46.89 -4.37
C ILE E 913 -82.29 46.35 -3.31
N VAL E 914 -81.36 47.19 -2.83
CA VAL E 914 -80.48 46.75 -1.74
C VAL E 914 -81.30 46.46 -0.49
N GLN E 915 -82.20 47.37 -0.13
CA GLN E 915 -83.08 47.13 1.01
C GLN E 915 -83.94 45.89 0.78
N LEU E 916 -84.45 45.73 -0.44
CA LEU E 916 -85.29 44.58 -0.74
C LEU E 916 -84.51 43.27 -0.59
N CYS E 917 -83.26 43.24 -1.05
CA CYS E 917 -82.42 42.07 -0.87
C CYS E 917 -82.17 41.81 0.60
N GLN E 918 -81.97 42.86 1.38
CA GLN E 918 -81.76 42.69 2.82
C GLN E 918 -83.01 42.14 3.50
N GLU E 919 -84.19 42.50 2.99
CA GLU E 919 -85.43 41.96 3.54
C GLU E 919 -85.61 40.49 3.16
N GLU E 920 -85.68 40.21 1.86
CA GLU E 920 -85.83 38.86 1.34
C GLU E 920 -84.93 38.70 0.12
N PRO E 921 -84.54 37.46 -0.21
CA PRO E 921 -83.74 37.26 -1.43
C PRO E 921 -84.51 37.73 -2.66
N VAL E 922 -83.80 38.37 -3.58
CA VAL E 922 -84.41 39.00 -4.75
C VAL E 922 -84.01 38.22 -5.99
N MET E 923 -84.98 37.65 -6.66
CA MET E 923 -84.80 37.04 -7.98
C MET E 923 -85.15 38.11 -8.99
N ALA E 924 -84.18 38.53 -9.78
CA ALA E 924 -84.41 39.41 -10.92
C ALA E 924 -84.33 38.58 -12.17
N ASP E 925 -85.37 38.61 -13.00
CA ASP E 925 -85.38 37.97 -14.30
C ASP E 925 -85.13 39.05 -15.33
N LEU E 926 -83.90 39.11 -15.85
CA LEU E 926 -83.52 40.03 -16.91
C LEU E 926 -83.42 39.29 -18.24
N ASN E 927 -84.27 38.28 -18.43
CA ASN E 927 -84.19 37.43 -19.61
C ASN E 927 -84.77 38.10 -20.86
N GLY E 928 -85.51 39.18 -20.70
CA GLY E 928 -86.11 39.82 -21.85
C GLY E 928 -87.22 39.02 -22.49
N GLY E 929 -87.88 38.14 -21.75
CA GLY E 929 -89.01 37.41 -22.25
C GLY E 929 -88.70 36.16 -23.04
N LEU E 930 -87.46 35.66 -22.98
CA LEU E 930 -87.11 34.47 -23.72
C LEU E 930 -87.68 33.20 -23.11
N GLN E 931 -88.20 33.27 -21.88
CA GLN E 931 -88.81 32.10 -21.27
C GLN E 931 -90.13 31.71 -21.94
N PHE E 932 -90.71 32.61 -22.72
CA PHE E 932 -91.99 32.35 -23.38
C PHE E 932 -91.85 31.65 -24.73
N ILE E 933 -90.63 31.51 -25.25
CA ILE E 933 -90.43 30.78 -26.50
C ILE E 933 -90.49 29.29 -26.20
N ASP E 934 -91.45 28.60 -26.81
CA ASP E 934 -91.51 27.15 -26.71
C ASP E 934 -90.43 26.52 -27.57
N ASN E 935 -89.63 25.63 -26.98
CA ASN E 935 -88.53 24.98 -27.67
C ASN E 935 -87.54 26.02 -28.20
N LEU E 936 -86.89 26.71 -27.25
CA LEU E 936 -85.95 27.75 -27.60
C LEU E 936 -84.78 27.19 -28.39
N LYS E 937 -84.26 26.03 -27.99
CA LYS E 937 -83.14 25.44 -28.72
C LYS E 937 -83.53 25.12 -30.15
N ASP E 938 -84.67 24.47 -30.34
CA ASP E 938 -85.10 24.11 -31.69
C ASP E 938 -85.36 25.36 -32.52
N PHE E 939 -85.94 26.40 -31.91
CA PHE E 939 -86.22 27.61 -32.68
C PHE E 939 -84.93 28.33 -33.07
N THR E 940 -83.97 28.43 -32.17
CA THR E 940 -82.70 29.05 -32.51
C THR E 940 -81.98 28.25 -33.59
N SER E 941 -82.05 26.92 -33.52
CA SER E 941 -81.48 26.09 -34.57
C SER E 941 -82.19 26.32 -35.90
N LYS E 942 -83.52 26.47 -35.86
CA LYS E 942 -84.27 26.76 -37.08
C LYS E 942 -83.83 28.08 -37.69
N LEU E 943 -83.70 29.12 -36.87
CA LEU E 943 -83.27 30.42 -37.39
C LEU E 943 -81.87 30.33 -37.98
N ARG E 944 -80.95 29.66 -37.28
CA ARG E 944 -79.59 29.54 -37.78
C ARG E 944 -79.56 28.75 -39.08
N THR E 945 -80.33 27.66 -39.16
CA THR E 945 -80.35 26.85 -40.36
C THR E 945 -80.94 27.62 -41.54
N ASP E 946 -82.01 28.38 -41.30
CA ASP E 946 -82.59 29.18 -42.38
C ASP E 946 -81.59 30.22 -42.87
N LEU E 947 -80.94 30.94 -41.95
CA LEU E 947 -79.98 31.95 -42.35
C LEU E 947 -78.80 31.33 -43.10
N LEU E 948 -78.29 30.20 -42.60
CA LEU E 948 -77.16 29.54 -43.26
C LEU E 948 -77.55 29.00 -44.61
N GLU E 949 -78.78 28.47 -44.75
CA GLU E 949 -79.23 27.99 -46.05
C GLU E 949 -79.33 29.13 -47.04
N THR E 950 -79.87 30.27 -46.63
CA THR E 950 -79.93 31.42 -47.51
C THR E 950 -78.53 31.87 -47.92
N ALA E 951 -77.62 31.94 -46.94
CA ALA E 951 -76.26 32.36 -47.23
C ALA E 951 -75.57 31.41 -48.19
N ASP E 952 -75.75 30.09 -47.98
CA ASP E 952 -75.12 29.11 -48.86
C ASP E 952 -75.70 29.16 -50.26
N ILE E 953 -77.02 29.34 -50.38
CA ILE E 953 -77.64 29.42 -51.69
C ILE E 953 -77.10 30.62 -52.46
N ARG E 954 -77.06 31.78 -51.81
CA ARG E 954 -76.57 32.98 -52.50
C ARG E 954 -75.07 32.89 -52.76
N ARG E 955 -74.32 32.24 -51.88
CA ARG E 955 -72.90 32.03 -52.11
C ARG E 955 -72.67 31.16 -53.34
N ALA E 956 -73.41 30.06 -53.45
CA ALA E 956 -73.27 29.19 -54.62
C ALA E 956 -73.67 29.91 -55.90
N VAL E 957 -74.76 30.68 -55.85
CA VAL E 957 -75.19 31.42 -57.04
C VAL E 957 -74.13 32.43 -57.45
N SER E 958 -73.58 33.17 -56.47
CA SER E 958 -72.57 34.16 -56.79
C SER E 958 -71.31 33.52 -57.34
N ILE E 959 -70.88 32.41 -56.76
CA ILE E 959 -69.66 31.74 -57.22
C ILE E 959 -69.86 31.21 -58.64
N GLU E 960 -71.01 30.60 -58.90
CA GLU E 960 -71.27 30.08 -60.25
C GLU E 960 -71.35 31.20 -61.26
N SER E 961 -72.00 32.31 -60.90
CA SER E 961 -72.06 33.45 -61.81
C SER E 961 -70.66 34.00 -62.08
N ALA E 962 -69.82 34.10 -61.04
CA ALA E 962 -68.47 34.59 -61.23
C ALA E 962 -67.67 33.68 -62.14
N ILE E 963 -67.82 32.36 -61.99
CA ILE E 963 -67.13 31.43 -62.86
C ILE E 963 -67.63 31.58 -64.29
N GLU E 964 -68.93 31.80 -64.46
CA GLU E 964 -69.49 31.99 -65.80
C GLU E 964 -68.89 33.23 -66.45
N GLN E 965 -68.83 34.34 -65.71
CA GLN E 965 -68.19 35.54 -66.28
C GLN E 965 -66.73 35.28 -66.59
N LYS E 966 -66.02 34.55 -65.72
CA LYS E 966 -64.62 34.27 -65.98
C LYS E 966 -64.43 33.48 -67.26
N VAL E 967 -65.20 32.41 -67.46
CA VAL E 967 -65.03 31.54 -68.62
C VAL E 967 -65.53 32.24 -69.88
N VAL E 968 -66.51 33.13 -69.74
CA VAL E 968 -67.06 33.82 -70.90
C VAL E 968 -66.10 34.91 -71.36
N ASN E 969 -65.80 35.85 -70.48
CA ASN E 969 -64.97 37.00 -70.83
C ASN E 969 -63.47 36.75 -70.66
N GLY E 970 -63.07 35.51 -70.39
CA GLY E 970 -61.67 35.19 -70.28
C GLY E 970 -61.08 35.63 -68.95
N ASP E 971 -59.77 35.43 -68.83
CA ASP E 971 -59.04 35.81 -67.63
C ASP E 971 -58.34 37.15 -67.83
N LYS E 979 -56.28 47.63 -60.28
CA LYS E 979 -55.60 48.92 -60.16
C LYS E 979 -54.25 48.73 -59.45
N VAL E 980 -53.24 49.44 -59.94
CA VAL E 980 -51.89 49.32 -59.38
C VAL E 980 -51.83 50.14 -58.09
N MET E 981 -51.53 49.47 -56.99
CA MET E 981 -51.39 50.12 -55.69
C MET E 981 -49.95 50.58 -55.51
N VAL E 982 -49.78 51.84 -55.14
CA VAL E 982 -48.44 52.36 -54.89
C VAL E 982 -48.01 51.92 -53.50
N GLU E 983 -46.82 51.33 -53.41
CA GLU E 983 -46.32 50.82 -52.14
C GLU E 983 -45.54 51.90 -51.40
N PRO E 984 -45.92 52.28 -50.18
CA PRO E 984 -45.26 53.40 -49.53
C PRO E 984 -43.80 53.11 -49.22
N ARG E 985 -43.00 54.17 -49.25
CA ARG E 985 -41.58 54.10 -48.90
C ARG E 985 -41.29 55.17 -47.86
N ALA E 986 -40.30 54.90 -47.01
CA ALA E 986 -39.90 55.86 -45.99
C ALA E 986 -39.23 57.06 -46.65
N ASN E 987 -39.55 58.25 -46.17
CA ASN E 987 -38.98 59.50 -46.68
C ASN E 987 -38.32 60.21 -45.50
N MET E 988 -37.06 59.85 -45.24
CA MET E 988 -36.30 60.45 -44.14
C MET E 988 -35.80 61.82 -44.57
N LYS E 989 -36.69 62.79 -44.52
CA LYS E 989 -36.34 64.18 -44.76
C LYS E 989 -35.89 64.75 -43.42
N PHE E 990 -34.57 64.82 -43.21
CA PHE E 990 -34.01 65.26 -41.93
C PHE E 990 -34.24 66.75 -41.83
N ASP E 991 -35.46 67.11 -41.46
CA ASP E 991 -35.93 68.48 -41.53
C ASP E 991 -35.55 69.24 -40.27
N PHE E 992 -35.14 70.49 -40.46
CA PHE E 992 -34.92 71.39 -39.36
C PHE E 992 -36.27 71.89 -38.85
N PRO E 993 -36.29 72.50 -37.66
CA PRO E 993 -37.56 73.07 -37.17
C PRO E 993 -38.15 74.05 -38.16
N THR E 994 -39.45 73.91 -38.41
CA THR E 994 -40.12 74.73 -39.40
C THR E 994 -40.05 76.20 -39.00
N LEU E 995 -39.67 77.04 -39.95
CA LEU E 995 -39.55 78.47 -39.73
C LEU E 995 -40.85 79.15 -40.15
N LYS E 996 -41.40 79.96 -39.25
CA LYS E 996 -42.59 80.73 -39.53
C LYS E 996 -42.24 82.00 -40.30
N SER E 997 -43.25 82.61 -40.90
CA SER E 997 -43.05 83.89 -41.55
C SER E 997 -42.79 84.96 -40.50
N TYR E 998 -42.12 86.04 -40.93
CA TYR E 998 -41.81 87.11 -40.00
C TYR E 998 -43.07 87.77 -39.48
N ASP E 999 -44.10 87.89 -40.32
CA ASP E 999 -45.36 88.47 -39.87
C ASP E 999 -45.97 87.63 -38.76
N GLU E 1000 -45.94 86.31 -38.89
CA GLU E 1000 -46.55 85.45 -37.88
C GLU E 1000 -45.68 85.41 -36.63
N ILE E 1001 -44.36 85.58 -36.77
CA ILE E 1001 -43.50 85.71 -35.60
C ILE E 1001 -43.80 86.99 -34.84
N LYS E 1002 -43.96 88.10 -35.57
CA LYS E 1002 -44.30 89.37 -34.94
C LYS E 1002 -45.68 89.33 -34.31
N GLN E 1003 -46.59 88.56 -34.86
CA GLN E 1003 -47.89 88.36 -34.21
C GLN E 1003 -47.76 87.62 -32.89
N ILE E 1004 -46.88 86.63 -32.80
CA ILE E 1004 -46.63 85.94 -31.53
C ILE E 1004 -45.94 86.83 -30.51
N ALA E 1005 -44.98 87.66 -30.93
CA ALA E 1005 -44.24 88.50 -29.99
C ALA E 1005 -43.89 89.84 -30.62
N PRO E 1006 -44.81 90.81 -30.62
CA PRO E 1006 -44.53 92.08 -31.31
C PRO E 1006 -43.58 93.00 -30.56
N GLU E 1007 -43.63 93.02 -29.23
CA GLU E 1007 -42.89 94.01 -28.45
C GLU E 1007 -41.42 93.66 -28.27
N LEU E 1008 -40.95 92.55 -28.85
CA LEU E 1008 -39.60 92.08 -28.57
C LEU E 1008 -38.57 92.55 -29.60
N GLU E 1009 -38.96 93.37 -30.57
CA GLU E 1009 -38.07 93.71 -31.66
C GLU E 1009 -36.89 94.55 -31.18
N GLY E 1010 -35.69 94.10 -31.51
CA GLY E 1010 -34.48 94.87 -31.23
C GLY E 1010 -34.25 95.14 -29.76
N MET E 1011 -34.68 94.24 -28.89
CA MET E 1011 -34.61 94.43 -27.46
C MET E 1011 -33.52 93.60 -26.79
N LEU E 1012 -33.17 92.45 -27.35
CA LEU E 1012 -32.23 91.52 -26.72
C LEU E 1012 -30.91 91.49 -27.48
N ASP E 1013 -29.83 91.27 -26.73
CA ASP E 1013 -28.49 91.15 -27.30
C ASP E 1013 -28.31 89.74 -27.85
N LEU E 1014 -28.23 89.64 -29.18
CA LEU E 1014 -28.11 88.34 -29.83
C LEU E 1014 -26.80 87.66 -29.47
N GLU E 1015 -25.74 88.45 -29.28
CA GLU E 1015 -24.48 87.90 -28.78
C GLU E 1015 -24.63 87.28 -27.41
N ASN E 1016 -25.55 87.81 -26.58
CA ASN E 1016 -25.74 87.35 -25.21
C ASN E 1016 -26.90 86.37 -25.07
N VAL E 1017 -27.61 86.05 -26.14
CA VAL E 1017 -28.63 85.00 -26.13
C VAL E 1017 -27.98 83.70 -26.60
N VAL E 1018 -28.02 82.68 -25.75
CA VAL E 1018 -27.50 81.35 -26.07
C VAL E 1018 -28.65 80.49 -26.56
N VAL E 1019 -28.41 79.72 -27.62
CA VAL E 1019 -29.45 78.92 -28.27
C VAL E 1019 -28.89 77.53 -28.55
N VAL E 1020 -29.76 76.54 -28.43
CA VAL E 1020 -29.44 75.16 -28.80
C VAL E 1020 -29.68 75.04 -30.30
N THR E 1021 -28.63 74.69 -31.04
CA THR E 1021 -28.69 74.62 -32.49
C THR E 1021 -28.77 73.20 -33.02
N GLY E 1022 -28.17 72.25 -32.32
CA GLY E 1022 -28.32 70.85 -32.68
C GLY E 1022 -28.21 70.01 -31.44
N PHE E 1023 -28.79 68.82 -31.50
CA PHE E 1023 -28.72 67.90 -30.37
C PHE E 1023 -28.79 66.47 -30.90
N ALA E 1024 -28.33 65.55 -30.07
CA ALA E 1024 -28.41 64.15 -30.41
C ALA E 1024 -28.10 63.34 -29.17
N GLU E 1025 -28.34 62.04 -29.28
CA GLU E 1025 -28.15 61.15 -28.15
C GLU E 1025 -27.98 59.73 -28.65
N VAL E 1026 -27.31 58.93 -27.83
CA VAL E 1026 -27.27 57.49 -27.96
C VAL E 1026 -27.91 56.96 -26.68
N GLY E 1027 -28.92 56.11 -26.83
CA GLY E 1027 -29.66 55.64 -25.69
C GLY E 1027 -30.38 54.35 -25.98
N PRO E 1028 -31.23 53.91 -25.04
CA PRO E 1028 -31.96 52.65 -25.23
C PRO E 1028 -32.86 52.62 -26.44
N TRP E 1029 -33.33 53.78 -26.93
CA TRP E 1029 -34.24 53.83 -28.06
C TRP E 1029 -33.60 54.50 -29.27
N GLY E 1030 -32.31 54.25 -29.48
CA GLY E 1030 -31.63 54.81 -30.63
C GLY E 1030 -31.29 56.26 -30.42
N ASN E 1031 -31.59 57.08 -31.42
CA ASN E 1031 -31.20 58.48 -31.42
C ASN E 1031 -32.37 59.35 -30.95
N SER E 1032 -32.20 60.67 -31.06
CA SER E 1032 -33.24 61.59 -30.63
C SER E 1032 -34.53 61.36 -31.41
N ARG E 1033 -34.42 61.15 -32.72
CA ARG E 1033 -35.60 60.99 -33.56
C ARG E 1033 -36.45 59.80 -33.12
N THR E 1034 -35.82 58.63 -32.99
CA THR E 1034 -36.57 57.42 -32.67
C THR E 1034 -36.99 57.40 -31.22
N ARG E 1035 -36.14 57.91 -30.32
CA ARG E 1035 -36.54 58.04 -28.92
C ARG E 1035 -37.76 58.93 -28.79
N TRP E 1036 -37.81 60.02 -29.57
CA TRP E 1036 -38.97 60.89 -29.56
C TRP E 1036 -40.20 60.20 -30.13
N GLU E 1037 -40.01 59.42 -31.20
CA GLU E 1037 -41.16 58.71 -31.76
C GLU E 1037 -41.77 57.79 -30.70
N MET E 1038 -40.91 57.04 -30.00
CA MET E 1038 -41.44 56.10 -29.01
C MET E 1038 -41.96 56.81 -27.77
N GLU E 1039 -41.39 57.97 -27.43
CA GLU E 1039 -41.88 58.72 -26.28
C GLU E 1039 -43.24 59.37 -26.57
N ALA E 1040 -43.35 60.02 -27.72
CA ALA E 1040 -44.55 60.79 -28.03
C ALA E 1040 -45.71 59.88 -28.46
N TYR E 1041 -45.41 58.83 -29.24
CA TYR E 1041 -46.43 58.01 -29.86
C TYR E 1041 -46.47 56.59 -29.36
N GLY E 1042 -45.39 56.08 -28.79
CA GLY E 1042 -45.34 54.72 -28.31
C GLY E 1042 -45.14 53.69 -29.40
N GLU E 1043 -45.02 54.10 -30.65
CA GLU E 1043 -44.76 53.20 -31.75
C GLU E 1043 -43.88 53.91 -32.76
N PHE E 1044 -43.12 53.13 -33.54
CA PHE E 1044 -42.23 53.66 -34.55
C PHE E 1044 -43.00 53.86 -35.85
N SER E 1045 -42.75 54.98 -36.52
CA SER E 1045 -43.26 55.17 -37.86
C SER E 1045 -42.46 54.30 -38.83
N LEU E 1046 -42.69 54.48 -40.13
CA LEU E 1046 -41.85 53.78 -41.09
C LEU E 1046 -40.42 54.29 -41.05
N GLU E 1047 -40.25 55.61 -41.02
CA GLU E 1047 -38.91 56.18 -40.92
C GLU E 1047 -38.23 55.74 -39.63
N GLY E 1048 -38.96 55.77 -38.52
CA GLY E 1048 -38.37 55.34 -37.26
C GLY E 1048 -38.02 53.87 -37.25
N ALA E 1049 -38.89 53.03 -37.83
CA ALA E 1049 -38.60 51.61 -37.89
C ALA E 1049 -37.36 51.33 -38.72
N ILE E 1050 -37.21 52.03 -39.85
CA ILE E 1050 -36.01 51.85 -40.66
C ILE E 1050 -34.79 52.35 -39.92
N GLU E 1051 -34.94 53.44 -39.15
CA GLU E 1051 -33.79 53.97 -38.43
C GLU E 1051 -33.34 53.01 -37.32
N MET E 1052 -34.28 52.42 -36.59
CA MET E 1052 -33.91 51.38 -35.63
C MET E 1052 -33.32 50.16 -36.30
N ALA E 1053 -33.87 49.74 -37.44
CA ALA E 1053 -33.29 48.60 -38.14
C ALA E 1053 -31.85 48.89 -38.54
N TRP E 1054 -31.60 50.10 -39.02
CA TRP E 1054 -30.24 50.48 -39.42
C TRP E 1054 -29.32 50.59 -38.21
N ILE E 1055 -29.84 51.08 -37.08
CA ILE E 1055 -29.02 51.23 -35.88
C ILE E 1055 -28.64 49.87 -35.32
N MET E 1056 -29.62 48.97 -35.20
CA MET E 1056 -29.39 47.62 -34.70
C MET E 1056 -28.83 46.68 -35.76
N GLY E 1057 -28.56 47.18 -36.97
CA GLY E 1057 -27.91 46.36 -37.96
C GLY E 1057 -28.78 45.33 -38.61
N PHE E 1058 -30.10 45.40 -38.41
CA PHE E 1058 -30.98 44.44 -39.06
C PHE E 1058 -30.94 44.58 -40.57
N ILE E 1059 -30.82 45.82 -41.05
CA ILE E 1059 -30.76 46.11 -42.48
C ILE E 1059 -29.46 46.85 -42.77
N LYS E 1060 -28.97 46.69 -44.00
CA LYS E 1060 -27.81 47.42 -44.48
C LYS E 1060 -28.11 47.86 -45.91
N TYR E 1061 -27.57 49.02 -46.30
CA TYR E 1061 -27.78 49.49 -47.65
C TYR E 1061 -26.79 48.84 -48.60
N HIS E 1062 -27.28 48.41 -49.75
CA HIS E 1062 -26.48 47.76 -50.78
C HIS E 1062 -26.66 48.52 -52.07
N ASN E 1063 -25.55 48.88 -52.70
CA ASN E 1063 -25.55 49.56 -53.99
C ASN E 1063 -24.55 48.84 -54.90
N GLY E 1064 -25.03 47.91 -55.69
CA GLY E 1064 -24.18 47.18 -56.59
C GLY E 1064 -24.85 45.89 -57.04
N ASN E 1065 -24.03 44.90 -57.35
CA ASN E 1065 -24.50 43.60 -57.82
C ASN E 1065 -24.87 42.75 -56.61
N LEU E 1066 -26.11 42.25 -56.61
CA LEU E 1066 -26.64 41.43 -55.51
C LEU E 1066 -27.05 40.08 -56.06
N GLN E 1067 -26.16 39.09 -55.94
CA GLN E 1067 -26.40 37.74 -56.44
C GLN E 1067 -26.80 37.76 -57.90
N GLY E 1068 -25.94 38.37 -58.72
CA GLY E 1068 -26.14 38.37 -60.15
C GLY E 1068 -27.14 39.37 -60.67
N LYS E 1069 -27.68 40.24 -59.82
CA LYS E 1069 -28.63 41.26 -60.22
C LYS E 1069 -28.20 42.62 -59.68
N PRO E 1070 -28.52 43.72 -60.38
CA PRO E 1070 -28.21 45.03 -59.83
C PRO E 1070 -29.30 45.54 -58.90
N TYR E 1071 -28.97 45.72 -57.62
CA TYR E 1071 -29.95 46.13 -56.61
C TYR E 1071 -29.44 47.35 -55.85
N SER E 1072 -30.34 48.29 -55.60
CA SER E 1072 -30.06 49.49 -54.81
C SER E 1072 -31.19 49.63 -53.79
N GLY E 1073 -30.92 49.23 -52.56
CA GLY E 1073 -31.94 49.30 -51.53
C GLY E 1073 -31.49 48.60 -50.26
N TRP E 1074 -32.46 48.43 -49.36
CA TRP E 1074 -32.18 47.82 -48.08
C TRP E 1074 -32.13 46.30 -48.19
N VAL E 1075 -31.17 45.71 -47.49
CA VAL E 1075 -30.87 44.29 -47.57
C VAL E 1075 -30.74 43.76 -46.14
N ASP E 1076 -31.45 42.67 -45.86
CA ASP E 1076 -31.33 42.00 -44.56
C ASP E 1076 -29.86 41.66 -44.31
N ALA E 1077 -29.30 42.22 -43.24
CA ALA E 1077 -27.88 42.03 -42.96
C ALA E 1077 -27.57 40.57 -42.70
N LYS E 1078 -28.44 39.87 -41.97
CA LYS E 1078 -28.18 38.46 -41.65
C LYS E 1078 -28.24 37.59 -42.89
N THR E 1079 -29.29 37.73 -43.68
CA THR E 1079 -29.50 36.87 -44.85
C THR E 1079 -28.96 37.45 -46.14
N GLN E 1080 -28.66 38.75 -46.17
CA GLN E 1080 -28.14 39.43 -47.36
C GLN E 1080 -29.14 39.42 -48.51
N THR E 1081 -30.47 39.24 -48.21
CA THR E 1081 -31.50 39.25 -49.24
C THR E 1081 -32.22 40.60 -49.27
N PRO E 1082 -32.74 41.04 -50.42
CA PRO E 1082 -33.44 42.33 -50.45
C PRO E 1082 -34.64 42.34 -49.52
N ILE E 1083 -34.94 43.52 -48.99
CA ILE E 1083 -36.12 43.72 -48.17
C ILE E 1083 -36.76 45.05 -48.54
N ASP E 1084 -38.09 45.07 -48.62
CA ASP E 1084 -38.81 46.27 -48.96
C ASP E 1084 -38.96 47.17 -47.75
N GLU E 1085 -38.94 48.49 -48.00
CA GLU E 1085 -39.01 49.45 -46.93
C GLU E 1085 -40.30 49.31 -46.13
N LYS E 1086 -41.42 49.08 -46.82
CA LYS E 1086 -42.67 48.84 -46.11
C LYS E 1086 -42.60 47.58 -45.25
N ASP E 1087 -41.94 46.54 -45.75
CA ASP E 1087 -41.81 45.29 -45.01
C ASP E 1087 -40.82 45.37 -43.85
N ILE E 1088 -39.98 46.41 -43.81
CA ILE E 1088 -39.04 46.56 -42.70
C ILE E 1088 -39.77 46.68 -41.37
N LYS E 1089 -40.85 47.47 -41.31
CA LYS E 1089 -41.60 47.64 -40.08
C LYS E 1089 -42.40 46.41 -39.68
N SER E 1090 -42.50 45.41 -40.55
CA SER E 1090 -43.19 44.16 -40.22
C SER E 1090 -42.23 43.06 -39.83
N LYS E 1091 -41.11 42.91 -40.56
CA LYS E 1091 -40.18 41.83 -40.27
C LYS E 1091 -39.41 42.06 -38.98
N TYR E 1092 -39.11 43.32 -38.64
CA TYR E 1092 -38.16 43.63 -37.58
C TYR E 1092 -38.72 44.43 -36.41
N GLU E 1093 -39.98 44.86 -36.46
CA GLU E 1093 -40.50 45.67 -35.34
C GLU E 1093 -40.51 44.87 -34.05
N GLU E 1094 -40.89 43.59 -34.12
CA GLU E 1094 -40.92 42.76 -32.92
C GLU E 1094 -39.54 42.66 -32.29
N GLU E 1095 -38.53 42.35 -33.11
CA GLU E 1095 -37.18 42.21 -32.57
C GLU E 1095 -36.61 43.53 -32.09
N ILE E 1096 -36.95 44.63 -32.79
CA ILE E 1096 -36.51 45.95 -32.35
C ILE E 1096 -37.04 46.25 -30.96
N LEU E 1097 -38.34 46.03 -30.76
CA LEU E 1097 -38.95 46.31 -29.46
C LEU E 1097 -38.41 45.35 -28.40
N GLU E 1098 -38.15 44.10 -28.78
CA GLU E 1098 -37.63 43.13 -27.82
C GLU E 1098 -36.23 43.52 -27.36
N HIS E 1099 -35.36 43.90 -28.29
CA HIS E 1099 -33.95 44.17 -28.03
C HIS E 1099 -33.64 45.65 -28.01
N SER E 1100 -34.61 46.47 -27.62
CA SER E 1100 -34.34 47.89 -27.37
C SER E 1100 -35.17 48.34 -26.18
N GLY E 1101 -34.65 49.34 -25.47
CA GLY E 1101 -35.33 49.90 -24.32
C GLY E 1101 -34.85 49.29 -23.00
N ILE E 1102 -35.67 49.47 -21.97
CA ILE E 1102 -35.45 48.81 -20.69
C ILE E 1102 -35.81 47.34 -20.86
N ARG E 1103 -34.88 46.46 -20.51
CA ARG E 1103 -35.04 45.04 -20.79
C ARG E 1103 -34.01 44.28 -19.95
N LEU E 1104 -34.07 42.96 -20.02
CA LEU E 1104 -33.10 42.14 -19.30
C LEU E 1104 -31.70 42.46 -19.79
N ILE E 1105 -30.76 42.54 -18.85
CA ILE E 1105 -29.38 42.83 -19.22
C ILE E 1105 -28.86 41.72 -20.13
N GLU E 1106 -28.19 42.12 -21.20
CA GLU E 1106 -27.70 41.19 -22.21
C GLU E 1106 -26.20 41.04 -22.04
N PRO E 1107 -25.68 39.86 -21.66
CA PRO E 1107 -24.22 39.75 -21.44
C PRO E 1107 -23.38 40.04 -22.68
N GLU E 1108 -23.95 39.84 -23.87
CA GLU E 1108 -23.19 40.09 -25.08
C GLU E 1108 -22.86 41.56 -25.25
N LEU E 1109 -23.65 42.44 -24.63
CA LEU E 1109 -23.38 43.87 -24.65
C LEU E 1109 -22.46 44.32 -23.53
N PHE E 1110 -22.18 43.45 -22.55
CA PHE E 1110 -21.41 43.82 -21.36
C PHE E 1110 -20.35 42.77 -21.07
N ASN E 1111 -19.85 42.12 -22.12
CA ASN E 1111 -18.66 41.28 -22.02
C ASN E 1111 -18.91 40.06 -21.15
N GLY E 1112 -20.00 39.35 -21.43
CA GLY E 1112 -20.31 38.14 -20.70
C GLY E 1112 -20.79 38.38 -19.29
N TYR E 1113 -21.16 39.62 -18.95
CA TYR E 1113 -21.70 39.88 -17.62
C TYR E 1113 -23.10 39.30 -17.52
N ASP E 1114 -23.24 38.20 -16.80
CA ASP E 1114 -24.54 37.59 -16.53
C ASP E 1114 -24.91 37.93 -15.09
N PRO E 1115 -25.83 38.87 -14.84
CA PRO E 1115 -26.12 39.23 -13.44
C PRO E 1115 -26.62 38.06 -12.61
N LYS E 1116 -27.23 37.05 -13.23
CA LYS E 1116 -27.58 35.85 -12.49
C LYS E 1116 -26.36 35.03 -12.10
N LYS E 1117 -25.18 35.35 -12.66
CA LYS E 1117 -23.93 34.65 -12.39
C LYS E 1117 -22.80 35.64 -12.16
N LYS E 1118 -23.04 36.64 -11.30
CA LYS E 1118 -22.02 37.64 -11.01
C LYS E 1118 -20.79 36.99 -10.38
N GLN E 1119 -19.67 37.02 -11.11
CA GLN E 1119 -18.46 36.36 -10.66
C GLN E 1119 -17.78 37.14 -9.55
N MET E 1120 -17.40 36.44 -8.48
CA MET E 1120 -16.56 36.98 -7.41
C MET E 1120 -15.51 35.95 -7.07
N ILE E 1121 -14.49 36.36 -6.32
CA ILE E 1121 -13.43 35.46 -5.87
C ILE E 1121 -13.38 35.52 -4.35
N GLN E 1122 -13.27 34.36 -3.71
CA GLN E 1122 -13.26 34.22 -2.27
C GLN E 1122 -11.89 33.75 -1.81
N GLU E 1123 -11.34 34.42 -0.80
CA GLU E 1123 -10.05 34.06 -0.25
C GLU E 1123 -10.19 32.81 0.62
N ILE E 1124 -9.33 31.82 0.38
CA ILE E 1124 -9.25 30.62 1.19
C ILE E 1124 -7.80 30.37 1.54
N VAL E 1125 -7.55 29.96 2.79
CA VAL E 1125 -6.24 29.46 3.20
C VAL E 1125 -6.26 27.95 2.93
N VAL E 1126 -5.28 27.48 2.16
CA VAL E 1126 -5.28 26.07 1.76
C VAL E 1126 -4.76 25.23 2.91
N GLN E 1127 -5.46 24.12 3.17
CA GLN E 1127 -5.07 23.16 4.20
C GLN E 1127 -4.38 21.93 3.61
N HIS E 1128 -3.77 22.09 2.43
CA HIS E 1128 -3.11 20.97 1.75
C HIS E 1128 -2.28 21.54 0.61
N ASP E 1129 -1.15 20.91 0.35
CA ASP E 1129 -0.27 21.37 -0.73
C ASP E 1129 -0.84 20.96 -2.08
N LEU E 1130 -1.09 21.94 -2.94
CA LEU E 1130 -1.54 21.64 -4.29
C LEU E 1130 -0.45 20.91 -5.06
N GLU E 1131 -0.87 20.05 -5.99
CA GLU E 1131 0.08 19.39 -6.85
C GLU E 1131 0.80 20.43 -7.71
N PRO E 1132 2.09 20.25 -7.97
CA PRO E 1132 2.84 21.32 -8.66
C PRO E 1132 2.33 21.56 -10.07
N PHE E 1133 2.47 22.80 -10.53
CA PHE E 1133 2.11 23.18 -11.89
C PHE E 1133 3.27 23.94 -12.52
N GLU E 1134 3.29 23.93 -13.86
CA GLU E 1134 4.41 24.48 -14.62
C GLU E 1134 4.08 25.89 -15.10
N CYS E 1135 5.10 26.73 -15.18
CA CYS E 1135 4.97 28.08 -15.72
C CYS E 1135 6.36 28.63 -15.98
N SER E 1136 6.41 29.87 -16.45
CA SER E 1136 7.66 30.52 -16.81
C SER E 1136 8.44 30.92 -15.56
N LYS E 1137 9.72 31.24 -15.78
CA LYS E 1137 10.57 31.68 -14.68
C LYS E 1137 10.03 32.94 -14.03
N GLU E 1138 9.57 33.89 -14.85
CA GLU E 1138 9.07 35.15 -14.30
C GLU E 1138 7.86 34.92 -13.40
N THR E 1139 6.89 34.14 -13.87
CA THR E 1139 5.69 33.89 -13.07
C THR E 1139 6.03 33.09 -11.82
N ALA E 1140 6.92 32.11 -11.92
CA ALA E 1140 7.33 31.36 -10.74
C ALA E 1140 8.01 32.27 -9.73
N GLU E 1141 8.90 33.16 -10.19
CA GLU E 1141 9.56 34.09 -9.28
C GLU E 1141 8.54 35.02 -8.62
N GLN E 1142 7.53 35.45 -9.38
CA GLN E 1142 6.49 36.29 -8.79
C GLN E 1142 5.71 35.53 -7.73
N TYR E 1143 5.41 34.27 -8.00
CA TYR E 1143 4.71 33.44 -7.02
C TYR E 1143 5.52 33.31 -5.74
N LYS E 1144 6.82 33.03 -5.89
CA LYS E 1144 7.67 32.88 -4.70
C LYS E 1144 7.78 34.21 -3.96
N HIS E 1145 7.86 35.32 -4.68
CA HIS E 1145 7.91 36.62 -4.03
C HIS E 1145 6.65 36.87 -3.20
N GLU E 1146 5.49 36.53 -3.76
CA GLU E 1146 4.24 36.75 -3.02
C GLU E 1146 4.14 35.84 -1.81
N HIS E 1147 4.34 34.53 -2.01
CA HIS E 1147 4.04 33.55 -0.97
C HIS E 1147 5.24 33.28 -0.07
N GLY E 1148 6.36 32.85 -0.65
CA GLY E 1148 7.57 32.62 0.11
C GLY E 1148 7.66 31.21 0.65
N GLU E 1149 7.66 31.08 1.96
CA GLU E 1149 7.70 29.76 2.58
C GLU E 1149 6.47 28.93 2.21
N LYS E 1150 5.39 29.57 1.77
CA LYS E 1150 4.17 28.87 1.34
C LYS E 1150 4.15 28.56 -0.15
N CYS E 1151 5.23 28.85 -0.87
CA CYS E 1151 5.36 28.48 -2.27
C CYS E 1151 6.73 27.84 -2.46
N GLU E 1152 6.87 27.09 -3.55
CA GLU E 1152 8.14 26.44 -3.85
C GLU E 1152 8.33 26.39 -5.36
N ILE E 1153 9.45 26.93 -5.83
CA ILE E 1153 9.72 27.13 -7.25
C ILE E 1153 10.97 26.34 -7.61
N PHE E 1154 10.91 25.62 -8.73
CA PHE E 1154 12.04 24.77 -9.11
C PHE E 1154 12.12 24.64 -10.62
N GLU E 1155 13.33 24.86 -11.16
CA GLU E 1155 13.54 24.88 -12.59
C GLU E 1155 13.51 23.46 -13.14
N ILE E 1156 12.83 23.28 -14.27
CA ILE E 1156 12.93 22.03 -15.05
C ILE E 1156 14.13 22.24 -15.96
N GLU E 1157 15.27 21.68 -15.58
CA GLU E 1157 16.50 21.87 -16.34
C GLU E 1157 16.39 21.33 -17.76
N GLU E 1158 15.47 20.38 -18.01
CA GLU E 1158 15.31 19.84 -19.36
C GLU E 1158 14.85 20.92 -20.33
N SER E 1159 13.93 21.79 -19.90
CA SER E 1159 13.31 22.79 -20.76
C SER E 1159 13.74 24.21 -20.41
N GLY E 1160 13.59 24.61 -19.15
CA GLY E 1160 13.87 25.96 -18.72
C GLY E 1160 12.70 26.58 -17.96
N GLU E 1161 11.51 26.03 -18.17
CA GLU E 1161 10.34 26.47 -17.41
C GLU E 1161 10.52 26.14 -15.93
N TYR E 1162 9.54 26.56 -15.13
CA TYR E 1162 9.58 26.38 -13.69
C TYR E 1162 8.32 25.65 -13.21
N THR E 1163 8.50 24.86 -12.16
CA THR E 1163 7.42 24.19 -11.46
C THR E 1163 7.14 24.96 -10.19
N VAL E 1164 5.86 25.25 -9.94
CA VAL E 1164 5.41 25.97 -8.76
C VAL E 1164 4.52 25.03 -7.96
N ARG E 1165 4.82 24.90 -6.68
CA ARG E 1165 4.01 24.13 -5.74
C ARG E 1165 3.52 25.08 -4.66
N ILE E 1166 2.20 25.16 -4.52
CA ILE E 1166 1.58 25.96 -3.47
C ILE E 1166 1.38 25.06 -2.26
N LEU E 1167 1.84 25.50 -1.10
CA LEU E 1167 1.91 24.66 0.09
C LEU E 1167 0.76 24.97 1.04
N LYS E 1168 0.67 24.16 2.09
CA LYS E 1168 -0.34 24.38 3.12
C LYS E 1168 -0.13 25.75 3.76
N GLY E 1169 -1.24 26.43 4.03
CA GLY E 1169 -1.21 27.75 4.62
C GLY E 1169 -1.17 28.89 3.62
N ALA E 1170 -1.01 28.60 2.33
CA ALA E 1170 -1.04 29.62 1.31
C ALA E 1170 -2.45 30.15 1.12
N THR E 1171 -2.53 31.34 0.53
CA THR E 1171 -3.80 32.00 0.25
C THR E 1171 -4.14 31.78 -1.22
N LEU E 1172 -5.34 31.28 -1.49
CA LEU E 1172 -5.88 31.11 -2.82
C LEU E 1172 -7.18 31.87 -2.95
N TYR E 1173 -7.51 32.22 -4.20
CA TYR E 1173 -8.74 32.94 -4.53
C TYR E 1173 -9.53 32.01 -5.46
N VAL E 1174 -10.53 31.33 -4.90
CA VAL E 1174 -11.37 30.42 -5.69
C VAL E 1174 -12.60 31.21 -6.15
N PRO E 1175 -12.90 31.28 -7.45
CA PRO E 1175 -14.06 32.06 -7.88
C PRO E 1175 -15.36 31.50 -7.34
N LYS E 1176 -16.31 32.40 -7.11
CA LYS E 1176 -17.68 32.04 -6.78
C LYS E 1176 -18.61 32.98 -7.53
N ALA E 1177 -19.86 32.56 -7.67
CA ALA E 1177 -20.86 33.31 -8.42
C ALA E 1177 -22.01 33.67 -7.51
N LEU E 1178 -22.51 34.89 -7.66
CA LEU E 1178 -23.58 35.42 -6.83
C LEU E 1178 -24.78 35.72 -7.72
N ARG E 1179 -25.93 35.17 -7.37
CA ARG E 1179 -27.17 35.46 -8.08
C ARG E 1179 -27.58 36.88 -7.75
N PHE E 1180 -27.24 37.81 -8.65
CA PHE E 1180 -27.54 39.21 -8.42
C PHE E 1180 -28.96 39.52 -8.88
N ASP E 1181 -29.61 40.46 -8.18
CA ASP E 1181 -31.04 40.67 -8.30
C ASP E 1181 -31.41 41.90 -9.11
N ARG E 1182 -30.46 42.51 -9.83
CA ARG E 1182 -30.72 43.62 -10.74
C ARG E 1182 -30.46 43.12 -12.15
N LEU E 1183 -31.47 42.50 -12.77
CA LEU E 1183 -31.33 41.88 -14.07
C LEU E 1183 -31.78 42.77 -15.22
N VAL E 1184 -32.27 43.98 -14.95
CA VAL E 1184 -32.88 44.83 -15.95
C VAL E 1184 -32.14 46.16 -15.98
N ALA E 1185 -31.79 46.61 -17.18
CA ALA E 1185 -31.14 47.91 -17.36
C ALA E 1185 -31.57 48.48 -18.69
N GLY E 1186 -31.58 49.81 -18.76
CA GLY E 1186 -31.91 50.49 -20.00
C GLY E 1186 -30.69 50.57 -20.90
N GLN E 1187 -30.63 49.67 -21.87
CA GLN E 1187 -29.43 49.43 -22.65
C GLN E 1187 -29.65 49.89 -24.08
N ILE E 1188 -28.59 50.40 -24.69
CA ILE E 1188 -28.59 50.82 -26.09
C ILE E 1188 -29.02 49.61 -26.91
N PRO E 1189 -29.78 49.78 -27.99
CA PRO E 1189 -30.34 48.60 -28.67
C PRO E 1189 -29.27 47.61 -29.09
N THR E 1190 -29.59 46.32 -28.93
CA THR E 1190 -28.66 45.28 -29.29
C THR E 1190 -28.31 45.38 -30.76
N GLY E 1191 -27.04 45.17 -31.08
CA GLY E 1191 -26.54 45.34 -32.41
C GLY E 1191 -26.11 46.76 -32.74
N TRP E 1192 -26.28 47.70 -31.83
CA TRP E 1192 -25.71 49.02 -32.02
C TRP E 1192 -24.20 48.91 -32.15
N ASP E 1193 -23.65 49.48 -33.21
CA ASP E 1193 -22.22 49.41 -33.48
C ASP E 1193 -21.72 50.80 -33.85
N ALA E 1194 -20.53 51.13 -33.35
CA ALA E 1194 -19.87 52.35 -33.81
C ALA E 1194 -19.43 52.24 -35.26
N ARG E 1195 -19.25 51.03 -35.76
CA ARG E 1195 -18.84 50.84 -37.15
C ARG E 1195 -19.89 51.39 -38.12
N THR E 1196 -21.17 51.20 -37.80
CA THR E 1196 -22.22 51.65 -38.72
C THR E 1196 -22.27 53.17 -38.82
N TYR E 1197 -21.67 53.88 -37.86
CA TYR E 1197 -21.57 55.33 -37.92
C TYR E 1197 -20.26 55.81 -38.51
N GLY E 1198 -19.39 54.91 -38.97
CA GLY E 1198 -18.15 55.29 -39.60
C GLY E 1198 -16.99 55.49 -38.67
N ILE E 1199 -17.09 55.07 -37.41
CA ILE E 1199 -15.97 55.21 -36.48
C ILE E 1199 -14.96 54.09 -36.76
N PRO E 1200 -13.67 54.40 -36.99
CA PRO E 1200 -12.75 53.34 -37.45
C PRO E 1200 -12.43 52.32 -36.38
N GLU E 1201 -11.97 51.16 -36.84
CA GLU E 1201 -11.72 50.03 -35.96
C GLU E 1201 -10.64 50.35 -34.95
N ASP E 1202 -9.61 51.10 -35.35
CA ASP E 1202 -8.53 51.43 -34.42
C ASP E 1202 -9.05 52.31 -33.28
N THR E 1203 -9.90 53.29 -33.60
CA THR E 1203 -10.51 54.10 -32.56
C THR E 1203 -11.40 53.24 -31.66
N ILE E 1204 -12.14 52.30 -32.26
CA ILE E 1204 -13.02 51.44 -31.46
C ILE E 1204 -12.20 50.61 -30.48
N SER E 1205 -11.05 50.10 -30.93
CA SER E 1205 -10.19 49.31 -30.06
C SER E 1205 -9.45 50.16 -29.04
N GLN E 1206 -9.19 51.43 -29.32
CA GLN E 1206 -8.48 52.32 -28.42
C GLN E 1206 -9.35 52.92 -27.33
N VAL E 1207 -10.54 53.40 -27.68
CA VAL E 1207 -11.31 54.25 -26.78
C VAL E 1207 -12.35 53.42 -26.05
N ASP E 1208 -12.98 54.05 -25.06
CA ASP E 1208 -13.97 53.39 -24.24
C ASP E 1208 -15.32 53.35 -24.95
N PRO E 1209 -16.20 52.39 -24.61
CA PRO E 1209 -17.54 52.39 -25.22
C PRO E 1209 -18.31 53.66 -24.96
N ILE E 1210 -18.15 54.26 -23.77
CA ILE E 1210 -18.77 55.55 -23.53
C ILE E 1210 -18.22 56.61 -24.48
N THR E 1211 -16.92 56.53 -24.80
CA THR E 1211 -16.37 57.48 -25.76
C THR E 1211 -16.96 57.25 -27.15
N LEU E 1212 -17.24 55.99 -27.51
CA LEU E 1212 -17.93 55.74 -28.77
C LEU E 1212 -19.31 56.37 -28.78
N TYR E 1213 -20.06 56.21 -27.68
CA TYR E 1213 -21.36 56.83 -27.61
C TYR E 1213 -21.26 58.34 -27.72
N VAL E 1214 -20.23 58.93 -27.11
CA VAL E 1214 -20.04 60.38 -27.14
C VAL E 1214 -19.71 60.84 -28.55
N LEU E 1215 -18.84 60.11 -29.25
CA LEU E 1215 -18.50 60.51 -30.61
C LEU E 1215 -19.72 60.46 -31.51
N VAL E 1216 -20.52 59.40 -31.40
CA VAL E 1216 -21.72 59.30 -32.23
C VAL E 1216 -22.69 60.42 -31.89
N ALA E 1217 -22.91 60.68 -30.60
CA ALA E 1217 -23.84 61.73 -30.21
C ALA E 1217 -23.33 63.10 -30.64
N THR E 1218 -22.01 63.29 -30.66
CA THR E 1218 -21.45 64.57 -31.04
C THR E 1218 -21.61 64.83 -32.53
N VAL E 1219 -21.29 63.83 -33.37
CA VAL E 1219 -21.47 64.04 -34.80
C VAL E 1219 -22.95 64.20 -35.12
N GLU E 1220 -23.81 63.44 -34.44
CA GLU E 1220 -25.25 63.57 -34.70
C GLU E 1220 -25.78 64.91 -34.22
N ALA E 1221 -25.20 65.47 -33.15
CA ALA E 1221 -25.60 66.79 -32.69
C ALA E 1221 -25.16 67.87 -33.67
N LEU E 1222 -23.95 67.76 -34.20
CA LEU E 1222 -23.50 68.70 -35.21
C LEU E 1222 -24.35 68.59 -36.47
N LEU E 1223 -24.76 67.37 -36.82
CA LEU E 1223 -25.62 67.19 -37.99
C LEU E 1223 -27.01 67.74 -37.74
N SER E 1224 -27.51 67.61 -36.52
CA SER E 1224 -28.75 68.29 -36.15
C SER E 1224 -28.60 69.80 -36.27
N ALA E 1225 -27.42 70.33 -35.93
CA ALA E 1225 -27.11 71.73 -36.13
C ALA E 1225 -26.73 72.05 -37.57
N GLY E 1226 -26.78 71.07 -38.46
CA GLY E 1226 -26.53 71.32 -39.87
C GLY E 1226 -25.07 71.45 -40.23
N ILE E 1227 -24.17 71.19 -39.29
CA ILE E 1227 -22.74 71.32 -39.53
C ILE E 1227 -22.24 69.94 -39.95
N THR E 1228 -22.17 69.72 -41.26
CA THR E 1228 -21.63 68.49 -41.80
C THR E 1228 -20.13 68.37 -41.59
N ASP E 1229 -19.42 69.51 -41.63
CA ASP E 1229 -17.97 69.55 -41.45
C ASP E 1229 -17.68 70.34 -40.18
N PRO E 1230 -17.09 69.75 -39.14
CA PRO E 1230 -16.85 70.53 -37.91
C PRO E 1230 -15.98 71.76 -38.11
N TYR E 1231 -15.14 71.78 -39.15
CA TYR E 1231 -14.30 72.94 -39.40
C TYR E 1231 -15.07 74.13 -39.95
N GLU E 1232 -16.37 73.98 -40.22
CA GLU E 1232 -17.16 75.11 -40.68
C GLU E 1232 -17.33 76.18 -39.62
N PHE E 1233 -17.09 75.84 -38.35
CA PHE E 1233 -17.11 76.87 -37.31
C PHE E 1233 -16.01 77.89 -37.55
N TYR E 1234 -14.87 77.45 -38.08
CA TYR E 1234 -13.70 78.30 -38.18
C TYR E 1234 -13.80 79.31 -39.32
N LYS E 1235 -14.85 79.23 -40.13
CA LYS E 1235 -15.13 80.31 -41.08
C LYS E 1235 -15.71 81.53 -40.39
N TYR E 1236 -16.30 81.35 -39.20
CA TYR E 1236 -17.03 82.40 -38.51
C TYR E 1236 -16.45 82.77 -37.15
N VAL E 1237 -15.83 81.83 -36.45
CA VAL E 1237 -15.29 82.08 -35.11
C VAL E 1237 -13.87 81.53 -35.07
N HIS E 1238 -13.05 82.14 -34.20
CA HIS E 1238 -11.68 81.70 -34.06
C HIS E 1238 -11.63 80.29 -33.43
N VAL E 1239 -10.54 79.58 -33.69
CA VAL E 1239 -10.38 78.22 -33.16
C VAL E 1239 -10.45 78.23 -31.64
N SER E 1240 -10.13 79.37 -31.02
CA SER E 1240 -10.21 79.51 -29.57
C SER E 1240 -11.63 79.77 -29.07
N GLU E 1241 -12.63 79.76 -29.94
CA GLU E 1241 -14.01 80.07 -29.57
C GLU E 1241 -14.95 78.88 -29.73
N VAL E 1242 -14.41 77.69 -29.98
CA VAL E 1242 -15.19 76.45 -30.05
C VAL E 1242 -14.71 75.55 -28.91
N GLY E 1243 -15.58 75.31 -27.94
CA GLY E 1243 -15.25 74.57 -26.75
C GLY E 1243 -16.11 73.33 -26.57
N ASN E 1244 -15.77 72.56 -25.54
CA ASN E 1244 -16.47 71.33 -25.23
C ASN E 1244 -16.62 71.24 -23.71
N CYS E 1245 -17.79 71.59 -23.20
CA CYS E 1245 -18.04 71.64 -21.76
C CYS E 1245 -18.85 70.45 -21.26
N SER E 1246 -18.91 69.37 -22.03
CA SER E 1246 -19.66 68.19 -21.64
C SER E 1246 -18.89 67.38 -20.59
N GLY E 1247 -19.58 66.41 -20.00
CA GLY E 1247 -18.98 65.66 -18.91
C GLY E 1247 -19.65 64.31 -18.69
N SER E 1248 -19.31 63.71 -17.55
CA SER E 1248 -19.80 62.40 -17.17
C SER E 1248 -19.96 62.33 -15.67
N GLY E 1249 -20.85 61.44 -15.22
CA GLY E 1249 -20.94 61.17 -13.80
C GLY E 1249 -19.77 60.33 -13.30
N MET E 1250 -19.37 59.32 -14.07
CA MET E 1250 -18.32 58.39 -13.65
C MET E 1250 -17.24 58.27 -14.72
N GLY E 1251 -17.60 58.42 -15.98
CA GLY E 1251 -16.65 58.37 -17.07
C GLY E 1251 -16.45 56.99 -17.65
N GLY E 1252 -15.20 56.61 -17.90
CA GLY E 1252 -14.89 55.33 -18.49
C GLY E 1252 -14.88 54.23 -17.45
N VAL E 1253 -16.07 53.79 -17.04
CA VAL E 1253 -16.15 52.75 -16.01
C VAL E 1253 -15.56 51.44 -16.51
N SER E 1254 -15.64 51.19 -17.82
CA SER E 1254 -15.01 49.99 -18.36
C SER E 1254 -13.49 50.07 -18.27
N ALA E 1255 -12.93 51.25 -18.51
CA ALA E 1255 -11.49 51.43 -18.32
C ALA E 1255 -11.10 51.30 -16.86
N LEU E 1256 -11.95 51.81 -15.95
CA LEU E 1256 -11.70 51.64 -14.53
C LEU E 1256 -11.75 50.16 -14.14
N ARG E 1257 -12.69 49.42 -14.73
CA ARG E 1257 -12.74 47.98 -14.49
C ARG E 1257 -11.45 47.32 -14.96
N GLY E 1258 -11.00 47.67 -16.17
CA GLY E 1258 -9.72 47.18 -16.64
C GLY E 1258 -8.63 47.42 -15.62
N MET E 1259 -8.39 48.69 -15.29
CA MET E 1259 -7.35 49.08 -14.33
C MET E 1259 -7.45 48.33 -13.00
N PHE E 1260 -8.62 48.31 -12.39
CA PHE E 1260 -8.76 47.86 -11.01
C PHE E 1260 -8.99 46.36 -10.86
N LYS E 1261 -9.47 45.68 -11.90
CA LYS E 1261 -9.82 44.28 -11.84
C LYS E 1261 -8.99 43.45 -12.81
N ASP E 1262 -8.96 43.83 -14.09
CA ASP E 1262 -8.32 42.98 -15.09
C ASP E 1262 -6.81 43.03 -14.93
N ARG E 1263 -6.27 44.17 -14.49
CA ARG E 1263 -4.84 44.26 -14.25
C ARG E 1263 -4.45 43.52 -12.97
N TYR E 1264 -5.29 43.60 -11.94
CA TYR E 1264 -5.09 42.77 -10.75
C TYR E 1264 -5.09 41.30 -11.11
N ALA E 1265 -5.95 40.90 -12.04
CA ALA E 1265 -6.03 39.52 -12.51
C ALA E 1265 -5.02 39.22 -13.61
N ASP E 1266 -4.23 40.19 -14.05
CA ASP E 1266 -3.16 39.99 -15.01
C ASP E 1266 -3.69 39.74 -16.42
N LYS E 1267 -4.92 40.12 -16.71
CA LYS E 1267 -5.47 39.98 -18.04
C LYS E 1267 -4.83 40.98 -18.98
N PRO E 1268 -4.87 40.73 -20.30
CA PRO E 1268 -4.25 41.67 -21.24
C PRO E 1268 -5.04 42.95 -21.37
N VAL E 1269 -4.51 44.04 -20.81
CA VAL E 1269 -5.17 45.34 -20.78
C VAL E 1269 -4.22 46.35 -21.42
N GLN E 1270 -4.79 47.25 -22.23
CA GLN E 1270 -3.98 48.26 -22.90
C GLN E 1270 -3.27 49.14 -21.87
N ASN E 1271 -2.03 49.49 -22.20
CA ASN E 1271 -1.18 50.26 -21.28
C ASN E 1271 -1.71 51.66 -21.01
N ASP E 1272 -2.59 52.18 -21.85
CA ASP E 1272 -3.14 53.53 -21.71
C ASP E 1272 -4.61 53.47 -21.30
N ILE E 1273 -4.94 52.58 -20.38
CA ILE E 1273 -6.32 52.42 -19.95
C ILE E 1273 -6.76 53.61 -19.08
N LEU E 1274 -5.83 54.21 -18.34
CA LEU E 1274 -6.19 55.28 -17.42
C LEU E 1274 -6.69 56.51 -18.16
N GLN E 1275 -6.05 56.85 -19.29
CA GLN E 1275 -6.54 57.97 -20.08
C GLN E 1275 -7.98 57.74 -20.53
N GLU E 1276 -8.31 56.51 -20.91
CA GLU E 1276 -9.70 56.21 -21.26
C GLU E 1276 -10.60 56.28 -20.05
N SER E 1277 -10.06 56.02 -18.86
CA SER E 1277 -10.84 56.09 -17.64
C SER E 1277 -11.18 57.52 -17.23
N PHE E 1278 -10.33 58.49 -17.57
CA PHE E 1278 -10.62 59.88 -17.19
C PHE E 1278 -11.94 60.34 -17.79
N ILE E 1279 -12.63 61.24 -17.09
CA ILE E 1279 -13.94 61.71 -17.53
C ILE E 1279 -13.79 62.75 -18.65
N ASN E 1280 -12.69 63.51 -18.66
CA ASN E 1280 -12.46 64.48 -19.73
C ASN E 1280 -11.85 63.84 -20.97
N THR E 1281 -11.57 62.54 -20.94
CA THR E 1281 -11.03 61.87 -22.12
C THR E 1281 -12.03 61.84 -23.26
N MET E 1282 -13.32 61.78 -22.95
CA MET E 1282 -14.31 61.74 -24.01
C MET E 1282 -14.32 63.05 -24.78
N SER E 1283 -14.25 64.17 -24.05
CA SER E 1283 -14.08 65.47 -24.68
C SER E 1283 -12.77 65.54 -25.44
N ALA E 1284 -11.70 64.95 -24.88
CA ALA E 1284 -10.42 64.96 -25.57
C ALA E 1284 -10.50 64.25 -26.90
N TRP E 1285 -11.17 63.09 -26.93
CA TRP E 1285 -11.32 62.34 -28.19
C TRP E 1285 -12.22 63.10 -29.16
N VAL E 1286 -13.24 63.78 -28.65
CA VAL E 1286 -14.09 64.59 -29.54
C VAL E 1286 -13.26 65.67 -30.22
N ASN E 1287 -12.43 66.37 -29.44
CA ASN E 1287 -11.60 67.43 -30.03
C ASN E 1287 -10.54 66.84 -30.95
N MET E 1288 -10.00 65.67 -30.60
CA MET E 1288 -8.90 65.09 -31.37
C MET E 1288 -9.40 64.52 -32.69
N LEU E 1289 -10.64 64.06 -32.75
CA LEU E 1289 -11.16 63.42 -33.96
C LEU E 1289 -12.05 64.33 -34.80
N LEU E 1290 -12.76 65.30 -34.20
CA LEU E 1290 -13.70 66.13 -34.93
C LEU E 1290 -13.32 67.60 -34.95
N LEU E 1291 -13.18 68.24 -33.78
CA LEU E 1291 -13.22 69.69 -33.73
C LEU E 1291 -11.85 70.31 -33.99
N SER E 1292 -10.82 69.85 -33.28
CA SER E 1292 -9.49 70.46 -33.31
C SER E 1292 -9.53 71.93 -32.94
N SER E 1293 -10.41 72.28 -32.02
CA SER E 1293 -10.52 73.64 -31.52
C SER E 1293 -9.53 73.85 -30.39
N SER E 1294 -9.26 75.13 -30.11
CA SER E 1294 -8.51 75.54 -28.94
C SER E 1294 -9.38 76.32 -27.97
N GLY E 1295 -10.69 76.10 -28.02
CA GLY E 1295 -11.60 76.78 -27.14
C GLY E 1295 -11.66 76.15 -25.77
N PRO E 1296 -12.46 76.75 -24.90
CA PRO E 1296 -12.53 76.25 -23.52
C PRO E 1296 -12.99 74.80 -23.47
N ILE E 1297 -12.38 74.04 -22.58
CA ILE E 1297 -12.81 72.69 -22.27
C ILE E 1297 -12.98 72.61 -20.75
N LYS E 1298 -14.20 72.30 -20.32
CA LYS E 1298 -14.54 72.26 -18.90
C LYS E 1298 -15.45 71.07 -18.67
N THR E 1299 -14.91 70.03 -18.05
CA THR E 1299 -15.63 68.77 -17.90
C THR E 1299 -16.33 68.71 -16.54
N PRO E 1300 -17.63 68.92 -16.46
CA PRO E 1300 -18.31 68.79 -15.17
C PRO E 1300 -18.46 67.35 -14.70
N VAL E 1301 -18.73 67.21 -13.41
CA VAL E 1301 -19.17 65.95 -12.83
C VAL E 1301 -20.26 66.25 -11.80
N GLY E 1302 -21.52 66.05 -12.20
CA GLY E 1302 -22.64 66.16 -11.29
C GLY E 1302 -23.16 64.83 -10.78
N ALA E 1303 -22.62 63.74 -11.34
CA ALA E 1303 -22.97 62.34 -11.09
C ALA E 1303 -24.36 61.95 -11.59
N CYS E 1304 -25.34 62.85 -11.56
CA CYS E 1304 -26.62 62.59 -12.20
C CYS E 1304 -27.13 63.84 -12.91
N ALA E 1305 -26.73 65.02 -12.43
CA ALA E 1305 -27.05 66.29 -13.07
C ALA E 1305 -25.94 66.81 -13.97
N THR E 1306 -25.11 65.91 -14.51
CA THR E 1306 -23.92 66.34 -15.22
C THR E 1306 -24.29 67.14 -16.46
N ALA E 1307 -25.36 66.76 -17.15
CA ALA E 1307 -25.70 67.43 -18.40
C ALA E 1307 -26.27 68.82 -18.17
N VAL E 1308 -27.10 68.98 -17.14
CA VAL E 1308 -27.64 70.31 -16.85
C VAL E 1308 -26.54 71.22 -16.31
N GLU E 1309 -25.68 70.67 -15.45
CA GLU E 1309 -24.51 71.43 -14.99
C GLU E 1309 -23.60 71.79 -16.17
N SER E 1310 -23.50 70.91 -17.17
CA SER E 1310 -22.72 71.19 -18.36
C SER E 1310 -23.34 72.30 -19.17
N VAL E 1311 -24.66 72.32 -19.29
CA VAL E 1311 -25.33 73.43 -19.97
C VAL E 1311 -25.07 74.73 -19.22
N ASP E 1312 -25.08 74.67 -17.88
CA ASP E 1312 -24.75 75.85 -17.08
C ASP E 1312 -23.35 76.35 -17.37
N ILE E 1313 -22.37 75.45 -17.34
CA ILE E 1313 -20.99 75.83 -17.63
C ILE E 1313 -20.86 76.37 -19.04
N GLY E 1314 -21.51 75.73 -20.00
CA GLY E 1314 -21.43 76.19 -21.38
C GLY E 1314 -22.03 77.56 -21.59
N ILE E 1315 -23.17 77.82 -20.95
CA ILE E 1315 -23.80 79.13 -21.09
C ILE E 1315 -22.93 80.21 -20.48
N GLU E 1316 -22.41 79.98 -19.27
CA GLU E 1316 -21.55 81.00 -18.69
C GLU E 1316 -20.27 81.18 -19.51
N THR E 1317 -19.77 80.10 -20.10
CA THR E 1317 -18.62 80.19 -20.98
C THR E 1317 -18.93 81.07 -22.19
N ILE E 1318 -20.12 80.91 -22.78
CA ILE E 1318 -20.47 81.70 -23.95
C ILE E 1318 -20.71 83.17 -23.56
N LEU E 1319 -21.39 83.40 -22.44
CA LEU E 1319 -21.73 84.77 -22.06
C LEU E 1319 -20.51 85.54 -21.58
N SER E 1320 -19.52 84.85 -21.01
CA SER E 1320 -18.27 85.49 -20.66
C SER E 1320 -17.42 85.84 -21.86
N GLY E 1321 -17.80 85.40 -23.07
CA GLY E 1321 -17.05 85.67 -24.27
C GLY E 1321 -15.92 84.71 -24.53
N LYS E 1322 -15.73 83.70 -23.68
CA LYS E 1322 -14.62 82.77 -23.88
C LYS E 1322 -14.87 81.81 -25.03
N ALA E 1323 -16.13 81.53 -25.35
CA ALA E 1323 -16.47 80.69 -26.48
C ALA E 1323 -17.67 81.28 -27.19
N LYS E 1324 -17.78 80.98 -28.47
CA LYS E 1324 -18.98 81.26 -29.25
C LYS E 1324 -19.77 80.00 -29.57
N VAL E 1325 -19.10 78.85 -29.65
CA VAL E 1325 -19.76 77.56 -29.79
C VAL E 1325 -19.26 76.67 -28.66
N VAL E 1326 -20.16 75.94 -28.04
CA VAL E 1326 -19.82 74.99 -27.00
C VAL E 1326 -20.58 73.70 -27.27
N LEU E 1327 -19.90 72.58 -27.07
CA LEU E 1327 -20.53 71.27 -27.07
C LEU E 1327 -20.81 70.88 -25.62
N VAL E 1328 -22.07 70.95 -25.22
CA VAL E 1328 -22.49 70.63 -23.87
C VAL E 1328 -23.17 69.27 -23.90
N GLY E 1329 -23.42 68.73 -22.73
CA GLY E 1329 -24.15 67.49 -22.61
C GLY E 1329 -23.57 66.64 -21.50
N GLY E 1330 -23.92 65.37 -21.53
CA GLY E 1330 -23.47 64.44 -20.51
C GLY E 1330 -23.55 63.02 -21.02
N TYR E 1331 -22.71 62.17 -20.45
CA TYR E 1331 -22.64 60.79 -20.89
C TYR E 1331 -22.32 59.88 -19.71
N ASP E 1332 -22.79 58.64 -19.80
CA ASP E 1332 -22.49 57.67 -18.76
C ASP E 1332 -22.70 56.28 -19.35
N ASP E 1333 -22.11 55.28 -18.68
CA ASP E 1333 -22.16 53.91 -19.15
C ASP E 1333 -22.62 53.00 -18.01
N PHE E 1334 -23.31 51.93 -18.38
CA PHE E 1334 -23.76 50.92 -17.43
C PHE E 1334 -22.72 49.81 -17.39
N GLN E 1335 -22.39 49.36 -16.19
CA GLN E 1335 -21.47 48.25 -16.02
C GLN E 1335 -21.86 47.46 -14.78
N GLU E 1336 -21.33 46.24 -14.71
CA GLU E 1336 -21.59 45.33 -13.59
C GLU E 1336 -21.33 46.02 -12.25
N GLU E 1337 -20.23 46.75 -12.17
CA GLU E 1337 -19.77 47.25 -10.88
C GLU E 1337 -20.62 48.41 -10.41
N GLY E 1338 -20.93 49.36 -11.31
CA GLY E 1338 -21.85 50.43 -10.94
C GLY E 1338 -23.22 49.91 -10.60
N SER E 1339 -23.70 48.90 -11.34
CA SER E 1339 -24.99 48.30 -11.02
C SER E 1339 -24.98 47.70 -9.62
N TYR E 1340 -23.94 46.95 -9.29
CA TYR E 1340 -23.86 46.33 -7.98
C TYR E 1340 -23.78 47.38 -6.88
N GLU E 1341 -23.04 48.46 -7.12
CA GLU E 1341 -22.93 49.49 -6.10
C GLU E 1341 -24.27 50.17 -5.87
N PHE E 1342 -24.95 50.56 -6.95
CA PHE E 1342 -26.26 51.19 -6.80
C PHE E 1342 -27.24 50.26 -6.09
N ALA E 1343 -27.13 48.96 -6.36
CA ALA E 1343 -27.95 48.00 -5.63
C ALA E 1343 -27.62 48.01 -4.14
N ASN E 1344 -26.33 48.07 -3.80
CA ASN E 1344 -25.94 48.11 -2.40
C ASN E 1344 -26.45 49.36 -1.70
N MET E 1345 -26.51 50.47 -2.42
CA MET E 1345 -27.11 51.69 -1.88
C MET E 1345 -28.63 51.71 -2.01
N ASN E 1346 -29.22 50.67 -2.60
CA ASN E 1346 -30.67 50.52 -2.69
C ASN E 1346 -31.30 51.67 -3.48
N ALA E 1347 -30.54 52.19 -4.44
CA ALA E 1347 -31.02 53.27 -5.29
C ALA E 1347 -31.79 52.75 -6.49
N THR E 1348 -31.49 51.53 -6.94
CA THR E 1348 -32.13 50.95 -8.11
C THR E 1348 -33.20 49.94 -7.68
N SER E 1349 -34.16 49.72 -8.56
CA SER E 1349 -35.24 48.79 -8.27
C SER E 1349 -34.74 47.36 -8.30
N ASN E 1350 -35.30 46.52 -7.43
CA ASN E 1350 -34.95 45.11 -7.34
C ASN E 1350 -35.79 44.32 -8.34
N SER E 1351 -35.12 43.69 -9.31
CA SER E 1351 -35.83 43.01 -10.38
C SER E 1351 -36.56 41.78 -9.87
N ILE E 1352 -35.99 41.08 -8.89
CA ILE E 1352 -36.68 39.93 -8.31
C ILE E 1352 -37.99 40.36 -7.67
N GLU E 1353 -37.94 41.44 -6.88
CA GLU E 1353 -39.14 41.94 -6.24
C GLU E 1353 -40.16 42.39 -7.27
N GLU E 1354 -39.68 43.01 -8.36
CA GLU E 1354 -40.60 43.50 -9.37
C GLU E 1354 -41.26 42.35 -10.14
N PHE E 1355 -40.51 41.29 -10.42
CA PHE E 1355 -41.13 40.10 -11.01
C PHE E 1355 -42.12 39.48 -10.04
N LYS E 1356 -41.79 39.46 -8.75
CA LYS E 1356 -42.76 38.96 -7.76
C LYS E 1356 -44.04 39.78 -7.78
N HIS E 1357 -43.91 41.10 -7.92
CA HIS E 1357 -45.04 42.00 -8.06
C HIS E 1357 -45.71 41.91 -9.43
N GLY E 1358 -45.12 41.17 -10.36
CA GLY E 1358 -45.74 41.00 -11.65
C GLY E 1358 -45.44 42.12 -12.62
N ARG E 1359 -44.32 42.80 -12.43
CA ARG E 1359 -43.93 43.95 -13.24
C ARG E 1359 -42.95 43.48 -14.31
N THR E 1360 -43.23 43.84 -15.55
CA THR E 1360 -42.31 43.57 -16.64
C THR E 1360 -41.19 44.61 -16.67
N PRO E 1361 -40.09 44.30 -17.37
CA PRO E 1361 -39.02 45.31 -17.50
C PRO E 1361 -39.47 46.62 -18.10
N LYS E 1362 -40.39 46.59 -19.07
CA LYS E 1362 -40.86 47.83 -19.68
C LYS E 1362 -41.80 48.62 -18.77
N GLU E 1363 -42.18 48.09 -17.61
CA GLU E 1363 -42.99 48.82 -16.65
C GLU E 1363 -42.33 48.90 -15.28
N MET E 1364 -41.06 48.50 -15.14
CA MET E 1364 -40.39 48.68 -13.85
C MET E 1364 -40.05 50.14 -13.57
N SER E 1365 -39.70 50.92 -14.58
CA SER E 1365 -39.36 52.32 -14.40
C SER E 1365 -40.64 53.14 -14.46
N ARG E 1366 -41.17 53.49 -13.28
CA ARG E 1366 -42.47 54.16 -13.15
C ARG E 1366 -42.34 55.34 -12.19
N PRO E 1367 -41.88 56.49 -12.67
CA PRO E 1367 -41.85 57.68 -11.81
C PRO E 1367 -43.24 58.13 -11.39
N THR E 1368 -43.31 58.68 -10.17
CA THR E 1368 -44.49 59.30 -9.57
C THR E 1368 -45.55 58.32 -9.11
N THR E 1369 -45.41 57.03 -9.39
CA THR E 1369 -46.46 56.09 -9.03
C THR E 1369 -46.39 55.78 -7.54
N THR E 1370 -47.42 55.10 -7.04
CA THR E 1370 -47.42 54.69 -5.65
C THR E 1370 -46.38 53.62 -5.36
N THR E 1371 -45.95 52.88 -6.38
CA THR E 1371 -45.11 51.70 -6.20
C THR E 1371 -43.68 51.90 -6.69
N ARG E 1372 -43.26 53.14 -6.95
CA ARG E 1372 -41.87 53.41 -7.29
C ARG E 1372 -40.96 52.94 -6.17
N ASN E 1373 -39.93 52.16 -6.52
CA ASN E 1373 -39.07 51.52 -5.53
C ASN E 1373 -37.60 51.56 -5.95
N GLY E 1374 -37.19 52.60 -6.68
CA GLY E 1374 -35.82 52.72 -7.14
C GLY E 1374 -35.75 53.01 -8.62
N PHE E 1375 -34.62 53.51 -9.10
CA PHE E 1375 -34.51 53.93 -10.49
C PHE E 1375 -34.00 52.80 -11.37
N MET E 1376 -34.17 52.98 -12.67
CA MET E 1376 -33.77 51.99 -13.67
C MET E 1376 -32.48 52.51 -14.32
N GLU E 1377 -31.37 51.86 -14.01
CA GLU E 1377 -30.09 52.31 -14.53
C GLU E 1377 -30.02 52.14 -16.04
N ALA E 1378 -29.48 53.15 -16.71
CA ALA E 1378 -29.35 53.15 -18.16
C ALA E 1378 -27.94 53.57 -18.55
N GLN E 1379 -27.70 53.59 -19.86
CA GLN E 1379 -26.42 53.94 -20.43
C GLN E 1379 -26.65 54.80 -21.65
N GLY E 1380 -25.59 55.48 -22.10
CA GLY E 1380 -25.64 56.24 -23.32
C GLY E 1380 -25.00 57.60 -23.14
N SER E 1381 -25.37 58.50 -24.05
CA SER E 1381 -24.78 59.83 -24.11
C SER E 1381 -25.81 60.78 -24.70
N GLY E 1382 -25.62 62.06 -24.42
CA GLY E 1382 -26.44 63.09 -25.02
C GLY E 1382 -25.64 64.37 -25.16
N ILE E 1383 -25.62 64.94 -26.37
CA ILE E 1383 -24.80 66.09 -26.68
C ILE E 1383 -25.69 67.15 -27.34
N GLN E 1384 -25.40 68.41 -27.03
CA GLN E 1384 -26.02 69.56 -27.66
C GLN E 1384 -24.94 70.53 -28.09
N VAL E 1385 -25.20 71.23 -29.19
CA VAL E 1385 -24.31 72.27 -29.72
C VAL E 1385 -24.98 73.60 -29.45
N ILE E 1386 -24.49 74.34 -28.46
CA ILE E 1386 -25.06 75.63 -28.07
C ILE E 1386 -24.13 76.72 -28.58
N MET E 1387 -24.71 77.86 -28.93
CA MET E 1387 -23.94 78.99 -29.42
C MET E 1387 -24.76 80.26 -29.24
N THR E 1388 -24.11 81.38 -29.49
CA THR E 1388 -24.81 82.66 -29.43
C THR E 1388 -25.85 82.72 -30.55
N ALA E 1389 -26.93 83.45 -30.27
CA ALA E 1389 -27.99 83.59 -31.26
C ALA E 1389 -27.48 84.28 -32.52
N ASP E 1390 -26.64 85.30 -32.36
CA ASP E 1390 -26.12 85.99 -33.54
C ASP E 1390 -25.24 85.08 -34.37
N LEU E 1391 -24.44 84.22 -33.71
CA LEU E 1391 -23.65 83.27 -34.47
C LEU E 1391 -24.53 82.27 -35.19
N ALA E 1392 -25.59 81.80 -34.54
CA ALA E 1392 -26.49 80.85 -35.18
C ALA E 1392 -27.13 81.48 -36.41
N LEU E 1393 -27.54 82.74 -36.29
CA LEU E 1393 -28.19 83.40 -37.41
C LEU E 1393 -27.21 83.74 -38.53
N LYS E 1394 -25.97 84.09 -38.16
CA LYS E 1394 -24.97 84.40 -39.18
C LYS E 1394 -24.53 83.15 -39.93
N MET E 1395 -24.44 82.03 -39.23
CA MET E 1395 -24.13 80.75 -39.87
C MET E 1395 -25.33 80.15 -40.59
N GLY E 1396 -26.55 80.57 -40.27
CA GLY E 1396 -27.72 79.92 -40.83
C GLY E 1396 -27.90 78.51 -40.34
N VAL E 1397 -27.69 78.26 -39.04
CA VAL E 1397 -27.91 76.94 -38.45
C VAL E 1397 -29.31 76.90 -37.87
N PRO E 1398 -29.93 75.72 -37.73
CA PRO E 1398 -31.27 75.68 -37.16
C PRO E 1398 -31.23 75.94 -35.66
N ILE E 1399 -31.92 77.01 -35.24
CA ILE E 1399 -31.99 77.34 -33.83
C ILE E 1399 -33.17 76.59 -33.24
N HIS E 1400 -32.88 75.48 -32.55
CA HIS E 1400 -33.93 74.62 -32.03
C HIS E 1400 -34.59 75.23 -30.80
N ALA E 1401 -33.81 75.90 -29.96
CA ALA E 1401 -34.32 76.39 -28.69
C ALA E 1401 -33.47 77.55 -28.21
N VAL E 1402 -34.00 78.28 -27.24
CA VAL E 1402 -33.28 79.34 -26.55
C VAL E 1402 -33.14 78.91 -25.10
N LEU E 1403 -31.91 78.81 -24.62
CA LEU E 1403 -31.65 78.46 -23.23
C LEU E 1403 -31.76 79.75 -22.43
N ALA E 1404 -32.96 80.00 -21.91
CA ALA E 1404 -33.21 81.26 -21.21
C ALA E 1404 -32.50 81.29 -19.86
N MET E 1405 -32.53 80.18 -19.12
CA MET E 1405 -32.05 80.14 -17.76
C MET E 1405 -31.38 78.80 -17.49
N THR E 1406 -30.48 78.80 -16.51
CA THR E 1406 -29.83 77.57 -16.07
C THR E 1406 -29.13 77.85 -14.75
N ALA E 1407 -29.20 76.89 -13.83
CA ALA E 1407 -28.66 77.09 -12.49
C ALA E 1407 -28.30 75.75 -11.89
N THR E 1408 -27.35 75.80 -10.94
CA THR E 1408 -26.96 74.66 -10.13
C THR E 1408 -27.00 75.07 -8.68
N ALA E 1409 -27.15 74.08 -7.79
CA ALA E 1409 -27.36 74.39 -6.39
C ALA E 1409 -27.06 73.15 -5.53
N THR E 1410 -26.66 73.42 -4.30
CA THR E 1410 -26.54 72.43 -3.24
C THR E 1410 -27.67 72.61 -2.24
N ASP E 1411 -27.82 71.65 -1.33
CA ASP E 1411 -29.00 71.66 -0.47
C ASP E 1411 -28.72 72.30 0.90
N LYS E 1412 -27.95 71.63 1.75
CA LYS E 1412 -27.77 72.08 3.13
C LYS E 1412 -26.82 71.15 3.89
N ILE E 1413 -26.69 71.36 5.20
CA ILE E 1413 -26.04 70.37 6.05
C ILE E 1413 -26.75 69.04 5.87
N GLY E 1414 -26.00 67.96 6.01
CA GLY E 1414 -26.56 66.63 5.97
C GLY E 1414 -25.50 65.60 6.22
N ARG E 1415 -25.94 64.35 6.27
CA ARG E 1415 -25.05 63.21 6.34
C ARG E 1415 -25.50 62.12 5.37
N SER E 1416 -26.19 62.53 4.30
CA SER E 1416 -26.70 61.61 3.28
C SER E 1416 -26.40 62.24 1.93
N VAL E 1417 -25.33 61.79 1.28
CA VAL E 1417 -25.00 62.26 -0.06
C VAL E 1417 -26.12 61.96 -1.06
N PRO E 1418 -26.67 60.74 -1.13
CA PRO E 1418 -27.71 60.48 -2.13
C PRO E 1418 -29.04 61.13 -1.83
N ALA E 1419 -29.22 61.71 -0.64
CA ALA E 1419 -30.49 62.33 -0.30
C ALA E 1419 -30.70 63.58 -1.14
N PRO E 1420 -31.77 63.68 -1.92
CA PRO E 1420 -32.03 64.93 -2.65
C PRO E 1420 -32.51 66.02 -1.71
N GLY E 1421 -32.48 67.25 -2.21
CA GLY E 1421 -32.90 68.39 -1.42
C GLY E 1421 -33.50 69.50 -2.27
N LYS E 1422 -33.92 70.57 -1.61
CA LYS E 1422 -34.68 71.65 -2.25
C LYS E 1422 -33.77 72.82 -2.62
N GLY E 1423 -32.47 72.56 -2.78
CA GLY E 1423 -31.53 73.63 -3.01
C GLY E 1423 -31.80 74.42 -4.27
N ILE E 1424 -32.31 73.75 -5.31
CA ILE E 1424 -32.62 74.44 -6.56
C ILE E 1424 -33.84 75.33 -6.46
N LEU E 1425 -34.55 75.30 -5.32
CA LEU E 1425 -35.67 76.21 -5.11
C LEU E 1425 -35.24 77.67 -5.14
N THR E 1426 -33.94 77.95 -4.98
CA THR E 1426 -33.46 79.32 -5.04
C THR E 1426 -33.58 79.94 -6.43
N THR E 1427 -33.86 79.13 -7.45
CA THR E 1427 -34.09 79.69 -8.79
C THR E 1427 -35.37 80.51 -8.84
N ALA E 1428 -36.29 80.31 -7.90
CA ALA E 1428 -37.53 81.06 -7.84
C ALA E 1428 -37.50 82.16 -6.78
N ARG E 1429 -36.32 82.45 -6.22
CA ARG E 1429 -36.24 83.39 -5.11
C ARG E 1429 -36.55 84.81 -5.56
N GLU E 1430 -37.41 85.49 -4.81
CA GLU E 1430 -37.57 86.92 -4.95
C GLU E 1430 -38.04 87.48 -3.61
N HIS E 1431 -37.96 88.80 -3.49
CA HIS E 1431 -38.40 89.49 -2.28
C HIS E 1431 -39.84 89.93 -2.45
N HIS E 1432 -40.64 89.74 -1.39
CA HIS E 1432 -42.07 89.99 -1.41
C HIS E 1432 -42.52 90.81 -0.19
N GLY E 1433 -41.62 91.57 0.41
CA GLY E 1433 -41.99 92.32 1.60
C GLY E 1433 -43.06 93.36 1.34
N ASN E 1434 -42.97 94.06 0.21
CA ASN E 1434 -43.83 95.20 -0.08
C ASN E 1434 -44.05 95.26 -1.58
N LEU E 1435 -45.17 94.69 -2.04
CA LEU E 1435 -45.52 94.61 -3.46
C LEU E 1435 -46.64 95.57 -3.82
N LYS E 1436 -46.73 96.71 -3.13
CA LYS E 1436 -47.88 97.58 -3.32
C LYS E 1436 -47.95 98.10 -4.76
N TYR E 1437 -46.83 98.09 -5.48
CA TYR E 1437 -46.77 98.57 -6.84
C TYR E 1437 -45.91 97.64 -7.69
N PRO E 1438 -46.25 97.41 -8.96
CA PRO E 1438 -45.39 96.56 -9.80
C PRO E 1438 -44.02 97.18 -10.00
N SER E 1439 -43.02 96.32 -10.11
CA SER E 1439 -41.67 96.78 -10.45
C SER E 1439 -41.67 97.24 -11.90
N PRO E 1440 -41.22 98.47 -12.21
CA PRO E 1440 -41.22 98.89 -13.62
C PRO E 1440 -40.35 98.03 -14.51
N LEU E 1441 -39.34 97.35 -13.94
CA LEU E 1441 -38.39 96.64 -14.77
C LEU E 1441 -39.01 95.39 -15.39
N LEU E 1442 -40.03 94.83 -14.74
CA LEU E 1442 -40.72 93.69 -15.34
C LEU E 1442 -41.60 94.10 -16.51
N ASN E 1443 -41.84 95.40 -16.69
CA ASN E 1443 -42.76 95.87 -17.73
C ASN E 1443 -41.98 96.18 -19.00
N ILE E 1444 -42.44 95.62 -20.13
CA ILE E 1444 -41.61 95.56 -21.33
C ILE E 1444 -41.40 96.95 -21.92
N LYS E 1445 -42.45 97.79 -21.97
CA LYS E 1445 -42.31 99.04 -22.72
C LYS E 1445 -41.42 100.02 -21.98
N TYR E 1446 -41.45 100.00 -20.65
CA TYR E 1446 -40.56 100.85 -19.87
C TYR E 1446 -39.09 100.55 -20.17
N ARG E 1447 -38.73 99.26 -20.17
CA ARG E 1447 -37.38 98.88 -20.53
C ARG E 1447 -37.09 99.27 -21.98
N LYS E 1448 -38.09 99.22 -22.84
CA LYS E 1448 -37.88 99.58 -24.24
C LYS E 1448 -37.56 101.06 -24.38
N ARG E 1449 -38.26 101.94 -23.66
CA ARG E 1449 -37.95 103.36 -23.79
C ARG E 1449 -36.62 103.69 -23.11
N GLN E 1450 -36.30 103.02 -22.00
CA GLN E 1450 -34.98 103.16 -21.42
C GLN E 1450 -33.89 102.79 -22.42
N LEU E 1451 -34.05 101.64 -23.08
CA LEU E 1451 -33.08 101.21 -24.07
C LEU E 1451 -33.03 102.17 -25.26
N ASN E 1452 -34.18 102.72 -25.65
CA ASN E 1452 -34.20 103.65 -26.77
C ASN E 1452 -33.41 104.91 -26.45
N LYS E 1453 -33.60 105.47 -25.26
CA LYS E 1453 -32.85 106.68 -24.91
C LYS E 1453 -31.36 106.36 -24.76
N ARG E 1454 -31.04 105.17 -24.23
CA ARG E 1454 -29.63 104.79 -24.13
C ARG E 1454 -29.01 104.63 -25.52
N LEU E 1455 -29.75 104.07 -26.47
CA LEU E 1455 -29.24 103.91 -27.83
C LEU E 1455 -29.06 105.26 -28.50
N GLU E 1456 -29.97 106.20 -28.23
CA GLU E 1456 -29.78 107.56 -28.73
C GLU E 1456 -28.52 108.18 -28.16
N GLN E 1457 -28.26 107.95 -26.86
CA GLN E 1457 -27.03 108.43 -26.26
C GLN E 1457 -25.81 107.81 -26.92
N ILE E 1458 -25.88 106.52 -27.25
CA ILE E 1458 -24.74 105.85 -27.89
C ILE E 1458 -24.53 106.38 -29.30
N LYS E 1459 -25.61 106.68 -30.01
CA LYS E 1459 -25.48 107.26 -31.35
C LYS E 1459 -24.83 108.64 -31.27
N SER E 1460 -25.25 109.46 -30.31
CA SER E 1460 -24.60 110.75 -30.11
C SER E 1460 -23.14 110.57 -29.74
N TRP E 1461 -22.84 109.54 -28.95
CA TRP E 1461 -21.46 109.25 -28.58
C TRP E 1461 -20.62 108.92 -29.81
N GLU E 1462 -21.17 108.10 -30.71
CA GLU E 1462 -20.47 107.80 -31.96
C GLU E 1462 -20.21 109.06 -32.77
N GLU E 1463 -21.23 109.92 -32.91
CA GLU E 1463 -21.07 111.12 -33.70
C GLU E 1463 -19.99 112.02 -33.10
N THR E 1464 -20.02 112.21 -31.79
CA THR E 1464 -19.01 113.05 -31.14
C THR E 1464 -17.61 112.44 -31.27
N GLU E 1465 -17.51 111.12 -31.15
CA GLU E 1465 -16.20 110.48 -31.28
C GLU E 1465 -15.64 110.63 -32.69
N LEU E 1466 -16.46 110.42 -33.71
CA LEU E 1466 -15.99 110.57 -35.07
C LEU E 1466 -15.62 112.02 -35.35
N SER E 1467 -16.36 112.97 -34.76
CA SER E 1467 -15.98 114.37 -34.91
C SER E 1467 -14.63 114.65 -34.23
N TYR E 1468 -14.44 114.14 -33.01
CA TYR E 1468 -13.19 114.36 -32.29
C TYR E 1468 -12.01 113.68 -32.97
N LEU E 1469 -12.27 112.67 -33.80
CA LEU E 1469 -11.18 111.93 -34.42
C LEU E 1469 -10.33 112.84 -35.31
N GLN E 1470 -10.95 113.84 -35.93
CA GLN E 1470 -10.19 114.79 -36.74
C GLN E 1470 -9.20 115.58 -35.89
N GLU E 1471 -9.64 116.02 -34.70
CA GLU E 1471 -8.75 116.79 -33.84
C GLU E 1471 -7.68 115.89 -33.22
N GLU E 1472 -8.01 114.63 -32.96
CA GLU E 1472 -7.02 113.72 -32.39
C GLU E 1472 -5.98 113.33 -33.42
N ALA E 1473 -6.36 113.22 -34.69
CA ALA E 1473 -5.40 112.90 -35.73
C ALA E 1473 -4.39 114.03 -35.90
N GLU E 1474 -4.85 115.28 -35.84
CA GLU E 1474 -3.93 116.41 -35.91
C GLU E 1474 -2.95 116.38 -34.73
N LEU E 1475 -3.45 116.00 -33.55
CA LEU E 1475 -2.56 115.85 -32.40
C LEU E 1475 -1.52 114.76 -32.67
N ALA E 1476 -1.96 113.63 -33.22
CA ALA E 1476 -1.03 112.55 -33.56
C ALA E 1476 -0.19 112.87 -34.79
N LYS E 1477 -0.63 113.80 -35.62
CA LYS E 1477 0.16 114.18 -36.79
C LYS E 1477 1.51 114.76 -36.39
N GLU E 1478 1.53 115.56 -35.31
CA GLU E 1478 2.76 116.13 -34.80
C GLU E 1478 3.49 115.22 -33.81
N GLU E 1479 2.78 114.29 -33.18
CA GLU E 1479 3.36 113.41 -32.18
C GLU E 1479 3.82 112.07 -32.73
N PHE E 1480 3.75 111.87 -34.05
CA PHE E 1480 4.19 110.62 -34.67
C PHE E 1480 5.09 110.85 -35.88
N GLY E 1481 5.56 112.08 -36.10
CA GLY E 1481 6.48 112.36 -37.18
C GLY E 1481 5.80 112.50 -38.52
N ASP E 1482 6.63 112.65 -39.56
CA ASP E 1482 6.13 112.83 -40.92
C ASP E 1482 5.62 111.53 -41.52
N GLU E 1483 5.87 110.39 -40.89
CA GLU E 1483 5.34 109.12 -41.38
C GLU E 1483 3.83 108.99 -41.16
N PHE E 1484 3.23 109.91 -40.41
CA PHE E 1484 1.80 109.86 -40.13
C PHE E 1484 0.99 109.88 -41.43
N SER E 1485 0.05 108.94 -41.54
CA SER E 1485 -0.92 108.89 -42.61
C SER E 1485 -2.30 109.23 -42.07
N MET E 1486 -2.86 110.35 -42.54
CA MET E 1486 -4.21 110.74 -42.14
C MET E 1486 -5.21 109.65 -42.47
N HIS E 1487 -5.15 109.10 -43.69
CA HIS E 1487 -6.10 108.08 -44.10
C HIS E 1487 -6.02 106.84 -43.21
N GLU E 1488 -4.81 106.35 -42.95
CA GLU E 1488 -4.66 105.14 -42.17
C GLU E 1488 -5.09 105.37 -40.72
N PHE E 1489 -4.70 106.50 -40.14
CA PHE E 1489 -5.13 106.82 -38.78
C PHE E 1489 -6.64 106.86 -38.69
N LEU E 1490 -7.29 107.56 -39.62
CA LEU E 1490 -8.74 107.65 -39.61
C LEU E 1490 -9.36 106.27 -39.76
N LYS E 1491 -8.78 105.41 -40.60
CA LYS E 1491 -9.35 104.09 -40.81
C LYS E 1491 -9.28 103.25 -39.53
N GLU E 1492 -8.11 103.15 -38.91
CA GLU E 1492 -8.01 102.35 -37.70
C GLU E 1492 -8.89 102.92 -36.59
N ARG E 1493 -8.88 104.23 -36.42
CA ARG E 1493 -9.61 104.81 -35.30
C ARG E 1493 -11.11 104.76 -35.54
N THR E 1494 -11.55 104.84 -36.79
CA THR E 1494 -12.97 104.66 -37.09
C THR E 1494 -13.41 103.23 -36.82
N GLU E 1495 -12.56 102.25 -37.17
CA GLU E 1495 -12.89 100.88 -36.82
C GLU E 1495 -12.98 100.71 -35.30
N GLU E 1496 -12.05 101.32 -34.57
CA GLU E 1496 -12.09 101.23 -33.11
C GLU E 1496 -13.35 101.86 -32.55
N VAL E 1497 -13.73 103.04 -33.06
CA VAL E 1497 -14.94 103.70 -32.59
C VAL E 1497 -16.16 102.84 -32.89
N TYR E 1498 -16.20 102.22 -34.07
CA TYR E 1498 -17.35 101.39 -34.43
C TYR E 1498 -17.45 100.17 -33.53
N ARG E 1499 -16.31 99.53 -33.23
CA ARG E 1499 -16.35 98.38 -32.33
C ARG E 1499 -16.75 98.79 -30.92
N GLU E 1500 -16.26 99.94 -30.44
CA GLU E 1500 -16.67 100.42 -29.13
C GLU E 1500 -18.17 100.71 -29.10
N SER E 1501 -18.70 101.32 -30.16
CA SER E 1501 -20.11 101.61 -30.23
C SER E 1501 -20.94 100.33 -30.24
N LYS E 1502 -20.48 99.32 -30.99
CA LYS E 1502 -21.15 98.04 -30.98
C LYS E 1502 -21.18 97.46 -29.57
N ARG E 1503 -20.06 97.59 -28.85
CA ARG E 1503 -20.03 97.05 -27.49
C ARG E 1503 -20.98 97.82 -26.57
N GLN E 1504 -21.08 99.14 -26.73
CA GLN E 1504 -22.02 99.89 -25.89
C GLN E 1504 -23.47 99.51 -26.21
N VAL E 1505 -23.79 99.35 -27.49
CA VAL E 1505 -25.14 98.93 -27.86
C VAL E 1505 -25.44 97.55 -27.29
N SER E 1506 -24.47 96.64 -27.38
CA SER E 1506 -24.65 95.31 -26.82
C SER E 1506 -24.85 95.36 -25.31
N ASP E 1507 -24.07 96.21 -24.62
CA ASP E 1507 -24.21 96.31 -23.17
C ASP E 1507 -25.56 96.90 -22.78
N ALA E 1508 -26.04 97.89 -23.53
CA ALA E 1508 -27.35 98.45 -23.25
C ALA E 1508 -28.44 97.42 -23.46
N LYS E 1509 -28.34 96.64 -24.54
CA LYS E 1509 -29.34 95.61 -24.78
C LYS E 1509 -29.23 94.48 -23.74
N LYS E 1510 -28.03 94.27 -23.20
CA LYS E 1510 -27.87 93.27 -22.16
C LYS E 1510 -28.47 93.76 -20.85
N GLN E 1511 -28.33 95.05 -20.55
CA GLN E 1511 -28.86 95.59 -19.31
C GLN E 1511 -30.38 95.65 -19.35
N TRP E 1512 -30.96 96.13 -20.45
CA TRP E 1512 -32.40 96.35 -20.51
C TRP E 1512 -33.18 95.19 -21.11
N GLY E 1513 -32.60 94.41 -22.01
CA GLY E 1513 -33.28 93.26 -22.56
C GLY E 1513 -32.96 91.92 -21.93
N ASN E 1514 -31.68 91.55 -21.89
CA ASN E 1514 -31.29 90.18 -21.54
C ASN E 1514 -31.20 89.99 -20.03
N SER E 1515 -30.49 90.88 -19.35
CA SER E 1515 -30.04 90.67 -17.99
C SER E 1515 -30.52 91.78 -17.08
N PHE E 1516 -31.75 92.24 -17.27
CA PHE E 1516 -32.26 93.31 -16.43
C PHE E 1516 -32.57 92.86 -15.01
N TYR E 1517 -32.42 91.58 -14.70
CA TYR E 1517 -32.76 91.03 -13.39
C TYR E 1517 -31.55 90.58 -12.59
N LYS E 1518 -30.34 90.95 -13.01
CA LYS E 1518 -29.13 90.55 -12.29
C LYS E 1518 -29.10 91.15 -10.90
N SER E 1519 -29.36 92.46 -10.79
CA SER E 1519 -29.29 93.15 -9.52
C SER E 1519 -30.60 93.09 -8.74
N ASP E 1520 -31.73 93.24 -9.43
CA ASP E 1520 -33.03 93.34 -8.79
C ASP E 1520 -33.35 92.08 -7.98
N PRO E 1521 -33.41 92.16 -6.64
CA PRO E 1521 -33.81 90.97 -5.87
C PRO E 1521 -35.30 90.68 -5.91
N ARG E 1522 -36.11 91.63 -6.38
CA ARG E 1522 -37.55 91.39 -6.51
C ARG E 1522 -37.91 90.67 -7.79
N ILE E 1523 -36.95 90.39 -8.66
CA ILE E 1523 -37.16 89.62 -9.88
C ILE E 1523 -36.35 88.33 -9.73
N ALA E 1524 -37.03 87.19 -9.69
CA ALA E 1524 -36.35 85.94 -9.54
C ALA E 1524 -35.59 85.60 -10.82
N PRO E 1525 -34.59 84.72 -10.75
CA PRO E 1525 -33.92 84.29 -11.99
C PRO E 1525 -34.89 83.73 -13.02
N LEU E 1526 -35.84 82.91 -12.58
CA LEU E 1526 -36.79 82.29 -13.51
C LEU E 1526 -37.70 83.35 -14.14
N ARG E 1527 -38.31 84.19 -13.31
CA ARG E 1527 -39.21 85.21 -13.82
C ARG E 1527 -38.47 86.18 -14.74
N GLY E 1528 -37.27 86.58 -14.36
CA GLY E 1528 -36.53 87.51 -15.19
C GLY E 1528 -36.07 86.90 -16.49
N ALA E 1529 -35.67 85.62 -16.46
CA ALA E 1529 -35.26 84.95 -17.69
C ALA E 1529 -36.43 84.88 -18.66
N LEU E 1530 -37.63 84.58 -18.16
CA LEU E 1530 -38.79 84.56 -19.04
C LEU E 1530 -39.18 85.97 -19.49
N ALA E 1531 -39.11 86.94 -18.58
CA ALA E 1531 -39.49 88.30 -18.90
C ALA E 1531 -38.53 88.96 -19.88
N ALA E 1532 -37.33 88.39 -20.04
CA ALA E 1532 -36.49 88.82 -21.14
C ALA E 1532 -37.19 88.64 -22.48
N PHE E 1533 -37.82 87.47 -22.66
CA PHE E 1533 -38.62 87.19 -23.85
C PHE E 1533 -40.08 87.59 -23.69
N ASN E 1534 -40.41 88.27 -22.59
CA ASN E 1534 -41.76 88.78 -22.36
C ASN E 1534 -42.72 87.64 -22.08
N LEU E 1535 -42.21 86.60 -21.43
CA LEU E 1535 -42.98 85.44 -21.01
C LEU E 1535 -43.16 85.50 -19.52
N THR E 1536 -44.39 85.22 -19.06
CA THR E 1536 -44.69 85.23 -17.64
C THR E 1536 -44.39 83.85 -17.05
N ILE E 1537 -44.51 83.75 -15.72
CA ILE E 1537 -44.33 82.47 -15.05
C ILE E 1537 -45.29 81.43 -15.61
N ASP E 1538 -46.48 81.88 -16.01
CA ASP E 1538 -47.49 80.99 -16.58
C ASP E 1538 -47.08 80.41 -17.92
N ASP E 1539 -46.04 80.93 -18.56
CA ASP E 1539 -45.69 80.51 -19.91
C ASP E 1539 -44.79 79.28 -19.95
N ILE E 1540 -44.33 78.77 -18.81
CA ILE E 1540 -43.68 77.46 -18.77
C ILE E 1540 -44.80 76.43 -18.81
N GLY E 1541 -44.89 75.71 -19.93
CA GLY E 1541 -45.99 74.77 -20.12
C GLY E 1541 -45.68 73.37 -19.64
N VAL E 1542 -44.41 73.01 -19.62
CA VAL E 1542 -43.98 71.64 -19.33
C VAL E 1542 -42.80 71.68 -18.38
N ALA E 1543 -42.70 70.66 -17.54
CA ALA E 1543 -41.56 70.47 -16.65
C ALA E 1543 -41.03 69.07 -16.85
N SER E 1544 -39.83 68.96 -17.42
CA SER E 1544 -39.17 67.68 -17.59
C SER E 1544 -38.53 67.33 -16.25
N PHE E 1545 -39.22 66.49 -15.49
CA PHE E 1545 -38.75 66.07 -14.18
C PHE E 1545 -37.58 65.11 -14.33
N HIS E 1546 -36.65 65.18 -13.38
CA HIS E 1546 -35.69 64.08 -13.22
C HIS E 1546 -36.42 62.75 -13.16
N GLY E 1547 -37.43 62.66 -12.29
CA GLY E 1547 -38.36 61.54 -12.26
C GLY E 1547 -37.69 60.19 -12.31
N THR E 1548 -36.94 59.85 -11.27
CA THR E 1548 -36.11 58.66 -11.28
C THR E 1548 -36.82 57.41 -10.81
N SER E 1549 -38.12 57.48 -10.48
CA SER E 1549 -38.85 56.35 -9.92
C SER E 1549 -38.25 55.92 -8.58
N THR E 1550 -37.80 56.88 -7.79
CA THR E 1550 -37.42 56.64 -6.41
C THR E 1550 -38.31 57.51 -5.51
N VAL E 1551 -38.58 56.98 -4.32
CA VAL E 1551 -39.55 57.60 -3.41
C VAL E 1551 -39.16 59.04 -3.13
N ALA E 1552 -37.99 59.23 -2.53
CA ALA E 1552 -37.55 60.55 -2.10
C ALA E 1552 -37.39 61.49 -3.28
N ASN E 1553 -36.81 61.00 -4.38
CA ASN E 1553 -36.55 61.88 -5.51
C ASN E 1553 -37.85 62.42 -6.09
N ASP E 1554 -38.81 61.54 -6.36
CA ASP E 1554 -40.05 61.99 -7.00
C ASP E 1554 -40.84 62.91 -6.05
N LYS E 1555 -40.91 62.56 -4.77
CA LYS E 1555 -41.64 63.43 -3.85
C LYS E 1555 -40.98 64.81 -3.76
N ASN E 1556 -39.65 64.83 -3.61
CA ASN E 1556 -38.92 66.09 -3.48
C ASN E 1556 -39.02 66.91 -4.75
N GLU E 1557 -39.04 66.26 -5.91
CA GLU E 1557 -39.15 67.01 -7.17
C GLU E 1557 -40.51 67.65 -7.32
N SER E 1558 -41.57 66.89 -7.06
CA SER E 1558 -42.91 67.48 -7.18
C SER E 1558 -43.06 68.63 -6.21
N ALA E 1559 -42.52 68.47 -4.99
CA ALA E 1559 -42.57 69.56 -4.02
C ALA E 1559 -41.77 70.77 -4.50
N THR E 1560 -40.57 70.54 -5.03
CA THR E 1560 -39.75 71.67 -5.45
C THR E 1560 -40.42 72.46 -6.55
N ILE E 1561 -40.98 71.78 -7.54
CA ILE E 1561 -41.67 72.49 -8.62
C ILE E 1561 -42.89 73.22 -8.09
N ASN E 1562 -43.66 72.58 -7.21
CA ASN E 1562 -44.86 73.21 -6.68
C ASN E 1562 -44.54 74.49 -5.92
N ASN E 1563 -43.53 74.44 -5.04
CA ASN E 1563 -43.14 75.66 -4.31
C ASN E 1563 -42.53 76.70 -5.23
N MET E 1564 -41.78 76.30 -6.26
CA MET E 1564 -41.28 77.28 -7.22
C MET E 1564 -42.43 78.07 -7.83
N MET E 1565 -43.46 77.37 -8.31
CA MET E 1565 -44.57 78.06 -8.95
C MET E 1565 -45.43 78.82 -7.95
N LYS E 1566 -45.61 78.26 -6.75
CA LYS E 1566 -46.38 78.94 -5.72
C LYS E 1566 -45.73 80.25 -5.32
N HIS E 1567 -44.39 80.26 -5.24
CA HIS E 1567 -43.70 81.49 -4.86
C HIS E 1567 -43.67 82.48 -6.02
N LEU E 1568 -43.49 82.00 -7.24
CA LEU E 1568 -43.50 82.89 -8.40
C LEU E 1568 -44.90 83.29 -8.82
N GLY E 1569 -45.93 82.90 -8.08
CA GLY E 1569 -47.25 83.44 -8.34
C GLY E 1569 -47.89 82.87 -9.58
N ARG E 1570 -47.58 81.61 -9.91
CA ARG E 1570 -48.29 80.91 -10.95
C ARG E 1570 -49.77 80.91 -10.63
N SER E 1571 -50.58 81.30 -11.61
CA SER E 1571 -52.02 81.41 -11.39
C SER E 1571 -52.60 80.04 -11.06
N GLU E 1572 -53.51 80.01 -10.09
CA GLU E 1572 -54.13 78.76 -9.69
C GLU E 1572 -54.90 78.17 -10.87
N GLY E 1573 -54.78 76.85 -11.03
CA GLY E 1573 -55.36 76.18 -12.17
C GLY E 1573 -54.51 76.18 -13.41
N ASN E 1574 -53.22 76.48 -13.29
CA ASN E 1574 -52.28 76.46 -14.41
C ASN E 1574 -51.07 75.60 -14.05
N PRO E 1575 -51.26 74.31 -13.85
CA PRO E 1575 -50.13 73.44 -13.55
C PRO E 1575 -49.26 73.22 -14.77
N VAL E 1576 -47.99 72.95 -14.51
CA VAL E 1576 -47.06 72.48 -15.54
C VAL E 1576 -47.23 70.98 -15.67
N PHE E 1577 -47.17 70.52 -16.92
CA PHE E 1577 -47.28 69.10 -17.21
C PHE E 1577 -45.91 68.47 -16.99
N GLY E 1578 -45.86 67.39 -16.22
CA GLY E 1578 -44.60 66.76 -15.89
C GLY E 1578 -44.27 65.66 -16.86
N VAL E 1579 -43.06 65.71 -17.42
CA VAL E 1579 -42.55 64.67 -18.30
C VAL E 1579 -41.53 63.87 -17.51
N PHE E 1580 -41.59 62.55 -17.64
CA PHE E 1580 -40.83 61.61 -16.82
C PHE E 1580 -40.13 60.59 -17.68
N GLN E 1581 -39.37 61.09 -18.67
CA GLN E 1581 -38.68 60.31 -19.68
C GLN E 1581 -37.99 59.05 -19.17
N LYS E 1582 -37.57 59.06 -17.91
CA LYS E 1582 -36.83 57.93 -17.39
C LYS E 1582 -37.68 56.67 -17.31
N TYR E 1583 -39.01 56.80 -17.32
CA TYR E 1583 -39.86 55.62 -17.41
C TYR E 1583 -39.52 54.80 -18.66
N LEU E 1584 -39.16 55.48 -19.75
CA LEU E 1584 -38.91 54.87 -21.04
C LEU E 1584 -37.44 54.64 -21.30
N THR E 1585 -36.61 55.62 -20.97
CA THR E 1585 -35.19 55.58 -21.28
C THR E 1585 -34.31 55.13 -20.11
N GLY E 1586 -34.90 54.84 -18.96
CA GLY E 1586 -34.08 54.56 -17.80
C GLY E 1586 -33.35 55.81 -17.35
N HIS E 1587 -32.47 55.62 -16.37
CA HIS E 1587 -31.71 56.71 -15.74
C HIS E 1587 -30.24 56.53 -16.06
N PRO E 1588 -29.69 57.24 -17.08
CA PRO E 1588 -28.27 57.06 -17.45
C PRO E 1588 -27.32 57.97 -16.69
N LYS E 1589 -27.59 58.18 -15.39
CA LYS E 1589 -26.75 59.04 -14.57
C LYS E 1589 -26.48 60.39 -15.24
N GLY E 1590 -25.32 60.55 -15.89
CA GLY E 1590 -24.92 61.84 -16.38
C GLY E 1590 -25.58 62.24 -17.69
N ALA E 1591 -25.96 61.25 -18.52
CA ALA E 1591 -26.70 61.56 -19.74
C ALA E 1591 -28.15 61.91 -19.48
N ALA E 1592 -28.59 61.85 -18.22
CA ALA E 1592 -29.98 62.09 -17.89
C ALA E 1592 -30.43 63.45 -18.38
N GLY E 1593 -29.83 64.51 -17.83
CA GLY E 1593 -30.25 65.86 -18.19
C GLY E 1593 -30.15 66.13 -19.67
N ALA E 1594 -29.21 65.47 -20.36
CA ALA E 1594 -29.09 65.64 -21.80
C ALA E 1594 -30.30 65.05 -22.50
N TRP E 1595 -30.70 63.85 -22.11
CA TRP E 1595 -31.89 63.25 -22.72
C TRP E 1595 -33.14 64.07 -22.42
N MET E 1596 -33.28 64.53 -21.18
CA MET E 1596 -34.46 65.34 -20.84
C MET E 1596 -34.43 66.69 -21.55
N LEU E 1597 -33.23 67.23 -21.83
CA LEU E 1597 -33.15 68.49 -22.55
C LEU E 1597 -33.49 68.29 -24.02
N ASN E 1598 -33.02 67.20 -24.62
CA ASN E 1598 -33.41 66.88 -25.98
C ASN E 1598 -34.92 66.69 -26.07
N GLY E 1599 -35.51 66.00 -25.11
CA GLY E 1599 -36.95 65.83 -25.07
C GLY E 1599 -37.68 67.15 -24.92
N ALA E 1600 -37.15 68.05 -24.09
CA ALA E 1600 -37.76 69.36 -23.91
C ALA E 1600 -37.73 70.16 -25.20
N ILE E 1601 -36.60 70.11 -25.92
CA ILE E 1601 -36.50 70.80 -27.21
C ILE E 1601 -37.51 70.23 -28.20
N GLN E 1602 -37.64 68.90 -28.22
CA GLN E 1602 -38.61 68.28 -29.11
C GLN E 1602 -40.03 68.64 -28.73
N ILE E 1603 -40.31 68.74 -27.43
CA ILE E 1603 -41.63 69.17 -26.98
C ILE E 1603 -41.90 70.60 -27.43
N LEU E 1604 -40.88 71.46 -27.37
CA LEU E 1604 -41.06 72.82 -27.87
C LEU E 1604 -41.38 72.83 -29.34
N GLU E 1605 -40.65 72.04 -30.13
CA GLU E 1605 -40.88 72.03 -31.58
C GLU E 1605 -42.26 71.51 -31.92
N SER E 1606 -42.64 70.38 -31.33
CA SER E 1606 -43.87 69.70 -31.75
C SER E 1606 -45.12 70.25 -31.06
N GLY E 1607 -44.99 70.88 -29.91
CA GLY E 1607 -46.13 71.22 -29.11
C GLY E 1607 -46.73 70.06 -28.35
N LEU E 1608 -46.13 68.87 -28.46
CA LEU E 1608 -46.67 67.65 -27.88
C LEU E 1608 -46.01 67.38 -26.54
N VAL E 1609 -46.83 67.11 -25.53
CA VAL E 1609 -46.35 66.78 -24.19
C VAL E 1609 -46.47 65.26 -24.03
N PRO E 1610 -45.38 64.51 -23.99
CA PRO E 1610 -45.50 63.06 -23.78
C PRO E 1610 -46.05 62.76 -22.39
N GLY E 1611 -46.57 61.54 -22.24
CA GLY E 1611 -47.12 61.09 -20.99
C GLY E 1611 -46.35 59.91 -20.44
N ASN E 1612 -46.27 59.84 -19.12
CA ASN E 1612 -45.60 58.73 -18.45
C ASN E 1612 -46.46 57.49 -18.62
N ARG E 1613 -46.18 56.69 -19.64
CA ARG E 1613 -47.02 55.54 -19.94
C ARG E 1613 -46.94 54.47 -18.86
N ASN E 1614 -45.98 54.56 -17.95
CA ASN E 1614 -45.90 53.68 -16.81
C ASN E 1614 -46.53 54.29 -15.56
N ALA E 1615 -47.18 55.46 -15.69
CA ALA E 1615 -47.86 56.09 -14.57
C ALA E 1615 -49.18 55.36 -14.32
N ASP E 1616 -49.09 54.20 -13.68
CA ASP E 1616 -50.28 53.42 -13.39
C ASP E 1616 -51.19 54.12 -12.39
N ASN E 1617 -50.60 54.70 -11.34
CA ASN E 1617 -51.37 55.36 -10.30
C ASN E 1617 -50.47 56.40 -9.63
N VAL E 1618 -50.68 57.67 -9.97
CA VAL E 1618 -49.87 58.73 -9.38
C VAL E 1618 -50.09 58.76 -7.88
N ASP E 1619 -48.99 58.85 -7.13
CA ASP E 1619 -49.04 58.75 -5.68
C ASP E 1619 -49.98 59.78 -5.08
N LYS E 1620 -50.79 59.35 -4.10
CA LYS E 1620 -51.74 60.26 -3.48
C LYS E 1620 -51.02 61.42 -2.79
N LEU E 1621 -49.76 61.23 -2.41
CA LEU E 1621 -48.99 62.32 -1.82
C LEU E 1621 -48.66 63.41 -2.83
N LEU E 1622 -48.90 63.15 -4.12
CA LEU E 1622 -48.69 64.16 -5.17
C LEU E 1622 -49.94 64.94 -5.50
N GLU E 1623 -51.06 64.70 -4.82
CA GLU E 1623 -52.26 65.49 -5.07
C GLU E 1623 -52.12 66.90 -4.48
N GLN E 1624 -51.38 67.04 -3.39
CA GLN E 1624 -51.19 68.33 -2.76
C GLN E 1624 -50.47 69.31 -3.67
N TYR E 1625 -49.73 68.82 -4.66
CA TYR E 1625 -49.00 69.68 -5.59
C TYR E 1625 -49.93 70.07 -6.73
N GLU E 1626 -50.68 71.15 -6.49
CA GLU E 1626 -51.69 71.60 -7.46
C GLU E 1626 -51.06 72.21 -8.71
N TYR E 1627 -49.79 72.62 -8.65
CA TYR E 1627 -49.13 73.24 -9.79
C TYR E 1627 -48.43 72.22 -10.69
N VAL E 1628 -48.57 70.93 -10.42
CA VAL E 1628 -48.00 69.88 -11.25
C VAL E 1628 -49.11 68.95 -11.70
N LEU E 1629 -49.20 68.74 -13.00
CA LEU E 1629 -50.04 67.71 -13.61
C LEU E 1629 -49.12 66.57 -14.06
N TYR E 1630 -49.63 65.35 -14.02
CA TYR E 1630 -48.82 64.15 -14.30
C TYR E 1630 -49.49 63.34 -15.40
N PRO E 1631 -49.31 63.74 -16.67
CA PRO E 1631 -49.95 63.00 -17.76
C PRO E 1631 -49.40 61.58 -17.88
N SER E 1632 -50.31 60.66 -18.19
CA SER E 1632 -49.95 59.29 -18.55
C SER E 1632 -50.12 59.00 -20.02
N ARG E 1633 -50.47 59.99 -20.84
CA ARG E 1633 -50.64 59.83 -22.27
C ARG E 1633 -50.23 61.12 -22.97
N SER E 1634 -49.74 60.98 -24.19
CA SER E 1634 -49.29 62.15 -24.93
C SER E 1634 -50.46 63.07 -25.26
N ILE E 1635 -50.28 64.36 -25.02
CA ILE E 1635 -51.28 65.39 -25.29
C ILE E 1635 -50.69 66.37 -26.30
N GLN E 1636 -51.33 66.49 -27.45
CA GLN E 1636 -50.90 67.43 -28.48
C GLN E 1636 -51.53 68.79 -28.18
N THR E 1637 -50.70 69.75 -27.80
CA THR E 1637 -51.14 71.10 -27.48
C THR E 1637 -50.98 72.01 -28.69
N ASP E 1638 -51.49 73.23 -28.56
CA ASP E 1638 -51.36 74.22 -29.63
C ASP E 1638 -50.00 74.91 -29.61
N GLY E 1639 -49.16 74.62 -28.63
CA GLY E 1639 -47.81 75.16 -28.57
C GLY E 1639 -47.29 75.31 -27.16
N ILE E 1640 -46.06 74.86 -26.93
CA ILE E 1640 -45.38 75.00 -25.66
C ILE E 1640 -44.38 76.15 -25.80
N LYS E 1641 -44.47 77.12 -24.90
CA LYS E 1641 -43.65 78.32 -24.97
C LYS E 1641 -42.32 78.13 -24.26
N ALA E 1642 -42.32 77.43 -23.13
CA ALA E 1642 -41.09 77.14 -22.40
C ALA E 1642 -41.22 75.82 -21.67
N VAL E 1643 -40.07 75.22 -21.38
CA VAL E 1643 -39.97 73.94 -20.68
C VAL E 1643 -38.93 74.07 -19.59
N SER E 1644 -39.19 73.44 -18.44
CA SER E 1644 -38.30 73.49 -17.29
C SER E 1644 -37.72 72.10 -17.04
N VAL E 1645 -36.47 71.90 -17.43
CA VAL E 1645 -35.78 70.62 -17.27
C VAL E 1645 -35.04 70.67 -15.94
N THR E 1646 -35.44 69.81 -15.00
CA THR E 1646 -34.85 69.83 -13.66
C THR E 1646 -34.24 68.47 -13.37
N SER E 1647 -33.02 68.49 -12.84
CA SER E 1647 -32.25 67.28 -12.54
C SER E 1647 -31.73 67.37 -11.11
N PHE E 1648 -31.61 66.22 -10.46
CA PHE E 1648 -31.15 66.12 -9.08
C PHE E 1648 -30.16 64.98 -9.02
N GLY E 1649 -28.93 65.29 -8.61
CA GLY E 1649 -27.88 64.31 -8.60
C GLY E 1649 -27.17 64.17 -7.27
N PHE E 1650 -26.42 63.07 -7.18
CA PHE E 1650 -25.81 62.68 -5.93
C PHE E 1650 -24.83 63.75 -5.48
N GLY E 1651 -24.76 63.95 -4.17
CA GLY E 1651 -23.94 65.01 -3.63
C GLY E 1651 -24.58 66.37 -3.70
N GLN E 1652 -25.90 66.45 -3.66
CA GLN E 1652 -26.62 67.72 -3.68
C GLN E 1652 -26.38 68.48 -4.97
N LYS E 1653 -26.53 67.80 -6.11
CA LYS E 1653 -26.37 68.45 -7.41
C LYS E 1653 -27.76 68.74 -7.97
N GLY E 1654 -28.41 69.76 -7.40
CA GLY E 1654 -29.65 70.24 -7.97
C GLY E 1654 -29.30 71.11 -9.16
N ALA E 1655 -30.09 70.98 -10.22
CA ALA E 1655 -29.84 71.76 -11.43
C ALA E 1655 -31.15 71.98 -12.16
N GLN E 1656 -31.29 73.17 -12.72
CA GLN E 1656 -32.48 73.51 -13.48
C GLN E 1656 -32.04 74.21 -14.75
N ALA E 1657 -32.84 74.04 -15.80
CA ALA E 1657 -32.66 74.72 -17.07
C ALA E 1657 -34.02 75.10 -17.61
N VAL E 1658 -34.08 76.21 -18.32
CA VAL E 1658 -35.31 76.70 -18.93
C VAL E 1658 -35.06 76.87 -20.41
N VAL E 1659 -35.96 76.29 -21.21
CA VAL E 1659 -35.81 76.19 -22.65
C VAL E 1659 -36.99 76.90 -23.27
N VAL E 1660 -36.73 78.02 -23.94
CA VAL E 1660 -37.79 78.84 -24.53
C VAL E 1660 -37.86 78.55 -26.02
N HIS E 1661 -39.04 78.71 -26.59
CA HIS E 1661 -39.24 78.43 -28.00
C HIS E 1661 -38.41 79.41 -28.84
N PRO E 1662 -37.84 78.96 -29.97
CA PRO E 1662 -37.04 79.88 -30.79
C PRO E 1662 -37.84 80.98 -31.46
N ASP E 1663 -39.18 80.89 -31.42
CA ASP E 1663 -39.99 81.96 -31.98
C ASP E 1663 -39.74 83.28 -31.26
N TYR E 1664 -39.52 83.21 -29.95
CA TYR E 1664 -39.32 84.43 -29.18
C TYR E 1664 -37.92 84.99 -29.38
N LEU E 1665 -36.98 84.17 -29.85
CA LEU E 1665 -35.74 84.71 -30.37
C LEU E 1665 -35.96 85.41 -31.70
N PHE E 1666 -36.65 84.73 -32.63
CA PHE E 1666 -36.84 85.31 -33.96
C PHE E 1666 -37.67 86.58 -33.90
N ALA E 1667 -38.45 86.77 -32.84
CA ALA E 1667 -39.24 87.99 -32.70
C ALA E 1667 -38.36 89.22 -32.47
N VAL E 1668 -37.13 89.05 -32.00
CA VAL E 1668 -36.26 90.19 -31.73
C VAL E 1668 -35.46 90.63 -32.96
N LEU E 1669 -35.61 89.94 -34.08
CA LEU E 1669 -34.93 90.31 -35.32
C LEU E 1669 -35.83 91.19 -36.18
N ASP E 1670 -35.20 91.96 -37.06
CA ASP E 1670 -35.95 92.68 -38.08
C ASP E 1670 -36.32 91.72 -39.21
N ARG E 1671 -37.14 92.21 -40.14
CA ARG E 1671 -37.62 91.36 -41.22
C ARG E 1671 -36.47 90.82 -42.06
N SER E 1672 -35.60 91.72 -42.53
CA SER E 1672 -34.55 91.33 -43.48
C SER E 1672 -33.61 90.29 -42.88
N THR E 1673 -33.19 90.50 -41.63
CA THR E 1673 -32.32 89.54 -40.96
C THR E 1673 -32.96 88.17 -40.91
N TYR E 1674 -34.24 88.11 -40.54
CA TYR E 1674 -34.90 86.82 -40.39
C TYR E 1674 -35.05 86.13 -41.74
N GLU E 1675 -35.42 86.87 -42.79
CA GLU E 1675 -35.57 86.25 -44.10
C GLU E 1675 -34.24 85.73 -44.62
N GLU E 1676 -33.17 86.51 -44.44
CA GLU E 1676 -31.85 86.05 -44.87
C GLU E 1676 -31.44 84.79 -44.11
N TYR E 1677 -31.67 84.77 -42.80
CA TYR E 1677 -31.37 83.60 -42.01
C TYR E 1677 -32.19 82.40 -42.46
N ALA E 1678 -33.47 82.62 -42.80
CA ALA E 1678 -34.32 81.51 -43.23
C ALA E 1678 -33.83 80.93 -44.54
N THR E 1679 -33.42 81.78 -45.48
CA THR E 1679 -32.84 81.28 -46.73
C THR E 1679 -31.58 80.46 -46.47
N LYS E 1680 -30.71 80.97 -45.59
CA LYS E 1680 -29.48 80.22 -45.27
C LYS E 1680 -29.81 78.88 -44.64
N VAL E 1681 -30.81 78.84 -43.76
CA VAL E 1681 -31.16 77.59 -43.11
C VAL E 1681 -31.77 76.61 -44.10
N SER E 1682 -32.56 77.11 -45.06
CA SER E 1682 -33.09 76.21 -46.08
C SER E 1682 -31.96 75.57 -46.89
N ALA E 1683 -31.00 76.38 -47.32
CA ALA E 1683 -29.86 75.84 -48.07
C ALA E 1683 -29.08 74.83 -47.23
N ARG E 1684 -28.80 75.19 -45.97
CA ARG E 1684 -28.07 74.27 -45.09
C ARG E 1684 -28.87 73.00 -44.83
N ASN E 1685 -30.19 73.12 -44.76
CA ASN E 1685 -31.02 71.94 -44.54
C ASN E 1685 -30.93 70.98 -45.71
N LYS E 1686 -30.97 71.51 -46.93
CA LYS E 1686 -30.81 70.63 -48.08
C LYS E 1686 -29.43 69.98 -48.09
N LYS E 1687 -28.38 70.75 -47.76
CA LYS E 1687 -27.04 70.18 -47.72
C LYS E 1687 -26.94 69.09 -46.66
N THR E 1688 -27.51 69.34 -45.48
CA THR E 1688 -27.48 68.36 -44.40
C THR E 1688 -28.31 67.13 -44.74
N TYR E 1689 -29.43 67.32 -45.44
CA TYR E 1689 -30.25 66.18 -45.87
C TYR E 1689 -29.45 65.28 -46.81
N ARG E 1690 -28.75 65.89 -47.78
CA ARG E 1690 -27.91 65.09 -48.67
C ARG E 1690 -26.84 64.34 -47.88
N TYR E 1691 -26.15 65.05 -46.97
CA TYR E 1691 -25.11 64.42 -46.18
C TYR E 1691 -25.67 63.27 -45.34
N MET E 1692 -26.85 63.48 -44.75
CA MET E 1692 -27.44 62.49 -43.87
C MET E 1692 -27.81 61.22 -44.63
N HIS E 1693 -28.43 61.38 -45.80
CA HIS E 1693 -28.76 60.20 -46.60
C HIS E 1693 -27.50 59.47 -47.05
N ASN E 1694 -26.49 60.22 -47.50
CA ASN E 1694 -25.22 59.57 -47.87
C ASN E 1694 -24.60 58.83 -46.69
N ALA E 1695 -24.61 59.45 -45.52
CA ALA E 1695 -23.99 58.85 -44.34
C ALA E 1695 -24.72 57.57 -43.94
N ILE E 1696 -26.04 57.58 -43.98
CA ILE E 1696 -26.78 56.37 -43.61
C ILE E 1696 -26.55 55.27 -44.64
N THR E 1697 -26.50 55.63 -45.93
CA THR E 1697 -26.32 54.60 -46.94
C THR E 1697 -24.90 54.05 -46.96
N ARG E 1698 -23.90 54.81 -46.52
CA ARG E 1698 -22.50 54.42 -46.66
C ARG E 1698 -21.73 54.25 -45.36
N ASN E 1699 -22.40 54.34 -44.20
CA ASN E 1699 -21.74 54.18 -42.90
C ASN E 1699 -20.55 55.13 -42.75
N THR E 1700 -20.73 56.35 -43.24
CA THR E 1700 -19.69 57.39 -43.21
C THR E 1700 -20.18 58.61 -42.45
N MET E 1701 -21.01 58.39 -41.43
CA MET E 1701 -21.54 59.51 -40.65
C MET E 1701 -20.43 60.22 -39.89
N PHE E 1702 -19.61 59.46 -39.19
CA PHE E 1702 -18.44 59.96 -38.50
C PHE E 1702 -17.25 59.94 -39.45
N VAL E 1703 -16.72 61.11 -39.75
CA VAL E 1703 -15.51 61.25 -40.55
C VAL E 1703 -14.43 61.78 -39.61
N ALA E 1704 -13.57 60.87 -39.13
CA ALA E 1704 -12.45 61.29 -38.32
C ALA E 1704 -11.57 62.24 -39.12
N LYS E 1705 -11.18 63.34 -38.49
CA LYS E 1705 -10.30 64.32 -39.12
C LYS E 1705 -8.87 63.88 -38.85
N ASP E 1706 -8.13 63.61 -39.92
CA ASP E 1706 -6.74 63.17 -39.78
C ASP E 1706 -5.81 64.34 -39.45
N LYS E 1707 -6.10 65.52 -39.99
CA LYS E 1707 -5.21 66.67 -39.86
C LYS E 1707 -6.02 67.89 -39.43
N ALA E 1708 -5.40 68.74 -38.63
CA ALA E 1708 -6.03 69.97 -38.17
C ALA E 1708 -6.23 70.92 -39.34
N PRO E 1709 -7.10 71.93 -39.19
CA PRO E 1709 -7.28 72.90 -40.29
C PRO E 1709 -6.02 73.70 -40.59
N TYR E 1710 -5.04 73.72 -39.69
CA TYR E 1710 -3.79 74.45 -39.88
C TYR E 1710 -2.63 73.47 -39.91
N SER E 1711 -1.60 73.83 -40.68
CA SER E 1711 -0.38 73.04 -40.73
C SER E 1711 0.44 73.28 -39.46
N ASP E 1712 1.50 72.49 -39.30
CA ASP E 1712 2.38 72.68 -38.15
C ASP E 1712 3.05 74.05 -38.17
N GLU E 1713 3.26 74.60 -39.36
CA GLU E 1713 3.88 75.92 -39.46
C GLU E 1713 2.89 77.03 -39.11
N LEU E 1714 1.61 76.86 -39.45
CA LEU E 1714 0.59 77.86 -39.20
C LEU E 1714 -0.22 77.58 -37.93
N GLU E 1715 0.20 76.60 -37.13
CA GLU E 1715 -0.53 76.29 -35.91
C GLU E 1715 -0.52 77.47 -34.96
N GLN E 1716 0.67 77.88 -34.51
CA GLN E 1716 0.76 78.96 -33.54
C GLN E 1716 0.40 80.33 -34.12
N PRO E 1717 0.78 80.68 -35.36
CA PRO E 1717 0.29 81.95 -35.91
C PRO E 1717 -1.23 82.05 -35.94
N VAL E 1718 -1.93 80.95 -36.19
CA VAL E 1718 -3.38 80.96 -36.10
C VAL E 1718 -3.83 81.08 -34.65
N TYR E 1719 -3.15 80.38 -33.74
CA TYR E 1719 -3.48 80.50 -32.31
C TYR E 1719 -3.42 81.95 -31.85
N LEU E 1720 -2.46 82.71 -32.37
CA LEU E 1720 -2.19 84.05 -31.87
C LEU E 1720 -2.90 85.14 -32.65
N ASP E 1721 -3.73 84.79 -33.64
CA ASP E 1721 -4.54 85.76 -34.38
C ASP E 1721 -6.01 85.50 -34.12
N PRO E 1722 -6.72 86.35 -33.37
CA PRO E 1722 -8.16 86.10 -33.17
C PRO E 1722 -8.99 86.25 -34.45
N LEU E 1723 -8.45 86.88 -35.48
CA LEU E 1723 -9.16 87.10 -36.74
C LEU E 1723 -8.85 86.04 -37.78
N ALA E 1724 -8.05 85.04 -37.44
CA ALA E 1724 -7.71 84.00 -38.42
C ALA E 1724 -8.92 83.13 -38.67
N ARG E 1725 -9.40 83.14 -39.92
CA ARG E 1725 -10.56 82.36 -40.32
C ARG E 1725 -10.15 81.35 -41.38
N VAL E 1726 -10.68 80.13 -41.27
CA VAL E 1726 -10.41 79.10 -42.26
C VAL E 1726 -11.02 79.51 -43.59
N GLU E 1727 -10.37 79.09 -44.68
CA GLU E 1727 -10.85 79.30 -46.03
C GLU E 1727 -10.90 77.97 -46.76
N GLU E 1728 -11.73 77.92 -47.81
CA GLU E 1728 -11.89 76.71 -48.59
C GLU E 1728 -10.76 76.57 -49.60
N ASN E 1729 -10.29 75.34 -49.78
CA ASN E 1729 -9.22 75.04 -50.72
C ASN E 1729 -9.32 73.56 -51.08
N LYS E 1730 -9.54 73.27 -52.36
CA LYS E 1730 -9.72 71.90 -52.84
C LYS E 1730 -10.86 71.21 -52.08
N LYS E 1731 -11.92 71.96 -51.80
CA LYS E 1731 -13.11 71.52 -51.09
C LYS E 1731 -12.85 71.21 -49.62
N LYS E 1732 -11.66 71.49 -49.10
CA LYS E 1732 -11.32 71.28 -47.69
C LYS E 1732 -11.16 72.63 -47.01
N LEU E 1733 -11.73 72.74 -45.81
CA LEU E 1733 -11.64 73.97 -45.04
C LEU E 1733 -10.33 73.96 -44.25
N VAL E 1734 -9.37 74.81 -44.66
CA VAL E 1734 -8.04 74.82 -44.07
C VAL E 1734 -7.62 76.26 -43.78
N PHE E 1735 -6.67 76.41 -42.86
CA PHE E 1735 -6.08 77.72 -42.58
C PHE E 1735 -4.97 78.02 -43.57
N SER E 1736 -4.93 79.27 -44.04
CA SER E 1736 -3.93 79.72 -45.00
C SER E 1736 -3.23 80.95 -44.44
N ASP E 1737 -1.93 81.07 -44.75
CA ASP E 1737 -1.14 82.19 -44.24
C ASP E 1737 -1.66 83.53 -44.75
N LYS E 1738 -2.46 83.55 -45.80
CA LYS E 1738 -3.02 84.81 -46.29
C LYS E 1738 -3.93 85.45 -45.25
N THR E 1739 -4.56 84.66 -44.40
CA THR E 1739 -5.51 85.15 -43.42
C THR E 1739 -4.90 85.39 -42.04
N ILE E 1740 -3.61 85.19 -41.87
CA ILE E 1740 -2.94 85.28 -40.57
C ILE E 1740 -2.28 86.65 -40.46
N GLN E 1741 -2.71 87.44 -39.48
CA GLN E 1741 -2.24 88.81 -39.31
C GLN E 1741 -2.44 89.61 -40.60
N SER E 1742 -3.56 89.34 -41.27
CA SER E 1742 -3.84 89.98 -42.54
C SER E 1742 -4.11 91.47 -42.36
N ASN E 1743 -3.77 92.25 -43.37
CA ASN E 1743 -3.93 93.69 -43.31
C ASN E 1743 -5.38 94.14 -43.52
N GLN E 1744 -6.23 93.27 -44.07
CA GLN E 1744 -7.60 93.61 -44.40
C GLN E 1744 -8.63 92.85 -43.56
N SER E 1745 -8.19 92.09 -42.55
CA SER E 1745 -9.10 91.28 -41.76
C SER E 1745 -9.64 91.99 -40.53
N TYR E 1746 -9.12 93.16 -40.18
CA TYR E 1746 -9.57 93.90 -39.00
C TYR E 1746 -10.46 95.08 -39.36
N VAL E 1747 -10.04 95.93 -40.28
CA VAL E 1747 -10.85 97.08 -40.70
C VAL E 1747 -11.65 96.70 -41.93
N THR F 3 12.04 -24.17 -117.16
CA THR F 3 12.18 -24.79 -115.84
C THR F 3 12.62 -23.75 -114.82
N HIS F 4 11.74 -22.81 -114.52
CA HIS F 4 12.10 -21.73 -113.61
C HIS F 4 12.01 -22.23 -112.18
N ARG F 5 12.27 -21.36 -111.21
CA ARG F 5 12.24 -21.75 -109.81
C ARG F 5 11.97 -20.55 -108.93
N PRO F 6 11.43 -20.76 -107.71
CA PRO F 6 11.16 -19.64 -106.83
C PRO F 6 12.39 -19.26 -106.03
N PHE F 7 12.73 -17.97 -106.07
CA PHE F 7 13.90 -17.44 -105.40
C PHE F 7 13.47 -16.22 -104.59
N GLN F 8 13.71 -16.25 -103.28
CA GLN F 8 13.15 -15.28 -102.35
C GLN F 8 14.26 -14.54 -101.62
N LEU F 9 14.06 -13.23 -101.45
CA LEU F 9 14.94 -12.37 -100.67
C LEU F 9 14.11 -11.72 -99.57
N THR F 10 14.64 -11.72 -98.36
CA THR F 10 13.91 -11.21 -97.20
C THR F 10 14.81 -10.31 -96.36
N HIS F 11 14.18 -9.32 -95.74
CA HIS F 11 14.83 -8.44 -94.75
C HIS F 11 13.76 -8.15 -93.70
N GLY F 12 13.77 -8.95 -92.63
CA GLY F 12 12.71 -8.84 -91.65
C GLY F 12 11.37 -9.19 -92.27
N SER F 13 10.39 -8.30 -92.10
CA SER F 13 9.10 -8.51 -92.72
C SER F 13 9.16 -8.38 -94.24
N ILE F 14 10.23 -7.80 -94.79
CA ILE F 14 10.37 -7.68 -96.23
C ILE F 14 10.49 -9.07 -96.83
N GLU F 15 9.86 -9.27 -97.99
CA GLU F 15 9.93 -10.54 -98.68
C GLU F 15 9.52 -10.32 -100.14
N HIS F 16 10.43 -10.64 -101.05
CA HIS F 16 10.17 -10.58 -102.48
C HIS F 16 10.62 -11.88 -103.12
N THR F 17 9.71 -12.52 -103.85
CA THR F 17 9.99 -13.78 -104.53
C THR F 17 9.87 -13.57 -106.03
N LEU F 18 10.83 -14.13 -106.77
CA LEU F 18 10.86 -14.01 -108.22
C LEU F 18 11.15 -15.37 -108.83
N LEU F 19 10.58 -15.60 -110.01
CA LEU F 19 10.85 -16.79 -110.80
C LEU F 19 12.18 -16.59 -111.52
N VAL F 20 13.04 -17.60 -111.48
CA VAL F 20 14.36 -17.50 -112.08
C VAL F 20 14.72 -18.82 -112.74
N PRO F 21 15.56 -18.79 -113.79
CA PRO F 21 16.03 -20.05 -114.37
C PRO F 21 16.77 -20.92 -113.35
N ASN F 22 16.55 -22.23 -113.46
CA ASN F 22 17.16 -23.17 -112.52
C ASN F 22 18.67 -23.20 -112.68
N ASP F 23 19.16 -23.07 -113.92
CA ASP F 23 20.61 -23.11 -114.15
C ASP F 23 21.32 -21.97 -113.44
N LEU F 24 20.72 -20.77 -113.49
CA LEU F 24 21.30 -19.58 -112.86
C LEU F 24 20.84 -19.40 -111.41
N PHE F 25 20.00 -20.31 -110.91
CA PHE F 25 19.61 -20.26 -109.49
C PHE F 25 20.81 -20.27 -108.56
N PHE F 26 21.89 -20.98 -108.92
CA PHE F 26 23.07 -21.02 -108.06
C PHE F 26 23.70 -19.64 -107.94
N ASN F 27 23.83 -18.94 -109.08
CA ASN F 27 24.34 -17.57 -109.05
C ASN F 27 23.43 -16.67 -108.23
N TYR F 28 22.11 -16.82 -108.41
CA TYR F 28 21.19 -16.02 -107.61
C TYR F 28 21.38 -16.29 -106.12
N SER F 29 21.58 -17.56 -105.75
CA SER F 29 21.71 -17.90 -104.34
C SER F 29 22.98 -17.29 -103.75
N GLN F 30 24.11 -17.40 -104.47
CA GLN F 30 25.35 -16.85 -103.92
C GLN F 30 25.27 -15.33 -103.83
N LEU F 31 24.66 -14.69 -104.83
CA LEU F 31 24.49 -13.24 -104.78
C LEU F 31 23.57 -12.84 -103.64
N LYS F 32 22.55 -13.65 -103.37
CA LYS F 32 21.68 -13.40 -102.22
C LYS F 32 22.46 -13.49 -100.92
N ASP F 33 23.32 -14.50 -100.79
CA ASP F 33 24.10 -14.66 -99.56
C ASP F 33 24.99 -13.44 -99.34
N GLU F 34 25.65 -12.99 -100.40
CA GLU F 34 26.45 -11.78 -100.29
C GLU F 34 25.57 -10.57 -99.92
N PHE F 35 24.36 -10.50 -100.49
CA PHE F 35 23.40 -9.47 -100.11
C PHE F 35 23.17 -9.45 -98.61
N ILE F 36 22.74 -10.58 -98.05
CA ILE F 36 22.33 -10.54 -96.64
C ILE F 36 23.56 -10.43 -95.75
N LYS F 37 24.76 -10.67 -96.31
CA LYS F 37 25.96 -10.32 -95.58
C LYS F 37 26.14 -8.80 -95.51
N THR F 38 25.98 -8.11 -96.64
CA THR F 38 26.16 -6.66 -96.63
C THR F 38 24.97 -5.92 -96.01
N LEU F 39 23.84 -6.58 -95.83
CA LEU F 39 22.66 -5.92 -95.30
C LEU F 39 22.77 -5.79 -93.78
N PRO F 40 22.51 -4.61 -93.19
CA PRO F 40 22.53 -4.51 -91.73
C PRO F 40 21.49 -5.42 -91.08
N GLU F 41 21.56 -5.59 -89.77
CA GLU F 41 20.60 -6.42 -89.07
C GLU F 41 19.20 -5.79 -89.19
N PRO F 42 18.15 -6.58 -89.44
CA PRO F 42 16.81 -5.98 -89.51
C PRO F 42 16.42 -5.34 -88.18
N THR F 43 15.66 -4.25 -88.29
CA THR F 43 15.17 -3.53 -87.13
C THR F 43 13.68 -3.23 -87.30
N GLU F 44 12.97 -3.13 -86.18
CA GLU F 44 11.56 -2.80 -86.23
C GLU F 44 11.37 -1.43 -86.87
N GLY F 45 10.44 -1.35 -87.82
CA GLY F 45 10.21 -0.13 -88.57
C GLY F 45 11.12 0.08 -89.75
N PHE F 46 12.18 -0.71 -89.88
CA PHE F 46 13.12 -0.59 -90.99
C PHE F 46 13.71 0.82 -91.07
N ALA F 47 14.03 1.39 -89.92
CA ALA F 47 14.52 2.76 -89.84
C ALA F 47 15.99 2.90 -90.22
N GLY F 48 16.71 1.79 -90.40
CA GLY F 48 18.10 1.87 -90.82
C GLY F 48 18.27 2.61 -92.12
N ASP F 49 19.29 3.46 -92.21
CA ASP F 49 19.44 4.36 -93.35
C ASP F 49 19.51 3.60 -94.67
N ASP F 50 20.31 2.53 -94.69
CA ASP F 50 20.39 1.65 -95.86
C ASP F 50 19.49 0.42 -95.73
N GLU F 51 18.61 0.37 -94.75
CA GLU F 51 17.69 -0.75 -94.60
C GLU F 51 16.50 -0.56 -95.54
N PRO F 52 16.27 -1.48 -96.49
CA PRO F 52 15.07 -1.35 -97.33
C PRO F 52 13.79 -1.38 -96.50
N SER F 53 12.79 -0.65 -96.99
CA SER F 53 11.49 -0.56 -96.34
C SER F 53 10.35 -1.12 -97.18
N SER F 54 10.63 -1.64 -98.37
CA SER F 54 9.61 -2.21 -99.23
C SER F 54 10.24 -3.32 -100.07
N PRO F 55 9.42 -4.25 -100.59
CA PRO F 55 9.97 -5.23 -101.53
C PRO F 55 10.60 -4.60 -102.75
N ALA F 56 10.03 -3.48 -103.23
CA ALA F 56 10.64 -2.77 -104.34
C ALA F 56 12.03 -2.27 -103.97
N GLU F 57 12.17 -1.70 -102.76
CA GLU F 57 13.47 -1.25 -102.31
C GLU F 57 14.46 -2.41 -102.21
N LEU F 58 13.99 -3.54 -101.68
CA LEU F 58 14.87 -4.71 -101.56
C LEU F 58 15.34 -5.20 -102.93
N TYR F 59 14.42 -5.30 -103.89
CA TYR F 59 14.80 -5.81 -105.20
C TYR F 59 15.68 -4.81 -105.95
N GLY F 60 15.42 -3.51 -105.78
CA GLY F 60 16.32 -2.52 -106.34
C GLY F 60 17.72 -2.63 -105.76
N LYS F 61 17.82 -2.87 -104.46
CA LYS F 61 19.13 -3.06 -103.85
C LYS F 61 19.79 -4.34 -104.37
N PHE F 62 19.00 -5.39 -104.59
CA PHE F 62 19.53 -6.60 -105.22
C PHE F 62 20.13 -6.28 -106.58
N ILE F 63 19.39 -5.52 -107.39
CA ILE F 63 19.87 -5.14 -108.73
C ILE F 63 21.15 -4.33 -108.62
N GLY F 64 21.18 -3.37 -107.71
CA GLY F 64 22.37 -2.55 -107.56
C GLY F 64 23.58 -3.35 -107.14
N PHE F 65 23.39 -4.33 -106.25
CA PHE F 65 24.49 -5.19 -105.87
C PHE F 65 24.98 -5.99 -107.06
N ILE F 66 24.07 -6.67 -107.77
CA ILE F 66 24.50 -7.57 -108.83
C ILE F 66 25.03 -6.81 -110.04
N SER F 67 24.81 -5.50 -110.11
CA SER F 67 25.32 -4.71 -111.23
C SER F 67 26.82 -4.91 -111.42
N ASN F 68 27.56 -5.07 -110.32
CA ASN F 68 29.00 -5.32 -110.36
C ASN F 68 29.22 -6.80 -110.05
N ALA F 69 29.21 -7.63 -111.08
CA ALA F 69 29.43 -9.07 -110.94
C ALA F 69 29.76 -9.63 -112.31
N GLN F 70 30.04 -10.93 -112.33
CA GLN F 70 30.31 -11.66 -113.56
C GLN F 70 29.05 -12.21 -114.21
N PHE F 71 27.89 -11.62 -113.92
CA PHE F 71 26.59 -12.12 -114.36
C PHE F 71 25.78 -10.98 -114.96
N PRO F 72 26.21 -10.46 -116.11
CA PRO F 72 25.40 -9.42 -116.79
C PRO F 72 24.02 -9.89 -117.17
N GLN F 73 23.84 -11.18 -117.47
CA GLN F 73 22.50 -11.69 -117.76
C GLN F 73 21.65 -11.77 -116.49
N ILE F 74 22.26 -12.06 -115.34
CA ILE F 74 21.55 -11.90 -114.07
C ILE F 74 21.06 -10.47 -113.94
N VAL F 75 21.95 -9.51 -114.21
CA VAL F 75 21.58 -8.10 -114.06
C VAL F 75 20.43 -7.75 -114.99
N GLU F 76 20.52 -8.16 -116.25
CA GLU F 76 19.52 -7.76 -117.24
C GLU F 76 18.16 -8.39 -116.92
N LEU F 77 18.15 -9.67 -116.52
CA LEU F 77 16.87 -10.31 -116.28
C LEU F 77 16.26 -9.80 -114.97
N SER F 78 17.09 -9.49 -113.97
CA SER F 78 16.58 -8.88 -112.75
C SER F 78 15.99 -7.51 -113.02
N LEU F 79 16.65 -6.71 -113.87
CA LEU F 79 16.11 -5.42 -114.24
C LEU F 79 14.79 -5.57 -114.98
N LYS F 80 14.71 -6.56 -115.88
CA LYS F 80 13.47 -6.79 -116.60
C LYS F 80 12.34 -7.16 -115.65
N ASP F 81 12.64 -8.02 -114.67
CA ASP F 81 11.62 -8.40 -113.69
C ASP F 81 11.18 -7.21 -112.86
N PHE F 82 12.12 -6.35 -112.46
CA PHE F 82 11.74 -5.16 -111.72
C PHE F 82 10.84 -4.26 -112.54
N GLU F 83 11.19 -4.04 -113.82
CA GLU F 83 10.36 -3.19 -114.67
C GLU F 83 8.97 -3.79 -114.84
N SER F 84 8.89 -5.11 -115.01
CA SER F 84 7.59 -5.76 -115.20
C SER F 84 6.73 -5.64 -113.95
N ARG F 85 7.29 -5.96 -112.79
CA ARG F 85 6.50 -5.96 -111.56
C ARG F 85 6.13 -4.54 -111.13
N PHE F 86 7.11 -3.65 -111.09
CA PHE F 86 7.01 -2.40 -110.34
C PHE F 86 6.75 -1.19 -111.22
N LEU F 87 7.55 -0.99 -112.27
CA LEU F 87 7.25 0.07 -113.23
C LEU F 87 6.08 -0.30 -114.13
N ASP F 88 5.55 -1.52 -114.03
CA ASP F 88 4.35 -1.94 -114.74
C ASP F 88 4.57 -1.90 -116.26
N ASN F 89 5.62 -2.60 -116.69
CA ASN F 89 5.97 -2.68 -118.10
C ASN F 89 6.27 -1.29 -118.66
N ASN F 90 6.94 -0.47 -117.86
CA ASN F 90 7.39 0.86 -118.27
C ASN F 90 6.22 1.76 -118.65
N ASN F 91 5.28 1.93 -117.72
CA ASN F 91 4.25 2.96 -117.84
C ASN F 91 4.67 4.24 -117.12
N ASP F 92 5.33 4.11 -115.99
CA ASP F 92 5.83 5.25 -115.21
C ASP F 92 7.34 5.17 -115.07
N ASN F 93 7.98 6.32 -115.09
CA ASN F 93 9.43 6.37 -114.95
C ASN F 93 9.84 5.99 -113.53
N ILE F 94 11.14 5.74 -113.36
CA ILE F 94 11.65 5.30 -112.07
C ILE F 94 11.48 6.40 -111.03
N HIS F 95 11.60 7.66 -111.44
CA HIS F 95 11.37 8.76 -110.52
C HIS F 95 9.91 8.82 -110.07
N SER F 96 8.98 8.59 -111.01
CA SER F 96 7.57 8.54 -110.65
C SER F 96 7.30 7.40 -109.68
N PHE F 97 7.91 6.24 -109.92
CA PHE F 97 7.77 5.12 -108.99
C PHE F 97 8.34 5.49 -107.62
N ALA F 98 9.46 6.20 -107.61
CA ALA F 98 10.08 6.59 -106.35
C ALA F 98 9.16 7.49 -105.53
N VAL F 99 8.60 8.53 -106.16
CA VAL F 99 7.71 9.41 -105.42
C VAL F 99 6.43 8.68 -105.03
N LYS F 100 5.94 7.76 -105.86
CA LYS F 100 4.77 6.97 -105.49
C LYS F 100 5.04 6.16 -104.24
N LEU F 101 6.21 5.52 -104.15
CA LEU F 101 6.56 4.80 -102.93
C LEU F 101 6.69 5.74 -101.73
N LEU F 102 7.31 6.91 -101.94
CA LEU F 102 7.42 7.85 -100.83
C LEU F 102 6.06 8.28 -100.33
N ASP F 103 5.06 8.35 -101.20
CA ASP F 103 3.70 8.64 -100.80
C ASP F 103 2.97 7.43 -100.22
N ASP F 104 3.38 6.22 -100.59
CA ASP F 104 2.70 5.01 -100.14
C ASP F 104 2.87 4.84 -98.63
N GLU F 105 1.76 4.57 -97.94
CA GLU F 105 1.79 4.43 -96.49
C GLU F 105 2.01 2.99 -96.04
N THR F 106 1.68 2.01 -96.88
CA THR F 106 1.82 0.61 -96.48
C THR F 106 3.27 0.25 -96.19
N TYR F 107 4.21 0.88 -96.90
CA TYR F 107 5.64 0.66 -96.73
C TYR F 107 6.30 2.02 -96.52
N PRO F 108 6.31 2.54 -95.29
CA PRO F 108 6.86 3.88 -95.07
C PRO F 108 8.37 3.89 -95.28
N THR F 109 8.86 4.93 -95.95
CA THR F 109 10.27 5.07 -96.27
C THR F 109 10.63 6.54 -96.28
N THR F 110 11.92 6.83 -96.52
CA THR F 110 12.44 8.18 -96.60
C THR F 110 12.91 8.46 -98.02
N ILE F 111 13.10 9.75 -98.32
CA ILE F 111 13.51 10.14 -99.67
C ILE F 111 14.89 9.57 -99.98
N ALA F 112 15.82 9.65 -99.02
CA ALA F 112 17.15 9.11 -99.23
C ALA F 112 17.10 7.60 -99.44
N LYS F 113 16.27 6.91 -98.66
CA LYS F 113 16.11 5.48 -98.84
C LYS F 113 15.61 5.16 -100.24
N VAL F 114 14.56 5.85 -100.67
CA VAL F 114 13.99 5.63 -101.99
C VAL F 114 15.05 5.85 -103.07
N LYS F 115 15.75 6.98 -103.00
CA LYS F 115 16.78 7.30 -103.97
C LYS F 115 17.82 6.20 -104.04
N GLU F 116 18.51 5.95 -102.92
CA GLU F 116 19.63 5.01 -102.93
C GLU F 116 19.19 3.61 -103.30
N ASN F 117 18.01 3.18 -102.85
CA ASN F 117 17.59 1.80 -103.03
C ASN F 117 16.89 1.54 -104.35
N ILE F 118 16.50 2.58 -105.10
CA ILE F 118 15.82 2.37 -106.36
C ILE F 118 16.54 3.07 -107.51
N VAL F 119 16.69 4.39 -107.44
CA VAL F 119 17.12 5.15 -108.60
C VAL F 119 18.58 4.85 -108.94
N LYS F 120 19.44 4.88 -107.91
CA LYS F 120 20.86 4.60 -108.11
C LYS F 120 21.06 3.22 -108.71
N ASN F 121 20.40 2.22 -108.13
CA ASN F 121 20.57 0.84 -108.60
C ASN F 121 20.00 0.66 -110.01
N TYR F 122 18.84 1.27 -110.27
CA TYR F 122 18.22 1.14 -111.59
C TYR F 122 19.13 1.72 -112.67
N TYR F 123 19.71 2.90 -112.42
CA TYR F 123 20.57 3.51 -113.43
C TYR F 123 21.97 2.92 -113.44
N LYS F 124 22.36 2.19 -112.39
CA LYS F 124 23.60 1.41 -112.47
C LYS F 124 23.42 0.17 -113.32
N ALA F 125 22.26 -0.48 -113.21
CA ALA F 125 22.04 -1.73 -113.95
C ALA F 125 21.62 -1.49 -115.39
N VAL F 126 20.86 -0.43 -115.66
CA VAL F 126 20.42 -0.17 -117.02
C VAL F 126 21.62 0.21 -117.88
N LYS F 127 21.74 -0.43 -119.03
CA LYS F 127 22.82 -0.15 -119.98
C LYS F 127 22.35 0.66 -121.18
N SER F 128 21.08 0.55 -121.56
CA SER F 128 20.53 1.33 -122.67
C SER F 128 19.16 1.85 -122.27
N ILE F 129 18.92 3.12 -122.55
CA ILE F 129 17.65 3.79 -122.24
C ILE F 129 16.95 4.09 -123.55
N ASN F 130 15.74 3.57 -123.70
CA ASN F 130 14.97 3.79 -124.91
C ASN F 130 14.27 5.15 -124.87
N LYS F 131 14.10 5.73 -126.06
CA LYS F 131 13.40 7.01 -126.17
C LYS F 131 11.98 6.88 -125.63
N VAL F 132 11.63 7.78 -124.72
CA VAL F 132 10.30 7.82 -124.12
C VAL F 132 9.79 9.25 -124.16
N GLU F 133 8.52 9.41 -124.51
CA GLU F 133 7.87 10.72 -124.57
C GLU F 133 7.07 10.90 -123.29
N SER F 134 7.55 11.78 -122.40
CA SER F 134 6.88 12.02 -121.14
C SER F 134 5.55 12.75 -121.37
N ASN F 135 4.74 12.83 -120.33
CA ASN F 135 3.51 13.60 -120.40
C ASN F 135 3.81 15.08 -120.64
N LEU F 136 4.84 15.60 -119.99
CA LEU F 136 5.21 17.00 -120.18
C LEU F 136 5.63 17.26 -121.62
N LEU F 137 6.46 16.38 -122.18
CA LEU F 137 6.89 16.57 -123.56
C LEU F 137 5.73 16.36 -124.53
N TYR F 138 4.79 15.48 -124.18
CA TYR F 138 3.61 15.30 -125.00
C TYR F 138 2.78 16.58 -125.05
N HIS F 139 2.58 17.21 -123.89
CA HIS F 139 1.82 18.46 -123.86
C HIS F 139 2.61 19.62 -124.46
N CYS F 140 3.94 19.51 -124.49
CA CYS F 140 4.75 20.55 -125.11
C CYS F 140 4.37 20.75 -126.57
N LYS F 141 4.02 19.68 -127.28
CA LYS F 141 3.71 19.75 -128.70
C LYS F 141 2.38 20.42 -128.99
N HIS F 142 1.46 20.48 -128.01
CA HIS F 142 0.11 20.97 -128.24
C HIS F 142 -0.17 22.27 -127.48
N ASP F 143 0.03 22.29 -126.16
CA ASP F 143 -0.40 23.42 -125.34
C ASP F 143 0.64 23.91 -124.35
N ALA F 144 1.53 23.05 -123.87
CA ALA F 144 2.50 23.44 -122.84
C ALA F 144 3.66 24.19 -123.49
N LYS F 145 4.11 25.25 -122.83
CA LYS F 145 5.25 26.05 -123.27
C LYS F 145 6.35 25.86 -122.24
N LEU F 146 7.32 25.01 -122.57
CA LEU F 146 8.40 24.67 -121.66
C LEU F 146 9.59 25.60 -121.87
N VAL F 147 10.13 26.10 -120.76
CA VAL F 147 11.28 26.99 -120.77
C VAL F 147 12.24 26.55 -119.67
N ALA F 148 13.49 26.99 -119.78
CA ALA F 148 14.55 26.55 -118.87
C ALA F 148 15.19 27.75 -118.17
N ILE F 149 15.46 27.59 -116.88
CA ILE F 149 16.18 28.60 -116.12
C ILE F 149 17.34 27.93 -115.38
N PHE F 150 18.52 28.50 -115.52
CA PHE F 150 19.72 28.02 -114.85
C PHE F 150 20.14 29.00 -113.76
N GLY F 151 20.28 28.50 -112.55
CA GLY F 151 20.63 29.34 -111.41
C GLY F 151 22.08 29.76 -111.41
N GLY F 152 22.43 30.52 -110.37
CA GLY F 152 23.78 31.02 -110.21
C GLY F 152 24.39 30.64 -108.87
N GLN F 153 25.05 31.60 -108.22
CA GLN F 153 25.66 31.37 -106.93
C GLN F 153 24.77 31.91 -105.81
N GLY F 154 25.09 31.51 -104.58
CA GLY F 154 24.38 31.97 -103.41
C GLY F 154 23.15 31.17 -103.05
N ASN F 155 22.74 30.22 -103.89
CA ASN F 155 21.56 29.42 -103.59
C ASN F 155 21.78 28.55 -102.35
N THR F 156 22.98 27.99 -102.21
CA THR F 156 23.29 27.13 -101.08
C THR F 156 24.76 27.29 -100.73
N ASP F 157 25.07 27.07 -99.45
CA ASP F 157 26.43 27.18 -98.94
C ASP F 157 27.19 25.87 -98.97
N ASP F 158 26.58 24.79 -99.46
CA ASP F 158 27.25 23.50 -99.63
C ASP F 158 26.89 22.92 -100.99
N TYR F 159 27.03 23.75 -102.02
CA TYR F 159 26.55 23.39 -103.36
C TYR F 159 27.17 22.09 -103.87
N PHE F 160 28.39 21.77 -103.43
CA PHE F 160 29.06 20.59 -103.94
C PHE F 160 28.32 19.31 -103.56
N GLU F 161 27.53 19.35 -102.49
CA GLU F 161 26.77 18.17 -102.08
C GLU F 161 25.83 17.71 -103.18
N GLU F 162 25.27 18.64 -103.94
CA GLU F 162 24.41 18.25 -105.05
C GLU F 162 25.20 17.52 -106.13
N LEU F 163 26.43 17.96 -106.39
CA LEU F 163 27.27 17.25 -107.35
C LEU F 163 27.59 15.85 -106.85
N ARG F 164 27.87 15.71 -105.55
CA ARG F 164 28.14 14.37 -105.02
C ARG F 164 26.90 13.49 -105.14
N GLU F 165 25.72 14.05 -104.88
CA GLU F 165 24.50 13.26 -105.02
C GLU F 165 24.28 12.84 -106.46
N LEU F 166 24.51 13.75 -107.41
CA LEU F 166 24.37 13.40 -108.82
C LEU F 166 25.36 12.32 -109.23
N TYR F 167 26.61 12.44 -108.77
CA TYR F 167 27.60 11.39 -109.05
C TYR F 167 27.15 10.06 -108.46
N THR F 168 26.68 10.07 -107.21
CA THR F 168 26.31 8.83 -106.55
C THR F 168 25.12 8.16 -107.24
N LEU F 169 24.17 8.94 -107.73
CA LEU F 169 22.97 8.39 -108.33
C LEU F 169 23.13 8.02 -109.80
N TYR F 170 23.97 8.75 -110.54
CA TYR F 170 24.04 8.64 -111.99
C TYR F 170 25.48 8.57 -112.48
N GLN F 171 26.29 7.69 -111.89
CA GLN F 171 27.64 7.46 -112.40
C GLN F 171 27.63 7.15 -113.89
N GLY F 172 26.93 6.09 -114.29
CA GLY F 172 26.97 5.62 -115.65
C GLY F 172 26.35 6.59 -116.66
N LEU F 173 25.70 7.64 -116.18
CA LEU F 173 25.00 8.58 -117.05
C LEU F 173 25.77 9.87 -117.29
N ILE F 174 26.69 10.25 -116.40
CA ILE F 174 27.46 11.47 -116.51
C ILE F 174 28.95 11.25 -116.34
N GLU F 175 29.41 9.99 -116.35
CA GLU F 175 30.83 9.73 -116.23
C GLU F 175 31.62 10.36 -117.38
N ASP F 176 31.15 10.20 -118.62
CA ASP F 176 31.88 10.75 -119.76
C ASP F 176 31.97 12.27 -119.67
N LEU F 177 30.85 12.93 -119.34
CA LEU F 177 30.85 14.38 -119.24
C LEU F 177 31.79 14.85 -118.13
N LEU F 178 31.72 14.20 -116.96
CA LEU F 178 32.58 14.58 -115.86
C LEU F 178 34.05 14.38 -116.21
N VAL F 179 34.37 13.26 -116.88
CA VAL F 179 35.76 13.00 -117.24
C VAL F 179 36.27 14.04 -118.21
N SER F 180 35.47 14.37 -119.23
CA SER F 180 35.89 15.37 -120.21
C SER F 180 36.09 16.72 -119.56
N ILE F 181 35.16 17.13 -118.68
CA ILE F 181 35.28 18.43 -118.04
C ILE F 181 36.46 18.46 -117.09
N ALA F 182 36.69 17.37 -116.35
CA ALA F 182 37.82 17.32 -115.44
C ALA F 182 39.14 17.41 -116.21
N GLU F 183 39.23 16.71 -117.34
CA GLU F 183 40.44 16.81 -118.16
C GLU F 183 40.65 18.23 -118.68
N LYS F 184 39.58 18.88 -119.13
CA LYS F 184 39.71 20.25 -119.61
C LYS F 184 40.16 21.18 -118.49
N LEU F 185 39.58 21.01 -117.30
CA LEU F 185 39.98 21.83 -116.15
C LEU F 185 41.43 21.61 -115.79
N ASN F 186 41.89 20.35 -115.80
CA ASN F 186 43.30 20.07 -115.52
C ASN F 186 44.21 20.71 -116.55
N GLN F 187 43.80 20.66 -117.82
CA GLN F 187 44.56 21.34 -118.87
C GLN F 187 44.63 22.83 -118.61
N LEU F 188 43.53 23.43 -118.14
CA LEU F 188 43.40 24.88 -118.09
C LEU F 188 44.00 25.49 -116.83
N HIS F 189 43.99 24.79 -115.70
CA HIS F 189 44.26 25.47 -114.45
C HIS F 189 45.72 25.87 -114.22
N PRO F 190 46.73 25.34 -114.95
CA PRO F 190 48.15 25.63 -114.56
C PRO F 190 48.51 27.10 -114.65
N SER F 191 47.81 27.83 -115.52
CA SER F 191 48.01 29.26 -115.65
C SER F 191 47.60 29.99 -114.37
N PHE F 192 46.62 29.48 -113.63
CA PHE F 192 46.17 30.03 -112.38
C PHE F 192 46.54 29.11 -111.22
N ASP F 193 47.73 28.51 -111.30
CA ASP F 193 48.22 27.69 -110.20
C ASP F 193 48.39 28.52 -108.93
N LYS F 194 48.62 29.83 -109.07
CA LYS F 194 48.68 30.69 -107.89
C LYS F 194 47.32 30.74 -107.19
N ILE F 195 46.23 30.57 -107.95
CA ILE F 195 44.89 30.69 -107.38
C ILE F 195 44.39 29.34 -106.88
N TYR F 196 44.74 28.26 -107.59
CA TYR F 196 44.27 26.92 -107.25
C TYR F 196 45.33 26.22 -106.41
N THR F 197 45.28 26.47 -105.10
CA THR F 197 46.21 25.80 -104.19
C THR F 197 45.84 24.33 -104.05
N GLN F 198 44.63 24.05 -103.60
CA GLN F 198 44.18 22.69 -103.36
C GLN F 198 43.80 21.95 -104.64
N GLY F 199 43.96 22.59 -105.80
CA GLY F 199 43.68 21.95 -107.07
C GLY F 199 42.23 22.10 -107.48
N LEU F 200 41.94 21.56 -108.67
CA LEU F 200 40.60 21.59 -109.24
C LEU F 200 40.30 20.23 -109.88
N ASN F 201 40.68 19.16 -109.20
CA ASN F 201 40.43 17.80 -109.67
C ASN F 201 39.15 17.31 -109.01
N ILE F 202 38.01 17.70 -109.61
CA ILE F 202 36.71 17.38 -109.02
C ILE F 202 36.46 15.89 -109.00
N LEU F 203 37.04 15.14 -109.95
CA LEU F 203 36.82 13.71 -110.00
C LEU F 203 37.39 13.03 -108.76
N SER F 204 38.59 13.43 -108.34
CA SER F 204 39.17 12.86 -107.13
C SER F 204 38.34 13.21 -105.91
N TRP F 205 37.79 14.43 -105.88
CA TRP F 205 36.95 14.82 -104.74
C TRP F 205 35.68 13.99 -104.69
N LEU F 206 35.10 13.68 -105.85
CA LEU F 206 33.88 12.88 -105.89
C LEU F 206 34.16 11.43 -105.51
N LYS F 207 35.22 10.84 -106.07
CA LYS F 207 35.50 9.44 -105.83
C LYS F 207 36.08 9.18 -104.44
N HIS F 208 36.78 10.17 -103.88
CA HIS F 208 37.46 10.05 -102.59
C HIS F 208 37.08 11.27 -101.76
N PRO F 209 35.96 11.23 -101.04
CA PRO F 209 35.53 12.44 -100.29
C PRO F 209 36.53 12.92 -99.26
N GLU F 210 37.40 12.04 -98.76
CA GLU F 210 38.42 12.49 -97.80
C GLU F 210 39.36 13.51 -98.40
N THR F 211 39.49 13.55 -99.73
CA THR F 211 40.40 14.47 -100.40
C THR F 211 39.75 15.79 -100.78
N THR F 212 38.48 16.00 -100.42
CA THR F 212 37.80 17.23 -100.80
C THR F 212 38.44 18.42 -100.08
N PRO F 213 38.63 19.55 -100.76
CA PRO F 213 39.03 20.77 -100.04
C PRO F 213 37.94 21.23 -99.08
N ASP F 214 38.27 22.26 -98.32
CA ASP F 214 37.33 22.76 -97.32
C ASP F 214 36.20 23.55 -97.98
N GLN F 215 35.18 23.84 -97.18
CA GLN F 215 34.02 24.57 -97.67
C GLN F 215 34.43 25.95 -98.19
N ASP F 216 35.42 26.58 -97.55
CA ASP F 216 35.86 27.89 -97.99
C ASP F 216 36.43 27.81 -99.41
N TYR F 217 37.31 26.84 -99.64
CA TYR F 217 37.91 26.70 -100.97
C TYR F 217 36.86 26.33 -102.00
N LEU F 218 35.92 25.46 -101.64
CA LEU F 218 34.86 25.10 -102.58
C LEU F 218 34.00 26.31 -102.94
N LEU F 219 33.64 27.13 -101.94
CA LEU F 219 32.84 28.31 -102.20
C LEU F 219 33.64 29.42 -102.87
N SER F 220 34.97 29.29 -102.93
CA SER F 220 35.78 30.27 -103.66
C SER F 220 35.30 30.38 -105.10
N VAL F 221 35.28 31.61 -105.61
CA VAL F 221 34.66 31.86 -106.91
C VAL F 221 35.34 31.10 -108.04
N PRO F 222 36.67 31.05 -108.13
CA PRO F 222 37.28 30.28 -109.23
C PRO F 222 36.92 28.81 -109.22
N VAL F 223 36.54 28.28 -108.06
CA VAL F 223 36.06 26.90 -107.96
C VAL F 223 34.54 26.86 -108.01
N SER F 224 33.86 27.82 -107.39
CA SER F 224 32.40 27.80 -107.33
C SER F 224 31.80 27.93 -108.72
N CYS F 225 32.33 28.84 -109.55
CA CYS F 225 31.76 29.05 -110.87
C CYS F 225 31.80 27.80 -111.74
N PRO F 226 32.97 27.25 -112.08
CA PRO F 226 32.98 26.07 -112.96
C PRO F 226 32.25 24.87 -112.38
N VAL F 227 32.31 24.67 -111.06
CA VAL F 227 31.66 23.50 -110.48
C VAL F 227 30.14 23.65 -110.52
N ILE F 228 29.64 24.87 -110.30
CA ILE F 228 28.20 25.09 -110.44
C ILE F 228 27.78 24.89 -111.89
N CYS F 229 28.62 25.32 -112.84
CA CYS F 229 28.33 25.05 -114.24
C CYS F 229 28.29 23.55 -114.51
N VAL F 230 29.21 22.81 -113.91
CA VAL F 230 29.21 21.35 -114.06
C VAL F 230 27.93 20.75 -113.49
N ILE F 231 27.47 21.26 -112.35
CA ILE F 231 26.25 20.75 -111.75
C ILE F 231 25.06 20.97 -112.69
N GLN F 232 24.96 22.19 -113.24
CA GLN F 232 23.86 22.49 -114.15
C GLN F 232 23.93 21.63 -115.40
N LEU F 233 25.12 21.49 -115.99
CA LEU F 233 25.26 20.68 -117.19
C LEU F 233 24.97 19.21 -116.91
N CYS F 234 25.37 18.72 -115.73
CA CYS F 234 25.06 17.35 -115.35
C CYS F 234 23.56 17.15 -115.21
N HIS F 235 22.86 18.13 -114.63
CA HIS F 235 21.40 18.02 -114.54
C HIS F 235 20.77 17.99 -115.92
N TYR F 236 21.23 18.85 -116.83
CA TYR F 236 20.70 18.86 -118.17
C TYR F 236 20.96 17.53 -118.88
N THR F 237 22.17 16.99 -118.72
CA THR F 237 22.51 15.71 -119.32
C THR F 237 21.66 14.58 -118.74
N ILE F 238 21.43 14.61 -117.42
CA ILE F 238 20.62 13.57 -116.80
C ILE F 238 19.20 13.62 -117.33
N THR F 239 18.62 14.82 -117.43
CA THR F 239 17.28 14.95 -117.99
C THR F 239 17.24 14.42 -119.43
N CYS F 240 18.18 14.87 -120.26
CA CYS F 240 18.16 14.49 -121.67
C CYS F 240 18.33 12.98 -121.85
N LYS F 241 19.26 12.38 -121.11
CA LYS F 241 19.52 10.96 -121.30
C LYS F 241 18.44 10.10 -120.66
N VAL F 242 17.88 10.55 -119.54
CA VAL F 242 16.79 9.80 -118.92
C VAL F 242 15.59 9.77 -119.84
N LEU F 243 15.26 10.90 -120.46
CA LEU F 243 14.18 10.91 -121.45
C LEU F 243 14.61 10.35 -122.79
N GLY F 244 15.89 10.08 -123.00
CA GLY F 244 16.34 9.37 -124.19
C GLY F 244 16.54 10.22 -125.42
N LEU F 245 16.56 11.54 -125.28
CA LEU F 245 16.72 12.45 -126.39
C LEU F 245 18.14 13.01 -126.42
N THR F 246 18.54 13.46 -127.62
CA THR F 246 19.79 14.18 -127.76
C THR F 246 19.63 15.59 -127.19
N PRO F 247 20.73 16.29 -126.93
CA PRO F 247 20.60 17.68 -126.43
C PRO F 247 19.80 18.57 -127.35
N GLY F 248 20.00 18.47 -128.67
CA GLY F 248 19.21 19.27 -129.59
C GLY F 248 17.74 18.88 -129.58
N GLU F 249 17.47 17.57 -129.49
CA GLU F 249 16.09 17.12 -129.44
C GLU F 249 15.37 17.68 -128.21
N PHE F 250 16.05 17.66 -127.06
CA PHE F 250 15.46 18.24 -125.86
C PHE F 250 15.32 19.75 -125.99
N ARG F 251 16.31 20.40 -126.60
CA ARG F 251 16.27 21.85 -126.77
C ARG F 251 15.07 22.27 -127.63
N ASN F 252 14.75 21.46 -128.64
CA ASN F 252 13.65 21.81 -129.54
C ASN F 252 12.32 21.89 -128.80
N SER F 253 12.20 21.19 -127.67
CA SER F 253 10.98 21.24 -126.86
C SER F 253 10.93 22.46 -125.94
N LEU F 254 11.99 23.26 -125.89
CA LEU F 254 12.06 24.43 -125.00
C LEU F 254 11.75 25.68 -125.81
N LYS F 255 10.77 26.45 -125.34
CA LYS F 255 10.43 27.70 -126.01
C LYS F 255 11.55 28.73 -125.85
N TRP F 256 12.13 28.82 -124.65
CA TRP F 256 13.30 29.67 -124.46
C TRP F 256 14.00 29.27 -123.16
N SER F 257 15.19 29.83 -122.97
CA SER F 257 15.98 29.57 -121.78
C SER F 257 16.66 30.85 -121.32
N THR F 258 17.03 30.88 -120.04
CA THR F 258 17.73 32.02 -119.48
C THR F 258 18.45 31.58 -118.20
N GLY F 259 19.14 32.53 -117.59
CA GLY F 259 19.95 32.20 -116.42
C GLY F 259 20.10 33.37 -115.48
N HIS F 260 20.32 33.01 -114.22
CA HIS F 260 20.53 33.96 -113.12
C HIS F 260 22.00 33.95 -112.77
N SER F 261 22.68 35.08 -113.01
CA SER F 261 24.12 35.20 -112.78
C SER F 261 24.83 34.21 -113.71
N GLN F 262 25.67 33.29 -113.21
CA GLN F 262 26.45 32.44 -114.08
C GLN F 262 25.61 31.46 -114.89
N GLY F 263 24.34 31.25 -114.53
CA GLY F 263 23.50 30.33 -115.27
C GLY F 263 23.25 30.73 -116.70
N LEU F 264 23.47 32.01 -117.04
CA LEU F 264 23.32 32.45 -118.42
C LEU F 264 24.26 31.69 -119.34
N VAL F 265 25.46 31.35 -118.83
CA VAL F 265 26.43 30.61 -119.63
C VAL F 265 25.86 29.24 -119.99
N THR F 266 25.29 28.55 -119.00
CA THR F 266 24.71 27.23 -119.24
C THR F 266 23.50 27.33 -120.16
N ALA F 267 22.69 28.38 -120.00
CA ALA F 267 21.58 28.60 -120.92
C ALA F 267 22.08 28.73 -122.35
N VAL F 268 23.15 29.50 -122.55
CA VAL F 268 23.73 29.65 -123.88
C VAL F 268 24.24 28.32 -124.40
N THR F 269 24.84 27.51 -123.53
CA THR F 269 25.36 26.21 -123.97
C THR F 269 24.24 25.32 -124.46
N ILE F 270 23.15 25.22 -123.69
CA ILE F 270 22.06 24.35 -124.12
C ILE F 270 21.40 24.90 -125.38
N ALA F 271 21.36 26.24 -125.53
CA ALA F 271 20.81 26.82 -126.74
C ALA F 271 21.67 26.47 -127.95
N ALA F 272 22.99 26.48 -127.79
CA ALA F 272 23.90 26.23 -128.90
C ALA F 272 24.14 24.74 -129.16
N SER F 273 23.74 23.86 -128.25
CA SER F 273 24.01 22.43 -128.37
C SER F 273 22.95 21.76 -129.23
N ASP F 274 23.40 20.99 -130.23
CA ASP F 274 22.52 20.23 -131.11
C ASP F 274 22.70 18.72 -130.93
N SER F 275 23.92 18.21 -131.12
CA SER F 275 24.23 16.81 -130.92
C SER F 275 25.02 16.66 -129.62
N TRP F 276 25.43 15.42 -129.34
CA TRP F 276 26.15 15.17 -128.10
C TRP F 276 27.57 15.72 -128.17
N ASP F 277 28.21 15.61 -129.34
CA ASP F 277 29.54 16.18 -129.52
C ASP F 277 29.49 17.70 -129.42
N SER F 278 28.50 18.33 -130.05
CA SER F 278 28.36 19.77 -129.95
C SER F 278 28.07 20.19 -128.51
N PHE F 279 27.24 19.42 -127.80
CA PHE F 279 26.98 19.73 -126.40
C PHE F 279 28.24 19.63 -125.57
N LEU F 280 29.06 18.60 -125.81
CA LEU F 280 30.33 18.49 -125.08
C LEU F 280 31.24 19.67 -125.37
N LYS F 281 31.31 20.07 -126.64
CA LYS F 281 32.14 21.23 -127.00
C LYS F 281 31.65 22.48 -126.27
N ASN F 282 30.34 22.69 -126.25
CA ASN F 282 29.79 23.88 -125.59
C ASN F 282 29.99 23.81 -124.09
N SER F 283 29.87 22.62 -123.50
CA SER F 283 30.10 22.46 -122.07
C SER F 283 31.54 22.79 -121.71
N LEU F 284 32.50 22.30 -122.49
CA LEU F 284 33.89 22.61 -122.23
C LEU F 284 34.15 24.10 -122.41
N THR F 285 33.56 24.71 -123.44
CA THR F 285 33.73 26.14 -123.66
C THR F 285 33.21 26.93 -122.47
N ALA F 286 32.03 26.57 -121.97
CA ALA F 286 31.44 27.27 -120.83
C ALA F 286 32.26 27.06 -119.57
N VAL F 287 32.76 25.84 -119.35
CA VAL F 287 33.58 25.58 -118.17
C VAL F 287 34.83 26.44 -118.21
N SER F 288 35.47 26.52 -119.38
CA SER F 288 36.64 27.38 -119.52
C SER F 288 36.28 28.84 -119.28
N LEU F 289 35.16 29.30 -119.84
CA LEU F 289 34.77 30.70 -119.69
C LEU F 289 34.54 31.04 -118.23
N LEU F 290 33.83 30.17 -117.51
CA LEU F 290 33.52 30.47 -116.12
C LEU F 290 34.74 30.30 -115.22
N LEU F 291 35.65 29.39 -115.57
CA LEU F 291 36.92 29.32 -114.85
C LEU F 291 37.69 30.62 -114.98
N PHE F 292 37.77 31.15 -116.21
CA PHE F 292 38.43 32.44 -116.40
C PHE F 292 37.71 33.54 -115.65
N ILE F 293 36.38 33.53 -115.67
CA ILE F 293 35.61 34.58 -115.00
C ILE F 293 35.90 34.56 -113.51
N GLY F 294 35.85 33.37 -112.90
CA GLY F 294 36.12 33.28 -111.48
C GLY F 294 37.55 33.66 -111.13
N SER F 295 38.52 33.18 -111.91
CA SER F 295 39.92 33.50 -111.63
C SER F 295 40.16 35.00 -111.69
N ARG F 296 39.71 35.65 -112.77
CA ARG F 296 39.97 37.07 -112.91
C ARG F 296 39.17 37.90 -111.92
N CYS F 297 37.95 37.47 -111.58
CA CYS F 297 37.18 38.18 -110.56
C CYS F 297 37.88 38.11 -109.21
N LEU F 298 38.38 36.93 -108.83
CA LEU F 298 39.11 36.81 -107.57
C LEU F 298 40.37 37.65 -107.60
N SER F 299 41.09 37.66 -108.72
CA SER F 299 42.29 38.48 -108.82
C SER F 299 41.96 39.96 -108.68
N THR F 300 40.89 40.41 -109.33
CA THR F 300 40.53 41.82 -109.29
C THR F 300 40.08 42.24 -107.89
N TYR F 301 39.29 41.40 -107.22
CA TYR F 301 38.76 41.69 -105.89
C TYR F 301 39.10 40.51 -104.97
N PRO F 302 40.29 40.51 -104.38
CA PRO F 302 40.65 39.39 -103.49
C PRO F 302 39.72 39.32 -102.29
N ARG F 303 39.48 38.09 -101.84
CA ARG F 303 38.57 37.84 -100.72
C ARG F 303 39.22 38.29 -99.42
N THR F 304 38.71 39.37 -98.84
CA THR F 304 39.18 39.88 -97.56
C THR F 304 38.31 39.34 -96.44
N SER F 305 38.84 39.42 -95.22
CA SER F 305 38.15 38.98 -94.02
C SER F 305 37.69 40.20 -93.23
N LEU F 306 36.42 40.23 -92.84
CA LEU F 306 35.90 41.32 -92.05
C LEU F 306 36.35 41.18 -90.60
N PRO F 307 36.30 42.25 -89.82
CA PRO F 307 36.71 42.15 -88.42
C PRO F 307 35.83 41.16 -87.67
N PRO F 308 36.41 40.37 -86.76
CA PRO F 308 35.60 39.33 -86.10
C PRO F 308 34.44 39.85 -85.27
N THR F 309 34.57 41.03 -84.66
CA THR F 309 33.43 41.58 -83.91
C THR F 309 32.27 41.80 -84.85
N MET F 310 32.53 42.37 -86.02
CA MET F 310 31.52 42.55 -87.05
C MET F 310 30.93 41.21 -87.47
N LEU F 311 31.79 40.22 -87.72
CA LEU F 311 31.33 38.92 -88.19
C LEU F 311 30.43 38.26 -87.15
N GLN F 312 30.87 38.22 -85.89
CA GLN F 312 30.10 37.53 -84.86
C GLN F 312 28.82 38.28 -84.53
N ASP F 313 28.85 39.61 -84.55
CA ASP F 313 27.63 40.38 -84.37
C ASP F 313 26.62 40.07 -85.47
N SER F 314 27.08 39.99 -86.72
CA SER F 314 26.17 39.64 -87.80
C SER F 314 25.62 38.22 -87.61
N LEU F 315 26.48 37.28 -87.22
CA LEU F 315 26.03 35.89 -87.04
C LEU F 315 24.99 35.79 -85.94
N ASP F 316 25.23 36.46 -84.81
CA ASP F 316 24.25 36.44 -83.73
C ASP F 316 22.95 37.12 -84.15
N ASN F 317 23.05 38.22 -84.90
CA ASN F 317 21.87 38.87 -85.42
C ASN F 317 21.16 38.05 -86.48
N GLY F 318 21.80 37.00 -87.00
CA GLY F 318 21.21 36.18 -88.02
C GLY F 318 21.46 36.64 -89.44
N GLU F 319 22.37 37.59 -89.63
CA GLU F 319 22.63 38.16 -90.95
C GLU F 319 23.59 37.34 -91.79
N GLY F 320 24.13 36.24 -91.26
CA GLY F 320 25.07 35.42 -92.00
C GLY F 320 26.48 35.98 -91.96
N ARG F 321 27.39 35.24 -92.56
CA ARG F 321 28.80 35.64 -92.58
C ARG F 321 28.98 36.81 -93.55
N PRO F 322 29.68 37.88 -93.18
CA PRO F 322 29.85 38.99 -94.12
C PRO F 322 30.50 38.54 -95.42
N SER F 323 30.02 39.12 -96.52
CA SER F 323 30.43 38.74 -97.87
C SER F 323 30.09 39.89 -98.80
N PRO F 324 30.66 39.92 -100.01
CA PRO F 324 30.36 41.03 -100.93
C PRO F 324 28.94 41.06 -101.49
N MET F 325 28.05 40.16 -101.09
CA MET F 325 26.67 40.15 -101.57
C MET F 325 25.71 39.96 -100.40
N LEU F 326 24.71 40.83 -100.32
CA LEU F 326 23.74 40.84 -99.23
C LEU F 326 22.33 40.78 -99.80
N SER F 327 21.60 39.71 -99.47
CA SER F 327 20.23 39.53 -99.92
C SER F 327 19.26 40.21 -98.96
N VAL F 328 18.47 41.14 -99.50
CA VAL F 328 17.41 41.82 -98.78
C VAL F 328 16.08 41.31 -99.31
N ARG F 329 15.09 41.22 -98.44
CA ARG F 329 13.77 40.73 -98.80
C ARG F 329 12.70 41.55 -98.10
N ASP F 330 11.49 41.48 -98.65
CA ASP F 330 10.28 42.07 -98.08
C ASP F 330 10.31 43.60 -98.06
N LEU F 331 11.22 44.22 -98.80
CA LEU F 331 11.31 45.67 -98.91
C LEU F 331 11.17 46.08 -100.36
N SER F 332 10.46 47.18 -100.61
CA SER F 332 10.32 47.68 -101.97
C SER F 332 11.64 48.31 -102.43
N ILE F 333 11.73 48.51 -103.74
CA ILE F 333 12.93 49.10 -104.32
C ILE F 333 13.15 50.50 -103.75
N LYS F 334 12.06 51.25 -103.54
CA LYS F 334 12.20 52.60 -102.99
C LYS F 334 12.80 52.58 -101.60
N GLN F 335 12.30 51.69 -100.74
CA GLN F 335 12.85 51.58 -99.38
C GLN F 335 14.30 51.17 -99.41
N VAL F 336 14.62 50.16 -100.23
CA VAL F 336 15.99 49.68 -100.32
C VAL F 336 16.91 50.78 -100.80
N GLU F 337 16.47 51.54 -101.82
CA GLU F 337 17.29 52.63 -102.35
C GLU F 337 17.48 53.72 -101.31
N LYS F 338 16.45 54.04 -100.54
CA LYS F 338 16.61 55.01 -99.46
C LYS F 338 17.71 54.55 -98.50
N PHE F 339 17.72 53.26 -98.17
CA PHE F 339 18.76 52.75 -97.27
C PHE F 339 20.13 52.74 -97.95
N ILE F 340 20.18 52.46 -99.25
CA ILE F 340 21.44 52.54 -99.99
C ILE F 340 21.98 53.96 -99.92
N GLU F 341 21.11 54.96 -100.08
CA GLU F 341 21.56 56.35 -100.00
C GLU F 341 22.07 56.67 -98.60
N GLN F 342 21.34 56.22 -97.57
CA GLN F 342 21.78 56.46 -96.19
C GLN F 342 23.16 55.88 -95.95
N THR F 343 23.42 54.68 -96.45
CA THR F 343 24.72 54.05 -96.23
C THR F 343 25.81 54.69 -97.09
N ASN F 344 25.49 55.00 -98.35
CA ASN F 344 26.51 55.44 -99.30
C ASN F 344 26.93 56.88 -99.08
N SER F 345 26.04 57.72 -98.53
CA SER F 345 26.43 59.10 -98.27
C SER F 345 27.55 59.22 -97.24
N HIS F 346 27.80 58.16 -96.46
CA HIS F 346 28.87 58.13 -95.48
C HIS F 346 30.17 57.53 -96.03
N LEU F 347 30.21 57.20 -97.32
CA LEU F 347 31.32 56.46 -97.90
C LEU F 347 31.79 57.11 -99.19
N PRO F 348 33.04 56.83 -99.62
CA PRO F 348 33.49 57.37 -100.92
C PRO F 348 32.96 56.57 -102.10
N ARG F 349 33.34 56.96 -103.31
CA ARG F 349 32.86 56.27 -104.50
C ARG F 349 33.35 54.82 -104.56
N GLU F 350 34.63 54.60 -104.23
CA GLU F 350 35.21 53.26 -104.38
C GLU F 350 34.57 52.25 -103.43
N LYS F 351 33.88 52.71 -102.37
CA LYS F 351 33.21 51.84 -101.43
C LYS F 351 31.69 52.00 -101.47
N HIS F 352 31.16 52.51 -102.58
CA HIS F 352 29.72 52.66 -102.71
C HIS F 352 29.05 51.29 -102.84
N ILE F 353 27.81 51.21 -102.37
CA ILE F 353 26.97 50.03 -102.55
C ILE F 353 26.09 50.28 -103.78
N ALA F 354 26.00 49.26 -104.63
CA ALA F 354 25.20 49.32 -105.84
C ALA F 354 24.22 48.15 -105.87
N ILE F 355 23.07 48.37 -106.52
CA ILE F 355 22.08 47.31 -106.65
C ILE F 355 22.56 46.36 -107.74
N SER F 356 22.61 45.06 -107.41
CA SER F 356 23.22 44.06 -108.27
C SER F 356 22.23 43.07 -108.87
N LEU F 357 21.29 42.58 -108.09
CA LEU F 357 20.33 41.58 -108.55
C LEU F 357 18.92 42.01 -108.12
N ILE F 358 18.14 42.51 -109.06
CA ILE F 358 16.72 42.81 -108.80
C ILE F 358 15.98 41.52 -109.12
N ASN F 359 15.97 40.62 -108.13
CA ASN F 359 15.32 39.32 -108.31
C ASN F 359 13.82 39.47 -108.45
N GLY F 360 13.22 40.35 -107.66
CA GLY F 360 11.78 40.55 -107.71
C GLY F 360 11.40 41.82 -106.99
N ALA F 361 10.09 41.99 -106.81
CA ALA F 361 9.60 43.15 -106.09
C ALA F 361 10.09 43.16 -104.66
N ARG F 362 10.07 42.00 -104.00
CA ARG F 362 10.43 41.86 -102.60
C ARG F 362 11.65 40.96 -102.42
N ASN F 363 12.60 41.04 -103.36
CA ASN F 363 13.81 40.23 -103.29
C ASN F 363 14.89 40.94 -104.08
N LEU F 364 15.90 41.47 -103.38
CA LEU F 364 16.99 42.19 -103.98
C LEU F 364 18.31 41.68 -103.42
N VAL F 365 19.40 41.95 -104.12
CA VAL F 365 20.74 41.66 -103.63
C VAL F 365 21.61 42.87 -103.88
N LEU F 366 22.32 43.31 -102.85
CA LEU F 366 23.21 44.46 -102.91
C LEU F 366 24.65 43.96 -102.93
N SER F 367 25.45 44.53 -103.83
CA SER F 367 26.86 44.19 -103.97
C SER F 367 27.72 45.39 -103.63
N GLY F 368 28.80 45.14 -102.90
CA GLY F 368 29.73 46.16 -102.49
C GLY F 368 30.72 45.59 -101.51
N PRO F 369 31.52 46.46 -100.88
CA PRO F 369 32.41 45.99 -99.82
C PRO F 369 31.61 45.35 -98.70
N PRO F 370 32.11 44.25 -98.12
CA PRO F 370 31.38 43.66 -96.99
C PRO F 370 31.21 44.61 -95.81
N GLU F 371 32.17 45.51 -95.59
CA GLU F 371 32.00 46.50 -94.53
C GLU F 371 30.82 47.42 -94.82
N SER F 372 30.67 47.87 -96.07
CA SER F 372 29.56 48.72 -96.43
C SER F 372 28.24 47.97 -96.33
N LEU F 373 28.24 46.70 -96.73
CA LEU F 373 27.02 45.91 -96.61
C LEU F 373 26.65 45.68 -95.15
N TYR F 374 27.66 45.53 -94.29
CA TYR F 374 27.38 45.40 -92.85
C TYR F 374 26.85 46.71 -92.28
N GLY F 375 27.34 47.84 -92.77
CA GLY F 375 26.78 49.12 -92.38
C GLY F 375 25.32 49.25 -92.78
N PHE F 376 25.01 48.84 -94.02
CA PHE F 376 23.61 48.75 -94.45
C PHE F 376 22.81 47.87 -93.51
N ASN F 377 23.37 46.72 -93.13
CA ASN F 377 22.66 45.81 -92.24
C ASN F 377 22.37 46.46 -90.90
N LEU F 378 23.35 47.17 -90.33
CA LEU F 378 23.13 47.82 -89.04
C LEU F 378 22.11 48.94 -89.14
N ASN F 379 22.16 49.74 -90.21
CA ASN F 379 21.14 50.77 -90.38
C ASN F 379 19.76 50.15 -90.49
N LEU F 380 19.63 49.12 -91.32
CA LEU F 380 18.34 48.48 -91.52
C LEU F 380 17.84 47.86 -90.23
N ARG F 381 18.72 47.23 -89.45
CA ARG F 381 18.32 46.68 -88.16
C ARG F 381 17.87 47.77 -87.20
N ASN F 382 18.59 48.90 -87.17
CA ASN F 382 18.19 50.02 -86.32
C ASN F 382 16.78 50.47 -86.68
N GLN F 383 16.41 50.35 -87.96
CA GLN F 383 15.06 50.69 -88.40
C GLN F 383 14.17 49.47 -88.64
N LYS F 384 14.51 48.31 -88.09
CA LYS F 384 13.77 47.08 -88.35
C LYS F 384 12.91 46.70 -87.15
N ALA F 385 11.88 45.90 -87.43
CA ALA F 385 11.01 45.42 -86.37
C ALA F 385 11.78 44.48 -85.43
N PRO F 386 11.51 44.53 -84.12
CA PRO F 386 12.09 43.53 -83.24
C PRO F 386 11.57 42.13 -83.58
N MET F 387 12.39 41.12 -83.30
CA MET F 387 11.98 39.76 -83.57
C MET F 387 10.77 39.39 -82.73
N GLY F 388 9.65 39.15 -83.39
CA GLY F 388 8.44 38.74 -82.71
C GLY F 388 7.62 39.87 -82.12
N LEU F 389 7.87 41.12 -82.49
CA LEU F 389 7.04 42.22 -82.01
C LEU F 389 5.61 42.03 -82.48
N ASP F 390 4.66 42.19 -81.56
CA ASP F 390 3.24 42.12 -81.88
C ASP F 390 2.77 43.52 -82.27
N GLN F 391 2.47 43.69 -83.57
CA GLN F 391 2.02 44.98 -84.10
C GLN F 391 0.63 44.88 -84.72
N SER F 392 -0.17 43.91 -84.29
CA SER F 392 -1.54 43.80 -84.79
C SER F 392 -2.35 45.02 -84.39
N ARG F 393 -2.13 45.54 -83.18
CA ARG F 393 -2.83 46.71 -82.67
C ARG F 393 -2.03 47.99 -82.86
N VAL F 394 -1.25 48.09 -83.94
CA VAL F 394 -0.41 49.24 -84.22
C VAL F 394 -0.71 49.70 -85.65
N PRO F 395 -0.72 51.00 -85.94
CA PRO F 395 -0.97 51.42 -87.33
C PRO F 395 0.07 50.86 -88.30
N PHE F 396 -0.36 50.62 -89.53
CA PHE F 396 0.53 50.03 -90.53
C PHE F 396 1.68 50.97 -90.87
N SER F 397 1.40 52.27 -90.94
CA SER F 397 2.47 53.23 -91.22
C SER F 397 3.43 53.34 -90.05
N GLU F 398 2.96 53.08 -88.82
CA GLU F 398 3.83 53.02 -87.66
C GLU F 398 4.40 51.64 -87.42
N ARG F 399 3.94 50.63 -88.15
CA ARG F 399 4.53 49.31 -88.04
C ARG F 399 5.98 49.33 -88.51
N LYS F 400 6.83 48.57 -87.83
CA LYS F 400 8.24 48.50 -88.19
C LYS F 400 8.40 47.57 -89.39
N LEU F 401 9.64 47.34 -89.81
CA LEU F 401 9.93 46.59 -91.03
C LEU F 401 10.21 45.13 -90.69
N LYS F 402 9.60 44.23 -91.45
CA LYS F 402 9.85 42.79 -91.35
C LYS F 402 10.58 42.38 -92.62
N CYS F 403 11.91 42.32 -92.55
CA CYS F 403 12.74 42.01 -93.71
C CYS F 403 13.78 40.98 -93.29
N SER F 404 14.20 40.19 -94.28
CA SER F 404 15.22 39.16 -94.10
C SER F 404 16.49 39.65 -94.78
N ASN F 405 17.37 40.26 -94.00
CA ASN F 405 18.68 40.71 -94.48
C ASN F 405 19.67 39.60 -94.14
N ARG F 406 20.32 39.03 -95.16
CA ARG F 406 21.24 37.92 -94.93
C ARG F 406 22.33 37.94 -95.98
N PHE F 407 23.57 37.83 -95.54
CA PHE F 407 24.68 37.74 -96.48
C PHE F 407 24.64 36.44 -97.25
N LEU F 408 24.81 36.53 -98.56
CA LEU F 408 24.84 35.33 -99.40
C LEU F 408 26.22 34.69 -99.36
N PRO F 409 26.31 33.37 -99.59
CA PRO F 409 27.63 32.73 -99.66
C PRO F 409 28.30 32.91 -101.02
N ILE F 410 28.57 34.16 -101.37
CA ILE F 410 29.26 34.52 -102.61
C ILE F 410 30.43 35.42 -102.23
N PHE F 411 31.62 35.08 -102.73
CA PHE F 411 32.85 35.73 -102.30
C PHE F 411 33.36 36.77 -103.30
N ALA F 412 32.55 37.17 -104.27
CA ALA F 412 32.90 38.26 -105.16
C ALA F 412 31.73 39.21 -105.30
N PRO F 413 32.00 40.50 -105.56
CA PRO F 413 30.88 41.45 -105.79
C PRO F 413 30.39 41.38 -107.23
N PHE F 414 29.68 40.30 -107.54
CA PHE F 414 29.21 40.08 -108.90
C PHE F 414 28.24 41.16 -109.33
N HIS F 415 28.35 41.57 -110.60
CA HIS F 415 27.52 42.61 -111.17
C HIS F 415 27.72 43.94 -110.45
N SER F 416 28.98 44.36 -110.35
CA SER F 416 29.34 45.62 -109.71
C SER F 416 30.55 46.21 -110.44
N HIS F 417 30.72 47.52 -110.28
CA HIS F 417 31.85 48.20 -110.88
C HIS F 417 33.19 47.71 -110.32
N LEU F 418 33.17 47.08 -109.15
CA LEU F 418 34.42 46.59 -108.56
C LEU F 418 35.07 45.54 -109.43
N LEU F 419 34.28 44.78 -110.19
CA LEU F 419 34.79 43.77 -111.11
C LEU F 419 34.84 44.26 -112.55
N ALA F 420 34.70 45.57 -112.77
CA ALA F 420 34.69 46.10 -114.14
C ALA F 420 36.02 45.84 -114.84
N ASP F 421 37.13 45.98 -114.11
CA ASP F 421 38.44 45.79 -114.72
C ASP F 421 38.67 44.34 -115.16
N ALA F 422 37.96 43.38 -114.56
CA ALA F 422 38.13 41.99 -114.92
C ALA F 422 37.56 41.66 -116.30
N THR F 423 36.67 42.49 -116.82
CA THR F 423 36.03 42.19 -118.09
C THR F 423 37.04 42.12 -119.23
N GLU F 424 37.93 43.12 -119.30
CA GLU F 424 38.92 43.13 -120.38
C GLU F 424 39.86 41.93 -120.27
N LEU F 425 40.26 41.58 -119.04
CA LEU F 425 41.13 40.44 -118.85
C LEU F 425 40.45 39.14 -119.29
N ILE F 426 39.16 38.99 -118.96
CA ILE F 426 38.45 37.78 -119.37
C ILE F 426 38.29 37.75 -120.88
N LEU F 427 38.08 38.92 -121.50
CA LEU F 427 38.02 38.99 -122.95
C LEU F 427 39.34 38.54 -123.57
N ASP F 428 40.46 38.98 -122.98
CA ASP F 428 41.76 38.53 -123.46
C ASP F 428 41.91 37.02 -123.31
N ASP F 429 41.46 36.47 -122.19
CA ASP F 429 41.56 35.03 -121.98
C ASP F 429 40.74 34.26 -123.02
N VAL F 430 39.50 34.68 -123.24
CA VAL F 430 38.64 33.93 -124.16
C VAL F 430 39.13 34.08 -125.60
N LYS F 431 39.62 35.26 -125.99
CA LYS F 431 40.11 35.40 -127.35
C LYS F 431 41.41 34.61 -127.55
N GLU F 432 42.25 34.52 -126.51
CA GLU F 432 43.47 33.72 -126.64
C GLU F 432 43.13 32.23 -126.74
N HIS F 433 42.15 31.77 -125.98
CA HIS F 433 41.76 30.36 -126.00
C HIS F 433 40.73 30.03 -127.07
N GLY F 434 40.30 31.01 -127.87
CA GLY F 434 39.37 30.74 -128.95
C GLY F 434 38.04 30.19 -128.48
N LEU F 435 37.47 30.82 -127.46
CA LEU F 435 36.19 30.40 -126.89
C LEU F 435 35.08 31.31 -127.40
N SER F 436 34.02 30.70 -127.94
CA SER F 436 32.87 31.45 -128.40
C SER F 436 31.70 30.49 -128.61
N PHE F 437 30.49 31.05 -128.55
CA PHE F 437 29.27 30.31 -128.79
C PHE F 437 28.63 30.80 -130.09
N GLU F 438 27.99 29.88 -130.80
CA GLU F 438 27.35 30.20 -132.06
C GLU F 438 26.23 29.20 -132.33
N GLY F 439 25.38 29.53 -133.29
CA GLY F 439 24.29 28.66 -133.67
C GLY F 439 23.21 28.48 -132.62
N LEU F 440 22.80 29.57 -131.96
CA LEU F 440 21.69 29.49 -131.04
C LEU F 440 20.40 29.18 -131.79
N LYS F 441 19.61 28.25 -131.26
CA LYS F 441 18.37 27.82 -131.90
C LYS F 441 17.11 28.16 -131.13
N ILE F 442 17.25 28.66 -129.90
CA ILE F 442 16.10 29.17 -129.14
C ILE F 442 16.48 30.53 -128.57
N PRO F 443 15.53 31.41 -128.27
CA PRO F 443 15.89 32.69 -127.65
C PRO F 443 16.57 32.47 -126.30
N VAL F 444 17.60 33.28 -126.05
CA VAL F 444 18.28 33.33 -124.76
C VAL F 444 18.24 34.79 -124.34
N TYR F 445 17.30 35.12 -123.46
CA TYR F 445 17.02 36.52 -123.17
C TYR F 445 18.04 37.11 -122.18
N ASP F 446 18.45 38.33 -122.46
CA ASP F 446 19.44 39.01 -121.63
C ASP F 446 18.89 39.28 -120.24
N THR F 447 19.79 39.31 -119.26
CA THR F 447 19.38 39.53 -117.88
C THR F 447 19.26 41.02 -117.54
N PHE F 448 19.97 41.88 -118.25
CA PHE F 448 19.90 43.33 -117.99
C PHE F 448 18.83 44.02 -118.83
N ASP F 449 18.98 44.01 -120.16
CA ASP F 449 18.05 44.72 -121.03
C ASP F 449 16.99 43.81 -121.64
N GLY F 450 17.02 42.51 -121.36
CA GLY F 450 15.98 41.61 -121.81
C GLY F 450 16.07 41.21 -123.26
N SER F 451 17.00 41.77 -124.03
CA SER F 451 17.08 41.47 -125.45
C SER F 451 17.52 40.03 -125.66
N ASP F 452 17.00 39.43 -126.74
CA ASP F 452 17.37 38.06 -127.09
C ASP F 452 18.78 38.03 -127.65
N PHE F 453 19.58 37.07 -127.18
CA PHE F 453 20.95 36.96 -127.64
C PHE F 453 21.06 36.53 -129.09
N GLN F 454 20.01 35.91 -129.65
CA GLN F 454 20.05 35.53 -131.05
C GLN F 454 20.15 36.76 -131.94
N ALA F 455 19.49 37.86 -131.57
CA ALA F 455 19.54 39.09 -132.34
C ALA F 455 20.81 39.89 -132.08
N LEU F 456 21.58 39.56 -131.05
CA LEU F 456 22.77 40.31 -130.72
C LEU F 456 23.81 40.19 -131.83
N LYS F 457 24.41 41.32 -132.20
CA LYS F 457 25.47 41.34 -133.20
C LYS F 457 26.86 41.25 -132.58
N GLU F 458 27.04 41.80 -131.39
CA GLU F 458 28.32 41.72 -130.71
C GLU F 458 28.57 40.29 -130.25
N PRO F 459 29.81 39.95 -129.88
CA PRO F 459 30.10 38.57 -129.49
C PRO F 459 29.28 38.12 -128.29
N ILE F 460 28.75 36.90 -128.39
CA ILE F 460 27.98 36.31 -127.31
C ILE F 460 28.77 36.37 -126.01
N ILE F 461 29.94 35.73 -125.98
CA ILE F 461 30.72 35.63 -124.75
C ILE F 461 31.07 37.00 -124.21
N ASP F 462 31.38 37.95 -125.09
CA ASP F 462 31.66 39.31 -124.61
C ASP F 462 30.48 39.87 -123.83
N ARG F 463 29.27 39.72 -124.39
CA ARG F 463 28.11 40.21 -123.67
C ARG F 463 27.90 39.46 -122.35
N VAL F 464 28.10 38.13 -122.35
CA VAL F 464 27.87 37.36 -121.12
C VAL F 464 28.84 37.76 -120.02
N VAL F 465 30.12 37.93 -120.35
CA VAL F 465 31.07 38.41 -119.33
C VAL F 465 30.69 39.81 -118.85
N LYS F 466 30.30 40.71 -119.77
CA LYS F 466 29.92 42.03 -119.32
C LYS F 466 28.76 41.97 -118.33
N LEU F 467 27.77 41.11 -118.62
CA LEU F 467 26.65 40.98 -117.70
C LEU F 467 27.07 40.37 -116.37
N ILE F 468 27.93 39.36 -116.41
CA ILE F 468 28.34 38.67 -115.18
C ILE F 468 29.11 39.61 -114.27
N THR F 469 29.93 40.48 -114.86
CA THR F 469 30.81 41.31 -114.04
C THR F 469 30.20 42.65 -113.66
N GLU F 470 29.60 43.38 -114.61
CA GLU F 470 29.24 44.78 -114.40
C GLU F 470 27.74 44.99 -114.28
N LEU F 471 26.97 44.62 -115.29
CA LEU F 471 25.56 45.00 -115.31
C LEU F 471 24.77 44.20 -114.27
N PRO F 472 23.86 44.86 -113.52
CA PRO F 472 23.00 44.08 -112.62
C PRO F 472 22.00 43.21 -113.36
N VAL F 473 21.22 42.43 -112.63
CA VAL F 473 20.29 41.45 -113.20
C VAL F 473 18.88 41.92 -112.91
N HIS F 474 18.10 42.13 -113.97
CA HIS F 474 16.67 42.41 -113.87
C HIS F 474 15.95 41.09 -114.16
N TRP F 475 15.79 40.27 -113.12
CA TRP F 475 15.25 38.93 -113.32
C TRP F 475 13.80 38.97 -113.77
N GLU F 476 13.01 39.90 -113.23
CA GLU F 476 11.62 40.04 -113.68
C GLU F 476 11.56 40.37 -115.16
N GLU F 477 12.38 41.33 -115.61
CA GLU F 477 12.38 41.69 -117.02
C GLU F 477 12.86 40.52 -117.88
N ALA F 478 13.86 39.78 -117.40
CA ALA F 478 14.38 38.65 -118.15
C ALA F 478 13.31 37.57 -118.33
N THR F 479 12.56 37.27 -117.27
CA THR F 479 11.58 36.19 -117.28
C THR F 479 10.17 36.66 -117.62
N ASN F 480 10.01 37.93 -118.02
CA ASN F 480 8.68 38.45 -118.34
C ASN F 480 8.03 37.80 -119.57
N HIS F 481 8.65 36.86 -120.28
CA HIS F 481 8.06 36.28 -121.48
C HIS F 481 7.12 35.12 -121.12
N LYS F 482 6.49 34.57 -122.15
CA LYS F 482 5.44 33.60 -121.95
C LYS F 482 6.03 32.23 -121.61
N ALA F 483 5.44 31.56 -120.63
CA ALA F 483 5.89 30.24 -120.23
C ALA F 483 4.84 29.60 -119.33
N THR F 484 4.43 28.38 -119.68
CA THR F 484 3.52 27.61 -118.86
C THR F 484 4.23 26.67 -117.90
N HIS F 485 5.39 26.16 -118.29
CA HIS F 485 6.21 25.31 -117.44
C HIS F 485 7.65 25.78 -117.52
N ILE F 486 8.30 25.88 -116.37
CA ILE F 486 9.67 26.33 -116.24
C ILE F 486 10.44 25.25 -115.51
N LEU F 487 11.61 24.91 -116.03
CA LEU F 487 12.49 23.91 -115.42
C LEU F 487 13.68 24.61 -114.79
N ASP F 488 13.81 24.49 -113.48
CA ASP F 488 14.93 25.06 -112.74
C ASP F 488 16.03 24.00 -112.70
N PHE F 489 17.11 24.22 -113.44
CA PHE F 489 18.26 23.34 -113.45
C PHE F 489 19.37 23.78 -112.51
N GLY F 490 19.21 24.91 -111.82
CA GLY F 490 20.26 25.46 -111.00
C GLY F 490 20.44 24.70 -109.71
N PRO F 491 21.46 25.09 -108.96
CA PRO F 491 21.71 24.48 -107.65
C PRO F 491 20.76 25.02 -106.59
N GLY F 492 20.78 24.36 -105.44
CA GLY F 492 20.02 24.77 -104.27
C GLY F 492 18.73 24.02 -104.07
N GLY F 493 18.13 23.49 -105.14
CA GLY F 493 16.89 22.76 -105.01
C GLY F 493 15.76 23.60 -104.45
N VAL F 494 15.37 23.32 -103.20
CA VAL F 494 14.31 24.09 -102.57
C VAL F 494 14.75 25.54 -102.36
N SER F 495 15.99 25.73 -101.93
CA SER F 495 16.55 27.06 -101.78
C SER F 495 17.11 27.63 -103.08
N GLY F 496 16.86 26.96 -104.21
CA GLY F 496 17.40 27.39 -105.48
C GLY F 496 16.56 28.48 -106.13
N LEU F 497 16.88 28.74 -107.39
CA LEU F 497 16.20 29.79 -108.15
C LEU F 497 14.76 29.43 -108.49
N GLY F 498 14.42 28.14 -108.46
CA GLY F 498 13.07 27.74 -108.88
C GLY F 498 11.99 28.27 -107.96
N VAL F 499 12.19 28.14 -106.65
CA VAL F 499 11.19 28.63 -105.70
C VAL F 499 11.08 30.15 -105.80
N LEU F 500 12.21 30.82 -106.01
CA LEU F 500 12.20 32.27 -106.22
C LEU F 500 11.37 32.63 -107.45
N THR F 501 11.57 31.92 -108.55
CA THR F 501 10.81 32.20 -109.76
C THR F 501 9.33 31.90 -109.54
N HIS F 502 9.03 30.88 -108.74
CA HIS F 502 7.64 30.59 -108.41
C HIS F 502 7.01 31.74 -107.64
N ARG F 503 7.73 32.29 -106.66
CA ARG F 503 7.22 33.44 -105.93
C ARG F 503 7.02 34.62 -106.87
N ASN F 504 7.95 34.82 -107.81
CA ASN F 504 7.86 35.94 -108.74
C ASN F 504 6.65 35.79 -109.66
N LYS F 505 6.39 34.58 -110.15
CA LYS F 505 5.36 34.32 -111.15
C LYS F 505 4.15 33.58 -110.58
N GLU F 506 3.91 33.69 -109.28
CA GLU F 506 2.82 32.96 -108.67
C GLU F 506 1.49 33.37 -109.30
N GLY F 507 0.73 32.38 -109.76
CA GLY F 507 -0.54 32.62 -110.39
C GLY F 507 -0.47 33.24 -111.77
N THR F 508 0.69 33.21 -112.43
CA THR F 508 0.81 33.65 -113.81
C THR F 508 0.69 32.49 -114.79
N GLY F 509 0.34 31.30 -114.31
CA GLY F 509 0.21 30.14 -115.16
C GLY F 509 1.50 29.40 -115.43
N ALA F 510 2.61 29.81 -114.82
CA ALA F 510 3.91 29.19 -115.01
C ALA F 510 4.18 28.23 -113.85
N ARG F 511 4.12 26.93 -114.13
CA ARG F 511 4.44 25.93 -113.13
C ARG F 511 5.95 25.69 -113.10
N ILE F 512 6.55 25.82 -111.92
CA ILE F 512 7.98 25.64 -111.75
C ILE F 512 8.25 24.21 -111.33
N ILE F 513 9.19 23.55 -112.00
CA ILE F 513 9.61 22.19 -111.70
C ILE F 513 11.10 22.24 -111.42
N LEU F 514 11.48 21.77 -110.22
CA LEU F 514 12.88 21.76 -109.81
C LEU F 514 13.55 20.53 -110.39
N ALA F 515 14.12 20.68 -111.59
CA ALA F 515 14.82 19.56 -112.21
C ALA F 515 16.08 19.19 -111.45
N GLY F 516 16.58 20.05 -110.57
CA GLY F 516 17.78 19.77 -109.83
C GLY F 516 17.62 18.81 -108.67
N THR F 517 16.41 18.65 -108.16
CA THR F 517 16.15 17.83 -106.98
C THR F 517 14.94 16.94 -107.23
N LEU F 518 15.00 15.73 -106.67
CA LEU F 518 13.90 14.78 -106.69
C LEU F 518 13.33 14.70 -105.28
N ASP F 519 12.03 14.93 -105.15
CA ASP F 519 11.36 14.82 -103.86
C ASP F 519 9.86 14.74 -104.11
N SER F 520 9.13 14.28 -103.10
CA SER F 520 7.68 14.28 -103.16
C SER F 520 7.17 15.71 -103.31
N ASN F 521 6.07 15.86 -104.04
CA ASN F 521 5.60 17.19 -104.36
C ASN F 521 5.18 17.92 -103.08
N PRO F 522 5.23 19.25 -103.07
CA PRO F 522 4.92 19.98 -101.84
C PRO F 522 3.47 19.77 -101.39
N ILE F 523 3.20 20.18 -100.15
CA ILE F 523 1.86 20.00 -99.59
C ILE F 523 0.83 20.74 -100.42
N ASP F 524 1.12 21.98 -100.80
CA ASP F 524 0.22 22.77 -101.64
C ASP F 524 0.32 22.41 -103.11
N ASP F 525 1.31 21.61 -103.53
CA ASP F 525 1.52 21.27 -104.93
C ASP F 525 1.70 22.53 -105.77
N GLU F 526 2.70 23.32 -105.37
CA GLU F 526 2.95 24.64 -105.96
C GLU F 526 4.03 24.60 -107.04
N TYR F 527 5.10 23.86 -106.81
CA TYR F 527 6.17 23.67 -107.79
C TYR F 527 6.51 22.20 -107.89
N GLY F 528 6.77 21.73 -109.10
CA GLY F 528 7.06 20.34 -109.34
C GLY F 528 8.47 19.96 -108.94
N PHE F 529 8.75 18.66 -109.07
CA PHE F 529 10.07 18.10 -108.80
C PHE F 529 10.50 17.30 -110.02
N LYS F 530 11.67 16.67 -109.93
CA LYS F 530 12.26 16.00 -111.09
C LYS F 530 11.35 14.93 -111.65
N HIS F 531 10.52 14.30 -110.81
CA HIS F 531 9.67 13.22 -111.28
C HIS F 531 8.65 13.71 -112.31
N GLU F 532 8.24 14.98 -112.22
CA GLU F 532 7.20 15.47 -113.12
C GLU F 532 7.70 15.58 -114.56
N ILE F 533 9.00 15.83 -114.74
CA ILE F 533 9.54 15.93 -116.09
C ILE F 533 9.49 14.57 -116.78
N PHE F 534 9.76 13.51 -116.04
CA PHE F 534 9.80 12.15 -116.58
C PHE F 534 8.51 11.39 -116.38
N GLN F 535 7.47 12.02 -115.83
CA GLN F 535 6.23 11.31 -115.58
C GLN F 535 5.60 10.80 -116.87
N THR F 536 5.16 9.54 -116.86
CA THR F 536 4.44 8.94 -117.96
C THR F 536 3.21 8.24 -117.40
N SER F 537 2.07 8.44 -118.05
CA SER F 537 0.83 7.80 -117.62
C SER F 537 -0.08 7.63 -118.81
N ALA F 538 -1.01 6.67 -118.70
CA ALA F 538 -1.96 6.42 -119.77
C ALA F 538 -2.85 7.64 -120.01
N ASP F 539 -3.30 8.29 -118.92
CA ASP F 539 -4.15 9.47 -119.06
C ASP F 539 -3.37 10.68 -119.57
N LYS F 540 -2.05 10.67 -119.47
CA LYS F 540 -1.19 11.75 -119.96
C LYS F 540 -1.49 13.09 -119.28
N ALA F 541 -1.95 13.05 -118.02
CA ALA F 541 -2.27 14.28 -117.31
C ALA F 541 -1.00 14.89 -116.72
N ILE F 542 -0.96 16.22 -116.70
CA ILE F 542 0.13 16.96 -116.09
C ILE F 542 -0.46 18.08 -115.22
N LYS F 543 0.29 18.45 -114.20
CA LYS F 543 -0.15 19.50 -113.29
C LYS F 543 0.08 20.87 -113.93
N TRP F 544 -0.94 21.71 -113.88
CA TRP F 544 -0.91 23.05 -114.44
C TRP F 544 -1.01 24.07 -113.31
N ALA F 545 -0.84 25.34 -113.67
CA ALA F 545 -0.95 26.44 -112.73
C ALA F 545 -1.98 27.44 -113.24
N PRO F 546 -2.64 28.18 -112.35
CA PRO F 546 -3.69 29.10 -112.82
C PRO F 546 -3.13 30.44 -113.25
N ASP F 547 -3.70 30.95 -114.34
CA ASP F 547 -3.38 32.28 -114.85
C ASP F 547 -4.51 33.21 -114.48
N TRP F 548 -4.27 34.05 -113.47
CA TRP F 548 -5.34 34.86 -112.88
C TRP F 548 -6.00 35.76 -113.92
N LEU F 549 -5.19 36.39 -114.78
CA LEU F 549 -5.74 37.36 -115.73
C LEU F 549 -6.79 36.72 -116.62
N LYS F 550 -6.38 35.74 -117.44
CA LYS F 550 -7.32 35.13 -118.37
C LYS F 550 -8.41 34.35 -117.65
N GLU F 551 -8.12 33.82 -116.45
CA GLU F 551 -9.13 33.05 -115.75
C GLU F 551 -10.17 33.93 -115.06
N LEU F 552 -9.87 35.22 -114.86
CA LEU F 552 -10.73 36.11 -114.10
C LEU F 552 -10.84 37.47 -114.77
N ARG F 553 -10.88 37.50 -116.10
CA ARG F 553 -11.16 38.76 -116.79
C ARG F 553 -12.57 39.21 -116.44
N PRO F 554 -12.77 40.47 -116.00
CA PRO F 554 -14.15 40.95 -115.88
C PRO F 554 -14.75 41.21 -117.25
N THR F 555 -15.60 40.29 -117.70
CA THR F 555 -16.24 40.39 -119.00
C THR F 555 -17.67 40.89 -118.83
N LEU F 556 -18.41 40.94 -119.93
CA LEU F 556 -19.76 41.48 -119.96
C LEU F 556 -20.70 40.46 -120.59
N VAL F 557 -21.93 40.42 -120.10
CA VAL F 557 -22.96 39.54 -120.62
C VAL F 557 -24.28 40.30 -120.71
N LYS F 558 -24.97 40.14 -121.83
CA LYS F 558 -26.26 40.77 -122.06
C LYS F 558 -27.35 39.70 -121.94
N ASN F 559 -28.41 40.02 -121.19
CA ASN F 559 -29.50 39.05 -121.04
C ASN F 559 -30.48 39.20 -122.20
N SER F 560 -31.48 38.33 -122.24
CA SER F 560 -32.47 38.37 -123.32
C SER F 560 -33.21 39.70 -123.34
N GLU F 561 -33.37 40.34 -122.19
CA GLU F 561 -34.05 41.63 -122.12
C GLU F 561 -33.16 42.80 -122.53
N GLY F 562 -31.91 42.54 -122.90
CA GLY F 562 -31.03 43.57 -123.39
C GLY F 562 -30.20 44.27 -122.34
N LYS F 563 -30.41 43.96 -121.06
CA LYS F 563 -29.64 44.61 -120.00
C LYS F 563 -28.29 43.91 -119.85
N ILE F 564 -27.27 44.70 -119.53
CA ILE F 564 -25.88 44.27 -119.60
C ILE F 564 -25.30 44.23 -118.19
N TYR F 565 -24.68 43.10 -117.84
CA TYR F 565 -24.07 42.87 -116.53
C TYR F 565 -22.57 42.63 -116.71
N VAL F 566 -21.82 42.90 -115.65
CA VAL F 566 -20.40 42.59 -115.58
C VAL F 566 -20.27 41.12 -115.19
N LYS F 567 -19.98 40.27 -116.16
CA LYS F 567 -19.71 38.87 -115.88
C LYS F 567 -18.52 38.77 -114.93
N THR F 568 -18.69 38.00 -113.86
CA THR F 568 -17.70 37.86 -112.79
C THR F 568 -18.23 36.76 -111.87
N LYS F 569 -17.36 36.26 -111.00
CA LYS F 569 -17.79 35.22 -110.06
C LYS F 569 -18.86 35.74 -109.10
N PHE F 570 -18.63 36.93 -108.54
CA PHE F 570 -19.61 37.51 -107.63
C PHE F 570 -20.92 37.83 -108.34
N SER F 571 -20.81 38.40 -109.55
CA SER F 571 -22.01 38.74 -110.30
C SER F 571 -22.78 37.48 -110.71
N GLN F 572 -22.06 36.41 -111.03
CA GLN F 572 -22.71 35.13 -111.31
C GLN F 572 -23.44 34.61 -110.08
N LEU F 573 -22.77 34.63 -108.93
CA LEU F 573 -23.38 34.10 -107.71
C LEU F 573 -24.62 34.89 -107.32
N LEU F 574 -24.57 36.21 -107.45
CA LEU F 574 -25.70 37.06 -107.08
C LEU F 574 -26.75 37.15 -108.19
N GLY F 575 -26.44 36.74 -109.40
CA GLY F 575 -27.35 37.00 -110.51
C GLY F 575 -27.57 38.48 -110.75
N ARG F 576 -26.60 39.30 -110.39
CA ARG F 576 -26.76 40.75 -110.40
C ARG F 576 -25.37 41.38 -110.56
N ALA F 577 -25.34 42.71 -110.57
CA ALA F 577 -24.10 43.44 -110.79
C ALA F 577 -23.13 43.17 -109.65
N PRO F 578 -21.79 43.23 -109.88
CA PRO F 578 -20.81 42.92 -108.83
C PRO F 578 -20.52 44.10 -107.89
N LEU F 579 -21.58 44.79 -107.47
CA LEU F 579 -21.50 45.88 -106.51
C LEU F 579 -22.51 45.61 -105.41
N MET F 580 -22.08 45.75 -104.17
CA MET F 580 -22.95 45.51 -103.03
C MET F 580 -22.75 46.60 -101.98
N VAL F 581 -23.76 46.76 -101.14
CA VAL F 581 -23.74 47.70 -100.03
C VAL F 581 -23.57 46.88 -98.75
N ALA F 582 -22.45 47.09 -98.06
CA ALA F 582 -22.17 46.31 -96.87
C ALA F 582 -23.06 46.75 -95.71
N GLY F 583 -23.28 45.83 -94.77
CA GLY F 583 -24.16 46.10 -93.65
C GLY F 583 -23.65 47.17 -92.71
N MET F 584 -24.40 48.26 -92.58
CA MET F 584 -24.08 49.36 -91.68
C MET F 584 -25.15 49.48 -90.59
N THR F 585 -24.68 49.55 -89.35
CA THR F 585 -25.59 49.61 -88.20
C THR F 585 -26.44 50.87 -88.17
N PRO F 586 -25.92 52.08 -88.45
CA PRO F 586 -26.83 53.24 -88.51
C PRO F 586 -27.56 53.35 -89.84
N THR F 587 -26.90 52.97 -90.93
CA THR F 587 -27.42 53.25 -92.27
C THR F 587 -28.25 52.09 -92.81
N THR F 588 -27.67 50.90 -92.93
CA THR F 588 -28.40 49.80 -93.54
C THR F 588 -29.35 49.12 -92.57
N VAL F 589 -29.35 49.51 -91.29
CA VAL F 589 -30.40 49.02 -90.39
C VAL F 589 -31.78 49.34 -90.95
N ASN F 590 -31.97 50.55 -91.44
CA ASN F 590 -33.30 50.99 -91.84
C ASN F 590 -33.77 50.22 -93.07
N THR F 591 -35.05 49.85 -93.07
CA THR F 591 -35.62 49.06 -94.15
C THR F 591 -35.69 49.82 -95.46
N ASP F 592 -35.78 51.15 -95.41
CA ASP F 592 -35.99 51.93 -96.62
C ASP F 592 -34.81 51.79 -97.58
N ILE F 593 -33.59 51.96 -97.07
CA ILE F 593 -32.41 51.89 -97.93
C ILE F 593 -32.22 50.47 -98.46
N VAL F 594 -32.46 49.47 -97.61
CA VAL F 594 -32.28 48.08 -98.04
C VAL F 594 -33.25 47.74 -99.16
N SER F 595 -34.53 48.09 -98.98
CA SER F 595 -35.52 47.81 -100.01
C SER F 595 -35.21 48.58 -101.28
N ALA F 596 -34.78 49.84 -101.16
CA ALA F 596 -34.47 50.62 -102.35
C ALA F 596 -33.29 50.04 -103.11
N SER F 597 -32.24 49.62 -102.40
CA SER F 597 -31.09 49.03 -103.06
C SER F 597 -31.47 47.73 -103.76
N LEU F 598 -32.24 46.87 -103.08
CA LEU F 598 -32.65 45.63 -103.71
C LEU F 598 -33.50 45.90 -104.94
N ASN F 599 -34.44 46.86 -104.86
CA ASN F 599 -35.27 47.18 -106.02
C ASN F 599 -34.43 47.72 -107.16
N ALA F 600 -33.43 48.55 -106.85
CA ALA F 600 -32.52 49.03 -107.88
C ALA F 600 -31.67 47.90 -108.45
N GLY F 601 -31.52 46.80 -107.73
CA GLY F 601 -30.87 45.62 -108.24
C GLY F 601 -29.43 45.44 -107.80
N TYR F 602 -29.10 45.76 -106.56
CA TYR F 602 -27.76 45.58 -106.02
C TYR F 602 -27.85 44.94 -104.64
N HIS F 603 -27.00 43.96 -104.41
CA HIS F 603 -27.01 43.25 -103.14
C HIS F 603 -26.72 44.22 -101.99
N ILE F 604 -27.43 44.03 -100.89
CA ILE F 604 -27.29 44.88 -99.72
C ILE F 604 -27.57 44.05 -98.48
N GLU F 605 -26.93 44.40 -97.37
CA GLU F 605 -27.02 43.65 -96.12
C GLU F 605 -27.74 44.49 -95.08
N LEU F 606 -28.86 43.97 -94.57
CA LEU F 606 -29.53 44.56 -93.43
C LEU F 606 -28.69 44.31 -92.18
N ALA F 607 -28.28 45.38 -91.52
CA ALA F 607 -27.42 45.28 -90.35
C ALA F 607 -28.26 44.98 -89.12
N GLY F 608 -27.83 44.01 -88.32
CA GLY F 608 -28.52 43.65 -87.10
C GLY F 608 -28.10 44.41 -85.86
N GLY F 609 -27.14 45.33 -85.98
CA GLY F 609 -26.70 46.07 -84.81
C GLY F 609 -27.79 46.95 -84.23
N GLY F 610 -28.64 47.50 -85.09
CA GLY F 610 -29.76 48.30 -84.65
C GLY F 610 -31.00 47.51 -84.30
N TYR F 611 -30.91 46.18 -84.28
CA TYR F 611 -31.97 45.32 -83.80
C TYR F 611 -31.49 44.55 -82.59
N PHE F 612 -32.41 44.28 -81.66
CA PHE F 612 -32.07 43.63 -80.39
C PHE F 612 -33.02 42.51 -80.00
N SER F 613 -34.09 42.27 -80.76
CA SER F 613 -34.99 41.17 -80.47
C SER F 613 -35.42 40.48 -81.77
N PRO F 614 -35.70 39.17 -81.72
CA PRO F 614 -36.22 38.51 -82.92
C PRO F 614 -37.50 39.16 -83.44
N VAL F 615 -38.35 39.66 -82.54
CA VAL F 615 -39.60 40.28 -82.99
C VAL F 615 -39.29 41.52 -83.83
N MET F 616 -38.40 42.38 -83.34
CA MET F 616 -38.05 43.60 -84.08
C MET F 616 -37.40 43.26 -85.42
N MET F 617 -36.45 42.32 -85.41
CA MET F 617 -35.76 41.97 -86.63
C MET F 617 -36.71 41.32 -87.64
N THR F 618 -37.62 40.47 -87.17
CA THR F 618 -38.59 39.84 -88.05
C THR F 618 -39.56 40.86 -88.62
N ARG F 619 -39.95 41.86 -87.83
CA ARG F 619 -40.79 42.92 -88.35
C ARG F 619 -40.09 43.68 -89.46
N ALA F 620 -38.81 44.02 -89.26
CA ALA F 620 -38.05 44.71 -90.29
C ALA F 620 -37.91 43.86 -91.55
N ILE F 621 -37.60 42.57 -91.38
CA ILE F 621 -37.46 41.69 -92.53
C ILE F 621 -38.80 41.54 -93.25
N ASP F 622 -39.91 41.50 -92.50
CA ASP F 622 -41.22 41.44 -93.12
C ASP F 622 -41.46 42.67 -93.97
N ASP F 623 -41.13 43.85 -93.45
CA ASP F 623 -41.33 45.07 -94.23
C ASP F 623 -40.47 45.04 -95.49
N ILE F 624 -39.21 44.61 -95.36
CA ILE F 624 -38.32 44.56 -96.51
C ILE F 624 -38.86 43.60 -97.56
N VAL F 625 -39.29 42.41 -97.13
CA VAL F 625 -39.79 41.40 -98.05
C VAL F 625 -41.05 41.91 -98.75
N SER F 626 -41.97 42.51 -97.99
CA SER F 626 -43.18 43.06 -98.58
C SER F 626 -42.89 44.18 -99.57
N ARG F 627 -41.81 44.94 -99.37
CA ARG F 627 -41.50 46.08 -100.22
C ARG F 627 -40.64 45.75 -101.43
N ILE F 628 -39.85 44.68 -101.37
CA ILE F 628 -38.97 44.35 -102.49
C ILE F 628 -39.75 43.58 -103.55
N LYS F 629 -39.12 43.46 -104.73
CA LYS F 629 -39.72 42.72 -105.83
C LYS F 629 -39.64 41.23 -105.56
N PRO F 630 -40.56 40.43 -106.11
CA PRO F 630 -40.49 38.99 -105.89
C PRO F 630 -39.20 38.40 -106.46
N GLY F 631 -38.64 37.44 -105.72
CA GLY F 631 -37.44 36.77 -106.16
C GLY F 631 -36.16 37.48 -105.78
N TYR F 632 -36.22 38.60 -105.09
CA TYR F 632 -35.05 39.37 -104.72
C TYR F 632 -34.63 38.98 -103.30
N GLY F 633 -33.44 38.42 -103.17
CA GLY F 633 -32.97 37.97 -101.89
C GLY F 633 -32.56 39.12 -100.99
N LEU F 634 -32.29 38.77 -99.74
CA LEU F 634 -31.85 39.72 -98.72
C LEU F 634 -30.64 39.15 -97.99
N GLY F 635 -29.63 39.98 -97.80
CA GLY F 635 -28.48 39.63 -96.98
C GLY F 635 -28.63 40.23 -95.60
N ILE F 636 -28.04 39.56 -94.61
CA ILE F 636 -28.09 40.00 -93.22
C ILE F 636 -26.66 40.07 -92.70
N ASN F 637 -26.35 41.16 -92.01
CA ASN F 637 -25.03 41.40 -91.43
C ASN F 637 -25.14 41.30 -89.91
N LEU F 638 -24.30 40.48 -89.31
CA LEU F 638 -24.22 40.31 -87.87
C LEU F 638 -22.79 40.58 -87.43
N ILE F 639 -22.61 40.80 -86.13
CA ILE F 639 -21.32 41.14 -85.55
C ILE F 639 -20.88 39.96 -84.71
N TYR F 640 -19.67 39.46 -84.96
CA TYR F 640 -19.17 38.31 -84.21
C TYR F 640 -18.82 38.67 -82.77
N VAL F 641 -18.36 39.90 -82.52
CA VAL F 641 -17.98 40.31 -81.17
C VAL F 641 -19.18 40.44 -80.24
N ASN F 642 -20.40 40.41 -80.77
CA ASN F 642 -21.62 40.60 -80.00
C ASN F 642 -22.33 39.27 -79.86
N PRO F 643 -22.28 38.59 -78.71
CA PRO F 643 -22.86 37.24 -78.65
C PRO F 643 -24.38 37.25 -78.62
N PHE F 644 -24.98 38.29 -78.01
CA PHE F 644 -26.43 38.33 -77.90
C PHE F 644 -27.10 38.42 -79.26
N MET F 645 -26.60 39.30 -80.13
CA MET F 645 -27.19 39.46 -81.45
C MET F 645 -27.15 38.16 -82.23
N LEU F 646 -25.99 37.50 -82.26
CA LEU F 646 -25.91 36.22 -82.95
C LEU F 646 -26.81 35.19 -82.30
N GLN F 647 -26.88 35.19 -80.96
CA GLN F 647 -27.69 34.21 -80.26
C GLN F 647 -29.15 34.27 -80.66
N TRP F 648 -29.71 35.48 -80.76
CA TRP F 648 -31.11 35.59 -81.16
C TRP F 648 -31.31 35.72 -82.67
N GLY F 649 -30.23 35.91 -83.44
CA GLY F 649 -30.39 36.14 -84.87
C GLY F 649 -30.21 34.88 -85.69
N ILE F 650 -29.22 34.06 -85.35
CA ILE F 650 -29.02 32.80 -86.08
C ILE F 650 -30.25 31.91 -85.99
N PRO F 651 -30.86 31.69 -84.83
CA PRO F 651 -32.15 31.00 -84.83
C PRO F 651 -33.21 31.70 -85.65
N LEU F 652 -33.23 33.03 -85.64
CA LEU F 652 -34.19 33.75 -86.46
C LEU F 652 -33.97 33.51 -87.94
N ILE F 653 -32.70 33.54 -88.38
CA ILE F 653 -32.42 33.29 -89.79
C ILE F 653 -32.81 31.87 -90.16
N LYS F 654 -32.50 30.91 -89.29
CA LYS F 654 -32.87 29.52 -89.58
C LYS F 654 -34.38 29.35 -89.68
N ASP F 655 -35.12 29.96 -88.75
CA ASP F 655 -36.58 29.86 -88.77
C ASP F 655 -37.16 30.54 -90.01
N LEU F 656 -36.65 31.72 -90.34
CA LEU F 656 -37.15 32.42 -91.52
C LEU F 656 -36.84 31.63 -92.80
N ARG F 657 -35.69 30.97 -92.84
CA ARG F 657 -35.33 30.19 -94.03
C ARG F 657 -36.21 28.96 -94.16
N GLU F 658 -36.41 28.22 -93.06
CA GLU F 658 -37.28 27.05 -93.13
C GLU F 658 -38.73 27.45 -93.33
N LYS F 659 -39.10 28.70 -93.02
CA LYS F 659 -40.40 29.25 -93.39
C LYS F 659 -40.44 29.76 -94.81
N GLY F 660 -39.29 29.92 -95.47
CA GLY F 660 -39.23 30.27 -96.87
C GLY F 660 -38.92 31.71 -97.19
N TYR F 661 -38.40 32.47 -96.22
CA TYR F 661 -38.12 33.87 -96.48
C TYR F 661 -36.96 34.01 -97.45
N PRO F 662 -36.84 35.15 -98.15
CA PRO F 662 -35.73 35.37 -99.09
C PRO F 662 -34.46 35.91 -98.44
N ILE F 663 -34.04 35.27 -97.36
CA ILE F 663 -32.75 35.56 -96.74
C ILE F 663 -31.69 34.88 -97.61
N GLN F 664 -31.09 35.64 -98.51
CA GLN F 664 -30.17 35.05 -99.48
C GLN F 664 -28.84 34.70 -98.82
N SER F 665 -28.41 35.48 -97.83
CA SER F 665 -27.08 35.31 -97.28
C SER F 665 -26.99 35.91 -95.88
N LEU F 666 -25.93 35.53 -95.18
CA LEU F 666 -25.59 36.07 -93.86
C LEU F 666 -24.13 36.48 -93.88
N THR F 667 -23.84 37.68 -93.38
CA THR F 667 -22.49 38.20 -93.30
C THR F 667 -22.05 38.32 -91.85
N ILE F 668 -20.83 37.88 -91.58
CA ILE F 668 -20.21 37.95 -90.26
C ILE F 668 -19.10 38.99 -90.33
N GLY F 669 -19.29 40.08 -89.58
CA GLY F 669 -18.31 41.14 -89.49
C GLY F 669 -17.64 41.19 -88.13
N ALA F 670 -16.54 41.95 -88.04
CA ALA F 670 -15.78 42.08 -86.80
C ALA F 670 -15.32 40.72 -86.26
N GLY F 671 -14.90 39.85 -87.16
CA GLY F 671 -14.41 38.53 -86.77
C GLY F 671 -14.84 37.48 -87.76
N VAL F 672 -14.17 36.33 -87.68
CA VAL F 672 -14.45 35.18 -88.53
C VAL F 672 -14.77 34.00 -87.62
N PRO F 673 -15.89 33.29 -87.80
CA PRO F 673 -16.15 32.11 -86.97
C PRO F 673 -15.13 31.01 -87.25
N SER F 674 -15.04 30.08 -86.29
CA SER F 674 -14.18 28.92 -86.46
C SER F 674 -14.81 27.98 -87.49
N ILE F 675 -14.08 26.92 -87.83
CA ILE F 675 -14.57 25.97 -88.83
C ILE F 675 -15.84 25.29 -88.34
N GLU F 676 -15.89 24.94 -87.05
CA GLU F 676 -17.02 24.16 -86.55
C GLU F 676 -18.29 25.00 -86.49
N VAL F 677 -18.18 26.28 -86.13
CA VAL F 677 -19.34 27.16 -86.18
C VAL F 677 -19.71 27.46 -87.62
N ALA F 678 -18.70 27.65 -88.47
CA ALA F 678 -18.96 27.96 -89.87
C ALA F 678 -19.77 26.86 -90.53
N THR F 679 -19.29 25.61 -90.43
CA THR F 679 -20.00 24.50 -91.09
C THR F 679 -21.43 24.38 -90.60
N GLU F 680 -21.69 24.71 -89.33
CA GLU F 680 -23.07 24.77 -88.86
C GLU F 680 -23.84 25.84 -89.63
N TYR F 681 -23.24 27.03 -89.79
CA TYR F 681 -23.91 28.09 -90.54
C TYR F 681 -24.20 27.64 -91.99
N ILE F 682 -23.24 26.97 -92.62
CA ILE F 682 -23.43 26.54 -94.00
C ILE F 682 -24.53 25.51 -94.10
N GLU F 683 -24.48 24.47 -93.27
CA GLU F 683 -25.33 23.32 -93.47
C GLU F 683 -26.74 23.52 -92.92
N ASP F 684 -26.90 24.25 -91.82
CA ASP F 684 -28.20 24.32 -91.17
C ASP F 684 -29.07 25.45 -91.70
N LEU F 685 -28.47 26.61 -91.97
CA LEU F 685 -29.26 27.78 -92.33
C LEU F 685 -29.82 27.73 -93.75
N GLY F 686 -29.27 26.87 -94.62
CA GLY F 686 -29.75 26.78 -95.98
C GLY F 686 -29.60 28.08 -96.76
N LEU F 687 -28.41 28.67 -96.71
CA LEU F 687 -28.13 29.94 -97.36
C LEU F 687 -27.48 29.72 -98.72
N THR F 688 -27.58 30.75 -99.57
CA THR F 688 -26.90 30.70 -100.86
C THR F 688 -25.40 30.91 -100.71
N HIS F 689 -24.99 31.86 -99.86
CA HIS F 689 -23.58 32.13 -99.65
C HIS F 689 -23.40 32.79 -98.30
N LEU F 690 -22.23 32.53 -97.70
CA LEU F 690 -21.86 33.08 -96.41
C LEU F 690 -20.79 34.14 -96.60
N GLY F 691 -21.07 35.35 -96.15
CA GLY F 691 -20.11 36.45 -96.20
C GLY F 691 -19.32 36.51 -94.90
N LEU F 692 -18.03 36.78 -95.03
CA LEU F 692 -17.13 36.91 -93.90
C LEU F 692 -16.28 38.15 -94.14
N LYS F 693 -15.90 38.82 -93.05
CA LYS F 693 -15.06 40.02 -93.13
C LYS F 693 -13.79 39.82 -92.31
N PRO F 694 -12.75 39.25 -92.91
CA PRO F 694 -11.44 39.20 -92.24
C PRO F 694 -10.88 40.59 -92.03
N GLY F 695 -10.10 40.75 -90.96
CA GLY F 695 -9.38 41.97 -90.68
C GLY F 695 -7.87 41.80 -90.72
N SER F 696 -7.40 40.56 -90.86
CA SER F 696 -5.96 40.30 -90.86
C SER F 696 -5.73 38.96 -91.54
N VAL F 697 -4.44 38.65 -91.76
CA VAL F 697 -4.08 37.43 -92.46
C VAL F 697 -4.53 36.20 -91.70
N ASP F 698 -4.57 36.27 -90.37
CA ASP F 698 -5.07 35.14 -89.59
C ASP F 698 -6.54 34.86 -89.90
N ALA F 699 -7.35 35.92 -89.97
CA ALA F 699 -8.75 35.75 -90.33
C ALA F 699 -8.89 35.29 -91.78
N ILE F 700 -8.02 35.77 -92.66
CA ILE F 700 -8.04 35.31 -94.06
C ILE F 700 -7.77 33.81 -94.10
N SER F 701 -6.80 33.34 -93.34
CA SER F 701 -6.52 31.92 -93.27
C SER F 701 -7.70 31.15 -92.70
N GLN F 702 -8.40 31.74 -91.73
CA GLN F 702 -9.61 31.10 -91.21
C GLN F 702 -10.66 30.94 -92.29
N VAL F 703 -10.90 31.99 -93.09
CA VAL F 703 -11.89 31.89 -94.16
C VAL F 703 -11.45 30.87 -95.20
N ILE F 704 -10.15 30.82 -95.50
CA ILE F 704 -9.66 29.82 -96.44
C ILE F 704 -9.85 28.42 -95.88
N ALA F 705 -9.71 28.27 -94.56
CA ALA F 705 -9.98 26.97 -93.94
C ALA F 705 -11.44 26.58 -94.12
N ILE F 706 -12.35 27.53 -93.92
CA ILE F 706 -13.77 27.25 -94.14
C ILE F 706 -14.02 26.86 -95.60
N ALA F 707 -13.38 27.58 -96.52
CA ALA F 707 -13.56 27.29 -97.95
C ALA F 707 -13.05 25.90 -98.30
N LYS F 708 -11.89 25.51 -97.77
CA LYS F 708 -11.39 24.15 -97.99
C LYS F 708 -12.35 23.13 -97.39
N ALA F 709 -12.92 23.43 -96.22
CA ALA F 709 -13.86 22.51 -95.61
C ALA F 709 -15.13 22.36 -96.44
N HIS F 710 -15.52 23.40 -97.16
CA HIS F 710 -16.71 23.39 -98.02
C HIS F 710 -16.33 23.86 -99.42
N PRO F 711 -15.70 22.99 -100.21
CA PRO F 711 -15.28 23.41 -101.56
C PRO F 711 -16.42 23.74 -102.50
N THR F 712 -17.64 23.29 -102.20
CA THR F 712 -18.76 23.47 -103.12
C THR F 712 -19.70 24.60 -102.73
N PHE F 713 -19.54 25.17 -101.54
CA PHE F 713 -20.40 26.25 -101.08
C PHE F 713 -19.73 27.60 -101.31
N PRO F 714 -20.36 28.56 -102.00
CA PRO F 714 -19.72 29.87 -102.15
C PRO F 714 -19.49 30.55 -100.80
N ILE F 715 -18.32 31.14 -100.65
CA ILE F 715 -17.95 31.88 -99.45
C ILE F 715 -17.44 33.24 -99.90
N VAL F 716 -18.18 34.29 -99.56
CA VAL F 716 -17.76 35.64 -99.94
C VAL F 716 -16.78 36.14 -98.88
N LEU F 717 -15.57 36.49 -99.33
CA LEU F 717 -14.55 37.09 -98.47
C LEU F 717 -14.56 38.58 -98.78
N GLN F 718 -15.16 39.37 -97.91
CA GLN F 718 -15.28 40.81 -98.10
C GLN F 718 -14.07 41.47 -97.46
N TRP F 719 -12.97 41.53 -98.20
CA TRP F 719 -11.77 42.16 -97.70
C TRP F 719 -11.98 43.66 -97.57
N THR F 720 -11.68 44.19 -96.40
CA THR F 720 -11.77 45.62 -96.13
C THR F 720 -10.51 46.04 -95.38
N GLY F 721 -9.79 47.00 -95.93
CA GLY F 721 -8.61 47.50 -95.28
C GLY F 721 -8.96 48.36 -94.07
N GLY F 722 -7.92 48.78 -93.36
CA GLY F 722 -8.12 49.65 -92.22
C GLY F 722 -8.65 51.03 -92.59
N ARG F 723 -8.61 51.38 -93.88
CA ARG F 723 -9.06 52.68 -94.34
C ARG F 723 -10.58 52.80 -94.46
N GLY F 724 -11.32 51.72 -94.23
CA GLY F 724 -12.77 51.80 -94.33
C GLY F 724 -13.38 52.55 -93.18
N GLY F 725 -14.62 53.00 -93.40
CA GLY F 725 -15.32 53.73 -92.37
C GLY F 725 -15.79 52.83 -91.24
N GLY F 726 -16.22 53.48 -90.15
CA GLY F 726 -16.66 52.74 -88.99
C GLY F 726 -15.52 51.94 -88.39
N HIS F 727 -15.87 50.80 -87.79
CA HIS F 727 -14.87 49.89 -87.27
C HIS F 727 -13.94 49.46 -88.40
N HIS F 728 -12.64 49.43 -88.12
CA HIS F 728 -11.65 49.10 -89.14
C HIS F 728 -10.45 48.44 -88.49
N SER F 729 -9.72 47.68 -89.30
CA SER F 729 -8.51 47.01 -88.85
C SER F 729 -7.32 47.95 -88.93
N PHE F 730 -6.15 47.44 -88.54
CA PHE F 730 -4.91 48.19 -88.62
C PHE F 730 -4.10 47.88 -89.87
N GLU F 731 -4.60 47.02 -90.74
CA GLU F 731 -3.86 46.52 -91.89
C GLU F 731 -4.07 47.39 -93.12
N ASP F 732 -3.04 47.49 -93.94
CA ASP F 732 -3.16 48.16 -95.22
C ASP F 732 -4.11 47.38 -96.12
N PHE F 733 -4.79 48.10 -97.00
CA PHE F 733 -5.77 47.45 -97.87
C PHE F 733 -5.12 46.45 -98.82
N HIS F 734 -3.85 46.67 -99.18
CA HIS F 734 -3.21 45.92 -100.26
C HIS F 734 -2.29 44.81 -99.77
N GLN F 735 -1.51 45.04 -98.72
CA GLN F 735 -0.43 44.13 -98.38
C GLN F 735 -0.91 42.73 -98.02
N PRO F 736 -1.91 42.55 -97.15
CA PRO F 736 -2.39 41.17 -96.90
C PRO F 736 -2.94 40.50 -98.15
N ILE F 737 -3.55 41.29 -99.04
CA ILE F 737 -4.13 40.73 -100.25
C ILE F 737 -3.03 40.14 -101.14
N ILE F 738 -1.88 40.81 -101.20
CA ILE F 738 -0.80 40.35 -102.08
C ILE F 738 -0.36 38.94 -101.68
N GLN F 739 -0.19 38.72 -100.38
CA GLN F 739 0.29 37.41 -99.94
C GLN F 739 -0.82 36.36 -99.96
N MET F 740 -2.05 36.74 -99.61
CA MET F 740 -3.10 35.75 -99.41
C MET F 740 -3.97 35.51 -100.65
N TYR F 741 -3.83 36.32 -101.71
CA TYR F 741 -4.72 36.19 -102.85
C TYR F 741 -4.49 34.87 -103.57
N SER F 742 -3.23 34.46 -103.72
CA SER F 742 -2.94 33.17 -104.33
C SER F 742 -3.50 32.03 -103.50
N LYS F 743 -3.37 32.12 -102.17
CA LYS F 743 -3.95 31.09 -101.31
C LYS F 743 -5.47 31.13 -101.35
N ILE F 744 -6.05 32.33 -101.49
CA ILE F 744 -7.49 32.45 -101.64
C ILE F 744 -7.93 31.82 -102.97
N ARG F 745 -7.25 32.19 -104.05
CA ARG F 745 -7.63 31.69 -105.37
C ARG F 745 -7.32 30.20 -105.53
N ARG F 746 -6.53 29.62 -104.62
CA ARG F 746 -6.40 28.17 -104.58
C ARG F 746 -7.76 27.50 -104.32
N CYS F 747 -8.70 28.21 -103.72
CA CYS F 747 -10.06 27.74 -103.52
C CYS F 747 -10.98 28.40 -104.53
N SER F 748 -11.69 27.59 -105.32
CA SER F 748 -12.55 28.11 -106.37
C SER F 748 -13.92 28.54 -105.87
N ASN F 749 -14.21 28.36 -104.58
CA ASN F 749 -15.49 28.75 -104.02
C ASN F 749 -15.44 30.07 -103.27
N ILE F 750 -14.25 30.65 -103.08
CA ILE F 750 -14.16 31.96 -102.44
C ILE F 750 -14.42 33.04 -103.48
N VAL F 751 -15.29 33.99 -103.12
CA VAL F 751 -15.58 35.16 -103.94
C VAL F 751 -15.00 36.36 -103.21
N LEU F 752 -13.92 36.91 -103.76
CA LEU F 752 -13.17 37.98 -103.12
C LEU F 752 -13.79 39.32 -103.50
N VAL F 753 -14.19 40.09 -102.49
CA VAL F 753 -14.86 41.38 -102.68
C VAL F 753 -13.98 42.45 -102.04
N ALA F 754 -13.83 43.57 -102.74
CA ALA F 754 -12.99 44.66 -102.28
C ALA F 754 -13.84 45.73 -101.59
N GLY F 755 -13.31 46.29 -100.50
CA GLY F 755 -13.97 47.40 -99.85
C GLY F 755 -13.01 48.45 -99.33
N SER F 756 -13.48 49.26 -98.38
CA SER F 756 -12.65 50.21 -97.66
C SER F 756 -12.05 51.26 -98.61
N GLY F 757 -12.94 52.11 -99.12
CA GLY F 757 -12.51 53.32 -99.80
C GLY F 757 -12.94 53.43 -101.25
N PHE F 758 -14.10 52.86 -101.58
CA PHE F 758 -14.60 52.81 -102.94
C PHE F 758 -15.87 53.63 -103.05
N GLY F 759 -15.90 54.55 -104.02
CA GLY F 759 -17.09 55.32 -104.29
C GLY F 759 -17.31 55.70 -105.74
N SER F 760 -16.49 55.17 -106.67
CA SER F 760 -16.60 55.59 -108.06
C SER F 760 -16.03 54.53 -108.98
N ASP F 761 -16.52 54.56 -110.22
CA ASP F 761 -16.10 53.58 -111.22
C ASP F 761 -14.61 53.68 -111.52
N GLU F 762 -14.09 54.90 -111.64
CA GLU F 762 -12.69 55.07 -112.01
C GLU F 762 -11.76 54.52 -110.93
N ASP F 763 -12.11 54.73 -109.66
CA ASP F 763 -11.27 54.24 -108.58
C ASP F 763 -11.53 52.79 -108.24
N THR F 764 -12.64 52.22 -108.71
CA THR F 764 -12.94 50.81 -108.43
C THR F 764 -12.47 49.87 -109.53
N TYR F 765 -12.46 50.31 -110.77
CA TYR F 765 -12.09 49.43 -111.88
C TYR F 765 -10.69 48.82 -111.74
N PRO F 766 -9.66 49.55 -111.27
CA PRO F 766 -8.34 48.89 -111.15
C PRO F 766 -8.36 47.66 -110.28
N TYR F 767 -9.26 47.59 -109.30
CA TYR F 767 -9.35 46.42 -108.44
C TYR F 767 -10.20 45.33 -109.09
N LEU F 768 -11.24 45.72 -109.83
CA LEU F 768 -12.04 44.75 -110.53
C LEU F 768 -11.22 44.03 -111.61
N SER F 769 -10.53 44.80 -112.45
CA SER F 769 -9.73 44.23 -113.53
C SER F 769 -8.43 43.63 -113.03
N GLY F 770 -7.89 44.15 -111.93
CA GLY F 770 -6.67 43.62 -111.34
C GLY F 770 -5.41 44.37 -111.68
N TYR F 771 -5.49 45.41 -112.51
CA TYR F 771 -4.29 46.15 -112.88
C TYR F 771 -3.70 46.93 -111.70
N TRP F 772 -4.42 47.05 -110.59
CA TRP F 772 -3.88 47.75 -109.42
C TRP F 772 -2.55 47.15 -108.98
N SER F 773 -2.39 45.84 -109.15
CA SER F 773 -1.17 45.18 -108.71
C SER F 773 0.04 45.50 -109.58
N GLU F 774 -0.17 46.09 -110.77
CA GLU F 774 0.97 46.42 -111.61
C GLU F 774 1.85 47.47 -110.94
N LYS F 775 1.24 48.40 -110.20
CA LYS F 775 2.00 49.43 -109.52
C LYS F 775 2.90 48.88 -108.42
N PHE F 776 2.63 47.66 -107.95
CA PHE F 776 3.44 47.00 -106.94
C PHE F 776 4.41 45.99 -107.54
N ASN F 777 4.57 45.99 -108.87
CA ASN F 777 5.40 45.01 -109.56
C ASN F 777 4.91 43.60 -109.27
N TYR F 778 3.62 43.38 -109.52
CA TYR F 778 2.97 42.09 -109.34
C TYR F 778 2.07 41.83 -110.54
N PRO F 779 1.73 40.56 -110.81
CA PRO F 779 0.83 40.27 -111.91
C PRO F 779 -0.57 40.77 -111.60
N PRO F 780 -1.43 40.93 -112.60
CA PRO F 780 -2.78 41.44 -112.33
C PRO F 780 -3.55 40.55 -111.38
N MET F 781 -4.31 41.17 -110.49
CA MET F 781 -5.02 40.49 -109.41
C MET F 781 -6.45 40.99 -109.37
N PRO F 782 -7.28 40.54 -110.32
CA PRO F 782 -8.67 41.02 -110.35
C PRO F 782 -9.46 40.60 -109.13
N PHE F 783 -10.40 41.46 -108.72
CA PHE F 783 -11.32 41.19 -107.64
C PHE F 783 -12.66 40.77 -108.22
N ASP F 784 -13.38 39.93 -107.48
CA ASP F 784 -14.68 39.46 -107.94
C ASP F 784 -15.80 40.46 -107.70
N GLY F 785 -15.60 41.45 -106.84
CA GLY F 785 -16.65 42.42 -106.58
C GLY F 785 -16.13 43.56 -105.73
N VAL F 786 -16.97 44.57 -105.57
CA VAL F 786 -16.67 45.75 -104.78
C VAL F 786 -17.85 46.03 -103.86
N LEU F 787 -17.56 46.22 -102.58
CA LEU F 787 -18.57 46.61 -101.59
C LEU F 787 -18.43 48.09 -101.29
N PHE F 788 -19.55 48.78 -101.12
CA PHE F 788 -19.59 50.21 -100.87
C PHE F 788 -20.23 50.48 -99.51
N GLY F 789 -19.51 51.22 -98.68
CA GLY F 789 -19.96 51.59 -97.35
C GLY F 789 -20.30 53.06 -97.27
N SER F 790 -19.35 53.87 -96.81
CA SER F 790 -19.55 55.29 -96.60
C SER F 790 -20.12 56.02 -97.82
N ARG F 791 -19.96 55.47 -99.02
CA ARG F 791 -20.40 56.18 -100.22
C ARG F 791 -21.91 56.40 -100.21
N VAL F 792 -22.68 55.41 -99.76
CA VAL F 792 -24.13 55.43 -99.90
C VAL F 792 -24.82 56.04 -98.68
N MET F 793 -24.07 56.63 -97.75
CA MET F 793 -24.70 57.22 -96.58
C MET F 793 -25.40 58.53 -96.92
N THR F 794 -24.92 59.26 -97.93
CA THR F 794 -25.57 60.48 -98.38
C THR F 794 -26.72 60.22 -99.34
N SER F 795 -27.17 58.98 -99.48
CA SER F 795 -28.24 58.67 -100.42
C SER F 795 -29.57 59.20 -99.90
N LYS F 796 -30.51 59.37 -100.83
CA LYS F 796 -31.83 59.88 -100.46
C LYS F 796 -32.53 58.96 -99.48
N GLU F 797 -32.46 57.65 -99.70
CA GLU F 797 -33.20 56.71 -98.89
C GLU F 797 -32.56 56.47 -97.53
N SER F 798 -31.29 56.83 -97.37
CA SER F 798 -30.65 56.70 -96.07
C SER F 798 -31.32 57.63 -95.05
N HIS F 799 -31.50 57.12 -93.85
CA HIS F 799 -32.16 57.87 -92.79
C HIS F 799 -31.21 58.82 -92.05
N THR F 800 -29.96 58.93 -92.49
CA THR F 800 -29.03 59.87 -91.88
C THR F 800 -29.57 61.29 -92.01
N SER F 801 -29.33 62.09 -90.97
CA SER F 801 -29.89 63.43 -90.92
C SER F 801 -29.34 64.28 -92.06
N LEU F 802 -30.13 65.27 -92.47
CA LEU F 802 -29.72 66.14 -93.56
C LEU F 802 -28.44 66.89 -93.21
N ALA F 803 -28.35 67.39 -91.97
CA ALA F 803 -27.14 68.07 -91.54
C ALA F 803 -25.95 67.13 -91.54
N ALA F 804 -26.16 65.87 -91.14
CA ALA F 804 -25.09 64.88 -91.19
C ALA F 804 -24.62 64.66 -92.62
N LYS F 805 -25.56 64.61 -93.56
CA LYS F 805 -25.18 64.45 -94.97
C LYS F 805 -24.39 65.66 -95.45
N LYS F 806 -24.81 66.87 -95.06
CA LYS F 806 -24.06 68.06 -95.47
C LYS F 806 -22.66 68.04 -94.90
N LEU F 807 -22.50 67.61 -93.65
CA LEU F 807 -21.17 67.53 -93.05
C LEU F 807 -20.34 66.45 -93.72
N ILE F 808 -20.97 65.35 -94.13
CA ILE F 808 -20.26 64.30 -94.86
C ILE F 808 -19.72 64.85 -96.17
N VAL F 809 -20.56 65.61 -96.89
CA VAL F 809 -20.11 66.20 -98.15
C VAL F 809 -19.02 67.23 -97.90
N GLU F 810 -19.12 67.98 -96.80
CA GLU F 810 -18.08 68.94 -96.45
C GLU F 810 -16.76 68.27 -96.15
N CYS F 811 -16.78 67.05 -95.61
CA CYS F 811 -15.56 66.29 -95.39
C CYS F 811 -14.92 65.97 -96.74
N LYS F 812 -13.68 66.41 -96.94
CA LYS F 812 -13.02 66.24 -98.23
C LYS F 812 -12.42 64.86 -98.39
N GLY F 813 -11.97 64.24 -97.31
CA GLY F 813 -11.29 62.95 -97.41
C GLY F 813 -9.84 63.11 -97.84
N VAL F 814 -9.19 61.96 -98.04
CA VAL F 814 -7.79 61.94 -98.45
C VAL F 814 -7.54 60.70 -99.30
N PRO F 815 -6.43 60.68 -100.05
CA PRO F 815 -6.04 59.45 -100.74
C PRO F 815 -5.54 58.39 -99.77
N ASP F 816 -5.18 57.21 -100.29
CA ASP F 816 -4.78 56.10 -99.43
C ASP F 816 -3.43 56.34 -98.78
N GLN F 817 -2.59 57.21 -99.34
CA GLN F 817 -1.24 57.37 -98.82
C GLN F 817 -1.21 57.98 -97.42
N GLN F 818 -2.29 58.65 -96.99
CA GLN F 818 -2.30 59.32 -95.69
C GLN F 818 -3.65 59.14 -94.99
N TRP F 819 -4.21 57.93 -95.08
CA TRP F 819 -5.40 57.63 -94.27
C TRP F 819 -5.04 57.24 -92.85
N GLU F 820 -3.80 56.79 -92.61
CA GLU F 820 -3.42 56.28 -91.29
C GLU F 820 -3.15 57.40 -90.29
N GLN F 821 -2.93 58.62 -90.75
CA GLN F 821 -2.73 59.75 -89.84
C GLN F 821 -4.03 60.25 -89.22
N THR F 822 -5.15 59.55 -89.44
CA THR F 822 -6.35 59.80 -88.65
C THR F 822 -6.13 59.50 -87.17
N TYR F 823 -5.22 58.57 -86.86
CA TYR F 823 -5.02 58.15 -85.49
C TYR F 823 -4.51 59.28 -84.60
N LYS F 824 -3.81 60.26 -85.17
CA LYS F 824 -3.18 61.33 -84.41
C LYS F 824 -3.94 62.64 -84.50
N LYS F 825 -4.50 62.94 -85.66
CA LYS F 825 -5.20 64.20 -85.90
C LYS F 825 -6.28 63.96 -86.95
N PRO F 826 -7.20 64.90 -87.14
CA PRO F 826 -8.22 64.73 -88.17
C PRO F 826 -7.59 64.67 -89.55
N THR F 827 -8.27 63.93 -90.44
CA THR F 827 -7.81 63.76 -91.82
C THR F 827 -9.00 63.94 -92.74
N GLY F 828 -9.08 65.10 -93.38
CA GLY F 828 -10.23 65.40 -94.21
C GLY F 828 -11.53 65.40 -93.45
N GLY F 829 -11.51 65.84 -92.19
CA GLY F 829 -12.68 65.85 -91.36
C GLY F 829 -13.02 64.53 -90.69
N ILE F 830 -12.12 63.56 -90.73
CA ILE F 830 -12.36 62.23 -90.17
C ILE F 830 -11.17 61.86 -89.28
N ILE F 831 -11.48 61.29 -88.11
CA ILE F 831 -10.50 60.96 -87.09
C ILE F 831 -10.84 59.59 -86.53
N THR F 832 -9.82 58.88 -86.03
CA THR F 832 -10.03 57.59 -85.38
C THR F 832 -10.20 57.79 -83.88
N VAL F 833 -11.21 57.12 -83.32
CA VAL F 833 -11.45 57.09 -81.89
C VAL F 833 -11.46 55.63 -81.45
N ARG F 834 -11.51 55.43 -80.14
CA ARG F 834 -11.49 54.10 -79.55
C ARG F 834 -12.87 53.77 -78.98
N SER F 835 -13.34 52.55 -79.24
CA SER F 835 -14.65 52.13 -78.80
C SER F 835 -14.63 51.77 -77.33
N GLU F 836 -15.77 51.26 -76.84
CA GLU F 836 -15.81 50.66 -75.52
C GLU F 836 -15.06 49.33 -75.48
N MET F 837 -14.97 48.64 -76.60
CA MET F 837 -14.28 47.35 -76.68
C MET F 837 -12.80 47.50 -77.02
N GLY F 838 -12.31 48.72 -77.23
CA GLY F 838 -10.92 48.93 -77.56
C GLY F 838 -10.59 48.89 -79.04
N GLU F 839 -11.57 48.68 -79.91
CA GLU F 839 -11.31 48.69 -81.34
C GLU F 839 -11.37 50.11 -81.89
N PRO F 840 -10.68 50.39 -83.00
CA PRO F 840 -10.73 51.74 -83.56
C PRO F 840 -11.91 51.93 -84.50
N ILE F 841 -12.48 53.14 -84.44
CA ILE F 841 -13.64 53.53 -85.24
C ILE F 841 -13.30 54.83 -85.95
N HIS F 842 -13.55 54.89 -87.26
CA HIS F 842 -13.41 56.11 -88.03
C HIS F 842 -14.69 56.91 -87.91
N LYS F 843 -14.59 58.15 -87.46
CA LYS F 843 -15.75 59.01 -87.26
C LYS F 843 -15.42 60.42 -87.72
N ILE F 844 -16.45 61.13 -88.20
CA ILE F 844 -16.25 62.51 -88.62
C ILE F 844 -15.78 63.34 -87.44
N ALA F 845 -14.83 64.25 -87.70
CA ALA F 845 -14.21 65.04 -86.64
C ALA F 845 -15.15 66.16 -86.18
N THR F 846 -16.27 65.75 -85.60
CA THR F 846 -17.18 66.68 -84.95
C THR F 846 -16.67 67.01 -83.55
N ARG F 847 -17.32 67.97 -82.91
CA ARG F 847 -16.89 68.38 -81.57
C ARG F 847 -17.05 67.24 -80.57
N GLY F 848 -18.15 66.49 -80.67
CA GLY F 848 -18.32 65.34 -79.80
C GLY F 848 -17.25 64.30 -80.01
N VAL F 849 -16.88 64.05 -81.28
CA VAL F 849 -15.82 63.08 -81.56
C VAL F 849 -14.46 63.61 -81.08
N MET F 850 -14.23 64.91 -81.15
CA MET F 850 -13.02 65.50 -80.57
C MET F 850 -12.95 65.21 -79.07
N PHE F 851 -14.05 65.48 -78.35
CA PHE F 851 -14.02 65.20 -76.92
C PHE F 851 -13.88 63.71 -76.65
N TRP F 852 -14.46 62.87 -77.50
CA TRP F 852 -14.24 61.44 -77.40
C TRP F 852 -12.75 61.12 -77.47
N LYS F 853 -12.05 61.71 -78.45
CA LYS F 853 -10.62 61.46 -78.60
C LYS F 853 -9.84 61.95 -77.38
N GLU F 854 -10.20 63.12 -76.86
CA GLU F 854 -9.53 63.64 -75.67
C GLU F 854 -9.70 62.69 -74.50
N LEU F 855 -10.91 62.15 -74.30
CA LEU F 855 -11.13 61.25 -73.19
C LEU F 855 -10.43 59.92 -73.41
N ASP F 856 -10.29 59.46 -74.65
CA ASP F 856 -9.47 58.27 -74.88
C ASP F 856 -8.02 58.53 -74.53
N ASP F 857 -7.50 59.70 -74.90
CA ASP F 857 -6.09 60.00 -74.66
C ASP F 857 -5.77 60.30 -73.20
N THR F 858 -6.74 60.79 -72.42
CA THR F 858 -6.45 61.29 -71.08
C THR F 858 -7.20 60.61 -69.94
N ILE F 859 -8.26 59.84 -70.22
CA ILE F 859 -9.11 59.28 -69.17
C ILE F 859 -9.20 57.76 -69.32
N PHE F 860 -9.71 57.30 -70.44
CA PHE F 860 -10.03 55.88 -70.59
C PHE F 860 -8.80 55.02 -70.75
N ASN F 861 -7.67 55.60 -71.18
CA ASN F 861 -6.42 54.86 -71.24
C ASN F 861 -5.80 54.61 -69.87
N LEU F 862 -6.26 55.31 -68.84
CA LEU F 862 -5.71 55.17 -67.50
C LEU F 862 -6.22 53.89 -66.84
N PRO F 863 -5.51 53.36 -65.86
CA PRO F 863 -6.00 52.18 -65.15
C PRO F 863 -7.19 52.52 -64.27
N LYS F 864 -7.92 51.46 -63.89
CA LYS F 864 -9.14 51.65 -63.10
C LYS F 864 -8.82 52.29 -61.75
N ASN F 865 -7.73 51.88 -61.11
CA ASN F 865 -7.39 52.42 -59.80
C ASN F 865 -7.08 53.91 -59.84
N LYS F 866 -6.74 54.45 -61.01
CA LYS F 866 -6.44 55.87 -61.17
C LYS F 866 -7.60 56.63 -61.82
N LEU F 867 -8.53 55.91 -62.45
CA LEU F 867 -9.59 56.55 -63.24
C LEU F 867 -10.48 57.44 -62.38
N LEU F 868 -10.85 56.97 -61.18
CA LEU F 868 -11.74 57.75 -60.32
C LEU F 868 -11.10 59.08 -59.94
N ASP F 869 -9.82 59.06 -59.57
CA ASP F 869 -9.14 60.29 -59.18
C ASP F 869 -8.96 61.21 -60.38
N ALA F 870 -8.66 60.64 -61.55
CA ALA F 870 -8.53 61.47 -62.74
C ALA F 870 -9.84 62.17 -63.07
N LEU F 871 -10.96 61.44 -62.99
CA LEU F 871 -12.25 62.05 -63.24
C LEU F 871 -12.57 63.13 -62.21
N ASN F 872 -12.26 62.86 -60.94
CA ASN F 872 -12.49 63.87 -59.92
C ASN F 872 -11.69 65.13 -60.20
N LYS F 873 -10.45 64.97 -60.66
CA LYS F 873 -9.62 66.14 -60.98
C LYS F 873 -10.19 66.91 -62.16
N LYS F 874 -10.62 66.21 -63.21
CA LYS F 874 -11.17 66.84 -64.41
C LYS F 874 -12.69 66.90 -64.39
N ARG F 875 -13.28 66.97 -63.20
CA ARG F 875 -14.74 66.92 -63.06
C ARG F 875 -15.42 68.07 -63.81
N ASP F 876 -14.99 69.31 -63.56
CA ASP F 876 -15.66 70.46 -64.13
C ASP F 876 -15.52 70.48 -65.66
N HIS F 877 -14.32 70.20 -66.16
CA HIS F 877 -14.08 70.27 -67.60
C HIS F 877 -14.93 69.25 -68.34
N ILE F 878 -15.02 68.03 -67.81
CA ILE F 878 -15.79 66.98 -68.48
C ILE F 878 -17.26 67.37 -68.55
N ILE F 879 -17.80 67.89 -67.46
CA ILE F 879 -19.22 68.28 -67.44
C ILE F 879 -19.46 69.44 -68.42
N LYS F 880 -18.57 70.43 -68.40
CA LYS F 880 -18.75 71.59 -69.27
C LYS F 880 -18.75 71.16 -70.74
N LYS F 881 -17.79 70.32 -71.13
CA LYS F 881 -17.72 69.93 -72.53
C LYS F 881 -18.77 68.89 -72.88
N LEU F 882 -19.28 68.13 -71.91
CA LEU F 882 -20.41 67.26 -72.19
C LEU F 882 -21.66 68.07 -72.49
N ASN F 883 -21.89 69.14 -71.72
CA ASN F 883 -23.02 70.02 -72.01
C ASN F 883 -22.85 70.80 -73.30
N ASN F 884 -21.63 71.19 -73.66
CA ASN F 884 -21.41 72.05 -74.81
C ASN F 884 -21.22 71.30 -76.12
N ASP F 885 -20.51 70.16 -76.12
CA ASP F 885 -20.00 69.57 -77.34
C ASP F 885 -20.46 68.14 -77.60
N PHE F 886 -20.80 67.37 -76.56
CA PHE F 886 -21.13 65.95 -76.74
C PHE F 886 -22.63 65.73 -76.80
N GLN F 887 -23.01 64.67 -77.51
CA GLN F 887 -24.41 64.34 -77.70
C GLN F 887 -25.11 63.94 -76.40
N LYS F 888 -24.35 63.56 -75.38
CA LYS F 888 -24.90 63.14 -74.09
C LYS F 888 -24.58 64.18 -73.03
N PRO F 889 -25.44 65.18 -72.82
CA PRO F 889 -25.10 66.22 -71.84
C PRO F 889 -25.11 65.69 -70.41
N TRP F 890 -24.58 66.52 -69.52
CA TRP F 890 -24.67 66.21 -68.10
C TRP F 890 -26.12 66.32 -67.65
N PHE F 891 -26.61 65.29 -66.98
CA PHE F 891 -28.00 65.30 -66.54
C PHE F 891 -28.24 66.36 -65.48
N GLY F 892 -27.29 66.51 -64.55
CA GLY F 892 -27.44 67.46 -63.46
C GLY F 892 -27.64 68.88 -63.93
N LYS F 893 -28.86 69.40 -63.74
CA LYS F 893 -29.19 70.77 -64.12
C LYS F 893 -30.34 71.29 -63.28
N ASN F 894 -30.03 72.11 -62.27
CA ASN F 894 -31.04 72.74 -61.43
C ASN F 894 -31.22 74.20 -61.84
N ALA F 895 -32.05 74.92 -61.09
CA ALA F 895 -32.31 76.32 -61.41
C ALA F 895 -31.04 77.15 -61.33
N ASN F 896 -30.16 76.84 -60.37
CA ASN F 896 -28.90 77.56 -60.26
C ASN F 896 -28.03 77.33 -61.49
N GLY F 897 -27.99 76.10 -61.98
CA GLY F 897 -27.19 75.77 -63.14
C GLY F 897 -26.91 74.28 -63.19
N VAL F 898 -25.78 73.94 -63.82
CA VAL F 898 -25.36 72.55 -63.84
C VAL F 898 -24.93 72.14 -62.44
N CYS F 899 -25.25 70.91 -62.07
CA CYS F 899 -25.06 70.45 -60.70
C CYS F 899 -24.82 68.95 -60.72
N ASP F 900 -24.88 68.34 -59.54
CA ASP F 900 -24.89 66.90 -59.38
C ASP F 900 -26.33 66.40 -59.32
N LEU F 901 -26.48 65.08 -59.33
CA LEU F 901 -27.82 64.51 -59.21
C LEU F 901 -28.43 64.83 -57.85
N GLN F 902 -27.64 64.72 -56.79
CA GLN F 902 -28.15 64.94 -55.44
C GLN F 902 -28.64 66.36 -55.21
N GLU F 903 -28.19 67.32 -56.03
CA GLU F 903 -28.61 68.70 -55.90
C GLU F 903 -29.82 69.04 -56.77
N MET F 904 -30.60 68.03 -57.17
CA MET F 904 -31.82 68.21 -57.94
C MET F 904 -33.02 67.83 -57.10
N THR F 905 -34.13 68.53 -57.31
CA THR F 905 -35.40 68.09 -56.77
C THR F 905 -36.00 67.03 -57.69
N TYR F 906 -36.99 66.31 -57.16
CA TYR F 906 -37.64 65.26 -57.96
C TYR F 906 -38.34 65.85 -59.17
N LYS F 907 -39.00 67.01 -59.00
CA LYS F 907 -39.58 67.69 -60.15
C LYS F 907 -38.49 68.09 -61.15
N GLU F 908 -37.35 68.56 -60.66
CA GLU F 908 -36.26 68.91 -61.57
C GLU F 908 -35.76 67.69 -62.33
N VAL F 909 -35.61 66.55 -61.63
CA VAL F 909 -35.13 65.34 -62.28
C VAL F 909 -36.13 64.88 -63.34
N ALA F 910 -37.42 64.88 -62.99
CA ALA F 910 -38.44 64.45 -63.93
C ALA F 910 -38.50 65.37 -65.14
N ASN F 911 -38.44 66.68 -64.92
CA ASN F 911 -38.46 67.62 -66.03
C ASN F 911 -37.25 67.44 -66.92
N ARG F 912 -36.08 67.18 -66.33
CA ARG F 912 -34.87 66.95 -67.12
C ARG F 912 -34.99 65.67 -67.92
N LEU F 913 -35.57 64.62 -67.33
CA LEU F 913 -35.80 63.39 -68.08
C LEU F 913 -36.72 63.62 -69.27
N VAL F 914 -37.81 64.36 -69.07
CA VAL F 914 -38.71 64.65 -70.18
C VAL F 914 -38.01 65.52 -71.22
N GLU F 915 -37.15 66.43 -70.77
CA GLU F 915 -36.43 67.31 -71.68
C GLU F 915 -35.48 66.51 -72.57
N LEU F 916 -34.77 65.54 -71.99
CA LEU F 916 -33.70 64.85 -72.71
C LEU F 916 -34.14 63.56 -73.37
N MET F 917 -35.34 63.06 -73.07
CA MET F 917 -35.80 61.77 -73.59
C MET F 917 -37.08 61.87 -74.41
N TYR F 918 -37.79 62.99 -74.35
CA TYR F 918 -39.01 63.23 -75.11
C TYR F 918 -38.76 64.37 -76.07
N VAL F 919 -39.25 64.22 -77.31
CA VAL F 919 -38.99 65.19 -78.36
C VAL F 919 -40.22 66.09 -78.50
N LYS F 920 -40.04 67.38 -78.21
CA LYS F 920 -41.15 68.33 -78.33
C LYS F 920 -41.57 68.49 -79.78
N LYS F 921 -40.62 68.57 -80.71
CA LYS F 921 -40.95 68.86 -82.10
C LYS F 921 -41.83 67.78 -82.71
N SER F 922 -41.49 66.51 -82.47
CA SER F 922 -42.24 65.39 -83.03
C SER F 922 -43.30 64.85 -82.09
N HIS F 923 -43.32 65.27 -80.82
CA HIS F 923 -44.30 64.81 -79.86
C HIS F 923 -44.24 63.29 -79.70
N ARG F 924 -43.03 62.78 -79.48
CA ARG F 924 -42.78 61.36 -79.37
C ARG F 924 -41.65 61.12 -78.39
N TRP F 925 -41.50 59.88 -77.95
CA TRP F 925 -40.40 59.47 -77.10
C TRP F 925 -39.26 58.93 -77.94
N ILE F 926 -38.03 59.12 -77.47
CA ILE F 926 -36.87 58.55 -78.16
C ILE F 926 -36.98 57.03 -78.21
N ASP F 927 -37.39 56.42 -77.11
CA ASP F 927 -37.55 54.97 -77.05
C ASP F 927 -38.55 54.61 -75.97
N VAL F 928 -39.34 53.57 -76.25
CA VAL F 928 -40.31 53.11 -75.26
C VAL F 928 -39.60 52.58 -74.03
N SER F 929 -38.38 52.07 -74.17
CA SER F 929 -37.61 51.68 -73.00
C SER F 929 -37.28 52.89 -72.14
N LEU F 930 -36.97 54.03 -72.77
CA LEU F 930 -36.73 55.24 -72.02
C LEU F 930 -38.02 55.75 -71.37
N ARG F 931 -39.14 55.61 -72.06
CA ARG F 931 -40.43 55.94 -71.45
C ARG F 931 -40.69 55.05 -70.24
N ASN F 932 -40.32 53.78 -70.32
CA ASN F 932 -40.46 52.88 -69.18
C ASN F 932 -39.53 53.29 -68.04
N MET F 933 -38.33 53.76 -68.37
CA MET F 933 -37.43 54.27 -67.34
C MET F 933 -38.04 55.48 -66.63
N TYR F 934 -38.61 56.40 -67.40
CA TYR F 934 -39.31 57.54 -66.80
C TYR F 934 -40.45 57.07 -65.90
N GLY F 935 -41.20 56.08 -66.36
CA GLY F 935 -42.28 55.55 -65.55
C GLY F 935 -41.80 54.95 -64.25
N ASP F 936 -40.70 54.19 -64.30
CA ASP F 936 -40.16 53.58 -63.09
C ASP F 936 -39.65 54.64 -62.13
N PHE F 937 -39.02 55.70 -62.65
CA PHE F 937 -38.59 56.77 -61.77
C PHE F 937 -39.78 57.44 -61.11
N LEU F 938 -40.86 57.68 -61.86
CA LEU F 938 -42.05 58.27 -61.26
C LEU F 938 -42.67 57.32 -60.23
N ARG F 939 -42.60 56.02 -60.48
CA ARG F 939 -43.03 55.05 -59.48
C ARG F 939 -42.25 55.24 -58.19
N ARG F 940 -40.93 55.38 -58.30
CA ARG F 940 -40.12 55.61 -57.11
C ARG F 940 -40.52 56.91 -56.42
N VAL F 941 -40.80 57.97 -57.19
CA VAL F 941 -41.16 59.24 -56.58
C VAL F 941 -42.45 59.11 -55.79
N GLU F 942 -43.48 58.50 -56.39
CA GLU F 942 -44.75 58.37 -55.67
C GLU F 942 -44.61 57.46 -54.47
N GLU F 943 -43.84 56.38 -54.58
CA GLU F 943 -43.62 55.51 -53.43
C GLU F 943 -42.90 56.26 -52.32
N ARG F 944 -41.91 57.08 -52.68
CA ARG F 944 -41.18 57.85 -51.68
C ARG F 944 -42.09 58.83 -50.96
N PHE F 945 -42.97 59.51 -51.70
CA PHE F 945 -43.77 60.59 -51.15
C PHE F 945 -45.18 60.15 -50.76
N THR F 946 -45.46 58.85 -50.73
CA THR F 946 -46.67 58.32 -50.12
C THR F 946 -46.28 57.39 -48.99
N SER F 947 -46.95 57.55 -47.85
CA SER F 947 -46.69 56.75 -46.66
C SER F 947 -47.83 55.82 -46.30
N SER F 948 -49.01 56.01 -46.88
CA SER F 948 -50.18 55.19 -46.57
C SER F 948 -50.31 54.08 -47.60
N ALA F 949 -50.62 52.88 -47.13
CA ALA F 949 -50.89 51.76 -48.02
C ALA F 949 -52.28 51.90 -48.63
N GLY F 950 -52.52 51.13 -49.69
CA GLY F 950 -53.80 51.18 -50.37
C GLY F 950 -54.09 52.52 -51.02
N THR F 951 -53.08 53.15 -51.61
CA THR F 951 -53.24 54.39 -52.35
C THR F 951 -53.12 54.09 -53.84
N VAL F 952 -54.00 54.68 -54.63
CA VAL F 952 -54.03 54.41 -56.05
C VAL F 952 -52.89 55.16 -56.72
N SER F 953 -52.08 54.45 -57.49
CA SER F 953 -51.01 55.08 -58.24
C SER F 953 -51.58 55.97 -59.33
N LEU F 954 -51.03 57.18 -59.45
CA LEU F 954 -51.43 58.06 -60.54
C LEU F 954 -51.11 57.44 -61.89
N LEU F 955 -50.00 56.73 -61.97
CA LEU F 955 -49.57 56.06 -63.21
C LEU F 955 -50.03 54.61 -63.12
N GLN F 956 -51.14 54.29 -63.79
CA GLN F 956 -51.62 52.92 -63.81
C GLN F 956 -50.93 52.12 -64.90
N ASN F 957 -50.74 52.72 -66.08
CA ASN F 957 -50.03 52.10 -67.18
C ASN F 957 -49.11 53.13 -67.80
N PHE F 958 -47.95 52.68 -68.26
CA PHE F 958 -46.94 53.59 -68.80
C PHE F 958 -47.39 54.25 -70.11
N ASN F 959 -48.47 53.78 -70.72
CA ASN F 959 -48.98 54.45 -71.91
C ASN F 959 -49.47 55.85 -71.62
N GLN F 960 -49.72 56.19 -70.35
CA GLN F 960 -50.03 57.57 -69.98
C GLN F 960 -48.85 58.50 -70.14
N LEU F 961 -47.64 57.98 -70.32
CA LEU F 961 -46.44 58.79 -70.47
C LEU F 961 -46.14 59.18 -71.91
N ASN F 962 -46.95 58.73 -72.87
CA ASN F 962 -46.75 59.16 -74.25
C ASN F 962 -47.04 60.65 -74.43
N GLU F 963 -47.70 61.28 -73.46
CA GLU F 963 -47.87 62.73 -73.41
C GLU F 963 -47.43 63.15 -72.00
N PRO F 964 -46.13 63.17 -71.74
CA PRO F 964 -45.66 63.19 -70.34
C PRO F 964 -45.64 64.56 -69.69
N GLU F 965 -45.68 65.65 -70.45
CA GLU F 965 -45.62 66.97 -69.84
C GLU F 965 -46.83 67.22 -68.94
N GLN F 966 -48.04 67.00 -69.46
CA GLN F 966 -49.23 67.18 -68.64
C GLN F 966 -49.30 66.16 -67.52
N PHE F 967 -48.87 64.92 -67.78
CA PHE F 967 -48.83 63.93 -66.72
C PHE F 967 -47.83 64.34 -65.64
N THR F 968 -46.68 64.88 -66.04
CA THR F 968 -45.72 65.37 -65.07
C THR F 968 -46.32 66.49 -64.23
N ALA F 969 -47.05 67.40 -64.90
CA ALA F 969 -47.69 68.50 -64.18
C ALA F 969 -48.69 67.99 -63.16
N ASP F 970 -49.53 67.02 -63.54
CA ASP F 970 -50.48 66.46 -62.59
C ASP F 970 -49.78 65.71 -61.46
N PHE F 971 -48.74 64.96 -61.80
CA PHE F 971 -48.00 64.19 -60.79
C PHE F 971 -47.40 65.10 -59.73
N PHE F 972 -46.77 66.19 -60.16
CA PHE F 972 -46.12 67.08 -59.20
C PHE F 972 -47.04 68.19 -58.69
N GLU F 973 -48.27 68.25 -59.20
CA GLU F 973 -49.34 68.93 -58.49
C GLU F 973 -49.88 68.08 -57.34
N LYS F 974 -49.94 66.77 -57.51
CA LYS F 974 -50.32 65.88 -56.42
C LYS F 974 -49.22 65.78 -55.37
N PHE F 975 -47.95 65.76 -55.78
CA PHE F 975 -46.81 65.70 -54.88
C PHE F 975 -46.05 67.02 -54.95
N PRO F 976 -46.61 68.09 -54.37
CA PRO F 976 -45.88 69.37 -54.37
C PRO F 976 -44.56 69.30 -53.60
N GLN F 977 -44.49 68.49 -52.55
CA GLN F 977 -43.25 68.36 -51.79
C GLN F 977 -42.12 67.78 -52.62
N ALA F 978 -42.45 67.05 -53.69
CA ALA F 978 -41.42 66.47 -54.54
C ALA F 978 -40.59 67.56 -55.23
N GLY F 979 -41.24 68.64 -55.66
CA GLY F 979 -40.53 69.74 -56.28
C GLY F 979 -39.78 70.61 -55.31
N LYS F 980 -39.92 70.38 -54.00
CA LYS F 980 -39.19 71.10 -52.98
C LYS F 980 -38.07 70.29 -52.36
N GLN F 981 -38.18 68.97 -52.34
CA GLN F 981 -37.20 68.08 -51.70
C GLN F 981 -36.18 67.61 -52.74
N LEU F 982 -34.90 67.66 -52.36
CA LEU F 982 -33.86 67.13 -53.23
C LEU F 982 -33.96 65.61 -53.31
N ILE F 983 -33.42 65.07 -54.40
CA ILE F 983 -33.51 63.63 -54.61
C ILE F 983 -32.65 62.91 -53.57
N SER F 984 -33.26 61.95 -52.88
CA SER F 984 -32.56 61.20 -51.86
C SER F 984 -31.43 60.38 -52.47
N GLU F 985 -30.51 59.93 -51.61
CA GLU F 985 -29.43 59.07 -52.10
C GLU F 985 -29.96 57.72 -52.55
N GLU F 986 -30.99 57.21 -51.87
CA GLU F 986 -31.63 55.97 -52.31
C GLU F 986 -32.14 56.11 -53.74
N ASP F 987 -32.86 57.20 -54.01
CA ASP F 987 -33.43 57.40 -55.33
C ASP F 987 -32.39 57.78 -56.36
N CYS F 988 -31.28 58.39 -55.94
CA CYS F 988 -30.18 58.63 -56.86
C CYS F 988 -29.53 57.33 -57.30
N ASP F 989 -29.31 56.41 -56.36
CA ASP F 989 -28.80 55.09 -56.72
C ASP F 989 -29.78 54.37 -57.63
N TYR F 990 -31.08 54.46 -57.31
CA TYR F 990 -32.09 53.84 -58.16
C TYR F 990 -32.07 54.44 -59.56
N PHE F 991 -31.90 55.76 -59.65
CA PHE F 991 -31.82 56.43 -60.94
C PHE F 991 -30.62 55.94 -61.74
N LEU F 992 -29.47 55.79 -61.08
CA LEU F 992 -28.28 55.32 -61.78
C LEU F 992 -28.46 53.87 -62.23
N MET F 993 -29.22 53.08 -61.48
CA MET F 993 -29.47 51.71 -61.90
C MET F 993 -30.46 51.64 -63.06
N LEU F 994 -31.48 52.49 -63.06
CA LEU F 994 -32.38 52.59 -64.21
C LEU F 994 -31.69 53.11 -65.45
N ALA F 995 -30.71 54.01 -65.29
CA ALA F 995 -29.94 54.50 -66.43
C ALA F 995 -29.05 53.43 -67.04
N ALA F 996 -28.85 52.30 -66.34
CA ALA F 996 -28.00 51.22 -66.83
C ALA F 996 -28.72 49.88 -66.84
N ARG F 997 -30.04 49.88 -66.74
CA ARG F 997 -30.79 48.62 -66.80
C ARG F 997 -30.50 47.91 -68.12
N PRO F 998 -30.20 46.61 -68.11
CA PRO F 998 -30.00 45.90 -69.38
C PRO F 998 -31.31 45.73 -70.13
N GLY F 999 -31.19 45.54 -71.44
CA GLY F 999 -32.35 45.45 -72.29
C GLY F 999 -33.03 46.77 -72.57
N GLN F 1000 -32.36 47.88 -72.28
CA GLN F 1000 -32.91 49.22 -72.45
C GLN F 1000 -31.94 50.04 -73.27
N LYS F 1001 -32.48 50.97 -74.05
CA LYS F 1001 -31.64 51.89 -74.80
C LYS F 1001 -30.81 52.71 -73.81
N PRO F 1002 -29.48 52.76 -73.95
CA PRO F 1002 -28.69 53.59 -73.03
C PRO F 1002 -29.16 55.03 -73.06
N VAL F 1003 -29.23 55.63 -71.88
CA VAL F 1003 -29.85 56.94 -71.71
C VAL F 1003 -29.06 57.97 -72.51
N PRO F 1004 -29.71 59.02 -73.04
CA PRO F 1004 -28.99 60.01 -73.85
C PRO F 1004 -28.22 61.05 -73.05
N PHE F 1005 -27.90 60.79 -71.78
CA PHE F 1005 -27.14 61.72 -70.95
C PHE F 1005 -26.13 60.95 -70.11
N VAL F 1006 -25.26 61.70 -69.47
CA VAL F 1006 -24.29 61.15 -68.51
C VAL F 1006 -24.75 61.55 -67.11
N PRO F 1007 -25.15 60.60 -66.25
CA PRO F 1007 -25.64 61.00 -64.91
C PRO F 1007 -24.56 61.14 -63.87
N VAL F 1008 -23.44 60.42 -64.02
CA VAL F 1008 -22.42 60.34 -62.97
C VAL F 1008 -21.06 60.19 -63.62
N LEU F 1009 -20.04 60.70 -62.96
CA LEU F 1009 -18.63 60.49 -63.33
C LEU F 1009 -18.05 59.50 -62.33
N ASP F 1010 -17.93 58.24 -62.76
CA ASP F 1010 -17.49 57.15 -61.91
C ASP F 1010 -16.77 56.13 -62.78
N GLU F 1011 -16.59 54.91 -62.26
CA GLU F 1011 -16.02 53.84 -63.06
C GLU F 1011 -16.88 53.50 -64.27
N ARG F 1012 -18.17 53.83 -64.24
CA ARG F 1012 -19.08 53.60 -65.35
C ARG F 1012 -19.15 54.77 -66.31
N PHE F 1013 -18.25 55.76 -66.18
CA PHE F 1013 -18.31 56.93 -67.03
C PHE F 1013 -18.08 56.56 -68.49
N GLU F 1014 -17.14 55.66 -68.76
CA GLU F 1014 -16.92 55.21 -70.13
C GLU F 1014 -18.17 54.53 -70.68
N PHE F 1015 -18.81 53.70 -69.86
CA PHE F 1015 -20.05 53.03 -70.26
C PHE F 1015 -21.11 54.05 -70.67
N PHE F 1016 -21.39 55.01 -69.78
CA PHE F 1016 -22.37 56.05 -70.06
C PHE F 1016 -22.01 56.91 -71.26
N PHE F 1017 -20.72 57.22 -71.43
CA PHE F 1017 -20.25 58.11 -72.48
C PHE F 1017 -20.30 57.47 -73.85
N LYS F 1018 -19.97 56.19 -73.96
CA LYS F 1018 -19.75 55.55 -75.24
C LYS F 1018 -20.91 54.70 -75.73
N LYS F 1019 -21.70 54.07 -74.87
CA LYS F 1019 -22.69 53.14 -75.38
C LYS F 1019 -23.73 53.85 -76.25
N ASP F 1020 -24.01 53.27 -77.41
CA ASP F 1020 -25.12 53.69 -78.27
C ASP F 1020 -24.96 55.14 -78.71
N SER F 1021 -23.89 55.38 -79.48
CA SER F 1021 -23.54 56.70 -79.97
C SER F 1021 -23.77 56.86 -81.47
N LEU F 1022 -24.41 55.89 -82.12
CA LEU F 1022 -24.57 55.89 -83.57
C LEU F 1022 -25.94 56.36 -84.05
N TRP F 1023 -26.98 56.13 -83.26
CA TRP F 1023 -28.33 56.47 -83.72
C TRP F 1023 -28.55 57.97 -83.79
N GLN F 1024 -27.77 58.75 -83.04
CA GLN F 1024 -27.94 60.20 -83.04
C GLN F 1024 -27.62 60.81 -84.40
N SER F 1025 -26.74 60.16 -85.16
CA SER F 1025 -26.40 60.66 -86.50
C SER F 1025 -27.62 60.74 -87.39
N GLU F 1026 -28.60 59.87 -87.22
CA GLU F 1026 -29.87 59.96 -87.92
C GLU F 1026 -30.89 60.79 -87.15
N ASP F 1027 -31.16 60.42 -85.90
CA ASP F 1027 -32.22 61.06 -85.12
C ASP F 1027 -31.69 62.33 -84.49
N LEU F 1028 -31.53 63.35 -85.33
CA LEU F 1028 -30.94 64.61 -84.88
C LEU F 1028 -31.93 65.48 -84.10
N GLU F 1029 -33.23 65.28 -84.30
CA GLU F 1029 -34.21 66.07 -83.56
C GLU F 1029 -34.16 65.78 -82.06
N SER F 1030 -33.73 64.56 -81.69
CA SER F 1030 -33.62 64.20 -80.29
C SER F 1030 -32.36 64.71 -79.63
N VAL F 1031 -31.39 65.20 -80.41
CA VAL F 1031 -30.14 65.71 -79.86
C VAL F 1031 -30.35 67.13 -79.38
N VAL F 1032 -29.56 67.55 -78.39
CA VAL F 1032 -29.68 68.88 -77.83
C VAL F 1032 -29.34 69.90 -78.90
N ASP F 1033 -30.23 70.88 -79.09
CA ASP F 1033 -30.09 71.98 -80.04
C ASP F 1033 -30.07 71.50 -81.50
N GLU F 1034 -30.32 70.22 -81.75
CA GLU F 1034 -30.25 69.65 -83.11
C GLU F 1034 -28.91 69.97 -83.75
N ASP F 1035 -27.85 69.88 -82.95
CA ASP F 1035 -26.50 70.19 -83.41
C ASP F 1035 -25.84 68.93 -83.95
N VAL F 1036 -25.52 68.93 -85.24
CA VAL F 1036 -24.85 67.79 -85.84
C VAL F 1036 -23.45 67.61 -85.25
N GLN F 1037 -22.84 68.71 -84.79
CA GLN F 1037 -21.49 68.63 -84.26
C GLN F 1037 -21.45 67.82 -82.97
N ARG F 1038 -22.57 67.68 -82.28
CA ARG F 1038 -22.61 66.83 -81.10
C ARG F 1038 -22.62 65.35 -81.46
N THR F 1039 -23.23 65.00 -82.59
CA THR F 1039 -23.41 63.60 -82.95
C THR F 1039 -22.11 62.97 -83.41
N CYS F 1040 -22.11 61.65 -83.46
CA CYS F 1040 -20.98 60.85 -83.91
C CYS F 1040 -21.37 60.15 -85.20
N ILE F 1041 -20.68 60.48 -86.29
CA ILE F 1041 -21.00 59.97 -87.63
C ILE F 1041 -19.81 59.16 -88.11
N LEU F 1042 -20.05 57.91 -88.47
CA LEU F 1042 -19.00 57.02 -88.95
C LEU F 1042 -18.79 57.22 -90.44
N HIS F 1043 -17.53 57.46 -90.83
CA HIS F 1043 -17.22 57.73 -92.23
C HIS F 1043 -15.79 57.32 -92.52
N GLY F 1044 -15.53 56.94 -93.77
CA GLY F 1044 -14.22 56.50 -94.18
C GLY F 1044 -13.37 57.64 -94.72
N PRO F 1045 -12.13 57.79 -94.23
CA PRO F 1045 -11.31 58.92 -94.70
C PRO F 1045 -11.03 58.90 -96.19
N VAL F 1046 -10.95 57.71 -96.79
CA VAL F 1046 -10.68 57.62 -98.22
C VAL F 1046 -11.96 57.63 -99.04
N ALA F 1047 -13.02 56.98 -98.55
CA ALA F 1047 -14.29 57.01 -99.26
C ALA F 1047 -14.95 58.39 -99.22
N SER F 1048 -14.53 59.26 -98.30
CA SER F 1048 -15.13 60.58 -98.22
C SER F 1048 -14.81 61.46 -99.43
N GLN F 1049 -13.82 61.09 -100.24
CA GLN F 1049 -13.49 61.89 -101.42
C GLN F 1049 -14.64 61.90 -102.42
N TYR F 1050 -15.29 60.75 -102.61
CA TYR F 1050 -16.32 60.60 -103.62
C TYR F 1050 -17.71 61.01 -103.12
N THR F 1051 -17.84 61.34 -101.83
CA THR F 1051 -19.12 61.79 -101.27
C THR F 1051 -19.21 63.29 -101.45
N SER F 1052 -19.81 63.71 -102.56
CA SER F 1052 -19.95 65.12 -102.91
C SER F 1052 -21.39 65.57 -103.09
N LYS F 1053 -22.35 64.65 -103.15
CA LYS F 1053 -23.75 64.97 -103.37
C LYS F 1053 -24.57 64.52 -102.17
N VAL F 1054 -25.71 65.18 -101.99
CA VAL F 1054 -26.64 64.88 -100.90
C VAL F 1054 -27.93 64.34 -101.49
N ASP F 1055 -28.60 63.50 -100.70
CA ASP F 1055 -29.87 62.83 -101.05
C ASP F 1055 -29.89 62.40 -102.52
N GLU F 1056 -28.82 61.72 -102.93
CA GLU F 1056 -28.77 61.13 -104.27
C GLU F 1056 -29.41 59.73 -104.23
N PRO F 1057 -30.15 59.29 -105.25
CA PRO F 1057 -30.74 57.95 -105.16
C PRO F 1057 -29.66 56.87 -105.10
N ILE F 1058 -29.90 55.90 -104.21
CA ILE F 1058 -29.01 54.74 -104.09
C ILE F 1058 -28.94 54.01 -105.43
N GLY F 1059 -30.10 53.84 -106.08
CA GLY F 1059 -30.11 53.23 -107.40
C GLY F 1059 -29.28 54.00 -108.40
N ASP F 1060 -29.39 55.33 -108.38
CA ASP F 1060 -28.62 56.15 -109.32
C ASP F 1060 -27.13 56.02 -109.04
N ILE F 1061 -26.73 55.98 -107.78
CA ILE F 1061 -25.30 55.88 -107.45
C ILE F 1061 -24.74 54.57 -107.97
N LEU F 1062 -25.37 53.45 -107.63
CA LEU F 1062 -24.84 52.17 -108.06
C LEU F 1062 -24.96 52.00 -109.56
N ASN F 1063 -26.02 52.54 -110.17
CA ASN F 1063 -26.18 52.47 -111.61
C ASN F 1063 -25.09 53.26 -112.30
N SER F 1064 -24.73 54.43 -111.77
CA SER F 1064 -23.65 55.21 -112.37
C SER F 1064 -22.32 54.45 -112.30
N ILE F 1065 -22.03 53.84 -111.15
CA ILE F 1065 -20.77 53.09 -111.03
C ILE F 1065 -20.76 51.91 -112.00
N HIS F 1066 -21.86 51.14 -112.01
CA HIS F 1066 -21.94 49.99 -112.90
C HIS F 1066 -21.86 50.41 -114.36
N GLU F 1067 -22.54 51.50 -114.72
CA GLU F 1067 -22.56 51.98 -116.10
C GLU F 1067 -21.16 52.44 -116.51
N GLY F 1068 -20.44 53.10 -115.60
CA GLY F 1068 -19.06 53.44 -115.89
C GLY F 1068 -18.22 52.19 -116.19
N HIS F 1069 -18.40 51.16 -115.37
CA HIS F 1069 -17.68 49.90 -115.64
C HIS F 1069 -18.06 49.32 -117.00
N ILE F 1070 -19.36 49.33 -117.34
CA ILE F 1070 -19.78 48.81 -118.64
C ILE F 1070 -19.16 49.64 -119.77
N ALA F 1071 -19.21 50.97 -119.65
CA ALA F 1071 -18.79 51.83 -120.74
C ALA F 1071 -17.29 51.74 -120.96
N ARG F 1072 -16.53 51.49 -119.90
CA ARG F 1072 -15.10 51.31 -120.08
C ARG F 1072 -14.76 49.90 -120.56
N LEU F 1073 -15.52 48.89 -120.12
CA LEU F 1073 -15.24 47.52 -120.53
C LEU F 1073 -15.57 47.31 -122.01
N ILE F 1074 -16.68 47.88 -122.48
CA ILE F 1074 -17.01 47.77 -123.90
C ILE F 1074 -15.96 48.49 -124.74
N LYS F 1075 -15.44 49.60 -124.24
CA LYS F 1075 -14.42 50.34 -124.97
C LYS F 1075 -13.11 49.55 -125.04
N GLU F 1076 -12.70 48.92 -123.94
CA GLU F 1076 -11.41 48.24 -123.90
C GLU F 1076 -11.47 46.81 -124.43
N GLU F 1077 -12.26 45.95 -123.79
CA GLU F 1077 -12.30 44.54 -124.16
C GLU F 1077 -12.91 44.33 -125.55
N TYR F 1078 -14.03 44.99 -125.83
CA TYR F 1078 -14.82 44.74 -127.04
C TYR F 1078 -14.69 45.84 -128.08
N ALA F 1079 -13.73 46.76 -127.92
CA ALA F 1079 -13.42 47.78 -128.93
C ALA F 1079 -14.63 48.67 -129.22
N GLY F 1080 -15.49 48.88 -128.23
CA GLY F 1080 -16.63 49.75 -128.40
C GLY F 1080 -17.81 49.15 -129.14
N ASP F 1081 -17.74 47.87 -129.50
CA ASP F 1081 -18.80 47.19 -130.24
C ASP F 1081 -19.66 46.40 -129.24
N GLU F 1082 -20.91 46.82 -129.08
CA GLU F 1082 -21.83 46.09 -128.21
C GLU F 1082 -22.34 44.81 -128.84
N SER F 1083 -22.30 44.71 -130.18
CA SER F 1083 -22.78 43.49 -130.83
C SER F 1083 -21.91 42.30 -130.48
N LYS F 1084 -20.63 42.53 -130.13
CA LYS F 1084 -19.76 41.43 -129.73
C LYS F 1084 -20.08 40.91 -128.34
N ILE F 1085 -20.96 41.57 -127.60
CA ILE F 1085 -21.30 41.11 -126.25
C ILE F 1085 -21.99 39.75 -126.35
N PRO F 1086 -21.58 38.73 -125.59
CA PRO F 1086 -22.33 37.48 -125.60
C PRO F 1086 -23.77 37.69 -125.11
N VAL F 1087 -24.71 37.03 -125.78
CA VAL F 1087 -26.13 37.13 -125.46
C VAL F 1087 -26.55 35.80 -124.83
N VAL F 1088 -27.19 35.89 -123.66
CA VAL F 1088 -27.72 34.74 -122.95
C VAL F 1088 -29.15 35.05 -122.54
N GLU F 1089 -29.95 33.99 -122.38
CA GLU F 1089 -31.33 34.19 -121.97
C GLU F 1089 -31.39 34.81 -120.58
N TYR F 1090 -30.62 34.29 -119.64
CA TYR F 1090 -30.57 34.81 -118.28
C TYR F 1090 -29.15 34.68 -117.74
N PHE F 1091 -28.82 35.55 -116.80
CA PHE F 1091 -27.48 35.63 -116.23
C PHE F 1091 -27.55 35.40 -114.72
N GLY F 1092 -26.96 34.31 -114.27
CA GLY F 1092 -26.93 33.99 -112.86
C GLY F 1092 -26.92 32.49 -112.65
N GLY F 1093 -26.91 32.12 -111.38
CA GLY F 1093 -26.93 30.72 -111.01
C GLY F 1093 -25.64 30.01 -111.40
N LYS F 1094 -25.66 28.70 -111.21
CA LYS F 1094 -24.51 27.88 -111.58
C LYS F 1094 -24.33 27.91 -113.09
N LYS F 1095 -23.07 27.92 -113.52
CA LYS F 1095 -22.78 27.91 -114.95
C LYS F 1095 -23.27 26.59 -115.55
N PRO F 1096 -23.90 26.61 -116.73
CA PRO F 1096 -24.39 25.35 -117.31
C PRO F 1096 -23.25 24.39 -117.56
N ALA F 1097 -23.49 23.11 -117.30
CA ALA F 1097 -22.46 22.09 -117.32
C ALA F 1097 -22.74 21.06 -118.42
N SER F 1098 -21.65 20.54 -119.00
CA SER F 1098 -21.71 19.46 -119.97
C SER F 1098 -21.41 18.16 -119.24
N VAL F 1099 -22.39 17.28 -119.16
CA VAL F 1099 -22.29 16.03 -118.42
C VAL F 1099 -22.42 14.87 -119.40
N SER F 1100 -21.43 13.99 -119.41
CA SER F 1100 -21.45 12.75 -120.19
C SER F 1100 -21.30 11.61 -119.18
N ALA F 1101 -22.42 11.04 -118.77
CA ALA F 1101 -22.48 10.04 -117.72
C ALA F 1101 -23.06 8.75 -118.29
N THR F 1102 -23.06 7.71 -117.45
CA THR F 1102 -23.68 6.44 -117.76
C THR F 1102 -25.11 6.43 -117.23
N SER F 1103 -25.88 5.44 -117.68
CA SER F 1103 -27.28 5.27 -117.28
C SER F 1103 -28.17 6.38 -117.80
N VAL F 1104 -27.78 7.00 -118.92
CA VAL F 1104 -28.56 8.08 -119.51
C VAL F 1104 -29.04 7.64 -120.90
N ASN F 1105 -28.22 6.85 -121.60
CA ASN F 1105 -28.54 6.29 -122.91
C ASN F 1105 -29.13 7.34 -123.84
N ILE F 1106 -28.30 8.32 -124.18
CA ILE F 1106 -28.75 9.45 -124.98
C ILE F 1106 -28.85 9.02 -126.45
N ILE F 1107 -30.00 9.31 -127.06
CA ILE F 1107 -30.24 9.03 -128.47
C ILE F 1107 -30.91 10.25 -129.09
N ASP F 1108 -30.48 10.60 -130.30
CA ASP F 1108 -30.92 11.84 -130.93
C ASP F 1108 -32.22 11.64 -131.71
N GLY F 1109 -32.78 12.74 -132.19
CA GLY F 1109 -34.02 12.76 -132.93
C GLY F 1109 -34.70 14.10 -132.75
N ASN F 1110 -36.01 14.12 -133.17
CA ASN F 1110 -36.83 15.30 -132.93
C ASN F 1110 -36.90 15.62 -131.45
N GLN F 1111 -36.87 14.59 -130.60
CA GLN F 1111 -36.77 14.75 -129.14
C GLN F 1111 -35.69 13.81 -128.66
N VAL F 1112 -34.58 14.37 -128.16
CA VAL F 1112 -33.50 13.55 -127.66
C VAL F 1112 -33.97 12.83 -126.41
N VAL F 1113 -33.71 11.53 -126.34
CA VAL F 1113 -34.25 10.65 -125.31
C VAL F 1113 -33.11 10.16 -124.43
N TYR F 1114 -33.24 10.38 -123.13
CA TYR F 1114 -32.34 9.84 -122.12
C TYR F 1114 -33.09 8.74 -121.37
N GLU F 1115 -32.54 7.53 -121.38
CA GLU F 1115 -33.18 6.38 -120.75
C GLU F 1115 -32.26 5.82 -119.67
N ILE F 1116 -32.84 5.45 -118.54
CA ILE F 1116 -32.10 4.97 -117.38
C ILE F 1116 -32.26 3.46 -117.28
N ASP F 1117 -31.16 2.76 -117.10
CA ASP F 1117 -31.13 1.31 -116.94
C ASP F 1117 -31.33 0.98 -115.46
N SER F 1118 -31.04 -0.28 -115.08
CA SER F 1118 -31.22 -0.70 -113.70
C SER F 1118 -30.40 0.16 -112.74
N GLU F 1119 -29.14 0.41 -113.08
CA GLU F 1119 -28.27 1.21 -112.24
C GLU F 1119 -28.43 2.69 -112.59
N LEU F 1120 -28.60 3.55 -111.53
CA LEU F 1120 -28.96 4.95 -111.69
C LEU F 1120 -27.72 5.83 -111.77
N PRO F 1121 -27.83 7.02 -112.39
CA PRO F 1121 -26.70 7.96 -112.38
C PRO F 1121 -26.69 8.84 -111.15
N ASN F 1122 -25.73 9.76 -111.07
CA ASN F 1122 -25.73 10.76 -110.02
C ASN F 1122 -26.89 11.73 -110.22
N LYS F 1123 -27.50 12.17 -109.12
CA LYS F 1123 -28.65 13.07 -109.21
C LYS F 1123 -28.25 14.40 -109.84
N GLN F 1124 -27.17 15.01 -109.36
CA GLN F 1124 -26.75 16.31 -109.87
C GLN F 1124 -26.30 16.20 -111.32
N GLU F 1125 -25.59 15.13 -111.67
CA GLU F 1125 -25.18 14.92 -113.05
C GLU F 1125 -26.39 14.76 -113.96
N TRP F 1126 -27.41 14.01 -113.51
CA TRP F 1126 -28.62 13.81 -114.29
C TRP F 1126 -29.35 15.14 -114.50
N LEU F 1127 -29.47 15.95 -113.45
CA LEU F 1127 -30.13 17.24 -113.58
C LEU F 1127 -29.36 18.17 -114.50
N ASP F 1128 -28.02 18.20 -114.37
CA ASP F 1128 -27.21 19.01 -115.26
C ASP F 1128 -27.35 18.58 -116.71
N LEU F 1129 -27.38 17.26 -116.94
CA LEU F 1129 -27.55 16.75 -118.30
C LEU F 1129 -28.88 17.19 -118.88
N LEU F 1130 -29.96 17.08 -118.10
CA LEU F 1130 -31.25 17.52 -118.58
C LEU F 1130 -31.25 19.02 -118.86
N ALA F 1131 -30.60 19.81 -118.00
CA ALA F 1131 -30.54 21.25 -118.20
C ALA F 1131 -29.81 21.60 -119.49
N GLY F 1132 -28.68 20.93 -119.75
CA GLY F 1132 -27.92 21.17 -120.95
C GLY F 1132 -26.93 22.31 -120.80
N THR F 1133 -26.20 22.57 -121.90
CA THR F 1133 -25.17 23.60 -121.92
C THR F 1133 -25.68 24.96 -122.37
N GLU F 1134 -26.93 25.06 -122.82
CA GLU F 1134 -27.48 26.30 -123.34
C GLU F 1134 -28.34 26.97 -122.29
N LEU F 1135 -28.07 28.24 -122.02
CA LEU F 1135 -28.87 29.02 -121.09
C LEU F 1135 -30.21 29.34 -121.74
N ASN F 1136 -31.26 28.60 -121.35
CA ASN F 1136 -32.61 28.84 -121.84
C ASN F 1136 -33.58 28.68 -120.68
N TRP F 1137 -34.89 28.72 -121.00
CA TRP F 1137 -35.89 28.63 -119.95
C TRP F 1137 -35.84 27.28 -119.24
N LEU F 1138 -35.61 26.20 -120.00
CA LEU F 1138 -35.53 24.88 -119.38
C LEU F 1138 -34.29 24.76 -118.51
N GLN F 1139 -33.17 25.30 -118.99
CA GLN F 1139 -31.95 25.33 -118.19
C GLN F 1139 -32.19 26.08 -116.89
N ALA F 1140 -32.89 27.22 -116.94
CA ALA F 1140 -33.22 27.94 -115.72
C ALA F 1140 -34.13 27.11 -114.83
N PHE F 1141 -35.18 26.53 -115.38
CA PHE F 1141 -36.19 25.86 -114.58
C PHE F 1141 -35.69 24.58 -113.94
N ILE F 1142 -34.63 23.97 -114.46
CA ILE F 1142 -34.01 22.80 -113.84
C ILE F 1142 -32.83 23.18 -112.97
N SER F 1143 -31.92 24.03 -113.48
CA SER F 1143 -30.66 24.28 -112.80
C SER F 1143 -30.86 25.04 -111.50
N THR F 1144 -31.65 26.12 -111.53
CA THR F 1144 -31.78 26.97 -110.36
C THR F 1144 -32.39 26.19 -109.20
N ASP F 1145 -31.79 26.33 -108.02
CA ASP F 1145 -32.17 25.57 -106.84
C ASP F 1145 -33.28 26.22 -106.03
N ARG F 1146 -33.87 27.29 -106.54
CA ARG F 1146 -34.94 27.98 -105.83
C ARG F 1146 -35.96 28.50 -106.82
N ILE F 1147 -37.20 28.66 -106.33
CA ILE F 1147 -38.28 29.29 -107.08
C ILE F 1147 -38.92 30.31 -106.16
N VAL F 1148 -39.65 31.24 -106.77
CA VAL F 1148 -40.29 32.33 -106.06
C VAL F 1148 -41.77 31.99 -105.95
N GLN F 1149 -42.22 31.74 -104.73
CA GLN F 1149 -43.63 31.56 -104.41
C GLN F 1149 -44.07 32.84 -103.71
N GLY F 1150 -44.79 33.69 -104.44
CA GLY F 1150 -45.11 35.01 -103.95
C GLY F 1150 -43.85 35.81 -103.71
N SER F 1151 -43.50 35.99 -102.43
CA SER F 1151 -42.28 36.67 -102.03
C SER F 1151 -41.38 35.77 -101.20
N LYS F 1152 -41.47 34.46 -101.39
CA LYS F 1152 -40.70 33.48 -100.64
C LYS F 1152 -39.85 32.65 -101.58
N HIS F 1153 -38.64 32.31 -101.14
CA HIS F 1153 -37.73 31.45 -101.90
C HIS F 1153 -37.89 30.03 -101.40
N VAL F 1154 -38.41 29.15 -102.25
CA VAL F 1154 -38.71 27.78 -101.90
C VAL F 1154 -37.84 26.86 -102.75
N SER F 1155 -37.52 25.68 -102.21
CA SER F 1155 -36.71 24.73 -102.94
C SER F 1155 -37.43 24.31 -104.22
N ASN F 1156 -36.66 24.12 -105.27
CA ASN F 1156 -37.22 23.73 -106.56
C ASN F 1156 -37.73 22.29 -106.46
N PRO F 1157 -39.03 22.03 -106.69
CA PRO F 1157 -39.48 20.63 -106.65
C PRO F 1157 -39.10 19.85 -107.89
N LEU F 1158 -38.63 20.53 -108.95
CA LEU F 1158 -38.25 19.82 -110.16
C LEU F 1158 -37.06 18.90 -109.90
N HIS F 1159 -36.18 19.27 -108.97
CA HIS F 1159 -35.09 18.37 -108.62
C HIS F 1159 -35.61 17.04 -108.12
N ASP F 1160 -36.54 17.08 -107.16
CA ASP F 1160 -37.10 15.85 -106.62
C ASP F 1160 -37.92 15.11 -107.67
N ILE F 1161 -38.64 15.85 -108.52
CA ILE F 1161 -39.46 15.21 -109.54
C ILE F 1161 -38.59 14.48 -110.56
N LEU F 1162 -37.57 15.16 -111.08
CA LEU F 1162 -36.66 14.60 -112.07
C LEU F 1162 -35.53 13.80 -111.45
N THR F 1163 -35.60 13.50 -110.15
CA THR F 1163 -34.62 12.61 -109.55
C THR F 1163 -34.58 11.29 -110.33
N PRO F 1164 -33.41 10.68 -110.52
CA PRO F 1164 -33.34 9.51 -111.40
C PRO F 1164 -34.17 8.36 -110.87
N ALA F 1165 -34.81 7.64 -111.79
CA ALA F 1165 -35.67 6.52 -111.47
C ALA F 1165 -35.31 5.34 -112.36
N LYS F 1166 -35.56 4.14 -111.85
CA LYS F 1166 -35.24 2.93 -112.60
C LYS F 1166 -36.20 2.77 -113.77
N HIS F 1167 -35.64 2.49 -114.95
CA HIS F 1167 -36.42 2.27 -116.17
C HIS F 1167 -37.29 3.49 -116.48
N SER F 1168 -36.67 4.67 -116.43
CA SER F 1168 -37.34 5.93 -116.69
C SER F 1168 -36.73 6.57 -117.93
N LYS F 1169 -37.59 7.22 -118.73
CA LYS F 1169 -37.18 7.86 -119.97
C LYS F 1169 -37.51 9.35 -119.87
N VAL F 1170 -36.77 10.17 -120.59
CA VAL F 1170 -37.01 11.61 -120.64
C VAL F 1170 -36.69 12.11 -122.04
N THR F 1171 -37.70 12.68 -122.71
CA THR F 1171 -37.55 13.21 -124.06
C THR F 1171 -37.56 14.73 -124.00
N ILE F 1172 -36.56 15.35 -124.59
CA ILE F 1172 -36.44 16.80 -124.66
C ILE F 1172 -36.40 17.22 -126.12
N ASP F 1173 -37.33 18.06 -126.53
CA ASP F 1173 -37.37 18.57 -127.89
C ASP F 1173 -36.24 19.56 -128.08
N LYS F 1174 -35.56 19.49 -129.23
CA LYS F 1174 -34.47 20.42 -129.51
C LYS F 1174 -35.01 21.82 -129.79
N LYS F 1175 -36.08 21.92 -130.56
CA LYS F 1175 -36.58 23.22 -130.99
C LYS F 1175 -37.37 23.92 -129.90
N THR F 1176 -38.46 23.29 -129.46
CA THR F 1176 -39.35 23.90 -128.47
C THR F 1176 -38.86 23.71 -127.03
N LYS F 1177 -37.81 22.92 -126.81
CA LYS F 1177 -37.25 22.71 -125.48
C LYS F 1177 -38.27 22.10 -124.52
N LYS F 1178 -39.24 21.38 -125.06
CA LYS F 1178 -40.28 20.75 -124.25
C LYS F 1178 -39.77 19.44 -123.67
N LEU F 1179 -39.93 19.26 -122.37
CA LEU F 1179 -39.45 18.09 -121.64
C LEU F 1179 -40.63 17.20 -121.30
N THR F 1180 -40.44 15.90 -121.40
CA THR F 1180 -41.47 14.92 -121.06
C THR F 1180 -40.81 13.71 -120.42
N ALA F 1181 -41.18 13.44 -119.16
CA ALA F 1181 -40.66 12.33 -118.39
C ALA F 1181 -41.65 11.17 -118.40
N PHE F 1182 -41.18 10.00 -118.80
CA PHE F 1182 -41.98 8.78 -118.88
C PHE F 1182 -41.50 7.83 -117.79
N GLU F 1183 -42.45 7.23 -117.07
CA GLU F 1183 -42.18 6.20 -116.09
C GLU F 1183 -43.10 5.03 -116.34
N ASN F 1184 -42.78 3.88 -115.73
CA ASN F 1184 -43.56 2.68 -115.95
C ASN F 1184 -44.75 2.61 -115.02
N ILE F 1185 -45.90 2.27 -115.59
CA ILE F 1185 -47.16 2.12 -114.87
C ILE F 1185 -47.81 0.85 -115.41
N LYS F 1186 -48.00 -0.14 -114.53
CA LYS F 1186 -48.66 -1.39 -114.90
C LYS F 1186 -47.99 -2.04 -116.10
N GLY F 1187 -46.67 -1.91 -116.19
CA GLY F 1187 -45.90 -2.51 -117.25
C GLY F 1187 -45.82 -1.73 -118.54
N ASP F 1188 -46.39 -0.53 -118.60
CA ASP F 1188 -46.35 0.31 -119.80
C ASP F 1188 -45.73 1.65 -119.48
N LEU F 1189 -44.88 2.14 -120.40
CA LEU F 1189 -44.19 3.41 -120.23
C LEU F 1189 -45.13 4.56 -120.62
N LEU F 1190 -45.48 5.39 -119.64
CA LEU F 1190 -46.40 6.51 -119.85
C LEU F 1190 -45.83 7.79 -119.29
N PRO F 1191 -46.22 8.95 -119.84
CA PRO F 1191 -45.67 10.21 -119.35
C PRO F 1191 -46.23 10.58 -117.98
N VAL F 1192 -45.39 11.23 -117.18
CA VAL F 1192 -45.79 11.65 -115.83
C VAL F 1192 -45.52 13.14 -115.62
N VAL F 1193 -44.57 13.69 -116.35
CA VAL F 1193 -44.21 15.11 -116.22
C VAL F 1193 -44.10 15.68 -117.62
N GLU F 1194 -44.82 16.77 -117.90
CA GLU F 1194 -44.57 17.59 -119.09
C GLU F 1194 -44.18 18.99 -118.65
N ILE F 1195 -43.13 19.53 -119.25
CA ILE F 1195 -42.70 20.92 -119.05
C ILE F 1195 -42.66 21.56 -120.43
N GLU F 1196 -43.39 22.67 -120.61
CA GLU F 1196 -43.44 23.32 -121.92
C GLU F 1196 -43.83 24.78 -121.77
N LEU F 1197 -43.48 25.56 -122.79
CA LEU F 1197 -43.60 27.02 -122.76
C LEU F 1197 -44.89 27.42 -123.45
N VAL F 1198 -45.94 27.63 -122.65
CA VAL F 1198 -47.25 27.98 -123.20
C VAL F 1198 -47.22 29.37 -123.82
N LYS F 1199 -46.58 30.32 -123.17
CA LYS F 1199 -46.49 31.71 -123.58
C LYS F 1199 -45.04 32.13 -123.51
N PRO F 1200 -44.66 33.24 -124.16
CA PRO F 1200 -43.23 33.59 -124.27
C PRO F 1200 -42.49 33.68 -122.95
N ASN F 1201 -43.19 33.84 -121.82
CA ASN F 1201 -42.53 33.99 -120.52
C ASN F 1201 -43.25 33.17 -119.44
N THR F 1202 -44.06 32.18 -119.82
CA THR F 1202 -44.77 31.34 -118.87
C THR F 1202 -44.39 29.89 -119.13
N ILE F 1203 -44.04 29.16 -118.06
CA ILE F 1203 -43.63 27.77 -118.13
C ILE F 1203 -44.70 26.94 -117.43
N GLN F 1204 -45.25 25.96 -118.13
CA GLN F 1204 -46.28 25.08 -117.60
C GLN F 1204 -45.65 23.74 -117.27
N LEU F 1205 -45.76 23.34 -116.01
CA LEU F 1205 -45.32 22.05 -115.50
C LEU F 1205 -46.57 21.25 -115.13
N SER F 1206 -46.83 20.19 -115.90
CA SER F 1206 -48.04 19.39 -115.76
C SER F 1206 -47.66 18.00 -115.25
N LEU F 1207 -48.21 17.63 -114.10
CA LEU F 1207 -48.04 16.31 -113.53
C LEU F 1207 -49.24 15.45 -113.91
N ILE F 1208 -48.99 14.36 -114.61
CA ILE F 1208 -50.05 13.51 -115.16
C ILE F 1208 -50.25 12.33 -114.22
N GLU F 1209 -51.52 12.02 -113.94
CA GLU F 1209 -51.90 10.84 -113.17
C GLU F 1209 -52.83 10.00 -114.04
N HIS F 1210 -52.42 8.75 -114.29
CA HIS F 1210 -53.17 7.85 -115.15
C HIS F 1210 -54.11 6.92 -114.40
N ARG F 1211 -53.91 6.74 -113.09
CA ARG F 1211 -54.80 5.93 -112.27
C ARG F 1211 -55.93 6.83 -111.77
N THR F 1212 -56.96 6.96 -112.59
CA THR F 1212 -58.10 7.83 -112.34
C THR F 1212 -59.36 6.99 -112.21
N ALA F 1213 -60.44 7.66 -111.75
CA ALA F 1213 -61.72 6.97 -111.62
C ALA F 1213 -62.24 6.52 -112.98
N ASP F 1214 -62.16 7.40 -113.98
CA ASP F 1214 -62.64 7.10 -115.32
C ASP F 1214 -61.56 6.55 -116.24
N THR F 1215 -60.33 6.37 -115.74
CA THR F 1215 -59.16 5.87 -116.47
C THR F 1215 -58.59 6.88 -117.44
N ASN F 1216 -59.22 8.04 -117.63
CA ASN F 1216 -58.68 9.06 -118.52
C ASN F 1216 -57.58 9.83 -117.80
N PRO F 1217 -56.38 9.98 -118.38
CA PRO F 1217 -55.32 10.70 -117.67
C PRO F 1217 -55.71 12.16 -117.44
N VAL F 1218 -55.30 12.69 -116.30
CA VAL F 1218 -55.58 14.07 -115.91
C VAL F 1218 -54.27 14.74 -115.54
N ALA F 1219 -54.08 15.96 -116.01
CA ALA F 1219 -52.85 16.71 -115.81
C ALA F 1219 -53.08 17.83 -114.79
N LEU F 1220 -52.08 18.08 -113.96
CA LEU F 1220 -52.12 19.15 -112.97
C LEU F 1220 -51.14 20.23 -113.37
N PRO F 1221 -51.55 21.29 -114.08
CA PRO F 1221 -50.58 22.28 -114.56
C PRO F 1221 -50.11 23.20 -113.45
N PHE F 1222 -48.80 23.41 -113.38
CA PHE F 1222 -48.19 24.42 -112.53
C PHE F 1222 -47.58 25.49 -113.42
N LEU F 1223 -48.04 26.73 -113.26
CA LEU F 1223 -47.62 27.83 -114.10
C LEU F 1223 -46.49 28.60 -113.42
N TYR F 1224 -45.40 28.81 -114.15
CA TYR F 1224 -44.26 29.56 -113.66
C TYR F 1224 -43.90 30.64 -114.68
N LYS F 1225 -43.96 31.89 -114.25
CA LYS F 1225 -43.47 33.00 -115.05
C LYS F 1225 -41.95 32.91 -115.13
N TYR F 1226 -41.43 33.07 -116.34
CA TYR F 1226 -39.99 33.15 -116.58
C TYR F 1226 -39.58 34.62 -116.62
N ASN F 1227 -38.62 34.99 -115.78
CA ASN F 1227 -38.14 36.36 -115.64
C ASN F 1227 -36.64 36.35 -115.91
N PRO F 1228 -36.21 36.41 -117.16
CA PRO F 1228 -34.77 36.43 -117.44
C PRO F 1228 -34.05 37.64 -116.87
N ALA F 1229 -34.77 38.72 -116.54
CA ALA F 1229 -34.13 39.90 -115.98
C ALA F 1229 -33.44 39.57 -114.66
N ASP F 1230 -34.10 38.76 -113.82
CA ASP F 1230 -33.54 38.32 -112.54
C ASP F 1230 -33.11 36.87 -112.72
N GLY F 1231 -31.83 36.67 -113.04
CA GLY F 1231 -31.31 35.32 -113.23
C GLY F 1231 -31.04 34.59 -111.93
N PHE F 1232 -31.00 35.31 -110.80
CA PHE F 1232 -30.83 34.65 -109.51
C PHE F 1232 -32.05 33.79 -109.19
N ALA F 1233 -33.24 34.31 -109.43
CA ALA F 1233 -34.50 33.60 -109.21
C ALA F 1233 -35.40 33.82 -110.43
N PRO F 1234 -35.08 33.19 -111.57
CA PRO F 1234 -35.82 33.49 -112.80
C PRO F 1234 -37.14 32.75 -112.93
N ILE F 1235 -37.53 31.95 -111.95
CA ILE F 1235 -38.77 31.17 -111.99
C ILE F 1235 -39.67 31.69 -110.88
N LEU F 1236 -40.83 32.22 -111.25
CA LEU F 1236 -41.79 32.78 -110.29
C LEU F 1236 -43.11 32.04 -110.44
N GLU F 1237 -43.45 31.21 -109.46
CA GLU F 1237 -44.68 30.44 -109.52
C GLU F 1237 -45.88 31.37 -109.47
N ILE F 1238 -46.85 31.16 -110.37
CA ILE F 1238 -48.08 31.95 -110.40
C ILE F 1238 -49.00 31.38 -109.32
N MET F 1239 -49.06 32.06 -108.18
CA MET F 1239 -49.92 31.60 -107.09
C MET F 1239 -51.39 31.93 -107.32
N GLU F 1240 -51.70 32.75 -108.32
CA GLU F 1240 -53.09 33.09 -108.56
C GLU F 1240 -53.83 31.90 -109.14
N ASP F 1241 -54.90 31.48 -108.47
CA ASP F 1241 -55.74 30.36 -108.87
C ASP F 1241 -55.02 29.01 -108.74
N ARG F 1242 -53.86 28.97 -108.06
CA ARG F 1242 -53.15 27.71 -107.92
C ARG F 1242 -53.96 26.69 -107.13
N ASN F 1243 -54.55 27.13 -106.01
CA ASN F 1243 -55.38 26.23 -105.22
C ASN F 1243 -56.59 25.76 -106.01
N GLU F 1244 -57.18 26.66 -106.81
CA GLU F 1244 -58.33 26.26 -107.62
C GLU F 1244 -57.94 25.25 -108.69
N ARG F 1245 -56.78 25.42 -109.31
CA ARG F 1245 -56.31 24.43 -110.29
C ARG F 1245 -56.09 23.07 -109.64
N ILE F 1246 -55.45 23.07 -108.45
CA ILE F 1246 -55.21 21.81 -107.76
C ILE F 1246 -56.54 21.19 -107.35
N LYS F 1247 -57.52 22.02 -106.98
CA LYS F 1247 -58.84 21.51 -106.62
C LYS F 1247 -59.54 20.91 -107.83
N GLU F 1248 -59.41 21.52 -109.00
CA GLU F 1248 -59.98 20.95 -110.21
C GLU F 1248 -59.34 19.60 -110.50
N PHE F 1249 -58.02 19.49 -110.33
CA PHE F 1249 -57.34 18.23 -110.55
C PHE F 1249 -57.85 17.15 -109.60
N TYR F 1250 -57.95 17.47 -108.32
CA TYR F 1250 -58.42 16.49 -107.34
C TYR F 1250 -59.89 16.14 -107.55
N TRP F 1251 -60.69 17.11 -107.98
CA TRP F 1251 -62.09 16.84 -108.33
C TRP F 1251 -62.17 15.85 -109.47
N LYS F 1252 -61.37 16.06 -110.52
CA LYS F 1252 -61.38 15.13 -111.64
C LYS F 1252 -60.92 13.75 -111.20
N LEU F 1253 -59.94 13.69 -110.30
CA LEU F 1253 -59.48 12.39 -109.83
C LEU F 1253 -60.57 11.65 -109.06
N TRP F 1254 -61.15 12.30 -108.05
CA TRP F 1254 -62.04 11.58 -107.15
C TRP F 1254 -63.42 11.36 -107.76
N PHE F 1255 -63.93 12.34 -108.51
CA PHE F 1255 -65.28 12.28 -109.06
C PHE F 1255 -65.30 11.96 -110.55
N GLY F 1256 -64.17 12.08 -111.25
CA GLY F 1256 -64.10 11.79 -112.66
C GLY F 1256 -64.16 13.07 -113.50
N SER F 1257 -63.62 12.96 -114.71
CA SER F 1257 -63.60 14.12 -115.61
C SER F 1257 -64.99 14.53 -116.05
N SER F 1258 -65.90 13.56 -116.20
CA SER F 1258 -67.26 13.88 -116.66
C SER F 1258 -67.99 14.75 -115.65
N VAL F 1259 -67.81 14.48 -114.37
CA VAL F 1259 -68.53 15.25 -113.34
C VAL F 1259 -68.04 16.69 -113.38
N PRO F 1260 -68.91 17.70 -113.51
CA PRO F 1260 -68.41 19.08 -113.62
C PRO F 1260 -67.82 19.57 -112.31
N TYR F 1261 -66.81 20.42 -112.42
CA TYR F 1261 -66.21 21.03 -111.24
C TYR F 1261 -67.11 22.14 -110.72
N SER F 1262 -67.39 22.10 -109.42
CA SER F 1262 -68.24 23.11 -108.79
C SER F 1262 -67.79 23.26 -107.35
N ASN F 1263 -67.27 24.43 -106.99
CA ASN F 1263 -66.80 24.72 -105.65
C ASN F 1263 -67.69 25.71 -104.92
N ASP F 1264 -68.89 25.96 -105.42
CA ASP F 1264 -69.86 26.81 -104.73
C ASP F 1264 -70.68 26.04 -103.70
N ILE F 1265 -70.00 25.29 -102.85
CA ILE F 1265 -70.66 24.41 -101.88
C ILE F 1265 -70.82 25.17 -100.56
N ASN F 1266 -72.04 25.17 -100.03
CA ASN F 1266 -72.32 25.83 -98.77
C ASN F 1266 -71.90 24.92 -97.62
N VAL F 1267 -71.04 25.43 -96.74
CA VAL F 1267 -70.55 24.63 -95.62
C VAL F 1267 -71.69 24.32 -94.65
N GLU F 1268 -72.62 25.26 -94.48
CA GLU F 1268 -73.70 25.09 -93.52
C GLU F 1268 -74.72 24.03 -93.95
N LYS F 1269 -74.67 23.56 -95.19
CA LYS F 1269 -75.61 22.58 -95.71
C LYS F 1269 -74.95 21.22 -95.85
N ALA F 1270 -75.69 20.17 -95.50
CA ALA F 1270 -75.17 18.82 -95.60
C ALA F 1270 -74.94 18.44 -97.07
N ILE F 1271 -73.92 17.62 -97.29
CA ILE F 1271 -73.53 17.17 -98.62
C ILE F 1271 -74.15 15.80 -98.85
N LEU F 1272 -74.93 15.68 -99.93
CA LEU F 1272 -75.64 14.45 -100.25
C LEU F 1272 -74.79 13.59 -101.19
N GLY F 1273 -74.51 12.36 -100.77
CA GLY F 1273 -73.77 11.42 -101.58
C GLY F 1273 -74.69 10.49 -102.36
N ASP F 1274 -74.08 9.67 -103.20
CA ASP F 1274 -74.82 8.78 -104.07
C ASP F 1274 -75.32 7.56 -103.30
N GLU F 1275 -76.47 7.04 -103.73
CA GLU F 1275 -77.01 5.81 -103.17
C GLU F 1275 -76.24 4.62 -103.74
N ILE F 1276 -75.76 3.75 -102.84
CA ILE F 1276 -74.91 2.63 -103.21
C ILE F 1276 -75.53 1.35 -102.68
N THR F 1277 -75.59 0.33 -103.52
CA THR F 1277 -76.04 -1.00 -103.12
C THR F 1277 -74.84 -1.88 -102.87
N ILE F 1278 -74.74 -2.42 -101.67
CA ILE F 1278 -73.60 -3.25 -101.29
C ILE F 1278 -73.74 -4.60 -101.99
N SER F 1279 -72.61 -5.15 -102.43
CA SER F 1279 -72.58 -6.42 -103.14
C SER F 1279 -71.48 -7.32 -102.57
N SER F 1280 -71.68 -8.62 -102.75
CA SER F 1280 -70.70 -9.59 -102.27
C SER F 1280 -69.36 -9.39 -102.96
N GLN F 1281 -69.37 -9.08 -104.26
CA GLN F 1281 -68.13 -8.84 -104.98
C GLN F 1281 -67.38 -7.65 -104.38
N THR F 1282 -68.08 -6.54 -104.13
CA THR F 1282 -67.45 -5.37 -103.55
C THR F 1282 -66.89 -5.69 -102.16
N ILE F 1283 -67.67 -6.40 -101.35
CA ILE F 1283 -67.23 -6.72 -99.99
C ILE F 1283 -65.98 -7.58 -100.04
N SER F 1284 -65.98 -8.62 -100.89
CA SER F 1284 -64.82 -9.51 -100.97
C SER F 1284 -63.59 -8.76 -101.46
N GLU F 1285 -63.75 -7.93 -102.50
CA GLU F 1285 -62.61 -7.19 -103.02
C GLU F 1285 -62.03 -6.25 -101.96
N PHE F 1286 -62.89 -5.51 -101.27
CA PHE F 1286 -62.40 -4.60 -100.25
C PHE F 1286 -61.73 -5.34 -99.10
N THR F 1287 -62.34 -6.43 -98.63
CA THR F 1287 -61.76 -7.17 -97.51
C THR F 1287 -60.41 -7.74 -97.88
N HIS F 1288 -60.27 -8.30 -99.08
CA HIS F 1288 -58.99 -8.86 -99.49
C HIS F 1288 -57.97 -7.75 -99.70
N ALA F 1289 -58.41 -6.57 -100.15
CA ALA F 1289 -57.50 -5.45 -100.29
C ALA F 1289 -56.95 -5.01 -98.94
N ILE F 1290 -57.80 -4.94 -97.91
CA ILE F 1290 -57.34 -4.49 -96.60
C ILE F 1290 -56.73 -5.61 -95.78
N GLY F 1291 -56.80 -6.85 -96.24
CA GLY F 1291 -56.23 -7.95 -95.47
C GLY F 1291 -57.08 -8.39 -94.30
N ASN F 1292 -58.40 -8.25 -94.39
CA ASN F 1292 -59.30 -8.71 -93.34
C ASN F 1292 -59.75 -10.12 -93.64
N LYS F 1293 -59.55 -11.03 -92.68
CA LYS F 1293 -59.91 -12.44 -92.83
C LYS F 1293 -61.03 -12.85 -91.88
N CYS F 1294 -61.93 -11.93 -91.56
CA CYS F 1294 -63.06 -12.26 -90.70
C CYS F 1294 -64.09 -13.08 -91.47
N ASP F 1295 -64.55 -14.17 -90.86
CA ASP F 1295 -65.52 -15.04 -91.51
C ASP F 1295 -66.87 -14.37 -91.70
N ALA F 1296 -67.14 -13.28 -91.00
CA ALA F 1296 -68.41 -12.58 -91.16
C ALA F 1296 -68.56 -11.93 -92.53
N PHE F 1297 -67.48 -11.73 -93.27
CA PHE F 1297 -67.51 -11.03 -94.55
C PHE F 1297 -67.43 -11.96 -95.76
N VAL F 1298 -67.10 -13.24 -95.57
CA VAL F 1298 -67.09 -14.20 -96.66
C VAL F 1298 -68.50 -14.74 -96.87
N ASP F 1299 -68.81 -15.09 -98.12
CA ASP F 1299 -70.17 -15.44 -98.52
C ASP F 1299 -70.46 -16.90 -98.17
N ARG F 1300 -70.90 -17.11 -96.93
CA ARG F 1300 -71.44 -18.40 -96.50
C ARG F 1300 -72.94 -18.40 -96.73
N PRO F 1301 -73.51 -19.36 -97.47
CA PRO F 1301 -74.96 -19.33 -97.70
C PRO F 1301 -75.74 -19.43 -96.40
N GLY F 1302 -76.85 -18.69 -96.33
CA GLY F 1302 -77.70 -18.73 -95.16
C GLY F 1302 -77.09 -18.13 -93.91
N LYS F 1303 -76.21 -17.14 -94.05
CA LYS F 1303 -75.60 -16.47 -92.91
C LYS F 1303 -75.67 -14.95 -92.98
N ALA F 1304 -76.19 -14.37 -94.06
CA ALA F 1304 -76.34 -12.93 -94.19
C ALA F 1304 -74.99 -12.23 -94.06
N THR F 1305 -74.12 -12.51 -95.04
CA THR F 1305 -72.77 -11.94 -95.12
C THR F 1305 -72.77 -10.45 -94.83
N LEU F 1306 -71.96 -10.05 -93.86
CA LEU F 1306 -71.84 -8.66 -93.44
C LEU F 1306 -70.70 -7.97 -94.19
N ALA F 1307 -70.70 -6.64 -94.13
CA ALA F 1307 -69.65 -5.81 -94.71
C ALA F 1307 -68.82 -5.17 -93.61
N PRO F 1308 -67.52 -4.98 -93.81
CA PRO F 1308 -66.68 -4.42 -92.73
C PRO F 1308 -67.06 -2.97 -92.42
N MET F 1309 -66.82 -2.57 -91.16
CA MET F 1309 -67.10 -1.19 -90.78
C MET F 1309 -66.23 -0.23 -91.58
N ASP F 1310 -65.07 -0.69 -92.06
CA ASP F 1310 -64.22 0.12 -92.93
C ASP F 1310 -64.85 0.39 -94.28
N PHE F 1311 -65.84 -0.39 -94.71
CA PHE F 1311 -66.57 -0.09 -95.93
C PHE F 1311 -67.38 1.20 -95.80
N ALA F 1312 -67.53 1.73 -94.60
CA ALA F 1312 -68.18 3.02 -94.42
C ALA F 1312 -67.44 4.12 -95.15
N ILE F 1313 -66.11 4.12 -95.10
CA ILE F 1313 -65.34 5.13 -95.82
C ILE F 1313 -65.51 4.95 -97.32
N VAL F 1314 -65.65 3.70 -97.78
CA VAL F 1314 -65.91 3.46 -99.20
C VAL F 1314 -67.25 4.06 -99.59
N ILE F 1315 -68.27 3.85 -98.75
CA ILE F 1315 -69.60 4.38 -99.05
C ILE F 1315 -69.59 5.90 -99.04
N GLY F 1316 -68.95 6.49 -98.05
CA GLY F 1316 -69.00 7.92 -97.81
C GLY F 1316 -67.79 8.71 -98.28
N TRP F 1317 -66.96 8.15 -99.16
CA TRP F 1317 -65.77 8.88 -99.59
C TRP F 1317 -66.14 10.13 -100.38
N LYS F 1318 -67.10 10.00 -101.30
CA LYS F 1318 -67.49 11.15 -102.11
C LYS F 1318 -68.00 12.29 -101.24
N ALA F 1319 -68.96 12.01 -100.37
CA ALA F 1319 -69.55 13.05 -99.53
C ALA F 1319 -68.54 13.64 -98.56
N ILE F 1320 -67.74 12.78 -97.92
CA ILE F 1320 -66.78 13.26 -96.93
C ILE F 1320 -65.71 14.13 -97.59
N ILE F 1321 -65.20 13.68 -98.75
CA ILE F 1321 -64.13 14.41 -99.40
C ILE F 1321 -64.65 15.63 -100.14
N LYS F 1322 -65.94 15.71 -100.42
CA LYS F 1322 -66.51 16.91 -101.03
C LYS F 1322 -66.54 18.10 -100.08
N ALA F 1323 -66.24 17.89 -98.80
CA ALA F 1323 -66.33 18.95 -97.80
C ALA F 1323 -65.05 19.77 -97.66
N ILE F 1324 -63.95 19.36 -98.27
CA ILE F 1324 -62.71 20.15 -98.24
C ILE F 1324 -62.57 21.06 -99.46
N PHE F 1325 -63.36 20.84 -100.50
CA PHE F 1325 -63.40 21.65 -101.71
C PHE F 1325 -64.02 23.05 -101.58
N PRO F 1326 -64.95 23.34 -100.65
CA PRO F 1326 -65.65 24.64 -100.71
C PRO F 1326 -64.71 25.84 -100.68
N LYS F 1327 -65.12 26.89 -101.39
CA LYS F 1327 -64.30 28.09 -101.50
C LYS F 1327 -64.00 28.68 -100.12
N SER F 1328 -64.94 28.60 -99.19
CA SER F 1328 -64.69 29.08 -97.84
C SER F 1328 -63.56 28.30 -97.17
N VAL F 1329 -63.35 27.05 -97.60
CA VAL F 1329 -62.23 26.25 -97.12
C VAL F 1329 -61.17 26.20 -98.22
N ASP F 1330 -60.23 27.15 -98.18
CA ASP F 1330 -59.20 27.29 -99.20
C ASP F 1330 -57.87 26.80 -98.66
N GLY F 1331 -57.21 25.96 -99.44
CA GLY F 1331 -55.90 25.45 -99.03
C GLY F 1331 -55.32 24.58 -100.13
N ASP F 1332 -54.09 24.13 -99.86
CA ASP F 1332 -53.34 23.31 -100.82
C ASP F 1332 -53.67 21.84 -100.57
N LEU F 1333 -54.36 21.21 -101.53
CA LEU F 1333 -54.73 19.81 -101.38
C LEU F 1333 -53.50 18.91 -101.39
N LEU F 1334 -52.46 19.29 -102.14
CA LEU F 1334 -51.24 18.49 -102.15
C LEU F 1334 -50.60 18.42 -100.78
N LYS F 1335 -50.77 19.46 -99.96
CA LYS F 1335 -50.31 19.46 -98.59
C LYS F 1335 -51.37 19.01 -97.60
N LEU F 1336 -52.55 18.62 -98.09
CA LEU F 1336 -53.55 18.01 -97.22
C LEU F 1336 -53.03 16.71 -96.64
N VAL F 1337 -53.31 16.48 -95.36
CA VAL F 1337 -53.02 15.21 -94.71
C VAL F 1337 -54.23 14.78 -93.92
N HIS F 1338 -54.53 13.48 -93.97
CA HIS F 1338 -55.58 12.90 -93.15
C HIS F 1338 -55.04 12.74 -91.74
N LEU F 1339 -55.59 13.49 -90.79
CA LEU F 1339 -55.10 13.45 -89.42
C LEU F 1339 -55.71 12.31 -88.63
N SER F 1340 -57.02 12.11 -88.77
CA SER F 1340 -57.73 11.16 -87.94
C SER F 1340 -58.97 10.69 -88.67
N ASN F 1341 -59.38 9.47 -88.35
CA ASN F 1341 -60.64 8.91 -88.85
C ASN F 1341 -61.25 8.02 -87.79
N GLY F 1342 -62.56 8.08 -87.66
CA GLY F 1342 -63.26 7.28 -86.68
C GLY F 1342 -64.65 6.91 -87.16
N TYR F 1343 -65.13 5.77 -86.68
CA TYR F 1343 -66.47 5.29 -86.95
C TYR F 1343 -67.19 5.06 -85.63
N LYS F 1344 -68.49 5.36 -85.62
CA LYS F 1344 -69.35 5.11 -84.48
C LYS F 1344 -70.62 4.44 -84.97
N MET F 1345 -70.87 3.23 -84.47
CA MET F 1345 -72.13 2.56 -84.74
C MET F 1345 -73.25 3.22 -83.94
N ILE F 1346 -74.39 3.44 -84.58
CA ILE F 1346 -75.55 3.94 -83.87
C ILE F 1346 -76.08 2.84 -82.95
N THR F 1347 -76.60 3.24 -81.79
CA THR F 1347 -77.14 2.27 -80.86
C THR F 1347 -78.32 1.53 -81.48
N GLY F 1348 -78.28 0.20 -81.40
CA GLY F 1348 -79.34 -0.62 -81.95
C GLY F 1348 -79.34 -0.74 -83.45
N ALA F 1349 -78.30 -0.25 -84.14
CA ALA F 1349 -78.20 -0.35 -85.58
C ALA F 1349 -77.37 -1.57 -85.94
N ALA F 1350 -77.94 -2.43 -86.78
CA ALA F 1350 -77.24 -3.64 -87.18
C ALA F 1350 -76.09 -3.30 -88.14
N PRO F 1351 -75.07 -4.15 -88.22
CA PRO F 1351 -73.99 -3.88 -89.16
C PRO F 1351 -74.47 -3.92 -90.61
N LEU F 1352 -73.69 -3.30 -91.48
CA LEU F 1352 -74.00 -3.33 -92.91
C LEU F 1352 -73.91 -4.74 -93.44
N LYS F 1353 -74.85 -5.12 -94.30
CA LYS F 1353 -74.94 -6.45 -94.86
C LYS F 1353 -75.13 -6.37 -96.37
N LYS F 1354 -74.92 -7.51 -97.03
CA LYS F 1354 -75.07 -7.57 -98.47
C LYS F 1354 -76.49 -7.22 -98.88
N GLY F 1355 -76.61 -6.52 -100.01
CA GLY F 1355 -77.90 -6.07 -100.49
C GLY F 1355 -78.38 -4.77 -99.86
N ASP F 1356 -77.63 -4.20 -98.93
CA ASP F 1356 -78.06 -2.95 -98.29
C ASP F 1356 -77.93 -1.79 -99.27
N VAL F 1357 -78.99 -0.98 -99.33
CA VAL F 1357 -78.99 0.27 -100.09
C VAL F 1357 -78.70 1.38 -99.08
N VAL F 1358 -77.55 2.02 -99.23
CA VAL F 1358 -77.05 2.98 -98.25
C VAL F 1358 -76.83 4.32 -98.93
N SER F 1359 -77.25 5.39 -98.26
CA SER F 1359 -77.04 6.76 -98.72
C SER F 1359 -76.32 7.55 -97.64
N THR F 1360 -75.34 8.34 -98.04
CA THR F 1360 -74.47 9.03 -97.11
C THR F 1360 -74.74 10.53 -97.14
N LYS F 1361 -74.78 11.15 -95.96
CA LYS F 1361 -74.95 12.59 -95.83
C LYS F 1361 -73.80 13.13 -95.00
N ALA F 1362 -73.02 14.05 -95.58
CA ALA F 1362 -71.83 14.59 -94.94
C ALA F 1362 -72.07 16.03 -94.52
N GLU F 1363 -71.60 16.38 -93.32
CA GLU F 1363 -71.72 17.71 -92.77
C GLU F 1363 -70.37 18.14 -92.23
N ILE F 1364 -70.00 19.39 -92.49
CA ILE F 1364 -68.73 19.93 -92.00
C ILE F 1364 -68.94 20.37 -90.56
N LYS F 1365 -68.34 19.64 -89.62
CA LYS F 1365 -68.49 19.99 -88.22
C LYS F 1365 -67.69 21.22 -87.85
N ALA F 1366 -66.46 21.34 -88.37
CA ALA F 1366 -65.58 22.42 -87.95
C ALA F 1366 -64.59 22.76 -89.05
N VAL F 1367 -64.24 24.05 -89.12
CA VAL F 1367 -63.14 24.54 -89.94
C VAL F 1367 -62.39 25.54 -89.09
N LEU F 1368 -61.14 25.23 -88.75
CA LEU F 1368 -60.34 26.01 -87.82
C LEU F 1368 -59.00 26.32 -88.45
N ASN F 1369 -58.35 27.39 -87.99
CA ASN F 1369 -56.96 27.67 -88.31
C ASN F 1369 -56.13 27.47 -87.05
N GLN F 1370 -55.32 26.42 -87.04
CA GLN F 1370 -54.32 26.15 -86.02
C GLN F 1370 -52.94 26.51 -86.55
N PRO F 1371 -51.94 26.62 -85.68
CA PRO F 1371 -50.59 26.96 -86.16
C PRO F 1371 -50.06 25.98 -87.18
N SER F 1372 -50.47 24.71 -87.11
CA SER F 1372 -50.01 23.72 -88.09
C SER F 1372 -50.76 23.81 -89.41
N GLY F 1373 -51.93 24.43 -89.44
CA GLY F 1373 -52.67 24.56 -90.67
C GLY F 1373 -54.17 24.65 -90.42
N LYS F 1374 -54.94 24.52 -91.50
CA LYS F 1374 -56.38 24.61 -91.43
C LYS F 1374 -56.97 23.21 -91.24
N LEU F 1375 -57.62 22.99 -90.11
CA LEU F 1375 -58.21 21.71 -89.76
C LEU F 1375 -59.68 21.70 -90.17
N VAL F 1376 -60.09 20.63 -90.88
CA VAL F 1376 -61.44 20.47 -91.37
C VAL F 1376 -61.99 19.16 -90.83
N GLU F 1377 -63.10 19.24 -90.09
CA GLU F 1377 -63.78 18.09 -89.52
C GLU F 1377 -65.04 17.83 -90.31
N VAL F 1378 -65.21 16.59 -90.78
CA VAL F 1378 -66.36 16.20 -91.60
C VAL F 1378 -66.95 14.93 -91.02
N VAL F 1379 -68.25 14.94 -90.78
CA VAL F 1379 -68.97 13.78 -90.28
C VAL F 1379 -69.95 13.33 -91.34
N GLY F 1380 -69.79 12.09 -91.82
CA GLY F 1380 -70.70 11.49 -92.77
C GLY F 1380 -71.54 10.41 -92.11
N THR F 1381 -72.84 10.64 -92.05
CA THR F 1381 -73.78 9.68 -91.50
C THR F 1381 -74.31 8.82 -92.65
N ILE F 1382 -74.24 7.51 -92.48
CA ILE F 1382 -74.79 6.56 -93.44
C ILE F 1382 -76.21 6.23 -93.03
N TYR F 1383 -77.09 6.06 -94.01
CA TYR F 1383 -78.50 5.81 -93.79
C TYR F 1383 -78.91 4.59 -94.61
N ARG F 1384 -79.59 3.65 -93.95
CA ARG F 1384 -80.17 2.47 -94.58
C ARG F 1384 -81.68 2.52 -94.39
N GLU F 1385 -82.41 2.52 -95.51
CA GLU F 1385 -83.88 2.64 -95.49
C GLU F 1385 -84.33 3.91 -94.78
N GLY F 1386 -83.54 4.98 -94.87
CA GLY F 1386 -83.89 6.25 -94.25
C GLY F 1386 -83.57 6.35 -92.77
N LYS F 1387 -83.01 5.31 -92.18
CA LYS F 1387 -82.66 5.30 -90.77
C LYS F 1387 -81.14 5.35 -90.61
N PRO F 1388 -80.58 6.24 -89.79
CA PRO F 1388 -79.13 6.28 -89.66
C PRO F 1388 -78.59 4.98 -89.08
N VAL F 1389 -77.45 4.54 -89.61
CA VAL F 1389 -76.80 3.32 -89.17
C VAL F 1389 -75.47 3.61 -88.47
N MET F 1390 -74.73 4.62 -88.94
CA MET F 1390 -73.37 4.83 -88.47
C MET F 1390 -72.91 6.24 -88.83
N GLU F 1391 -71.89 6.70 -88.13
CA GLU F 1391 -71.29 8.00 -88.33
C GLU F 1391 -69.79 7.84 -88.55
N VAL F 1392 -69.25 8.55 -89.54
CA VAL F 1392 -67.83 8.49 -89.89
C VAL F 1392 -67.26 9.89 -89.80
N THR F 1393 -66.38 10.11 -88.82
CA THR F 1393 -65.76 11.40 -88.57
C THR F 1393 -64.34 11.39 -89.12
N SER F 1394 -64.02 12.36 -89.97
CA SER F 1394 -62.71 12.47 -90.60
C SER F 1394 -62.16 13.86 -90.38
N GLN F 1395 -60.84 13.94 -90.22
CA GLN F 1395 -60.13 15.20 -90.05
C GLN F 1395 -59.08 15.34 -91.14
N PHE F 1396 -59.11 16.47 -91.85
CA PHE F 1396 -58.14 16.77 -92.88
C PHE F 1396 -57.47 18.10 -92.55
N LEU F 1397 -56.14 18.10 -92.55
CA LEU F 1397 -55.35 19.28 -92.23
C LEU F 1397 -54.66 19.79 -93.47
N TYR F 1398 -54.99 21.02 -93.86
CA TYR F 1398 -54.29 21.76 -94.90
C TYR F 1398 -53.09 22.42 -94.25
N ARG F 1399 -51.91 21.86 -94.45
CA ARG F 1399 -50.70 22.45 -93.88
C ARG F 1399 -50.47 23.84 -94.45
N GLY F 1400 -49.97 24.74 -93.60
CA GLY F 1400 -49.63 26.09 -93.99
C GLY F 1400 -50.09 27.08 -92.95
N GLU F 1401 -50.20 28.33 -93.37
CA GLU F 1401 -50.66 29.42 -92.52
C GLU F 1401 -51.91 30.05 -93.12
N TYR F 1402 -52.95 30.18 -92.29
CA TYR F 1402 -54.23 30.70 -92.73
C TYR F 1402 -54.74 31.71 -91.72
N ASN F 1403 -55.21 32.85 -92.21
CA ASN F 1403 -55.69 33.94 -91.37
C ASN F 1403 -57.16 34.28 -91.63
N ASP F 1404 -57.84 33.50 -92.48
CA ASP F 1404 -59.22 33.79 -92.85
C ASP F 1404 -60.16 33.28 -91.78
N TYR F 1405 -60.08 33.92 -90.61
CA TYR F 1405 -60.93 33.53 -89.48
C TYR F 1405 -62.40 33.81 -89.75
N CYS F 1406 -62.73 34.64 -90.74
CA CYS F 1406 -64.13 34.88 -91.07
C CYS F 1406 -64.82 33.61 -91.54
N ASN F 1407 -64.08 32.68 -92.14
CA ASN F 1407 -64.65 31.46 -92.71
C ASN F 1407 -64.54 30.25 -91.78
N THR F 1408 -64.12 30.44 -90.52
CA THR F 1408 -64.00 29.34 -89.58
C THR F 1408 -65.27 29.19 -88.76
N PHE F 1409 -65.49 27.97 -88.28
CA PHE F 1409 -66.59 27.66 -87.39
C PHE F 1409 -66.32 26.30 -86.76
N GLN F 1410 -67.08 26.00 -85.72
CA GLN F 1410 -66.95 24.73 -85.00
C GLN F 1410 -68.31 24.35 -84.44
N LYS F 1411 -68.92 23.33 -85.01
CA LYS F 1411 -70.18 22.77 -84.51
C LYS F 1411 -69.83 21.56 -83.66
N VAL F 1412 -70.10 21.65 -82.36
CA VAL F 1412 -69.81 20.59 -81.41
C VAL F 1412 -71.12 20.13 -80.79
N THR F 1413 -71.52 18.89 -81.09
CA THR F 1413 -72.66 18.29 -80.41
C THR F 1413 -72.14 17.75 -79.08
N GLU F 1414 -72.50 18.44 -78.01
CA GLU F 1414 -72.03 18.03 -76.69
C GLU F 1414 -72.75 16.76 -76.27
N THR F 1415 -72.01 15.82 -75.71
CA THR F 1415 -72.62 14.57 -75.29
C THR F 1415 -73.63 14.86 -74.17
N PRO F 1416 -74.72 14.09 -74.08
CA PRO F 1416 -75.71 14.37 -73.03
C PRO F 1416 -75.10 14.31 -71.65
N VAL F 1417 -75.34 15.37 -70.87
CA VAL F 1417 -74.79 15.50 -69.52
C VAL F 1417 -75.94 15.41 -68.53
N GLN F 1418 -75.82 14.51 -67.56
CA GLN F 1418 -76.86 14.31 -66.56
C GLN F 1418 -76.50 15.11 -65.31
N VAL F 1419 -77.26 16.16 -65.04
CA VAL F 1419 -77.04 17.03 -63.89
C VAL F 1419 -78.09 16.70 -62.84
N ALA F 1420 -77.63 16.39 -61.63
CA ALA F 1420 -78.50 16.08 -60.51
C ALA F 1420 -78.58 17.30 -59.61
N PHE F 1421 -79.80 17.76 -59.34
CA PHE F 1421 -80.07 18.90 -58.47
C PHE F 1421 -80.71 18.35 -57.20
N LYS F 1422 -79.86 17.91 -56.26
CA LYS F 1422 -80.31 17.39 -54.98
C LYS F 1422 -80.24 18.44 -53.88
N SER F 1423 -80.35 19.71 -54.24
CA SER F 1423 -80.25 20.79 -53.26
C SER F 1423 -80.96 22.03 -53.77
N ALA F 1424 -81.55 22.77 -52.84
CA ALA F 1424 -82.15 24.06 -53.17
C ALA F 1424 -81.12 24.97 -53.82
N LYS F 1425 -79.85 24.88 -53.41
CA LYS F 1425 -78.83 25.68 -54.03
C LYS F 1425 -78.54 25.22 -55.45
N ASP F 1426 -78.65 23.91 -55.71
CA ASP F 1426 -78.51 23.42 -57.09
C ASP F 1426 -79.60 24.00 -57.98
N LEU F 1427 -80.85 23.95 -57.51
CA LEU F 1427 -81.92 24.57 -58.29
C LEU F 1427 -81.71 26.07 -58.42
N ALA F 1428 -81.16 26.71 -57.37
CA ALA F 1428 -80.94 28.14 -57.40
C ALA F 1428 -79.91 28.52 -58.45
N VAL F 1429 -78.80 27.80 -58.51
CA VAL F 1429 -77.78 28.11 -59.52
C VAL F 1429 -78.35 27.86 -60.91
N LEU F 1430 -79.09 26.76 -61.09
CA LEU F 1430 -79.67 26.48 -62.39
C LEU F 1430 -80.61 27.59 -62.84
N ARG F 1431 -81.44 28.08 -61.92
CA ARG F 1431 -82.34 29.18 -62.26
C ARG F 1431 -81.60 30.50 -62.45
N SER F 1432 -80.46 30.67 -61.79
CA SER F 1432 -79.66 31.87 -61.99
C SER F 1432 -78.98 31.88 -63.36
N LYS F 1433 -78.74 30.71 -63.95
CA LYS F 1433 -78.23 30.66 -65.32
C LYS F 1433 -79.22 31.35 -66.25
N GLU F 1434 -78.79 32.44 -66.88
CA GLU F 1434 -79.66 33.16 -67.80
C GLU F 1434 -79.96 32.32 -69.05
N TRP F 1435 -78.98 31.54 -69.50
CA TRP F 1435 -79.15 30.75 -70.72
C TRP F 1435 -80.12 29.59 -70.56
N PHE F 1436 -80.53 29.25 -69.34
CA PHE F 1436 -81.42 28.13 -69.08
C PHE F 1436 -82.84 28.66 -68.92
N HIS F 1437 -83.77 28.12 -69.71
CA HIS F 1437 -85.17 28.51 -69.67
C HIS F 1437 -86.02 27.28 -69.40
N LEU F 1438 -87.03 27.42 -68.54
CA LEU F 1438 -87.95 26.34 -68.22
C LEU F 1438 -89.29 26.60 -68.89
N GLU F 1439 -89.68 25.71 -69.78
CA GLU F 1439 -90.95 25.82 -70.49
C GLU F 1439 -92.05 24.97 -69.88
N LYS F 1440 -91.70 23.99 -69.04
CA LYS F 1440 -92.67 23.14 -68.35
C LYS F 1440 -92.36 23.20 -66.86
N ASP F 1441 -93.30 23.74 -66.08
CA ASP F 1441 -93.12 23.88 -64.64
C ASP F 1441 -93.38 22.53 -63.99
N VAL F 1442 -92.30 21.81 -63.66
CA VAL F 1442 -92.39 20.50 -63.03
C VAL F 1442 -91.27 20.39 -62.00
N GLN F 1443 -91.41 19.40 -61.12
CA GLN F 1443 -90.41 19.09 -60.11
C GLN F 1443 -89.47 18.02 -60.65
N PHE F 1444 -88.18 18.31 -60.64
CA PHE F 1444 -87.17 17.39 -61.15
C PHE F 1444 -86.02 17.27 -60.15
N ASP F 1445 -85.41 16.09 -60.11
CA ASP F 1445 -84.20 15.85 -59.34
C ASP F 1445 -83.00 15.56 -60.22
N VAL F 1446 -83.20 15.09 -61.44
CA VAL F 1446 -82.13 14.88 -62.42
C VAL F 1446 -82.64 15.36 -63.77
N LEU F 1447 -81.77 16.07 -64.50
CA LEU F 1447 -82.05 16.52 -65.85
C LEU F 1447 -80.92 16.06 -66.78
N THR F 1448 -81.24 15.98 -68.06
CA THR F 1448 -80.26 15.61 -69.09
C THR F 1448 -80.17 16.73 -70.10
N PHE F 1449 -78.99 17.34 -70.22
CA PHE F 1449 -78.75 18.44 -71.13
C PHE F 1449 -78.11 17.90 -72.40
N ARG F 1450 -78.77 18.10 -73.53
CA ARG F 1450 -78.26 17.76 -74.86
C ARG F 1450 -78.16 19.06 -75.65
N CYS F 1451 -76.94 19.49 -75.94
CA CYS F 1451 -76.66 20.79 -76.52
C CYS F 1451 -75.82 20.66 -77.79
N GLU F 1452 -75.88 21.70 -78.62
CA GLU F 1452 -75.14 21.78 -79.89
C GLU F 1452 -74.49 23.16 -79.96
N SER F 1453 -73.27 23.26 -79.44
CA SER F 1453 -72.55 24.52 -79.48
C SER F 1453 -72.07 24.83 -80.90
N THR F 1454 -72.01 26.12 -81.21
CA THR F 1454 -71.55 26.60 -82.51
C THR F 1454 -70.65 27.81 -82.25
N TYR F 1455 -69.36 27.63 -82.52
CA TYR F 1455 -68.36 28.66 -82.32
C TYR F 1455 -67.99 29.28 -83.66
N LYS F 1456 -67.77 30.59 -83.64
CA LYS F 1456 -67.22 31.34 -84.76
C LYS F 1456 -66.04 32.15 -84.25
N PHE F 1457 -64.92 32.06 -84.95
CA PHE F 1457 -63.64 32.60 -84.50
C PHE F 1457 -63.36 33.91 -85.21
N LYS F 1458 -63.00 34.94 -84.43
CA LYS F 1458 -62.39 36.14 -84.99
C LYS F 1458 -60.87 36.11 -84.91
N SER F 1459 -60.32 35.29 -84.02
CA SER F 1459 -58.88 35.10 -83.93
C SER F 1459 -58.62 33.68 -83.45
N ALA F 1460 -57.35 33.35 -83.24
CA ALA F 1460 -56.99 31.99 -82.86
C ALA F 1460 -57.59 31.62 -81.52
N ASN F 1461 -57.54 32.52 -80.54
CA ASN F 1461 -57.99 32.27 -79.18
C ASN F 1461 -59.31 32.95 -78.85
N VAL F 1462 -59.85 33.75 -79.76
CA VAL F 1462 -61.04 34.56 -79.51
C VAL F 1462 -62.17 34.03 -80.38
N TYR F 1463 -63.36 33.91 -79.80
CA TYR F 1463 -64.55 33.48 -80.52
C TYR F 1463 -65.32 34.70 -81.00
N SER F 1464 -65.53 34.78 -82.32
CA SER F 1464 -66.38 35.84 -82.86
C SER F 1464 -67.78 35.76 -82.29
N SER F 1465 -68.33 34.55 -82.19
CA SER F 1465 -69.69 34.40 -81.69
C SER F 1465 -69.90 32.97 -81.23
N ILE F 1466 -70.43 32.80 -80.03
CA ILE F 1466 -70.75 31.50 -79.46
C ILE F 1466 -72.27 31.40 -79.37
N LYS F 1467 -72.82 30.32 -79.93
CA LYS F 1467 -74.26 30.08 -79.93
C LYS F 1467 -74.50 28.65 -79.49
N THR F 1468 -75.08 28.47 -78.31
CA THR F 1468 -75.36 27.14 -77.76
C THR F 1468 -76.87 26.97 -77.64
N THR F 1469 -77.41 25.97 -78.33
CA THR F 1469 -78.82 25.65 -78.26
C THR F 1469 -78.96 24.20 -77.82
N GLY F 1470 -79.88 23.95 -76.89
CA GLY F 1470 -80.02 22.61 -76.36
C GLY F 1470 -81.40 22.37 -75.78
N GLN F 1471 -81.70 21.09 -75.59
CA GLN F 1471 -82.98 20.63 -75.05
C GLN F 1471 -82.73 19.90 -73.75
N VAL F 1472 -83.22 20.45 -72.65
CA VAL F 1472 -83.07 19.82 -71.34
C VAL F 1472 -84.25 18.88 -71.11
N LEU F 1473 -83.96 17.63 -70.75
CA LEU F 1473 -84.93 16.57 -70.67
C LEU F 1473 -85.06 16.07 -69.24
N LEU F 1474 -86.25 15.58 -68.91
CA LEU F 1474 -86.58 15.01 -67.62
C LEU F 1474 -87.26 13.67 -67.84
N GLU F 1475 -86.84 12.67 -67.07
CA GLU F 1475 -87.53 11.37 -67.03
C GLU F 1475 -88.59 11.44 -65.94
N LEU F 1476 -89.85 11.37 -66.34
CA LEU F 1476 -90.93 11.41 -65.37
C LEU F 1476 -91.00 10.11 -64.59
N PRO F 1477 -91.73 10.10 -63.47
CA PRO F 1477 -91.96 8.81 -62.79
C PRO F 1477 -92.65 7.79 -63.68
N THR F 1478 -93.42 8.25 -64.67
CA THR F 1478 -93.97 7.40 -65.71
C THR F 1478 -92.90 6.77 -66.59
N LYS F 1479 -91.66 7.29 -66.56
CA LYS F 1479 -90.49 6.90 -67.36
C LYS F 1479 -90.53 7.50 -68.75
N GLU F 1480 -91.55 8.29 -69.09
CA GLU F 1480 -91.52 9.06 -70.32
C GLU F 1480 -90.52 10.20 -70.17
N VAL F 1481 -89.75 10.45 -71.23
CA VAL F 1481 -88.77 11.53 -71.26
C VAL F 1481 -89.39 12.70 -71.99
N ILE F 1482 -89.42 13.87 -71.34
CA ILE F 1482 -90.04 15.07 -71.90
C ILE F 1482 -89.10 16.25 -71.72
N GLN F 1483 -89.27 17.23 -72.59
CA GLN F 1483 -88.44 18.43 -72.58
C GLN F 1483 -89.05 19.43 -71.60
N VAL F 1484 -88.39 19.61 -70.44
CA VAL F 1484 -88.84 20.59 -69.45
C VAL F 1484 -88.31 21.98 -69.75
N GLY F 1485 -87.27 22.11 -70.56
CA GLY F 1485 -86.74 23.42 -70.84
C GLY F 1485 -85.71 23.37 -71.95
N SER F 1486 -85.13 24.53 -72.22
CA SER F 1486 -84.17 24.68 -73.29
C SER F 1486 -82.98 25.49 -72.80
N VAL F 1487 -81.88 25.34 -73.52
CA VAL F 1487 -80.68 26.15 -73.35
C VAL F 1487 -80.56 27.03 -74.58
N ASP F 1488 -80.35 28.32 -74.36
CA ASP F 1488 -80.24 29.28 -75.47
C ASP F 1488 -79.24 30.35 -75.03
N TYR F 1489 -77.98 30.16 -75.41
CA TYR F 1489 -76.90 31.06 -75.06
C TYR F 1489 -76.35 31.72 -76.31
N GLU F 1490 -76.27 33.06 -76.29
CA GLU F 1490 -75.65 33.84 -77.34
C GLU F 1490 -74.54 34.67 -76.71
N ALA F 1491 -73.43 34.84 -77.44
CA ALA F 1491 -72.39 35.74 -76.97
C ALA F 1491 -71.52 36.14 -78.14
N GLY F 1492 -70.95 37.34 -78.04
CA GLY F 1492 -70.02 37.84 -79.02
C GLY F 1492 -68.59 37.43 -78.70
N THR F 1493 -67.71 38.42 -78.53
CA THR F 1493 -66.33 38.12 -78.17
C THR F 1493 -66.30 37.38 -76.84
N SER F 1494 -65.74 36.17 -76.85
CA SER F 1494 -65.77 35.30 -75.68
C SER F 1494 -64.56 34.38 -75.73
N TYR F 1495 -64.24 33.80 -74.57
CA TYR F 1495 -63.09 32.92 -74.41
C TYR F 1495 -63.50 31.51 -73.99
N GLY F 1496 -64.78 31.19 -73.98
CA GLY F 1496 -65.24 29.87 -73.61
C GLY F 1496 -66.74 29.82 -73.65
N ASN F 1497 -67.27 28.61 -73.50
CA ASN F 1497 -68.71 28.40 -73.51
C ASN F 1497 -69.20 28.13 -72.08
N PRO F 1498 -69.93 29.06 -71.45
CA PRO F 1498 -70.35 28.82 -70.07
C PRO F 1498 -71.24 27.61 -69.90
N VAL F 1499 -72.06 27.29 -70.91
CA VAL F 1499 -72.93 26.12 -70.82
C VAL F 1499 -72.08 24.86 -70.70
N THR F 1500 -71.09 24.71 -71.57
CA THR F 1500 -70.24 23.52 -71.52
C THR F 1500 -69.45 23.49 -70.21
N ASP F 1501 -68.94 24.64 -69.76
CA ASP F 1501 -68.20 24.66 -68.51
C ASP F 1501 -69.09 24.24 -67.34
N TYR F 1502 -70.32 24.75 -67.29
CA TYR F 1502 -71.22 24.41 -66.20
C TYR F 1502 -71.58 22.92 -66.23
N LEU F 1503 -71.91 22.39 -67.40
CA LEU F 1503 -72.28 20.98 -67.46
C LEU F 1503 -71.09 20.08 -67.16
N SER F 1504 -69.88 20.49 -67.57
CA SER F 1504 -68.70 19.68 -67.29
C SER F 1504 -68.39 19.66 -65.79
N ARG F 1505 -68.47 20.81 -65.13
CA ARG F 1505 -68.15 20.88 -63.71
C ARG F 1505 -69.24 20.27 -62.83
N ASN F 1506 -70.51 20.54 -63.13
CA ASN F 1506 -71.62 20.20 -62.26
C ASN F 1506 -72.43 19.01 -62.77
N GLY F 1507 -71.97 18.33 -63.81
CA GLY F 1507 -72.72 17.23 -64.39
C GLY F 1507 -71.81 16.14 -64.88
N LYS F 1508 -72.31 14.92 -64.87
CA LYS F 1508 -71.60 13.74 -65.37
C LYS F 1508 -72.22 13.32 -66.70
N THR F 1509 -71.37 13.08 -67.69
CA THR F 1509 -71.86 12.60 -68.98
C THR F 1509 -72.38 11.17 -68.84
N ILE F 1510 -73.36 10.84 -69.67
CA ILE F 1510 -73.87 9.47 -69.70
C ILE F 1510 -72.79 8.56 -70.28
N GLU F 1511 -72.73 7.32 -69.79
CA GLU F 1511 -71.73 6.35 -70.21
C GLU F 1511 -70.31 6.87 -69.92
N GLU F 1512 -70.03 7.05 -68.65
CA GLU F 1512 -68.69 7.43 -68.23
C GLU F 1512 -67.71 6.29 -68.49
N SER F 1513 -66.51 6.64 -68.91
CA SER F 1513 -65.48 5.67 -69.28
C SER F 1513 -64.68 5.31 -68.03
N VAL F 1514 -64.90 4.10 -67.51
CA VAL F 1514 -64.18 3.60 -66.34
C VAL F 1514 -62.91 2.92 -66.82
N ILE F 1515 -61.76 3.39 -66.34
CA ILE F 1515 -60.46 2.93 -66.80
C ILE F 1515 -59.91 1.94 -65.78
N PHE F 1516 -59.41 0.81 -66.27
CA PHE F 1516 -58.83 -0.21 -65.40
C PHE F 1516 -57.57 0.31 -64.73
N GLU F 1517 -57.31 -0.21 -63.52
CA GLU F 1517 -56.08 0.13 -62.82
C GLU F 1517 -54.86 -0.35 -63.58
N ASN F 1518 -54.93 -1.57 -64.13
CA ASN F 1518 -53.86 -2.15 -64.94
C ASN F 1518 -54.42 -2.49 -66.31
N ALA F 1519 -53.74 -2.02 -67.35
CA ALA F 1519 -54.16 -2.33 -68.71
C ALA F 1519 -53.88 -3.80 -69.02
N ILE F 1520 -54.78 -4.42 -69.77
CA ILE F 1520 -54.67 -5.84 -70.12
C ILE F 1520 -54.08 -5.91 -71.53
N PRO F 1521 -52.83 -6.36 -71.70
CA PRO F 1521 -52.29 -6.46 -73.06
C PRO F 1521 -52.90 -7.65 -73.80
N LEU F 1522 -53.44 -7.37 -74.99
CA LEU F 1522 -54.08 -8.38 -75.80
C LEU F 1522 -53.12 -8.83 -76.89
N SER F 1523 -53.09 -10.14 -77.16
CA SER F 1523 -52.24 -10.69 -78.20
C SER F 1523 -50.78 -10.45 -77.81
N SER F 1524 -49.89 -10.37 -78.80
CA SER F 1524 -48.48 -10.17 -78.55
C SER F 1524 -47.86 -9.47 -79.77
N GLY F 1525 -46.61 -9.05 -79.60
CA GLY F 1525 -45.87 -8.38 -80.64
C GLY F 1525 -45.48 -9.24 -81.82
N GLU F 1526 -45.71 -10.54 -81.74
CA GLU F 1526 -45.52 -11.44 -82.87
C GLU F 1526 -46.81 -11.61 -83.68
N GLU F 1527 -47.94 -11.75 -83.00
CA GLU F 1527 -49.21 -11.91 -83.69
C GLU F 1527 -49.75 -10.59 -84.24
N LEU F 1528 -49.44 -9.47 -83.58
CA LEU F 1528 -49.98 -8.18 -83.98
C LEU F 1528 -49.10 -7.41 -84.96
N THR F 1529 -47.98 -7.99 -85.40
CA THR F 1529 -47.15 -7.34 -86.39
C THR F 1529 -47.78 -7.45 -87.78
N SER F 1530 -47.50 -6.46 -88.63
CA SER F 1530 -48.03 -6.43 -89.98
C SER F 1530 -46.98 -5.80 -90.89
N LYS F 1531 -47.22 -5.89 -92.20
CA LYS F 1531 -46.34 -5.32 -93.20
C LYS F 1531 -47.18 -4.58 -94.23
N ALA F 1532 -46.81 -3.33 -94.52
CA ALA F 1532 -47.56 -2.55 -95.48
C ALA F 1532 -47.40 -3.13 -96.88
N PRO F 1533 -48.41 -2.99 -97.74
CA PRO F 1533 -48.29 -3.54 -99.09
C PRO F 1533 -47.25 -2.80 -99.91
N GLY F 1534 -46.65 -3.52 -100.86
CA GLY F 1534 -45.67 -2.90 -101.73
C GLY F 1534 -46.26 -1.79 -102.59
N THR F 1535 -47.53 -1.92 -102.97
CA THR F 1535 -48.22 -0.95 -103.79
C THR F 1535 -49.54 -0.59 -103.13
N ASN F 1536 -49.97 0.66 -103.34
CA ASN F 1536 -51.22 1.16 -102.79
C ASN F 1536 -52.35 1.20 -103.81
N GLU F 1537 -52.09 0.80 -105.05
CA GLU F 1537 -53.16 0.73 -106.04
C GLU F 1537 -54.31 -0.19 -105.63
N PRO F 1538 -54.07 -1.38 -105.06
CA PRO F 1538 -55.22 -2.22 -104.66
C PRO F 1538 -56.15 -1.55 -103.67
N TYR F 1539 -55.62 -0.78 -102.72
CA TYR F 1539 -56.50 -0.07 -101.80
C TYR F 1539 -57.12 1.15 -102.47
N ALA F 1540 -56.36 1.86 -103.30
CA ALA F 1540 -56.88 3.06 -103.92
C ALA F 1540 -58.06 2.74 -104.82
N ILE F 1541 -57.98 1.66 -105.60
CA ILE F 1541 -59.05 1.35 -106.54
C ILE F 1541 -60.31 0.92 -105.79
N VAL F 1542 -60.17 0.11 -104.73
CA VAL F 1542 -61.36 -0.34 -104.01
C VAL F 1542 -61.99 0.80 -103.22
N SER F 1543 -61.19 1.61 -102.55
CA SER F 1543 -61.73 2.65 -101.67
C SER F 1543 -62.10 3.93 -102.42
N GLY F 1544 -61.66 4.09 -103.67
CA GLY F 1544 -61.93 5.30 -104.41
C GLY F 1544 -61.00 6.45 -104.11
N ASP F 1545 -60.05 6.30 -103.20
CA ASP F 1545 -59.11 7.35 -102.85
C ASP F 1545 -57.96 7.30 -103.86
N TYR F 1546 -58.08 8.10 -104.93
CA TYR F 1546 -57.08 8.17 -105.98
C TYR F 1546 -56.12 9.33 -105.76
N ASN F 1547 -55.82 9.67 -104.51
CA ASN F 1547 -54.85 10.71 -104.23
C ASN F 1547 -53.50 10.29 -104.79
N PRO F 1548 -52.88 11.07 -105.69
CA PRO F 1548 -51.62 10.61 -106.29
C PRO F 1548 -50.48 10.47 -105.30
N ILE F 1549 -50.60 11.05 -104.10
CA ILE F 1549 -49.52 10.98 -103.13
C ILE F 1549 -49.22 9.53 -102.75
N HIS F 1550 -50.20 8.63 -102.92
CA HIS F 1550 -50.04 7.24 -102.52
C HIS F 1550 -49.54 6.35 -103.65
N VAL F 1551 -49.62 6.78 -104.91
CA VAL F 1551 -49.35 5.90 -106.04
C VAL F 1551 -48.36 6.48 -107.03
N SER F 1552 -48.10 7.78 -107.05
CA SER F 1552 -47.25 8.42 -108.05
C SER F 1552 -46.02 8.98 -107.35
N ARG F 1553 -44.84 8.60 -107.86
CA ARG F 1553 -43.59 9.09 -107.28
C ARG F 1553 -43.44 10.59 -107.47
N VAL F 1554 -43.83 11.10 -108.64
CA VAL F 1554 -43.61 12.52 -108.94
C VAL F 1554 -44.46 13.39 -108.02
N PHE F 1555 -45.72 12.99 -107.77
CA PHE F 1555 -46.58 13.79 -106.91
C PHE F 1555 -46.09 13.80 -105.46
N ALA F 1556 -45.64 12.65 -104.96
CA ALA F 1556 -45.06 12.61 -103.63
C ALA F 1556 -43.81 13.47 -103.55
N ALA F 1557 -42.97 13.42 -104.59
CA ALA F 1557 -41.77 14.25 -104.60
C ALA F 1557 -42.12 15.73 -104.59
N TYR F 1558 -43.13 16.13 -105.35
CA TYR F 1558 -43.57 17.52 -105.33
C TYR F 1558 -44.11 17.90 -103.95
N ALA F 1559 -44.86 17.00 -103.33
CA ALA F 1559 -45.35 17.22 -101.97
C ALA F 1559 -44.25 17.10 -100.92
N LYS F 1560 -43.02 16.77 -101.32
CA LYS F 1560 -41.88 16.70 -100.40
C LYS F 1560 -42.09 15.61 -99.36
N LEU F 1561 -42.79 14.56 -99.77
CA LEU F 1561 -42.99 13.40 -98.90
C LEU F 1561 -41.83 12.41 -99.06
N PRO F 1562 -41.56 11.57 -98.06
CA PRO F 1562 -40.50 10.57 -98.21
C PRO F 1562 -40.75 9.60 -99.35
N GLY F 1563 -42.00 9.37 -99.72
CA GLY F 1563 -42.30 8.45 -100.80
C GLY F 1563 -43.79 8.31 -100.98
N THR F 1564 -44.17 7.27 -101.73
CA THR F 1564 -45.58 6.98 -101.97
C THR F 1564 -46.17 6.38 -100.70
N ILE F 1565 -46.49 7.27 -99.75
CA ILE F 1565 -47.00 6.85 -98.45
C ILE F 1565 -48.28 6.04 -98.64
N THR F 1566 -48.39 4.94 -97.90
CA THR F 1566 -49.61 4.14 -97.98
C THR F 1566 -50.77 4.89 -97.36
N HIS F 1567 -51.98 4.43 -97.69
CA HIS F 1567 -53.18 5.10 -97.21
C HIS F 1567 -53.26 5.02 -95.69
N GLY F 1568 -53.44 6.18 -95.06
CA GLY F 1568 -53.78 6.18 -93.65
C GLY F 1568 -55.04 5.38 -93.39
N MET F 1569 -56.00 5.46 -94.32
CA MET F 1569 -57.22 4.67 -94.17
C MET F 1569 -56.94 3.19 -94.30
N TYR F 1570 -55.98 2.79 -95.14
CA TYR F 1570 -55.59 1.39 -95.18
C TYR F 1570 -54.98 0.96 -93.85
N SER F 1571 -54.12 1.79 -93.27
CA SER F 1571 -53.54 1.45 -91.98
C SER F 1571 -54.64 1.31 -90.93
N SER F 1572 -55.61 2.23 -90.97
CA SER F 1572 -56.76 2.14 -90.07
C SER F 1572 -57.49 0.82 -90.26
N ALA F 1573 -57.74 0.43 -91.51
CA ALA F 1573 -58.49 -0.79 -91.77
C ALA F 1573 -57.72 -2.02 -91.30
N SER F 1574 -56.41 -2.05 -91.51
CA SER F 1574 -55.62 -3.21 -91.08
C SER F 1574 -55.60 -3.33 -89.56
N ILE F 1575 -55.36 -2.21 -88.86
CA ILE F 1575 -55.33 -2.27 -87.40
C ILE F 1575 -56.73 -2.57 -86.87
N ARG F 1576 -57.77 -2.09 -87.54
CA ARG F 1576 -59.13 -2.44 -87.12
C ARG F 1576 -59.43 -3.90 -87.36
N ALA F 1577 -58.88 -4.49 -88.42
CA ALA F 1577 -59.01 -5.94 -88.59
C ALA F 1577 -58.32 -6.69 -87.46
N LEU F 1578 -57.15 -6.22 -87.05
CA LEU F 1578 -56.48 -6.83 -85.90
C LEU F 1578 -57.34 -6.73 -84.64
N VAL F 1579 -57.95 -5.56 -84.42
CA VAL F 1579 -58.82 -5.38 -83.27
C VAL F 1579 -60.05 -6.28 -83.37
N GLU F 1580 -60.63 -6.36 -84.58
CA GLU F 1580 -61.75 -7.26 -84.82
C GLU F 1580 -61.41 -8.69 -84.43
N GLU F 1581 -60.26 -9.18 -84.89
CA GLU F 1581 -59.86 -10.53 -84.54
C GLU F 1581 -59.64 -10.67 -83.04
N TRP F 1582 -58.66 -9.95 -82.50
CA TRP F 1582 -58.13 -10.23 -81.17
C TRP F 1582 -59.00 -9.66 -80.04
N ALA F 1583 -59.44 -8.41 -80.15
CA ALA F 1583 -60.25 -7.83 -79.09
C ALA F 1583 -61.68 -8.33 -79.13
N ALA F 1584 -62.26 -8.47 -80.32
CA ALA F 1584 -63.66 -8.82 -80.50
C ALA F 1584 -63.89 -10.29 -80.83
N ASN F 1585 -62.85 -11.13 -80.77
CA ASN F 1585 -62.98 -12.56 -81.01
C ASN F 1585 -63.54 -12.85 -82.41
N ASN F 1586 -63.14 -12.05 -83.38
CA ASN F 1586 -63.49 -12.27 -84.79
C ASN F 1586 -64.99 -12.13 -85.03
N VAL F 1587 -65.68 -11.37 -84.17
CA VAL F 1587 -67.12 -11.12 -84.31
C VAL F 1587 -67.29 -9.66 -84.70
N ALA F 1588 -67.88 -9.42 -85.87
CA ALA F 1588 -67.92 -8.08 -86.43
C ALA F 1588 -68.96 -7.19 -85.75
N ALA F 1589 -70.08 -7.76 -85.33
CA ALA F 1589 -71.12 -6.94 -84.70
C ALA F 1589 -70.67 -6.39 -83.35
N ARG F 1590 -69.66 -6.98 -82.72
CA ARG F 1590 -69.25 -6.52 -81.39
C ARG F 1590 -68.51 -5.21 -81.45
N VAL F 1591 -67.70 -4.98 -82.49
CA VAL F 1591 -66.96 -3.74 -82.61
C VAL F 1591 -67.95 -2.63 -83.01
N ARG F 1592 -68.19 -1.70 -82.09
CA ARG F 1592 -69.20 -0.66 -82.30
C ARG F 1592 -68.59 0.69 -82.67
N ALA F 1593 -67.40 1.00 -82.16
CA ALA F 1593 -66.71 2.22 -82.53
C ALA F 1593 -65.23 1.96 -82.68
N PHE F 1594 -64.61 2.70 -83.60
CA PHE F 1594 -63.17 2.60 -83.81
C PHE F 1594 -62.65 3.93 -84.32
N LYS F 1595 -61.79 4.57 -83.54
CA LYS F 1595 -61.24 5.89 -83.82
C LYS F 1595 -59.73 5.77 -83.86
N CYS F 1596 -59.09 6.47 -84.78
CA CYS F 1596 -57.64 6.40 -84.93
C CYS F 1596 -57.11 7.76 -85.37
N ASP F 1597 -55.87 8.01 -84.98
CA ASP F 1597 -55.13 9.23 -85.25
C ASP F 1597 -53.90 8.84 -86.05
N PHE F 1598 -53.72 9.49 -87.21
CA PHE F 1598 -52.61 9.24 -88.13
C PHE F 1598 -51.44 10.10 -87.69
N VAL F 1599 -50.68 9.61 -86.72
CA VAL F 1599 -49.61 10.40 -86.12
C VAL F 1599 -48.27 10.24 -86.85
N GLY F 1600 -48.15 9.31 -87.78
CA GLY F 1600 -46.93 9.13 -88.53
C GLY F 1600 -47.23 8.67 -89.94
N MET F 1601 -46.18 8.63 -90.75
CA MET F 1601 -46.30 8.26 -92.16
C MET F 1601 -45.61 6.93 -92.39
N VAL F 1602 -46.26 6.08 -93.19
CA VAL F 1602 -45.80 4.73 -93.48
C VAL F 1602 -45.57 4.59 -94.98
N LEU F 1603 -44.41 4.05 -95.35
CA LEU F 1603 -44.07 3.77 -96.73
C LEU F 1603 -44.35 2.31 -97.05
N PRO F 1604 -44.43 1.95 -98.34
CA PRO F 1604 -44.67 0.54 -98.69
C PRO F 1604 -43.58 -0.37 -98.13
N ASN F 1605 -43.99 -1.58 -97.74
CA ASN F 1605 -43.14 -2.64 -97.24
C ASN F 1605 -42.59 -2.38 -95.84
N ASP F 1606 -43.06 -1.35 -95.14
CA ASP F 1606 -42.63 -1.13 -93.76
C ASP F 1606 -43.28 -2.15 -92.83
N THR F 1607 -42.53 -2.53 -91.80
CA THR F 1607 -43.05 -3.42 -90.77
C THR F 1607 -43.61 -2.59 -89.61
N LEU F 1608 -44.84 -2.90 -89.23
CA LEU F 1608 -45.57 -2.20 -88.18
C LEU F 1608 -45.80 -3.15 -87.01
N GLN F 1609 -45.57 -2.65 -85.81
CA GLN F 1609 -45.85 -3.37 -84.57
C GLN F 1609 -47.03 -2.71 -83.88
N THR F 1610 -48.10 -3.47 -83.67
CA THR F 1610 -49.30 -2.97 -83.02
C THR F 1610 -49.40 -3.57 -81.62
N THR F 1611 -49.71 -2.73 -80.65
CA THR F 1611 -50.00 -3.16 -79.28
C THR F 1611 -51.42 -2.75 -78.95
N MET F 1612 -52.23 -3.72 -78.52
CA MET F 1612 -53.59 -3.47 -78.09
C MET F 1612 -53.69 -3.71 -76.58
N GLU F 1613 -54.36 -2.80 -75.89
CA GLU F 1613 -54.58 -2.91 -74.46
C GLU F 1613 -56.05 -2.66 -74.17
N HIS F 1614 -56.69 -3.60 -73.47
CA HIS F 1614 -58.00 -3.36 -72.88
C HIS F 1614 -57.75 -2.49 -71.65
N VAL F 1615 -58.22 -1.24 -71.70
CA VAL F 1615 -57.83 -0.23 -70.72
C VAL F 1615 -59.02 0.23 -69.89
N GLY F 1616 -60.22 0.13 -70.44
CA GLY F 1616 -61.38 0.61 -69.73
C GLY F 1616 -62.67 0.05 -70.29
N MET F 1617 -63.78 0.58 -69.79
CA MET F 1617 -65.11 0.21 -70.24
C MET F 1617 -65.99 1.44 -70.30
N ILE F 1618 -67.00 1.39 -71.15
CA ILE F 1618 -68.00 2.46 -71.27
C ILE F 1618 -69.34 1.80 -71.55
N ASN F 1619 -70.24 1.85 -70.56
CA ASN F 1619 -71.58 1.27 -70.69
C ASN F 1619 -71.50 -0.21 -71.05
N GLY F 1620 -70.55 -0.91 -70.43
CA GLY F 1620 -70.37 -2.32 -70.69
C GLY F 1620 -69.67 -2.64 -71.98
N ARG F 1621 -69.06 -1.66 -72.64
CA ARG F 1621 -68.32 -1.87 -73.87
C ARG F 1621 -66.83 -1.72 -73.60
N LYS F 1622 -66.06 -2.75 -73.95
CA LYS F 1622 -64.62 -2.71 -73.74
C LYS F 1622 -63.99 -1.58 -74.53
N ILE F 1623 -63.11 -0.83 -73.86
CA ILE F 1623 -62.32 0.21 -74.50
C ILE F 1623 -60.93 -0.36 -74.76
N ILE F 1624 -60.54 -0.39 -76.02
CA ILE F 1624 -59.30 -1.02 -76.47
C ILE F 1624 -58.43 0.06 -77.08
N LYS F 1625 -57.35 0.41 -76.39
CA LYS F 1625 -56.38 1.37 -76.87
C LYS F 1625 -55.36 0.64 -77.76
N VAL F 1626 -55.28 1.04 -79.02
CA VAL F 1626 -54.42 0.41 -80.00
C VAL F 1626 -53.34 1.40 -80.41
N GLU F 1627 -52.11 0.93 -80.49
CA GLU F 1627 -50.95 1.78 -80.75
C GLU F 1627 -50.06 1.07 -81.74
N THR F 1628 -50.00 1.59 -82.97
CA THR F 1628 -49.14 1.05 -84.02
C THR F 1628 -47.92 1.93 -84.16
N ARG F 1629 -46.75 1.29 -84.17
CA ARG F 1629 -45.47 1.96 -84.36
C ARG F 1629 -44.72 1.28 -85.51
N ASN F 1630 -43.67 1.92 -85.97
CA ASN F 1630 -42.84 1.37 -87.04
C ASN F 1630 -41.65 0.65 -86.43
N VAL F 1631 -41.46 -0.63 -86.79
CA VAL F 1631 -40.40 -1.42 -86.16
C VAL F 1631 -39.03 -0.86 -86.53
N GLU F 1632 -38.87 -0.39 -87.76
CA GLU F 1632 -37.56 0.10 -88.19
C GLU F 1632 -37.14 1.34 -87.42
N THR F 1633 -38.08 2.28 -87.21
CA THR F 1633 -37.78 3.54 -86.57
C THR F 1633 -38.30 3.66 -85.15
N GLU F 1634 -39.24 2.80 -84.74
CA GLU F 1634 -39.89 2.80 -83.44
C GLU F 1634 -40.78 4.01 -83.22
N LEU F 1635 -41.01 4.83 -84.24
CA LEU F 1635 -41.88 5.99 -84.07
C LEU F 1635 -43.34 5.56 -84.18
N PRO F 1636 -44.26 6.22 -83.46
CA PRO F 1636 -45.68 5.86 -83.60
C PRO F 1636 -46.24 6.35 -84.93
N VAL F 1637 -47.08 5.50 -85.54
CA VAL F 1637 -47.78 5.82 -86.78
C VAL F 1637 -49.28 5.92 -86.58
N LEU F 1638 -49.85 5.10 -85.69
CA LEU F 1638 -51.29 5.13 -85.43
C LEU F 1638 -51.55 5.11 -83.93
N ILE F 1639 -52.48 5.93 -83.47
CA ILE F 1639 -52.96 5.88 -82.08
C ILE F 1639 -54.48 5.92 -82.09
N GLY F 1640 -55.13 4.89 -81.56
CA GLY F 1640 -56.58 4.82 -81.64
C GLY F 1640 -57.19 4.14 -80.43
N GLU F 1641 -58.52 4.25 -80.37
CA GLU F 1641 -59.33 3.59 -79.37
C GLU F 1641 -60.55 2.94 -80.02
N ALA F 1642 -60.98 1.82 -79.47
CA ALA F 1642 -62.12 1.08 -79.99
C ALA F 1642 -63.10 0.75 -78.86
N GLU F 1643 -64.39 0.87 -79.15
CA GLU F 1643 -65.45 0.40 -78.27
C GLU F 1643 -66.03 -0.87 -78.86
N ILE F 1644 -65.97 -1.96 -78.09
CA ILE F 1644 -66.38 -3.29 -78.53
C ILE F 1644 -67.37 -3.85 -77.53
N GLU F 1645 -68.51 -4.32 -78.01
CA GLU F 1645 -69.47 -4.97 -77.13
C GLU F 1645 -68.88 -6.25 -76.54
N GLN F 1646 -69.25 -6.53 -75.29
CA GLN F 1646 -68.93 -7.81 -74.70
C GLN F 1646 -69.75 -8.90 -75.38
N PRO F 1647 -69.37 -10.17 -75.22
CA PRO F 1647 -70.21 -11.25 -75.74
C PRO F 1647 -71.60 -11.19 -75.11
N THR F 1648 -72.60 -11.61 -75.89
CA THR F 1648 -73.99 -11.63 -75.43
C THR F 1648 -74.09 -12.28 -74.06
N THR F 1649 -74.65 -11.54 -73.10
CA THR F 1649 -74.51 -11.85 -71.69
C THR F 1649 -75.86 -12.06 -71.02
N THR F 1650 -75.92 -13.07 -70.16
CA THR F 1650 -77.02 -13.23 -69.21
C THR F 1650 -76.46 -13.17 -67.80
N TYR F 1651 -77.19 -12.53 -66.92
CA TYR F 1651 -76.79 -12.35 -65.52
C TYR F 1651 -77.70 -13.20 -64.65
N VAL F 1652 -77.13 -14.27 -64.09
CA VAL F 1652 -77.87 -15.23 -63.29
C VAL F 1652 -77.60 -14.93 -61.82
N PHE F 1653 -78.66 -14.94 -61.02
CA PHE F 1653 -78.56 -14.70 -59.59
C PHE F 1653 -79.09 -15.91 -58.84
N THR F 1654 -78.39 -16.32 -57.79
CA THR F 1654 -78.69 -17.58 -57.12
C THR F 1654 -79.52 -17.38 -55.87
N GLY F 1655 -80.32 -18.39 -55.56
CA GLY F 1655 -81.16 -18.39 -54.39
C GLY F 1655 -80.47 -19.01 -53.19
N GLN F 1656 -81.29 -19.48 -52.25
CA GLN F 1656 -80.77 -20.00 -51.00
C GLN F 1656 -79.96 -21.28 -51.24
N GLY F 1657 -79.11 -21.60 -50.28
CA GLY F 1657 -78.30 -22.79 -50.33
C GLY F 1657 -76.89 -22.58 -49.80
N SER F 1658 -76.34 -21.39 -49.99
CA SER F 1658 -74.99 -21.05 -49.54
C SER F 1658 -75.07 -19.73 -48.78
N GLN F 1659 -74.91 -19.81 -47.46
CA GLN F 1659 -74.98 -18.66 -46.57
C GLN F 1659 -73.84 -18.71 -45.55
N GLU F 1660 -72.64 -18.98 -46.05
CA GLU F 1660 -71.47 -19.10 -45.18
C GLU F 1660 -71.19 -17.76 -44.49
N GLN F 1661 -70.57 -17.86 -43.32
CA GLN F 1661 -70.27 -16.68 -42.51
C GLN F 1661 -69.24 -15.82 -43.23
N GLY F 1662 -69.54 -14.52 -43.33
CA GLY F 1662 -68.63 -13.57 -43.94
C GLY F 1662 -68.69 -13.46 -45.44
N MET F 1663 -69.75 -13.97 -46.07
CA MET F 1663 -69.85 -13.88 -47.52
C MET F 1663 -70.02 -12.42 -47.94
N GLY F 1664 -69.29 -12.01 -48.97
CA GLY F 1664 -69.35 -10.65 -49.45
C GLY F 1664 -68.55 -9.65 -48.64
N MET F 1665 -67.86 -10.10 -47.58
CA MET F 1665 -67.13 -9.16 -46.74
C MET F 1665 -65.85 -8.69 -47.40
N GLU F 1666 -65.24 -9.52 -48.26
CA GLU F 1666 -64.09 -9.04 -49.02
C GLU F 1666 -64.49 -7.88 -49.92
N LEU F 1667 -65.61 -8.02 -50.63
CA LEU F 1667 -66.11 -6.92 -51.45
C LEU F 1667 -66.51 -5.73 -50.59
N TYR F 1668 -67.12 -5.99 -49.43
CA TYR F 1668 -67.50 -4.92 -48.52
C TYR F 1668 -66.29 -4.09 -48.12
N ASN F 1669 -65.19 -4.74 -47.77
CA ASN F 1669 -63.99 -4.02 -47.38
C ASN F 1669 -63.29 -3.36 -48.57
N SER F 1670 -63.35 -3.95 -49.76
CA SER F 1670 -62.56 -3.44 -50.87
C SER F 1670 -63.24 -2.32 -51.64
N SER F 1671 -64.55 -2.39 -51.86
CA SER F 1671 -65.25 -1.47 -52.75
C SER F 1671 -66.15 -0.52 -51.97
N GLU F 1672 -66.09 0.77 -52.33
CA GLU F 1672 -66.94 1.77 -51.69
C GLU F 1672 -68.41 1.52 -52.00
N VAL F 1673 -68.72 1.07 -53.22
CA VAL F 1673 -70.12 0.91 -53.61
C VAL F 1673 -70.75 -0.27 -52.87
N ALA F 1674 -70.01 -1.36 -52.72
CA ALA F 1674 -70.50 -2.47 -51.90
C ALA F 1674 -70.67 -2.03 -50.46
N ARG F 1675 -69.73 -1.22 -49.96
CA ARG F 1675 -69.90 -0.63 -48.64
C ARG F 1675 -71.21 0.15 -48.56
N GLU F 1676 -71.52 0.94 -49.58
CA GLU F 1676 -72.73 1.74 -49.56
C GLU F 1676 -73.97 0.86 -49.53
N VAL F 1677 -73.97 -0.20 -50.34
CA VAL F 1677 -75.12 -1.11 -50.37
C VAL F 1677 -75.33 -1.75 -49.01
N TRP F 1678 -74.26 -2.33 -48.45
CA TRP F 1678 -74.37 -2.98 -47.16
C TRP F 1678 -74.72 -2.01 -46.05
N ASP F 1679 -74.18 -0.79 -46.10
CA ASP F 1679 -74.45 0.20 -45.07
C ASP F 1679 -75.91 0.66 -45.12
N LYS F 1680 -76.44 0.91 -46.32
CA LYS F 1680 -77.84 1.28 -46.42
C LYS F 1680 -78.73 0.17 -45.89
N ALA F 1681 -78.42 -1.08 -46.28
CA ALA F 1681 -79.22 -2.20 -45.80
C ALA F 1681 -79.14 -2.35 -44.29
N ASP F 1682 -77.93 -2.25 -43.73
CA ASP F 1682 -77.76 -2.41 -42.30
C ASP F 1682 -78.45 -1.30 -41.52
N ARG F 1683 -78.35 -0.06 -42.01
CA ARG F 1683 -79.03 1.04 -41.34
C ARG F 1683 -80.54 0.85 -41.37
N HIS F 1684 -81.09 0.43 -42.51
CA HIS F 1684 -82.52 0.18 -42.57
C HIS F 1684 -82.92 -0.94 -41.63
N PHE F 1685 -82.14 -2.02 -41.59
CA PHE F 1685 -82.47 -3.13 -40.69
C PHE F 1685 -82.41 -2.70 -39.23
N VAL F 1686 -81.38 -1.93 -38.85
CA VAL F 1686 -81.26 -1.49 -37.47
C VAL F 1686 -82.40 -0.57 -37.10
N ASN F 1687 -82.81 0.30 -38.03
CA ASN F 1687 -83.84 1.29 -37.71
C ASN F 1687 -85.23 0.68 -37.68
N ASN F 1688 -85.53 -0.25 -38.60
CA ASN F 1688 -86.89 -0.73 -38.80
C ASN F 1688 -87.14 -2.13 -38.24
N TYR F 1689 -86.10 -2.88 -37.92
CA TYR F 1689 -86.24 -4.25 -37.43
C TYR F 1689 -85.36 -4.57 -36.24
N GLY F 1690 -84.42 -3.69 -35.87
CA GLY F 1690 -83.71 -3.83 -34.61
C GLY F 1690 -82.50 -4.73 -34.62
N PHE F 1691 -82.01 -5.14 -35.79
CA PHE F 1691 -80.79 -5.93 -35.88
C PHE F 1691 -79.91 -5.40 -37.02
N SER F 1692 -78.66 -5.85 -36.99
CA SER F 1692 -77.67 -5.51 -37.99
C SER F 1692 -77.40 -6.74 -38.85
N ILE F 1693 -77.80 -6.67 -40.12
CA ILE F 1693 -77.53 -7.79 -41.03
C ILE F 1693 -76.03 -7.98 -41.20
N LEU F 1694 -75.25 -6.89 -41.11
CA LEU F 1694 -73.80 -7.04 -41.15
C LEU F 1694 -73.30 -7.84 -39.96
N ASP F 1695 -73.85 -7.58 -38.77
CA ASP F 1695 -73.51 -8.40 -37.62
C ASP F 1695 -73.86 -9.85 -37.84
N ILE F 1696 -75.06 -10.10 -38.38
CA ILE F 1696 -75.50 -11.48 -38.60
C ILE F 1696 -74.56 -12.19 -39.57
N VAL F 1697 -74.20 -11.50 -40.66
CA VAL F 1697 -73.37 -12.13 -41.68
C VAL F 1697 -71.95 -12.34 -41.18
N GLN F 1698 -71.38 -11.36 -40.47
CA GLN F 1698 -69.99 -11.46 -40.07
C GLN F 1698 -69.80 -12.45 -38.93
N ASN F 1699 -70.72 -12.46 -37.95
CA ASN F 1699 -70.54 -13.27 -36.75
C ASN F 1699 -71.38 -14.53 -36.73
N ASN F 1700 -72.54 -14.54 -37.38
CA ASN F 1700 -73.45 -15.68 -37.38
C ASN F 1700 -73.77 -16.15 -35.97
N PRO F 1701 -74.36 -15.29 -35.13
CA PRO F 1701 -74.72 -15.71 -33.78
C PRO F 1701 -75.82 -16.76 -33.79
N ASN F 1702 -75.83 -17.61 -32.77
CA ASN F 1702 -76.86 -18.63 -32.67
C ASN F 1702 -78.19 -18.04 -32.25
N GLU F 1703 -78.17 -17.06 -31.35
CA GLU F 1703 -79.37 -16.38 -30.90
C GLU F 1703 -79.16 -14.88 -30.94
N LEU F 1704 -80.25 -14.15 -31.17
CA LEU F 1704 -80.21 -12.69 -31.28
C LEU F 1704 -81.46 -12.11 -30.64
N THR F 1705 -81.26 -11.22 -29.68
CA THR F 1705 -82.36 -10.59 -28.94
C THR F 1705 -82.62 -9.20 -29.49
N ILE F 1706 -83.87 -8.93 -29.81
CA ILE F 1706 -84.33 -7.62 -30.27
C ILE F 1706 -85.03 -6.96 -29.10
N HIS F 1707 -84.69 -5.71 -28.82
CA HIS F 1707 -85.31 -4.95 -27.74
C HIS F 1707 -86.19 -3.86 -28.31
N PHE F 1708 -87.39 -3.73 -27.74
CA PHE F 1708 -88.43 -2.85 -28.26
C PHE F 1708 -88.62 -1.60 -27.41
N GLY F 1709 -87.63 -1.22 -26.61
CA GLY F 1709 -87.77 -0.04 -25.78
C GLY F 1709 -87.55 1.24 -26.57
N GLY F 1710 -88.13 2.32 -26.07
CA GLY F 1710 -87.99 3.61 -26.70
C GLY F 1710 -88.98 3.81 -27.84
N ALA F 1711 -88.97 5.01 -28.40
CA ALA F 1711 -89.86 5.32 -29.53
C ALA F 1711 -89.47 4.54 -30.77
N LYS F 1712 -88.17 4.51 -31.09
CA LYS F 1712 -87.72 3.72 -32.22
C LYS F 1712 -87.97 2.24 -32.00
N GLY F 1713 -87.75 1.76 -30.78
CA GLY F 1713 -88.03 0.37 -30.49
C GLY F 1713 -89.49 0.03 -30.61
N ARG F 1714 -90.37 0.96 -30.23
CA ARG F 1714 -91.81 0.71 -30.38
C ARG F 1714 -92.21 0.75 -31.84
N ALA F 1715 -91.58 1.60 -32.64
CA ALA F 1715 -91.81 1.55 -34.08
C ALA F 1715 -91.39 0.21 -34.65
N ILE F 1716 -90.25 -0.31 -34.19
CA ILE F 1716 -89.78 -1.62 -34.62
C ILE F 1716 -90.76 -2.71 -34.19
N ARG F 1717 -91.28 -2.61 -32.97
CA ARG F 1717 -92.27 -3.57 -32.50
C ARG F 1717 -93.53 -3.51 -33.35
N ASP F 1718 -93.97 -2.30 -33.73
CA ASP F 1718 -95.13 -2.18 -34.61
C ASP F 1718 -94.85 -2.81 -35.96
N ASN F 1719 -93.63 -2.61 -36.49
CA ASN F 1719 -93.25 -3.28 -37.73
C ASN F 1719 -93.40 -4.79 -37.61
N TYR F 1720 -92.91 -5.36 -36.52
CA TYR F 1720 -93.00 -6.80 -36.33
C TYR F 1720 -94.45 -7.25 -36.14
N ILE F 1721 -95.24 -6.45 -35.43
CA ILE F 1721 -96.63 -6.82 -35.15
C ILE F 1721 -97.46 -6.79 -36.43
N GLY F 1722 -97.18 -5.84 -37.32
CA GLY F 1722 -98.00 -5.68 -38.51
C GLY F 1722 -97.85 -6.77 -39.55
N MET F 1723 -96.84 -7.63 -39.43
CA MET F 1723 -96.58 -8.64 -40.44
C MET F 1723 -97.52 -9.82 -40.24
N MET F 1724 -98.50 -9.95 -41.11
CA MET F 1724 -99.49 -11.02 -41.10
C MET F 1724 -99.02 -12.18 -41.97
N PHE F 1725 -99.75 -13.29 -41.87
CA PHE F 1725 -99.56 -14.41 -42.79
C PHE F 1725 -100.84 -15.24 -42.80
N GLU F 1726 -101.09 -15.88 -43.94
CA GLU F 1726 -102.32 -16.63 -44.17
C GLU F 1726 -102.04 -18.12 -44.34
N THR F 1727 -103.03 -18.91 -43.99
CA THR F 1727 -102.96 -20.37 -44.11
C THR F 1727 -104.38 -20.89 -44.33
N ILE F 1728 -104.51 -22.20 -44.47
CA ILE F 1728 -105.80 -22.84 -44.70
C ILE F 1728 -106.33 -23.31 -43.35
N GLY F 1729 -107.56 -22.92 -43.03
CA GLY F 1729 -108.17 -23.30 -41.77
C GLY F 1729 -108.71 -24.72 -41.79
N LEU F 1734 -109.48 -18.46 -45.75
CA LEU F 1734 -108.06 -18.29 -45.44
C LEU F 1734 -107.89 -17.64 -44.07
N LYS F 1735 -107.32 -18.40 -43.12
CA LYS F 1735 -107.09 -17.87 -41.79
C LYS F 1735 -105.83 -17.04 -41.76
N SER F 1736 -105.96 -15.78 -41.34
CA SER F 1736 -104.86 -14.82 -41.30
C SER F 1736 -104.53 -14.51 -39.85
N GLU F 1737 -103.24 -14.54 -39.52
CA GLU F 1737 -102.81 -14.24 -38.16
C GLU F 1737 -101.39 -13.70 -38.16
N LYS F 1738 -100.99 -13.19 -37.01
CA LYS F 1738 -99.67 -12.59 -36.86
C LYS F 1738 -98.57 -13.62 -37.09
N ILE F 1739 -97.51 -13.19 -37.77
CA ILE F 1739 -96.32 -14.04 -37.90
C ILE F 1739 -95.72 -14.30 -36.52
N PHE F 1740 -95.66 -13.25 -35.70
CA PHE F 1740 -95.16 -13.34 -34.32
C PHE F 1740 -96.37 -13.26 -33.40
N LYS F 1741 -96.93 -14.42 -33.06
CA LYS F 1741 -98.08 -14.44 -32.16
C LYS F 1741 -97.73 -13.93 -30.77
N ASP F 1742 -96.50 -14.15 -30.32
CA ASP F 1742 -96.09 -13.79 -28.96
C ASP F 1742 -95.65 -12.35 -28.82
N ILE F 1743 -95.58 -11.58 -29.91
CA ILE F 1743 -95.28 -10.15 -29.85
C ILE F 1743 -96.61 -9.42 -29.77
N ASP F 1744 -96.81 -8.70 -28.66
CA ASP F 1744 -98.03 -7.94 -28.41
C ASP F 1744 -97.62 -6.57 -27.89
N GLU F 1745 -98.61 -5.77 -27.48
CA GLU F 1745 -98.33 -4.44 -26.98
C GLU F 1745 -97.47 -4.44 -25.72
N THR F 1746 -97.46 -5.54 -24.96
CA THR F 1746 -96.74 -5.60 -23.70
C THR F 1746 -95.34 -6.21 -23.79
N THR F 1747 -94.96 -6.75 -24.94
CA THR F 1747 -93.68 -7.43 -25.03
C THR F 1747 -92.53 -6.44 -25.07
N THR F 1748 -91.47 -6.74 -24.30
CA THR F 1748 -90.30 -5.89 -24.21
C THR F 1748 -89.19 -6.29 -25.17
N SER F 1749 -89.12 -7.56 -25.54
CA SER F 1749 -88.07 -8.04 -26.43
C SER F 1749 -88.52 -9.34 -27.07
N TYR F 1750 -87.81 -9.73 -28.12
CA TYR F 1750 -88.05 -10.96 -28.85
C TYR F 1750 -86.73 -11.60 -29.24
N THR F 1751 -86.59 -12.90 -29.02
CA THR F 1751 -85.35 -13.61 -29.30
C THR F 1751 -85.53 -14.53 -30.49
N PHE F 1752 -84.66 -14.38 -31.49
CA PHE F 1752 -84.52 -15.33 -32.59
C PHE F 1752 -83.49 -16.37 -32.17
N VAL F 1753 -83.78 -17.64 -32.45
CA VAL F 1753 -82.92 -18.75 -32.07
C VAL F 1753 -82.67 -19.61 -33.30
N SER F 1754 -81.49 -20.22 -33.37
CA SER F 1754 -81.20 -21.18 -34.43
C SER F 1754 -80.11 -22.14 -33.97
N PRO F 1755 -80.31 -23.47 -34.04
CA PRO F 1755 -79.21 -24.37 -33.69
C PRO F 1755 -77.98 -24.19 -34.55
N THR F 1756 -78.16 -23.94 -35.86
CA THR F 1756 -77.07 -23.89 -36.82
C THR F 1756 -76.67 -22.46 -37.18
N GLY F 1757 -76.98 -21.50 -36.32
CA GLY F 1757 -76.70 -20.11 -36.60
C GLY F 1757 -77.85 -19.42 -37.30
N LEU F 1758 -77.95 -18.11 -37.09
CA LEU F 1758 -79.06 -17.36 -37.66
C LEU F 1758 -78.91 -17.17 -39.17
N LEU F 1759 -77.68 -17.25 -39.69
CA LEU F 1759 -77.51 -17.19 -41.13
C LEU F 1759 -78.22 -18.33 -41.84
N SER F 1760 -78.39 -19.47 -41.16
CA SER F 1760 -79.12 -20.59 -41.73
C SER F 1760 -80.64 -20.42 -41.66
N ALA F 1761 -81.12 -19.53 -40.80
CA ALA F 1761 -82.55 -19.20 -40.79
C ALA F 1761 -82.93 -18.49 -42.08
N THR F 1762 -84.11 -18.78 -42.58
CA THR F 1762 -84.53 -18.19 -43.85
C THR F 1762 -84.60 -16.66 -43.75
N GLN F 1763 -85.23 -16.15 -42.68
CA GLN F 1763 -85.49 -14.72 -42.60
C GLN F 1763 -84.22 -13.89 -42.63
N PHE F 1764 -83.09 -14.46 -42.24
CA PHE F 1764 -81.81 -13.77 -42.30
C PHE F 1764 -80.93 -14.27 -43.42
N THR F 1765 -81.16 -15.50 -43.91
CA THR F 1765 -80.44 -15.98 -45.08
C THR F 1765 -80.82 -15.19 -46.32
N GLN F 1766 -82.11 -14.94 -46.50
CA GLN F 1766 -82.56 -14.28 -47.73
C GLN F 1766 -82.02 -12.86 -47.85
N PRO F 1767 -82.18 -11.97 -46.86
CA PRO F 1767 -81.59 -10.62 -47.02
C PRO F 1767 -80.09 -10.64 -47.20
N ALA F 1768 -79.38 -11.55 -46.51
CA ALA F 1768 -77.93 -11.57 -46.61
C ALA F 1768 -77.48 -11.92 -48.03
N LEU F 1769 -78.06 -12.98 -48.60
CA LEU F 1769 -77.69 -13.38 -49.95
C LEU F 1769 -78.11 -12.31 -50.96
N THR F 1770 -79.33 -11.78 -50.81
CA THR F 1770 -79.79 -10.72 -51.70
C THR F 1770 -78.83 -9.54 -51.66
N LEU F 1771 -78.34 -9.18 -50.47
CA LEU F 1771 -77.49 -8.01 -50.35
C LEU F 1771 -76.10 -8.27 -50.91
N MET F 1772 -75.54 -9.47 -50.69
CA MET F 1772 -74.23 -9.72 -51.26
C MET F 1772 -74.30 -9.75 -52.78
N GLU F 1773 -75.39 -10.29 -53.34
CA GLU F 1773 -75.56 -10.26 -54.78
C GLU F 1773 -75.74 -8.83 -55.30
N LYS F 1774 -76.53 -8.03 -54.59
CA LYS F 1774 -76.73 -6.64 -54.99
C LYS F 1774 -75.41 -5.87 -54.95
N ALA F 1775 -74.61 -6.10 -53.92
CA ALA F 1775 -73.31 -5.43 -53.80
C ALA F 1775 -72.37 -5.86 -54.92
N ALA F 1776 -72.33 -7.16 -55.22
CA ALA F 1776 -71.49 -7.63 -56.32
C ALA F 1776 -71.92 -7.00 -57.64
N TYR F 1777 -73.23 -6.99 -57.92
CA TYR F 1777 -73.69 -6.40 -59.16
C TYR F 1777 -73.41 -4.91 -59.20
N GLU F 1778 -73.52 -4.23 -58.06
CA GLU F 1778 -73.29 -2.79 -58.04
C GLU F 1778 -71.81 -2.49 -58.27
N ASP F 1779 -70.92 -3.31 -57.72
CA ASP F 1779 -69.50 -3.14 -58.04
C ASP F 1779 -69.24 -3.36 -59.52
N ILE F 1780 -69.86 -4.39 -60.10
CA ILE F 1780 -69.69 -4.65 -61.53
C ILE F 1780 -70.21 -3.46 -62.34
N LYS F 1781 -71.38 -2.95 -61.99
CA LYS F 1781 -71.98 -1.84 -62.74
C LYS F 1781 -71.14 -0.57 -62.60
N SER F 1782 -70.65 -0.28 -61.38
CA SER F 1782 -69.80 0.88 -61.18
C SER F 1782 -68.49 0.75 -61.93
N LYS F 1783 -68.01 -0.47 -62.14
CA LYS F 1783 -66.85 -0.70 -62.98
C LYS F 1783 -67.19 -0.68 -64.47
N GLY F 1784 -68.48 -0.75 -64.82
CA GLY F 1784 -68.88 -0.59 -66.21
C GLY F 1784 -68.78 -1.86 -67.02
N LEU F 1785 -69.14 -3.00 -66.43
CA LEU F 1785 -69.05 -4.29 -67.08
C LEU F 1785 -70.42 -4.90 -67.36
N ILE F 1786 -71.46 -4.06 -67.46
CA ILE F 1786 -72.83 -4.50 -67.68
C ILE F 1786 -73.20 -4.17 -69.12
N PRO F 1787 -73.28 -5.14 -70.02
CA PRO F 1787 -73.70 -4.82 -71.39
C PRO F 1787 -75.12 -4.28 -71.44
N SER F 1788 -75.38 -3.41 -72.41
CA SER F 1788 -76.72 -2.87 -72.60
C SER F 1788 -77.71 -3.97 -72.95
N ASP F 1789 -77.29 -4.92 -73.78
CA ASP F 1789 -78.13 -6.05 -74.19
C ASP F 1789 -77.79 -7.23 -73.29
N ILE F 1790 -78.53 -7.35 -72.19
CA ILE F 1790 -78.33 -8.41 -71.20
C ILE F 1790 -79.63 -9.20 -71.08
N MET F 1791 -79.51 -10.38 -70.46
CA MET F 1791 -80.68 -11.19 -70.11
C MET F 1791 -80.49 -11.66 -68.66
N PHE F 1792 -81.21 -11.03 -67.73
CA PHE F 1792 -81.02 -11.34 -66.32
C PHE F 1792 -82.12 -12.26 -65.81
N ALA F 1793 -81.71 -13.25 -65.02
CA ALA F 1793 -82.64 -14.21 -64.43
C ALA F 1793 -82.17 -14.53 -63.02
N GLY F 1794 -83.10 -15.04 -62.22
CA GLY F 1794 -82.80 -15.38 -60.85
C GLY F 1794 -83.50 -16.65 -60.41
N HIS F 1795 -82.84 -17.43 -59.56
CA HIS F 1795 -83.36 -18.71 -59.11
C HIS F 1795 -84.00 -18.53 -57.73
N SER F 1796 -85.30 -18.81 -57.65
CA SER F 1796 -86.04 -18.73 -56.40
C SER F 1796 -85.89 -17.34 -55.78
N LEU F 1797 -84.97 -17.20 -54.83
CA LEU F 1797 -84.73 -15.89 -54.23
C LEU F 1797 -83.93 -14.98 -55.14
N GLY F 1798 -83.11 -15.54 -56.03
CA GLY F 1798 -82.28 -14.72 -56.88
C GLY F 1798 -83.05 -13.78 -57.77
N GLU F 1799 -84.35 -14.03 -57.97
CA GLU F 1799 -85.15 -13.16 -58.83
C GLU F 1799 -85.23 -11.74 -58.26
N TYR F 1800 -85.40 -11.63 -56.95
CA TYR F 1800 -85.49 -10.30 -56.34
C TYR F 1800 -84.17 -9.55 -56.47
N SER F 1801 -83.06 -10.25 -56.23
CA SER F 1801 -81.75 -9.61 -56.39
C SER F 1801 -81.54 -9.19 -57.84
N ALA F 1802 -81.91 -10.05 -58.80
CA ALA F 1802 -81.72 -9.72 -60.20
C ALA F 1802 -82.55 -8.52 -60.60
N LEU F 1803 -83.80 -8.45 -60.13
CA LEU F 1803 -84.66 -7.32 -60.48
C LEU F 1803 -84.16 -6.04 -59.85
N SER F 1804 -83.86 -6.06 -58.56
CA SER F 1804 -83.32 -4.87 -57.90
C SER F 1804 -81.98 -4.48 -58.48
N SER F 1805 -81.27 -5.42 -59.12
CA SER F 1805 -79.98 -5.13 -59.72
C SER F 1805 -80.12 -4.46 -61.08
N LEU F 1806 -80.76 -5.14 -62.03
CA LEU F 1806 -80.79 -4.67 -63.40
C LEU F 1806 -81.97 -3.77 -63.73
N ALA F 1807 -83.12 -3.96 -63.07
CA ALA F 1807 -84.28 -3.11 -63.29
C ALA F 1807 -84.39 -1.97 -62.30
N ASN F 1808 -83.72 -2.05 -61.16
CA ASN F 1808 -83.80 -1.02 -60.11
C ASN F 1808 -85.25 -0.83 -59.65
N VAL F 1809 -86.04 -1.89 -59.76
CA VAL F 1809 -87.46 -1.79 -59.42
C VAL F 1809 -87.63 -1.63 -57.91
N MET F 1810 -86.78 -2.29 -57.13
CA MET F 1810 -86.82 -2.25 -55.68
C MET F 1810 -85.66 -1.41 -55.16
N PRO F 1811 -85.91 -0.36 -54.37
CA PRO F 1811 -84.80 0.23 -53.60
C PRO F 1811 -84.18 -0.82 -52.69
N ILE F 1812 -83.01 -0.49 -52.15
CA ILE F 1812 -82.33 -1.45 -51.27
C ILE F 1812 -83.19 -1.71 -50.04
N GLU F 1813 -83.79 -0.66 -49.48
CA GLU F 1813 -84.60 -0.82 -48.27
C GLU F 1813 -85.83 -1.67 -48.53
N SER F 1814 -86.56 -1.37 -49.61
CA SER F 1814 -87.72 -2.19 -49.95
C SER F 1814 -87.32 -3.61 -50.29
N LEU F 1815 -86.13 -3.79 -50.88
CA LEU F 1815 -85.67 -5.12 -51.22
C LEU F 1815 -85.43 -5.95 -49.97
N VAL F 1816 -84.73 -5.38 -48.99
CA VAL F 1816 -84.46 -6.11 -47.77
C VAL F 1816 -85.77 -6.38 -47.02
N ASP F 1817 -86.70 -5.42 -47.06
CA ASP F 1817 -88.00 -5.65 -46.44
C ASP F 1817 -88.71 -6.82 -47.10
N VAL F 1818 -88.75 -6.85 -48.43
CA VAL F 1818 -89.50 -7.87 -49.14
C VAL F 1818 -88.89 -9.25 -48.89
N VAL F 1819 -87.56 -9.34 -48.96
CA VAL F 1819 -86.93 -10.65 -48.78
C VAL F 1819 -87.06 -11.13 -47.34
N PHE F 1820 -86.98 -10.21 -46.37
CA PHE F 1820 -87.19 -10.59 -44.98
C PHE F 1820 -88.61 -11.11 -44.76
N TYR F 1821 -89.60 -10.40 -45.32
CA TYR F 1821 -90.98 -10.83 -45.19
C TYR F 1821 -91.20 -12.17 -45.87
N ARG F 1822 -90.58 -12.37 -47.03
CA ARG F 1822 -90.68 -13.65 -47.72
C ARG F 1822 -90.08 -14.77 -46.87
N GLY F 1823 -88.91 -14.53 -46.28
CA GLY F 1823 -88.31 -15.55 -45.44
C GLY F 1823 -89.17 -15.91 -44.25
N MET F 1824 -89.72 -14.91 -43.56
CA MET F 1824 -90.60 -15.18 -42.43
C MET F 1824 -91.86 -15.91 -42.87
N THR F 1825 -92.42 -15.54 -44.04
CA THR F 1825 -93.60 -16.22 -44.54
C THR F 1825 -93.31 -17.69 -44.82
N MET F 1826 -92.16 -17.98 -45.44
CA MET F 1826 -91.78 -19.38 -45.63
C MET F 1826 -91.65 -20.08 -44.29
N GLN F 1827 -90.99 -19.43 -43.32
CA GLN F 1827 -90.75 -20.07 -42.03
C GLN F 1827 -92.06 -20.44 -41.35
N VAL F 1828 -93.06 -19.56 -41.41
CA VAL F 1828 -94.31 -19.78 -40.68
C VAL F 1828 -95.43 -20.39 -41.53
N ALA F 1829 -95.20 -20.65 -42.82
CA ALA F 1829 -96.25 -21.21 -43.65
C ALA F 1829 -96.63 -22.63 -43.25
N VAL F 1830 -95.81 -23.31 -42.45
CA VAL F 1830 -96.01 -24.72 -42.15
C VAL F 1830 -96.21 -24.90 -40.65
N PRO F 1831 -97.13 -25.75 -40.19
CA PRO F 1831 -97.23 -26.00 -38.75
C PRO F 1831 -95.98 -26.67 -38.21
N ARG F 1832 -95.70 -26.42 -36.93
CA ARG F 1832 -94.56 -27.00 -36.25
C ARG F 1832 -94.99 -27.48 -34.87
N ASP F 1833 -94.30 -28.51 -34.38
CA ASP F 1833 -94.62 -29.10 -33.08
C ASP F 1833 -93.95 -28.28 -31.97
N GLU F 1834 -93.97 -28.80 -30.75
CA GLU F 1834 -93.39 -28.07 -29.62
C GLU F 1834 -91.88 -27.91 -29.78
N LEU F 1835 -91.23 -28.81 -30.53
CA LEU F 1835 -89.80 -28.74 -30.77
C LEU F 1835 -89.46 -27.98 -32.04
N GLY F 1836 -90.44 -27.39 -32.72
CA GLY F 1836 -90.18 -26.67 -33.95
C GLY F 1836 -90.03 -27.53 -35.18
N ARG F 1837 -90.30 -28.83 -35.07
CA ARG F 1837 -90.14 -29.74 -36.20
C ARG F 1837 -91.39 -29.74 -37.07
N SER F 1838 -91.18 -29.59 -38.38
CA SER F 1838 -92.25 -29.58 -39.36
C SER F 1838 -92.33 -30.94 -40.05
N ASN F 1839 -93.52 -31.25 -40.56
CA ASN F 1839 -93.78 -32.53 -41.21
C ASN F 1839 -93.56 -32.49 -42.73
N TYR F 1840 -93.14 -31.35 -43.28
CA TYR F 1840 -92.87 -31.20 -44.70
C TYR F 1840 -91.36 -31.11 -44.93
N GLY F 1841 -90.98 -31.06 -46.20
CA GLY F 1841 -89.58 -30.99 -46.55
C GLY F 1841 -89.36 -31.04 -48.06
N MET F 1842 -88.09 -31.15 -48.43
CA MET F 1842 -87.67 -31.15 -49.83
C MET F 1842 -86.49 -32.09 -50.03
N VAL F 1843 -86.47 -32.74 -51.20
CA VAL F 1843 -85.38 -33.61 -51.61
C VAL F 1843 -84.96 -33.23 -53.03
N ALA F 1844 -83.73 -33.58 -53.39
CA ALA F 1844 -83.22 -33.41 -54.75
C ALA F 1844 -83.09 -34.78 -55.40
N VAL F 1845 -83.77 -34.97 -56.52
CA VAL F 1845 -83.90 -36.28 -57.15
C VAL F 1845 -83.20 -36.23 -58.51
N ASN F 1846 -82.48 -37.30 -58.83
CA ASN F 1846 -81.67 -37.42 -60.05
C ASN F 1846 -82.15 -38.62 -60.87
N PRO F 1847 -82.85 -38.44 -61.99
CA PRO F 1847 -83.29 -39.63 -62.77
C PRO F 1847 -82.16 -40.51 -63.24
N SER F 1848 -81.03 -39.93 -63.65
CA SER F 1848 -79.93 -40.73 -64.19
C SER F 1848 -79.39 -41.70 -63.15
N ARG F 1849 -79.49 -41.35 -61.86
CA ARG F 1849 -79.10 -42.27 -60.82
C ARG F 1849 -80.05 -43.47 -60.77
N VAL F 1850 -81.35 -43.23 -60.97
CA VAL F 1850 -82.32 -44.32 -60.99
C VAL F 1850 -82.03 -45.23 -62.19
N SER F 1851 -81.92 -44.65 -63.38
CA SER F 1851 -81.61 -45.40 -64.58
C SER F 1851 -81.37 -44.42 -65.72
N ALA F 1852 -80.69 -44.90 -66.76
CA ALA F 1852 -80.38 -44.06 -67.91
C ALA F 1852 -81.61 -43.75 -68.75
N THR F 1853 -82.61 -44.61 -68.76
CA THR F 1853 -83.84 -44.41 -69.52
C THR F 1853 -84.89 -43.62 -68.76
N PHE F 1854 -84.58 -43.18 -67.54
CA PHE F 1854 -85.55 -42.52 -66.66
C PHE F 1854 -85.43 -41.01 -66.88
N ASP F 1855 -86.50 -40.39 -67.39
CA ASP F 1855 -86.47 -39.03 -67.90
C ASP F 1855 -87.43 -38.12 -67.13
N ASP F 1856 -87.52 -36.87 -67.59
CA ASP F 1856 -88.35 -35.87 -66.92
C ASP F 1856 -89.83 -36.26 -66.99
N SER F 1857 -90.28 -36.78 -68.13
CA SER F 1857 -91.65 -37.24 -68.22
C SER F 1857 -91.90 -38.40 -67.27
N ALA F 1858 -90.89 -39.25 -67.08
CA ALA F 1858 -91.04 -40.38 -66.18
C ALA F 1858 -91.15 -39.91 -64.73
N LEU F 1859 -90.32 -38.95 -64.31
CA LEU F 1859 -90.50 -38.38 -62.97
C LEU F 1859 -91.84 -37.68 -62.83
N ARG F 1860 -92.29 -36.97 -63.87
CA ARG F 1860 -93.59 -36.31 -63.75
C ARG F 1860 -94.69 -37.32 -63.55
N PHE F 1861 -94.67 -38.41 -64.32
CA PHE F 1861 -95.65 -39.48 -64.15
C PHE F 1861 -95.58 -40.07 -62.75
N VAL F 1862 -94.37 -40.38 -62.28
CA VAL F 1862 -94.22 -41.00 -60.96
C VAL F 1862 -94.74 -40.06 -59.87
N VAL F 1863 -94.35 -38.79 -59.94
CA VAL F 1863 -94.73 -37.84 -58.91
C VAL F 1863 -96.24 -37.68 -58.89
N ASP F 1864 -96.86 -37.56 -60.07
CA ASP F 1864 -98.30 -37.42 -60.13
C ASP F 1864 -99.00 -38.64 -59.56
N GLU F 1865 -98.49 -39.85 -59.85
CA GLU F 1865 -99.16 -41.05 -59.37
C GLU F 1865 -99.00 -41.22 -57.86
N VAL F 1866 -97.80 -40.96 -57.32
CA VAL F 1866 -97.62 -41.02 -55.87
C VAL F 1866 -98.53 -40.01 -55.18
N ALA F 1867 -98.60 -38.78 -55.71
CA ALA F 1867 -99.51 -37.81 -55.09
C ALA F 1867 -100.96 -38.27 -55.16
N ASN F 1868 -101.41 -38.73 -56.33
CA ASN F 1868 -102.80 -39.07 -56.54
C ASN F 1868 -103.26 -40.30 -55.75
N LYS F 1869 -102.37 -41.27 -55.51
CA LYS F 1869 -102.78 -42.45 -54.77
C LYS F 1869 -102.95 -42.19 -53.28
N THR F 1870 -101.91 -41.66 -52.63
CA THR F 1870 -101.92 -41.50 -51.18
C THR F 1870 -102.42 -40.14 -50.71
N LYS F 1871 -102.82 -39.26 -51.63
CA LYS F 1871 -103.48 -38.00 -51.29
C LYS F 1871 -102.57 -37.05 -50.49
N TRP F 1872 -101.27 -37.31 -50.45
CA TRP F 1872 -100.32 -36.47 -49.73
C TRP F 1872 -99.64 -35.51 -50.68
N LEU F 1873 -99.38 -34.30 -50.20
CA LEU F 1873 -98.75 -33.28 -51.03
C LEU F 1873 -97.35 -33.72 -51.43
N LEU F 1874 -97.10 -33.76 -52.74
CA LEU F 1874 -95.78 -34.13 -53.26
C LEU F 1874 -95.71 -33.64 -54.69
N GLU F 1875 -94.83 -32.67 -54.95
CA GLU F 1875 -94.80 -32.01 -56.25
C GLU F 1875 -93.37 -31.62 -56.60
N ILE F 1876 -93.10 -31.58 -57.90
CA ILE F 1876 -91.81 -31.11 -58.40
C ILE F 1876 -91.82 -29.58 -58.34
N VAL F 1877 -90.83 -29.02 -57.66
CA VAL F 1877 -90.81 -27.59 -57.36
C VAL F 1877 -89.76 -26.85 -58.18
N ASN F 1878 -88.57 -27.42 -58.32
CA ASN F 1878 -87.49 -26.82 -59.10
C ASN F 1878 -87.12 -27.76 -60.24
N TYR F 1879 -87.08 -27.22 -61.46
CA TYR F 1879 -86.67 -27.94 -62.66
C TYR F 1879 -85.27 -27.45 -63.00
N ASN F 1880 -84.26 -28.04 -62.36
CA ASN F 1880 -82.89 -27.52 -62.43
C ASN F 1880 -82.19 -27.93 -63.73
N VAL F 1881 -82.01 -29.23 -63.93
CA VAL F 1881 -81.30 -29.76 -65.10
C VAL F 1881 -82.10 -30.91 -65.68
N GLU F 1882 -82.11 -31.00 -67.01
CA GLU F 1882 -82.88 -32.05 -67.67
C GLU F 1882 -82.31 -33.42 -67.32
N ASN F 1883 -83.14 -34.26 -66.72
CA ASN F 1883 -82.84 -35.65 -66.41
C ASN F 1883 -81.63 -35.81 -65.48
N GLN F 1884 -81.18 -34.73 -64.83
CA GLN F 1884 -80.01 -34.78 -63.97
C GLN F 1884 -80.24 -34.16 -62.59
N GLN F 1885 -81.09 -33.13 -62.49
CA GLN F 1885 -81.32 -32.46 -61.21
C GLN F 1885 -82.74 -31.93 -61.18
N TYR F 1886 -83.55 -32.45 -60.25
CA TYR F 1886 -84.86 -31.90 -59.95
C TYR F 1886 -84.99 -31.83 -58.44
N VAL F 1887 -85.98 -31.09 -57.96
CA VAL F 1887 -86.28 -30.98 -56.54
C VAL F 1887 -87.76 -31.25 -56.34
N ALA F 1888 -88.08 -32.09 -55.36
CA ALA F 1888 -89.45 -32.44 -55.01
C ALA F 1888 -89.73 -32.02 -53.58
N ALA F 1889 -90.87 -31.36 -53.39
CA ALA F 1889 -91.29 -30.83 -52.10
C ALA F 1889 -92.60 -31.46 -51.69
N GLY F 1890 -92.74 -31.75 -50.41
CA GLY F 1890 -93.98 -32.31 -49.91
C GLY F 1890 -93.81 -32.81 -48.49
N ASP F 1891 -94.83 -33.52 -48.02
CA ASP F 1891 -94.76 -34.16 -46.72
C ASP F 1891 -93.54 -35.05 -46.65
N LEU F 1892 -92.94 -35.15 -45.46
CA LEU F 1892 -91.86 -36.13 -45.32
C LEU F 1892 -92.38 -37.54 -45.57
N ARG F 1893 -93.64 -37.79 -45.23
CA ARG F 1893 -94.31 -39.04 -45.61
C ARG F 1893 -94.12 -39.32 -47.09
N ALA F 1894 -94.64 -38.42 -47.94
CA ALA F 1894 -94.62 -38.66 -49.38
C ALA F 1894 -93.21 -38.56 -49.94
N LEU F 1895 -92.32 -37.83 -49.28
CA LEU F 1895 -90.96 -37.72 -49.78
C LEU F 1895 -90.17 -38.99 -49.54
N ASP F 1896 -90.29 -39.58 -48.35
CA ASP F 1896 -89.73 -40.90 -48.14
C ASP F 1896 -90.43 -41.93 -49.02
N THR F 1897 -91.72 -41.72 -49.29
CA THR F 1897 -92.43 -42.59 -50.20
C THR F 1897 -91.77 -42.57 -51.57
N LEU F 1898 -91.50 -41.38 -52.11
CA LEU F 1898 -90.85 -41.27 -53.42
C LEU F 1898 -89.43 -41.83 -53.37
N THR F 1899 -88.71 -41.57 -52.27
CA THR F 1899 -87.34 -42.08 -52.16
C THR F 1899 -87.30 -43.59 -52.27
N ASN F 1900 -88.11 -44.28 -51.45
CA ASN F 1900 -88.11 -45.74 -51.49
C ASN F 1900 -88.76 -46.26 -52.77
N VAL F 1901 -89.70 -45.51 -53.35
CA VAL F 1901 -90.30 -45.92 -54.62
C VAL F 1901 -89.23 -45.95 -55.71
N LEU F 1902 -88.41 -44.90 -55.79
CA LEU F 1902 -87.36 -44.86 -56.81
C LEU F 1902 -86.30 -45.91 -56.52
N ASN F 1903 -85.96 -46.12 -55.25
CA ASN F 1903 -84.98 -47.17 -54.92
C ASN F 1903 -85.47 -48.54 -55.38
N VAL F 1904 -86.71 -48.89 -55.03
CA VAL F 1904 -87.27 -50.18 -55.44
C VAL F 1904 -87.45 -50.24 -56.95
N LEU F 1905 -87.74 -49.11 -57.60
CA LEU F 1905 -87.86 -49.10 -59.06
C LEU F 1905 -86.52 -49.40 -59.71
N LYS F 1906 -85.43 -48.81 -59.20
CA LYS F 1906 -84.12 -49.15 -59.73
C LYS F 1906 -83.78 -50.61 -59.48
N ILE F 1907 -84.14 -51.13 -58.30
CA ILE F 1907 -83.88 -52.53 -58.00
C ILE F 1907 -84.64 -53.43 -58.98
N ASN F 1908 -85.90 -53.12 -59.25
CA ASN F 1908 -86.71 -53.91 -60.16
C ASN F 1908 -86.37 -53.69 -61.62
N LYS F 1909 -85.62 -52.64 -61.94
CA LYS F 1909 -85.23 -52.34 -63.32
C LYS F 1909 -86.46 -52.07 -64.20
N ILE F 1910 -87.51 -51.51 -63.61
CA ILE F 1910 -88.73 -51.21 -64.33
C ILE F 1910 -88.51 -49.96 -65.17
N ASP F 1911 -88.89 -50.01 -66.45
CA ASP F 1911 -88.86 -48.87 -67.35
C ASP F 1911 -90.30 -48.44 -67.58
N ILE F 1912 -90.72 -47.41 -66.85
CA ILE F 1912 -92.11 -46.95 -66.94
C ILE F 1912 -92.42 -46.42 -68.32
N VAL F 1913 -91.43 -45.95 -69.06
CA VAL F 1913 -91.66 -45.54 -70.45
C VAL F 1913 -92.13 -46.74 -71.27
N LYS F 1914 -91.44 -47.86 -71.15
CA LYS F 1914 -91.88 -49.07 -71.86
C LYS F 1914 -93.21 -49.56 -71.31
N LEU F 1915 -93.44 -49.44 -70.01
CA LEU F 1915 -94.73 -49.84 -69.46
C LEU F 1915 -95.86 -49.06 -70.10
N GLN F 1916 -95.70 -47.75 -70.25
CA GLN F 1916 -96.73 -46.94 -70.88
C GLN F 1916 -96.82 -47.20 -72.38
N GLU F 1917 -95.70 -47.51 -73.04
CA GLU F 1917 -95.70 -47.71 -74.48
C GLU F 1917 -96.14 -49.11 -74.90
N GLN F 1918 -96.17 -50.07 -73.98
CA GLN F 1918 -96.55 -51.43 -74.32
C GLN F 1918 -97.58 -52.02 -73.35
N MET F 1919 -98.24 -51.20 -72.54
CA MET F 1919 -99.31 -51.67 -71.68
C MET F 1919 -100.26 -50.52 -71.41
N SER F 1920 -101.50 -50.86 -71.09
CA SER F 1920 -102.49 -49.86 -70.76
C SER F 1920 -102.08 -49.09 -69.51
N ILE F 1921 -102.48 -47.82 -69.45
CA ILE F 1921 -102.21 -47.02 -68.24
C ILE F 1921 -102.78 -47.70 -67.01
N GLU F 1922 -103.83 -48.50 -67.18
CA GLU F 1922 -104.36 -49.27 -66.05
C GLU F 1922 -103.34 -50.26 -65.52
N LYS F 1923 -102.56 -50.91 -66.41
CA LYS F 1923 -101.56 -51.87 -65.96
C LYS F 1923 -100.34 -51.17 -65.36
N VAL F 1924 -99.87 -50.10 -66.01
CA VAL F 1924 -98.78 -49.30 -65.45
C VAL F 1924 -99.20 -48.78 -64.09
N LYS F 1925 -100.44 -48.30 -63.99
CA LYS F 1925 -100.96 -47.85 -62.71
C LYS F 1925 -101.02 -49.00 -61.71
N GLU F 1926 -101.44 -50.19 -62.15
CA GLU F 1926 -101.51 -51.32 -61.22
C GLU F 1926 -100.15 -51.58 -60.58
N HIS F 1927 -99.11 -51.67 -61.40
CA HIS F 1927 -97.78 -51.96 -60.85
C HIS F 1927 -97.26 -50.81 -59.99
N LEU F 1928 -97.33 -49.57 -60.50
CA LEU F 1928 -96.76 -48.44 -59.77
C LEU F 1928 -97.51 -48.20 -58.47
N TYR F 1929 -98.85 -48.27 -58.50
CA TYR F 1929 -99.65 -48.19 -57.29
C TYR F 1929 -99.34 -49.32 -56.31
N GLU F 1930 -99.05 -50.53 -56.79
CA GLU F 1930 -98.64 -51.58 -55.84
C GLU F 1930 -97.37 -51.19 -55.10
N ILE F 1931 -96.38 -50.70 -55.86
CA ILE F 1931 -95.16 -50.20 -55.23
C ILE F 1931 -95.49 -49.08 -54.25
N VAL F 1932 -96.40 -48.21 -54.65
CA VAL F 1932 -96.75 -47.04 -53.83
C VAL F 1932 -97.37 -47.48 -52.51
N ASP F 1933 -98.26 -48.49 -52.56
CA ASP F 1933 -98.89 -48.95 -51.33
C ASP F 1933 -97.86 -49.53 -50.38
N GLU F 1934 -96.99 -50.42 -50.89
CA GLU F 1934 -95.98 -51.01 -50.01
C GLU F 1934 -95.09 -49.94 -49.40
N VAL F 1935 -94.63 -49.01 -50.24
CA VAL F 1935 -93.68 -48.00 -49.80
C VAL F 1935 -94.34 -47.01 -48.85
N ALA F 1936 -95.60 -46.63 -49.11
CA ALA F 1936 -96.30 -45.72 -48.22
C ALA F 1936 -96.59 -46.39 -46.88
N ALA F 1937 -96.87 -47.69 -46.87
CA ALA F 1937 -97.00 -48.41 -45.62
C ALA F 1937 -95.70 -48.34 -44.82
N LYS F 1938 -94.57 -48.52 -45.50
CA LYS F 1938 -93.28 -48.39 -44.81
C LYS F 1938 -93.09 -46.98 -44.27
N SER F 1939 -93.47 -45.97 -45.05
CA SER F 1939 -93.33 -44.58 -44.61
C SER F 1939 -94.16 -44.31 -43.37
N LEU F 1940 -95.41 -44.76 -43.36
CA LEU F 1940 -96.25 -44.59 -42.18
C LEU F 1940 -95.70 -45.36 -40.99
N ALA F 1941 -95.11 -46.53 -41.25
CA ALA F 1941 -94.52 -47.31 -40.17
C ALA F 1941 -93.36 -46.56 -39.52
N LYS F 1942 -92.55 -45.87 -40.33
CA LYS F 1942 -91.43 -45.10 -39.76
C LYS F 1942 -92.00 -44.01 -38.85
N PRO F 1943 -91.44 -43.83 -37.65
CA PRO F 1943 -92.11 -42.97 -36.66
C PRO F 1943 -92.05 -41.50 -37.07
N GLN F 1944 -93.17 -40.82 -36.90
CA GLN F 1944 -93.30 -39.46 -37.42
C GLN F 1944 -92.70 -38.46 -36.42
N PRO F 1945 -92.10 -37.36 -36.88
CA PRO F 1945 -91.91 -36.92 -38.27
C PRO F 1945 -90.81 -37.74 -38.95
N ILE F 1946 -91.00 -38.07 -40.22
CA ILE F 1946 -90.08 -38.97 -40.93
C ILE F 1946 -88.83 -38.20 -41.31
N ASP F 1947 -87.67 -38.71 -40.91
CA ASP F 1947 -86.39 -38.16 -41.30
C ASP F 1947 -85.96 -38.83 -42.61
N LEU F 1948 -85.77 -38.02 -43.65
CA LEU F 1948 -85.38 -38.55 -44.94
C LEU F 1948 -83.97 -39.11 -44.90
N GLU F 1949 -83.71 -40.10 -45.75
CA GLU F 1949 -82.41 -40.72 -45.91
C GLU F 1949 -81.96 -40.60 -47.36
N ARG F 1950 -80.67 -40.35 -47.54
CA ARG F 1950 -80.11 -40.19 -48.89
C ARG F 1950 -80.27 -41.49 -49.67
N GLY F 1951 -81.13 -41.48 -50.68
CA GLY F 1951 -81.24 -42.57 -51.60
C GLY F 1951 -80.19 -42.50 -52.69
N PHE F 1952 -80.24 -43.47 -53.61
CA PHE F 1952 -79.31 -43.44 -54.73
C PHE F 1952 -79.52 -42.19 -55.58
N ALA F 1953 -80.78 -41.86 -55.88
CA ALA F 1953 -81.12 -40.66 -56.63
C ALA F 1953 -81.56 -39.51 -55.75
N VAL F 1954 -82.07 -39.79 -54.56
CA VAL F 1954 -82.66 -38.77 -53.69
C VAL F 1954 -81.62 -38.31 -52.68
N ILE F 1955 -81.48 -37.00 -52.55
CA ILE F 1955 -80.62 -36.36 -51.57
C ILE F 1955 -81.47 -35.35 -50.80
N PRO F 1956 -81.87 -35.65 -49.56
CA PRO F 1956 -82.72 -34.69 -48.83
C PRO F 1956 -81.97 -33.39 -48.58
N LEU F 1957 -82.71 -32.28 -48.65
CA LEU F 1957 -82.12 -30.96 -48.47
C LEU F 1957 -82.11 -30.64 -46.97
N LYS F 1958 -80.93 -30.71 -46.37
CA LYS F 1958 -80.81 -30.52 -44.93
C LYS F 1958 -81.06 -29.06 -44.57
N GLY F 1959 -81.78 -28.85 -43.47
CA GLY F 1959 -82.08 -27.52 -42.98
C GLY F 1959 -83.27 -26.86 -43.63
N ILE F 1960 -83.98 -27.54 -44.53
CA ILE F 1960 -85.17 -27.01 -45.19
C ILE F 1960 -86.37 -27.72 -44.59
N SER F 1961 -87.31 -26.94 -44.04
CA SER F 1961 -88.50 -27.46 -43.39
C SER F 1961 -89.78 -26.96 -44.02
N VAL F 1962 -89.70 -26.33 -45.19
CA VAL F 1962 -90.85 -25.68 -45.81
C VAL F 1962 -90.95 -26.17 -47.26
N PRO F 1963 -92.13 -26.61 -47.73
CA PRO F 1963 -92.23 -27.04 -49.14
C PRO F 1963 -92.57 -25.88 -50.06
N PHE F 1964 -91.63 -24.96 -50.22
CA PHE F 1964 -91.92 -23.75 -50.98
C PHE F 1964 -91.77 -24.02 -52.48
N HIS F 1965 -92.33 -23.12 -53.28
CA HIS F 1965 -92.52 -23.24 -54.72
C HIS F 1965 -93.54 -24.31 -55.09
N SER F 1966 -94.35 -24.77 -54.15
CA SER F 1966 -95.41 -25.74 -54.38
C SER F 1966 -96.76 -25.08 -54.15
N SER F 1967 -97.83 -25.84 -54.39
CA SER F 1967 -99.18 -25.32 -54.19
C SER F 1967 -99.52 -25.08 -52.73
N TYR F 1968 -98.70 -25.56 -51.79
CA TYR F 1968 -98.98 -25.34 -50.38
C TYR F 1968 -98.96 -23.86 -50.03
N LEU F 1969 -98.13 -23.07 -50.69
CA LEU F 1969 -97.98 -21.65 -50.41
C LEU F 1969 -99.00 -20.78 -51.15
N MET F 1970 -99.91 -21.40 -51.90
CA MET F 1970 -100.97 -20.63 -52.56
C MET F 1970 -101.79 -19.84 -51.55
N SER F 1971 -101.98 -20.40 -50.35
CA SER F 1971 -102.67 -19.67 -49.30
C SER F 1971 -101.89 -18.44 -48.87
N GLY F 1972 -100.58 -18.57 -48.74
CA GLY F 1972 -99.74 -17.48 -48.29
C GLY F 1972 -99.35 -16.47 -49.34
N VAL F 1973 -99.69 -16.72 -50.61
CA VAL F 1973 -99.37 -15.76 -51.65
C VAL F 1973 -100.05 -14.41 -51.38
N LYS F 1974 -101.33 -14.43 -51.00
CA LYS F 1974 -102.13 -13.20 -51.04
C LYS F 1974 -101.60 -12.10 -50.15
N PRO F 1975 -101.24 -12.34 -48.88
CA PRO F 1975 -100.60 -11.26 -48.11
C PRO F 1975 -99.32 -10.75 -48.75
N PHE F 1976 -98.54 -11.68 -49.33
CA PHE F 1976 -97.30 -11.28 -49.98
C PHE F 1976 -97.58 -10.40 -51.19
N GLN F 1977 -98.69 -10.65 -51.90
CA GLN F 1977 -99.06 -9.79 -53.01
C GLN F 1977 -99.30 -8.36 -52.54
N ARG F 1978 -100.02 -8.19 -51.42
CA ARG F 1978 -100.27 -6.85 -50.91
C ARG F 1978 -98.98 -6.20 -50.46
N PHE F 1979 -98.10 -6.95 -49.81
CA PHE F 1979 -96.82 -6.40 -49.38
C PHE F 1979 -96.00 -5.95 -50.59
N LEU F 1980 -95.98 -6.76 -51.65
CA LEU F 1980 -95.26 -6.38 -52.86
C LEU F 1980 -95.87 -5.15 -53.50
N CYS F 1981 -97.20 -5.05 -53.53
CA CYS F 1981 -97.83 -3.87 -54.09
C CYS F 1981 -97.44 -2.63 -53.30
N LYS F 1982 -97.35 -2.75 -51.98
CA LYS F 1982 -96.94 -1.62 -51.17
C LYS F 1982 -95.47 -1.25 -51.42
N LYS F 1983 -94.60 -2.24 -51.53
CA LYS F 1983 -93.16 -2.00 -51.57
C LYS F 1983 -92.60 -1.80 -52.97
N ILE F 1984 -93.42 -2.00 -54.01
CA ILE F 1984 -93.03 -1.67 -55.39
C ILE F 1984 -93.81 -0.43 -55.79
N PRO F 1985 -93.21 0.76 -55.76
CA PRO F 1985 -93.87 1.91 -56.37
C PRO F 1985 -94.08 1.68 -57.85
N LYS F 1986 -95.21 2.17 -58.36
CA LYS F 1986 -95.46 2.07 -59.80
C LYS F 1986 -94.42 2.86 -60.59
N SER F 1987 -93.84 3.91 -59.98
CA SER F 1987 -92.85 4.71 -60.68
C SER F 1987 -91.51 4.01 -60.80
N SER F 1988 -91.22 3.03 -59.93
CA SER F 1988 -89.92 2.38 -59.97
C SER F 1988 -89.79 1.38 -61.11
N VAL F 1989 -90.89 0.95 -61.70
CA VAL F 1989 -90.85 -0.04 -62.78
C VAL F 1989 -90.45 0.67 -64.06
N LYS F 1990 -89.37 0.20 -64.69
CA LYS F 1990 -88.98 0.66 -66.03
C LYS F 1990 -89.23 -0.49 -67.00
N PRO F 1991 -90.34 -0.46 -67.74
CA PRO F 1991 -90.62 -1.58 -68.66
C PRO F 1991 -89.58 -1.77 -69.74
N GLN F 1992 -88.85 -0.71 -70.11
CA GLN F 1992 -87.81 -0.86 -71.12
C GLN F 1992 -86.66 -1.70 -70.59
N ASP F 1993 -86.45 -1.71 -69.26
CA ASP F 1993 -85.44 -2.56 -68.65
C ASP F 1993 -85.93 -3.99 -68.39
N LEU F 1994 -87.18 -4.29 -68.70
CA LEU F 1994 -87.76 -5.63 -68.49
C LEU F 1994 -88.13 -6.35 -69.77
N ILE F 1995 -88.67 -5.64 -70.75
CA ILE F 1995 -89.14 -6.27 -71.98
C ILE F 1995 -87.96 -6.90 -72.71
N GLY F 1996 -88.04 -8.20 -72.94
CA GLY F 1996 -87.02 -8.92 -73.66
C GLY F 1996 -85.72 -9.14 -72.91
N LYS F 1997 -85.64 -8.71 -71.65
CA LYS F 1997 -84.45 -8.87 -70.83
C LYS F 1997 -84.76 -9.59 -69.52
N TYR F 1998 -85.91 -9.34 -68.91
CA TYR F 1998 -86.31 -10.02 -67.69
C TYR F 1998 -86.90 -11.37 -68.07
N ILE F 1999 -86.44 -12.43 -67.41
CA ILE F 1999 -86.97 -13.77 -67.59
C ILE F 1999 -87.37 -14.29 -66.21
N PRO F 2000 -88.67 -14.39 -65.92
CA PRO F 2000 -89.07 -14.89 -64.60
C PRO F 2000 -88.92 -16.40 -64.49
N ASN F 2001 -89.08 -16.87 -63.25
CA ASN F 2001 -89.16 -18.31 -62.99
C ASN F 2001 -90.57 -18.86 -63.21
N LEU F 2002 -91.59 -18.02 -63.06
CA LEU F 2002 -92.96 -18.50 -63.20
C LEU F 2002 -93.25 -18.95 -64.62
N THR F 2003 -92.86 -18.15 -65.61
CA THR F 2003 -93.11 -18.44 -67.02
C THR F 2003 -91.89 -18.97 -67.75
N ALA F 2004 -90.69 -18.61 -67.31
CA ALA F 2004 -89.45 -19.07 -67.94
C ALA F 2004 -89.39 -18.67 -69.41
N LYS F 2005 -89.91 -17.49 -69.72
CA LYS F 2005 -89.77 -16.88 -71.03
C LYS F 2005 -89.57 -15.39 -70.82
N PRO F 2006 -89.03 -14.67 -71.81
CA PRO F 2006 -88.75 -13.25 -71.60
C PRO F 2006 -90.00 -12.46 -71.28
N PHE F 2007 -89.85 -11.49 -70.37
CA PHE F 2007 -90.94 -10.62 -69.97
C PHE F 2007 -91.48 -9.89 -71.19
N GLU F 2008 -92.79 -9.95 -71.39
CA GLU F 2008 -93.43 -9.33 -72.53
C GLU F 2008 -94.79 -8.80 -72.12
N LEU F 2009 -95.14 -7.64 -72.65
CA LEU F 2009 -96.44 -7.02 -72.38
C LEU F 2009 -97.41 -7.39 -73.50
N THR F 2010 -97.60 -8.71 -73.66
CA THR F 2010 -98.44 -9.26 -74.70
C THR F 2010 -99.54 -10.11 -74.08
N LYS F 2011 -100.71 -10.09 -74.73
CA LYS F 2011 -101.86 -10.82 -74.22
C LYS F 2011 -101.54 -12.31 -74.10
N GLU F 2012 -100.72 -12.83 -75.01
CA GLU F 2012 -100.28 -14.22 -74.90
C GLU F 2012 -99.53 -14.45 -73.60
N TYR F 2013 -98.61 -13.54 -73.26
CA TYR F 2013 -97.87 -13.69 -72.01
C TYR F 2013 -98.77 -13.59 -70.80
N PHE F 2014 -99.70 -12.63 -70.81
CA PHE F 2014 -100.59 -12.48 -69.67
C PHE F 2014 -101.50 -13.70 -69.51
N GLN F 2015 -101.96 -14.26 -70.62
CA GLN F 2015 -102.75 -15.48 -70.54
C GLN F 2015 -101.93 -16.66 -70.05
N SER F 2016 -100.65 -16.71 -70.43
CA SER F 2016 -99.77 -17.75 -69.89
C SER F 2016 -99.64 -17.62 -68.38
N VAL F 2017 -99.48 -16.40 -67.89
CA VAL F 2017 -99.41 -16.18 -66.45
C VAL F 2017 -100.72 -16.57 -65.77
N TYR F 2018 -101.84 -16.22 -66.40
CA TYR F 2018 -103.15 -16.55 -65.84
C TYR F 2018 -103.35 -18.06 -65.75
N ASP F 2019 -102.88 -18.80 -66.76
CA ASP F 2019 -103.05 -20.25 -66.75
C ASP F 2019 -102.39 -20.87 -65.53
N LEU F 2020 -101.35 -20.22 -64.99
CA LEU F 2020 -100.66 -20.76 -63.82
C LEU F 2020 -101.25 -20.23 -62.52
N THR F 2021 -101.59 -18.95 -62.48
CA THR F 2021 -101.93 -18.29 -61.20
C THR F 2021 -103.43 -18.15 -60.96
N LYS F 2022 -104.25 -18.04 -62.00
CA LYS F 2022 -105.68 -17.80 -61.85
C LYS F 2022 -105.95 -16.51 -61.06
N SER F 2023 -105.09 -15.51 -61.24
CA SER F 2023 -105.16 -14.32 -60.43
C SER F 2023 -106.26 -13.38 -60.91
N GLU F 2024 -106.91 -12.72 -59.94
CA GLU F 2024 -107.97 -11.78 -60.26
C GLU F 2024 -107.43 -10.57 -61.03
N LYS F 2025 -106.24 -10.08 -60.65
CA LYS F 2025 -105.67 -8.94 -61.34
C LYS F 2025 -105.38 -9.26 -62.80
N ILE F 2026 -104.69 -10.37 -63.05
CA ILE F 2026 -104.38 -10.76 -64.43
C ILE F 2026 -105.67 -11.06 -65.17
N LYS F 2027 -106.67 -11.59 -64.47
CA LYS F 2027 -107.97 -11.80 -65.10
C LYS F 2027 -108.58 -10.49 -65.58
N SER F 2028 -108.50 -9.45 -64.74
CA SER F 2028 -109.02 -8.14 -65.14
C SER F 2028 -108.27 -7.58 -66.34
N ILE F 2029 -106.93 -7.67 -66.33
CA ILE F 2029 -106.14 -7.18 -67.45
C ILE F 2029 -106.49 -7.93 -68.73
N LEU F 2030 -106.62 -9.26 -68.64
CA LEU F 2030 -106.95 -10.03 -69.83
C LEU F 2030 -108.35 -9.73 -70.33
N ASP F 2031 -109.29 -9.51 -69.42
CA ASP F 2031 -110.65 -9.18 -69.82
C ASP F 2031 -110.72 -7.80 -70.48
N ASN F 2032 -109.90 -6.85 -70.04
CA ASN F 2032 -109.96 -5.48 -70.50
C ASN F 2032 -108.75 -5.09 -71.35
N TRP F 2033 -108.08 -6.08 -71.95
CA TRP F 2033 -106.96 -5.80 -72.84
C TRP F 2033 -107.33 -4.93 -74.02
N GLU F 2034 -108.63 -4.87 -74.39
CA GLU F 2034 -109.02 -4.04 -75.53
C GLU F 2034 -108.62 -2.58 -75.33
N GLN F 2035 -108.69 -2.10 -74.09
CA GLN F 2035 -108.28 -0.72 -73.84
C GLN F 2035 -106.77 -0.54 -73.93
N TYR F 2036 -106.01 -1.58 -73.58
CA TYR F 2036 -104.55 -1.52 -73.66
C TYR F 2036 -104.02 -1.80 -75.06
N GLU F 2037 -104.87 -2.29 -75.96
CA GLU F 2037 -104.45 -2.56 -77.33
C GLU F 2037 -104.01 -1.28 -78.04
N THR G 3 -2.01 21.28 118.25
CA THR G 3 -1.28 21.64 117.04
C THR G 3 -1.25 20.45 116.08
N HIS G 4 -2.40 20.10 115.55
CA HIS G 4 -2.49 18.93 114.68
C HIS G 4 -1.99 19.30 113.30
N ARG G 5 -2.02 18.37 112.36
CA ARG G 5 -1.54 18.61 111.01
C ARG G 5 -2.24 17.69 110.01
N PRO G 6 -2.30 18.10 108.73
CA PRO G 6 -2.95 17.24 107.74
C PRO G 6 -1.98 16.22 107.17
N PHE G 7 -2.37 14.96 107.27
CA PHE G 7 -1.55 13.84 106.82
C PHE G 7 -2.38 13.00 105.86
N GLN G 8 -1.89 12.83 104.64
CA GLN G 8 -2.66 12.24 103.55
C GLN G 8 -1.99 10.98 103.03
N LEU G 9 -2.81 9.98 102.74
CA LEU G 9 -2.39 8.74 102.11
C LEU G 9 -3.17 8.55 100.83
N THR G 10 -2.47 8.21 99.75
CA THR G 10 -3.10 8.10 98.44
C THR G 10 -2.67 6.82 97.75
N HIS G 11 -3.56 6.29 96.92
CA HIS G 11 -3.29 5.15 96.04
C HIS G 11 -4.10 5.40 94.77
N GLY G 12 -3.46 6.00 93.77
CA GLY G 12 -4.19 6.40 92.59
C GLY G 12 -5.24 7.44 92.95
N SER G 13 -6.49 7.18 92.53
CA SER G 13 -7.59 8.07 92.89
C SER G 13 -7.89 8.02 94.38
N ILE G 14 -7.43 6.99 95.09
CA ILE G 14 -7.67 6.91 96.52
C ILE G 14 -6.96 8.05 97.23
N GLU G 15 -7.63 8.62 98.23
CA GLU G 15 -7.05 9.71 99.01
C GLU G 15 -7.80 9.81 100.32
N HIS G 16 -7.08 9.67 101.43
CA HIS G 16 -7.63 9.84 102.76
C HIS G 16 -6.71 10.74 103.55
N THR G 17 -7.27 11.81 104.11
CA THR G 17 -6.52 12.77 104.92
C THR G 17 -7.05 12.75 106.35
N LEU G 18 -6.12 12.76 107.30
CA LEU G 18 -6.46 12.72 108.71
C LEU G 18 -5.63 13.77 109.46
N LEU G 19 -6.23 14.33 110.50
CA LEU G 19 -5.54 15.25 111.40
C LEU G 19 -4.71 14.44 112.38
N VAL G 20 -3.45 14.84 112.58
CA VAL G 20 -2.54 14.07 113.41
C VAL G 20 -1.68 15.04 114.21
N PRO G 21 -1.21 14.64 115.41
CA PRO G 21 -0.28 15.49 116.15
C PRO G 21 1.00 15.77 115.38
N ASN G 22 1.46 17.02 115.49
CA ASN G 22 2.65 17.45 114.76
C ASN G 22 3.89 16.72 115.27
N ASP G 23 3.95 16.42 116.56
CA ASP G 23 5.11 15.73 117.11
C ASP G 23 5.27 14.35 116.50
N LEU G 24 4.17 13.62 116.35
CA LEU G 24 4.18 12.27 115.79
C LEU G 24 4.05 12.26 114.27
N PHE G 25 3.89 13.43 113.64
CA PHE G 25 3.83 13.50 112.18
C PHE G 25 5.01 12.81 111.51
N PHE G 26 6.21 12.89 112.11
CA PHE G 26 7.37 12.22 111.52
C PHE G 26 7.16 10.71 111.48
N ASN G 27 6.65 10.14 112.59
CA ASN G 27 6.37 8.72 112.61
C ASN G 27 5.33 8.36 111.55
N TYR G 28 4.27 9.16 111.44
CA TYR G 28 3.25 8.89 110.43
C TYR G 28 3.86 8.94 109.03
N SER G 29 4.75 9.89 108.79
CA SER G 29 5.34 10.05 107.46
C SER G 29 6.19 8.84 107.08
N GLN G 30 7.04 8.38 108.01
CA GLN G 30 7.87 7.22 107.69
C GLN G 30 7.01 5.98 107.49
N LEU G 31 5.96 5.82 108.31
CA LEU G 31 5.08 4.68 108.14
C LEU G 31 4.35 4.75 106.80
N LYS G 32 3.99 5.96 106.36
CA LYS G 32 3.38 6.14 105.04
C LYS G 32 4.35 5.75 103.93
N ASP G 33 5.62 6.14 104.07
CA ASP G 33 6.61 5.80 103.04
C ASP G 33 6.75 4.28 102.93
N GLU G 34 6.84 3.60 104.06
CA GLU G 34 6.87 2.14 104.04
C GLU G 34 5.58 1.57 103.44
N PHE G 35 4.44 2.20 103.74
CA PHE G 35 3.18 1.83 103.08
C PHE G 35 3.32 1.82 101.57
N ILE G 36 3.64 2.98 100.99
CA ILE G 36 3.61 3.09 99.54
C ILE G 36 4.76 2.30 98.92
N LYS G 37 5.74 1.89 99.72
CA LYS G 37 6.68 0.88 99.26
C LYS G 37 6.01 -0.49 99.14
N THR G 38 5.28 -0.92 100.16
CA THR G 38 4.63 -2.24 100.10
C THR G 38 3.40 -2.25 99.20
N LEU G 39 2.87 -1.10 98.83
CA LEU G 39 1.67 -1.05 98.00
C LEU G 39 2.03 -1.27 96.53
N PRO G 40 1.34 -2.19 95.82
CA PRO G 40 1.65 -2.35 94.39
C PRO G 40 1.48 -1.07 93.58
N GLU G 41 1.91 -1.12 92.33
CA GLU G 41 1.68 0.00 91.43
C GLU G 41 0.18 0.20 91.24
N PRO G 42 -0.35 1.43 91.36
CA PRO G 42 -1.78 1.62 91.15
C PRO G 42 -2.20 1.22 89.74
N THR G 43 -3.41 0.70 89.62
CA THR G 43 -3.98 0.29 88.35
C THR G 43 -5.40 0.85 88.23
N GLU G 44 -5.82 1.08 86.99
CA GLU G 44 -7.17 1.55 86.73
C GLU G 44 -8.18 0.51 87.23
N GLY G 45 -9.18 0.99 87.97
CA GLY G 45 -10.17 0.13 88.56
C GLY G 45 -9.79 -0.47 89.90
N PHE G 46 -8.51 -0.36 90.29
CA PHE G 46 -8.04 -0.88 91.57
C PHE G 46 -8.33 -2.38 91.69
N ALA G 47 -8.10 -3.11 90.59
CA ALA G 47 -8.43 -4.53 90.54
C ALA G 47 -7.39 -5.42 91.21
N GLY G 48 -6.24 -4.87 91.60
CA GLY G 48 -5.24 -5.65 92.31
C GLY G 48 -5.78 -6.26 93.58
N ASP G 49 -5.48 -7.53 93.83
CA ASP G 49 -6.12 -8.28 94.90
C ASP G 49 -5.90 -7.62 96.26
N ASP G 50 -4.68 -7.18 96.52
CA ASP G 50 -4.38 -6.43 97.74
C ASP G 50 -4.37 -4.92 97.50
N GLU G 51 -4.87 -4.45 96.37
CA GLU G 51 -4.93 -3.02 96.09
C GLU G 51 -6.21 -2.45 96.71
N PRO G 52 -6.12 -1.49 97.65
CA PRO G 52 -7.35 -0.91 98.20
C PRO G 52 -8.20 -0.26 97.14
N SER G 53 -9.52 -0.31 97.35
CA SER G 53 -10.50 0.26 96.43
C SER G 53 -11.32 1.39 97.05
N SER G 54 -11.07 1.76 98.29
CA SER G 54 -11.78 2.83 98.95
C SER G 54 -10.86 3.49 99.98
N PRO G 55 -11.16 4.74 100.36
CA PRO G 55 -10.39 5.35 101.46
C PRO G 55 -10.48 4.56 102.75
N ALA G 56 -11.63 3.95 103.02
CA ALA G 56 -11.74 3.09 104.20
C ALA G 56 -10.79 1.90 104.10
N GLU G 57 -10.72 1.29 102.92
CA GLU G 57 -9.78 0.18 102.73
C GLU G 57 -8.35 0.65 102.93
N LEU G 58 -8.01 1.83 102.39
CA LEU G 58 -6.65 2.34 102.53
C LEU G 58 -6.31 2.60 103.99
N TYR G 59 -7.20 3.23 104.74
CA TYR G 59 -6.92 3.54 106.13
C TYR G 59 -6.90 2.28 106.99
N GLY G 60 -7.74 1.30 106.68
CA GLY G 60 -7.66 0.02 107.35
C GLY G 60 -6.33 -0.66 107.11
N LYS G 61 -5.83 -0.60 105.87
CA LYS G 61 -4.53 -1.17 105.57
C LYS G 61 -3.42 -0.41 106.29
N PHE G 62 -3.56 0.91 106.41
CA PHE G 62 -2.62 1.69 107.21
C PHE G 62 -2.59 1.19 108.65
N ILE G 63 -3.76 0.99 109.24
CA ILE G 63 -3.86 0.48 110.60
C ILE G 63 -3.20 -0.89 110.72
N GLY G 64 -3.48 -1.76 109.75
CA GLY G 64 -2.91 -3.10 109.78
C GLY G 64 -1.40 -3.09 109.69
N PHE G 65 -0.84 -2.20 108.87
CA PHE G 65 0.61 -2.08 108.80
C PHE G 65 1.16 -1.60 110.14
N ILE G 66 0.61 -0.50 110.67
CA ILE G 66 1.22 0.10 111.85
C ILE G 66 1.01 -0.75 113.09
N SER G 67 0.11 -1.74 113.04
CA SER G 67 -0.10 -2.63 114.17
C SER G 67 1.21 -3.23 114.67
N ASN G 68 2.13 -3.53 113.76
CA ASN G 68 3.44 -4.07 114.10
C ASN G 68 4.46 -2.95 113.92
N ALA G 69 4.70 -2.20 114.99
CA ALA G 69 5.66 -1.11 114.97
C ALA G 69 5.96 -0.71 116.41
N GLN G 70 6.88 0.24 116.57
CA GLN G 70 7.24 0.78 117.87
C GLN G 70 6.33 1.94 118.27
N PHE G 71 5.14 2.04 117.70
CA PHE G 71 4.24 3.18 117.90
C PHE G 71 2.83 2.69 118.24
N PRO G 72 2.66 2.09 119.42
CA PRO G 72 1.31 1.67 119.83
C PRO G 72 0.33 2.84 119.95
N GLN G 73 0.81 4.04 120.29
CA GLN G 73 -0.09 5.19 120.34
C GLN G 73 -0.51 5.62 118.93
N ILE G 74 0.40 5.48 117.94
CA ILE G 74 -0.01 5.65 116.55
C ILE G 74 -1.14 4.67 116.23
N VAL G 75 -0.95 3.41 116.62
CA VAL G 75 -1.97 2.40 116.33
C VAL G 75 -3.30 2.77 116.97
N GLU G 76 -3.27 3.16 118.24
CA GLU G 76 -4.52 3.41 118.96
C GLU G 76 -5.23 4.64 118.41
N LEU G 77 -4.49 5.70 118.09
CA LEU G 77 -5.16 6.91 117.61
C LEU G 77 -5.65 6.72 116.18
N SER G 78 -4.90 5.97 115.37
CA SER G 78 -5.39 5.65 114.02
C SER G 78 -6.66 4.81 114.08
N LEU G 79 -6.71 3.84 115.00
CA LEU G 79 -7.92 3.05 115.16
C LEU G 79 -9.09 3.93 115.62
N LYS G 80 -8.82 4.86 116.54
CA LYS G 80 -9.87 5.76 117.01
C LYS G 80 -10.40 6.60 115.86
N ASP G 81 -9.50 7.10 115.01
CA ASP G 81 -9.93 7.89 113.86
C ASP G 81 -10.76 7.06 112.89
N PHE G 82 -10.34 5.83 112.63
CA PHE G 82 -11.12 4.96 111.76
C PHE G 82 -12.52 4.73 112.31
N GLU G 83 -12.61 4.45 113.62
CA GLU G 83 -13.92 4.23 114.22
C GLU G 83 -14.78 5.48 114.13
N SER G 84 -14.19 6.66 114.39
CA SER G 84 -14.96 7.90 114.35
C SER G 84 -15.46 8.20 112.95
N ARG G 85 -14.61 8.03 111.93
CA ARG G 85 -15.01 8.37 110.57
C ARG G 85 -15.96 7.34 109.99
N PHE G 86 -15.59 6.07 110.04
CA PHE G 86 -16.20 5.03 109.22
C PHE G 86 -17.24 4.20 109.96
N LEU G 87 -16.90 3.69 111.14
CA LEU G 87 -17.90 3.02 111.96
C LEU G 87 -18.86 3.99 112.62
N ASP G 88 -18.62 5.30 112.49
CA ASP G 88 -19.54 6.33 112.96
C ASP G 88 -19.70 6.27 114.48
N ASN G 89 -18.56 6.35 115.17
CA ASN G 89 -18.53 6.31 116.62
C ASN G 89 -19.13 5.01 117.16
N ASN G 90 -18.84 3.91 116.46
CA ASN G 90 -19.26 2.57 116.88
C ASN G 90 -20.79 2.45 116.96
N ASN G 91 -21.45 2.75 115.83
CA ASN G 91 -22.86 2.42 115.68
C ASN G 91 -23.05 1.08 114.99
N ASP G 92 -22.19 0.76 114.02
CA ASP G 92 -22.23 -0.50 113.30
C ASP G 92 -20.91 -1.24 113.49
N ASN G 93 -20.99 -2.56 113.57
CA ASN G 93 -19.80 -3.36 113.73
C ASN G 93 -18.95 -3.34 112.45
N ILE G 94 -17.71 -3.83 112.59
CA ILE G 94 -16.79 -3.81 111.46
C ILE G 94 -17.29 -4.71 110.35
N HIS G 95 -17.93 -5.82 110.70
CA HIS G 95 -18.53 -6.68 109.67
C HIS G 95 -19.65 -5.98 108.93
N SER G 96 -20.50 -5.24 109.67
CA SER G 96 -21.55 -4.47 109.03
C SER G 96 -20.96 -3.42 108.09
N PHE G 97 -19.90 -2.74 108.52
CA PHE G 97 -19.22 -1.79 107.64
C PHE G 97 -18.66 -2.48 106.41
N ALA G 98 -18.12 -3.69 106.60
CA ALA G 98 -17.56 -4.44 105.48
C ALA G 98 -18.63 -4.75 104.43
N VAL G 99 -19.76 -5.30 104.86
CA VAL G 99 -20.81 -5.62 103.89
C VAL G 99 -21.40 -4.35 103.29
N LYS G 100 -21.49 -3.27 104.06
CA LYS G 100 -21.96 -2.01 103.50
C LYS G 100 -21.03 -1.52 102.39
N LEU G 101 -19.73 -1.63 102.60
CA LEU G 101 -18.77 -1.25 101.56
C LEU G 101 -18.89 -2.16 100.35
N LEU G 102 -19.06 -3.47 100.58
CA LEU G 102 -19.23 -4.38 99.46
C LEU G 102 -20.46 -4.03 98.64
N ASP G 103 -21.52 -3.58 99.28
CA ASP G 103 -22.72 -3.13 98.60
C ASP G 103 -22.56 -1.75 97.96
N ASP G 104 -21.65 -0.91 98.48
CA ASP G 104 -21.48 0.44 97.97
C ASP G 104 -20.94 0.39 96.54
N GLU G 105 -21.57 1.17 95.64
CA GLU G 105 -21.16 1.17 94.24
C GLU G 105 -20.13 2.25 93.94
N THR G 106 -20.07 3.31 94.75
CA THR G 106 -19.14 4.39 94.47
C THR G 106 -17.69 3.91 94.52
N TYR G 107 -17.39 2.93 95.36
CA TYR G 107 -16.06 2.35 95.51
C TYR G 107 -16.18 0.85 95.36
N PRO G 108 -16.21 0.32 94.13
CA PRO G 108 -16.41 -1.13 93.95
C PRO G 108 -15.22 -1.92 94.47
N THR G 109 -15.51 -3.01 95.17
CA THR G 109 -14.48 -3.85 95.78
C THR G 109 -14.96 -5.30 95.77
N THR G 110 -14.11 -6.20 96.25
CA THR G 110 -14.41 -7.61 96.36
C THR G 110 -14.46 -8.01 97.83
N ILE G 111 -15.04 -9.18 98.08
CA ILE G 111 -15.20 -9.64 99.46
C ILE G 111 -13.83 -9.87 100.08
N ALA G 112 -12.90 -10.49 99.34
CA ALA G 112 -11.56 -10.72 99.87
C ALA G 112 -10.86 -9.40 100.15
N LYS G 113 -11.01 -8.43 99.25
CA LYS G 113 -10.44 -7.11 99.47
C LYS G 113 -10.97 -6.50 100.76
N VAL G 114 -12.29 -6.52 100.92
CA VAL G 114 -12.92 -5.93 102.11
C VAL G 114 -12.40 -6.62 103.37
N LYS G 115 -12.41 -7.95 103.38
CA LYS G 115 -11.92 -8.71 104.52
C LYS G 115 -10.50 -8.32 104.88
N GLU G 116 -9.56 -8.54 103.95
CA GLU G 116 -8.16 -8.33 104.25
C GLU G 116 -7.85 -6.88 104.60
N ASN G 117 -8.50 -5.93 103.92
CA ASN G 117 -8.15 -4.53 104.10
C ASN G 117 -8.87 -3.87 105.27
N ILE G 118 -9.90 -4.49 105.84
CA ILE G 118 -10.62 -3.88 106.96
C ILE G 118 -10.63 -4.78 108.18
N VAL G 119 -11.19 -5.99 108.05
CA VAL G 119 -11.48 -6.79 109.25
C VAL G 119 -10.19 -7.28 109.89
N LYS G 120 -9.29 -7.82 109.08
CA LYS G 120 -8.01 -8.32 109.58
C LYS G 120 -7.24 -7.22 110.29
N ASN G 121 -7.15 -6.05 109.66
CA ASN G 121 -6.38 -4.95 110.23
C ASN G 121 -7.05 -4.41 111.49
N TYR G 122 -8.38 -4.29 111.47
CA TYR G 122 -9.09 -3.79 112.64
C TYR G 122 -8.87 -4.69 113.84
N TYR G 123 -8.97 -6.01 113.65
CA TYR G 123 -8.80 -6.91 114.78
C TYR G 123 -7.33 -7.15 115.12
N LYS G 124 -6.41 -6.81 114.23
CA LYS G 124 -5.00 -6.81 114.60
C LYS G 124 -4.67 -5.60 115.48
N ALA G 125 -5.24 -4.44 115.17
CA ALA G 125 -4.93 -3.23 115.92
C ALA G 125 -5.70 -3.11 117.23
N VAL G 126 -6.95 -3.59 117.26
CA VAL G 126 -7.74 -3.50 118.48
C VAL G 126 -7.13 -4.40 119.54
N LYS G 127 -6.94 -3.85 120.74
CA LYS G 127 -6.40 -4.60 121.87
C LYS G 127 -7.45 -4.97 122.89
N SER G 128 -8.53 -4.19 123.00
CA SER G 128 -9.63 -4.48 123.91
C SER G 128 -10.94 -4.23 123.20
N ILE G 129 -11.87 -5.16 123.35
CA ILE G 129 -13.19 -5.08 122.74
C ILE G 129 -14.21 -4.88 123.86
N ASN G 130 -14.97 -3.79 123.77
CA ASN G 130 -15.98 -3.49 124.79
C ASN G 130 -17.26 -4.29 124.52
N LYS G 131 -17.96 -4.61 125.60
CA LYS G 131 -19.23 -5.32 125.48
C LYS G 131 -20.22 -4.50 124.68
N VAL G 132 -20.78 -5.13 123.64
CA VAL G 132 -21.76 -4.50 122.77
C VAL G 132 -22.95 -5.44 122.62
N GLU G 133 -24.16 -4.89 122.69
CA GLU G 133 -25.39 -5.66 122.53
C GLU G 133 -25.87 -5.46 121.10
N SER G 134 -25.76 -6.51 120.29
CA SER G 134 -26.17 -6.44 118.90
C SER G 134 -27.70 -6.35 118.81
N ASN G 135 -28.18 -6.05 117.60
CA ASN G 135 -29.62 -6.05 117.38
C ASN G 135 -30.21 -7.44 117.59
N LEU G 136 -29.50 -8.47 117.12
CA LEU G 136 -29.97 -9.84 117.30
C LEU G 136 -30.06 -10.19 118.78
N LEU G 137 -29.03 -9.86 119.55
CA LEU G 137 -29.07 -10.16 120.98
C LEU G 137 -30.11 -9.30 121.70
N TYR G 138 -30.35 -8.09 121.21
CA TYR G 138 -31.41 -7.26 121.77
C TYR G 138 -32.78 -7.91 121.56
N HIS G 139 -33.03 -8.41 120.36
CA HIS G 139 -34.31 -9.06 120.10
C HIS G 139 -34.40 -10.42 120.78
N CYS G 140 -33.26 -11.04 121.10
CA CYS G 140 -33.26 -12.30 121.81
C CYS G 140 -33.99 -12.19 123.15
N LYS G 141 -33.86 -11.05 123.82
CA LYS G 141 -34.44 -10.86 125.13
C LYS G 141 -35.96 -10.71 125.10
N HIS G 142 -36.54 -10.34 123.95
CA HIS G 142 -37.96 -10.03 123.86
C HIS G 142 -38.73 -11.02 122.98
N ASP G 143 -38.30 -11.23 121.73
CA ASP G 143 -39.06 -12.02 120.77
C ASP G 143 -38.25 -13.04 119.99
N ALA G 144 -36.97 -12.79 119.75
CA ALA G 144 -36.17 -13.71 118.95
C ALA G 144 -35.74 -14.91 119.77
N LYS G 145 -35.79 -16.09 119.15
CA LYS G 145 -35.37 -17.35 119.77
C LYS G 145 -34.13 -17.83 119.02
N LEU G 146 -32.96 -17.60 119.60
CA LEU G 146 -31.69 -17.93 118.96
C LEU G 146 -31.25 -19.33 119.36
N VAL G 147 -30.84 -20.11 118.36
CA VAL G 147 -30.37 -21.47 118.56
C VAL G 147 -29.12 -21.66 117.71
N ALA G 148 -28.34 -22.69 118.06
CA ALA G 148 -27.06 -22.94 117.42
C ALA G 148 -27.01 -24.33 116.80
N ILE G 149 -26.43 -24.43 115.61
CA ILE G 149 -26.21 -25.71 114.94
C ILE G 149 -24.75 -25.79 114.51
N PHE G 150 -24.10 -26.90 114.86
CA PHE G 150 -22.71 -27.15 114.49
C PHE G 150 -22.66 -28.27 113.46
N GLY G 151 -22.01 -27.99 112.33
CA GLY G 151 -21.94 -28.94 111.25
C GLY G 151 -20.97 -30.08 111.52
N GLY G 152 -20.86 -30.97 110.54
CA GLY G 152 -19.98 -32.12 110.63
C GLY G 152 -19.01 -32.20 109.47
N GLN G 153 -18.82 -33.40 108.94
CA GLN G 153 -17.91 -33.63 107.82
C GLN G 153 -18.69 -33.69 106.52
N GLY G 154 -17.96 -33.58 105.41
CA GLY G 154 -18.53 -33.66 104.09
C GLY G 154 -19.05 -32.36 103.52
N ASN G 155 -19.07 -31.29 104.32
CA ASN G 155 -19.57 -30.01 103.81
C ASN G 155 -18.68 -29.47 102.71
N THR G 156 -17.36 -29.61 102.85
CA THR G 156 -16.41 -29.12 101.87
C THR G 156 -15.22 -30.06 101.83
N ASP G 157 -14.57 -30.10 100.66
CA ASP G 157 -13.41 -30.95 100.43
C ASP G 157 -12.09 -30.23 100.69
N ASP G 158 -12.12 -28.97 101.13
CA ASP G 158 -10.93 -28.23 101.50
C ASP G 158 -11.21 -27.45 102.78
N TYR G 159 -11.75 -28.17 103.78
CA TYR G 159 -12.23 -27.53 105.00
C TYR G 159 -11.15 -26.73 105.71
N PHE G 160 -9.89 -27.13 105.55
CA PHE G 160 -8.81 -26.44 106.27
C PHE G 160 -8.67 -25.00 105.83
N GLU G 161 -9.11 -24.68 104.61
CA GLU G 161 -9.02 -23.30 104.12
C GLU G 161 -9.79 -22.34 105.01
N GLU G 162 -10.91 -22.79 105.58
CA GLU G 162 -11.64 -21.95 106.51
C GLU G 162 -10.83 -21.68 107.77
N LEU G 163 -10.11 -22.69 108.27
CA LEU G 163 -9.25 -22.46 109.42
C LEU G 163 -8.13 -21.48 109.09
N ARG G 164 -7.56 -21.59 107.88
CA ARG G 164 -6.52 -20.62 107.51
C ARG G 164 -7.09 -19.22 107.42
N GLU G 165 -8.31 -19.08 106.88
CA GLU G 165 -8.94 -17.76 106.80
C GLU G 165 -9.18 -17.19 108.20
N LEU G 166 -9.68 -18.03 109.11
CA LEU G 166 -9.91 -17.58 110.48
C LEU G 166 -8.61 -17.16 111.14
N TYR G 167 -7.55 -17.94 110.96
CA TYR G 167 -6.25 -17.57 111.50
C TYR G 167 -5.78 -16.25 110.92
N THR G 168 -5.92 -16.08 109.60
CA THR G 168 -5.42 -14.87 108.95
C THR G 168 -6.19 -13.64 109.41
N LEU G 169 -7.50 -13.77 109.63
CA LEU G 169 -8.32 -12.62 110.01
C LEU G 169 -8.30 -12.32 111.49
N TYR G 170 -8.15 -13.33 112.36
CA TYR G 170 -8.34 -13.18 113.79
C TYR G 170 -7.23 -13.86 114.57
N GLN G 171 -5.96 -13.57 114.23
CA GLN G 171 -4.84 -14.05 115.02
C GLN G 171 -4.99 -13.70 116.49
N GLY G 172 -5.09 -12.40 116.79
CA GLY G 172 -5.11 -11.95 118.17
C GLY G 172 -6.33 -12.37 118.95
N LEU G 173 -7.33 -12.96 118.30
CA LEU G 173 -8.58 -13.33 118.93
C LEU G 173 -8.68 -14.81 119.26
N ILE G 174 -7.94 -15.67 118.55
CA ILE G 174 -7.98 -17.11 118.75
C ILE G 174 -6.58 -17.72 118.92
N GLU G 175 -5.55 -16.89 119.10
CA GLU G 175 -4.21 -17.43 119.30
C GLU G 175 -4.13 -18.30 120.54
N ASP G 176 -4.71 -17.85 121.65
CA ASP G 176 -4.62 -18.62 122.89
C ASP G 176 -5.34 -19.96 122.74
N LEU G 177 -6.53 -19.95 122.14
CA LEU G 177 -7.28 -21.19 121.95
C LEU G 177 -6.53 -22.14 121.04
N LEU G 178 -5.99 -21.64 119.93
CA LEU G 178 -5.25 -22.49 119.01
C LEU G 178 -4.00 -23.06 119.67
N VAL G 179 -3.30 -22.25 120.46
CA VAL G 179 -2.09 -22.73 121.11
C VAL G 179 -2.44 -23.83 122.11
N SER G 180 -3.47 -23.62 122.92
CA SER G 180 -3.87 -24.62 123.90
C SER G 180 -4.27 -25.93 123.21
N ILE G 181 -5.07 -25.82 122.15
CA ILE G 181 -5.53 -27.03 121.47
C ILE G 181 -4.37 -27.74 120.79
N ALA G 182 -3.45 -26.98 120.18
CA ALA G 182 -2.29 -27.60 119.53
C ALA G 182 -1.42 -28.31 120.54
N GLU G 183 -1.22 -27.71 121.72
CA GLU G 183 -0.44 -28.37 122.77
C GLU G 183 -1.13 -29.65 123.22
N LYS G 184 -2.46 -29.62 123.40
CA LYS G 184 -3.17 -30.82 123.82
C LYS G 184 -3.06 -31.91 122.76
N LEU G 185 -3.19 -31.54 121.48
CA LEU G 185 -3.05 -32.51 120.40
C LEU G 185 -1.65 -33.12 120.37
N ASN G 186 -0.63 -32.29 120.56
CA ASN G 186 0.74 -32.80 120.58
C ASN G 186 0.94 -33.76 121.74
N GLN G 187 0.36 -33.43 122.90
CA GLN G 187 0.41 -34.35 124.05
C GLN G 187 -0.27 -35.67 123.71
N LEU G 188 -1.39 -35.62 122.99
CA LEU G 188 -2.25 -36.78 122.81
C LEU G 188 -1.82 -37.70 121.68
N HIS G 189 -1.21 -37.15 120.62
CA HIS G 189 -1.09 -37.95 119.40
C HIS G 189 -0.05 -39.08 119.46
N PRO G 190 0.91 -39.12 120.41
CA PRO G 190 2.00 -40.13 120.30
C PRO G 190 1.51 -41.57 120.34
N SER G 191 0.39 -41.79 121.01
CA SER G 191 -0.22 -43.10 121.08
C SER G 191 -0.67 -43.58 119.71
N PHE G 192 -1.06 -42.67 118.81
CA PHE G 192 -1.49 -42.98 117.46
C PHE G 192 -0.46 -42.47 116.45
N ASP G 193 0.83 -42.63 116.78
CA ASP G 193 1.88 -42.22 115.87
C ASP G 193 1.85 -43.02 114.58
N LYS G 194 1.32 -44.24 114.62
CA LYS G 194 1.19 -45.04 113.41
C LYS G 194 0.19 -44.40 112.45
N ILE G 195 -0.82 -43.73 113.00
CA ILE G 195 -1.86 -43.12 112.18
C ILE G 195 -1.45 -41.73 111.71
N TYR G 196 -0.87 -40.94 112.61
CA TYR G 196 -0.48 -39.56 112.30
C TYR G 196 0.93 -39.58 111.71
N THR G 197 1.00 -39.98 110.44
CA THR G 197 2.30 -40.02 109.77
C THR G 197 2.85 -38.62 109.58
N GLN G 198 2.06 -37.71 109.01
CA GLN G 198 2.50 -36.36 108.73
C GLN G 198 2.35 -35.43 109.92
N GLY G 199 1.97 -35.96 111.09
CA GLY G 199 1.83 -35.16 112.29
C GLY G 199 0.48 -34.48 112.39
N LEU G 200 0.28 -33.80 113.52
CA LEU G 200 -0.95 -33.07 113.79
C LEU G 200 -0.61 -31.73 114.45
N ASN G 201 0.41 -31.06 113.92
CA ASN G 201 0.83 -29.75 114.41
C ASN G 201 0.16 -28.70 113.53
N ILE G 202 -1.10 -28.39 113.86
CA ILE G 202 -1.88 -27.47 113.03
C ILE G 202 -1.30 -26.07 113.04
N LEU G 203 -0.64 -25.68 114.14
CA LEU G 203 -0.08 -24.34 114.23
C LEU G 203 1.01 -24.13 113.18
N SER G 204 1.87 -25.14 113.00
CA SER G 204 2.91 -25.03 111.98
C SER G 204 2.30 -24.97 110.59
N TRP G 205 1.21 -25.71 110.37
CA TRP G 205 0.56 -25.67 109.05
C TRP G 205 -0.04 -24.30 108.79
N LEU G 206 -0.60 -23.66 109.82
CA LEU G 206 -1.18 -22.34 109.66
C LEU G 206 -0.12 -21.28 109.43
N LYS G 207 0.94 -21.30 110.24
CA LYS G 207 1.97 -20.26 110.15
C LYS G 207 2.87 -20.45 108.93
N HIS G 208 3.05 -21.69 108.47
CA HIS G 208 3.94 -22.02 107.36
C HIS G 208 3.15 -22.91 106.39
N PRO G 209 2.40 -22.33 105.45
CA PRO G 209 1.58 -23.16 104.57
C PRO G 209 2.36 -24.17 103.74
N GLU G 210 3.65 -23.92 103.48
CA GLU G 210 4.45 -24.89 102.74
C GLU G 210 4.56 -26.22 103.47
N THR G 211 4.38 -26.24 104.79
CA THR G 211 4.49 -27.45 105.57
C THR G 211 3.18 -28.21 105.73
N THR G 212 2.11 -27.74 105.10
CA THR G 212 0.82 -28.41 105.25
C THR G 212 0.87 -29.79 104.61
N PRO G 213 0.29 -30.82 105.25
CA PRO G 213 0.12 -32.11 104.55
C PRO G 213 -0.81 -31.97 103.36
N ASP G 214 -0.93 -33.06 102.62
CA ASP G 214 -1.75 -33.05 101.42
C ASP G 214 -3.24 -33.09 101.78
N GLN G 215 -4.06 -32.85 100.76
CA GLN G 215 -5.50 -32.81 100.96
C GLN G 215 -6.01 -34.16 101.46
N ASP G 216 -5.40 -35.25 101.01
CA ASP G 216 -5.82 -36.59 101.45
C ASP G 216 -5.60 -36.72 102.95
N TYR G 217 -4.42 -36.37 103.43
CA TYR G 217 -4.13 -36.48 104.85
C TYR G 217 -5.01 -35.55 105.67
N LEU G 218 -5.25 -34.33 105.16
CA LEU G 218 -6.13 -33.41 105.88
C LEU G 218 -7.54 -33.96 105.97
N LEU G 219 -8.07 -34.51 104.88
CA LEU G 219 -9.41 -35.08 104.89
C LEU G 219 -9.47 -36.41 105.65
N SER G 220 -8.33 -36.99 106.00
CA SER G 220 -8.33 -38.20 106.82
C SER G 220 -9.09 -37.95 108.11
N VAL G 221 -9.88 -38.96 108.53
CA VAL G 221 -10.80 -38.77 109.65
C VAL G 221 -10.07 -38.40 110.94
N PRO G 222 -8.97 -39.07 111.32
CA PRO G 222 -8.28 -38.67 112.57
C PRO G 222 -7.82 -37.23 112.56
N VAL G 223 -7.58 -36.66 111.38
CA VAL G 223 -7.23 -35.25 111.27
C VAL G 223 -8.46 -34.39 111.01
N SER G 224 -9.39 -34.90 110.20
CA SER G 224 -10.57 -34.11 109.84
C SER G 224 -11.44 -33.82 111.05
N CYS G 225 -11.64 -34.81 111.92
CA CYS G 225 -12.52 -34.60 113.07
C CYS G 225 -12.01 -33.52 114.01
N PRO G 226 -10.82 -33.65 114.63
CA PRO G 226 -10.37 -32.61 115.56
C PRO G 226 -10.22 -31.25 114.91
N VAL G 227 -9.79 -31.18 113.65
CA VAL G 227 -9.59 -29.88 113.02
C VAL G 227 -10.92 -29.21 112.73
N ILE G 228 -11.94 -29.99 112.34
CA ILE G 228 -13.27 -29.41 112.16
C ILE G 228 -13.81 -28.93 113.49
N CYS G 229 -13.55 -29.68 114.57
CA CYS G 229 -13.94 -29.21 115.89
C CYS G 229 -13.24 -27.91 116.23
N VAL G 230 -11.96 -27.79 115.89
CA VAL G 230 -11.22 -26.55 116.13
C VAL G 230 -11.84 -25.41 115.33
N ILE G 231 -12.24 -25.67 114.10
CA ILE G 231 -12.86 -24.61 113.29
C ILE G 231 -14.15 -24.14 113.93
N GLN G 232 -14.98 -25.07 114.39
CA GLN G 232 -16.25 -24.69 115.01
C GLN G 232 -16.00 -23.92 116.31
N LEU G 233 -15.07 -24.39 117.14
CA LEU G 233 -14.78 -23.71 118.39
C LEU G 233 -14.17 -22.33 118.14
N CYS G 234 -13.36 -22.20 117.10
CA CYS G 234 -12.81 -20.90 116.76
C CYS G 234 -13.90 -19.94 116.31
N HIS G 235 -14.88 -20.43 115.55
CA HIS G 235 -15.99 -19.59 115.15
C HIS G 235 -16.79 -19.13 116.37
N TYR G 236 -17.05 -20.06 117.29
CA TYR G 236 -17.78 -19.71 118.50
C TYR G 236 -17.01 -18.67 119.32
N THR G 237 -15.70 -18.87 119.45
CA THR G 237 -14.87 -17.92 120.18
C THR G 237 -14.85 -16.56 119.51
N ILE G 238 -14.78 -16.54 118.18
CA ILE G 238 -14.77 -15.27 117.47
C ILE G 238 -16.08 -14.53 117.68
N THR G 239 -17.21 -15.24 117.58
CA THR G 239 -18.49 -14.60 117.84
C THR G 239 -18.55 -14.04 119.26
N CYS G 240 -18.20 -14.87 120.25
CA CYS G 240 -18.31 -14.45 121.64
C CYS G 240 -17.41 -13.25 121.94
N LYS G 241 -16.17 -13.28 121.46
CA LYS G 241 -15.24 -12.20 121.79
C LYS G 241 -15.54 -10.94 120.99
N VAL G 242 -16.01 -11.08 119.74
CA VAL G 242 -16.38 -9.92 118.96
C VAL G 242 -17.55 -9.20 119.61
N LEU G 243 -18.55 -9.95 120.08
CA LEU G 243 -19.65 -9.33 120.80
C LEU G 243 -19.29 -9.00 122.25
N GLY G 244 -18.12 -9.44 122.73
CA GLY G 244 -17.64 -9.00 124.02
C GLY G 244 -18.18 -9.74 125.22
N LEU G 245 -18.83 -10.89 125.00
CA LEU G 245 -19.40 -11.67 126.08
C LEU G 245 -18.54 -12.89 126.37
N THR G 246 -18.69 -13.42 127.58
CA THR G 246 -18.08 -14.68 127.94
C THR G 246 -18.84 -15.82 127.27
N PRO G 247 -18.24 -17.02 127.20
CA PRO G 247 -18.97 -18.15 126.60
C PRO G 247 -20.30 -18.43 127.28
N GLY G 248 -20.36 -18.37 128.61
CA GLY G 248 -21.62 -18.57 129.29
C GLY G 248 -22.63 -17.47 129.01
N GLU G 249 -22.15 -16.22 128.94
CA GLU G 249 -23.04 -15.11 128.62
C GLU G 249 -23.65 -15.29 127.23
N PHE G 250 -22.84 -15.70 126.26
CA PHE G 250 -23.39 -15.95 124.93
C PHE G 250 -24.31 -17.16 124.94
N ARG G 251 -23.98 -18.19 125.70
CA ARG G 251 -24.81 -19.39 125.76
C ARG G 251 -26.19 -19.06 126.32
N ASN G 252 -26.26 -18.15 127.30
CA ASN G 252 -27.54 -17.79 127.89
C ASN G 252 -28.49 -17.20 126.86
N SER G 253 -27.94 -16.61 125.78
CA SER G 253 -28.77 -16.07 124.71
C SER G 253 -29.33 -17.15 123.78
N LEU G 254 -28.88 -18.39 123.91
CA LEU G 254 -29.26 -19.47 123.00
C LEU G 254 -30.36 -20.31 123.64
N LYS G 255 -31.48 -20.47 122.94
CA LYS G 255 -32.55 -21.31 123.44
C LYS G 255 -32.14 -22.78 123.46
N TRP G 256 -31.45 -23.24 122.42
CA TRP G 256 -30.89 -24.59 122.42
C TRP G 256 -29.84 -24.70 121.32
N SER G 257 -29.10 -25.81 121.35
CA SER G 257 -28.07 -26.08 120.37
C SER G 257 -28.09 -27.55 119.99
N THR G 258 -27.53 -27.84 118.82
CA THR G 258 -27.45 -29.22 118.34
C THR G 258 -26.34 -29.30 117.28
N GLY G 259 -26.14 -30.50 116.76
CA GLY G 259 -25.06 -30.73 115.83
C GLY G 259 -25.36 -31.85 114.86
N HIS G 260 -24.73 -31.74 113.69
CA HIS G 260 -24.82 -32.71 112.62
C HIS G 260 -23.52 -33.51 112.58
N SER G 261 -23.62 -34.80 112.89
CA SER G 261 -22.44 -35.68 112.96
C SER G 261 -21.54 -35.17 114.07
N GLN G 262 -20.26 -34.86 113.82
CA GLN G 262 -19.34 -34.50 114.90
C GLN G 262 -19.69 -33.17 115.57
N GLY G 263 -20.55 -32.35 114.96
CA GLY G 263 -20.91 -31.08 115.56
C GLY G 263 -21.63 -31.21 116.88
N LEU G 264 -22.19 -32.39 117.17
CA LEU G 264 -22.84 -32.59 118.46
C LEU G 264 -21.85 -32.39 119.60
N VAL G 265 -20.59 -32.77 119.38
CA VAL G 265 -19.57 -32.59 120.41
C VAL G 265 -19.38 -31.11 120.72
N THR G 266 -19.28 -30.29 119.68
CA THR G 266 -19.11 -28.86 119.88
C THR G 266 -20.36 -28.24 120.52
N ALA G 267 -21.54 -28.72 120.13
CA ALA G 267 -22.77 -28.25 120.77
C ALA G 267 -22.72 -28.55 122.27
N VAL G 268 -22.30 -29.75 122.64
CA VAL G 268 -22.18 -30.11 124.05
C VAL G 268 -21.17 -29.21 124.75
N THR G 269 -20.06 -28.89 124.07
CA THR G 269 -19.04 -28.04 124.69
C THR G 269 -19.60 -26.66 124.99
N ILE G 270 -20.29 -26.06 124.00
CA ILE G 270 -20.82 -24.72 124.25
C ILE G 270 -21.91 -24.76 125.30
N ALA G 271 -22.67 -25.85 125.36
CA ALA G 271 -23.69 -25.99 126.40
C ALA G 271 -23.05 -26.07 127.78
N ALA G 272 -21.94 -26.79 127.91
CA ALA G 272 -21.28 -26.99 129.19
C ALA G 272 -20.36 -25.84 129.59
N SER G 273 -20.04 -24.94 128.66
CA SER G 273 -19.08 -23.86 128.94
C SER G 273 -19.79 -22.68 129.59
N ASP G 274 -19.22 -22.20 130.70
CA ASP G 274 -19.72 -21.03 131.41
C ASP G 274 -18.75 -19.87 131.37
N SER G 275 -17.52 -20.06 131.85
CA SER G 275 -16.47 -19.06 131.80
C SER G 275 -15.47 -19.43 130.72
N TRP G 276 -14.42 -18.61 130.59
CA TRP G 276 -13.44 -18.84 129.56
C TRP G 276 -12.57 -20.06 129.89
N ASP G 277 -12.22 -20.22 131.18
CA ASP G 277 -11.47 -21.41 131.59
C ASP G 277 -12.28 -22.67 131.39
N SER G 278 -13.57 -22.64 131.75
CA SER G 278 -14.43 -23.80 131.54
C SER G 278 -14.58 -24.10 130.06
N PHE G 279 -14.71 -23.04 129.24
CA PHE G 279 -14.80 -23.26 127.80
C PHE G 279 -13.54 -23.89 127.25
N LEU G 280 -12.36 -23.44 127.73
CA LEU G 280 -11.12 -24.05 127.28
C LEU G 280 -11.06 -25.51 127.70
N LYS G 281 -11.46 -25.81 128.92
CA LYS G 281 -11.48 -27.21 129.38
C LYS G 281 -12.37 -28.05 128.49
N ASN G 282 -13.57 -27.55 128.18
CA ASN G 282 -14.50 -28.30 127.35
C ASN G 282 -13.98 -28.44 125.93
N SER G 283 -13.34 -27.40 125.41
CA SER G 283 -12.76 -27.48 124.07
C SER G 283 -11.68 -28.54 123.99
N LEU G 284 -10.79 -28.57 124.99
CA LEU G 284 -9.75 -29.59 125.01
C LEU G 284 -10.36 -30.98 125.14
N THR G 285 -11.38 -31.12 125.99
CA THR G 285 -12.05 -32.41 126.15
C THR G 285 -12.64 -32.88 124.83
N ALA G 286 -13.32 -31.97 124.12
CA ALA G 286 -13.93 -32.34 122.85
C ALA G 286 -12.88 -32.66 121.79
N VAL G 287 -11.79 -31.90 121.76
CA VAL G 287 -10.72 -32.19 120.80
C VAL G 287 -10.16 -33.57 121.05
N SER G 288 -9.91 -33.91 122.33
CA SER G 288 -9.43 -35.24 122.66
C SER G 288 -10.45 -36.30 122.24
N LEU G 289 -11.72 -36.07 122.54
CA LEU G 289 -12.76 -37.06 122.23
C LEU G 289 -12.83 -37.31 120.73
N LEU G 290 -12.81 -36.24 119.93
CA LEU G 290 -12.93 -36.42 118.49
C LEU G 290 -11.65 -36.98 117.88
N LEU G 291 -10.49 -36.68 118.48
CA LEU G 291 -9.25 -37.33 118.05
C LEU G 291 -9.33 -38.83 118.26
N PHE G 292 -9.81 -39.26 119.43
CA PHE G 292 -9.99 -40.68 119.68
C PHE G 292 -11.01 -41.28 118.72
N ILE G 293 -12.11 -40.55 118.47
CA ILE G 293 -13.15 -41.05 117.58
C ILE G 293 -12.57 -41.31 116.20
N GLY G 294 -11.85 -40.32 115.66
CA GLY G 294 -11.28 -40.49 114.33
C GLY G 294 -10.23 -41.58 114.27
N SER G 295 -9.35 -41.64 115.27
CA SER G 295 -8.30 -42.65 115.28
C SER G 295 -8.91 -44.05 115.31
N ARG G 296 -9.85 -44.30 116.22
CA ARG G 296 -10.42 -45.64 116.34
C ARG G 296 -11.31 -45.98 115.16
N CYS G 297 -12.02 -44.98 114.60
CA CYS G 297 -12.83 -45.25 113.41
C CYS G 297 -11.95 -45.65 112.23
N LEU G 298 -10.84 -44.94 112.02
CA LEU G 298 -9.93 -45.29 110.94
C LEU G 298 -9.31 -46.65 111.18
N SER G 299 -8.95 -46.96 112.43
CA SER G 299 -8.39 -48.28 112.72
C SER G 299 -9.41 -49.38 112.44
N THR G 300 -10.67 -49.16 112.82
CA THR G 300 -11.70 -50.18 112.61
C THR G 300 -11.99 -50.37 111.12
N TYR G 301 -12.06 -49.27 110.36
CA TYR G 301 -12.37 -49.32 108.93
C TYR G 301 -11.28 -48.57 108.18
N PRO G 302 -10.16 -49.22 107.87
CA PRO G 302 -9.09 -48.53 107.13
C PRO G 302 -9.57 -48.04 105.77
N ARG G 303 -9.03 -46.90 105.35
CA ARG G 303 -9.41 -46.28 104.08
C ARG G 303 -8.82 -47.07 102.93
N THR G 304 -9.68 -47.77 102.19
CA THR G 304 -9.29 -48.53 101.01
C THR G 304 -9.50 -47.69 99.76
N SER G 305 -8.84 -48.10 98.68
CA SER G 305 -8.94 -47.46 97.38
C SER G 305 -9.80 -48.30 96.46
N LEU G 306 -10.78 -47.68 95.82
CA LEU G 306 -11.61 -48.38 94.87
C LEU G 306 -10.84 -48.59 93.57
N PRO G 307 -11.27 -49.52 92.72
CA PRO G 307 -10.59 -49.69 91.43
C PRO G 307 -10.68 -48.43 90.61
N PRO G 308 -9.59 -48.04 89.94
CA PRO G 308 -9.60 -46.76 89.22
C PRO G 308 -10.58 -46.69 88.06
N THR G 309 -10.93 -47.82 87.44
CA THR G 309 -11.98 -47.77 86.43
C THR G 309 -13.29 -47.29 87.04
N MET G 310 -13.63 -47.83 88.21
CA MET G 310 -14.81 -47.38 88.94
C MET G 310 -14.68 -45.91 89.33
N LEU G 311 -13.50 -45.52 89.82
CA LEU G 311 -13.31 -44.14 90.25
C LEU G 311 -13.48 -43.15 89.10
N GLN G 312 -12.83 -43.44 87.97
CA GLN G 312 -12.88 -42.52 86.83
C GLN G 312 -14.26 -42.51 86.20
N ASP G 313 -14.94 -43.66 86.16
CA ASP G 313 -16.30 -43.67 85.67
C ASP G 313 -17.20 -42.80 86.54
N SER G 314 -17.05 -42.90 87.86
CA SER G 314 -17.83 -42.05 88.76
C SER G 314 -17.51 -40.58 88.53
N LEU G 315 -16.22 -40.26 88.39
CA LEU G 315 -15.82 -38.86 88.22
C LEU G 315 -16.39 -38.28 86.92
N ASP G 316 -16.30 -39.04 85.83
CA ASP G 316 -16.87 -38.58 84.56
C ASP G 316 -18.38 -38.45 84.66
N ASN G 317 -19.04 -39.39 85.36
CA ASN G 317 -20.47 -39.29 85.58
C ASN G 317 -20.84 -38.14 86.51
N GLY G 318 -19.87 -37.57 87.22
CA GLY G 318 -20.14 -36.49 88.14
C GLY G 318 -20.49 -36.93 89.55
N GLU G 319 -20.27 -38.20 89.87
CA GLU G 319 -20.64 -38.74 91.17
C GLU G 319 -19.58 -38.50 92.24
N GLY G 320 -18.45 -37.89 91.90
CA GLY G 320 -17.40 -37.65 92.87
C GLY G 320 -16.53 -38.88 93.09
N ARG G 321 -15.51 -38.68 93.92
CA ARG G 321 -14.58 -39.76 94.21
C ARG G 321 -15.25 -40.78 95.13
N PRO G 322 -15.15 -42.09 94.85
CA PRO G 322 -15.79 -43.07 95.74
C PRO G 322 -15.30 -42.95 97.18
N SER G 323 -16.23 -43.12 98.11
CA SER G 323 -15.97 -42.93 99.53
C SER G 323 -17.07 -43.66 100.30
N PRO G 324 -16.86 -43.91 101.60
CA PRO G 324 -17.88 -44.64 102.36
C PRO G 324 -19.19 -43.88 102.61
N MET G 325 -19.36 -42.67 102.08
CA MET G 325 -20.59 -41.91 102.26
C MET G 325 -21.04 -41.32 100.93
N LEU G 326 -22.31 -41.53 100.59
CA LEU G 326 -22.88 -41.09 99.32
C LEU G 326 -24.12 -40.26 99.59
N SER G 327 -24.10 -38.99 99.17
CA SER G 327 -25.22 -38.09 99.33
C SER G 327 -26.17 -38.22 98.15
N VAL G 328 -27.42 -38.56 98.45
CA VAL G 328 -28.51 -38.62 97.49
C VAL G 328 -29.45 -37.44 97.76
N ARG G 329 -30.04 -36.90 96.70
CA ARG G 329 -30.94 -35.77 96.81
C ARG G 329 -32.10 -35.93 95.85
N ASP G 330 -33.18 -35.21 96.13
CA ASP G 330 -34.36 -35.10 95.29
C ASP G 330 -35.14 -36.41 95.18
N LEU G 331 -34.88 -37.38 96.06
CA LEU G 331 -35.60 -38.65 96.09
C LEU G 331 -36.22 -38.84 97.46
N SER G 332 -37.43 -39.37 97.49
CA SER G 332 -38.11 -39.64 98.75
C SER G 332 -37.45 -40.84 99.44
N ILE G 333 -37.76 -40.98 100.73
CA ILE G 333 -37.20 -42.08 101.51
C ILE G 333 -37.65 -43.41 100.91
N LYS G 334 -38.89 -43.49 100.44
CA LYS G 334 -39.37 -44.73 99.86
C LYS G 334 -38.58 -45.12 98.61
N GLN G 335 -38.33 -44.15 97.72
CA GLN G 335 -37.55 -44.43 96.53
C GLN G 335 -36.13 -44.85 96.89
N VAL G 336 -35.51 -44.11 97.81
CA VAL G 336 -34.15 -44.41 98.21
C VAL G 336 -34.08 -45.81 98.81
N GLU G 337 -35.04 -46.16 99.68
CA GLU G 337 -35.07 -47.48 100.29
C GLU G 337 -35.26 -48.57 99.24
N LYS G 338 -36.10 -48.32 98.23
CA LYS G 338 -36.24 -49.30 97.16
C LYS G 338 -34.90 -49.54 96.48
N PHE G 339 -34.14 -48.48 96.24
CA PHE G 339 -32.83 -48.65 95.62
C PHE G 339 -31.85 -49.34 96.57
N ILE G 340 -31.95 -49.05 97.88
CA ILE G 340 -31.11 -49.73 98.86
C ILE G 340 -31.38 -51.23 98.81
N GLU G 341 -32.65 -51.61 98.73
CA GLU G 341 -32.99 -53.03 98.64
C GLU G 341 -32.44 -53.63 97.35
N GLN G 342 -32.61 -52.93 96.23
CA GLN G 342 -32.09 -53.42 94.95
C GLN G 342 -30.59 -53.67 95.01
N THR G 343 -29.86 -52.81 95.72
CA THR G 343 -28.41 -52.98 95.82
C THR G 343 -28.03 -54.04 96.85
N ASN G 344 -28.72 -54.06 97.99
CA ASN G 344 -28.31 -54.91 99.11
C ASN G 344 -28.69 -56.37 98.88
N SER G 345 -29.74 -56.64 98.11
CA SER G 345 -30.11 -58.04 97.86
C SER G 345 -29.01 -58.80 97.12
N HIS G 346 -28.08 -58.10 96.46
CA HIS G 346 -26.98 -58.73 95.74
C HIS G 346 -25.71 -58.84 96.58
N LEU G 347 -25.76 -58.47 97.86
CA LEU G 347 -24.57 -58.37 98.69
C LEU G 347 -24.80 -59.10 100.02
N PRO G 348 -23.72 -59.59 100.67
CA PRO G 348 -23.88 -60.17 102.02
C PRO G 348 -24.22 -59.14 103.08
N ARG G 349 -24.33 -59.58 104.33
CA ARG G 349 -24.62 -58.67 105.43
C ARG G 349 -23.47 -57.70 105.67
N GLU G 350 -22.22 -58.19 105.65
CA GLU G 350 -21.09 -57.35 105.99
C GLU G 350 -20.87 -56.24 104.98
N LYS G 351 -21.45 -56.33 103.79
CA LYS G 351 -21.35 -55.29 102.76
C LYS G 351 -22.70 -54.64 102.47
N HIS G 352 -23.62 -54.69 103.43
CA HIS G 352 -24.92 -54.05 103.25
C HIS G 352 -24.78 -52.53 103.32
N ILE G 353 -25.66 -51.84 102.60
CA ILE G 353 -25.77 -50.38 102.68
C ILE G 353 -26.87 -50.05 103.68
N ALA G 354 -26.60 -49.09 104.56
CA ALA G 354 -27.54 -48.64 105.55
C ALA G 354 -27.74 -47.13 105.44
N ILE G 355 -28.93 -46.68 105.82
CA ILE G 355 -29.23 -45.25 105.82
C ILE G 355 -28.55 -44.62 107.04
N SER G 356 -27.76 -43.57 106.81
CA SER G 356 -26.90 -43.00 107.83
C SER G 356 -27.32 -41.61 108.27
N LEU G 357 -27.68 -40.72 107.34
CA LEU G 357 -28.04 -39.34 107.65
C LEU G 357 -29.32 -39.00 106.90
N ILE G 358 -30.44 -38.95 107.63
CA ILE G 358 -31.71 -38.47 107.06
C ILE G 358 -31.71 -36.96 107.29
N ASN G 359 -31.03 -36.25 106.38
CA ASN G 359 -30.93 -34.81 106.50
C ASN G 359 -32.26 -34.13 106.31
N GLY G 360 -33.06 -34.61 105.36
CA GLY G 360 -34.35 -34.02 105.10
C GLY G 360 -35.19 -34.94 104.24
N ALA G 361 -36.33 -34.40 103.78
CA ALA G 361 -37.19 -35.18 102.90
C ALA G 361 -36.47 -35.53 101.60
N ARG G 362 -35.75 -34.57 101.03
CA ARG G 362 -35.08 -34.73 99.74
C ARG G 362 -33.57 -34.62 99.88
N ASN G 363 -33.03 -35.13 100.98
CA ASN G 363 -31.59 -35.08 101.22
C ASN G 363 -31.24 -36.21 102.18
N LEU G 364 -30.54 -37.24 101.67
CA LEU G 364 -30.15 -38.39 102.45
C LEU G 364 -28.68 -38.68 102.20
N VAL G 365 -28.07 -39.43 103.10
CA VAL G 365 -26.70 -39.94 102.93
C VAL G 365 -26.69 -41.41 103.29
N LEU G 366 -26.11 -42.21 102.40
CA LEU G 366 -26.00 -43.65 102.58
C LEU G 366 -24.56 -43.99 102.93
N SER G 367 -24.39 -44.84 103.95
CA SER G 367 -23.08 -45.28 104.40
C SER G 367 -22.92 -46.78 104.19
N GLY G 368 -21.75 -47.17 103.70
CA GLY G 368 -21.44 -48.56 103.44
C GLY G 368 -20.11 -48.66 102.73
N PRO G 369 -19.79 -49.85 102.23
CA PRO G 369 -18.59 -50.00 101.41
C PRO G 369 -18.67 -49.09 100.19
N PRO G 370 -17.56 -48.46 99.79
CA PRO G 370 -17.61 -47.63 98.57
C PRO G 370 -17.99 -48.43 97.33
N GLU G 371 -17.64 -49.71 97.26
CA GLU G 371 -18.08 -50.52 96.13
C GLU G 371 -19.59 -50.67 96.11
N SER G 372 -20.20 -50.90 97.27
CA SER G 372 -21.66 -51.01 97.34
C SER G 372 -22.32 -49.68 97.01
N LEU G 373 -21.73 -48.58 97.47
CA LEU G 373 -22.30 -47.27 97.14
C LEU G 373 -22.17 -46.98 95.65
N TYR G 374 -21.09 -47.42 95.03
CA TYR G 374 -20.95 -47.25 93.58
C TYR G 374 -21.97 -48.13 92.83
N GLY G 375 -22.25 -49.32 93.35
CA GLY G 375 -23.31 -50.13 92.77
C GLY G 375 -24.66 -49.45 92.85
N PHE G 376 -24.96 -48.86 94.02
CA PHE G 376 -26.14 -48.03 94.15
C PHE G 376 -26.14 -46.91 93.12
N ASN G 377 -25.00 -46.25 92.93
CA ASN G 377 -24.92 -45.16 91.98
C ASN G 377 -25.22 -45.63 90.56
N LEU G 378 -24.67 -46.78 90.18
CA LEU G 378 -24.89 -47.29 88.83
C LEU G 378 -26.34 -47.69 88.63
N ASN G 379 -26.95 -48.34 89.63
CA ASN G 379 -28.36 -48.68 89.53
C ASN G 379 -29.21 -47.41 89.37
N LEU G 380 -28.97 -46.43 90.24
CA LEU G 380 -29.74 -45.20 90.19
C LEU G 380 -29.56 -44.48 88.87
N ARG G 381 -28.33 -44.47 88.34
CA ARG G 381 -28.11 -43.86 87.03
C ARG G 381 -28.84 -44.60 85.93
N ASN G 382 -28.83 -45.94 85.99
CA ASN G 382 -29.57 -46.73 85.01
C ASN G 382 -31.05 -46.35 85.03
N GLN G 383 -31.56 -45.97 86.21
CA GLN G 383 -32.94 -45.53 86.35
C GLN G 383 -33.08 -44.02 86.46
N LYS G 384 -32.08 -43.24 86.05
CA LYS G 384 -32.09 -41.79 86.23
C LYS G 384 -32.35 -41.08 84.90
N ALA G 385 -32.82 -39.85 84.99
CA ALA G 385 -33.06 -39.05 83.81
C ALA G 385 -31.73 -38.73 83.11
N PRO G 386 -31.71 -38.71 81.78
CA PRO G 386 -30.51 -38.21 81.09
C PRO G 386 -30.29 -36.73 81.40
N MET G 387 -29.03 -36.33 81.37
CA MET G 387 -28.69 -34.93 81.64
C MET G 387 -29.31 -34.03 80.57
N GLY G 388 -30.26 -33.20 81.00
CA GLY G 388 -30.89 -32.26 80.10
C GLY G 388 -32.03 -32.82 79.28
N LEU G 389 -32.57 -33.98 79.63
CA LEU G 389 -33.73 -34.51 78.91
C LEU G 389 -34.90 -33.55 79.09
N ASP G 390 -35.57 -33.26 77.98
CA ASP G 390 -36.78 -32.43 77.99
C ASP G 390 -37.98 -33.34 78.20
N GLN G 391 -38.59 -33.25 79.38
CA GLN G 391 -39.75 -34.08 79.73
C GLN G 391 -40.97 -33.22 80.05
N SER G 392 -41.03 -31.99 79.52
CA SER G 392 -42.20 -31.16 79.72
C SER G 392 -43.44 -31.78 79.09
N ARG G 393 -43.28 -32.40 77.92
CA ARG G 393 -44.36 -33.07 77.21
C ARG G 393 -44.41 -34.57 77.49
N VAL G 394 -44.05 -34.98 78.69
CA VAL G 394 -44.02 -36.40 79.08
C VAL G 394 -44.81 -36.54 80.37
N PRO G 395 -45.57 -37.61 80.59
CA PRO G 395 -46.29 -37.75 81.87
C PRO G 395 -45.35 -37.78 83.05
N PHE G 396 -45.83 -37.26 84.18
CA PHE G 396 -45.00 -37.17 85.37
C PHE G 396 -44.63 -38.56 85.89
N SER G 397 -45.55 -39.51 85.83
CA SER G 397 -45.24 -40.86 86.26
C SER G 397 -44.25 -41.54 85.33
N GLU G 398 -44.25 -41.15 84.05
CA GLU G 398 -43.26 -41.63 83.09
C GLU G 398 -42.01 -40.77 83.07
N ARG G 399 -42.00 -39.62 83.75
CA ARG G 399 -40.79 -38.82 83.83
C ARG G 399 -39.72 -39.58 84.60
N LYS G 400 -38.48 -39.42 84.17
CA LYS G 400 -37.36 -40.08 84.81
C LYS G 400 -36.99 -39.30 86.08
N LEU G 401 -35.94 -39.74 86.77
CA LEU G 401 -35.55 -39.19 88.05
C LEU G 401 -34.48 -38.12 87.87
N LYS G 402 -34.66 -36.98 88.55
CA LYS G 402 -33.68 -35.90 88.59
C LYS G 402 -33.13 -35.84 90.01
N CYS G 403 -32.00 -36.51 90.22
CA CYS G 403 -31.38 -36.62 91.54
C CYS G 403 -29.90 -36.32 91.43
N SER G 404 -29.34 -35.82 92.52
CA SER G 404 -27.93 -35.49 92.62
C SER G 404 -27.27 -36.53 93.53
N ASN G 405 -26.71 -37.56 92.92
CA ASN G 405 -25.97 -38.59 93.63
C ASN G 405 -24.49 -38.20 93.58
N ARG G 406 -23.88 -38.01 94.74
CA ARG G 406 -22.49 -37.57 94.77
C ARG G 406 -21.82 -38.09 96.03
N PHE G 407 -20.65 -38.68 95.87
CA PHE G 407 -19.88 -39.13 97.02
C PHE G 407 -19.40 -37.96 97.85
N LEU G 408 -19.58 -38.04 99.16
CA LEU G 408 -19.11 -36.98 100.04
C LEU G 408 -17.63 -37.18 100.34
N PRO G 409 -16.90 -36.10 100.67
CA PRO G 409 -15.49 -36.24 101.05
C PRO G 409 -15.32 -36.65 102.51
N ILE G 410 -15.83 -37.84 102.84
CA ILE G 410 -15.72 -38.43 104.17
C ILE G 410 -15.14 -39.83 103.99
N PHE G 411 -14.09 -40.14 104.74
CA PHE G 411 -13.34 -41.37 104.55
C PHE G 411 -13.66 -42.46 105.57
N ALA G 412 -14.76 -42.32 106.32
CA ALA G 412 -15.22 -43.37 107.20
C ALA G 412 -16.72 -43.55 107.03
N PRO G 413 -17.24 -44.78 107.25
CA PRO G 413 -18.70 -44.97 107.19
C PRO G 413 -19.37 -44.57 108.50
N PHE G 414 -19.46 -43.25 108.71
CA PHE G 414 -20.01 -42.73 109.95
C PHE G 414 -21.48 -43.11 110.10
N HIS G 415 -21.85 -43.45 111.33
CA HIS G 415 -23.22 -43.86 111.66
C HIS G 415 -23.59 -45.13 110.90
N SER G 416 -22.75 -46.16 111.06
CA SER G 416 -22.99 -47.45 110.44
C SER G 416 -22.47 -48.54 111.36
N HIS G 417 -22.99 -49.76 111.15
CA HIS G 417 -22.53 -50.89 111.94
C HIS G 417 -21.06 -51.22 111.72
N LEU G 418 -20.48 -50.75 110.60
CA LEU G 418 -19.09 -51.02 110.31
C LEU G 418 -18.17 -50.43 111.38
N LEU G 419 -18.58 -49.33 111.99
CA LEU G 419 -17.82 -48.68 113.06
C LEU G 419 -18.36 -49.03 114.45
N ALA G 420 -19.20 -50.06 114.55
CA ALA G 420 -19.78 -50.41 115.84
C ALA G 420 -18.70 -50.85 116.83
N ASP G 421 -17.69 -51.59 116.34
CA ASP G 421 -16.64 -52.08 117.23
C ASP G 421 -15.79 -50.95 117.79
N ALA G 422 -15.73 -49.81 117.11
CA ALA G 422 -14.93 -48.69 117.59
C ALA G 422 -15.52 -48.03 118.82
N THR G 423 -16.80 -48.24 119.10
CA THR G 423 -17.44 -47.56 120.23
C THR G 423 -16.81 -47.98 121.55
N GLU G 424 -16.62 -49.28 121.76
CA GLU G 424 -16.04 -49.75 123.01
C GLU G 424 -14.61 -49.25 123.17
N LEU G 425 -13.84 -49.25 122.08
CA LEU G 425 -12.47 -48.75 122.14
C LEU G 425 -12.44 -47.27 122.52
N ILE G 426 -13.33 -46.47 121.93
CA ILE G 426 -13.35 -45.05 122.25
C ILE G 426 -13.80 -44.85 123.68
N LEU G 427 -14.73 -45.68 124.17
CA LEU G 427 -15.12 -45.61 125.57
C LEU G 427 -13.95 -45.89 126.48
N ASP G 428 -13.13 -46.88 126.12
CA ASP G 428 -11.92 -47.16 126.90
C ASP G 428 -10.97 -45.97 126.87
N ASP G 429 -10.81 -45.35 125.71
CA ASP G 429 -9.93 -44.18 125.62
C ASP G 429 -10.41 -43.05 126.51
N VAL G 430 -11.70 -42.72 126.44
CA VAL G 430 -12.21 -41.58 127.20
C VAL G 430 -12.18 -41.87 128.69
N LYS G 431 -12.49 -43.11 129.10
CA LYS G 431 -12.45 -43.39 130.53
C LYS G 431 -11.01 -43.41 131.04
N GLU G 432 -10.05 -43.83 130.21
CA GLU G 432 -8.66 -43.78 130.66
C GLU G 432 -8.16 -42.35 130.77
N HIS G 433 -8.57 -41.48 129.85
CA HIS G 433 -8.15 -40.09 129.87
C HIS G 433 -9.04 -39.19 130.72
N GLY G 434 -10.08 -39.74 131.35
CA GLY G 434 -10.93 -38.96 132.23
C GLY G 434 -11.65 -37.83 131.52
N LEU G 435 -12.25 -38.11 130.37
CA LEU G 435 -12.96 -37.12 129.57
C LEU G 435 -14.45 -37.27 129.79
N SER G 436 -15.11 -36.17 130.16
CA SER G 436 -16.56 -36.16 130.35
C SER G 436 -17.04 -34.72 130.34
N PHE G 437 -18.31 -34.55 129.96
CA PHE G 437 -18.99 -33.27 129.98
C PHE G 437 -20.04 -33.26 131.08
N GLU G 438 -20.23 -32.10 131.70
CA GLU G 438 -21.20 -31.96 132.77
C GLU G 438 -21.65 -30.52 132.85
N GLY G 439 -22.74 -30.29 133.58
CA GLY G 439 -23.27 -28.95 133.78
C GLY G 439 -23.83 -28.30 132.54
N LEU G 440 -24.59 -29.04 131.75
CA LEU G 440 -25.28 -28.45 130.60
C LEU G 440 -26.33 -27.46 131.10
N LYS G 441 -26.39 -26.29 130.47
CA LYS G 441 -27.30 -25.23 130.85
C LYS G 441 -28.35 -24.90 129.81
N ILE G 442 -28.27 -25.48 128.61
CA ILE G 442 -29.31 -25.35 127.60
C ILE G 442 -29.60 -26.73 127.05
N PRO G 443 -30.77 -27.00 126.49
CA PRO G 443 -31.02 -28.31 125.88
C PRO G 443 -30.06 -28.58 124.73
N VAL G 444 -29.60 -29.82 124.65
CA VAL G 444 -28.79 -30.29 123.53
C VAL G 444 -29.49 -31.54 123.02
N TYR G 445 -30.27 -31.38 121.95
CA TYR G 445 -31.18 -32.43 121.53
C TYR G 445 -30.43 -33.52 120.74
N ASP G 446 -30.81 -34.76 121.02
CA ASP G 446 -30.18 -35.91 120.39
C ASP G 446 -30.48 -35.94 118.89
N THR G 447 -29.54 -36.48 118.12
CA THR G 447 -29.71 -36.54 116.67
C THR G 447 -30.51 -37.76 116.22
N PHE G 448 -30.54 -38.84 117.01
CA PHE G 448 -31.30 -40.03 116.66
C PHE G 448 -32.73 -40.00 117.21
N ASP G 449 -32.88 -39.99 118.53
CA ASP G 449 -34.20 -40.05 119.15
C ASP G 449 -34.73 -38.69 119.57
N GLY G 450 -33.95 -37.61 119.39
CA GLY G 450 -34.43 -36.27 119.67
C GLY G 450 -34.46 -35.90 121.13
N SER G 451 -34.15 -36.82 122.04
CA SER G 451 -34.22 -36.53 123.46
C SER G 451 -33.15 -35.51 123.85
N ASP G 452 -33.49 -34.67 124.82
CA ASP G 452 -32.55 -33.68 125.32
C ASP G 452 -31.47 -34.36 126.16
N PHE G 453 -30.22 -33.99 125.93
CA PHE G 453 -29.12 -34.59 126.67
C PHE G 453 -29.11 -34.20 128.14
N GLN G 454 -29.76 -33.09 128.50
CA GLN G 454 -29.83 -32.71 129.91
C GLN G 454 -30.58 -33.75 130.73
N ALA G 455 -31.61 -34.34 130.15
CA ALA G 455 -32.38 -35.38 130.85
C ALA G 455 -31.71 -36.74 130.82
N LEU G 456 -30.69 -36.93 129.99
CA LEU G 456 -30.03 -38.22 129.87
C LEU G 456 -29.35 -38.59 131.19
N LYS G 457 -29.53 -39.84 131.61
CA LYS G 457 -28.87 -40.36 132.80
C LYS G 457 -27.56 -41.05 132.50
N GLU G 458 -27.45 -41.69 131.35
CA GLU G 458 -26.20 -42.33 130.95
C GLU G 458 -25.14 -41.29 130.64
N PRO G 459 -23.88 -41.68 130.57
CA PRO G 459 -22.82 -40.69 130.33
C PRO G 459 -23.01 -39.95 129.02
N ILE G 460 -22.81 -38.62 129.08
CA ILE G 460 -22.94 -37.76 127.92
C ILE G 460 -22.05 -38.30 126.79
N ILE G 461 -20.75 -38.39 127.04
CA ILE G 461 -19.80 -38.76 126.00
C ILE G 461 -20.12 -40.14 125.46
N ASP G 462 -20.54 -41.06 126.32
CA ASP G 462 -20.89 -42.40 125.83
C ASP G 462 -22.00 -42.30 124.79
N ARG G 463 -23.04 -41.52 125.09
CA ARG G 463 -24.10 -41.35 124.12
C ARG G 463 -23.60 -40.69 122.84
N VAL G 464 -22.74 -39.67 122.97
CA VAL G 464 -22.25 -38.98 121.77
C VAL G 464 -21.46 -39.92 120.87
N VAL G 465 -20.56 -40.72 121.44
CA VAL G 465 -19.81 -41.67 120.60
C VAL G 465 -20.74 -42.70 119.98
N LYS G 466 -21.73 -43.19 120.74
CA LYS G 466 -22.64 -44.15 120.15
C LYS G 466 -23.37 -43.54 118.95
N LEU G 467 -23.78 -42.28 119.06
CA LEU G 467 -24.46 -41.64 117.93
C LEU G 467 -23.50 -41.43 116.77
N ILE G 468 -22.26 -41.02 117.06
CA ILE G 468 -21.31 -40.71 115.99
C ILE G 468 -20.97 -41.96 115.21
N THR G 469 -20.89 -43.11 115.88
CA THR G 469 -20.43 -44.33 115.22
C THR G 469 -21.57 -45.17 114.64
N GLU G 470 -22.64 -45.40 115.40
CA GLU G 470 -23.63 -46.41 115.04
C GLU G 470 -24.96 -45.81 114.60
N LEU G 471 -25.61 -45.01 115.44
CA LEU G 471 -26.97 -44.60 115.13
C LEU G 471 -26.98 -43.57 114.00
N PRO G 472 -27.91 -43.68 113.03
CA PRO G 472 -28.02 -42.63 112.02
C PRO G 472 -28.54 -41.33 112.60
N VAL G 473 -28.61 -40.29 111.75
CA VAL G 473 -28.98 -38.95 112.18
C VAL G 473 -30.33 -38.61 111.58
N HIS G 474 -31.30 -38.31 112.43
CA HIS G 474 -32.60 -37.80 112.01
C HIS G 474 -32.57 -36.28 112.24
N TRP G 475 -32.05 -35.57 111.24
CA TRP G 475 -31.83 -34.13 111.40
C TRP G 475 -33.14 -33.38 111.54
N GLU G 476 -34.17 -33.78 110.79
CA GLU G 476 -35.47 -33.13 110.92
C GLU G 476 -36.02 -33.30 112.34
N GLU G 477 -35.93 -34.51 112.88
CA GLU G 477 -36.42 -34.74 114.24
C GLU G 477 -35.59 -33.96 115.25
N ALA G 478 -34.28 -33.88 115.03
CA ALA G 478 -33.42 -33.14 115.95
C ALA G 478 -33.76 -31.66 115.96
N THR G 479 -34.00 -31.07 114.79
CA THR G 479 -34.24 -29.64 114.66
C THR G 479 -35.72 -29.28 114.66
N ASN G 480 -36.61 -30.23 114.94
CA ASN G 480 -38.05 -29.96 114.94
C ASN G 480 -38.49 -28.98 116.05
N HIS G 481 -37.64 -28.47 116.92
CA HIS G 481 -38.07 -27.61 118.00
C HIS G 481 -38.15 -26.16 117.53
N LYS G 482 -38.60 -25.29 118.43
CA LYS G 482 -38.90 -23.91 118.07
C LYS G 482 -37.63 -23.10 117.95
N ALA G 483 -37.55 -22.27 116.91
CA ALA G 483 -36.40 -21.41 116.69
C ALA G 483 -36.74 -20.38 115.64
N THR G 484 -36.50 -19.11 115.96
CA THR G 484 -36.68 -18.01 115.01
C THR G 484 -35.40 -17.66 114.28
N HIS G 485 -34.25 -17.81 114.95
CA HIS G 485 -32.95 -17.57 114.34
C HIS G 485 -32.03 -18.73 114.70
N ILE G 486 -31.31 -19.22 113.69
CA ILE G 486 -30.39 -20.35 113.83
C ILE G 486 -29.03 -19.87 113.35
N LEU G 487 -27.99 -20.17 114.12
CA LEU G 487 -26.62 -19.81 113.78
C LEU G 487 -25.87 -21.09 113.38
N ASP G 488 -25.44 -21.14 112.12
CA ASP G 488 -24.65 -22.25 111.60
C ASP G 488 -23.19 -21.93 111.86
N PHE G 489 -22.57 -22.65 112.79
CA PHE G 489 -21.15 -22.50 113.10
C PHE G 489 -20.27 -23.52 112.39
N GLY G 490 -20.86 -24.43 111.61
CA GLY G 490 -20.10 -25.51 111.02
C GLY G 490 -19.29 -25.04 109.84
N PRO G 491 -18.49 -25.96 109.28
CA PRO G 491 -17.70 -25.63 108.10
C PRO G 491 -18.54 -25.67 106.83
N GLY G 492 -17.93 -25.19 105.75
CA GLY G 492 -18.54 -25.22 104.43
C GLY G 492 -19.15 -23.90 104.00
N GLY G 493 -19.60 -23.07 104.95
CA GLY G 493 -20.21 -21.81 104.61
C GLY G 493 -21.46 -21.96 103.78
N VAL G 494 -21.36 -21.59 102.49
CA VAL G 494 -22.51 -21.73 101.60
C VAL G 494 -22.86 -23.20 101.41
N SER G 495 -21.85 -24.05 101.25
CA SER G 495 -22.07 -25.48 101.14
C SER G 495 -22.18 -26.16 102.49
N GLY G 496 -22.26 -25.40 103.58
CA GLY G 496 -22.32 -25.95 104.91
C GLY G 496 -23.72 -26.40 105.30
N LEU G 497 -23.87 -26.72 106.58
CA LEU G 497 -25.14 -27.20 107.09
C LEU G 497 -26.20 -26.11 107.16
N GLY G 498 -25.80 -24.84 107.14
CA GLY G 498 -26.77 -23.77 107.29
C GLY G 498 -27.75 -23.71 106.12
N VAL G 499 -27.25 -23.79 104.89
CA VAL G 499 -28.13 -23.73 103.74
C VAL G 499 -29.04 -24.95 103.71
N LEU G 500 -28.51 -26.10 104.12
CA LEU G 500 -29.32 -27.31 104.24
C LEU G 500 -30.46 -27.12 105.23
N THR G 501 -30.15 -26.55 106.40
CA THR G 501 -31.19 -26.31 107.39
C THR G 501 -32.20 -25.29 106.88
N HIS G 502 -31.74 -24.31 106.11
CA HIS G 502 -32.66 -23.35 105.50
C HIS G 502 -33.62 -24.04 104.55
N ARG G 503 -33.11 -24.95 103.73
CA ARG G 503 -33.99 -25.70 102.84
C ARG G 503 -34.97 -26.55 103.63
N ASN G 504 -34.50 -27.13 104.74
CA ASN G 504 -35.36 -27.98 105.55
C ASN G 504 -36.48 -27.18 106.22
N LYS G 505 -36.15 -25.98 106.70
CA LYS G 505 -37.07 -25.15 107.48
C LYS G 505 -37.56 -23.92 106.71
N GLU G 506 -37.55 -23.97 105.38
CA GLU G 506 -37.92 -22.80 104.60
C GLU G 506 -39.37 -22.41 104.90
N GLY G 507 -39.55 -21.14 105.27
CA GLY G 507 -40.87 -20.63 105.60
C GLY G 507 -41.43 -21.11 106.91
N THR G 508 -40.61 -21.67 107.80
CA THR G 508 -41.02 -22.03 109.15
C THR G 508 -40.73 -20.92 110.15
N GLY G 509 -40.29 -19.74 109.69
CA GLY G 509 -39.96 -18.65 110.56
C GLY G 509 -38.56 -18.67 111.13
N ALA G 510 -37.74 -19.65 110.74
CA ALA G 510 -36.38 -19.79 111.25
C ALA G 510 -35.42 -19.19 110.23
N ARG G 511 -34.82 -18.06 110.57
CA ARG G 511 -33.82 -17.43 109.73
C ARG G 511 -32.46 -18.02 110.02
N ILE G 512 -31.78 -18.52 109.00
CA ILE G 512 -30.47 -19.14 109.14
C ILE G 512 -29.41 -18.09 108.87
N ILE G 513 -28.43 -17.99 109.78
CA ILE G 513 -27.31 -17.08 109.65
C ILE G 513 -26.04 -17.91 109.67
N LEU G 514 -25.23 -17.80 108.63
CA LEU G 514 -23.98 -18.55 108.51
C LEU G 514 -22.91 -17.82 109.30
N ALA G 515 -22.77 -18.17 110.58
CA ALA G 515 -21.73 -17.56 111.40
C ALA G 515 -20.33 -17.95 110.94
N GLY G 516 -20.21 -19.01 110.13
CA GLY G 516 -18.90 -19.46 109.68
C GLY G 516 -18.29 -18.62 108.59
N THR G 517 -19.10 -17.87 107.84
CA THR G 517 -18.63 -17.12 106.68
C THR G 517 -19.19 -15.71 106.73
N LEU G 518 -18.39 -14.75 106.27
CA LEU G 518 -18.81 -13.37 106.12
C LEU G 518 -18.94 -13.08 104.62
N ASP G 519 -20.11 -12.60 104.21
CA ASP G 519 -20.33 -12.23 102.82
C ASP G 519 -21.57 -11.36 102.75
N SER G 520 -21.72 -10.64 101.64
CA SER G 520 -22.92 -9.87 101.39
C SER G 520 -24.12 -10.81 101.34
N ASN G 521 -25.27 -10.31 101.81
CA ASN G 521 -26.43 -11.16 101.94
C ASN G 521 -26.88 -11.65 100.56
N PRO G 522 -27.55 -12.80 100.48
CA PRO G 522 -27.93 -13.33 99.16
C PRO G 522 -28.90 -12.41 98.44
N ILE G 523 -29.10 -12.70 97.16
CA ILE G 523 -29.98 -11.87 96.34
C ILE G 523 -31.40 -11.91 96.88
N ASP G 524 -31.88 -13.09 97.24
CA ASP G 524 -33.21 -13.23 97.81
C ASP G 524 -33.26 -12.89 99.29
N ASP G 525 -32.11 -12.71 99.95
CA ASP G 525 -32.06 -12.44 101.38
C ASP G 525 -32.74 -13.56 102.16
N GLU G 526 -32.25 -14.78 101.94
CA GLU G 526 -32.86 -15.98 102.50
C GLU G 526 -32.18 -16.45 103.77
N TYR G 527 -30.85 -16.41 103.82
CA TYR G 527 -30.10 -16.76 105.02
C TYR G 527 -29.06 -15.67 105.26
N GLY G 528 -28.85 -15.35 106.54
CA GLY G 528 -27.93 -14.30 106.91
C GLY G 528 -26.48 -14.75 106.86
N PHE G 529 -25.60 -13.80 107.11
CA PHE G 529 -24.16 -14.02 107.16
C PHE G 529 -23.63 -13.51 108.50
N LYS G 530 -22.32 -13.59 108.69
CA LYS G 530 -21.72 -13.27 109.98
C LYS G 530 -22.04 -11.83 110.41
N HIS G 531 -22.21 -10.92 109.45
CA HIS G 531 -22.44 -9.52 109.79
C HIS G 531 -23.75 -9.34 110.55
N GLU G 532 -24.74 -10.20 110.30
CA GLU G 532 -26.05 -10.02 110.93
C GLU G 532 -25.98 -10.29 112.43
N ILE G 533 -25.10 -11.18 112.86
CA ILE G 533 -24.98 -11.47 114.29
C ILE G 533 -24.46 -10.25 115.03
N PHE G 534 -23.50 -9.53 114.43
CA PHE G 534 -22.88 -8.38 115.06
C PHE G 534 -23.50 -7.05 114.64
N GLN G 535 -24.57 -7.07 113.84
CA GLN G 535 -25.16 -5.83 113.37
C GLN G 535 -25.68 -4.99 114.54
N THR G 536 -25.38 -3.70 114.51
CA THR G 536 -25.88 -2.74 115.47
C THR G 536 -26.40 -1.52 114.70
N SER G 537 -27.60 -1.06 115.05
CA SER G 537 -28.17 0.10 114.41
C SER G 537 -29.12 0.79 115.39
N ALA G 538 -29.34 2.09 115.16
CA ALA G 538 -30.22 2.86 116.03
C ALA G 538 -31.64 2.31 115.99
N ASP G 539 -32.12 1.95 114.80
CA ASP G 539 -33.48 1.39 114.68
C ASP G 539 -33.58 0.00 115.28
N LYS G 540 -32.46 -0.69 115.47
CA LYS G 540 -32.44 -2.03 116.05
C LYS G 540 -33.25 -3.04 115.26
N ALA G 541 -33.34 -2.86 113.94
CA ALA G 541 -34.09 -3.78 113.10
C ALA G 541 -33.25 -5.00 112.75
N ILE G 542 -33.91 -6.14 112.64
CA ILE G 542 -33.27 -7.39 112.23
C ILE G 542 -34.16 -8.07 111.21
N LYS G 543 -33.52 -8.85 110.33
CA LYS G 543 -34.24 -9.58 109.30
C LYS G 543 -34.90 -10.81 109.90
N TRP G 544 -36.18 -10.99 109.58
CA TRP G 544 -36.99 -12.10 110.05
C TRP G 544 -37.37 -12.98 108.87
N ALA G 545 -37.96 -14.12 109.17
CA ALA G 545 -38.45 -15.05 108.16
C ALA G 545 -39.93 -15.32 108.39
N PRO G 546 -40.68 -15.64 107.33
CA PRO G 546 -42.12 -15.85 107.51
C PRO G 546 -42.46 -17.24 107.96
N ASP G 547 -43.42 -17.32 108.88
CA ASP G 547 -43.97 -18.58 109.37
C ASP G 547 -45.31 -18.79 108.69
N TRP G 548 -45.34 -19.71 107.71
CA TRP G 548 -46.52 -19.87 106.85
C TRP G 548 -47.75 -20.22 107.66
N LEU G 549 -47.63 -21.12 108.63
CA LEU G 549 -48.78 -21.57 109.39
C LEU G 549 -49.47 -20.39 110.08
N LYS G 550 -48.79 -19.77 111.05
CA LYS G 550 -49.44 -18.72 111.81
C LYS G 550 -49.76 -17.51 110.95
N GLU G 551 -49.03 -17.30 109.85
CA GLU G 551 -49.31 -16.16 108.99
C GLU G 551 -50.49 -16.41 108.06
N LEU G 552 -50.88 -17.67 107.87
CA LEU G 552 -51.91 -18.04 106.89
C LEU G 552 -52.86 -19.09 107.44
N ARG G 553 -53.17 -19.04 108.73
CA ARG G 553 -54.23 -19.90 109.25
C ARG G 553 -55.54 -19.55 108.56
N PRO G 554 -56.29 -20.52 108.02
CA PRO G 554 -57.64 -20.19 107.56
C PRO G 554 -58.59 -20.02 108.75
N THR G 555 -58.89 -18.77 109.07
CA THR G 555 -59.75 -18.43 110.19
C THR G 555 -61.15 -18.08 109.68
N LEU G 556 -62.02 -17.72 110.61
CA LEU G 556 -63.43 -17.46 110.32
C LEU G 556 -63.79 -16.06 110.80
N VAL G 557 -64.67 -15.39 110.07
CA VAL G 557 -65.15 -14.06 110.42
C VAL G 557 -66.65 -14.00 110.19
N LYS G 558 -67.38 -13.45 111.16
CA LYS G 558 -68.82 -13.27 111.07
C LYS G 558 -69.13 -11.82 110.79
N ASN G 559 -70.01 -11.56 109.81
CA ASN G 559 -70.35 -10.19 109.50
C ASN G 559 -71.48 -9.72 110.41
N SER G 560 -71.86 -8.45 110.30
CA SER G 560 -72.92 -7.90 111.15
C SER G 560 -74.23 -8.64 110.94
N GLU G 561 -74.47 -9.15 109.73
CA GLU G 561 -75.70 -9.88 109.44
C GLU G 561 -75.67 -11.31 109.96
N GLY G 562 -74.59 -11.73 110.59
CA GLY G 562 -74.50 -13.05 111.20
C GLY G 562 -73.97 -14.14 110.30
N LYS G 563 -73.73 -13.85 109.01
CA LYS G 563 -73.21 -14.86 108.12
C LYS G 563 -71.70 -15.01 108.32
N ILE G 564 -71.23 -16.25 108.21
CA ILE G 564 -69.86 -16.61 108.58
C ILE G 564 -69.08 -16.96 107.32
N TYR G 565 -67.94 -16.29 107.14
CA TYR G 565 -67.04 -16.52 106.01
C TYR G 565 -65.74 -17.11 106.52
N VAL G 566 -65.04 -17.80 105.61
CA VAL G 566 -63.71 -18.35 105.90
C VAL G 566 -62.69 -17.27 105.57
N LYS G 567 -62.22 -16.58 106.61
CA LYS G 567 -61.22 -15.54 106.43
C LYS G 567 -59.96 -16.14 105.81
N THR G 568 -59.44 -15.46 104.79
CA THR G 568 -58.31 -15.93 103.99
C THR G 568 -57.95 -14.77 103.05
N LYS G 569 -56.77 -14.83 102.44
CA LYS G 569 -56.38 -13.79 101.50
C LYS G 569 -57.33 -13.73 100.31
N PHE G 570 -57.65 -14.87 99.72
CA PHE G 570 -58.58 -14.91 98.59
C PHE G 570 -59.96 -14.45 99.00
N SER G 571 -60.44 -14.92 100.15
CA SER G 571 -61.76 -14.55 100.61
C SER G 571 -61.84 -13.05 100.91
N GLN G 572 -60.75 -12.49 101.47
CA GLN G 572 -60.71 -11.05 101.69
C GLN G 572 -60.73 -10.28 100.38
N LEU G 573 -59.94 -10.72 99.40
CA LEU G 573 -59.90 -10.02 98.12
C LEU G 573 -61.25 -10.06 97.42
N LEU G 574 -61.93 -11.20 97.45
CA LEU G 574 -63.22 -11.34 96.81
C LEU G 574 -64.38 -10.79 97.64
N GLY G 575 -64.16 -10.54 98.93
CA GLY G 575 -65.28 -10.20 99.80
C GLY G 575 -66.30 -11.33 99.89
N ARG G 576 -65.85 -12.57 99.70
CA ARG G 576 -66.75 -13.71 99.60
C ARG G 576 -65.98 -14.96 100.01
N ALA G 577 -66.65 -16.10 99.94
CA ALA G 577 -66.07 -17.36 100.37
C ALA G 577 -64.86 -17.71 99.50
N PRO G 578 -63.87 -18.47 100.01
CA PRO G 578 -62.66 -18.78 99.23
C PRO G 578 -62.84 -19.99 98.30
N LEU G 579 -63.97 -20.02 97.60
CA LEU G 579 -64.28 -21.04 96.60
C LEU G 579 -64.72 -20.34 95.33
N MET G 580 -64.22 -20.80 94.20
CA MET G 580 -64.58 -20.20 92.91
C MET G 580 -64.77 -21.29 91.87
N VAL G 581 -65.50 -20.94 90.82
CA VAL G 581 -65.75 -21.82 89.68
C VAL G 581 -64.90 -21.29 88.53
N ALA G 582 -63.96 -22.10 88.07
CA ALA G 582 -63.05 -21.66 87.02
C ALA G 582 -63.77 -21.61 85.68
N GLY G 583 -63.26 -20.78 84.77
CA GLY G 583 -63.87 -20.61 83.48
C GLY G 583 -63.84 -21.85 82.61
N MET G 584 -65.01 -22.37 82.27
CA MET G 584 -65.15 -23.54 81.41
C MET G 584 -65.87 -23.17 80.13
N THR G 585 -65.27 -23.55 79.00
CA THR G 585 -65.80 -23.20 77.69
C THR G 585 -67.15 -23.81 77.39
N PRO G 586 -67.42 -25.10 77.68
CA PRO G 586 -68.80 -25.59 77.48
C PRO G 586 -69.72 -25.21 78.62
N THR G 587 -69.20 -25.17 79.84
CA THR G 587 -70.04 -25.06 81.02
C THR G 587 -70.25 -23.60 81.44
N THR G 588 -69.18 -22.87 81.75
CA THR G 588 -69.33 -21.51 82.23
C THR G 588 -69.56 -20.50 81.12
N VAL G 589 -69.49 -20.92 79.85
CA VAL G 589 -69.91 -20.02 78.78
C VAL G 589 -71.33 -19.53 79.01
N ASN G 590 -72.23 -20.43 79.38
CA ASN G 590 -73.64 -20.07 79.48
C ASN G 590 -73.86 -19.10 80.62
N THR G 591 -74.74 -18.12 80.38
CA THR G 591 -75.00 -17.08 81.36
C THR G 591 -75.74 -17.60 82.58
N ASP G 592 -76.51 -18.69 82.43
CA ASP G 592 -77.35 -19.16 83.53
C ASP G 592 -76.50 -19.59 84.72
N ILE G 593 -75.47 -20.41 84.47
CA ILE G 593 -74.66 -20.92 85.56
C ILE G 593 -73.85 -19.79 86.19
N VAL G 594 -73.34 -18.87 85.39
CA VAL G 594 -72.55 -17.76 85.92
C VAL G 594 -73.42 -16.89 86.82
N SER G 595 -74.61 -16.53 86.36
CA SER G 595 -75.50 -15.71 87.17
C SER G 595 -75.91 -16.44 88.43
N ALA G 596 -76.20 -17.74 88.33
CA ALA G 596 -76.61 -18.50 89.50
C ALA G 596 -75.49 -18.58 90.53
N SER G 597 -74.26 -18.82 90.08
CA SER G 597 -73.14 -18.88 91.02
C SER G 597 -72.91 -17.54 91.69
N LEU G 598 -72.95 -16.46 90.92
CA LEU G 598 -72.77 -15.14 91.52
C LEU G 598 -73.87 -14.84 92.53
N ASN G 599 -75.12 -15.17 92.20
CA ASN G 599 -76.22 -14.94 93.12
C ASN G 599 -76.06 -15.77 94.38
N ALA G 600 -75.60 -17.01 94.25
CA ALA G 600 -75.32 -17.84 95.41
C ALA G 600 -74.16 -17.29 96.22
N GLY G 601 -73.30 -16.49 95.61
CA GLY G 601 -72.25 -15.80 96.32
C GLY G 601 -70.88 -16.42 96.21
N TYR G 602 -70.50 -16.93 95.04
CA TYR G 602 -69.20 -17.53 94.81
C TYR G 602 -68.65 -17.02 93.49
N HIS G 603 -67.38 -16.66 93.50
CA HIS G 603 -66.73 -16.14 92.29
C HIS G 603 -66.77 -17.19 91.18
N ILE G 604 -67.04 -16.72 89.96
CA ILE G 604 -67.11 -17.59 88.80
C ILE G 604 -66.65 -16.80 87.59
N GLU G 605 -66.07 -17.51 86.62
CA GLU G 605 -65.51 -16.90 85.43
C GLU G 605 -66.32 -17.29 84.20
N LEU G 606 -66.85 -16.29 83.51
CA LEU G 606 -67.47 -16.49 82.21
C LEU G 606 -66.38 -16.80 81.18
N ALA G 607 -66.48 -17.97 80.55
CA ALA G 607 -65.47 -18.41 79.60
C ALA G 607 -65.73 -17.76 78.24
N GLY G 608 -64.68 -17.23 77.62
CA GLY G 608 -64.79 -16.63 76.31
C GLY G 608 -64.53 -17.56 75.15
N GLY G 609 -64.28 -18.85 75.40
CA GLY G 609 -64.05 -19.77 74.32
C GLY G 609 -65.29 -19.99 73.47
N GLY G 610 -66.47 -19.97 74.09
CA GLY G 610 -67.71 -20.10 73.38
C GLY G 610 -68.27 -18.80 72.83
N TYR G 611 -67.51 -17.71 72.90
CA TYR G 611 -67.84 -16.45 72.27
C TYR G 611 -66.78 -16.13 71.22
N PHE G 612 -67.21 -15.47 70.14
CA PHE G 612 -66.33 -15.18 69.02
C PHE G 612 -66.43 -13.75 68.50
N SER G 613 -67.34 -12.93 69.03
CA SER G 613 -67.46 -11.54 68.63
C SER G 613 -67.71 -10.67 69.85
N PRO G 614 -67.25 -9.40 69.81
CA PRO G 614 -67.58 -8.50 70.93
C PRO G 614 -69.08 -8.33 71.11
N VAL G 615 -69.85 -8.37 70.04
CA VAL G 615 -71.30 -8.22 70.17
C VAL G 615 -71.88 -9.37 70.98
N MET G 616 -71.49 -10.60 70.65
CA MET G 616 -72.00 -11.77 71.37
C MET G 616 -71.58 -11.73 72.82
N MET G 617 -70.29 -11.46 73.06
CA MET G 617 -69.80 -11.45 74.44
C MET G 617 -70.45 -10.33 75.26
N THR G 618 -70.64 -9.16 74.65
CA THR G 618 -71.30 -8.06 75.34
C THR G 618 -72.76 -8.39 75.65
N ARG G 619 -73.44 -9.06 74.72
CA ARG G 619 -74.81 -9.49 75.00
C ARG G 619 -74.86 -10.44 76.18
N ALA G 620 -73.94 -11.41 76.22
CA ALA G 620 -73.90 -12.34 77.35
C ALA G 620 -73.60 -11.62 78.65
N ILE G 621 -72.64 -10.69 78.64
CA ILE G 621 -72.30 -9.94 79.84
C ILE G 621 -73.47 -9.08 80.27
N ASP G 622 -74.20 -8.51 79.31
CA ASP G 622 -75.38 -7.73 79.64
C ASP G 622 -76.42 -8.58 80.35
N ASP G 623 -76.65 -9.79 79.84
CA ASP G 623 -77.62 -10.68 80.48
C ASP G 623 -77.16 -11.03 81.89
N ILE G 624 -75.87 -11.33 82.06
CA ILE G 624 -75.36 -11.69 83.38
C ILE G 624 -75.52 -10.52 84.34
N VAL G 625 -75.14 -9.32 83.89
CA VAL G 625 -75.23 -8.14 84.76
C VAL G 625 -76.67 -7.86 85.15
N SER G 626 -77.58 -7.94 84.18
CA SER G 626 -79.00 -7.73 84.46
C SER G 626 -79.56 -8.78 85.42
N ARG G 627 -79.03 -10.00 85.40
CA ARG G 627 -79.56 -11.08 86.23
C ARG G 627 -78.93 -11.16 87.61
N ILE G 628 -77.69 -10.68 87.78
CA ILE G 628 -77.04 -10.80 89.08
C ILE G 628 -77.50 -9.68 90.01
N LYS G 629 -77.17 -9.83 91.29
CA LYS G 629 -77.51 -8.83 92.27
C LYS G 629 -76.58 -7.61 92.13
N PRO G 630 -77.04 -6.42 92.52
CA PRO G 630 -76.17 -5.24 92.40
C PRO G 630 -74.92 -5.39 93.26
N GLY G 631 -73.81 -4.91 92.73
CA GLY G 631 -72.55 -4.97 93.45
C GLY G 631 -71.79 -6.27 93.33
N TYR G 632 -72.27 -7.21 92.53
CA TYR G 632 -71.63 -8.51 92.38
C TYR G 632 -70.79 -8.49 91.11
N GLY G 633 -69.48 -8.64 91.28
CA GLY G 633 -68.58 -8.59 90.14
C GLY G 633 -68.66 -9.83 89.29
N LEU G 634 -68.01 -9.75 88.13
CA LEU G 634 -67.94 -10.86 87.18
C LEU G 634 -66.50 -11.05 86.77
N GLY G 635 -66.06 -12.31 86.73
CA GLY G 635 -64.76 -12.67 86.20
C GLY G 635 -64.90 -13.18 84.78
N ILE G 636 -63.85 -12.98 83.99
CA ILE G 636 -63.83 -13.41 82.59
C ILE G 636 -62.58 -14.26 82.38
N ASN G 637 -62.75 -15.39 81.70
CA ASN G 637 -61.67 -16.32 81.41
C ASN G 637 -61.39 -16.28 79.91
N LEU G 638 -60.13 -16.06 79.56
CA LEU G 638 -59.67 -16.04 78.18
C LEU G 638 -58.54 -17.04 78.02
N ILE G 639 -58.25 -17.42 76.78
CA ILE G 639 -57.25 -18.42 76.47
C ILE G 639 -56.08 -17.70 75.80
N TYR G 640 -54.87 -17.91 76.33
CA TYR G 640 -53.70 -17.24 75.78
C TYR G 640 -53.29 -17.81 74.43
N VAL G 641 -53.52 -19.11 74.21
CA VAL G 641 -53.14 -19.75 72.95
C VAL G 641 -53.99 -19.27 71.78
N ASN G 642 -55.10 -18.58 72.04
CA ASN G 642 -56.03 -18.14 71.01
C ASN G 642 -55.88 -16.64 70.82
N PRO G 643 -55.24 -16.17 69.74
CA PRO G 643 -55.00 -14.72 69.64
C PRO G 643 -56.25 -13.94 69.30
N PHE G 644 -57.16 -14.53 68.52
CA PHE G 644 -58.36 -13.82 68.10
C PHE G 644 -59.24 -13.45 69.29
N MET G 645 -59.49 -14.42 70.18
CA MET G 645 -60.37 -14.17 71.31
C MET G 645 -59.81 -13.07 72.20
N LEU G 646 -58.51 -13.11 72.50
CA LEU G 646 -57.91 -12.03 73.27
C LEU G 646 -57.98 -10.72 72.51
N GLN G 647 -57.76 -10.75 71.20
CA GLN G 647 -57.74 -9.54 70.39
C GLN G 647 -59.05 -8.79 70.47
N TRP G 648 -60.18 -9.51 70.38
CA TRP G 648 -61.47 -8.83 70.48
C TRP G 648 -62.01 -8.75 71.90
N GLY G 649 -61.39 -9.44 72.87
CA GLY G 649 -61.94 -9.46 74.22
C GLY G 649 -61.30 -8.43 75.12
N ILE G 650 -59.98 -8.28 75.04
CA ILE G 650 -59.29 -7.27 75.86
C ILE G 650 -59.83 -5.88 75.59
N PRO G 651 -59.98 -5.43 74.32
CA PRO G 651 -60.67 -4.16 74.10
C PRO G 651 -62.08 -4.15 74.64
N LEU G 652 -62.80 -5.27 74.54
CA LEU G 652 -64.15 -5.32 75.08
C LEU G 652 -64.14 -5.14 76.60
N ILE G 653 -63.22 -5.81 77.29
CA ILE G 653 -63.14 -5.66 78.75
C ILE G 653 -62.80 -4.22 79.11
N LYS G 654 -61.85 -3.62 78.38
CA LYS G 654 -61.48 -2.24 78.66
C LYS G 654 -62.66 -1.30 78.45
N ASP G 655 -63.39 -1.47 77.35
CA ASP G 655 -64.54 -0.62 77.08
C ASP G 655 -65.64 -0.81 78.12
N LEU G 656 -65.91 -2.06 78.49
CA LEU G 656 -66.94 -2.32 79.50
C LEU G 656 -66.54 -1.73 80.84
N ARG G 657 -65.26 -1.78 81.18
CA ARG G 657 -64.81 -1.24 82.45
C ARG G 657 -64.90 0.29 82.46
N GLU G 658 -64.43 0.94 81.41
CA GLU G 658 -64.55 2.40 81.36
C GLU G 658 -66.01 2.84 81.22
N LYS G 659 -66.89 1.95 80.77
CA LYS G 659 -68.32 2.20 80.81
C LYS G 659 -68.94 1.88 82.16
N GLY G 660 -68.22 1.16 83.03
CA GLY G 660 -68.65 0.94 84.40
C GLY G 660 -69.21 -0.43 84.68
N TYR G 661 -68.99 -1.41 83.81
CA TYR G 661 -69.54 -2.73 84.02
C TYR G 661 -68.86 -3.40 85.22
N PRO G 662 -69.52 -4.41 85.84
CA PRO G 662 -68.92 -5.11 86.99
C PRO G 662 -68.02 -6.28 86.59
N ILE G 663 -67.11 -6.03 85.64
CA ILE G 663 -66.06 -6.99 85.29
C ILE G 663 -65.02 -6.90 86.40
N GLN G 664 -65.11 -7.79 87.38
CA GLN G 664 -64.25 -7.70 88.56
C GLN G 664 -62.84 -8.17 88.23
N SER G 665 -62.69 -9.12 87.31
CA SER G 665 -61.39 -9.71 87.05
C SER G 665 -61.35 -10.35 85.67
N LEU G 666 -60.13 -10.64 85.23
CA LEU G 666 -59.84 -11.35 84.00
C LEU G 666 -58.86 -12.47 84.30
N THR G 667 -59.15 -13.67 83.78
CA THR G 667 -58.30 -14.83 83.96
C THR G 667 -57.69 -15.25 82.64
N ILE G 668 -56.40 -15.55 82.65
CA ILE G 668 -55.66 -16.03 81.49
C ILE G 668 -55.30 -17.49 81.72
N GLY G 669 -55.86 -18.36 80.89
CA GLY G 669 -55.60 -19.78 80.94
C GLY G 669 -54.79 -20.26 79.77
N ALA G 670 -54.26 -21.48 79.85
CA ALA G 670 -53.45 -22.07 78.79
C ALA G 670 -52.25 -21.19 78.46
N GLY G 671 -51.62 -20.61 79.46
CA GLY G 671 -50.45 -19.78 79.27
C GLY G 671 -50.45 -18.60 80.22
N VAL G 672 -49.28 -17.99 80.35
CA VAL G 672 -49.09 -16.81 81.19
C VAL G 672 -48.53 -15.69 80.31
N PRO G 673 -49.12 -14.50 80.29
CA PRO G 673 -48.53 -13.41 79.49
C PRO G 673 -47.18 -12.99 80.04
N SER G 674 -46.40 -12.32 79.18
CA SER G 674 -45.13 -11.77 79.60
C SER G 674 -45.36 -10.58 80.52
N ILE G 675 -44.26 -10.04 81.07
CA ILE G 675 -44.37 -8.93 82.01
C ILE G 675 -44.96 -7.71 81.31
N GLU G 676 -44.55 -7.45 80.06
CA GLU G 676 -44.97 -6.24 79.37
C GLU G 676 -46.45 -6.29 79.00
N VAL G 677 -46.95 -7.45 78.59
CA VAL G 677 -48.38 -7.58 78.35
C VAL G 677 -49.15 -7.55 79.66
N ALA G 678 -48.60 -8.20 80.69
CA ALA G 678 -49.26 -8.24 81.99
C ALA G 678 -49.49 -6.84 82.52
N THR G 679 -48.42 -6.03 82.60
CA THR G 679 -48.55 -4.69 83.15
C THR G 679 -49.57 -3.86 82.38
N GLU G 680 -49.68 -4.08 81.07
CA GLU G 680 -50.76 -3.42 80.32
C GLU G 680 -52.11 -3.88 80.84
N TYR G 681 -52.29 -5.19 81.06
CA TYR G 681 -53.56 -5.68 81.59
C TYR G 681 -53.86 -5.07 82.95
N ILE G 682 -52.85 -4.97 83.82
CA ILE G 682 -53.07 -4.42 85.16
C ILE G 682 -53.46 -2.96 85.09
N GLU G 683 -52.68 -2.17 84.34
CA GLU G 683 -52.83 -0.72 84.43
C GLU G 683 -53.98 -0.18 83.59
N ASP G 684 -54.26 -0.79 82.44
CA ASP G 684 -55.22 -0.19 81.52
C ASP G 684 -56.65 -0.67 81.79
N LEU G 685 -56.83 -1.95 82.11
CA LEU G 685 -58.18 -2.50 82.23
C LEU G 685 -58.90 -2.08 83.50
N GLY G 686 -58.18 -1.59 84.50
CA GLY G 686 -58.82 -1.17 85.74
C GLY G 686 -59.54 -2.30 86.46
N LEU G 687 -58.86 -3.43 86.62
CA LEU G 687 -59.44 -4.61 87.25
C LEU G 687 -59.08 -4.69 88.72
N THR G 688 -59.87 -5.46 89.46
CA THR G 688 -59.57 -5.70 90.87
C THR G 688 -58.40 -6.67 91.02
N HIS G 689 -58.40 -7.75 90.24
CA HIS G 689 -57.33 -8.73 90.30
C HIS G 689 -57.23 -9.47 88.98
N LEU G 690 -56.03 -9.91 88.66
CA LEU G 690 -55.73 -10.64 87.44
C LEU G 690 -55.45 -12.10 87.79
N GLY G 691 -56.23 -13.00 87.22
CA GLY G 691 -56.02 -14.42 87.40
C GLY G 691 -55.13 -14.98 86.29
N LEU G 692 -54.24 -15.88 86.69
CA LEU G 692 -53.33 -16.53 85.76
C LEU G 692 -53.33 -18.01 86.09
N LYS G 693 -53.14 -18.86 85.07
CA LYS G 693 -53.10 -20.30 85.25
C LYS G 693 -51.77 -20.85 84.73
N PRO G 694 -50.75 -20.88 85.57
CA PRO G 694 -49.51 -21.56 85.19
C PRO G 694 -49.72 -23.06 85.03
N GLY G 695 -48.94 -23.66 84.13
CA GLY G 695 -48.94 -25.10 83.94
C GLY G 695 -47.62 -25.75 84.31
N SER G 696 -46.60 -24.94 84.61
CA SER G 696 -45.29 -25.47 84.94
C SER G 696 -44.52 -24.42 85.73
N VAL G 697 -43.35 -24.82 86.23
CA VAL G 697 -42.55 -23.94 87.07
C VAL G 697 -42.11 -22.70 86.30
N ASP G 698 -41.90 -22.82 84.99
CA ASP G 698 -41.55 -21.65 84.20
C ASP G 698 -42.68 -20.62 84.21
N ALA G 699 -43.91 -21.09 84.03
CA ALA G 699 -45.05 -20.17 84.10
C ALA G 699 -45.25 -19.63 85.52
N ILE G 700 -44.96 -20.45 86.54
CA ILE G 700 -45.03 -19.96 87.91
C ILE G 700 -44.03 -18.82 88.11
N SER G 701 -42.82 -18.99 87.60
CA SER G 701 -41.82 -17.93 87.68
C SER G 701 -42.27 -16.70 86.92
N GLN G 702 -42.97 -16.88 85.79
CA GLN G 702 -43.50 -15.74 85.07
C GLN G 702 -44.52 -14.97 85.91
N VAL G 703 -45.43 -15.69 86.58
CA VAL G 703 -46.41 -15.02 87.43
C VAL G 703 -45.72 -14.33 88.59
N ILE G 704 -44.69 -14.95 89.16
CA ILE G 704 -43.95 -14.30 90.23
C ILE G 704 -43.25 -13.05 89.73
N ALA G 705 -42.78 -13.07 88.48
CA ALA G 705 -42.20 -11.87 87.89
C ALA G 705 -43.24 -10.76 87.78
N ILE G 706 -44.45 -11.11 87.35
CA ILE G 706 -45.52 -10.10 87.28
C ILE G 706 -45.83 -9.55 88.67
N ALA G 707 -45.87 -10.44 89.66
CA ALA G 707 -46.18 -10.01 91.03
C ALA G 707 -45.10 -9.07 91.56
N LYS G 708 -43.83 -9.39 91.31
CA LYS G 708 -42.74 -8.51 91.71
C LYS G 708 -42.85 -7.16 90.99
N ALA G 709 -43.23 -7.19 89.71
CA ALA G 709 -43.40 -5.94 88.97
C ALA G 709 -44.54 -5.10 89.54
N HIS G 710 -45.56 -5.74 90.10
CA HIS G 710 -46.72 -5.05 90.67
C HIS G 710 -46.95 -5.55 92.09
N PRO G 711 -46.15 -5.09 93.06
CA PRO G 711 -46.31 -5.61 94.43
C PRO G 711 -47.61 -5.22 95.09
N THR G 712 -48.32 -4.21 94.58
CA THR G 712 -49.53 -3.72 95.23
C THR G 712 -50.82 -4.20 94.58
N PHE G 713 -50.73 -4.85 93.41
CA PHE G 713 -51.91 -5.33 92.71
C PHE G 713 -52.11 -6.81 93.00
N PRO G 714 -53.28 -7.26 93.48
CA PRO G 714 -53.48 -8.70 93.68
C PRO G 714 -53.36 -9.47 92.37
N ILE G 715 -52.69 -10.62 92.44
CA ILE G 715 -52.51 -11.51 91.29
C ILE G 715 -52.91 -12.91 91.76
N VAL G 716 -54.01 -13.42 91.23
CA VAL G 716 -54.45 -14.76 91.59
C VAL G 716 -53.69 -15.77 90.74
N LEU G 717 -52.97 -16.67 91.39
CA LEU G 717 -52.27 -17.77 90.74
C LEU G 717 -53.11 -19.01 90.96
N GLN G 718 -53.84 -19.42 89.93
CA GLN G 718 -54.75 -20.57 90.01
C GLN G 718 -53.97 -21.80 89.59
N TRP G 719 -53.24 -22.38 90.55
CA TRP G 719 -52.48 -23.58 90.26
C TRP G 719 -53.43 -24.75 90.01
N THR G 720 -53.21 -25.43 88.89
CA THR G 720 -53.98 -26.61 88.53
C THR G 720 -53.00 -27.66 88.04
N GLY G 721 -53.03 -28.83 88.67
CA GLY G 721 -52.18 -29.93 88.24
C GLY G 721 -52.67 -30.53 86.95
N GLY G 722 -51.88 -31.48 86.44
CA GLY G 722 -52.28 -32.19 85.24
C GLY G 722 -53.51 -33.04 85.40
N ARG G 723 -53.94 -33.28 86.65
CA ARG G 723 -55.10 -34.13 86.92
C ARG G 723 -56.43 -33.43 86.70
N GLY G 724 -56.43 -32.13 86.40
CA GLY G 724 -57.67 -31.42 86.19
C GLY G 724 -58.34 -31.81 84.88
N GLY G 725 -59.64 -31.52 84.80
CA GLY G 725 -60.39 -31.84 83.61
C GLY G 725 -60.07 -30.90 82.46
N GLY G 726 -60.54 -31.28 81.28
CA GLY G 726 -60.26 -30.50 80.10
C GLY G 726 -58.78 -30.46 79.79
N HIS G 727 -58.34 -29.35 79.21
CA HIS G 727 -56.92 -29.14 78.97
C HIS G 727 -56.17 -29.20 80.30
N HIS G 728 -55.02 -29.86 80.29
CA HIS G 728 -54.25 -30.05 81.51
C HIS G 728 -52.77 -30.15 81.17
N SER G 729 -51.93 -29.86 82.17
CA SER G 729 -50.49 -29.94 82.02
C SER G 729 -50.03 -31.37 82.29
N PHE G 730 -48.72 -31.58 82.19
CA PHE G 730 -48.10 -32.87 82.48
C PHE G 730 -47.54 -32.95 83.89
N GLU G 731 -47.68 -31.89 84.70
CA GLU G 731 -47.04 -31.80 86.00
C GLU G 731 -47.95 -32.36 87.09
N ASP G 732 -47.32 -32.94 88.11
CA ASP G 732 -48.04 -33.35 89.29
C ASP G 732 -48.59 -32.14 90.02
N PHE G 733 -49.72 -32.33 90.70
CA PHE G 733 -50.36 -31.22 91.38
C PHE G 733 -49.50 -30.66 92.51
N HIS G 734 -48.66 -31.48 93.11
CA HIS G 734 -47.96 -31.12 94.35
C HIS G 734 -46.52 -30.70 94.13
N GLN G 735 -45.78 -31.38 93.26
CA GLN G 735 -44.34 -31.19 93.21
C GLN G 735 -43.91 -29.77 92.83
N PRO G 736 -44.46 -29.15 91.79
CA PRO G 736 -44.08 -27.74 91.53
C PRO G 736 -44.43 -26.81 92.67
N ILE G 737 -45.54 -27.08 93.37
CA ILE G 737 -45.97 -26.23 94.47
C ILE G 737 -44.95 -26.27 95.60
N ILE G 738 -44.36 -27.44 95.85
CA ILE G 738 -43.42 -27.55 96.97
C ILE G 738 -42.23 -26.63 96.76
N GLN G 739 -41.70 -26.60 95.53
CA GLN G 739 -40.52 -25.77 95.28
C GLN G 739 -40.88 -24.30 95.13
N MET G 740 -42.03 -23.99 94.51
CA MET G 740 -42.32 -22.61 94.16
C MET G 740 -43.17 -21.87 95.19
N TYR G 741 -43.71 -22.57 96.20
CA TYR G 741 -44.62 -21.91 97.14
C TYR G 741 -43.88 -20.87 97.98
N SER G 742 -42.66 -21.19 98.40
CA SER G 742 -41.87 -20.22 99.14
C SER G 742 -41.55 -19.00 98.28
N LYS G 743 -41.22 -19.23 97.01
CA LYS G 743 -40.96 -18.11 96.11
C LYS G 743 -42.24 -17.34 95.81
N ILE G 744 -43.37 -18.05 95.74
CA ILE G 744 -44.67 -17.37 95.59
C ILE G 744 -44.97 -16.54 96.83
N ARG G 745 -44.83 -17.14 98.01
CA ARG G 745 -45.16 -16.44 99.25
C ARG G 745 -44.16 -15.33 99.57
N ARG G 746 -43.02 -15.30 98.89
CA ARG G 746 -42.15 -14.14 98.97
C ARG G 746 -42.85 -12.88 98.48
N CYS G 747 -43.89 -13.02 97.65
CA CYS G 747 -44.72 -11.91 97.20
C CYS G 747 -46.03 -11.93 97.96
N SER G 748 -46.36 -10.82 98.61
CA SER G 748 -47.56 -10.73 99.43
C SER G 748 -48.80 -10.39 98.62
N ASN G 749 -48.67 -10.19 97.31
CA ASN G 749 -49.83 -9.87 96.46
C ASN G 749 -50.31 -11.07 95.66
N ILE G 750 -49.59 -12.19 95.68
CA ILE G 750 -50.07 -13.38 95.00
C ILE G 750 -51.07 -14.10 95.89
N VAL G 751 -52.20 -14.46 95.31
CA VAL G 751 -53.24 -15.25 95.97
C VAL G 751 -53.25 -16.62 95.32
N LEU G 752 -52.76 -17.62 96.05
CA LEU G 752 -52.57 -18.97 95.51
C LEU G 752 -53.86 -19.75 95.67
N VAL G 753 -54.40 -20.25 94.56
CA VAL G 753 -55.66 -20.98 94.53
C VAL G 753 -55.36 -22.39 94.03
N ALA G 754 -55.98 -23.37 94.66
CA ALA G 754 -55.77 -24.78 94.32
C ALA G 754 -56.89 -25.27 93.42
N GLY G 755 -56.51 -26.09 92.43
CA GLY G 755 -57.51 -26.73 91.58
C GLY G 755 -57.17 -28.15 91.21
N SER G 756 -57.77 -28.65 90.14
CA SER G 756 -57.44 -29.94 89.54
C SER G 756 -57.69 -31.08 90.54
N GLY G 757 -58.98 -31.31 90.81
CA GLY G 757 -59.41 -32.51 91.49
C GLY G 757 -60.14 -32.29 92.79
N PHE G 758 -60.86 -31.18 92.90
CA PHE G 758 -61.52 -30.79 94.13
C PHE G 758 -63.03 -30.80 93.92
N GLY G 759 -63.74 -31.50 94.81
CA GLY G 759 -65.18 -31.53 94.76
C GLY G 759 -65.86 -31.64 96.12
N SER G 760 -65.11 -31.57 97.21
CA SER G 760 -65.72 -31.79 98.52
C SER G 760 -64.89 -31.13 99.61
N ASP G 761 -65.57 -30.84 100.73
CA ASP G 761 -64.93 -30.16 101.85
C ASP G 761 -63.81 -31.01 102.45
N GLU G 762 -64.05 -32.32 102.60
CA GLU G 762 -63.06 -33.18 103.25
C GLU G 762 -61.78 -33.26 102.42
N ASP G 763 -61.90 -33.34 101.11
CA ASP G 763 -60.73 -33.44 100.25
C ASP G 763 -60.11 -32.08 99.96
N THR G 764 -60.82 -30.98 100.21
CA THR G 764 -60.28 -29.65 99.96
C THR G 764 -59.62 -29.03 101.19
N TYR G 765 -60.11 -29.35 102.39
CA TYR G 765 -59.58 -28.72 103.59
C TYR G 765 -58.08 -28.94 103.79
N PRO G 766 -57.50 -30.12 103.51
CA PRO G 766 -56.05 -30.26 103.72
C PRO G 766 -55.23 -29.25 102.93
N TYR G 767 -55.72 -28.80 101.78
CA TYR G 767 -55.00 -27.81 100.99
C TYR G 767 -55.26 -26.40 101.52
N LEU G 768 -56.48 -26.14 102.01
CA LEU G 768 -56.78 -24.84 102.59
C LEU G 768 -55.96 -24.60 103.85
N SER G 769 -55.97 -25.57 104.76
CA SER G 769 -55.25 -25.45 106.02
C SER G 769 -53.75 -25.65 105.84
N GLY G 770 -53.34 -26.45 104.85
CA GLY G 770 -51.94 -26.67 104.56
C GLY G 770 -51.36 -27.96 105.11
N TYR G 771 -52.15 -28.74 105.85
CA TYR G 771 -51.63 -29.99 106.41
C TYR G 771 -51.30 -31.03 105.34
N TRP G 772 -51.72 -30.81 104.09
CA TRP G 772 -51.41 -31.76 103.03
C TRP G 772 -49.91 -31.98 102.91
N SER G 773 -49.11 -30.94 103.20
CA SER G 773 -47.66 -31.05 103.06
C SER G 773 -47.03 -31.92 104.14
N GLU G 774 -47.76 -32.23 105.22
CA GLU G 774 -47.17 -33.06 106.26
C GLU G 774 -46.86 -34.46 105.73
N LYS G 775 -47.70 -34.97 104.82
CA LYS G 775 -47.47 -36.29 104.24
C LYS G 775 -46.21 -36.36 103.41
N PHE G 776 -45.69 -35.20 102.97
CA PHE G 776 -44.46 -35.14 102.19
C PHE G 776 -43.26 -34.75 103.05
N ASN G 777 -43.41 -34.76 104.38
CA ASN G 777 -42.35 -34.31 105.29
C ASN G 777 -41.95 -32.87 105.00
N TYR G 778 -42.95 -31.99 104.99
CA TYR G 778 -42.78 -30.57 104.77
C TYR G 778 -43.64 -29.80 105.75
N PRO G 779 -43.31 -28.54 106.02
CA PRO G 779 -44.15 -27.74 106.93
C PRO G 779 -45.49 -27.45 106.29
N PRO G 780 -46.49 -27.04 107.07
CA PRO G 780 -47.81 -26.80 106.48
C PRO G 780 -47.75 -25.70 105.42
N MET G 781 -48.52 -25.89 104.35
CA MET G 781 -48.51 -25.01 103.19
C MET G 781 -49.95 -24.68 102.83
N PRO G 782 -50.60 -23.81 103.62
CA PRO G 782 -52.00 -23.48 103.34
C PRO G 782 -52.17 -22.78 102.00
N PHE G 783 -53.30 -23.04 101.36
CA PHE G 783 -53.69 -22.39 100.11
C PHE G 783 -54.69 -21.29 100.42
N ASP G 784 -54.68 -20.24 99.60
CA ASP G 784 -55.60 -19.13 99.80
C ASP G 784 -57.00 -19.41 99.28
N GLY G 785 -57.18 -20.40 98.41
CA GLY G 785 -58.50 -20.69 97.89
C GLY G 785 -58.49 -21.97 97.09
N VAL G 786 -59.69 -22.39 96.70
CA VAL G 786 -59.91 -23.61 95.93
C VAL G 786 -60.83 -23.28 94.76
N LEU G 787 -60.42 -23.66 93.55
CA LEU G 787 -61.25 -23.52 92.36
C LEU G 787 -61.85 -24.88 92.00
N PHE G 788 -63.11 -24.87 91.57
CA PHE G 788 -63.84 -26.08 91.22
C PHE G 788 -64.21 -26.05 89.75
N GLY G 789 -63.87 -27.13 89.05
CA GLY G 789 -64.13 -27.27 87.63
C GLY G 789 -65.17 -28.34 87.36
N SER G 790 -64.70 -29.56 87.08
CA SER G 790 -65.57 -30.68 86.76
C SER G 790 -66.67 -30.93 87.78
N ARG G 791 -66.51 -30.46 89.02
CA ARG G 791 -67.50 -30.75 90.05
C ARG G 791 -68.86 -30.14 89.71
N VAL G 792 -68.87 -28.94 89.16
CA VAL G 792 -70.10 -28.17 88.98
C VAL G 792 -70.68 -28.35 87.58
N MET G 793 -70.22 -29.35 86.82
CA MET G 793 -70.82 -29.59 85.51
C MET G 793 -72.17 -30.29 85.62
N THR G 794 -72.37 -31.08 86.68
CA THR G 794 -73.64 -31.76 86.89
C THR G 794 -74.67 -30.90 87.61
N SER G 795 -74.43 -29.59 87.72
CA SER G 795 -75.34 -28.73 88.45
C SER G 795 -76.62 -28.52 87.65
N LYS G 796 -77.68 -28.09 88.34
CA LYS G 796 -78.96 -27.85 87.68
C LYS G 796 -78.85 -26.76 86.63
N GLU G 797 -78.13 -25.69 86.95
CA GLU G 797 -78.08 -24.54 86.05
C GLU G 797 -77.14 -24.77 84.87
N SER G 798 -76.25 -25.75 84.96
CA SER G 798 -75.38 -26.05 83.83
C SER G 798 -76.19 -26.55 82.64
N HIS G 799 -75.81 -26.10 81.45
CA HIS G 799 -76.52 -26.45 80.23
C HIS G 799 -76.09 -27.80 79.66
N THR G 800 -75.21 -28.52 80.35
CA THR G 800 -74.81 -29.84 79.89
C THR G 800 -76.02 -30.75 79.81
N SER G 801 -76.04 -31.62 78.80
CA SER G 801 -77.20 -32.46 78.55
C SER G 801 -77.43 -33.41 79.72
N LEU G 802 -78.68 -33.81 79.89
CA LEU G 802 -79.04 -34.70 81.00
C LEU G 802 -78.31 -36.03 80.88
N ALA G 803 -78.23 -36.57 79.66
CA ALA G 803 -77.50 -37.81 79.45
C ALA G 803 -76.02 -37.65 79.75
N ALA G 804 -75.45 -36.49 79.39
CA ALA G 804 -74.05 -36.22 79.72
C ALA G 804 -73.86 -36.18 81.24
N LYS G 805 -74.79 -35.58 81.96
CA LYS G 805 -74.70 -35.57 83.43
C LYS G 805 -74.79 -36.99 83.99
N LYS G 806 -75.68 -37.81 83.45
CA LYS G 806 -75.79 -39.18 83.93
C LYS G 806 -74.49 -39.94 83.67
N LEU G 807 -73.89 -39.73 82.50
CA LEU G 807 -72.62 -40.40 82.20
C LEU G 807 -71.50 -39.90 83.11
N ILE G 808 -71.53 -38.60 83.43
CA ILE G 808 -70.56 -38.04 84.36
C ILE G 808 -70.68 -38.72 85.72
N VAL G 809 -71.91 -38.87 86.21
CA VAL G 809 -72.12 -39.53 87.49
C VAL G 809 -71.71 -41.00 87.40
N GLU G 810 -71.95 -41.64 86.27
CA GLU G 810 -71.54 -43.02 86.08
C GLU G 810 -70.02 -43.17 86.12
N CYS G 811 -69.29 -42.16 85.65
CA CYS G 811 -67.83 -42.18 85.74
C CYS G 811 -67.43 -42.16 87.22
N LYS G 812 -66.67 -43.18 87.64
CA LYS G 812 -66.32 -43.30 89.05
C LYS G 812 -65.13 -42.44 89.43
N GLY G 813 -64.21 -42.20 88.51
CA GLY G 813 -62.99 -41.47 88.82
C GLY G 813 -61.97 -42.34 89.52
N VAL G 814 -60.88 -41.71 89.93
CA VAL G 814 -59.79 -42.40 90.63
C VAL G 814 -59.11 -41.43 91.59
N PRO G 815 -58.35 -41.96 92.55
CA PRO G 815 -57.52 -41.07 93.38
C PRO G 815 -56.34 -40.50 92.61
N ASP G 816 -55.55 -39.66 93.26
CA ASP G 816 -54.44 -38.98 92.57
C ASP G 816 -53.31 -39.93 92.21
N GLN G 817 -53.21 -41.07 92.89
CA GLN G 817 -52.06 -41.95 92.65
C GLN G 817 -52.07 -42.57 91.25
N GLN G 818 -53.22 -42.61 90.57
CA GLN G 818 -53.31 -43.24 89.26
C GLN G 818 -54.17 -42.41 88.30
N TRP G 819 -54.03 -41.09 88.34
CA TRP G 819 -54.68 -40.26 87.32
C TRP G 819 -53.87 -40.20 86.04
N GLU G 820 -52.57 -40.49 86.09
CA GLU G 820 -51.71 -40.34 84.92
C GLU G 820 -51.86 -41.48 83.92
N GLN G 821 -52.43 -42.61 84.34
CA GLN G 821 -52.65 -43.73 83.43
C GLN G 821 -53.87 -43.50 82.52
N THR G 822 -54.46 -42.30 82.53
CA THR G 822 -55.42 -41.94 81.50
C THR G 822 -54.77 -41.89 80.12
N TYR G 823 -53.47 -41.61 80.08
CA TYR G 823 -52.79 -41.44 78.79
C TYR G 823 -52.78 -42.72 77.97
N LYS G 824 -52.83 -43.88 78.62
CA LYS G 824 -52.72 -45.17 77.94
C LYS G 824 -54.06 -45.87 77.80
N LYS G 825 -54.93 -45.76 78.78
CA LYS G 825 -56.22 -46.44 78.80
C LYS G 825 -57.19 -45.61 79.62
N PRO G 826 -58.49 -45.90 79.54
CA PRO G 826 -59.45 -45.15 80.34
C PRO G 826 -59.21 -45.34 81.83
N THR G 827 -59.55 -44.31 82.60
CA THR G 827 -59.36 -44.32 84.05
C THR G 827 -60.64 -43.79 84.68
N GLY G 828 -61.45 -44.69 85.23
CA GLY G 828 -62.74 -44.30 85.78
C GLY G 828 -63.65 -43.67 84.76
N GLY G 829 -63.59 -44.13 83.50
CA GLY G 829 -64.38 -43.57 82.44
C GLY G 829 -63.83 -42.31 81.81
N ILE G 830 -62.57 -41.95 82.09
CA ILE G 830 -61.95 -40.73 81.58
C ILE G 830 -60.61 -41.09 80.97
N ILE G 831 -60.31 -40.52 79.81
CA ILE G 831 -59.11 -40.82 79.04
C ILE G 831 -58.55 -39.52 78.51
N THR G 832 -57.24 -39.49 78.27
CA THR G 832 -56.60 -38.33 77.67
C THR G 832 -56.51 -38.49 76.16
N VAL G 833 -56.88 -37.43 75.44
CA VAL G 833 -56.76 -37.36 74.00
C VAL G 833 -55.91 -36.14 73.65
N ARG G 834 -55.56 -36.03 72.37
CA ARG G 834 -54.72 -34.94 71.88
C ARG G 834 -55.55 -33.98 71.05
N SER G 835 -55.37 -32.69 71.31
CA SER G 835 -56.15 -31.66 70.63
C SER G 835 -55.63 -31.46 69.20
N GLU G 836 -56.20 -30.47 68.52
CA GLU G 836 -55.63 -30.02 67.25
C GLU G 836 -54.31 -29.29 67.45
N MET G 837 -54.10 -28.68 68.61
CA MET G 837 -52.88 -27.95 68.91
C MET G 837 -51.80 -28.82 69.53
N GLY G 838 -52.08 -30.10 69.79
CA GLY G 838 -51.12 -31.00 70.38
C GLY G 838 -51.13 -31.03 71.90
N GLU G 839 -52.02 -30.30 72.56
CA GLU G 839 -52.11 -30.34 74.01
C GLU G 839 -53.02 -31.49 74.45
N PRO G 840 -52.83 -32.02 75.66
CA PRO G 840 -53.70 -33.11 76.12
C PRO G 840 -54.98 -32.59 76.77
N ILE G 841 -56.07 -33.31 76.51
CA ILE G 841 -57.39 -32.99 77.03
C ILE G 841 -57.95 -34.23 77.71
N HIS G 842 -58.46 -34.06 78.92
CA HIS G 842 -59.15 -35.13 79.63
C HIS G 842 -60.61 -35.14 79.20
N LYS G 843 -61.08 -36.28 78.70
CA LYS G 843 -62.45 -36.40 78.22
C LYS G 843 -63.02 -37.74 78.65
N ILE G 844 -64.35 -37.77 78.86
CA ILE G 844 -64.99 -39.02 79.23
C ILE G 844 -64.78 -40.04 78.12
N ALA G 845 -64.55 -41.30 78.52
CA ALA G 845 -64.23 -42.37 77.58
C ALA G 845 -65.49 -42.85 76.86
N THR G 846 -66.08 -41.94 76.08
CA THR G 846 -67.18 -42.29 75.20
C THR G 846 -66.65 -42.92 73.92
N ARG G 847 -67.56 -43.43 73.10
CA ARG G 847 -67.13 -44.08 71.86
C ARG G 847 -66.45 -43.09 70.91
N GLY G 848 -66.98 -41.87 70.83
CA GLY G 848 -66.33 -40.86 70.02
C GLY G 848 -64.93 -40.52 70.52
N VAL G 849 -64.77 -40.45 71.84
CA VAL G 849 -63.44 -40.17 72.40
C VAL G 849 -62.50 -41.35 72.18
N MET G 850 -63.02 -42.58 72.23
CA MET G 850 -62.22 -43.74 71.86
C MET G 850 -61.69 -43.63 70.45
N PHE G 851 -62.58 -43.32 69.50
CA PHE G 851 -62.11 -43.18 68.12
C PHE G 851 -61.15 -42.02 67.98
N TRP G 852 -61.37 -40.94 68.75
CA TRP G 852 -60.40 -39.85 68.77
C TRP G 852 -59.02 -40.37 69.18
N LYS G 853 -58.97 -41.17 70.24
CA LYS G 853 -57.69 -41.71 70.71
C LYS G 853 -57.05 -42.61 69.65
N GLU G 854 -57.86 -43.44 68.99
CA GLU G 854 -57.33 -44.31 67.93
C GLU G 854 -56.73 -43.47 66.82
N LEU G 855 -57.41 -42.40 66.41
CA LEU G 855 -56.88 -41.58 65.33
C LEU G 855 -55.63 -40.82 65.76
N ASP G 856 -55.54 -40.42 67.04
CA ASP G 856 -54.29 -39.84 67.50
C ASP G 856 -53.15 -40.85 67.44
N ASP G 857 -53.42 -42.08 67.85
CA ASP G 857 -52.36 -43.09 67.90
C ASP G 857 -51.96 -43.61 66.52
N THR G 858 -52.84 -43.56 65.53
CA THR G 858 -52.58 -44.23 64.24
C THR G 858 -52.61 -43.31 63.02
N ILE G 859 -53.14 -42.09 63.11
CA ILE G 859 -53.32 -41.23 61.95
C ILE G 859 -52.62 -39.89 62.16
N PHE G 860 -53.04 -39.15 63.19
CA PHE G 860 -52.58 -37.77 63.34
C PHE G 860 -51.14 -37.69 63.81
N ASN G 861 -50.61 -38.75 64.44
CA ASN G 861 -49.21 -38.77 64.81
C ASN G 861 -48.28 -38.97 63.62
N LEU G 862 -48.81 -39.39 62.47
CA LEU G 862 -48.00 -39.64 61.29
C LEU G 862 -47.61 -38.33 60.62
N PRO G 863 -46.52 -38.32 59.84
CA PRO G 863 -46.16 -37.10 59.12
C PRO G 863 -47.14 -36.81 57.99
N LYS G 864 -47.10 -35.56 57.52
CA LYS G 864 -48.03 -35.13 56.49
C LYS G 864 -47.83 -35.92 55.20
N ASN G 865 -46.57 -36.19 54.83
CA ASN G 865 -46.30 -36.90 53.58
C ASN G 865 -46.84 -38.32 53.60
N LYS G 866 -47.09 -38.89 54.77
CA LYS G 866 -47.64 -40.23 54.92
C LYS G 866 -49.12 -40.23 55.26
N LEU G 867 -49.64 -39.09 55.73
CA LEU G 867 -51.02 -39.03 56.22
C LEU G 867 -52.03 -39.37 55.14
N LEU G 868 -51.84 -38.85 53.93
CA LEU G 868 -52.81 -39.09 52.85
C LEU G 868 -52.90 -40.58 52.54
N ASP G 869 -51.76 -41.26 52.45
CA ASP G 869 -51.77 -42.67 52.13
C ASP G 869 -52.36 -43.48 53.28
N ALA G 870 -52.06 -43.09 54.52
CA ALA G 870 -52.64 -43.79 55.67
C ALA G 870 -54.15 -43.66 55.67
N LEU G 871 -54.67 -42.46 55.39
CA LEU G 871 -56.11 -42.27 55.34
C LEU G 871 -56.72 -43.08 54.20
N ASN G 872 -56.06 -43.11 53.05
CA ASN G 872 -56.57 -43.91 51.93
C ASN G 872 -56.64 -45.38 52.31
N LYS G 873 -55.62 -45.87 53.02
CA LYS G 873 -55.62 -47.27 53.44
C LYS G 873 -56.76 -47.55 54.42
N LYS G 874 -56.96 -46.66 55.40
CA LYS G 874 -58.00 -46.84 56.41
C LYS G 874 -59.28 -46.09 56.07
N ARG G 875 -59.55 -45.92 54.78
CA ARG G 875 -60.69 -45.11 54.34
C ARG G 875 -62.00 -45.68 54.85
N ASP G 876 -62.25 -46.97 54.61
CA ASP G 876 -63.55 -47.56 54.97
C ASP G 876 -63.76 -47.55 56.48
N HIS G 877 -62.72 -47.90 57.24
CA HIS G 877 -62.86 -48.02 58.68
C HIS G 877 -63.18 -46.67 59.31
N ILE G 878 -62.51 -45.62 58.85
CA ILE G 878 -62.73 -44.28 59.40
C ILE G 878 -64.17 -43.84 59.14
N ILE G 879 -64.66 -44.05 57.92
CA ILE G 879 -66.03 -43.64 57.59
C ILE G 879 -67.04 -44.43 58.41
N LYS G 880 -66.84 -45.75 58.51
CA LYS G 880 -67.77 -46.57 59.26
C LYS G 880 -67.86 -46.12 60.72
N LYS G 881 -66.70 -45.88 61.34
CA LYS G 881 -66.71 -45.49 62.74
C LYS G 881 -67.11 -44.03 62.93
N LEU G 882 -66.93 -43.18 61.93
CA LEU G 882 -67.46 -41.82 62.02
C LEU G 882 -68.98 -41.84 62.00
N ASN G 883 -69.58 -42.68 61.15
CA ASN G 883 -71.03 -42.82 61.14
C ASN G 883 -71.57 -43.49 62.39
N ASN G 884 -70.84 -44.45 62.97
CA ASN G 884 -71.36 -45.22 64.09
C ASN G 884 -71.08 -44.60 65.45
N ASP G 885 -69.90 -44.02 65.68
CA ASP G 885 -69.45 -43.69 67.03
C ASP G 885 -69.12 -42.22 67.24
N PHE G 886 -68.76 -41.46 66.20
CA PHE G 886 -68.31 -40.09 66.39
C PHE G 886 -69.45 -39.10 66.15
N GLN G 887 -69.35 -37.95 66.83
CA GLN G 887 -70.38 -36.92 66.74
C GLN G 887 -70.47 -36.30 65.35
N LYS G 888 -69.43 -36.44 64.53
CA LYS G 888 -69.38 -35.87 63.19
C LYS G 888 -69.45 -36.98 62.17
N PRO G 889 -70.63 -37.40 61.71
CA PRO G 889 -70.70 -38.51 60.77
C PRO G 889 -70.13 -38.15 59.41
N TRP G 890 -69.94 -39.18 58.59
CA TRP G 890 -69.55 -38.97 57.20
C TRP G 890 -70.72 -38.32 56.46
N PHE G 891 -70.43 -37.22 55.76
CA PHE G 891 -71.49 -36.52 55.04
C PHE G 891 -72.01 -37.38 53.89
N GLY G 892 -71.12 -38.06 53.17
CA GLY G 892 -71.52 -38.85 52.02
C GLY G 892 -72.53 -39.91 52.36
N LYS G 893 -73.77 -39.73 51.88
CA LYS G 893 -74.83 -40.70 52.10
C LYS G 893 -75.88 -40.59 51.01
N ASN G 894 -75.85 -41.50 50.04
CA ASN G 894 -76.83 -41.55 48.96
C ASN G 894 -77.83 -42.67 49.23
N ALA G 895 -78.74 -42.89 48.28
CA ALA G 895 -79.75 -43.91 48.45
C ALA G 895 -79.13 -45.30 48.59
N ASN G 896 -78.06 -45.55 47.86
CA ASN G 896 -77.37 -46.84 47.97
C ASN G 896 -76.79 -47.02 49.37
N GLY G 897 -76.22 -45.97 49.94
CA GLY G 897 -75.63 -46.04 51.26
C GLY G 897 -74.61 -44.93 51.45
N VAL G 898 -73.65 -45.18 52.33
CA VAL G 898 -72.57 -44.23 52.53
C VAL G 898 -71.70 -44.20 51.27
N CYS G 899 -71.24 -43.01 50.91
CA CYS G 899 -70.55 -42.81 49.65
C CYS G 899 -69.56 -41.66 49.81
N ASP G 900 -69.04 -41.18 48.69
CA ASP G 900 -68.26 -39.96 48.63
C ASP G 900 -69.18 -38.78 48.29
N LEU G 901 -68.62 -37.57 48.35
CA LEU G 901 -69.39 -36.40 47.98
C LEU G 901 -69.79 -36.44 46.52
N GLN G 902 -68.86 -36.83 45.65
CA GLN G 902 -69.12 -36.81 44.21
C GLN G 902 -70.20 -37.79 43.79
N GLU G 903 -70.50 -38.79 44.62
CA GLU G 903 -71.56 -39.75 44.32
C GLU G 903 -72.91 -39.33 44.89
N MET G 904 -73.09 -38.05 45.19
CA MET G 904 -74.35 -37.50 45.67
C MET G 904 -74.97 -36.59 44.63
N THR G 905 -76.29 -36.59 44.55
CA THR G 905 -76.99 -35.58 43.78
C THR G 905 -77.12 -34.31 44.62
N TYR G 906 -77.45 -33.21 43.94
CA TYR G 906 -77.60 -31.94 44.64
C TYR G 906 -78.75 -31.99 45.64
N LYS G 907 -79.85 -32.63 45.27
CA LYS G 907 -80.94 -32.84 46.23
C LYS G 907 -80.46 -33.68 47.41
N GLU G 908 -79.67 -34.72 47.14
CA GLU G 908 -79.14 -35.54 48.23
C GLU G 908 -78.24 -34.72 49.15
N VAL G 909 -77.38 -33.88 48.58
CA VAL G 909 -76.47 -33.06 49.39
C VAL G 909 -77.28 -32.08 50.22
N ALA G 910 -78.27 -31.43 49.62
CA ALA G 910 -79.08 -30.46 50.35
C ALA G 910 -79.86 -31.13 51.47
N ASN G 911 -80.46 -32.29 51.18
CA ASN G 911 -81.21 -33.01 52.20
C ASN G 911 -80.31 -33.44 53.33
N ARG G 912 -79.09 -33.88 53.02
CA ARG G 912 -78.14 -34.27 54.06
C ARG G 912 -77.73 -33.06 54.90
N LEU G 913 -77.53 -31.91 54.26
CA LEU G 913 -77.22 -30.70 55.02
C LEU G 913 -78.35 -30.33 55.98
N VAL G 914 -79.59 -30.40 55.50
CA VAL G 914 -80.72 -30.11 56.38
C VAL G 914 -80.82 -31.15 57.49
N GLU G 915 -80.50 -32.41 57.16
CA GLU G 915 -80.57 -33.47 58.16
C GLU G 915 -79.56 -33.25 59.28
N LEU G 916 -78.34 -32.84 58.93
CA LEU G 916 -77.24 -32.77 59.89
C LEU G 916 -77.08 -31.40 60.53
N MET G 917 -77.71 -30.35 59.98
CA MET G 917 -77.52 -28.99 60.48
C MET G 917 -78.80 -28.35 61.00
N TYR G 918 -79.96 -28.95 60.76
CA TYR G 918 -81.24 -28.46 61.23
C TYR G 918 -81.86 -29.50 62.15
N VAL G 919 -82.45 -29.03 63.25
CA VAL G 919 -82.97 -29.93 64.28
C VAL G 919 -84.48 -30.03 64.09
N LYS G 920 -84.96 -31.24 63.77
CA LYS G 920 -86.38 -31.45 63.60
C LYS G 920 -87.13 -31.27 64.91
N LYS G 921 -86.58 -31.79 66.01
CA LYS G 921 -87.30 -31.78 67.28
C LYS G 921 -87.58 -30.36 67.74
N SER G 922 -86.59 -29.49 67.67
CA SER G 922 -86.73 -28.10 68.12
C SER G 922 -87.12 -27.13 67.02
N HIS G 923 -87.08 -27.56 65.76
CA HIS G 923 -87.44 -26.71 64.63
C HIS G 923 -86.56 -25.47 64.59
N ARG G 924 -85.25 -25.69 64.65
CA ARG G 924 -84.27 -24.61 64.69
C ARG G 924 -83.01 -25.08 63.98
N TRP G 925 -82.15 -24.13 63.66
CA TRP G 925 -80.84 -24.42 63.08
C TRP G 925 -79.79 -24.51 64.19
N ILE G 926 -78.78 -25.34 63.96
CA ILE G 926 -77.68 -25.43 64.91
C ILE G 926 -76.99 -24.08 65.04
N ASP G 927 -76.76 -23.40 63.93
CA ASP G 927 -76.12 -22.10 63.95
C ASP G 927 -76.50 -21.33 62.69
N VAL G 928 -76.66 -20.01 62.85
CA VAL G 928 -77.01 -19.17 61.71
C VAL G 928 -75.90 -19.17 60.68
N SER G 929 -74.65 -19.38 61.11
CA SER G 929 -73.57 -19.52 60.14
C SER G 929 -73.75 -20.78 59.30
N LEU G 930 -74.23 -21.85 59.91
CA LEU G 930 -74.51 -23.07 59.15
C LEU G 930 -75.71 -22.86 58.22
N ARG G 931 -76.70 -22.11 58.67
CA ARG G 931 -77.81 -21.74 57.79
C ARG G 931 -77.30 -20.94 56.60
N ASN G 932 -76.34 -20.04 56.84
CA ASN G 932 -75.75 -19.27 55.74
C ASN G 932 -74.97 -20.18 54.81
N MET G 933 -74.29 -21.19 55.35
CA MET G 933 -73.60 -22.16 54.50
C MET G 933 -74.59 -22.91 53.61
N TYR G 934 -75.71 -23.33 54.18
CA TYR G 934 -76.76 -23.97 53.39
C TYR G 934 -77.25 -23.04 52.30
N GLY G 935 -77.46 -21.76 52.65
CA GLY G 935 -77.89 -20.80 51.67
C GLY G 935 -76.90 -20.62 50.53
N ASP G 936 -75.61 -20.54 50.86
CA ASP G 936 -74.59 -20.39 49.82
C ASP G 936 -74.52 -21.62 48.93
N PHE G 937 -74.68 -22.81 49.51
CA PHE G 937 -74.70 -24.01 48.67
C PHE G 937 -75.90 -23.99 47.73
N LEU G 938 -77.07 -23.58 48.24
CA LEU G 938 -78.23 -23.48 47.36
C LEU G 938 -78.03 -22.42 46.29
N ARG G 939 -77.34 -21.32 46.62
CA ARG G 939 -76.97 -20.34 45.61
C ARG G 939 -76.16 -21.00 44.51
N ARG G 940 -75.17 -21.80 44.89
CA ARG G 940 -74.38 -22.50 43.88
C ARG G 940 -75.24 -23.43 43.04
N VAL G 941 -76.18 -24.13 43.67
CA VAL G 941 -77.03 -25.07 42.92
C VAL G 941 -77.86 -24.32 41.89
N GLU G 942 -78.51 -23.23 42.29
CA GLU G 942 -79.33 -22.48 41.34
C GLU G 942 -78.48 -21.86 40.23
N GLU G 943 -77.30 -21.34 40.58
CA GLU G 943 -76.42 -20.80 39.56
C GLU G 943 -75.99 -21.87 38.58
N ARG G 944 -75.70 -23.08 39.09
CA ARG G 944 -75.29 -24.18 38.22
C ARG G 944 -76.40 -24.57 37.27
N PHE G 945 -77.63 -24.62 37.77
CA PHE G 945 -78.75 -25.15 36.99
C PHE G 945 -79.59 -24.07 36.34
N THR G 946 -79.13 -22.83 36.33
CA THR G 946 -79.72 -21.77 35.51
C THR G 946 -78.67 -21.26 34.54
N SER G 947 -79.05 -21.11 33.28
CA SER G 947 -78.17 -20.64 32.22
C SER G 947 -78.55 -19.27 31.68
N SER G 948 -79.74 -18.77 31.99
CA SER G 948 -80.21 -17.48 31.49
C SER G 948 -79.93 -16.40 32.54
N ALA G 949 -79.45 -15.26 32.08
CA ALA G 949 -79.26 -14.12 32.96
C ALA G 949 -80.60 -13.44 33.24
N GLY G 950 -80.60 -12.56 34.24
CA GLY G 950 -81.81 -11.86 34.63
C GLY G 950 -82.90 -12.77 35.15
N THR G 951 -82.52 -13.79 35.92
CA THR G 951 -83.47 -14.71 36.55
C THR G 951 -83.52 -14.41 38.04
N VAL G 952 -84.73 -14.41 38.60
CA VAL G 952 -84.91 -14.11 40.01
C VAL G 952 -84.53 -15.34 40.83
N SER G 953 -83.65 -15.13 41.82
CA SER G 953 -83.27 -16.21 42.71
C SER G 953 -84.45 -16.61 43.59
N LEU G 954 -84.65 -17.92 43.75
CA LEU G 954 -85.68 -18.39 44.67
C LEU G 954 -85.38 -17.94 46.10
N LEU G 955 -84.11 -17.94 46.47
CA LEU G 955 -83.67 -17.52 47.80
C LEU G 955 -83.26 -16.06 47.70
N GLN G 956 -84.16 -15.18 48.15
CA GLN G 956 -83.83 -13.75 48.16
C GLN G 956 -83.06 -13.38 49.42
N ASN G 957 -83.47 -13.91 50.57
CA ASN G 957 -82.79 -13.69 51.82
C ASN G 957 -82.71 -15.02 52.57
N PHE G 958 -81.61 -15.22 53.29
CA PHE G 958 -81.38 -16.49 53.97
C PHE G 958 -82.36 -16.72 55.10
N ASN G 959 -83.14 -15.71 55.52
CA ASN G 959 -84.17 -15.93 56.53
C ASN G 959 -85.25 -16.90 56.05
N GLN G 960 -85.36 -17.13 54.74
CA GLN G 960 -86.27 -18.15 54.22
C GLN G 960 -85.83 -19.56 54.58
N LEU G 961 -84.60 -19.74 55.05
CA LEU G 961 -84.06 -21.05 55.39
C LEU G 961 -84.32 -21.44 56.83
N ASN G 962 -84.96 -20.58 57.63
CA ASN G 962 -85.31 -20.96 58.98
C ASN G 962 -86.37 -22.08 59.01
N GLU G 963 -87.04 -22.31 57.89
CA GLU G 963 -87.93 -23.46 57.70
C GLU G 963 -87.50 -24.13 56.41
N PRO G 964 -86.37 -24.86 56.42
CA PRO G 964 -85.71 -25.20 55.16
C PRO G 964 -86.28 -26.41 54.44
N GLU G 965 -87.05 -27.26 55.11
CA GLU G 965 -87.57 -28.46 54.44
C GLU G 965 -88.51 -28.09 53.30
N GLN G 966 -89.48 -27.23 53.56
CA GLN G 966 -90.40 -26.81 52.51
C GLN G 966 -89.67 -25.97 51.46
N PHE G 967 -88.73 -25.13 51.88
CA PHE G 967 -87.95 -24.38 50.90
C PHE G 967 -87.12 -25.31 50.05
N THR G 968 -86.54 -26.36 50.65
CA THR G 968 -85.80 -27.33 49.86
C THR G 968 -86.72 -28.03 48.86
N ALA G 969 -87.93 -28.37 49.29
CA ALA G 969 -88.88 -29.00 48.40
C ALA G 969 -89.22 -28.10 47.22
N ASP G 970 -89.49 -26.82 47.48
CA ASP G 970 -89.77 -25.89 46.38
C ASP G 970 -88.57 -25.71 45.48
N PHE G 971 -87.38 -25.59 46.06
CA PHE G 971 -86.16 -25.39 45.29
C PHE G 971 -85.92 -26.54 44.32
N PHE G 972 -86.05 -27.78 44.80
CA PHE G 972 -85.79 -28.93 43.95
C PHE G 972 -87.02 -29.41 43.20
N GLU G 973 -88.17 -28.78 43.42
CA GLU G 973 -89.26 -28.84 42.46
C GLU G 973 -89.02 -27.92 41.28
N LYS G 974 -88.42 -26.75 41.52
CA LYS G 974 -88.03 -25.87 40.42
C LYS G 974 -86.86 -26.43 39.63
N PHE G 975 -85.89 -27.05 40.32
CA PHE G 975 -84.73 -27.66 39.68
C PHE G 975 -84.81 -29.18 39.83
N PRO G 976 -85.71 -29.83 39.08
CA PRO G 976 -85.78 -31.30 39.15
C PRO G 976 -84.51 -31.98 38.69
N GLN G 977 -83.80 -31.39 37.73
CA GLN G 977 -82.55 -31.98 37.25
C GLN G 977 -81.49 -32.04 38.34
N ALA G 978 -81.59 -31.18 39.35
CA ALA G 978 -80.62 -31.19 40.44
C ALA G 978 -80.67 -32.50 41.22
N GLY G 979 -81.85 -33.03 41.44
CA GLY G 979 -81.99 -34.31 42.12
C GLY G 979 -81.61 -35.51 41.29
N LYS G 980 -81.34 -35.31 39.99
CA LYS G 980 -80.90 -36.37 39.11
C LYS G 980 -79.42 -36.32 38.78
N GLN G 981 -78.81 -35.14 38.83
CA GLN G 981 -77.41 -34.94 38.47
C GLN G 981 -76.54 -35.02 39.71
N LEU G 982 -75.43 -35.76 39.61
CA LEU G 982 -74.47 -35.81 40.71
C LEU G 982 -73.78 -34.46 40.86
N ILE G 983 -73.26 -34.21 42.07
CA ILE G 983 -72.63 -32.93 42.34
C ILE G 983 -71.33 -32.84 41.55
N SER G 984 -71.18 -31.75 40.81
CA SER G 984 -69.99 -31.56 40.00
C SER G 984 -68.75 -31.42 40.88
N GLU G 985 -67.58 -31.55 40.27
CA GLU G 985 -66.34 -31.38 41.01
C GLU G 985 -66.16 -29.93 41.44
N GLU G 986 -66.59 -28.98 40.60
CA GLU G 986 -66.55 -27.57 40.98
C GLU G 986 -67.35 -27.34 42.26
N ASP G 987 -68.56 -27.89 42.31
CA ASP G 987 -69.42 -27.69 43.47
C ASP G 987 -68.96 -28.52 44.67
N CYS G 988 -68.28 -29.65 44.43
CA CYS G 988 -67.67 -30.38 45.54
C CYS G 988 -66.57 -29.54 46.20
N ASP G 989 -65.72 -28.93 45.38
CA ASP G 989 -64.69 -28.05 45.92
C ASP G 989 -65.31 -26.86 46.63
N TYR G 990 -66.37 -26.28 46.05
CA TYR G 990 -67.05 -25.17 46.70
C TYR G 990 -67.65 -25.60 48.04
N PHE G 991 -68.21 -26.81 48.09
CA PHE G 991 -68.78 -27.34 49.33
C PHE G 991 -67.70 -27.50 50.38
N LEU G 992 -66.54 -28.03 49.98
CA LEU G 992 -65.46 -28.21 50.95
C LEU G 992 -64.93 -26.87 51.44
N MET G 993 -64.98 -25.84 50.59
CA MET G 993 -64.56 -24.51 51.03
C MET G 993 -65.57 -23.86 51.96
N LEU G 994 -66.87 -24.06 51.70
CA LEU G 994 -67.89 -23.58 52.62
C LEU G 994 -67.85 -24.33 53.94
N ALA G 995 -67.51 -25.61 53.94
CA ALA G 995 -67.37 -26.36 55.18
C ALA G 995 -66.21 -25.88 56.04
N ALA G 996 -65.30 -25.09 55.48
CA ALA G 996 -64.14 -24.58 56.21
C ALA G 996 -64.01 -23.06 56.12
N ARG G 997 -65.08 -22.37 55.74
CA ARG G 997 -65.05 -20.91 55.72
C ARG G 997 -64.70 -20.38 57.11
N PRO G 998 -63.77 -19.43 57.25
CA PRO G 998 -63.50 -18.86 58.56
C PRO G 998 -64.65 -17.97 59.04
N GLY G 999 -64.72 -17.80 60.36
CA GLY G 999 -65.81 -17.06 60.95
C GLY G 999 -67.12 -17.80 60.99
N GLN G 1000 -67.10 -19.11 60.81
CA GLN G 1000 -68.29 -19.95 60.76
C GLN G 1000 -68.09 -21.12 61.73
N LYS G 1001 -69.19 -21.57 62.30
CA LYS G 1001 -69.13 -22.75 63.15
C LYS G 1001 -68.68 -23.94 62.31
N PRO G 1002 -67.64 -24.68 62.73
CA PRO G 1002 -67.24 -25.85 61.95
C PRO G 1002 -68.39 -26.83 61.78
N VAL G 1003 -68.51 -27.37 60.57
CA VAL G 1003 -69.70 -28.15 60.21
C VAL G 1003 -69.76 -29.39 61.09
N PRO G 1004 -70.95 -29.92 61.40
CA PRO G 1004 -71.05 -31.08 62.28
C PRO G 1004 -70.80 -32.42 61.60
N PHE G 1005 -70.14 -32.44 60.45
CA PHE G 1005 -69.82 -33.67 59.75
C PHE G 1005 -68.41 -33.61 59.19
N VAL G 1006 -67.94 -34.75 58.69
CA VAL G 1006 -66.66 -34.84 58.00
C VAL G 1006 -66.95 -35.03 56.51
N PRO G 1007 -66.60 -34.06 55.64
CA PRO G 1007 -66.93 -34.21 54.22
C PRO G 1007 -65.90 -34.98 53.41
N VAL G 1008 -64.63 -34.95 53.84
CA VAL G 1008 -63.53 -35.47 53.04
C VAL G 1008 -62.46 -36.03 53.97
N LEU G 1009 -61.75 -37.06 53.50
CA LEU G 1009 -60.56 -37.59 54.18
C LEU G 1009 -59.35 -37.11 53.39
N ASP G 1010 -58.68 -36.08 53.91
CA ASP G 1010 -57.56 -35.44 53.23
C ASP G 1010 -56.62 -34.90 54.30
N GLU G 1011 -55.72 -34.00 53.90
CA GLU G 1011 -54.85 -33.34 54.87
C GLU G 1011 -55.63 -32.53 55.89
N ARG G 1012 -56.86 -32.13 55.57
CA ARG G 1012 -57.72 -31.38 56.47
C ARG G 1012 -58.61 -32.29 57.32
N PHE G 1013 -58.36 -33.60 57.31
CA PHE G 1013 -59.21 -34.51 58.07
C PHE G 1013 -59.12 -34.23 59.56
N GLU G 1014 -57.93 -33.95 60.07
CA GLU G 1014 -57.80 -33.60 61.48
C GLU G 1014 -58.60 -32.35 61.81
N PHE G 1015 -58.52 -31.34 60.93
CA PHE G 1015 -59.28 -30.11 61.12
C PHE G 1015 -60.77 -30.40 61.22
N PHE G 1016 -61.31 -31.11 60.23
CA PHE G 1016 -62.73 -31.46 60.22
C PHE G 1016 -63.13 -32.32 61.40
N PHE G 1017 -62.26 -33.23 61.83
CA PHE G 1017 -62.57 -34.17 62.90
C PHE G 1017 -62.56 -33.52 64.28
N LYS G 1018 -61.62 -32.60 64.53
CA LYS G 1018 -61.40 -32.10 65.87
C LYS G 1018 -62.01 -30.74 66.15
N LYS G 1019 -62.13 -29.84 65.18
CA LYS G 1019 -62.56 -28.48 65.52
C LYS G 1019 -63.97 -28.49 66.10
N ASP G 1020 -64.15 -27.76 67.20
CA ASP G 1020 -65.45 -27.48 67.78
C ASP G 1020 -66.18 -28.78 68.17
N SER G 1021 -65.58 -29.49 69.11
CA SER G 1021 -66.11 -30.76 69.60
C SER G 1021 -66.69 -30.69 71.00
N LEU G 1022 -66.83 -29.49 71.55
CA LEU G 1022 -67.27 -29.33 72.95
C LEU G 1022 -68.75 -28.97 73.09
N TRP G 1023 -69.33 -28.27 72.12
CA TRP G 1023 -70.72 -27.82 72.25
C TRP G 1023 -71.70 -28.98 72.19
N GLN G 1024 -71.31 -30.10 71.58
CA GLN G 1024 -72.22 -31.23 71.45
C GLN G 1024 -72.55 -31.84 72.81
N SER G 1025 -71.65 -31.70 73.79
CA SER G 1025 -71.91 -32.22 75.12
C SER G 1025 -73.16 -31.61 75.74
N GLU G 1026 -73.47 -30.35 75.42
CA GLU G 1026 -74.71 -29.71 75.83
C GLU G 1026 -75.82 -29.92 74.81
N ASP G 1027 -75.59 -29.55 73.56
CA ASP G 1027 -76.64 -29.58 72.54
C ASP G 1027 -76.73 -30.98 71.95
N LEU G 1028 -77.31 -31.88 72.75
CA LEU G 1028 -77.41 -33.28 72.36
C LEU G 1028 -78.51 -33.54 71.34
N GLU G 1029 -79.53 -32.67 71.27
CA GLU G 1029 -80.59 -32.87 70.29
C GLU G 1029 -80.07 -32.75 68.87
N SER G 1030 -79.01 -31.97 68.66
CA SER G 1030 -78.43 -31.80 67.34
C SER G 1030 -77.51 -32.94 66.93
N VAL G 1031 -77.14 -33.81 67.86
CA VAL G 1031 -76.27 -34.94 67.55
C VAL G 1031 -77.09 -36.07 66.96
N VAL G 1032 -76.43 -36.89 66.14
CA VAL G 1032 -77.14 -37.99 65.49
C VAL G 1032 -77.62 -38.98 66.53
N ASP G 1033 -78.91 -39.33 66.46
CA ASP G 1033 -79.56 -40.26 67.37
C ASP G 1033 -79.61 -39.79 68.81
N GLU G 1034 -79.19 -38.55 69.09
CA GLU G 1034 -79.13 -38.03 70.46
C GLU G 1034 -78.31 -38.97 71.36
N ASP G 1035 -77.23 -39.50 70.80
CA ASP G 1035 -76.38 -40.45 71.51
C ASP G 1035 -75.28 -39.68 72.26
N VAL G 1036 -75.30 -39.78 73.58
CA VAL G 1036 -74.26 -39.13 74.39
C VAL G 1036 -72.91 -39.75 74.11
N GLN G 1037 -72.89 -41.03 73.73
CA GLN G 1037 -71.61 -41.71 73.49
C GLN G 1037 -70.87 -41.13 72.29
N ARG G 1038 -71.59 -40.44 71.39
CA ARG G 1038 -70.92 -39.78 70.28
C ARG G 1038 -70.23 -38.51 70.72
N THR G 1039 -70.78 -37.82 71.71
CA THR G 1039 -70.27 -36.52 72.12
C THR G 1039 -68.96 -36.64 72.89
N CYS G 1040 -68.28 -35.52 73.01
CA CYS G 1040 -67.01 -35.41 73.74
C CYS G 1040 -67.24 -34.53 74.96
N ILE G 1041 -67.07 -35.10 76.15
CA ILE G 1041 -67.36 -34.43 77.41
C ILE G 1041 -66.05 -34.34 78.19
N LEU G 1042 -65.66 -33.13 78.54
CA LEU G 1042 -64.42 -32.91 79.29
C LEU G 1042 -64.67 -33.10 80.78
N HIS G 1043 -63.84 -33.93 81.41
CA HIS G 1043 -64.03 -34.23 82.82
C HIS G 1043 -62.70 -34.62 83.44
N GLY G 1044 -62.55 -34.36 84.73
CA GLY G 1044 -61.32 -34.66 85.43
C GLY G 1044 -61.34 -36.04 86.08
N PRO G 1045 -60.29 -36.84 85.85
CA PRO G 1045 -60.31 -38.22 86.41
C PRO G 1045 -60.38 -38.26 87.92
N VAL G 1046 -59.84 -37.25 88.60
CA VAL G 1046 -59.84 -37.22 90.07
C VAL G 1046 -61.08 -36.50 90.60
N ALA G 1047 -61.51 -35.43 89.93
CA ALA G 1047 -62.72 -34.74 90.36
C ALA G 1047 -63.98 -35.56 90.09
N SER G 1048 -63.90 -36.58 89.24
CA SER G 1048 -65.08 -37.40 88.94
C SER G 1048 -65.53 -38.23 90.13
N GLN G 1049 -64.69 -38.38 91.16
CA GLN G 1049 -65.09 -39.16 92.32
C GLN G 1049 -66.25 -38.50 93.06
N TYR G 1050 -66.21 -37.19 93.19
CA TYR G 1050 -67.20 -36.44 93.96
C TYR G 1050 -68.44 -36.10 93.16
N THR G 1051 -68.46 -36.38 91.86
CA THR G 1051 -69.63 -36.12 91.01
C THR G 1051 -70.53 -37.33 91.08
N SER G 1052 -71.49 -37.30 92.01
CA SER G 1052 -72.42 -38.41 92.23
C SER G 1052 -73.88 -38.02 92.07
N LYS G 1053 -74.20 -36.72 91.99
CA LYS G 1053 -75.57 -36.24 91.89
C LYS G 1053 -75.75 -35.50 90.58
N VAL G 1054 -77.00 -35.47 90.12
CA VAL G 1054 -77.37 -34.80 88.88
C VAL G 1054 -78.28 -33.62 89.21
N ASP G 1055 -78.22 -32.60 88.36
CA ASP G 1055 -78.98 -31.35 88.47
C ASP G 1055 -79.09 -30.88 89.92
N GLU G 1056 -77.94 -30.84 90.59
CA GLU G 1056 -77.86 -30.29 91.94
C GLU G 1056 -77.64 -28.77 91.86
N PRO G 1057 -78.23 -27.94 92.72
CA PRO G 1057 -77.99 -26.50 92.61
C PRO G 1057 -76.53 -26.15 92.83
N ILE G 1058 -76.02 -25.27 91.96
CA ILE G 1058 -74.65 -24.76 92.13
C ILE G 1058 -74.50 -24.10 93.49
N GLY G 1059 -75.49 -23.30 93.88
CA GLY G 1059 -75.47 -22.69 95.19
C GLY G 1059 -75.40 -23.73 96.30
N ASP G 1060 -76.19 -24.79 96.19
CA ASP G 1060 -76.17 -25.84 97.21
C ASP G 1060 -74.81 -26.53 97.27
N ILE G 1061 -74.20 -26.79 96.11
CA ILE G 1061 -72.91 -27.46 96.11
C ILE G 1061 -71.86 -26.63 96.82
N LEU G 1062 -71.72 -25.36 96.41
CA LEU G 1062 -70.69 -24.54 97.02
C LEU G 1062 -71.03 -24.22 98.48
N ASN G 1063 -72.32 -24.08 98.81
CA ASN G 1063 -72.71 -23.85 100.19
C ASN G 1063 -72.38 -25.06 101.06
N SER G 1064 -72.58 -26.27 100.54
CA SER G 1064 -72.22 -27.47 101.30
C SER G 1064 -70.72 -27.51 101.55
N ILE G 1065 -69.92 -27.21 100.53
CA ILE G 1065 -68.47 -27.25 100.72
C ILE G 1065 -68.03 -26.19 101.74
N HIS G 1066 -68.54 -24.98 101.60
CA HIS G 1066 -68.17 -23.90 102.51
C HIS G 1066 -68.66 -24.20 103.92
N GLU G 1067 -69.85 -24.76 104.06
CA GLU G 1067 -70.39 -25.10 105.37
C GLU G 1067 -69.57 -26.20 106.02
N GLY G 1068 -69.12 -27.18 105.23
CA GLY G 1068 -68.24 -28.20 105.79
C GLY G 1068 -66.95 -27.60 106.30
N HIS G 1069 -66.34 -26.71 105.52
CA HIS G 1069 -65.12 -26.04 105.98
C HIS G 1069 -65.37 -25.26 107.26
N ILE G 1070 -66.48 -24.51 107.32
CA ILE G 1070 -66.77 -23.70 108.50
C ILE G 1070 -67.03 -24.61 109.71
N ALA G 1071 -67.79 -25.68 109.52
CA ALA G 1071 -68.18 -26.53 110.63
C ALA G 1071 -66.98 -27.29 111.17
N ARG G 1072 -66.00 -27.58 110.33
CA ARG G 1072 -64.78 -28.20 110.84
C ARG G 1072 -63.86 -27.15 111.47
N LEU G 1073 -63.84 -25.93 110.95
CA LEU G 1073 -62.98 -24.90 111.49
C LEU G 1073 -63.44 -24.46 112.88
N ILE G 1074 -64.76 -24.32 113.07
CA ILE G 1074 -65.26 -23.97 114.39
C ILE G 1074 -64.97 -25.08 115.39
N LYS G 1075 -65.01 -26.33 114.94
CA LYS G 1075 -64.71 -27.45 115.82
C LYS G 1075 -63.24 -27.46 116.22
N GLU G 1076 -62.33 -27.22 115.26
CA GLU G 1076 -60.91 -27.33 115.53
C GLU G 1076 -60.31 -26.06 116.13
N GLU G 1077 -60.36 -24.95 115.39
CA GLU G 1077 -59.73 -23.71 115.84
C GLU G 1077 -60.41 -23.11 117.06
N TYR G 1078 -61.74 -23.08 117.06
CA TYR G 1078 -62.52 -22.38 118.09
C TYR G 1078 -63.21 -23.32 119.07
N ALA G 1079 -62.88 -24.61 119.06
CA ALA G 1079 -63.37 -25.57 120.04
C ALA G 1079 -64.90 -25.67 120.03
N GLY G 1080 -65.52 -25.46 118.87
CA GLY G 1080 -66.95 -25.58 118.74
C GLY G 1080 -67.75 -24.40 119.24
N ASP G 1081 -67.10 -23.34 119.70
CA ASP G 1081 -67.78 -22.16 120.22
C ASP G 1081 -67.85 -21.10 119.13
N GLU G 1082 -69.07 -20.80 118.67
CA GLU G 1082 -69.25 -19.76 117.67
C GLU G 1082 -69.14 -18.36 118.27
N SER G 1083 -69.33 -18.22 119.58
CA SER G 1083 -69.22 -16.89 120.20
C SER G 1083 -67.79 -16.35 120.10
N LYS G 1084 -66.81 -17.24 120.03
CA LYS G 1084 -65.42 -16.81 119.88
C LYS G 1084 -65.11 -16.28 118.49
N ILE G 1085 -66.03 -16.42 117.53
CA ILE G 1085 -65.78 -15.92 116.18
C ILE G 1085 -65.65 -14.41 116.22
N PRO G 1086 -64.61 -13.81 115.62
CA PRO G 1086 -64.58 -12.34 115.55
C PRO G 1086 -65.77 -11.80 114.76
N VAL G 1087 -66.33 -10.70 115.25
CA VAL G 1087 -67.48 -10.05 114.64
C VAL G 1087 -67.01 -8.74 114.02
N VAL G 1088 -67.34 -8.56 112.74
CA VAL G 1088 -67.01 -7.35 112.00
C VAL G 1088 -68.27 -6.88 111.28
N GLU G 1089 -68.33 -5.57 111.02
CA GLU G 1089 -69.49 -5.04 110.31
C GLU G 1089 -69.57 -5.61 108.90
N TYR G 1090 -68.46 -5.64 108.18
CA TYR G 1090 -68.41 -6.19 106.84
C TYR G 1090 -67.07 -6.86 106.62
N PHE G 1091 -67.05 -7.83 105.71
CA PHE G 1091 -65.87 -8.64 105.43
C PHE G 1091 -65.50 -8.49 103.97
N GLY G 1092 -64.33 -7.91 103.72
CA GLY G 1092 -63.84 -7.74 102.36
C GLY G 1092 -63.01 -6.49 102.25
N GLY G 1093 -62.53 -6.25 101.03
CA GLY G 1093 -61.74 -5.08 100.76
C GLY G 1093 -60.39 -5.14 101.46
N LYS G 1094 -59.66 -4.02 101.34
CA LYS G 1094 -58.37 -3.92 101.99
C LYS G 1094 -58.54 -3.94 103.51
N LYS G 1095 -57.61 -4.60 104.19
CA LYS G 1095 -57.66 -4.64 105.64
C LYS G 1095 -57.49 -3.23 106.20
N PRO G 1096 -58.28 -2.85 107.22
CA PRO G 1096 -58.14 -1.48 107.76
C PRO G 1096 -56.74 -1.26 108.32
N ALA G 1097 -56.22 -0.06 108.10
CA ALA G 1097 -54.83 0.27 108.38
C ALA G 1097 -54.74 1.35 109.45
N SER G 1098 -53.70 1.25 110.28
CA SER G 1098 -53.38 2.26 111.28
C SER G 1098 -52.29 3.16 110.71
N VAL G 1099 -52.62 4.42 110.49
CA VAL G 1099 -51.73 5.38 109.85
C VAL G 1099 -51.44 6.49 110.85
N SER G 1100 -50.15 6.70 111.13
CA SER G 1100 -49.68 7.81 111.96
C SER G 1100 -48.74 8.63 111.08
N ALA G 1101 -49.28 9.69 110.48
CA ALA G 1101 -48.58 10.51 109.50
C ALA G 1101 -48.49 11.95 110.00
N THR G 1102 -47.78 12.77 109.25
CA THR G 1102 -47.68 14.20 109.50
C THR G 1102 -48.75 14.93 108.68
N SER G 1103 -48.95 16.21 109.02
CA SER G 1103 -49.92 17.06 108.33
C SER G 1103 -51.36 16.63 108.60
N VAL G 1104 -51.59 15.94 109.71
CA VAL G 1104 -52.92 15.49 110.08
C VAL G 1104 -53.36 16.22 111.35
N ASN G 1105 -52.43 16.43 112.27
CA ASN G 1105 -52.68 17.19 113.51
C ASN G 1105 -53.92 16.67 114.24
N ILE G 1106 -53.83 15.42 114.69
CA ILE G 1106 -54.97 14.74 115.30
C ILE G 1106 -55.14 15.25 116.73
N ILE G 1107 -56.35 15.66 117.07
CA ILE G 1107 -56.71 16.10 118.41
C ILE G 1107 -58.03 15.46 118.80
N ASP G 1108 -58.13 15.02 120.06
CA ASP G 1108 -59.27 14.24 120.51
C ASP G 1108 -60.39 15.15 121.01
N GLY G 1109 -61.54 14.53 121.29
CA GLY G 1109 -62.72 15.21 121.75
C GLY G 1109 -63.95 14.42 121.34
N ASN G 1110 -65.12 15.13 121.47
CA ASN G 1110 -66.37 14.54 120.99
C ASN G 1110 -66.29 14.22 119.51
N GLN G 1111 -65.53 15.02 118.75
CA GLN G 1111 -65.24 14.74 117.35
C GLN G 1111 -63.75 14.93 117.15
N VAL G 1112 -63.03 13.85 116.87
CA VAL G 1112 -61.59 13.94 116.66
C VAL G 1112 -61.34 14.73 115.38
N VAL G 1113 -60.42 15.69 115.45
CA VAL G 1113 -60.19 16.65 114.39
C VAL G 1113 -58.80 16.42 113.80
N TYR G 1114 -58.75 16.22 112.49
CA TYR G 1114 -57.51 16.15 111.72
C TYR G 1114 -57.39 17.43 110.91
N GLU G 1115 -56.31 18.16 111.10
CA GLU G 1115 -56.08 19.44 110.42
C GLU G 1115 -54.81 19.37 109.61
N ILE G 1116 -54.85 19.92 108.39
CA ILE G 1116 -53.75 19.86 107.45
C ILE G 1116 -53.07 21.22 107.41
N ASP G 1117 -51.75 21.21 107.51
CA ASP G 1117 -50.93 22.43 107.45
C ASP G 1117 -50.61 22.73 105.99
N SER G 1118 -49.65 23.62 105.76
CA SER G 1118 -49.28 23.98 104.38
C SER G 1118 -48.84 22.77 103.58
N GLU G 1119 -48.00 21.91 104.15
CA GLU G 1119 -47.54 20.71 103.47
C GLU G 1119 -48.52 19.58 103.68
N LEU G 1120 -48.87 18.86 102.57
CA LEU G 1120 -49.95 17.88 102.57
C LEU G 1120 -49.42 16.47 102.85
N PRO G 1121 -50.26 15.57 103.36
CA PRO G 1121 -49.83 14.17 103.54
C PRO G 1121 -50.03 13.34 102.29
N ASN G 1122 -49.71 12.05 102.36
CA ASN G 1122 -50.01 11.15 101.26
C ASN G 1122 -51.53 10.94 101.16
N LYS G 1123 -52.02 10.83 99.93
CA LYS G 1123 -53.46 10.68 99.72
C LYS G 1123 -53.97 9.38 100.34
N GLN G 1124 -53.29 8.26 100.05
CA GLN G 1124 -53.75 6.98 100.57
C GLN G 1124 -53.62 6.91 102.08
N GLU G 1125 -52.55 7.48 102.63
CA GLU G 1125 -52.40 7.52 104.08
C GLU G 1125 -53.50 8.35 104.72
N TRP G 1126 -53.84 9.48 104.11
CA TRP G 1126 -54.90 10.33 104.63
C TRP G 1126 -56.25 9.61 104.61
N LEU G 1127 -56.54 8.93 103.50
CA LEU G 1127 -57.81 8.19 103.41
C LEU G 1127 -57.84 7.05 104.41
N ASP G 1128 -56.73 6.32 104.58
CA ASP G 1128 -56.69 5.24 105.56
C ASP G 1128 -56.87 5.78 106.96
N LEU G 1129 -56.25 6.92 107.27
CA LEU G 1129 -56.41 7.53 108.59
C LEU G 1129 -57.86 7.89 108.85
N LEU G 1130 -58.52 8.50 107.86
CA LEU G 1130 -59.93 8.84 108.04
C LEU G 1130 -60.77 7.58 108.22
N ALA G 1131 -60.46 6.52 107.46
CA ALA G 1131 -61.22 5.28 107.59
C ALA G 1131 -61.08 4.69 108.97
N GLY G 1132 -59.85 4.66 109.51
CA GLY G 1132 -59.61 4.13 110.84
C GLY G 1132 -59.36 2.64 110.83
N THR G 1133 -59.13 2.10 112.03
CA THR G 1133 -58.82 0.69 112.21
C THR G 1133 -60.06 -0.17 112.45
N GLU G 1134 -61.24 0.43 112.62
CA GLU G 1134 -62.45 -0.30 112.95
C GLU G 1134 -63.29 -0.47 111.69
N LEU G 1135 -63.68 -1.71 111.41
CA LEU G 1135 -64.56 -2.00 110.28
C LEU G 1135 -65.97 -1.52 110.61
N ASN G 1136 -66.36 -0.38 110.07
CA ASN G 1136 -67.69 0.17 110.25
C ASN G 1136 -68.17 0.75 108.93
N TRP G 1137 -69.33 1.41 108.96
CA TRP G 1137 -69.90 1.96 107.73
C TRP G 1137 -69.00 3.03 107.13
N LEU G 1138 -68.39 3.87 107.98
CA LEU G 1138 -67.50 4.91 107.46
C LEU G 1138 -66.23 4.30 106.89
N GLN G 1139 -65.69 3.28 107.56
CA GLN G 1139 -64.54 2.56 107.03
C GLN G 1139 -64.85 1.97 105.67
N ALA G 1140 -66.04 1.39 105.51
CA ALA G 1140 -66.44 0.88 104.21
C ALA G 1140 -66.56 1.99 103.19
N PHE G 1141 -67.24 3.08 103.56
CA PHE G 1141 -67.56 4.14 102.61
C PHE G 1141 -66.33 4.90 102.14
N ILE G 1142 -65.24 4.91 102.92
CA ILE G 1142 -63.99 5.54 102.51
C ILE G 1142 -63.03 4.53 101.88
N SER G 1143 -62.83 3.38 102.53
CA SER G 1143 -61.79 2.46 102.11
C SER G 1143 -62.08 1.83 100.76
N THR G 1144 -63.30 1.34 100.55
CA THR G 1144 -63.61 0.62 99.32
C THR G 1144 -63.47 1.53 98.12
N ASP G 1145 -62.79 1.03 97.09
CA ASP G 1145 -62.44 1.80 95.91
C ASP G 1145 -63.53 1.77 94.85
N ARG G 1146 -64.70 1.21 95.15
CA ARG G 1146 -65.79 1.16 94.18
C ARG G 1146 -67.12 1.31 94.91
N ILE G 1147 -68.11 1.80 94.17
CA ILE G 1147 -69.49 1.88 94.62
C ILE G 1147 -70.37 1.30 93.52
N VAL G 1148 -71.58 0.92 93.92
CA VAL G 1148 -72.55 0.29 93.02
C VAL G 1148 -73.56 1.35 92.61
N GLN G 1149 -73.55 1.70 91.33
CA GLN G 1149 -74.54 2.59 90.74
C GLN G 1149 -75.44 1.69 89.89
N GLY G 1150 -76.62 1.39 90.41
CA GLY G 1150 -77.48 0.42 89.77
C GLY G 1150 -76.81 -0.94 89.75
N SER G 1151 -76.35 -1.35 88.57
CA SER G 1151 -75.62 -2.60 88.39
C SER G 1151 -74.22 -2.36 87.83
N LYS G 1152 -73.65 -1.18 88.08
CA LYS G 1152 -72.34 -0.80 87.57
C LYS G 1152 -71.40 -0.49 88.72
N HIS G 1153 -70.13 -0.85 88.56
CA HIS G 1153 -69.09 -0.56 89.54
C HIS G 1153 -68.37 0.70 89.10
N VAL G 1154 -68.52 1.77 89.89
CA VAL G 1154 -67.95 3.07 89.57
C VAL G 1154 -66.94 3.44 90.64
N SER G 1155 -65.95 4.24 90.25
CA SER G 1155 -64.94 4.68 91.21
C SER G 1155 -65.58 5.48 92.33
N ASN G 1156 -65.05 5.31 93.53
CA ASN G 1156 -65.58 6.02 94.69
C ASN G 1156 -65.23 7.49 94.58
N PRO G 1157 -66.20 8.41 94.57
CA PRO G 1157 -65.84 9.83 94.53
C PRO G 1157 -65.36 10.37 95.87
N LEU G 1158 -65.54 9.60 96.95
CA LEU G 1158 -65.08 10.07 98.25
C LEU G 1158 -63.56 10.21 98.27
N HIS G 1159 -62.85 9.40 97.51
CA HIS G 1159 -61.39 9.55 97.44
C HIS G 1159 -61.03 10.93 96.91
N ASP G 1160 -61.63 11.34 95.79
CA ASP G 1160 -61.32 12.64 95.22
C ASP G 1160 -61.83 13.76 96.11
N ILE G 1161 -62.99 13.57 96.75
CA ILE G 1161 -63.54 14.61 97.61
C ILE G 1161 -62.66 14.83 98.83
N LEU G 1162 -62.26 13.74 99.51
CA LEU G 1162 -61.44 13.80 100.71
C LEU G 1162 -59.96 13.84 100.40
N THR G 1163 -59.58 14.04 99.14
CA THR G 1163 -58.18 14.23 98.82
C THR G 1163 -57.63 15.39 99.65
N PRO G 1164 -56.38 15.30 100.13
CA PRO G 1164 -55.89 16.30 101.09
C PRO G 1164 -55.86 17.68 100.46
N ALA G 1165 -56.21 18.69 101.27
CA ALA G 1165 -56.26 20.07 100.84
C ALA G 1165 -55.54 20.94 101.85
N LYS G 1166 -55.00 22.06 101.38
CA LYS G 1166 -54.25 22.95 102.25
C LYS G 1166 -55.20 23.67 103.21
N HIS G 1167 -54.84 23.68 104.49
CA HIS G 1167 -55.63 24.35 105.52
C HIS G 1167 -57.05 23.80 105.57
N SER G 1168 -57.15 22.47 105.58
CA SER G 1168 -58.43 21.77 105.62
C SER G 1168 -58.53 20.98 106.92
N LYS G 1169 -59.75 20.92 107.47
CA LYS G 1169 -60.01 20.24 108.73
C LYS G 1169 -61.05 19.15 108.47
N VAL G 1170 -61.01 18.10 109.29
CA VAL G 1170 -61.98 17.00 109.20
C VAL G 1170 -62.28 16.51 110.61
N THR G 1171 -63.54 16.60 111.00
CA THR G 1171 -64.00 16.15 112.31
C THR G 1171 -64.79 14.87 112.16
N ILE G 1172 -64.41 13.84 112.93
CA ILE G 1172 -65.10 12.55 112.91
C ILE G 1172 -65.59 12.27 114.32
N ASP G 1173 -66.89 12.05 114.47
CA ASP G 1173 -67.48 11.73 115.77
C ASP G 1173 -67.11 10.30 116.14
N LYS G 1174 -66.72 10.09 117.40
CA LYS G 1174 -66.38 8.75 117.85
C LYS G 1174 -67.61 7.86 117.94
N LYS G 1175 -68.74 8.42 118.37
CA LYS G 1175 -69.92 7.61 118.66
C LYS G 1175 -70.75 7.37 117.40
N THR G 1176 -71.20 8.45 116.76
CA THR G 1176 -72.04 8.34 115.58
C THR G 1176 -71.25 8.15 114.30
N LYS G 1177 -69.91 8.23 114.35
CA LYS G 1177 -69.06 8.03 113.18
C LYS G 1177 -69.36 9.03 112.07
N LYS G 1178 -69.91 10.19 112.43
CA LYS G 1178 -70.26 11.22 111.46
C LYS G 1178 -69.02 12.03 111.09
N LEU G 1179 -68.79 12.18 109.79
CA LEU G 1179 -67.62 12.87 109.25
C LEU G 1179 -68.05 14.23 108.73
N THR G 1180 -67.22 15.24 108.95
CA THR G 1180 -67.48 16.59 108.47
C THR G 1180 -66.18 17.24 108.04
N ALA G 1181 -66.07 17.59 106.77
CA ALA G 1181 -64.90 18.21 106.19
C ALA G 1181 -65.11 19.71 106.06
N PHE G 1182 -64.17 20.49 106.60
CA PHE G 1182 -64.20 21.93 106.58
C PHE G 1182 -63.07 22.43 105.69
N GLU G 1183 -63.40 23.40 104.84
CA GLU G 1183 -62.41 24.07 104.00
C GLU G 1183 -62.61 25.57 104.12
N ASN G 1184 -61.63 26.34 103.66
CA ASN G 1184 -61.66 27.78 103.80
C ASN G 1184 -62.41 28.43 102.63
N ILE G 1185 -63.42 29.22 102.98
CA ILE G 1185 -64.20 29.99 102.03
C ILE G 1185 -64.14 31.45 102.48
N LYS G 1186 -63.57 32.31 101.63
CA LYS G 1186 -63.50 33.75 101.89
C LYS G 1186 -62.85 34.03 103.24
N GLY G 1187 -61.86 33.22 103.61
CA GLY G 1187 -61.12 33.41 104.84
C GLY G 1187 -61.74 32.79 106.08
N ASP G 1188 -62.87 32.11 105.97
CA ASP G 1188 -63.52 31.47 107.10
C ASP G 1188 -63.67 29.97 106.85
N LEU G 1189 -63.42 29.18 107.89
CA LEU G 1189 -63.48 27.73 107.80
C LEU G 1189 -64.93 27.28 107.90
N LEU G 1190 -65.46 26.69 106.82
CA LEU G 1190 -66.85 26.26 106.76
C LEU G 1190 -66.94 24.82 106.25
N PRO G 1191 -67.99 24.09 106.63
CA PRO G 1191 -68.10 22.69 106.19
C PRO G 1191 -68.47 22.59 104.72
N VAL G 1192 -67.95 21.54 104.07
CA VAL G 1192 -68.22 21.32 102.66
C VAL G 1192 -68.73 19.91 102.41
N VAL G 1193 -68.40 18.97 103.29
CA VAL G 1193 -68.82 17.58 103.16
C VAL G 1193 -69.34 17.11 104.51
N GLU G 1194 -70.55 16.59 104.56
CA GLU G 1194 -71.03 15.83 105.72
C GLU G 1194 -71.36 14.41 105.28
N ILE G 1195 -70.89 13.44 106.06
CA ILE G 1195 -71.24 12.02 105.86
C ILE G 1195 -71.82 11.53 107.18
N GLU G 1196 -73.05 11.00 107.14
CA GLU G 1196 -73.71 10.56 108.36
C GLU G 1196 -74.77 9.52 108.04
N LEU G 1197 -75.11 8.73 109.08
CA LEU G 1197 -75.97 7.56 108.93
C LEU G 1197 -77.39 7.95 109.31
N VAL G 1198 -78.21 8.27 108.30
CA VAL G 1198 -79.58 8.69 108.55
C VAL G 1198 -80.42 7.54 109.07
N LYS G 1199 -80.26 6.35 108.50
CA LYS G 1199 -81.00 5.16 108.85
C LYS G 1199 -80.02 4.02 109.06
N PRO G 1200 -80.43 2.92 109.71
CA PRO G 1200 -79.45 1.89 110.09
C PRO G 1200 -78.61 1.33 108.96
N ASN G 1201 -79.04 1.49 107.70
CA ASN G 1201 -78.32 0.96 106.55
C ASN G 1201 -78.24 1.95 105.40
N THR G 1202 -78.48 3.24 105.67
CA THR G 1202 -78.41 4.28 104.64
C THR G 1202 -77.39 5.33 105.05
N ILE G 1203 -76.50 5.68 104.14
CA ILE G 1203 -75.45 6.66 104.37
C ILE G 1203 -75.74 7.88 103.51
N GLN G 1204 -75.83 9.05 104.14
CA GLN G 1204 -76.09 10.30 103.45
C GLN G 1204 -74.79 11.08 103.34
N LEU G 1205 -74.41 11.40 102.11
CA LEU G 1205 -73.25 12.24 101.79
C LEU G 1205 -73.78 13.55 101.22
N SER G 1206 -73.60 14.63 101.97
CA SER G 1206 -74.13 15.94 101.63
C SER G 1206 -72.98 16.88 101.29
N LEU G 1207 -73.01 17.43 100.08
CA LEU G 1207 -72.04 18.42 99.64
C LEU G 1207 -72.66 19.81 99.80
N ILE G 1208 -72.04 20.64 100.63
CA ILE G 1208 -72.56 21.94 100.99
C ILE G 1208 -71.92 22.99 100.10
N GLU G 1209 -72.74 23.91 99.58
CA GLU G 1209 -72.27 25.06 98.82
C GLU G 1209 -72.76 26.32 99.53
N HIS G 1210 -71.82 27.18 99.92
CA HIS G 1210 -72.15 28.39 100.66
C HIS G 1210 -72.27 29.62 99.79
N ARG G 1211 -71.74 29.59 98.56
CA ARG G 1211 -71.87 30.70 97.62
C ARG G 1211 -73.17 30.50 96.85
N THR G 1212 -74.26 30.98 97.43
CA THR G 1212 -75.60 30.83 96.88
C THR G 1212 -76.17 32.19 96.54
N ALA G 1213 -77.30 32.18 95.83
CA ALA G 1213 -77.97 33.43 95.47
C ALA G 1213 -78.45 34.16 96.72
N ASP G 1214 -79.06 33.44 97.66
CA ASP G 1214 -79.59 34.02 98.88
C ASP G 1214 -78.60 33.94 100.05
N THR G 1215 -77.39 33.46 99.82
CA THR G 1215 -76.32 33.31 100.81
C THR G 1215 -76.59 32.21 101.84
N ASN G 1216 -77.75 31.56 101.79
CA ASN G 1216 -78.03 30.47 102.72
C ASN G 1216 -77.39 29.18 102.20
N PRO G 1217 -76.59 28.47 103.00
CA PRO G 1217 -75.96 27.26 102.50
C PRO G 1217 -76.99 26.21 102.10
N VAL G 1218 -76.70 25.48 101.03
CA VAL G 1218 -77.58 24.43 100.52
C VAL G 1218 -76.77 23.15 100.39
N ALA G 1219 -77.35 22.04 100.82
CA ALA G 1219 -76.70 20.74 100.84
C ALA G 1219 -77.27 19.86 99.73
N LEU G 1220 -76.40 19.08 99.11
CA LEU G 1220 -76.79 18.13 98.06
C LEU G 1220 -76.63 16.71 98.59
N PRO G 1221 -77.68 16.09 99.14
CA PRO G 1221 -77.50 14.77 99.76
C PRO G 1221 -77.37 13.67 98.71
N PHE G 1222 -76.39 12.79 98.92
CA PHE G 1222 -76.24 11.56 98.14
C PHE G 1222 -76.48 10.39 99.08
N LEU G 1223 -77.48 9.58 98.75
CA LEU G 1223 -77.90 8.47 99.60
C LEU G 1223 -77.23 7.19 99.13
N TYR G 1224 -76.61 6.47 100.07
CA TYR G 1224 -75.95 5.21 99.78
C TYR G 1224 -76.43 4.16 100.78
N LYS G 1225 -77.05 3.11 100.26
CA LYS G 1225 -77.40 1.95 101.08
C LYS G 1225 -76.12 1.23 101.48
N TYR G 1226 -76.04 0.88 102.76
CA TYR G 1226 -74.94 0.07 103.29
C TYR G 1226 -75.39 -1.39 103.31
N ASN G 1227 -74.61 -2.26 102.68
CA ASN G 1227 -74.91 -3.67 102.57
C ASN G 1227 -73.72 -4.44 103.13
N PRO G 1228 -73.66 -4.63 104.46
CA PRO G 1228 -72.54 -5.39 105.03
C PRO G 1228 -72.46 -6.83 104.55
N ALA G 1229 -73.56 -7.39 104.04
CA ALA G 1229 -73.53 -8.76 103.54
C ALA G 1229 -72.52 -8.91 102.41
N ASP G 1230 -72.47 -7.94 101.50
CA ASP G 1230 -71.54 -7.94 100.38
C ASP G 1230 -70.45 -6.92 100.73
N GLY G 1231 -69.36 -7.41 101.33
CA GLY G 1231 -68.27 -6.54 101.71
C GLY G 1231 -67.37 -6.14 100.56
N PHE G 1232 -67.47 -6.85 99.42
CA PHE G 1232 -66.71 -6.43 98.25
C PHE G 1232 -67.18 -5.08 97.73
N ALA G 1233 -68.50 -4.89 97.67
CA ALA G 1233 -69.11 -3.64 97.24
C ALA G 1233 -70.22 -3.27 98.22
N PRO G 1234 -69.86 -2.84 99.43
CA PRO G 1234 -70.88 -2.63 100.47
C PRO G 1234 -71.60 -1.29 100.38
N ILE G 1235 -71.32 -0.48 99.36
CA ILE G 1235 -71.93 0.83 99.19
C ILE G 1235 -72.71 0.81 97.88
N LEU G 1236 -74.02 1.00 97.96
CA LEU G 1236 -74.90 0.98 96.80
C LEU G 1236 -75.64 2.32 96.72
N GLU G 1237 -75.26 3.14 95.75
CA GLU G 1237 -75.89 4.46 95.61
C GLU G 1237 -77.36 4.30 95.23
N ILE G 1238 -78.24 5.03 95.91
CA ILE G 1238 -79.67 4.99 95.64
C ILE G 1238 -79.90 5.90 94.43
N MET G 1239 -80.06 5.29 93.26
CA MET G 1239 -80.31 6.07 92.05
C MET G 1239 -81.74 6.57 91.93
N GLU G 1240 -82.64 6.10 92.80
CA GLU G 1240 -84.01 6.55 92.72
C GLU G 1240 -84.12 7.99 93.20
N ASP G 1241 -84.63 8.86 92.35
CA ASP G 1241 -84.80 10.29 92.63
C ASP G 1241 -83.48 11.03 92.74
N ARG G 1242 -82.37 10.43 92.32
CA ARG G 1242 -81.08 11.10 92.40
C ARG G 1242 -81.05 12.34 91.52
N ASN G 1243 -81.53 12.22 90.28
CA ASN G 1243 -81.56 13.37 89.39
C ASN G 1243 -82.48 14.45 89.95
N GLU G 1244 -83.61 14.06 90.54
CA GLU G 1244 -84.51 15.05 91.11
C GLU G 1244 -83.89 15.77 92.29
N ARG G 1245 -83.15 15.04 93.14
CA ARG G 1245 -82.45 15.69 94.25
C ARG G 1245 -81.42 16.68 93.74
N ILE G 1246 -80.65 16.28 92.73
CA ILE G 1246 -79.64 17.19 92.18
C ILE G 1246 -80.32 18.40 91.54
N LYS G 1247 -81.48 18.17 90.92
CA LYS G 1247 -82.22 19.28 90.32
C LYS G 1247 -82.74 20.23 91.39
N GLU G 1248 -83.19 19.71 92.52
CA GLU G 1248 -83.61 20.58 93.61
C GLU G 1248 -82.44 21.41 94.12
N PHE G 1249 -81.27 20.78 94.24
CA PHE G 1249 -80.08 21.52 94.67
C PHE G 1249 -79.74 22.64 93.70
N TYR G 1250 -79.73 22.34 92.40
CA TYR G 1250 -79.38 23.36 91.42
C TYR G 1250 -80.45 24.45 91.34
N TRP G 1251 -81.72 24.08 91.52
CA TRP G 1251 -82.80 25.05 91.58
C TRP G 1251 -82.58 26.01 92.75
N LYS G 1252 -82.26 25.47 93.92
CA LYS G 1252 -82.01 26.33 95.08
C LYS G 1252 -80.81 27.23 94.83
N LEU G 1253 -79.78 26.71 94.15
CA LEU G 1253 -78.61 27.54 93.86
C LEU G 1253 -78.97 28.69 92.93
N TRP G 1254 -79.57 28.39 91.79
CA TRP G 1254 -79.73 29.41 90.76
C TRP G 1254 -80.88 30.36 91.08
N PHE G 1255 -81.97 29.85 91.65
CA PHE G 1255 -83.17 30.64 91.91
C PHE G 1255 -83.34 31.02 93.37
N GLY G 1256 -82.62 30.37 94.28
CA GLY G 1256 -82.71 30.65 95.69
C GLY G 1256 -83.60 29.65 96.42
N SER G 1257 -83.36 29.54 97.72
CA SER G 1257 -84.13 28.60 98.53
C SER G 1257 -85.60 29.01 98.63
N SER G 1258 -85.87 30.32 98.66
CA SER G 1258 -87.24 30.79 98.81
C SER G 1258 -88.09 30.38 97.62
N VAL G 1259 -87.53 30.44 96.41
CA VAL G 1259 -88.32 30.10 95.22
C VAL G 1259 -88.68 28.62 95.27
N PRO G 1260 -89.96 28.23 95.15
CA PRO G 1260 -90.29 26.81 95.29
C PRO G 1260 -89.79 26.01 94.09
N TYR G 1261 -89.42 24.75 94.36
CA TYR G 1261 -89.01 23.86 93.30
C TYR G 1261 -90.23 23.35 92.54
N SER G 1262 -90.17 23.46 91.20
CA SER G 1262 -91.26 23.01 90.36
C SER G 1262 -90.67 22.57 89.03
N ASN G 1263 -90.79 21.27 88.72
CA ASN G 1263 -90.27 20.69 87.50
C ASN G 1263 -91.36 20.28 86.53
N ASP G 1264 -92.60 20.73 86.75
CA ASP G 1264 -93.70 20.48 85.82
C ASP G 1264 -93.75 21.50 84.69
N ILE G 1265 -92.61 21.74 84.05
CA ILE G 1265 -92.48 22.77 83.02
C ILE G 1265 -92.74 22.13 81.66
N ASN G 1266 -93.63 22.74 80.88
CA ASN G 1266 -93.94 22.25 79.55
C ASN G 1266 -92.87 22.73 78.58
N VAL G 1267 -92.24 21.79 77.87
CA VAL G 1267 -91.19 22.15 76.92
C VAL G 1267 -91.76 22.94 75.76
N GLU G 1268 -92.99 22.63 75.34
CA GLU G 1268 -93.58 23.28 74.19
C GLU G 1268 -93.95 24.74 74.45
N LYS G 1269 -93.93 25.19 75.70
CA LYS G 1269 -94.30 26.55 76.07
C LYS G 1269 -93.06 27.36 76.43
N ALA G 1270 -93.05 28.62 76.00
CA ALA G 1270 -91.94 29.50 76.30
C ALA G 1270 -91.86 29.80 77.79
N ILE G 1271 -90.63 29.96 78.27
CA ILE G 1271 -90.35 30.21 79.67
C ILE G 1271 -90.18 31.72 79.87
N LEU G 1272 -90.98 32.30 80.76
CA LEU G 1272 -90.99 33.73 81.00
C LEU G 1272 -90.04 34.07 82.14
N GLY G 1273 -89.06 34.93 81.86
CA GLY G 1273 -88.13 35.39 82.87
C GLY G 1273 -88.58 36.71 83.49
N ASP G 1274 -87.80 37.14 84.49
CA ASP G 1274 -88.13 38.34 85.24
C ASP G 1274 -87.74 39.59 84.46
N GLU G 1275 -88.50 40.66 84.67
CA GLU G 1275 -88.18 41.95 84.08
C GLU G 1275 -87.04 42.59 84.86
N ILE G 1276 -86.00 43.02 84.14
CA ILE G 1276 -84.78 43.55 84.75
C ILE G 1276 -84.51 44.93 84.18
N THR G 1277 -84.19 45.88 85.05
CA THR G 1277 -83.79 47.21 84.65
C THR G 1277 -82.27 47.32 84.71
N ILE G 1278 -81.65 47.65 83.59
CA ILE G 1278 -80.20 47.74 83.52
C ILE G 1278 -79.75 48.99 84.24
N SER G 1279 -78.62 48.89 84.95
CA SER G 1279 -78.08 49.98 85.74
C SER G 1279 -76.59 50.13 85.47
N SER G 1280 -76.09 51.35 85.67
CA SER G 1280 -74.67 51.62 85.47
C SER G 1280 -73.82 50.79 86.42
N GLN G 1281 -74.27 50.62 87.66
CA GLN G 1281 -73.52 49.79 88.61
C GLN G 1281 -73.40 48.36 88.10
N THR G 1282 -74.51 47.78 87.65
CA THR G 1282 -74.48 46.42 87.14
C THR G 1282 -73.58 46.30 85.92
N ILE G 1283 -73.67 47.27 85.01
CA ILE G 1283 -72.84 47.23 83.79
C ILE G 1283 -71.37 47.30 84.17
N SER G 1284 -71.01 48.22 85.04
CA SER G 1284 -69.61 48.38 85.43
C SER G 1284 -69.09 47.13 86.12
N GLU G 1285 -69.87 46.58 87.05
CA GLU G 1285 -69.44 45.38 87.76
C GLU G 1285 -69.23 44.22 86.79
N PHE G 1286 -70.19 43.99 85.89
CA PHE G 1286 -70.05 42.89 84.93
C PHE G 1286 -68.86 43.10 84.01
N THR G 1287 -68.68 44.33 83.49
CA THR G 1287 -67.59 44.57 82.57
C THR G 1287 -66.24 44.37 83.24
N HIS G 1288 -66.10 44.85 84.48
CA HIS G 1288 -64.83 44.66 85.17
C HIS G 1288 -64.61 43.20 85.52
N ALA G 1289 -65.70 42.47 85.80
CA ALA G 1289 -65.57 41.05 86.07
C ALA G 1289 -65.06 40.30 84.84
N ILE G 1290 -65.60 40.62 83.66
CA ILE G 1290 -65.18 39.92 82.44
C ILE G 1290 -63.90 40.49 81.84
N GLY G 1291 -63.40 41.61 82.34
CA GLY G 1291 -62.20 42.20 81.79
C GLY G 1291 -62.41 42.95 80.50
N ASN G 1292 -63.59 43.54 80.29
CA ASN G 1292 -63.87 44.33 79.11
C ASN G 1292 -63.55 45.79 79.39
N LYS G 1293 -62.72 46.39 78.54
CA LYS G 1293 -62.29 47.77 78.70
C LYS G 1293 -62.81 48.66 77.56
N CYS G 1294 -63.97 48.34 77.00
CA CYS G 1294 -64.54 49.17 75.94
C CYS G 1294 -65.11 50.45 76.53
N ASP G 1295 -64.79 51.58 75.90
CA ASP G 1295 -65.26 52.87 76.39
C ASP G 1295 -66.77 53.03 76.26
N ALA G 1296 -67.43 52.19 75.45
CA ALA G 1296 -68.88 52.27 75.29
C ALA G 1296 -69.63 51.90 76.55
N PHE G 1297 -69.00 51.18 77.49
CA PHE G 1297 -69.67 50.70 78.70
C PHE G 1297 -69.37 51.52 79.95
N VAL G 1298 -68.38 52.41 79.91
CA VAL G 1298 -68.10 53.28 81.05
C VAL G 1298 -69.01 54.50 80.98
N ASP G 1299 -69.35 55.03 82.15
CA ASP G 1299 -70.36 56.08 82.27
C ASP G 1299 -69.74 57.43 81.96
N ARG G 1300 -69.75 57.78 80.67
CA ARG G 1300 -69.42 59.13 80.22
C ARG G 1300 -70.72 59.94 80.12
N PRO G 1301 -70.82 61.10 80.78
CA PRO G 1301 -72.08 61.84 80.70
C PRO G 1301 -72.40 62.26 79.28
N GLY G 1302 -73.68 62.22 78.93
CA GLY G 1302 -74.12 62.63 77.61
C GLY G 1302 -73.67 61.73 76.48
N LYS G 1303 -73.50 60.42 76.74
CA LYS G 1303 -73.11 59.47 75.71
C LYS G 1303 -73.97 58.23 75.68
N ALA G 1304 -74.94 58.08 76.58
CA ALA G 1304 -75.85 56.94 76.60
C ALA G 1304 -75.08 55.62 76.71
N THR G 1305 -74.42 55.47 77.86
CA THR G 1305 -73.63 54.29 78.20
C THR G 1305 -74.35 52.99 77.82
N LEU G 1306 -73.69 52.17 77.02
CA LEU G 1306 -74.24 50.91 76.55
C LEU G 1306 -73.82 49.77 77.49
N ALA G 1307 -74.52 48.63 77.34
CA ALA G 1307 -74.21 47.42 78.08
C ALA G 1307 -73.64 46.36 77.14
N PRO G 1308 -72.71 45.52 77.60
CA PRO G 1308 -72.09 44.54 76.69
C PRO G 1308 -73.09 43.50 76.21
N MET G 1309 -72.84 42.95 75.03
CA MET G 1309 -73.72 41.91 74.50
C MET G 1309 -73.69 40.68 75.40
N ASP G 1310 -72.59 40.49 76.16
CA ASP G 1310 -72.51 39.40 77.12
C ASP G 1310 -73.46 39.58 78.30
N PHE G 1311 -73.94 40.80 78.55
CA PHE G 1311 -74.96 41.00 79.58
C PHE G 1311 -76.27 40.34 79.20
N ALA G 1312 -76.43 39.90 77.95
CA ALA G 1312 -77.62 39.15 77.57
C ALA G 1312 -77.74 37.86 78.38
N ILE G 1313 -76.62 37.17 78.60
CA ILE G 1313 -76.67 35.94 79.41
C ILE G 1313 -77.02 36.27 80.85
N VAL G 1314 -76.57 37.43 81.34
CA VAL G 1314 -76.97 37.85 82.68
C VAL G 1314 -78.47 38.07 82.74
N ILE G 1315 -79.02 38.74 81.74
CA ILE G 1315 -80.46 39.02 81.73
C ILE G 1315 -81.25 37.72 81.63
N GLY G 1316 -80.82 36.81 80.74
CA GLY G 1316 -81.57 35.62 80.42
C GLY G 1316 -81.09 34.34 81.08
N TRP G 1317 -80.28 34.43 82.13
CA TRP G 1317 -79.78 33.22 82.77
C TRP G 1317 -80.91 32.40 83.39
N LYS G 1318 -81.83 33.07 84.08
CA LYS G 1318 -82.93 32.35 84.72
C LYS G 1318 -83.77 31.60 83.70
N ALA G 1319 -84.23 32.29 82.65
CA ALA G 1319 -85.09 31.66 81.67
C ALA G 1319 -84.35 30.57 80.90
N ILE G 1320 -83.12 30.84 80.49
CA ILE G 1320 -82.37 29.87 79.68
C ILE G 1320 -82.08 28.62 80.51
N ILE G 1321 -81.68 28.80 81.76
CA ILE G 1321 -81.31 27.65 82.58
C ILE G 1321 -82.54 26.92 83.13
N LYS G 1322 -83.71 27.57 83.13
CA LYS G 1322 -84.93 26.89 83.53
C LYS G 1322 -85.38 25.83 82.53
N ALA G 1323 -84.76 25.78 81.34
CA ALA G 1323 -85.18 24.87 80.28
C ALA G 1323 -84.54 23.49 80.37
N ILE G 1324 -83.54 23.30 81.23
CA ILE G 1324 -82.93 21.97 81.42
C ILE G 1324 -83.54 21.20 82.57
N PHE G 1325 -84.30 21.87 83.44
CA PHE G 1325 -85.03 21.28 84.56
C PHE G 1325 -86.25 20.40 84.22
N PRO G 1326 -86.96 20.59 83.10
CA PRO G 1326 -88.23 19.87 82.93
C PRO G 1326 -88.08 18.35 83.03
N LYS G 1327 -89.12 17.72 83.56
CA LYS G 1327 -89.12 16.27 83.77
C LYS G 1327 -88.89 15.53 82.46
N SER G 1328 -89.42 16.05 81.35
CA SER G 1328 -89.17 15.42 80.06
C SER G 1328 -87.70 15.44 79.69
N VAL G 1329 -86.95 16.41 80.22
CA VAL G 1329 -85.50 16.48 80.05
C VAL G 1329 -84.85 16.02 81.35
N ASP G 1330 -84.56 14.73 81.45
CA ASP G 1330 -84.01 14.12 82.65
C ASP G 1330 -82.54 13.80 82.44
N GLY G 1331 -81.71 14.21 83.38
CA GLY G 1331 -80.29 13.93 83.30
C GLY G 1331 -79.58 14.43 84.53
N ASP G 1332 -78.27 14.15 84.57
CA ASP G 1332 -77.43 14.51 85.71
C ASP G 1332 -76.87 15.90 85.49
N LEU G 1333 -77.31 16.86 86.32
CA LEU G 1333 -76.84 18.23 86.17
C LEU G 1333 -75.36 18.36 86.50
N LEU G 1334 -74.86 17.52 87.42
CA LEU G 1334 -73.44 17.57 87.74
C LEU G 1334 -72.59 17.20 86.54
N LYS G 1335 -73.09 16.36 85.65
CA LYS G 1335 -72.43 16.02 84.40
C LYS G 1335 -72.85 16.92 83.25
N LEU G 1336 -73.72 17.90 83.50
CA LEU G 1336 -74.04 18.88 82.47
C LEU G 1336 -72.80 19.68 82.10
N VAL G 1337 -72.65 19.94 80.81
CA VAL G 1337 -71.60 20.82 80.32
C VAL G 1337 -72.20 21.79 79.31
N HIS G 1338 -71.78 23.05 79.37
CA HIS G 1338 -72.16 24.04 78.39
C HIS G 1338 -71.33 23.80 77.14
N LEU G 1339 -71.99 23.41 76.04
CA LEU G 1339 -71.27 23.09 74.82
C LEU G 1339 -71.01 24.35 74.00
N SER G 1340 -72.01 25.21 73.86
CA SER G 1340 -71.92 26.35 72.96
C SER G 1340 -72.84 27.45 73.44
N ASN G 1341 -72.47 28.68 73.13
CA ASN G 1341 -73.32 29.84 73.38
C ASN G 1341 -73.13 30.86 72.27
N GLY G 1342 -74.22 31.45 71.84
CA GLY G 1342 -74.17 32.46 70.79
C GLY G 1342 -75.21 33.52 71.00
N TYR G 1343 -74.91 34.71 70.48
CA TYR G 1343 -75.80 35.85 70.50
C TYR G 1343 -76.00 36.35 69.08
N LYS G 1344 -77.23 36.77 68.79
CA LYS G 1344 -77.56 37.37 67.50
C LYS G 1344 -78.36 38.64 67.76
N MET G 1345 -77.81 39.77 67.30
CA MET G 1345 -78.55 41.02 67.32
C MET G 1345 -79.65 40.99 66.27
N ILE G 1346 -80.84 41.44 66.65
CA ILE G 1346 -81.93 41.59 65.68
C ILE G 1346 -81.58 42.72 64.72
N THR G 1347 -82.04 42.62 63.48
CA THR G 1347 -81.76 43.65 62.50
C THR G 1347 -82.45 44.94 62.90
N GLY G 1348 -81.67 46.03 62.92
CA GLY G 1348 -82.21 47.33 63.27
C GLY G 1348 -82.47 47.52 64.75
N ALA G 1349 -82.03 46.61 65.60
CA ALA G 1349 -82.20 46.73 67.05
C ALA G 1349 -80.95 47.35 67.65
N ALA G 1350 -81.14 48.43 68.40
CA ALA G 1350 -80.02 49.12 69.01
C ALA G 1350 -79.46 48.29 70.16
N PRO G 1351 -78.18 48.46 70.51
CA PRO G 1351 -77.63 47.72 71.65
C PRO G 1351 -78.31 48.11 72.95
N LEU G 1352 -78.18 47.22 73.94
CA LEU G 1352 -78.72 47.49 75.26
C LEU G 1352 -78.00 48.68 75.89
N LYS G 1353 -78.78 49.54 76.55
CA LYS G 1353 -78.25 50.76 77.16
C LYS G 1353 -78.77 50.87 78.59
N LYS G 1354 -78.13 51.76 79.35
CA LYS G 1354 -78.52 51.99 80.73
C LYS G 1354 -79.96 52.47 80.80
N GLY G 1355 -80.68 52.00 81.82
CA GLY G 1355 -82.08 52.31 81.99
C GLY G 1355 -83.04 51.44 81.21
N ASP G 1356 -82.53 50.51 80.39
CA ASP G 1356 -83.39 49.64 79.62
C ASP G 1356 -84.12 48.66 80.53
N VAL G 1357 -85.42 48.53 80.31
CA VAL G 1357 -86.23 47.51 80.98
C VAL G 1357 -86.38 46.36 80.00
N VAL G 1358 -85.80 45.21 80.35
CA VAL G 1358 -85.69 44.07 79.44
C VAL G 1358 -86.36 42.86 80.07
N SER G 1359 -87.12 42.13 79.27
CA SER G 1359 -87.77 40.90 79.67
C SER G 1359 -87.36 39.78 78.72
N THR G 1360 -87.08 38.61 79.27
CA THR G 1360 -86.51 37.50 78.50
C THR G 1360 -87.54 36.38 78.39
N LYS G 1361 -87.65 35.81 77.19
CA LYS G 1361 -88.52 34.66 76.94
C LYS G 1361 -87.67 33.55 76.34
N ALA G 1362 -87.64 32.39 77.01
CA ALA G 1362 -86.81 31.27 76.61
C ALA G 1362 -87.68 30.15 76.05
N GLU G 1363 -87.21 29.55 74.96
CA GLU G 1363 -87.90 28.45 74.29
C GLU G 1363 -86.89 27.33 74.07
N ILE G 1364 -87.32 26.10 74.30
CA ILE G 1364 -86.46 24.94 74.08
C ILE G 1364 -86.56 24.59 72.60
N LYS G 1365 -85.47 24.83 71.85
CA LYS G 1365 -85.50 24.53 70.43
C LYS G 1365 -85.41 23.03 70.16
N ALA G 1366 -84.57 22.32 70.90
CA ALA G 1366 -84.36 20.91 70.62
C ALA G 1366 -83.93 20.17 71.88
N VAL G 1367 -84.34 18.90 71.95
CA VAL G 1367 -83.86 17.96 72.96
C VAL G 1367 -83.57 16.66 72.21
N LEU G 1368 -82.32 16.25 72.17
CA LEU G 1368 -81.87 15.12 71.38
C LEU G 1368 -81.05 14.18 72.25
N ASN G 1369 -81.01 12.90 71.89
CA ASN G 1369 -80.06 11.95 72.48
C ASN G 1369 -79.01 11.60 71.45
N GLN G 1370 -77.79 12.08 71.66
CA GLN G 1370 -76.61 11.74 70.90
C GLN G 1370 -75.78 10.73 71.68
N PRO G 1371 -74.83 10.05 71.03
CA PRO G 1371 -74.00 9.07 71.76
C PRO G 1371 -73.25 9.69 72.93
N SER G 1372 -72.90 10.97 72.86
CA SER G 1372 -72.22 11.63 73.96
C SER G 1372 -73.15 12.04 75.09
N GLY G 1373 -74.45 12.12 74.84
CA GLY G 1373 -75.39 12.49 75.87
C GLY G 1373 -76.62 13.19 75.30
N LYS G 1374 -77.41 13.75 76.20
CA LYS G 1374 -78.64 14.44 75.83
C LYS G 1374 -78.33 15.92 75.61
N LEU G 1375 -78.52 16.37 74.38
CA LEU G 1375 -78.25 17.76 73.99
C LEU G 1375 -79.54 18.57 74.09
N VAL G 1376 -79.46 19.73 74.74
CA VAL G 1376 -80.60 20.61 74.95
C VAL G 1376 -80.25 21.98 74.37
N GLU G 1377 -81.08 22.44 73.44
CA GLU G 1377 -80.94 23.74 72.79
C GLU G 1377 -81.99 24.68 73.36
N VAL G 1378 -81.55 25.85 73.84
CA VAL G 1378 -82.45 26.84 74.42
C VAL G 1378 -82.14 28.19 73.81
N VAL G 1379 -83.16 28.86 73.28
CA VAL G 1379 -83.04 30.19 72.71
C VAL G 1379 -83.84 31.15 73.57
N GLY G 1380 -83.16 32.13 74.15
CA GLY G 1380 -83.78 33.19 74.92
C GLY G 1380 -83.77 34.50 74.17
N THR G 1381 -84.95 34.98 73.81
CA THR G 1381 -85.10 36.25 73.14
C THR G 1381 -85.34 37.33 74.19
N ILE G 1382 -84.56 38.40 74.12
CA ILE G 1382 -84.71 39.54 75.01
C ILE G 1382 -85.60 40.57 74.32
N TYR G 1383 -86.46 41.21 75.10
CA TYR G 1383 -87.43 42.18 74.60
C TYR G 1383 -87.30 43.47 75.38
N ARG G 1384 -87.24 44.59 74.66
CA ARG G 1384 -87.21 45.93 75.23
C ARG G 1384 -88.44 46.67 74.73
N GLU G 1385 -89.28 47.12 75.67
CA GLU G 1385 -90.54 47.79 75.34
C GLU G 1385 -91.43 46.92 74.46
N GLY G 1386 -91.37 45.60 74.65
CA GLY G 1386 -92.18 44.67 73.90
C GLY G 1386 -91.66 44.33 72.52
N LYS G 1387 -90.52 44.88 72.12
CA LYS G 1387 -89.93 44.61 70.82
C LYS G 1387 -88.69 43.76 70.98
N PRO G 1388 -88.52 42.66 70.24
CA PRO G 1388 -87.31 41.85 70.42
C PRO G 1388 -86.07 42.63 70.06
N VAL G 1389 -85.01 42.46 70.86
CA VAL G 1389 -83.73 43.12 70.64
C VAL G 1389 -82.66 42.13 70.21
N MET G 1390 -82.69 40.91 70.75
CA MET G 1390 -81.58 39.98 70.55
C MET G 1390 -82.02 38.57 70.92
N GLU G 1391 -81.26 37.60 70.43
CA GLU G 1391 -81.50 36.18 70.68
C GLU G 1391 -80.23 35.55 71.22
N VAL G 1392 -80.37 34.71 72.25
CA VAL G 1392 -79.24 34.05 72.90
C VAL G 1392 -79.48 32.55 72.84
N THR G 1393 -78.67 31.84 72.08
CA THR G 1393 -78.78 30.39 71.91
C THR G 1393 -77.73 29.70 72.76
N SER G 1394 -78.15 28.69 73.52
CA SER G 1394 -77.27 27.96 74.41
C SER G 1394 -77.48 26.46 74.24
N GLN G 1395 -76.39 25.71 74.34
CA GLN G 1395 -76.42 24.26 74.26
C GLN G 1395 -75.90 23.67 75.56
N PHE G 1396 -76.68 22.79 76.16
CA PHE G 1396 -76.28 22.09 77.37
C PHE G 1396 -76.35 20.59 77.12
N LEU G 1397 -75.24 19.89 77.37
CA LEU G 1397 -75.15 18.45 77.14
C LEU G 1397 -75.10 17.73 78.48
N TYR G 1398 -76.11 16.89 78.71
CA TYR G 1398 -76.15 15.95 79.83
C TYR G 1398 -75.36 14.72 79.41
N ARG G 1399 -74.13 14.59 79.89
CA ARG G 1399 -73.34 13.41 79.54
C ARG G 1399 -74.00 12.15 80.06
N GLY G 1400 -73.88 11.08 79.29
CA GLY G 1400 -74.39 9.77 79.66
C GLY G 1400 -75.09 9.13 78.48
N GLU G 1401 -75.92 8.13 78.78
CA GLU G 1401 -76.69 7.40 77.79
C GLU G 1401 -78.17 7.57 78.08
N TYR G 1402 -78.93 7.96 77.05
CA TYR G 1402 -80.35 8.22 77.18
C TYR G 1402 -81.08 7.57 76.02
N ASN G 1403 -82.18 6.87 76.33
CA ASN G 1403 -82.97 6.15 75.34
C ASN G 1403 -84.41 6.66 75.27
N ASP G 1404 -84.74 7.72 76.00
CA ASP G 1404 -86.11 8.23 76.06
C ASP G 1404 -86.39 9.10 74.83
N TYR G 1405 -86.41 8.45 73.67
CA TYR G 1405 -86.67 9.15 72.42
C TYR G 1405 -88.08 9.71 72.36
N CYS G 1406 -89.00 9.24 73.21
CA CYS G 1406 -90.35 9.79 73.23
C CYS G 1406 -90.36 11.26 73.61
N ASN G 1407 -89.37 11.70 74.40
CA ASN G 1407 -89.31 13.06 74.91
C ASN G 1407 -88.39 13.97 74.10
N THR G 1408 -87.90 13.52 72.96
CA THR G 1408 -87.01 14.33 72.13
C THR G 1408 -87.79 15.08 71.06
N PHE G 1409 -87.23 16.20 70.64
CA PHE G 1409 -87.79 16.99 69.55
C PHE G 1409 -86.73 17.95 69.07
N GLN G 1410 -86.98 18.56 67.91
CA GLN G 1410 -86.05 19.51 67.31
C GLN G 1410 -86.84 20.52 66.50
N LYS G 1411 -86.94 21.75 67.00
CA LYS G 1411 -87.57 22.85 66.28
C LYS G 1411 -86.47 23.65 65.59
N VAL G 1412 -86.46 23.61 64.26
CA VAL G 1412 -85.45 24.31 63.46
C VAL G 1412 -86.17 25.35 62.62
N THR G 1413 -85.90 26.62 62.90
CA THR G 1413 -86.39 27.69 62.03
C THR G 1413 -85.40 27.81 60.88
N GLU G 1414 -85.83 27.34 59.71
CA GLU G 1414 -84.95 27.37 58.54
C GLU G 1414 -84.79 28.79 58.07
N THR G 1415 -83.55 29.16 57.73
CA THR G 1415 -83.32 30.52 57.26
C THR G 1415 -84.07 30.74 55.95
N PRO G 1416 -84.53 31.96 55.67
CA PRO G 1416 -85.28 32.19 54.43
C PRO G 1416 -84.46 31.83 53.20
N VAL G 1417 -85.04 31.01 52.33
CA VAL G 1417 -84.38 30.52 51.13
C VAL G 1417 -85.06 31.15 49.93
N GLN G 1418 -84.29 31.79 49.06
CA GLN G 1418 -84.83 32.44 47.88
C GLN G 1418 -84.68 31.50 46.69
N VAL G 1419 -85.81 30.99 46.19
CA VAL G 1419 -85.85 30.07 45.07
C VAL G 1419 -86.31 30.84 43.84
N ALA G 1420 -85.51 30.79 42.77
CA ALA G 1420 -85.83 31.45 41.51
C ALA G 1420 -86.35 30.40 40.54
N PHE G 1421 -87.55 30.64 40.01
CA PHE G 1421 -88.17 29.76 39.02
C PHE G 1421 -88.15 30.49 37.68
N LYS G 1422 -87.03 30.35 36.98
CA LYS G 1422 -86.84 30.95 35.66
C LYS G 1422 -87.12 29.96 34.55
N SER G 1423 -87.95 28.95 34.80
CA SER G 1423 -88.22 27.93 33.80
C SER G 1423 -89.58 27.28 34.07
N ALA G 1424 -90.25 26.90 32.98
CA ALA G 1424 -91.50 26.15 33.11
C ALA G 1424 -91.28 24.87 33.89
N LYS G 1425 -90.10 24.28 33.77
CA LYS G 1425 -89.80 23.08 34.55
C LYS G 1425 -89.61 23.41 36.03
N ASP G 1426 -89.07 24.60 36.33
CA ASP G 1426 -89.00 25.02 37.73
C ASP G 1426 -90.39 25.16 38.34
N LEU G 1427 -91.29 25.84 37.63
CA LEU G 1427 -92.67 25.92 38.12
C LEU G 1427 -93.30 24.54 38.19
N ALA G 1428 -92.96 23.65 37.25
CA ALA G 1428 -93.54 22.32 37.24
C ALA G 1428 -93.12 21.52 38.46
N VAL G 1429 -91.83 21.55 38.80
CA VAL G 1429 -91.37 20.81 39.97
C VAL G 1429 -92.00 21.41 41.23
N LEU G 1430 -92.07 22.74 41.31
CA LEU G 1430 -92.68 23.36 42.48
C LEU G 1430 -94.13 22.94 42.64
N ARG G 1431 -94.89 22.91 41.54
CA ARG G 1431 -96.28 22.47 41.63
C ARG G 1431 -96.39 20.98 41.88
N SER G 1432 -95.41 20.18 41.46
CA SER G 1432 -95.42 18.76 41.77
C SER G 1432 -95.16 18.48 43.23
N LYS G 1433 -94.46 19.39 43.94
CA LYS G 1433 -94.32 19.25 45.38
C LYS G 1433 -95.69 19.24 46.04
N GLU G 1434 -96.04 18.12 46.67
CA GLU G 1434 -97.33 18.03 47.35
C GLU G 1434 -97.39 18.96 48.55
N TRP G 1435 -96.28 19.15 49.25
CA TRP G 1435 -96.25 19.97 50.45
C TRP G 1435 -96.40 21.47 50.16
N PHE G 1436 -96.31 21.88 48.90
CA PHE G 1436 -96.40 23.29 48.53
C PHE G 1436 -97.81 23.59 48.04
N HIS G 1437 -98.46 24.57 48.66
CA HIS G 1437 -99.81 24.98 48.30
C HIS G 1437 -99.80 26.45 47.93
N LEU G 1438 -100.51 26.81 46.87
CA LEU G 1438 -100.64 28.19 46.42
C LEU G 1438 -102.02 28.71 46.78
N GLU G 1439 -102.07 29.74 47.63
CA GLU G 1439 -103.32 30.36 48.04
C GLU G 1439 -103.65 31.62 47.26
N LYS G 1440 -102.66 32.22 46.58
CA LYS G 1440 -102.87 33.40 45.76
C LYS G 1440 -102.33 33.10 44.36
N ASP G 1441 -103.23 33.09 43.38
CA ASP G 1441 -102.85 32.79 41.99
C ASP G 1441 -102.22 34.03 41.39
N VAL G 1442 -100.89 34.05 41.33
CA VAL G 1442 -100.13 35.17 40.78
C VAL G 1442 -98.94 34.62 40.01
N GLN G 1443 -98.33 35.48 39.20
CA GLN G 1443 -97.14 35.14 38.43
C GLN G 1443 -95.92 35.60 39.22
N PHE G 1444 -95.00 34.67 39.48
CA PHE G 1444 -93.79 34.94 40.23
C PHE G 1444 -92.58 34.37 39.52
N ASP G 1445 -91.45 35.06 39.67
CA ASP G 1445 -90.16 34.58 39.20
C ASP G 1445 -89.20 34.24 40.32
N VAL G 1446 -89.38 34.82 41.50
CA VAL G 1446 -88.60 34.50 42.68
C VAL G 1446 -89.55 34.43 43.88
N LEU G 1447 -89.36 33.42 44.71
CA LEU G 1447 -90.12 33.26 45.96
C LEU G 1447 -89.14 33.12 47.12
N THR G 1448 -89.62 33.44 48.32
CA THR G 1448 -88.84 33.30 49.54
C THR G 1448 -89.58 32.35 50.48
N PHE G 1449 -88.94 31.23 50.82
CA PHE G 1449 -89.53 30.21 51.69
C PHE G 1449 -88.97 30.41 53.09
N ARG G 1450 -89.87 30.65 54.04
CA ARG G 1450 -89.54 30.76 55.47
C ARG G 1450 -90.32 29.65 56.18
N CYS G 1451 -89.60 28.66 56.71
CA CYS G 1451 -90.18 27.45 57.26
C CYS G 1451 -89.69 27.20 58.67
N GLU G 1452 -90.46 26.40 59.41
CA GLU G 1452 -90.16 26.02 60.79
C GLU G 1452 -90.37 24.51 60.91
N SER G 1453 -89.31 23.75 60.66
CA SER G 1453 -89.39 22.30 60.77
C SER G 1453 -89.46 21.88 62.23
N THR G 1454 -90.16 20.77 62.47
CA THR G 1454 -90.31 20.20 63.81
C THR G 1454 -90.15 18.70 63.67
N TYR G 1455 -89.04 18.18 64.21
CA TYR G 1455 -88.72 16.76 64.16
C TYR G 1455 -89.02 16.12 65.51
N LYS G 1456 -89.54 14.89 65.47
CA LYS G 1456 -89.71 14.04 66.62
C LYS G 1456 -89.05 12.70 66.33
N PHE G 1457 -88.22 12.23 67.26
CA PHE G 1457 -87.37 11.07 67.04
C PHE G 1457 -87.98 9.85 67.72
N LYS G 1458 -88.06 8.75 66.98
CA LYS G 1458 -88.31 7.45 67.58
C LYS G 1458 -87.02 6.67 67.81
N SER G 1459 -85.94 7.00 67.11
CA SER G 1459 -84.65 6.41 67.34
C SER G 1459 -83.59 7.44 67.02
N ALA G 1460 -82.32 7.03 67.10
CA ALA G 1460 -81.22 7.97 66.89
C ALA G 1460 -81.23 8.52 65.47
N ASN G 1461 -81.47 7.66 64.48
CA ASN G 1461 -81.42 8.04 63.07
C ASN G 1461 -82.80 8.15 62.43
N VAL G 1462 -83.86 7.81 63.16
CA VAL G 1462 -85.21 7.73 62.61
C VAL G 1462 -86.05 8.83 63.25
N TYR G 1463 -86.83 9.53 62.44
CA TYR G 1463 -87.73 10.56 62.93
C TYR G 1463 -89.12 9.97 63.16
N SER G 1464 -89.61 10.09 64.39
CA SER G 1464 -90.98 9.67 64.68
C SER G 1464 -91.97 10.45 63.82
N SER G 1465 -91.77 11.75 63.69
CA SER G 1465 -92.69 12.56 62.92
C SER G 1465 -92.02 13.86 62.52
N ILE G 1466 -92.10 14.19 61.24
CA ILE G 1466 -91.55 15.44 60.69
C ILE G 1466 -92.72 16.31 60.28
N LYS G 1467 -92.73 17.55 60.77
CA LYS G 1467 -93.78 18.51 60.47
C LYS G 1467 -93.13 19.84 60.09
N THR G 1468 -93.25 20.22 58.82
CA THR G 1468 -92.68 21.47 58.33
C THR G 1468 -93.81 22.38 57.89
N THR G 1469 -93.89 23.55 58.52
CA THR G 1469 -94.88 24.56 58.19
C THR G 1469 -94.15 25.85 57.83
N GLY G 1470 -94.57 26.48 56.74
CA GLY G 1470 -93.87 27.66 56.28
C GLY G 1470 -94.77 28.56 55.44
N GLN G 1471 -94.29 29.79 55.26
CA GLN G 1471 -95.00 30.81 54.49
C GLN G 1471 -94.12 31.22 53.32
N VAL G 1472 -94.59 30.98 52.09
CA VAL G 1472 -93.85 31.34 50.90
C VAL G 1472 -94.29 32.74 50.47
N LEU G 1473 -93.31 33.62 50.27
CA LEU G 1473 -93.53 35.04 50.05
C LEU G 1473 -93.07 35.44 48.65
N LEU G 1474 -93.73 36.46 48.12
CA LEU G 1474 -93.41 37.04 46.82
C LEU G 1474 -93.32 38.55 46.97
N GLU G 1475 -92.29 39.13 46.36
CA GLU G 1475 -92.15 40.58 46.26
C GLU G 1475 -92.84 41.02 44.98
N LEU G 1476 -93.93 41.78 45.09
CA LEU G 1476 -94.64 42.25 43.93
C LEU G 1476 -93.83 43.34 43.23
N PRO G 1477 -94.19 43.68 41.99
CA PRO G 1477 -93.56 44.84 41.36
C PRO G 1477 -93.78 46.12 42.14
N THR G 1478 -94.86 46.19 42.92
CA THR G 1478 -95.09 47.27 43.86
C THR G 1478 -94.06 47.29 44.99
N LYS G 1479 -93.32 46.21 45.18
CA LYS G 1479 -92.31 45.97 46.23
C LYS G 1479 -92.96 45.55 47.55
N GLU G 1480 -94.28 45.45 47.62
CA GLU G 1480 -94.92 44.85 48.78
C GLU G 1480 -94.66 43.35 48.78
N VAL G 1481 -94.39 42.80 49.96
CA VAL G 1481 -94.15 41.38 50.13
C VAL G 1481 -95.44 40.75 50.64
N ILE G 1482 -95.93 39.74 49.91
CA ILE G 1482 -97.20 39.08 50.25
C ILE G 1482 -97.01 37.57 50.21
N GLN G 1483 -97.85 36.87 50.98
CA GLN G 1483 -97.80 35.42 51.06
C GLN G 1483 -98.62 34.83 49.91
N VAL G 1484 -97.92 34.27 48.92
CA VAL G 1484 -98.60 33.62 47.80
C VAL G 1484 -98.97 32.17 48.11
N GLY G 1485 -98.35 31.57 49.12
CA GLY G 1485 -98.67 30.19 49.43
C GLY G 1485 -98.04 29.77 50.74
N SER G 1486 -98.21 28.49 51.04
CA SER G 1486 -97.73 27.92 52.28
C SER G 1486 -97.07 26.57 52.00
N VAL G 1487 -96.23 26.17 52.94
CA VAL G 1487 -95.64 24.83 52.97
C VAL G 1487 -96.26 24.10 54.15
N ASP G 1488 -96.73 22.88 53.90
CA ASP G 1488 -97.37 22.07 54.93
C ASP G 1488 -97.00 20.61 54.65
N TYR G 1489 -95.95 20.14 55.29
CA TYR G 1489 -95.46 18.77 55.12
C TYR G 1489 -95.60 18.01 56.42
N GLU G 1490 -96.29 16.87 56.36
CA GLU G 1490 -96.40 15.94 57.48
C GLU G 1490 -95.82 14.61 57.04
N ALA G 1491 -95.13 13.93 57.96
CA ALA G 1491 -94.66 12.58 57.66
C ALA G 1491 -94.39 11.85 58.96
N GLY G 1492 -94.52 10.53 58.91
CA GLY G 1492 -94.22 9.68 60.04
C GLY G 1492 -92.77 9.25 60.04
N THR G 1493 -92.53 7.94 60.02
CA THR G 1493 -91.16 7.44 59.97
C THR G 1493 -90.46 7.97 58.72
N SER G 1494 -89.37 8.69 58.93
CA SER G 1494 -88.68 9.37 57.82
C SER G 1494 -87.21 9.51 58.18
N TYR G 1495 -86.40 9.76 57.15
CA TYR G 1495 -84.96 9.90 57.31
C TYR G 1495 -84.45 11.27 56.89
N GLY G 1496 -85.35 12.22 56.62
CA GLY G 1496 -84.94 13.56 56.26
C GLY G 1496 -86.17 14.40 55.99
N ASN G 1497 -85.93 15.70 55.79
CA ASN G 1497 -87.00 16.63 55.51
C ASN G 1497 -86.97 17.03 54.04
N PRO G 1498 -87.92 16.59 53.20
CA PRO G 1498 -87.85 16.93 51.78
C PRO G 1498 -87.92 18.42 51.51
N VAL G 1499 -88.63 19.17 52.35
CA VAL G 1499 -88.71 20.62 52.14
C VAL G 1499 -87.33 21.25 52.27
N THR G 1500 -86.61 20.90 53.35
CA THR G 1500 -85.28 21.46 53.54
C THR G 1500 -84.34 20.99 52.44
N ASP G 1501 -84.43 19.72 52.04
CA ASP G 1501 -83.57 19.23 50.97
C ASP G 1501 -83.82 19.99 49.67
N TYR G 1502 -85.09 20.20 49.32
CA TYR G 1502 -85.44 20.89 48.10
C TYR G 1502 -84.95 22.34 48.13
N LEU G 1503 -85.19 23.03 49.24
CA LEU G 1503 -84.77 24.43 49.32
C LEU G 1503 -83.25 24.54 49.32
N SER G 1504 -82.56 23.59 49.95
CA SER G 1504 -81.10 23.63 49.96
C SER G 1504 -80.52 23.41 48.57
N ARG G 1505 -81.05 22.42 47.85
CA ARG G 1505 -80.53 22.12 46.52
C ARG G 1505 -80.92 23.14 45.46
N ASN G 1506 -82.16 23.61 45.48
CA ASN G 1506 -82.71 24.44 44.42
C ASN G 1506 -82.87 25.90 44.81
N GLY G 1507 -82.34 26.30 45.98
CA GLY G 1507 -82.50 27.66 46.44
C GLY G 1507 -81.28 28.12 47.19
N LYS G 1508 -81.05 29.44 47.15
CA LYS G 1508 -79.95 30.08 47.87
C LYS G 1508 -80.51 30.85 49.04
N THR G 1509 -79.90 30.66 50.22
CA THR G 1509 -80.32 31.41 51.38
C THR G 1509 -79.97 32.88 51.23
N ILE G 1510 -80.77 33.73 51.87
CA ILE G 1510 -80.47 35.16 51.86
C ILE G 1510 -79.22 35.39 52.71
N GLU G 1511 -78.42 36.38 52.32
CA GLU G 1511 -77.17 36.70 52.99
C GLU G 1511 -76.23 35.51 52.98
N GLU G 1512 -75.81 35.12 51.78
CA GLU G 1512 -74.82 34.07 51.64
C GLU G 1512 -73.47 34.54 52.18
N SER G 1513 -72.75 33.62 52.82
CA SER G 1513 -71.48 33.94 53.44
C SER G 1513 -70.36 33.75 52.43
N VAL G 1514 -69.79 34.85 51.95
CA VAL G 1514 -68.71 34.82 50.99
C VAL G 1514 -67.40 34.77 51.76
N ILE G 1515 -66.60 33.74 51.50
CA ILE G 1515 -65.37 33.46 52.25
C ILE G 1515 -64.18 33.95 51.43
N PHE G 1516 -63.28 34.68 52.08
CA PHE G 1516 -62.08 35.18 51.43
C PHE G 1516 -61.17 34.03 51.00
N GLU G 1517 -60.44 34.27 49.92
CA GLU G 1517 -59.47 33.28 49.47
C GLU G 1517 -58.36 33.10 50.50
N ASN G 1518 -57.88 34.19 51.09
CA ASN G 1518 -56.88 34.17 52.13
C ASN G 1518 -57.43 34.84 53.38
N ALA G 1519 -57.35 34.15 54.51
CA ALA G 1519 -57.82 34.71 55.76
C ALA G 1519 -56.88 35.82 56.22
N ILE G 1520 -57.45 36.88 56.79
CA ILE G 1520 -56.69 38.03 57.24
C ILE G 1520 -56.47 37.87 58.75
N PRO G 1521 -55.24 37.60 59.21
CA PRO G 1521 -55.02 37.49 60.66
C PRO G 1521 -55.05 38.86 61.32
N LEU G 1522 -55.89 38.99 62.34
CA LEU G 1522 -56.06 40.24 63.08
C LEU G 1522 -55.26 40.18 64.37
N SER G 1523 -54.61 41.28 64.70
CA SER G 1523 -53.82 41.37 65.94
C SER G 1523 -52.68 40.37 65.86
N SER G 1524 -52.19 39.89 67.01
CA SER G 1524 -51.08 38.95 67.05
C SER G 1524 -51.19 38.12 68.31
N GLY G 1525 -50.35 37.09 68.39
CA GLY G 1525 -50.32 36.19 69.52
C GLY G 1525 -49.79 36.80 70.80
N GLU G 1526 -49.27 38.01 70.76
CA GLU G 1526 -48.88 38.74 71.95
C GLU G 1526 -50.02 39.60 72.48
N GLU G 1527 -50.74 40.29 71.60
CA GLU G 1527 -51.84 41.13 72.02
C GLU G 1527 -53.10 40.33 72.35
N LEU G 1528 -53.29 39.18 71.71
CA LEU G 1528 -54.51 38.40 71.90
C LEU G 1528 -54.39 37.35 72.99
N THR G 1529 -53.26 37.26 73.69
CA THR G 1529 -53.14 36.33 74.80
C THR G 1529 -53.90 36.85 76.02
N SER G 1530 -54.34 35.92 76.86
CA SER G 1530 -55.07 36.25 78.07
C SER G 1530 -54.74 35.22 79.13
N LYS G 1531 -55.18 35.50 80.35
CA LYS G 1531 -54.97 34.61 81.49
C LYS G 1531 -56.26 34.49 82.27
N ALA G 1532 -56.67 33.26 82.55
CA ALA G 1532 -57.92 33.05 83.28
C ALA G 1532 -57.76 33.55 84.71
N PRO G 1533 -58.85 34.01 85.33
CA PRO G 1533 -58.75 34.49 86.72
C PRO G 1533 -58.44 33.35 87.69
N GLY G 1534 -57.78 33.70 88.78
CA GLY G 1534 -57.48 32.71 89.80
C GLY G 1534 -58.73 32.14 90.45
N THR G 1535 -59.77 32.95 90.58
CA THR G 1535 -61.04 32.54 91.17
C THR G 1535 -62.18 32.89 90.23
N ASN G 1536 -63.23 32.09 90.26
CA ASN G 1536 -64.41 32.29 89.42
C ASN G 1536 -65.57 32.92 90.17
N GLU G 1537 -65.42 33.19 91.47
CA GLU G 1537 -66.47 33.87 92.22
C GLU G 1537 -66.84 35.23 91.62
N PRO G 1538 -65.90 36.08 91.19
CA PRO G 1538 -66.32 37.37 90.62
C PRO G 1538 -67.23 37.25 89.41
N TYR G 1539 -66.99 36.25 88.54
CA TYR G 1539 -67.91 36.06 87.42
C TYR G 1539 -69.20 35.39 87.87
N ALA G 1540 -69.11 34.44 88.79
CA ALA G 1540 -70.31 33.72 89.23
C ALA G 1540 -71.31 34.67 89.86
N ILE G 1541 -70.84 35.58 90.72
CA ILE G 1541 -71.76 36.47 91.42
C ILE G 1541 -72.42 37.46 90.45
N VAL G 1542 -71.66 37.99 89.50
CA VAL G 1542 -72.23 38.97 88.58
C VAL G 1542 -73.19 38.29 87.60
N SER G 1543 -72.81 37.13 87.06
CA SER G 1543 -73.62 36.49 86.03
C SER G 1543 -74.75 35.65 86.60
N GLY G 1544 -74.73 35.35 87.90
CA GLY G 1544 -75.75 34.52 88.49
C GLY G 1544 -75.54 33.03 88.33
N ASP G 1545 -74.48 32.61 87.64
CA ASP G 1545 -74.18 31.19 87.45
C ASP G 1545 -73.42 30.69 88.67
N TYR G 1546 -74.17 30.15 89.63
CA TYR G 1546 -73.61 29.62 90.87
C TYR G 1546 -73.38 28.11 90.79
N ASN G 1547 -73.04 27.60 89.61
CA ASN G 1547 -72.75 26.19 89.48
C ASN G 1547 -71.52 25.87 90.35
N PRO G 1548 -71.61 24.93 91.29
CA PRO G 1548 -70.46 24.70 92.17
C PRO G 1548 -69.25 24.16 91.45
N ILE G 1549 -69.40 23.66 90.22
CA ILE G 1549 -68.26 23.08 89.51
C ILE G 1549 -67.17 24.13 89.30
N HIS G 1550 -67.55 25.41 89.31
CA HIS G 1550 -66.59 26.48 89.04
C HIS G 1550 -65.95 27.06 90.30
N VAL G 1551 -66.51 26.80 91.49
CA VAL G 1551 -66.07 27.47 92.70
C VAL G 1551 -65.76 26.52 93.85
N SER G 1552 -66.23 25.29 93.84
CA SER G 1552 -66.09 24.35 94.95
C SER G 1552 -65.21 23.19 94.50
N ARG G 1553 -64.15 22.91 95.27
CA ARG G 1553 -63.26 21.82 94.93
C ARG G 1553 -63.96 20.47 95.06
N VAL G 1554 -64.81 20.31 96.08
CA VAL G 1554 -65.44 19.02 96.32
C VAL G 1554 -66.41 18.67 95.20
N PHE G 1555 -67.16 19.66 94.72
CA PHE G 1555 -68.13 19.38 93.64
C PHE G 1555 -67.41 19.02 92.35
N ALA G 1556 -66.33 19.73 92.03
CA ALA G 1556 -65.55 19.38 90.84
C ALA G 1556 -64.95 17.99 90.97
N ALA G 1557 -64.47 17.65 92.16
CA ALA G 1557 -63.91 16.32 92.39
C ALA G 1557 -64.98 15.25 92.20
N TYR G 1558 -66.19 15.49 92.71
CA TYR G 1558 -67.27 14.53 92.51
C TYR G 1558 -67.63 14.41 91.03
N ALA G 1559 -67.64 15.54 90.32
CA ALA G 1559 -67.87 15.53 88.88
C ALA G 1559 -66.69 14.99 88.08
N LYS G 1560 -65.58 14.64 88.76
CA LYS G 1560 -64.41 14.05 88.11
C LYS G 1560 -63.79 15.02 87.10
N LEU G 1561 -63.89 16.30 87.42
CA LEU G 1561 -63.26 17.34 86.61
C LEU G 1561 -61.83 17.58 87.07
N PRO G 1562 -60.95 18.10 86.21
CA PRO G 1562 -59.58 18.39 86.65
C PRO G 1562 -59.51 19.41 87.78
N GLY G 1563 -60.50 20.29 87.88
CA GLY G 1563 -60.49 21.27 88.95
C GLY G 1563 -61.69 22.19 88.82
N THR G 1564 -61.60 23.33 89.50
CA THR G 1564 -62.66 24.34 89.46
C THR G 1564 -62.55 25.08 88.13
N ILE G 1565 -63.08 24.43 87.08
CA ILE G 1565 -63.01 24.98 85.73
C ILE G 1565 -63.68 26.34 85.69
N THR G 1566 -63.05 27.29 85.01
CA THR G 1566 -63.64 28.62 84.89
C THR G 1566 -64.87 28.57 84.00
N HIS G 1567 -65.69 29.60 84.09
CA HIS G 1567 -66.93 29.64 83.33
C HIS G 1567 -66.64 29.65 81.84
N GLY G 1568 -67.27 28.74 81.12
CA GLY G 1568 -67.26 28.83 79.66
C GLY G 1568 -67.82 30.14 79.20
N MET G 1569 -68.83 30.65 79.90
CA MET G 1569 -69.39 31.94 79.53
C MET G 1569 -68.40 33.06 79.80
N TYR G 1570 -67.60 32.95 80.86
CA TYR G 1570 -66.53 33.93 81.06
C TYR G 1570 -65.53 33.89 79.91
N SER G 1571 -65.14 32.69 79.49
CA SER G 1571 -64.21 32.58 78.36
C SER G 1571 -64.81 33.22 77.12
N SER G 1572 -66.10 32.96 76.87
CA SER G 1572 -66.80 33.57 75.76
C SER G 1572 -66.77 35.09 75.86
N ALA G 1573 -67.03 35.62 77.06
CA ALA G 1573 -67.06 37.08 77.23
C ALA G 1573 -65.68 37.69 77.02
N SER G 1574 -64.63 37.03 77.51
CA SER G 1574 -63.29 37.57 77.33
C SER G 1574 -62.88 37.57 75.87
N ILE G 1575 -63.11 36.46 75.16
CA ILE G 1575 -62.77 36.41 73.75
C ILE G 1575 -63.63 37.38 72.95
N ARG G 1576 -64.89 37.57 73.36
CA ARG G 1576 -65.73 38.55 72.68
C ARG G 1576 -65.27 39.97 72.95
N ALA G 1577 -64.71 40.24 74.13
CA ALA G 1577 -64.10 41.54 74.37
C ALA G 1577 -62.90 41.75 73.46
N LEU G 1578 -62.09 40.70 73.26
CA LEU G 1578 -60.98 40.79 72.32
C LEU G 1578 -61.48 41.08 70.92
N VAL G 1579 -62.56 40.41 70.50
CA VAL G 1579 -63.12 40.64 69.18
C VAL G 1579 -63.67 42.06 69.07
N GLU G 1580 -64.36 42.51 70.11
CA GLU G 1580 -64.86 43.88 70.16
C GLU G 1580 -63.74 44.89 69.94
N GLU G 1581 -62.64 44.73 70.68
CA GLU G 1581 -61.52 45.64 70.51
C GLU G 1581 -60.94 45.55 69.11
N TRP G 1582 -60.42 44.39 68.73
CA TRP G 1582 -59.54 44.26 67.56
C TRP G 1582 -60.32 44.17 66.24
N ALA G 1583 -61.36 43.35 66.18
CA ALA G 1583 -62.11 43.21 64.94
C ALA G 1583 -63.05 44.39 64.71
N ALA G 1584 -63.69 44.88 65.77
CA ALA G 1584 -64.72 45.92 65.66
C ALA G 1584 -64.21 47.31 66.03
N ASN G 1585 -62.91 47.48 66.24
CA ASN G 1585 -62.34 48.79 66.56
C ASN G 1585 -62.97 49.42 67.79
N ASN G 1586 -63.23 48.58 68.80
CA ASN G 1586 -63.74 49.03 70.10
C ASN G 1586 -65.10 49.71 70.02
N VAL G 1587 -65.83 49.49 68.92
CA VAL G 1587 -67.18 50.02 68.75
C VAL G 1587 -68.16 48.90 69.00
N ALA G 1588 -69.00 49.05 70.03
CA ALA G 1588 -69.83 47.95 70.49
C ALA G 1588 -71.02 47.69 69.58
N ALA G 1589 -71.57 48.73 68.95
CA ALA G 1589 -72.72 48.53 68.07
C ALA G 1589 -72.36 47.74 66.81
N ARG G 1590 -71.09 47.71 66.43
CA ARG G 1590 -70.71 47.01 65.21
C ARG G 1590 -70.81 45.50 65.35
N VAL G 1591 -70.48 44.97 66.52
CA VAL G 1591 -70.55 43.52 66.72
C VAL G 1591 -72.02 43.13 66.84
N ARG G 1592 -72.52 42.40 65.84
CA ARG G 1592 -73.94 42.05 65.76
C ARG G 1592 -74.22 40.62 66.18
N ALA G 1593 -73.30 39.69 65.90
CA ALA G 1593 -73.47 38.31 66.33
C ALA G 1593 -72.13 37.76 66.81
N PHE G 1594 -72.20 36.86 67.78
CA PHE G 1594 -71.01 36.20 68.30
C PHE G 1594 -71.39 34.83 68.83
N LYS G 1595 -70.85 33.78 68.21
CA LYS G 1595 -71.15 32.40 68.55
C LYS G 1595 -69.84 31.72 68.91
N CYS G 1596 -69.88 30.87 69.92
CA CYS G 1596 -68.68 30.17 70.38
C CYS G 1596 -69.04 28.77 70.85
N ASP G 1597 -68.09 27.86 70.66
CA ASP G 1597 -68.19 26.46 71.01
C ASP G 1597 -67.14 26.18 72.06
N PHE G 1598 -67.57 25.59 73.18
CA PHE G 1598 -66.70 25.29 74.32
C PHE G 1598 -66.10 23.90 74.10
N VAL G 1599 -65.02 23.84 73.34
CA VAL G 1599 -64.43 22.57 72.93
C VAL G 1599 -63.41 22.04 73.93
N GLY G 1600 -63.02 22.83 74.91
CA GLY G 1600 -62.07 22.38 75.92
C GLY G 1600 -62.37 23.02 77.25
N MET G 1601 -61.67 22.55 78.28
CA MET G 1601 -61.87 23.01 79.65
C MET G 1601 -60.65 23.81 80.10
N VAL G 1602 -60.90 24.91 80.79
CA VAL G 1602 -59.88 25.83 81.25
C VAL G 1602 -59.93 25.92 82.77
N LEU G 1603 -58.77 25.75 83.40
CA LEU G 1603 -58.62 25.89 84.84
C LEU G 1603 -58.16 27.29 85.19
N PRO G 1604 -58.30 27.72 86.44
CA PRO G 1604 -57.84 29.06 86.81
C PRO G 1604 -56.35 29.24 86.57
N ASN G 1605 -55.97 30.45 86.17
CA ASN G 1605 -54.61 30.89 85.94
C ASN G 1605 -53.98 30.30 84.68
N ASP G 1606 -54.76 29.63 83.83
CA ASP G 1606 -54.22 29.14 82.57
C ASP G 1606 -54.03 30.30 81.59
N THR G 1607 -53.00 30.17 80.75
CA THR G 1607 -52.75 31.13 79.69
C THR G 1607 -53.40 30.65 78.40
N LEU G 1608 -54.18 31.54 77.79
CA LEU G 1608 -54.92 31.25 76.56
C LEU G 1608 -54.36 32.11 75.44
N GLN G 1609 -54.18 31.50 74.27
CA GLN G 1609 -53.76 32.18 73.05
C GLN G 1609 -54.94 32.19 72.08
N THR G 1610 -55.38 33.39 71.71
CA THR G 1610 -56.49 33.57 70.79
C THR G 1610 -55.96 34.05 69.45
N THR G 1611 -56.46 33.44 68.37
CA THR G 1611 -56.19 33.87 67.01
C THR G 1611 -57.50 34.25 66.35
N MET G 1612 -57.57 35.47 65.83
CA MET G 1612 -58.73 35.96 65.10
C MET G 1612 -58.37 36.11 63.63
N GLU G 1613 -59.25 35.65 62.76
CA GLU G 1613 -59.07 35.78 61.33
C GLU G 1613 -60.35 36.33 60.71
N HIS G 1614 -60.23 37.41 59.95
CA HIS G 1614 -61.32 37.86 59.09
C HIS G 1614 -61.31 36.92 57.89
N VAL G 1615 -62.37 36.11 57.76
CA VAL G 1615 -62.37 34.99 56.82
C VAL G 1615 -63.42 35.17 55.74
N GLY G 1616 -64.47 35.94 56.02
CA GLY G 1616 -65.53 36.10 55.05
C GLY G 1616 -66.42 37.28 55.38
N MET G 1617 -67.51 37.38 54.62
CA MET G 1617 -68.49 38.43 54.80
C MET G 1617 -69.88 37.85 54.60
N ILE G 1618 -70.87 38.49 55.22
CA ILE G 1618 -72.27 38.11 55.07
C ILE G 1618 -73.09 39.39 55.08
N ASN G 1619 -73.66 39.77 53.94
CA ASN G 1619 -74.48 40.97 53.81
C ASN G 1619 -73.70 42.21 54.26
N GLY G 1620 -72.42 42.26 53.90
CA GLY G 1620 -71.59 43.37 54.29
C GLY G 1620 -71.12 43.36 55.72
N ARG G 1621 -71.27 42.24 56.43
CA ARG G 1621 -70.81 42.10 57.80
C ARG G 1621 -69.61 41.17 57.83
N LYS G 1622 -68.51 41.66 58.39
CA LYS G 1622 -67.28 40.86 58.50
C LYS G 1622 -67.54 39.61 59.32
N ILE G 1623 -67.07 38.47 58.82
CA ILE G 1623 -67.10 37.21 59.54
C ILE G 1623 -65.70 36.99 60.11
N ILE G 1624 -65.63 36.86 61.44
CA ILE G 1624 -64.38 36.78 62.18
C ILE G 1624 -64.36 35.45 62.89
N LYS G 1625 -63.51 34.54 62.42
CA LYS G 1625 -63.32 33.24 63.03
C LYS G 1625 -62.28 33.39 64.15
N VAL G 1626 -62.70 33.06 65.38
CA VAL G 1626 -61.86 33.21 66.57
C VAL G 1626 -61.58 31.82 67.12
N GLU G 1627 -60.33 31.58 67.49
CA GLU G 1627 -59.88 30.27 67.93
C GLU G 1627 -58.97 30.46 69.14
N THR G 1628 -59.45 30.07 70.32
CA THR G 1628 -58.68 30.14 71.55
C THR G 1628 -58.17 28.75 71.90
N ARG G 1629 -56.87 28.68 72.18
CA ARG G 1629 -56.20 27.46 72.59
C ARG G 1629 -55.49 27.71 73.91
N ASN G 1630 -55.06 26.63 74.55
CA ASN G 1630 -54.32 26.73 75.81
C ASN G 1630 -52.82 26.68 75.51
N VAL G 1631 -52.07 27.68 75.98
CA VAL G 1631 -50.65 27.75 75.64
C VAL G 1631 -49.89 26.59 76.25
N GLU G 1632 -50.27 26.17 77.46
CA GLU G 1632 -49.53 25.09 78.12
C GLU G 1632 -49.68 23.77 77.37
N THR G 1633 -50.90 23.45 76.93
CA THR G 1633 -51.17 22.18 76.29
C THR G 1633 -51.38 22.27 74.78
N GLU G 1634 -51.61 23.47 74.25
CA GLU G 1634 -51.87 23.74 72.83
C GLU G 1634 -53.21 23.17 72.36
N LEU G 1635 -54.04 22.65 73.25
CA LEU G 1635 -55.32 22.13 72.83
C LEU G 1635 -56.33 23.27 72.66
N PRO G 1636 -57.27 23.18 71.72
CA PRO G 1636 -58.29 24.21 71.61
C PRO G 1636 -59.25 24.18 72.79
N VAL G 1637 -59.74 25.37 73.17
CA VAL G 1637 -60.70 25.53 74.24
C VAL G 1637 -61.93 26.32 73.78
N LEU G 1638 -61.79 27.15 72.75
CA LEU G 1638 -62.93 27.90 72.21
C LEU G 1638 -62.81 27.98 70.69
N ILE G 1639 -63.92 27.73 70.00
CA ILE G 1639 -63.99 27.94 68.55
C ILE G 1639 -65.27 28.70 68.24
N GLY G 1640 -65.13 29.90 67.65
CA GLY G 1640 -66.31 30.72 67.43
C GLY G 1640 -66.21 31.55 66.16
N GLU G 1641 -67.35 32.16 65.83
CA GLU G 1641 -67.45 33.08 64.71
C GLU G 1641 -68.25 34.30 65.14
N ALA G 1642 -67.89 35.46 64.58
CA ALA G 1642 -68.55 36.72 64.89
C ALA G 1642 -68.94 37.44 63.60
N GLU G 1643 -70.12 38.04 63.61
CA GLU G 1643 -70.57 38.93 62.55
C GLU G 1643 -70.50 40.35 63.07
N ILE G 1644 -69.71 41.19 62.41
CA ILE G 1644 -69.44 42.56 62.83
C ILE G 1644 -69.75 43.50 61.68
N GLU G 1645 -70.56 44.52 61.93
CA GLU G 1645 -70.82 45.52 60.91
C GLU G 1645 -69.54 46.26 60.54
N GLN G 1646 -69.42 46.61 59.25
CA GLN G 1646 -68.36 47.48 58.83
C GLN G 1646 -68.60 48.89 59.37
N PRO G 1647 -67.59 49.76 59.38
CA PRO G 1647 -67.82 51.14 59.76
C PRO G 1647 -68.86 51.79 58.86
N THR G 1648 -69.63 52.72 59.44
CA THR G 1648 -70.65 53.44 58.71
C THR G 1648 -70.11 53.97 57.39
N THR G 1649 -70.75 53.58 56.29
CA THR G 1649 -70.17 53.69 54.96
C THR G 1649 -71.03 54.55 54.04
N THR G 1650 -70.37 55.37 53.24
CA THR G 1650 -70.98 56.04 52.11
C THR G 1650 -70.26 55.61 50.85
N TYR G 1651 -71.02 55.39 49.79
CA TYR G 1651 -70.48 54.95 48.50
C TYR G 1651 -70.59 56.11 47.51
N VAL G 1652 -69.46 56.70 47.17
CA VAL G 1652 -69.39 57.85 46.28
C VAL G 1652 -69.03 57.35 44.89
N PHE G 1653 -69.68 57.90 43.88
CA PHE G 1653 -69.42 57.55 42.49
C PHE G 1653 -69.04 58.81 41.73
N THR G 1654 -67.99 58.72 40.91
CA THR G 1654 -67.42 59.88 40.25
C THR G 1654 -68.02 60.08 38.86
N GLY G 1655 -68.06 61.33 38.44
CA GLY G 1655 -68.53 61.70 37.12
C GLY G 1655 -67.41 61.77 36.11
N GLN G 1656 -67.64 62.54 35.06
CA GLN G 1656 -66.68 62.64 33.97
C GLN G 1656 -65.39 63.31 34.46
N GLY G 1657 -64.32 63.07 33.71
CA GLY G 1657 -63.02 63.66 34.00
C GLY G 1657 -61.87 62.71 33.76
N SER G 1658 -62.09 61.42 33.99
CA SER G 1658 -61.07 60.39 33.81
C SER G 1658 -61.66 59.28 32.98
N GLN G 1659 -61.20 59.17 31.73
CA GLN G 1659 -61.69 58.19 30.76
C GLN G 1659 -60.51 57.56 30.02
N GLU G 1660 -59.47 57.20 30.77
CA GLU G 1660 -58.28 56.63 30.16
C GLU G 1660 -58.60 55.31 29.47
N GLN G 1661 -57.78 54.97 28.48
CA GLN G 1661 -57.98 53.77 27.68
C GLN G 1661 -57.76 52.54 28.56
N GLY G 1662 -58.70 51.61 28.52
CA GLY G 1662 -58.58 50.36 29.24
C GLY G 1662 -59.01 50.39 30.68
N MET G 1663 -59.75 51.41 31.11
CA MET G 1663 -60.18 51.48 32.50
C MET G 1663 -61.18 50.36 32.78
N GLY G 1664 -61.01 49.69 33.92
CA GLY G 1664 -61.87 48.60 34.29
C GLY G 1664 -61.56 47.29 33.61
N MET G 1665 -60.54 47.23 32.76
CA MET G 1665 -60.27 46.00 32.03
C MET G 1665 -59.60 44.96 32.92
N GLU G 1666 -58.83 45.38 33.92
CA GLU G 1666 -58.31 44.43 34.88
C GLU G 1666 -59.44 43.70 35.60
N LEU G 1667 -60.43 44.46 36.07
CA LEU G 1667 -61.60 43.85 36.69
C LEU G 1667 -62.38 42.99 35.70
N TYR G 1668 -62.49 43.48 34.45
CA TYR G 1668 -63.18 42.72 33.41
C TYR G 1668 -62.54 41.34 33.22
N ASN G 1669 -61.21 41.29 33.16
CA ASN G 1669 -60.53 40.02 32.99
C ASN G 1669 -60.56 39.17 34.25
N SER G 1670 -60.54 39.78 35.44
CA SER G 1670 -60.40 39.00 36.66
C SER G 1670 -61.71 38.44 37.20
N SER G 1671 -62.80 39.22 37.15
CA SER G 1671 -64.05 38.86 37.81
C SER G 1671 -65.12 38.47 36.80
N GLU G 1672 -65.83 37.38 37.08
CA GLU G 1672 -66.92 36.94 36.21
C GLU G 1672 -68.07 37.94 36.22
N VAL G 1673 -68.35 38.56 37.37
CA VAL G 1673 -69.49 39.46 37.48
C VAL G 1673 -69.24 40.76 36.70
N ALA G 1674 -68.00 41.28 36.77
CA ALA G 1674 -67.66 42.43 35.94
C ALA G 1674 -67.73 42.05 34.47
N ARG G 1675 -67.28 40.85 34.12
CA ARG G 1675 -67.45 40.34 32.77
C ARG G 1675 -68.91 40.38 32.37
N GLU G 1676 -69.80 39.92 33.25
CA GLU G 1676 -71.22 39.89 32.92
C GLU G 1676 -71.76 41.29 32.69
N VAL G 1677 -71.38 42.24 33.55
CA VAL G 1677 -71.85 43.61 33.39
C VAL G 1677 -71.41 44.18 32.05
N TRP G 1678 -70.11 44.07 31.76
CA TRP G 1678 -69.57 44.61 30.53
C TRP G 1678 -70.14 43.90 29.30
N ASP G 1679 -70.35 42.57 29.40
CA ASP G 1679 -70.89 41.82 28.27
C ASP G 1679 -72.32 42.21 27.99
N LYS G 1680 -73.15 42.35 29.02
CA LYS G 1680 -74.53 42.78 28.82
C LYS G 1680 -74.56 44.17 28.18
N ALA G 1681 -73.73 45.08 28.69
CA ALA G 1681 -73.70 46.43 28.13
C ALA G 1681 -73.23 46.42 26.68
N ASP G 1682 -72.18 45.65 26.38
CA ASP G 1682 -71.64 45.61 25.03
C ASP G 1682 -72.63 44.98 24.06
N ARG G 1683 -73.31 43.92 24.49
CA ARG G 1683 -74.31 43.31 23.62
C ARG G 1683 -75.45 44.27 23.34
N HIS G 1684 -75.92 44.98 24.37
CA HIS G 1684 -76.99 45.95 24.14
C HIS G 1684 -76.53 47.06 23.20
N PHE G 1685 -75.31 47.55 23.39
CA PHE G 1685 -74.81 48.61 22.52
C PHE G 1685 -74.68 48.12 21.08
N VAL G 1686 -74.16 46.91 20.89
CA VAL G 1686 -73.99 46.38 19.54
C VAL G 1686 -75.35 46.19 18.88
N ASN G 1687 -76.33 45.73 19.64
CA ASN G 1687 -77.63 45.41 19.05
C ASN G 1687 -78.45 46.67 18.76
N ASN G 1688 -78.41 47.65 19.66
CA ASN G 1688 -79.32 48.79 19.59
C ASN G 1688 -78.67 50.07 19.09
N TYR G 1689 -77.33 50.14 19.03
CA TYR G 1689 -76.63 51.35 18.61
C TYR G 1689 -75.49 51.07 17.64
N GLY G 1690 -75.09 49.82 17.43
CA GLY G 1690 -74.18 49.49 16.37
C GLY G 1690 -72.70 49.61 16.69
N PHE G 1691 -72.34 49.78 17.96
CA PHE G 1691 -70.93 49.81 18.35
C PHE G 1691 -70.73 48.97 19.60
N SER G 1692 -69.45 48.68 19.87
CA SER G 1692 -69.03 47.93 21.05
C SER G 1692 -68.34 48.89 22.01
N ILE G 1693 -68.96 49.11 23.16
CA ILE G 1693 -68.35 49.97 24.17
C ILE G 1693 -67.06 49.35 24.66
N LEU G 1694 -66.97 48.01 24.67
CA LEU G 1694 -65.71 47.38 25.02
C LEU G 1694 -64.63 47.72 24.02
N ASP G 1695 -64.96 47.72 22.73
CA ASP G 1695 -63.99 48.15 21.72
C ASP G 1695 -63.57 49.60 21.96
N ILE G 1696 -64.54 50.48 22.25
CA ILE G 1696 -64.22 51.89 22.45
C ILE G 1696 -63.29 52.05 23.65
N VAL G 1697 -63.58 51.34 24.74
CA VAL G 1697 -62.78 51.50 25.95
C VAL G 1697 -61.39 50.90 25.77
N GLN G 1698 -61.30 49.72 25.14
CA GLN G 1698 -60.01 49.04 25.04
C GLN G 1698 -59.09 49.73 24.04
N ASN G 1699 -59.62 50.15 22.89
CA ASN G 1699 -58.81 50.67 21.81
C ASN G 1699 -58.82 52.18 21.68
N ASN G 1700 -59.92 52.84 22.06
CA ASN G 1700 -60.06 54.28 21.96
C ASN G 1700 -59.78 54.76 20.53
N PRO G 1701 -60.55 54.30 19.55
CA PRO G 1701 -60.33 54.76 18.17
C PRO G 1701 -60.70 56.23 18.02
N ASN G 1702 -60.03 56.89 17.07
CA ASN G 1702 -60.32 58.30 16.82
C ASN G 1702 -61.65 58.48 16.09
N GLU G 1703 -61.96 57.59 15.16
CA GLU G 1703 -63.20 57.61 14.43
C GLU G 1703 -63.83 56.22 14.41
N LEU G 1704 -65.17 56.19 14.36
CA LEU G 1704 -65.93 54.96 14.40
C LEU G 1704 -67.12 55.08 13.46
N THR G 1705 -67.23 54.15 12.51
CA THR G 1705 -68.30 54.17 11.52
C THR G 1705 -69.36 53.15 11.93
N ILE G 1706 -70.61 53.60 11.95
CA ILE G 1706 -71.77 52.76 12.23
C ILE G 1706 -72.45 52.50 10.90
N HIS G 1707 -72.77 51.25 10.62
CA HIS G 1707 -73.45 50.87 9.39
C HIS G 1707 -74.88 50.45 9.69
N PHE G 1708 -75.82 50.93 8.88
CA PHE G 1708 -77.24 50.76 9.11
C PHE G 1708 -77.88 49.75 8.17
N GLY G 1709 -77.09 48.85 7.58
CA GLY G 1709 -77.65 47.88 6.66
C GLY G 1709 -78.32 46.73 7.40
N GLY G 1710 -79.26 46.09 6.73
CA GLY G 1710 -79.96 44.95 7.30
C GLY G 1710 -81.12 45.39 8.19
N ALA G 1711 -81.86 44.38 8.67
CA ALA G 1711 -82.99 44.67 9.54
C ALA G 1711 -82.52 45.20 10.90
N LYS G 1712 -81.51 44.56 11.48
CA LYS G 1712 -80.96 45.05 12.74
C LYS G 1712 -80.34 46.44 12.55
N GLY G 1713 -79.64 46.65 11.44
CA GLY G 1713 -79.07 47.96 11.18
C GLY G 1713 -80.13 49.03 11.01
N ARG G 1714 -81.26 48.68 10.40
CA ARG G 1714 -82.34 49.65 10.26
C ARG G 1714 -83.01 49.93 11.60
N ALA G 1715 -83.11 48.92 12.46
CA ALA G 1715 -83.57 49.17 13.82
C ALA G 1715 -82.63 50.12 14.54
N ILE G 1716 -81.33 49.93 14.36
CA ILE G 1716 -80.34 50.82 14.97
C ILE G 1716 -80.49 52.24 14.42
N ARG G 1717 -80.70 52.35 13.11
CA ARG G 1717 -80.92 53.66 12.49
C ARG G 1717 -82.17 54.33 13.06
N ASP G 1718 -83.23 53.56 13.26
CA ASP G 1718 -84.44 54.12 13.86
C ASP G 1718 -84.17 54.59 15.29
N ASN G 1719 -83.38 53.81 16.03
CA ASN G 1719 -82.98 54.24 17.37
C ASN G 1719 -82.28 55.60 17.32
N TYR G 1720 -81.34 55.74 16.39
CA TYR G 1720 -80.61 57.01 16.28
C TYR G 1720 -81.53 58.14 15.82
N ILE G 1721 -82.46 57.84 14.91
CA ILE G 1721 -83.34 58.88 14.38
C ILE G 1721 -84.30 59.37 15.45
N GLY G 1722 -84.77 58.47 16.32
CA GLY G 1722 -85.80 58.85 17.27
C GLY G 1722 -85.33 59.73 18.41
N MET G 1723 -84.03 59.93 18.57
CA MET G 1723 -83.51 60.70 19.70
C MET G 1723 -83.62 62.19 19.42
N MET G 1724 -84.58 62.84 20.08
CA MET G 1724 -84.85 64.25 19.92
C MET G 1724 -83.93 65.07 20.82
N PHE G 1725 -83.92 66.38 20.63
CA PHE G 1725 -83.36 67.29 21.61
C PHE G 1725 -83.98 68.67 21.41
N GLU G 1726 -84.08 69.42 22.51
CA GLU G 1726 -84.75 70.71 22.53
C GLU G 1726 -83.77 71.83 22.85
N THR G 1727 -84.09 73.02 22.35
CA THR G 1727 -83.30 74.21 22.58
C THR G 1727 -84.24 75.42 22.52
N ILE G 1728 -83.69 76.61 22.72
CA ILE G 1728 -84.45 77.85 22.71
C ILE G 1728 -84.36 78.45 21.31
N GLY G 1729 -85.51 78.72 20.71
CA GLY G 1729 -85.55 79.31 19.38
C GLY G 1729 -85.25 80.79 19.38
N LEU G 1734 -90.00 76.14 22.69
CA LEU G 1734 -88.86 75.23 22.68
C LEU G 1734 -88.77 74.51 21.35
N LYS G 1735 -87.73 74.80 20.58
CA LYS G 1735 -87.53 74.16 19.30
C LYS G 1735 -86.92 72.77 19.48
N SER G 1736 -87.60 71.76 18.96
CA SER G 1736 -87.19 70.36 19.10
C SER G 1736 -86.78 69.84 17.73
N GLU G 1737 -85.62 69.19 17.67
CA GLU G 1737 -85.14 68.65 16.41
C GLU G 1737 -84.25 67.44 16.67
N LYS G 1738 -83.85 66.79 15.58
CA LYS G 1738 -83.07 65.56 15.66
C LYS G 1738 -81.69 65.84 16.23
N ILE G 1739 -81.21 64.94 17.08
CA ILE G 1739 -79.83 65.00 17.52
C ILE G 1739 -78.90 64.80 16.33
N PHE G 1740 -79.23 63.84 15.47
CA PHE G 1740 -78.49 63.56 14.24
C PHE G 1740 -79.34 64.06 13.07
N LYS G 1741 -79.14 65.33 12.71
CA LYS G 1741 -79.89 65.90 11.59
C LYS G 1741 -79.58 65.19 10.28
N ASP G 1742 -78.37 64.70 10.11
CA ASP G 1742 -77.93 64.10 8.85
C ASP G 1742 -78.29 62.62 8.72
N ILE G 1743 -78.89 62.01 9.75
CA ILE G 1743 -79.38 60.65 9.67
C ILE G 1743 -80.85 60.71 9.26
N ASP G 1744 -81.16 60.14 8.10
CA ASP G 1744 -82.51 60.13 7.56
C ASP G 1744 -82.79 58.72 7.05
N GLU G 1745 -83.93 58.54 6.39
CA GLU G 1745 -84.30 57.22 5.86
C GLU G 1745 -83.31 56.71 4.83
N THR G 1746 -82.55 57.59 4.17
CA THR G 1746 -81.66 57.19 3.09
C THR G 1746 -80.22 56.98 3.51
N THR G 1747 -79.85 57.30 4.74
CA THR G 1747 -78.46 57.22 5.14
C THR G 1747 -78.05 55.76 5.35
N THR G 1748 -76.86 55.42 4.85
CA THR G 1748 -76.32 54.07 4.95
C THR G 1748 -75.40 53.89 6.15
N SER G 1749 -74.76 54.96 6.61
CA SER G 1749 -73.82 54.86 7.71
C SER G 1749 -73.64 56.24 8.33
N TYR G 1750 -73.06 56.25 9.54
CA TYR G 1750 -72.77 57.48 10.26
C TYR G 1750 -71.43 57.33 10.97
N THR G 1751 -70.58 58.35 10.86
CA THR G 1751 -69.24 58.31 11.44
C THR G 1751 -69.16 59.26 12.62
N PHE G 1752 -68.74 58.73 13.77
CA PHE G 1752 -68.35 59.54 14.91
C PHE G 1752 -66.87 59.85 14.80
N VAL G 1753 -66.49 61.09 15.08
CA VAL G 1753 -65.12 61.56 14.95
C VAL G 1753 -64.72 62.23 16.26
N SER G 1754 -63.44 62.13 16.62
CA SER G 1754 -62.92 62.85 17.77
C SER G 1754 -61.42 63.06 17.61
N PRO G 1755 -60.91 64.30 17.71
CA PRO G 1755 -59.44 64.46 17.66
C PRO G 1755 -58.70 63.71 18.75
N THR G 1756 -59.26 63.69 19.97
CA THR G 1756 -58.59 63.12 21.13
C THR G 1756 -59.10 61.72 21.48
N GLY G 1757 -59.67 61.02 20.52
CA GLY G 1757 -60.24 59.70 20.77
C GLY G 1757 -61.70 59.78 21.18
N LEU G 1758 -62.42 58.70 20.87
CA LEU G 1758 -63.86 58.68 21.14
C LEU G 1758 -64.15 58.53 22.63
N LEU G 1759 -63.21 58.00 23.41
CA LEU G 1759 -63.40 57.94 24.85
C LEU G 1759 -63.53 59.32 25.45
N SER G 1760 -62.94 60.33 24.82
CA SER G 1760 -63.07 61.71 25.31
C SER G 1760 -64.38 62.35 24.90
N ALA G 1761 -65.08 61.80 23.90
CA ALA G 1761 -66.41 62.28 23.57
C ALA G 1761 -67.37 61.95 24.70
N THR G 1762 -68.31 62.86 24.96
CA THR G 1762 -69.23 62.66 26.08
C THR G 1762 -70.06 61.40 25.87
N GLN G 1763 -70.63 61.23 24.66
CA GLN G 1763 -71.59 60.15 24.44
C GLN G 1763 -70.99 58.77 24.68
N PHE G 1764 -69.67 58.64 24.58
CA PHE G 1764 -68.99 57.38 24.86
C PHE G 1764 -68.24 57.41 26.19
N THR G 1765 -67.89 58.60 26.68
CA THR G 1765 -67.28 58.70 28.00
C THR G 1765 -68.28 58.31 29.09
N GLN G 1766 -69.51 58.79 28.97
CA GLN G 1766 -70.49 58.54 30.04
C GLN G 1766 -70.82 57.06 30.19
N PRO G 1767 -71.20 56.32 29.14
CA PRO G 1767 -71.46 54.89 29.33
C PRO G 1767 -70.25 54.12 29.83
N ALA G 1768 -69.05 54.48 29.36
CA ALA G 1768 -67.86 53.73 29.78
C ALA G 1768 -67.61 53.89 31.26
N LEU G 1769 -67.63 55.13 31.76
CA LEU G 1769 -67.42 55.34 33.19
C LEU G 1769 -68.54 54.73 34.02
N THR G 1770 -69.79 54.90 33.57
CA THR G 1770 -70.91 54.30 34.29
C THR G 1770 -70.75 52.79 34.38
N LEU G 1771 -70.27 52.16 33.30
CA LEU G 1771 -70.16 50.71 33.29
C LEU G 1771 -69.00 50.22 34.13
N MET G 1772 -67.87 50.93 34.11
CA MET G 1772 -66.76 50.49 34.96
C MET G 1772 -67.13 50.65 36.44
N GLU G 1773 -67.85 51.72 36.78
CA GLU G 1773 -68.32 51.88 38.16
C GLU G 1773 -69.33 50.79 38.52
N LYS G 1774 -70.26 50.47 37.62
CA LYS G 1774 -71.23 49.43 37.90
C LYS G 1774 -70.54 48.08 38.08
N ALA G 1775 -69.54 47.79 37.26
CA ALA G 1775 -68.82 46.53 37.38
C ALA G 1775 -68.05 46.46 38.69
N ALA G 1776 -67.39 47.57 39.08
CA ALA G 1776 -66.69 47.59 40.36
C ALA G 1776 -67.64 47.37 41.51
N TYR G 1777 -68.78 48.06 41.50
CA TYR G 1777 -69.74 47.88 42.58
C TYR G 1777 -70.30 46.46 42.59
N GLU G 1778 -70.52 45.88 41.41
CA GLU G 1778 -71.07 44.53 41.36
C GLU G 1778 -70.07 43.51 41.88
N ASP G 1779 -68.78 43.70 41.58
CA ASP G 1779 -67.77 42.83 42.17
C ASP G 1779 -67.76 42.97 43.68
N ILE G 1780 -67.85 44.20 44.18
CA ILE G 1780 -67.87 44.44 45.62
C ILE G 1780 -69.08 43.75 46.25
N LYS G 1781 -70.26 43.91 45.62
CA LYS G 1781 -71.48 43.32 46.16
C LYS G 1781 -71.43 41.80 46.11
N SER G 1782 -70.94 41.22 45.02
CA SER G 1782 -70.81 39.77 44.93
C SER G 1782 -69.81 39.25 45.95
N LYS G 1783 -68.82 40.04 46.33
CA LYS G 1783 -67.92 39.67 47.41
C LYS G 1783 -68.53 39.93 48.79
N GLY G 1784 -69.61 40.69 48.86
CA GLY G 1784 -70.32 40.84 50.12
C GLY G 1784 -69.76 41.92 51.01
N LEU G 1785 -69.32 43.04 50.43
CA LEU G 1785 -68.69 44.13 51.15
C LEU G 1785 -69.57 45.38 51.18
N ILE G 1786 -70.87 45.23 51.01
CA ILE G 1786 -71.83 46.33 50.96
C ILE G 1786 -72.62 46.33 52.26
N PRO G 1787 -72.35 47.25 53.20
CA PRO G 1787 -73.15 47.29 54.42
C PRO G 1787 -74.62 47.59 54.12
N SER G 1788 -75.50 47.05 54.98
CA SER G 1788 -76.92 47.32 54.83
C SER G 1788 -77.23 48.80 55.04
N ASP G 1789 -76.56 49.42 56.01
CA ASP G 1789 -76.74 50.84 56.31
C ASP G 1789 -75.66 51.62 55.57
N ILE G 1790 -75.96 52.01 54.33
CA ILE G 1790 -75.04 52.75 53.47
C ILE G 1790 -75.65 54.10 53.13
N MET G 1791 -74.81 55.00 52.62
CA MET G 1791 -75.27 56.27 52.07
C MET G 1791 -74.57 56.50 50.74
N PHE G 1792 -75.29 56.29 49.64
CA PHE G 1792 -74.67 56.37 48.32
C PHE G 1792 -74.99 57.70 47.65
N ALA G 1793 -73.96 58.27 47.02
CA ALA G 1793 -74.09 59.53 46.31
C ALA G 1793 -73.24 59.47 45.06
N GLY G 1794 -73.57 60.35 44.11
CA GLY G 1794 -72.87 60.39 42.86
C GLY G 1794 -72.68 61.81 42.35
N HIS G 1795 -71.54 62.07 41.72
CA HIS G 1795 -71.19 63.40 41.24
C HIS G 1795 -71.51 63.51 39.75
N SER G 1796 -72.43 64.43 39.42
CA SER G 1796 -72.82 64.67 38.04
C SER G 1796 -73.30 63.38 37.38
N LEU G 1797 -72.41 62.70 36.65
CA LEU G 1797 -72.79 61.44 36.03
C LEU G 1797 -72.79 60.29 37.03
N GLY G 1798 -72.02 60.41 38.11
CA GLY G 1798 -71.94 59.32 39.07
C GLY G 1798 -73.27 58.98 39.71
N GLU G 1799 -74.24 59.89 39.65
CA GLU G 1799 -75.54 59.63 40.26
C GLU G 1799 -76.23 58.44 39.61
N TYR G 1800 -76.16 58.34 38.27
CA TYR G 1800 -76.79 57.23 37.58
C TYR G 1800 -76.13 55.91 37.94
N SER G 1801 -74.80 55.89 37.98
CA SER G 1801 -74.10 54.68 38.39
C SER G 1801 -74.45 54.29 39.81
N ALA G 1802 -74.50 55.28 40.73
CA ALA G 1802 -74.82 55.00 42.11
C ALA G 1802 -76.23 54.44 42.26
N LEU G 1803 -77.19 55.02 41.53
CA LEU G 1803 -78.57 54.53 41.62
C LEU G 1803 -78.70 53.14 41.04
N SER G 1804 -78.17 52.92 39.84
CA SER G 1804 -78.21 51.58 39.24
C SER G 1804 -77.44 50.57 40.07
N SER G 1805 -76.50 51.05 40.89
CA SER G 1805 -75.71 50.16 41.73
C SER G 1805 -76.46 49.75 42.98
N LEU G 1806 -76.83 50.71 43.82
CA LEU G 1806 -77.40 50.42 45.13
C LEU G 1806 -78.91 50.30 45.14
N ALA G 1807 -79.61 51.02 44.26
CA ALA G 1807 -81.06 50.94 44.18
C ALA G 1807 -81.55 49.96 43.12
N ASN G 1808 -80.71 49.59 42.16
CA ASN G 1808 -81.10 48.71 41.06
C ASN G 1808 -82.29 49.28 40.29
N VAL G 1809 -82.42 50.61 40.30
CA VAL G 1809 -83.57 51.24 39.65
C VAL G 1809 -83.46 51.10 38.14
N MET G 1810 -82.25 51.15 37.60
CA MET G 1810 -82.00 51.07 36.18
C MET G 1810 -81.39 49.71 35.85
N PRO G 1811 -81.97 48.90 34.97
CA PRO G 1811 -81.22 47.78 34.41
C PRO G 1811 -79.96 48.29 33.72
N ILE G 1812 -79.04 47.36 33.43
CA ILE G 1812 -77.80 47.75 32.76
C ILE G 1812 -78.10 48.36 31.40
N GLU G 1813 -79.04 47.75 30.66
CA GLU G 1813 -79.37 48.23 29.33
C GLU G 1813 -80.00 49.62 29.38
N SER G 1814 -80.97 49.83 30.26
CA SER G 1814 -81.58 51.14 30.39
C SER G 1814 -80.56 52.16 30.88
N LEU G 1815 -79.62 51.72 31.71
CA LEU G 1815 -78.60 52.63 32.24
C LEU G 1815 -77.71 53.13 31.12
N VAL G 1816 -77.22 52.22 30.28
CA VAL G 1816 -76.36 52.62 29.19
C VAL G 1816 -77.14 53.49 28.20
N ASP G 1817 -78.42 53.17 27.97
CA ASP G 1817 -79.24 54.02 27.12
C ASP G 1817 -79.35 55.43 27.67
N VAL G 1818 -79.64 55.54 28.97
CA VAL G 1818 -79.87 56.85 29.57
C VAL G 1818 -78.59 57.68 29.54
N VAL G 1819 -77.46 57.07 29.89
CA VAL G 1819 -76.22 57.84 29.93
C VAL G 1819 -75.77 58.21 28.52
N PHE G 1820 -75.98 57.34 27.53
CA PHE G 1820 -75.66 57.68 26.15
C PHE G 1820 -76.51 58.85 25.68
N TYR G 1821 -77.81 58.81 25.98
CA TYR G 1821 -78.71 59.89 25.59
C TYR G 1821 -78.32 61.19 26.29
N ARG G 1822 -77.94 61.11 27.56
CA ARG G 1822 -77.50 62.29 28.29
C ARG G 1822 -76.24 62.88 27.66
N GLY G 1823 -75.27 62.02 27.31
CA GLY G 1823 -74.06 62.52 26.69
C GLY G 1823 -74.33 63.20 25.36
N MET G 1824 -75.17 62.60 24.51
CA MET G 1824 -75.50 63.22 23.24
C MET G 1824 -76.26 64.53 23.45
N THR G 1825 -77.15 64.57 24.45
CA THR G 1825 -77.88 65.80 24.72
C THR G 1825 -76.93 66.91 25.15
N MET G 1826 -75.95 66.60 26.01
CA MET G 1826 -74.94 67.59 26.36
C MET G 1826 -74.17 68.04 25.13
N GLN G 1827 -73.77 67.09 24.28
CA GLN G 1827 -72.97 67.41 23.12
C GLN G 1827 -73.70 68.37 22.19
N VAL G 1828 -75.01 68.16 22.00
CA VAL G 1828 -75.77 68.96 21.03
C VAL G 1828 -76.54 70.11 21.66
N ALA G 1829 -76.49 70.29 22.98
CA ALA G 1829 -77.23 71.38 23.61
C ALA G 1829 -76.71 72.75 23.22
N VAL G 1830 -75.51 72.85 22.66
CA VAL G 1830 -74.87 74.14 22.41
C VAL G 1830 -74.63 74.29 20.90
N PRO G 1831 -74.84 75.48 20.32
CA PRO G 1831 -74.48 75.66 18.90
C PRO G 1831 -72.98 75.54 18.68
N ARG G 1832 -72.62 75.09 17.48
CA ARG G 1832 -71.23 74.94 17.08
C ARG G 1832 -71.04 75.49 15.68
N ASP G 1833 -69.83 75.96 15.41
CA ASP G 1833 -69.50 76.55 14.11
C ASP G 1833 -69.16 75.44 13.12
N GLU G 1834 -68.65 75.82 11.95
CA GLU G 1834 -68.31 74.83 10.93
C GLU G 1834 -67.18 73.90 11.40
N LEU G 1835 -66.34 74.37 12.31
CA LEU G 1835 -65.24 73.57 12.85
C LEU G 1835 -65.63 72.82 14.11
N GLY G 1836 -66.89 72.88 14.54
CA GLY G 1836 -67.31 72.21 15.75
C GLY G 1836 -67.00 72.94 17.03
N ARG G 1837 -66.52 74.17 16.95
CA ARG G 1837 -66.14 74.93 18.14
C ARG G 1837 -67.36 75.65 18.73
N SER G 1838 -67.54 75.49 20.03
CA SER G 1838 -68.62 76.10 20.78
C SER G 1838 -68.13 77.34 21.50
N ASN G 1839 -69.05 78.27 21.77
CA ASN G 1839 -68.72 79.51 22.43
C ASN G 1839 -68.88 79.46 23.95
N TYR G 1840 -69.24 78.31 24.51
CA TYR G 1840 -69.40 78.12 25.95
C TYR G 1840 -68.26 77.26 26.48
N GLY G 1841 -68.23 77.10 27.80
CA GLY G 1841 -67.19 76.33 28.44
C GLY G 1841 -67.30 76.36 29.94
N MET G 1842 -66.27 75.80 30.59
CA MET G 1842 -66.23 75.66 32.04
C MET G 1842 -64.81 75.85 32.55
N VAL G 1843 -64.70 76.46 33.73
CA VAL G 1843 -63.42 76.65 34.42
C VAL G 1843 -63.58 76.19 35.86
N ALA G 1844 -62.46 75.85 36.49
CA ALA G 1844 -62.42 75.51 37.91
C ALA G 1844 -61.72 76.65 38.66
N VAL G 1845 -62.42 77.24 39.62
CA VAL G 1845 -61.97 78.46 40.29
C VAL G 1845 -61.71 78.13 41.76
N ASN G 1846 -60.62 78.68 42.30
CA ASN G 1846 -60.16 78.43 43.66
C ASN G 1846 -60.07 79.74 44.43
N PRO G 1847 -60.98 80.03 45.37
CA PRO G 1847 -60.89 81.31 46.10
C PRO G 1847 -59.58 81.50 46.86
N SER G 1848 -59.05 80.43 47.46
CA SER G 1848 -57.84 80.58 48.26
C SER G 1848 -56.66 81.05 47.42
N ARG G 1849 -56.66 80.71 46.12
CA ARG G 1849 -55.63 81.23 45.24
C ARG G 1849 -55.78 82.74 45.07
N VAL G 1850 -57.01 83.23 44.97
CA VAL G 1850 -57.23 84.67 44.86
C VAL G 1850 -56.77 85.37 46.14
N SER G 1851 -57.25 84.89 47.29
CA SER G 1851 -56.84 85.43 48.58
C SER G 1851 -57.40 84.55 49.68
N ALA G 1852 -56.79 84.65 50.87
CA ALA G 1852 -57.23 83.85 52.00
C ALA G 1852 -58.59 84.28 52.54
N THR G 1853 -58.95 85.56 52.38
CA THR G 1853 -60.22 86.08 52.86
C THR G 1853 -61.35 85.92 51.84
N PHE G 1854 -61.08 85.30 50.69
CA PHE G 1854 -62.03 85.19 49.60
C PHE G 1854 -62.78 83.86 49.75
N ASP G 1855 -64.09 83.94 49.98
CA ASP G 1855 -64.89 82.79 50.41
C ASP G 1855 -66.01 82.49 49.40
N ASP G 1856 -66.84 81.50 49.76
CA ASP G 1856 -67.91 81.07 48.87
C ASP G 1856 -68.94 82.16 48.64
N SER G 1857 -69.27 82.91 49.69
CA SER G 1857 -70.18 84.03 49.52
C SER G 1857 -69.57 85.09 48.61
N ALA G 1858 -68.25 85.27 48.70
CA ALA G 1858 -67.59 86.25 47.85
C ALA G 1858 -67.63 85.83 46.38
N LEU G 1859 -67.35 84.55 46.09
CA LEU G 1859 -67.51 84.08 44.71
C LEU G 1859 -68.96 84.18 44.25
N ARG G 1860 -69.92 83.87 45.12
CA ARG G 1860 -71.31 83.99 44.69
C ARG G 1860 -71.64 85.41 44.32
N PHE G 1861 -71.21 86.38 45.15
CA PHE G 1861 -71.43 87.79 44.84
C PHE G 1861 -70.76 88.16 43.52
N VAL G 1862 -69.49 87.77 43.34
CA VAL G 1862 -68.77 88.14 42.12
C VAL G 1862 -69.46 87.55 40.89
N VAL G 1863 -69.82 86.26 40.97
CA VAL G 1863 -70.42 85.59 39.82
C VAL G 1863 -71.75 86.26 39.47
N ASP G 1864 -72.57 86.55 40.48
CA ASP G 1864 -73.85 87.20 40.23
C ASP G 1864 -73.65 88.57 39.60
N GLU G 1865 -72.66 89.33 40.07
CA GLU G 1865 -72.48 90.68 39.53
C GLU G 1865 -71.94 90.65 38.11
N VAL G 1866 -70.97 89.78 37.81
CA VAL G 1866 -70.50 89.64 36.44
C VAL G 1866 -71.63 89.21 35.52
N ALA G 1867 -72.44 88.25 35.94
CA ALA G 1867 -73.57 87.86 35.10
C ALA G 1867 -74.54 89.02 34.88
N ASN G 1868 -74.91 89.72 35.95
CA ASN G 1868 -75.92 90.76 35.88
C ASN G 1868 -75.48 91.99 35.09
N LYS G 1869 -74.18 92.33 35.11
CA LYS G 1869 -73.74 93.50 34.37
C LYS G 1869 -73.71 93.27 32.86
N THR G 1870 -73.00 92.24 32.41
CA THR G 1870 -72.78 92.02 30.98
C THR G 1870 -73.82 91.11 30.34
N LYS G 1871 -74.80 90.62 31.11
CA LYS G 1871 -75.94 89.87 30.56
C LYS G 1871 -75.53 88.55 29.92
N TRP G 1872 -74.31 88.08 30.16
CA TRP G 1872 -73.82 86.82 29.60
C TRP G 1872 -73.97 85.71 30.62
N LEU G 1873 -74.30 84.51 30.12
CA LEU G 1873 -74.49 83.37 31.01
C LEU G 1873 -73.18 83.03 31.72
N LEU G 1874 -73.24 83.01 33.05
CA LEU G 1874 -72.07 82.67 33.86
C LEU G 1874 -72.57 82.29 35.24
N GLU G 1875 -72.41 81.03 35.62
CA GLU G 1875 -73.00 80.53 36.85
C GLU G 1875 -72.11 79.48 37.47
N ILE G 1876 -72.18 79.37 38.79
CA ILE G 1876 -71.47 78.32 39.52
C ILE G 1876 -72.26 77.04 39.37
N VAL G 1877 -71.61 75.99 38.88
CA VAL G 1877 -72.28 74.75 38.51
C VAL G 1877 -71.97 73.62 39.49
N ASN G 1878 -70.72 73.48 39.91
CA ASN G 1878 -70.32 72.46 40.87
C ASN G 1878 -69.76 73.12 42.12
N TYR G 1879 -70.27 72.72 43.27
CA TYR G 1879 -69.80 73.17 44.57
C TYR G 1879 -68.99 72.03 45.17
N ASN G 1880 -67.70 71.96 44.80
CA ASN G 1880 -66.87 70.81 45.12
C ASN G 1880 -66.35 70.86 46.56
N VAL G 1881 -65.56 71.88 46.89
CA VAL G 1881 -64.93 72.03 48.19
C VAL G 1881 -65.11 73.47 48.66
N GLU G 1882 -65.36 73.64 49.95
CA GLU G 1882 -65.57 74.96 50.52
C GLU G 1882 -64.30 75.80 50.37
N ASN G 1883 -64.42 76.92 49.67
CA ASN G 1883 -63.36 77.92 49.51
C ASN G 1883 -62.10 77.36 48.88
N GLN G 1884 -62.17 76.18 48.25
CA GLN G 1884 -60.99 75.54 47.66
C GLN G 1884 -61.21 75.04 46.24
N GLN G 1885 -62.44 74.64 45.89
CA GLN G 1885 -62.72 74.11 44.56
C GLN G 1885 -64.16 74.41 44.19
N TYR G 1886 -64.34 75.22 43.16
CA TYR G 1886 -65.65 75.43 42.55
C TYR G 1886 -65.48 75.34 41.05
N VAL G 1887 -66.60 75.21 40.34
CA VAL G 1887 -66.59 75.19 38.87
C VAL G 1887 -67.63 76.18 38.39
N ALA G 1888 -67.24 77.01 37.42
CA ALA G 1888 -68.10 78.00 36.81
C ALA G 1888 -68.26 77.71 35.33
N ALA G 1889 -69.51 77.73 34.86
CA ALA G 1889 -69.85 77.42 33.48
C ALA G 1889 -70.52 78.63 32.85
N GLY G 1890 -70.21 78.87 31.58
CA GLY G 1890 -70.83 79.96 30.86
C GLY G 1890 -70.12 80.21 29.54
N ASP G 1891 -70.49 81.33 28.91
CA ASP G 1891 -69.82 81.74 27.69
C ASP G 1891 -68.33 81.86 27.95
N LEU G 1892 -67.53 81.56 26.92
CA LEU G 1892 -66.11 81.81 27.07
C LEU G 1892 -65.84 83.29 27.29
N ARG G 1893 -66.68 84.15 26.71
CA ARG G 1893 -66.65 85.57 27.00
C ARG G 1893 -66.67 85.81 28.51
N ALA G 1894 -67.74 85.37 29.18
CA ALA G 1894 -67.91 85.65 30.60
C ALA G 1894 -66.90 84.87 31.44
N LEU G 1895 -66.43 83.74 30.93
CA LEU G 1895 -65.47 82.95 31.71
C LEU G 1895 -64.09 83.60 31.71
N ASP G 1896 -63.63 84.08 30.56
CA ASP G 1896 -62.43 84.90 30.55
C ASP G 1896 -62.65 86.19 31.33
N THR G 1897 -63.88 86.71 31.30
CA THR G 1897 -64.19 87.88 32.11
C THR G 1897 -63.95 87.60 33.58
N LEU G 1898 -64.48 86.48 34.09
CA LEU G 1898 -64.27 86.12 35.48
C LEU G 1898 -62.80 85.85 35.77
N THR G 1899 -62.10 85.19 34.85
CA THR G 1899 -60.69 84.88 35.05
C THR G 1899 -59.89 86.15 35.27
N ASN G 1900 -60.01 87.10 34.34
CA ASN G 1900 -59.25 88.34 34.45
C ASN G 1900 -59.78 89.21 35.59
N VAL G 1901 -61.07 89.11 35.92
CA VAL G 1901 -61.62 89.84 37.06
C VAL G 1901 -60.95 89.38 38.35
N LEU G 1902 -60.85 88.06 38.54
CA LEU G 1902 -60.22 87.54 39.75
C LEU G 1902 -58.73 87.84 39.76
N ASN G 1903 -58.07 87.78 38.60
CA ASN G 1903 -56.65 88.12 38.56
C ASN G 1903 -56.43 89.57 38.97
N VAL G 1904 -57.20 90.50 38.40
CA VAL G 1904 -57.05 91.90 38.76
C VAL G 1904 -57.48 92.15 40.20
N LEU G 1905 -58.46 91.38 40.70
CA LEU G 1905 -58.86 91.52 42.10
C LEU G 1905 -57.74 91.12 43.03
N LYS G 1906 -57.06 90.02 42.73
CA LYS G 1906 -55.90 89.63 43.54
C LYS G 1906 -54.81 90.69 43.46
N ILE G 1907 -54.58 91.24 42.27
CA ILE G 1907 -53.56 92.27 42.11
C ILE G 1907 -53.91 93.49 42.96
N ASN G 1908 -55.17 93.92 42.94
CA ASN G 1908 -55.61 95.08 43.70
C ASN G 1908 -55.75 94.79 45.19
N LYS G 1909 -55.76 93.52 45.60
CA LYS G 1909 -55.89 93.16 47.00
C LYS G 1909 -57.23 93.63 47.59
N ILE G 1910 -58.26 93.66 46.76
CA ILE G 1910 -59.59 94.09 47.18
C ILE G 1910 -60.24 92.97 47.98
N ASP G 1911 -60.79 93.30 49.15
CA ASP G 1911 -61.55 92.36 49.96
C ASP G 1911 -63.02 92.77 49.87
N ILE G 1912 -63.76 92.08 48.99
CA ILE G 1912 -65.16 92.42 48.76
C ILE G 1912 -65.99 92.24 50.02
N VAL G 1913 -65.57 91.35 50.92
CA VAL G 1913 -66.28 91.21 52.19
C VAL G 1913 -66.20 92.51 52.98
N LYS G 1914 -65.01 93.10 53.07
CA LYS G 1914 -64.89 94.39 53.74
C LYS G 1914 -65.60 95.48 52.96
N LEU G 1915 -65.58 95.42 51.63
CA LEU G 1915 -66.32 96.41 50.84
C LEU G 1915 -67.80 96.39 51.19
N GLN G 1916 -68.38 95.19 51.28
CA GLN G 1916 -69.80 95.09 51.64
C GLN G 1916 -70.04 95.47 53.10
N GLU G 1917 -69.10 95.17 53.99
CA GLU G 1917 -69.30 95.42 55.42
C GLU G 1917 -69.01 96.86 55.82
N GLN G 1918 -68.33 97.64 54.97
CA GLN G 1918 -68.00 99.01 55.31
C GLN G 1918 -68.34 100.00 54.18
N MET G 1919 -69.14 99.60 53.20
CA MET G 1919 -69.60 100.52 52.17
C MET G 1919 -70.93 100.03 51.64
N SER G 1920 -71.70 100.96 51.08
CA SER G 1920 -72.99 100.60 50.50
C SER G 1920 -72.77 99.65 49.33
N ILE G 1921 -73.76 98.79 49.08
CA ILE G 1921 -73.70 97.90 47.93
C ILE G 1921 -73.55 98.70 46.65
N GLU G 1922 -74.02 99.95 46.64
CA GLU G 1922 -73.82 100.81 45.48
C GLU G 1922 -72.34 101.08 45.23
N LYS G 1923 -71.56 101.28 46.29
CA LYS G 1923 -70.12 101.54 46.13
C LYS G 1923 -69.36 100.26 45.76
N VAL G 1924 -69.67 99.16 46.43
CA VAL G 1924 -69.09 97.87 46.07
C VAL G 1924 -69.42 97.56 44.61
N LYS G 1925 -70.67 97.82 44.22
CA LYS G 1925 -71.07 97.64 42.84
C LYS G 1925 -70.30 98.59 41.92
N GLU G 1926 -70.11 99.84 42.33
CA GLU G 1926 -69.37 100.77 41.49
C GLU G 1926 -67.98 100.22 41.15
N HIS G 1927 -67.25 99.80 42.18
CA HIS G 1927 -65.89 99.30 41.94
C HIS G 1927 -65.90 98.00 41.14
N LEU G 1928 -66.71 97.01 41.55
CA LEU G 1928 -66.69 95.72 40.89
C LEU G 1928 -67.16 95.83 39.44
N TYR G 1929 -68.23 96.59 39.20
CA TYR G 1929 -68.67 96.86 37.84
C TYR G 1929 -67.63 97.60 37.01
N GLU G 1930 -66.86 98.50 37.61
CA GLU G 1930 -65.77 99.12 36.84
C GLU G 1930 -64.78 98.06 36.36
N ILE G 1931 -64.37 97.18 37.28
CA ILE G 1931 -63.48 96.08 36.90
C ILE G 1931 -64.15 95.23 35.80
N VAL G 1932 -65.46 94.99 35.94
CA VAL G 1932 -66.17 94.14 35.01
C VAL G 1932 -66.19 94.76 33.62
N ASP G 1933 -66.40 96.08 33.54
CA ASP G 1933 -66.42 96.72 32.23
C ASP G 1933 -65.06 96.63 31.56
N GLU G 1934 -64.00 96.96 32.30
CA GLU G 1934 -62.67 96.89 31.68
C GLU G 1934 -62.36 95.46 31.21
N VAL G 1935 -62.64 94.49 32.07
CA VAL G 1935 -62.29 93.11 31.77
C VAL G 1935 -63.16 92.56 30.64
N ALA G 1936 -64.44 92.92 30.61
CA ALA G 1936 -65.32 92.47 29.53
C ALA G 1936 -64.91 93.09 28.21
N ALA G 1937 -64.47 94.35 28.23
CA ALA G 1937 -63.93 94.95 27.02
C ALA G 1937 -62.73 94.17 26.51
N LYS G 1938 -61.84 93.77 27.42
CA LYS G 1938 -60.70 92.94 27.02
C LYS G 1938 -61.17 91.60 26.43
N SER G 1939 -62.17 90.99 27.07
CA SER G 1939 -62.69 89.71 26.59
C SER G 1939 -63.26 89.84 25.17
N LEU G 1940 -64.07 90.88 24.94
CA LEU G 1940 -64.60 91.10 23.60
C LEU G 1940 -63.49 91.39 22.60
N ALA G 1941 -62.45 92.10 23.03
CA ALA G 1941 -61.31 92.36 22.15
C ALA G 1941 -60.63 91.08 21.72
N LYS G 1942 -60.48 90.13 22.64
CA LYS G 1942 -59.86 88.86 22.27
C LYS G 1942 -60.70 88.16 21.20
N PRO G 1943 -60.08 87.64 20.13
CA PRO G 1943 -60.88 87.20 18.97
C PRO G 1943 -61.69 85.96 19.30
N GLN G 1944 -62.94 85.95 18.85
CA GLN G 1944 -63.87 84.90 19.25
C GLN G 1944 -63.70 83.68 18.33
N PRO G 1945 -63.89 82.46 18.85
CA PRO G 1945 -64.24 82.08 20.22
C PRO G 1945 -63.06 82.24 21.16
N ILE G 1946 -63.30 82.70 22.39
CA ILE G 1946 -62.23 83.01 23.31
C ILE G 1946 -61.68 81.72 23.90
N ASP G 1947 -60.37 81.53 23.78
CA ASP G 1947 -59.69 80.40 24.41
C ASP G 1947 -59.26 80.82 25.81
N LEU G 1948 -59.75 80.10 26.82
CA LEU G 1948 -59.41 80.42 28.20
C LEU G 1948 -57.95 80.14 28.49
N GLU G 1949 -57.41 80.90 29.44
CA GLU G 1949 -56.04 80.75 29.89
C GLU G 1949 -56.03 80.50 31.40
N ARG G 1950 -55.14 79.62 31.84
CA ARG G 1950 -55.05 79.27 33.26
C ARG G 1950 -54.65 80.50 34.06
N GLY G 1951 -55.58 81.00 34.87
CA GLY G 1951 -55.29 82.06 35.82
C GLY G 1951 -54.69 81.50 37.09
N PHE G 1952 -54.42 82.40 38.04
CA PHE G 1952 -53.91 81.95 39.33
C PHE G 1952 -54.92 81.06 40.04
N ALA G 1953 -56.18 81.46 40.04
CA ALA G 1953 -57.27 80.68 40.63
C ALA G 1953 -58.04 79.87 39.61
N VAL G 1954 -58.07 80.31 38.36
CA VAL G 1954 -58.91 79.69 37.33
C VAL G 1954 -58.07 78.70 36.53
N ILE G 1955 -58.63 77.51 36.35
CA ILE G 1955 -58.05 76.45 35.54
C ILE G 1955 -59.12 76.00 34.55
N PRO G 1956 -59.03 76.39 33.28
CA PRO G 1956 -60.07 75.98 32.32
C PRO G 1956 -60.10 74.46 32.16
N LEU G 1957 -61.30 73.92 32.00
CA LEU G 1957 -61.48 72.48 31.87
C LEU G 1957 -61.32 72.11 30.39
N LYS G 1958 -60.18 71.51 30.06
CA LYS G 1958 -59.88 71.21 28.67
C LYS G 1958 -60.79 70.07 28.16
N GLY G 1959 -61.25 70.22 26.92
CA GLY G 1959 -62.11 69.23 26.31
C GLY G 1959 -63.57 69.32 26.65
N ILE G 1960 -63.98 70.32 27.43
CA ILE G 1960 -65.38 70.54 27.78
C ILE G 1960 -65.88 71.75 26.99
N SER G 1961 -66.94 71.54 26.21
CA SER G 1961 -67.50 72.57 25.35
C SER G 1961 -68.96 72.87 25.67
N VAL G 1962 -69.47 72.35 26.79
CA VAL G 1962 -70.89 72.45 27.12
C VAL G 1962 -71.02 73.01 28.53
N PRO G 1963 -71.85 74.03 28.78
CA PRO G 1963 -72.00 74.53 30.15
C PRO G 1963 -73.09 73.78 30.91
N PHE G 1964 -72.84 72.51 31.21
CA PHE G 1964 -73.87 71.71 31.83
C PHE G 1964 -73.92 71.94 33.33
N HIS G 1965 -75.03 71.52 33.93
CA HIS G 1965 -75.43 71.81 35.31
C HIS G 1965 -75.77 73.27 35.52
N SER G 1966 -76.01 74.03 34.46
CA SER G 1966 -76.42 75.43 34.53
C SER G 1966 -77.83 75.56 33.97
N SER G 1967 -78.37 76.78 34.02
CA SER G 1967 -79.71 77.05 33.51
C SER G 1967 -79.81 76.94 32.00
N TYR G 1968 -78.67 76.85 31.29
CA TYR G 1968 -78.72 76.72 29.84
C TYR G 1968 -79.41 75.44 29.41
N LEU G 1969 -79.29 74.37 30.20
CA LEU G 1969 -79.86 73.08 29.86
C LEU G 1969 -81.29 72.92 30.31
N MET G 1970 -81.90 73.97 30.89
CA MET G 1970 -83.30 73.91 31.26
C MET G 1970 -84.17 73.62 30.05
N SER G 1971 -83.79 74.12 28.88
CA SER G 1971 -84.52 73.81 27.66
C SER G 1971 -84.45 72.32 27.34
N GLY G 1972 -83.26 71.73 27.49
CA GLY G 1972 -83.05 70.33 27.16
C GLY G 1972 -83.48 69.34 28.22
N VAL G 1973 -83.90 69.82 29.39
CA VAL G 1973 -84.37 68.89 30.42
C VAL G 1973 -85.57 68.09 29.93
N LYS G 1974 -86.54 68.75 29.30
CA LYS G 1974 -87.85 68.14 29.10
C LYS G 1974 -87.81 66.87 28.26
N PRO G 1975 -87.13 66.80 27.11
CA PRO G 1975 -87.00 65.50 26.42
C PRO G 1975 -86.34 64.45 27.29
N PHE G 1976 -85.34 64.85 28.08
CA PHE G 1976 -84.67 63.90 28.95
C PHE G 1976 -85.61 63.38 30.02
N GLN G 1977 -86.55 64.21 30.48
CA GLN G 1977 -87.53 63.74 31.45
C GLN G 1977 -88.40 62.63 30.86
N ARG G 1978 -88.84 62.81 29.61
CA ARG G 1978 -89.64 61.78 28.96
C ARG G 1978 -88.83 60.51 28.76
N PHE G 1979 -87.57 60.65 28.34
CA PHE G 1979 -86.73 59.48 28.18
C PHE G 1979 -86.53 58.74 29.49
N LEU G 1980 -86.32 59.48 30.59
CA LEU G 1980 -86.18 58.85 31.90
C LEU G 1980 -87.46 58.16 32.32
N CYS G 1981 -88.61 58.79 32.07
CA CYS G 1981 -89.87 58.15 32.41
C CYS G 1981 -90.05 56.84 31.64
N LYS G 1982 -89.63 56.83 30.38
CA LYS G 1982 -89.71 55.60 29.59
C LYS G 1982 -88.76 54.52 30.13
N LYS G 1983 -87.53 54.91 30.48
CA LYS G 1983 -86.48 53.95 30.81
C LYS G 1983 -86.44 53.58 32.29
N ILE G 1984 -87.22 54.23 33.13
CA ILE G 1984 -87.36 53.83 34.54
C ILE G 1984 -88.74 53.21 34.69
N PRO G 1985 -88.86 51.89 34.72
CA PRO G 1985 -90.15 51.30 35.10
C PRO G 1985 -90.52 51.70 36.52
N LYS G 1986 -91.81 51.92 36.75
CA LYS G 1986 -92.26 52.21 38.10
C LYS G 1986 -91.99 51.04 39.04
N SER G 1987 -91.94 49.82 38.52
CA SER G 1987 -91.69 48.65 39.36
C SER G 1987 -90.25 48.55 39.81
N SER G 1988 -89.32 49.16 39.08
CA SER G 1988 -87.91 49.03 39.42
C SER G 1988 -87.51 49.87 40.63
N VAL G 1989 -88.31 50.86 40.99
CA VAL G 1989 -87.99 51.75 42.11
C VAL G 1989 -88.30 51.01 43.41
N LYS G 1990 -87.28 50.88 44.26
CA LYS G 1990 -87.48 50.37 45.62
C LYS G 1990 -87.29 51.54 46.59
N PRO G 1991 -88.37 52.15 47.09
CA PRO G 1991 -88.21 53.30 47.99
C PRO G 1991 -87.48 52.97 49.28
N GLN G 1992 -87.52 51.71 49.73
CA GLN G 1992 -86.79 51.35 50.94
C GLN G 1992 -85.29 51.42 50.71
N ASP G 1993 -84.84 51.24 49.47
CA ASP G 1993 -83.43 51.40 49.14
C ASP G 1993 -83.02 52.85 48.87
N LEU G 1994 -83.96 53.79 48.93
CA LEU G 1994 -83.69 55.20 48.67
C LEU G 1994 -83.88 56.08 49.89
N ILE G 1995 -84.91 55.82 50.69
CA ILE G 1995 -85.21 56.70 51.82
C ILE G 1995 -84.07 56.65 52.82
N GLY G 1996 -83.49 57.81 53.11
CA GLY G 1996 -82.42 57.92 54.08
C GLY G 1996 -81.07 57.39 53.62
N LYS G 1997 -80.98 56.89 52.39
CA LYS G 1997 -79.74 56.36 51.84
C LYS G 1997 -79.34 57.05 50.55
N TYR G 1998 -80.30 57.39 49.69
CA TYR G 1998 -80.02 58.12 48.47
C TYR G 1998 -79.88 59.59 48.79
N ILE G 1999 -78.81 60.21 48.31
CA ILE G 1999 -78.57 61.63 48.46
C ILE G 1999 -78.33 62.20 47.07
N PRO G 2000 -79.28 62.96 46.51
CA PRO G 2000 -79.06 63.51 45.17
C PRO G 2000 -78.12 64.70 45.17
N ASN G 2001 -77.76 65.13 43.96
CA ASN G 2001 -77.02 66.37 43.79
C ASN G 2001 -77.93 67.59 43.73
N LEU G 2002 -79.19 67.40 43.33
CA LEU G 2002 -80.09 68.54 43.21
C LEU G 2002 -80.38 69.17 44.57
N THR G 2003 -80.69 68.34 45.56
CA THR G 2003 -81.04 68.81 46.90
C THR G 2003 -79.91 68.65 47.91
N ALA G 2004 -79.00 67.69 47.70
CA ALA G 2004 -77.87 67.48 48.61
C ALA G 2004 -78.35 67.19 50.03
N LYS G 2005 -79.45 66.46 50.15
CA LYS G 2005 -79.95 65.95 51.41
C LYS G 2005 -80.53 64.57 51.15
N PRO G 2006 -80.66 63.74 52.19
CA PRO G 2006 -81.16 62.38 51.96
C PRO G 2006 -82.54 62.35 51.33
N PHE G 2007 -82.72 61.40 50.42
CA PHE G 2007 -83.99 61.21 49.75
C PHE G 2007 -85.08 60.95 50.78
N GLU G 2008 -86.17 61.70 50.69
CA GLU G 2008 -87.26 61.58 51.65
C GLU G 2008 -88.57 61.82 50.93
N LEU G 2009 -89.59 61.05 51.30
CA LEU G 2009 -90.93 61.20 50.73
C LEU G 2009 -91.77 62.10 51.64
N THR G 2010 -91.25 63.31 51.84
CA THR G 2010 -91.87 64.30 52.71
C THR G 2010 -92.21 65.55 51.92
N LYS G 2011 -93.31 66.19 52.31
CA LYS G 2011 -93.77 67.39 51.62
C LYS G 2011 -92.70 68.48 51.66
N GLU G 2012 -91.93 68.54 52.75
CA GLU G 2012 -90.82 69.48 52.82
C GLU G 2012 -89.81 69.21 51.71
N TYR G 2013 -89.46 67.93 51.52
CA TYR G 2013 -88.50 67.59 50.48
C TYR G 2013 -89.04 67.91 49.10
N PHE G 2014 -90.32 67.60 48.86
CA PHE G 2014 -90.89 67.87 47.55
C PHE G 2014 -90.97 69.36 47.27
N GLN G 2015 -91.28 70.16 48.29
CA GLN G 2015 -91.27 71.61 48.13
C GLN G 2015 -89.87 72.13 47.89
N SER G 2016 -88.86 71.52 48.53
CA SER G 2016 -87.49 71.90 48.25
C SER G 2016 -87.13 71.64 46.79
N VAL G 2017 -87.54 70.48 46.27
CA VAL G 2017 -87.28 70.17 44.87
C VAL G 2017 -88.02 71.16 43.96
N TYR G 2018 -89.27 71.48 44.31
CA TYR G 2018 -90.05 72.42 43.51
C TYR G 2018 -89.40 73.80 43.47
N ASP G 2019 -88.84 74.24 44.61
CA ASP G 2019 -88.21 75.55 44.65
C ASP G 2019 -87.08 75.66 43.63
N LEU G 2020 -86.46 74.52 43.29
CA LEU G 2020 -85.35 74.55 42.33
C LEU G 2020 -85.84 74.33 40.91
N THR G 2021 -86.79 73.42 40.71
CA THR G 2021 -87.15 72.97 39.36
C THR G 2021 -88.40 73.61 38.79
N LYS G 2022 -89.37 73.99 39.61
CA LYS G 2022 -90.65 74.53 39.15
C LYS G 2022 -91.36 73.55 38.23
N SER G 2023 -91.22 72.26 38.50
CA SER G 2023 -91.74 71.24 37.61
C SER G 2023 -93.23 71.03 37.82
N GLU G 2024 -93.93 70.77 36.70
CA GLU G 2024 -95.38 70.56 36.77
C GLU G 2024 -95.73 69.30 37.55
N LYS G 2025 -94.93 68.24 37.40
CA LYS G 2025 -95.21 67.01 38.13
C LYS G 2025 -95.10 67.22 39.63
N ILE G 2026 -93.99 67.80 40.08
CA ILE G 2026 -93.83 68.07 41.51
C ILE G 2026 -94.89 69.05 41.99
N LYS G 2027 -95.28 69.98 41.13
CA LYS G 2027 -96.37 70.89 41.49
C LYS G 2027 -97.66 70.12 41.75
N SER G 2028 -97.97 69.15 40.89
CA SER G 2028 -99.17 68.34 41.09
C SER G 2028 -99.09 67.54 42.38
N ILE G 2029 -97.94 66.93 42.65
CA ILE G 2029 -97.79 66.14 43.88
C ILE G 2029 -97.95 67.06 45.10
N LEU G 2030 -97.34 68.24 45.07
CA LEU G 2030 -97.44 69.13 46.21
C LEU G 2030 -98.87 69.64 46.39
N ASP G 2031 -99.57 69.90 45.28
CA ASP G 2031 -100.95 70.36 45.37
C ASP G 2031 -101.87 69.29 45.92
N ASN G 2032 -101.59 68.01 45.59
CA ASN G 2032 -102.48 66.90 45.95
C ASN G 2032 -101.86 65.99 47.01
N TRP G 2033 -100.91 66.51 47.79
CA TRP G 2033 -100.32 65.73 48.87
C TRP G 2033 -101.35 65.26 49.90
N GLU G 2034 -102.51 65.90 49.98
CA GLU G 2034 -103.52 65.50 50.96
C GLU G 2034 -103.91 64.03 50.77
N GLN G 2035 -103.98 63.57 49.53
CA GLN G 2035 -104.31 62.17 49.27
C GLN G 2035 -103.16 61.24 49.66
N TYR G 2036 -101.92 61.70 49.54
CA TYR G 2036 -100.76 60.90 49.93
C TYR G 2036 -100.49 60.93 51.43
N GLU G 2037 -101.11 61.85 52.16
CA GLU G 2037 -100.91 61.94 53.60
C GLU G 2037 -101.39 60.67 54.30
N MET H 1 -99.38 56.07 53.56
CA MET H 1 -99.29 55.80 52.09
C MET H 1 -99.08 54.30 51.86
N LYS H 2 -99.91 53.72 50.99
CA LYS H 2 -99.73 52.33 50.65
C LYS H 2 -98.42 52.15 49.88
N PRO H 3 -97.85 50.94 49.84
CA PRO H 3 -96.60 50.75 49.08
C PRO H 3 -96.69 51.18 47.63
N GLU H 4 -97.85 51.01 46.99
CA GLU H 4 -97.98 51.39 45.58
C GLU H 4 -97.95 52.91 45.41
N ILE H 5 -98.66 53.65 46.27
CA ILE H 5 -98.55 55.12 46.25
C ILE H 5 -97.12 55.53 46.56
N GLU H 6 -96.48 54.85 47.50
CA GLU H 6 -95.12 55.20 47.88
C GLU H 6 -94.16 55.00 46.72
N GLN H 7 -94.34 53.91 45.96
CA GLN H 7 -93.53 53.67 44.77
C GLN H 7 -93.80 54.71 43.69
N GLU H 8 -95.07 55.07 43.49
CA GLU H 8 -95.40 56.11 42.52
C GLU H 8 -94.68 57.40 42.88
N LEU H 9 -94.77 57.79 44.14
CA LEU H 9 -94.15 59.03 44.60
C LEU H 9 -92.64 58.98 44.42
N SER H 10 -92.01 57.87 44.79
CA SER H 10 -90.57 57.75 44.65
C SER H 10 -90.14 57.80 43.19
N HIS H 11 -90.87 57.10 42.32
CA HIS H 11 -90.54 57.11 40.90
C HIS H 11 -90.62 58.51 40.33
N THR H 12 -91.71 59.23 40.63
CA THR H 12 -91.86 60.59 40.11
C THR H 12 -90.75 61.49 40.62
N LEU H 13 -90.49 61.45 41.94
CA LEU H 13 -89.47 62.33 42.50
C LEU H 13 -88.10 62.02 41.94
N LEU H 14 -87.76 60.74 41.82
CA LEU H 14 -86.44 60.36 41.32
C LEU H 14 -86.29 60.74 39.86
N THR H 15 -87.33 60.56 39.05
CA THR H 15 -87.25 60.96 37.66
C THR H 15 -87.03 62.47 37.56
N GLU H 16 -87.76 63.25 38.35
CA GLU H 16 -87.57 64.70 38.31
C GLU H 16 -86.17 65.09 38.79
N LEU H 17 -85.70 64.45 39.85
CA LEU H 17 -84.35 64.74 40.35
C LEU H 17 -83.30 64.47 39.29
N LEU H 18 -83.35 63.30 38.65
CA LEU H 18 -82.37 62.97 37.63
C LEU H 18 -82.50 63.89 36.42
N ALA H 19 -83.74 64.23 36.04
CA ALA H 19 -83.94 65.05 34.86
C ALA H 19 -83.38 66.45 35.07
N TYR H 20 -83.63 67.06 36.24
CA TYR H 20 -83.23 68.43 36.49
C TYR H 20 -81.84 68.57 37.08
N GLN H 21 -81.24 67.48 37.57
CA GLN H 21 -79.81 67.49 37.86
C GLN H 21 -79.00 67.70 36.60
N PHE H 22 -79.57 67.36 35.44
CA PHE H 22 -78.95 67.66 34.16
C PHE H 22 -78.66 69.14 34.02
N ALA H 23 -79.59 70.00 34.48
CA ALA H 23 -79.53 71.43 34.26
C ALA H 23 -79.50 72.24 35.54
N SER H 24 -79.16 71.61 36.67
CA SER H 24 -79.04 72.30 37.95
C SER H 24 -77.64 72.10 38.53
N PRO H 25 -77.19 72.97 39.44
CA PRO H 25 -75.83 72.83 39.97
C PRO H 25 -75.66 71.57 40.81
N VAL H 26 -74.42 71.08 40.85
CA VAL H 26 -74.05 69.96 41.71
C VAL H 26 -73.61 70.53 43.05
N ARG H 27 -74.35 70.21 44.11
CA ARG H 27 -74.09 70.74 45.44
C ARG H 27 -73.25 69.75 46.25
N TRP H 28 -72.02 69.56 45.80
CA TRP H 28 -71.18 68.57 46.46
C TRP H 28 -70.65 69.04 47.81
N ILE H 29 -70.52 70.34 48.03
CA ILE H 29 -70.18 70.83 49.36
C ILE H 29 -71.25 70.39 50.36
N GLU H 30 -72.52 70.67 50.04
CA GLU H 30 -73.61 70.30 50.94
C GLU H 30 -73.73 68.79 51.07
N THR H 31 -73.56 68.02 49.99
CA THR H 31 -73.68 66.58 50.13
C THR H 31 -72.56 66.00 50.97
N GLN H 32 -71.33 66.54 50.85
CA GLN H 32 -70.25 66.09 51.71
C GLN H 32 -70.57 66.42 53.16
N ASP H 33 -71.10 67.61 53.41
CA ASP H 33 -71.49 67.96 54.77
C ASP H 33 -72.52 66.99 55.32
N VAL H 34 -73.49 66.56 54.49
CA VAL H 34 -74.52 65.65 54.97
C VAL H 34 -73.91 64.37 55.49
N PHE H 35 -73.22 63.62 54.64
CA PHE H 35 -72.77 62.29 55.06
C PHE H 35 -71.50 62.32 55.89
N LEU H 36 -70.83 63.47 56.01
CA LEU H 36 -69.70 63.57 56.94
C LEU H 36 -70.14 63.99 58.33
N LYS H 37 -71.10 64.92 58.43
CA LYS H 37 -71.52 65.46 59.71
C LYS H 37 -72.72 64.70 60.27
N GLN H 38 -73.83 64.67 59.52
CA GLN H 38 -75.05 64.09 60.03
C GLN H 38 -74.93 62.58 60.15
N HIS H 39 -74.45 61.91 59.10
CA HIS H 39 -74.30 60.46 59.14
C HIS H 39 -73.05 60.02 59.89
N ASN H 40 -72.06 60.91 60.05
CA ASN H 40 -70.79 60.55 60.67
C ASN H 40 -70.15 59.36 59.97
N THR H 41 -70.22 59.38 58.63
CA THR H 41 -69.65 58.30 57.84
C THR H 41 -68.15 58.20 58.10
N GLU H 42 -67.69 56.97 58.34
CA GLU H 42 -66.27 56.70 58.52
C GLU H 42 -65.60 56.20 57.24
N ARG H 43 -66.15 55.19 56.60
CA ARG H 43 -65.58 54.61 55.39
C ARG H 43 -66.18 55.32 54.19
N ILE H 44 -65.39 56.18 53.55
CA ILE H 44 -65.83 56.93 52.38
C ILE H 44 -65.11 56.32 51.18
N ILE H 45 -65.75 55.37 50.50
CA ILE H 45 -65.18 54.71 49.33
C ILE H 45 -65.72 55.41 48.10
N GLU H 46 -64.81 55.85 47.22
CA GLU H 46 -65.20 56.42 45.94
C GLU H 46 -64.89 55.40 44.84
N ILE H 47 -65.93 55.06 44.08
CA ILE H 47 -65.85 54.07 43.01
C ILE H 47 -65.63 54.84 41.73
N GLY H 48 -64.39 54.82 41.22
CA GLY H 48 -64.06 55.51 40.01
C GLY H 48 -62.69 55.14 39.50
N PRO H 49 -62.33 55.63 38.32
CA PRO H 49 -60.99 55.34 37.79
C PRO H 49 -59.88 56.15 38.42
N SER H 50 -60.20 57.26 39.08
CA SER H 50 -59.23 58.14 39.71
C SER H 50 -59.78 58.62 41.03
N PRO H 51 -58.90 58.99 42.01
CA PRO H 51 -59.35 59.36 43.36
C PRO H 51 -59.83 60.80 43.47
N THR H 52 -60.67 61.22 42.52
CA THR H 52 -61.12 62.61 42.48
C THR H 52 -61.87 62.96 43.76
N LEU H 53 -63.02 62.32 43.99
CA LEU H 53 -63.82 62.68 45.15
C LEU H 53 -63.20 62.18 46.43
N ALA H 54 -62.30 61.20 46.38
CA ALA H 54 -61.49 60.90 47.55
C ALA H 54 -60.68 62.12 47.96
N GLY H 55 -60.03 62.76 47.00
CA GLY H 55 -59.27 63.97 47.30
C GLY H 55 -60.17 65.10 47.79
N MET H 56 -61.31 65.31 47.13
CA MET H 56 -62.20 66.38 47.56
C MET H 56 -62.76 66.12 48.96
N ALA H 57 -63.12 64.87 49.27
CA ALA H 57 -63.60 64.55 50.60
C ALA H 57 -62.52 64.74 51.65
N ASN H 58 -61.29 64.34 51.33
CA ASN H 58 -60.18 64.58 52.26
C ASN H 58 -59.99 66.07 52.50
N ARG H 59 -60.05 66.87 51.43
CA ARG H 59 -59.91 68.32 51.57
C ARG H 59 -61.02 68.89 52.45
N THR H 60 -62.26 68.47 52.24
CA THR H 60 -63.36 68.96 53.05
C THR H 60 -63.21 68.56 54.51
N ILE H 61 -62.79 67.32 54.76
CA ILE H 61 -62.60 66.85 56.12
C ILE H 61 -61.53 67.67 56.82
N LYS H 62 -60.41 67.92 56.13
CA LYS H 62 -59.35 68.71 56.73
C LYS H 62 -59.79 70.16 56.95
N ALA H 63 -60.58 70.70 56.02
CA ALA H 63 -60.96 72.10 56.11
C ALA H 63 -61.95 72.35 57.23
N LYS H 64 -62.98 71.51 57.35
CA LYS H 64 -64.11 71.80 58.23
C LYS H 64 -64.31 70.80 59.36
N TYR H 65 -63.97 69.52 59.15
CA TYR H 65 -64.25 68.48 60.14
C TYR H 65 -63.00 67.98 60.86
N GLU H 66 -61.88 68.69 60.76
CA GLU H 66 -60.67 68.27 61.47
C GLU H 66 -60.89 68.26 62.97
N SER H 67 -61.50 69.33 63.50
CA SER H 67 -61.79 69.38 64.93
C SER H 67 -62.99 68.53 65.30
N TYR H 68 -63.98 68.44 64.40
CA TYR H 68 -65.17 67.63 64.68
C TYR H 68 -64.82 66.15 64.83
N ASP H 69 -63.98 65.64 63.93
CA ASP H 69 -63.58 64.23 64.02
C ASP H 69 -62.77 63.98 65.28
N ALA H 70 -61.88 64.90 65.64
CA ALA H 70 -61.12 64.73 66.87
C ALA H 70 -62.02 64.75 68.08
N ALA H 71 -63.01 65.65 68.10
CA ALA H 71 -63.93 65.73 69.23
C ALA H 71 -64.72 64.45 69.39
N LEU H 72 -65.23 63.90 68.29
CA LEU H 72 -66.02 62.67 68.36
C LEU H 72 -65.18 61.41 68.32
N SER H 73 -63.85 61.53 68.25
CA SER H 73 -62.96 60.37 68.17
C SER H 73 -63.32 59.48 66.98
N LEU H 74 -63.69 60.12 65.87
CA LEU H 74 -64.13 59.43 64.67
C LEU H 74 -62.98 59.38 63.66
N GLN H 75 -62.56 58.18 63.30
CA GLN H 75 -61.48 57.98 62.34
C GLN H 75 -62.10 57.74 60.97
N ARG H 76 -61.94 58.70 60.07
CA ARG H 76 -62.49 58.62 58.73
C ARG H 76 -61.44 58.07 57.77
N GLN H 77 -61.76 56.96 57.13
CA GLN H 77 -60.92 56.32 56.13
C GLN H 77 -61.51 56.61 54.76
N VAL H 78 -60.79 57.39 53.96
CA VAL H 78 -61.20 57.72 52.60
C VAL H 78 -60.44 56.78 51.67
N LEU H 79 -61.18 56.04 50.87
CA LEU H 79 -60.63 55.01 49.99
C LEU H 79 -61.03 55.27 48.55
N CYS H 80 -60.15 54.90 47.63
CA CYS H 80 -60.40 55.01 46.20
C CYS H 80 -60.32 53.63 45.59
N TYR H 81 -61.24 53.32 44.68
CA TYR H 81 -61.21 52.00 44.05
C TYR H 81 -59.92 51.79 43.27
N SER H 82 -59.49 52.80 42.51
CA SER H 82 -58.33 52.63 41.64
C SER H 82 -57.02 52.52 42.41
N LYS H 83 -56.99 52.93 43.67
CA LYS H 83 -55.78 52.94 44.48
C LYS H 83 -55.83 51.99 45.66
N ASP H 84 -56.93 51.96 46.40
CA ASP H 84 -57.06 51.19 47.64
C ASP H 84 -57.97 49.99 47.45
N ALA H 85 -57.85 49.31 46.30
CA ALA H 85 -58.65 48.13 46.05
C ALA H 85 -58.40 47.05 47.09
N LYS H 86 -57.16 46.90 47.55
CA LYS H 86 -56.87 45.94 48.61
C LYS H 86 -57.64 46.26 49.88
N GLU H 87 -57.67 47.53 50.28
CA GLU H 87 -58.38 47.91 51.49
C GLU H 87 -59.89 47.76 51.32
N ILE H 88 -60.42 48.07 50.14
CA ILE H 88 -61.86 47.96 49.93
C ILE H 88 -62.28 46.50 49.89
N TYR H 89 -61.48 45.64 49.27
CA TYR H 89 -61.80 44.22 49.16
C TYR H 89 -61.34 43.42 50.38
N TYR H 90 -60.68 44.06 51.35
CA TYR H 90 -60.13 43.36 52.50
C TYR H 90 -59.19 42.25 52.04
N LYS H 91 -58.20 42.66 51.23
CA LYS H 91 -57.21 41.75 50.67
C LYS H 91 -55.82 42.35 50.92
N PRO H 92 -55.39 42.43 52.17
CA PRO H 92 -54.04 42.89 52.45
C PRO H 92 -53.00 41.91 51.93
N ASP H 93 -51.82 42.44 51.63
CA ASP H 93 -50.76 41.61 51.07
C ASP H 93 -50.32 40.57 52.11
N PRO H 94 -50.37 39.26 51.80
CA PRO H 94 -49.93 38.29 52.82
C PRO H 94 -48.46 38.46 53.21
N ASP H 322 -1.23 8.98 27.10
CA ASP H 322 -2.56 9.48 27.45
C ASP H 322 -3.58 9.11 26.38
N SER H 323 -4.86 9.18 26.75
CA SER H 323 -5.91 8.94 25.78
C SER H 323 -5.87 9.95 24.65
N ALA H 324 -5.46 11.19 24.93
CA ALA H 324 -5.31 12.17 23.86
C ALA H 324 -4.24 11.76 22.87
N ALA H 325 -3.10 11.27 23.37
CA ALA H 325 -2.04 10.81 22.47
C ALA H 325 -2.48 9.60 21.68
N LEU H 326 -3.19 8.67 22.32
CA LEU H 326 -3.69 7.50 21.60
C LEU H 326 -4.67 7.90 20.52
N ASP H 327 -5.55 8.85 20.81
CA ASP H 327 -6.50 9.33 19.81
C ASP H 327 -5.79 10.05 18.67
N ALA H 328 -4.72 10.79 18.98
CA ALA H 328 -3.94 11.42 17.93
C ALA H 328 -3.29 10.39 17.02
N LEU H 329 -2.76 9.30 17.61
CA LEU H 329 -2.18 8.24 16.80
C LEU H 329 -3.25 7.57 15.94
N THR H 330 -4.41 7.31 16.53
CA THR H 330 -5.51 6.72 15.76
C THR H 330 -5.91 7.63 14.60
N ALA H 331 -5.99 8.93 14.85
CA ALA H 331 -6.35 9.87 13.80
C ALA H 331 -5.29 9.92 12.71
N GLU H 332 -4.01 9.86 13.08
CA GLU H 332 -2.96 9.86 12.08
C GLU H 332 -3.03 8.61 11.21
N ASN H 333 -3.24 7.44 11.82
CA ASN H 333 -3.35 6.22 11.04
C ASN H 333 -4.58 6.26 10.13
N LYS H 334 -5.70 6.75 10.65
CA LYS H 334 -6.90 6.88 9.83
C LYS H 334 -6.68 7.84 8.68
N LYS H 335 -5.95 8.93 8.93
CA LYS H 335 -5.66 9.91 7.89
C LYS H 335 -4.83 9.27 6.78
N LEU H 336 -3.79 8.52 7.17
CA LEU H 336 -2.97 7.84 6.17
C LEU H 336 -3.81 6.86 5.35
N ALA H 337 -4.63 6.06 6.04
CA ALA H 337 -5.46 5.10 5.34
C ALA H 337 -6.43 5.78 4.40
N LYS H 338 -6.98 6.93 4.81
CA LYS H 338 -7.93 7.64 3.96
C LYS H 338 -7.23 8.26 2.75
N GLN H 339 -6.01 8.77 2.94
CA GLN H 339 -5.28 9.30 1.79
C GLN H 339 -4.97 8.19 0.79
N GLN H 340 -4.56 7.02 1.29
CA GLN H 340 -4.35 5.88 0.41
C GLN H 340 -5.64 5.47 -0.28
N LEU H 341 -6.76 5.52 0.46
CA LEU H 341 -8.07 5.21 -0.09
C LEU H 341 -8.41 6.13 -1.26
N GLU H 342 -8.24 7.44 -1.08
CA GLU H 342 -8.53 8.38 -2.16
C GLU H 342 -7.59 8.18 -3.33
N VAL H 343 -6.32 7.90 -3.08
CA VAL H 343 -5.38 7.68 -4.19
C VAL H 343 -5.80 6.45 -5.00
N LEU H 344 -6.18 5.37 -4.31
CA LEU H 344 -6.61 4.16 -5.02
C LEU H 344 -7.90 4.40 -5.80
N ALA H 345 -8.85 5.12 -5.20
CA ALA H 345 -10.09 5.42 -5.90
C ALA H 345 -9.83 6.27 -7.13
N ARG H 346 -8.94 7.26 -7.00
CA ARG H 346 -8.58 8.09 -8.15
C ARG H 346 -7.92 7.26 -9.24
N TYR H 347 -7.05 6.33 -8.84
CA TYR H 347 -6.40 5.48 -9.83
C TYR H 347 -7.41 4.60 -10.56
N LEU H 348 -8.38 4.06 -9.82
CA LEU H 348 -9.40 3.21 -10.41
C LEU H 348 -10.50 3.98 -11.13
N GLN H 349 -10.53 5.31 -11.01
CA GLN H 349 -11.63 6.13 -11.51
C GLN H 349 -12.95 5.71 -10.88
N SER H 350 -12.89 5.19 -9.66
CA SER H 350 -14.07 4.90 -8.86
C SER H 350 -14.39 6.15 -8.04
N ARG H 351 -15.61 6.65 -8.18
CA ARG H 351 -16.03 7.85 -7.49
C ARG H 351 -16.75 7.43 -6.21
N LEU H 352 -16.20 7.83 -5.07
CA LEU H 352 -16.79 7.47 -3.79
C LEU H 352 -18.00 8.32 -3.43
N LYS H 353 -18.38 9.28 -4.29
CA LYS H 353 -19.52 10.13 -4.03
C LYS H 353 -20.34 10.39 -5.30
N GLN H 354 -20.33 9.44 -6.25
CA GLN H 354 -21.16 9.56 -7.45
C GLN H 354 -22.51 8.86 -7.30
N GLY H 355 -22.51 7.56 -7.04
CA GLY H 355 -23.73 6.94 -6.56
C GLY H 355 -24.11 7.49 -5.20
N SER H 356 -23.11 7.76 -4.36
CA SER H 356 -23.34 8.39 -3.07
C SER H 356 -23.62 9.86 -3.22
N LEU H 357 -24.72 10.29 -2.61
CA LEU H 357 -24.82 11.65 -2.09
C LEU H 357 -25.02 12.68 -3.21
N LYS H 358 -24.60 12.38 -4.45
CA LYS H 358 -25.06 13.14 -5.62
C LYS H 358 -26.40 12.62 -6.12
N SER H 359 -26.43 11.34 -6.52
CA SER H 359 -27.69 10.72 -6.89
C SER H 359 -28.70 10.85 -5.77
N PHE H 360 -28.22 10.80 -4.52
CA PHE H 360 -29.12 10.91 -3.39
C PHE H 360 -29.69 12.32 -3.27
N ILE H 361 -28.85 13.37 -3.38
CA ILE H 361 -29.44 14.69 -3.23
C ILE H 361 -30.31 15.02 -4.45
N LYS H 362 -30.02 14.43 -5.60
CA LYS H 362 -30.86 14.64 -6.78
C LYS H 362 -32.22 13.98 -6.60
N GLU H 363 -32.25 12.74 -6.13
CA GLU H 363 -33.53 12.08 -5.93
C GLU H 363 -34.31 12.74 -4.80
N LYS H 364 -33.61 13.27 -3.79
CA LYS H 364 -34.29 14.03 -2.75
C LYS H 364 -34.94 15.29 -3.31
N GLU H 365 -34.25 15.99 -4.21
CA GLU H 365 -34.86 17.15 -4.85
C GLU H 365 -36.08 16.75 -5.69
N ALA H 366 -35.98 15.65 -6.41
CA ALA H 366 -37.13 15.17 -7.19
C ALA H 366 -38.30 14.85 -6.28
N SER H 367 -38.04 14.18 -5.15
CA SER H 367 -39.09 13.89 -4.20
C SER H 367 -39.68 15.16 -3.61
N ALA H 368 -38.84 16.18 -3.41
CA ALA H 368 -39.35 17.47 -2.93
C ALA H 368 -40.30 18.09 -3.94
N VAL H 369 -39.97 18.01 -5.22
CA VAL H 369 -40.86 18.54 -6.25
C VAL H 369 -42.18 17.78 -6.25
N LEU H 370 -42.11 16.45 -6.20
CA LEU H 370 -43.33 15.65 -6.17
C LEU H 370 -44.17 15.98 -4.93
N GLN H 371 -43.52 16.17 -3.79
CA GLN H 371 -44.24 16.52 -2.57
C GLN H 371 -44.84 17.91 -2.68
N LYS H 372 -44.21 18.81 -3.43
CA LYS H 372 -44.82 20.12 -3.66
C LYS H 372 -46.12 19.99 -4.43
N GLU H 373 -46.11 19.18 -5.49
CA GLU H 373 -47.37 18.95 -6.22
C GLU H 373 -48.42 18.28 -5.33
N LEU H 374 -47.98 17.32 -4.52
CA LEU H 374 -48.91 16.63 -3.62
C LEU H 374 -49.49 17.58 -2.58
N ASP H 375 -48.65 18.47 -2.04
CA ASP H 375 -49.12 19.46 -1.08
C ASP H 375 -50.12 20.39 -1.73
N LEU H 376 -49.87 20.77 -2.99
CA LEU H 376 -50.86 21.54 -3.73
C LEU H 376 -52.20 20.82 -3.78
N TRP H 377 -52.19 19.55 -4.19
CA TRP H 377 -53.45 18.81 -4.30
C TRP H 377 -54.17 18.72 -2.96
N GLU H 378 -53.43 18.36 -1.91
CA GLU H 378 -54.05 18.11 -0.62
C GLU H 378 -54.49 19.40 0.05
N ALA H 379 -53.81 20.52 -0.23
CA ALA H 379 -54.26 21.80 0.32
C ALA H 379 -55.45 22.33 -0.47
N GLU H 380 -55.55 21.99 -1.76
CA GLU H 380 -56.67 22.43 -2.56
C GLU H 380 -57.93 21.63 -2.29
N HIS H 381 -57.80 20.38 -1.83
CA HIS H 381 -58.97 19.50 -1.69
C HIS H 381 -59.24 19.06 -0.27
N GLY H 382 -58.23 18.86 0.56
CA GLY H 382 -58.40 18.42 1.92
C GLY H 382 -58.16 16.92 2.08
N GLU H 383 -58.14 16.51 3.34
CA GLU H 383 -57.79 15.15 3.71
C GLU H 383 -58.91 14.16 3.39
N PHE H 384 -60.16 14.54 3.68
CA PHE H 384 -61.28 13.64 3.45
C PHE H 384 -61.46 13.36 1.97
N TYR H 385 -61.47 14.40 1.15
CA TYR H 385 -61.57 14.23 -0.29
C TYR H 385 -60.43 13.37 -0.82
N ALA H 386 -59.23 13.59 -0.27
CA ALA H 386 -58.05 12.84 -0.71
C ALA H 386 -58.21 11.35 -0.44
N LYS H 387 -58.59 10.98 0.79
CA LYS H 387 -58.75 9.56 1.09
C LYS H 387 -60.05 8.99 0.55
N GLY H 388 -60.97 9.83 0.08
CA GLY H 388 -62.21 9.35 -0.48
C GLY H 388 -62.18 9.11 -1.96
N ILE H 389 -61.31 9.79 -2.71
CA ILE H 389 -61.19 9.53 -4.15
C ILE H 389 -60.40 8.25 -4.44
N GLN H 390 -60.01 7.51 -3.41
CA GLN H 390 -59.25 6.29 -3.60
C GLN H 390 -60.10 5.30 -4.39
N PRO H 391 -59.63 4.75 -5.50
CA PRO H 391 -60.39 3.69 -6.17
C PRO H 391 -60.50 2.44 -5.30
N THR H 392 -61.65 1.78 -5.39
CA THR H 392 -61.91 0.55 -4.67
C THR H 392 -62.51 -0.55 -5.54
N PHE H 393 -62.94 -0.23 -6.75
CA PHE H 393 -63.55 -1.24 -7.61
C PHE H 393 -62.52 -2.26 -8.08
N SER H 394 -62.94 -3.52 -8.09
CA SER H 394 -62.16 -4.58 -8.70
C SER H 394 -63.12 -5.65 -9.18
N ALA H 395 -62.93 -6.12 -10.41
CA ALA H 395 -63.79 -7.19 -10.92
C ALA H 395 -63.55 -8.50 -10.18
N LEU H 396 -62.40 -8.64 -9.51
CA LEU H 396 -62.11 -9.87 -8.78
C LEU H 396 -62.86 -9.94 -7.47
N LYS H 397 -63.39 -8.81 -6.99
CA LYS H 397 -64.20 -8.78 -5.78
C LYS H 397 -65.70 -8.85 -6.05
N SER H 398 -66.10 -9.02 -7.31
CA SER H 398 -67.51 -9.23 -7.63
C SER H 398 -68.00 -10.53 -6.99
N ARG H 399 -69.17 -10.45 -6.34
CA ARG H 399 -69.82 -11.60 -5.72
C ARG H 399 -71.18 -11.78 -6.39
N THR H 400 -71.32 -12.84 -7.16
CA THR H 400 -72.54 -13.12 -7.91
C THR H 400 -73.38 -14.15 -7.15
N TYR H 401 -74.66 -13.85 -6.97
CA TYR H 401 -75.61 -14.72 -6.30
C TYR H 401 -76.72 -15.04 -7.30
N ASP H 402 -76.84 -16.31 -7.70
CA ASP H 402 -77.90 -16.72 -8.62
C ASP H 402 -78.51 -18.07 -8.28
N SER H 403 -78.19 -18.66 -7.13
CA SER H 403 -78.65 -20.03 -6.82
C SER H 403 -79.99 -20.02 -6.08
N TYR H 404 -80.93 -19.30 -6.68
CA TYR H 404 -82.31 -19.33 -6.21
C TYR H 404 -82.85 -20.76 -6.17
N TRP H 405 -82.38 -21.61 -7.09
CA TRP H 405 -82.88 -22.98 -7.15
C TRP H 405 -82.59 -23.72 -5.85
N ASN H 406 -81.40 -23.51 -5.28
CA ASN H 406 -81.07 -24.15 -4.00
C ASN H 406 -81.75 -23.42 -2.85
N TRP H 407 -81.76 -22.09 -2.88
CA TRP H 407 -82.33 -21.36 -1.75
C TRP H 407 -83.83 -21.58 -1.63
N ALA H 408 -84.52 -21.87 -2.73
CA ALA H 408 -85.95 -22.14 -2.66
C ALA H 408 -86.24 -23.40 -1.84
N ARG H 409 -85.53 -24.49 -2.14
CA ARG H 409 -85.71 -25.72 -1.38
C ARG H 409 -85.27 -25.53 0.07
N GLN H 410 -84.17 -24.81 0.27
CA GLN H 410 -83.71 -24.54 1.64
C GLN H 410 -84.81 -23.84 2.44
N ASP H 411 -85.39 -22.78 1.87
CA ASP H 411 -86.39 -22.01 2.60
C ASP H 411 -87.68 -22.80 2.78
N VAL H 412 -88.06 -23.61 1.79
CA VAL H 412 -89.24 -24.45 1.92
C VAL H 412 -89.08 -25.39 3.10
N LEU H 413 -87.94 -26.07 3.18
CA LEU H 413 -87.71 -27.00 4.28
C LEU H 413 -87.63 -26.27 5.62
N SER H 414 -86.97 -25.10 5.63
CA SER H 414 -86.83 -24.35 6.88
C SER H 414 -88.19 -23.95 7.42
N MET H 415 -89.09 -23.50 6.55
CA MET H 415 -90.43 -23.13 7.01
C MET H 415 -91.25 -24.37 7.36
N TYR H 416 -91.04 -25.49 6.66
CA TYR H 416 -91.76 -26.70 6.98
C TYR H 416 -91.45 -27.17 8.39
N PHE H 417 -90.18 -27.16 8.77
CA PHE H 417 -89.84 -27.60 10.13
C PHE H 417 -90.26 -26.57 11.17
N ASP H 418 -90.29 -25.28 10.84
CA ASP H 418 -90.88 -24.31 11.74
C ASP H 418 -92.34 -24.63 12.01
N ILE H 419 -93.08 -24.97 10.96
CA ILE H 419 -94.49 -25.34 11.12
C ILE H 419 -94.62 -26.57 12.02
N ILE H 420 -93.83 -27.62 11.74
CA ILE H 420 -94.02 -28.85 12.52
C ILE H 420 -93.47 -28.75 13.94
N PHE H 421 -92.62 -27.76 14.22
CA PHE H 421 -92.13 -27.52 15.57
C PHE H 421 -92.88 -26.39 16.28
N GLY H 422 -93.85 -25.77 15.62
CA GLY H 422 -94.70 -24.81 16.30
C GLY H 422 -94.16 -23.41 16.35
N LYS H 423 -93.20 -23.08 15.49
CA LYS H 423 -92.65 -21.72 15.41
C LYS H 423 -93.38 -20.88 14.37
N LEU H 424 -94.33 -21.44 13.64
CA LEU H 424 -94.91 -20.77 12.49
C LEU H 424 -96.38 -21.13 12.34
N THR H 425 -97.20 -20.14 12.02
CA THR H 425 -98.62 -20.33 11.73
C THR H 425 -99.01 -19.45 10.56
N SER H 426 -100.08 -19.85 9.87
CA SER H 426 -100.46 -19.18 8.63
C SER H 426 -100.87 -17.73 8.87
N VAL H 427 -101.42 -17.42 10.05
CA VAL H 427 -101.92 -16.08 10.31
C VAL H 427 -100.79 -15.05 10.22
N ASP H 428 -99.60 -15.42 10.66
CA ASP H 428 -98.46 -14.51 10.59
C ASP H 428 -98.20 -14.11 9.16
N ARG H 429 -97.99 -12.81 8.93
CA ARG H 429 -97.77 -12.31 7.59
C ARG H 429 -96.35 -12.60 7.11
N GLU H 430 -95.44 -12.93 8.02
CA GLU H 430 -94.12 -13.40 7.60
C GLU H 430 -94.24 -14.71 6.84
N THR H 431 -95.19 -15.56 7.24
CA THR H 431 -95.46 -16.78 6.48
C THR H 431 -95.87 -16.46 5.05
N ILE H 432 -96.78 -15.50 4.88
CA ILE H 432 -97.23 -15.17 3.53
C ILE H 432 -96.10 -14.55 2.73
N ASN H 433 -95.28 -13.72 3.37
CA ASN H 433 -94.13 -13.15 2.68
C ASN H 433 -93.18 -14.24 2.21
N GLN H 434 -92.89 -15.23 3.06
CA GLN H 434 -92.01 -16.31 2.67
C GLN H 434 -92.62 -17.16 1.56
N CYS H 435 -93.92 -17.43 1.65
CA CYS H 435 -94.60 -18.20 0.62
C CYS H 435 -94.56 -17.49 -0.71
N ILE H 436 -94.60 -16.15 -0.70
CA ILE H 436 -94.51 -15.40 -1.95
C ILE H 436 -93.14 -15.59 -2.58
N GLN H 437 -92.08 -15.62 -1.77
CA GLN H 437 -90.75 -15.86 -2.32
C GLN H 437 -90.62 -17.28 -2.85
N ILE H 438 -91.22 -18.24 -2.16
CA ILE H 438 -91.18 -19.63 -2.63
C ILE H 438 -91.94 -19.76 -3.96
N MET H 439 -93.08 -19.08 -4.07
CA MET H 439 -93.80 -19.04 -5.33
C MET H 439 -93.00 -18.35 -6.42
N ASN H 440 -92.30 -17.28 -6.07
CA ASN H 440 -91.42 -16.60 -7.02
C ASN H 440 -90.31 -17.49 -7.50
N ARG H 441 -89.81 -18.39 -6.66
CA ARG H 441 -88.74 -19.32 -7.03
C ARG H 441 -89.27 -20.69 -7.44
N ALA H 442 -90.58 -20.83 -7.61
CA ALA H 442 -91.18 -22.12 -7.91
C ALA H 442 -90.59 -22.73 -9.18
N ASN H 443 -90.34 -24.04 -9.13
CA ASN H 443 -89.83 -24.82 -10.24
C ASN H 443 -90.41 -26.22 -10.13
N PRO H 444 -90.44 -27.00 -11.22
CA PRO H 444 -90.96 -28.37 -11.10
C PRO H 444 -90.22 -29.22 -10.08
N THR H 445 -88.90 -29.05 -9.99
CA THR H 445 -88.14 -29.77 -8.97
C THR H 445 -88.57 -29.35 -7.58
N LEU H 446 -88.86 -28.06 -7.38
CA LEU H 446 -89.34 -27.61 -6.08
C LEU H 446 -90.74 -28.14 -5.80
N ILE H 447 -91.57 -28.28 -6.83
CA ILE H 447 -92.89 -28.88 -6.65
C ILE H 447 -92.74 -30.32 -6.17
N LYS H 448 -91.85 -31.08 -6.80
CA LYS H 448 -91.60 -32.44 -6.34
C LYS H 448 -91.04 -32.44 -4.91
N PHE H 449 -90.16 -31.50 -4.60
CA PHE H 449 -89.58 -31.42 -3.27
C PHE H 449 -90.65 -31.19 -2.21
N MET H 450 -91.55 -30.25 -2.45
CA MET H 450 -92.61 -29.99 -1.49
C MET H 450 -93.61 -31.13 -1.43
N GLN H 451 -93.91 -31.73 -2.59
CA GLN H 451 -94.92 -32.79 -2.63
C GLN H 451 -94.45 -34.02 -1.88
N TYR H 452 -93.16 -34.36 -1.97
CA TYR H 452 -92.67 -35.49 -1.20
C TYR H 452 -92.87 -35.26 0.30
N HIS H 453 -92.50 -34.07 0.78
CA HIS H 453 -92.56 -33.78 2.21
C HIS H 453 -93.96 -33.55 2.72
N ILE H 454 -94.92 -33.23 1.85
CA ILE H 454 -96.31 -33.13 2.26
C ILE H 454 -97.08 -34.43 2.06
N ASP H 455 -96.62 -35.33 1.20
CA ASP H 455 -97.23 -36.65 1.07
C ASP H 455 -96.69 -37.63 2.11
N HIS H 456 -95.44 -37.47 2.53
CA HIS H 456 -94.86 -38.30 3.58
C HIS H 456 -94.88 -37.63 4.94
N CYS H 457 -95.59 -36.52 5.09
CA CYS H 457 -95.66 -35.86 6.39
C CYS H 457 -96.40 -36.78 7.37
N PRO H 458 -95.78 -37.15 8.50
CA PRO H 458 -96.49 -38.07 9.42
C PRO H 458 -97.51 -37.33 10.28
N GLU H 459 -98.70 -37.14 9.70
CA GLU H 459 -99.75 -36.37 10.35
C GLU H 459 -100.20 -36.97 11.68
N TYR H 460 -99.93 -38.25 11.92
CA TYR H 460 -100.39 -38.91 13.14
C TYR H 460 -99.60 -38.51 14.38
N LYS H 461 -98.49 -37.77 14.24
CA LYS H 461 -97.63 -37.46 15.38
C LYS H 461 -98.00 -36.17 16.09
N GLY H 462 -99.00 -35.44 15.61
CA GLY H 462 -99.44 -34.25 16.32
C GLY H 462 -100.17 -33.30 15.42
N GLU H 463 -100.77 -32.28 16.04
CA GLU H 463 -101.50 -31.27 15.29
C GLU H 463 -100.57 -30.47 14.40
N THR H 464 -99.36 -30.18 14.87
CA THR H 464 -98.43 -29.38 14.07
C THR H 464 -98.07 -30.07 12.76
N TYR H 465 -98.06 -31.41 12.75
CA TYR H 465 -97.81 -32.13 11.50
C TYR H 465 -99.03 -32.05 10.59
N LYS H 466 -100.23 -32.12 11.16
CA LYS H 466 -101.44 -31.90 10.35
C LYS H 466 -101.43 -30.50 9.76
N LEU H 467 -101.04 -29.51 10.57
CA LEU H 467 -100.94 -28.14 10.08
C LEU H 467 -99.93 -28.04 8.95
N ALA H 468 -98.75 -28.65 9.12
CA ALA H 468 -97.76 -28.61 8.05
C ALA H 468 -98.29 -29.27 6.79
N LYS H 469 -98.95 -30.42 6.92
CA LYS H 469 -99.47 -31.12 5.76
C LYS H 469 -100.46 -30.25 5.00
N ARG H 470 -101.48 -29.73 5.68
CA ARG H 470 -102.52 -28.98 4.98
C ARG H 470 -101.96 -27.68 4.41
N LEU H 471 -101.19 -26.94 5.20
CA LEU H 471 -100.69 -25.64 4.75
C LEU H 471 -99.70 -25.81 3.59
N GLY H 472 -98.82 -26.81 3.67
CA GLY H 472 -97.91 -27.07 2.58
C GLY H 472 -98.62 -27.55 1.34
N GLN H 473 -99.74 -28.25 1.50
CA GLN H 473 -100.53 -28.62 0.33
C GLN H 473 -101.08 -27.38 -0.35
N GLN H 474 -101.58 -26.42 0.42
CA GLN H 474 -102.06 -25.18 -0.21
C GLN H 474 -100.93 -24.45 -0.91
N LEU H 475 -99.76 -24.39 -0.27
CA LEU H 475 -98.62 -23.72 -0.89
C LEU H 475 -98.18 -24.44 -2.16
N ILE H 476 -98.26 -25.77 -2.16
CA ILE H 476 -97.93 -26.54 -3.36
C ILE H 476 -98.89 -26.20 -4.48
N ASP H 477 -100.18 -26.10 -4.16
CA ASP H 477 -101.16 -25.73 -5.18
C ASP H 477 -100.85 -24.34 -5.75
N ASN H 478 -100.50 -23.40 -4.86
CA ASN H 478 -100.17 -22.05 -5.33
C ASN H 478 -98.95 -22.06 -6.23
N CYS H 479 -97.91 -22.78 -5.83
CA CYS H 479 -96.70 -22.86 -6.65
C CYS H 479 -96.98 -23.52 -7.99
N LYS H 480 -97.83 -24.55 -8.00
CA LYS H 480 -98.23 -25.15 -9.27
C LYS H 480 -98.93 -24.15 -10.16
N GLN H 481 -99.85 -23.36 -9.60
CA GLN H 481 -100.62 -22.45 -10.46
C GLN H 481 -99.74 -21.32 -10.99
N VAL H 482 -98.72 -20.91 -10.22
CA VAL H 482 -97.83 -19.84 -10.66
C VAL H 482 -96.53 -20.41 -11.23
N LEU H 483 -96.53 -21.71 -11.56
CA LEU H 483 -95.30 -22.35 -12.03
C LEU H 483 -94.79 -21.69 -13.32
N THR H 484 -95.68 -21.43 -14.28
CA THR H 484 -95.31 -20.83 -15.55
C THR H 484 -95.40 -19.31 -15.55
N GLU H 485 -95.83 -18.70 -14.44
CA GLU H 485 -95.98 -17.26 -14.37
C GLU H 485 -94.67 -16.59 -13.99
N ASP H 486 -94.59 -15.31 -14.31
CA ASP H 486 -93.36 -14.55 -14.09
C ASP H 486 -93.28 -14.15 -12.61
N PRO H 487 -92.13 -14.29 -11.95
CA PRO H 487 -92.04 -13.89 -10.54
C PRO H 487 -92.37 -12.42 -10.35
N VAL H 488 -93.07 -12.12 -9.26
CA VAL H 488 -93.55 -10.78 -8.96
C VAL H 488 -93.10 -10.36 -7.57
N TYR H 489 -92.78 -9.08 -7.43
CA TYR H 489 -92.53 -8.47 -6.13
C TYR H 489 -93.86 -8.05 -5.54
N LYS H 490 -94.22 -8.65 -4.41
CA LYS H 490 -95.47 -8.33 -3.70
C LYS H 490 -95.12 -8.24 -2.23
N ASP H 491 -95.13 -7.02 -1.70
CA ASP H 491 -94.90 -6.80 -0.28
C ASP H 491 -96.21 -6.93 0.48
N VAL H 492 -96.23 -7.82 1.46
CA VAL H 492 -97.41 -8.07 2.29
C VAL H 492 -97.17 -7.65 3.74
N SER H 493 -96.15 -6.83 3.97
CA SER H 493 -95.85 -6.39 5.33
C SER H 493 -96.96 -5.51 5.87
N ARG H 494 -97.11 -5.50 7.19
CA ARG H 494 -98.11 -4.64 7.81
C ARG H 494 -97.63 -3.19 7.79
N ILE H 495 -98.47 -2.31 7.27
CA ILE H 495 -98.12 -0.89 7.18
C ILE H 495 -98.00 -0.31 8.58
N THR H 496 -96.90 0.39 8.84
CA THR H 496 -96.62 0.97 10.14
C THR H 496 -96.48 2.47 10.02
N GLY H 497 -96.73 3.16 11.13
CA GLY H 497 -96.57 4.59 11.21
C GLY H 497 -95.81 5.00 12.45
N PRO H 498 -95.39 6.26 12.51
CA PRO H 498 -94.65 6.73 13.69
C PRO H 498 -95.55 6.88 14.90
N LYS H 499 -94.96 6.67 16.07
CA LYS H 499 -95.65 6.89 17.34
C LYS H 499 -94.60 7.34 18.35
N THR H 500 -94.69 8.59 18.77
CA THR H 500 -93.80 9.16 19.78
C THR H 500 -94.54 9.27 21.10
N LYS H 501 -93.94 8.72 22.16
CA LYS H 501 -94.50 8.77 23.50
C LYS H 501 -93.42 9.22 24.46
N VAL H 502 -93.81 10.03 25.45
CA VAL H 502 -92.93 10.49 26.50
C VAL H 502 -93.29 9.75 27.77
N SER H 503 -92.34 9.01 28.32
CA SER H 503 -92.58 8.28 29.55
C SER H 503 -92.67 9.24 30.73
N ALA H 504 -93.16 8.73 31.86
CA ALA H 504 -93.22 9.53 33.08
C ALA H 504 -91.85 10.04 33.49
N LYS H 505 -90.80 9.28 33.22
CA LYS H 505 -89.43 9.70 33.51
C LYS H 505 -88.90 10.72 32.52
N GLY H 506 -89.71 11.14 31.54
CA GLY H 506 -89.25 12.11 30.56
C GLY H 506 -88.42 11.53 29.45
N ASN H 507 -88.38 10.21 29.31
CA ASN H 507 -87.62 9.57 28.26
C ASN H 507 -88.42 9.60 26.96
N ILE H 508 -87.76 10.00 25.87
CA ILE H 508 -88.40 10.08 24.56
C ILE H 508 -88.24 8.74 23.87
N GLU H 509 -89.35 8.05 23.61
CA GLU H 509 -89.36 6.75 22.98
C GLU H 509 -90.13 6.84 21.66
N TYR H 510 -89.49 6.39 20.58
CA TYR H 510 -90.11 6.33 19.26
C TYR H 510 -90.41 4.87 18.94
N GLU H 511 -91.65 4.60 18.54
CA GLU H 511 -92.08 3.26 18.16
C GLU H 511 -92.84 3.33 16.85
N GLU H 512 -92.53 2.37 15.97
CA GLU H 512 -93.20 2.24 14.68
C GLU H 512 -94.37 1.29 14.87
N THR H 513 -95.55 1.86 15.13
CA THR H 513 -96.74 1.06 15.38
C THR H 513 -97.46 0.75 14.07
N GLN H 514 -98.25 -0.32 14.09
CA GLN H 514 -99.07 -0.65 12.93
C GLN H 514 -100.28 0.27 12.84
N LYS H 515 -100.49 0.84 11.66
CA LYS H 515 -101.60 1.76 11.47
C LYS H 515 -102.93 1.02 11.57
N ASP H 516 -103.87 1.61 12.31
CA ASP H 516 -105.16 0.96 12.51
C ASP H 516 -105.95 0.87 11.20
N SER H 517 -106.07 2.00 10.49
CA SER H 517 -106.90 2.05 9.30
C SER H 517 -106.22 1.50 8.05
N VAL H 518 -104.89 1.37 8.05
CA VAL H 518 -104.13 0.90 6.90
C VAL H 518 -103.43 -0.40 7.30
N ARG H 519 -103.79 -1.49 6.64
CA ARG H 519 -103.29 -2.82 6.97
C ARG H 519 -102.48 -3.44 5.85
N LYS H 520 -102.81 -3.15 4.60
CA LYS H 520 -102.12 -3.69 3.42
C LYS H 520 -101.56 -2.55 2.59
N PHE H 521 -100.79 -2.91 1.56
CA PHE H 521 -100.34 -1.91 0.61
C PHE H 521 -101.47 -1.45 -0.31
N GLU H 522 -102.52 -2.25 -0.47
CA GLU H 522 -103.71 -1.78 -1.16
C GLU H 522 -104.32 -0.59 -0.43
N GLN H 523 -104.46 -0.71 0.89
CA GLN H 523 -104.99 0.39 1.69
C GLN H 523 -103.98 1.53 1.76
N TYR H 524 -102.69 1.22 1.72
CA TYR H 524 -101.68 2.28 1.59
C TYR H 524 -101.93 3.10 0.34
N VAL H 525 -102.17 2.43 -0.79
CA VAL H 525 -102.39 3.13 -2.06
C VAL H 525 -103.68 3.93 -2.01
N TYR H 526 -104.71 3.38 -1.36
CA TYR H 526 -105.95 4.14 -1.18
C TYR H 526 -105.69 5.41 -0.37
N GLU H 527 -104.90 5.30 0.68
CA GLU H 527 -104.54 6.48 1.47
C GLU H 527 -103.77 7.49 0.64
N MET H 528 -102.85 7.02 -0.20
CA MET H 528 -102.11 7.94 -1.06
C MET H 528 -103.05 8.65 -2.03
N ALA H 529 -104.01 7.93 -2.60
CA ALA H 529 -104.96 8.55 -3.51
C ALA H 529 -105.78 9.62 -2.80
N GLN H 530 -106.19 9.35 -1.55
CA GLN H 530 -106.96 10.34 -0.82
C GLN H 530 -106.11 11.54 -0.41
N GLY H 531 -104.82 11.34 -0.16
CA GLY H 531 -104.02 12.46 0.29
C GLY H 531 -104.39 12.87 1.71
N GLY H 532 -104.50 14.18 1.91
CA GLY H 532 -104.84 14.71 3.22
C GLY H 532 -105.52 16.05 3.11
N ALA H 533 -105.89 16.59 4.28
CA ALA H 533 -106.59 17.87 4.32
C ALA H 533 -105.71 18.99 3.76
N MET H 534 -104.43 18.97 4.10
CA MET H 534 -103.52 20.02 3.65
C MET H 534 -103.18 19.92 2.17
N THR H 535 -103.57 18.85 1.50
CA THR H 535 -103.31 18.68 0.07
C THR H 535 -104.45 19.16 -0.80
N LYS H 536 -105.49 19.76 -0.22
CA LYS H 536 -106.62 20.27 -1.00
C LYS H 536 -106.23 21.53 -1.75
N PRO H 629 -110.70 1.22 -10.11
CA PRO H 629 -109.34 1.66 -9.81
C PRO H 629 -109.28 2.74 -8.73
N VAL H 630 -108.17 2.80 -8.00
CA VAL H 630 -107.99 3.82 -6.97
C VAL H 630 -107.94 5.21 -7.58
N SER H 631 -107.61 5.31 -8.87
CA SER H 631 -107.67 6.58 -9.56
C SER H 631 -109.03 7.24 -9.43
N SER H 632 -110.10 6.47 -9.65
CA SER H 632 -111.45 6.99 -9.45
C SER H 632 -111.69 7.39 -8.00
N THR H 633 -111.02 6.74 -7.06
CA THR H 633 -111.18 7.08 -5.65
C THR H 633 -110.32 8.27 -5.22
N ILE H 634 -109.45 8.77 -6.10
CA ILE H 634 -108.77 10.03 -5.82
C ILE H 634 -109.84 11.10 -5.63
N PRO H 635 -109.85 11.81 -4.51
CA PRO H 635 -110.88 12.85 -4.32
C PRO H 635 -110.69 14.01 -5.28
N SER H 636 -111.79 14.69 -5.59
CA SER H 636 -111.74 15.82 -6.50
C SER H 636 -111.09 17.02 -5.82
N GLN H 637 -110.22 17.70 -6.56
CA GLN H 637 -109.51 18.91 -6.17
C GLN H 637 -108.40 18.66 -5.15
N THR H 638 -108.21 17.42 -4.70
CA THR H 638 -107.15 17.09 -3.74
C THR H 638 -106.00 16.44 -4.49
N ILE H 639 -104.78 16.79 -4.11
CA ILE H 639 -103.57 16.28 -4.76
C ILE H 639 -103.13 15.04 -3.99
N PRO H 640 -102.99 13.87 -4.63
CA PRO H 640 -102.58 12.68 -3.87
C PRO H 640 -101.20 12.85 -3.25
N PHE H 641 -100.94 12.04 -2.22
CA PHE H 641 -99.64 12.10 -1.54
C PHE H 641 -98.50 11.76 -2.50
N LEU H 642 -98.69 10.74 -3.33
CA LEU H 642 -97.76 10.39 -4.40
C LEU H 642 -98.39 10.81 -5.72
N HIS H 643 -97.65 11.57 -6.53
CA HIS H 643 -98.25 12.02 -7.78
C HIS H 643 -97.15 12.33 -8.79
N ILE H 644 -97.47 12.11 -10.06
CA ILE H 644 -96.58 12.44 -11.16
C ILE H 644 -96.89 13.86 -11.60
N GLN H 645 -95.84 14.66 -11.79
CA GLN H 645 -95.94 16.04 -12.24
C GLN H 645 -95.57 16.14 -13.72
N LYS H 646 -96.22 17.08 -14.41
CA LYS H 646 -95.90 17.41 -15.79
C LYS H 646 -95.21 18.77 -15.85
N LYS H 647 -94.47 18.99 -16.94
CA LYS H 647 -93.77 20.23 -17.17
C LYS H 647 -94.65 21.14 -18.03
N THR H 648 -94.79 22.39 -17.59
CA THR H 648 -95.54 23.43 -18.28
C THR H 648 -94.72 24.72 -18.26
N LYS H 649 -95.24 25.76 -18.90
CA LYS H 649 -94.52 27.02 -18.98
C LYS H 649 -94.25 27.58 -17.59
N ASP H 650 -95.19 27.42 -16.66
CA ASP H 650 -95.00 27.89 -15.29
C ASP H 650 -94.04 27.03 -14.48
N GLY H 651 -93.79 25.79 -14.91
CA GLY H 651 -92.92 24.89 -14.17
C GLY H 651 -93.49 23.50 -14.04
N TRP H 652 -93.08 22.76 -13.02
CA TRP H 652 -93.62 21.43 -12.77
C TRP H 652 -94.89 21.55 -11.94
N GLU H 653 -95.97 20.93 -12.42
CA GLU H 653 -97.25 20.97 -11.71
C GLU H 653 -97.90 19.59 -11.73
N TYR H 654 -98.70 19.33 -10.72
CA TYR H 654 -99.39 18.06 -10.58
C TYR H 654 -100.22 17.77 -11.82
N ASN H 655 -100.16 16.53 -12.31
CA ASN H 655 -100.92 16.11 -13.48
C ASN H 655 -101.84 14.97 -13.09
N LYS H 656 -103.15 15.20 -13.24
CA LYS H 656 -104.12 14.19 -12.84
C LYS H 656 -103.94 12.91 -13.64
N LYS H 657 -103.71 13.02 -14.95
CA LYS H 657 -103.63 11.84 -15.79
C LYS H 657 -102.42 10.97 -15.44
N LEU H 658 -101.24 11.58 -15.37
CA LEU H 658 -100.04 10.82 -15.06
C LEU H 658 -100.09 10.26 -13.64
N SER H 659 -100.59 11.07 -12.69
CA SER H 659 -100.73 10.56 -11.33
C SER H 659 -101.72 9.41 -11.27
N SER H 660 -102.80 9.48 -12.06
CA SER H 660 -103.74 8.37 -12.17
C SER H 660 -103.05 7.11 -12.65
N LEU H 661 -102.25 7.24 -13.72
CA LEU H 661 -101.54 6.08 -14.25
C LEU H 661 -100.60 5.48 -13.22
N TYR H 662 -99.85 6.34 -12.53
CA TYR H 662 -98.91 5.85 -11.51
C TYR H 662 -99.64 5.16 -10.36
N LEU H 663 -100.74 5.76 -9.89
CA LEU H 663 -101.46 5.18 -8.77
C LEU H 663 -102.11 3.85 -9.15
N ASP H 664 -102.63 3.76 -10.37
CA ASP H 664 -103.19 2.48 -10.82
C ASP H 664 -102.10 1.42 -10.92
N GLY H 665 -100.92 1.80 -11.41
CA GLY H 665 -99.80 0.87 -11.41
C GLY H 665 -99.43 0.40 -10.02
N LEU H 666 -99.44 1.33 -9.05
CA LEU H 666 -99.15 0.97 -7.67
C LEU H 666 -100.21 0.03 -7.12
N GLU H 667 -101.48 0.28 -7.44
CA GLU H 667 -102.56 -0.59 -6.99
C GLU H 667 -102.37 -2.00 -7.56
N SER H 668 -102.03 -2.09 -8.85
CA SER H 668 -101.79 -3.39 -9.46
C SER H 668 -100.60 -4.08 -8.80
N ALA H 669 -99.53 -3.33 -8.49
CA ALA H 669 -98.39 -3.91 -7.83
C ALA H 669 -98.76 -4.43 -6.45
N ALA H 670 -99.60 -3.70 -5.73
CA ALA H 670 -100.02 -4.13 -4.40
C ALA H 670 -100.86 -5.39 -4.46
N ILE H 671 -101.80 -5.45 -5.41
CA ILE H 671 -102.72 -6.59 -5.45
C ILE H 671 -102.06 -7.80 -6.10
N ASN H 672 -101.66 -7.67 -7.37
CA ASN H 672 -101.14 -8.79 -8.14
C ASN H 672 -99.63 -8.93 -8.07
N GLY H 673 -98.92 -7.89 -7.64
CA GLY H 673 -97.48 -7.90 -7.64
C GLY H 673 -96.90 -7.23 -8.87
N LEU H 674 -95.62 -6.85 -8.76
CA LEU H 674 -94.88 -6.21 -9.84
C LEU H 674 -93.69 -7.08 -10.22
N THR H 675 -93.53 -7.32 -11.52
CA THR H 675 -92.47 -8.16 -12.04
C THR H 675 -91.37 -7.31 -12.66
N PHE H 676 -90.14 -7.80 -12.56
CA PHE H 676 -88.96 -7.12 -13.11
C PHE H 676 -88.10 -8.09 -13.89
N LYS H 677 -88.70 -9.14 -14.46
CA LYS H 677 -87.94 -10.15 -15.16
C LYS H 677 -87.26 -9.56 -16.39
N ASP H 678 -86.06 -10.04 -16.66
CA ASP H 678 -85.25 -9.58 -17.79
C ASP H 678 -84.94 -8.09 -17.68
N LYS H 679 -84.95 -7.56 -16.46
CA LYS H 679 -84.63 -6.16 -16.20
C LYS H 679 -83.26 -6.09 -15.53
N TYR H 680 -82.32 -5.46 -16.22
CA TYR H 680 -80.96 -5.27 -15.72
C TYR H 680 -80.88 -3.91 -15.05
N VAL H 681 -80.49 -3.91 -13.78
CA VAL H 681 -80.51 -2.71 -12.94
C VAL H 681 -79.13 -2.51 -12.35
N LEU H 682 -78.72 -1.26 -12.26
CA LEU H 682 -77.58 -0.84 -11.46
C LEU H 682 -78.13 -0.10 -10.25
N VAL H 683 -77.65 -0.43 -9.05
CA VAL H 683 -78.07 0.23 -7.82
C VAL H 683 -76.82 0.64 -7.06
N THR H 684 -76.78 1.91 -6.66
CA THR H 684 -75.66 2.46 -5.91
C THR H 684 -76.17 3.00 -4.57
N GLY H 685 -75.34 2.89 -3.55
CA GLY H 685 -75.72 3.33 -2.22
C GLY H 685 -76.83 2.53 -1.59
N ALA H 686 -76.94 1.24 -1.89
CA ALA H 686 -77.95 0.37 -1.29
C ALA H 686 -77.38 -0.39 -0.10
N GLY H 687 -76.91 0.36 0.89
CA GLY H 687 -76.38 -0.24 2.09
C GLY H 687 -77.49 -0.86 2.94
N ALA H 688 -77.07 -1.66 3.91
CA ALA H 688 -78.02 -2.33 4.78
C ALA H 688 -78.84 -1.31 5.56
N GLY H 689 -80.11 -1.63 5.79
CA GLY H 689 -80.99 -0.70 6.47
C GLY H 689 -81.19 0.60 5.72
N SER H 690 -81.39 0.54 4.40
CA SER H 690 -81.52 1.72 3.58
C SER H 690 -82.57 1.52 2.49
N ILE H 691 -82.98 2.65 1.92
CA ILE H 691 -83.98 2.61 0.87
C ILE H 691 -83.46 1.82 -0.32
N GLY H 692 -82.19 2.02 -0.67
CA GLY H 692 -81.60 1.25 -1.75
C GLY H 692 -81.66 -0.24 -1.49
N ALA H 693 -81.44 -0.65 -0.24
CA ALA H 693 -81.54 -2.06 0.10
C ALA H 693 -82.97 -2.55 -0.08
N GLU H 694 -83.96 -1.73 0.30
CA GLU H 694 -85.34 -2.15 0.13
C GLU H 694 -85.72 -2.25 -1.34
N ILE H 695 -85.30 -1.30 -2.17
CA ILE H 695 -85.52 -1.43 -3.60
C ILE H 695 -84.81 -2.66 -4.13
N LEU H 696 -83.65 -3.00 -3.56
CA LEU H 696 -82.92 -4.19 -4.01
C LEU H 696 -83.71 -5.45 -3.70
N GLN H 697 -84.28 -5.53 -2.50
CA GLN H 697 -85.17 -6.66 -2.19
C GLN H 697 -86.32 -6.73 -3.17
N GLY H 698 -86.97 -5.60 -3.45
CA GLY H 698 -88.08 -5.60 -4.39
C GLY H 698 -87.66 -6.03 -5.78
N LEU H 699 -86.51 -5.56 -6.24
CA LEU H 699 -86.04 -5.89 -7.59
C LEU H 699 -85.77 -7.38 -7.72
N ILE H 700 -84.99 -7.94 -6.79
CA ILE H 700 -84.66 -9.36 -6.91
C ILE H 700 -85.89 -10.21 -6.67
N SER H 701 -86.83 -9.74 -5.85
CA SER H 701 -88.09 -10.45 -5.69
C SER H 701 -88.86 -10.49 -7.00
N GLY H 702 -88.98 -9.37 -7.69
CA GLY H 702 -89.65 -9.32 -8.97
C GLY H 702 -88.92 -10.03 -10.08
N GLY H 703 -87.64 -10.34 -9.88
CA GLY H 703 -86.88 -11.13 -10.84
C GLY H 703 -85.79 -10.38 -11.56
N ALA H 704 -85.41 -9.20 -11.07
CA ALA H 704 -84.43 -8.39 -11.77
C ALA H 704 -83.03 -8.96 -11.58
N LYS H 705 -82.16 -8.61 -12.53
CA LYS H 705 -80.73 -8.89 -12.45
C LYS H 705 -80.06 -7.58 -12.06
N VAL H 706 -79.61 -7.49 -10.83
CA VAL H 706 -79.16 -6.23 -10.24
C VAL H 706 -77.66 -6.30 -9.95
N ILE H 707 -76.96 -5.21 -10.27
CA ILE H 707 -75.61 -4.96 -9.79
C ILE H 707 -75.74 -3.98 -8.64
N VAL H 708 -75.59 -4.46 -7.42
CA VAL H 708 -75.53 -3.60 -6.24
C VAL H 708 -74.06 -3.27 -6.00
N THR H 709 -73.78 -2.00 -5.77
CA THR H 709 -72.42 -1.54 -5.52
C THR H 709 -72.33 -1.04 -4.08
N THR H 710 -71.22 -1.37 -3.43
CA THR H 710 -71.02 -1.04 -2.02
C THR H 710 -69.67 -0.35 -1.84
N SER H 711 -69.61 0.60 -0.92
CA SER H 711 -68.37 1.30 -0.58
C SER H 711 -67.72 0.77 0.69
N ARG H 712 -68.27 -0.28 1.30
CA ARG H 712 -67.74 -0.87 2.52
C ARG H 712 -67.65 -2.38 2.37
N PHE H 713 -67.05 -2.83 1.25
CA PHE H 713 -66.98 -4.26 0.97
C PHE H 713 -66.28 -4.99 2.10
N SER H 714 -66.91 -6.06 2.57
CA SER H 714 -66.43 -6.82 3.72
C SER H 714 -67.27 -8.08 3.82
N LYS H 715 -66.85 -8.97 4.73
CA LYS H 715 -67.59 -10.20 4.92
C LYS H 715 -69.02 -9.93 5.38
N LYS H 716 -69.20 -8.98 6.29
CA LYS H 716 -70.54 -8.69 6.80
C LYS H 716 -71.44 -8.13 5.71
N VAL H 717 -70.91 -7.24 4.88
CA VAL H 717 -71.72 -6.66 3.80
C VAL H 717 -72.09 -7.72 2.79
N THR H 718 -71.11 -8.54 2.38
CA THR H 718 -71.39 -9.57 1.38
C THR H 718 -72.35 -10.61 1.93
N GLU H 719 -72.29 -10.90 3.24
CA GLU H 719 -73.21 -11.86 3.81
C GLU H 719 -74.61 -11.28 3.96
N TYR H 720 -74.71 -9.98 4.24
CA TYR H 720 -76.02 -9.34 4.23
C TYR H 720 -76.66 -9.45 2.85
N TYR H 721 -75.88 -9.17 1.81
CA TYR H 721 -76.43 -9.27 0.46
C TYR H 721 -76.72 -10.72 0.07
N GLN H 722 -75.87 -11.65 0.51
CA GLN H 722 -76.11 -13.07 0.24
C GLN H 722 -77.40 -13.53 0.91
N ASN H 723 -77.62 -13.14 2.16
CA ASN H 723 -78.85 -13.50 2.84
C ASN H 723 -80.05 -12.86 2.16
N MET H 724 -79.89 -11.63 1.69
CA MET H 724 -80.98 -10.98 0.98
C MET H 724 -81.35 -11.77 -0.27
N TYR H 725 -80.35 -12.20 -1.04
CA TYR H 725 -80.66 -12.98 -2.24
C TYR H 725 -81.24 -14.34 -1.88
N ALA H 726 -80.75 -14.94 -0.79
CA ALA H 726 -81.25 -16.26 -0.40
C ALA H 726 -82.71 -16.21 0.03
N ARG H 727 -83.13 -15.12 0.67
CA ARG H 727 -84.50 -15.00 1.14
C ARG H 727 -85.45 -14.43 0.09
N TYR H 728 -84.95 -13.60 -0.84
CA TYR H 728 -85.81 -12.88 -1.77
C TYR H 728 -85.50 -13.10 -3.24
N GLY H 729 -84.29 -13.54 -3.57
CA GLY H 729 -83.90 -13.69 -4.97
C GLY H 729 -84.78 -14.65 -5.74
N ALA H 730 -85.61 -14.11 -6.63
CA ALA H 730 -86.57 -14.91 -7.37
C ALA H 730 -85.90 -15.60 -8.56
N ALA H 731 -86.68 -16.45 -9.22
CA ALA H 731 -86.15 -17.21 -10.35
C ALA H 731 -85.72 -16.27 -11.47
N GLY H 732 -84.48 -16.46 -11.92
CA GLY H 732 -83.88 -15.59 -12.92
C GLY H 732 -83.16 -14.39 -12.36
N SER H 733 -83.42 -14.02 -11.12
CA SER H 733 -82.74 -12.88 -10.51
C SER H 733 -81.30 -13.25 -10.18
N THR H 734 -80.39 -12.30 -10.41
CA THR H 734 -79.00 -12.45 -10.02
C THR H 734 -78.53 -11.16 -9.38
N LEU H 735 -77.97 -11.28 -8.18
CA LEU H 735 -77.47 -10.13 -7.43
C LEU H 735 -75.95 -10.14 -7.45
N ILE H 736 -75.36 -9.09 -8.04
CA ILE H 736 -73.91 -8.96 -8.13
C ILE H 736 -73.49 -7.82 -7.22
N VAL H 737 -72.80 -8.17 -6.13
CA VAL H 737 -72.25 -7.19 -5.19
C VAL H 737 -70.85 -6.86 -5.67
N VAL H 738 -70.58 -5.58 -5.88
CA VAL H 738 -69.23 -5.15 -6.27
C VAL H 738 -68.73 -4.06 -5.33
N PRO H 739 -67.45 -4.04 -4.98
CA PRO H 739 -66.91 -2.83 -4.36
C PRO H 739 -66.86 -1.71 -5.38
N PHE H 740 -67.08 -0.49 -4.90
CA PHE H 740 -67.25 0.62 -5.81
C PHE H 740 -67.20 1.91 -5.02
N ASN H 741 -66.45 2.87 -5.55
CA ASN H 741 -66.36 4.21 -4.97
C ASN H 741 -66.96 5.17 -5.99
N GLN H 742 -68.20 5.59 -5.79
CA GLN H 742 -68.79 6.58 -6.68
C GLN H 742 -68.06 7.91 -6.58
N GLY H 743 -67.27 8.13 -5.55
CA GLY H 743 -66.48 9.33 -5.42
C GLY H 743 -65.19 9.35 -6.21
N SER H 744 -64.98 8.36 -7.08
CA SER H 744 -63.82 8.32 -7.96
C SER H 744 -64.28 8.09 -9.39
N LYS H 745 -63.71 8.85 -10.33
CA LYS H 745 -64.03 8.69 -11.74
C LYS H 745 -63.62 7.31 -12.24
N GLN H 746 -62.49 6.81 -11.74
CA GLN H 746 -61.95 5.55 -12.22
C GLN H 746 -62.89 4.40 -11.89
N ASP H 747 -63.47 4.39 -10.70
CA ASP H 747 -64.42 3.34 -10.35
C ASP H 747 -65.65 3.41 -11.24
N VAL H 748 -66.13 4.61 -11.54
CA VAL H 748 -67.30 4.75 -12.40
C VAL H 748 -67.01 4.16 -13.77
N ASP H 749 -65.90 4.56 -14.38
CA ASP H 749 -65.56 4.06 -15.70
C ASP H 749 -65.34 2.55 -15.68
N ALA H 750 -64.59 2.06 -14.68
CA ALA H 750 -64.29 0.64 -14.59
C ALA H 750 -65.55 -0.17 -14.33
N LEU H 751 -66.49 0.36 -13.55
CA LEU H 751 -67.71 -0.37 -13.25
C LEU H 751 -68.59 -0.47 -14.47
N VAL H 752 -68.77 0.62 -15.21
CA VAL H 752 -69.58 0.53 -16.42
C VAL H 752 -68.91 -0.39 -17.44
N GLN H 753 -67.58 -0.34 -17.52
CA GLN H 753 -66.87 -1.24 -18.42
C GLN H 753 -67.05 -2.69 -17.99
N TYR H 754 -67.06 -2.95 -16.69
CA TYR H 754 -67.23 -4.33 -16.20
C TYR H 754 -68.66 -4.81 -16.42
N ILE H 755 -69.63 -3.91 -16.31
CA ILE H 755 -71.03 -4.30 -16.51
C ILE H 755 -71.29 -4.59 -17.98
N TYR H 756 -70.71 -3.80 -18.88
CA TYR H 756 -71.04 -3.90 -20.29
C TYR H 756 -70.07 -4.76 -21.10
N ASP H 757 -68.89 -5.05 -20.56
CA ASP H 757 -67.96 -5.90 -21.28
C ASP H 757 -68.50 -7.32 -21.36
N GLU H 758 -68.07 -8.04 -22.39
CA GLU H 758 -68.54 -9.40 -22.56
C GLU H 758 -67.95 -10.30 -21.46
N PRO H 759 -68.58 -11.43 -21.17
CA PRO H 759 -68.00 -12.33 -20.17
C PRO H 759 -66.61 -12.82 -20.53
N LYS H 760 -66.29 -12.95 -21.82
CA LYS H 760 -64.96 -13.42 -22.20
C LYS H 760 -63.87 -12.42 -21.84
N LYS H 761 -64.21 -11.14 -21.68
CA LYS H 761 -63.27 -10.12 -21.23
C LYS H 761 -63.37 -9.86 -19.73
N GLY H 762 -64.03 -10.75 -18.98
CA GLY H 762 -64.17 -10.59 -17.55
C GLY H 762 -65.34 -9.74 -17.11
N GLY H 763 -66.07 -9.13 -18.05
CA GLY H 763 -67.23 -8.34 -17.72
C GLY H 763 -68.46 -9.20 -17.50
N LEU H 764 -69.62 -8.56 -17.62
CA LEU H 764 -70.90 -9.24 -17.49
C LEU H 764 -71.68 -9.32 -18.79
N GLY H 765 -71.43 -8.41 -19.74
CA GLY H 765 -72.18 -8.42 -20.97
C GLY H 765 -73.64 -8.08 -20.79
N TRP H 766 -73.93 -7.13 -19.91
CA TRP H 766 -75.29 -6.72 -19.59
C TRP H 766 -75.58 -5.34 -20.17
N ASP H 767 -76.85 -5.10 -20.46
CA ASP H 767 -77.36 -3.81 -20.89
C ASP H 767 -78.35 -3.33 -19.83
N LEU H 768 -77.98 -2.27 -19.10
CA LEU H 768 -78.79 -1.84 -17.98
C LEU H 768 -80.13 -1.30 -18.44
N ASP H 769 -81.21 -1.86 -17.88
CA ASP H 769 -82.54 -1.36 -18.08
C ASP H 769 -82.94 -0.29 -17.07
N ALA H 770 -82.20 -0.14 -15.98
CA ALA H 770 -82.48 0.90 -15.01
C ALA H 770 -81.21 1.25 -14.24
N ILE H 771 -81.13 2.49 -13.78
CA ILE H 771 -80.05 2.96 -12.92
C ILE H 771 -80.68 3.65 -11.73
N ILE H 772 -80.19 3.33 -10.54
CA ILE H 772 -80.68 3.87 -9.28
C ILE H 772 -79.45 4.36 -8.51
N PRO H 773 -78.90 5.52 -8.85
CA PRO H 773 -77.71 6.06 -8.15
C PRO H 773 -78.08 6.84 -6.89
N PHE H 774 -78.34 6.09 -5.82
CA PHE H 774 -78.71 6.67 -4.53
C PHE H 774 -77.49 6.88 -3.63
N ALA H 775 -76.29 6.85 -4.19
CA ALA H 775 -75.06 6.95 -3.39
C ALA H 775 -74.95 8.33 -2.78
N ALA H 776 -75.14 8.41 -1.47
CA ALA H 776 -74.99 9.64 -0.71
C ALA H 776 -74.07 9.39 0.46
N ILE H 777 -73.17 10.34 0.70
CA ILE H 777 -72.32 10.33 1.88
C ILE H 777 -72.99 11.25 2.89
N PRO H 778 -73.04 10.93 4.19
CA PRO H 778 -73.73 11.81 5.13
C PRO H 778 -72.84 12.98 5.52
N GLU H 779 -73.29 14.19 5.23
CA GLU H 779 -72.60 15.42 5.61
C GLU H 779 -73.60 16.30 6.35
N ASN H 780 -73.20 16.82 7.50
CA ASN H 780 -74.08 17.61 8.34
C ASN H 780 -73.25 18.63 9.11
N GLY H 781 -73.92 19.71 9.51
CA GLY H 781 -73.26 20.79 10.20
C GLY H 781 -72.44 21.71 9.32
N ASN H 782 -72.44 21.47 8.02
CA ASN H 782 -71.67 22.26 7.06
C ASN H 782 -72.60 23.29 6.43
N GLY H 783 -72.41 24.55 6.78
CA GLY H 783 -73.11 25.66 6.17
C GLY H 783 -72.34 26.22 4.99
N LEU H 784 -72.73 27.43 4.58
CA LEU H 784 -71.99 28.12 3.54
C LEU H 784 -70.57 28.42 3.98
N ASP H 785 -70.35 28.63 5.27
CA ASP H 785 -69.05 29.00 5.80
C ASP H 785 -68.10 27.81 6.00
N ASN H 786 -68.62 26.58 5.91
CA ASN H 786 -67.82 25.38 6.15
C ASN H 786 -68.09 24.35 5.07
N ILE H 787 -68.06 24.78 3.81
CA ILE H 787 -68.09 23.85 2.68
C ILE H 787 -66.70 23.24 2.59
N ASP H 788 -66.51 22.10 3.22
CA ASP H 788 -65.20 21.54 3.48
C ASP H 788 -64.90 20.44 2.47
N SER H 789 -63.80 19.73 2.70
CA SER H 789 -63.43 18.61 1.84
C SER H 789 -64.51 17.55 1.82
N LYS H 790 -65.15 17.32 2.96
CA LYS H 790 -66.25 16.36 3.01
C LYS H 790 -67.40 16.80 2.10
N SER H 791 -67.74 18.09 2.14
CA SER H 791 -68.82 18.59 1.30
C SER H 791 -68.47 18.51 -0.17
N GLU H 792 -67.23 18.84 -0.53
CA GLU H 792 -66.81 18.76 -1.93
C GLU H 792 -66.83 17.31 -2.42
N PHE H 793 -66.30 16.38 -1.62
CA PHE H 793 -66.30 14.99 -1.99
C PHE H 793 -67.73 14.45 -2.11
N ALA H 794 -68.60 14.87 -1.19
CA ALA H 794 -70.00 14.46 -1.25
C ALA H 794 -70.66 14.97 -2.51
N HIS H 795 -70.39 16.23 -2.87
CA HIS H 795 -70.96 16.76 -4.09
C HIS H 795 -70.45 15.98 -5.30
N ARG H 796 -69.16 15.62 -5.30
CA ARG H 796 -68.64 14.77 -6.37
C ARG H 796 -69.48 13.50 -6.50
N ILE H 797 -69.65 12.78 -5.39
CA ILE H 797 -70.40 11.52 -5.41
C ILE H 797 -71.81 11.75 -5.90
N MET H 798 -72.51 12.75 -5.35
CA MET H 798 -73.93 12.87 -5.60
C MET H 798 -74.23 13.40 -7.00
N LEU H 799 -73.40 14.32 -7.52
CA LEU H 799 -73.68 14.99 -8.77
C LEU H 799 -72.66 14.66 -9.86
N THR H 800 -71.37 14.91 -9.62
CA THR H 800 -70.43 14.90 -10.74
C THR H 800 -70.20 13.49 -11.23
N ASN H 801 -69.85 12.59 -10.33
CA ASN H 801 -69.64 11.21 -10.71
C ASN H 801 -70.95 10.49 -11.00
N LEU H 802 -72.07 10.97 -10.45
CA LEU H 802 -73.36 10.45 -10.88
C LEU H 802 -73.60 10.72 -12.36
N LEU H 803 -73.40 11.96 -12.79
CA LEU H 803 -73.56 12.29 -14.21
C LEU H 803 -72.53 11.55 -15.06
N ARG H 804 -71.31 11.38 -14.54
CA ARG H 804 -70.31 10.62 -15.28
C ARG H 804 -70.72 9.16 -15.42
N LEU H 805 -71.36 8.59 -14.39
CA LEU H 805 -71.86 7.22 -14.48
C LEU H 805 -72.95 7.12 -15.55
N LEU H 806 -73.88 8.06 -15.55
CA LEU H 806 -74.93 8.04 -16.58
C LEU H 806 -74.33 8.19 -17.98
N GLY H 807 -73.36 9.10 -18.12
CA GLY H 807 -72.72 9.29 -19.41
C GLY H 807 -71.93 8.08 -19.86
N ALA H 808 -71.27 7.40 -18.92
CA ALA H 808 -70.55 6.19 -19.26
C ALA H 808 -71.50 5.10 -19.73
N VAL H 809 -72.64 4.95 -19.05
CA VAL H 809 -73.63 3.97 -19.48
C VAL H 809 -74.10 4.31 -20.89
N LYS H 810 -74.35 5.60 -21.16
CA LYS H 810 -74.75 5.99 -22.51
C LYS H 810 -73.66 5.64 -23.52
N SER H 811 -72.41 5.96 -23.20
CA SER H 811 -71.31 5.71 -24.12
C SER H 811 -71.19 4.23 -24.44
N LYS H 812 -71.48 3.37 -23.47
CA LYS H 812 -71.37 1.93 -23.67
C LYS H 812 -72.66 1.28 -24.12
N LYS H 813 -73.74 2.05 -24.29
CA LYS H 813 -74.96 1.50 -24.88
C LYS H 813 -74.83 1.44 -26.40
N PRO H 814 -74.94 0.26 -27.04
CA PRO H 814 -74.76 0.21 -28.50
C PRO H 814 -76.03 0.54 -29.27
N THR H 815 -77.19 0.24 -28.69
CA THR H 815 -78.48 0.34 -29.37
C THR H 815 -79.24 1.56 -28.88
N ASP H 816 -80.19 2.00 -29.70
CA ASP H 816 -81.12 3.07 -29.33
C ASP H 816 -82.50 2.54 -28.96
N THR H 817 -82.66 1.22 -28.83
CA THR H 817 -83.97 0.62 -28.59
C THR H 817 -84.09 0.00 -27.20
N ARG H 818 -83.09 0.15 -26.34
CA ARG H 818 -83.11 -0.39 -24.98
C ARG H 818 -82.59 0.67 -24.02
N PRO H 819 -83.38 1.70 -23.75
CA PRO H 819 -82.92 2.75 -22.84
C PRO H 819 -82.85 2.28 -21.39
N ALA H 820 -82.06 3.01 -20.61
CA ALA H 820 -81.93 2.78 -19.17
C ALA H 820 -82.69 3.87 -18.43
N GLN H 821 -83.56 3.44 -17.51
CA GLN H 821 -84.33 4.38 -16.71
C GLN H 821 -83.52 4.78 -15.48
N CYS H 822 -83.06 6.02 -15.46
CA CYS H 822 -82.28 6.55 -14.34
C CYS H 822 -83.24 7.09 -13.30
N ILE H 823 -83.30 6.41 -12.14
CA ILE H 823 -84.16 6.82 -11.03
C ILE H 823 -83.34 7.78 -10.19
N LEU H 824 -83.58 9.07 -10.36
CA LEU H 824 -82.79 10.10 -9.69
C LEU H 824 -83.38 10.41 -8.32
N PRO H 825 -82.62 10.28 -7.21
CA PRO H 825 -83.21 10.60 -5.90
C PRO H 825 -83.27 12.11 -5.64
N LEU H 826 -84.25 12.75 -6.26
CA LEU H 826 -84.42 14.18 -6.04
C LEU H 826 -84.94 14.43 -4.63
N SER H 827 -84.66 15.63 -4.14
CA SER H 827 -85.13 16.07 -2.83
C SER H 827 -86.12 17.22 -3.01
N PRO H 828 -87.12 17.35 -2.12
CA PRO H 828 -88.00 18.51 -2.19
C PRO H 828 -87.49 19.72 -1.42
N ASN H 829 -86.41 19.55 -0.65
CA ASN H 829 -85.89 20.58 0.25
C ASN H 829 -84.53 21.02 -0.29
N HIS H 830 -84.52 22.09 -1.08
CA HIS H 830 -83.30 22.66 -1.64
C HIS H 830 -82.85 23.79 -0.72
N GLY H 831 -82.12 23.43 0.34
CA GLY H 831 -81.65 24.40 1.30
C GLY H 831 -82.69 24.86 2.29
N THR H 832 -83.82 24.17 2.40
CA THR H 832 -84.87 24.59 3.33
C THR H 832 -84.43 24.37 4.77
N PHE H 833 -83.59 23.36 5.01
CA PHE H 833 -83.12 23.08 6.36
C PHE H 833 -81.75 23.70 6.62
N GLY H 834 -80.91 23.76 5.60
CA GLY H 834 -79.60 24.37 5.74
C GLY H 834 -78.65 23.49 6.53
N PHE H 835 -77.39 23.90 6.55
CA PHE H 835 -76.34 23.18 7.27
C PHE H 835 -76.22 21.73 6.80
N ASP H 836 -76.46 21.50 5.50
CA ASP H 836 -76.34 20.19 4.89
C ASP H 836 -75.21 20.13 3.87
N GLY H 837 -74.28 21.08 3.92
CA GLY H 837 -73.21 21.10 2.94
C GLY H 837 -73.74 21.42 1.56
N LEU H 838 -73.33 20.62 0.58
CA LEU H 838 -73.73 20.80 -0.82
C LEU H 838 -74.82 19.81 -1.23
N TYR H 839 -75.55 19.26 -0.26
CA TYR H 839 -76.61 18.30 -0.57
C TYR H 839 -77.67 18.91 -1.46
N SER H 840 -78.18 20.09 -1.09
CA SER H 840 -79.21 20.75 -1.88
C SER H 840 -78.67 21.10 -3.26
N GLU H 841 -77.41 21.52 -3.35
CA GLU H 841 -76.81 21.83 -4.64
C GLU H 841 -76.79 20.61 -5.54
N SER H 842 -76.35 19.46 -5.00
CA SER H 842 -76.33 18.24 -5.80
C SER H 842 -77.73 17.87 -6.26
N LYS H 843 -78.69 17.88 -5.34
CA LYS H 843 -80.03 17.41 -5.67
C LYS H 843 -80.69 18.31 -6.70
N ILE H 844 -80.51 19.63 -6.59
CA ILE H 844 -81.14 20.52 -7.56
C ILE H 844 -80.40 20.47 -8.89
N SER H 845 -79.09 20.18 -8.85
CA SER H 845 -78.35 20.01 -10.10
C SER H 845 -78.79 18.77 -10.85
N LEU H 846 -79.27 17.75 -10.14
CA LEU H 846 -79.80 16.57 -10.82
C LEU H 846 -81.04 16.90 -11.65
N GLU H 847 -81.72 18.02 -11.36
CA GLU H 847 -82.94 18.36 -12.08
C GLU H 847 -82.67 18.87 -13.49
N THR H 848 -81.41 19.17 -13.83
CA THR H 848 -81.12 19.63 -15.19
C THR H 848 -81.23 18.51 -16.20
N LEU H 849 -81.17 17.25 -15.76
CA LEU H 849 -81.27 16.13 -16.69
C LEU H 849 -82.63 16.09 -17.37
N PHE H 850 -83.67 16.63 -16.72
CA PHE H 850 -84.98 16.66 -17.34
C PHE H 850 -84.99 17.50 -18.61
N ASN H 851 -84.34 18.67 -18.56
CA ASN H 851 -84.22 19.47 -19.77
C ASN H 851 -83.19 18.90 -20.72
N ARG H 852 -82.05 18.44 -20.20
CA ARG H 852 -80.99 17.94 -21.06
C ARG H 852 -81.38 16.65 -21.79
N TRP H 853 -82.44 15.99 -21.34
CA TRP H 853 -82.96 14.84 -22.08
C TRP H 853 -83.41 15.27 -23.47
N TYR H 854 -84.05 16.43 -23.58
CA TYR H 854 -84.49 16.95 -24.87
C TYR H 854 -83.33 17.56 -25.65
N SER H 855 -82.41 18.23 -24.97
CA SER H 855 -81.43 19.07 -25.64
C SER H 855 -80.17 18.33 -26.07
N GLU H 856 -79.97 17.09 -25.64
CA GLU H 856 -78.76 16.34 -25.95
C GLU H 856 -79.15 15.04 -26.66
N ASP H 857 -78.12 14.30 -27.09
CA ASP H 857 -78.29 13.13 -27.94
C ASP H 857 -78.36 11.84 -27.14
N TRP H 858 -78.82 11.88 -25.89
CA TRP H 858 -78.98 10.69 -25.06
C TRP H 858 -80.41 10.48 -24.61
N GLY H 859 -81.38 11.05 -25.31
CA GLY H 859 -82.77 10.84 -24.94
C GLY H 859 -83.21 9.40 -25.15
N SER H 860 -82.76 8.78 -26.23
CA SER H 860 -83.12 7.40 -26.53
C SER H 860 -82.27 6.38 -25.80
N LYS H 861 -81.19 6.81 -25.13
CA LYS H 861 -80.31 5.90 -24.40
C LYS H 861 -80.61 5.90 -22.91
N LEU H 862 -80.93 7.07 -22.35
CA LEU H 862 -81.29 7.19 -20.95
C LEU H 862 -82.62 7.91 -20.86
N THR H 863 -83.42 7.53 -19.86
CA THR H 863 -84.71 8.14 -19.61
C THR H 863 -84.78 8.54 -18.14
N VAL H 864 -85.09 9.80 -17.89
CA VAL H 864 -84.97 10.37 -16.56
C VAL H 864 -86.27 10.17 -15.81
N CYS H 865 -86.18 9.61 -14.59
CA CYS H 865 -87.31 9.45 -13.69
C CYS H 865 -86.86 10.01 -12.36
N GLY H 866 -87.17 11.27 -12.11
CA GLY H 866 -86.77 11.90 -10.87
C GLY H 866 -87.78 11.68 -9.77
N ALA H 867 -87.42 10.86 -8.79
CA ALA H 867 -88.26 10.58 -7.63
C ALA H 867 -87.89 11.56 -6.53
N VAL H 868 -88.79 12.52 -6.28
CA VAL H 868 -88.62 13.47 -5.18
C VAL H 868 -89.05 12.72 -3.93
N ILE H 869 -88.06 12.25 -3.18
CA ILE H 869 -88.31 11.41 -2.01
C ILE H 869 -88.62 12.29 -0.81
N GLY H 870 -89.68 11.95 -0.09
CA GLY H 870 -90.16 12.71 1.03
C GLY H 870 -89.60 12.24 2.36
N TRP H 871 -90.36 12.53 3.42
CA TRP H 871 -89.96 12.16 4.78
C TRP H 871 -89.93 10.65 4.89
N THR H 872 -88.73 10.08 4.98
CA THR H 872 -88.53 8.65 5.13
C THR H 872 -88.04 8.38 6.55
N ARG H 873 -88.68 7.44 7.22
CA ARG H 873 -88.39 7.15 8.62
C ARG H 873 -87.38 6.02 8.74
N GLY H 874 -86.48 6.16 9.71
CA GLY H 874 -85.42 5.22 9.93
C GLY H 874 -84.13 5.55 9.21
N THR H 875 -84.18 6.39 8.20
CA THR H 875 -82.98 6.78 7.46
C THR H 875 -82.16 7.79 8.25
N GLY H 876 -80.86 7.81 7.99
CA GLY H 876 -79.99 8.71 8.72
C GLY H 876 -80.30 10.17 8.46
N LEU H 877 -80.77 10.49 7.25
CA LEU H 877 -81.04 11.89 6.91
C LEU H 877 -82.13 12.49 7.77
N MET H 878 -83.04 11.65 8.30
CA MET H 878 -84.14 12.13 9.12
C MET H 878 -84.36 11.27 10.37
N SER H 879 -83.37 10.46 10.76
CA SER H 879 -83.53 9.62 11.96
C SER H 879 -83.70 10.48 13.20
N ALA H 880 -83.09 11.66 13.23
CA ALA H 880 -83.25 12.57 14.36
C ALA H 880 -84.63 13.20 14.41
N ASN H 881 -85.44 13.06 13.36
CA ASN H 881 -86.77 13.66 13.28
C ASN H 881 -87.88 12.62 13.33
N ASN H 882 -87.56 11.34 13.60
CA ASN H 882 -88.58 10.33 13.76
C ASN H 882 -89.57 10.71 14.85
N ILE H 883 -89.08 11.30 15.94
CA ILE H 883 -89.94 11.69 17.05
C ILE H 883 -90.95 12.75 16.65
N ILE H 884 -90.59 13.64 15.71
CA ILE H 884 -91.52 14.65 15.21
C ILE H 884 -92.28 14.21 13.98
N ALA H 885 -92.02 13.00 13.47
CA ALA H 885 -92.77 12.50 12.32
C ALA H 885 -94.27 12.47 12.61
N GLU H 886 -94.65 12.02 13.81
CA GLU H 886 -96.07 11.96 14.16
C GLU H 886 -96.70 13.34 14.19
N GLY H 887 -96.00 14.32 14.77
CA GLY H 887 -96.51 15.68 14.75
C GLY H 887 -96.64 16.24 13.36
N ILE H 888 -95.70 15.88 12.48
CA ILE H 888 -95.80 16.28 11.08
C ILE H 888 -97.04 15.68 10.45
N GLU H 889 -97.28 14.39 10.69
CA GLU H 889 -98.44 13.72 10.10
C GLU H 889 -99.76 14.19 10.69
N LYS H 890 -99.76 14.80 11.87
CA LYS H 890 -101.00 15.25 12.48
C LYS H 890 -101.73 16.30 11.64
N LEU H 891 -101.06 16.94 10.68
CA LEU H 891 -101.65 17.99 9.87
C LEU H 891 -102.33 17.46 8.60
N GLY H 892 -102.45 16.15 8.45
CA GLY H 892 -102.91 15.58 7.21
C GLY H 892 -101.80 15.40 6.20
N VAL H 893 -100.58 15.15 6.67
CA VAL H 893 -99.42 14.91 5.81
C VAL H 893 -98.95 13.49 6.09
N ARG H 894 -98.25 12.91 5.12
CA ARG H 894 -97.81 11.53 5.19
C ARG H 894 -96.30 11.44 5.28
N THR H 895 -95.83 10.69 6.27
CA THR H 895 -94.45 10.28 6.37
C THR H 895 -94.35 8.81 6.03
N PHE H 896 -93.26 8.42 5.36
CA PHE H 896 -93.12 7.09 4.82
C PHE H 896 -92.07 6.30 5.60
N SER H 897 -92.30 5.01 5.74
CA SER H 897 -91.29 4.10 6.25
C SER H 897 -90.42 3.66 5.08
N GLN H 898 -89.35 2.91 5.38
CA GLN H 898 -88.45 2.49 4.32
C GLN H 898 -89.15 1.58 3.32
N LYS H 899 -89.96 0.64 3.81
CA LYS H 899 -90.67 -0.25 2.90
C LYS H 899 -91.66 0.51 2.03
N GLU H 900 -92.37 1.48 2.61
CA GLU H 900 -93.31 2.28 1.84
C GLU H 900 -92.60 3.08 0.75
N MET H 901 -91.48 3.71 1.10
CA MET H 901 -90.75 4.49 0.10
C MET H 901 -90.22 3.59 -1.00
N ALA H 902 -89.71 2.40 -0.65
CA ALA H 902 -89.24 1.47 -1.65
C ALA H 902 -90.38 1.03 -2.56
N PHE H 903 -91.55 0.77 -1.99
CA PHE H 903 -92.72 0.42 -2.79
C PHE H 903 -93.05 1.54 -3.77
N ASN H 904 -93.02 2.78 -3.29
CA ASN H 904 -93.32 3.92 -4.16
C ASN H 904 -92.33 4.01 -5.31
N ILE H 905 -91.04 3.86 -5.03
CA ILE H 905 -90.03 4.03 -6.07
C ILE H 905 -90.06 2.85 -7.03
N LEU H 906 -90.36 1.65 -6.53
CA LEU H 906 -90.52 0.49 -7.41
C LEU H 906 -91.76 0.63 -8.29
N GLY H 907 -92.74 1.43 -7.84
CA GLY H 907 -93.85 1.76 -8.72
C GLY H 907 -93.42 2.52 -9.96
N LEU H 908 -92.28 3.22 -9.89
CA LEU H 908 -91.78 3.94 -11.04
C LEU H 908 -91.14 3.02 -12.07
N LEU H 909 -90.98 1.73 -11.77
CA LEU H 909 -90.45 0.76 -12.72
C LEU H 909 -91.54 -0.10 -13.34
N THR H 910 -92.80 0.28 -13.21
CA THR H 910 -93.86 -0.45 -13.89
C THR H 910 -93.72 -0.25 -15.40
N PRO H 911 -94.26 -1.17 -16.21
CA PRO H 911 -94.17 -0.97 -17.66
C PRO H 911 -94.78 0.33 -18.14
N GLU H 912 -95.87 0.78 -17.52
CA GLU H 912 -96.51 2.02 -17.94
C GLU H 912 -95.61 3.21 -17.66
N ILE H 913 -95.05 3.30 -16.46
CA ILE H 913 -94.16 4.41 -16.13
C ILE H 913 -92.88 4.30 -16.93
N VAL H 914 -92.45 3.08 -17.25
CA VAL H 914 -91.27 2.92 -18.10
C VAL H 914 -91.52 3.52 -19.48
N GLN H 915 -92.67 3.20 -20.07
CA GLN H 915 -93.02 3.80 -21.36
C GLN H 915 -93.13 5.32 -21.24
N LEU H 916 -93.72 5.80 -20.15
CA LEU H 916 -93.87 7.24 -19.96
C LEU H 916 -92.51 7.93 -19.86
N CYS H 917 -91.56 7.31 -19.15
CA CYS H 917 -90.21 7.85 -19.07
C CYS H 917 -89.56 7.86 -20.45
N GLN H 918 -89.78 6.80 -21.24
CA GLN H 918 -89.22 6.76 -22.58
C GLN H 918 -89.81 7.83 -23.46
N GLU H 919 -91.08 8.18 -23.24
CA GLU H 919 -91.70 9.26 -24.01
C GLU H 919 -91.16 10.62 -23.58
N GLU H 920 -91.33 10.97 -22.31
CA GLU H 920 -90.86 12.23 -21.75
C GLU H 920 -90.29 11.98 -20.37
N PRO H 921 -89.39 12.83 -19.88
CA PRO H 921 -88.88 12.67 -18.51
C PRO H 921 -90.02 12.74 -17.51
N VAL H 922 -89.97 11.88 -16.50
CA VAL H 922 -91.04 11.74 -15.53
C VAL H 922 -90.57 12.26 -14.18
N MET H 923 -91.21 13.31 -13.69
CA MET H 923 -91.01 13.81 -12.34
C MET H 923 -92.09 13.15 -11.48
N ALA H 924 -91.67 12.33 -10.54
CA ALA H 924 -92.57 11.76 -9.54
C ALA H 924 -92.32 12.52 -8.24
N ASP H 925 -93.38 13.08 -7.65
CA ASP H 925 -93.31 13.71 -6.34
C ASP H 925 -93.90 12.71 -5.35
N LEU H 926 -93.02 12.05 -4.60
CA LEU H 926 -93.41 11.14 -3.54
C LEU H 926 -93.22 11.79 -2.17
N ASN H 927 -93.42 13.11 -2.12
CA ASN H 927 -93.15 13.86 -0.90
C ASN H 927 -94.24 13.71 0.15
N GLY H 928 -95.39 13.17 -0.22
CA GLY H 928 -96.46 13.00 0.75
C GLY H 928 -97.11 14.29 1.19
N GLY H 929 -97.05 15.34 0.38
CA GLY H 929 -97.71 16.58 0.70
C GLY H 929 -96.94 17.52 1.61
N LEU H 930 -95.65 17.27 1.84
CA LEU H 930 -94.88 18.15 2.71
C LEU H 930 -94.55 19.49 2.07
N GLN H 931 -94.77 19.63 0.76
CA GLN H 931 -94.52 20.90 0.11
C GLN H 931 -95.53 21.97 0.50
N PHE H 932 -96.65 21.58 1.10
CA PHE H 932 -97.70 22.51 1.48
C PHE H 932 -97.49 23.12 2.86
N ILE H 933 -96.54 22.63 3.65
CA ILE H 933 -96.25 23.23 4.95
C ILE H 933 -95.44 24.50 4.73
N ASP H 934 -96.00 25.63 5.14
CA ASP H 934 -95.26 26.88 5.11
C ASP H 934 -94.22 26.89 6.23
N ASN H 935 -92.97 27.20 5.88
CA ASN H 935 -91.87 27.20 6.83
C ASN H 935 -91.72 25.82 7.48
N LEU H 936 -91.36 24.85 6.64
CA LEU H 936 -91.22 23.47 7.13
C LEU H 936 -90.12 23.38 8.18
N LYS H 937 -89.01 24.07 7.97
CA LYS H 937 -87.92 24.02 8.95
C LYS H 937 -88.36 24.58 10.28
N ASP H 938 -89.00 25.76 10.27
CA ASP H 938 -89.45 26.36 11.51
C ASP H 938 -90.49 25.50 12.20
N PHE H 939 -91.38 24.88 11.43
CA PHE H 939 -92.41 24.05 12.04
C PHE H 939 -91.81 22.78 12.66
N THR H 940 -90.88 22.14 11.96
CA THR H 940 -90.22 20.97 12.53
C THR H 940 -89.45 21.33 13.78
N SER H 941 -88.78 22.49 13.78
CA SER H 941 -88.10 22.95 14.98
C SER H 941 -89.10 23.22 16.10
N LYS H 942 -90.26 23.78 15.78
CA LYS H 942 -91.28 24.01 16.79
C LYS H 942 -91.74 22.70 17.40
N LEU H 943 -92.01 21.69 16.57
CA LEU H 943 -92.45 20.40 17.09
C LEU H 943 -91.38 19.78 17.97
N ARG H 944 -90.13 19.82 17.51
CA ARG H 944 -89.04 19.24 18.30
C ARG H 944 -88.88 19.96 19.62
N THR H 945 -88.95 21.30 19.60
CA THR H 945 -88.79 22.07 20.82
C THR H 945 -89.93 21.81 21.80
N ASP H 946 -91.17 21.72 21.29
CA ASP H 946 -92.28 21.40 22.17
C ASP H 946 -92.12 20.03 22.81
N LEU H 947 -91.76 19.03 22.00
CA LEU H 947 -91.59 17.68 22.54
C LEU H 947 -90.45 17.63 23.54
N LEU H 948 -89.33 18.30 23.24
CA LEU H 948 -88.19 18.29 24.16
C LEU H 948 -88.51 19.05 25.43
N GLU H 949 -89.27 20.15 25.33
CA GLU H 949 -89.67 20.87 26.54
C GLU H 949 -90.55 20.01 27.42
N THR H 950 -91.53 19.31 26.82
CA THR H 950 -92.36 18.40 27.61
C THR H 950 -91.51 17.32 28.26
N ALA H 951 -90.60 16.72 27.50
CA ALA H 951 -89.77 15.66 28.05
C ALA H 951 -88.90 16.17 29.18
N ASP H 952 -88.32 17.36 29.03
CA ASP H 952 -87.47 17.92 30.08
C ASP H 952 -88.27 18.26 31.32
N ILE H 953 -89.48 18.81 31.14
CA ILE H 953 -90.31 19.15 32.29
C ILE H 953 -90.65 17.89 33.08
N ARG H 954 -91.10 16.85 32.39
CA ARG H 954 -91.47 15.63 33.10
C ARG H 954 -90.24 14.92 33.66
N ARG H 955 -89.09 15.03 32.99
CA ARG H 955 -87.86 14.47 33.54
C ARG H 955 -87.48 15.14 34.84
N ALA H 956 -87.53 16.48 34.86
CA ALA H 956 -87.20 17.22 36.07
C ALA H 956 -88.18 16.88 37.19
N VAL H 957 -89.47 16.81 36.87
CA VAL H 957 -90.46 16.49 37.90
C VAL H 957 -90.21 15.10 38.46
N SER H 958 -89.94 14.12 37.58
CA SER H 958 -89.71 12.76 38.04
C SER H 958 -88.44 12.67 38.88
N ILE H 959 -87.37 13.36 38.46
CA ILE H 959 -86.12 13.32 39.21
C ILE H 959 -86.30 13.94 40.59
N GLU H 960 -86.97 15.09 40.65
CA GLU H 960 -87.19 15.75 41.93
C GLU H 960 -88.07 14.90 42.84
N SER H 961 -89.12 14.29 42.28
CA SER H 961 -89.96 13.41 43.08
C SER H 961 -89.16 12.22 43.61
N ALA H 962 -88.31 11.64 42.77
CA ALA H 962 -87.49 10.51 43.21
C ALA H 962 -86.55 10.92 44.33
N ILE H 963 -85.94 12.10 44.21
CA ILE H 963 -85.05 12.58 45.28
C ILE H 963 -85.85 12.81 46.55
N GLU H 964 -87.08 13.32 46.43
CA GLU H 964 -87.91 13.52 47.61
C GLU H 964 -88.23 12.20 48.29
N GLN H 965 -88.59 11.18 47.52
CA GLN H 965 -88.82 9.87 48.13
C GLN H 965 -87.55 9.33 48.76
N LYS H 966 -86.40 9.53 48.11
CA LYS H 966 -85.15 9.04 48.67
C LYS H 966 -84.84 9.70 50.01
N VAL H 967 -84.96 11.02 50.10
CA VAL H 967 -84.60 11.72 51.33
C VAL H 967 -85.64 11.47 52.41
N VAL H 968 -86.90 11.24 52.00
CA VAL H 968 -87.96 11.01 52.98
C VAL H 968 -87.84 9.60 53.58
N ASN H 969 -87.90 8.59 52.73
CA ASN H 969 -87.91 7.20 53.16
C ASN H 969 -86.51 6.62 53.34
N GLY H 970 -85.46 7.43 53.23
CA GLY H 970 -84.11 6.96 53.43
C GLY H 970 -83.58 6.19 52.24
N ASP H 971 -82.37 5.68 52.40
CA ASP H 971 -81.71 4.89 51.35
C ASP H 971 -81.89 3.40 51.61
N LYS H 979 -84.13 -7.02 44.06
CA LYS H 979 -84.23 -8.48 44.00
C LYS H 979 -82.88 -9.07 43.62
N VAL H 980 -82.51 -10.18 44.26
CA VAL H 980 -81.25 -10.83 43.99
C VAL H 980 -81.38 -11.67 42.73
N MET H 981 -80.56 -11.38 41.73
CA MET H 981 -80.56 -12.09 40.45
C MET H 981 -79.55 -13.22 40.55
N VAL H 982 -79.95 -14.42 40.13
CA VAL H 982 -79.05 -15.56 40.15
C VAL H 982 -78.16 -15.50 38.92
N GLU H 983 -76.85 -15.59 39.13
CA GLU H 983 -75.90 -15.48 38.02
C GLU H 983 -75.68 -16.85 37.40
N PRO H 984 -75.93 -17.03 36.10
CA PRO H 984 -75.85 -18.39 35.54
C PRO H 984 -74.42 -18.93 35.56
N ARG H 985 -74.32 -20.24 35.69
CA ARG H 985 -73.05 -20.95 35.64
C ARG H 985 -73.15 -22.07 34.63
N ALA H 986 -72.02 -22.41 34.03
CA ALA H 986 -71.98 -23.50 33.06
C ALA H 986 -72.19 -24.83 33.77
N ASN H 987 -72.99 -25.70 33.16
CA ASN H 987 -73.28 -27.03 33.70
C ASN H 987 -72.87 -28.04 32.65
N MET H 988 -71.59 -28.42 32.68
CA MET H 988 -71.04 -29.39 31.74
C MET H 988 -71.44 -30.79 32.19
N LYS H 989 -72.68 -31.15 31.89
CA LYS H 989 -73.18 -32.50 32.11
C LYS H 989 -72.82 -33.30 30.87
N PHE H 990 -71.72 -34.06 30.93
CA PHE H 990 -71.23 -34.81 29.78
C PHE H 990 -72.18 -35.96 29.54
N ASP H 991 -73.30 -35.63 28.92
CA ASP H 991 -74.43 -36.56 28.81
C ASP H 991 -74.24 -37.48 27.62
N PHE H 992 -74.56 -38.76 27.85
CA PHE H 992 -74.64 -39.71 26.77
C PHE H 992 -75.91 -39.46 25.98
N PRO H 993 -76.02 -40.04 24.77
CA PRO H 993 -77.26 -39.87 24.00
C PRO H 993 -78.48 -40.31 24.80
N THR H 994 -79.53 -39.50 24.73
CA THR H 994 -80.74 -39.79 25.49
C THR H 994 -81.37 -41.08 25.00
N LEU H 995 -81.71 -41.95 25.95
CA LEU H 995 -82.32 -43.23 25.66
C LEU H 995 -83.83 -43.10 25.74
N LYS H 996 -84.51 -43.55 24.69
CA LYS H 996 -85.96 -43.55 24.66
C LYS H 996 -86.50 -44.77 25.42
N SER H 997 -87.78 -44.71 25.76
CA SER H 997 -88.42 -45.86 26.36
C SER H 997 -88.55 -46.98 25.33
N TYR H 998 -88.65 -48.22 25.82
CA TYR H 998 -88.76 -49.35 24.92
C TYR H 998 -90.04 -49.28 24.09
N ASP H 999 -91.13 -48.80 24.70
CA ASP H 999 -92.37 -48.65 23.94
C ASP H 999 -92.20 -47.67 22.79
N GLU H 1000 -91.51 -46.57 23.03
CA GLU H 1000 -91.33 -45.57 21.98
C GLU H 1000 -90.34 -46.08 20.92
N ILE H 1001 -89.38 -46.91 21.32
CA ILE H 1001 -88.49 -47.54 20.35
C ILE H 1001 -89.27 -48.51 19.47
N LYS H 1002 -90.13 -49.32 20.08
CA LYS H 1002 -90.94 -50.26 19.32
C LYS H 1002 -91.93 -49.54 18.41
N GLN H 1003 -92.38 -48.36 18.80
CA GLN H 1003 -93.21 -47.56 17.91
C GLN H 1003 -92.44 -47.07 16.69
N ILE H 1004 -91.16 -46.72 16.84
CA ILE H 1004 -90.34 -46.33 15.70
C ILE H 1004 -90.02 -47.51 14.79
N ALA H 1005 -89.75 -48.69 15.35
CA ALA H 1005 -89.38 -49.85 14.54
C ALA H 1005 -89.94 -51.14 15.15
N PRO H 1006 -91.21 -51.47 14.89
CA PRO H 1006 -91.79 -52.65 15.56
C PRO H 1006 -91.32 -53.97 14.97
N GLU H 1007 -91.11 -54.05 13.66
CA GLU H 1007 -90.86 -55.33 13.00
C GLU H 1007 -89.42 -55.82 13.15
N LEU H 1008 -88.57 -55.09 13.87
CA LEU H 1008 -87.15 -55.42 13.93
C LEU H 1008 -86.77 -56.30 15.11
N GLU H 1009 -87.74 -56.73 15.93
CA GLU H 1009 -87.41 -57.43 17.16
C GLU H 1009 -86.78 -58.78 16.89
N GLY H 1010 -85.63 -59.02 17.49
CA GLY H 1010 -84.98 -60.32 17.43
C GLY H 1010 -84.61 -60.76 16.03
N MET H 1011 -84.31 -59.82 15.14
CA MET H 1011 -84.04 -60.12 13.74
C MET H 1011 -82.58 -60.03 13.37
N LEU H 1012 -81.80 -59.21 14.07
CA LEU H 1012 -80.40 -58.95 13.71
C LEU H 1012 -79.45 -59.57 14.72
N ASP H 1013 -78.30 -60.02 14.23
CA ASP H 1013 -77.25 -60.58 15.07
C ASP H 1013 -76.48 -59.44 15.73
N LEU H 1014 -76.63 -59.32 17.05
CA LEU H 1014 -76.00 -58.24 17.79
C LEU H 1014 -74.49 -58.38 17.75
N GLU H 1015 -73.98 -59.61 17.75
CA GLU H 1015 -72.55 -59.85 17.57
C GLU H 1015 -72.07 -59.31 16.22
N ASN H 1016 -72.92 -59.33 15.20
CA ASN H 1016 -72.55 -58.93 13.86
C ASN H 1016 -72.96 -57.49 13.53
N VAL H 1017 -73.59 -56.78 14.45
CA VAL H 1017 -73.88 -55.36 14.29
C VAL H 1017 -72.77 -54.56 14.96
N VAL H 1018 -72.08 -53.73 14.18
CA VAL H 1018 -71.02 -52.86 14.68
C VAL H 1018 -71.62 -51.49 14.97
N VAL H 1019 -71.23 -50.91 16.11
CA VAL H 1019 -71.80 -49.64 16.57
C VAL H 1019 -70.67 -48.74 17.05
N VAL H 1020 -70.84 -47.44 16.80
CA VAL H 1020 -69.93 -46.42 17.32
C VAL H 1020 -70.38 -46.10 18.74
N THR H 1021 -69.48 -46.31 19.70
CA THR H 1021 -69.80 -46.14 21.10
C THR H 1021 -69.23 -44.86 21.69
N GLY H 1022 -68.09 -44.41 21.20
CA GLY H 1022 -67.55 -43.13 21.60
C GLY H 1022 -66.75 -42.54 20.47
N PHE H 1023 -66.60 -41.23 20.48
CA PHE H 1023 -65.84 -40.55 19.45
C PHE H 1023 -65.26 -39.28 20.03
N ALA H 1024 -64.22 -38.78 19.37
CA ALA H 1024 -63.62 -37.53 19.78
C ALA H 1024 -62.66 -37.08 18.69
N GLU H 1025 -62.20 -35.85 18.81
CA GLU H 1025 -61.34 -35.27 17.81
C GLU H 1025 -60.54 -34.13 18.43
N VAL H 1026 -59.41 -33.85 17.81
CA VAL H 1026 -58.64 -32.64 18.03
C VAL H 1026 -58.62 -31.93 16.68
N GLY H 1027 -59.03 -30.67 16.66
CA GLY H 1027 -59.16 -29.95 15.42
C GLY H 1027 -59.14 -28.46 15.63
N PRO H 1028 -59.40 -27.71 14.56
CA PRO H 1028 -59.37 -26.24 14.68
C PRO H 1028 -60.35 -25.66 15.67
N TRP H 1029 -61.45 -26.36 15.98
CA TRP H 1029 -62.47 -25.87 16.89
C TRP H 1029 -62.54 -26.69 18.16
N GLY H 1030 -61.40 -27.14 18.65
CA GLY H 1030 -61.37 -27.91 19.88
C GLY H 1030 -61.82 -29.33 19.65
N ASN H 1031 -62.70 -29.81 20.52
CA ASN H 1031 -63.13 -31.20 20.52
C ASN H 1031 -64.45 -31.35 19.76
N SER H 1032 -65.03 -32.54 19.82
CA SER H 1032 -66.29 -32.80 19.13
C SER H 1032 -67.39 -31.89 19.64
N ARG H 1033 -67.46 -31.69 20.95
CA ARG H 1033 -68.53 -30.88 21.53
C ARG H 1033 -68.50 -29.45 20.99
N THR H 1034 -67.34 -28.80 21.07
CA THR H 1034 -67.27 -27.39 20.68
C THR H 1034 -67.29 -27.24 19.16
N ARG H 1035 -66.67 -28.17 18.44
CA ARG H 1035 -66.77 -28.15 16.98
C ARG H 1035 -68.22 -28.29 16.55
N TRP H 1036 -68.99 -29.13 17.22
CA TRP H 1036 -70.41 -29.26 16.92
C TRP H 1036 -71.16 -28.00 17.27
N GLU H 1037 -70.84 -27.37 18.40
CA GLU H 1037 -71.53 -26.13 18.74
C GLU H 1037 -71.32 -25.09 17.65
N MET H 1038 -70.08 -24.95 17.17
CA MET H 1038 -69.81 -23.93 16.16
C MET H 1038 -70.33 -24.34 14.79
N GLU H 1039 -70.42 -25.64 14.51
CA GLU H 1039 -70.98 -26.09 13.25
C GLU H 1039 -72.49 -25.90 13.21
N ALA H 1040 -73.17 -26.32 14.27
CA ALA H 1040 -74.63 -26.32 14.27
C ALA H 1040 -75.19 -24.92 14.51
N TYR H 1041 -74.55 -24.14 15.38
CA TYR H 1041 -75.10 -22.87 15.83
C TYR H 1041 -74.27 -21.66 15.40
N GLY H 1042 -72.99 -21.86 15.10
CA GLY H 1042 -72.13 -20.74 14.74
C GLY H 1042 -71.64 -19.92 15.91
N GLU H 1043 -72.03 -20.27 17.13
CA GLU H 1043 -71.58 -19.57 18.32
C GLU H 1043 -71.43 -20.58 19.44
N PHE H 1044 -70.57 -20.25 20.40
CA PHE H 1044 -70.32 -21.11 21.54
C PHE H 1044 -71.32 -20.78 22.64
N SER H 1045 -71.86 -21.82 23.28
CA SER H 1045 -72.66 -21.65 24.47
C SER H 1045 -71.75 -21.28 25.63
N LEU H 1046 -72.31 -21.22 26.84
CA LEU H 1046 -71.46 -21.00 28.00
C LEU H 1046 -70.54 -22.20 28.23
N GLU H 1047 -71.08 -23.41 28.14
CA GLU H 1047 -70.26 -24.60 28.29
C GLU H 1047 -69.19 -24.67 27.21
N GLY H 1048 -69.57 -24.38 25.96
CA GLY H 1048 -68.60 -24.40 24.89
C GLY H 1048 -67.53 -23.34 25.04
N ALA H 1049 -67.92 -22.14 25.47
CA ALA H 1049 -66.96 -21.07 25.69
C ALA H 1049 -65.97 -21.45 26.78
N ILE H 1050 -66.45 -22.05 27.87
CA ILE H 1050 -65.54 -22.48 28.92
C ILE H 1050 -64.65 -23.60 28.43
N GLU H 1051 -65.17 -24.49 27.59
CA GLU H 1051 -64.35 -25.59 27.09
C GLU H 1051 -63.25 -25.08 26.17
N MET H 1052 -63.56 -24.12 25.30
CA MET H 1052 -62.52 -23.50 24.49
C MET H 1052 -61.53 -22.73 25.35
N ALA H 1053 -61.99 -22.02 26.37
CA ALA H 1053 -61.06 -21.31 27.23
C ALA H 1053 -60.11 -22.29 27.91
N TRP H 1054 -60.64 -23.43 28.37
CA TRP H 1054 -59.81 -24.43 29.01
C TRP H 1054 -58.86 -25.09 28.02
N ILE H 1055 -59.30 -25.30 26.78
CA ILE H 1055 -58.45 -25.92 25.76
C ILE H 1055 -57.30 -25.00 25.38
N MET H 1056 -57.62 -23.74 25.11
CA MET H 1056 -56.61 -22.74 24.75
C MET H 1056 -55.88 -22.18 25.96
N GLY H 1057 -56.17 -22.67 27.17
CA GLY H 1057 -55.41 -22.27 28.32
C GLY H 1057 -55.72 -20.89 28.85
N PHE H 1058 -56.80 -20.27 28.37
CA PHE H 1058 -57.16 -18.95 28.87
C PHE H 1058 -57.52 -19.01 30.35
N ILE H 1059 -58.16 -20.10 30.77
CA ILE H 1059 -58.58 -20.29 32.16
C ILE H 1059 -57.96 -21.58 32.67
N LYS H 1060 -57.70 -21.62 33.98
CA LYS H 1060 -57.24 -22.82 34.65
C LYS H 1060 -58.04 -22.97 35.94
N TYR H 1061 -58.29 -24.21 36.35
CA TYR H 1061 -59.00 -24.42 37.60
C TYR H 1061 -58.04 -24.33 38.78
N HIS H 1062 -58.47 -23.63 39.82
CA HIS H 1062 -57.69 -23.42 41.02
C HIS H 1062 -58.51 -23.89 42.22
N ASN H 1063 -57.87 -24.68 43.08
CA ASN H 1063 -58.50 -25.22 44.28
C ASN H 1063 -57.51 -25.10 45.42
N GLY H 1064 -57.57 -24.01 46.16
CA GLY H 1064 -56.67 -23.78 47.26
C GLY H 1064 -56.65 -22.31 47.64
N ASN H 1065 -55.51 -21.89 48.17
CA ASN H 1065 -55.33 -20.51 48.62
C ASN H 1065 -54.92 -19.67 47.41
N LEU H 1066 -55.66 -18.58 47.17
CA LEU H 1066 -55.46 -17.72 46.02
C LEU H 1066 -55.19 -16.30 46.53
N GLN H 1067 -53.91 -15.95 46.65
CA GLN H 1067 -53.49 -14.64 47.16
C GLN H 1067 -54.13 -14.36 48.52
N GLY H 1068 -53.95 -15.29 49.45
CA GLY H 1068 -54.39 -15.10 50.81
C GLY H 1068 -55.86 -15.38 51.05
N LYS H 1069 -56.59 -15.90 50.07
CA LYS H 1069 -57.99 -16.25 50.22
C LYS H 1069 -58.23 -17.66 49.70
N PRO H 1070 -59.22 -18.38 50.25
CA PRO H 1070 -59.54 -19.70 49.70
C PRO H 1070 -60.52 -19.59 48.52
N TYR H 1071 -60.07 -19.97 47.32
CA TYR H 1071 -60.88 -19.85 46.12
C TYR H 1071 -60.95 -21.21 45.41
N SER H 1072 -62.14 -21.54 44.91
CA SER H 1072 -62.38 -22.75 44.13
C SER H 1072 -63.16 -22.34 42.89
N GLY H 1073 -62.48 -22.22 41.76
CA GLY H 1073 -63.14 -21.80 40.54
C GLY H 1073 -62.13 -21.52 39.44
N TRP H 1074 -62.65 -20.93 38.37
CA TRP H 1074 -61.83 -20.63 37.21
C TRP H 1074 -61.01 -19.37 37.43
N VAL H 1075 -59.75 -19.42 36.98
CA VAL H 1075 -58.78 -18.37 37.20
C VAL H 1075 -58.09 -18.06 35.88
N ASP H 1076 -58.04 -16.79 35.51
CA ASP H 1076 -57.32 -16.37 34.32
C ASP H 1076 -55.87 -16.86 34.39
N ALA H 1077 -55.48 -17.70 33.43
CA ALA H 1077 -54.17 -18.30 33.48
C ALA H 1077 -53.06 -17.25 33.38
N LYS H 1078 -53.27 -16.24 32.53
CA LYS H 1078 -52.24 -15.21 32.35
C LYS H 1078 -52.09 -14.37 33.60
N THR H 1079 -53.20 -13.88 34.15
CA THR H 1079 -53.17 -12.96 35.29
C THR H 1079 -53.29 -13.67 36.63
N GLN H 1080 -53.73 -14.92 36.64
CA GLN H 1080 -53.93 -15.70 37.87
C GLN H 1080 -54.98 -15.09 38.79
N THR H 1081 -55.92 -14.26 38.23
CA THR H 1081 -56.99 -13.65 39.01
C THR H 1081 -58.30 -14.42 38.80
N PRO H 1082 -59.20 -14.44 39.79
CA PRO H 1082 -60.47 -15.16 39.60
C PRO H 1082 -61.26 -14.61 38.43
N ILE H 1083 -62.03 -15.49 37.78
CA ILE H 1083 -62.93 -15.07 36.71
C ILE H 1083 -64.23 -15.84 36.87
N ASP H 1084 -65.35 -15.15 36.67
CA ASP H 1084 -66.66 -15.78 36.78
C ASP H 1084 -67.00 -16.53 35.50
N GLU H 1085 -67.73 -17.64 35.68
CA GLU H 1085 -68.06 -18.49 34.55
C GLU H 1085 -68.88 -17.73 33.51
N LYS H 1086 -69.83 -16.91 33.96
CA LYS H 1086 -70.59 -16.09 33.02
C LYS H 1086 -69.68 -15.12 32.28
N ASP H 1087 -68.70 -14.54 32.95
CA ASP H 1087 -67.78 -13.60 32.34
C ASP H 1087 -66.76 -14.27 31.42
N ILE H 1088 -66.61 -15.59 31.50
CA ILE H 1088 -65.68 -16.28 30.60
C ILE H 1088 -66.06 -16.08 29.14
N LYS H 1089 -67.35 -16.17 28.81
CA LYS H 1089 -67.79 -16.00 27.43
C LYS H 1089 -67.72 -14.56 26.95
N SER H 1090 -67.47 -13.61 27.84
CA SER H 1090 -67.30 -12.22 27.45
C SER H 1090 -65.85 -11.80 27.34
N LYS H 1091 -65.00 -12.22 28.29
CA LYS H 1091 -63.61 -11.82 28.28
C LYS H 1091 -62.83 -12.49 27.16
N TYR H 1092 -63.17 -13.74 26.82
CA TYR H 1092 -62.33 -14.58 25.97
C TYR H 1092 -62.96 -15.02 24.66
N GLU H 1093 -64.23 -14.73 24.41
CA GLU H 1093 -64.85 -15.20 23.17
C GLU H 1093 -64.17 -14.59 21.95
N GLU H 1094 -63.83 -13.31 22.02
CA GLU H 1094 -63.17 -12.66 20.89
C GLU H 1094 -61.84 -13.33 20.57
N GLU H 1095 -61.02 -13.56 21.61
CA GLU H 1095 -59.71 -14.18 21.37
C GLU H 1095 -59.84 -15.63 20.95
N ILE H 1096 -60.85 -16.35 21.49
CA ILE H 1096 -61.08 -17.72 21.07
C ILE H 1096 -61.38 -17.78 19.57
N LEU H 1097 -62.31 -16.92 19.12
CA LEU H 1097 -62.67 -16.91 17.71
C LEU H 1097 -61.51 -16.44 16.85
N GLU H 1098 -60.70 -15.50 17.35
CA GLU H 1098 -59.57 -15.02 16.59
C GLU H 1098 -58.52 -16.10 16.41
N HIS H 1099 -58.21 -16.82 17.48
CA HIS H 1099 -57.12 -17.81 17.50
C HIS H 1099 -57.64 -19.24 17.46
N SER H 1100 -58.81 -19.45 16.83
CA SER H 1100 -59.26 -20.80 16.55
C SER H 1100 -59.96 -20.83 15.20
N GLY H 1101 -59.89 -21.98 14.54
CA GLY H 1101 -60.50 -22.16 13.24
C GLY H 1101 -59.52 -21.99 12.09
N ILE H 1102 -60.07 -21.77 10.91
CA ILE H 1102 -59.27 -21.41 9.74
C ILE H 1102 -58.83 -19.97 9.90
N ARG H 1103 -57.53 -19.74 9.83
CA ARG H 1103 -56.96 -18.44 10.15
C ARG H 1103 -55.55 -18.39 9.60
N LEU H 1104 -54.92 -17.22 9.72
CA LEU H 1104 -53.54 -17.08 9.28
C LEU H 1104 -52.65 -18.05 10.04
N ILE H 1105 -51.73 -18.68 9.31
CA ILE H 1105 -50.81 -19.62 9.94
C ILE H 1105 -50.01 -18.91 11.01
N GLU H 1106 -49.88 -19.54 12.18
CA GLU H 1106 -49.20 -18.95 13.32
C GLU H 1106 -47.84 -19.62 13.48
N PRO H 1107 -46.71 -18.92 13.29
CA PRO H 1107 -45.42 -19.61 13.39
C PRO H 1107 -45.14 -20.22 14.75
N GLU H 1108 -45.75 -19.69 15.81
CA GLU H 1108 -45.50 -20.22 17.14
C GLU H 1108 -46.04 -21.63 17.27
N LEU H 1109 -47.03 -22.01 16.47
CA LEU H 1109 -47.57 -23.36 16.45
C LEU H 1109 -46.81 -24.29 15.52
N PHE H 1110 -45.92 -23.77 14.67
CA PHE H 1110 -45.22 -24.55 13.66
C PHE H 1110 -43.74 -24.24 13.66
N ASN H 1111 -43.21 -23.89 14.83
CA ASN H 1111 -41.75 -23.81 15.04
C ASN H 1111 -41.14 -22.70 14.20
N GLY H 1112 -41.71 -21.50 14.29
CA GLY H 1112 -41.16 -20.37 13.58
C GLY H 1112 -41.41 -20.39 12.09
N TYR H 1113 -42.28 -21.26 11.60
CA TYR H 1113 -42.59 -21.28 10.18
C TYR H 1113 -43.43 -20.06 9.82
N ASP H 1114 -42.81 -19.10 9.16
CA ASP H 1114 -43.50 -17.92 8.66
C ASP H 1114 -43.68 -18.09 7.16
N PRO H 1115 -44.88 -18.42 6.66
CA PRO H 1115 -45.01 -18.65 5.22
C PRO H 1115 -44.63 -17.45 4.37
N LYS H 1116 -44.74 -16.24 4.91
CA LYS H 1116 -44.24 -15.08 4.18
C LYS H 1116 -42.72 -15.06 4.11
N LYS H 1117 -42.03 -15.92 4.88
CA LYS H 1117 -40.58 -16.00 4.93
C LYS H 1117 -40.12 -17.45 4.88
N LYS H 1118 -40.66 -18.21 3.93
CA LYS H 1118 -40.29 -19.62 3.81
C LYS H 1118 -38.80 -19.75 3.49
N GLN H 1119 -38.05 -20.32 4.42
CA GLN H 1119 -36.61 -20.43 4.29
C GLN H 1119 -36.23 -21.53 3.30
N MET H 1120 -35.33 -21.20 2.39
CA MET H 1120 -34.69 -22.16 1.49
C MET H 1120 -33.21 -21.86 1.44
N ILE H 1121 -32.43 -22.78 0.90
CA ILE H 1121 -30.99 -22.61 0.73
C ILE H 1121 -30.66 -22.78 -0.75
N GLN H 1122 -29.81 -21.89 -1.27
CA GLN H 1122 -29.44 -21.85 -2.68
C GLN H 1122 -27.97 -22.22 -2.81
N GLU H 1123 -27.67 -23.14 -3.72
CA GLU H 1123 -26.30 -23.56 -3.98
C GLU H 1123 -25.57 -22.48 -4.77
N ILE H 1124 -24.39 -22.10 -4.30
CA ILE H 1124 -23.52 -21.16 -5.00
C ILE H 1124 -22.11 -21.74 -5.02
N VAL H 1125 -21.42 -21.59 -6.15
CA VAL H 1125 -20.00 -21.87 -6.24
C VAL H 1125 -19.28 -20.59 -5.89
N VAL H 1126 -18.38 -20.65 -4.90
CA VAL H 1126 -17.72 -19.44 -4.43
C VAL H 1126 -16.61 -19.06 -5.40
N GLN H 1127 -16.53 -17.77 -5.72
CA GLN H 1127 -15.50 -17.21 -6.57
C GLN H 1127 -14.41 -16.50 -5.77
N HIS H 1128 -14.23 -16.88 -4.52
CA HIS H 1128 -13.25 -16.24 -3.64
C HIS H 1128 -13.11 -17.08 -2.39
N ASP H 1129 -11.90 -17.14 -1.86
CA ASP H 1129 -11.65 -17.93 -0.66
C ASP H 1129 -12.17 -17.19 0.57
N LEU H 1130 -13.07 -17.84 1.30
CA LEU H 1130 -13.58 -17.27 2.53
C LEU H 1130 -12.46 -17.17 3.56
N GLU H 1131 -12.56 -16.18 4.43
CA GLU H 1131 -11.61 -16.06 5.52
C GLU H 1131 -11.74 -17.27 6.44
N PRO H 1132 -10.64 -17.79 6.99
CA PRO H 1132 -10.73 -19.04 7.74
C PRO H 1132 -11.57 -18.89 9.00
N PHE H 1133 -12.21 -19.99 9.40
CA PHE H 1133 -13.00 -20.05 10.63
C PHE H 1133 -12.57 -21.26 11.44
N GLU H 1134 -12.84 -21.19 12.75
CA GLU H 1134 -12.37 -22.19 13.69
C GLU H 1134 -13.49 -23.18 14.03
N CYS H 1135 -13.11 -24.43 14.29
CA CYS H 1135 -14.04 -25.44 14.76
C CYS H 1135 -13.23 -26.65 15.23
N SER H 1136 -13.93 -27.70 15.63
CA SER H 1136 -13.31 -28.89 16.18
C SER H 1136 -12.63 -29.70 15.09
N LYS H 1137 -11.78 -30.64 15.54
CA LYS H 1137 -11.08 -31.52 14.61
C LYS H 1137 -12.06 -32.34 13.80
N GLU H 1138 -13.11 -32.84 14.43
CA GLU H 1138 -14.07 -33.69 13.72
C GLU H 1138 -14.75 -32.92 12.60
N THR H 1139 -15.24 -31.71 12.89
CA THR H 1139 -15.92 -30.93 11.88
C THR H 1139 -14.95 -30.49 10.77
N ALA H 1140 -13.72 -30.13 11.14
CA ALA H 1140 -12.73 -29.78 10.11
C ALA H 1140 -12.44 -30.97 9.20
N GLU H 1141 -12.29 -32.16 9.79
CA GLU H 1141 -12.05 -33.35 8.99
C GLU H 1141 -13.23 -33.64 8.08
N GLN H 1142 -14.45 -33.44 8.58
CA GLN H 1142 -15.63 -33.64 7.74
C GLN H 1142 -15.65 -32.64 6.58
N TYR H 1143 -15.29 -31.39 6.86
CA TYR H 1143 -15.22 -30.38 5.79
C TYR H 1143 -14.20 -30.78 4.74
N LYS H 1144 -13.02 -31.22 5.17
CA LYS H 1144 -12.00 -31.63 4.21
C LYS H 1144 -12.44 -32.84 3.41
N HIS H 1145 -13.12 -33.78 4.07
CA HIS H 1145 -13.63 -34.96 3.36
C HIS H 1145 -14.61 -34.55 2.28
N GLU H 1146 -15.52 -33.61 2.59
CA GLU H 1146 -16.50 -33.19 1.60
C GLU H 1146 -15.84 -32.42 0.45
N HIS H 1147 -15.02 -31.42 0.77
CA HIS H 1147 -14.52 -30.49 -0.23
C HIS H 1147 -13.21 -30.95 -0.85
N GLY H 1148 -12.18 -31.14 -0.02
CA GLY H 1148 -10.90 -31.63 -0.50
C GLY H 1148 -9.97 -30.51 -0.93
N GLU H 1149 -9.64 -30.50 -2.22
CA GLU H 1149 -8.77 -29.44 -2.75
C GLU H 1149 -9.41 -28.06 -2.59
N LYS H 1150 -10.73 -28.00 -2.41
CA LYS H 1150 -11.45 -26.74 -2.22
C LYS H 1150 -11.58 -26.35 -0.75
N CYS H 1151 -10.92 -27.07 0.15
CA CYS H 1151 -10.90 -26.73 1.57
C CYS H 1151 -9.49 -26.90 2.09
N GLU H 1152 -9.18 -26.17 3.17
CA GLU H 1152 -7.88 -26.27 3.83
C GLU H 1152 -8.11 -26.31 5.33
N ILE H 1153 -7.63 -27.36 5.97
CA ILE H 1153 -7.82 -27.58 7.41
C ILE H 1153 -6.45 -27.60 8.08
N PHE H 1154 -6.33 -26.89 9.20
CA PHE H 1154 -5.05 -26.83 9.88
C PHE H 1154 -5.26 -26.70 11.39
N GLU H 1155 -4.47 -27.45 12.16
CA GLU H 1155 -4.62 -27.48 13.60
C GLU H 1155 -4.01 -26.22 14.22
N ILE H 1156 -4.71 -25.64 15.19
CA ILE H 1156 -4.14 -24.59 16.03
C ILE H 1156 -3.45 -25.33 17.17
N GLU H 1157 -2.12 -25.47 17.06
CA GLU H 1157 -1.37 -26.24 18.06
C GLU H 1157 -1.49 -25.64 19.46
N GLU H 1158 -1.80 -24.35 19.58
CA GLU H 1158 -1.94 -23.74 20.89
C GLU H 1158 -3.09 -24.35 21.67
N SER H 1159 -4.22 -24.60 21.00
CA SER H 1159 -5.44 -25.07 21.65
C SER H 1159 -5.77 -26.52 21.31
N GLY H 1160 -5.80 -26.86 20.02
CA GLY H 1160 -6.20 -28.19 19.58
C GLY H 1160 -7.33 -28.13 18.56
N GLU H 1161 -8.06 -27.03 18.54
CA GLU H 1161 -9.10 -26.83 17.55
C GLU H 1161 -8.48 -26.73 16.15
N TYR H 1162 -9.34 -26.60 15.15
CA TYR H 1162 -8.92 -26.57 13.76
C TYR H 1162 -9.46 -25.33 13.07
N THR H 1163 -8.68 -24.81 12.13
CA THR H 1163 -9.07 -23.72 11.25
C THR H 1163 -9.40 -24.29 9.88
N VAL H 1164 -10.57 -23.90 9.35
CA VAL H 1164 -11.04 -24.34 8.04
C VAL H 1164 -11.15 -23.12 7.16
N ARG H 1165 -10.56 -23.20 5.97
CA ARG H 1165 -10.64 -22.17 4.95
C ARG H 1165 -11.31 -22.77 3.73
N ILE H 1166 -12.43 -22.19 3.32
CA ILE H 1166 -13.13 -22.62 2.11
C ILE H 1166 -12.57 -21.82 0.95
N LEU H 1167 -12.16 -22.52 -0.11
CA LEU H 1167 -11.42 -21.92 -1.21
C LEU H 1167 -12.33 -21.61 -2.38
N LYS H 1168 -11.75 -20.94 -3.38
CA LYS H 1168 -12.47 -20.67 -4.61
C LYS H 1168 -12.90 -21.96 -5.27
N GLY H 1169 -14.10 -21.97 -5.83
CA GLY H 1169 -14.65 -23.14 -6.47
C GLY H 1169 -15.41 -24.08 -5.56
N ALA H 1170 -15.41 -23.81 -4.26
CA ALA H 1170 -16.17 -24.62 -3.32
C ALA H 1170 -17.67 -24.33 -3.46
N THR H 1171 -18.47 -25.25 -2.96
CA THR H 1171 -19.92 -25.14 -2.99
C THR H 1171 -20.41 -24.68 -1.62
N LEU H 1172 -21.20 -23.62 -1.61
CA LEU H 1172 -21.83 -23.11 -0.41
C LEU H 1172 -23.33 -23.04 -0.59
N TYR H 1173 -24.05 -23.09 0.53
CA TYR H 1173 -25.51 -23.02 0.56
C TYR H 1173 -25.86 -21.77 1.35
N VAL H 1174 -26.21 -20.70 0.64
CA VAL H 1174 -26.59 -19.44 1.28
C VAL H 1174 -28.12 -19.43 1.43
N PRO H 1175 -28.67 -19.26 2.64
CA PRO H 1175 -30.13 -19.27 2.78
C PRO H 1175 -30.80 -18.15 2.00
N LYS H 1176 -32.00 -18.43 1.53
CA LYS H 1176 -32.87 -17.41 0.94
C LYS H 1176 -34.29 -17.68 1.41
N ALA H 1177 -35.13 -16.66 1.31
CA ALA H 1177 -36.51 -16.72 1.79
C ALA H 1177 -37.45 -16.47 0.62
N LEU H 1178 -38.54 -17.23 0.60
CA LEU H 1178 -39.53 -17.16 -0.46
C LEU H 1178 -40.86 -16.75 0.13
N ARG H 1179 -41.44 -15.69 -0.43
CA ARG H 1179 -42.76 -15.23 -0.01
C ARG H 1179 -43.78 -16.25 -0.50
N PHE H 1180 -44.19 -17.15 0.39
CA PHE H 1180 -45.12 -18.21 0.02
C PHE H 1180 -46.56 -17.69 0.15
N ASP H 1181 -47.42 -18.18 -0.73
CA ASP H 1181 -48.74 -17.60 -0.94
C ASP H 1181 -49.87 -18.41 -0.30
N ARG H 1182 -49.54 -19.36 0.58
CA ARG H 1182 -50.55 -20.11 1.35
C ARG H 1182 -50.37 -19.75 2.82
N LEU H 1183 -51.01 -18.65 3.24
CA LEU H 1183 -50.85 -18.12 4.57
C LEU H 1183 -51.92 -18.56 5.55
N VAL H 1184 -52.89 -19.36 5.11
CA VAL H 1184 -54.07 -19.70 5.91
C VAL H 1184 -54.16 -21.21 6.00
N ALA H 1185 -54.37 -21.70 7.21
CA ALA H 1185 -54.54 -23.12 7.45
C ALA H 1185 -55.49 -23.31 8.62
N GLY H 1186 -56.21 -24.43 8.62
CA GLY H 1186 -57.09 -24.76 9.72
C GLY H 1186 -56.33 -25.40 10.85
N GLN H 1187 -56.00 -24.61 11.85
CA GLN H 1187 -55.05 -25.00 12.89
C GLN H 1187 -55.78 -25.18 14.21
N ILE H 1188 -55.30 -26.14 15.00
CA ILE H 1188 -55.82 -26.42 16.33
C ILE H 1188 -55.71 -25.11 17.11
N PRO H 1189 -56.65 -24.78 18.00
CA PRO H 1189 -56.64 -23.44 18.63
C PRO H 1189 -55.32 -23.14 19.31
N THR H 1190 -54.88 -21.89 19.17
CA THR H 1190 -53.63 -21.47 19.78
C THR H 1190 -53.71 -21.66 21.29
N GLY H 1191 -52.61 -22.13 21.88
CA GLY H 1191 -52.59 -22.46 23.28
C GLY H 1191 -53.04 -23.87 23.61
N TRP H 1192 -53.48 -24.63 22.61
CA TRP H 1192 -53.75 -26.05 22.83
C TRP H 1192 -52.47 -26.73 23.28
N ASP H 1193 -52.55 -27.45 24.40
CA ASP H 1193 -51.39 -28.12 24.97
C ASP H 1193 -51.79 -29.53 25.35
N ALA H 1194 -50.89 -30.48 25.10
CA ALA H 1194 -51.07 -31.82 25.60
C ALA H 1194 -50.96 -31.89 27.12
N ARG H 1195 -50.28 -30.91 27.72
CA ARG H 1195 -50.13 -30.89 29.18
C ARG H 1195 -51.49 -30.74 29.87
N THR H 1196 -52.38 -29.92 29.29
CA THR H 1196 -53.67 -29.70 29.94
C THR H 1196 -54.53 -30.95 29.94
N TYR H 1197 -54.22 -31.93 29.09
CA TYR H 1197 -54.91 -33.21 29.08
C TYR H 1197 -54.20 -34.27 29.90
N GLY H 1198 -53.12 -33.94 30.59
CA GLY H 1198 -52.43 -34.88 31.45
C GLY H 1198 -51.37 -35.72 30.77
N ILE H 1199 -50.97 -35.38 29.54
CA ILE H 1199 -49.93 -36.15 28.86
C ILE H 1199 -48.57 -35.72 29.42
N PRO H 1200 -47.72 -36.64 29.90
CA PRO H 1200 -46.51 -36.21 30.60
C PRO H 1200 -45.48 -35.58 29.68
N GLU H 1201 -44.59 -34.80 30.30
CA GLU H 1201 -43.59 -34.03 29.57
C GLU H 1201 -42.65 -34.94 28.79
N ASP H 1202 -42.28 -36.09 29.35
CA ASP H 1202 -41.38 -36.99 28.65
C ASP H 1202 -42.03 -37.53 27.37
N THR H 1203 -43.31 -37.90 27.45
CA THR H 1203 -44.03 -38.32 26.25
C THR H 1203 -44.12 -37.18 25.24
N ILE H 1204 -44.35 -35.97 25.72
CA ILE H 1204 -44.45 -34.83 24.82
C ILE H 1204 -43.13 -34.61 24.08
N SER H 1205 -42.02 -34.76 24.79
CA SER H 1205 -40.71 -34.59 24.18
C SER H 1205 -40.32 -35.76 23.28
N GLN H 1206 -40.86 -36.95 23.53
CA GLN H 1206 -40.53 -38.14 22.75
C GLN H 1206 -41.35 -38.25 21.47
N VAL H 1207 -42.65 -38.01 21.52
CA VAL H 1207 -43.55 -38.38 20.44
C VAL H 1207 -43.80 -37.18 19.55
N ASP H 1208 -44.46 -37.45 18.42
CA ASP H 1208 -44.74 -36.41 17.45
C ASP H 1208 -46.00 -35.63 17.84
N PRO H 1209 -46.12 -34.37 17.38
CA PRO H 1209 -47.37 -33.63 17.69
C PRO H 1209 -48.62 -34.33 17.19
N ILE H 1210 -48.55 -35.00 16.05
CA ILE H 1210 -49.70 -35.76 15.58
C ILE H 1210 -50.01 -36.88 16.57
N THR H 1211 -48.97 -37.48 17.15
CA THR H 1211 -49.21 -38.51 18.17
C THR H 1211 -49.86 -37.91 19.41
N LEU H 1212 -49.51 -36.69 19.78
CA LEU H 1212 -50.20 -36.03 20.88
C LEU H 1212 -51.67 -35.83 20.57
N TYR H 1213 -51.97 -35.38 19.35
CA TYR H 1213 -53.36 -35.22 18.96
C TYR H 1213 -54.10 -36.56 19.01
N VAL H 1214 -53.43 -37.63 18.58
CA VAL H 1214 -54.05 -38.96 18.58
C VAL H 1214 -54.31 -39.43 19.99
N LEU H 1215 -53.36 -39.23 20.91
CA LEU H 1215 -53.57 -39.66 22.28
C LEU H 1215 -54.73 -38.92 22.92
N VAL H 1216 -54.82 -37.61 22.69
CA VAL H 1216 -55.93 -36.84 23.26
C VAL H 1216 -57.25 -37.31 22.65
N ALA H 1217 -57.29 -37.48 21.33
CA ALA H 1217 -58.52 -37.91 20.69
C ALA H 1217 -58.92 -39.31 21.13
N THR H 1218 -57.94 -40.16 21.41
CA THR H 1218 -58.24 -41.53 21.83
C THR H 1218 -58.82 -41.57 23.24
N VAL H 1219 -58.21 -40.85 24.18
CA VAL H 1219 -58.77 -40.84 25.52
C VAL H 1219 -60.14 -40.17 25.51
N GLU H 1220 -60.30 -39.11 24.71
CA GLU H 1220 -61.59 -38.45 24.66
C GLU H 1220 -62.65 -39.34 24.00
N ALA H 1221 -62.24 -40.18 23.04
CA ALA H 1221 -63.17 -41.11 22.43
C ALA H 1221 -63.58 -42.20 23.40
N LEU H 1222 -62.63 -42.71 24.19
CA LEU H 1222 -62.98 -43.69 25.21
C LEU H 1222 -63.89 -43.07 26.27
N LEU H 1223 -63.66 -41.81 26.61
CA LEU H 1223 -64.50 -41.12 27.58
C LEU H 1223 -65.89 -40.87 27.01
N SER H 1224 -65.98 -40.57 25.71
CA SER H 1224 -67.28 -40.52 25.05
C SER H 1224 -67.98 -41.86 25.11
N ALA H 1225 -67.22 -42.95 24.99
CA ALA H 1225 -67.74 -44.30 25.17
C ALA H 1225 -67.90 -44.68 26.63
N GLY H 1226 -67.61 -43.77 27.55
CA GLY H 1226 -67.84 -44.03 28.96
C GLY H 1226 -66.78 -44.88 29.61
N ILE H 1227 -65.70 -45.20 28.90
CA ILE H 1227 -64.64 -46.05 29.42
C ILE H 1227 -63.59 -45.12 30.02
N THR H 1228 -63.70 -44.88 31.32
CA THR H 1228 -62.71 -44.09 32.04
C THR H 1228 -61.37 -44.80 32.16
N ASP H 1229 -61.39 -46.13 32.30
CA ASP H 1229 -60.18 -46.94 32.42
C ASP H 1229 -60.10 -47.84 31.19
N PRO H 1230 -59.08 -47.72 30.33
CA PRO H 1230 -59.04 -48.58 29.14
C PRO H 1230 -59.02 -50.06 29.44
N TYR H 1231 -58.56 -50.46 30.63
CA TYR H 1231 -58.52 -51.88 30.98
C TYR H 1231 -59.90 -52.45 31.29
N GLU H 1232 -60.95 -51.61 31.28
CA GLU H 1232 -62.29 -52.13 31.50
C GLU H 1232 -62.77 -53.01 30.35
N PHE H 1233 -62.13 -52.93 29.19
CA PHE H 1233 -62.47 -53.86 28.11
C PHE H 1233 -62.15 -55.29 28.51
N TYR H 1234 -61.08 -55.47 29.30
CA TYR H 1234 -60.59 -56.82 29.58
C TYR H 1234 -61.44 -57.54 30.61
N LYS H 1235 -62.45 -56.87 31.19
CA LYS H 1235 -63.45 -57.58 31.99
C LYS H 1235 -64.42 -58.35 31.12
N TYR H 1236 -64.56 -57.97 29.84
CA TYR H 1236 -65.58 -58.52 28.96
C TYR H 1236 -65.01 -59.21 27.73
N VAL H 1237 -63.85 -58.78 27.24
CA VAL H 1237 -63.25 -59.36 26.04
C VAL H 1237 -61.79 -59.65 26.32
N HIS H 1238 -61.25 -60.65 25.61
CA HIS H 1238 -59.85 -61.00 25.79
C HIS H 1238 -58.96 -59.88 25.27
N VAL H 1239 -57.73 -59.84 25.80
CA VAL H 1239 -56.76 -58.80 25.40
C VAL H 1239 -56.51 -58.87 23.90
N SER H 1240 -56.71 -60.04 23.29
CA SER H 1240 -56.55 -60.20 21.85
C SER H 1240 -57.74 -59.71 21.06
N GLU H 1241 -58.75 -59.12 21.69
CA GLU H 1241 -59.97 -58.67 21.02
C GLU H 1241 -60.15 -57.16 21.06
N VAL H 1242 -59.13 -56.41 21.48
CA VAL H 1242 -59.13 -54.95 21.46
C VAL H 1242 -58.03 -54.52 20.52
N GLY H 1243 -58.42 -53.91 19.39
CA GLY H 1243 -57.50 -53.54 18.35
C GLY H 1243 -57.52 -52.04 18.06
N ASN H 1244 -56.62 -51.63 17.16
CA ASN H 1244 -56.48 -50.24 16.79
C ASN H 1244 -56.23 -50.18 15.28
N CYS H 1245 -57.28 -49.91 14.51
CA CYS H 1245 -57.22 -49.91 13.06
C CYS H 1245 -57.14 -48.50 12.48
N SER H 1246 -56.80 -47.51 13.30
CA SER H 1246 -56.70 -46.13 12.85
C SER H 1246 -55.44 -45.90 12.03
N GLY H 1247 -55.36 -44.75 11.38
CA GLY H 1247 -54.26 -44.49 10.46
C GLY H 1247 -54.06 -43.02 10.18
N SER H 1248 -53.21 -42.76 9.20
CA SER H 1248 -52.83 -41.40 8.81
C SER H 1248 -52.58 -41.35 7.32
N GLY H 1249 -52.75 -40.16 6.74
CA GLY H 1249 -52.38 -39.97 5.36
C GLY H 1249 -50.88 -39.90 5.15
N MET H 1250 -50.17 -39.21 6.05
CA MET H 1250 -48.73 -38.99 5.92
C MET H 1250 -48.00 -39.37 7.20
N GLY H 1251 -48.66 -39.27 8.35
CA GLY H 1251 -48.07 -39.66 9.61
C GLY H 1251 -47.31 -38.55 10.29
N GLY H 1252 -46.13 -38.88 10.82
CA GLY H 1252 -45.32 -37.91 11.52
C GLY H 1252 -44.51 -37.05 10.59
N VAL H 1253 -45.16 -36.08 9.96
CA VAL H 1253 -44.48 -35.21 9.00
C VAL H 1253 -43.40 -34.38 9.69
N SER H 1254 -43.61 -34.06 10.96
CA SER H 1254 -42.58 -33.33 11.70
C SER H 1254 -41.35 -34.20 11.91
N ALA H 1255 -41.55 -35.49 12.21
CA ALA H 1255 -40.43 -36.40 12.31
C ALA H 1255 -39.74 -36.60 10.97
N LEU H 1256 -40.51 -36.64 9.89
CA LEU H 1256 -39.92 -36.71 8.56
C LEU H 1256 -39.10 -35.45 8.26
N ARG H 1257 -39.60 -34.30 8.67
CA ARG H 1257 -38.83 -33.06 8.52
C ARG H 1257 -37.53 -33.15 9.30
N GLY H 1258 -37.60 -33.62 10.54
CA GLY H 1258 -36.38 -33.86 11.31
C GLY H 1258 -35.39 -34.70 10.52
N MET H 1259 -35.79 -35.92 10.17
CA MET H 1259 -34.95 -36.85 9.43
C MET H 1259 -34.35 -36.24 8.17
N PHE H 1260 -35.17 -35.64 7.32
CA PHE H 1260 -34.76 -35.28 5.97
C PHE H 1260 -34.13 -33.89 5.87
N LYS H 1261 -34.39 -33.00 6.82
CA LYS H 1261 -33.92 -31.62 6.77
C LYS H 1261 -33.00 -31.30 7.94
N ASP H 1262 -33.45 -31.57 9.18
CA ASP H 1262 -32.68 -31.13 10.33
C ASP H 1262 -31.43 -31.97 10.50
N ARG H 1263 -31.49 -33.25 10.11
CA ARG H 1263 -30.30 -34.08 10.18
C ARG H 1263 -29.32 -33.73 9.06
N TYR H 1264 -29.84 -33.43 7.87
CA TYR H 1264 -28.99 -32.89 6.81
C TYR H 1264 -28.30 -31.61 7.27
N ALA H 1265 -29.00 -30.77 8.02
CA ALA H 1265 -28.46 -29.54 8.56
C ALA H 1265 -27.66 -29.75 9.84
N ASP H 1266 -27.59 -30.97 10.36
CA ASP H 1266 -26.82 -31.32 11.54
C ASP H 1266 -27.41 -30.72 12.81
N LYS H 1267 -28.70 -30.45 12.82
CA LYS H 1267 -29.36 -29.93 14.01
C LYS H 1267 -29.55 -31.05 15.02
N PRO H 1268 -29.74 -30.73 16.31
CA PRO H 1268 -29.91 -31.79 17.31
C PRO H 1268 -31.28 -32.44 17.19
N VAL H 1269 -31.29 -33.68 16.69
CA VAL H 1269 -32.52 -34.43 16.44
C VAL H 1269 -32.42 -35.74 17.20
N GLN H 1270 -33.54 -36.17 17.80
CA GLN H 1270 -33.56 -37.41 18.54
C GLN H 1270 -33.22 -38.59 17.63
N ASN H 1271 -32.56 -39.59 18.21
CA ASN H 1271 -32.04 -40.71 17.43
C ASN H 1271 -33.13 -41.65 16.94
N ASP H 1272 -34.33 -41.61 17.51
CA ASP H 1272 -35.44 -42.46 17.10
C ASP H 1272 -36.52 -41.64 16.39
N ILE H 1273 -36.11 -40.70 15.56
CA ILE H 1273 -37.05 -39.86 14.84
C ILE H 1273 -37.84 -40.66 13.81
N LEU H 1274 -37.21 -41.65 13.17
CA LEU H 1274 -37.90 -42.45 12.17
C LEU H 1274 -39.07 -43.22 12.79
N GLN H 1275 -38.86 -43.72 14.01
CA GLN H 1275 -39.95 -44.35 14.77
C GLN H 1275 -41.16 -43.43 14.84
N GLU H 1276 -40.95 -42.19 15.26
CA GLU H 1276 -42.06 -41.23 15.33
C GLU H 1276 -42.59 -40.87 13.94
N SER H 1277 -41.78 -41.05 12.90
CA SER H 1277 -42.21 -40.75 11.55
C SER H 1277 -43.15 -41.81 10.99
N PHE H 1278 -43.03 -43.07 11.40
CA PHE H 1278 -43.91 -44.10 10.87
C PHE H 1278 -45.38 -43.76 11.15
N ILE H 1279 -46.26 -44.23 10.26
CA ILE H 1279 -47.68 -43.92 10.38
C ILE H 1279 -48.34 -44.82 11.42
N ASN H 1280 -47.80 -46.02 11.65
CA ASN H 1280 -48.33 -46.89 12.69
C ASN H 1280 -47.76 -46.56 14.07
N THR H 1281 -46.87 -45.58 14.17
CA THR H 1281 -46.31 -45.23 15.46
C THR H 1281 -47.36 -44.62 16.38
N MET H 1282 -48.33 -43.89 15.82
CA MET H 1282 -49.35 -43.30 16.66
C MET H 1282 -50.21 -44.38 17.31
N SER H 1283 -50.58 -45.39 16.53
CA SER H 1283 -51.28 -46.54 17.09
C SER H 1283 -50.41 -47.26 18.11
N ALA H 1284 -49.10 -47.36 17.83
CA ALA H 1284 -48.19 -48.01 18.77
C ALA H 1284 -48.18 -47.27 20.10
N TRP H 1285 -48.12 -45.93 20.06
CA TRP H 1285 -48.11 -45.15 21.29
C TRP H 1285 -49.45 -45.26 22.02
N VAL H 1286 -50.56 -45.32 21.27
CA VAL H 1286 -51.86 -45.52 21.90
C VAL H 1286 -51.89 -46.83 22.66
N ASN H 1287 -51.42 -47.91 22.04
CA ASN H 1287 -51.41 -49.19 22.72
C ASN H 1287 -50.43 -49.20 23.88
N MET H 1288 -49.29 -48.52 23.72
CA MET H 1288 -48.25 -48.56 24.74
C MET H 1288 -48.63 -47.74 25.97
N LEU H 1289 -49.43 -46.69 25.79
CA LEU H 1289 -49.76 -45.80 26.90
C LEU H 1289 -51.15 -46.05 27.49
N LEU H 1290 -52.12 -46.52 26.69
CA LEU H 1290 -53.49 -46.70 27.16
C LEU H 1290 -53.95 -48.15 27.16
N LEU H 1291 -53.93 -48.83 26.02
CA LEU H 1291 -54.72 -50.05 25.88
C LEU H 1291 -53.96 -51.27 26.38
N SER H 1292 -52.73 -51.47 25.92
CA SER H 1292 -51.96 -52.68 26.19
C SER H 1292 -52.70 -53.92 25.75
N SER H 1293 -53.42 -53.82 24.64
CA SER H 1293 -54.12 -54.95 24.06
C SER H 1293 -53.19 -55.73 23.14
N SER H 1294 -53.58 -56.96 22.85
CA SER H 1294 -52.93 -57.77 21.83
C SER H 1294 -53.85 -58.03 20.65
N GLY H 1295 -54.83 -57.14 20.44
CA GLY H 1295 -55.76 -57.30 19.35
C GLY H 1295 -55.17 -56.82 18.05
N PRO H 1296 -55.96 -56.96 16.98
CA PRO H 1296 -55.46 -56.58 15.66
C PRO H 1296 -55.07 -55.13 15.59
N ILE H 1297 -53.97 -54.85 14.90
CA ILE H 1297 -53.55 -53.50 14.59
C ILE H 1297 -53.35 -53.42 13.09
N LYS H 1298 -54.09 -52.54 12.43
CA LYS H 1298 -54.06 -52.43 10.98
C LYS H 1298 -54.13 -50.96 10.62
N THR H 1299 -53.01 -50.39 10.21
CA THR H 1299 -52.91 -48.95 9.98
C THR H 1299 -53.15 -48.62 8.52
N PRO H 1300 -54.32 -48.11 8.14
CA PRO H 1300 -54.54 -47.72 6.75
C PRO H 1300 -53.80 -46.45 6.36
N VAL H 1301 -53.66 -46.27 5.05
CA VAL H 1301 -53.25 -45.00 4.46
C VAL H 1301 -54.09 -44.75 3.22
N GLY H 1302 -55.12 -43.90 3.36
CA GLY H 1302 -55.91 -43.46 2.23
C GLY H 1302 -55.52 -42.09 1.71
N ALA H 1303 -54.61 -41.42 2.42
CA ALA H 1303 -54.10 -40.07 2.19
C ALA H 1303 -55.14 -38.97 2.39
N CYS H 1304 -56.41 -39.22 2.11
CA CYS H 1304 -57.46 -38.28 2.49
C CYS H 1304 -58.69 -39.02 3.00
N ALA H 1305 -58.89 -40.26 2.55
CA ALA H 1305 -59.97 -41.12 3.01
C ALA H 1305 -59.52 -42.09 4.11
N THR H 1306 -58.46 -41.74 4.85
CA THR H 1306 -57.86 -42.70 5.78
C THR H 1306 -58.85 -43.10 6.87
N ALA H 1307 -59.69 -42.16 7.32
CA ALA H 1307 -60.59 -42.47 8.43
C ALA H 1307 -61.73 -43.37 8.00
N VAL H 1308 -62.29 -43.13 6.80
CA VAL H 1308 -63.37 -43.99 6.33
C VAL H 1308 -62.83 -45.37 5.97
N GLU H 1309 -61.64 -45.43 5.36
CA GLU H 1309 -61.00 -46.71 5.12
C GLU H 1309 -60.69 -47.42 6.43
N SER H 1310 -60.35 -46.66 7.48
CA SER H 1310 -60.09 -47.24 8.78
C SER H 1310 -61.36 -47.80 9.39
N VAL H 1311 -62.49 -47.11 9.21
CA VAL H 1311 -63.76 -47.65 9.67
C VAL H 1311 -64.08 -48.94 8.92
N ASP H 1312 -63.77 -48.97 7.62
CA ASP H 1312 -63.97 -50.18 6.84
C ASP H 1312 -63.13 -51.34 7.38
N ILE H 1313 -61.86 -51.10 7.62
CA ILE H 1313 -60.97 -52.13 8.15
C ILE H 1313 -61.46 -52.57 9.53
N GLY H 1314 -61.85 -51.62 10.38
CA GLY H 1314 -62.31 -51.97 11.71
C GLY H 1314 -63.58 -52.79 11.70
N ILE H 1315 -64.52 -52.45 10.81
CA ILE H 1315 -65.76 -53.21 10.75
C ILE H 1315 -65.49 -54.63 10.27
N GLU H 1316 -64.68 -54.78 9.21
CA GLU H 1316 -64.39 -56.14 8.76
C GLU H 1316 -63.61 -56.91 9.81
N THR H 1317 -62.75 -56.23 10.56
CA THR H 1317 -62.03 -56.87 11.66
C THR H 1317 -63.00 -57.37 12.72
N ILE H 1318 -64.02 -56.58 13.06
CA ILE H 1318 -64.98 -56.99 14.08
C ILE H 1318 -65.86 -58.12 13.56
N LEU H 1319 -66.30 -58.03 12.30
CA LEU H 1319 -67.23 -59.03 11.77
C LEU H 1319 -66.52 -60.36 11.52
N SER H 1320 -65.23 -60.33 11.22
CA SER H 1320 -64.46 -61.56 11.09
C SER H 1320 -64.20 -62.24 12.44
N GLY H 1321 -64.54 -61.59 13.55
CA GLY H 1321 -64.31 -62.14 14.86
C GLY H 1321 -62.93 -61.91 15.41
N LYS H 1322 -62.05 -61.20 14.69
CA LYS H 1322 -60.70 -60.99 15.17
C LYS H 1322 -60.64 -59.98 16.30
N ALA H 1323 -61.59 -59.05 16.36
CA ALA H 1323 -61.67 -58.08 17.45
C ALA H 1323 -63.12 -57.91 17.85
N LYS H 1324 -63.32 -57.52 19.10
CA LYS H 1324 -64.61 -57.08 19.59
C LYS H 1324 -64.68 -55.58 19.81
N VAL H 1325 -63.54 -54.95 20.10
CA VAL H 1325 -63.42 -53.50 20.18
C VAL H 1325 -62.31 -53.09 19.23
N VAL H 1326 -62.54 -52.02 18.48
CA VAL H 1326 -61.53 -51.46 17.60
C VAL H 1326 -61.54 -49.95 17.78
N LEU H 1327 -60.34 -49.37 17.78
CA LEU H 1327 -60.17 -47.93 17.73
C LEU H 1327 -59.88 -47.54 16.29
N VAL H 1328 -60.88 -46.95 15.63
CA VAL H 1328 -60.77 -46.54 14.24
C VAL H 1328 -60.61 -45.03 14.22
N GLY H 1329 -60.30 -44.51 13.05
CA GLY H 1329 -60.20 -43.07 12.85
C GLY H 1329 -59.05 -42.72 11.94
N GLY H 1330 -58.68 -41.45 11.99
CA GLY H 1330 -57.62 -40.96 11.14
C GLY H 1330 -57.04 -39.69 11.70
N TYR H 1331 -55.77 -39.45 11.36
CA TYR H 1331 -55.07 -38.29 11.89
C TYR H 1331 -54.12 -37.76 10.84
N ASP H 1332 -53.82 -36.47 10.93
CA ASP H 1332 -52.83 -35.86 10.05
C ASP H 1332 -52.40 -34.53 10.66
N ASP H 1333 -51.25 -34.04 10.21
CA ASP H 1333 -50.67 -32.82 10.73
C ASP H 1333 -50.34 -31.88 9.58
N PHE H 1334 -50.43 -30.59 9.85
CA PHE H 1334 -50.07 -29.56 8.90
C PHE H 1334 -48.62 -29.17 9.15
N GLN H 1335 -47.86 -29.03 8.06
CA GLN H 1335 -46.48 -28.58 8.17
C GLN H 1335 -46.12 -27.79 6.92
N GLU H 1336 -45.03 -27.03 7.04
CA GLU H 1336 -44.54 -26.20 5.94
C GLU H 1336 -44.39 -27.01 4.66
N GLU H 1337 -43.85 -28.22 4.76
CA GLU H 1337 -43.46 -28.96 3.58
C GLU H 1337 -44.68 -29.53 2.86
N GLY H 1338 -45.61 -30.10 3.61
CA GLY H 1338 -46.86 -30.56 3.00
C GLY H 1338 -47.65 -29.42 2.40
N SER H 1339 -47.67 -28.26 3.09
CA SER H 1339 -48.35 -27.10 2.54
C SER H 1339 -47.73 -26.69 1.21
N TYR H 1340 -46.41 -26.62 1.15
CA TYR H 1340 -45.73 -26.21 -0.07
C TYR H 1340 -45.99 -27.20 -1.20
N GLU H 1341 -45.97 -28.50 -0.88
CA GLU H 1341 -46.22 -29.49 -1.93
C GLU H 1341 -47.64 -29.39 -2.46
N PHE H 1342 -48.63 -29.28 -1.57
CA PHE H 1342 -50.00 -29.13 -2.02
C PHE H 1342 -50.17 -27.88 -2.85
N ALA H 1343 -49.47 -26.80 -2.50
CA ALA H 1343 -49.50 -25.60 -3.33
C ALA H 1343 -48.92 -25.87 -4.71
N ASN H 1344 -47.82 -26.63 -4.77
CA ASN H 1344 -47.22 -26.96 -6.06
C ASN H 1344 -48.16 -27.78 -6.92
N MET H 1345 -48.94 -28.66 -6.31
CA MET H 1345 -49.97 -29.41 -7.04
C MET H 1345 -51.25 -28.60 -7.23
N ASN H 1346 -51.31 -27.38 -6.71
CA ASN H 1346 -52.44 -26.48 -6.92
C ASN H 1346 -53.73 -27.07 -6.35
N ALA H 1347 -53.58 -27.86 -5.29
CA ALA H 1347 -54.74 -28.46 -4.62
C ALA H 1347 -55.34 -27.55 -3.58
N THR H 1348 -54.55 -26.64 -3.01
CA THR H 1348 -55.02 -25.74 -1.96
C THR H 1348 -55.27 -24.35 -2.55
N SER H 1349 -56.14 -23.61 -1.88
CA SER H 1349 -56.48 -22.27 -2.33
C SER H 1349 -55.31 -21.31 -2.11
N ASN H 1350 -55.15 -20.36 -3.03
CA ASN H 1350 -54.10 -19.36 -2.95
C ASN H 1350 -54.58 -18.19 -2.10
N SER H 1351 -53.91 -17.94 -0.98
CA SER H 1351 -54.36 -16.93 -0.04
C SER H 1351 -54.20 -15.52 -0.62
N ILE H 1352 -53.15 -15.29 -1.41
CA ILE H 1352 -52.99 -13.99 -2.06
C ILE H 1352 -54.17 -13.71 -2.99
N GLU H 1353 -54.51 -14.70 -3.81
CA GLU H 1353 -55.64 -14.53 -4.73
C GLU H 1353 -56.93 -14.31 -3.96
N GLU H 1354 -57.10 -15.02 -2.84
CA GLU H 1354 -58.33 -14.89 -2.07
C GLU H 1354 -58.42 -13.52 -1.38
N PHE H 1355 -57.31 -13.01 -0.88
CA PHE H 1355 -57.31 -11.64 -0.37
C PHE H 1355 -57.60 -10.63 -1.48
N LYS H 1356 -57.05 -10.87 -2.68
CA LYS H 1356 -57.37 -10.00 -3.81
C LYS H 1356 -58.86 -10.02 -4.12
N HIS H 1357 -59.48 -11.20 -4.03
CA HIS H 1357 -60.91 -11.35 -4.19
C HIS H 1357 -61.70 -10.84 -2.99
N GLY H 1358 -61.03 -10.46 -1.91
CA GLY H 1358 -61.72 -9.92 -0.76
C GLY H 1358 -62.28 -10.98 0.16
N ARG H 1359 -61.67 -12.16 0.17
CA ARG H 1359 -62.13 -13.28 0.97
C ARG H 1359 -61.30 -13.35 2.24
N THR H 1360 -61.97 -13.42 3.39
CA THR H 1360 -61.30 -13.61 4.66
C THR H 1360 -60.94 -15.08 4.86
N PRO H 1361 -60.03 -15.36 5.81
CA PRO H 1361 -59.69 -16.76 6.10
C PRO H 1361 -60.89 -17.60 6.52
N LYS H 1362 -61.84 -17.03 7.26
CA LYS H 1362 -63.00 -17.79 7.68
C LYS H 1362 -64.00 -18.03 6.56
N GLU H 1363 -63.80 -17.44 5.38
CA GLU H 1363 -64.64 -17.69 4.22
C GLU H 1363 -63.86 -18.20 3.02
N MET H 1364 -62.57 -18.54 3.18
CA MET H 1364 -61.84 -19.11 2.05
C MET H 1364 -62.27 -20.54 1.74
N SER H 1365 -62.59 -21.34 2.76
CA SER H 1365 -63.02 -22.73 2.56
C SER H 1365 -64.51 -22.72 2.29
N ARG H 1366 -64.89 -22.82 1.01
CA ARG H 1366 -66.28 -22.71 0.58
C ARG H 1366 -66.60 -23.83 -0.41
N PRO H 1367 -66.93 -25.02 0.09
CA PRO H 1367 -67.34 -26.10 -0.82
C PRO H 1367 -68.64 -25.77 -1.55
N THR H 1368 -68.73 -26.27 -2.78
CA THR H 1368 -69.91 -26.21 -3.66
C THR H 1368 -70.17 -24.84 -4.26
N THR H 1369 -69.44 -23.81 -3.88
CA THR H 1369 -69.72 -22.49 -4.41
C THR H 1369 -69.18 -22.35 -5.83
N THR H 1370 -69.57 -21.27 -6.49
CA THR H 1370 -69.07 -21.00 -7.82
C THR H 1370 -67.58 -20.66 -7.81
N THR H 1371 -67.04 -20.20 -6.68
CA THR H 1371 -65.70 -19.66 -6.61
C THR H 1371 -64.73 -20.55 -5.84
N ARG H 1372 -65.10 -21.80 -5.57
CA ARG H 1372 -64.17 -22.75 -4.96
C ARG H 1372 -62.93 -22.89 -5.84
N ASN H 1373 -61.75 -22.76 -5.23
CA ASN H 1373 -60.49 -22.72 -5.96
C ASN H 1373 -59.40 -23.51 -5.26
N GLY H 1374 -59.75 -24.55 -4.51
CA GLY H 1374 -58.78 -25.35 -3.80
C GLY H 1374 -59.19 -25.54 -2.36
N PHE H 1375 -58.62 -26.54 -1.68
CA PHE H 1375 -59.05 -26.87 -0.32
C PHE H 1375 -58.21 -26.12 0.71
N MET H 1376 -58.74 -26.11 1.93
CA MET H 1376 -58.09 -25.45 3.05
C MET H 1376 -57.44 -26.52 3.92
N GLU H 1377 -56.11 -26.57 3.90
CA GLU H 1377 -55.41 -27.60 4.64
C GLU H 1377 -55.58 -27.39 6.14
N ALA H 1378 -55.80 -28.49 6.86
CA ALA H 1378 -56.00 -28.46 8.30
C ALA H 1378 -55.15 -29.53 8.95
N GLN H 1379 -55.23 -29.60 10.27
CA GLN H 1379 -54.48 -30.54 11.08
C GLN H 1379 -55.39 -31.07 12.17
N GLY H 1380 -54.97 -32.18 12.78
CA GLY H 1380 -55.66 -32.73 13.92
C GLY H 1380 -55.82 -34.23 13.80
N SER H 1381 -56.77 -34.74 14.55
CA SER H 1381 -57.02 -36.17 14.65
C SER H 1381 -58.49 -36.40 14.95
N GLY H 1382 -58.95 -37.60 14.65
CA GLY H 1382 -60.29 -38.01 14.99
C GLY H 1382 -60.34 -39.50 15.22
N ILE H 1383 -60.88 -39.91 16.37
CA ILE H 1383 -60.88 -41.31 16.77
C ILE H 1383 -62.30 -41.69 17.17
N GLN H 1384 -62.67 -42.94 16.85
CA GLN H 1384 -63.92 -43.54 17.26
C GLN H 1384 -63.63 -44.91 17.85
N VAL H 1385 -64.44 -45.30 18.83
CA VAL H 1385 -64.36 -46.61 19.45
C VAL H 1385 -65.57 -47.40 18.97
N ILE H 1386 -65.33 -48.36 18.09
CA ILE H 1386 -66.40 -49.17 17.50
C ILE H 1386 -66.33 -50.56 18.12
N MET H 1387 -67.48 -51.20 18.26
CA MET H 1387 -67.55 -52.52 18.85
C MET H 1387 -68.85 -53.19 18.42
N THR H 1388 -68.96 -54.47 18.73
CA THR H 1388 -70.20 -55.19 18.45
C THR H 1388 -71.33 -54.63 19.32
N ALA H 1389 -72.54 -54.68 18.78
CA ALA H 1389 -73.69 -54.18 19.51
C ALA H 1389 -73.90 -54.96 20.79
N ASP H 1390 -73.71 -56.28 20.76
CA ASP H 1390 -73.90 -57.06 21.98
C ASP H 1390 -72.87 -56.70 23.02
N LEU H 1391 -71.62 -56.44 22.61
CA LEU H 1391 -70.63 -56.01 23.58
C LEU H 1391 -70.98 -54.65 24.16
N ALA H 1392 -71.46 -53.73 23.32
CA ALA H 1392 -71.84 -52.41 23.81
C ALA H 1392 -72.95 -52.53 24.84
N LEU H 1393 -73.93 -53.39 24.57
CA LEU H 1393 -75.06 -53.53 25.49
C LEU H 1393 -74.66 -54.27 26.76
N LYS H 1394 -73.75 -55.25 26.64
CA LYS H 1394 -73.30 -55.99 27.81
C LYS H 1394 -72.44 -55.11 28.72
N MET H 1395 -71.62 -54.24 28.13
CA MET H 1395 -70.83 -53.28 28.88
C MET H 1395 -71.65 -52.11 29.39
N GLY H 1396 -72.81 -51.83 28.78
CA GLY H 1396 -73.55 -50.64 29.11
C GLY H 1396 -72.85 -49.36 28.69
N VAL H 1397 -72.27 -49.34 27.49
CA VAL H 1397 -71.64 -48.15 26.95
C VAL H 1397 -72.64 -47.41 26.07
N PRO H 1398 -72.50 -46.10 25.89
CA PRO H 1398 -73.47 -45.38 25.05
C PRO H 1398 -73.26 -45.72 23.59
N ILE H 1399 -74.29 -46.28 22.97
CA ILE H 1399 -74.25 -46.61 21.56
C ILE H 1399 -74.69 -45.39 20.78
N HIS H 1400 -73.72 -44.65 20.23
CA HIS H 1400 -74.04 -43.39 19.55
C HIS H 1400 -74.64 -43.63 18.18
N ALA H 1401 -74.19 -44.67 17.48
CA ALA H 1401 -74.57 -44.89 16.10
C ALA H 1401 -74.38 -46.35 15.75
N VAL H 1402 -74.97 -46.74 14.62
CA VAL H 1402 -74.78 -48.06 14.03
C VAL H 1402 -74.14 -47.86 12.66
N LEU H 1403 -72.98 -48.46 12.46
CA LEU H 1403 -72.32 -48.42 11.16
C LEU H 1403 -72.93 -49.51 10.29
N ALA H 1404 -73.95 -49.13 9.52
CA ALA H 1404 -74.66 -50.10 8.70
C ALA H 1404 -73.80 -50.58 7.54
N MET H 1405 -73.08 -49.66 6.90
CA MET H 1405 -72.36 -49.95 5.67
C MET H 1405 -71.06 -49.18 5.65
N THR H 1406 -70.09 -49.70 4.90
CA THR H 1406 -68.84 -49.03 4.67
C THR H 1406 -68.12 -49.72 3.52
N ALA H 1407 -67.48 -48.93 2.67
CA ALA H 1407 -66.86 -49.46 1.46
C ALA H 1407 -65.73 -48.55 1.02
N THR H 1408 -64.78 -49.15 0.29
CA THR H 1408 -63.69 -48.44 -0.34
C THR H 1408 -63.63 -48.85 -1.80
N ALA H 1409 -63.06 -47.99 -2.63
CA ALA H 1409 -63.10 -48.22 -4.07
C ALA H 1409 -62.02 -47.39 -4.77
N THR H 1410 -61.58 -47.90 -5.91
CA THR H 1410 -60.72 -47.20 -6.85
C THR H 1410 -61.54 -46.83 -8.08
N ASP H 1411 -60.96 -45.99 -8.94
CA ASP H 1411 -61.75 -45.42 -10.04
C ASP H 1411 -61.57 -46.20 -11.34
N LYS H 1412 -60.40 -46.08 -11.98
CA LYS H 1412 -60.19 -46.65 -13.31
C LYS H 1412 -58.77 -46.40 -13.79
N ILE H 1413 -58.49 -46.73 -15.06
CA ILE H 1413 -57.26 -46.28 -15.69
C ILE H 1413 -57.18 -44.76 -15.58
N GLY H 1414 -55.95 -44.26 -15.49
CA GLY H 1414 -55.74 -42.83 -15.49
C GLY H 1414 -54.25 -42.54 -15.46
N ARG H 1415 -53.96 -41.24 -15.52
CA ARG H 1415 -52.60 -40.75 -15.35
C ARG H 1415 -52.59 -39.53 -14.42
N SER H 1416 -53.60 -39.43 -13.57
CA SER H 1416 -53.73 -38.32 -12.61
C SER H 1416 -54.17 -38.93 -11.28
N VAL H 1417 -53.20 -39.12 -10.38
CA VAL H 1417 -53.51 -39.62 -9.05
C VAL H 1417 -54.46 -38.70 -8.29
N PRO H 1418 -54.24 -37.38 -8.23
CA PRO H 1418 -55.16 -36.53 -7.45
C PRO H 1418 -56.53 -36.36 -8.09
N ALA H 1419 -56.73 -36.84 -9.31
CA ALA H 1419 -58.03 -36.72 -9.96
C ALA H 1419 -59.04 -37.62 -9.25
N PRO H 1420 -60.14 -37.09 -8.71
CA PRO H 1420 -61.15 -37.98 -8.14
C PRO H 1420 -61.93 -38.70 -9.22
N GLY H 1421 -62.66 -39.73 -8.79
CA GLY H 1421 -63.44 -40.53 -9.72
C GLY H 1421 -64.69 -41.10 -9.09
N LYS H 1422 -65.47 -41.83 -9.88
CA LYS H 1422 -66.79 -42.31 -9.48
C LYS H 1422 -66.73 -43.75 -9.01
N GLY H 1423 -65.57 -44.20 -8.55
CA GLY H 1423 -65.39 -45.59 -8.19
C GLY H 1423 -66.31 -46.04 -7.07
N ILE H 1424 -66.61 -45.15 -6.12
CA ILE H 1424 -67.48 -45.49 -5.00
C ILE H 1424 -68.94 -45.60 -5.42
N LEU H 1425 -69.26 -45.28 -6.67
CA LEU H 1425 -70.62 -45.46 -7.18
C LEU H 1425 -71.04 -46.93 -7.14
N THR H 1426 -70.10 -47.86 -7.04
CA THR H 1426 -70.42 -49.28 -6.97
C THR H 1426 -71.14 -49.65 -5.68
N THR H 1427 -71.17 -48.76 -4.68
CA THR H 1427 -71.93 -49.03 -3.47
C THR H 1427 -73.43 -49.06 -3.73
N ALA H 1428 -73.88 -48.46 -4.83
CA ALA H 1428 -75.28 -48.44 -5.21
C ALA H 1428 -75.61 -49.45 -6.29
N ARG H 1429 -74.68 -50.36 -6.61
CA ARG H 1429 -74.88 -51.26 -7.73
C ARG H 1429 -75.97 -52.27 -7.44
N GLU H 1430 -76.88 -52.43 -8.40
CA GLU H 1430 -77.80 -53.55 -8.39
C GLU H 1430 -78.20 -53.85 -9.82
N HIS H 1431 -78.79 -55.03 -10.01
CA HIS H 1431 -79.27 -55.45 -11.32
C HIS H 1431 -80.72 -55.05 -11.49
N HIS H 1432 -81.06 -54.55 -12.68
CA HIS H 1432 -82.38 -54.02 -12.99
C HIS H 1432 -82.92 -54.55 -14.31
N GLY H 1433 -82.45 -55.71 -14.76
CA GLY H 1433 -82.91 -56.23 -16.04
C GLY H 1433 -84.40 -56.54 -16.05
N ASN H 1434 -84.91 -57.11 -14.97
CA ASN H 1434 -86.28 -57.61 -14.93
C ASN H 1434 -86.81 -57.42 -13.51
N LEU H 1435 -87.53 -56.32 -13.28
CA LEU H 1435 -88.07 -55.97 -11.97
C LEU H 1435 -89.58 -56.15 -11.93
N LYS H 1436 -90.11 -57.11 -12.69
CA LYS H 1436 -91.56 -57.23 -12.78
C LYS H 1436 -92.19 -57.55 -11.44
N TYR H 1437 -91.40 -58.10 -10.51
CA TYR H 1437 -91.89 -58.48 -9.19
C TYR H 1437 -90.87 -58.09 -8.12
N PRO H 1438 -91.31 -57.63 -6.94
CA PRO H 1438 -90.33 -57.31 -5.89
C PRO H 1438 -89.57 -58.55 -5.44
N SER H 1439 -88.31 -58.34 -5.08
CA SER H 1439 -87.53 -59.42 -4.48
C SER H 1439 -88.08 -59.72 -3.10
N PRO H 1440 -88.41 -60.99 -2.77
CA PRO H 1440 -88.94 -61.25 -1.42
C PRO H 1440 -87.96 -60.92 -0.32
N LEU H 1441 -86.66 -60.92 -0.62
CA LEU H 1441 -85.67 -60.76 0.43
C LEU H 1441 -85.67 -59.34 0.98
N LEU H 1442 -86.09 -58.37 0.18
CA LEU H 1442 -86.20 -57.00 0.68
C LEU H 1442 -87.40 -56.83 1.61
N ASN H 1443 -88.32 -57.79 1.64
CA ASN H 1443 -89.52 -57.68 2.46
C ASN H 1443 -89.24 -58.24 3.85
N ILE H 1444 -89.55 -57.44 4.87
CA ILE H 1444 -89.09 -57.76 6.22
C ILE H 1444 -89.78 -59.00 6.77
N LYS H 1445 -91.10 -59.14 6.56
CA LYS H 1445 -91.82 -60.23 7.21
C LYS H 1445 -91.45 -61.57 6.62
N TYR H 1446 -91.17 -61.62 5.31
CA TYR H 1446 -90.72 -62.86 4.68
C TYR H 1446 -89.42 -63.35 5.31
N ARG H 1447 -88.45 -62.45 5.46
CA ARG H 1447 -87.21 -62.84 6.14
C ARG H 1447 -87.47 -63.23 7.58
N LYS H 1448 -88.46 -62.61 8.22
CA LYS H 1448 -88.76 -62.95 9.60
C LYS H 1448 -89.31 -64.36 9.71
N ARG H 1449 -90.21 -64.78 8.81
CA ARG H 1449 -90.72 -66.14 8.91
C ARG H 1449 -89.66 -67.16 8.51
N GLN H 1450 -88.81 -66.81 7.54
CA GLN H 1450 -87.67 -67.69 7.24
C GLN H 1450 -86.79 -67.88 8.46
N LEU H 1451 -86.46 -66.78 9.14
CA LEU H 1451 -85.63 -66.86 10.33
C LEU H 1451 -86.34 -67.63 11.43
N ASN H 1452 -87.66 -67.46 11.56
CA ASN H 1452 -88.39 -68.18 12.60
C ASN H 1452 -88.34 -69.68 12.36
N LYS H 1453 -88.53 -70.13 11.12
CA LYS H 1453 -88.47 -71.57 10.87
C LYS H 1453 -87.05 -72.09 11.04
N ARG H 1454 -86.04 -71.29 10.67
CA ARG H 1454 -84.66 -71.71 10.92
C ARG H 1454 -84.38 -71.83 12.42
N LEU H 1455 -84.91 -70.90 13.21
CA LEU H 1455 -84.72 -70.97 14.66
C LEU H 1455 -85.43 -72.18 15.25
N GLU H 1456 -86.61 -72.51 14.73
CA GLU H 1456 -87.28 -73.74 15.16
C GLU H 1456 -86.42 -74.95 14.84
N GLN H 1457 -85.82 -74.97 13.65
CA GLN H 1457 -84.92 -76.07 13.30
C GLN H 1457 -83.74 -76.14 14.25
N ILE H 1458 -83.18 -74.98 14.62
CA ILE H 1458 -82.03 -74.98 15.53
C ILE H 1458 -82.44 -75.45 16.93
N LYS H 1459 -83.63 -75.08 17.38
CA LYS H 1459 -84.10 -75.56 18.67
C LYS H 1459 -84.29 -77.07 18.66
N SER H 1460 -84.87 -77.60 17.58
CA SER H 1460 -84.99 -79.05 17.44
C SER H 1460 -83.62 -79.70 17.40
N TRP H 1461 -82.66 -79.04 16.75
CA TRP H 1461 -81.29 -79.54 16.71
C TRP H 1461 -80.69 -79.63 18.10
N GLU H 1462 -80.89 -78.59 18.92
CA GLU H 1462 -80.42 -78.62 20.30
C GLU H 1462 -81.05 -79.79 21.06
N GLU H 1463 -82.36 -79.95 20.93
CA GLU H 1463 -83.03 -81.02 21.67
C GLU H 1463 -82.49 -82.39 21.25
N THR H 1464 -82.33 -82.61 19.95
CA THR H 1464 -81.81 -83.89 19.48
C THR H 1464 -80.38 -84.11 19.94
N GLU H 1465 -79.56 -83.05 19.93
CA GLU H 1465 -78.17 -83.19 20.36
C GLU H 1465 -78.09 -83.54 21.85
N LEU H 1466 -78.87 -82.85 22.68
CA LEU H 1466 -78.84 -83.15 24.10
C LEU H 1466 -79.36 -84.55 24.38
N SER H 1467 -80.34 -85.01 23.58
CA SER H 1467 -80.79 -86.39 23.71
C SER H 1467 -79.70 -87.37 23.32
N TYR H 1468 -79.02 -87.12 22.20
CA TYR H 1468 -77.95 -88.00 21.74
C TYR H 1468 -76.76 -88.00 22.69
N LEU H 1469 -76.61 -86.96 23.51
CA LEU H 1469 -75.45 -86.88 24.39
C LEU H 1469 -75.40 -88.05 25.37
N GLN H 1470 -76.56 -88.54 25.80
CA GLN H 1470 -76.59 -89.68 26.71
C GLN H 1470 -76.03 -90.93 26.02
N GLU H 1471 -76.40 -91.15 24.75
CA GLU H 1471 -75.89 -92.31 24.03
C GLU H 1471 -74.42 -92.16 23.71
N GLU H 1472 -73.97 -90.93 23.47
CA GLU H 1472 -72.55 -90.70 23.18
C GLU H 1472 -71.70 -90.87 24.43
N ALA H 1473 -72.23 -90.49 25.59
CA ALA H 1473 -71.49 -90.67 26.84
C ALA H 1473 -71.29 -92.14 27.15
N GLU H 1474 -72.32 -92.96 26.92
CA GLU H 1474 -72.16 -94.40 27.10
C GLU H 1474 -71.10 -94.96 26.17
N LEU H 1475 -71.05 -94.46 24.93
CA LEU H 1475 -69.99 -94.86 24.01
C LEU H 1475 -68.63 -94.47 24.55
N ALA H 1476 -68.51 -93.25 25.08
CA ALA H 1476 -67.25 -92.80 25.65
C ALA H 1476 -66.99 -93.44 27.01
N LYS H 1477 -68.02 -93.95 27.69
CA LYS H 1477 -67.80 -94.61 28.97
C LYS H 1477 -66.93 -95.84 28.82
N GLU H 1478 -67.10 -96.60 27.73
CA GLU H 1478 -66.28 -97.76 27.46
C GLU H 1478 -65.01 -97.44 26.70
N GLU H 1479 -64.96 -96.31 25.99
CA GLU H 1479 -63.81 -95.94 25.18
C GLU H 1479 -62.83 -95.01 25.90
N PHE H 1480 -63.05 -94.73 27.19
CA PHE H 1480 -62.16 -93.86 27.97
C PHE H 1480 -61.81 -94.46 29.31
N GLY H 1481 -62.12 -95.74 29.56
CA GLY H 1481 -61.73 -96.38 30.79
C GLY H 1481 -62.65 -96.07 31.95
N ASP H 1482 -62.25 -96.55 33.13
CA ASP H 1482 -63.05 -96.37 34.34
C ASP H 1482 -62.92 -94.95 34.90
N GLU H 1483 -61.97 -94.15 34.41
CA GLU H 1483 -61.85 -92.77 34.85
C GLU H 1483 -62.97 -91.89 34.32
N PHE H 1484 -63.80 -92.39 33.41
CA PHE H 1484 -64.89 -91.61 32.85
C PHE H 1484 -65.84 -91.12 33.94
N SER H 1485 -66.14 -89.82 33.90
CA SER H 1485 -67.15 -89.21 34.77
C SER H 1485 -68.34 -88.80 33.91
N MET H 1486 -69.49 -89.42 34.18
CA MET H 1486 -70.72 -89.07 33.48
C MET H 1486 -71.04 -87.59 33.65
N HIS H 1487 -70.96 -87.09 34.89
CA HIS H 1487 -71.29 -85.70 35.16
C HIS H 1487 -70.39 -84.75 34.38
N GLU H 1488 -69.08 -84.99 34.42
CA GLU H 1488 -68.15 -84.08 33.75
C GLU H 1488 -68.31 -84.13 32.23
N PHE H 1489 -68.46 -85.35 31.68
CA PHE H 1489 -68.70 -85.47 30.25
C PHE H 1489 -69.95 -84.70 29.83
N LEU H 1490 -71.04 -84.90 30.57
CA LEU H 1490 -72.28 -84.21 30.24
C LEU H 1490 -72.10 -82.70 30.34
N LYS H 1491 -71.35 -82.24 31.33
CA LYS H 1491 -71.16 -80.80 31.50
C LYS H 1491 -70.40 -80.20 30.32
N GLU H 1492 -69.24 -80.78 29.97
CA GLU H 1492 -68.48 -80.23 28.84
C GLU H 1492 -69.27 -80.31 27.56
N ARG H 1493 -69.92 -81.44 27.30
CA ARG H 1493 -70.59 -81.62 26.02
C ARG H 1493 -71.85 -80.77 25.94
N THR H 1494 -72.52 -80.53 27.06
CA THR H 1494 -73.66 -79.62 27.07
C THR H 1494 -73.21 -78.19 26.79
N GLU H 1495 -72.09 -77.78 27.38
CA GLU H 1495 -71.55 -76.46 27.05
C GLU H 1495 -71.21 -76.35 25.57
N GLU H 1496 -70.62 -77.40 25.01
CA GLU H 1496 -70.29 -77.40 23.58
C GLU H 1496 -71.55 -77.31 22.72
N VAL H 1497 -72.58 -78.07 23.08
CA VAL H 1497 -73.83 -78.03 22.32
C VAL H 1497 -74.45 -76.63 22.41
N TYR H 1498 -74.41 -76.02 23.59
CA TYR H 1498 -74.98 -74.69 23.76
C TYR H 1498 -74.23 -73.66 22.92
N ARG H 1499 -72.90 -73.73 22.91
CA ARG H 1499 -72.14 -72.79 22.10
C ARG H 1499 -72.38 -73.01 20.61
N GLU H 1500 -72.47 -74.27 20.18
CA GLU H 1500 -72.77 -74.54 18.78
C GLU H 1500 -74.15 -74.00 18.42
N SER H 1501 -75.14 -74.19 19.29
CA SER H 1501 -76.48 -73.69 19.02
C SER H 1501 -76.51 -72.17 18.97
N LYS H 1502 -75.76 -71.52 19.87
CA LYS H 1502 -75.65 -70.07 19.80
C LYS H 1502 -75.07 -69.64 18.46
N ARG H 1503 -74.06 -70.35 17.98
CA ARG H 1503 -73.47 -69.98 16.70
C ARG H 1503 -74.44 -70.20 15.55
N GLN H 1504 -75.25 -71.26 15.60
CA GLN H 1504 -76.23 -71.47 14.54
C GLN H 1504 -77.30 -70.37 14.56
N VAL H 1505 -77.76 -69.99 15.76
CA VAL H 1505 -78.73 -68.90 15.86
C VAL H 1505 -78.13 -67.61 15.33
N SER H 1506 -76.88 -67.34 15.68
CA SER H 1506 -76.21 -66.14 15.19
C SER H 1506 -76.08 -66.16 13.67
N ASP H 1507 -75.74 -67.33 13.10
CA ASP H 1507 -75.60 -67.42 11.65
C ASP H 1507 -76.93 -67.25 10.95
N ALA H 1508 -78.00 -67.80 11.51
CA ALA H 1508 -79.32 -67.61 10.92
C ALA H 1508 -79.71 -66.14 10.96
N LYS H 1509 -79.46 -65.47 12.09
CA LYS H 1509 -79.78 -64.04 12.18
C LYS H 1509 -78.89 -63.22 11.26
N LYS H 1510 -77.67 -63.70 11.00
CA LYS H 1510 -76.79 -63.00 10.07
C LYS H 1510 -77.26 -63.18 8.63
N GLN H 1511 -77.77 -64.36 8.30
CA GLN H 1511 -78.22 -64.62 6.95
C GLN H 1511 -79.51 -63.87 6.65
N TRP H 1512 -80.48 -63.90 7.57
CA TRP H 1512 -81.79 -63.33 7.31
C TRP H 1512 -81.95 -61.90 7.81
N GLY H 1513 -81.25 -61.48 8.85
CA GLY H 1513 -81.31 -60.11 9.31
C GLY H 1513 -80.21 -59.18 8.84
N ASN H 1514 -78.96 -59.55 9.10
CA ASN H 1514 -77.84 -58.63 8.92
C ASN H 1514 -77.34 -58.61 7.49
N SER H 1515 -77.07 -59.78 6.92
CA SER H 1515 -76.31 -59.92 5.69
C SER H 1515 -77.10 -60.70 4.65
N PHE H 1516 -78.40 -60.41 4.53
CA PHE H 1516 -79.22 -61.09 3.54
C PHE H 1516 -78.93 -60.64 2.12
N TYR H 1517 -78.06 -59.64 1.93
CA TYR H 1517 -77.78 -59.07 0.62
C TYR H 1517 -76.38 -59.39 0.12
N LYS H 1518 -75.67 -60.32 0.77
CA LYS H 1518 -74.31 -60.65 0.33
C LYS H 1518 -74.30 -61.27 -1.06
N SER H 1519 -75.18 -62.24 -1.30
CA SER H 1519 -75.23 -62.94 -2.58
C SER H 1519 -76.11 -62.23 -3.60
N ASP H 1520 -77.27 -61.73 -3.17
CA ASP H 1520 -78.26 -61.16 -4.07
C ASP H 1520 -77.67 -59.98 -4.85
N PRO H 1521 -77.50 -60.09 -6.18
CA PRO H 1521 -77.02 -58.93 -6.94
C PRO H 1521 -78.10 -57.89 -7.19
N ARG H 1522 -79.38 -58.22 -6.97
CA ARG H 1522 -80.47 -57.27 -7.12
C ARG H 1522 -80.65 -56.38 -5.91
N ILE H 1523 -79.90 -56.60 -4.84
CA ILE H 1523 -79.92 -55.75 -3.64
C ILE H 1523 -78.54 -55.10 -3.55
N ALA H 1524 -78.51 -53.79 -3.67
CA ALA H 1524 -77.23 -53.09 -3.60
C ALA H 1524 -76.71 -53.12 -2.16
N PRO H 1525 -75.40 -52.91 -1.97
CA PRO H 1525 -74.89 -52.82 -0.59
C PRO H 1525 -75.60 -51.77 0.25
N LEU H 1526 -75.87 -50.60 -0.33
CA LEU H 1526 -76.52 -49.53 0.41
C LEU H 1526 -77.96 -49.90 0.78
N ARG H 1527 -78.74 -50.34 -0.22
CA ARG H 1527 -80.12 -50.70 0.03
C ARG H 1527 -80.21 -51.85 1.03
N GLY H 1528 -79.35 -52.86 0.88
CA GLY H 1528 -79.40 -53.98 1.79
C GLY H 1528 -78.98 -53.63 3.20
N ALA H 1529 -77.96 -52.77 3.33
CA ALA H 1529 -77.54 -52.32 4.65
C ALA H 1529 -78.67 -51.60 5.36
N LEU H 1530 -79.39 -50.75 4.64
CA LEU H 1530 -80.52 -50.06 5.26
C LEU H 1530 -81.68 -51.02 5.52
N ALA H 1531 -81.94 -51.93 4.58
CA ALA H 1531 -83.05 -52.87 4.74
C ALA H 1531 -82.80 -53.87 5.85
N ALA H 1532 -81.56 -54.01 6.31
CA ALA H 1532 -81.32 -54.76 7.53
C ALA H 1532 -82.07 -54.14 8.69
N PHE H 1533 -82.02 -52.81 8.81
CA PHE H 1533 -82.77 -52.07 9.82
C PHE H 1533 -84.16 -51.65 9.33
N ASN H 1534 -84.56 -52.13 8.15
CA ASN H 1534 -85.88 -51.86 7.61
C ASN H 1534 -86.01 -50.40 7.21
N LEU H 1535 -84.91 -49.83 6.73
CA LEU H 1535 -84.85 -48.47 6.24
C LEU H 1535 -84.71 -48.51 4.73
N THR H 1536 -85.46 -47.66 4.04
CA THR H 1536 -85.42 -47.59 2.60
C THR H 1536 -84.32 -46.63 2.14
N ILE H 1537 -84.10 -46.57 0.83
CA ILE H 1537 -83.14 -45.62 0.28
C ILE H 1537 -83.52 -44.20 0.68
N ASP H 1538 -84.81 -43.92 0.81
CA ASP H 1538 -85.30 -42.61 1.21
C ASP H 1538 -84.93 -42.24 2.64
N ASP H 1539 -84.47 -43.19 3.45
CA ASP H 1539 -84.25 -42.94 4.86
C ASP H 1539 -82.88 -42.37 5.18
N ILE H 1540 -81.99 -42.23 4.20
CA ILE H 1540 -80.76 -41.47 4.39
C ILE H 1540 -81.11 -40.00 4.26
N GLY H 1541 -81.09 -39.28 5.38
CA GLY H 1541 -81.52 -37.90 5.39
C GLY H 1541 -80.43 -36.91 5.06
N VAL H 1542 -79.18 -37.27 5.33
CA VAL H 1542 -78.05 -36.36 5.22
C VAL H 1542 -76.90 -37.07 4.55
N ALA H 1543 -76.10 -36.31 3.80
CA ALA H 1543 -74.88 -36.80 3.19
C ALA H 1543 -73.74 -35.87 3.60
N SER H 1544 -72.82 -36.39 4.40
CA SER H 1544 -71.63 -35.65 4.78
C SER H 1544 -70.64 -35.76 3.63
N PHE H 1545 -70.60 -34.73 2.80
CA PHE H 1545 -69.72 -34.70 1.64
C PHE H 1545 -68.28 -34.49 2.10
N HIS H 1546 -67.35 -35.10 1.36
CA HIS H 1546 -65.96 -34.69 1.47
C HIS H 1546 -65.84 -33.17 1.34
N GLY H 1547 -66.44 -32.62 0.28
CA GLY H 1547 -66.61 -31.18 0.13
C GLY H 1547 -65.35 -30.39 0.40
N THR H 1548 -64.34 -30.56 -0.44
CA THR H 1548 -63.03 -29.99 -0.18
C THR H 1548 -62.85 -28.58 -0.72
N SER H 1549 -63.89 -27.98 -1.32
CA SER H 1549 -63.77 -26.67 -1.94
C SER H 1549 -62.78 -26.70 -3.10
N THR H 1550 -62.74 -27.81 -3.83
CA THR H 1550 -62.01 -27.89 -5.09
C THR H 1550 -63.00 -28.20 -6.20
N VAL H 1551 -62.70 -27.68 -7.40
CA VAL H 1551 -63.63 -27.75 -8.51
C VAL H 1551 -64.02 -29.21 -8.79
N ALA H 1552 -63.03 -30.01 -9.15
CA ALA H 1552 -63.28 -31.39 -9.56
C ALA H 1552 -63.89 -32.20 -8.42
N ASN H 1553 -63.39 -32.03 -7.20
CA ASN H 1553 -63.87 -32.84 -6.10
C ASN H 1553 -65.35 -32.57 -5.83
N ASP H 1554 -65.73 -31.30 -5.72
CA ASP H 1554 -67.13 -30.99 -5.40
C ASP H 1554 -68.06 -31.41 -6.53
N LYS H 1555 -67.67 -31.17 -7.79
CA LYS H 1555 -68.52 -31.58 -8.89
C LYS H 1555 -68.68 -33.09 -8.91
N ASN H 1556 -67.57 -33.83 -8.78
CA ASN H 1556 -67.60 -35.28 -8.83
C ASN H 1556 -68.39 -35.85 -7.66
N GLU H 1557 -68.30 -35.23 -6.49
CA GLU H 1557 -69.05 -35.71 -5.33
C GLU H 1557 -70.55 -35.53 -5.52
N SER H 1558 -70.98 -34.34 -5.94
CA SER H 1558 -72.40 -34.12 -6.14
C SER H 1558 -72.92 -35.08 -7.20
N ALA H 1559 -72.15 -35.30 -8.26
CA ALA H 1559 -72.56 -36.25 -9.29
C ALA H 1559 -72.63 -37.67 -8.72
N THR H 1560 -71.64 -38.09 -7.95
CA THR H 1560 -71.63 -39.46 -7.43
C THR H 1560 -72.85 -39.70 -6.54
N ILE H 1561 -73.15 -38.77 -5.65
CA ILE H 1561 -74.32 -38.94 -4.79
C ILE H 1561 -75.60 -38.95 -5.61
N ASN H 1562 -75.70 -38.05 -6.59
CA ASN H 1562 -76.92 -37.99 -7.39
C ASN H 1562 -77.17 -39.29 -8.14
N ASN H 1563 -76.13 -39.83 -8.79
CA ASN H 1563 -76.31 -41.11 -9.48
C ASN H 1563 -76.55 -42.27 -8.52
N MET H 1564 -75.94 -42.24 -7.33
CA MET H 1564 -76.26 -43.28 -6.34
C MET H 1564 -77.76 -43.30 -6.05
N MET H 1565 -78.32 -42.14 -5.76
CA MET H 1565 -79.75 -42.11 -5.40
C MET H 1565 -80.63 -42.37 -6.61
N LYS H 1566 -80.23 -41.87 -7.78
CA LYS H 1566 -81.02 -42.10 -8.99
C LYS H 1566 -81.07 -43.59 -9.33
N HIS H 1567 -79.96 -44.31 -9.13
CA HIS H 1567 -79.96 -45.72 -9.42
C HIS H 1567 -80.70 -46.51 -8.35
N LEU H 1568 -80.56 -46.12 -7.08
CA LEU H 1568 -81.27 -46.80 -6.01
C LEU H 1568 -82.74 -46.38 -5.92
N GLY H 1569 -83.22 -45.55 -6.83
CA GLY H 1569 -84.64 -45.29 -6.88
C GLY H 1569 -85.13 -44.38 -5.79
N ARG H 1570 -84.28 -43.48 -5.33
CA ARG H 1570 -84.71 -42.43 -4.41
C ARG H 1570 -85.86 -41.67 -5.04
N SER H 1571 -86.94 -41.52 -4.28
CA SER H 1571 -88.13 -40.87 -4.81
C SER H 1571 -87.83 -39.42 -5.17
N GLU H 1572 -88.35 -38.98 -6.31
CA GLU H 1572 -88.14 -37.61 -6.75
C GLU H 1572 -88.69 -36.63 -5.74
N GLY H 1573 -87.93 -35.57 -5.46
CA GLY H 1573 -88.29 -34.63 -4.44
C GLY H 1573 -87.85 -35.01 -3.04
N ASN H 1574 -86.92 -35.95 -2.90
CA ASN H 1574 -86.38 -36.35 -1.61
C ASN H 1574 -84.86 -36.30 -1.66
N PRO H 1575 -84.29 -35.10 -1.80
CA PRO H 1575 -82.83 -34.99 -1.81
C PRO H 1575 -82.25 -35.19 -0.42
N VAL H 1576 -81.02 -35.66 -0.39
CA VAL H 1576 -80.22 -35.67 0.83
C VAL H 1576 -79.60 -34.30 1.03
N PHE H 1577 -79.58 -33.86 2.27
CA PHE H 1577 -78.98 -32.59 2.63
C PHE H 1577 -77.48 -32.78 2.73
N GLY H 1578 -76.70 -31.93 2.07
CA GLY H 1578 -75.27 -32.09 2.04
C GLY H 1578 -74.61 -31.27 3.13
N VAL H 1579 -73.77 -31.91 3.92
CA VAL H 1579 -72.98 -31.26 4.95
C VAL H 1579 -71.55 -31.17 4.44
N PHE H 1580 -70.93 -30.01 4.64
CA PHE H 1580 -69.64 -29.67 4.04
C PHE H 1580 -68.70 -29.13 5.11
N GLN H 1581 -68.56 -29.89 6.20
CA GLN H 1581 -67.78 -29.52 7.38
C GLN H 1581 -66.45 -28.84 7.10
N LYS H 1582 -65.84 -29.16 5.95
CA LYS H 1582 -64.52 -28.63 5.67
C LYS H 1582 -64.54 -27.11 5.49
N TYR H 1583 -65.71 -26.52 5.21
CA TYR H 1583 -65.80 -25.06 5.20
C TYR H 1583 -65.36 -24.48 6.54
N LEU H 1584 -65.64 -25.18 7.63
CA LEU H 1584 -65.39 -24.70 8.98
C LEU H 1584 -64.12 -25.28 9.57
N THR H 1585 -63.88 -26.57 9.35
CA THR H 1585 -62.75 -27.26 9.96
C THR H 1585 -61.55 -27.40 9.03
N GLY H 1586 -61.63 -26.92 7.80
CA GLY H 1586 -60.56 -27.19 6.86
C GLY H 1586 -60.53 -28.66 6.49
N HIS H 1587 -59.49 -29.03 5.75
CA HIS H 1587 -59.32 -30.38 5.22
C HIS H 1587 -58.07 -31.00 5.86
N PRO H 1588 -58.20 -31.82 6.92
CA PRO H 1588 -57.03 -32.38 7.59
C PRO H 1588 -56.56 -33.71 6.99
N LYS H 1589 -56.62 -33.83 5.66
CA LYS H 1589 -56.21 -35.05 4.98
C LYS H 1589 -56.84 -36.29 5.62
N GLY H 1590 -56.10 -36.99 6.48
CA GLY H 1590 -56.57 -38.28 6.97
C GLY H 1590 -57.60 -38.18 8.07
N ALA H 1591 -57.57 -37.10 8.86
CA ALA H 1591 -58.59 -36.90 9.88
C ALA H 1591 -59.92 -36.44 9.30
N ALA H 1592 -59.98 -36.23 7.98
CA ALA H 1592 -61.18 -35.71 7.35
C ALA H 1592 -62.37 -36.61 7.65
N GLY H 1593 -62.32 -37.86 7.18
CA GLY H 1593 -63.45 -38.75 7.36
C GLY H 1593 -63.83 -38.95 8.81
N ALA H 1594 -62.85 -38.85 9.70
CA ALA H 1594 -63.14 -38.96 11.13
C ALA H 1594 -63.98 -37.78 11.61
N TRP H 1595 -63.59 -36.57 11.21
CA TRP H 1595 -64.38 -35.40 11.59
C TRP H 1595 -65.78 -35.46 10.99
N MET H 1596 -65.88 -35.85 9.72
CA MET H 1596 -67.19 -35.93 9.09
C MET H 1596 -68.04 -37.05 9.71
N LEU H 1597 -67.40 -38.11 10.20
CA LEU H 1597 -68.15 -39.19 10.84
C LEU H 1597 -68.64 -38.76 12.22
N ASN H 1598 -67.79 -38.04 12.97
CA ASN H 1598 -68.23 -37.48 14.24
C ASN H 1598 -69.40 -36.52 14.01
N GLY H 1599 -69.31 -35.68 13.00
CA GLY H 1599 -70.40 -34.78 12.67
C GLY H 1599 -71.66 -35.52 12.26
N ALA H 1600 -71.51 -36.62 11.52
CA ALA H 1600 -72.67 -37.41 11.13
C ALA H 1600 -73.35 -38.03 12.34
N ILE H 1601 -72.55 -38.53 13.28
CA ILE H 1601 -73.11 -39.09 14.52
C ILE H 1601 -73.85 -38.01 15.30
N GLN H 1602 -73.26 -36.82 15.39
CA GLN H 1602 -73.92 -35.72 16.09
C GLN H 1602 -75.20 -35.29 15.38
N ILE H 1603 -75.20 -35.31 14.04
CA ILE H 1603 -76.40 -35.00 13.29
C ILE H 1603 -77.48 -36.04 13.57
N LEU H 1604 -77.10 -37.31 13.63
CA LEU H 1604 -78.07 -38.34 14.00
C LEU H 1604 -78.65 -38.08 15.38
N GLU H 1605 -77.79 -37.70 16.33
CA GLU H 1605 -78.24 -37.59 17.70
C GLU H 1605 -79.16 -36.39 17.88
N SER H 1606 -78.81 -35.25 17.30
CA SER H 1606 -79.55 -34.02 17.50
C SER H 1606 -80.72 -33.87 16.53
N GLY H 1607 -80.69 -34.53 15.39
CA GLY H 1607 -81.65 -34.26 14.35
C GLY H 1607 -81.38 -33.00 13.57
N LEU H 1608 -80.28 -32.32 13.84
CA LEU H 1608 -79.95 -31.03 13.24
C LEU H 1608 -78.99 -31.23 12.09
N VAL H 1609 -79.30 -30.63 10.96
CA VAL H 1609 -78.46 -30.68 9.77
C VAL H 1609 -77.72 -29.34 9.67
N PRO H 1610 -76.42 -29.27 9.92
CA PRO H 1610 -75.72 -27.99 9.76
C PRO H 1610 -75.70 -27.53 8.32
N GLY H 1611 -75.48 -26.25 8.13
CA GLY H 1611 -75.42 -25.64 6.82
C GLY H 1611 -74.04 -25.08 6.52
N ASN H 1612 -73.66 -25.14 5.25
CA ASN H 1612 -72.39 -24.60 4.82
C ASN H 1612 -72.47 -23.09 4.86
N ARG H 1613 -72.04 -22.50 5.98
CA ARG H 1613 -72.19 -21.06 6.16
C ARG H 1613 -71.33 -20.26 5.19
N ASN H 1614 -70.38 -20.90 4.52
CA ASN H 1614 -69.61 -20.27 3.47
C ASN H 1614 -70.19 -20.52 2.08
N ALA H 1615 -71.37 -21.15 1.99
CA ALA H 1615 -72.02 -21.39 0.71
C ALA H 1615 -72.69 -20.10 0.26
N ASP H 1616 -71.88 -19.20 -0.31
CA ASP H 1616 -72.40 -17.94 -0.80
C ASP H 1616 -73.30 -18.13 -2.01
N ASN H 1617 -72.89 -18.99 -2.95
CA ASN H 1617 -73.65 -19.20 -4.17
C ASN H 1617 -73.32 -20.60 -4.69
N VAL H 1618 -74.22 -21.55 -4.46
CA VAL H 1618 -73.99 -22.91 -4.93
C VAL H 1618 -73.87 -22.92 -6.44
N ASP H 1619 -72.86 -23.61 -6.95
CA ASP H 1619 -72.54 -23.58 -8.37
C ASP H 1619 -73.74 -24.00 -9.20
N LYS H 1620 -73.95 -23.27 -10.31
CA LYS H 1620 -75.08 -23.58 -11.18
C LYS H 1620 -74.97 -24.97 -11.76
N LEU H 1621 -73.75 -25.51 -11.87
CA LEU H 1621 -73.56 -26.88 -12.34
C LEU H 1621 -74.08 -27.90 -11.34
N LEU H 1622 -74.41 -27.50 -10.12
CA LEU H 1622 -74.99 -28.39 -9.12
C LEU H 1622 -76.51 -28.36 -9.11
N GLU H 1623 -77.16 -27.61 -9.99
CA GLU H 1623 -78.62 -27.64 -10.06
C GLU H 1623 -79.12 -28.94 -10.68
N GLN H 1624 -78.35 -29.51 -11.60
CA GLN H 1624 -78.76 -30.75 -12.25
C GLN H 1624 -78.86 -31.91 -11.28
N TYR H 1625 -78.21 -31.82 -10.12
CA TYR H 1625 -78.25 -32.88 -9.12
C TYR H 1625 -79.46 -32.65 -8.23
N GLU H 1626 -80.60 -33.18 -8.69
CA GLU H 1626 -81.87 -32.98 -7.99
C GLU H 1626 -81.94 -33.75 -6.67
N TYR H 1627 -81.10 -34.76 -6.48
CA TYR H 1627 -81.12 -35.57 -5.27
C TYR H 1627 -80.21 -35.03 -4.18
N VAL H 1628 -79.58 -33.87 -4.39
CA VAL H 1628 -78.72 -33.23 -3.40
C VAL H 1628 -79.26 -31.84 -3.14
N LEU H 1629 -79.48 -31.52 -1.87
CA LEU H 1629 -79.74 -30.17 -1.40
C LEU H 1629 -78.50 -29.67 -0.70
N TYR H 1630 -78.26 -28.36 -0.77
CA TYR H 1630 -77.02 -27.76 -0.25
C TYR H 1630 -77.38 -26.66 0.74
N PRO H 1631 -77.71 -27.00 1.98
CA PRO H 1631 -78.07 -25.97 2.96
C PRO H 1631 -76.90 -25.05 3.27
N SER H 1632 -77.22 -23.77 3.44
CA SER H 1632 -76.28 -22.77 3.94
C SER H 1632 -76.58 -22.35 5.37
N ARG H 1633 -77.56 -22.96 6.03
CA ARG H 1633 -77.91 -22.65 7.40
C ARG H 1633 -78.41 -23.91 8.08
N SER H 1634 -78.20 -23.98 9.39
CA SER H 1634 -78.60 -25.17 10.13
C SER H 1634 -80.12 -25.31 10.16
N ILE H 1635 -80.60 -26.52 9.88
CA ILE H 1635 -82.01 -26.85 9.88
C ILE H 1635 -82.26 -27.93 10.93
N GLN H 1636 -83.09 -27.62 11.91
CA GLN H 1636 -83.45 -28.58 12.94
C GLN H 1636 -84.62 -29.41 12.44
N THR H 1637 -84.36 -30.69 12.19
CA THR H 1637 -85.38 -31.62 11.70
C THR H 1637 -85.97 -32.40 12.86
N ASP H 1638 -87.01 -33.17 12.55
CA ASP H 1638 -87.64 -34.01 13.57
C ASP H 1638 -86.89 -35.32 13.78
N GLY H 1639 -85.83 -35.58 13.02
CA GLY H 1639 -85.00 -36.74 13.23
C GLY H 1639 -84.35 -37.22 11.95
N ILE H 1640 -83.05 -37.51 12.01
CA ILE H 1640 -82.29 -38.07 10.91
C ILE H 1640 -82.11 -39.55 11.19
N LYS H 1641 -82.50 -40.39 10.22
CA LYS H 1641 -82.47 -41.83 10.40
C LYS H 1641 -81.12 -42.42 10.00
N ALA H 1642 -80.52 -41.90 8.93
CA ALA H 1642 -79.21 -42.36 8.48
C ALA H 1642 -78.46 -41.21 7.83
N VAL H 1643 -77.13 -41.33 7.82
CA VAL H 1643 -76.24 -40.32 7.25
C VAL H 1643 -75.21 -41.05 6.39
N SER H 1644 -74.87 -40.46 5.26
CA SER H 1644 -73.91 -41.03 4.32
C SER H 1644 -72.65 -40.18 4.28
N VAL H 1645 -71.60 -40.64 4.94
CA VAL H 1645 -70.32 -39.94 5.00
C VAL H 1645 -69.46 -40.45 3.86
N THR H 1646 -69.12 -39.57 2.91
CA THR H 1646 -68.38 -39.97 1.73
C THR H 1646 -67.10 -39.16 1.64
N SER H 1647 -65.98 -39.85 1.39
CA SER H 1647 -64.66 -39.25 1.33
C SER H 1647 -63.99 -39.69 0.04
N PHE H 1648 -63.16 -38.82 -0.50
CA PHE H 1648 -62.43 -39.05 -1.76
C PHE H 1648 -61.00 -38.62 -1.55
N GLY H 1649 -60.08 -39.58 -1.62
CA GLY H 1649 -58.69 -39.30 -1.35
C GLY H 1649 -57.76 -39.62 -2.49
N PHE H 1650 -56.55 -39.09 -2.36
CA PHE H 1650 -55.56 -39.18 -3.43
C PHE H 1650 -55.22 -40.63 -3.68
N GLY H 1651 -55.05 -40.96 -4.96
CA GLY H 1651 -54.81 -42.34 -5.35
C GLY H 1651 -56.07 -43.14 -5.53
N GLN H 1652 -57.16 -42.48 -5.90
CA GLN H 1652 -58.44 -43.15 -6.14
C GLN H 1652 -58.94 -43.83 -4.87
N LYS H 1653 -58.90 -43.12 -3.74
CA LYS H 1653 -59.36 -43.67 -2.47
C LYS H 1653 -60.77 -43.16 -2.23
N GLY H 1654 -61.72 -43.68 -3.01
CA GLY H 1654 -63.11 -43.40 -2.76
C GLY H 1654 -63.54 -44.25 -1.58
N ALA H 1655 -64.35 -43.67 -0.70
CA ALA H 1655 -64.80 -44.39 0.48
C ALA H 1655 -66.15 -43.84 0.91
N GLN H 1656 -67.01 -44.74 1.36
CA GLN H 1656 -68.33 -44.36 1.83
C GLN H 1656 -68.61 -45.10 3.13
N ALA H 1657 -69.40 -44.48 3.98
CA ALA H 1657 -69.87 -45.07 5.22
C ALA H 1657 -71.31 -44.64 5.44
N VAL H 1658 -72.09 -45.51 6.05
CA VAL H 1658 -73.49 -45.24 6.35
C VAL H 1658 -73.69 -45.41 7.84
N VAL H 1659 -74.28 -44.40 8.47
CA VAL H 1659 -74.40 -44.31 9.92
C VAL H 1659 -75.89 -44.25 10.22
N VAL H 1660 -76.41 -45.30 10.87
CA VAL H 1660 -77.84 -45.41 11.17
C VAL H 1660 -78.05 -45.02 12.62
N HIS H 1661 -79.24 -44.50 12.91
CA HIS H 1661 -79.55 -44.07 14.27
C HIS H 1661 -79.56 -45.29 15.21
N PRO H 1662 -79.09 -45.15 16.46
CA PRO H 1662 -79.08 -46.30 17.36
C PRO H 1662 -80.47 -46.76 17.79
N ASP H 1663 -81.51 -45.99 17.48
CA ASP H 1663 -82.87 -46.43 17.78
C ASP H 1663 -83.20 -47.72 17.06
N TYR H 1664 -82.71 -47.87 15.82
CA TYR H 1664 -83.03 -49.05 15.05
C TYR H 1664 -82.21 -50.25 15.50
N LEU H 1665 -81.10 -50.02 16.20
CA LEU H 1665 -80.47 -51.09 16.94
C LEU H 1665 -81.31 -51.49 18.15
N PHE H 1666 -81.70 -50.50 18.95
CA PHE H 1666 -82.44 -50.81 20.17
C PHE H 1666 -83.79 -51.45 19.87
N ALA H 1667 -84.31 -51.26 18.66
CA ALA H 1667 -85.57 -51.90 18.27
C ALA H 1667 -85.44 -53.41 18.17
N VAL H 1668 -84.24 -53.95 17.96
CA VAL H 1668 -84.08 -55.39 17.83
C VAL H 1668 -83.91 -56.10 19.17
N LEU H 1669 -83.91 -55.37 20.27
CA LEU H 1669 -83.80 -55.95 21.60
C LEU H 1669 -85.19 -56.19 22.19
N ASP H 1670 -85.26 -57.12 23.14
CA ASP H 1670 -86.47 -57.28 23.93
C ASP H 1670 -86.51 -56.19 25.02
N ARG H 1671 -87.64 -56.13 25.72
CA ARG H 1671 -87.81 -55.08 26.73
C ARG H 1671 -86.75 -55.20 27.82
N SER H 1672 -86.61 -56.38 28.41
CA SER H 1672 -85.74 -56.55 29.58
C SER H 1672 -84.30 -56.20 29.25
N THR H 1673 -83.80 -56.66 28.11
CA THR H 1673 -82.43 -56.36 27.70
C THR H 1673 -82.23 -54.86 27.60
N TYR H 1674 -83.17 -54.16 26.97
CA TYR H 1674 -83.01 -52.72 26.77
C TYR H 1674 -83.05 -51.97 28.09
N GLU H 1675 -83.97 -52.35 29.00
CA GLU H 1675 -84.03 -51.66 30.28
C GLU H 1675 -82.77 -51.89 31.10
N GLU H 1676 -82.26 -53.13 31.11
CA GLU H 1676 -81.03 -53.41 31.83
C GLU H 1676 -79.87 -52.59 31.25
N TYR H 1677 -79.78 -52.55 29.92
CA TYR H 1677 -78.74 -51.75 29.28
C TYR H 1677 -78.89 -50.28 29.63
N ALA H 1678 -80.12 -49.76 29.67
CA ALA H 1678 -80.33 -48.36 29.98
C ALA H 1678 -79.89 -48.05 31.40
N THR H 1679 -80.19 -48.92 32.35
CA THR H 1679 -79.73 -48.73 33.72
C THR H 1679 -78.20 -48.71 33.78
N LYS H 1680 -77.56 -49.66 33.08
CA LYS H 1680 -76.10 -49.70 33.07
C LYS H 1680 -75.52 -48.42 32.47
N VAL H 1681 -76.13 -47.91 31.40
CA VAL H 1681 -75.64 -46.70 30.76
C VAL H 1681 -75.82 -45.49 31.67
N SER H 1682 -76.93 -45.44 32.40
CA SER H 1682 -77.10 -44.34 33.34
C SER H 1682 -76.02 -44.34 34.40
N ALA H 1683 -75.74 -45.52 34.98
CA ALA H 1683 -74.69 -45.60 35.99
C ALA H 1683 -73.33 -45.21 35.39
N ARG H 1684 -73.02 -45.74 34.21
CA ARG H 1684 -71.76 -45.41 33.55
C ARG H 1684 -71.69 -43.93 33.21
N ASN H 1685 -72.83 -43.32 32.86
CA ASN H 1685 -72.84 -41.91 32.53
C ASN H 1685 -72.51 -41.06 33.75
N LYS H 1686 -73.07 -41.41 34.91
CA LYS H 1686 -72.71 -40.68 36.12
C LYS H 1686 -71.24 -40.86 36.45
N LYS H 1687 -70.72 -42.08 36.31
CA LYS H 1687 -69.30 -42.31 36.58
C LYS H 1687 -68.42 -41.51 35.63
N THR H 1688 -68.77 -41.48 34.35
CA THR H 1688 -68.01 -40.74 33.36
C THR H 1688 -68.12 -39.23 33.59
N TYR H 1689 -69.29 -38.76 34.03
CA TYR H 1689 -69.44 -37.35 34.35
C TYR H 1689 -68.51 -36.94 35.49
N ARG H 1690 -68.45 -37.77 36.54
CA ARG H 1690 -67.53 -37.49 37.64
C ARG H 1690 -66.10 -37.47 37.14
N TYR H 1691 -65.72 -38.49 36.35
CA TYR H 1691 -64.36 -38.55 35.84
C TYR H 1691 -64.04 -37.33 34.97
N MET H 1692 -64.98 -36.91 34.13
CA MET H 1692 -64.73 -35.81 33.22
C MET H 1692 -64.54 -34.49 33.97
N HIS H 1693 -65.40 -34.24 34.96
CA HIS H 1693 -65.23 -33.02 35.74
C HIS H 1693 -63.91 -33.03 36.50
N ASN H 1694 -63.55 -34.16 37.10
CA ASN H 1694 -62.25 -34.26 37.77
C ASN H 1694 -61.11 -34.04 36.80
N ALA H 1695 -61.18 -34.63 35.61
CA ALA H 1695 -60.12 -34.52 34.62
C ALA H 1695 -59.95 -33.09 34.16
N ILE H 1696 -61.05 -32.39 33.91
CA ILE H 1696 -60.94 -31.00 33.47
C ILE H 1696 -60.38 -30.13 34.59
N THR H 1697 -60.82 -30.37 35.83
CA THR H 1697 -60.33 -29.54 36.92
C THR H 1697 -58.87 -29.81 37.27
N ARG H 1698 -58.36 -31.02 37.00
CA ARG H 1698 -57.04 -31.41 37.47
C ARG H 1698 -56.05 -31.75 36.36
N ASN H 1699 -56.40 -31.54 35.09
CA ASN H 1699 -55.49 -31.83 33.97
C ASN H 1699 -55.01 -33.28 34.01
N THR H 1700 -55.91 -34.20 34.34
CA THR H 1700 -55.60 -35.62 34.45
C THR H 1700 -56.50 -36.45 33.55
N MET H 1701 -56.89 -35.88 32.41
CA MET H 1701 -57.72 -36.62 31.46
C MET H 1701 -56.99 -37.84 30.93
N PHE H 1702 -55.75 -37.65 30.48
CA PHE H 1702 -54.89 -38.73 30.03
C PHE H 1702 -54.12 -39.28 31.22
N VAL H 1703 -54.35 -40.55 31.53
CA VAL H 1703 -53.60 -41.26 32.55
C VAL H 1703 -52.79 -42.32 31.82
N ALA H 1704 -51.51 -42.05 31.60
CA ALA H 1704 -50.63 -43.05 31.02
C ALA H 1704 -50.58 -44.27 31.93
N LYS H 1705 -50.70 -45.44 31.32
CA LYS H 1705 -50.62 -46.70 32.06
C LYS H 1705 -49.15 -47.10 32.13
N ASP H 1706 -48.63 -47.19 33.35
CA ASP H 1706 -47.23 -47.57 33.53
C ASP H 1706 -47.01 -49.07 33.34
N LYS H 1707 -47.98 -49.89 33.74
CA LYS H 1707 -47.83 -51.34 33.73
C LYS H 1707 -49.05 -51.95 33.06
N ALA H 1708 -48.82 -53.07 32.36
CA ALA H 1708 -49.88 -53.79 31.70
C ALA H 1708 -50.81 -54.42 32.74
N PRO H 1709 -52.02 -54.83 32.35
CA PRO H 1709 -52.91 -55.49 33.32
C PRO H 1709 -52.36 -56.81 33.84
N TYR H 1710 -51.37 -57.40 33.17
CA TYR H 1710 -50.76 -58.67 33.56
C TYR H 1710 -49.30 -58.45 33.90
N SER H 1711 -48.81 -59.23 34.85
CA SER H 1711 -47.40 -59.22 35.20
C SER H 1711 -46.58 -59.92 34.12
N ASP H 1712 -45.25 -59.82 34.24
CA ASP H 1712 -44.39 -60.51 33.28
C ASP H 1712 -44.56 -62.01 33.36
N GLU H 1713 -44.92 -62.54 34.54
CA GLU H 1713 -45.14 -63.98 34.68
C GLU H 1713 -46.45 -64.41 34.06
N LEU H 1714 -47.48 -63.56 34.11
CA LEU H 1714 -48.80 -63.88 33.59
C LEU H 1714 -49.04 -63.29 32.21
N GLU H 1715 -48.02 -62.72 31.56
CA GLU H 1715 -48.20 -62.16 30.23
C GLU H 1715 -48.62 -63.25 29.24
N GLN H 1716 -47.76 -64.25 29.04
CA GLN H 1716 -48.06 -65.29 28.06
C GLN H 1716 -49.20 -66.22 28.47
N PRO H 1717 -49.34 -66.63 29.73
CA PRO H 1717 -50.52 -67.42 30.10
C PRO H 1717 -51.83 -66.71 29.80
N VAL H 1718 -51.88 -65.39 29.97
CA VAL H 1718 -53.07 -64.63 29.58
C VAL H 1718 -53.19 -64.58 28.06
N TYR H 1719 -52.08 -64.42 27.34
CA TYR H 1719 -52.12 -64.43 25.88
C TYR H 1719 -52.72 -65.72 25.36
N LEU H 1720 -52.45 -66.84 26.02
CA LEU H 1720 -52.83 -68.14 25.51
C LEU H 1720 -54.16 -68.65 26.06
N ASP H 1721 -54.86 -67.85 26.86
CA ASP H 1721 -56.19 -68.20 27.36
C ASP H 1721 -57.21 -67.22 26.80
N PRO H 1722 -58.08 -67.60 25.86
CA PRO H 1722 -59.10 -66.65 25.39
C PRO H 1722 -60.12 -66.26 26.45
N LEU H 1723 -60.24 -67.02 27.54
CA LEU H 1723 -61.19 -66.76 28.60
C LEU H 1723 -60.61 -65.95 29.74
N ALA H 1724 -59.35 -65.54 29.65
CA ALA H 1724 -58.73 -64.80 30.74
C ALA H 1724 -59.31 -63.40 30.79
N ARG H 1725 -59.97 -63.07 31.90
CA ARG H 1725 -60.61 -61.77 32.09
C ARG H 1725 -59.95 -61.07 33.28
N VAL H 1726 -59.73 -59.78 33.13
CA VAL H 1726 -59.17 -58.97 34.21
C VAL H 1726 -60.17 -58.91 35.36
N GLU H 1727 -59.64 -58.84 36.59
CA GLU H 1727 -60.43 -58.68 37.79
C GLU H 1727 -59.93 -57.49 38.58
N GLU H 1728 -60.80 -56.95 39.42
CA GLU H 1728 -60.45 -55.78 40.23
C GLU H 1728 -59.67 -56.20 41.46
N ASN H 1729 -58.67 -55.39 41.81
CA ASN H 1729 -57.82 -55.64 42.97
C ASN H 1729 -57.21 -54.32 43.39
N LYS H 1730 -57.51 -53.88 44.61
CA LYS H 1730 -57.03 -52.60 45.12
C LYS H 1730 -57.45 -51.46 44.19
N LYS H 1731 -58.65 -51.56 43.64
CA LYS H 1731 -59.25 -50.59 42.72
C LYS H 1731 -58.57 -50.56 41.36
N LYS H 1732 -57.61 -51.46 41.09
CA LYS H 1732 -56.94 -51.53 39.80
C LYS H 1732 -57.37 -52.80 39.08
N LEU H 1733 -57.64 -52.69 37.79
CA LEU H 1733 -58.05 -53.82 36.97
C LEU H 1733 -56.80 -54.54 36.49
N VAL H 1734 -56.55 -55.74 37.04
CA VAL H 1734 -55.34 -56.50 36.74
C VAL H 1734 -55.69 -57.95 36.45
N PHE H 1735 -54.80 -58.64 35.75
CA PHE H 1735 -54.95 -60.06 35.51
C PHE H 1735 -54.39 -60.85 36.69
N SER H 1736 -55.11 -61.90 37.09
CA SER H 1736 -54.74 -62.76 38.20
C SER H 1736 -54.69 -64.20 37.73
N ASP H 1737 -53.75 -64.96 38.30
CA ASP H 1737 -53.58 -66.36 37.90
C ASP H 1737 -54.82 -67.21 38.21
N LYS H 1738 -55.71 -66.73 39.08
CA LYS H 1738 -56.93 -67.47 39.36
C LYS H 1738 -57.81 -67.60 38.10
N THR H 1739 -57.72 -66.65 37.19
CA THR H 1739 -58.57 -66.62 36.00
C THR H 1739 -57.90 -67.22 34.76
N ILE H 1740 -56.69 -67.76 34.90
CA ILE H 1740 -55.93 -68.27 33.76
C ILE H 1740 -56.07 -69.78 33.71
N GLN H 1741 -56.63 -70.28 32.61
CA GLN H 1741 -56.94 -71.70 32.47
C GLN H 1741 -57.79 -72.19 33.63
N SER H 1742 -58.72 -71.34 34.06
CA SER H 1742 -59.56 -71.65 35.21
C SER H 1742 -60.53 -72.77 34.88
N ASN H 1743 -60.86 -73.57 35.90
CA ASN H 1743 -61.76 -74.70 35.72
C ASN H 1743 -63.22 -74.29 35.58
N GLN H 1744 -63.58 -73.07 36.00
CA GLN H 1744 -64.96 -72.62 36.01
C GLN H 1744 -65.23 -71.50 35.01
N SER H 1745 -64.26 -71.15 34.17
CA SER H 1745 -64.41 -70.03 33.27
C SER H 1745 -64.97 -70.41 31.90
N TYR H 1746 -65.08 -71.70 31.59
CA TYR H 1746 -65.59 -72.17 30.30
C TYR H 1746 -67.03 -72.67 30.39
N VAL H 1747 -67.32 -73.57 31.33
CA VAL H 1747 -68.67 -74.09 31.50
C VAL H 1747 -69.41 -73.27 32.55
N THR I 3 -8.83 27.09 116.72
CA THR I 3 -9.59 27.15 115.48
C THR I 3 -8.67 27.42 114.30
N HIS I 4 -7.74 26.48 114.05
CA HIS I 4 -6.83 26.64 112.94
C HIS I 4 -7.55 26.40 111.62
N ARG I 5 -6.83 26.49 110.52
CA ARG I 5 -7.40 26.32 109.19
C ARG I 5 -6.31 25.85 108.22
N PRO I 6 -6.70 25.20 107.12
CA PRO I 6 -5.68 24.74 106.17
C PRO I 6 -5.31 25.84 105.19
N PHE I 7 -4.01 26.10 105.08
CA PHE I 7 -3.48 27.16 104.22
C PHE I 7 -2.42 26.54 103.33
N GLN I 8 -2.61 26.63 102.02
CA GLN I 8 -1.82 25.89 101.05
C GLN I 8 -1.09 26.85 100.12
N LEU I 9 0.17 26.49 99.80
CA LEU I 9 0.98 27.21 98.83
C LEU I 9 1.44 26.21 97.78
N THR I 10 1.30 26.58 96.51
CA THR I 10 1.61 25.67 95.40
C THR I 10 2.46 26.39 94.36
N HIS I 11 3.34 25.60 93.72
CA HIS I 11 4.13 26.05 92.57
C HIS I 11 4.21 24.83 91.64
N GLY I 12 3.32 24.78 90.66
CA GLY I 12 3.24 23.60 89.82
C GLY I 12 2.85 22.40 90.65
N SER I 13 3.62 21.32 90.53
CA SER I 13 3.37 20.14 91.34
C SER I 13 3.70 20.39 92.82
N ILE I 14 4.45 21.45 93.12
CA ILE I 14 4.75 21.76 94.52
C ILE I 14 3.45 22.08 95.24
N GLU I 15 3.34 21.60 96.47
CA GLU I 15 2.15 21.87 97.28
C GLU I 15 2.49 21.61 98.73
N HIS I 16 2.43 22.66 99.56
CA HIS I 16 2.65 22.54 100.99
C HIS I 16 1.47 23.17 101.72
N THR I 17 0.84 22.40 102.60
CA THR I 17 -0.30 22.85 103.38
C THR I 17 0.07 22.86 104.86
N LEU I 18 -0.30 23.94 105.55
CA LEU I 18 0.02 24.13 106.96
C LEU I 18 -1.21 24.63 107.69
N LEU I 19 -1.31 24.24 108.96
CA LEU I 19 -2.37 24.74 109.84
C LEU I 19 -1.97 26.12 110.33
N VAL I 20 -2.88 27.09 110.18
CA VAL I 20 -2.61 28.48 110.57
C VAL I 20 -3.80 28.99 111.36
N PRO I 21 -3.60 29.99 112.22
CA PRO I 21 -4.73 30.55 112.97
C PRO I 21 -5.78 31.14 112.05
N ASN I 22 -7.04 30.97 112.44
CA ASN I 22 -8.15 31.48 111.64
C ASN I 22 -8.11 33.00 111.54
N ASP I 23 -7.80 33.67 112.64
CA ASP I 23 -7.74 35.14 112.62
C ASP I 23 -6.66 35.64 111.69
N LEU I 24 -5.48 35.00 111.71
CA LEU I 24 -4.34 35.41 110.91
C LEU I 24 -4.34 34.81 109.51
N PHE I 25 -5.37 34.02 109.18
CA PHE I 25 -5.49 33.47 107.83
C PHE I 25 -5.54 34.56 106.77
N PHE I 26 -6.12 35.72 107.08
CA PHE I 26 -6.18 36.80 106.10
C PHE I 26 -4.78 37.30 105.77
N ASN I 27 -3.95 37.53 106.80
CA ASN I 27 -2.56 37.90 106.58
C ASN I 27 -1.86 36.83 105.75
N TYR I 28 -2.07 35.57 106.09
CA TYR I 28 -1.45 34.48 105.34
C TYR I 28 -1.87 34.50 103.88
N SER I 29 -3.15 34.76 103.62
CA SER I 29 -3.64 34.75 102.24
C SER I 29 -3.02 35.88 101.42
N GLN I 30 -2.98 37.09 101.99
CA GLN I 30 -2.40 38.20 101.25
C GLN I 30 -0.90 37.98 101.00
N LEU I 31 -0.20 37.44 102.00
CA LEU I 31 1.22 37.15 101.81
C LEU I 31 1.41 36.07 100.75
N LYS I 32 0.51 35.08 100.70
CA LYS I 32 0.57 34.07 99.65
C LYS I 32 0.37 34.69 98.28
N ASP I 33 -0.57 35.62 98.16
CA ASP I 33 -0.83 36.27 96.87
C ASP I 33 0.40 37.03 96.41
N GLU I 34 1.01 37.79 97.31
CA GLU I 34 2.24 38.49 96.97
C GLU I 34 3.35 37.50 96.61
N PHE I 35 3.41 36.36 97.31
CA PHE I 35 4.29 35.27 96.91
C PHE I 35 4.12 34.90 95.44
N ILE I 36 2.90 34.48 95.07
CA ILE I 36 2.74 33.92 93.73
C ILE I 36 2.86 35.01 92.68
N LYS I 37 2.76 36.28 93.11
CA LYS I 37 3.12 37.37 92.21
C LYS I 37 4.62 37.43 91.96
N THR I 38 5.44 37.34 93.02
CA THR I 38 6.88 37.41 92.85
C THR I 38 7.50 36.11 92.35
N LEU I 39 6.76 35.01 92.39
CA LEU I 39 7.33 33.72 91.99
C LEU I 39 7.41 33.64 90.46
N PRO I 40 8.55 33.21 89.89
CA PRO I 40 8.57 32.98 88.44
C PRO I 40 7.52 31.96 88.01
N GLU I 41 7.14 31.97 86.75
CA GLU I 41 6.10 31.07 86.28
C GLU I 41 6.56 29.63 86.43
N PRO I 42 5.68 28.69 86.82
CA PRO I 42 6.13 27.29 86.94
C PRO I 42 6.56 26.73 85.60
N THR I 43 7.57 25.87 85.65
CA THR I 43 8.08 25.19 84.47
C THR I 43 8.28 23.72 84.78
N GLU I 44 8.21 22.88 83.74
CA GLU I 44 8.45 21.46 83.91
C GLU I 44 9.88 21.23 84.41
N GLY I 45 10.01 20.42 85.46
CA GLY I 45 11.28 20.16 86.07
C GLY I 45 11.72 21.17 87.10
N PHE I 46 11.05 22.32 87.17
CA PHE I 46 11.37 23.36 88.15
C PHE I 46 12.83 23.81 88.00
N ALA I 47 13.30 23.92 86.76
CA ALA I 47 14.67 24.32 86.49
C ALA I 47 14.91 25.81 86.69
N GLY I 48 13.86 26.61 86.86
CA GLY I 48 14.02 28.04 87.08
C GLY I 48 14.85 28.33 88.31
N ASP I 49 15.76 29.30 88.20
CA ASP I 49 16.72 29.56 89.27
C ASP I 49 16.02 29.92 90.58
N ASP I 50 15.00 30.78 90.50
CA ASP I 50 14.21 31.16 91.66
C ASP I 50 13.01 30.25 91.88
N GLU I 51 12.83 29.23 91.06
CA GLU I 51 11.68 28.33 91.19
C GLU I 51 12.00 27.25 92.22
N PRO I 52 11.21 27.11 93.29
CA PRO I 52 11.44 26.00 94.23
C PRO I 52 11.24 24.64 93.58
N SER I 53 11.95 23.65 94.10
CA SER I 53 11.87 22.28 93.63
C SER I 53 11.35 21.31 94.68
N SER I 54 11.02 21.78 95.88
CA SER I 54 10.50 20.94 96.94
C SER I 54 9.54 21.75 97.80
N PRO I 55 8.63 21.09 98.52
CA PRO I 55 7.81 21.82 99.49
C PRO I 55 8.63 22.52 100.55
N ALA I 56 9.75 21.91 100.95
CA ALA I 56 10.65 22.58 101.89
C ALA I 56 11.19 23.87 101.30
N GLU I 57 11.60 23.85 100.04
CA GLU I 57 12.10 25.06 99.40
C GLU I 57 11.01 26.12 99.32
N LEU I 58 9.79 25.70 98.97
CA LEU I 58 8.68 26.65 98.87
C LEU I 58 8.38 27.29 100.22
N TYR I 59 8.33 26.48 101.29
CA TYR I 59 8.02 27.04 102.59
C TYR I 59 9.15 27.91 103.12
N GLY I 60 10.39 27.53 102.83
CA GLY I 60 11.51 28.38 103.17
C GLY I 60 11.42 29.73 102.49
N LYS I 61 11.04 29.73 101.21
CA LYS I 61 10.87 31.00 100.51
C LYS I 61 9.70 31.79 101.09
N PHE I 62 8.64 31.11 101.53
CA PHE I 62 7.56 31.80 102.23
C PHE I 62 8.07 32.50 103.47
N ILE I 63 8.89 31.79 104.26
CA ILE I 63 9.48 32.38 105.46
C ILE I 63 10.35 33.57 105.09
N GLY I 64 11.16 33.43 104.06
CA GLY I 64 12.04 34.52 103.64
C GLY I 64 11.26 35.75 103.22
N PHE I 65 10.15 35.55 102.50
CA PHE I 65 9.31 36.68 102.13
C PHE I 65 8.73 37.35 103.36
N ILE I 66 8.06 36.56 104.21
CA ILE I 66 7.32 37.16 105.32
C ILE I 66 8.24 37.77 106.36
N SER I 67 9.53 37.43 106.34
CA SER I 67 10.48 38.01 107.29
C SER I 67 10.42 39.54 107.29
N ASN I 68 10.17 40.14 106.13
CA ASN I 68 10.01 41.58 105.99
C ASN I 68 8.52 41.87 105.80
N ALA I 69 7.82 42.05 106.92
CA ALA I 69 6.40 42.37 106.89
C ALA I 69 5.99 42.87 108.26
N GLN I 70 4.71 43.25 108.38
CA GLN I 70 4.15 43.71 109.63
C GLN I 70 3.57 42.57 110.47
N PHE I 71 4.04 41.34 110.26
CA PHE I 71 3.51 40.16 110.94
C PHE I 71 4.67 39.33 111.49
N PRO I 72 5.39 39.87 112.47
CA PRO I 72 6.46 39.08 113.10
C PRO I 72 5.96 37.79 113.73
N GLN I 73 4.73 37.77 114.25
CA GLN I 73 4.19 36.52 114.75
C GLN I 73 3.96 35.52 113.62
N ILE I 74 3.59 36.01 112.43
CA ILE I 74 3.49 35.11 111.27
C ILE I 74 4.86 34.50 110.98
N VAL I 75 5.90 35.33 110.97
CA VAL I 75 7.21 34.78 110.61
C VAL I 75 7.69 33.81 111.68
N GLU I 76 7.40 34.11 112.95
CA GLU I 76 7.82 33.23 114.03
C GLU I 76 7.11 31.89 113.96
N LEU I 77 5.79 31.90 113.74
CA LEU I 77 5.06 30.63 113.73
C LEU I 77 5.38 29.84 112.47
N SER I 78 5.62 30.53 111.35
CA SER I 78 6.04 29.85 110.14
C SER I 78 7.40 29.18 110.33
N LEU I 79 8.33 29.88 110.97
CA LEU I 79 9.63 29.29 111.27
C LEU I 79 9.48 28.09 112.19
N LYS I 80 8.61 28.19 113.20
CA LYS I 80 8.37 27.08 114.10
C LYS I 80 7.83 25.87 113.35
N ASP I 81 6.87 26.10 112.46
CA ASP I 81 6.30 25.01 111.69
C ASP I 81 7.35 24.39 110.78
N PHE I 82 8.20 25.21 110.17
CA PHE I 82 9.26 24.66 109.32
C PHE I 82 10.22 23.80 110.15
N GLU I 83 10.59 24.26 111.34
CA GLU I 83 11.46 23.45 112.19
C GLU I 83 10.79 22.14 112.56
N SER I 84 9.50 22.20 112.90
CA SER I 84 8.80 20.99 113.32
C SER I 84 8.69 19.98 112.19
N ARG I 85 8.30 20.43 110.99
CA ARG I 85 8.10 19.51 109.88
C ARG I 85 9.43 19.00 109.33
N PHE I 86 10.34 19.92 109.04
CA PHE I 86 11.49 19.66 108.18
C PHE I 86 12.77 19.41 108.95
N LEU I 87 13.15 20.32 109.85
CA LEU I 87 14.25 20.03 110.76
C LEU I 87 13.85 19.02 111.83
N ASP I 88 12.56 18.67 111.92
CA ASP I 88 12.08 17.58 112.76
C ASP I 88 12.34 17.88 114.25
N ASN I 89 11.89 19.06 114.66
CA ASN I 89 12.07 19.53 116.03
C ASN I 89 13.56 19.65 116.37
N ASN I 90 14.35 20.09 115.39
CA ASN I 90 15.75 20.47 115.60
C ASN I 90 16.59 19.30 116.12
N ASN I 91 16.75 18.27 115.28
CA ASN I 91 17.83 17.31 115.47
C ASN I 91 18.96 17.54 114.49
N ASP I 92 18.65 18.09 113.32
CA ASP I 92 19.63 18.41 112.29
C ASP I 92 19.61 19.91 112.00
N ASN I 93 20.79 20.47 111.79
CA ASN I 93 20.90 21.88 111.47
C ASN I 93 20.37 22.14 110.05
N ILE I 94 20.15 23.42 109.76
CA ILE I 94 19.61 23.81 108.46
C ILE I 94 20.56 23.44 107.35
N HIS I 95 21.88 23.52 107.60
CA HIS I 95 22.84 23.09 106.60
C HIS I 95 22.75 21.60 106.32
N SER I 96 22.60 20.80 107.38
CA SER I 96 22.42 19.36 107.19
C SER I 96 21.15 19.08 106.40
N PHE I 97 20.07 19.79 106.70
CA PHE I 97 18.84 19.64 105.93
C PHE I 97 19.08 20.01 104.47
N ALA I 98 19.86 21.06 104.23
CA ALA I 98 20.14 21.50 102.87
C ALA I 98 20.87 20.43 102.07
N VAL I 99 21.93 19.86 102.64
CA VAL I 99 22.64 18.81 101.91
C VAL I 99 21.78 17.56 101.78
N LYS I 100 20.93 17.27 102.78
CA LYS I 100 20.02 16.13 102.64
C LYS I 100 19.08 16.31 101.46
N LEU I 101 18.55 17.52 101.28
CA LEU I 101 17.71 17.80 100.11
C LEU I 101 18.51 17.71 98.82
N LEU I 102 19.74 18.23 98.82
CA LEU I 102 20.56 18.15 97.62
C LEU I 102 20.82 16.70 97.24
N ASP I 103 20.89 15.81 98.22
CA ASP I 103 21.03 14.38 97.96
C ASP I 103 19.72 13.70 97.60
N ASP I 104 18.58 14.22 98.08
CA ASP I 104 17.28 13.60 97.82
C ASP I 104 16.99 13.60 96.32
N GLU I 105 16.54 12.45 95.81
CA GLU I 105 16.24 12.32 94.39
C GLU I 105 14.78 12.62 94.09
N THR I 106 13.89 12.47 95.07
CA THR I 106 12.46 12.68 94.82
C THR I 106 12.18 14.13 94.40
N TYR I 107 12.95 15.08 94.93
CA TYR I 107 12.81 16.50 94.63
C TYR I 107 14.17 17.01 94.17
N PRO I 108 14.52 16.90 92.88
CA PRO I 108 15.87 17.30 92.46
C PRO I 108 16.02 18.81 92.46
N THR I 109 17.16 19.28 92.98
CA THR I 109 17.43 20.71 93.12
C THR I 109 18.92 20.93 92.93
N THR I 110 19.31 22.20 92.98
CA THR I 110 20.70 22.62 92.85
C THR I 110 21.18 23.20 94.17
N ILE I 111 22.51 23.33 94.31
CA ILE I 111 23.08 23.88 95.53
C ILE I 111 22.64 25.32 95.72
N ALA I 112 22.65 26.11 94.65
CA ALA I 112 22.22 27.50 94.75
C ALA I 112 20.74 27.60 95.12
N LYS I 113 19.90 26.75 94.52
CA LYS I 113 18.48 26.73 94.87
C LYS I 113 18.31 26.41 96.34
N VAL I 114 18.99 25.37 96.83
CA VAL I 114 18.88 24.97 98.23
C VAL I 114 19.31 26.13 99.13
N LYS I 115 20.46 26.72 98.84
CA LYS I 115 20.96 27.85 99.63
C LYS I 115 19.93 28.96 99.71
N GLU I 116 19.58 29.53 98.56
CA GLU I 116 18.72 30.71 98.54
C GLU I 116 17.35 30.41 99.13
N ASN I 117 16.80 29.22 98.86
CA ASN I 117 15.43 28.93 99.24
C ASN I 117 15.30 28.41 100.67
N ILE I 118 16.39 28.03 101.33
CA ILE I 118 16.29 27.53 102.70
C ILE I 118 17.17 28.32 103.65
N VAL I 119 18.48 28.37 103.41
CA VAL I 119 19.39 28.86 104.44
C VAL I 119 19.26 30.37 104.61
N LYS I 120 19.24 31.10 103.49
CA LYS I 120 19.09 32.54 103.54
C LYS I 120 17.80 32.93 104.26
N ASN I 121 16.70 32.28 103.90
CA ASN I 121 15.41 32.61 104.49
C ASN I 121 15.36 32.23 105.97
N TYR I 122 15.91 31.06 106.31
CA TYR I 122 15.90 30.62 107.70
C TYR I 122 16.66 31.59 108.58
N TYR I 123 17.83 32.05 108.13
CA TYR I 123 18.62 32.96 108.94
C TYR I 123 18.13 34.39 108.84
N LYS I 124 17.30 34.72 107.85
CA LYS I 124 16.63 36.01 107.84
C LYS I 124 15.50 36.05 108.85
N ALA I 125 14.76 34.94 108.98
CA ALA I 125 13.59 34.93 109.86
C ALA I 125 13.95 34.62 111.31
N VAL I 126 14.98 33.81 111.54
CA VAL I 126 15.37 33.49 112.91
C VAL I 126 15.94 34.74 113.57
N LYS I 127 15.45 35.04 114.77
CA LYS I 127 15.91 36.20 115.54
C LYS I 127 16.84 35.82 116.69
N SER I 128 16.70 34.60 117.22
CA SER I 128 17.57 34.13 118.29
C SER I 128 17.95 32.68 118.02
N ILE I 129 19.24 32.37 118.17
CA ILE I 129 19.78 31.03 117.95
C ILE I 129 20.18 30.47 119.29
N ASN I 130 19.60 29.33 119.66
CA ASN I 130 19.92 28.68 120.92
C ASN I 130 21.22 27.89 120.81
N LYS I 131 21.92 27.80 121.93
CA LYS I 131 23.16 27.03 121.98
C LYS I 131 22.87 25.57 121.64
N VAL I 132 23.63 25.04 120.68
CA VAL I 132 23.51 23.65 120.24
C VAL I 132 24.91 23.05 120.18
N GLU I 133 25.03 21.81 120.66
CA GLU I 133 26.29 21.08 120.65
C GLU I 133 26.28 20.14 119.45
N SER I 134 27.09 20.46 118.44
CA SER I 134 27.14 19.64 117.24
C SER I 134 27.77 18.29 117.55
N ASN I 135 27.66 17.36 116.58
CA ASN I 135 28.34 16.08 116.71
C ASN I 135 29.85 16.28 116.77
N LEU I 136 30.36 17.18 115.94
CA LEU I 136 31.79 17.46 115.92
C LEU I 136 32.26 18.01 117.27
N LEU I 137 31.51 18.98 117.81
CA LEU I 137 31.89 19.55 119.10
C LEU I 137 31.71 18.53 120.23
N TYR I 138 30.75 17.61 120.08
CA TYR I 138 30.60 16.55 121.07
C TYR I 138 31.83 15.66 121.07
N HIS I 139 32.29 15.24 119.88
CA HIS I 139 33.46 14.38 119.80
C HIS I 139 34.74 15.13 120.16
N CYS I 140 34.71 16.46 120.07
CA CYS I 140 35.88 17.25 120.46
C CYS I 140 36.26 17.02 121.91
N LYS I 141 35.25 16.86 122.78
CA LYS I 141 35.49 16.73 124.21
C LYS I 141 36.14 15.40 124.60
N HIS I 142 36.01 14.37 123.76
CA HIS I 142 36.48 13.03 124.10
C HIS I 142 37.62 12.57 123.19
N ASP I 143 37.44 12.58 121.86
CA ASP I 143 38.39 11.96 120.95
C ASP I 143 38.83 12.86 119.80
N ALA I 144 37.96 13.73 119.29
CA ALA I 144 38.31 14.55 118.13
C ALA I 144 39.20 15.70 118.56
N LYS I 145 40.22 15.98 117.74
CA LYS I 145 41.14 17.11 117.94
C LYS I 145 40.89 18.11 116.82
N LEU I 146 40.16 19.16 117.13
CA LEU I 146 39.78 20.17 116.15
C LEU I 146 40.80 21.29 116.10
N VAL I 147 41.20 21.66 114.89
CA VAL I 147 42.17 22.72 114.66
C VAL I 147 41.66 23.58 113.51
N ALA I 148 42.19 24.80 113.42
CA ALA I 148 41.73 25.78 112.45
C ALA I 148 42.86 26.24 111.54
N ILE I 149 42.57 26.40 110.26
CA ILE I 149 43.52 26.94 109.30
C ILE I 149 42.84 28.04 108.50
N PHE I 150 43.52 29.19 108.42
CA PHE I 150 43.04 30.33 107.65
C PHE I 150 43.92 30.52 106.43
N GLY I 151 43.29 30.56 105.25
CA GLY I 151 44.02 30.69 104.01
C GLY I 151 44.52 32.10 103.79
N GLY I 152 45.16 32.29 102.63
CA GLY I 152 45.72 33.57 102.25
C GLY I 152 45.22 34.05 100.91
N GLN I 153 46.11 34.60 100.10
CA GLN I 153 45.77 35.08 98.77
C GLN I 153 46.11 34.04 97.71
N GLY I 154 45.58 34.25 96.51
CA GLY I 154 45.85 33.38 95.39
C GLY I 154 44.93 32.19 95.26
N ASN I 155 44.05 31.95 96.25
CA ASN I 155 43.16 30.81 96.18
C ASN I 155 42.17 30.95 95.02
N THR I 156 41.66 32.15 94.80
CA THR I 156 40.69 32.40 93.75
C THR I 156 40.89 33.80 93.19
N ASP I 157 40.52 33.99 91.93
CA ASP I 157 40.65 35.26 91.24
C ASP I 157 39.40 36.12 91.33
N ASP I 158 38.36 35.65 92.01
CA ASP I 158 37.14 36.43 92.25
C ASP I 158 36.72 36.26 93.71
N TYR I 159 37.67 36.44 94.61
CA TYR I 159 37.45 36.15 96.02
C TYR I 159 36.28 36.94 96.61
N PHE I 160 35.99 38.11 96.05
CA PHE I 160 34.92 38.93 96.62
C PHE I 160 33.56 38.25 96.49
N GLU I 161 33.41 37.35 95.52
CA GLU I 161 32.14 36.66 95.35
C GLU I 161 31.77 35.88 96.60
N GLU I 162 32.76 35.33 97.31
CA GLU I 162 32.48 34.65 98.55
C GLU I 162 31.92 35.61 99.60
N LEU I 163 32.46 36.82 99.66
CA LEU I 163 31.92 37.81 100.59
C LEU I 163 30.50 38.20 100.22
N ARG I 164 30.21 38.34 98.92
CA ARG I 164 28.84 38.66 98.52
C ARG I 164 27.90 37.51 98.89
N GLU I 165 28.33 36.28 98.69
CA GLU I 165 27.51 35.13 99.07
C GLU I 165 27.25 35.12 100.57
N LEU I 166 28.29 35.38 101.37
CA LEU I 166 28.11 35.41 102.82
C LEU I 166 27.16 36.52 103.24
N TYR I 167 27.30 37.70 102.63
CA TYR I 167 26.37 38.79 102.94
C TYR I 167 24.95 38.41 102.59
N THR I 168 24.75 37.85 101.39
CA THR I 168 23.40 37.51 100.94
C THR I 168 22.77 36.46 101.84
N LEU I 169 23.54 35.45 102.25
CA LEU I 169 22.98 34.36 103.05
C LEU I 169 22.81 34.73 104.52
N TYR I 170 23.70 35.56 105.08
CA TYR I 170 23.78 35.78 106.52
C TYR I 170 23.87 37.26 106.84
N GLN I 171 23.00 38.09 106.28
CA GLN I 171 22.96 39.50 106.64
C GLN I 171 22.79 39.67 108.15
N GLY I 172 21.75 39.04 108.70
CA GLY I 172 21.40 39.24 110.09
C GLY I 172 22.43 38.72 111.08
N LEU I 173 23.43 37.97 110.61
CA LEU I 173 24.43 37.35 111.47
C LEU I 173 25.76 38.06 111.45
N ILE I 174 26.08 38.80 110.40
CA ILE I 174 27.36 39.48 110.25
C ILE I 174 27.21 40.96 109.92
N GLU I 175 25.98 41.50 110.01
CA GLU I 175 25.80 42.92 109.72
C GLU I 175 26.60 43.79 110.66
N ASP I 176 26.56 43.51 111.95
CA ASP I 176 27.27 44.33 112.92
C ASP I 176 28.78 44.28 112.69
N LEU I 177 29.31 43.08 112.45
CA LEU I 177 30.74 42.95 112.19
C LEU I 177 31.14 43.70 110.92
N LEU I 178 30.36 43.55 109.86
CA LEU I 178 30.68 44.24 108.61
C LEU I 178 30.61 45.75 108.80
N VAL I 179 29.62 46.23 109.54
CA VAL I 179 29.48 47.68 109.74
C VAL I 179 30.65 48.22 110.54
N SER I 180 31.04 47.53 111.61
CA SER I 180 32.16 47.99 112.42
C SER I 180 33.45 48.00 111.60
N ILE I 181 33.69 46.93 110.84
CA ILE I 181 34.90 46.86 110.04
C ILE I 181 34.89 47.93 108.96
N ALA I 182 33.73 48.15 108.33
CA ALA I 182 33.65 49.17 107.29
C ALA I 182 33.89 50.56 107.86
N GLU I 183 33.38 50.82 109.07
CA GLU I 183 33.66 52.11 109.71
C GLU I 183 35.15 52.28 109.99
N LYS I 184 35.81 51.22 110.48
CA LYS I 184 37.24 51.31 110.74
C LYS I 184 38.01 51.54 109.44
N LEU I 185 37.62 50.84 108.37
CA LEU I 185 38.26 51.03 107.08
C LEU I 185 38.06 52.44 106.56
N ASN I 186 36.86 52.99 106.73
CA ASN I 186 36.60 54.37 106.33
C ASN I 186 37.47 55.33 107.12
N GLN I 187 37.67 55.05 108.41
CA GLN I 187 38.55 55.88 109.21
C GLN I 187 39.99 55.81 108.72
N LEU I 188 40.45 54.61 108.34
CA LEU I 188 41.88 54.42 108.08
C LEU I 188 42.30 54.75 106.66
N HIS I 189 41.52 54.36 105.65
CA HIS I 189 41.99 54.47 104.27
C HIS I 189 42.28 55.89 103.79
N PRO I 190 41.67 56.97 104.31
CA PRO I 190 42.11 58.29 103.84
C PRO I 190 43.58 58.59 104.09
N SER I 191 44.21 57.89 105.03
CA SER I 191 45.66 57.98 105.17
C SER I 191 46.39 57.48 103.93
N PHE I 192 45.74 56.64 103.11
CA PHE I 192 46.29 56.13 101.87
C PHE I 192 45.33 56.42 100.71
N ASP I 193 44.88 57.68 100.64
CA ASP I 193 43.96 58.07 99.58
C ASP I 193 44.61 57.94 98.20
N LYS I 194 45.93 58.07 98.13
CA LYS I 194 46.60 57.94 96.84
C LYS I 194 46.49 56.52 96.30
N ILE I 195 46.45 55.53 97.20
CA ILE I 195 46.39 54.14 96.79
C ILE I 195 44.95 53.71 96.52
N TYR I 196 44.03 54.09 97.42
CA TYR I 196 42.63 53.69 97.31
C TYR I 196 41.89 54.69 96.42
N THR I 197 42.10 54.54 95.11
CA THR I 197 41.45 55.43 94.16
C THR I 197 39.93 55.22 94.18
N GLN I 198 39.47 53.99 94.04
CA GLN I 198 38.05 53.69 93.97
C GLN I 198 37.41 53.56 95.35
N GLY I 199 38.16 53.83 96.41
CA GLY I 199 37.63 53.73 97.77
C GLY I 199 37.71 52.33 98.32
N LEU I 200 37.31 52.21 99.58
CA LEU I 200 37.31 50.93 100.28
C LEU I 200 36.03 50.80 101.12
N ASN I 201 34.90 51.15 100.51
CA ASN I 201 33.60 51.07 101.17
C ASN I 201 32.96 49.75 100.74
N ILE I 202 33.32 48.68 101.44
CA ILE I 202 32.84 47.34 101.06
C ILE I 202 31.34 47.21 101.26
N LEU I 203 30.77 47.95 102.21
CA LEU I 203 29.33 47.88 102.44
C LEU I 203 28.54 48.33 101.22
N SER I 204 28.99 49.44 100.61
CA SER I 204 28.32 49.92 99.40
C SER I 204 28.46 48.91 98.27
N TRP I 205 29.63 48.27 98.17
CA TRP I 205 29.83 47.28 97.11
C TRP I 205 28.92 46.07 97.31
N LEU I 206 28.72 45.66 98.56
CA LEU I 206 27.85 44.52 98.84
C LEU I 206 26.39 44.87 98.60
N LYS I 207 25.94 46.02 99.09
CA LYS I 207 24.53 46.38 98.96
C LYS I 207 24.16 46.80 97.55
N HIS I 208 25.09 47.39 96.80
CA HIS I 208 24.86 47.91 95.46
C HIS I 208 25.94 47.36 94.55
N PRO I 209 25.75 46.17 93.97
CA PRO I 209 26.83 45.58 93.16
C PRO I 209 27.26 46.42 91.98
N GLU I 210 26.39 47.29 91.46
CA GLU I 210 26.78 48.15 90.36
C GLU I 210 27.95 49.07 90.71
N THR I 211 28.15 49.35 92.00
CA THR I 211 29.20 50.25 92.45
C THR I 211 30.52 49.54 92.76
N THR I 212 30.59 48.23 92.56
CA THR I 212 31.82 47.51 92.87
C THR I 212 32.94 47.95 91.92
N PRO I 213 34.16 48.15 92.42
CA PRO I 213 35.28 48.38 91.51
C PRO I 213 35.57 47.14 90.67
N ASP I 214 36.50 47.30 89.74
CA ASP I 214 36.82 46.22 88.82
C ASP I 214 37.61 45.12 89.52
N GLN I 215 37.71 43.99 88.83
CA GLN I 215 38.43 42.83 89.39
C GLN I 215 39.87 43.18 89.68
N ASP I 216 40.48 44.04 88.86
CA ASP I 216 41.88 44.43 89.08
C ASP I 216 42.00 45.15 90.42
N TYR I 217 41.14 46.13 90.67
CA TYR I 217 41.21 46.88 91.91
C TYR I 217 40.90 45.99 93.10
N LEU I 218 39.92 45.08 92.95
CA LEU I 218 39.61 44.17 94.04
C LEU I 218 40.78 43.27 94.36
N LEU I 219 41.45 42.73 93.33
CA LEU I 219 42.61 41.87 93.55
C LEU I 219 43.85 42.66 93.98
N SER I 220 43.81 43.99 93.91
CA SER I 220 44.91 44.79 94.42
C SER I 220 45.16 44.46 95.88
N VAL I 221 46.46 44.40 96.25
CA VAL I 221 46.82 43.91 97.58
C VAL I 221 46.24 44.77 98.70
N PRO I 222 46.28 46.10 98.65
CA PRO I 222 45.69 46.88 99.74
C PRO I 222 44.21 46.62 99.94
N VAL I 223 43.51 46.17 98.90
CA VAL I 223 42.11 45.78 99.02
C VAL I 223 41.98 44.28 99.25
N SER I 224 42.82 43.48 98.61
CA SER I 224 42.71 42.03 98.74
C SER I 224 42.97 41.57 100.17
N CYS I 225 43.98 42.14 100.82
CA CYS I 225 44.33 41.71 102.17
C CYS I 225 43.20 41.96 103.17
N PRO I 226 42.78 43.20 103.42
CA PRO I 226 41.71 43.40 104.42
C PRO I 226 40.41 42.72 104.07
N VAL I 227 40.05 42.64 102.79
CA VAL I 227 38.78 42.02 102.42
C VAL I 227 38.83 40.51 102.63
N ILE I 228 39.98 39.89 102.33
CA ILE I 228 40.13 38.47 102.63
C ILE I 228 40.06 38.23 104.13
N CYS I 229 40.67 39.14 104.91
CA CYS I 229 40.54 39.04 106.36
C CYS I 229 39.10 39.14 106.79
N VAL I 230 38.33 40.03 106.16
CA VAL I 230 36.92 40.17 106.48
C VAL I 230 36.17 38.90 106.14
N ILE I 231 36.51 38.27 105.02
CA ILE I 231 35.84 37.02 104.63
C ILE I 231 36.11 35.94 105.69
N GLN I 232 37.37 35.83 106.11
CA GLN I 232 37.72 34.81 107.10
C GLN I 232 37.03 35.07 108.43
N LEU I 233 37.04 36.33 108.88
CA LEU I 233 36.40 36.67 110.14
C LEU I 233 34.88 36.48 110.06
N CYS I 234 34.29 36.76 108.91
CA CYS I 234 32.86 36.53 108.72
C CYS I 234 32.55 35.03 108.79
N HIS I 235 33.41 34.20 108.20
CA HIS I 235 33.19 32.76 108.30
C HIS I 235 33.29 32.29 109.75
N TYR I 236 34.29 32.78 110.48
CA TYR I 236 34.42 32.41 111.89
C TYR I 236 33.20 32.86 112.69
N THR I 237 32.73 34.08 112.45
CA THR I 237 31.55 34.59 113.14
C THR I 237 30.32 33.77 112.79
N ILE I 238 30.17 33.39 111.51
CA ILE I 238 29.01 32.61 111.11
C ILE I 238 29.02 31.25 111.81
N THR I 239 30.18 30.60 111.84
CA THR I 239 30.28 29.32 112.54
C THR I 239 29.92 29.48 114.01
N CYS I 240 30.52 30.47 114.68
CA CYS I 240 30.29 30.64 116.11
C CYS I 240 28.83 30.95 116.41
N LYS I 241 28.20 31.83 115.62
CA LYS I 241 26.84 32.23 115.92
C LYS I 241 25.84 31.15 115.51
N VAL I 242 26.12 30.41 114.45
CA VAL I 242 25.25 29.31 114.05
C VAL I 242 25.25 28.24 115.13
N LEU I 243 26.43 27.91 115.66
CA LEU I 243 26.47 26.95 116.75
C LEU I 243 26.11 27.55 118.11
N GLY I 244 25.96 28.87 118.18
CA GLY I 244 25.43 29.50 119.38
C GLY I 244 26.44 29.76 120.48
N LEU I 245 27.73 29.65 120.20
CA LEU I 245 28.78 29.89 121.18
C LEU I 245 29.44 31.24 120.94
N THR I 246 30.11 31.74 121.97
CA THR I 246 30.92 32.93 121.84
C THR I 246 32.24 32.58 121.14
N PRO I 247 32.97 33.59 120.65
CA PRO I 247 34.28 33.29 120.05
C PRO I 247 35.21 32.54 120.99
N GLY I 248 35.26 32.91 122.27
CA GLY I 248 36.10 32.18 123.20
C GLY I 248 35.63 30.77 123.44
N GLU I 249 34.32 30.57 123.52
CA GLU I 249 33.77 29.22 123.70
C GLU I 249 34.14 28.34 122.51
N PHE I 250 34.04 28.87 121.30
CA PHE I 250 34.44 28.10 120.12
C PHE I 250 35.95 27.87 120.11
N ARG I 251 36.72 28.87 120.53
CA ARG I 251 38.17 28.73 120.57
C ARG I 251 38.59 27.62 121.51
N ASN I 252 37.90 27.49 122.65
CA ASN I 252 38.24 26.44 123.61
C ASN I 252 38.11 25.05 123.01
N SER I 253 37.28 24.90 121.97
CA SER I 253 37.15 23.63 121.28
C SER I 253 38.28 23.34 120.30
N LEU I 254 39.13 24.33 120.02
CA LEU I 254 40.19 24.20 119.01
C LEU I 254 41.51 23.88 119.71
N LYS I 255 42.16 22.79 119.28
CA LYS I 255 43.46 22.44 119.85
C LYS I 255 44.52 23.46 119.44
N TRP I 256 44.52 23.89 118.18
CA TRP I 256 45.39 24.97 117.75
C TRP I 256 44.89 25.53 116.43
N SER I 257 45.47 26.67 116.05
CA SER I 257 45.12 27.33 114.80
C SER I 257 46.38 27.85 114.13
N THR I 258 46.29 28.04 112.82
CA THR I 258 47.41 28.59 112.06
C THR I 258 46.87 29.18 110.76
N GLY I 259 47.78 29.72 109.95
CA GLY I 259 47.38 30.43 108.75
C GLY I 259 48.44 30.42 107.68
N HIS I 260 47.98 30.48 106.45
CA HIS I 260 48.80 30.50 105.25
C HIS I 260 48.82 31.93 104.72
N SER I 261 50.01 32.54 104.73
CA SER I 261 50.17 33.93 104.31
C SER I 261 49.33 34.81 105.25
N GLN I 262 48.42 35.64 104.75
CA GLN I 262 47.71 36.58 105.61
C GLN I 262 46.78 35.90 106.61
N GLY I 263 46.47 34.62 106.42
CA GLY I 263 45.59 33.93 107.36
C GLY I 263 46.15 33.82 108.76
N LEU I 264 47.47 33.98 108.92
CA LEU I 264 48.06 33.95 110.25
C LEU I 264 47.48 35.06 111.12
N VAL I 265 47.16 36.20 110.51
CA VAL I 265 46.58 37.30 111.27
C VAL I 265 45.23 36.89 111.83
N THR I 266 44.39 36.26 111.01
CA THR I 266 43.09 35.82 111.48
C THR I 266 43.21 34.72 112.52
N ALA I 267 44.19 33.83 112.35
CA ALA I 267 44.45 32.82 113.37
C ALA I 267 44.78 33.47 114.70
N VAL I 268 45.63 34.50 114.67
CA VAL I 268 45.97 35.21 115.89
C VAL I 268 44.74 35.87 116.49
N THR I 269 43.88 36.44 115.65
CA THR I 269 42.69 37.11 116.16
C THR I 269 41.77 36.12 116.87
N ILE I 270 41.52 34.96 116.26
CA ILE I 270 40.63 34.00 116.92
C ILE I 270 41.29 33.45 118.17
N ALA I 271 42.62 33.33 118.18
CA ALA I 271 43.31 32.87 119.38
C ALA I 271 43.16 33.89 120.52
N ALA I 272 43.26 35.17 120.20
CA ALA I 272 43.20 36.23 121.20
C ALA I 272 41.78 36.61 121.60
N SER I 273 40.77 36.19 120.84
CA SER I 273 39.39 36.60 121.09
C SER I 273 38.76 35.68 122.14
N ASP I 274 38.15 36.28 123.16
CA ASP I 274 37.43 35.56 124.20
C ASP I 274 35.94 35.84 124.18
N SER I 275 35.54 37.10 124.31
CA SER I 275 34.14 37.52 124.23
C SER I 275 33.88 38.15 122.87
N TRP I 276 32.64 38.57 122.67
CA TRP I 276 32.29 39.19 121.39
C TRP I 276 32.96 40.55 121.24
N ASP I 277 33.03 41.32 122.33
CA ASP I 277 33.72 42.61 122.27
C ASP I 277 35.21 42.43 121.99
N SER I 278 35.83 41.46 122.65
CA SER I 278 37.24 41.19 122.39
C SER I 278 37.46 40.72 120.96
N PHE I 279 36.53 39.90 120.45
CA PHE I 279 36.63 39.45 119.07
C PHE I 279 36.52 40.62 118.11
N LEU I 280 35.60 41.55 118.38
CA LEU I 280 35.48 42.73 117.53
C LEU I 280 36.75 43.57 117.57
N LYS I 281 37.32 43.75 118.77
CA LYS I 281 38.55 44.52 118.90
C LYS I 281 39.67 43.87 118.10
N ASN I 282 39.81 42.54 118.21
CA ASN I 282 40.86 41.84 117.49
C ASN I 282 40.62 41.89 115.99
N SER I 283 39.36 41.79 115.57
CA SER I 283 39.05 41.87 114.15
C SER I 283 39.42 43.24 113.59
N LEU I 284 39.09 44.31 114.30
CA LEU I 284 39.46 45.64 113.84
C LEU I 284 40.98 45.80 113.81
N THR I 285 41.67 45.29 114.83
CA THR I 285 43.12 45.37 114.87
C THR I 285 43.74 44.66 113.66
N ALA I 286 43.23 43.46 113.36
CA ALA I 286 43.75 42.71 112.23
C ALA I 286 43.43 43.39 110.90
N VAL I 287 42.24 43.96 110.78
CA VAL I 287 41.88 44.64 109.55
C VAL I 287 42.81 45.82 109.33
N SER I 288 43.08 46.59 110.39
CA SER I 288 44.03 47.70 110.28
C SER I 288 45.41 47.19 109.91
N LEU I 289 45.86 46.11 110.56
CA LEU I 289 47.20 45.58 110.30
C LEU I 289 47.35 45.16 108.85
N LEU I 290 46.36 44.43 108.33
CA LEU I 290 46.47 43.94 106.96
C LEU I 290 46.26 45.06 105.94
N LEU I 291 45.47 46.08 106.28
CA LEU I 291 45.37 47.26 105.42
C LEU I 291 46.72 47.93 105.30
N PHE I 292 47.41 48.13 106.42
CA PHE I 292 48.74 48.74 106.38
C PHE I 292 49.72 47.85 105.64
N ILE I 293 49.62 46.54 105.85
CA ILE I 293 50.51 45.59 105.17
C ILE I 293 50.36 45.73 103.66
N GLY I 294 49.12 45.69 103.17
CA GLY I 294 48.89 45.80 101.75
C GLY I 294 49.33 47.14 101.20
N SER I 295 49.00 48.23 101.90
CA SER I 295 49.38 49.56 101.43
C SER I 295 50.89 49.69 101.30
N ARG I 296 51.63 49.33 102.35
CA ARG I 296 53.07 49.49 102.31
C ARG I 296 53.73 48.51 101.34
N CYS I 297 53.20 47.29 101.22
CA CYS I 297 53.74 46.36 100.25
C CYS I 297 53.57 46.87 98.83
N LEU I 298 52.38 47.40 98.51
CA LEU I 298 52.16 47.94 97.17
C LEU I 298 53.03 49.16 96.93
N SER I 299 53.20 50.00 97.94
CA SER I 299 54.09 51.16 97.79
C SER I 299 55.52 50.71 97.53
N THR I 300 55.99 49.71 98.27
CA THR I 300 57.36 49.23 98.09
C THR I 300 57.56 48.60 96.73
N TYR I 301 56.60 47.81 96.26
CA TYR I 301 56.70 47.11 94.98
C TYR I 301 55.45 47.42 94.16
N PRO I 302 55.43 48.54 93.45
CA PRO I 302 54.24 48.89 92.65
C PRO I 302 53.97 47.83 91.59
N ARG I 303 52.68 47.62 91.32
CA ARG I 303 52.24 46.62 90.36
C ARG I 303 52.55 47.10 88.95
N THR I 304 53.52 46.47 88.31
CA THR I 304 53.89 46.76 86.93
C THR I 304 53.22 45.77 85.99
N SER I 305 53.12 46.16 84.72
CA SER I 305 52.52 45.35 83.68
C SER I 305 53.61 44.74 82.82
N LEU I 306 53.50 43.43 82.58
CA LEU I 306 54.45 42.76 81.70
C LEU I 306 54.12 43.08 80.25
N PRO I 307 55.08 42.96 79.34
CA PRO I 307 54.79 43.18 77.93
C PRO I 307 53.71 42.23 77.46
N PRO I 308 52.72 42.72 76.69
CA PRO I 308 51.62 41.83 76.28
C PRO I 308 52.03 40.63 75.45
N THR I 309 53.15 40.68 74.74
CA THR I 309 53.59 39.48 74.03
C THR I 309 53.83 38.34 75.02
N MET I 310 54.55 38.63 76.10
CA MET I 310 54.78 37.62 77.13
C MET I 310 53.47 37.26 77.82
N LEU I 311 52.61 38.25 78.08
CA LEU I 311 51.34 37.96 78.75
C LEU I 311 50.49 37.00 77.92
N GLN I 312 50.32 37.29 76.63
CA GLN I 312 49.46 36.48 75.78
C GLN I 312 50.08 35.12 75.51
N ASP I 313 51.42 35.05 75.39
CA ASP I 313 52.07 33.76 75.25
C ASP I 313 51.81 32.90 76.49
N SER I 314 51.92 33.49 77.68
CA SER I 314 51.62 32.74 78.90
C SER I 314 50.17 32.30 78.94
N LEU I 315 49.25 33.19 78.55
CA LEU I 315 47.83 32.85 78.59
C LEU I 315 47.51 31.70 77.64
N ASP I 316 48.03 31.76 76.41
CA ASP I 316 47.81 30.68 75.46
C ASP I 316 48.44 29.39 75.96
N ASN I 317 49.62 29.48 76.57
CA ASN I 317 50.26 28.31 77.16
C ASN I 317 49.51 27.78 78.37
N GLY I 318 48.62 28.56 78.96
CA GLY I 318 47.89 28.16 80.14
C GLY I 318 48.56 28.53 81.45
N GLU I 319 49.61 29.35 81.42
CA GLU I 319 50.35 29.71 82.61
C GLU I 319 49.69 30.83 83.41
N GLY I 320 48.59 31.39 82.94
CA GLY I 320 47.91 32.46 83.63
C GLY I 320 48.55 33.81 83.38
N ARG I 321 47.92 34.84 83.92
CA ARG I 321 48.42 36.20 83.74
C ARG I 321 49.70 36.38 84.54
N PRO I 322 50.77 36.96 83.97
CA PRO I 322 52.00 37.13 84.76
C PRO I 322 51.76 37.95 86.02
N SER I 323 52.43 37.56 87.09
CA SER I 323 52.25 38.15 88.40
C SER I 323 53.48 37.84 89.24
N PRO I 324 53.69 38.56 90.35
CA PRO I 324 54.89 38.29 91.17
C PRO I 324 54.89 36.96 91.91
N MET I 325 53.89 36.10 91.72
CA MET I 325 53.85 34.79 92.37
C MET I 325 53.46 33.73 91.34
N LEU I 326 54.25 32.66 91.27
CA LEU I 326 54.08 31.60 90.29
C LEU I 326 54.04 30.26 91.01
N SER I 327 52.91 29.56 90.92
CA SER I 327 52.71 28.29 91.59
C SER I 327 53.14 27.15 90.66
N VAL I 328 54.08 26.33 91.15
CA VAL I 328 54.54 25.13 90.47
C VAL I 328 54.05 23.93 91.25
N ARG I 329 53.79 22.83 90.55
CA ARG I 329 53.27 21.60 91.16
C ARG I 329 53.92 20.40 90.49
N ASP I 330 53.85 19.26 91.18
CA ASP I 330 54.29 17.97 90.69
C ASP I 330 55.81 17.90 90.49
N LEU I 331 56.57 18.82 91.09
CA LEU I 331 58.03 18.83 91.00
C LEU I 331 58.60 18.84 92.41
N SER I 332 59.72 18.15 92.59
CA SER I 332 60.38 18.12 93.88
C SER I 332 61.12 19.44 94.12
N ILE I 333 61.50 19.65 95.39
CA ILE I 333 62.25 20.84 95.75
C ILE I 333 63.57 20.87 95.00
N LYS I 334 64.21 19.71 94.83
CA LYS I 334 65.47 19.67 94.10
C LYS I 334 65.29 20.11 92.65
N GLN I 335 64.26 19.60 91.98
CA GLN I 335 64.01 19.97 90.59
C GLN I 335 63.70 21.46 90.46
N VAL I 336 62.84 21.97 91.34
CA VAL I 336 62.48 23.39 91.29
C VAL I 336 63.68 24.25 91.61
N GLU I 337 64.55 23.79 92.51
CA GLU I 337 65.74 24.55 92.87
C GLU I 337 66.69 24.60 91.66
N LYS I 338 66.83 23.47 90.96
CA LYS I 338 67.68 23.45 89.77
C LYS I 338 67.15 24.41 88.71
N PHE I 339 65.85 24.40 88.47
CA PHE I 339 65.29 25.33 87.49
C PHE I 339 65.45 26.78 87.95
N ILE I 340 65.32 27.02 89.25
CA ILE I 340 65.50 28.36 89.79
C ILE I 340 66.94 28.82 89.59
N GLU I 341 67.90 27.92 89.74
CA GLU I 341 69.29 28.25 89.44
C GLU I 341 69.45 28.59 87.96
N GLN I 342 68.87 27.76 87.09
CA GLN I 342 68.94 28.00 85.66
C GLN I 342 68.39 29.38 85.29
N THR I 343 67.38 29.84 86.03
CA THR I 343 66.80 31.15 85.76
C THR I 343 67.61 32.28 86.41
N ASN I 344 68.08 32.06 87.64
CA ASN I 344 68.68 33.15 88.42
C ASN I 344 70.10 33.45 87.98
N SER I 345 70.84 32.45 87.47
CA SER I 345 72.20 32.70 87.06
C SER I 345 72.30 33.68 85.88
N HIS I 346 71.19 33.92 85.17
CA HIS I 346 71.14 34.87 84.08
C HIS I 346 70.69 36.26 84.52
N LEU I 347 70.47 36.47 85.81
CA LEU I 347 69.87 37.69 86.32
C LEU I 347 70.69 38.26 87.47
N PRO I 348 70.55 39.56 87.77
CA PRO I 348 71.26 40.12 88.93
C PRO I 348 70.57 39.80 90.25
N ARG I 349 71.13 40.28 91.36
CA ARG I 349 70.56 39.98 92.67
C ARG I 349 69.17 40.59 92.83
N GLU I 350 68.99 41.84 92.38
CA GLU I 350 67.72 42.52 92.59
C GLU I 350 66.56 41.87 91.84
N LYS I 351 66.85 41.03 90.84
CA LYS I 351 65.83 40.31 90.09
C LYS I 351 65.91 38.80 90.29
N HIS I 352 66.49 38.36 91.41
CA HIS I 352 66.55 36.93 91.70
C HIS I 352 65.18 36.39 92.06
N ILE I 353 64.97 35.12 91.73
CA ILE I 353 63.79 34.39 92.15
C ILE I 353 64.13 33.65 93.44
N ALA I 354 63.19 33.67 94.39
CA ALA I 354 63.36 33.01 95.68
C ALA I 354 62.14 32.14 95.96
N ILE I 355 62.37 31.05 96.69
CA ILE I 355 61.27 30.19 97.12
C ILE I 355 60.53 30.90 98.24
N SER I 356 59.20 31.00 98.09
CA SER I 356 58.36 31.77 99.00
C SER I 356 57.41 30.92 99.81
N LEU I 357 56.70 30.00 99.17
CA LEU I 357 55.71 29.16 99.85
C LEU I 357 56.00 27.70 99.53
N ILE I 358 56.58 26.98 100.51
CA ILE I 358 56.75 25.53 100.38
C ILE I 358 55.46 24.92 100.91
N ASN I 359 54.45 24.88 100.04
CA ASN I 359 53.14 24.36 100.44
C ASN I 359 53.21 22.88 100.77
N GLY I 360 53.92 22.11 99.95
CA GLY I 360 54.04 20.68 100.17
C GLY I 360 55.18 20.12 99.37
N ALA I 361 55.24 18.78 99.34
CA ALA I 361 56.28 18.12 98.56
C ALA I 361 56.15 18.46 97.08
N ARG I 362 54.93 18.47 96.56
CA ARG I 362 54.65 18.70 95.14
C ARG I 362 53.82 19.95 94.94
N ASN I 363 54.12 21.00 95.71
CA ASN I 363 53.37 22.26 95.63
C ASN I 363 54.27 23.36 96.17
N LEU I 364 54.69 24.28 95.31
CA LEU I 364 55.52 25.40 95.72
C LEU I 364 55.04 26.65 95.00
N VAL I 365 55.42 27.81 95.55
CA VAL I 365 55.17 29.10 94.93
C VAL I 365 56.47 29.88 94.94
N LEU I 366 56.88 30.36 93.76
CA LEU I 366 58.09 31.16 93.59
C LEU I 366 57.69 32.62 93.48
N SER I 367 58.39 33.48 94.18
CA SER I 367 58.11 34.91 94.17
C SER I 367 59.33 35.68 93.68
N GLY I 368 59.08 36.68 92.86
CA GLY I 368 60.12 37.49 92.26
C GLY I 368 59.51 38.39 91.21
N PRO I 369 60.34 39.01 90.38
CA PRO I 369 59.82 39.80 89.26
C PRO I 369 58.98 38.93 88.34
N PRO I 370 57.85 39.43 87.83
CA PRO I 370 57.07 38.62 86.88
C PRO I 370 57.86 38.26 85.63
N GLU I 371 58.79 39.11 85.19
CA GLU I 371 59.62 38.74 84.04
C GLU I 371 60.51 37.54 84.37
N SER I 372 61.09 37.51 85.57
CA SER I 372 61.91 36.38 85.96
C SER I 372 61.07 35.11 86.10
N LEU I 373 59.86 35.25 86.65
CA LEU I 373 58.99 34.09 86.77
C LEU I 373 58.56 33.59 85.40
N TYR I 374 58.38 34.51 84.44
CA TYR I 374 58.06 34.09 83.07
C TYR I 374 59.23 33.37 82.42
N GLY I 375 60.45 33.84 82.68
CA GLY I 375 61.61 33.12 82.20
C GLY I 375 61.71 31.72 82.78
N PHE I 376 61.43 31.60 84.08
CA PHE I 376 61.37 30.29 84.72
C PHE I 376 60.30 29.42 84.04
N ASN I 377 59.14 30.01 83.75
CA ASN I 377 58.07 29.25 83.10
C ASN I 377 58.49 28.77 81.72
N LEU I 378 59.18 29.63 80.95
CA LEU I 378 59.60 29.23 79.62
C LEU I 378 60.67 28.13 79.67
N ASN I 379 61.62 28.24 80.60
CA ASN I 379 62.58 27.16 80.78
C ASN I 379 61.87 25.86 81.12
N LEU I 380 60.91 25.92 82.05
CA LEU I 380 60.19 24.72 82.44
C LEU I 380 59.43 24.14 81.26
N ARG I 381 58.79 25.00 80.45
CA ARG I 381 58.05 24.53 79.28
C ARG I 381 59.00 23.83 78.31
N ASN I 382 60.16 24.42 78.07
CA ASN I 382 61.15 23.79 77.20
C ASN I 382 61.53 22.42 77.72
N GLN I 383 61.62 22.26 79.04
CA GLN I 383 61.97 20.98 79.65
C GLN I 383 60.75 20.18 80.11
N LYS I 384 59.55 20.50 79.64
CA LYS I 384 58.31 19.90 80.11
C LYS I 384 57.69 19.01 79.04
N ALA I 385 56.86 18.07 79.49
CA ALA I 385 56.20 17.16 78.58
C ALA I 385 55.24 17.92 77.67
N PRO I 386 55.08 17.49 76.41
CA PRO I 386 54.00 18.06 75.59
C PRO I 386 52.64 17.68 76.16
N MET I 387 51.66 18.54 75.91
CA MET I 387 50.31 18.29 76.39
C MET I 387 49.76 17.01 75.76
N GLY I 388 49.56 16.00 76.59
CA GLY I 388 48.99 14.74 76.14
C GLY I 388 49.97 13.76 75.53
N LEU I 389 51.27 13.95 75.73
CA LEU I 389 52.24 12.99 75.23
C LEU I 389 52.00 11.63 75.89
N ASP I 390 52.02 10.58 75.07
CA ASP I 390 51.91 9.21 75.57
C ASP I 390 53.31 8.69 75.85
N GLN I 391 53.61 8.49 77.14
CA GLN I 391 54.92 8.00 77.58
C GLN I 391 54.81 6.70 78.37
N SER I 392 53.74 5.94 78.15
CA SER I 392 53.61 4.65 78.83
C SER I 392 54.73 3.69 78.41
N ARG I 393 55.11 3.72 77.14
CA ARG I 393 56.16 2.87 76.60
C ARG I 393 57.51 3.57 76.52
N VAL I 394 57.80 4.46 77.48
CA VAL I 394 59.05 5.23 77.50
C VAL I 394 59.65 5.06 78.88
N PRO I 395 60.98 4.99 79.04
CA PRO I 395 61.55 4.86 80.38
C PRO I 395 61.17 6.05 81.27
N PHE I 396 61.06 5.76 82.58
CA PHE I 396 60.63 6.81 83.51
C PHE I 396 61.66 7.91 83.61
N SER I 397 62.95 7.57 83.58
CA SER I 397 63.98 8.59 83.61
C SER I 397 64.01 9.40 82.33
N GLU I 398 63.56 8.82 81.22
CA GLU I 398 63.41 9.54 79.96
C GLU I 398 62.05 10.19 79.80
N ARG I 399 61.11 9.93 80.72
CA ARG I 399 59.83 10.60 80.66
C ARG I 399 60.00 12.09 80.94
N LYS I 400 59.22 12.90 80.25
CA LYS I 400 59.28 14.35 80.44
C LYS I 400 58.51 14.70 81.72
N LEU I 401 58.42 16.00 82.00
CA LEU I 401 57.83 16.48 83.26
C LEU I 401 56.37 16.82 83.05
N LYS I 402 55.54 16.40 84.00
CA LYS I 402 54.11 16.73 84.03
C LYS I 402 53.88 17.62 85.25
N CYS I 403 53.91 18.94 85.02
CA CYS I 403 53.78 19.91 86.09
C CYS I 403 52.79 20.99 85.68
N SER I 404 52.16 21.60 86.68
CA SER I 404 51.19 22.67 86.48
C SER I 404 51.83 23.96 86.98
N ASN I 405 52.48 24.69 86.07
CA ASN I 405 53.07 25.98 86.39
C ASN I 405 52.05 27.04 85.98
N ARG I 406 51.57 27.82 86.95
CA ARG I 406 50.53 28.80 86.71
C ARG I 406 50.73 30.00 87.60
N PHE I 407 50.64 31.20 87.04
CA PHE I 407 50.76 32.41 87.83
C PHE I 407 49.55 32.57 88.74
N LEU I 408 49.80 32.87 90.01
CA LEU I 408 48.71 33.07 90.96
C LEU I 408 48.16 34.49 90.83
N PRO I 409 46.90 34.71 91.21
CA PRO I 409 46.34 36.08 91.19
C PRO I 409 46.72 36.88 92.43
N ILE I 410 48.03 37.09 92.61
CA ILE I 410 48.58 37.88 93.70
C ILE I 410 49.48 38.94 93.08
N PHE I 411 49.29 40.20 93.46
CA PHE I 411 49.97 41.32 92.82
C PHE I 411 51.15 41.86 93.62
N ALA I 412 51.62 41.12 94.63
CA ALA I 412 52.83 41.49 95.35
C ALA I 412 53.71 40.27 95.53
N PRO I 413 55.05 40.45 95.59
CA PRO I 413 55.93 39.30 95.86
C PRO I 413 56.00 39.01 97.37
N PHE I 414 54.93 38.41 97.88
CA PHE I 414 54.85 38.13 99.30
C PHE I 414 55.91 37.13 99.71
N HIS I 415 56.48 37.34 100.89
CA HIS I 415 57.54 36.49 101.42
C HIS I 415 58.78 36.53 100.53
N SER I 416 59.30 37.74 100.33
CA SER I 416 60.50 37.94 99.54
C SER I 416 61.25 39.16 100.04
N HIS I 417 62.53 39.22 99.68
CA HIS I 417 63.35 40.38 100.05
C HIS I 417 62.86 41.66 99.38
N LEU I 418 62.10 41.55 98.28
CA LEU I 418 61.60 42.73 97.59
C LEU I 418 60.70 43.56 98.49
N LEU I 419 59.98 42.92 99.41
CA LEU I 419 59.12 43.60 100.36
C LEU I 419 59.79 43.77 101.73
N ALA I 420 61.10 43.54 101.82
CA ALA I 420 61.79 43.70 103.10
C ALA I 420 61.73 45.15 103.58
N ASP I 421 61.73 46.10 102.64
CA ASP I 421 61.71 47.51 103.02
C ASP I 421 60.34 47.96 103.51
N ALA I 422 59.31 47.12 103.38
CA ALA I 422 57.99 47.45 103.91
C ALA I 422 57.85 47.09 105.38
N THR I 423 58.72 46.23 105.92
CA THR I 423 58.56 45.75 107.29
C THR I 423 58.65 46.88 108.29
N GLU I 424 59.72 47.67 108.23
CA GLU I 424 59.88 48.77 109.18
C GLU I 424 58.76 49.79 109.04
N LEU I 425 58.29 50.04 107.82
CA LEU I 425 57.19 50.98 107.62
C LEU I 425 55.91 50.45 108.27
N ILE I 426 55.64 49.17 108.11
CA ILE I 426 54.45 48.59 108.73
C ILE I 426 54.58 48.63 110.25
N LEU I 427 55.79 48.40 110.76
CA LEU I 427 56.03 48.49 112.19
C LEU I 427 55.76 49.89 112.69
N ASP I 428 56.19 50.90 111.93
CA ASP I 428 55.89 52.29 112.30
C ASP I 428 54.38 52.53 112.33
N ASP I 429 53.68 52.03 111.31
CA ASP I 429 52.24 52.23 111.24
C ASP I 429 51.54 51.61 112.46
N VAL I 430 51.89 50.37 112.79
CA VAL I 430 51.21 49.69 113.88
C VAL I 430 51.56 50.34 115.22
N LYS I 431 52.82 50.77 115.40
CA LYS I 431 53.15 51.40 116.69
C LYS I 431 52.47 52.76 116.82
N GLU I 432 52.18 53.43 115.69
CA GLU I 432 51.51 54.72 115.80
C GLU I 432 50.03 54.54 116.04
N HIS I 433 49.43 53.49 115.48
CA HIS I 433 48.01 53.20 115.70
C HIS I 433 47.76 52.35 116.93
N GLY I 434 48.80 51.95 117.65
CA GLY I 434 48.62 51.20 118.88
C GLY I 434 47.96 49.86 118.67
N LEU I 435 48.42 49.12 117.65
CA LEU I 435 47.85 47.82 117.31
C LEU I 435 48.75 46.73 117.88
N SER I 436 48.15 45.80 118.63
CA SER I 436 48.88 44.68 119.18
C SER I 436 47.89 43.60 119.60
N PHE I 437 48.35 42.35 119.57
CA PHE I 437 47.58 41.20 120.02
C PHE I 437 48.19 40.66 121.31
N GLU I 438 47.31 40.19 122.19
CA GLU I 438 47.74 39.66 123.48
C GLU I 438 46.71 38.67 123.99
N GLY I 439 47.10 37.91 125.01
CA GLY I 439 46.22 36.94 125.61
C GLY I 439 45.84 35.78 124.72
N LEU I 440 46.79 35.21 124.00
CA LEU I 440 46.53 34.00 123.22
C LEU I 440 46.23 32.85 124.17
N LYS I 441 45.18 32.08 123.84
CA LYS I 441 44.75 30.96 124.67
C LYS I 441 44.94 29.60 124.01
N ILE I 442 45.32 29.56 122.73
CA ILE I 442 45.65 28.30 122.06
C ILE I 442 46.96 28.50 121.32
N PRO I 443 47.73 27.45 121.03
CA PRO I 443 48.95 27.64 120.24
C PRO I 443 48.63 28.17 118.85
N VAL I 444 49.48 29.08 118.37
CA VAL I 444 49.42 29.60 117.01
C VAL I 444 50.82 29.41 116.44
N TYR I 445 51.01 28.35 115.66
CA TYR I 445 52.34 27.94 115.24
C TYR I 445 52.84 28.80 114.09
N ASP I 446 54.12 29.15 114.14
CA ASP I 446 54.73 30.02 113.14
C ASP I 446 54.77 29.31 111.78
N THR I 447 54.67 30.11 110.72
CA THR I 447 54.71 29.55 109.37
C THR I 447 56.13 29.22 108.92
N PHE I 448 57.14 29.93 109.43
CA PHE I 448 58.53 29.70 109.02
C PHE I 448 59.25 28.68 109.90
N ASP I 449 59.44 28.99 111.18
CA ASP I 449 60.19 28.10 112.07
C ASP I 449 59.31 27.17 112.87
N GLY I 450 57.98 27.29 112.77
CA GLY I 450 57.07 26.40 113.43
C GLY I 450 56.87 26.65 114.90
N SER I 451 57.57 27.63 115.48
CA SER I 451 57.45 27.90 116.90
C SER I 451 56.08 28.46 117.23
N ASP I 452 55.59 28.11 118.42
CA ASP I 452 54.30 28.61 118.88
C ASP I 452 54.42 30.08 119.27
N PHE I 453 53.47 30.89 118.82
CA PHE I 453 53.50 32.32 119.11
C PHE I 453 53.27 32.61 120.59
N GLN I 454 52.65 31.69 121.33
CA GLN I 454 52.44 31.91 122.75
C GLN I 454 53.78 32.00 123.49
N ALA I 455 54.78 31.23 123.05
CA ALA I 455 56.09 31.27 123.67
C ALA I 455 56.95 32.43 123.17
N LEU I 456 56.52 33.11 122.10
CA LEU I 456 57.31 34.21 121.56
C LEU I 456 57.36 35.38 122.54
N LYS I 457 58.56 35.96 122.69
CA LYS I 457 58.74 37.14 123.53
C LYS I 457 58.64 38.43 122.75
N GLU I 458 59.04 38.42 121.48
CA GLU I 458 58.97 39.62 120.66
C GLU I 458 57.52 39.94 120.32
N PRO I 459 57.23 41.15 119.85
CA PRO I 459 55.84 41.53 119.58
C PRO I 459 55.19 40.63 118.54
N ILE I 460 53.93 40.28 118.81
CA ILE I 460 53.19 39.38 117.92
C ILE I 460 53.08 39.99 116.54
N ILE I 461 52.68 41.26 116.48
CA ILE I 461 52.46 41.91 115.18
C ILE I 461 53.79 42.04 114.44
N ASP I 462 54.87 42.35 115.15
CA ASP I 462 56.18 42.41 114.51
C ASP I 462 56.50 41.08 113.84
N ARG I 463 56.30 39.97 114.55
CA ARG I 463 56.67 38.68 113.96
C ARG I 463 55.77 38.35 112.77
N VAL I 464 54.45 38.60 112.86
CA VAL I 464 53.60 38.20 111.74
C VAL I 464 53.89 39.07 110.53
N VAL I 465 54.20 40.35 110.75
CA VAL I 465 54.57 41.22 109.64
C VAL I 465 55.83 40.69 108.97
N LYS I 466 56.84 40.33 109.77
CA LYS I 466 58.09 39.84 109.19
C LYS I 466 57.85 38.56 108.40
N LEU I 467 56.99 37.68 108.91
CA LEU I 467 56.66 36.47 108.18
C LEU I 467 55.93 36.78 106.88
N ILE I 468 54.98 37.71 106.93
CA ILE I 468 54.17 38.03 105.76
C ILE I 468 55.03 38.63 104.66
N THR I 469 55.99 39.48 105.03
CA THR I 469 56.76 40.21 104.03
C THR I 469 58.01 39.47 103.56
N GLU I 470 58.82 38.93 104.49
CA GLU I 470 60.15 38.45 104.15
C GLU I 470 60.27 36.92 104.19
N LEU I 471 59.97 36.30 105.32
CA LEU I 471 60.28 34.88 105.47
C LEU I 471 59.33 34.05 104.60
N PRO I 472 59.82 32.97 103.96
CA PRO I 472 58.91 32.06 103.26
C PRO I 472 58.05 31.25 104.23
N VAL I 473 57.16 30.44 103.67
CA VAL I 473 56.19 29.68 104.46
C VAL I 473 56.50 28.20 104.30
N HIS I 474 56.78 27.53 105.42
CA HIS I 474 56.95 26.08 105.46
C HIS I 474 55.64 25.50 105.98
N TRP I 475 54.69 25.29 105.06
CA TRP I 475 53.35 24.87 105.45
C TRP I 475 53.36 23.48 106.08
N GLU I 476 54.17 22.57 105.55
CA GLU I 476 54.25 21.23 106.13
C GLU I 476 54.73 21.29 107.57
N GLU I 477 55.78 22.07 107.83
CA GLU I 477 56.29 22.18 109.19
C GLU I 477 55.23 22.84 110.09
N ALA I 478 54.57 23.88 109.56
CA ALA I 478 53.57 24.60 110.36
C ALA I 478 52.43 23.69 110.76
N THR I 479 51.98 22.81 109.86
CA THR I 479 50.85 21.93 110.11
C THR I 479 51.26 20.54 110.57
N ASN I 480 52.55 20.32 110.87
CA ASN I 480 53.03 19.00 111.29
C ASN I 480 52.49 18.54 112.65
N HIS I 481 51.67 19.29 113.37
CA HIS I 481 51.21 18.88 114.70
C HIS I 481 49.95 18.02 114.59
N LYS I 482 49.58 17.41 115.71
CA LYS I 482 48.48 16.45 115.72
C LYS I 482 47.16 17.15 115.47
N ALA I 483 46.30 16.52 114.67
CA ALA I 483 44.98 17.05 114.38
C ALA I 483 44.16 15.96 113.69
N THR I 484 42.97 15.70 114.24
CA THR I 484 42.03 14.76 113.64
C THR I 484 41.04 15.43 112.71
N HIS I 485 40.64 16.66 113.02
CA HIS I 485 39.75 17.45 112.19
C HIS I 485 40.32 18.85 112.04
N ILE I 486 40.31 19.36 110.81
CA ILE I 486 40.85 20.66 110.47
C ILE I 486 39.75 21.44 109.75
N LEU I 487 39.56 22.69 110.16
CA LEU I 487 38.56 23.57 109.56
C LEU I 487 39.25 24.62 108.73
N ASP I 488 38.98 24.61 107.43
CA ASP I 488 39.52 25.60 106.50
C ASP I 488 38.54 26.76 106.44
N PHE I 489 38.94 27.90 107.02
CA PHE I 489 38.13 29.11 106.99
C PHE I 489 38.52 30.07 105.87
N GLY I 490 39.56 29.76 105.10
CA GLY I 490 40.05 30.67 104.10
C GLY I 490 39.14 30.74 102.90
N PRO I 491 39.46 31.64 101.98
CA PRO I 491 38.68 31.77 100.75
C PRO I 491 39.06 30.68 99.74
N GLY I 492 38.25 30.61 98.69
CA GLY I 492 38.48 29.70 97.58
C GLY I 492 37.64 28.44 97.60
N GLY I 493 37.22 27.98 98.77
CA GLY I 493 36.42 26.78 98.88
C GLY I 493 37.12 25.54 98.35
N VAL I 494 36.63 25.02 97.23
CA VAL I 494 37.26 23.84 96.63
C VAL I 494 38.68 24.17 96.20
N SER I 495 38.87 25.32 95.56
CA SER I 495 40.20 25.78 95.18
C SER I 495 40.95 26.42 96.34
N GLY I 496 40.42 26.37 97.55
CA GLY I 496 41.03 27.01 98.69
C GLY I 496 42.14 26.18 99.29
N LEU I 497 42.54 26.57 100.50
CA LEU I 497 43.64 25.93 101.20
C LEU I 497 43.26 24.59 101.83
N GLY I 498 41.96 24.33 102.02
CA GLY I 498 41.56 23.09 102.65
C GLY I 498 41.90 21.88 101.80
N VAL I 499 41.63 21.95 100.49
CA VAL I 499 41.94 20.83 99.62
C VAL I 499 43.45 20.61 99.56
N LEU I 500 44.21 21.70 99.56
CA LEU I 500 45.67 21.61 99.59
C LEU I 500 46.14 20.88 100.85
N THR I 501 45.59 21.27 102.01
CA THR I 501 45.97 20.61 103.25
C THR I 501 45.54 19.15 103.26
N HIS I 502 44.42 18.85 102.62
CA HIS I 502 43.99 17.46 102.49
C HIS I 502 44.99 16.66 101.69
N ARG I 503 45.47 17.22 100.57
CA ARG I 503 46.48 16.52 99.78
C ARG I 503 47.76 16.34 100.60
N ASN I 504 48.13 17.36 101.39
CA ASN I 504 49.33 17.27 102.19
C ASN I 504 49.22 16.19 103.25
N LYS I 505 48.06 16.08 103.91
CA LYS I 505 47.86 15.20 105.05
C LYS I 505 46.97 14.00 104.71
N GLU I 506 46.93 13.59 103.44
CA GLU I 506 46.06 12.49 103.06
C GLU I 506 46.45 11.22 103.80
N GLY I 507 45.48 10.61 104.47
CA GLY I 507 45.71 9.40 105.22
C GLY I 507 46.49 9.57 106.50
N THR I 508 46.62 10.79 107.00
CA THR I 508 47.22 11.04 108.30
C THR I 508 46.19 11.10 109.42
N GLY I 509 44.92 10.83 109.11
CA GLY I 509 43.85 10.89 110.09
C GLY I 509 43.24 12.26 110.28
N ALA I 510 43.65 13.25 109.49
CA ALA I 510 43.15 14.62 109.60
C ALA I 510 42.08 14.83 108.54
N ARG I 511 40.82 14.89 108.96
CA ARG I 511 39.72 15.17 108.06
C ARG I 511 39.58 16.68 107.89
N ILE I 512 39.60 17.14 106.64
CA ILE I 512 39.51 18.56 106.32
C ILE I 512 38.05 18.88 106.03
N ILE I 513 37.55 19.94 106.67
CA ILE I 513 36.19 20.43 106.47
C ILE I 513 36.29 21.88 105.99
N LEU I 514 35.71 22.16 104.82
CA LEU I 514 35.76 23.48 104.23
C LEU I 514 34.65 24.32 104.86
N ALA I 515 34.98 25.01 105.95
CA ALA I 515 34.00 25.85 106.61
C ALA I 515 33.59 27.04 105.76
N GLY I 516 34.35 27.36 104.71
CA GLY I 516 34.05 28.51 103.88
C GLY I 516 32.98 28.28 102.84
N THR I 517 32.65 27.03 102.55
CA THR I 517 31.70 26.70 101.48
C THR I 517 30.75 25.61 101.96
N LEU I 518 29.50 25.72 101.53
CA LEU I 518 28.48 24.71 101.79
C LEU I 518 28.15 24.01 100.48
N ASP I 519 28.30 22.69 100.47
CA ASP I 519 27.98 21.89 99.30
C ASP I 519 27.86 20.43 99.74
N SER I 520 27.27 19.62 98.87
CA SER I 520 27.19 18.19 99.14
C SER I 520 28.59 17.60 99.20
N ASN I 521 28.75 16.58 100.04
CA ASN I 521 30.07 16.02 100.26
C ASN I 521 30.62 15.41 98.97
N PRO I 522 31.94 15.35 98.81
CA PRO I 522 32.49 14.84 97.55
C PRO I 522 32.13 13.38 97.32
N ILE I 523 32.37 12.93 96.08
CA ILE I 523 32.03 11.55 95.72
C ILE I 523 32.80 10.56 96.59
N ASP I 524 34.09 10.81 96.78
CA ASP I 524 34.92 9.94 97.62
C ASP I 524 34.76 10.23 99.11
N ASP I 525 34.08 11.32 99.48
CA ASP I 525 33.92 11.71 100.88
C ASP I 525 35.30 11.89 101.54
N GLU I 526 36.10 12.78 100.94
CA GLU I 526 37.48 12.98 101.34
C GLU I 526 37.65 14.18 102.27
N TYR I 527 36.96 15.28 102.00
CA TYR I 527 36.96 16.45 102.86
C TYR I 527 35.53 16.91 103.07
N GLY I 528 35.24 17.38 104.28
CA GLY I 528 33.91 17.79 104.63
C GLY I 528 33.58 19.18 104.12
N PHE I 529 32.33 19.58 104.36
CA PHE I 529 31.82 20.90 104.00
C PHE I 529 31.22 21.53 105.25
N LYS I 530 30.66 22.73 105.08
CA LYS I 530 30.17 23.49 106.23
C LYS I 530 29.12 22.72 107.03
N HIS I 531 28.36 21.85 106.37
CA HIS I 531 27.29 21.13 107.05
C HIS I 531 27.83 20.21 108.14
N GLU I 532 29.04 19.69 107.96
CA GLU I 532 29.59 18.73 108.92
C GLU I 532 29.91 19.39 110.25
N ILE I 533 30.26 20.67 110.25
CA ILE I 533 30.54 21.36 111.51
C ILE I 533 29.28 21.49 112.35
N PHE I 534 28.15 21.76 111.70
CA PHE I 534 26.88 21.96 112.38
C PHE I 534 26.02 20.70 112.43
N GLN I 535 26.52 19.57 111.94
CA GLN I 535 25.71 18.36 111.91
C GLN I 535 25.35 17.91 113.33
N THR I 536 24.08 17.59 113.53
CA THR I 536 23.58 17.02 114.78
C THR I 536 22.73 15.80 114.44
N SER I 537 22.89 14.73 115.21
CA SER I 537 22.11 13.54 114.99
C SER I 537 22.04 12.74 116.28
N ALA I 538 21.00 11.90 116.39
CA ALA I 538 20.83 11.10 117.59
C ALA I 538 21.99 10.13 117.78
N ASP I 539 22.45 9.50 116.71
CA ASP I 539 23.59 8.60 116.80
C ASP I 539 24.89 9.35 117.08
N LYS I 540 24.93 10.67 116.83
CA LYS I 540 26.11 11.50 117.06
C LYS I 540 27.32 11.02 116.29
N ALA I 541 27.13 10.44 115.10
CA ALA I 541 28.24 9.95 114.32
C ALA I 541 28.87 11.08 113.52
N ILE I 542 30.19 11.00 113.33
CA ILE I 542 30.93 11.95 112.50
C ILE I 542 31.87 11.17 111.59
N LYS I 543 32.22 11.81 110.49
CA LYS I 543 33.13 11.19 109.52
C LYS I 543 34.57 11.38 109.97
N TRP I 544 35.32 10.28 109.94
CA TRP I 544 36.72 10.26 110.35
C TRP I 544 37.58 9.95 109.14
N ALA I 545 38.89 10.06 109.32
CA ALA I 545 39.87 9.74 108.28
C ALA I 545 40.85 8.71 108.81
N PRO I 546 41.43 7.88 107.94
CA PRO I 546 42.32 6.84 108.43
C PRO I 546 43.74 7.33 108.63
N ASP I 547 44.36 6.86 109.70
CA ASP I 547 45.76 7.11 110.01
C ASP I 547 46.54 5.87 109.64
N TRP I 548 47.29 5.94 108.53
CA TRP I 548 47.93 4.74 107.97
C TRP I 548 48.91 4.13 108.96
N LEU I 549 49.68 4.95 109.65
CA LEU I 549 50.70 4.43 110.57
C LEU I 549 50.07 3.56 111.64
N LYS I 550 49.24 4.15 112.50
CA LYS I 550 48.68 3.39 113.62
C LYS I 550 47.74 2.30 113.13
N GLU I 551 47.13 2.47 111.96
CA GLU I 551 46.22 1.44 111.46
C GLU I 551 46.97 0.28 110.83
N LEU I 552 48.24 0.47 110.46
CA LEU I 552 49.00 -0.53 109.71
C LEU I 552 50.43 -0.65 110.23
N ARG I 553 50.62 -0.53 111.54
CA ARG I 553 51.93 -0.85 112.11
C ARG I 553 52.22 -2.33 111.86
N PRO I 554 53.41 -2.68 111.34
CA PRO I 554 53.77 -4.11 111.33
C PRO I 554 54.14 -4.59 112.72
N THR I 555 53.24 -5.31 113.36
CA THR I 555 53.44 -5.80 114.71
C THR I 555 53.82 -7.29 114.66
N LEU I 556 54.04 -7.85 115.84
CA LEU I 556 54.46 -9.24 115.98
C LEU I 556 53.45 -10.01 116.82
N VAL I 557 53.24 -11.27 116.49
CA VAL I 557 52.35 -12.15 117.23
C VAL I 557 53.04 -13.50 117.40
N LYS I 558 52.97 -14.05 118.61
CA LYS I 558 53.53 -15.35 118.93
C LYS I 558 52.38 -16.36 119.07
N ASN I 559 52.51 -17.51 118.41
CA ASN I 559 51.49 -18.53 118.50
C ASN I 559 51.76 -19.41 119.72
N SER I 560 50.84 -20.35 120.00
CA SER I 560 50.96 -21.19 121.18
C SER I 560 52.23 -22.03 121.15
N GLU I 561 52.70 -22.40 119.97
CA GLU I 561 53.91 -23.20 119.83
C GLU I 561 55.17 -22.37 120.00
N GLY I 562 55.06 -21.07 120.24
CA GLY I 562 56.21 -20.21 120.44
C GLY I 562 56.75 -19.56 119.18
N LYS I 563 56.28 -19.97 118.00
CA LYS I 563 56.75 -19.36 116.78
C LYS I 563 56.20 -17.95 116.63
N ILE I 564 57.03 -17.06 116.09
CA ILE I 564 56.74 -15.63 116.04
C ILE I 564 56.57 -15.21 114.59
N TYR I 565 55.49 -14.50 114.31
CA TYR I 565 55.15 -14.04 112.97
C TYR I 565 54.98 -12.53 112.98
N VAL I 566 55.19 -11.92 111.81
CA VAL I 566 55.02 -10.48 111.63
C VAL I 566 53.55 -10.24 111.33
N LYS I 567 52.81 -9.82 112.36
CA LYS I 567 51.40 -9.50 112.21
C LYS I 567 51.24 -8.40 111.17
N THR I 568 50.37 -8.63 110.19
CA THR I 568 50.14 -7.75 109.06
C THR I 568 48.89 -8.26 108.35
N LYS I 569 48.34 -7.46 107.45
CA LYS I 569 47.16 -7.91 106.70
C LYS I 569 47.49 -9.13 105.83
N PHE I 570 48.60 -9.07 105.10
CA PHE I 570 48.99 -10.20 104.26
C PHE I 570 49.33 -11.42 105.10
N SER I 571 50.04 -11.22 106.21
CA SER I 571 50.40 -12.34 107.06
C SER I 571 49.17 -12.96 107.71
N GLN I 572 48.18 -12.13 108.06
CA GLN I 572 46.91 -12.65 108.55
C GLN I 572 46.21 -13.47 107.48
N LEU I 573 46.14 -12.94 106.25
CA LEU I 573 45.42 -13.64 105.20
C LEU I 573 46.07 -14.99 104.89
N LEU I 574 47.40 -15.02 104.86
CA LEU I 574 48.12 -16.25 104.55
C LEU I 574 48.28 -17.17 105.75
N GLY I 575 48.04 -16.68 106.96
CA GLY I 575 48.37 -17.47 108.15
C GLY I 575 49.85 -17.78 108.24
N ARG I 576 50.69 -16.91 107.70
CA ARG I 576 52.11 -17.19 107.56
C ARG I 576 52.84 -15.85 107.46
N ALA I 577 54.16 -15.92 107.31
CA ALA I 577 55.00 -14.74 107.27
C ALA I 577 54.63 -13.87 106.06
N PRO I 578 54.83 -12.52 106.11
CA PRO I 578 54.45 -11.65 105.01
C PRO I 578 55.50 -11.57 103.91
N LEU I 579 56.05 -12.72 103.52
CA LEU I 579 57.02 -12.83 102.45
C LEU I 579 56.55 -13.90 101.49
N MET I 580 56.53 -13.59 100.20
CA MET I 580 56.08 -14.52 99.19
C MET I 580 57.10 -14.59 98.07
N VAL I 581 57.06 -15.69 97.33
CA VAL I 581 57.88 -15.90 96.15
C VAL I 581 56.95 -15.84 94.94
N ALA I 582 57.13 -14.82 94.11
CA ALA I 582 56.25 -14.62 92.98
C ALA I 582 56.49 -15.68 91.91
N GLY I 583 55.46 -15.97 91.13
CA GLY I 583 55.54 -17.01 90.12
C GLY I 583 56.51 -16.68 89.01
N MET I 584 57.51 -17.53 88.82
CA MET I 584 58.54 -17.37 87.80
C MET I 584 58.47 -18.53 86.83
N THR I 585 58.43 -18.20 85.53
CA THR I 585 58.25 -19.22 84.50
C THR I 585 59.40 -20.21 84.39
N PRO I 586 60.69 -19.81 84.49
CA PRO I 586 61.73 -20.83 84.58
C PRO I 586 61.93 -21.33 86.00
N THR I 587 61.75 -20.46 86.99
CA THR I 587 62.16 -20.80 88.35
C THR I 587 61.05 -21.51 89.12
N THR I 588 59.89 -20.86 89.27
CA THR I 588 58.83 -21.48 90.05
C THR I 588 58.00 -22.49 89.28
N VAL I 589 58.23 -22.64 87.96
CA VAL I 589 57.57 -23.74 87.25
C VAL I 589 57.88 -25.07 87.93
N ASN I 590 59.14 -25.29 88.28
CA ASN I 590 59.54 -26.58 88.82
C ASN I 590 58.89 -26.84 90.17
N THR I 591 58.46 -28.09 90.38
CA THR I 591 57.77 -28.45 91.61
C THR I 591 58.69 -28.44 92.82
N ASP I 592 59.99 -28.63 92.63
CA ASP I 592 60.89 -28.77 93.77
C ASP I 592 60.94 -27.48 94.59
N ILE I 593 61.12 -26.34 93.92
CA ILE I 593 61.23 -25.08 94.64
C ILE I 593 59.90 -24.72 95.29
N VAL I 594 58.78 -24.98 94.59
CA VAL I 594 57.47 -24.65 95.15
C VAL I 594 57.22 -25.46 96.41
N SER I 595 57.47 -26.77 96.35
CA SER I 595 57.27 -27.62 97.52
C SER I 595 58.20 -27.22 98.65
N ALA I 596 59.46 -26.90 98.33
CA ALA I 596 60.40 -26.52 99.38
C ALA I 596 59.99 -25.22 100.04
N SER I 597 59.55 -24.23 99.27
CA SER I 597 59.11 -22.97 99.85
C SER I 597 57.88 -23.16 100.73
N LEU I 598 56.91 -23.94 100.25
CA LEU I 598 55.72 -24.19 101.06
C LEU I 598 56.07 -24.91 102.34
N ASN I 599 56.95 -25.92 102.26
CA ASN I 599 57.34 -26.67 103.45
C ASN I 599 58.10 -25.77 104.43
N ALA I 600 58.92 -24.85 103.91
CA ALA I 600 59.58 -23.88 104.76
C ALA I 600 58.59 -22.89 105.36
N GLY I 601 57.43 -22.72 104.75
CA GLY I 601 56.36 -21.92 105.31
C GLY I 601 56.20 -20.54 104.73
N TYR I 602 56.39 -20.37 103.43
CA TYR I 602 56.23 -19.10 102.76
C TYR I 602 55.43 -19.29 101.48
N HIS I 603 54.48 -18.38 101.25
CA HIS I 603 53.64 -18.47 100.08
C HIS I 603 54.49 -18.40 98.81
N ILE I 604 54.13 -19.21 97.82
CA ILE I 604 54.84 -19.25 96.55
C ILE I 604 53.83 -19.62 95.46
N GLU I 605 54.09 -19.14 94.26
CA GLU I 605 53.19 -19.33 93.13
C GLU I 605 53.84 -20.23 92.08
N LEU I 606 53.18 -21.34 91.78
CA LEU I 606 53.56 -22.18 90.66
C LEU I 606 53.22 -21.46 89.36
N ALA I 607 54.22 -21.24 88.51
CA ALA I 607 54.03 -20.50 87.28
C ALA I 607 53.52 -21.44 86.19
N GLY I 608 52.48 -21.00 85.48
CA GLY I 608 51.96 -21.75 84.34
C GLY I 608 52.64 -21.45 83.02
N GLY I 609 53.68 -20.61 83.03
CA GLY I 609 54.39 -20.32 81.79
C GLY I 609 55.07 -21.54 81.21
N GLY I 610 55.60 -22.41 82.07
CA GLY I 610 56.24 -23.63 81.65
C GLY I 610 55.34 -24.83 81.56
N TYR I 611 54.03 -24.64 81.61
CA TYR I 611 53.05 -25.70 81.36
C TYR I 611 52.17 -25.29 80.19
N PHE I 612 51.74 -26.29 79.42
CA PHE I 612 50.99 -26.05 78.20
C PHE I 612 49.76 -26.95 78.05
N SER I 613 49.54 -27.91 78.94
CA SER I 613 48.35 -28.74 78.90
C SER I 613 47.81 -28.96 80.30
N PRO I 614 46.48 -29.13 80.44
CA PRO I 614 45.94 -29.42 81.77
C PRO I 614 46.51 -30.68 82.37
N VAL I 615 46.84 -31.68 81.55
CA VAL I 615 47.41 -32.92 82.07
C VAL I 615 48.76 -32.64 82.73
N MET I 616 49.63 -31.89 82.05
CA MET I 616 50.95 -31.58 82.60
C MET I 616 50.82 -30.76 83.87
N MET I 617 49.95 -29.74 83.84
CA MET I 617 49.79 -28.88 85.02
C MET I 617 49.21 -29.67 86.19
N THR I 618 48.24 -30.55 85.92
CA THR I 618 47.66 -31.37 86.98
C THR I 618 48.69 -32.33 87.56
N ARG I 619 49.55 -32.89 86.71
CA ARG I 619 50.61 -33.76 87.21
C ARG I 619 51.54 -32.99 88.14
N ALA I 620 51.93 -31.78 87.73
CA ALA I 620 52.80 -30.97 88.58
C ALA I 620 52.12 -30.62 89.90
N ILE I 621 50.85 -30.22 89.85
CA ILE I 621 50.12 -29.89 91.07
C ILE I 621 49.98 -31.11 91.95
N ASP I 622 49.77 -32.29 91.35
CA ASP I 622 49.69 -33.52 92.12
C ASP I 622 50.99 -33.77 92.87
N ASP I 623 52.12 -33.61 92.19
CA ASP I 623 53.41 -33.81 92.84
C ASP I 623 53.60 -32.81 93.98
N ILE I 624 53.24 -31.54 93.74
CA ILE I 624 53.40 -30.53 94.77
C ILE I 624 52.55 -30.86 95.99
N VAL I 625 51.29 -31.24 95.74
CA VAL I 625 50.38 -31.55 96.84
C VAL I 625 50.89 -32.76 97.63
N SER I 626 51.33 -33.81 96.92
CA SER I 626 51.88 -34.98 97.59
C SER I 626 53.13 -34.68 98.38
N ARG I 627 53.92 -33.67 97.98
CA ARG I 627 55.17 -33.37 98.65
C ARG I 627 55.05 -32.35 99.77
N ILE I 628 54.05 -31.46 99.74
CA ILE I 628 53.91 -30.46 100.78
C ILE I 628 53.24 -31.06 102.01
N LYS I 629 53.28 -30.32 103.10
CA LYS I 629 52.65 -30.74 104.34
C LYS I 629 51.13 -30.57 104.23
N PRO I 630 50.35 -31.36 104.98
CA PRO I 630 48.89 -31.21 104.92
C PRO I 630 48.46 -29.82 105.39
N GLY I 631 47.46 -29.28 104.70
CA GLY I 631 46.92 -27.98 105.06
C GLY I 631 47.66 -26.79 104.47
N TYR I 632 48.66 -27.02 103.64
CA TYR I 632 49.45 -25.95 103.04
C TYR I 632 48.91 -25.66 101.64
N GLY I 633 48.40 -24.45 101.45
CA GLY I 633 47.84 -24.08 100.17
C GLY I 633 48.90 -23.84 99.11
N LEU I 634 48.45 -23.76 97.87
CA LEU I 634 49.30 -23.50 96.71
C LEU I 634 48.73 -22.34 95.93
N GLY I 635 49.59 -21.42 95.51
CA GLY I 635 49.22 -20.36 94.62
C GLY I 635 49.62 -20.71 93.19
N ILE I 636 48.88 -20.18 92.23
CA ILE I 636 49.13 -20.40 90.82
C ILE I 636 49.23 -19.05 90.12
N ASN I 637 50.23 -18.90 89.26
CA ASN I 637 50.46 -17.68 88.50
C ASN I 637 50.18 -17.97 87.03
N LEU I 638 49.37 -17.12 86.41
CA LEU I 638 49.03 -17.21 85.00
C LEU I 638 49.34 -15.87 84.35
N ILE I 639 49.44 -15.88 83.02
CA ILE I 639 49.79 -14.69 82.26
C ILE I 639 48.54 -14.25 81.50
N TYR I 640 48.14 -12.98 81.68
CA TYR I 640 46.94 -12.47 81.02
C TYR I 640 47.15 -12.31 79.52
N VAL I 641 48.36 -11.96 79.09
CA VAL I 641 48.63 -11.77 77.66
C VAL I 641 48.56 -13.08 76.88
N ASN I 642 48.54 -14.22 77.56
CA ASN I 642 48.56 -15.53 76.93
C ASN I 642 47.17 -16.15 77.04
N PRO I 643 46.36 -16.20 75.97
CA PRO I 643 45.00 -16.70 76.13
C PRO I 643 44.93 -18.21 76.28
N PHE I 644 45.87 -18.94 75.65
CA PHE I 644 45.83 -20.40 75.70
C PHE I 644 46.02 -20.92 77.13
N MET I 645 47.04 -20.39 77.82
CA MET I 645 47.32 -20.85 79.18
C MET I 645 46.13 -20.61 80.08
N LEU I 646 45.53 -19.42 80.01
CA LEU I 646 44.35 -19.15 80.80
C LEU I 646 43.19 -20.06 80.40
N GLN I 647 43.00 -20.30 79.10
CA GLN I 647 41.83 -21.06 78.65
C GLN I 647 41.87 -22.49 79.19
N TRP I 648 43.06 -23.10 79.21
CA TRP I 648 43.13 -24.45 79.80
C TRP I 648 43.45 -24.46 81.29
N GLY I 649 43.79 -23.31 81.89
CA GLY I 649 44.17 -23.32 83.29
C GLY I 649 43.03 -22.96 84.21
N ILE I 650 42.24 -21.95 83.84
CA ILE I 650 41.10 -21.57 84.67
C ILE I 650 40.13 -22.74 84.85
N PRO I 651 39.73 -23.46 83.80
CA PRO I 651 38.94 -24.68 84.04
C PRO I 651 39.68 -25.68 84.91
N LEU I 652 40.99 -25.81 84.75
CA LEU I 652 41.75 -26.73 85.59
C LEU I 652 41.69 -26.31 87.05
N ILE I 653 41.86 -25.01 87.33
CA ILE I 653 41.80 -24.55 88.71
C ILE I 653 40.41 -24.78 89.29
N LYS I 654 39.37 -24.50 88.50
CA LYS I 654 38.00 -24.72 88.98
C LYS I 654 37.76 -26.19 89.28
N ASP I 655 38.20 -27.09 88.38
CA ASP I 655 38.01 -28.52 88.59
C ASP I 655 38.79 -29.00 89.81
N LEU I 656 40.04 -28.55 89.96
CA LEU I 656 40.85 -28.96 91.10
C LEU I 656 40.23 -28.46 92.40
N ARG I 657 39.67 -27.25 92.39
CA ARG I 657 39.07 -26.71 93.61
C ARG I 657 37.80 -27.47 93.98
N GLU I 658 36.93 -27.73 93.01
CA GLU I 658 35.73 -28.49 93.32
C GLU I 658 36.05 -29.94 93.64
N LYS I 659 37.22 -30.43 93.24
CA LYS I 659 37.71 -31.73 93.68
C LYS I 659 38.39 -31.66 95.04
N GLY I 660 38.71 -30.47 95.53
CA GLY I 660 39.22 -30.28 96.87
C GLY I 660 40.72 -30.03 96.97
N TYR I 661 41.38 -29.69 95.88
CA TYR I 661 42.82 -29.49 95.93
C TYR I 661 43.15 -28.24 96.74
N PRO I 662 44.39 -28.14 97.28
CA PRO I 662 44.79 -26.95 98.05
C PRO I 662 45.33 -25.81 97.18
N ILE I 663 44.58 -25.47 96.12
CA ILE I 663 44.87 -24.28 95.34
C ILE I 663 44.37 -23.09 96.14
N GLN I 664 45.26 -22.45 96.89
CA GLN I 664 44.85 -21.39 97.80
C GLN I 664 44.53 -20.11 97.04
N SER I 665 45.21 -19.86 95.92
CA SER I 665 45.06 -18.59 95.23
C SER I 665 45.50 -18.71 93.78
N LEU I 666 45.12 -17.71 92.99
CA LEU I 666 45.50 -17.57 91.60
C LEU I 666 46.00 -16.15 91.40
N THR I 667 47.14 -16.02 90.70
CA THR I 667 47.74 -14.73 90.41
C THR I 667 47.72 -14.47 88.91
N ILE I 668 47.32 -13.25 88.54
CA ILE I 668 47.28 -12.80 87.16
C ILE I 668 48.39 -11.78 86.97
N GLY I 669 49.36 -12.13 86.13
CA GLY I 669 50.46 -11.25 85.80
C GLY I 669 50.39 -10.73 84.38
N ALA I 670 51.20 -9.72 84.07
CA ALA I 670 51.23 -9.11 82.74
C ALA I 670 49.85 -8.60 82.32
N GLY I 671 49.12 -8.00 83.25
CA GLY I 671 47.82 -7.45 82.97
C GLY I 671 46.86 -7.69 84.10
N VAL I 672 45.76 -6.95 84.08
CA VAL I 672 44.70 -7.06 85.08
C VAL I 672 43.40 -7.39 84.35
N PRO I 673 42.66 -8.43 84.74
CA PRO I 673 41.38 -8.69 84.06
C PRO I 673 40.37 -7.60 84.32
N SER I 674 39.35 -7.55 83.46
CA SER I 674 38.27 -6.59 83.63
C SER I 674 37.40 -7.00 84.82
N ILE I 675 36.41 -6.17 85.12
CA ILE I 675 35.60 -6.39 86.31
C ILE I 675 34.77 -7.66 86.13
N GLU I 676 34.25 -7.88 84.92
CA GLU I 676 33.33 -8.98 84.68
C GLU I 676 34.05 -10.33 84.68
N VAL I 677 35.29 -10.35 84.20
CA VAL I 677 36.09 -11.57 84.29
C VAL I 677 36.57 -11.78 85.73
N ALA I 678 36.93 -10.68 86.40
CA ALA I 678 37.43 -10.78 87.76
C ALA I 678 36.37 -11.39 88.68
N THR I 679 35.15 -10.84 88.64
CA THR I 679 34.09 -11.37 89.51
C THR I 679 33.82 -12.84 89.22
N GLU I 680 33.93 -13.26 87.96
CA GLU I 680 33.82 -14.68 87.66
C GLU I 680 34.91 -15.47 88.35
N TYR I 681 36.15 -14.96 88.31
CA TYR I 681 37.24 -15.65 89.00
C TYR I 681 36.97 -15.73 90.50
N ILE I 682 36.48 -14.64 91.10
CA ILE I 682 36.24 -14.63 92.54
C ILE I 682 35.16 -15.64 92.91
N GLU I 683 34.04 -15.62 92.19
CA GLU I 683 32.86 -16.34 92.62
C GLU I 683 32.89 -17.82 92.22
N ASP I 684 33.45 -18.15 91.06
CA ASP I 684 33.34 -19.51 90.56
C ASP I 684 34.47 -20.41 91.07
N LEU I 685 35.69 -19.89 91.14
CA LEU I 685 36.85 -20.73 91.46
C LEU I 685 36.92 -21.11 92.93
N GLY I 686 36.25 -20.38 93.81
CA GLY I 686 36.28 -20.70 95.23
C GLY I 686 37.67 -20.56 95.84
N LEU I 687 38.33 -19.44 95.57
CA LEU I 687 39.68 -19.20 96.04
C LEU I 687 39.67 -18.40 97.34
N THR I 688 40.80 -18.45 98.06
CA THR I 688 40.96 -17.63 99.25
C THR I 688 41.23 -16.18 98.88
N HIS I 689 42.10 -15.95 97.90
CA HIS I 689 42.42 -14.59 97.48
C HIS I 689 42.94 -14.61 96.05
N LEU I 690 42.69 -13.51 95.34
CA LEU I 690 43.10 -13.33 93.96
C LEU I 690 44.25 -12.33 93.91
N GLY I 691 45.38 -12.77 93.37
CA GLY I 691 46.52 -11.90 93.18
C GLY I 691 46.48 -11.26 91.80
N LEU I 692 46.84 -9.98 91.74
CA LEU I 692 46.89 -9.25 90.50
C LEU I 692 48.20 -8.48 90.47
N LYS I 693 48.75 -8.27 89.27
CA LYS I 693 50.00 -7.52 89.11
C LYS I 693 49.77 -6.33 88.17
N PRO I 694 49.36 -5.19 88.72
CA PRO I 694 49.31 -3.97 87.89
C PRO I 694 50.69 -3.53 87.46
N GLY I 695 50.75 -2.87 86.31
CA GLY I 695 51.97 -2.28 85.79
C GLY I 695 51.91 -0.77 85.70
N SER I 696 50.74 -0.19 85.91
CA SER I 696 50.57 1.25 85.81
C SER I 696 49.33 1.66 86.59
N VAL I 697 49.13 2.98 86.70
CA VAL I 697 48.03 3.50 87.50
C VAL I 697 46.69 3.08 86.92
N ASP I 698 46.61 2.87 85.60
CA ASP I 698 45.37 2.38 85.01
C ASP I 698 45.04 0.99 85.51
N ALA I 699 46.04 0.10 85.53
CA ALA I 699 45.83 -1.24 86.08
C ALA I 699 45.54 -1.18 87.58
N ILE I 700 46.16 -0.23 88.28
CA ILE I 700 45.85 -0.07 89.70
C ILE I 700 44.39 0.33 89.88
N SER I 701 43.90 1.23 89.02
CA SER I 701 42.47 1.57 89.05
C SER I 701 41.61 0.36 88.78
N GLN I 702 42.04 -0.50 87.86
CA GLN I 702 41.28 -1.72 87.57
C GLN I 702 41.21 -2.63 88.80
N VAL I 703 42.34 -2.83 89.49
CA VAL I 703 42.33 -3.67 90.67
C VAL I 703 41.48 -3.06 91.77
N ILE I 704 41.58 -1.75 91.95
CA ILE I 704 40.73 -1.08 92.93
C ILE I 704 39.26 -1.24 92.56
N ALA I 705 38.96 -1.23 91.25
CA ALA I 705 37.58 -1.44 90.83
C ALA I 705 37.09 -2.84 91.19
N ILE I 706 37.93 -3.84 90.98
CA ILE I 706 37.57 -5.19 91.42
C ILE I 706 37.34 -5.21 92.92
N ALA I 707 38.18 -4.48 93.66
CA ALA I 707 38.03 -4.44 95.12
C ALA I 707 36.72 -3.80 95.54
N LYS I 708 36.34 -2.67 94.91
CA LYS I 708 35.06 -2.07 95.25
C LYS I 708 33.91 -2.98 94.85
N ALA I 709 34.06 -3.72 93.76
CA ALA I 709 33.02 -4.68 93.38
C ALA I 709 32.89 -5.81 94.39
N HIS I 710 34.00 -6.19 95.03
CA HIS I 710 34.01 -7.27 96.03
C HIS I 710 34.66 -6.76 97.30
N PRO I 711 33.93 -6.00 98.12
CA PRO I 711 34.54 -5.45 99.34
C PRO I 711 34.92 -6.50 100.37
N THR I 712 34.36 -7.71 100.29
CA THR I 712 34.57 -8.73 101.31
C THR I 712 35.59 -9.79 100.91
N PHE I 713 36.01 -9.82 99.65
CA PHE I 713 36.95 -10.83 99.18
C PHE I 713 38.36 -10.24 99.15
N PRO I 714 39.36 -10.85 99.80
CA PRO I 714 40.72 -10.30 99.71
C PRO I 714 41.23 -10.27 98.28
N ILE I 715 41.91 -9.18 97.92
CA ILE I 715 42.52 -9.01 96.61
C ILE I 715 43.96 -8.58 96.84
N VAL I 716 44.91 -9.44 96.52
CA VAL I 716 46.32 -9.09 96.68
C VAL I 716 46.76 -8.29 95.47
N LEU I 717 47.24 -7.07 95.70
CA LEU I 717 47.79 -6.21 94.67
C LEU I 717 49.31 -6.29 94.81
N GLN I 718 49.94 -7.03 93.90
CA GLN I 718 51.39 -7.25 93.96
C GLN I 718 52.05 -6.18 93.10
N TRP I 719 52.25 -5.00 93.69
CA TRP I 719 52.89 -3.91 92.97
C TRP I 719 54.35 -4.25 92.72
N THR I 720 54.76 -4.12 91.46
CA THR I 720 56.15 -4.33 91.05
C THR I 720 56.53 -3.20 90.12
N GLY I 721 57.61 -2.50 90.45
CA GLY I 721 58.11 -1.44 89.60
C GLY I 721 58.80 -2.00 88.37
N GLY I 722 59.20 -1.09 87.49
CA GLY I 722 59.91 -1.48 86.29
C GLY I 722 61.28 -2.08 86.57
N ARG I 723 61.79 -1.93 87.79
CA ARG I 723 63.10 -2.42 88.16
C ARG I 723 63.13 -3.92 88.43
N GLY I 724 61.97 -4.59 88.43
CA GLY I 724 61.95 -6.02 88.69
C GLY I 724 62.51 -6.82 87.54
N GLY I 725 62.95 -8.04 87.86
CA GLY I 725 63.50 -8.92 86.86
C GLY I 725 62.45 -9.45 85.92
N GLY I 726 62.93 -10.04 84.81
CA GLY I 726 62.02 -10.55 83.82
C GLY I 726 61.23 -9.44 83.17
N HIS I 727 60.01 -9.77 82.75
CA HIS I 727 59.11 -8.76 82.22
C HIS I 727 58.88 -7.68 83.26
N HIS I 728 58.91 -6.42 82.84
CA HIS I 728 58.77 -5.30 83.75
C HIS I 728 58.10 -4.14 83.04
N SER I 729 57.49 -3.26 83.84
CA SER I 729 56.83 -2.07 83.32
C SER I 729 57.84 -0.94 83.14
N PHE I 730 57.35 0.20 82.68
CA PHE I 730 58.17 1.40 82.50
C PHE I 730 58.07 2.36 83.68
N GLU I 731 57.29 2.03 84.71
CA GLU I 731 56.99 2.94 85.80
C GLU I 731 58.00 2.79 86.94
N ASP I 732 58.28 3.91 87.60
CA ASP I 732 59.08 3.88 88.81
C ASP I 732 58.36 3.10 89.90
N PHE I 733 59.14 2.44 90.75
CA PHE I 733 58.55 1.62 91.80
C PHE I 733 57.72 2.45 92.76
N HIS I 734 58.06 3.72 92.96
CA HIS I 734 57.47 4.53 94.02
C HIS I 734 56.38 5.48 93.54
N GLN I 735 56.56 6.14 92.40
CA GLN I 735 55.69 7.26 92.05
C GLN I 735 54.23 6.86 91.89
N PRO I 736 53.87 5.79 91.20
CA PRO I 736 52.45 5.40 91.17
C PRO I 736 51.91 5.07 92.56
N ILE I 737 52.74 4.49 93.43
CA ILE I 737 52.29 4.09 94.75
C ILE I 737 51.90 5.32 95.57
N ILE I 738 52.65 6.41 95.43
CA ILE I 738 52.36 7.61 96.23
C ILE I 738 50.96 8.11 95.92
N GLN I 739 50.60 8.18 94.64
CA GLN I 739 49.29 8.73 94.29
C GLN I 739 48.18 7.73 94.55
N MET I 740 48.42 6.44 94.32
CA MET I 740 47.33 5.47 94.33
C MET I 740 47.19 4.72 95.65
N TYR I 741 48.12 4.87 96.59
CA TYR I 741 48.05 4.11 97.84
C TYR I 741 46.84 4.52 98.67
N SER I 742 46.56 5.82 98.75
CA SER I 742 45.38 6.27 99.47
C SER I 742 44.11 5.73 98.83
N LYS I 743 44.05 5.72 97.50
CA LYS I 743 42.91 5.13 96.81
C LYS I 743 42.84 3.63 97.08
N ILE I 744 44.01 2.97 97.15
CA ILE I 744 44.03 1.55 97.46
C ILE I 744 43.56 1.31 98.89
N ARG I 745 44.09 2.07 99.85
CA ARG I 745 43.71 1.88 101.24
C ARG I 745 42.28 2.34 101.52
N ARG I 746 41.65 3.05 100.58
CA ARG I 746 40.22 3.29 100.68
C ARG I 746 39.45 1.98 100.69
N CYS I 747 40.02 0.91 100.15
CA CYS I 747 39.44 -0.43 100.19
C CYS I 747 40.18 -1.26 101.23
N SER I 748 39.43 -1.83 102.17
CA SER I 748 40.02 -2.62 103.24
C SER I 748 40.28 -4.06 102.87
N ASN I 749 39.92 -4.48 101.65
CA ASN I 749 40.16 -5.85 101.20
C ASN I 749 41.38 -5.98 100.30
N ILE I 750 41.99 -4.87 99.89
CA ILE I 750 43.21 -4.95 99.11
C ILE I 750 44.39 -5.17 100.03
N VAL I 751 45.23 -6.14 99.69
CA VAL I 751 46.46 -6.44 100.40
C VAL I 751 47.62 -6.04 99.49
N LEU I 752 48.30 -4.97 99.85
CA LEU I 752 49.33 -4.37 99.00
C LEU I 752 50.67 -5.04 99.29
N VAL I 753 51.26 -5.64 98.26
CA VAL I 753 52.52 -6.37 98.37
C VAL I 753 53.55 -5.65 97.51
N ALA I 754 54.75 -5.48 98.05
CA ALA I 754 55.82 -4.80 97.36
C ALA I 754 56.74 -5.80 96.67
N GLY I 755 57.22 -5.43 95.48
CA GLY I 755 58.20 -6.24 94.79
C GLY I 755 59.23 -5.44 94.04
N SER I 756 59.87 -6.07 93.05
CA SER I 756 60.80 -5.40 92.14
C SER I 756 61.99 -4.80 92.88
N GLY I 757 62.83 -5.69 93.41
CA GLY I 757 64.15 -5.29 93.87
C GLY I 757 64.43 -5.56 95.34
N PHE I 758 63.82 -6.60 95.88
CA PHE I 758 63.91 -6.92 97.29
C PHE I 758 64.68 -8.22 97.47
N GLY I 759 65.70 -8.19 98.32
CA GLY I 759 66.46 -9.38 98.63
C GLY I 759 66.99 -9.47 100.05
N SER I 760 66.62 -8.54 100.93
CA SER I 760 67.16 -8.58 102.28
C SER I 760 66.24 -7.81 103.23
N ASP I 761 66.37 -8.17 104.52
CA ASP I 761 65.56 -7.55 105.56
C ASP I 761 65.84 -6.05 105.64
N GLU I 762 67.11 -5.65 105.52
CA GLU I 762 67.46 -4.23 105.66
C GLU I 762 66.78 -3.39 104.60
N ASP I 763 66.78 -3.85 103.35
CA ASP I 763 66.18 -3.08 102.27
C ASP I 763 64.68 -3.26 102.17
N THR I 764 64.13 -4.31 102.79
CA THR I 764 62.68 -4.53 102.74
C THR I 764 61.93 -3.86 103.87
N TYR I 765 62.56 -3.73 105.05
CA TYR I 765 61.85 -3.14 106.19
C TYR I 765 61.31 -1.75 105.95
N PRO I 766 62.02 -0.83 105.27
CA PRO I 766 61.43 0.50 105.06
C PRO I 766 60.09 0.47 104.35
N TYR I 767 59.87 -0.51 103.49
CA TYR I 767 58.59 -0.62 102.78
C TYR I 767 57.55 -1.30 103.66
N LEU I 768 57.97 -2.28 104.47
CA LEU I 768 57.03 -2.94 105.37
C LEU I 768 56.51 -1.96 106.42
N SER I 769 57.41 -1.25 107.08
CA SER I 769 57.01 -0.30 108.11
C SER I 769 56.44 0.99 107.52
N GLY I 770 56.86 1.37 106.32
CA GLY I 770 56.38 2.55 105.66
C GLY I 770 57.28 3.76 105.76
N TYR I 771 58.43 3.66 106.42
CA TYR I 771 59.33 4.79 106.52
C TYR I 771 60.02 5.13 105.20
N TRP I 772 59.78 4.37 104.14
CA TRP I 772 60.35 4.72 102.84
C TRP I 772 59.83 6.07 102.37
N SER I 773 58.61 6.43 102.77
CA SER I 773 57.97 7.62 102.25
C SER I 773 58.47 8.91 102.89
N GLU I 774 59.11 8.86 104.07
CA GLU I 774 59.60 10.10 104.66
C GLU I 774 60.66 10.75 103.79
N LYS I 775 61.44 9.94 103.06
CA LYS I 775 62.43 10.51 102.16
C LYS I 775 61.80 11.31 101.03
N PHE I 776 60.52 11.09 100.74
CA PHE I 776 59.79 11.83 99.72
C PHE I 776 58.92 12.93 100.31
N ASN I 777 59.10 13.25 101.60
CA ASN I 777 58.25 14.24 102.29
C ASN I 777 56.79 13.82 102.22
N TYR I 778 56.52 12.59 102.64
CA TYR I 778 55.18 12.02 102.69
C TYR I 778 55.01 11.29 104.00
N PRO I 779 53.78 11.07 104.45
CA PRO I 779 53.56 10.33 105.69
C PRO I 779 53.92 8.87 105.49
N PRO I 780 54.09 8.10 106.58
CA PRO I 780 54.50 6.69 106.42
C PRO I 780 53.47 5.91 105.62
N MET I 781 53.98 5.01 104.78
CA MET I 781 53.16 4.24 103.82
C MET I 781 53.55 2.77 103.96
N PRO I 782 53.12 2.11 105.03
CA PRO I 782 53.49 0.70 105.21
C PRO I 782 52.89 -0.19 104.13
N PHE I 783 53.63 -1.24 103.77
CA PHE I 783 53.18 -2.25 102.84
C PHE I 783 52.75 -3.50 103.61
N ASP I 784 51.80 -4.23 103.06
CA ASP I 784 51.30 -5.42 103.74
C ASP I 784 52.19 -6.65 103.53
N GLY I 785 53.07 -6.63 102.53
CA GLY I 785 53.93 -7.77 102.30
C GLY I 785 54.99 -7.44 101.27
N VAL I 786 55.92 -8.38 101.10
CA VAL I 786 57.02 -8.25 100.15
C VAL I 786 57.12 -9.55 99.35
N LEU I 787 57.12 -9.42 98.02
CA LEU I 787 57.34 -10.56 97.14
C LEU I 787 58.77 -10.56 96.66
N PHE I 788 59.36 -11.76 96.57
CA PHE I 788 60.75 -11.94 96.16
C PHE I 788 60.81 -12.75 94.88
N GLY I 789 61.50 -12.21 93.88
CA GLY I 789 61.65 -12.82 92.59
C GLY I 789 63.07 -13.28 92.35
N SER I 790 63.86 -12.43 91.69
CA SER I 790 65.24 -12.73 91.34
C SER I 790 66.09 -13.21 92.53
N ARG I 791 65.69 -12.89 93.77
CA ARG I 791 66.51 -13.25 94.91
C ARG I 791 66.65 -14.77 95.06
N VAL I 792 65.59 -15.51 94.78
CA VAL I 792 65.53 -16.93 95.13
C VAL I 792 65.90 -17.83 93.95
N MET I 793 66.42 -17.27 92.85
CA MET I 793 66.80 -18.14 91.76
C MET I 793 68.11 -18.87 92.03
N THR I 794 68.98 -18.29 92.87
CA THR I 794 70.22 -18.95 93.27
C THR I 794 70.03 -19.95 94.38
N SER I 795 68.78 -20.28 94.74
CA SER I 795 68.55 -21.20 95.82
C SER I 795 68.93 -22.63 95.42
N LYS I 796 69.14 -23.47 96.44
CA LYS I 796 69.52 -24.85 96.18
C LYS I 796 68.44 -25.59 95.39
N GLU I 797 67.18 -25.38 95.75
CA GLU I 797 66.10 -26.15 95.14
C GLU I 797 65.76 -25.64 93.75
N SER I 798 66.15 -24.42 93.39
CA SER I 798 65.88 -23.92 92.05
C SER I 798 66.64 -24.75 91.02
N HIS I 799 65.98 -25.02 89.90
CA HIS I 799 66.54 -25.86 88.85
C HIS I 799 67.47 -25.09 87.91
N THR I 800 67.71 -23.81 88.17
CA THR I 800 68.64 -23.05 87.34
C THR I 800 70.02 -23.67 87.38
N SER I 801 70.71 -23.64 86.24
CA SER I 801 71.99 -24.31 86.13
C SER I 801 73.01 -23.67 87.07
N LEU I 802 74.00 -24.47 87.47
CA LEU I 802 75.04 -23.98 88.37
C LEU I 802 75.80 -22.82 87.74
N ALA I 803 76.11 -22.92 86.45
CA ALA I 803 76.78 -21.82 85.76
C ALA I 803 75.93 -20.57 85.76
N ALA I 804 74.62 -20.73 85.54
CA ALA I 804 73.72 -19.57 85.58
C ALA I 804 73.69 -18.94 86.96
N LYS I 805 73.68 -19.76 88.02
CA LYS I 805 73.70 -19.22 89.37
C LYS I 805 75.00 -18.46 89.64
N LYS I 806 76.13 -19.03 89.20
CA LYS I 806 77.41 -18.35 89.39
C LYS I 806 77.46 -17.03 88.64
N LEU I 807 76.90 -17.00 87.43
CA LEU I 807 76.84 -15.74 86.67
C LEU I 807 75.92 -14.73 87.37
N ILE I 808 74.83 -15.22 87.96
CA ILE I 808 73.94 -14.35 88.71
C ILE I 808 74.68 -13.72 89.88
N VAL I 809 75.45 -14.53 90.61
CA VAL I 809 76.21 -14.02 91.75
C VAL I 809 77.28 -13.04 91.26
N GLU I 810 77.88 -13.31 90.10
CA GLU I 810 78.84 -12.38 89.53
C GLU I 810 78.21 -11.05 89.19
N CYS I 811 76.97 -11.05 88.70
CA CYS I 811 76.25 -9.81 88.43
C CYS I 811 76.12 -9.00 89.71
N LYS I 812 76.70 -7.80 89.73
CA LYS I 812 76.74 -7.00 90.94
C LYS I 812 75.42 -6.26 91.19
N GLY I 813 74.70 -5.89 90.13
CA GLY I 813 73.49 -5.12 90.29
C GLY I 813 73.78 -3.64 90.53
N VAL I 814 72.71 -2.90 90.77
CA VAL I 814 72.81 -1.46 91.03
C VAL I 814 71.70 -1.04 91.98
N PRO I 815 71.84 0.15 92.60
CA PRO I 815 70.71 0.70 93.36
C PRO I 815 69.60 1.19 92.44
N ASP I 816 68.54 1.74 93.03
CA ASP I 816 67.37 2.12 92.25
C ASP I 816 67.61 3.37 91.41
N GLN I 817 68.59 4.20 91.78
CA GLN I 817 68.76 5.47 91.10
C GLN I 817 69.19 5.30 89.63
N GLN I 818 69.76 4.16 89.26
CA GLN I 818 70.21 3.94 87.88
C GLN I 818 69.90 2.52 87.42
N TRP I 819 68.69 2.04 87.70
CA TRP I 819 68.22 0.81 87.08
C TRP I 819 67.69 1.04 85.68
N GLU I 820 67.30 2.27 85.34
CA GLU I 820 66.67 2.56 84.06
C GLU I 820 67.66 2.67 82.92
N GLN I 821 68.96 2.78 83.21
CA GLN I 821 69.97 2.78 82.16
C GLN I 821 70.29 1.38 81.64
N THR I 822 69.52 0.36 82.05
CA THR I 822 69.59 -0.94 81.39
C THR I 822 69.12 -0.86 79.95
N TYR I 823 68.21 0.06 79.65
CA TYR I 823 67.64 0.17 78.31
C TYR I 823 68.69 0.46 77.25
N LYS I 824 69.76 1.17 77.61
CA LYS I 824 70.76 1.62 76.66
C LYS I 824 72.01 0.75 76.70
N LYS I 825 72.48 0.38 77.89
CA LYS I 825 73.69 -0.41 78.06
C LYS I 825 73.49 -1.33 79.26
N PRO I 826 74.32 -2.37 79.39
CA PRO I 826 74.18 -3.25 80.55
C PRO I 826 74.42 -2.51 81.85
N THR I 827 73.74 -2.96 82.91
CA THR I 827 73.80 -2.34 84.22
C THR I 827 74.04 -3.43 85.25
N GLY I 828 75.25 -3.52 85.76
CA GLY I 828 75.59 -4.58 86.70
C GLY I 828 75.43 -5.96 86.11
N GLY I 829 75.71 -6.12 84.82
CA GLY I 829 75.54 -7.38 84.14
C GLY I 829 74.13 -7.68 83.69
N ILE I 830 73.23 -6.71 83.72
CA ILE I 830 71.83 -6.91 83.36
C ILE I 830 71.43 -5.82 82.37
N ILE I 831 70.71 -6.21 81.32
CA ILE I 831 70.32 -5.32 80.24
C ILE I 831 68.87 -5.61 79.89
N THR I 832 68.18 -4.61 79.35
CA THR I 832 66.81 -4.78 78.89
C THR I 832 66.80 -5.13 77.41
N VAL I 833 66.03 -6.16 77.06
CA VAL I 833 65.77 -6.55 75.68
C VAL I 833 64.27 -6.49 75.47
N ARG I 834 63.86 -6.70 74.22
CA ARG I 834 62.46 -6.65 73.83
C ARG I 834 61.99 -8.05 73.45
N SER I 835 60.78 -8.40 73.88
CA SER I 835 60.23 -9.72 73.63
C SER I 835 59.72 -9.81 72.20
N GLU I 836 59.11 -10.96 71.88
CA GLU I 836 58.35 -11.07 70.64
C GLU I 836 57.09 -10.22 70.67
N MET I 837 56.53 -9.96 71.86
CA MET I 837 55.32 -9.17 72.00
C MET I 837 55.60 -7.67 72.12
N GLY I 838 56.87 -7.26 72.16
CA GLY I 838 57.23 -5.87 72.27
C GLY I 838 57.36 -5.35 73.69
N GLU I 839 57.19 -6.21 74.71
CA GLU I 839 57.38 -5.78 76.09
C GLU I 839 58.84 -5.92 76.49
N PRO I 840 59.32 -5.13 77.45
CA PRO I 840 60.72 -5.23 77.86
C PRO I 840 60.94 -6.32 78.90
N ILE I 841 62.09 -6.98 78.77
CA ILE I 841 62.51 -8.06 79.67
C ILE I 841 63.91 -7.74 80.17
N HIS I 842 64.10 -7.83 81.48
CA HIS I 842 65.42 -7.70 82.08
C HIS I 842 66.12 -9.05 82.03
N LYS I 843 67.30 -9.10 81.42
CA LYS I 843 68.04 -10.33 81.27
C LYS I 843 69.52 -10.07 81.51
N ILE I 844 70.22 -11.08 82.02
CA ILE I 844 71.65 -10.94 82.25
C ILE I 844 72.35 -10.67 80.93
N ALA I 845 73.35 -9.79 80.97
CA ALA I 845 74.05 -9.35 79.76
C ALA I 845 75.04 -10.41 79.30
N THR I 846 74.49 -11.56 78.91
CA THR I 846 75.27 -12.61 78.28
C THR I 846 75.47 -12.28 76.81
N ARG I 847 76.29 -13.10 76.13
CA ARG I 847 76.53 -12.86 74.72
C ARG I 847 75.26 -13.04 73.89
N GLY I 848 74.46 -14.05 74.22
CA GLY I 848 73.19 -14.24 73.52
C GLY I 848 72.25 -13.06 73.73
N VAL I 849 72.17 -12.55 74.95
CA VAL I 849 71.32 -11.41 75.23
C VAL I 849 71.85 -10.15 74.53
N MET I 850 73.18 -10.00 74.47
CA MET I 850 73.77 -8.92 73.68
C MET I 850 73.29 -8.99 72.24
N PHE I 851 73.42 -10.16 71.62
CA PHE I 851 73.01 -10.28 70.22
C PHE I 851 71.51 -10.07 70.07
N TRP I 852 70.72 -10.48 71.06
CA TRP I 852 69.30 -10.13 71.08
C TRP I 852 69.11 -8.62 71.02
N LYS I 853 69.88 -7.88 71.81
CA LYS I 853 69.77 -6.43 71.81
C LYS I 853 70.16 -5.85 70.46
N GLU I 854 71.24 -6.34 69.85
CA GLU I 854 71.63 -5.83 68.54
C GLU I 854 70.55 -6.10 67.49
N LEU I 855 69.98 -7.31 67.51
CA LEU I 855 68.97 -7.63 66.52
C LEU I 855 67.70 -6.80 66.74
N ASP I 856 67.37 -6.49 67.99
CA ASP I 856 66.23 -5.63 68.22
C ASP I 856 66.52 -4.21 67.73
N ASP I 857 67.74 -3.73 67.94
CA ASP I 857 68.09 -2.37 67.57
C ASP I 857 68.26 -2.18 66.07
N THR I 858 68.60 -3.24 65.32
CA THR I 858 68.97 -3.10 63.91
C THR I 858 68.12 -3.90 62.94
N ILE I 859 67.34 -4.88 63.41
CA ILE I 859 66.61 -5.80 62.54
C ILE I 859 65.12 -5.76 62.85
N PHE I 860 64.76 -6.13 64.08
CA PHE I 860 63.35 -6.32 64.41
C PHE I 860 62.58 -5.00 64.50
N ASN I 861 63.26 -3.89 64.80
CA ASN I 861 62.61 -2.59 64.82
C ASN I 861 62.23 -2.11 63.42
N LEU I 862 62.75 -2.74 62.36
CA LEU I 862 62.48 -2.32 61.01
C LEU I 862 61.10 -2.81 60.55
N PRO I 863 60.50 -2.16 59.55
CA PRO I 863 59.22 -2.64 59.05
C PRO I 863 59.35 -3.96 58.30
N LYS I 864 58.22 -4.64 58.14
CA LYS I 864 58.22 -5.95 57.49
C LYS I 864 58.71 -5.86 56.05
N ASN I 865 58.29 -4.81 55.33
CA ASN I 865 58.67 -4.67 53.93
C ASN I 865 60.17 -4.49 53.75
N LYS I 866 60.88 -4.08 54.80
CA LYS I 866 62.33 -3.89 54.76
C LYS I 866 63.08 -5.05 55.41
N LEU I 867 62.41 -5.79 56.29
CA LEU I 867 63.09 -6.81 57.11
C LEU I 867 63.79 -7.85 56.26
N LEU I 868 63.16 -8.30 55.16
CA LEU I 868 63.76 -9.35 54.34
C LEU I 868 65.09 -8.91 53.75
N ASP I 869 65.12 -7.70 53.17
CA ASP I 869 66.36 -7.23 52.56
C ASP I 869 67.40 -6.90 53.63
N ALA I 870 66.96 -6.43 54.81
CA ALA I 870 67.91 -6.20 55.89
C ALA I 870 68.57 -7.51 56.32
N LEU I 871 67.76 -8.57 56.45
CA LEU I 871 68.30 -9.87 56.82
C LEU I 871 69.24 -10.40 55.74
N ASN I 872 68.88 -10.22 54.47
CA ASN I 872 69.75 -10.65 53.40
C ASN I 872 71.08 -9.91 53.45
N LYS I 873 71.05 -8.61 53.74
CA LYS I 873 72.29 -7.84 53.83
C LYS I 873 73.16 -8.31 54.99
N LYS I 874 72.54 -8.56 56.15
CA LYS I 874 73.28 -9.02 57.33
C LYS I 874 73.24 -10.54 57.48
N ARG I 875 73.13 -11.25 56.37
CA ARG I 875 72.98 -12.71 56.40
C ARG I 875 74.18 -13.38 57.07
N ASP I 876 75.40 -13.06 56.63
CA ASP I 876 76.57 -13.76 57.16
C ASP I 876 76.79 -13.46 58.64
N HIS I 877 76.66 -12.20 59.03
CA HIS I 877 76.92 -11.81 60.41
C HIS I 877 75.95 -12.48 61.37
N ILE I 878 74.67 -12.52 60.99
CA ILE I 878 73.67 -13.13 61.85
C ILE I 878 73.97 -14.61 62.06
N ILE I 879 74.31 -15.32 60.99
CA ILE I 879 74.60 -16.74 61.11
C ILE I 879 75.84 -16.96 61.97
N LYS I 880 76.88 -16.17 61.73
CA LYS I 880 78.12 -16.33 62.49
C LYS I 880 77.88 -16.14 63.98
N LYS I 881 77.17 -15.07 64.35
CA LYS I 881 76.95 -14.81 65.76
C LYS I 881 75.89 -15.73 66.35
N LEU I 882 74.99 -16.28 65.53
CA LEU I 882 74.08 -17.32 66.04
C LEU I 882 74.84 -18.57 66.40
N ASN I 883 75.82 -18.96 65.58
CA ASN I 883 76.63 -20.12 65.90
C ASN I 883 77.57 -19.88 67.06
N ASN I 884 78.09 -18.65 67.21
CA ASN I 884 79.10 -18.36 68.21
C ASN I 884 78.54 -17.95 69.57
N ASP I 885 77.44 -17.20 69.60
CA ASP I 885 77.02 -16.48 70.80
C ASP I 885 75.61 -16.79 71.28
N PHE I 886 74.71 -17.25 70.41
CA PHE I 886 73.32 -17.43 70.77
C PHE I 886 73.01 -18.90 71.04
N GLN I 887 72.02 -19.13 71.90
CA GLN I 887 71.61 -20.48 72.29
C GLN I 887 71.03 -21.28 71.15
N LYS I 888 70.56 -20.61 70.09
CA LYS I 888 69.94 -21.26 68.94
C LYS I 888 70.88 -21.15 67.74
N PRO I 889 71.77 -22.10 67.51
CA PRO I 889 72.72 -21.97 66.40
C PRO I 889 72.02 -22.09 65.05
N TRP I 890 72.76 -21.72 64.01
CA TRP I 890 72.29 -21.93 62.65
C TRP I 890 72.25 -23.43 62.37
N PHE I 891 71.10 -23.90 61.89
CA PHE I 891 70.97 -25.33 61.63
C PHE I 891 71.86 -25.77 60.48
N GLY I 892 71.92 -24.99 59.41
CA GLY I 892 72.69 -25.36 58.24
C GLY I 892 74.15 -25.62 58.54
N LYS I 893 74.57 -26.88 58.42
CA LYS I 893 75.94 -27.26 58.69
C LYS I 893 76.29 -28.54 57.93
N ASN I 894 77.02 -28.40 56.83
CA ASN I 894 77.50 -29.53 56.05
C ASN I 894 78.97 -29.78 56.34
N ALA I 895 79.57 -30.72 55.61
CA ALA I 895 80.98 -31.04 55.82
C ALA I 895 81.88 -29.84 55.54
N ASN I 896 81.54 -29.06 54.52
CA ASN I 896 82.33 -27.86 54.20
C ASN I 896 82.27 -26.86 55.34
N GLY I 897 81.10 -26.67 55.94
CA GLY I 897 80.95 -25.73 57.02
C GLY I 897 79.50 -25.30 57.16
N VAL I 898 79.30 -24.13 57.76
CA VAL I 898 77.97 -23.56 57.87
C VAL I 898 77.44 -23.29 56.47
N CYS I 899 76.16 -23.60 56.26
CA CYS I 899 75.56 -23.51 54.93
C CYS I 899 74.09 -23.17 55.09
N ASP I 900 73.34 -23.29 54.00
CA ASP I 900 71.89 -23.19 54.01
C ASP I 900 71.30 -24.59 54.17
N LEU I 901 69.99 -24.64 54.36
CA LEU I 901 69.32 -25.93 54.48
C LEU I 901 69.44 -26.72 53.18
N GLN I 902 69.24 -26.05 52.05
CA GLN I 902 69.25 -26.74 50.76
C GLN I 902 70.61 -27.33 50.41
N GLU I 903 71.68 -26.88 51.06
CA GLU I 903 73.01 -27.41 50.81
C GLU I 903 73.38 -28.54 51.75
N MET I 904 72.39 -29.24 52.31
CA MET I 904 72.60 -30.35 53.23
C MET I 904 72.02 -31.62 52.64
N THR I 905 72.71 -32.74 52.88
CA THR I 905 72.12 -34.03 52.56
C THR I 905 71.14 -34.43 53.67
N TYR I 906 70.26 -35.38 53.34
CA TYR I 906 69.28 -35.84 54.32
C TYR I 906 69.96 -36.44 55.54
N LYS I 907 71.03 -37.20 55.33
CA LYS I 907 71.81 -37.70 56.47
C LYS I 907 72.39 -36.54 57.26
N GLU I 908 72.87 -35.50 56.60
CA GLU I 908 73.40 -34.34 57.31
C GLU I 908 72.30 -33.66 58.13
N VAL I 909 71.11 -33.50 57.56
CA VAL I 909 70.01 -32.87 58.29
C VAL I 909 69.63 -33.71 59.50
N ALA I 910 69.51 -35.03 59.31
CA ALA I 910 69.14 -35.90 60.42
C ALA I 910 70.19 -35.89 61.51
N ASN I 911 71.47 -35.95 61.13
CA ASN I 911 72.54 -35.92 62.12
C ASN I 911 72.54 -34.61 62.88
N ARG I 912 72.30 -33.50 62.18
CA ARG I 912 72.24 -32.20 62.84
C ARG I 912 71.06 -32.13 63.80
N LEU I 913 69.91 -32.70 63.41
CA LEU I 913 68.77 -32.74 64.32
C LEU I 913 69.09 -33.54 65.57
N VAL I 914 69.74 -34.70 65.42
CA VAL I 914 70.11 -35.48 66.59
C VAL I 914 71.13 -34.73 67.43
N GLU I 915 72.04 -33.99 66.77
CA GLU I 915 73.06 -33.25 67.49
C GLU I 915 72.44 -32.14 68.35
N LEU I 916 71.44 -31.44 67.81
CA LEU I 916 70.91 -30.25 68.46
C LEU I 916 69.69 -30.52 69.32
N MET I 917 69.05 -31.68 69.19
CA MET I 917 67.82 -31.99 69.90
C MET I 917 67.90 -33.23 70.79
N TYR I 918 69.01 -33.97 70.74
CA TYR I 918 69.24 -35.11 71.61
C TYR I 918 70.50 -34.84 72.43
N VAL I 919 70.46 -35.15 73.72
CA VAL I 919 71.56 -34.86 74.62
C VAL I 919 72.36 -36.14 74.80
N LYS I 920 73.61 -36.13 74.34
CA LYS I 920 74.48 -37.30 74.48
C LYS I 920 74.83 -37.55 75.94
N LYS I 921 75.11 -36.49 76.70
CA LYS I 921 75.56 -36.67 78.07
C LYS I 921 74.51 -37.38 78.92
N SER I 922 73.26 -36.96 78.81
CA SER I 922 72.18 -37.55 79.59
C SER I 922 71.46 -38.68 78.85
N HIS I 923 71.69 -38.84 77.56
CA HIS I 923 71.05 -39.90 76.78
C HIS I 923 69.53 -39.74 76.80
N ARG I 924 69.08 -38.53 76.48
CA ARG I 924 67.66 -38.20 76.52
C ARG I 924 67.39 -37.16 75.44
N TRP I 925 66.11 -36.97 75.13
CA TRP I 925 65.67 -35.94 74.19
C TRP I 925 65.31 -34.68 74.95
N ILE I 926 65.52 -33.53 74.31
CA ILE I 926 65.11 -32.26 74.91
C ILE I 926 63.61 -32.25 75.16
N ASP I 927 62.84 -32.74 74.19
CA ASP I 927 61.39 -32.78 74.33
C ASP I 927 60.84 -33.87 73.42
N VAL I 928 59.80 -34.55 73.90
CA VAL I 928 59.16 -35.59 73.10
C VAL I 928 58.53 -34.98 71.85
N SER I 929 58.14 -33.71 71.90
CA SER I 929 57.66 -33.05 70.68
C SER I 929 58.77 -32.91 69.65
N LEU I 930 59.99 -32.61 70.11
CA LEU I 930 61.12 -32.55 69.19
C LEU I 930 61.47 -33.94 68.66
N ARG I 931 61.33 -34.96 69.50
CA ARG I 931 61.50 -36.33 69.03
C ARG I 931 60.46 -36.66 67.96
N ASN I 932 59.23 -36.21 68.14
CA ASN I 932 58.18 -36.42 67.14
C ASN I 932 58.51 -35.66 65.86
N MET I 933 59.08 -34.46 65.97
CA MET I 933 59.52 -33.73 64.79
C MET I 933 60.59 -34.52 64.03
N TYR I 934 61.56 -35.06 64.76
CA TYR I 934 62.58 -35.90 64.13
C TYR I 934 61.93 -37.09 63.44
N GLY I 935 60.96 -37.72 64.09
CA GLY I 935 60.26 -38.83 63.48
C GLY I 935 59.55 -38.44 62.20
N ASP I 936 58.88 -37.29 62.21
CA ASP I 936 58.16 -36.84 61.01
C ASP I 936 59.13 -36.52 59.88
N PHE I 937 60.28 -35.93 60.21
CA PHE I 937 61.26 -35.68 59.17
C PHE I 937 61.77 -36.99 58.58
N LEU I 938 62.02 -38.00 59.42
CA LEU I 938 62.44 -39.30 58.91
C LEU I 938 61.34 -39.94 58.08
N ARG I 939 60.07 -39.71 58.46
CA ARG I 939 58.97 -40.18 57.63
C ARG I 939 59.05 -39.56 56.24
N ARG I 940 59.30 -38.26 56.17
CA ARG I 940 59.45 -37.62 54.87
C ARG I 940 60.62 -38.18 54.09
N VAL I 941 61.74 -38.47 54.78
CA VAL I 941 62.91 -39.00 54.08
C VAL I 941 62.59 -40.36 53.47
N GLU I 942 61.99 -41.26 54.26
CA GLU I 942 61.67 -42.59 53.72
C GLU I 942 60.64 -42.51 52.61
N GLU I 943 59.64 -41.65 52.75
CA GLU I 943 58.65 -41.50 51.69
C GLU I 943 59.29 -40.97 50.42
N ARG I 944 60.23 -40.02 50.56
CA ARG I 944 60.92 -39.47 49.40
C ARG I 944 61.74 -40.55 48.70
N PHE I 945 62.44 -41.38 49.46
CA PHE I 945 63.40 -42.32 48.90
C PHE I 945 62.84 -43.72 48.72
N THR I 946 61.53 -43.91 48.89
CA THR I 946 60.85 -45.14 48.50
C THR I 946 59.82 -44.81 47.43
N SER I 947 59.81 -45.62 46.36
CA SER I 947 58.88 -45.43 45.25
C SER I 947 57.83 -46.53 45.15
N SER I 948 58.02 -47.66 45.82
CA SER I 948 57.11 -48.79 45.75
C SER I 948 56.12 -48.70 46.91
N ALA I 949 54.84 -48.95 46.62
CA ALA I 949 53.82 -49.00 47.64
C ALA I 949 53.89 -50.33 48.40
N GLY I 950 53.20 -50.39 49.52
CA GLY I 950 53.21 -51.58 50.35
C GLY I 950 54.58 -51.90 50.91
N THR I 951 55.33 -50.89 51.35
CA THR I 951 56.62 -51.07 51.99
C THR I 951 56.50 -50.76 53.47
N VAL I 952 57.07 -51.63 54.30
CA VAL I 952 57.02 -51.44 55.74
C VAL I 952 57.96 -50.32 56.14
N SER I 953 57.44 -49.36 56.90
CA SER I 953 58.27 -48.27 57.39
C SER I 953 59.26 -48.80 58.42
N LEU I 954 60.51 -48.31 58.33
CA LEU I 954 61.49 -48.65 59.35
C LEU I 954 61.06 -48.14 60.71
N LEU I 955 60.48 -46.94 60.76
CA LEU I 955 60.01 -46.34 62.00
C LEU I 955 58.53 -46.68 62.14
N GLN I 956 58.25 -47.71 62.93
CA GLN I 956 56.87 -48.08 63.20
C GLN I 956 56.26 -47.18 64.27
N ASN I 957 57.00 -46.93 65.35
CA ASN I 957 56.57 -46.04 66.41
C ASN I 957 57.73 -45.13 66.80
N PHE I 958 57.41 -43.89 67.16
CA PHE I 958 58.44 -42.92 67.45
C PHE I 958 59.22 -43.24 68.72
N ASN I 959 58.75 -44.20 69.53
CA ASN I 959 59.52 -44.62 70.70
C ASN I 959 60.86 -45.25 70.30
N GLN I 960 61.02 -45.67 69.05
CA GLN I 960 62.31 -46.15 68.57
C GLN I 960 63.35 -45.04 68.48
N LEU I 961 62.93 -43.78 68.57
CA LEU I 961 63.83 -42.64 68.48
C LEU I 961 64.39 -42.21 69.83
N ASN I 962 63.99 -42.87 70.92
CA ASN I 962 64.59 -42.56 72.22
C ASN I 962 66.06 -42.93 72.26
N GLU I 963 66.52 -43.76 71.33
CA GLU I 963 67.94 -44.04 71.12
C GLU I 963 68.20 -43.80 69.63
N PRO I 964 68.25 -42.54 69.20
CA PRO I 964 68.12 -42.25 67.77
C PRO I 964 69.40 -42.39 66.96
N GLU I 965 70.57 -42.41 67.61
CA GLU I 965 71.81 -42.50 66.84
C GLU I 965 71.91 -43.81 66.09
N GLN I 966 71.66 -44.93 66.77
CA GLN I 966 71.70 -46.23 66.10
C GLN I 966 70.54 -46.35 65.11
N PHE I 967 69.37 -45.80 65.44
CA PHE I 967 68.28 -45.81 64.49
C PHE I 967 68.62 -44.97 63.27
N THR I 968 69.27 -43.82 63.47
CA THR I 968 69.70 -43.02 62.33
C THR I 968 70.68 -43.79 61.46
N ALA I 969 71.63 -44.50 62.09
CA ALA I 969 72.58 -45.29 61.33
C ALA I 969 71.88 -46.37 60.52
N ASP I 970 70.93 -47.08 61.13
CA ASP I 970 70.19 -48.10 60.39
C ASP I 970 69.37 -47.49 59.26
N PHE I 971 68.72 -46.36 59.52
CA PHE I 971 67.89 -45.71 58.52
C PHE I 971 68.69 -45.30 57.30
N PHE I 972 69.86 -44.70 57.52
CA PHE I 972 70.66 -44.24 56.40
C PHE I 972 71.64 -45.30 55.89
N GLU I 973 71.69 -46.47 56.53
CA GLU I 973 72.21 -47.65 55.89
C GLU I 973 71.20 -48.25 54.92
N LYS I 974 69.91 -48.20 55.25
CA LYS I 974 68.88 -48.63 54.31
C LYS I 974 68.73 -47.66 53.15
N PHE I 975 68.82 -46.36 53.40
CA PHE I 975 68.73 -45.33 52.38
C PHE I 975 70.10 -44.67 52.20
N PRO I 976 71.06 -45.37 51.58
CA PRO I 976 72.37 -44.75 51.34
C PRO I 976 72.30 -43.52 50.44
N GLN I 977 71.37 -43.50 49.48
CA GLN I 977 71.24 -42.35 48.59
C GLN I 977 70.85 -41.09 49.34
N ALA I 978 70.22 -41.24 50.51
CA ALA I 978 69.83 -40.07 51.30
C ALA I 978 71.03 -39.27 51.75
N GLY I 979 72.11 -39.95 52.14
CA GLY I 979 73.32 -39.27 52.52
C GLY I 979 74.12 -38.69 51.38
N LYS I 980 73.71 -38.95 50.13
CA LYS I 980 74.35 -38.40 48.96
C LYS I 980 73.53 -37.29 48.30
N GLN I 981 72.21 -37.30 48.46
CA GLN I 981 71.33 -36.34 47.81
C GLN I 981 71.04 -35.18 48.75
N LEU I 982 71.15 -33.96 48.23
CA LEU I 982 70.80 -32.79 49.01
C LEU I 982 69.31 -32.76 49.28
N ILE I 983 68.92 -32.05 50.35
CA ILE I 983 67.52 -32.01 50.73
C ILE I 983 66.74 -31.22 49.69
N SER I 984 65.66 -31.82 49.19
CA SER I 984 64.85 -31.19 48.17
C SER I 984 64.19 -29.92 48.72
N GLU I 985 63.71 -29.08 47.81
CA GLU I 985 62.99 -27.88 48.23
C GLU I 985 61.68 -28.25 48.91
N GLU I 986 61.02 -29.30 48.43
CA GLU I 986 59.80 -29.78 49.08
C GLU I 986 60.08 -30.14 50.53
N ASP I 987 61.14 -30.91 50.77
CA ASP I 987 61.46 -31.35 52.11
C ASP I 987 62.02 -30.21 52.95
N CYS I 988 62.66 -29.21 52.32
CA CYS I 988 63.07 -28.02 53.07
C CYS I 988 61.86 -27.26 53.59
N ASP I 989 60.85 -27.09 52.74
CA ASP I 989 59.62 -26.43 53.18
C ASP I 989 58.94 -27.24 54.27
N TYR I 990 58.90 -28.56 54.10
CA TYR I 990 58.32 -29.42 55.14
C TYR I 990 59.09 -29.30 56.44
N PHE I 991 60.43 -29.23 56.36
CA PHE I 991 61.26 -29.07 57.54
C PHE I 991 60.95 -27.75 58.25
N LEU I 992 60.80 -26.68 57.49
CA LEU I 992 60.49 -25.39 58.10
C LEU I 992 59.10 -25.39 58.74
N MET I 993 58.16 -26.13 58.14
CA MET I 993 56.84 -26.23 58.75
C MET I 993 56.86 -27.06 60.02
N LEU I 994 57.61 -28.16 60.04
CA LEU I 994 57.78 -28.93 61.27
C LEU I 994 58.50 -28.14 62.35
N ALA I 995 59.45 -27.29 61.98
CA ALA I 995 60.12 -26.44 62.95
C ALA I 995 59.19 -25.41 63.58
N ALA I 996 58.02 -25.17 62.99
CA ALA I 996 57.06 -24.19 63.49
C ALA I 996 55.68 -24.79 63.74
N ARG I 997 55.58 -26.12 63.82
CA ARG I 997 54.31 -26.75 64.10
C ARG I 997 53.76 -26.25 65.45
N PRO I 998 52.50 -25.85 65.54
CA PRO I 998 51.96 -25.44 66.84
C PRO I 998 51.80 -26.63 67.77
N GLY I 999 51.79 -26.33 69.07
CA GLY I 999 51.73 -27.38 70.07
C GLY I 999 53.02 -28.15 70.24
N GLN I 1000 54.15 -27.58 69.80
CA GLN I 1000 55.45 -28.22 69.86
C GLN I 1000 56.43 -27.23 70.46
N LYS I 1001 57.42 -27.77 71.18
CA LYS I 1001 58.47 -26.92 71.72
C LYS I 1001 59.22 -26.26 70.56
N PRO I 1002 59.36 -24.93 70.53
CA PRO I 1002 60.12 -24.31 69.44
C PRO I 1002 61.53 -24.87 69.36
N VAL I 1003 61.99 -25.10 68.13
CA VAL I 1003 63.21 -25.86 67.90
C VAL I 1003 64.39 -25.09 68.49
N PRO I 1004 65.44 -25.77 68.95
CA PRO I 1004 66.59 -25.08 69.55
C PRO I 1004 67.56 -24.50 68.54
N PHE I 1005 67.16 -24.29 67.30
CA PHE I 1005 68.02 -23.70 66.28
C PHE I 1005 67.22 -22.72 65.43
N VAL I 1006 67.94 -21.99 64.59
CA VAL I 1006 67.32 -21.11 63.59
C VAL I 1006 67.53 -21.74 62.22
N PRO I 1007 66.47 -22.17 61.51
CA PRO I 1007 66.68 -22.84 60.23
C PRO I 1007 66.77 -21.90 59.03
N VAL I 1008 66.16 -20.72 59.12
CA VAL I 1008 66.02 -19.85 57.96
C VAL I 1008 65.99 -18.40 58.44
N LEU I 1009 66.43 -17.48 57.57
CA LEU I 1009 66.34 -16.05 57.82
C LEU I 1009 65.28 -15.46 56.88
N ASP I 1010 64.04 -15.41 57.37
CA ASP I 1010 62.90 -14.86 56.65
C ASP I 1010 62.14 -13.96 57.60
N GLU I 1011 60.91 -13.59 57.22
CA GLU I 1011 60.05 -12.83 58.13
C GLU I 1011 59.78 -13.57 59.43
N ARG I 1012 59.95 -14.90 59.45
CA ARG I 1012 59.79 -15.70 60.65
C ARG I 1012 61.08 -15.77 61.48
N PHE I 1013 62.10 -14.99 61.13
CA PHE I 1013 63.37 -15.06 61.85
C PHE I 1013 63.20 -14.63 63.31
N GLU I 1014 62.40 -13.59 63.55
CA GLU I 1014 62.13 -13.19 64.93
C GLU I 1014 61.45 -14.32 65.70
N PHE I 1015 60.49 -14.98 65.06
CA PHE I 1015 59.79 -16.11 65.67
C PHE I 1015 60.79 -17.18 66.10
N PHE I 1016 61.62 -17.64 65.17
CA PHE I 1016 62.62 -18.67 65.45
C PHE I 1016 63.64 -18.23 66.48
N PHE I 1017 64.05 -16.96 66.46
CA PHE I 1017 65.09 -16.44 67.34
C PHE I 1017 64.60 -16.27 68.77
N LYS I 1018 63.36 -15.84 68.96
CA LYS I 1018 62.90 -15.42 70.28
C LYS I 1018 62.05 -16.46 71.01
N LYS I 1019 61.23 -17.26 70.34
CA LYS I 1019 60.31 -18.10 71.11
C LYS I 1019 61.06 -19.09 71.99
N ASP I 1020 60.62 -19.22 73.23
CA ASP I 1020 61.08 -20.25 74.16
C ASP I 1020 62.59 -20.15 74.39
N SER I 1021 62.99 -19.02 74.99
CA SER I 1021 64.38 -18.72 75.28
C SER I 1021 64.70 -18.76 76.78
N LEU I 1022 63.77 -19.24 77.61
CA LEU I 1022 63.94 -19.22 79.06
C LEU I 1022 64.39 -20.54 79.65
N TRP I 1023 64.00 -21.67 79.05
CA TRP I 1023 64.32 -22.97 79.63
C TRP I 1023 65.82 -23.28 79.54
N GLN I 1024 66.53 -22.67 78.60
CA GLN I 1024 67.95 -22.96 78.42
C GLN I 1024 68.75 -22.53 79.64
N SER I 1025 68.30 -21.50 80.36
CA SER I 1025 69.00 -21.06 81.56
C SER I 1025 69.12 -22.17 82.59
N GLU I 1026 68.15 -23.10 82.61
CA GLU I 1026 68.20 -24.27 83.47
C GLU I 1026 68.87 -25.45 82.78
N ASP I 1027 68.34 -25.85 81.63
CA ASP I 1027 68.77 -27.07 80.95
C ASP I 1027 70.00 -26.74 80.10
N LEU I 1028 71.12 -26.57 80.79
CA LEU I 1028 72.35 -26.14 80.13
C LEU I 1028 73.05 -27.26 79.40
N GLU I 1029 72.78 -28.52 79.76
CA GLU I 1029 73.41 -29.64 79.06
C GLU I 1029 72.92 -29.73 77.62
N SER I 1030 71.71 -29.23 77.35
CA SER I 1030 71.17 -29.25 75.99
C SER I 1030 71.68 -28.09 75.13
N VAL I 1031 72.35 -27.11 75.72
CA VAL I 1031 72.86 -25.97 74.97
C VAL I 1031 74.20 -26.34 74.36
N VAL I 1032 74.54 -25.70 73.24
CA VAL I 1032 75.79 -26.00 72.55
C VAL I 1032 76.96 -25.62 73.45
N ASP I 1033 77.88 -26.56 73.64
CA ASP I 1033 79.09 -26.40 74.45
C ASP I 1033 78.79 -26.17 75.93
N GLU I 1034 77.53 -26.28 76.36
CA GLU I 1034 77.14 -26.01 77.74
C GLU I 1034 77.61 -24.63 78.17
N ASP I 1035 77.49 -23.65 77.27
CA ASP I 1035 77.95 -22.30 77.51
C ASP I 1035 76.81 -21.48 78.10
N VAL I 1036 77.00 -21.02 79.34
CA VAL I 1036 75.98 -20.18 79.98
C VAL I 1036 75.83 -18.86 79.23
N GLN I 1037 76.91 -18.39 78.59
CA GLN I 1037 76.85 -17.11 77.89
C GLN I 1037 75.89 -17.16 76.71
N ARG I 1038 75.60 -18.34 76.18
CA ARG I 1038 74.60 -18.45 75.12
C ARG I 1038 73.19 -18.31 75.65
N THR I 1039 72.95 -18.76 76.87
CA THR I 1039 71.60 -18.79 77.43
C THR I 1039 71.13 -17.39 77.80
N CYS I 1040 69.82 -17.26 77.97
CA CYS I 1040 69.17 -16.03 78.39
C CYS I 1040 68.61 -16.23 79.79
N ILE I 1041 69.08 -15.42 80.74
CA ILE I 1041 68.73 -15.55 82.15
C ILE I 1041 68.07 -14.25 82.58
N LEU I 1042 66.84 -14.35 83.09
CA LEU I 1042 66.10 -13.18 83.53
C LEU I 1042 66.49 -12.80 84.95
N HIS I 1043 66.84 -11.54 85.15
CA HIS I 1043 67.34 -11.10 86.45
C HIS I 1043 67.08 -9.60 86.63
N GLY I 1044 66.82 -9.21 87.87
CA GLY I 1044 66.51 -7.84 88.18
C GLY I 1044 67.76 -7.02 88.49
N PRO I 1045 67.93 -5.86 87.84
CA PRO I 1045 69.16 -5.09 88.06
C PRO I 1045 69.34 -4.64 89.50
N VAL I 1046 68.25 -4.47 90.24
CA VAL I 1046 68.34 -4.01 91.63
C VAL I 1046 68.36 -5.19 92.60
N ALA I 1047 67.57 -6.24 92.32
CA ALA I 1047 67.62 -7.42 93.16
C ALA I 1047 68.94 -8.17 93.04
N SER I 1048 69.72 -7.91 91.99
CA SER I 1048 70.99 -8.60 91.82
C SER I 1048 72.01 -8.22 92.89
N GLN I 1049 71.81 -7.11 93.61
CA GLN I 1049 72.77 -6.72 94.65
C GLN I 1049 72.81 -7.75 95.77
N TYR I 1050 71.66 -8.29 96.15
CA TYR I 1050 71.56 -9.19 97.29
C TYR I 1050 71.81 -10.65 96.92
N THR I 1051 71.98 -10.96 95.63
CA THR I 1051 72.27 -12.32 95.19
C THR I 1051 73.77 -12.51 95.20
N SER I 1052 74.29 -13.02 96.32
CA SER I 1052 75.72 -13.21 96.52
C SER I 1052 76.11 -14.66 96.82
N LYS I 1053 75.14 -15.53 97.10
CA LYS I 1053 75.40 -16.92 97.45
C LYS I 1053 74.77 -17.84 96.42
N VAL I 1054 75.33 -19.04 96.31
CA VAL I 1054 74.85 -20.05 95.37
C VAL I 1054 74.30 -21.22 96.17
N ASP I 1055 73.31 -21.90 95.56
CA ASP I 1055 72.62 -23.06 96.13
C ASP I 1055 72.35 -22.89 97.62
N GLU I 1056 71.80 -21.73 97.98
CA GLU I 1056 71.37 -21.51 99.36
C GLU I 1056 69.97 -22.09 99.55
N PRO I 1057 69.59 -22.60 100.73
CA PRO I 1057 68.22 -23.08 100.87
C PRO I 1057 67.20 -21.95 100.80
N ILE I 1058 66.13 -22.19 100.03
CA ILE I 1058 65.02 -21.23 99.96
C ILE I 1058 64.48 -20.97 101.35
N GLY I 1059 64.32 -22.03 102.14
CA GLY I 1059 63.89 -21.86 103.52
C GLY I 1059 64.83 -20.98 104.31
N ASP I 1060 66.13 -21.19 104.17
CA ASP I 1060 67.10 -20.38 104.90
C ASP I 1060 67.02 -18.92 104.47
N ILE I 1061 66.84 -18.65 103.18
CA ILE I 1061 66.79 -17.27 102.70
C ILE I 1061 65.58 -16.56 103.32
N LEU I 1062 64.39 -17.17 103.19
CA LEU I 1062 63.21 -16.48 103.69
C LEU I 1062 63.20 -16.43 105.22
N ASN I 1063 63.71 -17.46 105.89
CA ASN I 1063 63.84 -17.40 107.35
C ASN I 1063 64.79 -16.29 107.78
N SER I 1064 65.90 -16.11 107.06
CA SER I 1064 66.81 -15.04 107.41
C SER I 1064 66.13 -13.68 107.28
N ILE I 1065 65.41 -13.46 106.17
CA ILE I 1065 64.75 -12.17 105.99
C ILE I 1065 63.68 -11.95 107.07
N HIS I 1066 62.84 -12.95 107.30
CA HIS I 1066 61.78 -12.83 108.29
C HIS I 1066 62.34 -12.64 109.68
N GLU I 1067 63.42 -13.36 110.02
CA GLU I 1067 64.02 -13.26 111.34
C GLU I 1067 64.70 -11.91 111.53
N GLY I 1068 65.29 -11.36 110.48
CA GLY I 1068 65.81 -10.01 110.57
C GLY I 1068 64.71 -9.00 110.85
N HIS I 1069 63.59 -9.13 110.14
CA HIS I 1069 62.44 -8.26 110.41
C HIS I 1069 61.98 -8.40 111.86
N ILE I 1070 61.87 -9.63 112.35
CA ILE I 1070 61.41 -9.85 113.72
C ILE I 1070 62.40 -9.29 114.72
N ALA I 1071 63.70 -9.51 114.50
CA ALA I 1071 64.71 -9.08 115.46
C ALA I 1071 64.78 -7.56 115.52
N ARG I 1072 64.49 -6.88 114.41
CA ARG I 1072 64.44 -5.43 114.46
C ARG I 1072 63.13 -4.93 115.05
N LEU I 1073 62.03 -5.64 114.80
CA LEU I 1073 60.74 -5.22 115.32
C LEU I 1073 60.68 -5.35 116.84
N ILE I 1074 61.22 -6.42 117.39
CA ILE I 1074 61.25 -6.57 118.85
C ILE I 1074 62.13 -5.48 119.46
N LYS I 1075 63.21 -5.13 118.77
CA LYS I 1075 64.11 -4.09 119.29
C LYS I 1075 63.42 -2.73 119.29
N GLU I 1076 62.71 -2.40 118.21
CA GLU I 1076 62.12 -1.06 118.09
C GLU I 1076 60.77 -0.95 118.78
N GLU I 1077 59.78 -1.74 118.33
CA GLU I 1077 58.43 -1.64 118.87
C GLU I 1077 58.36 -2.07 120.32
N TYR I 1078 59.00 -3.19 120.68
CA TYR I 1078 58.84 -3.82 121.98
C TYR I 1078 60.06 -3.64 122.88
N ALA I 1079 61.00 -2.78 122.52
CA ALA I 1079 62.15 -2.45 123.36
C ALA I 1079 62.98 -3.68 123.70
N GLY I 1080 63.02 -4.67 122.81
CA GLY I 1080 63.82 -5.85 123.02
C GLY I 1080 63.23 -6.89 123.94
N ASP I 1081 62.01 -6.67 124.44
CA ASP I 1081 61.36 -7.60 125.37
C ASP I 1081 60.41 -8.49 124.58
N GLU I 1082 60.73 -9.77 124.51
CA GLU I 1082 59.85 -10.73 123.84
C GLU I 1082 58.62 -11.06 124.68
N SER I 1083 58.68 -10.88 126.00
CA SER I 1083 57.53 -11.18 126.84
C SER I 1083 56.35 -10.25 126.53
N LYS I 1084 56.63 -9.06 126.01
CA LYS I 1084 55.56 -8.14 125.62
C LYS I 1084 54.85 -8.57 124.35
N ILE I 1085 55.36 -9.58 123.65
CA ILE I 1085 54.72 -10.03 122.42
C ILE I 1085 53.33 -10.59 122.75
N PRO I 1086 52.26 -10.19 122.07
CA PRO I 1086 50.97 -10.84 122.32
C PRO I 1086 51.02 -12.32 121.99
N VAL I 1087 50.40 -13.13 122.84
CA VAL I 1087 50.36 -14.58 122.69
C VAL I 1087 48.95 -14.98 122.28
N VAL I 1088 48.86 -15.75 121.19
CA VAL I 1088 47.60 -16.25 120.69
C VAL I 1088 47.76 -17.74 120.44
N GLU I 1089 46.64 -18.46 120.47
CA GLU I 1089 46.70 -19.90 120.21
C GLU I 1089 47.13 -20.18 118.78
N TYR I 1090 46.53 -19.49 117.81
CA TYR I 1090 46.89 -19.65 116.41
C TYR I 1090 46.81 -18.29 115.73
N PHE I 1091 47.57 -18.15 114.65
CA PHE I 1091 47.69 -16.88 113.92
C PHE I 1091 47.26 -17.11 112.48
N GLY I 1092 46.15 -16.50 112.09
CA GLY I 1092 45.66 -16.61 110.74
C GLY I 1092 44.16 -16.49 110.70
N GLY I 1093 43.63 -16.59 109.49
CA GLY I 1093 42.19 -16.53 109.29
C GLY I 1093 41.63 -15.16 109.61
N LYS I 1094 40.30 -15.08 109.53
CA LYS I 1094 39.62 -13.84 109.85
C LYS I 1094 39.83 -13.48 111.31
N LYS I 1095 39.99 -12.18 111.58
CA LYS I 1095 40.16 -11.73 112.94
C LYS I 1095 38.91 -12.05 113.75
N PRO I 1096 39.03 -12.54 114.98
CA PRO I 1096 37.82 -12.86 115.76
C PRO I 1096 36.98 -11.61 115.99
N ALA I 1097 35.65 -11.79 115.91
CA ALA I 1097 34.71 -10.68 115.92
C ALA I 1097 33.82 -10.76 117.15
N SER I 1098 33.44 -9.58 117.65
CA SER I 1098 32.49 -9.44 118.74
C SER I 1098 31.13 -9.13 118.13
N VAL I 1099 30.18 -10.05 118.28
CA VAL I 1099 28.86 -9.93 117.67
C VAL I 1099 27.83 -9.86 118.79
N SER I 1100 27.01 -8.81 118.76
CA SER I 1100 25.88 -8.63 119.67
C SER I 1100 24.64 -8.51 118.79
N ALA I 1101 23.95 -9.63 118.60
CA ALA I 1101 22.83 -9.73 117.69
C ALA I 1101 21.57 -10.14 118.45
N THR I 1102 20.45 -10.17 117.73
CA THR I 1102 19.18 -10.64 118.27
C THR I 1102 19.01 -12.11 117.91
N SER I 1103 18.02 -12.75 118.56
CA SER I 1103 17.71 -14.15 118.34
C SER I 1103 18.83 -15.07 118.83
N VAL I 1104 19.62 -14.60 119.80
CA VAL I 1104 20.69 -15.39 120.38
C VAL I 1104 20.37 -15.68 121.85
N ASN I 1105 19.78 -14.70 122.53
CA ASN I 1105 19.35 -14.84 123.92
C ASN I 1105 20.47 -15.41 124.80
N ILE I 1106 21.53 -14.62 124.94
CA ILE I 1106 22.72 -15.06 125.66
C ILE I 1106 22.46 -14.96 127.15
N ILE I 1107 22.75 -16.05 127.87
CA ILE I 1107 22.63 -16.11 129.32
C ILE I 1107 23.86 -16.79 129.88
N ASP I 1108 24.39 -16.25 130.98
CA ASP I 1108 25.66 -16.71 131.52
C ASP I 1108 25.46 -17.89 132.47
N GLY I 1109 26.58 -18.44 132.93
CA GLY I 1109 26.62 -19.59 133.80
C GLY I 1109 27.88 -20.38 133.54
N ASN I 1110 27.87 -21.64 134.10
CA ASN I 1110 28.98 -22.55 133.83
C ASN I 1110 29.11 -22.82 132.34
N GLN I 1111 27.99 -22.91 131.62
CA GLN I 1111 27.99 -22.96 130.16
C GLN I 1111 27.06 -21.87 129.67
N VAL I 1112 27.61 -20.88 128.97
CA VAL I 1112 26.79 -19.79 128.43
C VAL I 1112 25.90 -20.35 127.33
N VAL I 1113 24.62 -19.99 127.37
CA VAL I 1113 23.60 -20.57 126.52
C VAL I 1113 23.07 -19.51 125.58
N TYR I 1114 23.11 -19.80 124.28
CA TYR I 1114 22.51 -18.98 123.24
C TYR I 1114 21.29 -19.72 122.71
N GLU I 1115 20.12 -19.08 122.79
CA GLU I 1115 18.86 -19.69 122.38
C GLU I 1115 18.22 -18.86 121.27
N ILE I 1116 17.69 -19.54 120.26
CA ILE I 1116 17.12 -18.90 119.08
C ILE I 1116 15.61 -18.96 119.17
N ASP I 1117 14.97 -17.81 118.95
CA ASP I 1117 13.52 -17.70 118.96
C ASP I 1117 12.99 -18.04 117.56
N SER I 1118 11.72 -17.72 117.29
CA SER I 1118 11.14 -18.02 116.00
C SER I 1118 11.93 -17.37 114.86
N GLU I 1119 12.26 -16.09 115.01
CA GLU I 1119 13.05 -15.39 114.00
C GLU I 1119 14.53 -15.70 114.19
N LEU I 1120 15.24 -15.96 113.05
CA LEU I 1120 16.62 -16.42 113.09
C LEU I 1120 17.59 -15.27 112.91
N PRO I 1121 18.84 -15.39 113.41
CA PRO I 1121 19.84 -14.34 113.16
C PRO I 1121 20.57 -14.54 111.85
N ASN I 1122 21.53 -13.67 111.56
CA ASN I 1122 22.39 -13.87 110.40
C ASN I 1122 23.32 -15.06 110.63
N LYS I 1123 23.57 -15.81 109.57
CA LYS I 1123 24.41 -17.00 109.69
C LYS I 1123 25.84 -16.63 110.10
N GLN I 1124 26.43 -15.65 109.42
CA GLN I 1124 27.80 -15.27 109.73
C GLN I 1124 27.91 -14.67 111.13
N GLU I 1125 26.93 -13.85 111.51
CA GLU I 1125 26.92 -13.28 112.86
C GLU I 1125 26.80 -14.37 113.92
N TRP I 1126 25.94 -15.35 113.66
CA TRP I 1126 25.76 -16.45 114.60
C TRP I 1126 27.05 -17.27 114.76
N LEU I 1127 27.71 -17.58 113.64
CA LEU I 1127 28.96 -18.33 113.70
C LEU I 1127 30.04 -17.52 114.41
N ASP I 1128 30.14 -16.22 114.12
CA ASP I 1128 31.12 -15.38 114.80
C ASP I 1128 30.84 -15.32 116.30
N LEU I 1129 29.57 -15.22 116.68
CA LEU I 1129 29.22 -15.19 118.09
C LEU I 1129 29.64 -16.49 118.78
N LEU I 1130 29.36 -17.62 118.14
CA LEU I 1130 29.79 -18.89 118.74
C LEU I 1130 31.30 -18.98 118.84
N ALA I 1131 32.01 -18.49 117.83
CA ALA I 1131 33.47 -18.53 117.86
C ALA I 1131 34.01 -17.68 119.01
N GLY I 1132 33.45 -16.49 119.21
CA GLY I 1132 33.89 -15.61 120.26
C GLY I 1132 35.06 -14.72 119.86
N THR I 1133 35.51 -13.92 120.82
CA THR I 1133 36.59 -12.97 120.59
C THR I 1133 37.96 -13.54 120.94
N GLU I 1134 38.04 -14.73 121.52
CA GLU I 1134 39.30 -15.30 121.97
C GLU I 1134 39.78 -16.34 120.96
N LEU I 1135 41.02 -16.20 120.51
CA LEU I 1135 41.62 -17.16 119.61
C LEU I 1135 41.93 -18.45 120.38
N ASN I 1136 41.08 -19.46 120.21
CA ASN I 1136 41.28 -20.76 120.84
C ASN I 1136 40.94 -21.84 119.83
N TRP I 1137 40.94 -23.09 120.29
CA TRP I 1137 40.68 -24.21 119.38
C TRP I 1137 39.26 -24.15 118.83
N LEU I 1138 38.28 -23.74 119.64
CA LEU I 1138 36.91 -23.65 119.15
C LEU I 1138 36.76 -22.49 118.19
N GLN I 1139 37.42 -21.37 118.48
CA GLN I 1139 37.43 -20.25 117.55
C GLN I 1139 38.00 -20.67 116.21
N ALA I 1140 39.08 -21.45 116.22
CA ALA I 1140 39.61 -21.98 114.97
C ALA I 1140 38.60 -22.89 114.29
N PHE I 1141 38.06 -23.86 115.03
CA PHE I 1141 37.24 -24.90 114.44
C PHE I 1141 35.92 -24.38 113.88
N ILE I 1142 35.44 -23.22 114.34
CA ILE I 1142 34.25 -22.59 113.79
C ILE I 1142 34.61 -21.54 112.74
N SER I 1143 35.56 -20.65 113.06
CA SER I 1143 35.81 -19.50 112.20
C SER I 1143 36.43 -19.90 110.87
N THR I 1144 37.42 -20.79 110.88
CA THR I 1144 38.12 -21.13 109.64
C THR I 1144 37.16 -21.78 108.66
N ASP I 1145 37.24 -21.34 107.41
CA ASP I 1145 36.31 -21.75 106.37
C ASP I 1145 36.77 -23.01 105.63
N ARG I 1146 37.86 -23.63 106.08
CA ARG I 1146 38.37 -24.83 105.43
C ARG I 1146 38.94 -25.77 106.48
N ILE I 1147 38.91 -27.07 106.15
CA ILE I 1147 39.56 -28.11 106.93
C ILE I 1147 40.41 -28.93 105.98
N VAL I 1148 41.35 -29.67 106.57
CA VAL I 1148 42.31 -30.48 105.82
C VAL I 1148 41.87 -31.93 105.94
N GLN I 1149 41.48 -32.51 104.81
CA GLN I 1149 41.20 -33.94 104.70
C GLN I 1149 42.34 -34.53 103.90
N GLY I 1150 43.25 -35.21 104.60
CA GLY I 1150 44.47 -35.68 103.96
C GLY I 1150 45.30 -34.51 103.49
N SER I 1151 45.33 -34.31 102.17
CA SER I 1151 46.00 -33.17 101.56
C SER I 1151 45.04 -32.30 100.75
N LYS I 1152 43.76 -32.32 101.11
CA LYS I 1152 42.72 -31.58 100.39
C LYS I 1152 42.06 -30.56 101.31
N HIS I 1153 41.82 -29.36 100.79
CA HIS I 1153 41.13 -28.31 101.52
C HIS I 1153 39.64 -28.41 101.21
N VAL I 1154 38.85 -28.81 102.21
CA VAL I 1154 37.42 -29.01 102.05
C VAL I 1154 36.69 -27.96 102.86
N SER I 1155 35.48 -27.62 102.43
CA SER I 1155 34.67 -26.65 103.15
C SER I 1155 34.37 -27.18 104.55
N ASN I 1156 34.33 -26.27 105.52
CA ASN I 1156 34.07 -26.66 106.89
C ASN I 1156 32.61 -27.08 107.04
N PRO I 1157 32.32 -28.32 107.46
CA PRO I 1157 30.91 -28.69 107.65
C PRO I 1157 30.31 -28.09 108.90
N LEU I 1158 31.12 -27.54 109.80
CA LEU I 1158 30.59 -26.97 111.02
C LEU I 1158 29.73 -25.76 110.73
N HIS I 1159 30.03 -25.01 109.66
CA HIS I 1159 29.18 -23.89 109.28
C HIS I 1159 27.76 -24.36 109.00
N ASP I 1160 27.62 -25.40 108.17
CA ASP I 1160 26.28 -25.91 107.83
C ASP I 1160 25.62 -26.55 109.05
N ILE I 1161 26.41 -27.23 109.88
CA ILE I 1161 25.85 -27.87 111.06
C ILE I 1161 25.31 -26.83 112.04
N LEU I 1162 26.10 -25.79 112.32
CA LEU I 1162 25.75 -24.76 113.27
C LEU I 1162 24.94 -23.63 112.65
N THR I 1163 24.50 -23.77 111.41
CA THR I 1163 23.62 -22.77 110.82
C THR I 1163 22.41 -22.58 111.73
N PRO I 1164 21.89 -21.35 111.85
CA PRO I 1164 20.83 -21.09 112.84
C PRO I 1164 19.58 -21.91 112.55
N ALA I 1165 18.95 -22.40 113.61
CA ALA I 1165 17.75 -23.21 113.51
C ALA I 1165 16.71 -22.67 114.49
N LYS I 1166 15.44 -22.88 114.15
CA LYS I 1166 14.36 -22.38 114.98
C LYS I 1166 14.28 -23.18 116.27
N HIS I 1167 14.18 -22.47 117.40
CA HIS I 1167 14.06 -23.09 118.71
C HIS I 1167 15.25 -24.01 119.00
N SER I 1168 16.44 -23.50 118.73
CA SER I 1168 17.68 -24.23 118.93
C SER I 1168 18.51 -23.55 120.02
N LYS I 1169 19.19 -24.36 120.83
CA LYS I 1169 20.00 -23.87 121.93
C LYS I 1169 21.44 -24.31 121.70
N VAL I 1170 22.39 -23.55 122.23
CA VAL I 1170 23.80 -23.88 122.14
C VAL I 1170 24.49 -23.47 123.43
N THR I 1171 25.06 -24.43 124.15
CA THR I 1171 25.76 -24.19 125.40
C THR I 1171 27.26 -24.34 125.17
N ILE I 1172 28.01 -23.30 125.55
CA ILE I 1172 29.47 -23.29 125.43
C ILE I 1172 30.05 -23.11 126.81
N ASP I 1173 30.90 -24.05 127.23
CA ASP I 1173 31.56 -23.97 128.53
C ASP I 1173 32.61 -22.87 128.49
N LYS I 1174 32.74 -22.13 129.59
CA LYS I 1174 33.76 -21.09 129.65
C LYS I 1174 35.15 -21.68 129.84
N LYS I 1175 35.27 -22.71 130.68
CA LYS I 1175 36.58 -23.24 131.03
C LYS I 1175 37.08 -24.23 129.98
N THR I 1176 36.34 -25.32 129.77
CA THR I 1176 36.75 -26.36 128.83
C THR I 1176 36.43 -26.01 127.38
N LYS I 1177 35.63 -24.97 127.14
CA LYS I 1177 35.32 -24.52 125.79
C LYS I 1177 34.57 -25.58 125.00
N LYS I 1178 33.86 -26.45 125.70
CA LYS I 1178 33.08 -27.51 125.08
C LYS I 1178 31.75 -26.94 124.59
N LEU I 1179 31.41 -27.21 123.34
CA LEU I 1179 30.20 -26.72 122.70
C LEU I 1179 29.19 -27.86 122.60
N THR I 1180 27.91 -27.55 122.82
CA THR I 1180 26.84 -28.53 122.73
C THR I 1180 25.61 -27.86 122.14
N ALA I 1181 25.15 -28.37 120.99
CA ALA I 1181 23.99 -27.85 120.29
C ALA I 1181 22.78 -28.74 120.54
N PHE I 1182 21.69 -28.12 120.98
CA PHE I 1182 20.45 -28.80 121.30
C PHE I 1182 19.38 -28.37 120.29
N GLU I 1183 18.61 -29.34 119.81
CA GLU I 1183 17.49 -29.09 118.92
C GLU I 1183 16.28 -29.87 119.41
N ASN I 1184 15.11 -29.52 118.88
CA ASN I 1184 13.87 -30.17 119.28
C ASN I 1184 13.67 -31.48 118.52
N ILE I 1185 13.41 -32.53 119.28
CA ILE I 1185 13.06 -33.84 118.75
C ILE I 1185 11.83 -34.32 119.50
N LYS I 1186 10.73 -34.54 118.78
CA LYS I 1186 9.50 -35.06 119.35
C LYS I 1186 9.03 -34.19 120.54
N GLY I 1187 9.26 -32.89 120.44
CA GLY I 1187 8.83 -31.95 121.45
C GLY I 1187 9.76 -31.76 122.61
N ASP I 1188 10.93 -32.41 122.61
CA ASP I 1188 11.89 -32.30 123.71
C ASP I 1188 13.24 -31.82 123.18
N LEU I 1189 13.89 -30.95 123.94
CA LEU I 1189 15.19 -30.39 123.58
C LEU I 1189 16.28 -31.40 123.92
N LEU I 1190 16.98 -31.91 122.90
CA LEU I 1190 18.03 -32.88 123.08
C LEU I 1190 19.28 -32.47 122.31
N PRO I 1191 20.47 -32.89 122.77
CA PRO I 1191 21.70 -32.50 122.08
C PRO I 1191 21.86 -33.25 120.76
N VAL I 1192 22.47 -32.57 119.80
CA VAL I 1192 22.70 -33.16 118.48
C VAL I 1192 24.16 -33.03 118.06
N VAL I 1193 24.86 -32.03 118.59
CA VAL I 1193 26.26 -31.81 118.26
C VAL I 1193 27.01 -31.59 119.57
N GLU I 1194 28.09 -32.35 119.80
CA GLU I 1194 29.05 -32.04 120.85
C GLU I 1194 30.42 -31.82 120.21
N ILE I 1195 31.07 -30.73 120.58
CA ILE I 1195 32.45 -30.44 120.19
C ILE I 1195 33.25 -30.31 121.47
N GLU I 1196 34.24 -31.19 121.64
CA GLU I 1196 35.07 -31.15 122.85
C GLU I 1196 36.53 -31.40 122.47
N LEU I 1197 37.42 -31.06 123.41
CA LEU I 1197 38.85 -31.30 123.27
C LEU I 1197 39.20 -32.53 124.09
N VAL I 1198 39.32 -33.68 123.42
CA VAL I 1198 39.59 -34.94 124.13
C VAL I 1198 41.05 -35.02 124.54
N LYS I 1199 41.95 -34.57 123.68
CA LYS I 1199 43.39 -34.54 123.92
C LYS I 1199 43.89 -33.14 123.62
N PRO I 1200 45.10 -32.80 124.08
CA PRO I 1200 45.55 -31.39 123.99
C PRO I 1200 45.52 -30.81 122.58
N ASN I 1201 45.55 -31.64 121.54
CA ASN I 1201 45.58 -31.16 120.16
C ASN I 1201 44.60 -31.93 119.27
N THR I 1202 43.61 -32.60 119.87
CA THR I 1202 42.61 -33.35 119.12
C THR I 1202 41.23 -32.84 119.49
N ILE I 1203 40.41 -32.56 118.47
CA ILE I 1203 39.06 -32.04 118.64
C ILE I 1203 38.09 -33.12 118.18
N GLN I 1204 37.17 -33.50 119.06
CA GLN I 1204 36.17 -34.52 118.76
C GLN I 1204 34.84 -33.82 118.50
N LEU I 1205 34.30 -34.03 117.30
CA LEU I 1205 32.98 -33.55 116.89
C LEU I 1205 32.07 -34.77 116.78
N SER I 1206 31.09 -34.85 117.67
CA SER I 1206 30.19 -35.99 117.78
C SER I 1206 28.78 -35.55 117.38
N LEU I 1207 28.23 -36.20 116.36
CA LEU I 1207 26.86 -35.98 115.94
C LEU I 1207 25.98 -37.07 116.54
N ILE I 1208 25.04 -36.67 117.38
CA ILE I 1208 24.20 -37.59 118.13
C ILE I 1208 22.91 -37.82 117.36
N GLU I 1209 22.49 -39.07 117.26
CA GLU I 1209 21.20 -39.44 116.69
C GLU I 1209 20.40 -40.18 117.75
N HIS I 1210 19.21 -39.68 118.06
CA HIS I 1210 18.38 -40.25 119.12
C HIS I 1210 17.32 -41.20 118.59
N ARG I 1211 16.96 -41.11 117.32
CA ARG I 1211 15.99 -42.02 116.71
C ARG I 1211 16.75 -43.27 116.26
N THR I 1212 16.89 -44.22 117.19
CA THR I 1212 17.66 -45.43 116.98
C THR I 1212 16.75 -46.64 117.08
N ALA I 1213 17.28 -47.80 116.70
CA ALA I 1213 16.52 -49.04 116.82
C ALA I 1213 16.20 -49.36 118.27
N ASP I 1214 17.19 -49.22 119.16
CA ASP I 1214 17.02 -49.52 120.57
C ASP I 1214 16.65 -48.30 121.41
N THR I 1215 16.47 -47.13 120.78
CA THR I 1215 16.16 -45.86 121.42
C THR I 1215 17.34 -45.27 122.20
N ASN I 1216 18.47 -45.98 122.29
CA ASN I 1216 19.63 -45.44 122.98
C ASN I 1216 20.36 -44.47 122.04
N PRO I 1217 20.64 -43.24 122.46
CA PRO I 1217 21.36 -42.32 121.56
C PRO I 1217 22.74 -42.84 121.22
N VAL I 1218 23.17 -42.59 119.98
CA VAL I 1218 24.47 -43.03 119.49
C VAL I 1218 25.17 -41.82 118.88
N ALA I 1219 26.46 -41.68 119.18
CA ALA I 1219 27.26 -40.55 118.74
C ALA I 1219 28.23 -40.98 117.64
N LEU I 1220 28.42 -40.10 116.66
CA LEU I 1220 29.35 -40.34 115.55
C LEU I 1220 30.54 -39.41 115.71
N PRO I 1221 31.63 -39.83 116.34
CA PRO I 1221 32.74 -38.89 116.59
C PRO I 1221 33.57 -38.64 115.34
N PHE I 1222 33.86 -37.37 115.10
CA PHE I 1222 34.80 -36.95 114.06
C PHE I 1222 36.00 -36.33 114.76
N LEU I 1223 37.18 -36.88 114.50
CA LEU I 1223 38.40 -36.44 115.17
C LEU I 1223 39.14 -35.46 114.26
N TYR I 1224 39.50 -34.31 114.82
CA TYR I 1224 40.26 -33.29 114.12
C TYR I 1224 41.48 -32.91 114.94
N LYS I 1225 42.67 -33.13 114.38
CA LYS I 1225 43.90 -32.65 114.98
C LYS I 1225 43.92 -31.12 114.90
N TYR I 1226 44.29 -30.48 116.00
CA TYR I 1226 44.46 -29.04 116.06
C TYR I 1226 45.94 -28.72 115.89
N ASN I 1227 46.26 -27.90 114.90
CA ASN I 1227 47.63 -27.54 114.55
C ASN I 1227 47.74 -26.03 114.63
N PRO I 1228 47.98 -25.45 115.81
CA PRO I 1228 48.11 -24.00 115.89
C PRO I 1228 49.29 -23.44 115.11
N ALA I 1229 50.27 -24.28 114.76
CA ALA I 1229 51.42 -23.80 114.00
C ALA I 1229 50.97 -23.26 112.64
N ASP I 1230 50.03 -23.92 111.99
CA ASP I 1230 49.47 -23.48 110.72
C ASP I 1230 48.09 -22.91 111.00
N GLY I 1231 48.02 -21.60 111.18
CA GLY I 1231 46.74 -20.95 111.44
C GLY I 1231 45.89 -20.74 110.21
N PHE I 1232 46.47 -20.92 109.02
CA PHE I 1232 45.68 -20.85 107.80
C PHE I 1232 44.71 -22.03 107.72
N ALA I 1233 45.19 -23.23 108.04
CA ALA I 1233 44.36 -24.44 108.07
C ALA I 1233 44.68 -25.20 109.35
N PRO I 1234 44.21 -24.72 110.51
CA PRO I 1234 44.59 -25.34 111.78
C PRO I 1234 43.79 -26.56 112.16
N ILE I 1235 42.86 -27.00 111.32
CA ILE I 1235 42.02 -28.16 111.60
C ILE I 1235 42.33 -29.22 110.56
N LEU I 1236 42.85 -30.37 111.00
CA LEU I 1236 43.21 -31.47 110.11
C LEU I 1236 42.42 -32.71 110.51
N GLU I 1237 41.45 -33.07 109.68
CA GLU I 1237 40.61 -34.23 109.99
C GLU I 1237 41.43 -35.50 109.97
N ILE I 1238 41.28 -36.34 111.00
CA ILE I 1238 41.98 -37.61 111.08
C ILE I 1238 41.23 -38.59 110.19
N MET I 1239 41.75 -38.84 108.99
CA MET I 1239 41.10 -39.75 108.06
C MET I 1239 41.37 -41.21 108.41
N GLU I 1240 42.27 -41.49 109.34
CA GLU I 1240 42.55 -42.87 109.71
C GLU I 1240 41.39 -43.44 110.51
N ASP I 1241 40.84 -44.55 110.04
CA ASP I 1241 39.72 -45.24 110.68
C ASP I 1241 38.43 -44.44 110.62
N ARG I 1242 38.37 -43.38 109.82
CA ARG I 1242 37.14 -42.58 109.73
C ARG I 1242 36.00 -43.40 109.16
N ASN I 1243 36.25 -44.15 108.09
CA ASN I 1243 35.21 -44.98 107.51
C ASN I 1243 34.76 -46.06 108.49
N GLU I 1244 35.71 -46.62 109.24
CA GLU I 1244 35.34 -47.64 110.23
C GLU I 1244 34.49 -47.05 111.35
N ARG I 1245 34.82 -45.84 111.81
CA ARG I 1245 33.99 -45.20 112.82
C ARG I 1245 32.58 -44.94 112.30
N ILE I 1246 32.47 -44.44 111.06
CA ILE I 1246 31.15 -44.20 110.50
C ILE I 1246 30.40 -45.52 110.32
N LYS I 1247 31.12 -46.58 109.99
CA LYS I 1247 30.50 -47.89 109.85
C LYS I 1247 29.99 -48.41 111.19
N GLU I 1248 30.76 -48.19 112.27
CA GLU I 1248 30.28 -48.57 113.58
C GLU I 1248 29.02 -47.80 113.95
N PHE I 1249 28.99 -46.50 113.63
CA PHE I 1249 27.81 -45.70 113.91
C PHE I 1249 26.59 -46.23 113.15
N TYR I 1250 26.75 -46.51 111.86
CA TYR I 1250 25.62 -47.00 111.08
C TYR I 1250 25.21 -48.41 111.50
N TRP I 1251 26.17 -49.24 111.91
CA TRP I 1251 25.85 -50.54 112.45
C TRP I 1251 25.00 -50.42 113.71
N LYS I 1252 25.40 -49.52 114.62
CA LYS I 1252 24.61 -49.33 115.83
C LYS I 1252 23.22 -48.81 115.49
N LEU I 1253 23.11 -47.94 114.48
CA LEU I 1253 21.81 -47.44 114.09
C LEU I 1253 20.91 -48.55 113.56
N TRP I 1254 21.40 -49.31 112.58
CA TRP I 1254 20.51 -50.23 111.87
C TRP I 1254 20.27 -51.51 112.67
N PHE I 1255 21.29 -52.00 113.38
CA PHE I 1255 21.21 -53.26 114.10
C PHE I 1255 21.10 -53.10 115.61
N GLY I 1256 21.35 -51.90 116.12
CA GLY I 1256 21.26 -51.63 117.55
C GLY I 1256 22.62 -51.69 118.22
N SER I 1257 22.71 -51.02 119.37
CA SER I 1257 23.96 -50.99 120.12
C SER I 1257 24.33 -52.37 120.66
N SER I 1258 23.33 -53.16 121.05
CA SER I 1258 23.60 -54.47 121.64
C SER I 1258 24.30 -55.39 120.64
N VAL I 1259 23.88 -55.34 119.38
CA VAL I 1259 24.49 -56.24 118.38
C VAL I 1259 25.95 -55.85 118.19
N PRO I 1260 26.91 -56.78 118.29
CA PRO I 1260 28.31 -56.37 118.19
C PRO I 1260 28.68 -56.00 116.76
N TYR I 1261 29.61 -55.05 116.64
CA TYR I 1261 30.10 -54.65 115.33
C TYR I 1261 31.09 -55.68 114.81
N SER I 1262 30.91 -56.09 113.56
CA SER I 1262 31.78 -57.08 112.94
C SER I 1262 31.80 -56.83 111.44
N ASN I 1263 32.95 -56.43 110.92
CA ASN I 1263 33.13 -56.14 109.51
C ASN I 1263 33.88 -57.24 108.77
N ASP I 1264 34.12 -58.38 109.41
CA ASP I 1264 34.79 -59.50 108.76
C ASP I 1264 33.83 -60.37 107.94
N ILE I 1265 33.05 -59.72 107.08
CA ILE I 1265 32.02 -60.39 106.29
C ILE I 1265 32.61 -60.76 104.93
N ASN I 1266 32.46 -62.02 104.55
CA ASN I 1266 32.94 -62.49 103.25
C ASN I 1266 31.92 -62.12 102.18
N VAL I 1267 32.38 -61.41 101.15
CA VAL I 1267 31.47 -60.99 100.08
C VAL I 1267 30.98 -62.19 99.29
N GLU I 1268 31.84 -63.21 99.12
CA GLU I 1268 31.47 -64.37 98.33
C GLU I 1268 30.41 -65.24 98.99
N LYS I 1269 30.10 -65.02 100.27
CA LYS I 1269 29.13 -65.83 101.01
C LYS I 1269 27.85 -65.04 101.22
N ALA I 1270 26.72 -65.73 101.08
CA ALA I 1270 25.43 -65.10 101.28
C ALA I 1270 25.24 -64.69 102.72
N ILE I 1271 24.53 -63.58 102.92
CA ILE I 1271 24.27 -63.02 104.24
C ILE I 1271 22.89 -63.48 104.69
N LEU I 1272 22.84 -64.12 105.86
CA LEU I 1272 21.61 -64.66 106.41
C LEU I 1272 20.96 -63.65 107.34
N GLY I 1273 19.72 -63.28 107.04
CA GLY I 1273 18.94 -62.40 107.87
C GLY I 1273 18.07 -63.17 108.86
N ASP I 1274 17.36 -62.40 109.69
CA ASP I 1274 16.53 -62.99 110.73
C ASP I 1274 15.20 -63.47 110.17
N GLU I 1275 14.67 -64.53 110.79
CA GLU I 1275 13.36 -65.04 110.44
C GLU I 1275 12.28 -64.14 111.04
N ILE I 1276 11.35 -63.69 110.19
CA ILE I 1276 10.34 -62.72 110.58
C ILE I 1276 8.97 -63.30 110.28
N THR I 1277 8.04 -63.18 111.23
CA THR I 1277 6.65 -63.57 111.04
C THR I 1277 5.83 -62.33 110.74
N ILE I 1278 5.16 -62.32 109.60
CA ILE I 1278 4.36 -61.18 109.19
C ILE I 1278 3.11 -61.12 110.05
N SER I 1279 2.70 -59.92 110.42
CA SER I 1279 1.55 -59.69 111.29
C SER I 1279 0.65 -58.61 110.69
N SER I 1280 -0.63 -58.70 111.05
CA SER I 1280 -1.60 -57.71 110.58
C SER I 1280 -1.23 -56.32 111.05
N GLN I 1281 -0.77 -56.19 112.30
CA GLN I 1281 -0.37 -54.88 112.81
C GLN I 1281 0.79 -54.32 112.00
N THR I 1282 1.80 -55.14 111.71
CA THR I 1282 2.93 -54.66 110.92
C THR I 1282 2.49 -54.25 109.52
N ILE I 1283 1.64 -55.06 108.89
CA ILE I 1283 1.17 -54.73 107.54
C ILE I 1283 0.41 -53.41 107.55
N SER I 1284 -0.50 -53.25 108.52
CA SER I 1284 -1.30 -52.03 108.59
C SER I 1284 -0.43 -50.81 108.82
N GLU I 1285 0.52 -50.91 109.75
CA GLU I 1285 1.40 -49.78 110.04
C GLU I 1285 2.23 -49.41 108.82
N PHE I 1286 2.81 -50.40 108.14
CA PHE I 1286 3.61 -50.10 106.96
C PHE I 1286 2.77 -49.49 105.85
N THR I 1287 1.58 -50.04 105.61
CA THR I 1287 0.73 -49.50 104.55
C THR I 1287 0.32 -48.07 104.84
N HIS I 1288 -0.03 -47.78 106.10
CA HIS I 1288 -0.37 -46.41 106.46
C HIS I 1288 0.83 -45.49 106.29
N ALA I 1289 2.02 -45.98 106.65
CA ALA I 1289 3.22 -45.16 106.51
C ALA I 1289 3.48 -44.81 105.05
N ILE I 1290 3.34 -45.77 104.14
CA ILE I 1290 3.63 -45.52 102.73
C ILE I 1290 2.45 -44.90 101.98
N GLY I 1291 1.28 -44.83 102.60
CA GLY I 1291 0.12 -44.27 101.91
C GLY I 1291 -0.51 -45.20 100.91
N ASN I 1292 -0.43 -46.51 101.13
CA ASN I 1292 -1.07 -47.48 100.24
C ASN I 1292 -2.48 -47.77 100.75
N LYS I 1293 -3.47 -47.63 99.86
CA LYS I 1293 -4.87 -47.84 100.19
C LYS I 1293 -5.47 -49.03 99.45
N CYS I 1294 -4.66 -50.04 99.16
CA CYS I 1294 -5.18 -51.23 98.49
C CYS I 1294 -5.95 -52.11 99.46
N ASP I 1295 -7.13 -52.55 99.03
CA ASP I 1295 -7.98 -53.37 99.89
C ASP I 1295 -7.36 -54.74 100.18
N ALA I 1296 -6.38 -55.17 99.39
CA ALA I 1296 -5.73 -56.45 99.62
C ALA I 1296 -4.94 -56.49 100.92
N PHE I 1297 -4.60 -55.34 101.50
CA PHE I 1297 -3.77 -55.28 102.70
C PHE I 1297 -4.54 -54.98 103.97
N VAL I 1298 -5.82 -54.61 103.88
CA VAL I 1298 -6.64 -54.37 105.06
C VAL I 1298 -7.23 -55.70 105.51
N ASP I 1299 -7.45 -55.82 106.83
CA ASP I 1299 -7.85 -57.09 107.43
C ASP I 1299 -9.36 -57.28 107.26
N ARG I 1300 -9.73 -57.88 106.13
CA ARG I 1300 -11.10 -58.34 105.92
C ARG I 1300 -11.17 -59.81 106.32
N PRO I 1301 -12.07 -60.21 107.23
CA PRO I 1301 -12.09 -61.62 107.64
C PRO I 1301 -12.41 -62.54 106.47
N GLY I 1302 -11.76 -63.70 106.45
CA GLY I 1302 -12.00 -64.69 105.42
C GLY I 1302 -11.51 -64.30 104.04
N LYS I 1303 -10.46 -63.46 103.96
CA LYS I 1303 -9.90 -63.05 102.68
C LYS I 1303 -8.39 -63.25 102.59
N ALA I 1304 -7.73 -63.67 103.66
CA ALA I 1304 -6.29 -63.94 103.65
C ALA I 1304 -5.51 -62.68 103.25
N THR I 1305 -5.59 -61.69 104.14
CA THR I 1305 -4.95 -60.38 103.95
C THR I 1305 -3.50 -60.52 103.50
N LEU I 1306 -3.14 -59.82 102.42
CA LEU I 1306 -1.82 -59.87 101.84
C LEU I 1306 -0.96 -58.71 102.36
N ALA I 1307 0.36 -58.86 102.17
CA ALA I 1307 1.32 -57.82 102.51
C ALA I 1307 1.83 -57.15 101.24
N PRO I 1308 2.15 -55.85 101.28
CA PRO I 1308 2.61 -55.18 100.06
C PRO I 1308 3.96 -55.70 99.62
N MET I 1309 4.24 -55.60 98.32
CA MET I 1309 5.54 -56.02 97.81
C MET I 1309 6.66 -55.14 98.35
N ASP I 1310 6.33 -53.94 98.84
CA ASP I 1310 7.36 -53.09 99.46
C ASP I 1310 7.71 -53.54 100.86
N PHE I 1311 6.90 -54.41 101.48
CA PHE I 1311 7.30 -55.03 102.74
C PHE I 1311 8.50 -55.96 102.55
N ALA I 1312 8.84 -56.29 101.30
CA ALA I 1312 10.06 -57.02 101.02
C ALA I 1312 11.28 -56.31 101.58
N ILE I 1313 11.36 -54.99 101.38
CA ILE I 1313 12.51 -54.25 101.88
C ILE I 1313 12.51 -54.21 103.40
N VAL I 1314 11.32 -54.21 104.01
CA VAL I 1314 11.24 -54.30 105.46
C VAL I 1314 11.80 -55.63 105.94
N ILE I 1315 11.42 -56.71 105.26
CA ILE I 1315 11.90 -58.04 105.66
C ILE I 1315 13.40 -58.14 105.48
N GLY I 1316 13.91 -57.67 104.34
CA GLY I 1316 15.29 -57.85 103.95
C GLY I 1316 16.21 -56.68 104.17
N TRP I 1317 15.81 -55.69 104.99
CA TRP I 1317 16.66 -54.53 105.19
C TRP I 1317 17.96 -54.90 105.88
N LYS I 1318 17.89 -55.76 106.90
CA LYS I 1318 19.10 -56.13 107.63
C LYS I 1318 20.09 -56.83 106.70
N ALA I 1319 19.63 -57.86 105.99
CA ALA I 1319 20.53 -58.62 105.13
C ALA I 1319 21.06 -57.78 103.98
N ILE I 1320 20.19 -57.00 103.34
CA ILE I 1320 20.62 -56.20 102.19
C ILE I 1320 21.63 -55.15 102.61
N ILE I 1321 21.36 -54.48 103.74
CA ILE I 1321 22.23 -53.39 104.17
C ILE I 1321 23.50 -53.91 104.83
N LYS I 1322 23.51 -55.17 105.26
CA LYS I 1322 24.74 -55.76 105.80
C LYS I 1322 25.81 -55.98 104.74
N ALA I 1323 25.47 -55.83 103.45
CA ALA I 1323 26.39 -56.12 102.36
C ALA I 1323 27.28 -54.95 101.99
N ILE I 1324 27.02 -53.75 102.49
CA ILE I 1324 27.88 -52.60 102.22
C ILE I 1324 28.92 -52.39 103.30
N PHE I 1325 28.78 -53.03 104.45
CA PHE I 1325 29.72 -52.99 105.56
C PHE I 1325 31.06 -53.71 105.36
N PRO I 1326 31.19 -54.76 104.54
CA PRO I 1326 32.45 -55.52 104.53
C PRO I 1326 33.67 -54.66 104.22
N LYS I 1327 34.79 -55.00 104.89
CA LYS I 1327 36.02 -54.23 104.72
C LYS I 1327 36.48 -54.22 103.27
N SER I 1328 36.22 -55.29 102.53
CA SER I 1328 36.52 -55.28 101.10
C SER I 1328 35.75 -54.19 100.37
N VAL I 1329 34.59 -53.80 100.91
CA VAL I 1329 33.81 -52.69 100.37
C VAL I 1329 33.96 -51.50 101.32
N ASP I 1330 34.96 -50.65 101.07
CA ASP I 1330 35.29 -49.54 101.93
C ASP I 1330 34.83 -48.23 101.29
N GLY I 1331 34.13 -47.42 102.07
CA GLY I 1331 33.66 -46.14 101.57
C GLY I 1331 32.99 -45.34 102.67
N ASP I 1332 32.55 -44.14 102.31
CA ASP I 1332 31.90 -43.22 103.23
C ASP I 1332 30.41 -43.45 103.22
N LEU I 1333 29.86 -43.99 104.31
CA LEU I 1333 28.43 -44.27 104.37
C LEU I 1333 27.61 -42.98 104.33
N LEU I 1334 28.15 -41.90 104.91
CA LEU I 1334 27.41 -40.64 104.88
C LEU I 1334 27.22 -40.15 103.45
N LYS I 1335 28.14 -40.48 102.55
CA LYS I 1335 28.00 -40.17 101.13
C LYS I 1335 27.34 -41.30 100.34
N LEU I 1336 26.93 -42.37 101.00
CA LEU I 1336 26.18 -43.42 100.32
C LEU I 1336 24.86 -42.87 99.81
N VAL I 1337 24.49 -43.27 98.60
CA VAL I 1337 23.19 -42.96 98.04
C VAL I 1337 22.56 -44.27 97.53
N HIS I 1338 21.27 -44.42 97.77
CA HIS I 1338 20.51 -45.52 97.17
C HIS I 1338 20.22 -45.12 95.72
N LEU I 1339 20.81 -45.84 94.77
CA LEU I 1339 20.63 -45.50 93.36
C LEU I 1339 19.36 -46.10 92.80
N SER I 1340 19.11 -47.37 93.11
CA SER I 1340 18.01 -48.09 92.49
C SER I 1340 17.57 -49.23 93.40
N ASN I 1341 16.29 -49.57 93.29
CA ASN I 1341 15.74 -50.72 94.00
C ASN I 1341 14.69 -51.38 93.12
N GLY I 1342 14.71 -52.71 93.10
CA GLY I 1342 13.74 -53.45 92.31
C GLY I 1342 13.34 -54.72 93.01
N TYR I 1343 12.11 -55.16 92.73
CA TYR I 1343 11.56 -56.40 93.24
C TYR I 1343 11.10 -57.25 92.06
N LYS I 1344 11.33 -58.55 92.18
CA LYS I 1344 10.88 -59.52 91.18
C LYS I 1344 10.21 -60.67 91.90
N MET I 1345 8.94 -60.91 91.57
CA MET I 1345 8.25 -62.10 92.06
C MET I 1345 8.77 -63.33 91.32
N ILE I 1346 8.98 -64.42 92.07
CA ILE I 1346 9.29 -65.69 91.44
C ILE I 1346 8.05 -66.21 90.74
N THR I 1347 8.25 -66.88 89.60
CA THR I 1347 7.12 -67.42 88.86
C THR I 1347 6.38 -68.45 89.69
N GLY I 1348 5.06 -68.31 89.77
CA GLY I 1348 4.24 -69.23 90.53
C GLY I 1348 4.31 -69.06 92.03
N ALA I 1349 4.94 -68.01 92.52
CA ALA I 1349 5.04 -67.73 93.94
C ALA I 1349 3.93 -66.77 94.35
N ALA I 1350 3.14 -67.16 95.34
CA ALA I 1350 2.03 -66.33 95.78
C ALA I 1350 2.56 -65.11 96.55
N PRO I 1351 1.79 -64.03 96.60
CA PRO I 1351 2.23 -62.87 97.38
C PRO I 1351 2.33 -63.19 98.85
N LEU I 1352 3.12 -62.37 99.55
CA LEU I 1352 3.25 -62.52 101.00
C LEU I 1352 1.91 -62.25 101.68
N LYS I 1353 1.59 -63.05 102.68
CA LYS I 1353 0.32 -62.96 103.39
C LYS I 1353 0.57 -62.99 104.90
N LYS I 1354 -0.48 -62.64 105.63
CA LYS I 1354 -0.40 -62.63 107.09
C LYS I 1354 -0.07 -64.02 107.62
N GLY I 1355 0.76 -64.06 108.66
CA GLY I 1355 1.21 -65.31 109.24
C GLY I 1355 2.38 -65.96 108.54
N ASP I 1356 2.87 -65.38 107.45
CA ASP I 1356 4.00 -65.97 106.74
C ASP I 1356 5.27 -65.82 107.55
N VAL I 1357 6.01 -66.92 107.66
CA VAL I 1357 7.35 -66.93 108.25
C VAL I 1357 8.33 -66.83 107.10
N VAL I 1358 9.07 -65.72 107.03
CA VAL I 1358 9.93 -65.41 105.90
C VAL I 1358 11.36 -65.21 106.39
N SER I 1359 12.31 -65.80 105.66
CA SER I 1359 13.73 -65.64 105.93
C SER I 1359 14.42 -65.10 104.68
N THR I 1360 15.35 -64.17 104.88
CA THR I 1360 15.98 -63.46 103.77
C THR I 1360 17.45 -63.85 103.67
N LYS I 1361 17.90 -64.08 102.44
CA LYS I 1361 19.30 -64.38 102.15
C LYS I 1361 19.82 -63.35 101.15
N ALA I 1362 20.83 -62.59 101.55
CA ALA I 1362 21.37 -61.52 100.72
C ALA I 1362 22.73 -61.94 100.16
N GLU I 1363 22.97 -61.59 98.90
CA GLU I 1363 24.20 -61.91 98.20
C GLU I 1363 24.66 -60.67 97.46
N ILE I 1364 25.96 -60.39 97.50
CA ILE I 1364 26.53 -59.23 96.82
C ILE I 1364 26.77 -59.64 95.37
N LYS I 1365 25.98 -59.06 94.46
CA LYS I 1365 26.15 -59.41 93.05
C LYS I 1365 27.39 -58.75 92.46
N ALA I 1366 27.65 -57.48 92.80
CA ALA I 1366 28.73 -56.76 92.16
C ALA I 1366 29.26 -55.67 93.08
N VAL I 1367 30.56 -55.43 93.00
CA VAL I 1367 31.21 -54.28 93.60
C VAL I 1367 32.15 -53.71 92.54
N LEU I 1368 31.87 -52.48 92.10
CA LEU I 1368 32.58 -51.86 90.99
C LEU I 1368 33.06 -50.48 91.40
N ASN I 1369 34.11 -49.98 90.75
CA ASN I 1369 34.50 -48.58 90.86
C ASN I 1369 34.19 -47.88 89.54
N GLN I 1370 33.18 -47.03 89.55
CA GLN I 1370 32.83 -46.13 88.47
C GLN I 1370 33.37 -44.74 88.78
N PRO I 1371 33.44 -43.85 87.78
CA PRO I 1371 33.95 -42.50 88.06
C PRO I 1371 33.14 -41.76 89.12
N SER I 1372 31.84 -42.05 89.23
CA SER I 1372 31.02 -41.41 90.25
C SER I 1372 31.23 -42.00 91.64
N GLY I 1373 31.74 -43.23 91.74
CA GLY I 1373 31.95 -43.83 93.04
C GLY I 1373 31.93 -45.35 92.95
N LYS I 1374 31.89 -45.96 94.13
CA LYS I 1374 31.88 -47.42 94.24
C LYS I 1374 30.42 -47.90 94.27
N LEU I 1375 30.04 -48.69 93.27
CA LEU I 1375 28.69 -49.20 93.14
C LEU I 1375 28.63 -50.61 93.71
N VAL I 1376 27.64 -50.86 94.57
CA VAL I 1376 27.44 -52.14 95.23
C VAL I 1376 26.04 -52.63 94.92
N GLU I 1377 25.95 -53.82 94.33
CA GLU I 1377 24.69 -54.46 93.98
C GLU I 1377 24.45 -55.60 94.96
N VAL I 1378 23.28 -55.61 95.59
CA VAL I 1378 22.93 -56.62 96.59
C VAL I 1378 21.56 -57.17 96.25
N VAL I 1379 21.45 -58.49 96.14
CA VAL I 1379 20.19 -59.17 95.86
C VAL I 1379 19.82 -59.99 97.07
N GLY I 1380 18.66 -59.68 97.66
CA GLY I 1380 18.11 -60.43 98.77
C GLY I 1380 16.92 -61.25 98.36
N THR I 1381 17.05 -62.57 98.41
CA THR I 1381 15.97 -63.49 98.08
C THR I 1381 15.23 -63.84 99.36
N ILE I 1382 13.91 -63.70 99.34
CA ILE I 1382 13.07 -64.06 100.48
C ILE I 1382 12.59 -65.49 100.28
N TYR I 1383 12.48 -66.23 101.38
CA TYR I 1383 12.10 -67.63 101.37
C TYR I 1383 10.97 -67.84 102.37
N ARG I 1384 9.91 -68.51 101.91
CA ARG I 1384 8.77 -68.90 102.74
C ARG I 1384 8.69 -70.42 102.74
N GLU I 1385 8.79 -71.02 103.92
CA GLU I 1385 8.79 -72.47 104.08
C GLU I 1385 9.93 -73.10 103.28
N GLY I 1386 11.05 -72.40 103.14
CA GLY I 1386 12.20 -72.91 102.43
C GLY I 1386 12.15 -72.77 100.92
N LYS I 1387 11.09 -72.16 100.38
CA LYS I 1387 10.93 -71.99 98.94
C LYS I 1387 11.07 -70.52 98.60
N PRO I 1388 11.88 -70.13 97.61
CA PRO I 1388 12.01 -68.71 97.28
C PRO I 1388 10.70 -68.13 96.80
N VAL I 1389 10.41 -66.90 97.24
CA VAL I 1389 9.20 -66.19 96.87
C VAL I 1389 9.49 -64.98 96.00
N MET I 1390 10.64 -64.34 96.19
CA MET I 1390 10.88 -63.03 95.60
C MET I 1390 12.35 -62.67 95.73
N GLU I 1391 12.79 -61.76 94.85
CA GLU I 1391 14.15 -61.25 94.83
C GLU I 1391 14.12 -59.74 94.88
N VAL I 1392 14.91 -59.15 95.76
CA VAL I 1392 14.98 -57.71 95.94
C VAL I 1392 16.40 -57.25 95.62
N THR I 1393 16.56 -56.56 94.50
CA THR I 1393 17.85 -56.04 94.07
C THR I 1393 17.96 -54.58 94.50
N SER I 1394 19.11 -54.20 95.04
CA SER I 1394 19.36 -52.85 95.51
C SER I 1394 20.75 -52.42 95.07
N GLN I 1395 20.89 -51.13 94.76
CA GLN I 1395 22.15 -50.55 94.36
C GLN I 1395 22.50 -49.41 95.29
N PHE I 1396 23.70 -49.45 95.86
CA PHE I 1396 24.20 -48.39 96.74
C PHE I 1396 25.51 -47.85 96.17
N LEU I 1397 25.58 -46.54 96.01
CA LEU I 1397 26.76 -45.88 95.47
C LEU I 1397 27.46 -45.08 96.56
N TYR I 1398 28.70 -45.46 96.85
CA TYR I 1398 29.59 -44.69 97.71
C TYR I 1398 30.23 -43.62 96.84
N ARG I 1399 29.81 -42.37 96.97
CA ARG I 1399 30.43 -41.30 96.19
C ARG I 1399 31.91 -41.18 96.55
N GLY I 1400 32.71 -40.81 95.56
CA GLY I 1400 34.12 -40.56 95.74
C GLY I 1400 34.93 -41.24 94.68
N GLU I 1401 36.23 -41.36 94.94
CA GLU I 1401 37.18 -42.01 94.04
C GLU I 1401 37.76 -43.24 94.72
N TYR I 1402 37.71 -44.38 94.02
CA TYR I 1402 38.19 -45.65 94.55
C TYR I 1402 39.02 -46.35 93.50
N ASN I 1403 40.21 -46.81 93.91
CA ASN I 1403 41.14 -47.48 93.01
C ASN I 1403 41.41 -48.92 93.42
N ASP I 1404 40.69 -49.45 94.41
CA ASP I 1404 40.95 -50.79 94.94
C ASP I 1404 40.25 -51.82 94.04
N TYR I 1405 40.76 -51.91 92.80
CA TYR I 1405 40.19 -52.86 91.84
C TYR I 1405 40.40 -54.30 92.25
N CYS I 1406 41.32 -54.57 93.18
CA CYS I 1406 41.51 -55.94 93.66
C CYS I 1406 40.27 -56.48 94.35
N ASN I 1407 39.46 -55.61 94.94
CA ASN I 1407 38.28 -56.00 95.71
C ASN I 1407 36.99 -55.90 94.91
N THR I 1408 37.06 -55.65 93.61
CA THR I 1408 35.86 -55.55 92.79
C THR I 1408 35.51 -56.88 92.15
N PHE I 1409 34.23 -57.04 91.83
CA PHE I 1409 33.75 -58.21 91.12
C PHE I 1409 32.35 -57.91 90.61
N GLN I 1410 31.86 -58.77 89.72
CA GLN I 1410 30.52 -58.62 89.14
C GLN I 1410 30.00 -60.00 88.80
N LYS I 1411 29.02 -60.47 89.56
CA LYS I 1411 28.32 -61.73 89.28
C LYS I 1411 27.04 -61.38 88.53
N VAL I 1412 26.96 -61.81 87.27
CA VAL I 1412 25.80 -61.55 86.42
C VAL I 1412 25.20 -62.88 86.03
N THR I 1413 23.99 -63.15 86.52
CA THR I 1413 23.23 -64.32 86.06
C THR I 1413 22.57 -63.91 84.75
N GLU I 1414 23.10 -64.42 83.64
CA GLU I 1414 22.57 -64.07 82.34
C GLU I 1414 21.21 -64.74 82.17
N THR I 1415 20.26 -63.99 81.63
CA THR I 1415 18.93 -64.55 81.43
C THR I 1415 19.02 -65.71 80.43
N PRO I 1416 18.16 -66.73 80.56
CA PRO I 1416 18.25 -67.86 79.61
C PRO I 1416 18.05 -67.40 78.18
N VAL I 1417 19.00 -67.79 77.32
CA VAL I 1417 19.00 -67.41 75.90
C VAL I 1417 18.69 -68.66 75.10
N GLN I 1418 17.66 -68.59 74.25
CA GLN I 1418 17.26 -69.71 73.41
C GLN I 1418 17.90 -69.53 72.04
N VAL I 1419 18.85 -70.41 71.72
CA VAL I 1419 19.58 -70.37 70.46
C VAL I 1419 19.08 -71.50 69.57
N ALA I 1420 18.67 -71.15 68.36
CA ALA I 1420 18.16 -72.11 67.38
C ALA I 1420 19.27 -72.42 66.38
N PHE I 1421 19.57 -73.70 66.24
CA PHE I 1421 20.62 -74.18 65.33
C PHE I 1421 19.90 -74.92 64.19
N LYS I 1422 19.48 -74.15 63.19
CA LYS I 1422 18.77 -74.68 62.03
C LYS I 1422 19.67 -74.81 60.81
N SER I 1423 20.98 -74.98 61.01
CA SER I 1423 21.90 -75.09 59.90
C SER I 1423 23.16 -75.82 60.34
N ALA I 1424 23.73 -76.57 59.40
CA ALA I 1424 25.01 -77.23 59.65
C ALA I 1424 26.07 -76.22 60.05
N LYS I 1425 26.02 -75.02 59.48
CA LYS I 1425 26.97 -73.97 59.87
C LYS I 1425 26.70 -73.49 61.29
N ASP I 1426 25.43 -73.46 61.71
CA ASP I 1426 25.13 -73.10 63.09
C ASP I 1426 25.71 -74.12 64.06
N LEU I 1427 25.50 -75.41 63.79
CA LEU I 1427 26.13 -76.43 64.62
C LEU I 1427 27.66 -76.32 64.56
N ALA I 1428 28.19 -75.98 63.39
CA ALA I 1428 29.64 -75.88 63.23
C ALA I 1428 30.21 -74.77 64.10
N VAL I 1429 29.57 -73.60 64.11
CA VAL I 1429 30.06 -72.51 64.94
C VAL I 1429 29.95 -72.88 66.41
N LEU I 1430 28.84 -73.53 66.79
CA LEU I 1430 28.70 -73.95 68.19
C LEU I 1430 29.83 -74.89 68.61
N ARG I 1431 30.13 -75.89 67.78
CA ARG I 1431 31.24 -76.79 68.11
C ARG I 1431 32.59 -76.10 68.02
N SER I 1432 32.71 -75.05 67.21
CA SER I 1432 33.96 -74.30 67.18
C SER I 1432 34.18 -73.48 68.43
N LYS I 1433 33.11 -73.11 69.14
CA LYS I 1433 33.26 -72.46 70.44
C LYS I 1433 33.99 -73.40 71.39
N GLU I 1434 35.18 -72.99 71.84
CA GLU I 1434 35.93 -73.82 72.78
C GLU I 1434 35.21 -73.90 74.12
N TRP I 1435 34.58 -72.81 74.56
CA TRP I 1435 33.94 -72.78 75.87
C TRP I 1435 32.72 -73.68 75.96
N PHE I 1436 32.19 -74.18 74.84
CA PHE I 1436 31.01 -75.03 74.84
C PHE I 1436 31.44 -76.49 74.81
N HIS I 1437 30.93 -77.28 75.74
CA HIS I 1437 31.22 -78.72 75.81
C HIS I 1437 29.91 -79.48 75.79
N LEU I 1438 29.87 -80.59 75.04
CA LEU I 1438 28.71 -81.44 74.95
C LEU I 1438 28.95 -82.71 75.76
N GLU I 1439 28.13 -82.91 76.79
CA GLU I 1439 28.25 -84.10 77.65
C GLU I 1439 27.26 -85.19 77.27
N LYS I 1440 26.21 -84.87 76.52
CA LYS I 1440 25.23 -85.83 76.05
C LYS I 1440 25.14 -85.70 74.53
N ASP I 1441 25.52 -86.76 73.81
CA ASP I 1441 25.50 -86.75 72.35
C ASP I 1441 24.07 -86.99 71.89
N VAL I 1442 23.39 -85.92 71.51
CA VAL I 1442 22.00 -85.97 71.05
C VAL I 1442 21.83 -84.99 69.91
N GLN I 1443 20.73 -85.14 69.18
CA GLN I 1443 20.37 -84.25 68.09
C GLN I 1443 19.43 -83.18 68.65
N PHE I 1444 19.79 -81.91 68.44
CA PHE I 1444 19.01 -80.78 68.92
C PHE I 1444 18.85 -79.76 67.81
N ASP I 1445 17.71 -79.07 67.84
CA ASP I 1445 17.45 -77.93 66.97
C ASP I 1445 17.35 -76.62 67.71
N VAL I 1446 17.05 -76.65 69.00
CA VAL I 1446 17.03 -75.46 69.86
C VAL I 1446 17.65 -75.83 71.19
N LEU I 1447 18.49 -74.95 71.72
CA LEU I 1447 19.09 -75.10 73.05
C LEU I 1447 18.80 -73.85 73.86
N THR I 1448 18.88 -74.00 75.18
CA THR I 1448 18.70 -72.89 76.12
C THR I 1448 19.95 -72.78 76.97
N PHE I 1449 20.62 -71.64 76.90
CA PHE I 1449 21.85 -71.38 77.63
C PHE I 1449 21.50 -70.57 78.87
N ARG I 1450 21.79 -71.12 80.05
CA ARG I 1450 21.64 -70.44 81.33
C ARG I 1450 23.04 -70.36 81.95
N CYS I 1451 23.58 -69.14 82.04
CA CYS I 1451 24.96 -68.92 82.43
C CYS I 1451 25.04 -67.92 83.59
N GLU I 1452 26.17 -67.97 84.30
CA GLU I 1452 26.45 -67.09 85.43
C GLU I 1452 27.87 -66.56 85.27
N SER I 1453 27.99 -65.41 84.62
CA SER I 1453 29.29 -64.80 84.42
C SER I 1453 29.80 -64.19 85.72
N THR I 1454 31.13 -64.20 85.88
CA THR I 1454 31.80 -63.64 87.06
C THR I 1454 33.01 -62.87 86.55
N TYR I 1455 32.95 -61.55 86.67
CA TYR I 1455 34.01 -60.66 86.24
C TYR I 1455 34.81 -60.17 87.43
N LYS I 1456 36.12 -60.06 87.24
CA LYS I 1456 37.03 -59.44 88.20
C LYS I 1456 37.84 -58.39 87.46
N PHE I 1457 37.90 -57.19 88.02
CA PHE I 1457 38.46 -56.02 87.36
C PHE I 1457 39.87 -55.76 87.88
N LYS I 1458 40.81 -55.56 86.95
CA LYS I 1458 42.10 -54.99 87.29
C LYS I 1458 42.17 -53.50 87.02
N SER I 1459 41.30 -52.98 86.17
CA SER I 1459 41.18 -51.56 85.93
C SER I 1459 39.73 -51.24 85.60
N ALA I 1460 39.47 -49.98 85.27
CA ALA I 1460 38.10 -49.55 85.02
C ALA I 1460 37.52 -50.27 83.81
N ASN I 1461 38.29 -50.41 82.73
CA ASN I 1461 37.83 -50.99 81.48
C ASN I 1461 38.37 -52.40 81.25
N VAL I 1462 39.27 -52.88 82.10
CA VAL I 1462 39.95 -54.15 81.91
C VAL I 1462 39.47 -55.13 82.96
N TYR I 1463 39.19 -56.35 82.54
CA TYR I 1463 38.79 -57.42 83.45
C TYR I 1463 40.00 -58.23 83.88
N SER I 1464 40.23 -58.30 85.20
CA SER I 1464 41.29 -59.16 85.70
C SER I 1464 41.06 -60.61 85.30
N SER I 1465 39.82 -61.07 85.42
CA SER I 1465 39.52 -62.47 85.11
C SER I 1465 38.04 -62.63 84.86
N ILE I 1466 37.69 -63.29 83.76
CA ILE I 1466 36.30 -63.56 83.40
C ILE I 1466 36.11 -65.07 83.47
N LYS I 1467 35.13 -65.50 84.27
CA LYS I 1467 34.76 -66.91 84.37
C LYS I 1467 33.26 -67.04 84.16
N THR I 1468 32.87 -67.72 83.09
CA THR I 1468 31.46 -67.96 82.76
C THR I 1468 31.19 -69.44 82.83
N THR I 1469 30.26 -69.85 83.70
CA THR I 1469 29.84 -71.23 83.81
C THR I 1469 28.33 -71.31 83.59
N GLY I 1470 27.91 -72.30 82.82
CA GLY I 1470 26.50 -72.40 82.48
C GLY I 1470 26.11 -73.81 82.10
N GLN I 1471 24.80 -74.04 82.09
CA GLN I 1471 24.21 -75.33 81.76
C GLN I 1471 23.34 -75.16 80.51
N VAL I 1472 23.73 -75.82 79.43
CA VAL I 1472 22.95 -75.77 78.19
C VAL I 1472 21.91 -76.89 78.23
N LEU I 1473 20.66 -76.53 77.98
CA LEU I 1473 19.53 -77.43 78.14
C LEU I 1473 18.85 -77.68 76.80
N LEU I 1474 18.26 -78.85 76.68
CA LEU I 1474 17.51 -79.28 75.50
C LEU I 1474 16.17 -79.83 75.95
N GLU I 1475 15.10 -79.43 75.25
CA GLU I 1475 13.79 -79.99 75.45
C GLU I 1475 13.63 -81.17 74.50
N LEU I 1476 13.56 -82.38 75.05
CA LEU I 1476 13.42 -83.56 74.23
C LEU I 1476 12.02 -83.63 73.63
N PRO I 1477 11.81 -84.48 72.62
CA PRO I 1477 10.45 -84.68 72.12
C PRO I 1477 9.50 -85.17 73.20
N THR I 1478 10.03 -85.86 74.22
CA THR I 1478 9.27 -86.23 75.40
C THR I 1478 8.82 -85.01 76.22
N LYS I 1479 9.41 -83.83 75.97
CA LYS I 1479 9.20 -82.56 76.65
C LYS I 1479 9.97 -82.48 77.97
N GLU I 1480 10.72 -83.52 78.34
CA GLU I 1480 11.64 -83.40 79.46
C GLU I 1480 12.81 -82.51 79.06
N VAL I 1481 13.24 -81.67 79.97
CA VAL I 1481 14.36 -80.77 79.76
C VAL I 1481 15.60 -81.39 80.41
N ILE I 1482 16.66 -81.58 79.62
CA ILE I 1482 17.87 -82.24 80.10
C ILE I 1482 19.09 -81.41 79.70
N GLN I 1483 20.12 -81.48 80.52
CA GLN I 1483 21.38 -80.77 80.27
C GLN I 1483 22.20 -81.57 79.28
N VAL I 1484 22.26 -81.09 78.03
CA VAL I 1484 23.07 -81.74 77.00
C VAL I 1484 24.53 -81.30 77.04
N GLY I 1485 24.83 -80.18 77.69
CA GLY I 1485 26.20 -79.72 77.75
C GLY I 1485 26.36 -78.60 78.74
N SER I 1486 27.58 -78.08 78.77
CA SER I 1486 27.93 -77.02 79.71
C SER I 1486 28.75 -75.96 78.99
N VAL I 1487 28.73 -74.77 79.57
CA VAL I 1487 29.59 -73.67 79.17
C VAL I 1487 30.62 -73.47 80.27
N ASP I 1488 31.89 -73.40 79.88
CA ASP I 1488 32.99 -73.21 80.83
C ASP I 1488 34.03 -72.35 80.12
N TYR I 1489 33.94 -71.03 80.31
CA TYR I 1489 34.87 -70.07 79.76
C TYR I 1489 35.68 -69.46 80.89
N GLU I 1490 37.00 -69.37 80.67
CA GLU I 1490 37.89 -68.75 81.65
C GLU I 1490 38.94 -67.96 80.89
N ALA I 1491 39.19 -66.73 81.33
CA ALA I 1491 40.17 -65.88 80.66
C ALA I 1491 40.72 -64.88 81.64
N GLY I 1492 41.93 -64.41 81.36
CA GLY I 1492 42.57 -63.39 82.17
C GLY I 1492 42.22 -61.99 81.69
N THR I 1493 43.23 -61.21 81.33
CA THR I 1493 42.98 -59.86 80.84
C THR I 1493 42.09 -59.91 79.60
N SER I 1494 40.93 -59.26 79.68
CA SER I 1494 39.94 -59.36 78.63
C SER I 1494 39.10 -58.07 78.62
N TYR I 1495 38.41 -57.85 77.51
CA TYR I 1495 37.59 -56.66 77.32
C TYR I 1495 36.11 -56.99 77.11
N GLY I 1496 35.72 -58.25 77.30
CA GLY I 1496 34.33 -58.63 77.14
C GLY I 1496 34.18 -60.11 77.38
N ASN I 1497 32.93 -60.56 77.42
CA ASN I 1497 32.63 -61.97 77.63
C ASN I 1497 32.16 -62.59 76.31
N PRO I 1498 32.95 -63.46 75.67
CA PRO I 1498 32.53 -64.00 74.37
C PRO I 1498 31.25 -64.81 74.47
N VAL I 1499 31.00 -65.48 75.59
CA VAL I 1499 29.77 -66.25 75.73
C VAL I 1499 28.56 -65.33 75.66
N THR I 1500 28.59 -64.24 76.41
CA THR I 1500 27.47 -63.30 76.38
C THR I 1500 27.33 -62.67 75.01
N ASP I 1501 28.45 -62.31 74.38
CA ASP I 1501 28.37 -61.73 73.04
C ASP I 1501 27.74 -62.70 72.05
N TYR I 1502 28.16 -63.97 72.08
CA TYR I 1502 27.63 -64.95 71.17
C TYR I 1502 26.14 -65.19 71.39
N LEU I 1503 25.74 -65.34 72.66
CA LEU I 1503 24.33 -65.59 72.93
C LEU I 1503 23.47 -64.37 72.59
N SER I 1504 24.00 -63.16 72.81
CA SER I 1504 23.24 -61.97 72.48
C SER I 1504 23.06 -61.83 70.97
N ARG I 1505 24.11 -62.06 70.20
CA ARG I 1505 24.02 -61.92 68.75
C ARG I 1505 23.24 -63.04 68.08
N ASN I 1506 23.47 -64.29 68.48
CA ASN I 1506 22.93 -65.45 67.79
C ASN I 1506 21.74 -66.08 68.51
N GLY I 1507 21.30 -65.50 69.62
CA GLY I 1507 20.23 -66.10 70.40
C GLY I 1507 19.27 -65.05 70.91
N LYS I 1508 18.02 -65.46 71.09
CA LYS I 1508 16.97 -64.61 71.62
C LYS I 1508 16.66 -65.02 73.05
N THR I 1509 16.59 -64.05 73.95
CA THR I 1509 16.22 -64.34 75.33
C THR I 1509 14.77 -64.78 75.40
N ILE I 1510 14.47 -65.62 76.40
CA ILE I 1510 13.08 -66.01 76.65
C ILE I 1510 12.34 -64.80 77.18
N GLU I 1511 11.05 -64.70 76.81
CA GLU I 1511 10.21 -63.58 77.22
C GLU I 1511 10.78 -62.25 76.71
N GLU I 1512 10.83 -62.13 75.39
CA GLU I 1512 11.24 -60.87 74.78
C GLU I 1512 10.20 -59.80 75.05
N SER I 1513 10.69 -58.58 75.30
CA SER I 1513 9.82 -57.45 75.64
C SER I 1513 9.37 -56.77 74.35
N VAL I 1514 8.09 -56.95 74.01
CA VAL I 1514 7.51 -56.34 72.82
C VAL I 1514 6.96 -54.97 73.20
N ILE I 1515 7.46 -53.93 72.55
CA ILE I 1515 7.14 -52.55 72.89
C ILE I 1515 6.08 -52.03 71.93
N PHE I 1516 5.04 -51.40 72.48
CA PHE I 1516 3.97 -50.84 71.67
C PHE I 1516 4.48 -49.71 70.79
N GLU I 1517 3.82 -49.54 69.64
CA GLU I 1517 4.16 -48.43 68.76
C GLU I 1517 3.84 -47.09 69.42
N ASN I 1518 2.69 -47.00 70.09
CA ASN I 1518 2.29 -45.82 70.84
C ASN I 1518 2.08 -46.19 72.29
N ALA I 1519 2.72 -45.45 73.19
CA ALA I 1519 2.56 -45.69 74.61
C ALA I 1519 1.17 -45.25 75.05
N ILE I 1520 0.58 -46.01 75.97
CA ILE I 1520 -0.77 -45.75 76.47
C ILE I 1520 -0.64 -45.01 77.79
N PRO I 1521 -0.96 -43.71 77.87
CA PRO I 1521 -0.85 -43.01 79.16
C PRO I 1521 -2.00 -43.44 80.09
N LEU I 1522 -1.63 -43.84 81.29
CA LEU I 1522 -2.59 -44.30 82.29
C LEU I 1522 -2.85 -43.19 83.30
N SER I 1523 -4.11 -43.01 83.67
CA SER I 1523 -4.50 -42.01 84.66
C SER I 1523 -4.18 -40.63 84.08
N SER I 1524 -3.93 -39.65 84.94
CA SER I 1524 -3.64 -38.29 84.51
C SER I 1524 -2.75 -37.62 85.55
N GLY I 1525 -2.28 -36.43 85.20
CA GLY I 1525 -1.43 -35.64 86.07
C GLY I 1525 -2.11 -35.08 87.29
N GLU I 1526 -3.43 -35.20 87.39
CA GLU I 1526 -4.18 -34.83 88.59
C GLU I 1526 -4.30 -36.01 89.55
N GLU I 1527 -4.61 -37.19 89.03
CA GLU I 1527 -4.74 -38.37 89.88
C GLU I 1527 -3.39 -38.93 90.31
N LEU I 1528 -2.35 -38.76 89.50
CA LEU I 1528 -1.05 -39.35 89.79
C LEU I 1528 -0.13 -38.41 90.57
N THR I 1529 -0.58 -37.21 90.93
CA THR I 1529 0.24 -36.33 91.74
C THR I 1529 0.25 -36.79 93.19
N SER I 1530 1.33 -36.46 93.89
CA SER I 1530 1.47 -36.82 95.29
C SER I 1530 2.28 -35.74 95.99
N LYS I 1531 2.35 -35.83 97.32
CA LYS I 1531 3.12 -34.89 98.14
C LYS I 1531 3.90 -35.68 99.18
N ALA I 1532 5.19 -35.39 99.27
CA ALA I 1532 6.02 -36.09 100.22
C ALA I 1532 5.62 -35.74 101.66
N PRO I 1533 5.79 -36.65 102.60
CA PRO I 1533 5.43 -36.32 103.99
C PRO I 1533 6.34 -35.25 104.57
N GLY I 1534 5.80 -34.48 105.51
CA GLY I 1534 6.59 -33.47 106.17
C GLY I 1534 7.76 -34.04 106.95
N THR I 1535 7.58 -35.24 107.52
CA THR I 1535 8.60 -35.91 108.30
C THR I 1535 8.79 -37.32 107.77
N ASN I 1536 10.00 -37.84 107.91
CA ASN I 1536 10.36 -39.19 107.45
C ASN I 1536 10.44 -40.19 108.58
N GLU I 1537 10.24 -39.77 109.83
CA GLU I 1537 10.22 -40.71 110.94
C GLU I 1537 9.19 -41.83 110.78
N PRO I 1538 7.95 -41.57 110.33
CA PRO I 1538 7.00 -42.69 110.19
C PRO I 1538 7.47 -43.78 109.25
N TYR I 1539 8.16 -43.41 108.15
CA TYR I 1539 8.69 -44.44 107.27
C TYR I 1539 9.95 -45.07 107.86
N ALA I 1540 10.80 -44.28 108.50
CA ALA I 1540 12.04 -44.81 109.05
C ALA I 1540 11.76 -45.87 110.11
N ILE I 1541 10.80 -45.60 111.00
CA ILE I 1541 10.53 -46.53 112.09
C ILE I 1541 9.94 -47.84 111.56
N VAL I 1542 9.04 -47.77 110.58
CA VAL I 1542 8.43 -48.99 110.08
C VAL I 1542 9.40 -49.79 109.23
N SER I 1543 10.17 -49.12 108.35
CA SER I 1543 11.05 -49.83 107.44
C SER I 1543 12.39 -50.22 108.07
N GLY I 1544 12.73 -49.66 109.24
CA GLY I 1544 13.99 -49.95 109.87
C GLY I 1544 15.16 -49.15 109.34
N ASP I 1545 14.94 -48.29 108.35
CA ASP I 1545 16.01 -47.47 107.78
C ASP I 1545 16.17 -46.23 108.63
N TYR I 1546 17.07 -46.30 109.62
CA TYR I 1546 17.35 -45.20 110.53
C TYR I 1546 18.53 -44.36 110.07
N ASN I 1547 18.74 -44.25 108.76
CA ASN I 1547 19.79 -43.39 108.24
C ASN I 1547 19.50 -41.96 108.68
N PRO I 1548 20.42 -41.29 109.39
CA PRO I 1548 20.11 -39.94 109.88
C PRO I 1548 19.92 -38.92 108.78
N ILE I 1549 20.34 -39.23 107.55
CA ILE I 1549 20.22 -38.26 106.46
C ILE I 1549 18.76 -37.90 106.22
N HIS I 1550 17.84 -38.79 106.61
CA HIS I 1550 16.42 -38.56 106.36
C HIS I 1550 15.70 -37.88 107.51
N VAL I 1551 16.28 -37.85 108.71
CA VAL I 1551 15.56 -37.37 109.89
C VAL I 1551 16.30 -36.32 110.69
N SER I 1552 17.62 -36.17 110.52
CA SER I 1552 18.43 -35.26 111.33
C SER I 1552 18.96 -34.16 110.43
N ARG I 1553 18.72 -32.91 110.83
CA ARG I 1553 19.21 -31.77 110.07
C ARG I 1553 20.72 -31.71 110.06
N VAL I 1554 21.36 -32.01 111.20
CA VAL I 1554 22.80 -31.88 111.32
C VAL I 1554 23.52 -32.88 110.42
N PHE I 1555 23.01 -34.13 110.36
CA PHE I 1555 23.66 -35.14 109.53
C PHE I 1555 23.52 -34.80 108.05
N ALA I 1556 22.35 -34.32 107.63
CA ALA I 1556 22.18 -33.89 106.24
C ALA I 1556 23.10 -32.72 105.92
N ALA I 1557 23.23 -31.77 106.85
CA ALA I 1557 24.12 -30.65 106.64
C ALA I 1557 25.56 -31.12 106.48
N TYR I 1558 25.99 -32.06 107.32
CA TYR I 1558 27.34 -32.61 107.17
C TYR I 1558 27.50 -33.31 105.84
N ALA I 1559 26.49 -34.06 105.41
CA ALA I 1559 26.51 -34.71 104.11
C ALA I 1559 26.33 -33.75 102.94
N LYS I 1560 26.13 -32.45 103.23
CA LYS I 1560 26.02 -31.43 102.19
C LYS I 1560 24.79 -31.68 101.31
N LEU I 1561 23.75 -32.23 101.91
CA LEU I 1561 22.49 -32.43 101.23
C LEU I 1561 21.60 -31.20 101.38
N PRO I 1562 20.65 -30.97 100.46
CA PRO I 1562 19.75 -29.82 100.62
C PRO I 1562 18.93 -29.86 101.88
N GLY I 1563 18.68 -31.05 102.44
CA GLY I 1563 17.89 -31.15 103.65
C GLY I 1563 17.68 -32.60 104.01
N THR I 1564 16.70 -32.83 104.91
CA THR I 1564 16.35 -34.17 105.33
C THR I 1564 15.57 -34.84 104.19
N ILE I 1565 16.31 -35.34 103.20
CA ILE I 1565 15.69 -35.94 102.04
C ILE I 1565 14.86 -37.15 102.45
N THR I 1566 13.67 -37.28 101.85
CA THR I 1566 12.82 -38.40 102.17
C THR I 1566 13.41 -39.69 101.63
N HIS I 1567 12.93 -40.82 102.14
CA HIS I 1567 13.47 -42.11 101.76
C HIS I 1567 13.20 -42.38 100.28
N GLY I 1568 14.25 -42.76 99.56
CA GLY I 1568 14.06 -43.26 98.22
C GLY I 1568 13.14 -44.46 98.21
N MET I 1569 13.25 -45.31 99.22
CA MET I 1569 12.35 -46.46 99.31
C MET I 1569 10.92 -46.02 99.58
N TYR I 1570 10.71 -44.93 100.33
CA TYR I 1570 9.37 -44.40 100.47
C TYR I 1570 8.82 -43.93 99.14
N SER I 1571 9.64 -43.21 98.36
CA SER I 1571 9.19 -42.76 97.05
C SER I 1571 8.84 -43.95 96.16
N SER I 1572 9.68 -44.99 96.21
CA SER I 1572 9.41 -46.20 95.45
C SER I 1572 8.09 -46.82 95.87
N ALA I 1573 7.83 -46.89 97.19
CA ALA I 1573 6.60 -47.49 97.67
C ALA I 1573 5.38 -46.67 97.25
N SER I 1574 5.46 -45.35 97.32
CA SER I 1574 4.34 -44.52 96.92
C SER I 1574 4.03 -44.67 95.45
N ILE I 1575 5.07 -44.62 94.60
CA ILE I 1575 4.84 -44.75 93.17
C ILE I 1575 4.37 -46.17 92.83
N ARG I 1576 4.85 -47.16 93.57
CA ARG I 1576 4.37 -48.52 93.35
C ARG I 1576 2.92 -48.68 93.78
N ALA I 1577 2.50 -47.95 94.82
CA ALA I 1577 1.09 -47.95 95.17
C ALA I 1577 0.25 -47.32 94.07
N LEU I 1578 0.75 -46.23 93.48
CA LEU I 1578 0.06 -45.64 92.34
C LEU I 1578 -0.05 -46.63 91.18
N VAL I 1579 1.03 -47.36 90.92
CA VAL I 1579 1.02 -48.36 89.85
C VAL I 1579 0.06 -49.49 90.19
N GLU I 1580 0.07 -49.94 91.45
CA GLU I 1580 -0.86 -50.98 91.88
C GLU I 1580 -2.29 -50.57 91.63
N GLU I 1581 -2.63 -49.33 91.95
CA GLU I 1581 -3.98 -48.85 91.70
C GLU I 1581 -4.26 -48.78 90.20
N TRP I 1582 -3.53 -47.92 89.48
CA TRP I 1582 -3.92 -47.50 88.14
C TRP I 1582 -3.55 -48.50 87.05
N ALA I 1583 -2.43 -49.21 87.20
CA ALA I 1583 -2.03 -50.17 86.17
C ALA I 1583 -2.58 -51.56 86.46
N ALA I 1584 -2.59 -51.97 87.73
CA ALA I 1584 -3.03 -53.30 88.12
C ALA I 1584 -4.46 -53.34 88.63
N ASN I 1585 -5.20 -52.23 88.54
CA ASN I 1585 -6.60 -52.19 88.97
C ASN I 1585 -6.76 -52.58 90.44
N ASN I 1586 -5.82 -52.14 91.28
CA ASN I 1586 -5.91 -52.33 92.73
C ASN I 1586 -5.85 -53.80 93.12
N VAL I 1587 -5.27 -54.64 92.27
CA VAL I 1587 -5.08 -56.06 92.54
C VAL I 1587 -3.60 -56.30 92.80
N ALA I 1588 -3.27 -56.74 94.01
CA ALA I 1588 -1.88 -56.82 94.43
C ALA I 1588 -1.15 -58.00 93.80
N ALA I 1589 -1.83 -59.12 93.57
CA ALA I 1589 -1.18 -60.28 92.98
C ALA I 1589 -0.77 -60.04 91.54
N ARG I 1590 -1.40 -59.09 90.84
CA ARG I 1590 -1.09 -58.88 89.43
C ARG I 1590 0.27 -58.22 89.23
N VAL I 1591 0.66 -57.33 90.12
CA VAL I 1591 1.96 -56.65 89.96
C VAL I 1591 3.05 -57.63 90.40
N ARG I 1592 3.86 -58.08 89.44
CA ARG I 1592 4.85 -59.13 89.67
C ARG I 1592 6.25 -58.59 89.84
N ALA I 1593 6.61 -57.53 89.12
CA ALA I 1593 7.92 -56.92 89.28
C ALA I 1593 7.79 -55.40 89.27
N PHE I 1594 8.67 -54.75 90.01
CA PHE I 1594 8.69 -53.29 90.05
C PHE I 1594 10.11 -52.83 90.34
N LYS I 1595 10.70 -52.10 89.39
CA LYS I 1595 12.07 -51.63 89.47
C LYS I 1595 12.05 -50.11 89.35
N CYS I 1596 12.88 -49.42 90.12
CA CYS I 1596 12.92 -47.98 90.11
C CYS I 1596 14.34 -47.50 90.33
N ASP I 1597 14.65 -46.35 89.74
CA ASP I 1597 15.94 -45.69 89.81
C ASP I 1597 15.74 -44.33 90.46
N PHE I 1598 16.54 -44.06 91.49
CA PHE I 1598 16.44 -42.82 92.27
C PHE I 1598 17.34 -41.78 91.61
N VAL I 1599 16.81 -41.12 90.58
CA VAL I 1599 17.60 -40.20 89.77
C VAL I 1599 17.62 -38.78 90.35
N GLY I 1600 16.78 -38.48 91.31
CA GLY I 1600 16.78 -37.15 91.93
C GLY I 1600 16.45 -37.26 93.40
N MET I 1601 16.65 -36.14 94.10
CA MET I 1601 16.43 -36.07 95.54
C MET I 1601 15.15 -35.30 95.84
N VAL I 1602 14.34 -35.84 96.73
CA VAL I 1602 13.05 -35.27 97.10
C VAL I 1602 13.11 -34.81 98.55
N LEU I 1603 12.60 -33.60 98.80
CA LEU I 1603 12.53 -33.01 100.12
C LEU I 1603 11.14 -33.20 100.71
N PRO I 1604 11.00 -33.09 102.03
CA PRO I 1604 9.66 -33.18 102.63
C PRO I 1604 8.75 -32.08 102.10
N ASN I 1605 7.47 -32.42 101.94
CA ASN I 1605 6.41 -31.54 101.46
C ASN I 1605 6.56 -31.17 99.99
N ASP I 1606 7.49 -31.79 99.25
CA ASP I 1606 7.60 -31.52 97.83
C ASP I 1606 6.49 -32.21 97.07
N THR I 1607 6.03 -31.57 96.00
CA THR I 1607 4.95 -32.11 95.18
C THR I 1607 5.54 -32.84 93.98
N LEU I 1608 5.12 -34.08 93.79
CA LEU I 1608 5.61 -34.97 92.75
C LEU I 1608 4.52 -35.21 91.73
N GLN I 1609 4.91 -35.22 90.46
CA GLN I 1609 4.02 -35.56 89.35
C GLN I 1609 4.52 -36.86 88.72
N THR I 1610 3.68 -37.89 88.75
CA THR I 1610 4.01 -39.20 88.21
C THR I 1610 3.23 -39.42 86.92
N THR I 1611 3.91 -39.94 85.91
CA THR I 1611 3.28 -40.36 84.67
C THR I 1611 3.57 -41.84 84.46
N MET I 1612 2.51 -42.63 84.26
CA MET I 1612 2.63 -44.04 83.95
C MET I 1612 2.19 -44.26 82.51
N GLU I 1613 2.95 -45.06 81.78
CA GLU I 1613 2.64 -45.43 80.42
C GLU I 1613 2.76 -46.93 80.26
N HIS I 1614 1.70 -47.56 79.75
CA HIS I 1614 1.78 -48.95 79.29
C HIS I 1614 2.53 -48.89 77.96
N VAL I 1615 3.74 -49.44 77.95
CA VAL I 1615 4.65 -49.24 76.81
C VAL I 1615 4.94 -50.54 76.09
N GLY I 1616 4.87 -51.66 76.78
CA GLY I 1616 5.17 -52.93 76.16
C GLY I 1616 4.61 -54.09 76.95
N MET I 1617 4.99 -55.30 76.53
CA MET I 1617 4.57 -56.53 77.16
C MET I 1617 5.73 -57.50 77.18
N ILE I 1618 5.71 -58.41 78.16
CA ILE I 1618 6.72 -59.45 78.27
C ILE I 1618 6.01 -60.71 78.77
N ASN I 1619 5.89 -61.72 77.91
CA ASN I 1619 5.25 -62.99 78.27
C ASN I 1619 3.82 -62.76 78.76
N GLY I 1620 3.13 -61.83 78.11
CA GLY I 1620 1.77 -61.51 78.51
C GLY I 1620 1.64 -60.65 79.74
N ARG I 1621 2.74 -60.04 80.21
CA ARG I 1621 2.72 -59.15 81.36
C ARG I 1621 2.95 -57.72 80.89
N LYS I 1622 2.03 -56.83 81.26
CA LYS I 1622 2.12 -55.43 80.89
C LYS I 1622 3.40 -54.81 81.46
N ILE I 1623 4.11 -54.09 80.61
CA ILE I 1623 5.29 -53.31 81.01
C ILE I 1623 4.83 -51.87 81.17
N ILE I 1624 5.00 -51.34 82.38
CA ILE I 1624 4.50 -50.01 82.76
C ILE I 1624 5.70 -49.16 83.11
N LYS I 1625 5.97 -48.17 82.26
CA LYS I 1625 7.05 -47.21 82.47
C LYS I 1625 6.52 -46.07 83.31
N VAL I 1626 7.05 -45.90 84.52
CA VAL I 1626 6.62 -44.90 85.46
C VAL I 1626 7.73 -43.88 85.62
N GLU I 1627 7.36 -42.61 85.63
CA GLU I 1627 8.31 -41.50 85.62
C GLU I 1627 7.81 -40.42 86.55
N THR I 1628 8.52 -40.21 87.65
CA THR I 1628 8.15 -39.22 88.66
C THR I 1628 9.10 -38.02 88.56
N ARG I 1629 8.51 -36.84 88.44
CA ARG I 1629 9.22 -35.57 88.43
C ARG I 1629 8.79 -34.73 89.62
N ASN I 1630 9.54 -33.67 89.88
CA ASN I 1630 9.19 -32.69 90.89
C ASN I 1630 8.48 -31.51 90.23
N VAL I 1631 7.28 -31.18 90.70
CA VAL I 1631 6.49 -30.13 90.05
C VAL I 1631 7.23 -28.79 90.15
N GLU I 1632 7.83 -28.52 91.31
CA GLU I 1632 8.45 -27.21 91.52
C GLU I 1632 9.61 -26.98 90.56
N THR I 1633 10.45 -28.00 90.36
CA THR I 1633 11.64 -27.88 89.54
C THR I 1633 11.54 -28.58 88.19
N GLU I 1634 10.56 -29.46 88.00
CA GLU I 1634 10.35 -30.27 86.80
C GLU I 1634 11.47 -31.28 86.56
N LEU I 1635 12.40 -31.44 87.48
CA LEU I 1635 13.46 -32.41 87.29
C LEU I 1635 12.96 -33.81 87.63
N PRO I 1636 13.43 -34.85 86.96
CA PRO I 1636 13.05 -36.21 87.35
C PRO I 1636 13.63 -36.59 88.70
N VAL I 1637 12.86 -37.38 89.45
CA VAL I 1637 13.27 -37.92 90.74
C VAL I 1637 13.17 -39.43 90.79
N LEU I 1638 12.31 -40.01 89.94
CA LEU I 1638 12.18 -41.47 89.89
C LEU I 1638 11.96 -41.92 88.45
N ILE I 1639 12.64 -43.00 88.05
CA ILE I 1639 12.42 -43.62 86.75
C ILE I 1639 12.36 -45.13 86.94
N GLY I 1640 11.23 -45.74 86.62
CA GLY I 1640 11.07 -47.17 86.87
C GLY I 1640 10.22 -47.86 85.83
N GLU I 1641 10.25 -49.19 85.91
CA GLU I 1641 9.41 -50.06 85.08
C GLU I 1641 8.80 -51.15 85.94
N ALA I 1642 7.58 -51.56 85.57
CA ALA I 1642 6.85 -52.58 86.31
C ALA I 1642 6.33 -53.64 85.35
N GLU I 1643 6.34 -54.89 85.80
CA GLU I 1643 5.70 -56.00 85.09
C GLU I 1643 4.47 -56.41 85.89
N ILE I 1644 3.30 -56.35 85.25
CA ILE I 1644 2.01 -56.61 85.88
C ILE I 1644 1.27 -57.66 85.07
N GLU I 1645 0.78 -58.70 85.74
CA GLU I 1645 -0.03 -59.70 85.06
C GLU I 1645 -1.33 -59.08 84.55
N GLN I 1646 -1.78 -59.56 83.40
CA GLN I 1646 -3.10 -59.21 82.92
C GLN I 1646 -4.16 -59.88 83.81
N PRO I 1647 -5.41 -59.42 83.73
CA PRO I 1647 -6.47 -60.11 84.47
C PRO I 1647 -6.58 -61.56 84.03
N THR I 1648 -6.98 -62.42 84.96
CA THR I 1648 -7.13 -63.85 84.70
C THR I 1648 -7.93 -64.09 83.43
N THR I 1649 -7.30 -64.72 82.45
CA THR I 1649 -7.78 -64.72 81.07
C THR I 1649 -8.18 -66.12 80.62
N THR I 1650 -9.29 -66.20 79.90
CA THR I 1650 -9.66 -67.38 79.16
C THR I 1650 -9.74 -67.02 77.69
N TYR I 1651 -9.22 -67.89 76.84
CA TYR I 1651 -9.17 -67.67 75.40
C TYR I 1651 -10.19 -68.59 74.74
N VAL I 1652 -11.26 -68.00 74.24
CA VAL I 1652 -12.37 -68.74 73.66
C VAL I 1652 -12.25 -68.67 72.15
N PHE I 1653 -12.50 -69.78 71.47
CA PHE I 1653 -12.45 -69.86 70.02
C PHE I 1653 -13.81 -70.36 69.51
N THR I 1654 -14.31 -69.69 68.47
CA THR I 1654 -15.66 -69.95 67.99
C THR I 1654 -15.65 -70.93 66.82
N GLY I 1655 -16.71 -71.73 66.74
CA GLY I 1655 -16.86 -72.71 65.69
C GLY I 1655 -17.50 -72.14 64.46
N GLN I 1656 -18.15 -73.03 63.70
CA GLN I 1656 -18.78 -72.63 62.45
C GLN I 1656 -19.96 -71.70 62.71
N GLY I 1657 -20.33 -70.97 61.67
CA GLY I 1657 -21.47 -70.06 61.73
C GLY I 1657 -21.24 -68.75 61.01
N SER I 1658 -20.00 -68.28 61.01
CA SER I 1658 -19.65 -67.01 60.37
C SER I 1658 -18.44 -67.26 59.47
N GLN I 1659 -18.67 -67.26 58.17
CA GLN I 1659 -17.65 -67.55 57.16
C GLN I 1659 -17.75 -66.52 56.03
N GLU I 1660 -17.85 -65.25 56.41
CA GLU I 1660 -17.99 -64.19 55.42
C GLU I 1660 -16.75 -64.09 54.54
N GLN I 1661 -16.95 -63.61 53.33
CA GLN I 1661 -15.86 -63.50 52.36
C GLN I 1661 -14.86 -62.47 52.86
N GLY I 1662 -13.58 -62.85 52.84
CA GLY I 1662 -12.51 -61.94 53.21
C GLY I 1662 -12.20 -61.85 54.67
N MET I 1663 -12.70 -62.76 55.50
CA MET I 1663 -12.43 -62.70 56.93
C MET I 1663 -10.95 -62.94 57.19
N GLY I 1664 -10.37 -62.14 58.07
CA GLY I 1664 -8.97 -62.26 58.39
C GLY I 1664 -8.02 -61.64 57.40
N MET I 1665 -8.54 -61.03 56.32
CA MET I 1665 -7.67 -60.46 55.31
C MET I 1665 -7.06 -59.14 55.75
N GLU I 1666 -7.75 -58.37 56.59
CA GLU I 1666 -7.11 -57.19 57.18
C GLU I 1666 -5.86 -57.57 57.97
N LEU I 1667 -5.99 -58.60 58.81
CA LEU I 1667 -4.83 -59.10 59.55
C LEU I 1667 -3.78 -59.69 58.60
N TYR I 1668 -4.23 -60.40 57.58
CA TYR I 1668 -3.31 -60.99 56.60
C TYR I 1668 -2.45 -59.91 55.95
N ASN I 1669 -3.06 -58.78 55.59
CA ASN I 1669 -2.31 -57.70 54.97
C ASN I 1669 -1.47 -56.93 55.98
N SER I 1670 -1.92 -56.80 57.22
CA SER I 1670 -1.23 -55.93 58.17
C SER I 1670 -0.06 -56.60 58.89
N SER I 1671 -0.21 -57.87 59.29
CA SER I 1671 0.77 -58.53 60.15
C SER I 1671 1.55 -59.57 59.37
N GLU I 1672 2.86 -59.60 59.57
CA GLU I 1672 3.71 -60.59 58.91
C GLU I 1672 3.42 -62.00 59.43
N VAL I 1673 3.11 -62.14 60.72
CA VAL I 1673 2.91 -63.46 61.30
C VAL I 1673 1.61 -64.09 60.80
N ALA I 1674 0.55 -63.28 60.70
CA ALA I 1674 -0.69 -63.78 60.09
C ALA I 1674 -0.46 -64.14 58.64
N ARG I 1675 0.33 -63.33 57.93
CA ARG I 1675 0.71 -63.68 56.56
C ARG I 1675 1.43 -65.02 56.53
N GLU I 1676 2.33 -65.26 57.48
CA GLU I 1676 3.04 -66.54 57.51
C GLU I 1676 2.09 -67.70 57.74
N VAL I 1677 1.15 -67.54 58.66
CA VAL I 1677 0.19 -68.61 58.94
C VAL I 1677 -0.62 -68.93 57.69
N TRP I 1678 -1.18 -67.90 57.07
CA TRP I 1678 -2.02 -68.10 55.88
C TRP I 1678 -1.19 -68.64 54.73
N ASP I 1679 0.05 -68.17 54.56
CA ASP I 1679 0.90 -68.65 53.48
C ASP I 1679 1.24 -70.13 53.65
N LYS I 1680 1.60 -70.54 54.87
CA LYS I 1680 1.89 -71.95 55.11
C LYS I 1680 0.67 -72.80 54.81
N ALA I 1681 -0.50 -72.36 55.29
CA ALA I 1681 -1.72 -73.13 55.06
C ALA I 1681 -2.05 -73.19 53.58
N ASP I 1682 -1.94 -72.08 52.87
CA ASP I 1682 -2.28 -72.04 51.45
C ASP I 1682 -1.31 -72.89 50.64
N ARG I 1683 -0.02 -72.84 50.97
CA ARG I 1683 0.95 -73.68 50.26
C ARG I 1683 0.66 -75.15 50.49
N HIS I 1684 0.37 -75.53 51.74
CA HIS I 1684 0.03 -76.92 52.00
C HIS I 1684 -1.22 -77.34 51.25
N PHE I 1685 -2.24 -76.49 51.23
CA PHE I 1685 -3.46 -76.84 50.52
C PHE I 1685 -3.21 -76.97 49.02
N VAL I 1686 -2.44 -76.05 48.45
CA VAL I 1686 -2.16 -76.13 47.01
C VAL I 1686 -1.37 -77.39 46.68
N ASN I 1687 -0.42 -77.74 47.54
CA ASN I 1687 0.45 -78.87 47.24
C ASN I 1687 -0.23 -80.21 47.46
N ASN I 1688 -1.06 -80.32 48.50
CA ASN I 1688 -1.61 -81.61 48.91
C ASN I 1688 -3.08 -81.81 48.53
N TYR I 1689 -3.79 -80.75 48.16
CA TYR I 1689 -5.20 -80.84 47.81
C TYR I 1689 -5.59 -80.08 46.56
N GLY I 1690 -4.71 -79.25 46.00
CA GLY I 1690 -4.94 -78.65 44.72
C GLY I 1690 -5.78 -77.40 44.70
N PHE I 1691 -6.04 -76.77 45.84
CA PHE I 1691 -6.73 -75.50 45.90
C PHE I 1691 -6.03 -74.55 46.85
N SER I 1692 -6.38 -73.27 46.70
CA SER I 1692 -5.86 -72.20 47.53
C SER I 1692 -6.96 -71.73 48.49
N ILE I 1693 -6.75 -71.98 49.78
CA ILE I 1693 -7.72 -71.53 50.77
C ILE I 1693 -7.79 -70.01 50.78
N LEU I 1694 -6.68 -69.33 50.49
CA LEU I 1694 -6.73 -67.88 50.38
C LEU I 1694 -7.64 -67.45 49.24
N ASP I 1695 -7.55 -68.12 48.10
CA ASP I 1695 -8.47 -67.82 47.01
C ASP I 1695 -9.91 -68.07 47.41
N ILE I 1696 -10.17 -69.18 48.11
CA ILE I 1696 -11.53 -69.50 48.52
C ILE I 1696 -12.07 -68.42 49.45
N VAL I 1697 -11.25 -67.98 50.40
CA VAL I 1697 -11.73 -67.01 51.38
C VAL I 1697 -11.91 -65.64 50.74
N GLN I 1698 -10.97 -65.23 49.88
CA GLN I 1698 -11.02 -63.89 49.32
C GLN I 1698 -12.13 -63.75 48.29
N ASN I 1699 -12.31 -64.76 47.44
CA ASN I 1699 -13.23 -64.67 46.30
C ASN I 1699 -14.54 -65.40 46.53
N ASN I 1700 -14.54 -66.47 47.33
CA ASN I 1700 -15.73 -67.27 47.57
C ASN I 1700 -16.38 -67.73 46.26
N PRO I 1701 -15.66 -68.47 45.42
CA PRO I 1701 -16.26 -68.94 44.17
C PRO I 1701 -17.36 -69.98 44.44
N ASN I 1702 -18.33 -70.02 43.54
CA ASN I 1702 -19.44 -70.96 43.70
C ASN I 1702 -18.99 -72.39 43.38
N GLU I 1703 -18.13 -72.55 42.37
CA GLU I 1703 -17.59 -73.84 42.00
C GLU I 1703 -16.09 -73.74 41.82
N LEU I 1704 -15.41 -74.86 42.09
CA LEU I 1704 -13.95 -74.93 42.02
C LEU I 1704 -13.53 -76.27 41.47
N THR I 1705 -12.73 -76.26 40.42
CA THR I 1705 -12.28 -77.48 39.76
C THR I 1705 -10.85 -77.79 40.18
N ILE I 1706 -10.62 -79.03 40.59
CA ILE I 1706 -9.31 -79.53 40.97
C ILE I 1706 -8.82 -80.41 39.83
N HIS I 1707 -7.59 -80.21 39.39
CA HIS I 1707 -7.02 -81.00 38.30
C HIS I 1707 -5.92 -81.91 38.86
N PHE I 1708 -5.95 -83.17 38.43
CA PHE I 1708 -5.09 -84.21 38.95
C PHE I 1708 -3.97 -84.59 37.98
N GLY I 1709 -3.63 -83.72 37.04
CA GLY I 1709 -2.57 -84.04 36.10
C GLY I 1709 -1.20 -83.82 36.70
N GLY I 1710 -0.22 -84.53 36.17
CA GLY I 1710 1.14 -84.41 36.63
C GLY I 1710 1.41 -85.28 37.85
N ALA I 1711 2.68 -85.30 38.28
CA ALA I 1711 3.06 -86.09 39.45
C ALA I 1711 2.46 -85.50 40.72
N LYS I 1712 2.56 -84.17 40.88
CA LYS I 1712 1.95 -83.53 42.04
C LYS I 1712 0.44 -83.70 42.01
N GLY I 1713 -0.17 -83.58 40.83
CA GLY I 1713 -1.61 -83.78 40.73
C GLY I 1713 -2.03 -85.21 41.07
N ARG I 1714 -1.21 -86.19 40.70
CA ARG I 1714 -1.52 -87.57 41.05
C ARG I 1714 -1.34 -87.82 42.53
N ALA I 1715 -0.35 -87.17 43.15
CA ALA I 1715 -0.23 -87.24 44.60
C ALA I 1715 -1.46 -86.65 45.27
N ILE I 1716 -1.96 -85.53 44.74
CA ILE I 1716 -3.17 -84.92 45.26
C ILE I 1716 -4.36 -85.85 45.09
N ARG I 1717 -4.45 -86.50 43.93
CA ARG I 1717 -5.53 -87.44 43.69
C ARG I 1717 -5.48 -88.61 44.67
N ASP I 1718 -4.27 -89.10 44.96
CA ASP I 1718 -4.16 -90.19 45.93
C ASP I 1718 -4.52 -89.71 47.33
N ASN I 1719 -4.18 -88.47 47.66
CA ASN I 1719 -4.63 -87.89 48.92
C ASN I 1719 -6.16 -87.92 49.02
N TYR I 1720 -6.83 -87.49 47.95
CA TYR I 1720 -8.29 -87.49 47.95
C TYR I 1720 -8.84 -88.91 48.00
N ILE I 1721 -8.22 -89.84 47.29
CA ILE I 1721 -8.73 -91.21 47.21
C ILE I 1721 -8.58 -91.91 48.55
N GLY I 1722 -7.51 -91.62 49.29
CA GLY I 1722 -7.26 -92.31 50.53
C GLY I 1722 -8.18 -91.94 51.67
N MET I 1723 -8.96 -90.87 51.54
CA MET I 1723 -9.83 -90.42 52.61
C MET I 1723 -11.08 -91.28 52.65
N MET I 1724 -11.21 -92.09 53.69
CA MET I 1724 -12.33 -93.01 53.88
C MET I 1724 -13.33 -92.40 54.85
N PHE I 1725 -14.50 -93.04 54.94
CA PHE I 1725 -15.49 -92.67 55.95
C PHE I 1725 -16.38 -93.87 56.21
N GLU I 1726 -16.90 -93.93 57.44
CA GLU I 1726 -17.69 -95.06 57.91
C GLU I 1726 -19.13 -94.64 58.22
N THR I 1727 -20.04 -95.58 58.05
CA THR I 1727 -21.45 -95.39 58.33
C THR I 1727 -22.03 -96.72 58.78
N ILE I 1728 -23.33 -96.72 59.09
CA ILE I 1728 -24.03 -97.92 59.54
C ILE I 1728 -24.70 -98.55 58.32
N GLY I 1729 -24.45 -99.83 58.10
CA GLY I 1729 -25.03 -100.55 56.99
C GLY I 1729 -26.48 -100.92 57.23
N LEU I 1734 -19.84 -101.80 60.52
CA LEU I 1734 -19.62 -100.45 60.02
C LEU I 1734 -19.13 -100.48 58.58
N LYS I 1735 -19.95 -99.98 57.66
CA LYS I 1735 -19.57 -99.96 56.25
C LYS I 1735 -18.64 -98.77 55.99
N SER I 1736 -17.46 -99.06 55.46
CA SER I 1736 -16.44 -98.05 55.17
C SER I 1736 -16.29 -97.91 53.67
N GLU I 1737 -16.29 -96.66 53.19
CA GLU I 1737 -16.12 -96.43 51.76
C GLU I 1737 -15.50 -95.06 51.53
N LYS I 1738 -15.09 -94.83 50.29
CA LYS I 1738 -14.41 -93.60 49.92
C LYS I 1738 -15.32 -92.40 50.11
N ILE I 1739 -14.75 -91.30 50.60
CA ILE I 1739 -15.49 -90.05 50.69
C ILE I 1739 -15.88 -89.58 49.29
N PHE I 1740 -14.94 -89.68 48.35
CA PHE I 1740 -15.15 -89.32 46.95
C PHE I 1740 -15.27 -90.61 46.16
N LYS I 1741 -16.49 -91.13 46.05
CA LYS I 1741 -16.71 -92.35 45.29
C LYS I 1741 -16.39 -92.17 43.81
N ASP I 1742 -16.58 -90.96 43.28
CA ASP I 1742 -16.39 -90.70 41.85
C ASP I 1742 -14.94 -90.40 41.49
N ILE I 1743 -14.03 -90.37 42.45
CA ILE I 1743 -12.60 -90.18 42.18
C ILE I 1743 -11.95 -91.56 42.18
N ASP I 1744 -11.40 -91.94 41.04
CA ASP I 1744 -10.75 -93.24 40.86
C ASP I 1744 -9.43 -92.98 40.13
N GLU I 1745 -8.74 -94.05 39.75
CA GLU I 1745 -7.46 -93.91 39.08
C GLU I 1745 -7.56 -93.23 37.72
N THR I 1746 -8.75 -93.24 37.10
CA THR I 1746 -8.94 -92.69 35.77
C THR I 1746 -9.43 -91.24 35.74
N THR I 1747 -9.80 -90.68 36.90
CA THR I 1747 -10.39 -89.35 36.90
C THR I 1747 -9.32 -88.29 36.68
N THR I 1748 -9.63 -87.32 35.81
CA THR I 1748 -8.72 -86.24 35.49
C THR I 1748 -8.92 -85.01 36.35
N SER I 1749 -10.14 -84.79 36.86
CA SER I 1749 -10.43 -83.62 37.66
C SER I 1749 -11.67 -83.89 38.50
N TYR I 1750 -11.89 -83.02 39.48
CA TYR I 1750 -13.05 -83.10 40.36
C TYR I 1750 -13.53 -81.70 40.70
N THR I 1751 -14.84 -81.48 40.62
CA THR I 1751 -15.42 -80.16 40.83
C THR I 1751 -16.20 -80.13 42.14
N PHE I 1752 -15.89 -79.16 42.99
CA PHE I 1752 -16.69 -78.81 44.15
C PHE I 1752 -17.70 -77.76 43.75
N VAL I 1753 -18.94 -77.90 44.22
CA VAL I 1753 -20.05 -77.01 43.86
C VAL I 1753 -20.77 -76.61 45.14
N SER I 1754 -21.22 -75.35 45.20
CA SER I 1754 -22.16 -74.95 46.25
C SER I 1754 -23.04 -73.81 45.75
N PRO I 1755 -24.36 -73.85 45.99
CA PRO I 1755 -25.18 -72.69 45.60
C PRO I 1755 -24.77 -71.40 46.28
N THR I 1756 -24.38 -71.47 47.56
CA THR I 1756 -24.13 -70.29 48.38
C THR I 1756 -22.65 -69.98 48.53
N GLY I 1757 -21.82 -70.46 47.60
CA GLY I 1757 -20.39 -70.25 47.69
C GLY I 1757 -19.69 -71.37 48.43
N LEU I 1758 -18.42 -71.57 48.08
CA LEU I 1758 -17.66 -72.65 48.69
C LEU I 1758 -17.33 -72.37 50.15
N LEU I 1759 -17.27 -71.10 50.54
CA LEU I 1759 -17.01 -70.77 51.94
C LEU I 1759 -18.09 -71.32 52.85
N SER I 1760 -19.31 -71.48 52.35
CA SER I 1760 -20.40 -72.06 53.13
C SER I 1760 -20.31 -73.58 53.22
N ALA I 1761 -19.54 -74.22 52.35
CA ALA I 1761 -19.33 -75.65 52.46
C ALA I 1761 -18.51 -75.97 53.69
N THR I 1762 -18.83 -77.10 54.33
CA THR I 1762 -18.18 -77.43 55.60
C THR I 1762 -16.70 -77.69 55.40
N GLN I 1763 -16.33 -78.36 54.30
CA GLN I 1763 -14.94 -78.74 54.09
C GLN I 1763 -14.03 -77.53 53.90
N PHE I 1764 -14.59 -76.41 53.43
CA PHE I 1764 -13.83 -75.18 53.23
C PHE I 1764 -14.12 -74.13 54.29
N THR I 1765 -15.31 -74.17 54.91
CA THR I 1765 -15.59 -73.27 56.03
C THR I 1765 -14.66 -73.56 57.20
N GLN I 1766 -14.51 -74.85 57.54
CA GLN I 1766 -13.74 -75.20 58.74
C GLN I 1766 -12.27 -74.80 58.64
N PRO I 1767 -11.53 -75.15 57.59
CA PRO I 1767 -10.14 -74.68 57.50
C PRO I 1767 -10.01 -73.17 57.49
N ALA I 1768 -10.94 -72.46 56.84
CA ALA I 1768 -10.84 -71.01 56.78
C ALA I 1768 -11.01 -70.38 58.16
N LEU I 1769 -12.04 -70.81 58.90
CA LEU I 1769 -12.26 -70.30 60.25
C LEU I 1769 -11.10 -70.67 61.17
N THR I 1770 -10.65 -71.93 61.09
CA THR I 1770 -9.51 -72.35 61.90
C THR I 1770 -8.29 -71.49 61.61
N LEU I 1771 -8.05 -71.17 60.34
CA LEU I 1771 -6.85 -70.43 59.98
C LEU I 1771 -6.95 -68.98 60.39
N MET I 1772 -8.11 -68.35 60.24
CA MET I 1772 -8.22 -66.96 60.67
C MET I 1772 -8.06 -66.86 62.18
N GLU I 1773 -8.61 -67.83 62.92
CA GLU I 1773 -8.41 -67.82 64.37
C GLU I 1773 -6.95 -68.06 64.73
N LYS I 1774 -6.29 -69.00 64.05
CA LYS I 1774 -4.89 -69.26 64.33
C LYS I 1774 -4.04 -68.03 64.02
N ALA I 1775 -4.33 -67.34 62.93
CA ALA I 1775 -3.58 -66.14 62.58
C ALA I 1775 -3.80 -65.04 63.61
N ALA I 1776 -5.06 -64.85 64.06
CA ALA I 1776 -5.32 -63.84 65.08
C ALA I 1776 -4.57 -64.17 66.36
N TYR I 1777 -4.61 -65.43 66.79
CA TYR I 1777 -3.90 -65.79 68.01
C TYR I 1777 -2.41 -65.63 67.85
N GLU I 1778 -1.87 -65.94 66.67
CA GLU I 1778 -0.43 -65.82 66.47
C GLU I 1778 0.00 -64.37 66.46
N ASP I 1779 -0.83 -63.47 65.91
CA ASP I 1779 -0.53 -62.05 66.02
C ASP I 1779 -0.54 -61.60 67.47
N ILE I 1780 -1.54 -62.07 68.23
CA ILE I 1780 -1.61 -61.72 69.65
C ILE I 1780 -0.37 -62.22 70.39
N LYS I 1781 0.02 -63.47 70.13
CA LYS I 1781 1.17 -64.06 70.81
C LYS I 1781 2.47 -63.34 70.43
N SER I 1782 2.64 -63.04 69.15
CA SER I 1782 3.82 -62.29 68.71
C SER I 1782 3.85 -60.91 69.32
N LYS I 1783 2.69 -60.31 69.60
CA LYS I 1783 2.64 -59.05 70.31
C LYS I 1783 2.79 -59.22 71.82
N GLY I 1784 2.75 -60.46 72.32
CA GLY I 1784 3.04 -60.71 73.71
C GLY I 1784 1.88 -60.41 74.64
N LEU I 1785 0.67 -60.76 74.25
CA LEU I 1785 -0.54 -60.48 75.02
C LEU I 1785 -1.18 -61.76 75.56
N ILE I 1786 -0.41 -62.84 75.68
CA ILE I 1786 -0.90 -64.14 76.11
C ILE I 1786 -0.41 -64.37 77.54
N PRO I 1787 -1.27 -64.27 78.56
CA PRO I 1787 -0.81 -64.56 79.92
C PRO I 1787 -0.37 -66.01 80.07
N SER I 1788 0.59 -66.23 80.96
CA SER I 1788 1.05 -67.58 81.23
C SER I 1788 -0.08 -68.43 81.82
N ASP I 1789 -0.87 -67.84 82.72
CA ASP I 1789 -2.00 -68.53 83.36
C ASP I 1789 -3.26 -68.18 82.55
N ILE I 1790 -3.55 -69.01 81.55
CA ILE I 1790 -4.71 -68.84 80.68
C ILE I 1790 -5.61 -70.06 80.84
N MET I 1791 -6.81 -69.94 80.29
CA MET I 1791 -7.76 -71.05 80.24
C MET I 1791 -8.42 -71.02 78.86
N PHE I 1792 -7.96 -71.90 77.96
CA PHE I 1792 -8.41 -71.84 76.58
C PHE I 1792 -9.45 -72.92 76.31
N ALA I 1793 -10.48 -72.54 75.55
CA ALA I 1793 -11.57 -73.44 75.19
C ALA I 1793 -12.04 -73.09 73.79
N GLY I 1794 -12.71 -74.06 73.17
CA GLY I 1794 -13.20 -73.91 71.82
C GLY I 1794 -14.55 -74.56 71.61
N HIS I 1795 -15.39 -73.94 70.79
CA HIS I 1795 -16.75 -74.41 70.54
C HIS I 1795 -16.78 -75.17 69.22
N SER I 1796 -17.14 -76.46 69.30
CA SER I 1796 -17.26 -77.31 68.13
C SER I 1796 -15.95 -77.33 67.33
N LEU I 1797 -15.86 -76.51 66.29
CA LEU I 1797 -14.62 -76.44 65.52
C LEU I 1797 -13.54 -75.68 66.27
N GLY I 1798 -13.92 -74.73 67.12
CA GLY I 1798 -12.95 -73.88 67.77
C GLY I 1798 -11.97 -74.64 68.65
N GLU I 1799 -12.29 -75.87 69.03
CA GLU I 1799 -11.38 -76.65 69.87
C GLU I 1799 -10.05 -76.90 69.16
N TYR I 1800 -10.10 -77.22 67.87
CA TYR I 1800 -8.87 -77.47 67.13
C TYR I 1800 -8.04 -76.21 67.01
N SER I 1801 -8.67 -75.08 66.72
CA SER I 1801 -7.94 -73.82 66.66
C SER I 1801 -7.33 -73.47 68.01
N ALA I 1802 -8.08 -73.66 69.09
CA ALA I 1802 -7.57 -73.36 70.42
C ALA I 1802 -6.39 -74.24 70.78
N LEU I 1803 -6.47 -75.53 70.46
CA LEU I 1803 -5.37 -76.44 70.79
C LEU I 1803 -4.14 -76.11 69.96
N SER I 1804 -4.30 -75.96 68.64
CA SER I 1804 -3.17 -75.59 67.80
C SER I 1804 -2.60 -74.23 68.18
N SER I 1805 -3.40 -73.38 68.82
CA SER I 1805 -2.96 -72.05 69.22
C SER I 1805 -2.15 -72.10 70.50
N LEU I 1806 -2.76 -72.57 71.59
CA LEU I 1806 -2.14 -72.46 72.91
C LEU I 1806 -1.29 -73.68 73.28
N ALA I 1807 -1.60 -74.86 72.75
CA ALA I 1807 -0.82 -76.05 73.02
C ALA I 1807 0.20 -76.37 71.94
N ASN I 1808 0.03 -75.82 70.74
CA ASN I 1808 0.92 -76.12 69.60
C ASN I 1808 0.95 -77.62 69.32
N VAL I 1809 -0.13 -78.32 69.66
CA VAL I 1809 -0.16 -79.76 69.49
C VAL I 1809 -0.19 -80.12 68.01
N MET I 1810 -0.85 -79.30 67.21
CA MET I 1810 -1.00 -79.52 65.78
C MET I 1810 -0.16 -78.50 65.02
N PRO I 1811 0.73 -78.91 64.11
CA PRO I 1811 1.28 -77.95 63.16
C PRO I 1811 0.17 -77.35 62.32
N ILE I 1812 0.50 -76.28 61.59
CA ILE I 1812 -0.51 -75.64 60.74
C ILE I 1812 -0.97 -76.60 59.66
N GLU I 1813 -0.03 -77.33 59.05
CA GLU I 1813 -0.37 -78.25 57.97
C GLU I 1813 -1.25 -79.39 58.45
N SER I 1814 -0.86 -80.05 59.55
CA SER I 1814 -1.68 -81.11 60.12
C SER I 1814 -3.03 -80.55 60.57
N LEU I 1815 -3.04 -79.30 61.03
CA LEU I 1815 -4.28 -78.70 61.49
C LEU I 1815 -5.27 -78.57 60.35
N VAL I 1816 -4.83 -77.96 59.25
CA VAL I 1816 -5.71 -77.77 58.11
C VAL I 1816 -6.13 -79.13 57.55
N ASP I 1817 -5.22 -80.10 57.54
CA ASP I 1817 -5.58 -81.46 57.15
C ASP I 1817 -6.73 -81.98 58.00
N VAL I 1818 -6.60 -81.86 59.32
CA VAL I 1818 -7.59 -82.44 60.22
C VAL I 1818 -8.93 -81.77 60.05
N VAL I 1819 -8.96 -80.45 59.94
CA VAL I 1819 -10.25 -79.78 59.88
C VAL I 1819 -10.90 -80.01 58.51
N PHE I 1820 -10.09 -80.08 57.45
CA PHE I 1820 -10.66 -80.42 56.14
C PHE I 1820 -11.28 -81.81 56.15
N TYR I 1821 -10.57 -82.78 56.74
CA TYR I 1821 -11.10 -84.13 56.83
C TYR I 1821 -12.37 -84.17 57.68
N ARG I 1822 -12.38 -83.41 58.78
CA ARG I 1822 -13.57 -83.34 59.62
C ARG I 1822 -14.76 -82.75 58.87
N GLY I 1823 -14.52 -81.69 58.10
CA GLY I 1823 -15.60 -81.09 57.34
C GLY I 1823 -16.16 -82.02 56.29
N MET I 1824 -15.27 -82.73 55.57
CA MET I 1824 -15.75 -83.70 54.59
C MET I 1824 -16.52 -84.83 55.28
N THR I 1825 -16.09 -85.21 56.49
CA THR I 1825 -16.80 -86.27 57.20
C THR I 1825 -18.20 -85.81 57.61
N MET I 1826 -18.34 -84.56 58.07
CA MET I 1826 -19.68 -84.00 58.23
C MET I 1826 -20.46 -84.09 56.94
N GLN I 1827 -19.86 -83.65 55.84
CA GLN I 1827 -20.58 -83.56 54.58
C GLN I 1827 -21.12 -84.92 54.14
N VAL I 1828 -20.33 -85.98 54.35
CA VAL I 1828 -20.71 -87.30 53.84
C VAL I 1828 -21.24 -88.26 54.90
N ALA I 1829 -21.39 -87.82 56.16
CA ALA I 1829 -21.91 -88.72 57.18
C ALA I 1829 -23.39 -89.03 56.99
N VAL I 1830 -24.10 -88.26 56.18
CA VAL I 1830 -25.56 -88.37 56.06
C VAL I 1830 -25.93 -88.74 54.61
N PRO I 1831 -26.89 -89.63 54.38
CA PRO I 1831 -27.31 -89.87 52.99
C PRO I 1831 -27.96 -88.64 52.38
N ARG I 1832 -27.85 -88.52 51.06
CA ARG I 1832 -28.43 -87.42 50.31
C ARG I 1832 -29.12 -87.98 49.06
N ASP I 1833 -30.15 -87.27 48.62
CA ASP I 1833 -30.91 -87.68 47.43
C ASP I 1833 -30.19 -87.20 46.17
N GLU I 1834 -30.86 -87.32 45.02
CA GLU I 1834 -30.24 -86.92 43.76
C GLU I 1834 -29.97 -85.42 43.72
N LEU I 1835 -30.73 -84.63 44.47
CA LEU I 1835 -30.54 -83.19 44.54
C LEU I 1835 -29.61 -82.76 45.67
N GLY I 1836 -29.01 -83.69 46.39
CA GLY I 1836 -28.13 -83.35 47.48
C GLY I 1836 -28.83 -83.00 48.78
N ARG I 1837 -30.14 -83.20 48.86
CA ARG I 1837 -30.90 -82.84 50.05
C ARG I 1837 -30.87 -83.98 51.06
N SER I 1838 -30.69 -83.63 52.32
CA SER I 1838 -30.61 -84.58 53.42
C SER I 1838 -31.86 -84.49 54.29
N ASN I 1839 -32.15 -85.59 54.99
CA ASN I 1839 -33.32 -85.68 55.84
C ASN I 1839 -33.04 -85.30 57.29
N TYR I 1840 -31.83 -84.85 57.61
CA TYR I 1840 -31.45 -84.44 58.95
C TYR I 1840 -31.22 -82.94 58.99
N GLY I 1841 -30.95 -82.42 60.18
CA GLY I 1841 -30.74 -81.00 60.34
C GLY I 1841 -30.65 -80.61 61.81
N MET I 1842 -30.67 -79.30 62.04
CA MET I 1842 -30.49 -78.72 63.37
C MET I 1842 -31.33 -77.46 63.52
N VAL I 1843 -31.83 -77.26 64.74
CA VAL I 1843 -32.56 -76.05 65.10
C VAL I 1843 -31.98 -75.51 66.40
N ALA I 1844 -32.13 -74.21 66.62
CA ALA I 1844 -31.76 -73.56 67.87
C ALA I 1844 -33.03 -73.25 68.64
N VAL I 1845 -33.15 -73.81 69.84
CA VAL I 1845 -34.38 -73.75 70.63
C VAL I 1845 -34.11 -72.91 71.88
N ASN I 1846 -35.09 -72.06 72.22
CA ASN I 1846 -35.01 -71.14 73.34
C ASN I 1846 -36.13 -71.44 74.33
N PRO I 1847 -35.85 -72.06 75.48
CA PRO I 1847 -36.95 -72.37 76.42
C PRO I 1847 -37.71 -71.14 76.91
N SER I 1848 -37.02 -70.02 77.12
CA SER I 1848 -37.68 -68.83 77.63
C SER I 1848 -38.74 -68.31 76.65
N ARG I 1849 -38.53 -68.54 75.35
CA ARG I 1849 -39.56 -68.18 74.37
C ARG I 1849 -40.81 -69.01 74.57
N VAL I 1850 -40.65 -70.30 74.87
CA VAL I 1850 -41.80 -71.15 75.14
C VAL I 1850 -42.52 -70.66 76.40
N SER I 1851 -41.76 -70.48 77.49
CA SER I 1851 -42.34 -70.01 78.74
C SER I 1851 -41.22 -69.70 79.71
N ALA I 1852 -41.51 -68.80 80.65
CA ALA I 1852 -40.54 -68.47 81.68
C ALA I 1852 -40.25 -69.64 82.60
N THR I 1853 -41.16 -70.61 82.70
CA THR I 1853 -40.98 -71.78 83.54
C THR I 1853 -40.31 -72.95 82.82
N PHE I 1854 -40.07 -72.84 81.51
CA PHE I 1854 -39.42 -73.90 80.75
C PHE I 1854 -37.92 -73.81 81.01
N ASP I 1855 -37.34 -74.89 81.55
CA ASP I 1855 -35.93 -74.92 81.93
C ASP I 1855 -35.20 -76.02 81.19
N ASP I 1856 -33.90 -76.17 81.52
CA ASP I 1856 -33.06 -77.15 80.83
C ASP I 1856 -33.54 -78.57 81.12
N SER I 1857 -33.94 -78.85 82.37
CA SER I 1857 -34.44 -80.18 82.70
C SER I 1857 -35.73 -80.46 81.93
N ALA I 1858 -36.60 -79.46 81.81
CA ALA I 1858 -37.84 -79.65 81.08
C ALA I 1858 -37.59 -79.91 79.60
N LEU I 1859 -36.67 -79.15 78.98
CA LEU I 1859 -36.37 -79.40 77.57
C LEU I 1859 -35.71 -80.76 77.38
N ARG I 1860 -34.84 -81.17 78.31
CA ARG I 1860 -34.27 -82.51 78.24
C ARG I 1860 -35.37 -83.57 78.29
N PHE I 1861 -36.34 -83.38 79.20
CA PHE I 1861 -37.47 -84.31 79.29
C PHE I 1861 -38.24 -84.37 77.97
N VAL I 1862 -38.55 -83.19 77.41
CA VAL I 1862 -39.33 -83.15 76.17
C VAL I 1862 -38.58 -83.84 75.04
N VAL I 1863 -37.28 -83.56 74.92
CA VAL I 1863 -36.49 -84.14 73.85
C VAL I 1863 -36.42 -85.65 74.01
N ASP I 1864 -36.17 -86.13 75.23
CA ASP I 1864 -36.09 -87.57 75.46
C ASP I 1864 -37.41 -88.25 75.14
N GLU I 1865 -38.53 -87.67 75.56
CA GLU I 1865 -39.83 -88.28 75.30
C GLU I 1865 -40.15 -88.28 73.81
N VAL I 1866 -39.85 -87.17 73.11
CA VAL I 1866 -40.10 -87.12 71.68
C VAL I 1866 -39.29 -88.18 70.96
N ALA I 1867 -38.01 -88.32 71.32
CA ALA I 1867 -37.19 -89.36 70.70
C ALA I 1867 -37.73 -90.75 71.01
N ASN I 1868 -38.06 -91.03 72.28
CA ASN I 1868 -38.47 -92.36 72.70
C ASN I 1868 -39.80 -92.79 72.12
N LYS I 1869 -40.74 -91.87 71.90
CA LYS I 1869 -42.04 -92.24 71.34
C LYS I 1869 -41.95 -92.60 69.86
N THR I 1870 -41.44 -91.70 69.03
CA THR I 1870 -41.47 -91.89 67.58
C THR I 1870 -40.20 -92.55 67.03
N LYS I 1871 -39.24 -92.90 67.89
CA LYS I 1871 -38.07 -93.69 67.49
C LYS I 1871 -37.17 -92.95 66.51
N TRP I 1872 -37.35 -91.64 66.33
CA TRP I 1872 -36.55 -90.87 65.39
C TRP I 1872 -35.44 -90.16 66.13
N LEU I 1873 -34.28 -90.04 65.47
CA LEU I 1873 -33.12 -89.41 66.10
C LEU I 1873 -33.43 -87.94 66.39
N LEU I 1874 -33.28 -87.56 67.66
CA LEU I 1874 -33.52 -86.19 68.09
C LEU I 1874 -32.82 -85.99 69.42
N GLU I 1875 -31.77 -85.17 69.44
CA GLU I 1875 -30.95 -85.03 70.62
C GLU I 1875 -30.44 -83.60 70.74
N ILE I 1876 -30.28 -83.16 71.98
CA ILE I 1876 -29.67 -81.85 72.25
C ILE I 1876 -28.17 -82.00 72.07
N VAL I 1877 -27.60 -81.16 71.21
CA VAL I 1877 -26.21 -81.29 70.77
C VAL I 1877 -25.33 -80.21 71.37
N ASN I 1878 -25.79 -78.96 71.42
CA ASN I 1878 -25.05 -77.86 71.99
C ASN I 1878 -25.80 -77.30 73.18
N TYR I 1879 -25.10 -77.11 74.29
CA TYR I 1879 -25.63 -76.52 75.51
C TYR I 1879 -24.99 -75.14 75.63
N ASN I 1880 -25.57 -74.15 74.96
CA ASN I 1880 -24.95 -72.84 74.82
C ASN I 1880 -25.17 -71.96 76.06
N VAL I 1881 -26.44 -71.65 76.36
CA VAL I 1881 -26.80 -70.78 77.47
C VAL I 1881 -27.92 -71.42 78.24
N GLU I 1882 -27.87 -71.30 79.57
CA GLU I 1882 -28.88 -71.90 80.43
C GLU I 1882 -30.25 -71.28 80.15
N ASN I 1883 -31.21 -72.11 79.76
CA ASN I 1883 -32.60 -71.74 79.58
C ASN I 1883 -32.80 -70.64 78.54
N GLN I 1884 -31.78 -70.35 77.71
CA GLN I 1884 -31.86 -69.28 76.73
C GLN I 1884 -31.41 -69.70 75.33
N GLN I 1885 -30.46 -70.62 75.22
CA GLN I 1885 -29.96 -71.04 73.92
C GLN I 1885 -29.52 -72.50 74.00
N TYR I 1886 -30.21 -73.36 73.25
CA TYR I 1886 -29.78 -74.73 73.05
C TYR I 1886 -29.89 -75.03 71.57
N VAL I 1887 -29.27 -76.13 71.14
CA VAL I 1887 -29.36 -76.60 69.75
C VAL I 1887 -29.73 -78.07 69.78
N ALA I 1888 -30.72 -78.43 68.96
CA ALA I 1888 -31.19 -79.80 68.83
C ALA I 1888 -30.98 -80.27 67.40
N ALA I 1889 -30.42 -81.48 67.27
CA ALA I 1889 -30.08 -82.08 65.99
C ALA I 1889 -30.84 -83.39 65.83
N GLY I 1890 -31.28 -83.65 64.60
CA GLY I 1890 -31.96 -84.90 64.33
C GLY I 1890 -32.62 -84.86 62.96
N ASP I 1891 -33.48 -85.86 62.73
CA ASP I 1891 -34.24 -85.91 61.49
C ASP I 1891 -35.06 -84.63 61.35
N LEU I 1892 -35.25 -84.19 60.10
CA LEU I 1892 -36.17 -83.09 59.86
C LEU I 1892 -37.57 -83.44 60.35
N ARG I 1893 -37.96 -84.71 60.24
CA ARG I 1893 -39.17 -85.21 60.88
C ARG I 1893 -39.23 -84.81 62.35
N ALA I 1894 -38.30 -85.34 63.15
CA ALA I 1894 -38.36 -85.11 64.59
C ALA I 1894 -38.13 -83.63 64.94
N LEU I 1895 -37.43 -82.90 64.07
CA LEU I 1895 -37.16 -81.50 64.36
C LEU I 1895 -38.43 -80.66 64.19
N ASP I 1896 -39.14 -80.86 63.08
CA ASP I 1896 -40.45 -80.22 62.95
C ASP I 1896 -41.39 -80.71 64.04
N THR I 1897 -41.24 -81.97 64.46
CA THR I 1897 -42.05 -82.49 65.54
C THR I 1897 -41.81 -81.69 66.81
N LEU I 1898 -40.55 -81.48 67.19
CA LEU I 1898 -40.24 -80.69 68.37
C LEU I 1898 -40.70 -79.25 68.23
N THR I 1899 -40.53 -78.68 67.03
CA THR I 1899 -40.95 -77.29 66.80
C THR I 1899 -42.44 -77.12 67.09
N ASN I 1900 -43.26 -77.95 66.45
CA ASN I 1900 -44.70 -77.83 66.65
C ASN I 1900 -45.11 -78.30 68.04
N VAL I 1901 -44.37 -79.23 68.65
CA VAL I 1901 -44.66 -79.63 70.02
C VAL I 1901 -44.50 -78.45 70.96
N LEU I 1902 -43.39 -77.71 70.82
CA LEU I 1902 -43.15 -76.56 71.69
C LEU I 1902 -44.15 -75.45 71.40
N ASN I 1903 -44.51 -75.25 70.12
CA ASN I 1903 -45.53 -74.26 69.79
C ASN I 1903 -46.86 -74.59 70.48
N VAL I 1904 -47.32 -75.83 70.34
CA VAL I 1904 -48.59 -76.22 70.96
C VAL I 1904 -48.47 -76.21 72.48
N LEU I 1905 -47.29 -76.52 73.03
CA LEU I 1905 -47.10 -76.47 74.47
C LEU I 1905 -47.24 -75.04 74.99
N LYS I 1906 -46.65 -74.07 74.28
CA LYS I 1906 -46.84 -72.68 74.67
C LYS I 1906 -48.30 -72.28 74.55
N ILE I 1907 -48.98 -72.71 73.49
CA ILE I 1907 -50.39 -72.39 73.33
C ILE I 1907 -51.21 -72.95 74.49
N ASN I 1908 -50.95 -74.19 74.87
CA ASN I 1908 -51.68 -74.83 75.96
C ASN I 1908 -51.25 -74.34 77.34
N LYS I 1909 -50.12 -73.64 77.45
CA LYS I 1909 -49.64 -73.13 78.73
C LYS I 1909 -49.34 -74.26 79.71
N ILE I 1910 -48.90 -75.40 79.19
CA ILE I 1910 -48.60 -76.57 80.03
C ILE I 1910 -47.26 -76.35 80.70
N ASP I 1911 -47.20 -76.58 82.01
CA ASP I 1911 -45.96 -76.51 82.78
C ASP I 1911 -45.60 -77.96 83.11
N ILE I 1912 -44.70 -78.54 82.31
CA ILE I 1912 -44.34 -79.94 82.49
C ILE I 1912 -43.67 -80.18 83.83
N VAL I 1913 -43.00 -79.17 84.38
CA VAL I 1913 -42.41 -79.31 85.71
C VAL I 1913 -43.48 -79.59 86.73
N LYS I 1914 -44.57 -78.80 86.69
CA LYS I 1914 -45.67 -79.05 87.62
C LYS I 1914 -46.43 -80.32 87.27
N LEU I 1915 -46.48 -80.70 86.00
CA LEU I 1915 -47.06 -81.98 85.65
C LEU I 1915 -46.30 -83.12 86.33
N GLN I 1916 -44.98 -83.08 86.30
CA GLN I 1916 -44.18 -84.10 86.97
C GLN I 1916 -44.29 -83.99 88.48
N GLU I 1917 -44.42 -82.78 89.02
CA GLU I 1917 -44.47 -82.58 90.46
C GLU I 1917 -45.82 -82.89 91.08
N GLN I 1918 -46.90 -82.92 90.28
CA GLN I 1918 -48.24 -83.16 90.80
C GLN I 1918 -48.97 -84.27 90.06
N MET I 1919 -48.29 -85.07 89.24
CA MET I 1919 -48.92 -86.19 88.58
C MET I 1919 -47.86 -87.24 88.31
N SER I 1920 -48.30 -88.50 88.18
CA SER I 1920 -47.39 -89.58 87.88
C SER I 1920 -46.77 -89.39 86.51
N ILE I 1921 -45.55 -89.91 86.35
CA ILE I 1921 -44.87 -89.83 85.05
C ILE I 1921 -45.71 -90.49 83.96
N GLU I 1922 -46.57 -91.44 84.35
CA GLU I 1922 -47.48 -92.04 83.37
C GLU I 1922 -48.45 -91.00 82.82
N LYS I 1923 -48.93 -90.09 83.66
CA LYS I 1923 -49.86 -89.06 83.20
C LYS I 1923 -49.14 -87.99 82.38
N VAL I 1924 -47.97 -87.56 82.85
CA VAL I 1924 -47.17 -86.61 82.08
C VAL I 1924 -46.80 -87.21 80.73
N LYS I 1925 -46.36 -88.48 80.75
CA LYS I 1925 -46.06 -89.17 79.50
C LYS I 1925 -47.29 -89.28 78.62
N GLU I 1926 -48.46 -89.54 79.21
CA GLU I 1926 -49.66 -89.68 78.41
C GLU I 1926 -50.00 -88.38 77.69
N HIS I 1927 -50.00 -87.26 78.40
CA HIS I 1927 -50.32 -85.98 77.77
C HIS I 1927 -49.28 -85.61 76.72
N LEU I 1928 -48.00 -85.71 77.08
CA LEU I 1928 -46.95 -85.36 76.13
C LEU I 1928 -46.96 -86.29 74.93
N TYR I 1929 -47.37 -87.54 75.13
CA TYR I 1929 -47.46 -88.49 74.02
C TYR I 1929 -48.63 -88.15 73.11
N GLU I 1930 -49.74 -87.67 73.68
CA GLU I 1930 -50.84 -87.21 72.83
C GLU I 1930 -50.36 -86.07 71.93
N ILE I 1931 -49.67 -85.09 72.53
CA ILE I 1931 -49.13 -83.99 71.73
C ILE I 1931 -48.15 -84.52 70.69
N VAL I 1932 -47.28 -85.45 71.09
CA VAL I 1932 -46.25 -85.97 70.20
C VAL I 1932 -46.89 -86.71 69.04
N ASP I 1933 -47.94 -87.50 69.31
CA ASP I 1933 -48.59 -88.25 68.25
C ASP I 1933 -49.24 -87.33 67.24
N GLU I 1934 -50.01 -86.34 67.72
CA GLU I 1934 -50.65 -85.41 66.78
C GLU I 1934 -49.60 -84.68 65.95
N VAL I 1935 -48.56 -84.19 66.63
CA VAL I 1935 -47.55 -83.37 65.95
C VAL I 1935 -46.72 -84.22 64.98
N ALA I 1936 -46.42 -85.47 65.35
CA ALA I 1936 -45.67 -86.35 64.46
C ALA I 1936 -46.51 -86.74 63.26
N ALA I 1937 -47.82 -86.93 63.45
CA ALA I 1937 -48.69 -87.15 62.30
C ALA I 1937 -48.65 -85.96 61.36
N LYS I 1938 -48.67 -84.74 61.90
CA LYS I 1938 -48.53 -83.56 61.06
C LYS I 1938 -47.18 -83.54 60.33
N SER I 1939 -46.11 -83.90 61.03
CA SER I 1939 -44.79 -83.91 60.42
C SER I 1939 -44.72 -84.90 59.27
N LEU I 1940 -45.25 -86.11 59.46
CA LEU I 1940 -45.27 -87.09 58.38
C LEU I 1940 -46.16 -86.61 57.24
N ALA I 1941 -47.27 -85.94 57.57
CA ALA I 1941 -48.15 -85.42 56.53
C ALA I 1941 -47.44 -84.41 55.65
N LYS I 1942 -46.59 -83.57 56.24
CA LYS I 1942 -45.86 -82.60 55.44
C LYS I 1942 -44.94 -83.31 54.45
N PRO I 1943 -44.69 -82.71 53.28
CA PRO I 1943 -43.96 -83.42 52.22
C PRO I 1943 -42.49 -83.55 52.56
N GLN I 1944 -41.95 -84.74 52.33
CA GLN I 1944 -40.56 -85.00 52.70
C GLN I 1944 -39.64 -84.62 51.53
N PRO I 1945 -38.44 -84.08 51.80
CA PRO I 1945 -37.82 -83.75 53.10
C PRO I 1945 -38.48 -82.53 53.73
N ILE I 1946 -38.65 -82.53 55.04
CA ILE I 1946 -39.40 -81.48 55.72
C ILE I 1946 -38.53 -80.25 55.90
N ASP I 1947 -38.98 -79.14 55.33
CA ASP I 1947 -38.32 -77.86 55.52
C ASP I 1947 -38.81 -77.24 56.83
N LEU I 1948 -37.89 -77.02 57.76
CA LEU I 1948 -38.25 -76.46 59.05
C LEU I 1948 -38.74 -75.02 58.89
N GLU I 1949 -39.61 -74.62 59.81
CA GLU I 1949 -40.11 -73.25 59.90
C GLU I 1949 -39.76 -72.68 61.27
N ARG I 1950 -39.46 -71.39 61.31
CA ARG I 1950 -39.05 -70.73 62.54
C ARG I 1950 -40.24 -70.68 63.50
N GLY I 1951 -40.18 -71.48 64.56
CA GLY I 1951 -41.15 -71.39 65.63
C GLY I 1951 -40.83 -70.23 66.55
N PHE I 1952 -41.68 -70.06 67.56
CA PHE I 1952 -41.44 -69.00 68.54
C PHE I 1952 -40.13 -69.22 69.28
N ALA I 1953 -39.85 -70.45 69.70
CA ALA I 1953 -38.60 -70.79 70.35
C ALA I 1953 -37.58 -71.40 69.40
N VAL I 1954 -38.04 -72.10 68.37
CA VAL I 1954 -37.15 -72.81 67.45
C VAL I 1954 -36.82 -71.91 66.27
N ILE I 1955 -35.54 -71.86 65.92
CA ILE I 1955 -35.04 -71.18 64.75
C ILE I 1955 -34.15 -72.16 63.99
N PRO I 1956 -34.59 -72.67 62.83
CA PRO I 1956 -33.76 -73.67 62.13
C PRO I 1956 -32.44 -73.06 61.67
N LEU I 1957 -31.38 -73.87 61.70
CA LEU I 1957 -30.06 -73.41 61.30
C LEU I 1957 -29.93 -73.59 59.79
N LYS I 1958 -30.00 -72.49 59.06
CA LYS I 1958 -29.98 -72.55 57.61
C LYS I 1958 -28.60 -72.96 57.12
N GLY I 1959 -28.57 -73.80 56.08
CA GLY I 1959 -27.33 -74.26 55.50
C GLY I 1959 -26.67 -75.42 56.20
N ILE I 1960 -27.28 -75.97 57.25
CA ILE I 1960 -26.76 -77.12 57.97
C ILE I 1960 -27.62 -78.32 57.62
N SER I 1961 -26.98 -79.37 57.11
CA SER I 1961 -27.67 -80.58 56.67
C SER I 1961 -27.17 -81.82 57.39
N VAL I 1962 -26.39 -81.66 58.46
CA VAL I 1962 -25.73 -82.78 59.13
C VAL I 1962 -26.02 -82.67 60.63
N PRO I 1963 -26.47 -83.75 61.31
CA PRO I 1963 -26.72 -83.63 62.76
C PRO I 1963 -25.48 -83.97 63.57
N PHE I 1964 -24.45 -83.13 63.44
CA PHE I 1964 -23.20 -83.43 64.12
C PHE I 1964 -23.30 -83.09 65.61
N HIS I 1965 -22.36 -83.65 66.37
CA HIS I 1965 -22.33 -83.65 67.84
C HIS I 1965 -23.41 -84.53 68.45
N SER I 1966 -24.05 -85.40 67.66
CA SER I 1966 -25.04 -86.35 68.14
C SER I 1966 -24.49 -87.76 67.99
N SER I 1967 -25.27 -88.75 68.46
CA SER I 1967 -24.85 -90.14 68.37
C SER I 1967 -24.81 -90.65 66.93
N TYR I 1968 -25.35 -89.90 65.97
CA TYR I 1968 -25.32 -90.34 64.58
C TYR I 1968 -23.91 -90.47 64.06
N LEU I 1969 -22.99 -89.64 64.54
CA LEU I 1969 -21.60 -89.64 64.07
C LEU I 1969 -20.72 -90.62 64.84
N MET I 1970 -21.29 -91.40 65.77
CA MET I 1970 -20.52 -92.42 66.44
C MET I 1970 -19.94 -93.41 65.45
N SER I 1971 -20.67 -93.68 64.37
CA SER I 1971 -20.13 -94.53 63.31
C SER I 1971 -18.90 -93.92 62.67
N GLY I 1972 -18.94 -92.62 62.40
CA GLY I 1972 -17.87 -91.93 61.72
C GLY I 1972 -16.71 -91.52 62.58
N VAL I 1973 -16.80 -91.68 63.90
CA VAL I 1973 -15.67 -91.32 64.76
C VAL I 1973 -14.44 -92.14 64.42
N LYS I 1974 -14.59 -93.45 64.23
CA LYS I 1974 -13.43 -94.34 64.22
C LYS I 1974 -12.41 -94.02 63.13
N PRO I 1975 -12.79 -93.78 61.88
CA PRO I 1975 -11.78 -93.31 60.92
C PRO I 1975 -11.14 -91.99 61.34
N PHE I 1976 -11.93 -91.11 61.94
CA PHE I 1976 -11.38 -89.83 62.39
C PHE I 1976 -10.39 -90.03 63.53
N GLN I 1977 -10.62 -91.02 64.38
CA GLN I 1977 -9.66 -91.32 65.44
C GLN I 1977 -8.32 -91.74 64.86
N ARG I 1978 -8.34 -92.60 63.85
CA ARG I 1978 -7.10 -93.03 63.21
C ARG I 1978 -6.41 -91.85 62.53
N PHE I 1979 -7.17 -91.00 61.86
CA PHE I 1979 -6.57 -89.83 61.24
C PHE I 1979 -5.94 -88.91 62.29
N LEU I 1980 -6.62 -88.70 63.41
CA LEU I 1980 -6.06 -87.86 64.47
C LEU I 1980 -4.79 -88.48 65.04
N CYS I 1981 -4.78 -89.80 65.22
CA CYS I 1981 -3.57 -90.45 65.69
C CYS I 1981 -2.43 -90.25 64.71
N LYS I 1982 -2.71 -90.30 63.41
CA LYS I 1982 -1.67 -90.08 62.42
C LYS I 1982 -1.15 -88.64 62.46
N LYS I 1983 -2.06 -87.66 62.53
CA LYS I 1983 -1.67 -86.25 62.40
C LYS I 1983 -1.32 -85.60 63.73
N ILE I 1984 -1.40 -86.32 64.84
CA ILE I 1984 -0.90 -85.82 66.13
C ILE I 1984 0.35 -86.62 66.46
N PRO I 1985 1.55 -86.09 66.22
CA PRO I 1985 2.74 -86.75 66.77
C PRO I 1985 2.66 -86.76 68.29
N LYS I 1986 3.13 -87.87 68.88
CA LYS I 1986 3.20 -87.93 70.34
C LYS I 1986 4.14 -86.86 70.90
N SER I 1987 5.14 -86.45 70.13
CA SER I 1987 6.09 -85.46 70.59
C SER I 1987 5.50 -84.06 70.65
N SER I 1988 4.45 -83.78 69.88
CA SER I 1988 3.89 -82.44 69.82
C SER I 1988 3.05 -82.11 71.06
N VAL I 1989 2.62 -83.12 71.81
CA VAL I 1989 1.78 -82.89 72.98
C VAL I 1989 2.65 -82.42 74.13
N LYS I 1990 2.31 -81.27 74.71
CA LYS I 1990 2.95 -80.77 75.93
C LYS I 1990 1.91 -80.81 77.04
N PRO I 1991 1.93 -81.82 77.94
CA PRO I 1991 0.91 -81.87 78.97
C PRO I 1991 0.90 -80.69 79.91
N GLN I 1992 2.04 -80.01 80.10
CA GLN I 1992 2.07 -78.84 80.97
C GLN I 1992 1.21 -77.72 80.40
N ASP I 1993 1.11 -77.64 79.07
CA ASP I 1993 0.30 -76.63 78.42
C ASP I 1993 -1.18 -77.03 78.32
N LEU I 1994 -1.55 -78.19 78.86
CA LEU I 1994 -2.93 -78.67 78.85
C LEU I 1994 -3.52 -78.82 80.24
N ILE I 1995 -2.73 -79.35 81.19
CA ILE I 1995 -3.24 -79.62 82.54
C ILE I 1995 -3.68 -78.30 83.18
N GLY I 1996 -4.96 -78.24 83.56
CA GLY I 1996 -5.49 -77.07 84.20
C GLY I 1996 -5.70 -75.86 83.31
N LYS I 1997 -5.41 -75.98 82.02
CA LYS I 1997 -5.57 -74.91 81.05
C LYS I 1997 -6.51 -75.30 79.91
N TYR I 1998 -6.44 -76.55 79.45
CA TYR I 1998 -7.29 -77.03 78.38
C TYR I 1998 -8.63 -77.47 78.96
N ILE I 1999 -9.70 -76.96 78.39
CA ILE I 1999 -11.06 -77.34 78.77
C ILE I 1999 -11.76 -77.86 77.52
N PRO I 2000 -11.96 -79.19 77.41
CA PRO I 2000 -12.63 -79.71 76.22
C PRO I 2000 -14.13 -79.48 76.25
N ASN I 2001 -14.76 -79.79 75.12
CA ASN I 2001 -16.22 -79.80 75.05
C ASN I 2001 -16.81 -81.13 75.47
N LEU I 2002 -16.05 -82.22 75.35
CA LEU I 2002 -16.58 -83.53 75.70
C LEU I 2002 -16.87 -83.63 77.19
N THR I 2003 -15.99 -83.06 78.03
CA THR I 2003 -16.13 -83.14 79.48
C THR I 2003 -16.48 -81.80 80.12
N ALA I 2004 -16.10 -80.68 79.51
CA ALA I 2004 -16.40 -79.35 80.04
C ALA I 2004 -15.84 -79.19 81.46
N LYS I 2005 -14.66 -79.76 81.69
CA LYS I 2005 -13.89 -79.52 82.90
C LYS I 2005 -12.43 -79.45 82.49
N PRO I 2006 -11.57 -78.87 83.33
CA PRO I 2006 -10.17 -78.72 82.92
C PRO I 2006 -9.50 -80.06 82.66
N PHE I 2007 -8.65 -80.06 81.63
CA PHE I 2007 -7.88 -81.25 81.28
C PHE I 2007 -7.05 -81.70 82.47
N GLU I 2008 -7.12 -82.98 82.79
CA GLU I 2008 -6.40 -83.53 83.93
C GLU I 2008 -6.02 -84.97 83.62
N LEU I 2009 -4.83 -85.37 84.07
CA LEU I 2009 -4.35 -86.73 83.91
C LEU I 2009 -4.64 -87.53 85.18
N THR I 2010 -5.93 -87.65 85.48
CA THR I 2010 -6.40 -88.33 86.68
C THR I 2010 -7.38 -89.43 86.29
N LYS I 2011 -7.38 -90.51 87.08
CA LYS I 2011 -8.26 -91.64 86.81
C LYS I 2011 -9.71 -91.19 86.83
N GLU I 2012 -10.05 -90.23 87.70
CA GLU I 2012 -11.40 -89.69 87.71
C GLU I 2012 -11.74 -89.08 86.36
N TYR I 2013 -10.82 -88.29 85.79
CA TYR I 2013 -11.06 -87.66 84.49
C TYR I 2013 -11.19 -88.71 83.40
N PHE I 2014 -10.31 -89.71 83.40
CA PHE I 2014 -10.37 -90.73 82.36
C PHE I 2014 -11.67 -91.53 82.45
N GLN I 2015 -12.12 -91.84 83.67
CA GLN I 2015 -13.40 -92.53 83.82
C GLN I 2015 -14.56 -91.65 83.40
N SER I 2016 -14.48 -90.34 83.67
CA SER I 2016 -15.51 -89.43 83.20
C SER I 2016 -15.59 -89.45 81.68
N VAL I 2017 -14.43 -89.45 81.02
CA VAL I 2017 -14.42 -89.56 79.56
C VAL I 2017 -15.04 -90.90 79.13
N TYR I 2018 -14.64 -91.99 79.79
CA TYR I 2018 -15.08 -93.32 79.40
C TYR I 2018 -16.60 -93.46 79.51
N ASP I 2019 -17.19 -92.87 80.55
CA ASP I 2019 -18.64 -92.94 80.73
C ASP I 2019 -19.37 -92.39 79.51
N LEU I 2020 -18.76 -91.43 78.81
CA LEU I 2020 -19.40 -90.85 77.62
C LEU I 2020 -19.03 -91.62 76.36
N THR I 2021 -17.77 -92.05 76.25
CA THR I 2021 -17.25 -92.50 74.96
C THR I 2021 -17.16 -94.02 74.81
N LYS I 2022 -16.92 -94.77 75.89
CA LYS I 2022 -16.81 -96.22 75.83
C LYS I 2022 -15.72 -96.67 74.86
N SER I 2023 -14.57 -95.99 74.88
CA SER I 2023 -13.51 -96.27 73.93
C SER I 2023 -12.58 -97.35 74.44
N GLU I 2024 -12.05 -98.16 73.51
CA GLU I 2024 -11.14 -99.24 73.88
C GLU I 2024 -9.84 -98.68 74.46
N LYS I 2025 -9.34 -97.57 73.92
CA LYS I 2025 -8.09 -97.02 74.41
C LYS I 2025 -8.23 -96.52 75.85
N ILE I 2026 -9.27 -95.73 76.11
CA ILE I 2026 -9.51 -95.25 77.47
C ILE I 2026 -9.80 -96.43 78.39
N LYS I 2027 -10.48 -97.46 77.88
CA LYS I 2027 -10.71 -98.65 78.70
C LYS I 2027 -9.39 -99.30 79.09
N SER I 2028 -8.46 -99.41 78.15
CA SER I 2028 -7.15 -99.99 78.46
C SER I 2028 -6.41 -99.14 79.49
N ILE I 2029 -6.43 -97.82 79.32
CA ILE I 2029 -5.73 -96.95 80.27
C ILE I 2029 -6.35 -97.06 81.66
N LEU I 2030 -7.68 -97.10 81.73
CA LEU I 2030 -8.33 -97.22 83.03
C LEU I 2030 -8.07 -98.57 83.66
N ASP I 2031 -8.00 -99.63 82.85
CA ASP I 2031 -7.70 -100.95 83.39
C ASP I 2031 -6.26 -101.05 83.88
N ASN I 2032 -5.33 -100.36 83.24
CA ASN I 2032 -3.91 -100.47 83.54
C ASN I 2032 -3.36 -99.20 84.20
N TRP I 2033 -4.24 -98.39 84.81
CA TRP I 2033 -3.80 -97.19 85.51
C TRP I 2033 -2.82 -97.50 86.66
N GLU I 2034 -2.80 -98.73 87.17
CA GLU I 2034 -1.87 -99.06 88.23
C GLU I 2034 -0.43 -98.82 87.81
N GLN I 2035 -0.10 -99.08 86.54
CA GLN I 2035 1.26 -98.83 86.07
C GLN I 2035 1.54 -97.34 85.92
N TYR I 2036 0.53 -96.53 85.59
CA TYR I 2036 0.70 -95.08 85.50
C TYR I 2036 0.66 -94.39 86.85
N GLU I 2037 0.23 -95.09 87.91
CA GLU I 2037 0.17 -94.51 89.24
C GLU I 2037 1.57 -94.12 89.72
N MET J 1 4.40 -90.54 87.55
CA MET J 1 4.54 -90.85 86.10
C MET J 1 5.71 -90.09 85.49
N LYS J 2 6.52 -90.79 84.73
CA LYS J 2 7.63 -90.13 84.05
C LYS J 2 7.08 -89.19 82.97
N PRO J 3 7.86 -88.19 82.53
CA PRO J 3 7.37 -87.31 81.45
C PRO J 3 6.94 -88.06 80.20
N GLU J 4 7.61 -89.15 79.86
CA GLU J 4 7.23 -89.90 78.65
C GLU J 4 5.88 -90.59 78.82
N ILE J 5 5.64 -91.21 79.97
CA ILE J 5 4.31 -91.77 80.24
C ILE J 5 3.27 -90.65 80.26
N GLU J 6 3.63 -89.51 80.82
CA GLU J 6 2.70 -88.38 80.89
C GLU J 6 2.31 -87.93 79.49
N GLN J 7 3.30 -87.84 78.58
CA GLN J 7 3.02 -87.48 77.20
C GLN J 7 2.17 -88.54 76.50
N GLU J 8 2.46 -89.81 76.75
CA GLU J 8 1.67 -90.88 76.15
C GLU J 8 0.20 -90.74 76.58
N LEU J 9 -0.03 -90.61 77.88
CA LEU J 9 -1.39 -90.49 78.39
C LEU J 9 -2.08 -89.25 77.84
N SER J 10 -1.38 -88.11 77.82
CA SER J 10 -1.98 -86.88 77.32
C SER J 10 -2.34 -87.01 75.84
N HIS J 11 -1.44 -87.58 75.04
CA HIS J 11 -1.71 -87.76 73.63
C HIS J 11 -2.92 -88.65 73.40
N THR J 12 -2.99 -89.78 74.11
CA THR J 12 -4.11 -90.69 73.92
C THR J 12 -5.42 -90.03 74.32
N LEU J 13 -5.45 -89.42 75.50
CA LEU J 13 -6.70 -88.83 75.98
C LEU J 13 -7.13 -87.67 75.09
N LEU J 14 -6.18 -86.85 74.64
CA LEU J 14 -6.54 -85.74 73.75
C LEU J 14 -7.06 -86.26 72.41
N THR J 15 -6.45 -87.33 71.90
CA THR J 15 -6.93 -87.89 70.64
C THR J 15 -8.36 -88.40 70.77
N GLU J 16 -8.67 -89.12 71.86
CA GLU J 16 -10.05 -89.55 72.06
C GLU J 16 -11.00 -88.37 72.29
N LEU J 17 -10.57 -87.36 73.05
CA LEU J 17 -11.42 -86.21 73.29
C LEU J 17 -11.78 -85.53 71.98
N LEU J 18 -10.79 -85.30 71.12
CA LEU J 18 -11.08 -84.67 69.83
C LEU J 18 -11.89 -85.60 68.93
N ALA J 19 -11.62 -86.91 68.97
CA ALA J 19 -12.28 -87.84 68.07
C ALA J 19 -13.75 -87.99 68.42
N TYR J 20 -14.09 -87.90 69.71
CA TYR J 20 -15.46 -88.12 70.16
C TYR J 20 -16.22 -86.83 70.44
N GLN J 21 -15.54 -85.69 70.55
CA GLN J 21 -16.23 -84.41 70.39
C GLN J 21 -16.83 -84.29 69.00
N PHE J 22 -16.29 -85.06 68.05
CA PHE J 22 -16.91 -85.20 66.73
C PHE J 22 -18.38 -85.55 66.85
N ALA J 23 -18.73 -86.50 67.71
CA ALA J 23 -20.04 -87.12 67.77
C ALA J 23 -20.68 -87.04 69.14
N SER J 24 -20.20 -86.15 70.02
CA SER J 24 -20.79 -85.97 71.34
C SER J 24 -21.26 -84.52 71.51
N PRO J 25 -22.19 -84.26 72.44
CA PRO J 25 -22.71 -82.90 72.57
C PRO J 25 -21.64 -81.92 73.04
N VAL J 26 -21.81 -80.66 72.64
CA VAL J 26 -20.97 -79.56 73.11
C VAL J 26 -21.60 -79.01 74.38
N ARG J 27 -20.88 -79.14 75.50
CA ARG J 27 -21.40 -78.76 76.81
C ARG J 27 -20.88 -77.36 77.18
N TRP J 28 -21.30 -76.38 76.39
CA TRP J 28 -20.81 -75.02 76.59
C TRP J 28 -21.38 -74.38 77.85
N ILE J 29 -22.56 -74.79 78.33
CA ILE J 29 -23.05 -74.26 79.60
C ILE J 29 -22.11 -74.62 80.73
N GLU J 30 -21.78 -75.91 80.86
CA GLU J 30 -20.85 -76.33 81.89
C GLU J 30 -19.47 -75.73 81.66
N THR J 31 -19.04 -75.61 80.40
CA THR J 31 -17.70 -75.09 80.14
C THR J 31 -17.62 -73.63 80.54
N GLN J 32 -18.67 -72.85 80.29
CA GLN J 32 -18.71 -71.47 80.75
C GLN J 32 -18.72 -71.40 82.27
N ASP J 33 -19.49 -72.28 82.91
CA ASP J 33 -19.51 -72.30 84.36
C ASP J 33 -18.12 -72.56 84.93
N VAL J 34 -17.33 -73.43 84.27
CA VAL J 34 -16.00 -73.73 84.78
C VAL J 34 -15.14 -72.47 84.84
N PHE J 35 -14.91 -71.82 83.68
CA PHE J 35 -13.97 -70.71 83.66
C PHE J 35 -14.58 -69.40 84.14
N LEU J 36 -15.89 -69.33 84.39
CA LEU J 36 -16.47 -68.15 85.01
C LEU J 36 -16.53 -68.25 86.53
N LYS J 37 -16.88 -69.42 87.05
CA LYS J 37 -17.05 -69.60 88.49
C LYS J 37 -15.75 -70.07 89.15
N GLN J 38 -15.24 -71.22 88.71
CA GLN J 38 -14.07 -71.81 89.38
C GLN J 38 -12.82 -70.99 89.11
N HIS J 39 -12.56 -70.64 87.85
CA HIS J 39 -11.37 -69.86 87.51
C HIS J 39 -11.54 -68.38 87.82
N ASN J 40 -12.77 -67.89 87.93
CA ASN J 40 -13.03 -66.47 88.15
C ASN J 40 -12.36 -65.63 87.06
N THR J 41 -12.47 -66.10 85.82
CA THR J 41 -11.88 -65.38 84.70
C THR J 41 -12.51 -64.01 84.56
N GLU J 42 -11.66 -62.99 84.42
CA GLU J 42 -12.10 -61.63 84.15
C GLU J 42 -12.11 -61.31 82.66
N ARG J 43 -10.99 -61.49 81.99
CA ARG J 43 -10.85 -61.15 80.58
C ARG J 43 -11.22 -62.38 79.76
N ILE J 44 -12.38 -62.35 79.13
CA ILE J 44 -12.85 -63.44 78.29
C ILE J 44 -12.84 -62.95 76.85
N ILE J 45 -11.77 -63.28 76.12
CA ILE J 45 -11.60 -62.87 74.73
C ILE J 45 -12.03 -64.03 73.85
N GLU J 46 -12.92 -63.77 72.91
CA GLU J 46 -13.31 -64.76 71.92
C GLU J 46 -12.64 -64.41 70.60
N ILE J 47 -11.86 -65.36 70.09
CA ILE J 47 -11.11 -65.20 68.84
C ILE J 47 -11.98 -65.80 67.75
N GLY J 48 -12.62 -64.93 66.97
CA GLY J 48 -13.49 -65.37 65.91
C GLY J 48 -13.89 -64.23 65.01
N PRO J 49 -14.58 -64.54 63.91
CA PRO J 49 -15.03 -63.47 63.00
C PRO J 49 -16.23 -62.70 63.51
N SER J 50 -16.99 -63.25 64.46
CA SER J 50 -18.16 -62.59 65.01
C SER J 50 -18.21 -62.86 66.51
N PRO J 51 -18.92 -62.00 67.29
CA PRO J 51 -18.93 -62.12 68.76
C PRO J 51 -19.94 -63.14 69.27
N THR J 52 -19.95 -64.32 68.66
CA THR J 52 -20.94 -65.34 69.02
C THR J 52 -20.75 -65.76 70.47
N LEU J 53 -19.59 -66.37 70.77
CA LEU J 53 -19.36 -66.86 72.12
C LEU J 53 -19.20 -65.72 73.12
N ALA J 54 -18.77 -64.54 72.67
CA ALA J 54 -18.79 -63.38 73.55
C ALA J 54 -20.21 -63.06 74.01
N GLY J 55 -21.16 -63.06 73.07
CA GLY J 55 -22.54 -62.82 73.44
C GLY J 55 -23.10 -63.90 74.36
N MET J 56 -22.79 -65.16 74.05
CA MET J 56 -23.26 -66.23 74.93
C MET J 56 -22.65 -66.14 76.33
N ALA J 57 -21.36 -65.77 76.42
CA ALA J 57 -20.74 -65.60 77.73
C ALA J 57 -21.38 -64.45 78.49
N ASN J 58 -21.66 -63.35 77.81
CA ASN J 58 -22.33 -62.22 78.45
C ASN J 58 -23.71 -62.65 78.96
N ARG J 59 -24.45 -63.40 78.14
CA ARG J 59 -25.76 -63.87 78.55
C ARG J 59 -25.67 -64.76 79.78
N THR J 60 -24.69 -65.68 79.79
CA THR J 60 -24.52 -66.56 80.95
C THR J 60 -24.15 -65.77 82.20
N ILE J 61 -23.27 -64.78 82.06
CA ILE J 61 -22.86 -63.96 83.19
C ILE J 61 -24.06 -63.22 83.76
N LYS J 62 -24.86 -62.62 82.89
CA LYS J 62 -26.04 -61.90 83.36
C LYS J 62 -27.05 -62.85 83.99
N ALA J 63 -27.20 -64.04 83.43
CA ALA J 63 -28.23 -64.96 83.91
C ALA J 63 -27.89 -65.53 85.27
N LYS J 64 -26.63 -65.96 85.47
CA LYS J 64 -26.27 -66.74 86.65
C LYS J 64 -25.22 -66.10 87.54
N TYR J 65 -24.29 -65.31 86.99
CA TYR J 65 -23.19 -64.76 87.76
C TYR J 65 -23.32 -63.27 88.02
N GLU J 66 -24.50 -62.68 87.80
CA GLU J 66 -24.68 -61.26 88.08
C GLU J 66 -24.47 -60.94 89.55
N SER J 67 -25.05 -61.76 90.44
CA SER J 67 -24.85 -61.56 91.87
C SER J 67 -23.49 -62.06 92.33
N TYR J 68 -22.98 -63.13 91.70
CA TYR J 68 -21.69 -63.67 92.08
C TYR J 68 -20.56 -62.68 91.83
N ASP J 69 -20.58 -62.03 90.65
CA ASP J 69 -19.56 -61.04 90.33
C ASP J 69 -19.63 -59.85 91.26
N ALA J 70 -20.85 -59.40 91.57
CA ALA J 70 -21.00 -58.28 92.50
C ALA J 70 -20.49 -58.65 93.88
N ALA J 71 -20.77 -59.87 94.33
CA ALA J 71 -20.33 -60.31 95.64
C ALA J 71 -18.80 -60.35 95.72
N LEU J 72 -18.15 -60.88 94.68
CA LEU J 72 -16.69 -60.98 94.68
C LEU J 72 -16.01 -59.72 94.15
N SER J 73 -16.76 -58.68 93.79
CA SER J 73 -16.20 -57.44 93.24
C SER J 73 -15.34 -57.74 92.01
N LEU J 74 -15.80 -58.68 91.19
CA LEU J 74 -15.06 -59.13 90.01
C LEU J 74 -15.66 -58.48 88.77
N GLN J 75 -14.85 -57.71 88.06
CA GLN J 75 -15.28 -57.03 86.84
C GLN J 75 -14.87 -57.87 85.64
N ARG J 76 -15.85 -58.48 84.97
CA ARG J 76 -15.60 -59.34 83.82
C ARG J 76 -15.71 -58.53 82.54
N GLN J 77 -14.62 -58.48 81.78
CA GLN J 77 -14.56 -57.83 80.49
C GLN J 77 -14.61 -58.91 79.42
N VAL J 78 -15.69 -58.91 78.63
CA VAL J 78 -15.86 -59.85 77.53
C VAL J 78 -15.51 -59.13 76.25
N LEU J 79 -14.52 -59.66 75.53
CA LEU J 79 -13.95 -59.02 74.36
C LEU J 79 -14.11 -59.93 73.15
N CYS J 80 -14.28 -59.30 71.99
CA CYS J 80 -14.40 -60.01 70.72
C CYS J 80 -13.29 -59.53 69.79
N TYR J 81 -12.66 -60.47 69.09
CA TYR J 81 -11.58 -60.08 68.18
C TYR J 81 -12.10 -59.17 67.06
N SER J 82 -13.24 -59.52 66.48
CA SER J 82 -13.73 -58.77 65.33
C SER J 82 -14.23 -57.38 65.69
N LYS J 83 -14.45 -57.10 66.97
CA LYS J 83 -15.01 -55.82 67.42
C LYS J 83 -14.05 -55.04 68.30
N ASP J 84 -13.51 -55.67 69.33
CA ASP J 84 -12.71 -55.00 70.36
C ASP J 84 -11.22 -55.21 70.13
N ALA J 85 -10.80 -55.23 68.86
CA ALA J 85 -9.40 -55.43 68.53
C ALA J 85 -8.50 -54.44 69.23
N LYS J 86 -8.94 -53.18 69.34
CA LYS J 86 -8.17 -52.18 70.06
C LYS J 86 -7.98 -52.60 71.52
N GLU J 87 -9.04 -53.10 72.15
CA GLU J 87 -8.94 -53.48 73.55
C GLU J 87 -8.06 -54.71 73.75
N ILE J 88 -8.18 -55.72 72.90
CA ILE J 88 -7.34 -56.91 73.08
C ILE J 88 -5.88 -56.58 72.78
N TYR J 89 -5.62 -55.75 71.77
CA TYR J 89 -4.26 -55.41 71.41
C TYR J 89 -3.69 -54.25 72.23
N TYR J 90 -4.48 -53.68 73.14
CA TYR J 90 -4.07 -52.52 73.93
C TYR J 90 -3.61 -51.39 73.02
N LYS J 91 -4.53 -50.96 72.16
CA LYS J 91 -4.31 -49.86 71.24
C LYS J 91 -5.49 -48.90 71.30
N PRO J 92 -5.67 -48.21 72.41
CA PRO J 92 -6.71 -47.17 72.46
C PRO J 92 -6.39 -46.05 71.48
N ASP J 93 -7.45 -45.42 70.98
CA ASP J 93 -7.28 -44.38 69.98
C ASP J 93 -6.52 -43.20 70.60
N PRO J 94 -5.37 -42.77 70.03
CA PRO J 94 -4.67 -41.65 70.65
C PRO J 94 -5.49 -40.36 70.70
N ASP J 322 -5.20 3.73 27.85
CA ASP J 322 -4.94 2.51 28.62
C ASP J 322 -4.21 1.47 27.78
N SER J 323 -3.61 0.49 28.46
CA SER J 323 -2.95 -0.60 27.76
C SER J 323 -3.93 -1.37 26.90
N ALA J 324 -5.18 -1.50 27.34
CA ALA J 324 -6.19 -2.15 26.52
C ALA J 324 -6.44 -1.39 25.22
N ALA J 325 -6.54 -0.07 25.30
CA ALA J 325 -6.73 0.73 24.10
C ALA J 325 -5.52 0.65 23.18
N LEU J 326 -4.32 0.68 23.75
CA LEU J 326 -3.11 0.56 22.94
C LEU J 326 -3.05 -0.79 22.25
N ASP J 327 -3.42 -1.86 22.96
CA ASP J 327 -3.43 -3.19 22.37
C ASP J 327 -4.49 -3.28 21.27
N ALA J 328 -5.64 -2.63 21.46
CA ALA J 328 -6.65 -2.61 20.42
C ALA J 328 -6.13 -1.89 19.17
N LEU J 329 -5.43 -0.78 19.36
CA LEU J 329 -4.84 -0.08 18.22
C LEU J 329 -3.79 -0.93 17.52
N THR J 330 -2.96 -1.62 18.30
CA THR J 330 -1.96 -2.51 17.72
C THR J 330 -2.64 -3.62 16.93
N ALA J 331 -3.71 -4.19 17.47
CA ALA J 331 -4.43 -5.24 16.77
C ALA J 331 -5.05 -4.73 15.48
N GLU J 332 -5.59 -3.51 15.51
CA GLU J 332 -6.19 -2.94 14.29
C GLU J 332 -5.13 -2.72 13.21
N ASN J 333 -3.97 -2.18 13.60
CA ASN J 333 -2.90 -1.98 12.63
C ASN J 333 -2.41 -3.31 12.08
N LYS J 334 -2.24 -4.31 12.96
CA LYS J 334 -1.82 -5.64 12.51
C LYS J 334 -2.86 -6.24 11.58
N LYS J 335 -4.14 -6.03 11.87
CA LYS J 335 -5.21 -6.54 11.02
C LYS J 335 -5.15 -5.92 9.64
N LEU J 336 -4.96 -4.60 9.57
CA LEU J 336 -4.85 -3.94 8.27
C LEU J 336 -3.66 -4.46 7.51
N ALA J 337 -2.51 -4.59 8.18
CA ALA J 337 -1.31 -5.08 7.52
C ALA J 337 -1.50 -6.51 7.02
N LYS J 338 -2.19 -7.35 7.80
CA LYS J 338 -2.40 -8.72 7.39
C LYS J 338 -3.38 -8.82 6.22
N GLN J 339 -4.41 -7.96 6.20
CA GLN J 339 -5.32 -7.96 5.07
C GLN J 339 -4.60 -7.53 3.80
N GLN J 340 -3.74 -6.51 3.90
CA GLN J 340 -2.93 -6.12 2.76
C GLN J 340 -1.98 -7.24 2.35
N LEU J 341 -1.43 -7.95 3.34
CA LEU J 341 -0.56 -9.10 3.08
C LEU J 341 -1.27 -10.16 2.26
N GLU J 342 -2.48 -10.54 2.68
CA GLU J 342 -3.23 -11.55 1.94
C GLU J 342 -3.61 -11.06 0.55
N VAL J 343 -3.98 -9.78 0.40
CA VAL J 343 -4.33 -9.27 -0.92
C VAL J 343 -3.13 -9.32 -1.85
N LEU J 344 -1.95 -8.92 -1.36
CA LEU J 344 -0.75 -8.97 -2.19
C LEU J 344 -0.37 -10.40 -2.54
N ALA J 345 -0.46 -11.31 -1.58
CA ALA J 345 -0.14 -12.71 -1.87
C ALA J 345 -1.11 -13.28 -2.90
N ARG J 346 -2.39 -12.95 -2.78
CA ARG J 346 -3.37 -13.41 -3.76
C ARG J 346 -3.07 -12.84 -5.14
N TYR J 347 -2.69 -11.56 -5.21
CA TYR J 347 -2.32 -10.97 -6.48
C TYR J 347 -1.12 -11.67 -7.10
N LEU J 348 -0.10 -11.95 -6.30
CA LEU J 348 1.10 -12.62 -6.77
C LEU J 348 0.92 -14.11 -7.01
N GLN J 349 -0.21 -14.68 -6.59
CA GLN J 349 -0.40 -16.13 -6.62
C GLN J 349 0.65 -16.85 -5.79
N SER J 350 1.18 -16.16 -4.78
CA SER J 350 2.08 -16.78 -3.81
C SER J 350 1.23 -17.33 -2.67
N ARG J 351 1.40 -18.61 -2.39
CA ARG J 351 0.61 -19.28 -1.36
C ARG J 351 1.43 -19.28 -0.07
N LEU J 352 0.90 -18.62 0.95
CA LEU J 352 1.60 -18.52 2.23
C LEU J 352 1.51 -19.79 3.05
N LYS J 353 0.81 -20.81 2.57
CA LYS J 353 0.68 -22.06 3.31
C LYS J 353 0.76 -23.28 2.38
N GLN J 354 1.47 -23.17 1.26
CA GLN J 354 1.70 -24.29 0.37
C GLN J 354 2.98 -25.04 0.70
N GLY J 355 4.12 -24.34 0.71
CA GLY J 355 5.29 -24.91 1.31
C GLY J 355 5.09 -25.17 2.79
N SER J 356 4.40 -24.26 3.47
CA SER J 356 4.10 -24.45 4.90
C SER J 356 2.95 -25.37 5.07
N LEU J 357 3.09 -26.28 6.03
CA LEU J 357 1.95 -26.75 6.80
C LEU J 357 1.04 -27.67 5.99
N LYS J 358 1.02 -27.56 4.65
CA LYS J 358 0.53 -28.63 3.79
C LYS J 358 1.61 -29.65 3.54
N SER J 359 2.73 -29.22 2.95
CA SER J 359 3.86 -30.12 2.76
C SER J 359 4.36 -30.64 4.10
N PHE J 360 4.33 -29.79 5.13
CA PHE J 360 4.78 -30.23 6.45
C PHE J 360 3.83 -31.29 7.02
N ILE J 361 2.51 -31.06 6.95
CA ILE J 361 1.61 -32.10 7.45
C ILE J 361 1.79 -33.39 6.65
N LYS J 362 1.94 -33.28 5.34
CA LYS J 362 2.06 -34.47 4.51
C LYS J 362 3.32 -35.26 4.86
N GLU J 363 4.44 -34.57 5.05
CA GLU J 363 5.66 -35.26 5.41
C GLU J 363 5.56 -35.84 6.81
N LYS J 364 4.82 -35.18 7.71
CA LYS J 364 4.60 -35.75 9.02
C LYS J 364 3.80 -37.06 8.94
N GLU J 365 2.78 -37.10 8.08
CA GLU J 365 2.05 -38.35 7.88
C GLU J 365 2.95 -39.44 7.28
N ALA J 366 3.81 -39.07 6.33
CA ALA J 366 4.73 -40.06 5.77
C ALA J 366 5.66 -40.60 6.84
N SER J 367 6.19 -39.71 7.70
CA SER J 367 7.03 -40.16 8.80
C SER J 367 6.25 -41.02 9.77
N ALA J 368 4.97 -40.74 9.97
CA ALA J 368 4.14 -41.58 10.82
C ALA J 368 4.01 -42.99 10.25
N VAL J 369 3.83 -43.10 8.93
CA VAL J 369 3.75 -44.41 8.30
C VAL J 369 5.07 -45.16 8.47
N LEU J 370 6.19 -44.47 8.23
CA LEU J 370 7.50 -45.11 8.40
C LEU J 370 7.71 -45.54 9.84
N GLN J 371 7.29 -44.72 10.80
CA GLN J 371 7.42 -45.08 12.20
C GLN J 371 6.51 -46.24 12.56
N LYS J 372 5.36 -46.36 11.90
CA LYS J 372 4.51 -47.52 12.13
C LYS J 372 5.21 -48.81 11.69
N GLU J 373 5.83 -48.78 10.52
CA GLU J 373 6.59 -49.96 10.08
C GLU J 373 7.76 -50.25 11.02
N LEU J 374 8.45 -49.19 11.46
CA LEU J 374 9.56 -49.37 12.39
C LEU J 374 9.09 -49.94 13.73
N ASP J 375 7.95 -49.45 14.23
CA ASP J 375 7.38 -49.99 15.46
C ASP J 375 7.03 -51.45 15.29
N LEU J 376 6.50 -51.82 14.13
CA LEU J 376 6.27 -53.24 13.85
C LEU J 376 7.55 -54.04 13.99
N TRP J 377 8.62 -53.60 13.33
CA TRP J 377 9.87 -54.35 13.37
C TRP J 377 10.40 -54.46 14.80
N GLU J 378 10.42 -53.35 15.53
CA GLU J 378 11.03 -53.33 16.85
C GLU J 378 10.19 -54.08 17.87
N ALA J 379 8.87 -54.08 17.70
CA ALA J 379 8.03 -54.86 18.59
C ALA J 379 8.09 -56.34 18.26
N GLU J 380 8.35 -56.66 16.99
CA GLU J 380 8.44 -58.05 16.57
C GLU J 380 9.78 -58.67 16.97
N HIS J 381 10.83 -57.88 17.13
CA HIS J 381 12.16 -58.42 17.39
C HIS J 381 12.79 -57.98 18.70
N GLY J 382 12.62 -56.74 19.12
CA GLY J 382 13.16 -56.24 20.36
C GLY J 382 14.35 -55.31 20.11
N GLU J 383 14.79 -54.69 21.22
CA GLU J 383 15.84 -53.70 21.17
C GLU J 383 17.22 -54.33 20.94
N PHE J 384 17.51 -55.44 21.63
CA PHE J 384 18.82 -56.06 21.48
C PHE J 384 19.03 -56.57 20.06
N TYR J 385 18.03 -57.25 19.51
CA TYR J 385 18.11 -57.74 18.15
C TYR J 385 18.26 -56.58 17.17
N ALA J 386 17.51 -55.50 17.41
CA ALA J 386 17.56 -54.33 16.53
C ALA J 386 18.95 -53.70 16.51
N LYS J 387 19.53 -53.49 17.68
CA LYS J 387 20.85 -52.88 17.75
C LYS J 387 21.98 -53.87 17.43
N GLY J 388 21.68 -55.17 17.40
CA GLY J 388 22.68 -56.16 17.04
C GLY J 388 22.74 -56.52 15.58
N ILE J 389 21.67 -56.35 14.82
CA ILE J 389 21.71 -56.60 13.39
C ILE J 389 22.41 -55.48 12.62
N GLN J 390 22.93 -54.48 13.33
CA GLN J 390 23.62 -53.37 12.68
C GLN J 390 24.84 -53.90 11.94
N PRO J 391 25.02 -53.63 10.64
CA PRO J 391 26.27 -54.03 9.99
C PRO J 391 27.46 -53.27 10.56
N THR J 392 28.58 -53.97 10.65
CA THR J 392 29.83 -53.39 11.11
C THR J 392 31.01 -53.69 10.20
N PHE J 393 30.86 -54.58 9.23
CA PHE J 393 31.96 -54.91 8.34
C PHE J 393 32.29 -53.75 7.43
N SER J 394 33.60 -53.51 7.23
CA SER J 394 34.07 -52.57 6.22
C SER J 394 35.44 -53.04 5.77
N ALA J 395 35.67 -53.03 4.46
CA ALA J 395 36.97 -53.44 3.94
C ALA J 395 38.06 -52.44 4.32
N LEU J 396 37.68 -51.20 4.61
CA LEU J 396 38.66 -50.18 4.96
C LEU J 396 39.19 -50.36 6.38
N LYS J 397 38.49 -51.14 7.21
CA LYS J 397 38.94 -51.44 8.56
C LYS J 397 39.73 -52.75 8.65
N SER J 398 39.98 -53.42 7.53
CA SER J 398 40.85 -54.58 7.53
C SER J 398 42.25 -54.18 7.97
N ARG J 399 42.83 -54.97 8.88
CA ARG J 399 44.20 -54.79 9.36
C ARG J 399 44.97 -56.06 9.03
N THR J 400 45.90 -55.97 8.09
CA THR J 400 46.69 -57.09 7.65
C THR J 400 48.04 -57.08 8.35
N TYR J 401 48.43 -58.22 8.93
CA TYR J 401 49.71 -58.41 9.59
C TYR J 401 50.45 -59.51 8.86
N ASP J 402 51.59 -59.17 8.23
CA ASP J 402 52.39 -60.16 7.53
C ASP J 402 53.90 -59.95 7.68
N SER J 403 54.35 -59.04 8.56
CA SER J 403 55.77 -58.70 8.64
C SER J 403 56.49 -59.57 9.67
N TYR J 404 56.29 -60.89 9.51
CA TYR J 404 57.03 -61.86 10.30
C TYR J 404 58.53 -61.66 10.16
N TRP J 405 58.98 -61.19 9.00
CA TRP J 405 60.41 -61.00 8.78
C TRP J 405 61.00 -60.00 9.76
N ASN J 406 60.25 -58.93 10.06
CA ASN J 406 60.73 -57.96 11.04
C ASN J 406 60.52 -58.47 12.45
N TRP J 407 59.37 -59.09 12.72
CA TRP J 407 59.10 -59.55 14.09
C TRP J 407 60.06 -60.65 14.52
N ALA J 408 60.58 -61.44 13.57
CA ALA J 408 61.51 -62.50 13.93
C ALA J 408 62.79 -61.92 14.51
N ARG J 409 63.39 -60.96 13.80
CA ARG J 409 64.60 -60.32 14.32
C ARG J 409 64.31 -59.56 15.60
N GLN J 410 63.15 -58.90 15.68
CA GLN J 410 62.77 -58.23 16.92
C GLN J 410 62.79 -59.20 18.10
N ASP J 411 62.11 -60.34 17.95
CA ASP J 411 62.00 -61.29 19.05
C ASP J 411 63.34 -61.93 19.37
N VAL J 412 64.14 -62.20 18.33
CA VAL J 412 65.47 -62.76 18.56
C VAL J 412 66.30 -61.82 19.43
N LEU J 413 66.31 -60.53 19.08
CA LEU J 413 67.08 -59.56 19.85
C LEU J 413 66.51 -59.39 21.26
N SER J 414 65.19 -59.34 21.37
CA SER J 414 64.56 -59.16 22.68
C SER J 414 64.93 -60.31 23.62
N MET J 415 64.89 -61.54 23.12
CA MET J 415 65.33 -62.68 23.91
C MET J 415 66.82 -62.66 24.18
N TYR J 416 67.63 -62.21 23.22
CA TYR J 416 69.08 -62.15 23.44
C TYR J 416 69.41 -61.24 24.61
N PHE J 417 68.80 -60.07 24.66
CA PHE J 417 69.09 -59.16 25.76
C PHE J 417 68.47 -59.60 27.07
N ASP J 418 67.33 -60.28 27.04
CA ASP J 418 66.81 -60.90 28.25
C ASP J 418 67.81 -61.92 28.80
N ILE J 419 68.40 -62.72 27.93
CA ILE J 419 69.39 -63.69 28.37
C ILE J 419 70.61 -62.98 28.98
N ILE J 420 71.15 -61.97 28.29
CA ILE J 420 72.36 -61.34 28.80
C ILE J 420 72.09 -60.47 30.02
N PHE J 421 70.84 -60.10 30.29
CA PHE J 421 70.48 -59.37 31.50
C PHE J 421 69.90 -60.26 32.58
N GLY J 422 69.79 -61.56 32.34
CA GLY J 422 69.44 -62.49 33.41
C GLY J 422 67.95 -62.65 33.65
N LYS J 423 67.13 -62.38 32.63
CA LYS J 423 65.69 -62.56 32.70
C LYS J 423 65.25 -63.89 32.07
N LEU J 424 66.19 -64.63 31.46
CA LEU J 424 65.82 -65.84 30.73
C LEU J 424 66.87 -66.90 30.93
N THR J 425 66.40 -68.15 31.03
CA THR J 425 67.26 -69.33 31.07
C THR J 425 66.61 -70.44 30.25
N SER J 426 67.44 -71.37 29.77
CA SER J 426 66.95 -72.38 28.85
C SER J 426 65.90 -73.29 29.50
N VAL J 427 65.97 -73.47 30.81
CA VAL J 427 65.05 -74.39 31.49
C VAL J 427 63.61 -73.93 31.32
N ASP J 428 63.38 -72.62 31.33
CA ASP J 428 62.04 -72.08 31.17
C ASP J 428 61.43 -72.52 29.84
N ARG J 429 60.20 -73.01 29.88
CA ARG J 429 59.54 -73.48 28.66
C ARG J 429 59.05 -72.31 27.81
N GLU J 430 58.89 -71.13 28.38
CA GLU J 430 58.61 -69.95 27.57
C GLU J 430 59.76 -69.67 26.62
N THR J 431 60.99 -69.91 27.07
CA THR J 431 62.14 -69.78 26.17
C THR J 431 62.03 -70.74 25.00
N ILE J 432 61.62 -71.98 25.26
CA ILE J 432 61.51 -72.96 24.19
C ILE J 432 60.39 -72.58 23.23
N ASN J 433 59.27 -72.06 23.76
CA ASN J 433 58.20 -71.60 22.89
C ASN J 433 58.65 -70.46 21.99
N GLN J 434 59.31 -69.45 22.58
CA GLN J 434 59.81 -68.33 21.77
C GLN J 434 60.80 -68.80 20.74
N CYS J 435 61.68 -69.73 21.13
CA CYS J 435 62.65 -70.28 20.19
C CYS J 435 61.93 -70.97 19.05
N ILE J 436 60.88 -71.74 19.33
CA ILE J 436 60.13 -72.41 18.28
C ILE J 436 59.52 -71.38 17.33
N GLN J 437 59.03 -70.27 17.86
CA GLN J 437 58.50 -69.23 16.97
C GLN J 437 59.59 -68.67 16.06
N ILE J 438 60.81 -68.53 16.60
CA ILE J 438 61.91 -68.05 15.77
C ILE J 438 62.27 -69.08 14.70
N MET J 439 62.28 -70.37 15.06
CA MET J 439 62.52 -71.40 14.05
C MET J 439 61.42 -71.38 13.00
N ASN J 440 60.20 -71.08 13.41
CA ASN J 440 59.10 -70.95 12.47
C ASN J 440 59.28 -69.78 11.51
N ARG J 441 59.85 -68.68 11.99
CA ARG J 441 60.08 -67.50 11.16
C ARG J 441 61.50 -67.44 10.61
N ALA J 442 62.24 -68.55 10.68
CA ALA J 442 63.64 -68.55 10.26
C ALA J 442 63.78 -68.18 8.78
N ASN J 443 64.85 -67.46 8.48
CA ASN J 443 65.16 -66.99 7.14
C ASN J 443 66.68 -66.81 7.09
N PRO J 444 67.31 -66.85 5.92
CA PRO J 444 68.77 -66.66 5.91
C PRO J 444 69.19 -65.31 6.46
N THR J 445 68.37 -64.28 6.26
CA THR J 445 68.64 -62.99 6.88
C THR J 445 68.62 -63.09 8.40
N LEU J 446 67.69 -63.89 8.95
CA LEU J 446 67.66 -64.06 10.40
C LEU J 446 68.84 -64.89 10.89
N ILE J 447 69.29 -65.84 10.07
CA ILE J 447 70.49 -66.59 10.42
C ILE J 447 71.69 -65.66 10.53
N LYS J 448 71.85 -64.77 9.54
CA LYS J 448 72.93 -63.79 9.62
C LYS J 448 72.77 -62.87 10.82
N PHE J 449 71.53 -62.44 11.09
CA PHE J 449 71.28 -61.55 12.22
C PHE J 449 71.68 -62.20 13.54
N MET J 450 71.31 -63.46 13.74
CA MET J 450 71.67 -64.16 14.96
C MET J 450 73.16 -64.46 15.01
N GLN J 451 73.75 -64.81 13.86
CA GLN J 451 75.16 -65.17 13.85
C GLN J 451 76.05 -63.99 14.19
N TYR J 452 75.69 -62.79 13.71
CA TYR J 452 76.49 -61.62 14.07
C TYR J 452 76.49 -61.41 15.58
N HIS J 453 75.32 -61.49 16.21
CA HIS J 453 75.19 -61.21 17.63
C HIS J 453 75.73 -62.33 18.51
N ILE J 454 75.86 -63.55 17.99
CA ILE J 454 76.49 -64.63 18.74
C ILE J 454 77.98 -64.76 18.46
N ASP J 455 78.47 -64.21 17.34
CA ASP J 455 79.90 -64.18 17.07
C ASP J 455 80.57 -62.98 17.70
N HIS J 456 79.86 -61.87 17.83
CA HIS J 456 80.38 -60.67 18.50
C HIS J 456 79.90 -60.55 19.93
N CYS J 457 79.31 -61.58 20.50
CA CYS J 457 78.87 -61.52 21.89
C CYS J 457 80.08 -61.40 22.79
N PRO J 458 80.19 -60.35 23.62
CA PRO J 458 81.37 -60.25 24.50
C PRO J 458 81.29 -61.18 25.70
N GLU J 459 81.69 -62.44 25.46
CA GLU J 459 81.58 -63.47 26.50
C GLU J 459 82.41 -63.13 27.74
N TYR J 460 83.43 -62.28 27.61
CA TYR J 460 84.29 -61.95 28.74
C TYR J 460 83.60 -61.08 29.78
N LYS J 461 82.43 -60.50 29.48
CA LYS J 461 81.81 -59.55 30.37
C LYS J 461 80.97 -60.18 31.47
N GLY J 462 80.79 -61.50 31.45
CA GLY J 462 80.06 -62.16 32.51
C GLY J 462 79.51 -63.49 32.05
N GLU J 463 78.98 -64.23 33.03
CA GLU J 463 78.41 -65.53 32.75
C GLU J 463 77.19 -65.43 31.84
N THR J 464 76.37 -64.40 32.04
CA THR J 464 75.16 -64.25 31.24
C THR J 464 75.50 -64.05 29.76
N TYR J 465 76.65 -63.44 29.47
CA TYR J 465 77.07 -63.31 28.08
C TYR J 465 77.53 -64.64 27.52
N LYS J 466 78.24 -65.44 28.33
CA LYS J 466 78.58 -66.79 27.91
C LYS J 466 77.32 -67.61 27.67
N LEU J 467 76.34 -67.45 28.55
CA LEU J 467 75.07 -68.15 28.40
C LEU J 467 74.38 -67.75 27.10
N ALA J 468 74.34 -66.44 26.81
CA ALA J 468 73.74 -65.98 25.57
C ALA J 468 74.46 -66.52 24.35
N LYS J 469 75.79 -66.48 24.37
CA LYS J 469 76.57 -66.98 23.23
C LYS J 469 76.26 -68.45 22.98
N ARG J 470 76.37 -69.28 24.01
CA ARG J 470 76.17 -70.72 23.82
C ARG J 470 74.75 -71.03 23.38
N LEU J 471 73.75 -70.51 24.10
CA LEU J 471 72.36 -70.86 23.79
C LEU J 471 71.96 -70.31 22.43
N GLY J 472 72.40 -69.09 22.10
CA GLY J 472 72.09 -68.55 20.79
C GLY J 472 72.75 -69.33 19.68
N GLN J 473 73.94 -69.88 19.93
CA GLN J 473 74.55 -70.76 18.94
C GLN J 473 73.69 -71.99 18.71
N GLN J 474 73.16 -72.59 19.79
CA GLN J 474 72.28 -73.74 19.61
C GLN J 474 71.03 -73.35 18.82
N LEU J 475 70.43 -72.21 19.14
CA LEU J 475 69.23 -71.77 18.42
C LEU J 475 69.56 -71.49 16.96
N ILE J 476 70.74 -70.94 16.68
CA ILE J 476 71.16 -70.71 15.31
C ILE J 476 71.26 -72.03 14.56
N ASP J 477 71.86 -73.04 15.20
CA ASP J 477 71.96 -74.34 14.55
C ASP J 477 70.59 -74.91 14.24
N ASN J 478 69.65 -74.78 15.18
CA ASN J 478 68.29 -75.28 14.94
C ASN J 478 67.63 -74.56 13.77
N CYS J 479 67.77 -73.23 13.73
CA CYS J 479 67.17 -72.46 12.64
C CYS J 479 67.81 -72.81 11.30
N LYS J 480 69.12 -73.03 11.27
CA LYS J 480 69.76 -73.52 10.05
C LYS J 480 69.19 -74.86 9.62
N GLN J 481 69.00 -75.79 10.56
CA GLN J 481 68.58 -77.13 10.15
C GLN J 481 67.13 -77.12 9.67
N VAL J 482 66.30 -76.22 10.19
CA VAL J 482 64.91 -76.14 9.74
C VAL J 482 64.71 -74.96 8.79
N LEU J 483 65.79 -74.44 8.21
CA LEU J 483 65.68 -73.27 7.34
C LEU J 483 64.76 -73.54 6.16
N THR J 484 64.92 -74.70 5.52
CA THR J 484 64.11 -75.06 4.36
C THR J 484 62.84 -75.80 4.74
N GLU J 485 62.65 -76.15 6.02
CA GLU J 485 61.48 -76.88 6.46
C GLU J 485 60.30 -75.94 6.64
N ASP J 486 59.11 -76.51 6.55
CA ASP J 486 57.88 -75.73 6.59
C ASP J 486 57.55 -75.41 8.05
N PRO J 487 57.15 -74.17 8.39
CA PRO J 487 56.88 -73.86 9.79
C PRO J 487 55.77 -74.72 10.38
N VAL J 488 55.91 -75.07 11.65
CA VAL J 488 55.01 -75.98 12.34
C VAL J 488 54.51 -75.32 13.61
N TYR J 489 53.26 -75.63 13.97
CA TYR J 489 52.71 -75.26 15.27
C TYR J 489 53.04 -76.36 16.27
N LYS J 490 53.81 -76.02 17.30
CA LYS J 490 54.19 -76.95 18.35
C LYS J 490 54.05 -76.22 19.68
N ASP J 491 53.04 -76.60 20.45
CA ASP J 491 52.84 -76.04 21.78
C ASP J 491 53.66 -76.82 22.79
N VAL J 492 54.48 -76.10 23.54
CA VAL J 492 55.34 -76.68 24.57
C VAL J 492 54.97 -76.18 25.96
N SER J 493 53.75 -75.66 26.12
CA SER J 493 53.31 -75.18 27.42
C SER J 493 53.19 -76.33 28.40
N ARG J 494 53.32 -76.01 29.69
CA ARG J 494 53.13 -77.02 30.71
C ARG J 494 51.64 -77.29 30.90
N ILE J 495 51.27 -78.57 30.83
CA ILE J 495 49.86 -78.95 30.97
C ILE J 495 49.40 -78.65 32.38
N THR J 496 48.20 -78.08 32.50
CA THR J 496 47.63 -77.69 33.77
C THR J 496 46.24 -78.29 33.94
N GLY J 497 45.84 -78.48 35.19
CA GLY J 497 44.52 -78.97 35.52
C GLY J 497 43.89 -78.10 36.58
N PRO J 498 42.59 -78.29 36.82
CA PRO J 498 41.92 -77.51 37.87
C PRO J 498 42.38 -77.92 39.26
N LYS J 499 42.36 -76.95 40.16
CA LYS J 499 42.72 -77.20 41.56
C LYS J 499 41.97 -76.19 42.41
N THR J 500 40.92 -76.65 43.09
CA THR J 500 40.07 -75.82 43.92
C THR J 500 40.39 -76.09 45.39
N LYS J 501 40.60 -75.02 46.15
CA LYS J 501 40.87 -75.10 47.57
C LYS J 501 40.01 -74.08 48.30
N VAL J 502 39.58 -74.42 49.50
CA VAL J 502 38.81 -73.54 50.36
C VAL J 502 39.72 -73.09 51.50
N SER J 503 39.90 -71.78 51.61
CA SER J 503 40.74 -71.24 52.67
C SER J 503 40.03 -71.36 54.01
N ALA J 504 40.81 -71.18 55.09
CA ALA J 504 40.23 -71.20 56.43
C ALA J 504 39.15 -70.14 56.61
N LYS J 505 39.28 -69.01 55.90
CA LYS J 505 38.27 -67.96 55.93
C LYS J 505 37.04 -68.31 55.09
N GLY J 506 37.00 -69.48 54.47
CA GLY J 506 35.88 -69.86 53.64
C GLY J 506 35.87 -69.27 52.27
N ASN J 507 36.99 -68.69 51.82
CA ASN J 507 37.09 -68.11 50.49
C ASN J 507 37.37 -69.21 49.48
N ILE J 508 36.64 -69.20 48.37
CA ILE J 508 36.79 -70.20 47.33
C ILE J 508 37.83 -69.69 46.34
N GLU J 509 38.95 -70.40 46.24
CA GLU J 509 40.05 -70.03 45.36
C GLU J 509 40.26 -71.14 44.32
N TYR J 510 40.24 -70.77 43.05
CA TYR J 510 40.51 -71.67 41.95
C TYR J 510 41.88 -71.37 41.38
N GLU J 511 42.70 -72.40 41.23
CA GLU J 511 44.04 -72.26 40.69
C GLU J 511 44.29 -73.33 39.63
N GLU J 512 44.80 -72.90 38.49
CA GLU J 512 45.17 -73.79 37.38
C GLU J 512 46.59 -74.27 37.65
N THR J 513 46.70 -75.44 38.28
CA THR J 513 48.00 -75.96 38.68
C THR J 513 48.51 -76.96 37.65
N GLN J 514 49.83 -77.11 37.60
CA GLN J 514 50.44 -78.02 36.66
C GLN J 514 50.24 -79.47 37.09
N LYS J 515 49.78 -80.29 36.15
CA LYS J 515 49.53 -81.70 36.45
C LYS J 515 50.84 -82.42 36.71
N ASP J 516 50.85 -83.26 37.75
CA ASP J 516 52.07 -83.97 38.12
C ASP J 516 52.44 -85.02 37.08
N SER J 517 51.46 -85.84 36.68
CA SER J 517 51.74 -86.95 35.77
C SER J 517 51.83 -86.54 34.31
N VAL J 518 51.21 -85.41 33.93
CA VAL J 518 51.18 -84.95 32.55
C VAL J 518 52.01 -83.67 32.48
N ARG J 519 53.07 -83.70 31.67
CA ARG J 519 54.02 -82.61 31.57
C ARG J 519 54.08 -81.98 30.20
N LYS J 520 53.94 -82.79 29.14
CA LYS J 520 53.98 -82.33 27.76
C LYS J 520 52.65 -82.64 27.07
N PHE J 521 52.50 -82.15 25.85
CA PHE J 521 51.34 -82.53 25.05
C PHE J 521 51.43 -83.96 24.57
N GLU J 522 52.64 -84.54 24.50
CA GLU J 522 52.76 -85.97 24.24
C GLU J 522 52.09 -86.77 25.35
N GLN J 523 52.36 -86.41 26.60
CA GLN J 523 51.73 -87.09 27.71
C GLN J 523 50.24 -86.75 27.81
N TYR J 524 49.86 -85.54 27.38
CA TYR J 524 48.45 -85.21 27.26
C TYR J 524 47.75 -86.17 26.29
N VAL J 525 48.40 -86.45 25.15
CA VAL J 525 47.80 -87.36 24.17
C VAL J 525 47.77 -88.78 24.72
N TYR J 526 48.80 -89.17 25.48
CA TYR J 526 48.77 -90.48 26.13
C TYR J 526 47.60 -90.60 27.09
N GLU J 527 47.38 -89.57 27.90
CA GLU J 527 46.24 -89.55 28.81
C GLU J 527 44.93 -89.61 28.03
N MET J 528 44.88 -88.89 26.90
CA MET J 528 43.68 -88.90 26.06
C MET J 528 43.39 -90.30 25.56
N ALA J 529 44.43 -91.01 25.10
CA ALA J 529 44.26 -92.37 24.62
C ALA J 529 43.79 -93.29 25.74
N GLN J 530 44.37 -93.14 26.94
CA GLN J 530 43.96 -94.00 28.04
C GLN J 530 42.53 -93.73 28.48
N GLY J 531 42.07 -92.48 28.36
CA GLY J 531 40.72 -92.20 28.83
C GLY J 531 40.65 -92.22 30.35
N GLY J 532 39.55 -92.78 30.85
CA GLY J 532 39.33 -92.85 32.28
C GLY J 532 38.49 -94.06 32.65
N ALA J 533 38.28 -94.21 33.96
CA ALA J 533 37.52 -95.36 34.46
C ALA J 533 36.08 -95.31 33.97
N MET J 534 35.47 -94.13 33.93
CA MET J 534 34.08 -94.00 33.51
C MET J 534 33.89 -94.17 32.02
N THR J 535 34.97 -94.24 31.24
CA THR J 535 34.89 -94.43 29.79
C THR J 535 34.95 -95.89 29.38
N LYS J 536 35.02 -96.82 30.33
CA LYS J 536 35.09 -98.24 30.01
C LYS J 536 33.75 -98.73 29.47
N PRO J 629 52.95 -96.03 18.16
CA PRO J 629 51.90 -94.99 18.19
C PRO J 629 51.01 -95.09 19.43
N VAL J 630 50.45 -93.95 19.84
CA VAL J 630 49.59 -93.92 21.03
C VAL J 630 48.30 -94.70 20.80
N SER J 631 47.92 -94.90 19.54
CA SER J 631 46.73 -95.69 19.24
C SER J 631 46.88 -97.11 19.77
N SER J 632 48.06 -97.71 19.60
CA SER J 632 48.32 -99.01 20.20
C SER J 632 48.22 -98.97 21.72
N THR J 633 48.53 -97.82 22.33
CA THR J 633 48.42 -97.69 23.78
C THR J 633 47.02 -97.36 24.24
N ILE J 634 46.08 -97.10 23.33
CA ILE J 634 44.68 -97.01 23.72
C ILE J 634 44.29 -98.33 24.38
N PRO J 635 43.78 -98.32 25.61
CA PRO J 635 43.41 -99.59 26.26
C PRO J 635 42.22 -100.24 25.55
N SER J 636 42.13 -101.56 25.71
CA SER J 636 41.03 -102.29 25.10
C SER J 636 39.73 -102.04 25.84
N GLN J 637 38.66 -101.87 25.07
CA GLN J 637 37.29 -101.71 25.54
C GLN J 637 37.01 -100.32 26.13
N THR J 638 38.01 -99.45 26.25
CA THR J 638 37.81 -98.10 26.79
C THR J 638 37.80 -97.11 25.63
N ILE J 639 36.87 -96.16 25.70
CA ILE J 639 36.75 -95.11 24.68
C ILE J 639 37.67 -93.97 25.07
N PRO J 640 38.59 -93.53 24.21
CA PRO J 640 39.48 -92.42 24.58
C PRO J 640 38.70 -91.13 24.82
N PHE J 641 39.33 -90.21 25.55
CA PHE J 641 38.67 -88.96 25.90
C PHE J 641 38.34 -88.13 24.67
N LEU J 642 39.25 -88.08 23.70
CA LEU J 642 38.99 -87.50 22.38
C LEU J 642 38.86 -88.66 21.40
N HIS J 643 37.79 -88.65 20.61
CA HIS J 643 37.58 -89.76 19.69
C HIS J 643 36.71 -89.32 18.52
N ILE J 644 37.00 -89.87 17.36
CA ILE J 644 36.20 -89.65 16.16
C ILE J 644 35.09 -90.68 16.14
N GLN J 645 33.86 -90.22 15.89
CA GLN J 645 32.69 -91.07 15.79
C GLN J 645 32.33 -91.30 14.32
N LYS J 646 31.79 -92.48 14.04
CA LYS J 646 31.24 -92.82 12.74
C LYS J 646 29.72 -92.82 12.82
N LYS J 647 29.09 -92.76 11.65
CA LYS J 647 27.64 -92.81 11.55
C LYS J 647 27.19 -94.21 11.17
N THR J 648 26.19 -94.73 11.86
CA THR J 648 25.60 -96.03 11.63
C THR J 648 24.08 -95.91 11.74
N LYS J 649 23.39 -97.02 11.48
CA LYS J 649 21.94 -97.00 11.51
C LYS J 649 21.41 -96.58 12.87
N ASP J 650 22.09 -96.98 13.95
CA ASP J 650 21.69 -96.60 15.30
C ASP J 650 22.04 -95.16 15.64
N GLY J 651 22.96 -94.53 14.91
CA GLY J 651 23.37 -93.16 15.19
C GLY J 651 24.88 -92.99 15.15
N TRP J 652 25.39 -91.97 15.83
CA TRP J 652 26.82 -91.76 15.91
C TRP J 652 27.41 -92.61 17.02
N GLU J 653 28.46 -93.37 16.71
CA GLU J 653 29.12 -94.19 17.71
C GLU J 653 30.63 -94.13 17.55
N TYR J 654 31.33 -94.35 18.66
CA TYR J 654 32.78 -94.31 18.68
C TYR J 654 33.36 -95.32 17.69
N ASN J 655 34.35 -94.87 16.92
CA ASN J 655 35.01 -95.69 15.91
C ASN J 655 36.48 -95.82 16.23
N LYS J 656 36.93 -97.05 16.47
CA LYS J 656 38.31 -97.27 16.88
C LYS J 656 39.28 -96.81 15.78
N LYS J 657 38.96 -97.09 14.52
CA LYS J 657 39.88 -96.77 13.43
C LYS J 657 40.06 -95.26 13.27
N LEU J 658 38.95 -94.53 13.19
CA LEU J 658 39.04 -93.08 13.02
C LEU J 658 39.66 -92.43 14.25
N SER J 659 39.31 -92.91 15.45
CA SER J 659 39.94 -92.38 16.65
C SER J 659 41.44 -92.67 16.67
N SER J 660 41.84 -93.86 16.21
CA SER J 660 43.25 -94.18 16.04
C SER J 660 43.94 -93.16 15.15
N LEU J 661 43.35 -92.88 13.98
CA LEU J 661 43.95 -91.94 13.05
C LEU J 661 44.08 -90.56 13.69
N TYR J 662 43.02 -90.10 14.35
CA TYR J 662 43.04 -88.78 14.98
C TYR J 662 44.10 -88.71 16.08
N LEU J 663 44.18 -89.73 16.92
CA LEU J 663 45.11 -89.70 18.04
C LEU J 663 46.55 -89.79 17.55
N ASP J 664 46.80 -90.57 16.50
CA ASP J 664 48.14 -90.61 15.92
C ASP J 664 48.51 -89.25 15.33
N GLY J 665 47.56 -88.60 14.66
CA GLY J 665 47.82 -87.25 14.19
C GLY J 665 48.13 -86.28 15.32
N LEU J 666 47.41 -86.40 16.44
CA LEU J 666 47.68 -85.56 17.59
C LEU J 666 49.06 -85.83 18.18
N GLU J 667 49.45 -87.11 18.25
CA GLU J 667 50.78 -87.46 18.73
C GLU J 667 51.86 -86.85 17.85
N SER J 668 51.68 -86.95 16.53
CA SER J 668 52.65 -86.36 15.60
C SER J 668 52.69 -84.85 15.76
N ALA J 669 51.53 -84.22 15.94
CA ALA J 669 51.49 -82.78 16.16
C ALA J 669 52.22 -82.39 17.45
N ALA J 670 52.06 -83.20 18.50
CA ALA J 670 52.74 -82.90 19.76
C ALA J 670 54.24 -83.03 19.62
N ILE J 671 54.72 -84.08 18.94
CA ILE J 671 56.16 -84.33 18.89
C ILE J 671 56.83 -83.48 17.82
N ASN J 672 56.45 -83.69 16.55
CA ASN J 672 57.06 -82.99 15.43
C ASN J 672 56.45 -81.62 15.16
N GLY J 673 55.24 -81.36 15.62
CA GLY J 673 54.53 -80.15 15.27
C GLY J 673 53.56 -80.37 14.12
N LEU J 674 52.59 -79.47 14.01
CA LEU J 674 51.58 -79.50 12.97
C LEU J 674 51.70 -78.24 12.12
N THR J 675 51.71 -78.43 10.80
CA THR J 675 51.89 -77.35 9.84
C THR J 675 50.57 -77.02 9.16
N PHE J 676 50.40 -75.74 8.81
CA PHE J 676 49.21 -75.24 8.17
C PHE J 676 49.57 -74.33 7.00
N LYS J 677 50.74 -74.53 6.39
CA LYS J 677 51.17 -73.65 5.32
C LYS J 677 50.24 -73.75 4.13
N ASP J 678 50.04 -72.61 3.45
CA ASP J 678 49.16 -72.51 2.30
C ASP J 678 47.72 -72.88 2.66
N LYS J 679 47.36 -72.73 3.93
CA LYS J 679 46.00 -72.99 4.41
C LYS J 679 45.32 -71.66 4.69
N TYR J 680 44.26 -71.38 3.94
CA TYR J 680 43.47 -70.17 4.09
C TYR J 680 42.30 -70.49 5.01
N VAL J 681 42.22 -69.77 6.13
CA VAL J 681 41.27 -70.07 7.19
C VAL J 681 40.45 -68.81 7.47
N LEU J 682 39.15 -68.99 7.69
CA LEU J 682 38.29 -67.98 8.26
C LEU J 682 38.02 -68.39 9.70
N VAL J 683 38.12 -67.45 10.64
CA VAL J 683 37.84 -67.70 12.05
C VAL J 683 36.96 -66.57 12.57
N THR J 684 35.84 -66.93 13.18
CA THR J 684 34.96 -65.97 13.82
C THR J 684 34.84 -66.32 15.31
N GLY J 685 34.56 -65.30 16.12
CA GLY J 685 34.47 -65.49 17.54
C GLY J 685 35.79 -65.73 18.24
N ALA J 686 36.90 -65.30 17.64
CA ALA J 686 38.22 -65.50 18.23
C ALA J 686 38.65 -64.28 19.04
N GLY J 687 37.84 -63.93 20.03
CA GLY J 687 38.18 -62.85 20.92
C GLY J 687 39.30 -63.23 21.85
N ALA J 688 39.85 -62.21 22.51
CA ALA J 688 40.96 -62.43 23.44
C ALA J 688 40.51 -63.33 24.58
N GLY J 689 41.41 -64.23 25.00
CA GLY J 689 41.08 -65.18 26.03
C GLY J 689 40.00 -66.15 25.64
N SER J 690 40.09 -66.72 24.44
CA SER J 690 39.07 -67.62 23.91
C SER J 690 39.72 -68.75 23.13
N ILE J 691 38.94 -69.81 22.90
CA ILE J 691 39.43 -70.95 22.14
C ILE J 691 39.68 -70.55 20.70
N GLY J 692 38.86 -69.65 20.16
CA GLY J 692 39.14 -69.11 18.84
C GLY J 692 40.48 -68.40 18.79
N ALA J 693 40.82 -67.66 19.85
CA ALA J 693 42.12 -66.98 19.89
C ALA J 693 43.26 -67.98 19.98
N GLU J 694 43.11 -69.02 20.81
CA GLU J 694 44.15 -70.04 20.91
C GLU J 694 44.34 -70.76 19.59
N ILE J 695 43.24 -71.10 18.92
CA ILE J 695 43.31 -71.72 17.59
C ILE J 695 43.97 -70.76 16.61
N LEU J 696 43.73 -69.46 16.78
CA LEU J 696 44.34 -68.48 15.89
C LEU J 696 45.86 -68.47 16.07
N GLN J 697 46.33 -68.50 17.31
CA GLN J 697 47.78 -68.55 17.51
C GLN J 697 48.35 -69.84 16.92
N GLY J 698 47.65 -70.97 17.11
CA GLY J 698 48.12 -72.21 16.53
C GLY J 698 48.19 -72.17 15.02
N LEU J 699 47.16 -71.60 14.39
CA LEU J 699 47.12 -71.50 12.93
C LEU J 699 48.28 -70.66 12.40
N ILE J 700 48.43 -69.45 12.94
CA ILE J 700 49.48 -68.58 12.42
C ILE J 700 50.85 -69.14 12.76
N SER J 701 50.98 -69.86 13.87
CA SER J 701 52.23 -70.56 14.17
C SER J 701 52.54 -71.60 13.11
N GLY J 702 51.56 -72.44 12.77
CA GLY J 702 51.74 -73.42 11.72
C GLY J 702 51.94 -72.83 10.35
N GLY J 703 51.61 -71.55 10.16
CA GLY J 703 51.84 -70.87 8.91
C GLY J 703 50.61 -70.52 8.13
N ALA J 704 49.43 -70.62 8.74
CA ALA J 704 48.19 -70.39 8.03
C ALA J 704 47.99 -68.91 7.74
N LYS J 705 47.20 -68.64 6.71
CA LYS J 705 46.74 -67.29 6.39
C LYS J 705 45.31 -67.20 6.86
N VAL J 706 45.09 -66.45 7.93
CA VAL J 706 43.82 -66.46 8.66
C VAL J 706 43.17 -65.09 8.53
N ILE J 707 41.85 -65.09 8.31
CA ILE J 707 41.01 -63.91 8.48
C ILE J 707 40.28 -64.09 9.79
N VAL J 708 40.64 -63.28 10.78
CA VAL J 708 39.96 -63.27 12.07
C VAL J 708 38.94 -62.14 12.05
N THR J 709 37.71 -62.46 12.42
CA THR J 709 36.61 -61.52 12.42
C THR J 709 36.27 -61.16 13.85
N THR J 710 36.12 -59.86 14.12
CA THR J 710 35.86 -59.37 15.47
C THR J 710 34.64 -58.46 15.46
N SER J 711 33.85 -58.53 16.54
CA SER J 711 32.67 -57.70 16.70
C SER J 711 32.90 -56.52 17.62
N ARG J 712 34.12 -56.31 18.09
CA ARG J 712 34.47 -55.20 18.99
C ARG J 712 35.73 -54.51 18.49
N PHE J 713 35.74 -54.17 17.20
CA PHE J 713 36.93 -53.57 16.60
C PHE J 713 37.30 -52.29 17.33
N SER J 714 38.56 -52.21 17.75
CA SER J 714 39.06 -51.08 18.51
C SER J 714 40.57 -51.17 18.53
N LYS J 715 41.20 -50.14 19.10
CA LYS J 715 42.66 -50.12 19.18
C LYS J 715 43.17 -51.27 20.02
N LYS J 716 42.50 -51.57 21.14
CA LYS J 716 42.95 -52.64 22.01
C LYS J 716 42.82 -54.00 21.33
N VAL J 717 41.72 -54.23 20.62
CA VAL J 717 41.53 -55.51 19.92
C VAL J 717 42.58 -55.67 18.82
N THR J 718 42.78 -54.61 18.04
CA THR J 718 43.75 -54.69 16.95
C THR J 718 45.16 -54.85 17.49
N GLU J 719 45.46 -54.25 18.64
CA GLU J 719 46.80 -54.40 19.22
C GLU J 719 47.00 -55.79 19.80
N TYR J 720 45.94 -56.38 20.37
CA TYR J 720 46.05 -57.77 20.82
C TYR J 720 46.33 -58.69 19.64
N TYR J 721 45.62 -58.51 18.54
CA TYR J 721 45.88 -59.36 17.38
C TYR J 721 47.24 -59.08 16.77
N GLN J 722 47.68 -57.83 16.76
CA GLN J 722 49.00 -57.50 16.26
C GLN J 722 50.08 -58.16 17.10
N ASN J 723 49.93 -58.12 18.42
CA ASN J 723 50.90 -58.77 19.30
C ASN J 723 50.88 -60.28 19.09
N MET J 724 49.70 -60.86 18.89
CA MET J 724 49.63 -62.28 18.60
C MET J 724 50.40 -62.63 17.35
N TYR J 725 50.22 -61.84 16.27
CA TYR J 725 50.97 -62.12 15.06
C TYR J 725 52.46 -61.88 15.26
N ALA J 726 52.82 -60.84 16.01
CA ALA J 726 54.24 -60.52 16.19
C ALA J 726 54.96 -61.58 16.99
N ARG J 727 54.25 -62.27 17.89
CA ARG J 727 54.87 -63.31 18.70
C ARG J 727 54.77 -64.69 18.08
N TYR J 728 53.74 -64.96 17.26
CA TYR J 728 53.46 -66.31 16.78
C TYR J 728 53.39 -66.43 15.27
N GLY J 729 53.10 -65.35 14.54
CA GLY J 729 52.95 -65.43 13.11
C GLY J 729 54.18 -65.95 12.40
N ALA J 730 54.09 -67.17 11.88
CA ALA J 730 55.23 -67.83 11.25
C ALA J 730 55.41 -67.35 9.81
N ALA J 731 56.48 -67.83 9.19
CA ALA J 731 56.79 -67.42 7.82
C ALA J 731 55.68 -67.84 6.87
N GLY J 732 55.21 -66.88 6.07
CA GLY J 732 54.09 -67.09 5.19
C GLY J 732 52.74 -66.80 5.79
N SER J 733 52.62 -66.84 7.12
CA SER J 733 51.35 -66.56 7.77
C SER J 733 50.99 -65.09 7.63
N THR J 734 49.70 -64.83 7.44
CA THR J 734 49.18 -63.47 7.44
C THR J 734 47.87 -63.46 8.20
N LEU J 735 47.75 -62.53 9.15
CA LEU J 735 46.56 -62.39 9.98
C LEU J 735 45.81 -61.13 9.57
N ILE J 736 44.57 -61.29 9.12
CA ILE J 736 43.73 -60.17 8.70
C ILE J 736 42.60 -60.02 9.71
N VAL J 737 42.65 -58.95 10.50
CA VAL J 737 41.61 -58.62 11.46
C VAL J 737 40.59 -57.76 10.74
N VAL J 738 39.33 -58.18 10.75
CA VAL J 738 38.27 -57.38 10.14
C VAL J 738 37.14 -57.16 11.14
N PRO J 739 36.51 -55.98 11.17
CA PRO J 739 35.23 -55.88 11.88
C PRO J 739 34.18 -56.69 11.15
N PHE J 740 33.27 -57.26 11.92
CA PHE J 740 32.32 -58.19 11.33
C PHE J 740 31.25 -58.50 12.35
N ASN J 741 30.00 -58.43 11.91
CA ASN J 741 28.85 -58.77 12.73
C ASN J 741 28.20 -59.99 12.07
N GLN J 742 28.38 -61.17 12.68
CA GLN J 742 27.74 -62.35 12.16
C GLN J 742 26.25 -62.38 12.46
N GLY J 743 25.75 -61.44 13.26
CA GLY J 743 24.33 -61.28 13.44
C GLY J 743 23.64 -60.50 12.34
N SER J 744 24.37 -60.22 11.26
CA SER J 744 23.89 -59.45 10.14
C SER J 744 24.19 -60.19 8.85
N LYS J 745 23.15 -60.39 8.03
CA LYS J 745 23.34 -61.06 6.74
C LYS J 745 24.25 -60.25 5.84
N GLN J 746 24.19 -58.92 5.95
CA GLN J 746 24.94 -58.06 5.05
C GLN J 746 26.43 -58.20 5.28
N ASP J 747 26.87 -58.29 6.54
CA ASP J 747 28.29 -58.47 6.80
C ASP J 747 28.77 -59.85 6.41
N VAL J 748 27.91 -60.86 6.51
CA VAL J 748 28.29 -62.18 6.03
C VAL J 748 28.55 -62.14 4.53
N ASP J 749 27.60 -61.57 3.77
CA ASP J 749 27.78 -61.45 2.34
C ASP J 749 29.00 -60.62 1.99
N ALA J 750 29.16 -59.48 2.67
CA ALA J 750 30.26 -58.58 2.37
C ALA J 750 31.60 -59.18 2.75
N LEU J 751 31.64 -59.97 3.82
CA LEU J 751 32.89 -60.58 4.25
C LEU J 751 33.32 -61.66 3.27
N VAL J 752 32.40 -62.53 2.85
CA VAL J 752 32.78 -63.54 1.88
C VAL J 752 33.16 -62.89 0.56
N GLN J 753 32.46 -61.82 0.17
CA GLN J 753 32.81 -61.11 -1.04
C GLN J 753 34.19 -60.48 -0.92
N TYR J 754 34.53 -59.94 0.25
CA TYR J 754 35.83 -59.31 0.43
C TYR J 754 36.95 -60.35 0.45
N ILE J 755 36.66 -61.54 1.02
CA ILE J 755 37.68 -62.59 1.07
C ILE J 755 37.96 -63.14 -0.32
N TYR J 756 36.90 -63.34 -1.11
CA TYR J 756 37.04 -64.03 -2.38
C TYR J 756 37.23 -63.09 -3.57
N ASP J 757 36.95 -61.81 -3.42
CA ASP J 757 37.18 -60.87 -4.51
C ASP J 757 38.68 -60.71 -4.74
N GLU J 758 39.03 -60.37 -5.97
CA GLU J 758 40.43 -60.21 -6.31
C GLU J 758 40.99 -58.95 -5.64
N PRO J 759 42.31 -58.87 -5.46
CA PRO J 759 42.88 -57.65 -4.87
C PRO J 759 42.57 -56.39 -5.67
N LYS J 760 42.42 -56.48 -7.00
CA LYS J 760 42.16 -55.27 -7.77
C LYS J 760 40.78 -54.70 -7.48
N LYS J 761 39.85 -55.50 -6.97
CA LYS J 761 38.54 -55.03 -6.55
C LYS J 761 38.47 -54.76 -5.05
N GLY J 762 39.61 -54.64 -4.39
CA GLY J 762 39.65 -54.37 -2.97
C GLY J 762 39.50 -55.58 -2.07
N GLY J 763 39.27 -56.76 -2.65
CA GLY J 763 39.17 -57.99 -1.87
C GLY J 763 40.54 -58.56 -1.55
N LEU J 764 40.54 -59.85 -1.23
CA LEU J 764 41.77 -60.57 -0.94
C LEU J 764 42.13 -61.60 -2.00
N GLY J 765 41.16 -62.10 -2.75
CA GLY J 765 41.45 -63.11 -3.77
C GLY J 765 41.92 -64.42 -3.18
N TRP J 766 41.34 -64.82 -2.06
CA TRP J 766 41.71 -66.04 -1.35
C TRP J 766 40.60 -67.07 -1.50
N ASP J 767 40.98 -68.34 -1.37
CA ASP J 767 40.04 -69.46 -1.35
C ASP J 767 40.20 -70.18 -0.02
N LEU J 768 39.16 -70.13 0.81
CA LEU J 768 39.27 -70.63 2.17
C LEU J 768 39.43 -72.14 2.19
N ASP J 769 40.48 -72.60 2.87
CA ASP J 769 40.69 -74.02 3.13
C ASP J 769 40.04 -74.49 4.42
N ALA J 770 39.62 -73.58 5.29
CA ALA J 770 38.93 -73.97 6.51
C ALA J 770 38.07 -72.81 6.99
N ILE J 771 36.98 -73.15 7.68
CA ILE J 771 36.10 -72.19 8.33
C ILE J 771 35.91 -72.63 9.77
N ILE J 772 36.02 -71.69 10.70
CA ILE J 772 35.88 -71.93 12.12
C ILE J 772 34.92 -70.88 12.65
N PRO J 773 33.61 -71.07 12.47
CA PRO J 773 32.61 -70.10 12.98
C PRO J 773 32.21 -70.33 14.42
N PHE J 774 33.05 -69.88 15.35
CA PHE J 774 32.85 -70.07 16.78
C PHE J 774 32.14 -68.89 17.43
N ALA J 775 31.60 -67.96 16.64
CA ALA J 775 31.04 -66.73 17.19
C ALA J 775 29.76 -67.03 17.93
N ALA J 776 29.82 -66.92 19.26
CA ALA J 776 28.65 -67.02 20.12
C ALA J 776 28.56 -65.75 20.95
N ILE J 777 27.33 -65.34 21.26
CA ILE J 777 27.10 -64.27 22.23
C ILE J 777 26.69 -64.95 23.54
N PRO J 778 27.02 -64.39 24.70
CA PRO J 778 26.63 -65.05 25.96
C PRO J 778 25.20 -64.71 26.33
N GLU J 779 24.34 -65.72 26.36
CA GLU J 779 22.95 -65.58 26.81
C GLU J 779 22.74 -66.57 27.94
N ASN J 780 22.17 -66.09 29.05
CA ASN J 780 21.98 -66.91 30.23
C ASN J 780 20.74 -66.44 30.97
N GLY J 781 20.15 -67.36 31.74
CA GLY J 781 18.93 -67.08 32.45
C GLY J 781 17.69 -67.09 31.58
N ASN J 782 17.82 -67.42 30.31
CA ASN J 782 16.71 -67.42 29.35
C ASN J 782 16.18 -68.83 29.22
N GLY J 783 15.02 -69.09 29.81
CA GLY J 783 14.32 -70.34 29.63
C GLY J 783 13.38 -70.29 28.45
N LEU J 784 12.45 -71.25 28.43
CA LEU J 784 11.44 -71.26 27.38
C LEU J 784 10.52 -70.05 27.49
N ASP J 785 10.21 -69.63 28.71
CA ASP J 785 9.34 -68.48 28.91
C ASP J 785 10.02 -67.16 28.64
N ASN J 786 11.35 -67.14 28.46
CA ASN J 786 12.10 -65.91 28.24
C ASN J 786 13.05 -66.06 27.06
N ILE J 787 12.53 -66.59 25.95
CA ILE J 787 13.26 -66.56 24.69
C ILE J 787 13.08 -65.16 24.13
N ASP J 788 14.03 -64.28 24.42
CA ASP J 788 13.88 -62.85 24.20
C ASP J 788 14.61 -62.43 22.93
N SER J 789 14.70 -61.12 22.72
CA SER J 789 15.42 -60.59 21.56
C SER J 789 16.87 -61.03 21.58
N LYS J 790 17.48 -61.10 22.76
CA LYS J 790 18.86 -61.59 22.86
C LYS J 790 18.95 -63.03 22.40
N SER J 791 17.98 -63.87 22.80
CA SER J 791 18.01 -65.28 22.39
C SER J 791 17.82 -65.42 20.89
N GLU J 792 16.88 -64.65 20.32
CA GLU J 792 16.66 -64.72 18.87
C GLU J 792 17.90 -64.25 18.10
N PHE J 793 18.52 -63.17 18.56
CA PHE J 793 19.71 -62.66 17.90
C PHE J 793 20.87 -63.66 18.03
N ALA J 794 21.01 -64.28 19.20
CA ALA J 794 22.06 -65.27 19.39
C ALA J 794 21.84 -66.46 18.49
N HIS J 795 20.58 -66.90 18.36
CA HIS J 795 20.30 -68.01 17.45
C HIS J 795 20.64 -67.64 16.02
N ARG J 796 20.32 -66.40 15.63
CA ARG J 796 20.69 -65.94 14.29
C ARG J 796 22.18 -66.08 14.08
N ILE J 797 22.99 -65.51 14.99
CA ILE J 797 24.44 -65.57 14.87
C ILE J 797 24.92 -67.02 14.80
N MET J 798 24.43 -67.86 15.69
CA MET J 798 25.03 -69.19 15.88
C MET J 798 24.60 -70.16 14.79
N LEU J 799 23.36 -70.03 14.29
CA LEU J 799 22.84 -70.98 13.32
C LEU J 799 22.53 -70.34 11.97
N THR J 800 21.70 -69.30 11.92
CA THR J 800 21.16 -68.87 10.64
C THR J 800 22.23 -68.21 9.79
N ASN J 801 22.89 -67.20 10.36
CA ASN J 801 23.96 -66.53 9.64
C ASN J 801 25.21 -67.40 9.55
N LEU J 802 25.39 -68.37 10.45
CA LEU J 802 26.45 -69.35 10.26
C LEU J 802 26.24 -70.14 8.98
N LEU J 803 25.03 -70.69 8.79
CA LEU J 803 24.74 -71.44 7.58
C LEU J 803 24.80 -70.53 6.36
N ARG J 804 24.38 -69.27 6.50
CA ARG J 804 24.50 -68.33 5.39
C ARG J 804 25.95 -68.07 5.04
N LEU J 805 26.82 -68.00 6.04
CA LEU J 805 28.25 -67.83 5.77
C LEU J 805 28.81 -69.03 5.02
N LEU J 806 28.46 -70.24 5.46
CA LEU J 806 28.91 -71.44 4.74
C LEU J 806 28.38 -71.45 3.32
N GLY J 807 27.11 -71.11 3.14
CA GLY J 807 26.53 -71.10 1.80
C GLY J 807 27.14 -70.04 0.91
N ALA J 808 27.45 -68.88 1.47
CA ALA J 808 28.10 -67.83 0.70
C ALA J 808 29.49 -68.27 0.26
N VAL J 809 30.23 -68.93 1.15
CA VAL J 809 31.55 -69.45 0.77
C VAL J 809 31.40 -70.45 -0.37
N LYS J 810 30.41 -71.34 -0.27
CA LYS J 810 30.17 -72.29 -1.36
C LYS J 810 29.85 -71.56 -2.66
N SER J 811 28.97 -70.56 -2.59
CA SER J 811 28.58 -69.83 -3.79
C SER J 811 29.76 -69.16 -4.45
N LYS J 812 30.71 -68.68 -3.66
CA LYS J 812 31.88 -68.00 -4.19
C LYS J 812 33.06 -68.92 -4.44
N LYS J 813 32.93 -70.22 -4.16
CA LYS J 813 33.97 -71.17 -4.54
C LYS J 813 33.83 -71.53 -6.02
N PRO J 814 34.87 -71.32 -6.85
CA PRO J 814 34.72 -71.63 -8.28
C PRO J 814 35.04 -73.08 -8.62
N THR J 815 35.90 -73.71 -7.84
CA THR J 815 36.44 -75.03 -8.14
C THR J 815 35.81 -76.07 -7.21
N ASP J 816 35.81 -77.33 -7.67
CA ASP J 816 35.36 -78.45 -6.87
C ASP J 816 36.53 -79.27 -6.29
N THR J 817 37.76 -78.78 -6.41
CA THR J 817 38.94 -79.49 -5.98
C THR J 817 39.63 -78.87 -4.77
N ARG J 818 39.04 -77.84 -4.17
CA ARG J 818 39.61 -77.18 -2.99
C ARG J 818 38.50 -76.90 -1.99
N PRO J 819 38.02 -77.92 -1.31
CA PRO J 819 36.94 -77.71 -0.33
C PRO J 819 37.43 -76.99 0.91
N ALA J 820 36.48 -76.38 1.61
CA ALA J 820 36.72 -75.69 2.87
C ALA J 820 36.22 -76.56 4.02
N GLN J 821 37.09 -76.81 4.99
CA GLN J 821 36.72 -77.61 6.15
C GLN J 821 36.06 -76.72 7.18
N CYS J 822 34.76 -76.92 7.39
CA CYS J 822 33.98 -76.15 8.35
C CYS J 822 34.07 -76.84 9.70
N ILE J 823 34.79 -76.23 10.63
CA ILE J 823 34.94 -76.77 11.99
C ILE J 823 33.76 -76.22 12.78
N LEU J 824 32.75 -77.07 12.96
CA LEU J 824 31.51 -76.64 13.61
C LEU J 824 31.62 -76.84 15.11
N PRO J 825 31.41 -75.80 15.94
CA PRO J 825 31.52 -76.00 17.40
C PRO J 825 30.29 -76.68 18.00
N LEU J 826 30.17 -77.98 17.79
CA LEU J 826 29.05 -78.69 18.35
C LEU J 826 29.20 -78.77 19.88
N SER J 827 28.06 -78.90 20.55
CA SER J 827 28.02 -79.07 21.98
C SER J 827 27.50 -80.47 22.33
N PRO J 828 27.97 -81.07 23.43
CA PRO J 828 27.40 -82.36 23.85
C PRO J 828 26.16 -82.22 24.73
N ASN J 829 25.81 -81.00 25.14
CA ASN J 829 24.73 -80.74 26.07
C ASN J 829 23.63 -79.99 25.33
N HIS J 830 22.67 -80.74 24.79
CA HIS J 830 21.52 -80.15 24.09
C HIS J 830 20.38 -80.01 25.09
N GLY J 831 20.42 -78.92 25.85
CA GLY J 831 19.40 -78.66 26.84
C GLY J 831 19.58 -79.41 28.15
N THR J 832 20.76 -79.96 28.40
CA THR J 832 20.98 -80.70 29.64
C THR J 832 21.02 -79.75 30.84
N PHE J 833 21.50 -78.53 30.63
CA PHE J 833 21.59 -77.56 31.71
C PHE J 833 20.39 -76.62 31.73
N GLY J 834 19.86 -76.27 30.57
CA GLY J 834 18.70 -75.40 30.49
C GLY J 834 19.06 -73.96 30.82
N PHE J 835 18.07 -73.08 30.62
CA PHE J 835 18.23 -71.65 30.89
C PHE J 835 19.39 -71.06 30.12
N ASP J 836 19.58 -71.53 28.88
CA ASP J 836 20.61 -71.03 27.98
C ASP J 836 20.02 -70.41 26.72
N GLY J 837 18.74 -70.04 26.76
CA GLY J 837 18.11 -69.47 25.58
C GLY J 837 18.00 -70.51 24.49
N LEU J 838 18.45 -70.14 23.28
CA LEU J 838 18.39 -71.01 22.12
C LEU J 838 19.74 -71.60 21.76
N TYR J 839 20.68 -71.63 22.71
CA TYR J 839 22.01 -72.16 22.41
C TYR J 839 21.94 -73.63 22.01
N SER J 840 21.19 -74.43 22.76
CA SER J 840 21.07 -75.85 22.43
C SER J 840 20.41 -76.05 21.08
N GLU J 841 19.41 -75.22 20.77
CA GLU J 841 18.76 -75.29 19.47
C GLU J 841 19.75 -75.00 18.35
N SER J 842 20.56 -73.96 18.50
CA SER J 842 21.56 -73.65 17.48
C SER J 842 22.55 -74.80 17.32
N LYS J 843 23.08 -75.31 18.43
CA LYS J 843 24.13 -76.31 18.35
C LYS J 843 23.59 -77.61 17.75
N ILE J 844 22.38 -78.02 18.12
CA ILE J 844 21.84 -79.25 17.56
C ILE J 844 21.44 -79.05 16.10
N SER J 845 21.02 -77.83 15.74
CA SER J 845 20.70 -77.57 14.34
C SER J 845 21.94 -77.60 13.46
N LEU J 846 23.11 -77.31 14.03
CA LEU J 846 24.34 -77.46 13.26
C LEU J 846 24.61 -78.90 12.85
N GLU J 847 24.00 -79.87 13.54
CA GLU J 847 24.28 -81.27 13.24
C GLU J 847 23.59 -81.76 11.97
N THR J 848 22.69 -80.96 11.39
CA THR J 848 22.05 -81.39 10.15
C THR J 848 22.99 -81.30 8.96
N LEU J 849 24.09 -80.54 9.09
CA LEU J 849 25.04 -80.42 8.00
C LEU J 849 25.70 -81.75 7.68
N PHE J 850 25.79 -82.65 8.67
CA PHE J 850 26.37 -83.96 8.42
C PHE J 850 25.55 -84.75 7.42
N ASN J 851 24.23 -84.70 7.54
CA ASN J 851 23.36 -85.33 6.56
C ASN J 851 23.31 -84.52 5.26
N ARG J 852 23.19 -83.20 5.37
CA ARG J 852 23.04 -82.36 4.19
C ARG J 852 24.28 -82.35 3.32
N TRP J 853 25.42 -82.80 3.85
CA TRP J 853 26.61 -82.96 3.02
C TRP J 853 26.37 -83.94 1.89
N TYR J 854 25.68 -85.05 2.19
CA TYR J 854 25.33 -86.03 1.16
C TYR J 854 24.16 -85.57 0.29
N SER J 855 23.16 -84.94 0.88
CA SER J 855 21.90 -84.70 0.20
C SER J 855 21.88 -83.44 -0.64
N GLU J 856 22.90 -82.60 -0.55
CA GLU J 856 22.96 -81.36 -1.31
C GLU J 856 24.22 -81.34 -2.17
N ASP J 857 24.32 -80.29 -3.00
CA ASP J 857 25.36 -80.19 -4.02
C ASP J 857 26.60 -79.43 -3.53
N TRP J 858 26.84 -79.39 -2.22
CA TRP J 858 28.00 -78.72 -1.66
C TRP J 858 28.94 -79.68 -0.94
N GLY J 859 28.86 -80.98 -1.24
CA GLY J 859 29.75 -81.92 -0.60
C GLY J 859 31.21 -81.72 -1.00
N SER J 860 31.44 -81.37 -2.26
CA SER J 860 32.79 -81.15 -2.76
C SER J 860 33.31 -79.74 -2.49
N LYS J 861 32.46 -78.83 -2.05
CA LYS J 861 32.85 -77.45 -1.77
C LYS J 861 33.09 -77.20 -0.30
N LEU J 862 32.29 -77.81 0.57
CA LEU J 862 32.45 -77.71 2.01
C LEU J 862 32.51 -79.12 2.59
N THR J 863 33.34 -79.29 3.61
CA THR J 863 33.47 -80.56 4.31
C THR J 863 33.28 -80.34 5.79
N VAL J 864 32.37 -81.09 6.39
CA VAL J 864 31.89 -80.82 7.73
C VAL J 864 32.75 -81.57 8.73
N CYS J 865 33.27 -80.84 9.73
CA CYS J 865 34.03 -81.42 10.83
C CYS J 865 33.42 -80.87 12.11
N GLY J 866 32.51 -81.61 12.70
CA GLY J 866 31.84 -81.15 13.90
C GLY J 866 32.61 -81.53 15.14
N ALA J 867 33.20 -80.55 15.82
CA ALA J 867 33.95 -80.76 17.04
C ALA J 867 32.98 -80.60 18.21
N VAL J 868 32.65 -81.70 18.87
CA VAL J 868 31.82 -81.65 20.08
C VAL J 868 32.76 -81.23 21.20
N ILE J 869 32.75 -79.93 21.50
CA ILE J 869 33.70 -79.37 22.46
C ILE J 869 33.24 -79.65 23.88
N GLY J 870 34.16 -80.10 24.71
CA GLY J 870 33.89 -80.53 26.07
C GLY J 870 34.02 -79.42 27.08
N TRP J 871 34.17 -79.83 28.34
CA TRP J 871 34.27 -78.89 29.45
C TRP J 871 35.58 -78.11 29.33
N THR J 872 35.47 -76.84 28.96
CA THR J 872 36.64 -76.00 28.74
C THR J 872 36.74 -75.01 29.89
N ARG J 873 37.94 -74.89 30.45
CA ARG J 873 38.16 -74.06 31.62
C ARG J 873 38.64 -72.67 31.23
N GLY J 874 38.17 -71.67 31.97
CA GLY J 874 38.48 -70.28 31.71
C GLY J 874 37.50 -69.58 30.79
N THR J 875 36.71 -70.34 30.03
CA THR J 875 35.74 -69.75 29.13
C THR J 875 34.51 -69.27 29.90
N GLY J 876 33.81 -68.28 29.31
CA GLY J 876 32.66 -67.71 29.98
C GLY J 876 31.52 -68.69 30.16
N LEU J 877 31.37 -69.63 29.20
CA LEU J 877 30.28 -70.59 29.28
C LEU J 877 30.38 -71.47 30.51
N MET J 878 31.59 -71.61 31.08
CA MET J 878 31.78 -72.48 32.23
C MET J 878 32.73 -71.87 33.27
N SER J 879 32.99 -70.56 33.20
CA SER J 879 33.87 -69.92 34.17
C SER J 879 33.29 -70.01 35.58
N ALA J 880 31.96 -70.03 35.70
CA ALA J 880 31.33 -70.18 37.00
C ALA J 880 31.46 -71.58 37.57
N ASN J 881 31.97 -72.53 36.78
CA ASN J 881 32.06 -73.94 37.18
C ASN J 881 33.51 -74.44 37.23
N ASN J 882 34.49 -73.53 37.09
CA ASN J 882 35.88 -73.92 37.26
C ASN J 882 36.11 -74.57 38.61
N ILE J 883 35.45 -74.07 39.65
CA ILE J 883 35.62 -74.62 41.00
C ILE J 883 35.16 -76.06 41.08
N ILE J 884 34.15 -76.47 40.30
CA ILE J 884 33.69 -77.86 40.27
C ILE J 884 34.35 -78.68 39.19
N ALA J 885 35.23 -78.07 38.37
CA ALA J 885 35.97 -78.84 37.38
C ALA J 885 36.75 -79.98 38.01
N GLU J 886 37.40 -79.73 39.15
CA GLU J 886 38.13 -80.80 39.84
C GLU J 886 37.20 -81.92 40.29
N GLY J 887 36.06 -81.56 40.87
CA GLY J 887 35.13 -82.59 41.30
C GLY J 887 34.65 -83.43 40.13
N ILE J 888 34.42 -82.78 38.98
CA ILE J 888 34.05 -83.51 37.77
C ILE J 888 35.17 -84.46 37.38
N GLU J 889 36.42 -83.98 37.40
CA GLU J 889 37.56 -84.79 37.01
C GLU J 889 37.82 -85.95 37.95
N LYS J 890 37.38 -85.87 39.21
CA LYS J 890 37.66 -86.91 40.17
C LYS J 890 37.06 -88.27 39.79
N LEU J 891 36.10 -88.32 38.87
CA LEU J 891 35.41 -89.55 38.50
C LEU J 891 36.06 -90.26 37.30
N GLY J 892 37.29 -89.93 36.97
CA GLY J 892 37.89 -90.45 35.75
C GLY J 892 37.39 -89.76 34.51
N VAL J 893 37.06 -88.48 34.59
CA VAL J 893 36.63 -87.67 33.47
C VAL J 893 37.65 -86.55 33.30
N ARG J 894 37.73 -86.00 32.10
CA ARG J 894 38.75 -85.02 31.76
C ARG J 894 38.11 -83.68 31.42
N THR J 895 38.66 -82.64 32.02
CA THR J 895 38.36 -81.25 31.69
C THR J 895 39.55 -80.66 30.96
N PHE J 896 39.29 -79.77 30.03
CA PHE J 896 40.31 -79.20 29.15
C PHE J 896 40.51 -77.73 29.46
N SER J 897 41.76 -77.28 29.40
CA SER J 897 42.06 -75.87 29.42
C SER J 897 41.90 -75.33 28.00
N GLN J 898 42.02 -74.00 27.86
CA GLN J 898 41.86 -73.40 26.54
C GLN J 898 42.92 -73.90 25.58
N LYS J 899 44.18 -73.99 26.04
CA LYS J 899 45.25 -74.47 25.16
C LYS J 899 45.03 -75.93 24.77
N GLU J 900 44.59 -76.77 25.71
CA GLU J 900 44.32 -78.16 25.38
C GLU J 900 43.19 -78.28 24.37
N MET J 901 42.12 -77.51 24.55
CA MET J 901 41.01 -77.55 23.61
C MET J 901 41.44 -77.07 22.23
N ALA J 902 42.26 -76.01 22.18
CA ALA J 902 42.76 -75.53 20.91
C ALA J 902 43.64 -76.58 20.24
N PHE J 903 44.48 -77.26 21.01
CA PHE J 903 45.30 -78.34 20.47
C PHE J 903 44.43 -79.43 19.88
N ASN J 904 43.36 -79.80 20.60
CA ASN J 904 42.46 -80.84 20.11
C ASN J 904 41.81 -80.43 18.80
N ILE J 905 41.32 -79.19 18.72
CA ILE J 905 40.61 -78.76 17.51
C ILE J 905 41.58 -78.58 16.34
N LEU J 906 42.80 -78.10 16.62
CA LEU J 906 43.81 -77.99 15.57
C LEU J 906 44.24 -79.36 15.09
N GLY J 907 44.07 -80.40 15.93
CA GLY J 907 44.28 -81.75 15.47
C GLY J 907 43.31 -82.17 14.37
N LEU J 908 42.14 -81.51 14.31
CA LEU J 908 41.18 -81.80 13.26
C LEU J 908 41.57 -81.20 11.91
N LEU J 909 42.62 -80.38 11.86
CA LEU J 909 43.13 -79.81 10.63
C LEU J 909 44.36 -80.53 10.12
N THR J 910 44.66 -81.72 10.64
CA THR J 910 45.78 -82.50 10.12
C THR J 910 45.44 -82.94 8.70
N PRO J 911 46.45 -83.23 7.86
CA PRO J 911 46.15 -83.70 6.51
C PRO J 911 45.30 -84.96 6.48
N GLU J 912 45.50 -85.87 7.44
CA GLU J 912 44.71 -87.09 7.46
C GLU J 912 43.25 -86.80 7.77
N ILE J 913 42.99 -85.99 8.78
CA ILE J 913 41.61 -85.63 9.11
C ILE J 913 41.02 -84.75 8.02
N VAL J 914 41.84 -83.96 7.34
CA VAL J 914 41.35 -83.18 6.22
C VAL J 914 40.85 -84.10 5.12
N GLN J 915 41.64 -85.12 4.78
CA GLN J 915 41.20 -86.10 3.78
C GLN J 915 39.95 -86.83 4.25
N LEU J 916 39.89 -87.17 5.54
CA LEU J 916 38.74 -87.88 6.07
C LEU J 916 37.48 -87.02 5.97
N CYS J 917 37.59 -85.73 6.28
CA CYS J 917 36.46 -84.82 6.13
C CYS J 917 36.03 -84.72 4.67
N GLN J 918 37.01 -84.70 3.76
CA GLN J 918 36.68 -84.64 2.35
C GLN J 918 35.98 -85.91 1.89
N GLU J 919 36.30 -87.05 2.50
CA GLU J 919 35.62 -88.30 2.16
C GLU J 919 34.21 -88.34 2.73
N GLU J 920 34.09 -88.25 4.05
CA GLU J 920 32.81 -88.25 4.74
C GLU J 920 32.86 -87.21 5.86
N PRO J 921 31.70 -86.69 6.28
CA PRO J 921 31.70 -85.75 7.41
C PRO J 921 32.27 -86.41 8.67
N VAL J 922 33.02 -85.63 9.44
CA VAL J 922 33.75 -86.14 10.59
C VAL J 922 33.18 -85.53 11.86
N MET J 923 32.55 -86.36 12.69
CA MET J 923 32.17 -85.99 14.05
C MET J 923 33.35 -86.33 14.95
N ALA J 924 33.89 -85.32 15.63
CA ALA J 924 34.98 -85.51 16.58
C ALA J 924 34.49 -85.12 17.96
N ASP J 925 34.22 -86.13 18.79
CA ASP J 925 33.77 -85.92 20.16
C ASP J 925 35.00 -85.67 21.01
N LEU J 926 35.22 -84.40 21.37
CA LEU J 926 36.27 -83.99 22.27
C LEU J 926 35.72 -83.69 23.66
N ASN J 927 34.69 -84.43 24.07
CA ASN J 927 33.98 -84.11 25.29
C ASN J 927 34.69 -84.64 26.54
N GLY J 928 35.72 -85.47 26.37
CA GLY J 928 36.45 -85.95 27.52
C GLY J 928 35.69 -86.92 28.39
N GLY J 929 34.70 -87.60 27.85
CA GLY J 929 33.97 -88.62 28.59
C GLY J 929 32.85 -88.12 29.46
N LEU J 930 32.45 -86.85 29.32
CA LEU J 930 31.36 -86.33 30.14
C LEU J 930 30.01 -86.89 29.72
N GLN J 931 29.91 -87.53 28.56
CA GLN J 931 28.65 -88.13 28.15
C GLN J 931 28.25 -89.30 29.03
N PHE J 932 29.19 -89.88 29.78
CA PHE J 932 28.91 -91.04 30.60
C PHE J 932 28.41 -90.69 32.00
N ILE J 933 28.39 -89.41 32.36
CA ILE J 933 27.85 -89.01 33.66
C ILE J 933 26.33 -88.95 33.56
N ASP J 934 25.66 -89.80 34.34
CA ASP J 934 24.21 -89.75 34.40
C ASP J 934 23.77 -88.53 35.19
N ASN J 935 22.86 -87.74 34.61
CA ASN J 935 22.39 -86.52 35.22
C ASN J 935 23.55 -85.57 35.50
N LEU J 936 24.17 -85.10 34.40
CA LEU J 936 25.32 -84.21 34.53
C LEU J 936 24.94 -82.91 35.23
N LYS J 937 23.77 -82.35 34.91
CA LYS J 937 23.35 -81.11 35.55
C LYS J 937 23.18 -81.30 37.04
N ASP J 938 22.46 -82.35 37.44
CA ASP J 938 22.25 -82.60 38.86
C ASP J 938 23.57 -82.87 39.56
N PHE J 939 24.50 -83.57 38.91
CA PHE J 939 25.78 -83.86 39.54
C PHE J 939 26.62 -82.60 39.72
N THR J 940 26.67 -81.74 38.70
CA THR J 940 27.40 -80.49 38.83
C THR J 940 26.78 -79.60 39.91
N SER J 941 25.45 -79.59 39.99
CA SER J 941 24.79 -78.85 41.05
C SER J 941 25.13 -79.43 42.41
N LYS J 942 25.20 -80.76 42.52
CA LYS J 942 25.59 -81.39 43.78
C LYS J 942 27.00 -80.98 44.19
N LEU J 943 27.94 -81.02 43.23
CA LEU J 943 29.30 -80.62 43.54
C LEU J 943 29.37 -79.17 43.98
N ARG J 944 28.68 -78.29 43.25
CA ARG J 944 28.70 -76.88 43.61
C ARG J 944 28.08 -76.65 44.98
N THR J 945 26.95 -77.31 45.26
CA THR J 945 26.28 -77.13 46.54
C THR J 945 27.13 -77.64 47.68
N ASP J 946 27.79 -78.79 47.50
CA ASP J 946 28.68 -79.30 48.55
C ASP J 946 29.84 -78.34 48.80
N LEU J 947 30.45 -77.84 47.72
CA LEU J 947 31.58 -76.93 47.88
C LEU J 947 31.14 -75.63 48.55
N LEU J 948 30.00 -75.08 48.14
CA LEU J 948 29.52 -73.84 48.73
C LEU J 948 29.10 -74.04 50.17
N GLU J 949 28.54 -75.21 50.50
CA GLU J 949 28.20 -75.51 51.88
C GLU J 949 29.44 -75.55 52.75
N THR J 950 30.49 -76.22 52.27
CA THR J 950 31.74 -76.26 53.02
C THR J 950 32.31 -74.86 53.18
N ALA J 951 32.31 -74.08 52.11
CA ALA J 951 32.84 -72.72 52.17
C ALA J 951 32.06 -71.86 53.15
N ASP J 952 30.72 -71.95 53.12
CA ASP J 952 29.91 -71.16 54.02
C ASP J 952 30.10 -71.59 55.47
N ILE J 953 30.19 -72.89 55.72
CA ILE J 953 30.40 -73.36 57.09
C ILE J 953 31.72 -72.84 57.63
N ARG J 954 32.80 -72.99 56.86
CA ARG J 954 34.09 -72.52 57.34
C ARG J 954 34.15 -71.00 57.43
N ARG J 955 33.45 -70.30 56.53
CA ARG J 955 33.36 -68.85 56.63
C ARG J 955 32.68 -68.43 57.92
N ALA J 956 31.53 -69.04 58.23
CA ALA J 956 30.81 -68.68 59.44
C ALA J 956 31.66 -68.99 60.67
N VAL J 957 32.35 -70.13 60.69
CA VAL J 957 33.19 -70.48 61.82
C VAL J 957 34.31 -69.45 61.97
N SER J 958 34.94 -69.06 60.86
CA SER J 958 36.05 -68.10 60.93
C SER J 958 35.58 -66.74 61.41
N ILE J 959 34.45 -66.25 60.88
CA ILE J 959 33.94 -64.95 61.30
C ILE J 959 33.55 -64.97 62.78
N GLU J 960 32.89 -66.05 63.23
CA GLU J 960 32.51 -66.12 64.63
C GLU J 960 33.73 -66.19 65.53
N SER J 961 34.75 -66.95 65.14
CA SER J 961 35.98 -66.99 65.91
C SER J 961 36.65 -65.62 65.96
N ALA J 962 36.67 -64.92 64.83
CA ALA J 962 37.28 -63.60 64.79
C ALA J 962 36.53 -62.63 65.70
N ILE J 963 35.20 -62.70 65.71
CA ILE J 963 34.43 -61.83 66.59
C ILE J 963 34.70 -62.19 68.05
N GLU J 964 34.87 -63.47 68.34
CA GLU J 964 35.19 -63.88 69.71
C GLU J 964 36.53 -63.32 70.15
N GLN J 965 37.54 -63.43 69.28
CA GLN J 965 38.83 -62.82 69.62
C GLN J 965 38.71 -61.32 69.78
N LYS J 966 37.94 -60.66 68.93
CA LYS J 966 37.78 -59.22 69.03
C LYS J 966 37.16 -58.82 70.37
N VAL J 967 36.07 -59.48 70.77
CA VAL J 967 35.37 -59.10 71.99
C VAL J 967 36.19 -59.50 73.22
N VAL J 968 36.97 -60.58 73.10
CA VAL J 968 37.77 -61.03 74.24
C VAL J 968 38.97 -60.12 74.45
N ASN J 969 39.83 -60.01 73.45
CA ASN J 969 41.07 -59.25 73.55
C ASN J 969 40.89 -57.77 73.23
N GLY J 970 39.66 -57.29 73.06
CA GLY J 970 39.41 -55.89 72.81
C GLY J 970 39.74 -55.50 71.39
N ASP J 971 39.61 -54.20 71.11
CA ASP J 971 39.90 -53.64 69.80
C ASP J 971 41.30 -53.05 69.76
N LYS J 979 50.87 -52.66 60.89
CA LYS J 979 52.17 -52.10 60.55
C LYS J 979 52.00 -50.82 59.73
N VAL J 980 52.84 -49.82 60.01
CA VAL J 980 52.76 -48.55 59.30
C VAL J 980 53.50 -48.71 57.98
N MET J 981 52.80 -48.41 56.88
CA MET J 981 53.33 -48.54 55.54
C MET J 981 53.77 -47.17 55.04
N VAL J 982 54.99 -47.08 54.54
CA VAL J 982 55.53 -45.81 54.08
C VAL J 982 54.92 -45.51 52.71
N GLU J 983 54.37 -44.31 52.55
CA GLU J 983 53.72 -43.94 51.30
C GLU J 983 54.74 -43.32 50.35
N PRO J 984 54.96 -43.89 49.16
CA PRO J 984 56.04 -43.40 48.30
C PRO J 984 55.80 -41.98 47.83
N ARG J 985 56.89 -41.25 47.62
CA ARG J 985 56.86 -39.90 47.09
C ARG J 985 57.81 -39.81 45.91
N ALA J 986 57.54 -38.86 45.02
CA ALA J 986 58.41 -38.63 43.87
C ALA J 986 59.73 -38.05 44.34
N ASN J 987 60.83 -38.58 43.82
CA ASN J 987 62.17 -38.07 44.09
C ASN J 987 62.72 -37.59 42.75
N MET J 988 62.39 -36.35 42.40
CA MET J 988 62.84 -35.76 41.14
C MET J 988 64.29 -35.30 41.33
N LYS J 989 65.20 -36.26 41.26
CA LYS J 989 66.64 -35.98 41.29
C LYS J 989 67.06 -35.73 39.85
N PHE J 990 67.17 -34.46 39.48
CA PHE J 990 67.49 -34.08 38.10
C PHE J 990 68.96 -34.41 37.88
N ASP J 991 69.22 -35.69 37.67
CA ASP J 991 70.57 -36.23 37.69
C ASP J 991 71.19 -36.11 36.31
N PHE J 992 72.46 -35.70 36.29
CA PHE J 992 73.24 -35.70 35.08
C PHE J 992 73.59 -37.13 34.68
N PRO J 993 74.04 -37.35 33.45
CA PRO J 993 74.47 -38.68 33.05
C PRO J 993 75.52 -39.25 34.00
N THR J 994 75.34 -40.51 34.38
CA THR J 994 76.25 -41.14 35.32
C THR J 994 77.65 -41.23 34.72
N LEU J 995 78.65 -40.86 35.51
CA LEU J 995 80.04 -40.88 35.09
C LEU J 995 80.68 -42.18 35.57
N LYS J 996 81.30 -42.89 34.65
CA LYS J 996 82.02 -44.11 34.96
C LYS J 996 83.41 -43.76 35.51
N SER J 997 83.99 -44.72 36.22
CA SER J 997 85.36 -44.54 36.70
C SER J 997 86.32 -44.48 35.51
N TYR J 998 87.47 -43.84 35.74
CA TYR J 998 88.45 -43.71 34.66
C TYR J 998 88.96 -45.08 34.22
N ASP J 999 89.13 -46.01 35.16
CA ASP J 999 89.55 -47.36 34.79
C ASP J 999 88.53 -48.01 33.89
N GLU J 1000 87.24 -47.84 34.19
CA GLU J 1000 86.20 -48.45 33.38
C GLU J 1000 86.11 -47.78 32.01
N ILE J 1001 86.38 -46.47 31.94
CA ILE J 1001 86.42 -45.77 30.67
C ILE J 1001 87.58 -46.27 29.82
N LYS J 1002 88.74 -46.44 30.44
CA LYS J 1002 89.91 -46.94 29.72
C LYS J 1002 89.72 -48.38 29.28
N GLN J 1003 88.95 -49.17 30.02
CA GLN J 1003 88.60 -50.51 29.56
C GLN J 1003 87.73 -50.48 28.32
N ILE J 1004 86.79 -49.53 28.22
CA ILE J 1004 85.97 -49.39 27.03
C ILE J 1004 86.75 -48.88 25.84
N ALA J 1005 87.67 -47.94 26.03
CA ALA J 1005 88.42 -47.36 24.92
C ALA J 1005 89.86 -47.07 25.34
N PRO J 1006 90.75 -48.05 25.33
CA PRO J 1006 92.12 -47.80 25.84
C PRO J 1006 93.01 -47.02 24.89
N GLU J 1007 92.81 -47.15 23.58
CA GLU J 1007 93.75 -46.59 22.62
C GLU J 1007 93.51 -45.11 22.32
N LEU J 1008 92.50 -44.49 22.92
CA LEU J 1008 92.12 -43.13 22.57
C LEU J 1008 92.82 -42.06 23.40
N GLU J 1009 93.67 -42.44 24.36
CA GLU J 1009 94.22 -41.46 25.29
C GLU J 1009 95.08 -40.42 24.57
N GLY J 1010 94.74 -39.15 24.75
CA GLY J 1010 95.55 -38.06 24.22
C GLY J 1010 95.66 -38.05 22.72
N MET J 1011 94.61 -38.46 22.02
CA MET J 1011 94.64 -38.57 20.56
C MET J 1011 93.79 -37.53 19.86
N LEU J 1012 92.69 -37.08 20.49
CA LEU J 1012 91.78 -36.13 19.87
C LEU J 1012 91.96 -34.74 20.46
N ASP J 1013 91.76 -33.73 19.62
CA ASP J 1013 91.81 -32.33 20.05
C ASP J 1013 90.49 -31.98 20.73
N LEU J 1014 90.54 -31.77 22.04
CA LEU J 1014 89.33 -31.48 22.80
C LEU J 1014 88.71 -30.17 22.36
N GLU J 1015 89.53 -29.19 21.98
CA GLU J 1015 89.00 -27.94 21.44
C GLU J 1015 88.22 -28.17 20.17
N ASN J 1016 88.57 -29.18 19.38
CA ASN J 1016 87.89 -29.49 18.12
C ASN J 1016 86.83 -30.57 18.26
N VAL J 1017 86.64 -31.15 19.44
CA VAL J 1017 85.55 -32.10 19.66
C VAL J 1017 84.35 -31.31 20.20
N VAL J 1018 83.24 -31.35 19.46
CA VAL J 1018 82.00 -30.68 19.84
C VAL J 1018 81.11 -31.70 20.54
N VAL J 1019 80.49 -31.28 21.65
CA VAL J 1019 79.69 -32.16 22.49
C VAL J 1019 78.40 -31.47 22.87
N VAL J 1020 77.34 -32.26 22.96
CA VAL J 1020 76.04 -31.78 23.47
C VAL J 1020 76.10 -31.86 24.99
N THR J 1021 75.88 -30.72 25.63
CA THR J 1021 75.98 -30.63 27.09
C THR J 1021 74.63 -30.53 27.77
N GLY J 1022 73.65 -29.90 27.13
CA GLY J 1022 72.30 -29.88 27.64
C GLY J 1022 71.33 -29.88 26.49
N PHE J 1023 70.13 -30.35 26.75
CA PHE J 1023 69.09 -30.37 25.75
C PHE J 1023 67.74 -30.27 26.42
N ALA J 1024 66.75 -29.85 25.66
CA ALA J 1024 65.40 -29.76 26.16
C ALA J 1024 64.46 -29.55 24.99
N GLU J 1025 63.17 -29.71 25.26
CA GLU J 1025 62.17 -29.58 24.23
C GLU J 1025 60.84 -29.24 24.86
N VAL J 1026 60.01 -28.55 24.08
CA VAL J 1026 58.60 -28.38 24.36
C VAL J 1026 57.88 -29.13 23.26
N GLY J 1027 57.00 -30.04 23.63
CA GLY J 1027 56.35 -30.89 22.66
C GLY J 1027 55.05 -31.47 23.18
N PRO J 1028 54.44 -32.35 22.40
CA PRO J 1028 53.15 -32.93 22.83
C PRO J 1028 53.21 -33.71 24.12
N TRP J 1029 54.38 -34.19 24.53
CA TRP J 1029 54.54 -34.99 25.74
C TRP J 1029 55.36 -34.25 26.78
N GLY J 1030 55.18 -32.95 26.88
CA GLY J 1030 55.91 -32.17 27.87
C GLY J 1030 57.35 -31.99 27.46
N ASN J 1031 58.26 -32.17 28.40
CA ASN J 1031 59.67 -31.91 28.19
C ASN J 1031 60.39 -33.18 27.75
N SER J 1032 61.72 -33.10 27.68
CA SER J 1032 62.51 -34.26 27.27
C SER J 1032 62.28 -35.43 28.22
N ARG J 1033 62.20 -35.15 29.53
CA ARG J 1033 62.06 -36.23 30.51
C ARG J 1033 60.75 -36.99 30.32
N THR J 1034 59.64 -36.26 30.27
CA THR J 1034 58.34 -36.92 30.15
C THR J 1034 58.17 -37.56 28.77
N ARG J 1035 58.65 -36.89 27.72
CA ARG J 1035 58.58 -37.46 26.39
C ARG J 1035 59.37 -38.76 26.32
N TRP J 1036 60.55 -38.79 26.94
CA TRP J 1036 61.34 -40.02 26.97
C TRP J 1036 60.65 -41.10 27.77
N GLU J 1037 60.02 -40.75 28.88
CA GLU J 1037 59.31 -41.77 29.64
C GLU J 1037 58.21 -42.40 28.80
N MET J 1038 57.41 -41.56 28.13
CA MET J 1038 56.34 -42.10 27.28
C MET J 1038 56.92 -42.90 26.11
N GLU J 1039 58.02 -42.44 25.52
CA GLU J 1039 58.60 -43.13 24.38
C GLU J 1039 59.18 -44.48 24.77
N ALA J 1040 60.00 -44.50 25.83
CA ALA J 1040 60.73 -45.71 26.19
C ALA J 1040 59.83 -46.73 26.87
N TYR J 1041 58.88 -46.26 27.69
CA TYR J 1041 58.10 -47.15 28.53
C TYR J 1041 56.62 -47.16 28.20
N GLY J 1042 56.11 -46.15 27.51
CA GLY J 1042 54.69 -46.06 27.22
C GLY J 1042 53.84 -45.62 28.38
N GLU J 1043 54.43 -45.39 29.55
CA GLU J 1043 53.70 -44.95 30.73
C GLU J 1043 54.59 -43.99 31.51
N PHE J 1044 53.94 -43.09 32.25
CA PHE J 1044 54.64 -42.13 33.07
C PHE J 1044 54.93 -42.76 34.43
N SER J 1045 56.14 -42.54 34.94
CA SER J 1045 56.45 -42.93 36.30
C SER J 1045 55.77 -41.94 37.26
N LEU J 1046 56.08 -42.06 38.54
CA LEU J 1046 55.56 -41.09 39.49
C LEU J 1046 56.15 -39.71 39.22
N GLU J 1047 57.46 -39.63 38.98
CA GLU J 1047 58.09 -38.36 38.67
C GLU J 1047 57.54 -37.78 37.38
N GLY J 1048 57.38 -38.61 36.35
CA GLY J 1048 56.86 -38.12 35.08
C GLY J 1048 55.41 -37.67 35.20
N ALA J 1049 54.61 -38.39 35.98
CA ALA J 1049 53.23 -37.97 36.19
C ALA J 1049 53.17 -36.64 36.90
N ILE J 1050 54.02 -36.43 37.92
CA ILE J 1050 54.02 -35.15 38.61
C ILE J 1050 54.50 -34.04 37.68
N GLU J 1051 55.51 -34.32 36.86
CA GLU J 1051 56.01 -33.31 35.94
C GLU J 1051 54.96 -32.94 34.90
N MET J 1052 54.21 -33.93 34.41
CA MET J 1052 53.15 -33.63 33.45
C MET J 1052 52.00 -32.87 34.10
N ALA J 1053 51.65 -33.22 35.33
CA ALA J 1053 50.62 -32.48 36.04
C ALA J 1053 51.05 -31.03 36.26
N TRP J 1054 52.32 -30.84 36.62
CA TRP J 1054 52.85 -29.49 36.81
C TRP J 1054 52.87 -28.71 35.50
N ILE J 1055 53.24 -29.37 34.41
CA ILE J 1055 53.29 -28.72 33.11
C ILE J 1055 51.89 -28.31 32.67
N MET J 1056 50.92 -29.20 32.82
CA MET J 1056 49.55 -28.92 32.43
C MET J 1056 48.78 -28.12 33.47
N GLY J 1057 49.42 -27.76 34.58
CA GLY J 1057 48.76 -26.95 35.57
C GLY J 1057 47.76 -27.67 36.43
N PHE J 1058 47.74 -29.01 36.38
CA PHE J 1058 46.81 -29.75 37.24
C PHE J 1058 47.15 -29.54 38.70
N ILE J 1059 48.43 -29.49 39.02
CA ILE J 1059 48.91 -29.31 40.39
C ILE J 1059 49.77 -28.06 40.45
N LYS J 1060 49.72 -27.39 41.60
CA LYS J 1060 50.57 -26.23 41.87
C LYS J 1060 51.16 -26.40 43.25
N TYR J 1061 52.38 -25.90 43.46
CA TYR J 1061 53.00 -26.01 44.76
C TYR J 1061 52.52 -24.88 45.68
N HIS J 1062 52.18 -25.26 46.90
CA HIS J 1062 51.72 -24.34 47.92
C HIS J 1062 52.71 -24.37 49.07
N ASN J 1063 52.99 -23.18 49.63
CA ASN J 1063 53.89 -23.06 50.77
C ASN J 1063 53.38 -21.91 51.62
N GLY J 1064 52.61 -22.22 52.65
CA GLY J 1064 52.06 -21.21 53.51
C GLY J 1064 50.77 -21.71 54.16
N ASN J 1065 49.90 -20.76 54.48
CA ASN J 1065 48.63 -21.05 55.13
C ASN J 1065 47.62 -21.48 54.06
N LEU J 1066 47.12 -22.70 54.16
CA LEU J 1066 46.16 -23.27 53.21
C LEU J 1066 44.87 -23.57 53.95
N GLN J 1067 43.90 -22.65 53.85
CA GLN J 1067 42.60 -22.79 54.51
C GLN J 1067 42.78 -23.01 56.01
N GLY J 1068 43.48 -22.08 56.65
CA GLY J 1068 43.65 -22.10 58.09
C GLY J 1068 44.63 -23.11 58.63
N LYS J 1069 45.40 -23.78 57.76
CA LYS J 1069 46.42 -24.72 58.17
C LYS J 1069 47.72 -24.44 57.43
N PRO J 1070 48.87 -24.80 58.02
CA PRO J 1070 50.13 -24.68 57.28
C PRO J 1070 50.41 -25.91 56.44
N TYR J 1071 50.46 -25.75 55.12
CA TYR J 1071 50.68 -26.85 54.20
C TYR J 1071 51.83 -26.52 53.24
N SER J 1072 52.67 -27.52 52.99
CA SER J 1072 53.79 -27.42 52.06
C SER J 1072 53.76 -28.67 51.18
N GLY J 1073 53.17 -28.55 50.00
CA GLY J 1073 53.05 -29.69 49.12
C GLY J 1073 52.25 -29.35 47.89
N TRP J 1074 51.89 -30.39 47.16
CA TRP J 1074 51.14 -30.21 45.92
C TRP J 1074 49.65 -30.03 46.20
N VAL J 1075 49.05 -29.12 45.44
CA VAL J 1075 47.66 -28.72 45.63
C VAL J 1075 46.98 -28.73 44.27
N ASP J 1076 45.81 -29.36 44.19
CA ASP J 1076 45.01 -29.32 42.98
C ASP J 1076 44.74 -27.87 42.60
N ALA J 1077 45.20 -27.47 41.42
CA ALA J 1077 45.10 -26.08 41.01
C ALA J 1077 43.63 -25.65 40.88
N LYS J 1078 42.79 -26.52 40.32
CA LYS J 1078 41.39 -26.17 40.13
C LYS J 1078 40.66 -26.03 41.45
N THR J 1079 40.81 -27.02 42.33
CA THR J 1079 40.08 -27.05 43.60
C THR J 1079 40.85 -26.42 44.75
N GLN J 1080 42.15 -26.21 44.60
CA GLN J 1080 42.99 -25.62 45.63
C GLN J 1080 43.05 -26.47 46.90
N THR J 1081 42.73 -27.80 46.80
CA THR J 1081 42.81 -28.72 47.93
C THR J 1081 44.10 -29.51 47.88
N PRO J 1082 44.66 -29.92 49.03
CA PRO J 1082 45.90 -30.71 49.00
C PRO J 1082 45.71 -32.02 48.26
N ILE J 1083 46.79 -32.48 47.62
CA ILE J 1083 46.79 -33.77 46.93
C ILE J 1083 48.12 -34.45 47.20
N ASP J 1084 48.07 -35.75 47.48
CA ASP J 1084 49.27 -36.52 47.77
C ASP J 1084 49.99 -36.88 46.48
N GLU J 1085 51.32 -36.95 46.58
CA GLU J 1085 52.13 -37.23 45.39
C GLU J 1085 51.79 -38.58 44.79
N LYS J 1086 51.61 -39.60 45.64
CA LYS J 1086 51.20 -40.91 45.13
C LYS J 1086 49.86 -40.85 44.43
N ASP J 1087 48.93 -40.03 44.93
CA ASP J 1087 47.62 -39.90 44.33
C ASP J 1087 47.63 -39.03 43.07
N ILE J 1088 48.71 -38.29 42.81
CA ILE J 1088 48.79 -37.50 41.59
C ILE J 1088 48.70 -38.37 40.34
N LYS J 1089 49.37 -39.52 40.33
CA LYS J 1089 49.35 -40.41 39.18
C LYS J 1089 48.04 -41.15 39.02
N SER J 1090 47.13 -41.05 39.99
CA SER J 1090 45.80 -41.65 39.88
C SER J 1090 44.73 -40.64 39.52
N LYS J 1091 44.76 -39.46 40.15
CA LYS J 1091 43.73 -38.46 39.88
C LYS J 1091 43.84 -37.86 38.49
N TYR J 1092 45.06 -37.77 37.95
CA TYR J 1092 45.32 -36.97 36.75
C TYR J 1092 45.92 -37.73 35.58
N GLU J 1093 46.26 -39.02 35.73
CA GLU J 1093 46.89 -39.72 34.61
C GLU J 1093 45.95 -39.81 33.41
N GLU J 1094 44.67 -40.09 33.66
CA GLU J 1094 43.71 -40.19 32.57
C GLU J 1094 43.61 -38.88 31.80
N GLU J 1095 43.48 -37.76 32.51
CA GLU J 1095 43.36 -36.47 31.84
C GLU J 1095 44.66 -36.06 31.17
N ILE J 1096 45.80 -36.40 31.78
CA ILE J 1096 47.09 -36.11 31.16
C ILE J 1096 47.20 -36.81 29.82
N LEU J 1097 46.91 -38.11 29.81
CA LEU J 1097 46.99 -38.87 28.56
C LEU J 1097 45.97 -38.39 27.55
N GLU J 1098 44.78 -38.02 28.01
CA GLU J 1098 43.74 -37.56 27.09
C GLU J 1098 44.13 -36.24 26.44
N HIS J 1099 44.71 -35.32 27.21
CA HIS J 1099 45.03 -33.97 26.75
C HIS J 1099 46.51 -33.78 26.53
N SER J 1100 47.22 -34.85 26.19
CA SER J 1100 48.60 -34.73 25.73
C SER J 1100 48.83 -35.69 24.58
N GLY J 1101 49.83 -35.38 23.75
CA GLY J 1101 50.16 -36.22 22.62
C GLY J 1101 49.39 -35.86 21.37
N ILE J 1102 49.36 -36.79 20.43
CA ILE J 1102 48.57 -36.63 19.21
C ILE J 1102 47.11 -36.85 19.57
N ARG J 1103 46.26 -35.89 19.22
CA ARG J 1103 44.87 -35.89 19.64
C ARG J 1103 44.12 -34.90 18.78
N LEU J 1104 42.80 -34.84 18.98
CA LEU J 1104 41.99 -33.90 18.22
C LEU J 1104 42.43 -32.48 18.52
N ILE J 1105 42.47 -31.65 17.47
CA ILE J 1105 42.86 -30.25 17.65
C ILE J 1105 41.90 -29.59 18.63
N GLU J 1106 42.46 -28.82 19.56
CA GLU J 1106 41.69 -28.15 20.60
C GLU J 1106 41.62 -26.67 20.26
N PRO J 1107 40.45 -26.09 19.97
CA PRO J 1107 40.41 -24.67 19.59
C PRO J 1107 40.92 -23.73 20.68
N GLU J 1108 40.85 -24.14 21.94
CA GLU J 1108 41.28 -23.27 23.02
C GLU J 1108 42.79 -23.05 22.97
N LEU J 1109 43.53 -23.98 22.36
CA LEU J 1109 44.97 -23.84 22.18
C LEU J 1109 45.33 -23.08 20.90
N PHE J 1110 44.38 -22.82 20.01
CA PHE J 1110 44.64 -22.23 18.70
C PHE J 1110 43.63 -21.13 18.40
N ASN J 1111 43.14 -20.46 19.46
CA ASN J 1111 42.38 -19.22 19.31
C ASN J 1111 41.05 -19.49 18.62
N GLY J 1112 40.31 -20.47 19.13
CA GLY J 1112 39.01 -20.77 18.57
C GLY J 1112 39.04 -21.41 17.21
N TYR J 1113 40.19 -21.91 16.77
CA TYR J 1113 40.25 -22.61 15.50
C TYR J 1113 39.59 -23.97 15.64
N ASP J 1114 38.39 -24.10 15.09
CA ASP J 1114 37.67 -25.36 15.04
C ASP J 1114 37.81 -25.93 13.63
N PRO J 1115 38.65 -26.94 13.38
CA PRO J 1115 38.81 -27.42 12.01
C PRO J 1115 37.52 -27.92 11.38
N LYS J 1116 36.57 -28.39 12.18
CA LYS J 1116 35.27 -28.73 11.62
C LYS J 1116 34.49 -27.49 11.17
N LYS J 1117 34.92 -26.30 11.55
CA LYS J 1117 34.27 -25.05 11.20
C LYS J 1117 35.29 -24.02 10.74
N LYS J 1118 36.16 -24.42 9.81
CA LYS J 1118 37.19 -23.52 9.32
C LYS J 1118 36.55 -22.33 8.62
N GLN J 1119 36.80 -21.13 9.14
CA GLN J 1119 36.15 -19.92 8.65
C GLN J 1119 36.81 -19.41 7.38
N MET J 1120 35.99 -19.13 6.37
CA MET J 1120 36.42 -18.50 5.12
C MET J 1120 35.43 -17.39 4.79
N ILE J 1121 35.81 -16.52 3.87
CA ILE J 1121 34.94 -15.45 3.39
C ILE J 1121 34.82 -15.57 1.87
N GLN J 1122 33.59 -15.46 1.38
CA GLN J 1122 33.28 -15.60 -0.04
C GLN J 1122 32.88 -14.24 -0.60
N GLU J 1123 33.46 -13.88 -1.73
CA GLU J 1123 33.13 -12.63 -2.40
C GLU J 1123 31.78 -12.76 -3.10
N ILE J 1124 30.90 -11.80 -2.88
CA ILE J 1124 29.60 -11.72 -3.55
C ILE J 1124 29.41 -10.31 -4.07
N VAL J 1125 28.84 -10.18 -5.26
CA VAL J 1125 28.37 -8.90 -5.77
C VAL J 1125 26.93 -8.76 -5.33
N VAL J 1126 26.61 -7.65 -4.65
CA VAL J 1126 25.27 -7.49 -4.10
C VAL J 1126 24.32 -7.09 -5.22
N GLN J 1127 23.12 -7.67 -5.20
CA GLN J 1127 22.07 -7.34 -6.15
C GLN J 1127 20.97 -6.50 -5.51
N HIS J 1128 21.31 -5.74 -4.46
CA HIS J 1128 20.35 -4.94 -3.73
C HIS J 1128 21.10 -4.02 -2.78
N ASP J 1129 20.59 -2.81 -2.60
CA ASP J 1129 21.24 -1.86 -1.70
C ASP J 1129 20.96 -2.24 -0.25
N LEU J 1130 22.01 -2.42 0.53
CA LEU J 1130 21.85 -2.67 1.95
C LEU J 1130 21.34 -1.42 2.66
N GLU J 1131 20.63 -1.64 3.75
CA GLU J 1131 20.16 -0.51 4.54
C GLU J 1131 21.35 0.23 5.15
N PRO J 1132 21.27 1.55 5.33
CA PRO J 1132 22.44 2.28 5.86
C PRO J 1132 22.80 1.81 7.26
N PHE J 1133 24.10 1.84 7.55
CA PHE J 1133 24.62 1.55 8.89
C PHE J 1133 25.54 2.69 9.31
N GLU J 1134 25.66 2.85 10.63
CA GLU J 1134 26.37 3.99 11.20
C GLU J 1134 27.81 3.63 11.51
N CYS J 1135 28.70 4.62 11.40
CA CYS J 1135 30.10 4.45 11.77
C CYS J 1135 30.76 5.83 11.80
N SER J 1136 32.05 5.84 12.11
CA SER J 1136 32.79 7.07 12.24
C SER J 1136 33.12 7.66 10.87
N LYS J 1137 33.56 8.92 10.88
CA LYS J 1137 33.93 9.59 9.64
C LYS J 1137 35.06 8.86 8.95
N GLU J 1138 36.06 8.41 9.70
CA GLU J 1138 37.21 7.74 9.09
C GLU J 1138 36.78 6.50 8.34
N THR J 1139 35.98 5.64 8.99
CA THR J 1139 35.53 4.41 8.35
C THR J 1139 34.62 4.72 7.16
N ALA J 1140 33.77 5.75 7.27
CA ALA J 1140 32.90 6.08 6.16
C ALA J 1140 33.70 6.55 4.94
N GLU J 1141 34.68 7.43 5.15
CA GLU J 1141 35.54 7.83 4.04
C GLU J 1141 36.31 6.65 3.47
N GLN J 1142 36.77 5.72 4.32
CA GLN J 1142 37.44 4.53 3.80
C GLN J 1142 36.51 3.70 2.93
N TYR J 1143 35.26 3.54 3.38
CA TYR J 1143 34.28 2.80 2.58
C TYR J 1143 34.05 3.48 1.23
N LYS J 1144 33.89 4.81 1.24
CA LYS J 1144 33.66 5.53 0.00
C LYS J 1144 34.87 5.44 -0.92
N HIS J 1145 36.07 5.52 -0.35
CA HIS J 1145 37.28 5.39 -1.15
C HIS J 1145 37.34 4.03 -1.82
N GLU J 1146 37.01 2.96 -1.09
CA GLU J 1146 37.04 1.64 -1.68
C GLU J 1146 35.99 1.47 -2.77
N HIS J 1147 34.73 1.80 -2.46
CA HIS J 1147 33.61 1.46 -3.32
C HIS J 1147 33.29 2.56 -4.32
N GLY J 1148 33.00 3.76 -3.83
CA GLY J 1148 32.75 4.90 -4.70
C GLY J 1148 31.29 5.03 -5.09
N GLU J 1149 31.02 4.90 -6.39
CA GLU J 1149 29.64 4.97 -6.86
C GLU J 1149 28.77 3.88 -6.25
N LYS J 1150 29.38 2.80 -5.74
CA LYS J 1150 28.66 1.71 -5.09
C LYS J 1150 28.55 1.88 -3.58
N CYS J 1151 28.96 3.03 -3.06
CA CYS J 1151 28.78 3.37 -1.66
C CYS J 1151 28.21 4.77 -1.56
N GLU J 1152 27.60 5.08 -0.42
CA GLU J 1152 27.02 6.39 -0.17
C GLU J 1152 27.22 6.75 1.29
N ILE J 1153 27.97 7.81 1.54
CA ILE J 1153 28.33 8.23 2.89
C ILE J 1153 27.66 9.55 3.18
N PHE J 1154 27.08 9.69 4.37
CA PHE J 1154 26.45 10.96 4.72
C PHE J 1154 26.56 11.21 6.22
N GLU J 1155 26.90 12.45 6.57
CA GLU J 1155 27.09 12.86 7.95
C GLU J 1155 25.73 13.01 8.64
N ILE J 1156 25.64 12.55 9.89
CA ILE J 1156 24.51 12.87 10.76
C ILE J 1156 24.93 14.14 11.51
N GLU J 1157 24.39 15.27 11.06
CA GLU J 1157 24.73 16.55 11.68
C GLU J 1157 24.34 16.60 13.15
N GLU J 1158 23.38 15.80 13.58
CA GLU J 1158 22.99 15.77 14.98
C GLU J 1158 24.14 15.31 15.87
N SER J 1159 24.86 14.29 15.45
CA SER J 1159 25.94 13.67 16.23
C SER J 1159 27.32 13.95 15.67
N GLY J 1160 27.55 13.62 14.40
CA GLY J 1160 28.86 13.74 13.79
C GLY J 1160 29.31 12.46 13.13
N GLU J 1161 28.70 11.33 13.51
CA GLU J 1161 28.97 10.07 12.87
C GLU J 1161 28.48 10.10 11.42
N TYR J 1162 28.72 9.01 10.71
CA TYR J 1162 28.36 8.88 9.31
C TYR J 1162 27.52 7.63 9.09
N THR J 1163 26.59 7.71 8.15
CA THR J 1163 25.82 6.57 7.68
C THR J 1163 26.41 6.13 6.34
N VAL J 1164 26.61 4.83 6.20
CA VAL J 1164 27.16 4.23 4.99
C VAL J 1164 26.11 3.30 4.42
N ARG J 1165 25.75 3.53 3.16
CA ARG J 1165 24.83 2.67 2.42
C ARG J 1165 25.62 1.99 1.32
N ILE J 1166 25.59 0.66 1.31
CA ILE J 1166 26.23 -0.13 0.26
C ILE J 1166 25.18 -0.39 -0.81
N LEU J 1167 25.53 -0.12 -2.06
CA LEU J 1167 24.58 -0.11 -3.15
C LEU J 1167 24.67 -1.39 -3.98
N LYS J 1168 23.71 -1.54 -4.89
CA LYS J 1168 23.74 -2.67 -5.81
C LYS J 1168 25.00 -2.65 -6.64
N GLY J 1169 25.59 -3.83 -6.83
CA GLY J 1169 26.83 -3.97 -7.56
C GLY J 1169 28.08 -3.87 -6.72
N ALA J 1170 27.95 -3.59 -5.42
CA ALA J 1170 29.09 -3.56 -4.52
C ALA J 1170 29.56 -4.99 -4.22
N THR J 1171 30.79 -5.09 -3.74
CA THR J 1171 31.41 -6.36 -3.38
C THR J 1171 31.38 -6.48 -1.86
N LEU J 1172 30.83 -7.59 -1.37
CA LEU J 1172 30.86 -7.95 0.04
C LEU J 1172 31.55 -9.29 0.21
N TYR J 1173 31.96 -9.55 1.45
CA TYR J 1173 32.63 -10.80 1.82
C TYR J 1173 31.80 -11.44 2.92
N VAL J 1174 30.89 -12.33 2.53
CA VAL J 1174 30.06 -13.03 3.51
C VAL J 1174 30.84 -14.23 4.03
N PRO J 1175 31.02 -14.39 5.34
CA PRO J 1175 31.78 -15.55 5.84
C PRO J 1175 31.09 -16.86 5.51
N LYS J 1176 31.91 -17.90 5.35
CA LYS J 1176 31.43 -19.26 5.21
C LYS J 1176 32.38 -20.18 5.96
N ALA J 1177 31.91 -21.38 6.27
CA ALA J 1177 32.66 -22.35 7.06
C ALA J 1177 32.83 -23.63 6.26
N LEU J 1178 34.01 -24.22 6.36
CA LEU J 1178 34.37 -25.42 5.63
C LEU J 1178 34.71 -26.52 6.62
N ARG J 1179 34.07 -27.68 6.47
CA ARG J 1179 34.36 -28.83 7.29
C ARG J 1179 35.71 -29.39 6.87
N PHE J 1180 36.76 -28.98 7.57
CA PHE J 1180 38.10 -29.39 7.22
C PHE J 1180 38.40 -30.76 7.79
N ASP J 1181 39.12 -31.57 7.01
CA ASP J 1181 39.27 -33.00 7.25
C ASP J 1181 40.56 -33.35 8.00
N ARG J 1182 41.29 -32.38 8.55
CA ARG J 1182 42.49 -32.64 9.35
C ARG J 1182 42.18 -32.18 10.77
N LEU J 1183 41.60 -33.07 11.57
CA LEU J 1183 41.14 -32.74 12.92
C LEU J 1183 42.14 -33.11 14.01
N VAL J 1184 43.27 -33.73 13.67
CA VAL J 1184 44.19 -34.29 14.64
C VAL J 1184 45.56 -33.65 14.43
N ALA J 1185 46.18 -33.21 15.51
CA ALA J 1185 47.52 -32.64 15.47
C ALA J 1185 48.24 -32.97 16.77
N GLY J 1186 49.56 -33.07 16.68
CA GLY J 1186 50.36 -33.32 17.87
C GLY J 1186 50.63 -32.03 18.60
N GLN J 1187 49.87 -31.79 19.66
CA GLN J 1187 49.81 -30.49 20.32
C GLN J 1187 50.43 -30.58 21.70
N ILE J 1188 51.06 -29.48 22.11
CA ILE J 1188 51.65 -29.34 23.44
C ILE J 1188 50.51 -29.59 24.43
N PRO J 1189 50.76 -30.22 25.59
CA PRO J 1189 49.64 -30.62 26.45
C PRO J 1189 48.78 -29.44 26.86
N THR J 1190 47.47 -29.67 26.89
CA THR J 1190 46.53 -28.62 27.26
C THR J 1190 46.85 -28.13 28.67
N GLY J 1191 46.78 -26.83 28.85
CA GLY J 1191 47.15 -26.20 30.10
C GLY J 1191 48.61 -25.82 30.19
N TRP J 1192 49.42 -26.16 29.20
CA TRP J 1192 50.78 -25.67 29.15
C TRP J 1192 50.77 -24.15 29.09
N ASP J 1193 51.50 -23.53 30.02
CA ASP J 1193 51.55 -22.08 30.12
C ASP J 1193 53.00 -21.65 30.27
N ALA J 1194 53.35 -20.55 29.60
CA ALA J 1194 54.65 -19.93 29.84
C ALA J 1194 54.75 -19.32 31.23
N ARG J 1195 53.61 -19.00 31.84
CA ARG J 1195 53.63 -18.43 33.18
C ARG J 1195 54.21 -19.40 34.20
N THR J 1196 53.91 -20.70 34.06
CA THR J 1196 54.42 -21.68 35.02
C THR J 1196 55.93 -21.80 34.95
N TYR J 1197 56.54 -21.37 33.85
CA TYR J 1197 58.00 -21.37 33.71
C TYR J 1197 58.62 -20.02 34.05
N GLY J 1198 57.83 -19.06 34.56
CA GLY J 1198 58.37 -17.80 34.99
C GLY J 1198 58.57 -16.77 33.90
N ILE J 1199 58.01 -16.98 32.72
CA ILE J 1199 58.13 -15.98 31.66
C ILE J 1199 57.13 -14.85 31.94
N PRO J 1200 57.56 -13.58 31.98
CA PRO J 1200 56.64 -12.52 32.42
C PRO J 1200 55.50 -12.26 31.44
N GLU J 1201 54.43 -11.68 31.99
CA GLU J 1201 53.22 -11.43 31.22
C GLU J 1201 53.49 -10.49 30.05
N ASP J 1202 54.36 -9.51 30.25
CA ASP J 1202 54.67 -8.58 29.16
C ASP J 1202 55.33 -9.31 28.00
N THR J 1203 56.28 -10.21 28.29
CA THR J 1203 56.89 -10.99 27.23
C THR J 1203 55.88 -11.90 26.57
N ILE J 1204 54.97 -12.49 27.35
CA ILE J 1204 53.96 -13.36 26.78
C ILE J 1204 53.06 -12.59 25.82
N SER J 1205 52.68 -11.37 26.19
CA SER J 1205 51.85 -10.55 25.32
C SER J 1205 52.61 -10.00 24.12
N GLN J 1206 53.92 -9.83 24.22
CA GLN J 1206 54.72 -9.30 23.13
C GLN J 1206 55.12 -10.33 22.08
N VAL J 1207 55.56 -11.52 22.52
CA VAL J 1207 56.24 -12.44 21.62
C VAL J 1207 55.27 -13.48 21.11
N ASP J 1208 55.74 -14.27 20.14
CA ASP J 1208 54.93 -15.29 19.51
C ASP J 1208 54.88 -16.55 20.40
N PRO J 1209 53.82 -17.36 20.29
CA PRO J 1209 53.80 -18.61 21.08
C PRO J 1209 54.97 -19.52 20.78
N ILE J 1210 55.42 -19.56 19.53
CA ILE J 1210 56.63 -20.33 19.22
C ILE J 1210 57.82 -19.74 19.96
N THR J 1211 57.87 -18.42 20.09
CA THR J 1211 58.97 -17.82 20.84
C THR J 1211 58.90 -18.22 22.30
N LEU J 1212 57.70 -18.34 22.87
CA LEU J 1212 57.58 -18.85 24.23
C LEU J 1212 58.11 -20.27 24.33
N TYR J 1213 57.76 -21.12 23.37
CA TYR J 1213 58.28 -22.48 23.37
C TYR J 1213 59.81 -22.47 23.30
N VAL J 1214 60.37 -21.58 22.49
CA VAL J 1214 61.83 -21.50 22.35
C VAL J 1214 62.48 -21.04 23.64
N LEU J 1215 61.89 -20.06 24.31
CA LEU J 1215 62.47 -19.58 25.56
C LEU J 1215 62.46 -20.68 26.61
N VAL J 1216 61.35 -21.40 26.73
CA VAL J 1216 61.27 -22.50 27.70
C VAL J 1216 62.29 -23.58 27.34
N ALA J 1217 62.37 -23.95 26.07
CA ALA J 1217 63.31 -25.00 25.66
C ALA J 1217 64.74 -24.55 25.89
N THR J 1218 65.03 -23.26 25.73
CA THR J 1218 66.39 -22.77 25.90
C THR J 1218 66.81 -22.80 27.37
N VAL J 1219 65.94 -22.30 28.26
CA VAL J 1219 66.29 -22.36 29.68
C VAL J 1219 66.40 -23.80 30.14
N GLU J 1220 65.50 -24.67 29.65
CA GLU J 1220 65.55 -26.06 30.08
C GLU J 1220 66.78 -26.76 29.52
N ALA J 1221 67.26 -26.36 28.34
CA ALA J 1221 68.47 -26.93 27.79
C ALA J 1221 69.70 -26.47 28.57
N LEU J 1222 69.73 -25.19 28.96
CA LEU J 1222 70.83 -24.71 29.78
C LEU J 1222 70.83 -25.41 31.15
N LEU J 1223 69.64 -25.65 31.70
CA LEU J 1223 69.56 -26.35 32.98
C LEU J 1223 69.95 -27.82 32.83
N SER J 1224 69.64 -28.43 31.68
CA SER J 1224 70.16 -29.76 31.39
C SER J 1224 71.68 -29.75 31.33
N ALA J 1225 72.26 -28.67 30.81
CA ALA J 1225 73.70 -28.47 30.82
C ALA J 1225 74.21 -27.96 32.16
N GLY J 1226 73.34 -27.83 33.15
CA GLY J 1226 73.76 -27.43 34.48
C GLY J 1226 74.04 -25.96 34.64
N ILE J 1227 73.71 -25.15 33.64
CA ILE J 1227 73.95 -23.71 33.67
C ILE J 1227 72.68 -23.07 34.18
N THR J 1228 72.65 -22.79 35.49
CA THR J 1228 71.53 -22.08 36.09
C THR J 1228 71.51 -20.61 35.72
N ASP J 1229 72.69 -19.99 35.55
CA ASP J 1229 72.80 -18.59 35.17
C ASP J 1229 73.45 -18.52 33.79
N PRO J 1230 72.76 -18.01 32.76
CA PRO J 1230 73.39 -17.96 31.43
C PRO J 1230 74.68 -17.18 31.38
N TYR J 1231 74.88 -16.23 32.29
CA TYR J 1231 76.11 -15.45 32.30
C TYR J 1231 77.30 -16.24 32.81
N GLU J 1232 77.11 -17.49 33.25
CA GLU J 1232 78.23 -18.31 33.69
C GLU J 1232 79.15 -18.69 32.54
N PHE J 1233 78.69 -18.57 31.29
CA PHE J 1233 79.58 -18.78 30.16
C PHE J 1233 80.69 -17.74 30.15
N TYR J 1234 80.37 -16.52 30.58
CA TYR J 1234 81.31 -15.41 30.44
C TYR J 1234 82.44 -15.47 31.47
N LYS J 1235 82.39 -16.41 32.41
CA LYS J 1235 83.55 -16.65 33.26
C LYS J 1235 84.64 -17.39 32.49
N TYR J 1236 84.29 -18.08 31.40
CA TYR J 1236 85.20 -18.96 30.69
C TYR J 1236 85.44 -18.56 29.25
N VAL J 1237 84.46 -17.96 28.57
CA VAL J 1237 84.58 -17.59 27.18
C VAL J 1237 84.14 -16.14 27.02
N HIS J 1238 84.65 -15.49 25.99
CA HIS J 1238 84.29 -14.11 25.70
C HIS J 1238 82.82 -14.04 25.29
N VAL J 1239 82.24 -12.85 25.48
CA VAL J 1239 80.84 -12.63 25.09
C VAL J 1239 80.65 -12.89 23.59
N SER J 1240 81.73 -12.74 22.82
CA SER J 1240 81.69 -13.01 21.39
C SER J 1240 81.81 -14.50 21.05
N GLU J 1241 81.83 -15.38 22.05
CA GLU J 1241 82.04 -16.82 21.84
C GLU J 1241 80.80 -17.65 22.19
N VAL J 1242 79.69 -17.00 22.54
CA VAL J 1242 78.43 -17.67 22.82
C VAL J 1242 77.44 -17.25 21.74
N GLY J 1243 77.01 -18.21 20.93
CA GLY J 1243 76.14 -17.95 19.80
C GLY J 1243 74.84 -18.74 19.88
N ASN J 1244 73.98 -18.48 18.89
CA ASN J 1244 72.67 -19.12 18.81
C ASN J 1244 72.39 -19.41 17.34
N CYS J 1245 72.57 -20.66 16.93
CA CYS J 1245 72.42 -21.06 15.54
C CYS J 1245 71.12 -21.83 15.29
N SER J 1246 70.14 -21.71 16.18
CA SER J 1246 68.87 -22.40 16.01
C SER J 1246 68.02 -21.73 14.94
N GLY J 1247 66.92 -22.37 14.57
CA GLY J 1247 66.11 -21.88 13.48
C GLY J 1247 64.69 -22.41 13.51
N SER J 1248 63.95 -22.07 12.46
CA SER J 1248 62.57 -22.49 12.30
C SER J 1248 62.33 -22.84 10.84
N GLY J 1249 61.37 -23.74 10.62
CA GLY J 1249 60.93 -24.00 9.26
C GLY J 1249 60.09 -22.87 8.69
N MET J 1250 59.25 -22.26 9.53
CA MET J 1250 58.32 -21.22 9.09
C MET J 1250 58.40 -20.00 10.00
N GLY J 1251 58.73 -20.21 11.27
CA GLY J 1251 58.86 -19.12 12.22
C GLY J 1251 57.58 -18.78 12.95
N GLY J 1252 57.32 -17.49 13.10
CA GLY J 1252 56.13 -17.01 13.78
C GLY J 1252 54.91 -17.02 12.90
N VAL J 1253 54.35 -18.21 12.68
CA VAL J 1253 53.19 -18.33 11.78
C VAL J 1253 52.00 -17.59 12.36
N SER J 1254 51.90 -17.49 13.69
CA SER J 1254 50.80 -16.73 14.28
C SER J 1254 50.96 -15.24 13.99
N ALA J 1255 52.19 -14.74 14.03
CA ALA J 1255 52.43 -13.35 13.65
C ALA J 1255 52.17 -13.13 12.17
N LEU J 1256 52.52 -14.11 11.33
CA LEU J 1256 52.19 -14.01 9.91
C LEU J 1256 50.68 -13.98 9.70
N ARG J 1257 49.95 -14.80 10.45
CA ARG J 1257 48.49 -14.76 10.38
C ARG J 1257 47.98 -13.39 10.78
N GLY J 1258 48.52 -12.84 11.87
CA GLY J 1258 48.17 -11.47 12.22
C GLY J 1258 48.34 -10.51 11.06
N MET J 1259 49.58 -10.40 10.58
CA MET J 1259 49.92 -9.47 9.50
C MET J 1259 49.03 -9.65 8.27
N PHE J 1260 48.84 -10.89 7.82
CA PHE J 1260 48.22 -11.16 6.53
C PHE J 1260 46.70 -11.27 6.58
N LYS J 1261 46.13 -11.61 7.73
CA LYS J 1261 44.70 -11.87 7.86
C LYS J 1261 44.03 -10.88 8.82
N ASP J 1262 44.57 -10.73 10.03
CA ASP J 1262 43.89 -9.91 11.02
C ASP J 1262 44.02 -8.44 10.68
N ARG J 1263 45.14 -8.04 10.07
CA ARG J 1263 45.28 -6.66 9.64
C ARG J 1263 44.40 -6.36 8.43
N TYR J 1264 44.32 -7.30 7.49
CA TYR J 1264 43.38 -7.16 6.39
C TYR J 1264 41.95 -7.05 6.90
N ALA J 1265 41.62 -7.75 7.98
CA ALA J 1265 40.31 -7.67 8.61
C ALA J 1265 40.19 -6.50 9.57
N ASP J 1266 41.26 -5.73 9.78
CA ASP J 1266 41.25 -4.56 10.64
C ASP J 1266 41.08 -4.90 12.11
N LYS J 1267 41.49 -6.09 12.51
CA LYS J 1267 41.44 -6.49 13.91
C LYS J 1267 42.59 -5.83 14.66
N PRO J 1268 42.49 -5.73 15.99
CA PRO J 1268 43.57 -5.08 16.74
C PRO J 1268 44.81 -5.95 16.83
N VAL J 1269 45.85 -5.56 16.09
CA VAL J 1269 47.09 -6.31 15.98
C VAL J 1269 48.24 -5.40 16.41
N GLN J 1270 49.19 -5.95 17.16
CA GLN J 1270 50.34 -5.16 17.60
C GLN J 1270 51.13 -4.66 16.39
N ASN J 1271 51.65 -3.44 16.52
CA ASN J 1271 52.31 -2.77 15.41
C ASN J 1271 53.63 -3.42 15.02
N ASP J 1272 54.22 -4.21 15.89
CA ASP J 1272 55.50 -4.89 15.63
C ASP J 1272 55.28 -6.38 15.38
N ILE J 1273 54.21 -6.73 14.66
CA ILE J 1273 53.89 -8.13 14.41
C ILE J 1273 54.92 -8.75 13.48
N LEU J 1274 55.42 -8.00 12.50
CA LEU J 1274 56.41 -8.53 11.57
C LEU J 1274 57.68 -8.95 12.29
N GLN J 1275 58.09 -8.14 13.28
CA GLN J 1275 59.22 -8.50 14.14
C GLN J 1275 59.03 -9.90 14.72
N GLU J 1276 57.87 -10.17 15.31
CA GLU J 1276 57.63 -11.48 15.88
C GLU J 1276 57.52 -12.54 14.79
N SER J 1277 57.18 -12.14 13.56
CA SER J 1277 57.04 -13.09 12.47
C SER J 1277 58.39 -13.57 11.93
N PHE J 1278 59.45 -12.77 12.02
CA PHE J 1278 60.74 -13.22 11.50
C PHE J 1278 61.20 -14.49 12.21
N ILE J 1279 61.87 -15.37 11.46
CA ILE J 1279 62.33 -16.64 12.01
C ILE J 1279 63.47 -16.42 13.00
N ASN J 1280 64.34 -15.44 12.75
CA ASN J 1280 65.45 -15.15 13.65
C ASN J 1280 65.04 -14.35 14.88
N THR J 1281 63.78 -13.92 14.96
CA THR J 1281 63.33 -13.17 16.13
C THR J 1281 63.33 -14.05 17.36
N MET J 1282 63.21 -15.36 17.19
CA MET J 1282 63.17 -16.24 18.36
C MET J 1282 64.55 -16.32 19.00
N SER J 1283 65.59 -16.47 18.16
CA SER J 1283 66.96 -16.34 18.64
C SER J 1283 67.21 -14.95 19.22
N ALA J 1284 66.63 -13.92 18.60
CA ALA J 1284 66.79 -12.56 19.12
C ALA J 1284 66.24 -12.44 20.53
N TRP J 1285 65.05 -12.99 20.77
CA TRP J 1285 64.46 -12.94 22.11
C TRP J 1285 65.26 -13.78 23.09
N VAL J 1286 65.79 -14.91 22.64
CA VAL J 1286 66.65 -15.72 23.51
C VAL J 1286 67.86 -14.91 23.96
N ASN J 1287 68.51 -14.22 23.01
CA ASN J 1287 69.68 -13.42 23.38
C ASN J 1287 69.27 -12.23 24.25
N MET J 1288 68.13 -11.61 23.96
CA MET J 1288 67.75 -10.40 24.67
C MET J 1288 67.27 -10.70 26.08
N LEU J 1289 66.79 -11.92 26.34
CA LEU J 1289 66.26 -12.25 27.65
C LEU J 1289 67.18 -13.13 28.49
N LEU J 1290 68.03 -13.96 27.88
CA LEU J 1290 68.89 -14.88 28.61
C LEU J 1290 70.37 -14.60 28.43
N LEU J 1291 70.87 -14.61 27.18
CA LEU J 1291 72.31 -14.75 26.98
C LEU J 1291 73.03 -13.41 27.01
N SER J 1292 72.56 -12.45 26.22
CA SER J 1292 73.27 -11.19 26.02
C SER J 1292 74.68 -11.40 25.49
N SER J 1293 74.84 -12.41 24.65
CA SER J 1293 76.11 -12.68 24.01
C SER J 1293 76.25 -11.87 22.73
N SER J 1294 77.50 -11.68 22.31
CA SER J 1294 77.81 -11.09 21.01
C SER J 1294 78.39 -12.13 20.06
N GLY J 1295 78.14 -13.41 20.31
CA GLY J 1295 78.67 -14.45 19.48
C GLY J 1295 77.84 -14.62 18.21
N PRO J 1296 78.27 -15.57 17.38
CA PRO J 1296 77.60 -15.76 16.09
C PRO J 1296 76.13 -16.09 16.26
N ILE J 1297 75.30 -15.51 15.40
CA ILE J 1297 73.91 -15.89 15.30
C ILE J 1297 73.64 -16.21 13.83
N LYS J 1298 73.22 -17.45 13.57
CA LYS J 1298 72.99 -17.92 12.21
C LYS J 1298 71.73 -18.76 12.22
N THR J 1299 70.64 -18.21 11.67
CA THR J 1299 69.32 -18.84 11.77
C THR J 1299 69.03 -19.66 10.51
N PRO J 1300 69.15 -20.98 10.54
CA PRO J 1300 68.81 -21.77 9.37
C PRO J 1300 67.31 -21.87 9.12
N VAL J 1301 66.98 -22.27 7.89
CA VAL J 1301 65.63 -22.67 7.52
C VAL J 1301 65.72 -23.90 6.61
N GLY J 1302 65.49 -25.07 7.19
CA GLY J 1302 65.43 -26.31 6.43
C GLY J 1302 64.02 -26.77 6.10
N ALA J 1303 63.04 -26.07 6.67
CA ALA J 1303 61.61 -26.35 6.62
C ALA J 1303 61.20 -27.63 7.34
N CYS J 1304 62.02 -28.69 7.31
CA CYS J 1304 61.73 -29.86 8.10
C CYS J 1304 63.01 -30.39 8.75
N ALA J 1305 64.15 -30.19 8.09
CA ALA J 1305 65.46 -30.56 8.62
C ALA J 1305 66.16 -29.40 9.33
N THR J 1306 65.39 -28.45 9.86
CA THR J 1306 65.99 -27.21 10.35
C THR J 1306 66.91 -27.48 11.54
N ALA J 1307 66.54 -28.41 12.41
CA ALA J 1307 67.33 -28.65 13.61
C ALA J 1307 68.66 -29.34 13.30
N VAL J 1308 68.64 -30.30 12.37
CA VAL J 1308 69.88 -30.97 12.01
C VAL J 1308 70.79 -30.01 11.22
N GLU J 1309 70.20 -29.21 10.34
CA GLU J 1309 70.96 -28.16 9.66
C GLU J 1309 71.52 -27.17 10.67
N SER J 1310 70.77 -26.88 11.74
CA SER J 1310 71.26 -25.99 12.79
C SER J 1310 72.41 -26.61 13.55
N VAL J 1311 72.35 -27.91 13.83
CA VAL J 1311 73.47 -28.58 14.46
C VAL J 1311 74.68 -28.53 13.56
N ASP J 1312 74.47 -28.66 12.24
CA ASP J 1312 75.57 -28.53 11.29
C ASP J 1312 76.21 -27.15 11.37
N ILE J 1313 75.38 -26.11 11.30
CA ILE J 1313 75.90 -24.75 11.36
C ILE J 1313 76.62 -24.50 12.68
N GLY J 1314 76.05 -25.00 13.79
CA GLY J 1314 76.68 -24.79 15.08
C GLY J 1314 78.01 -25.50 15.21
N ILE J 1315 78.10 -26.73 14.69
CA ILE J 1315 79.36 -27.46 14.77
C ILE J 1315 80.43 -26.76 13.94
N GLU J 1316 80.10 -26.36 12.71
CA GLU J 1316 81.12 -25.67 11.91
C GLU J 1316 81.46 -24.33 12.53
N THR J 1317 80.49 -23.67 13.16
CA THR J 1317 80.77 -22.42 13.87
C THR J 1317 81.77 -22.65 15.00
N ILE J 1318 81.61 -23.73 15.75
CA ILE J 1318 82.52 -24.01 16.85
C ILE J 1318 83.89 -24.40 16.33
N LEU J 1319 83.95 -25.22 15.27
CA LEU J 1319 85.23 -25.70 14.78
C LEU J 1319 86.01 -24.60 14.08
N SER J 1320 85.33 -23.63 13.47
CA SER J 1320 85.99 -22.48 12.89
C SER J 1320 86.56 -21.54 13.94
N GLY J 1321 86.23 -21.74 15.21
CA GLY J 1321 86.69 -20.87 16.28
C GLY J 1321 85.85 -19.64 16.51
N LYS J 1322 84.78 -19.45 15.74
CA LYS J 1322 83.95 -18.26 15.90
C LYS J 1322 83.12 -18.30 17.17
N ALA J 1323 82.80 -19.49 17.68
CA ALA J 1323 82.08 -19.63 18.94
C ALA J 1323 82.69 -20.78 19.70
N LYS J 1324 82.54 -20.72 21.02
CA LYS J 1324 82.83 -21.85 21.89
C LYS J 1324 81.57 -22.53 22.40
N VAL J 1325 80.51 -21.76 22.64
CA VAL J 1325 79.19 -22.29 22.98
C VAL J 1325 78.23 -21.85 21.90
N VAL J 1326 77.35 -22.77 21.49
CA VAL J 1326 76.29 -22.45 20.54
C VAL J 1326 75.01 -23.08 21.06
N LEU J 1327 73.90 -22.37 20.88
CA LEU J 1327 72.57 -22.89 21.11
C LEU J 1327 71.97 -23.29 19.77
N VAL J 1328 71.91 -24.59 19.52
CA VAL J 1328 71.39 -25.12 18.27
C VAL J 1328 70.00 -25.68 18.54
N GLY J 1329 69.31 -26.03 17.47
CA GLY J 1329 68.01 -26.65 17.59
C GLY J 1329 67.08 -26.18 16.49
N GLY J 1330 65.79 -26.39 16.73
CA GLY J 1330 64.79 -26.02 15.76
C GLY J 1330 63.43 -25.91 16.42
N TYR J 1331 62.58 -25.08 15.85
CA TYR J 1331 61.27 -24.86 16.44
C TYR J 1331 60.25 -24.58 15.36
N ASP J 1332 58.99 -24.91 15.64
CA ASP J 1332 57.91 -24.64 14.71
C ASP J 1332 56.60 -24.72 15.45
N ASP J 1333 55.57 -24.14 14.85
CA ASP J 1333 54.25 -24.03 15.46
C ASP J 1333 53.21 -24.56 14.51
N PHE J 1334 52.13 -25.10 15.07
CA PHE J 1334 50.99 -25.58 14.31
C PHE J 1334 49.94 -24.49 14.27
N GLN J 1335 49.39 -24.24 13.09
CA GLN J 1335 48.31 -23.26 12.95
C GLN J 1335 47.36 -23.72 11.85
N GLU J 1336 46.18 -23.09 11.85
CA GLU J 1336 45.14 -23.40 10.88
C GLU J 1336 45.67 -23.35 9.46
N GLU J 1337 46.44 -22.31 9.14
CA GLU J 1337 46.81 -22.06 7.75
C GLU J 1337 47.85 -23.07 7.28
N GLY J 1338 48.86 -23.35 8.11
CA GLY J 1338 49.81 -24.38 7.76
C GLY J 1338 49.17 -25.74 7.63
N SER J 1339 48.23 -26.06 8.53
CA SER J 1339 47.52 -27.32 8.42
C SER J 1339 46.76 -27.41 7.10
N TYR J 1340 46.07 -26.33 6.72
CA TYR J 1340 45.31 -26.35 5.48
C TYR J 1340 46.22 -26.48 4.27
N GLU J 1341 47.37 -25.79 4.28
CA GLU J 1341 48.28 -25.89 3.15
C GLU J 1341 48.84 -27.31 3.02
N PHE J 1342 49.24 -27.91 4.14
CA PHE J 1342 49.75 -29.27 4.09
C PHE J 1342 48.68 -30.24 3.61
N ALA J 1343 47.43 -30.02 4.02
CA ALA J 1343 46.34 -30.83 3.50
C ALA J 1343 46.20 -30.65 2.00
N ASN J 1344 46.33 -29.42 1.51
CA ASN J 1344 46.21 -29.18 0.08
C ASN J 1344 47.32 -29.87 -0.70
N MET J 1345 48.51 -29.97 -0.12
CA MET J 1345 49.59 -30.74 -0.76
C MET J 1345 49.51 -32.23 -0.44
N ASN J 1346 48.55 -32.66 0.37
CA ASN J 1346 48.34 -34.08 0.66
C ASN J 1346 49.55 -34.66 1.39
N ALA J 1347 50.26 -33.82 2.14
CA ALA J 1347 51.38 -34.28 2.92
C ALA J 1347 50.96 -34.89 4.25
N THR J 1348 49.87 -34.40 4.84
CA THR J 1348 49.40 -34.88 6.13
C THR J 1348 48.28 -35.90 5.92
N SER J 1349 48.04 -36.70 6.97
CA SER J 1349 47.02 -37.73 6.90
C SER J 1349 45.62 -37.12 7.01
N ASN J 1350 44.66 -37.75 6.35
CA ASN J 1350 43.27 -37.32 6.39
C ASN J 1350 42.55 -37.98 7.56
N SER J 1351 42.07 -37.16 8.50
CA SER J 1351 41.48 -37.71 9.71
C SER J 1351 40.17 -38.42 9.44
N ILE J 1352 39.37 -37.92 8.49
CA ILE J 1352 38.13 -38.60 8.13
C ILE J 1352 38.44 -39.99 7.59
N GLU J 1353 39.41 -40.09 6.69
CA GLU J 1353 39.77 -41.39 6.14
C GLU J 1353 40.29 -42.30 7.25
N GLU J 1354 41.07 -41.75 8.18
CA GLU J 1354 41.61 -42.56 9.26
C GLU J 1354 40.51 -43.08 10.19
N PHE J 1355 39.53 -42.24 10.50
CA PHE J 1355 38.38 -42.69 11.29
C PHE J 1355 37.60 -43.76 10.54
N LYS J 1356 37.41 -43.57 9.23
CA LYS J 1356 36.76 -44.61 8.43
C LYS J 1356 37.52 -45.92 8.49
N HIS J 1357 38.84 -45.86 8.47
CA HIS J 1357 39.70 -47.03 8.64
C HIS J 1357 39.72 -47.52 10.08
N GLY J 1358 39.12 -46.80 11.01
CA GLY J 1358 39.07 -47.23 12.39
C GLY J 1358 40.31 -46.91 13.18
N ARG J 1359 41.03 -45.87 12.77
CA ARG J 1359 42.29 -45.48 13.40
C ARG J 1359 42.02 -44.35 14.38
N THR J 1360 42.52 -44.50 15.61
CA THR J 1360 42.44 -43.46 16.60
C THR J 1360 43.54 -42.41 16.39
N PRO J 1361 43.39 -41.24 17.00
CA PRO J 1361 44.46 -40.22 16.88
C PRO J 1361 45.82 -40.69 17.36
N LYS J 1362 45.87 -41.49 18.43
CA LYS J 1362 47.16 -41.95 18.94
C LYS J 1362 47.78 -43.05 18.08
N GLU J 1363 47.06 -43.57 17.08
CA GLU J 1363 47.62 -44.55 16.16
C GLU J 1363 47.61 -44.06 14.71
N MET J 1364 47.22 -42.80 14.47
CA MET J 1364 47.29 -42.27 13.10
C MET J 1364 48.72 -42.14 12.60
N SER J 1365 49.65 -41.70 13.45
CA SER J 1365 51.04 -41.51 13.05
C SER J 1365 51.76 -42.85 13.17
N ARG J 1366 51.96 -43.52 12.03
CA ARG J 1366 52.52 -44.86 11.98
C ARG J 1366 53.58 -44.94 10.90
N PRO J 1367 54.80 -44.50 11.21
CA PRO J 1367 55.91 -44.68 10.25
C PRO J 1367 56.20 -46.14 9.96
N THR J 1368 56.61 -46.40 8.71
CA THR J 1368 57.07 -47.69 8.19
C THR J 1368 55.95 -48.68 7.96
N THR J 1369 54.71 -48.36 8.30
CA THR J 1369 53.64 -49.32 8.16
C THR J 1369 53.09 -49.34 6.74
N THR J 1370 52.41 -50.43 6.41
CA THR J 1370 51.81 -50.56 5.09
C THR J 1370 50.74 -49.51 4.84
N THR J 1371 50.12 -48.97 5.89
CA THR J 1371 48.98 -48.09 5.78
C THR J 1371 49.33 -46.63 6.07
N ARG J 1372 50.61 -46.28 6.16
CA ARG J 1372 50.99 -44.89 6.32
C ARG J 1372 50.48 -44.07 5.14
N ASN J 1373 49.85 -42.91 5.45
CA ASN J 1373 49.18 -42.11 4.44
C ASN J 1373 49.40 -40.62 4.65
N GLY J 1374 50.52 -40.23 5.25
CA GLY J 1374 50.82 -38.83 5.50
C GLY J 1374 51.34 -38.62 6.90
N PHE J 1375 51.94 -37.47 7.17
CA PHE J 1375 52.54 -37.21 8.47
C PHE J 1375 51.54 -36.51 9.39
N MET J 1376 51.81 -36.59 10.69
CA MET J 1376 50.97 -36.00 11.72
C MET J 1376 51.64 -34.69 12.14
N GLU J 1377 51.05 -33.58 11.71
CA GLU J 1377 51.64 -32.27 12.02
C GLU J 1377 51.63 -32.02 13.52
N ALA J 1378 52.75 -31.49 14.02
CA ALA J 1378 52.90 -31.19 15.44
C ALA J 1378 53.48 -29.80 15.60
N GLN J 1379 53.70 -29.42 16.86
CA GLN J 1379 54.21 -28.11 17.23
C GLN J 1379 55.19 -28.29 18.37
N GLY J 1380 56.00 -27.26 18.59
CA GLY J 1380 56.90 -27.24 19.72
C GLY J 1380 58.25 -26.71 19.32
N SER J 1381 59.23 -27.00 20.18
CA SER J 1381 60.58 -26.51 20.02
C SER J 1381 61.54 -27.54 20.60
N GLY J 1382 62.79 -27.48 20.17
CA GLY J 1382 63.82 -28.31 20.72
C GLY J 1382 65.16 -27.60 20.63
N ILE J 1383 65.88 -27.53 21.75
CA ILE J 1383 67.11 -26.76 21.83
C ILE J 1383 68.18 -27.62 22.47
N GLN J 1384 69.41 -27.46 22.00
CA GLN J 1384 70.59 -28.10 22.55
C GLN J 1384 71.68 -27.06 22.74
N VAL J 1385 72.49 -27.26 23.78
CA VAL J 1385 73.63 -26.41 24.08
C VAL J 1385 74.89 -27.20 23.75
N ILE J 1386 75.51 -26.87 22.62
CA ILE J 1386 76.70 -27.57 22.15
C ILE J 1386 77.91 -26.69 22.42
N MET J 1387 79.04 -27.32 22.73
CA MET J 1387 80.28 -26.59 22.94
C MET J 1387 81.45 -27.53 22.76
N THR J 1388 82.64 -26.95 22.76
CA THR J 1388 83.86 -27.74 22.66
C THR J 1388 83.99 -28.64 23.88
N ALA J 1389 84.60 -29.81 23.67
CA ALA J 1389 84.80 -30.73 24.78
C ALA J 1389 85.70 -30.13 25.85
N ASP J 1390 86.72 -29.36 25.43
CA ASP J 1390 87.60 -28.74 26.41
C ASP J 1390 86.84 -27.75 27.27
N LEU J 1391 85.92 -26.99 26.65
CA LEU J 1391 85.13 -26.04 27.44
C LEU J 1391 84.18 -26.76 28.36
N ALA J 1392 83.56 -27.85 27.88
CA ALA J 1392 82.66 -28.61 28.73
C ALA J 1392 83.39 -29.16 29.95
N LEU J 1393 84.59 -29.69 29.74
CA LEU J 1393 85.33 -30.25 30.86
C LEU J 1393 85.86 -29.16 31.79
N LYS J 1394 86.27 -28.01 31.24
CA LYS J 1394 86.76 -26.93 32.08
C LYS J 1394 85.63 -26.33 32.91
N MET J 1395 84.44 -26.18 32.33
CA MET J 1395 83.28 -25.72 33.06
C MET J 1395 82.71 -26.76 34.01
N GLY J 1396 82.99 -28.04 33.79
CA GLY J 1396 82.35 -29.08 34.56
C GLY J 1396 80.88 -29.23 34.27
N VAL J 1397 80.48 -29.12 33.01
CA VAL J 1397 79.08 -29.33 32.60
C VAL J 1397 78.91 -30.78 32.20
N PRO J 1398 77.70 -31.34 32.31
CA PRO J 1398 77.51 -32.74 31.89
C PRO J 1398 77.58 -32.88 30.38
N ILE J 1399 78.49 -33.72 29.93
CA ILE J 1399 78.65 -33.97 28.50
C ILE J 1399 77.74 -35.14 28.13
N HIS J 1400 76.59 -34.83 27.54
CA HIS J 1400 75.60 -35.86 27.27
C HIS J 1400 75.99 -36.70 26.05
N ALA J 1401 76.63 -36.09 25.06
CA ALA J 1401 76.93 -36.80 23.84
C ALA J 1401 78.07 -36.08 23.11
N VAL J 1402 78.60 -36.76 22.10
CA VAL J 1402 79.61 -36.21 21.21
C VAL J 1402 79.04 -36.20 19.81
N LEU J 1403 78.99 -35.03 19.17
CA LEU J 1403 78.56 -34.94 17.78
C LEU J 1403 79.76 -35.26 16.91
N ALA J 1404 79.85 -36.52 16.50
CA ALA J 1404 80.97 -36.97 15.68
C ALA J 1404 80.89 -36.41 14.28
N MET J 1405 79.71 -36.46 13.67
CA MET J 1405 79.54 -36.10 12.27
C MET J 1405 78.23 -35.35 12.10
N THR J 1406 78.20 -34.48 11.09
CA THR J 1406 76.99 -33.77 10.71
C THR J 1406 77.14 -33.33 9.27
N ALA J 1407 76.04 -33.40 8.51
CA ALA J 1407 76.10 -33.10 7.09
C ALA J 1407 74.72 -32.70 6.61
N THR J 1408 74.71 -31.88 5.55
CA THR J 1408 73.52 -31.49 4.83
C THR J 1408 73.74 -31.75 3.34
N ALA J 1409 72.65 -31.85 2.59
CA ALA J 1409 72.76 -32.25 1.19
C ALA J 1409 71.45 -31.97 0.46
N THR J 1410 71.58 -31.79 -0.85
CA THR J 1410 70.48 -31.68 -1.79
C THR J 1410 70.44 -32.92 -2.67
N ASP J 1411 69.36 -33.06 -3.44
CA ASP J 1411 69.15 -34.32 -4.17
C ASP J 1411 69.64 -34.24 -5.61
N LYS J 1412 68.92 -33.52 -6.47
CA LYS J 1412 69.22 -33.51 -7.91
C LYS J 1412 68.27 -32.59 -8.66
N ILE J 1413 68.34 -32.60 -10.00
CA ILE J 1413 67.30 -31.98 -10.81
C ILE J 1413 65.96 -32.56 -10.39
N GLY J 1414 64.93 -31.74 -10.48
CA GLY J 1414 63.58 -32.20 -10.22
C GLY J 1414 62.59 -31.10 -10.47
N ARG J 1415 61.32 -31.45 -10.32
CA ARG J 1415 60.22 -30.51 -10.37
C ARG J 1415 59.24 -30.77 -9.24
N SER J 1416 59.72 -31.38 -8.15
CA SER J 1416 58.91 -31.68 -6.98
C SER J 1416 59.74 -31.33 -5.75
N VAL J 1417 59.48 -30.16 -5.18
CA VAL J 1417 60.19 -29.75 -3.97
C VAL J 1417 59.94 -30.71 -2.80
N PRO J 1418 58.69 -31.08 -2.46
CA PRO J 1418 58.50 -31.97 -1.31
C PRO J 1418 58.93 -33.41 -1.55
N ALA J 1419 59.34 -33.76 -2.76
CA ALA J 1419 59.79 -35.11 -3.03
C ALA J 1419 61.11 -35.37 -2.33
N PRO J 1420 61.22 -36.36 -1.44
CA PRO J 1420 62.52 -36.65 -0.83
C PRO J 1420 63.46 -37.32 -1.82
N GLY J 1421 64.74 -37.27 -1.49
CA GLY J 1421 65.77 -37.83 -2.35
C GLY J 1421 66.94 -38.39 -1.57
N LYS J 1422 67.90 -38.98 -2.29
CA LYS J 1422 69.00 -39.73 -1.68
C LYS J 1422 70.25 -38.89 -1.58
N GLY J 1423 70.10 -37.56 -1.53
CA GLY J 1423 71.24 -36.67 -1.53
C GLY J 1423 72.17 -36.88 -0.34
N ILE J 1424 71.60 -37.21 0.82
CA ILE J 1424 72.41 -37.43 2.02
C ILE J 1424 73.22 -38.72 1.94
N LEU J 1425 72.99 -39.55 0.92
CA LEU J 1425 73.78 -40.75 0.74
C LEU J 1425 75.27 -40.45 0.57
N THR J 1426 75.62 -39.23 0.19
CA THR J 1426 77.02 -38.84 0.02
C THR J 1426 77.79 -38.85 1.35
N THR J 1427 77.10 -38.91 2.49
CA THR J 1427 77.80 -39.03 3.77
C THR J 1427 78.55 -40.35 3.89
N ALA J 1428 78.17 -41.36 3.12
CA ALA J 1428 78.82 -42.66 3.12
C ALA J 1428 79.79 -42.83 1.95
N ARG J 1429 80.09 -41.76 1.21
CA ARG J 1429 80.87 -41.88 0.00
C ARG J 1429 82.31 -42.24 0.31
N GLU J 1430 82.83 -43.24 -0.41
CA GLU J 1430 84.27 -43.49 -0.41
C GLU J 1430 84.62 -44.21 -1.70
N HIS J 1431 85.91 -44.21 -2.02
CA HIS J 1431 86.42 -44.83 -3.23
C HIS J 1431 86.79 -46.28 -2.94
N HIS J 1432 86.44 -47.17 -3.88
CA HIS J 1432 86.61 -48.61 -3.71
C HIS J 1432 87.27 -49.26 -4.92
N GLY J 1433 88.03 -48.49 -5.71
CA GLY J 1433 88.64 -49.05 -6.89
C GLY J 1433 89.67 -50.13 -6.58
N ASN J 1434 90.48 -49.90 -5.55
CA ASN J 1434 91.61 -50.77 -5.24
C ASN J 1434 91.73 -50.87 -3.72
N LEU J 1435 91.12 -51.92 -3.14
CA LEU J 1435 91.15 -52.16 -1.70
C LEU J 1435 92.05 -53.33 -1.35
N LYS J 1436 93.08 -53.57 -2.15
CA LYS J 1436 93.91 -54.74 -1.92
C LYS J 1436 94.61 -54.68 -0.58
N TYR J 1437 94.76 -53.48 -0.01
CA TYR J 1437 95.42 -53.30 1.27
C TYR J 1437 94.64 -52.28 2.11
N PRO J 1438 94.57 -52.45 3.44
CA PRO J 1438 93.86 -51.44 4.24
C PRO J 1438 94.59 -50.10 4.20
N SER J 1439 93.82 -49.03 4.30
CA SER J 1439 94.40 -47.70 4.42
C SER J 1439 95.04 -47.57 5.80
N PRO J 1440 96.31 -47.19 5.91
CA PRO J 1440 96.91 -47.08 7.25
C PRO J 1440 96.23 -46.06 8.12
N LEU J 1441 95.61 -45.03 7.53
CA LEU J 1441 95.04 -43.95 8.32
C LEU J 1441 93.86 -44.43 9.13
N LEU J 1442 93.22 -45.52 8.71
CA LEU J 1442 92.15 -46.10 9.51
C LEU J 1442 92.69 -46.88 10.71
N ASN J 1443 93.98 -47.23 10.70
CA ASN J 1443 94.58 -47.94 11.82
C ASN J 1443 94.93 -46.95 12.93
N ILE J 1444 94.47 -47.26 14.15
CA ILE J 1444 94.58 -46.30 15.25
C ILE J 1444 96.04 -46.13 15.68
N LYS J 1445 96.80 -47.22 15.73
CA LYS J 1445 98.15 -47.13 16.27
C LYS J 1445 99.11 -46.42 15.31
N TYR J 1446 98.90 -46.57 14.00
CA TYR J 1446 99.71 -45.84 13.04
C TYR J 1446 99.55 -44.34 13.21
N ARG J 1447 98.31 -43.88 13.32
CA ARG J 1447 98.06 -42.47 13.57
C ARG J 1447 98.61 -42.04 14.93
N LYS J 1448 98.56 -42.94 15.92
CA LYS J 1448 99.09 -42.60 17.24
C LYS J 1448 100.59 -42.37 17.18
N ARG J 1449 101.32 -43.22 16.44
CA ARG J 1449 102.77 -43.01 16.36
C ARG J 1449 103.11 -41.80 15.50
N GLN J 1450 102.33 -41.55 14.43
CA GLN J 1450 102.51 -40.30 13.70
C GLN J 1450 102.34 -39.09 14.61
N LEU J 1451 101.27 -39.10 15.43
CA LEU J 1451 101.02 -38.00 16.34
C LEU J 1451 102.13 -37.90 17.38
N ASN J 1452 102.65 -39.03 17.85
CA ASN J 1452 103.71 -38.99 18.85
C ASN J 1452 104.98 -38.35 18.28
N LYS J 1453 105.37 -38.73 17.06
CA LYS J 1453 106.56 -38.13 16.48
C LYS J 1453 106.34 -36.65 16.18
N ARG J 1454 105.13 -36.28 15.76
CA ARG J 1454 104.86 -34.87 15.51
C ARG J 1454 104.86 -34.07 16.81
N LEU J 1455 104.38 -34.66 17.90
CA LEU J 1455 104.41 -33.98 19.19
C LEU J 1455 105.85 -33.85 19.70
N GLU J 1456 106.68 -34.85 19.43
CA GLU J 1456 108.10 -34.73 19.75
C GLU J 1456 108.72 -33.58 18.98
N GLN J 1457 108.37 -33.46 17.69
CA GLN J 1457 108.84 -32.33 16.91
C GLN J 1457 108.38 -31.00 17.49
N ILE J 1458 107.13 -30.94 17.96
CA ILE J 1458 106.60 -29.69 18.50
C ILE J 1458 107.28 -29.35 19.84
N LYS J 1459 107.56 -30.37 20.66
CA LYS J 1459 108.30 -30.13 21.89
C LYS J 1459 109.70 -29.59 21.59
N SER J 1460 110.37 -30.20 20.60
CA SER J 1460 111.65 -29.67 20.17
C SER J 1460 111.53 -28.22 19.71
N TRP J 1461 110.44 -27.91 19.01
CA TRP J 1461 110.22 -26.56 18.51
C TRP J 1461 110.06 -25.58 19.68
N GLU J 1462 109.31 -25.98 20.70
CA GLU J 1462 109.28 -25.20 21.95
C GLU J 1462 110.68 -24.92 22.45
N GLU J 1463 111.51 -25.95 22.54
CA GLU J 1463 112.82 -25.77 23.16
C GLU J 1463 113.71 -24.84 22.35
N THR J 1464 113.75 -25.03 21.02
CA THR J 1464 114.54 -24.12 20.18
C THR J 1464 114.00 -22.70 20.23
N GLU J 1465 112.67 -22.53 20.26
CA GLU J 1465 112.14 -21.17 20.30
C GLU J 1465 112.51 -20.48 21.61
N LEU J 1466 112.37 -21.18 22.74
CA LEU J 1466 112.72 -20.57 24.01
C LEU J 1466 114.22 -20.29 24.09
N SER J 1467 115.03 -21.13 23.44
CA SER J 1467 116.46 -20.84 23.37
C SER J 1467 116.74 -19.60 22.53
N TYR J 1468 116.12 -19.50 21.36
CA TYR J 1468 116.30 -18.35 20.49
C TYR J 1468 115.78 -17.07 21.10
N LEU J 1469 114.88 -17.16 22.09
CA LEU J 1469 114.29 -15.97 22.67
C LEU J 1469 115.35 -15.07 23.30
N GLN J 1470 116.36 -15.66 23.94
CA GLN J 1470 117.42 -14.85 24.52
C GLN J 1470 118.20 -14.10 23.45
N GLU J 1471 118.48 -14.75 22.32
CA GLU J 1471 119.20 -14.06 21.25
C GLU J 1471 118.35 -12.97 20.62
N GLU J 1472 117.03 -13.19 20.55
CA GLU J 1472 116.14 -12.17 20.00
C GLU J 1472 116.01 -10.99 20.96
N ALA J 1473 116.08 -11.25 22.26
CA ALA J 1473 116.00 -10.16 23.23
C ALA J 1473 117.19 -9.22 23.10
N GLU J 1474 118.40 -9.79 22.89
CA GLU J 1474 119.57 -8.95 22.65
C GLU J 1474 119.39 -8.12 21.40
N LEU J 1475 118.79 -8.71 20.36
CA LEU J 1475 118.51 -7.95 19.14
C LEU J 1475 117.54 -6.81 19.42
N ALA J 1476 116.46 -7.09 20.14
CA ALA J 1476 115.49 -6.06 20.47
C ALA J 1476 116.01 -5.11 21.55
N LYS J 1477 117.01 -5.53 22.32
CA LYS J 1477 117.58 -4.64 23.33
C LYS J 1477 118.19 -3.40 22.70
N GLU J 1478 118.84 -3.55 21.54
CA GLU J 1478 119.41 -2.42 20.82
C GLU J 1478 118.44 -1.75 19.86
N GLU J 1479 117.40 -2.45 19.43
CA GLU J 1479 116.45 -1.92 18.46
C GLU J 1479 115.21 -1.31 19.10
N PHE J 1480 115.17 -1.18 20.44
CA PHE J 1480 114.03 -0.59 21.14
C PHE J 1480 114.46 0.42 22.20
N GLY J 1481 115.73 0.81 22.23
CA GLY J 1481 116.19 1.84 23.15
C GLY J 1481 116.45 1.30 24.55
N ASP J 1482 116.79 2.25 25.44
CA ASP J 1482 117.12 1.89 26.81
C ASP J 1482 115.89 1.51 27.64
N GLU J 1483 114.68 1.78 27.12
CA GLU J 1483 113.46 1.39 27.84
C GLU J 1483 113.23 -0.11 27.82
N PHE J 1484 114.01 -0.87 27.05
CA PHE J 1484 113.82 -2.31 26.96
C PHE J 1484 113.98 -2.97 28.32
N SER J 1485 113.03 -3.85 28.64
CA SER J 1485 113.09 -4.69 29.84
C SER J 1485 113.24 -6.15 29.41
N MET J 1486 114.36 -6.76 29.81
CA MET J 1486 114.58 -8.18 29.51
C MET J 1486 113.47 -9.04 30.11
N HIS J 1487 113.12 -8.79 31.37
CA HIS J 1487 112.08 -9.58 32.03
C HIS J 1487 110.76 -9.49 31.28
N GLU J 1488 110.33 -8.28 30.94
CA GLU J 1488 109.03 -8.10 30.29
C GLU J 1488 109.03 -8.71 28.89
N PHE J 1489 110.10 -8.48 28.14
CA PHE J 1489 110.23 -9.06 26.81
C PHE J 1489 110.13 -10.58 26.86
N LEU J 1490 110.91 -11.19 27.75
CA LEU J 1490 110.89 -12.64 27.89
C LEU J 1490 109.49 -13.10 28.28
N LYS J 1491 108.79 -12.32 29.10
CA LYS J 1491 107.47 -12.76 29.53
C LYS J 1491 106.48 -12.80 28.36
N GLU J 1492 106.35 -11.72 27.60
CA GLU J 1492 105.38 -11.79 26.49
C GLU J 1492 105.80 -12.82 25.46
N ARG J 1493 107.10 -12.90 25.16
CA ARG J 1493 107.51 -13.80 24.10
C ARG J 1493 107.39 -15.26 24.53
N THR J 1494 107.59 -15.55 25.82
CA THR J 1494 107.35 -16.90 26.30
C THR J 1494 105.87 -17.25 26.22
N GLU J 1495 105.00 -16.30 26.57
CA GLU J 1495 103.56 -16.54 26.40
C GLU J 1495 103.22 -16.80 24.94
N GLU J 1496 103.81 -16.02 24.03
CA GLU J 1496 103.54 -16.21 22.61
C GLU J 1496 104.01 -17.58 22.13
N VAL J 1497 105.21 -17.99 22.55
CA VAL J 1497 105.72 -19.31 22.15
C VAL J 1497 104.82 -20.40 22.69
N TYR J 1498 104.36 -20.26 23.94
CA TYR J 1498 103.49 -21.27 24.53
C TYR J 1498 102.18 -21.36 23.77
N ARG J 1499 101.58 -20.23 23.41
CA ARG J 1499 100.33 -20.27 22.66
C ARG J 1499 100.53 -20.85 21.26
N GLU J 1500 101.64 -20.48 20.61
CA GLU J 1500 101.92 -21.02 19.28
C GLU J 1500 102.07 -22.53 19.33
N SER J 1501 102.80 -23.04 20.32
CA SER J 1501 103.02 -24.48 20.40
C SER J 1501 101.76 -25.21 20.86
N LYS J 1502 100.93 -24.55 21.66
CA LYS J 1502 99.62 -25.12 21.96
C LYS J 1502 98.81 -25.27 20.68
N ARG J 1503 98.84 -24.25 19.82
CA ARG J 1503 98.13 -24.34 18.55
C ARG J 1503 98.71 -25.46 17.69
N GLN J 1504 100.03 -25.65 17.72
CA GLN J 1504 100.64 -26.72 16.94
C GLN J 1504 100.24 -28.10 17.46
N VAL J 1505 100.23 -28.28 18.79
CA VAL J 1505 99.79 -29.55 19.36
C VAL J 1505 98.32 -29.79 19.00
N SER J 1506 97.50 -28.75 19.10
CA SER J 1506 96.10 -28.87 18.74
C SER J 1506 95.94 -29.22 17.27
N ASP J 1507 96.77 -28.65 16.40
CA ASP J 1507 96.66 -28.92 14.97
C ASP J 1507 97.11 -30.34 14.64
N ALA J 1508 98.16 -30.82 15.32
CA ALA J 1508 98.58 -32.20 15.13
C ALA J 1508 97.50 -33.17 15.58
N LYS J 1509 96.87 -32.89 16.72
CA LYS J 1509 95.80 -33.75 17.19
C LYS J 1509 94.57 -33.67 16.28
N LYS J 1510 94.33 -32.49 15.71
CA LYS J 1510 93.27 -32.35 14.72
C LYS J 1510 93.58 -33.17 13.47
N GLN J 1511 94.85 -33.18 13.05
CA GLN J 1511 95.20 -33.85 11.82
C GLN J 1511 95.16 -35.37 11.97
N TRP J 1512 95.69 -35.89 13.07
CA TRP J 1512 95.82 -37.34 13.23
C TRP J 1512 94.69 -37.96 14.04
N GLY J 1513 94.08 -37.24 14.96
CA GLY J 1513 92.95 -37.76 15.71
C GLY J 1513 91.57 -37.38 15.18
N ASN J 1514 91.31 -36.08 15.06
CA ASN J 1514 89.94 -35.61 14.79
C ASN J 1514 89.60 -35.66 13.31
N SER J 1515 90.43 -35.03 12.48
CA SER J 1515 90.09 -34.72 11.10
C SER J 1515 91.08 -35.36 10.13
N PHE J 1516 91.47 -36.60 10.40
CA PHE J 1516 92.40 -37.30 9.52
C PHE J 1516 91.75 -37.75 8.22
N TYR J 1517 90.43 -37.61 8.08
CA TYR J 1517 89.71 -38.09 6.92
C TYR J 1517 89.22 -36.97 6.00
N LYS J 1518 89.66 -35.73 6.23
CA LYS J 1518 89.20 -34.62 5.40
C LYS J 1518 89.67 -34.77 3.96
N SER J 1519 90.93 -35.11 3.76
CA SER J 1519 91.49 -35.22 2.43
C SER J 1519 91.25 -36.60 1.81
N ASP J 1520 91.38 -37.66 2.59
CA ASP J 1520 91.32 -39.03 2.06
C ASP J 1520 89.96 -39.31 1.43
N PRO J 1521 89.90 -39.58 0.11
CA PRO J 1521 88.62 -39.99 -0.47
C PRO J 1521 88.25 -41.43 -0.20
N ARG J 1522 89.20 -42.25 0.28
CA ARG J 1522 88.91 -43.64 0.63
C ARG J 1522 88.34 -43.80 2.03
N ILE J 1523 88.20 -42.71 2.78
CA ILE J 1523 87.56 -42.72 4.09
C ILE J 1523 86.33 -41.83 3.98
N ALA J 1524 85.16 -42.42 4.14
CA ALA J 1524 83.94 -41.65 4.06
C ALA J 1524 83.83 -40.74 5.28
N PRO J 1525 83.03 -39.67 5.21
CA PRO J 1525 82.82 -38.84 6.40
C PRO J 1525 82.30 -39.63 7.59
N LEU J 1526 81.36 -40.55 7.35
CA LEU J 1526 80.80 -41.35 8.43
C LEU J 1526 81.84 -42.26 9.06
N ARG J 1527 82.53 -43.04 8.22
CA ARG J 1527 83.53 -43.97 8.73
C ARG J 1527 84.65 -43.21 9.44
N GLY J 1528 85.09 -42.10 8.87
CA GLY J 1528 86.18 -41.36 9.49
C GLY J 1528 85.78 -40.71 10.80
N ALA J 1529 84.54 -40.20 10.87
CA ALA J 1529 84.06 -39.62 12.12
C ALA J 1529 84.02 -40.67 13.22
N LEU J 1530 83.56 -41.88 12.90
CA LEU J 1530 83.58 -42.94 13.90
C LEU J 1530 85.01 -43.38 14.21
N ALA J 1531 85.85 -43.47 13.19
CA ALA J 1531 87.23 -43.92 13.38
C ALA J 1531 88.05 -42.94 14.18
N ALA J 1532 87.61 -41.68 14.28
CA ALA J 1532 88.23 -40.76 15.22
C ALA J 1532 88.16 -41.33 16.64
N PHE J 1533 86.98 -41.78 17.05
CA PHE J 1533 86.78 -42.42 18.35
C PHE J 1533 87.06 -43.92 18.30
N ASN J 1534 87.58 -44.42 17.18
CA ASN J 1534 87.97 -45.82 17.07
C ASN J 1534 86.75 -46.72 17.06
N LEU J 1535 85.67 -46.20 16.48
CA LEU J 1535 84.43 -46.94 16.31
C LEU J 1535 84.29 -47.31 14.84
N THR J 1536 83.90 -48.54 14.57
CA THR J 1536 83.75 -49.02 13.21
C THR J 1536 82.35 -48.66 12.68
N ILE J 1537 82.14 -48.96 11.40
CA ILE J 1537 80.82 -48.75 10.79
C ILE J 1537 79.77 -49.53 11.56
N ASP J 1538 80.15 -50.68 12.11
CA ASP J 1538 79.24 -51.53 12.88
C ASP J 1538 78.84 -50.94 14.21
N ASP J 1539 79.48 -49.85 14.66
CA ASP J 1539 79.27 -49.35 16.01
C ASP J 1539 78.12 -48.37 16.12
N ILE J 1540 77.43 -48.05 15.02
CA ILE J 1540 76.19 -47.29 15.07
C ILE J 1540 75.07 -48.29 15.36
N GLY J 1541 74.52 -48.25 16.57
CA GLY J 1541 73.52 -49.22 16.97
C GLY J 1541 72.11 -48.83 16.60
N VAL J 1542 71.83 -47.54 16.50
CA VAL J 1542 70.48 -47.02 16.32
C VAL J 1542 70.49 -45.97 15.22
N ALA J 1543 69.38 -45.89 14.51
CA ALA J 1543 69.15 -44.85 13.50
C ALA J 1543 67.83 -44.17 13.81
N SER J 1544 67.90 -42.92 14.24
CA SER J 1544 66.70 -42.13 14.48
C SER J 1544 66.21 -41.65 13.12
N PHE J 1545 65.26 -42.38 12.56
CA PHE J 1545 64.71 -42.05 11.26
C PHE J 1545 63.86 -40.80 11.35
N HIS J 1546 63.87 -40.02 10.27
CA HIS J 1546 62.85 -38.98 10.12
C HIS J 1546 61.47 -39.57 10.31
N GLY J 1547 61.17 -40.66 9.60
CA GLY J 1547 59.99 -41.46 9.82
C GLY J 1547 58.71 -40.67 9.92
N THR J 1548 58.31 -40.02 8.83
CA THR J 1548 57.20 -39.09 8.84
C THR J 1548 55.86 -39.77 8.60
N SER J 1549 55.81 -41.09 8.46
CA SER J 1549 54.57 -41.79 8.13
C SER J 1549 54.02 -41.36 6.79
N THR J 1550 54.92 -41.08 5.84
CA THR J 1550 54.56 -40.85 4.45
C THR J 1550 55.24 -41.90 3.59
N VAL J 1551 54.59 -42.26 2.48
CA VAL J 1551 55.06 -43.36 1.65
C VAL J 1551 56.47 -43.07 1.13
N ALA J 1552 56.62 -41.95 0.42
CA ALA J 1552 57.89 -41.64 -0.21
C ALA J 1552 58.98 -41.45 0.83
N ASN J 1553 58.68 -40.74 1.93
CA ASN J 1553 59.71 -40.47 2.92
C ASN J 1553 60.20 -41.75 3.57
N ASP J 1554 59.27 -42.60 4.03
CA ASP J 1554 59.69 -43.81 4.73
C ASP J 1554 60.45 -44.75 3.80
N LYS J 1555 59.94 -44.96 2.58
CA LYS J 1555 60.64 -45.84 1.65
C LYS J 1555 62.02 -45.29 1.32
N ASN J 1556 62.11 -43.99 1.01
CA ASN J 1556 63.37 -43.38 0.63
C ASN J 1556 64.37 -43.41 1.78
N GLU J 1557 63.91 -43.21 3.01
CA GLU J 1557 64.83 -43.17 4.13
C GLU J 1557 65.35 -44.55 4.49
N SER J 1558 64.47 -45.56 4.46
CA SER J 1558 64.95 -46.92 4.68
C SER J 1558 65.95 -47.30 3.61
N ALA J 1559 65.66 -46.96 2.34
CA ALA J 1559 66.60 -47.24 1.26
C ALA J 1559 67.91 -46.51 1.48
N THR J 1560 67.86 -45.24 1.90
CA THR J 1560 69.08 -44.47 2.07
C THR J 1560 69.95 -45.07 3.15
N ILE J 1561 69.38 -45.39 4.32
CA ILE J 1561 70.17 -45.96 5.40
C ILE J 1561 70.75 -47.30 4.98
N ASN J 1562 69.93 -48.14 4.32
CA ASN J 1562 70.44 -49.44 3.88
C ASN J 1562 71.60 -49.27 2.92
N ASN J 1563 71.52 -48.28 2.02
CA ASN J 1563 72.60 -48.08 1.06
C ASN J 1563 73.86 -47.53 1.72
N MET J 1564 73.71 -46.61 2.68
CA MET J 1564 74.89 -46.15 3.42
C MET J 1564 75.60 -47.32 4.08
N MET J 1565 74.85 -48.21 4.74
CA MET J 1565 75.51 -49.31 5.43
C MET J 1565 76.08 -50.33 4.45
N LYS J 1566 75.37 -50.60 3.35
CA LYS J 1566 75.86 -51.53 2.36
C LYS J 1566 77.16 -51.03 1.73
N HIS J 1567 77.25 -49.72 1.49
CA HIS J 1567 78.47 -49.18 0.90
C HIS J 1567 79.60 -49.13 1.92
N LEU J 1568 79.29 -48.77 3.17
CA LEU J 1568 80.32 -48.71 4.21
C LEU J 1568 80.67 -50.09 4.75
N GLY J 1569 80.12 -51.15 4.19
CA GLY J 1569 80.59 -52.48 4.55
C GLY J 1569 80.13 -52.91 5.92
N ARG J 1570 78.96 -52.44 6.34
CA ARG J 1570 78.34 -52.96 7.54
C ARG J 1570 78.20 -54.47 7.42
N SER J 1571 78.66 -55.19 8.44
CA SER J 1571 78.65 -56.64 8.37
C SER J 1571 77.23 -57.16 8.28
N GLU J 1572 77.03 -58.16 7.42
CA GLU J 1572 75.70 -58.71 7.22
C GLU J 1572 75.18 -59.32 8.51
N GLY J 1573 73.92 -59.03 8.83
CA GLY J 1573 73.35 -59.44 10.11
C GLY J 1573 73.54 -58.45 11.23
N ASN J 1574 73.91 -57.21 10.91
CA ASN J 1574 74.09 -56.15 11.91
C ASN J 1574 73.29 -54.92 11.49
N PRO J 1575 71.96 -55.03 11.48
CA PRO J 1575 71.14 -53.88 11.13
C PRO J 1575 71.14 -52.84 12.23
N VAL J 1576 70.90 -51.60 11.84
CA VAL J 1576 70.62 -50.53 12.79
C VAL J 1576 69.15 -50.57 13.15
N PHE J 1577 68.87 -50.41 14.44
CA PHE J 1577 67.50 -50.35 14.92
C PHE J 1577 66.96 -48.96 14.62
N GLY J 1578 65.82 -48.90 13.93
CA GLY J 1578 65.25 -47.63 13.53
C GLY J 1578 64.29 -47.12 14.58
N VAL J 1579 64.44 -45.85 14.94
CA VAL J 1579 63.54 -45.17 15.87
C VAL J 1579 62.71 -44.18 15.07
N PHE J 1580 61.42 -44.13 15.36
CA PHE J 1580 60.44 -43.41 14.58
C PHE J 1580 59.57 -42.54 15.47
N GLN J 1581 60.24 -41.72 16.29
CA GLN J 1581 59.62 -40.86 17.31
C GLN J 1581 58.36 -40.15 16.85
N LYS J 1582 58.25 -39.86 15.56
CA LYS J 1582 57.10 -39.11 15.07
C LYS J 1582 55.80 -39.87 15.25
N TYR J 1583 55.86 -41.20 15.40
CA TYR J 1583 54.65 -41.95 15.74
C TYR J 1583 54.02 -41.41 17.02
N LEU J 1584 54.84 -40.95 17.96
CA LEU J 1584 54.40 -40.50 19.27
C LEU J 1584 54.28 -38.99 19.35
N THR J 1585 55.24 -38.27 18.78
CA THR J 1585 55.31 -36.83 18.93
C THR J 1585 54.78 -36.06 17.72
N GLY J 1586 54.36 -36.75 16.66
CA GLY J 1586 54.01 -36.04 15.44
C GLY J 1586 55.24 -35.44 14.81
N HIS J 1587 55.00 -34.70 13.72
CA HIS J 1587 56.06 -34.09 12.92
C HIS J 1587 56.00 -32.58 13.10
N PRO J 1588 56.85 -31.97 13.96
CA PRO J 1588 56.80 -30.52 14.18
C PRO J 1588 57.66 -29.73 13.20
N LYS J 1589 57.71 -30.16 11.95
CA LYS J 1589 58.52 -29.49 10.94
C LYS J 1589 59.95 -29.24 11.44
N GLY J 1590 60.23 -28.03 11.93
CA GLY J 1590 61.60 -27.67 12.24
C GLY J 1590 62.11 -28.23 13.56
N ALA J 1591 61.21 -28.45 14.53
CA ALA J 1591 61.62 -29.07 15.78
C ALA J 1591 61.85 -30.57 15.64
N ALA J 1592 61.61 -31.14 14.44
CA ALA J 1592 61.69 -32.58 14.28
C ALA J 1592 63.08 -33.09 14.60
N GLY J 1593 64.09 -32.55 13.92
CA GLY J 1593 65.45 -33.03 14.14
C GLY J 1593 65.92 -32.81 15.56
N ALA J 1594 65.42 -31.75 16.21
CA ALA J 1594 65.79 -31.50 17.59
C ALA J 1594 65.21 -32.56 18.51
N TRP J 1595 63.93 -32.91 18.32
CA TRP J 1595 63.33 -33.96 19.13
C TRP J 1595 64.03 -35.29 18.90
N MET J 1596 64.31 -35.63 17.65
CA MET J 1596 65.01 -36.88 17.36
C MET J 1596 66.44 -36.87 17.90
N LEU J 1597 67.09 -35.70 17.95
CA LEU J 1597 68.43 -35.64 18.51
C LEU J 1597 68.40 -35.79 20.03
N ASN J 1598 67.41 -35.18 20.69
CA ASN J 1598 67.24 -35.40 22.11
C ASN J 1598 66.97 -36.87 22.41
N GLY J 1599 66.11 -37.50 21.60
CA GLY J 1599 65.85 -38.91 21.76
C GLY J 1599 67.10 -39.76 21.53
N ALA J 1600 67.93 -39.39 20.55
CA ALA J 1600 69.16 -40.12 20.30
C ALA J 1600 70.12 -40.00 21.48
N ILE J 1601 70.23 -38.81 22.06
CA ILE J 1601 71.09 -38.63 23.23
C ILE J 1601 70.57 -39.47 24.40
N GLN J 1602 69.26 -39.48 24.60
CA GLN J 1602 68.68 -40.30 25.66
C GLN J 1602 68.88 -41.79 25.41
N ILE J 1603 68.79 -42.21 24.15
CA ILE J 1603 69.07 -43.61 23.80
C ILE J 1603 70.51 -43.96 24.11
N LEU J 1604 71.44 -43.05 23.78
CA LEU J 1604 72.83 -43.29 24.13
C LEU J 1604 72.99 -43.45 25.62
N GLU J 1605 72.30 -42.61 26.39
CA GLU J 1605 72.55 -42.58 27.83
C GLU J 1605 71.98 -43.83 28.50
N SER J 1606 70.76 -44.20 28.13
CA SER J 1606 70.07 -45.32 28.76
C SER J 1606 70.44 -46.67 28.18
N GLY J 1607 70.91 -46.72 26.94
CA GLY J 1607 71.08 -47.98 26.26
C GLY J 1607 69.80 -48.57 25.72
N LEU J 1608 68.69 -47.87 25.87
CA LEU J 1608 67.37 -48.37 25.51
C LEU J 1608 66.98 -47.85 24.13
N VAL J 1609 66.53 -48.76 23.26
CA VAL J 1609 66.06 -48.41 21.94
C VAL J 1609 64.54 -48.43 21.95
N PRO J 1610 63.85 -47.29 21.87
CA PRO J 1610 62.38 -47.33 21.83
C PRO J 1610 61.89 -48.00 20.55
N GLY J 1611 60.66 -48.50 20.61
CA GLY J 1611 60.03 -49.14 19.48
C GLY J 1611 58.84 -48.34 19.00
N ASN J 1612 58.62 -48.40 17.69
CA ASN J 1612 57.48 -47.71 17.08
C ASN J 1612 56.21 -48.45 17.48
N ARG J 1613 55.57 -48.00 18.57
CA ARG J 1613 54.41 -48.72 19.09
C ARG J 1613 53.23 -48.69 18.14
N ASN J 1614 53.25 -47.83 17.13
CA ASN J 1614 52.22 -47.82 16.10
C ASN J 1614 52.61 -48.64 14.88
N ALA J 1615 53.72 -49.38 14.93
CA ALA J 1615 54.16 -50.21 13.82
C ALA J 1615 53.29 -51.47 13.80
N ASP J 1616 52.07 -51.32 13.29
CA ASP J 1616 51.17 -52.46 13.22
C ASP J 1616 51.69 -53.51 12.26
N ASN J 1617 52.20 -53.09 11.10
CA ASN J 1617 52.70 -54.03 10.09
C ASN J 1617 53.72 -53.29 9.23
N VAL J 1618 55.00 -53.58 9.44
CA VAL J 1618 56.05 -52.92 8.67
C VAL J 1618 55.89 -53.31 7.20
N ASP J 1619 55.99 -52.31 6.32
CA ASP J 1619 55.72 -52.51 4.90
C ASP J 1619 56.60 -53.60 4.33
N LYS J 1620 56.00 -54.47 3.50
CA LYS J 1620 56.76 -55.56 2.90
C LYS J 1620 57.87 -55.02 2.01
N LEU J 1621 57.71 -53.82 1.47
CA LEU J 1621 58.77 -53.21 0.68
C LEU J 1621 59.99 -52.86 1.53
N LEU J 1622 59.87 -52.88 2.85
CA LEU J 1622 61.00 -52.64 3.73
C LEU J 1622 61.74 -53.90 4.12
N GLU J 1623 61.32 -55.07 3.64
CA GLU J 1623 62.08 -56.29 3.93
C GLU J 1623 63.40 -56.32 3.19
N GLN J 1624 63.45 -55.76 1.99
CA GLN J 1624 64.68 -55.76 1.21
C GLN J 1624 65.81 -55.00 1.90
N TYR J 1625 65.49 -54.12 2.83
CA TYR J 1625 66.50 -53.35 3.57
C TYR J 1625 66.99 -54.20 4.74
N GLU J 1626 67.95 -55.07 4.43
CA GLU J 1626 68.53 -55.97 5.42
C GLU J 1626 69.26 -55.23 6.53
N TYR J 1627 69.74 -54.02 6.27
CA TYR J 1627 70.56 -53.30 7.23
C TYR J 1627 69.73 -52.44 8.19
N VAL J 1628 68.41 -52.51 8.11
CA VAL J 1628 67.52 -51.77 9.00
C VAL J 1628 66.60 -52.76 9.69
N LEU J 1629 66.51 -52.66 11.01
CA LEU J 1629 65.50 -53.33 11.82
C LEU J 1629 64.50 -52.29 12.28
N TYR J 1630 63.24 -52.70 12.46
CA TYR J 1630 62.14 -51.79 12.77
C TYR J 1630 61.43 -52.26 14.03
N PRO J 1631 61.99 -51.99 15.21
CA PRO J 1631 61.33 -52.43 16.44
C PRO J 1631 60.00 -51.73 16.66
N SER J 1632 59.05 -52.51 17.17
CA SER J 1632 57.76 -51.99 17.63
C SER J 1632 57.65 -51.94 19.15
N ARG J 1633 58.66 -52.42 19.88
CA ARG J 1633 58.67 -52.41 21.33
C ARG J 1633 60.05 -52.00 21.81
N SER J 1634 60.11 -51.37 22.98
CA SER J 1634 61.38 -50.92 23.51
C SER J 1634 62.27 -52.10 23.88
N ILE J 1635 63.54 -52.02 23.50
CA ILE J 1635 64.53 -53.05 23.77
C ILE J 1635 65.66 -52.43 24.59
N GLN J 1636 65.86 -52.95 25.79
CA GLN J 1636 66.94 -52.50 26.66
C GLN J 1636 68.21 -53.26 26.29
N THR J 1637 69.16 -52.57 25.66
CA THR J 1637 70.42 -53.16 25.25
C THR J 1637 71.49 -52.93 26.31
N ASP J 1638 72.64 -53.55 26.09
CA ASP J 1638 73.78 -53.39 26.99
C ASP J 1638 74.57 -52.12 26.71
N GLY J 1639 74.19 -51.35 25.70
CA GLY J 1639 74.82 -50.07 25.42
C GLY J 1639 74.81 -49.72 23.95
N ILE J 1640 74.43 -48.47 23.65
CA ILE J 1640 74.46 -47.93 22.30
C ILE J 1640 75.66 -47.01 22.20
N LYS J 1641 76.55 -47.30 21.25
CA LYS J 1641 77.79 -46.55 21.09
C LYS J 1641 77.60 -45.30 20.24
N ALA J 1642 76.76 -45.39 19.21
CA ALA J 1642 76.48 -44.25 18.35
C ALA J 1642 75.07 -44.35 17.80
N VAL J 1643 74.52 -43.20 17.42
CA VAL J 1643 73.17 -43.08 16.88
C VAL J 1643 73.22 -42.17 15.66
N SER J 1644 72.46 -42.53 14.62
CA SER J 1644 72.44 -41.78 13.37
C SER J 1644 71.06 -41.14 13.16
N VAL J 1645 70.98 -39.83 13.34
CA VAL J 1645 69.74 -39.08 13.23
C VAL J 1645 69.64 -38.54 11.81
N THR J 1646 68.58 -38.92 11.10
CA THR J 1646 68.39 -38.55 9.70
C THR J 1646 67.11 -37.74 9.53
N SER J 1647 67.24 -36.54 8.98
CA SER J 1647 66.11 -35.67 8.69
C SER J 1647 66.07 -35.39 7.20
N PHE J 1648 64.87 -35.35 6.64
CA PHE J 1648 64.64 -35.09 5.22
C PHE J 1648 63.58 -34.00 5.13
N GLY J 1649 63.96 -32.82 4.67
CA GLY J 1649 63.07 -31.69 4.64
C GLY J 1649 62.76 -31.17 3.26
N PHE J 1650 61.67 -30.41 3.19
CA PHE J 1650 61.18 -29.89 1.94
C PHE J 1650 62.23 -28.99 1.30
N GLY J 1651 62.39 -29.13 -0.01
CA GLY J 1651 63.43 -28.42 -0.71
C GLY J 1651 64.74 -29.17 -0.76
N GLN J 1652 64.68 -30.49 -0.72
CA GLN J 1652 65.89 -31.32 -0.78
C GLN J 1652 66.82 -31.03 0.40
N LYS J 1653 66.27 -30.96 1.60
CA LYS J 1653 67.06 -30.68 2.80
C LYS J 1653 67.35 -32.00 3.49
N GLY J 1654 68.23 -32.80 2.87
CA GLY J 1654 68.71 -34.01 3.51
C GLY J 1654 69.73 -33.60 4.55
N ALA J 1655 69.68 -34.24 5.71
CA ALA J 1655 70.59 -33.90 6.79
C ALA J 1655 70.80 -35.14 7.65
N GLN J 1656 72.06 -35.34 8.04
CA GLN J 1656 72.43 -36.47 8.88
C GLN J 1656 73.29 -35.97 10.03
N ALA J 1657 73.12 -36.58 11.19
CA ALA J 1657 73.95 -36.32 12.35
C ALA J 1657 74.32 -37.65 12.97
N VAL J 1658 75.51 -37.72 13.55
CA VAL J 1658 75.98 -38.90 14.27
C VAL J 1658 76.33 -38.47 15.68
N VAL J 1659 75.82 -39.22 16.65
CA VAL J 1659 75.90 -38.89 18.05
C VAL J 1659 76.60 -40.05 18.74
N VAL J 1660 77.78 -39.79 19.28
CA VAL J 1660 78.63 -40.82 19.88
C VAL J 1660 78.55 -40.72 21.39
N HIS J 1661 78.67 -41.87 22.05
CA HIS J 1661 78.55 -41.89 23.51
C HIS J 1661 79.69 -41.08 24.14
N PRO J 1662 79.42 -40.32 25.20
CA PRO J 1662 80.49 -39.50 25.78
C PRO J 1662 81.60 -40.30 26.45
N ASP J 1663 81.43 -41.61 26.62
CA ASP J 1663 82.51 -42.42 27.15
C ASP J 1663 83.73 -42.37 26.25
N TYR J 1664 83.51 -42.31 24.93
CA TYR J 1664 84.63 -42.30 24.01
C TYR J 1664 85.31 -40.94 23.97
N LEU J 1665 84.60 -39.89 24.38
CA LEU J 1665 85.28 -38.63 24.68
C LEU J 1665 86.11 -38.75 25.94
N PHE J 1666 85.52 -39.26 27.02
CA PHE J 1666 86.24 -39.35 28.28
C PHE J 1666 87.45 -40.26 28.19
N ALA J 1667 87.46 -41.17 27.22
CA ALA J 1667 88.62 -42.05 27.04
C ALA J 1667 89.86 -41.30 26.57
N VAL J 1668 89.71 -40.13 25.94
CA VAL J 1668 90.89 -39.40 25.45
C VAL J 1668 91.55 -38.56 26.54
N LEU J 1669 90.96 -38.48 27.73
CA LEU J 1669 91.51 -37.70 28.83
C LEU J 1669 92.43 -38.57 29.68
N ASP J 1670 93.34 -37.90 30.38
CA ASP J 1670 94.13 -38.59 31.40
C ASP J 1670 93.29 -38.73 32.67
N ARG J 1671 93.83 -39.48 33.63
CA ARG J 1671 93.09 -39.77 34.85
C ARG J 1671 92.73 -38.49 35.60
N SER J 1672 93.73 -37.65 35.88
CA SER J 1672 93.51 -36.48 36.74
C SER J 1672 92.48 -35.53 36.15
N THR J 1673 92.56 -35.28 34.84
CA THR J 1673 91.59 -34.42 34.18
C THR J 1673 90.17 -34.97 34.36
N TYR J 1674 90.01 -36.27 34.17
CA TYR J 1674 88.67 -36.85 34.28
C TYR J 1674 88.14 -36.78 35.70
N GLU J 1675 88.99 -37.08 36.70
CA GLU J 1675 88.51 -37.01 38.08
C GLU J 1675 88.14 -35.59 38.47
N GLU J 1676 88.96 -34.61 38.07
CA GLU J 1676 88.62 -33.22 38.37
C GLU J 1676 87.31 -32.82 37.72
N TYR J 1677 87.13 -33.20 36.45
CA TYR J 1677 85.88 -32.92 35.75
C TYR J 1677 84.70 -33.58 36.45
N ALA J 1678 84.87 -34.82 36.90
CA ALA J 1678 83.78 -35.52 37.56
C ALA J 1678 83.39 -34.83 38.87
N THR J 1679 84.37 -34.38 39.64
CA THR J 1679 84.07 -33.63 40.85
C THR J 1679 83.30 -32.35 40.53
N LYS J 1680 83.76 -31.62 39.51
CA LYS J 1680 83.07 -30.39 39.13
C LYS J 1680 81.63 -30.67 38.70
N VAL J 1681 81.43 -31.76 37.95
CA VAL J 1681 80.08 -32.09 37.50
C VAL J 1681 79.20 -32.49 38.67
N SER J 1682 79.76 -33.19 39.66
CA SER J 1682 78.96 -33.52 40.84
C SER J 1682 78.51 -32.27 41.56
N ALA J 1683 79.43 -31.32 41.77
CA ALA J 1683 79.05 -30.08 42.43
C ALA J 1683 78.00 -29.32 41.63
N ARG J 1684 78.22 -29.21 40.30
CA ARG J 1684 77.26 -28.54 39.45
C ARG J 1684 75.92 -29.25 39.44
N ASN J 1685 75.93 -30.57 39.53
CA ASN J 1685 74.69 -31.33 39.54
C ASN J 1685 73.88 -31.04 40.79
N LYS J 1686 74.55 -30.98 41.94
CA LYS J 1686 73.84 -30.60 43.16
C LYS J 1686 73.29 -29.19 43.07
N LYS J 1687 74.08 -28.26 42.53
CA LYS J 1687 73.61 -26.88 42.39
C LYS J 1687 72.40 -26.80 41.45
N THR J 1688 72.46 -27.52 40.33
CA THR J 1688 71.36 -27.54 39.38
C THR J 1688 70.14 -28.23 39.96
N TYR J 1689 70.34 -29.27 40.76
CA TYR J 1689 69.23 -29.94 41.42
C TYR J 1689 68.49 -28.98 42.35
N ARG J 1690 69.25 -28.22 43.15
CA ARG J 1690 68.63 -27.23 44.03
C ARG J 1690 67.86 -26.19 43.21
N TYR J 1691 68.50 -25.64 42.19
CA TYR J 1691 67.84 -24.66 41.33
C TYR J 1691 66.59 -25.24 40.70
N MET J 1692 66.65 -26.51 40.29
CA MET J 1692 65.56 -27.13 39.56
C MET J 1692 64.34 -27.29 40.45
N HIS J 1693 64.56 -27.81 41.66
CA HIS J 1693 63.45 -27.94 42.61
C HIS J 1693 62.87 -26.58 42.98
N ASN J 1694 63.74 -25.59 43.22
CA ASN J 1694 63.24 -24.25 43.54
C ASN J 1694 62.40 -23.69 42.40
N ALA J 1695 62.87 -23.87 41.15
CA ALA J 1695 62.17 -23.35 39.99
C ALA J 1695 60.82 -24.01 39.82
N ILE J 1696 60.75 -25.33 40.00
CA ILE J 1696 59.47 -26.02 39.85
C ILE J 1696 58.51 -25.57 40.96
N THR J 1697 59.00 -25.41 42.18
CA THR J 1697 58.11 -25.05 43.27
C THR J 1697 57.66 -23.60 43.20
N ARG J 1698 58.44 -22.70 42.58
CA ARG J 1698 58.15 -21.27 42.60
C ARG J 1698 57.81 -20.67 41.24
N ASN J 1699 57.75 -21.47 40.18
CA ASN J 1699 57.49 -20.96 38.83
C ASN J 1699 58.51 -19.88 38.44
N THR J 1700 59.76 -20.07 38.84
CA THR J 1700 60.86 -19.16 38.52
C THR J 1700 61.91 -19.87 37.67
N MET J 1701 61.46 -20.74 36.77
CA MET J 1701 62.38 -21.44 35.89
C MET J 1701 63.13 -20.44 35.00
N PHE J 1702 62.37 -19.59 34.32
CA PHE J 1702 62.88 -18.56 33.43
C PHE J 1702 63.08 -17.28 34.23
N VAL J 1703 64.33 -16.85 34.36
CA VAL J 1703 64.66 -15.57 34.98
C VAL J 1703 65.10 -14.66 33.85
N ALA J 1704 64.20 -13.80 33.38
CA ALA J 1704 64.56 -12.82 32.37
C ALA J 1704 65.68 -11.92 32.91
N LYS J 1705 66.67 -11.67 32.05
CA LYS J 1705 67.76 -10.78 32.40
C LYS J 1705 67.34 -9.35 32.10
N ASP J 1706 67.30 -8.52 33.13
CA ASP J 1706 66.96 -7.11 32.92
C ASP J 1706 68.14 -6.32 32.36
N LYS J 1707 69.36 -6.64 32.77
CA LYS J 1707 70.54 -5.89 32.37
C LYS J 1707 71.62 -6.85 31.88
N ALA J 1708 72.46 -6.35 30.98
CA ALA J 1708 73.57 -7.11 30.47
C ALA J 1708 74.64 -7.27 31.55
N PRO J 1709 75.56 -8.23 31.40
CA PRO J 1709 76.65 -8.35 32.38
C PRO J 1709 77.56 -7.14 32.43
N TYR J 1710 77.54 -6.29 31.42
CA TYR J 1710 78.37 -5.09 31.34
C TYR J 1710 77.47 -3.86 31.34
N SER J 1711 77.97 -2.78 31.94
CA SER J 1711 77.27 -1.51 31.92
C SER J 1711 77.40 -0.87 30.54
N ASP J 1712 76.67 0.23 30.34
CA ASP J 1712 76.78 0.95 29.08
C ASP J 1712 78.18 1.51 28.86
N GLU J 1713 78.89 1.81 29.95
CA GLU J 1713 80.25 2.33 29.82
C GLU J 1713 81.24 1.23 29.48
N LEU J 1714 81.03 0.02 29.99
CA LEU J 1714 81.94 -1.11 29.76
C LEU J 1714 81.46 -2.02 28.64
N GLU J 1715 80.40 -1.64 27.92
CA GLU J 1715 79.90 -2.47 26.83
C GLU J 1715 80.95 -2.66 25.75
N GLN J 1716 81.36 -1.57 25.11
CA GLN J 1716 82.33 -1.67 24.02
C GLN J 1716 83.72 -2.07 24.48
N PRO J 1717 84.25 -1.57 25.61
CA PRO J 1717 85.54 -2.09 26.08
C PRO J 1717 85.56 -3.60 26.28
N VAL J 1718 84.45 -4.18 26.75
CA VAL J 1718 84.36 -5.63 26.84
C VAL J 1718 84.26 -6.27 25.47
N TYR J 1719 83.51 -5.64 24.55
CA TYR J 1719 83.44 -6.15 23.19
C TYR J 1719 84.81 -6.25 22.55
N LEU J 1720 85.69 -5.28 22.84
CA LEU J 1720 86.96 -5.19 22.16
C LEU J 1720 88.10 -5.90 22.90
N ASP J 1721 87.81 -6.59 24.00
CA ASP J 1721 88.82 -7.35 24.74
C ASP J 1721 88.45 -8.83 24.72
N PRO J 1722 89.13 -9.69 23.96
CA PRO J 1722 88.76 -11.11 23.96
C PRO J 1722 88.99 -11.81 25.29
N LEU J 1723 89.83 -11.25 26.17
CA LEU J 1723 90.14 -11.84 27.46
C LEU J 1723 89.28 -11.29 28.59
N ALA J 1724 88.30 -10.45 28.29
CA ALA J 1724 87.46 -9.87 29.33
C ALA J 1724 86.50 -10.93 29.84
N ARG J 1725 86.63 -11.30 31.12
CA ARG J 1725 85.82 -12.33 31.73
C ARG J 1725 84.98 -11.73 32.86
N VAL J 1726 83.74 -12.19 32.96
CA VAL J 1726 82.85 -11.76 34.02
C VAL J 1726 83.37 -12.24 35.37
N GLU J 1727 83.12 -11.44 36.42
CA GLU J 1727 83.44 -11.82 37.78
C GLU J 1727 82.18 -11.71 38.64
N GLU J 1728 82.19 -12.41 39.77
CA GLU J 1728 81.08 -12.37 40.70
C GLU J 1728 81.15 -11.11 41.56
N ASN J 1729 79.99 -10.52 41.81
CA ASN J 1729 79.89 -9.32 42.63
C ASN J 1729 78.47 -9.24 43.15
N LYS J 1730 78.33 -9.28 44.47
CA LYS J 1730 77.01 -9.28 45.12
C LYS J 1730 76.15 -10.44 44.61
N LYS J 1731 76.80 -11.58 44.37
CA LYS J 1731 76.19 -12.80 43.87
C LYS J 1731 75.74 -12.70 42.41
N LYS J 1732 76.02 -11.60 41.72
CA LYS J 1732 75.67 -11.42 40.32
C LYS J 1732 76.93 -11.44 39.48
N LEU J 1733 76.88 -12.16 38.36
CA LEU J 1733 78.00 -12.26 37.44
C LEU J 1733 77.98 -11.04 36.52
N VAL J 1734 78.93 -10.12 36.70
CA VAL J 1734 78.96 -8.87 35.96
C VAL J 1734 80.38 -8.61 35.44
N PHE J 1735 80.47 -7.79 34.41
CA PHE J 1735 81.76 -7.32 33.90
C PHE J 1735 82.22 -6.10 34.69
N SER J 1736 83.51 -6.06 35.02
CA SER J 1736 84.11 -4.94 35.74
C SER J 1736 85.33 -4.45 34.99
N ASP J 1737 85.61 -3.16 35.14
CA ASP J 1737 86.72 -2.54 34.41
C ASP J 1737 88.07 -3.12 34.81
N LYS J 1738 88.15 -3.83 35.94
CA LYS J 1738 89.43 -4.40 36.36
C LYS J 1738 89.95 -5.42 35.36
N THR J 1739 89.06 -6.13 34.68
CA THR J 1739 89.45 -7.19 33.76
C THR J 1739 89.51 -6.75 32.30
N ILE J 1740 89.31 -5.46 32.02
CA ILE J 1740 89.27 -4.96 30.65
C ILE J 1740 90.65 -4.42 30.30
N GLN J 1741 91.28 -5.02 29.30
CA GLN J 1741 92.66 -4.71 28.93
C GLN J 1741 93.57 -4.84 30.14
N SER J 1742 93.30 -5.84 30.98
CA SER J 1742 94.05 -6.04 32.20
C SER J 1742 95.49 -6.44 31.89
N ASN J 1743 96.40 -6.06 32.79
CA ASN J 1743 97.82 -6.34 32.59
C ASN J 1743 98.19 -7.78 32.90
N GLN J 1744 97.33 -8.52 33.60
CA GLN J 1744 97.62 -9.88 34.03
C GLN J 1744 96.70 -10.91 33.39
N SER J 1745 95.82 -10.50 32.47
CA SER J 1745 94.85 -11.41 31.89
C SER J 1745 95.36 -12.15 30.66
N TYR J 1746 96.51 -11.77 30.11
CA TYR J 1746 97.08 -12.42 28.93
C TYR J 1746 98.21 -13.38 29.28
N VAL J 1747 99.20 -12.93 30.04
CA VAL J 1747 100.28 -13.80 30.48
C VAL J 1747 99.97 -14.37 31.85
N THR K 3 -10.65 18.28 118.27
CA THR K 3 -10.41 17.23 117.30
C THR K 3 -11.20 17.49 116.02
N HIS K 4 -10.87 18.58 115.34
CA HIS K 4 -11.56 18.93 114.11
C HIS K 4 -11.10 18.00 112.99
N ARG K 5 -11.62 18.22 111.78
CA ARG K 5 -11.29 17.40 110.63
C ARG K 5 -11.47 18.21 109.35
N PRO K 6 -10.78 17.83 108.27
CA PRO K 6 -10.95 18.57 107.02
C PRO K 6 -12.14 18.06 106.24
N PHE K 7 -13.02 18.99 105.87
CA PHE K 7 -14.26 18.68 105.17
C PHE K 7 -14.32 19.54 103.92
N GLN K 8 -14.41 18.92 102.76
CA GLN K 8 -14.23 19.59 101.48
C GLN K 8 -15.49 19.50 100.63
N LEU K 9 -15.81 20.59 99.94
CA LEU K 9 -16.91 20.66 98.98
C LEU K 9 -16.34 21.13 97.65
N THR K 10 -16.71 20.45 96.58
CA THR K 10 -16.16 20.74 95.26
C THR K 10 -17.27 20.79 94.22
N HIS K 11 -17.06 21.63 93.20
CA HIS K 11 -17.92 21.70 92.02
C HIS K 11 -16.98 22.02 90.85
N GLY K 12 -16.55 20.98 90.15
CA GLY K 12 -15.54 21.17 89.11
C GLY K 12 -14.26 21.69 89.72
N SER K 13 -13.74 22.78 89.16
CA SER K 13 -12.54 23.40 89.73
C SER K 13 -12.80 24.02 91.10
N ILE K 14 -14.06 24.25 91.44
CA ILE K 14 -14.38 24.81 92.76
C ILE K 14 -13.96 23.83 93.83
N GLU K 15 -13.38 24.34 94.91
CA GLU K 15 -12.94 23.51 96.03
C GLU K 15 -12.79 24.39 97.26
N HIS K 16 -13.59 24.11 98.29
CA HIS K 16 -13.49 24.79 99.56
C HIS K 16 -13.40 23.76 100.67
N THR K 17 -12.35 23.87 101.48
CA THR K 17 -12.12 22.97 102.61
C THR K 17 -12.23 23.75 103.91
N LEU K 18 -12.92 23.18 104.89
CA LEU K 18 -13.15 23.81 106.17
C LEU K 18 -12.91 22.80 107.28
N LEU K 19 -12.50 23.31 108.45
CA LEU K 19 -12.33 22.49 109.64
C LEU K 19 -13.69 22.35 110.32
N VAL K 20 -14.10 21.12 110.59
CA VAL K 20 -15.39 20.85 111.20
C VAL K 20 -15.18 19.90 112.37
N PRO K 21 -16.09 19.90 113.36
CA PRO K 21 -15.95 18.95 114.47
C PRO K 21 -16.03 17.51 113.99
N ASN K 22 -15.23 16.66 114.64
CA ASN K 22 -15.20 15.25 114.27
C ASN K 22 -16.55 14.58 114.48
N ASP K 23 -17.21 14.88 115.60
CA ASP K 23 -18.50 14.26 115.88
C ASP K 23 -19.54 14.63 114.84
N LEU K 24 -19.54 15.90 114.42
CA LEU K 24 -20.53 16.42 113.48
C LEU K 24 -20.11 16.23 112.02
N PHE K 25 -18.93 15.65 111.78
CA PHE K 25 -18.48 15.36 110.43
C PHE K 25 -19.47 14.48 109.68
N PHE K 26 -20.16 13.56 110.36
CA PHE K 26 -21.13 12.71 109.68
C PHE K 26 -22.28 13.55 109.13
N ASN K 27 -22.80 14.47 109.93
CA ASN K 27 -23.83 15.38 109.46
C ASN K 27 -23.31 16.19 108.27
N TYR K 28 -22.08 16.68 108.37
CA TYR K 28 -21.52 17.45 107.26
C TYR K 28 -21.44 16.61 105.99
N SER K 29 -21.04 15.34 106.12
CA SER K 29 -20.88 14.49 104.96
C SER K 29 -22.21 14.23 104.27
N GLN K 30 -23.25 13.92 105.06
CA GLN K 30 -24.56 13.67 104.45
C GLN K 30 -25.10 14.92 103.79
N LEU K 31 -24.91 16.08 104.43
CA LEU K 31 -25.37 17.32 103.83
C LEU K 31 -24.61 17.63 102.55
N LYS K 32 -23.31 17.29 102.51
CA LYS K 32 -22.53 17.45 101.29
C LYS K 32 -23.08 16.55 100.19
N ASP K 33 -23.43 15.30 100.53
CA ASP K 33 -23.98 14.40 99.53
C ASP K 33 -25.28 14.96 98.95
N GLU K 34 -26.16 15.46 99.82
CA GLU K 34 -27.40 16.06 99.33
C GLU K 34 -27.12 17.29 98.47
N PHE K 35 -26.17 18.12 98.89
CA PHE K 35 -25.68 19.21 98.05
C PHE K 35 -25.35 18.74 96.64
N ILE K 36 -24.41 17.81 96.52
CA ILE K 36 -23.93 17.44 95.20
C ILE K 36 -25.02 16.75 94.40
N LYS K 37 -26.01 16.17 95.09
CA LYS K 37 -27.20 15.69 94.39
C LYS K 37 -27.98 16.85 93.78
N THR K 38 -28.20 17.92 94.54
CA THR K 38 -29.02 19.03 94.01
C THR K 38 -28.24 19.95 93.06
N LEU K 39 -26.91 19.87 93.03
CA LEU K 39 -26.13 20.75 92.18
C LEU K 39 -26.30 20.37 90.72
N PRO K 40 -26.36 21.34 89.77
CA PRO K 40 -26.31 20.94 88.34
C PRO K 40 -25.01 20.24 88.00
N GLU K 41 -24.97 19.59 86.85
CA GLU K 41 -23.74 18.95 86.39
C GLU K 41 -22.69 20.04 86.14
N PRO K 42 -21.46 19.87 86.63
CA PRO K 42 -20.45 20.92 86.39
C PRO K 42 -20.19 21.12 84.90
N THR K 43 -19.96 22.39 84.53
CA THR K 43 -19.69 22.77 83.15
C THR K 43 -18.49 23.70 83.11
N GLU K 44 -17.79 23.68 81.99
CA GLU K 44 -16.66 24.58 81.80
C GLU K 44 -17.14 26.02 81.87
N GLY K 45 -16.45 26.85 82.66
CA GLY K 45 -16.82 28.23 82.86
C GLY K 45 -17.83 28.46 83.97
N PHE K 46 -18.49 27.41 84.45
CA PHE K 46 -19.47 27.53 85.53
C PHE K 46 -20.60 28.48 85.14
N ALA K 47 -21.04 28.40 83.89
CA ALA K 47 -22.06 29.29 83.36
C ALA K 47 -23.47 28.88 83.75
N GLY K 48 -23.66 27.72 84.36
CA GLY K 48 -24.98 27.27 84.78
C GLY K 48 -25.64 28.25 85.72
N ASP K 49 -26.97 28.38 85.63
CA ASP K 49 -27.67 29.39 86.42
C ASP K 49 -27.49 29.15 87.92
N ASP K 50 -27.60 27.89 88.34
CA ASP K 50 -27.42 27.52 89.74
C ASP K 50 -26.01 27.02 90.04
N GLU K 51 -25.08 27.16 89.10
CA GLU K 51 -23.72 26.67 89.31
C GLU K 51 -22.89 27.74 90.00
N PRO K 52 -22.36 27.48 91.21
CA PRO K 52 -21.44 28.45 91.81
C PRO K 52 -20.20 28.65 90.96
N SER K 53 -19.65 29.86 91.04
CA SER K 53 -18.46 30.25 90.30
C SER K 53 -17.28 30.57 91.19
N SER K 54 -17.41 30.47 92.51
CA SER K 54 -16.32 30.74 93.43
C SER K 54 -16.48 29.86 94.65
N PRO K 55 -15.39 29.64 95.41
CA PRO K 55 -15.55 28.94 96.69
C PRO K 55 -16.48 29.65 97.64
N ALA K 56 -16.49 30.99 97.62
CA ALA K 56 -17.43 31.74 98.43
C ALA K 56 -18.86 31.44 98.02
N GLU K 57 -19.12 31.38 96.71
CA GLU K 57 -20.47 31.05 96.25
C GLU K 57 -20.86 29.64 96.67
N LEU K 58 -19.93 28.69 96.54
CA LEU K 58 -20.21 27.32 96.95
C LEU K 58 -20.54 27.25 98.45
N TYR K 59 -19.74 27.90 99.28
CA TYR K 59 -19.98 27.84 100.71
C TYR K 59 -21.27 28.56 101.10
N GLY K 60 -21.57 29.67 100.43
CA GLY K 60 -22.84 30.33 100.68
C GLY K 60 -24.00 29.42 100.34
N LYS K 61 -23.89 28.68 99.24
CA LYS K 61 -24.92 27.70 98.91
C LYS K 61 -24.99 26.61 99.97
N PHE K 62 -23.84 26.25 100.55
CA PHE K 62 -23.84 25.24 101.62
C PHE K 62 -24.62 25.73 102.83
N ILE K 63 -24.35 26.96 103.25
CA ILE K 63 -25.09 27.54 104.37
C ILE K 63 -26.58 27.61 104.04
N GLY K 64 -26.90 28.02 102.82
CA GLY K 64 -28.30 28.13 102.42
C GLY K 64 -29.01 26.79 102.46
N PHE K 65 -28.34 25.74 101.99
CA PHE K 65 -28.94 24.42 102.03
C PHE K 65 -29.15 23.96 103.46
N ILE K 66 -28.12 24.08 104.31
CA ILE K 66 -28.23 23.54 105.66
C ILE K 66 -29.14 24.37 106.54
N SER K 67 -29.51 25.58 106.10
CA SER K 67 -30.42 26.42 106.89
C SER K 67 -31.69 25.68 107.26
N ASN K 68 -32.18 24.82 106.36
CA ASN K 68 -33.36 23.99 106.62
C ASN K 68 -32.88 22.57 106.88
N ALA K 69 -32.59 22.28 108.14
CA ALA K 69 -32.15 20.95 108.55
C ALA K 69 -32.28 20.84 110.06
N GLN K 70 -32.00 19.64 110.57
CA GLN K 70 -32.03 19.37 111.99
C GLN K 70 -30.70 19.68 112.69
N PHE K 71 -29.88 20.55 112.10
CA PHE K 71 -28.54 20.85 112.60
C PHE K 71 -28.35 22.37 112.66
N PRO K 72 -29.07 23.04 113.57
CA PRO K 72 -28.85 24.49 113.73
C PRO K 72 -27.44 24.84 114.16
N GLN K 73 -26.76 23.97 114.91
CA GLN K 73 -25.37 24.24 115.25
C GLN K 73 -24.47 24.13 114.04
N ILE K 74 -24.78 23.20 113.12
CA ILE K 74 -24.09 23.16 111.84
C ILE K 74 -24.27 24.50 111.12
N VAL K 75 -25.51 24.99 111.10
CA VAL K 75 -25.80 26.25 110.42
C VAL K 75 -24.99 27.39 111.03
N GLU K 76 -25.00 27.48 112.36
CA GLU K 76 -24.35 28.60 113.02
C GLU K 76 -22.83 28.55 112.83
N LEU K 77 -22.23 27.36 112.92
CA LEU K 77 -20.78 27.30 112.80
C LEU K 77 -20.36 27.50 111.35
N SER K 78 -21.17 27.03 110.40
CA SER K 78 -20.90 27.30 108.99
C SER K 78 -20.97 28.79 108.69
N LEU K 79 -22.00 29.46 109.24
CA LEU K 79 -22.09 30.91 109.06
C LEU K 79 -20.91 31.62 109.68
N LYS K 80 -20.49 31.17 110.87
CA LYS K 80 -19.35 31.79 111.54
C LYS K 80 -18.08 31.63 110.70
N ASP K 81 -17.87 30.44 110.15
CA ASP K 81 -16.70 30.22 109.31
C ASP K 81 -16.74 31.05 108.05
N PHE K 82 -17.92 31.17 107.43
CA PHE K 82 -18.04 32.03 106.26
C PHE K 82 -17.71 33.48 106.60
N GLU K 83 -18.22 33.98 107.73
CA GLU K 83 -17.91 35.34 108.13
C GLU K 83 -16.42 35.52 108.38
N SER K 84 -15.79 34.53 109.04
CA SER K 84 -14.36 34.64 109.35
C SER K 84 -13.52 34.64 108.07
N ARG K 85 -13.83 33.74 107.13
CA ARG K 85 -13.01 33.64 105.93
C ARG K 85 -13.26 34.80 104.98
N PHE K 86 -14.52 35.05 104.63
CA PHE K 86 -14.88 35.86 103.48
C PHE K 86 -15.26 37.28 103.84
N LEU K 87 -16.14 37.48 104.81
CA LEU K 87 -16.42 38.82 105.29
C LEU K 87 -15.29 39.36 106.17
N ASP K 88 -14.29 38.54 106.48
CA ASP K 88 -13.09 38.99 107.19
C ASP K 88 -13.42 39.47 108.59
N ASN K 89 -14.10 38.61 109.34
CA ASN K 89 -14.51 38.92 110.71
C ASN K 89 -15.43 40.14 110.75
N ASN K 90 -16.31 40.24 109.76
CA ASN K 90 -17.32 41.29 109.70
C ASN K 90 -16.68 42.68 109.63
N ASN K 91 -15.83 42.87 108.62
CA ASN K 91 -15.37 44.21 108.26
C ASN K 91 -16.22 44.82 107.16
N ASP K 92 -16.67 44.00 106.21
CA ASP K 92 -17.53 44.43 105.11
C ASP K 92 -18.83 43.66 105.15
N ASN K 93 -19.92 44.33 104.79
CA ASN K 93 -21.22 43.69 104.78
C ASN K 93 -21.29 42.66 103.64
N ILE K 94 -22.33 41.84 103.70
CA ILE K 94 -22.51 40.78 102.71
C ILE K 94 -22.74 41.38 101.33
N HIS K 95 -23.42 42.52 101.25
CA HIS K 95 -23.61 43.19 99.97
C HIS K 95 -22.28 43.69 99.42
N SER K 96 -21.43 44.25 100.28
CA SER K 96 -20.11 44.68 99.86
C SER K 96 -19.30 43.50 99.34
N PHE K 97 -19.36 42.37 100.05
CA PHE K 97 -18.68 41.17 99.58
C PHE K 97 -19.24 40.73 98.23
N ALA K 98 -20.56 40.84 98.04
CA ALA K 98 -21.18 40.45 96.80
C ALA K 98 -20.65 41.28 95.63
N VAL K 99 -20.65 42.61 95.78
CA VAL K 99 -20.16 43.45 94.69
C VAL K 99 -18.66 43.25 94.49
N LYS K 100 -17.90 43.01 95.56
CA LYS K 100 -16.49 42.74 95.41
C LYS K 100 -16.26 41.47 94.59
N LEU K 101 -17.06 40.43 94.84
CA LEU K 101 -16.93 39.20 94.05
C LEU K 101 -17.35 39.44 92.60
N LEU K 102 -18.40 40.22 92.39
CA LEU K 102 -18.82 40.53 91.02
C LEU K 102 -17.71 41.27 90.27
N ASP K 103 -16.96 42.11 90.96
CA ASP K 103 -15.81 42.80 90.37
C ASP K 103 -14.60 41.90 90.22
N ASP K 104 -14.44 40.88 91.06
CA ASP K 104 -13.28 40.01 91.00
C ASP K 104 -13.24 39.27 89.66
N GLU K 105 -12.07 39.24 89.04
CA GLU K 105 -11.92 38.58 87.74
C GLU K 105 -11.47 37.14 87.88
N THR K 106 -10.82 36.78 88.98
CA THR K 106 -10.31 35.42 89.15
C THR K 106 -11.44 34.41 89.15
N TYR K 107 -12.61 34.79 89.66
CA TYR K 107 -13.80 33.94 89.71
C TYR K 107 -14.95 34.68 89.07
N PRO K 108 -15.07 34.67 87.74
CA PRO K 108 -16.14 35.46 87.09
C PRO K 108 -17.52 34.90 87.42
N THR K 109 -18.47 35.80 87.66
CA THR K 109 -19.82 35.42 88.04
C THR K 109 -20.79 36.49 87.55
N THR K 110 -22.07 36.27 87.83
CA THR K 110 -23.15 37.17 87.44
C THR K 110 -23.78 37.75 88.69
N ILE K 111 -24.49 38.87 88.52
CA ILE K 111 -25.16 39.50 89.66
C ILE K 111 -26.19 38.54 90.26
N ALA K 112 -26.97 37.86 89.43
CA ALA K 112 -27.95 36.91 89.94
C ALA K 112 -27.27 35.76 90.66
N LYS K 113 -26.17 35.25 90.11
CA LYS K 113 -25.42 34.20 90.77
C LYS K 113 -24.95 34.65 92.15
N VAL K 114 -24.36 35.83 92.22
CA VAL K 114 -23.86 36.36 93.49
C VAL K 114 -25.01 36.49 94.49
N LYS K 115 -26.11 37.11 94.07
CA LYS K 115 -27.26 37.28 94.93
C LYS K 115 -27.73 35.95 95.50
N GLU K 116 -28.14 35.04 94.62
CA GLU K 116 -28.73 33.78 95.05
C GLU K 116 -27.77 32.96 95.89
N ASN K 117 -26.49 32.93 95.51
CA ASN K 117 -25.54 32.04 96.16
C ASN K 117 -24.93 32.62 97.42
N ILE K 118 -25.08 33.92 97.70
CA ILE K 118 -24.49 34.50 98.90
C ILE K 118 -25.54 35.19 99.75
N VAL K 119 -26.23 36.20 99.21
CA VAL K 119 -27.05 37.07 100.04
C VAL K 119 -28.25 36.31 100.58
N LYS K 120 -28.96 35.59 99.69
CA LYS K 120 -30.13 34.83 100.10
C LYS K 120 -29.78 33.82 101.19
N ASN K 121 -28.70 33.06 100.97
CA ASN K 121 -28.32 32.03 101.93
C ASN K 121 -27.86 32.65 103.25
N TYR K 122 -27.09 33.73 103.19
CA TYR K 122 -26.61 34.37 104.40
C TYR K 122 -27.76 34.86 105.25
N TYR K 123 -28.76 35.49 104.63
CA TYR K 123 -29.88 36.00 105.40
C TYR K 123 -30.89 34.92 105.77
N LYS K 124 -30.87 33.77 105.08
CA LYS K 124 -31.66 32.64 105.54
C LYS K 124 -31.06 32.03 106.81
N ALA K 125 -29.73 31.93 106.86
CA ALA K 125 -29.10 31.27 108.00
C ALA K 125 -28.92 32.19 109.20
N VAL K 126 -28.67 33.48 108.97
CA VAL K 126 -28.48 34.40 110.08
C VAL K 126 -29.79 34.54 110.84
N LYS K 127 -29.73 34.35 112.15
CA LYS K 127 -30.89 34.47 113.02
C LYS K 127 -30.94 35.78 113.80
N SER K 128 -29.78 36.38 114.07
CA SER K 128 -29.71 37.66 114.75
C SER K 128 -28.67 38.54 114.07
N ILE K 129 -29.03 39.79 113.83
CA ILE K 129 -28.15 40.76 113.18
C ILE K 129 -27.76 41.80 114.22
N ASN K 130 -26.46 41.94 114.46
CA ASN K 130 -25.96 42.90 115.44
C ASN K 130 -25.92 44.30 114.83
N LYS K 131 -26.13 45.29 115.71
CA LYS K 131 -26.05 46.68 115.27
C LYS K 131 -24.68 46.98 114.69
N VAL K 132 -24.66 47.55 113.49
CA VAL K 132 -23.43 47.92 112.80
C VAL K 132 -23.58 49.34 112.27
N GLU K 133 -22.54 50.15 112.43
CA GLU K 133 -22.53 51.53 111.95
C GLU K 133 -21.78 51.55 110.61
N SER K 134 -22.52 51.74 109.52
CA SER K 134 -21.91 51.76 108.21
C SER K 134 -21.06 53.01 108.03
N ASN K 135 -20.27 53.02 106.95
CA ASN K 135 -19.49 54.21 106.62
C ASN K 135 -20.40 55.40 106.33
N LEU K 136 -21.50 55.15 105.62
CA LEU K 136 -22.45 56.22 105.31
C LEU K 136 -23.06 56.79 106.58
N LEU K 137 -23.48 55.92 107.50
CA LEU K 137 -24.06 56.39 108.74
C LEU K 137 -23.02 57.07 109.63
N TYR K 138 -21.77 56.63 109.54
CA TYR K 138 -20.70 57.29 110.27
C TYR K 138 -20.51 58.72 109.77
N HIS K 139 -20.50 58.89 108.44
CA HIS K 139 -20.35 60.24 107.88
C HIS K 139 -21.61 61.07 108.07
N CYS K 140 -22.76 60.43 108.26
CA CYS K 140 -24.00 61.17 108.53
C CYS K 140 -23.88 62.04 109.77
N LYS K 141 -23.17 61.57 110.78
CA LYS K 141 -23.04 62.27 112.05
C LYS K 141 -22.16 63.51 111.95
N HIS K 142 -21.28 63.59 110.96
CA HIS K 142 -20.30 64.67 110.87
C HIS K 142 -20.53 65.58 109.66
N ASP K 143 -20.61 65.02 108.45
CA ASP K 143 -20.64 65.82 107.22
C ASP K 143 -21.73 65.42 106.24
N ALA K 144 -22.06 64.13 106.14
CA ALA K 144 -23.03 63.67 105.15
C ALA K 144 -24.43 64.04 105.58
N LYS K 145 -25.24 64.48 104.61
CA LYS K 145 -26.65 64.81 104.82
C LYS K 145 -27.48 63.80 104.04
N LEU K 146 -28.01 62.81 104.74
CA LEU K 146 -28.76 61.73 104.13
C LEU K 146 -30.24 62.06 104.07
N VAL K 147 -30.85 61.85 102.90
CA VAL K 147 -32.26 62.09 102.68
C VAL K 147 -32.82 60.91 101.91
N ALA K 148 -34.15 60.78 101.95
CA ALA K 148 -34.84 59.63 101.36
C ALA K 148 -35.86 60.08 100.32
N ILE K 149 -35.94 59.36 99.21
CA ILE K 149 -36.94 59.59 98.19
C ILE K 149 -37.63 58.26 97.87
N PHE K 150 -38.96 58.27 97.89
CA PHE K 150 -39.77 57.11 97.56
C PHE K 150 -40.46 57.32 96.23
N GLY K 151 -40.27 56.40 95.31
CA GLY K 151 -40.85 56.52 93.97
C GLY K 151 -42.33 56.23 93.96
N GLY K 152 -42.90 56.33 92.75
CA GLY K 152 -44.31 56.09 92.54
C GLY K 152 -44.57 55.05 91.47
N GLN K 153 -45.56 55.31 90.62
CA GLN K 153 -45.91 54.39 89.54
C GLN K 153 -45.23 54.80 88.24
N GLY K 154 -45.24 53.88 87.28
CA GLY K 154 -44.69 54.12 85.97
C GLY K 154 -43.21 53.85 85.82
N ASN K 155 -42.50 53.54 86.91
CA ASN K 155 -41.08 53.28 86.80
C ASN K 155 -40.80 52.02 86.00
N THR K 156 -41.62 50.98 86.18
CA THR K 156 -41.44 49.73 85.47
C THR K 156 -42.80 49.09 85.21
N ASP K 157 -42.86 48.30 84.16
CA ASP K 157 -44.09 47.60 83.76
C ASP K 157 -44.19 46.20 84.34
N ASP K 158 -43.22 45.77 85.15
CA ASP K 158 -43.27 44.49 85.84
C ASP K 158 -42.81 44.68 87.28
N TYR K 159 -43.38 45.68 87.94
CA TYR K 159 -42.91 46.08 89.27
C TYR K 159 -42.97 44.95 90.28
N PHE K 160 -43.88 43.99 90.09
CA PHE K 160 -44.02 42.91 91.05
C PHE K 160 -42.77 42.04 91.12
N GLU K 161 -41.99 42.01 90.03
CA GLU K 161 -40.77 41.21 90.04
C GLU K 161 -39.81 41.65 91.14
N GLU K 162 -39.79 42.94 91.44
CA GLU K 162 -38.96 43.42 92.53
C GLU K 162 -39.44 42.87 93.87
N LEU K 163 -40.76 42.80 94.07
CA LEU K 163 -41.28 42.21 95.29
C LEU K 163 -40.93 40.73 95.38
N ARG K 164 -41.00 40.01 94.26
CA ARG K 164 -40.62 38.60 94.29
C ARG K 164 -39.14 38.46 94.63
N GLU K 165 -38.30 39.34 94.08
CA GLU K 165 -36.87 39.28 94.39
C GLU K 165 -36.62 39.55 95.87
N LEU K 166 -37.29 40.55 96.43
CA LEU K 166 -37.16 40.82 97.85
C LEU K 166 -37.62 39.65 98.70
N TYR K 167 -38.75 39.04 98.34
CA TYR K 167 -39.22 37.88 99.08
C TYR K 167 -38.22 36.75 99.00
N THR K 168 -37.70 36.48 97.80
CA THR K 168 -36.78 35.36 97.63
C THR K 168 -35.50 35.57 98.41
N LEU K 169 -34.97 36.80 98.43
CA LEU K 169 -33.71 37.07 99.09
C LEU K 169 -33.83 37.24 100.60
N TYR K 170 -34.96 37.78 101.09
CA TYR K 170 -35.09 38.20 102.48
C TYR K 170 -36.40 37.72 103.09
N GLN K 171 -36.70 36.42 102.95
CA GLN K 171 -37.84 35.85 103.64
C GLN K 171 -37.82 36.17 105.13
N GLY K 172 -36.76 35.75 105.83
CA GLY K 172 -36.72 35.86 107.27
C GLY K 172 -36.69 37.29 107.78
N LEU K 173 -36.49 38.27 106.90
CA LEU K 173 -36.36 39.67 107.30
C LEU K 173 -37.64 40.48 107.11
N ILE K 174 -38.53 40.08 106.20
CA ILE K 174 -39.76 40.79 105.91
C ILE K 174 -40.99 39.88 105.96
N GLU K 175 -40.84 38.66 106.47
CA GLU K 175 -41.99 37.76 106.56
C GLU K 175 -43.09 38.36 107.45
N ASP K 176 -42.71 38.88 108.61
CA ASP K 176 -43.71 39.41 109.53
C ASP K 176 -44.44 40.61 108.93
N LEU K 177 -43.68 41.52 108.29
CA LEU K 177 -44.29 42.68 107.67
C LEU K 177 -45.23 42.27 106.55
N LEU K 178 -44.79 41.33 105.69
CA LEU K 178 -45.64 40.88 104.60
C LEU K 178 -46.89 40.20 105.13
N VAL K 179 -46.77 39.40 106.19
CA VAL K 179 -47.93 38.70 106.74
C VAL K 179 -48.92 39.70 107.31
N SER K 180 -48.44 40.69 108.07
CA SER K 180 -49.34 41.68 108.64
C SER K 180 -50.05 42.47 107.55
N ILE K 181 -49.30 42.90 106.53
CA ILE K 181 -49.91 43.67 105.45
C ILE K 181 -50.90 42.83 104.67
N ALA K 182 -50.56 41.57 104.41
CA ALA K 182 -51.48 40.69 103.69
C ALA K 182 -52.75 40.46 104.47
N GLU K 183 -52.65 40.32 105.79
CA GLU K 183 -53.85 40.18 106.61
C GLU K 183 -54.70 41.43 106.56
N LYS K 184 -54.08 42.61 106.63
CA LYS K 184 -54.85 43.85 106.53
C LYS K 184 -55.53 43.97 105.17
N LEU K 185 -54.81 43.62 104.10
CA LEU K 185 -55.39 43.67 102.76
C LEU K 185 -56.55 42.69 102.64
N ASN K 186 -56.42 41.50 103.22
CA ASN K 186 -57.52 40.53 103.20
C ASN K 186 -58.72 41.07 103.95
N GLN K 187 -58.48 41.77 105.07
CA GLN K 187 -59.58 42.36 105.82
C GLN K 187 -60.27 43.45 105.00
N LEU K 188 -59.50 44.24 104.25
CA LEU K 188 -60.06 45.43 103.61
C LEU K 188 -60.68 45.15 102.24
N HIS K 189 -60.04 44.35 101.40
CA HIS K 189 -60.45 44.24 100.01
C HIS K 189 -61.86 43.71 99.78
N PRO K 190 -62.48 42.90 100.66
CA PRO K 190 -63.90 42.53 100.39
C PRO K 190 -64.87 43.70 100.37
N SER K 191 -64.47 44.89 100.84
CA SER K 191 -65.29 46.07 100.63
C SER K 191 -65.30 46.48 99.16
N PHE K 192 -64.26 46.15 98.41
CA PHE K 192 -64.17 46.39 96.97
C PHE K 192 -64.03 45.09 96.21
N ASP K 193 -64.86 44.10 96.58
CA ASP K 193 -64.83 42.82 95.90
C ASP K 193 -65.22 42.96 94.43
N LYS K 194 -65.98 44.00 94.08
CA LYS K 194 -66.29 44.23 92.68
C LYS K 194 -65.05 44.60 91.88
N ILE K 195 -64.07 45.21 92.54
CA ILE K 195 -62.87 45.68 91.85
C ILE K 195 -61.80 44.60 91.86
N TYR K 196 -61.70 43.84 92.95
CA TYR K 196 -60.67 42.81 93.11
C TYR K 196 -61.23 41.46 92.68
N THR K 197 -61.24 41.23 91.37
CA THR K 197 -61.70 39.94 90.85
C THR K 197 -60.75 38.83 91.23
N GLN K 198 -59.48 38.94 90.83
CA GLN K 198 -58.48 37.92 91.07
C GLN K 198 -57.94 37.95 92.50
N GLY K 199 -58.48 38.80 93.36
CA GLY K 199 -58.05 38.87 94.74
C GLY K 199 -56.85 39.78 94.93
N LEU K 200 -56.46 39.92 96.20
CA LEU K 200 -55.30 40.72 96.58
C LEU K 200 -54.50 39.99 97.65
N ASN K 201 -54.31 38.68 97.45
CA ASN K 201 -53.54 37.85 98.37
C ASN K 201 -52.12 37.77 97.82
N ILE K 202 -51.32 38.78 98.16
CA ILE K 202 -49.96 38.87 97.61
C ILE K 202 -49.09 37.73 98.14
N LEU K 203 -49.37 37.22 99.33
CA LEU K 203 -48.56 36.15 99.89
C LEU K 203 -48.67 34.90 99.03
N SER K 204 -49.89 34.56 98.59
CA SER K 204 -50.06 33.41 97.73
C SER K 204 -49.35 33.61 96.40
N TRP K 205 -49.37 34.84 95.88
CA TRP K 205 -48.69 35.11 94.62
C TRP K 205 -47.18 34.95 94.76
N LEU K 206 -46.64 35.34 95.91
CA LEU K 206 -45.20 35.22 96.14
C LEU K 206 -44.79 33.78 96.35
N LYS K 207 -45.54 33.04 97.17
CA LYS K 207 -45.18 31.66 97.49
C LYS K 207 -45.47 30.71 96.34
N HIS K 208 -46.49 30.99 95.53
CA HIS K 208 -46.93 30.13 94.44
C HIS K 208 -47.04 30.98 93.18
N PRO K 209 -45.95 31.17 92.43
CA PRO K 209 -46.02 32.06 91.26
C PRO K 209 -47.04 31.65 90.22
N GLU K 210 -47.40 30.37 90.14
CA GLU K 210 -48.43 29.95 89.19
C GLU K 210 -49.77 30.62 89.45
N THR K 211 -50.02 31.09 90.68
CA THR K 211 -51.28 31.71 91.04
C THR K 211 -51.29 33.22 90.85
N THR K 212 -50.20 33.80 90.35
CA THR K 212 -50.15 35.24 90.17
C THR K 212 -51.16 35.68 89.11
N PRO K 213 -51.89 36.78 89.32
CA PRO K 213 -52.72 37.33 88.24
C PRO K 213 -51.85 37.82 87.09
N ASP K 214 -52.52 38.25 86.02
CA ASP K 214 -51.81 38.69 84.84
C ASP K 214 -51.20 40.07 85.06
N GLN K 215 -50.32 40.45 84.12
CA GLN K 215 -49.65 41.74 84.20
C GLN K 215 -50.66 42.89 84.21
N ASP K 216 -51.75 42.74 83.48
CA ASP K 216 -52.77 43.79 83.44
C ASP K 216 -53.35 44.01 84.84
N TYR K 217 -53.77 42.92 85.48
CA TYR K 217 -54.36 43.04 86.81
C TYR K 217 -53.35 43.57 87.81
N LEU K 218 -52.09 43.12 87.72
CA LEU K 218 -51.07 43.63 88.62
C LEU K 218 -50.85 45.13 88.44
N LEU K 219 -50.78 45.59 87.18
CA LEU K 219 -50.61 47.00 86.92
C LEU K 219 -51.86 47.82 87.20
N SER K 220 -53.00 47.17 87.41
CA SER K 220 -54.21 47.89 87.79
C SER K 220 -53.95 48.71 89.05
N VAL K 221 -54.49 49.94 89.05
CA VAL K 221 -54.15 50.90 90.10
C VAL K 221 -54.53 50.39 91.49
N PRO K 222 -55.73 49.82 91.72
CA PRO K 222 -56.04 49.33 93.08
C PRO K 222 -55.07 48.28 93.57
N VAL K 223 -54.42 47.54 92.67
CA VAL K 223 -53.39 46.60 93.04
C VAL K 223 -52.00 47.23 92.99
N SER K 224 -51.77 48.09 91.99
CA SER K 224 -50.44 48.67 91.82
C SER K 224 -50.06 49.56 92.99
N CYS K 225 -51.00 50.37 93.49
CA CYS K 225 -50.69 51.30 94.56
C CYS K 225 -50.27 50.57 95.85
N PRO K 226 -51.11 49.74 96.46
CA PRO K 226 -50.69 49.09 97.71
C PRO K 226 -49.46 48.21 97.54
N VAL K 227 -49.32 47.52 96.41
CA VAL K 227 -48.18 46.63 96.25
C VAL K 227 -46.88 47.42 96.10
N ILE K 228 -46.94 48.56 95.40
CA ILE K 228 -45.75 49.41 95.32
C ILE K 228 -45.42 49.95 96.71
N CYS K 229 -46.44 50.30 97.49
CA CYS K 229 -46.19 50.71 98.86
C CYS K 229 -45.52 49.60 99.65
N VAL K 230 -45.96 48.36 99.45
CA VAL K 230 -45.37 47.22 100.13
C VAL K 230 -43.91 47.06 99.72
N ILE K 231 -43.62 47.26 98.43
CA ILE K 231 -42.23 47.15 97.96
C ILE K 231 -41.36 48.20 98.64
N GLN K 232 -41.85 49.44 98.70
CA GLN K 232 -41.06 50.51 99.32
C GLN K 232 -40.86 50.24 100.81
N LEU K 233 -41.92 49.80 101.51
CA LEU K 233 -41.80 49.53 102.94
C LEU K 233 -40.89 48.34 103.19
N CYS K 234 -40.92 47.33 102.31
CA CYS K 234 -40.02 46.21 102.44
C CYS K 234 -38.57 46.64 102.24
N HIS K 235 -38.33 47.54 101.30
CA HIS K 235 -36.97 48.05 101.12
C HIS K 235 -36.50 48.80 102.36
N TYR K 236 -37.36 49.64 102.93
CA TYR K 236 -37.01 50.37 104.13
C TYR K 236 -36.73 49.41 105.28
N THR K 237 -37.58 48.39 105.44
CA THR K 237 -37.38 47.39 106.50
C THR K 237 -36.09 46.63 106.29
N ILE K 238 -35.78 46.26 105.05
CA ILE K 238 -34.56 45.52 104.78
C ILE K 238 -33.35 46.37 105.13
N THR K 239 -33.34 47.64 104.73
CA THR K 239 -32.24 48.52 105.08
C THR K 239 -32.09 48.63 106.60
N CYS K 240 -33.20 48.92 107.29
CA CYS K 240 -33.13 49.13 108.73
C CYS K 240 -32.67 47.89 109.47
N LYS K 241 -33.18 46.72 109.08
CA LYS K 241 -32.83 45.49 109.80
C LYS K 241 -31.44 45.01 109.44
N VAL K 242 -31.02 45.21 108.18
CA VAL K 242 -29.67 44.83 107.79
C VAL K 242 -28.64 45.65 108.55
N LEU K 243 -28.89 46.96 108.69
CA LEU K 243 -27.99 47.77 109.49
C LEU K 243 -28.23 47.63 110.99
N GLY K 244 -29.33 46.98 111.39
CA GLY K 244 -29.52 46.64 112.79
C GLY K 244 -30.11 47.73 113.65
N LEU K 245 -30.77 48.72 113.05
CA LEU K 245 -31.40 49.81 113.79
C LEU K 245 -32.91 49.69 113.73
N THR K 246 -33.57 50.33 114.69
CA THR K 246 -35.02 50.46 114.66
C THR K 246 -35.43 51.47 113.60
N PRO K 247 -36.70 51.48 113.19
CA PRO K 247 -37.13 52.47 112.19
C PRO K 247 -36.88 53.91 112.63
N GLY K 248 -37.13 54.23 113.91
CA GLY K 248 -36.84 55.57 114.38
C GLY K 248 -35.36 55.89 114.41
N GLU K 249 -34.55 54.89 114.78
CA GLU K 249 -33.10 55.09 114.78
C GLU K 249 -32.59 55.40 113.38
N PHE K 250 -33.09 54.66 112.37
CA PHE K 250 -32.70 54.94 111.00
C PHE K 250 -33.24 56.29 110.54
N ARG K 251 -34.46 56.63 110.96
CA ARG K 251 -35.06 57.91 110.56
C ARG K 251 -34.25 59.07 111.09
N ASN K 252 -33.71 58.94 112.31
CA ASN K 252 -32.92 60.03 112.89
C ASN K 252 -31.69 60.35 112.05
N SER K 253 -31.21 59.38 111.27
CA SER K 253 -30.08 59.62 110.38
C SER K 253 -30.47 60.38 109.11
N LEU K 254 -31.76 60.54 108.85
CA LEU K 254 -32.24 61.17 107.62
C LEU K 254 -32.54 62.63 107.88
N LYS K 255 -31.97 63.51 107.06
CA LYS K 255 -32.26 64.94 107.20
C LYS K 255 -33.69 65.25 106.77
N TRP K 256 -34.16 64.64 105.69
CA TRP K 256 -35.56 64.75 105.29
C TRP K 256 -35.90 63.66 104.30
N SER K 257 -37.19 63.54 104.02
CA SER K 257 -37.69 62.55 103.07
C SER K 257 -38.80 63.14 102.24
N THR K 258 -39.03 62.54 101.07
CA THR K 258 -40.10 62.98 100.19
C THR K 258 -40.46 61.84 99.23
N GLY K 259 -41.44 62.08 98.38
CA GLY K 259 -41.95 61.03 97.52
C GLY K 259 -42.51 61.57 96.23
N HIS K 260 -42.43 60.74 95.20
CA HIS K 260 -42.93 61.00 93.87
C HIS K 260 -44.22 60.23 93.68
N SER K 261 -45.33 60.95 93.55
CA SER K 261 -46.66 60.34 93.42
C SER K 261 -46.94 59.56 94.70
N GLN K 262 -47.25 58.26 94.64
CA GLN K 262 -47.65 57.53 95.84
C GLN K 262 -46.53 57.38 96.86
N GLY K 263 -45.28 57.64 96.49
CA GLY K 263 -44.20 57.50 97.44
C GLY K 263 -44.27 58.48 98.60
N LEU K 264 -45.04 59.56 98.45
CA LEU K 264 -45.21 60.51 99.54
C LEU K 264 -45.83 59.82 100.75
N VAL K 265 -46.70 58.84 100.52
CA VAL K 265 -47.32 58.11 101.62
C VAL K 265 -46.26 57.34 102.40
N THR K 266 -45.36 56.66 101.70
CA THR K 266 -44.29 55.91 102.37
C THR K 266 -43.33 56.86 103.08
N ALA K 267 -43.05 58.01 102.47
CA ALA K 267 -42.23 59.01 103.14
C ALA K 267 -42.86 59.44 104.45
N VAL K 268 -44.17 59.68 104.45
CA VAL K 268 -44.87 60.06 105.67
C VAL K 268 -44.80 58.93 106.69
N THR K 269 -44.92 57.68 106.24
CA THR K 269 -44.87 56.56 107.18
C THR K 269 -43.52 56.49 107.87
N ILE K 270 -42.43 56.60 107.10
CA ILE K 270 -41.12 56.50 107.71
C ILE K 270 -40.87 57.71 108.61
N ALA K 271 -41.43 58.87 108.26
CA ALA K 271 -41.29 60.03 109.12
C ALA K 271 -42.01 59.83 110.45
N ALA K 272 -43.19 59.21 110.41
CA ALA K 272 -43.99 59.01 111.60
C ALA K 272 -43.58 57.78 112.42
N SER K 273 -42.77 56.89 111.86
CA SER K 273 -42.42 55.65 112.52
C SER K 273 -41.24 55.84 113.47
N ASP K 274 -41.40 55.39 114.72
CA ASP K 274 -40.36 55.45 115.74
C ASP K 274 -39.85 54.07 116.13
N SER K 275 -40.73 53.20 116.61
CA SER K 275 -40.39 51.83 116.96
C SER K 275 -40.93 50.89 115.89
N TRP K 276 -40.72 49.59 116.10
CA TRP K 276 -41.19 48.61 115.13
C TRP K 276 -42.71 48.52 115.13
N ASP K 277 -43.33 48.60 116.32
CA ASP K 277 -44.78 48.57 116.39
C ASP K 277 -45.39 49.80 115.71
N SER K 278 -44.81 50.97 115.96
CA SER K 278 -45.31 52.18 115.31
C SER K 278 -45.09 52.11 113.79
N PHE K 279 -43.96 51.55 113.37
CA PHE K 279 -43.70 51.39 111.95
C PHE K 279 -44.72 50.45 111.32
N LEU K 280 -45.06 49.35 112.00
CA LEU K 280 -46.08 48.45 111.48
C LEU K 280 -47.43 49.15 111.40
N LYS K 281 -47.79 49.92 112.42
CA LYS K 281 -49.05 50.64 112.40
C LYS K 281 -49.09 51.61 111.22
N ASN K 282 -48.01 52.35 111.01
CA ASN K 282 -47.97 53.32 109.91
C ASN K 282 -47.99 52.61 108.56
N SER K 283 -47.31 51.46 108.46
CA SER K 283 -47.32 50.70 107.21
C SER K 283 -48.73 50.23 106.88
N LEU K 284 -49.45 49.70 107.88
CA LEU K 284 -50.82 49.27 107.64
C LEU K 284 -51.71 50.45 107.27
N THR K 285 -51.52 51.58 107.95
CA THR K 285 -52.31 52.78 107.63
C THR K 285 -52.08 53.21 106.20
N ALA K 286 -50.82 53.23 105.76
CA ALA K 286 -50.51 53.64 104.40
C ALA K 286 -51.04 52.63 103.38
N VAL K 287 -50.96 51.33 103.69
CA VAL K 287 -51.47 50.33 102.78
C VAL K 287 -52.96 50.52 102.59
N SER K 288 -53.69 50.73 103.70
CA SER K 288 -55.12 50.98 103.61
C SER K 288 -55.40 52.25 102.80
N LEU K 289 -54.63 53.32 103.06
CA LEU K 289 -54.86 54.58 102.37
C LEU K 289 -54.67 54.42 100.88
N LEU K 290 -53.59 53.76 100.47
CA LEU K 290 -53.33 53.62 99.04
C LEU K 290 -54.27 52.62 98.39
N LEU K 291 -54.72 51.62 99.12
CA LEU K 291 -55.78 50.74 98.61
C LEU K 291 -57.04 51.53 98.30
N PHE K 292 -57.46 52.38 99.24
CA PHE K 292 -58.65 53.20 98.99
C PHE K 292 -58.41 54.18 97.85
N ILE K 293 -57.21 54.75 97.78
CA ILE K 293 -56.89 55.69 96.71
C ILE K 293 -57.05 55.01 95.36
N GLY K 294 -56.44 53.83 95.21
CA GLY K 294 -56.52 53.13 93.94
C GLY K 294 -57.94 52.69 93.61
N SER K 295 -58.67 52.17 94.60
CA SER K 295 -60.03 51.72 94.35
C SER K 295 -60.91 52.88 93.88
N ARG K 296 -60.87 54.01 94.59
CA ARG K 296 -61.74 55.11 94.22
C ARG K 296 -61.27 55.78 92.93
N CYS K 297 -59.96 55.80 92.66
CA CYS K 297 -59.49 56.35 91.39
C CYS K 297 -59.97 55.49 90.22
N LEU K 298 -59.88 54.17 90.35
CA LEU K 298 -60.37 53.29 89.29
C LEU K 298 -61.88 53.45 89.12
N SER K 299 -62.62 53.57 90.23
CA SER K 299 -64.06 53.77 90.12
C SER K 299 -64.39 55.07 89.41
N THR K 300 -63.67 56.15 89.74
CA THR K 300 -63.94 57.44 89.14
C THR K 300 -63.60 57.46 87.66
N TYR K 301 -62.46 56.86 87.28
CA TYR K 301 -61.99 56.84 85.90
C TYR K 301 -61.71 55.40 85.51
N PRO K 302 -62.73 54.65 85.09
CA PRO K 302 -62.50 53.25 84.71
C PRO K 302 -61.51 53.14 83.54
N ARG K 303 -60.71 52.08 83.58
CA ARG K 303 -59.70 51.86 82.56
C ARG K 303 -60.35 51.46 81.25
N THR K 304 -60.32 52.36 80.28
CA THR K 304 -60.83 52.10 78.94
C THR K 304 -59.71 51.60 78.04
N SER K 305 -60.10 50.94 76.96
CA SER K 305 -59.19 50.43 75.95
C SER K 305 -59.25 51.33 74.73
N LEU K 306 -58.09 51.79 74.26
CA LEU K 306 -58.05 52.60 73.07
C LEU K 306 -58.29 51.72 71.84
N PRO K 307 -58.73 52.31 70.73
CA PRO K 307 -58.87 51.53 69.50
C PRO K 307 -57.54 50.92 69.09
N PRO K 308 -57.57 49.73 68.49
CA PRO K 308 -56.31 48.99 68.29
C PRO K 308 -55.48 49.51 67.13
N THR K 309 -56.09 50.18 66.16
CA THR K 309 -55.29 50.84 65.13
C THR K 309 -54.35 51.85 65.77
N MET K 310 -54.89 52.66 66.69
CA MET K 310 -54.05 53.65 67.38
C MET K 310 -53.07 52.96 68.32
N LEU K 311 -53.50 51.90 69.01
CA LEU K 311 -52.58 51.18 69.89
C LEU K 311 -51.39 50.63 69.12
N GLN K 312 -51.65 49.95 68.00
CA GLN K 312 -50.57 49.34 67.24
C GLN K 312 -49.71 50.39 66.54
N ASP K 313 -50.33 51.49 66.09
CA ASP K 313 -49.54 52.57 65.52
C ASP K 313 -48.57 53.14 66.55
N SER K 314 -49.05 53.36 67.79
CA SER K 314 -48.17 53.85 68.84
C SER K 314 -47.06 52.84 69.14
N LEU K 315 -47.41 51.54 69.20
CA LEU K 315 -46.42 50.53 69.51
C LEU K 315 -45.33 50.47 68.45
N ASP K 316 -45.73 50.47 67.17
CA ASP K 316 -44.75 50.46 66.09
C ASP K 316 -43.91 51.73 66.12
N ASN K 317 -44.53 52.87 66.43
CA ASN K 317 -43.83 54.12 66.56
C ASN K 317 -42.90 54.16 67.76
N GLY K 318 -43.07 53.25 68.71
CA GLY K 318 -42.26 53.24 69.92
C GLY K 318 -42.84 54.03 71.07
N GLU K 319 -44.07 54.53 70.94
CA GLU K 319 -44.67 55.37 71.97
C GLU K 319 -45.25 54.56 73.14
N GLY K 320 -45.23 53.24 73.06
CA GLY K 320 -45.78 52.43 74.13
C GLY K 320 -47.28 52.27 74.03
N ARG K 321 -47.82 51.48 74.95
CA ARG K 321 -49.27 51.23 74.95
C ARG K 321 -50.00 52.48 75.43
N PRO K 322 -51.06 52.91 74.75
CA PRO K 322 -51.78 54.11 75.22
C PRO K 322 -52.27 53.96 76.65
N SER K 323 -52.17 55.04 77.41
CA SER K 323 -52.50 55.05 78.83
C SER K 323 -52.77 56.49 79.25
N PRO K 324 -53.41 56.71 80.39
CA PRO K 324 -53.72 58.09 80.81
C PRO K 324 -52.51 58.94 81.19
N MET K 325 -51.29 58.41 81.12
CA MET K 325 -50.07 59.16 81.45
C MET K 325 -49.05 59.01 80.33
N LEU K 326 -48.54 60.13 79.84
CA LEU K 326 -47.61 60.16 78.71
C LEU K 326 -46.36 60.95 79.12
N SER K 327 -45.22 60.28 79.16
CA SER K 327 -43.96 60.88 79.55
C SER K 327 -43.25 61.47 78.32
N VAL K 328 -43.00 62.77 78.36
CA VAL K 328 -42.23 63.48 77.34
C VAL K 328 -40.89 63.87 77.95
N ARG K 329 -39.86 63.88 77.11
CA ARG K 329 -38.51 64.20 77.55
C ARG K 329 -37.83 65.08 76.51
N ASP K 330 -36.75 65.73 76.92
CA ASP K 330 -35.88 66.51 76.05
C ASP K 330 -36.58 67.73 75.45
N LEU K 331 -37.71 68.17 76.03
CA LEU K 331 -38.43 69.34 75.58
C LEU K 331 -38.61 70.28 76.76
N SER K 332 -38.56 71.58 76.49
CA SER K 332 -38.77 72.57 77.54
C SER K 332 -40.26 72.65 77.89
N ILE K 333 -40.53 73.28 79.04
CA ILE K 333 -41.92 73.46 79.46
C ILE K 333 -42.66 74.31 78.44
N LYS K 334 -41.99 75.31 77.86
CA LYS K 334 -42.64 76.15 76.86
C LYS K 334 -43.02 75.34 75.62
N GLN K 335 -42.11 74.49 75.14
CA GLN K 335 -42.41 73.68 73.97
C GLN K 335 -43.55 72.71 74.24
N VAL K 336 -43.49 72.01 75.39
CA VAL K 336 -44.53 71.06 75.73
C VAL K 336 -45.86 71.77 75.91
N GLU K 337 -45.83 72.98 76.46
CA GLU K 337 -47.05 73.75 76.65
C GLU K 337 -47.64 74.13 75.29
N LYS K 338 -46.77 74.50 74.34
CA LYS K 338 -47.24 74.84 72.99
C LYS K 338 -47.94 73.64 72.35
N PHE K 339 -47.31 72.46 72.44
CA PHE K 339 -47.95 71.27 71.87
C PHE K 339 -49.25 70.95 72.61
N ILE K 340 -49.29 71.18 73.92
CA ILE K 340 -50.49 70.91 74.69
C ILE K 340 -51.62 71.83 74.25
N GLU K 341 -51.33 73.11 74.02
CA GLU K 341 -52.34 74.01 73.45
C GLU K 341 -52.79 73.53 72.08
N GLN K 342 -51.84 73.13 71.23
CA GLN K 342 -52.21 72.64 69.90
C GLN K 342 -53.18 71.47 69.99
N THR K 343 -52.96 70.57 70.95
CA THR K 343 -53.86 69.43 71.12
C THR K 343 -55.19 69.84 71.77
N ASN K 344 -55.14 70.70 72.77
CA ASN K 344 -56.31 70.99 73.58
C ASN K 344 -57.28 71.92 72.88
N SER K 345 -56.80 72.77 71.97
CA SER K 345 -57.70 73.64 71.23
C SER K 345 -58.73 72.88 70.41
N HIS K 346 -58.46 71.61 70.08
CA HIS K 346 -59.35 70.78 69.30
C HIS K 346 -60.26 69.90 70.15
N LEU K 347 -60.24 70.08 71.48
CA LEU K 347 -60.95 69.21 72.40
C LEU K 347 -61.76 70.03 73.39
N PRO K 348 -62.80 69.44 74.01
CA PRO K 348 -63.54 70.18 75.05
C PRO K 348 -62.83 70.17 76.39
N ARG K 349 -63.45 70.79 77.40
CA ARG K 349 -62.82 70.87 78.71
C ARG K 349 -62.66 69.49 79.34
N GLU K 350 -63.68 68.64 79.24
CA GLU K 350 -63.63 67.34 79.91
C GLU K 350 -62.55 66.42 79.35
N LYS K 351 -62.03 66.72 78.15
CA LYS K 351 -60.96 65.94 77.54
C LYS K 351 -59.67 66.75 77.39
N HIS K 352 -59.51 67.81 78.18
CA HIS K 352 -58.29 68.60 78.13
C HIS K 352 -57.12 67.81 78.68
N ILE K 353 -55.93 68.08 78.14
CA ILE K 353 -54.69 67.55 78.69
C ILE K 353 -54.12 68.58 79.66
N ALA K 354 -53.61 68.09 80.79
CA ALA K 354 -53.02 68.94 81.81
C ALA K 354 -51.65 68.41 82.18
N ILE K 355 -50.76 69.32 82.58
CA ILE K 355 -49.44 68.94 83.07
C ILE K 355 -49.61 68.35 84.46
N SER K 356 -49.05 67.15 84.66
CA SER K 356 -49.25 66.39 85.89
C SER K 356 -47.98 66.26 86.72
N LEU K 357 -46.86 65.90 86.10
CA LEU K 357 -45.60 65.69 86.81
C LEU K 357 -44.51 66.50 86.12
N ILE K 358 -44.10 67.60 86.74
CA ILE K 358 -42.94 68.37 86.27
C ILE K 358 -41.72 67.74 86.94
N ASN K 359 -41.26 66.64 86.34
CA ASN K 359 -40.15 65.88 86.93
C ASN K 359 -38.85 66.67 86.88
N GLY K 360 -38.61 67.38 85.78
CA GLY K 360 -37.42 68.18 85.64
C GLY K 360 -37.55 69.13 84.48
N ALA K 361 -36.43 69.76 84.13
CA ALA K 361 -36.43 70.66 82.98
C ALA K 361 -36.75 69.90 81.70
N ARG K 362 -36.18 68.71 81.53
CA ARG K 362 -36.32 67.91 80.32
C ARG K 362 -37.03 66.59 80.61
N ASN K 363 -38.01 66.61 81.52
CA ASN K 363 -38.75 65.41 81.88
C ASN K 363 -40.10 65.84 82.41
N LEU K 364 -41.17 65.55 81.67
CA LEU K 364 -42.52 65.89 82.07
C LEU K 364 -43.43 64.69 81.83
N VAL K 365 -44.57 64.67 82.51
CA VAL K 365 -45.61 63.69 82.26
C VAL K 365 -46.93 64.43 82.13
N LEU K 366 -47.65 64.15 81.04
CA LEU K 366 -48.94 64.74 80.77
C LEU K 366 -50.03 63.72 81.11
N SER K 367 -51.09 64.19 81.75
CA SER K 367 -52.21 63.34 82.15
C SER K 367 -53.49 63.83 81.48
N GLY K 368 -54.28 62.88 81.00
CA GLY K 368 -55.52 63.17 80.33
C GLY K 368 -56.08 61.91 79.70
N PRO K 369 -57.11 62.05 78.87
CA PRO K 369 -57.61 60.88 78.13
C PRO K 369 -56.53 60.28 77.27
N PRO K 370 -56.44 58.94 77.19
CA PRO K 370 -55.43 58.35 76.31
C PRO K 370 -55.59 58.76 74.85
N GLU K 371 -56.82 59.01 74.40
CA GLU K 371 -56.99 59.50 73.03
C GLU K 371 -56.36 60.89 72.86
N SER K 372 -56.55 61.77 73.84
CA SER K 372 -55.93 63.09 73.75
C SER K 372 -54.42 62.99 73.81
N LEU K 373 -53.89 62.10 74.65
CA LEU K 373 -52.45 61.93 74.71
C LEU K 373 -51.90 61.35 73.42
N TYR K 374 -52.67 60.47 72.76
CA TYR K 374 -52.25 59.95 71.47
C TYR K 374 -52.27 61.05 70.40
N GLY K 375 -53.26 61.94 70.45
CA GLY K 375 -53.25 63.08 69.55
C GLY K 375 -52.06 63.97 69.77
N PHE K 376 -51.71 64.22 71.04
CA PHE K 376 -50.49 64.95 71.37
C PHE K 376 -49.27 64.25 70.78
N ASN K 377 -49.22 62.92 70.91
CA ASN K 377 -48.09 62.17 70.39
C ASN K 377 -47.98 62.30 68.88
N LEU K 378 -49.12 62.23 68.18
CA LEU K 378 -49.08 62.35 66.72
C LEU K 378 -48.66 63.74 66.28
N ASN K 379 -49.17 64.78 66.95
CA ASN K 379 -48.72 66.14 66.64
C ASN K 379 -47.22 66.27 66.86
N LEU K 380 -46.73 65.77 68.00
CA LEU K 380 -45.32 65.88 68.30
C LEU K 380 -44.50 65.13 67.26
N ARG K 381 -44.97 63.95 66.85
CA ARG K 381 -44.27 63.19 65.81
C ARG K 381 -44.21 63.98 64.51
N ASN K 382 -45.31 64.60 64.12
CA ASN K 382 -45.30 65.43 62.92
C ASN K 382 -44.26 66.54 63.04
N GLN K 383 -44.08 67.07 64.24
CA GLN K 383 -43.07 68.10 64.49
C GLN K 383 -41.75 67.55 65.03
N LYS K 384 -41.50 66.24 64.89
CA LYS K 384 -40.33 65.60 65.49
C LYS K 384 -39.34 65.18 64.43
N ALA K 385 -38.08 65.02 64.86
CA ALA K 385 -37.03 64.59 63.96
C ALA K 385 -37.28 63.16 63.50
N PRO K 386 -36.89 62.81 62.26
CA PRO K 386 -36.89 61.40 61.88
C PRO K 386 -35.86 60.62 62.68
N MET K 387 -36.14 59.33 62.86
CA MET K 387 -35.22 58.47 63.61
C MET K 387 -33.89 58.38 62.87
N GLY K 388 -32.84 58.95 63.48
CA GLY K 388 -31.51 58.88 62.92
C GLY K 388 -31.18 59.95 61.89
N LEU K 389 -31.98 61.00 61.79
CA LEU K 389 -31.65 62.08 60.86
C LEU K 389 -30.32 62.71 61.25
N ASP K 390 -29.48 62.93 60.23
CA ASP K 390 -28.20 63.61 60.42
C ASP K 390 -28.41 65.10 60.24
N GLN K 391 -28.31 65.86 61.34
CA GLN K 391 -28.50 67.30 61.33
C GLN K 391 -27.25 68.04 61.81
N SER K 392 -26.08 67.41 61.70
CA SER K 392 -24.85 68.09 62.08
C SER K 392 -24.60 69.31 61.20
N ARG K 393 -24.90 69.19 59.91
CA ARG K 393 -24.72 70.28 58.95
C ARG K 393 -26.01 71.07 58.71
N VAL K 394 -26.85 71.20 59.73
CA VAL K 394 -28.13 71.90 59.64
C VAL K 394 -28.16 72.94 60.75
N PRO K 395 -28.71 74.15 60.53
CA PRO K 395 -28.81 75.11 61.64
C PRO K 395 -29.62 74.57 62.80
N PHE K 396 -29.23 74.98 64.01
CA PHE K 396 -29.87 74.46 65.22
C PHE K 396 -31.34 74.86 65.28
N SER K 397 -31.65 76.10 64.87
CA SER K 397 -33.05 76.53 64.87
C SER K 397 -33.86 75.78 63.84
N GLU K 398 -33.23 75.31 62.76
CA GLU K 398 -33.88 74.48 61.77
C GLU K 398 -33.78 73.00 62.09
N ARG K 399 -33.02 72.63 63.13
CA ARG K 399 -32.97 71.23 63.54
C ARG K 399 -34.33 70.81 64.09
N LYS K 400 -34.69 69.56 63.84
CA LYS K 400 -35.95 69.02 64.33
C LYS K 400 -35.79 68.65 65.81
N LEU K 401 -36.84 68.06 66.39
CA LEU K 401 -36.87 67.76 67.81
C LEU K 401 -36.45 66.32 68.06
N LYS K 402 -35.56 66.13 69.04
CA LYS K 402 -35.15 64.80 69.50
C LYS K 402 -35.71 64.62 70.90
N CYS K 403 -36.71 63.76 71.04
CA CYS K 403 -37.39 63.55 72.31
C CYS K 403 -37.92 62.13 72.38
N SER K 404 -38.19 61.69 73.60
CA SER K 404 -38.71 60.35 73.89
C SER K 404 -40.10 60.51 74.48
N ASN K 405 -41.11 60.52 73.61
CA ASN K 405 -42.50 60.53 74.04
C ASN K 405 -42.97 59.08 74.15
N ARG K 406 -43.29 58.64 75.36
CA ARG K 406 -43.64 57.26 75.62
C ARG K 406 -44.75 57.19 76.67
N PHE K 407 -45.76 56.38 76.42
CA PHE K 407 -46.81 56.20 77.41
C PHE K 407 -46.27 55.42 78.60
N LEU K 408 -46.60 55.89 79.81
CA LEU K 408 -46.17 55.21 81.01
C LEU K 408 -47.12 54.07 81.34
N PRO K 409 -46.66 53.04 82.06
CA PRO K 409 -47.56 51.95 82.48
C PRO K 409 -48.36 52.31 83.73
N ILE K 410 -49.18 53.35 83.62
CA ILE K 410 -50.06 53.80 84.69
C ILE K 410 -51.46 53.89 84.11
N PHE K 411 -52.44 53.29 84.79
CA PHE K 411 -53.78 53.15 84.26
C PHE K 411 -54.77 54.15 84.85
N ALA K 412 -54.30 55.20 85.51
CA ALA K 412 -55.17 56.27 85.97
C ALA K 412 -54.56 57.61 85.65
N PRO K 413 -55.37 58.65 85.43
CA PRO K 413 -54.80 60.00 85.21
C PRO K 413 -54.47 60.66 86.55
N PHE K 414 -53.38 60.21 87.15
CA PHE K 414 -52.97 60.72 88.45
C PHE K 414 -52.61 62.20 88.35
N HIS K 415 -52.99 62.95 89.38
CA HIS K 415 -52.75 64.39 89.44
C HIS K 415 -53.46 65.11 88.30
N SER K 416 -54.77 64.92 88.23
CA SER K 416 -55.60 65.58 87.22
C SER K 416 -56.98 65.82 87.78
N HIS K 417 -57.70 66.76 87.15
CA HIS K 417 -59.08 67.04 87.55
C HIS K 417 -59.99 65.84 87.32
N LEU K 418 -59.60 64.90 86.45
CA LEU K 418 -60.44 63.74 86.19
C LEU K 418 -60.64 62.90 87.44
N LEU K 419 -59.67 62.90 88.35
CA LEU K 419 -59.77 62.21 89.62
C LEU K 419 -60.16 63.13 90.77
N ALA K 420 -60.63 64.33 90.47
CA ALA K 420 -60.97 65.27 91.53
C ALA K 420 -62.12 64.76 92.39
N ASP K 421 -63.11 64.12 91.76
CA ASP K 421 -64.25 63.62 92.51
C ASP K 421 -63.87 62.49 93.47
N ALA K 422 -62.77 61.79 93.21
CA ALA K 422 -62.34 60.71 94.09
C ALA K 422 -61.81 61.20 95.42
N THR K 423 -61.42 62.47 95.51
CA THR K 423 -60.82 62.98 96.74
C THR K 423 -61.79 62.89 97.91
N GLU K 424 -63.03 63.35 97.72
CA GLU K 424 -64.00 63.32 98.80
C GLU K 424 -64.32 61.89 99.22
N LEU K 425 -64.42 60.98 98.24
CA LEU K 425 -64.68 59.59 98.56
C LEU K 425 -63.55 58.98 99.37
N ILE K 426 -62.30 59.30 99.01
CA ILE K 426 -61.17 58.77 99.77
C ILE K 426 -61.16 59.38 101.17
N LEU K 427 -61.54 60.65 101.29
CA LEU K 427 -61.64 61.27 102.61
C LEU K 427 -62.68 60.54 103.47
N ASP K 428 -63.82 60.20 102.86
CA ASP K 428 -64.83 59.44 103.59
C ASP K 428 -64.30 58.08 104.01
N ASP K 429 -63.56 57.41 103.12
CA ASP K 429 -63.02 56.10 103.46
C ASP K 429 -62.06 56.20 104.64
N VAL K 430 -61.13 57.16 104.60
CA VAL K 430 -60.11 57.25 105.64
C VAL K 430 -60.74 57.70 106.95
N LYS K 431 -61.72 58.60 106.92
CA LYS K 431 -62.33 59.01 108.18
C LYS K 431 -63.19 57.90 108.77
N GLU K 432 -63.81 57.06 107.94
CA GLU K 432 -64.58 55.95 108.49
C GLU K 432 -63.65 54.88 109.06
N HIS K 433 -62.49 54.67 108.45
CA HIS K 433 -61.53 53.69 108.94
C HIS K 433 -60.58 54.24 109.99
N GLY K 434 -60.66 55.53 110.31
CA GLY K 434 -59.80 56.10 111.33
C GLY K 434 -58.33 56.04 110.96
N LEU K 435 -58.00 56.42 109.73
CA LEU K 435 -56.64 56.39 109.22
C LEU K 435 -56.07 57.81 109.23
N SER K 436 -54.92 57.98 109.89
CA SER K 436 -54.24 59.27 109.91
C SER K 436 -52.81 59.05 110.37
N PHE K 437 -51.95 60.01 110.04
CA PHE K 437 -50.56 60.02 110.45
C PHE K 437 -50.31 61.18 111.41
N GLU K 438 -49.39 60.96 112.35
CA GLU K 438 -49.06 61.97 113.34
C GLU K 438 -47.65 61.72 113.84
N GLY K 439 -47.11 62.73 114.53
CA GLY K 439 -45.78 62.63 115.11
C GLY K 439 -44.66 62.56 114.10
N LEU K 440 -44.70 63.40 113.07
CA LEU K 440 -43.58 63.47 112.13
C LEU K 440 -42.37 64.08 112.83
N LYS K 441 -41.21 63.45 112.65
CA LYS K 441 -39.97 63.88 113.29
C LYS K 441 -38.89 64.33 112.32
N ILE K 442 -39.13 64.25 111.01
CA ILE K 442 -38.25 64.85 110.01
C ILE K 442 -39.14 65.62 109.03
N PRO K 443 -38.63 66.64 108.34
CA PRO K 443 -39.44 67.31 107.33
C PRO K 443 -39.85 66.36 106.22
N VAL K 444 -41.10 66.48 105.78
CA VAL K 444 -41.62 65.75 104.62
C VAL K 444 -42.19 66.81 103.70
N TYR K 445 -41.41 67.19 102.68
CA TYR K 445 -41.76 68.35 101.87
C TYR K 445 -42.84 68.01 100.85
N ASP K 446 -43.78 68.93 100.69
CA ASP K 446 -44.89 68.75 99.77
C ASP K 446 -44.40 68.68 98.34
N THR K 447 -45.10 67.90 97.51
CA THR K 447 -44.75 67.77 96.11
C THR K 447 -45.19 68.97 95.29
N PHE K 448 -46.29 69.62 95.66
CA PHE K 448 -46.82 70.73 94.87
C PHE K 448 -46.23 72.08 95.27
N ASP K 449 -46.46 72.51 96.51
CA ASP K 449 -46.01 73.82 96.96
C ASP K 449 -44.70 73.77 97.75
N GLY K 450 -44.15 72.58 97.99
CA GLY K 450 -42.87 72.45 98.65
C GLY K 450 -42.89 72.65 100.15
N SER K 451 -44.04 72.98 100.73
CA SER K 451 -44.11 73.22 102.16
C SER K 451 -43.90 71.93 102.94
N ASP K 452 -43.25 72.06 104.10
CA ASP K 452 -43.01 70.91 104.95
C ASP K 452 -44.31 70.47 105.61
N PHE K 453 -44.54 69.16 105.66
CA PHE K 453 -45.78 68.65 106.22
C PHE K 453 -45.84 68.81 107.73
N GLN K 454 -44.70 68.96 108.40
CA GLN K 454 -44.69 69.15 109.84
C GLN K 454 -45.40 70.44 110.22
N ALA K 455 -45.25 71.48 109.38
CA ALA K 455 -45.91 72.75 109.64
C ALA K 455 -47.37 72.77 109.22
N LEU K 456 -47.82 71.78 108.45
CA LEU K 456 -49.20 71.76 107.97
C LEU K 456 -50.17 71.60 109.15
N LYS K 457 -51.23 72.40 109.13
CA LYS K 457 -52.28 72.31 110.14
C LYS K 457 -53.42 71.40 109.71
N GLU K 458 -53.72 71.34 108.41
CA GLU K 458 -54.77 70.47 107.92
C GLU K 458 -54.33 69.01 108.02
N PRO K 459 -55.28 68.07 107.91
CA PRO K 459 -54.92 66.66 108.07
C PRO K 459 -53.90 66.19 107.04
N ILE K 460 -52.93 65.42 107.55
CA ILE K 460 -51.85 64.90 106.70
C ILE K 460 -52.44 64.05 105.58
N ILE K 461 -53.40 63.19 105.92
CA ILE K 461 -53.95 62.27 104.94
C ILE K 461 -54.83 63.02 103.94
N ASP K 462 -55.57 64.03 104.40
CA ASP K 462 -56.33 64.84 103.47
C ASP K 462 -55.42 65.48 102.43
N ARG K 463 -54.32 66.07 102.87
CA ARG K 463 -53.45 66.75 101.93
C ARG K 463 -52.75 65.76 101.01
N VAL K 464 -52.31 64.61 101.55
CA VAL K 464 -51.62 63.63 100.70
C VAL K 464 -52.57 63.10 99.62
N VAL K 465 -53.84 62.87 99.99
CA VAL K 465 -54.82 62.44 98.99
C VAL K 465 -55.01 63.52 97.94
N LYS K 466 -55.09 64.78 98.37
CA LYS K 466 -55.32 65.85 97.41
C LYS K 466 -54.18 65.96 96.42
N LEU K 467 -52.94 65.81 96.89
CA LEU K 467 -51.81 65.83 95.96
C LEU K 467 -51.84 64.62 95.02
N ILE K 468 -52.16 63.44 95.56
CA ILE K 468 -52.12 62.23 94.75
C ILE K 468 -53.15 62.33 93.63
N THR K 469 -54.31 62.91 93.91
CA THR K 469 -55.39 62.92 92.93
C THR K 469 -55.39 64.15 92.02
N GLU K 470 -55.25 65.36 92.56
CA GLU K 470 -55.51 66.59 91.81
C GLU K 470 -54.24 67.37 91.49
N LEU K 471 -53.47 67.78 92.50
CA LEU K 471 -52.39 68.72 92.25
C LEU K 471 -51.26 68.04 91.48
N PRO K 472 -50.63 68.73 90.51
CA PRO K 472 -49.45 68.15 89.86
C PRO K 472 -48.25 68.10 90.79
N VAL K 473 -47.15 67.52 90.33
CA VAL K 473 -45.96 67.30 91.14
C VAL K 473 -44.84 68.17 90.59
N HIS K 474 -44.33 69.08 91.42
CA HIS K 474 -43.15 69.88 91.10
C HIS K 474 -41.97 69.21 91.79
N TRP K 475 -41.38 68.24 91.10
CA TRP K 475 -40.33 67.44 91.72
C TRP K 475 -39.08 68.28 92.01
N GLU K 476 -38.73 69.19 91.10
CA GLU K 476 -37.59 70.07 91.33
C GLU K 476 -37.79 70.92 92.59
N GLU K 477 -38.98 71.50 92.72
CA GLU K 477 -39.27 72.31 93.91
C GLU K 477 -39.26 71.45 95.16
N ALA K 478 -39.79 70.23 95.07
CA ALA K 478 -39.84 69.34 96.23
C ALA K 478 -38.44 68.96 96.70
N THR K 479 -37.55 68.67 95.76
CA THR K 479 -36.20 68.22 96.08
C THR K 479 -35.16 69.33 96.10
N ASN K 480 -35.59 70.59 95.98
CA ASN K 480 -34.65 71.72 95.98
C ASN K 480 -33.88 71.90 97.31
N HIS K 481 -34.09 71.11 98.36
CA HIS K 481 -33.43 71.32 99.63
C HIS K 481 -32.05 70.65 99.66
N LYS K 482 -31.32 70.88 100.74
CA LYS K 482 -29.93 70.45 100.82
C LYS K 482 -29.86 68.95 101.07
N ALA K 483 -28.95 68.28 100.35
CA ALA K 483 -28.76 66.85 100.51
C ALA K 483 -27.45 66.45 99.83
N THR K 484 -26.60 65.75 100.57
CA THR K 484 -25.37 65.20 100.03
C THR K 484 -25.53 63.77 99.54
N HIS K 485 -26.38 62.99 100.20
CA HIS K 485 -26.68 61.62 99.80
C HIS K 485 -28.18 61.43 99.83
N ILE K 486 -28.71 60.80 98.78
CA ILE K 486 -30.13 60.54 98.61
C ILE K 486 -30.30 59.04 98.40
N LEU K 487 -31.25 58.45 99.10
CA LEU K 487 -31.56 57.03 98.99
C LEU K 487 -32.88 56.86 98.26
N ASP K 488 -32.82 56.23 97.09
CA ASP K 488 -34.02 55.94 96.29
C ASP K 488 -34.54 54.58 96.74
N PHE K 489 -35.69 54.58 97.42
CA PHE K 489 -36.33 53.36 97.87
C PHE K 489 -37.43 52.87 96.93
N GLY K 490 -37.74 53.63 95.88
CA GLY K 490 -38.86 53.30 95.03
C GLY K 490 -38.56 52.12 94.14
N PRO K 491 -39.58 51.69 93.39
CA PRO K 491 -39.40 50.59 92.44
C PRO K 491 -38.71 51.07 91.17
N GLY K 492 -38.32 50.10 90.34
CA GLY K 492 -37.71 50.35 89.06
C GLY K 492 -36.21 50.23 89.03
N GLY K 493 -35.53 50.47 90.15
CA GLY K 493 -34.09 50.37 90.19
C GLY K 493 -33.40 51.33 89.25
N VAL K 494 -32.82 50.80 88.17
CA VAL K 494 -32.15 51.65 87.19
C VAL K 494 -33.17 52.56 86.51
N SER K 495 -34.32 52.02 86.16
CA SER K 495 -35.39 52.83 85.56
C SER K 495 -36.24 53.54 86.61
N GLY K 496 -35.83 53.52 87.87
CA GLY K 496 -36.61 54.11 88.94
C GLY K 496 -36.38 55.60 89.07
N LEU K 497 -36.89 56.14 90.18
CA LEU K 497 -36.80 57.57 90.45
C LEU K 497 -35.38 58.02 90.76
N GLY K 498 -34.51 57.09 91.19
CA GLY K 498 -33.19 57.50 91.61
C GLY K 498 -32.37 58.07 90.46
N VAL K 499 -32.39 57.39 89.31
CA VAL K 499 -31.61 57.88 88.16
C VAL K 499 -32.18 59.21 87.68
N LEU K 500 -33.50 59.37 87.73
CA LEU K 500 -34.10 60.65 87.37
C LEU K 500 -33.63 61.76 88.30
N THR K 501 -33.60 61.48 89.61
CA THR K 501 -33.14 62.48 90.56
C THR K 501 -31.65 62.78 90.35
N HIS K 502 -30.87 61.77 89.97
CA HIS K 502 -29.47 62.01 89.65
C HIS K 502 -29.34 62.93 88.45
N ARG K 503 -30.15 62.72 87.42
CA ARG K 503 -30.10 63.61 86.27
C ARG K 503 -30.50 65.03 86.67
N ASN K 504 -31.51 65.15 87.54
CA ASN K 504 -31.96 66.46 87.97
C ASN K 504 -30.88 67.19 88.78
N LYS K 505 -30.19 66.47 89.67
CA LYS K 505 -29.24 67.06 90.61
C LYS K 505 -27.79 66.76 90.24
N GLU K 506 -27.51 66.47 88.97
CA GLU K 506 -26.16 66.10 88.58
C GLU K 506 -25.20 67.25 88.87
N GLY K 507 -24.14 66.94 89.61
CA GLY K 507 -23.16 67.93 89.98
C GLY K 507 -23.59 68.92 91.04
N THR K 508 -24.69 68.65 91.73
CA THR K 508 -25.10 69.47 92.87
C THR K 508 -24.57 68.95 94.19
N GLY K 509 -23.72 67.92 94.16
CA GLY K 509 -23.18 67.33 95.37
C GLY K 509 -24.05 66.28 96.00
N ALA K 510 -25.17 65.91 95.38
CA ALA K 510 -26.09 64.91 95.91
C ALA K 510 -25.81 63.58 95.22
N ARG K 511 -25.23 62.63 95.95
CA ARG K 511 -25.00 61.31 95.41
C ARG K 511 -26.24 60.45 95.61
N ILE K 512 -26.74 59.87 94.53
CA ILE K 512 -27.94 59.04 94.57
C ILE K 512 -27.52 57.59 94.73
N ILE K 513 -28.14 56.89 95.68
CA ILE K 513 -27.89 55.48 95.94
C ILE K 513 -29.23 54.77 95.78
N LEU K 514 -29.27 53.78 94.89
CA LEU K 514 -30.49 53.02 94.62
C LEU K 514 -30.60 51.93 95.69
N ALA K 515 -31.29 52.24 96.79
CA ALA K 515 -31.50 51.26 97.84
C ALA K 515 -32.40 50.12 97.39
N GLY K 516 -33.11 50.28 96.26
CA GLY K 516 -34.01 49.25 95.80
C GLY K 516 -33.36 48.10 95.08
N THR K 517 -32.15 48.29 94.56
CA THR K 517 -31.48 47.29 93.74
C THR K 517 -30.04 47.14 94.18
N LEU K 518 -29.54 45.91 94.10
CA LEU K 518 -28.14 45.60 94.38
C LEU K 518 -27.46 45.22 93.07
N ASP K 519 -26.38 45.93 92.73
CA ASP K 519 -25.61 45.64 91.53
C ASP K 519 -24.26 46.32 91.67
N SER K 520 -23.32 45.92 90.82
CA SER K 520 -22.03 46.58 90.78
C SER K 520 -22.21 48.03 90.35
N ASN K 521 -21.34 48.90 90.87
CA ASN K 521 -21.51 50.32 90.64
C ASN K 521 -21.34 50.62 89.15
N PRO K 522 -21.95 51.70 88.65
CA PRO K 522 -21.87 51.98 87.21
C PRO K 522 -20.44 52.25 86.77
N ILE K 523 -20.27 52.30 85.44
CA ILE K 523 -18.93 52.50 84.87
C ILE K 523 -18.37 53.86 85.32
N ASP K 524 -19.18 54.90 85.25
CA ASP K 524 -18.76 56.23 85.70
C ASP K 524 -18.90 56.42 87.21
N ASP K 525 -19.53 55.47 87.91
CA ASP K 525 -19.74 55.57 89.35
C ASP K 525 -20.51 56.85 89.70
N GLU K 526 -21.63 57.05 88.99
CA GLU K 526 -22.43 58.26 89.11
C GLU K 526 -23.50 58.17 90.20
N TYR K 527 -24.08 56.98 90.39
CA TYR K 527 -25.03 56.75 91.48
C TYR K 527 -24.70 55.42 92.14
N GLY K 528 -24.91 55.36 93.45
CA GLY K 528 -24.59 54.17 94.21
C GLY K 528 -25.67 53.10 94.10
N PHE K 529 -25.38 51.96 94.73
CA PHE K 529 -26.30 50.83 94.80
C PHE K 529 -26.46 50.45 96.27
N LYS K 530 -27.24 49.39 96.52
CA LYS K 530 -27.58 49.02 97.89
C LYS K 530 -26.34 48.73 98.73
N HIS K 531 -25.27 48.26 98.11
CA HIS K 531 -24.06 47.92 98.87
C HIS K 531 -23.45 49.14 99.56
N GLU K 532 -23.63 50.32 98.97
CA GLU K 532 -22.99 51.51 99.52
C GLU K 532 -23.62 51.92 100.85
N ILE K 533 -24.91 51.62 101.04
CA ILE K 533 -25.55 51.97 102.31
C ILE K 533 -24.98 51.13 103.43
N PHE K 534 -24.68 49.86 103.16
CA PHE K 534 -24.17 48.92 104.15
C PHE K 534 -22.66 48.79 104.14
N GLN K 535 -21.96 49.58 103.32
CA GLN K 535 -20.51 49.45 103.22
C GLN K 535 -19.85 49.77 104.56
N THR K 536 -18.91 48.92 104.95
CA THR K 536 -18.09 49.11 106.15
C THR K 536 -16.64 48.83 105.78
N SER K 537 -15.74 49.73 106.19
CA SER K 537 -14.33 49.55 105.93
C SER K 537 -13.53 50.28 107.00
N ALA K 538 -12.28 49.85 107.18
CA ALA K 538 -11.41 50.46 108.19
C ALA K 538 -11.17 51.93 107.88
N ASP K 539 -10.92 52.25 106.61
CA ASP K 539 -10.71 53.65 106.23
C ASP K 539 -11.97 54.48 106.33
N LYS K 540 -13.15 53.86 106.38
CA LYS K 540 -14.43 54.55 106.50
C LYS K 540 -14.68 55.52 105.35
N ALA K 541 -14.16 55.21 104.17
CA ALA K 541 -14.33 56.10 103.02
C ALA K 541 -15.68 55.85 102.35
N ILE K 542 -16.28 56.92 101.83
CA ILE K 542 -17.52 56.85 101.08
C ILE K 542 -17.38 57.70 99.82
N LYS K 543 -18.14 57.31 98.80
CA LYS K 543 -18.15 58.06 97.55
C LYS K 543 -18.98 59.33 97.70
N TRP K 544 -18.45 60.43 97.18
CA TRP K 544 -19.09 61.73 97.22
C TRP K 544 -19.33 62.21 95.80
N ALA K 545 -20.08 63.30 95.68
CA ALA K 545 -20.37 63.92 94.40
C ALA K 545 -19.93 65.37 94.42
N PRO K 546 -19.56 65.93 93.27
CA PRO K 546 -19.05 67.30 93.27
C PRO K 546 -20.15 68.33 93.22
N ASP K 547 -19.96 69.40 93.98
CA ASP K 547 -20.85 70.55 93.99
C ASP K 547 -20.18 71.66 93.17
N TRP K 548 -20.67 71.87 91.95
CA TRP K 548 -20.01 72.76 91.01
C TRP K 548 -19.90 74.18 91.57
N LEU K 549 -20.97 74.67 92.19
CA LEU K 549 -20.97 76.04 92.68
C LEU K 549 -19.84 76.28 93.67
N LYS K 550 -19.89 75.62 94.83
CA LYS K 550 -18.88 75.88 95.85
C LYS K 550 -17.49 75.45 95.39
N GLU K 551 -17.40 74.45 94.51
CA GLU K 551 -16.10 74.01 94.05
C GLU K 551 -15.49 74.95 93.03
N LEU K 552 -16.30 75.79 92.39
CA LEU K 552 -15.86 76.61 91.26
C LEU K 552 -16.41 78.03 91.35
N ARG K 553 -16.55 78.56 92.55
CA ARG K 553 -16.89 79.97 92.70
C ARG K 553 -15.77 80.80 92.06
N PRO K 554 -16.08 81.78 91.18
CA PRO K 554 -15.02 82.70 90.77
C PRO K 554 -14.69 83.67 91.88
N THR K 555 -13.57 83.44 92.56
CA THR K 555 -13.15 84.26 93.68
C THR K 555 -12.05 85.22 93.21
N LEU K 556 -11.53 85.99 94.15
CA LEU K 556 -10.53 87.02 93.88
C LEU K 556 -9.30 86.80 94.75
N VAL K 557 -8.14 87.10 94.19
CA VAL K 557 -6.88 87.01 94.93
C VAL K 557 -6.04 88.25 94.62
N LYS K 558 -5.44 88.82 95.65
CA LYS K 558 -4.57 89.98 95.54
C LYS K 558 -3.13 89.53 95.72
N ASN K 559 -2.26 89.93 94.80
CA ASN K 559 -0.85 89.59 94.91
C ASN K 559 -0.14 90.59 95.83
N SER K 560 1.15 90.33 96.09
CA SER K 560 1.90 91.20 97.00
C SER K 560 1.99 92.63 96.47
N GLU K 561 1.99 92.79 95.15
CA GLU K 561 2.06 94.12 94.55
C GLU K 561 0.72 94.86 94.56
N GLY K 562 -0.32 94.24 95.10
CA GLY K 562 -1.63 94.87 95.20
C GLY K 562 -2.53 94.63 94.02
N LYS K 563 -2.04 94.02 92.95
CA LYS K 563 -2.89 93.75 91.80
C LYS K 563 -3.84 92.60 92.11
N ILE K 564 -5.07 92.72 91.62
CA ILE K 564 -6.16 91.81 91.97
C ILE K 564 -6.55 91.02 90.71
N TYR K 565 -6.64 89.69 90.86
CA TYR K 565 -6.98 88.80 89.77
C TYR K 565 -8.21 87.97 90.17
N VAL K 566 -8.93 87.50 89.15
CA VAL K 566 -10.06 86.60 89.35
C VAL K 566 -9.50 85.20 89.53
N LYS K 567 -9.50 84.72 90.77
CA LYS K 567 -9.11 83.34 91.05
C LYS K 567 -10.05 82.40 90.32
N THR K 568 -9.49 81.43 89.61
CA THR K 568 -10.21 80.50 88.75
C THR K 568 -9.19 79.48 88.27
N LYS K 569 -9.67 78.37 87.72
CA LYS K 569 -8.75 77.35 87.20
C LYS K 569 -7.93 77.90 86.04
N PHE K 570 -8.59 78.58 85.10
CA PHE K 570 -7.87 79.15 83.95
C PHE K 570 -6.92 80.23 84.40
N SER K 571 -7.36 81.11 85.31
CA SER K 571 -6.50 82.18 85.78
C SER K 571 -5.31 81.63 86.56
N GLN K 572 -5.52 80.55 87.31
CA GLN K 572 -4.42 79.89 87.99
C GLN K 572 -3.43 79.32 86.98
N LEU K 573 -3.93 78.63 85.95
CA LEU K 573 -3.04 78.02 84.97
C LEU K 573 -2.22 79.06 84.23
N LEU K 574 -2.86 80.17 83.85
CA LEU K 574 -2.18 81.23 83.11
C LEU K 574 -1.36 82.16 84.00
N GLY K 575 -1.58 82.14 85.31
CA GLY K 575 -0.98 83.15 86.17
C GLY K 575 -1.42 84.55 85.80
N ARG K 576 -2.63 84.68 85.28
CA ARG K 576 -3.12 85.94 84.73
C ARG K 576 -4.64 85.92 84.75
N ALA K 577 -5.24 87.01 84.28
CA ALA K 577 -6.69 87.17 84.30
C ALA K 577 -7.33 86.09 83.43
N PRO K 578 -8.59 85.66 83.72
CA PRO K 578 -9.23 84.59 82.94
C PRO K 578 -9.90 85.08 81.67
N LEU K 579 -9.20 85.94 80.93
CA LEU K 579 -9.66 86.48 79.66
C LEU K 579 -8.57 86.22 78.63
N MET K 580 -8.95 85.69 77.47
CA MET K 580 -7.99 85.39 76.43
C MET K 580 -8.53 85.90 75.10
N VAL K 581 -7.61 86.09 74.16
CA VAL K 581 -7.93 86.46 72.78
C VAL K 581 -7.63 85.26 71.91
N ALA K 582 -8.65 84.75 71.23
CA ALA K 582 -8.48 83.54 70.43
C ALA K 582 -7.68 83.83 69.17
N GLY K 583 -7.08 82.80 68.61
CA GLY K 583 -6.26 82.94 67.42
C GLY K 583 -7.06 83.27 66.18
N MET K 584 -6.88 84.49 65.68
CA MET K 584 -7.57 84.99 64.50
C MET K 584 -6.58 85.17 63.35
N THR K 585 -6.89 84.53 62.22
CA THR K 585 -5.99 84.51 61.08
C THR K 585 -5.76 85.87 60.46
N PRO K 586 -6.76 86.73 60.24
CA PRO K 586 -6.43 88.09 59.78
C PRO K 586 -5.94 88.96 60.92
N THR K 587 -6.52 88.80 62.10
CA THR K 587 -6.31 89.74 63.20
C THR K 587 -5.11 89.38 64.07
N THR K 588 -5.10 88.19 64.68
CA THR K 588 -4.02 87.85 65.58
C THR K 588 -2.79 87.32 64.86
N VAL K 589 -2.83 87.17 63.53
CA VAL K 589 -1.59 86.85 62.82
C VAL K 589 -0.54 87.93 63.09
N ASN K 590 -0.95 89.20 63.06
CA ASN K 590 0.00 90.29 63.17
C ASN K 590 0.64 90.31 64.55
N THR K 591 1.95 90.56 64.57
CA THR K 591 2.70 90.54 65.81
C THR K 591 2.33 91.69 66.73
N ASP K 592 1.84 92.80 66.19
CA ASP K 592 1.58 93.99 67.00
C ASP K 592 0.51 93.71 68.05
N ILE K 593 -0.63 93.15 67.61
CA ILE K 593 -1.72 92.91 68.54
C ILE K 593 -1.34 91.85 69.57
N VAL K 594 -0.62 90.81 69.14
CA VAL K 594 -0.23 89.75 70.06
C VAL K 594 0.70 90.31 71.14
N SER K 595 1.72 91.08 70.72
CA SER K 595 2.64 91.65 71.68
C SER K 595 1.92 92.62 72.62
N ALA K 596 1.00 93.42 72.08
CA ALA K 596 0.29 94.38 72.91
C ALA K 596 -0.59 93.68 73.94
N SER K 597 -1.30 92.63 73.52
CA SER K 597 -2.15 91.90 74.46
C SER K 597 -1.30 91.24 75.55
N LEU K 598 -0.19 90.62 75.16
CA LEU K 598 0.67 90.00 76.18
C LEU K 598 1.21 91.04 77.14
N ASN K 599 1.68 92.18 76.61
CA ASN K 599 2.22 93.22 77.48
C ASN K 599 1.14 93.77 78.41
N ALA K 600 -0.09 93.90 77.92
CA ALA K 600 -1.20 94.28 78.78
C ALA K 600 -1.52 93.20 79.81
N GLY K 601 -1.13 91.96 79.54
CA GLY K 601 -1.25 90.90 80.51
C GLY K 601 -2.42 89.95 80.31
N TYR K 602 -2.78 89.64 79.07
CA TYR K 602 -3.85 88.72 78.76
C TYR K 602 -3.38 87.72 77.73
N HIS K 603 -3.74 86.46 77.94
CA HIS K 603 -3.34 85.41 77.02
C HIS K 603 -3.90 85.67 75.63
N ILE K 604 -3.10 85.38 74.62
CA ILE K 604 -3.48 85.58 73.23
C ILE K 604 -2.75 84.56 72.38
N GLU K 605 -3.38 84.17 71.27
CA GLU K 605 -2.86 83.13 70.39
C GLU K 605 -2.48 83.76 69.05
N LEU K 606 -1.22 83.60 68.68
CA LEU K 606 -0.75 83.95 67.34
C LEU K 606 -1.30 82.93 66.35
N ALA K 607 -2.09 83.40 65.39
CA ALA K 607 -2.72 82.52 64.41
C ALA K 607 -1.72 82.20 63.31
N GLY K 608 -1.59 80.91 62.99
CA GLY K 608 -0.69 80.50 61.93
C GLY K 608 -1.28 80.51 60.54
N GLY K 609 -2.56 80.81 60.38
CA GLY K 609 -3.16 80.74 59.06
C GLY K 609 -2.57 81.76 58.10
N GLY K 610 -2.12 82.88 58.62
CA GLY K 610 -1.43 83.87 57.83
C GLY K 610 0.06 83.65 57.68
N TYR K 611 0.57 82.52 58.18
CA TYR K 611 1.94 82.10 57.96
C TYR K 611 1.94 80.80 57.16
N PHE K 612 2.95 80.64 56.31
CA PHE K 612 3.04 79.49 55.41
C PHE K 612 4.39 78.83 55.38
N SER K 613 5.40 79.35 56.08
CA SER K 613 6.71 78.75 56.14
C SER K 613 7.28 78.82 57.55
N PRO K 614 8.10 77.84 57.95
CA PRO K 614 8.75 77.96 59.27
C PRO K 614 9.58 79.22 59.39
N VAL K 615 10.20 79.68 58.31
CA VAL K 615 11.02 80.88 58.39
C VAL K 615 10.16 82.09 58.75
N MET K 616 9.02 82.24 58.07
CA MET K 616 8.14 83.38 58.33
C MET K 616 7.57 83.30 59.75
N MET K 617 7.12 82.11 60.16
CA MET K 617 6.55 81.98 61.49
C MET K 617 7.60 82.23 62.57
N THR K 618 8.82 81.75 62.36
CA THR K 618 9.89 81.98 63.33
C THR K 618 10.26 83.45 63.40
N ARG K 619 10.25 84.14 62.26
CA ARG K 619 10.51 85.58 62.27
C ARG K 619 9.45 86.31 63.09
N ALA K 620 8.18 85.96 62.88
CA ALA K 620 7.11 86.58 63.65
C ALA K 620 7.24 86.28 65.14
N ILE K 621 7.54 85.03 65.48
CA ILE K 621 7.69 84.67 66.89
C ILE K 621 8.89 85.39 67.49
N ASP K 622 9.96 85.55 66.72
CA ASP K 622 11.12 86.29 67.20
C ASP K 622 10.74 87.73 67.53
N ASP K 623 9.98 88.36 66.63
CA ASP K 623 9.56 89.74 66.87
C ASP K 623 8.70 89.81 68.13
N ILE K 624 7.76 88.87 68.27
CA ILE K 624 6.87 88.87 69.44
C ILE K 624 7.68 88.71 70.71
N VAL K 625 8.61 87.75 70.72
CA VAL K 625 9.41 87.48 71.91
C VAL K 625 10.26 88.70 72.27
N SER K 626 10.88 89.31 71.26
CA SER K 626 11.69 90.51 71.48
C SER K 626 10.86 91.68 72.00
N ARG K 627 9.58 91.76 71.63
CA ARG K 627 8.75 92.89 72.02
C ARG K 627 8.01 92.69 73.33
N ILE K 628 7.73 91.46 73.74
CA ILE K 628 6.99 91.23 74.97
C ILE K 628 7.93 91.32 76.18
N LYS K 629 7.34 91.38 77.35
CA LYS K 629 8.11 91.44 78.59
C LYS K 629 8.67 90.05 78.92
N PRO K 630 9.78 89.98 79.65
CA PRO K 630 10.32 88.68 80.04
C PRO K 630 9.33 87.90 80.90
N GLY K 631 9.26 86.60 80.67
CA GLY K 631 8.35 85.74 81.40
C GLY K 631 6.92 85.75 80.95
N TYR K 632 6.65 86.26 79.75
CA TYR K 632 5.31 86.26 79.17
C TYR K 632 5.26 85.23 78.05
N GLY K 633 4.49 84.17 78.26
CA GLY K 633 4.40 83.13 77.27
C GLY K 633 3.59 83.55 76.06
N LEU K 634 3.66 82.72 75.03
CA LEU K 634 2.95 82.94 73.78
C LEU K 634 2.15 81.68 73.44
N GLY K 635 0.89 81.87 73.06
CA GLY K 635 0.07 80.79 72.54
C GLY K 635 0.09 80.83 71.02
N ILE K 636 -0.08 79.65 70.42
CA ILE K 636 -0.11 79.51 68.96
C ILE K 636 -1.38 78.77 68.58
N ASN K 637 -2.04 79.27 67.54
CA ASN K 637 -3.27 78.70 67.04
C ASN K 637 -3.02 78.09 65.66
N LEU K 638 -3.37 76.81 65.51
CA LEU K 638 -3.24 76.10 64.25
C LEU K 638 -4.60 75.51 63.89
N ILE K 639 -4.79 75.24 62.60
CA ILE K 639 -6.05 74.72 62.07
C ILE K 639 -5.85 73.25 61.74
N TYR K 640 -6.71 72.40 62.29
CA TYR K 640 -6.59 70.96 62.05
C TYR K 640 -6.92 70.59 60.62
N VAL K 641 -7.88 71.29 60.00
CA VAL K 641 -8.28 70.97 58.63
C VAL K 641 -7.17 71.25 57.62
N ASN K 642 -6.13 71.99 58.01
CA ASN K 642 -5.04 72.39 57.12
C ASN K 642 -3.83 71.53 57.44
N PRO K 643 -3.47 70.53 56.61
CA PRO K 643 -2.37 69.64 56.99
C PRO K 643 -1.00 70.27 56.82
N PHE K 644 -0.84 71.13 55.81
CA PHE K 644 0.45 71.75 55.55
C PHE K 644 0.92 72.60 56.72
N MET K 645 0.02 73.44 57.24
CA MET K 645 0.37 74.31 58.35
C MET K 645 0.82 73.50 59.56
N LEU K 646 0.06 72.47 59.93
CA LEU K 646 0.48 71.64 61.05
C LEU K 646 1.79 70.96 60.75
N GLN K 647 1.98 70.49 59.52
CA GLN K 647 3.18 69.76 59.15
C GLN K 647 4.42 70.60 59.37
N TRP K 648 4.40 71.87 58.95
CA TRP K 648 5.58 72.71 59.16
C TRP K 648 5.57 73.45 60.48
N GLY K 649 4.46 73.44 61.23
CA GLY K 649 4.40 74.24 62.45
C GLY K 649 4.69 73.42 63.70
N ILE K 650 4.18 72.19 63.77
CA ILE K 650 4.45 71.34 64.92
C ILE K 650 5.95 71.11 65.09
N PRO K 651 6.70 70.74 64.04
CA PRO K 651 8.17 70.70 64.20
C PRO K 651 8.75 72.05 64.60
N LEU K 652 8.20 73.15 64.08
CA LEU K 652 8.70 74.46 64.48
C LEU K 652 8.47 74.72 65.95
N ILE K 653 7.28 74.38 66.46
CA ILE K 653 7.00 74.58 67.88
C ILE K 653 7.92 73.71 68.72
N LYS K 654 8.13 72.46 68.31
CA LYS K 654 9.03 71.58 69.05
C LYS K 654 10.45 72.13 69.07
N ASP K 655 10.94 72.60 67.92
CA ASP K 655 12.30 73.15 67.85
C ASP K 655 12.42 74.41 68.69
N LEU K 656 11.43 75.29 68.62
CA LEU K 656 11.47 76.52 69.41
C LEU K 656 11.44 76.21 70.90
N ARG K 657 10.66 75.20 71.30
CA ARG K 657 10.58 74.85 72.71
C ARG K 657 11.88 74.25 73.20
N GLU K 658 12.47 73.32 72.45
CA GLU K 658 13.74 72.76 72.86
C GLU K 658 14.87 73.79 72.79
N LYS K 659 14.70 74.84 72.00
CA LYS K 659 15.60 75.97 72.02
C LYS K 659 15.30 76.95 73.15
N GLY K 660 14.14 76.82 73.80
CA GLY K 660 13.82 77.60 74.97
C GLY K 660 12.90 78.78 74.76
N TYR K 661 12.20 78.83 73.63
CA TYR K 661 11.32 79.96 73.38
C TYR K 661 10.13 79.93 74.33
N PRO K 662 9.46 81.09 74.55
CA PRO K 662 8.30 81.14 75.43
C PRO K 662 6.98 80.80 74.72
N ILE K 663 6.98 79.70 73.98
CA ILE K 663 5.75 79.16 73.41
C ILE K 663 5.01 78.47 74.56
N GLN K 664 4.07 79.19 75.17
CA GLN K 664 3.43 78.68 76.37
C GLN K 664 2.40 77.60 76.03
N SER K 665 1.77 77.68 74.87
CA SER K 665 0.70 76.76 74.54
C SER K 665 0.48 76.71 73.03
N LEU K 666 -0.26 75.68 72.61
CA LEU K 666 -0.70 75.49 71.24
C LEU K 666 -2.18 75.19 71.24
N THR K 667 -2.91 75.86 70.34
CA THR K 667 -4.35 75.68 70.20
C THR K 667 -4.67 75.06 68.85
N ILE K 668 -5.54 74.05 68.88
CA ILE K 668 -6.01 73.36 67.67
C ILE K 668 -7.46 73.76 67.44
N GLY K 669 -7.70 74.45 66.32
CA GLY K 669 -9.02 74.87 65.93
C GLY K 669 -9.54 74.12 64.73
N ALA K 670 -10.84 74.25 64.47
CA ALA K 670 -11.49 73.58 63.34
C ALA K 670 -11.28 72.07 63.38
N GLY K 671 -11.34 71.49 64.57
CA GLY K 671 -11.18 70.06 64.74
C GLY K 671 -10.42 69.75 66.02
N VAL K 672 -10.54 68.50 66.43
CA VAL K 672 -9.85 67.97 67.61
C VAL K 672 -8.98 66.81 67.18
N PRO K 673 -7.68 66.78 67.51
CA PRO K 673 -6.88 65.62 67.13
C PRO K 673 -7.31 64.37 67.87
N SER K 674 -6.92 63.22 67.33
CA SER K 674 -7.21 61.95 67.98
C SER K 674 -6.36 61.81 69.23
N ILE K 675 -6.63 60.76 70.00
CA ILE K 675 -5.91 60.55 71.26
C ILE K 675 -4.43 60.34 70.99
N GLU K 676 -4.10 59.57 69.94
CA GLU K 676 -2.71 59.22 69.67
C GLU K 676 -1.89 60.43 69.23
N VAL K 677 -2.47 61.31 68.42
CA VAL K 677 -1.78 62.53 68.03
C VAL K 677 -1.71 63.49 69.22
N ALA K 678 -2.78 63.53 70.02
CA ALA K 678 -2.82 64.44 71.16
C ALA K 678 -1.74 64.11 72.16
N THR K 679 -1.56 62.82 72.48
CA THR K 679 -0.53 62.45 73.45
C THR K 679 0.85 62.84 72.95
N GLU K 680 1.08 62.72 71.64
CA GLU K 680 2.35 63.17 71.07
C GLU K 680 2.52 64.67 71.27
N TYR K 681 1.45 65.44 71.04
CA TYR K 681 1.53 66.88 71.26
C TYR K 681 1.85 67.19 72.72
N ILE K 682 1.21 66.49 73.66
CA ILE K 682 1.42 66.77 75.08
C ILE K 682 2.86 66.43 75.46
N GLU K 683 3.33 65.26 75.07
CA GLU K 683 4.58 64.73 75.61
C GLU K 683 5.82 65.29 74.91
N ASP K 684 5.74 65.52 73.60
CA ASP K 684 6.95 65.88 72.85
C ASP K 684 7.20 67.39 72.86
N LEU K 685 6.14 68.19 72.72
CA LEU K 685 6.32 69.63 72.54
C LEU K 685 6.71 70.34 73.83
N GLY K 686 6.50 69.73 74.99
CA GLY K 686 6.85 70.38 76.24
C GLY K 686 6.10 71.66 76.50
N LEU K 687 4.78 71.63 76.33
CA LEU K 687 3.93 72.79 76.51
C LEU K 687 3.35 72.84 77.92
N THR K 688 2.89 74.03 78.30
CA THR K 688 2.18 74.17 79.58
C THR K 688 0.76 73.62 79.47
N HIS K 689 0.06 73.92 78.39
CA HIS K 689 -1.30 73.45 78.21
C HIS K 689 -1.63 73.42 76.73
N LEU K 690 -2.50 72.48 76.36
CA LEU K 690 -2.97 72.30 75.00
C LEU K 690 -4.41 72.80 74.90
N GLY K 691 -4.64 73.76 74.01
CA GLY K 691 -5.97 74.26 73.73
C GLY K 691 -6.60 73.50 72.58
N LEU K 692 -7.88 73.22 72.71
CA LEU K 692 -8.65 72.52 71.70
C LEU K 692 -9.96 73.25 71.52
N LYS K 693 -10.50 73.25 70.31
CA LYS K 693 -11.78 73.90 70.00
C LYS K 693 -12.76 72.87 69.44
N PRO K 694 -13.50 72.19 70.31
CA PRO K 694 -14.60 71.33 69.83
C PRO K 694 -15.69 72.15 69.16
N GLY K 695 -16.35 71.54 68.17
CA GLY K 695 -17.49 72.13 67.51
C GLY K 695 -18.78 71.37 67.77
N SER K 696 -18.68 70.20 68.37
CA SER K 696 -19.87 69.37 68.62
C SER K 696 -19.57 68.42 69.76
N VAL K 697 -20.61 67.71 70.19
CA VAL K 697 -20.49 66.81 71.34
C VAL K 697 -19.50 65.69 71.05
N ASP K 698 -19.37 65.27 69.79
CA ASP K 698 -18.37 64.26 69.45
C ASP K 698 -16.96 64.78 69.70
N ALA K 699 -16.69 66.02 69.28
CA ALA K 699 -15.39 66.61 69.58
C ALA K 699 -15.19 66.83 71.07
N ILE K 700 -16.26 67.14 71.79
CA ILE K 700 -16.17 67.25 73.24
C ILE K 700 -15.77 65.91 73.84
N SER K 701 -16.36 64.82 73.34
CA SER K 701 -15.98 63.48 73.78
C SER K 701 -14.52 63.21 73.48
N GLN K 702 -14.03 63.66 72.31
CA GLN K 702 -12.63 63.48 71.98
C GLN K 702 -11.72 64.21 72.95
N VAL K 703 -12.06 65.44 73.30
CA VAL K 703 -11.24 66.20 74.24
C VAL K 703 -11.27 65.54 75.62
N ILE K 704 -12.44 65.04 76.03
CA ILE K 704 -12.52 64.35 77.31
C ILE K 704 -11.68 63.08 77.27
N ALA K 705 -11.63 62.41 76.11
CA ALA K 705 -10.76 61.25 75.99
C ALA K 705 -9.30 61.62 76.18
N ILE K 706 -8.87 62.74 75.58
CA ILE K 706 -7.49 63.20 75.77
C ILE K 706 -7.26 63.53 77.24
N ALA K 707 -8.22 64.20 77.88
CA ALA K 707 -8.04 64.58 79.28
C ALA K 707 -7.93 63.35 80.18
N LYS K 708 -8.77 62.34 79.95
CA LYS K 708 -8.67 61.12 80.73
C LYS K 708 -7.34 60.42 80.47
N ALA K 709 -6.87 60.46 79.23
CA ALA K 709 -5.57 59.86 78.92
C ALA K 709 -4.44 60.58 79.63
N HIS K 710 -4.59 61.89 79.87
CA HIS K 710 -3.57 62.70 80.55
C HIS K 710 -4.22 63.44 81.71
N PRO K 711 -4.48 62.76 82.82
CA PRO K 711 -5.16 63.42 83.95
C PRO K 711 -4.36 64.54 84.59
N THR K 712 -3.03 64.55 84.42
CA THR K 712 -2.19 65.54 85.08
C THR K 712 -1.87 66.76 84.22
N PHE K 713 -2.09 66.68 82.90
CA PHE K 713 -1.72 67.77 82.01
C PHE K 713 -2.93 68.65 81.76
N PRO K 714 -2.87 69.97 81.98
CA PRO K 714 -4.03 70.82 81.68
C PRO K 714 -4.40 70.77 80.21
N ILE K 715 -5.71 70.76 79.95
CA ILE K 715 -6.25 70.76 78.59
C ILE K 715 -7.33 71.84 78.55
N VAL K 716 -7.08 72.90 77.80
CA VAL K 716 -8.07 73.97 77.69
C VAL K 716 -9.07 73.58 76.62
N LEU K 717 -10.35 73.49 77.00
CA LEU K 717 -11.44 73.22 76.08
C LEU K 717 -12.12 74.57 75.83
N GLN K 718 -11.87 75.14 74.65
CA GLN K 718 -12.37 76.46 74.30
C GLN K 718 -13.69 76.29 73.57
N TRP K 719 -14.76 76.10 74.34
CA TRP K 719 -16.08 75.92 73.73
C TRP K 719 -16.52 77.20 73.05
N THR K 720 -16.95 77.07 71.80
CA THR K 720 -17.45 78.18 71.01
C THR K 720 -18.70 77.70 70.29
N GLY K 721 -19.81 78.41 70.49
CA GLY K 721 -21.03 78.09 69.79
C GLY K 721 -20.96 78.49 68.33
N GLY K 722 -22.01 78.13 67.60
CA GLY K 722 -22.09 78.52 66.21
C GLY K 722 -22.23 80.01 65.99
N ARG K 723 -22.53 80.77 67.05
CA ARG K 723 -22.74 82.20 66.96
C ARG K 723 -21.42 82.99 66.91
N GLY K 724 -20.28 82.32 67.04
CA GLY K 724 -19.02 83.02 66.99
C GLY K 724 -18.66 83.47 65.58
N GLY K 725 -17.78 84.46 65.51
CA GLY K 725 -17.36 85.00 64.24
C GLY K 725 -16.46 84.05 63.48
N GLY K 726 -16.25 84.36 62.20
CA GLY K 726 -15.44 83.51 61.36
C GLY K 726 -16.06 82.15 61.18
N HIS K 727 -15.21 81.14 61.02
CA HIS K 727 -15.68 79.76 60.96
C HIS K 727 -16.44 79.44 62.24
N HIS K 728 -17.59 78.77 62.10
CA HIS K 728 -18.43 78.46 63.24
C HIS K 728 -19.15 77.15 63.00
N SER K 729 -19.55 76.50 64.08
CA SER K 729 -20.29 75.26 64.03
C SER K 729 -21.79 75.55 63.86
N PHE K 730 -22.58 74.49 63.78
CA PHE K 730 -24.03 74.60 63.69
C PHE K 730 -24.72 74.46 65.04
N GLU K 731 -23.97 74.28 66.12
CA GLU K 731 -24.52 73.98 67.43
C GLU K 731 -24.79 75.25 68.22
N ASP K 732 -25.84 75.19 69.03
CA ASP K 732 -26.12 76.27 69.98
C ASP K 732 -25.00 76.35 71.01
N PHE K 733 -24.77 77.57 71.51
CA PHE K 733 -23.70 77.77 72.47
C PHE K 733 -23.95 77.02 73.77
N HIS K 734 -25.21 76.78 74.12
CA HIS K 734 -25.58 76.28 75.45
C HIS K 734 -25.90 74.80 75.49
N GLN K 735 -26.62 74.28 74.49
CA GLN K 735 -27.18 72.93 74.61
C GLN K 735 -26.12 71.85 74.75
N PRO K 736 -25.05 71.80 73.94
CA PRO K 736 -24.01 70.79 74.19
C PRO K 736 -23.35 70.94 75.54
N ILE K 737 -23.20 72.18 76.02
CA ILE K 737 -22.55 72.41 77.30
C ILE K 737 -23.38 71.80 78.43
N ILE K 738 -24.71 71.89 78.34
CA ILE K 738 -25.55 71.39 79.42
C ILE K 738 -25.33 69.89 79.61
N GLN K 739 -25.27 69.14 78.51
CA GLN K 739 -25.12 67.70 78.63
C GLN K 739 -23.68 67.31 78.97
N MET K 740 -22.70 67.99 78.38
CA MET K 740 -21.31 67.54 78.50
C MET K 740 -20.52 68.23 79.60
N TYR K 741 -21.09 69.20 80.31
CA TYR K 741 -20.32 69.92 81.32
C TYR K 741 -20.01 69.03 82.51
N SER K 742 -20.97 68.18 82.91
CA SER K 742 -20.71 67.22 83.97
C SER K 742 -19.62 66.23 83.56
N LYS K 743 -19.68 65.74 82.32
CA LYS K 743 -18.64 64.83 81.84
C LYS K 743 -17.29 65.54 81.75
N ILE K 744 -17.30 66.80 81.34
CA ILE K 744 -16.06 67.58 81.30
C ILE K 744 -15.52 67.77 82.71
N ARG K 745 -16.39 68.18 83.64
CA ARG K 745 -15.95 68.41 85.01
C ARG K 745 -15.53 67.13 85.72
N ARG K 746 -15.93 65.97 85.20
CA ARG K 746 -15.43 64.72 85.73
C ARG K 746 -13.91 64.61 85.62
N CYS K 747 -13.32 65.35 84.68
CA CYS K 747 -11.87 65.45 84.56
C CYS K 747 -11.41 66.77 85.16
N SER K 748 -10.51 66.70 86.14
CA SER K 748 -10.07 67.89 86.85
C SER K 748 -8.97 68.65 86.12
N ASN K 749 -8.51 68.17 84.96
CA ASN K 749 -7.49 68.86 84.19
C ASN K 749 -8.05 69.63 83.01
N ILE K 750 -9.35 69.51 82.72
CA ILE K 750 -9.94 70.31 81.66
C ILE K 750 -10.27 71.69 82.19
N VAL K 751 -9.85 72.71 81.47
CA VAL K 751 -10.16 74.11 81.75
C VAL K 751 -11.15 74.58 80.71
N LEU K 752 -12.41 74.79 81.11
CA LEU K 752 -13.49 75.10 80.18
C LEU K 752 -13.55 76.61 79.98
N VAL K 753 -13.40 77.04 78.73
CA VAL K 753 -13.38 78.46 78.37
C VAL K 753 -14.58 78.72 77.48
N ALA K 754 -15.29 79.82 77.74
CA ALA K 754 -16.46 80.19 76.96
C ALA K 754 -16.08 81.17 75.85
N GLY K 755 -16.72 81.00 74.69
CA GLY K 755 -16.54 81.95 73.62
C GLY K 755 -17.80 82.21 72.82
N SER K 756 -17.62 82.72 71.60
CA SER K 756 -18.71 82.89 70.64
C SER K 756 -19.79 83.84 71.18
N GLY K 757 -19.40 85.11 71.27
CA GLY K 757 -20.36 86.18 71.47
C GLY K 757 -20.15 87.02 72.71
N PHE K 758 -18.90 87.15 73.15
CA PHE K 758 -18.56 87.83 74.38
C PHE K 758 -17.78 89.10 74.06
N GLY K 759 -18.23 90.22 74.62
CA GLY K 759 -17.53 91.48 74.45
C GLY K 759 -17.61 92.42 75.64
N SER K 760 -18.20 91.99 76.76
CA SER K 760 -18.37 92.91 77.88
C SER K 760 -18.56 92.14 79.18
N ASP K 761 -18.28 92.83 80.28
CA ASP K 761 -18.32 92.21 81.60
C ASP K 761 -19.72 91.75 81.97
N GLU K 762 -20.74 92.56 81.67
CA GLU K 762 -22.09 92.23 82.11
C GLU K 762 -22.60 90.97 81.41
N ASP K 763 -22.25 90.80 80.12
CA ASP K 763 -22.70 89.61 79.39
C ASP K 763 -21.79 88.41 79.61
N THR K 764 -20.56 88.62 80.07
CA THR K 764 -19.65 87.51 80.32
C THR K 764 -19.78 86.94 81.73
N TYR K 765 -20.11 87.77 82.71
CA TYR K 765 -20.15 87.29 84.09
C TYR K 765 -21.13 86.15 84.32
N PRO K 766 -22.33 86.12 83.72
CA PRO K 766 -23.23 84.98 83.98
C PRO K 766 -22.61 83.63 83.62
N TYR K 767 -21.70 83.61 82.64
CA TYR K 767 -21.04 82.36 82.29
C TYR K 767 -19.87 82.07 83.22
N LEU K 768 -19.17 83.12 83.68
CA LEU K 768 -18.07 82.92 84.62
C LEU K 768 -18.59 82.38 85.94
N SER K 769 -19.61 83.03 86.50
CA SER K 769 -20.17 82.61 87.78
C SER K 769 -21.04 81.36 87.65
N GLY K 770 -21.66 81.15 86.49
CA GLY K 770 -22.51 80.01 86.26
C GLY K 770 -23.99 80.26 86.39
N TYR K 771 -24.41 81.49 86.71
CA TYR K 771 -25.83 81.79 86.82
C TYR K 771 -26.55 81.79 85.48
N TRP K 772 -25.85 81.58 84.37
CA TRP K 772 -26.52 81.47 83.09
C TRP K 772 -27.46 80.26 83.07
N SER K 773 -27.15 79.23 83.84
CA SER K 773 -27.88 77.98 83.76
C SER K 773 -29.22 78.02 84.49
N GLU K 774 -29.42 78.94 85.44
CA GLU K 774 -30.68 78.95 86.16
C GLU K 774 -31.84 79.31 85.23
N LYS K 775 -31.58 80.08 84.18
CA LYS K 775 -32.62 80.37 83.20
C LYS K 775 -33.07 79.13 82.46
N PHE K 776 -32.25 78.08 82.44
CA PHE K 776 -32.60 76.80 81.83
C PHE K 776 -33.09 75.79 82.85
N ASN K 777 -33.34 76.20 84.10
CA ASN K 777 -33.73 75.29 85.17
C ASN K 777 -32.66 74.22 85.38
N TYR K 778 -31.43 74.68 85.57
CA TYR K 778 -30.27 73.84 85.83
C TYR K 778 -29.45 74.46 86.95
N PRO K 779 -28.63 73.67 87.63
CA PRO K 779 -27.78 74.23 88.69
C PRO K 779 -26.71 75.12 88.10
N PRO K 780 -26.08 75.97 88.90
CA PRO K 780 -25.06 76.88 88.35
C PRO K 780 -23.93 76.11 87.69
N MET K 781 -23.45 76.64 86.57
CA MET K 781 -22.45 75.99 85.73
C MET K 781 -21.35 77.01 85.41
N PRO K 782 -20.51 77.34 86.39
CA PRO K 782 -19.47 78.34 86.14
C PRO K 782 -18.48 77.89 85.08
N PHE K 783 -17.99 78.85 84.31
CA PHE K 783 -16.95 78.62 83.31
C PHE K 783 -15.61 79.06 83.89
N ASP K 784 -14.54 78.40 83.45
CA ASP K 784 -13.21 78.73 83.94
C ASP K 784 -12.61 79.94 83.25
N GLY K 785 -13.14 80.37 82.12
CA GLY K 785 -12.60 81.53 81.42
C GLY K 785 -13.49 81.90 80.27
N VAL K 786 -13.15 83.04 79.66
CA VAL K 786 -13.85 83.57 78.49
C VAL K 786 -12.83 83.99 77.46
N LEU K 787 -13.03 83.55 76.21
CA LEU K 787 -12.20 83.95 75.08
C LEU K 787 -12.94 85.01 74.26
N PHE K 788 -12.20 86.00 73.77
CA PHE K 788 -12.76 87.09 73.00
C PHE K 788 -12.21 87.07 71.59
N GLY K 789 -13.10 87.10 70.60
CA GLY K 789 -12.74 87.09 69.21
C GLY K 789 -13.06 88.41 68.54
N SER K 790 -14.23 88.49 67.92
CA SER K 790 -14.66 89.67 67.18
C SER K 790 -14.61 90.96 68.00
N ARG K 791 -14.57 90.88 69.33
CA ARG K 791 -14.58 92.09 70.13
C ARG K 791 -13.32 92.93 69.89
N VAL K 792 -12.18 92.29 69.67
CA VAL K 792 -10.89 92.96 69.70
C VAL K 792 -10.37 93.24 68.28
N MET K 793 -11.21 93.14 67.25
CA MET K 793 -10.75 93.52 65.92
C MET K 793 -10.74 95.02 65.71
N THR K 794 -11.55 95.75 66.46
CA THR K 794 -11.57 97.21 66.39
C THR K 794 -10.52 97.86 67.26
N SER K 795 -9.59 97.08 67.81
CA SER K 795 -8.59 97.65 68.71
C SER K 795 -7.57 98.47 67.92
N LYS K 796 -6.88 99.36 68.64
CA LYS K 796 -5.88 100.20 68.00
C LYS K 796 -4.77 99.38 67.37
N GLU K 797 -4.30 98.35 68.07
CA GLU K 797 -3.15 97.58 67.59
C GLU K 797 -3.52 96.62 66.48
N SER K 798 -4.80 96.30 66.31
CA SER K 798 -5.21 95.44 65.21
C SER K 798 -4.93 96.11 63.88
N HIS K 799 -4.47 95.32 62.91
CA HIS K 799 -4.11 95.82 61.60
C HIS K 799 -5.31 95.94 60.66
N THR K 800 -6.52 95.65 61.14
CA THR K 800 -7.71 95.81 60.31
C THR K 800 -7.84 97.25 59.86
N SER K 801 -8.28 97.43 58.61
CA SER K 801 -8.34 98.76 58.02
C SER K 801 -9.32 99.64 58.81
N LEU K 802 -9.08 100.95 58.75
CA LEU K 802 -9.94 101.88 59.47
C LEU K 802 -11.37 101.80 58.95
N ALA K 803 -11.54 101.70 57.63
CA ALA K 803 -12.88 101.56 57.07
C ALA K 803 -13.53 100.27 57.54
N ALA K 804 -12.77 99.18 57.62
CA ALA K 804 -13.31 97.93 58.13
C ALA K 804 -13.75 98.07 59.59
N LYS K 805 -12.96 98.77 60.40
CA LYS K 805 -13.34 98.98 61.79
C LYS K 805 -14.62 99.82 61.89
N LYS K 806 -14.72 100.86 61.07
CA LYS K 806 -15.92 101.68 61.09
C LYS K 806 -17.14 100.88 60.65
N LEU K 807 -16.98 100.02 59.65
CA LEU K 807 -18.10 99.16 59.24
C LEU K 807 -18.47 98.17 60.34
N ILE K 808 -17.46 97.66 61.06
CA ILE K 808 -17.72 96.77 62.18
C ILE K 808 -18.55 97.48 63.24
N VAL K 809 -18.17 98.73 63.56
CA VAL K 809 -18.93 99.50 64.55
C VAL K 809 -20.33 99.79 64.03
N GLU K 810 -20.47 100.04 62.73
CA GLU K 810 -21.79 100.25 62.14
C GLU K 810 -22.66 99.02 62.27
N CYS K 811 -22.08 97.82 62.15
CA CYS K 811 -22.84 96.59 62.35
C CYS K 811 -23.39 96.57 63.77
N LYS K 812 -24.71 96.45 63.89
CA LYS K 812 -25.35 96.54 65.21
C LYS K 812 -25.33 95.21 65.95
N GLY K 813 -25.37 94.09 65.24
CA GLY K 813 -25.42 92.78 65.87
C GLY K 813 -26.82 92.42 66.32
N VAL K 814 -26.90 91.28 67.00
CA VAL K 814 -28.18 90.76 67.51
C VAL K 814 -27.94 89.97 68.77
N PRO K 815 -28.99 89.73 69.57
CA PRO K 815 -28.84 88.79 70.69
C PRO K 815 -28.83 87.35 70.22
N ASP K 816 -28.66 86.42 71.16
CA ASP K 816 -28.48 85.01 70.79
C ASP K 816 -29.76 84.39 70.21
N GLN K 817 -30.93 84.99 70.48
CA GLN K 817 -32.16 84.35 70.06
C GLN K 817 -32.32 84.28 68.55
N GLN K 818 -31.66 85.15 67.80
CA GLN K 818 -31.78 85.16 66.34
C GLN K 818 -30.43 85.37 65.66
N TRP K 819 -29.39 84.70 66.15
CA TRP K 819 -28.13 84.65 65.41
C TRP K 819 -28.17 83.64 64.27
N GLU K 820 -29.09 82.67 64.33
CA GLU K 820 -29.11 81.60 63.35
C GLU K 820 -29.77 82.00 62.04
N GLN K 821 -30.50 83.12 62.01
CA GLN K 821 -31.07 83.62 60.78
C GLN K 821 -30.05 84.36 59.90
N THR K 822 -28.76 84.28 60.25
CA THR K 822 -27.72 84.70 59.32
C THR K 822 -27.70 83.82 58.09
N TYR K 823 -28.05 82.54 58.25
CA TYR K 823 -27.97 81.58 57.15
C TYR K 823 -28.83 81.99 55.95
N LYS K 824 -29.89 82.75 56.17
CA LYS K 824 -30.85 83.09 55.13
C LYS K 824 -30.72 84.54 54.66
N LYS K 825 -30.53 85.48 55.58
CA LYS K 825 -30.47 86.89 55.27
C LYS K 825 -29.50 87.57 56.22
N PRO K 826 -29.10 88.80 55.93
CA PRO K 826 -28.18 89.50 56.85
C PRO K 826 -28.82 89.73 58.20
N THR K 827 -27.96 89.83 59.22
CA THR K 827 -28.41 89.90 60.61
C THR K 827 -27.51 90.90 61.33
N GLY K 828 -27.99 92.14 61.47
CA GLY K 828 -27.14 93.18 62.04
C GLY K 828 -25.90 93.44 61.22
N GLY K 829 -25.99 93.32 59.90
CA GLY K 829 -24.86 93.52 59.02
C GLY K 829 -23.95 92.33 58.86
N ILE K 830 -24.36 91.14 59.33
CA ILE K 830 -23.53 89.94 59.28
C ILE K 830 -24.34 88.81 58.68
N ILE K 831 -23.72 88.05 57.78
CA ILE K 831 -24.37 86.95 57.05
C ILE K 831 -23.44 85.75 57.07
N THR K 832 -24.00 84.56 56.90
CA THR K 832 -23.22 83.36 56.77
C THR K 832 -22.99 83.03 55.29
N VAL K 833 -21.76 82.69 54.94
CA VAL K 833 -21.40 82.26 53.60
C VAL K 833 -20.71 80.90 53.72
N ARG K 834 -20.53 80.26 52.58
CA ARG K 834 -19.92 78.93 52.51
C ARG K 834 -18.49 79.06 51.99
N SER K 835 -17.55 78.40 52.67
CA SER K 835 -16.15 78.47 52.30
C SER K 835 -15.87 77.56 51.10
N GLU K 836 -14.58 77.45 50.75
CA GLU K 836 -14.17 76.48 49.75
C GLU K 836 -14.28 75.05 50.26
N MET K 837 -14.10 74.84 51.57
CA MET K 837 -14.15 73.51 52.15
C MET K 837 -15.56 73.06 52.53
N GLY K 838 -16.57 73.91 52.30
CA GLY K 838 -17.93 73.57 52.64
C GLY K 838 -18.37 73.95 54.03
N GLU K 839 -17.49 74.62 54.84
CA GLU K 839 -17.86 75.04 56.18
C GLU K 839 -18.47 76.45 56.17
N PRO K 840 -19.30 76.79 57.15
CA PRO K 840 -19.88 78.14 57.18
C PRO K 840 -18.96 79.15 57.85
N ILE K 841 -19.00 80.38 57.34
CA ILE K 841 -18.20 81.49 57.84
C ILE K 841 -19.12 82.69 58.04
N HIS K 842 -19.04 83.31 59.20
CA HIS K 842 -19.76 84.55 59.48
C HIS K 842 -18.92 85.71 58.97
N LYS K 843 -19.52 86.53 58.10
CA LYS K 843 -18.82 87.67 57.51
C LYS K 843 -19.77 88.85 57.43
N ILE K 844 -19.20 90.05 57.49
CA ILE K 844 -20.02 91.26 57.40
C ILE K 844 -20.71 91.28 56.05
N ALA K 845 -21.96 91.75 56.03
CA ALA K 845 -22.77 91.75 54.81
C ALA K 845 -22.37 92.90 53.90
N THR K 846 -21.13 92.83 53.42
CA THR K 846 -20.64 93.75 52.41
C THR K 846 -21.10 93.27 51.03
N ARG K 847 -20.87 94.10 50.01
CA ARG K 847 -21.32 93.75 48.68
C ARG K 847 -20.59 92.50 48.15
N GLY K 848 -19.29 92.40 48.42
CA GLY K 848 -18.57 91.20 48.04
C GLY K 848 -19.10 89.96 48.73
N VAL K 849 -19.42 90.07 50.01
CA VAL K 849 -19.97 88.93 50.74
C VAL K 849 -21.37 88.58 50.23
N MET K 850 -22.17 89.59 49.87
CA MET K 850 -23.44 89.33 49.20
C MET K 850 -23.24 88.49 47.95
N PHE K 851 -22.34 88.93 47.06
CA PHE K 851 -22.12 88.18 45.84
C PHE K 851 -21.58 86.79 46.12
N TRP K 852 -20.74 86.65 47.15
CA TRP K 852 -20.33 85.33 47.61
C TRP K 852 -21.56 84.48 47.93
N LYS K 853 -22.52 85.05 48.65
CA LYS K 853 -23.72 84.30 49.02
C LYS K 853 -24.52 83.89 47.78
N GLU K 854 -24.68 84.80 46.82
CA GLU K 854 -25.42 84.45 45.61
C GLU K 854 -24.72 83.33 44.86
N LEU K 855 -23.39 83.37 44.79
CA LEU K 855 -22.68 82.34 44.06
C LEU K 855 -22.76 80.99 44.78
N ASP K 856 -22.76 81.00 46.12
CA ASP K 856 -23.00 79.73 46.82
C ASP K 856 -24.40 79.21 46.54
N ASP K 857 -25.38 80.09 46.52
CA ASP K 857 -26.77 79.66 46.34
C ASP K 857 -27.09 79.22 44.91
N THR K 858 -26.38 79.73 43.91
CA THR K 858 -26.76 79.52 42.52
C THR K 858 -25.71 78.88 41.64
N ILE K 859 -24.44 78.79 42.07
CA ILE K 859 -23.36 78.29 41.23
C ILE K 859 -22.64 77.14 41.92
N PHE K 860 -22.06 77.41 43.09
CA PHE K 860 -21.18 76.43 43.71
C PHE K 860 -21.93 75.24 44.29
N ASN K 861 -23.22 75.41 44.59
CA ASN K 861 -24.03 74.29 45.04
C ASN K 861 -24.36 73.31 43.92
N LEU K 862 -24.16 73.71 42.67
CA LEU K 862 -24.47 72.85 41.53
C LEU K 862 -23.41 71.77 41.36
N PRO K 863 -23.74 70.66 40.71
CA PRO K 863 -22.73 69.64 40.44
C PRO K 863 -21.72 70.11 39.41
N LYS K 864 -20.58 69.40 39.38
CA LYS K 864 -19.50 69.79 38.48
C LYS K 864 -19.93 69.69 37.02
N ASN K 865 -20.70 68.65 36.67
CA ASN K 865 -21.12 68.46 35.30
C ASN K 865 -22.04 69.57 34.81
N LYS K 866 -22.65 70.33 35.72
CA LYS K 866 -23.54 71.43 35.38
C LYS K 866 -22.88 72.79 35.60
N LEU K 867 -21.80 72.84 36.37
CA LEU K 867 -21.18 74.11 36.74
C LEU K 867 -20.71 74.89 35.52
N LEU K 868 -20.10 74.21 34.54
CA LEU K 868 -19.54 74.92 33.39
C LEU K 868 -20.64 75.62 32.60
N ASP K 869 -21.73 74.90 32.30
CA ASP K 869 -22.81 75.52 31.55
C ASP K 869 -23.50 76.61 32.36
N ALA K 870 -23.63 76.42 33.68
CA ALA K 870 -24.22 77.47 34.50
C ALA K 870 -23.37 78.74 34.47
N LEU K 871 -22.05 78.58 34.57
CA LEU K 871 -21.15 79.73 34.49
C LEU K 871 -21.24 80.40 33.12
N ASN K 872 -21.31 79.60 32.05
CA ASN K 872 -21.44 80.17 30.73
C ASN K 872 -22.74 80.97 30.61
N LYS K 873 -23.83 80.46 31.18
CA LYS K 873 -25.10 81.18 31.13
C LYS K 873 -25.02 82.49 31.88
N LYS K 874 -24.42 82.48 33.09
CA LYS K 874 -24.30 83.67 33.91
C LYS K 874 -22.95 84.36 33.73
N ARG K 875 -22.35 84.23 32.55
CA ARG K 875 -21.01 84.77 32.29
C ARG K 875 -20.96 86.27 32.49
N ASP K 876 -21.88 87.01 31.86
CA ASP K 876 -21.81 88.47 31.90
C ASP K 876 -22.08 89.00 33.30
N HIS K 877 -23.10 88.47 33.99
CA HIS K 877 -23.45 88.97 35.31
C HIS K 877 -22.32 88.76 36.30
N ILE K 878 -21.69 87.59 36.25
CA ILE K 878 -20.59 87.29 37.17
C ILE K 878 -19.45 88.27 36.98
N ILE K 879 -19.08 88.53 35.72
CA ILE K 879 -17.99 89.45 35.45
C ILE K 879 -18.34 90.86 35.90
N LYS K 880 -19.56 91.31 35.60
CA LYS K 880 -19.97 92.65 35.97
C LYS K 880 -19.91 92.85 37.48
N LYS K 881 -20.46 91.88 38.23
CA LYS K 881 -20.47 92.04 39.68
C LYS K 881 -19.10 91.77 40.29
N LEU K 882 -18.24 91.01 39.61
CA LEU K 882 -16.86 90.87 40.09
C LEU K 882 -16.12 92.19 39.97
N ASN K 883 -16.32 92.90 38.85
CA ASN K 883 -15.70 94.21 38.68
C ASN K 883 -16.28 95.27 39.61
N ASN K 884 -17.58 95.20 39.90
CA ASN K 884 -18.25 96.24 40.69
C ASN K 884 -18.20 96.01 42.19
N ASP K 885 -18.41 94.78 42.65
CA ASP K 885 -18.71 94.50 44.05
C ASP K 885 -17.70 93.63 44.78
N PHE K 886 -16.95 92.79 44.08
CA PHE K 886 -16.07 91.83 44.73
C PHE K 886 -14.63 92.32 44.73
N GLN K 887 -13.88 91.87 45.75
CA GLN K 887 -12.49 92.26 45.92
C GLN K 887 -11.60 91.76 44.79
N LYS K 888 -12.01 90.72 44.07
CA LYS K 888 -11.22 90.13 42.99
C LYS K 888 -11.88 90.48 41.66
N PRO K 889 -11.51 91.57 41.01
CA PRO K 889 -12.17 91.93 39.75
C PRO K 889 -11.82 90.98 38.62
N TRP K 890 -12.59 91.07 37.55
CA TRP K 890 -12.26 90.34 36.33
C TRP K 890 -10.96 90.88 35.76
N PHE K 891 -9.99 89.99 35.54
CA PHE K 891 -8.70 90.44 35.01
C PHE K 891 -8.84 90.99 33.59
N GLY K 892 -9.65 90.33 32.76
CA GLY K 892 -9.83 90.75 31.39
C GLY K 892 -10.27 92.19 31.25
N LYS K 893 -9.39 93.03 30.70
CA LYS K 893 -9.68 94.44 30.52
C LYS K 893 -8.79 95.02 29.41
N ASN K 894 -9.39 95.34 28.27
CA ASN K 894 -8.69 95.97 27.16
C ASN K 894 -9.19 97.40 26.99
N ALA K 895 -8.72 98.08 25.95
CA ALA K 895 -9.12 99.46 25.71
C ALA K 895 -10.60 99.57 25.45
N ASN K 896 -11.17 98.60 24.74
CA ASN K 896 -12.61 98.62 24.47
C ASN K 896 -13.40 98.51 25.76
N GLY K 897 -12.96 97.66 26.68
CA GLY K 897 -13.64 97.49 27.95
C GLY K 897 -13.31 96.13 28.55
N VAL K 898 -14.20 95.68 29.44
CA VAL K 898 -14.05 94.35 30.01
C VAL K 898 -14.12 93.31 28.90
N CYS K 899 -13.26 92.30 28.99
CA CYS K 899 -13.11 91.34 27.91
C CYS K 899 -12.68 90.00 28.50
N ASP K 900 -12.22 89.11 27.64
CA ASP K 900 -11.60 87.85 28.03
C ASP K 900 -10.08 88.02 28.01
N LEU K 901 -9.39 86.98 28.50
CA LEU K 901 -7.93 87.02 28.49
C LEU K 901 -7.40 87.06 27.05
N GLN K 902 -7.98 86.25 26.17
CA GLN K 902 -7.46 86.13 24.81
C GLN K 902 -7.64 87.42 24.00
N GLU K 903 -8.53 88.31 24.41
CA GLU K 903 -8.75 89.57 23.70
C GLU K 903 -7.92 90.71 24.27
N MET K 904 -6.74 90.41 24.83
CA MET K 904 -5.85 91.41 25.39
C MET K 904 -4.46 91.26 24.79
N THR K 905 -3.78 92.39 24.60
CA THR K 905 -2.39 92.36 24.19
C THR K 905 -1.50 92.07 25.39
N TYR K 906 -0.24 91.69 25.11
CA TYR K 906 0.70 91.40 26.18
C TYR K 906 0.97 92.65 27.02
N LYS K 907 1.09 93.81 26.38
CA LYS K 907 1.20 95.05 27.14
C LYS K 907 -0.02 95.27 28.01
N GLU K 908 -1.21 94.97 27.49
CA GLU K 908 -2.42 95.12 28.29
C GLU K 908 -2.40 94.17 29.49
N VAL K 909 -1.97 92.92 29.27
CA VAL K 909 -1.93 91.96 30.38
C VAL K 909 -0.93 92.40 31.43
N ALA K 910 0.25 92.86 31.00
CA ALA K 910 1.27 93.29 31.95
C ALA K 910 0.83 94.52 32.72
N ASN K 911 0.22 95.48 32.03
CA ASN K 911 -0.28 96.68 32.70
C ASN K 911 -1.36 96.34 33.69
N ARG K 912 -2.25 95.40 33.34
CA ARG K 912 -3.29 94.98 34.27
C ARG K 912 -2.70 94.27 35.48
N LEU K 913 -1.66 93.45 35.27
CA LEU K 913 -1.01 92.79 36.39
C LEU K 913 -0.39 93.81 37.34
N VAL K 914 0.29 94.81 36.78
CA VAL K 914 0.88 95.86 37.63
C VAL K 914 -0.23 96.64 38.34
N GLU K 915 -1.35 96.87 37.64
CA GLU K 915 -2.44 97.62 38.23
C GLU K 915 -3.06 96.89 39.42
N LEU K 916 -3.22 95.57 39.29
CA LEU K 916 -3.94 94.80 40.30
C LEU K 916 -3.04 94.15 41.34
N MET K 917 -1.72 94.18 41.16
CA MET K 917 -0.80 93.51 42.08
C MET K 917 0.23 94.45 42.70
N TYR K 918 0.42 95.64 42.14
CA TYR K 918 1.35 96.64 42.66
C TYR K 918 0.53 97.82 43.16
N VAL K 919 0.89 98.32 44.35
CA VAL K 919 0.15 99.41 44.98
C VAL K 919 0.87 100.71 44.65
N LYS K 920 0.20 101.57 43.87
CA LYS K 920 0.78 102.85 43.52
C LYS K 920 0.94 103.74 44.74
N LYS K 921 -0.04 103.74 45.64
CA LYS K 921 -0.01 104.65 46.78
C LYS K 921 1.21 104.39 47.67
N SER K 922 1.48 103.13 47.97
CA SER K 922 2.57 102.76 48.86
C SER K 922 3.86 102.42 48.14
N HIS K 923 3.85 102.33 46.81
CA HIS K 923 5.04 102.00 46.03
C HIS K 923 5.62 100.65 46.45
N ARG K 924 4.75 99.65 46.52
CA ARG K 924 5.14 98.31 46.97
C ARG K 924 4.29 97.28 46.25
N TRP K 925 4.73 96.02 46.31
CA TRP K 925 3.98 94.90 45.77
C TRP K 925 3.12 94.29 46.85
N ILE K 926 2.00 93.70 46.44
CA ILE K 926 1.15 92.99 47.40
C ILE K 926 1.91 91.82 48.01
N ASP K 927 2.65 91.08 47.18
CA ASP K 927 3.42 89.94 47.67
C ASP K 927 4.56 89.66 46.71
N VAL K 928 5.69 89.22 47.28
CA VAL K 928 6.85 88.90 46.45
C VAL K 928 6.56 87.71 45.56
N SER K 929 5.68 86.80 45.98
CA SER K 929 5.27 85.72 45.10
C SER K 929 4.52 86.25 43.90
N LEU K 930 3.69 87.28 44.09
CA LEU K 930 3.01 87.92 42.97
C LEU K 930 4.00 88.66 42.07
N ARG K 931 5.01 89.29 42.67
CA ARG K 931 6.07 89.88 41.87
C ARG K 931 6.80 88.83 41.03
N ASN K 932 7.02 87.65 41.61
CA ASN K 932 7.63 86.55 40.88
C ASN K 932 6.73 86.08 39.75
N MET K 933 5.41 86.07 39.98
CA MET K 933 4.47 85.70 38.92
C MET K 933 4.55 86.70 37.78
N TYR K 934 4.59 87.99 38.10
CA TYR K 934 4.77 89.00 37.06
C TYR K 934 6.06 88.78 36.31
N GLY K 935 7.13 88.47 37.03
CA GLY K 935 8.41 88.20 36.38
C GLY K 935 8.33 87.01 35.43
N ASP K 936 7.67 85.94 35.86
CA ASP K 936 7.55 84.75 35.01
C ASP K 936 6.71 85.05 33.77
N PHE K 937 5.66 85.84 33.92
CA PHE K 937 4.88 86.22 32.75
C PHE K 937 5.72 87.04 31.78
N LEU K 938 6.53 87.97 32.30
CA LEU K 938 7.42 88.73 31.42
C LEU K 938 8.46 87.83 30.77
N ARG K 939 8.94 86.82 31.50
CA ARG K 939 9.83 85.83 30.88
C ARG K 939 9.15 85.19 29.69
N ARG K 940 7.89 84.78 29.85
CA ARG K 940 7.17 84.19 28.74
C ARG K 940 7.04 85.16 27.58
N VAL K 941 6.77 86.44 27.88
CA VAL K 941 6.60 87.42 26.81
C VAL K 941 7.89 87.58 26.01
N GLU K 942 9.01 87.73 26.70
CA GLU K 942 10.28 87.90 25.98
C GLU K 942 10.65 86.64 25.21
N GLU K 943 10.41 85.47 25.80
CA GLU K 943 10.69 84.23 25.08
C GLU K 943 9.83 84.11 23.84
N ARG K 944 8.56 84.50 23.94
CA ARG K 944 7.66 84.46 22.79
C ARG K 944 8.14 85.40 21.69
N PHE K 945 8.55 86.61 22.04
CA PHE K 945 8.84 87.64 21.06
C PHE K 945 10.32 87.75 20.73
N THR K 946 11.15 86.81 21.17
CA THR K 946 12.51 86.68 20.69
C THR K 946 12.67 85.31 20.03
N SER K 947 13.28 85.30 18.85
CA SER K 947 13.49 84.09 18.08
C SER K 947 14.95 83.67 17.98
N SER K 948 15.89 84.55 18.35
CA SER K 948 17.31 84.27 18.26
C SER K 948 17.83 83.79 19.60
N ALA K 949 18.64 82.74 19.58
CA ALA K 949 19.27 82.25 20.79
C ALA K 949 20.45 83.15 21.18
N GLY K 950 20.93 82.97 22.39
CA GLY K 950 22.02 83.77 22.89
C GLY K 950 21.67 85.24 23.03
N THR K 951 20.46 85.55 23.50
CA THR K 951 20.02 86.91 23.74
C THR K 951 19.92 87.14 25.24
N VAL K 952 20.43 88.28 25.70
CA VAL K 952 20.40 88.61 27.11
C VAL K 952 18.99 89.03 27.49
N SER K 953 18.45 88.42 28.54
CA SER K 953 17.14 88.79 29.04
C SER K 953 17.17 90.19 29.64
N LEU K 954 16.13 90.98 29.36
CA LEU K 954 16.01 92.28 30.00
C LEU K 954 15.89 92.13 31.51
N LEU K 955 15.13 91.14 31.96
CA LEU K 955 14.93 90.86 33.39
C LEU K 955 15.98 89.84 33.81
N GLN K 956 17.06 90.32 34.43
CA GLN K 956 18.08 89.41 34.92
C GLN K 956 17.71 88.85 36.30
N ASN K 957 17.19 89.70 37.17
CA ASN K 957 16.71 89.29 38.48
C ASN K 957 15.38 89.98 38.75
N PHE K 958 14.49 89.27 39.44
CA PHE K 958 13.16 89.78 39.68
C PHE K 958 13.14 90.99 40.61
N ASN K 959 14.26 91.30 41.26
CA ASN K 959 14.33 92.51 42.08
C ASN K 959 14.17 93.77 41.24
N GLN K 960 14.37 93.69 39.92
CA GLN K 960 14.10 94.82 39.05
C GLN K 960 12.62 95.15 38.94
N LEU K 961 11.74 94.27 39.42
CA LEU K 961 10.31 94.47 39.36
C LEU K 961 9.75 95.19 40.58
N ASN K 962 10.59 95.52 41.57
CA ASN K 962 10.11 96.31 42.70
C ASN K 962 9.70 97.72 42.29
N GLU K 963 10.12 98.16 41.09
CA GLU K 963 9.66 99.41 40.50
C GLU K 963 9.19 99.05 39.09
N PRO K 964 8.04 98.39 38.96
CA PRO K 964 7.74 97.69 37.69
C PRO K 964 7.14 98.56 36.60
N GLU K 965 6.64 99.76 36.91
CA GLU K 965 6.09 100.61 35.86
C GLU K 965 7.16 100.98 34.84
N GLN K 966 8.30 101.49 35.32
CA GLN K 966 9.36 101.90 34.41
C GLN K 966 9.98 100.69 33.71
N PHE K 967 10.11 99.58 34.43
CA PHE K 967 10.60 98.36 33.79
C PHE K 967 9.62 97.86 32.74
N THR K 968 8.32 97.96 33.01
CA THR K 968 7.33 97.58 32.00
C THR K 968 7.46 98.47 30.77
N ALA K 969 7.67 99.77 30.99
CA ALA K 969 7.86 100.69 29.87
C ALA K 969 9.06 100.29 29.02
N ASP K 970 10.20 99.99 29.66
CA ASP K 970 11.37 99.56 28.91
C ASP K 970 11.12 98.23 28.20
N PHE K 971 10.47 97.29 28.87
CA PHE K 971 10.22 95.98 28.29
C PHE K 971 9.38 96.09 27.03
N PHE K 972 8.31 96.86 27.07
CA PHE K 972 7.42 96.97 25.92
C PHE K 972 7.83 98.08 24.97
N GLU K 973 8.87 98.86 25.29
CA GLU K 973 9.59 99.62 24.28
C GLU K 973 10.53 98.73 23.49
N LYS K 974 11.15 97.73 24.13
CA LYS K 974 11.96 96.77 23.41
C LYS K 974 11.12 95.81 22.58
N PHE K 975 9.95 95.40 23.08
CA PHE K 975 9.03 94.52 22.37
C PHE K 975 7.77 95.31 22.01
N PRO K 976 7.86 96.22 21.03
CA PRO K 976 6.64 96.95 20.61
C PRO K 976 5.57 96.04 20.04
N GLN K 977 5.95 94.94 19.39
CA GLN K 977 4.97 94.00 18.85
C GLN K 977 4.13 93.36 19.94
N ALA K 978 4.65 93.31 21.16
CA ALA K 978 3.90 92.72 22.27
C ALA K 978 2.63 93.51 22.56
N GLY K 979 2.71 94.83 22.50
CA GLY K 979 1.55 95.66 22.71
C GLY K 979 0.57 95.70 21.57
N LYS K 980 0.91 95.06 20.43
CA LYS K 980 0.03 94.97 19.29
C LYS K 980 -0.56 93.58 19.09
N GLN K 981 0.11 92.53 19.56
CA GLN K 981 -0.34 91.15 19.39
C GLN K 981 -1.14 90.73 20.61
N LEU K 982 -2.30 90.11 20.37
CA LEU K 982 -3.09 89.56 21.46
C LEU K 982 -2.36 88.38 22.09
N ILE K 983 -2.71 88.08 23.34
CA ILE K 983 -2.02 87.02 24.05
C ILE K 983 -2.39 85.68 23.44
N SER K 984 -1.37 84.89 23.10
CA SER K 984 -1.59 83.60 22.48
C SER K 984 -2.32 82.66 23.44
N GLU K 985 -2.85 81.56 22.90
CA GLU K 985 -3.49 80.57 23.74
C GLU K 985 -2.48 79.87 24.63
N GLU K 986 -1.27 79.65 24.11
CA GLU K 986 -0.21 79.06 24.93
C GLU K 986 0.06 79.92 26.15
N ASP K 987 0.19 81.24 25.94
CA ASP K 987 0.49 82.14 27.03
C ASP K 987 -0.73 82.38 27.92
N CYS K 988 -1.93 82.23 27.39
CA CYS K 988 -3.13 82.28 28.23
C CYS K 988 -3.14 81.10 29.20
N ASP K 989 -2.85 79.90 28.70
CA ASP K 989 -2.78 78.74 29.57
C ASP K 989 -1.66 78.89 30.58
N TYR K 990 -0.50 79.41 30.15
CA TYR K 990 0.60 79.65 31.07
C TYR K 990 0.20 80.66 32.14
N PHE K 991 -0.52 81.71 31.74
CA PHE K 991 -0.98 82.71 32.69
C PHE K 991 -1.92 82.10 33.72
N LEU K 992 -2.83 81.25 33.28
CA LEU K 992 -3.75 80.60 34.22
C LEU K 992 -3.01 79.66 35.15
N MET K 993 -1.94 79.03 34.66
CA MET K 993 -1.17 78.14 35.52
C MET K 993 -0.35 78.92 36.54
N LEU K 994 0.22 80.05 36.15
CA LEU K 994 0.89 80.93 37.09
C LEU K 994 -0.06 81.53 38.10
N ALA K 995 -1.29 81.84 37.71
CA ALA K 995 -2.29 82.35 38.64
C ALA K 995 -2.66 81.33 39.71
N ALA K 996 -2.37 80.04 39.49
CA ALA K 996 -2.70 78.98 40.42
C ALA K 996 -1.48 78.17 40.83
N ARG K 997 -0.27 78.70 40.62
CA ARG K 997 0.93 78.00 41.08
C ARG K 997 0.85 77.76 42.59
N PRO K 998 1.15 76.55 43.08
CA PRO K 998 1.15 76.34 44.54
C PRO K 998 2.32 77.05 45.20
N GLY K 999 2.17 77.32 46.50
CA GLY K 999 3.18 78.05 47.23
C GLY K 999 3.23 79.52 46.92
N GLN K 1000 2.17 80.07 46.32
CA GLN K 1000 2.09 81.47 45.94
C GLN K 1000 0.79 82.04 46.47
N LYS K 1001 0.81 83.33 46.79
CA LYS K 1001 -0.40 84.00 47.22
C LYS K 1001 -1.41 83.96 46.08
N PRO K 1002 -2.64 83.48 46.31
CA PRO K 1002 -3.63 83.48 45.23
C PRO K 1002 -3.83 84.89 44.67
N VAL K 1003 -3.93 84.97 43.35
CA VAL K 1003 -3.89 86.27 42.67
C VAL K 1003 -5.11 87.07 43.08
N PRO K 1004 -5.04 88.40 43.12
CA PRO K 1004 -6.17 89.21 43.57
C PRO K 1004 -7.24 89.44 42.52
N PHE K 1005 -7.31 88.61 41.48
CA PHE K 1005 -8.31 88.75 40.43
C PHE K 1005 -8.80 87.37 40.02
N VAL K 1006 -9.88 87.35 39.23
CA VAL K 1006 -10.41 86.12 38.65
C VAL K 1006 -10.07 86.15 37.15
N PRO K 1007 -9.22 85.22 36.66
CA PRO K 1007 -8.83 85.29 35.24
C PRO K 1007 -9.75 84.54 34.30
N VAL K 1008 -10.50 83.56 34.80
CA VAL K 1008 -11.28 82.67 33.94
C VAL K 1008 -12.48 82.15 34.72
N LEU K 1009 -13.56 81.86 34.00
CA LEU K 1009 -14.75 81.22 34.56
C LEU K 1009 -14.80 79.77 34.07
N ASP K 1010 -14.21 78.87 34.86
CA ASP K 1010 -14.14 77.45 34.55
C ASP K 1010 -14.46 76.69 35.83
N GLU K 1011 -14.14 75.39 35.86
CA GLU K 1011 -14.30 74.61 37.08
C GLU K 1011 -13.46 75.16 38.23
N ARG K 1012 -12.41 75.93 37.94
CA ARG K 1012 -11.58 76.55 38.96
C ARG K 1012 -12.10 77.91 39.41
N PHE K 1013 -13.32 78.29 38.98
CA PHE K 1013 -13.84 79.60 39.35
C PHE K 1013 -14.02 79.72 40.86
N GLU K 1014 -14.48 78.65 41.51
CA GLU K 1014 -14.61 78.69 42.96
C GLU K 1014 -13.26 78.91 43.63
N PHE K 1015 -12.23 78.22 43.17
CA PHE K 1015 -10.89 78.39 43.71
C PHE K 1015 -10.43 79.84 43.56
N PHE K 1016 -10.51 80.38 42.33
CA PHE K 1016 -10.11 81.76 42.09
C PHE K 1016 -10.92 82.77 42.88
N PHE K 1017 -12.21 82.50 43.08
CA PHE K 1017 -13.11 83.42 43.76
C PHE K 1017 -12.92 83.44 45.27
N LYS K 1018 -12.69 82.28 45.88
CA LYS K 1018 -12.71 82.16 47.33
C LYS K 1018 -11.34 82.14 47.97
N LYS K 1019 -10.31 81.62 47.31
CA LYS K 1019 -9.03 81.44 47.99
C LYS K 1019 -8.45 82.77 48.46
N ASP K 1020 -8.04 82.82 49.72
CA ASP K 1020 -7.31 83.94 50.30
C ASP K 1020 -8.12 85.24 50.20
N SER K 1021 -9.24 85.26 50.91
CA SER K 1021 -10.16 86.39 50.91
C SER K 1021 -10.17 87.17 52.22
N LEU K 1022 -9.23 86.88 53.13
CA LEU K 1022 -9.24 87.48 54.46
C LEU K 1022 -8.25 88.63 54.62
N TRP K 1023 -7.15 88.63 53.87
CA TRP K 1023 -6.13 89.66 54.05
C TRP K 1023 -6.60 91.03 53.54
N GLN K 1024 -7.57 91.04 52.62
CA GLN K 1024 -8.05 92.30 52.06
C GLN K 1024 -8.72 93.17 53.12
N SER K 1025 -9.30 92.56 54.15
CA SER K 1025 -9.92 93.31 55.22
C SER K 1025 -8.95 94.26 55.90
N GLU K 1026 -7.66 93.92 55.93
CA GLU K 1026 -6.63 94.82 56.42
C GLU K 1026 -6.02 95.65 55.30
N ASP K 1027 -5.49 94.99 54.28
CA ASP K 1027 -4.72 95.67 53.24
C ASP K 1027 -5.69 96.27 52.22
N LEU K 1028 -6.35 97.33 52.66
CA LEU K 1028 -7.38 97.97 51.84
C LEU K 1028 -6.80 98.83 50.73
N GLU K 1029 -5.53 99.27 50.87
CA GLU K 1029 -4.91 100.04 49.80
C GLU K 1029 -4.70 99.21 48.55
N SER K 1030 -4.57 97.89 48.70
CA SER K 1030 -4.39 97.00 47.57
C SER K 1030 -5.70 96.63 46.89
N VAL K 1031 -6.84 96.95 47.50
CA VAL K 1031 -8.14 96.62 46.92
C VAL K 1031 -8.53 97.72 45.92
N VAL K 1032 -9.32 97.34 44.93
CA VAL K 1032 -9.72 98.30 43.90
C VAL K 1032 -10.57 99.38 44.54
N ASP K 1033 -10.20 100.63 44.28
CA ASP K 1033 -10.88 101.82 44.78
C ASP K 1033 -10.82 101.96 46.30
N GLU K 1034 -10.06 101.10 46.99
CA GLU K 1034 -10.00 101.10 48.45
C GLU K 1034 -11.40 101.01 49.06
N ASP K 1035 -12.25 100.21 48.45
CA ASP K 1035 -13.63 100.06 48.87
C ASP K 1035 -13.73 98.94 49.89
N VAL K 1036 -14.13 99.28 51.11
CA VAL K 1036 -14.31 98.27 52.15
C VAL K 1036 -15.43 97.31 51.78
N GLN K 1037 -16.41 97.78 51.02
CA GLN K 1037 -17.54 96.94 50.66
C GLN K 1037 -17.11 95.76 49.77
N ARG K 1038 -15.99 95.90 49.07
CA ARG K 1038 -15.48 94.79 48.28
C ARG K 1038 -14.87 93.71 49.16
N THR K 1039 -14.29 94.09 50.29
CA THR K 1039 -13.55 93.16 51.13
C THR K 1039 -14.50 92.24 51.89
N CYS K 1040 -13.92 91.17 52.45
CA CYS K 1040 -14.64 90.19 53.25
C CYS K 1040 -14.10 90.26 54.67
N ILE K 1041 -14.95 90.63 55.62
CA ILE K 1041 -14.56 90.85 57.00
C ILE K 1041 -15.33 89.85 57.86
N LEU K 1042 -14.60 89.06 58.64
CA LEU K 1042 -15.22 88.06 59.52
C LEU K 1042 -15.65 88.72 60.83
N HIS K 1043 -16.87 88.41 61.27
CA HIS K 1043 -17.38 89.03 62.48
C HIS K 1043 -18.53 88.20 63.02
N GLY K 1044 -18.70 88.23 64.34
CA GLY K 1044 -19.73 87.46 64.99
C GLY K 1044 -21.03 88.23 65.13
N PRO K 1045 -22.17 87.65 64.72
CA PRO K 1045 -23.44 88.40 64.79
C PRO K 1045 -23.82 88.81 66.20
N VAL K 1046 -23.38 88.06 67.22
CA VAL K 1046 -23.71 88.39 68.60
C VAL K 1046 -22.63 89.25 69.25
N ALA K 1047 -21.36 88.98 68.94
CA ALA K 1047 -20.29 89.81 69.46
C ALA K 1047 -20.30 91.21 68.85
N SER K 1048 -20.99 91.41 67.73
CA SER K 1048 -21.02 92.72 67.10
C SER K 1048 -21.77 93.75 67.93
N GLN K 1049 -22.58 93.32 68.90
CA GLN K 1049 -23.31 94.29 69.73
C GLN K 1049 -22.36 95.15 70.54
N TYR K 1050 -21.31 94.55 71.09
CA TYR K 1050 -20.40 95.24 71.99
C TYR K 1050 -19.27 95.97 71.26
N THR K 1051 -19.20 95.86 69.94
CA THR K 1051 -18.20 96.56 69.13
C THR K 1051 -18.77 97.91 68.73
N SER K 1052 -18.53 98.92 69.56
CA SER K 1052 -19.04 100.27 69.34
C SER K 1052 -17.96 101.34 69.21
N LYS K 1053 -16.69 101.01 69.53
CA LYS K 1053 -15.60 101.96 69.49
C LYS K 1053 -14.56 101.50 68.47
N VAL K 1054 -13.80 102.47 67.96
CA VAL K 1054 -12.74 102.21 66.98
C VAL K 1054 -11.40 102.54 67.61
N ASP K 1055 -10.37 101.83 67.14
CA ASP K 1055 -8.98 101.95 67.60
C ASP K 1055 -8.89 102.15 69.12
N GLU K 1056 -9.62 101.31 69.84
CA GLU K 1056 -9.51 101.30 71.30
C GLU K 1056 -8.33 100.42 71.72
N PRO K 1057 -7.57 100.75 72.77
CA PRO K 1057 -6.47 99.86 73.15
C PRO K 1057 -6.96 98.48 73.57
N ILE K 1058 -6.27 97.45 73.08
CA ILE K 1058 -6.55 96.08 73.48
C ILE K 1058 -6.41 95.94 74.99
N GLY K 1059 -5.36 96.55 75.55
CA GLY K 1059 -5.18 96.53 77.00
C GLY K 1059 -6.35 97.17 77.71
N ASP K 1060 -6.83 98.31 77.20
CA ASP K 1060 -7.95 98.98 77.83
C ASP K 1060 -9.22 98.14 77.75
N ILE K 1061 -9.45 97.47 76.63
CA ILE K 1061 -10.65 96.65 76.49
C ILE K 1061 -10.65 95.51 77.51
N LEU K 1062 -9.56 94.74 77.53
CA LEU K 1062 -9.54 93.62 78.46
C LEU K 1062 -9.47 94.09 79.91
N ASN K 1063 -8.81 95.22 80.16
CA ASN K 1063 -8.77 95.76 81.52
C ASN K 1063 -10.15 96.20 81.96
N SER K 1064 -10.94 96.80 81.07
CA SER K 1064 -12.29 97.20 81.43
C SER K 1064 -13.15 95.99 81.76
N ILE K 1065 -13.06 94.93 80.95
CA ILE K 1065 -13.84 93.73 81.22
C ILE K 1065 -13.43 93.12 82.56
N HIS K 1066 -12.13 92.95 82.76
CA HIS K 1066 -11.64 92.36 84.00
C HIS K 1066 -12.01 93.22 85.21
N GLU K 1067 -11.89 94.55 85.06
CA GLU K 1067 -12.20 95.46 86.17
C GLU K 1067 -13.67 95.41 86.51
N GLY K 1068 -14.54 95.30 85.50
CA GLY K 1068 -15.95 95.10 85.78
C GLY K 1068 -16.19 93.84 86.58
N HIS K 1069 -15.54 92.74 86.18
CA HIS K 1069 -15.67 91.50 86.95
C HIS K 1069 -15.21 91.69 88.39
N ILE K 1070 -14.05 92.33 88.59
CA ILE K 1070 -13.56 92.58 89.95
C ILE K 1070 -14.55 93.43 90.73
N ALA K 1071 -15.01 94.52 90.13
CA ALA K 1071 -15.82 95.49 90.87
C ALA K 1071 -17.13 94.87 91.31
N ARG K 1072 -17.71 94.00 90.48
CA ARG K 1072 -18.94 93.34 90.91
C ARG K 1072 -18.66 92.16 91.85
N LEU K 1073 -17.47 91.54 91.75
CA LEU K 1073 -17.18 90.39 92.60
C LEU K 1073 -16.92 90.82 94.03
N ILE K 1074 -16.22 91.93 94.23
CA ILE K 1074 -16.11 92.47 95.60
C ILE K 1074 -17.47 92.85 96.14
N LYS K 1075 -18.33 93.42 95.28
CA LYS K 1075 -19.64 93.86 95.74
C LYS K 1075 -20.50 92.67 96.19
N GLU K 1076 -20.46 91.58 95.43
CA GLU K 1076 -21.31 90.43 95.74
C GLU K 1076 -20.68 89.47 96.73
N GLU K 1077 -19.51 88.91 96.40
CA GLU K 1077 -18.89 87.91 97.25
C GLU K 1077 -18.36 88.50 98.55
N TYR K 1078 -17.72 89.67 98.49
CA TYR K 1078 -17.01 90.24 99.62
C TYR K 1078 -17.70 91.46 100.22
N ALA K 1079 -18.95 91.74 99.82
CA ALA K 1079 -19.74 92.82 100.41
C ALA K 1079 -19.06 94.19 100.24
N GLY K 1080 -18.29 94.36 99.18
CA GLY K 1080 -17.66 95.63 98.90
C GLY K 1080 -16.39 95.91 99.69
N ASP K 1081 -15.93 94.96 100.51
CA ASP K 1081 -14.75 95.14 101.33
C ASP K 1081 -13.56 94.49 100.64
N GLU K 1082 -12.59 95.31 100.23
CA GLU K 1082 -11.38 94.76 99.60
C GLU K 1082 -10.43 94.16 100.62
N SER K 1083 -10.52 94.57 101.89
CA SER K 1083 -9.63 94.02 102.91
C SER K 1083 -9.86 92.52 103.10
N LYS K 1084 -11.08 92.04 102.83
CA LYS K 1084 -11.36 90.62 102.92
C LYS K 1084 -10.74 89.81 101.81
N ILE K 1085 -10.16 90.45 100.80
CA ILE K 1085 -9.54 89.71 99.69
C ILE K 1085 -8.34 88.94 100.23
N PRO K 1086 -8.22 87.64 99.95
CA PRO K 1086 -6.99 86.93 100.36
C PRO K 1086 -5.75 87.54 99.70
N VAL K 1087 -4.68 87.65 100.48
CA VAL K 1087 -3.42 88.22 100.03
C VAL K 1087 -2.41 87.09 99.90
N VAL K 1088 -1.76 87.01 98.73
CA VAL K 1088 -0.73 86.02 98.45
C VAL K 1088 0.45 86.75 97.84
N GLU K 1089 1.65 86.17 98.01
CA GLU K 1089 2.82 86.81 97.43
C GLU K 1089 2.75 86.80 95.91
N TYR K 1090 2.38 85.68 95.31
CA TYR K 1090 2.24 85.58 93.87
C TYR K 1090 1.05 84.68 93.55
N PHE K 1091 0.48 84.89 92.37
CA PHE K 1091 -0.73 84.19 91.93
C PHE K 1091 -0.42 83.46 90.63
N GLY K 1092 -0.48 82.14 90.66
CA GLY K 1092 -0.24 81.33 89.48
C GLY K 1092 0.40 80.02 89.84
N GLY K 1093 0.69 79.25 88.80
CA GLY K 1093 1.35 77.97 88.99
C GLY K 1093 0.45 76.97 89.70
N LYS K 1094 1.05 75.82 90.01
CA LYS K 1094 0.33 74.79 90.75
C LYS K 1094 0.01 75.28 92.16
N LYS K 1095 -1.17 74.93 92.64
CA LYS K 1095 -1.55 75.30 93.98
C LYS K 1095 -0.60 74.65 94.99
N PRO K 1096 -0.16 75.37 96.02
CA PRO K 1096 0.77 74.76 96.99
C PRO K 1096 0.14 73.56 97.67
N ALA K 1097 0.94 72.52 97.88
CA ALA K 1097 0.46 71.24 98.36
C ALA K 1097 1.05 70.93 99.74
N SER K 1098 0.24 70.26 100.56
CA SER K 1098 0.68 69.76 101.85
C SER K 1098 1.04 68.29 101.69
N VAL K 1099 2.31 67.96 101.86
CA VAL K 1099 2.83 66.61 101.64
C VAL K 1099 3.35 66.08 102.96
N SER K 1100 2.84 64.93 103.38
CA SER K 1100 3.31 64.20 104.56
C SER K 1100 3.75 62.82 104.06
N ALA K 1101 5.04 62.70 103.80
CA ALA K 1101 5.64 61.51 103.20
C ALA K 1101 6.66 60.90 104.15
N THR K 1102 7.19 59.75 103.75
CA THR K 1102 8.27 59.08 104.45
C THR K 1102 9.60 59.49 103.84
N SER K 1103 10.69 59.16 104.54
CA SER K 1103 12.05 59.47 104.10
C SER K 1103 12.32 60.97 104.11
N VAL K 1104 11.58 61.72 104.94
CA VAL K 1104 11.77 63.16 105.05
C VAL K 1104 12.29 63.49 106.45
N ASN K 1105 11.77 62.79 107.46
CA ASN K 1105 12.21 62.93 108.85
C ASN K 1105 12.21 64.40 109.27
N ILE K 1106 11.02 64.99 109.30
CA ILE K 1106 10.86 66.41 109.58
C ILE K 1106 11.01 66.65 111.08
N ILE K 1107 11.86 67.60 111.44
CA ILE K 1107 12.08 68.00 112.83
C ILE K 1107 12.11 69.51 112.90
N ASP K 1108 11.46 70.07 113.92
CA ASP K 1108 11.27 71.51 114.01
C ASP K 1108 12.47 72.17 114.68
N GLY K 1109 12.45 73.51 114.73
CA GLY K 1109 13.50 74.32 115.27
C GLY K 1109 13.56 75.64 114.52
N ASN K 1110 14.69 76.37 114.79
CA ASN K 1110 14.94 77.62 114.06
C ASN K 1110 15.00 77.37 112.56
N GLN K 1111 15.49 76.19 112.16
CA GLN K 1111 15.47 75.76 110.77
C GLN K 1111 14.95 74.33 110.75
N VAL K 1112 13.75 74.14 110.19
CA VAL K 1112 13.16 72.80 110.12
C VAL K 1112 14.01 71.95 109.19
N VAL K 1113 14.33 70.73 109.63
CA VAL K 1113 15.28 69.86 108.96
C VAL K 1113 14.55 68.65 108.42
N TYR K 1114 14.68 68.40 107.12
CA TYR K 1114 14.18 67.19 106.47
C TYR K 1114 15.40 66.33 106.12
N GLU K 1115 15.43 65.10 106.61
CA GLU K 1115 16.55 64.19 106.42
C GLU K 1115 16.06 62.94 105.70
N ILE K 1116 16.85 62.46 104.74
CA ILE K 1116 16.49 61.32 103.92
C ILE K 1116 17.30 60.11 104.36
N ASP K 1117 16.61 58.99 104.58
CA ASP K 1117 17.22 57.74 104.96
C ASP K 1117 17.67 57.00 103.70
N SER K 1118 17.98 55.71 103.83
CA SER K 1118 18.46 54.93 102.68
C SER K 1118 17.42 54.92 101.56
N GLU K 1119 16.16 54.70 101.89
CA GLU K 1119 15.10 54.67 100.89
C GLU K 1119 14.55 56.07 100.65
N LEU K 1120 14.48 56.47 99.34
CA LEU K 1120 14.18 57.84 98.96
C LEU K 1120 12.67 58.06 98.82
N PRO K 1121 12.20 59.31 98.93
CA PRO K 1121 10.78 59.59 98.67
C PRO K 1121 10.49 59.86 97.21
N ASN K 1122 9.25 60.16 96.88
CA ASN K 1122 8.90 60.59 95.54
C ASN K 1122 9.49 61.96 95.26
N LYS K 1123 9.95 62.17 94.02
CA LYS K 1123 10.56 63.44 93.66
C LYS K 1123 9.58 64.59 93.79
N GLN K 1124 8.40 64.45 93.20
CA GLN K 1124 7.43 65.54 93.24
C GLN K 1124 6.96 65.81 94.66
N GLU K 1125 6.74 64.75 95.44
CA GLU K 1125 6.35 64.93 96.84
C GLU K 1125 7.43 65.65 97.62
N TRP K 1126 8.69 65.29 97.40
CA TRP K 1126 9.80 65.93 98.09
C TRP K 1126 9.88 67.42 97.74
N LEU K 1127 9.75 67.74 96.44
CA LEU K 1127 9.81 69.13 96.03
C LEU K 1127 8.64 69.93 96.58
N ASP K 1128 7.43 69.33 96.57
CA ASP K 1128 6.27 70.01 97.15
C ASP K 1128 6.45 70.23 98.64
N LEU K 1129 7.00 69.25 99.35
CA LEU K 1129 7.25 69.40 100.78
C LEU K 1129 8.21 70.55 101.04
N LEU K 1130 9.28 70.63 100.26
CA LEU K 1130 10.21 71.74 100.44
C LEU K 1130 9.54 73.07 100.13
N ALA K 1131 8.69 73.11 99.10
CA ALA K 1131 8.00 74.34 98.76
C ALA K 1131 7.09 74.80 99.89
N GLY K 1132 6.34 73.86 100.48
CA GLY K 1132 5.45 74.18 101.57
C GLY K 1132 4.07 74.64 101.11
N THR K 1133 3.22 74.95 102.09
CA THR K 1133 1.85 75.36 101.82
C THR K 1133 1.68 76.86 101.67
N GLU K 1134 2.72 77.66 101.94
CA GLU K 1134 2.63 79.10 101.92
C GLU K 1134 3.20 79.64 100.62
N LEU K 1135 2.43 80.47 99.93
CA LEU K 1135 2.88 81.12 98.70
C LEU K 1135 3.89 82.19 99.06
N ASN K 1136 5.18 81.89 98.93
CA ASN K 1136 6.24 82.86 99.18
C ASN K 1136 7.28 82.74 98.06
N TRP K 1137 8.40 83.45 98.22
CA TRP K 1137 9.44 83.42 97.20
C TRP K 1137 10.03 82.02 97.05
N LEU K 1138 10.22 81.32 98.15
CA LEU K 1138 10.78 79.97 98.07
C LEU K 1138 9.79 79.01 97.43
N GLN K 1139 8.52 79.15 97.78
CA GLN K 1139 7.48 78.35 97.13
C GLN K 1139 7.47 78.61 95.62
N ALA K 1140 7.59 79.87 95.22
CA ALA K 1140 7.65 80.18 93.80
C ALA K 1140 8.87 79.56 93.15
N PHE K 1141 10.03 79.69 93.79
CA PHE K 1141 11.29 79.27 93.20
C PHE K 1141 11.43 77.76 93.10
N ILE K 1142 10.76 77.00 93.96
CA ILE K 1142 10.76 75.55 93.90
C ILE K 1142 9.61 75.01 93.07
N SER K 1143 8.39 75.45 93.36
CA SER K 1143 7.21 74.88 92.70
C SER K 1143 7.21 75.16 91.20
N THR K 1144 7.57 76.37 90.80
CA THR K 1144 7.49 76.75 89.40
C THR K 1144 8.39 75.85 88.55
N ASP K 1145 7.84 75.40 87.42
CA ASP K 1145 8.53 74.47 86.55
C ASP K 1145 9.32 75.17 85.45
N ARG K 1146 9.38 76.51 85.47
CA ARG K 1146 10.12 77.25 84.47
C ARG K 1146 10.72 78.50 85.11
N ILE K 1147 11.85 78.93 84.54
CA ILE K 1147 12.50 80.18 84.90
C ILE K 1147 12.72 80.96 83.60
N VAL K 1148 13.01 82.24 83.75
CA VAL K 1148 13.19 83.15 82.64
C VAL K 1148 14.67 83.45 82.52
N GLN K 1149 15.26 83.01 81.40
CA GLN K 1149 16.64 83.34 81.04
C GLN K 1149 16.53 84.32 79.87
N GLY K 1150 16.74 85.60 80.16
CA GLY K 1150 16.50 86.63 79.17
C GLY K 1150 15.03 86.68 78.80
N SER K 1151 14.71 86.22 77.59
CA SER K 1151 13.33 86.11 77.12
C SER K 1151 12.97 84.66 76.80
N LYS K 1152 13.66 83.70 77.41
CA LYS K 1152 13.47 82.28 77.15
C LYS K 1152 12.97 81.58 78.40
N HIS K 1153 12.01 80.67 78.23
CA HIS K 1153 11.49 79.86 79.32
C HIS K 1153 12.31 78.57 79.37
N VAL K 1154 13.06 78.38 80.45
CA VAL K 1154 13.95 77.24 80.61
C VAL K 1154 13.49 76.42 81.80
N SER K 1155 13.78 75.12 81.76
CA SER K 1155 13.42 74.24 82.86
C SER K 1155 14.13 74.68 84.14
N ASN K 1156 13.43 74.57 85.26
CA ASN K 1156 13.99 74.97 86.53
C ASN K 1156 15.08 73.97 86.94
N PRO K 1157 16.33 74.39 87.16
CA PRO K 1157 17.33 73.43 87.64
C PRO K 1157 17.19 73.11 89.11
N LEU K 1158 16.36 73.86 89.84
CA LEU K 1158 16.14 73.58 91.25
C LEU K 1158 15.54 72.19 91.44
N HIS K 1159 14.70 71.75 90.50
CA HIS K 1159 14.15 70.40 90.59
C HIS K 1159 15.25 69.36 90.57
N ASP K 1160 16.14 69.42 89.58
CA ASP K 1160 17.22 68.45 89.48
C ASP K 1160 18.19 68.57 90.65
N ILE K 1161 18.45 69.80 91.11
CA ILE K 1161 19.38 69.98 92.22
C ILE K 1161 18.80 69.39 93.50
N LEU K 1162 17.54 69.69 93.80
CA LEU K 1162 16.88 69.25 95.02
C LEU K 1162 16.25 67.87 94.89
N THR K 1163 16.52 67.16 93.79
CA THR K 1163 16.04 65.78 93.69
C THR K 1163 16.54 64.97 94.88
N PRO K 1164 15.74 64.03 95.39
CA PRO K 1164 16.13 63.36 96.64
C PRO K 1164 17.42 62.59 96.48
N ALA K 1165 18.23 62.60 97.54
CA ALA K 1165 19.52 61.94 97.56
C ALA K 1165 19.65 61.16 98.86
N LYS K 1166 20.44 60.09 98.81
CA LYS K 1166 20.61 59.23 99.97
C LYS K 1166 21.43 59.95 101.04
N HIS K 1167 20.94 59.91 102.28
CA HIS K 1167 21.63 60.51 103.41
C HIS K 1167 21.85 62.01 103.19
N SER K 1168 20.80 62.68 102.75
CA SER K 1168 20.82 64.11 102.47
C SER K 1168 19.90 64.84 103.43
N LYS K 1169 20.33 66.03 103.87
CA LYS K 1169 19.57 66.85 104.82
C LYS K 1169 19.25 68.17 104.14
N VAL K 1170 18.16 68.80 104.56
CA VAL K 1170 17.74 70.10 104.05
C VAL K 1170 17.14 70.90 105.19
N THR K 1171 17.75 72.03 105.51
CA THR K 1171 17.28 72.92 106.57
C THR K 1171 16.64 74.16 105.95
N ILE K 1172 15.43 74.47 106.38
CA ILE K 1172 14.70 75.64 105.90
C ILE K 1172 14.35 76.50 107.10
N ASP K 1173 14.81 77.75 107.09
CA ASP K 1173 14.50 78.68 108.17
C ASP K 1173 13.04 79.09 108.07
N LYS K 1174 12.36 79.13 109.23
CA LYS K 1174 10.96 79.54 109.24
C LYS K 1174 10.81 81.02 108.93
N LYS K 1175 11.68 81.85 109.49
CA LYS K 1175 11.52 83.30 109.37
C LYS K 1175 12.03 83.82 108.03
N THR K 1176 13.32 83.60 107.74
CA THR K 1176 13.94 84.11 106.53
C THR K 1176 13.72 83.22 105.32
N LYS K 1177 13.11 82.05 105.48
CA LYS K 1177 12.82 81.13 104.37
C LYS K 1177 14.10 80.72 103.64
N LYS K 1178 15.24 80.75 104.33
CA LYS K 1178 16.51 80.38 103.73
C LYS K 1178 16.66 78.86 103.74
N LEU K 1179 16.97 78.31 102.57
CA LEU K 1179 17.10 76.87 102.38
C LEU K 1179 18.57 76.51 102.27
N THR K 1180 18.96 75.38 102.86
CA THR K 1180 20.33 74.90 102.82
C THR K 1180 20.32 73.38 102.72
N ALA K 1181 20.91 72.87 101.64
CA ALA K 1181 20.96 71.43 101.38
C ALA K 1181 22.34 70.90 101.72
N PHE K 1182 22.37 69.87 102.58
CA PHE K 1182 23.59 69.23 103.03
C PHE K 1182 23.65 67.83 102.42
N GLU K 1183 24.82 67.48 101.89
CA GLU K 1183 25.09 66.14 101.41
C GLU K 1183 26.43 65.67 101.97
N ASN K 1184 26.68 64.37 101.91
CA ASN K 1184 27.91 63.83 102.48
C ASN K 1184 29.08 63.99 101.51
N ILE K 1185 30.24 64.31 102.08
CA ILE K 1185 31.48 64.48 101.35
C ILE K 1185 32.58 63.93 102.24
N LYS K 1186 33.24 62.86 101.79
CA LYS K 1186 34.35 62.26 102.52
C LYS K 1186 33.92 61.87 103.95
N GLY K 1187 32.66 61.47 104.09
CA GLY K 1187 32.14 61.03 105.36
C GLY K 1187 31.57 62.12 106.26
N ASP K 1188 31.58 63.38 105.82
CA ASP K 1188 31.07 64.48 106.63
C ASP K 1188 29.96 65.22 105.89
N LEU K 1189 28.91 65.59 106.62
CA LEU K 1189 27.76 66.28 106.05
C LEU K 1189 28.08 67.76 105.90
N LEU K 1190 28.12 68.24 104.65
CA LEU K 1190 28.45 69.62 104.35
C LEU K 1190 27.43 70.24 103.41
N PRO K 1191 27.24 71.55 103.47
CA PRO K 1191 26.25 72.19 102.59
C PRO K 1191 26.73 72.28 101.16
N VAL K 1192 25.80 72.13 100.22
CA VAL K 1192 26.13 72.19 98.80
C VAL K 1192 25.22 73.18 98.07
N VAL K 1193 24.06 73.50 98.65
CA VAL K 1193 23.14 74.47 98.06
C VAL K 1193 22.69 75.42 99.16
N GLU K 1194 22.76 76.72 98.89
CA GLU K 1194 22.18 77.74 99.74
C GLU K 1194 21.26 78.62 98.90
N ILE K 1195 20.00 78.71 99.28
CA ILE K 1195 19.03 79.60 98.63
C ILE K 1195 18.61 80.62 99.67
N GLU K 1196 18.71 81.90 99.35
CA GLU K 1196 18.34 82.94 100.29
C GLU K 1196 17.92 84.19 99.53
N LEU K 1197 17.46 85.19 100.28
CA LEU K 1197 16.93 86.43 99.72
C LEU K 1197 17.88 87.56 100.11
N VAL K 1198 18.77 87.94 99.20
CA VAL K 1198 19.73 89.01 99.48
C VAL K 1198 19.03 90.36 99.52
N LYS K 1199 18.09 90.61 98.63
CA LYS K 1199 17.36 91.85 98.50
C LYS K 1199 15.88 91.54 98.41
N PRO K 1200 15.01 92.52 98.63
CA PRO K 1200 13.57 92.22 98.73
C PRO K 1200 12.97 91.49 97.52
N ASN K 1201 13.63 91.53 96.37
CA ASN K 1201 13.11 90.89 95.16
C ASN K 1201 14.20 90.13 94.40
N THR K 1202 15.30 89.79 95.07
CA THR K 1202 16.39 89.05 94.45
C THR K 1202 16.66 87.78 95.26
N ILE K 1203 16.76 86.66 94.56
CA ILE K 1203 16.97 85.35 95.17
C ILE K 1203 18.35 84.87 94.76
N GLN K 1204 19.21 84.61 95.74
CA GLN K 1204 20.56 84.12 95.49
C GLN K 1204 20.60 82.62 95.72
N LEU K 1205 21.01 81.88 94.69
CA LEU K 1205 21.22 80.43 94.73
C LEU K 1205 22.72 80.19 94.59
N SER K 1206 23.32 79.63 95.63
CA SER K 1206 24.76 79.43 95.71
C SER K 1206 25.06 77.94 95.78
N LEU K 1207 25.82 77.46 94.80
CA LEU K 1207 26.28 76.08 94.77
C LEU K 1207 27.69 76.03 95.33
N ILE K 1208 27.85 75.33 96.44
CA ILE K 1208 29.11 75.29 97.19
C ILE K 1208 29.89 74.05 96.75
N GLU K 1209 31.18 74.24 96.47
CA GLU K 1209 32.08 73.14 96.15
C GLU K 1209 33.21 73.16 97.18
N HIS K 1210 33.39 72.04 97.89
CA HIS K 1210 34.38 71.95 98.96
C HIS K 1210 35.69 71.31 98.50
N ARG K 1211 35.69 70.59 97.40
CA ARG K 1211 36.91 69.99 96.86
C ARG K 1211 37.59 71.03 95.97
N THR K 1212 38.38 71.89 96.60
CA THR K 1212 39.05 73.00 95.93
C THR K 1212 40.57 72.81 96.01
N ALA K 1213 41.29 73.65 95.25
CA ALA K 1213 42.74 73.60 95.29
C ALA K 1213 43.28 73.94 96.67
N ASP K 1214 42.74 75.00 97.28
CA ASP K 1214 43.18 75.44 98.60
C ASP K 1214 42.35 74.87 99.74
N THR K 1215 41.38 73.99 99.45
CA THR K 1215 40.47 73.37 100.39
C THR K 1215 39.43 74.34 100.96
N ASN K 1216 39.49 75.62 100.61
CA ASN K 1216 38.51 76.58 101.09
C ASN K 1216 37.24 76.46 100.25
N PRO K 1217 36.06 76.25 100.86
CA PRO K 1217 34.85 76.14 100.03
C PRO K 1217 34.58 77.42 99.26
N VAL K 1218 34.09 77.26 98.03
CA VAL K 1218 33.79 78.38 97.15
C VAL K 1218 32.35 78.23 96.66
N ALA K 1219 31.61 79.33 96.67
CA ALA K 1219 30.20 79.35 96.31
C ALA K 1219 30.03 80.00 94.94
N LEU K 1220 29.12 79.44 94.15
CA LEU K 1220 28.78 79.97 92.83
C LEU K 1220 27.40 80.61 92.89
N PRO K 1221 27.27 81.92 93.12
CA PRO K 1221 25.93 82.50 93.29
C PRO K 1221 25.21 82.66 91.96
N PHE K 1222 23.95 82.26 91.94
CA PHE K 1222 23.03 82.50 90.84
C PHE K 1222 21.95 83.46 91.34
N LEU K 1223 21.81 84.60 90.68
CA LEU K 1223 20.88 85.63 91.09
C LEU K 1223 19.60 85.52 90.28
N TYR K 1224 18.47 85.49 90.97
CA TYR K 1224 17.16 85.46 90.33
C TYR K 1224 16.31 86.58 90.90
N LYS K 1225 15.83 87.46 90.02
CA LYS K 1225 14.84 88.45 90.38
C LYS K 1225 13.51 87.76 90.64
N TYR K 1226 12.86 88.14 91.74
CA TYR K 1226 11.53 87.66 92.07
C TYR K 1226 10.51 88.69 91.62
N ASN K 1227 9.57 88.26 90.78
CA ASN K 1227 8.55 89.13 90.18
C ASN K 1227 7.19 88.56 90.55
N PRO K 1228 6.67 88.89 91.74
CA PRO K 1228 5.34 88.39 92.11
C PRO K 1228 4.22 88.87 91.20
N ALA K 1229 4.43 89.96 90.44
CA ALA K 1229 3.41 90.43 89.53
C ALA K 1229 3.07 89.38 88.48
N ASP K 1230 4.09 88.68 87.98
CA ASP K 1230 3.91 87.59 87.02
C ASP K 1230 4.13 86.28 87.78
N GLY K 1231 3.03 85.67 88.22
CA GLY K 1231 3.12 84.40 88.91
C GLY K 1231 3.31 83.21 88.00
N PHE K 1232 3.06 83.38 86.69
CA PHE K 1232 3.32 82.31 85.75
C PHE K 1232 4.82 82.02 85.64
N ALA K 1233 5.62 83.07 85.57
CA ALA K 1233 7.09 82.97 85.53
C ALA K 1233 7.66 83.98 86.52
N PRO K 1234 7.55 83.72 87.82
CA PRO K 1234 7.96 84.71 88.81
C PRO K 1234 9.45 84.72 89.11
N ILE K 1235 10.25 83.87 88.46
CA ILE K 1235 11.68 83.78 88.66
C ILE K 1235 12.36 84.19 87.36
N LEU K 1236 13.16 85.24 87.42
CA LEU K 1236 13.86 85.75 86.24
C LEU K 1236 15.36 85.79 86.53
N GLU K 1237 16.11 84.88 85.91
CA GLU K 1237 17.55 84.81 86.16
C GLU K 1237 18.23 86.07 85.65
N ILE K 1238 19.11 86.64 86.47
CA ILE K 1238 19.87 87.84 86.09
C ILE K 1238 21.01 87.36 85.21
N MET K 1239 20.87 87.54 83.90
CA MET K 1239 21.93 87.15 82.98
C MET K 1239 23.12 88.10 82.99
N GLU K 1240 22.94 89.30 83.53
CA GLU K 1240 24.04 90.27 83.52
C GLU K 1240 25.15 89.80 84.44
N ASP K 1241 26.35 89.67 83.88
CA ASP K 1241 27.55 89.24 84.60
C ASP K 1241 27.48 87.78 85.04
N ARG K 1242 26.53 87.00 84.52
CA ARG K 1242 26.43 85.60 84.92
C ARG K 1242 27.67 84.82 84.49
N ASN K 1243 28.11 85.02 83.25
CA ASN K 1243 29.31 84.34 82.77
C ASN K 1243 30.53 84.77 83.57
N GLU K 1244 30.62 86.05 83.93
CA GLU K 1244 31.75 86.52 84.72
C GLU K 1244 31.74 85.91 86.12
N ARG K 1245 30.56 85.78 86.74
CA ARG K 1245 30.48 85.13 88.05
C ARG K 1245 30.92 83.68 87.96
N ILE K 1246 30.46 82.97 86.93
CA ILE K 1246 30.85 81.57 86.77
C ILE K 1246 32.35 81.47 86.52
N LYS K 1247 32.90 82.43 85.78
CA LYS K 1247 34.33 82.45 85.52
C LYS K 1247 35.12 82.70 86.79
N GLU K 1248 34.63 83.59 87.65
CA GLU K 1248 35.29 83.80 88.94
C GLU K 1248 35.27 82.53 89.77
N PHE K 1249 34.15 81.82 89.77
CA PHE K 1249 34.06 80.56 90.49
C PHE K 1249 35.07 79.54 89.96
N TYR K 1250 35.13 79.39 88.64
CA TYR K 1250 36.06 78.41 88.07
C TYR K 1250 37.51 78.82 88.26
N TRP K 1251 37.78 80.13 88.22
CA TRP K 1251 39.12 80.63 88.53
C TRP K 1251 39.52 80.27 89.94
N LYS K 1252 38.62 80.50 90.91
CA LYS K 1252 38.93 80.15 92.29
C LYS K 1252 39.14 78.64 92.43
N LEU K 1253 38.38 77.84 91.70
CA LEU K 1253 38.56 76.40 91.78
C LEU K 1253 39.92 75.99 91.24
N TRP K 1254 40.26 76.40 90.02
CA TRP K 1254 41.45 75.85 89.37
C TRP K 1254 42.73 76.49 89.90
N PHE K 1255 42.70 77.79 90.20
CA PHE K 1255 43.89 78.52 90.61
C PHE K 1255 43.92 78.83 92.10
N GLY K 1256 42.80 78.69 92.80
CA GLY K 1256 42.71 78.96 94.22
C GLY K 1256 42.15 80.34 94.50
N SER K 1257 41.59 80.47 95.72
CA SER K 1257 40.98 81.74 96.12
C SER K 1257 42.03 82.84 96.25
N SER K 1258 43.24 82.50 96.67
CA SER K 1258 44.28 83.52 96.88
C SER K 1258 44.65 84.19 95.56
N VAL K 1259 44.73 83.41 94.48
CA VAL K 1259 45.14 83.98 93.19
C VAL K 1259 44.07 84.98 92.74
N PRO K 1260 44.41 86.23 92.40
CA PRO K 1260 43.36 87.18 92.05
C PRO K 1260 42.75 86.86 90.69
N TYR K 1261 41.45 87.17 90.56
CA TYR K 1261 40.78 87.00 89.28
C TYR K 1261 41.21 88.10 88.31
N SER K 1262 41.53 87.70 87.08
CA SER K 1262 41.94 88.65 86.05
C SER K 1262 41.58 88.06 84.71
N ASN K 1263 40.56 88.63 84.06
CA ASN K 1263 40.10 88.17 82.76
C ASN K 1263 40.56 89.08 81.62
N ASP K 1264 41.48 90.00 81.89
CA ASP K 1264 42.02 90.88 80.85
C ASP K 1264 43.21 90.21 80.17
N ILE K 1265 43.01 89.01 79.65
CA ILE K 1265 44.08 88.23 79.04
C ILE K 1265 44.01 88.42 77.53
N ASN K 1266 45.16 88.74 76.93
CA ASN K 1266 45.25 88.93 75.49
C ASN K 1266 45.37 87.57 74.80
N VAL K 1267 44.46 87.29 73.87
CA VAL K 1267 44.48 86.00 73.19
C VAL K 1267 45.73 85.89 72.31
N GLU K 1268 46.15 86.99 71.70
CA GLU K 1268 47.28 86.96 70.78
C GLU K 1268 48.61 86.67 71.48
N LYS K 1269 48.67 86.77 72.80
CA LYS K 1269 49.90 86.55 73.56
C LYS K 1269 49.87 85.19 74.24
N ALA K 1270 51.01 84.51 74.23
CA ALA K 1270 51.11 83.21 74.86
C ALA K 1270 50.96 83.33 76.37
N ILE K 1271 50.37 82.31 76.97
CA ILE K 1271 50.10 82.26 78.41
C ILE K 1271 51.21 81.48 79.08
N LEU K 1272 51.87 82.11 80.05
CA LEU K 1272 53.00 81.52 80.75
C LEU K 1272 52.51 80.81 82.01
N GLY K 1273 52.73 79.50 82.07
CA GLY K 1273 52.39 78.71 83.23
C GLY K 1273 53.54 78.65 84.23
N ASP K 1274 53.25 77.97 85.35
CA ASP K 1274 54.22 77.90 86.44
C ASP K 1274 55.25 76.82 86.19
N GLU K 1275 56.47 77.08 86.64
CA GLU K 1275 57.55 76.11 86.57
C GLU K 1275 57.28 75.00 87.57
N ILE K 1276 57.41 73.75 87.12
CA ILE K 1276 57.10 72.57 87.92
C ILE K 1276 58.28 71.60 87.84
N THR K 1277 58.67 71.06 88.98
CA THR K 1277 59.71 70.04 89.07
C THR K 1277 59.04 68.69 89.26
N ILE K 1278 59.31 67.76 88.34
CA ILE K 1278 58.70 66.43 88.40
C ILE K 1278 59.36 65.65 89.54
N SER K 1279 58.55 64.87 90.24
CA SER K 1279 58.99 64.09 91.39
C SER K 1279 58.45 62.66 91.31
N SER K 1280 59.17 61.74 91.94
CA SER K 1280 58.75 60.35 91.95
C SER K 1280 57.39 60.20 92.63
N GLN K 1281 57.16 60.95 93.71
CA GLN K 1281 55.87 60.90 94.40
C GLN K 1281 54.75 61.32 93.46
N THR K 1282 54.93 62.43 92.75
CA THR K 1282 53.91 62.89 91.83
C THR K 1282 53.66 61.88 90.72
N ILE K 1283 54.73 61.32 90.16
CA ILE K 1283 54.58 60.34 89.08
C ILE K 1283 53.82 59.12 89.57
N SER K 1284 54.20 58.61 90.74
CA SER K 1284 53.54 57.42 91.28
C SER K 1284 52.06 57.68 91.56
N GLU K 1285 51.76 58.83 92.18
CA GLU K 1285 50.37 59.13 92.48
C GLU K 1285 49.55 59.27 91.21
N PHE K 1286 50.07 59.96 90.20
CA PHE K 1286 49.32 60.13 88.95
C PHE K 1286 49.12 58.80 88.24
N THR K 1287 50.17 57.96 88.18
CA THR K 1287 50.04 56.67 87.53
C THR K 1287 49.02 55.80 88.25
N HIS K 1288 49.03 55.82 89.60
CA HIS K 1288 48.04 55.08 90.36
C HIS K 1288 46.63 55.60 90.06
N ALA K 1289 46.46 56.91 89.97
CA ALA K 1289 45.15 57.47 89.69
C ALA K 1289 44.64 57.04 88.32
N ILE K 1290 45.49 57.06 87.30
CA ILE K 1290 45.04 56.72 85.95
C ILE K 1290 45.06 55.22 85.67
N GLY K 1291 45.60 54.41 86.57
CA GLY K 1291 45.64 52.98 86.35
C GLY K 1291 46.69 52.54 85.35
N ASN K 1292 47.82 53.24 85.28
CA ASN K 1292 48.91 52.87 84.39
C ASN K 1292 49.90 52.00 85.14
N LYS K 1293 50.19 50.81 84.60
CA LYS K 1293 51.10 49.86 85.21
C LYS K 1293 52.38 49.67 84.39
N CYS K 1294 52.80 50.69 83.66
CA CYS K 1294 54.03 50.59 82.89
C CYS K 1294 55.24 50.65 83.82
N ASP K 1295 56.18 49.73 83.61
CA ASP K 1295 57.37 49.66 84.46
C ASP K 1295 58.28 50.87 84.28
N ALA K 1296 58.11 51.64 83.21
CA ALA K 1296 58.94 52.82 82.99
C ALA K 1296 58.69 53.92 84.01
N PHE K 1297 57.56 53.87 84.73
CA PHE K 1297 57.19 54.93 85.67
C PHE K 1297 57.45 54.57 87.13
N VAL K 1298 57.82 53.33 87.44
CA VAL K 1298 58.14 52.94 88.81
C VAL K 1298 59.63 53.19 89.04
N ASP K 1299 59.99 53.48 90.28
CA ASP K 1299 61.31 54.03 90.61
C ASP K 1299 62.36 52.93 90.81
N ARG K 1300 62.58 52.15 89.76
CA ARG K 1300 63.67 51.18 89.76
C ARG K 1300 64.99 51.94 89.84
N PRO K 1301 65.86 51.65 90.82
CA PRO K 1301 67.12 52.41 90.89
C PRO K 1301 67.99 52.20 89.66
N GLY K 1302 68.68 53.26 89.26
CA GLY K 1302 69.57 53.18 88.13
C GLY K 1302 68.89 52.98 86.79
N LYS K 1303 67.65 53.44 86.64
CA LYS K 1303 66.91 53.32 85.40
C LYS K 1303 66.31 54.63 84.91
N ALA K 1304 66.43 55.72 85.66
CA ALA K 1304 65.93 57.02 85.25
C ALA K 1304 64.43 56.97 84.98
N THR K 1305 63.68 56.74 86.05
CA THR K 1305 62.22 56.65 86.01
C THR K 1305 61.60 57.77 85.19
N LEU K 1306 60.77 57.38 84.22
CA LEU K 1306 60.11 58.32 83.33
C LEU K 1306 58.73 58.69 83.87
N ALA K 1307 58.16 59.76 83.31
CA ALA K 1307 56.82 60.22 83.63
C ALA K 1307 55.90 60.00 82.44
N PRO K 1308 54.63 59.66 82.66
CA PRO K 1308 53.73 59.42 81.52
C PRO K 1308 53.48 60.69 80.73
N MET K 1309 53.19 60.50 79.44
CA MET K 1309 52.84 61.64 78.60
C MET K 1309 51.55 62.30 79.07
N ASP K 1310 50.68 61.57 79.77
CA ASP K 1310 49.49 62.18 80.32
C ASP K 1310 49.80 63.14 81.45
N PHE K 1311 51.00 63.05 82.04
CA PHE K 1311 51.46 64.08 82.98
C PHE K 1311 51.69 65.42 82.30
N ALA K 1312 51.70 65.44 80.96
CA ALA K 1312 51.76 66.71 80.24
C ALA K 1312 50.60 67.61 80.63
N ILE K 1313 49.40 67.05 80.71
CA ILE K 1313 48.24 67.87 81.08
C ILE K 1313 48.32 68.28 82.53
N VAL K 1314 48.93 67.46 83.39
CA VAL K 1314 49.15 67.88 84.77
C VAL K 1314 50.06 69.09 84.80
N ILE K 1315 51.12 69.07 83.99
CA ILE K 1315 52.06 70.20 83.96
C ILE K 1315 51.37 71.44 83.40
N GLY K 1316 50.62 71.27 82.31
CA GLY K 1316 50.07 72.37 81.55
C GLY K 1316 48.61 72.69 81.78
N TRP K 1317 48.01 72.20 82.87
CA TRP K 1317 46.58 72.46 83.08
C TRP K 1317 46.32 73.94 83.32
N LYS K 1318 47.17 74.59 84.12
CA LYS K 1318 46.97 75.99 84.42
C LYS K 1318 47.02 76.83 83.15
N ALA K 1319 48.08 76.68 82.35
CA ALA K 1319 48.23 77.49 81.15
C ALA K 1319 47.14 77.17 80.13
N ILE K 1320 46.85 75.88 79.92
CA ILE K 1320 45.87 75.50 78.90
C ILE K 1320 44.48 76.00 79.30
N ILE K 1321 44.12 75.85 80.58
CA ILE K 1321 42.79 76.23 81.01
C ILE K 1321 42.66 77.73 81.19
N LYS K 1322 43.77 78.45 81.31
CA LYS K 1322 43.71 79.91 81.38
C LYS K 1322 43.32 80.55 80.05
N ALA K 1323 43.24 79.77 78.97
CA ALA K 1323 42.96 80.30 77.65
C ALA K 1323 41.46 80.39 77.33
N ILE K 1324 40.60 79.80 78.14
CA ILE K 1324 39.15 79.90 77.93
C ILE K 1324 38.52 81.04 78.73
N PHE K 1325 39.24 81.58 79.71
CA PHE K 1325 38.83 82.72 80.52
C PHE K 1325 38.78 84.10 79.84
N PRO K 1326 39.57 84.39 78.79
CA PRO K 1326 39.64 85.78 78.30
C PRO K 1326 38.29 86.35 77.91
N LYS K 1327 38.13 87.66 78.13
CA LYS K 1327 36.87 88.32 77.85
C LYS K 1327 36.46 88.18 76.39
N SER K 1328 37.43 88.18 75.48
CA SER K 1328 37.12 87.96 74.06
C SER K 1328 36.50 86.60 73.83
N VAL K 1329 36.79 85.63 74.72
CA VAL K 1329 36.17 84.32 74.68
C VAL K 1329 35.15 84.23 75.80
N ASP K 1330 33.90 84.58 75.49
CA ASP K 1330 32.83 84.63 76.48
C ASP K 1330 31.88 83.46 76.28
N GLY K 1331 31.59 82.76 77.37
CA GLY K 1331 30.67 81.63 77.29
C GLY K 1331 30.41 81.07 78.67
N ASP K 1332 29.53 80.07 78.71
CA ASP K 1332 29.13 79.42 79.95
C ASP K 1332 30.07 78.26 80.24
N LEU K 1333 30.87 78.41 81.29
CA LEU K 1333 31.82 77.36 81.64
C LEU K 1333 31.11 76.08 82.09
N LEU K 1334 29.95 76.22 82.73
CA LEU K 1334 29.20 75.04 83.15
C LEU K 1334 28.78 74.19 81.96
N LYS K 1335 28.56 74.82 80.81
CA LYS K 1335 28.27 74.12 79.57
C LYS K 1335 29.51 73.82 78.75
N LEU K 1336 30.70 74.20 79.23
CA LEU K 1336 31.93 73.81 78.58
C LEU K 1336 32.09 72.30 78.58
N VAL K 1337 32.52 71.75 77.45
CA VAL K 1337 32.88 70.35 77.36
C VAL K 1337 34.22 70.23 76.67
N HIS K 1338 35.05 69.31 77.17
CA HIS K 1338 36.31 68.99 76.51
C HIS K 1338 35.99 68.11 75.32
N LEU K 1339 36.23 68.61 74.11
CA LEU K 1339 35.92 67.86 72.91
C LEU K 1339 37.03 66.87 72.56
N SER K 1340 38.28 67.32 72.64
CA SER K 1340 39.40 66.52 72.18
C SER K 1340 40.67 66.97 72.89
N ASN K 1341 41.60 66.04 73.02
CA ASN K 1341 42.92 66.33 73.54
C ASN K 1341 43.95 65.45 72.85
N GLY K 1342 45.11 66.03 72.57
CA GLY K 1342 46.18 65.30 71.92
C GLY K 1342 47.53 65.75 72.40
N TYR K 1343 48.49 64.85 72.36
CA TYR K 1343 49.88 65.12 72.69
C TYR K 1343 50.75 64.74 71.52
N LYS K 1344 51.79 65.54 71.27
CA LYS K 1344 52.76 65.28 70.23
C LYS K 1344 54.15 65.45 70.81
N MET K 1345 54.97 64.40 70.72
CA MET K 1345 56.37 64.52 71.08
C MET K 1345 57.12 65.29 70.01
N ILE K 1346 58.00 66.19 70.42
CA ILE K 1346 58.90 66.84 69.49
C ILE K 1346 59.92 65.82 69.01
N THR K 1347 60.33 65.93 67.75
CA THR K 1347 61.31 65.00 67.20
C THR K 1347 62.63 65.11 67.95
N GLY K 1348 63.16 63.97 68.37
CA GLY K 1348 64.41 63.94 69.08
C GLY K 1348 64.34 64.39 70.52
N ALA K 1349 63.13 64.60 71.06
CA ALA K 1349 62.96 65.01 72.45
C ALA K 1349 62.71 63.78 73.31
N ALA K 1350 63.52 63.62 74.35
CA ALA K 1350 63.38 62.47 75.23
C ALA K 1350 62.13 62.61 76.09
N PRO K 1351 61.57 61.50 76.58
CA PRO K 1351 60.39 61.61 77.45
C PRO K 1351 60.73 62.31 78.76
N LEU K 1352 59.68 62.82 79.40
CA LEU K 1352 59.85 63.45 80.70
C LEU K 1352 60.32 62.42 81.73
N LYS K 1353 61.24 62.84 82.58
CA LYS K 1353 61.85 61.98 83.58
C LYS K 1353 61.86 62.67 84.94
N LYS K 1354 62.15 61.89 85.97
CA LYS K 1354 62.19 62.40 87.32
C LYS K 1354 63.25 63.51 87.44
N GLY K 1355 62.92 64.53 88.21
CA GLY K 1355 63.80 65.67 88.39
C GLY K 1355 63.73 66.70 87.29
N ASP K 1356 62.90 66.50 86.28
CA ASP K 1356 62.81 67.45 85.17
C ASP K 1356 62.17 68.76 85.63
N VAL K 1357 62.77 69.86 85.22
CA VAL K 1357 62.26 71.21 85.48
C VAL K 1357 61.55 71.65 84.20
N VAL K 1358 60.23 71.72 84.23
CA VAL K 1358 59.41 71.93 83.04
C VAL K 1358 58.57 73.19 83.21
N SER K 1359 58.52 73.99 82.15
CA SER K 1359 57.70 75.19 82.11
C SER K 1359 56.79 75.13 80.87
N THR K 1360 55.54 75.54 81.03
CA THR K 1360 54.54 75.38 79.98
C THR K 1360 54.14 76.74 79.44
N LYS K 1361 54.03 76.83 78.11
CA LYS K 1361 53.58 78.04 77.43
C LYS K 1361 52.37 77.69 76.56
N ALA K 1362 51.24 78.33 76.82
CA ALA K 1362 50.00 78.04 76.13
C ALA K 1362 49.65 79.16 75.16
N GLU K 1363 49.15 78.79 73.99
CA GLU K 1363 48.74 79.72 72.95
C GLU K 1363 47.37 79.31 72.44
N ILE K 1364 46.49 80.29 72.26
CA ILE K 1364 45.15 80.02 71.73
C ILE K 1364 45.27 79.94 70.21
N LYS K 1365 45.11 78.73 69.68
CA LYS K 1365 45.24 78.55 68.23
C LYS K 1365 44.01 79.09 67.50
N ALA K 1366 42.82 78.86 68.03
CA ALA K 1366 41.61 79.23 67.32
C ALA K 1366 40.47 79.48 68.29
N VAL K 1367 39.61 80.43 67.93
CA VAL K 1367 38.34 80.67 68.59
C VAL K 1367 37.30 80.83 67.49
N LEU K 1368 36.35 79.91 67.41
CA LEU K 1368 35.38 79.85 66.32
C LEU K 1368 33.98 79.76 66.90
N ASN K 1369 32.99 80.18 66.13
CA ASN K 1369 31.59 79.92 66.45
C ASN K 1369 31.03 78.94 65.41
N GLN K 1370 30.75 77.72 65.85
CA GLN K 1370 30.03 76.71 65.09
C GLN K 1370 28.59 76.64 65.58
N PRO K 1371 27.70 75.98 64.81
CA PRO K 1371 26.31 75.87 65.27
C PRO K 1371 26.17 75.21 66.63
N SER K 1372 27.08 74.31 66.99
CA SER K 1372 27.04 73.68 68.30
C SER K 1372 27.56 74.56 69.42
N GLY K 1373 28.36 75.58 69.12
CA GLY K 1373 28.86 76.47 70.14
C GLY K 1373 30.20 77.06 69.74
N LYS K 1374 30.85 77.67 70.73
CA LYS K 1374 32.12 78.34 70.53
C LYS K 1374 33.26 77.36 70.83
N LEU K 1375 34.07 77.07 69.81
CA LEU K 1375 35.18 76.15 69.93
C LEU K 1375 36.47 76.93 70.19
N VAL K 1376 37.22 76.50 71.21
CA VAL K 1376 38.48 77.13 71.60
C VAL K 1376 39.56 76.07 71.54
N GLU K 1377 40.58 76.32 70.71
CA GLU K 1377 41.72 75.43 70.55
C GLU K 1377 42.92 76.06 71.25
N VAL K 1378 43.56 75.29 72.14
CA VAL K 1378 44.68 75.77 72.94
C VAL K 1378 45.81 74.77 72.84
N VAL K 1379 47.00 75.24 72.46
CA VAL K 1379 48.19 74.39 72.37
C VAL K 1379 49.17 74.84 73.44
N GLY K 1380 49.50 73.94 74.35
CA GLY K 1380 50.49 74.18 75.38
C GLY K 1380 51.77 73.41 75.11
N THR K 1381 52.84 74.14 74.84
CA THR K 1381 54.15 73.54 74.60
C THR K 1381 54.90 73.50 75.92
N ILE K 1382 55.42 72.33 76.25
CA ILE K 1382 56.23 72.14 77.45
C ILE K 1382 57.69 72.33 77.06
N TYR K 1383 58.45 72.97 77.95
CA TYR K 1383 59.86 73.28 77.72
C TYR K 1383 60.68 72.75 78.89
N ARG K 1384 61.74 72.02 78.56
CA ARG K 1384 62.71 71.52 79.53
C ARG K 1384 64.05 72.14 79.17
N GLU K 1385 64.73 72.71 80.17
CA GLU K 1385 65.97 73.50 79.99
C GLU K 1385 65.87 74.46 78.81
N GLY K 1386 64.70 75.05 78.60
CA GLY K 1386 64.52 76.02 77.54
C GLY K 1386 64.31 75.44 76.16
N LYS K 1387 64.25 74.11 76.03
CA LYS K 1387 64.07 73.44 74.75
C LYS K 1387 62.70 72.77 74.74
N PRO K 1388 61.90 72.93 73.68
CA PRO K 1388 60.57 72.29 73.68
C PRO K 1388 60.69 70.77 73.69
N VAL K 1389 59.79 70.14 74.42
CA VAL K 1389 59.74 68.69 74.55
C VAL K 1389 58.48 68.09 73.94
N MET K 1390 57.35 68.80 74.05
CA MET K 1390 56.08 68.24 73.62
C MET K 1390 55.04 69.34 73.49
N GLU K 1391 53.99 69.04 72.73
CA GLU K 1391 52.88 69.96 72.48
C GLU K 1391 51.57 69.27 72.85
N VAL K 1392 50.74 69.96 73.63
CA VAL K 1392 49.46 69.43 74.11
C VAL K 1392 48.36 70.30 73.54
N THR K 1393 47.60 69.75 72.59
CA THR K 1393 46.49 70.44 71.96
C THR K 1393 45.19 70.04 72.65
N SER K 1394 44.37 71.02 72.99
CA SER K 1394 43.10 70.80 73.68
C SER K 1394 42.02 71.60 72.99
N GLN K 1395 40.81 71.04 72.94
CA GLN K 1395 39.65 71.70 72.37
C GLN K 1395 38.55 71.76 73.41
N PHE K 1396 38.02 72.96 73.65
CA PHE K 1396 36.94 73.18 74.60
C PHE K 1396 35.78 73.85 73.87
N LEU K 1397 34.58 73.28 74.01
CA LEU K 1397 33.40 73.79 73.34
C LEU K 1397 32.45 74.37 74.37
N TYR K 1398 32.17 75.66 74.24
CA TYR K 1398 31.12 76.36 74.98
C TYR K 1398 29.82 76.15 74.21
N ARG K 1399 28.95 75.27 74.69
CA ARG K 1399 27.67 75.09 74.03
C ARG K 1399 26.82 76.36 74.09
N GLY K 1400 26.04 76.58 73.06
CA GLY K 1400 25.15 77.73 72.96
C GLY K 1400 25.25 78.35 71.58
N GLU K 1401 24.74 79.57 71.48
CA GLU K 1401 24.76 80.34 70.24
C GLU K 1401 25.58 81.60 70.44
N TYR K 1402 26.57 81.80 69.58
CA TYR K 1402 27.48 82.93 69.67
C TYR K 1402 27.59 83.59 68.31
N ASN K 1403 27.42 84.91 68.29
CA ASN K 1403 27.47 85.71 67.06
C ASN K 1403 28.63 86.70 67.06
N ASP K 1404 29.50 86.66 68.07
CA ASP K 1404 30.58 87.64 68.20
C ASP K 1404 31.75 87.23 67.30
N TYR K 1405 31.50 87.29 65.99
CA TYR K 1405 32.52 86.93 65.03
C TYR K 1405 33.71 87.89 65.04
N CYS K 1406 33.54 89.08 65.62
CA CYS K 1406 34.66 90.01 65.72
C CYS K 1406 35.80 89.44 66.56
N ASN K 1407 35.48 88.57 67.51
CA ASN K 1407 36.46 88.02 68.44
C ASN K 1407 36.97 86.63 68.05
N THR K 1408 36.63 86.15 66.85
CA THR K 1408 37.07 84.84 66.40
C THR K 1408 38.35 84.95 65.59
N PHE K 1409 39.12 83.85 65.60
CA PHE K 1409 40.31 83.75 64.79
C PHE K 1409 40.72 82.29 64.73
N GLN K 1410 41.63 81.98 63.80
CA GLN K 1410 42.11 80.61 63.62
C GLN K 1410 43.54 80.68 63.13
N LYS K 1411 44.50 80.30 63.98
CA LYS K 1411 45.89 80.19 63.61
C LYS K 1411 46.19 78.73 63.29
N VAL K 1412 46.49 78.45 62.02
CA VAL K 1412 46.76 77.10 61.55
C VAL K 1412 48.19 77.07 61.05
N THR K 1413 49.06 76.33 61.75
CA THR K 1413 50.41 76.08 61.25
C THR K 1413 50.28 74.92 60.27
N GLU K 1414 50.43 75.23 58.99
CA GLU K 1414 50.29 74.22 57.96
C GLU K 1414 51.53 73.32 57.99
N THR K 1415 51.31 72.02 57.88
CA THR K 1415 52.44 71.10 57.89
C THR K 1415 53.31 71.35 56.67
N PRO K 1416 54.62 71.15 56.77
CA PRO K 1416 55.49 71.42 55.62
C PRO K 1416 55.08 70.60 54.40
N VAL K 1417 54.92 71.28 53.27
CA VAL K 1417 54.48 70.66 52.02
C VAL K 1417 55.65 70.70 51.04
N GLN K 1418 56.01 69.55 50.49
CA GLN K 1418 57.12 69.46 49.54
C GLN K 1418 56.56 69.49 48.13
N VAL K 1419 56.81 70.60 47.42
CA VAL K 1419 56.35 70.81 46.06
C VAL K 1419 57.52 70.57 45.12
N ALA K 1420 57.33 69.67 44.15
CA ALA K 1420 58.34 69.36 43.15
C ALA K 1420 57.97 70.08 41.86
N PHE K 1421 58.90 70.88 41.35
CA PHE K 1421 58.73 71.60 40.09
C PHE K 1421 59.66 70.94 39.07
N LYS K 1422 59.15 69.89 38.44
CA LYS K 1422 59.88 69.17 37.40
C LYS K 1422 59.45 69.60 36.01
N SER K 1423 58.97 70.83 35.85
CA SER K 1423 58.51 71.32 34.56
C SER K 1423 58.57 72.83 34.52
N ALA K 1424 58.86 73.35 33.33
CA ALA K 1424 58.82 74.79 33.12
C ALA K 1424 57.44 75.34 33.46
N LYS K 1425 56.38 74.56 33.23
CA LYS K 1425 55.04 75.01 33.60
C LYS K 1425 54.86 75.03 35.10
N ASP K 1426 55.52 74.10 35.82
CA ASP K 1426 55.48 74.15 37.29
C ASP K 1426 56.13 75.42 37.80
N LEU K 1427 57.33 75.74 37.29
CA LEU K 1427 57.96 76.99 37.68
C LEU K 1427 57.11 78.19 37.26
N ALA K 1428 56.44 78.08 36.11
CA ALA K 1428 55.62 79.20 35.62
C ALA K 1428 54.44 79.45 36.54
N VAL K 1429 53.75 78.39 36.97
CA VAL K 1429 52.62 78.60 37.87
C VAL K 1429 53.11 79.14 39.21
N LEU K 1430 54.24 78.63 39.70
CA LEU K 1430 54.78 79.14 40.96
C LEU K 1430 55.10 80.63 40.86
N ARG K 1431 55.70 81.06 39.76
CA ARG K 1431 55.99 82.48 39.59
C ARG K 1431 54.72 83.30 39.34
N SER K 1432 53.69 82.70 38.76
CA SER K 1432 52.43 83.40 38.59
C SER K 1432 51.72 83.62 39.92
N LYS K 1433 51.97 82.78 40.92
CA LYS K 1433 51.44 83.02 42.26
C LYS K 1433 51.95 84.35 42.78
N GLU K 1434 51.04 85.33 42.93
CA GLU K 1434 51.44 86.62 43.48
C GLU K 1434 51.98 86.48 44.89
N TRP K 1435 51.35 85.63 45.71
CA TRP K 1435 51.74 85.50 47.11
C TRP K 1435 53.12 84.90 47.31
N PHE K 1436 53.72 84.32 46.28
CA PHE K 1436 55.04 83.70 46.39
C PHE K 1436 56.10 84.70 45.91
N HIS K 1437 57.09 84.98 46.76
CA HIS K 1437 58.18 85.88 46.44
C HIS K 1437 59.49 85.13 46.57
N LEU K 1438 60.41 85.35 45.63
CA LEU K 1438 61.72 84.73 45.62
C LEU K 1438 62.76 85.76 46.05
N GLU K 1439 63.42 85.51 47.18
CA GLU K 1439 64.44 86.41 47.69
C GLU K 1439 65.86 85.97 47.35
N LYS K 1440 66.05 84.71 46.96
CA LYS K 1440 67.34 84.16 46.55
C LYS K 1440 67.17 83.55 45.18
N ASP K 1441 67.85 84.11 44.18
CA ASP K 1441 67.76 83.63 42.80
C ASP K 1441 68.64 82.40 42.67
N VAL K 1442 68.01 81.22 42.71
CA VAL K 1442 68.70 79.94 42.61
C VAL K 1442 67.85 78.99 41.78
N GLN K 1443 68.47 77.89 41.37
CA GLN K 1443 67.79 76.83 40.63
C GLN K 1443 67.36 75.75 41.60
N PHE K 1444 66.07 75.41 41.60
CA PHE K 1444 65.52 74.41 42.50
C PHE K 1444 64.62 73.46 41.71
N ASP K 1445 64.61 72.21 42.16
CA ASP K 1445 63.68 71.20 41.65
C ASP K 1445 62.65 70.78 42.68
N VAL K 1446 62.93 70.94 43.97
CA VAL K 1446 61.98 70.68 45.04
C VAL K 1446 62.10 71.79 46.07
N LEU K 1447 60.96 72.27 46.56
CA LEU K 1447 60.89 73.26 47.62
C LEU K 1447 60.00 72.74 48.73
N THR K 1448 60.21 73.28 49.94
CA THR K 1448 59.40 72.93 51.11
C THR K 1448 58.76 74.19 51.64
N PHE K 1449 57.43 74.23 51.63
CA PHE K 1449 56.65 75.38 52.08
C PHE K 1449 56.20 75.12 53.51
N ARG K 1450 56.62 75.99 54.43
CA ARG K 1450 56.19 75.98 55.82
C ARG K 1450 55.47 77.30 56.07
N CYS K 1451 54.16 77.22 56.31
CA CYS K 1451 53.31 78.40 56.39
C CYS K 1451 52.49 78.40 57.68
N GLU K 1452 52.02 79.60 58.05
CA GLU K 1452 51.21 79.81 59.25
C GLU K 1452 50.03 80.70 58.86
N SER K 1453 48.92 80.08 58.48
CA SER K 1453 47.74 80.83 58.10
C SER K 1453 47.05 81.39 59.33
N THR K 1454 46.42 82.56 59.15
CA THR K 1454 45.68 83.24 60.21
C THR K 1454 44.37 83.73 59.61
N TYR K 1455 43.27 83.13 60.04
CA TYR K 1455 41.94 83.47 59.57
C TYR K 1455 41.21 84.30 60.60
N LYS K 1456 40.46 85.30 60.12
CA LYS K 1456 39.55 86.09 60.93
C LYS K 1456 38.18 86.05 60.26
N PHE K 1457 37.15 85.76 61.04
CA PHE K 1457 35.81 85.49 60.53
C PHE K 1457 34.92 86.71 60.72
N LYS K 1458 34.23 87.10 59.66
CA LYS K 1458 33.11 88.04 59.78
C LYS K 1458 31.77 87.34 59.85
N SER K 1459 31.69 86.11 59.36
CA SER K 1459 30.49 85.29 59.48
C SER K 1459 30.91 83.83 59.59
N ALA K 1460 29.93 82.94 59.63
CA ALA K 1460 30.22 81.53 59.81
C ALA K 1460 31.04 80.97 58.66
N ASN K 1461 30.69 81.34 57.43
CA ASN K 1461 31.33 80.81 56.23
C ASN K 1461 32.24 81.81 55.55
N VAL K 1462 32.34 83.04 56.07
CA VAL K 1462 33.07 84.12 55.43
C VAL K 1462 34.24 84.51 56.32
N TYR K 1463 35.41 84.69 55.72
CA TYR K 1463 36.60 85.10 56.45
C TYR K 1463 36.74 86.63 56.37
N SER K 1464 36.77 87.27 57.54
CA SER K 1464 37.03 88.71 57.58
C SER K 1464 38.38 89.03 56.96
N SER K 1465 39.39 88.23 57.24
CA SER K 1465 40.72 88.50 56.72
C SER K 1465 41.56 87.25 56.80
N ILE K 1466 42.24 86.92 55.71
CA ILE K 1466 43.14 85.77 55.64
C ILE K 1466 44.55 86.30 55.44
N LYS K 1467 45.46 85.90 56.33
CA LYS K 1467 46.86 86.29 56.27
C LYS K 1467 47.71 85.03 56.38
N THR K 1468 48.38 84.66 55.29
CA THR K 1468 49.27 83.50 55.27
C THR K 1468 50.70 83.99 55.09
N THR K 1469 51.56 83.65 56.04
CA THR K 1469 52.98 83.96 55.97
C THR K 1469 53.78 82.68 56.12
N GLY K 1470 54.80 82.53 55.27
CA GLY K 1470 55.56 81.29 55.28
C GLY K 1470 56.95 81.47 54.71
N GLN K 1471 57.78 80.48 54.98
CA GLN K 1471 59.18 80.46 54.53
C GLN K 1471 59.37 79.25 53.62
N VAL K 1472 59.67 79.50 52.34
CA VAL K 1472 59.93 78.43 51.39
C VAL K 1472 61.40 78.09 51.43
N LEU K 1473 61.71 76.80 51.59
CA LEU K 1473 63.06 76.33 51.81
C LEU K 1473 63.51 75.43 50.66
N LEU K 1474 64.82 75.43 50.43
CA LEU K 1474 65.46 74.61 49.42
C LEU K 1474 66.63 73.89 50.04
N GLU K 1475 66.76 72.60 49.74
CA GLU K 1475 67.92 71.82 50.13
C GLU K 1475 68.95 71.91 49.01
N LEU K 1476 70.07 72.57 49.28
CA LEU K 1476 71.11 72.72 48.28
C LEU K 1476 71.81 71.39 48.05
N PRO K 1477 72.57 71.27 46.95
CA PRO K 1477 73.39 70.06 46.78
C PRO K 1477 74.36 69.85 47.92
N THR K 1478 74.77 70.92 48.60
CA THR K 1478 75.55 70.83 49.83
C THR K 1478 74.77 70.17 50.98
N LYS K 1479 73.46 70.06 50.86
CA LYS K 1479 72.50 69.53 51.84
C LYS K 1479 72.15 70.56 52.90
N GLU K 1480 72.70 71.77 52.83
CA GLU K 1480 72.22 72.85 53.69
C GLU K 1480 70.84 73.30 53.21
N VAL K 1481 69.96 73.58 54.17
CA VAL K 1481 68.61 74.04 53.88
C VAL K 1481 68.59 75.56 54.05
N ILE K 1482 68.18 76.27 53.00
CA ILE K 1482 68.18 77.73 53.00
C ILE K 1482 66.84 78.25 52.51
N GLN K 1483 66.46 79.42 53.00
CA GLN K 1483 65.20 80.06 52.62
C GLN K 1483 65.42 80.78 51.29
N VAL K 1484 64.86 80.22 50.20
CA VAL K 1484 64.94 80.84 48.90
C VAL K 1484 63.84 81.86 48.67
N GLY K 1485 62.76 81.81 49.45
CA GLY K 1485 61.69 82.75 49.25
C GLY K 1485 60.71 82.70 50.41
N SER K 1486 59.67 83.52 50.27
CA SER K 1486 58.64 83.63 51.30
C SER K 1486 57.28 83.60 50.65
N VAL K 1487 56.29 83.27 51.47
CA VAL K 1487 54.88 83.36 51.12
C VAL K 1487 54.28 84.48 51.94
N ASP K 1488 53.55 85.37 51.27
CA ASP K 1488 52.91 86.51 51.94
C ASP K 1488 51.59 86.77 51.19
N TYR K 1489 50.52 86.17 51.70
CA TYR K 1489 49.19 86.33 51.15
C TYR K 1489 48.33 87.11 52.13
N GLU K 1490 47.60 88.10 51.63
CA GLU K 1490 46.68 88.89 52.43
C GLU K 1490 45.41 89.10 51.63
N ALA K 1491 44.26 88.90 52.28
CA ALA K 1491 42.98 89.11 51.61
C ALA K 1491 41.92 89.46 52.63
N GLY K 1492 40.90 90.16 52.17
CA GLY K 1492 39.77 90.52 52.99
C GLY K 1492 38.69 89.44 52.95
N THR K 1493 37.49 89.80 52.53
CA THR K 1493 36.41 88.83 52.41
C THR K 1493 36.82 87.72 51.45
N SER K 1494 36.85 86.49 51.97
CA SER K 1494 37.35 85.35 51.20
C SER K 1494 36.64 84.09 51.69
N TYR K 1495 36.70 83.05 50.85
CA TYR K 1495 36.06 81.77 51.14
C TYR K 1495 37.07 80.63 51.22
N GLY K 1496 38.36 80.93 51.21
CA GLY K 1496 39.36 79.88 51.34
C GLY K 1496 40.74 80.52 51.26
N ASN K 1497 41.75 79.68 51.51
CA ASN K 1497 43.13 80.12 51.48
C ASN K 1497 43.81 79.58 50.22
N PRO K 1498 44.14 80.44 49.23
CA PRO K 1498 44.73 79.91 48.00
C PRO K 1498 46.06 79.24 48.22
N VAL K 1499 46.85 79.69 49.20
CA VAL K 1499 48.14 79.05 49.46
C VAL K 1499 47.93 77.61 49.89
N THR K 1500 47.02 77.38 50.84
CA THR K 1500 46.76 76.03 51.29
C THR K 1500 46.18 75.19 50.17
N ASP K 1501 45.27 75.74 49.38
CA ASP K 1501 44.71 74.99 48.27
C ASP K 1501 45.80 74.58 47.28
N TYR K 1502 46.67 75.51 46.92
CA TYR K 1502 47.74 75.23 45.97
C TYR K 1502 48.69 74.16 46.50
N LEU K 1503 49.12 74.30 47.77
CA LEU K 1503 50.05 73.33 48.31
C LEU K 1503 49.40 71.95 48.46
N SER K 1504 48.11 71.92 48.82
CA SER K 1504 47.42 70.64 48.94
C SER K 1504 47.29 69.94 47.60
N ARG K 1505 46.90 70.68 46.56
CA ARG K 1505 46.72 70.07 45.25
C ARG K 1505 48.02 69.71 44.56
N ASN K 1506 49.03 70.59 44.62
CA ASN K 1506 50.25 70.44 43.84
C ASN K 1506 51.46 70.06 44.70
N GLY K 1507 51.25 69.66 45.95
CA GLY K 1507 52.36 69.30 46.82
C GLY K 1507 51.95 68.19 47.77
N LYS K 1508 52.93 67.38 48.15
CA LYS K 1508 52.73 66.30 49.11
C LYS K 1508 53.36 66.70 50.44
N THR K 1509 52.61 66.53 51.51
CA THR K 1509 53.13 66.81 52.84
C THR K 1509 54.22 65.80 53.20
N ILE K 1510 55.17 66.26 54.02
CA ILE K 1510 56.20 65.35 54.49
C ILE K 1510 55.57 64.35 55.45
N GLU K 1511 56.11 63.13 55.48
CA GLU K 1511 55.58 62.04 56.31
C GLU K 1511 54.13 61.76 55.97
N GLU K 1512 53.91 61.30 54.74
CA GLU K 1512 52.59 60.86 54.32
C GLU K 1512 52.18 59.61 55.09
N SER K 1513 50.92 59.55 55.48
CA SER K 1513 50.39 58.43 56.27
C SER K 1513 49.93 57.34 55.31
N VAL K 1514 50.69 56.25 55.25
CA VAL K 1514 50.36 55.10 54.41
C VAL K 1514 49.47 54.17 55.21
N ILE K 1515 48.28 53.90 54.70
CA ILE K 1515 47.26 53.12 55.41
C ILE K 1515 47.27 51.70 54.87
N PHE K 1516 47.26 50.73 55.79
CA PHE K 1516 47.24 49.32 55.41
C PHE K 1516 45.94 48.97 54.71
N GLU K 1517 46.03 48.02 53.79
CA GLU K 1517 44.83 47.51 53.14
C GLU K 1517 43.89 46.85 54.14
N ASN K 1518 44.45 46.07 55.07
CA ASN K 1518 43.69 45.41 56.13
C ASN K 1518 44.21 45.90 57.47
N ALA K 1519 43.30 46.36 58.33
CA ALA K 1519 43.68 46.80 59.66
C ALA K 1519 44.01 45.59 60.52
N ILE K 1520 45.04 45.75 61.37
CA ILE K 1520 45.52 44.66 62.23
C ILE K 1520 44.91 44.86 63.61
N PRO K 1521 43.96 44.03 64.05
CA PRO K 1521 43.41 44.23 65.39
C PRO K 1521 44.41 43.79 66.46
N LEU K 1522 44.64 44.66 67.43
CA LEU K 1522 45.59 44.40 68.51
C LEU K 1522 44.83 44.02 69.77
N SER K 1523 45.33 43.02 70.49
CA SER K 1523 44.71 42.57 71.74
C SER K 1523 43.33 42.01 71.40
N SER K 1524 42.42 42.05 72.37
CA SER K 1524 41.07 41.53 72.18
C SER K 1524 40.12 42.29 73.09
N GLY K 1525 38.82 42.03 72.90
CA GLY K 1525 37.78 42.66 73.68
C GLY K 1525 37.74 42.25 75.13
N GLU K 1526 38.50 41.23 75.53
CA GLU K 1526 38.62 40.85 76.93
C GLU K 1526 39.78 41.58 77.61
N GLU K 1527 40.93 41.68 76.92
CA GLU K 1527 42.07 42.36 77.50
C GLU K 1527 41.94 43.88 77.45
N LEU K 1528 41.21 44.41 76.47
CA LEU K 1528 41.11 45.86 76.29
C LEU K 1528 39.91 46.46 77.00
N THR K 1529 39.11 45.67 77.70
CA THR K 1529 38.00 46.23 78.46
C THR K 1529 38.50 46.91 79.73
N SER K 1530 37.74 47.89 80.19
CA SER K 1530 38.08 48.63 81.39
C SER K 1530 36.80 49.04 82.10
N LYS K 1531 36.94 49.56 83.31
CA LYS K 1531 35.82 50.03 84.10
C LYS K 1531 36.17 51.38 84.72
N ALA K 1532 35.27 52.35 84.55
CA ALA K 1532 35.53 53.68 85.08
C ALA K 1532 35.52 53.65 86.61
N PRO K 1533 36.28 54.52 87.27
CA PRO K 1533 36.29 54.52 88.73
C PRO K 1533 34.95 54.97 89.29
N GLY K 1534 34.64 54.48 90.49
CA GLY K 1534 33.43 54.90 91.15
C GLY K 1534 33.40 56.37 91.48
N THR K 1535 34.56 56.94 91.79
CA THR K 1535 34.69 58.36 92.13
C THR K 1535 35.78 58.98 91.27
N ASN K 1536 35.62 60.27 90.97
CA ASN K 1536 36.57 61.02 90.15
C ASN K 1536 37.50 61.91 90.98
N GLU K 1537 37.31 61.95 92.29
CA GLU K 1537 38.23 62.71 93.14
C GLU K 1537 39.69 62.30 92.99
N PRO K 1538 40.05 61.00 92.92
CA PRO K 1538 41.47 60.66 92.78
C PRO K 1538 42.11 61.25 91.53
N TYR K 1539 41.38 61.29 90.41
CA TYR K 1539 41.93 61.92 89.22
C TYR K 1539 41.92 63.44 89.33
N ALA K 1540 40.85 64.00 89.90
CA ALA K 1540 40.75 65.45 90.01
C ALA K 1540 41.88 66.03 90.84
N ILE K 1541 42.18 65.40 91.98
CA ILE K 1541 43.20 65.94 92.87
C ILE K 1541 44.58 65.87 92.22
N VAL K 1542 44.89 64.76 91.55
CA VAL K 1542 46.23 64.64 90.95
C VAL K 1542 46.37 65.56 89.74
N SER K 1543 45.35 65.62 88.88
CA SER K 1543 45.47 66.37 87.64
C SER K 1543 45.17 67.86 87.82
N GLY K 1544 44.61 68.27 88.95
CA GLY K 1544 44.27 69.65 89.17
C GLY K 1544 42.95 70.09 88.55
N ASP K 1545 42.26 69.21 87.84
CA ASP K 1545 40.97 69.53 87.22
C ASP K 1545 39.88 69.38 88.28
N TYR K 1546 39.56 70.48 88.95
CA TYR K 1546 38.54 70.51 89.98
C TYR K 1546 37.19 70.97 89.43
N ASN K 1547 36.89 70.65 88.18
CA ASN K 1547 35.59 70.97 87.62
C ASN K 1547 34.52 70.25 88.43
N PRO K 1548 33.55 70.95 89.02
CA PRO K 1548 32.57 70.25 89.86
C PRO K 1548 31.69 69.29 89.10
N ILE K 1549 31.66 69.37 87.77
CA ILE K 1549 30.78 68.49 86.99
C ILE K 1549 31.17 67.03 87.20
N HIS K 1550 32.42 66.79 87.61
CA HIS K 1550 32.91 65.42 87.76
C HIS K 1550 32.77 64.88 89.18
N VAL K 1551 32.56 65.74 90.18
CA VAL K 1551 32.60 65.33 91.57
C VAL K 1551 31.37 65.75 92.38
N SER K 1552 30.58 66.71 91.93
CA SER K 1552 29.46 67.25 92.69
C SER K 1552 28.17 66.90 91.96
N ARG K 1553 27.23 66.28 92.68
CA ARG K 1553 25.96 65.92 92.07
C ARG K 1553 25.15 67.16 91.70
N VAL K 1554 25.20 68.19 92.55
CA VAL K 1554 24.37 69.37 92.32
C VAL K 1554 24.82 70.12 91.07
N PHE K 1555 26.14 70.23 90.87
CA PHE K 1555 26.63 70.95 89.70
C PHE K 1555 26.31 70.21 88.40
N ALA K 1556 26.45 68.88 88.41
CA ALA K 1556 26.05 68.11 87.23
C ALA K 1556 24.56 68.23 86.98
N ALA K 1557 23.75 68.21 88.04
CA ALA K 1557 22.32 68.38 87.87
C ALA K 1557 21.99 69.74 87.26
N TYR K 1558 22.66 70.80 87.72
CA TYR K 1558 22.44 72.12 87.12
C TYR K 1558 22.87 72.12 85.67
N ALA K 1559 23.99 71.49 85.35
CA ALA K 1559 24.45 71.38 83.98
C ALA K 1559 23.62 70.40 83.15
N LYS K 1560 22.62 69.75 83.75
CA LYS K 1560 21.70 68.87 83.02
C LYS K 1560 22.45 67.67 82.44
N LEU K 1561 23.51 67.26 83.13
CA LEU K 1561 24.26 66.09 82.75
C LEU K 1561 23.65 64.83 83.37
N PRO K 1562 23.85 63.65 82.79
CA PRO K 1562 23.30 62.43 83.41
C PRO K 1562 23.84 62.16 84.79
N GLY K 1563 25.03 62.65 85.11
CA GLY K 1563 25.59 62.44 86.44
C GLY K 1563 26.98 63.05 86.52
N THR K 1564 27.72 62.62 87.54
CA THR K 1564 29.09 63.08 87.75
C THR K 1564 29.98 62.36 86.73
N ILE K 1565 29.95 62.86 85.49
CA ILE K 1565 30.71 62.26 84.41
C ILE K 1565 32.19 62.22 84.76
N THR K 1566 32.84 61.09 84.48
CA THR K 1566 34.26 60.98 84.76
C THR K 1566 35.05 61.88 83.81
N HIS K 1567 36.29 62.15 84.18
CA HIS K 1567 37.11 63.04 83.39
C HIS K 1567 37.38 62.45 82.01
N GLY K 1568 37.09 63.25 80.98
CA GLY K 1568 37.49 62.85 79.65
C GLY K 1568 38.98 62.60 79.57
N MET K 1569 39.76 63.39 80.32
CA MET K 1569 41.20 63.18 80.29
C MET K 1569 41.61 61.94 81.07
N TYR K 1570 40.84 61.56 82.09
CA TYR K 1570 41.06 60.24 82.69
C TYR K 1570 40.83 59.14 81.67
N SER K 1571 39.74 59.24 80.90
CA SER K 1571 39.48 58.24 79.87
C SER K 1571 40.61 58.20 78.86
N SER K 1572 41.08 59.38 78.45
CA SER K 1572 42.21 59.46 77.53
C SER K 1572 43.44 58.78 78.11
N ALA K 1573 43.73 59.04 79.39
CA ALA K 1573 44.92 58.45 80.01
C ALA K 1573 44.79 56.94 80.12
N SER K 1574 43.60 56.43 80.45
CA SER K 1574 43.43 54.98 80.55
C SER K 1574 43.60 54.32 79.19
N ILE K 1575 42.97 54.87 78.16
CA ILE K 1575 43.09 54.27 76.83
C ILE K 1575 44.52 54.42 76.31
N ARG K 1576 45.20 55.51 76.67
CA ARG K 1576 46.60 55.65 76.28
C ARG K 1576 47.47 54.66 77.02
N ALA K 1577 47.14 54.33 78.26
CA ALA K 1577 47.86 53.27 78.96
C ALA K 1577 47.67 51.93 78.27
N LEU K 1578 46.44 51.66 77.82
CA LEU K 1578 46.21 50.43 77.04
C LEU K 1578 47.04 50.42 75.77
N VAL K 1579 47.09 51.56 75.07
CA VAL K 1579 47.90 51.67 73.85
C VAL K 1579 49.37 51.48 74.17
N GLU K 1580 49.84 52.10 75.27
CA GLU K 1580 51.22 51.94 75.71
C GLU K 1580 51.56 50.47 75.90
N GLU K 1581 50.72 49.75 76.64
CA GLU K 1581 50.99 48.34 76.89
C GLU K 1581 50.98 47.53 75.61
N TRP K 1582 49.89 47.62 74.83
CA TRP K 1582 49.62 46.65 73.77
C TRP K 1582 50.22 47.05 72.43
N ALA K 1583 50.06 48.31 72.02
CA ALA K 1583 50.61 48.73 70.74
C ALA K 1583 52.12 48.96 70.84
N ALA K 1584 52.59 49.53 71.95
CA ALA K 1584 53.99 49.90 72.11
C ALA K 1584 54.78 48.90 72.95
N ASN K 1585 54.21 47.75 73.30
CA ASN K 1585 54.90 46.72 74.06
C ASN K 1585 55.42 47.26 75.40
N ASN K 1586 54.62 48.11 76.04
CA ASN K 1586 54.91 48.62 77.38
C ASN K 1586 56.20 49.45 77.42
N VAL K 1587 56.58 50.04 76.29
CA VAL K 1587 57.75 50.90 76.20
C VAL K 1587 57.26 52.32 76.00
N ALA K 1588 57.56 53.20 76.96
CA ALA K 1588 56.96 54.53 76.98
C ALA K 1588 57.57 55.46 75.94
N ALA K 1589 58.88 55.33 75.66
CA ALA K 1589 59.50 56.21 74.69
C ALA K 1589 58.96 55.99 73.28
N ARG K 1590 58.40 54.82 72.99
CA ARG K 1590 57.94 54.53 71.63
C ARG K 1590 56.69 55.32 71.28
N VAL K 1591 55.79 55.53 72.23
CA VAL K 1591 54.56 56.28 71.96
C VAL K 1591 54.93 57.76 71.84
N ARG K 1592 54.89 58.29 70.62
CA ARG K 1592 55.32 59.66 70.34
C ARG K 1592 54.15 60.63 70.27
N ALA K 1593 53.01 60.21 69.74
CA ALA K 1593 51.84 61.06 69.70
C ALA K 1593 50.59 60.27 70.05
N PHE K 1594 49.63 60.93 70.69
CA PHE K 1594 48.37 60.31 71.04
C PHE K 1594 47.29 61.37 71.07
N LYS K 1595 46.29 61.23 70.19
CA LYS K 1595 45.20 62.18 70.04
C LYS K 1595 43.90 61.43 70.25
N CYS K 1596 42.95 62.07 70.93
CA CYS K 1596 41.67 61.45 71.22
C CYS K 1596 40.56 62.49 71.18
N ASP K 1597 39.37 62.04 70.82
CA ASP K 1597 38.17 62.84 70.70
C ASP K 1597 37.13 62.29 71.66
N PHE K 1598 36.59 63.16 72.50
CA PHE K 1598 35.61 62.80 73.53
C PHE K 1598 34.23 62.86 72.90
N VAL K 1599 33.83 61.80 72.22
CA VAL K 1599 32.58 61.78 71.47
C VAL K 1599 31.39 61.37 72.32
N GLY K 1600 31.60 60.84 73.52
CA GLY K 1600 30.51 60.46 74.39
C GLY K 1600 30.87 60.72 75.83
N MET K 1601 29.87 60.56 76.70
CA MET K 1601 30.03 60.80 78.13
C MET K 1601 29.98 59.48 78.89
N VAL K 1602 30.84 59.36 79.89
CA VAL K 1602 30.99 58.15 80.69
C VAL K 1602 30.69 58.49 82.14
N LEU K 1603 29.80 57.72 82.76
CA LEU K 1603 29.48 57.86 84.18
C LEU K 1603 30.37 56.92 84.99
N PRO K 1604 30.49 57.13 86.30
CA PRO K 1604 31.30 56.22 87.11
C PRO K 1604 30.78 54.81 87.06
N ASN K 1605 31.71 53.85 87.10
CA ASN K 1605 31.47 52.41 87.12
C ASN K 1605 30.98 51.86 85.79
N ASP K 1606 31.01 52.64 84.70
CA ASP K 1606 30.64 52.11 83.40
C ASP K 1606 31.73 51.16 82.88
N THR K 1607 31.31 50.17 82.11
CA THR K 1607 32.23 49.28 81.43
C THR K 1607 32.49 49.80 80.02
N LEU K 1608 33.77 49.93 79.68
CA LEU K 1608 34.22 50.42 78.39
C LEU K 1608 34.93 49.30 77.64
N GLN K 1609 34.63 49.19 76.35
CA GLN K 1609 35.26 48.24 75.44
C GLN K 1609 36.10 49.02 74.44
N THR K 1610 37.41 48.82 74.47
CA THR K 1610 38.33 49.48 73.56
C THR K 1610 38.79 48.51 72.49
N THR K 1611 38.80 48.98 71.25
CA THR K 1611 39.35 48.24 70.13
C THR K 1611 40.48 49.07 69.52
N MET K 1612 41.65 48.45 69.38
CA MET K 1612 42.81 49.09 68.76
C MET K 1612 43.13 48.38 67.46
N GLU K 1613 43.43 49.15 66.42
CA GLU K 1613 43.82 48.62 65.14
C GLU K 1613 45.07 49.35 64.66
N HIS K 1614 46.11 48.59 64.32
CA HIS K 1614 47.23 49.14 63.57
C HIS K 1614 46.74 49.30 62.13
N VAL K 1615 46.65 50.55 61.67
CA VAL K 1615 45.95 50.85 60.41
C VAL K 1615 46.91 51.45 59.38
N GLY K 1616 48.01 52.05 59.82
CA GLY K 1616 48.92 52.66 58.89
C GLY K 1616 50.25 52.96 59.50
N MET K 1617 51.09 53.65 58.73
CA MET K 1617 52.40 54.10 59.18
C MET K 1617 52.64 55.52 58.70
N ILE K 1618 53.48 56.24 59.43
CA ILE K 1618 53.89 57.59 59.06
C ILE K 1618 55.36 57.74 59.43
N ASN K 1619 56.23 57.81 58.42
CA ASN K 1619 57.67 57.97 58.65
C ASN K 1619 58.21 56.85 59.52
N GLY K 1620 57.70 55.64 59.31
CA GLY K 1620 58.12 54.50 60.09
C GLY K 1620 57.51 54.42 61.48
N ARG K 1621 56.49 55.21 61.76
CA ARG K 1621 55.79 55.18 63.04
C ARG K 1621 54.41 54.57 62.85
N LYS K 1622 54.12 53.52 63.62
CA LYS K 1622 52.82 52.85 63.54
C LYS K 1622 51.71 53.82 63.90
N ILE K 1623 50.65 53.81 63.08
CA ILE K 1623 49.44 54.56 63.34
C ILE K 1623 48.43 53.59 63.92
N ILE K 1624 47.95 53.87 65.13
CA ILE K 1624 47.09 52.99 65.90
C ILE K 1624 45.77 53.71 66.14
N LYS K 1625 44.72 53.24 65.48
CA LYS K 1625 43.38 53.78 65.64
C LYS K 1625 42.72 53.08 66.81
N VAL K 1626 42.41 53.84 67.86
CA VAL K 1626 41.81 53.32 69.09
C VAL K 1626 40.39 53.87 69.17
N GLU K 1627 39.46 53.01 69.56
CA GLU K 1627 38.04 53.36 69.57
C GLU K 1627 37.42 52.71 70.80
N THR K 1628 36.96 53.54 71.74
CA THR K 1628 36.35 53.08 72.98
C THR K 1628 34.85 53.30 72.92
N ARG K 1629 34.09 52.24 73.21
CA ARG K 1629 32.64 52.27 73.30
C ARG K 1629 32.21 51.93 74.73
N ASN K 1630 30.95 52.19 75.02
CA ASN K 1630 30.35 51.79 76.28
C ASN K 1630 29.62 50.46 76.09
N VAL K 1631 29.97 49.46 76.90
CA VAL K 1631 29.41 48.13 76.69
C VAL K 1631 27.91 48.12 76.92
N GLU K 1632 27.44 48.85 77.95
CA GLU K 1632 26.01 48.85 78.25
C GLU K 1632 25.19 49.41 77.11
N THR K 1633 25.64 50.52 76.51
CA THR K 1633 24.89 51.20 75.46
C THR K 1633 25.44 50.99 74.05
N GLU K 1634 26.68 50.52 73.92
CA GLU K 1634 27.40 50.31 72.66
C GLU K 1634 27.72 51.62 71.94
N LEU K 1635 27.44 52.78 72.52
CA LEU K 1635 27.74 54.04 71.86
C LEU K 1635 29.23 54.34 72.00
N PRO K 1636 29.85 54.99 71.02
CA PRO K 1636 31.25 55.39 71.17
C PRO K 1636 31.40 56.51 72.18
N VAL K 1637 32.47 56.43 72.98
CA VAL K 1637 32.82 57.45 73.95
C VAL K 1637 34.18 58.07 73.66
N LEU K 1638 35.07 57.33 72.96
CA LEU K 1638 36.39 57.85 72.62
C LEU K 1638 36.76 57.42 71.21
N ILE K 1639 37.33 58.34 70.43
CA ILE K 1639 37.87 58.02 69.11
C ILE K 1639 39.22 58.70 68.96
N GLY K 1640 40.29 57.93 68.80
CA GLY K 1640 41.62 58.52 68.77
C GLY K 1640 42.58 57.78 67.87
N GLU K 1641 43.74 58.40 67.66
CA GLU K 1641 44.84 57.83 66.91
C GLU K 1641 46.15 58.08 67.64
N ALA K 1642 47.08 57.15 67.49
CA ALA K 1642 48.39 57.24 68.14
C ALA K 1642 49.50 56.98 67.12
N GLU K 1643 50.60 57.71 67.25
CA GLU K 1643 51.83 57.45 66.51
C GLU K 1643 52.85 56.86 67.48
N ILE K 1644 53.30 55.64 67.19
CA ILE K 1644 54.21 54.89 68.05
C ILE K 1644 55.44 54.50 67.24
N GLU K 1645 56.62 54.78 67.77
CA GLU K 1645 57.84 54.32 67.11
C GLU K 1645 57.91 52.81 67.07
N GLN K 1646 58.46 52.28 65.98
CA GLN K 1646 58.77 50.86 65.93
C GLN K 1646 59.92 50.55 66.89
N PRO K 1647 60.12 49.29 67.24
CA PRO K 1647 61.30 48.94 68.05
C PRO K 1647 62.58 49.34 67.34
N THR K 1648 63.58 49.72 68.14
CA THR K 1648 64.89 50.14 67.63
C THR K 1648 65.40 49.15 66.59
N THR K 1649 65.61 49.64 65.37
CA THR K 1649 65.75 48.79 64.19
C THR K 1649 67.13 48.95 63.56
N THR K 1650 67.69 47.82 63.13
CA THR K 1650 68.83 47.81 62.23
C THR K 1650 68.45 47.09 60.95
N TYR K 1651 68.85 47.65 59.82
CA TYR K 1651 68.54 47.10 58.50
C TYR K 1651 69.80 46.46 57.95
N VAL K 1652 69.80 45.14 57.86
CA VAL K 1652 70.94 44.36 57.43
C VAL K 1652 70.73 43.94 55.98
N PHE K 1653 71.78 44.02 55.18
CA PHE K 1653 71.74 43.64 53.77
C PHE K 1653 72.78 42.56 53.53
N THR K 1654 72.37 41.49 52.85
CA THR K 1654 73.24 40.33 52.66
C THR K 1654 74.03 40.45 51.37
N GLY K 1655 75.19 39.82 51.35
CA GLY K 1655 76.07 39.82 50.20
C GLY K 1655 75.78 38.64 49.27
N GLN K 1656 76.81 38.24 48.53
CA GLN K 1656 76.68 37.15 47.59
C GLN K 1656 76.46 35.84 48.33
N GLY K 1657 75.96 34.85 47.60
CA GLY K 1657 75.75 33.51 48.14
C GLY K 1657 74.46 32.88 47.67
N SER K 1658 73.42 33.70 47.48
CA SER K 1658 72.11 33.23 47.05
C SER K 1658 71.68 34.06 45.86
N GLN K 1659 71.68 33.45 44.68
CA GLN K 1659 71.35 34.11 43.41
C GLN K 1659 70.45 33.21 42.58
N GLU K 1660 69.44 32.62 43.22
CA GLU K 1660 68.53 31.72 42.54
C GLU K 1660 67.79 32.44 41.42
N GLN K 1661 67.25 31.65 40.50
CA GLN K 1661 66.55 32.19 39.35
C GLN K 1661 65.19 32.73 39.79
N GLY K 1662 64.87 33.94 39.37
CA GLY K 1662 63.60 34.55 39.70
C GLY K 1662 63.54 35.27 41.02
N MET K 1663 64.68 35.54 41.65
CA MET K 1663 64.68 36.26 42.92
C MET K 1663 64.11 37.65 42.73
N GLY K 1664 63.18 38.03 43.60
CA GLY K 1664 62.58 39.35 43.54
C GLY K 1664 61.50 39.51 42.50
N MET K 1665 61.17 38.45 41.76
CA MET K 1665 60.17 38.60 40.70
C MET K 1665 58.76 38.70 41.27
N GLU K 1666 58.49 38.07 42.41
CA GLU K 1666 57.19 38.25 43.05
C GLU K 1666 56.97 39.72 43.42
N LEU K 1667 57.97 40.34 44.03
CA LEU K 1667 57.89 41.76 44.34
C LEU K 1667 57.82 42.60 43.08
N TYR K 1668 58.58 42.22 42.05
CA TYR K 1668 58.54 42.93 40.78
C TYR K 1668 57.13 42.95 40.20
N ASN K 1669 56.44 41.81 40.24
CA ASN K 1669 55.09 41.75 39.71
C ASN K 1669 54.07 42.43 40.62
N SER K 1670 54.28 42.43 41.94
CA SER K 1670 53.26 42.91 42.85
C SER K 1670 53.32 44.41 43.10
N SER K 1671 54.51 45.01 43.18
CA SER K 1671 54.67 46.38 43.62
C SER K 1671 55.12 47.27 42.47
N GLU K 1672 54.49 48.45 42.36
CA GLU K 1672 54.87 49.40 41.33
C GLU K 1672 56.29 49.93 41.56
N VAL K 1673 56.66 50.16 42.83
CA VAL K 1673 57.95 50.76 43.13
C VAL K 1673 59.08 49.79 42.83
N ALA K 1674 58.91 48.51 43.16
CA ALA K 1674 59.90 47.52 42.78
C ALA K 1674 59.99 47.41 41.26
N ARG K 1675 58.85 47.49 40.58
CA ARG K 1675 58.86 47.54 39.12
C ARG K 1675 59.68 48.72 38.63
N GLU K 1676 59.52 49.89 39.26
CA GLU K 1676 60.28 51.07 38.84
C GLU K 1676 61.77 50.85 39.02
N VAL K 1677 62.16 50.28 40.16
CA VAL K 1677 63.59 50.05 40.43
C VAL K 1677 64.16 49.10 39.39
N TRP K 1678 63.50 47.96 39.17
CA TRP K 1678 63.99 46.97 38.22
C TRP K 1678 63.99 47.53 36.80
N ASP K 1679 62.96 48.30 36.44
CA ASP K 1679 62.88 48.86 35.09
C ASP K 1679 63.99 49.87 34.85
N LYS K 1680 64.26 50.75 35.82
CA LYS K 1680 65.35 51.70 35.67
C LYS K 1680 66.68 50.96 35.51
N ALA K 1681 66.91 49.94 36.35
CA ALA K 1681 68.15 49.20 36.26
C ALA K 1681 68.27 48.48 34.92
N ASP K 1682 67.18 47.85 34.46
CA ASP K 1682 67.22 47.11 33.21
C ASP K 1682 67.44 48.04 32.02
N ARG K 1683 66.78 49.20 32.02
CA ARG K 1683 66.98 50.16 30.95
C ARG K 1683 68.42 50.65 30.91
N HIS K 1684 68.99 50.96 32.08
CA HIS K 1684 70.38 51.39 32.12
C HIS K 1684 71.30 50.29 31.62
N PHE K 1685 71.06 49.04 32.04
CA PHE K 1685 71.91 47.94 31.61
C PHE K 1685 71.81 47.73 30.10
N VAL K 1686 70.59 47.78 29.56
CA VAL K 1686 70.41 47.58 28.12
C VAL K 1686 71.09 48.70 27.33
N ASN K 1687 71.00 49.93 27.84
CA ASN K 1687 71.52 51.07 27.08
C ASN K 1687 73.03 51.16 27.16
N ASN K 1688 73.62 50.85 28.33
CA ASN K 1688 75.03 51.10 28.57
C ASN K 1688 75.90 49.85 28.54
N TYR K 1689 75.31 48.66 28.57
CA TYR K 1689 76.06 47.41 28.57
C TYR K 1689 75.50 46.34 27.65
N GLY K 1690 74.30 46.54 27.09
CA GLY K 1690 73.81 45.65 26.07
C GLY K 1690 73.14 44.38 26.54
N PHE K 1691 72.79 44.27 27.82
CA PHE K 1691 72.02 43.14 28.32
C PHE K 1691 70.93 43.61 29.25
N SER K 1692 69.99 42.70 29.51
CA SER K 1692 68.86 42.93 30.40
C SER K 1692 69.07 42.12 31.66
N ILE K 1693 69.29 42.80 32.78
CA ILE K 1693 69.44 42.12 34.06
C ILE K 1693 68.16 41.38 34.43
N LEU K 1694 67.01 41.92 34.02
CA LEU K 1694 65.76 41.21 34.25
C LEU K 1694 65.75 39.88 33.51
N ASP K 1695 66.20 39.86 32.26
CA ASP K 1695 66.29 38.61 31.52
C ASP K 1695 67.27 37.65 32.19
N ILE K 1696 68.41 38.17 32.65
CA ILE K 1696 69.40 37.32 33.31
C ILE K 1696 68.80 36.68 34.57
N VAL K 1697 68.09 37.48 35.36
CA VAL K 1697 67.55 36.98 36.62
C VAL K 1697 66.40 36.00 36.36
N GLN K 1698 65.53 36.31 35.40
CA GLN K 1698 64.36 35.48 35.18
C GLN K 1698 64.71 34.15 34.52
N ASN K 1699 65.61 34.17 33.53
CA ASN K 1699 65.90 33.00 32.73
C ASN K 1699 67.20 32.31 33.10
N ASN K 1700 68.19 33.03 33.61
CA ASN K 1700 69.49 32.47 33.96
C ASN K 1700 70.10 31.70 32.78
N PRO K 1701 70.34 32.36 31.65
CA PRO K 1701 70.96 31.66 30.52
C PRO K 1701 72.41 31.30 30.82
N ASN K 1702 72.87 30.21 30.19
CA ASN K 1702 74.25 29.78 30.40
C ASN K 1702 75.22 30.70 29.68
N GLU K 1703 74.86 31.16 28.48
CA GLU K 1703 75.68 32.07 27.71
C GLU K 1703 74.84 33.23 27.20
N LEU K 1704 75.49 34.38 27.04
CA LEU K 1704 74.83 35.60 26.60
C LEU K 1704 75.76 36.38 25.68
N THR K 1705 75.29 36.68 24.47
CA THR K 1705 76.07 37.39 23.48
C THR K 1705 75.65 38.86 23.46
N ILE K 1706 76.64 39.75 23.52
CA ILE K 1706 76.44 41.18 23.43
C ILE K 1706 76.88 41.60 22.04
N HIS K 1707 76.07 42.40 21.36
CA HIS K 1707 76.39 42.89 20.03
C HIS K 1707 76.67 44.38 20.08
N PHE K 1708 77.72 44.80 19.39
CA PHE K 1708 78.23 46.17 19.45
C PHE K 1708 77.92 46.96 18.18
N GLY K 1709 76.97 46.51 17.38
CA GLY K 1709 76.65 47.24 16.15
C GLY K 1709 75.83 48.49 16.45
N GLY K 1710 75.91 49.45 15.55
CA GLY K 1710 75.17 50.69 15.68
C GLY K 1710 75.89 51.69 16.56
N ALA K 1711 75.31 52.89 16.66
CA ALA K 1711 75.90 53.93 17.50
C ALA K 1711 75.76 53.59 18.97
N LYS K 1712 74.58 53.12 19.38
CA LYS K 1712 74.40 52.70 20.77
C LYS K 1712 75.30 51.52 21.09
N GLY K 1713 75.41 50.57 20.15
CA GLY K 1713 76.29 49.44 20.38
C GLY K 1713 77.74 49.83 20.48
N ARG K 1714 78.15 50.84 19.72
CA ARG K 1714 79.54 51.32 19.81
C ARG K 1714 79.77 52.05 21.12
N ALA K 1715 78.76 52.77 21.60
CA ALA K 1715 78.86 53.37 22.93
C ALA K 1715 79.01 52.28 23.99
N ILE K 1716 78.26 51.20 23.86
CA ILE K 1716 78.37 50.07 24.78
C ILE K 1716 79.77 49.46 24.71
N ARG K 1717 80.29 49.30 23.49
CA ARG K 1717 81.64 48.77 23.34
C ARG K 1717 82.67 49.69 23.98
N ASP K 1718 82.49 51.00 23.86
CA ASP K 1718 83.38 51.93 24.52
C ASP K 1718 83.30 51.80 26.03
N ASN K 1719 82.09 51.62 26.55
CA ASN K 1719 81.92 51.38 27.98
C ASN K 1719 82.72 50.16 28.41
N TYR K 1720 82.61 49.07 27.65
CA TYR K 1720 83.33 47.85 28.01
C TYR K 1720 84.84 48.04 27.88
N ILE K 1721 85.28 48.77 26.85
CA ILE K 1721 86.71 48.94 26.61
C ILE K 1721 87.32 49.81 27.71
N GLY K 1722 86.60 50.81 28.18
CA GLY K 1722 87.15 51.74 29.15
C GLY K 1722 87.39 51.16 30.53
N MET K 1723 86.84 49.98 30.82
CA MET K 1723 86.98 49.40 32.15
C MET K 1723 88.34 48.75 32.28
N MET K 1724 89.20 49.35 33.12
CA MET K 1724 90.55 48.88 33.37
C MET K 1724 90.60 48.12 34.69
N PHE K 1725 91.73 47.47 34.93
CA PHE K 1725 91.97 46.81 36.21
C PHE K 1725 93.47 46.68 36.42
N GLU K 1726 93.88 46.69 37.69
CA GLU K 1726 95.28 46.68 38.08
C GLU K 1726 95.64 45.40 38.81
N THR K 1727 96.89 45.00 38.66
CA THR K 1727 97.43 43.82 39.32
C THR K 1727 98.91 44.07 39.59
N ILE K 1728 99.58 43.09 40.19
CA ILE K 1728 100.99 43.19 40.52
C ILE K 1728 101.78 42.50 39.42
N GLY K 1729 102.73 43.21 38.83
CA GLY K 1729 103.55 42.68 37.77
C GLY K 1729 104.67 41.78 38.28
N LEU K 1734 102.32 48.73 39.62
CA LEU K 1734 101.00 48.18 39.38
C LEU K 1734 100.69 48.15 37.89
N LYS K 1735 100.62 46.94 37.33
CA LYS K 1735 100.32 46.80 35.91
C LYS K 1735 98.81 46.93 35.68
N SER K 1736 98.43 47.88 34.82
CA SER K 1736 97.04 48.17 34.53
C SER K 1736 96.73 47.76 33.10
N GLU K 1737 95.62 47.04 32.92
CA GLU K 1737 95.23 46.60 31.59
C GLU K 1737 93.72 46.44 31.52
N LYS K 1738 93.24 46.26 30.29
CA LYS K 1738 91.81 46.15 30.05
C LYS K 1738 91.24 44.91 30.72
N ILE K 1739 90.03 45.05 31.28
CA ILE K 1739 89.33 43.90 31.82
C ILE K 1739 89.02 42.91 30.70
N PHE K 1740 88.56 43.43 29.57
CA PHE K 1740 88.26 42.63 28.37
C PHE K 1740 89.38 42.88 27.37
N LYS K 1741 90.42 42.05 27.44
CA LYS K 1741 91.55 42.21 26.52
C LYS K 1741 91.14 41.95 25.08
N ASP K 1742 90.18 41.05 24.84
CA ASP K 1742 89.78 40.67 23.49
C ASP K 1742 88.77 41.62 22.87
N ILE K 1743 88.29 42.62 23.60
CA ILE K 1743 87.41 43.64 23.05
C ILE K 1743 88.28 44.79 22.57
N ASP K 1744 88.26 45.04 21.27
CA ASP K 1744 89.03 46.12 20.65
C ASP K 1744 88.11 46.85 19.69
N GLU K 1745 88.67 47.80 18.93
CA GLU K 1745 87.85 48.59 18.02
C GLU K 1745 87.22 47.75 16.91
N THR K 1746 87.78 46.58 16.61
CA THR K 1746 87.28 45.74 15.53
C THR K 1746 86.29 44.67 15.96
N THR K 1747 86.09 44.47 17.26
CA THR K 1747 85.22 43.39 17.71
C THR K 1747 83.76 43.74 17.47
N THR K 1748 83.01 42.76 16.97
CA THR K 1748 81.59 42.93 16.67
C THR K 1748 80.68 42.48 17.80
N SER K 1749 81.14 41.55 18.63
CA SER K 1749 80.32 41.02 19.71
C SER K 1749 81.23 40.41 20.77
N TYR K 1750 80.64 40.13 21.93
CA TYR K 1750 81.33 39.50 23.05
C TYR K 1750 80.38 38.56 23.77
N THR K 1751 80.83 37.34 24.04
CA THR K 1751 80.01 36.33 24.68
C THR K 1751 80.46 36.11 26.11
N PHE K 1752 79.52 36.20 27.05
CA PHE K 1752 79.72 35.77 28.42
C PHE K 1752 79.26 34.33 28.53
N VAL K 1753 80.07 33.51 29.22
CA VAL K 1753 79.82 32.07 29.36
C VAL K 1753 79.88 31.72 30.83
N SER K 1754 79.03 30.77 31.25
CA SER K 1754 79.15 30.22 32.59
C SER K 1754 78.59 28.79 32.61
N PRO K 1755 79.32 27.80 33.15
CA PRO K 1755 78.72 26.45 33.25
C PRO K 1755 77.46 26.41 34.09
N THR K 1756 77.40 27.17 35.17
CA THR K 1756 76.32 27.11 36.15
C THR K 1756 75.32 28.26 35.97
N GLY K 1757 75.26 28.85 34.80
CA GLY K 1757 74.38 29.99 34.57
C GLY K 1757 75.05 31.31 34.86
N LEU K 1758 74.59 32.35 34.17
CA LEU K 1758 75.20 33.67 34.32
C LEU K 1758 74.87 34.30 35.66
N LEU K 1759 73.76 33.90 36.29
CA LEU K 1759 73.45 34.40 37.63
C LEU K 1759 74.52 34.03 38.63
N SER K 1760 75.21 32.91 38.41
CA SER K 1760 76.30 32.51 39.30
C SER K 1760 77.58 33.29 39.06
N ALA K 1761 77.74 33.88 37.87
CA ALA K 1761 78.89 34.74 37.62
C ALA K 1761 78.80 35.98 38.49
N THR K 1762 79.96 36.44 38.96
CA THR K 1762 79.97 37.58 39.88
C THR K 1762 79.38 38.82 39.22
N GLN K 1763 79.82 39.14 38.01
CA GLN K 1763 79.46 40.40 37.37
C GLN K 1763 77.95 40.55 37.20
N PHE K 1764 77.22 39.44 37.14
CA PHE K 1764 75.76 39.45 37.06
C PHE K 1764 75.09 39.08 38.37
N THR K 1765 75.80 38.37 39.25
CA THR K 1765 75.27 38.09 40.58
C THR K 1765 75.16 39.37 41.40
N GLN K 1766 76.20 40.20 41.37
CA GLN K 1766 76.21 41.39 42.22
C GLN K 1766 75.10 42.37 41.85
N PRO K 1767 74.94 42.80 40.59
CA PRO K 1767 73.82 43.72 40.29
C PRO K 1767 72.46 43.13 40.59
N ALA K 1768 72.25 41.84 40.35
CA ALA K 1768 70.94 41.25 40.60
C ALA K 1768 70.58 41.28 42.07
N LEU K 1769 71.51 40.87 42.94
CA LEU K 1769 71.25 40.88 44.37
C LEU K 1769 71.11 42.30 44.88
N THR K 1770 71.99 43.21 44.45
CA THR K 1770 71.85 44.61 44.82
C THR K 1770 70.48 45.15 44.44
N LEU K 1771 69.99 44.76 43.26
CA LEU K 1771 68.73 45.31 42.78
C LEU K 1771 67.54 44.73 43.50
N MET K 1772 67.54 43.42 43.80
CA MET K 1772 66.40 42.89 44.54
C MET K 1772 66.37 43.45 45.95
N GLU K 1773 67.54 43.64 46.57
CA GLU K 1773 67.57 44.27 47.87
C GLU K 1773 67.07 45.72 47.81
N LYS K 1774 67.50 46.46 46.78
CA LYS K 1774 67.05 47.84 46.63
C LYS K 1774 65.54 47.89 46.42
N ALA K 1775 65.01 46.97 45.61
CA ALA K 1775 63.56 46.95 45.36
C ALA K 1775 62.79 46.61 46.63
N ALA K 1776 63.29 45.64 47.41
CA ALA K 1776 62.62 45.30 48.66
C ALA K 1776 62.63 46.49 49.62
N TYR K 1777 63.78 47.15 49.75
CA TYR K 1777 63.86 48.30 50.65
C TYR K 1777 62.95 49.42 50.16
N GLU K 1778 62.88 49.63 48.84
CA GLU K 1778 62.04 50.70 48.32
C GLU K 1778 60.56 50.41 48.53
N ASP K 1779 60.17 49.14 48.41
CA ASP K 1779 58.79 48.79 48.75
C ASP K 1779 58.51 49.05 50.21
N ILE K 1780 59.44 48.66 51.09
CA ILE K 1780 59.27 48.90 52.52
C ILE K 1780 59.16 50.40 52.80
N LYS K 1781 60.03 51.20 52.18
CA LYS K 1781 60.02 52.64 52.40
C LYS K 1781 58.74 53.29 51.87
N SER K 1782 58.31 52.89 50.67
CA SER K 1782 57.07 53.40 50.11
C SER K 1782 55.87 53.02 50.96
N LYS K 1783 55.91 51.88 51.63
CA LYS K 1783 54.88 51.53 52.59
C LYS K 1783 55.06 52.24 53.93
N GLY K 1784 56.23 52.83 54.16
CA GLY K 1784 56.42 53.67 55.33
C GLY K 1784 56.81 52.93 56.59
N LEU K 1785 57.62 51.89 56.47
CA LEU K 1785 58.03 51.07 57.61
C LEU K 1785 59.51 51.26 57.94
N ILE K 1786 60.08 52.42 57.64
CA ILE K 1786 61.49 52.71 57.87
C ILE K 1786 61.57 53.68 59.05
N PRO K 1787 61.97 53.23 60.25
CA PRO K 1787 62.10 54.18 61.36
C PRO K 1787 63.15 55.25 61.08
N SER K 1788 62.92 56.43 61.64
CA SER K 1788 63.89 57.52 61.50
C SER K 1788 65.22 57.15 62.13
N ASP K 1789 65.18 56.50 63.30
CA ASP K 1789 66.38 56.09 64.03
C ASP K 1789 66.64 54.63 63.68
N ILE K 1790 67.43 54.41 62.61
CA ILE K 1790 67.79 53.08 62.14
C ILE K 1790 69.29 52.93 62.24
N MET K 1791 69.76 51.68 62.09
CA MET K 1791 71.19 51.40 61.94
C MET K 1791 71.33 50.41 60.78
N PHE K 1792 71.79 50.89 59.64
CA PHE K 1792 71.87 50.05 58.46
C PHE K 1792 73.30 49.56 58.24
N ALA K 1793 73.42 48.28 57.90
CA ALA K 1793 74.72 47.66 57.63
C ALA K 1793 74.56 46.66 56.51
N GLY K 1794 75.69 46.36 55.87
CA GLY K 1794 75.70 45.43 54.76
C GLY K 1794 76.92 44.55 54.75
N HIS K 1795 76.75 43.30 54.33
CA HIS K 1795 77.83 42.31 54.33
C HIS K 1795 78.43 42.20 52.94
N SER K 1796 79.72 42.52 52.84
CA SER K 1796 80.46 42.44 51.59
C SER K 1796 79.76 43.28 50.52
N LEU K 1797 78.94 42.65 49.68
CA LEU K 1797 78.23 43.39 48.64
C LEU K 1797 77.03 44.14 49.21
N GLY K 1798 76.47 43.67 50.31
CA GLY K 1798 75.29 44.30 50.86
C GLY K 1798 75.51 45.74 51.27
N GLU K 1799 76.76 46.16 51.44
CA GLU K 1799 77.04 47.54 51.84
C GLU K 1799 76.56 48.52 50.79
N TYR K 1800 76.77 48.22 49.51
CA TYR K 1800 76.34 49.12 48.45
C TYR K 1800 74.82 49.21 48.41
N SER K 1801 74.13 48.08 48.55
CA SER K 1801 72.67 48.10 48.58
C SER K 1801 72.17 48.89 49.78
N ALA K 1802 72.80 48.70 50.95
CA ALA K 1802 72.37 49.41 52.14
C ALA K 1802 72.57 50.91 51.99
N LEU K 1803 73.70 51.33 51.43
CA LEU K 1803 73.97 52.75 51.26
C LEU K 1803 73.00 53.37 50.24
N SER K 1804 72.86 52.73 49.08
CA SER K 1804 71.93 53.23 48.08
C SER K 1804 70.49 53.21 48.60
N SER K 1805 70.20 52.37 49.60
CA SER K 1805 68.87 52.28 50.16
C SER K 1805 68.61 53.40 51.15
N LEU K 1806 69.39 53.47 52.22
CA LEU K 1806 69.10 54.38 53.32
C LEU K 1806 69.76 55.74 53.18
N ALA K 1807 70.93 55.83 52.54
CA ALA K 1807 71.60 57.10 52.33
C ALA K 1807 71.29 57.73 50.98
N ASN K 1808 70.80 56.96 50.01
CA ASN K 1808 70.55 57.46 48.66
C ASN K 1808 71.81 58.07 48.05
N VAL K 1809 72.98 57.56 48.47
CA VAL K 1809 74.24 58.11 48.00
C VAL K 1809 74.45 57.77 46.52
N MET K 1810 74.01 56.59 46.10
CA MET K 1810 74.16 56.11 44.74
C MET K 1810 72.81 56.11 44.05
N PRO K 1811 72.62 56.76 42.90
CA PRO K 1811 71.44 56.48 42.09
C PRO K 1811 71.41 55.01 41.69
N ILE K 1812 70.27 54.58 41.17
CA ILE K 1812 70.13 53.18 40.75
C ILE K 1812 71.13 52.88 39.64
N GLU K 1813 71.26 53.80 38.68
CA GLU K 1813 72.16 53.57 37.55
C GLU K 1813 73.62 53.50 38.00
N SER K 1814 74.04 54.45 38.84
CA SER K 1814 75.41 54.42 39.34
C SER K 1814 75.63 53.19 40.22
N LEU K 1815 74.59 52.75 40.94
CA LEU K 1815 74.72 51.58 41.79
C LEU K 1815 74.97 50.33 40.97
N VAL K 1816 74.16 50.12 39.93
CA VAL K 1816 74.36 48.96 39.09
C VAL K 1816 75.70 49.04 38.38
N ASP K 1817 76.10 50.24 37.96
CA ASP K 1817 77.42 50.43 37.37
C ASP K 1817 78.51 49.98 38.34
N VAL K 1818 78.46 50.46 39.58
CA VAL K 1818 79.52 50.20 40.54
C VAL K 1818 79.59 48.71 40.87
N VAL K 1819 78.43 48.08 41.09
CA VAL K 1819 78.45 46.67 41.47
C VAL K 1819 78.90 45.80 40.31
N PHE K 1820 78.49 46.15 39.07
CA PHE K 1820 78.97 45.41 37.91
C PHE K 1820 80.47 45.53 37.76
N TYR K 1821 81.00 46.74 37.93
CA TYR K 1821 82.45 46.95 37.84
C TYR K 1821 83.18 46.19 38.94
N ARG K 1822 82.61 46.19 40.15
CA ARG K 1822 83.21 45.44 41.26
C ARG K 1822 83.24 43.95 40.95
N GLY K 1823 82.14 43.41 40.42
CA GLY K 1823 82.12 41.99 40.09
C GLY K 1823 83.13 41.63 39.03
N MET K 1824 83.22 42.44 37.97
CA MET K 1824 84.23 42.17 36.94
C MET K 1824 85.64 42.27 37.52
N THR K 1825 85.87 43.22 38.42
CA THR K 1825 87.18 43.34 39.04
C THR K 1825 87.52 42.11 39.87
N MET K 1826 86.54 41.58 40.62
CA MET K 1826 86.79 40.32 41.33
C MET K 1826 87.12 39.22 40.34
N GLN K 1827 86.33 39.12 39.26
CA GLN K 1827 86.51 38.03 38.31
C GLN K 1827 87.91 38.05 37.70
N VAL K 1828 88.43 39.24 37.38
CA VAL K 1828 89.71 39.35 36.70
C VAL K 1828 90.90 39.64 37.61
N ALA K 1829 90.68 39.77 38.92
CA ALA K 1829 91.79 40.06 39.83
C ALA K 1829 92.78 38.92 39.94
N VAL K 1830 92.41 37.71 39.52
CA VAL K 1830 93.23 36.52 39.74
C VAL K 1830 93.61 35.90 38.39
N PRO K 1831 94.84 35.42 38.21
CA PRO K 1831 95.17 34.73 36.95
C PRO K 1831 94.37 33.44 36.81
N ARG K 1832 94.11 33.06 35.55
CA ARG K 1832 93.40 31.84 35.23
C ARG K 1832 94.11 31.12 34.10
N ASP K 1833 93.98 29.80 34.09
CA ASP K 1833 94.63 28.98 33.08
C ASP K 1833 93.77 28.94 31.81
N GLU K 1834 94.13 28.06 30.87
CA GLU K 1834 93.39 28.00 29.61
C GLU K 1834 91.95 27.53 29.82
N LEU K 1835 91.70 26.80 30.91
CA LEU K 1835 90.35 26.32 31.23
C LEU K 1835 89.60 27.28 32.15
N GLY K 1836 90.17 28.44 32.48
CA GLY K 1836 89.52 29.37 33.37
C GLY K 1836 89.65 29.06 34.84
N ARG K 1837 90.47 28.06 35.20
CA ARG K 1837 90.62 27.67 36.59
C ARG K 1837 91.66 28.54 37.28
N SER K 1838 91.33 28.99 38.48
CA SER K 1838 92.19 29.83 39.30
C SER K 1838 92.81 29.01 40.43
N ASN K 1839 93.96 29.48 40.90
CA ASN K 1839 94.69 28.81 41.96
C ASN K 1839 94.38 29.35 43.36
N TYR K 1840 93.41 30.26 43.49
CA TYR K 1840 92.97 30.80 44.77
C TYR K 1840 91.57 30.29 45.08
N GLY K 1841 91.08 30.66 46.27
CA GLY K 1841 89.76 30.24 46.68
C GLY K 1841 89.46 30.65 48.11
N MET K 1842 88.34 30.14 48.61
CA MET K 1842 87.83 30.48 49.93
C MET K 1842 87.16 29.27 50.57
N VAL K 1843 87.31 29.16 51.90
CA VAL K 1843 86.63 28.14 52.68
C VAL K 1843 85.96 28.81 53.87
N ALA K 1844 84.96 28.13 54.43
CA ALA K 1844 84.31 28.54 55.67
C ALA K 1844 84.75 27.59 56.78
N VAL K 1845 85.36 28.12 57.83
CA VAL K 1845 85.97 27.32 58.89
C VAL K 1845 85.19 27.57 60.18
N ASN K 1846 84.94 26.49 60.92
CA ASN K 1846 84.16 26.51 62.16
C ASN K 1846 85.05 26.06 63.32
N PRO K 1847 85.50 26.96 64.21
CA PRO K 1847 86.38 26.50 65.31
C PRO K 1847 85.76 25.46 66.22
N SER K 1848 84.46 25.57 66.50
CA SER K 1848 83.82 24.63 67.41
C SER K 1848 83.86 23.21 66.86
N ARG K 1849 83.84 23.06 65.54
CA ARG K 1849 84.00 21.74 64.95
C ARG K 1849 85.37 21.17 65.24
N VAL K 1850 86.41 22.01 65.20
CA VAL K 1850 87.75 21.56 65.56
C VAL K 1850 87.79 21.14 67.02
N SER K 1851 87.31 22.01 67.90
CA SER K 1851 87.26 21.71 69.32
C SER K 1851 86.49 22.81 70.05
N ALA K 1852 85.98 22.48 71.23
CA ALA K 1852 85.29 23.48 72.04
C ALA K 1852 86.24 24.55 72.57
N THR K 1853 87.53 24.23 72.71
CA THR K 1853 88.52 25.17 73.18
C THR K 1853 89.18 25.98 72.07
N PHE K 1854 88.84 25.70 70.81
CA PHE K 1854 89.40 26.44 69.67
C PHE K 1854 88.58 27.71 69.48
N ASP K 1855 89.22 28.86 69.64
CA ASP K 1855 88.55 30.16 69.62
C ASP K 1855 89.10 31.04 68.51
N ASP K 1856 88.62 32.29 68.48
CA ASP K 1856 89.01 33.22 67.43
C ASP K 1856 90.50 33.55 67.51
N SER K 1857 91.04 33.72 68.73
CA SER K 1857 92.46 33.98 68.88
C SER K 1857 93.28 32.79 68.40
N ALA K 1858 92.81 31.57 68.70
CA ALA K 1858 93.52 30.39 68.25
C ALA K 1858 93.53 30.28 66.73
N LEU K 1859 92.39 30.55 66.08
CA LEU K 1859 92.36 30.48 64.63
C LEU K 1859 93.21 31.59 64.01
N ARG K 1860 93.21 32.78 64.62
CA ARG K 1860 94.08 33.84 64.14
C ARG K 1860 95.54 33.42 64.23
N PHE K 1861 95.94 32.80 65.35
CA PHE K 1861 97.31 32.31 65.50
C PHE K 1861 97.64 31.27 64.44
N VAL K 1862 96.74 30.30 64.23
CA VAL K 1862 96.99 29.24 63.27
C VAL K 1862 97.12 29.82 61.86
N VAL K 1863 96.23 30.75 61.50
CA VAL K 1863 96.26 31.34 60.17
C VAL K 1863 97.56 32.10 59.96
N ASP K 1864 97.94 32.91 60.95
CA ASP K 1864 99.17 33.69 60.83
C ASP K 1864 100.39 32.79 60.69
N GLU K 1865 100.45 31.72 61.50
CA GLU K 1865 101.62 30.85 61.43
C GLU K 1865 101.66 30.09 60.12
N VAL K 1866 100.51 29.61 59.64
CA VAL K 1866 100.47 28.91 58.36
C VAL K 1866 100.94 29.83 57.25
N ALA K 1867 100.45 31.07 57.23
CA ALA K 1867 100.89 32.02 56.22
C ALA K 1867 102.39 32.29 56.33
N ASN K 1868 102.88 32.55 57.54
CA ASN K 1868 104.27 32.94 57.74
C ASN K 1868 105.27 31.84 57.43
N LYS K 1869 104.91 30.57 57.65
CA LYS K 1869 105.83 29.48 57.37
C LYS K 1869 106.00 29.22 55.88
N THR K 1870 104.91 29.00 55.15
CA THR K 1870 104.97 28.60 53.75
C THR K 1870 104.88 29.77 52.78
N LYS K 1871 104.77 31.01 53.27
CA LYS K 1871 104.84 32.20 52.42
C LYS K 1871 103.68 32.29 51.43
N TRP K 1872 102.64 31.49 51.59
CA TRP K 1872 101.50 31.50 50.69
C TRP K 1872 100.39 32.36 51.27
N LEU K 1873 99.68 33.08 50.40
CA LEU K 1873 98.61 33.95 50.85
C LEU K 1873 97.52 33.13 51.52
N LEU K 1874 97.19 33.48 52.75
CA LEU K 1874 96.15 32.80 53.51
C LEU K 1874 95.73 33.71 54.64
N GLU K 1875 94.49 34.20 54.61
CA GLU K 1875 94.06 35.21 55.56
C GLU K 1875 92.59 35.03 55.88
N ILE K 1876 92.21 35.44 57.09
CA ILE K 1876 90.81 35.46 57.49
C ILE K 1876 90.16 36.70 56.86
N VAL K 1877 89.07 36.49 56.12
CA VAL K 1877 88.46 37.54 55.31
C VAL K 1877 87.13 37.99 55.90
N ASN K 1878 86.30 37.05 56.35
CA ASN K 1878 85.01 37.39 56.96
C ASN K 1878 85.00 36.88 58.39
N TYR K 1879 84.57 37.74 59.31
CA TYR K 1879 84.41 37.40 60.72
C TYR K 1879 82.91 37.36 60.98
N ASN K 1880 82.29 36.21 60.69
CA ASN K 1880 80.84 36.10 60.70
C ASN K 1880 80.28 35.93 62.12
N VAL K 1881 80.65 34.86 62.80
CA VAL K 1881 80.14 34.53 64.13
C VAL K 1881 81.31 34.14 65.02
N GLU K 1882 81.27 34.60 66.27
CA GLU K 1882 82.32 34.29 67.23
C GLU K 1882 82.42 32.78 67.43
N ASN K 1883 83.59 32.22 67.13
CA ASN K 1883 83.94 30.84 67.39
C ASN K 1883 83.01 29.85 66.68
N GLN K 1884 82.22 30.30 65.71
CA GLN K 1884 81.27 29.43 65.01
C GLN K 1884 81.35 29.52 63.50
N GLN K 1885 81.65 30.70 62.95
CA GLN K 1885 81.68 30.88 61.50
C GLN K 1885 82.74 31.92 61.15
N TYR K 1886 83.76 31.48 60.44
CA TYR K 1886 84.74 32.38 59.84
C TYR K 1886 84.95 31.94 58.39
N VAL K 1887 85.57 32.82 57.59
CA VAL K 1887 85.90 32.51 56.21
C VAL K 1887 87.36 32.85 56.00
N ALA K 1888 88.09 31.92 55.37
CA ALA K 1888 89.50 32.08 55.06
C ALA K 1888 89.71 32.04 53.55
N ALA K 1889 90.48 32.99 53.04
CA ALA K 1889 90.74 33.13 51.61
C ALA K 1889 92.23 33.04 51.35
N GLY K 1890 92.60 32.39 50.25
CA GLY K 1890 93.99 32.29 49.89
C GLY K 1890 94.17 31.27 48.78
N ASP K 1891 95.44 30.95 48.53
CA ASP K 1891 95.77 29.91 47.55
C ASP K 1891 95.06 28.63 47.92
N LEU K 1892 94.67 27.84 46.92
CA LEU K 1892 94.15 26.52 47.22
C LEU K 1892 95.19 25.68 47.94
N ARG K 1893 96.47 25.89 47.62
CA ARG K 1893 97.55 25.27 48.37
C ARG K 1893 97.39 25.51 49.87
N ALA K 1894 97.41 26.78 50.28
CA ALA K 1894 97.35 27.11 51.70
C ALA K 1894 95.99 26.78 52.30
N LEU K 1895 94.94 26.76 51.48
CA LEU K 1895 93.61 26.48 51.99
C LEU K 1895 93.47 25.00 52.34
N ASP K 1896 93.91 24.12 51.44
CA ASP K 1896 93.98 22.71 51.81
C ASP K 1896 94.97 22.48 52.93
N THR K 1897 96.02 23.30 52.98
CA THR K 1897 96.97 23.21 54.09
C THR K 1897 96.26 23.46 55.41
N LEU K 1898 95.47 24.53 55.49
CA LEU K 1898 94.73 24.82 56.71
C LEU K 1898 93.69 23.74 57.00
N THR K 1899 93.02 23.24 55.96
CA THR K 1899 92.02 22.19 56.15
C THR K 1899 92.63 20.97 56.82
N ASN K 1900 93.71 20.45 56.25
CA ASN K 1900 94.34 19.26 56.83
C ASN K 1900 95.04 19.58 58.14
N VAL K 1901 95.52 20.81 58.32
CA VAL K 1901 96.12 21.20 59.59
C VAL K 1901 95.09 21.12 60.71
N LEU K 1902 93.89 21.68 60.46
CA LEU K 1902 92.85 21.63 61.47
C LEU K 1902 92.36 20.20 61.69
N ASN K 1903 92.26 19.41 60.62
CA ASN K 1903 91.88 18.01 60.79
C ASN K 1903 92.87 17.26 61.69
N VAL K 1904 94.16 17.37 61.39
CA VAL K 1904 95.17 16.70 62.20
C VAL K 1904 95.23 17.29 63.61
N LEU K 1905 94.94 18.58 63.75
CA LEU K 1905 94.91 19.19 65.09
C LEU K 1905 93.79 18.59 65.93
N LYS K 1906 92.61 18.43 65.33
CA LYS K 1906 91.52 17.78 66.05
C LYS K 1906 91.87 16.34 66.39
N ILE K 1907 92.51 15.64 65.46
CA ILE K 1907 92.91 14.25 65.71
C ILE K 1907 93.88 14.18 66.88
N ASN K 1908 94.87 15.08 66.91
CA ASN K 1908 95.88 15.10 67.97
C ASN K 1908 95.35 15.67 69.27
N LYS K 1909 94.19 16.34 69.26
CA LYS K 1909 93.62 16.93 70.47
C LYS K 1909 94.53 17.99 71.07
N ILE K 1910 95.27 18.70 70.22
CA ILE K 1910 96.16 19.77 70.65
C ILE K 1910 95.32 21.00 70.94
N ASP K 1911 95.56 21.64 72.08
CA ASP K 1911 94.91 22.90 72.43
C ASP K 1911 96.01 23.96 72.45
N ILE K 1912 96.07 24.74 71.37
CA ILE K 1912 97.13 25.72 71.21
C ILE K 1912 97.07 26.79 72.30
N VAL K 1913 95.90 27.00 72.90
CA VAL K 1913 95.81 27.95 74.01
C VAL K 1913 96.67 27.48 75.17
N LYS K 1914 96.54 26.21 75.56
CA LYS K 1914 97.40 25.69 76.62
C LYS K 1914 98.85 25.59 76.16
N LEU K 1915 99.08 25.33 74.88
CA LEU K 1915 100.45 25.33 74.39
C LEU K 1915 101.11 26.68 74.61
N GLN K 1916 100.40 27.77 74.28
CA GLN K 1916 100.95 29.10 74.49
C GLN K 1916 101.03 29.46 75.97
N GLU K 1917 100.08 28.98 76.78
CA GLU K 1917 100.04 29.33 78.20
C GLU K 1917 101.00 28.52 79.05
N GLN K 1918 101.52 27.39 78.54
CA GLN K 1918 102.44 26.56 79.30
C GLN K 1918 103.70 26.20 78.54
N MET K 1919 103.99 26.86 77.43
CA MET K 1919 105.23 26.64 76.71
C MET K 1919 105.60 27.90 75.96
N SER K 1920 106.89 28.05 75.67
CA SER K 1920 107.35 29.20 74.92
C SER K 1920 106.78 29.19 73.51
N ILE K 1921 106.62 30.38 72.94
CA ILE K 1921 106.11 30.49 71.57
C ILE K 1921 107.03 29.73 70.61
N GLU K 1922 108.30 29.56 70.97
CA GLU K 1922 109.21 28.75 70.16
C GLU K 1922 108.75 27.30 70.10
N LYS K 1923 108.27 26.76 71.22
CA LYS K 1923 107.81 25.37 71.23
C LYS K 1923 106.47 25.22 70.53
N VAL K 1924 105.54 26.14 70.79
CA VAL K 1924 104.26 26.12 70.08
C VAL K 1924 104.50 26.26 68.58
N LYS K 1925 105.39 27.18 68.21
CA LYS K 1925 105.76 27.34 66.81
C LYS K 1925 106.41 26.07 66.27
N GLU K 1926 107.26 25.41 67.06
CA GLU K 1926 107.91 24.21 66.57
C GLU K 1926 106.89 23.13 66.24
N HIS K 1927 105.96 22.87 67.15
CA HIS K 1927 104.96 21.83 66.89
C HIS K 1927 104.05 22.22 65.71
N LEU K 1928 103.54 23.45 65.72
CA LEU K 1928 102.63 23.86 64.65
C LEU K 1928 103.35 23.88 63.31
N TYR K 1929 104.63 24.24 63.30
CA TYR K 1929 105.42 24.22 62.07
C TYR K 1929 105.66 22.79 61.59
N GLU K 1930 105.84 21.84 62.50
CA GLU K 1930 105.95 20.45 62.07
C GLU K 1930 104.67 20.02 61.36
N ILE K 1931 103.52 20.32 61.95
CA ILE K 1931 102.25 20.01 61.31
C ILE K 1931 102.14 20.73 59.97
N VAL K 1932 102.54 22.00 59.93
CA VAL K 1932 102.41 22.80 58.73
C VAL K 1932 103.29 22.24 57.61
N ASP K 1933 104.51 21.83 57.95
CA ASP K 1933 105.40 21.29 56.93
C ASP K 1933 104.85 19.99 56.35
N GLU K 1934 104.41 19.07 57.22
CA GLU K 1934 103.86 17.81 56.70
C GLU K 1934 102.64 18.08 55.83
N VAL K 1935 101.74 18.94 56.30
CA VAL K 1935 100.49 19.18 55.61
C VAL K 1935 100.73 19.93 54.30
N ALA K 1936 101.68 20.87 54.30
CA ALA K 1936 102.01 21.59 53.07
C ALA K 1936 102.66 20.68 52.06
N ALA K 1937 103.49 19.73 52.52
CA ALA K 1937 104.02 18.72 51.61
C ALA K 1937 102.89 17.93 50.97
N LYS K 1938 101.89 17.54 51.75
CA LYS K 1938 100.75 16.83 51.20
C LYS K 1938 100.01 17.72 50.18
N SER K 1939 99.83 19.00 50.50
CA SER K 1939 99.14 19.91 49.59
C SER K 1939 99.88 20.03 48.26
N LEU K 1940 101.20 20.20 48.32
CA LEU K 1940 101.98 20.27 47.09
C LEU K 1940 101.93 18.96 46.32
N ALA K 1941 101.89 17.83 47.04
CA ALA K 1941 101.77 16.53 46.37
C ALA K 1941 100.46 16.43 45.61
N LYS K 1942 99.37 16.95 46.17
CA LYS K 1942 98.10 16.91 45.46
C LYS K 1942 98.22 17.69 44.15
N PRO K 1943 97.75 17.13 43.04
CA PRO K 1943 98.02 17.78 41.74
C PRO K 1943 97.31 19.12 41.62
N GLN K 1944 98.01 20.11 41.08
CA GLN K 1944 97.50 21.47 41.04
C GLN K 1944 96.61 21.65 39.81
N PRO K 1945 95.58 22.50 39.87
CA PRO K 1945 95.10 23.28 41.02
C PRO K 1945 94.42 22.40 42.05
N ILE K 1946 94.60 22.70 43.33
CA ILE K 1946 94.12 21.83 44.40
C ILE K 1946 92.63 22.07 44.60
N ASP K 1947 91.84 21.00 44.48
CA ASP K 1947 90.42 21.04 44.77
C ASP K 1947 90.23 20.78 46.25
N LEU K 1948 89.67 21.76 46.96
CA LEU K 1948 89.47 21.62 48.39
C LEU K 1948 88.41 20.56 48.67
N GLU K 1949 88.58 19.88 49.80
CA GLU K 1949 87.62 18.89 50.28
C GLU K 1949 87.06 19.35 51.62
N ARG K 1950 85.79 19.04 51.86
CA ARG K 1950 85.10 19.48 53.07
C ARG K 1950 85.74 18.79 54.28
N GLY K 1951 86.40 19.56 55.12
CA GLY K 1951 86.88 19.07 56.39
C GLY K 1951 85.78 19.06 57.43
N PHE K 1952 86.15 18.61 58.64
CA PHE K 1952 85.18 18.64 59.73
C PHE K 1952 84.75 20.06 60.05
N ALA K 1953 85.72 20.97 60.12
CA ALA K 1953 85.43 22.39 60.34
C ALA K 1953 85.40 23.19 59.04
N VAL K 1954 86.15 22.76 58.03
CA VAL K 1954 86.30 23.52 56.79
C VAL K 1954 85.27 23.03 55.78
N ILE K 1955 84.59 23.97 55.14
CA ILE K 1955 83.66 23.72 54.06
C ILE K 1955 84.02 24.66 52.91
N PRO K 1956 84.60 24.15 51.82
CA PRO K 1956 85.00 25.06 50.73
C PRO K 1956 83.79 25.73 50.11
N LEU K 1957 83.97 26.99 49.70
CA LEU K 1957 82.89 27.77 49.09
C LEU K 1957 82.87 27.48 47.59
N LYS K 1958 81.88 26.70 47.16
CA LYS K 1958 81.82 26.28 45.76
C LYS K 1958 81.47 27.46 44.87
N GLY K 1959 82.10 27.51 43.70
CA GLY K 1959 81.85 28.56 42.74
C GLY K 1959 82.58 29.86 42.99
N ILE K 1960 83.41 29.94 44.03
CA ILE K 1960 84.20 31.13 44.34
C ILE K 1960 85.64 30.83 43.97
N SER K 1961 86.18 31.64 43.06
CA SER K 1961 87.54 31.48 42.55
C SER K 1961 88.43 32.68 42.84
N VAL K 1962 87.98 33.60 43.68
CA VAL K 1962 88.68 34.87 43.92
C VAL K 1962 88.84 35.04 45.43
N PRO K 1963 90.05 35.39 45.93
CA PRO K 1963 90.18 35.60 47.39
C PRO K 1963 89.91 37.05 47.78
N PHE K 1964 88.67 37.48 47.60
CA PHE K 1964 88.36 38.88 47.86
C PHE K 1964 88.20 39.12 49.36
N HIS K 1965 88.28 40.40 49.74
CA HIS K 1965 88.38 40.89 51.11
C HIS K 1965 89.73 40.58 51.75
N SER K 1966 90.74 40.18 50.97
CA SER K 1966 92.08 39.93 51.45
C SER K 1966 93.03 40.98 50.86
N SER K 1967 94.30 40.92 51.28
CA SER K 1967 95.29 41.86 50.79
C SER K 1967 95.61 41.67 49.32
N TYR K 1968 95.18 40.58 48.71
CA TYR K 1968 95.45 40.35 47.29
C TYR K 1968 94.83 41.44 46.41
N LEU K 1969 93.71 42.01 46.84
CA LEU K 1969 93.00 43.00 46.06
C LEU K 1969 93.46 44.43 46.35
N MET K 1970 94.49 44.60 47.18
CA MET K 1970 95.06 45.92 47.39
C MET K 1970 95.53 46.53 46.09
N SER K 1971 96.05 45.71 45.18
CA SER K 1971 96.43 46.20 43.86
C SER K 1971 95.22 46.72 43.09
N GLY K 1972 94.11 46.00 43.14
CA GLY K 1972 92.92 46.35 42.40
C GLY K 1972 92.06 47.42 43.01
N VAL K 1973 92.34 47.84 44.25
CA VAL K 1973 91.53 48.90 44.85
C VAL K 1973 91.61 50.18 44.04
N LYS K 1974 92.81 50.59 43.62
CA LYS K 1974 93.00 51.95 43.13
C LYS K 1974 92.14 52.30 41.92
N PRO K 1975 92.03 51.46 40.89
CA PRO K 1975 91.05 51.77 39.83
C PRO K 1975 89.63 51.87 40.36
N PHE K 1976 89.28 51.00 41.31
CA PHE K 1976 87.95 51.03 41.88
C PHE K 1976 87.71 52.32 42.66
N GLN K 1977 88.75 52.85 43.31
CA GLN K 1977 88.60 54.12 44.01
C GLN K 1977 88.26 55.24 43.03
N ARG K 1978 88.95 55.29 41.89
CA ARG K 1978 88.65 56.31 40.89
C ARG K 1978 87.24 56.13 40.34
N PHE K 1979 86.84 54.89 40.09
CA PHE K 1979 85.48 54.65 39.61
C PHE K 1979 84.45 55.10 40.63
N LEU K 1980 84.68 54.81 41.92
CA LEU K 1980 83.75 55.24 42.95
C LEU K 1980 83.69 56.76 43.03
N CYS K 1981 84.84 57.43 42.91
CA CYS K 1981 84.84 58.89 42.92
C CYS K 1981 84.02 59.43 41.75
N LYS K 1982 84.13 58.79 40.59
CA LYS K 1982 83.34 59.23 39.44
C LYS K 1982 81.84 59.02 39.66
N LYS K 1983 81.46 57.85 40.16
CA LYS K 1983 80.03 57.48 40.22
C LYS K 1983 79.35 57.91 41.52
N ILE K 1984 80.07 58.51 42.47
CA ILE K 1984 79.45 59.10 43.64
C ILE K 1984 79.58 60.61 43.47
N PRO K 1985 78.52 61.33 43.12
CA PRO K 1985 78.59 62.80 43.21
C PRO K 1985 78.79 63.24 44.65
N LYS K 1986 79.53 64.32 44.83
CA LYS K 1986 79.68 64.88 46.16
C LYS K 1986 78.34 65.38 46.71
N SER K 1987 77.43 65.80 45.83
CA SER K 1987 76.13 66.29 46.26
C SER K 1987 75.21 65.19 46.76
N SER K 1988 75.44 63.94 46.33
CA SER K 1988 74.52 62.87 46.69
C SER K 1988 74.71 62.40 48.12
N VAL K 1989 75.84 62.70 48.75
CA VAL K 1989 76.12 62.23 50.10
C VAL K 1989 75.38 63.12 51.08
N LYS K 1990 74.57 62.52 51.95
CA LYS K 1990 73.92 63.24 53.05
C LYS K 1990 74.56 62.78 54.34
N PRO K 1991 75.47 63.57 54.94
CA PRO K 1991 76.12 63.13 56.18
C PRO K 1991 75.16 62.88 57.33
N GLN K 1992 74.01 63.57 57.36
CA GLN K 1992 73.06 63.36 58.45
C GLN K 1992 72.48 61.95 58.39
N ASP K 1993 72.38 61.37 57.19
CA ASP K 1993 71.88 60.02 57.03
C ASP K 1993 72.96 58.95 57.22
N LEU K 1994 74.19 59.36 57.53
CA LEU K 1994 75.30 58.44 57.75
C LEU K 1994 75.84 58.48 59.17
N ILE K 1995 75.95 59.67 59.76
CA ILE K 1995 76.52 59.80 61.09
C ILE K 1995 75.65 59.05 62.09
N GLY K 1996 76.24 58.10 62.79
CA GLY K 1996 75.54 57.34 63.81
C GLY K 1996 74.52 56.36 63.28
N LYS K 1997 74.42 56.19 61.97
CA LYS K 1997 73.50 55.24 61.35
C LYS K 1997 74.22 54.26 60.43
N TYR K 1998 75.23 54.73 59.70
CA TYR K 1998 75.99 53.88 58.80
C TYR K 1998 77.07 53.14 59.58
N ILE K 1999 77.10 51.83 59.43
CA ILE K 1999 78.13 50.99 60.04
C ILE K 1999 78.83 50.24 58.92
N PRO K 2000 80.07 50.58 58.58
CA PRO K 2000 80.77 49.87 57.50
C PRO K 2000 81.30 48.52 57.95
N ASN K 2001 81.79 47.76 56.97
CA ASN K 2001 82.50 46.52 57.27
C ASN K 2001 83.98 46.75 57.53
N LEU K 2002 84.54 47.83 56.99
CA LEU K 2002 85.98 48.07 57.16
C LEU K 2002 86.32 48.34 58.62
N THR K 2003 85.50 49.17 59.29
CA THR K 2003 85.75 49.57 60.67
C THR K 2003 84.82 48.89 61.67
N ALA K 2004 83.62 48.50 61.25
CA ALA K 2004 82.65 47.84 62.12
C ALA K 2004 82.31 48.72 63.33
N LYS K 2005 82.22 50.02 63.10
CA LYS K 2005 81.72 50.97 64.08
C LYS K 2005 80.92 52.02 63.34
N PRO K 2006 80.04 52.75 64.02
CA PRO K 2006 79.20 53.71 63.32
C PRO K 2006 80.02 54.78 62.62
N PHE K 2007 79.55 55.17 61.43
CA PHE K 2007 80.18 56.24 60.66
C PHE K 2007 80.25 57.51 61.49
N GLU K 2008 81.44 58.10 61.56
CA GLU K 2008 81.63 59.31 62.35
C GLU K 2008 82.66 60.18 61.67
N LEU K 2009 82.43 61.50 61.70
CA LEU K 2009 83.35 62.46 61.12
C LEU K 2009 84.27 63.01 62.20
N THR K 2010 85.05 62.09 62.78
CA THR K 2010 85.96 62.40 63.87
C THR K 2010 87.36 61.95 63.51
N LYS K 2011 88.34 62.69 64.01
CA LYS K 2011 89.74 62.38 63.72
C LYS K 2011 90.10 60.97 64.18
N GLU K 2012 89.50 60.51 65.27
CA GLU K 2012 89.71 59.15 65.74
C GLU K 2012 89.24 58.16 64.67
N TYR K 2013 88.06 58.40 64.10
CA TYR K 2013 87.54 57.50 63.07
C TYR K 2013 88.41 57.52 61.82
N PHE K 2014 88.84 58.70 61.40
CA PHE K 2014 89.69 58.79 60.21
C PHE K 2014 91.03 58.10 60.44
N GLN K 2015 91.59 58.24 61.64
CA GLN K 2015 92.84 57.55 61.96
C GLN K 2015 92.63 56.04 62.01
N SER K 2016 91.47 55.60 62.51
CA SER K 2016 91.18 54.17 62.50
C SER K 2016 91.13 53.64 61.06
N VAL K 2017 90.51 54.39 60.16
CA VAL K 2017 90.47 54.00 58.75
C VAL K 2017 91.88 53.98 58.18
N TYR K 2018 92.69 54.99 58.53
CA TYR K 2018 94.05 55.08 58.00
C TYR K 2018 94.90 53.91 58.47
N ASP K 2019 94.72 53.46 59.71
CA ASP K 2019 95.50 52.35 60.23
C ASP K 2019 95.30 51.10 59.39
N LEU K 2020 94.13 50.97 58.73
CA LEU K 2020 93.87 49.80 57.91
C LEU K 2020 94.28 50.03 56.46
N THR K 2021 94.02 51.22 55.91
CA THR K 2021 94.14 51.44 54.48
C THR K 2021 95.44 52.13 54.06
N LYS K 2022 96.06 52.95 54.92
CA LYS K 2022 97.29 53.66 54.57
C LYS K 2022 97.08 54.60 53.38
N SER K 2023 95.86 55.10 53.22
CA SER K 2023 95.49 55.79 51.98
C SER K 2023 95.96 57.24 51.98
N GLU K 2024 96.29 57.74 50.79
CA GLU K 2024 96.79 59.10 50.64
C GLU K 2024 95.71 60.13 50.96
N LYS K 2025 94.47 59.89 50.56
CA LYS K 2025 93.40 60.85 50.82
C LYS K 2025 93.14 60.98 52.31
N ILE K 2026 93.02 59.86 53.01
CA ILE K 2026 92.81 59.90 54.46
C ILE K 2026 94.04 60.49 55.14
N LYS K 2027 95.24 60.21 54.60
CA LYS K 2027 96.44 60.82 55.15
C LYS K 2027 96.38 62.34 55.05
N SER K 2028 95.94 62.85 53.91
CA SER K 2028 95.82 64.30 53.75
C SER K 2028 94.79 64.87 54.71
N ILE K 2029 93.64 64.20 54.85
CA ILE K 2029 92.60 64.70 55.75
C ILE K 2029 93.12 64.70 57.19
N LEU K 2030 93.81 63.65 57.60
CA LEU K 2030 94.33 63.58 58.96
C LEU K 2030 95.40 64.63 59.19
N ASP K 2031 96.25 64.87 58.19
CA ASP K 2031 97.29 65.88 58.32
C ASP K 2031 96.71 67.28 58.40
N ASN K 2032 95.59 67.54 57.72
CA ASN K 2032 95.01 68.87 57.62
C ASN K 2032 93.68 68.97 58.37
N TRP K 2033 93.45 68.08 59.34
CA TRP K 2033 92.24 68.14 60.15
C TRP K 2033 92.09 69.45 60.91
N GLU K 2034 93.18 70.20 61.11
CA GLU K 2034 93.08 71.47 61.81
C GLU K 2034 92.11 72.42 61.12
N GLN K 2035 92.07 72.40 59.79
CA GLN K 2035 91.14 73.27 59.08
C GLN K 2035 89.70 72.81 59.24
N TYR K 2036 89.48 71.49 59.35
CA TYR K 2036 88.15 70.95 59.56
C TYR K 2036 87.68 71.04 61.01
N GLU K 2037 88.58 71.31 61.94
CA GLU K 2037 88.23 71.44 63.34
C GLU K 2037 87.24 72.58 63.56
N MET L 1 82.59 72.72 61.50
CA MET L 1 82.67 72.45 60.04
C MET L 1 81.37 72.86 59.35
N LYS L 2 81.49 73.65 58.29
CA LYS L 2 80.32 74.04 57.54
C LYS L 2 79.73 72.80 56.86
N PRO L 3 78.44 72.83 56.47
CA PRO L 3 77.87 71.66 55.78
C PRO L 3 78.64 71.24 54.53
N GLU L 4 79.20 72.20 53.79
CA GLU L 4 79.94 71.84 52.58
C GLU L 4 81.22 71.08 52.91
N ILE L 5 81.99 71.56 53.90
CA ILE L 5 83.17 70.81 54.36
C ILE L 5 82.75 69.45 54.90
N GLU L 6 81.63 69.40 55.62
CA GLU L 6 81.15 68.15 56.18
C GLU L 6 80.83 67.15 55.07
N GLN L 7 80.19 67.61 54.00
CA GLN L 7 79.90 66.76 52.86
C GLN L 7 81.17 66.31 52.16
N GLU L 8 82.15 67.21 52.04
CA GLU L 8 83.42 66.83 51.42
C GLU L 8 84.06 65.70 52.20
N LEU L 9 84.17 65.86 53.52
CA LEU L 9 84.76 64.83 54.36
C LEU L 9 83.98 63.53 54.29
N SER L 10 82.65 63.61 54.34
CA SER L 10 81.82 62.41 54.28
C SER L 10 82.02 61.69 52.95
N HIS L 11 82.03 62.43 51.84
CA HIS L 11 82.23 61.83 50.53
C HIS L 11 83.57 61.13 50.44
N THR L 12 84.63 61.81 50.86
CA THR L 12 85.96 61.20 50.79
C THR L 12 86.04 59.95 51.64
N LEU L 13 85.55 60.02 52.88
CA LEU L 13 85.66 58.89 53.79
C LEU L 13 84.82 57.72 53.29
N LEU L 14 83.62 57.99 52.79
CA LEU L 14 82.75 56.91 52.32
C LEU L 14 83.33 56.26 51.07
N THR L 15 83.83 57.06 50.12
CA THR L 15 84.47 56.50 48.96
C THR L 15 85.65 55.62 49.36
N GLU L 16 86.43 56.07 50.33
CA GLU L 16 87.60 55.30 50.75
C GLU L 16 87.18 54.00 51.42
N LEU L 17 86.16 54.07 52.27
CA LEU L 17 85.63 52.88 52.93
C LEU L 17 85.16 51.85 51.90
N LEU L 18 84.38 52.30 50.92
CA LEU L 18 83.88 51.37 49.92
C LEU L 18 85.02 50.82 49.06
N ALA L 19 85.99 51.66 48.72
CA ALA L 19 87.08 51.22 47.87
C ALA L 19 87.92 50.16 48.55
N TYR L 20 88.23 50.33 49.83
CA TYR L 20 89.11 49.41 50.54
C TYR L 20 88.36 48.27 51.21
N GLN L 21 87.05 48.34 51.37
CA GLN L 21 86.28 47.17 51.76
C GLN L 21 86.34 46.10 50.68
N PHE L 22 86.58 46.51 49.44
CA PHE L 22 86.87 45.57 48.36
C PHE L 22 87.98 44.60 48.74
N ALA L 23 88.99 45.08 49.46
CA ALA L 23 90.22 44.33 49.68
C ALA L 23 90.60 44.24 51.16
N SER L 24 89.66 44.50 52.07
CA SER L 24 89.90 44.34 53.49
C SER L 24 88.89 43.35 54.09
N PRO L 25 89.19 42.76 55.25
CA PRO L 25 88.26 41.78 55.82
C PRO L 25 86.93 42.41 56.23
N VAL L 26 85.88 41.61 56.16
CA VAL L 26 84.55 42.00 56.64
C VAL L 26 84.47 41.61 58.10
N ARG L 27 84.32 42.61 58.98
CA ARG L 27 84.32 42.39 60.42
C ARG L 27 82.88 42.28 60.93
N TRP L 28 82.22 41.21 60.49
CA TRP L 28 80.81 41.04 60.84
C TRP L 28 80.61 40.73 62.32
N ILE L 29 81.57 40.08 62.97
CA ILE L 29 81.46 39.86 64.42
C ILE L 29 81.37 41.21 65.14
N GLU L 30 82.31 42.11 64.83
CA GLU L 30 82.32 43.40 65.51
C GLU L 30 81.12 44.27 65.13
N THR L 31 80.69 44.27 63.86
CA THR L 31 79.51 45.08 63.54
C THR L 31 78.27 44.52 64.21
N GLN L 32 78.14 43.19 64.30
CA GLN L 32 77.01 42.65 65.04
C GLN L 32 77.06 43.07 66.49
N ASP L 33 78.25 43.04 67.09
CA ASP L 33 78.37 43.50 68.47
C ASP L 33 77.96 44.95 68.61
N VAL L 34 78.27 45.80 67.62
CA VAL L 34 77.91 47.21 67.72
C VAL L 34 76.40 47.37 67.83
N PHE L 35 75.66 46.92 66.82
CA PHE L 35 74.22 47.20 66.82
C PHE L 35 73.42 46.26 67.72
N LEU L 36 74.04 45.22 68.28
CA LEU L 36 73.34 44.39 69.27
C LEU L 36 73.57 44.89 70.68
N LYS L 37 74.78 45.32 71.02
CA LYS L 37 75.11 45.72 72.38
C LYS L 37 74.92 47.23 72.58
N GLN L 38 75.64 48.03 71.81
CA GLN L 38 75.62 49.48 72.01
C GLN L 38 74.26 50.06 71.63
N HIS L 39 73.76 49.71 70.44
CA HIS L 39 72.49 50.24 69.97
C HIS L 39 71.30 49.54 70.59
N ASN L 40 71.49 48.35 71.17
CA ASN L 40 70.41 47.56 71.74
C ASN L 40 69.29 47.39 70.73
N THR L 41 69.65 47.07 69.49
CA THR L 41 68.66 46.88 68.45
C THR L 41 67.76 45.70 68.80
N GLU L 42 66.46 45.88 68.59
CA GLU L 42 65.47 44.83 68.77
C GLU L 42 65.06 44.19 67.45
N ARG L 43 64.63 44.99 66.49
CA ARG L 43 64.15 44.48 65.20
C ARG L 43 65.35 44.46 64.25
N ILE L 44 65.81 43.26 63.92
CA ILE L 44 66.95 43.07 63.03
C ILE L 44 66.40 42.42 61.76
N ILE L 45 66.08 43.23 60.76
CA ILE L 45 65.54 42.77 59.49
C ILE L 45 66.69 42.64 58.52
N GLU L 46 66.87 41.46 57.95
CA GLU L 46 67.84 41.25 56.88
C GLU L 46 67.11 41.23 55.55
N ILE L 47 67.53 42.13 54.66
CA ILE L 47 66.93 42.28 53.34
C ILE L 47 67.80 41.47 52.38
N GLY L 48 67.31 40.28 52.01
CA GLY L 48 68.04 39.42 51.12
C GLY L 48 67.20 38.27 50.63
N PRO L 49 67.73 37.49 49.68
CA PRO L 49 66.97 36.34 49.17
C PRO L 49 66.95 35.15 50.12
N SER L 50 67.85 35.08 51.08
CA SER L 50 67.92 33.99 52.04
C SER L 50 68.27 34.56 53.41
N PRO L 51 67.91 33.85 54.51
CA PRO L 51 68.13 34.37 55.86
C PRO L 51 69.54 34.14 56.39
N THR L 52 70.54 34.46 55.55
CA THR L 52 71.93 34.22 55.93
C THR L 52 72.30 35.04 57.15
N LEU L 53 72.30 36.37 57.01
CA LEU L 53 72.71 37.21 58.12
C LEU L 53 71.71 37.17 59.27
N ALA L 54 70.44 36.84 58.99
CA ALA L 54 69.51 36.59 60.08
C ALA L 54 69.96 35.42 60.93
N GLY L 55 70.37 34.33 60.29
CA GLY L 55 70.87 33.19 61.03
C GLY L 55 72.14 33.51 61.79
N MET L 56 73.05 34.24 61.17
CA MET L 56 74.29 34.59 61.86
C MET L 56 74.01 35.52 63.06
N ALA L 57 73.07 36.45 62.91
CA ALA L 57 72.71 37.32 64.03
C ALA L 57 72.07 36.53 65.15
N ASN L 58 71.20 35.57 64.81
CA ASN L 58 70.61 34.71 65.84
C ASN L 58 71.69 33.91 66.56
N ARG L 59 72.65 33.38 65.81
CA ARG L 59 73.75 32.64 66.43
C ARG L 59 74.56 33.52 67.36
N THR L 60 74.87 34.75 66.94
CA THR L 60 75.63 35.65 67.79
C THR L 60 74.85 36.02 69.05
N ILE L 61 73.55 36.26 68.90
CA ILE L 61 72.72 36.61 70.06
C ILE L 61 72.70 35.46 71.06
N LYS L 62 72.52 34.23 70.57
CA LYS L 62 72.51 33.08 71.47
C LYS L 62 73.89 32.87 72.10
N ALA L 63 74.95 33.10 71.35
CA ALA L 63 76.29 32.82 71.85
C ALA L 63 76.71 33.81 72.93
N LYS L 64 76.49 35.10 72.70
CA LYS L 64 77.07 36.14 73.55
C LYS L 64 76.06 37.01 74.27
N TYR L 65 74.88 37.25 73.69
CA TYR L 65 73.90 38.17 74.26
C TYR L 65 72.70 37.47 74.87
N GLU L 66 72.76 36.16 75.09
CA GLU L 66 71.63 35.46 75.71
C GLU L 66 71.37 35.99 77.12
N SER L 67 72.42 36.16 77.92
CA SER L 67 72.27 36.69 79.26
C SER L 67 72.06 38.20 79.24
N TYR L 68 72.68 38.90 78.29
CA TYR L 68 72.54 40.35 78.21
C TYR L 68 71.09 40.74 77.90
N ASP L 69 70.46 40.05 76.94
CA ASP L 69 69.08 40.35 76.60
C ASP L 69 68.15 40.05 77.77
N ALA L 70 68.38 38.94 78.46
CA ALA L 70 67.56 38.62 79.64
C ALA L 70 67.73 39.67 80.72
N ALA L 71 68.97 40.12 80.95
CA ALA L 71 69.21 41.12 81.98
C ALA L 71 68.50 42.43 81.65
N LEU L 72 68.56 42.87 80.40
CA LEU L 72 67.92 44.13 80.02
C LEU L 72 66.45 43.96 79.62
N SER L 73 65.90 42.74 79.69
CA SER L 73 64.52 42.48 79.31
C SER L 73 64.26 42.93 77.88
N LEU L 74 65.24 42.69 77.00
CA LEU L 74 65.18 43.12 75.61
C LEU L 74 64.82 41.93 74.74
N GLN L 75 63.69 42.03 74.03
CA GLN L 75 63.23 40.97 73.15
C GLN L 75 63.65 41.31 71.72
N ARG L 76 64.61 40.54 71.20
CA ARG L 76 65.15 40.76 69.87
C ARG L 76 64.41 39.89 68.87
N GLN L 77 63.78 40.54 67.88
CA GLN L 77 63.10 39.87 66.79
C GLN L 77 63.98 39.97 65.55
N VAL L 78 64.47 38.83 65.08
CA VAL L 78 65.29 38.74 63.89
C VAL L 78 64.40 38.30 62.74
N LEU L 79 64.29 39.14 61.72
CA LEU L 79 63.37 38.95 60.62
C LEU L 79 64.15 38.82 59.32
N CYS L 80 63.62 38.03 58.39
CA CYS L 80 64.19 37.83 57.08
C CYS L 80 63.17 38.23 56.02
N TYR L 81 63.62 38.95 54.99
CA TYR L 81 62.67 39.37 53.96
C TYR L 81 62.07 38.18 53.24
N SER L 82 62.88 37.18 52.90
CA SER L 82 62.39 36.05 52.12
C SER L 82 61.46 35.14 52.89
N LYS L 83 61.45 35.21 54.21
CA LYS L 83 60.66 34.33 55.08
C LYS L 83 59.61 35.07 55.88
N ASP L 84 59.95 36.21 56.47
CA ASP L 84 59.08 36.95 57.38
C ASP L 84 58.59 38.25 56.75
N ALA L 85 58.23 38.19 55.47
CA ALA L 85 57.71 39.37 54.79
C ALA L 85 56.43 39.86 55.46
N LYS L 86 55.57 38.94 55.92
CA LYS L 86 54.36 39.35 56.62
C LYS L 86 54.70 40.15 57.88
N GLU L 87 55.65 39.67 58.67
CA GLU L 87 56.03 40.37 59.88
C GLU L 87 56.69 41.71 59.58
N ILE L 88 57.51 41.77 58.53
CA ILE L 88 58.21 43.01 58.20
C ILE L 88 57.24 44.06 57.68
N TYR L 89 56.27 43.66 56.86
CA TYR L 89 55.28 44.57 56.32
C TYR L 89 54.09 44.79 57.24
N TYR L 90 54.03 44.09 58.37
CA TYR L 90 52.86 44.11 59.25
C TYR L 90 51.61 43.71 58.49
N LYS L 91 51.64 42.48 57.98
CA LYS L 91 50.50 41.87 57.28
C LYS L 91 50.26 40.48 57.82
N PRO L 92 49.82 40.36 59.08
CA PRO L 92 49.43 39.06 59.60
C PRO L 92 48.24 38.51 58.83
N ASP L 93 48.15 37.19 58.76
CA ASP L 93 47.08 36.54 58.02
C ASP L 93 45.74 36.86 58.69
N PRO L 94 44.75 37.42 57.96
CA PRO L 94 43.48 37.72 58.63
C PRO L 94 42.78 36.48 59.17
N ASP L 322 1.34 3.05 28.37
CA ASP L 322 2.32 4.05 28.77
C ASP L 322 2.81 4.85 27.57
N SER L 323 3.41 6.01 27.86
CA SER L 323 3.98 6.83 26.79
C SER L 323 5.07 6.08 26.05
N ALA L 324 5.84 5.24 26.76
CA ALA L 324 6.86 4.43 26.08
C ALA L 324 6.22 3.47 25.08
N ALA L 325 5.14 2.81 25.48
CA ALA L 325 4.46 1.89 24.57
C ALA L 325 3.86 2.63 23.39
N LEU L 326 3.27 3.80 23.64
CA LEU L 326 2.72 4.60 22.55
C LEU L 326 3.81 5.03 21.58
N ASP L 327 4.97 5.44 22.11
CA ASP L 327 6.07 5.84 21.25
C ASP L 327 6.60 4.64 20.45
N ALA L 328 6.62 3.46 21.07
CA ALA L 328 7.02 2.26 20.34
C ALA L 328 6.06 1.97 19.19
N LEU L 329 4.76 2.11 19.44
CA LEU L 329 3.78 1.90 18.37
C LEU L 329 3.95 2.93 17.26
N THR L 330 4.18 4.19 17.64
CA THR L 330 4.41 5.23 16.65
C THR L 330 5.65 4.93 15.82
N ALA L 331 6.71 4.48 16.47
CA ALA L 331 7.94 4.14 15.77
C ALA L 331 7.72 2.97 14.82
N GLU L 332 6.94 1.98 15.25
CA GLU L 332 6.67 0.84 14.37
C GLU L 332 5.88 1.27 13.13
N ASN L 333 4.86 2.11 13.33
CA ASN L 333 4.09 2.60 12.18
C ASN L 333 4.97 3.43 11.25
N LYS L 334 5.81 4.30 11.82
CA LYS L 334 6.72 5.09 11.01
C LYS L 334 7.70 4.20 10.26
N LYS L 335 8.17 3.14 10.90
CA LYS L 335 9.09 2.20 10.26
C LYS L 335 8.42 1.52 9.07
N LEU L 336 7.18 1.07 9.26
CA LEU L 336 6.45 0.44 8.15
C LEU L 336 6.27 1.43 7.00
N ALA L 337 5.87 2.66 7.33
CA ALA L 337 5.66 3.66 6.30
C ALA L 337 6.96 3.97 5.55
N LYS L 338 8.08 3.99 6.28
CA LYS L 338 9.36 4.31 5.64
C LYS L 338 9.84 3.15 4.77
N GLN L 339 9.61 1.91 5.21
CA GLN L 339 9.97 0.78 4.35
C GLN L 339 9.13 0.79 3.07
N GLN L 340 7.84 1.08 3.19
CA GLN L 340 7.01 1.21 1.99
C GLN L 340 7.48 2.38 1.12
N LEU L 341 7.89 3.48 1.77
CA LEU L 341 8.45 4.62 1.06
C LEU L 341 9.66 4.22 0.22
N GLU L 342 10.61 3.52 0.83
CA GLU L 342 11.78 3.06 0.09
C GLU L 342 11.42 2.09 -1.03
N VAL L 343 10.47 1.19 -0.79
CA VAL L 343 10.08 0.25 -1.84
C VAL L 343 9.48 1.00 -3.03
N LEU L 344 8.61 1.97 -2.77
CA LEU L 344 7.99 2.71 -3.86
C LEU L 344 9.02 3.56 -4.60
N ALA L 345 9.93 4.20 -3.86
CA ALA L 345 10.96 4.99 -4.52
C ALA L 345 11.86 4.12 -5.39
N ARG L 346 12.22 2.93 -4.89
CA ARG L 346 13.02 2.01 -5.67
C ARG L 346 12.28 1.56 -6.92
N TYR L 347 10.98 1.28 -6.79
CA TYR L 347 10.18 0.89 -7.95
C TYR L 347 10.14 2.00 -8.99
N LEU L 348 9.96 3.24 -8.55
CA LEU L 348 9.90 4.38 -9.45
C LEU L 348 11.26 4.81 -9.95
N GLN L 349 12.34 4.27 -9.40
CA GLN L 349 13.70 4.74 -9.70
C GLN L 349 13.86 6.21 -9.32
N SER L 350 13.07 6.66 -8.35
CA SER L 350 13.21 7.99 -7.78
C SER L 350 14.22 7.90 -6.64
N ARG L 351 15.28 8.69 -6.72
CA ARG L 351 16.31 8.71 -5.71
C ARG L 351 15.99 9.81 -4.71
N LEU L 352 15.69 9.43 -3.49
CA LEU L 352 15.33 10.40 -2.46
C LEU L 352 16.54 11.20 -1.97
N LYS L 353 17.75 10.84 -2.40
CA LYS L 353 18.95 11.53 -1.96
C LYS L 353 19.93 11.76 -3.12
N GLN L 354 19.42 12.06 -4.30
CA GLN L 354 20.25 12.43 -5.46
C GLN L 354 20.31 13.93 -5.67
N GLY L 355 19.17 14.58 -5.88
CA GLY L 355 19.14 16.03 -5.76
C GLY L 355 19.40 16.44 -4.34
N SER L 356 18.94 15.65 -3.38
CA SER L 356 19.29 15.81 -1.98
C SER L 356 20.70 15.34 -1.70
N LEU L 357 21.47 16.23 -1.09
CA LEU L 357 22.48 15.85 -0.13
C LEU L 357 23.73 15.27 -0.81
N LYS L 358 23.59 14.74 -2.05
CA LYS L 358 24.75 14.56 -2.92
C LYS L 358 25.09 15.84 -3.65
N SER L 359 24.13 16.38 -4.41
CA SER L 359 24.32 17.68 -5.03
C SER L 359 24.66 18.73 -4.00
N PHE L 360 24.05 18.63 -2.81
CA PHE L 360 24.30 19.63 -1.78
C PHE L 360 25.72 19.51 -1.23
N ILE L 361 26.19 18.29 -0.93
CA ILE L 361 27.56 18.22 -0.42
C ILE L 361 28.55 18.60 -1.51
N LYS L 362 28.23 18.30 -2.78
CA LYS L 362 29.15 18.67 -3.87
C LYS L 362 29.23 20.17 -4.01
N GLU L 363 28.09 20.86 -3.97
CA GLU L 363 28.11 22.32 -4.07
C GLU L 363 28.79 22.94 -2.85
N LYS L 364 28.66 22.30 -1.68
CA LYS L 364 29.36 22.79 -0.51
C LYS L 364 30.88 22.68 -0.68
N GLU L 365 31.37 21.57 -1.25
CA GLU L 365 32.80 21.47 -1.54
C GLU L 365 33.24 22.52 -2.57
N ALA L 366 32.42 22.76 -3.59
CA ALA L 366 32.76 23.79 -4.57
C ALA L 366 32.85 25.16 -3.90
N SER L 367 31.90 25.47 -3.02
CA SER L 367 31.93 26.73 -2.29
C SER L 367 33.15 26.79 -1.37
N ALA L 368 33.56 25.65 -0.80
CA ALA L 368 34.75 25.62 0.02
C ALA L 368 36.00 25.96 -0.79
N VAL L 369 36.08 25.43 -2.02
CA VAL L 369 37.22 25.75 -2.88
C VAL L 369 37.23 27.23 -3.22
N LEU L 370 36.05 27.78 -3.58
CA LEU L 370 35.98 29.20 -3.89
C LEU L 370 36.36 30.04 -2.66
N GLN L 371 35.92 29.63 -1.48
CA GLN L 371 36.26 30.36 -0.26
C GLN L 371 37.74 30.25 0.04
N LYS L 372 38.37 29.13 -0.31
CA LYS L 372 39.82 29.03 -0.13
C LYS L 372 40.55 30.03 -1.01
N GLU L 373 40.14 30.15 -2.27
CA GLU L 373 40.75 31.16 -3.14
C GLU L 373 40.49 32.57 -2.61
N LEU L 374 39.27 32.82 -2.13
CA LEU L 374 38.95 34.13 -1.57
C LEU L 374 39.77 34.43 -0.34
N ASP L 375 39.96 33.43 0.52
CA ASP L 375 40.76 33.62 1.72
C ASP L 375 42.21 33.90 1.35
N LEU L 376 42.71 33.23 0.31
CA LEU L 376 44.04 33.57 -0.20
C LEU L 376 44.12 35.04 -0.58
N TRP L 377 43.17 35.52 -1.39
CA TRP L 377 43.22 36.92 -1.81
C TRP L 377 43.15 37.87 -0.62
N GLU L 378 42.21 37.63 0.30
CA GLU L 378 42.00 38.56 1.40
C GLU L 378 43.14 38.51 2.40
N ALA L 379 43.78 37.37 2.57
CA ALA L 379 44.93 37.29 3.46
C ALA L 379 46.16 37.90 2.81
N GLU L 380 46.24 37.85 1.48
CA GLU L 380 47.36 38.43 0.78
C GLU L 380 47.28 39.95 0.69
N HIS L 381 46.06 40.51 0.74
CA HIS L 381 45.90 41.95 0.53
C HIS L 381 45.33 42.69 1.72
N GLY L 382 44.32 42.15 2.39
CA GLY L 382 43.72 42.78 3.55
C GLY L 382 42.30 43.22 3.26
N GLU L 383 41.64 43.68 4.32
CA GLU L 383 40.25 44.11 4.25
C GLU L 383 40.10 45.44 3.52
N PHE L 384 40.94 46.42 3.86
CA PHE L 384 40.81 47.74 3.25
C PHE L 384 41.05 47.69 1.76
N TYR L 385 42.10 47.01 1.33
CA TYR L 385 42.37 46.86 -0.10
C TYR L 385 41.24 46.13 -0.78
N ALA L 386 40.70 45.10 -0.13
CA ALA L 386 39.60 44.33 -0.71
C ALA L 386 38.36 45.19 -0.93
N LYS L 387 37.97 45.98 0.06
CA LYS L 387 36.79 46.83 -0.09
C LYS L 387 37.07 48.09 -0.89
N GLY L 388 38.35 48.42 -1.13
CA GLY L 388 38.69 49.57 -1.93
C GLY L 388 38.85 49.32 -3.40
N ILE L 389 39.18 48.09 -3.80
CA ILE L 389 39.27 47.76 -5.24
C ILE L 389 37.89 47.59 -5.88
N GLN L 390 36.82 47.83 -5.13
CA GLN L 390 35.47 47.71 -5.67
C GLN L 390 35.29 48.73 -6.78
N PRO L 391 34.89 48.34 -8.00
CA PRO L 391 34.55 49.36 -9.00
C PRO L 391 33.34 50.18 -8.58
N THR L 392 33.37 51.46 -8.95
CA THR L 392 32.28 52.38 -8.68
C THR L 392 31.89 53.22 -9.90
N PHE L 393 32.66 53.18 -10.97
CA PHE L 393 32.33 53.98 -12.15
C PHE L 393 31.09 53.43 -12.85
N SER L 394 30.25 54.34 -13.33
CA SER L 394 29.14 53.99 -14.18
C SER L 394 28.81 55.20 -15.04
N ALA L 395 28.65 54.98 -16.35
CA ALA L 395 28.30 56.08 -17.24
C ALA L 395 26.91 56.62 -16.95
N LEU L 396 26.06 55.83 -16.30
CA LEU L 396 24.71 56.29 -15.99
C LEU L 396 24.69 57.24 -14.81
N LYS L 397 25.77 57.30 -14.02
CA LYS L 397 25.90 58.24 -12.93
C LYS L 397 26.63 59.52 -13.32
N SER L 398 27.01 59.66 -14.59
CA SER L 398 27.60 60.92 -15.05
C SER L 398 26.61 62.06 -14.88
N ARG L 399 27.09 63.18 -14.36
CA ARG L 399 26.31 64.40 -14.20
C ARG L 399 27.01 65.50 -14.98
N THR L 400 26.39 65.93 -16.07
CA THR L 400 26.95 66.95 -16.95
C THR L 400 26.32 68.29 -16.62
N TYR L 401 27.16 69.31 -16.44
CA TYR L 401 26.72 70.67 -16.15
C TYR L 401 27.25 71.56 -17.26
N ASP L 402 26.34 72.15 -18.06
CA ASP L 402 26.76 73.05 -19.13
C ASP L 402 25.83 74.25 -19.32
N SER L 403 24.91 74.52 -18.38
CA SER L 403 23.92 75.59 -18.58
C SER L 403 24.40 76.91 -17.97
N TYR L 404 25.61 77.28 -18.38
CA TYR L 404 26.14 78.60 -18.05
C TYR L 404 25.21 79.70 -18.52
N TRP L 405 24.51 79.48 -19.63
CA TRP L 405 23.63 80.51 -20.17
C TRP L 405 22.54 80.90 -19.18
N ASN L 406 22.01 79.92 -18.46
CA ASN L 406 20.99 80.22 -17.45
C ASN L 406 21.63 80.70 -16.16
N TRP L 407 22.73 80.08 -15.75
CA TRP L 407 23.39 80.47 -14.51
C TRP L 407 23.90 81.91 -14.56
N ALA L 408 24.26 82.40 -15.74
CA ALA L 408 24.73 83.79 -15.86
C ALA L 408 23.62 84.77 -15.52
N ARG L 409 22.45 84.58 -16.13
CA ARG L 409 21.31 85.46 -15.82
C ARG L 409 20.90 85.33 -14.36
N GLN L 410 20.90 84.10 -13.84
CA GLN L 410 20.56 83.90 -12.45
C GLN L 410 21.48 84.71 -11.53
N ASP L 411 22.79 84.61 -11.77
CA ASP L 411 23.75 85.30 -10.90
C ASP L 411 23.68 86.82 -11.09
N VAL L 412 23.43 87.27 -12.32
CA VAL L 412 23.29 88.70 -12.57
C VAL L 412 22.13 89.25 -11.74
N LEU L 413 20.97 88.60 -11.82
CA LEU L 413 19.81 89.06 -11.06
C LEU L 413 20.06 88.96 -9.55
N SER L 414 20.71 87.88 -9.12
CA SER L 414 20.98 87.70 -7.70
C SER L 414 21.84 88.83 -7.16
N MET L 415 22.90 89.20 -7.88
CA MET L 415 23.72 90.31 -7.41
C MET L 415 22.99 91.64 -7.55
N TYR L 416 22.13 91.78 -8.55
CA TYR L 416 21.38 93.03 -8.71
C TYR L 416 20.49 93.29 -7.51
N PHE L 417 19.76 92.27 -7.07
CA PHE L 417 18.90 92.46 -5.90
C PHE L 417 19.71 92.57 -4.62
N ASP L 418 20.88 91.95 -4.55
CA ASP L 418 21.78 92.19 -3.42
C ASP L 418 22.16 93.67 -3.35
N ILE L 419 22.50 94.26 -4.50
CA ILE L 419 22.84 95.68 -4.52
C ILE L 419 21.66 96.52 -4.07
N ILE L 420 20.46 96.26 -4.63
CA ILE L 420 19.33 97.14 -4.31
C ILE L 420 18.81 96.91 -2.89
N PHE L 421 19.15 95.78 -2.25
CA PHE L 421 18.79 95.54 -0.86
C PHE L 421 19.94 95.82 0.09
N GLY L 422 21.09 96.26 -0.41
CA GLY L 422 22.15 96.73 0.45
C GLY L 422 23.04 95.67 1.05
N LYS L 423 23.06 94.47 0.46
CA LYS L 423 23.96 93.41 0.90
C LYS L 423 25.30 93.47 0.17
N LEU L 424 25.44 94.32 -0.86
CA LEU L 424 26.60 94.30 -1.72
C LEU L 424 27.04 95.72 -2.02
N THR L 425 28.36 95.90 -2.13
CA THR L 425 28.96 97.15 -2.55
C THR L 425 30.18 96.84 -3.42
N SER L 426 30.52 97.78 -4.30
CA SER L 426 31.57 97.54 -5.29
C SER L 426 32.93 97.31 -4.65
N VAL L 427 33.16 97.86 -3.45
CA VAL L 427 34.46 97.74 -2.82
C VAL L 427 34.80 96.29 -2.51
N ASP L 428 33.78 95.50 -2.16
CA ASP L 428 33.99 94.08 -1.87
C ASP L 428 34.57 93.38 -3.09
N ARG L 429 35.59 92.55 -2.85
CA ARG L 429 36.23 91.83 -3.95
C ARG L 429 35.41 90.63 -4.40
N GLU L 430 34.47 90.17 -3.56
CA GLU L 430 33.53 89.14 -4.02
C GLU L 430 32.68 89.68 -5.16
N THR L 431 32.33 90.96 -5.10
CA THR L 431 31.62 91.58 -6.21
C THR L 431 32.44 91.52 -7.49
N ILE L 432 33.74 91.81 -7.40
CA ILE L 432 34.58 91.79 -8.59
C ILE L 432 34.73 90.38 -9.11
N ASN L 433 34.85 89.40 -8.22
CA ASN L 433 34.90 88.01 -8.65
C ASN L 433 33.62 87.61 -9.38
N GLN L 434 32.46 87.95 -8.81
CA GLN L 434 31.19 87.62 -9.45
C GLN L 434 31.06 88.30 -10.80
N CYS L 435 31.49 89.56 -10.88
CA CYS L 435 31.42 90.28 -12.14
C CYS L 435 32.34 89.66 -13.18
N ILE L 436 33.49 89.15 -12.74
CA ILE L 436 34.38 88.44 -13.65
C ILE L 436 33.70 87.19 -14.18
N GLN L 437 32.99 86.46 -13.31
CA GLN L 437 32.29 85.26 -13.78
C GLN L 437 31.19 85.62 -14.77
N ILE L 438 30.48 86.72 -14.53
CA ILE L 438 29.44 87.15 -15.46
C ILE L 438 30.05 87.57 -16.79
N MET L 439 31.17 88.28 -16.74
CA MET L 439 31.89 88.62 -17.97
C MET L 439 32.34 87.37 -18.71
N ASN L 440 32.76 86.35 -17.96
CA ASN L 440 33.14 85.08 -18.56
C ASN L 440 31.97 84.40 -19.23
N ARG L 441 30.76 84.52 -18.68
CA ARG L 441 29.57 83.92 -19.25
C ARG L 441 28.80 84.90 -20.13
N ALA L 442 29.40 86.05 -20.47
CA ALA L 442 28.69 87.08 -21.21
C ALA L 442 28.19 86.57 -22.55
N ASN L 443 26.97 86.97 -22.90
CA ASN L 443 26.33 86.61 -24.15
C ASN L 443 25.44 87.78 -24.56
N PRO L 444 25.07 87.91 -25.84
CA PRO L 444 24.18 89.01 -26.23
C PRO L 444 22.85 89.00 -25.48
N THR L 445 22.30 87.81 -25.25
CA THR L 445 21.06 87.72 -24.48
C THR L 445 21.27 88.21 -23.05
N LEU L 446 22.43 87.90 -22.46
CA LEU L 446 22.72 88.39 -21.12
C LEU L 446 22.92 89.90 -21.12
N ILE L 447 23.46 90.45 -22.21
CA ILE L 447 23.57 91.90 -22.32
C ILE L 447 22.18 92.53 -22.31
N LYS L 448 21.25 91.97 -23.10
CA LYS L 448 19.90 92.51 -23.09
C LYS L 448 19.25 92.34 -21.72
N PHE L 449 19.51 91.21 -21.06
CA PHE L 449 18.97 90.96 -19.73
C PHE L 449 19.43 92.02 -18.75
N MET L 450 20.74 92.30 -18.70
CA MET L 450 21.24 93.31 -17.77
C MET L 450 20.74 94.69 -18.17
N GLN L 451 20.69 94.98 -19.47
CA GLN L 451 20.32 96.31 -19.92
C GLN L 451 18.87 96.64 -19.58
N TYR L 452 17.97 95.66 -19.68
CA TYR L 452 16.59 95.91 -19.28
C TYR L 452 16.52 96.30 -17.81
N HIS L 453 17.19 95.57 -16.94
CA HIS L 453 17.10 95.80 -15.51
C HIS L 453 17.87 97.04 -15.06
N ILE L 454 18.83 97.51 -15.85
CA ILE L 454 19.52 98.76 -15.53
C ILE L 454 18.87 99.98 -16.20
N ASP L 455 18.09 99.79 -17.26
CA ASP L 455 17.34 100.89 -17.84
C ASP L 455 16.00 101.11 -17.15
N HIS L 456 15.41 100.05 -16.59
CA HIS L 456 14.17 100.15 -15.84
C HIS L 456 14.39 100.13 -14.33
N CYS L 457 15.62 100.30 -13.88
CA CYS L 457 15.88 100.34 -12.44
C CYS L 457 15.22 101.59 -11.85
N PRO L 458 14.34 101.45 -10.85
CA PRO L 458 13.71 102.67 -10.28
C PRO L 458 14.65 103.44 -9.36
N GLU L 459 15.48 104.28 -9.98
CA GLU L 459 16.49 105.02 -9.22
C GLU L 459 15.88 105.93 -8.17
N TYR L 460 14.62 106.34 -8.35
CA TYR L 460 13.99 107.29 -7.43
C TYR L 460 13.67 106.66 -6.07
N LYS L 461 13.75 105.35 -5.93
CA LYS L 461 13.30 104.67 -4.72
C LYS L 461 14.37 104.62 -3.63
N GLY L 462 15.58 105.09 -3.90
CA GLY L 462 16.60 105.12 -2.87
C GLY L 462 17.98 105.14 -3.47
N GLU L 463 18.97 105.32 -2.59
CA GLU L 463 20.36 105.35 -3.03
C GLU L 463 20.80 103.99 -3.54
N THR L 464 20.30 102.91 -2.93
CA THR L 464 20.70 101.57 -3.35
C THR L 464 20.26 101.29 -4.79
N TYR L 465 19.13 101.86 -5.21
CA TYR L 465 18.71 101.71 -6.61
C TYR L 465 19.62 102.51 -7.54
N LYS L 466 20.02 103.71 -7.12
CA LYS L 466 21.01 104.46 -7.88
C LYS L 466 22.32 103.69 -7.98
N LEU L 467 22.74 103.08 -6.87
CA LEU L 467 23.94 102.26 -6.88
C LEU L 467 23.81 101.11 -7.86
N ALA L 468 22.67 100.40 -7.83
CA ALA L 468 22.47 99.28 -8.74
C ALA L 468 22.51 99.75 -10.20
N LYS L 469 21.83 100.85 -10.50
CA LYS L 469 21.83 101.36 -11.88
C LYS L 469 23.23 101.68 -12.35
N ARG L 470 23.98 102.46 -11.57
CA ARG L 470 25.31 102.88 -11.97
C ARG L 470 26.25 101.68 -12.12
N LEU L 471 26.32 100.85 -11.08
CA LEU L 471 27.27 99.74 -11.09
C LEU L 471 26.92 98.72 -12.16
N GLY L 472 25.63 98.43 -12.33
CA GLY L 472 25.24 97.51 -13.39
C GLY L 472 25.51 98.07 -14.77
N GLN L 473 25.43 99.40 -14.93
CA GLN L 473 25.81 99.99 -16.21
C GLN L 473 27.30 99.77 -16.48
N GLN L 474 28.14 99.94 -15.45
CA GLN L 474 29.56 99.66 -15.66
C GLN L 474 29.78 98.19 -16.03
N LEU L 475 29.11 97.28 -15.33
CA LEU L 475 29.26 95.87 -15.63
C LEU L 475 28.75 95.53 -17.02
N ILE L 476 27.68 96.19 -17.46
CA ILE L 476 27.17 95.99 -18.80
C ILE L 476 28.21 96.42 -19.82
N ASP L 477 28.84 97.57 -19.59
CA ASP L 477 29.87 98.04 -20.52
C ASP L 477 31.04 97.05 -20.58
N ASN L 478 31.44 96.52 -19.42
CA ASN L 478 32.51 95.53 -19.41
C ASN L 478 32.13 94.27 -20.19
N CYS L 479 30.90 93.79 -19.98
CA CYS L 479 30.45 92.59 -20.68
C CYS L 479 30.36 92.83 -22.17
N LYS L 480 29.89 94.01 -22.60
CA LYS L 480 29.89 94.34 -24.02
C LYS L 480 31.32 94.33 -24.58
N GLN L 481 32.27 94.88 -23.83
CA GLN L 481 33.64 94.97 -24.37
C GLN L 481 34.28 93.59 -24.47
N VAL L 482 33.94 92.68 -23.55
CA VAL L 482 34.52 91.33 -23.55
C VAL L 482 33.55 90.33 -24.19
N LEU L 483 32.55 90.83 -24.92
CA LEU L 483 31.53 89.95 -25.47
C LEU L 483 32.13 88.93 -26.44
N THR L 484 33.00 89.38 -27.34
CA THR L 484 33.63 88.50 -28.32
C THR L 484 34.93 87.87 -27.83
N GLU L 485 35.42 88.27 -26.66
CA GLU L 485 36.68 87.75 -26.14
C GLU L 485 36.48 86.39 -25.49
N ASP L 486 37.58 85.66 -25.37
CA ASP L 486 37.53 84.31 -24.81
C ASP L 486 37.48 84.40 -23.28
N PRO L 487 36.60 83.64 -22.61
CA PRO L 487 36.56 83.71 -21.14
C PRO L 487 37.89 83.34 -20.51
N VAL L 488 38.21 84.01 -19.41
CA VAL L 488 39.50 83.87 -18.73
C VAL L 488 39.25 83.57 -17.26
N TYR L 489 40.20 82.86 -16.67
CA TYR L 489 40.24 82.65 -15.22
C TYR L 489 41.11 83.72 -14.61
N LYS L 490 40.53 84.55 -13.74
CA LYS L 490 41.25 85.62 -13.08
C LYS L 490 40.78 85.64 -11.63
N ASP L 491 41.63 85.14 -10.73
CA ASP L 491 41.34 85.15 -9.31
C ASP L 491 41.70 86.52 -8.73
N VAL L 492 40.73 87.16 -8.10
CA VAL L 492 40.90 88.46 -7.48
C VAL L 492 40.77 88.37 -5.96
N SER L 493 40.91 87.18 -5.40
CA SER L 493 40.78 87.01 -3.96
C SER L 493 41.93 87.72 -3.25
N ARG L 494 41.67 88.13 -2.02
CA ARG L 494 42.71 88.78 -1.22
C ARG L 494 43.67 87.73 -0.67
N ILE L 495 44.96 87.95 -0.93
CA ILE L 495 45.99 86.99 -0.55
C ILE L 495 46.07 86.91 0.97
N THR L 496 46.17 85.70 1.50
CA THR L 496 46.20 85.46 2.93
C THR L 496 47.41 84.62 3.31
N GLY L 497 47.84 84.78 4.57
CA GLY L 497 48.92 84.02 5.12
C GLY L 497 48.55 83.42 6.46
N PRO L 498 49.41 82.56 7.00
CA PRO L 498 49.10 81.94 8.29
C PRO L 498 49.43 82.84 9.47
N LYS L 499 48.53 82.85 10.44
CA LYS L 499 48.76 83.54 11.71
C LYS L 499 48.34 82.60 12.83
N THR L 500 49.30 82.16 13.62
CA THR L 500 49.03 81.39 14.83
C THR L 500 49.18 82.30 16.04
N LYS L 501 48.19 82.26 16.93
CA LYS L 501 48.19 83.04 18.15
C LYS L 501 47.78 82.15 19.30
N VAL L 502 48.42 82.36 20.46
CA VAL L 502 48.12 81.62 21.68
C VAL L 502 47.36 82.56 22.60
N SER L 503 46.14 82.18 22.96
CA SER L 503 45.35 82.98 23.87
C SER L 503 45.90 82.89 25.29
N ALA L 504 45.43 83.80 26.15
CA ALA L 504 45.83 83.76 27.54
C ALA L 504 45.48 82.44 28.21
N LYS L 505 44.39 81.80 27.79
CA LYS L 505 43.99 80.49 28.29
C LYS L 505 44.83 79.35 27.72
N GLY L 506 45.83 79.66 26.89
CA GLY L 506 46.65 78.62 26.31
C GLY L 506 46.04 77.91 25.13
N ASN L 507 44.94 78.43 24.58
CA ASN L 507 44.30 77.82 23.42
C ASN L 507 45.05 78.22 22.16
N ILE L 508 45.31 77.23 21.30
CA ILE L 508 46.03 77.47 20.06
C ILE L 508 45.01 77.77 18.97
N GLU L 509 45.05 78.99 18.44
CA GLU L 509 44.13 79.44 17.41
C GLU L 509 44.92 79.78 16.15
N TYR L 510 44.51 79.19 15.03
CA TYR L 510 45.09 79.46 13.72
C TYR L 510 44.11 80.30 12.92
N GLU L 511 44.59 81.43 12.39
CA GLU L 511 43.78 82.31 11.57
C GLU L 511 44.52 82.63 10.29
N GLU L 512 43.83 82.51 9.17
CA GLU L 512 44.37 82.86 7.85
C GLU L 512 44.12 84.35 7.64
N THR L 513 45.07 85.17 8.09
CA THR L 513 44.91 86.61 7.98
C THR L 513 45.34 87.06 6.59
N GLN L 514 44.97 88.28 6.24
CA GLN L 514 45.34 88.85 4.95
C GLN L 514 46.71 89.49 5.04
N LYS L 515 47.58 89.18 4.07
CA LYS L 515 48.94 89.69 4.09
C LYS L 515 48.93 91.20 3.85
N ASP L 516 49.70 91.92 4.66
CA ASP L 516 49.74 93.38 4.54
C ASP L 516 50.37 93.81 3.23
N SER L 517 51.54 93.27 2.90
CA SER L 517 52.29 93.71 1.73
C SER L 517 51.77 93.11 0.43
N VAL L 518 51.01 92.01 0.47
CA VAL L 518 50.52 91.33 -0.71
C VAL L 518 49.00 91.44 -0.71
N ARG L 519 48.45 92.08 -1.74
CA ARG L 519 47.04 92.39 -1.86
C ARG L 519 46.37 91.71 -3.04
N LYS L 520 47.10 91.51 -4.13
CA LYS L 520 46.59 90.88 -5.35
C LYS L 520 47.48 89.71 -5.73
N PHE L 521 47.04 88.97 -6.76
CA PHE L 521 47.89 87.91 -7.29
C PHE L 521 49.06 88.48 -8.09
N GLU L 522 48.95 89.71 -8.59
CA GLU L 522 50.11 90.37 -9.18
C GLU L 522 51.22 90.54 -8.16
N GLN L 523 50.88 91.02 -6.96
CA GLN L 523 51.88 91.16 -5.92
C GLN L 523 52.30 89.81 -5.37
N TYR L 524 51.41 88.82 -5.39
CA TYR L 524 51.82 87.45 -5.08
C TYR L 524 52.92 86.99 -6.03
N VAL L 525 52.75 87.25 -7.32
CA VAL L 525 53.76 86.83 -8.30
C VAL L 525 55.05 87.61 -8.11
N TYR L 526 54.94 88.89 -7.75
CA TYR L 526 56.14 89.66 -7.43
C TYR L 526 56.88 89.05 -6.24
N GLU L 527 56.13 88.64 -5.21
CA GLU L 527 56.73 87.97 -4.05
C GLU L 527 57.40 86.67 -4.47
N MET L 528 56.75 85.91 -5.35
CA MET L 528 57.34 84.67 -5.84
C MET L 528 58.66 84.94 -6.56
N ALA L 529 58.68 85.96 -7.40
CA ALA L 529 59.90 86.29 -8.14
C ALA L 529 61.01 86.74 -7.19
N GLN L 530 60.67 87.49 -6.15
CA GLN L 530 61.68 87.94 -5.21
C GLN L 530 62.19 86.80 -4.34
N GLY L 531 61.35 85.80 -4.09
CA GLY L 531 61.81 84.69 -3.27
C GLY L 531 61.94 85.09 -1.81
N GLY L 532 63.02 84.61 -1.18
CA GLY L 532 63.28 84.90 0.21
C GLY L 532 64.77 84.89 0.50
N ALA L 533 65.10 85.21 1.75
CA ALA L 533 66.50 85.26 2.16
C ALA L 533 67.15 83.89 2.05
N MET L 534 66.43 82.84 2.45
CA MET L 534 66.99 81.50 2.44
C MET L 534 67.11 80.91 1.04
N THR L 535 66.55 81.56 0.03
CA THR L 535 66.64 81.10 -1.35
C THR L 535 67.84 81.66 -2.09
N LYS L 536 68.70 82.44 -1.44
CA LYS L 536 69.87 83.02 -2.07
C LYS L 536 70.91 81.94 -2.36
N PRO L 629 58.31 93.06 -17.18
CA PRO L 629 57.92 91.74 -16.65
C PRO L 629 58.54 91.45 -15.28
N VAL L 630 57.86 90.61 -14.49
CA VAL L 630 58.35 90.27 -13.17
C VAL L 630 59.65 89.49 -13.23
N SER L 631 59.93 88.84 -14.36
CA SER L 631 61.18 88.11 -14.51
C SER L 631 62.38 89.04 -14.38
N SER L 632 62.31 90.22 -14.99
CA SER L 632 63.35 91.21 -14.80
C SER L 632 63.48 91.62 -13.34
N THR L 633 62.39 91.54 -12.58
CA THR L 633 62.43 91.89 -11.16
C THR L 633 62.85 90.72 -10.28
N ILE L 634 63.02 89.52 -10.84
CA ILE L 634 63.64 88.43 -10.08
C ILE L 634 65.02 88.91 -9.63
N PRO L 635 65.32 88.86 -8.33
CA PRO L 635 66.64 89.31 -7.87
C PRO L 635 67.75 88.42 -8.39
N SER L 636 68.94 88.99 -8.56
CA SER L 636 70.08 88.23 -9.05
C SER L 636 70.58 87.27 -7.97
N GLN L 637 70.91 86.06 -8.39
CA GLN L 637 71.48 84.99 -7.58
C GLN L 637 70.46 84.36 -6.63
N THR L 638 69.22 84.82 -6.61
CA THR L 638 68.18 84.25 -5.75
C THR L 638 67.26 83.38 -6.60
N ILE L 639 66.92 82.20 -6.09
CA ILE L 639 66.01 81.29 -6.75
C ILE L 639 64.59 81.69 -6.38
N PRO L 640 63.68 81.92 -7.33
CA PRO L 640 62.30 82.28 -6.94
C PRO L 640 61.61 81.15 -6.21
N PHE L 641 60.57 81.51 -5.47
CA PHE L 641 59.82 80.51 -4.70
C PHE L 641 59.19 79.48 -5.63
N LEU L 642 58.63 79.92 -6.74
CA LEU L 642 58.13 79.05 -7.80
C LEU L 642 59.10 79.12 -8.97
N HIS L 643 59.54 77.97 -9.46
CA HIS L 643 60.52 78.00 -10.54
C HIS L 643 60.50 76.69 -11.31
N ILE L 644 60.82 76.79 -12.59
CA ILE L 644 60.93 75.63 -13.47
C ILE L 644 62.37 75.15 -13.44
N GLN L 645 62.56 73.83 -13.29
CA GLN L 645 63.86 73.21 -13.27
C GLN L 645 64.13 72.53 -14.60
N LYS L 646 65.40 72.52 -15.00
CA LYS L 646 65.88 71.80 -16.18
C LYS L 646 66.67 70.58 -15.75
N LYS L 647 66.73 69.60 -16.64
CA LYS L 647 67.49 68.38 -16.40
C LYS L 647 68.88 68.52 -16.99
N THR L 648 69.89 68.17 -16.19
CA THR L 648 71.29 68.21 -16.56
C THR L 648 71.95 66.92 -16.06
N LYS L 649 73.24 66.77 -16.38
CA LYS L 649 73.96 65.56 -16.00
C LYS L 649 73.96 65.36 -14.48
N ASP L 650 74.04 66.46 -13.73
CA ASP L 650 74.01 66.39 -12.27
C ASP L 650 72.61 66.14 -11.70
N GLY L 651 71.56 66.39 -12.49
CA GLY L 651 70.20 66.21 -12.01
C GLY L 651 69.31 67.38 -12.38
N TRP L 652 68.22 67.58 -11.64
CA TRP L 652 67.33 68.71 -11.89
C TRP L 652 67.85 69.93 -11.15
N GLU L 653 68.01 71.04 -11.88
CA GLU L 653 68.50 72.28 -11.28
C GLU L 653 67.68 73.46 -11.79
N TYR L 654 67.61 74.49 -10.96
CA TYR L 654 66.85 75.69 -11.28
C TYR L 654 67.34 76.31 -12.60
N ASN L 655 66.40 76.68 -13.46
CA ASN L 655 66.70 77.27 -14.75
C ASN L 655 66.10 78.67 -14.83
N LYS L 656 66.97 79.67 -14.98
CA LYS L 656 66.51 81.06 -15.02
C LYS L 656 65.56 81.29 -16.19
N LYS L 657 65.87 80.72 -17.36
CA LYS L 657 65.05 80.97 -18.55
C LYS L 657 63.64 80.40 -18.39
N LEU L 658 63.55 79.13 -18.02
CA LEU L 658 62.23 78.51 -17.89
C LEU L 658 61.45 79.12 -16.73
N SER L 659 62.14 79.44 -15.62
CA SER L 659 61.45 80.13 -14.53
C SER L 659 60.97 81.51 -14.96
N SER L 660 61.76 82.22 -15.76
CA SER L 660 61.31 83.48 -16.34
C SER L 660 60.03 83.29 -17.13
N LEU L 661 60.00 82.29 -18.01
CA LEU L 661 58.82 82.07 -18.84
C LEU L 661 57.60 81.76 -17.97
N TYR L 662 57.78 80.89 -16.97
CA TYR L 662 56.67 80.52 -16.10
C TYR L 662 56.16 81.72 -15.31
N LEU L 663 57.08 82.52 -14.76
CA LEU L 663 56.68 83.66 -13.95
C LEU L 663 55.99 84.73 -14.78
N ASP L 664 56.47 84.94 -16.02
CA ASP L 664 55.79 85.88 -16.91
C ASP L 664 54.38 85.39 -17.24
N GLY L 665 54.24 84.08 -17.49
CA GLY L 665 52.91 83.53 -17.69
C GLY L 665 52.01 83.75 -16.49
N LEU L 666 52.55 83.56 -15.28
CA LEU L 666 51.77 83.79 -14.08
C LEU L 666 51.37 85.25 -13.93
N GLU L 667 52.29 86.16 -14.25
CA GLU L 667 51.98 87.58 -14.19
C GLU L 667 50.86 87.92 -15.17
N SER L 668 50.93 87.39 -16.39
CA SER L 668 49.87 87.62 -17.36
C SER L 668 48.54 87.03 -16.88
N ALA L 669 48.58 85.85 -16.27
CA ALA L 669 47.36 85.26 -15.75
C ALA L 669 46.77 86.11 -14.63
N ALA L 670 47.63 86.69 -13.80
CA ALA L 670 47.14 87.54 -12.71
C ALA L 670 46.51 88.82 -13.24
N ILE L 671 47.16 89.45 -14.21
CA ILE L 671 46.68 90.74 -14.70
C ILE L 671 45.50 90.57 -15.65
N ASN L 672 45.73 89.89 -16.78
CA ASN L 672 44.73 89.77 -17.83
C ASN L 672 43.85 88.52 -17.69
N GLY L 673 44.27 87.54 -16.90
CA GLY L 673 43.55 86.29 -16.79
C GLY L 673 44.12 85.21 -17.71
N LEU L 674 43.80 83.96 -17.38
CA LEU L 674 44.24 82.81 -18.12
C LEU L 674 43.03 82.06 -18.68
N THR L 675 43.09 81.72 -19.96
CA THR L 675 41.99 81.08 -20.66
C THR L 675 42.30 79.60 -20.88
N PHE L 676 41.24 78.79 -20.90
CA PHE L 676 41.35 77.35 -21.11
C PHE L 676 40.30 76.87 -22.11
N LYS L 677 39.87 77.74 -23.02
CA LYS L 677 38.83 77.37 -23.95
C LYS L 677 39.29 76.25 -24.88
N ASP L 678 38.36 75.35 -25.19
CA ASP L 678 38.62 74.20 -26.04
C ASP L 678 39.70 73.30 -25.43
N LYS L 679 39.83 73.33 -24.10
CA LYS L 679 40.77 72.49 -23.37
C LYS L 679 39.99 71.42 -22.63
N TYR L 680 40.25 70.16 -22.99
CA TYR L 680 39.61 69.01 -22.36
C TYR L 680 40.53 68.48 -21.28
N VAL L 681 40.02 68.44 -20.05
CA VAL L 681 40.83 68.11 -18.88
C VAL L 681 40.17 66.97 -18.13
N LEU L 682 40.98 66.05 -17.62
CA LEU L 682 40.55 65.07 -16.64
C LEU L 682 41.18 65.47 -15.31
N VAL L 683 40.38 65.43 -14.24
CA VAL L 683 40.84 65.76 -12.90
C VAL L 683 40.36 64.69 -11.94
N THR L 684 41.28 64.17 -11.12
CA THR L 684 40.98 63.18 -10.10
C THR L 684 41.41 63.72 -8.74
N GLY L 685 40.69 63.30 -7.71
CA GLY L 685 40.97 63.76 -6.36
C GLY L 685 40.56 65.19 -6.11
N ALA L 686 39.60 65.72 -6.85
CA ALA L 686 39.14 67.09 -6.67
C ALA L 686 37.92 67.15 -5.76
N GLY L 687 38.10 66.66 -4.55
CA GLY L 687 37.03 66.74 -3.56
C GLY L 687 36.86 68.15 -3.05
N ALA L 688 35.74 68.37 -2.35
CA ALA L 688 35.44 69.69 -1.82
C ALA L 688 36.51 70.12 -0.83
N GLY L 689 36.83 71.41 -0.84
CA GLY L 689 37.88 71.92 0.02
C GLY L 689 39.24 71.33 -0.25
N SER L 690 39.61 71.20 -1.52
CA SER L 690 40.87 70.59 -1.92
C SER L 690 41.48 71.34 -3.09
N ILE L 691 42.77 71.07 -3.30
CA ILE L 691 43.49 71.72 -4.39
C ILE L 691 42.88 71.35 -5.72
N GLY L 692 42.49 70.08 -5.89
CA GLY L 692 41.83 69.68 -7.12
C GLY L 692 40.56 70.46 -7.37
N ALA L 693 39.80 70.73 -6.30
CA ALA L 693 38.60 71.56 -6.45
C ALA L 693 38.95 72.98 -6.87
N GLU L 694 40.04 73.53 -6.33
CA GLU L 694 40.42 74.88 -6.71
C GLU L 694 40.90 74.95 -8.16
N ILE L 695 41.69 73.96 -8.60
CA ILE L 695 42.06 73.89 -10.01
C ILE L 695 40.81 73.71 -10.87
N LEU L 696 39.82 72.98 -10.36
CA LEU L 696 38.59 72.80 -11.11
C LEU L 696 37.86 74.11 -11.30
N GLN L 697 37.78 74.92 -10.23
CA GLN L 697 37.19 76.25 -10.37
C GLN L 697 37.93 77.07 -11.39
N GLY L 698 39.27 77.07 -11.33
CA GLY L 698 40.04 77.83 -12.29
C GLY L 698 39.82 77.36 -13.72
N LEU L 699 39.77 76.04 -13.93
CA LEU L 699 39.58 75.51 -15.26
C LEU L 699 38.22 75.91 -15.84
N ILE L 700 37.15 75.68 -15.08
CA ILE L 700 35.82 75.99 -15.61
C ILE L 700 35.64 77.50 -15.75
N SER L 701 36.32 78.29 -14.91
CA SER L 701 36.30 79.74 -15.10
C SER L 701 36.97 80.12 -16.41
N GLY L 702 38.13 79.55 -16.71
CA GLY L 702 38.81 79.83 -17.94
C GLY L 702 38.11 79.30 -19.17
N GLY L 703 37.19 78.35 -19.01
CA GLY L 703 36.40 77.84 -20.11
C GLY L 703 36.66 76.39 -20.46
N ALA L 704 37.33 75.65 -19.58
CA ALA L 704 37.70 74.28 -19.89
C ALA L 704 36.49 73.35 -19.82
N LYS L 705 36.60 72.23 -20.51
CA LYS L 705 35.64 71.14 -20.41
C LYS L 705 36.31 70.06 -19.58
N VAL L 706 35.88 69.91 -18.33
CA VAL L 706 36.55 69.10 -17.34
C VAL L 706 35.70 67.91 -16.99
N ILE L 707 36.33 66.75 -16.87
CA ILE L 707 35.74 65.56 -16.26
C ILE L 707 36.34 65.47 -14.86
N VAL L 708 35.52 65.73 -13.85
CA VAL L 708 35.93 65.59 -12.46
C VAL L 708 35.46 64.23 -11.98
N THR L 709 36.37 63.49 -11.37
CA THR L 709 36.10 62.15 -10.86
C THR L 709 36.03 62.19 -9.35
N THR L 710 35.01 61.56 -8.78
CA THR L 710 34.79 61.53 -7.34
C THR L 710 34.63 60.09 -6.86
N SER L 711 35.17 59.81 -5.68
CA SER L 711 35.03 58.50 -5.06
C SER L 711 33.95 58.46 -3.98
N ARG L 712 33.20 59.53 -3.80
CA ARG L 712 32.14 59.62 -2.80
C ARG L 712 30.87 60.19 -3.43
N PHE L 713 30.49 59.64 -4.57
CA PHE L 713 29.33 60.16 -5.30
C PHE L 713 28.09 60.13 -4.43
N SER L 714 27.40 61.26 -4.39
CA SER L 714 26.22 61.42 -3.54
C SER L 714 25.58 62.76 -3.89
N LYS L 715 24.42 63.01 -3.29
CA LYS L 715 23.70 64.25 -3.54
C LYS L 715 24.54 65.46 -3.14
N LYS L 716 25.21 65.37 -1.98
CA LYS L 716 25.98 66.51 -1.50
C LYS L 716 27.17 66.80 -2.42
N VAL L 717 27.86 65.76 -2.87
CA VAL L 717 29.00 65.95 -3.77
C VAL L 717 28.54 66.55 -5.09
N THR L 718 27.47 65.98 -5.66
CA THR L 718 27.00 66.48 -6.95
C THR L 718 26.46 67.89 -6.83
N GLU L 719 25.88 68.25 -5.68
CA GLU L 719 25.39 69.61 -5.51
C GLU L 719 26.52 70.59 -5.28
N TYR L 720 27.59 70.14 -4.62
CA TYR L 720 28.78 70.99 -4.52
C TYR L 720 29.34 71.30 -5.90
N TYR L 721 29.46 70.27 -6.74
CA TYR L 721 29.98 70.50 -8.09
C TYR L 721 29.01 71.32 -8.94
N GLN L 722 27.70 71.12 -8.75
CA GLN L 722 26.72 71.90 -9.49
C GLN L 722 26.79 73.36 -9.11
N ASN L 723 26.91 73.65 -7.81
CA ASN L 723 27.06 75.04 -7.37
C ASN L 723 28.37 75.63 -7.89
N MET L 724 29.43 74.82 -7.93
CA MET L 724 30.69 75.30 -8.46
C MET L 724 30.54 75.70 -9.92
N TYR L 725 29.86 74.88 -10.73
CA TYR L 725 29.65 75.23 -12.12
C TYR L 725 28.71 76.43 -12.26
N ALA L 726 27.71 76.52 -11.38
CA ALA L 726 26.75 77.61 -11.49
C ALA L 726 27.38 78.96 -11.13
N ARG L 727 28.40 78.94 -10.28
CA ARG L 727 29.06 80.18 -9.88
C ARG L 727 30.26 80.53 -10.76
N TYR L 728 30.94 79.53 -11.32
CA TYR L 728 32.20 79.75 -12.02
C TYR L 728 32.23 79.25 -13.46
N GLY L 729 31.32 78.36 -13.84
CA GLY L 729 31.35 77.79 -15.18
C GLY L 729 31.19 78.80 -16.28
N ALA L 730 32.27 79.07 -17.01
CA ALA L 730 32.28 80.09 -18.04
C ALA L 730 31.68 79.55 -19.34
N ALA L 731 31.47 80.45 -20.28
CA ALA L 731 30.85 80.08 -21.56
C ALA L 731 31.69 79.04 -22.28
N GLY L 732 31.03 77.97 -22.70
CA GLY L 732 31.71 76.85 -23.31
C GLY L 732 32.23 75.81 -22.35
N SER L 733 32.32 76.13 -21.06
CA SER L 733 32.78 75.18 -20.07
C SER L 733 31.70 74.17 -19.76
N THR L 734 32.11 72.91 -19.59
CA THR L 734 31.21 71.85 -19.17
C THR L 734 31.90 71.01 -18.12
N LEU L 735 31.23 70.79 -16.99
CA LEU L 735 31.75 70.00 -15.88
C LEU L 735 31.02 68.69 -15.80
N ILE L 736 31.73 67.58 -15.97
CA ILE L 736 31.15 66.24 -15.92
C ILE L 736 31.65 65.56 -14.65
N VAL L 737 30.76 65.43 -13.67
CA VAL L 737 31.05 64.72 -12.43
C VAL L 737 30.75 63.25 -12.67
N VAL L 738 31.73 62.39 -12.42
CA VAL L 738 31.50 60.95 -12.56
C VAL L 738 31.96 60.23 -11.29
N PRO L 739 31.27 59.18 -10.85
CA PRO L 739 31.87 58.30 -9.86
C PRO L 739 33.04 57.56 -10.48
N PHE L 740 34.06 57.32 -9.67
CA PHE L 740 35.28 56.75 -10.21
C PHE L 740 36.16 56.32 -9.06
N ASN L 741 36.63 55.08 -9.10
CA ASN L 741 37.56 54.54 -8.14
C ASN L 741 38.90 54.39 -8.85
N GLN L 742 39.84 55.30 -8.58
CA GLN L 742 41.16 55.16 -9.15
C GLN L 742 41.88 53.95 -8.58
N GLY L 743 41.41 53.40 -7.46
CA GLY L 743 41.99 52.22 -6.88
C GLY L 743 41.61 50.92 -7.53
N SER L 744 40.92 50.99 -8.67
CA SER L 744 40.54 49.81 -9.44
C SER L 744 40.92 50.01 -10.90
N LYS L 745 41.51 48.98 -11.52
CA LYS L 745 41.88 49.05 -12.92
C LYS L 745 40.65 49.15 -13.80
N GLN L 746 39.55 48.50 -13.39
CA GLN L 746 38.36 48.46 -14.22
C GLN L 746 37.75 49.83 -14.38
N ASP L 747 37.71 50.63 -13.31
CA ASP L 747 37.16 51.97 -13.44
C ASP L 747 38.07 52.86 -14.27
N VAL L 748 39.39 52.67 -14.19
CA VAL L 748 40.29 53.43 -15.03
C VAL L 748 40.01 53.14 -16.50
N ASP L 749 39.94 51.85 -16.85
CA ASP L 749 39.67 51.48 -18.24
C ASP L 749 38.30 51.98 -18.68
N ALA L 750 37.28 51.79 -17.84
CA ALA L 750 35.94 52.21 -18.20
C ALA L 750 35.83 53.72 -18.31
N LEU L 751 36.58 54.46 -17.48
CA LEU L 751 36.52 55.91 -17.52
C LEU L 751 37.16 56.44 -18.79
N VAL L 752 38.33 55.92 -19.15
CA VAL L 752 38.96 56.40 -20.37
C VAL L 752 38.13 56.01 -21.58
N GLN L 753 37.52 54.81 -21.54
CA GLN L 753 36.64 54.40 -22.62
C GLN L 753 35.41 55.31 -22.70
N TYR L 754 34.88 55.73 -21.55
CA TYR L 754 33.72 56.60 -21.55
C TYR L 754 34.07 58.00 -22.02
N ILE L 755 35.28 58.47 -21.71
CA ILE L 755 35.70 59.80 -22.12
C ILE L 755 35.93 59.84 -23.63
N TYR L 756 36.54 58.78 -24.18
CA TYR L 756 36.97 58.81 -25.56
C TYR L 756 35.97 58.18 -26.52
N ASP L 757 35.03 57.38 -26.03
CA ASP L 757 34.02 56.81 -26.92
C ASP L 757 33.12 57.90 -27.43
N GLU L 758 32.53 57.66 -28.60
CA GLU L 758 31.70 58.67 -29.22
C GLU L 758 30.37 58.77 -28.47
N PRO L 759 29.66 59.89 -28.61
CA PRO L 759 28.36 60.01 -27.93
C PRO L 759 27.37 58.92 -28.31
N LYS L 760 27.39 58.43 -29.55
CA LYS L 760 26.43 57.41 -29.94
C LYS L 760 26.64 56.09 -29.20
N LYS L 761 27.84 55.84 -28.69
CA LYS L 761 28.12 54.66 -27.87
C LYS L 761 28.04 54.95 -26.38
N GLY L 762 27.44 56.08 -25.99
CA GLY L 762 27.31 56.43 -24.59
C GLY L 762 28.48 57.16 -24.00
N GLY L 763 29.58 57.31 -24.73
CA GLY L 763 30.74 58.03 -24.26
C GLY L 763 30.58 59.53 -24.41
N LEU L 764 31.73 60.21 -24.40
CA LEU L 764 31.77 61.65 -24.60
C LEU L 764 32.41 62.07 -25.92
N GLY L 765 33.27 61.23 -26.49
CA GLY L 765 33.93 61.58 -27.73
C GLY L 765 34.86 62.78 -27.58
N TRP L 766 35.58 62.84 -26.47
CA TRP L 766 36.50 63.93 -26.17
C TRP L 766 37.93 63.42 -26.23
N ASP L 767 38.85 64.34 -26.49
CA ASP L 767 40.28 64.05 -26.49
C ASP L 767 40.93 64.94 -25.44
N LEU L 768 41.45 64.33 -24.38
CA LEU L 768 41.93 65.09 -23.23
C LEU L 768 43.16 65.91 -23.59
N ASP L 769 43.08 67.20 -23.32
CA ASP L 769 44.23 68.10 -23.45
C ASP L 769 45.06 68.19 -22.18
N ALA L 770 44.55 67.72 -21.05
CA ALA L 770 45.33 67.70 -19.82
C ALA L 770 44.78 66.64 -18.89
N ILE L 771 45.66 66.10 -18.04
CA ILE L 771 45.31 65.14 -17.01
C ILE L 771 45.90 65.63 -15.70
N ILE L 772 45.10 65.60 -14.65
CA ILE L 772 45.48 66.07 -13.31
C ILE L 772 45.08 64.97 -12.34
N PRO L 773 45.85 63.89 -12.24
CA PRO L 773 45.51 62.80 -11.31
C PRO L 773 46.03 63.04 -9.90
N PHE L 774 45.31 63.90 -9.16
CA PHE L 774 45.65 64.25 -7.79
C PHE L 774 45.00 63.31 -6.79
N ALA L 775 44.62 62.12 -7.21
CA ALA L 775 43.89 61.19 -6.34
C ALA L 775 44.82 60.61 -5.30
N ALA L 776 44.59 60.94 -4.04
CA ALA L 776 45.31 60.37 -2.92
C ALA L 776 44.30 60.00 -1.84
N ILE L 777 44.62 58.92 -1.11
CA ILE L 777 43.88 58.58 0.10
C ILE L 777 44.75 58.97 1.28
N PRO L 778 44.18 59.37 2.43
CA PRO L 778 45.03 59.75 3.57
C PRO L 778 45.49 58.50 4.32
N GLU L 779 46.80 58.27 4.31
CA GLU L 779 47.40 57.20 5.10
C GLU L 779 48.44 57.83 6.02
N ASN L 780 48.39 57.51 7.30
CA ASN L 780 49.27 58.11 8.29
C ASN L 780 49.53 57.12 9.41
N GLY L 781 50.68 57.29 10.06
CA GLY L 781 51.09 56.38 11.10
C GLY L 781 51.63 55.07 10.61
N ASN L 782 51.73 54.87 9.30
CA ASN L 782 52.22 53.63 8.71
C ASN L 782 53.69 53.80 8.37
N GLY L 783 54.56 53.18 9.17
CA GLY L 783 55.96 53.12 8.90
C GLY L 783 56.33 51.94 8.02
N LEU L 784 57.62 51.61 8.02
CA LEU L 784 58.07 50.45 7.28
C LEU L 784 57.54 49.16 7.88
N ASP L 785 57.39 49.11 9.20
CA ASP L 785 56.87 47.91 9.87
C ASP L 785 55.36 47.78 9.76
N ASN L 786 54.65 48.78 9.25
CA ASN L 786 53.19 48.74 9.14
C ASN L 786 52.75 49.20 7.76
N ILE L 787 53.41 48.70 6.72
CA ILE L 787 52.93 48.90 5.36
C ILE L 787 51.76 47.95 5.19
N ASP L 788 50.56 48.45 5.41
CA ASP L 788 49.37 47.63 5.57
C ASP L 788 48.55 47.63 4.27
N SER L 789 47.36 47.05 4.34
CA SER L 789 46.47 47.02 3.19
C SER L 789 46.12 48.43 2.74
N LYS L 790 45.95 49.35 3.70
CA LYS L 790 45.68 50.73 3.34
C LYS L 790 46.84 51.33 2.56
N SER L 791 48.07 51.06 2.99
CA SER L 791 49.23 51.59 2.27
C SER L 791 49.35 50.99 0.88
N GLU L 792 49.11 49.68 0.75
CA GLU L 792 49.19 49.05 -0.56
C GLU L 792 48.11 49.58 -1.50
N PHE L 793 46.88 49.73 -1.00
CA PHE L 793 45.80 50.27 -1.81
C PHE L 793 46.09 51.72 -2.20
N ALA L 794 46.63 52.49 -1.26
CA ALA L 794 47.00 53.87 -1.57
C ALA L 794 48.06 53.92 -2.65
N HIS L 795 49.06 53.04 -2.56
CA HIS L 795 50.10 53.03 -3.58
C HIS L 795 49.51 52.68 -4.94
N ARG L 796 48.57 51.72 -4.97
CA ARG L 796 47.88 51.44 -6.22
C ARG L 796 47.25 52.69 -6.79
N ILE L 797 46.44 53.40 -5.98
CA ILE L 797 45.77 54.61 -6.46
C ILE L 797 46.78 55.62 -6.97
N MET L 798 47.82 55.90 -6.19
CA MET L 798 48.67 57.06 -6.48
C MET L 798 49.68 56.77 -7.58
N LEU L 799 50.12 55.52 -7.73
CA LEU L 799 51.13 55.17 -8.71
C LEU L 799 50.62 54.22 -9.79
N THR L 800 50.12 53.05 -9.40
CA THR L 800 49.93 51.98 -10.39
C THR L 800 48.77 52.29 -11.30
N ASN L 801 47.60 52.55 -10.72
CA ASN L 801 46.45 52.92 -11.51
C ASN L 801 46.58 54.31 -12.10
N LEU L 802 47.42 55.18 -11.52
CA LEU L 802 47.71 56.45 -12.17
C LEU L 802 48.42 56.22 -13.50
N LEU L 803 49.49 55.42 -13.50
CA LEU L 803 50.18 55.11 -14.73
C LEU L 803 49.28 54.36 -15.70
N ARG L 804 48.39 53.50 -15.17
CA ARG L 804 47.46 52.82 -16.05
C ARG L 804 46.47 53.79 -16.69
N LEU L 805 46.04 54.81 -15.94
CA LEU L 805 45.17 55.83 -16.51
C LEU L 805 45.87 56.60 -17.62
N LEU L 806 47.13 56.98 -17.38
CA LEU L 806 47.89 57.66 -18.43
C LEU L 806 48.07 56.77 -19.65
N GLY L 807 48.40 55.50 -19.43
CA GLY L 807 48.58 54.59 -20.54
C GLY L 807 47.31 54.32 -21.30
N ALA L 808 46.17 54.28 -20.59
CA ALA L 808 44.89 54.10 -21.25
C ALA L 808 44.55 55.29 -22.11
N VAL L 809 44.80 56.50 -21.60
CA VAL L 809 44.59 57.69 -22.42
C VAL L 809 45.47 57.63 -23.66
N LYS L 810 46.72 57.22 -23.51
CA LYS L 810 47.59 57.07 -24.67
C LYS L 810 47.03 56.07 -25.67
N SER L 811 46.60 54.91 -25.17
CA SER L 811 46.10 53.86 -26.05
C SER L 811 44.86 54.32 -26.80
N LYS L 812 44.06 55.20 -26.20
CA LYS L 812 42.85 55.69 -26.85
C LYS L 812 43.06 57.02 -27.58
N LYS L 813 44.28 57.57 -27.58
CA LYS L 813 44.55 58.74 -28.40
C LYS L 813 44.81 58.32 -29.85
N PRO L 814 44.05 58.84 -30.84
CA PRO L 814 44.27 58.40 -32.22
C PRO L 814 45.34 59.19 -32.94
N THR L 815 45.53 60.45 -32.55
CA THR L 815 46.39 61.38 -33.25
C THR L 815 47.66 61.63 -32.46
N ASP L 816 48.71 62.05 -33.16
CA ASP L 816 49.97 62.45 -32.53
C ASP L 816 50.12 63.96 -32.45
N THR L 817 49.08 64.72 -32.77
CA THR L 817 49.15 66.18 -32.82
C THR L 817 48.35 66.87 -31.71
N ARG L 818 47.79 66.11 -30.76
CA ARG L 818 47.02 66.66 -29.65
C ARG L 818 47.41 65.93 -28.37
N PRO L 819 48.59 66.21 -27.83
CA PRO L 819 49.00 65.53 -26.61
C PRO L 819 48.21 65.99 -25.39
N ALA L 820 48.24 65.16 -24.36
CA ALA L 820 47.63 65.47 -23.07
C ALA L 820 48.72 65.81 -22.07
N GLN L 821 48.57 66.96 -21.42
CA GLN L 821 49.54 67.40 -20.42
C GLN L 821 49.18 66.79 -19.07
N CYS L 822 49.98 65.83 -18.62
CA CYS L 822 49.76 65.15 -17.35
C CYS L 822 50.41 65.97 -16.25
N ILE L 823 49.60 66.59 -15.40
CA ILE L 823 50.08 67.39 -14.28
C ILE L 823 50.26 66.42 -13.11
N LEU L 824 51.50 66.04 -12.86
CA LEU L 824 51.78 65.03 -11.85
C LEU L 824 52.01 65.70 -10.49
N PRO L 825 51.25 65.34 -9.44
CA PRO L 825 51.48 66.00 -8.13
C PRO L 825 52.70 65.46 -7.41
N LEU L 826 53.88 65.88 -7.86
CA LEU L 826 55.09 65.44 -7.20
C LEU L 826 55.21 66.09 -5.83
N SER L 827 55.96 65.43 -4.95
CA SER L 827 56.22 65.93 -3.62
C SER L 827 57.71 66.22 -3.46
N PRO L 828 58.09 67.25 -2.69
CA PRO L 828 59.52 67.47 -2.44
C PRO L 828 60.07 66.66 -1.28
N ASN L 829 59.21 65.97 -0.53
CA ASN L 829 59.59 65.28 0.69
C ASN L 829 59.44 63.78 0.45
N HIS L 830 60.51 63.16 -0.02
CA HIS L 830 60.52 61.71 -0.27
C HIS L 830 61.02 61.03 1.00
N GLY L 831 60.10 60.78 1.92
CA GLY L 831 60.43 60.13 3.16
C GLY L 831 61.09 61.02 4.20
N THR L 832 60.98 62.34 4.04
CA THR L 832 61.62 63.26 4.98
C THR L 832 60.88 63.28 6.32
N PHE L 833 59.56 63.09 6.27
CA PHE L 833 58.77 63.07 7.50
C PHE L 833 58.56 61.66 8.04
N GLY L 834 58.47 60.68 7.15
CA GLY L 834 58.28 59.30 7.56
C GLY L 834 56.89 59.05 8.11
N PHE L 835 56.61 57.78 8.36
CA PHE L 835 55.31 57.34 8.86
C PHE L 835 54.17 57.80 7.95
N ASP L 836 54.41 57.76 6.64
CA ASP L 836 53.43 58.14 5.64
C ASP L 836 53.04 56.96 4.75
N GLY L 837 53.32 55.74 5.17
CA GLY L 837 53.04 54.59 4.33
C GLY L 837 53.93 54.62 3.09
N LEU L 838 53.30 54.42 1.93
CA LEU L 838 54.01 54.38 0.65
C LEU L 838 53.84 55.67 -0.15
N TYR L 839 53.49 56.78 0.52
CA TYR L 839 53.27 58.04 -0.19
C TYR L 839 54.55 58.48 -0.90
N SER L 840 55.67 58.47 -0.19
CA SER L 840 56.93 58.89 -0.79
C SER L 840 57.33 57.97 -1.94
N GLU L 841 57.07 56.67 -1.78
CA GLU L 841 57.36 55.73 -2.85
C GLU L 841 56.56 56.05 -4.10
N SER L 842 55.26 56.31 -3.95
CA SER L 842 54.44 56.67 -5.09
C SER L 842 54.94 57.95 -5.75
N LYS L 843 55.20 58.97 -4.94
CA LYS L 843 55.55 60.27 -5.50
C LYS L 843 56.89 60.22 -6.23
N ILE L 844 57.86 59.48 -5.69
CA ILE L 844 59.15 59.42 -6.35
C ILE L 844 59.06 58.50 -7.57
N SER L 845 58.16 57.51 -7.54
CA SER L 845 57.96 56.67 -8.71
C SER L 845 57.35 57.46 -9.86
N LEU L 846 56.55 58.48 -9.55
CA LEU L 846 56.00 59.33 -10.61
C LEU L 846 57.09 60.08 -11.36
N GLU L 847 58.28 60.22 -10.79
CA GLU L 847 59.34 60.99 -11.44
C GLU L 847 60.00 60.21 -12.58
N THR L 848 59.71 58.92 -12.73
CA THR L 848 60.30 58.17 -13.83
C THR L 848 59.67 58.53 -15.17
N LEU L 849 58.47 59.13 -15.15
CA LEU L 849 57.81 59.52 -16.39
C LEU L 849 58.62 60.56 -17.14
N PHE L 850 59.42 61.36 -16.44
CA PHE L 850 60.25 62.35 -17.10
C PHE L 850 61.28 61.69 -18.02
N ASN L 851 61.90 60.61 -17.56
CA ASN L 851 62.82 59.88 -18.41
C ASN L 851 62.08 59.02 -19.42
N ARG L 852 60.98 58.39 -19.01
CA ARG L 852 60.25 57.50 -19.90
C ARG L 852 59.56 58.25 -21.03
N TRP L 853 59.42 59.57 -20.90
CA TRP L 853 58.89 60.37 -22.01
C TRP L 853 59.79 60.26 -23.23
N TYR L 854 61.11 60.26 -23.02
CA TYR L 854 62.05 60.09 -24.12
C TYR L 854 62.16 58.63 -24.57
N SER L 855 62.16 57.70 -23.61
CA SER L 855 62.54 56.33 -23.89
C SER L 855 61.41 55.46 -24.44
N GLU L 856 60.17 55.93 -24.39
CA GLU L 856 59.02 55.16 -24.86
C GLU L 856 58.31 55.93 -25.96
N ASP L 857 57.32 55.26 -26.56
CA ASP L 857 56.64 55.75 -27.75
C ASP L 857 55.42 56.61 -27.44
N TRP L 858 55.36 57.22 -26.25
CA TRP L 858 54.24 58.07 -25.88
C TRP L 858 54.65 59.51 -25.62
N GLY L 859 55.79 59.94 -26.15
CA GLY L 859 56.20 61.32 -25.99
C GLY L 859 55.26 62.29 -26.67
N SER L 860 54.77 61.92 -27.87
CA SER L 860 53.88 62.78 -28.63
C SER L 860 52.43 62.68 -28.18
N LYS L 861 52.10 61.70 -27.34
CA LYS L 861 50.73 61.50 -26.88
C LYS L 861 50.50 62.09 -25.50
N LEU L 862 51.48 61.97 -24.61
CA LEU L 862 51.42 62.54 -23.28
C LEU L 862 52.65 63.40 -23.07
N THR L 863 52.49 64.48 -22.31
CA THR L 863 53.57 65.39 -21.98
C THR L 863 53.57 65.60 -20.47
N VAL L 864 54.72 65.36 -19.85
CA VAL L 864 54.82 65.28 -18.40
C VAL L 864 55.10 66.67 -17.85
N CYS L 865 54.28 67.10 -16.88
CA CYS L 865 54.46 68.36 -16.16
C CYS L 865 54.38 68.02 -14.68
N GLY L 866 55.53 67.79 -14.05
CA GLY L 866 55.54 67.43 -12.66
C GLY L 866 55.58 68.64 -11.77
N ALA L 867 54.50 68.88 -11.03
CA ALA L 867 54.39 70.00 -10.11
C ALA L 867 54.78 69.50 -8.72
N VAL L 868 55.96 69.90 -8.26
CA VAL L 868 56.41 69.60 -6.90
C VAL L 868 55.66 70.57 -6.01
N ILE L 869 54.56 70.08 -5.41
CA ILE L 869 53.69 70.92 -4.59
C ILE L 869 54.30 71.08 -3.21
N GLY L 870 54.32 72.31 -2.72
CA GLY L 870 54.92 72.67 -1.45
C GLY L 870 53.92 72.66 -0.31
N TRP L 871 54.26 73.41 0.73
CA TRP L 871 53.43 73.51 1.93
C TRP L 871 52.11 74.18 1.58
N THR L 872 51.04 73.40 1.54
CA THR L 872 49.70 73.89 1.24
C THR L 872 48.91 73.92 2.54
N ARG L 873 48.26 75.04 2.81
CA ARG L 873 47.55 75.24 4.06
C ARG L 873 46.06 74.91 3.90
N GLY L 874 45.50 74.29 4.91
CA GLY L 874 44.13 73.83 4.90
C GLY L 874 43.95 72.41 4.40
N THR L 875 44.94 71.86 3.71
CA THR L 875 44.87 70.49 3.23
C THR L 875 45.12 69.51 4.38
N GLY L 876 44.57 68.31 4.23
CA GLY L 876 44.71 67.33 5.28
C GLY L 876 46.15 66.90 5.51
N LEU L 877 46.95 66.88 4.44
CA LEU L 877 48.33 66.41 4.56
C LEU L 877 49.14 67.32 5.48
N MET L 878 48.75 68.59 5.62
CA MET L 878 49.47 69.53 6.48
C MET L 878 48.51 70.35 7.36
N SER L 879 47.27 69.90 7.52
CA SER L 879 46.34 70.64 8.38
C SER L 879 46.82 70.68 9.82
N ALA L 880 47.54 69.65 10.25
CA ALA L 880 48.09 69.63 11.60
C ALA L 880 49.29 70.55 11.75
N ASN L 881 49.81 71.11 10.66
CA ASN L 881 51.00 71.96 10.68
C ASN L 881 50.68 73.41 10.32
N ASN L 882 49.39 73.76 10.20
CA ASN L 882 49.03 75.15 9.94
C ASN L 882 49.58 76.07 11.02
N ILE L 883 49.53 75.63 12.28
CA ILE L 883 50.01 76.44 13.38
C ILE L 883 51.50 76.74 13.27
N ILE L 884 52.29 75.82 12.71
CA ILE L 884 53.72 76.05 12.50
C ILE L 884 54.02 76.64 11.13
N ALA L 885 53.01 76.85 10.29
CA ALA L 885 53.25 77.49 9.00
C ALA L 885 53.90 78.86 9.15
N GLU L 886 53.44 79.66 10.13
CA GLU L 886 54.05 80.97 10.34
C GLU L 886 55.51 80.84 10.75
N GLY L 887 55.82 79.91 11.66
CA GLY L 887 57.21 79.72 12.05
C GLY L 887 58.07 79.29 10.89
N ILE L 888 57.52 78.44 10.01
CA ILE L 888 58.24 78.05 8.81
C ILE L 888 58.51 79.27 7.93
N GLU L 889 57.48 80.10 7.72
CA GLU L 889 57.62 81.29 6.89
C GLU L 889 58.56 82.32 7.48
N LYS L 890 58.79 82.31 8.79
CA LYS L 890 59.62 83.32 9.43
C LYS L 890 61.06 83.35 8.92
N LEU L 891 61.55 82.28 8.28
CA LEU L 891 62.91 82.25 7.75
C LEU L 891 63.01 82.75 6.32
N GLY L 892 62.00 83.44 5.82
CA GLY L 892 61.97 83.80 4.41
C GLY L 892 61.59 82.67 3.49
N VAL L 893 60.64 81.84 3.92
CA VAL L 893 60.12 80.74 3.11
C VAL L 893 58.63 80.99 2.92
N ARG L 894 58.09 80.45 1.83
CA ARG L 894 56.69 80.67 1.48
C ARG L 894 55.86 79.42 1.71
N THR L 895 54.76 79.60 2.42
CA THR L 895 53.72 78.60 2.53
C THR L 895 52.52 79.09 1.74
N PHE L 896 51.78 78.16 1.14
CA PHE L 896 50.75 78.46 0.18
C PHE L 896 49.37 78.11 0.73
N SER L 897 48.39 78.94 0.38
CA SER L 897 46.99 78.60 0.59
C SER L 897 46.50 77.80 -0.60
N GLN L 898 45.29 77.26 -0.49
CA GLN L 898 44.76 76.42 -1.57
C GLN L 898 44.58 77.23 -2.84
N LYS L 899 44.09 78.46 -2.74
CA LYS L 899 43.92 79.30 -3.91
C LYS L 899 45.26 79.61 -4.57
N GLU L 900 46.29 79.87 -3.76
CA GLU L 900 47.62 80.15 -4.32
C GLU L 900 48.19 78.93 -5.03
N MET L 901 48.07 77.75 -4.42
CA MET L 901 48.50 76.53 -5.09
C MET L 901 47.75 76.30 -6.40
N ALA L 902 46.44 76.53 -6.39
CA ALA L 902 45.67 76.36 -7.62
C ALA L 902 46.14 77.34 -8.68
N PHE L 903 46.39 78.58 -8.30
CA PHE L 903 46.90 79.58 -9.24
C PHE L 903 48.23 79.12 -9.83
N ASN L 904 49.13 78.62 -8.98
CA ASN L 904 50.43 78.20 -9.47
C ASN L 904 50.33 77.00 -10.42
N ILE L 905 49.50 76.03 -10.08
CA ILE L 905 49.38 74.84 -10.94
C ILE L 905 48.65 75.16 -12.22
N LEU L 906 47.70 76.11 -12.18
CA LEU L 906 47.05 76.57 -13.40
C LEU L 906 48.01 77.39 -14.25
N GLY L 907 49.04 77.96 -13.63
CA GLY L 907 50.11 78.57 -14.41
C GLY L 907 50.87 77.58 -15.27
N LEU L 908 50.79 76.29 -14.93
CA LEU L 908 51.44 75.27 -15.74
C LEU L 908 50.61 74.88 -16.97
N LEU L 909 49.40 75.42 -17.10
CA LEU L 909 48.56 75.17 -18.26
C LEU L 909 48.52 76.35 -19.21
N THR L 910 49.42 77.31 -19.09
CA THR L 910 49.46 78.40 -20.04
C THR L 910 49.97 77.86 -21.39
N PRO L 911 49.68 78.57 -22.49
CA PRO L 911 50.16 78.08 -23.79
C PRO L 911 51.67 77.92 -23.87
N GLU L 912 52.41 78.81 -23.19
CA GLU L 912 53.87 78.72 -23.25
C GLU L 912 54.37 77.47 -22.52
N ILE L 913 53.87 77.23 -21.32
CA ILE L 913 54.28 76.04 -20.58
C ILE L 913 53.74 74.79 -21.27
N VAL L 914 52.59 74.89 -21.94
CA VAL L 914 52.08 73.76 -22.70
C VAL L 914 53.04 73.39 -23.84
N GLN L 915 53.50 74.41 -24.58
CA GLN L 915 54.49 74.16 -25.62
C GLN L 915 55.78 73.60 -25.03
N LEU L 916 56.20 74.12 -23.88
CA LEU L 916 57.41 73.65 -23.25
C LEU L 916 57.30 72.18 -22.85
N CYS L 917 56.14 71.80 -22.30
CA CYS L 917 55.91 70.40 -21.97
C CYS L 917 55.92 69.52 -23.21
N GLN L 918 55.35 70.03 -24.30
CA GLN L 918 55.35 69.26 -25.55
C GLN L 918 56.77 69.09 -26.08
N GLU L 919 57.63 70.09 -25.87
CA GLU L 919 59.02 69.98 -26.29
C GLU L 919 59.78 68.99 -25.42
N GLU L 920 59.85 69.26 -24.12
CA GLU L 920 60.53 68.42 -23.15
C GLU L 920 59.70 68.36 -21.88
N PRO L 921 59.85 67.31 -21.07
CA PRO L 921 59.13 67.26 -19.79
C PRO L 921 59.50 68.43 -18.91
N VAL L 922 58.50 68.97 -18.21
CA VAL L 922 58.67 70.18 -17.40
C VAL L 922 58.53 69.82 -15.94
N MET L 923 59.60 69.99 -15.18
CA MET L 923 59.57 69.92 -13.72
C MET L 923 59.37 71.34 -13.22
N ALA L 924 58.23 71.58 -12.57
CA ALA L 924 57.97 72.86 -11.90
C ALA L 924 58.05 72.63 -10.40
N ASP L 925 58.98 73.31 -9.75
CA ASP L 925 59.12 73.26 -8.30
C ASP L 925 58.34 74.44 -7.72
N LEU L 926 57.17 74.15 -7.17
CA LEU L 926 56.35 75.13 -6.47
C LEU L 926 56.48 74.96 -4.96
N ASN L 927 57.65 74.52 -4.50
CA ASN L 927 57.83 74.19 -3.09
C ASN L 927 57.98 75.44 -2.23
N GLY L 928 58.19 76.61 -2.82
CA GLY L 928 58.32 77.81 -2.03
C GLY L 928 59.61 77.92 -1.26
N GLY L 929 60.67 77.24 -1.70
CA GLY L 929 61.96 77.34 -1.05
C GLY L 929 62.13 76.47 0.17
N LEU L 930 61.26 75.48 0.38
CA LEU L 930 61.40 74.62 1.55
C LEU L 930 62.52 73.61 1.40
N GLN L 931 63.07 73.46 0.20
CA GLN L 931 64.17 72.53 0.00
C GLN L 931 65.46 73.01 0.68
N PHE L 932 65.55 74.29 1.02
CA PHE L 932 66.76 74.85 1.61
C PHE L 932 66.81 74.72 3.13
N ILE L 933 65.73 74.27 3.77
CA ILE L 933 65.76 74.04 5.21
C ILE L 933 66.48 72.73 5.46
N ASP L 934 67.58 72.79 6.21
CA ASP L 934 68.27 71.58 6.63
C ASP L 934 67.48 70.92 7.76
N ASN L 935 67.18 69.63 7.60
CA ASN L 935 66.40 68.88 8.59
C ASN L 935 65.02 69.53 8.78
N LEU L 936 64.23 69.48 7.70
CA LEU L 936 62.90 70.08 7.74
C LEU L 936 62.02 69.40 8.78
N LYS L 937 62.10 68.07 8.88
CA LYS L 937 61.28 67.37 9.87
C LYS L 937 61.64 67.80 11.28
N ASP L 938 62.94 67.82 11.60
CA ASP L 938 63.37 68.24 12.93
C ASP L 938 62.99 69.68 13.21
N PHE L 939 63.12 70.56 12.21
CA PHE L 939 62.74 71.96 12.41
C PHE L 939 61.25 72.10 12.67
N THR L 940 60.42 71.41 11.89
CA THR L 940 58.98 71.51 12.10
C THR L 940 58.59 70.94 13.47
N SER L 941 59.24 69.85 13.88
CA SER L 941 58.99 69.31 15.21
C SER L 941 59.43 70.30 16.28
N LYS L 942 60.54 70.99 16.08
CA LYS L 942 60.98 72.01 17.02
C LYS L 942 59.95 73.13 17.13
N LEU L 943 59.47 73.62 15.99
CA LEU L 943 58.47 74.69 16.02
C LEU L 943 57.22 74.24 16.74
N ARG L 944 56.74 73.03 16.43
CA ARG L 944 55.53 72.52 17.07
C ARG L 944 55.74 72.35 18.57
N THR L 945 56.90 71.83 18.97
CA THR L 945 57.16 71.60 20.39
C THR L 945 57.26 72.90 21.15
N ASP L 946 57.92 73.91 20.59
CA ASP L 946 57.97 75.21 21.26
C ASP L 946 56.59 75.84 21.37
N LEU L 947 55.80 75.79 20.29
CA LEU L 947 54.46 76.37 20.35
C LEU L 947 53.60 75.63 21.37
N LEU L 948 53.67 74.30 21.40
CA LEU L 948 52.88 73.53 22.34
C LEU L 948 53.35 73.74 23.77
N GLU L 949 54.66 73.90 23.97
CA GLU L 949 55.17 74.17 25.30
C GLU L 949 54.68 75.52 25.80
N THR L 950 54.71 76.54 24.95
CA THR L 950 54.18 77.84 25.34
C THR L 950 52.69 77.73 25.65
N ALA L 951 51.94 77.04 24.80
CA ALA L 951 50.51 76.91 25.02
C ALA L 951 50.22 76.19 26.33
N ASP L 952 50.96 75.11 26.62
CA ASP L 952 50.73 74.36 27.85
C ASP L 952 51.12 75.18 29.08
N ILE L 953 52.22 75.93 29.00
CA ILE L 953 52.62 76.74 30.15
C ILE L 953 51.56 77.79 30.46
N ARG L 954 51.11 78.51 29.43
CA ARG L 954 50.09 79.54 29.66
C ARG L 954 48.77 78.92 30.06
N ARG L 955 48.44 77.72 29.55
CA ARG L 955 47.24 77.03 29.97
C ARG L 955 47.29 76.69 31.45
N ALA L 956 48.40 76.11 31.90
CA ALA L 956 48.53 75.74 33.30
C ALA L 956 48.47 76.97 34.20
N VAL L 957 49.13 78.06 33.78
CA VAL L 957 49.08 79.29 34.56
C VAL L 957 47.65 79.81 34.65
N SER L 958 46.93 79.80 33.53
CA SER L 958 45.57 80.31 33.53
C SER L 958 44.64 79.46 34.40
N ILE L 959 44.74 78.13 34.30
CA ILE L 959 43.88 77.26 35.10
C ILE L 959 44.21 77.42 36.59
N GLU L 960 45.50 77.49 36.93
CA GLU L 960 45.86 77.66 38.34
C GLU L 960 45.38 79.00 38.87
N SER L 961 45.51 80.06 38.08
CA SER L 961 45.00 81.36 38.51
C SER L 961 43.50 81.33 38.68
N ALA L 962 42.79 80.67 37.76
CA ALA L 962 41.34 80.57 37.87
C ALA L 962 40.92 79.82 39.12
N ILE L 963 41.63 78.74 39.44
CA ILE L 963 41.33 78.00 40.66
C ILE L 963 41.61 78.86 41.88
N GLU L 964 42.67 79.67 41.84
CA GLU L 964 42.97 80.55 42.96
C GLU L 964 41.85 81.58 43.15
N GLN L 965 41.37 82.19 42.07
CA GLN L 965 40.25 83.10 42.20
C GLN L 965 39.01 82.38 42.71
N LYS L 966 38.76 81.16 42.23
CA LYS L 966 37.59 80.42 42.70
C LYS L 966 37.65 80.16 44.19
N VAL L 967 38.79 79.70 44.70
CA VAL L 967 38.89 79.34 46.11
C VAL L 967 38.93 80.59 46.98
N VAL L 968 39.43 81.70 46.42
CA VAL L 968 39.54 82.94 47.21
C VAL L 968 38.19 83.62 47.31
N ASN L 969 37.57 83.93 46.17
CA ASN L 969 36.30 84.63 46.13
C ASN L 969 35.09 83.71 46.22
N GLY L 970 35.30 82.41 46.46
CA GLY L 970 34.19 81.49 46.58
C GLY L 970 33.56 81.15 45.24
N ASP L 971 32.48 80.40 45.32
CA ASP L 971 31.74 79.98 44.13
C ASP L 971 30.53 80.87 43.90
N LYS L 979 24.88 85.71 33.19
CA LYS L 979 23.71 86.42 32.70
C LYS L 979 22.63 85.45 32.26
N VAL L 980 21.37 85.79 32.53
CA VAL L 980 20.25 84.94 32.16
C VAL L 980 19.93 85.19 30.69
N MET L 981 19.95 84.13 29.89
CA MET L 981 19.69 84.21 28.47
C MET L 981 18.26 83.79 28.19
N VAL L 982 17.54 84.59 27.41
CA VAL L 982 16.14 84.30 27.13
C VAL L 982 16.08 83.22 26.06
N GLU L 983 15.31 82.17 26.33
CA GLU L 983 15.21 81.04 25.41
C GLU L 983 14.12 81.34 24.38
N PRO L 984 14.42 81.35 23.08
CA PRO L 984 13.40 81.74 22.10
C PRO L 984 12.24 80.77 22.05
N ARG L 985 11.06 81.30 21.73
CA ARG L 985 9.86 80.50 21.53
C ARG L 985 9.24 80.88 20.20
N ALA L 986 8.47 79.95 19.64
CA ALA L 986 7.79 80.20 18.38
C ALA L 986 6.64 81.17 18.62
N ASN L 987 6.50 82.16 17.73
CA ASN L 987 5.43 83.13 17.78
C ASN L 987 4.62 82.95 16.49
N MET L 988 3.66 82.03 16.52
CA MET L 988 2.83 81.73 15.36
C MET L 988 1.74 82.79 15.27
N LYS L 989 2.12 83.95 14.75
CA LYS L 989 1.16 85.02 14.48
C LYS L 989 0.64 84.79 13.08
N PHE L 990 -0.55 84.19 12.97
CA PHE L 990 -1.13 83.82 11.68
C PHE L 990 -1.56 85.13 11.01
N ASP L 991 -0.58 85.79 10.42
CA ASP L 991 -0.76 87.16 9.94
C ASP L 991 -1.37 87.17 8.56
N PHE L 992 -2.35 88.04 8.39
CA PHE L 992 -2.88 88.35 7.07
C PHE L 992 -1.85 89.18 6.31
N PRO L 993 -1.99 89.30 4.99
CA PRO L 993 -1.04 90.09 4.22
C PRO L 993 -0.97 91.53 4.71
N THR L 994 0.25 92.06 4.79
CA THR L 994 0.44 93.40 5.33
C THR L 994 -0.21 94.42 4.40
N LEU L 995 -0.99 95.33 4.99
CA LEU L 995 -1.68 96.37 4.25
C LEU L 995 -0.83 97.64 4.27
N LYS L 996 -0.60 98.19 3.10
CA LYS L 996 0.12 99.44 2.97
C LYS L 996 -0.81 100.62 3.22
N SER L 997 -0.22 101.79 3.47
CA SER L 997 -1.01 102.99 3.61
C SER L 997 -1.62 103.38 2.27
N TYR L 998 -2.72 104.15 2.33
CA TYR L 998 -3.38 104.55 1.09
C TYR L 998 -2.48 105.45 0.26
N ASP L 999 -1.69 106.31 0.90
CA ASP L 999 -0.77 107.15 0.16
C ASP L 999 0.27 106.31 -0.58
N GLU L 1000 0.78 105.28 0.08
CA GLU L 1000 1.79 104.44 -0.57
C GLU L 1000 1.16 103.59 -1.68
N ILE L 1001 -0.12 103.25 -1.54
CA ILE L 1001 -0.82 102.51 -2.60
C ILE L 1001 -1.05 103.42 -3.80
N LYS L 1002 -1.47 104.66 -3.55
CA LYS L 1002 -1.65 105.62 -4.63
C LYS L 1002 -0.34 105.96 -5.32
N GLN L 1003 0.77 105.90 -4.60
CA GLN L 1003 2.07 106.05 -5.24
C GLN L 1003 2.39 104.90 -6.17
N ILE L 1004 2.01 103.67 -5.83
CA ILE L 1004 2.20 102.53 -6.73
C ILE L 1004 1.28 102.59 -7.94
N ALA L 1005 0.02 102.99 -7.76
CA ALA L 1005 -0.93 103.02 -8.88
C ALA L 1005 -1.87 104.21 -8.75
N PRO L 1006 -1.46 105.39 -9.22
CA PRO L 1006 -2.31 106.58 -9.01
C PRO L 1006 -3.48 106.69 -9.97
N GLU L 1007 -3.35 106.18 -11.19
CA GLU L 1007 -4.37 106.41 -12.22
C GLU L 1007 -5.55 105.45 -12.13
N LEU L 1008 -5.56 104.54 -11.17
CA LEU L 1008 -6.54 103.47 -11.13
C LEU L 1008 -7.75 103.78 -10.25
N GLU L 1009 -7.82 104.97 -9.65
CA GLU L 1009 -8.87 105.26 -8.68
C GLU L 1009 -10.24 105.27 -9.35
N GLY L 1010 -11.18 104.53 -8.75
CA GLY L 1010 -12.56 104.55 -9.20
C GLY L 1010 -12.74 104.12 -10.64
N MET L 1011 -11.94 103.16 -11.09
CA MET L 1011 -11.90 102.76 -12.49
C MET L 1011 -12.43 101.37 -12.74
N LEU L 1012 -12.28 100.44 -11.79
CA LEU L 1012 -12.71 99.07 -11.98
C LEU L 1012 -13.97 98.79 -11.18
N ASP L 1013 -14.80 97.88 -11.71
CA ASP L 1013 -16.01 97.43 -11.03
C ASP L 1013 -15.61 96.40 -9.98
N LEU L 1014 -15.71 96.78 -8.71
CA LEU L 1014 -15.29 95.93 -7.63
C LEU L 1014 -16.14 94.66 -7.57
N GLU L 1015 -17.43 94.78 -7.88
CA GLU L 1015 -18.28 93.62 -7.99
C GLU L 1015 -17.80 92.64 -9.05
N ASN L 1016 -17.16 93.15 -10.12
CA ASN L 1016 -16.70 92.32 -11.22
C ASN L 1016 -15.22 91.94 -11.11
N VAL L 1017 -14.53 92.40 -10.06
CA VAL L 1017 -13.15 91.96 -9.80
C VAL L 1017 -13.21 90.80 -8.82
N VAL L 1018 -12.62 89.67 -9.21
CA VAL L 1018 -12.53 88.47 -8.38
C VAL L 1018 -11.17 88.45 -7.71
N VAL L 1019 -11.15 88.08 -6.43
CA VAL L 1019 -9.93 88.09 -5.62
C VAL L 1019 -9.87 86.83 -4.78
N VAL L 1020 -8.65 86.32 -4.62
CA VAL L 1020 -8.38 85.20 -3.73
C VAL L 1020 -8.21 85.76 -2.33
N THR L 1021 -9.07 85.32 -1.41
CA THR L 1021 -9.06 85.83 -0.04
C THR L 1021 -8.41 84.89 0.95
N GLY L 1022 -8.50 83.58 0.71
CA GLY L 1022 -7.83 82.62 1.55
C GLY L 1022 -7.46 81.41 0.72
N PHE L 1023 -6.43 80.71 1.16
CA PHE L 1023 -6.00 79.51 0.45
C PHE L 1023 -5.38 78.56 1.46
N ALA L 1024 -5.33 77.29 1.09
CA ALA L 1024 -4.68 76.30 1.91
C ALA L 1024 -4.49 75.04 1.08
N GLU L 1025 -3.69 74.13 1.62
CA GLU L 1025 -3.39 72.90 0.92
C GLU L 1025 -3.00 71.84 1.93
N VAL L 1026 -3.20 70.60 1.54
CA VAL L 1026 -2.66 69.42 2.20
C VAL L 1026 -1.74 68.78 1.18
N GLY L 1027 -0.50 68.55 1.55
CA GLY L 1027 0.47 68.05 0.60
C GLY L 1027 1.67 67.45 1.29
N PRO L 1028 2.70 67.10 0.50
CA PRO L 1028 3.88 66.45 1.07
C PRO L 1028 4.60 67.26 2.13
N TRP L 1029 4.50 68.59 2.10
CA TRP L 1029 5.19 69.45 3.04
C TRP L 1029 4.23 70.17 3.98
N GLY L 1030 3.16 69.48 4.37
CA GLY L 1030 2.23 70.07 5.32
C GLY L 1030 1.28 71.02 4.63
N ASN L 1031 1.10 72.19 5.22
CA ASN L 1031 0.16 73.18 4.75
C ASN L 1031 0.87 74.21 3.87
N SER L 1032 0.14 75.26 3.48
CA SER L 1032 0.74 76.30 2.66
C SER L 1032 1.92 76.95 3.37
N ARG L 1033 1.80 77.16 4.68
CA ARG L 1033 2.86 77.85 5.43
C ARG L 1033 4.16 77.07 5.40
N THR L 1034 4.10 75.79 5.77
CA THR L 1034 5.33 74.99 5.83
C THR L 1034 5.85 74.67 4.43
N ARG L 1035 4.95 74.42 3.49
CA ARG L 1035 5.36 74.18 2.11
C ARG L 1035 6.09 75.39 1.56
N TRP L 1036 5.60 76.59 1.87
CA TRP L 1036 6.28 77.80 1.41
C TRP L 1036 7.60 78.00 2.14
N GLU L 1037 7.66 77.67 3.43
CA GLU L 1037 8.94 77.77 4.13
C GLU L 1037 9.99 76.93 3.44
N MET L 1038 9.65 75.68 3.11
CA MET L 1038 10.64 74.80 2.49
C MET L 1038 10.88 75.16 1.03
N GLU L 1039 9.88 75.69 0.34
CA GLU L 1039 10.07 76.11 -1.04
C GLU L 1039 10.99 77.33 -1.13
N ALA L 1040 10.71 78.35 -0.32
CA ALA L 1040 11.44 79.60 -0.42
C ALA L 1040 12.82 79.50 0.21
N TYR L 1041 12.94 78.78 1.33
CA TYR L 1041 14.17 78.78 2.11
C TYR L 1041 14.87 77.44 2.16
N GLY L 1042 14.17 76.34 1.90
CA GLY L 1042 14.77 75.03 1.97
C GLY L 1042 14.93 74.49 3.38
N GLU L 1043 14.55 75.26 4.40
CA GLU L 1043 14.61 74.81 5.78
C GLU L 1043 13.40 75.38 6.50
N PHE L 1044 13.03 74.71 7.59
CA PHE L 1044 11.89 75.14 8.39
C PHE L 1044 12.36 76.11 9.45
N SER L 1045 11.58 77.17 9.66
CA SER L 1045 11.83 78.07 10.78
C SER L 1045 11.41 77.39 12.07
N LEU L 1046 11.43 78.12 13.18
CA LEU L 1046 10.92 77.56 14.41
C LEU L 1046 9.41 77.34 14.32
N GLU L 1047 8.69 78.32 13.79
CA GLU L 1047 7.24 78.15 13.60
C GLU L 1047 6.95 77.02 12.61
N GLY L 1048 7.72 76.95 11.53
CA GLY L 1048 7.52 75.89 10.57
C GLY L 1048 7.80 74.52 11.15
N ALA L 1049 8.87 74.41 11.94
CA ALA L 1049 9.20 73.13 12.56
C ALA L 1049 8.12 72.71 13.55
N ILE L 1050 7.59 73.66 14.32
CA ILE L 1050 6.52 73.31 15.26
C ILE L 1050 5.26 72.92 14.51
N GLU L 1051 4.94 73.63 13.43
CA GLU L 1051 3.75 73.27 12.66
C GLU L 1051 3.89 71.89 12.05
N MET L 1052 5.07 71.56 11.53
CA MET L 1052 5.26 70.22 10.99
C MET L 1052 5.22 69.16 12.08
N ALA L 1053 5.80 69.44 13.25
CA ALA L 1053 5.72 68.47 14.33
C ALA L 1053 4.27 68.25 14.73
N TRP L 1054 3.48 69.31 14.79
CA TRP L 1054 2.07 69.19 15.12
C TRP L 1054 1.32 68.41 14.04
N ILE L 1055 1.66 68.65 12.78
CA ILE L 1055 0.98 67.97 11.67
C ILE L 1055 1.28 66.48 11.68
N MET L 1056 2.56 66.12 11.79
CA MET L 1056 2.98 64.72 11.85
C MET L 1056 2.76 64.11 13.23
N GLY L 1057 2.18 64.85 14.18
CA GLY L 1057 1.84 64.29 15.46
C GLY L 1057 3.01 64.04 16.38
N PHE L 1058 4.19 64.57 16.06
CA PHE L 1058 5.33 64.38 16.94
C PHE L 1058 5.09 65.04 18.29
N ILE L 1059 4.42 66.18 18.30
CA ILE L 1059 4.12 66.93 19.52
C ILE L 1059 2.61 67.09 19.64
N LYS L 1060 2.15 67.23 20.87
CA LYS L 1060 0.75 67.51 21.15
C LYS L 1060 0.69 68.52 22.28
N TYR L 1061 -0.30 69.40 22.26
CA TYR L 1061 -0.44 70.36 23.33
C TYR L 1061 -1.10 69.75 24.55
N HIS L 1062 -0.57 70.07 25.73
CA HIS L 1062 -1.08 69.56 26.99
C HIS L 1062 -1.44 70.77 27.85
N ASN L 1063 -2.60 70.70 28.49
CA ASN L 1063 -3.05 71.74 29.40
C ASN L 1063 -3.73 71.07 30.58
N GLY L 1064 -2.97 70.83 31.64
CA GLY L 1064 -3.51 70.19 32.82
C GLY L 1064 -2.39 69.59 33.65
N ASN L 1065 -2.73 68.52 34.36
CA ASN L 1065 -1.79 67.82 35.23
C ASN L 1065 -1.01 66.83 34.39
N LEU L 1066 0.32 66.94 34.41
CA LEU L 1066 1.22 66.09 33.64
C LEU L 1066 2.16 65.37 34.60
N GLN L 1067 1.80 64.14 34.96
CA GLN L 1067 2.59 63.31 35.87
C GLN L 1067 2.86 64.05 37.18
N GLY L 1068 1.77 64.43 37.85
CA GLY L 1068 1.87 65.03 39.16
C GLY L 1068 2.24 66.49 39.18
N LYS L 1069 2.37 67.13 38.03
CA LYS L 1069 2.70 68.55 37.95
C LYS L 1069 1.76 69.27 37.00
N PRO L 1070 1.53 70.57 37.20
CA PRO L 1070 0.73 71.33 36.23
C PRO L 1070 1.58 71.86 35.09
N TYR L 1071 1.30 71.42 33.86
CA TYR L 1071 2.09 71.81 32.69
C TYR L 1071 1.17 72.33 31.59
N SER L 1072 1.63 73.39 30.91
CA SER L 1072 0.94 73.97 29.76
C SER L 1072 2.00 74.18 28.68
N GLY L 1073 2.01 73.30 27.68
CA GLY L 1073 3.00 73.42 26.63
C GLY L 1073 3.00 72.19 25.75
N TRP L 1074 4.04 72.12 24.92
CA TRP L 1074 4.17 71.02 23.97
C TRP L 1074 4.76 69.79 24.66
N VAL L 1075 4.22 68.63 24.29
CA VAL L 1075 4.56 67.36 24.92
C VAL L 1075 4.80 66.35 23.80
N ASP L 1076 5.93 65.65 23.88
CA ASP L 1076 6.21 64.57 22.94
C ASP L 1076 5.06 63.57 22.94
N ALA L 1077 4.41 63.41 21.79
CA ALA L 1077 3.22 62.57 21.73
C ALA L 1077 3.55 61.12 22.06
N LYS L 1078 4.68 60.62 21.56
CA LYS L 1078 5.03 59.22 21.79
C LYS L 1078 5.38 58.98 23.26
N THR L 1079 6.24 59.83 23.82
CA THR L 1079 6.74 59.64 25.18
C THR L 1079 5.93 60.39 26.24
N GLN L 1080 5.08 61.33 25.82
CA GLN L 1080 4.23 62.09 26.73
C GLN L 1080 5.01 62.94 27.73
N THR L 1081 6.33 63.22 27.44
CA THR L 1081 7.12 64.08 28.30
C THR L 1081 7.19 65.50 27.74
N PRO L 1082 7.35 66.52 28.59
CA PRO L 1082 7.42 67.89 28.07
C PRO L 1082 8.58 68.07 27.11
N ILE L 1083 8.41 68.97 26.14
CA ILE L 1083 9.47 69.33 25.20
C ILE L 1083 9.43 70.83 25.01
N ASP L 1084 10.62 71.45 24.97
CA ASP L 1084 10.72 72.88 24.78
C ASP L 1084 10.57 73.24 23.31
N GLU L 1085 9.97 74.41 23.06
CA GLU L 1085 9.71 74.83 21.69
C GLU L 1085 11.00 74.97 20.90
N LYS L 1086 12.04 75.55 21.52
CA LYS L 1086 13.33 75.65 20.84
C LYS L 1086 13.89 74.27 20.53
N ASP L 1087 13.68 73.30 21.41
CA ASP L 1087 14.18 71.95 21.20
C ASP L 1087 13.34 71.15 20.19
N ILE L 1088 12.15 71.63 19.85
CA ILE L 1088 11.34 70.93 18.85
C ILE L 1088 12.05 70.86 17.50
N LYS L 1089 12.71 71.93 17.08
CA LYS L 1089 13.42 71.94 15.81
C LYS L 1089 14.71 71.13 15.83
N SER L 1090 15.14 70.66 16.98
CA SER L 1090 16.32 69.80 17.08
C SER L 1090 15.95 68.34 17.22
N LYS L 1091 14.97 68.01 18.07
CA LYS L 1091 14.62 66.62 18.29
C LYS L 1091 13.93 65.99 17.08
N TYR L 1092 13.17 66.78 16.31
CA TYR L 1092 12.29 66.24 15.29
C TYR L 1092 12.56 66.69 13.86
N GLU L 1093 13.51 67.59 13.64
CA GLU L 1093 13.72 68.08 12.27
C GLU L 1093 14.18 66.95 11.35
N GLU L 1094 15.07 66.09 11.83
CA GLU L 1094 15.56 64.99 11.01
C GLU L 1094 14.42 64.06 10.62
N GLU L 1095 13.58 63.68 11.57
CA GLU L 1095 12.47 62.78 11.27
C GLU L 1095 11.43 63.45 10.39
N ILE L 1096 11.18 64.75 10.59
CA ILE L 1096 10.24 65.47 9.74
C ILE L 1096 10.73 65.45 8.30
N LEU L 1097 12.00 65.78 8.09
CA LEU L 1097 12.52 65.81 6.72
C LEU L 1097 12.55 64.43 6.10
N GLU L 1098 12.86 63.40 6.91
CA GLU L 1098 12.91 62.04 6.37
C GLU L 1098 11.52 61.55 5.98
N HIS L 1099 10.52 61.81 6.83
CA HIS L 1099 9.16 61.30 6.64
C HIS L 1099 8.23 62.38 6.11
N SER L 1100 8.75 63.33 5.35
CA SER L 1100 7.91 64.26 4.61
C SER L 1100 8.57 64.55 3.27
N GLY L 1101 7.74 64.96 2.30
CA GLY L 1101 8.22 65.28 0.97
C GLY L 1101 8.16 64.10 0.01
N ILE L 1102 8.93 64.21 -1.06
CA ILE L 1102 9.10 63.09 -1.99
C ILE L 1102 10.04 62.09 -1.34
N ARG L 1103 9.61 60.84 -1.24
CA ARG L 1103 10.32 59.83 -0.49
C ARG L 1103 9.79 58.47 -0.91
N LEU L 1104 10.41 57.42 -0.39
CA LEU L 1104 9.95 56.07 -0.68
C LEU L 1104 8.51 55.91 -0.21
N ILE L 1105 7.70 55.21 -1.00
CA ILE L 1105 6.31 54.99 -0.65
C ILE L 1105 6.25 54.21 0.66
N GLU L 1106 5.39 54.66 1.57
CA GLU L 1106 5.26 54.06 2.89
C GLU L 1106 3.99 53.22 2.92
N PRO L 1107 4.06 51.90 3.05
CA PRO L 1107 2.81 51.10 3.00
C PRO L 1107 1.82 51.44 4.10
N GLU L 1108 2.31 51.95 5.24
CA GLU L 1108 1.41 52.26 6.34
C GLU L 1108 0.48 53.41 5.98
N LEU L 1109 0.87 54.23 5.01
CA LEU L 1109 0.01 55.32 4.53
C LEU L 1109 -0.90 54.89 3.39
N PHE L 1110 -0.74 53.68 2.84
CA PHE L 1110 -1.48 53.22 1.68
C PHE L 1110 -1.96 51.79 1.88
N ASN L 1111 -2.22 51.42 3.14
CA ASN L 1111 -2.91 50.18 3.46
C ASN L 1111 -2.07 48.97 3.07
N GLY L 1112 -0.81 48.97 3.50
CA GLY L 1112 0.06 47.85 3.22
C GLY L 1112 0.52 47.74 1.78
N TYR L 1113 0.29 48.78 0.97
CA TYR L 1113 0.79 48.75 -0.39
C TYR L 1113 2.30 48.84 -0.38
N ASP L 1114 2.96 47.72 -0.64
CA ASP L 1114 4.41 47.67 -0.78
C ASP L 1114 4.73 47.59 -2.26
N PRO L 1115 5.21 48.66 -2.91
CA PRO L 1115 5.45 48.56 -4.36
C PRO L 1115 6.46 47.48 -4.73
N LYS L 1116 7.40 47.15 -3.84
CA LYS L 1116 8.30 46.05 -4.11
C LYS L 1116 7.59 44.70 -4.05
N LYS L 1117 6.36 44.65 -3.55
CA LYS L 1117 5.56 43.43 -3.44
C LYS L 1117 4.14 43.68 -3.93
N LYS L 1118 4.00 44.29 -5.10
CA LYS L 1118 2.68 44.56 -5.65
C LYS L 1118 1.92 43.26 -5.89
N GLN L 1119 0.79 43.11 -5.20
CA GLN L 1119 0.05 41.86 -5.23
C GLN L 1119 -0.83 41.77 -6.47
N MET L 1120 -0.74 40.64 -7.17
CA MET L 1120 -1.60 40.32 -8.30
C MET L 1120 -2.10 38.90 -8.12
N ILE L 1121 -3.11 38.53 -8.89
CA ILE L 1121 -3.65 37.17 -8.88
C ILE L 1121 -3.60 36.62 -10.31
N GLN L 1122 -3.12 35.38 -10.44
CA GLN L 1122 -2.94 34.74 -11.74
C GLN L 1122 -3.95 33.61 -11.88
N GLU L 1123 -4.61 33.56 -13.03
CA GLU L 1123 -5.58 32.51 -13.31
C GLU L 1123 -4.86 31.21 -13.67
N ILE L 1124 -5.24 30.12 -13.01
CA ILE L 1124 -4.72 28.79 -13.30
C ILE L 1124 -5.89 27.82 -13.42
N VAL L 1125 -5.79 26.88 -14.34
CA VAL L 1125 -6.72 25.76 -14.43
C VAL L 1125 -6.11 24.62 -13.64
N VAL L 1126 -6.90 23.99 -12.78
CA VAL L 1126 -6.37 22.97 -11.88
C VAL L 1126 -6.27 21.65 -12.61
N GLN L 1127 -5.17 20.94 -12.39
CA GLN L 1127 -4.97 19.59 -12.91
C GLN L 1127 -5.11 18.52 -11.83
N HIS L 1128 -5.86 18.83 -10.76
CA HIS L 1128 -6.04 17.91 -9.65
C HIS L 1128 -7.15 18.44 -8.76
N ASP L 1129 -7.92 17.54 -8.17
CA ASP L 1129 -9.00 17.95 -7.29
C ASP L 1129 -8.44 18.35 -5.92
N LEU L 1130 -8.75 19.56 -5.50
CA LEU L 1130 -8.36 20.03 -4.18
C LEU L 1130 -9.14 19.27 -3.10
N GLU L 1131 -8.51 19.13 -1.95
CA GLU L 1131 -9.18 18.49 -0.83
C GLU L 1131 -10.36 19.35 -0.39
N PRO L 1132 -11.46 18.76 0.09
CA PRO L 1132 -12.62 19.57 0.46
C PRO L 1132 -12.30 20.55 1.59
N PHE L 1133 -12.93 21.71 1.55
CA PHE L 1133 -12.85 22.70 2.61
C PHE L 1133 -14.26 23.08 3.04
N GLU L 1134 -14.38 23.50 4.29
CA GLU L 1134 -15.66 23.75 4.91
C GLU L 1134 -16.06 25.22 4.76
N CYS L 1135 -17.35 25.46 4.60
CA CYS L 1135 -17.88 26.82 4.51
C CYS L 1135 -19.39 26.75 4.70
N SER L 1136 -20.02 27.92 4.69
CA SER L 1136 -21.45 28.03 4.91
C SER L 1136 -22.23 27.57 3.68
N LYS L 1137 -23.53 27.37 3.87
CA LYS L 1137 -24.40 26.97 2.77
C LYS L 1137 -24.40 28.01 1.66
N GLU L 1138 -24.44 29.29 2.03
CA GLU L 1138 -24.48 30.34 1.02
C GLU L 1138 -23.22 30.34 0.16
N THR L 1139 -22.05 30.27 0.80
CA THR L 1139 -20.81 30.28 0.04
C THR L 1139 -20.65 29.02 -0.79
N ALA L 1140 -21.06 27.87 -0.24
CA ALA L 1140 -21.01 26.64 -1.03
C ALA L 1140 -21.92 26.73 -2.25
N GLU L 1141 -23.13 27.28 -2.07
CA GLU L 1141 -24.04 27.45 -3.20
C GLU L 1141 -23.45 28.39 -4.25
N GLN L 1142 -22.79 29.46 -3.80
CA GLN L 1142 -22.15 30.37 -4.73
C GLN L 1142 -21.02 29.68 -5.49
N TYR L 1143 -20.23 28.86 -4.79
CA TYR L 1143 -19.17 28.11 -5.45
C TYR L 1143 -19.73 27.17 -6.50
N LYS L 1144 -20.80 26.45 -6.17
CA LYS L 1144 -21.42 25.53 -7.12
C LYS L 1144 -22.00 26.29 -8.30
N HIS L 1145 -22.61 27.44 -8.04
CA HIS L 1145 -23.15 28.25 -9.14
C HIS L 1145 -22.05 28.68 -10.09
N GLU L 1146 -20.90 29.09 -9.56
CA GLU L 1146 -19.81 29.52 -10.43
C GLU L 1146 -19.22 28.35 -11.21
N HIS L 1147 -18.86 27.26 -10.51
CA HIS L 1147 -18.07 26.20 -11.12
C HIS L 1147 -18.95 25.10 -11.72
N GLY L 1148 -19.85 24.53 -10.93
CA GLY L 1148 -20.80 23.56 -11.43
C GLY L 1148 -20.26 22.14 -11.44
N GLU L 1149 -20.10 21.58 -12.64
CA GLU L 1149 -19.54 20.25 -12.76
C GLU L 1149 -18.11 20.18 -12.21
N LYS L 1150 -17.44 21.33 -12.10
CA LYS L 1150 -16.08 21.40 -11.56
C LYS L 1150 -16.06 21.69 -10.07
N CYS L 1151 -17.21 21.64 -9.39
CA CYS L 1151 -17.29 21.79 -7.96
C CYS L 1151 -18.24 20.75 -7.41
N GLU L 1152 -18.03 20.38 -6.15
CA GLU L 1152 -18.89 19.43 -5.46
C GLU L 1152 -19.19 19.98 -4.07
N ILE L 1153 -20.47 20.18 -3.78
CA ILE L 1153 -20.91 20.77 -2.52
C ILE L 1153 -21.72 19.73 -1.77
N PHE L 1154 -21.46 19.57 -0.48
CA PHE L 1154 -22.26 18.63 0.30
C PHE L 1154 -22.41 19.10 1.73
N GLU L 1155 -23.61 18.90 2.27
CA GLU L 1155 -23.94 19.33 3.62
C GLU L 1155 -23.38 18.37 4.65
N ILE L 1156 -22.79 18.92 5.71
CA ILE L 1156 -22.44 18.13 6.89
C ILE L 1156 -23.69 18.15 7.77
N GLU L 1157 -24.45 17.05 7.73
CA GLU L 1157 -25.69 16.98 8.49
C GLU L 1157 -25.46 17.11 9.99
N GLU L 1158 -24.25 16.80 10.47
CA GLU L 1158 -23.97 16.93 11.89
C GLU L 1158 -24.08 18.38 12.34
N SER L 1159 -23.52 19.30 11.56
CA SER L 1159 -23.49 20.73 11.90
C SER L 1159 -24.47 21.55 11.09
N GLY L 1160 -24.40 21.47 9.76
CA GLY L 1160 -25.20 22.31 8.89
C GLY L 1160 -24.37 23.04 7.86
N GLU L 1161 -23.07 23.18 8.14
CA GLU L 1161 -22.16 23.78 7.17
C GLU L 1161 -22.03 22.88 5.95
N TYR L 1162 -21.25 23.35 4.97
CA TYR L 1162 -21.05 22.64 3.71
C TYR L 1162 -19.57 22.44 3.45
N THR L 1163 -19.25 21.34 2.78
CA THR L 1163 -17.90 21.07 2.28
C THR L 1163 -17.92 21.30 0.78
N VAL L 1164 -16.90 22.01 0.30
CA VAL L 1164 -16.74 22.35 -1.11
C VAL L 1164 -15.46 21.71 -1.59
N ARG L 1165 -15.56 20.91 -2.65
CA ARG L 1165 -14.42 20.28 -3.29
C ARG L 1165 -14.29 20.86 -4.69
N ILE L 1166 -13.16 21.49 -4.96
CA ILE L 1166 -12.86 22.01 -6.29
C ILE L 1166 -12.20 20.90 -7.09
N LEU L 1167 -12.70 20.65 -8.29
CA LEU L 1167 -12.32 19.49 -9.08
C LEU L 1167 -11.31 19.87 -10.16
N LYS L 1168 -10.77 18.84 -10.81
CA LYS L 1168 -9.86 19.05 -11.92
C LYS L 1168 -10.57 19.83 -13.02
N GLY L 1169 -9.84 20.78 -13.62
CA GLY L 1169 -10.37 21.63 -14.66
C GLY L 1169 -11.02 22.90 -14.17
N ALA L 1170 -11.14 23.08 -12.86
CA ALA L 1170 -11.67 24.32 -12.30
C ALA L 1170 -10.64 25.43 -12.48
N THR L 1171 -11.10 26.66 -12.21
CA THR L 1171 -10.28 27.85 -12.33
C THR L 1171 -10.00 28.38 -10.93
N LEU L 1172 -8.72 28.55 -10.61
CA LEU L 1172 -8.31 29.21 -9.37
C LEU L 1172 -7.55 30.49 -9.70
N TYR L 1173 -7.45 31.36 -8.68
CA TYR L 1173 -6.66 32.57 -8.75
C TYR L 1173 -5.65 32.47 -7.62
N VAL L 1174 -4.40 32.17 -7.98
CA VAL L 1174 -3.34 32.07 -6.98
C VAL L 1174 -2.62 33.42 -6.95
N PRO L 1175 -2.48 34.09 -5.80
CA PRO L 1175 -1.81 35.39 -5.79
C PRO L 1175 -0.36 35.29 -6.22
N LYS L 1176 0.13 36.36 -6.83
CA LYS L 1176 1.53 36.53 -7.15
C LYS L 1176 1.92 37.96 -6.86
N ALA L 1177 3.22 38.18 -6.69
CA ALA L 1177 3.76 39.51 -6.36
C ALA L 1177 4.72 39.95 -7.45
N LEU L 1178 4.64 41.23 -7.80
CA LEU L 1178 5.44 41.82 -8.85
C LEU L 1178 6.29 42.93 -8.26
N ARG L 1179 7.59 42.86 -8.50
CA ARG L 1179 8.51 43.88 -8.02
C ARG L 1179 8.31 45.13 -8.88
N PHE L 1180 7.49 46.05 -8.38
CA PHE L 1180 7.17 47.25 -9.13
C PHE L 1180 8.27 48.29 -8.96
N ASP L 1181 8.56 49.00 -10.03
CA ASP L 1181 9.73 49.85 -10.13
C ASP L 1181 9.46 51.32 -9.82
N ARG L 1182 8.27 51.67 -9.32
CA ARG L 1182 7.94 53.04 -8.93
C ARG L 1182 7.77 53.04 -7.41
N LEU L 1183 8.89 53.23 -6.69
CA LEU L 1183 8.90 53.15 -5.23
C LEU L 1183 8.78 54.51 -4.54
N VAL L 1184 8.76 55.61 -5.29
CA VAL L 1184 8.85 56.94 -4.73
C VAL L 1184 7.61 57.73 -5.13
N ALA L 1185 6.96 58.34 -4.14
CA ALA L 1185 5.82 59.21 -4.38
C ALA L 1185 5.90 60.38 -3.41
N GLY L 1186 5.35 61.51 -3.83
CA GLY L 1186 5.27 62.67 -2.97
C GLY L 1186 4.07 62.58 -2.06
N GLN L 1187 4.29 62.15 -0.82
CA GLN L 1187 3.22 61.75 0.07
C GLN L 1187 3.09 62.74 1.20
N ILE L 1188 1.86 62.91 1.67
CA ILE L 1188 1.54 63.77 2.81
C ILE L 1188 2.38 63.25 3.98
N PRO L 1189 2.89 64.11 4.87
CA PRO L 1189 3.85 63.64 5.87
C PRO L 1189 3.29 62.51 6.72
N THR L 1190 4.15 61.55 7.04
CA THR L 1190 3.73 60.42 7.85
C THR L 1190 3.24 60.91 9.20
N GLY L 1191 2.16 60.29 9.67
CA GLY L 1191 1.51 60.73 10.89
C GLY L 1191 0.49 61.82 10.71
N TRP L 1192 0.33 62.34 9.50
CA TRP L 1192 -0.77 63.26 9.23
C TRP L 1192 -2.08 62.56 9.53
N ASP L 1193 -2.90 63.19 10.36
CA ASP L 1193 -4.18 62.62 10.76
C ASP L 1193 -5.25 63.69 10.65
N ALA L 1194 -6.42 63.28 10.15
CA ALA L 1194 -7.57 64.17 10.18
C ALA L 1194 -8.05 64.43 11.60
N ARG L 1195 -7.73 63.52 12.54
CA ARG L 1195 -8.16 63.71 13.91
C ARG L 1195 -7.53 64.95 14.53
N THR L 1196 -6.28 65.26 14.17
CA THR L 1196 -5.62 66.42 14.76
C THR L 1196 -6.24 67.72 14.28
N TYR L 1197 -6.99 67.69 13.19
CA TYR L 1197 -7.72 68.86 12.70
C TYR L 1197 -9.16 68.91 13.18
N GLY L 1198 -9.58 67.98 14.03
CA GLY L 1198 -10.91 67.99 14.59
C GLY L 1198 -11.98 67.33 13.74
N ILE L 1199 -11.60 66.58 12.71
CA ILE L 1199 -12.59 65.87 11.90
C ILE L 1199 -13.04 64.62 12.66
N PRO L 1200 -14.34 64.40 12.87
CA PRO L 1200 -14.76 63.31 13.77
C PRO L 1200 -14.52 61.93 13.19
N GLU L 1201 -14.49 60.95 14.10
CA GLU L 1201 -14.19 59.58 13.73
C GLU L 1201 -15.20 59.02 12.76
N ASP L 1202 -16.49 59.34 12.93
CA ASP L 1202 -17.50 58.82 12.03
C ASP L 1202 -17.30 59.33 10.61
N THR L 1203 -16.97 60.63 10.47
CA THR L 1203 -16.68 61.17 9.15
C THR L 1203 -15.43 60.51 8.58
N ILE L 1204 -14.42 60.26 9.41
CA ILE L 1204 -13.20 59.62 8.92
C ILE L 1204 -13.50 58.23 8.40
N SER L 1205 -14.34 57.49 9.11
CA SER L 1205 -14.70 56.14 8.68
C SER L 1205 -15.64 56.13 7.49
N GLN L 1206 -16.43 57.18 7.28
CA GLN L 1206 -17.37 57.25 6.17
C GLN L 1206 -16.72 57.73 4.87
N VAL L 1207 -15.91 58.79 4.92
CA VAL L 1207 -15.50 59.48 3.71
C VAL L 1207 -14.16 58.95 3.24
N ASP L 1208 -13.80 59.34 2.02
CA ASP L 1208 -12.56 58.91 1.41
C ASP L 1208 -11.39 59.75 1.96
N PRO L 1209 -10.16 59.20 1.92
CA PRO L 1209 -9.00 60.02 2.35
C PRO L 1209 -8.84 61.30 1.55
N ILE L 1210 -9.15 61.28 0.26
CA ILE L 1210 -9.14 62.53 -0.51
C ILE L 1210 -10.16 63.50 0.08
N THR L 1211 -11.30 63.01 0.53
CA THR L 1211 -12.29 63.91 1.14
C THR L 1211 -11.77 64.47 2.45
N LEU L 1212 -11.02 63.69 3.21
CA LEU L 1212 -10.39 64.24 4.41
C LEU L 1212 -9.42 65.35 4.07
N TYR L 1213 -8.60 65.14 3.04
CA TYR L 1213 -7.68 66.19 2.61
C TYR L 1213 -8.45 67.43 2.18
N VAL L 1214 -9.57 67.25 1.49
CA VAL L 1214 -10.35 68.39 1.01
C VAL L 1214 -10.98 69.14 2.17
N LEU L 1215 -11.50 68.42 3.16
CA LEU L 1215 -12.10 69.09 4.30
C LEU L 1215 -11.07 69.91 5.05
N VAL L 1216 -9.88 69.33 5.28
CA VAL L 1216 -8.82 70.07 5.97
C VAL L 1216 -8.40 71.29 5.16
N ALA L 1217 -8.20 71.11 3.85
CA ALA L 1217 -7.79 72.23 3.01
C ALA L 1217 -8.87 73.31 2.96
N THR L 1218 -10.14 72.91 3.02
CA THR L 1218 -11.22 73.88 2.95
C THR L 1218 -11.30 74.72 4.23
N VAL L 1219 -11.23 74.07 5.39
CA VAL L 1219 -11.27 74.84 6.63
C VAL L 1219 -10.03 75.71 6.72
N GLU L 1220 -8.87 75.21 6.29
CA GLU L 1220 -7.66 76.01 6.36
C GLU L 1220 -7.72 77.18 5.39
N ALA L 1221 -8.39 77.00 4.24
CA ALA L 1221 -8.54 78.10 3.30
C ALA L 1221 -9.49 79.16 3.84
N LEU L 1222 -10.57 78.73 4.47
CA LEU L 1222 -11.46 79.71 5.10
C LEU L 1222 -10.76 80.45 6.23
N LEU L 1223 -9.92 79.74 6.99
CA LEU L 1223 -9.18 80.39 8.06
C LEU L 1223 -8.11 81.34 7.51
N SER L 1224 -7.53 81.00 6.35
CA SER L 1224 -6.67 81.94 5.65
C SER L 1224 -7.44 83.18 5.24
N ALA L 1225 -8.69 83.00 4.82
CA ALA L 1225 -9.58 84.11 4.52
C ALA L 1225 -10.17 84.75 5.77
N GLY L 1226 -9.78 84.28 6.95
CA GLY L 1226 -10.24 84.90 8.18
C GLY L 1226 -11.64 84.53 8.59
N ILE L 1227 -12.26 83.59 7.90
CA ILE L 1227 -13.62 83.16 8.19
C ILE L 1227 -13.52 81.97 9.14
N THR L 1228 -13.67 82.23 10.43
CA THR L 1228 -13.67 81.17 11.43
C THR L 1228 -14.96 80.36 11.40
N ASP L 1229 -16.09 81.00 11.13
CA ASP L 1229 -17.38 80.34 11.04
C ASP L 1229 -17.84 80.39 9.59
N PRO L 1230 -18.00 79.26 8.89
CA PRO L 1230 -18.43 79.34 7.49
C PRO L 1230 -19.77 80.04 7.29
N TYR L 1231 -20.63 80.07 8.32
CA TYR L 1231 -21.91 80.75 8.19
C TYR L 1231 -21.79 82.27 8.20
N GLU L 1232 -20.58 82.81 8.37
CA GLU L 1232 -20.41 84.26 8.33
C GLU L 1232 -20.64 84.84 6.95
N PHE L 1233 -20.59 84.00 5.91
CA PHE L 1233 -20.93 84.48 4.57
C PHE L 1233 -22.37 84.95 4.51
N TYR L 1234 -23.25 84.29 5.27
CA TYR L 1234 -24.68 84.53 5.14
C TYR L 1234 -25.12 85.81 5.82
N LYS L 1235 -24.22 86.51 6.51
CA LYS L 1235 -24.52 87.86 6.96
C LYS L 1235 -24.47 88.86 5.80
N TYR L 1236 -23.78 88.52 4.72
CA TYR L 1236 -23.51 89.44 3.63
C TYR L 1236 -24.07 88.99 2.30
N VAL L 1237 -24.17 87.68 2.05
CA VAL L 1237 -24.65 87.16 0.77
C VAL L 1237 -25.69 86.09 1.05
N HIS L 1238 -26.58 85.89 0.09
CA HIS L 1238 -27.60 84.87 0.23
C HIS L 1238 -26.98 83.48 0.22
N VAL L 1239 -27.70 82.52 0.79
CA VAL L 1239 -27.21 81.13 0.81
C VAL L 1239 -27.02 80.62 -0.61
N SER L 1240 -27.72 81.20 -1.58
CA SER L 1240 -27.58 80.84 -2.98
C SER L 1240 -26.37 81.48 -3.64
N GLU L 1241 -25.54 82.22 -2.90
CA GLU L 1241 -24.41 82.95 -3.46
C GLU L 1241 -23.06 82.41 -3.00
N VAL L 1242 -23.06 81.31 -2.25
CA VAL L 1242 -21.83 80.64 -1.82
C VAL L 1242 -21.78 79.28 -2.48
N GLY L 1243 -20.81 79.09 -3.38
CA GLY L 1243 -20.69 77.89 -4.16
C GLY L 1243 -19.36 77.18 -3.96
N ASN L 1244 -19.22 76.04 -4.62
CA ASN L 1244 -18.03 75.21 -4.53
C ASN L 1244 -17.74 74.64 -5.91
N CYS L 1245 -16.82 75.26 -6.63
CA CYS L 1245 -16.50 74.86 -7.99
C CYS L 1245 -15.22 74.04 -8.07
N SER L 1246 -14.80 73.43 -6.96
CA SER L 1246 -13.59 72.64 -6.91
C SER L 1246 -13.81 71.26 -7.52
N GLY L 1247 -12.72 70.54 -7.74
CA GLY L 1247 -12.82 69.26 -8.44
C GLY L 1247 -11.63 68.36 -8.21
N SER L 1248 -11.59 67.28 -8.98
CA SER L 1248 -10.54 66.28 -8.89
C SER L 1248 -10.25 65.73 -10.29
N GLY L 1249 -9.06 65.15 -10.44
CA GLY L 1249 -8.74 64.49 -11.69
C GLY L 1249 -9.31 63.09 -11.77
N MET L 1250 -9.33 62.38 -10.63
CA MET L 1250 -9.80 61.00 -10.57
C MET L 1250 -10.81 60.81 -9.44
N GLY L 1251 -10.71 61.61 -8.39
CA GLY L 1251 -11.65 61.55 -7.29
C GLY L 1251 -11.27 60.57 -6.21
N GLY L 1252 -12.25 59.82 -5.72
CA GLY L 1252 -12.01 58.84 -4.66
C GLY L 1252 -11.46 57.55 -5.21
N VAL L 1253 -10.18 57.56 -5.56
CA VAL L 1253 -9.56 56.36 -6.13
C VAL L 1253 -9.55 55.22 -5.13
N SER L 1254 -9.49 55.53 -3.84
CA SER L 1254 -9.57 54.47 -2.83
C SER L 1254 -10.96 53.84 -2.83
N ALA L 1255 -12.00 54.66 -2.99
CA ALA L 1255 -13.35 54.11 -3.10
C ALA L 1255 -13.53 53.30 -4.37
N LEU L 1256 -12.93 53.76 -5.47
CA LEU L 1256 -12.97 52.97 -6.70
C LEU L 1256 -12.25 51.64 -6.52
N ARG L 1257 -11.12 51.66 -5.81
CA ARG L 1257 -10.43 50.42 -5.48
C ARG L 1257 -11.33 49.50 -4.69
N GLY L 1258 -12.01 50.04 -3.68
CA GLY L 1258 -12.99 49.25 -2.95
C GLY L 1258 -13.99 48.59 -3.89
N MET L 1259 -14.76 49.41 -4.61
CA MET L 1259 -15.80 48.92 -5.52
C MET L 1259 -15.28 47.87 -6.49
N PHE L 1260 -14.14 48.11 -7.13
CA PHE L 1260 -13.69 47.30 -8.26
C PHE L 1260 -12.84 46.10 -7.86
N LYS L 1261 -12.17 46.15 -6.70
CA LYS L 1261 -11.24 45.11 -6.28
C LYS L 1261 -11.71 44.42 -5.01
N ASP L 1262 -12.02 45.19 -3.96
CA ASP L 1262 -12.33 44.58 -2.67
C ASP L 1262 -13.67 43.89 -2.71
N ARG L 1263 -14.62 44.43 -3.48
CA ARG L 1263 -15.92 43.77 -3.61
C ARG L 1263 -15.82 42.52 -4.47
N TYR L 1264 -15.03 42.57 -5.54
CA TYR L 1264 -14.73 41.37 -6.29
C TYR L 1264 -14.09 40.30 -5.41
N ALA L 1265 -13.23 40.71 -4.48
CA ALA L 1265 -12.60 39.81 -3.54
C ALA L 1265 -13.48 39.48 -2.34
N ASP L 1266 -14.67 40.07 -2.24
CA ASP L 1266 -15.63 39.80 -1.18
C ASP L 1266 -15.16 40.32 0.18
N LYS L 1267 -14.30 41.34 0.18
CA LYS L 1267 -13.85 41.94 1.42
C LYS L 1267 -14.94 42.84 1.98
N PRO L 1268 -14.88 43.16 3.29
CA PRO L 1268 -15.94 44.01 3.86
C PRO L 1268 -15.79 45.45 3.42
N VAL L 1269 -16.69 45.90 2.56
CA VAL L 1269 -16.68 47.25 2.00
C VAL L 1269 -18.00 47.91 2.32
N GLN L 1270 -17.95 49.19 2.67
CA GLN L 1270 -19.16 49.93 2.99
C GLN L 1270 -20.11 49.95 1.79
N ASN L 1271 -21.40 49.86 2.08
CA ASN L 1271 -22.41 49.79 1.03
C ASN L 1271 -22.54 51.09 0.23
N ASP L 1272 -21.95 52.18 0.70
CA ASP L 1272 -22.01 53.48 0.03
C ASP L 1272 -20.62 53.90 -0.43
N ILE L 1273 -19.88 52.98 -1.03
CA ILE L 1273 -18.53 53.28 -1.50
C ILE L 1273 -18.59 54.12 -2.78
N LEU L 1274 -19.64 53.94 -3.58
CA LEU L 1274 -19.74 54.62 -4.87
C LEU L 1274 -19.87 56.13 -4.69
N GLN L 1275 -20.67 56.56 -3.72
CA GLN L 1275 -20.77 58.00 -3.45
C GLN L 1275 -19.41 58.58 -3.10
N GLU L 1276 -18.62 57.87 -2.28
CA GLU L 1276 -17.29 58.34 -1.96
C GLU L 1276 -16.39 58.33 -3.20
N SER L 1277 -16.68 57.45 -4.15
CA SER L 1277 -15.93 57.41 -5.39
C SER L 1277 -16.20 58.59 -6.31
N PHE L 1278 -17.43 59.14 -6.30
CA PHE L 1278 -17.73 60.26 -7.19
C PHE L 1278 -16.81 61.44 -6.92
N ILE L 1279 -16.51 62.20 -7.97
CA ILE L 1279 -15.59 63.33 -7.84
C ILE L 1279 -16.27 64.53 -7.19
N ASN L 1280 -17.59 64.65 -7.35
CA ASN L 1280 -18.31 65.73 -6.69
C ASN L 1280 -18.67 65.41 -5.24
N THR L 1281 -18.35 64.20 -4.77
CA THR L 1281 -18.64 63.86 -3.39
C THR L 1281 -17.80 64.68 -2.41
N MET L 1282 -16.58 65.04 -2.80
CA MET L 1282 -15.77 65.86 -1.91
C MET L 1282 -16.42 67.22 -1.69
N SER L 1283 -16.89 67.85 -2.76
CA SER L 1283 -17.64 69.10 -2.63
C SER L 1283 -18.92 68.88 -1.84
N ALA L 1284 -19.58 67.74 -2.04
CA ALA L 1284 -20.79 67.43 -1.29
C ALA L 1284 -20.52 67.37 0.20
N TRP L 1285 -19.42 66.73 0.60
CA TRP L 1285 -19.07 66.65 2.01
C TRP L 1285 -18.68 68.02 2.55
N VAL L 1286 -18.00 68.83 1.75
CA VAL L 1286 -17.66 70.17 2.18
C VAL L 1286 -18.94 70.97 2.48
N ASN L 1287 -19.92 70.89 1.58
CA ASN L 1287 -21.17 71.61 1.81
C ASN L 1287 -21.95 71.02 2.97
N MET L 1288 -21.89 69.69 3.13
CA MET L 1288 -22.70 69.03 4.15
C MET L 1288 -22.11 69.22 5.54
N LEU L 1289 -20.81 69.49 5.64
CA LEU L 1289 -20.17 69.64 6.95
C LEU L 1289 -19.82 71.06 7.31
N LEU L 1290 -19.55 71.94 6.34
CA LEU L 1290 -19.13 73.31 6.62
C LEU L 1290 -20.10 74.37 6.13
N LEU L 1291 -20.40 74.39 4.82
CA LEU L 1291 -21.01 75.60 4.24
C LEU L 1291 -22.52 75.59 4.39
N SER L 1292 -23.17 74.50 3.96
CA SER L 1292 -24.62 74.44 3.90
C SER L 1292 -25.20 75.52 3.00
N SER L 1293 -24.49 75.85 1.94
CA SER L 1293 -24.95 76.84 0.98
C SER L 1293 -25.79 76.19 -0.09
N SER L 1294 -26.62 77.01 -0.75
CA SER L 1294 -27.37 76.60 -1.92
C SER L 1294 -26.84 77.25 -3.18
N GLY L 1295 -25.57 77.65 -3.17
CA GLY L 1295 -24.96 78.28 -4.31
C GLY L 1295 -24.52 77.27 -5.34
N PRO L 1296 -23.97 77.78 -6.44
CA PRO L 1296 -23.57 76.89 -7.54
C PRO L 1296 -22.54 75.86 -7.09
N ILE L 1297 -22.67 74.66 -7.62
CA ILE L 1297 -21.66 73.61 -7.45
C ILE L 1297 -21.34 73.07 -8.83
N LYS L 1298 -20.08 73.17 -9.22
CA LYS L 1298 -19.63 72.80 -10.55
C LYS L 1298 -18.28 72.11 -10.42
N THR L 1299 -18.26 70.79 -10.57
CA THR L 1299 -17.06 70.00 -10.28
C THR L 1299 -16.30 69.74 -11.58
N PRO L 1300 -15.19 70.42 -11.85
CA PRO L 1300 -14.40 70.12 -13.05
C PRO L 1300 -13.60 68.83 -12.91
N VAL L 1301 -13.17 68.33 -14.06
CA VAL L 1301 -12.19 67.25 -14.14
C VAL L 1301 -11.19 67.60 -15.23
N GLY L 1302 -10.04 68.12 -14.84
CA GLY L 1302 -8.98 68.43 -15.79
C GLY L 1302 -7.90 67.38 -15.84
N ALA L 1303 -7.92 66.43 -14.90
CA ALA L 1303 -6.98 65.33 -14.77
C ALA L 1303 -5.57 65.78 -14.38
N CYS L 1304 -5.34 67.08 -14.23
CA CYS L 1304 -4.02 67.65 -14.05
C CYS L 1304 -4.12 69.17 -14.01
N ALA L 1305 -4.85 69.75 -14.97
CA ALA L 1305 -5.25 71.14 -14.96
C ALA L 1305 -6.54 71.37 -14.20
N THR L 1306 -6.90 70.46 -13.30
CA THR L 1306 -8.21 70.53 -12.65
C THR L 1306 -8.37 71.80 -11.84
N ALA L 1307 -7.32 72.22 -11.12
CA ALA L 1307 -7.46 73.36 -10.22
C ALA L 1307 -7.56 74.67 -10.99
N VAL L 1308 -6.83 74.80 -12.09
CA VAL L 1308 -6.94 76.01 -12.90
C VAL L 1308 -8.27 76.03 -13.65
N GLU L 1309 -8.72 74.87 -14.12
CA GLU L 1309 -10.09 74.74 -14.58
C GLU L 1309 -11.10 75.19 -13.54
N SER L 1310 -10.89 74.80 -12.28
CA SER L 1310 -11.80 75.17 -11.21
C SER L 1310 -11.79 76.67 -10.97
N VAL L 1311 -10.60 77.28 -11.06
CA VAL L 1311 -10.52 78.74 -10.92
C VAL L 1311 -11.25 79.42 -12.05
N ASP L 1312 -11.12 78.89 -13.28
CA ASP L 1312 -11.86 79.42 -14.41
C ASP L 1312 -13.37 79.33 -14.19
N ILE L 1313 -13.85 78.16 -13.79
CA ILE L 1313 -15.27 77.97 -13.56
C ILE L 1313 -15.75 78.89 -12.44
N GLY L 1314 -14.98 79.00 -11.35
CA GLY L 1314 -15.38 79.85 -10.25
C GLY L 1314 -15.42 81.31 -10.62
N ILE L 1315 -14.44 81.77 -11.40
CA ILE L 1315 -14.42 83.17 -11.81
C ILE L 1315 -15.62 83.48 -12.70
N GLU L 1316 -15.90 82.61 -13.67
CA GLU L 1316 -17.04 82.89 -14.54
C GLU L 1316 -18.35 82.79 -13.75
N THR L 1317 -18.39 81.89 -12.77
CA THR L 1317 -19.56 81.82 -11.89
C THR L 1317 -19.76 83.11 -11.13
N ILE L 1318 -18.68 83.70 -10.62
CA ILE L 1318 -18.80 84.95 -9.86
C ILE L 1318 -19.17 86.10 -10.79
N LEU L 1319 -18.55 86.16 -11.97
CA LEU L 1319 -18.79 87.28 -12.87
C LEU L 1319 -20.20 87.23 -13.48
N SER L 1320 -20.75 86.03 -13.65
CA SER L 1320 -22.13 85.89 -14.11
C SER L 1320 -23.14 86.26 -13.04
N GLY L 1321 -22.71 86.52 -11.81
CA GLY L 1321 -23.60 86.87 -10.72
C GLY L 1321 -24.24 85.69 -10.03
N LYS L 1322 -23.90 84.46 -10.42
CA LYS L 1322 -24.52 83.29 -9.80
C LYS L 1322 -23.98 83.03 -8.41
N ALA L 1323 -22.76 83.47 -8.12
CA ALA L 1323 -22.18 83.32 -6.79
C ALA L 1323 -21.39 84.58 -6.46
N LYS L 1324 -21.31 84.87 -5.17
CA LYS L 1324 -20.43 85.91 -4.66
C LYS L 1324 -19.21 85.34 -3.96
N VAL L 1325 -19.32 84.14 -3.40
CA VAL L 1325 -18.18 83.40 -2.86
C VAL L 1325 -18.16 82.05 -3.54
N VAL L 1326 -16.97 81.59 -3.92
CA VAL L 1326 -16.79 80.26 -4.50
C VAL L 1326 -15.57 79.64 -3.85
N LEU L 1327 -15.67 78.35 -3.57
CA LEU L 1327 -14.54 77.54 -3.14
C LEU L 1327 -14.01 76.81 -4.36
N VAL L 1328 -12.86 77.26 -4.87
CA VAL L 1328 -12.22 76.66 -6.02
C VAL L 1328 -11.06 75.83 -5.53
N GLY L 1329 -10.50 75.04 -6.42
CA GLY L 1329 -9.32 74.26 -6.10
C GLY L 1329 -9.34 72.93 -6.82
N GLY L 1330 -8.48 72.04 -6.33
CA GLY L 1330 -8.33 70.73 -6.93
C GLY L 1330 -7.72 69.77 -5.95
N TYR L 1331 -8.07 68.49 -6.10
CA TYR L 1331 -7.58 67.48 -5.17
C TYR L 1331 -7.37 66.17 -5.91
N ASP L 1332 -6.49 65.35 -5.37
CA ASP L 1332 -6.24 64.02 -5.93
C ASP L 1332 -5.44 63.22 -4.92
N ASP L 1333 -5.48 61.90 -5.09
CA ASP L 1333 -4.86 60.98 -4.16
C ASP L 1333 -3.96 60.02 -4.92
N PHE L 1334 -2.89 59.59 -4.26
CA PHE L 1334 -1.97 58.60 -4.80
C PHE L 1334 -2.41 57.23 -4.33
N GLN L 1335 -2.50 56.29 -5.27
CA GLN L 1335 -2.83 54.91 -4.93
C GLN L 1335 -2.05 53.98 -5.83
N GLU L 1336 -2.00 52.71 -5.39
CA GLU L 1336 -1.27 51.67 -6.11
C GLU L 1336 -1.67 51.63 -7.58
N GLU L 1337 -2.96 51.72 -7.86
CA GLU L 1337 -3.45 51.47 -9.21
C GLU L 1337 -3.13 52.63 -10.14
N GLY L 1338 -3.33 53.86 -9.66
CA GLY L 1338 -2.92 55.02 -10.43
C GLY L 1338 -1.43 55.03 -10.69
N SER L 1339 -0.64 54.67 -9.67
CA SER L 1339 0.81 54.59 -9.87
C SER L 1339 1.15 53.58 -10.96
N TYR L 1340 0.53 52.41 -10.92
CA TYR L 1340 0.82 51.38 -11.91
C TYR L 1340 0.41 51.82 -13.30
N GLU L 1341 -0.72 52.51 -13.43
CA GLU L 1341 -1.15 52.95 -14.75
C GLU L 1341 -0.22 54.02 -15.31
N PHE L 1342 0.18 54.98 -14.47
CA PHE L 1342 1.11 56.00 -14.95
C PHE L 1342 2.44 55.37 -15.34
N ALA L 1343 2.86 54.34 -14.61
CA ALA L 1343 4.06 53.60 -15.01
C ALA L 1343 3.85 52.94 -16.36
N ASN L 1344 2.67 52.35 -16.60
CA ASN L 1344 2.41 51.70 -17.88
C ASN L 1344 2.41 52.69 -19.02
N MET L 1345 1.92 53.91 -18.80
CA MET L 1345 2.04 54.96 -19.81
C MET L 1345 3.41 55.61 -19.83
N ASN L 1346 4.32 55.22 -18.92
CA ASN L 1346 5.68 55.75 -18.88
C ASN L 1346 5.66 57.25 -18.62
N ALA L 1347 4.66 57.70 -17.88
CA ALA L 1347 4.54 59.11 -17.54
C ALA L 1347 5.34 59.47 -16.29
N THR L 1348 5.54 58.52 -15.39
CA THR L 1348 6.27 58.76 -14.15
C THR L 1348 7.70 58.23 -14.26
N SER L 1349 8.59 58.80 -13.47
CA SER L 1349 9.99 58.39 -13.48
C SER L 1349 10.13 56.99 -12.89
N ASN L 1350 11.09 56.23 -13.43
CA ASN L 1350 11.40 54.89 -12.94
C ASN L 1350 12.40 55.00 -11.81
N SER L 1351 11.99 54.54 -10.61
CA SER L 1351 12.84 54.68 -9.44
C SER L 1351 14.08 53.79 -9.52
N ILE L 1352 13.94 52.60 -10.11
CA ILE L 1352 15.10 51.73 -10.28
C ILE L 1352 16.14 52.40 -11.17
N GLU L 1353 15.69 52.94 -12.30
CA GLU L 1353 16.62 53.63 -13.19
C GLU L 1353 17.24 54.84 -12.50
N GLU L 1354 16.45 55.51 -11.65
CA GLU L 1354 16.95 56.74 -11.04
C GLU L 1354 17.98 56.42 -9.96
N PHE L 1355 17.77 55.34 -9.21
CA PHE L 1355 18.79 54.85 -8.29
C PHE L 1355 20.03 54.41 -9.04
N LYS L 1356 19.86 53.73 -10.17
CA LYS L 1356 21.02 53.37 -10.98
C LYS L 1356 21.80 54.60 -11.41
N HIS L 1357 21.10 55.68 -11.74
CA HIS L 1357 21.72 56.96 -12.06
C HIS L 1357 22.22 57.69 -10.82
N GLY L 1358 21.96 57.17 -9.62
CA GLY L 1358 22.50 57.76 -8.42
C GLY L 1358 21.68 58.90 -7.88
N ARG L 1359 20.39 58.93 -8.20
CA ARG L 1359 19.49 60.01 -7.82
C ARG L 1359 18.72 59.60 -6.58
N THR L 1360 18.68 60.48 -5.59
CA THR L 1360 17.87 60.26 -4.40
C THR L 1360 16.41 60.67 -4.66
N PRO L 1361 15.49 60.19 -3.82
CA PRO L 1361 14.07 60.59 -4.00
C PRO L 1361 13.84 62.08 -3.97
N LYS L 1362 14.57 62.83 -3.14
CA LYS L 1362 14.39 64.27 -3.10
C LYS L 1362 14.98 65.00 -4.31
N GLU L 1363 15.70 64.30 -5.17
CA GLU L 1363 16.19 64.87 -6.42
C GLU L 1363 15.68 64.14 -7.65
N MET L 1364 14.72 63.21 -7.50
CA MET L 1364 14.13 62.58 -8.67
C MET L 1364 13.24 63.52 -9.47
N SER L 1365 12.55 64.45 -8.81
CA SER L 1365 11.67 65.40 -9.48
C SER L 1365 12.49 66.64 -9.84
N ARG L 1366 12.88 66.74 -11.10
CA ARG L 1366 13.77 67.79 -11.59
C ARG L 1366 13.24 68.36 -12.91
N PRO L 1367 12.28 69.27 -12.84
CA PRO L 1367 11.80 69.91 -14.08
C PRO L 1367 12.88 70.72 -14.77
N THR L 1368 12.79 70.75 -16.11
CA THR L 1368 13.62 71.54 -17.02
C THR L 1368 15.05 71.02 -17.15
N THR L 1369 15.43 69.99 -16.41
CA THR L 1369 16.81 69.50 -16.49
C THR L 1369 17.00 68.62 -17.71
N THR L 1370 18.27 68.40 -18.05
CA THR L 1370 18.60 67.53 -19.18
C THR L 1370 18.19 66.09 -18.94
N THR L 1371 18.08 65.67 -17.68
CA THR L 1371 17.85 64.27 -17.33
C THR L 1371 16.45 64.00 -16.82
N ARG L 1372 15.51 64.93 -16.99
CA ARG L 1372 14.12 64.68 -16.63
C ARG L 1372 13.59 63.48 -17.43
N ASN L 1373 12.95 62.54 -16.73
CA ASN L 1373 12.53 61.29 -17.33
C ASN L 1373 11.15 60.84 -16.84
N GLY L 1374 10.29 61.80 -16.50
CA GLY L 1374 8.94 61.49 -16.03
C GLY L 1374 8.62 62.23 -14.76
N PHE L 1375 7.34 62.34 -14.41
CA PHE L 1375 6.95 63.15 -13.26
C PHE L 1375 6.91 62.30 -11.99
N MET L 1376 6.82 63.00 -10.86
CA MET L 1376 6.82 62.38 -9.54
C MET L 1376 5.41 62.48 -8.98
N GLU L 1377 4.70 61.37 -8.97
CA GLU L 1377 3.31 61.37 -8.56
C GLU L 1377 3.18 61.74 -7.08
N ALA L 1378 2.21 62.60 -6.79
CA ALA L 1378 1.97 63.07 -5.43
C ALA L 1378 0.48 62.98 -5.11
N GLN L 1379 0.15 63.41 -3.89
CA GLN L 1379 -1.21 63.35 -3.38
C GLN L 1379 -1.47 64.61 -2.58
N GLY L 1380 -2.75 64.89 -2.35
CA GLY L 1380 -3.15 65.99 -1.50
C GLY L 1380 -4.30 66.76 -2.13
N SER L 1381 -4.45 67.99 -1.64
CA SER L 1381 -5.55 68.86 -2.03
C SER L 1381 -5.08 70.30 -1.91
N GLY L 1382 -5.78 71.17 -2.63
CA GLY L 1382 -5.53 72.59 -2.54
C GLY L 1382 -6.80 73.37 -2.80
N ILE L 1383 -7.16 74.27 -1.89
CA ILE L 1383 -8.43 74.98 -1.95
C ILE L 1383 -8.16 76.47 -1.80
N GLN L 1384 -8.92 77.27 -2.54
CA GLN L 1384 -8.91 78.72 -2.44
C GLN L 1384 -10.34 79.22 -2.31
N VAL L 1385 -10.51 80.30 -1.58
CA VAL L 1385 -11.79 80.98 -1.41
C VAL L 1385 -11.73 82.27 -2.21
N ILE L 1386 -12.48 82.33 -3.32
CA ILE L 1386 -12.48 83.48 -4.20
C ILE L 1386 -13.83 84.19 -4.05
N MET L 1387 -13.81 85.50 -4.15
CA MET L 1387 -15.05 86.28 -4.11
C MET L 1387 -14.82 87.60 -4.83
N THR L 1388 -15.91 88.33 -5.00
CA THR L 1388 -15.83 89.67 -5.56
C THR L 1388 -15.01 90.56 -4.62
N ALA L 1389 -14.29 91.51 -5.23
CA ALA L 1389 -13.48 92.42 -4.42
C ALA L 1389 -14.36 93.25 -3.50
N ASP L 1390 -15.53 93.66 -3.98
CA ASP L 1390 -16.42 94.44 -3.13
C ASP L 1390 -16.90 93.63 -1.93
N LEU L 1391 -17.21 92.34 -2.14
CA LEU L 1391 -17.58 91.50 -1.01
C LEU L 1391 -16.42 91.33 -0.05
N ALA L 1392 -15.21 91.14 -0.58
CA ALA L 1392 -14.05 90.96 0.29
C ALA L 1392 -13.84 92.20 1.15
N LEU L 1393 -13.99 93.39 0.56
CA LEU L 1393 -13.77 94.61 1.31
C LEU L 1393 -14.92 94.90 2.28
N LYS L 1394 -16.14 94.52 1.91
CA LYS L 1394 -17.27 94.72 2.81
C LYS L 1394 -17.19 93.78 4.00
N MET L 1395 -16.71 92.55 3.79
CA MET L 1395 -16.49 91.60 4.88
C MET L 1395 -15.23 91.90 5.67
N GLY L 1396 -14.29 92.65 5.11
CA GLY L 1396 -13.00 92.83 5.76
C GLY L 1396 -12.18 91.57 5.82
N VAL L 1397 -12.16 90.79 4.74
CA VAL L 1397 -11.34 89.58 4.66
C VAL L 1397 -10.01 89.93 4.02
N PRO L 1398 -8.93 89.19 4.28
CA PRO L 1398 -7.66 89.52 3.66
C PRO L 1398 -7.67 89.15 2.17
N ILE L 1399 -7.48 90.17 1.33
CA ILE L 1399 -7.45 89.96 -0.10
C ILE L 1399 -6.01 89.62 -0.48
N HIS L 1400 -5.74 88.33 -0.68
CA HIS L 1400 -4.38 87.88 -0.93
C HIS L 1400 -3.94 88.21 -2.35
N ALA L 1401 -4.85 88.14 -3.31
CA ALA L 1401 -4.48 88.30 -4.71
C ALA L 1401 -5.70 88.69 -5.52
N VAL L 1402 -5.46 89.11 -6.75
CA VAL L 1402 -6.50 89.43 -7.71
C VAL L 1402 -6.32 88.50 -8.90
N LEU L 1403 -7.35 87.71 -9.21
CA LEU L 1403 -7.33 86.84 -10.39
C LEU L 1403 -7.72 87.70 -11.57
N ALA L 1404 -6.70 88.24 -12.26
CA ALA L 1404 -6.95 89.12 -13.39
C ALA L 1404 -7.46 88.33 -14.60
N MET L 1405 -6.85 87.19 -14.89
CA MET L 1405 -7.14 86.43 -16.09
C MET L 1405 -7.15 84.95 -15.76
N THR L 1406 -7.90 84.19 -16.56
CA THR L 1406 -7.92 82.74 -16.45
C THR L 1406 -8.58 82.18 -17.70
N ALA L 1407 -8.03 81.07 -18.20
CA ALA L 1407 -8.48 80.52 -19.47
C ALA L 1407 -8.17 79.03 -19.52
N THR L 1408 -8.94 78.32 -20.34
CA THR L 1408 -8.72 76.91 -20.64
C THR L 1408 -8.71 76.73 -22.15
N ALA L 1409 -8.10 75.65 -22.61
CA ALA L 1409 -7.91 75.45 -24.04
C ALA L 1409 -7.58 73.99 -24.33
N THR L 1410 -7.91 73.59 -25.55
CA THR L 1410 -7.53 72.32 -26.13
C THR L 1410 -6.52 72.55 -27.25
N ASP L 1411 -5.91 71.48 -27.73
CA ASP L 1411 -4.78 71.64 -28.66
C ASP L 1411 -5.21 71.56 -30.13
N LYS L 1412 -5.54 70.35 -30.60
CA LYS L 1412 -5.80 70.13 -32.02
C LYS L 1412 -6.20 68.69 -32.30
N ILE L 1413 -6.31 68.32 -33.57
CA ILE L 1413 -6.35 66.90 -33.94
C ILE L 1413 -5.16 66.20 -33.30
N GLY L 1414 -5.39 64.96 -32.90
CA GLY L 1414 -4.30 64.15 -32.40
C GLY L 1414 -4.77 62.72 -32.22
N ARG L 1415 -3.82 61.88 -31.85
CA ARG L 1415 -4.09 60.50 -31.45
C ARG L 1415 -3.31 60.14 -30.20
N SER L 1416 -2.96 61.16 -29.40
CA SER L 1416 -2.21 60.97 -28.17
C SER L 1416 -2.84 61.88 -27.11
N VAL L 1417 -3.67 61.28 -26.26
CA VAL L 1417 -4.30 62.04 -25.17
C VAL L 1417 -3.28 62.66 -24.23
N PRO L 1418 -2.27 61.93 -23.72
CA PRO L 1418 -1.32 62.54 -22.79
C PRO L 1418 -0.35 63.51 -23.44
N ALA L 1419 -0.36 63.64 -24.76
CA ALA L 1419 0.57 64.54 -25.44
C ALA L 1419 0.18 65.99 -25.15
N PRO L 1420 1.04 66.81 -24.55
CA PRO L 1420 0.69 68.22 -24.37
C PRO L 1420 0.75 68.98 -25.68
N GLY L 1421 0.11 70.15 -25.69
CA GLY L 1421 0.07 70.98 -26.88
C GLY L 1421 0.10 72.45 -26.55
N LYS L 1422 0.01 73.29 -27.58
CA LYS L 1422 0.16 74.73 -27.45
C LYS L 1422 -1.19 75.43 -27.47
N GLY L 1423 -2.26 74.72 -27.09
CA GLY L 1423 -3.59 75.28 -27.19
C GLY L 1423 -3.79 76.52 -26.35
N ILE L 1424 -3.15 76.58 -25.18
CA ILE L 1424 -3.28 77.75 -24.31
C ILE L 1424 -2.54 78.95 -24.84
N LEU L 1425 -1.78 78.81 -25.94
CA LEU L 1425 -1.14 79.95 -26.57
C LEU L 1425 -2.15 81.00 -27.02
N THR L 1426 -3.41 80.63 -27.20
CA THR L 1426 -4.43 81.57 -27.63
C THR L 1426 -4.71 82.65 -26.58
N THR L 1427 -4.24 82.47 -25.35
CA THR L 1427 -4.40 83.51 -24.34
C THR L 1427 -3.61 84.77 -24.69
N ALA L 1428 -2.60 84.66 -25.57
CA ALA L 1428 -1.81 85.79 -26.02
C ALA L 1428 -2.20 86.28 -27.40
N ARG L 1429 -3.33 85.84 -27.93
CA ARG L 1429 -3.70 86.16 -29.29
C ARG L 1429 -4.09 87.62 -29.44
N GLU L 1430 -3.54 88.27 -30.47
CA GLU L 1430 -4.06 89.56 -30.90
C GLU L 1430 -3.68 89.78 -32.35
N HIS L 1431 -4.36 90.74 -32.97
CA HIS L 1431 -4.15 91.06 -34.37
C HIS L 1431 -3.04 92.10 -34.51
N HIS L 1432 -2.21 91.94 -35.53
CA HIS L 1432 -1.04 92.78 -35.74
C HIS L 1432 -0.89 93.24 -37.19
N GLY L 1433 -1.99 93.28 -37.94
CA GLY L 1433 -1.89 93.69 -39.34
C GLY L 1433 -1.46 95.13 -39.50
N ASN L 1434 -2.02 96.03 -38.68
CA ASN L 1434 -1.82 97.47 -38.82
C ASN L 1434 -1.64 98.07 -37.44
N LEU L 1435 -0.38 98.21 -37.01
CA LEU L 1435 -0.04 98.80 -35.73
C LEU L 1435 0.55 100.19 -35.89
N LYS L 1436 0.18 100.90 -36.95
CA LYS L 1436 0.79 102.20 -37.21
C LYS L 1436 0.50 103.18 -36.10
N TYR L 1437 -0.56 102.94 -35.32
CA TYR L 1437 -0.96 103.82 -34.24
C TYR L 1437 -1.39 103.00 -33.04
N PRO L 1438 -1.10 103.42 -31.81
CA PRO L 1438 -1.58 102.66 -30.64
C PRO L 1438 -3.10 102.66 -30.56
N SER L 1439 -3.64 101.56 -30.06
CA SER L 1439 -5.06 101.49 -29.79
C SER L 1439 -5.38 102.39 -28.60
N PRO L 1440 -6.33 103.34 -28.71
CA PRO L 1440 -6.60 104.20 -27.55
C PRO L 1440 -7.09 103.44 -26.34
N LEU L 1441 -7.72 102.29 -26.53
CA LEU L 1441 -8.35 101.58 -25.43
C LEU L 1441 -7.30 101.06 -24.45
N LEU L 1442 -6.08 100.83 -24.93
CA LEU L 1442 -5.00 100.46 -24.02
C LEU L 1442 -4.52 101.64 -23.18
N ASN L 1443 -4.90 102.86 -23.54
CA ASN L 1443 -4.48 104.04 -22.80
C ASN L 1443 -5.43 104.27 -21.63
N ILE L 1444 -4.86 104.44 -20.44
CA ILE L 1444 -5.67 104.49 -19.23
C ILE L 1444 -6.47 105.79 -19.17
N LYS L 1445 -5.87 106.93 -19.56
CA LYS L 1445 -6.57 108.20 -19.38
C LYS L 1445 -7.69 108.37 -20.40
N TYR L 1446 -7.53 107.83 -21.60
CA TYR L 1446 -8.62 107.83 -22.57
C TYR L 1446 -9.85 107.10 -22.02
N ARG L 1447 -9.64 105.89 -21.51
CA ARG L 1447 -10.73 105.15 -20.90
C ARG L 1447 -11.26 105.86 -19.66
N LYS L 1448 -10.39 106.56 -18.93
CA LYS L 1448 -10.86 107.27 -17.75
C LYS L 1448 -11.79 108.41 -18.12
N ARG L 1449 -11.47 109.17 -19.17
CA ARG L 1449 -12.37 110.25 -19.55
C ARG L 1449 -13.65 109.71 -20.17
N GLN L 1450 -13.55 108.60 -20.91
CA GLN L 1450 -14.77 107.94 -21.39
C GLN L 1450 -15.67 107.54 -20.22
N LEU L 1451 -15.09 106.91 -19.20
CA LEU L 1451 -15.86 106.51 -18.04
C LEU L 1451 -16.41 107.72 -17.30
N ASN L 1452 -15.66 108.81 -17.25
CA ASN L 1452 -16.13 110.00 -16.56
C ASN L 1452 -17.36 110.58 -17.26
N LYS L 1453 -17.31 110.69 -18.59
CA LYS L 1453 -18.48 111.23 -19.29
C LYS L 1453 -19.67 110.28 -19.19
N ARG L 1454 -19.41 108.97 -19.20
CA ARG L 1454 -20.51 108.02 -19.05
C ARG L 1454 -21.12 108.09 -17.65
N LEU L 1455 -20.28 108.30 -16.63
CA LEU L 1455 -20.79 108.45 -15.27
C LEU L 1455 -21.58 109.73 -15.12
N GLU L 1456 -21.15 110.80 -15.80
CA GLU L 1456 -21.96 112.02 -15.81
C GLU L 1456 -23.31 111.76 -16.46
N GLN L 1457 -23.32 111.00 -17.56
CA GLN L 1457 -24.59 110.63 -18.18
C GLN L 1457 -25.47 109.85 -17.22
N ILE L 1458 -24.89 108.92 -16.46
CA ILE L 1458 -25.69 108.11 -15.55
C ILE L 1458 -26.22 108.96 -14.39
N LYS L 1459 -25.42 109.93 -13.93
CA LYS L 1459 -25.91 110.83 -12.89
C LYS L 1459 -27.08 111.66 -13.39
N SER L 1460 -26.96 112.19 -14.61
CA SER L 1460 -28.08 112.90 -15.22
C SER L 1460 -29.29 111.99 -15.36
N TRP L 1461 -29.05 110.72 -15.67
CA TRP L 1461 -30.14 109.76 -15.80
C TRP L 1461 -30.86 109.56 -14.47
N GLU L 1462 -30.09 109.42 -13.38
CA GLU L 1462 -30.71 109.40 -12.05
C GLU L 1462 -31.56 110.62 -11.80
N GLU L 1463 -31.02 111.80 -12.10
CA GLU L 1463 -31.77 113.03 -11.82
C GLU L 1463 -33.06 113.08 -12.61
N THR L 1464 -33.02 112.74 -13.90
CA THR L 1464 -34.23 112.77 -14.70
C THR L 1464 -35.23 111.71 -14.24
N GLU L 1465 -34.76 110.53 -13.83
CA GLU L 1465 -35.68 109.51 -13.37
C GLU L 1465 -36.37 109.93 -12.08
N LEU L 1466 -35.61 110.47 -11.13
CA LEU L 1466 -36.22 110.91 -9.88
C LEU L 1466 -37.19 112.06 -10.12
N SER L 1467 -36.87 112.93 -11.09
CA SER L 1467 -37.83 113.99 -11.44
C SER L 1467 -39.10 113.42 -12.05
N TYR L 1468 -38.96 112.47 -12.99
CA TYR L 1468 -40.11 111.85 -13.62
C TYR L 1468 -40.94 111.04 -12.65
N LEU L 1469 -40.38 110.68 -11.50
CA LEU L 1469 -41.10 109.78 -10.60
C LEU L 1469 -42.33 110.47 -10.03
N GLN L 1470 -42.24 111.79 -9.82
CA GLN L 1470 -43.41 112.54 -9.37
C GLN L 1470 -44.54 112.45 -10.38
N GLU L 1471 -44.22 112.56 -11.67
CA GLU L 1471 -45.24 112.49 -12.70
C GLU L 1471 -45.79 111.07 -12.84
N GLU L 1472 -44.93 110.07 -12.66
CA GLU L 1472 -45.40 108.69 -12.78
C GLU L 1472 -46.25 108.29 -11.57
N ALA L 1473 -46.03 108.94 -10.43
CA ALA L 1473 -46.86 108.65 -9.26
C ALA L 1473 -48.28 109.16 -9.45
N GLU L 1474 -48.44 110.34 -10.04
CA GLU L 1474 -49.78 110.86 -10.33
C GLU L 1474 -50.51 109.95 -11.30
N LEU L 1475 -49.79 109.40 -12.27
CA LEU L 1475 -50.40 108.43 -13.19
C LEU L 1475 -50.86 107.19 -12.42
N ALA L 1476 -50.02 106.69 -11.52
CA ALA L 1476 -50.38 105.53 -10.71
C ALA L 1476 -51.37 105.88 -9.62
N LYS L 1477 -51.44 107.16 -9.22
CA LYS L 1477 -52.41 107.56 -8.20
C LYS L 1477 -53.84 107.33 -8.66
N GLU L 1478 -54.13 107.59 -9.93
CA GLU L 1478 -55.45 107.36 -10.50
C GLU L 1478 -55.64 105.95 -11.04
N GLU L 1479 -54.55 105.23 -11.33
CA GLU L 1479 -54.62 103.89 -11.90
C GLU L 1479 -54.49 102.79 -10.85
N PHE L 1480 -54.47 103.12 -9.56
CA PHE L 1480 -54.38 102.12 -8.49
C PHE L 1480 -55.39 102.37 -7.38
N GLY L 1481 -56.35 103.26 -7.58
CA GLY L 1481 -57.40 103.48 -6.60
C GLY L 1481 -56.96 104.39 -5.47
N ASP L 1482 -57.86 104.53 -4.49
CA ASP L 1482 -57.60 105.40 -3.35
C ASP L 1482 -56.63 104.79 -2.35
N GLU L 1483 -56.30 103.51 -2.50
CA GLU L 1483 -55.32 102.88 -1.62
C GLU L 1483 -53.89 103.35 -1.89
N PHE L 1484 -53.67 104.10 -2.97
CA PHE L 1484 -52.33 104.55 -3.32
C PHE L 1484 -51.71 105.37 -2.19
N SER L 1485 -50.49 105.01 -1.84
CA SER L 1485 -49.68 105.75 -0.87
C SER L 1485 -48.55 106.45 -1.61
N MET L 1486 -48.57 107.79 -1.59
CA MET L 1486 -47.53 108.58 -2.23
C MET L 1486 -46.16 108.23 -1.65
N HIS L 1487 -46.06 108.23 -0.32
CA HIS L 1487 -44.79 107.96 0.35
C HIS L 1487 -44.25 106.57 -0.01
N GLU L 1488 -45.11 105.57 0.04
CA GLU L 1488 -44.67 104.20 -0.26
C GLU L 1488 -44.24 104.08 -1.71
N PHE L 1489 -45.03 104.62 -2.64
CA PHE L 1489 -44.66 104.57 -4.05
C PHE L 1489 -43.31 105.23 -4.28
N LEU L 1490 -43.11 106.41 -3.70
CA LEU L 1490 -41.84 107.10 -3.85
C LEU L 1490 -40.70 106.25 -3.32
N LYS L 1491 -40.91 105.59 -2.18
CA LYS L 1491 -39.84 104.76 -1.61
C LYS L 1491 -39.49 103.60 -2.52
N GLU L 1492 -40.50 102.82 -2.95
CA GLU L 1492 -40.20 101.66 -3.81
C GLU L 1492 -39.49 102.10 -5.07
N ARG L 1493 -40.00 103.15 -5.72
CA ARG L 1493 -39.48 103.51 -7.03
C ARG L 1493 -38.13 104.22 -6.91
N THR L 1494 -37.89 104.92 -5.80
CA THR L 1494 -36.56 105.49 -5.57
C THR L 1494 -35.53 104.40 -5.34
N GLU L 1495 -35.90 103.36 -4.59
CA GLU L 1495 -34.99 102.22 -4.44
C GLU L 1495 -34.72 101.57 -5.79
N GLU L 1496 -35.75 101.43 -6.62
CA GLU L 1496 -35.56 100.85 -7.95
C GLU L 1496 -34.63 101.70 -8.80
N VAL L 1497 -34.83 103.01 -8.78
CA VAL L 1497 -33.97 103.91 -9.57
C VAL L 1497 -32.53 103.83 -9.08
N TYR L 1498 -32.33 103.78 -7.76
CA TYR L 1498 -30.99 103.70 -7.22
C TYR L 1498 -30.31 102.40 -7.64
N ARG L 1499 -31.03 101.28 -7.59
CA ARG L 1499 -30.43 100.02 -8.01
C ARG L 1499 -30.14 100.00 -9.50
N GLU L 1500 -31.03 100.56 -10.31
CA GLU L 1500 -30.80 100.62 -11.74
C GLU L 1500 -29.57 101.47 -12.05
N SER L 1501 -29.42 102.60 -11.37
CA SER L 1501 -28.28 103.47 -11.62
C SER L 1501 -26.99 102.85 -11.09
N LYS L 1502 -27.07 102.11 -9.98
CA LYS L 1502 -25.91 101.36 -9.53
C LYS L 1502 -25.47 100.36 -10.58
N ARG L 1503 -26.43 99.65 -11.18
CA ARG L 1503 -26.06 98.71 -12.23
C ARG L 1503 -25.50 99.43 -13.45
N GLN L 1504 -26.03 100.60 -13.78
CA GLN L 1504 -25.48 101.36 -14.90
C GLN L 1504 -24.04 101.78 -14.63
N VAL L 1505 -23.77 102.25 -13.42
CA VAL L 1505 -22.41 102.64 -13.05
C VAL L 1505 -21.48 101.43 -13.10
N SER L 1506 -21.93 100.30 -12.58
CA SER L 1506 -21.13 99.09 -12.61
C SER L 1506 -20.87 98.63 -14.04
N ASP L 1507 -21.87 98.74 -14.91
CA ASP L 1507 -21.69 98.35 -16.31
C ASP L 1507 -20.70 99.26 -17.00
N ALA L 1508 -20.76 100.57 -16.73
CA ALA L 1508 -19.80 101.49 -17.31
C ALA L 1508 -18.38 101.17 -16.83
N LYS L 1509 -18.23 100.90 -15.53
CA LYS L 1509 -16.91 100.58 -15.00
C LYS L 1509 -16.42 99.24 -15.52
N LYS L 1510 -17.33 98.33 -15.82
CA LYS L 1510 -16.95 97.04 -16.38
C LYS L 1510 -16.54 97.17 -17.84
N GLN L 1511 -17.21 98.07 -18.58
CA GLN L 1511 -16.88 98.28 -19.98
C GLN L 1511 -15.54 98.98 -20.12
N TRP L 1512 -15.32 100.04 -19.35
CA TRP L 1512 -14.13 100.87 -19.52
C TRP L 1512 -12.97 100.46 -18.63
N GLY L 1513 -13.22 99.89 -17.45
CA GLY L 1513 -12.14 99.44 -16.58
C GLY L 1513 -11.81 97.95 -16.67
N ASN L 1514 -12.81 97.10 -16.44
CA ASN L 1514 -12.54 95.68 -16.23
C ASN L 1514 -12.44 94.91 -17.55
N SER L 1515 -13.44 95.07 -18.41
CA SER L 1515 -13.66 94.22 -19.57
C SER L 1515 -13.67 95.04 -20.85
N PHE L 1516 -12.77 96.01 -20.96
CA PHE L 1516 -12.67 96.80 -22.18
C PHE L 1516 -12.08 96.03 -23.35
N TYR L 1517 -11.57 94.82 -23.12
CA TYR L 1517 -10.89 94.05 -24.15
C TYR L 1517 -11.71 92.84 -24.61
N LYS L 1518 -13.00 92.78 -24.27
CA LYS L 1518 -13.82 91.64 -24.70
C LYS L 1518 -13.98 91.62 -26.20
N SER L 1519 -14.34 92.76 -26.79
CA SER L 1519 -14.58 92.84 -28.23
C SER L 1519 -13.31 93.08 -29.02
N ASP L 1520 -12.44 93.96 -28.53
CA ASP L 1520 -11.24 94.36 -29.27
C ASP L 1520 -10.36 93.16 -29.57
N PRO L 1521 -10.16 92.78 -30.83
CA PRO L 1521 -9.25 91.67 -31.13
C PRO L 1521 -7.78 92.08 -31.14
N ARG L 1522 -7.48 93.37 -31.15
CA ARG L 1522 -6.10 93.84 -31.06
C ARG L 1522 -5.58 93.87 -29.64
N ILE L 1523 -6.41 93.55 -28.65
CA ILE L 1523 -6.01 93.45 -27.25
C ILE L 1523 -6.15 91.99 -26.86
N ALA L 1524 -5.03 91.34 -26.56
CA ALA L 1524 -5.08 89.95 -26.17
C ALA L 1524 -5.72 89.82 -24.79
N PRO L 1525 -6.24 88.64 -24.44
CA PRO L 1525 -6.77 88.46 -23.07
C PRO L 1525 -5.75 88.78 -21.99
N LEU L 1526 -4.50 88.36 -22.17
CA LEU L 1526 -3.47 88.61 -21.18
C LEU L 1526 -3.17 90.10 -21.05
N ARG L 1527 -2.89 90.75 -22.18
CA ARG L 1527 -2.57 92.17 -22.16
C ARG L 1527 -3.75 92.98 -21.60
N GLY L 1528 -4.97 92.64 -22.01
CA GLY L 1528 -6.12 93.39 -21.54
C GLY L 1528 -6.39 93.18 -20.06
N ALA L 1529 -6.20 91.95 -19.58
CA ALA L 1529 -6.40 91.68 -18.15
C ALA L 1529 -5.41 92.48 -17.33
N LEU L 1530 -4.15 92.56 -17.78
CA LEU L 1530 -3.18 93.37 -17.05
C LEU L 1530 -3.47 94.85 -17.20
N ALA L 1531 -3.89 95.28 -18.38
CA ALA L 1531 -4.18 96.69 -18.63
C ALA L 1531 -5.41 97.16 -17.87
N ALA L 1532 -6.25 96.24 -17.41
CA ALA L 1532 -7.31 96.61 -16.49
C ALA L 1532 -6.72 97.25 -15.23
N PHE L 1533 -5.63 96.68 -14.72
CA PHE L 1533 -4.91 97.24 -13.58
C PHE L 1533 -3.76 98.15 -13.99
N ASN L 1534 -3.63 98.43 -15.29
CA ASN L 1534 -2.63 99.34 -15.81
C ASN L 1534 -1.24 98.73 -15.69
N LEU L 1535 -1.17 97.42 -15.88
CA LEU L 1535 0.08 96.67 -15.91
C LEU L 1535 0.35 96.25 -17.34
N THR L 1536 1.61 96.34 -17.76
CA THR L 1536 1.99 95.97 -19.10
C THR L 1536 2.36 94.49 -19.16
N ILE L 1537 2.61 94.01 -20.38
CA ILE L 1537 3.06 92.63 -20.58
C ILE L 1537 4.33 92.38 -19.77
N ASP L 1538 5.17 93.41 -19.63
CA ASP L 1538 6.41 93.31 -18.88
C ASP L 1538 6.20 93.12 -17.38
N ASP L 1539 4.98 93.32 -16.88
CA ASP L 1539 4.76 93.34 -15.44
C ASP L 1539 4.49 91.97 -14.84
N ILE L 1540 4.39 90.92 -15.66
CA ILE L 1540 4.35 89.55 -15.14
C ILE L 1540 5.79 89.18 -14.80
N GLY L 1541 6.08 89.06 -13.51
CA GLY L 1541 7.45 88.81 -13.08
C GLY L 1541 7.81 87.34 -13.00
N VAL L 1542 6.81 86.50 -12.73
CA VAL L 1542 7.04 85.08 -12.48
C VAL L 1542 6.05 84.26 -13.29
N ALA L 1543 6.49 83.07 -13.69
CA ALA L 1543 5.62 82.09 -14.33
C ALA L 1543 5.73 80.79 -13.56
N SER L 1544 4.65 80.41 -12.89
CA SER L 1544 4.59 79.12 -12.19
C SER L 1544 4.31 78.07 -13.24
N PHE L 1545 5.37 77.42 -13.72
CA PHE L 1545 5.25 76.39 -14.72
C PHE L 1545 4.61 75.14 -14.14
N HIS L 1546 3.84 74.44 -14.97
CA HIS L 1546 3.44 73.08 -14.64
C HIS L 1546 4.65 72.27 -14.25
N GLY L 1547 5.70 72.28 -15.08
CA GLY L 1547 7.00 71.73 -14.76
C GLY L 1547 6.95 70.34 -14.16
N THR L 1548 6.48 69.37 -14.94
CA THR L 1548 6.24 68.03 -14.44
C THR L 1548 7.47 67.15 -14.45
N SER L 1549 8.62 67.64 -14.90
CA SER L 1549 9.82 66.82 -15.06
C SER L 1549 9.59 65.71 -16.09
N THR L 1550 8.85 66.03 -17.14
CA THR L 1550 8.73 65.16 -18.31
C THR L 1550 9.24 65.93 -19.52
N VAL L 1551 9.82 65.19 -20.46
CA VAL L 1551 10.50 65.80 -21.60
C VAL L 1551 9.54 66.70 -22.37
N ALA L 1552 8.46 66.11 -22.87
CA ALA L 1552 7.53 66.83 -23.71
C ALA L 1552 6.87 67.99 -22.96
N ASN L 1553 6.47 67.75 -21.72
CA ASN L 1553 5.76 68.80 -20.98
C ASN L 1553 6.65 70.01 -20.75
N ASP L 1554 7.87 69.80 -20.25
CA ASP L 1554 8.73 70.94 -19.96
C ASP L 1554 9.12 71.67 -21.23
N LYS L 1555 9.46 70.94 -22.30
CA LYS L 1555 9.82 71.61 -23.55
C LYS L 1555 8.64 72.41 -24.08
N ASN L 1556 7.45 71.80 -24.11
CA ASN L 1556 6.28 72.46 -24.67
C ASN L 1556 5.87 73.66 -23.85
N GLU L 1557 6.00 73.58 -22.52
CA GLU L 1557 5.59 74.71 -21.69
C GLU L 1557 6.57 75.87 -21.81
N SER L 1558 7.87 75.58 -21.83
CA SER L 1558 8.83 76.65 -22.06
C SER L 1558 8.59 77.32 -23.40
N ALA L 1559 8.32 76.52 -24.44
CA ALA L 1559 8.02 77.09 -25.75
C ALA L 1559 6.76 77.93 -25.71
N THR L 1560 5.72 77.46 -25.01
CA THR L 1560 4.46 78.18 -24.97
C THR L 1560 4.62 79.53 -24.30
N ILE L 1561 5.30 79.56 -23.14
CA ILE L 1561 5.49 80.84 -22.45
C ILE L 1561 6.35 81.76 -23.31
N ASN L 1562 7.41 81.23 -23.92
CA ASN L 1562 8.26 82.05 -24.76
C ASN L 1562 7.47 82.67 -25.91
N ASN L 1563 6.60 81.88 -26.56
CA ASN L 1563 5.82 82.40 -27.67
C ASN L 1563 4.78 83.41 -27.21
N MET L 1564 4.17 83.17 -26.05
CA MET L 1564 3.24 84.15 -25.50
C MET L 1564 3.93 85.51 -25.33
N MET L 1565 5.10 85.51 -24.70
CA MET L 1565 5.78 86.78 -24.45
C MET L 1565 6.28 87.40 -25.75
N LYS L 1566 6.78 86.57 -26.67
CA LYS L 1566 7.26 87.08 -27.94
C LYS L 1566 6.14 87.73 -28.74
N HIS L 1567 4.94 87.14 -28.71
CA HIS L 1567 3.83 87.72 -29.46
C HIS L 1567 3.27 88.94 -28.76
N LEU L 1568 3.23 88.94 -27.43
CA LEU L 1568 2.76 90.11 -26.69
C LEU L 1568 3.82 91.19 -26.57
N GLY L 1569 4.96 91.02 -27.21
CA GLY L 1569 5.91 92.12 -27.30
C GLY L 1569 6.60 92.38 -25.99
N ARG L 1570 6.80 91.34 -25.18
CA ARG L 1570 7.64 91.45 -24.00
C ARG L 1570 9.01 91.99 -24.42
N SER L 1571 9.46 93.03 -23.73
CA SER L 1571 10.72 93.66 -24.09
C SER L 1571 11.86 92.68 -23.94
N GLU L 1572 12.77 92.67 -24.91
CA GLU L 1572 13.89 91.75 -24.88
C GLU L 1572 14.76 92.02 -23.66
N GLY L 1573 15.19 90.94 -23.02
CA GLY L 1573 15.92 91.05 -21.77
C GLY L 1573 15.05 91.13 -20.54
N ASN L 1574 13.77 90.80 -20.65
CA ASN L 1574 12.84 90.78 -19.51
C ASN L 1574 12.15 89.43 -19.44
N PRO L 1575 12.89 88.38 -19.15
CA PRO L 1575 12.28 87.05 -19.02
C PRO L 1575 11.46 86.94 -17.74
N VAL L 1576 10.44 86.10 -17.80
CA VAL L 1576 9.72 85.67 -16.61
C VAL L 1576 10.52 84.59 -15.92
N PHE L 1577 10.61 84.68 -14.59
CA PHE L 1577 11.29 83.66 -13.81
C PHE L 1577 10.35 82.48 -13.65
N GLY L 1578 10.85 81.28 -13.90
CA GLY L 1578 10.01 80.09 -13.87
C GLY L 1578 10.10 79.40 -12.53
N VAL L 1579 8.94 79.09 -11.96
CA VAL L 1579 8.84 78.34 -10.71
C VAL L 1579 8.34 76.95 -11.06
N PHE L 1580 8.94 75.93 -10.46
CA PHE L 1580 8.75 74.54 -10.81
C PHE L 1580 8.46 73.71 -9.57
N GLN L 1581 7.47 74.16 -8.79
CA GLN L 1581 7.09 73.59 -7.49
C GLN L 1581 7.10 72.07 -7.44
N LYS L 1582 6.82 71.43 -8.57
CA LYS L 1582 6.71 69.97 -8.57
C LYS L 1582 8.04 69.30 -8.25
N TYR L 1583 9.17 69.99 -8.42
CA TYR L 1583 10.43 69.45 -7.96
C TYR L 1583 10.39 69.09 -6.49
N LEU L 1584 9.64 69.86 -5.70
CA LEU L 1584 9.57 69.72 -4.25
C LEU L 1584 8.32 68.98 -3.80
N THR L 1585 7.19 69.28 -4.42
CA THR L 1585 5.90 68.75 -3.99
C THR L 1585 5.41 67.57 -4.83
N GLY L 1586 6.14 67.17 -5.87
CA GLY L 1586 5.62 66.17 -6.77
C GLY L 1586 4.46 66.72 -7.58
N HIS L 1587 3.87 65.84 -8.38
CA HIS L 1587 2.75 66.18 -9.26
C HIS L 1587 1.49 65.51 -8.73
N PRO L 1588 0.60 66.23 -8.00
CA PRO L 1588 -0.60 65.61 -7.45
C PRO L 1588 -1.80 65.68 -8.40
N LYS L 1589 -1.55 65.50 -9.69
CA LYS L 1589 -2.61 65.53 -10.70
C LYS L 1589 -3.54 66.73 -10.52
N GLY L 1590 -4.72 66.53 -9.94
CA GLY L 1590 -5.70 67.61 -9.86
C GLY L 1590 -5.28 68.74 -8.96
N ALA L 1591 -4.60 68.44 -7.85
CA ALA L 1591 -4.19 69.47 -6.91
C ALA L 1591 -2.99 70.29 -7.40
N ALA L 1592 -2.47 69.97 -8.58
CA ALA L 1592 -1.30 70.66 -9.09
C ALA L 1592 -1.53 72.17 -9.13
N GLY L 1593 -2.45 72.60 -10.00
CA GLY L 1593 -2.66 74.02 -10.19
C GLY L 1593 -3.04 74.74 -8.91
N ALA L 1594 -3.65 74.03 -7.96
CA ALA L 1594 -3.97 74.64 -6.68
C ALA L 1594 -2.70 74.91 -5.89
N TRP L 1595 -1.79 73.94 -5.83
CA TRP L 1595 -0.53 74.16 -5.14
C TRP L 1595 0.27 75.27 -5.80
N MET L 1596 0.32 75.29 -7.13
CA MET L 1596 1.12 76.31 -7.80
C MET L 1596 0.45 77.67 -7.73
N LEU L 1597 -0.88 77.71 -7.57
CA LEU L 1597 -1.56 78.99 -7.37
C LEU L 1597 -1.33 79.52 -5.97
N ASN L 1598 -1.33 78.64 -4.97
CA ASN L 1598 -0.94 79.05 -3.63
C ASN L 1598 0.48 79.58 -3.62
N GLY L 1599 1.38 78.87 -4.32
CA GLY L 1599 2.75 79.35 -4.43
C GLY L 1599 2.84 80.69 -5.12
N ALA L 1600 2.04 80.90 -6.17
CA ALA L 1600 2.04 82.18 -6.87
C ALA L 1600 1.57 83.31 -5.97
N ILE L 1601 0.53 83.05 -5.17
CA ILE L 1601 0.04 84.06 -4.23
C ILE L 1601 1.11 84.39 -3.19
N GLN L 1602 1.78 83.35 -2.68
CA GLN L 1602 2.84 83.58 -1.71
C GLN L 1602 4.02 84.33 -2.33
N ILE L 1603 4.34 84.04 -3.59
CA ILE L 1603 5.38 84.78 -4.30
C ILE L 1603 4.99 86.23 -4.44
N LEU L 1604 3.72 86.49 -4.78
CA LEU L 1604 3.26 87.87 -4.87
C LEU L 1604 3.45 88.58 -3.54
N GLU L 1605 3.12 87.92 -2.45
CA GLU L 1605 3.06 88.63 -1.18
C GLU L 1605 4.45 88.87 -0.62
N SER L 1606 5.34 87.87 -0.76
CA SER L 1606 6.70 87.99 -0.24
C SER L 1606 7.64 88.73 -1.18
N GLY L 1607 7.33 88.78 -2.47
CA GLY L 1607 8.28 89.27 -3.44
C GLY L 1607 9.39 88.30 -3.77
N LEU L 1608 9.34 87.09 -3.23
CA LEU L 1608 10.41 86.12 -3.36
C LEU L 1608 10.07 85.11 -4.44
N VAL L 1609 11.03 84.84 -5.32
CA VAL L 1609 10.87 83.87 -6.39
C VAL L 1609 11.66 82.62 -6.01
N PRO L 1610 11.03 81.51 -5.64
CA PRO L 1610 11.79 80.30 -5.33
C PRO L 1610 12.51 79.77 -6.55
N GLY L 1611 13.54 78.97 -6.30
CA GLY L 1611 14.34 78.36 -7.35
C GLY L 1611 14.21 76.86 -7.33
N ASN L 1612 14.27 76.27 -8.52
CA ASN L 1612 14.19 74.83 -8.67
C ASN L 1612 15.47 74.22 -8.13
N ARG L 1613 15.46 73.83 -6.84
CA ARG L 1613 16.67 73.36 -6.21
C ARG L 1613 17.17 72.05 -6.80
N ASN L 1614 16.33 71.34 -7.55
CA ASN L 1614 16.73 70.14 -8.27
C ASN L 1614 17.19 70.44 -9.69
N ALA L 1615 17.27 71.71 -10.08
CA ALA L 1615 17.69 72.08 -11.43
C ALA L 1615 19.21 71.94 -11.52
N ASP L 1616 19.66 70.71 -11.69
CA ASP L 1616 21.09 70.45 -11.78
C ASP L 1616 21.68 71.06 -13.05
N ASN L 1617 20.98 70.90 -14.18
CA ASN L 1617 21.46 71.42 -15.45
C ASN L 1617 20.26 71.65 -16.36
N VAL L 1618 19.86 72.91 -16.52
CA VAL L 1618 18.73 73.22 -17.38
C VAL L 1618 19.06 72.80 -18.80
N ASP L 1619 18.10 72.15 -19.46
CA ASP L 1619 18.35 71.56 -20.77
C ASP L 1619 18.80 72.61 -21.77
N LYS L 1620 19.77 72.24 -22.60
CA LYS L 1620 20.28 73.17 -23.60
C LYS L 1620 19.19 73.58 -24.58
N LEU L 1621 18.19 72.72 -24.78
CA LEU L 1621 17.07 73.07 -25.65
C LEU L 1621 16.23 74.21 -25.10
N LEU L 1622 16.40 74.56 -23.82
CA LEU L 1622 15.68 75.67 -23.22
C LEU L 1622 16.44 76.99 -23.30
N GLU L 1623 17.61 77.02 -23.93
CA GLU L 1623 18.32 78.29 -24.10
C GLU L 1623 17.64 79.16 -25.15
N GLN L 1624 17.05 78.55 -26.18
CA GLN L 1624 16.38 79.32 -27.22
C GLN L 1624 15.21 80.13 -26.67
N TYR L 1625 14.66 79.75 -25.52
CA TYR L 1625 13.56 80.48 -24.91
C TYR L 1625 14.14 81.61 -24.07
N GLU L 1626 14.40 82.73 -24.74
CA GLU L 1626 15.03 83.89 -24.11
C GLU L 1626 14.10 84.61 -23.15
N TYR L 1627 12.79 84.42 -23.25
CA TYR L 1627 11.83 85.08 -22.37
C TYR L 1627 11.56 84.29 -21.10
N VAL L 1628 12.26 83.19 -20.87
CA VAL L 1628 12.11 82.38 -19.67
C VAL L 1628 13.47 82.28 -18.99
N LEU L 1629 13.49 82.55 -17.69
CA LEU L 1629 14.64 82.29 -16.84
C LEU L 1629 14.27 81.14 -15.92
N TYR L 1630 15.26 80.34 -15.54
CA TYR L 1630 15.05 79.10 -14.78
C TYR L 1630 15.90 79.13 -13.52
N PRO L 1631 15.47 79.85 -12.48
CA PRO L 1631 16.28 79.91 -11.26
C PRO L 1631 16.40 78.56 -10.58
N SER L 1632 17.57 78.32 -9.99
CA SER L 1632 17.81 77.17 -9.14
C SER L 1632 17.93 77.54 -7.67
N ARG L 1633 17.89 78.83 -7.34
CA ARG L 1633 17.95 79.30 -5.97
C ARG L 1633 16.94 80.41 -5.79
N SER L 1634 16.46 80.58 -4.55
CA SER L 1634 15.47 81.61 -4.28
C SER L 1634 16.09 83.00 -4.41
N ILE L 1635 15.35 83.89 -5.06
CA ILE L 1635 15.78 85.27 -5.28
C ILE L 1635 14.73 86.19 -4.66
N GLN L 1636 15.16 86.96 -3.66
CA GLN L 1636 14.28 87.93 -3.00
C GLN L 1636 14.28 89.20 -3.84
N THR L 1637 13.14 89.48 -4.48
CA THR L 1637 12.99 90.64 -5.34
C THR L 1637 12.38 91.80 -4.56
N ASP L 1638 12.38 92.97 -5.20
CA ASP L 1638 11.76 94.15 -4.63
C ASP L 1638 10.24 94.17 -4.81
N GLY L 1639 9.68 93.19 -5.50
CA GLY L 1639 8.24 93.07 -5.64
C GLY L 1639 7.83 92.41 -6.93
N ILE L 1640 6.90 91.47 -6.84
CA ILE L 1640 6.32 90.79 -8.01
C ILE L 1640 4.92 91.35 -8.20
N LYS L 1641 4.65 91.88 -9.38
CA LYS L 1641 3.37 92.51 -9.67
C LYS L 1641 2.33 91.51 -10.15
N ALA L 1642 2.74 90.52 -10.93
CA ALA L 1642 1.83 89.50 -11.42
C ALA L 1642 2.57 88.19 -11.61
N VAL L 1643 1.81 87.09 -11.58
CA VAL L 1643 2.35 85.74 -11.73
C VAL L 1643 1.45 84.98 -12.69
N SER L 1644 2.04 84.16 -13.55
CA SER L 1644 1.31 83.39 -14.55
C SER L 1644 1.44 81.90 -14.26
N VAL L 1645 0.35 81.29 -13.80
CA VAL L 1645 0.32 79.88 -13.43
C VAL L 1645 -0.20 79.10 -14.62
N THR L 1646 0.62 78.17 -15.13
CA THR L 1646 0.29 77.39 -16.32
C THR L 1646 0.20 75.91 -15.97
N SER L 1647 -0.93 75.29 -16.32
CA SER L 1647 -1.15 73.87 -16.08
C SER L 1647 -1.50 73.19 -17.39
N PHE L 1648 -0.94 72.00 -17.60
CA PHE L 1648 -1.18 71.21 -18.80
C PHE L 1648 -1.59 69.81 -18.34
N GLY L 1649 -2.77 69.37 -18.75
CA GLY L 1649 -3.30 68.11 -18.29
C GLY L 1649 -3.75 67.19 -19.40
N PHE L 1650 -3.95 65.93 -19.01
CA PHE L 1650 -4.28 64.87 -19.96
C PHE L 1650 -5.57 65.21 -20.69
N GLY L 1651 -5.60 64.87 -21.97
CA GLY L 1651 -6.74 65.19 -22.80
C GLY L 1651 -6.75 66.62 -23.29
N GLN L 1652 -5.58 67.22 -23.47
CA GLN L 1652 -5.48 68.59 -24.00
C GLN L 1652 -6.12 69.59 -23.06
N LYS L 1653 -5.80 69.52 -21.77
CA LYS L 1653 -6.35 70.45 -20.79
C LYS L 1653 -5.29 71.51 -20.50
N GLY L 1654 -5.13 72.44 -21.44
CA GLY L 1654 -4.29 73.59 -21.21
C GLY L 1654 -5.07 74.59 -20.39
N ALA L 1655 -4.40 75.22 -19.44
CA ALA L 1655 -5.04 76.19 -18.58
C ALA L 1655 -4.02 77.20 -18.09
N GLN L 1656 -4.44 78.45 -18.06
CA GLN L 1656 -3.58 79.54 -17.60
C GLN L 1656 -4.37 80.39 -16.63
N ALA L 1657 -3.67 80.91 -15.62
CA ALA L 1657 -4.24 81.85 -14.67
C ALA L 1657 -3.22 82.96 -14.46
N VAL L 1658 -3.71 84.16 -14.20
CA VAL L 1658 -2.87 85.33 -13.93
C VAL L 1658 -3.29 85.90 -12.59
N VAL L 1659 -2.31 86.14 -11.72
CA VAL L 1659 -2.54 86.51 -10.34
C VAL L 1659 -1.83 87.84 -10.13
N VAL L 1660 -2.60 88.89 -9.86
CA VAL L 1660 -2.06 90.24 -9.74
C VAL L 1660 -2.00 90.61 -8.27
N HIS L 1661 -1.04 91.47 -7.92
CA HIS L 1661 -0.86 91.85 -6.53
C HIS L 1661 -2.09 92.63 -6.04
N PRO L 1662 -2.54 92.41 -4.80
CA PRO L 1662 -3.73 93.13 -4.33
C PRO L 1662 -3.52 94.63 -4.16
N ASP L 1663 -2.29 95.11 -4.27
CA ASP L 1663 -2.06 96.55 -4.24
C ASP L 1663 -2.81 97.25 -5.37
N TYR L 1664 -2.85 96.62 -6.54
CA TYR L 1664 -3.49 97.25 -7.69
C TYR L 1664 -5.02 97.16 -7.58
N LEU L 1665 -5.53 96.25 -6.75
CA LEU L 1665 -6.93 96.34 -6.37
C LEU L 1665 -7.17 97.50 -5.42
N PHE L 1666 -6.36 97.58 -4.36
CA PHE L 1666 -6.57 98.63 -3.37
C PHE L 1666 -6.37 100.02 -3.96
N ALA L 1667 -5.65 100.12 -5.07
CA ALA L 1667 -5.47 101.41 -5.73
C ALA L 1667 -6.76 101.97 -6.31
N VAL L 1668 -7.76 101.11 -6.59
CA VAL L 1668 -9.00 101.60 -7.18
C VAL L 1668 -9.99 102.11 -6.12
N LEU L 1669 -9.66 101.99 -4.84
CA LEU L 1669 -10.51 102.45 -3.77
C LEU L 1669 -10.17 103.89 -3.41
N ASP L 1670 -11.15 104.57 -2.81
CA ASP L 1670 -10.88 105.87 -2.21
C ASP L 1670 -10.23 105.66 -0.84
N ARG L 1671 -9.78 106.77 -0.23
CA ARG L 1671 -9.06 106.67 1.03
C ARG L 1671 -9.94 106.04 2.10
N SER L 1672 -11.15 106.58 2.31
CA SER L 1672 -11.99 106.15 3.42
C SER L 1672 -12.34 104.68 3.33
N THR L 1673 -12.70 104.21 2.13
CA THR L 1673 -13.02 102.80 1.95
C THR L 1673 -11.84 101.92 2.34
N TYR L 1674 -10.64 102.28 1.89
CA TYR L 1674 -9.47 101.46 2.18
C TYR L 1674 -9.15 101.44 3.67
N GLU L 1675 -9.23 102.61 4.34
CA GLU L 1675 -8.92 102.64 5.76
C GLU L 1675 -9.95 101.84 6.56
N GLU L 1676 -11.23 101.95 6.21
CA GLU L 1676 -12.26 101.17 6.90
C GLU L 1676 -12.02 99.68 6.69
N TYR L 1677 -11.70 99.29 5.46
CA TYR L 1677 -11.39 97.89 5.18
C TYR L 1677 -10.18 97.42 5.98
N ALA L 1678 -9.15 98.27 6.09
CA ALA L 1678 -7.96 97.89 6.83
C ALA L 1678 -8.26 97.67 8.31
N THR L 1679 -9.08 98.54 8.89
CA THR L 1679 -9.49 98.34 10.28
C THR L 1679 -10.26 97.04 10.45
N LYS L 1680 -11.18 96.75 9.53
CA LYS L 1680 -11.94 95.51 9.61
C LYS L 1680 -11.02 94.30 9.50
N VAL L 1681 -10.03 94.37 8.61
CA VAL L 1681 -9.12 93.25 8.44
C VAL L 1681 -8.25 93.06 9.67
N SER L 1682 -7.84 94.16 10.30
CA SER L 1682 -7.06 94.02 11.54
C SER L 1682 -7.87 93.32 12.62
N ALA L 1683 -9.13 93.73 12.79
CA ALA L 1683 -9.98 93.06 13.78
C ALA L 1683 -10.17 91.59 13.45
N ARG L 1684 -10.48 91.29 12.18
CA ARG L 1684 -10.66 89.91 11.76
C ARG L 1684 -9.37 89.12 11.94
N ASN L 1685 -8.21 89.75 11.72
CA ASN L 1685 -6.94 89.07 11.87
C ASN L 1685 -6.70 88.67 13.31
N LYS L 1686 -7.00 89.57 14.25
CA LYS L 1686 -6.85 89.20 15.65
C LYS L 1686 -7.80 88.07 16.02
N LYS L 1687 -9.05 88.14 15.52
CA LYS L 1687 -10.01 87.08 15.81
C LYS L 1687 -9.55 85.74 15.24
N THR L 1688 -9.04 85.75 14.01
CA THR L 1688 -8.55 84.53 13.37
C THR L 1688 -7.31 84.01 14.07
N TYR L 1689 -6.44 84.90 14.55
CA TYR L 1689 -5.26 84.49 15.28
C TYR L 1689 -5.64 83.75 16.56
N ARG L 1690 -6.61 84.30 17.29
CA ARG L 1690 -7.11 83.61 18.48
C ARG L 1690 -7.68 82.26 18.13
N TYR L 1691 -8.53 82.20 17.09
CA TYR L 1691 -9.13 80.94 16.69
C TYR L 1691 -8.06 79.93 16.30
N MET L 1692 -7.03 80.38 15.58
CA MET L 1692 -6.01 79.48 15.08
C MET L 1692 -5.20 78.89 16.22
N HIS L 1693 -4.81 79.72 17.19
CA HIS L 1693 -4.08 79.19 18.33
C HIS L 1693 -4.94 78.21 19.12
N ASN L 1694 -6.22 78.54 19.33
CA ASN L 1694 -7.11 77.62 20.03
C ASN L 1694 -7.24 76.30 19.27
N ALA L 1695 -7.39 76.38 17.94
CA ALA L 1695 -7.56 75.18 17.13
C ALA L 1695 -6.33 74.29 17.18
N ILE L 1696 -5.14 74.88 17.10
CA ILE L 1696 -3.94 74.07 17.14
C ILE L 1696 -3.76 73.45 18.52
N THR L 1697 -4.07 74.20 19.59
CA THR L 1697 -3.90 73.64 20.93
C THR L 1697 -4.93 72.58 21.26
N ARG L 1698 -6.12 72.63 20.66
CA ARG L 1698 -7.22 71.76 21.07
C ARG L 1698 -7.71 70.80 19.99
N ASN L 1699 -7.05 70.74 18.82
CA ASN L 1699 -7.45 69.85 17.73
C ASN L 1699 -8.91 70.07 17.34
N THR L 1700 -9.33 71.34 17.35
CA THR L 1700 -10.69 71.73 17.00
C THR L 1700 -10.69 72.68 15.80
N MET L 1701 -9.77 72.47 14.86
CA MET L 1701 -9.73 73.30 13.66
C MET L 1701 -10.98 73.11 12.83
N PHE L 1702 -11.34 71.86 12.56
CA PHE L 1702 -12.55 71.51 11.83
C PHE L 1702 -13.69 71.37 12.83
N VAL L 1703 -14.71 72.20 12.68
CA VAL L 1703 -15.93 72.10 13.47
C VAL L 1703 -17.04 71.73 12.50
N ALA L 1704 -17.40 70.45 12.47
CA ALA L 1704 -18.51 70.01 11.65
C ALA L 1704 -19.78 70.72 12.08
N LYS L 1705 -20.55 71.19 11.11
CA LYS L 1705 -21.83 71.82 11.38
C LYS L 1705 -22.88 70.72 11.48
N ASP L 1706 -23.53 70.63 12.65
CA ASP L 1706 -24.59 69.65 12.84
C ASP L 1706 -25.89 70.09 12.19
N LYS L 1707 -26.20 71.39 12.22
CA LYS L 1707 -27.48 71.90 11.74
C LYS L 1707 -27.22 73.08 10.81
N ALA L 1708 -28.11 73.24 9.84
CA ALA L 1708 -28.04 74.35 8.92
C ALA L 1708 -28.36 75.66 9.65
N PRO L 1709 -28.00 76.81 9.06
CA PRO L 1709 -28.36 78.08 9.71
C PRO L 1709 -29.86 78.31 9.80
N TYR L 1710 -30.66 77.58 9.01
CA TYR L 1710 -32.11 77.70 9.00
C TYR L 1710 -32.73 76.39 9.49
N SER L 1711 -33.86 76.52 10.18
CA SER L 1711 -34.62 75.36 10.60
C SER L 1711 -35.34 74.74 9.41
N ASP L 1712 -35.95 73.58 9.65
CA ASP L 1712 -36.71 72.93 8.59
C ASP L 1712 -37.90 73.78 8.17
N GLU L 1713 -38.45 74.58 9.09
CA GLU L 1713 -39.57 75.45 8.75
C GLU L 1713 -39.14 76.66 7.93
N LEU L 1714 -37.96 77.20 8.20
CA LEU L 1714 -37.44 78.37 7.51
C LEU L 1714 -36.50 78.03 6.37
N GLU L 1715 -36.36 76.74 6.03
CA GLU L 1715 -35.47 76.34 4.94
C GLU L 1715 -35.89 76.97 3.62
N GLN L 1716 -37.08 76.61 3.14
CA GLN L 1716 -37.54 77.11 1.86
C GLN L 1716 -37.86 78.60 1.86
N PRO L 1717 -38.45 79.19 2.91
CA PRO L 1717 -38.60 80.65 2.91
C PRO L 1717 -37.28 81.39 2.77
N VAL L 1718 -36.20 80.87 3.35
CA VAL L 1718 -34.88 81.47 3.15
C VAL L 1718 -34.39 81.22 1.72
N TYR L 1719 -34.64 80.02 1.19
CA TYR L 1719 -34.26 79.74 -0.20
C TYR L 1719 -34.89 80.73 -1.15
N LEU L 1720 -36.14 81.14 -0.88
CA LEU L 1720 -36.90 81.95 -1.82
C LEU L 1720 -36.78 83.44 -1.56
N ASP L 1721 -35.97 83.86 -0.59
CA ASP L 1721 -35.76 85.27 -0.31
C ASP L 1721 -34.30 85.63 -0.56
N PRO L 1722 -33.94 86.33 -1.63
CA PRO L 1722 -32.53 86.68 -1.84
C PRO L 1722 -31.97 87.65 -0.82
N LEU L 1723 -32.81 88.32 -0.04
CA LEU L 1723 -32.38 89.27 0.97
C LEU L 1723 -32.33 88.65 2.37
N ALA L 1724 -32.55 87.35 2.50
CA ALA L 1724 -32.53 86.71 3.80
C ALA L 1724 -31.09 86.58 4.28
N ARG L 1725 -30.77 87.27 5.37
CA ARG L 1725 -29.43 87.28 5.93
C ARG L 1725 -29.45 86.69 7.33
N VAL L 1726 -28.45 85.86 7.61
CA VAL L 1726 -28.30 85.27 8.94
C VAL L 1726 -28.02 86.37 9.96
N GLU L 1727 -28.50 86.15 11.19
CA GLU L 1727 -28.20 87.03 12.31
C GLU L 1727 -27.69 86.20 13.48
N GLU L 1728 -27.02 86.89 14.41
CA GLU L 1728 -26.44 86.24 15.57
C GLU L 1728 -27.50 86.01 16.64
N ASN L 1729 -27.45 84.86 17.28
CA ASN L 1729 -28.39 84.50 18.34
C ASN L 1729 -27.70 83.46 19.22
N LYS L 1730 -27.50 83.79 20.50
CA LYS L 1730 -26.79 82.92 21.43
C LYS L 1730 -25.40 82.57 20.90
N LYS L 1731 -24.76 83.54 20.25
CA LYS L 1731 -23.42 83.43 19.65
C LYS L 1731 -23.40 82.52 18.43
N LYS L 1732 -24.55 82.05 17.95
CA LYS L 1732 -24.62 81.21 16.76
C LYS L 1732 -25.28 82.00 15.63
N LEU L 1733 -24.71 81.89 14.44
CA LEU L 1733 -25.24 82.59 13.27
C LEU L 1733 -26.34 81.73 12.66
N VAL L 1734 -27.61 82.16 12.81
CA VAL L 1734 -28.76 81.39 12.36
C VAL L 1734 -29.72 82.29 11.60
N PHE L 1735 -30.58 81.66 10.78
CA PHE L 1735 -31.66 82.36 10.11
C PHE L 1735 -32.88 82.45 11.02
N SER L 1736 -33.56 83.58 10.97
CA SER L 1736 -34.79 83.81 11.73
C SER L 1736 -35.87 84.33 10.80
N ASP L 1737 -37.12 84.07 11.17
CA ASP L 1737 -38.25 84.51 10.36
C ASP L 1737 -38.37 86.03 10.30
N LYS L 1738 -37.67 86.75 11.19
CA LYS L 1738 -37.76 88.21 11.17
C LYS L 1738 -37.24 88.79 9.87
N THR L 1739 -36.20 88.18 9.28
CA THR L 1739 -35.56 88.71 8.08
C THR L 1739 -36.07 88.07 6.79
N ILE L 1740 -37.08 87.22 6.86
CA ILE L 1740 -37.59 86.52 5.69
C ILE L 1740 -38.77 87.31 5.14
N GLN L 1741 -38.63 87.79 3.90
CA GLN L 1741 -39.62 88.67 3.27
C GLN L 1741 -39.90 89.88 4.16
N SER L 1742 -38.84 90.38 4.79
CA SER L 1742 -38.97 91.50 5.72
C SER L 1742 -39.35 92.77 4.96
N ASN L 1743 -40.08 93.64 5.66
CA ASN L 1743 -40.53 94.89 5.05
C ASN L 1743 -39.44 95.95 4.96
N GLN L 1744 -38.33 95.76 5.68
CA GLN L 1744 -37.26 96.75 5.74
C GLN L 1744 -35.95 96.25 5.13
N SER L 1745 -35.93 95.05 4.56
CA SER L 1745 -34.69 94.47 4.05
C SER L 1745 -34.41 94.84 2.59
N TYR L 1746 -35.36 95.45 1.89
CA TYR L 1746 -35.18 95.83 0.49
C TYR L 1746 -34.89 97.32 0.32
N VAL L 1747 -35.75 98.17 0.86
CA VAL L 1747 -35.54 99.61 0.79
C VAL L 1747 -34.74 100.09 1.99
N1 FMN M . 70.64 -24.36 -72.05
C2 FMN M . 69.80 -23.30 -71.82
O2 FMN M . 68.67 -23.31 -72.31
N3 FMN M . 70.21 -22.23 -71.06
C4 FMN M . 71.48 -22.24 -70.52
O4 FMN M . 71.85 -21.29 -69.83
C4A FMN M . 72.32 -23.31 -70.75
N5 FMN M . 73.58 -23.29 -70.19
C5A FMN M . 74.45 -24.35 -70.41
C6 FMN M . 75.70 -24.30 -69.84
C7 FMN M . 76.61 -25.34 -70.03
C7M FMN M . 77.96 -25.20 -69.38
C8 FMN M . 76.22 -26.44 -70.79
C8M FMN M . 77.13 -27.62 -71.06
C9 FMN M . 74.96 -26.48 -71.36
C9A FMN M . 74.04 -25.43 -71.18
N10 FMN M . 72.77 -25.46 -71.73
C10 FMN M . 71.91 -24.39 -71.51
C1' FMN M . 72.30 -26.62 -72.58
C2' FMN M . 72.82 -26.39 -73.99
O2' FMN M . 72.16 -25.26 -74.53
C3' FMN M . 72.57 -27.58 -74.92
O3' FMN M . 71.18 -27.81 -75.00
C4' FMN M . 73.28 -28.84 -74.43
O4' FMN M . 74.56 -28.52 -73.93
C5' FMN M . 73.44 -29.86 -75.54
O5' FMN M . 74.16 -30.94 -75.00
P FMN M . 75.53 -31.43 -75.66
O1P FMN M . 76.63 -30.55 -75.13
O2P FMN M . 75.79 -32.87 -75.27
O3P FMN M . 75.45 -31.31 -77.16
N1 FMN N . -37.49 -66.03 -70.85
C2 FMN N . -36.25 -65.66 -70.36
O2 FMN N . -35.61 -64.78 -70.92
N3 FMN N . -35.73 -66.29 -69.25
C4 FMN N . -36.47 -67.27 -68.64
O4 FMN N . -36.02 -67.83 -67.66
C4A FMN N . -37.70 -67.65 -69.13
N5 FMN N . -38.41 -68.65 -68.49
C5A FMN N . -39.65 -69.03 -68.98
C6 FMN N . -40.34 -70.04 -68.32
C7 FMN N . -41.59 -70.45 -68.78
C7M FMN N . -42.27 -71.55 -68.01
C8 FMN N . -42.14 -69.84 -69.89
C8M FMN N . -43.48 -70.22 -70.45
C9 FMN N . -41.43 -68.84 -70.54
C9A FMN N . -40.18 -68.42 -70.09
N10 FMN N . -39.47 -67.40 -70.73
C10 FMN N . -38.22 -67.03 -70.25
C1' FMN N . -40.01 -66.71 -71.95
C2' FMN N . -39.69 -67.62 -73.15
O2' FMN N . -38.29 -67.72 -73.26
C3' FMN N . -40.25 -67.07 -74.45
O3' FMN N . -39.60 -65.85 -74.74
C4' FMN N . -41.76 -66.87 -74.35
O4' FMN N . -42.33 -67.92 -73.60
C5' FMN N . -42.43 -66.85 -75.71
O5' FMN N . -43.82 -66.88 -75.47
P FMN N . -44.76 -67.99 -76.13
O1P FMN N . -44.73 -69.22 -75.26
O2P FMN N . -46.18 -67.46 -76.22
O3P FMN N . -44.27 -68.34 -77.51
N1 FMN O . -18.92 46.46 -90.99
C2 FMN O . -19.36 45.33 -90.35
O2 FMN O . -18.81 44.26 -90.54
N3 FMN O . -20.42 45.40 -89.48
C4 FMN O . -21.03 46.62 -89.26
O4 FMN O . -21.97 46.69 -88.49
C4A FMN O . -20.58 47.76 -89.91
N5 FMN O . -21.20 48.97 -89.69
C5A FMN O . -20.77 50.10 -90.33
C6 FMN O . -21.41 51.30 -90.09
C7 FMN O . -21.01 52.48 -90.72
C7M FMN O . -21.76 53.73 -90.39
C8 FMN O . -19.94 52.43 -91.61
C8M FMN O . -19.43 53.63 -92.33
C9 FMN O . -19.31 51.22 -91.84
C9A FMN O . -19.70 50.04 -91.21
N10 FMN O . -19.06 48.83 -91.44
C10 FMN O . -19.52 47.69 -90.79
C1' FMN O . -17.90 48.71 -92.39
C2' FMN O . -18.50 48.59 -93.79
O2' FMN O . -19.24 47.40 -93.86
C3' FMN O . -17.44 48.57 -94.89
O3' FMN O . -16.65 47.41 -94.71
C4' FMN O . -16.58 49.83 -94.84
O4' FMN O . -17.37 50.94 -94.50
C5' FMN O . -15.88 50.11 -96.14
O5' FMN O . -15.30 51.38 -96.03
P FMN O . -15.59 52.54 -97.09
O1P FMN O . -16.84 53.26 -96.64
O2P FMN O . -14.43 53.49 -97.12
O3P FMN O . -15.81 51.96 -98.46
N1 FMN P . -59.24 -23.86 81.98
C2 FMN P . -58.87 -22.71 81.32
O2 FMN P . -57.89 -22.08 81.70
N3 FMN P . -59.60 -22.25 80.26
C4 FMN P . -60.68 -22.97 79.84
O4 FMN P . -61.34 -22.57 78.89
C4A FMN P . -61.06 -24.14 80.48
N5 FMN P . -62.16 -24.85 80.05
C5A FMN P . -62.53 -26.00 80.68
C6 FMN P . -63.65 -26.70 80.24
C7 FMN P . -64.06 -27.88 80.85
C7M FMN P . -65.27 -28.57 80.31
C8 FMN P . -63.33 -28.35 81.94
C8M FMN P . -63.69 -29.61 82.68
C9 FMN P . -62.22 -27.65 82.39
C9A FMN P . -61.80 -26.48 81.77
N10 FMN P . -60.68 -25.76 82.21
C10 FMN P . -60.32 -24.59 81.56
C1' FMN P . -59.88 -26.23 83.40
C2' FMN P . -60.61 -25.73 84.63
O2' FMN P . -60.62 -24.33 84.61
C3' FMN P . -59.95 -26.20 85.92
O3' FMN P . -58.66 -25.64 86.00
C4' FMN P . -59.88 -27.72 85.99
O4' FMN P . -61.06 -28.28 85.44
C5' FMN P . -59.75 -28.24 87.40
O5' FMN P . -59.89 -29.63 87.34
P FMN P . -60.97 -30.39 88.25
O1P FMN P . -62.28 -30.38 87.51
O2P FMN P . -60.52 -31.81 88.47
O3P FMN P . -61.13 -29.69 89.57
N1 FMN Q . 55.90 -12.07 86.73
C2 FMN Q . 54.66 -12.49 86.29
O2 FMN Q . 53.66 -11.81 86.55
N3 FMN Q . 54.53 -13.63 85.56
C4 FMN Q . 55.66 -14.36 85.28
O4 FMN Q . 55.53 -15.39 84.63
C4A FMN Q . 56.91 -13.97 85.71
N5 FMN Q . 58.02 -14.71 85.41
C5A FMN Q . 59.26 -14.31 85.84
C6 FMN Q . 60.37 -15.09 85.53
C7 FMN Q . 61.65 -14.71 85.94
C7M FMN Q . 62.79 -15.62 85.57
C8 FMN Q . 61.81 -13.54 86.69
C8M FMN Q . 63.13 -13.06 87.20
C9 FMN Q . 60.69 -12.79 87.00
C9A FMN Q . 59.41 -13.15 86.58
N10 FMN Q . 58.29 -12.38 86.88
C10 FMN Q . 57.03 -12.80 86.44
C1' FMN Q . 58.39 -11.12 87.70
C2' FMN Q . 58.40 -11.55 89.16
O2' FMN Q . 57.20 -12.23 89.43
C3' FMN Q . 58.53 -10.38 90.11
O3' FMN Q . 57.38 -9.58 90.01
C4' FMN Q . 59.80 -9.59 89.84
O4' FMN Q . 60.83 -10.45 89.44
C5' FMN Q . 60.28 -8.80 91.03
O5' FMN Q . 61.56 -8.31 90.72
P FMN Q . 62.81 -8.59 91.68
O1P FMN Q . 63.36 -9.94 91.32
O2P FMN Q . 63.86 -7.53 91.44
O3P FMN Q . 62.38 -8.58 93.12
N1 FMN R . -10.95 80.03 65.26
C2 FMN R . -10.03 79.05 65.01
O2 FMN R . -10.08 77.99 65.63
N3 FMN R . -9.05 79.24 64.08
C4 FMN R . -9.00 80.42 63.39
O4 FMN R . -8.14 80.60 62.55
C4A FMN R . -9.92 81.42 63.62
N5 FMN R . -9.86 82.60 62.91
C5A FMN R . -10.77 83.60 63.15
C6 FMN R . -10.68 84.78 62.42
C7 FMN R . -11.58 85.81 62.62
C7M FMN R . -11.40 87.06 61.79
C8 FMN R . -12.59 85.65 63.57
C8M FMN R . -13.61 86.71 63.86
C9 FMN R . -12.67 84.47 64.29
C9A FMN R . -11.77 83.43 64.09
N10 FMN R . -11.85 82.23 64.81
C10 FMN R . -10.92 81.23 64.57
C1' FMN R . -12.91 82.01 65.86
C2' FMN R . -12.39 82.67 67.13
O2' FMN R . -11.23 81.97 67.53
C3' FMN R . -13.36 82.69 68.30
O3' FMN R . -13.51 81.41 68.86
C4' FMN R . -14.73 83.24 67.87
O4' FMN R . -14.53 84.34 67.02
C5' FMN R . -15.56 83.68 69.05
O5' FMN R . -16.66 84.38 68.51
P FMN R . -17.01 85.88 68.99
O1P FMN R . -16.16 86.81 68.17
O2P FMN R . -18.47 86.15 68.73
O3P FMN R . -16.68 86.03 70.45
#